data_4TYV
#
_entry.id   4TYV
#
_cell.length_a   53.939
_cell.length_b   100.055
_cell.length_c   99.556
_cell.angle_alpha   90.00
_cell.angle_beta   92.31
_cell.angle_gamma   90.00
#
_symmetry.space_group_name_H-M   'P 1 21 1'
#
loop_
_entity.id
_entity.type
_entity.pdbx_description
1 polymer 'Putative secreted protein'
2 non-polymer 1,2-ETHANEDIOL
3 non-polymer beta-D-glucopyranose
4 water water
#
_entity_poly.entity_id   1
_entity_poly.type   'polypeptide(L)'
_entity_poly.pdbx_seq_one_letter_code
;AQEVVGGGDLGPNVLVFDPSTPDIQGKVDEVFRKQESNQFGTDRYALMFKPGTYNDINAQIGFYTSIAGLGLNPDDTTFN
GDVTVDAGWFDGNATQNFWRSAENLALNPVNGTNRWAVSQAAPFRRMHVKGGLNLAPDGYGWASGGYIADSKIDGEVGPY
SQQQWYTRDSSVGGWGNGVWNMTFSGVEGAPAQSFPEPPYTTLETTPVSREKPFLYLDGDDYKVFVPAKRTNARGTSWGN
GTPEGESLPLDQFYVVKPGATAETINAAVDQGLHLLFTPGVYHVDQPIEIDRANTVALGLGLATIIPDNGVTALKVGDVD
GVKVAGLLVDAGPVNSETLVEVGSDGASGDHAANPTSLQDVFVRIGGAGPGKATTSIVVNSNDTIIDHTWVWRADHGEGV
GWETNRADYGVHVKGDNVLATGLFVEHFNKYDVQWSGENGKTIFYQNAKAYDAPDQAAIQNGDIKGYAAYKVDDSVTTHE
GWGMGSYCYFNVNPDIRQQHGFQAPVKPGVKFHDLLVVSLGGKGQYEHVINDIGDPTSGDTTIPSQVVSFP
;
_entity_poly.pdbx_strand_id   A,B
#
loop_
_chem_comp.id
_chem_comp.type
_chem_comp.name
_chem_comp.formula
BGC D-saccharide, beta linking beta-D-glucopyranose 'C6 H12 O6'
EDO non-polymer 1,2-ETHANEDIOL 'C2 H6 O2'
#
# COMPACT_ATOMS: atom_id res chain seq x y z
N VAL A 4 -47.93 6.74 4.33
CA VAL A 4 -48.33 8.15 4.33
C VAL A 4 -47.25 9.03 5.03
N VAL A 5 -46.41 8.36 5.83
CA VAL A 5 -45.74 9.02 6.95
C VAL A 5 -44.78 8.04 7.53
N GLY A 6 -44.34 8.35 8.75
CA GLY A 6 -43.67 7.39 9.58
C GLY A 6 -44.58 6.19 9.89
N GLY A 7 -43.88 5.08 10.03
CA GLY A 7 -44.32 3.93 10.78
C GLY A 7 -45.59 3.24 10.39
N GLY A 8 -46.26 2.77 11.42
CA GLY A 8 -47.35 1.84 11.23
C GLY A 8 -46.76 0.48 10.88
N ASP A 9 -47.67 -0.47 10.65
CA ASP A 9 -47.37 -1.88 10.44
C ASP A 9 -46.29 -2.17 9.41
N LEU A 10 -45.73 -3.38 9.49
CA LEU A 10 -44.61 -3.85 8.64
C LEU A 10 -45.06 -4.74 7.47
N GLY A 11 -46.35 -5.07 7.46
CA GLY A 11 -46.91 -5.81 6.34
C GLY A 11 -46.95 -7.29 6.63
N PRO A 12 -47.58 -8.01 5.73
CA PRO A 12 -47.89 -9.42 5.98
C PRO A 12 -46.71 -10.33 5.69
N ASN A 13 -45.64 -9.78 5.12
CA ASN A 13 -44.41 -10.55 4.96
C ASN A 13 -43.34 -10.37 6.02
N VAL A 14 -43.62 -9.59 7.06
CA VAL A 14 -42.67 -9.40 8.18
C VAL A 14 -43.27 -10.17 9.36
N LEU A 15 -42.78 -11.40 9.56
CA LEU A 15 -43.30 -12.24 10.63
C LEU A 15 -42.50 -12.04 11.91
N VAL A 16 -43.18 -11.58 12.96
CA VAL A 16 -42.57 -11.16 14.22
C VAL A 16 -42.93 -12.07 15.39
N PHE A 17 -41.90 -12.71 15.95
CA PHE A 17 -42.00 -13.68 17.03
C PHE A 17 -41.47 -13.14 18.40
N ASP A 18 -42.11 -13.51 19.51
CA ASP A 18 -41.40 -13.59 20.82
C ASP A 18 -41.40 -15.04 21.33
N PRO A 19 -40.75 -15.28 22.49
CA PRO A 19 -40.68 -16.63 23.05
C PRO A 19 -42.03 -17.35 23.22
N SER A 20 -43.12 -16.58 23.30
CA SER A 20 -44.48 -17.07 23.57
C SER A 20 -45.32 -17.43 22.37
N THR A 21 -44.73 -17.40 21.18
CA THR A 21 -45.53 -17.45 19.97
C THR A 21 -45.89 -18.91 19.73
N PRO A 22 -47.19 -19.20 19.49
CA PRO A 22 -47.60 -20.55 19.17
C PRO A 22 -46.83 -21.16 17.99
N ASP A 23 -46.25 -22.33 18.22
CA ASP A 23 -45.49 -23.08 17.24
C ASP A 23 -44.61 -22.25 16.28
N ILE A 24 -43.49 -21.77 16.80
CA ILE A 24 -42.50 -21.11 15.98
C ILE A 24 -41.88 -22.10 14.98
N GLN A 25 -41.51 -23.28 15.46
CA GLN A 25 -40.85 -24.27 14.61
C GLN A 25 -41.65 -24.61 13.35
N GLY A 26 -42.85 -25.16 13.56
CA GLY A 26 -43.69 -25.52 12.44
C GLY A 26 -43.90 -24.33 11.52
N LYS A 27 -43.93 -23.11 12.08
CA LYS A 27 -44.05 -21.91 11.23
C LYS A 27 -42.80 -21.60 10.35
N VAL A 28 -41.60 -21.66 10.92
CA VAL A 28 -40.38 -21.35 10.15
C VAL A 28 -40.17 -22.43 9.16
N ASP A 29 -40.59 -23.64 9.52
CA ASP A 29 -40.53 -24.68 8.53
C ASP A 29 -41.62 -24.46 7.44
N GLU A 30 -42.70 -23.76 7.75
CA GLU A 30 -43.72 -23.49 6.72
C GLU A 30 -43.11 -22.55 5.66
N VAL A 31 -42.54 -21.42 6.07
CA VAL A 31 -41.89 -20.50 5.13
C VAL A 31 -40.80 -21.25 4.33
N PHE A 32 -39.92 -21.97 5.03
CA PHE A 32 -38.89 -22.76 4.31
C PHE A 32 -39.43 -23.77 3.27
N ARG A 33 -40.54 -24.45 3.55
CA ARG A 33 -41.00 -25.45 2.56
C ARG A 33 -41.46 -24.75 1.29
N LYS A 34 -42.02 -23.56 1.46
CA LYS A 34 -42.37 -22.73 0.32
C LYS A 34 -41.12 -22.26 -0.43
N GLN A 35 -40.10 -21.87 0.33
CA GLN A 35 -38.95 -21.13 -0.22
C GLN A 35 -37.69 -21.94 -0.58
N GLU A 36 -37.59 -23.21 -0.21
CA GLU A 36 -36.28 -23.88 -0.35
C GLU A 36 -35.81 -24.04 -1.80
N SER A 37 -36.74 -24.39 -2.69
CA SER A 37 -36.42 -24.54 -4.10
C SER A 37 -36.99 -23.38 -4.94
N ASN A 38 -37.38 -22.30 -4.27
CA ASN A 38 -38.13 -21.21 -4.90
C ASN A 38 -37.27 -20.13 -5.56
N GLN A 39 -36.32 -20.57 -6.37
CA GLN A 39 -35.19 -19.74 -6.78
C GLN A 39 -35.53 -18.41 -7.48
N PHE A 40 -36.60 -18.43 -8.29
CA PHE A 40 -37.00 -17.27 -9.10
C PHE A 40 -38.45 -16.86 -8.81
N GLY A 41 -38.98 -17.29 -7.67
CA GLY A 41 -40.30 -16.88 -7.23
C GLY A 41 -40.36 -15.45 -6.74
N THR A 42 -41.57 -14.97 -6.45
CA THR A 42 -41.77 -13.57 -6.12
C THR A 42 -42.23 -13.41 -4.70
N ASP A 43 -42.25 -14.48 -3.94
CA ASP A 43 -42.45 -14.40 -2.51
C ASP A 43 -41.16 -13.90 -1.80
N ARG A 44 -41.37 -13.17 -0.71
CA ARG A 44 -40.29 -12.51 0.04
C ARG A 44 -40.66 -12.51 1.53
N TYR A 45 -39.72 -12.92 2.39
CA TYR A 45 -40.02 -13.11 3.81
C TYR A 45 -38.95 -12.57 4.72
N ALA A 46 -39.38 -11.89 5.79
CA ALA A 46 -38.49 -11.50 6.85
C ALA A 46 -39.01 -12.07 8.16
N LEU A 47 -38.13 -12.80 8.83
CA LEU A 47 -38.42 -13.44 10.12
C LEU A 47 -37.67 -12.63 11.18
N MET A 48 -38.41 -12.05 12.11
CA MET A 48 -37.84 -11.13 13.06
C MET A 48 -38.18 -11.65 14.47
N PHE A 49 -37.23 -11.54 15.37
CA PHE A 49 -37.30 -12.18 16.69
C PHE A 49 -37.02 -11.18 17.82
N LYS A 50 -37.98 -10.95 18.74
CA LYS A 50 -37.72 -9.99 19.87
C LYS A 50 -36.64 -10.52 20.78
N PRO A 51 -36.00 -9.63 21.56
CA PRO A 51 -35.05 -10.14 22.55
C PRO A 51 -35.64 -11.21 23.45
N GLY A 52 -34.82 -12.22 23.70
CA GLY A 52 -35.20 -13.39 24.43
C GLY A 52 -34.40 -14.60 24.05
N THR A 53 -34.74 -15.70 24.72
CA THR A 53 -34.13 -17.00 24.56
C THR A 53 -35.19 -17.91 23.92
N TYR A 54 -34.80 -18.54 22.81
CA TYR A 54 -35.68 -19.39 22.04
C TYR A 54 -35.08 -20.76 22.11
N ASN A 55 -35.83 -21.69 22.69
CA ASN A 55 -35.48 -23.10 22.68
C ASN A 55 -36.15 -23.84 21.56
N ASP A 56 -35.56 -24.99 21.26
CA ASP A 56 -36.03 -25.95 20.28
C ASP A 56 -36.36 -25.42 18.90
N ILE A 57 -35.30 -25.10 18.17
CA ILE A 57 -35.44 -24.43 16.89
C ILE A 57 -34.28 -24.77 15.91
N ASN A 58 -34.66 -25.33 14.76
CA ASN A 58 -33.74 -25.48 13.66
C ASN A 58 -34.30 -24.69 12.50
N ALA A 59 -33.89 -23.42 12.40
CA ALA A 59 -34.51 -22.46 11.50
C ALA A 59 -33.81 -22.54 10.17
N GLN A 60 -34.52 -23.14 9.24
CA GLN A 60 -33.94 -23.50 7.96
C GLN A 60 -34.31 -22.38 7.00
N ILE A 61 -33.32 -21.83 6.31
CA ILE A 61 -33.48 -20.61 5.55
C ILE A 61 -33.43 -20.94 4.05
N GLY A 62 -34.51 -20.61 3.34
CA GLY A 62 -34.59 -20.80 1.91
C GLY A 62 -34.36 -19.54 1.14
N PHE A 63 -34.71 -19.56 -0.15
CA PHE A 63 -34.58 -18.36 -0.97
C PHE A 63 -35.39 -17.19 -0.41
N TYR A 64 -34.88 -15.98 -0.62
CA TYR A 64 -35.58 -14.72 -0.32
C TYR A 64 -36.17 -14.72 1.08
N THR A 65 -35.39 -15.24 2.01
CA THR A 65 -35.72 -15.22 3.42
C THR A 65 -34.59 -14.57 4.22
N SER A 66 -34.96 -13.56 5.00
CA SER A 66 -34.07 -12.92 5.97
C SER A 66 -34.51 -13.32 7.37
N ILE A 67 -33.54 -13.59 8.24
CA ILE A 67 -33.85 -13.82 9.66
C ILE A 67 -33.01 -12.83 10.48
N ALA A 68 -33.63 -12.23 11.47
CA ALA A 68 -32.90 -11.27 12.31
C ALA A 68 -33.43 -11.14 13.71
N GLY A 69 -32.52 -10.84 14.63
CA GLY A 69 -32.91 -10.47 15.97
C GLY A 69 -33.24 -8.99 16.03
N LEU A 70 -33.88 -8.59 17.13
CA LEU A 70 -34.37 -7.22 17.31
C LEU A 70 -33.78 -6.56 18.55
N GLY A 71 -32.63 -7.04 19.00
CA GLY A 71 -31.98 -6.51 20.16
C GLY A 71 -30.97 -5.45 19.83
N LEU A 72 -30.79 -4.55 20.79
CA LEU A 72 -29.81 -3.56 20.64
C LEU A 72 -28.47 -4.25 20.43
N ASN A 73 -28.30 -5.45 21.00
CA ASN A 73 -27.08 -6.26 20.81
C ASN A 73 -27.41 -7.70 20.35
N PRO A 74 -26.48 -8.39 19.65
CA PRO A 74 -26.78 -9.75 19.15
C PRO A 74 -27.16 -10.72 20.27
N ASP A 75 -26.49 -10.61 21.41
CA ASP A 75 -26.64 -11.59 22.47
C ASP A 75 -27.99 -11.39 23.14
N ASP A 76 -28.66 -10.29 22.80
CA ASP A 76 -30.02 -9.99 23.31
C ASP A 76 -31.10 -10.95 22.76
N THR A 77 -30.84 -11.57 21.60
CA THR A 77 -31.76 -12.52 20.98
C THR A 77 -31.01 -13.84 20.70
N THR A 78 -31.30 -14.84 21.51
CA THR A 78 -30.52 -16.07 21.59
C THR A 78 -31.36 -17.28 21.21
N PHE A 79 -30.84 -18.06 20.27
CA PHE A 79 -31.44 -19.32 19.86
C PHE A 79 -30.58 -20.42 20.45
N ASN A 80 -31.20 -21.27 21.25
CA ASN A 80 -30.63 -22.57 21.58
C ASN A 80 -31.08 -23.51 20.50
N GLY A 81 -30.29 -23.53 19.45
CA GLY A 81 -30.71 -24.05 18.17
C GLY A 81 -29.89 -23.41 17.05
N ASP A 82 -30.43 -23.50 15.83
CA ASP A 82 -29.64 -23.31 14.64
C ASP A 82 -30.37 -22.40 13.64
N VAL A 83 -29.58 -21.71 12.82
CA VAL A 83 -30.07 -21.03 11.64
C VAL A 83 -29.29 -21.69 10.49
N THR A 84 -29.96 -22.58 9.79
CA THR A 84 -29.32 -23.52 8.87
C THR A 84 -29.60 -23.24 7.39
N VAL A 85 -28.52 -23.28 6.59
CA VAL A 85 -28.65 -23.41 5.14
C VAL A 85 -27.91 -24.69 4.73
N ASP A 86 -28.64 -25.61 4.08
CA ASP A 86 -28.05 -26.76 3.37
C ASP A 86 -28.53 -26.82 1.92
N ALA A 87 -28.17 -27.89 1.23
CA ALA A 87 -28.36 -27.92 -0.22
C ALA A 87 -29.25 -29.06 -0.72
N GLY A 88 -30.11 -29.59 0.14
CA GLY A 88 -30.74 -30.88 -0.13
C GLY A 88 -31.49 -30.90 -1.46
N TRP A 89 -31.83 -29.72 -1.95
CA TRP A 89 -32.64 -29.62 -3.13
C TRP A 89 -31.81 -29.66 -4.41
N PHE A 90 -30.49 -29.67 -4.23
CA PHE A 90 -29.55 -29.73 -5.33
C PHE A 90 -28.53 -30.80 -5.01
N ASP A 91 -28.94 -31.69 -4.13
CA ASP A 91 -28.29 -32.99 -3.89
C ASP A 91 -26.80 -32.82 -3.49
N GLY A 92 -26.55 -31.92 -2.52
CA GLY A 92 -25.23 -31.69 -1.93
C GLY A 92 -24.53 -30.43 -2.46
N ASN A 93 -25.07 -30.00 -3.58
CA ASN A 93 -24.59 -28.84 -4.30
C ASN A 93 -25.09 -27.48 -3.75
N ALA A 94 -24.29 -26.83 -2.90
CA ALA A 94 -24.67 -25.53 -2.36
C ALA A 94 -24.50 -24.37 -3.34
N THR A 95 -24.21 -24.66 -4.61
CA THR A 95 -23.82 -23.62 -5.59
C THR A 95 -24.91 -22.66 -6.05
N GLN A 96 -26.20 -23.00 -5.82
CA GLN A 96 -27.29 -22.06 -6.12
C GLN A 96 -28.02 -21.50 -4.88
N ASN A 97 -27.36 -21.55 -3.72
CA ASN A 97 -27.98 -21.06 -2.49
C ASN A 97 -27.71 -19.57 -2.37
N PHE A 98 -28.57 -18.81 -3.04
CA PHE A 98 -28.48 -17.37 -3.10
C PHE A 98 -29.60 -16.65 -2.32
N TRP A 99 -29.40 -15.34 -2.16
CA TRP A 99 -30.44 -14.34 -1.81
C TRP A 99 -31.15 -14.68 -0.50
N ARG A 100 -30.40 -14.64 0.57
CA ARG A 100 -30.96 -14.84 1.90
C ARG A 100 -30.02 -14.21 2.92
N SER A 101 -30.41 -14.16 4.19
CA SER A 101 -29.56 -13.39 5.12
C SER A 101 -29.89 -13.67 6.57
N ALA A 102 -28.87 -13.65 7.40
CA ALA A 102 -29.04 -13.78 8.86
C ALA A 102 -28.32 -12.64 9.54
N GLU A 103 -28.96 -12.02 10.53
CA GLU A 103 -28.23 -11.02 11.31
C GLU A 103 -28.72 -10.80 12.73
N ASN A 104 -27.80 -10.38 13.58
CA ASN A 104 -28.15 -9.86 14.91
C ASN A 104 -28.82 -10.89 15.83
N LEU A 105 -28.19 -12.07 15.84
CA LEU A 105 -28.60 -13.17 16.70
C LEU A 105 -27.40 -13.85 17.33
N ALA A 106 -27.60 -14.37 18.52
CA ALA A 106 -26.68 -15.36 19.09
C ALA A 106 -27.24 -16.78 18.88
N LEU A 107 -26.39 -17.69 18.44
CA LEU A 107 -26.77 -19.08 18.15
C LEU A 107 -25.93 -20.01 19.06
N ASN A 108 -26.64 -20.94 19.69
CA ASN A 108 -26.05 -22.00 20.49
C ASN A 108 -26.43 -23.32 19.83
N PRO A 109 -25.64 -23.73 18.84
CA PRO A 109 -26.13 -24.74 17.88
C PRO A 109 -26.18 -26.13 18.45
N VAL A 110 -27.07 -26.94 17.89
CA VAL A 110 -27.41 -28.25 18.44
C VAL A 110 -26.37 -29.32 18.59
N ASN A 111 -25.32 -29.27 17.79
CA ASN A 111 -24.24 -30.25 18.01
C ASN A 111 -22.90 -29.53 18.12
N GLY A 112 -22.98 -28.25 18.48
CA GLY A 112 -21.77 -27.48 18.68
C GLY A 112 -21.38 -26.78 17.40
N THR A 113 -21.91 -27.21 16.25
CA THR A 113 -21.73 -26.46 15.00
C THR A 113 -23.05 -25.96 14.45
N ASN A 114 -22.97 -24.81 13.75
CA ASN A 114 -24.07 -24.27 12.96
C ASN A 114 -23.67 -24.35 11.50
N ARG A 115 -24.61 -24.78 10.66
CA ARG A 115 -24.36 -25.00 9.24
C ARG A 115 -24.93 -23.87 8.35
N TRP A 116 -24.04 -23.11 7.68
CA TRP A 116 -24.44 -21.99 6.81
C TRP A 116 -23.82 -22.16 5.41
N ALA A 117 -24.37 -23.09 4.63
CA ALA A 117 -23.80 -23.56 3.38
C ALA A 117 -24.39 -22.80 2.22
N VAL A 118 -23.90 -21.59 2.04
CA VAL A 118 -24.43 -20.67 1.05
C VAL A 118 -23.47 -20.38 -0.10
N SER A 119 -24.01 -19.80 -1.17
CA SER A 119 -23.17 -19.19 -2.20
C SER A 119 -23.38 -17.68 -2.15
N GLN A 120 -23.51 -17.01 -3.29
CA GLN A 120 -23.50 -15.56 -3.30
C GLN A 120 -24.78 -14.92 -2.79
N ALA A 121 -24.65 -13.66 -2.36
CA ALA A 121 -25.76 -12.85 -1.82
C ALA A 121 -26.45 -13.51 -0.64
N ALA A 122 -25.63 -14.04 0.26
CA ALA A 122 -26.12 -14.67 1.46
C ALA A 122 -25.37 -14.16 2.73
N PRO A 123 -25.53 -12.86 3.04
CA PRO A 123 -24.72 -12.28 4.10
C PRO A 123 -25.02 -12.84 5.49
N PHE A 124 -23.99 -12.87 6.32
CA PHE A 124 -24.06 -13.35 7.71
C PHE A 124 -23.42 -12.19 8.50
N ARG A 125 -24.24 -11.35 9.12
CA ARG A 125 -23.75 -10.13 9.78
C ARG A 125 -24.14 -10.06 11.26
N ARG A 126 -23.25 -9.53 12.10
CA ARG A 126 -23.62 -9.20 13.47
C ARG A 126 -24.14 -10.43 14.23
N MET A 127 -23.49 -11.56 13.96
CA MET A 127 -23.84 -12.85 14.53
C MET A 127 -22.84 -13.34 15.57
N HIS A 128 -23.35 -13.82 16.70
CA HIS A 128 -22.51 -14.48 17.71
C HIS A 128 -22.82 -16.00 17.71
N VAL A 129 -21.94 -16.78 17.11
CA VAL A 129 -22.07 -18.24 17.14
C VAL A 129 -21.26 -18.82 18.30
N LYS A 130 -21.96 -19.33 19.31
CA LYS A 130 -21.31 -19.98 20.45
C LYS A 130 -20.98 -21.43 20.13
N GLY A 131 -20.28 -21.67 19.03
CA GLY A 131 -19.88 -22.99 18.63
C GLY A 131 -19.09 -22.87 17.35
N GLY A 132 -19.13 -23.92 16.56
CA GLY A 132 -18.47 -23.94 15.27
C GLY A 132 -19.40 -23.39 14.20
N LEU A 133 -18.80 -23.11 13.04
CA LEU A 133 -19.54 -22.65 11.84
C LEU A 133 -19.02 -23.39 10.63
N ASN A 134 -19.83 -24.32 10.12
CA ASN A 134 -19.52 -25.10 8.92
C ASN A 134 -20.16 -24.39 7.73
N LEU A 135 -19.34 -23.99 6.75
CA LEU A 135 -19.84 -23.21 5.60
C LEU A 135 -20.14 -24.07 4.40
N ALA A 136 -19.98 -25.36 4.53
CA ALA A 136 -20.28 -26.28 3.47
C ALA A 136 -21.61 -26.96 3.84
N PRO A 137 -22.40 -27.30 2.83
CA PRO A 137 -23.66 -28.01 3.14
C PRO A 137 -23.33 -29.40 3.69
N ASP A 138 -24.32 -30.24 3.98
CA ASP A 138 -24.06 -31.62 4.33
C ASP A 138 -23.62 -32.36 3.00
N GLY A 139 -22.35 -32.73 2.90
CA GLY A 139 -21.90 -33.27 1.63
C GLY A 139 -20.43 -33.42 1.26
N TYR A 140 -19.64 -32.37 1.50
CA TYR A 140 -18.44 -32.01 0.69
C TYR A 140 -18.75 -31.53 -0.75
N GLY A 141 -20.03 -31.32 -1.01
CA GLY A 141 -20.46 -30.75 -2.27
C GLY A 141 -19.94 -29.35 -2.53
N TRP A 142 -19.80 -29.02 -3.81
CA TRP A 142 -19.42 -27.71 -4.34
C TRP A 142 -20.12 -26.46 -3.70
N ALA A 143 -19.36 -25.40 -3.39
CA ALA A 143 -19.96 -24.19 -2.75
C ALA A 143 -19.21 -22.92 -3.18
N SER A 144 -19.93 -21.80 -3.31
CA SER A 144 -19.41 -20.59 -3.96
C SER A 144 -19.79 -19.31 -3.21
N GLY A 145 -19.52 -19.30 -1.90
CA GLY A 145 -19.75 -18.11 -1.09
C GLY A 145 -18.62 -17.11 -1.14
N GLY A 146 -18.55 -16.19 -0.18
CA GLY A 146 -19.53 -15.97 0.86
C GLY A 146 -19.05 -14.77 1.65
N TYR A 147 -19.84 -14.33 2.63
CA TYR A 147 -19.59 -13.07 3.30
C TYR A 147 -20.00 -13.10 4.78
N ILE A 148 -19.02 -12.83 5.64
CA ILE A 148 -19.24 -12.66 7.07
C ILE A 148 -18.68 -11.32 7.53
N ALA A 149 -19.48 -10.57 8.27
CA ALA A 149 -19.04 -9.27 8.82
C ALA A 149 -19.55 -9.06 10.24
N ASP A 150 -18.71 -8.40 11.02
CA ASP A 150 -19.08 -7.95 12.35
C ASP A 150 -19.60 -9.08 13.21
N SER A 151 -19.00 -10.24 13.03
CA SER A 151 -19.49 -11.45 13.66
C SER A 151 -18.43 -12.05 14.51
N LYS A 152 -18.86 -12.89 15.41
CA LYS A 152 -17.84 -13.61 16.09
C LYS A 152 -18.27 -15.02 16.43
N ILE A 153 -17.38 -15.91 16.05
CA ILE A 153 -17.65 -17.32 16.07
C ILE A 153 -16.71 -17.80 17.14
N ASP A 154 -17.28 -18.20 18.28
CA ASP A 154 -16.46 -18.54 19.43
C ASP A 154 -15.52 -19.71 19.05
N GLY A 155 -15.90 -20.46 18.02
CA GLY A 155 -15.23 -21.70 17.68
C GLY A 155 -14.53 -21.58 16.35
N GLU A 156 -14.34 -22.72 15.71
CA GLU A 156 -13.61 -22.72 14.47
C GLU A 156 -14.60 -22.57 13.33
N VAL A 157 -14.18 -21.86 12.29
CA VAL A 157 -14.92 -21.80 11.05
C VAL A 157 -14.41 -22.93 10.16
N GLY A 158 -15.32 -23.63 9.47
CA GLY A 158 -14.97 -24.72 8.57
C GLY A 158 -15.47 -24.46 7.15
N PRO A 159 -14.59 -23.96 6.26
CA PRO A 159 -15.11 -23.70 4.91
C PRO A 159 -15.30 -25.00 4.13
N TYR A 160 -14.51 -26.02 4.50
CA TYR A 160 -14.46 -27.29 3.78
C TYR A 160 -14.40 -27.08 2.28
N SER A 161 -15.46 -27.42 1.55
CA SER A 161 -15.39 -27.38 0.10
C SER A 161 -15.70 -26.00 -0.52
N GLN A 162 -15.83 -24.95 0.29
CA GLN A 162 -16.07 -23.60 -0.25
C GLN A 162 -14.89 -23.10 -1.09
N GLN A 163 -15.15 -22.55 -2.27
CA GLN A 163 -14.07 -22.11 -3.17
C GLN A 163 -13.36 -20.85 -2.66
N GLN A 164 -14.14 -19.91 -2.16
CA GLN A 164 -13.57 -18.65 -1.72
C GLN A 164 -14.46 -18.08 -0.63
N TRP A 165 -14.00 -17.04 0.05
CA TRP A 165 -14.75 -16.46 1.16
C TRP A 165 -14.14 -15.13 1.57
N TYR A 166 -14.99 -14.19 2.00
CA TYR A 166 -14.53 -12.93 2.59
C TYR A 166 -15.07 -12.74 3.99
N THR A 167 -14.18 -12.46 4.94
CA THR A 167 -14.58 -12.20 6.32
C THR A 167 -13.98 -10.85 6.72
N ARG A 168 -14.79 -9.94 7.25
CA ARG A 168 -14.24 -8.69 7.78
C ARG A 168 -14.72 -8.36 9.19
N ASP A 169 -13.82 -7.69 9.91
CA ASP A 169 -14.15 -7.01 11.18
C ASP A 169 -14.95 -7.94 12.09
N SER A 170 -14.30 -9.02 12.49
CA SER A 170 -14.92 -10.13 13.22
C SER A 170 -13.88 -10.74 14.21
N SER A 171 -14.30 -11.59 15.15
CA SER A 171 -13.38 -12.60 15.74
C SER A 171 -13.80 -14.08 15.52
N VAL A 172 -12.86 -14.95 15.16
CA VAL A 172 -13.13 -16.40 15.07
C VAL A 172 -12.18 -17.20 15.96
N GLY A 173 -12.67 -18.31 16.45
CA GLY A 173 -11.89 -19.17 17.33
C GLY A 173 -11.02 -20.16 16.58
N GLY A 174 -11.13 -20.14 15.25
CA GLY A 174 -10.32 -21.00 14.41
C GLY A 174 -10.75 -20.94 12.95
N TRP A 175 -9.85 -21.32 12.05
CA TRP A 175 -10.17 -21.32 10.63
C TRP A 175 -9.59 -22.55 9.94
N GLY A 176 -10.46 -23.41 9.42
CA GLY A 176 -10.04 -24.77 9.09
C GLY A 176 -9.21 -24.93 7.82
N ASN A 177 -9.50 -24.13 6.80
CA ASN A 177 -8.85 -24.31 5.49
C ASN A 177 -9.16 -23.24 4.45
N GLY A 178 -8.35 -23.26 3.40
CA GLY A 178 -8.56 -22.44 2.22
C GLY A 178 -8.45 -23.27 0.95
N VAL A 179 -9.28 -22.92 -0.03
CA VAL A 179 -9.38 -23.67 -1.28
C VAL A 179 -8.74 -22.83 -2.40
N TRP A 180 -9.41 -21.78 -2.87
CA TRP A 180 -8.82 -20.88 -3.85
C TRP A 180 -8.51 -19.48 -3.31
N ASN A 181 -9.41 -18.89 -2.52
CA ASN A 181 -9.20 -17.51 -2.09
C ASN A 181 -10.02 -17.18 -0.85
N MET A 182 -9.39 -17.31 0.31
CA MET A 182 -10.02 -16.88 1.56
C MET A 182 -9.33 -15.59 1.99
N THR A 183 -10.11 -14.52 2.04
CA THR A 183 -9.59 -13.20 2.37
C THR A 183 -10.21 -12.70 3.68
N PHE A 184 -9.37 -12.05 4.48
CA PHE A 184 -9.75 -11.55 5.79
C PHE A 184 -9.23 -10.13 5.93
N SER A 185 -10.06 -9.23 6.45
CA SER A 185 -9.57 -7.91 6.85
C SER A 185 -10.18 -7.56 8.20
N GLY A 186 -9.32 -7.21 9.13
CA GLY A 186 -9.73 -6.92 10.50
C GLY A 186 -10.33 -8.09 11.28
N VAL A 187 -9.83 -9.29 11.05
CA VAL A 187 -10.38 -10.48 11.70
C VAL A 187 -9.43 -11.05 12.73
N GLU A 188 -9.85 -10.98 14.00
CA GLU A 188 -9.08 -11.62 15.07
C GLU A 188 -9.20 -13.10 14.99
N GLY A 189 -8.08 -13.81 15.09
CA GLY A 189 -8.07 -15.24 14.96
C GLY A 189 -8.03 -15.64 13.51
N ALA A 190 -7.80 -14.67 12.63
CA ALA A 190 -7.64 -15.02 11.23
C ALA A 190 -6.30 -15.71 11.05
N PRO A 191 -6.25 -16.70 10.14
CA PRO A 191 -4.95 -17.31 9.82
C PRO A 191 -3.97 -16.33 9.19
N ALA A 192 -2.68 -16.67 9.32
CA ALA A 192 -1.58 -15.89 8.78
C ALA A 192 -1.64 -15.78 7.26
N GLN A 193 -1.36 -14.57 6.74
CA GLN A 193 -1.03 -14.34 5.34
C GLN A 193 -0.12 -15.43 4.82
N SER A 194 -0.56 -16.11 3.75
CA SER A 194 0.14 -17.31 3.33
C SER A 194 -0.03 -17.70 1.83
N PHE A 195 -0.98 -17.06 1.16
CA PHE A 195 -1.22 -17.24 -0.28
C PHE A 195 0.08 -17.51 -1.04
N PRO A 196 0.09 -18.54 -1.93
CA PRO A 196 -1.06 -19.41 -2.26
C PRO A 196 -1.25 -20.60 -1.35
N GLU A 197 -0.31 -20.82 -0.45
CA GLU A 197 -0.21 -22.07 0.27
C GLU A 197 -0.30 -22.08 1.77
N PRO A 198 -1.52 -22.10 2.33
CA PRO A 198 -2.88 -22.05 1.77
C PRO A 198 -3.17 -20.65 1.23
N PRO A 199 -4.22 -20.49 0.40
CA PRO A 199 -4.48 -19.21 -0.29
C PRO A 199 -5.19 -18.17 0.61
N TYR A 200 -4.47 -17.77 1.66
CA TYR A 200 -4.95 -16.81 2.64
C TYR A 200 -4.38 -15.43 2.38
N THR A 201 -5.29 -14.48 2.18
CA THR A 201 -4.97 -13.06 2.07
C THR A 201 -5.50 -12.40 3.34
N THR A 202 -4.57 -11.89 4.16
CA THR A 202 -4.93 -11.44 5.51
C THR A 202 -4.44 -10.03 5.76
N LEU A 203 -5.38 -9.12 5.98
CA LEU A 203 -5.09 -7.73 6.30
C LEU A 203 -5.44 -7.49 7.76
N GLU A 204 -4.51 -6.82 8.44
CA GLU A 204 -4.63 -6.50 9.87
C GLU A 204 -5.96 -5.81 10.16
N THR A 205 -6.29 -4.81 9.36
CA THR A 205 -7.49 -3.97 9.59
C THR A 205 -8.22 -3.73 8.28
N THR A 206 -9.46 -3.27 8.40
CA THR A 206 -10.26 -2.81 7.29
C THR A 206 -10.19 -1.29 7.15
N PRO A 207 -9.52 -0.77 6.09
CA PRO A 207 -9.32 0.69 5.92
C PRO A 207 -10.48 1.59 6.38
N VAL A 208 -11.69 1.27 5.96
CA VAL A 208 -12.88 1.85 6.61
C VAL A 208 -14.06 0.92 6.48
N SER A 209 -14.93 0.91 7.49
CA SER A 209 -16.19 0.18 7.39
C SER A 209 -17.27 0.89 8.21
N ARG A 210 -18.52 0.55 7.95
CA ARG A 210 -19.63 1.13 8.65
C ARG A 210 -20.71 0.08 8.64
N GLU A 211 -21.06 -0.43 9.81
CA GLU A 211 -21.95 -1.59 9.86
C GLU A 211 -23.35 -1.26 9.36
N LYS A 212 -23.99 -2.27 8.77
CA LYS A 212 -25.28 -2.10 8.09
C LYS A 212 -26.35 -1.70 9.13
N PRO A 213 -27.15 -0.66 8.83
CA PRO A 213 -28.28 -0.37 9.73
C PRO A 213 -29.19 -1.57 9.90
N PHE A 214 -29.90 -1.58 11.03
CA PHE A 214 -30.82 -2.68 11.33
C PHE A 214 -31.96 -2.27 12.25
N LEU A 215 -33.07 -2.98 12.08
CA LEU A 215 -34.32 -2.69 12.73
C LEU A 215 -34.26 -3.34 14.12
N TYR A 216 -34.68 -2.61 15.17
CA TYR A 216 -34.66 -3.13 16.55
C TYR A 216 -35.79 -2.56 17.41
N LEU A 217 -36.01 -3.20 18.56
CA LEU A 217 -36.94 -2.71 19.57
C LEU A 217 -36.17 -2.01 20.68
N ASP A 218 -36.26 -0.69 20.71
CA ASP A 218 -35.64 0.12 21.78
C ASP A 218 -36.67 0.04 22.90
N GLY A 219 -36.51 -0.93 23.80
CA GLY A 219 -37.60 -1.36 24.66
C GLY A 219 -38.86 -1.83 23.93
N ASP A 220 -40.01 -1.22 24.21
CA ASP A 220 -41.27 -1.52 23.49
C ASP A 220 -41.53 -0.49 22.39
N ASP A 221 -40.47 -0.20 21.61
CA ASP A 221 -40.53 0.83 20.56
C ASP A 221 -39.60 0.35 19.43
N TYR A 222 -40.10 0.28 18.19
CA TYR A 222 -39.23 -0.05 17.06
C TYR A 222 -38.43 1.17 16.55
N LYS A 223 -37.12 0.98 16.41
CA LYS A 223 -36.20 1.99 15.91
C LYS A 223 -35.23 1.30 14.95
N VAL A 224 -34.49 2.09 14.17
CA VAL A 224 -33.45 1.53 13.30
C VAL A 224 -32.14 2.00 13.89
N PHE A 225 -31.27 1.06 14.23
CA PHE A 225 -29.92 1.46 14.63
C PHE A 225 -29.06 1.72 13.39
N VAL A 226 -28.31 2.83 13.43
CA VAL A 226 -27.57 3.33 12.31
C VAL A 226 -26.14 3.53 12.80
N PRO A 227 -25.31 2.47 12.77
CA PRO A 227 -23.90 2.47 13.19
C PRO A 227 -23.01 3.59 12.67
N ALA A 228 -22.11 4.11 13.51
CA ALA A 228 -21.07 5.02 13.05
C ALA A 228 -19.95 4.21 12.42
N LYS A 229 -19.21 4.85 11.53
CA LYS A 229 -18.04 4.23 10.88
C LYS A 229 -16.86 4.05 11.82
N ARG A 230 -15.91 3.17 11.45
CA ARG A 230 -14.61 3.08 12.12
C ARG A 230 -13.51 3.18 11.07
N THR A 231 -12.41 3.87 11.38
CA THR A 231 -11.14 3.71 10.67
C THR A 231 -10.39 2.53 11.30
N ASN A 232 -9.68 1.73 10.49
CA ASN A 232 -8.85 0.69 11.05
C ASN A 232 -9.71 -0.23 11.87
N ALA A 233 -10.85 -0.58 11.29
CA ALA A 233 -11.71 -1.55 11.91
C ALA A 233 -10.97 -2.87 12.10
N ARG A 234 -11.16 -3.43 13.29
CA ARG A 234 -10.71 -4.78 13.59
C ARG A 234 -11.58 -5.34 14.69
N GLY A 235 -12.02 -6.57 14.50
CA GLY A 235 -12.92 -7.18 15.45
C GLY A 235 -14.32 -6.58 15.38
N THR A 236 -15.18 -7.02 16.29
CA THR A 236 -16.58 -6.64 16.25
C THR A 236 -16.80 -5.20 16.70
N SER A 237 -17.89 -4.63 16.21
CA SER A 237 -18.31 -3.29 16.55
C SER A 237 -19.00 -3.33 17.90
N TRP A 238 -19.54 -4.50 18.22
CA TRP A 238 -20.32 -4.72 19.43
C TRP A 238 -19.58 -5.38 20.58
N GLY A 239 -18.55 -6.22 20.39
CA GLY A 239 -18.00 -6.99 21.53
C GLY A 239 -18.45 -6.36 22.84
N ASN A 240 -17.70 -5.33 23.23
CA ASN A 240 -17.98 -4.42 24.34
C ASN A 240 -19.17 -3.50 24.14
N GLY A 241 -19.62 -3.47 22.87
CA GLY A 241 -20.82 -2.81 22.31
C GLY A 241 -21.80 -1.86 22.99
N THR A 242 -21.34 -0.64 23.20
CA THR A 242 -22.17 0.52 23.53
C THR A 242 -21.63 1.51 22.54
N PRO A 243 -21.40 1.05 21.30
CA PRO A 243 -20.61 1.71 20.27
C PRO A 243 -21.34 2.93 19.69
N GLU A 244 -20.86 3.44 18.56
CA GLU A 244 -21.27 4.74 18.09
C GLU A 244 -22.40 4.69 17.04
N GLY A 245 -23.37 5.58 17.19
CA GLY A 245 -24.46 5.62 16.23
C GLY A 245 -25.66 6.31 16.80
N GLU A 246 -26.68 6.43 15.96
CA GLU A 246 -27.88 7.13 16.34
C GLU A 246 -29.02 6.16 16.16
N SER A 247 -30.01 6.25 17.03
CA SER A 247 -31.21 5.40 16.97
C SER A 247 -32.32 6.30 16.47
N LEU A 248 -33.01 5.83 15.41
CA LEU A 248 -34.04 6.59 14.72
C LEU A 248 -35.35 5.85 14.87
N PRO A 249 -36.36 6.47 15.48
CA PRO A 249 -37.68 5.89 15.36
C PRO A 249 -38.12 5.45 13.96
N LEU A 250 -38.76 4.29 13.94
CA LEU A 250 -39.57 3.87 12.80
C LEU A 250 -40.56 4.97 12.36
N ASP A 251 -41.06 5.78 13.29
CA ASP A 251 -41.98 6.85 12.87
C ASP A 251 -41.30 7.99 12.10
N GLN A 252 -40.02 7.83 11.74
CA GLN A 252 -39.34 8.66 10.75
C GLN A 252 -39.06 7.92 9.41
N PHE A 253 -39.71 6.76 9.20
CA PHE A 253 -39.53 5.96 7.98
C PHE A 253 -40.82 5.86 7.19
N TYR A 254 -40.78 6.14 5.90
CA TYR A 254 -41.84 5.65 5.04
C TYR A 254 -41.71 4.14 5.03
N VAL A 255 -42.73 3.44 5.54
CA VAL A 255 -42.76 1.98 5.54
C VAL A 255 -43.38 1.54 4.22
N VAL A 256 -42.50 1.37 3.24
CA VAL A 256 -42.88 1.11 1.85
C VAL A 256 -43.38 -0.33 1.69
N LYS A 257 -44.58 -0.45 1.10
CA LYS A 257 -45.15 -1.72 0.62
C LYS A 257 -45.65 -1.67 -0.83
N PRO A 258 -46.97 -1.47 -0.97
CA PRO A 258 -47.94 -2.43 -1.55
C PRO A 258 -47.72 -2.83 -2.93
N GLY A 259 -46.90 -2.02 -3.56
CA GLY A 259 -47.19 -1.55 -4.87
C GLY A 259 -47.41 -0.07 -4.54
N ALA A 260 -46.65 0.48 -3.57
CA ALA A 260 -46.46 1.90 -3.49
C ALA A 260 -45.75 2.28 -4.78
N THR A 261 -45.88 3.55 -5.15
CA THR A 261 -45.30 4.02 -6.40
C THR A 261 -43.98 4.76 -6.27
N ALA A 262 -43.39 5.07 -7.42
CA ALA A 262 -42.18 5.87 -7.48
C ALA A 262 -42.38 7.36 -7.19
N GLU A 263 -43.46 8.01 -7.66
CA GLU A 263 -43.72 9.42 -7.27
C GLU A 263 -43.70 9.45 -5.74
N THR A 264 -44.49 8.57 -5.16
CA THR A 264 -44.69 8.52 -3.72
C THR A 264 -43.46 8.17 -2.86
N ILE A 265 -42.71 7.14 -3.25
CA ILE A 265 -41.48 6.82 -2.54
C ILE A 265 -40.57 8.06 -2.56
N ASN A 266 -40.46 8.72 -3.72
CA ASN A 266 -39.61 9.92 -3.87
C ASN A 266 -40.20 11.14 -3.16
N ALA A 267 -41.51 11.15 -2.99
CA ALA A 267 -42.15 12.20 -2.22
C ALA A 267 -41.66 12.08 -0.78
N ALA A 268 -41.57 10.85 -0.30
CA ALA A 268 -41.18 10.59 1.12
C ALA A 268 -39.80 11.17 1.43
N VAL A 269 -38.82 10.85 0.59
CA VAL A 269 -37.45 11.29 0.83
C VAL A 269 -37.41 12.82 0.85
N ASP A 270 -38.07 13.45 -0.12
CA ASP A 270 -38.13 14.92 -0.15
C ASP A 270 -38.83 15.45 1.11
N GLN A 271 -39.97 14.90 1.52
CA GLN A 271 -40.61 15.33 2.78
C GLN A 271 -39.74 15.06 4.05
N GLY A 272 -38.66 14.30 3.88
CA GLY A 272 -37.64 14.16 4.90
C GLY A 272 -37.68 12.82 5.61
N LEU A 273 -38.38 11.85 5.02
CA LEU A 273 -38.42 10.51 5.59
C LEU A 273 -37.32 9.60 5.04
N HIS A 274 -36.92 8.63 5.87
CA HIS A 274 -36.06 7.52 5.45
C HIS A 274 -36.97 6.47 4.76
N LEU A 275 -36.37 5.43 4.19
CA LEU A 275 -37.15 4.38 3.52
C LEU A 275 -36.96 3.00 4.13
N LEU A 276 -38.09 2.32 4.41
CA LEU A 276 -38.04 0.91 4.79
C LEU A 276 -38.84 0.11 3.80
N PHE A 277 -38.14 -0.69 3.01
CA PHE A 277 -38.81 -1.55 2.05
C PHE A 277 -39.12 -2.88 2.70
N THR A 278 -40.40 -3.09 2.97
CA THR A 278 -40.84 -4.35 3.53
C THR A 278 -40.76 -5.43 2.44
N PRO A 279 -40.87 -6.71 2.84
CA PRO A 279 -40.50 -7.70 1.82
C PRO A 279 -41.54 -7.85 0.73
N GLY A 280 -41.04 -7.71 -0.50
CA GLY A 280 -41.87 -7.81 -1.67
C GLY A 280 -41.15 -7.30 -2.92
N VAL A 281 -41.93 -7.06 -3.97
CA VAL A 281 -41.39 -6.70 -5.28
C VAL A 281 -42.06 -5.43 -5.75
N TYR A 282 -41.23 -4.45 -6.07
CA TYR A 282 -41.65 -3.12 -6.40
C TYR A 282 -41.32 -2.90 -7.87
N HIS A 283 -42.33 -2.71 -8.72
CA HIS A 283 -42.09 -2.21 -10.08
C HIS A 283 -41.50 -0.89 -9.83
N VAL A 284 -41.15 -0.17 -10.87
CA VAL A 284 -41.25 1.26 -10.80
C VAL A 284 -41.15 1.70 -12.23
N ASP A 285 -42.12 2.51 -12.65
CA ASP A 285 -42.09 2.99 -14.05
C ASP A 285 -41.28 4.26 -14.13
N GLN A 286 -40.69 4.60 -13.01
CA GLN A 286 -39.92 5.81 -12.82
C GLN A 286 -38.80 5.51 -11.79
N PRO A 287 -37.67 6.23 -11.84
CA PRO A 287 -36.64 5.80 -10.86
C PRO A 287 -36.90 6.18 -9.42
N ILE A 288 -36.27 5.44 -8.51
CA ILE A 288 -36.26 5.79 -7.10
C ILE A 288 -35.10 6.74 -6.91
N GLU A 289 -35.39 7.79 -6.16
CA GLU A 289 -34.54 8.97 -6.13
C GLU A 289 -34.24 9.30 -4.67
N ILE A 290 -32.94 9.37 -4.35
CA ILE A 290 -32.47 9.70 -3.00
C ILE A 290 -31.39 10.76 -3.11
N ASP A 291 -31.78 12.02 -2.92
CA ASP A 291 -30.83 13.11 -3.03
C ASP A 291 -30.93 13.98 -1.78
N ARG A 292 -31.06 13.29 -0.66
CA ARG A 292 -31.17 13.89 0.67
C ARG A 292 -30.08 13.24 1.51
N ALA A 293 -29.16 14.06 1.99
CA ALA A 293 -28.07 13.58 2.83
C ALA A 293 -28.56 12.73 4.02
N ASN A 294 -27.78 11.70 4.32
CA ASN A 294 -28.01 10.71 5.38
C ASN A 294 -29.37 10.00 5.38
N THR A 295 -29.94 9.84 4.19
CA THR A 295 -31.12 8.98 4.03
C THR A 295 -30.72 7.52 4.13
N VAL A 296 -31.48 6.78 4.95
CA VAL A 296 -31.36 5.35 5.06
C VAL A 296 -32.43 4.72 4.20
N ALA A 297 -32.01 3.80 3.34
CA ALA A 297 -32.95 3.00 2.54
C ALA A 297 -32.64 1.54 2.82
N LEU A 298 -33.41 0.95 3.72
CA LEU A 298 -33.14 -0.36 4.28
C LEU A 298 -34.21 -1.33 3.79
N GLY A 299 -33.78 -2.42 3.17
CA GLY A 299 -34.70 -3.46 2.72
C GLY A 299 -34.81 -4.57 3.75
N LEU A 300 -35.95 -5.25 3.75
CA LEU A 300 -36.20 -6.44 4.54
C LEU A 300 -36.60 -7.58 3.61
N GLY A 301 -36.21 -8.80 3.96
CA GLY A 301 -36.64 -9.99 3.24
C GLY A 301 -36.36 -9.97 1.75
N LEU A 302 -35.20 -9.43 1.37
CA LEU A 302 -34.77 -9.41 -0.02
C LEU A 302 -35.73 -8.61 -0.91
N ALA A 303 -36.26 -7.55 -0.34
CA ALA A 303 -37.05 -6.59 -1.08
C ALA A 303 -36.35 -6.24 -2.38
N THR A 304 -37.16 -6.18 -3.43
CA THR A 304 -36.68 -6.18 -4.80
C THR A 304 -37.31 -5.04 -5.57
N ILE A 305 -36.48 -4.32 -6.33
CA ILE A 305 -36.95 -3.24 -7.21
C ILE A 305 -36.74 -3.66 -8.65
N ILE A 306 -37.80 -3.61 -9.47
CA ILE A 306 -37.69 -3.85 -10.91
C ILE A 306 -38.01 -2.56 -11.67
N PRO A 307 -37.05 -2.06 -12.49
CA PRO A 307 -37.36 -0.87 -13.28
C PRO A 307 -38.12 -1.22 -14.55
N ASP A 308 -39.23 -0.51 -14.77
CA ASP A 308 -40.00 -0.58 -16.01
C ASP A 308 -39.38 0.39 -17.01
N ASN A 309 -39.75 0.27 -18.28
CA ASN A 309 -39.53 1.39 -19.21
C ASN A 309 -38.08 1.75 -19.48
N GLY A 310 -37.15 0.88 -19.06
CA GLY A 310 -35.74 1.13 -19.27
C GLY A 310 -35.13 2.17 -18.36
N VAL A 311 -35.81 2.50 -17.26
CA VAL A 311 -35.28 3.52 -16.37
C VAL A 311 -34.20 2.95 -15.40
N THR A 312 -33.49 3.84 -14.72
CA THR A 312 -32.47 3.53 -13.70
C THR A 312 -33.00 3.35 -12.26
N ALA A 313 -33.27 2.10 -11.87
CA ALA A 313 -34.00 1.77 -10.61
C ALA A 313 -33.77 2.73 -9.45
N LEU A 314 -32.51 3.07 -9.22
CA LEU A 314 -32.12 3.84 -8.05
C LEU A 314 -31.03 4.78 -8.41
N LYS A 315 -31.31 6.04 -8.13
CA LYS A 315 -30.34 7.10 -8.35
C LYS A 315 -30.12 7.87 -7.04
N VAL A 316 -28.86 7.91 -6.66
CA VAL A 316 -28.41 8.62 -5.47
C VAL A 316 -27.64 9.86 -5.91
N GLY A 317 -28.10 11.03 -5.46
CA GLY A 317 -27.46 12.29 -5.83
C GLY A 317 -26.15 12.56 -5.09
N ASP A 318 -25.63 13.77 -5.26
CA ASP A 318 -24.29 14.13 -4.79
C ASP A 318 -24.27 14.55 -3.31
N VAL A 319 -24.88 13.73 -2.47
CA VAL A 319 -25.02 14.01 -1.03
C VAL A 319 -24.24 13.04 -0.12
N ASP A 320 -23.87 13.53 1.07
CA ASP A 320 -23.20 12.72 2.12
C ASP A 320 -24.14 11.67 2.75
N GLY A 321 -23.56 10.56 3.23
CA GLY A 321 -24.20 9.77 4.27
C GLY A 321 -25.30 8.80 3.92
N VAL A 322 -25.63 8.65 2.66
CA VAL A 322 -26.75 7.77 2.29
C VAL A 322 -26.33 6.33 2.55
N LYS A 323 -27.27 5.55 3.07
CA LYS A 323 -27.00 4.17 3.50
C LYS A 323 -28.05 3.32 2.83
N VAL A 324 -27.69 2.70 1.71
CA VAL A 324 -28.61 1.77 1.02
C VAL A 324 -28.21 0.35 1.41
N ALA A 325 -29.20 -0.45 1.82
CA ALA A 325 -28.89 -1.73 2.45
C ALA A 325 -29.98 -2.76 2.16
N GLY A 326 -29.57 -3.95 1.73
CA GLY A 326 -30.48 -5.09 1.69
C GLY A 326 -31.55 -5.08 0.62
N LEU A 327 -31.14 -4.64 -0.58
CA LEU A 327 -32.03 -4.60 -1.74
C LEU A 327 -31.51 -5.42 -2.92
N LEU A 328 -32.43 -6.07 -3.61
CA LEU A 328 -32.16 -6.66 -4.91
C LEU A 328 -32.74 -5.75 -6.00
N VAL A 329 -31.97 -5.48 -7.04
CA VAL A 329 -32.49 -4.79 -8.22
C VAL A 329 -32.43 -5.78 -9.38
N ASP A 330 -33.58 -6.11 -9.94
CA ASP A 330 -33.78 -7.18 -10.93
C ASP A 330 -34.21 -6.49 -12.24
N ALA A 331 -33.36 -6.54 -13.25
CA ALA A 331 -33.60 -5.85 -14.51
C ALA A 331 -34.90 -6.27 -15.15
N GLY A 332 -35.54 -5.30 -15.82
CA GLY A 332 -36.76 -5.56 -16.57
C GLY A 332 -36.40 -5.84 -18.02
N PRO A 333 -37.41 -6.23 -18.81
CA PRO A 333 -37.25 -6.56 -20.24
C PRO A 333 -36.60 -5.45 -21.06
N VAL A 334 -36.89 -4.18 -20.75
CA VAL A 334 -36.30 -3.09 -21.51
C VAL A 334 -34.95 -2.75 -20.92
N ASN A 335 -33.95 -2.68 -21.80
CA ASN A 335 -32.60 -2.43 -21.38
C ASN A 335 -32.49 -1.10 -20.66
N SER A 336 -32.13 -1.13 -19.39
CA SER A 336 -31.83 0.10 -18.70
C SER A 336 -30.37 0.46 -18.97
N GLU A 337 -30.09 1.73 -19.24
CA GLU A 337 -28.70 2.16 -19.42
C GLU A 337 -27.86 1.96 -18.17
N THR A 338 -28.49 2.27 -17.04
CA THR A 338 -27.89 1.96 -15.75
C THR A 338 -29.00 1.44 -14.83
N LEU A 339 -28.65 0.55 -13.91
CA LEU A 339 -29.61 0.13 -12.89
C LEU A 339 -29.50 0.89 -11.54
N VAL A 340 -28.28 1.22 -11.13
CA VAL A 340 -28.00 1.92 -9.87
C VAL A 340 -26.95 2.97 -10.14
N GLU A 341 -27.31 4.23 -9.88
CA GLU A 341 -26.35 5.32 -10.00
C GLU A 341 -26.07 5.91 -8.63
N VAL A 342 -24.79 5.94 -8.25
CA VAL A 342 -24.38 6.54 -7.00
C VAL A 342 -23.66 7.83 -7.35
N GLY A 343 -24.40 8.93 -7.26
CA GLY A 343 -23.88 10.23 -7.62
C GLY A 343 -24.01 10.54 -9.10
N SER A 344 -24.17 11.82 -9.40
CA SER A 344 -24.36 12.29 -10.79
C SER A 344 -23.03 12.47 -11.51
N ASP A 345 -23.05 13.17 -12.63
CA ASP A 345 -21.96 12.93 -13.57
C ASP A 345 -20.90 14.02 -13.85
N GLY A 346 -19.66 13.83 -13.35
CA GLY A 346 -18.62 14.88 -13.30
C GLY A 346 -18.45 15.50 -11.92
N ALA A 347 -18.97 14.80 -10.90
CA ALA A 347 -19.16 15.35 -9.54
C ALA A 347 -17.98 15.24 -8.60
N SER A 348 -17.10 16.22 -8.52
CA SER A 348 -15.85 16.01 -7.80
C SER A 348 -15.93 16.35 -6.33
N GLY A 349 -17.14 16.41 -5.81
CA GLY A 349 -17.29 16.62 -4.39
C GLY A 349 -16.89 15.45 -3.51
N ASP A 350 -16.20 15.79 -2.44
CA ASP A 350 -15.67 14.76 -1.58
C ASP A 350 -16.59 14.52 -0.40
N HIS A 351 -16.54 13.29 0.13
CA HIS A 351 -17.49 12.82 1.11
C HIS A 351 -16.75 11.98 2.16
N ALA A 352 -15.64 12.49 2.70
CA ALA A 352 -14.72 11.67 3.51
C ALA A 352 -15.14 11.44 4.95
N ALA A 353 -15.79 12.44 5.54
CA ALA A 353 -16.26 12.30 6.91
C ALA A 353 -17.43 11.32 6.96
N ASN A 354 -18.35 11.51 6.03
CA ASN A 354 -19.65 10.85 6.06
C ASN A 354 -19.99 10.31 4.64
N PRO A 355 -19.27 9.27 4.21
CA PRO A 355 -19.47 8.71 2.88
C PRO A 355 -20.82 8.01 2.70
N THR A 356 -21.28 7.88 1.46
CA THR A 356 -22.45 7.07 1.09
C THR A 356 -21.98 5.62 0.94
N SER A 357 -22.88 4.67 1.25
CA SER A 357 -22.57 3.26 1.15
C SER A 357 -23.67 2.46 0.48
N LEU A 358 -23.27 1.43 -0.26
CA LEU A 358 -24.17 0.36 -0.66
C LEU A 358 -23.79 -0.92 0.07
N GLN A 359 -24.75 -1.53 0.76
CA GLN A 359 -24.47 -2.79 1.49
C GLN A 359 -25.52 -3.84 1.20
N ASP A 360 -25.07 -5.06 0.93
CA ASP A 360 -26.02 -6.11 0.53
C ASP A 360 -26.97 -5.56 -0.53
N VAL A 361 -26.36 -4.97 -1.53
CA VAL A 361 -27.07 -4.52 -2.70
C VAL A 361 -26.72 -5.55 -3.77
N PHE A 362 -27.75 -6.22 -4.27
CA PHE A 362 -27.58 -7.27 -5.27
C PHE A 362 -28.21 -6.78 -6.57
N VAL A 363 -27.68 -7.27 -7.69
CA VAL A 363 -28.24 -6.97 -8.98
C VAL A 363 -28.34 -8.28 -9.77
N ARG A 364 -29.47 -8.46 -10.44
CA ARG A 364 -29.68 -9.60 -11.33
C ARG A 364 -30.16 -9.14 -12.71
N ILE A 365 -29.58 -9.72 -13.77
CA ILE A 365 -30.02 -9.44 -15.12
C ILE A 365 -30.41 -10.78 -15.75
N GLY A 366 -31.71 -10.98 -15.86
CA GLY A 366 -32.28 -12.22 -16.37
C GLY A 366 -32.39 -13.28 -15.30
N GLY A 367 -32.89 -14.46 -15.67
CA GLY A 367 -32.98 -15.58 -14.74
C GLY A 367 -34.43 -15.85 -14.36
N ALA A 368 -35.02 -14.86 -13.71
CA ALA A 368 -36.45 -14.80 -13.45
C ALA A 368 -37.07 -13.94 -14.56
N GLY A 369 -36.97 -14.43 -15.80
CA GLY A 369 -37.46 -13.69 -16.97
C GLY A 369 -36.44 -12.84 -17.68
N PRO A 370 -36.85 -12.30 -18.86
CA PRO A 370 -36.00 -11.37 -19.61
C PRO A 370 -35.62 -10.13 -18.84
N GLY A 371 -34.33 -9.86 -18.82
CA GLY A 371 -33.79 -8.65 -18.24
C GLY A 371 -32.57 -8.22 -19.05
N LYS A 372 -32.35 -6.91 -19.15
CA LYS A 372 -31.23 -6.35 -19.89
C LYS A 372 -30.83 -5.03 -19.25
N ALA A 373 -29.53 -4.79 -19.15
CA ALA A 373 -29.03 -3.48 -18.76
C ALA A 373 -27.63 -3.26 -19.31
N THR A 374 -27.33 -2.03 -19.71
CA THR A 374 -26.01 -1.74 -20.31
C THR A 374 -24.92 -1.70 -19.26
N THR A 375 -25.15 -0.89 -18.23
CA THR A 375 -24.34 -0.93 -17.01
C THR A 375 -25.25 -1.23 -15.81
N SER A 376 -24.75 -1.98 -14.84
CA SER A 376 -25.54 -2.26 -13.66
C SER A 376 -25.39 -1.21 -12.56
N ILE A 377 -24.15 -0.96 -12.13
CA ILE A 377 -23.89 -0.01 -11.05
C ILE A 377 -22.78 0.91 -11.49
N VAL A 378 -23.10 2.21 -11.45
CA VAL A 378 -22.13 3.24 -11.72
C VAL A 378 -21.90 4.03 -10.44
N VAL A 379 -20.64 4.16 -10.06
CA VAL A 379 -20.28 4.80 -8.81
C VAL A 379 -19.45 6.05 -9.12
N ASN A 380 -20.14 7.19 -9.12
CA ASN A 380 -19.55 8.50 -9.32
C ASN A 380 -19.06 9.14 -8.01
N SER A 381 -19.87 9.00 -6.96
CA SER A 381 -19.58 9.65 -5.68
C SER A 381 -18.20 9.30 -5.08
N ASN A 382 -17.37 10.33 -4.88
CA ASN A 382 -16.10 10.08 -4.23
C ASN A 382 -16.37 9.53 -2.82
N ASP A 383 -15.43 8.73 -2.33
CA ASP A 383 -15.42 8.18 -0.97
C ASP A 383 -16.47 7.09 -0.67
N THR A 384 -17.18 6.64 -1.69
CA THR A 384 -18.26 5.67 -1.54
C THR A 384 -17.71 4.32 -1.06
N ILE A 385 -18.49 3.65 -0.22
CA ILE A 385 -18.15 2.33 0.31
C ILE A 385 -19.10 1.34 -0.31
N ILE A 386 -18.55 0.31 -0.94
CA ILE A 386 -19.34 -0.76 -1.58
C ILE A 386 -19.05 -1.96 -0.68
N ASP A 387 -19.92 -2.29 0.28
CA ASP A 387 -19.62 -3.32 1.29
C ASP A 387 -20.60 -4.49 1.15
N HIS A 388 -20.16 -5.46 0.34
CA HIS A 388 -20.91 -6.63 -0.11
C HIS A 388 -21.92 -6.30 -1.21
N THR A 389 -21.53 -6.61 -2.44
CA THR A 389 -22.45 -6.58 -3.56
C THR A 389 -22.28 -7.86 -4.41
N TRP A 390 -23.38 -8.35 -5.01
CA TRP A 390 -23.31 -9.39 -6.04
C TRP A 390 -24.05 -8.80 -7.22
N VAL A 391 -23.32 -8.59 -8.31
CA VAL A 391 -23.86 -8.02 -9.54
C VAL A 391 -23.74 -9.17 -10.58
N TRP A 392 -24.89 -9.70 -11.00
CA TRP A 392 -24.94 -11.02 -11.63
C TRP A 392 -25.79 -11.03 -12.89
N ARG A 393 -25.15 -11.22 -14.03
CA ARG A 393 -25.88 -11.55 -15.22
C ARG A 393 -26.19 -13.06 -15.16
N ALA A 394 -27.47 -13.41 -15.25
CA ALA A 394 -27.88 -14.80 -15.06
C ALA A 394 -27.30 -15.79 -16.08
N ASP A 395 -26.87 -16.96 -15.56
CA ASP A 395 -26.34 -18.05 -16.39
C ASP A 395 -27.32 -19.21 -16.44
N HIS A 396 -28.38 -19.12 -15.65
CA HIS A 396 -29.45 -20.07 -15.80
C HIS A 396 -30.80 -19.50 -15.31
N GLY A 397 -31.86 -20.29 -15.45
CA GLY A 397 -33.22 -19.84 -15.23
C GLY A 397 -33.80 -19.33 -16.53
N GLU A 398 -35.03 -18.82 -16.45
CA GLU A 398 -35.79 -18.27 -17.56
C GLU A 398 -35.15 -16.99 -18.11
N GLY A 399 -35.02 -16.89 -19.45
CA GLY A 399 -34.72 -15.61 -20.07
C GLY A 399 -33.25 -15.35 -20.27
N VAL A 400 -32.48 -16.43 -20.37
CA VAL A 400 -31.01 -16.36 -20.40
C VAL A 400 -30.52 -16.61 -21.84
N GLY A 401 -29.43 -15.92 -22.23
CA GLY A 401 -28.96 -15.91 -23.60
C GLY A 401 -28.02 -14.77 -23.93
N TRP A 402 -27.03 -15.09 -24.76
CA TRP A 402 -26.01 -14.09 -25.18
C TRP A 402 -26.63 -12.76 -25.67
N GLU A 403 -27.76 -12.79 -26.38
CA GLU A 403 -28.55 -11.54 -26.57
C GLU A 403 -29.78 -11.42 -25.66
N THR A 404 -30.39 -12.53 -25.31
CA THR A 404 -31.65 -12.45 -24.58
C THR A 404 -31.51 -11.70 -23.23
N ASN A 405 -30.43 -11.96 -22.46
CA ASN A 405 -30.13 -11.13 -21.27
C ASN A 405 -28.72 -10.49 -21.34
N ARG A 406 -28.38 -9.95 -22.50
CA ARG A 406 -27.11 -9.24 -22.64
C ARG A 406 -26.99 -8.13 -21.58
N ALA A 407 -25.84 -8.12 -20.93
CA ALA A 407 -25.52 -7.03 -19.99
C ALA A 407 -24.03 -6.78 -20.17
N ASP A 408 -23.69 -5.66 -20.80
CA ASP A 408 -22.28 -5.45 -21.19
C ASP A 408 -21.37 -5.19 -19.99
N TYR A 409 -21.83 -4.35 -19.06
CA TYR A 409 -20.97 -3.84 -17.99
C TYR A 409 -21.55 -4.03 -16.59
N GLY A 410 -20.72 -4.55 -15.70
CA GLY A 410 -21.16 -4.83 -14.33
C GLY A 410 -21.13 -3.60 -13.45
N VAL A 411 -19.92 -3.27 -13.00
CA VAL A 411 -19.69 -2.16 -12.11
C VAL A 411 -18.66 -1.28 -12.74
N HIS A 412 -18.95 0.02 -12.66
CA HIS A 412 -18.15 1.03 -13.26
C HIS A 412 -17.86 2.09 -12.19
N VAL A 413 -16.62 2.14 -11.71
CA VAL A 413 -16.29 3.08 -10.63
C VAL A 413 -15.51 4.25 -11.19
N LYS A 414 -16.14 5.44 -11.18
CA LYS A 414 -15.45 6.65 -11.60
C LYS A 414 -15.04 7.57 -10.44
N GLY A 415 -15.68 7.43 -9.29
CA GLY A 415 -15.34 8.24 -8.11
C GLY A 415 -13.96 7.93 -7.56
N ASP A 416 -13.40 8.92 -6.85
CA ASP A 416 -12.10 8.76 -6.25
C ASP A 416 -12.23 8.23 -4.82
N ASN A 417 -11.22 7.52 -4.35
CA ASN A 417 -11.15 7.04 -2.98
C ASN A 417 -12.30 6.11 -2.63
N VAL A 418 -12.74 5.34 -3.63
CA VAL A 418 -13.85 4.38 -3.45
C VAL A 418 -13.27 3.05 -2.92
N LEU A 419 -13.97 2.45 -1.96
CA LEU A 419 -13.53 1.22 -1.31
C LEU A 419 -14.59 0.18 -1.59
N ALA A 420 -14.18 -0.96 -2.14
CA ALA A 420 -15.07 -2.12 -2.23
C ALA A 420 -14.54 -3.24 -1.33
N THR A 421 -15.41 -3.73 -0.47
CA THR A 421 -15.11 -4.83 0.44
C THR A 421 -16.13 -5.95 0.20
N GLY A 422 -15.68 -7.05 -0.36
CA GLY A 422 -16.58 -8.14 -0.70
C GLY A 422 -17.30 -7.87 -2.02
N LEU A 423 -16.54 -7.91 -3.10
CA LEU A 423 -17.03 -7.54 -4.44
C LEU A 423 -17.20 -8.80 -5.29
N PHE A 424 -18.44 -9.12 -5.67
CA PHE A 424 -18.75 -10.33 -6.43
C PHE A 424 -19.48 -9.88 -7.74
N VAL A 425 -18.87 -10.05 -8.90
CA VAL A 425 -19.46 -9.58 -10.14
C VAL A 425 -19.22 -10.65 -11.23
N GLU A 426 -20.31 -11.12 -11.87
CA GLU A 426 -20.20 -12.27 -12.79
C GLU A 426 -21.01 -12.17 -14.07
N HIS A 427 -20.37 -12.61 -15.16
CA HIS A 427 -21.01 -13.07 -16.42
C HIS A 427 -21.31 -11.99 -17.47
N PHE A 428 -20.74 -10.79 -17.29
CA PHE A 428 -21.01 -9.70 -18.22
C PHE A 428 -20.40 -9.93 -19.62
N ASN A 429 -21.08 -9.43 -20.63
CA ASN A 429 -20.63 -9.63 -22.01
C ASN A 429 -19.26 -8.96 -22.27
N LYS A 430 -19.04 -7.84 -21.58
CA LYS A 430 -17.77 -7.13 -21.66
C LYS A 430 -17.11 -7.01 -20.27
N TYR A 431 -16.61 -5.84 -19.87
CA TYR A 431 -15.92 -5.77 -18.59
C TYR A 431 -16.86 -5.94 -17.40
N ASP A 432 -16.63 -6.94 -16.57
CA ASP A 432 -17.43 -7.09 -15.38
C ASP A 432 -17.24 -5.87 -14.47
N VAL A 433 -15.98 -5.50 -14.24
CA VAL A 433 -15.64 -4.34 -13.42
C VAL A 433 -14.66 -3.46 -14.16
N GLN A 434 -14.93 -2.15 -14.16
CA GLN A 434 -14.06 -1.14 -14.73
C GLN A 434 -13.87 -0.03 -13.68
N TRP A 435 -12.61 0.34 -13.43
CA TRP A 435 -12.29 1.32 -12.41
C TRP A 435 -11.51 2.46 -13.09
N SER A 436 -12.17 3.62 -13.17
CA SER A 436 -11.59 4.81 -13.77
C SER A 436 -11.18 5.88 -12.71
N GLY A 437 -11.74 5.81 -11.50
CA GLY A 437 -11.37 6.75 -10.44
C GLY A 437 -9.99 6.51 -9.83
N GLU A 438 -9.49 7.52 -9.11
CA GLU A 438 -8.20 7.42 -8.47
C GLU A 438 -8.32 6.78 -7.08
N ASN A 439 -7.25 6.11 -6.69
CA ASN A 439 -7.06 5.69 -5.30
C ASN A 439 -8.15 4.73 -4.81
N GLY A 440 -8.67 3.93 -5.74
CA GLY A 440 -9.57 2.85 -5.41
C GLY A 440 -8.87 1.74 -4.66
N LYS A 441 -9.64 1.08 -3.80
CA LYS A 441 -9.19 -0.10 -3.11
C LYS A 441 -10.27 -1.14 -3.19
N THR A 442 -9.89 -2.38 -3.54
CA THR A 442 -10.78 -3.55 -3.49
C THR A 442 -10.16 -4.62 -2.61
N ILE A 443 -10.95 -5.04 -1.61
CA ILE A 443 -10.57 -6.14 -0.70
C ILE A 443 -11.61 -7.26 -0.92
N PHE A 444 -11.12 -8.29 -1.60
CA PHE A 444 -11.85 -9.46 -2.05
C PHE A 444 -12.67 -9.21 -3.32
N TYR A 445 -12.30 -9.95 -4.37
CA TYR A 445 -13.05 -9.98 -5.62
C TYR A 445 -13.28 -11.42 -6.07
N GLN A 446 -14.52 -11.69 -6.46
CA GLN A 446 -14.84 -12.96 -7.11
C GLN A 446 -15.62 -12.68 -8.39
N ASN A 447 -15.14 -13.28 -9.47
CA ASN A 447 -15.72 -13.14 -10.81
C ASN A 447 -15.80 -14.49 -11.48
N ALA A 448 -16.82 -14.63 -12.35
CA ALA A 448 -16.88 -15.68 -13.38
C ALA A 448 -17.16 -14.98 -14.71
N LYS A 449 -16.46 -15.39 -15.74
CA LYS A 449 -16.69 -14.86 -17.09
C LYS A 449 -17.93 -15.52 -17.69
N ALA A 450 -18.60 -14.80 -18.58
CA ALA A 450 -19.77 -15.32 -19.29
C ALA A 450 -19.52 -16.69 -19.89
N TYR A 451 -20.45 -17.63 -19.63
CA TYR A 451 -20.31 -19.03 -20.09
C TYR A 451 -20.66 -19.17 -21.56
N ASP A 452 -21.41 -18.18 -22.03
CA ASP A 452 -22.15 -18.28 -23.28
C ASP A 452 -21.68 -17.42 -24.47
N ALA A 453 -20.52 -16.77 -24.37
CA ALA A 453 -19.94 -16.12 -25.53
C ALA A 453 -19.83 -17.15 -26.66
N PRO A 454 -20.31 -16.81 -27.85
CA PRO A 454 -20.39 -17.84 -28.89
C PRO A 454 -19.03 -18.22 -29.49
N ASP A 455 -18.17 -17.24 -29.67
CA ASP A 455 -16.88 -17.48 -30.30
C ASP A 455 -15.90 -16.38 -29.98
N GLN A 456 -14.64 -16.63 -30.34
CA GLN A 456 -13.59 -15.67 -30.08
C GLN A 456 -13.93 -14.28 -30.66
N ALA A 457 -14.49 -14.27 -31.86
CA ALA A 457 -14.76 -13.01 -32.57
C ALA A 457 -15.81 -12.16 -31.86
N ALA A 458 -16.66 -12.79 -31.04
CA ALA A 458 -17.72 -12.05 -30.36
C ALA A 458 -17.23 -11.26 -29.14
N ILE A 459 -16.09 -11.67 -28.61
CA ILE A 459 -15.52 -11.07 -27.42
C ILE A 459 -14.15 -10.42 -27.62
N GLN A 460 -13.73 -10.26 -28.88
CA GLN A 460 -12.48 -9.58 -29.18
C GLN A 460 -12.62 -8.14 -28.70
N ASN A 461 -11.58 -7.63 -28.03
CA ASN A 461 -11.56 -6.31 -27.40
C ASN A 461 -10.35 -5.54 -27.96
N GLY A 462 -10.54 -4.86 -29.10
CA GLY A 462 -9.43 -4.30 -29.84
C GLY A 462 -8.32 -5.33 -30.08
N ASP A 463 -7.15 -5.10 -29.50
CA ASP A 463 -6.05 -6.05 -29.65
C ASP A 463 -6.07 -7.21 -28.63
N ILE A 464 -7.15 -7.30 -27.85
CA ILE A 464 -7.27 -8.31 -26.80
C ILE A 464 -8.41 -9.30 -27.00
N LYS A 465 -8.11 -10.54 -26.63
CA LYS A 465 -9.09 -11.60 -26.60
C LYS A 465 -9.83 -11.55 -25.28
N GLY A 466 -11.10 -11.22 -25.34
CA GLY A 466 -11.92 -11.17 -24.15
C GLY A 466 -11.76 -9.87 -23.41
N TYR A 467 -12.74 -9.56 -22.58
CA TYR A 467 -12.71 -8.39 -21.72
C TYR A 467 -12.27 -8.79 -20.32
N ALA A 468 -11.36 -8.04 -19.72
CA ALA A 468 -10.94 -8.32 -18.35
C ALA A 468 -12.14 -8.38 -17.42
N ALA A 469 -12.05 -9.24 -16.42
CA ALA A 469 -13.00 -9.26 -15.33
C ALA A 469 -12.85 -8.01 -14.45
N TYR A 470 -11.68 -7.40 -14.46
CA TYR A 470 -11.45 -6.23 -13.62
C TYR A 470 -10.41 -5.37 -14.32
N LYS A 471 -10.88 -4.24 -14.85
CA LYS A 471 -10.05 -3.32 -15.63
C LYS A 471 -9.85 -2.04 -14.87
N VAL A 472 -8.61 -1.58 -14.83
CA VAL A 472 -8.31 -0.22 -14.39
C VAL A 472 -7.85 0.63 -15.61
N ASP A 473 -8.37 1.86 -15.77
CA ASP A 473 -8.02 2.68 -16.95
C ASP A 473 -6.54 3.01 -16.85
N ASP A 474 -5.87 2.97 -17.99
CA ASP A 474 -4.43 3.16 -18.05
C ASP A 474 -3.94 4.53 -17.52
N SER A 475 -4.81 5.52 -17.43
CA SER A 475 -4.36 6.82 -16.94
C SER A 475 -4.33 6.83 -15.39
N VAL A 476 -5.06 5.92 -14.76
CA VAL A 476 -5.13 5.88 -13.27
C VAL A 476 -3.73 5.78 -12.70
N THR A 477 -3.45 6.52 -11.63
CA THR A 477 -2.08 6.53 -11.10
C THR A 477 -1.97 5.71 -9.78
N THR A 478 -3.06 5.63 -9.01
CA THR A 478 -3.07 4.84 -7.76
C THR A 478 -4.27 3.90 -7.68
N HIS A 479 -4.02 2.66 -7.30
CA HIS A 479 -5.07 1.65 -7.13
C HIS A 479 -4.46 0.49 -6.35
N GLU A 480 -5.28 -0.20 -5.58
CA GLU A 480 -4.79 -1.37 -4.86
C GLU A 480 -5.87 -2.41 -4.63
N GLY A 481 -5.56 -3.63 -5.03
CA GLY A 481 -6.47 -4.74 -4.88
C GLY A 481 -5.84 -5.93 -4.13
N TRP A 482 -6.65 -6.62 -3.32
CA TRP A 482 -6.21 -7.73 -2.48
C TRP A 482 -7.15 -8.95 -2.56
N GLY A 483 -6.63 -10.11 -2.96
CA GLY A 483 -7.41 -11.35 -2.87
C GLY A 483 -8.54 -11.48 -3.86
N MET A 484 -8.16 -11.76 -5.11
CA MET A 484 -9.01 -11.46 -6.22
C MET A 484 -8.90 -12.47 -7.34
N GLY A 485 -10.03 -13.06 -7.68
CA GLY A 485 -10.03 -14.18 -8.64
C GLY A 485 -11.08 -14.07 -9.73
N SER A 486 -10.72 -14.60 -10.91
CA SER A 486 -11.62 -14.66 -12.07
C SER A 486 -11.62 -16.10 -12.57
N TYR A 487 -12.82 -16.66 -12.78
CA TYR A 487 -12.97 -18.04 -13.23
C TYR A 487 -13.69 -18.10 -14.57
N CYS A 488 -13.37 -19.11 -15.37
CA CYS A 488 -14.06 -19.29 -16.66
C CYS A 488 -14.66 -20.67 -16.82
N TYR A 489 -15.73 -20.70 -17.61
CA TYR A 489 -16.50 -21.91 -17.93
C TYR A 489 -17.16 -21.69 -19.28
N PHE A 490 -16.32 -21.65 -20.31
CA PHE A 490 -16.80 -21.36 -21.66
C PHE A 490 -17.48 -22.58 -22.30
N ASN A 491 -18.73 -22.78 -21.89
CA ASN A 491 -19.43 -23.96 -22.24
C ASN A 491 -19.95 -24.09 -23.64
N VAL A 492 -20.46 -22.98 -24.16
CA VAL A 492 -20.91 -22.88 -25.54
C VAL A 492 -19.75 -23.02 -26.53
N ASN A 493 -18.54 -22.70 -26.08
CA ASN A 493 -17.38 -22.80 -26.96
C ASN A 493 -16.09 -22.95 -26.16
N PRO A 494 -15.78 -24.20 -25.76
CA PRO A 494 -14.61 -24.40 -24.91
C PRO A 494 -13.27 -24.18 -25.64
N ASP A 495 -13.32 -23.80 -26.91
CA ASP A 495 -12.12 -23.45 -27.66
C ASP A 495 -11.65 -22.00 -27.41
N ILE A 496 -12.51 -21.21 -26.76
CA ILE A 496 -12.20 -19.81 -26.50
C ILE A 496 -11.00 -19.64 -25.58
N ARG A 497 -10.30 -18.52 -25.78
CA ARG A 497 -9.26 -18.06 -24.89
C ARG A 497 -9.61 -16.69 -24.32
N GLN A 498 -9.38 -16.54 -23.03
CA GLN A 498 -9.55 -15.27 -22.33
C GLN A 498 -8.14 -14.72 -22.03
N GLN A 499 -7.77 -13.56 -22.54
CA GLN A 499 -6.35 -13.17 -22.45
C GLN A 499 -5.90 -12.96 -21.00
N HIS A 500 -6.80 -12.47 -20.15
CA HIS A 500 -6.48 -12.29 -18.72
C HIS A 500 -7.75 -12.05 -17.85
N GLY A 501 -7.63 -12.25 -16.54
CA GLY A 501 -8.64 -11.84 -15.57
C GLY A 501 -8.59 -10.36 -15.26
N PHE A 502 -7.36 -9.82 -15.26
CA PHE A 502 -7.10 -8.47 -14.80
C PHE A 502 -6.30 -7.68 -15.83
N GLN A 503 -6.62 -6.40 -15.92
CA GLN A 503 -5.88 -5.50 -16.78
C GLN A 503 -5.64 -4.20 -16.03
N ALA A 504 -4.41 -3.68 -16.11
CA ALA A 504 -4.06 -2.50 -15.38
C ALA A 504 -2.80 -1.86 -15.92
N PRO A 505 -2.72 -0.52 -15.85
CA PRO A 505 -1.45 0.12 -16.18
C PRO A 505 -0.30 -0.37 -15.28
N VAL A 506 0.92 -0.34 -15.82
CA VAL A 506 2.11 -0.68 -15.05
C VAL A 506 2.67 0.62 -14.52
N LYS A 507 2.40 0.87 -13.24
CA LYS A 507 2.70 2.13 -12.57
C LYS A 507 3.04 1.78 -11.12
N PRO A 508 3.95 2.54 -10.50
CA PRO A 508 4.29 2.10 -9.14
C PRO A 508 3.14 2.20 -8.12
N GLY A 509 2.16 3.07 -8.32
CA GLY A 509 1.06 3.25 -7.38
C GLY A 509 -0.15 2.33 -7.63
N VAL A 510 -0.04 1.47 -8.64
CA VAL A 510 -1.13 0.53 -9.04
C VAL A 510 -0.77 -0.90 -8.72
N LYS A 511 -1.21 -1.37 -7.54
CA LYS A 511 -0.68 -2.57 -6.92
C LYS A 511 -1.72 -3.65 -6.72
N PHE A 512 -1.36 -4.90 -7.03
CA PHE A 512 -2.26 -6.02 -6.78
C PHE A 512 -1.54 -7.06 -5.93
N HIS A 513 -2.34 -7.70 -5.09
CA HIS A 513 -1.90 -8.75 -4.19
C HIS A 513 -2.78 -9.99 -4.34
N ASP A 514 -2.15 -11.14 -4.45
CA ASP A 514 -2.87 -12.43 -4.43
C ASP A 514 -3.99 -12.54 -5.48
N LEU A 515 -3.58 -12.56 -6.75
CA LEU A 515 -4.45 -12.73 -7.91
C LEU A 515 -4.50 -14.20 -8.34
N LEU A 516 -5.66 -14.61 -8.86
CA LEU A 516 -5.74 -15.89 -9.52
C LEU A 516 -6.78 -15.92 -10.63
N VAL A 517 -6.52 -16.78 -11.62
CA VAL A 517 -7.52 -17.15 -12.62
C VAL A 517 -7.66 -18.66 -12.62
N VAL A 518 -8.83 -19.14 -13.02
CA VAL A 518 -9.19 -20.53 -12.83
C VAL A 518 -10.05 -20.96 -14.01
N SER A 519 -9.67 -22.03 -14.71
CA SER A 519 -10.57 -22.66 -15.68
C SER A 519 -11.30 -23.84 -15.07
N LEU A 520 -12.63 -23.85 -15.16
CA LEU A 520 -13.41 -24.96 -14.63
C LEU A 520 -13.53 -26.10 -15.66
N GLY A 521 -12.77 -27.18 -15.44
CA GLY A 521 -12.88 -28.37 -16.27
C GLY A 521 -12.32 -28.21 -17.68
N GLY A 522 -11.33 -27.33 -17.83
CA GLY A 522 -10.74 -27.05 -19.14
C GLY A 522 -11.68 -26.42 -20.14
N LYS A 523 -12.74 -25.79 -19.64
CA LYS A 523 -13.70 -25.15 -20.51
C LYS A 523 -13.25 -23.73 -20.85
N GLY A 524 -12.54 -23.61 -21.95
CA GLY A 524 -11.79 -22.41 -22.27
C GLY A 524 -10.56 -22.34 -21.39
N GLN A 525 -9.68 -21.41 -21.71
CA GLN A 525 -8.47 -21.19 -20.90
C GLN A 525 -8.13 -19.71 -20.82
N TYR A 526 -7.50 -19.31 -19.71
CA TYR A 526 -6.82 -18.01 -19.60
C TYR A 526 -5.40 -18.05 -20.22
N GLU A 527 -5.04 -17.02 -20.98
CA GLU A 527 -3.66 -16.86 -21.51
C GLU A 527 -2.69 -16.40 -20.42
N HIS A 528 -3.19 -15.57 -19.50
CA HIS A 528 -2.38 -15.00 -18.42
C HIS A 528 -3.31 -14.59 -17.26
N VAL A 529 -2.71 -14.13 -16.17
CA VAL A 529 -3.48 -13.71 -15.01
C VAL A 529 -3.83 -12.23 -15.10
N ILE A 530 -2.81 -11.42 -15.28
CA ILE A 530 -2.93 -9.98 -15.30
C ILE A 530 -2.06 -9.42 -16.40
N ASN A 531 -2.65 -8.62 -17.30
CA ASN A 531 -1.93 -8.18 -18.50
C ASN A 531 -1.28 -9.38 -19.18
N ASP A 532 0.07 -9.42 -19.22
CA ASP A 532 0.84 -10.59 -19.68
C ASP A 532 1.70 -11.28 -18.59
N ILE A 533 1.31 -11.15 -17.33
CA ILE A 533 2.03 -11.78 -16.22
C ILE A 533 1.18 -12.93 -15.69
N GLY A 534 1.86 -13.94 -15.14
CA GLY A 534 1.21 -15.16 -14.73
C GLY A 534 1.02 -16.11 -15.90
N ASP A 535 1.01 -17.38 -15.56
CA ASP A 535 0.99 -18.42 -16.53
C ASP A 535 -0.39 -18.45 -17.19
N PRO A 536 -0.55 -19.28 -18.24
CA PRO A 536 -1.91 -19.57 -18.68
C PRO A 536 -2.50 -20.64 -17.80
N THR A 537 -3.82 -20.82 -17.76
CA THR A 537 -4.31 -22.08 -17.26
C THR A 537 -4.17 -23.14 -18.34
N SER A 538 -4.04 -24.38 -17.90
CA SER A 538 -4.04 -25.47 -18.86
C SER A 538 -4.41 -26.75 -18.16
N GLY A 539 -4.57 -27.83 -18.93
CA GLY A 539 -5.13 -29.06 -18.42
C GLY A 539 -6.63 -28.91 -18.24
N ASP A 540 -7.29 -29.98 -17.71
CA ASP A 540 -8.73 -29.97 -17.46
C ASP A 540 -9.02 -30.16 -15.98
N THR A 541 -8.03 -29.85 -15.16
CA THR A 541 -8.02 -30.29 -13.76
C THR A 541 -8.46 -29.20 -12.77
N THR A 542 -8.67 -27.97 -13.26
CA THR A 542 -9.18 -26.89 -12.42
C THR A 542 -8.13 -26.40 -11.40
N ILE A 543 -6.93 -26.21 -11.93
CA ILE A 543 -5.77 -25.78 -11.15
C ILE A 543 -5.58 -24.31 -11.37
N PRO A 544 -5.70 -23.51 -10.30
CA PRO A 544 -5.53 -22.08 -10.51
C PRO A 544 -4.12 -21.73 -10.96
N SER A 545 -4.04 -20.59 -11.62
CA SER A 545 -2.77 -19.92 -11.88
C SER A 545 -2.80 -18.66 -11.05
N GLN A 546 -1.75 -18.42 -10.25
CA GLN A 546 -1.75 -17.26 -9.36
C GLN A 546 -0.56 -16.34 -9.52
N VAL A 547 -0.84 -15.06 -9.30
CA VAL A 547 0.18 -14.01 -9.19
C VAL A 547 0.15 -13.46 -7.76
N VAL A 548 1.32 -13.33 -7.17
CA VAL A 548 1.39 -13.13 -5.74
C VAL A 548 1.43 -11.60 -5.51
N SER A 549 2.20 -10.89 -6.31
CA SER A 549 2.15 -9.43 -6.23
C SER A 549 2.39 -8.82 -7.63
N PHE A 550 1.90 -7.59 -7.87
CA PHE A 550 1.99 -6.97 -9.20
C PHE A 550 1.81 -5.43 -9.19
N PRO A 551 2.58 -4.69 -10.01
CA PRO A 551 3.63 -4.97 -10.99
C PRO A 551 4.97 -5.29 -10.35
N ALA B 1 -3.24 33.08 -1.00
CA ALA B 1 -4.32 33.97 -0.56
C ALA B 1 -4.52 34.00 0.94
N GLN B 2 -4.09 32.96 1.62
CA GLN B 2 -4.36 32.78 3.03
C GLN B 2 -3.10 32.20 3.66
N GLU B 3 -2.90 32.38 4.96
CA GLU B 3 -1.65 31.86 5.57
C GLU B 3 -1.68 30.34 5.80
N VAL B 4 -0.58 29.68 5.47
CA VAL B 4 -0.45 28.25 5.66
C VAL B 4 -0.37 27.99 7.15
N VAL B 5 -0.96 26.88 7.59
CA VAL B 5 -1.00 26.56 9.01
C VAL B 5 -0.04 25.42 9.35
N GLY B 6 0.78 25.63 10.38
CA GLY B 6 1.76 24.65 10.78
C GLY B 6 1.34 23.95 12.06
N GLY B 7 1.89 22.75 12.25
CA GLY B 7 1.48 21.88 13.35
C GLY B 7 0.57 20.74 12.90
N GLY B 8 0.11 19.92 13.84
CA GLY B 8 -0.91 18.92 13.56
C GLY B 8 -0.36 17.49 13.54
N ASP B 9 -1.24 16.54 13.30
CA ASP B 9 -0.88 15.15 13.41
C ASP B 9 -0.13 14.83 12.16
N LEU B 10 0.59 13.72 12.21
CA LEU B 10 1.64 13.43 11.24
C LEU B 10 1.16 12.51 10.12
N GLY B 11 -0.14 12.22 10.17
CA GLY B 11 -0.84 11.46 9.17
C GLY B 11 -0.87 9.97 9.46
N PRO B 12 -1.59 9.24 8.61
CA PRO B 12 -1.70 7.80 8.84
C PRO B 12 -0.52 6.98 8.26
N ASN B 13 0.58 7.66 7.93
CA ASN B 13 1.83 6.96 7.59
C ASN B 13 2.94 7.09 8.65
N VAL B 14 2.66 7.90 9.68
CA VAL B 14 3.53 7.99 10.87
C VAL B 14 2.84 7.18 12.01
N LEU B 15 3.41 6.03 12.33
CA LEU B 15 2.82 5.05 13.24
C LEU B 15 3.53 5.17 14.57
N VAL B 16 2.89 5.79 15.56
CA VAL B 16 3.48 6.02 16.88
C VAL B 16 3.21 4.92 17.89
N PHE B 17 4.23 4.66 18.70
CA PHE B 17 4.14 3.73 19.82
C PHE B 17 4.76 4.38 21.09
N ASP B 18 4.17 4.16 22.25
CA ASP B 18 4.90 4.40 23.52
C ASP B 18 5.23 3.03 24.08
N PRO B 19 5.33 2.89 25.41
CA PRO B 19 5.16 1.60 26.08
C PRO B 19 3.73 1.01 26.16
N SER B 20 2.70 1.83 26.32
CA SER B 20 1.34 1.28 26.47
C SER B 20 1.08 0.36 25.33
N THR B 21 1.49 0.84 24.16
CA THR B 21 0.96 0.33 22.92
C THR B 21 1.15 -1.14 22.92
N PRO B 22 0.03 -1.89 22.89
CA PRO B 22 0.01 -3.36 22.95
C PRO B 22 0.03 -3.90 21.51
N ASP B 23 0.29 -5.19 21.39
CA ASP B 23 1.01 -5.76 20.25
C ASP B 23 1.57 -4.76 19.24
N ILE B 24 2.62 -4.11 19.72
CA ILE B 24 3.61 -3.46 18.85
C ILE B 24 4.21 -4.44 17.85
N GLN B 25 4.53 -5.64 18.30
CA GLN B 25 5.26 -6.60 17.44
C GLN B 25 4.50 -7.01 16.17
N GLY B 26 3.24 -7.37 16.31
CA GLY B 26 2.48 -7.83 15.15
C GLY B 26 2.36 -6.66 14.21
N LYS B 27 2.47 -5.47 14.80
CA LYS B 27 2.29 -4.25 14.08
C LYS B 27 3.45 -3.92 13.13
N VAL B 28 4.67 -4.09 13.63
CA VAL B 28 5.87 -3.90 12.80
C VAL B 28 6.04 -5.07 11.82
N ASP B 29 5.61 -6.26 12.22
CA ASP B 29 5.54 -7.40 11.31
C ASP B 29 4.67 -7.12 10.07
N GLU B 30 3.50 -6.50 10.26
CA GLU B 30 2.60 -6.29 9.11
C GLU B 30 3.16 -5.25 8.14
N VAL B 31 3.73 -4.16 8.65
CA VAL B 31 4.40 -3.19 7.78
C VAL B 31 5.50 -3.90 7.00
N PHE B 32 6.28 -4.73 7.69
CA PHE B 32 7.37 -5.48 7.03
C PHE B 32 6.83 -6.41 5.95
N ARG B 33 5.74 -7.10 6.25
CA ARG B 33 5.16 -7.93 5.22
C ARG B 33 4.78 -7.17 3.96
N LYS B 34 4.26 -5.96 4.10
CA LYS B 34 3.95 -5.11 2.95
C LYS B 34 5.25 -4.68 2.26
N GLN B 35 6.21 -4.25 3.07
CA GLN B 35 7.39 -3.52 2.57
C GLN B 35 8.60 -4.39 2.21
N GLU B 36 8.58 -5.62 2.68
CA GLU B 36 9.73 -6.52 2.62
C GLU B 36 10.40 -6.58 1.22
N SER B 37 9.59 -6.84 0.20
CA SER B 37 10.08 -6.91 -1.20
C SER B 37 9.45 -5.84 -2.08
N ASN B 38 8.94 -4.77 -1.48
CA ASN B 38 8.26 -3.68 -2.22
C ASN B 38 9.31 -2.67 -2.68
N GLN B 39 10.05 -3.06 -3.69
CA GLN B 39 11.25 -2.29 -3.99
C GLN B 39 10.94 -0.96 -4.68
N PHE B 40 9.84 -0.89 -5.44
CA PHE B 40 9.50 0.29 -6.19
C PHE B 40 8.07 0.86 -5.93
N GLY B 41 7.28 0.21 -5.07
CA GLY B 41 5.95 0.74 -4.77
C GLY B 41 5.96 2.11 -4.12
N THR B 42 4.77 2.68 -3.95
CA THR B 42 4.62 4.05 -3.47
C THR B 42 4.37 4.09 -1.98
N ASP B 43 4.32 2.92 -1.36
CA ASP B 43 4.11 2.79 0.09
C ASP B 43 5.29 3.44 0.82
N ARG B 44 4.99 4.21 1.87
CA ARG B 44 6.00 4.86 2.69
C ARG B 44 5.58 4.80 4.18
N TYR B 45 6.52 4.48 5.09
CA TYR B 45 6.15 4.46 6.54
C TYR B 45 7.25 4.91 7.46
N ALA B 46 6.84 5.58 8.54
CA ALA B 46 7.74 5.90 9.65
C ALA B 46 7.21 5.21 10.88
N LEU B 47 8.09 4.56 11.62
CA LEU B 47 7.73 3.89 12.88
C LEU B 47 8.44 4.63 13.99
N MET B 48 7.68 5.33 14.84
CA MET B 48 8.26 6.25 15.80
C MET B 48 7.91 5.74 17.18
N PHE B 49 8.89 5.77 18.07
CA PHE B 49 8.81 5.12 19.38
C PHE B 49 9.01 6.12 20.49
N LYS B 50 7.98 6.29 21.32
CA LYS B 50 8.08 7.25 22.42
C LYS B 50 9.13 6.78 23.45
N PRO B 51 9.67 7.72 24.26
CA PRO B 51 10.74 7.34 25.18
C PRO B 51 10.36 6.28 26.24
N GLY B 52 11.27 5.33 26.46
CA GLY B 52 11.07 4.21 27.39
C GLY B 52 11.73 2.92 26.92
N THR B 53 11.22 1.80 27.42
CA THR B 53 11.87 0.50 27.26
C THR B 53 10.90 -0.55 26.70
N TYR B 54 11.32 -1.15 25.60
CA TYR B 54 10.51 -2.10 24.82
C TYR B 54 11.16 -3.47 24.85
N ASN B 55 10.37 -4.50 25.16
CA ASN B 55 10.90 -5.84 25.26
C ASN B 55 10.18 -6.78 24.25
N ASP B 56 10.83 -7.90 23.90
CA ASP B 56 10.20 -8.94 23.07
C ASP B 56 10.04 -8.52 21.60
N ILE B 57 10.89 -7.60 21.15
CA ILE B 57 10.70 -6.97 19.85
C ILE B 57 11.81 -7.25 18.87
N ASN B 58 11.41 -7.80 17.73
CA ASN B 58 12.18 -7.82 16.53
C ASN B 58 11.48 -6.93 15.50
N ALA B 59 12.16 -5.87 15.09
CA ALA B 59 11.55 -4.92 14.16
C ALA B 59 12.36 -5.04 12.91
N GLN B 60 11.92 -5.94 12.03
CA GLN B 60 12.53 -6.05 10.71
C GLN B 60 12.06 -4.91 9.82
N ILE B 61 13.02 -4.28 9.15
CA ILE B 61 12.79 -3.05 8.40
C ILE B 61 12.85 -3.32 6.89
N GLY B 62 11.73 -3.13 6.20
CA GLY B 62 11.66 -3.34 4.76
C GLY B 62 11.98 -2.06 3.99
N PHE B 63 11.62 -2.05 2.71
CA PHE B 63 11.80 -0.86 1.90
C PHE B 63 10.96 0.30 2.44
N TYR B 64 11.48 1.51 2.22
CA TYR B 64 10.81 2.76 2.54
C TYR B 64 10.20 2.75 3.93
N THR B 65 11.00 2.28 4.88
CA THR B 65 10.62 2.22 6.28
C THR B 65 11.73 2.87 7.10
N SER B 66 11.35 3.92 7.82
CA SER B 66 12.23 4.53 8.81
C SER B 66 11.74 4.14 10.21
N ILE B 67 12.69 3.89 11.11
CA ILE B 67 12.36 3.60 12.50
C ILE B 67 13.18 4.56 13.37
N ALA B 68 12.54 5.14 14.38
CA ALA B 68 13.18 6.20 15.11
C ALA B 68 12.62 6.37 16.51
N GLY B 69 13.51 6.74 17.42
CA GLY B 69 13.14 7.09 18.77
C GLY B 69 12.76 8.57 18.86
N LEU B 70 11.94 8.88 19.85
CA LEU B 70 11.40 10.22 20.07
C LEU B 70 11.89 10.80 21.40
N GLY B 71 12.83 10.10 22.02
CA GLY B 71 13.45 10.57 23.22
C GLY B 71 14.36 11.67 22.79
N LEU B 72 14.89 12.41 23.75
CA LEU B 72 15.76 13.50 23.43
C LEU B 72 17.13 12.92 23.14
N ASN B 73 17.43 11.79 23.78
CA ASN B 73 18.75 11.16 23.65
C ASN B 73 18.51 9.70 23.30
N PRO B 74 19.49 9.06 22.66
CA PRO B 74 19.11 7.78 22.07
C PRO B 74 18.85 6.66 23.14
N ASP B 75 19.56 6.70 24.26
CA ASP B 75 19.28 5.76 25.36
C ASP B 75 18.02 6.20 26.14
N ASP B 76 17.27 7.15 25.58
CA ASP B 76 15.92 7.47 26.04
C ASP B 76 14.89 6.42 25.56
N THR B 77 15.18 5.78 24.42
CA THR B 77 14.31 4.75 23.81
C THR B 77 15.11 3.47 23.52
N THR B 78 14.91 2.47 24.38
CA THR B 78 15.67 1.23 24.37
C THR B 78 14.77 0.05 24.00
N PHE B 79 15.27 -0.76 23.07
CA PHE B 79 14.65 -2.02 22.67
C PHE B 79 15.49 -3.15 23.24
N ASN B 80 14.89 -4.01 24.05
CA ASN B 80 15.53 -5.28 24.38
C ASN B 80 15.10 -6.24 23.27
N GLY B 81 15.93 -6.21 22.25
CA GLY B 81 15.60 -6.77 20.96
C GLY B 81 16.39 -6.00 19.92
N ASP B 82 15.87 -5.97 18.70
CA ASP B 82 16.68 -5.76 17.51
C ASP B 82 15.97 -4.88 16.49
N VAL B 83 16.78 -4.22 15.67
CA VAL B 83 16.28 -3.58 14.47
C VAL B 83 17.05 -4.24 13.32
N THR B 84 16.36 -5.11 12.60
CA THR B 84 17.00 -6.07 11.73
C THR B 84 16.74 -5.72 10.28
N VAL B 85 17.83 -5.71 9.52
CA VAL B 85 17.75 -5.88 8.09
C VAL B 85 18.55 -7.15 7.78
N ASP B 86 17.88 -8.15 7.24
CA ASP B 86 18.61 -9.31 6.73
C ASP B 86 18.23 -9.61 5.27
N ALA B 87 18.89 -10.58 4.65
CA ALA B 87 18.56 -10.99 3.26
C ALA B 87 17.81 -12.31 3.13
N GLY B 88 16.64 -12.38 3.73
CA GLY B 88 15.76 -13.52 3.54
C GLY B 88 15.08 -13.48 2.18
N TRP B 89 14.44 -12.35 1.83
CA TRP B 89 13.59 -12.28 0.62
C TRP B 89 14.38 -12.60 -0.64
N PHE B 90 15.66 -12.26 -0.62
CA PHE B 90 16.54 -12.51 -1.77
C PHE B 90 17.59 -13.60 -1.45
N ASP B 91 17.18 -14.59 -0.63
CA ASP B 91 18.13 -15.53 0.01
C ASP B 91 19.62 -15.19 -0.16
N GLY B 92 20.09 -14.17 0.55
CA GLY B 92 21.52 -14.04 0.81
C GLY B 92 22.19 -12.81 0.26
N ASN B 93 21.62 -12.26 -0.81
CA ASN B 93 22.15 -11.05 -1.39
C ASN B 93 21.48 -9.79 -0.78
N ALA B 94 22.30 -8.78 -0.46
CA ALA B 94 21.82 -7.56 0.18
C ALA B 94 22.06 -6.29 -0.68
N THR B 95 22.66 -6.51 -1.86
CA THR B 95 22.91 -5.43 -2.79
C THR B 95 21.64 -4.66 -3.15
N GLN B 96 20.43 -5.16 -2.85
CA GLN B 96 19.27 -4.32 -3.16
C GLN B 96 18.44 -3.92 -1.95
N ASN B 97 19.07 -4.01 -0.76
CA ASN B 97 18.43 -3.56 0.48
C ASN B 97 18.64 -2.06 0.66
N PHE B 98 17.91 -1.30 -0.16
CA PHE B 98 17.94 0.15 -0.20
C PHE B 98 16.80 0.86 0.61
N TRP B 99 16.98 2.18 0.74
CA TRP B 99 15.92 3.15 1.09
C TRP B 99 15.18 2.84 2.38
N ARG B 100 15.91 2.88 3.46
CA ARG B 100 15.30 2.63 4.75
C ARG B 100 16.22 3.26 5.80
N SER B 101 15.87 3.17 7.07
CA SER B 101 16.74 3.80 8.06
C SER B 101 16.41 3.52 9.51
N ALA B 102 17.44 3.68 10.35
CA ALA B 102 17.27 3.64 11.81
C ALA B 102 17.93 4.85 12.48
N GLU B 103 17.27 5.44 13.47
CA GLU B 103 17.90 6.52 14.23
C GLU B 103 17.37 6.70 15.65
N ASN B 104 18.23 7.19 16.53
CA ASN B 104 17.82 7.71 17.83
C ASN B 104 17.23 6.64 18.75
N LEU B 105 17.85 5.47 18.73
CA LEU B 105 17.43 4.30 19.55
C LEU B 105 18.63 3.67 20.22
N ALA B 106 18.44 3.10 21.40
CA ALA B 106 19.36 2.13 21.96
C ALA B 106 18.80 0.73 21.67
N LEU B 107 19.71 -0.21 21.44
CA LEU B 107 19.39 -1.60 21.10
C LEU B 107 20.23 -2.54 21.96
N ASN B 108 19.56 -3.48 22.61
CA ASN B 108 20.18 -4.56 23.38
C ASN B 108 19.77 -5.86 22.72
N PRO B 109 20.51 -6.27 21.68
CA PRO B 109 19.98 -7.33 20.82
C PRO B 109 20.10 -8.75 21.41
N VAL B 110 19.25 -9.65 20.94
CA VAL B 110 19.00 -10.99 21.53
C VAL B 110 20.16 -12.00 21.75
N ASN B 111 21.24 -11.84 21.03
CA ASN B 111 22.46 -12.64 21.29
C ASN B 111 23.69 -11.77 21.19
N GLY B 112 23.54 -10.54 21.65
CA GLY B 112 24.62 -9.58 21.67
C GLY B 112 24.98 -9.03 20.29
N THR B 113 24.31 -9.53 19.25
CA THR B 113 24.46 -9.10 17.85
C THR B 113 23.18 -8.55 17.23
N ASN B 114 23.23 -7.32 16.69
CA ASN B 114 22.15 -6.77 15.84
C ASN B 114 22.58 -6.87 14.38
N ARG B 115 21.70 -7.35 13.49
CA ARG B 115 22.01 -7.45 12.05
C ARG B 115 21.39 -6.29 11.26
N TRP B 116 22.25 -5.53 10.57
CA TRP B 116 21.84 -4.38 9.73
C TRP B 116 22.49 -4.59 8.35
N ALA B 117 21.93 -5.54 7.61
CA ALA B 117 22.55 -5.98 6.36
C ALA B 117 22.04 -5.18 5.15
N VAL B 118 22.51 -3.95 5.06
CA VAL B 118 21.95 -3.00 4.09
C VAL B 118 22.91 -2.74 2.92
N SER B 119 22.36 -2.14 1.86
CA SER B 119 23.19 -1.56 0.82
C SER B 119 22.97 -0.06 0.83
N GLN B 120 22.86 0.58 -0.32
CA GLN B 120 22.86 2.05 -0.34
C GLN B 120 21.59 2.69 0.21
N ALA B 121 21.72 3.94 0.68
CA ALA B 121 20.59 4.75 1.19
C ALA B 121 19.88 4.07 2.34
N ALA B 122 20.68 3.56 3.29
CA ALA B 122 20.16 2.92 4.48
C ALA B 122 20.87 3.42 5.76
N PRO B 123 20.75 4.73 6.04
CA PRO B 123 21.53 5.32 7.12
C PRO B 123 21.18 4.76 8.48
N PHE B 124 22.20 4.77 9.34
CA PHE B 124 22.13 4.30 10.72
C PHE B 124 22.76 5.43 11.52
N ARG B 125 21.93 6.24 12.21
CA ARG B 125 22.38 7.48 12.87
C ARG B 125 21.95 7.62 14.35
N ARG B 126 22.81 8.27 15.17
CA ARG B 126 22.69 8.32 16.66
C ARG B 126 21.95 7.13 17.25
N MET B 127 22.60 5.98 17.01
CA MET B 127 22.21 4.68 17.54
C MET B 127 23.21 4.19 18.60
N HIS B 128 22.67 3.73 19.72
CA HIS B 128 23.49 3.07 20.72
C HIS B 128 23.24 1.55 20.68
N VAL B 129 24.20 0.78 20.18
CA VAL B 129 24.08 -0.66 20.16
C VAL B 129 24.91 -1.24 21.31
N LYS B 130 24.18 -1.76 22.29
CA LYS B 130 24.77 -2.41 23.46
C LYS B 130 25.07 -3.87 23.18
N GLY B 131 26.13 -4.05 22.39
CA GLY B 131 26.49 -5.32 21.77
C GLY B 131 27.18 -5.06 20.44
N GLY B 132 27.19 -6.07 19.56
CA GLY B 132 27.84 -5.96 18.28
C GLY B 132 26.85 -5.69 17.15
N LEU B 133 27.43 -5.40 15.99
CA LEU B 133 26.64 -5.05 14.80
C LEU B 133 27.20 -5.82 13.63
N ASN B 134 26.40 -6.72 13.07
CA ASN B 134 26.77 -7.54 11.92
C ASN B 134 26.17 -6.86 10.72
N LEU B 135 26.99 -6.54 9.75
CA LEU B 135 26.52 -5.79 8.59
C LEU B 135 26.18 -6.67 7.40
N ALA B 136 26.16 -7.99 7.61
CA ALA B 136 26.02 -8.92 6.49
C ALA B 136 24.74 -9.71 6.55
N PRO B 137 24.17 -10.01 5.39
CA PRO B 137 23.08 -10.99 5.33
C PRO B 137 23.51 -12.39 5.79
N ASP B 138 22.55 -13.16 6.29
CA ASP B 138 22.81 -14.59 6.44
C ASP B 138 23.02 -15.37 5.12
N GLY B 139 24.00 -16.28 5.12
CA GLY B 139 24.51 -16.87 3.91
C GLY B 139 25.79 -16.16 3.53
N TYR B 140 26.01 -14.95 4.10
CA TYR B 140 27.31 -14.27 4.08
C TYR B 140 27.67 -13.56 2.77
N GLY B 141 26.69 -13.12 1.97
CA GLY B 141 26.98 -12.69 0.58
C GLY B 141 27.27 -11.23 0.18
N TRP B 142 27.20 -10.97 -1.13
CA TRP B 142 27.60 -9.66 -1.64
C TRP B 142 26.68 -8.71 -0.94
N ALA B 143 27.12 -7.48 -0.86
CA ALA B 143 26.47 -6.55 0.02
C ALA B 143 27.24 -5.28 -0.18
N SER B 144 26.53 -4.17 -0.31
CA SER B 144 27.14 -2.92 -0.80
C SER B 144 26.56 -1.66 -0.13
N GLY B 145 26.64 -1.61 1.20
CA GLY B 145 26.36 -0.36 1.93
C GLY B 145 27.59 0.53 1.94
N GLY B 146 27.69 1.46 2.88
CA GLY B 146 26.74 1.69 3.95
C GLY B 146 27.26 2.90 4.74
N TYR B 147 26.51 3.31 5.73
CA TYR B 147 26.68 4.60 6.40
C TYR B 147 26.25 4.53 7.86
N ILE B 148 27.19 4.78 8.75
CA ILE B 148 26.91 4.97 10.17
C ILE B 148 27.46 6.35 10.58
N ALA B 149 26.66 7.10 11.31
CA ALA B 149 27.13 8.35 11.88
C ALA B 149 26.59 8.55 13.28
N ASP B 150 27.40 9.20 14.11
CA ASP B 150 26.98 9.65 15.42
C ASP B 150 26.45 8.54 16.32
N SER B 151 27.07 7.39 16.23
CA SER B 151 26.59 6.20 16.92
C SER B 151 27.66 5.59 17.83
N LYS B 152 27.21 4.90 18.88
CA LYS B 152 28.10 4.14 19.78
C LYS B 152 27.72 2.66 19.66
N ILE B 153 28.65 1.86 19.19
CA ILE B 153 28.43 0.40 19.14
C ILE B 153 29.45 -0.17 20.12
N ASP B 154 28.95 -0.58 21.28
CA ASP B 154 29.82 -0.97 22.41
C ASP B 154 30.88 -2.00 21.99
N GLY B 155 30.45 -3.03 21.26
CA GLY B 155 31.36 -4.05 20.78
C GLY B 155 31.78 -3.94 19.34
N GLU B 156 31.88 -5.11 18.70
CA GLU B 156 32.54 -5.29 17.41
C GLU B 156 31.53 -5.00 16.28
N VAL B 157 31.95 -4.14 15.35
CA VAL B 157 31.26 -4.05 14.07
C VAL B 157 31.91 -5.02 13.07
N GLY B 158 31.09 -5.87 12.44
CA GLY B 158 31.59 -6.88 11.52
C GLY B 158 31.01 -6.72 10.13
N PRO B 159 31.80 -6.14 9.20
CA PRO B 159 31.29 -5.96 7.84
C PRO B 159 31.12 -7.32 7.13
N TYR B 160 31.93 -8.30 7.51
CA TYR B 160 31.94 -9.61 6.88
C TYR B 160 32.01 -9.36 5.36
N SER B 161 31.00 -9.76 4.61
CA SER B 161 30.97 -9.47 3.16
C SER B 161 30.32 -8.13 2.80
N GLN B 162 30.74 -7.04 3.41
CA GLN B 162 30.33 -5.73 2.89
C GLN B 162 31.48 -5.27 1.98
N GLN B 163 31.19 -4.80 0.76
CA GLN B 163 32.29 -4.36 -0.10
C GLN B 163 33.01 -3.14 0.45
N GLN B 164 32.22 -2.14 0.85
CA GLN B 164 32.77 -0.87 1.32
C GLN B 164 31.87 -0.34 2.43
N TRP B 165 32.33 0.70 3.11
CA TRP B 165 31.58 1.27 4.25
C TRP B 165 32.16 2.61 4.69
N TYR B 166 31.29 3.50 5.17
CA TYR B 166 31.71 4.78 5.75
C TYR B 166 31.11 4.95 7.14
N THR B 167 31.98 5.29 8.09
CA THR B 167 31.58 5.56 9.47
C THR B 167 32.14 6.92 9.85
N ARG B 168 31.30 7.79 10.39
CA ARG B 168 31.84 9.04 10.96
C ARG B 168 31.34 9.38 12.37
N ASP B 169 32.21 10.06 13.11
CA ASP B 169 31.89 10.73 14.37
C ASP B 169 31.08 9.83 15.30
N SER B 170 31.71 8.71 15.62
CA SER B 170 31.09 7.60 16.31
C SER B 170 32.11 6.97 17.24
N SER B 171 31.69 5.92 17.93
CA SER B 171 32.63 5.15 18.72
C SER B 171 32.29 3.67 18.57
N VAL B 172 33.31 2.84 18.43
CA VAL B 172 33.10 1.41 18.24
C VAL B 172 34.03 0.64 19.15
N GLY B 173 33.52 -0.48 19.64
CA GLY B 173 34.33 -1.42 20.38
C GLY B 173 35.45 -1.89 19.48
N GLY B 174 35.13 -2.73 18.50
CA GLY B 174 36.11 -3.34 17.62
C GLY B 174 35.77 -3.05 16.16
N TRP B 175 36.39 -3.79 15.25
CA TRP B 175 36.08 -3.72 13.82
C TRP B 175 36.74 -4.91 13.11
N GLY B 176 35.92 -5.78 12.52
CA GLY B 176 36.40 -7.08 12.03
C GLY B 176 37.26 -7.13 10.78
N ASN B 177 36.75 -6.64 9.66
CA ASN B 177 37.51 -6.71 8.46
C ASN B 177 37.26 -5.55 7.50
N GLY B 178 38.00 -5.58 6.39
CA GLY B 178 37.87 -4.63 5.30
C GLY B 178 38.05 -5.29 3.95
N VAL B 179 37.08 -5.05 3.05
CA VAL B 179 37.04 -5.74 1.77
C VAL B 179 37.73 -4.89 0.70
N TRP B 180 37.03 -3.90 0.15
CA TRP B 180 37.63 -2.97 -0.81
C TRP B 180 37.94 -1.57 -0.20
N ASN B 181 37.05 -1.04 0.65
CA ASN B 181 37.20 0.34 1.11
C ASN B 181 36.36 0.63 2.33
N MET B 182 36.99 0.52 3.50
CA MET B 182 36.36 0.90 4.75
C MET B 182 37.01 2.21 5.17
N THR B 183 36.24 3.28 5.18
CA THR B 183 36.70 4.62 5.57
C THR B 183 36.03 5.08 6.89
N PHE B 184 36.83 5.75 7.73
CA PHE B 184 36.43 6.23 9.03
C PHE B 184 36.89 7.67 9.14
N SER B 185 36.04 8.55 9.64
CA SER B 185 36.51 9.87 10.08
C SER B 185 35.88 10.20 11.43
N GLY B 186 36.71 10.64 12.38
CA GLY B 186 36.23 10.93 13.71
C GLY B 186 35.72 9.73 14.51
N VAL B 187 36.30 8.55 14.25
CA VAL B 187 35.81 7.33 14.88
C VAL B 187 36.73 6.76 15.95
N GLU B 188 36.32 6.90 17.21
CA GLU B 188 36.99 6.27 18.32
C GLU B 188 36.88 4.72 18.18
N GLY B 189 37.99 3.99 18.27
CA GLY B 189 38.03 2.56 18.00
C GLY B 189 38.27 2.16 16.55
N ALA B 190 38.26 3.13 15.65
CA ALA B 190 38.59 2.87 14.25
C ALA B 190 39.94 2.16 14.19
N PRO B 191 40.03 1.13 13.36
CA PRO B 191 41.37 0.55 13.26
C PRO B 191 42.36 1.53 12.61
N ALA B 192 43.64 1.26 12.77
CA ALA B 192 44.69 2.10 12.20
C ALA B 192 44.59 2.18 10.69
N GLN B 193 44.89 3.37 10.17
CA GLN B 193 45.05 3.58 8.74
C GLN B 193 46.00 2.52 8.23
N SER B 194 45.58 1.79 7.21
CA SER B 194 46.37 0.68 6.71
C SER B 194 46.31 0.36 5.22
N PHE B 195 45.40 1.02 4.49
CA PHE B 195 45.26 0.84 3.03
C PHE B 195 46.64 0.72 2.40
N PRO B 196 46.82 -0.25 1.49
CA PRO B 196 45.77 -1.13 0.95
C PRO B 196 45.39 -2.42 1.72
N GLU B 197 46.14 -2.87 2.71
CA GLU B 197 45.87 -4.15 3.41
C GLU B 197 45.92 -4.01 4.94
N PRO B 198 44.79 -4.25 5.63
CA PRO B 198 43.45 -4.26 5.05
C PRO B 198 43.11 -2.82 4.56
N PRO B 199 41.96 -2.64 3.91
CA PRO B 199 41.67 -1.42 3.13
C PRO B 199 41.05 -0.30 3.96
N TYR B 200 41.75 0.08 5.03
CA TYR B 200 41.30 1.06 6.00
C TYR B 200 41.90 2.44 5.72
N THR B 201 40.98 3.39 5.50
CA THR B 201 41.30 4.81 5.37
C THR B 201 40.72 5.46 6.64
N THR B 202 41.60 5.95 7.49
CA THR B 202 41.22 6.36 8.84
C THR B 202 41.68 7.78 9.13
N LEU B 203 40.72 8.70 9.21
CA LEU B 203 41.01 10.10 9.52
C LEU B 203 40.64 10.37 10.98
N GLU B 204 41.49 11.11 11.66
CA GLU B 204 41.35 11.41 13.07
C GLU B 204 40.03 12.12 13.40
N THR B 205 39.70 13.14 12.62
CA THR B 205 38.44 13.87 12.81
C THR B 205 37.79 14.17 11.45
N THR B 206 36.55 14.63 11.50
CA THR B 206 35.84 15.10 10.33
C THR B 206 35.98 16.63 10.35
N PRO B 207 36.45 17.24 9.23
CA PRO B 207 36.67 18.70 9.25
C PRO B 207 35.50 19.50 9.79
N VAL B 208 34.33 19.14 9.31
CA VAL B 208 33.09 19.69 9.86
C VAL B 208 32.00 18.67 9.66
N SER B 209 31.13 18.58 10.67
CA SER B 209 29.87 17.86 10.50
C SER B 209 28.78 18.54 11.31
N ARG B 210 27.55 18.20 10.99
CA ARG B 210 26.39 18.72 11.71
C ARG B 210 25.32 17.64 11.67
N GLU B 211 24.95 17.09 12.81
CA GLU B 211 24.03 15.96 12.85
C GLU B 211 22.63 16.29 12.32
N LYS B 212 22.04 15.28 11.72
CA LYS B 212 20.77 15.47 11.03
C LYS B 212 19.72 15.84 12.06
N PRO B 213 18.86 16.83 11.77
CA PRO B 213 17.72 17.15 12.64
C PRO B 213 16.75 15.98 12.76
N PHE B 214 16.09 15.89 13.93
CA PHE B 214 15.18 14.78 14.17
C PHE B 214 14.00 15.18 15.07
N LEU B 215 12.85 14.55 14.83
CA LEU B 215 11.66 14.76 15.64
C LEU B 215 11.86 14.11 17.03
N TYR B 216 11.39 14.75 18.09
CA TYR B 216 11.46 14.19 19.46
C TYR B 216 10.33 14.74 20.32
N LEU B 217 10.10 14.12 21.48
CA LEU B 217 9.14 14.61 22.45
C LEU B 217 9.84 15.25 23.60
N ASP B 218 9.62 16.54 23.80
CA ASP B 218 10.02 17.14 25.04
C ASP B 218 8.70 17.41 25.74
N GLY B 219 8.29 16.43 26.56
CA GLY B 219 6.96 16.34 27.16
C GLY B 219 6.00 15.48 26.37
N ASP B 220 4.72 15.86 26.46
CA ASP B 220 3.74 15.56 25.41
C ASP B 220 3.99 16.51 24.20
N ASP B 221 5.07 17.33 24.25
CA ASP B 221 5.35 18.28 23.15
C ASP B 221 6.36 17.75 22.12
N TYR B 222 5.85 17.56 20.90
CA TYR B 222 6.61 17.16 19.72
C TYR B 222 7.36 18.33 19.13
N LYS B 223 8.57 18.04 18.67
CA LYS B 223 9.50 19.05 18.26
C LYS B 223 10.56 18.42 17.37
N VAL B 224 11.34 19.29 16.75
CA VAL B 224 12.55 18.89 16.04
C VAL B 224 13.77 19.55 16.69
N PHE B 225 14.78 18.74 16.98
CA PHE B 225 16.08 19.27 17.46
C PHE B 225 16.92 19.50 16.23
N VAL B 226 17.60 20.65 16.20
CA VAL B 226 18.49 21.07 15.13
C VAL B 226 19.88 21.13 15.74
N PRO B 227 20.62 20.04 15.56
CA PRO B 227 21.99 20.06 16.09
C PRO B 227 22.85 21.20 15.52
N ALA B 228 23.59 21.85 16.41
CA ALA B 228 24.69 22.73 16.04
C ALA B 228 25.85 21.95 15.39
N LYS B 229 26.55 22.61 14.48
CA LYS B 229 27.81 22.11 13.87
C LYS B 229 28.98 21.75 14.82
N ARG B 230 29.83 20.79 14.41
CA ARG B 230 31.06 20.51 15.09
C ARG B 230 32.18 20.61 14.09
N THR B 231 33.18 21.44 14.38
CA THR B 231 34.43 21.41 13.62
C THR B 231 35.44 20.43 14.24
N ASN B 232 36.18 19.75 13.37
CA ASN B 232 37.05 18.64 13.80
C ASN B 232 36.33 17.66 14.74
N ALA B 233 35.21 17.15 14.27
CA ALA B 233 34.40 16.23 15.06
C ALA B 233 35.08 14.89 15.31
N ARG B 234 34.83 14.35 16.49
CA ARG B 234 35.34 13.04 16.86
C ARG B 234 34.45 12.47 17.97
N GLY B 235 33.99 11.23 17.77
CA GLY B 235 33.10 10.59 18.70
C GLY B 235 31.69 11.15 18.59
N THR B 236 30.82 10.68 19.47
CA THR B 236 29.40 11.06 19.37
C THR B 236 29.15 12.50 19.88
N SER B 237 28.03 13.07 19.43
CA SER B 237 27.56 14.40 19.87
C SER B 237 26.71 14.33 21.13
N TRP B 238 26.30 13.12 21.48
CA TRP B 238 25.44 12.85 22.61
C TRP B 238 26.33 11.97 23.46
N GLY B 239 25.87 11.26 24.46
CA GLY B 239 26.90 10.51 25.21
C GLY B 239 27.70 11.45 26.12
N ASN B 240 27.72 11.26 27.42
CA ASN B 240 27.87 12.42 28.29
C ASN B 240 26.87 13.56 28.04
N GLY B 241 25.72 13.24 27.43
CA GLY B 241 24.61 14.17 27.27
C GLY B 241 24.64 15.28 26.21
N THR B 242 24.14 16.43 26.64
CA THR B 242 23.50 17.43 25.80
C THR B 242 24.32 18.68 25.51
N PRO B 243 24.67 18.91 24.23
CA PRO B 243 25.29 20.12 23.71
C PRO B 243 24.52 20.60 22.49
N GLU B 244 25.01 21.70 21.96
CA GLU B 244 24.19 22.73 21.40
C GLU B 244 23.30 22.31 20.25
N GLY B 245 22.37 23.19 19.96
CA GLY B 245 21.42 22.96 18.91
C GLY B 245 20.20 23.76 19.25
N GLU B 246 19.34 23.87 18.26
CA GLU B 246 18.11 24.62 18.33
C GLU B 246 16.93 23.63 18.38
N SER B 247 15.93 23.87 19.25
CA SER B 247 14.76 22.97 19.35
C SER B 247 13.41 23.62 18.91
N LEU B 248 12.90 23.30 17.71
CA LEU B 248 11.67 23.91 17.17
C LEU B 248 10.38 23.08 17.43
N PRO B 249 9.33 23.72 18.01
CA PRO B 249 8.10 22.94 18.19
C PRO B 249 7.42 22.64 16.86
N LEU B 250 6.57 21.64 16.76
CA LEU B 250 6.01 21.29 15.45
C LEU B 250 5.10 22.38 14.81
N ASP B 251 4.46 23.26 15.59
CA ASP B 251 3.60 24.29 14.97
C ASP B 251 4.43 25.32 14.19
N GLN B 252 5.74 25.13 14.23
CA GLN B 252 6.68 25.91 13.42
C GLN B 252 6.99 25.27 12.07
N PHE B 253 6.33 24.15 11.77
CA PHE B 253 6.49 23.43 10.50
C PHE B 253 5.18 23.32 9.76
N TYR B 254 5.21 23.56 8.45
CA TYR B 254 4.13 23.06 7.60
C TYR B 254 4.36 21.56 7.63
N VAL B 255 3.32 20.79 7.96
CA VAL B 255 3.43 19.35 8.10
C VAL B 255 2.83 18.81 6.79
N VAL B 256 3.71 18.44 5.85
CA VAL B 256 3.33 18.21 4.47
C VAL B 256 2.94 16.76 4.19
N LYS B 257 1.63 16.63 4.04
CA LYS B 257 1.02 15.35 3.71
C LYS B 257 0.08 15.64 2.61
N PRO B 258 -1.23 15.38 2.83
CA PRO B 258 -1.63 14.72 1.59
C PRO B 258 -1.64 15.63 0.38
N GLY B 259 -1.25 15.12 -0.79
CA GLY B 259 -1.14 15.96 -2.02
C GLY B 259 -1.16 17.52 -2.04
N ALA B 260 -0.25 18.14 -1.28
CA ALA B 260 -0.01 19.61 -1.33
C ALA B 260 0.50 20.07 -2.68
N THR B 261 0.31 21.35 -2.97
CA THR B 261 0.93 21.92 -4.13
C THR B 261 2.34 22.43 -3.82
N ALA B 262 3.18 22.32 -4.84
CA ALA B 262 4.40 23.11 -4.91
C ALA B 262 4.17 24.47 -4.29
N GLU B 263 3.09 25.12 -4.71
CA GLU B 263 2.85 26.49 -4.30
C GLU B 263 2.57 26.58 -2.80
N THR B 264 1.76 25.66 -2.27
CA THR B 264 1.53 25.55 -0.83
C THR B 264 2.86 25.56 -0.06
N ILE B 265 3.74 24.63 -0.42
CA ILE B 265 5.00 24.53 0.28
C ILE B 265 5.83 25.79 0.13
N ASN B 266 5.88 26.35 -1.08
CA ASN B 266 6.62 27.59 -1.31
C ASN B 266 6.03 28.74 -0.54
N ALA B 267 4.71 28.78 -0.48
CA ALA B 267 4.05 29.79 0.33
C ALA B 267 4.48 29.62 1.77
N ALA B 268 4.45 28.39 2.27
CA ALA B 268 4.78 28.11 3.66
C ALA B 268 6.16 28.62 4.05
N VAL B 269 7.13 28.27 3.21
CA VAL B 269 8.50 28.67 3.46
C VAL B 269 8.64 30.20 3.38
N ASP B 270 8.06 30.79 2.35
CA ASP B 270 8.22 32.21 2.12
C ASP B 270 7.50 32.98 3.21
N GLN B 271 6.43 32.34 3.69
CA GLN B 271 5.70 32.74 4.88
C GLN B 271 6.32 32.07 6.12
N GLY B 272 7.63 31.76 6.10
CA GLY B 272 8.39 31.46 7.34
C GLY B 272 8.04 30.22 8.15
N LEU B 273 7.56 29.17 7.50
CA LEU B 273 7.42 27.90 8.17
C LEU B 273 8.56 27.01 7.69
N HIS B 274 8.98 26.08 8.54
CA HIS B 274 9.83 24.97 8.12
C HIS B 274 8.94 23.91 7.47
N LEU B 275 9.56 22.86 6.93
CA LEU B 275 8.84 21.81 6.22
C LEU B 275 9.11 20.45 6.83
N LEU B 276 8.00 19.71 7.09
CA LEU B 276 8.08 18.34 7.54
C LEU B 276 7.27 17.51 6.56
N PHE B 277 7.96 16.71 5.76
CA PHE B 277 7.28 15.89 4.77
C PHE B 277 6.94 14.56 5.40
N THR B 278 5.65 14.33 5.66
CA THR B 278 5.19 13.04 6.13
C THR B 278 5.44 11.96 5.06
N PRO B 279 5.48 10.69 5.47
CA PRO B 279 5.83 9.65 4.49
C PRO B 279 4.79 9.51 3.39
N GLY B 280 5.26 9.62 2.17
CA GLY B 280 4.43 9.52 0.98
C GLY B 280 5.14 10.05 -0.23
N VAL B 281 4.39 10.20 -1.31
CA VAL B 281 4.93 10.64 -2.59
C VAL B 281 4.24 11.94 -2.99
N TYR B 282 5.03 12.96 -3.30
CA TYR B 282 4.51 14.28 -3.65
C TYR B 282 4.98 14.66 -5.07
N HIS B 283 4.03 14.99 -5.94
CA HIS B 283 4.35 15.48 -7.29
C HIS B 283 4.37 17.00 -7.19
N VAL B 284 5.39 17.64 -7.76
CA VAL B 284 5.44 19.11 -7.90
C VAL B 284 5.54 19.53 -9.38
N ASP B 285 4.68 20.47 -9.83
CA ASP B 285 4.75 20.92 -11.23
C ASP B 285 5.55 22.19 -11.41
N GLN B 286 6.12 22.64 -10.31
CA GLN B 286 7.26 23.57 -10.31
C GLN B 286 8.15 23.34 -9.09
N PRO B 287 9.38 23.87 -9.12
CA PRO B 287 10.25 23.47 -8.00
C PRO B 287 9.89 24.04 -6.62
N ILE B 288 10.11 23.23 -5.63
CA ILE B 288 10.08 23.70 -4.27
C ILE B 288 11.27 24.64 -4.08
N GLU B 289 10.99 25.88 -3.72
CA GLU B 289 11.99 26.91 -3.47
C GLU B 289 12.17 27.16 -1.99
N ILE B 290 13.40 27.01 -1.52
CA ILE B 290 13.73 27.34 -0.14
C ILE B 290 14.76 28.44 -0.16
N ASP B 291 14.28 29.67 0.11
CA ASP B 291 15.12 30.86 0.02
C ASP B 291 15.19 31.69 1.32
N ARG B 292 14.88 31.07 2.45
CA ARG B 292 15.05 31.71 3.78
C ARG B 292 16.12 30.95 4.54
N ALA B 293 17.07 31.70 5.08
CA ALA B 293 18.09 31.11 5.92
C ALA B 293 17.47 30.26 7.01
N ASN B 294 18.17 29.21 7.41
CA ASN B 294 17.77 28.42 8.58
C ASN B 294 16.64 27.45 8.38
N THR B 295 16.08 27.41 7.20
CA THR B 295 14.93 26.54 6.96
C THR B 295 15.34 25.08 7.03
N VAL B 296 14.57 24.32 7.82
CA VAL B 296 14.71 22.89 7.95
C VAL B 296 13.65 22.28 7.04
N ALA B 297 14.08 21.36 6.17
CA ALA B 297 13.18 20.59 5.30
C ALA B 297 13.48 19.13 5.55
N LEU B 298 12.61 18.51 6.34
CA LEU B 298 12.90 17.21 6.92
C LEU B 298 11.87 16.21 6.45
N GLY B 299 12.34 15.10 5.89
CA GLY B 299 11.43 14.03 5.49
C GLY B 299 11.41 12.88 6.48
N LEU B 300 10.27 12.18 6.53
CA LEU B 300 10.09 11.00 7.35
C LEU B 300 9.75 9.86 6.43
N GLY B 301 10.20 8.65 6.79
CA GLY B 301 9.82 7.45 6.05
C GLY B 301 10.05 7.51 4.56
N LEU B 302 11.19 8.07 4.14
CA LEU B 302 11.59 8.09 2.74
C LEU B 302 10.58 8.86 1.87
N ALA B 303 10.03 9.92 2.46
CA ALA B 303 9.21 10.86 1.73
C ALA B 303 9.89 11.22 0.40
N THR B 304 9.09 11.20 -0.66
CA THR B 304 9.60 11.26 -2.05
C THR B 304 8.95 12.36 -2.86
N ILE B 305 9.80 13.11 -3.58
CA ILE B 305 9.35 14.22 -4.41
C ILE B 305 9.59 13.82 -5.85
N ILE B 306 8.53 13.92 -6.68
CA ILE B 306 8.63 13.65 -8.11
C ILE B 306 8.32 14.95 -8.88
N PRO B 307 9.31 15.49 -9.61
CA PRO B 307 9.08 16.69 -10.41
C PRO B 307 8.43 16.35 -11.73
N ASP B 308 7.18 16.79 -11.90
CA ASP B 308 6.48 16.70 -13.17
C ASP B 308 6.97 17.77 -14.18
N ASN B 309 6.64 17.57 -15.45
CA ASN B 309 6.83 18.61 -16.48
C ASN B 309 8.27 19.03 -16.77
N GLY B 310 9.24 18.25 -16.31
CA GLY B 310 10.65 18.52 -16.56
C GLY B 310 11.19 19.59 -15.64
N VAL B 311 10.41 20.00 -14.65
CA VAL B 311 10.94 21.00 -13.74
C VAL B 311 11.98 20.41 -12.76
N THR B 312 12.69 21.30 -12.10
CA THR B 312 13.59 20.90 -11.02
C THR B 312 12.74 20.65 -9.78
N ALA B 313 13.10 19.65 -8.98
CA ALA B 313 12.28 19.30 -7.82
C ALA B 313 12.50 20.26 -6.65
N LEU B 314 13.75 20.67 -6.46
CA LEU B 314 14.16 21.33 -5.25
C LEU B 314 15.23 22.34 -5.56
N LYS B 315 14.94 23.63 -5.35
CA LYS B 315 15.97 24.67 -5.46
C LYS B 315 16.15 25.41 -4.11
N VAL B 316 17.38 25.43 -3.63
CA VAL B 316 17.72 26.22 -2.46
C VAL B 316 18.44 27.51 -2.93
N GLY B 317 18.00 28.64 -2.40
CA GLY B 317 18.69 29.90 -2.69
C GLY B 317 20.02 30.08 -1.97
N ASP B 318 20.49 31.31 -2.03
CA ASP B 318 21.84 31.67 -1.55
C ASP B 318 21.79 32.18 -0.09
N VAL B 319 21.28 31.31 0.75
CA VAL B 319 21.14 31.57 2.18
C VAL B 319 21.99 30.63 3.02
N ASP B 320 22.30 31.08 4.23
CA ASP B 320 22.95 30.28 5.27
C ASP B 320 21.99 29.23 5.84
N GLY B 321 22.55 28.15 6.36
CA GLY B 321 21.86 27.33 7.34
C GLY B 321 20.69 26.47 6.93
N VAL B 322 20.42 26.31 5.65
CA VAL B 322 19.31 25.45 5.24
C VAL B 322 19.73 23.99 5.51
N LYS B 323 18.79 23.18 6.03
CA LYS B 323 19.06 21.79 6.40
C LYS B 323 18.03 20.90 5.69
N VAL B 324 18.46 20.27 4.60
CA VAL B 324 17.59 19.37 3.84
C VAL B 324 17.95 17.97 4.29
N ALA B 325 16.95 17.17 4.64
CA ALA B 325 17.27 15.88 5.21
C ALA B 325 16.20 14.83 4.97
N GLY B 326 16.63 13.65 4.55
CA GLY B 326 15.76 12.48 4.54
C GLY B 326 14.68 12.44 3.47
N LEU B 327 15.05 12.85 2.26
CA LEU B 327 14.15 12.88 1.12
C LEU B 327 14.73 12.11 -0.06
N LEU B 328 13.85 11.42 -0.77
CA LEU B 328 14.17 10.82 -2.09
C LEU B 328 13.60 11.72 -3.17
N VAL B 329 14.39 12.04 -4.18
CA VAL B 329 13.94 12.75 -5.37
C VAL B 329 13.98 11.73 -6.52
N ASP B 330 12.81 11.47 -7.09
CA ASP B 330 12.62 10.41 -8.09
C ASP B 330 12.26 11.06 -9.42
N ALA B 331 13.12 10.94 -10.42
CA ALA B 331 12.87 11.58 -11.72
C ALA B 331 11.55 11.11 -12.35
N GLY B 332 10.89 12.03 -13.06
CA GLY B 332 9.75 11.70 -13.88
C GLY B 332 10.12 11.31 -15.32
N PRO B 333 9.17 10.74 -16.08
CA PRO B 333 9.43 10.40 -17.48
C PRO B 333 9.90 11.58 -18.32
N VAL B 334 9.43 12.78 -18.00
CA VAL B 334 9.86 13.98 -18.75
C VAL B 334 11.22 14.43 -18.18
N ASN B 335 12.20 14.64 -19.06
CA ASN B 335 13.53 15.01 -18.59
C ASN B 335 13.52 16.32 -17.83
N SER B 336 14.21 16.33 -16.69
CA SER B 336 14.49 17.53 -15.96
C SER B 336 15.94 17.89 -16.21
N GLU B 337 16.19 19.16 -16.50
CA GLU B 337 17.55 19.67 -16.64
C GLU B 337 18.39 19.46 -15.39
N THR B 338 17.79 19.78 -14.24
CA THR B 338 18.38 19.54 -12.94
C THR B 338 17.30 18.98 -12.02
N LEU B 339 17.67 18.11 -11.08
CA LEU B 339 16.73 17.65 -10.06
C LEU B 339 16.80 18.43 -8.73
N VAL B 340 18.01 18.75 -8.27
CA VAL B 340 18.24 19.51 -7.05
C VAL B 340 19.32 20.54 -7.30
N GLU B 341 19.04 21.78 -6.87
CA GLU B 341 20.01 22.86 -6.96
C GLU B 341 20.22 23.52 -5.61
N VAL B 342 21.49 23.75 -5.25
CA VAL B 342 21.84 24.44 -4.02
C VAL B 342 22.67 25.67 -4.36
N GLY B 343 21.99 26.81 -4.36
CA GLY B 343 22.53 28.10 -4.73
C GLY B 343 22.32 28.40 -6.20
N SER B 344 22.45 29.68 -6.56
CA SER B 344 22.37 30.16 -7.95
C SER B 344 23.74 30.13 -8.63
N ASP B 345 23.87 30.47 -9.93
CA ASP B 345 25.24 30.53 -10.51
C ASP B 345 26.00 31.85 -10.52
N GLY B 346 27.29 31.67 -10.33
CA GLY B 346 28.18 32.74 -9.93
C GLY B 346 27.89 32.97 -8.47
N ALA B 347 27.31 31.94 -7.82
CA ALA B 347 27.30 31.79 -6.36
C ALA B 347 28.56 32.31 -5.78
N SER B 348 28.50 33.54 -5.31
CA SER B 348 29.68 34.36 -5.04
C SER B 348 29.98 34.76 -3.55
N GLY B 349 29.23 34.18 -2.62
CA GLY B 349 29.39 34.48 -1.21
C GLY B 349 29.57 33.21 -0.41
N ASP B 350 30.01 33.37 0.84
CA ASP B 350 30.41 32.27 1.69
C ASP B 350 29.32 31.98 2.70
N HIS B 351 29.35 30.78 3.27
CA HIS B 351 28.36 30.37 4.26
C HIS B 351 29.07 29.56 5.31
N ALA B 352 30.29 29.96 5.67
CA ALA B 352 31.16 29.05 6.39
C ALA B 352 30.78 28.87 7.86
N ALA B 353 30.28 29.92 8.52
CA ALA B 353 29.88 29.78 9.91
C ALA B 353 28.67 28.83 10.05
N ASN B 354 27.69 28.99 9.14
CA ASN B 354 26.39 28.30 9.22
C ASN B 354 26.06 27.80 7.82
N PRO B 355 26.64 26.65 7.47
CA PRO B 355 26.49 26.07 6.14
C PRO B 355 25.07 25.58 5.81
N THR B 356 24.78 25.47 4.53
CA THR B 356 23.62 24.68 4.07
C THR B 356 24.09 23.22 3.90
N SER B 357 23.20 22.27 4.25
CA SER B 357 23.54 20.87 4.13
C SER B 357 22.43 20.05 3.45
N LEU B 358 22.88 19.00 2.77
CA LEU B 358 22.02 17.91 2.29
C LEU B 358 22.41 16.66 3.06
N GLN B 359 21.42 16.00 3.68
CA GLN B 359 21.71 14.79 4.46
C GLN B 359 20.67 13.73 4.19
N ASP B 360 21.13 12.53 3.88
CA ASP B 360 20.19 11.47 3.50
C ASP B 360 19.23 11.97 2.42
N VAL B 361 19.83 12.64 1.45
CA VAL B 361 19.15 12.99 0.22
C VAL B 361 19.52 11.93 -0.82
N PHE B 362 18.52 11.34 -1.43
CA PHE B 362 18.75 10.24 -2.37
C PHE B 362 18.04 10.61 -3.66
N VAL B 363 18.71 10.39 -4.79
CA VAL B 363 18.12 10.60 -6.10
C VAL B 363 18.03 9.27 -6.83
N ARG B 364 16.91 9.09 -7.51
CA ARG B 364 16.69 7.93 -8.37
C ARG B 364 16.28 8.40 -9.75
N ILE B 365 16.90 7.82 -10.79
CA ILE B 365 16.44 8.04 -12.17
C ILE B 365 16.11 6.71 -12.83
N GLY B 366 14.82 6.47 -13.02
CA GLY B 366 14.33 5.20 -13.53
C GLY B 366 14.14 4.15 -12.45
N GLY B 367 13.65 2.97 -12.87
CA GLY B 367 13.49 1.85 -11.96
C GLY B 367 12.03 1.59 -11.60
N ALA B 368 11.34 2.67 -11.22
CA ALA B 368 9.89 2.68 -10.95
C ALA B 368 9.08 3.10 -12.20
N GLY B 369 9.58 2.73 -13.37
CA GLY B 369 9.15 3.33 -14.61
C GLY B 369 10.25 4.15 -15.28
N PRO B 370 9.91 4.81 -16.40
CA PRO B 370 10.86 5.72 -17.05
C PRO B 370 11.16 6.96 -16.24
N GLY B 371 12.42 7.36 -16.18
CA GLY B 371 12.79 8.60 -15.55
C GLY B 371 14.01 9.16 -16.27
N LYS B 372 14.09 10.49 -16.38
CA LYS B 372 15.20 11.17 -17.08
C LYS B 372 15.59 12.48 -16.42
N ALA B 373 16.89 12.74 -16.34
CA ALA B 373 17.40 14.01 -15.87
C ALA B 373 18.81 14.20 -16.37
N THR B 374 19.14 15.43 -16.68
CA THR B 374 20.47 15.73 -17.22
C THR B 374 21.56 15.75 -16.15
N THR B 375 21.44 16.64 -15.16
CA THR B 375 22.30 16.69 -13.97
C THR B 375 21.42 16.55 -12.74
N SER B 376 21.74 15.60 -11.87
CA SER B 376 20.86 15.36 -10.75
C SER B 376 21.02 16.39 -9.62
N ILE B 377 22.25 16.66 -9.18
CA ILE B 377 22.46 17.64 -8.12
C ILE B 377 23.54 18.61 -8.51
N VAL B 378 23.19 19.90 -8.57
CA VAL B 378 24.16 20.95 -8.76
C VAL B 378 24.36 21.67 -7.44
N VAL B 379 25.60 21.69 -6.95
CA VAL B 379 25.91 22.45 -5.76
C VAL B 379 26.67 23.72 -6.16
N ASN B 380 25.93 24.83 -6.14
CA ASN B 380 26.48 26.15 -6.43
C ASN B 380 27.08 26.85 -5.20
N SER B 381 26.43 26.68 -4.05
CA SER B 381 26.75 27.45 -2.84
C SER B 381 28.04 27.05 -2.16
N ASN B 382 28.84 28.05 -1.79
CA ASN B 382 30.05 27.79 -1.04
C ASN B 382 29.77 27.21 0.35
N ASP B 383 30.71 26.39 0.79
CA ASP B 383 30.72 25.79 2.14
C ASP B 383 29.63 24.73 2.41
N THR B 384 28.94 24.31 1.37
CA THR B 384 27.87 23.32 1.50
C THR B 384 28.43 22.01 2.03
N ILE B 385 27.67 21.38 2.93
CA ILE B 385 27.95 20.01 3.41
C ILE B 385 26.99 19.03 2.71
N ILE B 386 27.55 17.97 2.16
CA ILE B 386 26.81 16.85 1.56
C ILE B 386 27.18 15.66 2.44
N ASP B 387 26.30 15.30 3.37
CA ASP B 387 26.58 14.26 4.38
C ASP B 387 25.59 13.11 4.18
N HIS B 388 26.05 12.13 3.41
CA HIS B 388 25.30 10.98 2.93
C HIS B 388 24.32 11.29 1.79
N THR B 389 24.75 10.96 0.58
CA THR B 389 23.86 11.02 -0.56
C THR B 389 24.07 9.75 -1.39
N TRP B 390 22.97 9.25 -1.98
CA TRP B 390 23.05 8.21 -3.02
C TRP B 390 22.33 8.78 -4.23
N VAL B 391 23.09 9.01 -5.30
CA VAL B 391 22.57 9.56 -6.54
C VAL B 391 22.71 8.42 -7.55
N TRP B 392 21.56 7.85 -7.93
CA TRP B 392 21.51 6.53 -8.59
C TRP B 392 20.66 6.53 -9.89
N ARG B 393 21.35 6.36 -11.00
CA ARG B 393 20.67 6.03 -12.25
C ARG B 393 20.39 4.54 -12.18
N ALA B 394 19.11 4.15 -12.31
CA ALA B 394 18.73 2.79 -12.04
C ALA B 394 19.42 1.75 -12.97
N ASP B 395 19.82 0.63 -12.37
CA ASP B 395 20.39 -0.50 -13.11
C ASP B 395 19.40 -1.66 -13.31
N HIS B 396 18.24 -1.60 -12.67
CA HIS B 396 17.21 -2.66 -12.76
C HIS B 396 15.89 -1.98 -12.42
N GLY B 397 14.78 -2.70 -12.59
CA GLY B 397 13.43 -2.13 -12.47
C GLY B 397 12.75 -1.94 -13.84
N GLU B 398 11.63 -1.22 -13.87
CA GLU B 398 10.87 -0.99 -15.12
C GLU B 398 11.23 0.39 -15.62
N GLY B 399 11.61 0.49 -16.88
CA GLY B 399 11.94 1.78 -17.47
C GLY B 399 13.44 2.03 -17.47
N VAL B 400 14.20 0.95 -17.59
CA VAL B 400 15.67 0.98 -17.47
C VAL B 400 16.30 0.61 -18.81
N GLY B 401 17.38 1.33 -19.16
CA GLY B 401 17.91 1.29 -20.51
C GLY B 401 18.80 2.48 -20.85
N TRP B 402 19.79 2.23 -21.72
CA TRP B 402 20.77 3.26 -22.12
C TRP B 402 20.11 4.58 -22.54
N GLU B 403 18.96 4.48 -23.23
CA GLU B 403 18.14 5.66 -23.54
C GLU B 403 16.90 5.80 -22.63
N THR B 404 16.33 4.69 -22.19
CA THR B 404 15.06 4.70 -21.47
C THR B 404 15.17 5.50 -20.19
N ASN B 405 16.30 5.39 -19.49
CA ASN B 405 16.54 6.22 -18.31
C ASN B 405 17.92 6.93 -18.37
N ARG B 406 18.24 7.46 -19.53
CA ARG B 406 19.45 8.23 -19.69
C ARG B 406 19.53 9.36 -18.66
N ALA B 407 20.71 9.54 -18.09
CA ALA B 407 21.01 10.63 -17.18
C ALA B 407 22.50 10.83 -17.27
N ASP B 408 22.92 11.95 -17.84
CA ASP B 408 24.33 12.10 -18.22
C ASP B 408 25.21 12.32 -17.00
N TYR B 409 24.72 13.13 -16.05
CA TYR B 409 25.57 13.67 -14.98
C TYR B 409 24.92 13.52 -13.62
N GLY B 410 25.70 13.02 -12.66
CA GLY B 410 25.22 12.78 -11.31
C GLY B 410 25.22 14.06 -10.49
N VAL B 411 26.40 14.40 -10.02
CA VAL B 411 26.61 15.58 -9.17
C VAL B 411 27.64 16.49 -9.79
N HIS B 412 27.35 17.78 -9.78
CA HIS B 412 28.24 18.81 -10.31
C HIS B 412 28.44 19.80 -9.18
N VAL B 413 29.66 19.83 -8.64
CA VAL B 413 29.96 20.75 -7.54
C VAL B 413 30.72 21.92 -8.10
N LYS B 414 30.07 23.08 -8.02
CA LYS B 414 30.61 24.31 -8.58
C LYS B 414 31.07 25.26 -7.47
N GLY B 415 30.42 25.18 -6.31
CA GLY B 415 30.78 26.02 -5.19
C GLY B 415 32.14 25.66 -4.56
N ASP B 416 32.65 26.57 -3.73
CA ASP B 416 33.98 26.44 -3.14
C ASP B 416 33.90 25.98 -1.67
N ASN B 417 34.91 25.25 -1.24
CA ASN B 417 34.99 24.74 0.15
C ASN B 417 33.80 23.84 0.51
N VAL B 418 33.35 23.10 -0.48
CA VAL B 418 32.28 22.12 -0.29
C VAL B 418 32.87 20.81 0.26
N LEU B 419 32.16 20.21 1.21
CA LEU B 419 32.61 18.95 1.81
C LEU B 419 31.58 17.89 1.56
N ALA B 420 32.01 16.75 1.03
CA ALA B 420 31.15 15.57 0.91
C ALA B 420 31.67 14.48 1.85
N THR B 421 30.78 13.98 2.70
CA THR B 421 31.10 12.88 3.60
C THR B 421 30.10 11.75 3.43
N GLY B 422 30.53 10.69 2.72
CA GLY B 422 29.65 9.57 2.38
C GLY B 422 28.94 9.81 1.05
N LEU B 423 29.75 9.85 -0.02
CA LEU B 423 29.29 10.16 -1.37
C LEU B 423 29.12 8.86 -2.18
N PHE B 424 27.90 8.53 -2.58
CA PHE B 424 27.57 7.32 -3.37
C PHE B 424 26.88 7.78 -4.68
N VAL B 425 27.50 7.58 -5.84
CA VAL B 425 26.96 8.06 -7.11
C VAL B 425 27.21 7.00 -8.18
N GLU B 426 26.17 6.54 -8.85
CA GLU B 426 26.31 5.36 -9.73
C GLU B 426 25.53 5.43 -11.05
N HIS B 427 26.20 4.97 -12.12
CA HIS B 427 25.59 4.50 -13.37
C HIS B 427 25.28 5.58 -14.40
N PHE B 428 25.82 6.77 -14.21
CA PHE B 428 25.51 7.87 -15.14
C PHE B 428 26.11 7.63 -16.54
N ASN B 429 25.45 8.15 -17.60
CA ASN B 429 25.92 7.91 -18.97
C ASN B 429 27.26 8.60 -19.21
N LYS B 430 27.53 9.65 -18.45
CA LYS B 430 28.77 10.42 -18.57
C LYS B 430 29.42 10.57 -17.20
N TYR B 431 29.85 11.77 -16.81
CA TYR B 431 30.57 11.92 -15.57
C TYR B 431 29.64 11.77 -14.37
N ASP B 432 29.90 10.78 -13.51
CA ASP B 432 29.04 10.63 -12.33
C ASP B 432 29.19 11.82 -11.39
N VAL B 433 30.42 12.20 -11.13
CA VAL B 433 30.71 13.41 -10.34
C VAL B 433 31.68 14.29 -11.09
N GLN B 434 31.42 15.59 -11.06
CA GLN B 434 32.27 16.64 -11.63
C GLN B 434 32.46 17.71 -10.56
N TRP B 435 33.70 18.15 -10.37
CA TRP B 435 34.02 19.13 -9.32
C TRP B 435 34.81 20.25 -9.96
N SER B 436 34.15 21.39 -10.03
CA SER B 436 34.64 22.62 -10.67
C SER B 436 35.02 23.71 -9.63
N GLY B 437 34.49 23.59 -8.42
CA GLY B 437 34.79 24.55 -7.36
C GLY B 437 36.16 24.34 -6.70
N GLU B 438 36.62 25.36 -6.00
CA GLU B 438 37.88 25.31 -5.29
C GLU B 438 37.78 24.62 -3.93
N ASN B 439 38.89 24.03 -3.54
CA ASN B 439 39.09 23.50 -2.18
C ASN B 439 38.00 22.55 -1.73
N GLY B 440 37.60 21.68 -2.63
CA GLY B 440 36.70 20.60 -2.30
C GLY B 440 37.36 19.53 -1.45
N LYS B 441 36.55 18.88 -0.61
CA LYS B 441 36.99 17.70 0.13
C LYS B 441 35.91 16.61 0.02
N THR B 442 36.32 15.39 -0.32
CA THR B 442 35.43 14.22 -0.30
C THR B 442 36.05 13.16 0.59
N ILE B 443 35.28 12.74 1.60
CA ILE B 443 35.67 11.64 2.49
C ILE B 443 34.66 10.52 2.25
N PHE B 444 35.15 9.47 1.58
CA PHE B 444 34.44 8.28 1.11
C PHE B 444 33.67 8.52 -0.17
N TYR B 445 34.03 7.76 -1.22
CA TYR B 445 33.28 7.76 -2.47
C TYR B 445 33.08 6.33 -2.88
N GLN B 446 31.84 6.01 -3.22
CA GLN B 446 31.52 4.76 -3.89
C GLN B 446 30.82 5.05 -5.22
N ASN B 447 31.36 4.48 -6.30
CA ASN B 447 30.78 4.57 -7.64
C ASN B 447 30.72 3.20 -8.32
N ALA B 448 29.70 3.02 -9.15
CA ALA B 448 29.67 1.93 -10.17
C ALA B 448 29.45 2.65 -11.50
N LYS B 449 30.20 2.25 -12.51
CA LYS B 449 29.97 2.76 -13.85
C LYS B 449 28.70 2.14 -14.46
N ALA B 450 28.09 2.81 -15.44
CA ALA B 450 26.93 2.26 -16.18
C ALA B 450 27.17 0.82 -16.64
N TYR B 451 26.23 -0.11 -16.35
CA TYR B 451 26.37 -1.50 -16.81
C TYR B 451 26.03 -1.64 -18.31
N ASP B 452 25.28 -0.66 -18.83
CA ASP B 452 24.58 -0.84 -20.10
C ASP B 452 25.08 -0.03 -21.33
N ALA B 453 26.27 0.57 -21.29
CA ALA B 453 26.82 1.12 -22.53
C ALA B 453 26.89 0.01 -23.60
N PRO B 454 26.26 0.23 -24.76
CA PRO B 454 26.24 -0.86 -25.76
C PRO B 454 27.60 -1.10 -26.46
N ASP B 455 28.46 -0.11 -26.44
CA ASP B 455 29.78 -0.23 -27.07
C ASP B 455 30.75 0.85 -26.64
N GLN B 456 31.98 0.76 -27.16
CA GLN B 456 33.03 1.68 -26.75
C GLN B 456 32.80 3.14 -27.22
N ALA B 457 32.29 3.34 -28.43
CA ALA B 457 32.04 4.70 -28.91
C ALA B 457 30.84 5.33 -28.16
N ALA B 458 29.93 4.49 -27.66
CA ALA B 458 28.81 4.96 -26.82
C ALA B 458 29.28 5.82 -25.63
N ILE B 459 30.56 5.70 -25.28
CA ILE B 459 31.13 6.37 -24.12
C ILE B 459 32.44 7.13 -24.43
N GLN B 460 32.73 7.37 -25.71
CA GLN B 460 33.95 8.13 -26.02
C GLN B 460 33.80 9.54 -25.46
N ASN B 461 34.89 10.06 -24.91
CA ASN B 461 34.91 11.30 -24.10
C ASN B 461 36.12 12.14 -24.50
N GLY B 462 35.94 12.94 -25.54
CA GLY B 462 37.08 13.55 -26.22
C GLY B 462 38.02 12.45 -26.73
N ASP B 463 39.29 12.51 -26.35
CA ASP B 463 40.22 11.43 -26.67
C ASP B 463 40.43 10.43 -25.51
N ILE B 464 39.49 10.42 -24.56
CA ILE B 464 39.50 9.45 -23.45
C ILE B 464 38.38 8.44 -23.63
N LYS B 465 38.59 7.14 -23.34
CA LYS B 465 37.43 6.24 -23.36
C LYS B 465 36.77 6.26 -22.05
N GLY B 466 35.48 6.49 -22.15
CA GLY B 466 34.66 6.53 -20.99
C GLY B 466 34.86 7.83 -20.28
N TYR B 467 33.97 8.07 -19.33
CA TYR B 467 33.93 9.28 -18.52
C TYR B 467 34.34 8.88 -17.10
N ALA B 468 35.28 9.61 -16.50
CA ALA B 468 35.61 9.39 -15.12
C ALA B 468 34.36 9.30 -14.25
N ALA B 469 34.43 8.50 -13.21
CA ALA B 469 33.42 8.50 -12.16
C ALA B 469 33.53 9.77 -11.35
N TYR B 470 34.73 10.34 -11.31
CA TYR B 470 34.96 11.52 -10.47
C TYR B 470 36.03 12.32 -11.13
N LYS B 471 35.58 13.43 -11.71
CA LYS B 471 36.39 14.38 -12.43
C LYS B 471 36.56 15.69 -11.72
N VAL B 472 37.81 16.10 -11.55
CA VAL B 472 38.15 17.44 -11.09
C VAL B 472 38.52 18.28 -12.31
N ASP B 473 37.92 19.47 -12.44
CA ASP B 473 38.25 20.32 -13.59
C ASP B 473 39.74 20.67 -13.56
N ASP B 474 40.39 20.54 -14.72
CA ASP B 474 41.83 20.87 -14.83
C ASP B 474 42.20 22.25 -14.31
N SER B 475 41.24 23.17 -14.27
CA SER B 475 41.50 24.49 -13.70
C SER B 475 41.60 24.63 -12.19
N VAL B 476 41.01 23.73 -11.44
CA VAL B 476 41.00 23.85 -9.98
C VAL B 476 42.45 23.90 -9.46
N THR B 477 42.66 24.68 -8.39
CA THR B 477 43.96 24.79 -7.70
C THR B 477 44.05 23.78 -6.53
N THR B 478 43.00 23.69 -5.70
CA THR B 478 42.99 22.79 -4.54
C THR B 478 41.77 21.85 -4.48
N HIS B 479 42.06 20.59 -4.13
CA HIS B 479 41.08 19.53 -3.97
C HIS B 479 41.73 18.42 -3.14
N GLU B 480 40.93 17.72 -2.33
CA GLU B 480 41.46 16.56 -1.61
C GLU B 480 40.36 15.49 -1.38
N GLY B 481 40.65 14.28 -1.81
CA GLY B 481 39.77 13.14 -1.63
C GLY B 481 40.42 11.97 -0.89
N TRP B 482 39.62 11.28 -0.09
CA TRP B 482 40.10 10.15 0.69
C TRP B 482 39.14 8.96 0.56
N GLY B 483 39.67 7.77 0.26
CA GLY B 483 38.89 6.55 0.37
C GLY B 483 37.81 6.41 -0.70
N MET B 484 38.25 6.15 -1.92
CA MET B 484 37.38 6.32 -3.08
C MET B 484 37.52 5.20 -4.10
N GLY B 485 36.38 4.58 -4.45
CA GLY B 485 36.37 3.41 -5.33
C GLY B 485 35.37 3.56 -6.46
N SER B 486 35.74 3.10 -7.66
CA SER B 486 34.83 3.00 -8.79
C SER B 486 34.88 1.59 -9.33
N TYR B 487 33.70 1.05 -9.55
CA TYR B 487 33.55 -0.33 -9.97
C TYR B 487 32.94 -0.41 -11.36
N CYS B 488 33.32 -1.40 -12.17
CA CYS B 488 32.65 -1.59 -13.46
C CYS B 488 32.06 -2.98 -13.61
N TYR B 489 31.01 -3.03 -14.40
CA TYR B 489 30.30 -4.28 -14.76
C TYR B 489 29.61 -4.09 -16.10
N PHE B 490 30.41 -4.04 -17.17
CA PHE B 490 29.90 -3.71 -18.49
C PHE B 490 29.29 -5.00 -19.08
N ASN B 491 28.08 -5.33 -18.65
CA ASN B 491 27.59 -6.68 -18.96
C ASN B 491 27.12 -6.72 -20.40
N VAL B 492 26.53 -5.64 -20.83
CA VAL B 492 26.01 -5.53 -22.17
C VAL B 492 27.13 -5.57 -23.23
N ASN B 493 28.34 -5.09 -22.91
CA ASN B 493 29.49 -5.24 -23.81
C ASN B 493 30.79 -5.34 -22.99
N PRO B 494 31.15 -6.58 -22.62
CA PRO B 494 32.26 -6.78 -21.67
C PRO B 494 33.63 -6.59 -22.30
N ASP B 495 33.69 -6.23 -23.59
CA ASP B 495 34.96 -5.91 -24.25
C ASP B 495 35.31 -4.43 -24.05
N ILE B 496 34.39 -3.67 -23.46
CA ILE B 496 34.64 -2.25 -23.20
C ILE B 496 35.81 -2.02 -22.26
N ARG B 497 36.49 -0.90 -22.48
CA ARG B 497 37.55 -0.42 -21.60
C ARG B 497 37.17 0.94 -21.06
N GLN B 498 37.35 1.11 -19.74
CA GLN B 498 37.18 2.39 -19.04
C GLN B 498 38.58 2.89 -18.75
N GLN B 499 38.96 4.07 -19.21
CA GLN B 499 40.35 4.51 -19.06
C GLN B 499 40.72 4.65 -17.58
N HIS B 500 39.83 5.23 -16.79
CA HIS B 500 40.11 5.44 -15.38
C HIS B 500 38.85 5.70 -14.55
N GLY B 501 38.98 5.55 -13.22
CA GLY B 501 37.91 5.92 -12.31
C GLY B 501 37.88 7.42 -12.03
N PHE B 502 39.08 7.99 -12.05
CA PHE B 502 39.32 9.37 -11.60
C PHE B 502 40.12 10.15 -12.66
N GLN B 503 39.76 11.41 -12.88
CA GLN B 503 40.63 12.33 -13.64
C GLN B 503 40.73 13.66 -12.94
N ALA B 504 41.93 14.21 -12.96
CA ALA B 504 42.22 15.43 -12.22
C ALA B 504 43.50 16.05 -12.78
N PRO B 505 43.61 17.39 -12.78
CA PRO B 505 44.91 17.96 -13.15
C PRO B 505 45.99 17.56 -12.16
N VAL B 506 47.23 17.56 -12.64
CA VAL B 506 48.36 17.24 -11.81
C VAL B 506 48.93 18.56 -11.27
N LYS B 507 48.71 18.75 -9.97
CA LYS B 507 49.05 19.95 -9.22
C LYS B 507 49.25 19.52 -7.78
N PRO B 508 50.14 20.21 -7.05
CA PRO B 508 50.50 19.79 -5.69
C PRO B 508 49.37 19.97 -4.70
N GLY B 509 48.45 20.88 -5.02
CA GLY B 509 47.32 21.18 -4.17
C GLY B 509 46.09 20.35 -4.52
N VAL B 510 46.21 19.45 -5.49
CA VAL B 510 45.13 18.51 -5.86
C VAL B 510 45.61 17.12 -5.46
N LYS B 511 45.06 16.61 -4.36
CA LYS B 511 45.59 15.46 -3.62
C LYS B 511 44.55 14.36 -3.61
N PHE B 512 44.98 13.09 -3.71
CA PHE B 512 44.09 11.96 -3.45
C PHE B 512 44.79 10.92 -2.62
N HIS B 513 44.04 10.35 -1.69
CA HIS B 513 44.51 9.28 -0.83
C HIS B 513 43.62 8.05 -0.95
N ASP B 514 44.24 6.89 -1.16
CA ASP B 514 43.54 5.61 -1.09
C ASP B 514 42.44 5.47 -2.14
N LEU B 515 42.86 5.36 -3.40
CA LEU B 515 41.97 5.20 -4.54
C LEU B 515 41.96 3.76 -5.00
N LEU B 516 40.82 3.33 -5.53
CA LEU B 516 40.73 2.02 -6.15
C LEU B 516 39.73 1.95 -7.29
N VAL B 517 40.02 1.06 -8.23
CA VAL B 517 39.05 0.63 -9.23
C VAL B 517 38.97 -0.90 -9.27
N VAL B 518 37.81 -1.42 -9.66
CA VAL B 518 37.51 -2.84 -9.54
C VAL B 518 36.61 -3.28 -10.70
N SER B 519 37.02 -4.34 -11.39
CA SER B 519 36.18 -4.96 -12.42
C SER B 519 35.39 -6.13 -11.84
N LEU B 520 34.07 -6.06 -11.90
CA LEU B 520 33.24 -7.14 -11.40
C LEU B 520 33.31 -8.36 -12.31
N GLY B 521 34.18 -9.30 -11.98
CA GLY B 521 34.31 -10.55 -12.71
C GLY B 521 34.66 -10.44 -14.20
N GLY B 522 35.45 -9.45 -14.55
CA GLY B 522 35.91 -9.31 -15.92
C GLY B 522 34.93 -8.74 -16.92
N LYS B 523 33.87 -8.08 -16.46
CA LYS B 523 32.93 -7.45 -17.37
C LYS B 523 33.40 -6.01 -17.64
N GLY B 524 34.23 -5.88 -18.66
CA GLY B 524 35.01 -4.69 -18.90
C GLY B 524 36.25 -4.70 -18.02
N GLN B 525 37.16 -3.78 -18.30
CA GLN B 525 38.31 -3.53 -17.46
C GLN B 525 38.63 -2.03 -17.43
N TYR B 526 39.26 -1.60 -16.34
CA TYR B 526 39.91 -0.28 -16.28
C TYR B 526 41.35 -0.32 -16.84
N GLU B 527 41.73 0.68 -17.64
CA GLU B 527 43.12 0.84 -18.09
C GLU B 527 44.05 1.38 -17.00
N HIS B 528 43.49 2.20 -16.12
CA HIS B 528 44.24 2.97 -15.12
C HIS B 528 43.31 3.24 -13.92
N VAL B 529 43.89 3.78 -12.85
CA VAL B 529 43.11 4.17 -11.68
C VAL B 529 42.67 5.64 -11.79
N ILE B 530 43.68 6.50 -11.95
CA ILE B 530 43.51 7.95 -12.01
C ILE B 530 44.34 8.49 -13.19
N ASN B 531 43.72 9.30 -14.04
CA ASN B 531 44.36 9.78 -15.25
C ASN B 531 44.96 8.62 -16.05
N ASP B 532 46.26 8.70 -16.35
CA ASP B 532 46.96 7.63 -17.07
C ASP B 532 47.88 6.83 -16.17
N ILE B 533 47.54 6.84 -14.86
CA ILE B 533 48.40 6.46 -13.74
C ILE B 533 47.80 5.23 -12.98
N GLY B 534 48.59 4.18 -12.80
CA GLY B 534 48.13 3.05 -12.00
C GLY B 534 47.81 1.82 -12.83
N ASP B 535 47.78 0.69 -12.15
CA ASP B 535 47.69 -0.60 -12.83
C ASP B 535 46.29 -0.78 -13.46
N PRO B 536 46.23 -1.38 -14.66
CA PRO B 536 44.89 -1.79 -15.13
C PRO B 536 44.33 -2.91 -14.29
N THR B 537 43.02 -3.06 -14.29
CA THR B 537 42.43 -4.29 -13.75
C THR B 537 42.57 -5.44 -14.76
N SER B 538 42.80 -6.65 -14.26
CA SER B 538 43.00 -7.82 -15.11
C SER B 538 42.46 -9.08 -14.45
N GLY B 539 42.45 -10.21 -15.17
CA GLY B 539 41.74 -11.40 -14.71
C GLY B 539 40.23 -11.21 -14.58
N ASP B 540 39.52 -12.31 -14.23
CA ASP B 540 38.11 -12.22 -13.81
C ASP B 540 37.96 -12.51 -12.30
N THR B 541 38.96 -12.12 -11.51
CA THR B 541 38.94 -12.43 -10.07
C THR B 541 38.49 -11.26 -9.18
N THR B 542 37.99 -10.19 -9.81
CA THR B 542 37.41 -9.05 -9.11
C THR B 542 38.40 -8.49 -8.09
N ILE B 543 39.66 -8.47 -8.49
CA ILE B 543 40.76 -7.96 -7.67
C ILE B 543 40.99 -6.48 -7.90
N PRO B 544 40.81 -5.66 -6.84
CA PRO B 544 41.05 -4.20 -6.97
C PRO B 544 42.43 -3.80 -7.47
N SER B 545 42.51 -2.72 -8.24
CA SER B 545 43.77 -2.01 -8.52
C SER B 545 43.74 -0.77 -7.65
N GLN B 546 44.86 -0.51 -7.00
CA GLN B 546 44.89 0.44 -5.89
C GLN B 546 46.00 1.46 -6.12
N VAL B 547 45.71 2.72 -5.80
CA VAL B 547 46.72 3.79 -5.73
C VAL B 547 46.60 4.39 -4.33
N VAL B 548 47.70 4.40 -3.59
CA VAL B 548 47.71 4.92 -2.23
C VAL B 548 47.73 6.45 -2.15
N SER B 549 48.66 7.07 -2.87
CA SER B 549 48.80 8.54 -2.84
C SER B 549 49.00 9.05 -4.24
N PHE B 550 48.38 10.18 -4.51
CA PHE B 550 48.50 10.84 -5.77
C PHE B 550 48.49 12.36 -5.51
N PRO B 551 49.24 13.13 -6.32
CA PRO B 551 50.11 12.70 -7.44
C PRO B 551 51.44 12.18 -6.95
C1 EDO C . -38.51 -12.59 -9.03
O1 EDO C . -37.62 -12.81 -7.90
C2 EDO C . -38.80 -11.12 -9.38
O2 EDO C . -37.90 -10.24 -8.69
H11 EDO C . -39.46 -13.09 -8.84
H12 EDO C . -38.07 -13.05 -9.91
HO1 EDO C . -37.46 -13.75 -7.79
H21 EDO C . -39.83 -10.86 -9.10
H22 EDO C . -38.69 -10.97 -10.45
HO2 EDO C . -38.14 -9.33 -8.88
C1 EDO D . -15.61 -12.67 -22.22
O1 EDO D . -14.38 -11.89 -22.17
C2 EDO D . -16.79 -11.71 -22.27
O2 EDO D . -16.68 -10.82 -21.16
H11 EDO D . -15.69 -13.30 -21.33
H12 EDO D . -15.61 -13.31 -23.10
HO1 EDO D . -13.62 -12.48 -22.08
H21 EDO D . -17.74 -12.25 -22.22
H22 EDO D . -16.76 -11.16 -23.21
HO2 EDO D . -17.55 -10.48 -20.95
C2 BGC E . 25.11 -1.50 -6.95
C3 BGC E . 23.62 -1.15 -6.85
C4 BGC E . 22.84 -2.26 -7.61
C5 BGC E . 23.24 -3.72 -7.33
C6 BGC E . 22.51 -4.70 -8.30
C1 BGC E . 25.46 -2.99 -6.85
O1 BGC E . 26.73 -3.09 -7.45
O2 BGC E . 26.01 -0.68 -6.14
O3 BGC E . 23.42 0.03 -7.64
O4 BGC E . 21.41 -2.10 -7.71
O5 BGC E . 24.62 -3.83 -7.62
O6 BGC E . 22.03 -5.84 -7.61
H2 BGC E . 25.21 -1.22 -8.00
H3 BGC E . 23.01 -1.95 -7.18
H4 BGC E . 23.31 -2.46 -8.58
H5 BGC E . 22.97 -3.97 -6.31
H61 BGC E . 23.20 -5.02 -9.08
H62 BGC E . 21.68 -4.20 -8.79
H1 BGC E . 25.48 -3.32 -5.81
HO1 BGC E . 27.00 -2.22 -7.79
HO2 BGC E . 26.93 -0.98 -6.29
HO3 BGC E . 24.28 0.46 -7.83
HO4 BGC E . 21.14 -1.20 -7.39
HO6 BGC E . 21.92 -5.65 -6.66
C1 EDO F . 7.54 6.73 -5.85
O1 EDO F . 8.83 7.29 -5.92
C2 EDO F . 7.58 5.24 -6.17
O2 EDO F . 8.51 4.54 -5.36
H11 EDO F . 6.89 7.23 -6.59
H12 EDO F . 7.10 6.88 -4.87
HO1 EDO F . 8.77 8.25 -5.97
H21 EDO F . 7.85 5.14 -7.22
H22 EDO F . 6.59 4.81 -6.05
HO2 EDO F . 8.53 3.60 -5.63
C1 EDO G . 31.12 5.02 -19.00
O1 EDO G . 32.33 5.77 -19.02
C2 EDO G . 29.93 5.99 -18.97
O2 EDO G . 30.05 6.93 -17.91
H11 EDO G . 31.10 4.37 -18.12
H12 EDO G . 31.05 4.40 -19.89
HO1 EDO G . 33.09 5.16 -18.98
H21 EDO G . 29.00 5.44 -18.86
H22 EDO G . 29.90 6.53 -19.92
HO2 EDO G . 29.17 7.25 -17.68
C1 EDO H . 48.57 7.42 3.79
O1 EDO H . 48.78 6.32 4.72
C2 EDO H . 47.35 7.26 2.83
O2 EDO H . 46.60 6.16 3.22
H11 EDO H . 49.48 7.60 3.22
H12 EDO H . 48.39 8.32 4.37
HO1 EDO H . 49.30 6.62 5.48
H21 EDO H . 47.68 7.07 1.81
H22 EDO H . 46.73 8.16 2.81
HO2 EDO H . 45.93 5.99 2.56
N VAL A 4 -48.60 11.91 4.64
CA VAL A 4 -49.49 11.70 5.80
C VAL A 4 -48.87 10.75 6.89
N VAL A 5 -49.74 10.26 7.78
CA VAL A 5 -49.30 9.51 8.97
C VAL A 5 -48.19 8.49 8.59
N GLY A 6 -47.06 8.51 9.32
CA GLY A 6 -45.86 7.74 8.94
C GLY A 6 -45.59 6.49 9.79
N GLY A 7 -44.38 5.91 9.71
CA GLY A 7 -44.16 4.61 10.29
C GLY A 7 -45.28 3.67 9.83
N GLY A 8 -46.05 3.11 10.77
CA GLY A 8 -47.15 2.23 10.39
C GLY A 8 -46.77 0.80 10.05
N ASP A 9 -47.66 0.09 9.38
CA ASP A 9 -47.65 -1.35 9.47
C ASP A 9 -46.66 -2.03 8.56
N LEU A 10 -46.01 -3.08 9.08
CA LEU A 10 -44.87 -3.74 8.41
C LEU A 10 -45.34 -4.75 7.35
N GLY A 11 -46.62 -5.05 7.34
CA GLY A 11 -47.20 -5.88 6.30
C GLY A 11 -47.20 -7.36 6.63
N PRO A 12 -48.02 -8.13 5.88
CA PRO A 12 -48.12 -9.59 5.94
C PRO A 12 -46.80 -10.37 5.85
N ASN A 13 -45.74 -9.74 5.36
CA ASN A 13 -44.52 -10.47 5.07
C ASN A 13 -43.40 -10.28 6.09
N VAL A 14 -43.69 -9.55 7.16
CA VAL A 14 -42.75 -9.31 8.26
C VAL A 14 -43.27 -10.04 9.50
N LEU A 15 -42.77 -11.25 9.71
CA LEU A 15 -43.27 -12.14 10.74
C LEU A 15 -42.46 -11.89 12.02
N VAL A 16 -43.14 -11.43 13.06
CA VAL A 16 -42.48 -11.10 14.34
C VAL A 16 -42.89 -12.13 15.38
N PHE A 17 -41.87 -12.61 16.09
CA PHE A 17 -41.96 -13.71 17.04
C PHE A 17 -41.53 -13.22 18.41
N ASP A 18 -42.18 -13.78 19.42
CA ASP A 18 -41.91 -13.60 20.85
C ASP A 18 -41.67 -15.03 21.36
N PRO A 19 -40.98 -15.21 22.49
CA PRO A 19 -40.72 -16.62 22.86
C PRO A 19 -41.97 -17.45 23.20
N SER A 20 -43.10 -16.80 23.40
CA SER A 20 -44.35 -17.48 23.73
C SER A 20 -45.27 -17.66 22.49
N THR A 21 -44.78 -17.26 21.32
CA THR A 21 -45.48 -17.50 20.07
C THR A 21 -45.66 -19.01 19.88
N PRO A 22 -46.90 -19.48 19.58
CA PRO A 22 -47.27 -20.87 19.18
C PRO A 22 -46.58 -21.59 17.98
N ASP A 23 -45.78 -22.63 18.27
CA ASP A 23 -45.29 -23.56 17.25
C ASP A 23 -44.37 -22.79 16.27
N ILE A 24 -43.43 -22.04 16.84
CA ILE A 24 -42.50 -21.22 16.06
C ILE A 24 -41.84 -22.12 15.01
N GLN A 25 -41.47 -23.34 15.43
CA GLN A 25 -40.85 -24.31 14.54
C GLN A 25 -41.69 -24.63 13.31
N GLY A 26 -42.95 -24.95 13.56
CA GLY A 26 -43.81 -25.39 12.49
C GLY A 26 -44.06 -24.23 11.55
N LYS A 27 -44.00 -23.02 12.05
CA LYS A 27 -44.23 -21.86 11.18
C LYS A 27 -43.01 -21.46 10.34
N VAL A 28 -41.84 -21.56 10.95
CA VAL A 28 -40.61 -21.35 10.22
C VAL A 28 -40.47 -22.45 9.17
N ASP A 29 -40.90 -23.67 9.50
CA ASP A 29 -40.88 -24.75 8.50
C ASP A 29 -41.80 -24.44 7.31
N GLU A 30 -42.92 -23.73 7.53
CA GLU A 30 -43.84 -23.47 6.39
C GLU A 30 -43.22 -22.49 5.40
N VAL A 31 -42.52 -21.52 5.94
CA VAL A 31 -41.84 -20.56 5.10
C VAL A 31 -40.73 -21.31 4.38
N PHE A 32 -40.01 -22.14 5.10
CA PHE A 32 -38.94 -22.89 4.43
C PHE A 32 -39.53 -23.79 3.34
N ARG A 33 -40.73 -24.33 3.53
CA ARG A 33 -41.22 -25.21 2.47
C ARG A 33 -41.66 -24.34 1.26
N LYS A 34 -42.22 -23.16 1.48
CA LYS A 34 -42.53 -22.32 0.32
C LYS A 34 -41.27 -21.83 -0.44
N GLN A 35 -40.20 -21.57 0.31
CA GLN A 35 -39.01 -20.90 -0.23
C GLN A 35 -37.86 -21.81 -0.62
N GLU A 36 -37.89 -23.06 -0.17
CA GLU A 36 -36.71 -23.91 -0.32
C GLU A 36 -36.12 -23.97 -1.74
N SER A 37 -36.95 -24.26 -2.72
CA SER A 37 -36.52 -24.27 -4.12
C SER A 37 -37.13 -23.14 -4.98
N ASN A 38 -37.59 -22.08 -4.31
CA ASN A 38 -38.31 -20.99 -5.00
C ASN A 38 -37.35 -19.93 -5.53
N GLN A 39 -36.43 -20.40 -6.39
CA GLN A 39 -35.25 -19.64 -6.74
C GLN A 39 -35.56 -18.35 -7.47
N PHE A 40 -36.63 -18.39 -8.28
CA PHE A 40 -37.02 -17.24 -9.09
C PHE A 40 -38.48 -16.85 -8.78
N GLY A 41 -38.95 -17.27 -7.62
CA GLY A 41 -40.27 -16.89 -7.13
C GLY A 41 -40.36 -15.42 -6.71
N THR A 42 -41.60 -14.98 -6.49
CA THR A 42 -41.86 -13.60 -6.17
C THR A 42 -42.21 -13.44 -4.69
N ASP A 43 -42.30 -14.55 -3.96
CA ASP A 43 -42.43 -14.53 -2.50
C ASP A 43 -41.18 -13.95 -1.81
N ARG A 44 -41.40 -13.21 -0.72
CA ARG A 44 -40.35 -12.53 0.05
C ARG A 44 -40.72 -12.54 1.53
N TYR A 45 -39.81 -12.98 2.42
CA TYR A 45 -40.11 -13.02 3.86
C TYR A 45 -38.99 -12.54 4.75
N ALA A 46 -39.37 -11.82 5.81
CA ALA A 46 -38.45 -11.43 6.87
C ALA A 46 -38.96 -12.02 8.17
N LEU A 47 -38.10 -12.83 8.79
CA LEU A 47 -38.41 -13.49 10.08
C LEU A 47 -37.68 -12.74 11.18
N MET A 48 -38.44 -12.06 12.06
CA MET A 48 -37.82 -11.18 13.03
C MET A 48 -38.17 -11.68 14.45
N PHE A 49 -37.17 -11.67 15.31
CA PHE A 49 -37.29 -12.29 16.62
C PHE A 49 -37.06 -11.30 17.74
N LYS A 50 -38.09 -11.12 18.55
CA LYS A 50 -38.01 -10.17 19.62
C LYS A 50 -36.93 -10.65 20.64
N PRO A 51 -36.28 -9.71 21.37
CA PRO A 51 -35.14 -10.15 22.20
C PRO A 51 -35.57 -11.15 23.26
N GLY A 52 -34.74 -12.14 23.46
CA GLY A 52 -35.06 -13.28 24.33
C GLY A 52 -34.33 -14.56 23.98
N THR A 53 -34.80 -15.65 24.58
CA THR A 53 -34.18 -16.98 24.48
C THR A 53 -35.18 -17.99 23.87
N TYR A 54 -34.78 -18.65 22.77
CA TYR A 54 -35.61 -19.55 21.95
C TYR A 54 -34.99 -20.95 21.91
N ASN A 55 -35.82 -22.01 22.07
CA ASN A 55 -35.33 -23.37 22.36
C ASN A 55 -35.80 -24.38 21.30
N ASP A 56 -35.06 -25.47 21.12
CA ASP A 56 -35.61 -26.58 20.34
C ASP A 56 -35.88 -26.09 18.88
N ILE A 57 -35.19 -25.03 18.45
CA ILE A 57 -35.42 -24.39 17.13
C ILE A 57 -34.31 -24.64 16.09
N ASN A 58 -34.71 -25.08 14.88
CA ASN A 58 -33.81 -25.20 13.73
C ASN A 58 -34.47 -24.29 12.68
N ALA A 59 -33.90 -23.11 12.46
CA ALA A 59 -34.53 -22.13 11.56
C ALA A 59 -33.91 -22.31 10.19
N GLN A 60 -34.67 -22.99 9.34
CA GLN A 60 -34.19 -23.39 8.03
C GLN A 60 -34.46 -22.26 7.06
N ILE A 61 -33.43 -21.76 6.38
CA ILE A 61 -33.53 -20.58 5.55
C ILE A 61 -33.44 -20.92 4.06
N GLY A 62 -34.52 -20.62 3.34
CA GLY A 62 -34.58 -20.85 1.91
C GLY A 62 -34.34 -19.59 1.11
N PHE A 63 -34.73 -19.59 -0.16
CA PHE A 63 -34.61 -18.38 -0.97
C PHE A 63 -35.42 -17.21 -0.42
N TYR A 64 -34.90 -16.01 -0.65
CA TYR A 64 -35.57 -14.74 -0.34
C TYR A 64 -36.15 -14.70 1.09
N THR A 65 -35.35 -15.20 2.01
CA THR A 65 -35.70 -15.21 3.41
C THR A 65 -34.56 -14.63 4.22
N SER A 66 -34.92 -13.70 5.08
CA SER A 66 -33.97 -13.08 6.01
C SER A 66 -34.45 -13.41 7.41
N ILE A 67 -33.50 -13.65 8.30
CA ILE A 67 -33.84 -13.90 9.72
C ILE A 67 -33.00 -12.90 10.52
N ALA A 68 -33.59 -12.33 11.55
CA ALA A 68 -32.91 -11.28 12.32
C ALA A 68 -33.42 -11.20 13.74
N GLY A 69 -32.52 -10.89 14.66
CA GLY A 69 -32.92 -10.50 16.00
C GLY A 69 -33.21 -9.02 16.10
N LEU A 70 -33.90 -8.62 17.20
CA LEU A 70 -34.37 -7.25 17.38
C LEU A 70 -33.80 -6.58 18.63
N GLY A 71 -32.66 -7.09 19.12
CA GLY A 71 -31.93 -6.42 20.16
C GLY A 71 -30.91 -5.44 19.61
N LEU A 72 -30.45 -4.59 20.51
CA LEU A 72 -29.29 -3.77 20.32
C LEU A 72 -28.12 -4.69 19.93
N ASN A 73 -27.58 -5.39 20.93
CA ASN A 73 -26.54 -6.40 20.78
C ASN A 73 -27.17 -7.69 20.27
N PRO A 74 -26.40 -8.53 19.56
CA PRO A 74 -26.97 -9.79 19.08
C PRO A 74 -27.24 -10.79 20.21
N ASP A 75 -26.52 -10.67 21.34
CA ASP A 75 -26.69 -11.63 22.42
C ASP A 75 -28.07 -11.43 23.09
N ASP A 76 -28.72 -10.31 22.74
CA ASP A 76 -30.06 -10.00 23.27
C ASP A 76 -31.14 -10.97 22.76
N THR A 77 -30.86 -11.62 21.62
CA THR A 77 -31.78 -12.58 20.99
C THR A 77 -31.01 -13.87 20.71
N THR A 78 -31.28 -14.88 21.51
CA THR A 78 -30.52 -16.12 21.55
C THR A 78 -31.39 -17.31 21.16
N PHE A 79 -30.91 -18.06 20.17
CA PHE A 79 -31.47 -19.34 19.80
C PHE A 79 -30.61 -20.43 20.42
N ASN A 80 -31.22 -21.29 21.22
CA ASN A 80 -30.59 -22.55 21.57
C ASN A 80 -30.93 -23.51 20.46
N GLY A 81 -30.22 -23.28 19.38
CA GLY A 81 -30.48 -23.94 18.12
C GLY A 81 -29.72 -23.24 17.01
N ASP A 82 -30.29 -23.32 15.81
CA ASP A 82 -29.51 -23.17 14.59
C ASP A 82 -30.26 -22.26 13.62
N VAL A 83 -29.50 -21.53 12.83
CA VAL A 83 -30.00 -20.88 11.65
C VAL A 83 -29.24 -21.54 10.49
N THR A 84 -29.96 -22.31 9.69
CA THR A 84 -29.34 -23.31 8.85
C THR A 84 -29.64 -23.13 7.38
N VAL A 85 -28.56 -23.22 6.57
CA VAL A 85 -28.70 -23.37 5.12
C VAL A 85 -28.01 -24.67 4.69
N ASP A 86 -28.83 -25.57 4.11
CA ASP A 86 -28.40 -26.83 3.51
C ASP A 86 -28.59 -26.81 1.99
N ALA A 87 -28.06 -27.84 1.33
CA ALA A 87 -28.18 -27.92 -0.14
C ALA A 87 -28.97 -29.14 -0.56
N GLY A 88 -29.86 -29.61 0.31
CA GLY A 88 -30.59 -30.85 0.01
C GLY A 88 -31.46 -30.84 -1.27
N TRP A 89 -31.95 -29.67 -1.66
CA TRP A 89 -32.76 -29.57 -2.87
C TRP A 89 -31.89 -29.75 -4.11
N PHE A 90 -30.59 -29.55 -3.95
CA PHE A 90 -29.68 -29.66 -5.08
C PHE A 90 -28.66 -30.80 -4.82
N ASP A 91 -29.03 -31.67 -3.88
CA ASP A 91 -28.28 -32.92 -3.57
C ASP A 91 -26.88 -32.70 -2.97
N GLY A 92 -26.80 -31.80 -1.98
CA GLY A 92 -25.53 -31.26 -1.52
C GLY A 92 -24.84 -30.28 -2.50
N ASN A 93 -25.40 -30.03 -3.69
CA ASN A 93 -24.82 -28.99 -4.56
C ASN A 93 -25.31 -27.62 -4.06
N ALA A 94 -24.39 -26.81 -3.58
CA ALA A 94 -24.76 -25.66 -2.78
C ALA A 94 -24.42 -24.36 -3.51
N THR A 95 -24.25 -24.48 -4.83
CA THR A 95 -23.84 -23.35 -5.69
C THR A 95 -24.97 -22.42 -6.16
N GLN A 96 -26.25 -22.83 -5.94
CA GLN A 96 -27.39 -21.93 -6.22
C GLN A 96 -28.09 -21.45 -4.94
N ASN A 97 -27.38 -21.49 -3.80
CA ASN A 97 -27.96 -21.04 -2.52
C ASN A 97 -27.75 -19.55 -2.31
N PHE A 98 -28.58 -18.81 -3.03
CA PHE A 98 -28.50 -17.37 -3.09
C PHE A 98 -29.61 -16.64 -2.30
N TRP A 99 -29.42 -15.33 -2.20
CA TRP A 99 -30.45 -14.33 -1.83
C TRP A 99 -31.17 -14.68 -0.51
N ARG A 100 -30.41 -14.69 0.57
CA ARG A 100 -31.00 -14.88 1.88
C ARG A 100 -30.08 -14.25 2.91
N SER A 101 -30.49 -14.16 4.18
CA SER A 101 -29.60 -13.45 5.11
C SER A 101 -29.93 -13.73 6.58
N ALA A 102 -28.89 -13.61 7.40
CA ALA A 102 -29.02 -13.77 8.86
C ALA A 102 -28.24 -12.65 9.54
N GLU A 103 -28.85 -12.07 10.57
CA GLU A 103 -28.18 -11.02 11.32
C GLU A 103 -28.65 -10.88 12.75
N ASN A 104 -27.75 -10.37 13.57
CA ASN A 104 -28.14 -9.85 14.90
C ASN A 104 -28.79 -10.87 15.82
N LEU A 105 -28.19 -12.06 15.82
CA LEU A 105 -28.57 -13.16 16.68
C LEU A 105 -27.38 -13.85 17.31
N ALA A 106 -27.62 -14.44 18.47
CA ALA A 106 -26.68 -15.38 19.06
C ALA A 106 -27.24 -16.79 18.88
N LEU A 107 -26.38 -17.70 18.43
CA LEU A 107 -26.74 -19.10 18.16
C LEU A 107 -25.93 -20.03 19.06
N ASN A 108 -26.65 -20.98 19.67
CA ASN A 108 -26.07 -22.04 20.50
C ASN A 108 -26.45 -23.37 19.84
N PRO A 109 -25.66 -23.80 18.85
CA PRO A 109 -26.14 -24.85 17.92
C PRO A 109 -26.15 -26.26 18.53
N VAL A 110 -27.06 -27.14 18.11
CA VAL A 110 -27.30 -28.44 18.84
C VAL A 110 -26.15 -29.47 19.09
N ASN A 111 -25.09 -29.29 18.36
CA ASN A 111 -23.93 -30.20 18.38
C ASN A 111 -22.69 -29.35 18.41
N GLY A 112 -22.87 -28.06 18.68
CA GLY A 112 -21.74 -27.16 18.81
C GLY A 112 -21.33 -26.56 17.48
N THR A 113 -22.08 -26.87 16.41
CA THR A 113 -21.71 -26.41 15.07
C THR A 113 -22.94 -26.07 14.21
N ASN A 114 -22.94 -24.84 13.71
CA ASN A 114 -24.04 -24.33 12.89
C ASN A 114 -23.64 -24.39 11.44
N ARG A 115 -24.57 -24.79 10.59
CA ARG A 115 -24.29 -24.95 9.17
C ARG A 115 -24.90 -23.80 8.35
N TRP A 116 -24.04 -23.04 7.66
CA TRP A 116 -24.47 -21.93 6.77
C TRP A 116 -23.83 -22.18 5.39
N ALA A 117 -24.36 -23.14 4.64
CA ALA A 117 -23.75 -23.58 3.38
C ALA A 117 -24.36 -22.82 2.21
N VAL A 118 -23.88 -21.61 2.03
CA VAL A 118 -24.44 -20.70 1.06
C VAL A 118 -23.47 -20.41 -0.09
N SER A 119 -24.00 -19.80 -1.16
CA SER A 119 -23.19 -19.19 -2.19
C SER A 119 -23.40 -17.67 -2.15
N GLN A 120 -23.51 -17.02 -3.31
CA GLN A 120 -23.51 -15.55 -3.32
C GLN A 120 -24.78 -14.93 -2.80
N ALA A 121 -24.65 -13.69 -2.33
CA ALA A 121 -25.75 -12.88 -1.80
C ALA A 121 -26.47 -13.55 -0.64
N ALA A 122 -25.65 -14.12 0.26
CA ALA A 122 -26.16 -14.70 1.49
C ALA A 122 -25.39 -14.19 2.73
N PRO A 123 -25.54 -12.90 3.04
CA PRO A 123 -24.71 -12.33 4.09
C PRO A 123 -25.04 -12.86 5.48
N PHE A 124 -24.01 -12.88 6.33
CA PHE A 124 -24.10 -13.34 7.72
C PHE A 124 -23.43 -12.20 8.50
N ARG A 125 -24.24 -11.38 9.19
CA ARG A 125 -23.78 -10.12 9.80
C ARG A 125 -24.16 -10.04 11.29
N ARG A 126 -23.30 -9.46 12.12
CA ARG A 126 -23.66 -9.13 13.51
C ARG A 126 -24.19 -10.38 14.22
N MET A 127 -23.51 -11.52 13.98
CA MET A 127 -23.86 -12.80 14.58
C MET A 127 -22.84 -13.26 15.64
N HIS A 128 -23.38 -13.88 16.69
CA HIS A 128 -22.55 -14.52 17.72
C HIS A 128 -22.84 -16.05 17.79
N VAL A 129 -22.00 -16.82 17.12
CA VAL A 129 -22.10 -18.28 17.13
C VAL A 129 -21.32 -18.83 18.31
N LYS A 130 -22.04 -19.34 19.30
CA LYS A 130 -21.46 -19.91 20.50
C LYS A 130 -21.06 -21.35 20.22
N GLY A 131 -20.03 -21.50 19.39
CA GLY A 131 -19.67 -22.78 18.81
C GLY A 131 -18.92 -22.60 17.50
N GLY A 132 -18.96 -23.62 16.67
CA GLY A 132 -18.33 -23.58 15.35
C GLY A 132 -19.31 -23.20 14.27
N LEU A 133 -18.75 -22.88 13.12
CA LEU A 133 -19.53 -22.44 11.94
C LEU A 133 -19.01 -23.17 10.74
N ASN A 134 -19.89 -24.01 10.17
CA ASN A 134 -19.55 -24.90 9.07
C ASN A 134 -20.21 -24.35 7.80
N LEU A 135 -19.41 -24.07 6.76
CA LEU A 135 -19.90 -23.40 5.54
C LEU A 135 -20.14 -24.32 4.35
N ALA A 136 -20.03 -25.63 4.55
CA ALA A 136 -20.09 -26.57 3.43
C ALA A 136 -21.36 -27.39 3.43
N PRO A 137 -21.92 -27.66 2.25
CA PRO A 137 -23.07 -28.58 2.22
C PRO A 137 -22.76 -29.91 2.90
N ASP A 138 -23.70 -30.49 3.66
CA ASP A 138 -23.39 -31.83 4.25
C ASP A 138 -23.25 -32.84 3.08
N GLY A 139 -22.19 -33.65 3.11
CA GLY A 139 -21.84 -34.52 2.00
C GLY A 139 -20.79 -33.83 1.13
N TYR A 140 -20.27 -32.71 1.64
CA TYR A 140 -18.99 -32.15 1.21
C TYR A 140 -19.01 -31.31 -0.13
N GLY A 141 -20.13 -31.38 -0.88
CA GLY A 141 -20.36 -30.69 -2.18
C GLY A 141 -19.85 -29.29 -2.49
N TRP A 142 -20.25 -28.74 -3.64
CA TRP A 142 -19.62 -27.49 -4.10
C TRP A 142 -20.38 -26.35 -3.44
N ALA A 143 -19.69 -25.24 -3.24
CA ALA A 143 -20.31 -24.01 -2.73
C ALA A 143 -19.42 -22.89 -3.20
N SER A 144 -20.01 -21.72 -3.38
CA SER A 144 -19.32 -20.56 -3.93
C SER A 144 -19.79 -19.30 -3.20
N GLY A 145 -19.57 -19.28 -1.88
CA GLY A 145 -19.78 -18.10 -1.06
C GLY A 145 -18.71 -17.03 -1.21
N GLY A 146 -18.68 -16.05 -0.30
CA GLY A 146 -19.52 -15.97 0.86
C GLY A 146 -19.04 -14.77 1.65
N TYR A 147 -19.82 -14.34 2.62
CA TYR A 147 -19.58 -13.07 3.29
C TYR A 147 -20.00 -13.11 4.76
N ILE A 148 -19.02 -12.86 5.63
CA ILE A 148 -19.22 -12.69 7.07
C ILE A 148 -18.66 -11.33 7.48
N ALA A 149 -19.46 -10.55 8.21
CA ALA A 149 -18.97 -9.31 8.82
C ALA A 149 -19.49 -9.11 10.23
N ASP A 150 -18.65 -8.46 11.03
CA ASP A 150 -19.06 -7.98 12.35
C ASP A 150 -19.60 -9.09 13.23
N SER A 151 -18.98 -10.26 13.11
CA SER A 151 -19.45 -11.46 13.79
C SER A 151 -18.38 -12.08 14.67
N LYS A 152 -18.84 -12.81 15.69
CA LYS A 152 -17.94 -13.56 16.55
C LYS A 152 -18.30 -15.03 16.52
N ILE A 153 -17.35 -15.83 16.07
CA ILE A 153 -17.46 -17.29 16.13
C ILE A 153 -16.50 -17.77 17.20
N ASP A 154 -17.03 -18.32 18.29
CA ASP A 154 -16.18 -18.71 19.41
C ASP A 154 -15.24 -19.87 19.04
N GLY A 155 -15.61 -20.63 18.01
CA GLY A 155 -14.86 -21.83 17.68
C GLY A 155 -14.29 -21.72 16.28
N GLU A 156 -14.07 -22.87 15.71
CA GLU A 156 -13.42 -23.04 14.43
C GLU A 156 -14.44 -22.75 13.35
N VAL A 157 -14.03 -22.01 12.33
CA VAL A 157 -14.83 -21.86 11.12
C VAL A 157 -14.31 -22.88 10.12
N GLY A 158 -15.20 -23.67 9.51
CA GLY A 158 -14.82 -24.71 8.54
C GLY A 158 -15.38 -24.43 7.15
N PRO A 159 -14.54 -23.96 6.22
CA PRO A 159 -15.09 -23.72 4.89
C PRO A 159 -15.27 -24.99 4.04
N TYR A 160 -14.56 -26.08 4.40
CA TYR A 160 -14.45 -27.28 3.54
C TYR A 160 -14.42 -26.99 2.03
N SER A 161 -15.52 -27.22 1.35
CA SER A 161 -15.51 -27.18 -0.09
C SER A 161 -15.63 -25.80 -0.65
N GLN A 162 -15.92 -24.81 0.19
CA GLN A 162 -16.15 -23.46 -0.30
C GLN A 162 -14.96 -22.99 -1.11
N GLN A 163 -15.17 -22.47 -2.32
CA GLN A 163 -14.02 -22.10 -3.14
C GLN A 163 -13.34 -20.83 -2.66
N GLN A 164 -14.15 -19.88 -2.22
CA GLN A 164 -13.61 -18.59 -1.77
C GLN A 164 -14.49 -18.08 -0.64
N TRP A 165 -14.01 -17.08 0.08
CA TRP A 165 -14.77 -16.48 1.17
C TRP A 165 -14.14 -15.15 1.57
N TYR A 166 -14.98 -14.21 2.01
CA TYR A 166 -14.51 -12.95 2.60
C TYR A 166 -15.04 -12.77 4.00
N THR A 167 -14.15 -12.48 4.94
CA THR A 167 -14.57 -12.16 6.31
C THR A 167 -13.98 -10.80 6.70
N ARG A 168 -14.81 -9.97 7.31
CA ARG A 168 -14.42 -8.60 7.69
C ARG A 168 -14.77 -8.32 9.14
N ASP A 169 -13.85 -7.65 9.85
CA ASP A 169 -14.15 -7.02 11.13
C ASP A 169 -14.93 -7.96 12.04
N SER A 170 -14.25 -9.01 12.46
CA SER A 170 -14.86 -10.15 13.15
C SER A 170 -13.86 -10.77 14.09
N SER A 171 -14.32 -11.79 14.81
CA SER A 171 -13.49 -12.61 15.69
C SER A 171 -13.81 -14.09 15.43
N VAL A 172 -12.78 -14.90 15.17
CA VAL A 172 -12.97 -16.35 15.00
C VAL A 172 -12.06 -17.14 15.94
N GLY A 173 -12.60 -18.23 16.47
CA GLY A 173 -11.83 -19.06 17.37
C GLY A 173 -10.69 -19.69 16.61
N GLY A 174 -11.02 -20.07 15.38
CA GLY A 174 -10.09 -20.72 14.46
C GLY A 174 -10.64 -20.76 13.04
N TRP A 175 -9.81 -21.24 12.12
CA TRP A 175 -10.17 -21.22 10.71
C TRP A 175 -9.39 -22.33 10.03
N GLY A 176 -10.09 -23.31 9.48
CA GLY A 176 -9.50 -24.62 9.25
C GLY A 176 -8.86 -24.90 7.90
N ASN A 177 -9.33 -24.21 6.85
CA ASN A 177 -8.99 -24.60 5.48
C ASN A 177 -9.23 -23.47 4.49
N GLY A 178 -8.35 -23.37 3.49
CA GLY A 178 -8.55 -22.52 2.35
C GLY A 178 -8.57 -23.34 1.07
N VAL A 179 -9.25 -22.84 0.03
CA VAL A 179 -9.44 -23.58 -1.20
C VAL A 179 -8.82 -22.82 -2.39
N TRP A 180 -9.50 -21.79 -2.91
CA TRP A 180 -8.90 -20.87 -3.88
C TRP A 180 -8.56 -19.48 -3.32
N ASN A 181 -9.41 -18.93 -2.47
CA ASN A 181 -9.20 -17.53 -2.07
C ASN A 181 -10.02 -17.17 -0.86
N MET A 182 -9.40 -17.30 0.31
CA MET A 182 -10.03 -16.88 1.55
C MET A 182 -9.34 -15.59 1.99
N THR A 183 -10.12 -14.51 2.04
CA THR A 183 -9.59 -13.19 2.36
C THR A 183 -10.20 -12.70 3.67
N PHE A 184 -9.37 -11.98 4.45
CA PHE A 184 -9.72 -11.53 5.77
C PHE A 184 -9.22 -10.09 5.91
N SER A 185 -10.04 -9.21 6.46
CA SER A 185 -9.55 -7.89 6.84
C SER A 185 -10.16 -7.56 8.21
N GLY A 186 -9.30 -7.23 9.15
CA GLY A 186 -9.74 -6.90 10.51
C GLY A 186 -10.36 -8.06 11.29
N VAL A 187 -9.86 -9.28 11.05
CA VAL A 187 -10.41 -10.45 11.69
C VAL A 187 -9.49 -10.98 12.77
N GLU A 188 -9.93 -10.83 14.00
CA GLU A 188 -9.22 -11.40 15.15
C GLU A 188 -9.28 -12.91 15.05
N GLY A 189 -8.12 -13.58 15.06
CA GLY A 189 -8.06 -15.02 14.92
C GLY A 189 -7.90 -15.48 13.49
N ALA A 190 -7.80 -14.54 12.55
CA ALA A 190 -7.58 -14.95 11.18
C ALA A 190 -6.23 -15.67 11.05
N PRO A 191 -6.17 -16.68 10.17
CA PRO A 191 -4.90 -17.32 9.84
C PRO A 191 -3.94 -16.34 9.16
N ALA A 192 -2.64 -16.57 9.37
CA ALA A 192 -1.62 -15.65 8.89
C ALA A 192 -1.63 -15.60 7.37
N GLN A 193 -1.42 -14.40 6.82
CA GLN A 193 -1.27 -14.19 5.38
C GLN A 193 -0.30 -15.21 4.91
N SER A 194 -0.67 -15.95 3.88
CA SER A 194 0.16 -17.08 3.47
C SER A 194 0.07 -17.45 1.98
N PHE A 195 -0.73 -16.67 1.24
CA PHE A 195 -1.05 -16.97 -0.15
C PHE A 195 0.23 -17.33 -0.91
N PRO A 196 0.20 -18.42 -1.71
CA PRO A 196 -0.98 -19.21 -2.12
C PRO A 196 -1.27 -20.55 -1.40
N GLU A 197 -0.51 -20.93 -0.38
CA GLU A 197 -0.69 -22.26 0.21
C GLU A 197 -0.67 -22.33 1.74
N PRO A 198 -1.84 -22.28 2.36
CA PRO A 198 -3.18 -22.12 1.77
C PRO A 198 -3.36 -20.70 1.25
N PRO A 199 -4.34 -20.46 0.37
CA PRO A 199 -4.43 -19.16 -0.29
C PRO A 199 -5.16 -18.14 0.59
N TYR A 200 -4.50 -17.77 1.70
CA TYR A 200 -5.04 -16.82 2.68
C TYR A 200 -4.44 -15.47 2.42
N THR A 201 -5.33 -14.49 2.23
CA THR A 201 -5.00 -13.10 2.08
C THR A 201 -5.53 -12.40 3.32
N THR A 202 -4.61 -11.92 4.15
CA THR A 202 -4.95 -11.42 5.49
C THR A 202 -4.46 -10.02 5.73
N LEU A 203 -5.38 -9.11 6.02
CA LEU A 203 -5.08 -7.71 6.31
C LEU A 203 -5.41 -7.45 7.78
N GLU A 204 -4.46 -6.84 8.52
CA GLU A 204 -4.61 -6.65 9.97
C GLU A 204 -5.91 -5.86 10.24
N THR A 205 -6.22 -4.90 9.37
CA THR A 205 -7.40 -4.04 9.58
C THR A 205 -8.11 -3.74 8.25
N THR A 206 -9.38 -3.33 8.35
CA THR A 206 -10.13 -2.84 7.19
C THR A 206 -10.02 -1.32 7.20
N PRO A 207 -9.69 -0.70 6.03
CA PRO A 207 -9.45 0.76 6.07
C PRO A 207 -10.58 1.56 6.68
N VAL A 208 -11.76 1.41 6.08
CA VAL A 208 -12.98 2.02 6.58
C VAL A 208 -14.12 1.02 6.45
N SER A 209 -14.99 0.99 7.46
CA SER A 209 -16.20 0.20 7.39
C SER A 209 -17.26 0.87 8.25
N ARG A 210 -18.51 0.62 7.94
CA ARG A 210 -19.61 1.19 8.67
C ARG A 210 -20.68 0.11 8.66
N GLU A 211 -21.06 -0.35 9.84
CA GLU A 211 -21.91 -1.55 9.89
C GLU A 211 -23.32 -1.26 9.37
N LYS A 212 -23.97 -2.30 8.85
CA LYS A 212 -25.25 -2.14 8.16
C LYS A 212 -26.38 -1.77 9.16
N PRO A 213 -27.22 -0.78 8.81
CA PRO A 213 -28.33 -0.41 9.70
C PRO A 213 -29.27 -1.59 9.90
N PHE A 214 -30.01 -1.60 11.02
CA PHE A 214 -30.96 -2.68 11.29
C PHE A 214 -32.10 -2.30 12.20
N LEU A 215 -33.21 -3.02 12.05
CA LEU A 215 -34.43 -2.81 12.80
C LEU A 215 -34.28 -3.52 14.15
N TYR A 216 -34.63 -2.81 15.24
CA TYR A 216 -34.58 -3.38 16.60
C TYR A 216 -35.74 -2.84 17.43
N LEU A 217 -35.91 -3.34 18.66
CA LEU A 217 -37.11 -3.04 19.45
C LEU A 217 -36.67 -2.91 20.88
N ASP A 218 -37.33 -1.99 21.56
CA ASP A 218 -36.60 -1.21 22.52
C ASP A 218 -37.54 -0.49 23.44
N GLY A 219 -37.17 -0.65 24.70
CA GLY A 219 -38.17 -1.00 25.67
C GLY A 219 -39.24 -1.49 24.72
N ASP A 220 -40.26 -0.67 24.62
CA ASP A 220 -41.37 -1.00 23.76
C ASP A 220 -41.49 -0.11 22.43
N ASP A 221 -40.42 0.62 22.09
CA ASP A 221 -40.23 1.35 20.79
C ASP A 221 -39.35 0.61 19.73
N TYR A 222 -39.92 0.33 18.55
CA TYR A 222 -39.19 -0.03 17.31
C TYR A 222 -38.39 1.13 16.70
N LYS A 223 -37.07 0.95 16.60
CA LYS A 223 -36.13 1.90 16.00
C LYS A 223 -35.32 1.28 14.85
N VAL A 224 -34.41 2.08 14.28
CA VAL A 224 -33.35 1.57 13.39
C VAL A 224 -32.01 2.11 13.89
N PHE A 225 -31.11 1.20 14.24
CA PHE A 225 -29.76 1.59 14.63
C PHE A 225 -28.90 1.79 13.39
N VAL A 226 -28.10 2.86 13.44
CA VAL A 226 -27.27 3.30 12.35
C VAL A 226 -25.87 3.45 12.86
N PRO A 227 -25.05 2.40 12.69
CA PRO A 227 -23.67 2.41 13.16
C PRO A 227 -22.81 3.56 12.67
N ALA A 228 -21.96 4.00 13.59
CA ALA A 228 -20.91 4.96 13.31
C ALA A 228 -19.77 4.22 12.58
N LYS A 229 -19.26 4.83 11.53
CA LYS A 229 -18.13 4.22 10.84
C LYS A 229 -16.93 4.14 11.76
N ARG A 230 -16.01 3.25 11.44
CA ARG A 230 -14.76 3.25 12.14
C ARG A 230 -13.62 3.07 11.17
N THR A 231 -12.43 3.44 11.63
CA THR A 231 -11.25 3.52 10.80
C THR A 231 -10.18 2.47 11.26
N ASN A 232 -9.42 1.88 10.31
CA ASN A 232 -8.52 0.76 10.57
C ASN A 232 -9.19 -0.22 11.53
N ALA A 233 -10.44 -0.47 11.23
CA ALA A 233 -11.26 -1.42 11.96
C ALA A 233 -10.70 -2.84 12.08
N ARG A 234 -11.02 -3.44 13.24
CA ARG A 234 -10.66 -4.82 13.57
C ARG A 234 -11.55 -5.32 14.72
N GLY A 235 -11.95 -6.57 14.64
CA GLY A 235 -12.86 -7.12 15.63
C GLY A 235 -14.27 -6.60 15.44
N THR A 236 -15.17 -7.06 16.30
CA THR A 236 -16.57 -6.66 16.22
C THR A 236 -16.78 -5.24 16.74
N SER A 237 -17.86 -4.65 16.26
CA SER A 237 -18.33 -3.34 16.68
C SER A 237 -19.15 -3.39 17.95
N TRP A 238 -19.48 -4.60 18.38
CA TRP A 238 -20.38 -4.85 19.49
C TRP A 238 -19.66 -5.71 20.56
N GLY A 239 -18.53 -6.36 20.20
CA GLY A 239 -17.75 -7.23 21.09
C GLY A 239 -17.49 -6.74 22.49
N ASN A 240 -17.43 -5.41 22.66
CA ASN A 240 -17.73 -4.83 23.98
C ASN A 240 -18.94 -3.89 24.08
N GLY A 241 -20.11 -4.40 23.67
CA GLY A 241 -21.42 -3.99 24.20
C GLY A 241 -22.34 -3.09 23.37
N THR A 242 -23.17 -2.32 24.12
CA THR A 242 -23.32 -0.81 24.05
C THR A 242 -23.07 -0.05 22.69
N PRO A 243 -23.81 -0.45 21.67
CA PRO A 243 -23.53 -0.07 20.26
C PRO A 243 -23.49 1.44 20.05
N GLU A 244 -22.41 1.97 19.44
CA GLU A 244 -22.39 3.35 18.99
C GLU A 244 -23.22 3.46 17.71
N GLY A 245 -23.84 4.63 17.46
CA GLY A 245 -24.64 4.86 16.27
C GLY A 245 -26.03 5.43 16.55
N GLU A 246 -26.52 6.26 15.64
CA GLU A 246 -27.80 6.95 15.80
C GLU A 246 -28.93 5.94 15.81
N SER A 247 -29.95 6.15 16.65
CA SER A 247 -31.07 5.19 16.71
C SER A 247 -32.39 5.85 16.36
N LEU A 248 -32.81 5.66 15.09
CA LEU A 248 -33.93 6.41 14.51
C LEU A 248 -35.26 5.79 14.84
N PRO A 249 -36.27 6.62 15.16
CA PRO A 249 -37.61 6.06 15.34
C PRO A 249 -38.24 5.64 14.02
N LEU A 250 -39.09 4.63 14.10
CA LEU A 250 -39.69 4.07 12.91
C LEU A 250 -40.79 4.97 12.30
N ASP A 251 -41.29 5.92 13.07
CA ASP A 251 -42.19 6.93 12.49
C ASP A 251 -41.43 7.98 11.64
N GLN A 252 -40.09 7.97 11.68
CA GLN A 252 -39.32 8.79 10.73
C GLN A 252 -38.86 8.01 9.45
N PHE A 253 -39.37 6.80 9.27
CA PHE A 253 -39.18 6.02 8.04
C PHE A 253 -40.50 5.95 7.32
N TYR A 254 -40.49 5.99 5.98
CA TYR A 254 -41.67 5.63 5.22
C TYR A 254 -41.63 4.12 5.10
N VAL A 255 -42.61 3.44 5.71
CA VAL A 255 -42.70 1.99 5.63
C VAL A 255 -43.38 1.68 4.30
N VAL A 256 -42.56 1.32 3.34
CA VAL A 256 -42.98 1.05 1.99
C VAL A 256 -43.53 -0.37 1.93
N LYS A 257 -44.63 -0.58 1.19
CA LYS A 257 -45.03 -1.93 0.71
C LYS A 257 -45.72 -1.94 -0.66
N PRO A 258 -46.17 -3.14 -1.12
CA PRO A 258 -46.04 -3.27 -2.58
C PRO A 258 -47.15 -2.62 -3.33
N GLY A 259 -46.90 -2.42 -4.63
CA GLY A 259 -47.89 -2.02 -5.61
C GLY A 259 -47.83 -0.52 -5.69
N ALA A 260 -47.67 0.09 -4.51
CA ALA A 260 -47.23 1.46 -4.32
C ALA A 260 -45.99 2.04 -5.13
N THR A 261 -46.05 3.33 -5.45
CA THR A 261 -45.36 3.89 -6.65
C THR A 261 -43.99 4.53 -6.40
N ALA A 262 -43.22 4.71 -7.48
CA ALA A 262 -41.98 5.51 -7.40
C ALA A 262 -42.30 7.00 -7.15
N GLU A 263 -43.40 7.52 -7.74
CA GLU A 263 -43.79 8.91 -7.48
C GLU A 263 -44.06 9.12 -5.99
N THR A 264 -44.60 8.13 -5.30
CA THR A 264 -44.78 8.24 -3.87
C THR A 264 -43.45 8.09 -3.10
N ILE A 265 -42.60 7.14 -3.51
CA ILE A 265 -41.40 6.86 -2.75
C ILE A 265 -40.57 8.12 -2.72
N ASN A 266 -40.54 8.83 -3.84
CA ASN A 266 -39.70 10.02 -3.97
C ASN A 266 -40.21 11.20 -3.15
N ALA A 267 -41.52 11.32 -3.04
CA ALA A 267 -42.14 12.37 -2.23
C ALA A 267 -41.75 12.14 -0.79
N ALA A 268 -41.86 10.88 -0.35
CA ALA A 268 -41.41 10.51 1.02
C ALA A 268 -40.02 11.04 1.36
N VAL A 269 -39.07 10.89 0.45
CA VAL A 269 -37.67 11.24 0.75
C VAL A 269 -37.51 12.75 0.83
N ASP A 270 -38.05 13.46 -0.15
CA ASP A 270 -38.09 14.93 -0.07
C ASP A 270 -38.60 15.43 1.26
N GLN A 271 -39.51 14.67 1.83
CA GLN A 271 -40.26 15.09 3.01
C GLN A 271 -39.50 14.84 4.32
N GLY A 272 -38.34 14.17 4.23
CA GLY A 272 -37.49 13.95 5.37
C GLY A 272 -37.51 12.54 5.90
N LEU A 273 -38.42 11.73 5.39
CA LEU A 273 -38.55 10.34 5.78
C LEU A 273 -37.43 9.50 5.16
N HIS A 274 -36.96 8.54 5.96
CA HIS A 274 -36.09 7.49 5.48
C HIS A 274 -36.99 6.44 4.79
N LEU A 275 -36.38 5.38 4.26
CA LEU A 275 -37.15 4.37 3.54
C LEU A 275 -36.96 3.00 4.13
N LEU A 276 -38.09 2.33 4.43
CA LEU A 276 -38.01 0.94 4.87
C LEU A 276 -38.82 0.13 3.90
N PHE A 277 -38.12 -0.63 3.04
CA PHE A 277 -38.80 -1.49 2.08
C PHE A 277 -39.14 -2.83 2.71
N THR A 278 -40.41 -3.05 2.94
CA THR A 278 -40.83 -4.33 3.48
C THR A 278 -40.71 -5.38 2.38
N PRO A 279 -40.69 -6.66 2.78
CA PRO A 279 -40.38 -7.68 1.77
C PRO A 279 -41.47 -7.81 0.71
N GLY A 280 -41.03 -7.66 -0.54
CA GLY A 280 -41.91 -7.78 -1.69
C GLY A 280 -41.16 -7.38 -2.95
N VAL A 281 -41.85 -7.41 -4.08
CA VAL A 281 -41.31 -6.94 -5.34
C VAL A 281 -42.00 -5.67 -5.84
N TYR A 282 -41.21 -4.60 -5.98
CA TYR A 282 -41.67 -3.28 -6.38
C TYR A 282 -41.31 -2.97 -7.85
N HIS A 283 -42.31 -2.76 -8.71
CA HIS A 283 -42.10 -2.53 -10.16
C HIS A 283 -42.39 -1.05 -10.45
N VAL A 284 -41.30 -0.29 -10.57
CA VAL A 284 -41.38 1.15 -10.70
C VAL A 284 -41.25 1.69 -12.14
N ASP A 285 -42.24 2.50 -12.52
CA ASP A 285 -42.25 3.04 -13.88
C ASP A 285 -41.28 4.18 -14.07
N GLN A 286 -40.75 4.66 -12.96
CA GLN A 286 -39.87 5.82 -12.89
C GLN A 286 -38.76 5.58 -11.85
N PRO A 287 -37.63 6.32 -11.91
CA PRO A 287 -36.59 5.97 -10.91
C PRO A 287 -36.80 6.47 -9.47
N ILE A 288 -36.29 5.67 -8.52
CA ILE A 288 -36.26 6.03 -7.09
C ILE A 288 -35.06 6.96 -6.84
N GLU A 289 -35.32 8.24 -6.58
CA GLU A 289 -34.25 9.23 -6.37
C GLU A 289 -34.06 9.53 -4.90
N ILE A 290 -32.82 9.39 -4.43
CA ILE A 290 -32.48 9.78 -3.07
C ILE A 290 -31.50 10.94 -3.16
N ASP A 291 -31.98 12.16 -2.93
CA ASP A 291 -31.12 13.34 -3.03
C ASP A 291 -30.96 14.04 -1.67
N ARG A 292 -31.27 13.31 -0.60
CA ARG A 292 -31.12 13.78 0.78
C ARG A 292 -29.98 13.09 1.51
N ALA A 293 -29.07 13.91 2.00
CA ALA A 293 -27.96 13.40 2.78
C ALA A 293 -28.51 12.62 3.99
N ASN A 294 -27.81 11.55 4.35
CA ASN A 294 -28.08 10.81 5.58
C ASN A 294 -29.32 9.89 5.52
N THR A 295 -29.91 9.80 4.33
CA THR A 295 -31.09 8.97 4.09
C THR A 295 -30.74 7.49 4.11
N VAL A 296 -31.40 6.78 5.03
CA VAL A 296 -31.35 5.35 5.14
C VAL A 296 -32.41 4.72 4.24
N ALA A 297 -32.00 3.81 3.36
CA ALA A 297 -32.95 3.04 2.53
C ALA A 297 -32.63 1.60 2.77
N LEU A 298 -33.42 1.00 3.66
CA LEU A 298 -33.16 -0.32 4.21
C LEU A 298 -34.25 -1.25 3.69
N GLY A 299 -33.81 -2.41 3.21
CA GLY A 299 -34.71 -3.44 2.71
C GLY A 299 -34.75 -4.60 3.66
N LEU A 300 -35.93 -5.23 3.71
CA LEU A 300 -36.23 -6.40 4.51
C LEU A 300 -36.59 -7.54 3.58
N GLY A 301 -36.16 -8.76 3.93
CA GLY A 301 -36.59 -9.97 3.24
C GLY A 301 -36.32 -9.99 1.75
N LEU A 302 -35.17 -9.47 1.35
CA LEU A 302 -34.77 -9.42 -0.06
C LEU A 302 -35.77 -8.61 -0.92
N ALA A 303 -36.32 -7.56 -0.32
CA ALA A 303 -37.10 -6.58 -1.05
C ALA A 303 -36.39 -6.24 -2.36
N THR A 304 -37.20 -6.23 -3.42
CA THR A 304 -36.72 -6.20 -4.78
C THR A 304 -37.33 -5.03 -5.53
N ILE A 305 -36.49 -4.35 -6.31
CA ILE A 305 -36.95 -3.26 -7.17
C ILE A 305 -36.72 -3.66 -8.63
N ILE A 306 -37.76 -3.55 -9.45
CA ILE A 306 -37.67 -3.84 -10.87
C ILE A 306 -38.01 -2.58 -11.66
N PRO A 307 -37.07 -2.07 -12.47
CA PRO A 307 -37.44 -0.91 -13.26
C PRO A 307 -38.21 -1.31 -14.51
N ASP A 308 -39.36 -0.63 -14.74
CA ASP A 308 -40.08 -0.74 -16.01
C ASP A 308 -39.54 0.27 -17.01
N ASN A 309 -39.91 0.14 -18.27
CA ASN A 309 -39.75 1.26 -19.22
C ASN A 309 -38.32 1.69 -19.47
N GLY A 310 -37.36 0.83 -19.12
CA GLY A 310 -35.95 1.10 -19.38
C GLY A 310 -35.32 2.10 -18.45
N VAL A 311 -36.05 2.50 -17.40
CA VAL A 311 -35.53 3.47 -16.46
C VAL A 311 -34.43 2.89 -15.54
N THR A 312 -33.65 3.79 -14.98
CA THR A 312 -32.75 3.46 -13.89
C THR A 312 -33.58 3.16 -12.62
N ALA A 313 -33.16 2.15 -11.86
CA ALA A 313 -33.92 1.74 -10.67
C ALA A 313 -33.71 2.67 -9.46
N LEU A 314 -32.46 3.05 -9.21
CA LEU A 314 -32.11 3.70 -7.96
C LEU A 314 -31.03 4.70 -8.25
N LYS A 315 -31.33 5.96 -7.97
CA LYS A 315 -30.36 7.05 -8.19
C LYS A 315 -30.14 7.87 -6.94
N VAL A 316 -28.91 7.80 -6.46
CA VAL A 316 -28.52 8.57 -5.29
C VAL A 316 -27.75 9.80 -5.73
N GLY A 317 -28.02 10.92 -5.07
CA GLY A 317 -27.34 12.17 -5.38
C GLY A 317 -25.92 12.20 -4.81
N ASP A 318 -25.18 13.25 -5.16
CA ASP A 318 -23.86 13.54 -4.59
C ASP A 318 -23.98 14.17 -3.22
N VAL A 319 -24.55 13.39 -2.33
CA VAL A 319 -24.80 13.84 -0.97
C VAL A 319 -24.07 12.92 -0.02
N ASP A 320 -23.74 13.44 1.15
CA ASP A 320 -23.11 12.66 2.23
C ASP A 320 -24.09 11.62 2.78
N GLY A 321 -23.53 10.50 3.27
CA GLY A 321 -24.17 9.70 4.31
C GLY A 321 -25.36 8.86 3.96
N VAL A 322 -25.67 8.69 2.68
CA VAL A 322 -26.78 7.81 2.31
C VAL A 322 -26.37 6.36 2.54
N LYS A 323 -27.29 5.57 3.09
CA LYS A 323 -27.00 4.18 3.45
C LYS A 323 -28.07 3.32 2.80
N VAL A 324 -27.73 2.71 1.68
CA VAL A 324 -28.66 1.83 0.96
C VAL A 324 -28.28 0.41 1.34
N ALA A 325 -29.25 -0.41 1.75
CA ALA A 325 -28.89 -1.74 2.21
C ALA A 325 -29.99 -2.78 2.09
N GLY A 326 -29.61 -4.00 1.71
CA GLY A 326 -30.53 -5.12 1.67
C GLY A 326 -31.58 -5.08 0.59
N LEU A 327 -31.14 -4.69 -0.61
CA LEU A 327 -32.02 -4.61 -1.78
C LEU A 327 -31.49 -5.43 -2.94
N LEU A 328 -32.42 -6.11 -3.61
CA LEU A 328 -32.14 -6.78 -4.87
C LEU A 328 -32.75 -5.95 -5.99
N VAL A 329 -31.93 -5.50 -6.94
CA VAL A 329 -32.42 -4.80 -8.12
C VAL A 329 -32.39 -5.77 -9.29
N ASP A 330 -33.55 -6.01 -9.87
CA ASP A 330 -33.78 -7.02 -10.91
C ASP A 330 -34.12 -6.31 -12.22
N ALA A 331 -33.27 -6.45 -13.23
CA ALA A 331 -33.50 -5.79 -14.49
C ALA A 331 -34.82 -6.18 -15.11
N GLY A 332 -35.42 -5.22 -15.79
CA GLY A 332 -36.60 -5.49 -16.58
C GLY A 332 -36.21 -5.85 -17.99
N PRO A 333 -37.16 -6.37 -18.76
CA PRO A 333 -36.82 -6.75 -20.13
C PRO A 333 -36.68 -5.59 -21.11
N VAL A 334 -36.92 -4.33 -20.71
CA VAL A 334 -36.51 -3.21 -21.52
C VAL A 334 -35.14 -2.79 -20.99
N ASN A 335 -34.15 -2.81 -21.86
CA ASN A 335 -32.81 -2.46 -21.44
C ASN A 335 -32.77 -1.12 -20.72
N SER A 336 -32.23 -1.16 -19.51
CA SER A 336 -31.91 0.06 -18.78
C SER A 336 -30.46 0.46 -19.07
N GLU A 337 -30.26 1.74 -19.33
CA GLU A 337 -28.92 2.29 -19.55
C GLU A 337 -28.05 2.07 -18.30
N THR A 338 -28.65 2.31 -17.13
CA THR A 338 -28.02 1.96 -15.86
C THR A 338 -29.08 1.40 -14.91
N LEU A 339 -28.68 0.57 -13.95
CA LEU A 339 -29.61 0.12 -12.92
C LEU A 339 -29.52 0.90 -11.59
N VAL A 340 -28.29 1.23 -11.18
CA VAL A 340 -28.04 1.95 -9.95
C VAL A 340 -26.97 2.95 -10.23
N GLU A 341 -27.23 4.22 -9.91
CA GLU A 341 -26.22 5.29 -10.02
C GLU A 341 -25.98 5.93 -8.66
N VAL A 342 -24.73 5.90 -8.21
CA VAL A 342 -24.37 6.47 -6.94
C VAL A 342 -23.69 7.79 -7.30
N GLY A 343 -24.45 8.86 -7.20
CA GLY A 343 -24.01 10.16 -7.64
C GLY A 343 -24.15 10.39 -9.14
N SER A 344 -24.29 11.66 -9.50
CA SER A 344 -24.43 12.05 -10.92
C SER A 344 -23.07 12.08 -11.64
N ASP A 345 -23.05 12.12 -12.97
CA ASP A 345 -21.77 12.21 -13.67
C ASP A 345 -21.10 13.56 -13.50
N GLY A 346 -19.78 13.59 -13.27
CA GLY A 346 -19.05 14.87 -13.23
C GLY A 346 -18.62 15.48 -11.88
N ALA A 347 -19.59 15.92 -11.06
CA ALA A 347 -19.31 16.32 -9.67
C ALA A 347 -18.12 15.59 -9.00
N SER A 348 -17.24 16.39 -8.39
CA SER A 348 -15.98 15.96 -7.82
C SER A 348 -15.87 16.36 -6.35
N GLY A 349 -16.99 16.59 -5.72
CA GLY A 349 -16.98 16.84 -4.30
C GLY A 349 -16.76 15.58 -3.49
N ASP A 350 -16.30 15.78 -2.25
CA ASP A 350 -15.92 14.65 -1.42
C ASP A 350 -17.00 14.29 -0.42
N HIS A 351 -16.84 13.11 0.17
CA HIS A 351 -17.73 12.68 1.21
C HIS A 351 -16.95 11.89 2.26
N ALA A 352 -15.75 12.35 2.60
CA ALA A 352 -14.80 11.54 3.38
C ALA A 352 -15.22 11.18 4.81
N ALA A 353 -15.54 12.18 5.63
CA ALA A 353 -15.99 11.91 6.99
C ALA A 353 -17.24 11.02 6.97
N ASN A 354 -18.21 11.42 6.14
CA ASN A 354 -19.53 10.81 6.14
C ASN A 354 -19.90 10.28 4.73
N PRO A 355 -19.34 9.13 4.35
CA PRO A 355 -19.54 8.56 3.03
C PRO A 355 -20.93 8.00 2.78
N THR A 356 -21.32 7.89 1.52
CA THR A 356 -22.47 7.05 1.12
C THR A 356 -22.00 5.60 0.95
N SER A 357 -22.88 4.65 1.27
CA SER A 357 -22.54 3.24 1.12
C SER A 357 -23.66 2.42 0.48
N LEU A 358 -23.25 1.36 -0.21
CA LEU A 358 -24.17 0.32 -0.66
C LEU A 358 -23.78 -0.93 0.09
N GLN A 359 -24.74 -1.53 0.79
CA GLN A 359 -24.44 -2.79 1.51
C GLN A 359 -25.48 -3.84 1.22
N ASP A 360 -25.04 -5.05 0.90
CA ASP A 360 -26.01 -6.09 0.54
C ASP A 360 -26.98 -5.58 -0.51
N VAL A 361 -26.39 -4.97 -1.53
CA VAL A 361 -27.09 -4.58 -2.74
C VAL A 361 -26.72 -5.62 -3.80
N PHE A 362 -27.74 -6.28 -4.31
CA PHE A 362 -27.56 -7.37 -5.28
C PHE A 362 -28.26 -6.93 -6.56
N VAL A 363 -27.65 -7.22 -7.69
CA VAL A 363 -28.25 -6.93 -8.98
C VAL A 363 -28.36 -8.24 -9.76
N ARG A 364 -29.49 -8.42 -10.46
CA ARG A 364 -29.72 -9.58 -11.31
C ARG A 364 -30.18 -9.13 -12.69
N ILE A 365 -29.60 -9.72 -13.74
CA ILE A 365 -30.04 -9.46 -15.12
C ILE A 365 -30.40 -10.79 -15.76
N GLY A 366 -31.71 -11.01 -15.91
CA GLY A 366 -32.23 -12.27 -16.42
C GLY A 366 -32.40 -13.33 -15.34
N GLY A 367 -32.91 -14.51 -15.70
CA GLY A 367 -32.99 -15.61 -14.76
C GLY A 367 -34.43 -15.84 -14.27
N ALA A 368 -35.03 -14.75 -13.83
CA ALA A 368 -36.44 -14.69 -13.50
C ALA A 368 -37.15 -13.92 -14.64
N GLY A 369 -36.90 -14.36 -15.87
CA GLY A 369 -37.43 -13.66 -17.04
C GLY A 369 -36.36 -12.87 -17.76
N PRO A 370 -36.62 -12.53 -19.03
CA PRO A 370 -35.66 -11.68 -19.72
C PRO A 370 -35.48 -10.34 -19.01
N GLY A 371 -34.22 -9.93 -18.95
CA GLY A 371 -33.82 -8.67 -18.37
C GLY A 371 -32.59 -8.22 -19.12
N LYS A 372 -32.40 -6.90 -19.24
CA LYS A 372 -31.26 -6.33 -19.93
C LYS A 372 -30.84 -5.01 -19.27
N ALA A 373 -29.54 -4.78 -19.17
CA ALA A 373 -29.05 -3.47 -18.75
C ALA A 373 -27.67 -3.25 -19.31
N THR A 374 -27.35 -2.01 -19.70
CA THR A 374 -26.02 -1.77 -20.29
C THR A 374 -24.92 -1.72 -19.21
N THR A 375 -25.14 -0.91 -18.16
CA THR A 375 -24.26 -0.89 -16.99
C THR A 375 -25.07 -1.05 -15.70
N SER A 376 -24.72 -2.01 -14.85
CA SER A 376 -25.52 -2.27 -13.67
C SER A 376 -25.37 -1.25 -12.53
N ILE A 377 -24.13 -1.01 -12.09
CA ILE A 377 -23.85 -0.03 -11.06
C ILE A 377 -22.75 0.90 -11.50
N VAL A 378 -23.08 2.19 -11.45
CA VAL A 378 -22.11 3.24 -11.70
C VAL A 378 -21.91 4.03 -10.42
N VAL A 379 -20.66 4.10 -10.00
CA VAL A 379 -20.28 4.80 -8.77
C VAL A 379 -19.50 6.06 -9.14
N ASN A 380 -20.19 7.20 -9.12
CA ASN A 380 -19.58 8.49 -9.38
C ASN A 380 -19.10 9.18 -8.11
N SER A 381 -19.82 9.01 -7.01
CA SER A 381 -19.48 9.70 -5.75
C SER A 381 -18.15 9.33 -5.12
N ASN A 382 -17.32 10.33 -4.85
CA ASN A 382 -16.07 10.08 -4.19
C ASN A 382 -16.36 9.50 -2.79
N ASP A 383 -15.44 8.69 -2.34
CA ASP A 383 -15.41 8.14 -0.96
C ASP A 383 -16.52 7.13 -0.65
N THR A 384 -17.16 6.63 -1.69
CA THR A 384 -18.24 5.65 -1.55
C THR A 384 -17.68 4.31 -1.06
N ILE A 385 -18.44 3.65 -0.17
CA ILE A 385 -18.10 2.32 0.31
C ILE A 385 -19.11 1.34 -0.32
N ILE A 386 -18.60 0.30 -0.98
CA ILE A 386 -19.45 -0.77 -1.51
C ILE A 386 -19.06 -1.98 -0.66
N ASP A 387 -19.91 -2.30 0.32
CA ASP A 387 -19.60 -3.34 1.31
C ASP A 387 -20.58 -4.52 1.14
N HIS A 388 -20.14 -5.50 0.36
CA HIS A 388 -20.90 -6.66 -0.09
C HIS A 388 -21.89 -6.30 -1.19
N THR A 389 -21.49 -6.64 -2.40
CA THR A 389 -22.42 -6.62 -3.53
C THR A 389 -22.24 -7.90 -4.39
N TRP A 390 -23.33 -8.36 -5.02
CA TRP A 390 -23.29 -9.39 -6.05
C TRP A 390 -24.01 -8.81 -7.26
N VAL A 391 -23.29 -8.60 -8.32
CA VAL A 391 -23.81 -8.03 -9.56
C VAL A 391 -23.71 -9.18 -10.59
N TRP A 392 -24.86 -9.71 -10.99
CA TRP A 392 -24.93 -11.03 -11.63
C TRP A 392 -25.77 -11.04 -12.88
N ARG A 393 -25.14 -11.24 -14.03
CA ARG A 393 -25.88 -11.54 -15.23
C ARG A 393 -26.22 -13.05 -15.15
N ALA A 394 -27.50 -13.42 -15.27
CA ALA A 394 -27.91 -14.81 -15.05
C ALA A 394 -27.31 -15.81 -16.06
N ASP A 395 -26.91 -16.99 -15.54
CA ASP A 395 -26.41 -18.08 -16.38
C ASP A 395 -27.38 -19.28 -16.44
N HIS A 396 -28.53 -19.11 -15.80
CA HIS A 396 -29.54 -20.14 -15.74
C HIS A 396 -30.86 -19.51 -15.35
N GLY A 397 -31.92 -20.24 -15.67
CA GLY A 397 -33.28 -19.82 -15.47
C GLY A 397 -33.95 -19.56 -16.79
N GLU A 398 -35.05 -18.82 -16.70
CA GLU A 398 -35.92 -18.51 -17.80
C GLU A 398 -35.39 -17.12 -18.24
N GLY A 399 -35.09 -16.97 -19.53
CA GLY A 399 -34.78 -15.66 -20.08
C GLY A 399 -33.29 -15.38 -20.20
N VAL A 400 -32.51 -16.44 -20.43
CA VAL A 400 -31.05 -16.38 -20.48
C VAL A 400 -30.56 -16.61 -21.93
N GLY A 401 -29.61 -15.78 -22.37
CA GLY A 401 -29.07 -15.86 -23.70
C GLY A 401 -28.05 -14.78 -23.93
N TRP A 402 -27.02 -15.10 -24.73
CA TRP A 402 -25.97 -14.12 -25.07
C TRP A 402 -26.65 -12.84 -25.60
N GLU A 403 -27.79 -13.02 -26.26
CA GLU A 403 -28.65 -11.89 -26.65
C GLU A 403 -29.74 -11.58 -25.68
N THR A 404 -30.38 -12.63 -25.23
CA THR A 404 -31.61 -12.49 -24.50
C THR A 404 -31.47 -11.73 -23.17
N ASN A 405 -30.37 -11.96 -22.44
CA ASN A 405 -30.10 -11.16 -21.24
C ASN A 405 -28.70 -10.51 -21.31
N ARG A 406 -28.37 -9.99 -22.48
CA ARG A 406 -27.14 -9.24 -22.65
C ARG A 406 -27.01 -8.13 -21.60
N ALA A 407 -25.84 -8.06 -21.00
CA ALA A 407 -25.53 -6.99 -20.05
C ALA A 407 -24.04 -6.74 -20.20
N ASP A 408 -23.68 -5.60 -20.76
CA ASP A 408 -22.26 -5.40 -21.16
C ASP A 408 -21.32 -5.15 -19.98
N TYR A 409 -21.73 -4.30 -19.05
CA TYR A 409 -20.85 -3.82 -17.97
C TYR A 409 -21.47 -4.05 -16.60
N GLY A 410 -20.66 -4.57 -15.68
CA GLY A 410 -21.14 -4.85 -14.33
C GLY A 410 -21.13 -3.62 -13.43
N VAL A 411 -19.95 -3.27 -12.98
CA VAL A 411 -19.74 -2.13 -12.09
C VAL A 411 -18.71 -1.25 -12.75
N HIS A 412 -19.00 0.06 -12.78
CA HIS A 412 -18.03 1.03 -13.25
C HIS A 412 -17.80 2.05 -12.12
N VAL A 413 -16.58 2.10 -11.62
CA VAL A 413 -16.26 3.03 -10.53
C VAL A 413 -15.52 4.20 -11.13
N LYS A 414 -16.18 5.35 -11.18
CA LYS A 414 -15.49 6.57 -11.65
C LYS A 414 -15.17 7.61 -10.59
N GLY A 415 -15.68 7.46 -9.36
CA GLY A 415 -15.28 8.33 -8.25
C GLY A 415 -13.92 7.98 -7.66
N ASP A 416 -13.34 8.92 -6.92
CA ASP A 416 -12.01 8.77 -6.34
C ASP A 416 -12.16 8.22 -4.91
N ASN A 417 -11.17 7.49 -4.47
CA ASN A 417 -11.08 7.11 -3.08
C ASN A 417 -12.31 6.22 -2.65
N VAL A 418 -12.78 5.42 -3.62
CA VAL A 418 -13.87 4.43 -3.42
C VAL A 418 -13.28 3.09 -2.89
N LEU A 419 -13.96 2.49 -1.92
CA LEU A 419 -13.53 1.23 -1.30
C LEU A 419 -14.58 0.17 -1.59
N ALA A 420 -14.16 -0.97 -2.10
CA ALA A 420 -15.03 -2.15 -2.22
C ALA A 420 -14.50 -3.25 -1.31
N THR A 421 -15.37 -3.75 -0.46
CA THR A 421 -15.08 -4.87 0.44
C THR A 421 -16.14 -5.95 0.21
N GLY A 422 -15.72 -7.05 -0.39
CA GLY A 422 -16.65 -8.13 -0.70
C GLY A 422 -17.36 -7.91 -2.03
N LEU A 423 -16.58 -7.87 -3.10
CA LEU A 423 -17.09 -7.54 -4.43
C LEU A 423 -17.22 -8.80 -5.31
N PHE A 424 -18.45 -9.14 -5.68
CA PHE A 424 -18.75 -10.35 -6.44
C PHE A 424 -19.48 -9.89 -7.74
N VAL A 425 -18.87 -10.07 -8.91
CA VAL A 425 -19.46 -9.60 -10.16
C VAL A 425 -19.22 -10.68 -11.25
N GLU A 426 -20.29 -11.14 -11.90
CA GLU A 426 -20.19 -12.29 -12.79
C GLU A 426 -21.00 -12.19 -14.07
N HIS A 427 -20.36 -12.65 -15.15
CA HIS A 427 -21.00 -13.08 -16.42
C HIS A 427 -21.31 -12.01 -17.47
N PHE A 428 -20.77 -10.80 -17.30
CA PHE A 428 -21.02 -9.71 -18.24
C PHE A 428 -20.41 -9.91 -19.64
N ASN A 429 -21.08 -9.38 -20.66
CA ASN A 429 -20.65 -9.58 -22.06
C ASN A 429 -19.31 -8.88 -22.34
N LYS A 430 -19.07 -7.80 -21.62
CA LYS A 430 -17.82 -7.05 -21.71
C LYS A 430 -17.17 -6.96 -20.33
N TYR A 431 -16.64 -5.81 -19.92
CA TYR A 431 -15.93 -5.76 -18.63
C TYR A 431 -16.85 -5.92 -17.43
N ASP A 432 -16.61 -6.91 -16.57
CA ASP A 432 -17.43 -7.08 -15.40
C ASP A 432 -17.24 -5.86 -14.49
N VAL A 433 -15.98 -5.50 -14.24
CA VAL A 433 -15.66 -4.33 -13.44
C VAL A 433 -14.64 -3.47 -14.14
N GLN A 434 -14.91 -2.16 -14.18
CA GLN A 434 -13.93 -1.16 -14.64
C GLN A 434 -13.76 -0.10 -13.56
N TRP A 435 -12.53 0.38 -13.41
CA TRP A 435 -12.22 1.36 -12.39
C TRP A 435 -11.45 2.46 -13.10
N SER A 436 -12.04 3.66 -13.09
CA SER A 436 -11.45 4.83 -13.71
C SER A 436 -11.10 5.94 -12.69
N GLY A 437 -11.71 5.89 -11.50
CA GLY A 437 -11.33 6.82 -10.45
C GLY A 437 -9.97 6.56 -9.82
N GLU A 438 -9.46 7.54 -9.09
CA GLU A 438 -8.16 7.41 -8.44
C GLU A 438 -8.29 6.82 -7.01
N ASN A 439 -7.19 6.29 -6.53
CA ASN A 439 -7.06 5.70 -5.18
C ASN A 439 -8.24 4.82 -4.77
N GLY A 440 -8.58 3.92 -5.70
CA GLY A 440 -9.57 2.90 -5.43
C GLY A 440 -8.90 1.75 -4.72
N LYS A 441 -9.70 1.09 -3.89
CA LYS A 441 -9.27 -0.09 -3.18
C LYS A 441 -10.33 -1.15 -3.26
N THR A 442 -9.91 -2.39 -3.54
CA THR A 442 -10.79 -3.57 -3.50
C THR A 442 -10.17 -4.62 -2.60
N ILE A 443 -10.94 -5.04 -1.61
CA ILE A 443 -10.55 -6.15 -0.71
C ILE A 443 -11.58 -7.28 -0.96
N PHE A 444 -11.08 -8.33 -1.61
CA PHE A 444 -11.82 -9.50 -2.07
C PHE A 444 -12.64 -9.23 -3.31
N TYR A 445 -12.29 -9.97 -4.36
CA TYR A 445 -13.06 -10.01 -5.61
C TYR A 445 -13.30 -11.44 -6.07
N GLN A 446 -14.55 -11.71 -6.45
CA GLN A 446 -14.89 -12.96 -7.14
C GLN A 446 -15.63 -12.67 -8.42
N ASN A 447 -15.12 -13.24 -9.51
CA ASN A 447 -15.72 -13.13 -10.82
C ASN A 447 -15.79 -14.49 -11.49
N ALA A 448 -16.81 -14.64 -12.34
CA ALA A 448 -16.85 -15.73 -13.34
C ALA A 448 -17.15 -15.05 -14.68
N LYS A 449 -16.48 -15.48 -15.72
CA LYS A 449 -16.69 -14.93 -17.06
C LYS A 449 -17.93 -15.58 -17.68
N ALA A 450 -18.58 -14.85 -18.57
CA ALA A 450 -19.76 -15.33 -19.29
C ALA A 450 -19.52 -16.71 -19.90
N TYR A 451 -20.43 -17.64 -19.63
CA TYR A 451 -20.30 -19.06 -20.05
C TYR A 451 -20.67 -19.23 -21.49
N ASP A 452 -21.43 -18.26 -21.99
CA ASP A 452 -22.16 -18.37 -23.23
C ASP A 452 -21.64 -17.49 -24.37
N ALA A 453 -20.41 -17.00 -24.25
CA ALA A 453 -19.69 -16.42 -25.37
C ALA A 453 -19.64 -17.50 -26.46
N PRO A 454 -20.17 -17.21 -27.65
CA PRO A 454 -20.38 -18.33 -28.58
C PRO A 454 -19.14 -18.65 -29.38
N ASP A 455 -18.34 -17.62 -29.58
CA ASP A 455 -17.03 -17.74 -30.23
C ASP A 455 -16.09 -16.64 -29.76
N GLN A 456 -14.88 -16.65 -30.33
CA GLN A 456 -13.82 -15.71 -29.98
C GLN A 456 -14.09 -14.26 -30.45
N ALA A 457 -14.47 -14.11 -31.73
CA ALA A 457 -14.71 -12.77 -32.28
C ALA A 457 -15.81 -12.05 -31.52
N ALA A 458 -16.70 -12.79 -30.85
CA ALA A 458 -17.79 -12.19 -30.09
C ALA A 458 -17.33 -11.39 -28.88
N ILE A 459 -16.13 -11.70 -28.40
CA ILE A 459 -15.52 -11.05 -27.23
C ILE A 459 -14.13 -10.44 -27.51
N GLN A 460 -13.80 -10.29 -28.79
CA GLN A 460 -12.56 -9.58 -29.18
C GLN A 460 -12.69 -8.14 -28.75
N ASN A 461 -11.62 -7.56 -28.22
CA ASN A 461 -11.67 -6.26 -27.57
C ASN A 461 -10.38 -5.45 -27.89
N GLY A 462 -10.42 -4.68 -28.96
CA GLY A 462 -9.18 -4.27 -29.62
C GLY A 462 -8.37 -5.52 -30.01
N ASP A 463 -7.05 -5.51 -29.86
CA ASP A 463 -6.27 -6.70 -30.17
C ASP A 463 -6.33 -7.76 -29.04
N ILE A 464 -7.18 -7.50 -28.03
CA ILE A 464 -7.30 -8.35 -26.83
C ILE A 464 -8.41 -9.37 -26.96
N LYS A 465 -8.08 -10.62 -26.66
CA LYS A 465 -9.08 -11.66 -26.56
C LYS A 465 -9.85 -11.53 -25.28
N GLY A 466 -11.13 -11.23 -25.40
CA GLY A 466 -11.97 -11.09 -24.23
C GLY A 466 -11.76 -9.80 -23.50
N TYR A 467 -12.71 -9.51 -22.60
CA TYR A 467 -12.67 -8.35 -21.73
C TYR A 467 -12.25 -8.77 -20.34
N ALA A 468 -11.34 -8.02 -19.71
CA ALA A 468 -10.92 -8.34 -18.35
C ALA A 468 -12.12 -8.38 -17.42
N ALA A 469 -12.02 -9.23 -16.42
CA ALA A 469 -13.01 -9.25 -15.34
C ALA A 469 -12.87 -8.03 -14.45
N TYR A 470 -11.67 -7.43 -14.44
CA TYR A 470 -11.42 -6.27 -13.58
C TYR A 470 -10.36 -5.43 -14.29
N LYS A 471 -10.81 -4.27 -14.78
CA LYS A 471 -9.98 -3.38 -15.58
C LYS A 471 -9.79 -2.08 -14.91
N VAL A 472 -8.53 -1.70 -14.75
CA VAL A 472 -8.15 -0.35 -14.32
C VAL A 472 -7.65 0.48 -15.52
N ASP A 473 -8.24 1.66 -15.77
CA ASP A 473 -7.81 2.49 -16.94
C ASP A 473 -6.34 2.86 -16.86
N ASP A 474 -5.65 2.69 -18.00
CA ASP A 474 -4.27 3.20 -18.23
C ASP A 474 -3.96 4.58 -17.58
N SER A 475 -4.97 5.43 -17.45
CA SER A 475 -4.81 6.82 -16.92
C SER A 475 -4.94 6.91 -15.40
N VAL A 476 -5.13 5.78 -14.74
CA VAL A 476 -5.23 5.76 -13.29
C VAL A 476 -3.83 5.77 -12.69
N THR A 477 -3.66 6.57 -11.64
CA THR A 477 -2.38 6.70 -10.96
C THR A 477 -2.17 5.81 -9.72
N THR A 478 -3.22 5.63 -8.93
CA THR A 478 -3.12 4.85 -7.70
C THR A 478 -4.33 3.92 -7.60
N HIS A 479 -4.05 2.68 -7.22
CA HIS A 479 -5.07 1.64 -7.06
C HIS A 479 -4.43 0.49 -6.30
N GLU A 480 -5.21 -0.19 -5.44
CA GLU A 480 -4.72 -1.37 -4.76
C GLU A 480 -5.86 -2.40 -4.60
N GLY A 481 -5.56 -3.63 -4.96
CA GLY A 481 -6.50 -4.73 -4.84
C GLY A 481 -5.88 -5.95 -4.14
N TRP A 482 -6.66 -6.63 -3.32
CA TRP A 482 -6.18 -7.78 -2.58
C TRP A 482 -7.16 -8.97 -2.68
N GLY A 483 -6.63 -10.15 -3.01
CA GLY A 483 -7.42 -11.38 -2.90
C GLY A 483 -8.52 -11.49 -3.94
N MET A 484 -8.09 -11.64 -5.19
CA MET A 484 -8.97 -11.44 -6.33
C MET A 484 -8.89 -12.58 -7.30
N GLY A 485 -10.05 -13.14 -7.63
CA GLY A 485 -10.10 -14.26 -8.57
C GLY A 485 -11.11 -14.12 -9.69
N SER A 486 -10.76 -14.64 -10.85
CA SER A 486 -11.63 -14.71 -12.02
C SER A 486 -11.62 -16.15 -12.52
N TYR A 487 -12.80 -16.73 -12.70
CA TYR A 487 -12.92 -18.09 -13.22
C TYR A 487 -13.65 -18.13 -14.54
N CYS A 488 -13.29 -19.10 -15.37
CA CYS A 488 -13.99 -19.28 -16.65
C CYS A 488 -14.57 -20.68 -16.81
N TYR A 489 -15.60 -20.75 -17.64
CA TYR A 489 -16.23 -22.02 -18.05
C TYR A 489 -17.04 -21.74 -19.28
N PHE A 490 -16.30 -21.60 -20.37
CA PHE A 490 -16.88 -21.36 -21.67
C PHE A 490 -17.50 -22.65 -22.23
N ASN A 491 -18.74 -22.92 -21.79
CA ASN A 491 -19.44 -24.15 -22.14
C ASN A 491 -19.95 -24.24 -23.54
N VAL A 492 -20.38 -23.10 -24.07
CA VAL A 492 -20.88 -22.99 -25.42
C VAL A 492 -19.72 -23.22 -26.36
N ASN A 493 -18.62 -22.51 -26.15
CA ASN A 493 -17.43 -22.77 -26.93
C ASN A 493 -16.11 -22.95 -26.15
N PRO A 494 -15.79 -24.22 -25.80
CA PRO A 494 -14.61 -24.65 -25.05
C PRO A 494 -13.27 -24.26 -25.69
N ASP A 495 -13.30 -23.83 -26.95
CA ASP A 495 -12.12 -23.44 -27.70
C ASP A 495 -11.64 -22.01 -27.38
N ILE A 496 -12.51 -21.23 -26.75
CA ILE A 496 -12.21 -19.82 -26.47
C ILE A 496 -11.01 -19.62 -25.56
N ARG A 497 -10.31 -18.50 -25.77
CA ARG A 497 -9.25 -18.05 -24.89
C ARG A 497 -9.61 -16.66 -24.32
N GLN A 498 -9.32 -16.49 -23.05
CA GLN A 498 -9.52 -15.23 -22.33
C GLN A 498 -8.11 -14.72 -22.02
N GLN A 499 -7.72 -13.55 -22.52
CA GLN A 499 -6.31 -13.14 -22.34
C GLN A 499 -5.92 -13.08 -20.87
N HIS A 500 -6.75 -12.45 -20.05
CA HIS A 500 -6.42 -12.24 -18.64
C HIS A 500 -7.69 -12.04 -17.80
N GLY A 501 -7.59 -12.26 -16.48
CA GLY A 501 -8.63 -11.86 -15.55
C GLY A 501 -8.59 -10.36 -15.26
N PHE A 502 -7.36 -9.81 -15.25
CA PHE A 502 -7.09 -8.48 -14.76
C PHE A 502 -6.29 -7.67 -15.77
N GLN A 503 -6.63 -6.40 -15.91
CA GLN A 503 -5.86 -5.49 -16.76
C GLN A 503 -5.63 -4.17 -16.03
N ALA A 504 -4.37 -3.69 -16.08
CA ALA A 504 -4.04 -2.41 -15.48
C ALA A 504 -2.63 -1.99 -15.91
N PRO A 505 -2.42 -0.68 -16.04
CA PRO A 505 -1.06 -0.20 -16.33
C PRO A 505 -0.04 -0.58 -15.27
N VAL A 506 1.20 -0.73 -15.73
CA VAL A 506 2.31 -0.93 -14.83
C VAL A 506 2.73 0.45 -14.39
N LYS A 507 2.53 0.69 -13.10
CA LYS A 507 2.81 1.98 -12.47
C LYS A 507 3.15 1.62 -11.05
N PRO A 508 4.02 2.41 -10.43
CA PRO A 508 4.30 2.01 -9.05
C PRO A 508 3.13 2.18 -8.07
N GLY A 509 2.17 3.03 -8.38
CA GLY A 509 1.05 3.28 -7.49
C GLY A 509 -0.18 2.43 -7.74
N VAL A 510 -0.15 1.61 -8.79
CA VAL A 510 -1.30 0.76 -9.20
C VAL A 510 -0.94 -0.70 -8.96
N LYS A 511 -1.32 -1.27 -7.83
CA LYS A 511 -0.86 -2.64 -7.54
C LYS A 511 -1.74 -3.68 -6.85
N PHE A 512 -1.42 -4.93 -7.14
CA PHE A 512 -2.29 -6.05 -6.81
C PHE A 512 -1.56 -7.07 -5.95
N HIS A 513 -2.36 -7.69 -5.09
CA HIS A 513 -1.90 -8.70 -4.17
C HIS A 513 -2.81 -9.90 -4.25
N ASP A 514 -2.21 -11.07 -4.46
CA ASP A 514 -2.94 -12.35 -4.39
C ASP A 514 -4.06 -12.43 -5.43
N LEU A 515 -3.62 -12.61 -6.69
CA LEU A 515 -4.49 -12.75 -7.85
C LEU A 515 -4.52 -14.18 -8.34
N LEU A 516 -5.68 -14.60 -8.85
CA LEU A 516 -5.75 -15.90 -9.50
C LEU A 516 -6.79 -15.94 -10.61
N VAL A 517 -6.52 -16.81 -11.59
CA VAL A 517 -7.53 -17.20 -12.58
C VAL A 517 -7.64 -18.73 -12.61
N VAL A 518 -8.83 -19.25 -12.96
CA VAL A 518 -9.04 -20.69 -13.00
C VAL A 518 -10.06 -21.05 -14.06
N SER A 519 -9.76 -22.09 -14.84
CA SER A 519 -10.72 -22.68 -15.75
C SER A 519 -11.36 -23.89 -15.09
N LEU A 520 -12.68 -23.95 -14.98
CA LEU A 520 -13.33 -25.18 -14.55
C LEU A 520 -13.32 -26.23 -15.67
N GLY A 521 -12.52 -27.27 -15.46
CA GLY A 521 -12.45 -28.44 -16.32
C GLY A 521 -12.08 -28.21 -17.78
N GLY A 522 -11.17 -27.28 -18.00
CA GLY A 522 -10.65 -26.99 -19.34
C GLY A 522 -11.68 -26.41 -20.28
N LYS A 523 -12.74 -25.83 -19.73
CA LYS A 523 -13.76 -25.25 -20.59
C LYS A 523 -13.35 -23.79 -20.86
N GLY A 524 -12.56 -23.64 -21.92
CA GLY A 524 -11.85 -22.41 -22.22
C GLY A 524 -10.58 -22.35 -21.35
N GLN A 525 -9.72 -21.42 -21.69
CA GLN A 525 -8.50 -21.22 -20.88
C GLN A 525 -8.14 -19.73 -20.81
N TYR A 526 -7.50 -19.34 -19.71
CA TYR A 526 -6.84 -18.02 -19.61
C TYR A 526 -5.42 -18.04 -20.22
N GLU A 527 -5.05 -17.00 -20.96
CA GLU A 527 -3.67 -16.85 -21.47
C GLU A 527 -2.70 -16.33 -20.40
N HIS A 528 -3.24 -15.55 -19.46
CA HIS A 528 -2.45 -14.92 -18.42
C HIS A 528 -3.39 -14.60 -17.25
N VAL A 529 -2.81 -14.08 -16.18
CA VAL A 529 -3.59 -13.62 -15.03
C VAL A 529 -3.93 -12.15 -15.16
N ILE A 530 -2.89 -11.36 -15.34
CA ILE A 530 -3.01 -9.91 -15.40
C ILE A 530 -2.17 -9.37 -16.54
N ASN A 531 -2.74 -8.52 -17.39
CA ASN A 531 -2.05 -8.05 -18.59
C ASN A 531 -1.38 -9.21 -19.32
N ASP A 532 -0.03 -9.29 -19.22
CA ASP A 532 0.79 -10.38 -19.79
C ASP A 532 1.63 -11.17 -18.74
N ILE A 533 1.26 -11.09 -17.47
CA ILE A 533 1.99 -11.77 -16.39
C ILE A 533 1.12 -12.89 -15.82
N GLY A 534 1.79 -13.93 -15.32
CA GLY A 534 1.11 -15.15 -14.89
C GLY A 534 1.07 -16.19 -15.99
N ASP A 535 1.06 -17.43 -15.56
CA ASP A 535 0.98 -18.53 -16.49
C ASP A 535 -0.43 -18.65 -17.01
N PRO A 536 -0.57 -19.16 -18.26
CA PRO A 536 -1.91 -19.52 -18.73
C PRO A 536 -2.42 -20.68 -17.93
N THR A 537 -3.73 -20.79 -17.73
CA THR A 537 -4.29 -22.04 -17.26
C THR A 537 -4.07 -23.13 -18.30
N SER A 538 -3.95 -24.35 -17.81
CA SER A 538 -3.72 -25.52 -18.67
C SER A 538 -4.32 -26.73 -17.98
N GLY A 539 -4.34 -27.87 -18.66
CA GLY A 539 -5.00 -29.07 -18.17
C GLY A 539 -6.51 -28.91 -18.11
N ASP A 540 -7.21 -29.94 -17.58
CA ASP A 540 -8.62 -29.83 -17.18
C ASP A 540 -8.79 -30.12 -15.68
N THR A 541 -7.75 -29.85 -14.90
CA THR A 541 -7.77 -30.22 -13.47
C THR A 541 -8.07 -29.02 -12.55
N THR A 542 -8.56 -27.94 -13.14
CA THR A 542 -9.07 -26.80 -12.35
C THR A 542 -8.05 -26.27 -11.32
N ILE A 543 -6.81 -26.26 -11.76
CA ILE A 543 -5.70 -25.68 -11.00
C ILE A 543 -5.51 -24.19 -11.29
N PRO A 544 -5.64 -23.32 -10.28
CA PRO A 544 -5.42 -21.89 -10.54
C PRO A 544 -4.03 -21.56 -11.03
N SER A 545 -3.97 -20.46 -11.75
CA SER A 545 -2.72 -19.77 -12.06
C SER A 545 -2.74 -18.50 -11.24
N GLN A 546 -1.66 -18.27 -10.50
CA GLN A 546 -1.64 -17.24 -9.47
C GLN A 546 -0.52 -16.23 -9.68
N VAL A 547 -0.84 -14.97 -9.44
CA VAL A 547 0.19 -13.92 -9.21
C VAL A 547 0.12 -13.44 -7.75
N VAL A 548 1.27 -13.39 -7.08
CA VAL A 548 1.29 -13.01 -5.67
C VAL A 548 1.27 -11.49 -5.56
N SER A 549 2.03 -10.85 -6.45
CA SER A 549 2.28 -9.43 -6.39
C SER A 549 2.51 -8.82 -7.81
N PHE A 550 1.84 -7.70 -8.10
CA PHE A 550 1.92 -7.03 -9.40
C PHE A 550 1.92 -5.54 -9.13
N PRO A 551 2.66 -4.76 -9.94
CA PRO A 551 3.49 -5.05 -11.10
C PRO A 551 4.92 -5.46 -10.72
N ALA B 1 -4.33 34.58 -1.60
CA ALA B 1 -3.30 33.79 -0.89
C ALA B 1 -3.72 33.41 0.54
N GLN B 2 -3.95 32.13 0.73
CA GLN B 2 -4.24 31.58 2.02
C GLN B 2 -2.99 31.40 2.94
N GLU B 3 -2.92 31.97 4.14
CA GLU B 3 -1.72 31.62 4.93
C GLU B 3 -1.76 30.14 5.37
N VAL B 4 -0.67 29.44 5.04
CA VAL B 4 -0.51 28.04 5.39
C VAL B 4 -0.36 27.92 6.90
N VAL B 5 -0.97 26.89 7.46
CA VAL B 5 -0.97 26.68 8.89
C VAL B 5 0.16 25.71 9.29
N GLY B 6 0.67 25.92 10.50
CA GLY B 6 1.71 25.08 11.06
C GLY B 6 1.17 24.15 12.12
N GLY B 7 1.86 23.03 12.33
CA GLY B 7 1.51 22.08 13.38
C GLY B 7 0.56 21.01 12.86
N GLY B 8 -0.37 20.56 13.69
CA GLY B 8 -1.27 19.48 13.32
C GLY B 8 -0.62 18.14 13.00
N ASP B 9 -1.42 17.19 12.49
CA ASP B 9 -1.09 15.78 12.61
C ASP B 9 -0.35 15.11 11.45
N LEU B 10 0.45 14.15 11.87
CA LEU B 10 1.44 13.51 11.00
C LEU B 10 0.92 12.47 9.98
N GLY B 11 -0.39 12.20 10.01
CA GLY B 11 -1.05 11.36 9.02
C GLY B 11 -0.98 9.86 9.30
N PRO B 12 -1.72 9.04 8.52
CA PRO B 12 -1.80 7.63 8.92
C PRO B 12 -0.55 6.78 8.57
N ASN B 13 0.41 7.36 7.84
CA ASN B 13 1.64 6.62 7.50
C ASN B 13 2.73 6.65 8.58
N VAL B 14 2.52 7.50 9.59
CA VAL B 14 3.42 7.60 10.74
C VAL B 14 2.75 6.85 11.87
N LEU B 15 3.38 5.77 12.30
CA LEU B 15 2.85 4.92 13.34
C LEU B 15 3.65 5.24 14.60
N VAL B 16 2.96 5.82 15.58
CA VAL B 16 3.56 6.34 16.82
C VAL B 16 3.19 5.46 18.03
N PHE B 17 4.14 4.65 18.45
CA PHE B 17 3.94 3.69 19.53
C PHE B 17 4.32 4.39 20.87
N ASP B 18 3.67 4.02 21.97
CA ASP B 18 4.27 4.14 23.32
C ASP B 18 4.27 2.76 24.01
N PRO B 19 4.88 2.63 25.20
CA PRO B 19 5.18 1.24 25.53
C PRO B 19 3.98 0.39 25.99
N SER B 20 2.82 1.03 26.10
CA SER B 20 1.62 0.30 26.47
C SER B 20 0.73 0.01 25.23
N THR B 21 1.41 -0.15 24.07
CA THR B 21 0.76 -0.53 22.80
C THR B 21 0.80 -2.04 22.60
N PRO B 22 -0.35 -2.63 22.20
CA PRO B 22 -0.49 -4.08 22.15
C PRO B 22 -0.02 -4.68 20.81
N ASP B 23 0.73 -5.76 20.91
CA ASP B 23 1.31 -6.39 19.74
C ASP B 23 2.04 -5.29 18.95
N ILE B 24 3.23 -4.92 19.42
CA ILE B 24 4.13 -4.14 18.61
C ILE B 24 4.66 -5.05 17.52
N GLN B 25 4.97 -6.30 17.88
CA GLN B 25 5.43 -7.29 16.92
C GLN B 25 4.50 -7.35 15.69
N GLY B 26 3.25 -7.77 15.85
CA GLY B 26 2.32 -7.76 14.72
C GLY B 26 2.11 -6.42 14.00
N LYS B 27 2.19 -5.28 14.69
CA LYS B 27 1.96 -4.01 14.01
C LYS B 27 3.15 -3.69 13.16
N VAL B 28 4.34 -3.92 13.74
CA VAL B 28 5.58 -3.77 12.98
C VAL B 28 5.71 -4.84 11.88
N ASP B 29 5.35 -6.08 12.18
CA ASP B 29 5.46 -7.15 11.18
C ASP B 29 4.52 -6.95 10.00
N GLU B 30 3.35 -6.33 10.20
CA GLU B 30 2.51 -6.13 9.01
C GLU B 30 3.14 -5.09 8.09
N VAL B 31 3.70 -4.03 8.64
CA VAL B 31 4.42 -3.07 7.79
C VAL B 31 5.51 -3.82 7.03
N PHE B 32 6.24 -4.69 7.72
CA PHE B 32 7.26 -5.52 7.03
C PHE B 32 6.65 -6.56 6.08
N ARG B 33 5.64 -7.29 6.56
CA ARG B 33 4.79 -8.21 5.76
C ARG B 33 4.67 -7.51 4.38
N LYS B 34 4.27 -6.24 4.37
CA LYS B 34 4.09 -5.50 3.11
C LYS B 34 5.41 -5.10 2.41
N GLN B 35 6.26 -4.38 3.13
CA GLN B 35 7.35 -3.65 2.49
C GLN B 35 8.61 -4.48 2.19
N GLU B 36 8.62 -5.72 2.65
CA GLU B 36 9.80 -6.57 2.58
C GLU B 36 10.35 -6.59 1.16
N SER B 37 9.44 -6.81 0.20
CA SER B 37 9.77 -7.01 -1.23
C SER B 37 9.39 -5.84 -2.09
N ASN B 38 8.94 -4.76 -1.46
CA ASN B 38 8.28 -3.61 -2.11
C ASN B 38 9.34 -2.61 -2.63
N GLN B 39 10.05 -2.99 -3.67
CA GLN B 39 11.27 -2.24 -3.96
C GLN B 39 11.00 -0.91 -4.64
N PHE B 40 9.92 -0.87 -5.44
CA PHE B 40 9.59 0.30 -6.21
C PHE B 40 8.17 0.85 -5.96
N GLY B 41 7.43 0.28 -5.02
CA GLY B 41 6.08 0.75 -4.76
C GLY B 41 6.03 2.13 -4.11
N THR B 42 4.80 2.60 -3.91
CA THR B 42 4.56 3.95 -3.46
C THR B 42 4.35 4.00 -1.99
N ASP B 43 4.36 2.86 -1.30
CA ASP B 43 4.09 2.89 0.15
C ASP B 43 5.29 3.46 0.89
N ARG B 44 4.98 4.24 1.92
CA ARG B 44 6.01 4.89 2.73
C ARG B 44 5.57 4.78 4.19
N TYR B 45 6.52 4.52 5.10
CA TYR B 45 6.16 4.41 6.52
C TYR B 45 7.24 4.90 7.48
N ALA B 46 6.81 5.61 8.53
CA ALA B 46 7.70 5.97 9.65
C ALA B 46 7.17 5.35 10.92
N LEU B 47 8.03 4.64 11.62
CA LEU B 47 7.71 4.00 12.89
C LEU B 47 8.43 4.81 13.91
N MET B 48 7.69 5.44 14.81
CA MET B 48 8.30 6.34 15.76
C MET B 48 7.91 5.88 17.19
N PHE B 49 8.93 5.81 18.05
CA PHE B 49 8.83 5.15 19.35
C PHE B 49 9.01 6.14 20.47
N LYS B 50 7.95 6.35 21.24
CA LYS B 50 8.05 7.35 22.32
C LYS B 50 9.08 6.86 23.36
N PRO B 51 9.72 7.79 24.09
CA PRO B 51 10.67 7.33 25.12
C PRO B 51 10.07 6.29 26.06
N GLY B 52 10.81 5.21 26.29
CA GLY B 52 10.31 4.03 27.01
C GLY B 52 11.21 2.81 26.76
N THR B 53 10.80 1.67 27.29
CA THR B 53 11.53 0.41 27.20
C THR B 53 10.60 -0.61 26.58
N TYR B 54 11.07 -1.21 25.50
CA TYR B 54 10.23 -2.10 24.69
C TYR B 54 10.87 -3.46 24.66
N ASN B 55 10.14 -4.48 25.14
CA ASN B 55 10.72 -5.82 25.26
C ASN B 55 10.26 -6.79 24.14
N ASP B 56 11.09 -7.80 23.90
CA ASP B 56 10.73 -8.94 23.07
C ASP B 56 10.26 -8.48 21.66
N ILE B 57 10.99 -7.49 21.13
CA ILE B 57 10.74 -6.90 19.82
C ILE B 57 11.81 -7.36 18.82
N ASN B 58 11.42 -7.58 17.58
CA ASN B 58 12.35 -7.74 16.50
C ASN B 58 11.79 -6.97 15.32
N ALA B 59 12.16 -5.69 15.23
CA ALA B 59 11.58 -4.81 14.22
C ALA B 59 12.35 -5.01 12.93
N GLN B 60 11.81 -5.90 12.12
CA GLN B 60 12.33 -6.14 10.77
C GLN B 60 11.96 -4.93 9.89
N ILE B 61 12.95 -4.37 9.20
CA ILE B 61 12.79 -3.15 8.42
C ILE B 61 12.90 -3.43 6.92
N GLY B 62 11.81 -3.17 6.21
CA GLY B 62 11.73 -3.37 4.76
C GLY B 62 11.99 -2.08 3.98
N PHE B 63 11.61 -2.07 2.69
CA PHE B 63 11.79 -0.88 1.88
C PHE B 63 10.95 0.28 2.41
N TYR B 64 11.49 1.48 2.24
CA TYR B 64 10.81 2.74 2.52
C TYR B 64 10.23 2.78 3.90
N THR B 65 11.00 2.29 4.85
CA THR B 65 10.63 2.23 6.26
C THR B 65 11.75 2.86 7.09
N SER B 66 11.34 3.86 7.87
CA SER B 66 12.23 4.44 8.88
C SER B 66 11.73 4.03 10.25
N ILE B 67 12.69 3.85 11.15
CA ILE B 67 12.39 3.54 12.54
C ILE B 67 13.24 4.51 13.37
N ALA B 68 12.61 5.12 14.37
CA ALA B 68 13.33 6.03 15.23
C ALA B 68 12.68 6.19 16.61
N GLY B 69 13.53 6.49 17.59
CA GLY B 69 13.10 6.94 18.89
C GLY B 69 12.77 8.43 18.90
N LEU B 70 11.99 8.84 19.89
CA LEU B 70 11.53 10.22 20.03
C LEU B 70 12.08 10.89 21.30
N GLY B 71 13.26 10.44 21.74
CA GLY B 71 13.94 11.08 22.86
C GLY B 71 14.99 12.10 22.43
N LEU B 72 15.26 13.06 23.31
CA LEU B 72 16.37 13.98 23.09
C LEU B 72 17.64 13.14 22.97
N ASN B 73 17.66 11.99 23.63
CA ASN B 73 18.87 11.15 23.59
C ASN B 73 18.67 9.68 23.23
N PRO B 74 19.70 9.11 22.58
CA PRO B 74 19.45 7.78 22.05
C PRO B 74 19.10 6.81 23.17
N ASP B 75 19.69 6.96 24.36
CA ASP B 75 19.44 5.97 25.39
C ASP B 75 18.08 6.15 26.10
N ASP B 76 17.28 7.13 25.65
CA ASP B 76 15.95 7.34 26.22
C ASP B 76 14.87 6.43 25.63
N THR B 77 15.16 5.85 24.47
CA THR B 77 14.28 4.88 23.82
C THR B 77 15.10 3.61 23.56
N THR B 78 14.88 2.63 24.42
CA THR B 78 15.71 1.46 24.48
C THR B 78 14.88 0.21 24.15
N PHE B 79 15.41 -0.58 23.21
CA PHE B 79 14.80 -1.85 22.79
C PHE B 79 15.59 -3.02 23.33
N ASN B 80 14.91 -3.95 23.99
CA ASN B 80 15.52 -5.24 24.32
C ASN B 80 15.15 -6.24 23.23
N GLY B 81 15.98 -6.20 22.22
CA GLY B 81 15.67 -6.80 20.95
C GLY B 81 16.42 -6.03 19.90
N ASP B 82 15.84 -5.98 18.71
CA ASP B 82 16.61 -5.75 17.52
C ASP B 82 15.86 -4.89 16.51
N VAL B 83 16.64 -4.24 15.66
CA VAL B 83 16.11 -3.60 14.48
C VAL B 83 16.92 -4.18 13.34
N THR B 84 16.25 -5.05 12.58
CA THR B 84 16.94 -5.98 11.73
C THR B 84 16.74 -5.68 10.25
N VAL B 85 17.84 -5.80 9.50
CA VAL B 85 17.77 -5.92 8.06
C VAL B 85 18.57 -7.15 7.62
N ASP B 86 17.88 -7.95 6.79
CA ASP B 86 18.47 -9.15 6.21
C ASP B 86 17.99 -9.30 4.76
N ALA B 87 18.01 -10.51 4.22
CA ALA B 87 17.75 -10.71 2.80
C ALA B 87 16.78 -11.87 2.52
N GLY B 88 15.70 -11.93 3.31
CA GLY B 88 14.80 -13.07 3.32
C GLY B 88 13.92 -13.09 2.09
N TRP B 89 13.82 -11.95 1.45
CA TRP B 89 13.03 -11.77 0.24
C TRP B 89 13.92 -11.93 -0.98
N PHE B 90 15.22 -12.10 -0.72
CA PHE B 90 16.16 -12.29 -1.80
C PHE B 90 17.35 -13.24 -1.56
N ASP B 91 17.09 -14.45 -1.08
CA ASP B 91 18.10 -15.51 -1.21
C ASP B 91 19.47 -15.11 -0.59
N GLY B 92 19.41 -14.29 0.46
CA GLY B 92 20.59 -13.90 1.23
C GLY B 92 21.56 -12.98 0.50
N ASN B 93 21.18 -12.50 -0.68
CA ASN B 93 21.86 -11.40 -1.34
C ASN B 93 21.44 -9.98 -0.88
N ALA B 94 22.22 -9.31 -0.01
CA ALA B 94 21.84 -8.00 0.54
C ALA B 94 22.03 -6.78 -0.38
N THR B 95 22.27 -7.03 -1.66
CA THR B 95 22.59 -6.00 -2.64
C THR B 95 21.41 -5.13 -3.16
N GLN B 96 20.15 -5.50 -2.87
CA GLN B 96 19.03 -4.63 -3.26
C GLN B 96 18.41 -3.98 -2.00
N ASN B 97 19.09 -4.07 -0.86
CA ASN B 97 18.52 -3.56 0.38
C ASN B 97 18.72 -2.06 0.57
N PHE B 98 17.83 -1.31 -0.08
CA PHE B 98 17.88 0.13 -0.18
C PHE B 98 16.77 0.88 0.59
N TRP B 99 16.95 2.19 0.71
CA TRP B 99 15.90 3.16 1.07
C TRP B 99 15.18 2.84 2.39
N ARG B 100 15.93 2.88 3.47
CA ARG B 100 15.35 2.62 4.78
C ARG B 100 16.27 3.25 5.84
N SER B 101 15.82 3.37 7.08
CA SER B 101 16.74 3.98 8.05
C SER B 101 16.39 3.67 9.48
N ALA B 102 17.42 3.80 10.33
CA ALA B 102 17.24 3.71 11.79
C ALA B 102 17.95 4.89 12.44
N GLU B 103 17.31 5.51 13.42
CA GLU B 103 18.06 6.46 14.27
C GLU B 103 17.44 6.67 15.65
N ASN B 104 18.32 7.10 16.55
CA ASN B 104 17.94 7.65 17.87
C ASN B 104 17.28 6.60 18.75
N LEU B 105 17.89 5.41 18.76
CA LEU B 105 17.46 4.26 19.58
C LEU B 105 18.66 3.61 20.24
N ALA B 106 18.46 3.02 21.42
CA ALA B 106 19.41 2.07 21.98
C ALA B 106 18.86 0.65 21.76
N LEU B 107 19.73 -0.26 21.33
CA LEU B 107 19.39 -1.66 21.05
C LEU B 107 20.21 -2.56 21.98
N ASN B 108 19.52 -3.52 22.58
CA ASN B 108 20.14 -4.57 23.37
C ASN B 108 19.76 -5.88 22.71
N PRO B 109 20.49 -6.25 21.66
CA PRO B 109 19.98 -7.31 20.79
C PRO B 109 20.07 -8.70 21.39
N VAL B 110 19.21 -9.58 20.92
CA VAL B 110 19.19 -10.98 21.33
C VAL B 110 20.52 -11.84 21.36
N ASN B 111 21.69 -11.32 21.07
CA ASN B 111 22.83 -12.27 21.13
C ASN B 111 24.03 -11.46 21.29
N GLY B 112 23.79 -10.27 21.78
CA GLY B 112 24.75 -9.22 21.66
C GLY B 112 25.13 -8.91 20.23
N THR B 113 24.36 -9.31 19.23
CA THR B 113 24.64 -8.94 17.83
C THR B 113 23.40 -8.54 17.01
N ASN B 114 23.27 -7.25 16.69
CA ASN B 114 22.16 -6.76 15.86
C ASN B 114 22.57 -6.84 14.39
N ARG B 115 21.67 -7.30 13.52
CA ARG B 115 22.01 -7.37 12.10
C ARG B 115 21.37 -6.24 11.30
N TRP B 116 22.21 -5.46 10.62
CA TRP B 116 21.78 -4.37 9.74
C TRP B 116 22.47 -4.59 8.38
N ALA B 117 21.97 -5.58 7.64
CA ALA B 117 22.60 -6.01 6.39
C ALA B 117 21.95 -5.32 5.21
N VAL B 118 22.54 -4.18 4.86
CA VAL B 118 21.96 -3.20 3.95
C VAL B 118 22.93 -2.85 2.81
N SER B 119 22.41 -2.21 1.77
CA SER B 119 23.25 -1.57 0.80
C SER B 119 23.00 -0.05 0.84
N GLN B 120 22.84 0.61 -0.30
CA GLN B 120 22.86 2.08 -0.32
C GLN B 120 21.58 2.72 0.22
N ALA B 121 21.70 3.98 0.68
CA ALA B 121 20.57 4.75 1.21
C ALA B 121 19.86 4.05 2.35
N ALA B 122 20.66 3.55 3.29
CA ALA B 122 20.12 2.91 4.48
C ALA B 122 20.84 3.41 5.77
N PRO B 123 20.69 4.69 6.07
CA PRO B 123 21.50 5.28 7.13
C PRO B 123 21.16 4.76 8.52
N PHE B 124 22.21 4.74 9.34
CA PHE B 124 22.15 4.28 10.73
C PHE B 124 22.77 5.41 11.52
N ARG B 125 21.94 6.24 12.16
CA ARG B 125 22.39 7.47 12.81
C ARG B 125 21.97 7.56 14.28
N ARG B 126 22.83 8.14 15.11
CA ARG B 126 22.44 8.47 16.49
C ARG B 126 21.93 7.21 17.20
N MET B 127 22.62 6.09 16.97
CA MET B 127 22.25 4.78 17.52
C MET B 127 23.23 4.33 18.61
N HIS B 128 22.69 3.71 19.66
CA HIS B 128 23.54 3.07 20.66
C HIS B 128 23.28 1.55 20.67
N VAL B 129 24.21 0.79 20.11
CA VAL B 129 24.06 -0.67 20.10
C VAL B 129 24.85 -1.21 21.31
N LYS B 130 24.07 -1.66 22.29
CA LYS B 130 24.60 -2.24 23.52
C LYS B 130 24.92 -3.69 23.26
N GLY B 131 25.93 -3.90 22.44
CA GLY B 131 26.26 -5.20 21.88
C GLY B 131 26.94 -4.98 20.56
N GLY B 132 26.81 -5.98 19.68
CA GLY B 132 27.55 -6.02 18.45
C GLY B 132 26.65 -5.73 17.26
N LEU B 133 27.29 -5.55 16.10
CA LEU B 133 26.59 -5.09 14.89
C LEU B 133 27.18 -5.84 13.69
N ASN B 134 26.35 -6.65 13.05
CA ASN B 134 26.75 -7.49 11.93
C ASN B 134 26.16 -6.83 10.71
N LEU B 135 27.00 -6.48 9.73
CA LEU B 135 26.55 -5.74 8.53
C LEU B 135 26.24 -6.61 7.32
N ALA B 136 26.30 -7.93 7.47
CA ALA B 136 26.04 -8.80 6.32
C ALA B 136 24.80 -9.62 6.54
N PRO B 137 24.31 -10.31 5.52
CA PRO B 137 23.32 -11.31 5.94
C PRO B 137 23.91 -12.69 6.11
N ASP B 138 24.04 -13.19 7.34
CA ASP B 138 23.87 -14.62 7.65
C ASP B 138 24.21 -15.48 6.44
N GLY B 139 25.47 -15.38 6.04
CA GLY B 139 25.87 -15.78 4.71
C GLY B 139 26.87 -14.73 4.33
N TYR B 140 26.42 -13.51 4.46
CA TYR B 140 27.21 -12.47 3.93
C TYR B 140 27.31 -12.99 2.44
N GLY B 141 26.14 -13.34 1.91
CA GLY B 141 25.85 -13.08 0.51
C GLY B 141 26.33 -11.68 0.10
N TRP B 142 25.99 -11.21 -1.09
CA TRP B 142 26.63 -9.99 -1.57
C TRP B 142 26.08 -8.73 -0.80
N ALA B 143 26.92 -7.73 -0.53
CA ALA B 143 26.44 -6.57 0.24
C ALA B 143 27.25 -5.29 -0.05
N SER B 144 26.55 -4.17 -0.24
CA SER B 144 27.16 -2.95 -0.82
C SER B 144 26.73 -1.63 -0.18
N GLY B 145 26.90 -1.51 1.14
CA GLY B 145 26.58 -0.25 1.80
C GLY B 145 27.74 0.73 1.82
N GLY B 146 27.80 1.60 2.82
CA GLY B 146 26.84 1.73 3.91
C GLY B 146 27.30 2.93 4.71
N TYR B 147 26.51 3.34 5.71
CA TYR B 147 26.67 4.62 6.38
C TYR B 147 26.24 4.55 7.84
N ILE B 148 27.19 4.82 8.74
CA ILE B 148 26.95 4.96 10.16
C ILE B 148 27.50 6.32 10.58
N ALA B 149 26.66 7.08 11.28
CA ALA B 149 27.09 8.37 11.82
C ALA B 149 26.59 8.53 13.24
N ASP B 150 27.41 9.17 14.06
CA ASP B 150 26.98 9.62 15.36
C ASP B 150 26.44 8.51 16.27
N SER B 151 27.08 7.36 16.19
CA SER B 151 26.58 6.18 16.85
C SER B 151 27.63 5.57 17.72
N LYS B 152 27.17 4.78 18.68
CA LYS B 152 28.07 4.05 19.57
C LYS B 152 27.72 2.56 19.52
N ILE B 153 28.67 1.75 19.07
CA ILE B 153 28.54 0.28 19.09
C ILE B 153 29.49 -0.16 20.18
N ASP B 154 28.94 -0.59 21.31
CA ASP B 154 29.78 -0.98 22.47
C ASP B 154 30.81 -2.05 22.08
N GLY B 155 30.35 -3.06 21.34
CA GLY B 155 31.22 -4.12 20.87
C GLY B 155 31.73 -3.98 19.43
N GLU B 156 31.91 -5.12 18.79
CA GLU B 156 32.50 -5.21 17.48
C GLU B 156 31.50 -4.99 16.34
N VAL B 157 31.92 -4.14 15.42
CA VAL B 157 31.27 -4.07 14.11
C VAL B 157 31.85 -5.18 13.22
N GLY B 158 31.00 -5.82 12.43
CA GLY B 158 31.43 -6.92 11.58
C GLY B 158 30.89 -6.75 10.17
N PRO B 159 31.70 -6.17 9.28
CA PRO B 159 31.32 -6.05 7.88
C PRO B 159 31.15 -7.43 7.19
N TYR B 160 32.12 -8.33 7.38
CA TYR B 160 32.12 -9.60 6.65
C TYR B 160 32.06 -9.41 5.13
N SER B 161 30.84 -9.49 4.59
CA SER B 161 30.55 -9.52 3.15
C SER B 161 30.36 -8.13 2.54
N GLN B 162 30.52 -7.08 3.35
CA GLN B 162 30.30 -5.72 2.88
C GLN B 162 31.49 -5.26 2.05
N GLN B 163 31.24 -4.80 0.84
CA GLN B 163 32.29 -4.30 -0.02
C GLN B 163 33.06 -3.13 0.54
N GLN B 164 32.27 -2.17 1.03
CA GLN B 164 32.82 -0.88 1.41
C GLN B 164 31.90 -0.35 2.50
N TRP B 165 32.35 0.69 3.18
CA TRP B 165 31.58 1.27 4.30
C TRP B 165 32.15 2.60 4.69
N TYR B 166 31.28 3.51 5.17
CA TYR B 166 31.72 4.78 5.74
C TYR B 166 31.11 4.96 7.11
N THR B 167 31.99 5.27 8.08
CA THR B 167 31.58 5.53 9.45
C THR B 167 32.13 6.89 9.85
N ARG B 168 31.28 7.72 10.41
CA ARG B 168 31.73 9.05 10.86
C ARG B 168 31.30 9.37 12.31
N ASP B 169 32.20 10.03 13.02
CA ASP B 169 31.90 10.69 14.30
C ASP B 169 31.12 9.76 15.23
N SER B 170 31.76 8.65 15.55
CA SER B 170 31.16 7.55 16.27
C SER B 170 32.19 6.92 17.22
N SER B 171 31.77 5.88 17.94
CA SER B 171 32.70 5.06 18.70
C SER B 171 32.31 3.60 18.54
N VAL B 172 33.33 2.77 18.31
CA VAL B 172 33.12 1.32 18.17
C VAL B 172 34.01 0.60 19.17
N GLY B 173 33.52 -0.52 19.66
CA GLY B 173 34.32 -1.38 20.53
C GLY B 173 35.40 -2.09 19.75
N GLY B 174 35.04 -2.55 18.55
CA GLY B 174 35.99 -3.17 17.62
C GLY B 174 35.53 -3.01 16.17
N TRP B 175 36.42 -3.38 15.23
CA TRP B 175 36.14 -3.37 13.79
C TRP B 175 36.86 -4.48 13.04
N GLY B 176 36.14 -5.57 12.74
CA GLY B 176 36.74 -6.84 12.35
C GLY B 176 37.41 -7.06 10.99
N ASN B 177 37.09 -6.26 9.98
CA ASN B 177 37.66 -6.49 8.65
C ASN B 177 37.37 -5.41 7.61
N GLY B 178 38.21 -5.38 6.57
CA GLY B 178 38.00 -4.57 5.37
C GLY B 178 38.00 -5.41 4.11
N VAL B 179 37.11 -5.08 3.17
CA VAL B 179 37.00 -5.83 1.90
C VAL B 179 37.64 -4.99 0.79
N TRP B 180 36.93 -4.01 0.22
CA TRP B 180 37.53 -3.07 -0.73
C TRP B 180 37.88 -1.68 -0.16
N ASN B 181 36.98 -1.09 0.64
CA ASN B 181 37.15 0.28 1.09
C ASN B 181 36.33 0.59 2.33
N MET B 182 36.98 0.49 3.50
CA MET B 182 36.34 0.89 4.75
C MET B 182 37.01 2.21 5.18
N THR B 183 36.22 3.28 5.20
CA THR B 183 36.69 4.61 5.56
C THR B 183 36.04 5.08 6.87
N PHE B 184 36.84 5.79 7.66
CA PHE B 184 36.49 6.22 9.00
C PHE B 184 36.95 7.68 9.12
N SER B 185 36.09 8.54 9.64
CA SER B 185 36.54 9.88 10.09
C SER B 185 35.92 10.22 11.43
N GLY B 186 36.76 10.59 12.39
CA GLY B 186 36.28 10.92 13.72
C GLY B 186 35.72 9.73 14.51
N VAL B 187 36.26 8.52 14.25
CA VAL B 187 35.77 7.32 14.90
C VAL B 187 36.69 6.77 16.00
N GLU B 188 36.27 6.93 17.25
CA GLU B 188 36.93 6.25 18.35
C GLU B 188 36.88 4.74 18.15
N GLY B 189 38.05 4.08 18.22
CA GLY B 189 38.14 2.65 18.01
C GLY B 189 38.29 2.24 16.57
N ALA B 190 38.39 3.21 15.68
CA ALA B 190 38.60 2.92 14.27
C ALA B 190 39.86 2.09 14.12
N PRO B 191 39.88 1.25 13.09
CA PRO B 191 41.15 0.53 12.92
C PRO B 191 42.25 1.51 12.45
N ALA B 192 43.49 1.12 12.73
CA ALA B 192 44.67 1.73 12.13
C ALA B 192 44.52 1.97 10.62
N GLN B 193 44.94 3.15 10.21
CA GLN B 193 45.05 3.48 8.80
C GLN B 193 46.04 2.46 8.26
N SER B 194 45.67 1.80 7.17
CA SER B 194 46.32 0.58 6.73
C SER B 194 46.31 0.33 5.23
N PHE B 195 45.74 1.24 4.46
CA PHE B 195 45.42 0.98 3.06
C PHE B 195 46.76 0.80 2.37
N PRO B 196 46.85 -0.13 1.41
CA PRO B 196 45.79 -0.98 0.85
C PRO B 196 45.39 -2.23 1.64
N GLU B 197 46.11 -2.59 2.71
CA GLU B 197 45.89 -3.88 3.31
C GLU B 197 45.97 -3.92 4.84
N PRO B 198 44.85 -4.22 5.53
CA PRO B 198 43.48 -4.16 4.97
C PRO B 198 43.15 -2.73 4.50
N PRO B 199 42.07 -2.57 3.72
CA PRO B 199 41.71 -1.35 2.99
C PRO B 199 41.04 -0.33 3.91
N TYR B 200 41.79 0.11 4.95
CA TYR B 200 41.32 1.05 5.95
C TYR B 200 41.91 2.43 5.69
N THR B 201 41.00 3.38 5.45
CA THR B 201 41.29 4.79 5.37
C THR B 201 40.72 5.43 6.64
N THR B 202 41.61 5.96 7.48
CA THR B 202 41.23 6.45 8.79
C THR B 202 41.73 7.85 9.05
N LEU B 203 40.77 8.77 9.28
CA LEU B 203 41.06 10.17 9.58
C LEU B 203 40.68 10.43 11.04
N GLU B 204 41.56 11.08 11.81
CA GLU B 204 41.31 11.30 13.24
C GLU B 204 40.01 12.09 13.48
N THR B 205 39.71 13.06 12.63
CA THR B 205 38.50 13.90 12.79
C THR B 205 37.82 14.14 11.44
N THR B 206 36.55 14.55 11.49
CA THR B 206 35.85 15.02 10.31
C THR B 206 36.00 16.53 10.27
N PRO B 207 36.46 17.11 9.14
CA PRO B 207 36.68 18.56 9.23
C PRO B 207 35.50 19.40 9.71
N VAL B 208 34.32 19.13 9.19
CA VAL B 208 33.10 19.70 9.77
C VAL B 208 31.97 18.70 9.63
N SER B 209 31.07 18.71 10.61
CA SER B 209 29.86 17.90 10.52
C SER B 209 28.78 18.53 11.38
N ARG B 210 27.53 18.27 11.01
CA ARG B 210 26.40 18.75 11.77
C ARG B 210 25.38 17.62 11.71
N GLU B 211 24.93 17.12 12.84
CA GLU B 211 24.06 15.94 12.82
C GLU B 211 22.65 16.26 12.31
N LYS B 212 22.05 15.25 11.70
CA LYS B 212 20.75 15.45 11.04
C LYS B 212 19.67 15.84 12.07
N PRO B 213 18.83 16.82 11.75
CA PRO B 213 17.65 17.09 12.59
C PRO B 213 16.71 15.87 12.72
N PHE B 214 15.99 15.84 13.84
CA PHE B 214 15.04 14.76 14.09
C PHE B 214 13.90 15.19 15.04
N LEU B 215 12.81 14.44 14.93
CA LEU B 215 11.61 14.58 15.73
C LEU B 215 11.73 13.89 17.11
N TYR B 216 11.45 14.64 18.18
CA TYR B 216 11.45 14.17 19.57
C TYR B 216 10.27 14.80 20.33
N LEU B 217 10.00 14.31 21.55
CA LEU B 217 8.92 14.84 22.41
C LEU B 217 9.56 15.59 23.59
N ASP B 218 9.24 16.87 23.78
CA ASP B 218 9.72 17.61 24.98
C ASP B 218 8.57 17.31 25.94
N GLY B 219 8.82 16.26 26.75
CA GLY B 219 7.90 15.52 27.63
C GLY B 219 6.96 14.62 26.87
N ASP B 220 6.30 15.34 25.99
CA ASP B 220 4.91 15.25 25.68
C ASP B 220 4.47 16.19 24.47
N ASP B 221 5.29 17.21 24.10
CA ASP B 221 5.11 18.08 22.87
C ASP B 221 6.02 17.62 21.72
N TYR B 222 5.60 17.66 20.45
CA TYR B 222 6.56 17.41 19.35
C TYR B 222 7.45 18.60 19.09
N LYS B 223 8.65 18.30 18.60
CA LYS B 223 9.63 19.30 18.28
C LYS B 223 10.60 18.62 17.33
N VAL B 224 11.46 19.45 16.77
CA VAL B 224 12.56 18.98 15.99
C VAL B 224 13.85 19.54 16.61
N PHE B 225 14.80 18.67 16.92
CA PHE B 225 16.09 19.11 17.45
C PHE B 225 16.95 19.31 16.24
N VAL B 226 17.66 20.44 16.21
CA VAL B 226 18.52 20.83 15.13
C VAL B 226 19.91 20.98 15.73
N PRO B 227 20.70 19.92 15.61
CA PRO B 227 21.97 19.82 16.35
C PRO B 227 23.00 20.83 15.98
N ALA B 228 23.98 21.05 16.87
CA ALA B 228 25.05 21.98 16.54
C ALA B 228 26.20 21.33 15.80
N LYS B 229 26.39 21.80 14.58
CA LYS B 229 27.68 21.74 13.89
C LYS B 229 28.95 21.74 14.79
N ARG B 230 29.85 20.80 14.47
CA ARG B 230 31.12 20.66 15.13
C ARG B 230 32.20 20.73 14.09
N THR B 231 33.27 21.44 14.41
CA THR B 231 34.47 21.49 13.58
C THR B 231 35.49 20.46 14.10
N ASN B 232 36.23 19.84 13.18
CA ASN B 232 37.11 18.72 13.51
C ASN B 232 36.49 17.77 14.57
N ALA B 233 35.37 17.20 14.15
CA ALA B 233 34.55 16.36 14.99
C ALA B 233 35.14 14.98 15.24
N ARG B 234 34.85 14.45 16.42
CA ARG B 234 35.30 13.12 16.80
C ARG B 234 34.42 12.56 17.91
N GLY B 235 34.03 11.30 17.74
CA GLY B 235 33.12 10.66 18.66
C GLY B 235 31.70 11.18 18.52
N THR B 236 30.83 10.73 19.43
CA THR B 236 29.42 11.09 19.31
C THR B 236 29.18 12.53 19.77
N SER B 237 28.09 13.11 19.26
CA SER B 237 27.65 14.45 19.65
C SER B 237 26.89 14.44 20.98
N TRP B 238 26.51 13.24 21.43
CA TRP B 238 25.53 13.08 22.48
C TRP B 238 26.17 12.16 23.51
N GLY B 239 25.80 12.20 24.78
CA GLY B 239 26.47 11.26 25.69
C GLY B 239 26.70 11.64 27.15
N ASN B 240 27.94 11.56 27.62
CA ASN B 240 28.42 12.33 28.75
C ASN B 240 27.70 13.71 28.82
N GLY B 241 26.38 13.68 29.01
CA GLY B 241 25.63 14.89 28.81
C GLY B 241 25.66 15.23 27.33
N THR B 242 25.01 16.32 26.98
CA THR B 242 24.38 16.40 25.70
C THR B 242 24.61 17.66 24.85
N PRO B 243 25.87 18.19 24.68
CA PRO B 243 26.12 19.50 23.97
C PRO B 243 25.17 19.81 22.72
N GLU B 244 25.17 21.02 22.11
CA GLU B 244 23.85 21.63 21.75
C GLU B 244 23.38 22.09 20.30
N GLY B 245 22.56 23.13 20.22
CA GLY B 245 21.68 23.35 19.06
C GLY B 245 20.24 23.80 19.43
N GLU B 246 19.55 24.40 18.46
CA GLU B 246 18.15 24.91 18.66
C GLU B 246 17.03 23.81 18.74
N SER B 247 15.96 23.99 19.53
CA SER B 247 14.75 23.17 19.38
C SER B 247 13.62 23.95 18.72
N LEU B 248 13.01 23.37 17.67
CA LEU B 248 11.95 24.01 16.89
C LEU B 248 10.54 23.38 17.04
N PRO B 249 9.55 24.16 17.59
CA PRO B 249 8.23 23.55 17.80
C PRO B 249 7.59 23.02 16.52
N LEU B 250 6.89 21.90 16.64
CA LEU B 250 6.11 21.39 15.51
C LEU B 250 5.19 22.45 14.89
N ASP B 251 4.62 23.36 15.66
CA ASP B 251 3.70 24.33 15.02
C ASP B 251 4.48 25.40 14.23
N GLN B 252 5.81 25.36 14.34
CA GLN B 252 6.75 26.13 13.52
C GLN B 252 7.05 25.40 12.17
N PHE B 253 6.35 24.29 11.92
CA PHE B 253 6.49 23.46 10.71
C PHE B 253 5.18 23.31 9.92
N TYR B 254 5.26 23.48 8.59
CA TYR B 254 4.17 23.01 7.70
C TYR B 254 4.31 21.49 7.59
N VAL B 255 3.35 20.79 8.21
CA VAL B 255 3.29 19.35 8.14
C VAL B 255 2.62 18.99 6.81
N VAL B 256 3.45 18.61 5.86
CA VAL B 256 3.02 18.39 4.49
C VAL B 256 2.45 16.98 4.34
N LYS B 257 1.45 16.87 3.49
CA LYS B 257 0.72 15.63 3.22
C LYS B 257 0.50 15.49 1.72
N PRO B 258 0.50 14.26 1.16
CA PRO B 258 0.36 14.16 -0.30
C PRO B 258 -0.95 14.82 -0.78
N GLY B 259 -0.88 15.58 -1.89
CA GLY B 259 -1.98 16.48 -2.24
C GLY B 259 -1.62 17.97 -2.14
N ALA B 260 -0.65 18.33 -1.30
CA ALA B 260 -0.06 19.68 -1.32
C ALA B 260 0.55 19.95 -2.69
N THR B 261 0.33 21.14 -3.27
CA THR B 261 1.13 21.49 -4.43
C THR B 261 2.35 22.31 -3.99
N ALA B 262 3.31 22.44 -4.86
CA ALA B 262 4.50 23.16 -4.47
C ALA B 262 4.17 24.66 -4.31
N GLU B 263 3.13 25.15 -5.01
CA GLU B 263 2.56 26.49 -4.75
C GLU B 263 2.49 26.69 -3.23
N THR B 264 1.71 25.85 -2.58
CA THR B 264 1.50 25.89 -1.14
C THR B 264 2.79 25.76 -0.31
N ILE B 265 3.54 24.69 -0.58
CA ILE B 265 4.78 24.41 0.10
C ILE B 265 5.71 25.62 0.04
N ASN B 266 5.73 26.28 -1.11
CA ASN B 266 6.55 27.49 -1.28
C ASN B 266 6.03 28.70 -0.49
N ALA B 267 4.71 28.85 -0.43
CA ALA B 267 4.11 29.89 0.39
C ALA B 267 4.50 29.71 1.82
N ALA B 268 4.45 28.46 2.28
CA ALA B 268 4.82 28.12 3.66
C ALA B 268 6.21 28.63 4.04
N VAL B 269 7.17 28.36 3.18
CA VAL B 269 8.53 28.81 3.45
C VAL B 269 8.64 30.35 3.50
N ASP B 270 7.87 31.06 2.67
CA ASP B 270 7.91 32.51 2.69
C ASP B 270 7.29 33.12 3.95
N GLN B 271 6.42 32.40 4.64
CA GLN B 271 5.89 32.93 5.89
C GLN B 271 6.71 32.50 7.11
N GLY B 272 7.89 31.94 6.88
CA GLY B 272 8.78 31.55 7.97
C GLY B 272 8.53 30.18 8.55
N LEU B 273 7.72 29.35 7.86
CA LEU B 273 7.52 27.97 8.29
C LEU B 273 8.62 27.04 7.73
N HIS B 274 9.02 26.09 8.55
CA HIS B 274 9.85 24.98 8.11
C HIS B 274 8.94 23.93 7.46
N LEU B 275 9.56 22.88 6.89
CA LEU B 275 8.84 21.81 6.20
C LEU B 275 9.13 20.46 6.84
N LEU B 276 8.04 19.70 7.09
CA LEU B 276 8.11 18.35 7.59
C LEU B 276 7.32 17.48 6.62
N PHE B 277 8.02 16.71 5.79
CA PHE B 277 7.37 15.84 4.83
C PHE B 277 6.99 14.52 5.45
N THR B 278 5.69 14.31 5.63
CA THR B 278 5.20 13.05 6.13
C THR B 278 5.43 11.97 5.06
N PRO B 279 5.46 10.71 5.47
CA PRO B 279 5.80 9.67 4.48
C PRO B 279 4.76 9.59 3.36
N GLY B 280 5.23 9.71 2.14
CA GLY B 280 4.38 9.66 0.96
C GLY B 280 5.16 9.99 -0.29
N VAL B 281 4.43 10.17 -1.38
CA VAL B 281 5.03 10.44 -2.68
C VAL B 281 4.36 11.70 -3.20
N TYR B 282 5.16 12.76 -3.37
CA TYR B 282 4.67 14.10 -3.71
C TYR B 282 5.06 14.53 -5.12
N HIS B 283 4.10 14.50 -6.03
CA HIS B 283 4.34 15.10 -7.34
C HIS B 283 4.25 16.62 -7.24
N VAL B 284 5.12 17.33 -7.96
CA VAL B 284 5.13 18.81 -8.01
C VAL B 284 5.30 19.33 -9.46
N ASP B 285 4.72 20.51 -9.74
CA ASP B 285 4.71 21.12 -11.08
C ASP B 285 5.48 22.43 -11.16
N GLN B 286 6.09 22.77 -10.04
CA GLN B 286 7.08 23.84 -9.93
C GLN B 286 8.11 23.34 -8.94
N PRO B 287 9.34 23.83 -9.03
CA PRO B 287 10.26 23.42 -7.96
C PRO B 287 9.82 23.95 -6.62
N ILE B 288 10.11 23.18 -5.61
CA ILE B 288 10.05 23.62 -4.25
C ILE B 288 11.25 24.54 -4.05
N GLU B 289 10.97 25.76 -3.61
CA GLU B 289 11.98 26.77 -3.40
C GLU B 289 12.16 27.07 -1.93
N ILE B 290 13.41 26.99 -1.49
CA ILE B 290 13.79 27.30 -0.12
C ILE B 290 14.75 28.48 -0.19
N ASP B 291 14.20 29.69 0.01
CA ASP B 291 14.99 30.92 -0.07
C ASP B 291 14.78 31.75 1.22
N ARG B 292 14.90 31.01 2.33
CA ARG B 292 14.96 31.60 3.67
C ARG B 292 16.03 30.92 4.50
N ALA B 293 16.90 31.73 5.10
CA ALA B 293 17.98 31.19 5.92
C ALA B 293 17.44 30.29 7.03
N ASN B 294 18.20 29.25 7.37
CA ASN B 294 17.91 28.37 8.50
C ASN B 294 16.63 27.50 8.36
N THR B 295 16.10 27.39 7.17
CA THR B 295 14.93 26.52 6.93
C THR B 295 15.32 25.06 7.01
N VAL B 296 14.58 24.33 7.84
CA VAL B 296 14.72 22.89 7.93
C VAL B 296 13.67 22.26 7.04
N ALA B 297 14.09 21.36 6.16
CA ALA B 297 13.18 20.57 5.32
C ALA B 297 13.48 19.10 5.59
N LEU B 298 12.62 18.51 6.40
CA LEU B 298 12.90 17.21 7.01
C LEU B 298 11.88 16.19 6.56
N GLY B 299 12.32 15.15 5.88
CA GLY B 299 11.42 14.09 5.48
C GLY B 299 11.41 12.92 6.44
N LEU B 300 10.26 12.24 6.48
CA LEU B 300 10.04 11.09 7.31
C LEU B 300 9.69 9.92 6.41
N GLY B 301 10.12 8.72 6.78
CA GLY B 301 9.77 7.52 6.04
C GLY B 301 10.03 7.56 4.55
N LEU B 302 11.18 8.10 4.16
CA LEU B 302 11.55 8.12 2.74
C LEU B 302 10.53 8.87 1.86
N ALA B 303 9.98 9.93 2.43
CA ALA B 303 9.15 10.86 1.68
C ALA B 303 9.87 11.20 0.38
N THR B 304 9.09 11.24 -0.68
CA THR B 304 9.60 11.32 -2.04
C THR B 304 8.97 12.43 -2.84
N ILE B 305 9.82 13.19 -3.54
CA ILE B 305 9.36 14.26 -4.42
C ILE B 305 9.61 13.85 -5.86
N ILE B 306 8.57 13.89 -6.69
CA ILE B 306 8.69 13.65 -8.12
C ILE B 306 8.35 14.94 -8.88
N PRO B 307 9.30 15.49 -9.65
CA PRO B 307 9.02 16.71 -10.44
C PRO B 307 8.43 16.37 -11.79
N ASP B 308 7.22 16.84 -12.02
CA ASP B 308 6.50 16.59 -13.25
C ASP B 308 6.93 17.59 -14.31
N ASN B 309 6.75 17.23 -15.57
CA ASN B 309 6.78 18.18 -16.66
C ASN B 309 8.19 18.78 -16.84
N GLY B 310 9.21 18.00 -16.51
CA GLY B 310 10.60 18.42 -16.60
C GLY B 310 11.10 19.49 -15.64
N VAL B 311 10.34 19.85 -14.60
CA VAL B 311 10.85 20.87 -13.69
C VAL B 311 11.94 20.33 -12.73
N THR B 312 12.68 21.24 -12.11
CA THR B 312 13.58 20.89 -11.01
C THR B 312 12.73 20.65 -9.76
N ALA B 313 13.10 19.67 -8.94
CA ALA B 313 12.31 19.33 -7.75
C ALA B 313 12.54 20.32 -6.60
N LEU B 314 13.80 20.64 -6.35
CA LEU B 314 14.16 21.53 -5.24
C LEU B 314 15.24 22.46 -5.63
N LYS B 315 15.00 23.75 -5.38
CA LYS B 315 16.05 24.77 -5.45
C LYS B 315 16.20 25.46 -4.09
N VAL B 316 17.40 25.40 -3.55
CA VAL B 316 17.74 26.19 -2.37
C VAL B 316 18.46 27.49 -2.82
N GLY B 317 18.08 28.62 -2.25
CA GLY B 317 18.70 29.89 -2.60
C GLY B 317 20.04 30.11 -1.90
N ASP B 318 20.53 31.33 -2.05
CA ASP B 318 21.86 31.74 -1.57
C ASP B 318 21.81 32.23 -0.12
N VAL B 319 21.48 31.28 0.75
CA VAL B 319 21.18 31.57 2.14
C VAL B 319 21.85 30.56 3.06
N ASP B 320 22.32 31.08 4.20
CA ASP B 320 22.92 30.30 5.28
C ASP B 320 21.92 29.27 5.84
N GLY B 321 22.48 28.19 6.40
CA GLY B 321 21.78 27.39 7.37
C GLY B 321 20.62 26.48 6.95
N VAL B 322 20.39 26.27 5.66
CA VAL B 322 19.29 25.38 5.25
C VAL B 322 19.73 23.94 5.51
N LYS B 323 18.80 23.15 6.04
CA LYS B 323 19.05 21.75 6.42
C LYS B 323 18.03 20.86 5.69
N VAL B 324 18.43 20.28 4.58
CA VAL B 324 17.56 19.38 3.83
C VAL B 324 17.93 17.97 4.27
N ALA B 325 16.93 17.18 4.65
CA ALA B 325 17.20 15.93 5.34
C ALA B 325 16.19 14.85 5.01
N GLY B 326 16.65 13.69 4.58
CA GLY B 326 15.76 12.51 4.52
C GLY B 326 14.68 12.49 3.46
N LEU B 327 15.07 12.87 2.24
CA LEU B 327 14.17 12.90 1.09
C LEU B 327 14.75 12.11 -0.08
N LEU B 328 13.86 11.40 -0.76
CA LEU B 328 14.16 10.80 -2.07
C LEU B 328 13.58 11.72 -3.14
N VAL B 329 14.35 12.01 -4.18
CA VAL B 329 13.87 12.71 -5.35
C VAL B 329 13.94 11.71 -6.50
N ASP B 330 12.78 11.48 -7.09
CA ASP B 330 12.58 10.41 -8.08
C ASP B 330 12.25 11.08 -9.42
N ALA B 331 13.11 10.92 -10.42
CA ALA B 331 12.89 11.59 -11.70
C ALA B 331 11.56 11.19 -12.32
N GLY B 332 10.90 12.17 -12.93
CA GLY B 332 9.80 11.91 -13.83
C GLY B 332 10.31 11.50 -15.22
N PRO B 333 9.40 10.98 -16.06
CA PRO B 333 9.72 10.56 -17.44
C PRO B 333 10.09 11.74 -18.35
N VAL B 334 9.41 12.88 -18.15
CA VAL B 334 9.83 14.08 -18.85
C VAL B 334 11.18 14.51 -18.28
N ASN B 335 12.18 14.61 -19.13
CA ASN B 335 13.53 14.94 -18.67
C ASN B 335 13.55 16.21 -17.87
N SER B 336 14.05 16.09 -16.65
CA SER B 336 14.38 17.26 -15.89
C SER B 336 15.75 17.74 -16.26
N GLU B 337 15.84 19.04 -16.43
CA GLU B 337 17.06 19.70 -16.75
C GLU B 337 18.02 19.57 -15.53
N THR B 338 17.50 19.78 -14.33
CA THR B 338 18.17 19.44 -13.08
C THR B 338 17.15 18.91 -12.07
N LEU B 339 17.60 18.12 -11.10
CA LEU B 339 16.72 17.65 -10.01
C LEU B 339 16.81 18.43 -8.68
N VAL B 340 18.03 18.74 -8.22
CA VAL B 340 18.26 19.52 -7.01
C VAL B 340 19.33 20.54 -7.31
N GLU B 341 19.05 21.81 -6.97
CA GLU B 341 20.01 22.90 -7.09
C GLU B 341 20.21 23.50 -5.71
N VAL B 342 21.47 23.56 -5.25
CA VAL B 342 21.82 24.21 -4.00
C VAL B 342 22.57 25.49 -4.32
N GLY B 343 21.84 26.59 -4.20
CA GLY B 343 22.29 27.91 -4.61
C GLY B 343 22.21 28.13 -6.12
N SER B 344 22.56 29.34 -6.51
CA SER B 344 22.44 29.81 -7.91
C SER B 344 23.83 30.00 -8.61
N ASP B 345 23.94 29.69 -9.91
CA ASP B 345 25.26 29.69 -10.60
C ASP B 345 26.17 30.89 -10.35
N GLY B 346 27.44 30.63 -10.09
CA GLY B 346 28.35 31.70 -9.73
C GLY B 346 28.19 32.17 -8.29
N ALA B 347 26.96 32.19 -7.75
CA ALA B 347 26.71 32.71 -6.40
C ALA B 347 27.90 32.60 -5.46
N SER B 348 28.48 33.74 -5.11
CA SER B 348 29.85 33.78 -4.62
C SER B 348 30.12 33.92 -3.12
N GLY B 349 29.12 34.33 -2.37
CA GLY B 349 29.28 34.53 -0.95
C GLY B 349 29.58 33.25 -0.19
N ASP B 350 30.10 33.46 1.01
CA ASP B 350 30.48 32.42 1.98
C ASP B 350 29.30 32.02 2.81
N HIS B 351 29.31 30.78 3.31
CA HIS B 351 28.34 30.34 4.30
C HIS B 351 29.07 29.53 5.36
N ALA B 352 30.26 29.98 5.77
CA ALA B 352 31.16 29.13 6.58
C ALA B 352 30.70 28.88 8.01
N ALA B 353 30.18 29.93 8.67
CA ALA B 353 29.79 29.78 10.06
C ALA B 353 28.53 28.91 10.16
N ASN B 354 27.69 28.97 9.12
CA ASN B 354 26.35 28.37 9.16
C ASN B 354 26.02 27.86 7.76
N PRO B 355 26.64 26.73 7.37
CA PRO B 355 26.46 26.17 6.04
C PRO B 355 25.05 25.66 5.77
N THR B 356 24.74 25.52 4.48
CA THR B 356 23.60 24.69 4.05
C THR B 356 24.08 23.24 3.93
N SER B 357 23.20 22.29 4.26
CA SER B 357 23.54 20.88 4.15
C SER B 357 22.45 20.02 3.53
N LEU B 358 22.92 19.01 2.79
CA LEU B 358 22.07 17.93 2.29
C LEU B 358 22.44 16.68 3.07
N GLN B 359 21.45 16.04 3.70
CA GLN B 359 21.70 14.81 4.47
C GLN B 359 20.66 13.74 4.19
N ASP B 360 21.12 12.54 3.87
CA ASP B 360 20.17 11.48 3.51
C ASP B 360 19.24 11.99 2.42
N VAL B 361 19.84 12.63 1.43
CA VAL B 361 19.15 13.01 0.21
C VAL B 361 19.53 12.00 -0.86
N PHE B 362 18.53 11.34 -1.40
CA PHE B 362 18.71 10.25 -2.32
C PHE B 362 18.02 10.63 -3.61
N VAL B 363 18.64 10.30 -4.74
CA VAL B 363 18.10 10.60 -6.05
C VAL B 363 18.04 9.29 -6.84
N ARG B 364 16.90 9.09 -7.52
CA ARG B 364 16.71 7.91 -8.37
C ARG B 364 16.29 8.37 -9.75
N ILE B 365 16.93 7.81 -10.79
CA ILE B 365 16.48 8.02 -12.17
C ILE B 365 16.14 6.67 -12.81
N GLY B 366 14.84 6.43 -12.98
CA GLY B 366 14.34 5.16 -13.48
C GLY B 366 14.13 4.12 -12.40
N GLY B 367 13.61 2.96 -12.80
CA GLY B 367 13.47 1.83 -11.90
C GLY B 367 12.02 1.59 -11.52
N ALA B 368 11.33 2.67 -11.20
CA ALA B 368 9.87 2.66 -11.04
C ALA B 368 9.18 3.40 -12.22
N GLY B 369 9.56 3.01 -13.43
CA GLY B 369 9.17 3.74 -14.63
C GLY B 369 10.26 4.60 -15.20
N PRO B 370 10.13 4.98 -16.50
CA PRO B 370 11.22 5.77 -17.04
C PRO B 370 11.28 7.12 -16.34
N GLY B 371 12.44 7.43 -15.80
CA GLY B 371 12.74 8.76 -15.39
C GLY B 371 13.96 9.18 -16.18
N LYS B 372 14.12 10.48 -16.34
CA LYS B 372 15.29 11.05 -17.01
C LYS B 372 15.62 12.40 -16.41
N ALA B 373 16.90 12.72 -16.34
CA ALA B 373 17.37 14.00 -15.89
C ALA B 373 18.79 14.23 -16.37
N THR B 374 19.12 15.47 -16.66
CA THR B 374 20.45 15.77 -17.20
C THR B 374 21.57 15.79 -16.14
N THR B 375 21.47 16.69 -15.17
CA THR B 375 22.31 16.69 -13.96
C THR B 375 21.42 16.54 -12.75
N SER B 376 21.74 15.63 -11.84
CA SER B 376 20.83 15.38 -10.74
C SER B 376 20.97 16.41 -9.62
N ILE B 377 22.19 16.65 -9.17
CA ILE B 377 22.42 17.65 -8.11
C ILE B 377 23.51 18.61 -8.53
N VAL B 378 23.15 19.91 -8.56
CA VAL B 378 24.14 20.97 -8.74
C VAL B 378 24.31 21.73 -7.44
N VAL B 379 25.57 21.81 -6.99
CA VAL B 379 25.90 22.48 -5.74
C VAL B 379 26.74 23.73 -6.06
N ASN B 380 26.06 24.88 -6.02
CA ASN B 380 26.71 26.17 -6.21
C ASN B 380 27.11 26.88 -4.92
N SER B 381 26.38 26.66 -3.85
CA SER B 381 26.64 27.42 -2.61
C SER B 381 27.98 27.03 -2.00
N ASN B 382 28.81 28.02 -1.78
CA ASN B 382 30.07 27.75 -1.12
C ASN B 382 29.82 27.24 0.32
N ASP B 383 30.71 26.37 0.76
CA ASP B 383 30.73 25.79 2.12
C ASP B 383 29.67 24.72 2.44
N THR B 384 28.97 24.29 1.40
CA THR B 384 27.90 23.29 1.53
C THR B 384 28.45 21.97 2.06
N ILE B 385 27.71 21.38 3.01
CA ILE B 385 27.98 20.03 3.49
C ILE B 385 27.02 19.05 2.76
N ILE B 386 27.60 17.99 2.20
CA ILE B 386 26.81 16.91 1.63
C ILE B 386 27.19 15.68 2.45
N ASP B 387 26.30 15.30 3.37
CA ASP B 387 26.56 14.27 4.38
C ASP B 387 25.58 13.10 4.20
N HIS B 388 26.04 12.16 3.39
CA HIS B 388 25.31 10.98 2.92
C HIS B 388 24.31 11.29 1.80
N THR B 389 24.72 10.96 0.59
CA THR B 389 23.81 11.00 -0.55
C THR B 389 24.05 9.73 -1.39
N TRP B 390 22.97 9.25 -1.98
CA TRP B 390 23.04 8.22 -3.04
C TRP B 390 22.31 8.80 -4.24
N VAL B 391 23.07 9.01 -5.31
CA VAL B 391 22.58 9.57 -6.56
C VAL B 391 22.71 8.42 -7.57
N TRP B 392 21.56 7.87 -7.95
CA TRP B 392 21.49 6.55 -8.58
C TRP B 392 20.67 6.54 -9.86
N ARG B 393 21.34 6.33 -10.97
CA ARG B 393 20.66 5.98 -12.20
C ARG B 393 20.38 4.49 -12.14
N ALA B 394 19.12 4.11 -12.25
CA ALA B 394 18.76 2.71 -12.03
C ALA B 394 19.42 1.72 -12.99
N ASP B 395 19.86 0.59 -12.46
CA ASP B 395 20.43 -0.47 -13.28
C ASP B 395 19.43 -1.60 -13.46
N HIS B 396 18.36 -1.61 -12.67
CA HIS B 396 17.39 -2.68 -12.77
C HIS B 396 16.04 -2.08 -12.43
N GLY B 397 15.02 -2.91 -12.58
CA GLY B 397 13.64 -2.51 -12.38
C GLY B 397 12.92 -2.24 -13.70
N GLU B 398 11.95 -1.34 -13.61
CA GLU B 398 11.11 -0.90 -14.71
C GLU B 398 11.58 0.43 -15.28
N GLY B 399 11.59 0.53 -16.61
CA GLY B 399 11.95 1.76 -17.31
C GLY B 399 13.46 2.04 -17.36
N VAL B 400 14.23 0.95 -17.52
CA VAL B 400 15.70 0.99 -17.46
C VAL B 400 16.30 0.70 -18.85
N GLY B 401 17.18 1.60 -19.30
CA GLY B 401 17.83 1.47 -20.59
C GLY B 401 18.76 2.63 -20.91
N TRP B 402 19.78 2.36 -21.74
CA TRP B 402 20.81 3.36 -22.11
C TRP B 402 20.21 4.71 -22.54
N GLU B 403 19.11 4.67 -23.28
CA GLU B 403 18.43 5.90 -23.64
C GLU B 403 17.18 6.11 -22.72
N THR B 404 16.53 5.01 -22.34
CA THR B 404 15.22 5.07 -21.70
C THR B 404 15.25 5.70 -20.32
N ASN B 405 16.32 5.46 -19.54
CA ASN B 405 16.53 6.25 -18.32
C ASN B 405 17.90 6.93 -18.36
N ARG B 406 18.23 7.46 -19.54
CA ARG B 406 19.41 8.29 -19.69
C ARG B 406 19.51 9.36 -18.61
N ALA B 407 20.69 9.46 -18.01
CA ALA B 407 21.02 10.55 -17.10
C ALA B 407 22.51 10.77 -17.23
N ASP B 408 22.89 11.88 -17.84
CA ASP B 408 24.31 12.07 -18.19
C ASP B 408 25.21 12.33 -16.97
N TYR B 409 24.74 13.17 -16.04
CA TYR B 409 25.60 13.71 -14.98
C TYR B 409 24.96 13.54 -13.59
N GLY B 410 25.75 13.05 -12.63
CA GLY B 410 25.26 12.82 -11.29
C GLY B 410 25.23 14.06 -10.45
N VAL B 411 26.41 14.40 -9.94
CA VAL B 411 26.62 15.55 -9.08
C VAL B 411 27.64 16.46 -9.75
N HIS B 412 27.34 17.76 -9.81
CA HIS B 412 28.29 18.75 -10.30
C HIS B 412 28.46 19.76 -9.16
N VAL B 413 29.64 19.77 -8.54
CA VAL B 413 29.91 20.78 -7.49
C VAL B 413 30.71 21.94 -8.03
N LYS B 414 30.10 23.12 -7.90
CA LYS B 414 30.68 24.36 -8.41
C LYS B 414 31.00 25.32 -7.28
N GLY B 415 30.43 25.09 -6.11
CA GLY B 415 30.77 25.88 -4.94
C GLY B 415 32.17 25.60 -4.39
N ASP B 416 32.74 26.65 -3.79
CA ASP B 416 34.06 26.55 -3.19
C ASP B 416 33.91 26.00 -1.76
N ASN B 417 34.89 25.25 -1.33
CA ASN B 417 34.97 24.85 0.07
C ASN B 417 33.80 23.90 0.49
N VAL B 418 33.34 23.12 -0.48
CA VAL B 418 32.28 22.12 -0.28
C VAL B 418 32.87 20.82 0.30
N LEU B 419 32.12 20.20 1.18
CA LEU B 419 32.57 18.96 1.81
C LEU B 419 31.55 17.87 1.56
N ALA B 420 32.01 16.72 1.07
CA ALA B 420 31.15 15.56 0.91
C ALA B 420 31.66 14.48 1.86
N THR B 421 30.78 13.97 2.73
CA THR B 421 31.11 12.87 3.62
C THR B 421 30.10 11.75 3.38
N GLY B 422 30.54 10.70 2.71
CA GLY B 422 29.68 9.57 2.36
C GLY B 422 28.97 9.82 1.05
N LEU B 423 29.76 9.83 -0.02
CA LEU B 423 29.28 10.15 -1.36
C LEU B 423 29.14 8.85 -2.18
N PHE B 424 27.91 8.51 -2.58
CA PHE B 424 27.59 7.32 -3.38
C PHE B 424 26.89 7.79 -4.68
N VAL B 425 27.49 7.58 -5.84
CA VAL B 425 26.94 8.07 -7.12
C VAL B 425 27.20 7.01 -8.19
N GLU B 426 26.16 6.54 -8.87
CA GLU B 426 26.32 5.38 -9.75
C GLU B 426 25.53 5.44 -11.07
N HIS B 427 26.20 4.94 -12.12
CA HIS B 427 25.60 4.48 -13.40
C HIS B 427 25.29 5.56 -14.42
N PHE B 428 25.79 6.77 -14.20
CA PHE B 428 25.51 7.86 -15.15
C PHE B 428 26.09 7.63 -16.55
N ASN B 429 25.43 8.15 -17.59
CA ASN B 429 25.90 7.94 -18.95
C ASN B 429 27.23 8.65 -19.21
N LYS B 430 27.48 9.74 -18.49
CA LYS B 430 28.72 10.49 -18.62
C LYS B 430 29.40 10.59 -17.24
N TYR B 431 29.85 11.76 -16.80
CA TYR B 431 30.56 11.86 -15.54
C TYR B 431 29.60 11.72 -14.35
N ASP B 432 29.87 10.75 -13.48
CA ASP B 432 29.02 10.61 -12.30
C ASP B 432 29.20 11.79 -11.36
N VAL B 433 30.44 12.13 -11.07
CA VAL B 433 30.74 13.34 -10.26
C VAL B 433 31.69 14.23 -11.02
N GLN B 434 31.44 15.53 -10.94
CA GLN B 434 32.31 16.56 -11.51
C GLN B 434 32.44 17.71 -10.52
N TRP B 435 33.65 18.24 -10.40
CA TRP B 435 33.96 19.21 -9.37
C TRP B 435 34.73 20.37 -9.97
N SER B 436 34.04 21.52 -9.95
CA SER B 436 34.51 22.83 -10.48
C SER B 436 34.99 23.76 -9.36
N GLY B 437 34.33 23.65 -8.22
CA GLY B 437 34.63 24.52 -7.09
C GLY B 437 36.07 24.33 -6.65
N GLU B 438 36.67 25.31 -5.98
CA GLU B 438 37.95 25.02 -5.35
C GLU B 438 37.78 24.54 -3.93
N ASN B 439 38.89 24.02 -3.48
CA ASN B 439 39.05 23.56 -2.12
C ASN B 439 38.00 22.54 -1.75
N GLY B 440 37.58 21.74 -2.70
CA GLY B 440 36.70 20.63 -2.42
C GLY B 440 37.34 19.51 -1.60
N LYS B 441 36.53 18.86 -0.76
CA LYS B 441 36.97 17.63 -0.08
C LYS B 441 35.86 16.56 -0.08
N THR B 442 36.26 15.33 -0.39
CA THR B 442 35.37 14.16 -0.32
C THR B 442 36.01 13.14 0.59
N ILE B 443 35.26 12.73 1.61
CA ILE B 443 35.66 11.64 2.50
C ILE B 443 34.66 10.52 2.27
N PHE B 444 35.16 9.47 1.62
CA PHE B 444 34.45 8.28 1.14
C PHE B 444 33.66 8.51 -0.14
N TYR B 445 34.03 7.76 -1.19
CA TYR B 445 33.28 7.77 -2.45
C TYR B 445 33.08 6.34 -2.89
N GLN B 446 31.85 6.02 -3.27
CA GLN B 446 31.51 4.75 -3.88
C GLN B 446 30.81 5.02 -5.20
N ASN B 447 31.38 4.47 -6.27
CA ASN B 447 30.82 4.56 -7.61
C ASN B 447 30.75 3.20 -8.30
N ALA B 448 29.76 3.05 -9.18
CA ALA B 448 29.76 1.98 -10.20
C ALA B 448 29.42 2.65 -11.52
N LYS B 449 30.18 2.29 -12.53
CA LYS B 449 29.96 2.84 -13.85
C LYS B 449 28.73 2.22 -14.55
N ALA B 450 28.16 2.96 -15.49
CA ALA B 450 27.05 2.48 -16.32
C ALA B 450 27.35 1.12 -16.89
N TYR B 451 26.41 0.19 -16.69
CA TYR B 451 26.62 -1.18 -17.07
C TYR B 451 26.23 -1.38 -18.51
N ASP B 452 25.36 -0.48 -18.98
CA ASP B 452 24.65 -0.68 -20.23
C ASP B 452 25.24 0.15 -21.38
N ALA B 453 26.46 0.64 -21.20
CA ALA B 453 27.27 1.16 -22.32
C ALA B 453 27.33 0.16 -23.50
N PRO B 454 26.66 0.45 -24.62
CA PRO B 454 26.55 -0.71 -25.52
C PRO B 454 27.80 -1.01 -26.39
N ASP B 455 28.73 -0.08 -26.43
CA ASP B 455 29.87 -0.19 -27.30
C ASP B 455 30.86 0.86 -26.87
N GLN B 456 32.11 0.74 -27.32
CA GLN B 456 33.14 1.68 -26.93
C GLN B 456 32.85 3.08 -27.46
N ALA B 457 32.41 3.18 -28.73
CA ALA B 457 32.07 4.46 -29.33
C ALA B 457 31.01 5.27 -28.56
N ALA B 458 30.04 4.58 -27.96
CA ALA B 458 28.97 5.27 -27.22
C ALA B 458 29.55 6.19 -26.13
N ILE B 459 30.61 5.72 -25.47
CA ILE B 459 31.20 6.41 -24.34
C ILE B 459 32.51 7.12 -24.68
N GLN B 460 32.77 7.38 -25.96
CA GLN B 460 33.92 8.20 -26.35
C GLN B 460 33.82 9.57 -25.62
N ASN B 461 34.97 10.17 -25.33
CA ASN B 461 35.04 11.35 -24.44
C ASN B 461 36.27 12.26 -24.69
N GLY B 462 36.25 13.01 -25.79
CA GLY B 462 37.25 14.05 -25.97
C GLY B 462 38.38 13.26 -26.58
N ASP B 463 39.52 13.17 -25.91
CA ASP B 463 40.49 12.07 -26.20
C ASP B 463 40.35 10.84 -25.29
N ILE B 464 39.30 10.67 -24.51
CA ILE B 464 39.40 9.73 -23.39
C ILE B 464 38.37 8.62 -23.54
N LYS B 465 38.75 7.37 -23.25
CA LYS B 465 37.79 6.27 -23.38
C LYS B 465 36.97 6.16 -22.09
N GLY B 466 35.69 6.49 -22.23
CA GLY B 466 34.82 6.59 -21.09
C GLY B 466 34.95 7.88 -20.31
N TYR B 467 34.00 8.06 -19.40
CA TYR B 467 33.93 9.25 -18.54
C TYR B 467 34.34 8.88 -17.12
N ALA B 468 35.26 9.62 -16.51
CA ALA B 468 35.60 9.42 -15.13
C ALA B 468 34.36 9.33 -14.25
N ALA B 469 34.43 8.48 -13.23
CA ALA B 469 33.45 8.50 -12.15
C ALA B 469 33.54 9.76 -11.32
N TYR B 470 34.73 10.37 -11.32
CA TYR B 470 34.96 11.53 -10.47
C TYR B 470 36.03 12.35 -11.16
N LYS B 471 35.57 13.49 -11.69
CA LYS B 471 36.38 14.41 -12.44
C LYS B 471 36.54 15.73 -11.74
N VAL B 472 37.77 16.11 -11.52
CA VAL B 472 38.14 17.44 -11.04
C VAL B 472 38.60 18.23 -12.27
N ASP B 473 37.97 19.37 -12.51
CA ASP B 473 38.28 20.17 -13.69
C ASP B 473 39.72 20.67 -13.66
N ASP B 474 40.28 20.92 -14.84
CA ASP B 474 41.70 21.30 -14.93
C ASP B 474 41.99 22.73 -14.51
N SER B 475 40.92 23.51 -14.36
CA SER B 475 41.06 24.87 -13.91
C SER B 475 41.14 24.92 -12.37
N VAL B 476 40.90 23.78 -11.74
CA VAL B 476 40.83 23.72 -10.27
C VAL B 476 42.25 23.79 -9.75
N THR B 477 42.49 24.55 -8.67
CA THR B 477 43.84 24.54 -8.10
C THR B 477 43.97 23.76 -6.76
N THR B 478 42.86 23.56 -6.03
CA THR B 478 42.91 22.84 -4.74
C THR B 478 41.74 21.85 -4.60
N HIS B 479 42.07 20.63 -4.18
CA HIS B 479 41.09 19.56 -3.97
C HIS B 479 41.72 18.47 -3.11
N GLU B 480 40.93 17.74 -2.33
CA GLU B 480 41.47 16.59 -1.60
C GLU B 480 40.38 15.53 -1.40
N GLY B 481 40.70 14.28 -1.75
CA GLY B 481 39.80 13.16 -1.58
C GLY B 481 40.46 11.98 -0.90
N TRP B 482 39.69 11.26 -0.08
CA TRP B 482 40.17 10.10 0.66
C TRP B 482 39.18 8.91 0.58
N GLY B 483 39.70 7.72 0.30
CA GLY B 483 38.87 6.52 0.42
C GLY B 483 37.82 6.40 -0.68
N MET B 484 38.29 6.23 -1.90
CA MET B 484 37.43 6.42 -3.06
C MET B 484 37.54 5.27 -4.06
N GLY B 485 36.39 4.69 -4.45
CA GLY B 485 36.39 3.52 -5.35
C GLY B 485 35.38 3.64 -6.48
N SER B 486 35.76 3.10 -7.64
CA SER B 486 34.87 3.04 -8.80
C SER B 486 34.90 1.62 -9.32
N TYR B 487 33.73 1.05 -9.49
CA TYR B 487 33.62 -0.32 -9.99
C TYR B 487 32.97 -0.39 -11.37
N CYS B 488 33.34 -1.37 -12.19
CA CYS B 488 32.67 -1.54 -13.47
C CYS B 488 32.02 -2.90 -13.64
N TYR B 489 31.09 -2.95 -14.58
CA TYR B 489 30.25 -4.12 -14.86
C TYR B 489 29.56 -3.88 -16.20
N PHE B 490 30.34 -4.00 -17.26
CA PHE B 490 29.86 -3.63 -18.59
C PHE B 490 29.27 -4.88 -19.22
N ASN B 491 28.08 -5.25 -18.76
CA ASN B 491 27.59 -6.59 -19.07
C ASN B 491 27.09 -6.65 -20.51
N VAL B 492 26.40 -5.62 -20.98
CA VAL B 492 25.96 -5.69 -22.35
C VAL B 492 27.16 -5.75 -23.33
N ASN B 493 28.31 -5.20 -22.93
CA ASN B 493 29.49 -5.23 -23.80
C ASN B 493 30.79 -5.30 -22.95
N PRO B 494 31.11 -6.51 -22.50
CA PRO B 494 32.24 -6.76 -21.60
C PRO B 494 33.60 -6.61 -22.27
N ASP B 495 33.61 -6.27 -23.58
CA ASP B 495 34.86 -5.92 -24.30
C ASP B 495 35.26 -4.47 -24.02
N ILE B 496 34.37 -3.70 -23.38
CA ILE B 496 34.62 -2.28 -23.17
C ILE B 496 35.83 -2.02 -22.26
N ARG B 497 36.50 -0.90 -22.50
CA ARG B 497 37.53 -0.40 -21.60
C ARG B 497 37.17 0.96 -21.02
N GLN B 498 37.34 1.09 -19.70
CA GLN B 498 37.18 2.37 -18.98
C GLN B 498 38.59 2.89 -18.72
N GLN B 499 38.97 4.06 -19.23
CA GLN B 499 40.36 4.49 -19.06
C GLN B 499 40.72 4.66 -17.60
N HIS B 500 39.83 5.28 -16.85
CA HIS B 500 40.12 5.55 -15.45
C HIS B 500 38.86 5.72 -14.60
N GLY B 501 39.02 5.57 -13.29
CA GLY B 501 37.96 5.90 -12.35
C GLY B 501 37.93 7.39 -12.04
N PHE B 502 39.13 7.96 -12.03
CA PHE B 502 39.38 9.33 -11.56
C PHE B 502 40.17 10.15 -12.58
N GLN B 503 39.81 11.42 -12.71
CA GLN B 503 40.46 12.35 -13.64
C GLN B 503 40.66 13.70 -12.95
N ALA B 504 41.89 14.21 -12.95
CA ALA B 504 42.20 15.45 -12.25
C ALA B 504 43.40 16.15 -12.89
N PRO B 505 43.66 17.39 -12.52
CA PRO B 505 44.95 17.97 -12.90
C PRO B 505 46.04 17.48 -11.96
N VAL B 506 47.28 17.52 -12.45
CA VAL B 506 48.44 17.15 -11.68
C VAL B 506 49.08 18.44 -11.16
N LYS B 507 48.56 18.96 -10.04
CA LYS B 507 48.96 20.24 -9.48
C LYS B 507 49.27 20.12 -8.02
N PRO B 508 49.99 21.11 -7.49
CA PRO B 508 50.35 20.98 -6.08
C PRO B 508 49.19 21.04 -5.06
N GLY B 509 48.06 21.59 -5.44
CA GLY B 509 46.93 21.63 -4.52
C GLY B 509 45.88 20.54 -4.68
N VAL B 510 46.14 19.53 -5.52
CA VAL B 510 45.10 18.54 -5.91
C VAL B 510 45.55 17.14 -5.54
N LYS B 511 44.98 16.64 -4.44
CA LYS B 511 45.47 15.47 -3.71
C LYS B 511 44.47 14.36 -3.59
N PHE B 512 44.94 13.11 -3.70
CA PHE B 512 44.10 11.97 -3.39
C PHE B 512 44.81 10.93 -2.57
N HIS B 513 44.02 10.27 -1.73
CA HIS B 513 44.51 9.21 -0.85
C HIS B 513 43.58 7.99 -0.92
N ASP B 514 44.17 6.81 -1.17
CA ASP B 514 43.47 5.53 -1.09
C ASP B 514 42.37 5.40 -2.15
N LEU B 515 42.82 5.34 -3.41
CA LEU B 515 41.94 5.17 -4.56
C LEU B 515 41.97 3.73 -5.03
N LEU B 516 40.81 3.27 -5.49
CA LEU B 516 40.75 1.99 -6.16
C LEU B 516 39.73 1.92 -7.29
N VAL B 517 40.02 1.04 -8.23
CA VAL B 517 39.03 0.61 -9.22
C VAL B 517 38.95 -0.91 -9.27
N VAL B 518 37.80 -1.45 -9.70
CA VAL B 518 37.63 -2.90 -9.74
C VAL B 518 36.59 -3.29 -10.78
N SER B 519 36.89 -4.37 -11.48
CA SER B 519 35.95 -4.99 -12.43
C SER B 519 35.30 -6.24 -11.82
N LEU B 520 33.97 -6.37 -11.94
CA LEU B 520 33.31 -7.60 -11.53
C LEU B 520 33.36 -8.71 -12.56
N GLY B 521 34.06 -9.80 -12.22
CA GLY B 521 34.07 -10.98 -13.06
C GLY B 521 34.64 -10.71 -14.45
N GLY B 522 35.47 -9.70 -14.55
CA GLY B 522 36.02 -9.31 -15.83
C GLY B 522 35.02 -8.84 -16.86
N LYS B 523 33.93 -8.22 -16.43
CA LYS B 523 33.02 -7.56 -17.37
C LYS B 523 33.47 -6.11 -17.61
N GLY B 524 34.22 -5.93 -18.69
CA GLY B 524 34.97 -4.72 -18.90
C GLY B 524 36.20 -4.68 -18.03
N GLN B 525 37.11 -3.76 -18.34
CA GLN B 525 38.27 -3.51 -17.50
C GLN B 525 38.62 -2.03 -17.49
N TYR B 526 39.26 -1.62 -16.38
CA TYR B 526 39.90 -0.30 -16.29
C TYR B 526 41.33 -0.35 -16.87
N GLU B 527 41.70 0.67 -17.65
CA GLU B 527 43.09 0.81 -18.11
C GLU B 527 44.04 1.38 -17.03
N HIS B 528 43.49 2.19 -16.11
CA HIS B 528 44.25 2.84 -15.04
C HIS B 528 43.28 3.20 -13.88
N VAL B 529 43.83 3.75 -12.80
CA VAL B 529 43.02 4.15 -11.64
C VAL B 529 42.65 5.62 -11.78
N ILE B 530 43.67 6.45 -11.95
CA ILE B 530 43.54 7.90 -12.06
C ILE B 530 44.38 8.44 -13.24
N ASN B 531 43.79 9.27 -14.10
CA ASN B 531 44.45 9.74 -15.31
C ASN B 531 45.04 8.54 -16.06
N ASP B 532 46.37 8.49 -16.25
CA ASP B 532 47.04 7.27 -16.76
C ASP B 532 48.03 6.64 -15.75
N ILE B 533 47.86 6.92 -14.45
CA ILE B 533 48.62 6.32 -13.34
C ILE B 533 47.79 5.14 -12.79
N GLY B 534 48.46 4.03 -12.52
CA GLY B 534 47.84 2.89 -11.89
C GLY B 534 47.76 1.71 -12.82
N ASP B 535 47.78 0.53 -12.21
CA ASP B 535 47.74 -0.69 -13.00
C ASP B 535 46.30 -0.91 -13.50
N PRO B 536 46.15 -1.40 -14.74
CA PRO B 536 44.80 -1.76 -15.19
C PRO B 536 44.28 -2.89 -14.33
N THR B 537 42.97 -3.07 -14.30
CA THR B 537 42.44 -4.31 -13.79
C THR B 537 42.64 -5.42 -14.83
N SER B 538 42.73 -6.66 -14.35
CA SER B 538 42.92 -7.79 -15.24
C SER B 538 42.44 -9.05 -14.52
N GLY B 539 42.34 -10.17 -15.24
CA GLY B 539 41.73 -11.37 -14.65
C GLY B 539 40.21 -11.28 -14.64
N ASP B 540 39.56 -12.28 -14.02
CA ASP B 540 38.09 -12.26 -13.83
C ASP B 540 37.77 -12.53 -12.37
N THR B 541 38.70 -12.14 -11.50
CA THR B 541 38.63 -12.46 -10.08
C THR B 541 38.44 -11.26 -9.15
N THR B 542 38.10 -10.10 -9.72
CA THR B 542 37.57 -8.99 -8.91
C THR B 542 38.60 -8.39 -7.92
N ILE B 543 39.87 -8.53 -8.24
CA ILE B 543 40.90 -7.98 -7.38
C ILE B 543 41.07 -6.51 -7.75
N PRO B 544 40.93 -5.58 -6.77
CA PRO B 544 41.09 -4.17 -7.12
C PRO B 544 42.48 -3.76 -7.57
N SER B 545 42.59 -2.67 -8.34
CA SER B 545 43.84 -1.96 -8.60
C SER B 545 43.77 -0.62 -7.93
N GLN B 546 44.91 -0.02 -7.63
CA GLN B 546 44.81 1.09 -6.72
C GLN B 546 46.00 1.97 -6.70
N VAL B 547 45.82 3.08 -5.98
CA VAL B 547 46.83 4.11 -5.84
C VAL B 547 46.69 4.59 -4.42
N VAL B 548 47.76 4.53 -3.63
CA VAL B 548 47.74 5.01 -2.23
C VAL B 548 47.77 6.52 -2.17
N SER B 549 48.69 7.12 -2.93
CA SER B 549 48.89 8.59 -2.93
C SER B 549 49.00 9.11 -4.36
N PHE B 550 48.40 10.25 -4.60
CA PHE B 550 48.46 10.93 -5.88
C PHE B 550 48.30 12.45 -5.64
N PRO B 551 49.11 13.28 -6.33
CA PRO B 551 50.06 12.88 -7.37
C PRO B 551 51.26 12.14 -6.79
C1 EDO C . -38.61 -12.32 -9.31
O1 EDO C . -37.87 -12.81 -8.19
C2 EDO C . -38.96 -10.84 -9.19
O2 EDO C . -37.85 -10.16 -8.60
H11 EDO C . -39.53 -12.90 -9.44
H12 EDO C . -38.00 -12.46 -10.20
HO1 EDO C . -37.63 -13.74 -8.33
H21 EDO C . -39.85 -10.72 -8.57
H22 EDO C . -39.15 -10.43 -10.17
HO2 EDO C . -38.10 -9.24 -8.45
C1 EDO D . -15.64 -12.69 -22.09
O1 EDO D . -14.36 -11.99 -22.17
C2 EDO D . -16.77 -11.67 -22.20
O2 EDO D . -16.62 -10.72 -21.15
H11 EDO D . -15.72 -13.24 -21.16
H12 EDO D . -15.71 -13.41 -22.90
HO1 EDO D . -13.64 -12.63 -22.09
H21 EDO D . -17.75 -12.16 -22.10
H22 EDO D . -16.75 -11.17 -23.16
HO2 EDO D . -17.46 -10.31 -20.96
C2 BGC E . 25.24 -1.77 -7.11
C3 BGC E . 23.79 -1.47 -6.67
C4 BGC E . 22.94 -2.29 -7.66
C5 BGC E . 23.15 -3.81 -7.55
C6 BGC E . 22.42 -4.48 -8.76
C1 BGC E . 25.44 -3.28 -6.81
O1 BGC E . 26.75 -3.67 -7.16
O2 BGC E . 26.24 -0.85 -6.57
O3 BGC E . 23.38 -0.17 -6.93
O4 BGC E . 21.55 -1.87 -7.80
O5 BGC E . 24.55 -4.09 -7.57
O6 BGC E . 22.61 -5.86 -8.81
H2 BGC E . 25.28 -1.67 -8.19
H3 BGC E . 23.10 -2.14 -7.12
H4 BGC E . 23.40 -2.29 -8.66
H5 BGC E . 22.64 -4.15 -6.64
H61 BGC E . 22.81 -4.10 -9.70
H62 BGC E . 21.35 -4.25 -8.72
H1 BGC E . 25.29 -3.47 -5.75
HO1 BGC E . 27.15 -3.00 -7.76
HO2 BGC E . 27.14 -1.19 -6.77
HO3 BGC E . 23.79 0.19 -7.74
HO4 BGC E . 21.35 -1.17 -7.14
HO6 BGC E . 23.22 -6.13 -8.09
C1 EDO F . 7.43 6.25 -6.53
O1 EDO F . 8.47 7.16 -6.13
C2 EDO F . 7.89 4.82 -6.45
O2 EDO F . 8.61 4.56 -5.24
H11 EDO F . 7.09 6.48 -7.54
H12 EDO F . 6.57 6.39 -5.86
HO1 EDO F . 8.28 8.04 -6.49
H21 EDO F . 8.55 4.59 -7.30
H22 EDO F . 7.03 4.16 -6.49
HO2 EDO F . 8.86 3.64 -5.19
C1 EDO G . 30.98 4.98 -18.97
O1 EDO G . 32.25 5.63 -19.01
C2 EDO G . 29.86 6.03 -18.91
O2 EDO G . 30.05 7.00 -17.88
H11 EDO G . 30.94 4.33 -18.09
H12 EDO G . 30.85 4.37 -19.86
HO1 EDO G . 32.95 4.99 -18.88
H21 EDO G . 28.90 5.53 -18.75
H22 EDO G . 29.82 6.54 -19.87
HO2 EDO G . 29.19 7.31 -17.59
C1 EDO H . 48.95 6.13 5.47
O1 EDO H . 50.15 5.82 6.17
C2 EDO H . 48.70 5.26 4.23
O2 EDO H . 48.21 3.86 4.40
H11 EDO H . 49.01 7.18 5.15
H12 EDO H . 48.12 6.07 6.16
HO1 EDO H . 50.16 6.28 7.02
H21 EDO H . 49.60 5.26 3.62
H22 EDO H . 47.94 5.79 3.64
HO2 EDO H . 47.80 3.56 3.58
N VAL A 4 -45.25 10.06 2.68
CA VAL A 4 -46.20 10.97 3.32
C VAL A 4 -46.28 10.76 4.80
N VAL A 5 -46.99 9.74 5.28
CA VAL A 5 -46.98 9.51 6.73
C VAL A 5 -45.97 8.40 7.06
N GLY A 6 -45.15 8.64 8.08
CA GLY A 6 -44.18 7.69 8.56
C GLY A 6 -44.72 6.64 9.53
N GLY A 7 -43.98 5.55 9.71
CA GLY A 7 -44.35 4.51 10.66
C GLY A 7 -45.41 3.57 10.11
N GLY A 8 -46.10 2.85 11.01
CA GLY A 8 -47.11 1.88 10.58
C GLY A 8 -46.60 0.45 10.50
N ASP A 9 -47.54 -0.48 10.28
CA ASP A 9 -47.32 -1.93 10.39
C ASP A 9 -46.49 -2.49 9.27
N LEU A 10 -45.67 -3.50 9.59
CA LEU A 10 -44.63 -4.00 8.67
C LEU A 10 -45.14 -4.98 7.60
N GLY A 11 -46.44 -5.25 7.61
CA GLY A 11 -47.07 -5.99 6.55
C GLY A 11 -47.06 -7.50 6.72
N PRO A 12 -47.68 -8.19 5.77
CA PRO A 12 -47.93 -9.63 5.88
C PRO A 12 -46.71 -10.53 5.77
N ASN A 13 -45.63 -10.06 5.16
CA ASN A 13 -44.46 -10.93 4.98
C ASN A 13 -43.36 -10.72 6.00
N VAL A 14 -43.64 -9.87 6.98
CA VAL A 14 -42.76 -9.73 8.12
C VAL A 14 -43.39 -10.46 9.29
N LEU A 15 -42.80 -11.59 9.61
CA LEU A 15 -43.30 -12.44 10.68
C LEU A 15 -42.48 -12.10 11.94
N VAL A 16 -43.14 -11.53 12.94
CA VAL A 16 -42.48 -11.13 14.19
C VAL A 16 -42.88 -12.13 15.29
N PHE A 17 -41.85 -12.59 16.01
CA PHE A 17 -41.97 -13.61 17.04
C PHE A 17 -41.42 -13.08 18.35
N ASP A 18 -42.01 -13.54 19.45
CA ASP A 18 -41.46 -13.33 20.79
C ASP A 18 -41.33 -14.73 21.38
N PRO A 19 -40.77 -14.86 22.58
CA PRO A 19 -40.76 -16.27 23.00
C PRO A 19 -42.14 -16.90 23.36
N SER A 20 -43.22 -16.14 23.55
CA SER A 20 -44.56 -16.74 23.75
C SER A 20 -45.32 -17.26 22.51
N THR A 21 -44.82 -16.93 21.32
CA THR A 21 -45.52 -17.25 20.08
C THR A 21 -45.59 -18.80 19.92
N PRO A 22 -46.81 -19.38 19.73
CA PRO A 22 -46.94 -20.86 19.67
C PRO A 22 -46.31 -21.50 18.44
N ASP A 23 -45.92 -22.77 18.51
CA ASP A 23 -45.20 -23.51 17.47
C ASP A 23 -44.56 -22.52 16.46
N ILE A 24 -43.38 -22.10 16.87
CA ILE A 24 -42.51 -21.23 16.12
C ILE A 24 -41.93 -22.10 15.04
N GLN A 25 -41.55 -23.30 15.44
CA GLN A 25 -40.92 -24.25 14.55
C GLN A 25 -41.78 -24.50 13.34
N GLY A 26 -43.08 -24.62 13.58
CA GLY A 26 -43.98 -25.00 12.52
C GLY A 26 -43.97 -23.92 11.48
N LYS A 27 -43.87 -22.70 11.97
CA LYS A 27 -43.98 -21.51 11.12
C LYS A 27 -42.75 -21.30 10.23
N VAL A 28 -41.55 -21.22 10.81
CA VAL A 28 -40.35 -21.12 9.97
C VAL A 28 -40.31 -22.32 9.03
N ASP A 29 -40.84 -23.47 9.45
CA ASP A 29 -40.91 -24.64 8.53
C ASP A 29 -41.86 -24.38 7.32
N GLU A 30 -43.01 -23.71 7.54
CA GLU A 30 -43.94 -23.39 6.40
C GLU A 30 -43.24 -22.47 5.42
N VAL A 31 -42.59 -21.45 5.99
CA VAL A 31 -41.92 -20.46 5.18
C VAL A 31 -40.84 -21.21 4.43
N PHE A 32 -40.04 -21.96 5.16
CA PHE A 32 -38.94 -22.70 4.53
C PHE A 32 -39.47 -23.64 3.44
N ARG A 33 -40.67 -24.18 3.64
CA ARG A 33 -41.21 -25.10 2.64
C ARG A 33 -41.58 -24.34 1.34
N LYS A 34 -42.18 -23.16 1.46
CA LYS A 34 -42.51 -22.34 0.27
C LYS A 34 -41.19 -22.00 -0.47
N GLN A 35 -40.17 -21.67 0.32
CA GLN A 35 -39.00 -20.97 -0.20
C GLN A 35 -37.82 -21.88 -0.58
N GLU A 36 -37.85 -23.13 -0.14
CA GLU A 36 -36.70 -24.03 -0.33
C GLU A 36 -36.14 -24.06 -1.77
N SER A 37 -37.03 -24.34 -2.71
CA SER A 37 -36.68 -24.56 -4.11
C SER A 37 -37.08 -23.37 -4.99
N ASN A 38 -37.49 -22.29 -4.35
CA ASN A 38 -38.20 -21.22 -5.05
C ASN A 38 -37.26 -20.15 -5.60
N GLN A 39 -36.35 -20.60 -6.47
CA GLN A 39 -35.19 -19.79 -6.82
C GLN A 39 -35.55 -18.45 -7.45
N PHE A 40 -36.61 -18.44 -8.26
CA PHE A 40 -36.99 -17.27 -9.05
C PHE A 40 -38.42 -16.80 -8.76
N GLY A 41 -38.99 -17.28 -7.65
CA GLY A 41 -40.30 -16.85 -7.19
C GLY A 41 -40.32 -15.40 -6.72
N THR A 42 -41.52 -14.88 -6.46
CA THR A 42 -41.68 -13.50 -6.07
C THR A 42 -42.13 -13.34 -4.65
N ASP A 43 -42.30 -14.44 -3.92
CA ASP A 43 -42.49 -14.33 -2.48
C ASP A 43 -41.19 -13.88 -1.79
N ARG A 44 -41.36 -13.15 -0.70
CA ARG A 44 -40.28 -12.48 0.04
C ARG A 44 -40.66 -12.48 1.51
N TYR A 45 -39.76 -12.93 2.40
CA TYR A 45 -40.12 -13.02 3.83
C TYR A 45 -39.02 -12.53 4.74
N ALA A 46 -39.42 -11.83 5.81
CA ALA A 46 -38.52 -11.50 6.90
C ALA A 46 -39.03 -12.12 8.18
N LEU A 47 -38.14 -12.83 8.86
CA LEU A 47 -38.42 -13.49 10.15
C LEU A 47 -37.68 -12.74 11.24
N MET A 48 -38.44 -12.00 12.07
CA MET A 48 -37.84 -11.09 13.03
C MET A 48 -38.16 -11.61 14.45
N PHE A 49 -37.14 -11.73 15.28
CA PHE A 49 -37.25 -12.31 16.62
C PHE A 49 -37.02 -11.30 17.73
N LYS A 50 -38.03 -11.08 18.57
CA LYS A 50 -37.89 -10.14 19.67
C LYS A 50 -36.84 -10.66 20.66
N PRO A 51 -36.16 -9.75 21.37
CA PRO A 51 -35.20 -10.12 22.39
C PRO A 51 -35.76 -11.19 23.30
N GLY A 52 -34.89 -12.13 23.62
CA GLY A 52 -35.22 -13.23 24.48
C GLY A 52 -34.43 -14.47 24.12
N THR A 53 -34.91 -15.58 24.67
CA THR A 53 -34.32 -16.88 24.57
C THR A 53 -35.31 -17.82 23.88
N TYR A 54 -34.85 -18.48 22.80
CA TYR A 54 -35.69 -19.37 21.98
C TYR A 54 -35.11 -20.76 22.01
N ASN A 55 -35.81 -21.67 22.68
CA ASN A 55 -35.37 -23.07 22.72
C ASN A 55 -35.98 -23.92 21.63
N ASP A 56 -35.39 -25.11 21.48
CA ASP A 56 -35.74 -26.10 20.46
C ASP A 56 -36.24 -25.43 19.17
N ILE A 57 -35.39 -24.65 18.52
CA ILE A 57 -35.71 -23.98 17.26
C ILE A 57 -34.59 -24.20 16.28
N ASN A 58 -34.96 -24.42 15.03
CA ASN A 58 -34.01 -24.71 14.01
C ASN A 58 -34.62 -24.06 12.79
N ALA A 59 -34.02 -22.95 12.40
CA ALA A 59 -34.64 -22.08 11.41
C ALA A 59 -33.94 -22.32 10.11
N GLN A 60 -34.56 -23.13 9.25
CA GLN A 60 -33.97 -23.49 7.96
C GLN A 60 -34.33 -22.31 7.03
N ILE A 61 -33.33 -21.78 6.31
CA ILE A 61 -33.47 -20.53 5.57
C ILE A 61 -33.40 -20.82 4.05
N GLY A 62 -34.52 -20.64 3.36
CA GLY A 62 -34.58 -20.81 1.93
C GLY A 62 -34.35 -19.53 1.15
N PHE A 63 -34.71 -19.55 -0.13
CA PHE A 63 -34.58 -18.35 -0.96
C PHE A 63 -35.39 -17.18 -0.39
N TYR A 64 -34.92 -15.97 -0.65
CA TYR A 64 -35.61 -14.72 -0.33
C TYR A 64 -36.21 -14.74 1.07
N THR A 65 -35.39 -15.20 2.00
CA THR A 65 -35.72 -15.19 3.41
C THR A 65 -34.59 -14.54 4.18
N SER A 66 -34.96 -13.59 5.03
CA SER A 66 -34.07 -12.99 6.02
C SER A 66 -34.51 -13.45 7.39
N ILE A 67 -33.53 -13.59 8.27
CA ILE A 67 -33.84 -13.85 9.68
C ILE A 67 -33.02 -12.84 10.48
N ALA A 68 -33.64 -12.21 11.46
CA ALA A 68 -32.91 -11.22 12.25
C ALA A 68 -33.44 -11.09 13.68
N GLY A 69 -32.52 -10.83 14.59
CA GLY A 69 -32.89 -10.46 15.95
C GLY A 69 -33.23 -9.00 16.07
N LEU A 70 -34.10 -8.71 17.06
CA LEU A 70 -34.57 -7.35 17.33
C LEU A 70 -33.98 -6.71 18.61
N GLY A 71 -32.95 -7.33 19.18
CA GLY A 71 -32.19 -6.67 20.22
C GLY A 71 -31.32 -5.59 19.65
N LEU A 72 -30.72 -4.80 20.56
CA LEU A 72 -29.62 -3.90 20.23
C LEU A 72 -28.32 -4.60 19.91
N ASN A 73 -28.09 -5.69 20.66
CA ASN A 73 -26.82 -6.42 20.62
C ASN A 73 -27.11 -7.83 20.26
N PRO A 74 -26.12 -8.52 19.68
CA PRO A 74 -26.47 -9.84 19.18
C PRO A 74 -26.99 -10.76 20.27
N ASP A 75 -26.35 -10.77 21.44
CA ASP A 75 -26.71 -11.71 22.49
C ASP A 75 -28.05 -11.34 23.18
N ASP A 76 -28.65 -10.24 22.74
CA ASP A 76 -30.00 -9.87 23.20
C ASP A 76 -31.06 -10.86 22.73
N THR A 77 -30.79 -11.53 21.60
CA THR A 77 -31.72 -12.48 20.98
C THR A 77 -30.99 -13.80 20.69
N THR A 78 -31.27 -14.79 21.52
CA THR A 78 -30.51 -16.03 21.60
C THR A 78 -31.35 -17.25 21.19
N PHE A 79 -30.82 -18.01 20.24
CA PHE A 79 -31.39 -19.29 19.82
C PHE A 79 -30.54 -20.40 20.41
N ASN A 80 -31.20 -21.25 21.19
CA ASN A 80 -30.62 -22.54 21.54
C ASN A 80 -31.10 -23.49 20.47
N GLY A 81 -30.27 -23.60 19.45
CA GLY A 81 -30.69 -24.08 18.15
C GLY A 81 -29.89 -23.39 17.04
N ASP A 82 -30.39 -23.44 15.81
CA ASP A 82 -29.56 -23.26 14.62
C ASP A 82 -30.30 -22.41 13.57
N VAL A 83 -29.58 -21.50 12.93
CA VAL A 83 -30.04 -20.89 11.69
C VAL A 83 -29.27 -21.56 10.53
N THR A 84 -29.97 -22.34 9.75
CA THR A 84 -29.36 -23.33 8.88
C THR A 84 -29.63 -23.16 7.39
N VAL A 85 -28.55 -23.21 6.60
CA VAL A 85 -28.68 -23.37 5.15
C VAL A 85 -27.92 -24.62 4.73
N ASP A 86 -28.64 -25.46 3.98
CA ASP A 86 -28.20 -26.78 3.59
C ASP A 86 -28.43 -26.87 2.09
N ALA A 87 -27.92 -27.91 1.47
CA ALA A 87 -28.21 -28.09 0.04
C ALA A 87 -29.12 -29.29 -0.20
N GLY A 88 -30.11 -29.50 0.68
CA GLY A 88 -31.12 -30.55 0.49
C GLY A 88 -31.68 -30.59 -0.94
N TRP A 89 -32.17 -29.46 -1.42
CA TRP A 89 -32.89 -29.47 -2.71
C TRP A 89 -32.08 -29.80 -3.96
N PHE A 90 -30.79 -29.53 -3.92
CA PHE A 90 -29.94 -29.68 -5.09
C PHE A 90 -29.09 -30.89 -4.72
N ASP A 91 -29.79 -31.86 -4.09
CA ASP A 91 -29.28 -32.64 -2.95
C ASP A 91 -27.73 -32.73 -2.80
N GLY A 92 -27.17 -31.57 -2.41
CA GLY A 92 -25.78 -31.49 -1.96
C GLY A 92 -24.94 -30.42 -2.66
N ASN A 93 -25.46 -29.87 -3.75
CA ASN A 93 -24.81 -28.81 -4.51
C ASN A 93 -25.29 -27.44 -4.00
N ALA A 94 -24.38 -26.65 -3.43
CA ALA A 94 -24.76 -25.36 -2.82
C ALA A 94 -24.61 -24.12 -3.74
N THR A 95 -24.29 -24.31 -5.02
CA THR A 95 -23.90 -23.16 -5.87
C THR A 95 -25.04 -22.25 -6.35
N GLN A 96 -26.27 -22.52 -5.91
CA GLN A 96 -27.36 -21.63 -6.19
C GLN A 96 -28.15 -21.38 -4.89
N ASN A 97 -27.46 -21.46 -3.75
CA ASN A 97 -28.00 -21.02 -2.47
C ASN A 97 -27.75 -19.52 -2.30
N PHE A 98 -28.55 -18.77 -3.03
CA PHE A 98 -28.47 -17.34 -3.10
C PHE A 98 -29.60 -16.64 -2.31
N TRP A 99 -29.41 -15.34 -2.14
CA TRP A 99 -30.46 -14.34 -1.80
C TRP A 99 -31.19 -14.67 -0.49
N ARG A 100 -30.43 -14.67 0.59
CA ARG A 100 -31.02 -14.86 1.92
C ARG A 100 -30.08 -14.23 2.93
N SER A 101 -30.46 -14.18 4.19
CA SER A 101 -29.58 -13.45 5.14
C SER A 101 -29.88 -13.81 6.57
N ALA A 102 -28.87 -13.62 7.41
CA ALA A 102 -29.03 -13.75 8.86
C ALA A 102 -28.30 -12.61 9.53
N GLU A 103 -28.95 -11.94 10.48
CA GLU A 103 -28.27 -10.88 11.21
C GLU A 103 -28.73 -10.75 12.69
N ASN A 104 -27.79 -10.40 13.55
CA ASN A 104 -28.14 -9.87 14.90
C ASN A 104 -28.82 -10.89 15.83
N LEU A 105 -28.24 -12.09 15.81
CA LEU A 105 -28.61 -13.21 16.67
C LEU A 105 -27.41 -13.84 17.31
N ALA A 106 -27.62 -14.42 18.49
CA ALA A 106 -26.68 -15.38 19.07
C ALA A 106 -27.23 -16.80 18.85
N LEU A 107 -26.37 -17.70 18.41
CA LEU A 107 -26.71 -19.11 18.21
C LEU A 107 -25.91 -20.00 19.16
N ASN A 108 -26.64 -20.92 19.79
CA ASN A 108 -26.07 -22.02 20.56
C ASN A 108 -26.47 -23.32 19.84
N PRO A 109 -25.68 -23.70 18.81
CA PRO A 109 -26.14 -24.67 17.79
C PRO A 109 -26.14 -26.13 18.27
N VAL A 110 -26.95 -26.97 17.64
CA VAL A 110 -27.13 -28.38 18.10
C VAL A 110 -25.93 -29.33 18.15
N ASN A 111 -24.92 -29.23 17.32
CA ASN A 111 -23.77 -30.14 17.66
C ASN A 111 -22.56 -29.34 17.92
N GLY A 112 -22.79 -28.18 18.51
CA GLY A 112 -21.71 -27.26 18.78
C GLY A 112 -21.34 -26.58 17.49
N THR A 113 -22.05 -26.89 16.40
CA THR A 113 -21.75 -26.27 15.12
C THR A 113 -23.04 -25.95 14.38
N ASN A 114 -22.99 -24.82 13.68
CA ASN A 114 -24.07 -24.29 12.85
C ASN A 114 -23.63 -24.34 11.40
N ARG A 115 -24.55 -24.75 10.53
CA ARG A 115 -24.28 -24.88 9.10
C ARG A 115 -24.90 -23.73 8.32
N TRP A 116 -24.06 -22.90 7.68
CA TRP A 116 -24.51 -21.82 6.75
C TRP A 116 -23.86 -22.11 5.37
N ALA A 117 -24.40 -23.09 4.66
CA ALA A 117 -23.86 -23.55 3.39
C ALA A 117 -24.46 -22.78 2.24
N VAL A 118 -24.00 -21.56 2.10
CA VAL A 118 -24.52 -20.65 1.10
C VAL A 118 -23.55 -20.41 -0.07
N SER A 119 -24.07 -19.75 -1.11
CA SER A 119 -23.22 -19.17 -2.16
C SER A 119 -23.41 -17.64 -2.15
N GLN A 120 -23.53 -17.00 -3.32
CA GLN A 120 -23.52 -15.53 -3.32
C GLN A 120 -24.77 -14.89 -2.78
N ALA A 121 -24.63 -13.65 -2.34
CA ALA A 121 -25.72 -12.83 -1.78
C ALA A 121 -26.44 -13.50 -0.62
N ALA A 122 -25.64 -13.98 0.32
CA ALA A 122 -26.16 -14.62 1.51
C ALA A 122 -25.41 -14.13 2.76
N PRO A 123 -25.56 -12.84 3.08
CA PRO A 123 -24.74 -12.28 4.13
C PRO A 123 -25.08 -12.82 5.52
N PHE A 124 -24.05 -12.84 6.36
CA PHE A 124 -24.09 -13.35 7.74
C PHE A 124 -23.41 -12.21 8.51
N ARG A 125 -24.22 -11.39 9.18
CA ARG A 125 -23.74 -10.15 9.79
C ARG A 125 -24.12 -10.05 11.27
N ARG A 126 -23.22 -9.52 12.08
CA ARG A 126 -23.58 -9.19 13.45
C ARG A 126 -24.13 -10.41 14.20
N MET A 127 -23.47 -11.54 13.99
CA MET A 127 -23.84 -12.82 14.57
C MET A 127 -22.85 -13.24 15.63
N HIS A 128 -23.38 -13.85 16.69
CA HIS A 128 -22.56 -14.51 17.71
C HIS A 128 -22.86 -16.01 17.72
N VAL A 129 -21.96 -16.79 17.14
CA VAL A 129 -22.06 -18.25 17.12
C VAL A 129 -21.29 -18.83 18.29
N LYS A 130 -22.01 -19.38 19.25
CA LYS A 130 -21.42 -19.99 20.44
C LYS A 130 -20.96 -21.42 20.17
N GLY A 131 -20.10 -21.57 19.18
CA GLY A 131 -19.69 -22.88 18.73
C GLY A 131 -19.03 -22.71 17.38
N GLY A 132 -19.08 -23.76 16.58
CA GLY A 132 -18.44 -23.79 15.29
C GLY A 132 -19.40 -23.32 14.20
N LEU A 133 -18.82 -23.02 13.05
CA LEU A 133 -19.58 -22.58 11.86
C LEU A 133 -19.04 -23.34 10.67
N ASN A 134 -19.89 -24.22 10.13
CA ASN A 134 -19.57 -25.06 8.97
C ASN A 134 -20.18 -24.39 7.72
N LEU A 135 -19.36 -24.10 6.72
CA LEU A 135 -19.83 -23.36 5.53
C LEU A 135 -20.19 -24.19 4.31
N ALA A 136 -20.08 -25.52 4.41
CA ALA A 136 -20.25 -26.45 3.28
C ALA A 136 -21.37 -27.50 3.59
N PRO A 137 -21.55 -28.56 2.74
CA PRO A 137 -22.39 -29.76 3.08
C PRO A 137 -21.82 -31.13 3.56
N ASP A 138 -22.68 -31.95 4.20
CA ASP A 138 -22.43 -33.41 4.31
C ASP A 138 -22.24 -34.05 2.97
N GLY A 139 -21.02 -34.13 2.49
CA GLY A 139 -20.79 -34.69 1.17
C GLY A 139 -19.91 -33.75 0.39
N TYR A 140 -19.12 -32.96 1.12
CA TYR A 140 -18.09 -32.08 0.55
C TYR A 140 -18.62 -31.47 -0.79
N GLY A 141 -19.88 -31.05 -0.75
CA GLY A 141 -20.55 -30.49 -1.91
C GLY A 141 -20.02 -29.14 -2.38
N TRP A 142 -20.05 -28.89 -3.70
CA TRP A 142 -19.54 -27.64 -4.28
C TRP A 142 -20.23 -26.41 -3.61
N ALA A 143 -19.50 -25.30 -3.47
CA ALA A 143 -20.09 -24.05 -2.91
C ALA A 143 -19.27 -22.83 -3.33
N SER A 144 -19.97 -21.69 -3.49
CA SER A 144 -19.39 -20.47 -4.08
C SER A 144 -19.84 -19.17 -3.36
N GLY A 145 -19.78 -19.18 -2.02
CA GLY A 145 -19.94 -17.97 -1.22
C GLY A 145 -18.70 -17.07 -1.18
N GLY A 146 -18.57 -16.20 -0.18
CA GLY A 146 -19.54 -15.94 0.86
C GLY A 146 -19.03 -14.76 1.67
N TYR A 147 -19.82 -14.35 2.66
CA TYR A 147 -19.58 -13.08 3.32
C TYR A 147 -20.00 -13.11 4.78
N ILE A 148 -19.02 -12.83 5.64
CA ILE A 148 -19.23 -12.66 7.08
C ILE A 148 -18.66 -11.32 7.50
N ALA A 149 -19.45 -10.55 8.24
CA ALA A 149 -18.98 -9.31 8.82
C ALA A 149 -19.50 -9.10 10.23
N ASP A 150 -18.66 -8.45 11.02
CA ASP A 150 -19.04 -7.97 12.34
C ASP A 150 -19.57 -9.10 13.22
N SER A 151 -18.94 -10.26 13.11
CA SER A 151 -19.44 -11.46 13.79
C SER A 151 -18.38 -12.06 14.68
N LYS A 152 -18.83 -12.81 15.67
CA LYS A 152 -17.92 -13.55 16.54
C LYS A 152 -18.30 -15.01 16.53
N ILE A 153 -17.37 -15.84 16.07
CA ILE A 153 -17.53 -17.29 16.10
C ILE A 153 -16.56 -17.79 17.17
N ASP A 154 -17.07 -18.28 18.29
CA ASP A 154 -16.17 -18.70 19.37
C ASP A 154 -15.27 -19.86 18.97
N GLY A 155 -15.72 -20.68 18.01
CA GLY A 155 -15.07 -21.94 17.70
C GLY A 155 -14.40 -21.81 16.36
N GLU A 156 -14.35 -22.91 15.64
CA GLU A 156 -13.67 -22.97 14.35
C GLU A 156 -14.64 -22.67 13.24
N VAL A 157 -14.17 -21.93 12.25
CA VAL A 157 -14.89 -21.83 10.99
C VAL A 157 -14.35 -22.90 10.05
N GLY A 158 -15.25 -23.58 9.36
CA GLY A 158 -14.93 -24.77 8.55
C GLY A 158 -15.41 -24.61 7.12
N PRO A 159 -14.60 -23.95 6.29
CA PRO A 159 -15.11 -23.72 4.92
C PRO A 159 -15.23 -25.02 4.07
N TYR A 160 -14.44 -26.06 4.39
CA TYR A 160 -14.33 -27.28 3.58
C TYR A 160 -14.31 -26.99 2.06
N SER A 161 -15.33 -27.42 1.31
CA SER A 161 -15.31 -27.29 -0.13
C SER A 161 -15.63 -25.90 -0.68
N GLN A 162 -15.92 -24.92 0.17
CA GLN A 162 -16.14 -23.56 -0.31
C GLN A 162 -14.96 -23.06 -1.14
N GLN A 163 -15.22 -22.50 -2.34
CA GLN A 163 -14.12 -22.07 -3.20
C GLN A 163 -13.39 -20.85 -2.66
N GLN A 164 -14.16 -19.88 -2.19
CA GLN A 164 -13.60 -18.61 -1.78
C GLN A 164 -14.47 -18.07 -0.63
N TRP A 165 -13.99 -17.03 0.05
CA TRP A 165 -14.74 -16.46 1.15
C TRP A 165 -14.12 -15.13 1.56
N TYR A 166 -14.96 -14.21 2.03
CA TYR A 166 -14.48 -12.95 2.59
C TYR A 166 -15.04 -12.76 3.98
N THR A 167 -14.17 -12.48 4.95
CA THR A 167 -14.62 -12.13 6.30
C THR A 167 -14.01 -10.78 6.71
N ARG A 168 -14.81 -9.87 7.26
CA ARG A 168 -14.23 -8.67 7.84
C ARG A 168 -14.73 -8.31 9.23
N ASP A 169 -13.85 -7.64 9.96
CA ASP A 169 -14.17 -6.94 11.21
C ASP A 169 -14.90 -7.83 12.25
N SER A 170 -14.35 -9.04 12.36
CA SER A 170 -14.88 -10.15 13.15
C SER A 170 -13.83 -10.80 14.08
N SER A 171 -14.28 -11.85 14.79
CA SER A 171 -13.43 -12.69 15.63
C SER A 171 -13.79 -14.15 15.42
N VAL A 172 -12.78 -14.99 15.23
CA VAL A 172 -13.00 -16.42 15.09
C VAL A 172 -12.06 -17.22 16.01
N GLY A 173 -12.58 -18.33 16.46
CA GLY A 173 -11.81 -19.24 17.29
C GLY A 173 -11.01 -20.26 16.50
N GLY A 174 -10.94 -20.10 15.19
CA GLY A 174 -10.26 -21.07 14.33
C GLY A 174 -10.70 -20.94 12.88
N TRP A 175 -9.83 -21.35 11.95
CA TRP A 175 -10.15 -21.40 10.53
C TRP A 175 -9.61 -22.72 10.01
N GLY A 176 -10.46 -23.49 9.36
CA GLY A 176 -10.10 -24.87 8.99
C GLY A 176 -9.31 -25.03 7.69
N ASN A 177 -9.67 -24.24 6.68
CA ASN A 177 -9.00 -24.40 5.38
C ASN A 177 -9.18 -23.24 4.40
N GLY A 178 -8.27 -23.20 3.43
CA GLY A 178 -8.42 -22.36 2.26
C GLY A 178 -8.38 -23.17 0.97
N VAL A 179 -9.29 -22.85 0.04
CA VAL A 179 -9.48 -23.56 -1.22
C VAL A 179 -8.87 -22.77 -2.41
N TRP A 180 -9.54 -21.73 -2.91
CA TRP A 180 -8.99 -20.84 -3.95
C TRP A 180 -8.63 -19.46 -3.39
N ASN A 181 -9.49 -18.89 -2.55
CA ASN A 181 -9.25 -17.50 -2.11
C ASN A 181 -10.05 -17.18 -0.87
N MET A 182 -9.43 -17.31 0.29
CA MET A 182 -10.05 -16.83 1.52
C MET A 182 -9.34 -15.56 1.97
N THR A 183 -10.10 -14.48 2.03
CA THR A 183 -9.58 -13.17 2.35
C THR A 183 -10.21 -12.70 3.67
N PHE A 184 -9.39 -11.99 4.46
CA PHE A 184 -9.77 -11.52 5.77
C PHE A 184 -9.26 -10.09 5.91
N SER A 185 -10.08 -9.19 6.42
CA SER A 185 -9.58 -7.89 6.84
C SER A 185 -10.17 -7.55 8.20
N GLY A 186 -9.31 -7.21 9.15
CA GLY A 186 -9.78 -6.88 10.49
C GLY A 186 -10.37 -8.05 11.28
N VAL A 187 -9.85 -9.25 11.03
CA VAL A 187 -10.37 -10.44 11.68
C VAL A 187 -9.43 -11.00 12.73
N GLU A 188 -9.87 -10.94 13.97
CA GLU A 188 -9.09 -11.52 15.07
C GLU A 188 -9.18 -13.02 15.01
N GLY A 189 -8.03 -13.70 15.01
CA GLY A 189 -8.00 -15.14 14.87
C GLY A 189 -7.80 -15.62 13.44
N ALA A 190 -7.88 -14.72 12.47
CA ALA A 190 -7.69 -15.18 11.11
C ALA A 190 -6.33 -15.82 10.92
N PRO A 191 -6.22 -16.73 9.95
CA PRO A 191 -4.88 -17.29 9.75
C PRO A 191 -3.97 -16.18 9.23
N ALA A 192 -2.66 -16.35 9.37
CA ALA A 192 -1.77 -15.30 8.92
C ALA A 192 -2.00 -15.04 7.42
N GLN A 193 -1.15 -14.22 6.80
CA GLN A 193 -1.06 -14.17 5.35
C GLN A 193 -0.23 -15.38 4.90
N SER A 194 -0.71 -16.10 3.87
CA SER A 194 -0.13 -17.40 3.44
C SER A 194 -0.05 -17.64 1.90
N PHE A 195 -0.79 -16.84 1.15
CA PHE A 195 -0.90 -16.99 -0.30
C PHE A 195 0.50 -17.17 -0.95
N PRO A 196 0.65 -18.14 -1.89
CA PRO A 196 -0.41 -18.88 -2.60
C PRO A 196 -1.04 -20.04 -1.86
N GLU A 197 -0.32 -20.61 -0.89
CA GLU A 197 -0.62 -21.92 -0.33
C GLU A 197 -0.45 -22.00 1.19
N PRO A 198 -1.54 -22.22 1.94
CA PRO A 198 -2.96 -22.12 1.58
C PRO A 198 -3.26 -20.67 1.19
N PRO A 199 -4.40 -20.43 0.56
CA PRO A 199 -4.53 -19.17 -0.19
C PRO A 199 -5.23 -18.11 0.68
N TYR A 200 -4.50 -17.66 1.70
CA TYR A 200 -5.00 -16.76 2.74
C TYR A 200 -4.42 -15.38 2.55
N THR A 201 -5.30 -14.44 2.21
CA THR A 201 -4.99 -13.04 2.08
C THR A 201 -5.52 -12.36 3.32
N THR A 202 -4.62 -11.82 4.13
CA THR A 202 -4.97 -11.33 5.45
C THR A 202 -4.49 -9.91 5.66
N LEU A 203 -5.40 -9.04 6.11
CA LEU A 203 -5.09 -7.64 6.39
C LEU A 203 -5.46 -7.41 7.84
N GLU A 204 -4.56 -6.80 8.60
CA GLU A 204 -4.78 -6.62 10.03
C GLU A 204 -6.05 -5.80 10.28
N THR A 205 -6.29 -4.80 9.43
CA THR A 205 -7.46 -3.92 9.59
C THR A 205 -8.20 -3.68 8.27
N THR A 206 -9.46 -3.26 8.39
CA THR A 206 -10.24 -2.81 7.25
C THR A 206 -10.17 -1.30 7.16
N PRO A 207 -9.67 -0.76 6.02
CA PRO A 207 -9.36 0.68 6.02
C PRO A 207 -10.44 1.57 6.63
N VAL A 208 -11.66 1.35 6.15
CA VAL A 208 -12.86 2.01 6.70
C VAL A 208 -14.06 1.09 6.49
N SER A 209 -14.93 0.97 7.49
CA SER A 209 -16.20 0.28 7.28
C SER A 209 -17.29 0.97 8.08
N ARG A 210 -18.53 0.55 7.91
CA ARG A 210 -19.63 1.20 8.60
C ARG A 210 -20.80 0.24 8.59
N GLU A 211 -21.01 -0.44 9.72
CA GLU A 211 -21.93 -1.59 9.77
C GLU A 211 -23.32 -1.27 9.29
N LYS A 212 -24.00 -2.27 8.72
CA LYS A 212 -25.29 -2.09 8.08
C LYS A 212 -26.37 -1.71 9.10
N PRO A 213 -27.17 -0.69 8.82
CA PRO A 213 -28.29 -0.38 9.71
C PRO A 213 -29.24 -1.57 9.84
N PHE A 214 -29.92 -1.64 10.98
CA PHE A 214 -30.83 -2.75 11.31
C PHE A 214 -31.93 -2.30 12.26
N LEU A 215 -33.05 -3.01 12.17
CA LEU A 215 -34.21 -2.77 12.98
C LEU A 215 -33.98 -3.39 14.36
N TYR A 216 -34.44 -2.71 15.41
CA TYR A 216 -34.57 -3.33 16.74
C TYR A 216 -35.80 -2.75 17.45
N LEU A 217 -36.05 -3.17 18.69
CA LEU A 217 -36.93 -2.40 19.56
C LEU A 217 -36.16 -1.81 20.76
N ASP A 218 -36.35 -0.51 20.96
CA ASP A 218 -35.59 0.32 21.94
C ASP A 218 -36.52 0.52 23.12
N GLY A 219 -36.59 -0.45 24.03
CA GLY A 219 -37.74 -0.52 24.95
C GLY A 219 -38.87 -1.28 24.25
N ASP A 220 -40.10 -0.72 24.22
CA ASP A 220 -41.19 -1.31 23.43
C ASP A 220 -41.44 -0.62 22.07
N ASP A 221 -40.60 0.35 21.75
CA ASP A 221 -40.70 1.12 20.50
C ASP A 221 -39.82 0.44 19.42
N TYR A 222 -40.32 0.27 18.19
CA TYR A 222 -39.46 -0.08 17.01
C TYR A 222 -38.54 1.08 16.59
N LYS A 223 -37.28 0.75 16.26
CA LYS A 223 -36.31 1.73 15.77
C LYS A 223 -35.41 1.15 14.69
N VAL A 224 -34.53 1.99 14.13
CA VAL A 224 -33.44 1.53 13.26
C VAL A 224 -32.13 2.09 13.80
N PHE A 225 -31.22 1.18 14.14
CA PHE A 225 -29.87 1.59 14.48
C PHE A 225 -29.10 1.88 13.21
N VAL A 226 -28.45 3.07 13.22
CA VAL A 226 -27.53 3.49 12.19
C VAL A 226 -26.12 3.53 12.80
N PRO A 227 -25.39 2.41 12.79
CA PRO A 227 -24.02 2.33 13.36
C PRO A 227 -23.07 3.48 12.98
N ALA A 228 -22.12 3.82 13.85
CA ALA A 228 -21.10 4.79 13.46
C ALA A 228 -19.98 4.11 12.62
N LYS A 229 -19.35 4.84 11.69
CA LYS A 229 -18.26 4.30 10.88
C LYS A 229 -16.99 4.10 11.71
N ARG A 230 -16.18 3.12 11.30
CA ARG A 230 -14.87 2.86 11.88
C ARG A 230 -13.79 2.98 10.82
N THR A 231 -12.66 3.61 11.19
CA THR A 231 -11.46 3.61 10.35
C THR A 231 -10.41 2.63 10.97
N ASN A 232 -9.69 1.86 10.13
CA ASN A 232 -8.67 0.93 10.59
C ASN A 232 -9.32 -0.15 11.49
N ALA A 233 -10.31 -0.83 10.95
CA ALA A 233 -11.20 -1.66 11.74
C ALA A 233 -10.70 -3.07 11.98
N ARG A 234 -10.87 -3.53 13.23
CA ARG A 234 -10.55 -4.89 13.62
C ARG A 234 -11.57 -5.33 14.65
N GLY A 235 -11.86 -6.62 14.64
CA GLY A 235 -12.84 -7.18 15.55
C GLY A 235 -14.24 -6.61 15.39
N THR A 236 -15.12 -7.06 16.26
CA THR A 236 -16.52 -6.69 16.15
C THR A 236 -16.73 -5.26 16.65
N SER A 237 -17.73 -4.63 16.07
CA SER A 237 -18.16 -3.32 16.48
C SER A 237 -18.66 -3.36 17.92
N TRP A 238 -19.32 -4.48 18.29
CA TRP A 238 -20.14 -4.64 19.51
C TRP A 238 -19.50 -5.48 20.62
N GLY A 239 -18.26 -5.92 20.37
CA GLY A 239 -17.68 -7.10 21.00
C GLY A 239 -17.65 -7.07 22.47
N ASN A 240 -17.18 -5.92 22.95
CA ASN A 240 -16.97 -5.66 24.32
C ASN A 240 -18.19 -4.71 24.57
N GLY A 241 -19.17 -4.78 23.66
CA GLY A 241 -20.41 -4.02 23.87
C GLY A 241 -21.43 -3.55 22.82
N THR A 242 -21.17 -2.36 22.26
CA THR A 242 -22.25 -1.33 22.19
C THR A 242 -21.75 -0.02 21.57
N PRO A 243 -21.16 -0.11 20.37
CA PRO A 243 -20.45 0.97 19.68
C PRO A 243 -21.49 2.01 19.34
N GLU A 244 -21.11 3.17 18.81
CA GLU A 244 -22.01 4.32 18.85
C GLU A 244 -22.95 4.25 17.67
N GLY A 245 -23.85 5.23 17.54
CA GLY A 245 -24.68 5.31 16.36
C GLY A 245 -25.83 6.26 16.63
N GLU A 246 -26.81 6.22 15.73
CA GLU A 246 -28.01 7.06 15.81
C GLU A 246 -29.30 6.30 15.64
N SER A 247 -29.97 5.98 16.76
CA SER A 247 -31.21 5.21 16.69
C SER A 247 -32.33 6.10 16.18
N LEU A 248 -32.92 5.71 15.04
CA LEU A 248 -33.92 6.55 14.41
C LEU A 248 -35.29 5.89 14.59
N PRO A 249 -36.28 6.67 15.08
CA PRO A 249 -37.59 6.07 15.40
C PRO A 249 -38.28 5.60 14.13
N LEU A 250 -38.97 4.46 14.19
CA LEU A 250 -39.61 3.94 12.98
C LEU A 250 -40.58 4.94 12.34
N ASP A 251 -41.22 5.80 13.15
CA ASP A 251 -42.15 6.73 12.53
C ASP A 251 -41.41 7.85 11.72
N GLN A 252 -40.08 7.90 11.76
CA GLN A 252 -39.32 8.72 10.79
C GLN A 252 -38.92 7.96 9.51
N PHE A 253 -39.60 6.84 9.22
CA PHE A 253 -39.39 6.07 7.99
C PHE A 253 -40.73 6.01 7.30
N TYR A 254 -40.77 6.22 5.98
CA TYR A 254 -41.89 5.71 5.19
C TYR A 254 -41.70 4.19 5.07
N VAL A 255 -42.74 3.45 5.41
CA VAL A 255 -42.74 2.01 5.21
C VAL A 255 -43.38 1.64 3.86
N VAL A 256 -42.53 1.23 2.94
CA VAL A 256 -42.91 1.01 1.57
C VAL A 256 -43.50 -0.41 1.47
N LYS A 257 -44.75 -0.46 1.03
CA LYS A 257 -45.46 -1.70 0.74
C LYS A 257 -45.76 -1.76 -0.77
N PRO A 258 -45.66 -2.95 -1.38
CA PRO A 258 -45.73 -3.03 -2.85
C PRO A 258 -46.97 -2.41 -3.46
N GLY A 259 -46.82 -1.96 -4.71
CA GLY A 259 -47.84 -1.14 -5.31
C GLY A 259 -47.83 0.32 -4.90
N ALA A 260 -46.93 0.72 -3.98
CA ALA A 260 -46.64 2.15 -3.79
C ALA A 260 -45.83 2.60 -4.99
N THR A 261 -46.24 3.68 -5.67
CA THR A 261 -45.53 4.15 -6.86
C THR A 261 -44.12 4.69 -6.57
N ALA A 262 -43.30 4.68 -7.61
CA ALA A 262 -42.05 5.44 -7.63
C ALA A 262 -42.23 6.85 -7.06
N GLU A 263 -43.25 7.57 -7.54
CA GLU A 263 -43.42 8.99 -7.16
C GLU A 263 -43.71 9.21 -5.68
N THR A 264 -44.54 8.36 -5.10
CA THR A 264 -44.82 8.44 -3.67
C THR A 264 -43.55 8.18 -2.84
N ILE A 265 -42.68 7.30 -3.34
CA ILE A 265 -41.47 6.98 -2.60
C ILE A 265 -40.54 8.19 -2.66
N ASN A 266 -40.45 8.80 -3.85
CA ASN A 266 -39.65 10.02 -4.04
C ASN A 266 -40.18 11.17 -3.16
N ALA A 267 -41.49 11.26 -3.04
CA ALA A 267 -42.13 12.31 -2.25
C ALA A 267 -41.80 12.09 -0.79
N ALA A 268 -41.76 10.81 -0.41
CA ALA A 268 -41.26 10.44 0.93
C ALA A 268 -39.91 11.09 1.23
N VAL A 269 -38.95 10.91 0.31
CA VAL A 269 -37.61 11.44 0.53
C VAL A 269 -37.66 12.96 0.52
N ASP A 270 -38.48 13.53 -0.35
CA ASP A 270 -38.60 14.99 -0.38
C ASP A 270 -39.06 15.56 1.00
N GLN A 271 -40.13 15.05 1.62
CA GLN A 271 -40.44 15.55 2.99
C GLN A 271 -39.68 14.95 4.21
N GLY A 272 -38.49 14.42 3.99
CA GLY A 272 -37.57 14.12 5.07
C GLY A 272 -37.66 12.77 5.71
N LEU A 273 -38.34 11.84 5.06
CA LEU A 273 -38.47 10.49 5.59
C LEU A 273 -37.38 9.57 5.03
N HIS A 274 -36.95 8.62 5.86
CA HIS A 274 -36.10 7.52 5.45
C HIS A 274 -37.01 6.46 4.80
N LEU A 275 -36.42 5.42 4.22
CA LEU A 275 -37.18 4.38 3.53
C LEU A 275 -36.97 3.03 4.12
N LEU A 276 -38.08 2.32 4.39
CA LEU A 276 -37.97 0.94 4.86
C LEU A 276 -38.79 0.11 3.93
N PHE A 277 -38.12 -0.68 3.09
CA PHE A 277 -38.80 -1.52 2.12
C PHE A 277 -39.13 -2.86 2.74
N THR A 278 -40.42 -3.09 2.95
CA THR A 278 -40.87 -4.36 3.48
C THR A 278 -40.78 -5.43 2.40
N PRO A 279 -40.88 -6.70 2.80
CA PRO A 279 -40.60 -7.77 1.82
C PRO A 279 -41.62 -7.85 0.71
N GLY A 280 -41.13 -7.64 -0.51
CA GLY A 280 -41.96 -7.63 -1.69
C GLY A 280 -41.19 -7.24 -2.95
N VAL A 281 -41.95 -6.98 -4.00
CA VAL A 281 -41.39 -6.67 -5.32
C VAL A 281 -42.03 -5.36 -5.76
N TYR A 282 -41.18 -4.36 -5.95
CA TYR A 282 -41.60 -2.98 -6.24
C TYR A 282 -41.22 -2.65 -7.68
N HIS A 283 -42.22 -2.79 -8.54
CA HIS A 283 -42.10 -2.44 -9.94
C HIS A 283 -42.19 -0.91 -10.00
N VAL A 284 -41.18 -0.26 -10.58
CA VAL A 284 -41.20 1.19 -10.68
C VAL A 284 -41.16 1.68 -12.13
N ASP A 285 -41.97 2.68 -12.43
CA ASP A 285 -41.98 3.23 -13.80
C ASP A 285 -41.16 4.50 -13.92
N GLN A 286 -40.62 4.95 -12.81
CA GLN A 286 -39.58 6.00 -12.77
C GLN A 286 -38.52 5.64 -11.72
N PRO A 287 -37.29 6.21 -11.85
CA PRO A 287 -36.25 5.90 -10.85
C PRO A 287 -36.48 6.47 -9.46
N ILE A 288 -36.17 5.65 -8.46
CA ILE A 288 -36.15 6.08 -7.07
C ILE A 288 -34.95 6.98 -6.90
N GLU A 289 -35.20 8.12 -6.29
CA GLU A 289 -34.25 9.19 -6.23
C GLU A 289 -33.99 9.54 -4.76
N ILE A 290 -32.80 9.19 -4.29
CA ILE A 290 -32.38 9.48 -2.91
C ILE A 290 -31.33 10.61 -2.95
N ASP A 291 -31.82 11.85 -2.82
CA ASP A 291 -31.00 13.06 -3.02
C ASP A 291 -31.01 13.95 -1.78
N ARG A 292 -31.15 13.30 -0.63
CA ARG A 292 -31.09 13.95 0.66
C ARG A 292 -30.04 13.23 1.51
N ALA A 293 -29.13 14.02 2.07
CA ALA A 293 -28.03 13.48 2.84
C ALA A 293 -28.56 12.69 4.06
N ASN A 294 -27.81 11.67 4.46
CA ASN A 294 -28.14 10.75 5.58
C ASN A 294 -29.30 9.79 5.41
N THR A 295 -29.94 9.80 4.26
CA THR A 295 -31.13 8.97 4.07
C THR A 295 -30.74 7.49 4.19
N VAL A 296 -31.45 6.75 5.03
CA VAL A 296 -31.34 5.32 5.06
C VAL A 296 -32.42 4.72 4.18
N ALA A 297 -32.02 3.77 3.35
CA ALA A 297 -32.96 2.99 2.55
C ALA A 297 -32.64 1.54 2.88
N LEU A 298 -33.42 0.96 3.78
CA LEU A 298 -33.17 -0.38 4.30
C LEU A 298 -34.24 -1.32 3.75
N GLY A 299 -33.82 -2.42 3.13
CA GLY A 299 -34.75 -3.43 2.68
C GLY A 299 -34.74 -4.58 3.65
N LEU A 300 -35.88 -5.25 3.79
CA LEU A 300 -35.99 -6.47 4.57
C LEU A 300 -36.52 -7.58 3.66
N GLY A 301 -36.18 -8.83 4.00
CA GLY A 301 -36.64 -9.99 3.25
C GLY A 301 -36.36 -9.97 1.75
N LEU A 302 -35.20 -9.43 1.37
CA LEU A 302 -34.78 -9.41 -0.04
C LEU A 302 -35.74 -8.61 -0.94
N ALA A 303 -36.28 -7.54 -0.36
CA ALA A 303 -37.09 -6.59 -1.09
C ALA A 303 -36.39 -6.25 -2.38
N THR A 304 -37.18 -6.24 -3.44
CA THR A 304 -36.69 -6.18 -4.80
C THR A 304 -37.31 -5.02 -5.55
N ILE A 305 -36.50 -4.33 -6.34
CA ILE A 305 -36.95 -3.25 -7.20
C ILE A 305 -36.71 -3.66 -8.67
N ILE A 306 -37.75 -3.56 -9.49
CA ILE A 306 -37.66 -3.83 -10.92
C ILE A 306 -37.97 -2.53 -11.66
N PRO A 307 -37.01 -2.02 -12.47
CA PRO A 307 -37.32 -0.81 -13.21
C PRO A 307 -38.13 -1.12 -14.43
N ASP A 308 -39.25 -0.41 -14.59
CA ASP A 308 -40.01 -0.47 -15.84
C ASP A 308 -39.39 0.46 -16.88
N ASN A 309 -39.80 0.24 -18.13
CA ASN A 309 -39.62 1.26 -19.17
C ASN A 309 -38.17 1.65 -19.46
N GLY A 310 -37.24 0.79 -19.09
CA GLY A 310 -35.82 1.03 -19.32
C GLY A 310 -35.20 2.08 -18.42
N VAL A 311 -35.90 2.48 -17.35
CA VAL A 311 -35.33 3.49 -16.48
C VAL A 311 -34.28 2.91 -15.50
N THR A 312 -33.53 3.80 -14.87
CA THR A 312 -32.66 3.39 -13.80
C THR A 312 -33.56 3.04 -12.60
N ALA A 313 -33.10 2.13 -11.75
CA ALA A 313 -33.91 1.75 -10.56
C ALA A 313 -33.71 2.69 -9.37
N LEU A 314 -32.44 3.02 -9.10
CA LEU A 314 -32.10 3.78 -7.91
C LEU A 314 -31.03 4.75 -8.31
N LYS A 315 -31.30 6.02 -8.00
CA LYS A 315 -30.38 7.11 -8.32
C LYS A 315 -30.16 7.93 -7.05
N VAL A 316 -28.93 7.91 -6.56
CA VAL A 316 -28.51 8.71 -5.42
C VAL A 316 -27.79 9.96 -5.89
N GLY A 317 -28.12 11.10 -5.31
CA GLY A 317 -27.43 12.34 -5.62
C GLY A 317 -26.05 12.46 -4.97
N ASP A 318 -25.41 13.61 -5.20
CA ASP A 318 -24.08 13.90 -4.68
C ASP A 318 -24.10 14.41 -3.26
N VAL A 319 -24.72 13.61 -2.40
CA VAL A 319 -24.88 13.97 -1.00
C VAL A 319 -24.23 12.98 -0.05
N ASP A 320 -23.82 13.49 1.11
CA ASP A 320 -23.19 12.70 2.19
C ASP A 320 -24.14 11.64 2.77
N GLY A 321 -23.55 10.54 3.26
CA GLY A 321 -24.20 9.71 4.28
C GLY A 321 -25.40 8.87 3.91
N VAL A 322 -25.67 8.66 2.63
CA VAL A 322 -26.79 7.77 2.26
C VAL A 322 -26.38 6.33 2.57
N LYS A 323 -27.31 5.54 3.12
CA LYS A 323 -27.04 4.13 3.49
C LYS A 323 -28.07 3.29 2.73
N VAL A 324 -27.67 2.71 1.59
CA VAL A 324 -28.54 1.78 0.85
C VAL A 324 -28.21 0.38 1.35
N ALA A 325 -29.21 -0.38 1.79
CA ALA A 325 -28.91 -1.65 2.45
C ALA A 325 -29.95 -2.71 2.15
N GLY A 326 -29.51 -3.88 1.73
CA GLY A 326 -30.34 -5.06 1.72
C GLY A 326 -31.41 -5.17 0.65
N LEU A 327 -31.09 -4.65 -0.53
CA LEU A 327 -32.02 -4.61 -1.68
C LEU A 327 -31.52 -5.39 -2.89
N LEU A 328 -32.43 -6.04 -3.59
CA LEU A 328 -32.14 -6.70 -4.86
C LEU A 328 -32.72 -5.85 -5.99
N VAL A 329 -31.92 -5.54 -7.00
CA VAL A 329 -32.41 -4.83 -8.18
C VAL A 329 -32.41 -5.84 -9.32
N ASP A 330 -33.58 -6.00 -9.93
CA ASP A 330 -33.87 -7.02 -10.94
C ASP A 330 -34.17 -6.35 -12.28
N ALA A 331 -33.28 -6.45 -13.27
CA ALA A 331 -33.52 -5.81 -14.53
C ALA A 331 -34.84 -6.23 -15.17
N GLY A 332 -35.49 -5.25 -15.80
CA GLY A 332 -36.71 -5.52 -16.55
C GLY A 332 -36.40 -5.88 -17.99
N PRO A 333 -37.42 -6.37 -18.71
CA PRO A 333 -37.25 -6.85 -20.09
C PRO A 333 -36.79 -5.73 -21.04
N VAL A 334 -36.95 -4.48 -20.64
CA VAL A 334 -36.56 -3.35 -21.47
C VAL A 334 -35.22 -2.85 -20.98
N ASN A 335 -34.24 -2.79 -21.87
CA ASN A 335 -32.89 -2.47 -21.44
C ASN A 335 -32.79 -1.13 -20.70
N SER A 336 -32.20 -1.19 -19.51
CA SER A 336 -31.89 0.00 -18.75
C SER A 336 -30.44 0.41 -18.97
N GLU A 337 -30.24 1.65 -19.37
CA GLU A 337 -28.90 2.17 -19.55
C GLU A 337 -28.04 2.00 -18.28
N THR A 338 -28.64 2.26 -17.13
CA THR A 338 -28.01 1.95 -15.86
C THR A 338 -29.08 1.42 -14.90
N LEU A 339 -28.70 0.56 -13.95
CA LEU A 339 -29.63 0.11 -12.92
C LEU A 339 -29.52 0.89 -11.57
N VAL A 340 -28.30 1.17 -11.15
CA VAL A 340 -28.03 1.91 -9.92
C VAL A 340 -26.98 2.95 -10.25
N GLU A 341 -27.27 4.21 -9.96
CA GLU A 341 -26.22 5.24 -10.01
C GLU A 341 -26.01 5.96 -8.68
N VAL A 342 -24.75 6.01 -8.24
CA VAL A 342 -24.40 6.63 -6.99
C VAL A 342 -23.66 7.89 -7.35
N GLY A 343 -24.38 9.01 -7.26
CA GLY A 343 -23.88 10.28 -7.72
C GLY A 343 -23.91 10.36 -9.23
N SER A 344 -23.80 11.58 -9.73
CA SER A 344 -23.90 11.84 -11.19
C SER A 344 -22.51 12.00 -11.84
N ASP A 345 -22.42 11.84 -13.17
CA ASP A 345 -21.09 11.95 -13.84
C ASP A 345 -20.47 13.31 -13.65
N GLY A 346 -19.16 13.35 -13.36
CA GLY A 346 -18.38 14.59 -13.19
C GLY A 346 -18.13 15.18 -11.80
N ALA A 347 -18.90 14.69 -10.82
CA ALA A 347 -18.99 15.28 -9.49
C ALA A 347 -17.73 15.16 -8.64
N SER A 348 -16.92 16.22 -8.54
CA SER A 348 -15.60 16.09 -7.93
C SER A 348 -15.55 16.62 -6.53
N GLY A 349 -16.71 16.52 -5.88
CA GLY A 349 -16.81 16.72 -4.45
C GLY A 349 -16.32 15.54 -3.66
N ASP A 350 -16.13 15.80 -2.36
CA ASP A 350 -15.57 14.81 -1.46
C ASP A 350 -16.64 14.46 -0.40
N HIS A 351 -16.62 13.22 0.12
CA HIS A 351 -17.59 12.81 1.12
C HIS A 351 -16.92 11.99 2.23
N ALA A 352 -15.70 12.36 2.61
CA ALA A 352 -14.87 11.51 3.47
C ALA A 352 -15.38 11.33 4.89
N ALA A 353 -15.89 12.41 5.47
CA ALA A 353 -16.35 12.42 6.87
C ALA A 353 -17.60 11.55 7.09
N ASN A 354 -18.40 11.41 6.04
CA ASN A 354 -19.66 10.68 6.12
C ASN A 354 -20.00 10.18 4.72
N PRO A 355 -19.41 9.04 4.33
CA PRO A 355 -19.63 8.57 2.97
C PRO A 355 -21.04 8.05 2.71
N THR A 356 -21.35 7.85 1.44
CA THR A 356 -22.50 7.04 1.05
C THR A 356 -22.03 5.60 0.92
N SER A 357 -22.90 4.64 1.24
CA SER A 357 -22.54 3.24 1.13
C SER A 357 -23.68 2.44 0.52
N LEU A 358 -23.27 1.39 -0.20
CA LEU A 358 -24.17 0.34 -0.66
C LEU A 358 -23.79 -0.94 0.10
N GLN A 359 -24.74 -1.54 0.80
CA GLN A 359 -24.49 -2.79 1.53
C GLN A 359 -25.55 -3.84 1.22
N ASP A 360 -25.10 -5.05 0.92
CA ASP A 360 -26.05 -6.10 0.53
C ASP A 360 -27.00 -5.55 -0.54
N VAL A 361 -26.37 -4.97 -1.54
CA VAL A 361 -27.05 -4.55 -2.74
C VAL A 361 -26.71 -5.60 -3.80
N PHE A 362 -27.74 -6.27 -4.29
CA PHE A 362 -27.57 -7.34 -5.27
C PHE A 362 -28.26 -6.90 -6.57
N VAL A 363 -27.65 -7.22 -7.70
CA VAL A 363 -28.24 -6.95 -8.99
C VAL A 363 -28.36 -8.26 -9.76
N ARG A 364 -29.49 -8.45 -10.44
CA ARG A 364 -29.71 -9.62 -11.30
C ARG A 364 -30.15 -9.16 -12.68
N ILE A 365 -29.54 -9.73 -13.73
CA ILE A 365 -29.99 -9.48 -15.10
C ILE A 365 -30.39 -10.80 -15.76
N GLY A 366 -31.70 -11.02 -15.86
CA GLY A 366 -32.26 -12.25 -16.39
C GLY A 366 -32.43 -13.33 -15.33
N GLY A 367 -32.97 -14.49 -15.74
CA GLY A 367 -33.06 -15.64 -14.85
C GLY A 367 -34.48 -15.97 -14.35
N ALA A 368 -35.31 -14.95 -14.27
CA ALA A 368 -36.41 -14.91 -13.29
C ALA A 368 -37.66 -14.27 -13.81
N GLY A 369 -37.38 -13.24 -14.58
CA GLY A 369 -38.30 -12.60 -15.47
C GLY A 369 -37.29 -12.11 -16.51
N PRO A 370 -37.69 -11.91 -17.77
CA PRO A 370 -36.93 -11.28 -18.87
C PRO A 370 -36.06 -10.04 -18.50
N GLY A 371 -34.77 -9.92 -18.91
CA GLY A 371 -33.95 -8.78 -18.43
C GLY A 371 -32.65 -8.34 -19.13
N LYS A 372 -32.43 -7.00 -19.16
CA LYS A 372 -31.32 -6.37 -19.89
C LYS A 372 -30.86 -5.04 -19.25
N ALA A 373 -29.54 -4.83 -19.17
CA ALA A 373 -29.00 -3.54 -18.70
C ALA A 373 -27.58 -3.30 -19.25
N THR A 374 -27.27 -2.06 -19.59
CA THR A 374 -25.94 -1.77 -20.18
C THR A 374 -24.82 -1.74 -19.13
N THR A 375 -25.01 -0.91 -18.10
CA THR A 375 -24.09 -0.85 -16.96
C THR A 375 -24.87 -0.94 -15.66
N SER A 376 -24.68 -2.01 -14.90
CA SER A 376 -25.50 -2.23 -13.74
C SER A 376 -25.35 -1.19 -12.60
N ILE A 377 -24.12 -0.97 -12.14
CA ILE A 377 -23.85 -0.01 -11.09
C ILE A 377 -22.75 0.91 -11.51
N VAL A 378 -23.08 2.21 -11.47
CA VAL A 378 -22.10 3.24 -11.72
C VAL A 378 -21.90 4.02 -10.44
N VAL A 379 -20.65 4.13 -10.02
CA VAL A 379 -20.32 4.84 -8.80
C VAL A 379 -19.47 6.07 -9.11
N ASN A 380 -20.15 7.21 -9.16
CA ASN A 380 -19.52 8.48 -9.36
C ASN A 380 -19.09 9.16 -8.06
N SER A 381 -19.85 8.98 -6.99
CA SER A 381 -19.57 9.70 -5.73
C SER A 381 -18.22 9.33 -5.09
N ASN A 382 -17.37 10.33 -4.88
CA ASN A 382 -16.12 10.09 -4.20
C ASN A 382 -16.39 9.52 -2.79
N ASP A 383 -15.46 8.70 -2.35
CA ASP A 383 -15.41 8.12 -1.01
C ASP A 383 -16.41 6.99 -0.74
N THR A 384 -17.23 6.68 -1.72
CA THR A 384 -18.27 5.66 -1.55
C THR A 384 -17.70 4.32 -1.05
N ILE A 385 -18.47 3.68 -0.17
CA ILE A 385 -18.13 2.36 0.34
C ILE A 385 -19.10 1.36 -0.29
N ILE A 386 -18.57 0.32 -0.93
CA ILE A 386 -19.38 -0.76 -1.50
C ILE A 386 -19.03 -1.97 -0.63
N ASP A 387 -19.91 -2.30 0.33
CA ASP A 387 -19.61 -3.33 1.33
C ASP A 387 -20.61 -4.50 1.17
N HIS A 388 -20.17 -5.47 0.36
CA HIS A 388 -20.92 -6.64 -0.09
C HIS A 388 -21.89 -6.29 -1.20
N THR A 389 -21.49 -6.62 -2.43
CA THR A 389 -22.41 -6.59 -3.55
C THR A 389 -22.23 -7.84 -4.42
N TRP A 390 -23.33 -8.32 -5.01
CA TRP A 390 -23.29 -9.37 -6.03
C TRP A 390 -24.03 -8.80 -7.22
N VAL A 391 -23.31 -8.61 -8.31
CA VAL A 391 -23.85 -8.04 -9.54
C VAL A 391 -23.73 -9.16 -10.60
N TRP A 392 -24.89 -9.70 -11.00
CA TRP A 392 -24.94 -11.01 -11.64
C TRP A 392 -25.80 -11.03 -12.89
N ARG A 393 -25.17 -11.25 -14.03
CA ARG A 393 -25.92 -11.53 -15.23
C ARG A 393 -26.22 -13.06 -15.18
N ALA A 394 -27.51 -13.41 -15.30
CA ALA A 394 -27.95 -14.79 -15.06
C ALA A 394 -27.38 -15.79 -16.06
N ASP A 395 -27.10 -17.00 -15.56
CA ASP A 395 -26.66 -18.11 -16.42
C ASP A 395 -27.73 -19.21 -16.49
N HIS A 396 -28.70 -19.17 -15.60
CA HIS A 396 -29.75 -20.17 -15.56
C HIS A 396 -31.09 -19.47 -15.34
N GLY A 397 -32.17 -20.10 -15.80
CA GLY A 397 -33.53 -19.62 -15.61
C GLY A 397 -34.24 -18.98 -16.82
N GLU A 398 -35.11 -18.04 -16.48
CA GLU A 398 -35.94 -17.32 -17.45
C GLU A 398 -35.39 -16.12 -18.20
N GLY A 399 -35.15 -16.29 -19.50
CA GLY A 399 -34.76 -15.16 -20.31
C GLY A 399 -33.26 -15.00 -20.37
N VAL A 400 -32.55 -16.14 -20.34
CA VAL A 400 -31.08 -16.15 -20.47
C VAL A 400 -30.67 -16.36 -21.94
N GLY A 401 -29.60 -15.67 -22.36
CA GLY A 401 -29.08 -15.79 -23.70
C GLY A 401 -28.05 -14.71 -23.98
N TRP A 402 -27.04 -15.04 -24.76
CA TRP A 402 -25.99 -14.07 -25.12
C TRP A 402 -26.58 -12.71 -25.54
N GLU A 403 -27.62 -12.76 -26.36
CA GLU A 403 -28.39 -11.56 -26.73
C GLU A 403 -29.53 -11.30 -25.74
N THR A 404 -30.24 -12.35 -25.39
CA THR A 404 -31.50 -12.19 -24.69
C THR A 404 -31.41 -11.54 -23.29
N ASN A 405 -30.38 -11.89 -22.49
CA ASN A 405 -30.11 -11.11 -21.27
C ASN A 405 -28.71 -10.47 -21.30
N ARG A 406 -28.39 -9.90 -22.46
CA ARG A 406 -27.16 -9.17 -22.64
C ARG A 406 -27.01 -8.08 -21.59
N ALA A 407 -25.84 -8.05 -20.98
CA ALA A 407 -25.50 -7.01 -20.02
C ALA A 407 -24.02 -6.75 -20.21
N ASP A 408 -23.67 -5.60 -20.80
CA ASP A 408 -22.27 -5.39 -21.19
C ASP A 408 -21.34 -5.22 -19.99
N TYR A 409 -21.76 -4.39 -19.03
CA TYR A 409 -20.86 -3.90 -17.98
C TYR A 409 -21.48 -4.06 -16.60
N GLY A 410 -20.66 -4.53 -15.66
CA GLY A 410 -21.18 -4.84 -14.33
C GLY A 410 -21.14 -3.62 -13.43
N VAL A 411 -19.94 -3.28 -13.00
CA VAL A 411 -19.72 -2.18 -12.07
C VAL A 411 -18.70 -1.26 -12.71
N HIS A 412 -19.00 0.04 -12.74
CA HIS A 412 -18.07 1.05 -13.24
C HIS A 412 -17.84 2.10 -12.15
N VAL A 413 -16.61 2.13 -11.62
CA VAL A 413 -16.30 3.07 -10.57
C VAL A 413 -15.56 4.26 -11.13
N LYS A 414 -16.24 5.41 -11.10
CA LYS A 414 -15.70 6.64 -11.65
C LYS A 414 -15.14 7.58 -10.56
N GLY A 415 -15.72 7.51 -9.36
CA GLY A 415 -15.28 8.34 -8.24
C GLY A 415 -13.93 7.96 -7.67
N ASP A 416 -13.36 8.89 -6.89
CA ASP A 416 -12.06 8.76 -6.28
C ASP A 416 -12.21 8.24 -4.83
N ASN A 417 -11.23 7.52 -4.35
CA ASN A 417 -11.15 7.11 -2.94
C ASN A 417 -12.30 6.15 -2.60
N VAL A 418 -12.74 5.38 -3.60
CA VAL A 418 -13.85 4.41 -3.40
C VAL A 418 -13.28 3.08 -2.89
N LEU A 419 -13.99 2.47 -1.93
CA LEU A 419 -13.55 1.23 -1.31
C LEU A 419 -14.60 0.18 -1.59
N ALA A 420 -14.18 -0.96 -2.12
CA ALA A 420 -15.06 -2.13 -2.25
C ALA A 420 -14.54 -3.27 -1.36
N THR A 421 -15.40 -3.73 -0.47
CA THR A 421 -15.10 -4.86 0.43
C THR A 421 -16.15 -5.97 0.18
N GLY A 422 -15.71 -7.09 -0.33
CA GLY A 422 -16.62 -8.16 -0.72
C GLY A 422 -17.35 -7.89 -2.04
N LEU A 423 -16.57 -7.83 -3.12
CA LEU A 423 -17.08 -7.50 -4.45
C LEU A 423 -17.23 -8.78 -5.30
N PHE A 424 -18.46 -9.10 -5.67
CA PHE A 424 -18.77 -10.32 -6.43
C PHE A 424 -19.48 -9.88 -7.74
N VAL A 425 -18.86 -10.07 -8.90
CA VAL A 425 -19.44 -9.59 -10.14
C VAL A 425 -19.21 -10.64 -11.24
N GLU A 426 -20.27 -11.09 -11.90
CA GLU A 426 -20.17 -12.25 -12.80
C GLU A 426 -21.00 -12.16 -14.09
N HIS A 427 -20.36 -12.59 -15.18
CA HIS A 427 -21.01 -13.07 -16.42
C HIS A 427 -21.31 -12.00 -17.47
N PHE A 428 -20.76 -10.79 -17.31
CA PHE A 428 -21.02 -9.71 -18.24
C PHE A 428 -20.41 -9.93 -19.63
N ASN A 429 -21.10 -9.39 -20.65
CA ASN A 429 -20.67 -9.58 -22.04
C ASN A 429 -19.33 -8.87 -22.34
N LYS A 430 -19.09 -7.79 -21.61
CA LYS A 430 -17.83 -7.07 -21.66
C LYS A 430 -17.15 -6.99 -20.29
N TYR A 431 -16.63 -5.81 -19.90
CA TYR A 431 -15.91 -5.76 -18.63
C TYR A 431 -16.83 -5.92 -17.43
N ASP A 432 -16.58 -6.92 -16.60
CA ASP A 432 -17.41 -7.10 -15.43
C ASP A 432 -17.24 -5.85 -14.53
N VAL A 433 -15.99 -5.48 -14.30
CA VAL A 433 -15.67 -4.29 -13.51
C VAL A 433 -14.69 -3.39 -14.25
N GLN A 434 -15.01 -2.08 -14.33
CA GLN A 434 -14.09 -1.06 -14.88
C GLN A 434 -13.87 0.00 -13.79
N TRP A 435 -12.60 0.30 -13.49
CA TRP A 435 -12.26 1.27 -12.46
C TRP A 435 -11.47 2.41 -13.11
N SER A 436 -12.12 3.57 -13.17
CA SER A 436 -11.61 4.78 -13.78
C SER A 436 -11.13 5.80 -12.73
N GLY A 437 -11.80 5.83 -11.58
CA GLY A 437 -11.47 6.79 -10.53
C GLY A 437 -10.13 6.57 -9.86
N GLU A 438 -9.70 7.56 -9.08
CA GLU A 438 -8.41 7.49 -8.43
C GLU A 438 -8.41 6.90 -6.98
N ASN A 439 -7.30 6.30 -6.57
CA ASN A 439 -7.10 5.84 -5.18
C ASN A 439 -8.13 4.79 -4.75
N GLY A 440 -8.59 4.00 -5.70
CA GLY A 440 -9.55 2.95 -5.40
C GLY A 440 -8.88 1.79 -4.67
N LYS A 441 -9.66 1.11 -3.80
CA LYS A 441 -9.22 -0.10 -3.15
C LYS A 441 -10.31 -1.16 -3.22
N THR A 442 -9.91 -2.40 -3.52
CA THR A 442 -10.82 -3.56 -3.49
C THR A 442 -10.21 -4.63 -2.61
N ILE A 443 -10.97 -5.03 -1.60
CA ILE A 443 -10.58 -6.15 -0.71
C ILE A 443 -11.61 -7.28 -0.95
N PHE A 444 -11.11 -8.33 -1.59
CA PHE A 444 -11.84 -9.48 -2.08
C PHE A 444 -12.66 -9.22 -3.33
N TYR A 445 -12.33 -9.97 -4.38
CA TYR A 445 -13.08 -9.97 -5.62
C TYR A 445 -13.30 -11.42 -6.06
N GLN A 446 -14.53 -11.68 -6.47
CA GLN A 446 -14.88 -12.95 -7.10
C GLN A 446 -15.64 -12.67 -8.39
N ASN A 447 -15.12 -13.22 -9.48
CA ASN A 447 -15.71 -13.10 -10.80
C ASN A 447 -15.81 -14.46 -11.47
N ALA A 448 -16.81 -14.58 -12.34
CA ALA A 448 -16.84 -15.66 -13.33
C ALA A 448 -17.16 -15.01 -14.68
N LYS A 449 -16.49 -15.46 -15.71
CA LYS A 449 -16.68 -14.92 -17.06
C LYS A 449 -17.88 -15.61 -17.71
N ALA A 450 -18.58 -14.86 -18.55
CA ALA A 450 -19.77 -15.33 -19.27
C ALA A 450 -19.56 -16.72 -19.88
N TYR A 451 -20.48 -17.64 -19.61
CA TYR A 451 -20.35 -19.05 -20.05
C TYR A 451 -20.69 -19.19 -21.52
N ASP A 452 -21.42 -18.20 -22.02
CA ASP A 452 -22.16 -18.31 -23.25
C ASP A 452 -21.65 -17.45 -24.40
N ALA A 453 -20.43 -16.90 -24.29
CA ALA A 453 -19.77 -16.31 -25.44
C ALA A 453 -19.73 -17.38 -26.54
N PRO A 454 -20.23 -17.05 -27.75
CA PRO A 454 -20.39 -18.17 -28.70
C PRO A 454 -19.09 -18.62 -29.39
N ASP A 455 -18.21 -17.66 -29.54
CA ASP A 455 -17.01 -17.79 -30.34
C ASP A 455 -16.03 -16.68 -29.96
N GLN A 456 -14.80 -16.80 -30.43
CA GLN A 456 -13.76 -15.84 -30.07
C GLN A 456 -14.06 -14.38 -30.49
N ALA A 457 -14.61 -14.19 -31.70
CA ALA A 457 -14.82 -12.82 -32.20
C ALA A 457 -15.73 -11.98 -31.31
N ALA A 458 -16.78 -12.59 -30.75
CA ALA A 458 -17.82 -11.83 -30.07
C ALA A 458 -17.44 -11.45 -28.62
N ILE A 459 -16.17 -11.64 -28.27
CA ILE A 459 -15.61 -11.08 -27.04
C ILE A 459 -14.31 -10.32 -27.32
N GLN A 460 -14.10 -9.97 -28.58
CA GLN A 460 -12.85 -9.32 -28.96
C GLN A 460 -12.85 -7.86 -28.55
N ASN A 461 -11.72 -7.42 -27.99
CA ASN A 461 -11.54 -6.05 -27.52
C ASN A 461 -10.10 -5.48 -27.78
N GLY A 462 -9.85 -4.94 -28.96
CA GLY A 462 -8.51 -4.46 -29.33
C GLY A 462 -7.30 -5.42 -29.44
N ASP A 463 -6.43 -5.48 -28.43
CA ASP A 463 -5.21 -6.32 -28.54
C ASP A 463 -5.42 -7.38 -27.53
N ILE A 464 -6.67 -7.82 -27.46
CA ILE A 464 -7.10 -8.58 -26.32
C ILE A 464 -8.25 -9.50 -26.75
N LYS A 465 -8.02 -10.79 -26.59
CA LYS A 465 -9.09 -11.76 -26.61
C LYS A 465 -9.82 -11.60 -25.29
N GLY A 466 -11.09 -11.23 -25.37
CA GLY A 466 -11.89 -11.08 -24.17
C GLY A 466 -11.71 -9.77 -23.47
N TYR A 467 -12.63 -9.50 -22.56
CA TYR A 467 -12.60 -8.31 -21.71
C TYR A 467 -12.21 -8.75 -20.31
N ALA A 468 -11.30 -8.02 -19.68
CA ALA A 468 -10.92 -8.31 -18.30
C ALA A 468 -12.14 -8.39 -17.41
N ALA A 469 -12.03 -9.23 -16.40
CA ALA A 469 -13.00 -9.26 -15.33
C ALA A 469 -12.88 -8.02 -14.45
N TYR A 470 -11.68 -7.45 -14.43
CA TYR A 470 -11.41 -6.26 -13.59
C TYR A 470 -10.35 -5.44 -14.30
N LYS A 471 -10.77 -4.27 -14.76
CA LYS A 471 -10.01 -3.38 -15.62
C LYS A 471 -9.83 -2.08 -14.90
N VAL A 472 -8.58 -1.68 -14.77
CA VAL A 472 -8.27 -0.34 -14.28
C VAL A 472 -7.83 0.53 -15.47
N ASP A 473 -8.44 1.70 -15.62
CA ASP A 473 -8.13 2.54 -16.77
C ASP A 473 -6.68 2.93 -16.80
N ASP A 474 -6.23 3.31 -17.98
CA ASP A 474 -4.80 3.58 -18.20
C ASP A 474 -4.30 4.85 -17.54
N SER A 475 -5.17 5.82 -17.35
CA SER A 475 -4.74 7.11 -16.81
C SER A 475 -4.62 7.10 -15.28
N VAL A 476 -5.11 6.04 -14.64
CA VAL A 476 -5.10 5.98 -13.17
C VAL A 476 -3.68 5.88 -12.59
N THR A 477 -3.29 6.72 -11.62
CA THR A 477 -1.94 6.61 -11.04
C THR A 477 -1.90 5.70 -9.77
N THR A 478 -2.99 5.61 -9.00
CA THR A 478 -2.96 4.81 -7.76
C THR A 478 -4.25 3.95 -7.58
N HIS A 479 -4.02 2.69 -7.19
CA HIS A 479 -5.10 1.70 -7.05
C HIS A 479 -4.50 0.55 -6.27
N GLU A 480 -5.35 -0.20 -5.58
CA GLU A 480 -4.84 -1.34 -4.84
C GLU A 480 -5.94 -2.40 -4.61
N GLY A 481 -5.65 -3.61 -5.05
CA GLY A 481 -6.54 -4.75 -4.88
C GLY A 481 -5.89 -5.94 -4.16
N TRP A 482 -6.67 -6.64 -3.34
CA TRP A 482 -6.19 -7.77 -2.59
C TRP A 482 -7.16 -8.96 -2.66
N GLY A 483 -6.62 -10.14 -2.95
CA GLY A 483 -7.41 -11.36 -2.88
C GLY A 483 -8.52 -11.45 -3.93
N MET A 484 -8.09 -11.61 -5.19
CA MET A 484 -8.99 -11.44 -6.31
C MET A 484 -8.89 -12.58 -7.31
N GLY A 485 -10.05 -13.13 -7.68
CA GLY A 485 -10.07 -14.21 -8.64
C GLY A 485 -11.10 -14.07 -9.74
N SER A 486 -10.77 -14.64 -10.90
CA SER A 486 -11.65 -14.71 -12.04
C SER A 486 -11.63 -16.14 -12.55
N TYR A 487 -12.83 -16.69 -12.77
CA TYR A 487 -12.98 -18.07 -13.22
C TYR A 487 -13.70 -18.12 -14.56
N CYS A 488 -13.36 -19.12 -15.38
CA CYS A 488 -14.06 -19.28 -16.65
C CYS A 488 -14.67 -20.67 -16.79
N TYR A 489 -15.72 -20.73 -17.59
CA TYR A 489 -16.44 -21.97 -17.88
C TYR A 489 -17.14 -21.76 -19.21
N PHE A 490 -16.32 -21.68 -20.26
CA PHE A 490 -16.85 -21.39 -21.59
C PHE A 490 -17.46 -22.65 -22.24
N ASN A 491 -18.70 -22.96 -21.88
CA ASN A 491 -19.28 -24.22 -22.29
C ASN A 491 -19.79 -24.18 -23.74
N VAL A 492 -20.39 -23.08 -24.14
CA VAL A 492 -20.88 -22.99 -25.50
C VAL A 492 -19.73 -23.08 -26.50
N ASN A 493 -18.53 -22.74 -26.06
CA ASN A 493 -17.37 -22.81 -26.93
C ASN A 493 -16.07 -22.92 -26.15
N PRO A 494 -15.71 -24.17 -25.76
CA PRO A 494 -14.53 -24.31 -24.90
C PRO A 494 -13.21 -24.11 -25.64
N ASP A 495 -13.29 -23.75 -26.91
CA ASP A 495 -12.14 -23.43 -27.70
C ASP A 495 -11.65 -21.99 -27.46
N ILE A 496 -12.50 -21.20 -26.80
CA ILE A 496 -12.20 -19.79 -26.57
C ILE A 496 -11.03 -19.60 -25.60
N ARG A 497 -10.30 -18.50 -25.81
CA ARG A 497 -9.26 -18.05 -24.91
C ARG A 497 -9.63 -16.68 -24.32
N GLN A 498 -9.37 -16.53 -23.03
CA GLN A 498 -9.50 -15.27 -22.31
C GLN A 498 -8.09 -14.72 -22.04
N GLN A 499 -7.72 -13.54 -22.55
CA GLN A 499 -6.30 -13.14 -22.39
C GLN A 499 -5.89 -13.03 -20.93
N HIS A 500 -6.78 -12.49 -20.10
CA HIS A 500 -6.46 -12.28 -18.69
C HIS A 500 -7.73 -12.03 -17.85
N GLY A 501 -7.60 -12.26 -16.54
CA GLY A 501 -8.63 -11.89 -15.58
C GLY A 501 -8.60 -10.40 -15.28
N PHE A 502 -7.38 -9.84 -15.30
CA PHE A 502 -7.14 -8.48 -14.85
C PHE A 502 -6.38 -7.70 -15.90
N GLN A 503 -6.51 -6.39 -15.84
CA GLN A 503 -5.77 -5.50 -16.73
C GLN A 503 -5.59 -4.14 -16.08
N ALA A 504 -4.36 -3.63 -16.12
CA ALA A 504 -4.06 -2.36 -15.53
C ALA A 504 -2.91 -1.66 -16.27
N PRO A 505 -2.62 -0.41 -15.88
CA PRO A 505 -1.33 0.14 -16.30
C PRO A 505 -0.23 -0.33 -15.33
N VAL A 506 1.03 -0.45 -15.79
CA VAL A 506 2.15 -0.77 -14.90
C VAL A 506 2.69 0.56 -14.39
N LYS A 507 2.43 0.82 -13.11
CA LYS A 507 2.76 2.09 -12.47
C LYS A 507 3.05 1.80 -11.01
N PRO A 508 3.97 2.55 -10.40
CA PRO A 508 4.30 2.11 -9.03
C PRO A 508 3.14 2.18 -8.01
N GLY A 509 2.15 3.03 -8.24
CA GLY A 509 1.06 3.21 -7.30
C GLY A 509 -0.11 2.28 -7.57
N VAL A 510 -0.03 1.61 -8.71
CA VAL A 510 -1.04 0.59 -9.08
C VAL A 510 -0.42 -0.76 -8.68
N LYS A 511 -1.10 -1.45 -7.77
CA LYS A 511 -0.54 -2.61 -7.08
C LYS A 511 -1.61 -3.64 -6.75
N PHE A 512 -1.36 -4.91 -7.06
CA PHE A 512 -2.34 -5.94 -6.73
C PHE A 512 -1.64 -7.00 -5.85
N HIS A 513 -2.43 -7.61 -4.99
CA HIS A 513 -1.97 -8.65 -4.09
C HIS A 513 -2.83 -9.90 -4.20
N ASP A 514 -2.21 -11.05 -4.47
CA ASP A 514 -2.88 -12.36 -4.40
C ASP A 514 -4.01 -12.50 -5.43
N LEU A 515 -3.60 -12.57 -6.70
CA LEU A 515 -4.51 -12.69 -7.83
C LEU A 515 -4.53 -14.12 -8.37
N LEU A 516 -5.70 -14.57 -8.84
CA LEU A 516 -5.79 -15.89 -9.45
C LEU A 516 -6.80 -15.97 -10.58
N VAL A 517 -6.56 -16.93 -11.47
CA VAL A 517 -7.54 -17.32 -12.48
C VAL A 517 -7.66 -18.82 -12.58
N VAL A 518 -8.83 -19.30 -12.93
CA VAL A 518 -9.10 -20.73 -12.95
C VAL A 518 -10.04 -21.04 -14.07
N SER A 519 -9.72 -22.07 -14.85
CA SER A 519 -10.66 -22.67 -15.77
C SER A 519 -11.35 -23.83 -15.13
N LEU A 520 -12.68 -23.84 -15.20
CA LEU A 520 -13.44 -24.95 -14.69
C LEU A 520 -13.54 -26.09 -15.70
N GLY A 521 -12.70 -27.09 -15.49
CA GLY A 521 -12.67 -28.30 -16.28
C GLY A 521 -12.22 -28.13 -17.74
N GLY A 522 -11.31 -27.21 -17.99
CA GLY A 522 -10.77 -27.03 -19.34
C GLY A 522 -11.73 -26.38 -20.31
N LYS A 523 -12.81 -25.82 -19.78
CA LYS A 523 -13.80 -25.15 -20.62
C LYS A 523 -13.30 -23.72 -20.88
N GLY A 524 -12.55 -23.55 -21.97
CA GLY A 524 -11.80 -22.35 -22.23
C GLY A 524 -10.55 -22.32 -21.36
N GLN A 525 -9.66 -21.41 -21.68
CA GLN A 525 -8.47 -21.21 -20.85
C GLN A 525 -8.13 -19.73 -20.80
N TYR A 526 -7.49 -19.33 -19.70
CA TYR A 526 -6.84 -18.01 -19.60
C TYR A 526 -5.43 -18.06 -20.15
N GLU A 527 -5.05 -17.06 -20.96
CA GLU A 527 -3.66 -16.92 -21.42
C GLU A 527 -2.69 -16.41 -20.35
N HIS A 528 -3.21 -15.61 -19.42
CA HIS A 528 -2.41 -15.00 -18.36
C HIS A 528 -3.35 -14.60 -17.23
N VAL A 529 -2.77 -14.14 -16.14
CA VAL A 529 -3.54 -13.69 -14.97
C VAL A 529 -3.89 -12.22 -15.11
N ILE A 530 -2.87 -11.41 -15.34
CA ILE A 530 -2.98 -9.97 -15.36
C ILE A 530 -2.14 -9.39 -16.54
N ASN A 531 -2.75 -8.56 -17.38
CA ASN A 531 -2.08 -8.08 -18.59
C ASN A 531 -1.62 -9.24 -19.48
N ASP A 532 -0.30 -9.46 -19.53
CA ASP A 532 0.31 -10.61 -20.19
C ASP A 532 1.29 -11.29 -19.23
N ILE A 533 0.95 -11.23 -17.94
CA ILE A 533 1.78 -11.70 -16.82
C ILE A 533 1.10 -12.83 -16.04
N GLY A 534 1.90 -13.74 -15.48
CA GLY A 534 1.38 -14.92 -14.82
C GLY A 534 1.00 -15.91 -15.90
N ASP A 535 0.89 -17.16 -15.50
CA ASP A 535 0.90 -18.22 -16.48
C ASP A 535 -0.49 -18.49 -17.01
N PRO A 536 -0.56 -19.04 -18.25
CA PRO A 536 -1.86 -19.53 -18.72
C PRO A 536 -2.41 -20.66 -17.89
N THR A 537 -3.74 -20.85 -17.86
CA THR A 537 -4.30 -22.08 -17.33
C THR A 537 -4.09 -23.21 -18.34
N SER A 538 -3.81 -24.42 -17.83
CA SER A 538 -3.50 -25.62 -18.65
C SER A 538 -4.40 -26.76 -18.21
N GLY A 539 -4.76 -27.63 -19.14
CA GLY A 539 -5.47 -28.85 -18.79
C GLY A 539 -6.88 -28.67 -18.28
N ASP A 540 -7.45 -29.78 -17.76
CA ASP A 540 -8.87 -29.84 -17.39
C ASP A 540 -9.08 -30.16 -15.92
N THR A 541 -8.07 -29.90 -15.09
CA THR A 541 -8.09 -30.27 -13.66
C THR A 541 -8.38 -29.08 -12.68
N THR A 542 -8.63 -27.89 -13.21
CA THR A 542 -9.13 -26.76 -12.39
C THR A 542 -8.11 -26.28 -11.34
N ILE A 543 -6.87 -26.19 -11.80
CA ILE A 543 -5.78 -25.69 -10.98
C ILE A 543 -5.56 -24.18 -11.21
N PRO A 544 -5.62 -23.38 -10.13
CA PRO A 544 -5.49 -21.92 -10.29
C PRO A 544 -4.13 -21.46 -10.76
N SER A 545 -4.08 -20.54 -11.71
CA SER A 545 -2.81 -19.87 -12.03
C SER A 545 -2.79 -18.61 -11.21
N GLN A 546 -1.67 -18.37 -10.54
CA GLN A 546 -1.66 -17.43 -9.43
C GLN A 546 -0.50 -16.45 -9.56
N VAL A 547 -0.77 -15.22 -9.15
CA VAL A 547 0.30 -14.22 -8.96
C VAL A 547 0.20 -13.56 -7.57
N VAL A 548 1.33 -13.40 -6.90
CA VAL A 548 1.30 -12.87 -5.52
C VAL A 548 1.26 -11.37 -5.56
N SER A 549 2.18 -10.82 -6.35
CA SER A 549 2.41 -9.39 -6.32
C SER A 549 2.59 -8.92 -7.75
N PHE A 550 1.87 -7.85 -8.05
CA PHE A 550 2.01 -7.20 -9.31
C PHE A 550 1.99 -5.71 -8.96
N PRO A 551 2.82 -4.90 -9.60
CA PRO A 551 3.83 -5.22 -10.62
C PRO A 551 5.08 -5.86 -9.98
N ALA B 1 -5.64 33.31 -1.28
CA ALA B 1 -4.45 33.88 -0.63
C ALA B 1 -4.62 33.97 0.89
N GLN B 2 -4.07 32.99 1.63
CA GLN B 2 -4.37 32.93 3.06
C GLN B 2 -3.22 32.22 3.76
N GLU B 3 -3.13 32.35 5.08
CA GLU B 3 -1.92 31.88 5.77
C GLU B 3 -1.81 30.36 5.87
N VAL B 4 -0.67 29.82 5.44
CA VAL B 4 -0.44 28.37 5.55
C VAL B 4 -0.31 28.05 7.03
N VAL B 5 -0.98 27.00 7.49
CA VAL B 5 -0.98 26.69 8.91
C VAL B 5 0.12 25.68 9.25
N GLY B 6 0.86 25.95 10.33
CA GLY B 6 1.91 25.06 10.75
C GLY B 6 1.48 24.25 11.97
N GLY B 7 1.93 22.99 12.01
CA GLY B 7 1.47 22.01 12.97
C GLY B 7 0.48 21.07 12.29
N GLY B 8 0.01 20.06 12.99
CA GLY B 8 -1.07 19.24 12.45
C GLY B 8 -0.89 17.74 12.60
N ASP B 9 -1.86 17.02 12.06
CA ASP B 9 -1.89 15.58 12.21
C ASP B 9 -0.82 14.95 11.29
N LEU B 10 0.12 14.22 11.89
CA LEU B 10 1.22 13.61 11.11
C LEU B 10 0.78 12.58 10.04
N GLY B 11 -0.52 12.32 9.97
CA GLY B 11 -1.12 11.53 8.92
C GLY B 11 -0.99 10.03 9.13
N PRO B 12 -1.51 9.22 8.16
CA PRO B 12 -1.70 7.78 8.41
C PRO B 12 -0.51 6.89 8.09
N ASN B 13 0.61 7.53 7.76
CA ASN B 13 1.88 6.82 7.53
C ASN B 13 2.94 6.98 8.63
N VAL B 14 2.54 7.63 9.73
CA VAL B 14 3.40 7.86 10.90
C VAL B 14 2.83 7.15 12.12
N LEU B 15 3.28 5.91 12.30
CA LEU B 15 2.81 5.08 13.40
C LEU B 15 3.62 5.40 14.63
N VAL B 16 2.95 5.95 15.63
CA VAL B 16 3.58 6.32 16.89
C VAL B 16 3.25 5.26 17.94
N PHE B 17 4.30 4.71 18.52
CA PHE B 17 4.20 3.66 19.54
C PHE B 17 4.67 4.17 20.89
N ASP B 18 4.26 3.45 21.92
CA ASP B 18 4.74 3.69 23.28
C ASP B 18 4.60 2.34 24.02
N PRO B 19 5.37 2.13 25.11
CA PRO B 19 5.42 0.71 25.50
C PRO B 19 4.11 0.07 25.95
N SER B 20 3.05 0.85 26.17
CA SER B 20 1.70 0.28 26.41
C SER B 20 0.98 -0.22 25.17
N THR B 21 1.32 0.34 24.01
CA THR B 21 0.58 0.10 22.79
C THR B 21 0.21 -1.35 22.58
N PRO B 22 -1.05 -1.59 22.20
CA PRO B 22 -1.38 -2.98 21.90
C PRO B 22 -0.52 -3.62 20.79
N ASP B 23 0.37 -4.49 21.22
CA ASP B 23 0.95 -5.48 20.34
C ASP B 23 1.75 -4.96 19.13
N ILE B 24 2.65 -4.06 19.47
CA ILE B 24 3.74 -3.62 18.58
C ILE B 24 4.35 -4.72 17.66
N GLN B 25 4.69 -5.92 18.16
CA GLN B 25 5.34 -6.89 17.27
C GLN B 25 4.49 -7.20 16.04
N GLY B 26 3.31 -7.74 16.28
CA GLY B 26 2.34 -7.96 15.24
C GLY B 26 2.23 -6.75 14.31
N LYS B 27 2.12 -5.57 14.90
CA LYS B 27 1.97 -4.32 14.13
C LYS B 27 3.17 -4.02 13.23
N VAL B 28 4.37 -4.21 13.75
CA VAL B 28 5.57 -3.94 12.93
C VAL B 28 5.63 -4.94 11.78
N ASP B 29 5.29 -6.21 12.04
CA ASP B 29 5.26 -7.23 11.01
C ASP B 29 4.27 -6.87 9.87
N GLU B 30 3.13 -6.24 10.15
CA GLU B 30 2.24 -5.92 9.00
C GLU B 30 2.93 -4.96 8.05
N VAL B 31 3.65 -3.97 8.58
CA VAL B 31 4.41 -3.06 7.73
C VAL B 31 5.51 -3.83 6.99
N PHE B 32 6.25 -4.65 7.70
CA PHE B 32 7.33 -5.43 7.05
C PHE B 32 6.80 -6.32 5.94
N ARG B 33 5.60 -6.81 6.09
CA ARG B 33 5.20 -7.67 5.01
C ARG B 33 4.69 -6.90 3.83
N LYS B 34 4.12 -5.73 4.05
CA LYS B 34 3.90 -4.84 2.93
C LYS B 34 5.24 -4.51 2.24
N GLN B 35 6.21 -4.06 3.04
CA GLN B 35 7.43 -3.46 2.49
C GLN B 35 8.61 -4.40 2.20
N GLU B 36 8.63 -5.60 2.80
CA GLU B 36 9.79 -6.52 2.68
C GLU B 36 10.37 -6.56 1.26
N SER B 37 9.50 -6.81 0.28
CA SER B 37 9.93 -7.00 -1.11
C SER B 37 9.45 -5.88 -2.02
N ASN B 38 8.98 -4.79 -1.42
CA ASN B 38 8.31 -3.67 -2.13
C ASN B 38 9.31 -2.66 -2.64
N GLN B 39 10.15 -3.07 -3.57
CA GLN B 39 11.32 -2.26 -3.91
C GLN B 39 10.98 -0.96 -4.63
N PHE B 40 9.93 -0.96 -5.44
CA PHE B 40 9.58 0.21 -6.24
C PHE B 40 8.15 0.75 -6.05
N GLY B 41 7.41 0.24 -5.09
CA GLY B 41 6.04 0.72 -4.87
C GLY B 41 6.00 2.03 -4.13
N THR B 42 4.80 2.59 -4.00
CA THR B 42 4.64 3.94 -3.48
C THR B 42 4.37 3.97 -1.99
N ASP B 43 4.33 2.83 -1.31
CA ASP B 43 4.12 2.85 0.15
C ASP B 43 5.32 3.46 0.86
N ARG B 44 5.03 4.19 1.94
CA ARG B 44 6.06 4.86 2.74
C ARG B 44 5.62 4.79 4.21
N TYR B 45 6.53 4.44 5.13
CA TYR B 45 6.16 4.37 6.56
C TYR B 45 7.25 4.85 7.48
N ALA B 46 6.85 5.54 8.54
CA ALA B 46 7.76 5.89 9.63
C ALA B 46 7.21 5.34 10.90
N LEU B 47 8.03 4.57 11.61
CA LEU B 47 7.65 3.94 12.87
C LEU B 47 8.40 4.71 13.93
N MET B 48 7.67 5.39 14.81
CA MET B 48 8.30 6.28 15.77
C MET B 48 7.90 5.79 17.19
N PHE B 49 8.89 5.75 18.08
CA PHE B 49 8.77 5.08 19.39
C PHE B 49 8.97 6.07 20.50
N LYS B 50 7.93 6.33 21.28
CA LYS B 50 8.03 7.28 22.38
C LYS B 50 9.09 6.79 23.37
N PRO B 51 9.71 7.70 24.13
CA PRO B 51 10.66 7.26 25.17
C PRO B 51 10.11 6.17 26.09
N GLY B 52 11.00 5.25 26.49
CA GLY B 52 10.63 4.07 27.29
C GLY B 52 11.46 2.84 26.92
N THR B 53 11.05 1.68 27.46
CA THR B 53 11.73 0.40 27.29
C THR B 53 10.78 -0.55 26.64
N TYR B 54 11.30 -1.28 25.64
CA TYR B 54 10.52 -2.21 24.83
C TYR B 54 11.16 -3.58 24.89
N ASN B 55 10.35 -4.60 25.26
CA ASN B 55 10.80 -5.99 25.27
C ASN B 55 10.23 -6.86 24.15
N ASP B 56 10.93 -7.96 23.85
CA ASP B 56 10.45 -9.00 22.94
C ASP B 56 10.13 -8.41 21.57
N ILE B 57 10.94 -7.43 21.17
CA ILE B 57 10.71 -6.65 19.95
C ILE B 57 11.83 -6.93 18.94
N ASN B 58 11.45 -7.49 17.80
CA ASN B 58 12.25 -7.47 16.60
C ASN B 58 11.54 -6.58 15.58
N ALA B 59 12.12 -5.43 15.29
CA ALA B 59 11.50 -4.49 14.36
C ALA B 59 12.17 -4.68 13.03
N GLN B 60 11.48 -5.38 12.14
CA GLN B 60 12.06 -5.80 10.88
C GLN B 60 11.75 -4.74 9.83
N ILE B 61 12.82 -4.26 9.20
CA ILE B 61 12.78 -3.06 8.38
C ILE B 61 12.88 -3.41 6.87
N GLY B 62 11.78 -3.24 6.16
CA GLY B 62 11.73 -3.43 4.72
C GLY B 62 12.01 -2.13 3.97
N PHE B 63 11.63 -2.08 2.71
CA PHE B 63 11.80 -0.88 1.91
C PHE B 63 10.99 0.30 2.44
N TYR B 64 11.56 1.49 2.24
CA TYR B 64 10.90 2.78 2.49
C TYR B 64 10.36 2.90 3.89
N THR B 65 11.02 2.23 4.84
CA THR B 65 10.65 2.24 6.25
C THR B 65 11.77 2.90 7.05
N SER B 66 11.35 3.89 7.83
CA SER B 66 12.24 4.68 8.68
C SER B 66 11.78 4.50 10.15
N ILE B 67 12.69 4.04 11.00
CA ILE B 67 12.34 3.77 12.41
C ILE B 67 13.19 4.64 13.31
N ALA B 68 12.58 5.18 14.35
CA ALA B 68 13.28 6.09 15.21
C ALA B 68 12.66 6.19 16.61
N GLY B 69 13.52 6.49 17.58
CA GLY B 69 13.13 6.93 18.90
C GLY B 69 12.81 8.44 18.93
N LEU B 70 12.06 8.83 19.96
CA LEU B 70 11.54 10.19 20.10
C LEU B 70 12.09 10.88 21.36
N GLY B 71 13.22 10.37 21.86
CA GLY B 71 13.95 11.02 22.93
C GLY B 71 14.90 12.07 22.43
N LEU B 72 15.17 13.06 23.27
CA LEU B 72 16.29 13.96 23.01
C LEU B 72 17.60 13.18 23.03
N ASN B 73 17.56 11.92 23.47
CA ASN B 73 18.79 11.12 23.58
C ASN B 73 18.59 9.62 23.23
N PRO B 74 19.59 8.98 22.62
CA PRO B 74 19.41 7.60 22.15
C PRO B 74 18.94 6.63 23.26
N ASP B 75 19.60 6.65 24.42
CA ASP B 75 19.27 5.66 25.45
C ASP B 75 17.90 5.96 26.10
N ASP B 76 17.24 7.04 25.67
CA ASP B 76 15.89 7.33 26.18
C ASP B 76 14.82 6.43 25.56
N THR B 77 15.14 5.79 24.44
CA THR B 77 14.25 4.84 23.78
C THR B 77 15.02 3.52 23.54
N THR B 78 14.84 2.57 24.45
CA THR B 78 15.65 1.37 24.47
C THR B 78 14.81 0.16 24.09
N PHE B 79 15.29 -0.56 23.08
CA PHE B 79 14.75 -1.88 22.74
C PHE B 79 15.63 -2.95 23.35
N ASN B 80 15.04 -3.74 24.22
CA ASN B 80 15.58 -5.06 24.51
C ASN B 80 14.98 -5.87 23.41
N GLY B 81 15.84 -6.14 22.43
CA GLY B 81 15.40 -6.59 21.11
C GLY B 81 16.20 -5.89 20.03
N ASP B 82 15.68 -5.95 18.80
CA ASP B 82 16.48 -5.68 17.60
C ASP B 82 15.78 -4.75 16.60
N VAL B 83 16.60 -4.20 15.70
CA VAL B 83 16.14 -3.44 14.55
C VAL B 83 16.92 -4.05 13.39
N THR B 84 16.22 -4.84 12.59
CA THR B 84 16.81 -5.90 11.79
C THR B 84 16.65 -5.65 10.30
N VAL B 85 17.76 -5.77 9.57
CA VAL B 85 17.68 -5.96 8.14
C VAL B 85 18.48 -7.17 7.70
N ASP B 86 17.83 -8.03 6.91
CA ASP B 86 18.67 -8.84 6.03
C ASP B 86 18.01 -9.14 4.70
N ALA B 87 18.62 -10.05 3.94
CA ALA B 87 18.33 -10.16 2.50
C ALA B 87 17.74 -11.50 2.10
N GLY B 88 17.66 -12.43 3.05
CA GLY B 88 17.13 -13.75 2.74
C GLY B 88 15.80 -13.73 1.97
N TRP B 89 15.40 -12.55 1.47
CA TRP B 89 14.41 -12.41 0.37
C TRP B 89 14.97 -12.55 -1.02
N PHE B 90 16.22 -12.14 -1.14
CA PHE B 90 16.88 -12.03 -2.42
C PHE B 90 17.94 -13.09 -2.35
N ASP B 91 17.41 -14.26 -2.07
CA ASP B 91 18.06 -15.35 -1.37
C ASP B 91 19.38 -15.08 -0.68
N GLY B 92 19.40 -13.91 -0.04
CA GLY B 92 20.47 -13.46 0.82
C GLY B 92 21.40 -12.47 0.15
N ASN B 93 21.16 -12.18 -1.12
CA ASN B 93 21.96 -11.20 -1.81
C ASN B 93 21.48 -9.82 -1.35
N ALA B 94 22.32 -9.06 -0.64
CA ALA B 94 21.84 -7.89 0.11
C ALA B 94 21.93 -6.58 -0.67
N THR B 95 22.32 -6.70 -1.95
CA THR B 95 22.60 -5.59 -2.87
C THR B 95 21.34 -4.94 -3.46
N GLN B 96 20.22 -5.06 -2.75
CA GLN B 96 19.07 -4.22 -3.06
C GLN B 96 18.34 -3.79 -1.82
N ASN B 97 18.98 -3.96 -0.66
CA ASN B 97 18.37 -3.52 0.60
C ASN B 97 18.53 -2.03 0.80
N PHE B 98 17.84 -1.29 -0.07
CA PHE B 98 17.91 0.16 -0.16
C PHE B 98 16.79 0.87 0.62
N TRP B 99 16.98 2.17 0.75
CA TRP B 99 15.92 3.14 1.11
C TRP B 99 15.18 2.83 2.41
N ARG B 100 15.92 2.89 3.49
CA ARG B 100 15.33 2.65 4.80
C ARG B 100 16.25 3.31 5.84
N SER B 101 15.82 3.42 7.08
CA SER B 101 16.69 4.13 8.04
C SER B 101 16.40 3.75 9.47
N ALA B 102 17.42 3.86 10.31
CA ALA B 102 17.26 3.73 11.77
C ALA B 102 17.95 4.89 12.44
N GLU B 103 17.27 5.48 13.44
CA GLU B 103 17.90 6.58 14.19
C GLU B 103 17.41 6.68 15.63
N ASN B 104 18.31 7.12 16.50
CA ASN B 104 17.94 7.65 17.83
C ASN B 104 17.27 6.61 18.74
N LEU B 105 17.85 5.42 18.75
CA LEU B 105 17.42 4.27 19.56
C LEU B 105 18.64 3.63 20.24
N ALA B 106 18.43 3.05 21.43
CA ALA B 106 19.39 2.13 22.02
C ALA B 106 18.87 0.71 21.78
N LEU B 107 19.77 -0.18 21.39
CA LEU B 107 19.43 -1.57 21.08
C LEU B 107 20.26 -2.52 21.95
N ASN B 108 19.55 -3.45 22.58
CA ASN B 108 20.18 -4.52 23.36
C ASN B 108 19.82 -5.84 22.69
N PRO B 109 20.59 -6.24 21.67
CA PRO B 109 20.09 -7.29 20.75
C PRO B 109 20.06 -8.66 21.42
N VAL B 110 19.14 -9.53 21.01
CA VAL B 110 18.72 -10.66 21.86
C VAL B 110 19.77 -11.79 22.20
N ASN B 111 20.65 -12.09 21.22
CA ASN B 111 21.84 -12.87 21.51
C ASN B 111 23.03 -12.03 21.95
N GLY B 112 23.18 -10.83 21.38
CA GLY B 112 24.35 -9.99 21.58
C GLY B 112 24.75 -9.25 20.31
N THR B 113 24.15 -9.63 19.18
CA THR B 113 24.49 -9.14 17.84
C THR B 113 23.27 -8.65 17.08
N ASN B 114 23.25 -7.38 16.68
CA ASN B 114 22.18 -6.84 15.82
C ASN B 114 22.61 -6.94 14.35
N ARG B 115 21.70 -7.47 13.54
CA ARG B 115 21.83 -7.62 12.08
C ARG B 115 21.38 -6.41 11.29
N TRP B 116 22.29 -5.67 10.64
CA TRP B 116 21.90 -4.51 9.81
C TRP B 116 22.51 -4.65 8.39
N ALA B 117 21.95 -5.57 7.62
CA ALA B 117 22.58 -6.03 6.38
C ALA B 117 22.04 -5.28 5.15
N VAL B 118 22.62 -4.11 4.93
CA VAL B 118 22.07 -3.17 3.97
C VAL B 118 23.02 -2.82 2.84
N SER B 119 22.44 -2.19 1.82
CA SER B 119 23.23 -1.57 0.78
C SER B 119 22.97 -0.06 0.81
N GLN B 120 22.85 0.58 -0.34
CA GLN B 120 22.86 2.05 -0.38
C GLN B 120 21.59 2.68 0.18
N ALA B 121 21.72 3.92 0.66
CA ALA B 121 20.59 4.72 1.18
C ALA B 121 19.88 4.02 2.34
N ALA B 122 20.68 3.56 3.31
CA ALA B 122 20.15 2.90 4.49
C ALA B 122 20.85 3.40 5.76
N PRO B 123 20.67 4.68 6.08
CA PRO B 123 21.51 5.24 7.14
C PRO B 123 21.20 4.71 8.53
N PHE B 124 22.23 4.70 9.36
CA PHE B 124 22.17 4.25 10.74
C PHE B 124 22.78 5.39 11.52
N ARG B 125 21.94 6.21 12.17
CA ARG B 125 22.38 7.47 12.81
C ARG B 125 21.96 7.58 14.26
N ARG B 126 22.83 8.14 15.11
CA ARG B 126 22.43 8.46 16.48
C ARG B 126 21.92 7.19 17.18
N MET B 127 22.59 6.07 16.93
CA MET B 127 22.22 4.77 17.52
C MET B 127 23.21 4.34 18.60
N HIS B 128 22.66 3.72 19.64
CA HIS B 128 23.50 3.06 20.65
C HIS B 128 23.22 1.55 20.59
N VAL B 129 24.24 0.78 20.20
CA VAL B 129 24.12 -0.67 20.18
C VAL B 129 24.95 -1.26 21.33
N LYS B 130 24.23 -1.88 22.25
CA LYS B 130 24.83 -2.48 23.46
C LYS B 130 25.18 -3.94 23.16
N GLY B 131 26.11 -4.09 22.24
CA GLY B 131 26.54 -5.37 21.69
C GLY B 131 27.28 -5.10 20.40
N GLY B 132 27.28 -6.09 19.52
CA GLY B 132 27.91 -5.98 18.24
C GLY B 132 26.89 -5.66 17.16
N LEU B 133 27.42 -5.40 15.99
CA LEU B 133 26.61 -4.98 14.84
C LEU B 133 27.15 -5.74 13.64
N ASN B 134 26.33 -6.63 13.08
CA ASN B 134 26.69 -7.47 11.94
C ASN B 134 26.07 -6.83 10.70
N LEU B 135 26.90 -6.52 9.70
CA LEU B 135 26.45 -5.78 8.53
C LEU B 135 26.17 -6.61 7.28
N ALA B 136 26.21 -7.93 7.39
CA ALA B 136 26.10 -8.79 6.19
C ALA B 136 24.98 -9.81 6.29
N PRO B 137 24.46 -10.23 5.14
CA PRO B 137 23.46 -11.30 5.24
C PRO B 137 24.07 -12.54 5.89
N ASP B 138 23.31 -13.07 6.86
CA ASP B 138 23.25 -14.48 7.22
C ASP B 138 23.53 -15.25 5.98
N GLY B 139 24.60 -16.02 6.00
CA GLY B 139 25.06 -16.60 4.78
C GLY B 139 26.36 -15.95 4.39
N TYR B 140 26.47 -14.61 4.51
CA TYR B 140 27.65 -13.78 4.13
C TYR B 140 27.42 -13.11 2.79
N GLY B 141 26.36 -13.49 2.07
CA GLY B 141 26.10 -13.01 0.70
C GLY B 141 26.53 -11.58 0.31
N TRP B 142 26.35 -11.25 -0.96
CA TRP B 142 26.89 -9.96 -1.41
C TRP B 142 26.11 -8.80 -0.78
N ALA B 143 26.83 -7.70 -0.51
CA ALA B 143 26.25 -6.54 0.16
C ALA B 143 27.09 -5.30 -0.13
N SER B 144 26.44 -4.15 -0.34
CA SER B 144 27.10 -2.94 -0.86
C SER B 144 26.63 -1.67 -0.11
N GLY B 145 26.77 -1.71 1.23
CA GLY B 145 26.58 -0.52 2.06
C GLY B 145 27.70 0.50 1.93
N GLY B 146 27.72 1.53 2.78
CA GLY B 146 26.84 1.70 3.93
C GLY B 146 27.30 2.91 4.72
N TYR B 147 26.52 3.32 5.71
CA TYR B 147 26.67 4.62 6.37
C TYR B 147 26.23 4.55 7.83
N ILE B 148 27.20 4.84 8.71
CA ILE B 148 26.94 4.97 10.14
C ILE B 148 27.49 6.33 10.58
N ALA B 149 26.67 7.10 11.28
CA ALA B 149 27.17 8.33 11.87
C ALA B 149 26.62 8.53 13.26
N ASP B 150 27.43 9.17 14.09
CA ASP B 150 26.97 9.64 15.38
C ASP B 150 26.44 8.53 16.28
N SER B 151 27.09 7.38 16.19
CA SER B 151 26.60 6.20 16.89
C SER B 151 27.65 5.60 17.78
N LYS B 152 27.19 4.84 18.77
CA LYS B 152 28.11 4.07 19.61
C LYS B 152 27.77 2.60 19.57
N ILE B 153 28.76 1.81 19.18
CA ILE B 153 28.62 0.37 19.14
C ILE B 153 29.59 -0.16 20.18
N ASP B 154 29.05 -0.63 21.29
CA ASP B 154 29.85 -1.12 22.42
C ASP B 154 30.92 -2.12 22.01
N GLY B 155 30.47 -3.22 21.42
CA GLY B 155 31.35 -4.27 21.00
C GLY B 155 31.76 -4.09 19.55
N GLU B 156 31.66 -5.19 18.82
CA GLU B 156 32.25 -5.27 17.50
C GLU B 156 31.31 -5.03 16.34
N VAL B 157 31.85 -4.35 15.35
CA VAL B 157 31.25 -4.28 14.04
C VAL B 157 31.85 -5.38 13.17
N GLY B 158 31.00 -6.07 12.42
CA GLY B 158 31.45 -7.11 11.52
C GLY B 158 30.90 -6.85 10.14
N PRO B 159 31.70 -6.24 9.26
CA PRO B 159 31.26 -6.10 7.88
C PRO B 159 31.20 -7.43 7.14
N TYR B 160 32.15 -8.34 7.42
CA TYR B 160 32.27 -9.61 6.71
C TYR B 160 32.42 -9.37 5.20
N SER B 161 31.31 -9.56 4.49
CA SER B 161 31.22 -9.38 3.05
C SER B 161 30.45 -8.11 2.74
N GLN B 162 30.77 -7.00 3.37
CA GLN B 162 30.33 -5.73 2.84
C GLN B 162 31.48 -5.28 1.96
N GLN B 163 31.23 -4.73 0.78
CA GLN B 163 32.35 -4.32 -0.05
C GLN B 163 33.03 -3.06 0.45
N GLN B 164 32.23 -2.10 0.92
CA GLN B 164 32.79 -0.83 1.36
C GLN B 164 31.87 -0.32 2.47
N TRP B 165 32.31 0.73 3.15
CA TRP B 165 31.57 1.28 4.29
C TRP B 165 32.14 2.60 4.72
N TYR B 166 31.27 3.50 5.18
CA TYR B 166 31.71 4.77 5.75
C TYR B 166 31.11 4.96 7.13
N THR B 167 31.99 5.26 8.10
CA THR B 167 31.57 5.57 9.46
C THR B 167 32.15 6.92 9.85
N ARG B 168 31.32 7.81 10.39
CA ARG B 168 31.88 9.05 10.96
C ARG B 168 31.36 9.39 12.36
N ASP B 169 32.23 10.07 13.12
CA ASP B 169 31.86 10.73 14.37
C ASP B 169 31.06 9.77 15.28
N SER B 170 31.73 8.65 15.58
CA SER B 170 31.14 7.53 16.29
C SER B 170 32.15 6.90 17.25
N SER B 171 31.69 5.87 17.96
CA SER B 171 32.55 5.07 18.81
C SER B 171 32.24 3.60 18.54
N VAL B 172 33.29 2.79 18.39
CA VAL B 172 33.14 1.34 18.19
C VAL B 172 34.06 0.60 19.13
N GLY B 173 33.72 -0.64 19.46
CA GLY B 173 34.54 -1.43 20.38
C GLY B 173 35.34 -2.48 19.66
N GLY B 174 35.29 -2.46 18.33
CA GLY B 174 36.00 -3.42 17.51
C GLY B 174 35.56 -3.30 16.06
N TRP B 175 36.47 -3.68 15.16
CA TRP B 175 36.18 -3.63 13.74
C TRP B 175 36.65 -4.90 13.06
N GLY B 176 35.73 -5.65 12.47
CA GLY B 176 35.98 -7.05 12.10
C GLY B 176 36.78 -7.34 10.84
N ASN B 177 36.51 -6.60 9.76
CA ASN B 177 37.21 -6.83 8.52
C ASN B 177 37.10 -5.62 7.58
N GLY B 178 37.92 -5.65 6.53
CA GLY B 178 37.84 -4.72 5.40
C GLY B 178 38.06 -5.41 4.06
N VAL B 179 37.05 -5.28 3.19
CA VAL B 179 36.99 -5.96 1.89
C VAL B 179 37.66 -5.08 0.82
N TRP B 180 36.96 -4.06 0.33
CA TRP B 180 37.54 -3.10 -0.62
C TRP B 180 37.86 -1.68 -0.10
N ASN B 181 36.95 -1.07 0.66
CA ASN B 181 37.14 0.32 1.08
C ASN B 181 36.33 0.61 2.33
N MET B 182 36.97 0.49 3.50
CA MET B 182 36.35 0.87 4.76
C MET B 182 37.02 2.18 5.19
N THR B 183 36.24 3.26 5.22
CA THR B 183 36.71 4.59 5.58
C THR B 183 36.03 5.10 6.88
N PHE B 184 36.85 5.77 7.70
CA PHE B 184 36.44 6.25 9.01
C PHE B 184 36.92 7.69 9.12
N SER B 185 36.06 8.58 9.61
CA SER B 185 36.53 9.89 10.08
C SER B 185 35.89 10.22 11.43
N GLY B 186 36.73 10.64 12.38
CA GLY B 186 36.27 10.91 13.72
C GLY B 186 35.72 9.73 14.50
N VAL B 187 36.23 8.53 14.21
CA VAL B 187 35.74 7.32 14.85
C VAL B 187 36.67 6.80 15.95
N GLU B 188 36.25 6.99 17.18
CA GLU B 188 36.90 6.36 18.31
C GLU B 188 36.82 4.86 18.20
N GLY B 189 37.98 4.20 18.17
CA GLY B 189 38.08 2.76 18.16
C GLY B 189 38.31 2.17 16.79
N ALA B 190 38.34 3.03 15.78
CA ALA B 190 38.55 2.62 14.40
C ALA B 190 39.93 1.98 14.22
N PRO B 191 40.04 1.10 13.22
CA PRO B 191 41.35 0.53 12.94
C PRO B 191 42.31 1.64 12.49
N ALA B 192 43.59 1.43 12.68
CA ALA B 192 44.57 2.40 12.26
C ALA B 192 44.66 2.39 10.74
N GLN B 193 44.93 3.57 10.19
CA GLN B 193 45.13 3.73 8.75
C GLN B 193 46.12 2.67 8.22
N SER B 194 45.66 1.84 7.28
CA SER B 194 46.48 0.76 6.73
C SER B 194 46.40 0.46 5.23
N PHE B 195 45.59 1.22 4.49
CA PHE B 195 45.37 1.01 3.06
C PHE B 195 46.73 0.81 2.38
N PRO B 196 46.84 -0.12 1.42
CA PRO B 196 45.81 -0.90 0.76
C PRO B 196 45.48 -2.22 1.43
N GLU B 197 46.03 -2.51 2.60
CA GLU B 197 46.04 -3.88 3.06
C GLU B 197 46.09 -4.05 4.59
N PRO B 198 44.93 -4.28 5.26
CA PRO B 198 43.54 -4.17 4.75
C PRO B 198 43.21 -2.72 4.37
N PRO B 199 42.21 -2.53 3.50
CA PRO B 199 41.92 -1.20 2.94
C PRO B 199 41.13 -0.31 3.90
N TYR B 200 41.81 0.07 4.98
CA TYR B 200 41.31 1.00 5.97
C TYR B 200 41.87 2.40 5.70
N THR B 201 40.95 3.35 5.49
CA THR B 201 41.25 4.76 5.38
C THR B 201 40.70 5.45 6.63
N THR B 202 41.61 5.97 7.46
CA THR B 202 41.23 6.45 8.78
C THR B 202 41.69 7.88 9.02
N LEU B 203 40.72 8.79 9.20
CA LEU B 203 41.02 10.18 9.53
C LEU B 203 40.67 10.41 10.99
N GLU B 204 41.57 11.07 11.71
CA GLU B 204 41.37 11.29 13.14
C GLU B 204 40.06 12.04 13.41
N THR B 205 39.74 13.02 12.56
CA THR B 205 38.58 13.88 12.77
C THR B 205 37.86 14.16 11.45
N THR B 206 36.58 14.53 11.52
CA THR B 206 35.84 15.01 10.37
C THR B 206 35.98 16.53 10.30
N PRO B 207 36.34 17.09 9.12
CA PRO B 207 36.62 18.53 9.13
C PRO B 207 35.47 19.40 9.61
N VAL B 208 34.29 19.13 9.10
CA VAL B 208 33.07 19.72 9.65
C VAL B 208 31.95 18.70 9.57
N SER B 209 31.07 18.72 10.57
CA SER B 209 29.88 17.87 10.53
C SER B 209 28.78 18.52 11.33
N ARG B 210 27.54 18.18 11.01
CA ARG B 210 26.40 18.71 11.71
C ARG B 210 25.30 17.65 11.67
N GLU B 211 24.97 17.09 12.83
CA GLU B 211 24.07 15.95 12.87
C GLU B 211 22.69 16.26 12.33
N LYS B 212 22.08 15.28 11.69
CA LYS B 212 20.80 15.52 11.02
C LYS B 212 19.73 15.89 12.06
N PRO B 213 18.84 16.83 11.73
CA PRO B 213 17.66 17.12 12.57
C PRO B 213 16.71 15.91 12.70
N PHE B 214 15.99 15.86 13.82
CA PHE B 214 15.09 14.74 14.10
C PHE B 214 13.97 15.14 15.09
N LEU B 215 12.86 14.43 15.00
CA LEU B 215 11.73 14.55 15.93
C LEU B 215 12.05 14.00 17.32
N TYR B 216 11.69 14.75 18.36
CA TYR B 216 11.59 14.20 19.70
C TYR B 216 10.31 14.74 20.33
N LEU B 217 10.01 14.27 21.53
CA LEU B 217 8.81 14.70 22.23
C LEU B 217 9.23 15.25 23.57
N ASP B 218 8.59 16.36 23.94
CA ASP B 218 8.77 16.99 25.24
C ASP B 218 7.38 17.17 25.89
N GLY B 219 7.11 16.34 26.88
CA GLY B 219 5.85 16.39 27.58
C GLY B 219 4.84 15.67 26.70
N ASP B 220 3.94 16.42 26.09
CA ASP B 220 3.07 15.83 25.11
C ASP B 220 3.39 16.43 23.74
N ASP B 221 4.49 17.20 23.68
CA ASP B 221 4.67 18.14 22.57
C ASP B 221 5.88 17.86 21.63
N TYR B 222 5.56 17.52 20.39
CA TYR B 222 6.56 17.27 19.34
C TYR B 222 7.37 18.50 19.03
N LYS B 223 8.67 18.39 19.24
CA LYS B 223 9.64 19.32 18.68
C LYS B 223 10.60 18.60 17.67
N VAL B 224 11.36 19.40 16.94
CA VAL B 224 12.44 18.91 16.09
C VAL B 224 13.71 19.47 16.70
N PHE B 225 14.65 18.59 17.04
CA PHE B 225 15.97 19.03 17.51
C PHE B 225 16.81 19.28 16.28
N VAL B 226 17.58 20.36 16.30
CA VAL B 226 18.44 20.73 15.19
C VAL B 226 19.85 20.92 15.73
N PRO B 227 20.66 19.87 15.61
CA PRO B 227 22.00 19.89 16.23
C PRO B 227 22.92 21.03 15.76
N ALA B 228 23.72 21.51 16.72
CA ALA B 228 24.77 22.48 16.45
C ALA B 228 25.91 21.90 15.59
N LYS B 229 26.63 22.78 14.89
CA LYS B 229 27.81 22.41 14.12
C LYS B 229 28.94 21.93 15.00
N ARG B 230 29.68 20.91 14.55
CA ARG B 230 30.95 20.51 15.17
C ARG B 230 32.07 20.70 14.14
N THR B 231 33.17 21.34 14.54
CA THR B 231 34.37 21.38 13.70
C THR B 231 35.43 20.42 14.26
N ASN B 232 36.15 19.76 13.34
CA ASN B 232 37.08 18.68 13.70
C ASN B 232 36.44 17.69 14.67
N ALA B 233 35.32 17.17 14.21
CA ALA B 233 34.52 16.25 14.99
C ALA B 233 35.18 14.89 15.22
N ARG B 234 34.93 14.37 16.42
CA ARG B 234 35.34 13.04 16.80
C ARG B 234 34.38 12.53 17.86
N GLY B 235 33.98 11.27 17.68
CA GLY B 235 33.10 10.59 18.61
C GLY B 235 31.68 11.12 18.48
N THR B 236 30.78 10.62 19.34
CA THR B 236 29.39 11.03 19.24
C THR B 236 29.21 12.49 19.73
N SER B 237 28.20 13.17 19.16
CA SER B 237 27.65 14.43 19.68
C SER B 237 26.96 14.37 21.03
N TRP B 238 26.43 13.20 21.37
CA TRP B 238 25.28 13.10 22.24
C TRP B 238 25.49 12.19 23.40
N GLY B 239 26.70 11.72 23.61
CA GLY B 239 26.87 10.62 24.56
C GLY B 239 27.37 11.16 25.83
N ASN B 240 28.61 11.60 25.80
CA ASN B 240 29.04 12.46 26.87
C ASN B 240 28.36 13.84 26.69
N GLY B 241 27.09 13.81 26.22
CA GLY B 241 26.12 14.89 26.35
C GLY B 241 24.68 14.94 25.74
N THR B 242 23.94 15.93 26.20
CA THR B 242 23.40 16.94 25.30
C THR B 242 24.09 18.11 25.95
N PRO B 243 24.70 18.93 25.15
CA PRO B 243 24.38 20.36 25.13
C PRO B 243 23.73 20.67 23.76
N GLU B 244 24.16 21.82 23.26
CA GLU B 244 24.29 22.14 21.81
C GLU B 244 23.29 21.69 20.73
N GLY B 245 22.26 22.50 20.54
CA GLY B 245 21.53 22.52 19.29
C GLY B 245 20.36 23.47 19.42
N GLU B 246 19.48 23.48 18.42
CA GLU B 246 18.26 24.29 18.43
C GLU B 246 17.00 23.41 18.50
N SER B 247 16.04 23.74 19.37
CA SER B 247 14.75 23.04 19.31
C SER B 247 13.55 23.88 18.86
N LEU B 248 12.74 23.27 17.99
CA LEU B 248 11.62 23.91 17.31
C LEU B 248 10.29 23.17 17.61
N PRO B 249 9.21 23.87 18.00
CA PRO B 249 7.95 23.08 18.07
C PRO B 249 7.36 22.73 16.72
N LEU B 250 6.52 21.70 16.68
CA LEU B 250 5.88 21.33 15.43
C LEU B 250 5.09 22.45 14.77
N ASP B 251 4.63 23.45 15.53
CA ASP B 251 3.81 24.49 14.88
C ASP B 251 4.61 25.53 14.10
N GLN B 252 5.94 25.46 14.16
CA GLN B 252 6.75 26.26 13.25
C GLN B 252 6.94 25.50 11.93
N PHE B 253 6.34 24.31 11.84
CA PHE B 253 6.49 23.43 10.70
C PHE B 253 5.22 23.27 9.89
N TYR B 254 5.33 23.47 8.59
CA TYR B 254 4.27 23.01 7.72
C TYR B 254 4.39 21.48 7.56
N VAL B 255 3.35 20.77 8.04
CA VAL B 255 3.31 19.32 8.04
C VAL B 255 2.59 18.91 6.76
N VAL B 256 3.34 18.41 5.81
CA VAL B 256 2.78 18.22 4.48
C VAL B 256 2.31 16.78 4.30
N LYS B 257 1.19 16.64 3.59
CA LYS B 257 0.78 15.35 3.01
C LYS B 257 0.61 15.40 1.52
N PRO B 258 0.91 14.27 0.85
CA PRO B 258 0.78 14.09 -0.60
C PRO B 258 -0.49 14.74 -1.15
N GLY B 259 -0.27 15.71 -2.03
CA GLY B 259 -1.32 16.50 -2.64
C GLY B 259 -1.11 17.97 -2.39
N ALA B 260 -0.12 18.29 -1.54
CA ALA B 260 0.29 19.69 -1.32
C ALA B 260 1.00 20.15 -2.55
N THR B 261 0.62 21.30 -3.07
CA THR B 261 1.22 21.82 -4.26
C THR B 261 2.49 22.56 -3.87
N ALA B 262 3.44 22.65 -4.79
CA ALA B 262 4.67 23.35 -4.44
C ALA B 262 4.38 24.84 -4.14
N GLU B 263 3.41 25.41 -4.85
CA GLU B 263 2.92 26.77 -4.53
C GLU B 263 2.56 26.90 -2.99
N THR B 264 1.83 25.95 -2.37
CA THR B 264 1.67 26.00 -0.88
C THR B 264 2.96 25.86 -0.12
N ILE B 265 3.67 24.81 -0.49
CA ILE B 265 4.92 24.50 0.14
C ILE B 265 5.80 25.73 0.07
N ASN B 266 5.80 26.36 -1.11
CA ASN B 266 6.59 27.57 -1.33
C ASN B 266 6.08 28.75 -0.52
N ALA B 267 4.77 28.89 -0.43
CA ALA B 267 4.22 29.97 0.39
C ALA B 267 4.65 29.76 1.82
N ALA B 268 4.48 28.56 2.32
CA ALA B 268 4.90 28.20 3.67
C ALA B 268 6.30 28.71 4.02
N VAL B 269 7.31 28.31 3.25
CA VAL B 269 8.67 28.76 3.55
C VAL B 269 8.81 30.31 3.56
N ASP B 270 8.29 30.95 2.53
CA ASP B 270 8.26 32.40 2.44
C ASP B 270 7.61 33.05 3.67
N GLN B 271 6.57 32.38 4.14
CA GLN B 271 5.78 32.82 5.27
C GLN B 271 6.61 32.68 6.56
N GLY B 272 7.62 31.79 6.52
CA GLY B 272 8.49 31.54 7.69
C GLY B 272 8.38 30.16 8.31
N LEU B 273 7.60 29.26 7.71
CA LEU B 273 7.48 27.91 8.23
C LEU B 273 8.62 27.03 7.73
N HIS B 274 9.04 26.09 8.55
CA HIS B 274 9.87 24.98 8.13
C HIS B 274 8.96 23.94 7.46
N LEU B 275 9.56 22.87 6.93
CA LEU B 275 8.84 21.81 6.23
C LEU B 275 9.10 20.44 6.82
N LEU B 276 8.02 19.70 7.08
CA LEU B 276 8.09 18.33 7.59
C LEU B 276 7.29 17.49 6.59
N PHE B 277 7.99 16.72 5.77
CA PHE B 277 7.33 15.87 4.81
C PHE B 277 6.97 14.54 5.42
N THR B 278 5.68 14.31 5.60
CA THR B 278 5.19 13.04 6.10
C THR B 278 5.45 11.96 5.02
N PRO B 279 5.47 10.70 5.44
CA PRO B 279 5.82 9.65 4.45
C PRO B 279 4.78 9.54 3.36
N GLY B 280 5.26 9.57 2.13
CA GLY B 280 4.40 9.60 0.96
C GLY B 280 5.16 10.07 -0.26
N VAL B 281 4.40 10.24 -1.34
CA VAL B 281 4.98 10.58 -2.63
C VAL B 281 4.32 11.84 -3.12
N TYR B 282 5.14 12.85 -3.41
CA TYR B 282 4.69 14.21 -3.71
C TYR B 282 5.02 14.64 -5.15
N HIS B 283 4.03 14.59 -6.04
CA HIS B 283 4.23 15.04 -7.43
C HIS B 283 4.10 16.54 -7.53
N VAL B 284 5.18 17.24 -7.89
CA VAL B 284 5.16 18.71 -7.98
C VAL B 284 5.27 19.19 -9.46
N ASP B 285 4.55 20.26 -9.78
CA ASP B 285 4.55 20.76 -11.14
C ASP B 285 5.26 22.10 -11.27
N GLN B 286 6.00 22.43 -10.22
CA GLN B 286 6.97 23.53 -10.19
C GLN B 286 7.99 23.16 -9.13
N PRO B 287 9.16 23.81 -9.13
CA PRO B 287 10.08 23.45 -8.04
C PRO B 287 9.71 23.95 -6.64
N ILE B 288 10.07 23.17 -5.65
CA ILE B 288 10.08 23.59 -4.26
C ILE B 288 11.26 24.52 -4.11
N GLU B 289 11.00 25.71 -3.57
CA GLU B 289 12.02 26.73 -3.36
C GLU B 289 12.19 27.02 -1.89
N ILE B 290 13.44 26.98 -1.45
CA ILE B 290 13.79 27.34 -0.09
C ILE B 290 14.76 28.50 -0.21
N ASP B 291 14.21 29.71 -0.08
CA ASP B 291 14.94 30.96 -0.16
C ASP B 291 14.76 31.80 1.15
N ARG B 292 14.83 31.14 2.30
CA ARG B 292 14.89 31.83 3.64
C ARG B 292 15.94 31.06 4.47
N ALA B 293 16.85 31.80 5.10
CA ALA B 293 17.92 31.20 5.89
C ALA B 293 17.36 30.31 6.99
N ASN B 294 18.12 29.26 7.33
CA ASN B 294 17.78 28.33 8.43
C ASN B 294 16.57 27.42 8.28
N THR B 295 16.01 27.37 7.08
CA THR B 295 14.87 26.51 6.83
C THR B 295 15.29 25.05 6.98
N VAL B 296 14.54 24.32 7.79
CA VAL B 296 14.68 22.88 7.92
C VAL B 296 13.61 22.23 7.04
N ALA B 297 14.06 21.36 6.13
CA ALA B 297 13.16 20.53 5.33
C ALA B 297 13.48 19.09 5.67
N LEU B 298 12.74 18.56 6.64
CA LEU B 298 12.93 17.19 7.13
C LEU B 298 11.90 16.25 6.52
N GLY B 299 12.37 15.13 6.00
CA GLY B 299 11.47 14.09 5.53
C GLY B 299 11.42 12.90 6.47
N LEU B 300 10.25 12.24 6.49
CA LEU B 300 10.00 11.07 7.31
C LEU B 300 9.68 9.91 6.37
N GLY B 301 10.11 8.70 6.75
CA GLY B 301 9.74 7.51 6.00
C GLY B 301 10.00 7.59 4.50
N LEU B 302 11.16 8.12 4.12
CA LEU B 302 11.56 8.12 2.72
C LEU B 302 10.55 8.87 1.83
N ALA B 303 9.98 9.93 2.41
CA ALA B 303 9.17 10.88 1.68
C ALA B 303 9.87 11.23 0.37
N THR B 304 9.09 11.18 -0.69
CA THR B 304 9.61 11.26 -2.05
C THR B 304 8.97 12.38 -2.84
N ILE B 305 9.81 13.15 -3.54
CA ILE B 305 9.36 14.23 -4.40
C ILE B 305 9.58 13.79 -5.83
N ILE B 306 8.50 13.80 -6.63
CA ILE B 306 8.58 13.56 -8.06
C ILE B 306 8.29 14.87 -8.83
N PRO B 307 9.29 15.39 -9.57
CA PRO B 307 9.05 16.54 -10.47
C PRO B 307 8.34 16.13 -11.77
N ASP B 308 7.05 16.44 -11.90
CA ASP B 308 6.36 16.37 -13.19
C ASP B 308 6.85 17.48 -14.17
N ASN B 309 6.54 17.33 -15.44
CA ASN B 309 6.72 18.39 -16.45
C ASN B 309 8.16 18.87 -16.70
N GLY B 310 9.11 17.95 -16.53
CA GLY B 310 10.53 18.28 -16.62
C GLY B 310 11.02 19.38 -15.69
N VAL B 311 10.24 19.75 -14.67
CA VAL B 311 10.73 20.79 -13.74
C VAL B 311 11.83 20.26 -12.78
N THR B 312 12.54 21.19 -12.16
CA THR B 312 13.46 20.85 -11.09
C THR B 312 12.60 20.53 -9.87
N ALA B 313 13.12 19.73 -8.95
CA ALA B 313 12.32 19.32 -7.78
C ALA B 313 12.54 20.28 -6.61
N LEU B 314 13.78 20.65 -6.38
CA LEU B 314 14.16 21.38 -5.20
C LEU B 314 15.22 22.38 -5.57
N LYS B 315 14.97 23.65 -5.24
CA LYS B 315 16.00 24.67 -5.30
C LYS B 315 16.25 25.19 -3.87
N VAL B 316 17.51 25.48 -3.58
CA VAL B 316 17.85 26.20 -2.35
C VAL B 316 18.54 27.50 -2.78
N GLY B 317 18.11 28.62 -2.22
CA GLY B 317 18.68 29.89 -2.60
C GLY B 317 20.02 30.16 -1.95
N ASP B 318 20.51 31.38 -2.19
CA ASP B 318 21.83 31.87 -1.72
C ASP B 318 21.79 32.28 -0.23
N VAL B 319 21.37 31.36 0.63
CA VAL B 319 21.19 31.64 2.05
C VAL B 319 21.98 30.68 2.93
N ASP B 320 22.24 31.12 4.17
CA ASP B 320 22.91 30.30 5.19
C ASP B 320 21.94 29.25 5.75
N GLY B 321 22.51 28.18 6.29
CA GLY B 321 21.84 27.38 7.29
C GLY B 321 20.66 26.50 6.92
N VAL B 322 20.44 26.25 5.64
CA VAL B 322 19.30 25.40 5.26
C VAL B 322 19.71 23.95 5.50
N LYS B 323 18.77 23.14 5.99
CA LYS B 323 19.05 21.77 6.39
C LYS B 323 18.04 20.86 5.69
N VAL B 324 18.45 20.28 4.57
CA VAL B 324 17.60 19.36 3.81
C VAL B 324 17.96 17.95 4.25
N ALA B 325 16.95 17.18 4.61
CA ALA B 325 17.24 15.88 5.21
C ALA B 325 16.16 14.83 5.01
N GLY B 326 16.58 13.66 4.55
CA GLY B 326 15.71 12.49 4.55
C GLY B 326 14.65 12.44 3.46
N LEU B 327 15.06 12.83 2.25
CA LEU B 327 14.18 12.91 1.10
C LEU B 327 14.76 12.15 -0.07
N LEU B 328 13.87 11.44 -0.78
CA LEU B 328 14.19 10.81 -2.06
C LEU B 328 13.59 11.67 -3.17
N VAL B 329 14.40 12.03 -4.15
CA VAL B 329 13.93 12.74 -5.34
C VAL B 329 13.98 11.74 -6.49
N ASP B 330 12.82 11.53 -7.08
CA ASP B 330 12.64 10.50 -8.09
C ASP B 330 12.25 11.14 -9.42
N ALA B 331 13.13 11.01 -10.42
CA ALA B 331 12.87 11.63 -11.72
C ALA B 331 11.55 11.17 -12.32
N GLY B 332 10.86 12.11 -12.96
CA GLY B 332 9.74 11.79 -13.80
C GLY B 332 10.20 11.36 -15.20
N PRO B 333 9.28 10.78 -15.98
CA PRO B 333 9.54 10.33 -17.37
C PRO B 333 9.88 11.49 -18.32
N VAL B 334 9.46 12.70 -17.97
CA VAL B 334 9.87 13.92 -18.71
C VAL B 334 11.22 14.43 -18.16
N ASN B 335 12.20 14.60 -19.04
CA ASN B 335 13.53 15.00 -18.61
C ASN B 335 13.56 16.32 -17.85
N SER B 336 14.17 16.29 -16.67
CA SER B 336 14.50 17.48 -15.95
C SER B 336 15.96 17.79 -16.18
N GLU B 337 16.27 19.04 -16.47
CA GLU B 337 17.68 19.40 -16.65
C GLU B 337 18.47 19.34 -15.36
N THR B 338 17.80 19.70 -14.26
CA THR B 338 18.33 19.48 -12.92
C THR B 338 17.23 18.93 -12.01
N LEU B 339 17.62 18.07 -11.06
CA LEU B 339 16.70 17.63 -10.02
C LEU B 339 16.78 18.43 -8.69
N VAL B 340 17.99 18.79 -8.27
CA VAL B 340 18.22 19.52 -7.04
C VAL B 340 19.32 20.52 -7.32
N GLU B 341 19.08 21.79 -6.95
CA GLU B 341 20.12 22.79 -7.01
C GLU B 341 20.30 23.37 -5.61
N VAL B 342 21.56 23.58 -5.22
CA VAL B 342 21.88 24.24 -3.96
C VAL B 342 22.64 25.50 -4.31
N GLY B 343 21.93 26.61 -4.22
CA GLY B 343 22.38 27.89 -4.70
C GLY B 343 22.17 28.09 -6.21
N SER B 344 22.20 29.36 -6.61
CA SER B 344 22.09 29.73 -8.03
C SER B 344 23.45 29.62 -8.73
N ASP B 345 23.54 29.74 -10.06
CA ASP B 345 24.88 29.90 -10.68
C ASP B 345 25.36 31.26 -10.19
N GLY B 346 26.66 31.38 -9.85
CA GLY B 346 27.30 32.61 -9.36
C GLY B 346 27.48 32.78 -7.84
N ALA B 347 28.46 32.12 -7.22
CA ALA B 347 28.23 31.61 -5.87
C ALA B 347 29.17 31.98 -4.75
N SER B 348 29.66 33.19 -4.81
CA SER B 348 30.93 33.47 -4.24
C SER B 348 30.74 33.87 -2.78
N GLY B 349 29.49 34.08 -2.41
CA GLY B 349 29.15 34.30 -1.01
C GLY B 349 29.47 33.07 -0.17
N ASP B 350 30.16 33.29 0.94
CA ASP B 350 30.58 32.22 1.83
C ASP B 350 29.45 31.92 2.78
N HIS B 351 29.44 30.70 3.31
CA HIS B 351 28.46 30.31 4.32
C HIS B 351 29.18 29.49 5.38
N ALA B 352 30.34 29.95 5.83
CA ALA B 352 31.23 29.15 6.70
C ALA B 352 30.74 28.87 8.14
N ALA B 353 30.24 29.89 8.84
CA ALA B 353 29.81 29.64 10.22
C ALA B 353 28.53 28.81 10.20
N ASN B 354 27.71 28.98 9.16
CA ASN B 354 26.35 28.45 9.14
C ASN B 354 26.02 27.90 7.75
N PRO B 355 26.63 26.75 7.41
CA PRO B 355 26.44 26.24 6.04
C PRO B 355 25.14 25.50 5.84
N THR B 356 24.72 25.49 4.57
CA THR B 356 23.60 24.65 4.13
C THR B 356 24.10 23.21 3.95
N SER B 357 23.24 22.25 4.31
CA SER B 357 23.58 20.85 4.18
C SER B 357 22.49 20.04 3.53
N LEU B 358 22.93 19.00 2.81
CA LEU B 358 22.07 17.92 2.31
C LEU B 358 22.45 16.66 3.05
N GLN B 359 21.46 16.02 3.68
CA GLN B 359 21.73 14.81 4.46
C GLN B 359 20.69 13.74 4.18
N ASP B 360 21.14 12.54 3.84
CA ASP B 360 20.19 11.49 3.51
C ASP B 360 19.25 11.99 2.40
N VAL B 361 19.85 12.64 1.43
CA VAL B 361 19.19 13.00 0.19
C VAL B 361 19.59 11.97 -0.87
N PHE B 362 18.57 11.33 -1.42
CA PHE B 362 18.77 10.25 -2.36
C PHE B 362 18.08 10.67 -3.66
N VAL B 363 18.69 10.35 -4.79
CA VAL B 363 18.10 10.62 -6.08
C VAL B 363 18.03 9.31 -6.85
N ARG B 364 16.90 9.10 -7.54
CA ARG B 364 16.70 7.91 -8.37
C ARG B 364 16.28 8.36 -9.75
N ILE B 365 16.88 7.76 -10.78
CA ILE B 365 16.43 8.01 -12.16
C ILE B 365 16.10 6.70 -12.84
N GLY B 366 14.81 6.45 -12.99
CA GLY B 366 14.28 5.18 -13.47
C GLY B 366 14.12 4.11 -12.41
N GLY B 367 13.65 2.93 -12.85
CA GLY B 367 13.51 1.80 -11.97
C GLY B 367 12.06 1.56 -11.56
N ALA B 368 11.35 2.67 -11.32
CA ALA B 368 9.89 2.68 -11.10
C ALA B 368 9.07 2.68 -12.40
N GLY B 369 9.79 2.82 -13.50
CA GLY B 369 9.24 3.29 -14.75
C GLY B 369 10.26 4.24 -15.33
N PRO B 370 10.03 4.72 -16.55
CA PRO B 370 11.00 5.65 -17.13
C PRO B 370 11.22 6.90 -16.28
N GLY B 371 12.45 7.34 -16.16
CA GLY B 371 12.76 8.62 -15.57
C GLY B 371 14.00 9.15 -16.28
N LYS B 372 14.11 10.48 -16.40
CA LYS B 372 15.23 11.09 -17.13
C LYS B 372 15.60 12.39 -16.46
N ALA B 373 16.90 12.67 -16.32
CA ALA B 373 17.38 13.96 -15.88
C ALA B 373 18.78 14.20 -16.40
N THR B 374 19.10 15.45 -16.67
CA THR B 374 20.43 15.75 -17.22
C THR B 374 21.55 15.78 -16.17
N THR B 375 21.41 16.65 -15.16
CA THR B 375 22.29 16.70 -13.99
C THR B 375 21.42 16.55 -12.74
N SER B 376 21.76 15.60 -11.86
CA SER B 376 20.88 15.32 -10.74
C SER B 376 21.02 16.37 -9.62
N ILE B 377 22.23 16.61 -9.15
CA ILE B 377 22.44 17.61 -8.10
C ILE B 377 23.52 18.58 -8.50
N VAL B 378 23.16 19.88 -8.53
CA VAL B 378 24.14 20.93 -8.77
C VAL B 378 24.34 21.70 -7.48
N VAL B 379 25.59 21.70 -7.02
CA VAL B 379 25.95 22.35 -5.78
C VAL B 379 26.73 23.66 -6.07
N ASN B 380 26.02 24.78 -5.97
CA ASN B 380 26.61 26.09 -6.18
C ASN B 380 27.09 26.76 -4.88
N SER B 381 26.34 26.58 -3.81
CA SER B 381 26.61 27.33 -2.57
C SER B 381 27.97 26.95 -1.98
N ASN B 382 28.80 27.97 -1.75
CA ASN B 382 30.03 27.76 -1.02
C ASN B 382 29.75 27.17 0.36
N ASP B 383 30.71 26.38 0.83
CA ASP B 383 30.71 25.76 2.18
C ASP B 383 29.62 24.70 2.42
N THR B 384 28.94 24.30 1.37
CA THR B 384 27.88 23.29 1.48
C THR B 384 28.44 21.98 2.01
N ILE B 385 27.66 21.32 2.86
CA ILE B 385 28.00 19.99 3.38
C ILE B 385 27.04 18.97 2.77
N ILE B 386 27.59 17.96 2.13
CA ILE B 386 26.79 16.85 1.61
C ILE B 386 27.17 15.64 2.46
N ASP B 387 26.30 15.28 3.38
CA ASP B 387 26.58 14.26 4.41
C ASP B 387 25.60 13.09 4.21
N HIS B 388 26.04 12.13 3.42
CA HIS B 388 25.28 10.98 2.95
C HIS B 388 24.32 11.29 1.80
N THR B 389 24.76 10.97 0.60
CA THR B 389 23.86 11.00 -0.55
C THR B 389 24.07 9.72 -1.37
N TRP B 390 22.97 9.25 -1.97
CA TRP B 390 23.03 8.24 -3.03
C TRP B 390 22.29 8.79 -4.23
N VAL B 391 23.04 9.03 -5.30
CA VAL B 391 22.55 9.57 -6.55
C VAL B 391 22.69 8.42 -7.56
N TRP B 392 21.53 7.84 -7.94
CA TRP B 392 21.49 6.54 -8.59
C TRP B 392 20.68 6.52 -9.86
N ARG B 393 21.37 6.34 -10.98
CA ARG B 393 20.68 6.01 -12.22
C ARG B 393 20.39 4.53 -12.16
N ALA B 394 19.12 4.15 -12.28
CA ALA B 394 18.73 2.77 -12.06
C ALA B 394 19.40 1.77 -13.01
N ASP B 395 19.84 0.66 -12.45
CA ASP B 395 20.36 -0.45 -13.26
C ASP B 395 19.35 -1.57 -13.42
N HIS B 396 18.29 -1.55 -12.61
CA HIS B 396 17.26 -2.57 -12.69
C HIS B 396 15.97 -1.99 -12.15
N GLY B 397 14.87 -2.71 -12.40
CA GLY B 397 13.53 -2.16 -12.25
C GLY B 397 12.96 -1.76 -13.61
N GLU B 398 11.71 -1.31 -13.63
CA GLU B 398 11.00 -1.01 -14.88
C GLU B 398 11.50 0.32 -15.42
N GLY B 399 11.52 0.47 -16.75
CA GLY B 399 11.87 1.73 -17.39
C GLY B 399 13.38 2.04 -17.41
N VAL B 400 14.16 1.00 -17.68
CA VAL B 400 15.63 1.09 -17.67
C VAL B 400 16.25 0.73 -19.02
N GLY B 401 17.15 1.61 -19.48
CA GLY B 401 17.79 1.43 -20.77
C GLY B 401 18.77 2.56 -20.99
N TRP B 402 19.79 2.30 -21.80
CA TRP B 402 20.83 3.30 -22.12
C TRP B 402 20.13 4.58 -22.58
N GLU B 403 18.97 4.40 -23.23
CA GLU B 403 18.04 5.49 -23.59
C GLU B 403 16.96 5.74 -22.57
N THR B 404 16.30 4.66 -22.19
CA THR B 404 15.00 4.77 -21.57
C THR B 404 15.14 5.56 -20.26
N ASN B 405 16.26 5.38 -19.54
CA ASN B 405 16.52 6.19 -18.34
C ASN B 405 17.88 6.93 -18.38
N ARG B 406 18.17 7.54 -19.53
CA ARG B 406 19.39 8.34 -19.67
C ARG B 406 19.48 9.40 -18.59
N ALA B 407 20.67 9.49 -17.98
CA ALA B 407 20.97 10.55 -17.03
C ALA B 407 22.46 10.78 -17.15
N ASP B 408 22.85 11.93 -17.69
CA ASP B 408 24.24 12.09 -18.14
C ASP B 408 25.19 12.37 -16.98
N TYR B 409 24.74 13.17 -16.00
CA TYR B 409 25.61 13.69 -14.94
C TYR B 409 24.97 13.53 -13.56
N GLY B 410 25.76 13.07 -12.59
CA GLY B 410 25.22 12.81 -11.28
C GLY B 410 25.20 14.07 -10.47
N VAL B 411 26.38 14.39 -9.95
CA VAL B 411 26.58 15.56 -9.09
C VAL B 411 27.60 16.47 -9.73
N HIS B 412 27.31 17.78 -9.75
CA HIS B 412 28.28 18.76 -10.17
C HIS B 412 28.45 19.81 -9.09
N VAL B 413 29.65 19.85 -8.52
CA VAL B 413 29.96 20.79 -7.44
C VAL B 413 30.73 21.96 -8.03
N LYS B 414 30.06 23.11 -8.01
CA LYS B 414 30.64 24.34 -8.54
C LYS B 414 31.04 25.31 -7.44
N GLY B 415 30.44 25.17 -6.26
CA GLY B 415 30.79 25.99 -5.11
C GLY B 415 32.17 25.66 -4.53
N ASP B 416 32.70 26.61 -3.77
CA ASP B 416 34.02 26.49 -3.15
C ASP B 416 33.88 25.97 -1.71
N ASN B 417 34.90 25.29 -1.24
CA ASN B 417 34.96 24.85 0.15
C ASN B 417 33.82 23.87 0.47
N VAL B 418 33.38 23.11 -0.52
CA VAL B 418 32.30 22.13 -0.31
C VAL B 418 32.87 20.82 0.24
N LEU B 419 32.15 20.22 1.17
CA LEU B 419 32.60 18.97 1.79
C LEU B 419 31.57 17.88 1.56
N ALA B 420 32.01 16.73 1.06
CA ALA B 420 31.14 15.55 0.93
C ALA B 420 31.67 14.46 1.85
N THR B 421 30.80 13.96 2.72
CA THR B 421 31.13 12.87 3.62
C THR B 421 30.13 11.74 3.37
N GLY B 422 30.58 10.69 2.71
CA GLY B 422 29.72 9.56 2.35
C GLY B 422 29.02 9.84 1.04
N LEU B 423 29.80 9.83 -0.04
CA LEU B 423 29.29 10.15 -1.38
C LEU B 423 29.13 8.85 -2.22
N PHE B 424 27.90 8.53 -2.60
CA PHE B 424 27.58 7.32 -3.39
C PHE B 424 26.88 7.79 -4.69
N VAL B 425 27.48 7.56 -5.85
CA VAL B 425 26.94 8.06 -7.12
C VAL B 425 27.21 7.02 -8.20
N GLU B 426 26.16 6.53 -8.85
CA GLU B 426 26.32 5.38 -9.73
C GLU B 426 25.53 5.43 -11.06
N HIS B 427 26.19 4.93 -12.10
CA HIS B 427 25.61 4.46 -13.36
C HIS B 427 25.28 5.56 -14.38
N PHE B 428 25.80 6.76 -14.18
CA PHE B 428 25.52 7.86 -15.12
C PHE B 428 26.12 7.63 -16.51
N ASN B 429 25.44 8.14 -17.55
CA ASN B 429 25.89 7.90 -18.91
C ASN B 429 27.23 8.58 -19.15
N LYS B 430 27.50 9.64 -18.38
CA LYS B 430 28.74 10.39 -18.54
C LYS B 430 29.43 10.57 -17.19
N TYR B 431 29.84 11.77 -16.78
CA TYR B 431 30.57 11.88 -15.53
C TYR B 431 29.62 11.73 -14.35
N ASP B 432 29.88 10.75 -13.49
CA ASP B 432 29.01 10.59 -12.32
C ASP B 432 29.15 11.80 -11.39
N VAL B 433 30.40 12.18 -11.14
CA VAL B 433 30.70 13.34 -10.29
C VAL B 433 31.69 14.23 -11.00
N GLN B 434 31.40 15.53 -10.98
CA GLN B 434 32.26 16.56 -11.51
C GLN B 434 32.42 17.66 -10.47
N TRP B 435 33.64 18.17 -10.35
CA TRP B 435 33.96 19.17 -9.36
C TRP B 435 34.67 20.33 -10.07
N SER B 436 34.08 21.50 -9.96
CA SER B 436 34.57 22.70 -10.65
C SER B 436 35.07 23.77 -9.68
N GLY B 437 34.50 23.79 -8.48
CA GLY B 437 34.89 24.75 -7.44
C GLY B 437 36.22 24.40 -6.75
N GLU B 438 36.71 25.35 -5.96
CA GLU B 438 37.97 25.23 -5.27
C GLU B 438 37.84 24.61 -3.88
N ASN B 439 38.94 24.05 -3.42
CA ASN B 439 39.09 23.60 -2.04
C ASN B 439 38.05 22.61 -1.60
N GLY B 440 37.59 21.81 -2.55
CA GLY B 440 36.68 20.74 -2.27
C GLY B 440 37.33 19.60 -1.54
N LYS B 441 36.50 18.90 -0.78
CA LYS B 441 36.93 17.72 -0.04
C LYS B 441 35.87 16.61 -0.08
N THR B 442 36.30 15.38 -0.38
CA THR B 442 35.41 14.21 -0.32
C THR B 442 36.03 13.16 0.58
N ILE B 443 35.28 12.73 1.57
CA ILE B 443 35.67 11.64 2.46
C ILE B 443 34.66 10.50 2.24
N PHE B 444 35.18 9.43 1.62
CA PHE B 444 34.43 8.27 1.12
C PHE B 444 33.65 8.52 -0.15
N TYR B 445 34.02 7.78 -1.22
CA TYR B 445 33.26 7.76 -2.46
C TYR B 445 33.06 6.30 -2.89
N GLN B 446 31.83 5.98 -3.25
CA GLN B 446 31.49 4.74 -3.92
C GLN B 446 30.80 5.06 -5.24
N ASN B 447 31.36 4.47 -6.30
CA ASN B 447 30.79 4.56 -7.63
C ASN B 447 30.76 3.20 -8.32
N ALA B 448 29.76 3.03 -9.18
CA ALA B 448 29.75 1.95 -10.19
C ALA B 448 29.44 2.66 -11.51
N LYS B 449 30.18 2.29 -12.53
CA LYS B 449 29.96 2.82 -13.89
C LYS B 449 28.74 2.15 -14.54
N ALA B 450 28.11 2.84 -15.50
CA ALA B 450 26.98 2.30 -16.28
C ALA B 450 27.14 0.85 -16.72
N TYR B 451 26.12 0.04 -16.44
CA TYR B 451 26.06 -1.39 -16.84
C TYR B 451 25.85 -1.56 -18.35
N ASP B 452 25.14 -0.59 -18.92
CA ASP B 452 24.48 -0.76 -20.21
C ASP B 452 25.08 0.04 -21.39
N ALA B 453 26.33 0.51 -21.24
CA ALA B 453 27.05 1.14 -22.38
C ALA B 453 27.03 0.27 -23.66
N PRO B 454 26.61 0.84 -24.82
CA PRO B 454 26.43 0.01 -26.02
C PRO B 454 27.72 -0.57 -26.56
N ASP B 455 28.67 0.31 -26.79
CA ASP B 455 29.96 -0.12 -27.26
C ASP B 455 30.95 0.93 -26.82
N GLN B 456 32.22 0.73 -27.16
CA GLN B 456 33.25 1.69 -26.84
C GLN B 456 32.91 3.09 -27.37
N ALA B 457 32.34 3.13 -28.58
CA ALA B 457 32.01 4.40 -29.23
C ALA B 457 30.89 5.12 -28.50
N ALA B 458 29.98 4.37 -27.88
CA ALA B 458 28.87 5.00 -27.18
C ALA B 458 29.33 5.76 -25.92
N ILE B 459 30.64 5.75 -25.66
CA ILE B 459 31.23 6.37 -24.48
C ILE B 459 32.56 7.10 -24.82
N GLN B 460 32.77 7.43 -26.10
CA GLN B 460 34.06 8.00 -26.58
C GLN B 460 34.17 9.48 -26.18
N ASN B 461 35.16 9.83 -25.34
CA ASN B 461 35.24 11.18 -24.67
C ASN B 461 36.58 11.92 -24.92
N GLY B 462 36.71 12.55 -26.08
CA GLY B 462 38.00 12.97 -26.59
C GLY B 462 38.84 11.79 -27.04
N ASP B 463 40.03 11.68 -26.46
CA ASP B 463 40.93 10.51 -26.65
C ASP B 463 40.84 9.58 -25.43
N ILE B 464 40.05 10.03 -24.46
CA ILE B 464 39.80 9.33 -23.22
C ILE B 464 38.67 8.35 -23.52
N LYS B 465 38.84 7.08 -23.18
CA LYS B 465 37.77 6.10 -23.33
C LYS B 465 36.90 6.14 -22.08
N GLY B 466 35.62 6.48 -22.27
CA GLY B 466 34.69 6.61 -21.18
C GLY B 466 34.87 7.89 -20.39
N TYR B 467 33.98 8.07 -19.42
CA TYR B 467 33.95 9.24 -18.54
C TYR B 467 34.33 8.86 -17.11
N ALA B 468 35.26 9.61 -16.52
CA ALA B 468 35.61 9.39 -15.15
C ALA B 468 34.38 9.31 -14.26
N ALA B 469 34.47 8.50 -13.21
CA ALA B 469 33.45 8.50 -12.17
C ALA B 469 33.55 9.76 -11.33
N TYR B 470 34.75 10.35 -11.28
CA TYR B 470 34.97 11.50 -10.43
C TYR B 470 36.02 12.34 -11.12
N LYS B 471 35.57 13.48 -11.60
CA LYS B 471 36.34 14.38 -12.43
C LYS B 471 36.50 15.75 -11.81
N VAL B 472 37.75 16.15 -11.62
CA VAL B 472 38.07 17.51 -11.16
C VAL B 472 38.48 18.33 -12.38
N ASP B 473 37.92 19.51 -12.57
CA ASP B 473 38.31 20.20 -13.79
C ASP B 473 39.75 20.70 -13.68
N ASP B 474 40.39 20.92 -14.83
CA ASP B 474 41.83 21.20 -14.82
C ASP B 474 42.14 22.63 -14.34
N SER B 475 41.13 23.49 -14.40
CA SER B 475 41.26 24.85 -13.87
C SER B 475 41.47 24.88 -12.37
N VAL B 476 40.89 23.89 -11.69
CA VAL B 476 40.96 23.79 -10.23
C VAL B 476 42.41 23.71 -9.75
N THR B 477 42.73 24.33 -8.62
CA THR B 477 44.09 24.24 -8.07
C THR B 477 44.17 23.59 -6.66
N THR B 478 43.03 23.51 -5.95
CA THR B 478 42.95 22.88 -4.62
C THR B 478 41.80 21.87 -4.53
N HIS B 479 42.10 20.63 -4.15
CA HIS B 479 41.11 19.57 -3.97
C HIS B 479 41.72 18.45 -3.15
N GLU B 480 40.93 17.78 -2.30
CA GLU B 480 41.44 16.58 -1.60
C GLU B 480 40.35 15.50 -1.40
N GLY B 481 40.71 14.27 -1.76
CA GLY B 481 39.81 13.12 -1.62
C GLY B 481 40.46 11.95 -0.90
N TRP B 482 39.66 11.28 -0.05
CA TRP B 482 40.12 10.13 0.72
C TRP B 482 39.15 8.95 0.58
N GLY B 483 39.67 7.75 0.31
CA GLY B 483 38.86 6.53 0.38
C GLY B 483 37.80 6.43 -0.70
N MET B 484 38.25 6.28 -1.94
CA MET B 484 37.37 6.44 -3.10
C MET B 484 37.53 5.28 -4.08
N GLY B 485 36.39 4.65 -4.47
CA GLY B 485 36.45 3.54 -5.42
C GLY B 485 35.38 3.61 -6.50
N SER B 486 35.77 3.18 -7.70
CA SER B 486 34.85 3.09 -8.85
C SER B 486 34.91 1.67 -9.38
N TYR B 487 33.76 1.03 -9.54
CA TYR B 487 33.77 -0.35 -10.06
C TYR B 487 32.97 -0.46 -11.37
N CYS B 488 33.29 -1.47 -12.19
CA CYS B 488 32.58 -1.65 -13.45
C CYS B 488 32.07 -3.05 -13.60
N TYR B 489 31.11 -3.16 -14.49
CA TYR B 489 30.46 -4.43 -14.77
C TYR B 489 29.69 -4.19 -16.06
N PHE B 490 30.46 -4.09 -17.14
CA PHE B 490 29.95 -3.74 -18.47
C PHE B 490 29.35 -5.02 -19.09
N ASN B 491 28.14 -5.30 -18.68
CA ASN B 491 27.49 -6.56 -18.98
C ASN B 491 26.99 -6.58 -20.44
N VAL B 492 26.37 -5.49 -20.88
CA VAL B 492 25.92 -5.42 -22.27
C VAL B 492 27.10 -5.64 -23.24
N ASN B 493 28.28 -5.12 -22.90
CA ASN B 493 29.44 -5.25 -23.78
C ASN B 493 30.73 -5.26 -22.94
N PRO B 494 31.11 -6.45 -22.44
CA PRO B 494 32.25 -6.57 -21.53
C PRO B 494 33.61 -6.62 -22.22
N ASP B 495 33.65 -6.26 -23.52
CA ASP B 495 34.89 -5.93 -24.24
C ASP B 495 35.30 -4.46 -23.99
N ILE B 496 34.39 -3.69 -23.40
CA ILE B 496 34.61 -2.26 -23.18
C ILE B 496 35.81 -2.03 -22.26
N ARG B 497 36.48 -0.90 -22.50
CA ARG B 497 37.52 -0.40 -21.62
C ARG B 497 37.15 0.97 -21.05
N GLN B 498 37.34 1.10 -19.74
CA GLN B 498 37.20 2.38 -19.00
C GLN B 498 38.62 2.85 -18.69
N GLN B 499 39.00 4.04 -19.16
CA GLN B 499 40.39 4.47 -18.98
C GLN B 499 40.76 4.61 -17.51
N HIS B 500 39.86 5.21 -16.74
CA HIS B 500 40.14 5.44 -15.34
C HIS B 500 38.86 5.66 -14.54
N GLY B 501 38.99 5.53 -13.22
CA GLY B 501 37.92 5.90 -12.31
C GLY B 501 37.89 7.39 -12.02
N PHE B 502 39.10 7.98 -12.03
CA PHE B 502 39.33 9.35 -11.54
C PHE B 502 40.11 10.16 -12.57
N GLN B 503 39.73 11.43 -12.72
CA GLN B 503 40.41 12.37 -13.63
C GLN B 503 40.64 13.68 -12.91
N ALA B 504 41.86 14.17 -12.94
CA ALA B 504 42.21 15.41 -12.23
C ALA B 504 43.48 16.06 -12.76
N PRO B 505 43.58 17.38 -12.66
CA PRO B 505 44.87 18.01 -12.93
C PRO B 505 45.94 17.49 -12.00
N VAL B 506 47.16 17.48 -12.51
CA VAL B 506 48.31 17.07 -11.74
C VAL B 506 48.95 18.38 -11.26
N LYS B 507 48.67 18.74 -10.01
CA LYS B 507 49.10 20.02 -9.39
C LYS B 507 49.31 19.80 -7.89
N PRO B 508 50.16 20.63 -7.24
CA PRO B 508 50.52 20.25 -5.86
C PRO B 508 49.42 20.31 -4.82
N GLY B 509 48.38 21.08 -5.09
CA GLY B 509 47.26 21.19 -4.16
C GLY B 509 46.00 20.41 -4.58
N VAL B 510 46.16 19.48 -5.53
CA VAL B 510 45.04 18.58 -5.93
C VAL B 510 45.48 17.18 -5.57
N LYS B 511 44.92 16.63 -4.48
CA LYS B 511 45.50 15.47 -3.79
C LYS B 511 44.48 14.35 -3.62
N PHE B 512 44.94 13.11 -3.70
CA PHE B 512 44.07 11.97 -3.46
C PHE B 512 44.78 10.92 -2.65
N HIS B 513 44.01 10.34 -1.74
CA HIS B 513 44.45 9.30 -0.85
C HIS B 513 43.56 8.07 -1.00
N ASP B 514 44.18 6.91 -1.22
CA ASP B 514 43.50 5.64 -1.14
C ASP B 514 42.41 5.51 -2.20
N LEU B 515 42.87 5.34 -3.43
CA LEU B 515 41.98 5.18 -4.58
C LEU B 515 41.96 3.73 -5.01
N LEU B 516 40.82 3.32 -5.56
CA LEU B 516 40.74 2.01 -6.17
C LEU B 516 39.73 1.95 -7.31
N VAL B 517 40.04 1.08 -8.28
CA VAL B 517 39.06 0.65 -9.26
C VAL B 517 38.95 -0.88 -9.28
N VAL B 518 37.78 -1.40 -9.66
CA VAL B 518 37.62 -2.83 -9.74
C VAL B 518 36.59 -3.25 -10.76
N SER B 519 36.92 -4.33 -11.47
CA SER B 519 36.00 -4.94 -12.43
C SER B 519 35.28 -6.13 -11.81
N LEU B 520 33.95 -6.16 -11.84
CA LEU B 520 33.27 -7.37 -11.37
C LEU B 520 33.32 -8.46 -12.42
N GLY B 521 34.03 -9.53 -12.13
CA GLY B 521 34.01 -10.73 -12.96
C GLY B 521 34.50 -10.55 -14.40
N GLY B 522 35.45 -9.66 -14.61
CA GLY B 522 35.98 -9.44 -15.94
C GLY B 522 35.01 -8.77 -16.90
N LYS B 523 33.91 -8.24 -16.39
CA LYS B 523 32.96 -7.53 -17.24
C LYS B 523 33.44 -6.09 -17.55
N GLY B 524 34.28 -6.00 -18.56
CA GLY B 524 35.04 -4.80 -18.84
C GLY B 524 36.27 -4.76 -17.96
N GLN B 525 37.18 -3.86 -18.27
CA GLN B 525 38.32 -3.56 -17.42
C GLN B 525 38.63 -2.07 -17.41
N TYR B 526 39.27 -1.63 -16.33
CA TYR B 526 39.91 -0.30 -16.27
C TYR B 526 41.35 -0.34 -16.81
N GLU B 527 41.72 0.67 -17.59
CA GLU B 527 43.10 0.84 -18.05
C GLU B 527 44.04 1.35 -16.96
N HIS B 528 43.49 2.18 -16.08
CA HIS B 528 44.27 2.88 -15.05
C HIS B 528 43.32 3.24 -13.88
N VAL B 529 43.89 3.78 -12.80
CA VAL B 529 43.11 4.19 -11.63
C VAL B 529 42.70 5.65 -11.82
N ILE B 530 43.70 6.50 -12.07
CA ILE B 530 43.52 7.93 -12.18
C ILE B 530 44.37 8.54 -13.34
N ASN B 531 43.77 9.43 -14.14
CA ASN B 531 44.30 9.85 -15.45
C ASN B 531 44.94 8.66 -16.18
N ASP B 532 46.22 8.78 -16.54
CA ASP B 532 46.94 7.73 -17.23
C ASP B 532 47.84 6.96 -16.29
N ILE B 533 47.45 6.97 -14.98
CA ILE B 533 48.20 6.53 -13.77
C ILE B 533 47.57 5.28 -13.10
N GLY B 534 48.41 4.29 -12.82
CA GLY B 534 48.00 3.16 -12.00
C GLY B 534 47.71 1.89 -12.79
N ASP B 535 47.79 0.73 -12.12
CA ASP B 535 47.62 -0.57 -12.83
C ASP B 535 46.26 -0.63 -13.55
N PRO B 536 46.19 -1.34 -14.70
CA PRO B 536 44.87 -1.75 -15.18
C PRO B 536 44.31 -2.87 -14.32
N THR B 537 43.02 -3.03 -14.34
CA THR B 537 42.43 -4.24 -13.79
C THR B 537 42.60 -5.36 -14.81
N SER B 538 42.71 -6.59 -14.33
CA SER B 538 42.85 -7.73 -15.22
C SER B 538 42.31 -9.00 -14.57
N GLY B 539 42.10 -10.04 -15.38
CA GLY B 539 41.51 -11.28 -14.90
C GLY B 539 39.98 -11.20 -14.85
N ASP B 540 39.35 -12.16 -14.17
CA ASP B 540 37.90 -12.15 -13.92
C ASP B 540 37.63 -12.42 -12.44
N THR B 541 38.63 -12.15 -11.62
CA THR B 541 38.58 -12.48 -10.20
C THR B 541 38.40 -11.25 -9.27
N THR B 542 38.06 -10.12 -9.89
CA THR B 542 37.48 -8.97 -9.17
C THR B 542 38.44 -8.44 -8.08
N ILE B 543 39.74 -8.50 -8.36
CA ILE B 543 40.73 -7.97 -7.44
C ILE B 543 40.99 -6.51 -7.76
N PRO B 544 40.90 -5.62 -6.75
CA PRO B 544 41.08 -4.18 -7.04
C PRO B 544 42.49 -3.78 -7.47
N SER B 545 42.56 -2.70 -8.26
CA SER B 545 43.78 -1.99 -8.55
C SER B 545 43.75 -0.73 -7.72
N GLN B 546 44.87 -0.36 -7.10
CA GLN B 546 44.87 0.64 -6.05
C GLN B 546 45.97 1.71 -6.25
N VAL B 547 45.75 2.91 -5.71
CA VAL B 547 46.79 3.97 -5.58
C VAL B 547 46.70 4.59 -4.19
N VAL B 548 47.82 4.69 -3.48
CA VAL B 548 47.80 5.23 -2.10
C VAL B 548 47.78 6.76 -2.03
N SER B 549 48.79 7.38 -2.63
CA SER B 549 48.92 8.86 -2.69
C SER B 549 48.82 9.18 -4.15
N PHE B 550 48.40 10.40 -4.46
CA PHE B 550 48.40 11.01 -5.77
C PHE B 550 48.35 12.51 -5.54
N PRO B 551 49.18 13.29 -6.26
CA PRO B 551 50.05 12.81 -7.33
C PRO B 551 51.35 12.28 -6.77
C1 EDO C . -38.63 -12.30 -9.27
O1 EDO C . -37.82 -12.88 -8.23
C2 EDO C . -38.94 -10.83 -9.02
O2 EDO C . -37.73 -10.13 -8.81
H11 EDO C . -39.55 -12.86 -9.40
H12 EDO C . -38.06 -12.36 -10.21
HO1 EDO C . -37.58 -13.79 -8.46
H21 EDO C . -39.58 -10.73 -8.13
H22 EDO C . -39.48 -10.41 -9.87
HO2 EDO C . -37.92 -9.18 -8.79
C1 EDO D . -15.68 -12.57 -22.12
O1 EDO D . -14.36 -11.96 -22.14
C2 EDO D . -16.76 -11.49 -22.11
O2 EDO D . -16.55 -10.62 -21.01
H11 EDO D . -15.78 -13.20 -21.23
H12 EDO D . -15.79 -13.21 -22.98
HO1 EDO D . -13.68 -12.65 -22.18
H21 EDO D . -17.75 -11.94 -22.01
H22 EDO D . -16.74 -10.93 -23.04
HO2 EDO D . -17.24 -9.94 -20.97
C2 BGC E . 25.07 -1.47 -6.81
C3 BGC E . 23.64 -1.47 -6.34
C4 BGC E . 22.86 -2.14 -7.50
C5 BGC E . 23.31 -3.61 -7.66
C6 BGC E . 22.44 -4.36 -8.70
C1 BGC E . 25.52 -2.89 -7.12
O1 BGC E . 26.80 -2.75 -7.72
O2 BGC E . 25.94 -0.76 -5.91
O3 BGC E . 23.22 -0.19 -6.32
O4 BGC E . 21.46 -1.81 -7.63
O5 BGC E . 24.68 -3.56 -8.05
O6 BGC E . 21.60 -5.27 -8.05
H2 BGC E . 25.05 -0.93 -7.76
H3 BGC E . 23.01 -2.03 -6.99
H4 BGC E . 23.39 -2.03 -8.45
H5 BGC E . 23.28 -4.12 -6.70
H61 BGC E . 23.08 -4.81 -9.46
H62 BGC E . 21.82 -3.64 -9.21
H1 BGC E . 25.60 -3.47 -6.19
HO1 BGC E . 27.03 -1.79 -7.75
HO2 BGC E . 26.54 -1.40 -5.47
HO3 BGC E . 23.71 0.34 -6.99
HO4 BGC E . 21.23 -1.08 -7.03
HO6 BGC E . 21.81 -5.32 -7.09
C1 EDO F . 7.34 6.34 -6.37
O1 EDO F . 8.41 7.22 -6.01
C2 EDO F . 7.87 4.93 -6.49
O2 EDO F . 8.56 4.58 -5.31
H11 EDO F . 6.91 6.65 -7.33
H12 EDO F . 6.56 6.38 -5.60
HO1 EDO F . 8.03 8.06 -5.72
H21 EDO F . 8.54 4.86 -7.36
H22 EDO F . 7.03 4.23 -6.65
HO2 EDO F . 8.81 3.64 -5.35
C1 EDO G . 31.05 4.94 -19.12
O1 EDO G . 32.27 5.68 -18.97
C2 EDO G . 29.86 5.91 -19.11
O2 EDO G . 29.93 6.83 -18.02
H11 EDO G . 30.95 4.23 -18.29
H12 EDO G . 31.06 4.37 -20.05
HO1 EDO G . 33.02 5.06 -18.98
H21 EDO G . 28.94 5.34 -19.04
H22 EDO G . 29.85 6.46 -20.06
HO2 EDO G . 29.03 7.07 -17.76
C1 EDO H . 49.39 5.14 3.56
O1 EDO H . 48.83 6.20 4.32
C2 EDO H . 48.54 3.87 3.54
O2 EDO H . 47.78 3.53 4.73
H11 EDO H . 50.39 4.91 3.92
H12 EDO H . 49.50 5.51 2.54
HO1 EDO H . 49.58 6.71 4.65
H21 EDO H . 49.26 3.05 3.39
H22 EDO H . 47.87 3.91 2.69
HO2 EDO H . 47.52 2.60 4.69
N VAL A 4 -47.68 8.12 4.13
CA VAL A 4 -47.48 9.57 4.02
C VAL A 4 -46.72 10.00 5.23
N VAL A 5 -47.23 9.56 6.36
CA VAL A 5 -46.54 9.84 7.56
C VAL A 5 -45.59 8.64 7.60
N GLY A 6 -44.75 8.60 8.61
CA GLY A 6 -43.97 7.41 8.84
C GLY A 6 -44.60 6.39 9.77
N GLY A 7 -43.96 5.23 9.75
CA GLY A 7 -44.43 4.04 10.42
C GLY A 7 -45.57 3.36 9.69
N GLY A 8 -46.29 2.57 10.46
CA GLY A 8 -47.38 1.76 9.92
C GLY A 8 -47.04 0.28 10.03
N ASP A 9 -48.04 -0.58 9.80
CA ASP A 9 -47.85 -2.06 9.76
C ASP A 9 -46.85 -2.57 8.72
N LEU A 10 -46.01 -3.53 9.10
CA LEU A 10 -44.87 -3.91 8.25
C LEU A 10 -45.26 -4.91 7.17
N GLY A 11 -46.57 -5.14 7.02
CA GLY A 11 -47.11 -6.03 6.01
C GLY A 11 -47.20 -7.50 6.39
N PRO A 12 -47.94 -8.28 5.59
CA PRO A 12 -48.10 -9.74 5.64
C PRO A 12 -46.79 -10.53 5.69
N ASN A 13 -45.70 -9.90 5.26
CA ASN A 13 -44.46 -10.61 4.97
C ASN A 13 -43.34 -10.41 5.99
N VAL A 14 -43.66 -9.71 7.08
CA VAL A 14 -42.74 -9.42 8.19
C VAL A 14 -43.33 -10.20 9.37
N LEU A 15 -42.79 -11.38 9.61
CA LEU A 15 -43.31 -12.27 10.67
C LEU A 15 -42.55 -12.01 11.97
N VAL A 16 -43.26 -11.50 12.98
CA VAL A 16 -42.70 -11.19 14.30
C VAL A 16 -42.96 -12.34 15.25
N PHE A 17 -41.89 -12.93 15.77
CA PHE A 17 -41.93 -14.02 16.73
C PHE A 17 -41.47 -13.57 18.12
N ASP A 18 -42.00 -14.25 19.15
CA ASP A 18 -41.42 -14.18 20.49
C ASP A 18 -41.55 -15.51 21.22
N PRO A 19 -40.71 -15.78 22.26
CA PRO A 19 -40.54 -17.16 22.77
C PRO A 19 -41.81 -17.96 23.00
N SER A 20 -42.88 -17.24 23.27
CA SER A 20 -44.14 -17.84 23.62
C SER A 20 -44.97 -18.24 22.39
N THR A 21 -44.81 -17.50 21.30
CA THR A 21 -45.59 -17.71 20.08
C THR A 21 -45.81 -19.18 19.85
N PRO A 22 -47.07 -19.59 19.62
CA PRO A 22 -47.36 -21.00 19.29
C PRO A 22 -46.63 -21.58 18.05
N ASP A 23 -45.95 -22.71 18.22
CA ASP A 23 -45.58 -23.53 17.07
C ASP A 23 -44.62 -22.76 16.16
N ILE A 24 -43.50 -22.29 16.75
CA ILE A 24 -42.56 -21.39 16.07
C ILE A 24 -41.87 -22.16 14.97
N GLN A 25 -41.42 -23.36 15.34
CA GLN A 25 -40.81 -24.25 14.41
C GLN A 25 -41.72 -24.47 13.21
N GLY A 26 -43.02 -24.64 13.48
CA GLY A 26 -43.96 -24.91 12.42
C GLY A 26 -44.12 -23.75 11.49
N LYS A 27 -43.95 -22.54 12.00
CA LYS A 27 -44.14 -21.44 11.07
C LYS A 27 -42.88 -20.97 10.33
N VAL A 28 -41.67 -21.03 10.94
CA VAL A 28 -40.45 -20.99 10.08
C VAL A 28 -40.55 -22.04 9.06
N ASP A 29 -41.08 -23.19 9.45
CA ASP A 29 -40.99 -24.36 8.58
C ASP A 29 -41.93 -24.24 7.34
N GLU A 30 -43.12 -23.57 7.43
CA GLU A 30 -43.96 -23.36 6.17
C GLU A 30 -43.25 -22.36 5.27
N VAL A 31 -42.56 -21.40 5.88
CA VAL A 31 -41.84 -20.44 5.09
C VAL A 31 -40.74 -21.21 4.34
N PHE A 32 -39.94 -21.99 5.06
CA PHE A 32 -38.91 -22.78 4.37
C PHE A 32 -39.48 -23.72 3.30
N ARG A 33 -40.61 -24.38 3.59
CA ARG A 33 -41.21 -25.27 2.58
C ARG A 33 -41.58 -24.40 1.33
N LYS A 34 -42.09 -23.17 1.55
CA LYS A 34 -42.46 -22.28 0.43
C LYS A 34 -41.23 -21.84 -0.41
N GLN A 35 -40.13 -21.61 0.30
CA GLN A 35 -38.97 -20.93 -0.26
C GLN A 35 -37.79 -21.83 -0.66
N GLU A 36 -37.80 -23.07 -0.20
CA GLU A 36 -36.66 -23.99 -0.35
C GLU A 36 -36.03 -24.05 -1.76
N SER A 37 -36.85 -24.24 -2.77
CA SER A 37 -36.38 -24.31 -4.15
C SER A 37 -37.05 -23.22 -5.01
N ASN A 38 -37.53 -22.19 -4.32
CA ASN A 38 -38.25 -21.09 -4.98
C ASN A 38 -37.33 -20.05 -5.59
N GLN A 39 -36.34 -20.54 -6.33
CA GLN A 39 -35.19 -19.75 -6.72
C GLN A 39 -35.53 -18.43 -7.41
N PHE A 40 -36.57 -18.45 -8.24
CA PHE A 40 -36.92 -17.29 -9.07
C PHE A 40 -38.33 -16.76 -8.79
N GLY A 41 -38.96 -17.25 -7.72
CA GLY A 41 -40.30 -16.81 -7.33
C GLY A 41 -40.37 -15.40 -6.77
N THR A 42 -41.59 -14.97 -6.46
CA THR A 42 -41.83 -13.59 -6.09
C THR A 42 -42.11 -13.43 -4.62
N ASP A 43 -42.32 -14.53 -3.89
CA ASP A 43 -42.50 -14.41 -2.44
C ASP A 43 -41.21 -13.88 -1.78
N ARG A 44 -41.39 -13.15 -0.70
CA ARG A 44 -40.29 -12.52 0.06
C ARG A 44 -40.69 -12.52 1.53
N TYR A 45 -39.78 -12.96 2.42
CA TYR A 45 -40.11 -13.00 3.85
C TYR A 45 -39.00 -12.55 4.75
N ALA A 46 -39.38 -11.83 5.83
CA ALA A 46 -38.43 -11.46 6.88
C ALA A 46 -38.97 -12.03 8.19
N LEU A 47 -38.11 -12.76 8.87
CA LEU A 47 -38.43 -13.41 10.16
C LEU A 47 -37.74 -12.67 11.28
N MET A 48 -38.50 -11.89 12.05
CA MET A 48 -37.91 -10.94 12.97
C MET A 48 -38.15 -11.47 14.39
N PHE A 49 -37.08 -11.60 15.16
CA PHE A 49 -37.17 -12.23 16.50
C PHE A 49 -36.95 -11.22 17.66
N LYS A 50 -37.97 -11.04 18.50
CA LYS A 50 -37.86 -10.12 19.65
C LYS A 50 -36.82 -10.63 20.66
N PRO A 51 -36.19 -9.72 21.41
CA PRO A 51 -35.18 -10.14 22.39
C PRO A 51 -35.68 -11.19 23.38
N GLY A 52 -34.83 -12.17 23.64
CA GLY A 52 -35.18 -13.31 24.46
C GLY A 52 -34.38 -14.53 24.06
N THR A 53 -34.80 -15.65 24.65
CA THR A 53 -34.14 -16.92 24.51
C THR A 53 -35.15 -17.90 23.92
N TYR A 54 -34.81 -18.48 22.77
CA TYR A 54 -35.69 -19.36 22.02
C TYR A 54 -35.07 -20.73 22.06
N ASN A 55 -35.77 -21.69 22.67
CA ASN A 55 -35.34 -23.08 22.65
C ASN A 55 -35.99 -23.87 21.54
N ASP A 56 -35.40 -25.02 21.23
CA ASP A 56 -36.01 -26.00 20.35
C ASP A 56 -36.38 -25.45 18.96
N ILE A 57 -35.36 -25.15 18.18
CA ILE A 57 -35.53 -24.47 16.88
C ILE A 57 -34.35 -24.73 15.92
N ASN A 58 -34.67 -25.37 14.80
CA ASN A 58 -33.78 -25.39 13.64
C ASN A 58 -34.48 -24.51 12.60
N ALA A 59 -33.96 -23.31 12.39
CA ALA A 59 -34.57 -22.36 11.43
C ALA A 59 -33.89 -22.51 10.10
N GLN A 60 -34.56 -23.22 9.20
CA GLN A 60 -34.03 -23.51 7.87
C GLN A 60 -34.39 -22.31 6.99
N ILE A 61 -33.39 -21.79 6.30
CA ILE A 61 -33.50 -20.56 5.55
C ILE A 61 -33.43 -20.88 4.05
N GLY A 62 -34.52 -20.58 3.36
CA GLY A 62 -34.62 -20.80 1.94
C GLY A 62 -34.34 -19.54 1.15
N PHE A 63 -34.73 -19.54 -0.12
CA PHE A 63 -34.60 -18.35 -0.94
C PHE A 63 -35.42 -17.17 -0.40
N TYR A 64 -34.91 -15.97 -0.61
CA TYR A 64 -35.61 -14.71 -0.32
C TYR A 64 -36.19 -14.70 1.08
N THR A 65 -35.39 -15.18 2.02
CA THR A 65 -35.72 -15.19 3.43
C THR A 65 -34.59 -14.51 4.21
N SER A 66 -34.94 -13.49 5.01
CA SER A 66 -34.02 -12.86 5.96
C SER A 66 -34.49 -13.24 7.36
N ILE A 67 -33.55 -13.52 8.24
CA ILE A 67 -33.86 -13.77 9.66
C ILE A 67 -33.00 -12.80 10.48
N ALA A 68 -33.60 -12.19 11.49
CA ALA A 68 -32.87 -11.22 12.30
C ALA A 68 -33.43 -11.11 13.69
N GLY A 69 -32.54 -10.83 14.64
CA GLY A 69 -32.96 -10.46 15.99
C GLY A 69 -33.14 -8.97 16.13
N LEU A 70 -33.94 -8.58 17.14
CA LEU A 70 -34.36 -7.19 17.30
C LEU A 70 -33.75 -6.53 18.54
N GLY A 71 -32.53 -6.94 18.91
CA GLY A 71 -31.83 -6.33 20.02
C GLY A 71 -30.83 -5.32 19.54
N LEU A 72 -30.32 -4.53 20.48
CA LEU A 72 -29.25 -3.63 20.19
C LEU A 72 -27.98 -4.42 19.90
N ASN A 73 -28.00 -5.71 20.29
CA ASN A 73 -26.85 -6.64 20.18
C ASN A 73 -27.33 -8.05 20.04
N PRO A 74 -26.51 -8.93 19.45
CA PRO A 74 -27.03 -10.25 19.13
C PRO A 74 -27.37 -11.09 20.36
N ASP A 75 -26.56 -10.96 21.42
CA ASP A 75 -26.73 -11.81 22.58
C ASP A 75 -28.12 -11.56 23.20
N ASP A 76 -28.67 -10.38 22.94
CA ASP A 76 -30.04 -10.03 23.36
C ASP A 76 -31.11 -11.00 22.84
N THR A 77 -30.81 -11.66 21.71
CA THR A 77 -31.74 -12.56 21.01
C THR A 77 -30.98 -13.88 20.71
N THR A 78 -31.15 -14.86 21.59
CA THR A 78 -30.39 -16.10 21.57
C THR A 78 -31.27 -17.29 21.20
N PHE A 79 -30.82 -18.04 20.21
CA PHE A 79 -31.43 -19.30 19.83
C PHE A 79 -30.59 -20.40 20.44
N ASN A 80 -31.21 -21.26 21.23
CA ASN A 80 -30.61 -22.54 21.56
C ASN A 80 -31.08 -23.47 20.48
N GLY A 81 -30.29 -23.51 19.43
CA GLY A 81 -30.71 -24.06 18.14
C GLY A 81 -29.92 -23.41 17.01
N ASP A 82 -30.40 -23.62 15.79
CA ASP A 82 -29.61 -23.38 14.58
C ASP A 82 -30.33 -22.47 13.59
N VAL A 83 -29.55 -21.76 12.78
CA VAL A 83 -30.01 -21.05 11.61
C VAL A 83 -29.26 -21.68 10.44
N THR A 84 -29.96 -22.53 9.72
CA THR A 84 -29.36 -23.51 8.85
C THR A 84 -29.58 -23.22 7.37
N VAL A 85 -28.50 -23.27 6.60
CA VAL A 85 -28.62 -23.37 5.15
C VAL A 85 -27.86 -24.61 4.74
N ASP A 86 -28.53 -25.47 3.98
CA ASP A 86 -27.95 -26.69 3.47
C ASP A 86 -28.43 -26.96 2.05
N ALA A 87 -28.08 -28.13 1.50
CA ALA A 87 -28.12 -28.30 0.02
C ALA A 87 -29.16 -29.33 -0.37
N GLY A 88 -29.19 -29.84 -1.60
CA GLY A 88 -30.09 -31.01 -1.80
C GLY A 88 -31.55 -30.82 -2.16
N TRP A 89 -32.14 -29.66 -1.87
CA TRP A 89 -33.18 -29.20 -2.79
C TRP A 89 -32.48 -29.23 -4.14
N PHE A 90 -31.13 -29.13 -4.07
CA PHE A 90 -30.21 -29.23 -5.21
C PHE A 90 -29.19 -30.44 -5.22
N ASP A 91 -29.55 -31.57 -4.64
CA ASP A 91 -28.67 -32.76 -4.57
C ASP A 91 -27.26 -32.57 -3.88
N GLY A 92 -27.11 -31.61 -2.95
CA GLY A 92 -25.81 -31.43 -2.26
C GLY A 92 -24.88 -30.39 -2.89
N ASN A 93 -25.28 -29.94 -4.08
CA ASN A 93 -24.68 -28.80 -4.73
C ASN A 93 -25.21 -27.54 -4.02
N ALA A 94 -24.32 -26.76 -3.39
CA ALA A 94 -24.72 -25.54 -2.67
C ALA A 94 -24.53 -24.27 -3.52
N THR A 95 -24.22 -24.43 -4.81
CA THR A 95 -23.85 -23.28 -5.68
C THR A 95 -24.99 -22.44 -6.22
N GLN A 96 -26.25 -22.87 -5.93
CA GLN A 96 -27.45 -22.08 -6.16
C GLN A 96 -28.04 -21.44 -4.91
N ASN A 97 -27.34 -21.50 -3.78
CA ASN A 97 -27.91 -21.02 -2.52
C ASN A 97 -27.70 -19.51 -2.34
N PHE A 98 -28.54 -18.79 -3.05
CA PHE A 98 -28.48 -17.35 -3.10
C PHE A 98 -29.62 -16.65 -2.31
N TRP A 99 -29.44 -15.34 -2.17
CA TRP A 99 -30.49 -14.35 -1.82
C TRP A 99 -31.21 -14.68 -0.51
N ARG A 100 -30.43 -14.64 0.57
CA ARG A 100 -30.99 -14.84 1.90
C ARG A 100 -30.05 -14.21 2.91
N SER A 101 -30.42 -14.13 4.20
CA SER A 101 -29.65 -13.28 5.13
C SER A 101 -29.89 -13.72 6.58
N ALA A 102 -28.86 -13.61 7.40
CA ALA A 102 -29.04 -13.77 8.85
C ALA A 102 -28.26 -12.66 9.54
N GLU A 103 -28.87 -12.05 10.55
CA GLU A 103 -28.11 -11.08 11.31
C GLU A 103 -28.64 -10.85 12.72
N ASN A 104 -27.75 -10.35 13.57
CA ASN A 104 -28.14 -9.84 14.91
C ASN A 104 -28.82 -10.88 15.82
N LEU A 105 -28.16 -12.05 15.88
CA LEU A 105 -28.60 -13.19 16.68
C LEU A 105 -27.40 -13.86 17.31
N ALA A 106 -27.62 -14.39 18.50
CA ALA A 106 -26.70 -15.37 19.08
C ALA A 106 -27.25 -16.77 18.83
N LEU A 107 -26.38 -17.68 18.45
CA LEU A 107 -26.73 -19.09 18.21
C LEU A 107 -25.91 -20.00 19.13
N ASN A 108 -26.60 -20.98 19.69
CA ASN A 108 -26.02 -22.05 20.50
C ASN A 108 -26.42 -23.35 19.80
N PRO A 109 -25.65 -23.74 18.78
CA PRO A 109 -26.10 -24.78 17.83
C PRO A 109 -26.20 -26.14 18.51
N VAL A 110 -27.13 -26.98 18.08
CA VAL A 110 -27.56 -28.15 18.89
C VAL A 110 -26.49 -29.21 19.12
N ASN A 111 -25.64 -29.37 18.12
CA ASN A 111 -24.42 -30.21 18.23
C ASN A 111 -23.09 -29.41 18.19
N GLY A 112 -23.14 -28.14 18.59
CA GLY A 112 -21.92 -27.36 18.75
C GLY A 112 -21.43 -26.72 17.46
N THR A 113 -22.19 -26.88 16.40
CA THR A 113 -21.80 -26.35 15.08
C THR A 113 -23.02 -26.00 14.25
N ASN A 114 -23.00 -24.78 13.70
CA ASN A 114 -24.08 -24.26 12.84
C ASN A 114 -23.68 -24.45 11.38
N ARG A 115 -24.62 -24.94 10.56
CA ARG A 115 -24.41 -25.17 9.13
C ARG A 115 -24.90 -23.92 8.35
N TRP A 116 -23.99 -23.17 7.71
CA TRP A 116 -24.36 -22.07 6.81
C TRP A 116 -23.77 -22.25 5.39
N ALA A 117 -24.35 -23.18 4.62
CA ALA A 117 -23.76 -23.62 3.36
C ALA A 117 -24.33 -22.85 2.19
N VAL A 118 -23.93 -21.60 2.10
CA VAL A 118 -24.45 -20.70 1.09
C VAL A 118 -23.48 -20.43 -0.07
N SER A 119 -24.01 -19.78 -1.10
CA SER A 119 -23.20 -19.20 -2.16
C SER A 119 -23.39 -17.68 -2.16
N GLN A 120 -23.51 -17.03 -3.31
CA GLN A 120 -23.50 -15.57 -3.33
C GLN A 120 -24.75 -14.91 -2.78
N ALA A 121 -24.59 -13.67 -2.32
CA ALA A 121 -25.69 -12.86 -1.77
C ALA A 121 -26.41 -13.55 -0.62
N ALA A 122 -25.61 -14.06 0.31
CA ALA A 122 -26.13 -14.69 1.49
C ALA A 122 -25.39 -14.18 2.74
N PRO A 123 -25.55 -12.87 3.05
CA PRO A 123 -24.74 -12.29 4.11
C PRO A 123 -25.08 -12.81 5.50
N PHE A 124 -24.04 -12.83 6.34
CA PHE A 124 -24.11 -13.34 7.71
C PHE A 124 -23.44 -12.20 8.51
N ARG A 125 -24.25 -11.38 9.20
CA ARG A 125 -23.79 -10.13 9.81
C ARG A 125 -24.17 -10.02 11.29
N ARG A 126 -23.29 -9.45 12.10
CA ARG A 126 -23.59 -9.16 13.50
C ARG A 126 -24.17 -10.41 14.21
N MET A 127 -23.50 -11.54 13.97
CA MET A 127 -23.89 -12.82 14.55
C MET A 127 -22.90 -13.26 15.61
N HIS A 128 -23.43 -13.82 16.69
CA HIS A 128 -22.58 -14.47 17.70
C HIS A 128 -22.88 -15.98 17.63
N VAL A 129 -21.91 -16.75 17.14
CA VAL A 129 -22.03 -18.21 17.14
C VAL A 129 -21.26 -18.81 18.29
N LYS A 130 -22.01 -19.27 19.28
CA LYS A 130 -21.45 -19.91 20.46
C LYS A 130 -21.19 -21.37 20.15
N GLY A 131 -20.04 -21.60 19.53
CA GLY A 131 -19.72 -22.86 18.87
C GLY A 131 -19.10 -22.59 17.51
N GLY A 132 -19.13 -23.60 16.65
CA GLY A 132 -18.47 -23.58 15.35
C GLY A 132 -19.41 -23.26 14.21
N LEU A 133 -18.81 -22.95 13.06
CA LEU A 133 -19.55 -22.61 11.82
C LEU A 133 -19.02 -23.44 10.68
N ASN A 134 -19.89 -24.29 10.12
CA ASN A 134 -19.57 -25.11 8.96
C ASN A 134 -20.20 -24.43 7.74
N LEU A 135 -19.40 -24.12 6.75
CA LEU A 135 -19.90 -23.46 5.53
C LEU A 135 -20.10 -24.44 4.38
N ALA A 136 -19.98 -25.74 4.67
CA ALA A 136 -20.04 -26.79 3.66
C ALA A 136 -21.44 -27.32 3.43
N PRO A 137 -21.78 -27.65 2.18
CA PRO A 137 -22.87 -28.59 1.94
C PRO A 137 -22.50 -29.95 2.40
N ASP A 138 -23.53 -30.67 2.84
CA ASP A 138 -23.35 -32.00 3.30
C ASP A 138 -23.36 -32.80 2.06
N GLY A 139 -22.38 -33.68 2.00
CA GLY A 139 -22.05 -34.36 0.78
C GLY A 139 -20.74 -33.72 0.36
N TYR A 140 -20.67 -32.39 0.41
CA TYR A 140 -19.42 -31.61 0.17
C TYR A 140 -19.24 -31.16 -1.27
N GLY A 141 -20.38 -30.71 -1.76
CA GLY A 141 -20.53 -30.25 -3.12
C GLY A 141 -19.90 -28.91 -3.26
N TRP A 142 -20.12 -28.29 -4.40
CA TRP A 142 -19.45 -27.05 -4.66
C TRP A 142 -20.19 -26.12 -3.70
N ALA A 143 -19.49 -25.05 -3.32
CA ALA A 143 -20.17 -23.86 -2.80
C ALA A 143 -19.33 -22.70 -3.30
N SER A 144 -19.98 -21.55 -3.51
CA SER A 144 -19.30 -20.35 -4.02
C SER A 144 -19.75 -19.09 -3.30
N GLY A 145 -19.78 -19.16 -1.97
CA GLY A 145 -19.90 -17.99 -1.12
C GLY A 145 -18.71 -17.06 -1.18
N GLY A 146 -18.58 -16.18 -0.20
CA GLY A 146 -19.52 -15.97 0.87
C GLY A 146 -19.02 -14.77 1.65
N TYR A 147 -19.80 -14.34 2.63
CA TYR A 147 -19.56 -13.07 3.30
C TYR A 147 -19.97 -13.13 4.78
N ILE A 148 -18.99 -12.88 5.65
CA ILE A 148 -19.20 -12.69 7.09
C ILE A 148 -18.65 -11.31 7.50
N ALA A 149 -19.44 -10.57 8.27
CA ALA A 149 -19.03 -9.27 8.79
C ALA A 149 -19.50 -9.09 10.22
N ASP A 150 -18.66 -8.45 11.02
CA ASP A 150 -19.07 -7.97 12.33
C ASP A 150 -19.58 -9.10 13.21
N SER A 151 -18.97 -10.27 13.07
CA SER A 151 -19.44 -11.47 13.74
C SER A 151 -18.39 -12.12 14.64
N LYS A 152 -18.92 -12.85 15.61
CA LYS A 152 -18.20 -13.52 16.69
C LYS A 152 -18.44 -15.03 16.57
N ILE A 153 -17.47 -15.83 16.12
CA ILE A 153 -17.60 -17.29 16.17
C ILE A 153 -16.62 -17.82 17.23
N ASP A 154 -17.14 -18.38 18.32
CA ASP A 154 -16.29 -18.84 19.43
C ASP A 154 -15.36 -19.99 19.04
N GLY A 155 -15.90 -20.94 18.28
CA GLY A 155 -15.11 -22.06 17.79
C GLY A 155 -14.52 -21.80 16.41
N GLU A 156 -14.46 -22.89 15.65
CA GLU A 156 -13.76 -22.95 14.38
C GLU A 156 -14.72 -22.68 13.26
N VAL A 157 -14.25 -21.94 12.27
CA VAL A 157 -14.95 -21.86 10.98
C VAL A 157 -14.31 -22.90 10.06
N GLY A 158 -15.16 -23.75 9.47
CA GLY A 158 -14.75 -24.83 8.58
C GLY A 158 -15.36 -24.63 7.20
N PRO A 159 -14.58 -24.03 6.26
CA PRO A 159 -15.13 -23.77 4.91
C PRO A 159 -15.26 -25.05 4.09
N TYR A 160 -14.40 -26.02 4.41
CA TYR A 160 -14.23 -27.24 3.63
C TYR A 160 -14.17 -26.98 2.12
N SER A 161 -15.27 -27.29 1.41
CA SER A 161 -15.26 -27.28 -0.02
C SER A 161 -15.52 -25.90 -0.62
N GLN A 162 -15.94 -24.93 0.19
CA GLN A 162 -16.14 -23.56 -0.29
C GLN A 162 -14.96 -23.04 -1.12
N GLN A 163 -15.22 -22.53 -2.33
CA GLN A 163 -14.12 -22.07 -3.19
C GLN A 163 -13.38 -20.85 -2.65
N GLN A 164 -14.15 -19.89 -2.16
CA GLN A 164 -13.58 -18.61 -1.75
C GLN A 164 -14.47 -18.07 -0.63
N TRP A 165 -13.99 -17.06 0.07
CA TRP A 165 -14.76 -16.47 1.16
C TRP A 165 -14.15 -15.15 1.55
N TYR A 166 -14.99 -14.21 2.00
CA TYR A 166 -14.50 -12.95 2.58
C TYR A 166 -15.04 -12.75 3.99
N THR A 167 -14.14 -12.45 4.93
CA THR A 167 -14.55 -12.18 6.31
C THR A 167 -13.97 -10.82 6.72
N ARG A 168 -14.80 -9.93 7.24
CA ARG A 168 -14.25 -8.70 7.81
C ARG A 168 -14.73 -8.37 9.22
N ASP A 169 -13.83 -7.67 9.93
CA ASP A 169 -14.14 -6.95 11.17
C ASP A 169 -14.93 -7.85 12.12
N SER A 170 -14.29 -8.98 12.43
CA SER A 170 -14.87 -10.10 13.16
C SER A 170 -13.85 -10.71 14.10
N SER A 171 -14.28 -11.75 14.80
CA SER A 171 -13.43 -12.60 15.64
C SER A 171 -13.78 -14.10 15.41
N VAL A 172 -12.77 -14.94 15.17
CA VAL A 172 -12.99 -16.40 15.05
C VAL A 172 -12.06 -17.19 15.97
N GLY A 173 -12.56 -18.30 16.48
CA GLY A 173 -11.75 -19.18 17.30
C GLY A 173 -10.63 -19.86 16.54
N GLY A 174 -10.94 -20.24 15.30
CA GLY A 174 -9.99 -20.84 14.38
C GLY A 174 -10.55 -20.80 12.97
N TRP A 175 -9.80 -21.37 12.03
CA TRP A 175 -10.18 -21.35 10.63
C TRP A 175 -9.47 -22.50 9.97
N GLY A 176 -10.23 -23.44 9.41
CA GLY A 176 -9.64 -24.76 9.16
C GLY A 176 -9.03 -25.03 7.80
N ASN A 177 -9.46 -24.31 6.77
CA ASN A 177 -8.88 -24.54 5.45
C ASN A 177 -9.14 -23.42 4.45
N GLY A 178 -8.22 -23.35 3.48
CA GLY A 178 -8.35 -22.50 2.31
C GLY A 178 -8.44 -23.33 1.05
N VAL A 179 -9.23 -22.86 0.10
CA VAL A 179 -9.49 -23.62 -1.11
C VAL A 179 -8.83 -22.92 -2.29
N TRP A 180 -9.43 -21.82 -2.76
CA TRP A 180 -8.83 -20.93 -3.76
C TRP A 180 -8.53 -19.51 -3.27
N ASN A 181 -9.43 -18.91 -2.49
CA ASN A 181 -9.22 -17.51 -2.09
C ASN A 181 -10.02 -17.18 -0.85
N MET A 182 -9.39 -17.34 0.31
CA MET A 182 -9.97 -16.91 1.56
C MET A 182 -9.30 -15.61 1.98
N THR A 183 -10.10 -14.56 2.07
CA THR A 183 -9.59 -13.22 2.36
C THR A 183 -10.20 -12.70 3.67
N PHE A 184 -9.36 -12.01 4.46
CA PHE A 184 -9.72 -11.53 5.77
C PHE A 184 -9.22 -10.09 5.93
N SER A 185 -10.06 -9.21 6.45
CA SER A 185 -9.58 -7.90 6.84
C SER A 185 -10.18 -7.57 8.21
N GLY A 186 -9.31 -7.25 9.15
CA GLY A 186 -9.73 -6.94 10.51
C GLY A 186 -10.33 -8.10 11.30
N VAL A 187 -9.82 -9.29 11.06
CA VAL A 187 -10.35 -10.48 11.69
C VAL A 187 -9.43 -11.05 12.75
N GLU A 188 -9.84 -10.92 14.00
CA GLU A 188 -9.09 -11.53 15.11
C GLU A 188 -9.19 -13.05 15.01
N GLY A 189 -8.04 -13.72 15.00
CA GLY A 189 -8.02 -15.17 14.87
C GLY A 189 -7.93 -15.67 13.43
N ALA A 190 -7.84 -14.77 12.47
CA ALA A 190 -7.68 -15.23 11.11
C ALA A 190 -6.30 -15.85 10.93
N PRO A 191 -6.18 -16.81 10.01
CA PRO A 191 -4.83 -17.30 9.71
C PRO A 191 -3.95 -16.19 9.19
N ALA A 192 -2.64 -16.30 9.42
CA ALA A 192 -1.72 -15.31 8.90
C ALA A 192 -1.68 -15.41 7.38
N GLN A 193 -1.29 -14.30 6.75
CA GLN A 193 -1.07 -14.23 5.32
C GLN A 193 -0.20 -15.37 4.83
N SER A 194 -0.65 -16.08 3.78
CA SER A 194 -0.01 -17.31 3.34
C SER A 194 -0.02 -17.60 1.83
N PHE A 195 -0.85 -16.86 1.09
CA PHE A 195 -0.94 -17.02 -0.36
C PHE A 195 0.49 -16.95 -0.97
N PRO A 196 0.81 -17.87 -1.93
CA PRO A 196 -0.02 -18.78 -2.73
C PRO A 196 -0.63 -19.97 -2.01
N GLU A 197 -0.09 -20.37 -0.86
CA GLU A 197 -0.55 -21.58 -0.19
C GLU A 197 -0.15 -21.69 1.29
N PRO A 198 -1.12 -21.94 2.20
CA PRO A 198 -2.57 -21.99 1.95
C PRO A 198 -3.07 -20.64 1.42
N PRO A 199 -4.22 -20.65 0.74
CA PRO A 199 -4.69 -19.43 0.05
C PRO A 199 -5.36 -18.44 1.03
N TYR A 200 -4.53 -17.67 1.72
CA TYR A 200 -4.98 -16.74 2.75
C TYR A 200 -4.39 -15.37 2.47
N THR A 201 -5.30 -14.43 2.21
CA THR A 201 -4.98 -13.03 2.06
C THR A 201 -5.50 -12.34 3.32
N THR A 202 -4.59 -11.77 4.10
CA THR A 202 -4.95 -11.25 5.40
C THR A 202 -4.39 -9.86 5.67
N LEU A 203 -5.27 -8.94 5.97
CA LEU A 203 -4.92 -7.54 6.24
C LEU A 203 -5.34 -7.24 7.69
N GLU A 204 -4.46 -6.73 8.57
CA GLU A 204 -4.83 -6.70 10.01
C GLU A 204 -6.02 -5.77 10.25
N THR A 205 -6.21 -4.77 9.37
CA THR A 205 -7.32 -3.82 9.53
C THR A 205 -8.10 -3.64 8.23
N THR A 206 -9.36 -3.21 8.37
CA THR A 206 -10.18 -2.81 7.25
C THR A 206 -10.15 -1.29 7.13
N PRO A 207 -9.59 -0.75 6.00
CA PRO A 207 -9.38 0.72 5.91
C PRO A 207 -10.53 1.63 6.35
N VAL A 208 -11.74 1.35 5.90
CA VAL A 208 -12.92 1.94 6.55
C VAL A 208 -14.06 0.96 6.46
N SER A 209 -14.89 0.93 7.49
CA SER A 209 -16.10 0.14 7.44
C SER A 209 -17.18 0.85 8.22
N ARG A 210 -18.43 0.60 7.87
CA ARG A 210 -19.56 1.15 8.59
C ARG A 210 -20.63 0.06 8.61
N GLU A 211 -20.96 -0.43 9.80
CA GLU A 211 -21.88 -1.58 9.87
C GLU A 211 -23.28 -1.23 9.36
N LYS A 212 -23.97 -2.24 8.79
CA LYS A 212 -25.26 -2.08 8.08
C LYS A 212 -26.35 -1.69 9.09
N PRO A 213 -27.17 -0.68 8.77
CA PRO A 213 -28.32 -0.42 9.64
C PRO A 213 -29.21 -1.66 9.82
N PHE A 214 -29.95 -1.68 10.93
CA PHE A 214 -30.91 -2.76 11.22
C PHE A 214 -32.03 -2.28 12.13
N LEU A 215 -33.13 -3.00 12.08
CA LEU A 215 -34.31 -2.71 12.85
C LEU A 215 -34.10 -3.35 14.22
N TYR A 216 -34.49 -2.65 15.28
CA TYR A 216 -34.49 -3.24 16.62
C TYR A 216 -35.68 -2.74 17.45
N LEU A 217 -35.74 -3.23 18.69
CA LEU A 217 -36.71 -2.76 19.68
C LEU A 217 -35.90 -2.24 20.87
N ASP A 218 -36.16 -0.99 21.23
CA ASP A 218 -35.52 -0.35 22.40
C ASP A 218 -36.65 -0.36 23.41
N GLY A 219 -36.51 -1.21 24.40
CA GLY A 219 -37.61 -1.47 25.30
C GLY A 219 -38.77 -1.73 24.40
N ASP A 220 -39.88 -1.14 24.75
CA ASP A 220 -41.00 -1.20 23.85
C ASP A 220 -40.77 -0.93 22.33
N ASP A 221 -40.10 0.16 21.93
CA ASP A 221 -40.30 0.65 20.55
C ASP A 221 -39.26 0.36 19.45
N TYR A 222 -39.84 0.34 18.24
CA TYR A 222 -39.18 0.02 16.97
C TYR A 222 -38.41 1.19 16.43
N LYS A 223 -37.13 0.93 16.17
CA LYS A 223 -36.22 1.93 15.68
C LYS A 223 -35.33 1.30 14.64
N VAL A 224 -34.47 2.10 14.05
CA VAL A 224 -33.40 1.58 13.20
C VAL A 224 -32.10 2.10 13.79
N PHE A 225 -31.22 1.18 14.16
CA PHE A 225 -29.88 1.56 14.56
C PHE A 225 -29.02 1.85 13.33
N VAL A 226 -28.33 2.98 13.42
CA VAL A 226 -27.60 3.59 12.33
C VAL A 226 -26.13 3.62 12.80
N PRO A 227 -25.41 2.48 12.68
CA PRO A 227 -24.00 2.39 13.07
C PRO A 227 -23.04 3.47 12.53
N ALA A 228 -22.06 3.84 13.37
CA ALA A 228 -21.06 4.85 13.00
C ALA A 228 -19.78 4.28 12.37
N LYS A 229 -19.13 5.14 11.55
CA LYS A 229 -17.85 4.91 10.81
C LYS A 229 -16.74 4.32 11.67
N ARG A 230 -16.10 3.26 11.15
CA ARG A 230 -14.90 2.71 11.74
C ARG A 230 -13.67 2.87 10.82
N THR A 231 -12.60 3.49 11.37
CA THR A 231 -11.21 3.50 10.84
C THR A 231 -10.32 2.33 11.20
N ASN A 232 -9.62 1.74 10.23
CA ASN A 232 -8.64 0.73 10.54
C ASN A 232 -9.38 -0.21 11.50
N ALA A 233 -10.60 -0.57 11.08
CA ALA A 233 -11.47 -1.38 11.92
C ALA A 233 -10.91 -2.77 12.15
N ARG A 234 -11.25 -3.35 13.31
CA ARG A 234 -10.84 -4.72 13.61
C ARG A 234 -11.61 -5.34 14.78
N GLY A 235 -12.03 -6.59 14.60
CA GLY A 235 -12.94 -7.20 15.55
C GLY A 235 -14.33 -6.61 15.41
N THR A 236 -15.23 -7.03 16.29
CA THR A 236 -16.65 -6.64 16.17
C THR A 236 -16.93 -5.25 16.75
N SER A 237 -18.07 -4.68 16.36
CA SER A 237 -18.46 -3.32 16.75
C SER A 237 -19.29 -3.32 18.03
N TRP A 238 -19.53 -4.52 18.54
CA TRP A 238 -20.49 -4.74 19.59
C TRP A 238 -19.91 -5.63 20.71
N GLY A 239 -18.72 -6.21 20.53
CA GLY A 239 -18.08 -7.02 21.58
C GLY A 239 -18.10 -6.38 22.99
N ASN A 240 -17.93 -5.06 23.02
CA ASN A 240 -17.98 -4.31 24.26
C ASN A 240 -19.31 -3.58 24.45
N GLY A 241 -20.31 -4.29 23.92
CA GLY A 241 -21.71 -3.98 24.05
C GLY A 241 -22.27 -3.07 22.97
N THR A 242 -22.08 -1.77 23.25
CA THR A 242 -22.89 -0.63 22.77
C THR A 242 -22.08 0.49 22.06
N PRO A 243 -21.78 0.36 20.77
CA PRO A 243 -20.88 1.43 20.35
C PRO A 243 -21.62 2.75 20.10
N GLU A 244 -21.06 3.48 19.14
CA GLU A 244 -21.67 4.61 18.51
C GLU A 244 -22.82 4.20 17.61
N GLY A 245 -23.68 5.17 17.33
CA GLY A 245 -24.58 5.09 16.21
C GLY A 245 -25.86 5.77 16.61
N GLU A 246 -26.54 6.39 15.64
CA GLU A 246 -27.80 7.12 15.92
C GLU A 246 -28.95 6.19 15.72
N SER A 247 -30.11 6.64 16.18
CA SER A 247 -31.31 5.89 15.99
C SER A 247 -32.39 6.71 15.35
N LEU A 248 -33.16 6.05 14.55
CA LEU A 248 -34.28 6.69 13.94
C LEU A 248 -35.46 5.95 14.51
N PRO A 249 -36.30 6.67 15.26
CA PRO A 249 -37.64 6.11 15.45
C PRO A 249 -38.18 5.62 14.13
N LEU A 250 -38.95 4.54 14.19
CA LEU A 250 -39.55 4.00 12.98
C LEU A 250 -40.53 4.97 12.31
N ASP A 251 -41.15 5.86 13.08
CA ASP A 251 -42.07 6.80 12.45
C ASP A 251 -41.31 7.81 11.55
N GLN A 252 -39.98 7.81 11.60
CA GLN A 252 -39.20 8.67 10.70
C GLN A 252 -38.86 7.95 9.38
N PHE A 253 -39.52 6.81 9.13
CA PHE A 253 -39.39 6.04 7.88
C PHE A 253 -40.71 5.99 7.16
N TYR A 254 -40.72 6.19 5.83
CA TYR A 254 -41.83 5.68 5.02
C TYR A 254 -41.70 4.17 4.98
N VAL A 255 -42.72 3.49 5.51
CA VAL A 255 -42.78 2.05 5.45
C VAL A 255 -43.41 1.72 4.09
N VAL A 256 -42.55 1.29 3.17
CA VAL A 256 -42.92 1.01 1.81
C VAL A 256 -43.55 -0.40 1.77
N LYS A 257 -44.67 -0.53 1.06
CA LYS A 257 -45.31 -1.82 0.73
C LYS A 257 -45.64 -1.84 -0.76
N PRO A 258 -45.63 -3.03 -1.41
CA PRO A 258 -46.12 -3.18 -2.79
C PRO A 258 -47.46 -2.44 -3.00
N GLY A 259 -47.55 -1.69 -4.10
CA GLY A 259 -48.53 -0.62 -4.26
C GLY A 259 -47.83 0.73 -4.31
N ALA A 260 -46.79 0.88 -3.48
CA ALA A 260 -46.01 2.13 -3.44
C ALA A 260 -45.35 2.48 -4.78
N THR A 261 -45.78 3.61 -5.35
CA THR A 261 -45.28 4.10 -6.63
C THR A 261 -44.01 4.93 -6.45
N ALA A 262 -43.30 5.16 -7.55
CA ALA A 262 -42.04 5.90 -7.51
C ALA A 262 -42.26 7.36 -7.13
N GLU A 263 -43.28 7.97 -7.72
CA GLU A 263 -43.72 9.29 -7.28
C GLU A 263 -43.88 9.39 -5.74
N THR A 264 -44.58 8.47 -5.11
CA THR A 264 -44.69 8.58 -3.65
C THR A 264 -43.41 8.24 -2.89
N ILE A 265 -42.64 7.26 -3.36
CA ILE A 265 -41.44 6.90 -2.61
C ILE A 265 -40.56 8.13 -2.62
N ASN A 266 -40.49 8.79 -3.79
CA ASN A 266 -39.67 9.98 -3.94
C ASN A 266 -40.27 11.16 -3.15
N ALA A 267 -41.56 11.08 -2.89
CA ALA A 267 -42.22 12.17 -2.17
C ALA A 267 -41.74 12.09 -0.73
N ALA A 268 -41.64 10.86 -0.23
CA ALA A 268 -41.20 10.65 1.17
C ALA A 268 -39.78 11.17 1.44
N VAL A 269 -38.83 10.79 0.59
CA VAL A 269 -37.43 11.15 0.81
C VAL A 269 -37.32 12.65 0.91
N ASP A 270 -38.06 13.35 0.05
CA ASP A 270 -38.10 14.81 0.06
C ASP A 270 -38.64 15.38 1.36
N GLN A 271 -39.71 14.79 1.88
CA GLN A 271 -40.33 15.31 3.09
C GLN A 271 -39.46 14.98 4.33
N GLY A 272 -38.32 14.34 4.13
CA GLY A 272 -37.39 14.04 5.21
C GLY A 272 -37.56 12.70 5.85
N LEU A 273 -38.31 11.81 5.20
CA LEU A 273 -38.48 10.45 5.67
C LEU A 273 -37.39 9.55 5.10
N HIS A 274 -36.93 8.62 5.92
CA HIS A 274 -36.09 7.51 5.47
C HIS A 274 -36.98 6.45 4.80
N LEU A 275 -36.36 5.41 4.26
CA LEU A 275 -37.10 4.36 3.53
C LEU A 275 -36.94 2.99 4.14
N LEU A 276 -38.07 2.33 4.40
CA LEU A 276 -38.01 0.94 4.86
C LEU A 276 -38.80 0.12 3.89
N PHE A 277 -38.10 -0.66 3.09
CA PHE A 277 -38.78 -1.50 2.12
C PHE A 277 -39.12 -2.84 2.76
N THR A 278 -40.40 -3.03 3.04
CA THR A 278 -40.85 -4.30 3.58
C THR A 278 -40.76 -5.36 2.46
N PRO A 279 -40.66 -6.63 2.83
CA PRO A 279 -40.37 -7.63 1.81
C PRO A 279 -41.42 -7.65 0.73
N GLY A 280 -40.97 -7.72 -0.51
CA GLY A 280 -41.86 -7.76 -1.65
C GLY A 280 -41.12 -7.36 -2.92
N VAL A 281 -41.86 -7.36 -4.03
CA VAL A 281 -41.29 -7.02 -5.33
C VAL A 281 -41.97 -5.74 -5.85
N TYR A 282 -41.18 -4.67 -5.98
CA TYR A 282 -41.67 -3.33 -6.30
C TYR A 282 -41.39 -2.95 -7.76
N HIS A 283 -42.44 -2.71 -8.55
CA HIS A 283 -42.25 -2.29 -9.93
C HIS A 283 -42.32 -0.79 -10.11
N VAL A 284 -41.22 -0.18 -10.54
CA VAL A 284 -41.15 1.26 -10.68
C VAL A 284 -41.00 1.74 -12.14
N ASP A 285 -41.57 2.91 -12.42
CA ASP A 285 -41.65 3.41 -13.81
C ASP A 285 -40.83 4.68 -14.01
N GLN A 286 -40.30 5.22 -12.91
CA GLN A 286 -39.18 6.17 -12.94
C GLN A 286 -38.22 5.86 -11.79
N PRO A 287 -37.01 6.42 -11.84
CA PRO A 287 -36.04 6.05 -10.78
C PRO A 287 -36.47 6.48 -9.41
N ILE A 288 -36.13 5.66 -8.42
CA ILE A 288 -36.15 6.08 -7.03
C ILE A 288 -34.96 7.02 -6.85
N GLU A 289 -35.21 8.24 -6.38
CA GLU A 289 -34.16 9.25 -6.24
C GLU A 289 -33.90 9.66 -4.80
N ILE A 290 -32.86 9.08 -4.22
CA ILE A 290 -32.42 9.44 -2.87
C ILE A 290 -31.41 10.62 -2.92
N ASP A 291 -31.91 11.85 -2.81
CA ASP A 291 -31.01 13.04 -2.89
C ASP A 291 -31.00 13.93 -1.62
N ARG A 292 -31.32 13.34 -0.46
CA ARG A 292 -31.08 13.98 0.86
C ARG A 292 -29.88 13.23 1.42
N ALA A 293 -28.87 13.96 1.87
CA ALA A 293 -27.85 13.35 2.69
C ALA A 293 -28.45 12.63 3.91
N ASN A 294 -27.76 11.59 4.35
CA ASN A 294 -28.09 10.83 5.56
C ASN A 294 -29.35 9.93 5.44
N THR A 295 -29.92 9.84 4.26
CA THR A 295 -31.08 8.97 4.05
C THR A 295 -30.68 7.50 4.21
N VAL A 296 -31.49 6.76 4.97
CA VAL A 296 -31.37 5.34 5.08
C VAL A 296 -32.44 4.71 4.21
N ALA A 297 -32.04 3.78 3.36
CA ALA A 297 -32.97 3.00 2.55
C ALA A 297 -32.65 1.55 2.86
N LEU A 298 -33.46 0.95 3.74
CA LEU A 298 -33.20 -0.37 4.29
C LEU A 298 -34.23 -1.32 3.75
N GLY A 299 -33.79 -2.43 3.17
CA GLY A 299 -34.71 -3.46 2.71
C GLY A 299 -34.84 -4.54 3.75
N LEU A 300 -35.97 -5.24 3.70
CA LEU A 300 -36.22 -6.39 4.53
C LEU A 300 -36.60 -7.56 3.61
N GLY A 301 -36.16 -8.76 3.94
CA GLY A 301 -36.59 -9.97 3.24
C GLY A 301 -36.32 -9.95 1.75
N LEU A 302 -35.15 -9.45 1.37
CA LEU A 302 -34.73 -9.32 -0.04
C LEU A 302 -35.76 -8.58 -0.91
N ALA A 303 -36.31 -7.51 -0.33
CA ALA A 303 -37.08 -6.55 -1.09
C ALA A 303 -36.37 -6.24 -2.40
N THR A 304 -37.17 -6.22 -3.44
CA THR A 304 -36.69 -6.22 -4.81
C THR A 304 -37.32 -5.08 -5.58
N ILE A 305 -36.51 -4.40 -6.39
CA ILE A 305 -36.97 -3.31 -7.23
C ILE A 305 -36.75 -3.71 -8.68
N ILE A 306 -37.81 -3.66 -9.48
CA ILE A 306 -37.69 -3.87 -10.93
C ILE A 306 -38.00 -2.57 -11.66
N PRO A 307 -37.05 -2.04 -12.45
CA PRO A 307 -37.38 -0.82 -13.21
C PRO A 307 -38.09 -1.17 -14.50
N ASP A 308 -39.22 -0.51 -14.76
CA ASP A 308 -39.88 -0.63 -16.07
C ASP A 308 -39.35 0.42 -17.02
N ASN A 309 -39.61 0.18 -18.31
CA ASN A 309 -39.43 1.22 -19.31
C ASN A 309 -38.00 1.71 -19.47
N GLY A 310 -37.06 0.79 -19.27
CA GLY A 310 -35.64 1.08 -19.38
C GLY A 310 -35.11 2.11 -18.42
N VAL A 311 -35.87 2.42 -17.36
CA VAL A 311 -35.38 3.43 -16.44
C VAL A 311 -34.30 2.89 -15.48
N THR A 312 -33.56 3.81 -14.89
CA THR A 312 -32.64 3.46 -13.83
C THR A 312 -33.48 3.20 -12.57
N ALA A 313 -33.17 2.12 -11.86
CA ALA A 313 -33.93 1.75 -10.65
C ALA A 313 -33.70 2.70 -9.48
N LEU A 314 -32.43 3.07 -9.25
CA LEU A 314 -32.06 3.82 -8.08
C LEU A 314 -30.96 4.81 -8.38
N LYS A 315 -31.24 6.04 -8.01
CA LYS A 315 -30.27 7.13 -8.19
C LYS A 315 -30.08 7.93 -6.93
N VAL A 316 -28.87 7.88 -6.41
CA VAL A 316 -28.50 8.67 -5.26
C VAL A 316 -27.76 9.91 -5.75
N GLY A 317 -28.03 11.04 -5.12
CA GLY A 317 -27.39 12.30 -5.49
C GLY A 317 -25.96 12.42 -4.92
N ASP A 318 -25.36 13.58 -5.14
CA ASP A 318 -24.01 13.93 -4.71
C ASP A 318 -24.02 14.35 -3.26
N VAL A 319 -24.56 13.49 -2.40
CA VAL A 319 -24.78 13.81 -0.99
C VAL A 319 -23.99 12.91 -0.06
N ASP A 320 -23.67 13.42 1.12
CA ASP A 320 -23.07 12.61 2.19
C ASP A 320 -24.07 11.58 2.74
N GLY A 321 -23.54 10.45 3.23
CA GLY A 321 -24.19 9.69 4.27
C GLY A 321 -25.35 8.79 3.92
N VAL A 322 -25.71 8.68 2.64
CA VAL A 322 -26.82 7.79 2.27
C VAL A 322 -26.39 6.36 2.53
N LYS A 323 -27.30 5.56 3.09
CA LYS A 323 -27.01 4.18 3.47
C LYS A 323 -28.05 3.31 2.77
N VAL A 324 -27.69 2.71 1.65
CA VAL A 324 -28.58 1.78 0.94
C VAL A 324 -28.22 0.36 1.40
N ALA A 325 -29.21 -0.43 1.82
CA ALA A 325 -28.91 -1.74 2.41
C ALA A 325 -30.00 -2.77 2.15
N GLY A 326 -29.63 -3.98 1.72
CA GLY A 326 -30.56 -5.09 1.65
C GLY A 326 -31.64 -5.01 0.59
N LEU A 327 -31.19 -4.69 -0.63
CA LEU A 327 -32.05 -4.60 -1.79
C LEU A 327 -31.50 -5.41 -2.96
N LEU A 328 -32.42 -6.09 -3.64
CA LEU A 328 -32.14 -6.72 -4.93
C LEU A 328 -32.71 -5.82 -6.01
N VAL A 329 -31.91 -5.52 -7.03
CA VAL A 329 -32.38 -4.82 -8.23
C VAL A 329 -32.40 -5.86 -9.36
N ASP A 330 -33.55 -6.07 -9.97
CA ASP A 330 -33.79 -7.14 -10.96
C ASP A 330 -34.20 -6.47 -12.28
N ALA A 331 -33.31 -6.52 -13.28
CA ALA A 331 -33.51 -5.79 -14.51
C ALA A 331 -34.81 -6.18 -15.17
N GLY A 332 -35.39 -5.20 -15.84
CA GLY A 332 -36.59 -5.41 -16.63
C GLY A 332 -36.23 -5.81 -18.05
N PRO A 333 -37.21 -6.33 -18.78
CA PRO A 333 -36.96 -6.78 -20.15
C PRO A 333 -36.71 -5.63 -21.14
N VAL A 334 -37.05 -4.40 -20.77
CA VAL A 334 -36.61 -3.25 -21.55
C VAL A 334 -35.23 -2.90 -21.01
N ASN A 335 -34.26 -2.80 -21.90
CA ASN A 335 -32.92 -2.50 -21.47
C ASN A 335 -32.86 -1.16 -20.72
N SER A 336 -32.25 -1.18 -19.52
CA SER A 336 -31.94 0.02 -18.76
C SER A 336 -30.49 0.45 -18.99
N GLU A 337 -30.25 1.72 -19.31
CA GLU A 337 -28.88 2.16 -19.53
C GLU A 337 -28.03 1.95 -18.27
N THR A 338 -28.66 2.21 -17.13
CA THR A 338 -28.02 1.95 -15.84
C THR A 338 -29.07 1.44 -14.87
N LEU A 339 -28.67 0.59 -13.94
CA LEU A 339 -29.61 0.13 -12.91
C LEU A 339 -29.51 0.89 -11.56
N VAL A 340 -28.29 1.17 -11.11
CA VAL A 340 -28.05 1.95 -9.90
C VAL A 340 -26.98 2.97 -10.25
N GLU A 341 -27.24 4.23 -9.89
CA GLU A 341 -26.22 5.31 -10.03
C GLU A 341 -25.96 6.00 -8.69
N VAL A 342 -24.69 6.10 -8.32
CA VAL A 342 -24.29 6.76 -7.08
C VAL A 342 -23.50 8.04 -7.41
N GLY A 343 -24.17 9.17 -7.30
CA GLY A 343 -23.61 10.49 -7.59
C GLY A 343 -23.81 10.87 -9.05
N SER A 344 -23.56 12.11 -9.41
CA SER A 344 -23.87 12.56 -10.77
C SER A 344 -22.60 12.58 -11.59
N ASP A 345 -22.74 13.06 -12.82
CA ASP A 345 -21.68 12.88 -13.79
C ASP A 345 -20.46 13.78 -13.60
N GLY A 346 -19.31 13.21 -13.24
CA GLY A 346 -18.14 14.03 -12.99
C GLY A 346 -18.18 14.85 -11.70
N ALA A 347 -18.41 14.19 -10.59
CA ALA A 347 -18.61 14.93 -9.37
C ALA A 347 -17.32 14.84 -8.59
N SER A 348 -16.83 15.99 -8.17
CA SER A 348 -15.48 16.04 -7.64
C SER A 348 -15.56 16.41 -6.17
N GLY A 349 -16.78 16.56 -5.69
CA GLY A 349 -17.05 16.71 -4.27
C GLY A 349 -16.70 15.49 -3.44
N ASP A 350 -16.21 15.76 -2.24
CA ASP A 350 -15.77 14.67 -1.39
C ASP A 350 -16.88 14.32 -0.40
N HIS A 351 -16.77 13.14 0.20
CA HIS A 351 -17.70 12.68 1.19
C HIS A 351 -16.91 11.82 2.19
N ALA A 352 -15.78 12.37 2.66
CA ALA A 352 -14.81 11.58 3.43
C ALA A 352 -15.21 11.31 4.87
N ALA A 353 -15.74 12.33 5.54
CA ALA A 353 -16.14 12.19 6.94
C ALA A 353 -17.44 11.39 7.08
N ASN A 354 -18.27 11.43 6.05
CA ASN A 354 -19.60 10.83 6.10
C ASN A 354 -19.96 10.27 4.70
N PRO A 355 -19.33 9.15 4.34
CA PRO A 355 -19.54 8.53 3.03
C PRO A 355 -20.95 7.99 2.78
N THR A 356 -21.31 7.87 1.50
CA THR A 356 -22.46 7.06 1.09
C THR A 356 -21.99 5.60 0.94
N SER A 357 -22.88 4.65 1.26
CA SER A 357 -22.55 3.24 1.18
C SER A 357 -23.66 2.44 0.51
N LEU A 358 -23.24 1.39 -0.22
CA LEU A 358 -24.15 0.34 -0.69
C LEU A 358 -23.77 -0.93 0.09
N GLN A 359 -24.73 -1.53 0.79
CA GLN A 359 -24.46 -2.79 1.52
C GLN A 359 -25.50 -3.84 1.22
N ASP A 360 -25.06 -5.05 0.92
CA ASP A 360 -26.01 -6.10 0.54
C ASP A 360 -26.97 -5.55 -0.52
N VAL A 361 -26.39 -4.95 -1.54
CA VAL A 361 -27.12 -4.55 -2.72
C VAL A 361 -26.73 -5.56 -3.78
N PHE A 362 -27.75 -6.23 -4.30
CA PHE A 362 -27.53 -7.27 -5.28
C PHE A 362 -28.17 -6.76 -6.58
N VAL A 363 -27.70 -7.28 -7.68
CA VAL A 363 -28.28 -6.98 -8.97
C VAL A 363 -28.37 -8.28 -9.76
N ARG A 364 -29.50 -8.49 -10.42
CA ARG A 364 -29.71 -9.65 -11.30
C ARG A 364 -30.17 -9.17 -12.68
N ILE A 365 -29.55 -9.72 -13.73
CA ILE A 365 -29.96 -9.46 -15.11
C ILE A 365 -30.37 -10.79 -15.73
N GLY A 366 -31.68 -10.99 -15.86
CA GLY A 366 -32.23 -12.23 -16.39
C GLY A 366 -32.42 -13.28 -15.33
N GLY A 367 -32.93 -14.46 -15.71
CA GLY A 367 -33.03 -15.56 -14.75
C GLY A 367 -34.45 -15.76 -14.22
N ALA A 368 -34.94 -14.77 -13.51
CA ALA A 368 -36.35 -14.68 -13.17
C ALA A 368 -36.90 -13.81 -14.25
N GLY A 369 -36.96 -14.30 -15.48
CA GLY A 369 -37.44 -13.52 -16.60
C GLY A 369 -36.36 -12.87 -17.44
N PRO A 370 -36.67 -12.60 -18.70
CA PRO A 370 -35.67 -11.91 -19.48
C PRO A 370 -35.45 -10.48 -18.98
N GLY A 371 -34.21 -10.03 -19.03
CA GLY A 371 -33.85 -8.71 -18.52
C GLY A 371 -32.57 -8.24 -19.18
N LYS A 372 -32.36 -6.92 -19.22
CA LYS A 372 -31.24 -6.33 -19.92
C LYS A 372 -30.84 -5.01 -19.26
N ALA A 373 -29.53 -4.78 -19.19
CA ALA A 373 -29.04 -3.47 -18.76
C ALA A 373 -27.64 -3.25 -19.28
N THR A 374 -27.32 -2.02 -19.68
CA THR A 374 -26.01 -1.79 -20.30
C THR A 374 -24.87 -1.71 -19.25
N THR A 375 -25.02 -0.85 -18.23
CA THR A 375 -24.09 -0.85 -17.08
C THR A 375 -24.86 -0.92 -15.77
N SER A 376 -24.65 -1.96 -14.97
CA SER A 376 -25.49 -2.18 -13.81
C SER A 376 -25.34 -1.17 -12.65
N ILE A 377 -24.12 -1.00 -12.14
CA ILE A 377 -23.88 -0.02 -11.09
C ILE A 377 -22.78 0.93 -11.51
N VAL A 378 -23.10 2.23 -11.48
CA VAL A 378 -22.10 3.25 -11.69
C VAL A 378 -21.89 4.01 -10.40
N VAL A 379 -20.62 4.11 -10.00
CA VAL A 379 -20.26 4.78 -8.75
C VAL A 379 -19.47 6.04 -9.10
N ASN A 380 -20.18 7.17 -9.10
CA ASN A 380 -19.58 8.45 -9.37
C ASN A 380 -19.11 9.13 -8.08
N SER A 381 -19.84 8.96 -6.99
CA SER A 381 -19.51 9.68 -5.74
C SER A 381 -18.15 9.32 -5.12
N ASN A 382 -17.31 10.33 -4.91
CA ASN A 382 -16.07 10.11 -4.22
C ASN A 382 -16.37 9.54 -2.82
N ASP A 383 -15.47 8.69 -2.36
CA ASP A 383 -15.41 8.15 -1.00
C ASP A 383 -16.48 7.08 -0.70
N THR A 384 -17.20 6.66 -1.71
CA THR A 384 -18.26 5.66 -1.54
C THR A 384 -17.69 4.32 -1.03
N ILE A 385 -18.45 3.67 -0.15
CA ILE A 385 -18.13 2.35 0.34
C ILE A 385 -19.11 1.36 -0.32
N ILE A 386 -18.58 0.33 -0.94
CA ILE A 386 -19.38 -0.76 -1.53
C ILE A 386 -19.05 -1.97 -0.65
N ASP A 387 -19.92 -2.32 0.29
CA ASP A 387 -19.60 -3.35 1.29
C ASP A 387 -20.57 -4.52 1.14
N HIS A 388 -20.11 -5.52 0.39
CA HIS A 388 -20.89 -6.65 -0.11
C HIS A 388 -21.87 -6.29 -1.22
N THR A 389 -21.50 -6.65 -2.43
CA THR A 389 -22.41 -6.59 -3.56
C THR A 389 -22.24 -7.86 -4.42
N TRP A 390 -23.34 -8.33 -5.00
CA TRP A 390 -23.29 -9.39 -6.03
C TRP A 390 -24.03 -8.83 -7.22
N VAL A 391 -23.30 -8.64 -8.31
CA VAL A 391 -23.83 -8.06 -9.54
C VAL A 391 -23.71 -9.18 -10.59
N TRP A 392 -24.87 -9.72 -10.98
CA TRP A 392 -24.94 -11.02 -11.65
C TRP A 392 -25.79 -11.05 -12.90
N ARG A 393 -25.15 -11.25 -14.04
CA ARG A 393 -25.91 -11.55 -15.23
C ARG A 393 -26.22 -13.04 -15.17
N ALA A 394 -27.50 -13.42 -15.27
CA ALA A 394 -27.89 -14.81 -15.04
C ALA A 394 -27.30 -15.80 -16.06
N ASP A 395 -26.94 -17.00 -15.56
CA ASP A 395 -26.46 -18.08 -16.42
C ASP A 395 -27.48 -19.23 -16.50
N HIS A 396 -28.66 -19.01 -15.94
CA HIS A 396 -29.75 -19.98 -15.97
C HIS A 396 -30.98 -19.33 -15.38
N GLY A 397 -32.13 -19.92 -15.72
CA GLY A 397 -33.44 -19.40 -15.40
C GLY A 397 -34.11 -18.97 -16.69
N GLU A 398 -35.37 -18.56 -16.64
CA GLU A 398 -35.99 -18.10 -17.87
C GLU A 398 -35.31 -16.77 -18.29
N GLY A 399 -35.10 -16.60 -19.60
CA GLY A 399 -34.66 -15.35 -20.18
C GLY A 399 -33.19 -15.33 -20.60
N VAL A 400 -32.46 -16.41 -20.33
CA VAL A 400 -31.00 -16.42 -20.45
C VAL A 400 -30.52 -16.64 -21.91
N GLY A 401 -29.62 -15.77 -22.37
CA GLY A 401 -29.09 -15.81 -23.72
C GLY A 401 -28.04 -14.72 -23.96
N TRP A 402 -27.02 -15.04 -24.75
CA TRP A 402 -25.94 -14.10 -25.07
C TRP A 402 -26.48 -12.74 -25.51
N GLU A 403 -27.54 -12.76 -26.31
CA GLU A 403 -28.23 -11.53 -26.67
C GLU A 403 -29.51 -11.36 -25.79
N THR A 404 -30.21 -12.46 -25.46
CA THR A 404 -31.42 -12.36 -24.62
C THR A 404 -31.24 -11.53 -23.32
N ASN A 405 -30.33 -11.94 -22.43
CA ASN A 405 -30.10 -11.15 -21.21
C ASN A 405 -28.71 -10.48 -21.28
N ARG A 406 -28.40 -9.95 -22.45
CA ARG A 406 -27.17 -9.19 -22.64
C ARG A 406 -27.04 -8.10 -21.56
N ALA A 407 -25.88 -8.07 -20.95
CA ALA A 407 -25.52 -7.02 -19.99
C ALA A 407 -24.03 -6.78 -20.19
N ASP A 408 -23.68 -5.65 -20.78
CA ASP A 408 -22.28 -5.43 -21.17
C ASP A 408 -21.35 -5.18 -20.00
N TYR A 409 -21.79 -4.34 -19.05
CA TYR A 409 -20.93 -3.85 -17.99
C TYR A 409 -21.53 -4.05 -16.60
N GLY A 410 -20.71 -4.55 -15.69
CA GLY A 410 -21.19 -4.84 -14.34
C GLY A 410 -21.18 -3.59 -13.46
N VAL A 411 -19.99 -3.21 -13.09
CA VAL A 411 -19.76 -2.09 -12.18
C VAL A 411 -18.73 -1.20 -12.83
N HIS A 412 -19.01 0.11 -12.83
CA HIS A 412 -18.03 1.10 -13.27
C HIS A 412 -17.83 2.13 -12.18
N VAL A 413 -16.62 2.17 -11.64
CA VAL A 413 -16.33 3.10 -10.58
C VAL A 413 -15.58 4.30 -11.15
N LYS A 414 -16.25 5.45 -11.17
CA LYS A 414 -15.59 6.68 -11.57
C LYS A 414 -15.15 7.62 -10.46
N GLY A 415 -15.71 7.49 -9.25
CA GLY A 415 -15.31 8.32 -8.12
C GLY A 415 -13.95 7.92 -7.58
N ASP A 416 -13.32 8.84 -6.82
CA ASP A 416 -12.01 8.57 -6.23
C ASP A 416 -12.14 8.14 -4.79
N ASN A 417 -11.14 7.44 -4.30
CA ASN A 417 -11.10 7.05 -2.91
C ASN A 417 -12.32 6.17 -2.57
N VAL A 418 -12.79 5.40 -3.57
CA VAL A 418 -13.91 4.45 -3.35
C VAL A 418 -13.32 3.12 -2.87
N LEU A 419 -14.00 2.47 -1.93
CA LEU A 419 -13.53 1.24 -1.33
C LEU A 419 -14.59 0.20 -1.59
N ALA A 420 -14.17 -0.95 -2.10
CA ALA A 420 -15.07 -2.12 -2.21
C ALA A 420 -14.55 -3.24 -1.32
N THR A 421 -15.43 -3.72 -0.46
CA THR A 421 -15.14 -4.83 0.44
C THR A 421 -16.15 -5.97 0.20
N GLY A 422 -15.69 -7.07 -0.37
CA GLY A 422 -16.58 -8.17 -0.70
C GLY A 422 -17.32 -7.93 -2.02
N LEU A 423 -16.55 -7.90 -3.11
CA LEU A 423 -17.04 -7.54 -4.44
C LEU A 423 -17.23 -8.82 -5.30
N PHE A 424 -18.46 -9.12 -5.68
CA PHE A 424 -18.76 -10.35 -6.43
C PHE A 424 -19.47 -9.88 -7.74
N VAL A 425 -18.85 -10.04 -8.90
CA VAL A 425 -19.43 -9.60 -10.15
C VAL A 425 -19.19 -10.67 -11.24
N GLU A 426 -20.27 -11.12 -11.89
CA GLU A 426 -20.17 -12.27 -12.81
C GLU A 426 -20.99 -12.16 -14.09
N HIS A 427 -20.36 -12.59 -15.18
CA HIS A 427 -21.01 -13.06 -16.43
C HIS A 427 -21.31 -11.98 -17.47
N PHE A 428 -20.75 -10.78 -17.32
CA PHE A 428 -21.02 -9.69 -18.26
C PHE A 428 -20.42 -9.92 -19.65
N ASN A 429 -21.11 -9.41 -20.67
CA ASN A 429 -20.66 -9.59 -22.06
C ASN A 429 -19.33 -8.88 -22.34
N LYS A 430 -19.09 -7.79 -21.63
CA LYS A 430 -17.83 -7.06 -21.71
C LYS A 430 -17.18 -6.95 -20.32
N TYR A 431 -16.67 -5.77 -19.93
CA TYR A 431 -15.95 -5.71 -18.67
C TYR A 431 -16.88 -5.90 -17.46
N ASP A 432 -16.59 -6.89 -16.61
CA ASP A 432 -17.41 -7.08 -15.43
C ASP A 432 -17.24 -5.88 -14.50
N VAL A 433 -15.98 -5.49 -14.26
CA VAL A 433 -15.65 -4.33 -13.44
C VAL A 433 -14.66 -3.46 -14.16
N GLN A 434 -14.86 -2.14 -14.07
CA GLN A 434 -14.08 -1.19 -14.82
C GLN A 434 -13.89 -0.01 -13.83
N TRP A 435 -12.65 0.43 -13.62
CA TRP A 435 -12.34 1.44 -12.59
C TRP A 435 -11.65 2.64 -13.28
N SER A 436 -12.34 3.78 -13.26
CA SER A 436 -11.91 5.06 -13.84
C SER A 436 -11.25 5.98 -12.77
N GLY A 437 -11.83 5.99 -11.56
CA GLY A 437 -11.42 6.95 -10.53
C GLY A 437 -10.09 6.63 -9.87
N GLU A 438 -9.57 7.61 -9.12
CA GLU A 438 -8.28 7.46 -8.45
C GLU A 438 -8.39 6.83 -7.04
N ASN A 439 -7.27 6.26 -6.61
CA ASN A 439 -7.08 5.77 -5.25
C ASN A 439 -8.16 4.80 -4.77
N GLY A 440 -8.61 3.98 -5.71
CA GLY A 440 -9.54 2.92 -5.40
C GLY A 440 -8.84 1.75 -4.72
N LYS A 441 -9.60 1.06 -3.86
CA LYS A 441 -9.15 -0.17 -3.27
C LYS A 441 -10.27 -1.21 -3.27
N THR A 442 -9.91 -2.44 -3.62
CA THR A 442 -10.81 -3.60 -3.52
C THR A 442 -10.17 -4.64 -2.63
N ILE A 443 -10.93 -5.05 -1.63
CA ILE A 443 -10.56 -6.15 -0.70
C ILE A 443 -11.60 -7.27 -0.94
N PHE A 444 -11.11 -8.31 -1.61
CA PHE A 444 -11.85 -9.47 -2.07
C PHE A 444 -12.66 -9.20 -3.32
N TYR A 445 -12.32 -9.94 -4.38
CA TYR A 445 -13.07 -9.95 -5.63
C TYR A 445 -13.29 -11.40 -6.04
N GLN A 446 -14.53 -11.68 -6.43
CA GLN A 446 -14.87 -12.94 -7.08
C GLN A 446 -15.62 -12.66 -8.38
N ASN A 447 -15.10 -13.23 -9.47
CA ASN A 447 -15.72 -13.13 -10.80
C ASN A 447 -15.82 -14.49 -11.45
N ALA A 448 -16.85 -14.64 -12.30
CA ALA A 448 -16.86 -15.69 -13.33
C ALA A 448 -17.15 -15.00 -14.66
N LYS A 449 -16.48 -15.45 -15.69
CA LYS A 449 -16.68 -14.91 -17.04
C LYS A 449 -17.92 -15.55 -17.68
N ALA A 450 -18.56 -14.83 -18.59
CA ALA A 450 -19.75 -15.32 -19.30
C ALA A 450 -19.52 -16.69 -19.92
N TYR A 451 -20.44 -17.62 -19.64
CA TYR A 451 -20.29 -19.03 -20.10
C TYR A 451 -20.67 -19.17 -21.54
N ASP A 452 -21.40 -18.17 -22.05
CA ASP A 452 -22.14 -18.29 -23.29
C ASP A 452 -21.66 -17.44 -24.47
N ALA A 453 -20.46 -16.89 -24.37
CA ALA A 453 -19.79 -16.30 -25.51
C ALA A 453 -19.81 -17.30 -26.67
N PRO A 454 -20.34 -16.89 -27.84
CA PRO A 454 -20.47 -17.96 -28.85
C PRO A 454 -19.19 -18.32 -29.59
N ASP A 455 -18.27 -17.39 -29.63
CA ASP A 455 -16.97 -17.62 -30.23
C ASP A 455 -15.96 -16.56 -29.82
N GLN A 456 -14.73 -16.71 -30.32
CA GLN A 456 -13.67 -15.76 -30.04
C GLN A 456 -14.00 -14.37 -30.62
N ALA A 457 -14.48 -14.36 -31.86
CA ALA A 457 -14.77 -13.10 -32.56
C ALA A 457 -15.87 -12.29 -31.87
N ALA A 458 -16.72 -12.93 -31.08
CA ALA A 458 -17.78 -12.19 -30.36
C ALA A 458 -17.29 -11.37 -29.16
N ILE A 459 -16.10 -11.71 -28.64
CA ILE A 459 -15.56 -11.10 -27.43
C ILE A 459 -14.21 -10.44 -27.68
N GLN A 460 -13.86 -10.25 -28.95
CA GLN A 460 -12.65 -9.51 -29.30
C GLN A 460 -12.76 -8.09 -28.74
N ASN A 461 -11.68 -7.63 -28.13
CA ASN A 461 -11.62 -6.35 -27.44
C ASN A 461 -10.36 -5.65 -27.98
N GLY A 462 -10.49 -4.98 -29.11
CA GLY A 462 -9.34 -4.67 -29.94
C GLY A 462 -8.51 -5.92 -30.26
N ASP A 463 -7.21 -5.77 -30.09
CA ASP A 463 -6.23 -6.84 -30.17
C ASP A 463 -6.23 -7.76 -28.95
N ILE A 464 -7.13 -7.49 -28.01
CA ILE A 464 -7.23 -8.29 -26.78
C ILE A 464 -8.32 -9.34 -26.94
N LYS A 465 -7.99 -10.60 -26.66
CA LYS A 465 -8.98 -11.66 -26.60
C LYS A 465 -9.77 -11.55 -25.31
N GLY A 466 -11.05 -11.22 -25.43
CA GLY A 466 -11.89 -11.05 -24.28
C GLY A 466 -11.72 -9.74 -23.55
N TYR A 467 -12.60 -9.56 -22.56
CA TYR A 467 -12.61 -8.37 -21.72
C TYR A 467 -12.22 -8.77 -20.31
N ALA A 468 -11.30 -8.06 -19.69
CA ALA A 468 -10.90 -8.35 -18.33
C ALA A 468 -12.11 -8.42 -17.42
N ALA A 469 -12.01 -9.24 -16.38
CA ALA A 469 -13.01 -9.23 -15.34
C ALA A 469 -12.85 -8.00 -14.44
N TYR A 470 -11.65 -7.43 -14.41
CA TYR A 470 -11.39 -6.27 -13.54
C TYR A 470 -10.34 -5.42 -14.24
N LYS A 471 -10.78 -4.25 -14.69
CA LYS A 471 -10.01 -3.37 -15.55
C LYS A 471 -9.86 -1.98 -15.00
N VAL A 472 -8.66 -1.71 -14.54
CA VAL A 472 -8.24 -0.36 -14.17
C VAL A 472 -7.81 0.48 -15.42
N ASP A 473 -8.43 1.64 -15.60
CA ASP A 473 -8.12 2.50 -16.75
C ASP A 473 -6.63 2.82 -16.78
N ASP A 474 -6.11 3.27 -17.92
CA ASP A 474 -4.64 3.48 -17.99
C ASP A 474 -4.18 4.83 -17.52
N SER A 475 -5.13 5.75 -17.41
CA SER A 475 -4.83 7.06 -16.89
C SER A 475 -4.67 7.04 -15.35
N VAL A 476 -5.17 5.99 -14.70
CA VAL A 476 -5.13 5.91 -13.24
C VAL A 476 -3.68 5.74 -12.75
N THR A 477 -3.31 6.40 -11.65
CA THR A 477 -1.95 6.25 -11.04
C THR A 477 -1.93 5.54 -9.69
N THR A 478 -3.08 5.50 -9.04
CA THR A 478 -3.15 4.99 -7.67
C THR A 478 -4.34 3.99 -7.59
N HIS A 479 -4.05 2.73 -7.22
CA HIS A 479 -5.07 1.69 -7.05
C HIS A 479 -4.44 0.52 -6.29
N GLU A 480 -5.21 -0.13 -5.41
CA GLU A 480 -4.73 -1.33 -4.72
C GLU A 480 -5.83 -2.39 -4.60
N GLY A 481 -5.51 -3.61 -4.98
CA GLY A 481 -6.43 -4.73 -4.93
C GLY A 481 -5.84 -5.92 -4.17
N TRP A 482 -6.65 -6.54 -3.33
CA TRP A 482 -6.20 -7.68 -2.54
C TRP A 482 -7.15 -8.88 -2.65
N GLY A 483 -6.60 -10.05 -2.98
CA GLY A 483 -7.36 -11.29 -2.89
C GLY A 483 -8.48 -11.44 -3.92
N MET A 484 -8.06 -11.65 -5.18
CA MET A 484 -8.96 -11.47 -6.31
C MET A 484 -8.90 -12.60 -7.31
N GLY A 485 -10.06 -13.16 -7.64
CA GLY A 485 -10.12 -14.31 -8.52
C GLY A 485 -11.13 -14.18 -9.65
N SER A 486 -10.75 -14.65 -10.83
CA SER A 486 -11.68 -14.80 -11.97
C SER A 486 -11.66 -16.23 -12.47
N TYR A 487 -12.85 -16.78 -12.72
CA TYR A 487 -13.03 -18.15 -13.17
C TYR A 487 -13.69 -18.16 -14.54
N CYS A 488 -13.37 -19.13 -15.37
CA CYS A 488 -14.10 -19.30 -16.66
C CYS A 488 -14.72 -20.69 -16.80
N TYR A 489 -15.82 -20.74 -17.54
CA TYR A 489 -16.56 -22.00 -17.86
C TYR A 489 -17.24 -21.76 -19.19
N PHE A 490 -16.39 -21.66 -20.22
CA PHE A 490 -16.87 -21.37 -21.55
C PHE A 490 -17.48 -22.66 -22.15
N ASN A 491 -18.69 -22.97 -21.71
CA ASN A 491 -19.21 -24.28 -21.98
C ASN A 491 -19.96 -24.35 -23.31
N VAL A 492 -20.33 -23.19 -23.87
CA VAL A 492 -20.83 -23.14 -25.23
C VAL A 492 -19.69 -23.38 -26.23
N ASN A 493 -18.57 -22.67 -26.05
CA ASN A 493 -17.42 -22.82 -26.93
C ASN A 493 -16.09 -22.95 -26.14
N PRO A 494 -15.75 -24.18 -25.71
CA PRO A 494 -14.52 -24.41 -24.93
C PRO A 494 -13.18 -24.15 -25.64
N ASP A 495 -13.20 -23.81 -26.93
CA ASP A 495 -11.94 -23.48 -27.59
C ASP A 495 -11.56 -21.99 -27.38
N ILE A 496 -12.47 -21.23 -26.77
CA ILE A 496 -12.21 -19.81 -26.52
C ILE A 496 -11.03 -19.61 -25.61
N ARG A 497 -10.34 -18.48 -25.81
CA ARG A 497 -9.29 -18.04 -24.93
C ARG A 497 -9.64 -16.66 -24.35
N GLN A 498 -9.35 -16.51 -23.06
CA GLN A 498 -9.51 -15.24 -22.32
C GLN A 498 -8.10 -14.74 -22.03
N GLN A 499 -7.73 -13.57 -22.52
CA GLN A 499 -6.33 -13.15 -22.35
C GLN A 499 -5.93 -13.08 -20.88
N HIS A 500 -6.79 -12.49 -20.07
CA HIS A 500 -6.46 -12.25 -18.66
C HIS A 500 -7.71 -12.05 -17.78
N GLY A 501 -7.58 -12.29 -16.48
CA GLY A 501 -8.60 -11.89 -15.52
C GLY A 501 -8.57 -10.39 -15.25
N PHE A 502 -7.36 -9.82 -15.28
CA PHE A 502 -7.14 -8.47 -14.81
C PHE A 502 -6.29 -7.66 -15.79
N GLN A 503 -6.59 -6.37 -15.91
CA GLN A 503 -5.82 -5.49 -16.78
C GLN A 503 -5.63 -4.15 -16.06
N ALA A 504 -4.41 -3.60 -16.13
CA ALA A 504 -4.19 -2.28 -15.59
C ALA A 504 -2.89 -1.69 -16.14
N PRO A 505 -2.73 -0.37 -15.99
CA PRO A 505 -1.42 0.20 -16.33
C PRO A 505 -0.33 -0.27 -15.36
N VAL A 506 0.92 -0.38 -15.82
CA VAL A 506 2.04 -0.77 -14.97
C VAL A 506 2.67 0.49 -14.40
N LYS A 507 2.48 0.67 -13.09
CA LYS A 507 2.87 1.91 -12.43
C LYS A 507 3.14 1.63 -10.97
N PRO A 508 4.02 2.42 -10.35
CA PRO A 508 4.33 2.04 -8.96
C PRO A 508 3.17 2.18 -7.97
N GLY A 509 2.18 3.00 -8.29
CA GLY A 509 1.08 3.26 -7.40
C GLY A 509 -0.13 2.37 -7.67
N VAL A 510 0.01 1.50 -8.67
CA VAL A 510 -1.03 0.51 -9.04
C VAL A 510 -0.52 -0.84 -8.63
N LYS A 511 -1.17 -1.41 -7.63
CA LYS A 511 -0.64 -2.59 -6.99
C LYS A 511 -1.72 -3.62 -6.78
N PHE A 512 -1.40 -4.89 -7.03
CA PHE A 512 -2.33 -5.96 -6.72
C PHE A 512 -1.63 -6.97 -5.84
N HIS A 513 -2.42 -7.62 -5.01
CA HIS A 513 -1.96 -8.65 -4.11
C HIS A 513 -2.87 -9.87 -4.21
N ASP A 514 -2.27 -11.03 -4.49
CA ASP A 514 -2.96 -12.31 -4.41
C ASP A 514 -4.09 -12.44 -5.45
N LEU A 515 -3.66 -12.60 -6.71
CA LEU A 515 -4.55 -12.85 -7.84
C LEU A 515 -4.53 -14.31 -8.27
N LEU A 516 -5.71 -14.82 -8.65
CA LEU A 516 -5.75 -16.06 -9.39
C LEU A 516 -6.76 -16.04 -10.53
N VAL A 517 -6.52 -16.91 -11.49
CA VAL A 517 -7.50 -17.26 -12.53
C VAL A 517 -7.65 -18.77 -12.61
N VAL A 518 -8.84 -19.24 -12.95
CA VAL A 518 -9.09 -20.67 -12.98
C VAL A 518 -10.03 -21.01 -14.12
N SER A 519 -9.73 -22.08 -14.84
CA SER A 519 -10.67 -22.71 -15.74
C SER A 519 -11.33 -23.91 -15.08
N LEU A 520 -12.66 -23.96 -15.06
CA LEU A 520 -13.32 -25.19 -14.65
C LEU A 520 -13.24 -26.24 -15.74
N GLY A 521 -12.55 -27.34 -15.44
CA GLY A 521 -12.45 -28.49 -16.32
C GLY A 521 -12.17 -28.23 -17.79
N GLY A 522 -11.21 -27.35 -18.05
CA GLY A 522 -10.72 -27.10 -19.40
C GLY A 522 -11.70 -26.40 -20.33
N LYS A 523 -12.77 -25.80 -19.77
CA LYS A 523 -13.75 -25.12 -20.60
C LYS A 523 -13.25 -23.71 -20.87
N GLY A 524 -12.56 -23.57 -21.99
CA GLY A 524 -11.78 -22.38 -22.27
C GLY A 524 -10.54 -22.33 -21.40
N GLN A 525 -9.65 -21.40 -21.71
CA GLN A 525 -8.47 -21.19 -20.88
C GLN A 525 -8.15 -19.71 -20.81
N TYR A 526 -7.52 -19.30 -19.70
CA TYR A 526 -6.86 -18.00 -19.62
C TYR A 526 -5.44 -18.05 -20.21
N GLU A 527 -5.04 -17.02 -20.95
CA GLU A 527 -3.65 -16.93 -21.42
C GLU A 527 -2.68 -16.41 -20.36
N HIS A 528 -3.19 -15.63 -19.42
CA HIS A 528 -2.39 -15.00 -18.39
C HIS A 528 -3.32 -14.65 -17.22
N VAL A 529 -2.72 -14.24 -16.12
CA VAL A 529 -3.50 -13.82 -14.97
C VAL A 529 -3.85 -12.35 -15.07
N ILE A 530 -2.82 -11.55 -15.26
CA ILE A 530 -2.95 -10.10 -15.21
C ILE A 530 -2.13 -9.53 -16.34
N ASN A 531 -2.72 -8.70 -17.18
CA ASN A 531 -2.04 -8.22 -18.39
C ASN A 531 -1.49 -9.38 -19.24
N ASP A 532 -0.16 -9.52 -19.32
CA ASP A 532 0.47 -10.73 -19.87
C ASP A 532 1.42 -11.35 -18.85
N ILE A 533 1.01 -11.23 -17.60
CA ILE A 533 1.80 -11.68 -16.46
C ILE A 533 1.08 -12.86 -15.78
N GLY A 534 1.88 -13.86 -15.38
CA GLY A 534 1.33 -15.08 -14.80
C GLY A 534 1.08 -16.16 -15.84
N ASP A 535 1.07 -17.38 -15.33
CA ASP A 535 1.04 -18.59 -16.14
C ASP A 535 -0.34 -18.69 -16.82
N PRO A 536 -0.41 -19.22 -18.07
CA PRO A 536 -1.72 -19.53 -18.64
C PRO A 536 -2.34 -20.69 -17.90
N THR A 537 -3.67 -20.75 -17.78
CA THR A 537 -4.28 -21.98 -17.32
C THR A 537 -4.12 -23.08 -18.38
N SER A 538 -4.00 -24.32 -17.91
CA SER A 538 -3.90 -25.41 -18.86
C SER A 538 -4.25 -26.68 -18.13
N GLY A 539 -4.67 -27.69 -18.89
CA GLY A 539 -5.21 -28.93 -18.38
C GLY A 539 -6.74 -28.85 -18.29
N ASP A 540 -7.37 -29.89 -17.73
CA ASP A 540 -8.80 -29.83 -17.43
C ASP A 540 -9.03 -30.21 -15.97
N THR A 541 -8.11 -29.75 -15.14
CA THR A 541 -7.90 -30.21 -13.76
C THR A 541 -8.29 -29.17 -12.73
N THR A 542 -8.64 -27.97 -13.21
CA THR A 542 -9.12 -26.93 -12.31
C THR A 542 -8.12 -26.59 -11.21
N ILE A 543 -6.93 -26.22 -11.66
CA ILE A 543 -5.89 -25.70 -10.78
C ILE A 543 -5.54 -24.26 -11.20
N PRO A 544 -5.58 -23.32 -10.25
CA PRO A 544 -5.32 -21.93 -10.62
C PRO A 544 -3.91 -21.57 -11.03
N SER A 545 -3.88 -20.44 -11.74
CA SER A 545 -2.65 -19.73 -12.04
C SER A 545 -2.69 -18.52 -11.15
N GLN A 546 -1.65 -18.38 -10.30
CA GLN A 546 -1.65 -17.37 -9.23
C GLN A 546 -0.49 -16.40 -9.39
N VAL A 547 -0.79 -15.12 -9.18
CA VAL A 547 0.25 -14.07 -9.03
C VAL A 547 0.21 -13.43 -7.65
N VAL A 548 1.34 -13.44 -6.96
CA VAL A 548 1.35 -13.06 -5.54
C VAL A 548 1.32 -11.53 -5.44
N SER A 549 2.15 -10.88 -6.24
CA SER A 549 2.13 -9.42 -6.23
C SER A 549 2.49 -8.86 -7.60
N PHE A 550 1.80 -7.78 -7.97
CA PHE A 550 1.97 -7.12 -9.25
C PHE A 550 1.96 -5.62 -9.01
N PRO A 551 2.73 -4.85 -9.81
CA PRO A 551 3.61 -5.16 -10.94
C PRO A 551 4.90 -5.83 -10.43
N ALA B 1 -3.60 35.95 -0.01
CA ALA B 1 -4.60 36.52 0.89
C ALA B 1 -4.89 35.49 1.96
N GLN B 2 -3.86 34.67 2.22
CA GLN B 2 -4.04 33.33 2.84
C GLN B 2 -2.80 32.77 3.63
N GLU B 3 -2.85 32.56 4.96
CA GLU B 3 -1.65 31.96 5.62
C GLU B 3 -1.66 30.42 5.57
N VAL B 4 -0.47 29.83 5.53
CA VAL B 4 -0.38 28.37 5.59
C VAL B 4 -0.28 28.02 7.07
N VAL B 5 -0.95 26.96 7.50
CA VAL B 5 -1.11 26.68 8.92
C VAL B 5 -0.07 25.67 9.40
N GLY B 6 0.69 26.10 10.41
CA GLY B 6 1.68 25.25 11.05
C GLY B 6 1.14 24.09 11.87
N GLY B 7 1.92 23.00 11.87
CA GLY B 7 1.67 21.88 12.77
C GLY B 7 0.50 21.02 12.30
N GLY B 8 0.10 20.08 13.14
CA GLY B 8 -1.00 19.16 12.81
C GLY B 8 -0.50 17.73 12.89
N ASP B 9 -1.35 16.77 12.57
CA ASP B 9 -0.92 15.41 12.71
C ASP B 9 -0.28 14.87 11.45
N LEU B 10 0.35 13.73 11.65
CA LEU B 10 1.45 13.30 10.79
C LEU B 10 0.94 12.31 9.76
N GLY B 11 -0.30 11.90 9.94
CA GLY B 11 -1.01 11.17 8.92
C GLY B 11 -1.00 9.68 9.14
N PRO B 12 -1.73 8.96 8.26
CA PRO B 12 -1.88 7.50 8.10
C PRO B 12 -0.59 6.69 7.98
N ASN B 13 0.53 7.35 7.73
CA ASN B 13 1.77 6.62 7.48
C ASN B 13 2.87 6.81 8.55
N VAL B 14 2.55 7.58 9.59
CA VAL B 14 3.44 7.70 10.76
C VAL B 14 2.83 6.92 11.89
N LEU B 15 3.48 5.82 12.25
CA LEU B 15 3.00 4.94 13.27
C LEU B 15 3.77 5.22 14.56
N VAL B 16 3.03 5.78 15.51
CA VAL B 16 3.59 6.20 16.80
C VAL B 16 3.23 5.28 17.95
N PHE B 17 4.27 4.72 18.57
CA PHE B 17 4.15 3.82 19.71
C PHE B 17 4.63 4.43 21.04
N ASP B 18 4.06 3.91 22.13
CA ASP B 18 4.69 3.81 23.44
C ASP B 18 4.74 2.33 23.92
N PRO B 19 5.35 2.05 25.08
CA PRO B 19 5.59 0.64 25.40
C PRO B 19 4.34 -0.24 25.58
N SER B 20 3.24 0.39 25.94
CA SER B 20 2.01 -0.37 26.20
C SER B 20 1.15 -0.68 24.99
N THR B 21 1.68 -0.57 23.77
CA THR B 21 0.80 -0.64 22.60
C THR B 21 0.50 -2.10 22.29
N PRO B 22 -0.78 -2.44 22.15
CA PRO B 22 -1.18 -3.82 21.86
C PRO B 22 -0.42 -4.50 20.70
N ASP B 23 0.45 -5.42 21.07
CA ASP B 23 1.07 -6.32 20.11
C ASP B 23 1.84 -5.48 19.11
N ILE B 24 2.78 -4.69 19.62
CA ILE B 24 3.67 -3.92 18.75
C ILE B 24 4.31 -4.82 17.70
N GLN B 25 4.68 -6.04 18.10
CA GLN B 25 5.33 -6.98 17.18
C GLN B 25 4.51 -7.24 15.90
N GLY B 26 3.20 -7.41 16.04
CA GLY B 26 2.36 -7.63 14.87
C GLY B 26 2.15 -6.38 14.02
N LYS B 27 2.14 -5.21 14.67
CA LYS B 27 1.92 -3.97 13.93
C LYS B 27 3.16 -3.64 13.08
N VAL B 28 4.35 -3.81 13.65
CA VAL B 28 5.55 -3.63 12.81
C VAL B 28 5.75 -4.77 11.80
N ASP B 29 5.32 -5.99 12.15
CA ASP B 29 5.32 -7.11 11.18
C ASP B 29 4.31 -6.84 10.05
N GLU B 30 3.20 -6.18 10.38
CA GLU B 30 2.16 -5.91 9.38
C GLU B 30 2.75 -4.95 8.32
N VAL B 31 3.62 -4.04 8.75
CA VAL B 31 4.37 -3.16 7.82
C VAL B 31 5.46 -3.90 7.04
N PHE B 32 6.23 -4.76 7.71
CA PHE B 32 7.36 -5.44 7.05
C PHE B 32 6.92 -6.34 5.93
N ARG B 33 5.95 -7.18 6.21
CA ARG B 33 5.59 -8.19 5.25
C ARG B 33 5.07 -7.48 3.94
N LYS B 34 4.42 -6.31 4.04
CA LYS B 34 4.14 -5.52 2.82
C LYS B 34 5.45 -4.97 2.24
N GLN B 35 6.20 -4.22 3.04
CA GLN B 35 7.38 -3.53 2.52
C GLN B 35 8.58 -4.40 2.19
N GLU B 36 8.58 -5.63 2.71
CA GLU B 36 9.69 -6.56 2.54
C GLU B 36 10.37 -6.57 1.16
N SER B 37 9.60 -6.82 0.12
CA SER B 37 10.10 -6.86 -1.27
C SER B 37 9.50 -5.76 -2.11
N ASN B 38 8.93 -4.74 -1.45
CA ASN B 38 8.23 -3.65 -2.13
C ASN B 38 9.25 -2.64 -2.63
N GLN B 39 9.99 -3.01 -3.67
CA GLN B 39 11.20 -2.24 -3.98
C GLN B 39 10.94 -0.89 -4.65
N PHE B 40 9.87 -0.82 -5.44
CA PHE B 40 9.59 0.36 -6.24
C PHE B 40 8.21 1.00 -5.96
N GLY B 41 7.35 0.32 -5.22
CA GLY B 41 6.02 0.86 -4.95
C GLY B 41 6.02 2.18 -4.17
N THR B 42 4.81 2.69 -3.96
CA THR B 42 4.60 4.05 -3.48
C THR B 42 4.36 4.09 -1.99
N ASP B 43 4.32 2.95 -1.32
CA ASP B 43 4.06 2.98 0.12
C ASP B 43 5.27 3.51 0.86
N ARG B 44 5.01 4.24 1.94
CA ARG B 44 6.04 4.87 2.73
C ARG B 44 5.61 4.80 4.20
N TYR B 45 6.53 4.49 5.12
CA TYR B 45 6.16 4.43 6.55
C TYR B 45 7.23 4.92 7.50
N ALA B 46 6.80 5.62 8.56
CA ALA B 46 7.65 6.03 9.68
C ALA B 46 7.16 5.33 10.92
N LEU B 47 8.05 4.61 11.59
CA LEU B 47 7.74 3.90 12.82
C LEU B 47 8.45 4.70 13.89
N MET B 48 7.68 5.38 14.75
CA MET B 48 8.28 6.34 15.66
C MET B 48 7.94 5.85 17.12
N PHE B 49 8.96 5.80 17.98
CA PHE B 49 8.86 5.13 19.31
C PHE B 49 9.04 6.12 20.44
N LYS B 50 8.00 6.27 21.26
CA LYS B 50 8.11 7.25 22.36
C LYS B 50 9.14 6.78 23.39
N PRO B 51 9.74 7.73 24.14
CA PRO B 51 10.75 7.32 25.14
C PRO B 51 10.27 6.24 26.11
N GLY B 52 11.18 5.34 26.48
CA GLY B 52 10.89 4.18 27.32
C GLY B 52 11.63 2.92 26.89
N THR B 53 11.15 1.79 27.40
CA THR B 53 11.77 0.49 27.27
C THR B 53 10.76 -0.48 26.67
N TYR B 54 11.24 -1.28 25.71
CA TYR B 54 10.41 -2.16 24.88
C TYR B 54 11.04 -3.55 24.88
N ASN B 55 10.25 -4.60 25.15
CA ASN B 55 10.75 -5.98 25.18
C ASN B 55 10.10 -6.89 24.11
N ASP B 56 10.80 -7.99 23.80
CA ASP B 56 10.28 -9.02 22.91
C ASP B 56 10.15 -8.49 21.48
N ILE B 57 10.86 -7.40 21.19
CA ILE B 57 10.70 -6.69 19.91
C ILE B 57 11.82 -7.03 18.93
N ASN B 58 11.46 -7.49 17.73
CA ASN B 58 12.35 -7.48 16.58
C ASN B 58 11.61 -6.76 15.47
N ALA B 59 12.02 -5.53 15.23
CA ALA B 59 11.44 -4.76 14.13
C ALA B 59 12.31 -5.03 12.92
N GLN B 60 11.85 -5.96 12.10
CA GLN B 60 12.41 -6.16 10.76
C GLN B 60 12.02 -5.01 9.86
N ILE B 61 13.01 -4.42 9.18
CA ILE B 61 12.85 -3.18 8.42
C ILE B 61 12.91 -3.43 6.90
N GLY B 62 11.77 -3.22 6.22
CA GLY B 62 11.69 -3.38 4.77
C GLY B 62 11.97 -2.10 4.00
N PHE B 63 11.62 -2.09 2.71
CA PHE B 63 11.78 -0.91 1.88
C PHE B 63 10.96 0.27 2.41
N TYR B 64 11.51 1.48 2.23
CA TYR B 64 10.81 2.72 2.53
C TYR B 64 10.23 2.73 3.93
N THR B 65 11.03 2.27 4.88
CA THR B 65 10.64 2.21 6.29
C THR B 65 11.76 2.87 7.12
N SER B 66 11.34 3.86 7.90
CA SER B 66 12.23 4.53 8.85
C SER B 66 11.73 4.23 10.24
N ILE B 67 12.67 3.93 11.13
CA ILE B 67 12.34 3.64 12.53
C ILE B 67 13.19 4.61 13.36
N ALA B 68 12.56 5.30 14.29
CA ALA B 68 13.28 6.25 15.11
C ALA B 68 12.66 6.37 16.50
N GLY B 69 13.52 6.62 17.47
CA GLY B 69 13.09 6.99 18.79
C GLY B 69 12.80 8.50 18.89
N LEU B 70 12.11 8.87 19.96
CA LEU B 70 11.59 10.23 20.14
C LEU B 70 12.11 10.97 21.40
N GLY B 71 13.24 10.52 21.98
CA GLY B 71 13.94 11.30 23.01
C GLY B 71 14.98 12.28 22.45
N LEU B 72 15.41 13.27 23.24
CA LEU B 72 16.63 14.02 22.92
C LEU B 72 17.84 13.10 22.72
N ASN B 73 17.82 11.95 23.42
CA ASN B 73 18.98 11.04 23.51
C ASN B 73 18.61 9.61 23.13
N PRO B 74 19.51 8.87 22.46
CA PRO B 74 19.04 7.58 21.98
C PRO B 74 18.72 6.54 23.10
N ASP B 75 19.39 6.63 24.24
CA ASP B 75 19.09 5.70 25.34
C ASP B 75 17.75 6.00 25.99
N ASP B 76 17.17 7.17 25.65
CA ASP B 76 15.82 7.51 26.11
C ASP B 76 14.81 6.46 25.60
N THR B 77 15.13 5.83 24.48
CA THR B 77 14.23 4.87 23.82
C THR B 77 15.00 3.57 23.57
N THR B 78 14.73 2.59 24.45
CA THR B 78 15.46 1.34 24.48
C THR B 78 14.61 0.15 24.06
N PHE B 79 15.08 -0.54 23.03
CA PHE B 79 14.60 -1.88 22.71
C PHE B 79 15.51 -2.90 23.37
N ASN B 80 14.91 -3.82 24.11
CA ASN B 80 15.57 -5.09 24.42
C ASN B 80 15.06 -5.98 23.31
N GLY B 81 15.91 -6.13 22.32
CA GLY B 81 15.50 -6.60 21.02
C GLY B 81 16.38 -5.99 19.95
N ASP B 82 15.86 -5.95 18.72
CA ASP B 82 16.68 -5.76 17.53
C ASP B 82 15.95 -4.88 16.53
N VAL B 83 16.75 -4.17 15.72
CA VAL B 83 16.26 -3.50 14.52
C VAL B 83 16.99 -4.16 13.36
N THR B 84 16.23 -4.93 12.60
CA THR B 84 16.78 -5.94 11.76
C THR B 84 16.60 -5.63 10.27
N VAL B 85 17.70 -5.67 9.52
CA VAL B 85 17.62 -5.80 8.07
C VAL B 85 18.36 -7.07 7.68
N ASP B 86 17.59 -8.01 7.11
CA ASP B 86 18.15 -9.26 6.58
C ASP B 86 17.87 -9.34 5.07
N ALA B 87 18.43 -10.33 4.39
CA ALA B 87 18.26 -10.49 2.94
C ALA B 87 17.46 -11.75 2.64
N GLY B 88 17.65 -12.37 1.50
CA GLY B 88 17.06 -13.69 1.43
C GLY B 88 15.53 -13.69 1.29
N TRP B 89 14.87 -12.53 1.36
CA TRP B 89 13.78 -12.38 0.38
C TRP B 89 14.57 -12.43 -0.93
N PHE B 90 15.88 -12.20 -0.80
CA PHE B 90 16.88 -12.33 -1.88
C PHE B 90 18.05 -13.35 -1.67
N ASP B 91 17.68 -14.60 -1.46
CA ASP B 91 18.59 -15.69 -0.99
C ASP B 91 20.01 -15.19 -0.67
N GLY B 92 20.10 -14.29 0.30
CA GLY B 92 21.38 -13.81 0.81
C GLY B 92 22.00 -12.61 0.13
N ASN B 93 21.36 -12.11 -0.94
CA ASN B 93 21.86 -10.98 -1.74
C ASN B 93 21.43 -9.54 -1.31
N ALA B 94 22.05 -9.01 -0.25
CA ALA B 94 21.64 -7.72 0.29
C ALA B 94 21.90 -6.51 -0.63
N THR B 95 22.38 -6.75 -1.87
CA THR B 95 22.71 -5.66 -2.79
C THR B 95 21.55 -4.73 -3.11
N GLN B 96 20.30 -5.20 -2.96
CA GLN B 96 19.13 -4.37 -3.22
C GLN B 96 18.40 -3.91 -1.95
N ASN B 97 19.09 -3.97 -0.82
CA ASN B 97 18.54 -3.51 0.46
C ASN B 97 18.72 -2.01 0.67
N PHE B 98 17.85 -1.28 -0.03
CA PHE B 98 17.89 0.16 -0.15
C PHE B 98 16.76 0.89 0.61
N TRP B 99 16.94 2.21 0.73
CA TRP B 99 15.88 3.16 1.11
C TRP B 99 15.16 2.83 2.42
N ARG B 100 15.90 2.87 3.50
CA ARG B 100 15.32 2.60 4.81
C ARG B 100 16.26 3.13 5.87
N SER B 101 15.81 3.25 7.10
CA SER B 101 16.67 3.94 8.04
C SER B 101 16.36 3.65 9.48
N ALA B 102 17.40 3.79 10.32
CA ALA B 102 17.23 3.70 11.78
C ALA B 102 17.93 4.85 12.45
N GLU B 103 17.30 5.42 13.49
CA GLU B 103 18.02 6.42 14.28
C GLU B 103 17.45 6.63 15.68
N ASN B 104 18.30 7.14 16.54
CA ASN B 104 17.91 7.67 17.84
C ASN B 104 17.27 6.60 18.74
N LEU B 105 17.88 5.43 18.73
CA LEU B 105 17.47 4.27 19.55
C LEU B 105 18.67 3.62 20.22
N ALA B 106 18.46 3.05 21.41
CA ALA B 106 19.41 2.14 22.00
C ALA B 106 18.88 0.72 21.82
N LEU B 107 19.73 -0.19 21.35
CA LEU B 107 19.38 -1.59 21.09
C LEU B 107 20.20 -2.49 22.02
N ASN B 108 19.52 -3.44 22.63
CA ASN B 108 20.15 -4.49 23.41
C ASN B 108 19.79 -5.80 22.70
N PRO B 109 20.58 -6.15 21.70
CA PRO B 109 20.16 -7.09 20.67
C PRO B 109 19.95 -8.46 21.24
N VAL B 110 18.91 -9.13 20.74
CA VAL B 110 18.32 -10.20 21.48
C VAL B 110 19.41 -11.02 22.00
N ASN B 111 20.45 -11.24 21.19
CA ASN B 111 21.43 -12.30 21.39
C ASN B 111 22.92 -11.75 21.28
N GLY B 112 23.10 -10.47 21.57
CA GLY B 112 24.42 -9.85 21.58
C GLY B 112 24.84 -9.09 20.30
N THR B 113 24.24 -9.43 19.15
CA THR B 113 24.52 -8.72 17.91
C THR B 113 23.25 -8.40 17.15
N ASN B 114 23.22 -7.19 16.63
CA ASN B 114 22.11 -6.70 15.82
C ASN B 114 22.56 -6.83 14.37
N ARG B 115 21.70 -7.40 13.51
CA ARG B 115 22.01 -7.43 12.09
C ARG B 115 21.40 -6.28 11.29
N TRP B 116 22.27 -5.55 10.61
CA TRP B 116 21.88 -4.42 9.74
C TRP B 116 22.49 -4.65 8.35
N ALA B 117 21.93 -5.60 7.59
CA ALA B 117 22.54 -6.04 6.33
C ALA B 117 21.98 -5.29 5.13
N VAL B 118 22.48 -4.07 4.99
CA VAL B 118 21.95 -3.12 4.00
C VAL B 118 22.93 -2.82 2.89
N SER B 119 22.43 -2.18 1.83
CA SER B 119 23.28 -1.60 0.83
C SER B 119 23.02 -0.08 0.83
N GLN B 120 22.87 0.55 -0.32
CA GLN B 120 22.86 2.02 -0.35
C GLN B 120 21.60 2.66 0.21
N ALA B 121 21.76 3.90 0.68
CA ALA B 121 20.64 4.73 1.20
C ALA B 121 19.92 4.04 2.34
N ALA B 122 20.70 3.57 3.30
CA ALA B 122 20.17 2.92 4.49
C ALA B 122 20.87 3.42 5.76
N PRO B 123 20.73 4.71 6.06
CA PRO B 123 21.52 5.32 7.12
C PRO B 123 21.18 4.76 8.50
N PHE B 124 22.22 4.75 9.33
CA PHE B 124 22.14 4.29 10.71
C PHE B 124 22.78 5.40 11.50
N ARG B 125 21.95 6.23 12.14
CA ARG B 125 22.43 7.45 12.80
C ARG B 125 22.03 7.53 14.25
N ARG B 126 22.91 8.05 15.10
CA ARG B 126 22.50 8.38 16.45
C ARG B 126 21.97 7.14 17.17
N MET B 127 22.62 6.01 16.92
CA MET B 127 22.25 4.73 17.51
C MET B 127 23.24 4.32 18.62
N HIS B 128 22.70 3.71 19.66
CA HIS B 128 23.51 3.08 20.67
C HIS B 128 23.24 1.56 20.69
N VAL B 129 24.19 0.78 20.18
CA VAL B 129 24.07 -0.66 20.13
C VAL B 129 24.87 -1.25 21.31
N LYS B 130 24.14 -1.80 22.28
CA LYS B 130 24.75 -2.43 23.45
C LYS B 130 25.08 -3.87 23.13
N GLY B 131 26.12 -4.02 22.30
CA GLY B 131 26.51 -5.31 21.73
C GLY B 131 27.24 -5.06 20.41
N GLY B 132 27.24 -6.08 19.55
CA GLY B 132 27.91 -6.03 18.28
C GLY B 132 26.94 -5.67 17.17
N LEU B 133 27.49 -5.32 16.01
CA LEU B 133 26.68 -4.93 14.85
C LEU B 133 27.21 -5.70 13.66
N ASN B 134 26.37 -6.58 13.10
CA ASN B 134 26.71 -7.41 11.95
C ASN B 134 26.10 -6.71 10.78
N LEU B 135 26.92 -6.37 9.79
CA LEU B 135 26.44 -5.62 8.63
C LEU B 135 26.29 -6.49 7.39
N ALA B 136 26.59 -7.78 7.49
CA ALA B 136 26.54 -8.65 6.31
C ALA B 136 25.30 -9.52 6.28
N PRO B 137 24.89 -9.93 5.08
CA PRO B 137 23.92 -11.01 4.98
C PRO B 137 24.51 -12.32 5.59
N ASP B 138 23.86 -13.42 5.28
CA ASP B 138 24.09 -14.72 5.91
C ASP B 138 24.22 -15.74 4.80
N GLY B 139 25.46 -16.09 4.49
CA GLY B 139 25.88 -17.08 3.50
C GLY B 139 27.30 -16.67 3.74
N TYR B 140 27.79 -15.77 2.94
CA TYR B 140 28.04 -14.44 3.57
C TYR B 140 27.90 -13.49 2.44
N GLY B 141 26.65 -13.37 2.04
CA GLY B 141 26.31 -12.93 0.70
C GLY B 141 26.78 -11.55 0.26
N TRP B 142 26.46 -11.22 -0.98
CA TRP B 142 26.82 -9.93 -1.57
C TRP B 142 26.19 -8.80 -0.74
N ALA B 143 26.97 -7.74 -0.46
CA ALA B 143 26.42 -6.57 0.20
C ALA B 143 27.23 -5.30 -0.15
N SER B 144 26.53 -4.17 -0.31
CA SER B 144 27.14 -2.94 -0.85
C SER B 144 26.63 -1.64 -0.13
N GLY B 145 26.77 -1.56 1.19
CA GLY B 145 26.49 -0.31 1.91
C GLY B 145 27.68 0.65 1.91
N GLY B 146 27.75 1.57 2.86
CA GLY B 146 26.79 1.76 3.94
C GLY B 146 27.28 2.96 4.73
N TYR B 147 26.52 3.33 5.75
CA TYR B 147 26.68 4.62 6.41
C TYR B 147 26.25 4.53 7.87
N ILE B 148 27.21 4.81 8.76
CA ILE B 148 26.96 4.97 10.18
C ILE B 148 27.48 6.34 10.59
N ALA B 149 26.65 7.10 11.30
CA ALA B 149 27.11 8.36 11.88
C ALA B 149 26.58 8.55 13.28
N ASP B 150 27.38 9.21 14.09
CA ASP B 150 26.94 9.67 15.41
C ASP B 150 26.41 8.55 16.31
N SER B 151 27.06 7.40 16.21
CA SER B 151 26.61 6.20 16.91
C SER B 151 27.67 5.60 17.80
N LYS B 152 27.20 4.84 18.78
CA LYS B 152 28.06 4.17 19.76
C LYS B 152 27.75 2.66 19.65
N ILE B 153 28.75 1.87 19.23
CA ILE B 153 28.62 0.39 19.17
C ILE B 153 29.55 -0.14 20.27
N ASP B 154 28.97 -0.59 21.37
CA ASP B 154 29.78 -1.04 22.51
C ASP B 154 30.70 -2.21 22.14
N GLY B 155 30.16 -3.19 21.41
CA GLY B 155 30.92 -4.34 20.95
C GLY B 155 31.53 -4.15 19.57
N GLU B 156 31.70 -5.24 18.85
CA GLU B 156 32.34 -5.20 17.54
C GLU B 156 31.38 -4.98 16.37
N VAL B 157 31.81 -4.16 15.42
CA VAL B 157 31.19 -4.11 14.11
C VAL B 157 31.80 -5.18 13.18
N GLY B 158 30.96 -5.93 12.49
CA GLY B 158 31.43 -6.99 11.61
C GLY B 158 30.89 -6.80 10.20
N PRO B 159 31.71 -6.25 9.30
CA PRO B 159 31.28 -6.07 7.92
C PRO B 159 31.14 -7.38 7.14
N TYR B 160 32.03 -8.36 7.37
CA TYR B 160 32.05 -9.62 6.62
C TYR B 160 32.11 -9.36 5.09
N SER B 161 31.07 -9.69 4.35
CA SER B 161 31.12 -9.57 2.90
C SER B 161 30.93 -8.16 2.33
N GLN B 162 30.37 -7.23 3.12
CA GLN B 162 30.27 -5.82 2.69
C GLN B 162 31.48 -5.31 1.92
N GLN B 163 31.27 -4.75 0.72
CA GLN B 163 32.42 -4.32 -0.07
C GLN B 163 33.12 -3.09 0.49
N GLN B 164 32.31 -2.13 0.96
CA GLN B 164 32.84 -0.85 1.37
C GLN B 164 31.91 -0.31 2.46
N TRP B 165 32.35 0.73 3.14
CA TRP B 165 31.58 1.28 4.26
C TRP B 165 32.15 2.61 4.69
N TYR B 166 31.27 3.50 5.18
CA TYR B 166 31.71 4.78 5.75
C TYR B 166 31.11 4.95 7.13
N THR B 167 31.97 5.27 8.09
CA THR B 167 31.56 5.54 9.47
C THR B 167 32.12 6.89 9.85
N ARG B 168 31.29 7.76 10.41
CA ARG B 168 31.83 9.00 11.00
C ARG B 168 31.35 9.35 12.40
N ASP B 169 32.21 10.05 13.11
CA ASP B 169 31.90 10.75 14.37
C ASP B 169 31.10 9.82 15.30
N SER B 170 31.73 8.69 15.58
CA SER B 170 31.14 7.58 16.30
C SER B 170 32.15 6.97 17.26
N SER B 171 31.72 5.94 18.01
CA SER B 171 32.64 5.07 18.75
C SER B 171 32.28 3.60 18.56
N VAL B 172 33.29 2.78 18.28
CA VAL B 172 33.10 1.34 18.10
C VAL B 172 33.99 0.53 19.03
N GLY B 173 33.46 -0.58 19.51
CA GLY B 173 34.21 -1.48 20.39
C GLY B 173 35.29 -2.22 19.64
N GLY B 174 34.95 -2.77 18.46
CA GLY B 174 35.92 -3.36 17.57
C GLY B 174 35.54 -3.17 16.10
N TRP B 175 36.50 -3.37 15.20
CA TRP B 175 36.23 -3.40 13.77
C TRP B 175 36.85 -4.64 13.12
N GLY B 176 36.00 -5.53 12.60
CA GLY B 176 36.41 -6.91 12.32
C GLY B 176 37.18 -7.20 11.04
N ASN B 177 37.14 -6.28 10.08
CA ASN B 177 37.63 -6.51 8.71
C ASN B 177 37.27 -5.41 7.71
N GLY B 178 37.87 -5.51 6.52
CA GLY B 178 37.48 -4.70 5.39
C GLY B 178 37.64 -5.49 4.12
N VAL B 179 36.84 -5.15 3.11
CA VAL B 179 36.86 -5.88 1.84
C VAL B 179 37.58 -5.02 0.81
N TRP B 180 36.91 -3.99 0.28
CA TRP B 180 37.53 -3.08 -0.67
C TRP B 180 37.87 -1.67 -0.13
N ASN B 181 36.95 -1.07 0.62
CA ASN B 181 37.15 0.30 1.07
C ASN B 181 36.34 0.60 2.33
N MET B 182 36.97 0.47 3.51
CA MET B 182 36.35 0.89 4.74
C MET B 182 37.00 2.19 5.20
N THR B 183 36.23 3.27 5.18
CA THR B 183 36.71 4.59 5.57
C THR B 183 36.05 5.06 6.89
N PHE B 184 36.86 5.74 7.70
CA PHE B 184 36.46 6.23 9.02
C PHE B 184 36.92 7.67 9.15
N SER B 185 36.08 8.53 9.70
CA SER B 185 36.54 9.85 10.14
C SER B 185 35.88 10.21 11.46
N GLY B 186 36.68 10.62 12.43
CA GLY B 186 36.17 10.94 13.74
C GLY B 186 35.67 9.75 14.54
N VAL B 187 36.22 8.56 14.26
CA VAL B 187 35.75 7.32 14.89
C VAL B 187 36.67 6.80 15.99
N GLU B 188 36.23 6.97 17.22
CA GLU B 188 36.90 6.35 18.35
C GLU B 188 36.84 4.84 18.20
N GLY B 189 38.01 4.20 18.19
CA GLY B 189 38.11 2.77 18.09
C GLY B 189 38.32 2.27 16.68
N ALA B 190 38.38 3.21 15.72
CA ALA B 190 38.60 2.84 14.34
C ALA B 190 39.90 2.03 14.18
N PRO B 191 39.92 1.16 13.18
CA PRO B 191 41.22 0.55 12.89
C PRO B 191 42.20 1.57 12.30
N ALA B 192 43.47 1.39 12.68
CA ALA B 192 44.58 2.15 12.11
C ALA B 192 44.68 2.11 10.58
N GLN B 193 44.84 3.31 10.06
CA GLN B 193 45.11 3.57 8.65
C GLN B 193 46.13 2.57 8.14
N SER B 194 45.71 1.75 7.19
CA SER B 194 46.47 0.58 6.65
C SER B 194 46.43 0.43 5.15
N PHE B 195 45.68 1.27 4.46
CA PHE B 195 45.46 1.06 3.03
C PHE B 195 46.85 0.90 2.42
N PRO B 196 47.04 -0.11 1.56
CA PRO B 196 46.17 -1.09 0.87
C PRO B 196 45.55 -2.33 1.59
N GLU B 197 46.15 -2.90 2.64
CA GLU B 197 45.72 -4.23 3.12
C GLU B 197 45.98 -4.42 4.61
N PRO B 198 44.92 -4.37 5.44
CA PRO B 198 43.50 -4.26 5.07
C PRO B 198 43.12 -2.84 4.62
N PRO B 199 42.25 -2.72 3.63
CA PRO B 199 42.06 -1.37 3.07
C PRO B 199 41.23 -0.40 3.94
N TYR B 200 41.86 0.07 5.01
CA TYR B 200 41.31 1.05 5.93
C TYR B 200 41.88 2.43 5.65
N THR B 201 40.97 3.38 5.43
CA THR B 201 41.26 4.79 5.35
C THR B 201 40.70 5.42 6.64
N THR B 202 41.60 5.92 7.49
CA THR B 202 41.22 6.40 8.80
C THR B 202 41.72 7.82 9.07
N LEU B 203 40.78 8.73 9.31
CA LEU B 203 41.09 10.13 9.60
C LEU B 203 40.69 10.41 11.05
N GLU B 204 41.53 11.10 11.83
CA GLU B 204 41.26 11.17 13.26
C GLU B 204 40.00 12.02 13.54
N THR B 205 39.74 13.05 12.71
CA THR B 205 38.55 13.89 12.91
C THR B 205 37.86 14.15 11.59
N THR B 206 36.59 14.51 11.67
CA THR B 206 35.85 14.93 10.49
C THR B 206 35.94 16.44 10.36
N PRO B 207 36.28 16.95 9.14
CA PRO B 207 36.53 18.37 8.91
C PRO B 207 35.49 19.31 9.52
N VAL B 208 34.25 19.08 9.11
CA VAL B 208 33.09 19.71 9.73
C VAL B 208 31.95 18.72 9.61
N SER B 209 31.05 18.72 10.59
CA SER B 209 29.85 17.90 10.54
C SER B 209 28.75 18.47 11.41
N ARG B 210 27.52 18.29 10.99
CA ARG B 210 26.36 18.76 11.73
C ARG B 210 25.32 17.64 11.67
N GLU B 211 24.95 17.11 12.82
CA GLU B 211 24.05 15.97 12.85
C GLU B 211 22.65 16.30 12.33
N LYS B 212 22.05 15.29 11.71
CA LYS B 212 20.75 15.45 11.03
C LYS B 212 19.71 15.87 12.07
N PRO B 213 18.85 16.84 11.74
CA PRO B 213 17.70 17.18 12.59
C PRO B 213 16.76 15.98 12.72
N PHE B 214 16.09 15.91 13.86
CA PHE B 214 15.21 14.80 14.15
C PHE B 214 14.03 15.20 15.03
N LEU B 215 12.95 14.44 14.87
CA LEU B 215 11.77 14.64 15.67
C LEU B 215 11.93 13.98 17.06
N TYR B 216 11.56 14.70 18.13
CA TYR B 216 11.49 14.16 19.50
C TYR B 216 10.22 14.64 20.23
N LEU B 217 10.05 14.23 21.49
CA LEU B 217 8.93 14.67 22.35
C LEU B 217 9.39 15.33 23.62
N ASP B 218 8.79 16.50 23.88
CA ASP B 218 8.89 17.25 25.14
C ASP B 218 7.47 17.46 25.71
N GLY B 219 7.07 16.56 26.62
CA GLY B 219 5.74 16.58 27.19
C GLY B 219 4.86 15.82 26.18
N ASP B 220 3.65 16.33 25.92
CA ASP B 220 2.94 15.88 24.74
C ASP B 220 3.07 16.90 23.57
N ASP B 221 4.22 17.57 23.53
CA ASP B 221 4.61 18.47 22.41
C ASP B 221 5.78 17.92 21.59
N TYR B 222 5.55 17.81 20.29
CA TYR B 222 6.61 17.43 19.37
C TYR B 222 7.49 18.66 19.12
N LYS B 223 8.80 18.44 19.21
CA LYS B 223 9.78 19.41 18.77
C LYS B 223 10.67 18.78 17.67
N VAL B 224 11.56 19.57 17.09
CA VAL B 224 12.55 19.06 16.13
C VAL B 224 13.90 19.58 16.63
N PHE B 225 14.81 18.67 16.97
CA PHE B 225 16.14 19.07 17.44
C PHE B 225 16.92 19.38 16.20
N VAL B 226 17.59 20.54 16.19
CA VAL B 226 18.41 21.00 15.08
C VAL B 226 19.83 21.12 15.61
N PRO B 227 20.63 20.09 15.40
CA PRO B 227 21.98 20.05 15.98
C PRO B 227 22.91 21.15 15.47
N ALA B 228 23.57 21.83 16.43
CA ALA B 228 24.68 22.74 16.14
C ALA B 228 25.89 22.03 15.50
N LYS B 229 26.61 22.71 14.60
CA LYS B 229 27.79 22.11 13.95
C LYS B 229 29.02 21.87 14.84
N ARG B 230 29.78 20.83 14.45
CA ARG B 230 31.06 20.48 15.05
C ARG B 230 32.20 20.58 14.03
N THR B 231 33.17 21.46 14.25
CA THR B 231 34.41 21.39 13.45
C THR B 231 35.44 20.42 14.10
N ASN B 232 36.12 19.67 13.24
CA ASN B 232 37.12 18.71 13.70
C ASN B 232 36.45 17.73 14.71
N ALA B 233 35.31 17.21 14.27
CA ALA B 233 34.46 16.29 15.04
C ALA B 233 35.10 14.92 15.29
N ARG B 234 34.82 14.38 16.46
CA ARG B 234 35.31 13.06 16.82
C ARG B 234 34.44 12.50 17.95
N GLY B 235 34.02 11.24 17.77
CA GLY B 235 33.16 10.60 18.72
C GLY B 235 31.74 11.14 18.59
N THR B 236 30.85 10.57 19.39
CA THR B 236 29.43 10.90 19.26
C THR B 236 29.19 12.34 19.72
N SER B 237 28.19 12.97 19.13
CA SER B 237 27.81 14.29 19.54
C SER B 237 27.36 14.09 20.96
N TRP B 238 26.41 13.17 21.13
CA TRP B 238 25.75 12.95 22.40
C TRP B 238 26.53 12.13 23.44
N GLY B 239 27.35 11.15 23.05
CA GLY B 239 27.88 10.18 24.01
C GLY B 239 28.94 10.77 24.88
N ASN B 240 28.73 12.04 25.18
CA ASN B 240 29.55 12.76 26.07
C ASN B 240 28.60 13.80 26.69
N GLY B 241 27.25 13.57 26.60
CA GLY B 241 26.19 14.53 26.97
C GLY B 241 24.75 14.54 26.30
N THR B 242 24.02 15.66 26.44
CA THR B 242 22.86 16.05 25.54
C THR B 242 23.25 17.28 24.72
N PRO B 243 23.61 17.11 23.47
CA PRO B 243 24.29 18.35 23.21
C PRO B 243 23.55 19.57 22.69
N GLU B 244 24.28 20.30 21.84
CA GLU B 244 23.97 21.64 21.47
C GLU B 244 23.04 21.52 20.27
N GLY B 245 22.01 22.36 20.25
CA GLY B 245 21.14 22.48 19.09
C GLY B 245 19.88 23.30 19.32
N GLU B 246 19.30 23.75 18.22
CA GLU B 246 18.04 24.45 18.31
C GLU B 246 16.99 23.42 18.65
N SER B 247 15.96 23.83 19.38
CA SER B 247 14.77 23.02 19.48
C SER B 247 13.56 23.82 18.93
N LEU B 248 12.99 23.34 17.82
CA LEU B 248 11.82 23.96 17.19
C LEU B 248 10.51 23.20 17.48
N PRO B 249 9.42 23.92 17.86
CA PRO B 249 8.24 23.09 18.09
C PRO B 249 7.48 22.76 16.79
N LEU B 250 6.70 21.68 16.76
CA LEU B 250 5.99 21.28 15.53
C LEU B 250 5.17 22.45 14.97
N ASP B 251 4.78 23.34 15.91
CA ASP B 251 4.15 24.66 15.67
C ASP B 251 4.77 25.55 14.59
N GLN B 252 6.01 25.28 14.21
CA GLN B 252 6.70 26.13 13.24
C GLN B 252 6.92 25.39 11.90
N PHE B 253 6.34 24.19 11.74
CA PHE B 253 6.48 23.38 10.51
C PHE B 253 5.18 23.26 9.71
N TYR B 254 5.25 23.51 8.41
CA TYR B 254 4.16 23.03 7.55
C TYR B 254 4.31 21.50 7.50
N VAL B 255 3.26 20.80 7.93
CA VAL B 255 3.27 19.35 7.99
C VAL B 255 2.66 18.90 6.69
N VAL B 256 3.54 18.60 5.77
CA VAL B 256 3.09 18.42 4.42
C VAL B 256 2.58 16.97 4.26
N LYS B 257 1.44 16.86 3.58
CA LYS B 257 0.92 15.58 3.07
C LYS B 257 0.86 15.61 1.54
N PRO B 258 1.01 14.45 0.88
CA PRO B 258 0.92 14.33 -0.59
C PRO B 258 -0.27 15.06 -1.31
N GLY B 259 0.02 15.59 -2.50
CA GLY B 259 -0.93 16.40 -3.25
C GLY B 259 -1.03 17.84 -2.76
N ALA B 260 -0.07 18.25 -1.92
CA ALA B 260 0.10 19.68 -1.68
C ALA B 260 0.69 20.13 -2.97
N THR B 261 0.67 21.44 -3.17
CA THR B 261 1.24 22.03 -4.34
C THR B 261 2.59 22.55 -3.96
N ALA B 262 3.46 22.61 -4.94
CA ALA B 262 4.68 23.37 -4.77
C ALA B 262 4.36 24.77 -4.23
N GLU B 263 3.35 25.43 -4.81
CA GLU B 263 2.98 26.80 -4.38
C GLU B 263 2.57 26.87 -2.90
N THR B 264 1.83 25.88 -2.42
CA THR B 264 1.52 25.82 -1.01
C THR B 264 2.78 25.64 -0.16
N ILE B 265 3.57 24.63 -0.49
CA ILE B 265 4.85 24.39 0.17
C ILE B 265 5.74 25.65 0.11
N ASN B 266 5.78 26.29 -1.06
CA ASN B 266 6.60 27.49 -1.24
C ASN B 266 6.09 28.70 -0.47
N ALA B 267 4.76 28.84 -0.43
CA ALA B 267 4.15 29.88 0.38
C ALA B 267 4.47 29.65 1.84
N ALA B 268 4.54 28.39 2.26
CA ALA B 268 4.86 28.10 3.66
C ALA B 268 6.23 28.62 4.03
N VAL B 269 7.22 28.28 3.21
CA VAL B 269 8.60 28.66 3.50
C VAL B 269 8.73 30.20 3.57
N ASP B 270 8.12 30.88 2.61
CA ASP B 270 8.22 32.33 2.56
C ASP B 270 7.75 32.99 3.83
N GLN B 271 6.82 32.32 4.49
CA GLN B 271 6.04 32.97 5.49
C GLN B 271 6.62 32.49 6.81
N GLY B 272 7.75 31.76 6.74
CA GLY B 272 8.52 31.41 7.91
C GLY B 272 8.27 30.05 8.49
N LEU B 273 7.59 29.17 7.77
CA LEU B 273 7.41 27.81 8.25
C LEU B 273 8.59 26.98 7.76
N HIS B 274 8.99 26.03 8.59
CA HIS B 274 9.85 24.94 8.16
C HIS B 274 8.95 23.87 7.48
N LEU B 275 9.57 22.85 6.89
CA LEU B 275 8.85 21.79 6.18
C LEU B 275 9.11 20.44 6.82
N LEU B 276 8.02 19.71 7.07
CA LEU B 276 8.08 18.33 7.56
C LEU B 276 7.29 17.47 6.59
N PHE B 277 8.00 16.67 5.81
CA PHE B 277 7.37 15.85 4.79
C PHE B 277 7.00 14.50 5.38
N THR B 278 5.70 14.29 5.60
CA THR B 278 5.20 13.03 6.12
C THR B 278 5.43 11.95 5.06
N PRO B 279 5.46 10.68 5.47
CA PRO B 279 5.82 9.65 4.48
C PRO B 279 4.79 9.53 3.36
N GLY B 280 5.22 9.95 2.19
CA GLY B 280 4.38 9.88 1.01
C GLY B 280 5.18 10.16 -0.24
N VAL B 281 4.46 10.18 -1.34
CA VAL B 281 5.04 10.42 -2.66
C VAL B 281 4.37 11.67 -3.23
N TYR B 282 5.13 12.76 -3.33
CA TYR B 282 4.60 14.08 -3.69
C TYR B 282 5.00 14.52 -5.10
N HIS B 283 4.01 14.79 -5.94
CA HIS B 283 4.29 15.37 -7.26
C HIS B 283 4.24 16.88 -7.15
N VAL B 284 5.30 17.55 -7.64
CA VAL B 284 5.33 19.01 -7.72
C VAL B 284 5.34 19.46 -9.18
N ASP B 285 4.56 20.49 -9.45
CA ASP B 285 4.35 20.88 -10.83
C ASP B 285 5.14 22.10 -11.11
N GLN B 286 6.15 22.33 -10.27
CA GLN B 286 7.08 23.45 -10.33
C GLN B 286 8.04 23.37 -9.10
N PRO B 287 9.27 23.96 -9.17
CA PRO B 287 10.09 23.52 -8.01
C PRO B 287 9.76 24.02 -6.61
N ILE B 288 10.07 23.20 -5.65
CA ILE B 288 10.07 23.60 -4.26
C ILE B 288 11.25 24.54 -4.06
N GLU B 289 10.93 25.76 -3.67
CA GLU B 289 11.92 26.79 -3.49
C GLU B 289 12.10 27.12 -2.01
N ILE B 290 13.35 27.10 -1.56
CA ILE B 290 13.65 27.44 -0.18
C ILE B 290 14.70 28.52 -0.20
N ASP B 291 14.23 29.74 0.05
CA ASP B 291 15.04 30.93 -0.07
C ASP B 291 15.03 31.71 1.23
N ARG B 292 14.88 30.94 2.29
CA ARG B 292 14.88 31.40 3.66
C ARG B 292 16.02 30.84 4.46
N ALA B 293 16.86 31.70 5.04
CA ALA B 293 17.95 31.20 5.86
C ALA B 293 17.43 30.32 7.00
N ASN B 294 18.20 29.29 7.36
CA ASN B 294 17.90 28.42 8.51
C ASN B 294 16.68 27.49 8.37
N THR B 295 16.11 27.43 7.18
CA THR B 295 14.95 26.53 6.94
C THR B 295 15.35 25.07 7.03
N VAL B 296 14.61 24.33 7.87
CA VAL B 296 14.72 22.89 7.96
C VAL B 296 13.64 22.26 7.06
N ALA B 297 14.08 21.37 6.17
CA ALA B 297 13.17 20.56 5.35
C ALA B 297 13.48 19.10 5.59
N LEU B 298 12.66 18.49 6.45
CA LEU B 298 12.93 17.17 6.99
C LEU B 298 11.88 16.19 6.48
N GLY B 299 12.33 15.10 5.86
CA GLY B 299 11.41 14.04 5.48
C GLY B 299 11.36 12.90 6.48
N LEU B 300 10.23 12.20 6.52
CA LEU B 300 10.03 11.02 7.31
C LEU B 300 9.63 9.89 6.38
N GLY B 301 10.06 8.69 6.74
CA GLY B 301 9.68 7.49 6.01
C GLY B 301 9.99 7.52 4.52
N LEU B 302 11.15 8.06 4.14
CA LEU B 302 11.55 8.10 2.74
C LEU B 302 10.54 8.87 1.87
N ALA B 303 9.98 9.93 2.45
CA ALA B 303 9.19 10.88 1.71
C ALA B 303 9.89 11.22 0.39
N THR B 304 9.09 11.28 -0.66
CA THR B 304 9.62 11.31 -2.03
C THR B 304 9.01 12.44 -2.82
N ILE B 305 9.84 13.17 -3.55
CA ILE B 305 9.35 14.21 -4.46
C ILE B 305 9.64 13.81 -5.88
N ILE B 306 8.58 13.90 -6.70
CA ILE B 306 8.69 13.67 -8.12
C ILE B 306 8.35 14.93 -8.89
N PRO B 307 9.34 15.51 -9.60
CA PRO B 307 9.03 16.70 -10.41
C PRO B 307 8.33 16.27 -11.69
N ASP B 308 7.30 17.04 -12.01
CA ASP B 308 6.52 16.82 -13.20
C ASP B 308 6.98 17.83 -14.23
N ASN B 309 6.65 17.53 -15.48
CA ASN B 309 6.74 18.49 -16.57
C ASN B 309 8.18 18.96 -16.82
N GLY B 310 9.14 18.15 -16.39
CA GLY B 310 10.55 18.44 -16.58
C GLY B 310 11.09 19.49 -15.64
N VAL B 311 10.35 19.84 -14.60
CA VAL B 311 10.84 20.86 -13.67
C VAL B 311 11.95 20.33 -12.72
N THR B 312 12.71 21.25 -12.13
CA THR B 312 13.60 20.88 -11.03
C THR B 312 12.76 20.61 -9.82
N ALA B 313 13.14 19.63 -9.00
CA ALA B 313 12.33 19.26 -7.83
C ALA B 313 12.54 20.21 -6.66
N LEU B 314 13.78 20.60 -6.41
CA LEU B 314 14.12 21.47 -5.30
C LEU B 314 15.20 22.41 -5.70
N LYS B 315 14.96 23.67 -5.37
CA LYS B 315 16.03 24.64 -5.37
C LYS B 315 16.18 25.37 -4.06
N VAL B 316 17.41 25.44 -3.59
CA VAL B 316 17.72 26.24 -2.41
C VAL B 316 18.44 27.54 -2.86
N GLY B 317 17.99 28.68 -2.36
CA GLY B 317 18.63 29.97 -2.66
C GLY B 317 19.98 30.17 -1.97
N ASP B 318 20.53 31.38 -2.11
CA ASP B 318 21.88 31.68 -1.61
C ASP B 318 21.86 32.17 -0.17
N VAL B 319 21.45 31.27 0.71
CA VAL B 319 21.21 31.57 2.12
C VAL B 319 21.97 30.61 3.01
N ASP B 320 22.28 31.09 4.22
CA ASP B 320 22.91 30.31 5.26
C ASP B 320 21.94 29.25 5.81
N GLY B 321 22.50 28.15 6.29
CA GLY B 321 21.85 27.33 7.29
C GLY B 321 20.67 26.44 6.90
N VAL B 322 20.42 26.28 5.60
CA VAL B 322 19.29 25.43 5.20
C VAL B 322 19.71 23.98 5.46
N LYS B 323 18.77 23.18 5.95
CA LYS B 323 19.04 21.80 6.33
C LYS B 323 18.02 20.88 5.64
N VAL B 324 18.43 20.27 4.55
CA VAL B 324 17.57 19.35 3.82
C VAL B 324 17.95 17.94 4.27
N ALA B 325 16.97 17.16 4.68
CA ALA B 325 17.25 15.87 5.31
C ALA B 325 16.20 14.84 4.98
N GLY B 326 16.64 13.65 4.55
CA GLY B 326 15.75 12.50 4.48
C GLY B 326 14.65 12.50 3.43
N LEU B 327 15.04 12.87 2.21
CA LEU B 327 14.14 12.91 1.06
C LEU B 327 14.73 12.12 -0.10
N LEU B 328 13.85 11.40 -0.81
CA LEU B 328 14.20 10.79 -2.11
C LEU B 328 13.59 11.64 -3.20
N VAL B 329 14.39 12.02 -4.19
CA VAL B 329 13.89 12.71 -5.37
C VAL B 329 13.93 11.69 -6.49
N ASP B 330 12.76 11.44 -7.08
CA ASP B 330 12.62 10.40 -8.09
C ASP B 330 12.25 11.05 -9.41
N ALA B 331 13.13 10.92 -10.41
CA ALA B 331 12.93 11.59 -11.68
C ALA B 331 11.59 11.21 -12.32
N GLY B 332 10.96 12.19 -12.94
CA GLY B 332 9.84 11.93 -13.82
C GLY B 332 10.33 11.49 -15.20
N PRO B 333 9.39 11.05 -16.05
CA PRO B 333 9.75 10.68 -17.43
C PRO B 333 10.13 11.86 -18.33
N VAL B 334 9.47 13.01 -18.17
CA VAL B 334 9.93 14.19 -18.90
C VAL B 334 11.27 14.59 -18.26
N ASN B 335 12.30 14.68 -19.09
CA ASN B 335 13.63 15.03 -18.61
C ASN B 335 13.59 16.35 -17.87
N SER B 336 14.24 16.36 -16.70
CA SER B 336 14.54 17.59 -15.98
C SER B 336 16.00 17.93 -16.11
N GLU B 337 16.31 19.15 -16.58
CA GLU B 337 17.71 19.64 -16.63
C GLU B 337 18.48 19.41 -15.33
N THR B 338 17.81 19.71 -14.22
CA THR B 338 18.37 19.54 -12.90
C THR B 338 17.29 18.98 -11.99
N LEU B 339 17.66 18.12 -11.04
CA LEU B 339 16.71 17.64 -10.03
C LEU B 339 16.77 18.43 -8.71
N VAL B 340 17.97 18.79 -8.27
CA VAL B 340 18.20 19.54 -7.04
C VAL B 340 19.29 20.55 -7.31
N GLU B 341 19.05 21.83 -6.98
CA GLU B 341 20.09 22.84 -7.00
C GLU B 341 20.26 23.46 -5.61
N VAL B 342 21.52 23.59 -5.20
CA VAL B 342 21.85 24.26 -3.96
C VAL B 342 22.60 25.53 -4.29
N GLY B 343 21.91 26.64 -4.15
CA GLY B 343 22.39 27.95 -4.54
C GLY B 343 22.12 28.19 -6.01
N SER B 344 22.58 29.31 -6.51
CA SER B 344 22.37 29.62 -7.93
C SER B 344 23.70 29.90 -8.59
N ASP B 345 23.71 29.97 -9.92
CA ASP B 345 24.96 30.11 -10.64
C ASP B 345 25.75 31.37 -10.35
N GLY B 346 27.06 31.20 -10.28
CA GLY B 346 27.98 32.29 -10.05
C GLY B 346 27.70 32.94 -8.71
N ALA B 347 26.95 32.22 -7.86
CA ALA B 347 26.95 32.49 -6.43
C ALA B 347 28.37 32.58 -5.93
N SER B 348 28.56 33.66 -5.19
CA SER B 348 29.83 34.25 -4.82
C SER B 348 30.23 34.15 -3.29
N GLY B 349 29.23 34.13 -2.43
CA GLY B 349 29.44 34.36 -1.00
C GLY B 349 29.73 33.17 -0.10
N ASP B 350 30.34 33.47 1.04
CA ASP B 350 30.71 32.46 2.04
C ASP B 350 29.52 32.16 2.93
N HIS B 351 29.37 30.88 3.27
CA HIS B 351 28.38 30.44 4.25
C HIS B 351 29.11 29.61 5.29
N ALA B 352 30.27 30.08 5.74
CA ALA B 352 31.19 29.23 6.49
C ALA B 352 30.69 28.92 7.90
N ALA B 353 30.23 29.94 8.60
CA ALA B 353 29.85 29.75 10.00
C ALA B 353 28.55 28.94 10.12
N ASN B 354 27.68 29.00 9.11
CA ASN B 354 26.41 28.31 9.15
C ASN B 354 26.06 27.84 7.75
N PRO B 355 26.63 26.70 7.36
CA PRO B 355 26.41 26.23 6.00
C PRO B 355 25.08 25.53 5.78
N THR B 356 24.68 25.50 4.52
CA THR B 356 23.57 24.67 4.08
C THR B 356 24.07 23.22 3.93
N SER B 357 23.21 22.25 4.27
CA SER B 357 23.58 20.85 4.12
C SER B 357 22.49 20.04 3.45
N LEU B 358 22.92 18.97 2.77
CA LEU B 358 22.05 17.92 2.28
C LEU B 358 22.42 16.66 3.05
N GLN B 359 21.43 16.01 3.67
CA GLN B 359 21.69 14.81 4.49
C GLN B 359 20.66 13.73 4.22
N ASP B 360 21.13 12.54 3.87
CA ASP B 360 20.21 11.48 3.53
C ASP B 360 19.26 11.97 2.43
N VAL B 361 19.85 12.65 1.46
CA VAL B 361 19.18 13.03 0.24
C VAL B 361 19.57 12.01 -0.84
N PHE B 362 18.56 11.36 -1.40
CA PHE B 362 18.79 10.31 -2.37
C PHE B 362 18.12 10.75 -3.66
N VAL B 363 18.67 10.29 -4.78
CA VAL B 363 18.13 10.59 -6.09
C VAL B 363 18.05 9.26 -6.84
N ARG B 364 16.92 9.07 -7.51
CA ARG B 364 16.71 7.89 -8.36
C ARG B 364 16.30 8.36 -9.73
N ILE B 365 16.92 7.78 -10.78
CA ILE B 365 16.48 8.02 -12.16
C ILE B 365 16.14 6.68 -12.82
N GLY B 366 14.85 6.44 -13.00
CA GLY B 366 14.36 5.18 -13.50
C GLY B 366 14.14 4.11 -12.44
N GLY B 367 13.60 2.96 -12.87
CA GLY B 367 13.50 1.78 -12.02
C GLY B 367 12.11 1.52 -11.47
N ALA B 368 11.39 2.58 -11.13
CA ALA B 368 9.99 2.46 -10.70
C ALA B 368 9.03 2.90 -11.80
N GLY B 369 9.61 3.11 -12.99
CA GLY B 369 9.00 3.84 -14.08
C GLY B 369 10.12 4.45 -14.93
N PRO B 370 9.87 4.71 -16.21
CA PRO B 370 10.93 5.47 -16.90
C PRO B 370 11.12 6.88 -16.33
N GLY B 371 12.37 7.30 -16.19
CA GLY B 371 12.67 8.61 -15.68
C GLY B 371 13.95 9.14 -16.29
N LYS B 372 14.07 10.46 -16.38
CA LYS B 372 15.21 11.11 -17.05
C LYS B 372 15.59 12.42 -16.41
N ALA B 373 16.88 12.69 -16.31
CA ALA B 373 17.38 13.98 -15.85
C ALA B 373 18.77 14.20 -16.42
N THR B 374 19.07 15.42 -16.81
CA THR B 374 20.39 15.67 -17.37
C THR B 374 21.46 15.68 -16.29
N THR B 375 21.19 16.44 -15.25
CA THR B 375 22.04 16.51 -14.09
C THR B 375 21.15 16.33 -12.84
N SER B 376 21.68 15.60 -11.85
CA SER B 376 20.86 15.29 -10.69
C SER B 376 21.01 16.36 -9.61
N ILE B 377 22.23 16.64 -9.18
CA ILE B 377 22.44 17.62 -8.12
C ILE B 377 23.52 18.59 -8.53
N VAL B 378 23.17 19.88 -8.55
CA VAL B 378 24.13 20.94 -8.78
C VAL B 378 24.34 21.68 -7.47
N VAL B 379 25.59 21.73 -7.01
CA VAL B 379 25.90 22.47 -5.81
C VAL B 379 26.72 23.73 -6.13
N ASN B 380 26.02 24.87 -6.07
CA ASN B 380 26.61 26.16 -6.35
C ASN B 380 27.13 26.85 -5.10
N SER B 381 26.46 26.63 -3.98
CA SER B 381 26.72 27.42 -2.77
C SER B 381 28.00 27.02 -2.09
N ASN B 382 28.80 28.00 -1.74
CA ASN B 382 30.05 27.72 -1.07
C ASN B 382 29.79 27.20 0.33
N ASP B 383 30.71 26.35 0.79
CA ASP B 383 30.71 25.79 2.15
C ASP B 383 29.64 24.73 2.44
N THR B 384 28.93 24.32 1.40
CA THR B 384 27.89 23.30 1.52
C THR B 384 28.47 21.98 2.04
N ILE B 385 27.70 21.32 2.91
CA ILE B 385 28.02 19.97 3.39
C ILE B 385 27.04 18.98 2.75
N ILE B 386 27.56 17.99 2.02
CA ILE B 386 26.77 16.85 1.55
C ILE B 386 27.18 15.66 2.43
N ASP B 387 26.31 15.30 3.37
CA ASP B 387 26.60 14.27 4.39
C ASP B 387 25.61 13.10 4.19
N HIS B 388 26.06 12.13 3.41
CA HIS B 388 25.31 10.97 2.95
C HIS B 388 24.32 11.27 1.82
N THR B 389 24.75 10.93 0.61
CA THR B 389 23.85 11.01 -0.54
C THR B 389 24.08 9.74 -1.38
N TRP B 390 22.99 9.26 -1.98
CA TRP B 390 23.05 8.23 -3.03
C TRP B 390 22.32 8.80 -4.24
N VAL B 391 23.08 9.01 -5.31
CA VAL B 391 22.58 9.57 -6.57
C VAL B 391 22.71 8.42 -7.56
N TRP B 392 21.55 7.84 -7.93
CA TRP B 392 21.50 6.54 -8.59
C TRP B 392 20.67 6.53 -9.87
N ARG B 393 21.35 6.35 -10.99
CA ARG B 393 20.65 6.00 -12.21
C ARG B 393 20.37 4.52 -12.15
N ALA B 394 19.10 4.16 -12.29
CA ALA B 394 18.72 2.78 -12.07
C ALA B 394 19.37 1.79 -13.03
N ASP B 395 19.79 0.64 -12.48
CA ASP B 395 20.30 -0.49 -13.27
C ASP B 395 19.31 -1.64 -13.37
N HIS B 396 18.21 -1.57 -12.63
CA HIS B 396 17.20 -2.62 -12.70
C HIS B 396 15.86 -2.00 -12.41
N GLY B 397 14.82 -2.59 -13.01
CA GLY B 397 13.45 -2.25 -12.73
C GLY B 397 12.69 -1.85 -13.99
N GLU B 398 11.52 -1.27 -13.80
CA GLU B 398 10.68 -1.00 -14.93
C GLU B 398 11.19 0.36 -15.45
N GLY B 399 11.45 0.45 -16.76
CA GLY B 399 11.86 1.72 -17.39
C GLY B 399 13.37 1.98 -17.47
N VAL B 400 14.17 0.92 -17.48
CA VAL B 400 15.64 1.02 -17.42
C VAL B 400 16.25 0.69 -18.81
N GLY B 401 17.28 1.46 -19.18
CA GLY B 401 17.99 1.25 -20.43
C GLY B 401 18.84 2.45 -20.84
N TRP B 402 19.82 2.21 -21.70
CA TRP B 402 20.83 3.22 -22.06
C TRP B 402 20.18 4.53 -22.47
N GLU B 403 19.02 4.41 -23.12
CA GLU B 403 18.24 5.59 -23.41
C GLU B 403 17.03 5.87 -22.55
N THR B 404 16.32 4.82 -22.21
CA THR B 404 15.02 4.95 -21.60
C THR B 404 15.15 5.70 -20.28
N ASN B 405 16.22 5.43 -19.52
CA ASN B 405 16.49 6.21 -18.30
C ASN B 405 17.87 6.90 -18.34
N ARG B 406 18.18 7.44 -19.51
CA ARG B 406 19.37 8.26 -19.65
C ARG B 406 19.47 9.34 -18.58
N ALA B 407 20.69 9.49 -18.04
CA ALA B 407 20.99 10.56 -17.11
C ALA B 407 22.47 10.81 -17.21
N ASP B 408 22.83 11.93 -17.83
CA ASP B 408 24.22 12.13 -18.22
C ASP B 408 25.14 12.40 -17.02
N TYR B 409 24.66 13.18 -16.05
CA TYR B 409 25.51 13.67 -14.95
C TYR B 409 24.86 13.48 -13.58
N GLY B 410 25.67 13.02 -12.62
CA GLY B 410 25.19 12.78 -11.29
C GLY B 410 25.21 14.06 -10.49
N VAL B 411 26.37 14.34 -9.92
CA VAL B 411 26.58 15.51 -9.04
C VAL B 411 27.59 16.44 -9.73
N HIS B 412 27.28 17.74 -9.75
CA HIS B 412 28.27 18.73 -10.20
C HIS B 412 28.46 19.76 -9.11
N VAL B 413 29.69 19.84 -8.60
CA VAL B 413 29.99 20.76 -7.50
C VAL B 413 30.73 21.95 -8.07
N LYS B 414 30.04 23.08 -8.06
CA LYS B 414 30.57 24.33 -8.60
C LYS B 414 30.96 25.31 -7.48
N GLY B 415 30.48 25.08 -6.27
CA GLY B 415 30.82 25.92 -5.13
C GLY B 415 32.19 25.63 -4.52
N ASP B 416 32.71 26.60 -3.77
CA ASP B 416 34.03 26.50 -3.13
C ASP B 416 33.90 25.95 -1.71
N ASN B 417 34.90 25.23 -1.26
CA ASN B 417 34.97 24.76 0.13
C ASN B 417 33.81 23.83 0.49
N VAL B 418 33.34 23.09 -0.50
CA VAL B 418 32.27 22.11 -0.30
C VAL B 418 32.86 20.83 0.28
N LEU B 419 32.13 20.20 1.20
CA LEU B 419 32.60 18.97 1.82
C LEU B 419 31.57 17.89 1.58
N ALA B 420 32.02 16.72 1.09
CA ALA B 420 31.16 15.57 0.94
C ALA B 420 31.66 14.46 1.85
N THR B 421 30.77 13.95 2.71
CA THR B 421 31.11 12.85 3.61
C THR B 421 30.11 11.72 3.39
N GLY B 422 30.53 10.67 2.70
CA GLY B 422 29.64 9.56 2.37
C GLY B 422 28.94 9.80 1.06
N LEU B 423 29.74 9.86 0.00
CA LEU B 423 29.27 10.15 -1.36
C LEU B 423 29.12 8.86 -2.18
N PHE B 424 27.89 8.52 -2.57
CA PHE B 424 27.58 7.33 -3.38
C PHE B 424 26.88 7.80 -4.68
N VAL B 425 27.48 7.57 -5.84
CA VAL B 425 26.94 8.05 -7.11
C VAL B 425 27.21 7.02 -8.20
N GLU B 426 26.16 6.56 -8.86
CA GLU B 426 26.29 5.40 -9.75
C GLU B 426 25.49 5.45 -11.06
N HIS B 427 26.16 4.97 -12.11
CA HIS B 427 25.59 4.48 -13.38
C HIS B 427 25.29 5.56 -14.41
N PHE B 428 25.81 6.77 -14.20
CA PHE B 428 25.52 7.86 -15.15
C PHE B 428 26.13 7.64 -16.54
N ASN B 429 25.46 8.17 -17.58
CA ASN B 429 25.93 7.96 -18.94
C ASN B 429 27.26 8.67 -19.19
N LYS B 430 27.48 9.79 -18.49
CA LYS B 430 28.73 10.54 -18.61
C LYS B 430 29.42 10.62 -17.24
N TYR B 431 29.87 11.81 -16.82
CA TYR B 431 30.57 11.90 -15.55
C TYR B 431 29.61 11.74 -14.37
N ASP B 432 29.85 10.77 -13.51
CA ASP B 432 28.99 10.60 -12.33
C ASP B 432 29.14 11.79 -11.38
N VAL B 433 30.40 12.17 -11.13
CA VAL B 433 30.69 13.38 -10.35
C VAL B 433 31.67 14.24 -11.10
N GLN B 434 31.32 15.51 -11.24
CA GLN B 434 32.24 16.57 -11.67
C GLN B 434 32.43 17.62 -10.57
N TRP B 435 33.67 18.05 -10.37
CA TRP B 435 34.00 19.05 -9.35
C TRP B 435 34.79 20.18 -9.98
N SER B 436 34.11 21.30 -10.11
CA SER B 436 34.57 22.51 -10.85
C SER B 436 34.97 23.63 -9.88
N GLY B 437 34.52 23.58 -8.63
CA GLY B 437 34.86 24.57 -7.61
C GLY B 437 36.14 24.27 -6.82
N GLU B 438 36.56 25.24 -6.00
CA GLU B 438 37.84 25.16 -5.28
C GLU B 438 37.74 24.60 -3.86
N ASN B 439 38.85 24.03 -3.42
CA ASN B 439 39.03 23.56 -2.05
C ASN B 439 38.10 22.46 -1.56
N GLY B 440 37.46 21.79 -2.50
CA GLY B 440 36.64 20.65 -2.16
C GLY B 440 37.37 19.54 -1.44
N LYS B 441 36.64 18.84 -0.56
CA LYS B 441 37.05 17.48 -0.21
C LYS B 441 35.90 16.50 -0.09
N THR B 442 36.27 15.27 -0.35
CA THR B 442 35.36 14.14 -0.30
C THR B 442 36.02 13.12 0.60
N ILE B 443 35.27 12.72 1.62
CA ILE B 443 35.67 11.61 2.49
C ILE B 443 34.66 10.50 2.25
N PHE B 444 35.17 9.45 1.63
CA PHE B 444 34.45 8.27 1.14
C PHE B 444 33.68 8.53 -0.15
N TYR B 445 34.05 7.79 -1.21
CA TYR B 445 33.29 7.77 -2.46
C TYR B 445 33.09 6.33 -2.89
N GLN B 446 31.86 6.02 -3.27
CA GLN B 446 31.52 4.76 -3.92
C GLN B 446 30.80 5.05 -5.24
N ASN B 447 31.36 4.51 -6.33
CA ASN B 447 30.77 4.58 -7.66
C ASN B 447 30.75 3.22 -8.34
N ALA B 448 29.74 3.03 -9.19
CA ALA B 448 29.76 1.94 -10.19
C ALA B 448 29.44 2.63 -11.50
N LYS B 449 30.14 2.22 -12.53
CA LYS B 449 29.94 2.80 -13.85
C LYS B 449 28.69 2.15 -14.52
N ALA B 450 28.08 2.84 -15.49
CA ALA B 450 26.92 2.28 -16.22
C ALA B 450 27.16 0.86 -16.70
N TYR B 451 26.25 -0.09 -16.39
CA TYR B 451 26.41 -1.48 -16.83
C TYR B 451 26.04 -1.66 -18.30
N ASP B 452 25.22 -0.72 -18.80
CA ASP B 452 24.50 -0.90 -20.03
C ASP B 452 25.08 -0.11 -21.20
N ALA B 453 26.32 0.37 -21.05
CA ALA B 453 26.98 1.00 -22.20
C ALA B 453 27.09 -0.03 -23.36
N PRO B 454 26.72 0.37 -24.59
CA PRO B 454 26.53 -0.58 -25.70
C PRO B 454 27.80 -1.02 -26.41
N ASP B 455 28.75 -0.11 -26.42
CA ASP B 455 29.98 -0.33 -27.14
C ASP B 455 30.89 0.82 -26.75
N GLN B 456 32.11 0.78 -27.23
CA GLN B 456 33.13 1.73 -26.82
C GLN B 456 32.89 3.21 -27.21
N ALA B 457 32.18 3.46 -28.31
CA ALA B 457 31.91 4.83 -28.77
C ALA B 457 30.79 5.47 -27.93
N ALA B 458 30.02 4.65 -27.23
CA ALA B 458 28.91 5.19 -26.44
C ALA B 458 29.38 5.96 -25.20
N ILE B 459 30.65 5.78 -24.83
CA ILE B 459 31.17 6.42 -23.62
C ILE B 459 32.50 7.12 -23.89
N GLN B 460 32.73 7.45 -25.16
CA GLN B 460 33.89 8.26 -25.51
C GLN B 460 33.71 9.72 -25.11
N ASN B 461 34.68 10.29 -24.37
CA ASN B 461 34.84 11.76 -24.26
C ASN B 461 36.15 12.23 -24.89
N GLY B 462 36.10 12.70 -26.16
CA GLY B 462 37.33 13.09 -26.85
C GLY B 462 38.34 11.95 -26.88
N ASP B 463 39.58 12.25 -26.56
CA ASP B 463 40.58 11.21 -26.35
C ASP B 463 40.12 10.07 -25.42
N ILE B 464 39.57 10.43 -24.26
CA ILE B 464 39.45 9.49 -23.16
C ILE B 464 38.45 8.41 -23.51
N LYS B 465 38.77 7.13 -23.23
CA LYS B 465 37.76 6.07 -23.26
C LYS B 465 37.00 6.06 -21.95
N GLY B 466 35.70 6.34 -22.05
CA GLY B 466 34.87 6.42 -20.87
C GLY B 466 34.94 7.80 -20.26
N TYR B 467 33.98 8.06 -19.38
CA TYR B 467 33.93 9.25 -18.55
C TYR B 467 34.33 8.87 -17.12
N ALA B 468 35.25 9.62 -16.51
CA ALA B 468 35.60 9.38 -15.14
C ALA B 468 34.37 9.31 -14.24
N ALA B 469 34.45 8.48 -13.21
CA ALA B 469 33.45 8.50 -12.15
C ALA B 469 33.55 9.79 -11.34
N TYR B 470 34.74 10.38 -11.31
CA TYR B 470 34.97 11.55 -10.46
C TYR B 470 36.00 12.40 -11.20
N LYS B 471 35.54 13.51 -11.77
CA LYS B 471 36.38 14.47 -12.49
C LYS B 471 36.47 15.84 -11.87
N VAL B 472 37.69 16.21 -11.51
CA VAL B 472 38.04 17.58 -11.14
C VAL B 472 38.51 18.35 -12.39
N ASP B 473 37.89 19.52 -12.68
CA ASP B 473 38.23 20.37 -13.85
C ASP B 473 39.73 20.70 -13.76
N ASP B 474 40.35 20.95 -14.92
CA ASP B 474 41.77 21.37 -15.02
C ASP B 474 42.10 22.68 -14.27
N SER B 475 41.15 23.58 -14.27
CA SER B 475 41.30 24.89 -13.63
C SER B 475 41.51 24.79 -12.15
N VAL B 476 40.96 23.74 -11.55
CA VAL B 476 40.96 23.64 -10.10
C VAL B 476 42.41 23.57 -9.60
N THR B 477 42.67 24.30 -8.52
CA THR B 477 44.00 24.41 -7.96
C THR B 477 44.11 23.67 -6.62
N THR B 478 42.99 23.60 -5.88
CA THR B 478 42.95 22.89 -4.60
C THR B 478 41.79 21.89 -4.52
N HIS B 479 42.11 20.63 -4.16
CA HIS B 479 41.12 19.58 -3.96
C HIS B 479 41.75 18.46 -3.13
N GLU B 480 40.93 17.73 -2.37
CA GLU B 480 41.45 16.56 -1.67
C GLU B 480 40.37 15.48 -1.50
N GLY B 481 40.75 14.24 -1.72
CA GLY B 481 39.85 13.10 -1.61
C GLY B 481 40.48 11.92 -0.89
N TRP B 482 39.67 11.24 -0.06
CA TRP B 482 40.13 10.10 0.71
C TRP B 482 39.16 8.92 0.59
N GLY B 483 39.69 7.74 0.32
CA GLY B 483 38.90 6.52 0.41
C GLY B 483 37.84 6.41 -0.69
N MET B 484 38.30 6.20 -1.91
CA MET B 484 37.44 6.41 -3.07
C MET B 484 37.55 5.27 -4.08
N GLY B 485 36.40 4.66 -4.45
CA GLY B 485 36.41 3.48 -5.33
C GLY B 485 35.36 3.50 -6.43
N SER B 486 35.77 3.16 -7.64
CA SER B 486 34.88 3.05 -8.79
C SER B 486 34.92 1.64 -9.33
N TYR B 487 33.74 1.07 -9.53
CA TYR B 487 33.62 -0.30 -9.99
C TYR B 487 32.94 -0.40 -11.35
N CYS B 488 33.29 -1.42 -12.15
CA CYS B 488 32.62 -1.60 -13.44
C CYS B 488 32.00 -2.98 -13.58
N TYR B 489 30.98 -3.02 -14.43
CA TYR B 489 30.25 -4.25 -14.77
C TYR B 489 29.56 -4.09 -16.12
N PHE B 490 30.38 -4.06 -17.17
CA PHE B 490 29.89 -3.70 -18.52
C PHE B 490 29.26 -4.93 -19.14
N ASN B 491 28.02 -5.17 -18.79
CA ASN B 491 27.43 -6.46 -19.18
C ASN B 491 26.87 -6.49 -20.61
N VAL B 492 26.27 -5.44 -21.15
CA VAL B 492 25.89 -5.57 -22.58
C VAL B 492 27.13 -5.59 -23.46
N ASN B 493 28.26 -5.04 -23.00
CA ASN B 493 29.48 -5.14 -23.79
C ASN B 493 30.76 -5.26 -22.94
N PRO B 494 31.08 -6.49 -22.53
CA PRO B 494 32.20 -6.72 -21.61
C PRO B 494 33.60 -6.62 -22.22
N ASP B 495 33.71 -6.22 -23.50
CA ASP B 495 35.03 -5.93 -24.09
C ASP B 495 35.35 -4.42 -24.01
N ILE B 496 34.41 -3.66 -23.45
CA ILE B 496 34.65 -2.23 -23.19
C ILE B 496 35.84 -2.02 -22.24
N ARG B 497 36.58 -0.95 -22.50
CA ARG B 497 37.60 -0.45 -21.60
C ARG B 497 37.20 0.93 -21.05
N GLN B 498 37.41 1.12 -19.74
CA GLN B 498 37.21 2.40 -19.05
C GLN B 498 38.62 2.90 -18.72
N GLN B 499 39.02 4.07 -19.21
CA GLN B 499 40.42 4.49 -19.03
C GLN B 499 40.77 4.65 -17.56
N HIS B 500 39.85 5.21 -16.78
CA HIS B 500 40.13 5.45 -15.37
C HIS B 500 38.86 5.67 -14.56
N GLY B 501 39.00 5.57 -13.24
CA GLY B 501 37.92 5.90 -12.33
C GLY B 501 37.92 7.38 -12.01
N PHE B 502 39.12 7.94 -12.00
CA PHE B 502 39.37 9.32 -11.52
C PHE B 502 40.16 10.13 -12.53
N GLN B 503 39.87 11.42 -12.58
CA GLN B 503 40.51 12.32 -13.53
C GLN B 503 40.66 13.69 -12.89
N ALA B 504 41.89 14.21 -12.90
CA ALA B 504 42.19 15.44 -12.18
C ALA B 504 43.32 16.24 -12.82
N PRO B 505 43.40 17.52 -12.52
CA PRO B 505 44.68 18.18 -12.79
C PRO B 505 45.82 17.59 -11.99
N VAL B 506 47.01 17.69 -12.57
CA VAL B 506 48.23 17.26 -11.89
C VAL B 506 48.91 18.53 -11.30
N LYS B 507 48.50 18.92 -10.08
CA LYS B 507 48.97 20.13 -9.37
C LYS B 507 49.14 19.86 -7.87
N PRO B 508 50.09 20.55 -7.22
CA PRO B 508 50.44 20.21 -5.83
C PRO B 508 49.32 20.24 -4.79
N GLY B 509 48.31 21.06 -5.04
CA GLY B 509 47.20 21.21 -4.12
C GLY B 509 45.98 20.35 -4.50
N VAL B 510 46.14 19.47 -5.49
CA VAL B 510 45.06 18.53 -5.89
C VAL B 510 45.54 17.14 -5.54
N LYS B 511 45.00 16.59 -4.45
CA LYS B 511 45.58 15.42 -3.75
C LYS B 511 44.55 14.32 -3.60
N PHE B 512 44.95 13.06 -3.76
CA PHE B 512 44.09 11.95 -3.45
C PHE B 512 44.80 10.91 -2.60
N HIS B 513 44.03 10.28 -1.74
CA HIS B 513 44.51 9.26 -0.83
C HIS B 513 43.62 8.03 -0.94
N ASP B 514 44.23 6.87 -1.20
CA ASP B 514 43.51 5.60 -1.12
C ASP B 514 42.42 5.49 -2.18
N LEU B 515 42.86 5.37 -3.43
CA LEU B 515 41.97 5.19 -4.57
C LEU B 515 41.97 3.73 -5.00
N LEU B 516 40.83 3.29 -5.53
CA LEU B 516 40.75 1.97 -6.11
C LEU B 516 39.77 1.91 -7.27
N VAL B 517 40.08 1.04 -8.22
CA VAL B 517 39.10 0.62 -9.21
C VAL B 517 38.99 -0.90 -9.24
N VAL B 518 37.79 -1.40 -9.57
CA VAL B 518 37.58 -2.83 -9.61
C VAL B 518 36.58 -3.23 -10.69
N SER B 519 36.93 -4.32 -11.38
CA SER B 519 36.08 -4.89 -12.42
C SER B 519 35.35 -6.10 -11.86
N LEU B 520 34.02 -6.12 -11.98
CA LEU B 520 33.28 -7.26 -11.50
C LEU B 520 33.28 -8.38 -12.54
N GLY B 521 33.90 -9.49 -12.20
CA GLY B 521 33.89 -10.68 -13.03
C GLY B 521 34.36 -10.48 -14.48
N GLY B 522 35.31 -9.58 -14.68
CA GLY B 522 35.85 -9.35 -16.00
C GLY B 522 34.90 -8.66 -16.97
N LYS B 523 33.72 -8.27 -16.50
CA LYS B 523 32.81 -7.54 -17.35
C LYS B 523 33.37 -6.11 -17.58
N GLY B 524 34.26 -6.04 -18.56
CA GLY B 524 35.02 -4.84 -18.85
C GLY B 524 36.27 -4.75 -17.97
N GLN B 525 37.15 -3.83 -18.31
CA GLN B 525 38.31 -3.53 -17.50
C GLN B 525 38.62 -2.05 -17.46
N TYR B 526 39.24 -1.62 -16.36
CA TYR B 526 39.89 -0.31 -16.28
C TYR B 526 41.33 -0.37 -16.83
N GLU B 527 41.70 0.66 -17.60
CA GLU B 527 43.08 0.80 -18.06
C GLU B 527 44.03 1.38 -17.00
N HIS B 528 43.48 2.18 -16.08
CA HIS B 528 44.25 2.85 -15.03
C HIS B 528 43.30 3.22 -13.86
N VAL B 529 43.87 3.76 -12.80
CA VAL B 529 43.06 4.14 -11.63
C VAL B 529 42.67 5.61 -11.79
N ILE B 530 43.68 6.47 -11.98
CA ILE B 530 43.51 7.90 -12.08
C ILE B 530 44.32 8.45 -13.27
N ASN B 531 43.67 9.26 -14.09
CA ASN B 531 44.29 9.79 -15.29
C ASN B 531 44.89 8.65 -16.13
N ASP B 532 46.19 8.77 -16.39
CA ASP B 532 46.98 7.84 -17.18
C ASP B 532 47.80 6.93 -16.30
N ILE B 533 47.48 6.92 -15.00
CA ILE B 533 48.31 6.37 -13.92
C ILE B 533 47.63 5.24 -13.14
N GLY B 534 48.44 4.22 -12.84
CA GLY B 534 48.01 3.15 -11.97
C GLY B 534 47.75 1.91 -12.80
N ASP B 535 47.84 0.74 -12.15
CA ASP B 535 47.74 -0.53 -12.89
C ASP B 535 46.34 -0.67 -13.52
N PRO B 536 46.24 -1.33 -14.69
CA PRO B 536 44.90 -1.70 -15.17
C PRO B 536 44.32 -2.81 -14.32
N THR B 537 43.03 -3.00 -14.38
CA THR B 537 42.45 -4.24 -13.87
C THR B 537 42.69 -5.35 -14.89
N SER B 538 42.68 -6.59 -14.42
CA SER B 538 42.89 -7.74 -15.26
C SER B 538 42.29 -8.98 -14.62
N GLY B 539 42.18 -10.03 -15.41
CA GLY B 539 41.66 -11.28 -14.89
C GLY B 539 40.15 -11.22 -14.80
N ASP B 540 39.56 -12.10 -14.00
CA ASP B 540 38.10 -12.23 -13.87
C ASP B 540 37.72 -12.38 -12.40
N THR B 541 38.72 -12.12 -11.57
CA THR B 541 38.72 -12.52 -10.17
C THR B 541 38.30 -11.38 -9.21
N THR B 542 38.04 -10.22 -9.81
CA THR B 542 37.43 -9.08 -9.11
C THR B 542 38.40 -8.52 -8.07
N ILE B 543 39.66 -8.43 -8.47
CA ILE B 543 40.74 -7.94 -7.60
C ILE B 543 40.97 -6.45 -7.85
N PRO B 544 40.88 -5.60 -6.82
CA PRO B 544 41.08 -4.16 -7.05
C PRO B 544 42.50 -3.77 -7.50
N SER B 545 42.65 -2.66 -8.25
CA SER B 545 43.94 -1.96 -8.40
C SER B 545 43.82 -0.66 -7.62
N GLN B 546 44.90 -0.29 -6.95
CA GLN B 546 44.85 0.75 -5.92
C GLN B 546 45.97 1.76 -6.19
N VAL B 547 45.72 3.03 -5.85
CA VAL B 547 46.76 4.07 -5.76
C VAL B 547 46.68 4.65 -4.35
N VAL B 548 47.72 4.47 -3.54
CA VAL B 548 47.71 5.05 -2.18
C VAL B 548 47.77 6.58 -2.14
N SER B 549 48.65 7.16 -2.96
CA SER B 549 48.89 8.61 -2.96
C SER B 549 49.02 9.15 -4.37
N PHE B 550 48.40 10.29 -4.62
CA PHE B 550 48.43 10.97 -5.89
C PHE B 550 48.35 12.48 -5.62
N PRO B 551 49.14 13.27 -6.34
CA PRO B 551 50.11 12.88 -7.38
C PRO B 551 51.36 12.20 -6.81
C1 EDO C . -38.45 -12.50 -9.20
O1 EDO C . -37.76 -12.91 -8.02
C2 EDO C . -39.06 -11.10 -9.09
O2 EDO C . -38.02 -10.19 -8.76
H11 EDO C . -39.24 -13.22 -9.43
H12 EDO C . -37.76 -12.49 -10.04
HO1 EDO C . -37.40 -13.81 -8.13
H21 EDO C . -39.83 -11.09 -8.32
H22 EDO C . -39.51 -10.82 -10.04
HO2 EDO C . -38.39 -9.29 -8.70
C1 EDO D . -15.73 -12.56 -22.12
O1 EDO D . -14.39 -11.99 -22.14
C2 EDO D . -16.77 -11.44 -22.01
O2 EDO D . -16.42 -10.56 -20.93
H11 EDO D . -15.83 -13.24 -21.27
H12 EDO D . -15.89 -13.14 -23.03
HO1 EDO D . -13.75 -12.65 -22.45
H21 EDO D . -17.76 -11.85 -21.83
H22 EDO D . -16.79 -10.89 -22.94
HO2 EDO D . -16.83 -9.70 -21.04
C2 BGC E . 25.27 -1.35 -7.31
C3 BGC E . 23.73 -1.20 -7.13
C4 BGC E . 23.07 -2.04 -8.27
C5 BGC E . 23.58 -3.49 -8.30
C6 BGC E . 22.83 -4.38 -9.31
C1 BGC E . 25.67 -2.84 -7.46
O1 BGC E . 27.04 -2.94 -7.78
O2 BGC E . 26.04 -0.66 -6.30
O3 BGC E . 23.33 0.14 -7.34
O4 BGC E . 21.61 -1.91 -8.27
O5 BGC E . 24.98 -3.50 -8.51
O6 BGC E . 22.82 -5.68 -8.75
H2 BGC E . 25.41 -0.86 -8.27
H3 BGC E . 23.21 -1.83 -7.82
H4 BGC E . 23.51 -1.78 -9.25
H5 BGC E . 23.47 -3.91 -7.30
H61 BGC E . 23.26 -4.22 -10.30
H62 BGC E . 21.80 -4.07 -9.35
H1 BGC E . 25.49 -3.36 -6.52
HO1 BGC E . 27.36 -2.09 -8.13
HO2 BGC E . 26.91 -1.08 -6.20
HO3 BGC E . 24.10 0.70 -7.53
HO4 BGC E . 21.29 -1.57 -7.41
HO6 BGC E . 23.48 -5.75 -8.04
C1 EDO F . 7.48 6.39 -6.60
O1 EDO F . 8.47 7.22 -5.99
C2 EDO F . 8.04 5.00 -6.73
O2 EDO F . 8.51 4.55 -5.44
H11 EDO F . 7.20 6.77 -7.58
H12 EDO F . 6.58 6.37 -5.98
HO1 EDO F . 8.18 8.14 -6.00
H21 EDO F . 8.87 5.00 -7.45
H22 EDO F . 7.27 4.33 -7.11
HO2 EDO F . 8.97 3.70 -5.53
C1 EDO G . 31.17 4.97 -18.96
O1 EDO G . 32.37 5.72 -18.95
C2 EDO G . 30.00 5.95 -19.05
O2 EDO G . 29.96 6.85 -17.96
H11 EDO G . 31.10 4.38 -18.04
H12 EDO G . 31.17 4.28 -19.80
HO1 EDO G . 33.10 5.16 -18.67
H21 EDO G . 29.06 5.39 -19.08
H22 EDO G . 30.09 6.53 -19.97
HO2 EDO G . 29.04 7.12 -17.81
C1 EDO H . 50.13 4.69 4.04
O1 EDO H . 49.30 5.87 4.07
C2 EDO H . 49.33 3.59 4.69
O2 EDO H . 48.12 3.48 3.96
H11 EDO H . 51.05 4.85 4.59
H12 EDO H . 50.39 4.41 3.01
HO1 EDO H . 49.78 6.61 3.66
H21 EDO H . 49.12 3.85 5.73
H22 EDO H . 49.88 2.65 4.66
HO2 EDO H . 47.53 2.86 4.41
N VAL A 4 -47.47 9.61 2.68
CA VAL A 4 -46.49 10.61 3.06
C VAL A 4 -46.18 10.55 4.56
N VAL A 5 -45.75 9.39 5.02
CA VAL A 5 -45.22 9.24 6.41
C VAL A 5 -45.23 7.78 6.69
N GLY A 6 -44.32 7.34 7.55
CA GLY A 6 -44.59 6.10 8.23
C GLY A 6 -44.66 6.18 9.69
N GLY A 7 -43.78 5.40 10.30
CA GLY A 7 -44.04 4.72 11.57
C GLY A 7 -45.27 3.83 11.35
N GLY A 8 -45.32 2.64 11.94
CA GLY A 8 -46.49 1.76 11.81
C GLY A 8 -46.18 0.37 11.24
N ASP A 9 -47.23 -0.47 11.09
CA ASP A 9 -47.19 -1.87 10.57
C ASP A 9 -46.26 -2.11 9.43
N LEU A 10 -45.86 -3.36 9.32
CA LEU A 10 -44.76 -3.78 8.46
C LEU A 10 -45.19 -4.76 7.33
N GLY A 11 -46.50 -5.01 7.22
CA GLY A 11 -47.06 -5.90 6.20
C GLY A 11 -47.09 -7.37 6.58
N PRO A 12 -47.80 -8.21 5.80
CA PRO A 12 -47.82 -9.59 6.32
C PRO A 12 -46.62 -10.45 5.91
N ASN A 13 -45.59 -9.84 5.32
CA ASN A 13 -44.41 -10.59 4.92
C ASN A 13 -43.28 -10.50 5.96
N VAL A 14 -43.51 -9.70 7.00
CA VAL A 14 -42.66 -9.66 8.17
C VAL A 14 -43.35 -10.44 9.29
N LEU A 15 -42.77 -11.58 9.63
CA LEU A 15 -43.30 -12.43 10.70
C LEU A 15 -42.50 -12.14 11.93
N VAL A 16 -43.13 -11.54 12.94
CA VAL A 16 -42.47 -11.19 14.20
C VAL A 16 -42.85 -12.21 15.28
N PHE A 17 -41.84 -12.56 16.04
CA PHE A 17 -41.84 -13.67 16.99
C PHE A 17 -41.31 -13.17 18.34
N ASP A 18 -41.82 -13.77 19.42
CA ASP A 18 -41.22 -13.63 20.75
C ASP A 18 -41.31 -15.04 21.35
N PRO A 19 -40.78 -15.27 22.56
CA PRO A 19 -40.66 -16.70 22.90
C PRO A 19 -41.98 -17.48 23.04
N SER A 20 -43.05 -16.75 23.35
CA SER A 20 -44.37 -17.29 23.65
C SER A 20 -45.19 -17.59 22.41
N THR A 21 -44.83 -16.92 21.32
CA THR A 21 -45.55 -17.00 20.05
C THR A 21 -45.96 -18.43 19.75
N PRO A 22 -47.26 -18.66 19.51
CA PRO A 22 -47.61 -20.01 19.10
C PRO A 22 -46.82 -20.53 17.89
N ASP A 23 -46.36 -21.78 18.01
CA ASP A 23 -45.88 -22.60 16.91
C ASP A 23 -44.74 -22.05 16.05
N ILE A 24 -43.63 -21.62 16.67
CA ILE A 24 -42.55 -21.04 15.87
C ILE A 24 -41.92 -22.07 14.92
N GLN A 25 -41.45 -23.22 15.42
CA GLN A 25 -40.85 -24.21 14.52
C GLN A 25 -41.77 -24.59 13.35
N GLY A 26 -43.07 -24.67 13.60
CA GLY A 26 -44.01 -24.93 12.52
C GLY A 26 -44.05 -23.77 11.55
N LYS A 27 -44.09 -22.57 12.09
CA LYS A 27 -44.18 -21.40 11.23
C LYS A 27 -42.96 -21.20 10.35
N VAL A 28 -41.80 -21.10 10.96
CA VAL A 28 -40.58 -21.04 10.19
C VAL A 28 -40.46 -22.19 9.16
N ASP A 29 -40.82 -23.42 9.54
CA ASP A 29 -40.76 -24.54 8.58
C ASP A 29 -41.73 -24.31 7.38
N GLU A 30 -42.92 -23.73 7.62
CA GLU A 30 -43.88 -23.46 6.51
C GLU A 30 -43.23 -22.51 5.49
N VAL A 31 -42.58 -21.48 6.00
CA VAL A 31 -41.87 -20.57 5.12
C VAL A 31 -40.80 -21.36 4.36
N PHE A 32 -40.03 -22.17 5.07
CA PHE A 32 -38.98 -22.97 4.40
C PHE A 32 -39.46 -23.96 3.30
N ARG A 33 -40.45 -24.82 3.60
CA ARG A 33 -40.85 -25.89 2.65
C ARG A 33 -41.42 -25.23 1.37
N LYS A 34 -41.58 -23.91 1.43
CA LYS A 34 -42.10 -23.07 0.36
C LYS A 34 -40.99 -22.33 -0.42
N GLN A 35 -40.07 -21.71 0.32
CA GLN A 35 -38.97 -20.94 -0.27
C GLN A 35 -37.78 -21.80 -0.64
N GLU A 36 -37.74 -23.02 -0.11
CA GLU A 36 -36.61 -23.90 -0.29
C GLU A 36 -35.99 -23.98 -1.71
N SER A 37 -36.80 -24.28 -2.71
CA SER A 37 -36.27 -24.28 -4.08
C SER A 37 -36.99 -23.23 -4.95
N ASN A 38 -37.48 -22.20 -4.29
CA ASN A 38 -38.19 -21.10 -4.97
C ASN A 38 -37.21 -20.05 -5.51
N GLN A 39 -36.33 -20.51 -6.39
CA GLN A 39 -35.18 -19.73 -6.79
C GLN A 39 -35.54 -18.40 -7.45
N PHE A 40 -36.59 -18.41 -8.25
CA PHE A 40 -36.98 -17.24 -9.06
C PHE A 40 -38.40 -16.77 -8.78
N GLY A 41 -38.99 -17.28 -7.69
CA GLY A 41 -40.33 -16.87 -7.27
C GLY A 41 -40.38 -15.45 -6.75
N THR A 42 -41.60 -15.00 -6.48
CA THR A 42 -41.81 -13.60 -6.18
C THR A 42 -42.22 -13.37 -4.75
N ASP A 43 -42.26 -14.44 -3.94
CA ASP A 43 -42.46 -14.27 -2.50
C ASP A 43 -41.17 -13.84 -1.79
N ARG A 44 -41.37 -13.12 -0.70
CA ARG A 44 -40.30 -12.49 0.08
C ARG A 44 -40.71 -12.55 1.53
N TYR A 45 -39.81 -12.99 2.41
CA TYR A 45 -40.15 -13.09 3.84
C TYR A 45 -39.08 -12.52 4.72
N ALA A 46 -39.50 -11.81 5.78
CA ALA A 46 -38.61 -11.47 6.88
C ALA A 46 -39.10 -12.09 8.18
N LEU A 47 -38.19 -12.79 8.85
CA LEU A 47 -38.48 -13.43 10.14
C LEU A 47 -37.75 -12.65 11.22
N MET A 48 -38.49 -11.91 12.08
CA MET A 48 -37.84 -11.07 13.07
C MET A 48 -38.18 -11.59 14.48
N PHE A 49 -37.14 -11.72 15.27
CA PHE A 49 -37.25 -12.32 16.59
C PHE A 49 -37.03 -11.30 17.70
N LYS A 50 -38.02 -11.12 18.58
CA LYS A 50 -37.87 -10.17 19.68
C LYS A 50 -36.85 -10.68 20.68
N PRO A 51 -36.21 -9.78 21.43
CA PRO A 51 -35.29 -10.24 22.49
C PRO A 51 -35.95 -11.25 23.42
N GLY A 52 -35.16 -12.23 23.87
CA GLY A 52 -35.65 -13.39 24.60
C GLY A 52 -34.73 -14.54 24.29
N THR A 53 -35.18 -15.76 24.59
CA THR A 53 -34.43 -17.00 24.39
C THR A 53 -35.38 -18.03 23.76
N TYR A 54 -34.90 -18.69 22.70
CA TYR A 54 -35.69 -19.59 21.87
C TYR A 54 -35.06 -20.98 21.89
N ASN A 55 -35.81 -21.97 22.40
CA ASN A 55 -35.30 -23.32 22.59
C ASN A 55 -35.80 -24.27 21.52
N ASP A 56 -35.00 -25.29 21.16
CA ASP A 56 -35.47 -26.39 20.30
C ASP A 56 -35.86 -25.90 18.89
N ILE A 57 -35.20 -24.85 18.42
CA ILE A 57 -35.48 -24.24 17.14
C ILE A 57 -34.40 -24.58 16.09
N ASN A 58 -34.85 -25.00 14.90
CA ASN A 58 -33.95 -25.09 13.76
C ASN A 58 -34.61 -24.27 12.67
N ALA A 59 -34.04 -23.12 12.38
CA ALA A 59 -34.66 -22.21 11.41
C ALA A 59 -33.95 -22.37 10.08
N GLN A 60 -34.54 -23.17 9.19
CA GLN A 60 -33.92 -23.48 7.90
C GLN A 60 -34.30 -22.32 6.96
N ILE A 61 -33.30 -21.75 6.30
CA ILE A 61 -33.45 -20.53 5.52
C ILE A 61 -33.38 -20.84 4.03
N GLY A 62 -34.50 -20.64 3.35
CA GLY A 62 -34.58 -20.81 1.93
C GLY A 62 -34.33 -19.52 1.16
N PHE A 63 -34.71 -19.53 -0.11
CA PHE A 63 -34.60 -18.33 -0.93
C PHE A 63 -35.42 -17.15 -0.41
N TYR A 64 -34.89 -15.95 -0.61
CA TYR A 64 -35.60 -14.70 -0.35
C TYR A 64 -36.17 -14.71 1.07
N THR A 65 -35.42 -15.33 1.96
CA THR A 65 -35.73 -15.31 3.38
C THR A 65 -34.64 -14.63 4.19
N SER A 66 -35.16 -13.74 5.03
CA SER A 66 -34.53 -12.87 6.02
C SER A 66 -34.68 -13.51 7.40
N ILE A 67 -33.63 -13.56 8.21
CA ILE A 67 -33.84 -13.84 9.66
C ILE A 67 -32.99 -12.88 10.49
N ALA A 68 -33.59 -12.35 11.54
CA ALA A 68 -32.95 -11.29 12.31
C ALA A 68 -33.45 -11.23 13.75
N GLY A 69 -32.55 -10.87 14.65
CA GLY A 69 -32.94 -10.49 16.00
C GLY A 69 -33.30 -9.02 16.04
N LEU A 70 -34.03 -8.64 17.10
CA LEU A 70 -34.50 -7.28 17.29
C LEU A 70 -33.94 -6.66 18.58
N GLY A 71 -32.93 -7.27 19.18
CA GLY A 71 -32.30 -6.64 20.33
C GLY A 71 -31.40 -5.56 19.82
N LEU A 72 -30.99 -4.63 20.69
CA LEU A 72 -29.79 -3.90 20.36
C LEU A 72 -28.76 -4.98 20.00
N ASN A 73 -28.17 -5.69 20.97
CA ASN A 73 -27.01 -6.59 20.73
C ASN A 73 -27.41 -7.99 20.24
N PRO A 74 -26.49 -8.74 19.58
CA PRO A 74 -26.88 -10.08 19.10
C PRO A 74 -27.30 -11.03 20.25
N ASP A 75 -26.65 -10.88 21.40
CA ASP A 75 -26.84 -11.83 22.48
C ASP A 75 -28.20 -11.55 23.17
N ASP A 76 -28.74 -10.35 22.92
CA ASP A 76 -30.11 -10.01 23.36
C ASP A 76 -31.16 -10.98 22.82
N THR A 77 -30.83 -11.68 21.74
CA THR A 77 -31.77 -12.57 21.05
C THR A 77 -31.00 -13.86 20.75
N THR A 78 -31.22 -14.87 21.58
CA THR A 78 -30.42 -16.10 21.57
C THR A 78 -31.28 -17.30 21.19
N PHE A 79 -30.81 -18.03 20.19
CA PHE A 79 -31.39 -19.32 19.81
C PHE A 79 -30.53 -20.41 20.45
N ASN A 80 -31.15 -21.23 21.28
CA ASN A 80 -30.61 -22.52 21.60
C ASN A 80 -31.10 -23.45 20.53
N GLY A 81 -30.28 -23.54 19.50
CA GLY A 81 -30.71 -24.01 18.19
C GLY A 81 -29.87 -23.38 17.08
N ASP A 82 -30.43 -23.36 15.88
CA ASP A 82 -29.63 -23.21 14.66
C ASP A 82 -30.37 -22.34 13.64
N VAL A 83 -29.60 -21.61 12.87
CA VAL A 83 -30.06 -21.01 11.63
C VAL A 83 -29.27 -21.66 10.48
N THR A 84 -29.96 -22.50 9.73
CA THR A 84 -29.35 -23.48 8.84
C THR A 84 -29.60 -23.18 7.37
N VAL A 85 -28.51 -23.21 6.58
CA VAL A 85 -28.60 -23.32 5.13
C VAL A 85 -27.83 -24.60 4.74
N ASP A 86 -28.51 -25.48 4.01
CA ASP A 86 -27.85 -26.63 3.39
C ASP A 86 -28.41 -26.81 1.97
N ALA A 87 -28.07 -27.93 1.34
CA ALA A 87 -28.29 -28.01 -0.11
C ALA A 87 -29.02 -29.27 -0.53
N GLY A 88 -29.88 -29.79 0.34
CA GLY A 88 -30.64 -30.99 0.01
C GLY A 88 -31.38 -30.83 -1.31
N TRP A 89 -32.14 -29.75 -1.42
CA TRP A 89 -32.97 -29.46 -2.59
C TRP A 89 -32.25 -29.47 -3.93
N PHE A 90 -30.96 -29.17 -3.90
CA PHE A 90 -30.17 -29.50 -5.05
C PHE A 90 -28.95 -30.33 -4.69
N ASP A 91 -29.25 -31.41 -3.95
CA ASP A 91 -28.49 -32.67 -3.79
C ASP A 91 -27.01 -32.58 -3.33
N GLY A 92 -26.81 -31.86 -2.24
CA GLY A 92 -25.47 -31.46 -1.89
C GLY A 92 -24.87 -30.77 -3.09
N ASN A 93 -25.64 -29.89 -3.71
CA ASN A 93 -25.05 -28.89 -4.54
C ASN A 93 -25.43 -27.50 -4.01
N ALA A 94 -24.45 -26.80 -3.43
CA ALA A 94 -24.73 -25.53 -2.75
C ALA A 94 -24.50 -24.26 -3.62
N THR A 95 -24.13 -24.45 -4.88
CA THR A 95 -23.76 -23.30 -5.74
C THR A 95 -24.92 -22.41 -6.21
N GLN A 96 -26.16 -22.76 -5.87
CA GLN A 96 -27.30 -21.89 -6.16
C GLN A 96 -28.06 -21.46 -4.90
N ASN A 97 -27.43 -21.57 -3.73
CA ASN A 97 -28.02 -21.10 -2.47
C ASN A 97 -27.80 -19.57 -2.29
N PHE A 98 -28.61 -18.82 -3.02
CA PHE A 98 -28.51 -17.39 -3.10
C PHE A 98 -29.61 -16.66 -2.31
N TRP A 99 -29.40 -15.36 -2.16
CA TRP A 99 -30.44 -14.35 -1.83
C TRP A 99 -31.17 -14.67 -0.50
N ARG A 100 -30.40 -14.66 0.57
CA ARG A 100 -30.99 -14.86 1.89
C ARG A 100 -30.05 -14.26 2.92
N SER A 101 -30.46 -14.16 4.18
CA SER A 101 -29.57 -13.44 5.13
C SER A 101 -29.90 -13.78 6.57
N ALA A 102 -28.89 -13.63 7.41
CA ALA A 102 -29.04 -13.76 8.87
C ALA A 102 -28.27 -12.64 9.53
N GLU A 103 -28.89 -12.05 10.54
CA GLU A 103 -28.20 -11.01 11.28
C GLU A 103 -28.69 -10.83 12.72
N ASN A 104 -27.78 -10.37 13.55
CA ASN A 104 -28.15 -9.84 14.88
C ASN A 104 -28.80 -10.87 15.82
N LEU A 105 -28.21 -12.07 15.80
CA LEU A 105 -28.60 -13.18 16.66
C LEU A 105 -27.40 -13.84 17.29
N ALA A 106 -27.61 -14.38 18.47
CA ALA A 106 -26.67 -15.35 19.04
C ALA A 106 -27.24 -16.75 18.85
N LEU A 107 -26.38 -17.67 18.43
CA LEU A 107 -26.75 -19.07 18.20
C LEU A 107 -25.95 -19.98 19.15
N ASN A 108 -26.67 -20.92 19.75
CA ASN A 108 -26.06 -21.99 20.55
C ASN A 108 -26.42 -23.30 19.85
N PRO A 109 -25.61 -23.66 18.85
CA PRO A 109 -26.13 -24.64 17.87
C PRO A 109 -26.18 -26.07 18.39
N VAL A 110 -27.01 -26.87 17.74
CA VAL A 110 -27.31 -28.23 18.22
C VAL A 110 -26.11 -29.23 18.26
N ASN A 111 -25.13 -29.24 17.38
CA ASN A 111 -23.92 -30.09 17.79
C ASN A 111 -22.65 -29.32 17.98
N GLY A 112 -22.81 -28.12 18.51
CA GLY A 112 -21.70 -27.25 18.76
C GLY A 112 -21.33 -26.58 17.46
N THR A 113 -22.02 -26.90 16.37
CA THR A 113 -21.70 -26.38 15.04
C THR A 113 -22.96 -26.02 14.25
N ASN A 114 -22.98 -24.79 13.76
CA ASN A 114 -24.07 -24.28 12.95
C ASN A 114 -23.65 -24.28 11.50
N ARG A 115 -24.55 -24.73 10.62
CA ARG A 115 -24.25 -24.85 9.19
C ARG A 115 -24.87 -23.73 8.38
N TRP A 116 -24.02 -22.99 7.63
CA TRP A 116 -24.46 -21.91 6.73
C TRP A 116 -23.79 -22.17 5.36
N ALA A 117 -24.31 -23.16 4.62
CA ALA A 117 -23.71 -23.59 3.36
C ALA A 117 -24.33 -22.84 2.22
N VAL A 118 -23.91 -21.60 2.09
CA VAL A 118 -24.47 -20.68 1.12
C VAL A 118 -23.51 -20.41 -0.04
N SER A 119 -24.08 -19.81 -1.10
CA SER A 119 -23.27 -19.23 -2.16
C SER A 119 -23.43 -17.70 -2.12
N GLN A 120 -23.56 -17.05 -3.28
CA GLN A 120 -23.54 -15.59 -3.31
C GLN A 120 -24.81 -14.95 -2.78
N ALA A 121 -24.65 -13.70 -2.33
CA ALA A 121 -25.76 -12.88 -1.81
C ALA A 121 -26.46 -13.53 -0.63
N ALA A 122 -25.65 -13.99 0.30
CA ALA A 122 -26.12 -14.64 1.48
C ALA A 122 -25.37 -14.14 2.73
N PRO A 123 -25.56 -12.86 3.06
CA PRO A 123 -24.76 -12.25 4.12
C PRO A 123 -25.11 -12.78 5.52
N PHE A 124 -24.08 -12.80 6.36
CA PHE A 124 -24.12 -13.31 7.74
C PHE A 124 -23.44 -12.17 8.50
N ARG A 125 -24.25 -11.36 9.20
CA ARG A 125 -23.78 -10.12 9.81
C ARG A 125 -24.19 -10.02 11.30
N ARG A 126 -23.33 -9.43 12.11
CA ARG A 126 -23.69 -9.15 13.49
C ARG A 126 -24.17 -10.40 14.23
N MET A 127 -23.51 -11.52 13.98
CA MET A 127 -23.86 -12.79 14.62
C MET A 127 -22.88 -13.13 15.74
N HIS A 128 -23.40 -13.84 16.74
CA HIS A 128 -22.56 -14.48 17.75
C HIS A 128 -22.86 -15.99 17.74
N VAL A 129 -21.95 -16.78 17.16
CA VAL A 129 -22.07 -18.24 17.14
C VAL A 129 -21.28 -18.82 18.29
N LYS A 130 -22.00 -19.35 19.26
CA LYS A 130 -21.43 -19.91 20.47
C LYS A 130 -21.03 -21.37 20.22
N GLY A 131 -20.00 -21.51 19.42
CA GLY A 131 -19.61 -22.80 18.85
C GLY A 131 -18.93 -22.63 17.50
N GLY A 132 -19.10 -23.65 16.65
CA GLY A 132 -18.43 -23.72 15.36
C GLY A 132 -19.37 -23.26 14.24
N LEU A 133 -18.79 -22.95 13.09
CA LEU A 133 -19.57 -22.53 11.91
C LEU A 133 -19.08 -23.31 10.71
N ASN A 134 -19.95 -24.16 10.18
CA ASN A 134 -19.63 -24.99 9.01
C ASN A 134 -20.24 -24.30 7.77
N LEU A 135 -19.42 -24.02 6.76
CA LEU A 135 -19.87 -23.32 5.56
C LEU A 135 -20.13 -24.27 4.41
N ALA A 136 -20.04 -25.55 4.68
CA ALA A 136 -20.11 -26.54 3.64
C ALA A 136 -21.37 -27.38 3.77
N PRO A 137 -21.90 -27.79 2.62
CA PRO A 137 -22.76 -28.99 2.68
C PRO A 137 -21.92 -30.26 3.00
N ASP A 138 -22.57 -31.31 3.55
CA ASP A 138 -22.05 -32.73 3.59
C ASP A 138 -21.61 -33.19 2.19
N GLY A 139 -20.64 -34.09 2.04
CA GLY A 139 -20.47 -34.79 0.75
C GLY A 139 -19.65 -34.19 -0.40
N TYR A 140 -18.72 -33.37 0.03
CA TYR A 140 -17.84 -32.43 -0.76
C TYR A 140 -18.29 -31.61 -2.04
N GLY A 141 -19.39 -31.95 -2.70
CA GLY A 141 -20.03 -30.98 -3.61
C GLY A 141 -19.83 -29.46 -3.46
N TRP A 142 -20.10 -28.78 -4.56
CA TRP A 142 -19.55 -27.44 -4.73
C TRP A 142 -20.33 -26.35 -3.99
N ALA A 143 -19.63 -25.26 -3.72
CA ALA A 143 -20.25 -24.11 -3.02
C ALA A 143 -19.34 -22.92 -3.24
N SER A 144 -19.95 -21.75 -3.33
CA SER A 144 -19.24 -20.55 -3.79
C SER A 144 -19.75 -19.28 -3.15
N GLY A 145 -19.61 -19.24 -1.82
CA GLY A 145 -19.84 -18.05 -1.05
C GLY A 145 -18.71 -17.04 -1.19
N GLY A 146 -18.63 -16.09 -0.25
CA GLY A 146 -19.52 -15.96 0.89
C GLY A 146 -19.01 -14.76 1.67
N TYR A 147 -19.79 -14.33 2.65
CA TYR A 147 -19.56 -13.06 3.32
C TYR A 147 -19.98 -13.13 4.78
N ILE A 148 -19.00 -12.87 5.65
CA ILE A 148 -19.22 -12.69 7.09
C ILE A 148 -18.68 -11.32 7.50
N ALA A 149 -19.49 -10.53 8.20
CA ALA A 149 -19.03 -9.27 8.78
C ALA A 149 -19.53 -9.06 10.21
N ASP A 150 -18.71 -8.40 11.01
CA ASP A 150 -19.09 -7.95 12.36
C ASP A 150 -19.59 -9.10 13.22
N SER A 151 -18.94 -10.25 13.09
CA SER A 151 -19.40 -11.47 13.77
C SER A 151 -18.32 -12.06 14.68
N LYS A 152 -18.78 -12.79 15.71
CA LYS A 152 -17.86 -13.53 16.58
C LYS A 152 -18.26 -15.00 16.55
N ILE A 153 -17.34 -15.82 16.08
CA ILE A 153 -17.51 -17.26 16.07
C ILE A 153 -16.60 -17.77 17.17
N ASP A 154 -17.17 -18.26 18.28
CA ASP A 154 -16.32 -18.64 19.40
C ASP A 154 -15.41 -19.84 19.03
N GLY A 155 -15.82 -20.65 18.05
CA GLY A 155 -15.12 -21.88 17.70
C GLY A 155 -14.33 -21.77 16.40
N GLU A 156 -14.30 -22.85 15.61
CA GLU A 156 -13.58 -22.89 14.33
C GLU A 156 -14.57 -22.65 13.23
N VAL A 157 -14.11 -21.95 12.20
CA VAL A 157 -14.86 -21.87 10.95
C VAL A 157 -14.36 -22.96 10.01
N GLY A 158 -15.25 -23.51 9.19
CA GLY A 158 -14.97 -24.61 8.26
C GLY A 158 -15.43 -24.28 6.85
N PRO A 159 -14.48 -23.99 5.95
CA PRO A 159 -14.98 -23.74 4.60
C PRO A 159 -15.15 -25.04 3.81
N TYR A 160 -14.34 -26.05 4.19
CA TYR A 160 -14.29 -27.36 3.54
C TYR A 160 -14.21 -27.18 2.04
N SER A 161 -15.34 -27.29 1.34
CA SER A 161 -15.31 -27.26 -0.10
C SER A 161 -15.52 -25.88 -0.69
N GLN A 162 -15.98 -24.94 0.12
CA GLN A 162 -16.15 -23.55 -0.35
C GLN A 162 -14.96 -23.03 -1.15
N GLN A 163 -15.22 -22.53 -2.38
CA GLN A 163 -14.12 -22.09 -3.22
C GLN A 163 -13.37 -20.89 -2.66
N GLN A 164 -14.14 -19.93 -2.18
CA GLN A 164 -13.59 -18.65 -1.76
C GLN A 164 -14.47 -18.09 -0.65
N TRP A 165 -14.00 -17.06 0.04
CA TRP A 165 -14.74 -16.47 1.15
C TRP A 165 -14.12 -15.14 1.55
N TYR A 166 -14.97 -14.21 1.99
CA TYR A 166 -14.50 -12.95 2.58
C TYR A 166 -15.06 -12.78 3.99
N THR A 167 -14.17 -12.44 4.93
CA THR A 167 -14.60 -12.13 6.30
C THR A 167 -13.99 -10.78 6.70
N ARG A 168 -14.79 -9.90 7.26
CA ARG A 168 -14.23 -8.67 7.82
C ARG A 168 -14.73 -8.35 9.22
N ASP A 169 -13.85 -7.65 9.93
CA ASP A 169 -14.17 -7.02 11.21
C ASP A 169 -14.95 -7.97 12.09
N SER A 170 -14.28 -9.06 12.45
CA SER A 170 -14.86 -10.18 13.17
C SER A 170 -13.80 -10.84 14.04
N SER A 171 -14.22 -11.94 14.65
CA SER A 171 -13.35 -12.76 15.48
C SER A 171 -13.74 -14.23 15.35
N VAL A 172 -12.75 -15.10 15.14
CA VAL A 172 -12.99 -16.54 15.04
C VAL A 172 -12.02 -17.31 15.97
N GLY A 173 -12.46 -18.46 16.44
CA GLY A 173 -11.59 -19.30 17.25
C GLY A 173 -10.66 -20.23 16.46
N GLY A 174 -11.04 -20.54 15.23
CA GLY A 174 -10.22 -21.34 14.34
C GLY A 174 -10.69 -21.11 12.90
N TRP A 175 -9.88 -21.53 11.94
CA TRP A 175 -10.24 -21.44 10.53
C TRP A 175 -9.65 -22.64 9.78
N GLY A 176 -10.51 -23.56 9.35
CA GLY A 176 -10.04 -24.89 9.01
C GLY A 176 -9.26 -25.08 7.71
N ASN A 177 -9.64 -24.36 6.65
CA ASN A 177 -8.89 -24.46 5.40
C ASN A 177 -9.12 -23.30 4.45
N GLY A 178 -8.11 -23.08 3.60
CA GLY A 178 -8.29 -22.33 2.37
C GLY A 178 -8.50 -23.29 1.21
N VAL A 179 -9.03 -22.74 0.11
CA VAL A 179 -9.37 -23.53 -1.06
C VAL A 179 -8.78 -22.82 -2.29
N TRP A 180 -9.43 -21.78 -2.80
CA TRP A 180 -8.83 -20.91 -3.82
C TRP A 180 -8.54 -19.49 -3.31
N ASN A 181 -9.43 -18.91 -2.50
CA ASN A 181 -9.24 -17.51 -2.09
C ASN A 181 -10.02 -17.17 -0.84
N MET A 182 -9.39 -17.35 0.32
CA MET A 182 -9.97 -16.92 1.58
C MET A 182 -9.30 -15.60 1.97
N THR A 183 -10.11 -14.54 2.07
CA THR A 183 -9.58 -13.21 2.37
C THR A 183 -10.19 -12.71 3.69
N PHE A 184 -9.35 -12.04 4.47
CA PHE A 184 -9.73 -11.55 5.79
C PHE A 184 -9.25 -10.12 5.91
N SER A 185 -10.08 -9.22 6.46
CA SER A 185 -9.58 -7.91 6.87
C SER A 185 -10.17 -7.55 8.22
N GLY A 186 -9.32 -7.19 9.16
CA GLY A 186 -9.76 -6.86 10.51
C GLY A 186 -10.36 -8.05 11.28
N VAL A 187 -9.81 -9.23 11.04
CA VAL A 187 -10.33 -10.45 11.68
C VAL A 187 -9.40 -11.02 12.73
N GLU A 188 -9.83 -10.82 13.99
CA GLU A 188 -9.16 -11.43 15.14
C GLU A 188 -9.23 -12.94 15.01
N GLY A 189 -8.07 -13.61 14.95
CA GLY A 189 -8.05 -15.06 14.84
C GLY A 189 -7.93 -15.64 13.44
N ALA A 190 -7.84 -14.79 12.42
CA ALA A 190 -7.69 -15.33 11.06
C ALA A 190 -6.30 -15.90 10.84
N PRO A 191 -6.15 -16.81 9.87
CA PRO A 191 -4.80 -17.36 9.64
C PRO A 191 -3.81 -16.27 9.28
N ALA A 192 -2.51 -16.58 9.41
CA ALA A 192 -1.48 -15.72 8.85
C ALA A 192 -1.67 -15.60 7.35
N GLN A 193 -1.37 -14.42 6.82
CA GLN A 193 -1.19 -14.21 5.39
C GLN A 193 -0.21 -15.23 4.89
N SER A 194 -0.63 -16.04 3.91
CA SER A 194 0.19 -17.15 3.40
C SER A 194 0.08 -17.44 1.90
N PHE A 195 -0.63 -16.58 1.18
CA PHE A 195 -0.89 -16.81 -0.23
C PHE A 195 0.48 -16.97 -0.89
N PRO A 196 0.63 -17.96 -1.79
CA PRO A 196 -0.43 -18.72 -2.46
C PRO A 196 -0.89 -20.05 -1.86
N GLU A 197 -0.37 -20.50 -0.72
CA GLU A 197 -0.53 -21.90 -0.34
C GLU A 197 -0.37 -22.11 1.19
N PRO A 198 -1.49 -22.12 1.95
CA PRO A 198 -2.87 -22.00 1.44
C PRO A 198 -3.20 -20.55 1.05
N PRO A 199 -4.28 -20.36 0.28
CA PRO A 199 -4.54 -19.09 -0.41
C PRO A 199 -5.23 -18.10 0.55
N TYR A 200 -4.48 -17.79 1.60
CA TYR A 200 -4.90 -16.90 2.66
C TYR A 200 -4.37 -15.49 2.42
N THR A 201 -5.28 -14.55 2.21
CA THR A 201 -5.00 -13.13 2.08
C THR A 201 -5.50 -12.41 3.32
N THR A 202 -4.59 -11.92 4.15
CA THR A 202 -4.94 -11.47 5.49
C THR A 202 -4.40 -10.09 5.83
N LEU A 203 -5.33 -9.15 6.04
CA LEU A 203 -4.97 -7.78 6.37
C LEU A 203 -5.38 -7.42 7.80
N GLU A 204 -4.44 -6.73 8.46
CA GLU A 204 -4.53 -6.23 9.85
C GLU A 204 -5.92 -5.64 10.12
N THR A 205 -6.23 -4.62 9.35
CA THR A 205 -7.41 -3.80 9.61
C THR A 205 -8.16 -3.59 8.31
N THR A 206 -9.42 -3.14 8.43
CA THR A 206 -10.21 -2.76 7.27
C THR A 206 -10.21 -1.25 7.08
N PRO A 207 -9.57 -0.75 6.00
CA PRO A 207 -9.34 0.69 5.87
C PRO A 207 -10.48 1.61 6.37
N VAL A 208 -11.71 1.35 5.92
CA VAL A 208 -12.90 1.97 6.54
C VAL A 208 -14.05 0.99 6.47
N SER A 209 -14.92 1.03 7.48
CA SER A 209 -16.10 0.19 7.47
C SER A 209 -17.20 0.79 8.37
N ARG A 210 -18.43 0.60 7.95
CA ARG A 210 -19.57 1.14 8.66
C ARG A 210 -20.63 0.06 8.61
N GLU A 211 -21.02 -0.41 9.78
CA GLU A 211 -21.88 -1.57 9.85
C GLU A 211 -23.29 -1.25 9.35
N LYS A 212 -23.95 -2.25 8.79
CA LYS A 212 -25.23 -2.05 8.10
C LYS A 212 -26.34 -1.71 9.13
N PRO A 213 -27.17 -0.69 8.86
CA PRO A 213 -28.32 -0.38 9.75
C PRO A 213 -29.28 -1.57 9.92
N PHE A 214 -29.98 -1.63 11.04
CA PHE A 214 -30.92 -2.73 11.30
C PHE A 214 -32.09 -2.35 12.19
N LEU A 215 -33.21 -3.05 12.03
CA LEU A 215 -34.47 -2.81 12.72
C LEU A 215 -34.38 -3.51 14.07
N TYR A 216 -34.82 -2.82 15.12
CA TYR A 216 -34.77 -3.40 16.46
C TYR A 216 -35.88 -2.82 17.31
N LEU A 217 -36.02 -3.35 18.52
CA LEU A 217 -36.95 -2.82 19.47
C LEU A 217 -36.16 -2.17 20.68
N ASP A 218 -36.35 -0.83 20.90
CA ASP A 218 -35.68 0.02 21.97
C ASP A 218 -36.77 0.37 23.01
N GLY A 219 -36.87 -0.47 24.04
CA GLY A 219 -38.09 -0.60 24.84
C GLY A 219 -39.21 -1.38 24.11
N ASP A 220 -40.46 -0.94 24.18
CA ASP A 220 -41.47 -1.55 23.29
C ASP A 220 -41.70 -0.74 21.98
N ASP A 221 -40.65 -0.01 21.54
CA ASP A 221 -40.71 0.87 20.33
C ASP A 221 -39.84 0.37 19.11
N TYR A 222 -40.38 0.23 17.90
CA TYR A 222 -39.51 -0.05 16.74
C TYR A 222 -38.67 1.14 16.30
N LYS A 223 -37.38 0.86 16.10
CA LYS A 223 -36.39 1.82 15.67
C LYS A 223 -35.39 1.16 14.73
N VAL A 224 -34.50 1.97 14.16
CA VAL A 224 -33.44 1.51 13.28
C VAL A 224 -32.13 2.00 13.87
N PHE A 225 -31.26 1.08 14.27
CA PHE A 225 -29.91 1.49 14.67
C PHE A 225 -29.04 1.71 13.44
N VAL A 226 -28.10 2.64 13.61
CA VAL A 226 -27.33 3.20 12.51
C VAL A 226 -25.92 3.37 12.99
N PRO A 227 -25.12 2.30 12.90
CA PRO A 227 -23.75 2.28 13.43
C PRO A 227 -22.92 3.36 12.84
N ALA A 228 -21.72 3.53 13.38
CA ALA A 228 -20.86 4.64 12.97
C ALA A 228 -19.66 4.04 12.28
N LYS A 229 -19.13 4.76 11.31
CA LYS A 229 -17.96 4.25 10.63
C LYS A 229 -16.77 4.15 11.60
N ARG A 230 -15.91 3.17 11.33
CA ARG A 230 -14.63 3.04 11.99
C ARG A 230 -13.59 3.03 10.91
N THR A 231 -12.43 3.66 11.18
CA THR A 231 -11.25 3.50 10.32
C THR A 231 -10.32 2.43 10.94
N ASN A 232 -9.58 1.69 10.11
CA ASN A 232 -8.70 0.65 10.63
C ASN A 232 -9.47 -0.24 11.59
N ALA A 233 -10.63 -0.68 11.13
CA ALA A 233 -11.49 -1.58 11.86
C ALA A 233 -10.86 -2.96 12.05
N ARG A 234 -11.09 -3.50 13.25
CA ARG A 234 -10.67 -4.83 13.60
C ARG A 234 -11.61 -5.39 14.68
N GLY A 235 -11.92 -6.67 14.53
CA GLY A 235 -12.88 -7.29 15.42
C GLY A 235 -14.24 -6.62 15.35
N THR A 236 -15.12 -7.02 16.26
CA THR A 236 -16.51 -6.60 16.12
C THR A 236 -16.70 -5.19 16.67
N SER A 237 -17.82 -4.61 16.27
CA SER A 237 -18.23 -3.30 16.76
C SER A 237 -18.92 -3.34 18.13
N TRP A 238 -19.50 -4.49 18.52
CA TRP A 238 -20.62 -4.54 19.48
C TRP A 238 -20.54 -5.21 20.85
N GLY A 239 -19.37 -5.54 21.40
CA GLY A 239 -19.34 -6.17 22.72
C GLY A 239 -18.77 -5.35 23.90
N ASN A 240 -19.00 -4.02 23.93
CA ASN A 240 -18.61 -3.16 25.08
C ASN A 240 -19.76 -2.26 25.39
N GLY A 241 -20.69 -2.73 26.23
CA GLY A 241 -21.96 -2.07 26.36
C GLY A 241 -22.29 -1.28 25.11
N THR A 242 -22.64 -0.04 25.36
CA THR A 242 -23.44 0.72 24.44
C THR A 242 -22.77 0.98 23.08
N PRO A 243 -23.55 0.86 22.01
CA PRO A 243 -22.82 1.02 20.74
C PRO A 243 -22.96 2.45 20.21
N GLU A 244 -22.20 2.83 19.16
CA GLU A 244 -22.12 4.26 18.73
C GLU A 244 -22.74 4.52 17.37
N GLY A 245 -23.82 5.27 17.39
CA GLY A 245 -24.56 5.57 16.19
C GLY A 245 -25.82 6.30 16.55
N GLU A 246 -26.80 6.23 15.65
CA GLU A 246 -28.03 6.98 15.82
C GLU A 246 -29.17 6.02 15.86
N SER A 247 -30.03 6.19 16.85
CA SER A 247 -31.30 5.50 16.82
C SER A 247 -32.36 6.41 16.22
N LEU A 248 -33.11 5.88 15.26
CA LEU A 248 -34.13 6.60 14.55
C LEU A 248 -35.47 5.89 14.70
N PRO A 249 -36.44 6.54 15.35
CA PRO A 249 -37.71 5.84 15.48
C PRO A 249 -38.32 5.47 14.12
N LEU A 250 -39.16 4.44 14.12
CA LEU A 250 -39.79 4.02 12.89
C LEU A 250 -40.72 5.07 12.27
N ASP A 251 -41.21 5.99 13.12
CA ASP A 251 -42.01 7.13 12.65
C ASP A 251 -41.35 7.97 11.58
N GLN A 252 -40.00 7.97 11.55
CA GLN A 252 -39.23 8.78 10.63
C GLN A 252 -39.05 8.03 9.27
N PHE A 253 -39.60 6.82 9.18
CA PHE A 253 -39.49 6.01 7.96
C PHE A 253 -40.80 5.95 7.24
N TYR A 254 -40.78 6.10 5.92
CA TYR A 254 -41.88 5.59 5.12
C TYR A 254 -41.72 4.08 5.10
N VAL A 255 -42.69 3.37 5.69
CA VAL A 255 -42.69 1.91 5.71
C VAL A 255 -43.38 1.50 4.39
N VAL A 256 -42.54 1.24 3.40
CA VAL A 256 -42.96 1.08 2.01
C VAL A 256 -43.43 -0.35 1.74
N LYS A 257 -44.63 -0.51 1.19
CA LYS A 257 -45.23 -1.84 1.04
C LYS A 257 -45.72 -2.21 -0.35
N PRO A 258 -45.90 -3.55 -0.58
CA PRO A 258 -46.70 -4.06 -1.69
C PRO A 258 -47.86 -3.14 -1.89
N GLY A 259 -47.68 -2.27 -2.87
CA GLY A 259 -48.56 -1.13 -3.13
C GLY A 259 -47.78 0.02 -3.75
N ALA A 260 -46.77 0.51 -3.03
CA ALA A 260 -46.23 1.88 -3.21
C ALA A 260 -45.62 2.23 -4.60
N THR A 261 -45.49 3.53 -4.87
CA THR A 261 -44.85 4.03 -6.08
C THR A 261 -43.65 4.95 -5.92
N ALA A 262 -42.77 4.96 -6.91
CA ALA A 262 -41.63 5.85 -6.88
C ALA A 262 -42.00 7.33 -6.69
N GLU A 263 -43.06 7.84 -7.34
CA GLU A 263 -43.58 9.19 -7.08
C GLU A 263 -43.83 9.35 -5.57
N THR A 264 -44.54 8.39 -5.00
CA THR A 264 -44.78 8.37 -3.56
C THR A 264 -43.49 8.11 -2.74
N ILE A 265 -42.73 7.09 -3.10
CA ILE A 265 -41.44 6.87 -2.47
C ILE A 265 -40.58 8.13 -2.60
N ASN A 266 -40.58 8.75 -3.78
CA ASN A 266 -39.76 9.94 -4.01
C ASN A 266 -40.19 11.11 -3.15
N ALA A 267 -41.49 11.28 -3.02
CA ALA A 267 -42.06 12.34 -2.19
C ALA A 267 -41.63 12.13 -0.75
N ALA A 268 -41.68 10.87 -0.31
CA ALA A 268 -41.21 10.52 1.04
C ALA A 268 -39.83 11.12 1.33
N VAL A 269 -38.88 10.85 0.44
CA VAL A 269 -37.49 11.30 0.64
C VAL A 269 -37.42 12.83 0.71
N ASP A 270 -38.07 13.49 -0.24
CA ASP A 270 -38.07 14.96 -0.26
C ASP A 270 -38.47 15.53 1.08
N GLN A 271 -39.52 14.97 1.65
CA GLN A 271 -40.11 15.52 2.85
C GLN A 271 -39.44 15.10 4.17
N GLY A 272 -38.35 14.33 4.07
CA GLY A 272 -37.52 14.01 5.23
C GLY A 272 -37.79 12.68 5.88
N LEU A 273 -38.39 11.75 5.14
CA LEU A 273 -38.56 10.39 5.63
C LEU A 273 -37.49 9.49 5.05
N HIS A 274 -36.99 8.59 5.90
CA HIS A 274 -36.11 7.51 5.48
C HIS A 274 -37.00 6.45 4.82
N LEU A 275 -36.39 5.42 4.23
CA LEU A 275 -37.17 4.37 3.56
C LEU A 275 -36.98 2.99 4.14
N LEU A 276 -38.10 2.30 4.41
CA LEU A 276 -38.04 0.89 4.78
C LEU A 276 -38.83 0.14 3.77
N PHE A 277 -38.15 -0.68 2.99
CA PHE A 277 -38.83 -1.53 2.03
C PHE A 277 -39.16 -2.84 2.67
N THR A 278 -40.46 -3.05 2.92
CA THR A 278 -40.89 -4.31 3.48
C THR A 278 -40.78 -5.38 2.38
N PRO A 279 -40.75 -6.65 2.79
CA PRO A 279 -40.45 -7.71 1.81
C PRO A 279 -41.52 -7.76 0.72
N GLY A 280 -41.04 -7.69 -0.52
CA GLY A 280 -41.93 -7.70 -1.67
C GLY A 280 -41.19 -7.27 -2.92
N VAL A 281 -41.92 -7.13 -4.02
CA VAL A 281 -41.36 -6.69 -5.29
C VAL A 281 -42.04 -5.44 -5.78
N TYR A 282 -41.21 -4.42 -5.98
CA TYR A 282 -41.61 -3.06 -6.31
C TYR A 282 -41.28 -2.81 -7.79
N HIS A 283 -42.31 -2.69 -8.61
CA HIS A 283 -42.13 -2.53 -10.06
C HIS A 283 -42.42 -1.08 -10.44
N VAL A 284 -41.36 -0.27 -10.64
CA VAL A 284 -41.49 1.18 -10.80
C VAL A 284 -41.20 1.79 -12.20
N ASP A 285 -41.64 3.04 -12.38
CA ASP A 285 -41.64 3.73 -13.70
C ASP A 285 -40.65 4.90 -13.87
N GLN A 286 -40.23 5.44 -12.76
CA GLN A 286 -39.13 6.39 -12.66
C GLN A 286 -38.06 5.73 -11.86
N PRO A 287 -36.87 6.35 -11.84
CA PRO A 287 -35.94 6.00 -10.76
C PRO A 287 -36.49 6.34 -9.38
N ILE A 288 -36.18 5.50 -8.41
CA ILE A 288 -36.21 5.89 -7.01
C ILE A 288 -35.05 6.86 -6.90
N GLU A 289 -35.31 8.06 -6.39
CA GLU A 289 -34.27 9.09 -6.30
C GLU A 289 -34.06 9.43 -4.84
N ILE A 290 -32.81 9.35 -4.41
CA ILE A 290 -32.45 9.66 -3.03
C ILE A 290 -31.47 10.83 -3.09
N ASP A 291 -32.00 12.02 -2.81
CA ASP A 291 -31.17 13.23 -2.88
C ASP A 291 -31.17 14.01 -1.54
N ARG A 292 -31.30 13.29 -0.43
CA ARG A 292 -31.15 13.86 0.91
C ARG A 292 -29.98 13.13 1.58
N ALA A 293 -28.94 13.89 1.92
CA ALA A 293 -27.89 13.37 2.74
C ALA A 293 -28.46 12.64 3.96
N ASN A 294 -27.74 11.61 4.39
CA ASN A 294 -28.07 10.80 5.56
C ASN A 294 -29.34 9.93 5.45
N THR A 295 -29.90 9.83 4.26
CA THR A 295 -31.07 8.97 4.06
C THR A 295 -30.70 7.51 4.12
N VAL A 296 -31.42 6.78 4.98
CA VAL A 296 -31.32 5.36 5.11
C VAL A 296 -32.39 4.72 4.25
N ALA A 297 -32.00 3.78 3.38
CA ALA A 297 -32.97 3.00 2.59
C ALA A 297 -32.64 1.56 2.85
N LEU A 298 -33.45 0.93 3.70
CA LEU A 298 -33.19 -0.39 4.27
C LEU A 298 -34.26 -1.34 3.76
N GLY A 299 -33.84 -2.42 3.10
CA GLY A 299 -34.76 -3.47 2.70
C GLY A 299 -34.78 -4.60 3.70
N LEU A 300 -35.95 -5.23 3.79
CA LEU A 300 -36.21 -6.42 4.59
C LEU A 300 -36.55 -7.58 3.65
N GLY A 301 -36.14 -8.79 4.00
CA GLY A 301 -36.56 -9.99 3.28
C GLY A 301 -36.33 -9.97 1.77
N LEU A 302 -35.19 -9.39 1.37
CA LEU A 302 -34.77 -9.35 -0.02
C LEU A 302 -35.74 -8.58 -0.91
N ALA A 303 -36.29 -7.51 -0.33
CA ALA A 303 -37.09 -6.57 -1.08
C ALA A 303 -36.40 -6.22 -2.38
N THR A 304 -37.18 -6.26 -3.45
CA THR A 304 -36.67 -6.23 -4.80
C THR A 304 -37.31 -5.10 -5.56
N ILE A 305 -36.49 -4.42 -6.35
CA ILE A 305 -36.94 -3.32 -7.19
C ILE A 305 -36.69 -3.67 -8.65
N ILE A 306 -37.76 -3.59 -9.46
CA ILE A 306 -37.69 -3.85 -10.90
C ILE A 306 -38.03 -2.56 -11.64
N PRO A 307 -37.07 -2.04 -12.45
CA PRO A 307 -37.37 -0.83 -13.23
C PRO A 307 -38.05 -1.19 -14.52
N ASP A 308 -39.26 -0.65 -14.74
CA ASP A 308 -39.91 -0.76 -16.05
C ASP A 308 -39.43 0.35 -16.98
N ASN A 309 -39.90 0.32 -18.23
CA ASN A 309 -39.74 1.48 -19.14
C ASN A 309 -38.29 1.79 -19.52
N GLY A 310 -37.37 0.95 -19.07
CA GLY A 310 -35.96 1.13 -19.39
C GLY A 310 -35.27 2.12 -18.48
N VAL A 311 -35.95 2.51 -17.40
CA VAL A 311 -35.34 3.47 -16.50
C VAL A 311 -34.31 2.84 -15.53
N THR A 312 -33.49 3.72 -14.98
CA THR A 312 -32.64 3.36 -13.87
C THR A 312 -33.55 3.04 -12.65
N ALA A 313 -33.12 2.12 -11.80
CA ALA A 313 -33.92 1.73 -10.61
C ALA A 313 -33.73 2.66 -9.42
N LEU A 314 -32.48 3.10 -9.22
CA LEU A 314 -32.11 3.76 -8.00
C LEU A 314 -30.99 4.73 -8.31
N LYS A 315 -31.21 5.98 -7.93
CA LYS A 315 -30.23 7.06 -8.19
C LYS A 315 -29.98 7.91 -6.94
N VAL A 316 -28.83 7.72 -6.30
CA VAL A 316 -28.44 8.55 -5.17
C VAL A 316 -27.80 9.83 -5.68
N GLY A 317 -28.12 10.93 -5.01
CA GLY A 317 -27.47 12.20 -5.32
C GLY A 317 -26.03 12.30 -4.82
N ASP A 318 -25.40 13.43 -5.14
CA ASP A 318 -24.05 13.79 -4.71
C ASP A 318 -24.03 14.30 -3.27
N VAL A 319 -24.73 13.57 -2.40
CA VAL A 319 -24.89 13.97 -1.01
C VAL A 319 -24.19 12.99 -0.05
N ASP A 320 -23.82 13.49 1.12
CA ASP A 320 -23.18 12.67 2.17
C ASP A 320 -24.13 11.61 2.72
N GLY A 321 -23.57 10.54 3.29
CA GLY A 321 -24.24 9.75 4.30
C GLY A 321 -25.36 8.82 3.91
N VAL A 322 -25.65 8.66 2.62
CA VAL A 322 -26.77 7.77 2.23
C VAL A 322 -26.36 6.34 2.49
N LYS A 323 -27.27 5.57 3.08
CA LYS A 323 -26.99 4.18 3.48
C LYS A 323 -28.02 3.30 2.78
N VAL A 324 -27.65 2.71 1.66
CA VAL A 324 -28.53 1.74 0.97
C VAL A 324 -28.19 0.34 1.46
N ALA A 325 -29.19 -0.43 1.88
CA ALA A 325 -28.90 -1.74 2.44
C ALA A 325 -30.00 -2.76 2.16
N GLY A 326 -29.63 -3.95 1.71
CA GLY A 326 -30.56 -5.08 1.65
C GLY A 326 -31.62 -5.02 0.58
N LEU A 327 -31.18 -4.66 -0.61
CA LEU A 327 -32.07 -4.58 -1.77
C LEU A 327 -31.53 -5.41 -2.92
N LEU A 328 -32.46 -6.07 -3.59
CA LEU A 328 -32.17 -6.76 -4.85
C LEU A 328 -32.76 -5.95 -6.00
N VAL A 329 -31.93 -5.57 -6.97
CA VAL A 329 -32.39 -4.86 -8.16
C VAL A 329 -32.41 -5.84 -9.34
N ASP A 330 -33.59 -6.14 -9.87
CA ASP A 330 -33.81 -7.13 -10.93
C ASP A 330 -34.16 -6.41 -12.24
N ALA A 331 -33.29 -6.53 -13.25
CA ALA A 331 -33.52 -5.85 -14.50
C ALA A 331 -34.84 -6.26 -15.13
N GLY A 332 -35.53 -5.29 -15.72
CA GLY A 332 -36.67 -5.57 -16.55
C GLY A 332 -36.19 -5.95 -17.95
N PRO A 333 -37.07 -6.64 -18.70
CA PRO A 333 -36.76 -7.02 -20.09
C PRO A 333 -36.37 -5.82 -20.98
N VAL A 334 -36.78 -4.61 -20.62
CA VAL A 334 -36.39 -3.43 -21.39
C VAL A 334 -35.04 -2.88 -20.91
N ASN A 335 -34.06 -2.80 -21.81
CA ASN A 335 -32.70 -2.46 -21.42
C ASN A 335 -32.58 -1.12 -20.67
N SER A 336 -32.17 -1.17 -19.41
CA SER A 336 -31.88 0.06 -18.69
C SER A 336 -30.44 0.47 -18.99
N GLU A 337 -30.22 1.73 -19.27
CA GLU A 337 -28.85 2.20 -19.51
C GLU A 337 -27.98 2.05 -18.24
N THR A 338 -28.55 2.37 -17.08
CA THR A 338 -27.97 1.97 -15.80
C THR A 338 -29.06 1.40 -14.90
N LEU A 339 -28.68 0.55 -13.94
CA LEU A 339 -29.63 0.12 -12.92
C LEU A 339 -29.53 0.89 -11.58
N VAL A 340 -28.31 1.19 -11.16
CA VAL A 340 -28.05 1.94 -9.93
C VAL A 340 -26.97 2.96 -10.21
N GLU A 341 -27.24 4.22 -9.90
CA GLU A 341 -26.21 5.27 -9.95
C GLU A 341 -26.00 5.87 -8.57
N VAL A 342 -24.73 5.98 -8.16
CA VAL A 342 -24.36 6.70 -6.95
C VAL A 342 -23.63 7.96 -7.36
N GLY A 343 -24.37 9.06 -7.36
CA GLY A 343 -23.82 10.35 -7.70
C GLY A 343 -23.77 10.65 -9.19
N SER A 344 -23.34 11.86 -9.50
CA SER A 344 -23.49 12.40 -10.87
C SER A 344 -22.21 12.31 -11.68
N ASP A 345 -22.40 11.89 -12.94
CA ASP A 345 -21.39 11.86 -13.99
C ASP A 345 -20.64 13.17 -13.86
N GLY A 346 -19.37 13.02 -13.49
CA GLY A 346 -18.51 14.16 -13.21
C GLY A 346 -18.25 14.37 -11.72
N ALA A 347 -18.89 15.36 -11.12
CA ALA A 347 -19.02 15.49 -9.63
C ALA A 347 -17.73 15.20 -8.88
N SER A 348 -17.08 16.27 -8.43
CA SER A 348 -15.67 16.29 -8.14
C SER A 348 -15.48 16.73 -6.68
N GLY A 349 -16.55 16.53 -5.90
CA GLY A 349 -16.56 16.80 -4.48
C GLY A 349 -16.15 15.64 -3.59
N ASP A 350 -15.81 15.98 -2.34
CA ASP A 350 -15.26 15.02 -1.41
C ASP A 350 -16.34 14.66 -0.37
N HIS A 351 -16.37 13.39 0.08
CA HIS A 351 -17.40 12.88 1.02
C HIS A 351 -16.71 12.02 2.09
N ALA A 352 -15.62 12.52 2.66
CA ALA A 352 -14.70 11.67 3.44
C ALA A 352 -15.10 11.43 4.89
N ALA A 353 -15.82 12.38 5.49
CA ALA A 353 -16.21 12.24 6.90
C ALA A 353 -17.54 11.52 7.11
N ASN A 354 -18.34 11.43 6.04
CA ASN A 354 -19.66 10.83 6.10
C ASN A 354 -20.05 10.26 4.70
N PRO A 355 -19.40 9.15 4.30
CA PRO A 355 -19.59 8.58 2.98
C PRO A 355 -20.97 7.98 2.73
N THR A 356 -21.31 7.86 1.46
CA THR A 356 -22.48 7.07 1.06
C THR A 356 -22.04 5.61 0.91
N SER A 357 -22.92 4.67 1.25
CA SER A 357 -22.60 3.26 1.15
C SER A 357 -23.69 2.46 0.47
N LEU A 358 -23.27 1.41 -0.24
CA LEU A 358 -24.16 0.34 -0.66
C LEU A 358 -23.77 -0.93 0.07
N GLN A 359 -24.72 -1.55 0.76
CA GLN A 359 -24.45 -2.79 1.49
C GLN A 359 -25.51 -3.82 1.20
N ASP A 360 -25.08 -5.05 0.90
CA ASP A 360 -26.06 -6.08 0.53
C ASP A 360 -27.01 -5.53 -0.53
N VAL A 361 -26.41 -4.96 -1.55
CA VAL A 361 -27.12 -4.56 -2.74
C VAL A 361 -26.75 -5.59 -3.79
N PHE A 362 -27.77 -6.27 -4.31
CA PHE A 362 -27.57 -7.35 -5.26
C PHE A 362 -28.33 -7.05 -6.54
N VAL A 363 -27.65 -7.19 -7.67
CA VAL A 363 -28.26 -6.94 -8.98
C VAL A 363 -28.36 -8.26 -9.74
N ARG A 364 -29.50 -8.48 -10.41
CA ARG A 364 -29.70 -9.62 -11.30
C ARG A 364 -30.16 -9.13 -12.67
N ILE A 365 -29.57 -9.69 -13.74
CA ILE A 365 -30.03 -9.45 -15.11
C ILE A 365 -30.42 -10.79 -15.74
N GLY A 366 -31.72 -11.00 -15.88
CA GLY A 366 -32.26 -12.25 -16.40
C GLY A 366 -32.44 -13.31 -15.33
N GLY A 367 -32.97 -14.48 -15.72
CA GLY A 367 -33.10 -15.60 -14.78
C GLY A 367 -34.54 -15.83 -14.33
N ALA A 368 -35.22 -14.74 -14.02
CA ALA A 368 -36.67 -14.70 -13.74
C ALA A 368 -37.42 -14.08 -14.92
N GLY A 369 -36.96 -14.38 -16.13
CA GLY A 369 -37.46 -13.73 -17.33
C GLY A 369 -36.44 -12.85 -18.04
N PRO A 370 -36.79 -12.44 -19.28
CA PRO A 370 -35.90 -11.51 -19.98
C PRO A 370 -35.58 -10.27 -19.12
N GLY A 371 -34.32 -9.90 -19.13
CA GLY A 371 -33.83 -8.72 -18.44
C GLY A 371 -32.55 -8.27 -19.09
N LYS A 372 -32.35 -6.96 -19.17
CA LYS A 372 -31.23 -6.35 -19.91
C LYS A 372 -30.81 -5.04 -19.26
N ALA A 373 -29.51 -4.83 -19.18
CA ALA A 373 -29.00 -3.52 -18.73
C ALA A 373 -27.60 -3.28 -19.27
N THR A 374 -27.30 -2.05 -19.65
CA THR A 374 -25.96 -1.71 -20.18
C THR A 374 -24.86 -1.76 -19.12
N THR A 375 -24.99 -0.92 -18.10
CA THR A 375 -24.10 -0.92 -16.94
C THR A 375 -24.93 -1.03 -15.70
N SER A 376 -24.64 -1.99 -14.85
CA SER A 376 -25.49 -2.24 -13.73
C SER A 376 -25.35 -1.25 -12.54
N ILE A 377 -24.12 -0.96 -12.15
CA ILE A 377 -23.87 0.02 -11.09
C ILE A 377 -22.78 0.96 -11.52
N VAL A 378 -23.11 2.26 -11.48
CA VAL A 378 -22.16 3.31 -11.75
C VAL A 378 -21.90 4.01 -10.43
N VAL A 379 -20.62 4.15 -10.09
CA VAL A 379 -20.25 4.79 -8.82
C VAL A 379 -19.47 6.07 -9.12
N ASN A 380 -20.21 7.18 -9.15
CA ASN A 380 -19.66 8.50 -9.38
C ASN A 380 -19.09 9.17 -8.14
N SER A 381 -19.80 9.11 -7.02
CA SER A 381 -19.42 9.91 -5.85
C SER A 381 -18.13 9.45 -5.17
N ASN A 382 -17.26 10.40 -4.88
CA ASN A 382 -16.03 10.10 -4.17
C ASN A 382 -16.33 9.51 -2.79
N ASP A 383 -15.42 8.66 -2.34
CA ASP A 383 -15.39 8.15 -0.97
C ASP A 383 -16.47 7.07 -0.68
N THR A 384 -17.21 6.69 -1.70
CA THR A 384 -18.27 5.68 -1.54
C THR A 384 -17.69 4.33 -1.06
N ILE A 385 -18.45 3.67 -0.19
CA ILE A 385 -18.13 2.34 0.29
C ILE A 385 -19.13 1.37 -0.34
N ILE A 386 -18.63 0.32 -0.99
CA ILE A 386 -19.53 -0.76 -1.46
C ILE A 386 -19.09 -1.98 -0.65
N ASP A 387 -19.91 -2.34 0.32
CA ASP A 387 -19.60 -3.36 1.31
C ASP A 387 -20.58 -4.52 1.16
N HIS A 388 -20.15 -5.49 0.37
CA HIS A 388 -20.92 -6.64 -0.10
C HIS A 388 -21.91 -6.29 -1.21
N THR A 389 -21.53 -6.63 -2.43
CA THR A 389 -22.43 -6.58 -3.57
C THR A 389 -22.26 -7.86 -4.41
N TRP A 390 -23.37 -8.34 -5.00
CA TRP A 390 -23.32 -9.39 -6.02
C TRP A 390 -24.06 -8.83 -7.23
N VAL A 391 -23.32 -8.66 -8.31
CA VAL A 391 -23.88 -8.06 -9.53
C VAL A 391 -23.73 -9.16 -10.59
N TRP A 392 -24.88 -9.70 -11.00
CA TRP A 392 -24.93 -11.02 -11.65
C TRP A 392 -25.77 -11.04 -12.90
N ARG A 393 -25.14 -11.24 -14.04
CA ARG A 393 -25.90 -11.53 -15.22
C ARG A 393 -26.21 -13.05 -15.18
N ALA A 394 -27.48 -13.41 -15.28
CA ALA A 394 -27.92 -14.79 -15.06
C ALA A 394 -27.31 -15.78 -16.06
N ASP A 395 -26.92 -16.97 -15.54
CA ASP A 395 -26.44 -18.06 -16.40
C ASP A 395 -27.45 -19.22 -16.45
N HIS A 396 -28.55 -19.07 -15.72
CA HIS A 396 -29.60 -20.07 -15.72
C HIS A 396 -30.96 -19.43 -15.40
N GLY A 397 -32.03 -19.97 -16.00
CA GLY A 397 -33.41 -19.56 -15.75
C GLY A 397 -34.22 -19.15 -16.98
N GLU A 398 -35.26 -18.35 -16.74
CA GLU A 398 -36.07 -17.76 -17.81
C GLU A 398 -35.39 -16.52 -18.36
N GLY A 399 -35.34 -16.39 -19.68
CA GLY A 399 -34.83 -15.18 -20.27
C GLY A 399 -33.31 -15.04 -20.23
N VAL A 400 -32.58 -16.14 -20.42
CA VAL A 400 -31.14 -16.11 -20.54
C VAL A 400 -30.75 -16.25 -22.02
N GLY A 401 -29.53 -15.81 -22.37
CA GLY A 401 -29.10 -15.79 -23.75
C GLY A 401 -28.05 -14.73 -23.98
N TRP A 402 -27.04 -15.07 -24.76
CA TRP A 402 -25.97 -14.11 -25.11
C TRP A 402 -26.53 -12.76 -25.61
N GLU A 403 -27.63 -12.80 -26.35
CA GLU A 403 -28.34 -11.56 -26.71
C GLU A 403 -29.55 -11.34 -25.85
N THR A 404 -30.18 -12.42 -25.44
CA THR A 404 -31.42 -12.25 -24.71
C THR A 404 -31.27 -11.50 -23.36
N ASN A 405 -30.33 -11.91 -22.49
CA ASN A 405 -30.07 -11.12 -21.29
C ASN A 405 -28.68 -10.43 -21.36
N ARG A 406 -28.41 -9.86 -22.53
CA ARG A 406 -27.26 -8.97 -22.75
C ARG A 406 -27.09 -8.00 -21.61
N ALA A 407 -25.90 -7.95 -21.06
CA ALA A 407 -25.57 -6.92 -20.07
C ALA A 407 -24.08 -6.72 -20.20
N ASP A 408 -23.70 -5.58 -20.78
CA ASP A 408 -22.30 -5.40 -21.17
C ASP A 408 -21.36 -5.17 -20.00
N TYR A 409 -21.76 -4.36 -19.03
CA TYR A 409 -20.86 -3.89 -17.96
C TYR A 409 -21.49 -4.07 -16.58
N GLY A 410 -20.70 -4.59 -15.65
CA GLY A 410 -21.18 -4.84 -14.31
C GLY A 410 -21.18 -3.60 -13.43
N VAL A 411 -19.98 -3.21 -13.03
CA VAL A 411 -19.75 -2.09 -12.14
C VAL A 411 -18.69 -1.22 -12.78
N HIS A 412 -18.95 0.08 -12.84
CA HIS A 412 -17.95 1.05 -13.27
C HIS A 412 -17.76 2.06 -12.14
N VAL A 413 -16.56 2.12 -11.59
CA VAL A 413 -16.30 3.07 -10.52
C VAL A 413 -15.55 4.24 -11.11
N LYS A 414 -16.19 5.41 -11.03
CA LYS A 414 -15.59 6.62 -11.56
C LYS A 414 -15.14 7.60 -10.48
N GLY A 415 -15.71 7.48 -9.29
CA GLY A 415 -15.32 8.33 -8.15
C GLY A 415 -13.95 8.00 -7.59
N ASP A 416 -13.38 8.95 -6.85
CA ASP A 416 -12.09 8.79 -6.23
C ASP A 416 -12.23 8.24 -4.80
N ASN A 417 -11.23 7.49 -4.34
CA ASN A 417 -11.15 7.02 -2.95
C ASN A 417 -12.24 6.01 -2.59
N VAL A 418 -12.77 5.35 -3.61
CA VAL A 418 -13.88 4.36 -3.44
C VAL A 418 -13.28 3.05 -2.91
N LEU A 419 -13.97 2.45 -1.93
CA LEU A 419 -13.53 1.21 -1.30
C LEU A 419 -14.58 0.17 -1.60
N ALA A 420 -14.17 -0.97 -2.14
CA ALA A 420 -15.05 -2.14 -2.26
C ALA A 420 -14.53 -3.27 -1.37
N THR A 421 -15.38 -3.74 -0.48
CA THR A 421 -15.07 -4.86 0.41
C THR A 421 -16.11 -5.97 0.19
N GLY A 422 -15.68 -7.07 -0.38
CA GLY A 422 -16.59 -8.17 -0.68
C GLY A 422 -17.32 -7.93 -2.00
N LEU A 423 -16.56 -7.90 -3.08
CA LEU A 423 -17.08 -7.57 -4.41
C LEU A 423 -17.23 -8.82 -5.29
N PHE A 424 -18.46 -9.17 -5.63
CA PHE A 424 -18.76 -10.36 -6.45
C PHE A 424 -19.48 -9.88 -7.74
N VAL A 425 -18.88 -10.06 -8.90
CA VAL A 425 -19.47 -9.60 -10.16
C VAL A 425 -19.22 -10.66 -11.24
N GLU A 426 -20.29 -11.12 -11.89
CA GLU A 426 -20.17 -12.26 -12.79
C GLU A 426 -20.99 -12.16 -14.08
N HIS A 427 -20.36 -12.62 -15.15
CA HIS A 427 -21.00 -13.06 -16.41
C HIS A 427 -21.30 -11.98 -17.46
N PHE A 428 -20.75 -10.78 -17.30
CA PHE A 428 -21.01 -9.70 -18.25
C PHE A 428 -20.40 -9.92 -19.64
N ASN A 429 -21.07 -9.37 -20.66
CA ASN A 429 -20.66 -9.59 -22.05
C ASN A 429 -19.35 -8.88 -22.36
N LYS A 430 -19.07 -7.82 -21.61
CA LYS A 430 -17.85 -7.05 -21.73
C LYS A 430 -17.16 -6.98 -20.35
N TYR A 431 -16.65 -5.81 -19.93
CA TYR A 431 -15.94 -5.77 -18.66
C TYR A 431 -16.88 -5.92 -17.45
N ASP A 432 -16.62 -6.91 -16.60
CA ASP A 432 -17.44 -7.07 -15.41
C ASP A 432 -17.24 -5.84 -14.50
N VAL A 433 -15.98 -5.47 -14.28
CA VAL A 433 -15.64 -4.31 -13.45
C VAL A 433 -14.67 -3.42 -14.19
N GLN A 434 -14.97 -2.13 -14.24
CA GLN A 434 -14.08 -1.10 -14.77
C GLN A 434 -13.87 -0.05 -13.66
N TRP A 435 -12.61 0.34 -13.46
CA TRP A 435 -12.28 1.26 -12.40
C TRP A 435 -11.41 2.34 -12.97
N SER A 436 -11.96 3.56 -13.08
CA SER A 436 -11.22 4.70 -13.60
C SER A 436 -11.09 5.90 -12.66
N GLY A 437 -11.70 5.83 -11.48
CA GLY A 437 -11.44 6.83 -10.46
C GLY A 437 -10.07 6.59 -9.85
N GLU A 438 -9.56 7.58 -9.13
CA GLU A 438 -8.25 7.46 -8.51
C GLU A 438 -8.35 6.87 -7.10
N ASN A 439 -7.28 6.25 -6.66
CA ASN A 439 -7.20 5.90 -5.26
C ASN A 439 -8.26 4.90 -4.84
N GLY A 440 -8.56 3.94 -5.71
CA GLY A 440 -9.53 2.91 -5.40
C GLY A 440 -8.86 1.76 -4.68
N LYS A 441 -9.67 1.05 -3.88
CA LYS A 441 -9.23 -0.10 -3.13
C LYS A 441 -10.31 -1.18 -3.20
N THR A 442 -9.90 -2.41 -3.53
CA THR A 442 -10.78 -3.60 -3.47
C THR A 442 -10.17 -4.64 -2.57
N ILE A 443 -10.95 -5.06 -1.58
CA ILE A 443 -10.57 -6.16 -0.67
C ILE A 443 -11.59 -7.28 -0.92
N PHE A 444 -11.10 -8.32 -1.60
CA PHE A 444 -11.84 -9.48 -2.07
C PHE A 444 -12.67 -9.20 -3.32
N TYR A 445 -12.33 -9.95 -4.37
CA TYR A 445 -13.07 -9.96 -5.62
C TYR A 445 -13.29 -11.40 -6.05
N GLN A 446 -14.53 -11.69 -6.44
CA GLN A 446 -14.88 -12.96 -7.08
C GLN A 446 -15.64 -12.70 -8.40
N ASN A 447 -15.10 -13.23 -9.49
CA ASN A 447 -15.73 -13.14 -10.82
C ASN A 447 -15.80 -14.50 -11.46
N ALA A 448 -16.82 -14.66 -12.31
CA ALA A 448 -16.81 -15.71 -13.34
C ALA A 448 -17.15 -15.03 -14.68
N LYS A 449 -16.45 -15.44 -15.74
CA LYS A 449 -16.68 -14.85 -17.07
C LYS A 449 -17.87 -15.55 -17.73
N ALA A 450 -18.56 -14.82 -18.58
CA ALA A 450 -19.73 -15.33 -19.29
C ALA A 450 -19.50 -16.70 -19.91
N TYR A 451 -20.39 -17.64 -19.61
CA TYR A 451 -20.28 -19.03 -20.09
C TYR A 451 -20.67 -19.16 -21.54
N ASP A 452 -21.45 -18.20 -22.00
CA ASP A 452 -22.16 -18.31 -23.26
C ASP A 452 -21.64 -17.45 -24.42
N ALA A 453 -20.41 -16.95 -24.33
CA ALA A 453 -19.77 -16.34 -25.49
C ALA A 453 -19.79 -17.36 -26.64
N PRO A 454 -20.29 -16.98 -27.82
CA PRO A 454 -20.41 -18.08 -28.84
C PRO A 454 -19.15 -18.38 -29.68
N ASP A 455 -18.20 -17.47 -29.67
CA ASP A 455 -17.00 -17.66 -30.46
C ASP A 455 -15.98 -16.59 -30.07
N GLN A 456 -14.71 -16.82 -30.45
CA GLN A 456 -13.67 -15.85 -30.15
C GLN A 456 -14.06 -14.46 -30.69
N ALA A 457 -14.83 -14.42 -31.78
CA ALA A 457 -15.28 -13.13 -32.33
C ALA A 457 -16.06 -12.36 -31.28
N ALA A 458 -17.12 -12.97 -30.78
CA ALA A 458 -18.03 -12.34 -29.81
C ALA A 458 -17.39 -11.56 -28.64
N ILE A 459 -16.09 -11.71 -28.41
CA ILE A 459 -15.45 -11.16 -27.21
C ILE A 459 -14.13 -10.45 -27.50
N GLN A 460 -13.85 -10.22 -28.78
CA GLN A 460 -12.67 -9.48 -29.18
C GLN A 460 -12.76 -8.04 -28.65
N ASN A 461 -11.73 -7.67 -27.90
CA ASN A 461 -11.63 -6.39 -27.20
C ASN A 461 -10.57 -5.61 -27.98
N GLY A 462 -11.01 -5.07 -29.13
CA GLY A 462 -10.15 -4.53 -30.15
C GLY A 462 -9.07 -5.53 -30.54
N ASP A 463 -7.95 -5.43 -29.84
CA ASP A 463 -6.83 -6.32 -30.06
C ASP A 463 -6.64 -7.31 -28.89
N ILE A 464 -7.50 -7.21 -27.87
CA ILE A 464 -7.46 -8.12 -26.72
C ILE A 464 -8.49 -9.26 -26.89
N LYS A 465 -8.07 -10.49 -26.59
CA LYS A 465 -8.98 -11.62 -26.59
C LYS A 465 -9.75 -11.56 -25.29
N GLY A 466 -11.05 -11.31 -25.39
CA GLY A 466 -11.90 -11.18 -24.23
C GLY A 466 -11.82 -9.81 -23.59
N TYR A 467 -12.58 -9.65 -22.50
CA TYR A 467 -12.62 -8.42 -21.72
C TYR A 467 -12.23 -8.79 -20.31
N ALA A 468 -11.30 -8.06 -19.71
CA ALA A 468 -10.90 -8.32 -18.34
C ALA A 468 -12.11 -8.38 -17.41
N ALA A 469 -12.02 -9.22 -16.39
CA ALA A 469 -13.00 -9.22 -15.32
C ALA A 469 -12.88 -8.00 -14.45
N TYR A 470 -11.70 -7.37 -14.45
CA TYR A 470 -11.47 -6.19 -13.63
C TYR A 470 -10.40 -5.36 -14.33
N LYS A 471 -10.84 -4.21 -14.88
CA LYS A 471 -9.94 -3.30 -15.59
C LYS A 471 -9.83 -1.97 -14.95
N VAL A 472 -8.60 -1.61 -14.71
CA VAL A 472 -8.23 -0.26 -14.34
C VAL A 472 -7.77 0.54 -15.57
N ASP A 473 -8.43 1.68 -15.80
CA ASP A 473 -8.08 2.66 -16.84
C ASP A 473 -6.58 2.94 -16.82
N ASP A 474 -6.00 3.27 -17.96
CA ASP A 474 -4.58 3.71 -18.00
C ASP A 474 -4.29 5.08 -17.44
N SER A 475 -5.30 5.93 -17.44
CA SER A 475 -5.24 7.24 -16.77
C SER A 475 -4.96 7.11 -15.26
N VAL A 476 -5.43 6.04 -14.63
CA VAL A 476 -5.29 5.87 -13.19
C VAL A 476 -3.83 5.83 -12.74
N THR A 477 -3.51 6.52 -11.65
CA THR A 477 -2.12 6.54 -11.14
C THR A 477 -2.00 5.75 -9.81
N THR A 478 -3.11 5.61 -9.08
CA THR A 478 -3.09 4.95 -7.77
C THR A 478 -4.28 3.95 -7.66
N HIS A 479 -4.01 2.68 -7.33
CA HIS A 479 -5.04 1.65 -7.15
C HIS A 479 -4.44 0.50 -6.35
N GLU A 480 -5.29 -0.20 -5.60
CA GLU A 480 -4.81 -1.35 -4.85
C GLU A 480 -5.93 -2.39 -4.72
N GLY A 481 -5.58 -3.64 -4.99
CA GLY A 481 -6.51 -4.75 -4.86
C GLY A 481 -5.88 -5.93 -4.14
N TRP A 482 -6.65 -6.59 -3.29
CA TRP A 482 -6.20 -7.75 -2.54
C TRP A 482 -7.16 -8.95 -2.68
N GLY A 483 -6.61 -10.12 -2.98
CA GLY A 483 -7.39 -11.35 -2.90
C GLY A 483 -8.50 -11.45 -3.94
N MET A 484 -8.08 -11.64 -5.21
CA MET A 484 -8.98 -11.43 -6.33
C MET A 484 -8.91 -12.54 -7.35
N GLY A 485 -10.08 -13.12 -7.64
CA GLY A 485 -10.13 -14.25 -8.56
C GLY A 485 -11.12 -14.11 -9.69
N SER A 486 -10.75 -14.65 -10.85
CA SER A 486 -11.63 -14.75 -12.01
C SER A 486 -11.65 -16.19 -12.50
N TYR A 487 -12.85 -16.72 -12.74
CA TYR A 487 -13.04 -18.11 -13.15
C TYR A 487 -13.67 -18.15 -14.54
N CYS A 488 -13.37 -19.17 -15.33
CA CYS A 488 -14.04 -19.31 -16.64
C CYS A 488 -14.64 -20.69 -16.81
N TYR A 489 -15.70 -20.75 -17.60
CA TYR A 489 -16.36 -22.00 -17.99
C TYR A 489 -17.09 -21.79 -19.29
N PHE A 490 -16.29 -21.65 -20.33
CA PHE A 490 -16.82 -21.39 -21.65
C PHE A 490 -17.41 -22.65 -22.29
N ASN A 491 -18.63 -23.01 -21.89
CA ASN A 491 -19.20 -24.25 -22.37
C ASN A 491 -19.76 -24.19 -23.80
N VAL A 492 -20.42 -23.09 -24.14
CA VAL A 492 -20.87 -22.89 -25.52
C VAL A 492 -19.72 -23.04 -26.52
N ASN A 493 -18.49 -22.76 -26.07
CA ASN A 493 -17.35 -22.88 -26.95
C ASN A 493 -16.05 -23.03 -26.14
N PRO A 494 -15.69 -24.29 -25.79
CA PRO A 494 -14.49 -24.63 -25.01
C PRO A 494 -13.19 -24.17 -25.67
N ASP A 495 -13.30 -23.73 -26.92
CA ASP A 495 -12.16 -23.38 -27.72
C ASP A 495 -11.67 -21.94 -27.48
N ILE A 496 -12.50 -21.16 -26.82
CA ILE A 496 -12.22 -19.76 -26.52
C ILE A 496 -11.04 -19.58 -25.59
N ARG A 497 -10.31 -18.48 -25.81
CA ARG A 497 -9.27 -18.04 -24.90
C ARG A 497 -9.62 -16.68 -24.33
N GLN A 498 -9.37 -16.54 -23.03
CA GLN A 498 -9.53 -15.27 -22.32
C GLN A 498 -8.13 -14.72 -22.03
N GLN A 499 -7.78 -13.55 -22.57
CA GLN A 499 -6.36 -13.17 -22.47
C GLN A 499 -5.93 -12.99 -21.02
N HIS A 500 -6.82 -12.44 -20.19
CA HIS A 500 -6.48 -12.24 -18.78
C HIS A 500 -7.72 -12.02 -17.89
N GLY A 501 -7.55 -12.23 -16.59
CA GLY A 501 -8.57 -11.88 -15.60
C GLY A 501 -8.56 -10.39 -15.28
N PHE A 502 -7.35 -9.81 -15.29
CA PHE A 502 -7.12 -8.45 -14.84
C PHE A 502 -6.33 -7.65 -15.88
N GLN A 503 -6.61 -6.35 -15.94
CA GLN A 503 -5.91 -5.41 -16.83
C GLN A 503 -5.75 -4.05 -16.14
N ALA A 504 -4.52 -3.54 -16.14
CA ALA A 504 -4.23 -2.29 -15.49
C ALA A 504 -2.91 -1.72 -16.00
N PRO A 505 -2.80 -0.39 -16.05
CA PRO A 505 -1.52 0.19 -16.47
C PRO A 505 -0.40 -0.22 -15.50
N VAL A 506 0.84 -0.21 -15.98
CA VAL A 506 1.98 -0.60 -15.17
C VAL A 506 2.64 0.65 -14.61
N LYS A 507 2.54 0.78 -13.29
CA LYS A 507 2.93 2.01 -12.61
C LYS A 507 3.21 1.68 -11.16
N PRO A 508 4.09 2.45 -10.50
CA PRO A 508 4.41 2.03 -9.12
C PRO A 508 3.22 2.03 -8.16
N GLY A 509 2.30 2.97 -8.29
CA GLY A 509 1.20 3.17 -7.35
C GLY A 509 -0.01 2.28 -7.59
N VAL A 510 0.00 1.53 -8.69
CA VAL A 510 -1.09 0.61 -9.05
C VAL A 510 -0.65 -0.79 -8.69
N LYS A 511 -1.21 -1.30 -7.60
CA LYS A 511 -0.70 -2.52 -6.97
C LYS A 511 -1.78 -3.55 -6.82
N PHE A 512 -1.41 -4.81 -6.96
CA PHE A 512 -2.33 -5.91 -6.74
C PHE A 512 -1.60 -6.95 -5.88
N HIS A 513 -2.36 -7.57 -5.00
CA HIS A 513 -1.87 -8.69 -4.19
C HIS A 513 -2.81 -9.89 -4.29
N ASP A 514 -2.23 -11.06 -4.51
CA ASP A 514 -2.94 -12.34 -4.46
C ASP A 514 -4.07 -12.44 -5.50
N LEU A 515 -3.64 -12.54 -6.76
CA LEU A 515 -4.51 -12.71 -7.93
C LEU A 515 -4.54 -14.16 -8.40
N LEU A 516 -5.71 -14.57 -8.91
CA LEU A 516 -5.81 -15.89 -9.52
C LEU A 516 -6.83 -15.90 -10.65
N VAL A 517 -6.54 -16.71 -11.67
CA VAL A 517 -7.54 -17.14 -12.65
C VAL A 517 -7.65 -18.68 -12.65
N VAL A 518 -8.83 -19.19 -13.01
CA VAL A 518 -9.12 -20.61 -12.89
C VAL A 518 -10.08 -21.00 -14.01
N SER A 519 -9.75 -22.05 -14.77
CA SER A 519 -10.67 -22.67 -15.71
C SER A 519 -11.35 -23.91 -15.14
N LEU A 520 -12.67 -24.02 -15.24
CA LEU A 520 -13.37 -25.24 -14.79
C LEU A 520 -13.45 -26.31 -15.88
N GLY A 521 -12.72 -27.43 -15.69
CA GLY A 521 -12.80 -28.55 -16.61
C GLY A 521 -12.12 -28.28 -17.97
N GLY A 522 -11.33 -27.23 -18.05
CA GLY A 522 -10.68 -26.90 -19.31
C GLY A 522 -11.68 -26.29 -20.28
N LYS A 523 -12.73 -25.68 -19.76
CA LYS A 523 -13.76 -25.11 -20.62
C LYS A 523 -13.35 -23.68 -20.93
N GLY A 524 -12.60 -23.54 -22.01
CA GLY A 524 -11.81 -22.35 -22.24
C GLY A 524 -10.55 -22.33 -21.37
N GLN A 525 -9.66 -21.41 -21.68
CA GLN A 525 -8.47 -21.18 -20.85
C GLN A 525 -8.13 -19.70 -20.81
N TYR A 526 -7.50 -19.29 -19.70
CA TYR A 526 -6.84 -17.98 -19.60
C TYR A 526 -5.44 -18.04 -20.17
N GLU A 527 -5.05 -17.05 -20.98
CA GLU A 527 -3.64 -16.92 -21.40
C GLU A 527 -2.69 -16.45 -20.31
N HIS A 528 -3.22 -15.63 -19.39
CA HIS A 528 -2.42 -14.98 -18.36
C HIS A 528 -3.37 -14.59 -17.21
N VAL A 529 -2.80 -14.15 -16.10
CA VAL A 529 -3.57 -13.68 -14.96
C VAL A 529 -3.90 -12.20 -15.09
N ILE A 530 -2.86 -11.39 -15.22
CA ILE A 530 -3.02 -9.94 -15.33
C ILE A 530 -2.09 -9.44 -16.41
N ASN A 531 -2.61 -8.65 -17.34
CA ASN A 531 -1.84 -8.26 -18.54
C ASN A 531 -1.26 -9.47 -19.27
N ASP A 532 0.04 -9.46 -19.56
CA ASP A 532 0.75 -10.66 -20.04
C ASP A 532 1.65 -11.29 -18.96
N ILE A 533 1.18 -11.26 -17.72
CA ILE A 533 1.91 -11.78 -16.56
C ILE A 533 1.17 -12.96 -15.89
N GLY A 534 1.94 -13.90 -15.32
CA GLY A 534 1.39 -15.10 -14.74
C GLY A 534 1.28 -16.24 -15.75
N ASP A 535 0.99 -17.44 -15.27
CA ASP A 535 0.93 -18.62 -16.14
C ASP A 535 -0.42 -18.64 -16.85
N PRO A 536 -0.49 -19.23 -18.08
CA PRO A 536 -1.84 -19.53 -18.56
C PRO A 536 -2.45 -20.67 -17.78
N THR A 537 -3.77 -20.80 -17.80
CA THR A 537 -4.33 -22.03 -17.32
C THR A 537 -4.09 -23.12 -18.37
N SER A 538 -3.98 -24.36 -17.90
CA SER A 538 -3.72 -25.50 -18.77
C SER A 538 -4.35 -26.75 -18.13
N GLY A 539 -4.42 -27.83 -18.91
CA GLY A 539 -5.10 -29.07 -18.55
C GLY A 539 -6.61 -28.93 -18.42
N ASP A 540 -7.33 -29.98 -17.93
CA ASP A 540 -8.79 -29.90 -17.75
C ASP A 540 -9.06 -29.83 -16.28
N THR A 541 -8.19 -29.05 -15.61
CA THR A 541 -7.65 -29.33 -14.30
C THR A 541 -8.29 -28.66 -13.10
N THR A 542 -8.81 -27.50 -13.38
CA THR A 542 -9.23 -26.56 -12.35
C THR A 542 -8.14 -26.12 -11.35
N ILE A 543 -6.89 -26.16 -11.79
CA ILE A 543 -5.81 -25.65 -10.98
C ILE A 543 -5.59 -24.17 -11.24
N PRO A 544 -5.69 -23.34 -10.18
CA PRO A 544 -5.51 -21.90 -10.36
C PRO A 544 -4.15 -21.55 -10.89
N SER A 545 -4.09 -20.47 -11.67
CA SER A 545 -2.82 -19.83 -12.00
C SER A 545 -2.81 -18.55 -11.21
N GLN A 546 -1.73 -18.33 -10.45
CA GLN A 546 -1.70 -17.27 -9.45
C GLN A 546 -0.56 -16.32 -9.66
N VAL A 547 -0.79 -15.09 -9.21
CA VAL A 547 0.29 -14.13 -9.00
C VAL A 547 0.21 -13.58 -7.57
N VAL A 548 1.37 -13.46 -6.92
CA VAL A 548 1.41 -12.93 -5.54
C VAL A 548 1.40 -11.40 -5.48
N SER A 549 2.31 -10.73 -6.21
CA SER A 549 2.31 -9.25 -6.30
C SER A 549 2.38 -8.81 -7.75
N PHE A 550 1.76 -7.67 -8.00
CA PHE A 550 1.88 -6.94 -9.24
C PHE A 550 1.90 -5.46 -8.87
N PRO A 551 2.81 -4.66 -9.47
CA PRO A 551 3.69 -5.01 -10.57
C PRO A 551 4.96 -5.53 -9.97
N ALA B 1 -5.54 35.00 -1.20
CA ALA B 1 -5.08 33.81 -0.52
C ALA B 1 -4.84 34.01 1.00
N GLN B 2 -4.43 32.92 1.64
CA GLN B 2 -4.53 32.77 3.10
C GLN B 2 -3.41 31.94 3.78
N GLU B 3 -3.30 32.06 5.10
CA GLU B 3 -2.07 31.60 5.77
C GLU B 3 -1.94 30.12 5.87
N VAL B 4 -0.75 29.66 5.49
CA VAL B 4 -0.45 28.26 5.53
C VAL B 4 -0.28 27.95 7.00
N VAL B 5 -0.90 26.86 7.46
CA VAL B 5 -1.03 26.59 8.88
C VAL B 5 -0.11 25.43 9.29
N GLY B 6 0.78 25.72 10.23
CA GLY B 6 1.74 24.73 10.70
C GLY B 6 1.29 24.04 11.96
N GLY B 7 2.09 23.07 12.38
CA GLY B 7 1.71 22.15 13.43
C GLY B 7 0.68 21.12 13.00
N GLY B 8 0.15 20.39 13.98
CA GLY B 8 -0.83 19.34 13.74
C GLY B 8 -0.29 17.92 13.69
N ASP B 9 -1.07 17.09 12.99
CA ASP B 9 -0.94 15.66 13.00
C ASP B 9 -0.24 15.15 11.76
N LEU B 10 0.53 14.07 11.91
CA LEU B 10 1.40 13.56 10.81
C LEU B 10 0.74 12.65 9.73
N GLY B 11 -0.53 12.31 9.91
CA GLY B 11 -1.25 11.52 8.93
C GLY B 11 -1.05 10.04 9.14
N PRO B 12 -1.61 9.20 8.24
CA PRO B 12 -1.69 7.81 8.69
C PRO B 12 -0.58 6.98 8.05
N ASN B 13 0.59 7.57 7.91
CA ASN B 13 1.76 6.75 7.56
C ASN B 13 2.89 6.90 8.58
N VAL B 14 2.62 7.67 9.64
CA VAL B 14 3.48 7.75 10.83
C VAL B 14 2.80 7.01 11.96
N LEU B 15 3.28 5.82 12.28
CA LEU B 15 2.78 5.05 13.41
C LEU B 15 3.62 5.38 14.63
N VAL B 16 2.94 5.79 15.69
CA VAL B 16 3.61 6.12 16.93
C VAL B 16 3.25 5.10 17.99
N PHE B 17 4.28 4.64 18.69
CA PHE B 17 4.19 3.55 19.67
C PHE B 17 4.67 4.02 21.04
N ASP B 18 4.24 3.30 22.06
CA ASP B 18 4.78 3.40 23.42
C ASP B 18 4.86 1.96 23.94
N PRO B 19 5.49 1.76 25.11
CA PRO B 19 5.51 0.40 25.67
C PRO B 19 4.13 -0.29 25.89
N SER B 20 3.10 0.50 26.15
CA SER B 20 1.74 -0.02 26.33
C SER B 20 0.91 -0.42 25.10
N THR B 21 1.46 -0.37 23.89
CA THR B 21 0.68 -0.75 22.69
C THR B 21 0.68 -2.27 22.52
N PRO B 22 -0.47 -2.88 22.17
CA PRO B 22 -0.41 -4.36 22.03
C PRO B 22 0.11 -4.82 20.66
N ASP B 23 0.60 -6.06 20.59
CA ASP B 23 1.14 -6.62 19.36
C ASP B 23 1.87 -5.53 18.57
N ILE B 24 2.64 -4.69 19.28
CA ILE B 24 3.59 -3.79 18.64
C ILE B 24 4.31 -4.61 17.62
N GLN B 25 4.81 -5.77 18.04
CA GLN B 25 5.47 -6.65 17.09
C GLN B 25 4.55 -7.00 15.93
N GLY B 26 3.24 -7.04 16.20
CA GLY B 26 2.28 -7.24 15.13
C GLY B 26 2.08 -6.06 14.22
N LYS B 27 2.04 -4.86 14.80
CA LYS B 27 1.88 -3.64 14.03
C LYS B 27 3.12 -3.42 13.15
N VAL B 28 4.31 -3.53 13.75
CA VAL B 28 5.55 -3.48 12.96
C VAL B 28 5.59 -4.60 11.91
N ASP B 29 5.04 -5.77 12.25
CA ASP B 29 5.11 -6.89 11.33
C ASP B 29 4.14 -6.75 10.16
N GLU B 30 3.03 -6.03 10.33
CA GLU B 30 2.13 -5.81 9.18
C GLU B 30 2.88 -4.97 8.14
N VAL B 31 3.64 -3.99 8.61
CA VAL B 31 4.40 -3.10 7.72
C VAL B 31 5.49 -3.89 6.98
N PHE B 32 6.23 -4.74 7.68
CA PHE B 32 7.35 -5.44 7.04
C PHE B 32 6.90 -6.43 5.98
N ARG B 33 5.99 -7.31 6.36
CA ARG B 33 5.49 -8.26 5.41
C ARG B 33 5.07 -7.52 4.08
N LYS B 34 4.42 -6.36 4.19
CA LYS B 34 4.13 -5.55 2.98
C LYS B 34 5.39 -4.96 2.30
N GLN B 35 6.24 -4.29 3.08
CA GLN B 35 7.37 -3.58 2.49
C GLN B 35 8.60 -4.43 2.17
N GLU B 36 8.64 -5.65 2.69
CA GLU B 36 9.78 -6.56 2.53
C GLU B 36 10.43 -6.58 1.14
N SER B 37 9.63 -6.87 0.11
CA SER B 37 10.15 -6.93 -1.29
C SER B 37 9.47 -5.87 -2.16
N ASN B 38 9.02 -4.80 -1.51
CA ASN B 38 8.31 -3.69 -2.17
C ASN B 38 9.30 -2.64 -2.66
N GLN B 39 10.15 -3.05 -3.57
CA GLN B 39 11.33 -2.25 -3.90
C GLN B 39 10.98 -0.94 -4.60
N PHE B 40 9.93 -0.96 -5.42
CA PHE B 40 9.59 0.21 -6.22
C PHE B 40 8.17 0.75 -6.01
N GLY B 41 7.46 0.29 -4.98
CA GLY B 41 6.13 0.77 -4.69
C GLY B 41 6.08 2.16 -4.09
N THR B 42 4.87 2.69 -3.99
CA THR B 42 4.63 4.06 -3.55
C THR B 42 4.40 4.10 -2.07
N ASP B 43 4.40 2.93 -1.43
CA ASP B 43 4.05 2.83 -0.03
C ASP B 43 5.23 3.35 0.83
N ARG B 44 4.94 4.16 1.87
CA ARG B 44 5.97 4.83 2.69
C ARG B 44 5.58 4.79 4.18
N TYR B 45 6.51 4.46 5.10
CA TYR B 45 6.13 4.41 6.53
C TYR B 45 7.22 4.87 7.48
N ALA B 46 6.80 5.58 8.54
CA ALA B 46 7.68 5.96 9.63
C ALA B 46 7.18 5.31 10.90
N LEU B 47 8.05 4.59 11.59
CA LEU B 47 7.72 3.91 12.83
C LEU B 47 8.42 4.69 13.92
N MET B 48 7.65 5.30 14.81
CA MET B 48 8.16 6.27 15.77
C MET B 48 7.97 5.62 17.13
N PHE B 49 8.93 5.78 18.02
CA PHE B 49 8.86 5.12 19.34
C PHE B 49 9.05 6.10 20.47
N LYS B 50 7.99 6.27 21.27
CA LYS B 50 8.07 7.19 22.39
C LYS B 50 9.11 6.64 23.37
N PRO B 51 9.80 7.54 24.10
CA PRO B 51 10.70 7.03 25.14
C PRO B 51 10.07 6.05 26.10
N GLY B 52 10.88 5.08 26.49
CA GLY B 52 10.39 3.90 27.19
C GLY B 52 11.29 2.76 26.82
N THR B 53 10.87 1.58 27.26
CA THR B 53 11.67 0.38 27.27
C THR B 53 10.82 -0.74 26.67
N TYR B 54 11.26 -1.34 25.55
CA TYR B 54 10.47 -2.35 24.83
C TYR B 54 11.13 -3.71 24.84
N ASN B 55 10.39 -4.72 25.34
CA ASN B 55 10.86 -6.09 25.38
C ASN B 55 10.27 -6.93 24.23
N ASP B 56 10.96 -8.03 23.87
CA ASP B 56 10.40 -9.05 22.99
C ASP B 56 10.04 -8.44 21.63
N ILE B 57 10.98 -7.69 21.05
CA ILE B 57 10.75 -7.01 19.77
C ILE B 57 11.89 -7.23 18.80
N ASN B 58 11.51 -7.56 17.57
CA ASN B 58 12.34 -7.64 16.41
C ASN B 58 11.67 -6.70 15.41
N ALA B 59 12.17 -5.48 15.28
CA ALA B 59 11.64 -4.57 14.28
C ALA B 59 12.35 -4.86 12.95
N GLN B 60 11.67 -5.67 12.13
CA GLN B 60 12.15 -6.05 10.79
C GLN B 60 11.89 -4.86 9.87
N ILE B 61 12.94 -4.30 9.27
CA ILE B 61 12.83 -3.10 8.42
C ILE B 61 12.88 -3.44 6.91
N GLY B 62 11.78 -3.19 6.22
CA GLY B 62 11.70 -3.39 4.76
C GLY B 62 12.00 -2.11 3.98
N PHE B 63 11.65 -2.08 2.70
CA PHE B 63 11.82 -0.89 1.89
C PHE B 63 11.00 0.27 2.45
N TYR B 64 11.51 1.48 2.23
CA TYR B 64 10.83 2.75 2.53
C TYR B 64 10.23 2.77 3.93
N THR B 65 11.00 2.24 4.87
CA THR B 65 10.62 2.20 6.27
C THR B 65 11.76 2.82 7.08
N SER B 66 11.37 3.79 7.91
CA SER B 66 12.28 4.36 8.88
C SER B 66 11.78 4.02 10.26
N ILE B 67 12.72 3.81 11.15
CA ILE B 67 12.41 3.53 12.54
C ILE B 67 13.22 4.52 13.35
N ALA B 68 12.59 5.08 14.37
CA ALA B 68 13.24 6.09 15.16
C ALA B 68 12.69 6.14 16.58
N GLY B 69 13.55 6.59 17.49
CA GLY B 69 13.15 7.01 18.82
C GLY B 69 12.82 8.50 18.92
N LEU B 70 12.06 8.86 19.96
CA LEU B 70 11.52 10.20 20.13
C LEU B 70 12.04 10.86 21.41
N GLY B 71 13.12 10.33 21.97
CA GLY B 71 13.85 11.04 22.99
C GLY B 71 14.91 11.95 22.40
N LEU B 72 15.67 12.51 23.32
CA LEU B 72 16.79 13.40 23.11
C LEU B 72 18.08 12.68 22.90
N ASN B 73 18.14 11.44 23.34
CA ASN B 73 19.31 10.66 23.22
C ASN B 73 18.76 9.31 22.87
N PRO B 74 19.51 8.48 22.14
CA PRO B 74 19.06 7.13 21.79
C PRO B 74 18.76 6.26 23.04
N ASP B 75 19.39 6.59 24.16
CA ASP B 75 19.24 5.79 25.38
C ASP B 75 17.91 6.05 26.04
N ASP B 76 17.29 7.16 25.62
CA ASP B 76 15.98 7.57 26.07
C ASP B 76 14.92 6.58 25.58
N THR B 77 15.27 5.82 24.53
CA THR B 77 14.36 4.88 23.88
C THR B 77 15.10 3.56 23.59
N THR B 78 14.86 2.57 24.44
CA THR B 78 15.59 1.33 24.47
C THR B 78 14.73 0.13 24.05
N PHE B 79 15.18 -0.59 23.04
CA PHE B 79 14.61 -1.91 22.72
C PHE B 79 15.51 -2.99 23.32
N ASN B 80 14.90 -3.93 24.02
CA ASN B 80 15.55 -5.18 24.36
C ASN B 80 15.08 -6.14 23.29
N GLY B 81 15.95 -6.28 22.31
CA GLY B 81 15.58 -6.81 21.02
C GLY B 81 16.36 -6.06 19.95
N ASP B 82 15.81 -6.04 18.74
CA ASP B 82 16.60 -5.77 17.54
C ASP B 82 15.88 -4.83 16.56
N VAL B 83 16.68 -4.19 15.72
CA VAL B 83 16.18 -3.45 14.56
C VAL B 83 16.98 -4.04 13.40
N THR B 84 16.32 -4.88 12.62
CA THR B 84 17.00 -5.82 11.76
C THR B 84 16.74 -5.57 10.29
N VAL B 85 17.82 -5.66 9.51
CA VAL B 85 17.70 -5.78 8.07
C VAL B 85 18.47 -7.02 7.67
N ASP B 86 17.78 -7.87 6.91
CA ASP B 86 18.31 -9.15 6.54
C ASP B 86 18.10 -9.35 5.05
N ALA B 87 18.87 -10.26 4.45
CA ALA B 87 18.69 -10.60 3.04
C ALA B 87 18.09 -11.97 2.75
N GLY B 88 17.32 -12.53 3.69
CA GLY B 88 16.57 -13.74 3.41
C GLY B 88 15.64 -13.64 2.21
N TRP B 89 15.21 -12.42 1.85
CA TRP B 89 14.24 -12.27 0.76
C TRP B 89 14.84 -12.48 -0.63
N PHE B 90 15.90 -11.75 -0.95
CA PHE B 90 16.55 -11.89 -2.25
C PHE B 90 17.35 -13.17 -2.18
N ASP B 91 16.71 -14.24 -1.74
CA ASP B 91 17.30 -15.55 -1.84
C ASP B 91 18.68 -15.57 -1.15
N GLY B 92 18.90 -14.62 -0.23
CA GLY B 92 20.21 -14.44 0.38
C GLY B 92 21.04 -13.21 -0.03
N ASN B 93 20.60 -12.47 -1.05
CA ASN B 93 21.30 -11.30 -1.61
C ASN B 93 20.97 -9.94 -0.93
N ALA B 94 21.98 -9.23 -0.39
CA ALA B 94 21.76 -7.89 0.18
C ALA B 94 22.00 -6.60 -0.70
N THR B 95 22.54 -6.73 -1.95
CA THR B 95 22.62 -5.66 -2.99
C THR B 95 21.44 -4.83 -3.32
N GLN B 96 20.24 -5.24 -2.93
CA GLN B 96 19.05 -4.42 -3.20
C GLN B 96 18.35 -3.91 -1.94
N ASN B 97 19.01 -4.04 -0.77
CA ASN B 97 18.42 -3.56 0.49
C ASN B 97 18.63 -2.06 0.71
N PHE B 98 17.81 -1.31 -0.03
CA PHE B 98 17.88 0.13 -0.14
C PHE B 98 16.77 0.86 0.61
N TRP B 99 16.97 2.18 0.76
CA TRP B 99 15.89 3.16 1.08
C TRP B 99 15.15 2.84 2.38
N ARG B 100 15.89 2.85 3.47
CA ARG B 100 15.29 2.66 4.79
C ARG B 100 16.19 3.43 5.76
N SER B 101 15.92 3.34 7.06
CA SER B 101 16.79 4.02 8.02
C SER B 101 16.46 3.67 9.45
N ALA B 102 17.45 3.85 10.33
CA ALA B 102 17.25 3.72 11.78
C ALA B 102 17.95 4.87 12.46
N GLU B 103 17.30 5.44 13.49
CA GLU B 103 18.00 6.44 14.28
C GLU B 103 17.42 6.66 15.68
N ASN B 104 18.29 7.16 16.56
CA ASN B 104 17.91 7.69 17.87
C ASN B 104 17.27 6.61 18.77
N LEU B 105 17.88 5.42 18.73
CA LEU B 105 17.46 4.26 19.55
C LEU B 105 18.69 3.60 20.21
N ALA B 106 18.48 3.02 21.39
CA ALA B 106 19.44 2.11 21.99
C ALA B 106 18.91 0.68 21.80
N LEU B 107 19.78 -0.21 21.34
CA LEU B 107 19.43 -1.61 21.07
C LEU B 107 20.25 -2.52 21.96
N ASN B 108 19.55 -3.47 22.57
CA ASN B 108 20.16 -4.54 23.36
C ASN B 108 19.76 -5.86 22.70
N PRO B 109 20.52 -6.26 21.67
CA PRO B 109 20.06 -7.34 20.79
C PRO B 109 20.06 -8.71 21.47
N VAL B 110 19.20 -9.63 21.07
CA VAL B 110 18.85 -10.79 21.96
C VAL B 110 19.93 -11.90 22.25
N ASN B 111 20.80 -12.16 21.23
CA ASN B 111 22.05 -12.95 21.37
C ASN B 111 23.29 -12.10 21.16
N GLY B 112 23.16 -10.81 21.42
CA GLY B 112 24.32 -9.98 21.58
C GLY B 112 24.76 -9.23 20.33
N THR B 113 24.14 -9.53 19.19
CA THR B 113 24.46 -8.87 17.93
C THR B 113 23.22 -8.49 17.11
N ASN B 114 23.20 -7.25 16.63
CA ASN B 114 22.12 -6.75 15.76
C ASN B 114 22.59 -6.89 14.30
N ARG B 115 21.74 -7.45 13.42
CA ARG B 115 22.03 -7.64 11.96
C ARG B 115 21.44 -6.44 11.19
N TRP B 116 22.31 -5.69 10.50
CA TRP B 116 21.93 -4.49 9.72
C TRP B 116 22.54 -4.66 8.32
N ALA B 117 22.00 -5.61 7.56
CA ALA B 117 22.66 -6.10 6.35
C ALA B 117 22.29 -5.33 5.08
N VAL B 118 22.61 -4.04 5.05
CA VAL B 118 22.04 -3.13 4.06
C VAL B 118 22.99 -2.79 2.90
N SER B 119 22.41 -2.20 1.85
CA SER B 119 23.22 -1.58 0.83
C SER B 119 22.95 -0.08 0.85
N GLN B 120 22.84 0.58 -0.30
CA GLN B 120 22.84 2.04 -0.32
C GLN B 120 21.56 2.70 0.21
N ALA B 121 21.69 3.94 0.67
CA ALA B 121 20.54 4.73 1.18
C ALA B 121 19.85 4.05 2.35
N ALA B 122 20.66 3.55 3.29
CA ALA B 122 20.13 2.93 4.49
C ALA B 122 20.88 3.43 5.74
N PRO B 123 20.72 4.73 6.04
CA PRO B 123 21.49 5.33 7.12
C PRO B 123 21.17 4.78 8.50
N PHE B 124 22.20 4.78 9.33
CA PHE B 124 22.14 4.29 10.71
C PHE B 124 22.76 5.42 11.50
N ARG B 125 21.91 6.24 12.15
CA ARG B 125 22.37 7.47 12.80
C ARG B 125 21.97 7.57 14.27
N ARG B 126 22.88 8.10 15.09
CA ARG B 126 22.51 8.40 16.48
C ARG B 126 21.93 7.14 17.17
N MET B 127 22.60 6.01 16.93
CA MET B 127 22.24 4.73 17.53
C MET B 127 23.22 4.29 18.62
N HIS B 128 22.69 3.66 19.64
CA HIS B 128 23.53 3.06 20.67
C HIS B 128 23.26 1.55 20.67
N VAL B 129 24.21 0.78 20.14
CA VAL B 129 24.07 -0.67 20.12
C VAL B 129 24.86 -1.23 21.31
N LYS B 130 24.10 -1.67 22.30
CA LYS B 130 24.66 -2.31 23.49
C LYS B 130 24.84 -3.75 23.17
N GLY B 131 25.90 -4.03 22.43
CA GLY B 131 26.17 -5.34 21.89
C GLY B 131 26.93 -5.11 20.61
N GLY B 132 26.92 -6.11 19.73
CA GLY B 132 27.65 -6.07 18.49
C GLY B 132 26.75 -5.70 17.33
N LEU B 133 27.36 -5.48 16.17
CA LEU B 133 26.64 -4.97 15.00
C LEU B 133 27.17 -5.69 13.78
N ASN B 134 26.29 -6.47 13.16
CA ASN B 134 26.68 -7.31 12.05
C ASN B 134 26.08 -6.75 10.77
N LEU B 135 26.94 -6.44 9.80
CA LEU B 135 26.50 -5.73 8.59
C LEU B 135 26.27 -6.58 7.33
N ALA B 136 26.49 -7.89 7.42
CA ALA B 136 26.31 -8.75 6.22
C ALA B 136 25.08 -9.61 6.37
N PRO B 137 24.55 -10.11 5.25
CA PRO B 137 23.62 -11.22 5.44
C PRO B 137 24.34 -12.55 5.71
N ASP B 138 23.51 -13.59 5.82
CA ASP B 138 23.93 -14.96 6.01
C ASP B 138 24.61 -15.56 4.78
N GLY B 139 25.51 -16.51 5.04
CA GLY B 139 26.34 -17.14 4.01
C GLY B 139 27.32 -16.22 3.33
N TYR B 140 26.99 -14.93 3.34
CA TYR B 140 27.91 -13.82 3.12
C TYR B 140 28.07 -13.43 1.65
N GLY B 141 26.99 -13.01 0.98
CA GLY B 141 27.13 -12.58 -0.40
C GLY B 141 27.27 -11.06 -0.52
N TRP B 142 26.12 -10.42 -0.60
CA TRP B 142 26.00 -8.97 -0.85
C TRP B 142 26.03 -7.76 0.13
N ALA B 143 26.40 -6.66 -0.50
CA ALA B 143 26.16 -5.30 -0.06
C ALA B 143 27.33 -4.57 -0.55
N SER B 144 26.99 -3.46 -1.21
CA SER B 144 27.76 -2.27 -1.28
C SER B 144 27.08 -1.37 -0.28
N GLY B 145 27.62 -1.32 0.95
CA GLY B 145 27.09 -0.48 2.00
C GLY B 145 27.88 0.76 1.82
N GLY B 146 27.70 1.76 2.69
CA GLY B 146 26.88 1.72 3.88
C GLY B 146 27.34 2.91 4.72
N TYR B 147 26.53 3.32 5.70
CA TYR B 147 26.69 4.60 6.37
C TYR B 147 26.25 4.53 7.84
N ILE B 148 27.22 4.79 8.74
CA ILE B 148 26.94 4.96 10.16
C ILE B 148 27.47 6.33 10.58
N ALA B 149 26.65 7.10 11.28
CA ALA B 149 27.11 8.36 11.85
C ALA B 149 26.58 8.55 13.26
N ASP B 150 27.37 9.21 14.08
CA ASP B 150 26.93 9.66 15.40
C ASP B 150 26.41 8.53 16.29
N SER B 151 27.04 7.38 16.16
CA SER B 151 26.58 6.18 16.83
C SER B 151 27.65 5.56 17.74
N LYS B 152 27.15 4.76 18.68
CA LYS B 152 28.01 4.09 19.67
C LYS B 152 27.69 2.61 19.61
N ILE B 153 28.64 1.82 19.12
CA ILE B 153 28.52 0.35 19.10
C ILE B 153 29.44 -0.16 20.21
N ASP B 154 28.87 -0.73 21.26
CA ASP B 154 29.68 -1.14 22.43
C ASP B 154 30.66 -2.26 22.07
N GLY B 155 30.21 -3.19 21.23
CA GLY B 155 31.03 -4.31 20.81
C GLY B 155 31.70 -4.12 19.44
N GLU B 156 31.76 -5.23 18.70
CA GLU B 156 32.44 -5.30 17.42
C GLU B 156 31.50 -5.02 16.27
N VAL B 157 31.93 -4.17 15.36
CA VAL B 157 31.29 -4.06 14.06
C VAL B 157 31.83 -5.20 13.18
N GLY B 158 30.97 -5.83 12.39
CA GLY B 158 31.38 -6.95 11.55
C GLY B 158 30.94 -6.69 10.12
N PRO B 159 31.82 -6.15 9.28
CA PRO B 159 31.39 -5.88 7.92
C PRO B 159 31.22 -7.15 7.08
N TYR B 160 32.05 -8.18 7.35
CA TYR B 160 32.13 -9.42 6.57
C TYR B 160 32.09 -9.24 5.03
N SER B 161 30.94 -9.50 4.40
CA SER B 161 30.91 -9.47 2.93
C SER B 161 30.43 -8.14 2.32
N GLN B 162 30.18 -7.14 3.16
CA GLN B 162 30.09 -5.74 2.70
C GLN B 162 31.31 -5.40 1.85
N GLN B 163 31.11 -4.73 0.71
CA GLN B 163 32.26 -4.35 -0.11
C GLN B 163 32.99 -3.14 0.47
N GLN B 164 32.23 -2.16 0.93
CA GLN B 164 32.80 -0.89 1.38
C GLN B 164 31.86 -0.33 2.44
N TRP B 165 32.30 0.73 3.12
CA TRP B 165 31.55 1.26 4.25
C TRP B 165 32.12 2.59 4.67
N TYR B 166 31.26 3.48 5.16
CA TYR B 166 31.68 4.77 5.72
C TYR B 166 31.11 4.96 7.12
N THR B 167 31.98 5.29 8.07
CA THR B 167 31.58 5.53 9.45
C THR B 167 32.14 6.90 9.83
N ARG B 168 31.30 7.76 10.39
CA ARG B 168 31.83 9.00 10.97
C ARG B 168 31.32 9.35 12.36
N ASP B 169 32.18 10.06 13.08
CA ASP B 169 31.84 10.72 14.35
C ASP B 169 31.07 9.77 15.27
N SER B 170 31.75 8.68 15.60
CA SER B 170 31.16 7.56 16.29
C SER B 170 32.19 6.93 17.23
N SER B 171 31.74 5.92 17.98
CA SER B 171 32.60 5.16 18.84
C SER B 171 32.27 3.67 18.65
N VAL B 172 33.29 2.84 18.46
CA VAL B 172 33.11 1.40 18.30
C VAL B 172 34.08 0.63 19.19
N GLY B 173 33.65 -0.52 19.67
CA GLY B 173 34.47 -1.35 20.54
C GLY B 173 35.49 -2.13 19.75
N GLY B 174 35.20 -2.31 18.46
CA GLY B 174 36.05 -3.10 17.57
C GLY B 174 35.57 -3.02 16.13
N TRP B 175 36.43 -3.45 15.21
CA TRP B 175 36.13 -3.48 13.77
C TRP B 175 36.74 -4.75 13.18
N GLY B 176 35.92 -5.59 12.57
CA GLY B 176 36.38 -6.91 12.17
C GLY B 176 37.36 -6.94 11.02
N ASN B 177 36.94 -6.36 9.91
CA ASN B 177 37.69 -6.46 8.68
C ASN B 177 37.40 -5.37 7.67
N GLY B 178 38.34 -5.21 6.74
CA GLY B 178 38.09 -4.52 5.48
C GLY B 178 37.85 -5.54 4.38
N VAL B 179 37.37 -5.04 3.25
CA VAL B 179 37.17 -5.87 2.06
C VAL B 179 37.71 -5.05 0.90
N TRP B 180 37.00 -4.02 0.44
CA TRP B 180 37.52 -3.12 -0.58
C TRP B 180 37.84 -1.69 -0.10
N ASN B 181 36.94 -1.07 0.65
CA ASN B 181 37.14 0.32 1.08
C ASN B 181 36.33 0.61 2.34
N MET B 182 36.96 0.49 3.52
CA MET B 182 36.31 0.91 4.74
C MET B 182 37.00 2.21 5.17
N THR B 183 36.23 3.30 5.16
CA THR B 183 36.71 4.62 5.55
C THR B 183 36.07 5.07 6.89
N PHE B 184 36.88 5.74 7.71
CA PHE B 184 36.46 6.25 8.99
C PHE B 184 36.92 7.70 9.11
N SER B 185 36.09 8.56 9.66
CA SER B 185 36.55 9.87 10.10
C SER B 185 35.90 10.20 11.45
N GLY B 186 36.71 10.63 12.41
CA GLY B 186 36.19 10.92 13.73
C GLY B 186 35.68 9.72 14.53
N VAL B 187 36.22 8.52 14.25
CA VAL B 187 35.73 7.31 14.89
C VAL B 187 36.65 6.76 15.98
N GLU B 188 36.22 6.93 17.22
CA GLU B 188 36.86 6.32 18.36
C GLU B 188 36.85 4.80 18.17
N GLY B 189 38.02 4.17 18.23
CA GLY B 189 38.16 2.75 18.00
C GLY B 189 38.24 2.32 16.54
N ALA B 190 38.30 3.29 15.64
CA ALA B 190 38.60 2.98 14.26
C ALA B 190 39.93 2.22 14.19
N PRO B 191 39.98 1.20 13.35
CA PRO B 191 41.29 0.61 13.15
C PRO B 191 42.27 1.61 12.46
N ALA B 192 43.54 1.46 12.80
CA ALA B 192 44.62 2.27 12.25
C ALA B 192 44.56 2.35 10.72
N GLN B 193 44.98 3.50 10.21
CA GLN B 193 45.19 3.70 8.77
C GLN B 193 46.12 2.60 8.24
N SER B 194 45.69 1.93 7.17
CA SER B 194 46.33 0.68 6.73
C SER B 194 46.30 0.38 5.24
N PHE B 195 45.54 1.18 4.49
CA PHE B 195 45.37 1.00 3.05
C PHE B 195 46.76 0.86 2.43
N PRO B 196 46.95 -0.08 1.49
CA PRO B 196 46.00 -0.95 0.79
C PRO B 196 45.64 -2.27 1.46
N GLU B 197 46.23 -2.64 2.59
CA GLU B 197 45.93 -3.92 3.19
C GLU B 197 46.12 -3.89 4.71
N PRO B 198 45.05 -4.14 5.48
CA PRO B 198 43.65 -4.07 5.01
C PRO B 198 43.30 -2.64 4.53
N PRO B 199 42.29 -2.52 3.64
CA PRO B 199 42.03 -1.22 3.00
C PRO B 199 41.22 -0.25 3.87
N TYR B 200 41.81 0.07 5.01
CA TYR B 200 41.28 1.02 5.96
C TYR B 200 41.86 2.39 5.65
N THR B 201 40.95 3.35 5.53
CA THR B 201 41.26 4.78 5.38
C THR B 201 40.71 5.46 6.64
N THR B 202 41.60 5.98 7.48
CA THR B 202 41.21 6.43 8.82
C THR B 202 41.70 7.84 9.09
N LEU B 203 40.76 8.77 9.26
CA LEU B 203 41.06 10.16 9.57
C LEU B 203 40.69 10.43 11.03
N GLU B 204 41.56 11.14 11.76
CA GLU B 204 41.33 11.34 13.18
C GLU B 204 40.01 12.07 13.46
N THR B 205 39.69 13.10 12.67
CA THR B 205 38.44 13.83 12.85
C THR B 205 37.79 14.11 11.50
N THR B 206 36.54 14.54 11.57
CA THR B 206 35.80 15.00 10.41
C THR B 206 35.92 16.53 10.36
N PRO B 207 36.34 17.09 9.21
CA PRO B 207 36.63 18.54 9.21
C PRO B 207 35.49 19.40 9.73
N VAL B 208 34.30 19.12 9.24
CA VAL B 208 33.08 19.77 9.70
C VAL B 208 31.98 18.74 9.62
N SER B 209 31.07 18.74 10.62
CA SER B 209 29.85 17.93 10.53
C SER B 209 28.74 18.55 11.39
N ARG B 210 27.50 18.25 11.03
CA ARG B 210 26.35 18.75 11.79
C ARG B 210 25.29 17.66 11.71
N GLU B 211 24.94 17.09 12.84
CA GLU B 211 24.06 15.93 12.84
C GLU B 211 22.68 16.26 12.31
N LYS B 212 22.06 15.27 11.70
CA LYS B 212 20.76 15.45 11.03
C LYS B 212 19.69 15.83 12.06
N PRO B 213 18.84 16.81 11.74
CA PRO B 213 17.67 17.10 12.59
C PRO B 213 16.71 15.89 12.70
N PHE B 214 16.02 15.81 13.84
CA PHE B 214 15.08 14.71 14.06
C PHE B 214 13.97 15.15 15.03
N LEU B 215 12.84 14.45 14.93
CA LEU B 215 11.67 14.68 15.75
C LEU B 215 11.90 14.10 17.15
N TYR B 216 11.52 14.83 18.20
CA TYR B 216 11.45 14.25 19.56
C TYR B 216 10.24 14.79 20.31
N LEU B 217 9.93 14.14 21.45
CA LEU B 217 8.90 14.58 22.38
C LEU B 217 9.54 15.19 23.61
N ASP B 218 9.04 16.36 24.01
CA ASP B 218 9.36 16.91 25.31
C ASP B 218 8.04 16.99 26.08
N GLY B 219 7.86 16.17 27.11
CA GLY B 219 6.52 16.07 27.71
C GLY B 219 5.70 15.44 26.60
N ASP B 220 4.46 15.86 26.35
CA ASP B 220 3.77 15.55 25.08
C ASP B 220 3.91 16.65 24.05
N ASP B 221 5.07 17.31 24.01
CA ASP B 221 5.36 18.34 23.01
C ASP B 221 6.38 17.86 21.96
N TYR B 222 5.91 17.67 20.72
CA TYR B 222 6.78 17.44 19.55
C TYR B 222 7.58 18.68 19.23
N LYS B 223 8.90 18.61 19.40
CA LYS B 223 9.83 19.57 18.79
C LYS B 223 10.67 18.80 17.71
N VAL B 224 11.39 19.53 16.86
CA VAL B 224 12.49 18.98 16.09
C VAL B 224 13.77 19.55 16.69
N PHE B 225 14.72 18.68 16.99
CA PHE B 225 16.05 19.12 17.45
C PHE B 225 16.86 19.36 16.20
N VAL B 226 17.57 20.50 16.19
CA VAL B 226 18.33 21.00 15.06
C VAL B 226 19.76 21.14 15.61
N PRO B 227 20.55 20.07 15.45
CA PRO B 227 21.93 19.98 15.93
C PRO B 227 22.84 21.09 15.43
N ALA B 228 23.76 21.47 16.32
CA ALA B 228 24.75 22.50 16.06
C ALA B 228 25.93 21.92 15.30
N LYS B 229 26.47 22.64 14.33
CA LYS B 229 27.72 22.18 13.72
C LYS B 229 28.87 22.01 14.74
N ARG B 230 29.72 21.03 14.41
CA ARG B 230 31.00 20.83 15.09
C ARG B 230 32.10 21.02 14.04
N THR B 231 33.29 21.45 14.44
CA THR B 231 34.48 21.33 13.57
C THR B 231 35.47 20.36 14.21
N ASN B 232 36.17 19.61 13.35
CA ASN B 232 37.14 18.63 13.81
C ASN B 232 36.44 17.67 14.78
N ALA B 233 35.30 17.15 14.33
CA ALA B 233 34.47 16.27 15.13
C ALA B 233 35.10 14.90 15.35
N ARG B 234 34.84 14.34 16.51
CA ARG B 234 35.33 13.04 16.86
C ARG B 234 34.40 12.49 17.94
N GLY B 235 34.01 11.22 17.75
CA GLY B 235 33.08 10.56 18.61
C GLY B 235 31.65 11.01 18.38
N THR B 236 30.77 10.53 19.27
CA THR B 236 29.38 10.87 19.20
C THR B 236 29.21 12.30 19.71
N SER B 237 28.07 12.88 19.36
CA SER B 237 27.77 14.24 19.76
C SER B 237 27.13 14.26 21.14
N TRP B 238 26.61 13.11 21.57
CA TRP B 238 25.65 12.97 22.65
C TRP B 238 26.16 12.19 23.85
N GLY B 239 27.36 11.63 23.78
CA GLY B 239 27.91 11.07 25.01
C GLY B 239 27.92 12.06 26.19
N ASN B 240 28.41 13.28 25.94
CA ASN B 240 28.51 14.28 27.04
C ASN B 240 27.09 14.82 27.43
N GLY B 241 26.95 16.00 28.06
CA GLY B 241 25.68 16.41 28.72
C GLY B 241 24.44 16.70 27.85
N THR B 242 23.79 17.85 28.05
CA THR B 242 22.65 18.17 27.15
C THR B 242 23.21 18.44 25.74
N PRO B 243 22.42 18.10 24.74
CA PRO B 243 23.02 18.16 23.40
C PRO B 243 23.05 19.60 22.88
N GLU B 244 24.05 19.93 22.09
CA GLU B 244 24.27 21.30 21.63
C GLU B 244 23.50 21.55 20.29
N GLY B 245 22.71 22.64 20.23
CA GLY B 245 21.76 22.90 19.14
C GLY B 245 20.44 23.60 19.50
N GLU B 246 19.67 24.05 18.48
CA GLU B 246 18.31 24.67 18.66
C GLU B 246 17.14 23.68 18.66
N SER B 247 16.21 23.97 19.56
CA SER B 247 14.89 23.38 19.69
C SER B 247 13.85 24.05 18.76
N LEU B 248 13.05 23.29 18.02
CA LEU B 248 12.03 23.86 17.12
C LEU B 248 10.62 23.29 17.45
N PRO B 249 9.70 24.12 18.02
CA PRO B 249 8.34 23.63 18.22
C PRO B 249 7.72 23.15 16.90
N LEU B 250 7.01 22.05 16.92
CA LEU B 250 6.43 21.51 15.70
C LEU B 250 5.42 22.46 15.02
N ASP B 251 4.79 23.39 15.75
CA ASP B 251 3.79 24.21 15.05
C ASP B 251 4.45 25.29 14.18
N GLN B 252 5.79 25.29 14.15
CA GLN B 252 6.52 26.12 13.19
C GLN B 252 6.94 25.35 11.93
N PHE B 253 6.32 24.18 11.74
CA PHE B 253 6.45 23.37 10.53
C PHE B 253 5.14 23.23 9.76
N TYR B 254 5.18 23.48 8.45
CA TYR B 254 4.08 23.03 7.58
C TYR B 254 4.22 21.51 7.53
N VAL B 255 3.19 20.80 7.99
CA VAL B 255 3.17 19.35 7.95
C VAL B 255 2.57 18.96 6.61
N VAL B 256 3.44 18.77 5.65
CA VAL B 256 3.01 18.51 4.28
C VAL B 256 2.42 17.10 4.30
N LYS B 257 1.57 16.81 3.32
CA LYS B 257 0.99 15.47 3.12
C LYS B 257 0.61 15.26 1.70
N PRO B 258 0.17 14.01 1.35
CA PRO B 258 -0.22 13.82 -0.06
C PRO B 258 -1.60 14.37 -0.26
N GLY B 259 -1.64 15.57 -0.80
CA GLY B 259 -2.79 16.10 -1.50
C GLY B 259 -2.53 17.58 -1.61
N ALA B 260 -1.30 17.95 -1.98
CA ALA B 260 -0.79 19.30 -1.73
C ALA B 260 0.09 19.85 -2.85
N THR B 261 -0.39 20.93 -3.43
CA THR B 261 0.36 21.62 -4.47
C THR B 261 1.75 21.90 -4.00
N ALA B 262 2.64 22.25 -4.92
CA ALA B 262 3.79 23.02 -4.53
C ALA B 262 3.17 24.27 -3.95
N GLU B 263 2.65 25.13 -4.81
CA GLU B 263 2.38 26.54 -4.44
C GLU B 263 2.14 26.74 -2.93
N THR B 264 1.49 25.79 -2.26
CA THR B 264 1.34 25.80 -0.80
C THR B 264 2.68 25.65 -0.08
N ILE B 265 3.44 24.66 -0.51
CA ILE B 265 4.74 24.39 0.04
C ILE B 265 5.64 25.64 -0.03
N ASN B 266 5.70 26.26 -1.20
CA ASN B 266 6.56 27.42 -1.34
C ASN B 266 6.00 28.63 -0.60
N ALA B 267 4.67 28.70 -0.52
CA ALA B 267 4.07 29.77 0.26
C ALA B 267 4.46 29.59 1.71
N ALA B 268 4.48 28.34 2.16
CA ALA B 268 4.84 28.02 3.53
C ALA B 268 6.20 28.58 3.93
N VAL B 269 7.21 28.26 3.13
CA VAL B 269 8.57 28.73 3.42
C VAL B 269 8.69 30.28 3.46
N ASP B 270 8.08 31.00 2.53
CA ASP B 270 8.23 32.46 2.59
C ASP B 270 7.56 33.07 3.81
N GLN B 271 6.59 32.37 4.37
CA GLN B 271 5.91 32.86 5.55
C GLN B 271 6.69 32.50 6.82
N GLY B 272 7.90 31.94 6.63
CA GLY B 272 8.74 31.51 7.74
C GLY B 272 8.40 30.19 8.42
N LEU B 273 7.67 29.29 7.76
CA LEU B 273 7.53 27.95 8.30
C LEU B 273 8.65 27.06 7.76
N HIS B 274 9.06 26.11 8.58
CA HIS B 274 9.90 25.01 8.14
C HIS B 274 9.00 23.97 7.44
N LEU B 275 9.60 22.90 6.89
CA LEU B 275 8.87 21.84 6.21
C LEU B 275 9.11 20.47 6.83
N LEU B 276 8.02 19.74 7.09
CA LEU B 276 8.08 18.36 7.54
C LEU B 276 7.29 17.51 6.55
N PHE B 277 7.99 16.73 5.74
CA PHE B 277 7.32 15.86 4.79
C PHE B 277 6.95 14.55 5.40
N THR B 278 5.66 14.34 5.61
CA THR B 278 5.16 13.07 6.08
C THR B 278 5.45 11.99 5.03
N PRO B 279 5.48 10.73 5.45
CA PRO B 279 5.83 9.67 4.49
C PRO B 279 4.82 9.55 3.37
N GLY B 280 5.26 9.84 2.15
CA GLY B 280 4.42 9.66 0.98
C GLY B 280 5.17 10.05 -0.27
N VAL B 281 4.45 10.08 -1.38
CA VAL B 281 5.03 10.42 -2.68
C VAL B 281 4.32 11.67 -3.20
N TYR B 282 5.10 12.73 -3.45
CA TYR B 282 4.60 14.08 -3.74
C TYR B 282 4.98 14.54 -5.13
N HIS B 283 4.02 14.47 -6.05
CA HIS B 283 4.23 15.07 -7.38
C HIS B 283 4.14 16.59 -7.28
N VAL B 284 5.11 17.29 -7.88
CA VAL B 284 5.07 18.76 -7.99
C VAL B 284 5.12 19.20 -9.48
N ASP B 285 4.56 20.38 -9.75
CA ASP B 285 4.56 20.97 -11.09
C ASP B 285 5.24 22.32 -11.11
N GLN B 286 6.09 22.51 -10.13
CA GLN B 286 6.82 23.75 -9.88
C GLN B 286 7.92 23.39 -8.89
N PRO B 287 9.06 24.06 -8.97
CA PRO B 287 10.13 23.67 -8.03
C PRO B 287 9.81 24.09 -6.59
N ILE B 288 10.15 23.22 -5.65
CA ILE B 288 10.12 23.52 -4.23
C ILE B 288 11.29 24.44 -3.88
N GLU B 289 11.00 25.72 -3.71
CA GLU B 289 12.02 26.75 -3.49
C GLU B 289 12.18 27.13 -2.03
N ILE B 290 13.41 26.95 -1.54
CA ILE B 290 13.77 27.23 -0.17
C ILE B 290 14.72 28.43 -0.21
N ASP B 291 14.15 29.62 0.00
CA ASP B 291 14.98 30.83 0.01
C ASP B 291 14.84 31.64 1.29
N ARG B 292 14.76 30.96 2.42
CA ARG B 292 14.86 31.61 3.75
C ARG B 292 15.99 30.92 4.53
N ALA B 293 16.91 31.72 5.07
CA ALA B 293 17.97 31.19 5.91
C ALA B 293 17.44 30.30 7.02
N ASN B 294 18.22 29.29 7.39
CA ASN B 294 17.90 28.38 8.51
C ASN B 294 16.68 27.47 8.36
N THR B 295 16.09 27.43 7.19
CA THR B 295 14.93 26.54 6.96
C THR B 295 15.32 25.06 7.03
N VAL B 296 14.60 24.32 7.86
CA VAL B 296 14.68 22.89 7.94
C VAL B 296 13.63 22.27 7.04
N ALA B 297 14.07 21.35 6.18
CA ALA B 297 13.16 20.55 5.34
C ALA B 297 13.47 19.10 5.61
N LEU B 298 12.63 18.49 6.44
CA LEU B 298 12.89 17.17 6.99
C LEU B 298 11.85 16.17 6.51
N GLY B 299 12.32 15.10 5.87
CA GLY B 299 11.42 14.04 5.45
C GLY B 299 11.35 12.91 6.45
N LEU B 300 10.21 12.23 6.44
CA LEU B 300 9.94 11.07 7.25
C LEU B 300 9.61 9.90 6.35
N GLY B 301 10.05 8.72 6.74
CA GLY B 301 9.74 7.49 6.03
C GLY B 301 10.01 7.57 4.54
N LEU B 302 11.15 8.12 4.14
CA LEU B 302 11.54 8.13 2.73
C LEU B 302 10.56 8.89 1.84
N ALA B 303 9.96 9.93 2.43
CA ALA B 303 9.18 10.89 1.68
C ALA B 303 9.89 11.25 0.37
N THR B 304 9.10 11.30 -0.68
CA THR B 304 9.63 11.34 -2.05
C THR B 304 9.03 12.47 -2.84
N ILE B 305 9.87 13.21 -3.55
CA ILE B 305 9.43 14.31 -4.42
C ILE B 305 9.64 13.85 -5.86
N ILE B 306 8.58 13.89 -6.67
CA ILE B 306 8.67 13.67 -8.10
C ILE B 306 8.31 14.96 -8.87
N PRO B 307 9.30 15.56 -9.58
CA PRO B 307 9.02 16.77 -10.39
C PRO B 307 8.43 16.44 -11.74
N ASP B 308 7.22 16.91 -11.96
CA ASP B 308 6.52 16.76 -13.24
C ASP B 308 6.97 17.82 -14.23
N ASN B 309 6.69 17.60 -15.51
CA ASN B 309 6.84 18.67 -16.51
C ASN B 309 8.29 19.08 -16.74
N GLY B 310 9.19 18.14 -16.54
CA GLY B 310 10.61 18.39 -16.60
C GLY B 310 11.12 19.53 -15.74
N VAL B 311 10.37 19.98 -14.74
CA VAL B 311 10.91 21.02 -13.86
C VAL B 311 11.92 20.44 -12.84
N THR B 312 12.65 21.32 -12.16
CA THR B 312 13.53 20.92 -11.05
C THR B 312 12.69 20.69 -9.79
N ALA B 313 13.05 19.67 -9.00
CA ALA B 313 12.27 19.31 -7.81
C ALA B 313 12.53 20.25 -6.63
N LEU B 314 13.79 20.61 -6.43
CA LEU B 314 14.19 21.30 -5.22
C LEU B 314 15.24 22.33 -5.54
N LYS B 315 14.97 23.60 -5.19
CA LYS B 315 15.96 24.67 -5.35
C LYS B 315 16.16 25.39 -4.03
N VAL B 316 17.41 25.48 -3.59
CA VAL B 316 17.75 26.25 -2.40
C VAL B 316 18.48 27.52 -2.86
N GLY B 317 18.04 28.69 -2.40
CA GLY B 317 18.71 29.91 -2.79
C GLY B 317 19.98 30.22 -2.00
N ASP B 318 20.41 31.47 -2.07
CA ASP B 318 21.75 31.88 -1.59
C ASP B 318 21.70 32.33 -0.12
N VAL B 319 21.38 31.36 0.73
CA VAL B 319 21.14 31.60 2.14
C VAL B 319 21.86 30.61 3.03
N ASP B 320 22.24 31.10 4.23
CA ASP B 320 22.87 30.29 5.26
C ASP B 320 21.89 29.24 5.81
N GLY B 321 22.45 28.20 6.42
CA GLY B 321 21.74 27.41 7.38
C GLY B 321 20.60 26.50 6.95
N VAL B 322 20.40 26.30 5.65
CA VAL B 322 19.30 25.43 5.24
C VAL B 322 19.71 23.97 5.49
N LYS B 323 18.77 23.18 6.01
CA LYS B 323 19.02 21.79 6.36
C LYS B 323 17.98 20.90 5.67
N VAL B 324 18.39 20.30 4.56
CA VAL B 324 17.54 19.39 3.79
C VAL B 324 17.90 17.98 4.27
N ALA B 325 16.92 17.20 4.66
CA ALA B 325 17.25 15.90 5.22
C ALA B 325 16.18 14.86 4.97
N GLY B 326 16.61 13.66 4.57
CA GLY B 326 15.69 12.51 4.57
C GLY B 326 14.62 12.52 3.47
N LEU B 327 15.09 12.79 2.25
CA LEU B 327 14.21 12.88 1.10
C LEU B 327 14.79 12.12 -0.07
N LEU B 328 13.89 11.48 -0.82
CA LEU B 328 14.22 10.83 -2.08
C LEU B 328 13.62 11.67 -3.19
N VAL B 329 14.40 12.03 -4.19
CA VAL B 329 13.89 12.75 -5.35
C VAL B 329 13.94 11.74 -6.49
N ASP B 330 12.79 11.50 -7.08
CA ASP B 330 12.61 10.43 -8.06
C ASP B 330 12.29 11.10 -9.39
N ALA B 331 13.15 10.93 -10.40
CA ALA B 331 12.93 11.61 -11.67
C ALA B 331 11.59 11.20 -12.30
N GLY B 332 10.92 12.18 -12.90
CA GLY B 332 9.80 11.90 -13.77
C GLY B 332 10.26 11.39 -15.14
N PRO B 333 9.39 10.69 -15.88
CA PRO B 333 9.73 10.22 -17.23
C PRO B 333 10.01 11.36 -18.18
N VAL B 334 9.52 12.57 -17.88
CA VAL B 334 9.89 13.77 -18.65
C VAL B 334 11.22 14.35 -18.11
N ASN B 335 12.21 14.50 -19.00
CA ASN B 335 13.54 14.93 -18.56
C ASN B 335 13.54 16.25 -17.83
N SER B 336 14.19 16.24 -16.66
CA SER B 336 14.47 17.43 -15.92
C SER B 336 15.93 17.81 -16.10
N GLU B 337 16.14 19.05 -16.49
CA GLU B 337 17.48 19.60 -16.69
C GLU B 337 18.33 19.40 -15.44
N THR B 338 17.76 19.73 -14.28
CA THR B 338 18.34 19.41 -12.98
C THR B 338 17.25 18.86 -12.05
N LEU B 339 17.65 18.06 -11.06
CA LEU B 339 16.71 17.61 -10.04
C LEU B 339 16.80 18.41 -8.73
N VAL B 340 18.02 18.74 -8.29
CA VAL B 340 18.26 19.50 -7.08
C VAL B 340 19.32 20.54 -7.36
N GLU B 341 19.05 21.79 -6.99
CA GLU B 341 19.99 22.88 -7.15
C GLU B 341 20.22 23.58 -5.81
N VAL B 342 21.49 23.67 -5.39
CA VAL B 342 21.85 24.31 -4.14
C VAL B 342 22.64 25.58 -4.40
N GLY B 343 21.97 26.69 -4.17
CA GLY B 343 22.50 28.00 -4.51
C GLY B 343 22.31 28.34 -5.97
N SER B 344 22.61 29.56 -6.36
CA SER B 344 22.38 30.00 -7.74
C SER B 344 23.63 29.86 -8.57
N ASP B 345 23.44 29.67 -9.88
CA ASP B 345 24.54 29.52 -10.79
C ASP B 345 25.42 30.77 -10.78
N GLY B 346 26.65 30.61 -10.28
CA GLY B 346 27.54 31.75 -10.06
C GLY B 346 27.38 32.42 -8.70
N ALA B 347 26.63 31.75 -7.80
CA ALA B 347 26.43 32.16 -6.41
C ALA B 347 27.78 32.50 -5.82
N SER B 348 27.96 33.74 -5.42
CA SER B 348 29.24 34.28 -4.97
C SER B 348 29.67 34.13 -3.45
N GLY B 349 28.73 33.97 -2.55
CA GLY B 349 29.05 34.26 -1.15
C GLY B 349 29.45 33.05 -0.33
N ASP B 350 29.95 33.30 0.89
CA ASP B 350 30.36 32.24 1.81
C ASP B 350 29.14 31.75 2.54
N HIS B 351 29.33 30.67 3.29
CA HIS B 351 28.34 30.30 4.30
C HIS B 351 29.09 29.49 5.37
N ALA B 352 30.26 29.97 5.77
CA ALA B 352 31.19 29.10 6.49
C ALA B 352 30.77 28.84 7.95
N ALA B 353 30.26 29.88 8.61
CA ALA B 353 29.86 29.71 10.00
C ALA B 353 28.62 28.82 10.08
N ASN B 354 27.68 29.01 9.14
CA ASN B 354 26.36 28.38 9.20
C ASN B 354 26.03 27.85 7.80
N PRO B 355 26.63 26.71 7.45
CA PRO B 355 26.45 26.15 6.11
C PRO B 355 25.07 25.54 5.84
N THR B 356 24.72 25.48 4.56
CA THR B 356 23.58 24.67 4.10
C THR B 356 24.06 23.24 3.91
N SER B 357 23.17 22.27 4.18
CA SER B 357 23.54 20.88 4.09
C SER B 357 22.44 20.05 3.45
N LEU B 358 22.91 19.01 2.74
CA LEU B 358 22.07 17.91 2.27
C LEU B 358 22.45 16.65 3.05
N GLN B 359 21.46 16.01 3.71
CA GLN B 359 21.71 14.80 4.50
C GLN B 359 20.67 13.73 4.24
N ASP B 360 21.14 12.53 3.90
CA ASP B 360 20.18 11.49 3.54
C ASP B 360 19.25 12.02 2.45
N VAL B 361 19.86 12.66 1.47
CA VAL B 361 19.18 13.04 0.24
C VAL B 361 19.57 12.04 -0.85
N PHE B 362 18.56 11.39 -1.42
CA PHE B 362 18.78 10.30 -2.36
C PHE B 362 18.10 10.71 -3.65
N VAL B 363 18.67 10.30 -4.77
CA VAL B 363 18.10 10.60 -6.06
C VAL B 363 18.04 9.29 -6.83
N ARG B 364 16.92 9.08 -7.53
CA ARG B 364 16.72 7.90 -8.38
C ARG B 364 16.29 8.37 -9.76
N ILE B 365 16.92 7.81 -10.80
CA ILE B 365 16.46 8.03 -12.18
C ILE B 365 16.13 6.69 -12.83
N GLY B 366 14.84 6.45 -12.98
CA GLY B 366 14.34 5.19 -13.50
C GLY B 366 14.18 4.11 -12.46
N GLY B 367 13.68 2.94 -12.89
CA GLY B 367 13.56 1.80 -12.00
C GLY B 367 12.16 1.55 -11.45
N ALA B 368 11.49 2.61 -11.04
CA ALA B 368 10.10 2.52 -10.62
C ALA B 368 9.19 2.87 -11.80
N GLY B 369 9.78 3.38 -12.88
CA GLY B 369 9.08 3.93 -14.04
C GLY B 369 10.07 4.78 -14.85
N PRO B 370 9.94 4.81 -16.20
CA PRO B 370 10.94 5.61 -16.91
C PRO B 370 11.16 7.00 -16.29
N GLY B 371 12.42 7.37 -16.13
CA GLY B 371 12.77 8.65 -15.57
C GLY B 371 14.02 9.17 -16.28
N LYS B 372 14.12 10.49 -16.42
CA LYS B 372 15.23 11.12 -17.13
C LYS B 372 15.62 12.42 -16.45
N ALA B 373 16.91 12.68 -16.29
CA ALA B 373 17.38 13.97 -15.85
C ALA B 373 18.79 14.18 -16.39
N THR B 374 19.10 15.40 -16.78
CA THR B 374 20.42 15.65 -17.37
C THR B 374 21.51 15.69 -16.29
N THR B 375 21.24 16.45 -15.24
CA THR B 375 22.10 16.52 -14.10
C THR B 375 21.25 16.35 -12.86
N SER B 376 21.72 15.60 -11.88
CA SER B 376 20.88 15.32 -10.71
C SER B 376 21.03 16.38 -9.62
N ILE B 377 22.25 16.59 -9.11
CA ILE B 377 22.45 17.60 -8.08
C ILE B 377 23.53 18.58 -8.49
N VAL B 378 23.18 19.87 -8.53
CA VAL B 378 24.13 20.94 -8.78
C VAL B 378 24.33 21.69 -7.47
N VAL B 379 25.59 21.82 -7.05
CA VAL B 379 25.91 22.48 -5.80
C VAL B 379 26.75 23.74 -6.06
N ASN B 380 26.06 24.88 -5.98
CA ASN B 380 26.71 26.18 -6.13
C ASN B 380 27.15 26.85 -4.83
N SER B 381 26.38 26.71 -3.76
CA SER B 381 26.70 27.47 -2.53
C SER B 381 28.03 27.06 -1.97
N ASN B 382 28.89 28.05 -1.75
CA ASN B 382 30.10 27.77 -1.02
C ASN B 382 29.79 27.17 0.34
N ASP B 383 30.71 26.33 0.79
CA ASP B 383 30.72 25.76 2.15
C ASP B 383 29.62 24.72 2.42
N THR B 384 28.95 24.28 1.38
CA THR B 384 27.87 23.29 1.50
C THR B 384 28.42 21.97 2.03
N ILE B 385 27.65 21.32 2.91
CA ILE B 385 27.99 19.98 3.44
C ILE B 385 27.07 18.96 2.78
N ILE B 386 27.64 18.00 2.05
CA ILE B 386 26.93 16.83 1.49
C ILE B 386 27.26 15.66 2.42
N ASP B 387 26.35 15.32 3.33
CA ASP B 387 26.58 14.28 4.35
C ASP B 387 25.59 13.11 4.17
N HIS B 388 26.05 12.13 3.41
CA HIS B 388 25.28 10.98 2.94
C HIS B 388 24.31 11.29 1.80
N THR B 389 24.75 10.97 0.60
CA THR B 389 23.85 11.02 -0.56
C THR B 389 24.07 9.75 -1.39
N TRP B 390 22.99 9.25 -1.98
CA TRP B 390 23.05 8.23 -3.03
C TRP B 390 22.32 8.81 -4.25
N VAL B 391 23.07 9.01 -5.33
CA VAL B 391 22.57 9.56 -6.57
C VAL B 391 22.70 8.44 -7.58
N TRP B 392 21.55 7.86 -7.94
CA TRP B 392 21.50 6.54 -8.59
C TRP B 392 20.66 6.52 -9.86
N ARG B 393 21.34 6.37 -10.99
CA ARG B 393 20.67 6.03 -12.23
C ARG B 393 20.39 4.55 -12.17
N ALA B 394 19.12 4.15 -12.30
CA ALA B 394 18.75 2.76 -12.03
C ALA B 394 19.37 1.73 -12.99
N ASP B 395 19.70 0.57 -12.43
CA ASP B 395 20.22 -0.57 -13.21
C ASP B 395 19.25 -1.75 -13.28
N HIS B 396 18.08 -1.64 -12.66
CA HIS B 396 17.08 -2.72 -12.67
C HIS B 396 15.81 -2.05 -12.16
N GLY B 397 14.69 -2.80 -12.15
CA GLY B 397 13.37 -2.19 -12.04
C GLY B 397 12.93 -1.75 -13.43
N GLU B 398 11.72 -1.24 -13.56
CA GLU B 398 11.20 -0.84 -14.88
C GLU B 398 11.73 0.49 -15.35
N GLY B 399 11.72 0.67 -16.69
CA GLY B 399 11.99 1.98 -17.28
C GLY B 399 13.49 2.23 -17.41
N VAL B 400 14.24 1.13 -17.51
CA VAL B 400 15.71 1.20 -17.56
C VAL B 400 16.18 0.91 -18.98
N GLY B 401 17.12 1.72 -19.45
CA GLY B 401 17.69 1.57 -20.77
C GLY B 401 18.75 2.63 -20.96
N TRP B 402 19.77 2.34 -21.78
CA TRP B 402 20.82 3.32 -22.07
C TRP B 402 20.17 4.64 -22.46
N GLU B 403 19.00 4.55 -23.08
CA GLU B 403 18.27 5.75 -23.42
C GLU B 403 16.92 5.88 -22.60
N THR B 404 16.26 4.79 -22.22
CA THR B 404 14.94 4.90 -21.56
C THR B 404 15.06 5.61 -20.21
N ASN B 405 16.18 5.41 -19.50
CA ASN B 405 16.50 6.24 -18.32
C ASN B 405 17.88 6.93 -18.41
N ARG B 406 18.20 7.48 -19.57
CA ARG B 406 19.42 8.28 -19.74
C ARG B 406 19.50 9.36 -18.65
N ALA B 407 20.67 9.46 -18.02
CA ALA B 407 20.99 10.57 -17.14
C ALA B 407 22.47 10.83 -17.27
N ASP B 408 22.85 11.95 -17.87
CA ASP B 408 24.26 12.15 -18.21
C ASP B 408 25.16 12.38 -16.98
N TYR B 409 24.68 13.20 -16.03
CA TYR B 409 25.54 13.68 -14.96
C TYR B 409 24.89 13.50 -13.59
N GLY B 410 25.69 13.03 -12.63
CA GLY B 410 25.21 12.79 -11.29
C GLY B 410 25.20 14.06 -10.45
N VAL B 411 26.38 14.38 -9.95
CA VAL B 411 26.61 15.55 -9.10
C VAL B 411 27.63 16.46 -9.76
N HIS B 412 27.32 17.76 -9.79
CA HIS B 412 28.27 18.75 -10.20
C HIS B 412 28.46 19.73 -9.07
N VAL B 413 29.67 19.79 -8.55
CA VAL B 413 29.97 20.72 -7.47
C VAL B 413 30.72 21.90 -8.04
N LYS B 414 30.10 23.07 -8.00
CA LYS B 414 30.76 24.25 -8.57
C LYS B 414 31.00 25.31 -7.49
N GLY B 415 30.39 25.14 -6.31
CA GLY B 415 30.74 25.95 -5.15
C GLY B 415 32.12 25.62 -4.57
N ASP B 416 32.62 26.52 -3.72
CA ASP B 416 33.95 26.45 -3.11
C ASP B 416 33.87 25.95 -1.67
N ASN B 417 34.91 25.28 -1.20
CA ASN B 417 34.98 24.77 0.19
C ASN B 417 33.82 23.82 0.51
N VAL B 418 33.36 23.12 -0.51
CA VAL B 418 32.29 22.13 -0.30
C VAL B 418 32.87 20.82 0.26
N LEU B 419 32.12 20.21 1.17
CA LEU B 419 32.58 18.97 1.78
C LEU B 419 31.56 17.89 1.56
N ALA B 420 31.99 16.75 1.03
CA ALA B 420 31.13 15.58 0.92
C ALA B 420 31.64 14.48 1.86
N THR B 421 30.75 13.96 2.71
CA THR B 421 31.10 12.87 3.62
C THR B 421 30.10 11.75 3.39
N GLY B 422 30.56 10.68 2.73
CA GLY B 422 29.67 9.57 2.36
C GLY B 422 28.97 9.80 1.04
N LEU B 423 29.76 9.85 -0.02
CA LEU B 423 29.27 10.16 -1.36
C LEU B 423 29.12 8.86 -2.20
N PHE B 424 27.90 8.53 -2.59
CA PHE B 424 27.58 7.32 -3.39
C PHE B 424 26.87 7.80 -4.68
N VAL B 425 27.47 7.55 -5.85
CA VAL B 425 26.93 8.04 -7.12
C VAL B 425 27.20 6.99 -8.19
N GLU B 426 26.17 6.55 -8.88
CA GLU B 426 26.31 5.38 -9.75
C GLU B 426 25.52 5.43 -11.08
N HIS B 427 26.20 4.97 -12.13
CA HIS B 427 25.61 4.47 -13.38
C HIS B 427 25.30 5.57 -14.41
N PHE B 428 25.82 6.76 -14.19
CA PHE B 428 25.51 7.86 -15.11
C PHE B 428 26.12 7.64 -16.51
N ASN B 429 25.46 8.16 -17.54
CA ASN B 429 25.92 7.93 -18.90
C ASN B 429 27.25 8.62 -19.17
N LYS B 430 27.50 9.71 -18.44
CA LYS B 430 28.71 10.50 -18.60
C LYS B 430 29.40 10.60 -17.24
N TYR B 431 29.86 11.77 -16.81
CA TYR B 431 30.57 11.87 -15.56
C TYR B 431 29.63 11.73 -14.37
N ASP B 432 29.89 10.76 -13.49
CA ASP B 432 29.04 10.59 -12.30
C ASP B 432 29.20 11.79 -11.38
N VAL B 433 30.44 12.16 -11.11
CA VAL B 433 30.74 13.32 -10.28
C VAL B 433 31.71 14.20 -11.02
N GLN B 434 31.45 15.50 -10.97
CA GLN B 434 32.28 16.54 -11.56
C GLN B 434 32.46 17.68 -10.53
N TRP B 435 33.71 18.08 -10.31
CA TRP B 435 34.02 19.10 -9.32
C TRP B 435 34.82 20.22 -9.98
N SER B 436 34.22 21.41 -10.02
CA SER B 436 34.86 22.57 -10.65
C SER B 436 35.10 23.79 -9.75
N GLY B 437 34.55 23.77 -8.54
CA GLY B 437 34.88 24.79 -7.56
C GLY B 437 36.16 24.39 -6.81
N GLU B 438 36.65 25.29 -5.96
CA GLU B 438 37.93 25.13 -5.27
C GLU B 438 37.83 24.58 -3.82
N ASN B 439 38.96 24.07 -3.33
CA ASN B 439 39.10 23.56 -1.96
C ASN B 439 38.03 22.56 -1.58
N GLY B 440 37.56 21.78 -2.54
CA GLY B 440 36.65 20.69 -2.27
C GLY B 440 37.31 19.57 -1.47
N LYS B 441 36.50 18.91 -0.63
CA LYS B 441 36.98 17.72 0.10
C LYS B 441 35.91 16.62 0.01
N THR B 442 36.34 15.39 -0.28
CA THR B 442 35.43 14.22 -0.28
C THR B 442 36.06 13.15 0.62
N ILE B 443 35.27 12.72 1.60
CA ILE B 443 35.65 11.62 2.49
C ILE B 443 34.65 10.50 2.26
N PHE B 444 35.17 9.45 1.62
CA PHE B 444 34.46 8.27 1.12
C PHE B 444 33.67 8.51 -0.15
N TYR B 445 34.04 7.77 -1.22
CA TYR B 445 33.27 7.76 -2.45
C TYR B 445 33.08 6.34 -2.88
N GLN B 446 31.85 6.02 -3.25
CA GLN B 446 31.52 4.76 -3.91
C GLN B 446 30.83 5.05 -5.25
N ASN B 447 31.39 4.50 -6.31
CA ASN B 447 30.81 4.57 -7.64
C ASN B 447 30.76 3.21 -8.32
N ALA B 448 29.74 3.02 -9.14
CA ALA B 448 29.75 1.98 -10.18
C ALA B 448 29.43 2.66 -11.51
N LYS B 449 30.20 2.29 -12.53
CA LYS B 449 30.00 2.81 -13.87
C LYS B 449 28.79 2.17 -14.58
N ALA B 450 28.12 2.94 -15.45
CA ALA B 450 27.00 2.44 -16.27
C ALA B 450 27.27 1.07 -16.86
N TYR B 451 26.36 0.13 -16.65
CA TYR B 451 26.58 -1.26 -17.07
C TYR B 451 26.19 -1.48 -18.51
N ASP B 452 25.38 -0.54 -19.01
CA ASP B 452 24.65 -0.73 -20.26
C ASP B 452 25.15 0.10 -21.48
N ALA B 453 26.33 0.72 -21.39
CA ALA B 453 27.01 1.24 -22.59
C ALA B 453 26.95 0.15 -23.68
N PRO B 454 26.57 0.55 -24.93
CA PRO B 454 26.36 -0.40 -26.03
C PRO B 454 27.67 -0.98 -26.55
N ASP B 455 28.70 -0.19 -26.40
CA ASP B 455 29.98 -0.49 -27.01
C ASP B 455 30.86 0.65 -26.61
N GLN B 456 32.08 0.65 -27.14
CA GLN B 456 33.07 1.65 -26.80
C GLN B 456 32.77 3.01 -27.43
N ALA B 457 32.34 2.99 -28.69
CA ALA B 457 32.12 4.23 -29.45
C ALA B 457 31.11 5.17 -28.77
N ALA B 458 30.23 4.66 -27.92
CA ALA B 458 29.26 5.55 -27.28
C ALA B 458 29.82 6.31 -26.08
N ILE B 459 30.83 5.76 -25.41
CA ILE B 459 31.37 6.39 -24.21
C ILE B 459 32.66 7.19 -24.55
N GLN B 460 32.85 7.52 -25.82
CA GLN B 460 34.05 8.25 -26.23
C GLN B 460 34.04 9.68 -25.71
N ASN B 461 35.06 10.03 -24.93
CA ASN B 461 35.09 11.32 -24.23
C ASN B 461 36.30 12.09 -24.77
N GLY B 462 36.15 12.64 -25.98
CA GLY B 462 37.29 13.20 -26.69
C GLY B 462 38.32 12.10 -26.98
N ASP B 463 39.50 12.21 -26.40
CA ASP B 463 40.55 11.21 -26.62
C ASP B 463 40.54 10.11 -25.52
N ILE B 464 39.64 10.28 -24.56
CA ILE B 464 39.52 9.38 -23.40
C ILE B 464 38.47 8.31 -23.66
N LYS B 465 38.79 7.06 -23.29
CA LYS B 465 37.81 5.99 -23.28
C LYS B 465 36.97 6.11 -22.02
N GLY B 466 35.70 6.44 -22.21
CA GLY B 466 34.79 6.59 -21.10
C GLY B 466 34.94 7.89 -20.35
N TYR B 467 33.99 8.12 -19.45
CA TYR B 467 33.98 9.28 -18.57
C TYR B 467 34.34 8.87 -17.15
N ALA B 468 35.24 9.63 -16.53
CA ALA B 468 35.59 9.40 -15.14
C ALA B 468 34.35 9.28 -14.27
N ALA B 469 34.44 8.48 -13.22
CA ALA B 469 33.44 8.48 -12.15
C ALA B 469 33.54 9.77 -11.33
N TYR B 470 34.74 10.33 -11.26
CA TYR B 470 34.97 11.53 -10.43
C TYR B 470 36.03 12.35 -11.13
N LYS B 471 35.58 13.46 -11.74
CA LYS B 471 36.44 14.40 -12.43
C LYS B 471 36.60 15.68 -11.64
N VAL B 472 37.84 16.11 -11.50
CA VAL B 472 38.16 17.44 -11.01
C VAL B 472 38.62 18.23 -12.20
N ASP B 473 38.00 19.38 -12.44
CA ASP B 473 38.40 20.23 -13.56
C ASP B 473 39.87 20.67 -13.54
N ASP B 474 40.49 20.61 -14.71
CA ASP B 474 41.92 20.94 -14.85
C ASP B 474 42.29 22.30 -14.27
N SER B 475 41.32 23.20 -14.29
CA SER B 475 41.44 24.53 -13.69
C SER B 475 41.67 24.61 -12.15
N VAL B 476 41.15 23.63 -11.41
CA VAL B 476 41.12 23.71 -9.93
C VAL B 476 42.54 23.66 -9.24
N THR B 477 42.75 24.49 -8.21
CA THR B 477 44.05 24.65 -7.50
C THR B 477 44.16 23.67 -6.38
N THR B 478 43.09 23.64 -5.59
CA THR B 478 43.06 22.80 -4.40
C THR B 478 41.84 21.81 -4.42
N HIS B 479 42.11 20.55 -4.09
CA HIS B 479 41.09 19.54 -3.92
C HIS B 479 41.71 18.43 -3.08
N GLU B 480 40.89 17.73 -2.28
CA GLU B 480 41.41 16.56 -1.56
C GLU B 480 40.33 15.49 -1.39
N GLY B 481 40.70 14.26 -1.75
CA GLY B 481 39.84 13.10 -1.60
C GLY B 481 40.49 11.98 -0.80
N TRP B 482 39.65 11.26 -0.04
CA TRP B 482 40.10 10.11 0.75
C TRP B 482 39.14 8.92 0.59
N GLY B 483 39.68 7.73 0.34
CA GLY B 483 38.88 6.51 0.38
C GLY B 483 37.82 6.42 -0.71
N MET B 484 38.29 6.27 -1.95
CA MET B 484 37.39 6.42 -3.09
C MET B 484 37.53 5.26 -4.06
N GLY B 485 36.40 4.66 -4.45
CA GLY B 485 36.43 3.49 -5.32
C GLY B 485 35.36 3.46 -6.38
N SER B 486 35.75 3.12 -7.61
CA SER B 486 34.83 3.02 -8.75
C SER B 486 34.89 1.65 -9.35
N TYR B 487 33.71 1.07 -9.57
CA TYR B 487 33.58 -0.30 -10.00
C TYR B 487 32.92 -0.38 -11.39
N CYS B 488 33.29 -1.39 -12.19
CA CYS B 488 32.61 -1.59 -13.47
C CYS B 488 32.03 -2.98 -13.59
N TYR B 489 30.95 -3.01 -14.36
CA TYR B 489 30.21 -4.23 -14.69
C TYR B 489 29.53 -4.05 -16.04
N PHE B 490 30.35 -4.05 -17.09
CA PHE B 490 29.84 -3.76 -18.44
C PHE B 490 29.25 -5.07 -19.01
N ASN B 491 28.02 -5.39 -18.62
CA ASN B 491 27.51 -6.75 -18.85
C ASN B 491 26.93 -6.95 -20.23
N VAL B 492 26.56 -5.87 -20.88
CA VAL B 492 26.06 -6.05 -22.24
C VAL B 492 27.15 -5.85 -23.29
N ASN B 493 28.29 -5.26 -22.90
CA ASN B 493 29.48 -5.29 -23.74
C ASN B 493 30.78 -5.34 -22.92
N PRO B 494 31.16 -6.55 -22.50
CA PRO B 494 32.29 -6.76 -21.58
C PRO B 494 33.66 -6.53 -22.23
N ASP B 495 33.68 -6.20 -23.53
CA ASP B 495 34.95 -5.89 -24.20
C ASP B 495 35.30 -4.41 -24.04
N ILE B 496 34.38 -3.64 -23.46
CA ILE B 496 34.63 -2.22 -23.20
C ILE B 496 35.85 -1.99 -22.29
N ARG B 497 36.56 -0.90 -22.54
CA ARG B 497 37.58 -0.39 -21.63
C ARG B 497 37.18 0.98 -21.09
N GLN B 498 37.35 1.14 -19.77
CA GLN B 498 37.19 2.41 -19.06
C GLN B 498 38.61 2.88 -18.74
N GLN B 499 39.03 4.06 -19.22
CA GLN B 499 40.43 4.46 -19.01
C GLN B 499 40.76 4.61 -17.53
N HIS B 500 39.87 5.27 -16.80
CA HIS B 500 40.13 5.56 -15.40
C HIS B 500 38.85 5.75 -14.58
N GLY B 501 38.99 5.60 -13.25
CA GLY B 501 37.92 5.95 -12.33
C GLY B 501 37.91 7.44 -12.03
N PHE B 502 39.11 8.02 -12.05
CA PHE B 502 39.35 9.39 -11.58
C PHE B 502 40.14 10.18 -12.63
N GLN B 503 39.72 11.41 -12.86
CA GLN B 503 40.47 12.36 -13.69
C GLN B 503 40.65 13.67 -12.93
N ALA B 504 41.88 14.17 -12.93
CA ALA B 504 42.22 15.39 -12.21
C ALA B 504 43.51 15.99 -12.72
N PRO B 505 43.61 17.32 -12.76
CA PRO B 505 44.91 17.94 -13.02
C PRO B 505 45.98 17.47 -12.06
N VAL B 506 47.21 17.45 -12.55
CA VAL B 506 48.33 16.98 -11.76
C VAL B 506 48.97 18.23 -11.16
N LYS B 507 48.73 18.45 -9.87
CA LYS B 507 49.16 19.64 -9.14
C LYS B 507 49.30 19.32 -7.65
N PRO B 508 50.16 20.05 -6.94
CA PRO B 508 50.46 19.68 -5.55
C PRO B 508 49.32 19.93 -4.58
N GLY B 509 48.44 20.85 -4.94
CA GLY B 509 47.27 21.16 -4.14
C GLY B 509 46.04 20.30 -4.47
N VAL B 510 46.14 19.44 -5.49
CA VAL B 510 45.03 18.53 -5.90
C VAL B 510 45.50 17.11 -5.58
N LYS B 511 45.09 16.60 -4.43
CA LYS B 511 45.62 15.33 -3.92
C LYS B 511 44.53 14.32 -3.63
N PHE B 512 44.88 13.04 -3.79
CA PHE B 512 44.00 11.96 -3.44
C PHE B 512 44.76 10.95 -2.61
N HIS B 513 44.03 10.32 -1.71
CA HIS B 513 44.54 9.28 -0.85
C HIS B 513 43.62 8.07 -0.96
N ASP B 514 44.22 6.90 -1.20
CA ASP B 514 43.50 5.63 -1.13
C ASP B 514 42.41 5.57 -2.18
N LEU B 515 42.84 5.35 -3.42
CA LEU B 515 41.94 5.24 -4.57
C LEU B 515 41.96 3.81 -5.07
N LEU B 516 40.81 3.37 -5.57
CA LEU B 516 40.71 2.04 -6.13
C LEU B 516 39.73 1.96 -7.28
N VAL B 517 40.02 1.06 -8.21
CA VAL B 517 39.06 0.64 -9.22
C VAL B 517 38.98 -0.88 -9.29
N VAL B 518 37.85 -1.39 -9.79
CA VAL B 518 37.51 -2.79 -9.68
C VAL B 518 36.56 -3.18 -10.79
N SER B 519 36.88 -4.29 -11.47
CA SER B 519 35.94 -4.86 -12.41
C SER B 519 35.27 -6.10 -11.81
N LEU B 520 33.94 -6.12 -11.90
CA LEU B 520 33.16 -7.24 -11.44
C LEU B 520 33.12 -8.32 -12.53
N GLY B 521 33.72 -9.45 -12.25
CA GLY B 521 33.73 -10.60 -13.14
C GLY B 521 34.39 -10.42 -14.52
N GLY B 522 35.43 -9.61 -14.60
CA GLY B 522 36.06 -9.32 -15.89
C GLY B 522 35.07 -8.80 -16.90
N LYS B 523 34.01 -8.17 -16.39
CA LYS B 523 33.00 -7.58 -17.24
C LYS B 523 33.43 -6.14 -17.55
N GLY B 524 34.24 -6.01 -18.60
CA GLY B 524 35.00 -4.81 -18.84
C GLY B 524 36.26 -4.76 -17.97
N GLN B 525 37.13 -3.79 -18.25
CA GLN B 525 38.29 -3.52 -17.44
C GLN B 525 38.62 -2.04 -17.45
N TYR B 526 39.28 -1.63 -16.36
CA TYR B 526 39.91 -0.30 -16.29
C TYR B 526 41.33 -0.33 -16.85
N GLU B 527 41.70 0.69 -17.61
CA GLU B 527 43.08 0.84 -18.08
C GLU B 527 44.02 1.38 -17.00
N HIS B 528 43.47 2.18 -16.10
CA HIS B 528 44.23 2.90 -15.07
C HIS B 528 43.30 3.23 -13.88
N VAL B 529 43.89 3.78 -12.80
CA VAL B 529 43.11 4.17 -11.63
C VAL B 529 42.69 5.63 -11.78
N ILE B 530 43.69 6.49 -11.93
CA ILE B 530 43.51 7.92 -12.02
C ILE B 530 44.36 8.44 -13.18
N ASN B 531 43.75 9.25 -14.04
CA ASN B 531 44.41 9.73 -15.25
C ASN B 531 45.05 8.53 -15.98
N ASP B 532 46.29 8.66 -16.41
CA ASP B 532 47.00 7.54 -17.01
C ASP B 532 47.98 6.83 -16.06
N ILE B 533 47.71 6.85 -14.74
CA ILE B 533 48.43 6.06 -13.69
C ILE B 533 47.61 4.97 -13.00
N GLY B 534 48.34 3.97 -12.55
CA GLY B 534 47.79 2.93 -11.73
C GLY B 534 47.63 1.78 -12.66
N ASP B 535 47.72 0.58 -12.10
CA ASP B 535 47.67 -0.64 -12.92
C ASP B 535 46.26 -0.82 -13.49
N PRO B 536 46.18 -1.42 -14.69
CA PRO B 536 44.83 -1.76 -15.16
C PRO B 536 44.27 -2.90 -14.33
N THR B 537 42.96 -3.09 -14.37
CA THR B 537 42.41 -4.32 -13.83
C THR B 537 42.61 -5.44 -14.85
N SER B 538 42.73 -6.67 -14.35
CA SER B 538 42.85 -7.84 -15.22
C SER B 538 42.32 -9.07 -14.49
N GLY B 539 42.40 -10.23 -15.14
CA GLY B 539 41.64 -11.39 -14.68
C GLY B 539 40.12 -11.18 -14.62
N ASP B 540 39.44 -12.15 -14.01
CA ASP B 540 37.98 -12.15 -13.86
C ASP B 540 37.64 -12.31 -12.39
N THR B 541 38.67 -12.09 -11.60
CA THR B 541 38.70 -12.49 -10.20
C THR B 541 38.36 -11.31 -9.25
N THR B 542 37.97 -10.17 -9.82
CA THR B 542 37.46 -9.05 -9.04
C THR B 542 38.46 -8.58 -7.96
N ILE B 543 39.72 -8.50 -8.37
CA ILE B 543 40.79 -8.02 -7.50
C ILE B 543 41.02 -6.55 -7.82
N PRO B 544 40.95 -5.67 -6.80
CA PRO B 544 41.09 -4.24 -7.12
C PRO B 544 42.49 -3.82 -7.51
N SER B 545 42.60 -2.73 -8.27
CA SER B 545 43.84 -2.01 -8.49
C SER B 545 43.79 -0.78 -7.61
N GLN B 546 44.86 -0.51 -6.86
CA GLN B 546 44.86 0.61 -5.92
C GLN B 546 45.97 1.59 -6.22
N VAL B 547 45.74 2.81 -5.77
CA VAL B 547 46.76 3.87 -5.71
C VAL B 547 46.67 4.50 -4.32
N VAL B 548 47.81 4.67 -3.66
CA VAL B 548 47.80 5.15 -2.26
C VAL B 548 47.89 6.67 -2.17
N SER B 549 48.86 7.25 -2.89
CA SER B 549 49.09 8.73 -2.93
C SER B 549 49.00 9.26 -4.35
N PHE B 550 48.35 10.39 -4.49
CA PHE B 550 48.36 11.15 -5.72
C PHE B 550 48.48 12.63 -5.38
N PRO B 551 49.29 13.37 -6.15
CA PRO B 551 50.11 12.87 -7.25
C PRO B 551 51.44 12.38 -6.73
C1 EDO C . -38.65 -12.39 -8.86
O1 EDO C . -37.70 -12.93 -7.92
C2 EDO C . -38.95 -10.92 -8.58
O2 EDO C . -37.74 -10.19 -8.69
H11 EDO C . -39.57 -12.98 -8.85
H12 EDO C . -38.23 -12.47 -9.88
HO1 EDO C . -37.45 -13.82 -8.17
H21 EDO C . -39.36 -10.83 -7.57
H22 EDO C . -39.69 -10.54 -9.28
HO2 EDO C . -37.93 -9.24 -8.59
C1 EDO D . -15.68 -12.59 -22.17
O1 EDO D . -14.36 -11.96 -22.20
C2 EDO D . -16.78 -11.52 -22.12
O2 EDO D . -16.52 -10.65 -21.03
H11 EDO D . -15.77 -13.25 -21.30
H12 EDO D . -15.80 -13.21 -23.06
HO1 EDO D . -13.68 -12.63 -22.30
H21 EDO D . -17.75 -11.99 -21.98
H22 EDO D . -16.81 -10.98 -23.05
HO2 EDO D . -17.02 -9.83 -21.12
C2 BGC E . 25.10 -1.61 -6.89
C3 BGC E . 23.61 -1.35 -6.64
C4 BGC E . 22.86 -2.24 -7.68
C5 BGC E . 23.18 -3.73 -7.72
C6 BGC E . 22.65 -4.35 -9.03
C1 BGC E . 25.44 -3.12 -6.88
O1 BGC E . 26.71 -3.28 -7.47
O2 BGC E . 25.96 -0.81 -6.04
O3 BGC E . 23.24 -0.05 -7.03
O4 BGC E . 21.44 -2.01 -7.71
O5 BGC E . 24.60 -3.92 -7.70
O6 BGC E . 22.69 -5.76 -8.97
H2 BGC E . 25.21 -1.26 -7.92
H3 BGC E . 23.01 -2.09 -7.12
H4 BGC E . 23.31 -2.10 -8.68
H5 BGC E . 22.52 -4.16 -6.97
H61 BGC E . 23.18 -3.94 -9.89
H62 BGC E . 21.60 -4.07 -9.12
H1 BGC E . 25.49 -3.50 -5.86
HO1 BGC E . 27.00 -2.41 -7.85
HO2 BGC E . 26.87 -1.16 -6.09
HO3 BGC E . 23.79 0.25 -7.77
HO4 BGC E . 21.18 -1.39 -7.00
HO6 BGC E . 23.09 -6.04 -8.11
C1 EDO F . 7.41 6.37 -6.25
O1 EDO F . 8.50 7.24 -6.01
C2 EDO F . 7.90 4.96 -6.47
O2 EDO F . 8.63 4.52 -5.32
H11 EDO F . 6.85 6.70 -7.13
H12 EDO F . 6.75 6.41 -5.38
HO1 EDO F . 8.18 8.14 -5.85
H21 EDO F . 8.55 4.93 -7.35
H22 EDO F . 7.05 4.30 -6.63
HO2 EDO F . 8.99 3.64 -5.48
C1 EDO G . 30.98 4.93 -19.03
O1 EDO G . 32.25 5.59 -18.99
C2 EDO G . 29.90 6.02 -18.97
O2 EDO G . 30.15 6.99 -17.96
H11 EDO G . 30.88 4.27 -18.17
H12 EDO G . 30.89 4.35 -19.94
HO1 EDO G . 32.95 4.93 -18.99
H21 EDO G . 28.93 5.56 -18.80
H22 EDO G . 29.86 6.52 -19.94
HO2 EDO G . 29.30 7.31 -17.62
C1 EDO H . 49.65 5.72 4.05
O1 EDO H . 48.84 6.77 4.60
C2 EDO H . 48.88 4.52 3.50
O2 EDO H . 47.92 3.93 4.40
H11 EDO H . 50.37 5.37 4.79
H12 EDO H . 50.22 6.16 3.22
HO1 EDO H . 49.28 7.18 5.36
H21 EDO H . 49.63 3.77 3.23
H22 EDO H . 48.38 4.82 2.56
HO2 EDO H . 47.65 3.06 4.05
N VAL A 4 -48.44 8.37 2.12
CA VAL A 4 -47.55 9.54 2.27
C VAL A 4 -47.22 9.77 3.78
N VAL A 5 -47.38 8.72 4.61
CA VAL A 5 -47.11 8.88 6.08
C VAL A 5 -45.95 8.06 6.69
N GLY A 6 -45.59 8.36 7.94
CA GLY A 6 -44.62 7.60 8.69
C GLY A 6 -45.13 6.34 9.38
N GLY A 7 -44.25 5.34 9.41
CA GLY A 7 -44.41 4.07 10.14
C GLY A 7 -45.63 3.13 10.15
N GLY A 8 -45.92 2.69 11.36
CA GLY A 8 -46.94 1.67 11.58
C GLY A 8 -46.59 0.40 10.84
N ASP A 9 -47.66 -0.36 10.54
CA ASP A 9 -47.63 -1.56 9.75
C ASP A 9 -46.75 -1.30 8.54
N LEU A 10 -46.48 -2.35 7.82
CA LEU A 10 -45.14 -2.95 7.80
C LEU A 10 -45.32 -4.36 7.35
N GLY A 11 -46.55 -4.81 7.50
CA GLY A 11 -47.08 -5.73 6.55
C GLY A 11 -47.08 -7.16 6.94
N PRO A 12 -47.64 -7.97 6.05
CA PRO A 12 -47.91 -9.38 6.30
C PRO A 12 -46.70 -10.27 6.05
N ASN A 13 -45.65 -9.70 5.46
CA ASN A 13 -44.46 -10.48 5.10
C ASN A 13 -43.31 -10.32 6.08
N VAL A 14 -43.52 -9.49 7.12
CA VAL A 14 -42.59 -9.38 8.24
C VAL A 14 -43.20 -10.18 9.40
N LEU A 15 -42.73 -11.42 9.55
CA LEU A 15 -43.27 -12.32 10.58
C LEU A 15 -42.49 -12.07 11.87
N VAL A 16 -43.20 -11.73 12.93
CA VAL A 16 -42.59 -11.36 14.20
C VAL A 16 -42.96 -12.36 15.29
N PHE A 17 -41.92 -12.93 15.88
CA PHE A 17 -41.97 -13.88 16.98
C PHE A 17 -41.43 -13.28 18.29
N ASP A 18 -42.07 -13.60 19.42
CA ASP A 18 -41.45 -13.39 20.74
C ASP A 18 -41.41 -14.78 21.36
N PRO A 19 -40.76 -14.92 22.52
CA PRO A 19 -40.76 -16.32 22.95
C PRO A 19 -42.17 -16.90 23.28
N SER A 20 -43.21 -16.08 23.44
CA SER A 20 -44.58 -16.61 23.67
C SER A 20 -45.36 -17.18 22.46
N THR A 21 -44.96 -16.86 21.24
CA THR A 21 -45.65 -17.34 20.04
C THR A 21 -45.78 -18.89 19.99
N PRO A 22 -47.02 -19.42 19.78
CA PRO A 22 -47.06 -20.89 19.73
C PRO A 22 -46.38 -21.42 18.46
N ASP A 23 -45.74 -22.58 18.58
CA ASP A 23 -45.03 -23.22 17.49
C ASP A 23 -44.39 -22.21 16.49
N ILE A 24 -43.48 -21.39 17.02
CA ILE A 24 -42.58 -20.59 16.19
C ILE A 24 -41.96 -21.52 15.16
N GLN A 25 -41.63 -22.73 15.57
CA GLN A 25 -40.97 -23.67 14.68
C GLN A 25 -41.79 -23.96 13.44
N GLY A 26 -43.07 -24.33 13.60
CA GLY A 26 -43.83 -24.70 12.42
C GLY A 26 -44.05 -23.51 11.51
N LYS A 27 -44.04 -22.32 12.07
CA LYS A 27 -44.20 -21.18 11.22
C LYS A 27 -42.98 -20.95 10.36
N VAL A 28 -41.82 -20.94 11.01
CA VAL A 28 -40.55 -20.94 10.29
C VAL A 28 -40.46 -22.11 9.30
N ASP A 29 -40.93 -23.31 9.65
CA ASP A 29 -40.85 -24.45 8.72
C ASP A 29 -41.83 -24.32 7.51
N GLU A 30 -42.97 -23.64 7.69
CA GLU A 30 -43.86 -23.43 6.53
C GLU A 30 -43.21 -22.48 5.52
N VAL A 31 -42.61 -21.41 6.01
CA VAL A 31 -41.89 -20.49 5.13
C VAL A 31 -40.83 -21.30 4.36
N PHE A 32 -40.00 -22.04 5.08
CA PHE A 32 -38.90 -22.75 4.43
C PHE A 32 -39.37 -23.70 3.32
N ARG A 33 -40.52 -24.34 3.53
CA ARG A 33 -41.00 -25.33 2.56
C ARG A 33 -41.40 -24.64 1.24
N LYS A 34 -41.98 -23.46 1.37
CA LYS A 34 -42.32 -22.60 0.24
C LYS A 34 -41.02 -22.21 -0.52
N GLN A 35 -40.05 -21.73 0.26
CA GLN A 35 -38.90 -20.99 -0.25
C GLN A 35 -37.68 -21.84 -0.61
N GLU A 36 -37.68 -23.10 -0.18
CA GLU A 36 -36.52 -23.97 -0.31
C GLU A 36 -35.97 -24.03 -1.76
N SER A 37 -36.90 -24.17 -2.69
CA SER A 37 -36.59 -24.35 -4.11
C SER A 37 -37.12 -23.21 -4.99
N ASN A 38 -37.56 -22.13 -4.36
CA ASN A 38 -38.33 -21.10 -5.03
C ASN A 38 -37.43 -20.04 -5.66
N GLN A 39 -36.38 -20.53 -6.32
CA GLN A 39 -35.23 -19.72 -6.73
C GLN A 39 -35.55 -18.40 -7.43
N PHE A 40 -36.58 -18.41 -8.28
CA PHE A 40 -36.94 -17.24 -9.08
C PHE A 40 -38.33 -16.68 -8.80
N GLY A 41 -39.01 -17.22 -7.78
CA GLY A 41 -40.36 -16.78 -7.42
C GLY A 41 -40.38 -15.41 -6.80
N THR A 42 -41.60 -14.96 -6.47
CA THR A 42 -41.82 -13.60 -6.07
C THR A 42 -42.18 -13.46 -4.61
N ASP A 43 -42.29 -14.57 -3.88
CA ASP A 43 -42.49 -14.50 -2.42
C ASP A 43 -41.22 -13.92 -1.78
N ARG A 44 -41.40 -13.16 -0.70
CA ARG A 44 -40.30 -12.52 0.05
C ARG A 44 -40.69 -12.49 1.52
N TYR A 45 -39.78 -12.88 2.41
CA TYR A 45 -40.13 -12.96 3.85
C TYR A 45 -39.01 -12.53 4.77
N ALA A 46 -39.38 -11.81 5.84
CA ALA A 46 -38.44 -11.48 6.91
C ALA A 46 -39.00 -12.07 8.20
N LEU A 47 -38.14 -12.81 8.91
CA LEU A 47 -38.53 -13.52 10.15
C LEU A 47 -37.96 -12.95 11.46
N MET A 48 -38.55 -11.90 12.02
CA MET A 48 -37.87 -11.06 13.00
C MET A 48 -38.18 -11.49 14.46
N PHE A 49 -37.13 -11.74 15.22
CA PHE A 49 -37.26 -12.29 16.58
C PHE A 49 -37.03 -11.26 17.68
N LYS A 50 -38.01 -11.07 18.58
CA LYS A 50 -37.85 -10.11 19.67
C LYS A 50 -36.84 -10.64 20.69
N PRO A 51 -36.21 -9.74 21.45
CA PRO A 51 -35.33 -10.21 22.53
C PRO A 51 -36.01 -11.23 23.43
N GLY A 52 -35.19 -12.14 23.96
CA GLY A 52 -35.64 -13.33 24.67
C GLY A 52 -34.69 -14.46 24.35
N THR A 53 -35.10 -15.68 24.69
CA THR A 53 -34.35 -16.91 24.47
C THR A 53 -35.36 -17.83 23.83
N TYR A 54 -34.90 -18.57 22.81
CA TYR A 54 -35.73 -19.44 22.01
C TYR A 54 -35.16 -20.84 22.10
N ASN A 55 -35.97 -21.80 22.57
CA ASN A 55 -35.60 -23.21 22.66
C ASN A 55 -36.43 -24.15 21.77
N ASP A 56 -35.74 -25.08 21.11
CA ASP A 56 -36.38 -26.07 20.26
C ASP A 56 -36.63 -25.47 18.88
N ILE A 57 -35.63 -24.74 18.41
CA ILE A 57 -35.78 -23.91 17.24
C ILE A 57 -34.64 -24.19 16.25
N ASN A 58 -35.01 -24.52 15.02
CA ASN A 58 -34.06 -24.56 13.98
C ASN A 58 -34.68 -23.91 12.78
N ALA A 59 -34.09 -22.80 12.42
CA ALA A 59 -34.67 -21.97 11.37
C ALA A 59 -33.93 -22.25 10.06
N GLN A 60 -34.51 -23.14 9.23
CA GLN A 60 -33.93 -23.52 7.91
C GLN A 60 -34.32 -22.34 7.00
N ILE A 61 -33.33 -21.77 6.29
CA ILE A 61 -33.49 -20.55 5.54
C ILE A 61 -33.40 -20.85 4.04
N GLY A 62 -34.50 -20.62 3.33
CA GLY A 62 -34.58 -20.82 1.91
C GLY A 62 -34.35 -19.54 1.12
N PHE A 63 -34.73 -19.56 -0.15
CA PHE A 63 -34.59 -18.36 -0.96
C PHE A 63 -35.40 -17.19 -0.40
N TYR A 64 -34.88 -15.99 -0.60
CA TYR A 64 -35.58 -14.73 -0.31
C TYR A 64 -36.19 -14.69 1.10
N THR A 65 -35.41 -15.20 2.03
CA THR A 65 -35.73 -15.17 3.44
C THR A 65 -34.58 -14.51 4.20
N SER A 66 -34.89 -13.46 4.97
CA SER A 66 -33.97 -12.91 5.97
C SER A 66 -34.46 -13.29 7.36
N ILE A 67 -33.53 -13.61 8.25
CA ILE A 67 -33.86 -13.84 9.66
C ILE A 67 -33.00 -12.85 10.45
N ALA A 68 -33.59 -12.23 11.46
CA ALA A 68 -32.84 -11.28 12.27
C ALA A 68 -33.38 -11.16 13.68
N GLY A 69 -32.52 -10.74 14.58
CA GLY A 69 -32.95 -10.35 15.92
C GLY A 69 -33.10 -8.84 16.08
N LEU A 70 -33.94 -8.46 17.04
CA LEU A 70 -34.26 -7.05 17.29
C LEU A 70 -33.66 -6.46 18.57
N GLY A 71 -32.53 -7.01 19.04
CA GLY A 71 -31.79 -6.35 20.09
C GLY A 71 -30.74 -5.39 19.57
N LEU A 72 -30.09 -4.64 20.48
CA LEU A 72 -28.93 -3.86 20.07
C LEU A 72 -27.77 -4.71 19.65
N ASN A 73 -27.61 -5.84 20.33
CA ASN A 73 -26.43 -6.71 20.22
C ASN A 73 -26.94 -8.10 19.97
N PRO A 74 -26.15 -8.94 19.30
CA PRO A 74 -26.79 -10.23 19.01
C PRO A 74 -27.15 -11.10 20.23
N ASP A 75 -26.40 -10.96 21.33
CA ASP A 75 -26.66 -11.76 22.50
C ASP A 75 -27.94 -11.32 23.19
N ASP A 76 -28.59 -10.30 22.64
CA ASP A 76 -29.89 -9.87 23.14
C ASP A 76 -31.02 -10.79 22.64
N THR A 77 -30.75 -11.56 21.57
CA THR A 77 -31.70 -12.54 21.01
C THR A 77 -30.96 -13.86 20.75
N THR A 78 -31.18 -14.85 21.61
CA THR A 78 -30.46 -16.12 21.59
C THR A 78 -31.33 -17.30 21.16
N PHE A 79 -30.89 -18.02 20.15
CA PHE A 79 -31.46 -19.33 19.80
C PHE A 79 -30.57 -20.41 20.41
N ASN A 80 -31.17 -21.24 21.26
CA ASN A 80 -30.58 -22.53 21.59
C ASN A 80 -31.06 -23.45 20.51
N GLY A 81 -30.22 -23.53 19.49
CA GLY A 81 -30.62 -24.01 18.18
C GLY A 81 -29.79 -23.38 17.06
N ASP A 82 -30.33 -23.45 15.86
CA ASP A 82 -29.55 -23.27 14.64
C ASP A 82 -30.30 -22.37 13.65
N VAL A 83 -29.54 -21.70 12.81
CA VAL A 83 -30.02 -21.03 11.62
C VAL A 83 -29.26 -21.70 10.46
N THR A 84 -29.96 -22.59 9.78
CA THR A 84 -29.37 -23.55 8.83
C THR A 84 -29.61 -23.21 7.37
N VAL A 85 -28.53 -23.22 6.57
CA VAL A 85 -28.65 -23.32 5.11
C VAL A 85 -27.98 -24.63 4.66
N ASP A 86 -28.74 -25.44 3.90
CA ASP A 86 -28.35 -26.76 3.43
C ASP A 86 -28.50 -26.83 1.92
N ALA A 87 -28.17 -27.98 1.33
CA ALA A 87 -28.24 -28.08 -0.14
C ALA A 87 -29.26 -29.13 -0.61
N GLY A 88 -30.03 -29.62 0.37
CA GLY A 88 -30.92 -30.78 0.23
C GLY A 88 -31.78 -30.77 -1.03
N TRP A 89 -32.27 -29.59 -1.39
CA TRP A 89 -33.08 -29.48 -2.59
C TRP A 89 -32.22 -29.59 -3.84
N PHE A 90 -30.91 -29.36 -3.71
CA PHE A 90 -30.04 -29.40 -4.89
C PHE A 90 -29.08 -30.60 -4.86
N ASP A 91 -29.48 -31.64 -4.11
CA ASP A 91 -28.71 -32.91 -3.96
C ASP A 91 -27.27 -32.71 -3.42
N GLY A 92 -27.13 -31.95 -2.32
CA GLY A 92 -25.82 -31.65 -1.75
C GLY A 92 -24.98 -30.64 -2.55
N ASN A 93 -25.54 -30.09 -3.63
CA ASN A 93 -24.85 -29.00 -4.35
C ASN A 93 -25.34 -27.60 -3.87
N ALA A 94 -24.39 -26.75 -3.47
CA ALA A 94 -24.71 -25.45 -2.85
C ALA A 94 -24.54 -24.20 -3.74
N THR A 95 -24.10 -24.34 -4.99
CA THR A 95 -23.78 -23.15 -5.81
C THR A 95 -25.01 -22.31 -6.21
N GLN A 96 -26.19 -22.82 -5.85
CA GLN A 96 -27.46 -22.15 -6.09
C GLN A 96 -28.11 -21.53 -4.86
N ASN A 97 -27.45 -21.64 -3.70
CA ASN A 97 -28.00 -21.08 -2.47
C ASN A 97 -27.75 -19.58 -2.38
N PHE A 98 -28.61 -18.83 -3.04
CA PHE A 98 -28.49 -17.39 -3.11
C PHE A 98 -29.61 -16.66 -2.31
N TRP A 99 -29.40 -15.36 -2.16
CA TRP A 99 -30.46 -14.37 -1.81
C TRP A 99 -31.18 -14.69 -0.49
N ARG A 100 -30.41 -14.64 0.59
CA ARG A 100 -30.97 -14.83 1.92
C ARG A 100 -30.02 -14.23 2.95
N SER A 101 -30.47 -14.04 4.20
CA SER A 101 -29.77 -13.12 5.15
C SER A 101 -29.92 -13.65 6.58
N ALA A 102 -28.87 -13.57 7.39
CA ALA A 102 -28.99 -13.70 8.85
C ALA A 102 -28.20 -12.59 9.52
N GLU A 103 -28.81 -12.01 10.53
CA GLU A 103 -28.09 -11.02 11.33
C GLU A 103 -28.63 -10.84 12.74
N ASN A 104 -27.76 -10.38 13.62
CA ASN A 104 -28.18 -9.85 14.94
C ASN A 104 -28.84 -10.87 15.86
N LEU A 105 -28.21 -12.04 15.85
CA LEU A 105 -28.58 -13.18 16.70
C LEU A 105 -27.36 -13.83 17.32
N ALA A 106 -27.58 -14.43 18.48
CA ALA A 106 -26.65 -15.37 19.06
C ALA A 106 -27.22 -16.77 18.86
N LEU A 107 -26.38 -17.70 18.43
CA LEU A 107 -26.76 -19.10 18.24
C LEU A 107 -26.01 -19.99 19.26
N ASN A 108 -26.71 -20.99 19.77
CA ASN A 108 -26.12 -22.06 20.56
C ASN A 108 -26.55 -23.36 19.86
N PRO A 109 -25.79 -23.79 18.87
CA PRO A 109 -26.34 -24.78 17.93
C PRO A 109 -26.22 -26.17 18.47
N VAL A 110 -27.05 -27.07 17.97
CA VAL A 110 -27.25 -28.36 18.62
C VAL A 110 -26.09 -29.41 18.62
N ASN A 111 -25.10 -29.36 17.75
CA ASN A 111 -23.86 -30.14 18.10
C ASN A 111 -22.75 -29.22 18.62
N GLY A 112 -22.97 -27.93 18.46
CA GLY A 112 -21.92 -26.95 18.71
C GLY A 112 -21.37 -26.52 17.37
N THR A 113 -22.09 -26.85 16.30
CA THR A 113 -21.73 -26.43 14.95
C THR A 113 -22.97 -26.03 14.16
N ASN A 114 -22.99 -24.77 13.72
CA ASN A 114 -24.06 -24.24 12.87
C ASN A 114 -23.64 -24.39 11.42
N ARG A 115 -24.56 -24.84 10.54
CA ARG A 115 -24.28 -24.98 9.11
C ARG A 115 -24.85 -23.78 8.34
N TRP A 116 -23.99 -23.04 7.63
CA TRP A 116 -24.42 -21.91 6.76
C TRP A 116 -23.78 -22.16 5.37
N ALA A 117 -24.33 -23.13 4.61
CA ALA A 117 -23.72 -23.60 3.37
C ALA A 117 -24.29 -22.87 2.17
N VAL A 118 -23.71 -21.72 1.90
CA VAL A 118 -24.31 -20.76 0.99
C VAL A 118 -23.37 -20.42 -0.14
N SER A 119 -23.93 -19.82 -1.19
CA SER A 119 -23.13 -19.18 -2.22
C SER A 119 -23.37 -17.67 -2.14
N GLN A 120 -23.53 -17.00 -3.29
CA GLN A 120 -23.50 -15.53 -3.29
C GLN A 120 -24.79 -14.88 -2.80
N ALA A 121 -24.67 -13.63 -2.37
CA ALA A 121 -25.80 -12.83 -1.86
C ALA A 121 -26.47 -13.49 -0.66
N ALA A 122 -25.63 -13.97 0.27
CA ALA A 122 -26.13 -14.65 1.44
C ALA A 122 -25.39 -14.19 2.70
N PRO A 123 -25.56 -12.91 3.06
CA PRO A 123 -24.72 -12.31 4.08
C PRO A 123 -25.04 -12.83 5.49
N PHE A 124 -24.02 -12.83 6.32
CA PHE A 124 -24.08 -13.33 7.71
C PHE A 124 -23.41 -12.20 8.50
N ARG A 125 -24.21 -11.38 9.17
CA ARG A 125 -23.71 -10.15 9.81
C ARG A 125 -24.10 -10.06 11.29
N ARG A 126 -23.22 -9.51 12.11
CA ARG A 126 -23.63 -9.17 13.47
C ARG A 126 -24.17 -10.43 14.18
N MET A 127 -23.47 -11.54 13.98
CA MET A 127 -23.85 -12.80 14.61
C MET A 127 -22.86 -13.19 15.70
N HIS A 128 -23.37 -13.92 16.67
CA HIS A 128 -22.54 -14.53 17.72
C HIS A 128 -22.80 -16.05 17.74
N VAL A 129 -21.95 -16.80 17.05
CA VAL A 129 -22.02 -18.26 17.05
C VAL A 129 -21.24 -18.81 18.24
N LYS A 130 -21.96 -19.36 19.21
CA LYS A 130 -21.37 -19.90 20.41
C LYS A 130 -21.01 -21.36 20.17
N GLY A 131 -20.04 -21.56 19.29
CA GLY A 131 -19.73 -22.88 18.73
C GLY A 131 -19.04 -22.72 17.39
N GLY A 132 -19.03 -23.78 16.60
CA GLY A 132 -18.41 -23.78 15.29
C GLY A 132 -19.37 -23.37 14.18
N LEU A 133 -18.79 -23.01 13.05
CA LEU A 133 -19.55 -22.58 11.86
C LEU A 133 -19.04 -23.36 10.66
N ASN A 134 -19.91 -24.25 10.16
CA ASN A 134 -19.63 -25.09 8.99
C ASN A 134 -20.24 -24.39 7.77
N LEU A 135 -19.41 -24.05 6.78
CA LEU A 135 -19.88 -23.36 5.58
C LEU A 135 -20.16 -24.31 4.41
N ALA A 136 -20.14 -25.60 4.69
CA ALA A 136 -20.27 -26.62 3.66
C ALA A 136 -21.55 -27.49 3.83
N PRO A 137 -22.14 -27.97 2.72
CA PRO A 137 -23.22 -29.00 2.67
C PRO A 137 -22.68 -30.45 2.67
N ASP A 138 -23.47 -31.51 2.36
CA ASP A 138 -23.08 -32.90 2.77
C ASP A 138 -22.85 -33.99 1.66
N GLY A 139 -21.60 -34.47 1.55
CA GLY A 139 -21.05 -35.01 0.30
C GLY A 139 -19.77 -34.24 0.02
N TYR A 140 -19.55 -33.37 1.00
CA TYR A 140 -18.85 -32.11 0.80
C TYR A 140 -18.97 -31.57 -0.69
N GLY A 141 -20.22 -31.39 -1.10
CA GLY A 141 -20.53 -30.86 -2.42
C GLY A 141 -20.15 -29.41 -2.70
N TRP A 142 -20.11 -29.05 -3.99
CA TRP A 142 -19.84 -27.68 -4.50
C TRP A 142 -20.41 -26.52 -3.68
N ALA A 143 -19.61 -25.46 -3.49
CA ALA A 143 -20.13 -24.24 -2.84
C ALA A 143 -19.32 -23.02 -3.26
N SER A 144 -19.99 -21.86 -3.40
CA SER A 144 -19.36 -20.63 -3.93
C SER A 144 -19.80 -19.34 -3.20
N GLY A 145 -19.53 -19.29 -1.89
CA GLY A 145 -19.78 -18.09 -1.09
C GLY A 145 -18.68 -17.05 -1.21
N GLY A 146 -18.59 -16.12 -0.25
CA GLY A 146 -19.51 -15.94 0.84
C GLY A 146 -19.01 -14.74 1.64
N TYR A 147 -19.78 -14.33 2.64
CA TYR A 147 -19.55 -13.06 3.31
C TYR A 147 -19.99 -13.11 4.77
N ILE A 148 -19.02 -12.84 5.65
CA ILE A 148 -19.23 -12.68 7.10
C ILE A 148 -18.66 -11.31 7.51
N ALA A 149 -19.46 -10.55 8.25
CA ALA A 149 -19.03 -9.25 8.80
C ALA A 149 -19.50 -9.07 10.24
N ASP A 150 -18.65 -8.45 11.03
CA ASP A 150 -19.03 -7.96 12.36
C ASP A 150 -19.56 -9.09 13.22
N SER A 151 -18.93 -10.25 13.07
CA SER A 151 -19.41 -11.47 13.73
C SER A 151 -18.35 -12.08 14.59
N LYS A 152 -18.86 -12.83 15.54
CA LYS A 152 -18.01 -13.50 16.50
C LYS A 152 -18.28 -15.00 16.37
N ILE A 153 -17.31 -15.80 15.93
CA ILE A 153 -17.46 -17.26 15.99
C ILE A 153 -16.54 -17.72 17.12
N ASP A 154 -17.13 -18.23 18.19
CA ASP A 154 -16.35 -18.68 19.32
C ASP A 154 -15.35 -19.76 18.93
N GLY A 155 -15.73 -20.61 17.98
CA GLY A 155 -14.99 -21.83 17.71
C GLY A 155 -14.29 -21.72 16.38
N GLU A 156 -14.23 -22.85 15.68
CA GLU A 156 -13.57 -22.91 14.40
C GLU A 156 -14.60 -22.70 13.32
N VAL A 157 -14.21 -21.94 12.32
CA VAL A 157 -14.94 -21.85 11.05
C VAL A 157 -14.37 -22.89 10.08
N GLY A 158 -15.25 -23.70 9.47
CA GLY A 158 -14.86 -24.76 8.56
C GLY A 158 -15.41 -24.60 7.16
N PRO A 159 -14.62 -24.00 6.24
CA PRO A 159 -15.13 -23.78 4.89
C PRO A 159 -15.27 -25.09 4.09
N TYR A 160 -14.42 -26.08 4.39
CA TYR A 160 -14.30 -27.31 3.58
C TYR A 160 -14.19 -27.02 2.08
N SER A 161 -15.24 -27.27 1.31
CA SER A 161 -15.14 -27.10 -0.11
C SER A 161 -15.69 -25.79 -0.64
N GLN A 162 -15.93 -24.81 0.22
CA GLN A 162 -16.19 -23.47 -0.28
C GLN A 162 -15.02 -23.04 -1.16
N GLN A 163 -15.29 -22.49 -2.36
CA GLN A 163 -14.18 -22.08 -3.23
C GLN A 163 -13.42 -20.89 -2.68
N GLN A 164 -14.18 -19.93 -2.15
CA GLN A 164 -13.60 -18.66 -1.74
C GLN A 164 -14.47 -18.11 -0.60
N TRP A 165 -14.00 -17.07 0.07
CA TRP A 165 -14.76 -16.47 1.16
C TRP A 165 -14.14 -15.13 1.56
N TYR A 166 -14.98 -14.19 2.00
CA TYR A 166 -14.52 -12.95 2.60
C TYR A 166 -15.06 -12.77 4.00
N THR A 167 -14.17 -12.46 4.95
CA THR A 167 -14.60 -12.15 6.31
C THR A 167 -13.98 -10.80 6.71
N ARG A 168 -14.79 -9.90 7.27
CA ARG A 168 -14.21 -8.67 7.82
C ARG A 168 -14.70 -8.36 9.23
N ASP A 169 -13.82 -7.66 9.96
CA ASP A 169 -14.14 -7.03 11.23
C ASP A 169 -14.89 -7.96 12.17
N SER A 170 -14.25 -9.08 12.44
CA SER A 170 -14.81 -10.19 13.16
C SER A 170 -13.78 -10.86 14.07
N SER A 171 -14.25 -11.89 14.77
CA SER A 171 -13.40 -12.73 15.59
C SER A 171 -13.78 -14.21 15.39
N VAL A 172 -12.76 -15.05 15.17
CA VAL A 172 -12.94 -16.48 15.04
C VAL A 172 -11.92 -17.24 15.90
N GLY A 173 -12.34 -18.38 16.45
CA GLY A 173 -11.47 -19.15 17.33
C GLY A 173 -10.40 -19.99 16.62
N GLY A 174 -10.78 -20.51 15.45
CA GLY A 174 -9.85 -21.14 14.51
C GLY A 174 -10.43 -20.97 13.11
N TRP A 175 -9.65 -21.31 12.10
CA TRP A 175 -10.08 -21.27 10.70
C TRP A 175 -9.61 -22.52 10.02
N GLY A 176 -10.55 -23.36 9.61
CA GLY A 176 -10.21 -24.71 9.21
C GLY A 176 -9.29 -24.82 7.99
N ASN A 177 -9.61 -24.07 6.93
CA ASN A 177 -8.88 -24.25 5.70
C ASN A 177 -9.15 -23.20 4.64
N GLY A 178 -8.26 -23.21 3.65
CA GLY A 178 -8.50 -22.54 2.39
C GLY A 178 -8.69 -23.48 1.20
N VAL A 179 -9.11 -22.87 0.08
CA VAL A 179 -9.44 -23.58 -1.13
C VAL A 179 -8.83 -22.82 -2.34
N TRP A 180 -9.50 -21.78 -2.86
CA TRP A 180 -8.91 -20.90 -3.87
C TRP A 180 -8.61 -19.48 -3.38
N ASN A 181 -9.44 -18.92 -2.49
CA ASN A 181 -9.23 -17.52 -2.09
C ASN A 181 -10.05 -17.17 -0.88
N MET A 182 -9.41 -17.27 0.29
CA MET A 182 -10.03 -16.85 1.54
C MET A 182 -9.34 -15.58 1.98
N THR A 183 -10.11 -14.50 2.02
CA THR A 183 -9.56 -13.19 2.34
C THR A 183 -10.19 -12.72 3.66
N PHE A 184 -9.36 -12.03 4.44
CA PHE A 184 -9.75 -11.55 5.76
C PHE A 184 -9.23 -10.13 5.91
N SER A 185 -10.05 -9.24 6.44
CA SER A 185 -9.57 -7.94 6.84
C SER A 185 -10.18 -7.59 8.20
N GLY A 186 -9.32 -7.26 9.15
CA GLY A 186 -9.78 -6.92 10.49
C GLY A 186 -10.35 -8.09 11.27
N VAL A 187 -9.83 -9.28 11.03
CA VAL A 187 -10.36 -10.47 11.68
C VAL A 187 -9.42 -11.00 12.76
N GLU A 188 -9.87 -10.87 14.01
CA GLU A 188 -9.16 -11.49 15.14
C GLU A 188 -9.23 -12.98 15.06
N GLY A 189 -8.08 -13.65 15.04
CA GLY A 189 -8.03 -15.09 14.89
C GLY A 189 -7.93 -15.52 13.45
N ALA A 190 -7.79 -14.56 12.54
CA ALA A 190 -7.61 -14.92 11.14
C ALA A 190 -6.30 -15.66 11.01
N PRO A 191 -6.28 -16.68 10.14
CA PRO A 191 -5.02 -17.38 9.91
C PRO A 191 -3.98 -16.45 9.29
N ALA A 192 -2.72 -16.87 9.36
CA ALA A 192 -1.60 -16.09 8.88
C ALA A 192 -1.69 -15.94 7.37
N GLN A 193 -1.49 -14.71 6.91
CA GLN A 193 -1.30 -14.40 5.50
C GLN A 193 -0.31 -15.40 4.97
N SER A 194 -0.73 -16.15 3.94
CA SER A 194 0.06 -17.30 3.47
C SER A 194 0.00 -17.57 1.96
N PHE A 195 -0.75 -16.76 1.23
CA PHE A 195 -0.97 -16.98 -0.20
C PHE A 195 0.36 -17.20 -0.93
N PRO A 196 0.42 -18.20 -1.84
CA PRO A 196 -0.71 -19.00 -2.34
C PRO A 196 -1.06 -20.28 -1.56
N GLU A 197 -0.25 -20.65 -0.57
CA GLU A 197 -0.43 -21.90 0.18
C GLU A 197 -0.32 -21.72 1.70
N PRO A 198 -1.42 -21.93 2.43
CA PRO A 198 -2.82 -22.02 1.94
C PRO A 198 -3.19 -20.68 1.32
N PRO A 199 -4.35 -20.60 0.69
CA PRO A 199 -4.75 -19.42 -0.10
C PRO A 199 -5.38 -18.32 0.78
N TYR A 200 -4.55 -17.76 1.67
CA TYR A 200 -4.98 -16.82 2.71
C TYR A 200 -4.42 -15.43 2.49
N THR A 201 -5.33 -14.49 2.20
CA THR A 201 -5.02 -13.08 2.09
C THR A 201 -5.53 -12.39 3.35
N THR A 202 -4.60 -11.88 4.16
CA THR A 202 -4.95 -11.43 5.49
C THR A 202 -4.44 -10.01 5.77
N LEU A 203 -5.37 -9.11 6.00
CA LEU A 203 -5.09 -7.74 6.37
C LEU A 203 -5.46 -7.49 7.80
N GLU A 204 -4.49 -6.87 8.49
CA GLU A 204 -4.64 -6.38 9.84
C GLU A 204 -6.01 -5.81 10.13
N THR A 205 -6.34 -4.82 9.32
CA THR A 205 -7.49 -3.96 9.54
C THR A 205 -8.17 -3.74 8.22
N THR A 206 -9.41 -3.26 8.30
CA THR A 206 -10.16 -2.84 7.14
C THR A 206 -10.10 -1.33 7.12
N PRO A 207 -9.78 -0.71 5.95
CA PRO A 207 -9.48 0.75 5.97
C PRO A 207 -10.56 1.64 6.54
N VAL A 208 -11.76 1.44 6.00
CA VAL A 208 -12.97 2.12 6.51
C VAL A 208 -14.11 1.12 6.42
N SER A 209 -14.97 1.08 7.44
CA SER A 209 -16.17 0.27 7.36
C SER A 209 -17.25 0.86 8.26
N ARG A 210 -18.50 0.59 7.89
CA ARG A 210 -19.62 1.16 8.62
C ARG A 210 -20.70 0.09 8.61
N GLU A 211 -21.04 -0.42 9.79
CA GLU A 211 -21.91 -1.59 9.86
C GLU A 211 -23.32 -1.28 9.36
N LYS A 212 -23.94 -2.27 8.74
CA LYS A 212 -25.21 -2.12 8.07
C LYS A 212 -26.34 -1.76 9.09
N PRO A 213 -27.19 -0.77 8.78
CA PRO A 213 -28.30 -0.46 9.70
C PRO A 213 -29.25 -1.64 9.86
N PHE A 214 -29.94 -1.66 11.00
CA PHE A 214 -30.86 -2.76 11.29
C PHE A 214 -32.00 -2.33 12.19
N LEU A 215 -33.09 -3.06 12.02
CA LEU A 215 -34.33 -2.81 12.73
C LEU A 215 -34.14 -3.38 14.15
N TYR A 216 -34.73 -2.74 15.17
CA TYR A 216 -34.64 -3.27 16.54
C TYR A 216 -35.68 -2.62 17.46
N LEU A 217 -35.91 -3.24 18.61
CA LEU A 217 -36.96 -2.80 19.52
C LEU A 217 -36.21 -2.10 20.70
N ASP A 218 -36.38 -0.78 20.80
CA ASP A 218 -35.65 0.04 21.79
C ASP A 218 -36.43 -0.10 23.08
N GLY A 219 -36.47 -1.37 23.49
CA GLY A 219 -37.40 -1.89 24.46
C GLY A 219 -38.74 -2.11 23.82
N ASP A 220 -39.68 -1.31 24.25
CA ASP A 220 -41.00 -1.50 23.77
C ASP A 220 -41.32 -0.96 22.33
N ASP A 221 -40.34 -0.26 21.74
CA ASP A 221 -40.56 0.65 20.59
C ASP A 221 -39.73 0.24 19.32
N TYR A 222 -40.27 0.26 18.09
CA TYR A 222 -39.46 0.00 16.85
C TYR A 222 -38.61 1.19 16.40
N LYS A 223 -37.32 0.91 16.17
CA LYS A 223 -36.32 1.89 15.75
C LYS A 223 -35.43 1.22 14.69
N VAL A 224 -34.80 2.02 13.82
CA VAL A 224 -33.62 1.55 13.09
C VAL A 224 -32.32 2.08 13.69
N PHE A 225 -31.47 1.16 14.13
CA PHE A 225 -30.11 1.52 14.56
C PHE A 225 -29.24 1.79 13.35
N VAL A 226 -28.51 2.92 13.39
CA VAL A 226 -27.62 3.27 12.30
C VAL A 226 -26.19 3.36 12.81
N PRO A 227 -25.42 2.26 12.71
CA PRO A 227 -24.05 2.23 13.21
C PRO A 227 -23.15 3.32 12.67
N ALA A 228 -22.27 3.81 13.53
CA ALA A 228 -21.26 4.80 13.13
C ALA A 228 -20.02 4.12 12.54
N LYS A 229 -19.38 4.80 11.59
CA LYS A 229 -18.30 4.18 10.84
C LYS A 229 -17.04 4.05 11.68
N ARG A 230 -16.20 3.07 11.32
CA ARG A 230 -14.92 2.85 11.97
C ARG A 230 -13.79 3.01 10.96
N THR A 231 -12.63 3.52 11.37
CA THR A 231 -11.46 3.45 10.48
C THR A 231 -10.34 2.48 11.00
N ASN A 232 -9.67 1.81 10.02
CA ASN A 232 -8.72 0.76 10.29
C ASN A 232 -9.36 -0.15 11.35
N ALA A 233 -10.50 -0.72 10.95
CA ALA A 233 -11.33 -1.56 11.78
C ALA A 233 -10.75 -2.95 12.01
N ARG A 234 -11.00 -3.46 13.22
CA ARG A 234 -10.57 -4.81 13.59
C ARG A 234 -11.49 -5.33 14.69
N GLY A 235 -12.00 -6.54 14.48
CA GLY A 235 -12.90 -7.15 15.43
C GLY A 235 -14.31 -6.55 15.34
N THR A 236 -15.17 -6.99 16.25
CA THR A 236 -16.58 -6.62 16.19
C THR A 236 -16.82 -5.21 16.72
N SER A 237 -17.99 -4.68 16.39
CA SER A 237 -18.45 -3.36 16.87
C SER A 237 -19.33 -3.45 18.12
N TRP A 238 -19.67 -4.68 18.49
CA TRP A 238 -20.68 -4.93 19.51
C TRP A 238 -20.16 -5.81 20.63
N GLY A 239 -19.12 -6.61 20.35
CA GLY A 239 -18.52 -7.45 21.39
C GLY A 239 -17.37 -6.72 21.95
N ASN A 240 -17.51 -5.41 21.84
CA ASN A 240 -16.86 -4.50 22.72
C ASN A 240 -17.91 -3.95 23.63
N GLY A 241 -19.16 -4.33 23.38
CA GLY A 241 -20.33 -3.72 24.01
C GLY A 241 -21.06 -2.61 23.23
N THR A 242 -21.94 -1.91 23.95
CA THR A 242 -22.29 -0.44 23.80
C THR A 242 -22.17 0.24 22.37
N PRO A 243 -22.88 -0.32 21.39
CA PRO A 243 -22.57 0.08 20.03
C PRO A 243 -22.75 1.58 19.83
N GLU A 244 -21.86 2.16 19.03
CA GLU A 244 -21.99 3.52 18.49
C GLU A 244 -23.13 3.66 17.46
N GLY A 245 -23.69 4.87 17.31
CA GLY A 245 -24.57 5.18 16.19
C GLY A 245 -25.73 6.10 16.55
N GLU A 246 -26.65 6.32 15.60
CA GLU A 246 -27.86 7.14 15.79
C GLU A 246 -29.08 6.26 15.86
N SER A 247 -29.92 6.46 16.86
CA SER A 247 -31.03 5.57 17.03
C SER A 247 -32.27 6.20 16.41
N LEU A 248 -32.48 5.95 15.11
CA LEU A 248 -33.58 6.60 14.41
C LEU A 248 -34.92 5.91 14.61
N PRO A 249 -35.96 6.69 15.00
CA PRO A 249 -37.28 6.09 15.25
C PRO A 249 -37.95 5.48 14.02
N LEU A 250 -38.70 4.40 14.20
CA LEU A 250 -39.51 3.88 13.11
C LEU A 250 -40.51 4.90 12.50
N ASP A 251 -41.14 5.76 13.31
CA ASP A 251 -42.05 6.77 12.75
C ASP A 251 -41.35 7.86 11.92
N GLN A 252 -40.06 7.67 11.64
CA GLN A 252 -39.23 8.57 10.84
C GLN A 252 -39.01 7.92 9.44
N PHE A 253 -39.70 6.81 9.14
CA PHE A 253 -39.54 6.04 7.88
C PHE A 253 -40.84 5.98 7.11
N TYR A 254 -40.80 6.23 5.81
CA TYR A 254 -41.89 5.75 4.97
C TYR A 254 -41.75 4.25 4.88
N VAL A 255 -42.81 3.56 5.29
CA VAL A 255 -42.83 2.12 5.29
C VAL A 255 -43.42 1.75 3.93
N VAL A 256 -42.55 1.21 3.10
CA VAL A 256 -42.86 1.00 1.70
C VAL A 256 -43.50 -0.38 1.57
N LYS A 257 -44.67 -0.38 0.95
CA LYS A 257 -45.59 -1.51 0.83
C LYS A 257 -45.99 -1.85 -0.60
N PRO A 258 -46.48 -3.09 -0.81
CA PRO A 258 -47.26 -3.55 -1.95
C PRO A 258 -48.09 -2.48 -2.61
N GLY A 259 -47.66 -2.03 -3.79
CA GLY A 259 -48.35 -0.98 -4.53
C GLY A 259 -47.51 0.27 -4.70
N ALA A 260 -46.67 0.60 -3.71
CA ALA A 260 -45.98 1.88 -3.74
C ALA A 260 -45.37 2.21 -5.11
N THR A 261 -45.77 3.36 -5.66
CA THR A 261 -45.16 3.94 -6.87
C THR A 261 -43.88 4.70 -6.51
N ALA A 262 -42.96 4.79 -7.47
CA ALA A 262 -41.74 5.60 -7.28
C ALA A 262 -42.09 7.00 -6.78
N GLU A 263 -42.90 7.69 -7.57
CA GLU A 263 -43.65 8.87 -7.20
C GLU A 263 -43.90 9.15 -5.68
N THR A 264 -44.65 8.27 -5.03
CA THR A 264 -44.78 8.27 -3.56
C THR A 264 -43.46 8.10 -2.78
N ILE A 265 -42.63 7.12 -3.18
CA ILE A 265 -41.36 6.87 -2.53
C ILE A 265 -40.51 8.12 -2.59
N ASN A 266 -40.51 8.75 -3.77
CA ASN A 266 -39.68 9.93 -3.96
C ASN A 266 -40.22 11.11 -3.16
N ALA A 267 -41.54 11.22 -3.08
CA ALA A 267 -42.24 12.22 -2.24
C ALA A 267 -41.90 11.99 -0.79
N ALA A 268 -41.81 10.72 -0.42
CA ALA A 268 -41.35 10.34 0.91
C ALA A 268 -39.98 10.95 1.21
N VAL A 269 -39.00 10.68 0.35
CA VAL A 269 -37.67 11.26 0.55
C VAL A 269 -37.83 12.81 0.54
N ASP A 270 -38.96 13.27 0.02
CA ASP A 270 -39.34 14.71 -0.02
C ASP A 270 -40.12 15.36 1.15
N GLN A 271 -40.94 14.59 1.85
CA GLN A 271 -41.33 14.88 3.21
C GLN A 271 -40.05 15.07 4.04
N GLY A 272 -39.03 14.25 3.73
CA GLY A 272 -37.83 14.13 4.53
C GLY A 272 -37.72 12.80 5.29
N LEU A 273 -38.56 11.83 4.93
CA LEU A 273 -38.54 10.48 5.55
C LEU A 273 -37.42 9.57 5.03
N HIS A 274 -36.96 8.65 5.88
CA HIS A 274 -36.13 7.51 5.46
C HIS A 274 -37.02 6.44 4.80
N LEU A 275 -36.40 5.38 4.27
CA LEU A 275 -37.17 4.34 3.59
C LEU A 275 -36.97 2.97 4.20
N LEU A 276 -38.08 2.28 4.47
CA LEU A 276 -38.01 0.87 4.85
C LEU A 276 -38.83 0.09 3.87
N PHE A 277 -38.17 -0.65 2.99
CA PHE A 277 -38.89 -1.51 2.06
C PHE A 277 -39.21 -2.85 2.70
N THR A 278 -40.50 -3.10 2.89
CA THR A 278 -40.94 -4.38 3.40
C THR A 278 -40.79 -5.46 2.33
N PRO A 279 -40.93 -6.75 2.71
CA PRO A 279 -40.67 -7.86 1.77
C PRO A 279 -41.68 -7.95 0.63
N GLY A 280 -41.21 -7.55 -0.54
CA GLY A 280 -42.04 -7.55 -1.73
C GLY A 280 -41.22 -7.20 -2.95
N VAL A 281 -41.94 -7.08 -4.06
CA VAL A 281 -41.35 -6.77 -5.37
C VAL A 281 -42.00 -5.47 -5.84
N TYR A 282 -41.16 -4.48 -6.14
CA TYR A 282 -41.59 -3.11 -6.44
C TYR A 282 -41.25 -2.63 -7.88
N HIS A 283 -42.29 -2.68 -8.74
CA HIS A 283 -42.24 -2.55 -10.22
C HIS A 283 -42.44 -1.07 -10.61
N VAL A 284 -41.33 -0.29 -10.67
CA VAL A 284 -41.35 1.20 -10.76
C VAL A 284 -41.04 1.82 -12.15
N ASP A 285 -41.19 3.15 -12.33
CA ASP A 285 -40.85 3.80 -13.64
C ASP A 285 -40.39 5.28 -13.77
N GLN A 286 -39.99 5.86 -12.65
CA GLN A 286 -39.22 7.12 -12.51
C GLN A 286 -38.19 6.28 -11.80
N PRO A 287 -36.92 6.67 -11.83
CA PRO A 287 -36.09 6.08 -10.78
C PRO A 287 -36.66 6.30 -9.40
N ILE A 288 -36.25 5.47 -8.45
CA ILE A 288 -36.27 5.88 -7.05
C ILE A 288 -35.07 6.81 -7.01
N GLU A 289 -35.27 8.09 -6.68
CA GLU A 289 -34.12 8.98 -6.60
C GLU A 289 -33.93 9.80 -5.32
N ILE A 290 -32.99 9.28 -4.54
CA ILE A 290 -32.60 9.78 -3.22
C ILE A 290 -31.66 10.98 -3.39
N ASP A 291 -32.09 12.15 -2.92
CA ASP A 291 -31.29 13.38 -3.08
C ASP A 291 -31.13 14.12 -1.76
N ARG A 292 -31.21 13.36 -0.66
CA ARG A 292 -31.17 13.89 0.69
C ARG A 292 -30.04 13.24 1.47
N ALA A 293 -29.19 14.08 2.04
CA ALA A 293 -28.06 13.58 2.80
C ALA A 293 -28.55 12.73 3.97
N ASN A 294 -27.79 11.68 4.25
CA ASN A 294 -27.98 10.79 5.39
C ASN A 294 -29.28 9.93 5.41
N THR A 295 -29.94 9.88 4.27
CA THR A 295 -31.09 8.98 4.10
C THR A 295 -30.67 7.52 4.25
N VAL A 296 -31.46 6.77 5.01
CA VAL A 296 -31.34 5.35 5.14
C VAL A 296 -32.41 4.72 4.27
N ALA A 297 -32.00 3.79 3.40
CA ALA A 297 -32.96 3.02 2.59
C ALA A 297 -32.66 1.58 2.86
N LEU A 298 -33.45 0.97 3.73
CA LEU A 298 -33.19 -0.36 4.26
C LEU A 298 -34.25 -1.32 3.74
N GLY A 299 -33.79 -2.41 3.14
CA GLY A 299 -34.69 -3.45 2.68
C GLY A 299 -34.74 -4.58 3.67
N LEU A 300 -35.90 -5.24 3.70
CA LEU A 300 -36.18 -6.41 4.51
C LEU A 300 -36.55 -7.55 3.59
N GLY A 301 -36.17 -8.77 3.96
CA GLY A 301 -36.60 -9.97 3.24
C GLY A 301 -36.33 -9.98 1.75
N LEU A 302 -35.16 -9.45 1.35
CA LEU A 302 -34.77 -9.44 -0.07
C LEU A 302 -35.74 -8.64 -0.94
N ALA A 303 -36.21 -7.53 -0.37
CA ALA A 303 -37.04 -6.59 -1.08
C ALA A 303 -36.35 -6.24 -2.39
N THR A 304 -37.15 -6.25 -3.44
CA THR A 304 -36.68 -6.22 -4.81
C THR A 304 -37.31 -5.07 -5.58
N ILE A 305 -36.46 -4.34 -6.31
CA ILE A 305 -36.91 -3.25 -7.21
C ILE A 305 -36.73 -3.69 -8.67
N ILE A 306 -37.79 -3.52 -9.47
CA ILE A 306 -37.78 -3.82 -10.91
C ILE A 306 -38.08 -2.53 -11.65
N PRO A 307 -37.13 -2.07 -12.50
CA PRO A 307 -37.45 -0.88 -13.31
C PRO A 307 -38.07 -1.27 -14.64
N ASP A 308 -39.23 -0.71 -15.00
CA ASP A 308 -39.74 -0.87 -16.38
C ASP A 308 -39.26 0.32 -17.20
N ASN A 309 -39.50 0.24 -18.50
CA ASN A 309 -39.32 1.39 -19.38
C ASN A 309 -37.85 1.80 -19.55
N GLY A 310 -36.96 0.90 -19.15
CA GLY A 310 -35.55 1.13 -19.28
C GLY A 310 -35.01 2.19 -18.35
N VAL A 311 -35.74 2.54 -17.29
CA VAL A 311 -35.19 3.51 -16.35
C VAL A 311 -34.13 2.94 -15.41
N THR A 312 -33.43 3.82 -14.71
CA THR A 312 -32.48 3.44 -13.69
C THR A 312 -33.19 3.26 -12.35
N ALA A 313 -33.22 2.06 -11.79
CA ALA A 313 -34.01 1.79 -10.56
C ALA A 313 -33.73 2.71 -9.35
N LEU A 314 -32.45 3.09 -9.22
CA LEU A 314 -31.93 3.67 -8.00
C LEU A 314 -30.94 4.74 -8.38
N LYS A 315 -31.26 5.98 -8.07
CA LYS A 315 -30.26 7.08 -8.20
C LYS A 315 -30.08 7.79 -6.89
N VAL A 316 -28.82 7.90 -6.49
CA VAL A 316 -28.47 8.60 -5.28
C VAL A 316 -27.75 9.85 -5.73
N GLY A 317 -28.05 10.98 -5.10
CA GLY A 317 -27.39 12.24 -5.44
C GLY A 317 -25.97 12.35 -4.87
N ASP A 318 -25.29 13.46 -5.16
CA ASP A 318 -23.99 13.82 -4.59
C ASP A 318 -24.08 14.38 -3.20
N VAL A 319 -24.71 13.60 -2.35
CA VAL A 319 -24.94 14.00 -0.97
C VAL A 319 -24.29 12.99 -0.04
N ASP A 320 -23.80 13.49 1.09
CA ASP A 320 -23.15 12.66 2.14
C ASP A 320 -24.11 11.63 2.74
N GLY A 321 -23.53 10.53 3.24
CA GLY A 321 -24.18 9.72 4.27
C GLY A 321 -25.34 8.84 3.87
N VAL A 322 -25.62 8.66 2.59
CA VAL A 322 -26.77 7.79 2.24
C VAL A 322 -26.35 6.34 2.52
N LYS A 323 -27.29 5.57 3.09
CA LYS A 323 -27.00 4.21 3.52
C LYS A 323 -28.02 3.33 2.80
N VAL A 324 -27.61 2.72 1.69
CA VAL A 324 -28.48 1.77 0.93
C VAL A 324 -28.15 0.36 1.42
N ALA A 325 -29.16 -0.40 1.86
CA ALA A 325 -28.91 -1.65 2.54
C ALA A 325 -29.97 -2.71 2.18
N GLY A 326 -29.53 -3.86 1.70
CA GLY A 326 -30.39 -5.03 1.67
C GLY A 326 -31.47 -5.07 0.61
N LEU A 327 -31.13 -4.59 -0.58
CA LEU A 327 -32.02 -4.58 -1.74
C LEU A 327 -31.51 -5.40 -2.92
N LEU A 328 -32.44 -6.08 -3.59
CA LEU A 328 -32.19 -6.72 -4.88
C LEU A 328 -32.74 -5.79 -5.96
N VAL A 329 -31.96 -5.57 -7.02
CA VAL A 329 -32.41 -4.82 -8.19
C VAL A 329 -32.42 -5.84 -9.34
N ASP A 330 -33.60 -6.09 -9.89
CA ASP A 330 -33.82 -7.09 -10.96
C ASP A 330 -34.14 -6.37 -12.26
N ALA A 331 -33.28 -6.48 -13.27
CA ALA A 331 -33.55 -5.76 -14.51
C ALA A 331 -34.87 -6.20 -15.14
N GLY A 332 -35.53 -5.24 -15.78
CA GLY A 332 -36.69 -5.54 -16.59
C GLY A 332 -36.27 -5.96 -18.00
N PRO A 333 -37.18 -6.61 -18.74
CA PRO A 333 -36.95 -6.95 -20.15
C PRO A 333 -36.38 -5.78 -20.93
N VAL A 334 -36.90 -4.58 -20.68
CA VAL A 334 -36.51 -3.41 -21.45
C VAL A 334 -35.09 -3.00 -20.96
N ASN A 335 -34.16 -2.74 -21.88
CA ASN A 335 -32.83 -2.42 -21.44
C ASN A 335 -32.73 -1.08 -20.70
N SER A 336 -32.24 -1.15 -19.47
CA SER A 336 -31.91 0.05 -18.72
C SER A 336 -30.45 0.41 -18.97
N GLU A 337 -30.22 1.64 -19.38
CA GLU A 337 -28.85 2.08 -19.61
C GLU A 337 -28.01 1.98 -18.32
N THR A 338 -28.64 2.25 -17.19
CA THR A 338 -28.01 1.94 -15.89
C THR A 338 -29.09 1.43 -14.91
N LEU A 339 -28.70 0.59 -13.96
CA LEU A 339 -29.64 0.15 -12.93
C LEU A 339 -29.51 0.92 -11.59
N VAL A 340 -28.28 1.23 -11.19
CA VAL A 340 -28.00 1.92 -9.93
C VAL A 340 -26.93 2.93 -10.24
N GLU A 341 -27.21 4.19 -9.92
CA GLU A 341 -26.22 5.26 -10.03
C GLU A 341 -26.01 5.91 -8.68
N VAL A 342 -24.74 6.00 -8.25
CA VAL A 342 -24.40 6.65 -7.01
C VAL A 342 -23.62 7.92 -7.37
N GLY A 343 -24.33 9.04 -7.29
CA GLY A 343 -23.79 10.33 -7.65
C GLY A 343 -23.85 10.60 -9.14
N SER A 344 -23.68 11.87 -9.48
CA SER A 344 -23.77 12.35 -10.89
C SER A 344 -22.47 12.16 -11.66
N ASP A 345 -22.54 11.97 -12.99
CA ASP A 345 -21.31 11.93 -13.81
C ASP A 345 -20.48 13.18 -13.60
N GLY A 346 -19.18 12.99 -13.43
CA GLY A 346 -18.25 14.08 -13.23
C GLY A 346 -18.52 14.48 -11.84
N ALA A 347 -17.94 15.53 -11.34
CA ALA A 347 -18.33 15.84 -9.96
C ALA A 347 -17.56 15.08 -8.91
N SER A 348 -17.09 15.93 -8.06
CA SER A 348 -15.72 15.95 -7.64
C SER A 348 -15.73 16.66 -6.33
N GLY A 349 -16.88 16.56 -5.67
CA GLY A 349 -17.00 16.91 -4.28
C GLY A 349 -16.97 15.65 -3.46
N ASP A 350 -16.43 15.79 -2.28
CA ASP A 350 -16.03 14.64 -1.52
C ASP A 350 -17.03 14.30 -0.43
N HIS A 351 -16.84 13.13 0.19
CA HIS A 351 -17.69 12.70 1.27
C HIS A 351 -16.86 11.91 2.26
N ALA A 352 -15.71 12.49 2.67
CA ALA A 352 -14.69 11.79 3.45
C ALA A 352 -15.09 11.47 4.88
N ALA A 353 -15.77 12.41 5.51
CA ALA A 353 -16.23 12.18 6.88
C ALA A 353 -17.34 11.14 6.88
N ASN A 354 -18.32 11.36 6.01
CA ASN A 354 -19.60 10.68 6.09
C ASN A 354 -19.97 10.15 4.71
N PRO A 355 -19.33 9.04 4.32
CA PRO A 355 -19.54 8.52 2.98
C PRO A 355 -20.95 7.99 2.75
N THR A 356 -21.32 7.87 1.49
CA THR A 356 -22.48 7.07 1.10
C THR A 356 -22.01 5.63 0.93
N SER A 357 -22.91 4.67 1.22
CA SER A 357 -22.57 3.26 1.12
C SER A 357 -23.68 2.45 0.46
N LEU A 358 -23.26 1.39 -0.22
CA LEU A 358 -24.17 0.33 -0.66
C LEU A 358 -23.80 -0.93 0.09
N GLN A 359 -24.76 -1.53 0.80
CA GLN A 359 -24.49 -2.79 1.52
C GLN A 359 -25.54 -3.83 1.23
N ASP A 360 -25.07 -5.04 0.91
CA ASP A 360 -26.02 -6.09 0.56
C ASP A 360 -26.99 -5.55 -0.51
N VAL A 361 -26.40 -4.95 -1.54
CA VAL A 361 -27.10 -4.56 -2.74
C VAL A 361 -26.74 -5.60 -3.77
N PHE A 362 -27.76 -6.24 -4.32
CA PHE A 362 -27.54 -7.31 -5.28
C PHE A 362 -28.23 -6.86 -6.56
N VAL A 363 -27.65 -7.24 -7.68
CA VAL A 363 -28.24 -6.96 -8.98
C VAL A 363 -28.33 -8.25 -9.76
N ARG A 364 -29.46 -8.46 -10.43
CA ARG A 364 -29.67 -9.61 -11.31
C ARG A 364 -30.15 -9.15 -12.68
N ILE A 365 -29.56 -9.72 -13.74
CA ILE A 365 -30.01 -9.48 -15.12
C ILE A 365 -30.39 -10.81 -15.75
N GLY A 366 -31.70 -11.02 -15.91
CA GLY A 366 -32.25 -12.30 -16.39
C GLY A 366 -32.42 -13.34 -15.30
N GLY A 367 -32.90 -14.53 -15.66
CA GLY A 367 -33.09 -15.61 -14.69
C GLY A 367 -34.56 -15.85 -14.36
N ALA A 368 -35.25 -14.75 -14.12
CA ALA A 368 -36.67 -14.70 -13.84
C ALA A 368 -37.36 -14.02 -15.03
N GLY A 369 -38.31 -13.14 -14.75
CA GLY A 369 -38.64 -12.02 -15.64
C GLY A 369 -37.56 -11.42 -16.55
N PRO A 370 -37.77 -11.41 -17.89
CA PRO A 370 -36.58 -11.39 -18.75
C PRO A 370 -35.91 -10.02 -18.68
N GLY A 371 -34.66 -9.84 -19.10
CA GLY A 371 -33.99 -8.62 -18.67
C GLY A 371 -32.63 -8.25 -19.21
N LYS A 372 -32.40 -6.93 -19.25
CA LYS A 372 -31.25 -6.33 -19.90
C LYS A 372 -30.84 -5.02 -19.24
N ALA A 373 -29.54 -4.80 -19.16
CA ALA A 373 -29.02 -3.49 -18.72
C ALA A 373 -27.61 -3.30 -19.25
N THR A 374 -27.26 -2.06 -19.57
CA THR A 374 -25.91 -1.77 -20.15
C THR A 374 -24.81 -1.81 -19.10
N THR A 375 -24.95 -0.95 -18.10
CA THR A 375 -24.07 -0.94 -16.92
C THR A 375 -24.93 -1.05 -15.69
N SER A 376 -24.66 -2.03 -14.84
CA SER A 376 -25.49 -2.26 -13.69
C SER A 376 -25.35 -1.19 -12.57
N ILE A 377 -24.11 -0.97 -12.12
CA ILE A 377 -23.86 0.01 -11.08
C ILE A 377 -22.76 0.94 -11.49
N VAL A 378 -23.09 2.23 -11.47
CA VAL A 378 -22.14 3.28 -11.72
C VAL A 378 -21.91 4.02 -10.42
N VAL A 379 -20.65 4.10 -10.00
CA VAL A 379 -20.31 4.82 -8.76
C VAL A 379 -19.50 6.06 -9.12
N ASN A 380 -20.20 7.19 -9.12
CA ASN A 380 -19.58 8.47 -9.40
C ASN A 380 -19.13 9.18 -8.11
N SER A 381 -19.83 9.00 -7.01
CA SER A 381 -19.51 9.74 -5.77
C SER A 381 -18.18 9.36 -5.13
N ASN A 382 -17.35 10.37 -4.88
CA ASN A 382 -16.12 10.12 -4.22
C ASN A 382 -16.35 9.53 -2.81
N ASP A 383 -15.43 8.68 -2.41
CA ASP A 383 -15.35 8.14 -1.04
C ASP A 383 -16.46 7.10 -0.71
N THR A 384 -17.20 6.68 -1.73
CA THR A 384 -18.25 5.68 -1.54
C THR A 384 -17.69 4.34 -1.04
N ILE A 385 -18.48 3.71 -0.14
CA ILE A 385 -18.18 2.38 0.34
C ILE A 385 -19.14 1.38 -0.29
N ILE A 386 -18.57 0.35 -0.90
CA ILE A 386 -19.33 -0.76 -1.50
C ILE A 386 -19.02 -1.99 -0.64
N ASP A 387 -19.88 -2.32 0.32
CA ASP A 387 -19.58 -3.35 1.30
C ASP A 387 -20.58 -4.50 1.16
N HIS A 388 -20.15 -5.47 0.35
CA HIS A 388 -20.91 -6.64 -0.09
C HIS A 388 -21.90 -6.32 -1.19
N THR A 389 -21.49 -6.66 -2.42
CA THR A 389 -22.41 -6.62 -3.54
C THR A 389 -22.24 -7.90 -4.41
N TRP A 390 -23.35 -8.35 -5.01
CA TRP A 390 -23.31 -9.39 -6.04
C TRP A 390 -24.03 -8.81 -7.24
N VAL A 391 -23.30 -8.65 -8.33
CA VAL A 391 -23.85 -8.07 -9.56
C VAL A 391 -23.72 -9.20 -10.61
N TRP A 392 -24.87 -9.72 -11.03
CA TRP A 392 -24.95 -11.03 -11.65
C TRP A 392 -25.79 -11.05 -12.90
N ARG A 393 -25.14 -11.27 -14.03
CA ARG A 393 -25.88 -11.58 -15.24
C ARG A 393 -26.21 -13.09 -15.18
N ALA A 394 -27.50 -13.43 -15.29
CA ALA A 394 -27.92 -14.82 -15.08
C ALA A 394 -27.32 -15.82 -16.08
N ASP A 395 -26.97 -17.01 -15.59
CA ASP A 395 -26.48 -18.09 -16.44
C ASP A 395 -27.46 -19.27 -16.42
N HIS A 396 -28.65 -19.03 -15.88
CA HIS A 396 -29.66 -20.08 -15.72
C HIS A 396 -30.97 -19.43 -15.33
N GLY A 397 -32.08 -20.06 -15.72
CA GLY A 397 -33.42 -19.58 -15.48
C GLY A 397 -34.17 -19.35 -16.77
N GLU A 398 -35.31 -18.67 -16.70
CA GLU A 398 -36.00 -18.14 -17.87
C GLU A 398 -35.20 -16.93 -18.28
N GLY A 399 -35.19 -16.63 -19.60
CA GLY A 399 -34.75 -15.33 -20.07
C GLY A 399 -33.26 -15.20 -20.23
N VAL A 400 -32.55 -16.33 -20.39
CA VAL A 400 -31.10 -16.37 -20.40
C VAL A 400 -30.55 -16.64 -21.83
N GLY A 401 -29.73 -15.70 -22.34
CA GLY A 401 -29.04 -15.86 -23.62
C GLY A 401 -28.04 -14.74 -23.93
N TRP A 402 -27.01 -15.06 -24.71
CA TRP A 402 -25.93 -14.09 -25.04
C TRP A 402 -26.47 -12.69 -25.48
N GLU A 403 -27.55 -12.68 -26.25
CA GLU A 403 -28.23 -11.41 -26.58
C GLU A 403 -29.50 -11.27 -25.72
N THR A 404 -30.20 -12.37 -25.52
CA THR A 404 -31.43 -12.33 -24.72
C THR A 404 -31.32 -11.59 -23.37
N ASN A 405 -30.32 -11.93 -22.53
CA ASN A 405 -30.07 -11.13 -21.32
C ASN A 405 -28.68 -10.49 -21.34
N ARG A 406 -28.36 -9.92 -22.50
CA ARG A 406 -27.10 -9.20 -22.63
C ARG A 406 -27.00 -8.10 -21.57
N ALA A 407 -25.86 -8.09 -20.90
CA ALA A 407 -25.52 -7.03 -19.96
C ALA A 407 -24.03 -6.78 -20.20
N ASP A 408 -23.69 -5.66 -20.85
CA ASP A 408 -22.27 -5.43 -21.21
C ASP A 408 -21.35 -5.19 -20.02
N TYR A 409 -21.77 -4.34 -19.08
CA TYR A 409 -20.88 -3.90 -18.00
C TYR A 409 -21.51 -4.06 -16.62
N GLY A 410 -20.69 -4.50 -15.66
CA GLY A 410 -21.18 -4.78 -14.32
C GLY A 410 -21.14 -3.56 -13.42
N VAL A 411 -19.95 -3.28 -12.92
CA VAL A 411 -19.72 -2.15 -12.02
C VAL A 411 -18.69 -1.26 -12.68
N HIS A 412 -19.00 0.04 -12.74
CA HIS A 412 -18.07 1.03 -13.26
C HIS A 412 -17.83 2.07 -12.18
N VAL A 413 -16.59 2.12 -11.70
CA VAL A 413 -16.24 3.04 -10.63
C VAL A 413 -15.51 4.23 -11.21
N LYS A 414 -16.16 5.39 -11.13
CA LYS A 414 -15.57 6.63 -11.61
C LYS A 414 -15.11 7.57 -10.50
N GLY A 415 -15.73 7.48 -9.31
CA GLY A 415 -15.36 8.32 -8.17
C GLY A 415 -14.00 7.97 -7.60
N ASP A 416 -13.41 8.95 -6.92
CA ASP A 416 -12.10 8.78 -6.31
C ASP A 416 -12.19 8.24 -4.88
N ASN A 417 -11.21 7.46 -4.51
CA ASN A 417 -11.04 7.01 -3.14
C ASN A 417 -12.25 6.12 -2.69
N VAL A 418 -12.74 5.34 -3.65
CA VAL A 418 -13.83 4.36 -3.45
C VAL A 418 -13.29 3.06 -2.87
N LEU A 419 -14.00 2.47 -1.91
CA LEU A 419 -13.56 1.23 -1.28
C LEU A 419 -14.60 0.19 -1.59
N ALA A 420 -14.15 -0.96 -2.09
CA ALA A 420 -15.03 -2.12 -2.23
C ALA A 420 -14.53 -3.26 -1.33
N THR A 421 -15.40 -3.71 -0.44
CA THR A 421 -15.12 -4.84 0.45
C THR A 421 -16.15 -5.96 0.19
N GLY A 422 -15.68 -7.05 -0.37
CA GLY A 422 -16.57 -8.16 -0.71
C GLY A 422 -17.32 -7.91 -2.02
N LEU A 423 -16.55 -7.88 -3.11
CA LEU A 423 -17.06 -7.53 -4.45
C LEU A 423 -17.21 -8.80 -5.32
N PHE A 424 -18.46 -9.14 -5.67
CA PHE A 424 -18.75 -10.36 -6.43
C PHE A 424 -19.47 -9.90 -7.73
N VAL A 425 -18.85 -10.07 -8.90
CA VAL A 425 -19.46 -9.60 -10.14
C VAL A 425 -19.23 -10.66 -11.22
N GLU A 426 -20.31 -11.12 -11.88
CA GLU A 426 -20.20 -12.26 -12.78
C GLU A 426 -21.02 -12.15 -14.06
N HIS A 427 -20.37 -12.57 -15.14
CA HIS A 427 -20.99 -13.04 -16.40
C HIS A 427 -21.29 -11.98 -17.46
N PHE A 428 -20.73 -10.78 -17.26
CA PHE A 428 -21.00 -9.69 -18.20
C PHE A 428 -20.39 -9.92 -19.60
N ASN A 429 -21.08 -9.39 -20.62
CA ASN A 429 -20.65 -9.58 -22.01
C ASN A 429 -19.31 -8.87 -22.32
N LYS A 430 -19.07 -7.77 -21.62
CA LYS A 430 -17.79 -7.08 -21.70
C LYS A 430 -17.14 -7.01 -20.32
N TYR A 431 -16.64 -5.83 -19.90
CA TYR A 431 -15.92 -5.80 -18.64
C TYR A 431 -16.85 -5.94 -17.44
N ASP A 432 -16.61 -6.94 -16.60
CA ASP A 432 -17.42 -7.10 -15.42
C ASP A 432 -17.23 -5.91 -14.49
N VAL A 433 -15.97 -5.53 -14.27
CA VAL A 433 -15.64 -4.38 -13.43
C VAL A 433 -14.64 -3.50 -14.11
N GLN A 434 -14.91 -2.19 -14.02
CA GLN A 434 -14.04 -1.17 -14.54
C GLN A 434 -13.83 -0.16 -13.42
N TRP A 435 -12.62 0.39 -13.35
CA TRP A 435 -12.26 1.33 -12.33
C TRP A 435 -11.47 2.42 -13.00
N SER A 436 -12.07 3.60 -13.07
CA SER A 436 -11.39 4.75 -13.63
C SER A 436 -11.07 5.86 -12.63
N GLY A 437 -11.73 5.84 -11.46
CA GLY A 437 -11.40 6.82 -10.43
C GLY A 437 -10.03 6.59 -9.82
N GLU A 438 -9.53 7.60 -9.09
CA GLU A 438 -8.23 7.50 -8.43
C GLU A 438 -8.36 6.80 -7.06
N ASN A 439 -7.26 6.21 -6.63
CA ASN A 439 -7.10 5.62 -5.30
C ASN A 439 -8.24 4.67 -4.92
N GLY A 440 -8.64 3.86 -5.85
CA GLY A 440 -9.58 2.80 -5.55
C GLY A 440 -8.89 1.72 -4.76
N LYS A 441 -9.68 1.05 -3.92
CA LYS A 441 -9.24 -0.14 -3.23
C LYS A 441 -10.33 -1.20 -3.25
N THR A 442 -9.93 -2.42 -3.61
CA THR A 442 -10.80 -3.61 -3.52
C THR A 442 -10.18 -4.64 -2.60
N ILE A 443 -10.96 -5.06 -1.59
CA ILE A 443 -10.58 -6.15 -0.67
C ILE A 443 -11.61 -7.29 -0.92
N PHE A 444 -11.10 -8.33 -1.58
CA PHE A 444 -11.85 -9.50 -2.05
C PHE A 444 -12.65 -9.23 -3.31
N TYR A 445 -12.29 -9.96 -4.36
CA TYR A 445 -13.03 -9.99 -5.60
C TYR A 445 -13.27 -11.44 -6.07
N GLN A 446 -14.51 -11.71 -6.44
CA GLN A 446 -14.86 -12.97 -7.09
C GLN A 446 -15.61 -12.68 -8.38
N ASN A 447 -15.09 -13.23 -9.48
CA ASN A 447 -15.70 -13.12 -10.79
C ASN A 447 -15.79 -14.48 -11.44
N ALA A 448 -16.82 -14.67 -12.27
CA ALA A 448 -16.76 -15.70 -13.31
C ALA A 448 -17.15 -15.05 -14.65
N LYS A 449 -16.48 -15.48 -15.71
CA LYS A 449 -16.69 -14.92 -17.04
C LYS A 449 -17.92 -15.55 -17.68
N ALA A 450 -18.57 -14.83 -18.58
CA ALA A 450 -19.72 -15.31 -19.34
C ALA A 450 -19.47 -16.72 -19.89
N TYR A 451 -20.39 -17.64 -19.59
CA TYR A 451 -20.27 -19.05 -20.06
C TYR A 451 -20.66 -19.20 -21.51
N ASP A 452 -21.44 -18.22 -21.98
CA ASP A 452 -22.16 -18.33 -23.23
C ASP A 452 -21.63 -17.48 -24.38
N ALA A 453 -20.39 -17.00 -24.25
CA ALA A 453 -19.70 -16.36 -25.36
C ALA A 453 -19.73 -17.33 -26.56
N PRO A 454 -20.26 -16.88 -27.72
CA PRO A 454 -20.40 -17.81 -28.86
C PRO A 454 -19.12 -18.29 -29.52
N ASP A 455 -18.25 -17.33 -29.81
CA ASP A 455 -17.00 -17.57 -30.49
C ASP A 455 -15.99 -16.51 -30.11
N GLN A 456 -14.72 -16.76 -30.41
CA GLN A 456 -13.66 -15.82 -30.07
C GLN A 456 -13.95 -14.41 -30.58
N ALA A 457 -14.42 -14.32 -31.82
CA ALA A 457 -14.53 -13.02 -32.50
C ALA A 457 -15.45 -12.07 -31.77
N ALA A 458 -16.47 -12.58 -31.10
CA ALA A 458 -17.45 -11.66 -30.55
C ALA A 458 -17.22 -11.37 -29.05
N ILE A 459 -16.03 -11.74 -28.57
CA ILE A 459 -15.43 -11.23 -27.35
C ILE A 459 -14.10 -10.48 -27.63
N GLN A 460 -13.75 -10.30 -28.89
CA GLN A 460 -12.52 -9.58 -29.26
C GLN A 460 -12.61 -8.15 -28.73
N ASN A 461 -11.54 -7.68 -28.09
CA ASN A 461 -11.54 -6.34 -27.48
C ASN A 461 -10.36 -5.57 -28.05
N GLY A 462 -10.55 -4.98 -29.23
CA GLY A 462 -9.40 -4.46 -29.97
C GLY A 462 -8.48 -5.63 -30.33
N ASP A 463 -7.18 -5.50 -30.03
CA ASP A 463 -6.25 -6.60 -30.24
C ASP A 463 -6.03 -7.40 -28.94
N ILE A 464 -7.05 -7.38 -28.06
CA ILE A 464 -7.10 -8.24 -26.86
C ILE A 464 -8.25 -9.27 -26.95
N LYS A 465 -7.95 -10.55 -26.71
CA LYS A 465 -8.97 -11.61 -26.63
C LYS A 465 -9.75 -11.50 -25.33
N GLY A 466 -11.04 -11.24 -25.43
CA GLY A 466 -11.88 -11.13 -24.23
C GLY A 466 -11.74 -9.82 -23.51
N TYR A 467 -12.66 -9.59 -22.57
CA TYR A 467 -12.67 -8.39 -21.72
C TYR A 467 -12.25 -8.78 -20.31
N ALA A 468 -11.34 -8.02 -19.70
CA ALA A 468 -10.93 -8.31 -18.33
C ALA A 468 -12.15 -8.39 -17.41
N ALA A 469 -12.05 -9.25 -16.41
CA ALA A 469 -13.02 -9.25 -15.32
C ALA A 469 -12.89 -7.98 -14.47
N TYR A 470 -11.70 -7.42 -14.42
CA TYR A 470 -11.42 -6.26 -13.58
C TYR A 470 -10.38 -5.43 -14.31
N LYS A 471 -10.83 -4.29 -14.83
CA LYS A 471 -9.97 -3.39 -15.55
C LYS A 471 -9.76 -2.12 -14.78
N VAL A 472 -8.53 -1.65 -14.78
CA VAL A 472 -8.19 -0.33 -14.26
C VAL A 472 -7.79 0.56 -15.43
N ASP A 473 -8.41 1.75 -15.54
CA ASP A 473 -8.13 2.75 -16.60
C ASP A 473 -6.64 3.04 -16.72
N ASP A 474 -6.23 3.31 -17.95
CA ASP A 474 -4.87 3.80 -18.29
C ASP A 474 -4.52 5.11 -17.57
N SER A 475 -5.50 6.00 -17.42
CA SER A 475 -5.24 7.31 -16.80
C SER A 475 -5.05 7.22 -15.27
N VAL A 476 -5.33 6.08 -14.65
CA VAL A 476 -5.26 5.97 -13.18
C VAL A 476 -3.82 5.88 -12.68
N THR A 477 -3.53 6.57 -11.56
CA THR A 477 -2.16 6.54 -11.04
C THR A 477 -2.03 5.76 -9.74
N THR A 478 -3.13 5.60 -9.01
CA THR A 478 -3.09 4.92 -7.71
C THR A 478 -4.30 3.96 -7.60
N HIS A 479 -4.04 2.69 -7.21
CA HIS A 479 -5.09 1.66 -7.07
C HIS A 479 -4.47 0.52 -6.30
N GLU A 480 -5.26 -0.18 -5.50
CA GLU A 480 -4.78 -1.40 -4.84
C GLU A 480 -5.91 -2.42 -4.63
N GLY A 481 -5.68 -3.64 -5.08
CA GLY A 481 -6.59 -4.75 -4.85
C GLY A 481 -5.93 -5.94 -4.13
N TRP A 482 -6.69 -6.64 -3.31
CA TRP A 482 -6.19 -7.79 -2.59
C TRP A 482 -7.18 -8.97 -2.69
N GLY A 483 -6.67 -10.14 -3.05
CA GLY A 483 -7.43 -11.37 -2.91
C GLY A 483 -8.54 -11.51 -3.93
N MET A 484 -8.12 -11.71 -5.18
CA MET A 484 -9.00 -11.51 -6.31
C MET A 484 -8.89 -12.59 -7.35
N GLY A 485 -10.05 -13.14 -7.70
CA GLY A 485 -10.10 -14.22 -8.66
C GLY A 485 -11.11 -14.05 -9.78
N SER A 486 -10.76 -14.62 -10.93
CA SER A 486 -11.66 -14.70 -12.08
C SER A 486 -11.66 -16.16 -12.54
N TYR A 487 -12.85 -16.71 -12.78
CA TYR A 487 -12.98 -18.09 -13.23
C TYR A 487 -13.69 -18.12 -14.58
N CYS A 488 -13.35 -19.11 -15.40
CA CYS A 488 -14.05 -19.26 -16.70
C CYS A 488 -14.64 -20.64 -16.83
N TYR A 489 -15.68 -20.70 -17.66
CA TYR A 489 -16.41 -21.91 -17.93
C TYR A 489 -17.14 -21.72 -19.24
N PHE A 490 -16.33 -21.62 -20.30
CA PHE A 490 -16.86 -21.34 -21.62
C PHE A 490 -17.50 -22.60 -22.21
N ASN A 491 -18.71 -22.88 -21.78
CA ASN A 491 -19.31 -24.12 -22.20
C ASN A 491 -19.72 -24.16 -23.64
N VAL A 492 -20.35 -23.08 -24.07
CA VAL A 492 -20.83 -22.98 -25.42
C VAL A 492 -19.69 -23.21 -26.41
N ASN A 493 -18.53 -22.63 -26.11
CA ASN A 493 -17.38 -22.78 -26.99
C ASN A 493 -16.09 -22.92 -26.18
N PRO A 494 -15.76 -24.17 -25.77
CA PRO A 494 -14.58 -24.36 -24.93
C PRO A 494 -13.24 -24.16 -25.65
N ASP A 495 -13.29 -23.80 -26.94
CA ASP A 495 -12.10 -23.45 -27.66
C ASP A 495 -11.65 -21.99 -27.41
N ILE A 496 -12.51 -21.21 -26.77
CA ILE A 496 -12.20 -19.80 -26.52
C ILE A 496 -11.01 -19.60 -25.58
N ARG A 497 -10.29 -18.48 -25.80
CA ARG A 497 -9.24 -18.04 -24.91
C ARG A 497 -9.60 -16.67 -24.34
N GLN A 498 -9.38 -16.53 -23.04
CA GLN A 498 -9.53 -15.27 -22.32
C GLN A 498 -8.11 -14.74 -22.04
N GLN A 499 -7.74 -13.57 -22.57
CA GLN A 499 -6.33 -13.13 -22.43
C GLN A 499 -5.92 -13.05 -20.95
N HIS A 500 -6.80 -12.50 -20.12
CA HIS A 500 -6.48 -12.26 -18.72
C HIS A 500 -7.74 -12.03 -17.85
N GLY A 501 -7.62 -12.26 -16.53
CA GLY A 501 -8.66 -11.86 -15.59
C GLY A 501 -8.58 -10.38 -15.26
N PHE A 502 -7.35 -9.86 -15.27
CA PHE A 502 -7.08 -8.50 -14.81
C PHE A 502 -6.30 -7.73 -15.85
N GLN A 503 -6.50 -6.41 -15.85
CA GLN A 503 -5.80 -5.53 -16.77
C GLN A 503 -5.61 -4.18 -16.08
N ALA A 504 -4.36 -3.68 -16.06
CA ALA A 504 -4.11 -2.42 -15.43
C ALA A 504 -2.85 -1.78 -15.97
N PRO A 505 -2.80 -0.44 -15.97
CA PRO A 505 -1.53 0.21 -16.33
C PRO A 505 -0.38 -0.29 -15.44
N VAL A 506 0.86 -0.17 -15.92
CA VAL A 506 2.02 -0.52 -15.14
C VAL A 506 2.60 0.77 -14.57
N LYS A 507 2.30 1.02 -13.28
CA LYS A 507 2.59 2.27 -12.58
C LYS A 507 2.87 1.96 -11.12
N PRO A 508 3.89 2.60 -10.52
CA PRO A 508 4.24 2.21 -9.14
C PRO A 508 3.12 2.29 -8.09
N GLY A 509 2.10 3.14 -8.25
CA GLY A 509 1.03 3.25 -7.29
C GLY A 509 -0.16 2.34 -7.59
N VAL A 510 -0.03 1.51 -8.62
CA VAL A 510 -1.07 0.53 -9.02
C VAL A 510 -0.53 -0.85 -8.67
N LYS A 511 -1.16 -1.46 -7.68
CA LYS A 511 -0.57 -2.53 -6.86
C LYS A 511 -1.63 -3.62 -6.75
N PHE A 512 -1.27 -4.89 -6.90
CA PHE A 512 -2.21 -5.97 -6.57
C PHE A 512 -1.51 -7.04 -5.77
N HIS A 513 -2.32 -7.71 -4.97
CA HIS A 513 -1.88 -8.82 -4.13
C HIS A 513 -2.81 -10.01 -4.24
N ASP A 514 -2.20 -11.17 -4.43
CA ASP A 514 -2.92 -12.45 -4.37
C ASP A 514 -4.03 -12.50 -5.44
N LEU A 515 -3.61 -12.55 -6.70
CA LEU A 515 -4.51 -12.72 -7.85
C LEU A 515 -4.53 -14.17 -8.33
N LEU A 516 -5.70 -14.61 -8.82
CA LEU A 516 -5.77 -15.91 -9.45
C LEU A 516 -6.80 -15.94 -10.58
N VAL A 517 -6.53 -16.82 -11.55
CA VAL A 517 -7.52 -17.24 -12.55
C VAL A 517 -7.66 -18.76 -12.56
N VAL A 518 -8.84 -19.24 -12.86
CA VAL A 518 -9.11 -20.67 -12.76
C VAL A 518 -10.03 -21.07 -13.92
N SER A 519 -9.69 -22.12 -14.65
CA SER A 519 -10.58 -22.70 -15.65
C SER A 519 -11.30 -23.91 -15.11
N LEU A 520 -12.63 -23.90 -15.14
CA LEU A 520 -13.39 -25.06 -14.70
C LEU A 520 -13.44 -26.17 -15.75
N GLY A 521 -12.71 -27.26 -15.49
CA GLY A 521 -12.73 -28.44 -16.35
C GLY A 521 -12.31 -28.21 -17.81
N GLY A 522 -11.33 -27.34 -18.01
CA GLY A 522 -10.77 -27.09 -19.33
C GLY A 522 -11.71 -26.43 -20.32
N LYS A 523 -12.67 -25.66 -19.79
CA LYS A 523 -13.73 -25.12 -20.62
C LYS A 523 -13.40 -23.68 -20.96
N GLY A 524 -12.62 -23.52 -22.03
CA GLY A 524 -11.86 -22.31 -22.25
C GLY A 524 -10.61 -22.31 -21.39
N GLN A 525 -9.70 -21.41 -21.71
CA GLN A 525 -8.49 -21.22 -20.89
C GLN A 525 -8.15 -19.75 -20.82
N TYR A 526 -7.51 -19.34 -19.70
CA TYR A 526 -6.84 -18.06 -19.61
C TYR A 526 -5.45 -18.11 -20.30
N GLU A 527 -5.03 -17.02 -20.93
CA GLU A 527 -3.64 -16.92 -21.41
C GLU A 527 -2.68 -16.41 -20.35
N HIS A 528 -3.21 -15.63 -19.41
CA HIS A 528 -2.41 -14.99 -18.38
C HIS A 528 -3.34 -14.56 -17.24
N VAL A 529 -2.74 -14.06 -16.17
CA VAL A 529 -3.50 -13.59 -15.02
C VAL A 529 -3.85 -12.11 -15.16
N ILE A 530 -2.85 -11.30 -15.42
CA ILE A 530 -3.04 -9.85 -15.52
C ILE A 530 -2.20 -9.26 -16.66
N ASN A 531 -2.80 -8.45 -17.52
CA ASN A 531 -2.12 -8.02 -18.75
C ASN A 531 -1.52 -9.25 -19.45
N ASP A 532 -0.18 -9.31 -19.53
CA ASP A 532 0.57 -10.41 -20.14
C ASP A 532 1.42 -11.21 -19.15
N ILE A 533 1.01 -11.15 -17.88
CA ILE A 533 1.76 -11.64 -16.75
C ILE A 533 1.04 -12.81 -16.04
N GLY A 534 1.80 -13.86 -15.74
CA GLY A 534 1.27 -15.04 -15.08
C GLY A 534 1.00 -16.17 -16.05
N ASP A 535 1.10 -17.39 -15.53
CA ASP A 535 0.97 -18.59 -16.33
C ASP A 535 -0.44 -18.71 -16.93
N PRO A 536 -0.56 -19.23 -18.16
CA PRO A 536 -1.91 -19.58 -18.62
C PRO A 536 -2.47 -20.67 -17.76
N THR A 537 -3.78 -20.85 -17.73
CA THR A 537 -4.33 -22.09 -17.24
C THR A 537 -4.15 -23.18 -18.31
N SER A 538 -3.97 -24.41 -17.85
CA SER A 538 -3.84 -25.55 -18.77
C SER A 538 -4.38 -26.81 -18.09
N GLY A 539 -4.39 -27.93 -18.79
CA GLY A 539 -4.97 -29.15 -18.26
C GLY A 539 -6.47 -28.96 -18.15
N ASP A 540 -7.16 -29.94 -17.54
CA ASP A 540 -8.60 -29.85 -17.20
C ASP A 540 -8.80 -29.97 -15.67
N THR A 541 -7.70 -29.80 -14.98
CA THR A 541 -7.53 -30.26 -13.59
C THR A 541 -8.03 -29.16 -12.62
N THR A 542 -8.42 -28.01 -13.16
CA THR A 542 -9.03 -26.92 -12.38
C THR A 542 -8.06 -26.38 -11.32
N ILE A 543 -6.80 -26.34 -11.76
CA ILE A 543 -5.71 -25.74 -11.01
C ILE A 543 -5.59 -24.26 -11.31
N PRO A 544 -5.68 -23.43 -10.27
CA PRO A 544 -5.56 -21.99 -10.52
C PRO A 544 -4.15 -21.60 -10.92
N SER A 545 -4.06 -20.53 -11.71
CA SER A 545 -2.79 -19.86 -11.99
C SER A 545 -2.79 -18.61 -11.17
N GLN A 546 -1.67 -18.37 -10.47
CA GLN A 546 -1.66 -17.42 -9.37
C GLN A 546 -0.54 -16.41 -9.55
N VAL A 547 -0.79 -15.21 -9.06
CA VAL A 547 0.24 -14.18 -8.91
C VAL A 547 0.19 -13.53 -7.52
N VAL A 548 1.35 -13.35 -6.90
CA VAL A 548 1.40 -12.81 -5.53
C VAL A 548 1.41 -11.28 -5.49
N SER A 549 2.31 -10.66 -6.28
CA SER A 549 2.34 -9.18 -6.44
C SER A 549 2.33 -8.76 -7.92
N PHE A 550 1.79 -7.57 -8.16
CA PHE A 550 1.92 -6.85 -9.43
C PHE A 550 2.07 -5.42 -8.96
N PRO A 551 3.20 -4.78 -9.28
CA PRO A 551 4.25 -5.09 -10.26
C PRO A 551 5.63 -5.57 -9.72
N ALA B 1 -4.91 34.45 -1.55
CA ALA B 1 -4.72 33.40 -0.55
C ALA B 1 -4.63 33.90 0.92
N GLN B 2 -3.86 33.16 1.71
CA GLN B 2 -4.03 33.04 3.16
C GLN B 2 -2.75 32.53 3.72
N GLU B 3 -2.61 32.63 5.03
CA GLU B 3 -1.46 31.96 5.67
C GLU B 3 -1.62 30.43 5.66
N VAL B 4 -0.51 29.74 5.41
CA VAL B 4 -0.42 28.29 5.55
C VAL B 4 -0.32 28.00 7.01
N VAL B 5 -1.00 26.96 7.46
CA VAL B 5 -1.13 26.69 8.89
C VAL B 5 -0.12 25.67 9.34
N GLY B 6 0.71 26.09 10.27
CA GLY B 6 1.69 25.23 10.90
C GLY B 6 1.12 24.10 11.74
N GLY B 7 1.81 22.97 11.68
CA GLY B 7 1.55 21.85 12.56
C GLY B 7 0.43 20.90 12.13
N GLY B 8 0.02 20.04 13.06
CA GLY B 8 -1.07 19.09 12.81
C GLY B 8 -0.67 17.63 13.06
N ASP B 9 -1.68 16.77 13.09
CA ASP B 9 -1.58 15.33 12.98
C ASP B 9 -0.54 14.98 11.93
N LEU B 10 0.20 13.88 12.16
CA LEU B 10 1.27 13.42 11.19
C LEU B 10 0.77 12.50 10.06
N GLY B 11 -0.54 12.27 10.02
CA GLY B 11 -1.12 11.40 9.02
C GLY B 11 -1.03 9.95 9.44
N PRO B 12 -1.63 9.04 8.64
CA PRO B 12 -1.72 7.62 8.99
C PRO B 12 -0.48 6.78 8.60
N ASN B 13 0.50 7.43 7.97
CA ASN B 13 1.76 6.74 7.60
C ASN B 13 2.87 6.86 8.65
N VAL B 14 2.61 7.69 9.67
CA VAL B 14 3.48 7.81 10.86
C VAL B 14 2.82 7.08 12.02
N LEU B 15 3.33 5.89 12.31
CA LEU B 15 2.80 5.07 13.37
C LEU B 15 3.59 5.44 14.63
N VAL B 16 2.89 5.78 15.68
CA VAL B 16 3.53 6.20 16.93
C VAL B 16 3.19 5.22 18.04
N PHE B 17 4.22 4.60 18.60
CA PHE B 17 4.08 3.65 19.71
C PHE B 17 4.65 4.21 21.03
N ASP B 18 4.12 3.74 22.17
CA ASP B 18 4.75 3.84 23.51
C ASP B 18 4.98 2.42 24.12
N PRO B 19 5.38 2.26 25.42
CA PRO B 19 5.38 0.87 25.94
C PRO B 19 4.00 0.22 26.15
N SER B 20 2.97 1.04 26.25
CA SER B 20 1.62 0.50 26.50
C SER B 20 0.88 -0.04 25.28
N THR B 21 1.32 0.32 24.07
CA THR B 21 0.59 -0.07 22.87
C THR B 21 0.18 -1.54 22.78
N PRO B 22 -1.05 -1.79 22.35
CA PRO B 22 -1.36 -3.17 21.96
C PRO B 22 -0.60 -3.65 20.72
N ASP B 23 0.00 -4.85 20.78
CA ASP B 23 0.45 -5.59 19.60
C ASP B 23 1.48 -4.81 18.79
N ILE B 24 2.52 -4.34 19.46
CA ILE B 24 3.61 -3.66 18.77
C ILE B 24 4.24 -4.57 17.73
N GLN B 25 4.56 -5.81 18.08
CA GLN B 25 5.24 -6.73 17.17
C GLN B 25 4.48 -7.07 15.87
N GLY B 26 3.20 -7.40 15.99
CA GLY B 26 2.40 -7.64 14.79
C GLY B 26 2.19 -6.38 13.95
N LYS B 27 2.10 -5.21 14.61
CA LYS B 27 1.94 -3.94 13.89
C LYS B 27 3.16 -3.72 13.01
N VAL B 28 4.34 -3.98 13.57
CA VAL B 28 5.58 -3.79 12.81
C VAL B 28 5.80 -4.91 11.76
N ASP B 29 5.27 -6.11 12.00
CA ASP B 29 5.37 -7.18 11.01
C ASP B 29 4.38 -6.94 9.87
N GLU B 30 3.24 -6.32 10.18
CA GLU B 30 2.29 -6.01 9.10
C GLU B 30 2.93 -5.03 8.13
N VAL B 31 3.71 -4.09 8.64
CA VAL B 31 4.45 -3.16 7.77
C VAL B 31 5.53 -3.89 7.00
N PHE B 32 6.26 -4.78 7.65
CA PHE B 32 7.34 -5.52 6.96
C PHE B 32 6.83 -6.42 5.85
N ARG B 33 6.00 -7.40 6.22
CA ARG B 33 5.29 -8.27 5.28
C ARG B 33 5.11 -7.63 3.91
N LYS B 34 4.39 -6.51 3.91
CA LYS B 34 4.20 -5.72 2.70
C LYS B 34 5.51 -5.14 2.14
N GLN B 35 6.27 -4.42 2.96
CA GLN B 35 7.42 -3.66 2.45
C GLN B 35 8.69 -4.44 2.16
N GLU B 36 8.76 -5.67 2.67
CA GLU B 36 9.90 -6.56 2.50
C GLU B 36 10.49 -6.58 1.12
N SER B 37 9.64 -6.81 0.12
CA SER B 37 10.06 -6.91 -1.30
C SER B 37 9.45 -5.78 -2.13
N ASN B 38 9.02 -4.71 -1.47
CA ASN B 38 8.30 -3.63 -2.12
C ASN B 38 9.30 -2.60 -2.64
N GLN B 39 10.09 -3.01 -3.61
CA GLN B 39 11.29 -2.24 -3.93
C GLN B 39 10.97 -0.93 -4.63
N PHE B 40 9.95 -0.94 -5.48
CA PHE B 40 9.59 0.24 -6.24
C PHE B 40 8.17 0.78 -6.02
N GLY B 41 7.44 0.23 -5.05
CA GLY B 41 6.08 0.70 -4.82
C GLY B 41 6.03 2.03 -4.10
N THR B 42 4.81 2.54 -3.96
CA THR B 42 4.57 3.87 -3.41
C THR B 42 4.35 3.95 -1.91
N ASP B 43 4.24 2.81 -1.21
CA ASP B 43 4.01 2.88 0.26
C ASP B 43 5.22 3.50 0.93
N ARG B 44 4.97 4.28 1.98
CA ARG B 44 6.02 4.92 2.75
C ARG B 44 5.61 4.88 4.23
N TYR B 45 6.51 4.48 5.13
CA TYR B 45 6.16 4.44 6.57
C TYR B 45 7.25 4.92 7.49
N ALA B 46 6.83 5.59 8.56
CA ALA B 46 7.72 5.93 9.66
C ALA B 46 7.21 5.24 10.90
N LEU B 47 8.11 4.61 11.65
CA LEU B 47 7.78 3.85 12.86
C LEU B 47 8.46 4.53 14.02
N MET B 48 7.69 5.31 14.79
CA MET B 48 8.28 6.27 15.70
C MET B 48 7.89 5.95 17.17
N PHE B 49 8.92 5.73 17.97
CA PHE B 49 8.79 5.12 19.31
C PHE B 49 9.00 6.12 20.42
N LYS B 50 7.97 6.29 21.27
CA LYS B 50 8.08 7.27 22.35
C LYS B 50 9.14 6.84 23.39
N PRO B 51 9.69 7.80 24.14
CA PRO B 51 10.70 7.39 25.12
C PRO B 51 10.19 6.32 26.08
N GLY B 52 11.07 5.39 26.46
CA GLY B 52 10.74 4.25 27.31
C GLY B 52 11.57 3.03 26.94
N THR B 53 11.21 1.90 27.57
CA THR B 53 11.80 0.59 27.31
C THR B 53 10.77 -0.34 26.65
N TYR B 54 11.29 -1.09 25.69
CA TYR B 54 10.51 -2.06 24.89
C TYR B 54 11.17 -3.41 24.96
N ASN B 55 10.38 -4.43 25.32
CA ASN B 55 10.87 -5.80 25.35
C ASN B 55 10.36 -6.59 24.17
N ASP B 56 10.99 -7.76 23.95
CA ASP B 56 10.46 -8.78 23.07
C ASP B 56 10.17 -8.25 21.67
N ILE B 57 11.00 -7.33 21.19
CA ILE B 57 10.78 -6.70 19.86
C ILE B 57 11.87 -7.07 18.88
N ASN B 58 11.46 -7.49 17.67
CA ASN B 58 12.36 -7.61 16.53
C ASN B 58 11.71 -6.83 15.38
N ALA B 59 12.18 -5.62 15.18
CA ALA B 59 11.56 -4.74 14.19
C ALA B 59 12.33 -4.95 12.91
N GLN B 60 11.78 -5.81 12.05
CA GLN B 60 12.43 -6.13 10.77
C GLN B 60 12.02 -4.98 9.82
N ILE B 61 13.01 -4.36 9.18
CA ILE B 61 12.84 -3.12 8.41
C ILE B 61 12.91 -3.38 6.91
N GLY B 62 11.79 -3.16 6.22
CA GLY B 62 11.71 -3.33 4.77
C GLY B 62 12.00 -2.07 3.98
N PHE B 63 11.67 -2.06 2.68
CA PHE B 63 11.79 -0.88 1.86
C PHE B 63 10.98 0.29 2.41
N TYR B 64 11.52 1.49 2.23
CA TYR B 64 10.85 2.75 2.52
C TYR B 64 10.22 2.76 3.91
N THR B 65 11.00 2.26 4.87
CA THR B 65 10.61 2.24 6.27
C THR B 65 11.72 2.90 7.08
N SER B 66 11.31 3.91 7.86
CA SER B 66 12.18 4.55 8.85
C SER B 66 11.70 4.16 10.24
N ILE B 67 12.66 3.93 11.11
CA ILE B 67 12.35 3.63 12.51
C ILE B 67 13.20 4.56 13.35
N ALA B 68 12.57 5.15 14.35
CA ALA B 68 13.22 6.16 15.13
C ALA B 68 12.67 6.20 16.55
N GLY B 69 13.53 6.56 17.49
CA GLY B 69 13.11 6.93 18.83
C GLY B 69 12.82 8.42 18.92
N LEU B 70 11.94 8.80 19.87
CA LEU B 70 11.57 10.19 20.09
C LEU B 70 11.96 10.70 21.46
N GLY B 71 13.00 10.13 22.05
CA GLY B 71 13.59 10.70 23.25
C GLY B 71 14.42 11.91 22.82
N LEU B 72 14.85 12.71 23.79
CA LEU B 72 15.83 13.71 23.49
C LEU B 72 17.12 13.01 23.09
N ASN B 73 17.43 11.89 23.75
CA ASN B 73 18.72 11.18 23.55
C ASN B 73 18.54 9.71 23.11
N PRO B 74 19.57 9.07 22.54
CA PRO B 74 19.22 7.75 22.05
C PRO B 74 18.89 6.72 23.16
N ASP B 75 19.52 6.86 24.31
CA ASP B 75 19.31 5.93 25.42
C ASP B 75 17.93 6.11 26.06
N ASP B 76 17.22 7.15 25.65
CA ASP B 76 15.86 7.38 26.15
C ASP B 76 14.81 6.40 25.59
N THR B 77 15.12 5.78 24.44
CA THR B 77 14.23 4.83 23.80
C THR B 77 15.04 3.56 23.54
N THR B 78 14.90 2.57 24.43
CA THR B 78 15.69 1.36 24.40
C THR B 78 14.81 0.17 24.02
N PHE B 79 15.29 -0.60 23.06
CA PHE B 79 14.71 -1.90 22.72
C PHE B 79 15.57 -2.98 23.33
N ASN B 80 14.93 -3.88 24.09
CA ASN B 80 15.53 -5.14 24.41
C ASN B 80 15.06 -6.05 23.30
N GLY B 81 15.93 -6.14 22.30
CA GLY B 81 15.54 -6.68 21.02
C GLY B 81 16.37 -5.99 19.96
N ASP B 82 15.83 -6.00 18.74
CA ASP B 82 16.62 -5.73 17.54
C ASP B 82 15.90 -4.84 16.52
N VAL B 83 16.70 -4.21 15.68
CA VAL B 83 16.22 -3.50 14.51
C VAL B 83 17.00 -4.12 13.36
N THR B 84 16.33 -4.99 12.61
CA THR B 84 16.99 -5.90 11.71
C THR B 84 16.72 -5.59 10.25
N VAL B 85 17.80 -5.62 9.47
CA VAL B 85 17.69 -5.75 8.04
C VAL B 85 18.44 -7.01 7.64
N ASP B 86 17.76 -7.90 6.92
CA ASP B 86 18.54 -8.89 6.17
C ASP B 86 18.09 -9.12 4.75
N ALA B 87 18.86 -10.00 4.11
CA ALA B 87 18.67 -10.45 2.76
C ALA B 87 18.24 -11.89 2.84
N GLY B 88 17.09 -12.07 3.49
CA GLY B 88 16.42 -13.34 3.56
C GLY B 88 15.34 -13.32 2.50
N TRP B 89 14.83 -12.14 2.15
CA TRP B 89 13.84 -12.04 1.08
C TRP B 89 14.45 -12.18 -0.30
N PHE B 90 15.77 -12.39 -0.38
CA PHE B 90 16.39 -12.76 -1.66
C PHE B 90 17.64 -13.69 -1.52
N ASP B 91 17.31 -14.91 -1.09
CA ASP B 91 18.26 -15.93 -0.58
C ASP B 91 19.71 -15.57 -0.65
N GLY B 92 20.13 -14.65 0.23
CA GLY B 92 21.53 -14.49 0.54
C GLY B 92 22.03 -13.11 0.15
N ASN B 93 21.41 -12.61 -0.91
CA ASN B 93 21.74 -11.40 -1.59
C ASN B 93 21.19 -10.11 -0.93
N ALA B 94 22.05 -9.32 -0.28
CA ALA B 94 21.61 -8.08 0.39
C ALA B 94 21.86 -6.86 -0.45
N THR B 95 21.87 -7.04 -1.77
CA THR B 95 22.50 -6.05 -2.62
C THR B 95 21.48 -5.13 -3.27
N GLN B 96 20.23 -5.27 -2.84
CA GLN B 96 19.20 -4.33 -3.21
C GLN B 96 18.45 -3.89 -1.95
N ASN B 97 19.12 -3.94 -0.80
CA ASN B 97 18.50 -3.52 0.47
C ASN B 97 18.63 -2.03 0.71
N PHE B 98 17.85 -1.29 -0.07
CA PHE B 98 17.89 0.15 -0.14
C PHE B 98 16.77 0.87 0.63
N TRP B 99 16.95 2.19 0.77
CA TRP B 99 15.88 3.15 1.10
C TRP B 99 15.15 2.83 2.41
N ARG B 100 15.90 2.85 3.51
CA ARG B 100 15.34 2.58 4.83
C ARG B 100 16.30 3.11 5.93
N SER B 101 15.78 3.37 7.12
CA SER B 101 16.57 4.16 8.04
C SER B 101 16.33 3.76 9.49
N ALA B 102 17.38 3.86 10.31
CA ALA B 102 17.23 3.71 11.77
C ALA B 102 17.92 4.88 12.44
N GLU B 103 17.25 5.46 13.44
CA GLU B 103 17.93 6.49 14.25
C GLU B 103 17.38 6.66 15.66
N ASN B 104 18.27 7.14 16.53
CA ASN B 104 17.90 7.65 17.84
C ASN B 104 17.25 6.59 18.74
N LEU B 105 17.88 5.42 18.74
CA LEU B 105 17.46 4.27 19.56
C LEU B 105 18.67 3.62 20.20
N ALA B 106 18.50 3.07 21.41
CA ALA B 106 19.45 2.15 21.98
C ALA B 106 18.93 0.71 21.77
N LEU B 107 19.81 -0.17 21.31
CA LEU B 107 19.46 -1.58 21.08
C LEU B 107 20.26 -2.47 22.03
N ASN B 108 19.59 -3.51 22.52
CA ASN B 108 20.19 -4.56 23.36
C ASN B 108 19.82 -5.88 22.69
N PRO B 109 20.59 -6.26 21.67
CA PRO B 109 20.12 -7.27 20.72
C PRO B 109 19.99 -8.65 21.34
N VAL B 110 19.17 -9.51 20.77
CA VAL B 110 19.17 -10.89 21.17
C VAL B 110 20.58 -11.56 21.00
N ASN B 111 21.56 -10.99 20.31
CA ASN B 111 22.92 -11.23 20.97
C ASN B 111 24.02 -10.27 21.31
N GLY B 112 24.27 -9.21 20.57
CA GLY B 112 25.58 -8.70 20.50
C GLY B 112 25.79 -9.07 19.09
N THR B 113 24.68 -9.31 18.45
CA THR B 113 24.61 -8.81 17.16
C THR B 113 23.21 -8.40 16.84
N ASN B 114 23.11 -7.11 16.58
CA ASN B 114 22.03 -6.60 15.79
C ASN B 114 22.54 -6.82 14.37
N ARG B 115 21.69 -7.31 13.49
CA ARG B 115 22.06 -7.43 12.09
C ARG B 115 21.44 -6.31 11.25
N TRP B 116 22.31 -5.59 10.56
CA TRP B 116 21.92 -4.43 9.73
C TRP B 116 22.55 -4.63 8.33
N ALA B 117 22.04 -5.61 7.59
CA ALA B 117 22.65 -6.04 6.35
C ALA B 117 22.10 -5.26 5.15
N VAL B 118 22.54 -4.01 5.03
CA VAL B 118 21.97 -3.06 4.09
C VAL B 118 22.91 -2.75 2.93
N SER B 119 22.35 -2.17 1.88
CA SER B 119 23.14 -1.60 0.83
C SER B 119 22.96 -0.07 0.87
N GLN B 120 22.87 0.60 -0.28
CA GLN B 120 22.87 2.07 -0.31
C GLN B 120 21.61 2.70 0.23
N ALA B 121 21.74 3.95 0.69
CA ALA B 121 20.59 4.75 1.16
C ALA B 121 19.89 4.06 2.31
N ALA B 122 20.68 3.54 3.23
CA ALA B 122 20.17 2.92 4.45
C ALA B 122 20.86 3.41 5.73
N PRO B 123 20.71 4.70 6.06
CA PRO B 123 21.47 5.33 7.12
C PRO B 123 21.17 4.77 8.51
N PHE B 124 22.21 4.74 9.33
CA PHE B 124 22.16 4.26 10.71
C PHE B 124 22.75 5.42 11.50
N ARG B 125 21.90 6.20 12.17
CA ARG B 125 22.33 7.45 12.81
C ARG B 125 21.91 7.56 14.28
N ARG B 126 22.79 8.15 15.10
CA ARG B 126 22.42 8.44 16.49
C ARG B 126 21.89 7.19 17.20
N MET B 127 22.57 6.07 16.97
CA MET B 127 22.20 4.78 17.56
C MET B 127 23.20 4.37 18.65
N HIS B 128 22.68 3.66 19.65
CA HIS B 128 23.55 3.07 20.65
C HIS B 128 23.28 1.55 20.63
N VAL B 129 24.27 0.77 20.20
CA VAL B 129 24.13 -0.67 20.14
C VAL B 129 24.94 -1.28 21.29
N LYS B 130 24.21 -1.85 22.23
CA LYS B 130 24.83 -2.51 23.39
C LYS B 130 25.22 -3.97 23.05
N GLY B 131 26.04 -4.07 22.00
CA GLY B 131 26.56 -5.34 21.51
C GLY B 131 27.37 -5.11 20.24
N GLY B 132 27.45 -6.16 19.42
CA GLY B 132 28.13 -6.08 18.15
C GLY B 132 27.11 -5.67 17.11
N LEU B 133 27.61 -5.27 15.95
CA LEU B 133 26.74 -4.87 14.85
C LEU B 133 27.22 -5.66 13.66
N ASN B 134 26.33 -6.44 13.07
CA ASN B 134 26.68 -7.35 11.97
C ASN B 134 26.09 -6.76 10.73
N LEU B 135 26.94 -6.42 9.76
CA LEU B 135 26.49 -5.71 8.56
C LEU B 135 26.20 -6.66 7.40
N ALA B 136 26.22 -7.95 7.72
CA ALA B 136 26.31 -9.02 6.74
C ALA B 136 25.04 -9.83 6.63
N PRO B 137 24.59 -10.03 5.40
CA PRO B 137 23.75 -11.23 5.27
C PRO B 137 24.54 -12.47 5.70
N ASP B 138 23.80 -13.50 6.04
CA ASP B 138 24.35 -14.69 6.63
C ASP B 138 24.98 -15.65 5.60
N GLY B 139 26.07 -15.23 4.94
CA GLY B 139 26.90 -16.18 4.17
C GLY B 139 28.08 -15.60 3.42
N TYR B 140 28.60 -14.46 3.89
CA TYR B 140 29.87 -13.94 3.37
C TYR B 140 29.75 -13.65 1.86
N GLY B 141 28.55 -13.20 1.52
CA GLY B 141 28.16 -12.95 0.14
C GLY B 141 27.90 -11.47 -0.23
N TRP B 142 26.81 -11.11 -0.92
CA TRP B 142 26.88 -9.84 -1.65
C TRP B 142 26.26 -8.75 -0.77
N ALA B 143 26.98 -7.64 -0.59
CA ALA B 143 26.44 -6.52 0.18
C ALA B 143 27.23 -5.26 -0.17
N SER B 144 26.52 -4.15 -0.36
CA SER B 144 27.12 -2.91 -0.91
C SER B 144 26.65 -1.63 -0.17
N GLY B 145 26.84 -1.63 1.16
CA GLY B 145 26.62 -0.43 1.99
C GLY B 145 27.73 0.60 1.90
N GLY B 146 27.75 1.56 2.81
CA GLY B 146 26.83 1.72 3.91
C GLY B 146 27.29 2.92 4.71
N TYR B 147 26.52 3.30 5.73
CA TYR B 147 26.69 4.59 6.39
C TYR B 147 26.26 4.51 7.85
N ILE B 148 27.21 4.77 8.75
CA ILE B 148 26.93 4.95 10.17
C ILE B 148 27.47 6.33 10.58
N ALA B 149 26.65 7.10 11.27
CA ALA B 149 27.14 8.35 11.84
C ALA B 149 26.59 8.53 13.24
N ASP B 150 27.38 9.18 14.06
CA ASP B 150 26.93 9.63 15.35
C ASP B 150 26.42 8.50 16.25
N SER B 151 27.10 7.37 16.20
CA SER B 151 26.62 6.18 16.90
C SER B 151 27.69 5.58 17.80
N LYS B 152 27.24 4.84 18.81
CA LYS B 152 28.14 4.06 19.66
C LYS B 152 27.75 2.57 19.57
N ILE B 153 28.67 1.77 19.06
CA ILE B 153 28.53 0.30 19.13
C ILE B 153 29.45 -0.10 20.28
N ASP B 154 28.87 -0.58 21.38
CA ASP B 154 29.73 -0.92 22.54
C ASP B 154 30.67 -2.07 22.16
N GLY B 155 30.17 -2.97 21.32
CA GLY B 155 30.91 -4.10 20.85
C GLY B 155 31.51 -3.92 19.46
N GLU B 156 31.80 -5.05 18.83
CA GLU B 156 32.42 -5.04 17.53
C GLU B 156 31.45 -4.84 16.37
N VAL B 157 31.91 -4.11 15.36
CA VAL B 157 31.21 -4.05 14.09
C VAL B 157 31.88 -5.00 13.12
N GLY B 158 31.09 -5.92 12.56
CA GLY B 158 31.56 -6.92 11.60
C GLY B 158 30.95 -6.74 10.21
N PRO B 159 31.74 -6.20 9.25
CA PRO B 159 31.24 -6.05 7.88
C PRO B 159 31.09 -7.37 7.14
N TYR B 160 31.96 -8.35 7.45
CA TYR B 160 32.07 -9.57 6.67
C TYR B 160 32.13 -9.28 5.17
N SER B 161 31.05 -9.62 4.46
CA SER B 161 31.04 -9.52 3.00
C SER B 161 30.85 -8.14 2.37
N GLN B 162 30.23 -7.20 3.08
CA GLN B 162 30.15 -5.78 2.67
C GLN B 162 31.39 -5.30 1.94
N GLN B 163 31.23 -4.77 0.71
CA GLN B 163 32.37 -4.33 -0.07
C GLN B 163 33.08 -3.10 0.49
N GLN B 164 32.28 -2.14 0.98
CA GLN B 164 32.83 -0.84 1.36
C GLN B 164 31.90 -0.27 2.43
N TRP B 165 32.37 0.72 3.17
CA TRP B 165 31.58 1.28 4.27
C TRP B 165 32.16 2.61 4.69
N TYR B 166 31.29 3.51 5.15
CA TYR B 166 31.72 4.79 5.74
C TYR B 166 31.11 4.96 7.14
N THR B 167 31.98 5.29 8.10
CA THR B 167 31.58 5.55 9.47
C THR B 167 32.16 6.90 9.85
N ARG B 168 31.34 7.81 10.38
CA ARG B 168 31.92 9.04 10.95
C ARG B 168 31.40 9.36 12.34
N ASP B 169 32.25 10.07 13.08
CA ASP B 169 31.90 10.72 14.36
C ASP B 169 31.10 9.76 15.28
N SER B 170 31.76 8.66 15.59
CA SER B 170 31.17 7.53 16.29
C SER B 170 32.19 6.90 17.24
N SER B 171 31.73 5.87 17.98
CA SER B 171 32.60 5.07 18.83
C SER B 171 32.29 3.59 18.56
N VAL B 172 33.32 2.76 18.37
CA VAL B 172 33.14 1.32 18.10
C VAL B 172 34.08 0.45 18.97
N GLY B 173 33.59 -0.73 19.35
CA GLY B 173 34.29 -1.61 20.28
C GLY B 173 35.21 -2.62 19.63
N GLY B 174 35.28 -2.56 18.31
CA GLY B 174 36.08 -3.48 17.53
C GLY B 174 35.67 -3.24 16.08
N TRP B 175 36.46 -3.77 15.15
CA TRP B 175 36.17 -3.72 13.71
C TRP B 175 36.75 -4.95 13.00
N GLY B 176 35.89 -5.84 12.52
CA GLY B 176 36.29 -7.20 12.16
C GLY B 176 37.10 -7.40 10.88
N ASN B 177 36.79 -6.61 9.86
CA ASN B 177 37.42 -6.76 8.56
C ASN B 177 37.10 -5.56 7.68
N GLY B 178 37.95 -5.35 6.68
CA GLY B 178 37.69 -4.36 5.65
C GLY B 178 37.93 -5.09 4.36
N VAL B 179 37.18 -4.75 3.33
CA VAL B 179 37.02 -5.58 2.14
C VAL B 179 37.65 -4.91 0.93
N TRP B 180 36.97 -3.92 0.33
CA TRP B 180 37.58 -3.04 -0.66
C TRP B 180 37.89 -1.63 -0.11
N ASN B 181 36.99 -1.03 0.66
CA ASN B 181 37.17 0.36 1.09
C ASN B 181 36.35 0.64 2.34
N MET B 182 36.98 0.49 3.51
CA MET B 182 36.34 0.88 4.75
C MET B 182 36.99 2.19 5.19
N THR B 183 36.20 3.27 5.20
CA THR B 183 36.68 4.60 5.58
C THR B 183 36.03 5.06 6.90
N PHE B 184 36.84 5.75 7.70
CA PHE B 184 36.44 6.22 9.03
C PHE B 184 36.91 7.66 9.14
N SER B 185 36.05 8.54 9.66
CA SER B 185 36.52 9.87 10.09
C SER B 185 35.88 10.20 11.43
N GLY B 186 36.71 10.60 12.40
CA GLY B 186 36.23 10.91 13.73
C GLY B 186 35.68 9.72 14.51
N VAL B 187 36.22 8.52 14.25
CA VAL B 187 35.72 7.32 14.86
C VAL B 187 36.65 6.79 15.96
N GLU B 188 36.22 7.00 17.18
CA GLU B 188 36.86 6.38 18.33
C GLU B 188 36.84 4.87 18.18
N GLY B 189 38.02 4.27 18.21
CA GLY B 189 38.12 2.83 18.12
C GLY B 189 38.25 2.32 16.70
N ALA B 190 38.36 3.22 15.73
CA ALA B 190 38.56 2.81 14.34
C ALA B 190 39.91 2.11 14.17
N PRO B 191 39.98 1.14 13.25
CA PRO B 191 41.28 0.53 12.98
C PRO B 191 42.27 1.59 12.44
N ALA B 192 43.54 1.37 12.70
CA ALA B 192 44.59 2.23 12.18
C ALA B 192 44.63 2.23 10.66
N GLN B 193 44.96 3.41 10.13
CA GLN B 193 45.21 3.61 8.71
C GLN B 193 46.20 2.55 8.24
N SER B 194 45.79 1.78 7.22
CA SER B 194 46.58 0.64 6.73
C SER B 194 46.55 0.40 5.21
N PHE B 195 45.55 0.97 4.54
CA PHE B 195 45.36 0.87 3.08
C PHE B 195 46.71 0.78 2.37
N PRO B 196 46.82 -0.13 1.39
CA PRO B 196 45.80 -0.93 0.70
C PRO B 196 45.57 -2.37 1.17
N GLU B 197 45.99 -2.73 2.37
CA GLU B 197 45.58 -4.01 2.91
C GLU B 197 45.95 -4.00 4.39
N PRO B 198 44.96 -4.22 5.29
CA PRO B 198 43.55 -4.15 4.90
C PRO B 198 43.23 -2.72 4.38
N PRO B 199 42.17 -2.57 3.58
CA PRO B 199 41.91 -1.24 3.01
C PRO B 199 41.10 -0.33 3.94
N TYR B 200 41.78 0.08 5.01
CA TYR B 200 41.26 1.02 5.98
C TYR B 200 41.85 2.39 5.66
N THR B 201 40.95 3.36 5.55
CA THR B 201 41.27 4.76 5.41
C THR B 201 40.72 5.43 6.66
N THR B 202 41.62 5.94 7.49
CA THR B 202 41.24 6.43 8.81
C THR B 202 41.73 7.84 9.07
N LEU B 203 40.76 8.74 9.27
CA LEU B 203 41.04 10.13 9.58
C LEU B 203 40.65 10.41 11.02
N GLU B 204 41.50 11.11 11.75
CA GLU B 204 41.31 11.30 13.16
C GLU B 204 40.02 12.09 13.43
N THR B 205 39.71 13.06 12.58
CA THR B 205 38.49 13.85 12.73
C THR B 205 37.78 14.09 11.39
N THR B 206 36.51 14.49 11.48
CA THR B 206 35.80 15.03 10.34
C THR B 206 35.99 16.54 10.34
N PRO B 207 36.38 17.14 9.19
CA PRO B 207 36.66 18.58 9.19
C PRO B 207 35.51 19.40 9.76
N VAL B 208 34.33 19.09 9.26
CA VAL B 208 33.09 19.72 9.76
C VAL B 208 31.99 18.69 9.63
N SER B 209 31.12 18.62 10.64
CA SER B 209 29.87 17.89 10.53
C SER B 209 28.79 18.55 11.35
N ARG B 210 27.55 18.26 10.98
CA ARG B 210 26.40 18.72 11.72
C ARG B 210 25.35 17.60 11.66
N GLU B 211 24.95 17.07 12.80
CA GLU B 211 24.03 15.91 12.80
C GLU B 211 22.62 16.23 12.28
N LYS B 212 21.98 15.24 11.65
CA LYS B 212 20.68 15.49 10.99
C LYS B 212 19.67 15.89 12.05
N PRO B 213 18.84 16.88 11.77
CA PRO B 213 17.69 17.18 12.65
C PRO B 213 16.77 15.97 12.78
N PHE B 214 16.13 15.87 13.93
CA PHE B 214 15.18 14.80 14.18
C PHE B 214 14.01 15.22 15.09
N LEU B 215 12.89 14.54 14.88
CA LEU B 215 11.67 14.72 15.67
C LEU B 215 11.90 14.13 17.06
N TYR B 216 11.41 14.83 18.08
CA TYR B 216 11.61 14.41 19.45
C TYR B 216 10.38 14.85 20.26
N LEU B 217 10.22 14.31 21.49
CA LEU B 217 9.19 14.76 22.46
C LEU B 217 9.77 15.57 23.63
N ASP B 218 9.31 16.83 23.71
CA ASP B 218 9.36 17.59 24.93
C ASP B 218 7.97 17.39 25.61
N GLY B 219 7.98 16.65 26.70
CA GLY B 219 6.74 16.28 27.37
C GLY B 219 5.86 15.54 26.36
N ASP B 220 4.59 15.96 26.25
CA ASP B 220 3.67 15.57 25.17
C ASP B 220 3.81 16.27 23.80
N ASP B 221 4.79 17.16 23.62
CA ASP B 221 4.80 17.98 22.40
C ASP B 221 6.02 17.73 21.50
N TYR B 222 5.72 17.39 20.26
CA TYR B 222 6.70 17.29 19.17
C TYR B 222 7.56 18.55 18.99
N LYS B 223 8.88 18.40 19.13
CA LYS B 223 9.84 19.38 18.60
C LYS B 223 10.97 18.77 17.73
N VAL B 224 11.32 19.43 16.65
CA VAL B 224 12.47 19.02 15.85
C VAL B 224 13.72 19.61 16.48
N PHE B 225 14.66 18.75 16.89
CA PHE B 225 15.96 19.21 17.40
C PHE B 225 16.85 19.41 16.19
N VAL B 226 17.60 20.51 16.21
CA VAL B 226 18.49 20.90 15.15
C VAL B 226 19.88 20.95 15.76
N PRO B 227 20.61 19.85 15.64
CA PRO B 227 21.95 19.79 16.23
C PRO B 227 22.87 20.92 15.75
N ALA B 228 23.75 21.35 16.64
CA ALA B 228 24.71 22.41 16.35
C ALA B 228 25.89 21.83 15.56
N LYS B 229 26.38 22.61 14.60
CA LYS B 229 27.69 22.41 13.95
C LYS B 229 28.89 21.93 14.82
N ARG B 230 29.68 20.93 14.33
CA ARG B 230 30.93 20.46 14.98
C ARG B 230 32.18 20.47 14.07
N THR B 231 33.13 21.33 14.43
CA THR B 231 34.45 21.39 13.81
C THR B 231 35.44 20.36 14.41
N ASN B 232 36.13 19.62 13.54
CA ASN B 232 37.08 18.60 13.97
C ASN B 232 36.40 17.58 14.88
N ALA B 233 35.29 17.07 14.39
CA ALA B 233 34.48 16.13 15.13
C ALA B 233 35.19 14.80 15.31
N ARG B 234 34.99 14.23 16.49
CA ARG B 234 35.41 12.89 16.80
C ARG B 234 34.48 12.43 17.88
N GLY B 235 34.00 11.18 17.74
CA GLY B 235 33.09 10.60 18.67
C GLY B 235 31.67 11.11 18.52
N THR B 236 30.79 10.63 19.38
CA THR B 236 29.39 11.00 19.29
C THR B 236 29.15 12.41 19.83
N SER B 237 28.07 13.03 19.34
CA SER B 237 27.64 14.36 19.75
C SER B 237 26.95 14.37 21.10
N TRP B 238 26.43 13.21 21.50
CA TRP B 238 25.52 13.04 22.63
C TRP B 238 26.10 12.16 23.73
N GLY B 239 27.18 11.45 23.46
CA GLY B 239 27.56 10.37 24.35
C GLY B 239 27.85 10.78 25.79
N ASN B 240 27.86 12.09 26.00
CA ASN B 240 28.23 12.73 27.23
C ASN B 240 26.97 13.43 27.77
N GLY B 241 25.85 13.45 26.99
CA GLY B 241 24.65 14.22 27.31
C GLY B 241 23.79 14.74 26.13
N THR B 242 23.47 16.04 26.17
CA THR B 242 22.64 16.68 25.14
C THR B 242 23.39 17.73 24.41
N PRO B 243 23.09 17.83 23.11
CA PRO B 243 23.82 18.81 22.34
C PRO B 243 23.14 20.11 22.22
N GLU B 244 24.06 20.99 21.92
CA GLU B 244 23.85 22.35 21.57
C GLU B 244 23.06 22.16 20.34
N GLY B 245 21.97 22.90 20.25
CA GLY B 245 21.14 22.88 19.07
C GLY B 245 19.90 23.70 19.34
N GLU B 246 19.30 24.17 18.25
CA GLU B 246 18.07 24.94 18.37
C GLU B 246 16.91 23.96 18.26
N SER B 247 15.78 24.41 18.72
CA SER B 247 14.77 23.49 19.11
C SER B 247 13.53 24.13 18.57
N LEU B 248 12.90 23.49 17.58
CA LEU B 248 11.80 24.09 16.85
C LEU B 248 10.47 23.34 17.13
N PRO B 249 9.49 24.04 17.76
CA PRO B 249 8.23 23.37 18.02
C PRO B 249 7.57 22.86 16.74
N LEU B 250 6.92 21.72 16.83
CA LEU B 250 6.24 21.15 15.68
C LEU B 250 5.33 22.16 14.98
N ASP B 251 4.65 23.03 15.70
CA ASP B 251 3.65 23.87 15.01
C ASP B 251 4.34 24.98 14.17
N GLN B 252 5.67 25.06 14.23
CA GLN B 252 6.44 25.92 13.32
C GLN B 252 6.90 25.23 12.03
N PHE B 253 6.28 24.07 11.72
CA PHE B 253 6.44 23.35 10.45
C PHE B 253 5.12 23.25 9.68
N TYR B 254 5.15 23.47 8.37
CA TYR B 254 4.07 22.99 7.52
C TYR B 254 4.25 21.47 7.42
N VAL B 255 3.20 20.75 7.83
CA VAL B 255 3.22 19.30 7.95
C VAL B 255 2.62 18.85 6.63
N VAL B 256 3.51 18.61 5.69
CA VAL B 256 3.11 18.39 4.30
C VAL B 256 2.56 16.97 4.14
N LYS B 257 1.42 16.84 3.48
CA LYS B 257 0.95 15.53 2.98
C LYS B 257 0.81 15.56 1.47
N PRO B 258 0.99 14.38 0.82
CA PRO B 258 0.68 14.23 -0.62
C PRO B 258 -0.71 14.82 -0.97
N GLY B 259 -0.78 15.55 -2.08
CA GLY B 259 -1.93 16.38 -2.38
C GLY B 259 -1.57 17.85 -2.22
N ALA B 260 -0.65 18.13 -1.30
CA ALA B 260 -0.01 19.46 -1.23
C ALA B 260 0.63 19.82 -2.55
N THR B 261 0.76 21.12 -2.82
CA THR B 261 1.36 21.57 -4.06
C THR B 261 2.60 22.40 -3.72
N ALA B 262 3.46 22.62 -4.71
CA ALA B 262 4.61 23.49 -4.49
C ALA B 262 4.22 24.93 -4.19
N GLU B 263 3.12 25.40 -4.79
CA GLU B 263 2.58 26.75 -4.49
C GLU B 263 2.48 26.91 -2.97
N THR B 264 1.78 25.93 -2.38
CA THR B 264 1.53 25.95 -0.94
C THR B 264 2.79 25.65 -0.10
N ILE B 265 3.59 24.71 -0.56
CA ILE B 265 4.86 24.43 0.11
C ILE B 265 5.77 25.67 0.08
N ASN B 266 5.87 26.31 -1.09
CA ASN B 266 6.69 27.53 -1.21
C ASN B 266 6.15 28.73 -0.43
N ALA B 267 4.84 28.90 -0.41
CA ALA B 267 4.27 29.99 0.39
C ALA B 267 4.58 29.75 1.84
N ALA B 268 4.49 28.50 2.26
CA ALA B 268 4.87 28.12 3.63
C ALA B 268 6.27 28.62 3.96
N VAL B 269 7.27 28.24 3.16
CA VAL B 269 8.62 28.68 3.46
C VAL B 269 8.71 30.22 3.41
N ASP B 270 8.06 30.83 2.43
CA ASP B 270 8.19 32.27 2.27
C ASP B 270 7.52 33.03 3.44
N GLN B 271 6.55 32.37 4.10
CA GLN B 271 5.86 32.95 5.25
C GLN B 271 6.64 32.68 6.58
N GLY B 272 7.63 31.78 6.52
CA GLY B 272 8.46 31.47 7.68
C GLY B 272 8.21 30.15 8.37
N LEU B 273 7.56 29.22 7.70
CA LEU B 273 7.42 27.88 8.24
C LEU B 273 8.56 26.99 7.73
N HIS B 274 8.98 26.05 8.55
CA HIS B 274 9.85 24.96 8.12
C HIS B 274 8.95 23.90 7.45
N LEU B 275 9.57 22.85 6.90
CA LEU B 275 8.85 21.80 6.22
C LEU B 275 9.10 20.44 6.85
N LEU B 276 8.02 19.71 7.08
CA LEU B 276 8.07 18.34 7.57
C LEU B 276 7.28 17.51 6.56
N PHE B 277 8.00 16.72 5.78
CA PHE B 277 7.37 15.84 4.80
C PHE B 277 7.01 14.50 5.43
N THR B 278 5.71 14.29 5.62
CA THR B 278 5.19 13.02 6.09
C THR B 278 5.41 11.94 5.02
N PRO B 279 5.40 10.67 5.43
CA PRO B 279 5.79 9.62 4.46
C PRO B 279 4.80 9.41 3.34
N GLY B 280 5.28 9.66 2.14
CA GLY B 280 4.45 9.58 0.96
C GLY B 280 5.19 10.04 -0.27
N VAL B 281 4.41 10.20 -1.34
CA VAL B 281 4.95 10.56 -2.65
C VAL B 281 4.26 11.82 -3.12
N TYR B 282 5.04 12.87 -3.35
CA TYR B 282 4.53 14.19 -3.70
C TYR B 282 4.96 14.54 -5.13
N HIS B 283 4.00 14.47 -6.05
CA HIS B 283 4.24 14.96 -7.41
C HIS B 283 4.08 16.47 -7.43
N VAL B 284 5.06 17.20 -7.98
CA VAL B 284 5.05 18.66 -8.05
C VAL B 284 5.19 19.17 -9.50
N ASP B 285 4.54 20.32 -9.78
CA ASP B 285 4.55 20.90 -11.13
C ASP B 285 5.39 22.17 -11.29
N GLN B 286 5.95 22.67 -10.20
CA GLN B 286 7.02 23.69 -10.22
C GLN B 286 8.04 23.29 -9.18
N PRO B 287 9.21 23.94 -9.18
CA PRO B 287 10.16 23.62 -8.10
C PRO B 287 9.72 24.09 -6.72
N ILE B 288 10.08 23.33 -5.72
CA ILE B 288 10.11 23.76 -4.34
C ILE B 288 11.30 24.74 -4.21
N GLU B 289 11.00 25.96 -3.77
CA GLU B 289 11.94 27.08 -3.68
C GLU B 289 12.12 27.32 -2.19
N ILE B 290 13.32 27.06 -1.69
CA ILE B 290 13.64 27.37 -0.30
C ILE B 290 14.65 28.52 -0.28
N ASP B 291 14.15 29.72 0.00
CA ASP B 291 14.97 30.91 0.00
C ASP B 291 14.91 31.74 1.30
N ARG B 292 14.85 31.04 2.42
CA ARG B 292 14.90 31.66 3.75
C ARG B 292 15.99 30.97 4.52
N ALA B 293 16.91 31.75 5.10
CA ALA B 293 17.97 31.19 5.91
C ALA B 293 17.48 30.26 7.04
N ASN B 294 18.27 29.27 7.38
CA ASN B 294 17.99 28.40 8.55
C ASN B 294 16.72 27.51 8.43
N THR B 295 16.14 27.43 7.23
CA THR B 295 14.96 26.55 6.99
C THR B 295 15.35 25.08 7.06
N VAL B 296 14.63 24.34 7.91
CA VAL B 296 14.70 22.90 7.93
C VAL B 296 13.65 22.30 7.00
N ALA B 297 14.09 21.38 6.13
CA ALA B 297 13.16 20.60 5.29
C ALA B 297 13.47 19.15 5.58
N LEU B 298 12.63 18.55 6.41
CA LEU B 298 12.91 17.22 6.97
C LEU B 298 11.85 16.21 6.55
N GLY B 299 12.27 15.17 5.84
CA GLY B 299 11.36 14.09 5.49
C GLY B 299 11.35 12.92 6.45
N LEU B 300 10.21 12.24 6.51
CA LEU B 300 10.04 11.04 7.30
C LEU B 300 9.71 9.87 6.39
N GLY B 301 10.14 8.68 6.78
CA GLY B 301 9.76 7.47 6.06
C GLY B 301 10.01 7.53 4.57
N LEU B 302 11.15 8.11 4.18
CA LEU B 302 11.57 8.13 2.79
C LEU B 302 10.55 8.87 1.90
N ALA B 303 9.97 9.92 2.46
CA ALA B 303 9.15 10.84 1.70
C ALA B 303 9.86 11.19 0.41
N THR B 304 9.09 11.16 -0.66
CA THR B 304 9.60 11.26 -2.02
C THR B 304 8.96 12.39 -2.78
N ILE B 305 9.79 13.11 -3.53
CA ILE B 305 9.35 14.20 -4.39
C ILE B 305 9.61 13.83 -5.84
N ILE B 306 8.57 13.92 -6.67
CA ILE B 306 8.70 13.70 -8.11
C ILE B 306 8.34 14.98 -8.89
N PRO B 307 9.31 15.55 -9.63
CA PRO B 307 9.04 16.73 -10.46
C PRO B 307 8.43 16.33 -11.80
N ASP B 308 7.13 16.65 -11.94
CA ASP B 308 6.42 16.46 -13.20
C ASP B 308 6.88 17.52 -14.21
N ASN B 309 6.49 17.34 -15.47
CA ASN B 309 6.62 18.37 -16.50
C ASN B 309 8.05 18.86 -16.72
N GLY B 310 9.02 18.08 -16.26
CA GLY B 310 10.42 18.32 -16.56
C GLY B 310 11.04 19.39 -15.69
N VAL B 311 10.39 19.72 -14.55
CA VAL B 311 10.93 20.74 -13.67
C VAL B 311 12.00 20.24 -12.69
N THR B 312 12.73 21.18 -12.12
CA THR B 312 13.63 20.86 -11.01
C THR B 312 12.77 20.66 -9.78
N ALA B 313 13.10 19.65 -8.99
CA ALA B 313 12.30 19.28 -7.82
C ALA B 313 12.53 20.24 -6.65
N LEU B 314 13.77 20.66 -6.47
CA LEU B 314 14.11 21.58 -5.39
C LEU B 314 15.22 22.48 -5.76
N LYS B 315 14.98 23.77 -5.46
CA LYS B 315 15.98 24.80 -5.60
C LYS B 315 16.15 25.52 -4.24
N VAL B 316 17.38 25.51 -3.73
CA VAL B 316 17.71 26.26 -2.51
C VAL B 316 18.42 27.56 -2.91
N GLY B 317 18.06 28.67 -2.27
CA GLY B 317 18.68 29.95 -2.60
C GLY B 317 20.02 30.12 -1.91
N ASP B 318 20.59 31.31 -2.07
CA ASP B 318 21.94 31.60 -1.56
C ASP B 318 21.86 32.18 -0.15
N VAL B 319 21.35 31.33 0.72
CA VAL B 319 21.17 31.61 2.14
C VAL B 319 22.00 30.68 3.01
N ASP B 320 22.20 31.10 4.26
CA ASP B 320 22.89 30.33 5.28
C ASP B 320 21.93 29.28 5.85
N GLY B 321 22.48 28.16 6.34
CA GLY B 321 21.79 27.37 7.33
C GLY B 321 20.65 26.45 6.93
N VAL B 322 20.41 26.27 5.64
CA VAL B 322 19.29 25.41 5.23
C VAL B 322 19.71 23.96 5.48
N LYS B 323 18.76 23.16 5.99
CA LYS B 323 19.03 21.78 6.36
C LYS B 323 18.00 20.89 5.67
N VAL B 324 18.40 20.30 4.56
CA VAL B 324 17.54 19.40 3.82
C VAL B 324 17.92 18.00 4.25
N ALA B 325 16.94 17.19 4.61
CA ALA B 325 17.24 15.89 5.19
C ALA B 325 16.18 14.84 4.96
N GLY B 326 16.62 13.65 4.55
CA GLY B 326 15.76 12.46 4.57
C GLY B 326 14.70 12.35 3.48
N LEU B 327 15.04 12.84 2.29
CA LEU B 327 14.14 12.87 1.13
C LEU B 327 14.73 12.10 -0.05
N LEU B 328 13.84 11.43 -0.79
CA LEU B 328 14.17 10.83 -2.08
C LEU B 328 13.58 11.69 -3.18
N VAL B 329 14.36 12.00 -4.20
CA VAL B 329 13.92 12.74 -5.37
C VAL B 329 13.97 11.73 -6.52
N ASP B 330 12.80 11.51 -7.11
CA ASP B 330 12.61 10.44 -8.08
C ASP B 330 12.24 11.08 -9.42
N ALA B 331 13.10 10.95 -10.44
CA ALA B 331 12.83 11.60 -11.72
C ALA B 331 11.52 11.11 -12.33
N GLY B 332 10.79 12.04 -12.95
CA GLY B 332 9.65 11.70 -13.78
C GLY B 332 10.09 11.36 -15.22
N PRO B 333 9.15 10.87 -16.02
CA PRO B 333 9.35 10.54 -17.45
C PRO B 333 9.81 11.69 -18.32
N VAL B 334 9.34 12.91 -18.04
CA VAL B 334 9.84 14.08 -18.76
C VAL B 334 11.20 14.47 -18.20
N ASN B 335 12.19 14.62 -19.08
CA ASN B 335 13.53 14.96 -18.63
C ASN B 335 13.56 16.25 -17.88
N SER B 336 14.18 16.20 -16.69
CA SER B 336 14.43 17.36 -15.90
C SER B 336 15.88 17.73 -16.05
N GLU B 337 16.12 18.98 -16.41
CA GLU B 337 17.47 19.46 -16.64
C GLU B 337 18.35 19.35 -15.40
N THR B 338 17.78 19.72 -14.25
CA THR B 338 18.37 19.48 -12.94
C THR B 338 17.29 18.91 -12.02
N LEU B 339 17.67 18.06 -11.06
CA LEU B 339 16.73 17.61 -10.03
C LEU B 339 16.81 18.41 -8.71
N VAL B 340 18.02 18.72 -8.27
CA VAL B 340 18.26 19.50 -7.05
C VAL B 340 19.31 20.55 -7.38
N GLU B 341 19.07 21.81 -6.98
CA GLU B 341 20.04 22.87 -7.13
C GLU B 341 20.25 23.49 -5.74
N VAL B 342 21.51 23.60 -5.30
CA VAL B 342 21.85 24.30 -4.06
C VAL B 342 22.61 25.57 -4.41
N GLY B 343 21.93 26.70 -4.24
CA GLY B 343 22.41 28.00 -4.66
C GLY B 343 22.16 28.24 -6.15
N SER B 344 22.12 29.49 -6.58
CA SER B 344 21.86 29.80 -8.00
C SER B 344 23.18 29.65 -8.80
N ASP B 345 23.16 29.56 -10.15
CA ASP B 345 24.48 29.53 -10.81
C ASP B 345 25.10 30.91 -10.80
N GLY B 346 26.36 30.99 -10.38
CA GLY B 346 27.05 32.27 -10.28
C GLY B 346 27.33 32.72 -8.85
N ALA B 347 26.27 32.96 -8.05
CA ALA B 347 26.34 32.78 -6.58
C ALA B 347 27.77 32.68 -5.95
N SER B 348 28.29 33.78 -5.38
CA SER B 348 29.68 33.76 -4.87
C SER B 348 29.95 34.14 -3.37
N GLY B 349 29.00 33.85 -2.48
CA GLY B 349 29.15 34.16 -1.04
C GLY B 349 29.67 33.11 -0.02
N ASP B 350 30.13 33.62 1.14
CA ASP B 350 30.63 32.83 2.30
C ASP B 350 29.42 32.32 3.06
N HIS B 351 29.35 30.99 3.28
CA HIS B 351 28.38 30.47 4.27
C HIS B 351 29.10 29.64 5.32
N ALA B 352 30.30 30.06 5.70
CA ALA B 352 31.17 29.21 6.50
C ALA B 352 30.66 28.79 7.89
N ALA B 353 30.29 29.77 8.74
CA ALA B 353 29.94 29.44 10.12
C ALA B 353 28.70 28.53 10.15
N ASN B 354 27.77 28.83 9.23
CA ASN B 354 26.41 28.30 9.23
C ASN B 354 26.07 27.84 7.80
N PRO B 355 26.64 26.69 7.38
CA PRO B 355 26.38 26.35 5.98
C PRO B 355 25.00 25.80 5.74
N THR B 356 24.75 25.50 4.48
CA THR B 356 23.60 24.67 4.08
C THR B 356 24.08 23.22 3.92
N SER B 357 23.23 22.25 4.31
CA SER B 357 23.58 20.85 4.16
C SER B 357 22.47 20.03 3.50
N LEU B 358 22.91 18.99 2.78
CA LEU B 358 22.07 17.92 2.27
C LEU B 358 22.43 16.66 3.05
N GLN B 359 21.45 16.03 3.70
CA GLN B 359 21.70 14.82 4.49
C GLN B 359 20.66 13.75 4.22
N ASP B 360 21.13 12.55 3.90
CA ASP B 360 20.19 11.49 3.55
C ASP B 360 19.23 12.01 2.46
N VAL B 361 19.83 12.61 1.45
CA VAL B 361 19.14 13.02 0.24
C VAL B 361 19.55 12.04 -0.87
N PHE B 362 18.55 11.36 -1.41
CA PHE B 362 18.77 10.28 -2.35
C PHE B 362 18.08 10.67 -3.63
N VAL B 363 18.67 10.30 -4.77
CA VAL B 363 18.08 10.56 -6.05
C VAL B 363 18.01 9.26 -6.83
N ARG B 364 16.89 9.07 -7.54
CA ARG B 364 16.70 7.91 -8.40
C ARG B 364 16.28 8.37 -9.78
N ILE B 365 16.91 7.78 -10.81
CA ILE B 365 16.51 8.01 -12.20
C ILE B 365 16.15 6.68 -12.85
N GLY B 366 14.84 6.44 -13.00
CA GLY B 366 14.34 5.17 -13.49
C GLY B 366 14.18 4.10 -12.43
N GLY B 367 13.65 2.94 -12.84
CA GLY B 367 13.54 1.80 -11.95
C GLY B 367 12.12 1.53 -11.48
N ALA B 368 11.35 2.59 -11.31
CA ALA B 368 9.90 2.49 -11.06
C ALA B 368 9.08 2.89 -12.29
N GLY B 369 9.64 2.63 -13.46
CA GLY B 369 9.13 3.26 -14.68
C GLY B 369 10.08 4.34 -15.17
N PRO B 370 9.91 4.78 -16.42
CA PRO B 370 10.93 5.67 -17.00
C PRO B 370 11.15 7.00 -16.25
N GLY B 371 12.41 7.34 -16.10
CA GLY B 371 12.78 8.61 -15.52
C GLY B 371 14.01 9.14 -16.24
N LYS B 372 14.09 10.46 -16.36
CA LYS B 372 15.17 11.11 -17.11
C LYS B 372 15.58 12.41 -16.44
N ALA B 373 16.89 12.67 -16.32
CA ALA B 373 17.37 13.96 -15.85
C ALA B 373 18.76 14.21 -16.39
N THR B 374 19.06 15.44 -16.73
CA THR B 374 20.37 15.72 -17.31
C THR B 374 21.50 15.74 -16.27
N THR B 375 21.33 16.54 -15.24
CA THR B 375 22.18 16.46 -14.08
C THR B 375 21.22 16.08 -12.94
N SER B 376 21.75 15.62 -11.80
CA SER B 376 20.85 15.31 -10.69
C SER B 376 21.01 16.33 -9.56
N ILE B 377 22.23 16.61 -9.14
CA ILE B 377 22.44 17.62 -8.10
C ILE B 377 23.51 18.58 -8.52
N VAL B 378 23.16 19.88 -8.54
CA VAL B 378 24.13 20.93 -8.76
C VAL B 378 24.33 21.68 -7.48
N VAL B 379 25.59 21.76 -7.01
CA VAL B 379 25.91 22.52 -5.82
C VAL B 379 26.71 23.77 -6.17
N ASN B 380 26.02 24.90 -6.08
CA ASN B 380 26.62 26.20 -6.26
C ASN B 380 27.11 26.86 -4.97
N SER B 381 26.33 26.73 -3.90
CA SER B 381 26.66 27.45 -2.65
C SER B 381 28.00 27.03 -2.05
N ASN B 382 28.81 28.02 -1.73
CA ASN B 382 30.07 27.75 -1.09
C ASN B 382 29.81 27.20 0.31
N ASP B 383 30.71 26.35 0.75
CA ASP B 383 30.74 25.80 2.11
C ASP B 383 29.65 24.75 2.44
N THR B 384 28.95 24.32 1.42
CA THR B 384 27.88 23.31 1.56
C THR B 384 28.44 22.00 2.06
N ILE B 385 27.67 21.33 2.93
CA ILE B 385 28.00 19.99 3.43
C ILE B 385 27.03 18.98 2.78
N ILE B 386 27.59 17.98 2.13
CA ILE B 386 26.83 16.87 1.55
C ILE B 386 27.20 15.66 2.42
N ASP B 387 26.32 15.31 3.36
CA ASP B 387 26.59 14.27 4.38
C ASP B 387 25.61 13.10 4.19
N HIS B 388 26.07 12.11 3.42
CA HIS B 388 25.30 10.97 2.95
C HIS B 388 24.33 11.29 1.81
N THR B 389 24.75 10.94 0.61
CA THR B 389 23.86 10.97 -0.54
C THR B 389 24.09 9.73 -1.38
N TRP B 390 22.99 9.25 -1.99
CA TRP B 390 23.05 8.22 -3.04
C TRP B 390 22.31 8.78 -4.24
N VAL B 391 23.04 8.99 -5.32
CA VAL B 391 22.54 9.57 -6.56
C VAL B 391 22.69 8.45 -7.58
N TRP B 392 21.54 7.87 -7.95
CA TRP B 392 21.48 6.56 -8.59
C TRP B 392 20.65 6.54 -9.88
N ARG B 393 21.33 6.33 -10.99
CA ARG B 393 20.65 6.00 -12.23
C ARG B 393 20.39 4.52 -12.16
N ALA B 394 19.13 4.12 -12.28
CA ALA B 394 18.75 2.73 -12.05
C ALA B 394 19.40 1.71 -13.00
N ASP B 395 19.75 0.54 -12.44
CA ASP B 395 20.22 -0.62 -13.24
C ASP B 395 19.16 -1.71 -13.39
N HIS B 396 18.12 -1.67 -12.57
CA HIS B 396 17.11 -2.71 -12.66
C HIS B 396 15.84 -2.06 -12.18
N GLY B 397 14.70 -2.74 -12.39
CA GLY B 397 13.40 -2.14 -12.26
C GLY B 397 12.75 -1.96 -13.63
N GLU B 398 11.76 -1.06 -13.74
CA GLU B 398 11.04 -0.80 -15.00
C GLU B 398 11.56 0.51 -15.51
N GLY B 399 11.57 0.69 -16.83
CA GLY B 399 11.98 1.98 -17.39
C GLY B 399 13.51 2.15 -17.30
N VAL B 400 14.24 1.08 -17.54
CA VAL B 400 15.72 1.12 -17.49
C VAL B 400 16.29 0.72 -18.85
N GLY B 401 17.40 1.37 -19.21
CA GLY B 401 17.92 1.27 -20.58
C GLY B 401 18.84 2.45 -20.89
N TRP B 402 19.84 2.21 -21.74
CA TRP B 402 20.77 3.29 -22.18
C TRP B 402 20.06 4.57 -22.63
N GLU B 403 18.87 4.43 -23.21
CA GLU B 403 18.05 5.59 -23.57
C GLU B 403 16.77 5.69 -22.68
N THR B 404 16.30 4.56 -22.15
CA THR B 404 15.02 4.57 -21.46
C THR B 404 15.11 5.43 -20.18
N ASN B 405 16.23 5.33 -19.46
CA ASN B 405 16.50 6.22 -18.33
C ASN B 405 17.87 6.94 -18.42
N ARG B 406 18.18 7.52 -19.57
CA ARG B 406 19.36 8.37 -19.70
C ARG B 406 19.47 9.38 -18.56
N ALA B 407 20.65 9.41 -17.94
CA ALA B 407 21.01 10.45 -17.00
C ALA B 407 22.49 10.73 -17.18
N ASP B 408 22.82 11.86 -17.77
CA ASP B 408 24.22 12.08 -18.19
C ASP B 408 25.16 12.39 -17.02
N TYR B 409 24.71 13.19 -16.04
CA TYR B 409 25.60 13.68 -14.99
C TYR B 409 24.94 13.54 -13.62
N GLY B 410 25.71 13.11 -12.62
CA GLY B 410 25.17 12.84 -11.31
C GLY B 410 25.18 14.05 -10.40
N VAL B 411 26.37 14.38 -9.93
CA VAL B 411 26.59 15.53 -9.06
C VAL B 411 27.62 16.45 -9.72
N HIS B 412 27.31 17.74 -9.74
CA HIS B 412 28.25 18.75 -10.21
C HIS B 412 28.43 19.77 -9.11
N VAL B 413 29.64 19.79 -8.55
CA VAL B 413 29.97 20.76 -7.49
C VAL B 413 30.73 21.95 -8.07
N LYS B 414 30.11 23.12 -7.98
CA LYS B 414 30.77 24.33 -8.45
C LYS B 414 31.00 25.33 -7.35
N GLY B 415 30.49 25.06 -6.15
CA GLY B 415 30.81 25.88 -4.98
C GLY B 415 32.19 25.60 -4.41
N ASP B 416 32.77 26.62 -3.79
CA ASP B 416 34.03 26.51 -3.08
C ASP B 416 33.87 25.95 -1.67
N ASN B 417 34.86 25.20 -1.28
CA ASN B 417 34.92 24.59 0.04
C ASN B 417 33.75 23.79 0.48
N VAL B 418 33.29 23.03 -0.48
CA VAL B 418 32.21 22.07 -0.29
C VAL B 418 32.83 20.79 0.26
N LEU B 419 32.17 20.20 1.25
CA LEU B 419 32.63 18.94 1.84
C LEU B 419 31.59 17.88 1.57
N ALA B 420 32.03 16.73 1.06
CA ALA B 420 31.16 15.57 0.91
C ALA B 420 31.64 14.46 1.83
N THR B 421 30.75 13.96 2.67
CA THR B 421 31.05 12.83 3.55
C THR B 421 30.06 11.72 3.19
N GLY B 422 30.58 10.60 2.73
CA GLY B 422 29.72 9.49 2.34
C GLY B 422 28.99 9.82 1.05
N LEU B 423 29.76 9.86 -0.04
CA LEU B 423 29.25 10.16 -1.37
C LEU B 423 29.11 8.87 -2.19
N PHE B 424 27.89 8.52 -2.56
CA PHE B 424 27.59 7.32 -3.38
C PHE B 424 26.88 7.79 -4.69
N VAL B 425 27.50 7.58 -5.85
CA VAL B 425 26.96 8.06 -7.12
C VAL B 425 27.24 7.02 -8.19
N GLU B 426 26.19 6.54 -8.84
CA GLU B 426 26.33 5.37 -9.70
C GLU B 426 25.55 5.44 -11.04
N HIS B 427 26.21 4.97 -12.10
CA HIS B 427 25.60 4.47 -13.35
C HIS B 427 25.28 5.56 -14.37
N PHE B 428 25.80 6.75 -14.19
CA PHE B 428 25.50 7.84 -15.13
C PHE B 428 26.10 7.61 -16.53
N ASN B 429 25.44 8.15 -17.56
CA ASN B 429 25.91 7.98 -18.94
C ASN B 429 27.24 8.67 -19.19
N LYS B 430 27.47 9.80 -18.50
CA LYS B 430 28.72 10.53 -18.59
C LYS B 430 29.40 10.62 -17.22
N TYR B 431 29.81 11.81 -16.78
CA TYR B 431 30.55 11.92 -15.54
C TYR B 431 29.61 11.77 -14.36
N ASP B 432 29.86 10.78 -13.50
CA ASP B 432 29.02 10.62 -12.31
C ASP B 432 29.20 11.81 -11.37
N VAL B 433 30.44 12.19 -11.13
CA VAL B 433 30.77 13.35 -10.28
C VAL B 433 31.77 14.20 -11.02
N GLN B 434 31.54 15.49 -10.90
CA GLN B 434 32.21 16.49 -11.67
C GLN B 434 32.37 17.69 -10.74
N TRP B 435 33.61 18.11 -10.53
CA TRP B 435 33.93 19.11 -9.52
C TRP B 435 34.74 20.24 -10.09
N SER B 436 34.20 21.45 -9.95
CA SER B 436 34.80 22.68 -10.50
C SER B 436 35.10 23.73 -9.43
N GLY B 437 34.39 23.63 -8.32
CA GLY B 437 34.67 24.47 -7.16
C GLY B 437 36.09 24.27 -6.67
N GLU B 438 36.58 25.30 -6.01
CA GLU B 438 37.88 25.27 -5.37
C GLU B 438 37.81 24.61 -3.99
N ASN B 439 38.90 23.96 -3.65
CA ASN B 439 39.15 23.53 -2.30
C ASN B 439 38.04 22.60 -1.78
N GLY B 440 37.51 21.77 -2.66
CA GLY B 440 36.62 20.69 -2.27
C GLY B 440 37.31 19.59 -1.47
N LYS B 441 36.54 18.97 -0.56
CA LYS B 441 36.96 17.73 0.11
C LYS B 441 35.88 16.64 0.00
N THR B 442 36.32 15.42 -0.29
CA THR B 442 35.44 14.24 -0.24
C THR B 442 36.07 13.19 0.64
N ILE B 443 35.28 12.73 1.60
CA ILE B 443 35.66 11.64 2.50
C ILE B 443 34.66 10.52 2.25
N PHE B 444 35.17 9.48 1.59
CA PHE B 444 34.46 8.30 1.11
C PHE B 444 33.69 8.53 -0.16
N TYR B 445 34.05 7.78 -1.20
CA TYR B 445 33.28 7.76 -2.45
C TYR B 445 33.09 6.34 -2.90
N GLN B 446 31.85 6.01 -3.26
CA GLN B 446 31.52 4.76 -3.91
C GLN B 446 30.79 5.05 -5.23
N ASN B 447 31.37 4.51 -6.31
CA ASN B 447 30.78 4.59 -7.65
C ASN B 447 30.75 3.23 -8.31
N ALA B 448 29.77 3.05 -9.19
CA ALA B 448 29.80 1.99 -10.20
C ALA B 448 29.44 2.66 -11.53
N LYS B 449 30.18 2.29 -12.56
CA LYS B 449 29.96 2.87 -13.88
C LYS B 449 28.77 2.20 -14.57
N ALA B 450 28.15 2.90 -15.53
CA ALA B 450 27.01 2.35 -16.27
C ALA B 450 27.28 0.95 -16.77
N TYR B 451 26.28 0.05 -16.68
CA TYR B 451 26.47 -1.32 -17.20
C TYR B 451 26.04 -1.56 -18.58
N ASP B 452 25.24 -0.61 -19.06
CA ASP B 452 24.48 -0.81 -20.26
C ASP B 452 25.01 -0.04 -21.51
N ALA B 453 26.23 0.52 -21.44
CA ALA B 453 26.84 1.06 -22.66
C ALA B 453 26.97 -0.02 -23.73
N PRO B 454 26.46 0.24 -24.94
CA PRO B 454 26.38 -0.89 -25.88
C PRO B 454 27.74 -1.15 -26.52
N ASP B 455 28.64 -0.18 -26.44
CA ASP B 455 29.99 -0.33 -26.96
C ASP B 455 30.86 0.82 -26.54
N GLN B 456 32.11 0.76 -27.01
CA GLN B 456 33.11 1.77 -26.72
C GLN B 456 32.71 3.15 -27.24
N ALA B 457 32.23 3.22 -28.50
CA ALA B 457 31.88 4.49 -29.11
C ALA B 457 30.82 5.21 -28.29
N ALA B 458 29.98 4.45 -27.62
CA ALA B 458 28.95 5.11 -26.84
C ALA B 458 29.62 6.07 -25.85
N ILE B 459 30.72 5.62 -25.23
CA ILE B 459 31.37 6.39 -24.17
C ILE B 459 32.68 7.13 -24.56
N GLN B 460 32.92 7.38 -25.85
CA GLN B 460 34.12 8.17 -26.24
C GLN B 460 33.99 9.63 -25.77
N ASN B 461 35.09 10.13 -25.20
CA ASN B 461 35.10 11.39 -24.44
C ASN B 461 36.34 12.19 -24.85
N GLY B 462 36.24 12.88 -25.99
CA GLY B 462 37.33 13.71 -26.43
C GLY B 462 38.41 12.73 -26.83
N ASP B 463 39.58 12.76 -26.18
CA ASP B 463 40.51 11.65 -26.41
C ASP B 463 40.63 10.72 -25.18
N ILE B 464 39.50 10.48 -24.51
CA ILE B 464 39.48 9.62 -23.32
C ILE B 464 38.47 8.48 -23.53
N LYS B 465 38.85 7.24 -23.23
CA LYS B 465 37.90 6.12 -23.27
C LYS B 465 37.10 6.16 -21.97
N GLY B 466 35.79 6.39 -22.12
CA GLY B 466 34.91 6.49 -20.98
C GLY B 466 34.91 7.86 -20.36
N TYR B 467 34.06 8.04 -19.36
CA TYR B 467 34.02 9.26 -18.55
C TYR B 467 34.37 8.88 -17.13
N ALA B 468 35.25 9.65 -16.50
CA ALA B 468 35.60 9.39 -15.12
C ALA B 468 34.35 9.30 -14.26
N ALA B 469 34.45 8.50 -13.21
CA ALA B 469 33.43 8.48 -12.16
C ALA B 469 33.53 9.73 -11.32
N TYR B 470 34.71 10.35 -11.30
CA TYR B 470 34.95 11.51 -10.45
C TYR B 470 36.00 12.34 -11.16
N LYS B 471 35.52 13.48 -11.67
CA LYS B 471 36.25 14.40 -12.52
C LYS B 471 36.47 15.72 -11.77
N VAL B 472 37.74 16.07 -11.56
CA VAL B 472 38.11 17.39 -11.05
C VAL B 472 38.55 18.22 -12.26
N ASP B 473 37.90 19.35 -12.52
CA ASP B 473 38.21 20.18 -13.67
C ASP B 473 39.66 20.65 -13.60
N ASP B 474 40.29 20.78 -14.77
CA ASP B 474 41.75 20.99 -14.80
C ASP B 474 42.25 22.32 -14.26
N SER B 475 41.42 23.35 -14.29
CA SER B 475 41.83 24.66 -13.81
C SER B 475 41.49 24.88 -12.32
N VAL B 476 40.95 23.85 -11.68
CA VAL B 476 40.89 23.76 -10.22
C VAL B 476 42.33 23.73 -9.70
N THR B 477 42.59 24.30 -8.54
CA THR B 477 43.94 24.26 -7.98
C THR B 477 44.09 23.62 -6.57
N THR B 478 42.99 23.61 -5.79
CA THR B 478 42.95 23.00 -4.45
C THR B 478 41.82 21.93 -4.40
N HIS B 479 42.14 20.68 -4.05
CA HIS B 479 41.16 19.59 -3.91
C HIS B 479 41.76 18.46 -3.08
N GLU B 480 40.94 17.76 -2.30
CA GLU B 480 41.44 16.58 -1.58
C GLU B 480 40.36 15.54 -1.29
N GLY B 481 40.66 14.30 -1.70
CA GLY B 481 39.78 13.16 -1.55
C GLY B 481 40.42 11.96 -0.87
N TRP B 482 39.64 11.26 -0.04
CA TRP B 482 40.11 10.11 0.72
C TRP B 482 39.14 8.93 0.57
N GLY B 483 39.68 7.74 0.30
CA GLY B 483 38.86 6.54 0.40
C GLY B 483 37.81 6.44 -0.70
N MET B 484 38.28 6.27 -1.92
CA MET B 484 37.39 6.48 -3.07
C MET B 484 37.52 5.34 -4.08
N GLY B 485 36.37 4.71 -4.44
CA GLY B 485 36.39 3.58 -5.36
C GLY B 485 35.38 3.70 -6.51
N SER B 486 35.77 3.18 -7.69
CA SER B 486 34.89 3.09 -8.88
C SER B 486 34.90 1.63 -9.36
N TYR B 487 33.71 1.05 -9.53
CA TYR B 487 33.57 -0.33 -10.01
C TYR B 487 32.92 -0.39 -11.39
N CYS B 488 33.30 -1.39 -12.19
CA CYS B 488 32.61 -1.62 -13.46
C CYS B 488 32.02 -3.01 -13.57
N TYR B 489 30.93 -3.08 -14.32
CA TYR B 489 30.25 -4.34 -14.71
C TYR B 489 29.58 -4.11 -16.06
N PHE B 490 30.38 -4.08 -17.10
CA PHE B 490 29.89 -3.76 -18.44
C PHE B 490 29.31 -5.03 -19.05
N ASN B 491 28.12 -5.39 -18.61
CA ASN B 491 27.63 -6.77 -18.83
C ASN B 491 26.95 -6.93 -20.14
N VAL B 492 26.59 -5.81 -20.73
CA VAL B 492 26.09 -5.75 -22.09
C VAL B 492 27.20 -5.92 -23.12
N ASN B 493 28.30 -5.18 -22.94
CA ASN B 493 29.47 -5.38 -23.79
C ASN B 493 30.79 -5.46 -22.96
N PRO B 494 31.15 -6.68 -22.56
CA PRO B 494 32.29 -6.93 -21.65
C PRO B 494 33.64 -6.61 -22.28
N ASP B 495 33.65 -6.22 -23.56
CA ASP B 495 34.89 -5.86 -24.27
C ASP B 495 35.30 -4.39 -24.02
N ILE B 496 34.39 -3.63 -23.42
CA ILE B 496 34.65 -2.21 -23.19
C ILE B 496 35.85 -2.00 -22.28
N ARG B 497 36.56 -0.90 -22.54
CA ARG B 497 37.59 -0.39 -21.65
C ARG B 497 37.19 1.00 -21.12
N GLN B 498 37.42 1.19 -19.81
CA GLN B 498 37.28 2.48 -19.12
C GLN B 498 38.68 3.00 -18.80
N GLN B 499 39.14 4.17 -19.29
CA GLN B 499 40.57 4.57 -19.05
C GLN B 499 40.81 4.61 -17.56
N HIS B 500 39.88 5.22 -16.82
CA HIS B 500 40.13 5.47 -15.41
C HIS B 500 38.85 5.70 -14.60
N GLY B 501 39.00 5.57 -13.28
CA GLY B 501 37.93 5.92 -12.35
C GLY B 501 37.91 7.41 -12.03
N PHE B 502 39.11 8.00 -12.02
CA PHE B 502 39.34 9.37 -11.55
C PHE B 502 40.12 10.17 -12.61
N GLN B 503 39.76 11.44 -12.76
CA GLN B 503 40.39 12.40 -13.71
C GLN B 503 40.64 13.69 -12.95
N ALA B 504 41.88 14.18 -12.95
CA ALA B 504 42.22 15.42 -12.24
C ALA B 504 43.51 16.03 -12.79
N PRO B 505 43.63 17.36 -12.74
CA PRO B 505 44.90 17.97 -13.13
C PRO B 505 46.01 17.61 -12.17
N VAL B 506 47.25 17.63 -12.64
CA VAL B 506 48.42 17.33 -11.81
C VAL B 506 48.89 18.67 -11.28
N LYS B 507 48.61 18.91 -9.99
CA LYS B 507 48.68 20.22 -9.38
C LYS B 507 49.08 20.03 -7.93
N PRO B 508 49.91 20.95 -7.41
CA PRO B 508 50.36 20.78 -6.02
C PRO B 508 49.31 20.51 -4.96
N GLY B 509 48.19 21.20 -5.05
CA GLY B 509 47.20 21.12 -4.01
C GLY B 509 45.98 20.25 -4.36
N VAL B 510 46.07 19.52 -5.48
CA VAL B 510 45.00 18.57 -5.90
C VAL B 510 45.46 17.15 -5.58
N LYS B 511 45.13 16.67 -4.37
CA LYS B 511 45.66 15.39 -3.87
C LYS B 511 44.57 14.33 -3.67
N PHE B 512 44.95 13.06 -3.78
CA PHE B 512 44.07 11.97 -3.43
C PHE B 512 44.78 10.90 -2.65
N HIS B 513 44.02 10.31 -1.75
CA HIS B 513 44.51 9.28 -0.83
C HIS B 513 43.61 8.06 -0.96
N ASP B 514 44.22 6.88 -1.21
CA ASP B 514 43.52 5.60 -1.17
C ASP B 514 42.40 5.51 -2.21
N LEU B 515 42.84 5.40 -3.47
CA LEU B 515 41.96 5.19 -4.60
C LEU B 515 41.97 3.74 -5.03
N LEU B 516 40.81 3.31 -5.56
CA LEU B 516 40.75 1.99 -6.18
C LEU B 516 39.76 1.95 -7.33
N VAL B 517 40.05 1.07 -8.28
CA VAL B 517 39.04 0.59 -9.23
C VAL B 517 38.97 -0.94 -9.25
N VAL B 518 37.78 -1.47 -9.58
CA VAL B 518 37.48 -2.91 -9.60
C VAL B 518 36.58 -3.22 -10.76
N SER B 519 36.91 -4.29 -11.49
CA SER B 519 35.96 -4.87 -12.44
C SER B 519 35.27 -6.11 -11.87
N LEU B 520 33.94 -6.14 -11.96
CA LEU B 520 33.20 -7.28 -11.49
C LEU B 520 33.19 -8.42 -12.47
N GLY B 521 33.93 -9.48 -12.18
CA GLY B 521 33.85 -10.69 -12.98
C GLY B 521 34.32 -10.51 -14.43
N GLY B 522 35.29 -9.63 -14.62
CA GLY B 522 35.86 -9.39 -15.94
C GLY B 522 34.94 -8.73 -16.94
N LYS B 523 33.83 -8.16 -16.47
CA LYS B 523 32.92 -7.48 -17.37
C LYS B 523 33.41 -6.05 -17.62
N GLY B 524 34.22 -5.94 -18.66
CA GLY B 524 35.01 -4.74 -18.89
C GLY B 524 36.24 -4.71 -18.00
N GLN B 525 37.13 -3.76 -18.30
CA GLN B 525 38.28 -3.50 -17.48
C GLN B 525 38.60 -2.02 -17.45
N TYR B 526 39.25 -1.62 -16.36
CA TYR B 526 39.90 -0.28 -16.27
C TYR B 526 41.34 -0.32 -16.84
N GLU B 527 41.71 0.67 -17.64
CA GLU B 527 43.11 0.80 -18.09
C GLU B 527 44.03 1.34 -16.99
N HIS B 528 43.48 2.17 -16.12
CA HIS B 528 44.25 2.89 -15.07
C HIS B 528 43.31 3.25 -13.89
N VAL B 529 43.89 3.76 -12.79
CA VAL B 529 43.08 4.18 -11.64
C VAL B 529 42.66 5.65 -11.79
N ILE B 530 43.66 6.50 -11.98
CA ILE B 530 43.50 7.94 -12.08
C ILE B 530 44.36 8.46 -13.25
N ASN B 531 43.78 9.35 -14.06
CA ASN B 531 44.39 9.81 -15.29
C ASN B 531 44.98 8.62 -16.06
N ASP B 532 46.27 8.66 -16.39
CA ASP B 532 46.92 7.55 -17.09
C ASP B 532 47.89 6.82 -16.19
N ILE B 533 47.69 6.97 -14.86
CA ILE B 533 48.42 6.31 -13.79
C ILE B 533 47.63 5.18 -13.15
N GLY B 534 48.35 4.11 -12.87
CA GLY B 534 47.82 3.05 -12.05
C GLY B 534 47.70 1.81 -12.89
N ASP B 535 47.74 0.65 -12.25
CA ASP B 535 47.68 -0.62 -12.96
C ASP B 535 46.28 -0.79 -13.56
N PRO B 536 46.18 -1.38 -14.76
CA PRO B 536 44.83 -1.77 -15.18
C PRO B 536 44.30 -2.92 -14.35
N THR B 537 42.99 -3.08 -14.33
CA THR B 537 42.41 -4.32 -13.82
C THR B 537 42.68 -5.46 -14.82
N SER B 538 42.87 -6.67 -14.27
CA SER B 538 43.45 -7.82 -14.96
C SER B 538 42.68 -9.05 -14.44
N GLY B 539 42.40 -10.05 -15.28
CA GLY B 539 41.61 -11.21 -14.85
C GLY B 539 40.08 -11.00 -14.72
N ASP B 540 39.37 -12.07 -14.32
CA ASP B 540 37.90 -12.04 -14.06
C ASP B 540 37.58 -12.23 -12.56
N THR B 541 38.63 -12.08 -11.76
CA THR B 541 38.63 -12.46 -10.34
C THR B 541 38.30 -11.31 -9.38
N THR B 542 37.90 -10.18 -9.95
CA THR B 542 37.41 -9.02 -9.17
C THR B 542 38.40 -8.58 -8.06
N ILE B 543 39.69 -8.47 -8.43
CA ILE B 543 40.76 -7.97 -7.57
C ILE B 543 40.99 -6.49 -7.82
N PRO B 544 40.89 -5.65 -6.77
CA PRO B 544 41.05 -4.20 -7.00
C PRO B 544 42.44 -3.77 -7.49
N SER B 545 42.51 -2.68 -8.28
CA SER B 545 43.75 -1.98 -8.57
C SER B 545 43.74 -0.72 -7.75
N GLN B 546 44.79 -0.55 -6.95
CA GLN B 546 44.78 0.41 -5.87
C GLN B 546 45.91 1.38 -6.08
N VAL B 547 45.65 2.64 -5.75
CA VAL B 547 46.68 3.66 -5.66
C VAL B 547 46.64 4.27 -4.26
N VAL B 548 47.74 4.13 -3.54
CA VAL B 548 47.83 4.69 -2.19
C VAL B 548 47.79 6.22 -2.18
N SER B 549 48.63 6.86 -3.00
CA SER B 549 48.78 8.32 -3.00
C SER B 549 48.91 8.98 -4.41
N PHE B 550 48.39 10.20 -4.56
CA PHE B 550 48.41 11.00 -5.79
C PHE B 550 48.40 12.49 -5.46
N PRO B 551 49.23 13.32 -6.13
CA PRO B 551 50.23 13.11 -7.18
C PRO B 551 51.47 12.41 -6.68
C1 EDO C . -38.83 -12.35 -8.72
O1 EDO C . -37.68 -12.86 -8.02
C2 EDO C . -38.75 -10.89 -9.21
O2 EDO C . -37.82 -10.18 -8.42
H11 EDO C . -39.69 -12.43 -8.07
H12 EDO C . -39.02 -12.97 -9.59
HO1 EDO C . -37.86 -13.74 -7.66
H21 EDO C . -39.73 -10.44 -9.18
H22 EDO C . -38.41 -10.89 -10.25
HO2 EDO C . -37.43 -9.48 -8.96
C1 EDO D . -15.67 -12.69 -22.22
O1 EDO D . -14.37 -12.03 -22.23
C2 EDO D . -16.77 -11.61 -22.21
O2 EDO D . -16.58 -10.76 -21.08
H11 EDO D . -15.76 -13.32 -21.32
H12 EDO D . -15.77 -13.32 -23.10
HO1 EDO D . -13.67 -12.70 -22.17
H21 EDO D . -17.76 -12.07 -22.15
H22 EDO D . -16.72 -11.04 -23.13
HO2 EDO D . -17.18 -10.00 -21.13
C2 BGC E . 25.35 -1.58 -7.17
C3 BGC E . 23.88 -1.13 -7.01
C4 BGC E . 22.99 -2.18 -7.76
C5 BGC E . 23.28 -3.66 -7.52
C6 BGC E . 22.46 -4.51 -8.51
C1 BGC E . 25.45 -3.09 -6.83
O1 BGC E . 26.77 -3.58 -6.88
O2 BGC E . 26.32 -0.79 -6.42
O3 BGC E . 23.56 0.09 -7.69
O4 BGC E . 21.58 -1.94 -7.70
O5 BGC E . 24.67 -3.83 -7.76
O6 BGC E . 22.13 -5.73 -7.87
H2 BGC E . 25.56 -1.46 -8.23
H3 BGC E . 23.20 -1.92 -7.25
H4 BGC E . 23.34 -2.26 -8.80
H5 BGC E . 22.98 -3.92 -6.52
H61 BGC E . 22.99 -4.59 -9.46
H62 BGC E . 21.52 -4.02 -8.72
H1 BGC E . 25.06 -3.26 -5.82
HO1 BGC E . 27.35 -2.91 -7.32
HO2 BGC E . 26.72 -1.34 -5.72
HO3 BGC E . 24.37 0.44 -8.10
HO4 BGC E . 21.37 -1.19 -7.09
HO6 BGC E . 21.73 -5.54 -6.99
C1 EDO F . 7.35 6.41 -5.64
O1 EDO F . 8.47 7.25 -5.93
C2 EDO F . 7.70 5.02 -6.11
O2 EDO F . 8.70 4.49 -5.28
H11 EDO F . 6.45 6.77 -6.14
H12 EDO F . 7.16 6.38 -4.56
HO1 EDO F . 8.33 8.12 -5.53
H21 EDO F . 8.07 5.08 -7.14
H22 EDO F . 6.82 4.38 -6.10
HO2 EDO F . 8.98 3.64 -5.64
C1 EDO G . 31.07 4.95 -19.10
O1 EDO G . 32.31 5.64 -18.95
C2 EDO G . 29.92 5.97 -19.06
O2 EDO G . 30.02 6.89 -17.97
H11 EDO G . 30.95 4.24 -18.29
H12 EDO G . 31.05 4.39 -20.04
HO1 EDO G . 33.03 5.01 -18.93
H21 EDO G . 28.96 5.45 -18.99
H22 EDO G . 29.92 6.53 -20.00
HO2 EDO G . 29.14 7.23 -17.77
C1 EDO H . 49.50 5.32 3.52
O1 EDO H . 48.96 6.09 4.61
C2 EDO H . 48.43 4.33 3.10
O2 EDO H . 48.03 3.51 4.21
H11 EDO H . 50.40 4.80 3.83
H12 EDO H . 49.75 5.98 2.69
HO1 EDO H . 49.64 6.71 4.93
H21 EDO H . 48.82 3.68 2.31
H22 EDO H . 47.57 4.86 2.70
HO2 EDO H . 47.47 2.78 3.91
N VAL A 4 -50.05 11.54 4.18
CA VAL A 4 -48.94 12.49 4.34
C VAL A 4 -47.97 12.03 5.46
N VAL A 5 -48.56 11.59 6.59
CA VAL A 5 -47.83 10.98 7.73
C VAL A 5 -47.03 9.69 7.32
N GLY A 6 -46.44 8.97 8.31
CA GLY A 6 -45.48 7.88 8.08
C GLY A 6 -45.28 6.86 9.25
N GLY A 7 -44.32 5.93 9.20
CA GLY A 7 -44.29 4.83 10.16
C GLY A 7 -45.37 3.78 9.84
N GLY A 8 -46.03 3.17 10.84
CA GLY A 8 -47.20 2.36 10.55
C GLY A 8 -46.95 0.89 10.32
N ASP A 9 -47.69 0.26 9.40
CA ASP A 9 -47.72 -1.17 9.45
C ASP A 9 -46.61 -1.92 8.73
N LEU A 10 -45.92 -2.78 9.51
CA LEU A 10 -44.74 -3.51 9.00
C LEU A 10 -45.16 -4.60 8.01
N GLY A 11 -46.39 -5.10 8.12
CA GLY A 11 -47.02 -5.74 6.96
C GLY A 11 -47.07 -7.27 6.85
N PRO A 12 -47.58 -7.73 5.71
CA PRO A 12 -47.96 -9.13 5.50
C PRO A 12 -46.82 -10.06 5.14
N ASN A 13 -45.60 -9.53 5.00
CA ASN A 13 -44.43 -10.38 4.78
C ASN A 13 -43.38 -10.33 5.91
N VAL A 14 -43.66 -9.58 6.97
CA VAL A 14 -42.75 -9.53 8.14
C VAL A 14 -43.35 -10.26 9.34
N LEU A 15 -42.81 -11.44 9.61
CA LEU A 15 -43.35 -12.29 10.67
C LEU A 15 -42.50 -12.00 11.92
N VAL A 16 -43.15 -11.46 12.97
CA VAL A 16 -42.51 -11.12 14.23
C VAL A 16 -42.88 -12.14 15.31
N PHE A 17 -41.85 -12.70 15.92
CA PHE A 17 -41.98 -13.74 16.93
C PHE A 17 -41.48 -13.28 18.30
N ASP A 18 -41.91 -14.05 19.31
CA ASP A 18 -41.73 -13.81 20.75
C ASP A 18 -41.60 -15.25 21.30
N PRO A 19 -40.77 -15.53 22.35
CA PRO A 19 -40.71 -16.93 22.80
C PRO A 19 -42.04 -17.65 23.10
N SER A 20 -43.13 -16.90 23.32
CA SER A 20 -44.46 -17.46 23.58
C SER A 20 -45.34 -17.69 22.33
N THR A 21 -44.97 -17.13 21.17
CA THR A 21 -45.72 -17.41 19.95
C THR A 21 -45.80 -18.92 19.85
N PRO A 22 -47.03 -19.49 19.76
CA PRO A 22 -47.05 -20.95 19.63
C PRO A 22 -46.35 -21.40 18.37
N ASP A 23 -45.82 -22.63 18.38
CA ASP A 23 -45.17 -23.28 17.24
C ASP A 23 -44.38 -22.37 16.29
N ILE A 24 -43.34 -21.75 16.85
CA ILE A 24 -42.39 -21.00 16.05
C ILE A 24 -41.84 -21.97 15.00
N GLN A 25 -41.46 -23.17 15.39
CA GLN A 25 -40.85 -24.14 14.47
C GLN A 25 -41.71 -24.46 13.26
N GLY A 26 -43.00 -24.66 13.49
CA GLY A 26 -43.90 -24.90 12.38
C GLY A 26 -44.06 -23.74 11.41
N LYS A 27 -44.20 -22.53 11.91
CA LYS A 27 -44.40 -21.37 11.00
C LYS A 27 -43.08 -21.17 10.23
N VAL A 28 -41.94 -21.41 10.88
CA VAL A 28 -40.65 -21.29 10.19
C VAL A 28 -40.50 -22.37 9.15
N ASP A 29 -40.74 -23.62 9.53
CA ASP A 29 -40.65 -24.73 8.58
C ASP A 29 -41.62 -24.50 7.41
N GLU A 30 -42.75 -23.81 7.67
CA GLU A 30 -43.75 -23.61 6.61
C GLU A 30 -43.17 -22.62 5.60
N VAL A 31 -42.53 -21.58 6.08
CA VAL A 31 -41.90 -20.63 5.18
C VAL A 31 -40.82 -21.36 4.39
N PHE A 32 -40.07 -22.22 5.07
CA PHE A 32 -38.98 -22.92 4.38
C PHE A 32 -39.55 -23.79 3.27
N ARG A 33 -40.74 -24.34 3.45
CA ARG A 33 -41.19 -25.18 2.36
C ARG A 33 -41.52 -24.41 1.12
N LYS A 34 -42.09 -23.24 1.31
CA LYS A 34 -42.39 -22.34 0.21
C LYS A 34 -41.12 -21.90 -0.52
N GLN A 35 -40.05 -21.65 0.24
CA GLN A 35 -38.88 -20.94 -0.26
C GLN A 35 -37.70 -21.82 -0.62
N GLU A 36 -37.70 -23.05 -0.11
CA GLU A 36 -36.58 -23.97 -0.25
C GLU A 36 -36.04 -24.04 -1.69
N SER A 37 -36.97 -24.25 -2.61
CA SER A 37 -36.70 -24.56 -4.00
C SER A 37 -37.09 -23.37 -4.90
N ASN A 38 -37.49 -22.28 -4.28
CA ASN A 38 -38.19 -21.22 -5.01
C ASN A 38 -37.25 -20.17 -5.60
N GLN A 39 -36.31 -20.62 -6.42
CA GLN A 39 -35.15 -19.78 -6.80
C GLN A 39 -35.52 -18.45 -7.44
N PHE A 40 -36.57 -18.45 -8.25
CA PHE A 40 -36.91 -17.29 -9.07
C PHE A 40 -38.28 -16.68 -8.82
N GLY A 41 -39.00 -17.22 -7.85
CA GLY A 41 -40.34 -16.79 -7.48
C GLY A 41 -40.41 -15.42 -6.81
N THR A 42 -41.63 -15.01 -6.46
CA THR A 42 -41.89 -13.64 -6.11
C THR A 42 -42.18 -13.44 -4.65
N ASP A 43 -42.30 -14.51 -3.88
CA ASP A 43 -42.46 -14.29 -2.45
C ASP A 43 -41.17 -13.88 -1.78
N ARG A 44 -41.35 -13.16 -0.67
CA ARG A 44 -40.28 -12.51 0.08
C ARG A 44 -40.69 -12.53 1.53
N TYR A 45 -39.77 -12.96 2.42
CA TYR A 45 -40.09 -13.03 3.87
C TYR A 45 -38.99 -12.52 4.76
N ALA A 46 -39.39 -11.80 5.82
CA ALA A 46 -38.47 -11.45 6.88
C ALA A 46 -39.00 -12.06 8.17
N LEU A 47 -38.13 -12.81 8.83
CA LEU A 47 -38.43 -13.47 10.11
C LEU A 47 -37.69 -12.69 11.21
N MET A 48 -38.43 -11.98 12.05
CA MET A 48 -37.83 -11.07 13.02
C MET A 48 -38.14 -11.59 14.43
N PHE A 49 -37.15 -11.61 15.28
CA PHE A 49 -37.25 -12.24 16.58
C PHE A 49 -37.00 -11.23 17.69
N LYS A 50 -38.02 -10.99 18.55
CA LYS A 50 -37.85 -10.00 19.61
C LYS A 50 -36.85 -10.52 20.62
N PRO A 51 -36.15 -9.62 21.35
CA PRO A 51 -35.13 -10.10 22.27
C PRO A 51 -35.70 -11.07 23.29
N GLY A 52 -34.85 -11.99 23.71
CA GLY A 52 -35.26 -13.14 24.50
C GLY A 52 -34.47 -14.37 24.14
N THR A 53 -34.97 -15.53 24.55
CA THR A 53 -34.26 -16.80 24.44
C THR A 53 -35.22 -17.88 23.87
N TYR A 54 -34.85 -18.47 22.72
CA TYR A 54 -35.72 -19.38 21.98
C TYR A 54 -35.14 -20.77 21.99
N ASN A 55 -35.89 -21.73 22.52
CA ASN A 55 -35.42 -23.11 22.56
C ASN A 55 -36.11 -24.00 21.53
N ASP A 56 -35.45 -25.13 21.28
CA ASP A 56 -35.94 -26.14 20.35
C ASP A 56 -36.39 -25.53 19.00
N ILE A 57 -35.43 -24.91 18.32
CA ILE A 57 -35.65 -24.25 17.01
C ILE A 57 -34.49 -24.59 16.05
N ASN A 58 -34.82 -24.94 14.81
CA ASN A 58 -33.84 -25.08 13.76
C ASN A 58 -34.45 -24.33 12.59
N ALA A 59 -33.99 -23.09 12.43
CA ALA A 59 -34.60 -22.15 11.48
C ALA A 59 -33.94 -22.32 10.14
N GLN A 60 -34.64 -23.03 9.27
CA GLN A 60 -34.07 -23.44 7.99
C GLN A 60 -34.40 -22.30 7.01
N ILE A 61 -33.37 -21.78 6.33
CA ILE A 61 -33.48 -20.56 5.55
C ILE A 61 -33.38 -20.86 4.05
N GLY A 62 -34.50 -20.64 3.37
CA GLY A 62 -34.60 -20.85 1.94
C GLY A 62 -34.35 -19.57 1.15
N PHE A 63 -34.71 -19.57 -0.12
CA PHE A 63 -34.59 -18.36 -0.93
C PHE A 63 -35.40 -17.17 -0.38
N TYR A 64 -34.88 -15.96 -0.58
CA TYR A 64 -35.59 -14.71 -0.32
C TYR A 64 -36.18 -14.66 1.09
N THR A 65 -35.38 -15.14 2.02
CA THR A 65 -35.72 -15.15 3.42
C THR A 65 -34.59 -14.49 4.20
N SER A 66 -34.94 -13.48 5.01
CA SER A 66 -34.01 -12.88 5.98
C SER A 66 -34.48 -13.22 7.38
N ILE A 67 -33.55 -13.55 8.26
CA ILE A 67 -33.87 -13.81 9.67
C ILE A 67 -33.02 -12.84 10.48
N ALA A 68 -33.60 -12.28 11.51
CA ALA A 68 -32.89 -11.32 12.31
C ALA A 68 -33.40 -11.27 13.74
N GLY A 69 -32.50 -10.87 14.64
CA GLY A 69 -32.93 -10.48 15.97
C GLY A 69 -33.25 -8.99 16.05
N LEU A 70 -33.96 -8.62 17.12
CA LEU A 70 -34.41 -7.24 17.31
C LEU A 70 -33.82 -6.62 18.58
N GLY A 71 -32.71 -7.15 19.07
CA GLY A 71 -32.00 -6.52 20.16
C GLY A 71 -30.93 -5.56 19.71
N LEU A 72 -30.32 -4.88 20.69
CA LEU A 72 -29.33 -3.88 20.43
C LEU A 72 -27.96 -4.51 20.26
N ASN A 73 -27.89 -5.78 20.61
CA ASN A 73 -26.63 -6.49 20.74
C ASN A 73 -27.00 -7.85 20.22
N PRO A 74 -26.08 -8.51 19.52
CA PRO A 74 -26.51 -9.83 19.07
C PRO A 74 -26.93 -10.76 20.23
N ASP A 75 -26.33 -10.61 21.42
CA ASP A 75 -26.60 -11.54 22.50
C ASP A 75 -27.90 -11.22 23.25
N ASP A 76 -28.65 -10.23 22.76
CA ASP A 76 -30.02 -9.96 23.27
C ASP A 76 -31.08 -10.97 22.77
N THR A 77 -30.81 -11.64 21.65
CA THR A 77 -31.75 -12.57 21.01
C THR A 77 -30.98 -13.86 20.72
N THR A 78 -31.14 -14.85 21.58
CA THR A 78 -30.36 -16.08 21.50
C THR A 78 -31.25 -17.26 21.16
N PHE A 79 -30.81 -18.05 20.19
CA PHE A 79 -31.42 -19.32 19.83
C PHE A 79 -30.57 -20.42 20.45
N ASN A 80 -31.22 -21.29 21.20
CA ASN A 80 -30.63 -22.56 21.54
C ASN A 80 -31.01 -23.52 20.43
N GLY A 81 -30.24 -23.41 19.37
CA GLY A 81 -30.54 -24.04 18.10
C GLY A 81 -29.70 -23.41 16.99
N ASP A 82 -30.29 -23.32 15.81
CA ASP A 82 -29.51 -23.24 14.58
C ASP A 82 -30.26 -22.37 13.58
N VAL A 83 -29.50 -21.65 12.78
CA VAL A 83 -29.99 -20.99 11.58
C VAL A 83 -29.28 -21.71 10.41
N THR A 84 -30.00 -22.61 9.76
CA THR A 84 -29.46 -23.61 8.84
C THR A 84 -29.64 -23.27 7.34
N VAL A 85 -28.55 -23.33 6.59
CA VAL A 85 -28.62 -23.37 5.13
C VAL A 85 -27.84 -24.58 4.65
N ASP A 86 -28.45 -25.32 3.73
CA ASP A 86 -27.74 -26.36 3.02
C ASP A 86 -28.43 -26.61 1.69
N ALA A 87 -28.16 -27.77 1.11
CA ALA A 87 -28.27 -27.92 -0.34
C ALA A 87 -28.82 -29.26 -0.75
N GLY A 88 -29.67 -29.84 0.10
CA GLY A 88 -30.22 -31.15 -0.21
C GLY A 88 -31.18 -30.97 -1.37
N TRP A 89 -31.81 -29.81 -1.45
CA TRP A 89 -32.78 -29.55 -2.49
C TRP A 89 -32.09 -29.61 -3.85
N PHE A 90 -30.76 -29.59 -3.80
CA PHE A 90 -29.93 -29.61 -4.98
C PHE A 90 -28.77 -30.63 -4.88
N ASP A 91 -29.10 -31.80 -4.33
CA ASP A 91 -28.15 -32.94 -4.26
C ASP A 91 -26.90 -32.65 -3.41
N GLY A 92 -27.08 -31.88 -2.33
CA GLY A 92 -25.94 -31.38 -1.58
C GLY A 92 -25.02 -30.56 -2.49
N ASN A 93 -25.61 -29.91 -3.50
CA ASN A 93 -24.94 -28.82 -4.21
C ASN A 93 -25.40 -27.40 -3.79
N ALA A 94 -24.47 -26.56 -3.31
CA ALA A 94 -24.82 -25.26 -2.74
C ALA A 94 -24.58 -24.06 -3.66
N THR A 95 -24.23 -24.35 -4.92
CA THR A 95 -23.80 -23.32 -5.85
C THR A 95 -24.96 -22.40 -6.26
N GLN A 96 -26.21 -22.76 -5.92
CA GLN A 96 -27.37 -21.90 -6.13
C GLN A 96 -28.08 -21.46 -4.84
N ASN A 97 -27.41 -21.54 -3.69
CA ASN A 97 -28.01 -21.11 -2.42
C ASN A 97 -27.81 -19.60 -2.24
N PHE A 98 -28.59 -18.85 -3.01
CA PHE A 98 -28.50 -17.40 -3.08
C PHE A 98 -29.61 -16.66 -2.29
N TRP A 99 -29.42 -15.35 -2.15
CA TRP A 99 -30.48 -14.35 -1.81
C TRP A 99 -31.20 -14.67 -0.50
N ARG A 100 -30.43 -14.65 0.57
CA ARG A 100 -31.00 -14.87 1.89
C ARG A 100 -30.05 -14.28 2.91
N SER A 101 -30.44 -14.20 4.18
CA SER A 101 -29.52 -13.54 5.11
C SER A 101 -29.85 -13.82 6.57
N ALA A 102 -28.87 -13.60 7.42
CA ALA A 102 -29.03 -13.77 8.86
C ALA A 102 -28.25 -12.65 9.55
N GLU A 103 -28.87 -12.06 10.57
CA GLU A 103 -28.21 -10.96 11.27
C GLU A 103 -28.67 -10.81 12.72
N ASN A 104 -27.77 -10.35 13.58
CA ASN A 104 -28.18 -9.81 14.91
C ASN A 104 -28.82 -10.84 15.83
N LEU A 105 -28.22 -12.02 15.81
CA LEU A 105 -28.59 -13.16 16.66
C LEU A 105 -27.39 -13.84 17.29
N ALA A 106 -27.60 -14.40 18.46
CA ALA A 106 -26.67 -15.35 19.05
C ALA A 106 -27.22 -16.76 18.84
N LEU A 107 -26.36 -17.68 18.44
CA LEU A 107 -26.73 -19.08 18.18
C LEU A 107 -25.91 -20.00 19.10
N ASN A 108 -26.60 -21.00 19.63
CA ASN A 108 -26.04 -22.04 20.48
C ASN A 108 -26.42 -23.36 19.81
N PRO A 109 -25.65 -23.77 18.79
CA PRO A 109 -26.09 -24.81 17.83
C PRO A 109 -26.22 -26.17 18.48
N VAL A 110 -27.23 -26.96 18.08
CA VAL A 110 -27.61 -28.15 18.90
C VAL A 110 -26.56 -29.19 19.23
N ASN A 111 -25.70 -29.36 18.24
CA ASN A 111 -24.58 -30.31 18.32
C ASN A 111 -23.21 -29.66 18.23
N GLY A 112 -23.14 -28.35 18.44
CA GLY A 112 -21.86 -27.67 18.54
C GLY A 112 -21.50 -26.83 17.31
N THR A 113 -22.13 -27.12 16.18
CA THR A 113 -21.81 -26.42 14.91
C THR A 113 -23.00 -26.02 14.02
N ASN A 114 -23.11 -24.71 13.80
CA ASN A 114 -24.12 -24.14 12.91
C ASN A 114 -23.67 -24.32 11.48
N ARG A 115 -24.61 -24.66 10.60
CA ARG A 115 -24.32 -24.93 9.20
C ARG A 115 -24.88 -23.79 8.35
N TRP A 116 -24.01 -23.09 7.62
CA TRP A 116 -24.40 -21.96 6.76
C TRP A 116 -23.78 -22.17 5.35
N ALA A 117 -24.36 -23.09 4.58
CA ALA A 117 -23.77 -23.56 3.33
C ALA A 117 -24.38 -22.83 2.16
N VAL A 118 -23.79 -21.69 1.86
CA VAL A 118 -24.37 -20.73 0.94
C VAL A 118 -23.39 -20.41 -0.18
N SER A 119 -23.93 -19.82 -1.25
CA SER A 119 -23.11 -19.18 -2.27
C SER A 119 -23.37 -17.67 -2.18
N GLN A 120 -23.55 -16.98 -3.31
CA GLN A 120 -23.53 -15.52 -3.30
C GLN A 120 -24.81 -14.88 -2.79
N ALA A 121 -24.67 -13.62 -2.38
CA ALA A 121 -25.76 -12.82 -1.81
C ALA A 121 -26.45 -13.51 -0.64
N ALA A 122 -25.63 -14.00 0.29
CA ALA A 122 -26.12 -14.67 1.47
C ALA A 122 -25.38 -14.17 2.74
N PRO A 123 -25.51 -12.88 3.04
CA PRO A 123 -24.72 -12.27 4.11
C PRO A 123 -25.05 -12.80 5.50
N PHE A 124 -24.02 -12.87 6.33
CA PHE A 124 -24.06 -13.34 7.72
C PHE A 124 -23.42 -12.20 8.52
N ARG A 125 -24.24 -11.39 9.19
CA ARG A 125 -23.78 -10.13 9.82
C ARG A 125 -24.17 -10.01 11.30
N ARG A 126 -23.30 -9.38 12.08
CA ARG A 126 -23.48 -9.22 13.54
C ARG A 126 -24.16 -10.42 14.22
N MET A 127 -23.53 -11.57 13.98
CA MET A 127 -23.89 -12.83 14.59
C MET A 127 -22.89 -13.22 15.67
N HIS A 128 -23.40 -13.90 16.68
CA HIS A 128 -22.56 -14.52 17.71
C HIS A 128 -22.85 -16.02 17.70
N VAL A 129 -21.95 -16.78 17.10
CA VAL A 129 -22.06 -18.23 17.08
C VAL A 129 -21.31 -18.72 18.28
N LYS A 130 -22.09 -19.11 19.27
CA LYS A 130 -21.58 -19.62 20.50
C LYS A 130 -21.53 -21.08 20.24
N GLY A 131 -20.36 -21.48 19.72
CA GLY A 131 -20.11 -22.65 18.86
C GLY A 131 -19.25 -22.34 17.63
N GLY A 132 -19.04 -23.34 16.77
CA GLY A 132 -18.36 -23.20 15.49
C GLY A 132 -19.31 -23.08 14.29
N LEU A 133 -18.75 -22.83 13.11
CA LEU A 133 -19.52 -22.55 11.87
C LEU A 133 -19.02 -23.36 10.69
N ASN A 134 -19.90 -24.21 10.15
CA ASN A 134 -19.58 -25.03 8.99
C ASN A 134 -20.21 -24.36 7.75
N LEU A 135 -19.38 -23.98 6.78
CA LEU A 135 -19.86 -23.18 5.63
C LEU A 135 -20.19 -24.03 4.43
N ALA A 136 -20.16 -25.33 4.62
CA ALA A 136 -20.35 -26.23 3.52
C ALA A 136 -21.59 -27.12 3.75
N PRO A 137 -22.23 -27.59 2.66
CA PRO A 137 -23.26 -28.65 2.68
C PRO A 137 -22.59 -30.06 2.80
N ASP A 138 -22.96 -31.15 2.08
CA ASP A 138 -22.25 -32.52 2.28
C ASP A 138 -21.90 -33.46 1.07
N GLY A 139 -20.62 -33.78 0.93
CA GLY A 139 -20.15 -34.85 0.05
C GLY A 139 -18.71 -34.56 -0.26
N TYR A 140 -18.11 -33.92 0.73
CA TYR A 140 -17.34 -32.67 0.53
C TYR A 140 -17.99 -31.58 -0.42
N GLY A 141 -19.13 -31.87 -1.08
CA GLY A 141 -19.60 -31.21 -2.32
C GLY A 141 -19.61 -29.67 -2.50
N TRP A 142 -19.75 -29.21 -3.76
CA TRP A 142 -19.32 -27.84 -4.25
C TRP A 142 -20.15 -26.64 -3.72
N ALA A 143 -19.51 -25.49 -3.50
CA ALA A 143 -20.20 -24.32 -2.91
C ALA A 143 -19.33 -23.09 -3.15
N SER A 144 -19.94 -21.90 -3.29
CA SER A 144 -19.26 -20.70 -3.82
C SER A 144 -19.60 -19.33 -3.16
N GLY A 145 -19.65 -19.32 -1.82
CA GLY A 145 -19.80 -18.09 -1.06
C GLY A 145 -18.66 -17.07 -1.17
N GLY A 146 -18.57 -16.12 -0.25
CA GLY A 146 -19.50 -15.92 0.85
C GLY A 146 -19.01 -14.73 1.65
N TYR A 147 -19.81 -14.31 2.62
CA TYR A 147 -19.58 -13.05 3.30
C TYR A 147 -20.01 -13.10 4.77
N ILE A 148 -19.03 -12.86 5.65
CA ILE A 148 -19.24 -12.68 7.09
C ILE A 148 -18.67 -11.31 7.50
N ALA A 149 -19.45 -10.56 8.25
CA ALA A 149 -18.98 -9.29 8.82
C ALA A 149 -19.53 -9.07 10.22
N ASP A 150 -18.72 -8.39 11.03
CA ASP A 150 -19.09 -7.94 12.37
C ASP A 150 -19.60 -9.08 13.23
N SER A 151 -18.98 -10.25 13.10
CA SER A 151 -19.46 -11.44 13.82
C SER A 151 -18.38 -12.06 14.70
N LYS A 152 -18.82 -12.72 15.78
CA LYS A 152 -17.91 -13.49 16.64
C LYS A 152 -18.31 -14.96 16.55
N ILE A 153 -17.35 -15.79 16.16
CA ILE A 153 -17.56 -17.22 16.05
C ILE A 153 -16.67 -17.84 17.15
N ASP A 154 -17.31 -18.38 18.18
CA ASP A 154 -16.56 -18.85 19.36
C ASP A 154 -15.70 -20.09 19.07
N GLY A 155 -16.06 -20.86 18.02
CA GLY A 155 -15.33 -22.04 17.64
C GLY A 155 -14.60 -21.84 16.33
N GLU A 156 -14.44 -22.95 15.59
CA GLU A 156 -13.70 -22.94 14.35
C GLU A 156 -14.67 -22.65 13.23
N VAL A 157 -14.23 -21.86 12.27
CA VAL A 157 -14.95 -21.79 11.01
C VAL A 157 -14.41 -22.90 10.08
N GLY A 158 -15.32 -23.63 9.44
CA GLY A 158 -14.97 -24.75 8.57
C GLY A 158 -15.45 -24.54 7.15
N PRO A 159 -14.58 -24.05 6.25
CA PRO A 159 -15.10 -23.83 4.90
C PRO A 159 -15.29 -25.14 4.12
N TYR A 160 -14.44 -26.13 4.39
CA TYR A 160 -14.50 -27.40 3.64
C TYR A 160 -14.33 -27.11 2.15
N SER A 161 -15.33 -27.35 1.31
CA SER A 161 -15.10 -27.18 -0.11
C SER A 161 -15.55 -25.86 -0.69
N GLN A 162 -15.91 -24.89 0.15
CA GLN A 162 -16.18 -23.54 -0.32
C GLN A 162 -15.05 -23.04 -1.23
N GLN A 163 -15.37 -22.49 -2.42
CA GLN A 163 -14.32 -22.01 -3.33
C GLN A 163 -13.50 -20.87 -2.69
N GLN A 164 -14.24 -19.87 -2.22
CA GLN A 164 -13.65 -18.60 -1.80
C GLN A 164 -14.49 -18.06 -0.65
N TRP A 165 -14.00 -17.03 0.03
CA TRP A 165 -14.76 -16.46 1.13
C TRP A 165 -14.15 -15.13 1.55
N TYR A 166 -14.98 -14.19 1.99
CA TYR A 166 -14.50 -12.94 2.60
C TYR A 166 -15.07 -12.75 4.00
N THR A 167 -14.20 -12.46 4.95
CA THR A 167 -14.63 -12.10 6.31
C THR A 167 -14.00 -10.77 6.70
N ARG A 168 -14.79 -9.88 7.29
CA ARG A 168 -14.21 -8.66 7.85
C ARG A 168 -14.71 -8.33 9.23
N ASP A 169 -13.82 -7.66 9.97
CA ASP A 169 -14.14 -6.98 11.22
C ASP A 169 -14.92 -7.91 12.14
N SER A 170 -14.27 -9.03 12.45
CA SER A 170 -14.88 -10.14 13.15
C SER A 170 -13.84 -10.78 14.06
N SER A 171 -14.25 -11.88 14.70
CA SER A 171 -13.32 -12.72 15.45
C SER A 171 -13.69 -14.19 15.34
N VAL A 172 -12.69 -15.05 15.16
CA VAL A 172 -12.93 -16.49 15.02
C VAL A 172 -12.01 -17.29 15.95
N GLY A 173 -12.55 -18.38 16.46
CA GLY A 173 -11.79 -19.28 17.31
C GLY A 173 -10.88 -20.22 16.54
N GLY A 174 -11.12 -20.30 15.25
CA GLY A 174 -10.38 -21.19 14.37
C GLY A 174 -10.79 -20.99 12.92
N TRP A 175 -9.88 -21.36 12.02
CA TRP A 175 -10.15 -21.39 10.59
C TRP A 175 -9.52 -22.66 10.05
N GLY A 176 -10.31 -23.48 9.36
CA GLY A 176 -9.86 -24.83 9.01
C GLY A 176 -9.01 -24.96 7.75
N ASN A 177 -9.38 -24.23 6.69
CA ASN A 177 -8.69 -24.38 5.42
C ASN A 177 -9.03 -23.27 4.45
N GLY A 178 -8.18 -23.13 3.43
CA GLY A 178 -8.53 -22.32 2.29
C GLY A 178 -8.71 -23.26 1.11
N VAL A 179 -9.19 -22.72 0.00
CA VAL A 179 -9.30 -23.50 -1.22
C VAL A 179 -8.63 -22.77 -2.35
N TRP A 180 -9.28 -21.70 -2.83
CA TRP A 180 -8.74 -20.82 -3.87
C TRP A 180 -8.47 -19.42 -3.35
N ASN A 181 -9.35 -18.89 -2.51
CA ASN A 181 -9.22 -17.49 -2.09
C ASN A 181 -10.04 -17.17 -0.84
N MET A 182 -9.42 -17.34 0.31
CA MET A 182 -10.03 -16.91 1.57
C MET A 182 -9.35 -15.62 1.98
N THR A 183 -10.11 -14.55 2.01
CA THR A 183 -9.58 -13.22 2.34
C THR A 183 -10.18 -12.74 3.67
N PHE A 184 -9.34 -12.05 4.45
CA PHE A 184 -9.73 -11.56 5.76
C PHE A 184 -9.23 -10.11 5.90
N SER A 185 -10.07 -9.23 6.45
CA SER A 185 -9.57 -7.92 6.84
C SER A 185 -10.16 -7.59 8.21
N GLY A 186 -9.26 -7.28 9.14
CA GLY A 186 -9.67 -6.95 10.50
C GLY A 186 -10.31 -8.09 11.29
N VAL A 187 -9.83 -9.31 11.05
CA VAL A 187 -10.37 -10.47 11.71
C VAL A 187 -9.43 -11.00 12.78
N GLU A 188 -9.84 -10.76 14.04
CA GLU A 188 -9.22 -11.43 15.20
C GLU A 188 -9.28 -12.94 15.02
N GLY A 189 -8.14 -13.63 15.01
CA GLY A 189 -8.12 -15.08 14.81
C GLY A 189 -7.96 -15.55 13.37
N ALA A 190 -7.78 -14.62 12.44
CA ALA A 190 -7.61 -15.03 11.04
C ALA A 190 -6.32 -15.82 10.89
N PRO A 191 -6.32 -16.81 10.00
CA PRO A 191 -5.03 -17.45 9.73
C PRO A 191 -4.08 -16.43 9.11
N ALA A 192 -2.79 -16.52 9.43
CA ALA A 192 -1.83 -15.56 8.90
C ALA A 192 -1.72 -15.66 7.38
N GLN A 193 -1.47 -14.51 6.77
CA GLN A 193 -1.23 -14.37 5.33
C GLN A 193 -0.26 -15.40 4.87
N SER A 194 -0.64 -16.14 3.84
CA SER A 194 0.12 -17.29 3.42
C SER A 194 -0.02 -17.64 1.93
N PHE A 195 -0.86 -16.89 1.21
CA PHE A 195 -1.12 -17.13 -0.21
C PHE A 195 0.21 -17.38 -0.95
N PRO A 196 0.24 -18.43 -1.80
CA PRO A 196 -0.86 -19.30 -2.25
C PRO A 196 -1.16 -20.55 -1.36
N GLU A 197 -0.24 -20.95 -0.47
CA GLU A 197 -0.40 -22.17 0.35
C GLU A 197 -0.36 -21.85 1.85
N PRO A 198 -1.49 -21.99 2.54
CA PRO A 198 -2.84 -22.06 2.00
C PRO A 198 -3.15 -20.72 1.33
N PRO A 199 -4.33 -20.56 0.74
CA PRO A 199 -4.59 -19.37 -0.09
C PRO A 199 -5.28 -18.27 0.73
N TYR A 200 -4.52 -17.78 1.72
CA TYR A 200 -4.98 -16.81 2.69
C TYR A 200 -4.39 -15.44 2.44
N THR A 201 -5.30 -14.49 2.21
CA THR A 201 -4.98 -13.09 2.08
C THR A 201 -5.53 -12.40 3.33
N THR A 202 -4.61 -11.91 4.16
CA THR A 202 -4.97 -11.44 5.49
C THR A 202 -4.47 -10.02 5.75
N LEU A 203 -5.41 -9.10 5.94
CA LEU A 203 -5.12 -7.69 6.21
C LEU A 203 -5.44 -7.41 7.67
N GLU A 204 -4.54 -6.68 8.33
CA GLU A 204 -4.70 -6.37 9.73
C GLU A 204 -5.98 -5.61 10.07
N THR A 205 -6.30 -4.56 9.32
CA THR A 205 -7.51 -3.78 9.57
C THR A 205 -8.25 -3.54 8.25
N THR A 206 -9.51 -3.11 8.35
CA THR A 206 -10.27 -2.68 7.19
C THR A 206 -10.15 -1.17 7.11
N PRO A 207 -9.78 -0.62 5.93
CA PRO A 207 -9.40 0.80 5.91
C PRO A 207 -10.48 1.70 6.49
N VAL A 208 -11.70 1.45 6.04
CA VAL A 208 -12.89 2.10 6.59
C VAL A 208 -14.00 1.07 6.51
N SER A 209 -14.89 1.04 7.50
CA SER A 209 -16.11 0.25 7.39
C SER A 209 -17.19 0.91 8.22
N ARG A 210 -18.44 0.53 7.97
CA ARG A 210 -19.55 1.14 8.67
C ARG A 210 -20.70 0.15 8.65
N GLU A 211 -21.01 -0.44 9.80
CA GLU A 211 -21.92 -1.59 9.81
C GLU A 211 -23.33 -1.28 9.32
N LYS A 212 -24.01 -2.29 8.79
CA LYS A 212 -25.29 -2.10 8.11
C LYS A 212 -26.41 -1.73 9.11
N PRO A 213 -27.27 -0.73 8.78
CA PRO A 213 -28.41 -0.39 9.65
C PRO A 213 -29.31 -1.61 9.85
N PHE A 214 -30.00 -1.66 10.98
CA PHE A 214 -30.91 -2.77 11.27
C PHE A 214 -32.02 -2.34 12.20
N LEU A 215 -33.16 -2.99 12.05
CA LEU A 215 -34.34 -2.74 12.87
C LEU A 215 -34.06 -3.33 14.23
N TYR A 216 -34.56 -2.68 15.28
CA TYR A 216 -34.50 -3.25 16.64
C TYR A 216 -35.69 -2.71 17.40
N LEU A 217 -36.21 -3.48 18.34
CA LEU A 217 -37.51 -3.12 18.84
C LEU A 217 -37.24 -2.26 19.97
N ASP A 218 -37.42 -0.93 19.82
CA ASP A 218 -36.99 -0.05 20.89
C ASP A 218 -37.91 0.51 22.01
N GLY A 219 -37.28 0.88 23.13
CA GLY A 219 -38.01 1.00 24.37
C GLY A 219 -39.08 -0.08 24.32
N ASP A 220 -40.34 0.39 24.28
CA ASP A 220 -41.49 -0.46 23.97
C ASP A 220 -42.06 -0.07 22.58
N ASP A 221 -41.16 0.28 21.67
CA ASP A 221 -41.42 0.75 20.30
C ASP A 221 -40.34 0.21 19.33
N TYR A 222 -40.31 0.65 18.06
CA TYR A 222 -39.30 0.27 17.07
C TYR A 222 -38.54 1.48 16.50
N LYS A 223 -37.23 1.28 16.31
CA LYS A 223 -36.40 2.23 15.59
C LYS A 223 -35.40 1.48 14.70
N VAL A 224 -34.49 2.22 14.09
CA VAL A 224 -33.48 1.62 13.23
C VAL A 224 -32.13 2.10 13.75
N PHE A 225 -31.26 1.17 14.09
CA PHE A 225 -29.91 1.56 14.54
C PHE A 225 -28.92 1.81 13.39
N VAL A 226 -28.15 2.90 13.51
CA VAL A 226 -27.18 3.28 12.50
C VAL A 226 -25.79 3.37 13.05
N PRO A 227 -24.99 2.34 12.80
CA PRO A 227 -23.61 2.36 13.26
C PRO A 227 -22.80 3.56 12.78
N ALA A 228 -22.08 4.17 13.72
CA ALA A 228 -21.01 5.08 13.38
C ALA A 228 -19.98 4.29 12.55
N LYS A 229 -19.06 5.00 11.92
CA LYS A 229 -18.02 4.41 11.09
C LYS A 229 -16.84 4.04 11.97
N ARG A 230 -16.10 3.00 11.57
CA ARG A 230 -14.79 2.70 12.13
C ARG A 230 -13.71 2.85 11.06
N THR A 231 -12.71 3.71 11.29
CA THR A 231 -11.51 3.66 10.45
C THR A 231 -10.52 2.64 11.04
N ASN A 232 -9.84 1.87 10.19
CA ASN A 232 -8.92 0.85 10.67
C ASN A 232 -9.61 -0.11 11.64
N ALA A 233 -10.84 -0.48 11.28
CA ALA A 233 -11.57 -1.55 11.95
C ALA A 233 -10.83 -2.88 12.12
N ARG A 234 -10.99 -3.47 13.32
CA ARG A 234 -10.61 -4.86 13.60
C ARG A 234 -11.55 -5.37 14.70
N GLY A 235 -11.95 -6.63 14.59
CA GLY A 235 -12.90 -7.19 15.52
C GLY A 235 -14.29 -6.59 15.40
N THR A 236 -15.19 -7.06 16.25
CA THR A 236 -16.59 -6.65 16.19
C THR A 236 -16.79 -5.25 16.72
N SER A 237 -17.84 -4.61 16.23
CA SER A 237 -18.21 -3.28 16.65
C SER A 237 -18.85 -3.33 18.04
N TRP A 238 -19.67 -4.36 18.23
CA TRP A 238 -20.59 -4.55 19.37
C TRP A 238 -20.05 -5.32 20.57
N GLY A 239 -18.93 -6.03 20.41
CA GLY A 239 -18.48 -6.95 21.46
C GLY A 239 -18.62 -6.30 22.82
N ASN A 240 -18.05 -5.10 22.95
CA ASN A 240 -17.89 -4.54 24.28
C ASN A 240 -19.19 -3.87 24.81
N GLY A 241 -20.23 -3.92 23.96
CA GLY A 241 -21.62 -4.09 24.39
C GLY A 241 -22.64 -2.99 24.06
N THR A 242 -22.20 -1.93 23.41
CA THR A 242 -22.78 -0.60 23.60
C THR A 242 -22.44 0.24 22.35
N PRO A 243 -23.18 0.05 21.26
CA PRO A 243 -22.79 0.63 19.97
C PRO A 243 -22.70 2.18 19.81
N GLU A 244 -21.58 2.72 19.33
CA GLU A 244 -21.60 4.11 18.82
C GLU A 244 -22.35 4.03 17.47
N GLY A 245 -23.21 5.04 17.25
CA GLY A 245 -24.19 5.02 16.17
C GLY A 245 -25.40 5.84 16.57
N GLU A 246 -26.43 5.88 15.72
CA GLU A 246 -27.64 6.66 15.99
C GLU A 246 -28.88 5.84 15.87
N SER A 247 -30.02 6.40 16.31
CA SER A 247 -31.25 5.67 16.19
C SER A 247 -32.35 6.51 15.63
N LEU A 248 -33.28 5.83 14.97
CA LEU A 248 -34.30 6.50 14.22
C LEU A 248 -35.62 5.79 14.41
N PRO A 249 -36.58 6.43 15.11
CA PRO A 249 -37.90 5.79 15.22
C PRO A 249 -38.51 5.40 13.86
N LEU A 250 -39.11 4.22 13.81
CA LEU A 250 -39.80 3.80 12.59
C LEU A 250 -40.73 4.91 12.04
N ASP A 251 -41.20 5.82 12.91
CA ASP A 251 -41.93 7.00 12.46
C ASP A 251 -41.21 7.76 11.38
N GLN A 252 -39.89 7.86 11.49
CA GLN A 252 -39.11 8.65 10.59
C GLN A 252 -38.93 7.95 9.23
N PHE A 253 -39.55 6.77 9.08
CA PHE A 253 -39.47 5.96 7.85
C PHE A 253 -40.79 5.87 7.14
N TYR A 254 -40.75 5.99 5.82
CA TYR A 254 -41.87 5.59 4.99
C TYR A 254 -41.73 4.08 4.89
N VAL A 255 -42.72 3.36 5.40
CA VAL A 255 -42.68 1.91 5.37
C VAL A 255 -43.29 1.46 4.04
N VAL A 256 -42.41 1.10 3.11
CA VAL A 256 -42.77 0.81 1.73
C VAL A 256 -43.33 -0.61 1.77
N LYS A 257 -44.60 -0.71 1.42
CA LYS A 257 -45.58 -1.60 2.09
C LYS A 257 -46.08 -2.07 0.73
N PRO A 258 -47.38 -2.39 0.54
CA PRO A 258 -47.66 -3.06 -0.79
C PRO A 258 -48.24 -2.16 -1.93
N GLY A 259 -47.59 -1.88 -3.07
CA GLY A 259 -48.19 -1.00 -4.12
C GLY A 259 -47.74 0.46 -4.29
N ALA A 260 -48.49 1.23 -5.10
CA ALA A 260 -48.15 2.59 -5.44
C ALA A 260 -46.85 2.60 -6.22
N THR A 261 -46.33 3.81 -6.40
CA THR A 261 -45.43 4.16 -7.48
C THR A 261 -44.09 4.82 -7.05
N ALA A 262 -43.18 4.95 -8.02
CA ALA A 262 -41.93 5.71 -7.81
C ALA A 262 -42.20 7.07 -7.17
N GLU A 263 -43.25 7.73 -7.65
CA GLU A 263 -43.54 9.11 -7.23
C GLU A 263 -43.71 9.32 -5.72
N THR A 264 -44.46 8.46 -5.06
CA THR A 264 -44.64 8.63 -3.61
C THR A 264 -43.40 8.28 -2.79
N ILE A 265 -42.81 7.12 -3.08
CA ILE A 265 -41.50 6.81 -2.52
C ILE A 265 -40.61 8.04 -2.64
N ASN A 266 -40.58 8.67 -3.83
CA ASN A 266 -39.73 9.84 -4.02
C ASN A 266 -40.20 11.06 -3.21
N ALA A 267 -41.52 11.13 -3.02
CA ALA A 267 -42.09 12.25 -2.26
C ALA A 267 -41.62 12.10 -0.81
N ALA A 268 -41.58 10.85 -0.34
CA ALA A 268 -41.08 10.56 1.02
C ALA A 268 -39.71 11.19 1.26
N VAL A 269 -38.75 10.87 0.41
CA VAL A 269 -37.39 11.35 0.65
C VAL A 269 -37.36 12.86 0.49
N ASP A 270 -38.31 13.38 -0.26
CA ASP A 270 -38.39 14.82 -0.41
C ASP A 270 -38.92 15.51 0.84
N GLN A 271 -39.95 14.98 1.46
CA GLN A 271 -40.50 15.60 2.68
C GLN A 271 -39.69 15.23 3.92
N GLY A 272 -38.60 14.50 3.70
CA GLY A 272 -37.58 14.33 4.72
C GLY A 272 -37.77 13.05 5.51
N LEU A 273 -38.12 11.97 4.85
CA LEU A 273 -38.23 10.67 5.50
C LEU A 273 -37.28 9.65 4.91
N HIS A 274 -36.87 8.69 5.77
CA HIS A 274 -36.05 7.54 5.40
C HIS A 274 -36.97 6.47 4.78
N LEU A 275 -36.37 5.42 4.22
CA LEU A 275 -37.17 4.38 3.57
C LEU A 275 -36.92 3.00 4.16
N LEU A 276 -38.02 2.28 4.42
CA LEU A 276 -37.93 0.90 4.85
C LEU A 276 -38.76 0.08 3.91
N PHE A 277 -38.10 -0.66 3.03
CA PHE A 277 -38.81 -1.51 2.08
C PHE A 277 -39.16 -2.85 2.69
N THR A 278 -40.45 -3.07 2.94
CA THR A 278 -40.87 -4.35 3.49
C THR A 278 -40.75 -5.41 2.41
N PRO A 279 -40.78 -6.68 2.82
CA PRO A 279 -40.45 -7.72 1.83
C PRO A 279 -41.50 -7.82 0.74
N GLY A 280 -41.01 -7.70 -0.49
CA GLY A 280 -41.86 -7.80 -1.66
C GLY A 280 -41.11 -7.34 -2.91
N VAL A 281 -41.86 -7.21 -4.00
CA VAL A 281 -41.27 -6.90 -5.30
C VAL A 281 -41.96 -5.68 -5.91
N TYR A 282 -41.20 -4.59 -6.05
CA TYR A 282 -41.72 -3.27 -6.42
C TYR A 282 -41.34 -2.81 -7.84
N HIS A 283 -42.35 -2.51 -8.66
CA HIS A 283 -42.06 -1.83 -9.94
C HIS A 283 -42.04 -0.32 -9.86
N VAL A 284 -41.09 0.25 -10.59
CA VAL A 284 -40.82 1.67 -10.52
C VAL A 284 -40.51 2.11 -11.95
N ASP A 285 -41.28 3.09 -12.45
CA ASP A 285 -41.10 3.44 -13.86
C ASP A 285 -40.68 4.87 -14.05
N GLN A 286 -40.18 5.44 -12.99
CA GLN A 286 -39.10 6.40 -13.06
C GLN A 286 -38.24 6.04 -11.87
N PRO A 287 -36.98 6.48 -11.87
CA PRO A 287 -36.11 6.00 -10.78
C PRO A 287 -36.56 6.42 -9.40
N ILE A 288 -36.21 5.61 -8.42
CA ILE A 288 -36.21 6.02 -7.03
C ILE A 288 -35.02 7.00 -6.90
N GLU A 289 -35.26 8.16 -6.31
CA GLU A 289 -34.22 9.17 -6.11
C GLU A 289 -34.02 9.33 -4.61
N ILE A 290 -32.79 9.10 -4.15
CA ILE A 290 -32.35 9.54 -2.83
C ILE A 290 -31.35 10.68 -2.99
N ASP A 291 -31.88 11.92 -2.95
CA ASP A 291 -31.03 13.12 -3.11
C ASP A 291 -31.02 13.95 -1.81
N ARG A 292 -31.18 13.26 -0.70
CA ARG A 292 -31.11 13.92 0.58
C ARG A 292 -30.11 13.24 1.55
N ALA A 293 -29.22 14.08 2.09
CA ALA A 293 -28.11 13.58 2.88
C ALA A 293 -28.61 12.73 4.04
N ASN A 294 -27.84 11.71 4.37
CA ASN A 294 -28.09 10.85 5.54
C ASN A 294 -29.31 9.92 5.45
N THR A 295 -29.92 9.86 4.28
CA THR A 295 -31.08 8.99 4.07
C THR A 295 -30.68 7.52 4.14
N VAL A 296 -31.44 6.78 4.94
CA VAL A 296 -31.33 5.36 5.10
C VAL A 296 -32.39 4.72 4.23
N ALA A 297 -31.96 3.80 3.36
CA ALA A 297 -32.91 3.04 2.54
C ALA A 297 -32.60 1.58 2.79
N LEU A 298 -33.44 0.99 3.64
CA LEU A 298 -33.17 -0.32 4.22
C LEU A 298 -34.24 -1.28 3.76
N GLY A 299 -33.81 -2.40 3.19
CA GLY A 299 -34.74 -3.41 2.74
C GLY A 299 -34.79 -4.57 3.71
N LEU A 300 -35.95 -5.22 3.78
CA LEU A 300 -36.12 -6.43 4.54
C LEU A 300 -36.58 -7.56 3.61
N GLY A 301 -36.18 -8.78 3.94
CA GLY A 301 -36.62 -9.97 3.23
C GLY A 301 -36.34 -9.97 1.73
N LEU A 302 -35.18 -9.44 1.36
CA LEU A 302 -34.75 -9.40 -0.04
C LEU A 302 -35.74 -8.62 -0.92
N ALA A 303 -36.29 -7.55 -0.34
CA ALA A 303 -37.08 -6.61 -1.09
C ALA A 303 -36.36 -6.27 -2.38
N THR A 304 -37.16 -6.29 -3.43
CA THR A 304 -36.68 -6.23 -4.79
C THR A 304 -37.31 -5.07 -5.54
N ILE A 305 -36.48 -4.41 -6.35
CA ILE A 305 -36.96 -3.31 -7.19
C ILE A 305 -36.68 -3.66 -8.64
N ILE A 306 -37.72 -3.53 -9.48
CA ILE A 306 -37.63 -3.81 -10.92
C ILE A 306 -37.96 -2.56 -11.70
N PRO A 307 -37.02 -2.07 -12.52
CA PRO A 307 -37.41 -0.90 -13.31
C PRO A 307 -38.22 -1.31 -14.52
N ASP A 308 -39.21 -0.47 -14.80
CA ASP A 308 -39.95 -0.53 -16.05
C ASP A 308 -39.40 0.47 -17.03
N ASN A 309 -39.64 0.24 -18.32
CA ASN A 309 -39.46 1.30 -19.31
C ASN A 309 -38.01 1.74 -19.50
N GLY A 310 -37.10 0.83 -19.17
CA GLY A 310 -35.68 1.07 -19.34
C GLY A 310 -35.13 2.13 -18.41
N VAL A 311 -35.88 2.47 -17.35
CA VAL A 311 -35.35 3.47 -16.44
C VAL A 311 -34.27 2.89 -15.50
N THR A 312 -33.53 3.79 -14.90
CA THR A 312 -32.63 3.44 -13.84
C THR A 312 -33.50 3.13 -12.61
N ALA A 313 -33.12 2.10 -11.84
CA ALA A 313 -33.91 1.74 -10.64
C ALA A 313 -33.67 2.69 -9.46
N LEU A 314 -32.41 3.02 -9.21
CA LEU A 314 -32.05 3.88 -8.08
C LEU A 314 -30.98 4.88 -8.47
N LYS A 315 -31.32 6.14 -8.26
CA LYS A 315 -30.37 7.25 -8.45
C LYS A 315 -30.13 7.93 -7.09
N VAL A 316 -28.89 7.86 -6.61
CA VAL A 316 -28.48 8.60 -5.42
C VAL A 316 -27.78 9.88 -5.86
N GLY A 317 -28.20 11.00 -5.30
CA GLY A 317 -27.63 12.29 -5.63
C GLY A 317 -26.24 12.50 -5.03
N ASP A 318 -25.72 13.72 -5.15
CA ASP A 318 -24.36 14.00 -4.72
C ASP A 318 -24.30 14.48 -3.29
N VAL A 319 -24.83 13.66 -2.42
CA VAL A 319 -24.97 13.98 -1.00
C VAL A 319 -24.21 13.00 -0.10
N ASP A 320 -23.80 13.49 1.07
CA ASP A 320 -23.16 12.66 2.12
C ASP A 320 -24.12 11.62 2.69
N GLY A 321 -23.57 10.51 3.21
CA GLY A 321 -24.22 9.75 4.26
C GLY A 321 -25.37 8.85 3.90
N VAL A 322 -25.65 8.68 2.62
CA VAL A 322 -26.78 7.79 2.25
C VAL A 322 -26.35 6.35 2.48
N LYS A 323 -27.26 5.55 3.04
CA LYS A 323 -26.95 4.14 3.33
C LYS A 323 -28.02 3.29 2.69
N VAL A 324 -27.66 2.67 1.56
CA VAL A 324 -28.54 1.74 0.85
C VAL A 324 -28.19 0.36 1.36
N ALA A 325 -29.19 -0.40 1.82
CA ALA A 325 -28.89 -1.69 2.45
C ALA A 325 -29.98 -2.73 2.16
N GLY A 326 -29.57 -3.94 1.76
CA GLY A 326 -30.50 -5.05 1.66
C GLY A 326 -31.56 -4.98 0.58
N LEU A 327 -31.12 -4.70 -0.64
CA LEU A 327 -32.02 -4.61 -1.79
C LEU A 327 -31.50 -5.42 -2.96
N LEU A 328 -32.42 -6.11 -3.65
CA LEU A 328 -32.14 -6.75 -4.92
C LEU A 328 -32.73 -5.90 -6.04
N VAL A 329 -31.92 -5.51 -7.01
CA VAL A 329 -32.39 -4.78 -8.17
C VAL A 329 -32.38 -5.76 -9.35
N ASP A 330 -33.55 -6.02 -9.93
CA ASP A 330 -33.73 -7.06 -10.96
C ASP A 330 -34.12 -6.38 -12.28
N ALA A 331 -33.27 -6.46 -13.30
CA ALA A 331 -33.54 -5.77 -14.54
C ALA A 331 -34.86 -6.20 -15.17
N GLY A 332 -35.52 -5.24 -15.80
CA GLY A 332 -36.70 -5.52 -16.60
C GLY A 332 -36.30 -5.89 -18.03
N PRO A 333 -37.24 -6.45 -18.81
CA PRO A 333 -36.89 -6.86 -20.18
C PRO A 333 -36.53 -5.69 -21.12
N VAL A 334 -36.90 -4.46 -20.77
CA VAL A 334 -36.55 -3.31 -21.59
C VAL A 334 -35.21 -2.76 -21.05
N ASN A 335 -34.18 -2.68 -21.89
CA ASN A 335 -32.84 -2.38 -21.43
C ASN A 335 -32.72 -1.03 -20.70
N SER A 336 -32.16 -1.07 -19.49
CA SER A 336 -31.81 0.16 -18.77
C SER A 336 -30.33 0.50 -18.99
N GLU A 337 -30.06 1.76 -19.32
CA GLU A 337 -28.68 2.29 -19.45
C GLU A 337 -27.87 2.12 -18.15
N THR A 338 -28.54 2.28 -17.02
CA THR A 338 -27.92 1.96 -15.73
C THR A 338 -29.02 1.39 -14.85
N LEU A 339 -28.67 0.55 -13.90
CA LEU A 339 -29.64 0.11 -12.90
C LEU A 339 -29.52 0.89 -11.56
N VAL A 340 -28.31 1.19 -11.15
CA VAL A 340 -28.02 1.92 -9.92
C VAL A 340 -26.94 2.94 -10.24
N GLU A 341 -27.23 4.21 -9.93
CA GLU A 341 -26.22 5.27 -10.04
C GLU A 341 -25.96 5.91 -8.66
N VAL A 342 -24.68 5.97 -8.24
CA VAL A 342 -24.33 6.64 -6.97
C VAL A 342 -23.63 7.94 -7.31
N GLY A 343 -24.39 9.03 -7.20
CA GLY A 343 -23.92 10.33 -7.62
C GLY A 343 -24.10 10.57 -9.09
N SER A 344 -23.81 11.79 -9.52
CA SER A 344 -23.99 12.14 -10.93
C SER A 344 -22.71 11.99 -11.74
N ASP A 345 -22.89 11.73 -13.04
CA ASP A 345 -21.76 11.63 -13.96
C ASP A 345 -20.90 12.90 -13.78
N GLY A 346 -19.63 12.73 -13.35
CA GLY A 346 -18.70 13.81 -13.06
C GLY A 346 -18.74 14.55 -11.72
N ALA A 347 -19.26 13.91 -10.65
CA ALA A 347 -19.37 14.53 -9.31
C ALA A 347 -18.06 14.52 -8.51
N SER A 348 -17.51 15.69 -8.27
CA SER A 348 -16.12 15.80 -7.86
C SER A 348 -15.92 16.43 -6.49
N GLY A 349 -16.98 16.44 -5.68
CA GLY A 349 -16.83 16.77 -4.28
C GLY A 349 -16.47 15.55 -3.47
N ASP A 350 -16.06 15.77 -2.21
CA ASP A 350 -15.67 14.64 -1.37
C ASP A 350 -16.80 14.34 -0.37
N HIS A 351 -16.80 13.11 0.16
CA HIS A 351 -17.74 12.71 1.19
C HIS A 351 -16.94 11.88 2.20
N ALA A 352 -15.76 12.39 2.57
CA ALA A 352 -14.80 11.60 3.35
C ALA A 352 -15.32 11.18 4.71
N ALA A 353 -15.65 12.19 5.51
CA ALA A 353 -16.10 11.95 6.89
C ALA A 353 -17.38 11.10 6.94
N ASN A 354 -18.28 11.29 5.96
CA ASN A 354 -19.64 10.76 6.04
C ASN A 354 -20.07 10.22 4.64
N PRO A 355 -19.42 9.13 4.20
CA PRO A 355 -19.63 8.68 2.83
C PRO A 355 -21.00 8.05 2.61
N THR A 356 -21.35 7.88 1.36
CA THR A 356 -22.51 7.06 0.99
C THR A 356 -22.01 5.62 0.90
N SER A 357 -22.91 4.67 1.23
CA SER A 357 -22.59 3.25 1.20
C SER A 357 -23.68 2.45 0.49
N LEU A 358 -23.25 1.41 -0.23
CA LEU A 358 -24.13 0.35 -0.68
C LEU A 358 -23.77 -0.91 0.08
N GLN A 359 -24.73 -1.51 0.79
CA GLN A 359 -24.48 -2.77 1.51
C GLN A 359 -25.54 -3.81 1.22
N ASP A 360 -25.09 -5.02 0.94
CA ASP A 360 -26.01 -6.08 0.56
C ASP A 360 -26.97 -5.55 -0.51
N VAL A 361 -26.36 -4.98 -1.55
CA VAL A 361 -27.06 -4.59 -2.75
C VAL A 361 -26.70 -5.61 -3.80
N PHE A 362 -27.74 -6.26 -4.30
CA PHE A 362 -27.56 -7.32 -5.28
C PHE A 362 -28.24 -6.84 -6.57
N VAL A 363 -27.66 -7.24 -7.69
CA VAL A 363 -28.25 -6.95 -8.97
C VAL A 363 -28.35 -8.25 -9.76
N ARG A 364 -29.50 -8.46 -10.41
CA ARG A 364 -29.73 -9.60 -11.31
C ARG A 364 -30.18 -9.14 -12.69
N ILE A 365 -29.57 -9.71 -13.73
CA ILE A 365 -29.99 -9.47 -15.11
C ILE A 365 -30.38 -10.80 -15.74
N GLY A 366 -31.69 -11.00 -15.90
CA GLY A 366 -32.23 -12.26 -16.40
C GLY A 366 -32.40 -13.31 -15.32
N GLY A 367 -32.93 -14.48 -15.67
CA GLY A 367 -33.07 -15.59 -14.72
C GLY A 367 -34.52 -15.81 -14.30
N ALA A 368 -35.14 -14.72 -13.87
CA ALA A 368 -36.56 -14.68 -13.54
C ALA A 368 -37.36 -14.05 -14.72
N GLY A 369 -36.90 -14.32 -15.95
CA GLY A 369 -37.47 -13.74 -17.15
C GLY A 369 -36.47 -12.85 -17.87
N PRO A 370 -36.72 -12.51 -19.15
CA PRO A 370 -35.74 -11.64 -19.80
C PRO A 370 -35.48 -10.35 -19.02
N GLY A 371 -34.23 -9.94 -19.01
CA GLY A 371 -33.83 -8.67 -18.42
C GLY A 371 -32.58 -8.20 -19.14
N LYS A 372 -32.41 -6.89 -19.25
CA LYS A 372 -31.29 -6.30 -19.94
C LYS A 372 -30.84 -4.99 -19.27
N ALA A 373 -29.54 -4.79 -19.20
CA ALA A 373 -29.01 -3.49 -18.75
C ALA A 373 -27.60 -3.28 -19.27
N THR A 374 -27.25 -2.03 -19.58
CA THR A 374 -25.93 -1.74 -20.16
C THR A 374 -24.79 -1.75 -19.14
N THR A 375 -24.97 -0.91 -18.11
CA THR A 375 -24.06 -0.87 -16.95
C THR A 375 -24.91 -1.04 -15.72
N SER A 376 -24.62 -2.02 -14.88
CA SER A 376 -25.48 -2.25 -13.73
C SER A 376 -25.34 -1.22 -12.60
N ILE A 377 -24.12 -0.99 -12.12
CA ILE A 377 -23.89 0.01 -11.08
C ILE A 377 -22.78 0.94 -11.50
N VAL A 378 -23.13 2.24 -11.50
CA VAL A 378 -22.15 3.28 -11.76
C VAL A 378 -21.92 4.02 -10.46
N VAL A 379 -20.65 4.14 -10.08
CA VAL A 379 -20.28 4.86 -8.85
C VAL A 379 -19.51 6.14 -9.20
N ASN A 380 -20.23 7.26 -9.15
CA ASN A 380 -19.65 8.57 -9.40
C ASN A 380 -19.14 9.26 -8.13
N SER A 381 -19.92 9.22 -7.05
CA SER A 381 -19.55 9.99 -5.84
C SER A 381 -18.26 9.50 -5.18
N ASN A 382 -17.34 10.42 -4.93
CA ASN A 382 -16.11 10.09 -4.24
C ASN A 382 -16.38 9.53 -2.83
N ASP A 383 -15.46 8.70 -2.37
CA ASP A 383 -15.43 8.15 -1.00
C ASP A 383 -16.48 7.07 -0.69
N THR A 384 -17.24 6.67 -1.69
CA THR A 384 -18.28 5.65 -1.52
C THR A 384 -17.71 4.32 -1.00
N ILE A 385 -18.47 3.64 -0.13
CA ILE A 385 -18.14 2.32 0.35
C ILE A 385 -19.11 1.33 -0.29
N ILE A 386 -18.60 0.30 -0.95
CA ILE A 386 -19.46 -0.78 -1.49
C ILE A 386 -19.07 -1.99 -0.65
N ASP A 387 -19.92 -2.33 0.33
CA ASP A 387 -19.59 -3.37 1.32
C ASP A 387 -20.58 -4.53 1.16
N HIS A 388 -20.16 -5.50 0.35
CA HIS A 388 -20.93 -6.65 -0.10
C HIS A 388 -21.91 -6.31 -1.21
N THR A 389 -21.52 -6.66 -2.42
CA THR A 389 -22.42 -6.61 -3.55
C THR A 389 -22.24 -7.88 -4.40
N TRP A 390 -23.35 -8.33 -5.00
CA TRP A 390 -23.32 -9.37 -6.04
C TRP A 390 -24.05 -8.80 -7.24
N VAL A 391 -23.32 -8.61 -8.32
CA VAL A 391 -23.85 -8.04 -9.57
C VAL A 391 -23.72 -9.18 -10.60
N TRP A 392 -24.88 -9.72 -11.01
CA TRP A 392 -24.94 -11.04 -11.65
C TRP A 392 -25.81 -11.04 -12.89
N ARG A 393 -25.19 -11.24 -14.04
CA ARG A 393 -25.95 -11.54 -15.23
C ARG A 393 -26.27 -13.05 -15.18
N ALA A 394 -27.55 -13.41 -15.26
CA ALA A 394 -27.97 -14.80 -15.05
C ALA A 394 -27.35 -15.79 -16.05
N ASP A 395 -27.00 -16.98 -15.56
CA ASP A 395 -26.53 -18.05 -16.44
C ASP A 395 -27.52 -19.24 -16.48
N HIS A 396 -28.65 -19.11 -15.80
CA HIS A 396 -29.67 -20.13 -15.86
C HIS A 396 -31.01 -19.51 -15.44
N GLY A 397 -32.09 -20.20 -15.78
CA GLY A 397 -33.44 -19.73 -15.52
C GLY A 397 -34.19 -19.23 -16.75
N GLU A 398 -35.39 -18.73 -16.51
CA GLU A 398 -36.16 -18.16 -17.59
C GLU A 398 -35.37 -16.97 -18.09
N GLY A 399 -35.12 -16.91 -19.41
CA GLY A 399 -34.73 -15.65 -20.03
C GLY A 399 -33.27 -15.41 -20.38
N VAL A 400 -32.43 -16.44 -20.31
CA VAL A 400 -30.99 -16.29 -20.50
C VAL A 400 -30.60 -16.45 -21.97
N GLY A 401 -29.53 -15.77 -22.38
CA GLY A 401 -29.07 -15.81 -23.74
C GLY A 401 -28.03 -14.72 -23.95
N TRP A 402 -27.01 -15.06 -24.74
CA TRP A 402 -25.92 -14.11 -25.04
C TRP A 402 -26.48 -12.74 -25.45
N GLU A 403 -27.53 -12.76 -26.27
CA GLU A 403 -28.24 -11.54 -26.61
C GLU A 403 -29.53 -11.35 -25.76
N THR A 404 -30.28 -12.43 -25.47
CA THR A 404 -31.50 -12.25 -24.70
C THR A 404 -31.36 -11.56 -23.32
N ASN A 405 -30.38 -11.95 -22.48
CA ASN A 405 -30.08 -11.18 -21.26
C ASN A 405 -28.70 -10.49 -21.34
N ARG A 406 -28.42 -9.93 -22.52
CA ARG A 406 -27.23 -9.11 -22.72
C ARG A 406 -27.06 -8.06 -21.61
N ALA A 407 -25.88 -8.04 -21.03
CA ALA A 407 -25.52 -6.98 -20.06
C ALA A 407 -24.02 -6.74 -20.22
N ASP A 408 -23.64 -5.58 -20.77
CA ASP A 408 -22.23 -5.39 -21.15
C ASP A 408 -21.31 -5.18 -19.96
N TYR A 409 -21.73 -4.32 -19.04
CA TYR A 409 -20.85 -3.88 -17.96
C TYR A 409 -21.51 -4.09 -16.60
N GLY A 410 -20.73 -4.59 -15.65
CA GLY A 410 -21.22 -4.84 -14.30
C GLY A 410 -21.16 -3.61 -13.42
N VAL A 411 -19.96 -3.31 -12.94
CA VAL A 411 -19.71 -2.16 -12.08
C VAL A 411 -18.70 -1.26 -12.76
N HIS A 412 -18.98 0.04 -12.78
CA HIS A 412 -18.01 1.02 -13.26
C HIS A 412 -17.78 2.05 -12.16
N VAL A 413 -16.57 2.08 -11.62
CA VAL A 413 -16.25 3.04 -10.55
C VAL A 413 -15.55 4.24 -11.14
N LYS A 414 -16.25 5.38 -11.10
CA LYS A 414 -15.73 6.66 -11.60
C LYS A 414 -15.22 7.60 -10.48
N GLY A 415 -15.79 7.50 -9.28
CA GLY A 415 -15.34 8.33 -8.16
C GLY A 415 -13.96 7.98 -7.64
N ASP A 416 -13.37 8.93 -6.90
CA ASP A 416 -12.08 8.75 -6.28
C ASP A 416 -12.26 8.26 -4.84
N ASN A 417 -11.27 7.55 -4.32
CA ASN A 417 -11.24 7.16 -2.89
C ASN A 417 -12.39 6.20 -2.58
N VAL A 418 -12.79 5.40 -3.58
CA VAL A 418 -13.88 4.41 -3.41
C VAL A 418 -13.29 3.09 -2.88
N LEU A 419 -13.97 2.48 -1.91
CA LEU A 419 -13.53 1.23 -1.31
C LEU A 419 -14.58 0.19 -1.60
N ALA A 420 -14.15 -0.97 -2.09
CA ALA A 420 -15.04 -2.12 -2.22
C ALA A 420 -14.53 -3.25 -1.33
N THR A 421 -15.39 -3.73 -0.45
CA THR A 421 -15.08 -4.83 0.44
C THR A 421 -16.11 -5.95 0.19
N GLY A 422 -15.67 -7.06 -0.37
CA GLY A 422 -16.60 -8.15 -0.66
C GLY A 422 -17.33 -7.91 -1.99
N LEU A 423 -16.55 -7.89 -3.05
CA LEU A 423 -17.06 -7.56 -4.39
C LEU A 423 -17.22 -8.81 -5.27
N PHE A 424 -18.46 -9.11 -5.65
CA PHE A 424 -18.78 -10.32 -6.43
C PHE A 424 -19.49 -9.88 -7.72
N VAL A 425 -18.90 -10.11 -8.89
CA VAL A 425 -19.47 -9.63 -10.13
C VAL A 425 -19.23 -10.68 -11.22
N GLU A 426 -20.31 -11.14 -11.87
CA GLU A 426 -20.19 -12.29 -12.79
C GLU A 426 -21.00 -12.19 -14.07
N HIS A 427 -20.35 -12.62 -15.16
CA HIS A 427 -20.99 -13.07 -16.41
C HIS A 427 -21.28 -12.00 -17.48
N PHE A 428 -20.75 -10.79 -17.30
CA PHE A 428 -21.02 -9.69 -18.23
C PHE A 428 -20.42 -9.91 -19.63
N ASN A 429 -21.08 -9.35 -20.65
CA ASN A 429 -20.65 -9.57 -22.04
C ASN A 429 -19.32 -8.86 -22.35
N LYS A 430 -19.07 -7.78 -21.62
CA LYS A 430 -17.81 -7.06 -21.70
C LYS A 430 -17.15 -6.98 -20.32
N TYR A 431 -16.67 -5.79 -19.90
CA TYR A 431 -15.94 -5.71 -18.65
C TYR A 431 -16.87 -5.91 -17.45
N ASP A 432 -16.59 -6.89 -16.59
CA ASP A 432 -17.43 -7.08 -15.42
C ASP A 432 -17.25 -5.86 -14.51
N VAL A 433 -15.99 -5.50 -14.26
CA VAL A 433 -15.66 -4.32 -13.45
C VAL A 433 -14.67 -3.44 -14.17
N GLN A 434 -14.96 -2.12 -14.21
CA GLN A 434 -14.02 -1.11 -14.69
C GLN A 434 -13.84 -0.05 -13.60
N TRP A 435 -12.60 0.40 -13.43
CA TRP A 435 -12.28 1.34 -12.40
C TRP A 435 -11.52 2.46 -13.07
N SER A 436 -12.18 3.63 -13.11
CA SER A 436 -11.67 4.82 -13.76
C SER A 436 -11.27 5.94 -12.78
N GLY A 437 -11.78 5.89 -11.55
CA GLY A 437 -11.40 6.86 -10.53
C GLY A 437 -10.05 6.56 -9.89
N GLU A 438 -9.54 7.53 -9.13
CA GLU A 438 -8.23 7.40 -8.49
C GLU A 438 -8.32 6.80 -7.06
N ASN A 439 -7.21 6.22 -6.62
CA ASN A 439 -7.08 5.71 -5.24
C ASN A 439 -8.18 4.75 -4.78
N GLY A 440 -8.68 3.95 -5.72
CA GLY A 440 -9.59 2.88 -5.40
C GLY A 440 -8.90 1.73 -4.70
N LYS A 441 -9.70 1.03 -3.90
CA LYS A 441 -9.27 -0.19 -3.24
C LYS A 441 -10.35 -1.23 -3.26
N THR A 442 -9.96 -2.46 -3.63
CA THR A 442 -10.84 -3.63 -3.52
C THR A 442 -10.20 -4.65 -2.60
N ILE A 443 -10.97 -5.05 -1.57
CA ILE A 443 -10.60 -6.15 -0.66
C ILE A 443 -11.63 -7.26 -0.92
N PHE A 444 -11.12 -8.29 -1.59
CA PHE A 444 -11.85 -9.47 -2.08
C PHE A 444 -12.66 -9.20 -3.33
N TYR A 445 -12.34 -9.96 -4.37
CA TYR A 445 -13.08 -9.98 -5.61
C TYR A 445 -13.30 -11.42 -6.04
N GLN A 446 -14.54 -11.70 -6.40
CA GLN A 446 -14.87 -12.95 -7.08
C GLN A 446 -15.61 -12.67 -8.36
N ASN A 447 -15.12 -13.27 -9.45
CA ASN A 447 -15.70 -13.15 -10.78
C ASN A 447 -15.78 -14.49 -11.47
N ALA A 448 -16.80 -14.63 -12.34
CA ALA A 448 -16.80 -15.69 -13.34
C ALA A 448 -17.14 -15.00 -14.67
N LYS A 449 -16.50 -15.46 -15.72
CA LYS A 449 -16.70 -14.92 -17.05
C LYS A 449 -17.94 -15.57 -17.67
N ALA A 450 -18.58 -14.85 -18.58
CA ALA A 450 -19.77 -15.32 -19.29
C ALA A 450 -19.54 -16.70 -19.89
N TYR A 451 -20.45 -17.62 -19.59
CA TYR A 451 -20.34 -19.03 -20.05
C TYR A 451 -20.70 -19.18 -21.52
N ASP A 452 -21.43 -18.19 -22.04
CA ASP A 452 -22.13 -18.30 -23.31
C ASP A 452 -21.61 -17.44 -24.47
N ALA A 453 -20.38 -16.94 -24.37
CA ALA A 453 -19.74 -16.30 -25.50
C ALA A 453 -19.72 -17.28 -26.67
N PRO A 454 -20.12 -16.82 -27.86
CA PRO A 454 -20.35 -17.79 -28.94
C PRO A 454 -19.07 -18.24 -29.67
N ASP A 455 -18.11 -17.36 -29.67
CA ASP A 455 -16.83 -17.63 -30.29
C ASP A 455 -15.89 -16.49 -30.00
N GLN A 456 -14.61 -16.70 -30.32
CA GLN A 456 -13.59 -15.71 -30.06
C GLN A 456 -14.00 -14.32 -30.59
N ALA A 457 -14.44 -14.31 -31.84
CA ALA A 457 -14.81 -13.05 -32.52
C ALA A 457 -15.84 -12.24 -31.75
N ALA A 458 -16.75 -12.91 -31.05
CA ALA A 458 -17.78 -12.21 -30.28
C ALA A 458 -17.24 -11.35 -29.14
N ILE A 459 -16.15 -11.77 -28.51
CA ILE A 459 -15.57 -11.08 -27.36
C ILE A 459 -14.21 -10.41 -27.60
N GLN A 460 -13.87 -10.10 -28.84
CA GLN A 460 -12.59 -9.43 -29.08
C GLN A 460 -12.65 -7.99 -28.55
N ASN A 461 -11.57 -7.60 -27.87
CA ASN A 461 -11.44 -6.30 -27.19
C ASN A 461 -10.21 -5.57 -27.81
N GLY A 462 -10.36 -5.09 -29.05
CA GLY A 462 -9.24 -4.52 -29.79
C GLY A 462 -8.05 -5.46 -30.03
N ASP A 463 -6.95 -5.19 -29.32
CA ASP A 463 -5.73 -5.98 -29.42
C ASP A 463 -5.66 -7.13 -28.37
N ILE A 464 -6.78 -7.34 -27.63
CA ILE A 464 -6.93 -8.41 -26.60
C ILE A 464 -8.09 -9.36 -26.92
N LYS A 465 -7.91 -10.62 -26.58
CA LYS A 465 -8.99 -11.60 -26.57
C LYS A 465 -9.78 -11.53 -25.26
N GLY A 466 -11.04 -11.21 -25.38
CA GLY A 466 -11.90 -11.09 -24.20
C GLY A 466 -11.74 -9.79 -23.46
N TYR A 467 -12.69 -9.53 -22.58
CA TYR A 467 -12.66 -8.36 -21.71
C TYR A 467 -12.24 -8.76 -20.31
N ALA A 468 -11.31 -8.01 -19.70
CA ALA A 468 -10.90 -8.32 -18.35
C ALA A 468 -12.10 -8.39 -17.40
N ALA A 469 -12.01 -9.24 -16.40
CA ALA A 469 -13.00 -9.25 -15.34
C ALA A 469 -12.88 -8.00 -14.46
N TYR A 470 -11.70 -7.42 -14.43
CA TYR A 470 -11.44 -6.24 -13.59
C TYR A 470 -10.39 -5.40 -14.31
N LYS A 471 -10.84 -4.26 -14.86
CA LYS A 471 -9.98 -3.36 -15.60
C LYS A 471 -9.80 -2.05 -14.92
N VAL A 472 -8.54 -1.71 -14.71
CA VAL A 472 -8.18 -0.35 -14.33
C VAL A 472 -7.75 0.49 -15.54
N ASP A 473 -8.40 1.66 -15.69
CA ASP A 473 -8.12 2.64 -16.75
C ASP A 473 -6.65 2.94 -16.75
N ASP A 474 -6.03 2.77 -17.92
CA ASP A 474 -4.58 2.93 -18.00
C ASP A 474 -4.02 4.28 -17.56
N SER A 475 -4.88 5.28 -17.44
CA SER A 475 -4.42 6.61 -17.02
C SER A 475 -4.37 6.75 -15.47
N VAL A 476 -5.06 5.86 -14.76
CA VAL A 476 -5.10 5.88 -13.28
C VAL A 476 -3.70 5.81 -12.69
N THR A 477 -3.47 6.56 -11.61
CA THR A 477 -2.15 6.65 -10.97
C THR A 477 -2.01 5.74 -9.74
N THR A 478 -3.11 5.59 -9.01
CA THR A 478 -3.12 4.89 -7.72
C THR A 478 -4.32 3.93 -7.67
N HIS A 479 -4.06 2.70 -7.26
CA HIS A 479 -5.09 1.66 -7.11
C HIS A 479 -4.47 0.52 -6.32
N GLU A 480 -5.29 -0.17 -5.52
CA GLU A 480 -4.79 -1.32 -4.79
C GLU A 480 -5.88 -2.39 -4.65
N GLY A 481 -5.50 -3.64 -4.89
CA GLY A 481 -6.42 -4.75 -4.80
C GLY A 481 -5.82 -5.97 -4.12
N TRP A 482 -6.62 -6.66 -3.29
CA TRP A 482 -6.15 -7.83 -2.58
C TRP A 482 -7.17 -8.98 -2.69
N GLY A 483 -6.65 -10.18 -2.95
CA GLY A 483 -7.44 -11.40 -2.85
C GLY A 483 -8.53 -11.51 -3.91
N MET A 484 -8.10 -11.69 -5.16
CA MET A 484 -9.01 -11.53 -6.28
C MET A 484 -8.88 -12.61 -7.31
N GLY A 485 -10.03 -13.15 -7.69
CA GLY A 485 -10.06 -14.27 -8.61
C GLY A 485 -11.12 -14.15 -9.69
N SER A 486 -10.77 -14.66 -10.86
CA SER A 486 -11.69 -14.77 -12.00
C SER A 486 -11.66 -16.20 -12.50
N TYR A 487 -12.84 -16.78 -12.70
CA TYR A 487 -12.95 -18.16 -13.20
C TYR A 487 -13.65 -18.18 -14.55
N CYS A 488 -13.31 -19.17 -15.39
CA CYS A 488 -14.05 -19.32 -16.66
C CYS A 488 -14.65 -20.71 -16.82
N TYR A 489 -15.69 -20.76 -17.65
CA TYR A 489 -16.38 -22.02 -18.05
C TYR A 489 -17.12 -21.73 -19.31
N PHE A 490 -16.34 -21.69 -20.39
CA PHE A 490 -16.88 -21.38 -21.68
C PHE A 490 -17.46 -22.64 -22.30
N ASN A 491 -18.66 -23.00 -21.87
CA ASN A 491 -19.19 -24.30 -22.19
C ASN A 491 -19.95 -24.32 -23.52
N VAL A 492 -20.32 -23.15 -24.03
CA VAL A 492 -20.84 -23.04 -25.40
C VAL A 492 -19.71 -23.19 -26.41
N ASN A 493 -18.53 -22.69 -26.07
CA ASN A 493 -17.38 -22.82 -26.94
C ASN A 493 -16.07 -22.95 -26.17
N PRO A 494 -15.70 -24.20 -25.81
CA PRO A 494 -14.58 -24.35 -24.90
C PRO A 494 -13.21 -24.23 -25.57
N ASP A 495 -13.19 -23.82 -26.84
CA ASP A 495 -11.96 -23.49 -27.52
C ASP A 495 -11.63 -21.99 -27.41
N ILE A 496 -12.50 -21.24 -26.75
CA ILE A 496 -12.23 -19.83 -26.48
C ILE A 496 -11.03 -19.62 -25.58
N ARG A 497 -10.34 -18.49 -25.81
CA ARG A 497 -9.30 -18.04 -24.94
C ARG A 497 -9.63 -16.66 -24.35
N GLN A 498 -9.39 -16.52 -23.06
CA GLN A 498 -9.53 -15.27 -22.32
C GLN A 498 -8.10 -14.75 -22.01
N GLN A 499 -7.69 -13.58 -22.51
CA GLN A 499 -6.28 -13.17 -22.35
C GLN A 499 -5.86 -13.07 -20.87
N HIS A 500 -6.76 -12.54 -20.04
CA HIS A 500 -6.42 -12.29 -18.63
C HIS A 500 -7.68 -12.05 -17.79
N GLY A 501 -7.55 -12.25 -16.47
CA GLY A 501 -8.61 -11.89 -15.54
C GLY A 501 -8.61 -10.38 -15.28
N PHE A 502 -7.39 -9.81 -15.30
CA PHE A 502 -7.14 -8.46 -14.85
C PHE A 502 -6.33 -7.67 -15.85
N GLN A 503 -6.63 -6.38 -15.97
CA GLN A 503 -5.81 -5.49 -16.80
C GLN A 503 -5.67 -4.13 -16.10
N ALA A 504 -4.48 -3.57 -16.16
CA ALA A 504 -4.18 -2.36 -15.44
C ALA A 504 -2.90 -1.72 -15.94
N PRO A 505 -2.81 -0.40 -15.83
CA PRO A 505 -1.54 0.23 -16.22
C PRO A 505 -0.37 -0.25 -15.36
N VAL A 506 0.83 -0.09 -15.90
CA VAL A 506 2.04 -0.50 -15.24
C VAL A 506 2.69 0.71 -14.58
N LYS A 507 2.47 0.84 -13.27
CA LYS A 507 2.83 2.07 -12.54
C LYS A 507 3.21 1.74 -11.11
N PRO A 508 4.01 2.60 -10.46
CA PRO A 508 4.29 2.22 -9.06
C PRO A 508 3.13 2.32 -8.06
N GLY A 509 2.12 3.15 -8.27
CA GLY A 509 1.06 3.31 -7.31
C GLY A 509 -0.07 2.30 -7.53
N VAL A 510 -0.11 1.76 -8.73
CA VAL A 510 -1.14 0.78 -9.13
C VAL A 510 -0.59 -0.59 -8.71
N LYS A 511 -1.31 -1.24 -7.80
CA LYS A 511 -0.77 -2.31 -6.96
C LYS A 511 -1.79 -3.45 -6.75
N PHE A 512 -1.39 -4.72 -6.92
CA PHE A 512 -2.28 -5.84 -6.58
C PHE A 512 -1.58 -6.86 -5.70
N HIS A 513 -2.38 -7.62 -4.98
CA HIS A 513 -1.91 -8.72 -4.18
C HIS A 513 -2.83 -9.92 -4.27
N ASP A 514 -2.24 -11.08 -4.53
CA ASP A 514 -2.95 -12.35 -4.50
C ASP A 514 -4.07 -12.42 -5.56
N LEU A 515 -3.64 -12.44 -6.84
CA LEU A 515 -4.50 -12.59 -8.01
C LEU A 515 -4.55 -14.04 -8.47
N LEU A 516 -5.72 -14.48 -8.93
CA LEU A 516 -5.80 -15.79 -9.55
C LEU A 516 -6.82 -15.85 -10.67
N VAL A 517 -6.55 -16.75 -11.63
CA VAL A 517 -7.51 -17.16 -12.66
C VAL A 517 -7.68 -18.68 -12.64
N VAL A 518 -8.87 -19.18 -12.99
CA VAL A 518 -9.14 -20.61 -12.91
C VAL A 518 -10.09 -21.00 -14.04
N SER A 519 -9.74 -22.05 -14.79
CA SER A 519 -10.67 -22.68 -15.71
C SER A 519 -11.36 -23.89 -15.09
N LEU A 520 -12.68 -23.94 -15.17
CA LEU A 520 -13.45 -25.11 -14.72
C LEU A 520 -13.41 -26.23 -15.77
N GLY A 521 -12.66 -27.30 -15.49
CA GLY A 521 -12.64 -28.49 -16.34
C GLY A 521 -12.21 -28.27 -17.78
N GLY A 522 -11.31 -27.31 -17.96
CA GLY A 522 -10.74 -27.04 -19.28
C GLY A 522 -11.71 -26.41 -20.25
N LYS A 523 -12.76 -25.78 -19.72
CA LYS A 523 -13.74 -25.12 -20.58
C LYS A 523 -13.28 -23.70 -20.87
N GLY A 524 -12.54 -23.59 -21.96
CA GLY A 524 -11.78 -22.40 -22.23
C GLY A 524 -10.55 -22.36 -21.36
N GLN A 525 -9.65 -21.45 -21.69
CA GLN A 525 -8.46 -21.24 -20.87
C GLN A 525 -8.12 -19.76 -20.81
N TYR A 526 -7.47 -19.38 -19.72
CA TYR A 526 -6.84 -18.06 -19.62
C TYR A 526 -5.43 -18.08 -20.22
N GLU A 527 -5.07 -17.03 -20.95
CA GLU A 527 -3.70 -16.89 -21.48
C GLU A 527 -2.71 -16.35 -20.43
N HIS A 528 -3.24 -15.56 -19.50
CA HIS A 528 -2.43 -14.97 -18.44
C HIS A 528 -3.34 -14.60 -17.26
N VAL A 529 -2.75 -14.12 -16.17
CA VAL A 529 -3.51 -13.70 -15.00
C VAL A 529 -3.90 -12.24 -15.08
N ILE A 530 -2.88 -11.41 -15.19
CA ILE A 530 -3.06 -9.97 -15.31
C ILE A 530 -2.18 -9.48 -16.42
N ASN A 531 -2.70 -8.65 -17.32
CA ASN A 531 -1.93 -8.22 -18.48
C ASN A 531 -1.38 -9.42 -19.22
N ASP A 532 -0.15 -9.33 -19.70
CA ASP A 532 0.45 -10.44 -20.41
C ASP A 532 1.44 -11.16 -19.47
N ILE A 533 1.10 -11.15 -18.17
CA ILE A 533 1.96 -11.67 -17.09
C ILE A 533 1.22 -12.74 -16.21
N GLY A 534 2.01 -13.63 -15.63
CA GLY A 534 1.49 -14.77 -14.93
C GLY A 534 1.15 -15.85 -15.96
N ASP A 535 1.19 -17.10 -15.52
CA ASP A 535 1.08 -18.25 -16.40
C ASP A 535 -0.35 -18.51 -16.90
N PRO A 536 -0.49 -19.07 -18.13
CA PRO A 536 -1.81 -19.51 -18.58
C PRO A 536 -2.38 -20.66 -17.76
N THR A 537 -3.70 -20.82 -17.69
CA THR A 537 -4.24 -22.09 -17.23
C THR A 537 -4.14 -23.15 -18.33
N SER A 538 -4.08 -24.40 -17.91
CA SER A 538 -4.09 -25.49 -18.89
C SER A 538 -4.49 -26.81 -18.24
N GLY A 539 -4.75 -27.80 -19.09
CA GLY A 539 -5.31 -29.03 -18.62
C GLY A 539 -6.78 -28.84 -18.34
N ASP A 540 -7.37 -29.82 -17.66
CA ASP A 540 -8.78 -29.80 -17.32
C ASP A 540 -8.93 -30.21 -15.86
N THR A 541 -7.97 -29.82 -15.05
CA THR A 541 -7.89 -30.26 -13.65
C THR A 541 -8.14 -29.11 -12.67
N THR A 542 -8.61 -27.97 -13.20
CA THR A 542 -9.13 -26.91 -12.36
C THR A 542 -8.08 -26.50 -11.33
N ILE A 543 -6.87 -26.31 -11.87
CA ILE A 543 -5.73 -25.83 -11.12
C ILE A 543 -5.58 -24.32 -11.35
N PRO A 544 -5.66 -23.53 -10.26
CA PRO A 544 -5.53 -22.08 -10.40
C PRO A 544 -4.14 -21.65 -10.83
N SER A 545 -4.06 -20.62 -11.68
CA SER A 545 -2.80 -19.95 -11.99
C SER A 545 -2.78 -18.65 -11.19
N GLN A 546 -1.63 -18.34 -10.58
CA GLN A 546 -1.63 -17.37 -9.48
C GLN A 546 -0.56 -16.31 -9.70
N VAL A 547 -0.81 -15.14 -9.13
CA VAL A 547 0.22 -14.11 -8.97
C VAL A 547 0.19 -13.48 -7.56
N VAL A 548 1.31 -13.57 -6.86
CA VAL A 548 1.38 -13.09 -5.46
C VAL A 548 1.41 -11.57 -5.44
N SER A 549 2.33 -10.98 -6.21
CA SER A 549 2.44 -9.52 -6.25
C SER A 549 2.68 -8.91 -7.65
N PHE A 550 1.93 -7.85 -7.91
CA PHE A 550 2.02 -7.08 -9.15
C PHE A 550 2.20 -5.63 -8.70
N PRO A 551 3.05 -4.88 -9.39
CA PRO A 551 3.86 -5.18 -10.58
C PRO A 551 5.19 -5.81 -10.17
N ALA B 1 -4.76 34.78 -1.23
CA ALA B 1 -3.99 33.73 -0.57
C ALA B 1 -4.06 33.78 0.98
N GLN B 2 -4.41 32.66 1.59
CA GLN B 2 -4.52 32.58 3.05
C GLN B 2 -3.22 32.01 3.66
N GLU B 3 -2.84 32.42 4.87
CA GLU B 3 -1.58 31.86 5.43
C GLU B 3 -1.63 30.32 5.61
N VAL B 4 -0.54 29.61 5.28
CA VAL B 4 -0.48 28.17 5.55
C VAL B 4 -0.36 27.98 7.04
N VAL B 5 -1.06 26.99 7.58
CA VAL B 5 -1.11 26.80 9.01
C VAL B 5 -0.08 25.79 9.45
N GLY B 6 0.75 26.21 10.42
CA GLY B 6 1.79 25.40 10.97
C GLY B 6 1.37 24.41 12.04
N GLY B 7 1.84 23.17 11.90
CA GLY B 7 1.70 22.16 12.95
C GLY B 7 0.63 21.10 12.76
N GLY B 8 -0.02 20.72 13.85
CA GLY B 8 -1.03 19.68 13.81
C GLY B 8 -0.59 18.24 13.55
N ASP B 9 -1.50 17.53 12.91
CA ASP B 9 -1.47 16.09 12.77
C ASP B 9 -0.38 15.59 11.84
N LEU B 10 0.16 14.41 12.12
CA LEU B 10 1.21 13.80 11.29
C LEU B 10 0.70 12.79 10.24
N GLY B 11 -0.58 12.49 10.30
CA GLY B 11 -1.22 11.77 9.23
C GLY B 11 -1.07 10.27 9.27
N PRO B 12 -1.61 9.60 8.25
CA PRO B 12 -1.83 8.15 8.17
C PRO B 12 -0.57 7.27 8.17
N ASN B 13 0.58 7.78 7.73
CA ASN B 13 1.74 6.89 7.48
C ASN B 13 2.86 6.93 8.53
N VAL B 14 2.55 7.61 9.63
CA VAL B 14 3.47 7.58 10.77
C VAL B 14 2.85 6.97 12.00
N LEU B 15 3.34 5.77 12.26
CA LEU B 15 2.87 4.88 13.28
C LEU B 15 3.67 5.20 14.53
N VAL B 16 2.96 5.57 15.58
CA VAL B 16 3.56 6.03 16.81
C VAL B 16 3.21 5.05 17.91
N PHE B 17 4.22 4.71 18.69
CA PHE B 17 4.10 3.65 19.70
C PHE B 17 4.65 4.20 21.01
N ASP B 18 3.87 4.15 22.09
CA ASP B 18 4.45 4.28 23.44
C ASP B 18 4.61 2.88 24.07
N PRO B 19 5.15 2.81 25.28
CA PRO B 19 5.56 1.43 25.58
C PRO B 19 4.40 0.48 25.91
N SER B 20 3.20 1.02 26.19
CA SER B 20 2.03 0.19 26.46
C SER B 20 1.34 -0.41 25.23
N THR B 21 1.38 0.29 24.09
CA THR B 21 0.64 -0.04 22.88
C THR B 21 0.39 -1.52 22.68
N PRO B 22 -0.83 -1.89 22.25
CA PRO B 22 -1.09 -3.31 21.98
C PRO B 22 -0.27 -3.86 20.81
N ASP B 23 0.48 -4.93 21.09
CA ASP B 23 1.12 -5.78 20.07
C ASP B 23 1.84 -5.00 18.95
N ILE B 24 2.40 -3.86 19.30
CA ILE B 24 3.64 -3.36 18.66
C ILE B 24 4.24 -4.33 17.63
N GLN B 25 4.69 -5.50 18.08
CA GLN B 25 5.38 -6.45 17.18
C GLN B 25 4.48 -6.95 16.05
N GLY B 26 3.21 -7.14 16.38
CA GLY B 26 2.21 -7.43 15.37
C GLY B 26 2.07 -6.26 14.38
N LYS B 27 1.98 -5.04 14.92
CA LYS B 27 1.84 -3.85 14.10
C LYS B 27 3.00 -3.78 13.18
N VAL B 28 4.14 -4.14 13.75
CA VAL B 28 5.44 -3.88 13.19
C VAL B 28 5.86 -4.93 12.17
N ASP B 29 5.34 -6.14 12.32
CA ASP B 29 5.52 -7.18 11.31
C ASP B 29 4.59 -7.02 10.09
N GLU B 30 3.40 -6.40 10.24
CA GLU B 30 2.53 -6.12 9.07
C GLU B 30 3.13 -5.12 8.11
N VAL B 31 3.65 -4.01 8.63
CA VAL B 31 4.39 -3.05 7.81
C VAL B 31 5.49 -3.79 7.03
N PHE B 32 6.23 -4.64 7.70
CA PHE B 32 7.31 -5.41 7.02
C PHE B 32 6.78 -6.30 5.90
N ARG B 33 5.78 -7.11 6.22
CA ARG B 33 5.32 -8.10 5.26
C ARG B 33 4.84 -7.37 3.96
N LYS B 34 4.40 -6.11 4.07
CA LYS B 34 4.05 -5.29 2.88
C LYS B 34 5.25 -4.64 2.22
N GLN B 35 6.22 -4.23 3.03
CA GLN B 35 7.36 -3.48 2.51
C GLN B 35 8.57 -4.36 2.19
N GLU B 36 8.58 -5.60 2.69
CA GLU B 36 9.77 -6.45 2.59
C GLU B 36 10.32 -6.52 1.17
N SER B 37 9.45 -6.75 0.21
CA SER B 37 9.82 -6.95 -1.21
C SER B 37 9.36 -5.79 -2.10
N ASN B 38 8.91 -4.70 -1.49
CA ASN B 38 8.26 -3.60 -2.20
C ASN B 38 9.32 -2.61 -2.65
N GLN B 39 10.07 -2.98 -3.67
CA GLN B 39 11.27 -2.21 -3.96
C GLN B 39 10.94 -0.90 -4.65
N PHE B 40 9.93 -0.93 -5.51
CA PHE B 40 9.59 0.22 -6.33
C PHE B 40 8.17 0.76 -6.13
N GLY B 41 7.49 0.37 -5.06
CA GLY B 41 6.14 0.87 -4.81
C GLY B 41 6.08 2.24 -4.16
N THR B 42 4.85 2.74 -4.01
CA THR B 42 4.63 4.12 -3.53
C THR B 42 4.39 4.16 -2.05
N ASP B 43 4.33 2.99 -1.41
CA ASP B 43 4.05 2.91 0.02
C ASP B 43 5.25 3.42 0.83
N ARG B 44 4.96 4.14 1.92
CA ARG B 44 5.97 4.80 2.72
C ARG B 44 5.56 4.76 4.20
N TYR B 45 6.48 4.44 5.10
CA TYR B 45 6.14 4.39 6.54
C TYR B 45 7.22 4.90 7.46
N ALA B 46 6.80 5.52 8.54
CA ALA B 46 7.71 5.83 9.63
C ALA B 46 7.19 5.29 10.93
N LEU B 47 8.06 4.54 11.62
CA LEU B 47 7.73 3.85 12.85
C LEU B 47 8.42 4.58 13.98
N MET B 48 7.66 5.32 14.78
CA MET B 48 8.23 6.20 15.79
C MET B 48 7.94 5.60 17.17
N PHE B 49 8.92 5.70 18.06
CA PHE B 49 8.83 5.10 19.39
C PHE B 49 9.02 6.14 20.48
N LYS B 50 7.98 6.34 21.28
CA LYS B 50 8.04 7.35 22.35
C LYS B 50 9.09 6.94 23.40
N PRO B 51 9.57 7.91 24.19
CA PRO B 51 10.58 7.56 25.21
C PRO B 51 10.22 6.34 26.12
N GLY B 52 11.22 5.50 26.45
CA GLY B 52 11.04 4.33 27.31
C GLY B 52 11.87 3.11 26.91
N THR B 53 11.62 2.01 27.62
CA THR B 53 12.18 0.70 27.33
C THR B 53 11.09 -0.16 26.73
N TYR B 54 11.44 -0.76 25.60
CA TYR B 54 10.61 -1.75 24.89
C TYR B 54 11.19 -3.12 25.04
N ASN B 55 10.30 -4.11 25.08
CA ASN B 55 10.72 -5.48 25.36
C ASN B 55 10.15 -6.42 24.28
N ASP B 56 10.82 -7.58 24.08
CA ASP B 56 10.38 -8.64 23.16
C ASP B 56 10.08 -8.22 21.72
N ILE B 57 11.06 -7.64 21.06
CA ILE B 57 10.80 -6.95 19.79
C ILE B 57 11.93 -7.21 18.79
N ASN B 58 11.56 -7.49 17.54
CA ASN B 58 12.47 -7.71 16.45
C ASN B 58 11.91 -6.91 15.27
N ALA B 59 12.11 -5.59 15.30
CA ALA B 59 11.56 -4.68 14.29
C ALA B 59 12.32 -4.87 13.00
N GLN B 60 11.76 -5.73 12.15
CA GLN B 60 12.36 -6.00 10.84
C GLN B 60 11.95 -4.89 9.87
N ILE B 61 12.96 -4.34 9.19
CA ILE B 61 12.83 -3.11 8.41
C ILE B 61 12.90 -3.41 6.91
N GLY B 62 11.79 -3.20 6.23
CA GLY B 62 11.69 -3.39 4.79
C GLY B 62 11.99 -2.12 4.01
N PHE B 63 11.56 -2.07 2.75
CA PHE B 63 11.73 -0.90 1.91
C PHE B 63 10.93 0.28 2.43
N TYR B 64 11.50 1.48 2.26
CA TYR B 64 10.83 2.75 2.53
C TYR B 64 10.23 2.80 3.92
N THR B 65 10.99 2.27 4.88
CA THR B 65 10.58 2.24 6.27
C THR B 65 11.70 2.82 7.09
N SER B 66 11.28 3.71 7.98
CA SER B 66 12.19 4.28 8.93
C SER B 66 11.76 3.79 10.27
N ILE B 67 12.71 3.79 11.18
CA ILE B 67 12.40 3.50 12.57
C ILE B 67 13.20 4.52 13.38
N ALA B 68 12.56 5.12 14.38
CA ALA B 68 13.22 6.11 15.18
C ALA B 68 12.63 6.25 16.58
N GLY B 69 13.51 6.56 17.52
CA GLY B 69 13.12 7.02 18.84
C GLY B 69 12.83 8.53 18.90
N LEU B 70 12.10 8.93 19.94
CA LEU B 70 11.57 10.28 20.08
C LEU B 70 12.11 11.00 21.34
N GLY B 71 13.19 10.49 21.92
CA GLY B 71 13.85 11.21 23.00
C GLY B 71 14.86 12.20 22.44
N LEU B 72 15.31 13.16 23.25
CA LEU B 72 16.40 14.00 22.78
C LEU B 72 17.57 13.10 22.38
N ASN B 73 17.64 11.87 22.89
CA ASN B 73 18.74 11.01 22.42
C ASN B 73 18.65 9.51 22.77
N PRO B 74 19.65 8.71 22.36
CA PRO B 74 19.08 7.43 21.99
C PRO B 74 18.78 6.50 23.16
N ASP B 75 19.50 6.65 24.28
CA ASP B 75 19.26 5.76 25.41
C ASP B 75 17.98 6.17 26.15
N ASP B 76 17.28 7.21 25.66
CA ASP B 76 15.93 7.54 26.13
C ASP B 76 14.92 6.52 25.61
N THR B 77 15.26 5.84 24.51
CA THR B 77 14.35 4.89 23.87
C THR B 77 15.13 3.60 23.60
N THR B 78 14.96 2.61 24.50
CA THR B 78 15.73 1.39 24.45
C THR B 78 14.86 0.18 24.09
N PHE B 79 15.38 -0.62 23.18
CA PHE B 79 14.77 -1.90 22.80
C PHE B 79 15.62 -3.02 23.37
N ASN B 80 14.96 -3.98 24.02
CA ASN B 80 15.59 -5.25 24.37
C ASN B 80 15.21 -6.23 23.25
N GLY B 81 15.92 -6.06 22.16
CA GLY B 81 15.45 -6.60 20.91
C GLY B 81 16.38 -6.13 19.83
N ASP B 82 15.86 -6.02 18.62
CA ASP B 82 16.69 -5.83 17.46
C ASP B 82 15.95 -4.97 16.45
N VAL B 83 16.72 -4.23 15.66
CA VAL B 83 16.19 -3.62 14.45
C VAL B 83 16.97 -4.26 13.32
N THR B 84 16.28 -5.11 12.58
CA THR B 84 16.94 -6.08 11.74
C THR B 84 16.72 -5.75 10.27
N VAL B 85 17.81 -5.75 9.50
CA VAL B 85 17.69 -5.85 8.06
C VAL B 85 18.37 -7.11 7.64
N ASP B 86 17.57 -8.00 7.03
CA ASP B 86 18.13 -9.16 6.37
C ASP B 86 17.84 -9.16 4.89
N ALA B 87 18.58 -10.02 4.21
CA ALA B 87 18.33 -10.29 2.81
C ALA B 87 17.51 -11.54 2.75
N GLY B 88 16.35 -11.53 3.40
CA GLY B 88 15.29 -12.48 3.10
C GLY B 88 14.96 -12.40 1.61
N TRP B 89 13.73 -12.61 1.21
CA TRP B 89 13.28 -12.32 -0.14
C TRP B 89 14.21 -12.47 -1.38
N PHE B 90 15.48 -12.12 -1.25
CA PHE B 90 16.40 -12.22 -2.38
C PHE B 90 17.45 -13.26 -2.17
N ASP B 91 17.02 -14.40 -1.63
CA ASP B 91 17.83 -15.18 -0.68
C ASP B 91 19.36 -15.13 -1.02
N GLY B 92 19.86 -13.94 -1.31
CA GLY B 92 21.23 -13.81 -1.71
C GLY B 92 21.77 -12.55 -1.15
N ASN B 93 21.56 -11.54 -1.99
CA ASN B 93 22.28 -10.32 -1.98
C ASN B 93 21.61 -9.57 -0.86
N ALA B 94 22.40 -8.71 -0.26
CA ALA B 94 21.94 -7.58 0.48
C ALA B 94 21.91 -6.39 -0.55
N THR B 95 22.37 -6.68 -1.77
CA THR B 95 22.61 -5.65 -2.81
C THR B 95 21.38 -4.93 -3.40
N GLN B 96 20.17 -5.23 -2.94
CA GLN B 96 19.08 -4.31 -3.24
C GLN B 96 18.33 -3.90 -1.97
N ASN B 97 18.98 -4.05 -0.82
CA ASN B 97 18.42 -3.60 0.45
C ASN B 97 18.67 -2.10 0.64
N PHE B 98 17.86 -1.32 -0.09
CA PHE B 98 17.92 0.13 -0.15
C PHE B 98 16.78 0.85 0.62
N TRP B 99 16.97 2.16 0.77
CA TRP B 99 15.92 3.12 1.10
C TRP B 99 15.18 2.81 2.40
N ARG B 100 15.91 2.83 3.50
CA ARG B 100 15.30 2.63 4.80
C ARG B 100 16.20 3.33 5.83
N SER B 101 15.81 3.38 7.10
CA SER B 101 16.68 4.06 8.04
C SER B 101 16.36 3.73 9.48
N ALA B 102 17.39 3.86 10.32
CA ALA B 102 17.22 3.73 11.78
C ALA B 102 17.91 4.89 12.44
N GLU B 103 17.24 5.48 13.44
CA GLU B 103 17.91 6.51 14.23
C GLU B 103 17.39 6.67 15.65
N ASN B 104 18.29 7.14 16.50
CA ASN B 104 17.96 7.64 17.83
C ASN B 104 17.29 6.59 18.71
N LEU B 105 17.91 5.42 18.75
CA LEU B 105 17.47 4.27 19.56
C LEU B 105 18.67 3.61 20.21
N ALA B 106 18.47 3.05 21.41
CA ALA B 106 19.43 2.12 21.99
C ALA B 106 18.90 0.69 21.84
N LEU B 107 19.73 -0.19 21.31
CA LEU B 107 19.41 -1.60 21.08
C LEU B 107 20.22 -2.52 21.99
N ASN B 108 19.54 -3.46 22.62
CA ASN B 108 20.16 -4.53 23.40
C ASN B 108 19.78 -5.84 22.72
N PRO B 109 20.55 -6.23 21.69
CA PRO B 109 20.14 -7.28 20.75
C PRO B 109 20.05 -8.63 21.39
N VAL B 110 19.08 -9.41 20.96
CA VAL B 110 18.62 -10.52 21.75
C VAL B 110 19.64 -11.66 21.87
N ASN B 111 20.61 -11.73 20.94
CA ASN B 111 21.76 -12.65 21.13
C ASN B 111 23.14 -11.94 21.13
N GLY B 112 23.15 -10.70 21.56
CA GLY B 112 24.38 -9.94 21.66
C GLY B 112 24.75 -9.23 20.36
N THR B 113 24.12 -9.62 19.26
CA THR B 113 24.32 -9.02 17.94
C THR B 113 23.05 -8.45 17.35
N ASN B 114 23.21 -7.36 16.62
CA ASN B 114 22.13 -6.81 15.81
C ASN B 114 22.58 -6.86 14.34
N ARG B 115 21.71 -7.36 13.45
CA ARG B 115 22.05 -7.41 12.01
C ARG B 115 21.41 -6.25 11.23
N TRP B 116 22.26 -5.49 10.53
CA TRP B 116 21.84 -4.35 9.69
C TRP B 116 22.52 -4.55 8.34
N ALA B 117 22.04 -5.52 7.55
CA ALA B 117 22.77 -5.88 6.34
C ALA B 117 22.32 -5.14 5.08
N VAL B 118 22.66 -3.86 5.00
CA VAL B 118 22.13 -3.01 3.94
C VAL B 118 23.11 -2.73 2.78
N SER B 119 22.56 -2.19 1.69
CA SER B 119 23.38 -1.52 0.70
C SER B 119 23.03 -0.03 0.77
N GLN B 120 22.85 0.63 -0.36
CA GLN B 120 22.86 2.09 -0.37
C GLN B 120 21.59 2.72 0.21
N ALA B 121 21.72 3.96 0.68
CA ALA B 121 20.57 4.74 1.20
C ALA B 121 19.85 4.06 2.34
N ALA B 122 20.64 3.56 3.29
CA ALA B 122 20.10 2.91 4.47
C ALA B 122 20.85 3.39 5.73
N PRO B 123 20.68 4.68 6.06
CA PRO B 123 21.49 5.29 7.12
C PRO B 123 21.17 4.74 8.51
N PHE B 124 22.21 4.73 9.32
CA PHE B 124 22.17 4.25 10.71
C PHE B 124 22.78 5.37 11.53
N ARG B 125 21.92 6.20 12.17
CA ARG B 125 22.37 7.44 12.81
C ARG B 125 21.95 7.53 14.28
N ARG B 126 22.85 8.05 15.11
CA ARG B 126 22.49 8.36 16.49
C ARG B 126 21.95 7.11 17.21
N MET B 127 22.61 5.98 16.96
CA MET B 127 22.25 4.70 17.58
C MET B 127 23.26 4.26 18.65
N HIS B 128 22.74 3.67 19.73
CA HIS B 128 23.62 2.99 20.67
C HIS B 128 23.31 1.48 20.64
N VAL B 129 24.26 0.71 20.13
CA VAL B 129 24.10 -0.73 20.10
C VAL B 129 24.81 -1.26 21.35
N LYS B 130 23.94 -1.56 22.31
CA LYS B 130 24.26 -2.17 23.61
C LYS B 130 24.65 -3.58 23.30
N GLY B 131 25.80 -3.76 22.67
CA GLY B 131 26.18 -5.06 22.09
C GLY B 131 26.85 -4.92 20.72
N GLY B 132 26.74 -5.94 19.86
CA GLY B 132 27.47 -6.00 18.60
C GLY B 132 26.63 -5.72 17.36
N LEU B 133 27.27 -5.58 16.19
CA LEU B 133 26.59 -5.08 14.97
C LEU B 133 27.13 -5.77 13.70
N ASN B 134 26.30 -6.63 13.13
CA ASN B 134 26.68 -7.46 11.97
C ASN B 134 26.08 -6.79 10.75
N LEU B 135 26.93 -6.40 9.81
CA LEU B 135 26.49 -5.70 8.61
C LEU B 135 26.26 -6.62 7.42
N ALA B 136 26.41 -7.93 7.64
CA ALA B 136 26.22 -8.98 6.62
C ALA B 136 24.87 -9.68 6.69
N PRO B 137 24.45 -10.27 5.57
CA PRO B 137 23.36 -11.30 5.57
C PRO B 137 23.86 -12.74 5.87
N ASP B 138 22.98 -13.75 6.04
CA ASP B 138 23.50 -15.12 6.26
C ASP B 138 24.35 -15.64 5.07
N GLY B 139 25.06 -16.74 5.31
CA GLY B 139 25.88 -17.34 4.27
C GLY B 139 26.80 -16.25 3.75
N TYR B 140 26.90 -15.18 4.54
CA TYR B 140 27.60 -13.94 4.19
C TYR B 140 27.42 -13.52 2.74
N GLY B 141 26.69 -12.44 2.57
CA GLY B 141 26.29 -12.05 1.25
C GLY B 141 27.04 -10.83 0.82
N TRP B 142 27.40 -10.89 -0.44
CA TRP B 142 27.62 -9.72 -1.20
C TRP B 142 26.61 -8.68 -0.61
N ALA B 143 27.15 -7.56 -0.14
CA ALA B 143 26.36 -6.38 0.26
C ALA B 143 27.20 -5.21 -0.17
N SER B 144 26.56 -4.07 -0.49
CA SER B 144 27.28 -2.84 -0.83
C SER B 144 26.74 -1.61 -0.10
N GLY B 145 26.96 -1.61 1.22
CA GLY B 145 26.67 -0.43 2.04
C GLY B 145 27.72 0.63 1.88
N GLY B 146 27.74 1.62 2.75
CA GLY B 146 26.88 1.71 3.92
C GLY B 146 27.32 2.93 4.71
N TYR B 147 26.52 3.32 5.70
CA TYR B 147 26.69 4.61 6.38
C TYR B 147 26.26 4.52 7.84
N ILE B 148 27.20 4.85 8.72
CA ILE B 148 26.95 4.98 10.15
C ILE B 148 27.48 6.36 10.59
N ALA B 149 26.64 7.11 11.29
CA ALA B 149 27.09 8.40 11.85
C ALA B 149 26.58 8.56 13.27
N ASP B 150 27.41 9.19 14.09
CA ASP B 150 27.01 9.61 15.43
C ASP B 150 26.44 8.49 16.31
N SER B 151 27.10 7.35 16.25
CA SER B 151 26.62 6.16 16.94
C SER B 151 27.71 5.59 17.83
N LYS B 152 27.31 4.89 18.91
CA LYS B 152 28.27 4.11 19.70
C LYS B 152 27.83 2.64 19.65
N ILE B 153 28.72 1.81 19.14
CA ILE B 153 28.51 0.36 19.10
C ILE B 153 29.53 -0.16 20.10
N ASP B 154 29.03 -0.65 21.24
CA ASP B 154 29.91 -0.99 22.38
C ASP B 154 30.90 -2.08 21.99
N GLY B 155 30.38 -3.16 21.42
CA GLY B 155 31.19 -4.25 20.90
C GLY B 155 31.72 -4.03 19.49
N GLU B 156 31.95 -5.15 18.80
CA GLU B 156 32.58 -5.12 17.49
C GLU B 156 31.58 -5.07 16.32
N VAL B 157 31.92 -4.22 15.37
CA VAL B 157 31.29 -4.20 14.08
C VAL B 157 31.93 -5.26 13.17
N GLY B 158 31.10 -6.05 12.52
CA GLY B 158 31.57 -7.06 11.59
C GLY B 158 30.96 -6.82 10.23
N PRO B 159 31.73 -6.23 9.31
CA PRO B 159 31.24 -6.03 7.94
C PRO B 159 31.10 -7.33 7.15
N TYR B 160 32.01 -8.27 7.39
CA TYR B 160 32.03 -9.52 6.64
C TYR B 160 32.13 -9.30 5.13
N SER B 161 31.07 -9.58 4.38
CA SER B 161 31.13 -9.50 2.91
C SER B 161 30.85 -8.09 2.35
N GLN B 162 30.53 -7.12 3.19
CA GLN B 162 30.27 -5.75 2.72
C GLN B 162 31.42 -5.26 1.85
N GLN B 163 31.13 -4.73 0.67
CA GLN B 163 32.21 -4.30 -0.19
C GLN B 163 32.96 -3.10 0.39
N GLN B 164 32.21 -2.13 0.89
CA GLN B 164 32.80 -0.88 1.35
C GLN B 164 31.87 -0.33 2.45
N TRP B 165 32.33 0.71 3.15
CA TRP B 165 31.56 1.27 4.26
C TRP B 165 32.14 2.60 4.69
N TYR B 166 31.28 3.50 5.19
CA TYR B 166 31.72 4.76 5.77
C TYR B 166 31.10 4.94 7.14
N THR B 167 31.96 5.25 8.11
CA THR B 167 31.53 5.58 9.46
C THR B 167 32.12 6.94 9.83
N ARG B 168 31.30 7.83 10.39
CA ARG B 168 31.86 9.06 10.97
C ARG B 168 31.38 9.39 12.37
N ASP B 169 32.23 10.09 13.10
CA ASP B 169 31.88 10.75 14.36
C ASP B 169 31.09 9.81 15.26
N SER B 170 31.72 8.67 15.52
CA SER B 170 31.14 7.58 16.27
C SER B 170 32.16 6.98 17.24
N SER B 171 31.73 5.93 17.94
CA SER B 171 32.67 5.06 18.59
C SER B 171 32.29 3.58 18.46
N VAL B 172 33.31 2.76 18.35
CA VAL B 172 33.11 1.34 18.23
C VAL B 172 34.02 0.68 19.24
N GLY B 173 33.58 -0.45 19.78
CA GLY B 173 34.51 -1.32 20.49
C GLY B 173 35.50 -1.67 19.42
N GLY B 174 35.14 -2.61 18.56
CA GLY B 174 36.05 -3.13 17.58
C GLY B 174 35.66 -2.66 16.20
N TRP B 175 36.53 -2.97 15.24
CA TRP B 175 36.16 -3.02 13.84
C TRP B 175 36.67 -4.32 13.25
N GLY B 176 35.75 -5.08 12.66
CA GLY B 176 35.99 -6.48 12.38
C GLY B 176 36.90 -6.79 11.20
N ASN B 177 36.58 -6.23 10.03
CA ASN B 177 37.27 -6.54 8.79
C ASN B 177 36.97 -5.51 7.71
N GLY B 178 37.53 -5.76 6.52
CA GLY B 178 37.25 -4.93 5.37
C GLY B 178 37.47 -5.72 4.10
N VAL B 179 36.79 -5.28 3.04
CA VAL B 179 36.86 -5.89 1.72
C VAL B 179 37.63 -4.98 0.77
N TRP B 180 36.96 -3.95 0.26
CA TRP B 180 37.53 -3.04 -0.72
C TRP B 180 37.88 -1.65 -0.15
N ASN B 181 36.96 -1.04 0.63
CA ASN B 181 37.16 0.33 1.08
C ASN B 181 36.33 0.63 2.31
N MET B 182 36.96 0.51 3.50
CA MET B 182 36.32 0.90 4.74
C MET B 182 36.97 2.19 5.19
N THR B 183 36.21 3.28 5.20
CA THR B 183 36.70 4.59 5.58
C THR B 183 36.04 5.05 6.89
N PHE B 184 36.85 5.72 7.73
CA PHE B 184 36.43 6.24 9.02
C PHE B 184 36.90 7.68 9.12
N SER B 185 36.05 8.57 9.61
CA SER B 185 36.54 9.86 10.11
C SER B 185 35.90 10.21 11.46
N GLY B 186 36.73 10.59 12.42
CA GLY B 186 36.25 10.90 13.75
C GLY B 186 35.69 9.72 14.53
N VAL B 187 36.22 8.51 14.26
CA VAL B 187 35.73 7.29 14.89
C VAL B 187 36.68 6.76 15.97
N GLU B 188 36.26 6.91 17.21
CA GLU B 188 36.95 6.30 18.34
C GLU B 188 36.88 4.77 18.19
N GLY B 189 38.04 4.13 18.24
CA GLY B 189 38.12 2.69 18.12
C GLY B 189 38.32 2.17 16.71
N ALA B 190 38.38 3.09 15.74
CA ALA B 190 38.60 2.72 14.36
C ALA B 190 39.94 1.99 14.23
N PRO B 191 40.07 1.14 13.23
CA PRO B 191 41.35 0.50 13.00
C PRO B 191 42.35 1.53 12.45
N ALA B 192 43.63 1.25 12.67
CA ALA B 192 44.73 2.02 12.08
C ALA B 192 44.63 2.07 10.55
N GLN B 193 44.93 3.25 10.02
CA GLN B 193 44.90 3.56 8.58
C GLN B 193 45.86 2.70 7.71
N SER B 194 45.41 1.56 7.22
CA SER B 194 46.34 0.57 6.70
C SER B 194 46.26 0.26 5.22
N PHE B 195 45.61 1.14 4.47
CA PHE B 195 45.41 0.93 3.03
C PHE B 195 46.80 0.80 2.43
N PRO B 196 46.99 -0.11 1.46
CA PRO B 196 46.07 -0.95 0.71
C PRO B 196 45.88 -2.36 1.28
N GLU B 197 46.06 -2.57 2.58
CA GLU B 197 45.90 -3.90 3.23
C GLU B 197 46.18 -3.79 4.76
N PRO B 198 45.14 -3.93 5.61
CA PRO B 198 43.71 -3.88 5.30
C PRO B 198 43.37 -2.58 4.56
N PRO B 199 42.32 -2.59 3.74
CA PRO B 199 42.09 -1.33 3.01
C PRO B 199 41.34 -0.31 3.87
N TYR B 200 41.91 0.02 5.05
CA TYR B 200 41.39 1.00 5.99
C TYR B 200 41.93 2.41 5.70
N THR B 201 40.99 3.33 5.45
CA THR B 201 41.26 4.76 5.38
C THR B 201 40.69 5.44 6.62
N THR B 202 41.60 5.94 7.48
CA THR B 202 41.21 6.42 8.80
C THR B 202 41.69 7.84 9.07
N LEU B 203 40.74 8.75 9.25
CA LEU B 203 41.03 10.14 9.60
C LEU B 203 40.66 10.39 11.05
N GLU B 204 41.50 11.11 11.79
CA GLU B 204 41.25 11.33 13.21
C GLU B 204 40.00 12.19 13.50
N THR B 205 39.71 13.18 12.66
CA THR B 205 38.49 13.99 12.83
C THR B 205 37.81 14.20 11.47
N THR B 206 36.54 14.59 11.52
CA THR B 206 35.83 15.06 10.34
C THR B 206 35.99 16.58 10.29
N PRO B 207 36.35 17.14 9.12
CA PRO B 207 36.60 18.59 9.09
C PRO B 207 35.45 19.46 9.58
N VAL B 208 34.26 19.15 9.10
CA VAL B 208 33.04 19.77 9.62
C VAL B 208 31.95 18.71 9.56
N SER B 209 31.10 18.69 10.58
CA SER B 209 29.87 17.89 10.53
C SER B 209 28.79 18.59 11.33
N ARG B 210 27.55 18.26 11.02
CA ARG B 210 26.39 18.74 11.77
C ARG B 210 25.34 17.65 11.68
N GLU B 211 24.91 17.13 12.84
CA GLU B 211 24.03 15.98 12.87
C GLU B 211 22.65 16.29 12.31
N LYS B 212 22.06 15.26 11.72
CA LYS B 212 20.77 15.43 11.02
C LYS B 212 19.71 15.82 12.05
N PRO B 213 18.88 16.83 11.75
CA PRO B 213 17.70 17.14 12.58
C PRO B 213 16.76 15.94 12.73
N PHE B 214 16.09 15.87 13.88
CA PHE B 214 15.17 14.79 14.12
C PHE B 214 14.01 15.22 15.03
N LEU B 215 12.87 14.60 14.80
CA LEU B 215 11.69 14.80 15.61
C LEU B 215 12.04 14.30 17.00
N TYR B 216 11.39 14.82 18.01
CA TYR B 216 11.60 14.34 19.36
C TYR B 216 10.55 14.97 20.22
N LEU B 217 10.29 14.29 21.31
CA LEU B 217 9.15 14.60 22.08
C LEU B 217 9.59 15.29 23.35
N ASP B 218 9.18 16.57 23.38
CA ASP B 218 8.82 17.26 24.56
C ASP B 218 7.43 16.77 24.73
N GLY B 219 7.29 15.61 24.08
CA GLY B 219 7.03 14.39 24.81
C GLY B 219 6.03 14.78 25.79
N ASP B 220 4.84 14.38 25.37
CA ASP B 220 3.71 15.26 25.46
C ASP B 220 3.75 16.48 24.51
N ASP B 221 4.86 16.76 23.82
CA ASP B 221 5.04 17.91 22.87
C ASP B 221 6.20 17.74 21.83
N TYR B 222 5.81 17.23 20.66
CA TYR B 222 6.64 17.14 19.46
C TYR B 222 7.47 18.39 19.26
N LYS B 223 8.77 18.24 19.13
CA LYS B 223 9.59 19.26 18.49
C LYS B 223 10.58 18.63 17.51
N VAL B 224 11.35 19.46 16.83
CA VAL B 224 12.44 18.99 15.99
C VAL B 224 13.74 19.56 16.57
N PHE B 225 14.67 18.68 16.95
CA PHE B 225 15.96 19.12 17.45
C PHE B 225 16.87 19.31 16.26
N VAL B 226 17.59 20.43 16.28
CA VAL B 226 18.45 20.85 15.19
C VAL B 226 19.87 20.97 15.79
N PRO B 227 20.64 19.89 15.72
CA PRO B 227 21.96 19.80 16.40
C PRO B 227 22.99 20.88 16.04
N ALA B 228 23.85 21.26 16.99
CA ALA B 228 24.84 22.33 16.72
C ALA B 228 25.89 21.84 15.73
N LYS B 229 26.64 22.74 15.10
CA LYS B 229 27.75 22.31 14.21
C LYS B 229 28.97 21.94 15.04
N ARG B 230 29.71 20.91 14.58
CA ARG B 230 31.05 20.57 15.07
C ARG B 230 32.14 20.80 13.99
N THR B 231 33.27 21.38 14.40
CA THR B 231 34.53 21.37 13.59
C THR B 231 35.52 20.36 14.20
N ASN B 232 36.31 19.68 13.35
CA ASN B 232 37.24 18.63 13.81
C ASN B 232 36.51 17.66 14.76
N ALA B 233 35.35 17.23 14.29
CA ALA B 233 34.50 16.35 15.05
C ALA B 233 35.13 14.98 15.27
N ARG B 234 34.88 14.42 16.44
CA ARG B 234 35.37 13.10 16.81
C ARG B 234 34.48 12.55 17.91
N GLY B 235 34.00 11.32 17.71
CA GLY B 235 33.14 10.67 18.65
C GLY B 235 31.72 11.20 18.53
N THR B 236 30.84 10.73 19.41
CA THR B 236 29.42 11.08 19.28
C THR B 236 29.11 12.49 19.80
N SER B 237 28.04 13.07 19.25
CA SER B 237 27.53 14.38 19.65
C SER B 237 26.85 14.36 21.02
N TRP B 238 26.49 13.16 21.45
CA TRP B 238 25.55 12.96 22.55
C TRP B 238 26.16 12.20 23.73
N GLY B 239 27.37 11.68 23.62
CA GLY B 239 27.97 11.07 24.82
C GLY B 239 28.27 11.89 26.11
N ASN B 240 28.05 13.22 26.14
CA ASN B 240 28.62 14.07 27.26
C ASN B 240 27.81 15.30 27.80
N GLY B 241 26.66 15.04 28.44
CA GLY B 241 25.77 16.13 28.84
C GLY B 241 24.86 16.56 27.68
N THR B 242 24.19 17.70 27.81
CA THR B 242 23.16 18.07 26.82
C THR B 242 23.83 18.31 25.43
N PRO B 243 23.24 17.74 24.36
CA PRO B 243 23.82 18.00 23.03
C PRO B 243 23.41 19.33 22.38
N GLU B 244 24.34 20.29 22.31
CA GLU B 244 24.14 21.65 21.76
C GLU B 244 23.29 21.69 20.47
N GLY B 245 22.31 22.60 20.45
CA GLY B 245 21.40 22.72 19.31
C GLY B 245 20.07 23.37 19.65
N GLU B 246 19.34 23.71 18.61
CA GLU B 246 18.09 24.45 18.77
C GLU B 246 16.92 23.48 18.74
N SER B 247 15.88 23.74 19.51
CA SER B 247 14.66 22.95 19.37
C SER B 247 13.50 23.74 18.79
N LEU B 248 12.93 23.27 17.68
CA LEU B 248 11.90 24.01 16.97
C LEU B 248 10.52 23.37 17.21
N PRO B 249 9.54 24.17 17.69
CA PRO B 249 8.20 23.60 17.84
C PRO B 249 7.61 23.00 16.55
N LEU B 250 7.04 21.81 16.67
CA LEU B 250 6.53 21.14 15.49
C LEU B 250 5.43 22.02 14.82
N ASP B 251 4.89 22.98 15.55
CA ASP B 251 3.87 23.87 15.02
C ASP B 251 4.50 24.98 14.14
N GLN B 252 5.82 25.10 14.19
CA GLN B 252 6.60 25.99 13.34
C GLN B 252 6.94 25.31 11.98
N PHE B 253 6.39 24.10 11.77
CA PHE B 253 6.51 23.36 10.52
C PHE B 253 5.19 23.27 9.78
N TYR B 254 5.23 23.48 8.47
CA TYR B 254 4.15 23.03 7.62
C TYR B 254 4.31 21.51 7.49
N VAL B 255 3.26 20.78 7.86
CA VAL B 255 3.30 19.33 7.87
C VAL B 255 2.78 18.87 6.54
N VAL B 256 3.71 18.57 5.67
CA VAL B 256 3.37 18.25 4.30
C VAL B 256 2.84 16.80 4.28
N LYS B 257 1.64 16.65 3.76
CA LYS B 257 0.80 15.50 4.12
C LYS B 257 0.12 15.05 2.84
N PRO B 258 -1.05 14.35 2.92
CA PRO B 258 -1.79 14.08 1.65
C PRO B 258 -1.68 15.21 0.63
N GLY B 259 -1.56 14.88 -0.65
CA GLY B 259 -0.80 15.67 -1.61
C GLY B 259 -1.04 17.18 -1.79
N ALA B 260 -0.49 17.95 -0.85
CA ALA B 260 -0.29 19.39 -1.00
C ALA B 260 0.28 19.74 -2.39
N THR B 261 0.36 21.02 -2.71
CA THR B 261 0.99 21.42 -3.97
C THR B 261 2.31 22.17 -3.75
N ALA B 262 3.10 22.26 -4.81
CA ALA B 262 4.27 23.12 -4.82
C ALA B 262 3.90 24.55 -4.42
N GLU B 263 2.75 25.03 -4.91
CA GLU B 263 2.31 26.36 -4.51
C GLU B 263 2.23 26.45 -2.98
N THR B 264 1.49 25.51 -2.39
CA THR B 264 1.27 25.54 -0.95
C THR B 264 2.61 25.52 -0.21
N ILE B 265 3.50 24.64 -0.62
CA ILE B 265 4.78 24.45 0.05
C ILE B 265 5.71 25.69 -0.03
N ASN B 266 5.75 26.33 -1.19
CA ASN B 266 6.56 27.54 -1.36
C ASN B 266 6.05 28.72 -0.52
N ALA B 267 4.74 28.82 -0.40
CA ALA B 267 4.17 29.82 0.49
C ALA B 267 4.68 29.62 1.91
N ALA B 268 4.42 28.45 2.47
CA ALA B 268 4.79 28.14 3.86
C ALA B 268 6.20 28.60 4.14
N VAL B 269 7.09 28.33 3.19
CA VAL B 269 8.46 28.78 3.31
C VAL B 269 8.55 30.33 3.24
N ASP B 270 7.82 30.93 2.30
CA ASP B 270 7.81 32.38 2.13
C ASP B 270 7.40 33.02 3.45
N GLN B 271 6.32 32.46 4.00
CA GLN B 271 5.70 33.05 5.15
C GLN B 271 6.45 32.71 6.43
N GLY B 272 7.51 31.89 6.31
CA GLY B 272 8.46 31.67 7.41
C GLY B 272 8.43 30.33 8.09
N LEU B 273 7.64 29.38 7.58
CA LEU B 273 7.54 28.07 8.21
C LEU B 273 8.64 27.11 7.72
N HIS B 274 8.98 26.14 8.54
CA HIS B 274 9.82 25.01 8.11
C HIS B 274 8.94 23.94 7.45
N LEU B 275 9.57 22.87 6.92
CA LEU B 275 8.86 21.81 6.24
C LEU B 275 9.14 20.45 6.86
N LEU B 276 8.05 19.71 7.11
CA LEU B 276 8.12 18.33 7.58
C LEU B 276 7.33 17.49 6.60
N PHE B 277 8.02 16.72 5.76
CA PHE B 277 7.33 15.87 4.81
C PHE B 277 7.02 14.54 5.43
N THR B 278 5.73 14.29 5.62
CA THR B 278 5.26 13.02 6.13
C THR B 278 5.46 11.94 5.05
N PRO B 279 5.53 10.67 5.45
CA PRO B 279 5.83 9.62 4.47
C PRO B 279 4.78 9.52 3.36
N GLY B 280 5.25 9.48 2.12
CA GLY B 280 4.38 9.56 0.96
C GLY B 280 5.15 10.00 -0.27
N VAL B 281 4.41 10.14 -1.37
CA VAL B 281 5.00 10.48 -2.67
C VAL B 281 4.36 11.76 -3.18
N TYR B 282 5.21 12.76 -3.42
CA TYR B 282 4.76 14.12 -3.68
C TYR B 282 5.11 14.59 -5.08
N HIS B 283 4.10 14.71 -5.94
CA HIS B 283 4.39 15.25 -7.27
C HIS B 283 4.31 16.77 -7.16
N VAL B 284 5.17 17.46 -7.93
CA VAL B 284 5.22 18.93 -7.93
C VAL B 284 5.36 19.46 -9.37
N ASP B 285 4.56 20.47 -9.72
CA ASP B 285 4.54 21.00 -11.10
C ASP B 285 5.27 22.32 -11.23
N GLN B 286 6.10 22.58 -10.23
CA GLN B 286 6.97 23.76 -10.17
C GLN B 286 7.94 23.48 -9.02
N PRO B 287 9.18 24.00 -9.08
CA PRO B 287 10.14 23.57 -8.04
C PRO B 287 9.82 24.01 -6.61
N ILE B 288 10.07 23.14 -5.65
CA ILE B 288 10.08 23.53 -4.25
C ILE B 288 11.28 24.46 -4.07
N GLU B 289 11.02 25.71 -3.74
CA GLU B 289 12.01 26.79 -3.78
C GLU B 289 12.19 27.32 -2.32
N ILE B 290 13.33 27.00 -1.69
CA ILE B 290 13.62 27.44 -0.31
C ILE B 290 14.69 28.52 -0.25
N ASP B 291 14.23 29.71 0.06
CA ASP B 291 15.05 30.89 -0.01
C ASP B 291 14.92 31.72 1.28
N ARG B 292 14.86 31.03 2.39
CA ARG B 292 14.90 31.65 3.71
C ARG B 292 15.98 30.96 4.51
N ALA B 293 16.88 31.74 5.09
CA ALA B 293 17.94 31.19 5.90
C ALA B 293 17.40 30.30 7.03
N ASN B 294 18.17 29.27 7.37
CA ASN B 294 17.88 28.39 8.51
C ASN B 294 16.64 27.47 8.37
N THR B 295 16.07 27.43 7.19
CA THR B 295 14.91 26.54 6.91
C THR B 295 15.32 25.08 7.03
N VAL B 296 14.57 24.34 7.85
CA VAL B 296 14.67 22.90 7.92
C VAL B 296 13.64 22.28 6.99
N ALA B 297 14.09 21.37 6.12
CA ALA B 297 13.18 20.57 5.29
C ALA B 297 13.49 19.13 5.59
N LEU B 298 12.69 18.57 6.49
CA LEU B 298 12.90 17.23 7.01
C LEU B 298 11.87 16.30 6.40
N GLY B 299 12.33 15.13 6.00
CA GLY B 299 11.45 14.09 5.49
C GLY B 299 11.37 12.94 6.44
N LEU B 300 10.25 12.23 6.34
CA LEU B 300 9.86 11.15 7.19
C LEU B 300 9.55 9.95 6.33
N GLY B 301 10.05 8.77 6.74
CA GLY B 301 9.77 7.52 6.03
C GLY B 301 10.03 7.55 4.54
N LEU B 302 11.15 8.12 4.12
CA LEU B 302 11.55 8.11 2.71
C LEU B 302 10.53 8.85 1.83
N ALA B 303 9.98 9.92 2.40
CA ALA B 303 9.17 10.86 1.65
C ALA B 303 9.89 11.24 0.37
N THR B 304 9.10 11.29 -0.69
CA THR B 304 9.63 11.33 -2.04
C THR B 304 9.01 12.44 -2.85
N ILE B 305 9.85 13.17 -3.57
CA ILE B 305 9.42 14.27 -4.41
C ILE B 305 9.66 13.84 -5.86
N ILE B 306 8.60 13.92 -6.68
CA ILE B 306 8.69 13.66 -8.11
C ILE B 306 8.34 14.94 -8.88
N PRO B 307 9.31 15.53 -9.60
CA PRO B 307 8.99 16.76 -10.37
C PRO B 307 8.40 16.40 -11.70
N ASP B 308 7.17 16.83 -11.93
CA ASP B 308 6.51 16.68 -13.21
C ASP B 308 6.97 17.77 -14.18
N ASN B 309 6.67 17.57 -15.45
CA ASN B 309 6.82 18.62 -16.47
C ASN B 309 8.25 19.08 -16.73
N GLY B 310 9.21 18.30 -16.28
CA GLY B 310 10.61 18.60 -16.52
C GLY B 310 11.16 19.62 -15.54
N VAL B 311 10.40 19.98 -14.51
CA VAL B 311 10.92 20.94 -13.55
C VAL B 311 12.01 20.36 -12.65
N THR B 312 12.79 21.24 -12.05
CA THR B 312 13.67 20.90 -10.94
C THR B 312 12.77 20.66 -9.76
N ALA B 313 13.10 19.67 -8.94
CA ALA B 313 12.27 19.30 -7.79
C ALA B 313 12.52 20.25 -6.62
N LEU B 314 13.77 20.60 -6.40
CA LEU B 314 14.16 21.40 -5.24
C LEU B 314 15.23 22.39 -5.61
N LYS B 315 14.98 23.66 -5.28
CA LYS B 315 16.00 24.72 -5.38
C LYS B 315 16.19 25.39 -4.04
N VAL B 316 17.43 25.44 -3.56
CA VAL B 316 17.76 26.19 -2.36
C VAL B 316 18.43 27.53 -2.78
N GLY B 317 18.06 28.62 -2.12
CA GLY B 317 18.66 29.92 -2.43
C GLY B 317 20.05 30.10 -1.84
N ASP B 318 20.58 31.30 -2.01
CA ASP B 318 21.96 31.62 -1.62
C ASP B 318 22.04 32.05 -0.16
N VAL B 319 21.43 31.23 0.69
CA VAL B 319 21.22 31.54 2.10
C VAL B 319 21.92 30.56 3.01
N ASP B 320 22.29 31.06 4.19
CA ASP B 320 22.90 30.30 5.28
C ASP B 320 21.90 29.26 5.83
N GLY B 321 22.41 28.13 6.28
CA GLY B 321 21.77 27.37 7.33
C GLY B 321 20.63 26.44 6.96
N VAL B 322 20.39 26.30 5.67
CA VAL B 322 19.30 25.42 5.23
C VAL B 322 19.73 23.97 5.48
N LYS B 323 18.79 23.18 6.03
CA LYS B 323 19.03 21.79 6.41
C LYS B 323 18.01 20.91 5.69
N VAL B 324 18.42 20.30 4.59
CA VAL B 324 17.59 19.39 3.82
C VAL B 324 17.92 17.99 4.29
N ALA B 325 16.93 17.21 4.68
CA ALA B 325 17.24 15.90 5.22
C ALA B 325 16.16 14.87 4.97
N GLY B 326 16.58 13.68 4.54
CA GLY B 326 15.68 12.53 4.52
C GLY B 326 14.62 12.51 3.44
N LEU B 327 15.04 12.84 2.24
CA LEU B 327 14.16 12.89 1.09
C LEU B 327 14.75 12.11 -0.08
N LEU B 328 13.86 11.42 -0.80
CA LEU B 328 14.18 10.81 -2.08
C LEU B 328 13.61 11.70 -3.18
N VAL B 329 14.40 12.02 -4.19
CA VAL B 329 13.92 12.74 -5.35
C VAL B 329 13.95 11.73 -6.50
N ASP B 330 12.77 11.48 -7.06
CA ASP B 330 12.57 10.43 -8.07
C ASP B 330 12.25 11.10 -9.41
N ALA B 331 13.10 10.92 -10.42
CA ALA B 331 12.90 11.58 -11.71
C ALA B 331 11.57 11.17 -12.33
N GLY B 332 10.88 12.15 -12.92
CA GLY B 332 9.76 11.87 -13.78
C GLY B 332 10.22 11.36 -15.15
N PRO B 333 9.35 10.65 -15.88
CA PRO B 333 9.71 10.20 -17.23
C PRO B 333 10.13 11.39 -18.07
N VAL B 334 9.49 12.56 -17.88
CA VAL B 334 9.86 13.77 -18.66
C VAL B 334 11.19 14.42 -18.16
N ASN B 335 12.18 14.53 -19.04
CA ASN B 335 13.52 14.93 -18.62
C ASN B 335 13.58 16.23 -17.88
N SER B 336 14.14 16.16 -16.68
CA SER B 336 14.44 17.33 -15.93
C SER B 336 15.83 17.79 -16.25
N GLU B 337 15.91 19.10 -16.46
CA GLU B 337 17.14 19.77 -16.69
C GLU B 337 18.08 19.51 -15.48
N THR B 338 17.52 19.69 -14.29
CA THR B 338 18.17 19.43 -13.01
C THR B 338 17.16 18.82 -12.06
N LEU B 339 17.61 18.07 -11.06
CA LEU B 339 16.69 17.62 -10.00
C LEU B 339 16.78 18.44 -8.68
N VAL B 340 17.98 18.80 -8.26
CA VAL B 340 18.23 19.58 -7.06
C VAL B 340 19.32 20.58 -7.37
N GLU B 341 19.10 21.85 -6.99
CA GLU B 341 20.16 22.85 -7.04
C GLU B 341 20.30 23.52 -5.69
N VAL B 342 21.55 23.70 -5.24
CA VAL B 342 21.86 24.39 -4.00
C VAL B 342 22.64 25.63 -4.34
N GLY B 343 21.95 26.75 -4.22
CA GLY B 343 22.46 28.03 -4.65
C GLY B 343 22.27 28.30 -6.14
N SER B 344 22.08 29.55 -6.47
CA SER B 344 21.93 30.02 -7.86
C SER B 344 23.26 29.84 -8.64
N ASP B 345 23.23 29.55 -9.95
CA ASP B 345 24.51 29.52 -10.69
C ASP B 345 25.15 30.89 -10.55
N GLY B 346 26.45 30.92 -10.34
CA GLY B 346 27.13 32.20 -10.23
C GLY B 346 27.33 32.72 -8.82
N ALA B 347 26.55 32.21 -7.85
CA ALA B 347 26.68 32.68 -6.46
C ALA B 347 28.07 32.48 -5.85
N SER B 348 28.61 33.55 -5.24
CA SER B 348 30.01 33.58 -4.78
C SER B 348 30.23 34.33 -3.42
N GLY B 349 29.25 34.14 -2.53
CA GLY B 349 29.37 34.50 -1.13
C GLY B 349 29.56 33.22 -0.34
N ASP B 350 30.00 33.35 0.90
CA ASP B 350 30.35 32.25 1.79
C ASP B 350 29.21 31.94 2.70
N HIS B 351 29.26 30.74 3.28
CA HIS B 351 28.34 30.37 4.35
C HIS B 351 29.09 29.51 5.35
N ALA B 352 30.29 29.92 5.77
CA ALA B 352 31.17 29.00 6.51
C ALA B 352 30.83 28.90 8.02
N ALA B 353 30.28 29.97 8.59
CA ALA B 353 29.83 29.91 9.96
C ALA B 353 28.64 28.95 10.05
N ASN B 354 27.69 29.06 9.10
CA ASN B 354 26.42 28.37 9.17
C ASN B 354 26.07 27.84 7.76
N PRO B 355 26.66 26.68 7.39
CA PRO B 355 26.49 26.14 6.05
C PRO B 355 25.06 25.66 5.74
N THR B 356 24.79 25.45 4.46
CA THR B 356 23.61 24.68 4.07
C THR B 356 24.08 23.22 3.92
N SER B 357 23.20 22.27 4.25
CA SER B 357 23.56 20.87 4.08
C SER B 357 22.48 20.05 3.38
N LEU B 358 22.94 18.96 2.76
CA LEU B 358 22.10 17.89 2.26
C LEU B 358 22.46 16.65 3.06
N GLN B 359 21.47 16.00 3.67
CA GLN B 359 21.72 14.79 4.47
C GLN B 359 20.68 13.72 4.20
N ASP B 360 21.13 12.55 3.83
CA ASP B 360 20.19 11.49 3.49
C ASP B 360 19.24 12.00 2.41
N VAL B 361 19.85 12.65 1.42
CA VAL B 361 19.18 13.04 0.22
C VAL B 361 19.57 12.03 -0.88
N PHE B 362 18.55 11.35 -1.40
CA PHE B 362 18.76 10.30 -2.36
C PHE B 362 18.09 10.73 -3.65
N VAL B 363 18.65 10.32 -4.77
CA VAL B 363 18.07 10.60 -6.06
C VAL B 363 18.03 9.29 -6.85
N ARG B 364 16.93 9.12 -7.58
CA ARG B 364 16.73 7.94 -8.41
C ARG B 364 16.28 8.37 -9.78
N ILE B 365 16.92 7.80 -10.81
CA ILE B 365 16.49 8.04 -12.20
C ILE B 365 16.13 6.70 -12.84
N GLY B 366 14.84 6.45 -12.98
CA GLY B 366 14.34 5.18 -13.50
C GLY B 366 14.17 4.09 -12.44
N GLY B 367 13.69 2.93 -12.89
CA GLY B 367 13.51 1.80 -12.00
C GLY B 367 12.06 1.57 -11.64
N ALA B 368 11.36 2.64 -11.31
CA ALA B 368 9.90 2.62 -11.09
C ALA B 368 9.14 3.14 -12.32
N GLY B 369 9.59 2.69 -13.48
CA GLY B 369 9.18 3.29 -14.74
C GLY B 369 10.31 4.16 -15.26
N PRO B 370 10.19 4.64 -16.51
CA PRO B 370 11.22 5.54 -17.04
C PRO B 370 11.41 6.73 -16.13
N GLY B 371 12.45 7.48 -16.38
CA GLY B 371 12.75 8.65 -15.62
C GLY B 371 14.01 9.18 -16.28
N LYS B 372 14.11 10.50 -16.40
CA LYS B 372 15.23 11.13 -17.11
C LYS B 372 15.62 12.44 -16.45
N ALA B 373 16.91 12.70 -16.32
CA ALA B 373 17.40 13.99 -15.87
C ALA B 373 18.80 14.19 -16.36
N THR B 374 19.12 15.40 -16.73
CA THR B 374 20.44 15.67 -17.30
C THR B 374 21.52 15.72 -16.24
N THR B 375 21.32 16.57 -15.22
CA THR B 375 22.18 16.64 -14.06
C THR B 375 21.37 16.51 -12.76
N SER B 376 21.74 15.56 -11.91
CA SER B 376 20.91 15.31 -10.74
C SER B 376 21.01 16.40 -9.66
N ILE B 377 22.22 16.62 -9.14
CA ILE B 377 22.41 17.62 -8.09
C ILE B 377 23.50 18.58 -8.51
N VAL B 378 23.17 19.87 -8.53
CA VAL B 378 24.15 20.92 -8.72
C VAL B 378 24.35 21.68 -7.42
N VAL B 379 25.61 21.76 -6.98
CA VAL B 379 25.96 22.40 -5.71
C VAL B 379 26.76 23.69 -6.00
N ASN B 380 26.05 24.82 -5.96
CA ASN B 380 26.66 26.12 -6.19
C ASN B 380 27.10 26.83 -4.91
N SER B 381 26.33 26.71 -3.83
CA SER B 381 26.67 27.46 -2.62
C SER B 381 28.00 27.03 -2.02
N ASN B 382 28.85 28.01 -1.73
CA ASN B 382 30.07 27.77 -1.02
C ASN B 382 29.78 27.17 0.37
N ASP B 383 30.73 26.38 0.86
CA ASP B 383 30.70 25.78 2.21
C ASP B 383 29.63 24.71 2.46
N THR B 384 28.96 24.32 1.41
CA THR B 384 27.91 23.30 1.50
C THR B 384 28.46 21.97 2.00
N ILE B 385 27.68 21.33 2.89
CA ILE B 385 27.98 19.99 3.42
C ILE B 385 27.02 18.99 2.74
N ILE B 386 27.58 17.97 2.10
CA ILE B 386 26.84 16.84 1.55
C ILE B 386 27.21 15.65 2.42
N ASP B 387 26.31 15.26 3.33
CA ASP B 387 26.60 14.25 4.35
C ASP B 387 25.62 13.07 4.17
N HIS B 388 26.07 12.12 3.37
CA HIS B 388 25.30 10.94 2.93
C HIS B 388 24.32 11.25 1.81
N THR B 389 24.75 10.96 0.60
CA THR B 389 23.85 11.01 -0.55
C THR B 389 24.07 9.74 -1.37
N TRP B 390 22.97 9.27 -1.97
CA TRP B 390 23.05 8.24 -3.03
C TRP B 390 22.32 8.80 -4.24
N VAL B 391 23.06 9.02 -5.32
CA VAL B 391 22.57 9.57 -6.57
C VAL B 391 22.71 8.43 -7.57
N TRP B 392 21.55 7.85 -7.94
CA TRP B 392 21.48 6.54 -8.57
C TRP B 392 20.68 6.54 -9.85
N ARG B 393 21.36 6.36 -10.97
CA ARG B 393 20.67 6.02 -12.19
C ARG B 393 20.39 4.54 -12.12
N ALA B 394 19.12 4.15 -12.26
CA ALA B 394 18.76 2.77 -12.02
C ALA B 394 19.42 1.81 -13.02
N ASP B 395 19.93 0.68 -12.49
CA ASP B 395 20.46 -0.41 -13.32
C ASP B 395 19.52 -1.59 -13.34
N HIS B 396 18.41 -1.51 -12.62
CA HIS B 396 17.44 -2.58 -12.69
C HIS B 396 16.08 -2.01 -12.43
N GLY B 397 15.10 -2.74 -12.94
CA GLY B 397 13.70 -2.49 -12.66
C GLY B 397 12.92 -2.15 -13.93
N GLU B 398 11.89 -1.34 -13.75
CA GLU B 398 11.07 -0.87 -14.85
C GLU B 398 11.62 0.38 -15.46
N GLY B 399 11.54 0.50 -16.79
CA GLY B 399 11.93 1.72 -17.48
C GLY B 399 13.44 1.97 -17.41
N VAL B 400 14.20 0.90 -17.53
CA VAL B 400 15.68 0.92 -17.36
C VAL B 400 16.34 0.58 -18.71
N GLY B 401 17.33 1.39 -19.10
CA GLY B 401 17.94 1.28 -20.41
C GLY B 401 18.84 2.44 -20.79
N TRP B 402 19.86 2.14 -21.62
CA TRP B 402 20.87 3.15 -22.02
C TRP B 402 20.26 4.49 -22.45
N GLU B 403 19.04 4.43 -22.99
CA GLU B 403 18.43 5.67 -23.39
C GLU B 403 17.03 5.82 -22.71
N THR B 404 16.44 4.70 -22.29
CA THR B 404 15.14 4.72 -21.60
C THR B 404 15.17 5.49 -20.25
N ASN B 405 16.26 5.35 -19.48
CA ASN B 405 16.46 6.17 -18.26
C ASN B 405 17.82 6.90 -18.32
N ARG B 406 18.02 7.53 -19.45
CA ARG B 406 19.17 8.34 -19.71
C ARG B 406 19.38 9.48 -18.70
N ALA B 407 20.62 9.61 -18.22
CA ALA B 407 20.99 10.60 -17.21
C ALA B 407 22.48 10.82 -17.29
N ASP B 408 22.87 11.91 -17.93
CA ASP B 408 24.28 12.09 -18.28
C ASP B 408 25.16 12.37 -17.02
N TYR B 409 24.66 13.18 -16.08
CA TYR B 409 25.49 13.72 -15.01
C TYR B 409 24.87 13.55 -13.64
N GLY B 410 25.68 13.08 -12.70
CA GLY B 410 25.21 12.85 -11.36
C GLY B 410 25.21 14.14 -10.58
N VAL B 411 26.35 14.37 -9.93
CA VAL B 411 26.58 15.51 -9.05
C VAL B 411 27.60 16.44 -9.72
N HIS B 412 27.31 17.73 -9.66
CA HIS B 412 28.23 18.73 -10.18
C HIS B 412 28.44 19.79 -9.13
N VAL B 413 29.66 19.85 -8.60
CA VAL B 413 29.96 20.82 -7.53
C VAL B 413 30.76 21.97 -8.07
N LYS B 414 30.16 23.14 -7.93
CA LYS B 414 30.74 24.36 -8.48
C LYS B 414 31.12 25.30 -7.37
N GLY B 415 30.48 25.12 -6.22
CA GLY B 415 30.79 25.91 -5.03
C GLY B 415 32.19 25.61 -4.50
N ASP B 416 32.73 26.59 -3.78
CA ASP B 416 34.04 26.46 -3.18
C ASP B 416 33.92 26.02 -1.70
N ASN B 417 34.91 25.28 -1.22
CA ASN B 417 34.95 24.82 0.18
C ASN B 417 33.79 23.86 0.53
N VAL B 418 33.35 23.13 -0.48
CA VAL B 418 32.28 22.13 -0.30
C VAL B 418 32.87 20.82 0.26
N LEU B 419 32.14 20.19 1.18
CA LEU B 419 32.58 18.94 1.78
C LEU B 419 31.55 17.87 1.54
N ALA B 420 32.00 16.72 1.04
CA ALA B 420 31.15 15.54 0.95
C ALA B 420 31.66 14.43 1.87
N THR B 421 30.79 13.94 2.74
CA THR B 421 31.10 12.83 3.61
C THR B 421 30.10 11.72 3.30
N GLY B 422 30.56 10.64 2.67
CA GLY B 422 29.68 9.53 2.34
C GLY B 422 28.96 9.81 1.04
N LEU B 423 29.74 9.88 -0.04
CA LEU B 423 29.26 10.17 -1.38
C LEU B 423 29.11 8.87 -2.19
N PHE B 424 27.90 8.53 -2.59
CA PHE B 424 27.61 7.31 -3.39
C PHE B 424 26.91 7.77 -4.71
N VAL B 425 27.50 7.54 -5.85
CA VAL B 425 26.95 8.04 -7.13
C VAL B 425 27.22 7.02 -8.22
N GLU B 426 26.18 6.57 -8.91
CA GLU B 426 26.31 5.39 -9.76
C GLU B 426 25.53 5.46 -11.08
N HIS B 427 26.21 4.97 -12.13
CA HIS B 427 25.61 4.48 -13.38
C HIS B 427 25.29 5.58 -14.41
N PHE B 428 25.79 6.79 -14.20
CA PHE B 428 25.51 7.87 -15.16
C PHE B 428 26.12 7.63 -16.56
N ASN B 429 25.45 8.14 -17.61
CA ASN B 429 25.96 7.93 -18.98
C ASN B 429 27.27 8.66 -19.24
N LYS B 430 27.51 9.77 -18.55
CA LYS B 430 28.75 10.54 -18.69
C LYS B 430 29.41 10.64 -17.29
N TYR B 431 29.85 11.82 -16.86
CA TYR B 431 30.54 11.94 -15.57
C TYR B 431 29.61 11.77 -14.36
N ASP B 432 29.87 10.78 -13.50
CA ASP B 432 29.01 10.61 -12.31
C ASP B 432 29.16 11.80 -11.38
N VAL B 433 30.41 12.17 -11.11
CA VAL B 433 30.73 13.36 -10.32
C VAL B 433 31.72 14.22 -11.06
N GLN B 434 31.39 15.52 -11.13
CA GLN B 434 32.32 16.56 -11.57
C GLN B 434 32.47 17.63 -10.50
N TRP B 435 33.69 18.09 -10.30
CA TRP B 435 33.99 19.10 -9.29
C TRP B 435 34.71 20.25 -9.98
N SER B 436 33.96 21.35 -10.10
CA SER B 436 34.34 22.63 -10.76
C SER B 436 34.88 23.68 -9.75
N GLY B 437 34.47 23.56 -8.49
CA GLY B 437 34.82 24.52 -7.44
C GLY B 437 36.17 24.28 -6.77
N GLU B 438 36.61 25.25 -5.97
CA GLU B 438 37.87 25.18 -5.24
C GLU B 438 37.77 24.55 -3.85
N ASN B 439 38.89 23.99 -3.44
CA ASN B 439 39.14 23.50 -2.07
C ASN B 439 38.12 22.54 -1.50
N GLY B 440 37.50 21.81 -2.41
CA GLY B 440 36.60 20.74 -2.08
C GLY B 440 37.29 19.57 -1.42
N LYS B 441 36.52 18.87 -0.59
CA LYS B 441 36.97 17.67 0.10
C LYS B 441 35.90 16.59 -0.03
N THR B 442 36.32 15.37 -0.35
CA THR B 442 35.43 14.20 -0.30
C THR B 442 36.06 13.14 0.60
N ILE B 443 35.30 12.73 1.60
CA ILE B 443 35.68 11.62 2.49
C ILE B 443 34.67 10.51 2.24
N PHE B 444 35.18 9.44 1.65
CA PHE B 444 34.46 8.28 1.13
C PHE B 444 33.69 8.53 -0.16
N TYR B 445 34.07 7.79 -1.22
CA TYR B 445 33.29 7.78 -2.46
C TYR B 445 33.09 6.35 -2.90
N GLN B 446 31.85 6.02 -3.25
CA GLN B 446 31.51 4.77 -3.92
C GLN B 446 30.81 5.05 -5.24
N ASN B 447 31.39 4.50 -6.31
CA ASN B 447 30.82 4.57 -7.65
C ASN B 447 30.77 3.19 -8.32
N ALA B 448 29.76 3.02 -9.17
CA ALA B 448 29.78 1.97 -10.20
C ALA B 448 29.50 2.66 -11.52
N LYS B 449 30.19 2.24 -12.56
CA LYS B 449 29.97 2.76 -13.89
C LYS B 449 28.77 2.09 -14.59
N ALA B 450 28.12 2.84 -15.49
CA ALA B 450 26.97 2.32 -16.27
C ALA B 450 27.20 0.91 -16.79
N TYR B 451 26.29 -0.04 -16.52
CA TYR B 451 26.45 -1.44 -16.94
C TYR B 451 26.03 -1.64 -18.39
N ASP B 452 25.16 -0.74 -18.85
CA ASP B 452 24.45 -0.88 -20.11
C ASP B 452 25.08 -0.04 -21.26
N ALA B 453 26.30 0.44 -21.05
CA ALA B 453 27.07 1.01 -22.13
C ALA B 453 27.08 0.05 -23.33
N PRO B 454 26.86 0.56 -24.55
CA PRO B 454 26.57 -0.28 -25.74
C PRO B 454 27.82 -0.79 -26.42
N ASP B 455 28.79 0.09 -26.53
CA ASP B 455 30.00 -0.17 -27.22
C ASP B 455 30.95 0.95 -26.84
N GLN B 456 32.17 0.87 -27.30
CA GLN B 456 33.17 1.86 -26.94
C GLN B 456 32.84 3.29 -27.38
N ALA B 457 32.21 3.45 -28.56
CA ALA B 457 32.02 4.78 -29.14
C ALA B 457 30.96 5.56 -28.34
N ALA B 458 29.99 4.86 -27.78
CA ALA B 458 28.96 5.58 -27.03
C ALA B 458 29.47 6.19 -25.73
N ILE B 459 30.72 5.91 -25.38
CA ILE B 459 31.33 6.49 -24.19
C ILE B 459 32.70 7.16 -24.43
N GLN B 460 33.03 7.50 -25.69
CA GLN B 460 34.25 8.31 -25.94
C GLN B 460 34.07 9.71 -25.40
N ASN B 461 35.18 10.31 -24.95
CA ASN B 461 35.22 11.74 -24.61
C ASN B 461 36.60 12.30 -24.84
N GLY B 462 36.80 12.94 -26.00
CA GLY B 462 38.13 13.22 -26.51
C GLY B 462 38.85 11.95 -26.93
N ASP B 463 40.10 11.84 -26.48
CA ASP B 463 41.01 10.72 -26.74
C ASP B 463 41.02 9.87 -25.45
N ILE B 464 40.04 10.13 -24.57
CA ILE B 464 39.84 9.32 -23.36
C ILE B 464 38.67 8.33 -23.52
N LYS B 465 38.95 7.08 -23.19
CA LYS B 465 37.96 6.03 -23.21
C LYS B 465 37.16 6.10 -21.92
N GLY B 466 35.89 6.45 -22.08
CA GLY B 466 34.98 6.55 -20.97
C GLY B 466 35.01 7.88 -20.25
N TYR B 467 33.99 8.08 -19.42
CA TYR B 467 33.89 9.24 -18.53
C TYR B 467 34.27 8.85 -17.12
N ALA B 468 35.20 9.61 -16.52
CA ALA B 468 35.56 9.38 -15.14
C ALA B 468 34.32 9.32 -14.25
N ALA B 469 34.41 8.48 -13.24
CA ALA B 469 33.44 8.47 -12.16
C ALA B 469 33.54 9.75 -11.35
N TYR B 470 34.73 10.34 -11.31
CA TYR B 470 34.95 11.52 -10.47
C TYR B 470 36.01 12.35 -11.13
N LYS B 471 35.56 13.48 -11.68
CA LYS B 471 36.39 14.42 -12.40
C LYS B 471 36.58 15.69 -11.61
N VAL B 472 37.80 16.16 -11.61
CA VAL B 472 38.14 17.47 -11.09
C VAL B 472 38.58 18.30 -12.26
N ASP B 473 37.90 19.42 -12.50
CA ASP B 473 38.23 20.28 -13.62
C ASP B 473 39.66 20.76 -13.61
N ASP B 474 40.25 20.90 -14.79
CA ASP B 474 41.66 21.31 -14.92
C ASP B 474 41.92 22.72 -14.35
N SER B 475 40.83 23.46 -14.18
CA SER B 475 40.76 24.81 -13.59
C SER B 475 41.01 24.87 -12.08
N VAL B 476 40.88 23.73 -11.42
CA VAL B 476 40.94 23.69 -9.96
C VAL B 476 42.40 23.69 -9.48
N THR B 477 42.67 24.43 -8.39
CA THR B 477 43.99 24.56 -7.74
C THR B 477 44.21 23.50 -6.69
N THR B 478 43.11 23.16 -6.03
CA THR B 478 43.18 22.65 -4.68
C THR B 478 41.95 21.74 -4.47
N HIS B 479 42.19 20.46 -4.16
CA HIS B 479 41.14 19.48 -3.94
C HIS B 479 41.76 18.37 -3.09
N GLU B 480 40.95 17.70 -2.28
CA GLU B 480 41.46 16.50 -1.61
C GLU B 480 40.36 15.43 -1.47
N GLY B 481 40.71 14.20 -1.81
CA GLY B 481 39.81 13.06 -1.63
C GLY B 481 40.45 11.92 -0.88
N TRP B 482 39.64 11.23 -0.06
CA TRP B 482 40.11 10.11 0.75
C TRP B 482 39.15 8.91 0.61
N GLY B 483 39.69 7.73 0.28
CA GLY B 483 38.89 6.51 0.37
C GLY B 483 37.83 6.40 -0.72
N MET B 484 38.27 6.29 -1.96
CA MET B 484 37.39 6.47 -3.11
C MET B 484 37.52 5.30 -4.10
N GLY B 485 36.37 4.70 -4.46
CA GLY B 485 36.37 3.52 -5.33
C GLY B 485 35.35 3.63 -6.47
N SER B 486 35.72 3.07 -7.62
CA SER B 486 34.83 2.98 -8.78
C SER B 486 34.89 1.56 -9.31
N TYR B 487 33.72 0.96 -9.50
CA TYR B 487 33.65 -0.39 -10.07
C TYR B 487 32.96 -0.43 -11.44
N CYS B 488 33.31 -1.39 -12.28
CA CYS B 488 32.62 -1.53 -13.56
C CYS B 488 32.03 -2.91 -13.71
N TYR B 489 30.94 -2.95 -14.47
CA TYR B 489 30.25 -4.20 -14.80
C TYR B 489 29.58 -4.03 -16.16
N PHE B 490 30.41 -4.05 -17.21
CA PHE B 490 29.92 -3.78 -18.56
C PHE B 490 29.41 -5.13 -19.13
N ASN B 491 28.29 -5.59 -18.56
CA ASN B 491 27.74 -6.91 -18.88
C ASN B 491 27.18 -6.93 -20.24
N VAL B 492 26.69 -5.80 -20.70
CA VAL B 492 26.09 -5.85 -22.00
C VAL B 492 27.18 -5.96 -23.06
N ASN B 493 28.30 -5.26 -22.87
CA ASN B 493 29.46 -5.39 -23.75
C ASN B 493 30.79 -5.45 -22.94
N PRO B 494 31.19 -6.67 -22.57
CA PRO B 494 32.35 -6.91 -21.69
C PRO B 494 33.70 -6.61 -22.33
N ASP B 495 33.72 -6.29 -23.63
CA ASP B 495 34.99 -5.92 -24.30
C ASP B 495 35.32 -4.44 -24.06
N ILE B 496 34.40 -3.71 -23.44
CA ILE B 496 34.61 -2.29 -23.16
C ILE B 496 35.80 -2.04 -22.22
N ARG B 497 36.52 -0.95 -22.51
CA ARG B 497 37.55 -0.43 -21.63
C ARG B 497 37.16 0.92 -21.07
N GLN B 498 37.36 1.09 -19.75
CA GLN B 498 37.19 2.36 -19.06
C GLN B 498 38.59 2.87 -18.76
N GLN B 499 38.96 4.04 -19.26
CA GLN B 499 40.34 4.50 -19.07
C GLN B 499 40.72 4.69 -17.61
N HIS B 500 39.81 5.22 -16.81
CA HIS B 500 40.12 5.50 -15.42
C HIS B 500 38.87 5.71 -14.57
N GLY B 501 39.03 5.57 -13.25
CA GLY B 501 37.95 5.91 -12.33
C GLY B 501 37.90 7.39 -12.04
N PHE B 502 39.09 7.99 -12.06
CA PHE B 502 39.33 9.36 -11.58
C PHE B 502 40.13 10.16 -12.61
N GLN B 503 39.67 11.37 -12.88
CA GLN B 503 40.38 12.34 -13.76
C GLN B 503 40.61 13.66 -13.02
N ALA B 504 41.84 14.14 -13.02
CA ALA B 504 42.19 15.37 -12.30
C ALA B 504 43.50 15.97 -12.82
N PRO B 505 43.65 17.28 -12.71
CA PRO B 505 44.97 17.87 -13.03
C PRO B 505 46.05 17.44 -12.05
N VAL B 506 47.29 17.51 -12.51
CA VAL B 506 48.47 17.22 -11.69
C VAL B 506 48.98 18.57 -11.21
N LYS B 507 48.60 18.90 -9.97
CA LYS B 507 49.00 20.13 -9.27
C LYS B 507 49.29 19.69 -7.81
N PRO B 508 50.24 20.32 -7.13
CA PRO B 508 50.54 19.80 -5.77
C PRO B 508 49.38 19.93 -4.76
N GLY B 509 48.55 20.95 -4.93
CA GLY B 509 47.38 21.18 -4.08
C GLY B 509 46.14 20.30 -4.40
N VAL B 510 46.22 19.52 -5.47
CA VAL B 510 45.15 18.56 -5.84
C VAL B 510 45.63 17.16 -5.43
N LYS B 511 45.03 16.63 -4.37
CA LYS B 511 45.53 15.41 -3.70
C LYS B 511 44.49 14.32 -3.62
N PHE B 512 44.93 13.07 -3.74
CA PHE B 512 44.06 11.94 -3.46
C PHE B 512 44.80 10.92 -2.62
N HIS B 513 44.03 10.29 -1.76
CA HIS B 513 44.52 9.24 -0.86
C HIS B 513 43.60 8.01 -0.94
N ASP B 514 44.18 6.85 -1.19
CA ASP B 514 43.47 5.57 -1.10
C ASP B 514 42.37 5.44 -2.16
N LEU B 515 42.82 5.29 -3.41
CA LEU B 515 41.95 5.09 -4.56
C LEU B 515 41.95 3.65 -5.00
N LEU B 516 40.81 3.22 -5.52
CA LEU B 516 40.72 1.89 -6.09
C LEU B 516 39.75 1.84 -7.25
N VAL B 517 40.05 0.99 -8.22
CA VAL B 517 39.08 0.58 -9.22
C VAL B 517 39.00 -0.93 -9.28
N VAL B 518 37.83 -1.47 -9.63
CA VAL B 518 37.67 -2.93 -9.71
C VAL B 518 36.64 -3.30 -10.75
N SER B 519 36.96 -4.33 -11.52
CA SER B 519 36.03 -4.92 -12.49
C SER B 519 35.35 -6.16 -11.96
N LEU B 520 34.03 -6.27 -12.17
CA LEU B 520 33.30 -7.44 -11.70
C LEU B 520 33.26 -8.59 -12.66
N GLY B 521 33.84 -9.73 -12.22
CA GLY B 521 33.92 -10.93 -13.03
C GLY B 521 34.58 -10.69 -14.40
N GLY B 522 35.41 -9.67 -14.50
CA GLY B 522 35.99 -9.28 -15.79
C GLY B 522 35.04 -8.75 -16.84
N LYS B 523 33.97 -8.10 -16.39
CA LYS B 523 33.02 -7.48 -17.32
C LYS B 523 33.47 -6.04 -17.60
N GLY B 524 34.23 -5.90 -18.66
CA GLY B 524 35.02 -4.72 -18.88
C GLY B 524 36.24 -4.71 -17.98
N GLN B 525 37.13 -3.79 -18.28
CA GLN B 525 38.30 -3.53 -17.46
C GLN B 525 38.62 -2.05 -17.44
N TYR B 526 39.25 -1.63 -16.34
CA TYR B 526 39.92 -0.31 -16.25
C TYR B 526 41.34 -0.38 -16.83
N GLU B 527 41.71 0.64 -17.61
CA GLU B 527 43.07 0.80 -18.10
C GLU B 527 44.03 1.37 -17.04
N HIS B 528 43.47 2.18 -16.14
CA HIS B 528 44.23 2.84 -15.05
C HIS B 528 43.29 3.17 -13.87
N VAL B 529 43.86 3.70 -12.79
CA VAL B 529 43.08 4.13 -11.64
C VAL B 529 42.67 5.60 -11.79
N ILE B 530 43.68 6.46 -11.96
CA ILE B 530 43.50 7.90 -12.06
C ILE B 530 44.33 8.46 -13.23
N ASN B 531 43.71 9.28 -14.08
CA ASN B 531 44.36 9.76 -15.28
C ASN B 531 45.00 8.57 -15.99
N ASP B 532 46.34 8.53 -16.00
CA ASP B 532 47.13 7.47 -16.64
C ASP B 532 47.98 6.73 -15.61
N ILE B 533 47.67 6.97 -14.33
CA ILE B 533 48.41 6.43 -13.19
C ILE B 533 47.63 5.22 -12.68
N GLY B 534 48.36 4.18 -12.36
CA GLY B 534 47.76 3.00 -11.78
C GLY B 534 47.66 1.88 -12.78
N ASP B 535 47.77 0.68 -12.24
CA ASP B 535 47.77 -0.53 -13.02
C ASP B 535 46.34 -0.77 -13.55
N PRO B 536 46.21 -1.42 -14.73
CA PRO B 536 44.86 -1.79 -15.17
C PRO B 536 44.31 -2.91 -14.32
N THR B 537 43.00 -3.05 -14.29
CA THR B 537 42.42 -4.29 -13.78
C THR B 537 42.63 -5.40 -14.80
N SER B 538 42.82 -6.61 -14.29
CA SER B 538 43.07 -7.78 -15.11
C SER B 538 42.38 -8.99 -14.50
N GLY B 539 42.23 -10.04 -15.30
CA GLY B 539 41.57 -11.25 -14.83
C GLY B 539 40.05 -11.11 -14.73
N ASP B 540 39.43 -12.17 -14.23
CA ASP B 540 37.99 -12.23 -13.97
C ASP B 540 37.72 -12.39 -12.49
N THR B 541 38.74 -12.06 -11.68
CA THR B 541 38.77 -12.40 -10.26
C THR B 541 38.30 -11.29 -9.30
N THR B 542 38.01 -10.11 -9.84
CA THR B 542 37.51 -9.00 -9.03
C THR B 542 38.54 -8.53 -7.97
N ILE B 543 39.81 -8.46 -8.35
CA ILE B 543 40.83 -7.87 -7.49
C ILE B 543 40.93 -6.39 -7.79
N PRO B 544 40.88 -5.55 -6.74
CA PRO B 544 41.04 -4.11 -7.03
C PRO B 544 42.43 -3.73 -7.52
N SER B 545 42.54 -2.65 -8.29
CA SER B 545 43.81 -1.99 -8.58
C SER B 545 43.78 -0.70 -7.80
N GLN B 546 44.84 -0.48 -7.02
CA GLN B 546 44.80 0.52 -5.97
C GLN B 546 45.96 1.52 -6.14
N VAL B 547 45.71 2.77 -5.75
CA VAL B 547 46.71 3.84 -5.72
C VAL B 547 46.60 4.54 -4.38
N VAL B 548 47.66 4.48 -3.57
CA VAL B 548 47.67 5.09 -2.22
C VAL B 548 47.75 6.63 -2.21
N SER B 549 48.65 7.21 -3.01
CA SER B 549 48.87 8.68 -3.06
C SER B 549 49.01 9.21 -4.51
N PHE B 550 48.28 10.27 -4.83
CA PHE B 550 48.37 11.01 -6.10
C PHE B 550 48.28 12.48 -5.79
N PRO B 551 49.20 13.31 -6.33
CA PRO B 551 50.29 13.02 -7.29
C PRO B 551 51.30 12.08 -6.72
C1 EDO C . -38.43 -12.56 -9.22
O1 EDO C . -37.77 -12.91 -8.00
C2 EDO C . -39.01 -11.15 -9.19
O2 EDO C . -38.00 -10.22 -8.80
H11 EDO C . -39.25 -13.28 -9.42
H12 EDO C . -37.72 -12.62 -10.05
HO1 EDO C . -37.46 -13.82 -8.03
H21 EDO C . -39.85 -11.11 -8.50
H22 EDO C . -39.38 -10.90 -10.19
HO2 EDO C . -38.37 -9.33 -8.76
C1 EDO D . -15.70 -12.62 -22.11
O1 EDO D . -14.39 -12.01 -22.14
C2 EDO D . -16.79 -11.51 -22.10
O2 EDO D . -16.52 -10.66 -21.00
H11 EDO D . -15.81 -13.24 -21.22
H12 EDO D . -15.84 -13.25 -22.99
HO1 EDO D . -13.72 -12.70 -22.27
H21 EDO D . -17.77 -11.94 -22.00
H22 EDO D . -16.75 -10.95 -23.04
HO2 EDO D . -16.98 -9.83 -21.10
C2 BGC E . 25.32 -1.22 -7.44
C3 BGC E . 23.79 -1.15 -7.20
C4 BGC E . 23.15 -1.85 -8.43
C5 BGC E . 23.64 -3.30 -8.55
C6 BGC E . 22.84 -4.16 -9.55
C1 BGC E . 25.76 -2.67 -7.72
O1 BGC E . 27.13 -2.70 -8.06
O2 BGC E . 26.08 -0.65 -6.36
O3 BGC E . 23.31 0.15 -7.16
O4 BGC E . 21.68 -1.68 -8.48
O5 BGC E . 25.03 -3.32 -8.75
O6 BGC E . 22.68 -5.44 -8.98
H2 BGC E . 25.47 -0.64 -8.35
H3 BGC E . 23.28 -1.67 -7.98
H4 BGC E . 23.65 -1.55 -9.37
H5 BGC E . 23.59 -3.75 -7.56
H61 BGC E . 23.26 -4.05 -10.54
H62 BGC E . 21.83 -3.78 -9.58
H1 BGC E . 25.63 -3.24 -6.79
HO1 BGC E . 27.48 -1.78 -8.08
HO2 BGC E . 27.00 -0.98 -6.39
HO3 BGC E . 24.02 0.78 -7.38
HO4 BGC E . 21.31 -1.56 -7.58
HO6 BGC E . 23.33 -5.57 -8.26
C1 EDO F . 7.37 6.56 -6.30
O1 EDO F . 8.57 7.30 -6.11
C2 EDO F . 7.75 5.12 -6.58
O2 EDO F . 8.43 4.60 -5.43
H11 EDO F . 6.81 6.96 -7.14
H12 EDO F . 6.76 6.62 -5.40
HO1 EDO F . 8.36 8.16 -5.72
H21 EDO F . 8.42 5.09 -7.44
H22 EDO F . 6.86 4.54 -6.78
HO2 EDO F . 8.83 3.74 -5.65
C1 EDO G . 30.95 4.96 -19.06
O1 EDO G . 32.23 5.58 -18.98
C2 EDO G . 29.87 6.05 -19.04
O2 EDO G . 30.02 6.93 -17.94
H11 EDO G . 30.81 4.29 -18.22
H12 EDO G . 30.87 4.38 -19.97
HO1 EDO G . 32.88 4.93 -18.69
H21 EDO G . 28.89 5.59 -18.99
H22 EDO G . 29.94 6.61 -19.98
HO2 EDO G . 29.15 7.19 -17.62
C1 EDO H . 49.71 4.87 4.71
O1 EDO H . 48.87 5.92 4.18
C2 EDO H . 49.40 3.48 4.20
O2 EDO H . 48.08 3.10 4.62
H11 EDO H . 49.54 4.85 5.79
H12 EDO H . 50.76 5.11 4.53
HO1 EDO H . 49.01 6.74 4.68
H21 EDO H . 50.14 2.79 4.60
H22 EDO H . 49.48 3.46 3.11
HO2 EDO H . 47.95 2.16 4.48
N VAL A 4 -46.10 14.63 8.52
CA VAL A 4 -46.36 14.05 7.21
C VAL A 4 -45.90 12.54 7.18
N VAL A 5 -45.70 12.07 8.42
CA VAL A 5 -45.43 10.70 8.95
C VAL A 5 -45.14 9.31 8.21
N GLY A 6 -44.14 8.75 8.80
CA GLY A 6 -43.82 7.43 8.51
C GLY A 6 -44.43 6.54 9.54
N GLY A 7 -43.64 5.54 9.86
CA GLY A 7 -44.06 4.41 10.61
C GLY A 7 -44.58 3.68 9.40
N GLY A 8 -45.86 3.87 9.18
CA GLY A 8 -46.64 2.95 8.40
C GLY A 8 -46.90 1.65 9.13
N ASP A 9 -46.83 0.60 8.33
CA ASP A 9 -46.96 -0.73 8.87
C ASP A 9 -46.35 -1.83 8.06
N LEU A 10 -45.60 -2.68 8.76
CA LEU A 10 -44.63 -3.60 8.16
C LEU A 10 -45.23 -4.78 7.37
N GLY A 11 -46.53 -5.03 7.50
CA GLY A 11 -47.21 -5.96 6.59
C GLY A 11 -47.10 -7.45 6.88
N PRO A 12 -47.92 -8.23 6.16
CA PRO A 12 -47.94 -9.67 6.42
C PRO A 12 -46.70 -10.45 5.92
N ASN A 13 -45.72 -9.80 5.29
CA ASN A 13 -44.47 -10.48 4.89
C ASN A 13 -43.38 -10.39 5.97
N VAL A 14 -43.62 -9.60 7.01
CA VAL A 14 -42.72 -9.51 8.16
C VAL A 14 -43.35 -10.28 9.32
N LEU A 15 -42.72 -11.39 9.65
CA LEU A 15 -43.23 -12.28 10.68
C LEU A 15 -42.44 -12.00 11.96
N VAL A 16 -43.16 -11.66 13.02
CA VAL A 16 -42.57 -11.22 14.26
C VAL A 16 -42.94 -12.20 15.34
N PHE A 17 -41.92 -12.63 16.08
CA PHE A 17 -42.03 -13.63 17.11
C PHE A 17 -41.51 -13.04 18.44
N ASP A 18 -42.17 -13.41 19.55
CA ASP A 18 -41.55 -13.28 20.88
C ASP A 18 -41.42 -14.69 21.42
N PRO A 19 -40.58 -14.90 22.45
CA PRO A 19 -40.48 -16.32 22.82
C PRO A 19 -41.79 -16.96 23.32
N SER A 20 -42.89 -16.21 23.51
CA SER A 20 -44.21 -16.82 23.75
C SER A 20 -44.96 -17.37 22.53
N THR A 21 -44.55 -17.00 21.33
CA THR A 21 -45.23 -17.46 20.11
C THR A 21 -45.35 -18.99 20.06
N PRO A 22 -46.57 -19.53 19.87
CA PRO A 22 -46.71 -20.99 19.78
C PRO A 22 -46.12 -21.62 18.53
N ASP A 23 -45.63 -22.83 18.72
CA ASP A 23 -44.79 -23.54 17.80
C ASP A 23 -43.78 -22.54 17.20
N ILE A 24 -42.70 -22.95 16.65
CA ILE A 24 -42.01 -21.87 15.97
C ILE A 24 -41.55 -22.62 14.82
N GLN A 25 -40.89 -23.72 15.15
CA GLN A 25 -40.57 -24.73 14.19
C GLN A 25 -41.65 -24.82 13.14
N GLY A 26 -42.91 -24.94 13.56
CA GLY A 26 -43.99 -25.04 12.62
C GLY A 26 -44.06 -23.87 11.65
N LYS A 27 -44.03 -22.66 12.19
CA LYS A 27 -44.19 -21.47 11.35
C LYS A 27 -43.02 -21.20 10.44
N VAL A 28 -41.85 -21.07 11.08
CA VAL A 28 -40.59 -20.98 10.38
C VAL A 28 -40.42 -22.10 9.30
N ASP A 29 -40.92 -23.30 9.59
CA ASP A 29 -40.82 -24.40 8.60
C ASP A 29 -41.81 -24.28 7.43
N GLU A 30 -43.00 -23.70 7.69
CA GLU A 30 -43.96 -23.46 6.59
C GLU A 30 -43.28 -22.62 5.52
N VAL A 31 -42.62 -21.57 5.98
CA VAL A 31 -41.97 -20.65 5.07
C VAL A 31 -40.87 -21.37 4.31
N PHE A 32 -40.16 -22.26 5.00
CA PHE A 32 -38.98 -22.90 4.38
C PHE A 32 -39.41 -23.74 3.18
N ARG A 33 -40.35 -24.64 3.40
CA ARG A 33 -40.94 -25.39 2.28
C ARG A 33 -41.40 -24.46 1.15
N LYS A 34 -42.09 -23.37 1.47
CA LYS A 34 -42.45 -22.38 0.42
C LYS A 34 -41.18 -22.01 -0.37
N GLN A 35 -40.13 -21.65 0.37
CA GLN A 35 -39.01 -20.90 -0.20
C GLN A 35 -37.82 -21.73 -0.64
N GLU A 36 -37.79 -22.99 -0.21
CA GLU A 36 -36.59 -23.81 -0.37
C GLU A 36 -35.99 -23.89 -1.77
N SER A 37 -36.80 -24.27 -2.74
CA SER A 37 -36.36 -24.38 -4.12
C SER A 37 -37.02 -23.30 -4.99
N ASN A 38 -37.53 -22.27 -4.33
CA ASN A 38 -38.19 -21.17 -5.01
C ASN A 38 -37.16 -20.14 -5.51
N GLN A 39 -36.33 -20.59 -6.43
CA GLN A 39 -35.17 -19.79 -6.80
C GLN A 39 -35.51 -18.47 -7.47
N PHE A 40 -36.59 -18.46 -8.26
CA PHE A 40 -36.99 -17.29 -9.05
C PHE A 40 -38.44 -16.85 -8.75
N GLY A 41 -38.97 -17.28 -7.60
CA GLY A 41 -40.28 -16.87 -7.13
C GLY A 41 -40.36 -15.43 -6.68
N THR A 42 -41.59 -14.96 -6.47
CA THR A 42 -41.82 -13.58 -6.14
C THR A 42 -42.29 -13.35 -4.72
N ASP A 43 -42.38 -14.37 -3.87
CA ASP A 43 -42.52 -14.06 -2.44
C ASP A 43 -41.19 -13.80 -1.76
N ARG A 44 -41.30 -13.11 -0.65
CA ARG A 44 -40.22 -12.49 0.08
C ARG A 44 -40.67 -12.52 1.53
N TYR A 45 -39.82 -12.99 2.43
CA TYR A 45 -40.17 -12.97 3.85
C TYR A 45 -39.04 -12.51 4.74
N ALA A 46 -39.41 -11.81 5.82
CA ALA A 46 -38.48 -11.47 6.89
C ALA A 46 -39.01 -12.09 8.18
N LEU A 47 -38.12 -12.79 8.87
CA LEU A 47 -38.44 -13.46 10.15
C LEU A 47 -37.70 -12.71 11.24
N MET A 48 -38.44 -11.90 12.03
CA MET A 48 -37.81 -11.03 12.99
C MET A 48 -38.13 -11.58 14.38
N PHE A 49 -37.09 -11.64 15.20
CA PHE A 49 -37.19 -12.24 16.52
C PHE A 49 -36.97 -11.23 17.63
N LYS A 50 -37.97 -11.08 18.52
CA LYS A 50 -37.85 -10.15 19.64
C LYS A 50 -36.83 -10.66 20.67
N PRO A 51 -36.17 -9.75 21.41
CA PRO A 51 -35.24 -10.19 22.44
C PRO A 51 -35.86 -11.20 23.39
N GLY A 52 -35.02 -12.12 23.81
CA GLY A 52 -35.40 -13.27 24.59
C GLY A 52 -34.55 -14.45 24.20
N THR A 53 -34.99 -15.62 24.64
CA THR A 53 -34.29 -16.87 24.44
C THR A 53 -35.30 -17.83 23.82
N TYR A 54 -34.89 -18.51 22.73
CA TYR A 54 -35.74 -19.38 21.93
C TYR A 54 -35.18 -20.76 21.93
N ASN A 55 -36.07 -21.75 21.93
CA ASN A 55 -35.70 -23.12 22.24
C ASN A 55 -36.35 -24.08 21.26
N ASP A 56 -35.77 -25.26 21.15
CA ASP A 56 -36.38 -26.31 20.33
C ASP A 56 -36.50 -25.76 18.89
N ILE A 57 -35.48 -25.01 18.43
CA ILE A 57 -35.53 -24.31 17.12
C ILE A 57 -34.39 -24.67 16.13
N ASN A 58 -34.81 -25.03 14.91
CA ASN A 58 -33.89 -25.19 13.80
C ASN A 58 -34.56 -24.44 12.66
N ALA A 59 -34.03 -23.27 12.35
CA ALA A 59 -34.65 -22.39 11.37
C ALA A 59 -33.90 -22.53 10.08
N GLN A 60 -34.45 -23.31 9.16
CA GLN A 60 -33.81 -23.50 7.86
C GLN A 60 -34.29 -22.38 6.94
N ILE A 61 -33.33 -21.78 6.23
CA ILE A 61 -33.52 -20.53 5.52
C ILE A 61 -33.43 -20.79 4.02
N GLY A 62 -34.54 -20.63 3.32
CA GLY A 62 -34.60 -20.80 1.89
C GLY A 62 -34.34 -19.52 1.13
N PHE A 63 -34.68 -19.53 -0.15
CA PHE A 63 -34.57 -18.33 -0.96
C PHE A 63 -35.40 -17.17 -0.39
N TYR A 64 -34.88 -15.95 -0.58
CA TYR A 64 -35.59 -14.70 -0.33
C TYR A 64 -36.18 -14.64 1.09
N THR A 65 -35.36 -15.07 2.04
CA THR A 65 -35.73 -15.07 3.44
C THR A 65 -34.61 -14.41 4.22
N SER A 66 -34.94 -13.38 5.02
CA SER A 66 -33.98 -12.68 5.90
C SER A 66 -34.42 -12.91 7.35
N ILE A 67 -33.52 -13.41 8.19
CA ILE A 67 -33.86 -13.74 9.60
C ILE A 67 -33.00 -12.83 10.46
N ALA A 68 -33.62 -12.23 11.44
CA ALA A 68 -32.95 -11.22 12.23
C ALA A 68 -33.46 -11.16 13.65
N GLY A 69 -32.55 -10.85 14.57
CA GLY A 69 -32.97 -10.49 15.92
C GLY A 69 -33.31 -9.00 16.01
N LEU A 70 -34.02 -8.64 17.08
CA LEU A 70 -34.48 -7.27 17.29
C LEU A 70 -33.92 -6.65 18.57
N GLY A 71 -32.89 -7.27 19.14
CA GLY A 71 -32.23 -6.67 20.26
C GLY A 71 -31.22 -5.68 19.76
N LEU A 72 -30.57 -5.02 20.72
CA LEU A 72 -29.58 -4.02 20.39
C LEU A 72 -28.24 -4.65 20.06
N ASN A 73 -28.00 -5.83 20.65
CA ASN A 73 -26.78 -6.60 20.39
C ASN A 73 -27.20 -8.04 20.12
N PRO A 74 -26.33 -8.85 19.50
CA PRO A 74 -26.83 -10.14 19.03
C PRO A 74 -27.17 -11.11 20.19
N ASP A 75 -26.50 -10.90 21.31
CA ASP A 75 -26.72 -11.75 22.46
C ASP A 75 -28.04 -11.43 23.14
N ASP A 76 -28.77 -10.41 22.69
CA ASP A 76 -30.06 -10.10 23.32
C ASP A 76 -31.15 -11.09 22.83
N THR A 77 -30.87 -11.74 21.71
CA THR A 77 -31.79 -12.63 21.01
C THR A 77 -31.01 -13.93 20.71
N THR A 78 -31.24 -14.94 21.53
CA THR A 78 -30.45 -16.17 21.52
C THR A 78 -31.32 -17.37 21.15
N PHE A 79 -30.86 -18.09 20.14
CA PHE A 79 -31.44 -19.38 19.79
C PHE A 79 -30.55 -20.45 20.41
N ASN A 80 -31.16 -21.26 21.26
CA ASN A 80 -30.59 -22.55 21.59
C ASN A 80 -31.02 -23.45 20.48
N GLY A 81 -30.22 -23.38 19.42
CA GLY A 81 -30.57 -23.95 18.14
C GLY A 81 -29.72 -23.31 17.04
N ASP A 82 -30.27 -23.32 15.84
CA ASP A 82 -29.48 -23.15 14.63
C ASP A 82 -30.26 -22.29 13.64
N VAL A 83 -29.52 -21.51 12.87
CA VAL A 83 -30.04 -20.87 11.69
C VAL A 83 -29.26 -21.49 10.52
N THR A 84 -29.94 -22.26 9.70
CA THR A 84 -29.28 -23.24 8.88
C THR A 84 -29.58 -23.13 7.38
N VAL A 85 -28.53 -23.23 6.56
CA VAL A 85 -28.71 -23.40 5.12
C VAL A 85 -28.01 -24.72 4.69
N ASP A 86 -28.80 -25.59 4.06
CA ASP A 86 -28.40 -26.91 3.49
C ASP A 86 -28.63 -26.91 1.98
N ALA A 87 -28.18 -27.97 1.31
CA ALA A 87 -28.35 -28.05 -0.16
C ALA A 87 -29.24 -29.23 -0.61
N GLY A 88 -30.08 -29.76 0.28
CA GLY A 88 -30.76 -31.00 -0.04
C GLY A 88 -31.73 -30.79 -1.22
N TRP A 89 -32.20 -29.56 -1.36
CA TRP A 89 -33.09 -29.26 -2.47
C TRP A 89 -32.37 -29.42 -3.84
N PHE A 90 -31.03 -29.53 -3.81
CA PHE A 90 -30.30 -30.45 -4.73
C PHE A 90 -29.47 -31.49 -3.99
N ASP A 91 -29.84 -32.75 -3.79
CA ASP A 91 -28.93 -33.70 -3.05
C ASP A 91 -27.36 -33.44 -2.94
N GLY A 92 -26.89 -32.17 -2.82
CA GLY A 92 -25.44 -31.97 -2.57
C GLY A 92 -24.77 -30.68 -3.00
N ASN A 93 -25.34 -30.05 -4.03
CA ASN A 93 -24.74 -28.89 -4.67
C ASN A 93 -25.26 -27.56 -4.06
N ALA A 94 -24.35 -26.79 -3.46
CA ALA A 94 -24.75 -25.57 -2.77
C ALA A 94 -24.50 -24.29 -3.57
N THR A 95 -24.21 -24.41 -4.87
CA THR A 95 -23.84 -23.21 -5.67
C THR A 95 -25.00 -22.37 -6.22
N GLN A 96 -26.24 -22.74 -5.88
CA GLN A 96 -27.37 -21.88 -6.13
C GLN A 96 -28.08 -21.46 -4.83
N ASN A 97 -27.43 -21.60 -3.66
CA ASN A 97 -28.06 -21.17 -2.41
C ASN A 97 -27.82 -19.65 -2.25
N PHE A 98 -28.60 -18.88 -2.99
CA PHE A 98 -28.51 -17.43 -3.06
C PHE A 98 -29.62 -16.68 -2.29
N TRP A 99 -29.42 -15.37 -2.14
CA TRP A 99 -30.46 -14.36 -1.82
C TRP A 99 -31.19 -14.67 -0.50
N ARG A 100 -30.42 -14.63 0.57
CA ARG A 100 -31.00 -14.85 1.88
C ARG A 100 -30.08 -14.26 2.91
N SER A 101 -30.47 -14.26 4.16
CA SER A 101 -29.65 -13.53 5.11
C SER A 101 -29.91 -13.83 6.57
N ALA A 102 -28.88 -13.66 7.38
CA ALA A 102 -29.02 -13.77 8.84
C ALA A 102 -28.26 -12.65 9.53
N GLU A 103 -28.86 -12.12 10.60
CA GLU A 103 -28.26 -10.97 11.26
C GLU A 103 -28.70 -10.81 12.71
N ASN A 104 -27.77 -10.35 13.56
CA ASN A 104 -28.15 -9.84 14.89
C ASN A 104 -28.82 -10.86 15.82
N LEU A 105 -28.20 -12.03 15.85
CA LEU A 105 -28.62 -13.19 16.65
C LEU A 105 -27.42 -13.84 17.31
N ALA A 106 -27.64 -14.41 18.49
CA ALA A 106 -26.69 -15.34 19.08
C ALA A 106 -27.23 -16.75 18.86
N LEU A 107 -26.38 -17.66 18.42
CA LEU A 107 -26.73 -19.07 18.21
C LEU A 107 -25.91 -19.96 19.15
N ASN A 108 -26.60 -20.98 19.67
CA ASN A 108 -26.01 -22.01 20.52
C ASN A 108 -26.38 -23.33 19.82
N PRO A 109 -25.59 -23.71 18.80
CA PRO A 109 -26.03 -24.71 17.81
C PRO A 109 -26.25 -26.10 18.37
N VAL A 110 -27.27 -26.78 17.87
CA VAL A 110 -27.44 -28.20 18.19
C VAL A 110 -26.17 -28.97 18.02
N ASN A 111 -25.45 -28.91 16.92
CA ASN A 111 -24.40 -29.95 16.90
C ASN A 111 -23.14 -29.51 17.69
N GLY A 112 -23.16 -28.31 18.27
CA GLY A 112 -21.92 -27.62 18.60
C GLY A 112 -21.44 -26.81 17.39
N THR A 113 -22.00 -27.09 16.21
CA THR A 113 -21.70 -26.32 15.00
C THR A 113 -22.97 -25.98 14.23
N ASN A 114 -23.00 -24.75 13.72
CA ASN A 114 -24.08 -24.24 12.88
C ASN A 114 -23.63 -24.28 11.42
N ARG A 115 -24.53 -24.68 10.51
CA ARG A 115 -24.20 -24.81 9.09
C ARG A 115 -24.85 -23.72 8.27
N TRP A 116 -24.02 -22.94 7.57
CA TRP A 116 -24.47 -21.84 6.70
C TRP A 116 -23.87 -22.14 5.32
N ALA A 117 -24.43 -23.12 4.62
CA ALA A 117 -23.87 -23.62 3.36
C ALA A 117 -24.42 -22.85 2.18
N VAL A 118 -23.81 -21.72 1.92
CA VAL A 118 -24.35 -20.75 0.98
C VAL A 118 -23.38 -20.41 -0.14
N SER A 119 -23.92 -19.85 -1.23
CA SER A 119 -23.11 -19.17 -2.22
C SER A 119 -23.35 -17.65 -2.16
N GLN A 120 -23.49 -17.00 -3.31
CA GLN A 120 -23.47 -15.54 -3.31
C GLN A 120 -24.75 -14.90 -2.79
N ALA A 121 -24.62 -13.65 -2.36
CA ALA A 121 -25.76 -12.86 -1.84
C ALA A 121 -26.45 -13.52 -0.65
N ALA A 122 -25.63 -14.03 0.27
CA ALA A 122 -26.13 -14.64 1.48
C ALA A 122 -25.39 -14.13 2.73
N PRO A 123 -25.54 -12.84 3.04
CA PRO A 123 -24.73 -12.28 4.10
C PRO A 123 -25.06 -12.80 5.51
N PHE A 124 -24.05 -12.79 6.36
CA PHE A 124 -24.09 -13.32 7.73
C PHE A 124 -23.42 -12.20 8.51
N ARG A 125 -24.23 -11.37 9.18
CA ARG A 125 -23.71 -10.16 9.84
C ARG A 125 -24.14 -10.07 11.30
N ARG A 126 -23.27 -9.55 12.13
CA ARG A 126 -23.67 -9.21 13.49
C ARG A 126 -24.17 -10.45 14.22
N MET A 127 -23.48 -11.56 13.98
CA MET A 127 -23.83 -12.85 14.55
C MET A 127 -22.85 -13.29 15.61
N HIS A 128 -23.39 -13.87 16.69
CA HIS A 128 -22.57 -14.53 17.70
C HIS A 128 -22.89 -16.04 17.73
N VAL A 129 -21.99 -16.82 17.13
CA VAL A 129 -22.07 -18.28 17.15
C VAL A 129 -21.28 -18.83 18.32
N LYS A 130 -21.99 -19.41 19.28
CA LYS A 130 -21.39 -19.95 20.48
C LYS A 130 -20.98 -21.40 20.24
N GLY A 131 -20.00 -21.53 19.37
CA GLY A 131 -19.58 -22.81 18.81
C GLY A 131 -18.92 -22.56 17.48
N GLY A 132 -18.85 -23.59 16.64
CA GLY A 132 -18.23 -23.48 15.34
C GLY A 132 -19.25 -23.14 14.27
N LEU A 133 -18.72 -22.77 13.10
CA LEU A 133 -19.56 -22.45 11.91
C LEU A 133 -19.10 -23.26 10.72
N ASN A 134 -20.02 -24.08 10.19
CA ASN A 134 -19.75 -24.97 9.06
C ASN A 134 -20.30 -24.33 7.77
N LEU A 135 -19.44 -24.01 6.81
CA LEU A 135 -19.90 -23.26 5.61
C LEU A 135 -20.22 -24.09 4.39
N ALA A 136 -20.18 -25.41 4.51
CA ALA A 136 -20.16 -26.26 3.35
C ALA A 136 -21.32 -27.27 3.29
N PRO A 137 -21.70 -27.68 2.07
CA PRO A 137 -22.46 -28.90 1.83
C PRO A 137 -21.94 -30.03 2.68
N ASP A 138 -22.86 -30.79 3.25
CA ASP A 138 -22.63 -32.13 3.78
C ASP A 138 -22.12 -33.05 2.69
N GLY A 139 -20.83 -33.20 2.65
CA GLY A 139 -20.20 -34.06 1.66
C GLY A 139 -19.70 -33.27 0.44
N TYR A 140 -19.54 -31.96 0.66
CA TYR A 140 -18.47 -31.13 0.07
C TYR A 140 -18.64 -31.18 -1.41
N GLY A 141 -19.88 -31.38 -1.82
CA GLY A 141 -20.25 -30.93 -3.13
C GLY A 141 -19.97 -29.44 -3.12
N TRP A 142 -20.58 -28.77 -4.03
CA TRP A 142 -19.94 -27.57 -4.43
C TRP A 142 -20.61 -26.37 -3.69
N ALA A 143 -19.82 -25.35 -3.35
CA ALA A 143 -20.37 -24.10 -2.77
C ALA A 143 -19.39 -23.01 -3.15
N SER A 144 -19.91 -21.80 -3.30
CA SER A 144 -19.20 -20.67 -3.88
C SER A 144 -19.65 -19.39 -3.19
N GLY A 145 -19.36 -19.31 -1.87
CA GLY A 145 -19.70 -18.14 -1.07
C GLY A 145 -18.63 -17.07 -1.13
N GLY A 146 -18.62 -16.11 -0.21
CA GLY A 146 -19.57 -15.97 0.88
C GLY A 146 -19.06 -14.77 1.66
N TYR A 147 -19.85 -14.33 2.64
CA TYR A 147 -19.58 -13.07 3.30
C TYR A 147 -19.98 -13.13 4.77
N ILE A 148 -19.00 -12.86 5.64
CA ILE A 148 -19.21 -12.68 7.08
C ILE A 148 -18.65 -11.32 7.49
N ALA A 149 -19.44 -10.58 8.25
CA ALA A 149 -18.99 -9.30 8.80
C ALA A 149 -19.51 -9.09 10.22
N ASP A 150 -18.68 -8.45 11.03
CA ASP A 150 -19.06 -7.97 12.34
C ASP A 150 -19.59 -9.11 13.22
N SER A 151 -18.94 -10.26 13.11
CA SER A 151 -19.43 -11.46 13.80
C SER A 151 -18.35 -12.08 14.67
N LYS A 152 -18.79 -12.76 15.74
CA LYS A 152 -17.89 -13.51 16.60
C LYS A 152 -18.31 -14.97 16.54
N ILE A 153 -17.39 -15.80 16.12
CA ILE A 153 -17.58 -17.23 16.12
C ILE A 153 -16.61 -17.71 17.20
N ASP A 154 -17.14 -18.09 18.38
CA ASP A 154 -16.27 -18.44 19.49
C ASP A 154 -15.25 -19.47 18.97
N GLY A 155 -15.73 -20.32 18.06
CA GLY A 155 -15.10 -21.57 17.74
C GLY A 155 -14.50 -21.56 16.35
N GLU A 156 -14.35 -22.75 15.77
CA GLU A 156 -13.69 -22.86 14.48
C GLU A 156 -14.68 -22.66 13.37
N VAL A 157 -14.26 -21.85 12.41
CA VAL A 157 -15.01 -21.67 11.20
C VAL A 157 -14.47 -22.62 10.17
N GLY A 158 -15.36 -23.47 9.62
CA GLY A 158 -15.01 -24.51 8.65
C GLY A 158 -15.50 -24.23 7.24
N PRO A 159 -14.57 -24.04 6.29
CA PRO A 159 -15.08 -23.78 4.93
C PRO A 159 -15.26 -25.07 4.12
N TYR A 160 -14.50 -26.11 4.46
CA TYR A 160 -14.43 -27.33 3.66
C TYR A 160 -14.35 -27.01 2.17
N SER A 161 -15.45 -27.23 1.45
CA SER A 161 -15.41 -27.22 0.01
C SER A 161 -15.66 -25.86 -0.61
N GLN A 162 -15.95 -24.84 0.21
CA GLN A 162 -16.17 -23.50 -0.33
C GLN A 162 -15.04 -22.99 -1.21
N GLN A 163 -15.36 -22.52 -2.44
CA GLN A 163 -14.33 -22.00 -3.34
C GLN A 163 -13.50 -20.88 -2.71
N GLN A 164 -14.21 -19.89 -2.19
CA GLN A 164 -13.59 -18.64 -1.77
C GLN A 164 -14.47 -18.08 -0.64
N TRP A 165 -14.00 -17.03 0.04
CA TRP A 165 -14.76 -16.46 1.15
C TRP A 165 -14.12 -15.15 1.57
N TYR A 166 -14.94 -14.20 2.01
CA TYR A 166 -14.47 -12.93 2.59
C TYR A 166 -15.03 -12.74 3.99
N THR A 167 -14.16 -12.45 4.95
CA THR A 167 -14.60 -12.15 6.31
C THR A 167 -13.99 -10.80 6.72
N ARG A 168 -14.81 -9.90 7.28
CA ARG A 168 -14.25 -8.67 7.85
C ARG A 168 -14.70 -8.38 9.29
N ASP A 169 -13.81 -7.72 10.02
CA ASP A 169 -14.12 -7.01 11.26
C ASP A 169 -14.89 -7.94 12.18
N SER A 170 -14.23 -9.06 12.48
CA SER A 170 -14.82 -10.17 13.18
C SER A 170 -13.79 -10.84 14.11
N SER A 171 -14.28 -11.86 14.80
CA SER A 171 -13.53 -12.63 15.79
C SER A 171 -13.83 -14.12 15.52
N VAL A 172 -12.81 -14.93 15.24
CA VAL A 172 -13.00 -16.38 15.09
C VAL A 172 -12.09 -17.16 16.05
N GLY A 173 -12.59 -18.29 16.54
CA GLY A 173 -11.75 -19.14 17.38
C GLY A 173 -10.61 -19.75 16.58
N GLY A 174 -10.94 -20.04 15.32
CA GLY A 174 -9.99 -20.61 14.38
C GLY A 174 -10.58 -20.64 12.96
N TRP A 175 -9.74 -21.09 12.02
CA TRP A 175 -10.09 -21.15 10.59
C TRP A 175 -9.61 -22.46 9.98
N GLY A 176 -10.54 -23.26 9.47
CA GLY A 176 -10.23 -24.62 9.08
C GLY A 176 -9.40 -24.80 7.81
N ASN A 177 -9.79 -24.14 6.72
CA ASN A 177 -9.11 -24.32 5.45
C ASN A 177 -9.31 -23.19 4.44
N GLY A 178 -8.57 -23.29 3.34
CA GLY A 178 -8.87 -22.52 2.15
C GLY A 178 -9.06 -23.43 0.95
N VAL A 179 -9.45 -22.84 -0.18
CA VAL A 179 -9.50 -23.56 -1.44
C VAL A 179 -8.82 -22.70 -2.50
N TRP A 180 -9.53 -21.69 -2.98
CA TRP A 180 -9.00 -20.77 -4.00
C TRP A 180 -8.61 -19.41 -3.41
N ASN A 181 -9.41 -18.88 -2.48
CA ASN A 181 -9.21 -17.48 -2.08
C ASN A 181 -10.01 -17.15 -0.84
N MET A 182 -9.36 -17.31 0.32
CA MET A 182 -9.99 -16.91 1.57
C MET A 182 -9.31 -15.62 1.98
N THR A 183 -10.08 -14.53 2.02
CA THR A 183 -9.54 -13.22 2.39
C THR A 183 -10.19 -12.74 3.69
N PHE A 184 -9.36 -12.05 4.49
CA PHE A 184 -9.75 -11.56 5.79
C PHE A 184 -9.23 -10.12 5.92
N SER A 185 -10.05 -9.23 6.47
CA SER A 185 -9.56 -7.91 6.85
C SER A 185 -10.17 -7.56 8.19
N GLY A 186 -9.31 -7.27 9.16
CA GLY A 186 -9.79 -6.91 10.48
C GLY A 186 -10.35 -8.06 11.31
N VAL A 187 -9.88 -9.27 11.02
CA VAL A 187 -10.38 -10.46 11.68
C VAL A 187 -9.45 -10.97 12.78
N GLU A 188 -9.89 -10.73 14.01
CA GLU A 188 -9.28 -11.34 15.19
C GLU A 188 -9.32 -12.84 15.07
N GLY A 189 -8.15 -13.48 15.01
CA GLY A 189 -8.09 -14.93 14.91
C GLY A 189 -7.95 -15.45 13.51
N ALA A 190 -7.79 -14.57 12.53
CA ALA A 190 -7.61 -15.08 11.20
C ALA A 190 -6.24 -15.72 11.06
N PRO A 191 -6.13 -16.72 10.18
CA PRO A 191 -4.84 -17.31 9.88
C PRO A 191 -3.88 -16.33 9.23
N ALA A 192 -2.59 -16.63 9.40
CA ALA A 192 -1.52 -15.83 8.84
C ALA A 192 -1.66 -15.71 7.32
N GLN A 193 -1.33 -14.52 6.82
CA GLN A 193 -1.02 -14.31 5.40
C GLN A 193 -0.15 -15.40 4.88
N SER A 194 -0.60 -16.08 3.83
CA SER A 194 0.10 -17.28 3.38
C SER A 194 0.08 -17.55 1.87
N PHE A 195 -0.71 -16.77 1.15
CA PHE A 195 -1.01 -17.03 -0.26
C PHE A 195 0.30 -17.31 -0.99
N PRO A 196 0.32 -18.35 -1.86
CA PRO A 196 -0.75 -19.22 -2.43
C PRO A 196 -1.36 -20.36 -1.60
N GLU A 197 -0.57 -21.20 -0.93
CA GLU A 197 -1.17 -22.29 -0.16
C GLU A 197 -0.71 -22.23 1.30
N PRO A 198 -1.66 -22.20 2.25
CA PRO A 198 -3.08 -22.06 1.92
C PRO A 198 -3.32 -20.67 1.33
N PRO A 199 -4.42 -20.49 0.61
CA PRO A 199 -4.65 -19.28 -0.19
C PRO A 199 -5.32 -18.20 0.66
N TYR A 200 -4.55 -17.77 1.66
CA TYR A 200 -4.95 -16.81 2.68
C TYR A 200 -4.38 -15.42 2.44
N THR A 201 -5.29 -14.48 2.23
CA THR A 201 -5.00 -13.07 2.08
C THR A 201 -5.52 -12.38 3.34
N THR A 202 -4.60 -11.90 4.17
CA THR A 202 -4.95 -11.45 5.52
C THR A 202 -4.42 -10.04 5.82
N LEU A 203 -5.36 -9.11 5.98
CA LEU A 203 -5.11 -7.72 6.34
C LEU A 203 -5.48 -7.53 7.80
N GLU A 204 -4.58 -6.88 8.54
CA GLU A 204 -4.83 -6.71 9.96
C GLU A 204 -6.08 -5.85 10.21
N THR A 205 -6.32 -4.85 9.38
CA THR A 205 -7.50 -3.96 9.51
C THR A 205 -8.22 -3.74 8.17
N THR A 206 -9.47 -3.29 8.24
CA THR A 206 -10.21 -2.77 7.09
C THR A 206 -10.05 -1.26 7.06
N PRO A 207 -9.72 -0.66 5.89
CA PRO A 207 -9.39 0.79 5.96
C PRO A 207 -10.47 1.65 6.58
N VAL A 208 -11.68 1.43 6.08
CA VAL A 208 -12.87 1.99 6.69
C VAL A 208 -14.00 0.98 6.55
N SER A 209 -14.89 0.93 7.54
CA SER A 209 -16.15 0.24 7.39
C SER A 209 -17.24 0.92 8.16
N ARG A 210 -18.46 0.56 7.87
CA ARG A 210 -19.58 1.08 8.59
C ARG A 210 -20.53 -0.09 8.60
N GLU A 211 -21.04 -0.44 9.76
CA GLU A 211 -21.90 -1.62 9.83
C GLU A 211 -23.29 -1.26 9.32
N LYS A 212 -23.97 -2.26 8.78
CA LYS A 212 -25.24 -2.10 8.10
C LYS A 212 -26.34 -1.74 9.12
N PRO A 213 -27.18 -0.74 8.82
CA PRO A 213 -28.33 -0.44 9.70
C PRO A 213 -29.29 -1.62 9.83
N PHE A 214 -29.99 -1.68 10.97
CA PHE A 214 -30.96 -2.75 11.24
C PHE A 214 -32.13 -2.31 12.12
N LEU A 215 -33.24 -3.04 12.02
CA LEU A 215 -34.44 -2.79 12.79
C LEU A 215 -34.24 -3.39 14.19
N TYR A 216 -34.69 -2.71 15.23
CA TYR A 216 -34.49 -3.15 16.64
C TYR A 216 -35.60 -2.60 17.53
N LEU A 217 -35.96 -3.39 18.56
CA LEU A 217 -37.00 -3.03 19.51
C LEU A 217 -36.34 -2.68 20.80
N ASP A 218 -35.90 -1.43 20.92
CA ASP A 218 -35.44 -0.94 22.21
C ASP A 218 -36.64 -0.76 23.12
N GLY A 219 -36.71 -1.59 24.14
CA GLY A 219 -37.96 -1.79 24.87
C GLY A 219 -39.19 -2.09 24.01
N ASP A 220 -40.23 -1.29 24.24
CA ASP A 220 -41.41 -1.31 23.37
C ASP A 220 -41.36 -0.10 22.38
N ASP A 221 -40.17 0.38 22.01
CA ASP A 221 -40.06 1.23 20.81
C ASP A 221 -39.14 0.65 19.70
N TYR A 222 -39.74 0.42 18.51
CA TYR A 222 -39.09 0.05 17.23
C TYR A 222 -38.21 1.20 16.71
N LYS A 223 -36.96 0.90 16.34
CA LYS A 223 -36.04 1.92 15.87
C LYS A 223 -35.14 1.34 14.79
N VAL A 224 -34.27 2.18 14.23
CA VAL A 224 -33.21 1.71 13.36
C VAL A 224 -31.95 2.30 13.91
N PHE A 225 -30.98 1.42 14.14
CA PHE A 225 -29.66 1.85 14.52
C PHE A 225 -28.82 2.00 13.26
N VAL A 226 -28.18 3.16 13.19
CA VAL A 226 -27.23 3.48 12.17
C VAL A 226 -25.88 3.44 12.82
N PRO A 227 -25.18 2.31 12.69
CA PRO A 227 -23.81 2.30 13.19
C PRO A 227 -22.94 3.42 12.66
N ALA A 228 -22.05 3.88 13.53
CA ALA A 228 -21.04 4.86 13.17
C ALA A 228 -19.85 4.18 12.45
N LYS A 229 -19.12 4.96 11.67
CA LYS A 229 -18.05 4.37 10.86
C LYS A 229 -16.73 4.22 11.63
N ARG A 230 -15.94 3.22 11.26
CA ARG A 230 -14.61 3.15 11.85
C ARG A 230 -13.44 3.01 10.88
N THR A 231 -12.35 3.66 11.30
CA THR A 231 -11.03 3.68 10.67
C THR A 231 -10.20 2.53 11.19
N ASN A 232 -9.42 1.92 10.29
CA ASN A 232 -8.74 0.65 10.47
C ASN A 232 -9.46 -0.23 11.50
N ALA A 233 -10.55 -0.79 11.01
CA ALA A 233 -11.39 -1.66 11.78
C ALA A 233 -10.82 -3.07 11.96
N ARG A 234 -10.95 -3.54 13.21
CA ARG A 234 -10.60 -4.89 13.58
C ARG A 234 -11.66 -5.33 14.59
N GLY A 235 -11.93 -6.63 14.61
CA GLY A 235 -12.91 -7.20 15.52
C GLY A 235 -14.30 -6.60 15.39
N THR A 236 -15.20 -7.07 16.25
CA THR A 236 -16.59 -6.65 16.17
C THR A 236 -16.82 -5.19 16.61
N SER A 237 -18.01 -4.67 16.30
CA SER A 237 -18.42 -3.34 16.72
C SER A 237 -19.31 -3.42 17.98
N TRP A 238 -19.50 -4.64 18.48
CA TRP A 238 -20.30 -4.89 19.67
C TRP A 238 -19.72 -5.85 20.75
N GLY A 239 -18.49 -6.36 20.63
CA GLY A 239 -17.96 -7.32 21.62
C GLY A 239 -17.70 -6.83 23.07
N ASN A 240 -16.60 -6.12 23.24
CA ASN A 240 -16.51 -5.21 24.37
C ASN A 240 -17.39 -3.99 24.07
N GLY A 241 -18.35 -4.17 23.16
CA GLY A 241 -18.58 -3.23 22.06
C GLY A 241 -19.93 -2.64 22.18
N THR A 242 -19.91 -1.41 22.64
CA THR A 242 -21.10 -0.78 23.17
C THR A 242 -21.31 0.32 22.17
N PRO A 243 -22.09 0.01 21.17
CA PRO A 243 -21.69 0.49 19.84
C PRO A 243 -21.97 1.98 19.54
N GLU A 244 -21.06 2.75 18.91
CA GLU A 244 -21.33 4.15 18.57
C GLU A 244 -22.47 4.09 17.55
N GLY A 245 -23.21 5.20 17.38
CA GLY A 245 -24.24 5.29 16.36
C GLY A 245 -25.49 6.08 16.77
N GLU A 246 -26.43 6.15 15.83
CA GLU A 246 -27.66 6.94 15.96
C GLU A 246 -28.83 6.01 15.86
N SER A 247 -29.83 6.13 16.73
CA SER A 247 -31.09 5.45 16.43
C SER A 247 -32.08 6.40 15.83
N LEU A 248 -33.21 5.84 15.41
CA LEU A 248 -34.13 6.53 14.55
C LEU A 248 -35.51 5.93 14.67
N PRO A 249 -36.48 6.72 15.16
CA PRO A 249 -37.87 6.30 15.31
C PRO A 249 -38.44 5.71 14.05
N LEU A 250 -39.38 4.78 14.23
CA LEU A 250 -39.96 4.13 13.09
C LEU A 250 -40.80 5.10 12.30
N ASP A 251 -41.32 6.09 13.02
CA ASP A 251 -42.28 7.00 12.42
C ASP A 251 -41.53 8.13 11.65
N GLN A 252 -40.21 7.98 11.49
CA GLN A 252 -39.40 8.77 10.55
C GLN A 252 -39.06 7.98 9.27
N PHE A 253 -39.64 6.79 9.13
CA PHE A 253 -39.51 5.95 7.92
C PHE A 253 -40.89 5.80 7.38
N TYR A 254 -41.12 5.99 6.09
CA TYR A 254 -42.38 5.44 5.61
C TYR A 254 -42.05 3.99 5.17
N VAL A 255 -42.94 3.12 5.63
CA VAL A 255 -42.78 1.69 5.51
C VAL A 255 -43.42 1.44 4.14
N VAL A 256 -42.56 1.13 3.20
CA VAL A 256 -42.95 0.97 1.81
C VAL A 256 -43.51 -0.45 1.60
N LYS A 257 -44.73 -0.52 1.09
CA LYS A 257 -45.39 -1.78 0.78
C LYS A 257 -45.73 -1.82 -0.71
N PRO A 258 -45.84 -3.02 -1.28
CA PRO A 258 -46.14 -3.13 -2.71
C PRO A 258 -47.46 -2.43 -3.11
N GLY A 259 -47.50 -1.89 -4.33
CA GLY A 259 -48.41 -0.79 -4.64
C GLY A 259 -47.41 0.32 -4.49
N ALA A 260 -47.75 1.59 -4.49
CA ALA A 260 -46.66 2.55 -4.11
C ALA A 260 -45.64 2.79 -5.19
N THR A 261 -45.76 3.96 -5.72
CA THR A 261 -45.16 4.31 -6.96
C THR A 261 -43.81 4.92 -6.58
N ALA A 262 -42.89 4.97 -7.53
CA ALA A 262 -41.68 5.76 -7.35
C ALA A 262 -41.99 7.19 -6.93
N GLU A 263 -43.03 7.76 -7.53
CA GLU A 263 -43.57 9.06 -7.13
C GLU A 263 -43.84 9.18 -5.62
N THR A 264 -44.64 8.28 -5.05
CA THR A 264 -44.86 8.23 -3.60
C THR A 264 -43.52 8.09 -2.82
N ILE A 265 -42.70 7.14 -3.25
CA ILE A 265 -41.46 6.86 -2.57
C ILE A 265 -40.54 8.09 -2.59
N ASN A 266 -40.41 8.72 -3.76
CA ASN A 266 -39.51 9.88 -3.89
C ASN A 266 -40.00 11.06 -3.06
N ALA A 267 -41.32 11.26 -3.12
CA ALA A 267 -42.01 12.25 -2.29
C ALA A 267 -41.60 12.12 -0.83
N ALA A 268 -41.60 10.88 -0.32
CA ALA A 268 -41.17 10.63 1.08
C ALA A 268 -39.78 11.18 1.40
N VAL A 269 -38.79 10.82 0.59
CA VAL A 269 -37.42 11.27 0.87
C VAL A 269 -37.41 12.78 0.84
N ASP A 270 -38.19 13.32 -0.09
CA ASP A 270 -38.22 14.76 -0.32
C ASP A 270 -38.99 15.47 0.82
N GLN A 271 -39.82 14.72 1.52
CA GLN A 271 -40.45 15.19 2.75
C GLN A 271 -39.65 14.89 4.03
N GLY A 272 -38.46 14.32 3.91
CA GLY A 272 -37.63 14.05 5.07
C GLY A 272 -37.86 12.71 5.74
N LEU A 273 -38.38 11.76 4.98
CA LEU A 273 -38.59 10.40 5.48
C LEU A 273 -37.57 9.45 4.89
N HIS A 274 -36.95 8.65 5.76
CA HIS A 274 -36.09 7.54 5.39
C HIS A 274 -37.00 6.48 4.75
N LEU A 275 -36.40 5.41 4.23
CA LEU A 275 -37.19 4.36 3.56
C LEU A 275 -36.97 3.00 4.16
N LEU A 276 -38.05 2.29 4.43
CA LEU A 276 -37.94 0.90 4.89
C LEU A 276 -38.77 0.10 3.93
N PHE A 277 -38.11 -0.66 3.06
CA PHE A 277 -38.84 -1.45 2.08
C PHE A 277 -39.18 -2.80 2.67
N THR A 278 -40.46 -3.03 2.87
CA THR A 278 -40.93 -4.31 3.34
C THR A 278 -40.70 -5.37 2.27
N PRO A 279 -40.61 -6.63 2.69
CA PRO A 279 -40.32 -7.67 1.70
C PRO A 279 -41.44 -7.72 0.70
N GLY A 280 -41.03 -7.69 -0.56
CA GLY A 280 -41.97 -7.64 -1.66
C GLY A 280 -41.21 -7.21 -2.90
N VAL A 281 -41.96 -6.96 -3.96
CA VAL A 281 -41.39 -6.57 -5.24
C VAL A 281 -42.02 -5.27 -5.66
N TYR A 282 -41.17 -4.34 -6.03
CA TYR A 282 -41.55 -2.97 -6.27
C TYR A 282 -41.20 -2.63 -7.67
N HIS A 283 -42.25 -2.51 -8.45
CA HIS A 283 -42.06 -1.99 -9.75
C HIS A 283 -42.01 -0.45 -9.79
N VAL A 284 -40.98 0.09 -10.45
CA VAL A 284 -40.86 1.54 -10.52
C VAL A 284 -41.06 1.99 -11.96
N ASP A 285 -41.45 3.26 -12.04
CA ASP A 285 -41.91 3.95 -13.23
C ASP A 285 -40.92 4.92 -13.76
N GLN A 286 -40.06 5.37 -12.85
CA GLN A 286 -39.06 6.38 -13.05
C GLN A 286 -38.14 5.98 -11.94
N PRO A 287 -36.94 6.54 -11.89
CA PRO A 287 -36.10 6.04 -10.80
C PRO A 287 -36.58 6.51 -9.43
N ILE A 288 -36.21 5.70 -8.46
CA ILE A 288 -36.27 6.12 -7.08
C ILE A 288 -35.08 7.04 -6.94
N GLU A 289 -35.34 8.34 -6.78
CA GLU A 289 -34.25 9.30 -6.72
C GLU A 289 -34.11 9.73 -5.25
N ILE A 290 -32.89 9.62 -4.71
CA ILE A 290 -32.60 9.83 -3.27
C ILE A 290 -31.59 10.96 -3.19
N ASP A 291 -32.08 12.14 -2.88
CA ASP A 291 -31.28 13.35 -3.01
C ASP A 291 -31.24 14.13 -1.68
N ARG A 292 -31.33 13.42 -0.56
CA ARG A 292 -31.15 14.02 0.79
C ARG A 292 -30.01 13.30 1.49
N ALA A 293 -29.07 14.08 2.00
CA ALA A 293 -27.97 13.53 2.76
C ALA A 293 -28.53 12.73 3.96
N ASN A 294 -27.82 11.68 4.35
CA ASN A 294 -28.13 10.89 5.54
C ASN A 294 -29.39 10.01 5.43
N THR A 295 -29.91 9.86 4.23
CA THR A 295 -31.09 9.00 4.05
C THR A 295 -30.71 7.53 4.14
N VAL A 296 -31.45 6.81 4.99
CA VAL A 296 -31.33 5.40 5.14
C VAL A 296 -32.39 4.74 4.26
N ALA A 297 -31.97 3.78 3.43
CA ALA A 297 -32.89 3.00 2.60
C ALA A 297 -32.61 1.53 2.87
N LEU A 298 -33.41 0.94 3.76
CA LEU A 298 -33.18 -0.39 4.30
C LEU A 298 -34.24 -1.35 3.76
N GLY A 299 -33.80 -2.42 3.13
CA GLY A 299 -34.74 -3.44 2.68
C GLY A 299 -34.77 -4.58 3.66
N LEU A 300 -35.93 -5.24 3.73
CA LEU A 300 -36.16 -6.43 4.53
C LEU A 300 -36.60 -7.57 3.59
N GLY A 301 -36.19 -8.79 3.90
CA GLY A 301 -36.65 -9.97 3.19
C GLY A 301 -36.36 -9.98 1.70
N LEU A 302 -35.20 -9.44 1.30
CA LEU A 302 -34.78 -9.45 -0.09
C LEU A 302 -35.74 -8.62 -0.96
N ALA A 303 -36.28 -7.56 -0.35
CA ALA A 303 -37.03 -6.56 -1.07
C ALA A 303 -36.34 -6.23 -2.39
N THR A 304 -37.14 -6.29 -3.44
CA THR A 304 -36.67 -6.22 -4.80
C THR A 304 -37.30 -5.05 -5.56
N ILE A 305 -36.48 -4.36 -6.34
CA ILE A 305 -36.95 -3.27 -7.19
C ILE A 305 -36.70 -3.65 -8.65
N ILE A 306 -37.77 -3.61 -9.45
CA ILE A 306 -37.69 -3.85 -10.90
C ILE A 306 -38.02 -2.57 -11.65
N PRO A 307 -37.07 -2.06 -12.45
CA PRO A 307 -37.41 -0.88 -13.24
C PRO A 307 -37.97 -1.27 -14.61
N ASP A 308 -39.24 -0.95 -14.92
CA ASP A 308 -39.73 -1.12 -16.34
C ASP A 308 -39.48 0.17 -17.08
N ASN A 309 -39.87 0.14 -18.33
CA ASN A 309 -39.73 1.24 -19.27
C ASN A 309 -38.29 1.72 -19.42
N GLY A 310 -37.36 0.82 -19.09
CA GLY A 310 -35.95 1.04 -19.34
C GLY A 310 -35.31 2.06 -18.43
N VAL A 311 -35.99 2.45 -17.35
CA VAL A 311 -35.38 3.44 -16.48
C VAL A 311 -34.33 2.85 -15.53
N THR A 312 -33.61 3.75 -14.90
CA THR A 312 -32.74 3.41 -13.80
C THR A 312 -33.62 3.16 -12.56
N ALA A 313 -33.21 2.19 -11.75
CA ALA A 313 -33.99 1.80 -10.57
C ALA A 313 -33.78 2.77 -9.41
N LEU A 314 -32.53 3.18 -9.24
CA LEU A 314 -32.05 3.66 -7.99
C LEU A 314 -31.02 4.72 -8.32
N LYS A 315 -31.30 5.97 -7.99
CA LYS A 315 -30.28 7.03 -8.14
C LYS A 315 -30.02 7.61 -6.77
N VAL A 316 -28.76 7.77 -6.43
CA VAL A 316 -28.40 8.51 -5.24
C VAL A 316 -27.69 9.77 -5.65
N GLY A 317 -28.11 10.87 -5.05
CA GLY A 317 -27.52 12.15 -5.34
C GLY A 317 -26.09 12.26 -4.83
N ASP A 318 -25.48 13.39 -5.17
CA ASP A 318 -24.19 13.83 -4.67
C ASP A 318 -24.39 14.42 -3.28
N VAL A 319 -24.45 13.55 -2.30
CA VAL A 319 -24.77 13.96 -0.94
C VAL A 319 -24.09 12.97 -0.02
N ASP A 320 -23.71 13.44 1.17
CA ASP A 320 -23.09 12.60 2.21
C ASP A 320 -24.09 11.57 2.77
N GLY A 321 -23.55 10.47 3.30
CA GLY A 321 -24.23 9.70 4.34
C GLY A 321 -25.40 8.84 3.97
N VAL A 322 -25.68 8.68 2.68
CA VAL A 322 -26.79 7.80 2.28
C VAL A 322 -26.36 6.35 2.55
N LYS A 323 -27.29 5.57 3.13
CA LYS A 323 -27.01 4.18 3.54
C LYS A 323 -28.04 3.31 2.85
N VAL A 324 -27.68 2.74 1.70
CA VAL A 324 -28.56 1.76 1.02
C VAL A 324 -28.18 0.36 1.46
N ALA A 325 -29.17 -0.44 1.86
CA ALA A 325 -28.88 -1.75 2.42
C ALA A 325 -29.99 -2.77 2.13
N GLY A 326 -29.59 -3.97 1.71
CA GLY A 326 -30.49 -5.10 1.60
C GLY A 326 -31.57 -5.04 0.55
N LEU A 327 -31.12 -4.74 -0.66
CA LEU A 327 -32.02 -4.63 -1.80
C LEU A 327 -31.49 -5.43 -2.97
N LEU A 328 -32.41 -6.14 -3.63
CA LEU A 328 -32.15 -6.74 -4.92
C LEU A 328 -32.71 -5.80 -5.98
N VAL A 329 -31.94 -5.54 -7.03
CA VAL A 329 -32.39 -4.79 -8.18
C VAL A 329 -32.39 -5.79 -9.32
N ASP A 330 -33.57 -6.04 -9.88
CA ASP A 330 -33.88 -7.13 -10.82
C ASP A 330 -34.22 -6.51 -12.18
N ALA A 331 -33.37 -6.66 -13.20
CA ALA A 331 -33.58 -5.95 -14.45
C ALA A 331 -34.89 -6.36 -15.14
N GLY A 332 -35.55 -5.36 -15.71
CA GLY A 332 -36.71 -5.60 -16.55
C GLY A 332 -36.31 -5.91 -17.98
N PRO A 333 -37.27 -6.42 -18.77
CA PRO A 333 -37.02 -6.87 -20.14
C PRO A 333 -36.63 -5.71 -21.06
N VAL A 334 -36.90 -4.47 -20.64
CA VAL A 334 -36.57 -3.30 -21.43
C VAL A 334 -35.23 -2.76 -20.94
N ASN A 335 -34.24 -2.78 -21.83
CA ASN A 335 -32.88 -2.45 -21.44
C ASN A 335 -32.74 -1.11 -20.70
N SER A 336 -32.17 -1.17 -19.49
CA SER A 336 -31.85 0.03 -18.74
C SER A 336 -30.39 0.45 -18.99
N GLU A 337 -30.18 1.72 -19.32
CA GLU A 337 -28.81 2.23 -19.51
C GLU A 337 -27.98 2.01 -18.25
N THR A 338 -28.58 2.30 -17.10
CA THR A 338 -27.98 2.01 -15.81
C THR A 338 -29.06 1.45 -14.88
N LEU A 339 -28.69 0.57 -13.95
CA LEU A 339 -29.63 0.10 -12.94
C LEU A 339 -29.54 0.86 -11.58
N VAL A 340 -28.32 1.14 -11.14
CA VAL A 340 -28.09 1.92 -9.93
C VAL A 340 -26.98 2.90 -10.21
N GLU A 341 -27.20 4.15 -9.80
CA GLU A 341 -26.14 5.16 -9.83
C GLU A 341 -25.95 5.86 -8.51
N VAL A 342 -24.69 5.98 -8.09
CA VAL A 342 -24.32 6.73 -6.91
C VAL A 342 -23.59 7.98 -7.35
N GLY A 343 -24.29 9.11 -7.28
CA GLY A 343 -23.75 10.40 -7.63
C GLY A 343 -23.91 10.70 -9.11
N SER A 344 -23.56 11.91 -9.51
CA SER A 344 -23.84 12.35 -10.88
C SER A 344 -22.57 12.20 -11.68
N ASP A 345 -22.69 12.02 -13.00
CA ASP A 345 -21.45 11.96 -13.79
C ASP A 345 -20.64 13.22 -13.59
N GLY A 346 -19.34 13.07 -13.41
CA GLY A 346 -18.45 14.19 -13.19
C GLY A 346 -18.43 14.78 -11.79
N ALA A 347 -19.28 14.30 -10.91
CA ALA A 347 -19.33 14.85 -9.55
C ALA A 347 -17.97 14.72 -8.90
N SER A 348 -17.41 15.81 -8.36
CA SER A 348 -16.04 15.75 -7.89
C SER A 348 -15.89 16.42 -6.52
N GLY A 349 -17.00 16.43 -5.79
CA GLY A 349 -16.99 16.68 -4.36
C GLY A 349 -16.59 15.50 -3.50
N ASP A 350 -16.17 15.82 -2.29
CA ASP A 350 -15.53 14.87 -1.41
C ASP A 350 -16.56 14.55 -0.33
N HIS A 351 -16.58 13.30 0.17
CA HIS A 351 -17.61 12.88 1.11
C HIS A 351 -17.00 12.13 2.30
N ALA A 352 -15.73 12.44 2.58
CA ALA A 352 -14.81 11.63 3.40
C ALA A 352 -15.21 11.37 4.83
N ALA A 353 -15.86 12.35 5.46
CA ALA A 353 -16.26 12.16 6.85
C ALA A 353 -17.46 11.19 6.91
N ASN A 354 -18.45 11.48 6.06
CA ASN A 354 -19.72 10.76 6.06
C ASN A 354 -20.10 10.22 4.64
N PRO A 355 -19.45 9.12 4.22
CA PRO A 355 -19.65 8.65 2.85
C PRO A 355 -21.04 8.08 2.61
N THR A 356 -21.34 7.83 1.36
CA THR A 356 -22.53 7.04 1.01
C THR A 356 -22.07 5.61 0.86
N SER A 357 -22.93 4.65 1.25
CA SER A 357 -22.57 3.26 1.12
C SER A 357 -23.69 2.44 0.48
N LEU A 358 -23.27 1.40 -0.23
CA LEU A 358 -24.17 0.33 -0.66
C LEU A 358 -23.76 -0.92 0.09
N GLN A 359 -24.71 -1.54 0.80
CA GLN A 359 -24.45 -2.78 1.52
C GLN A 359 -25.50 -3.83 1.20
N ASP A 360 -25.04 -5.03 0.92
CA ASP A 360 -25.99 -6.08 0.57
C ASP A 360 -26.95 -5.55 -0.50
N VAL A 361 -26.38 -4.91 -1.51
CA VAL A 361 -27.10 -4.55 -2.71
C VAL A 361 -26.75 -5.56 -3.77
N PHE A 362 -27.77 -6.23 -4.30
CA PHE A 362 -27.57 -7.29 -5.26
C PHE A 362 -28.25 -6.84 -6.56
N VAL A 363 -27.69 -7.27 -7.67
CA VAL A 363 -28.27 -6.96 -8.96
C VAL A 363 -28.36 -8.25 -9.77
N ARG A 364 -29.50 -8.44 -10.44
CA ARG A 364 -29.71 -9.60 -11.32
C ARG A 364 -30.20 -9.15 -12.69
N ILE A 365 -29.62 -9.75 -13.74
CA ILE A 365 -30.03 -9.49 -15.11
C ILE A 365 -30.41 -10.81 -15.76
N GLY A 366 -31.71 -11.04 -15.89
CA GLY A 366 -32.23 -12.29 -16.41
C GLY A 366 -32.42 -13.34 -15.33
N GLY A 367 -32.94 -14.52 -15.72
CA GLY A 367 -33.09 -15.62 -14.78
C GLY A 367 -34.52 -15.82 -14.28
N ALA A 368 -35.10 -14.73 -13.80
CA ALA A 368 -36.49 -14.68 -13.27
C ALA A 368 -37.36 -14.05 -14.34
N GLY A 369 -36.72 -13.67 -15.41
CA GLY A 369 -37.41 -13.46 -16.67
C GLY A 369 -36.49 -12.82 -17.65
N PRO A 370 -37.06 -12.33 -18.77
CA PRO A 370 -36.20 -11.50 -19.60
C PRO A 370 -35.71 -10.27 -18.84
N GLY A 371 -34.43 -9.92 -19.01
CA GLY A 371 -33.90 -8.69 -18.47
C GLY A 371 -32.60 -8.23 -19.13
N LYS A 372 -32.41 -6.91 -19.20
CA LYS A 372 -31.27 -6.33 -19.91
C LYS A 372 -30.83 -5.00 -19.28
N ALA A 373 -29.52 -4.79 -19.22
CA ALA A 373 -29.02 -3.49 -18.74
C ALA A 373 -27.62 -3.29 -19.28
N THR A 374 -27.30 -2.05 -19.69
CA THR A 374 -25.95 -1.78 -20.23
C THR A 374 -24.87 -1.79 -19.16
N THR A 375 -25.09 -0.96 -18.14
CA THR A 375 -24.26 -0.94 -16.94
C THR A 375 -25.12 -1.16 -15.71
N SER A 376 -24.67 -2.02 -14.81
CA SER A 376 -25.51 -2.33 -13.70
C SER A 376 -25.34 -1.32 -12.52
N ILE A 377 -24.11 -1.08 -12.09
CA ILE A 377 -23.85 -0.04 -11.10
C ILE A 377 -22.76 0.91 -11.54
N VAL A 378 -23.08 2.21 -11.47
CA VAL A 378 -22.11 3.24 -11.71
C VAL A 378 -21.87 4.02 -10.43
N VAL A 379 -20.62 4.12 -10.04
CA VAL A 379 -20.28 4.86 -8.82
C VAL A 379 -19.43 6.06 -9.18
N ASN A 380 -20.12 7.21 -9.16
CA ASN A 380 -19.51 8.50 -9.44
C ASN A 380 -19.06 9.23 -8.16
N SER A 381 -19.81 9.18 -7.07
CA SER A 381 -19.41 9.93 -5.86
C SER A 381 -18.12 9.45 -5.17
N ASN A 382 -17.22 10.39 -4.90
CA ASN A 382 -16.02 10.08 -4.15
C ASN A 382 -16.30 9.50 -2.76
N ASP A 383 -15.39 8.65 -2.33
CA ASP A 383 -15.33 8.11 -0.97
C ASP A 383 -16.45 7.10 -0.65
N THR A 384 -17.16 6.65 -1.67
CA THR A 384 -18.24 5.67 -1.52
C THR A 384 -17.69 4.33 -1.03
N ILE A 385 -18.47 3.68 -0.15
CA ILE A 385 -18.16 2.35 0.35
C ILE A 385 -19.15 1.37 -0.29
N ILE A 386 -18.62 0.33 -0.92
CA ILE A 386 -19.46 -0.77 -1.44
C ILE A 386 -19.05 -1.99 -0.61
N ASP A 387 -19.90 -2.33 0.35
CA ASP A 387 -19.59 -3.35 1.33
C ASP A 387 -20.57 -4.52 1.17
N HIS A 388 -20.15 -5.47 0.35
CA HIS A 388 -20.92 -6.63 -0.11
C HIS A 388 -21.90 -6.29 -1.21
N THR A 389 -21.53 -6.63 -2.44
CA THR A 389 -22.44 -6.59 -3.57
C THR A 389 -22.28 -7.86 -4.41
N TRP A 390 -23.38 -8.32 -5.01
CA TRP A 390 -23.30 -9.39 -6.04
C TRP A 390 -24.05 -8.83 -7.22
N VAL A 391 -23.32 -8.64 -8.30
CA VAL A 391 -23.85 -8.06 -9.53
C VAL A 391 -23.72 -9.19 -10.57
N TRP A 392 -24.87 -9.73 -10.98
CA TRP A 392 -24.93 -11.04 -11.63
C TRP A 392 -25.79 -11.05 -12.88
N ARG A 393 -25.15 -11.24 -14.03
CA ARG A 393 -25.91 -11.53 -15.23
C ARG A 393 -26.21 -13.04 -15.17
N ALA A 394 -27.49 -13.41 -15.30
CA ALA A 394 -27.89 -14.80 -15.06
C ALA A 394 -27.30 -15.83 -16.05
N ASP A 395 -26.93 -17.02 -15.53
CA ASP A 395 -26.46 -18.16 -16.36
C ASP A 395 -27.49 -19.27 -16.45
N HIS A 396 -28.60 -19.13 -15.73
CA HIS A 396 -29.64 -20.14 -15.75
C HIS A 396 -30.97 -19.44 -15.44
N GLY A 397 -32.05 -19.95 -16.02
CA GLY A 397 -33.37 -19.39 -15.85
C GLY A 397 -34.12 -18.91 -17.09
N GLU A 398 -35.33 -18.41 -16.86
CA GLU A 398 -36.14 -17.94 -17.97
C GLU A 398 -35.60 -16.56 -18.43
N GLY A 399 -35.36 -16.45 -19.74
CA GLY A 399 -34.81 -15.22 -20.30
C GLY A 399 -33.29 -15.13 -20.30
N VAL A 400 -32.58 -16.27 -20.43
CA VAL A 400 -31.12 -16.29 -20.50
C VAL A 400 -30.61 -16.53 -21.92
N GLY A 401 -29.58 -15.76 -22.32
CA GLY A 401 -29.02 -15.82 -23.67
C GLY A 401 -28.03 -14.70 -23.93
N TRP A 402 -26.99 -15.00 -24.70
CA TRP A 402 -25.94 -13.99 -25.03
C TRP A 402 -26.46 -12.57 -25.40
N GLU A 403 -27.45 -12.50 -26.29
CA GLU A 403 -28.10 -11.22 -26.63
C GLU A 403 -29.41 -11.10 -25.81
N THR A 404 -30.06 -12.23 -25.54
CA THR A 404 -31.30 -12.22 -24.76
C THR A 404 -31.22 -11.53 -23.37
N ASN A 405 -30.28 -11.93 -22.50
CA ASN A 405 -30.05 -11.15 -21.27
C ASN A 405 -28.68 -10.49 -21.33
N ARG A 406 -28.38 -9.94 -22.51
CA ARG A 406 -27.15 -9.18 -22.65
C ARG A 406 -27.01 -8.08 -21.60
N ALA A 407 -25.82 -7.97 -21.07
CA ALA A 407 -25.50 -6.90 -20.12
C ALA A 407 -24.01 -6.69 -20.26
N ASP A 408 -23.61 -5.58 -20.90
CA ASP A 408 -22.17 -5.41 -21.22
C ASP A 408 -21.28 -5.19 -20.00
N TYR A 409 -21.75 -4.38 -19.07
CA TYR A 409 -20.90 -3.88 -17.99
C TYR A 409 -21.52 -4.07 -16.60
N GLY A 410 -20.72 -4.59 -15.68
CA GLY A 410 -21.19 -4.86 -14.34
C GLY A 410 -21.18 -3.62 -13.46
N VAL A 411 -19.97 -3.23 -13.07
CA VAL A 411 -19.72 -2.10 -12.15
C VAL A 411 -18.68 -1.21 -12.79
N HIS A 412 -18.98 0.10 -12.82
CA HIS A 412 -18.02 1.08 -13.30
C HIS A 412 -17.80 2.14 -12.22
N VAL A 413 -16.59 2.15 -11.66
CA VAL A 413 -16.30 3.07 -10.57
C VAL A 413 -15.55 4.28 -11.14
N LYS A 414 -16.23 5.41 -11.12
CA LYS A 414 -15.67 6.66 -11.64
C LYS A 414 -15.17 7.59 -10.54
N GLY A 415 -15.67 7.43 -9.31
CA GLY A 415 -15.26 8.28 -8.20
C GLY A 415 -13.90 7.94 -7.61
N ASP A 416 -13.34 8.91 -6.89
CA ASP A 416 -12.03 8.76 -6.29
C ASP A 416 -12.17 8.24 -4.83
N ASN A 417 -11.17 7.52 -4.35
CA ASN A 417 -11.09 7.05 -2.94
C ASN A 417 -12.22 6.06 -2.59
N VAL A 418 -12.72 5.35 -3.61
CA VAL A 418 -13.85 4.40 -3.44
C VAL A 418 -13.29 3.08 -2.90
N LEU A 419 -13.99 2.48 -1.94
CA LEU A 419 -13.54 1.25 -1.30
C LEU A 419 -14.56 0.19 -1.61
N ALA A 420 -14.11 -0.97 -2.08
CA ALA A 420 -15.01 -2.13 -2.21
C ALA A 420 -14.50 -3.27 -1.34
N THR A 421 -15.37 -3.72 -0.45
CA THR A 421 -15.10 -4.84 0.46
C THR A 421 -16.14 -5.94 0.20
N GLY A 422 -15.70 -7.04 -0.38
CA GLY A 422 -16.61 -8.13 -0.70
C GLY A 422 -17.31 -7.89 -2.04
N LEU A 423 -16.52 -7.91 -3.10
CA LEU A 423 -17.01 -7.55 -4.45
C LEU A 423 -17.19 -8.81 -5.31
N PHE A 424 -18.42 -9.11 -5.68
CA PHE A 424 -18.76 -10.33 -6.42
C PHE A 424 -19.49 -9.87 -7.73
N VAL A 425 -18.88 -10.07 -8.89
CA VAL A 425 -19.45 -9.59 -10.14
C VAL A 425 -19.21 -10.65 -11.22
N GLU A 426 -20.30 -11.11 -11.87
CA GLU A 426 -20.22 -12.27 -12.75
C GLU A 426 -21.00 -12.16 -14.06
N HIS A 427 -20.36 -12.63 -15.13
CA HIS A 427 -20.99 -13.07 -16.40
C HIS A 427 -21.29 -11.97 -17.46
N PHE A 428 -20.74 -10.78 -17.30
CA PHE A 428 -21.03 -9.71 -18.22
C PHE A 428 -20.43 -9.92 -19.63
N ASN A 429 -21.09 -9.40 -20.66
CA ASN A 429 -20.64 -9.63 -22.05
C ASN A 429 -19.32 -8.91 -22.35
N LYS A 430 -19.06 -7.83 -21.61
CA LYS A 430 -17.80 -7.10 -21.70
C LYS A 430 -17.14 -6.99 -20.32
N TYR A 431 -16.66 -5.81 -19.92
CA TYR A 431 -15.96 -5.75 -18.63
C TYR A 431 -16.88 -5.90 -17.41
N ASP A 432 -16.61 -6.89 -16.56
CA ASP A 432 -17.44 -7.09 -15.39
C ASP A 432 -17.24 -5.87 -14.47
N VAL A 433 -15.98 -5.51 -14.26
CA VAL A 433 -15.65 -4.32 -13.47
C VAL A 433 -14.67 -3.43 -14.19
N GLN A 434 -14.97 -2.13 -14.25
CA GLN A 434 -14.05 -1.11 -14.75
C GLN A 434 -13.86 -0.07 -13.65
N TRP A 435 -12.62 0.37 -13.48
CA TRP A 435 -12.29 1.31 -12.43
C TRP A 435 -11.45 2.41 -13.05
N SER A 436 -12.02 3.62 -13.07
CA SER A 436 -11.36 4.75 -13.65
C SER A 436 -11.19 5.95 -12.70
N GLY A 437 -11.73 5.85 -11.49
CA GLY A 437 -11.44 6.83 -10.46
C GLY A 437 -10.07 6.56 -9.83
N GLU A 438 -9.55 7.55 -9.10
CA GLU A 438 -8.24 7.44 -8.48
C GLU A 438 -8.34 6.84 -7.06
N ASN A 439 -7.24 6.24 -6.62
CA ASN A 439 -7.10 5.77 -5.26
C ASN A 439 -8.21 4.83 -4.79
N GLY A 440 -8.60 3.93 -5.68
CA GLY A 440 -9.54 2.87 -5.36
C GLY A 440 -8.85 1.73 -4.63
N LYS A 441 -9.64 1.08 -3.78
CA LYS A 441 -9.24 -0.11 -3.08
C LYS A 441 -10.29 -1.16 -3.22
N THR A 442 -9.89 -2.41 -3.52
CA THR A 442 -10.79 -3.57 -3.47
C THR A 442 -10.19 -4.64 -2.60
N ILE A 443 -10.96 -5.04 -1.60
CA ILE A 443 -10.57 -6.15 -0.69
C ILE A 443 -11.60 -7.27 -0.93
N PHE A 444 -11.10 -8.31 -1.62
CA PHE A 444 -11.84 -9.49 -2.08
C PHE A 444 -12.66 -9.23 -3.32
N TYR A 445 -12.32 -9.98 -4.37
CA TYR A 445 -13.07 -9.97 -5.61
C TYR A 445 -13.30 -11.41 -6.08
N GLN A 446 -14.54 -11.69 -6.46
CA GLN A 446 -14.89 -12.96 -7.09
C GLN A 446 -15.62 -12.68 -8.40
N ASN A 447 -15.09 -13.23 -9.49
CA ASN A 447 -15.69 -13.11 -10.82
C ASN A 447 -15.80 -14.47 -11.46
N ALA A 448 -16.80 -14.63 -12.34
CA ALA A 448 -16.82 -15.72 -13.32
C ALA A 448 -17.17 -15.05 -14.66
N LYS A 449 -16.50 -15.49 -15.70
CA LYS A 449 -16.69 -14.94 -17.04
C LYS A 449 -17.93 -15.58 -17.69
N ALA A 450 -18.59 -14.84 -18.57
CA ALA A 450 -19.78 -15.34 -19.25
C ALA A 450 -19.54 -16.70 -19.87
N TYR A 451 -20.45 -17.64 -19.60
CA TYR A 451 -20.31 -19.03 -20.09
C TYR A 451 -20.70 -19.17 -21.54
N ASP A 452 -21.44 -18.17 -22.02
CA ASP A 452 -22.15 -18.28 -23.27
C ASP A 452 -21.66 -17.45 -24.47
N ALA A 453 -20.49 -16.82 -24.35
CA ALA A 453 -19.80 -16.26 -25.51
C ALA A 453 -19.80 -17.29 -26.63
N PRO A 454 -20.30 -16.91 -27.81
CA PRO A 454 -20.44 -17.96 -28.85
C PRO A 454 -19.14 -18.36 -29.56
N ASP A 455 -18.16 -17.48 -29.49
CA ASP A 455 -16.95 -17.61 -30.27
C ASP A 455 -15.96 -16.55 -29.82
N GLN A 456 -14.74 -16.68 -30.33
CA GLN A 456 -13.68 -15.75 -30.01
C GLN A 456 -13.98 -14.32 -30.50
N ALA A 457 -14.65 -14.20 -31.64
CA ALA A 457 -14.85 -12.86 -32.22
C ALA A 457 -15.86 -12.03 -31.43
N ALA A 458 -16.76 -12.69 -30.69
CA ALA A 458 -17.81 -11.98 -29.97
C ALA A 458 -17.33 -11.31 -28.68
N ILE A 459 -16.15 -11.71 -28.20
CA ILE A 459 -15.51 -11.07 -27.04
C ILE A 459 -14.19 -10.39 -27.45
N GLN A 460 -14.06 -10.09 -28.74
CA GLN A 460 -12.86 -9.43 -29.31
C GLN A 460 -12.85 -7.96 -28.88
N ASN A 461 -11.77 -7.55 -28.21
CA ASN A 461 -11.67 -6.24 -27.50
C ASN A 461 -10.33 -5.54 -27.83
N GLY A 462 -10.27 -4.81 -28.94
CA GLY A 462 -8.97 -4.50 -29.53
C GLY A 462 -8.31 -5.79 -30.02
N ASP A 463 -6.98 -5.84 -29.95
CA ASP A 463 -6.13 -7.01 -30.18
C ASP A 463 -6.08 -7.92 -28.90
N ILE A 464 -6.92 -7.58 -27.91
CA ILE A 464 -7.11 -8.35 -26.66
C ILE A 464 -8.20 -9.38 -26.84
N LYS A 465 -7.94 -10.62 -26.45
CA LYS A 465 -8.97 -11.64 -26.51
C LYS A 465 -9.76 -11.60 -25.21
N GLY A 466 -11.03 -11.25 -25.33
CA GLY A 466 -11.88 -11.11 -24.17
C GLY A 466 -11.72 -9.79 -23.48
N TYR A 467 -12.64 -9.53 -22.55
CA TYR A 467 -12.63 -8.35 -21.70
C TYR A 467 -12.23 -8.77 -20.30
N ALA A 468 -11.29 -8.04 -19.69
CA ALA A 468 -10.90 -8.33 -18.33
C ALA A 468 -12.10 -8.40 -17.41
N ALA A 469 -12.02 -9.26 -16.42
CA ALA A 469 -12.99 -9.26 -15.34
C ALA A 469 -12.87 -8.02 -14.47
N TYR A 470 -11.69 -7.42 -14.45
CA TYR A 470 -11.44 -6.24 -13.61
C TYR A 470 -10.38 -5.40 -14.30
N LYS A 471 -10.82 -4.25 -14.81
CA LYS A 471 -9.98 -3.37 -15.60
C LYS A 471 -9.83 -2.05 -14.92
N VAL A 472 -8.59 -1.63 -14.78
CA VAL A 472 -8.29 -0.28 -14.34
C VAL A 472 -7.84 0.59 -15.51
N ASP A 473 -8.42 1.80 -15.61
CA ASP A 473 -8.13 2.73 -16.71
C ASP A 473 -6.68 3.15 -16.75
N ASP A 474 -6.17 3.37 -17.97
CA ASP A 474 -4.72 3.63 -18.14
C ASP A 474 -4.23 4.90 -17.48
N SER A 475 -5.12 5.87 -17.37
CA SER A 475 -4.83 7.17 -16.75
C SER A 475 -4.65 7.08 -15.24
N VAL A 476 -5.19 6.02 -14.65
CA VAL A 476 -5.13 5.82 -13.21
C VAL A 476 -3.69 5.71 -12.71
N THR A 477 -3.47 6.38 -11.60
CA THR A 477 -2.15 6.56 -11.08
C THR A 477 -2.00 5.76 -9.77
N THR A 478 -3.11 5.62 -9.05
CA THR A 478 -3.10 4.92 -7.77
C THR A 478 -4.32 3.96 -7.68
N HIS A 479 -4.06 2.71 -7.33
CA HIS A 479 -5.11 1.67 -7.14
C HIS A 479 -4.50 0.55 -6.31
N GLU A 480 -5.29 -0.12 -5.48
CA GLU A 480 -4.80 -1.34 -4.82
C GLU A 480 -5.94 -2.37 -4.67
N GLY A 481 -5.61 -3.62 -5.00
CA GLY A 481 -6.53 -4.73 -4.88
C GLY A 481 -5.90 -5.93 -4.17
N TRP A 482 -6.70 -6.59 -3.34
CA TRP A 482 -6.25 -7.71 -2.55
C TRP A 482 -7.19 -8.92 -2.68
N GLY A 483 -6.63 -10.07 -3.02
CA GLY A 483 -7.38 -11.33 -2.94
C GLY A 483 -8.50 -11.44 -3.96
N MET A 484 -8.09 -11.63 -5.22
CA MET A 484 -8.99 -11.44 -6.34
C MET A 484 -8.90 -12.57 -7.33
N GLY A 485 -10.08 -13.08 -7.71
CA GLY A 485 -10.13 -14.18 -8.65
C GLY A 485 -11.10 -13.99 -9.80
N SER A 486 -10.78 -14.65 -10.90
CA SER A 486 -11.67 -14.76 -12.06
C SER A 486 -11.65 -16.18 -12.53
N TYR A 487 -12.84 -16.78 -12.71
CA TYR A 487 -12.96 -18.13 -13.22
C TYR A 487 -13.68 -18.14 -14.55
N CYS A 488 -13.31 -19.08 -15.43
CA CYS A 488 -14.00 -19.23 -16.72
C CYS A 488 -14.60 -20.63 -16.88
N TYR A 489 -15.67 -20.68 -17.68
CA TYR A 489 -16.31 -21.94 -18.10
C TYR A 489 -17.03 -21.71 -19.39
N PHE A 490 -16.23 -21.61 -20.46
CA PHE A 490 -16.77 -21.30 -21.77
C PHE A 490 -17.43 -22.51 -22.39
N ASN A 491 -18.57 -22.90 -21.82
CA ASN A 491 -19.06 -24.20 -22.12
C ASN A 491 -19.87 -24.29 -23.40
N VAL A 492 -20.35 -23.15 -23.92
CA VAL A 492 -20.83 -23.09 -25.29
C VAL A 492 -19.68 -23.37 -26.25
N ASN A 493 -18.58 -22.62 -26.14
CA ASN A 493 -17.42 -22.83 -26.98
C ASN A 493 -16.13 -22.94 -26.17
N PRO A 494 -15.78 -24.16 -25.76
CA PRO A 494 -14.59 -24.30 -24.90
C PRO A 494 -13.24 -24.17 -25.62
N ASP A 495 -13.27 -23.81 -26.91
CA ASP A 495 -12.04 -23.51 -27.61
C ASP A 495 -11.63 -22.02 -27.45
N ILE A 496 -12.47 -21.26 -26.76
CA ILE A 496 -12.19 -19.84 -26.48
C ILE A 496 -11.01 -19.62 -25.56
N ARG A 497 -10.31 -18.49 -25.78
CA ARG A 497 -9.26 -18.01 -24.92
C ARG A 497 -9.61 -16.65 -24.34
N GLN A 498 -9.33 -16.51 -23.05
CA GLN A 498 -9.51 -15.26 -22.30
C GLN A 498 -8.11 -14.71 -22.02
N GLN A 499 -7.77 -13.55 -22.57
CA GLN A 499 -6.38 -13.10 -22.50
C GLN A 499 -5.93 -12.95 -21.04
N HIS A 500 -6.83 -12.47 -20.17
CA HIS A 500 -6.48 -12.24 -18.76
C HIS A 500 -7.74 -12.03 -17.90
N GLY A 501 -7.60 -12.25 -16.59
CA GLY A 501 -8.63 -11.88 -15.63
C GLY A 501 -8.59 -10.38 -15.29
N PHE A 502 -7.38 -9.83 -15.27
CA PHE A 502 -7.16 -8.45 -14.84
C PHE A 502 -6.37 -7.66 -15.87
N GLN A 503 -6.66 -6.36 -15.96
CA GLN A 503 -5.90 -5.46 -16.83
C GLN A 503 -5.68 -4.13 -16.13
N ALA A 504 -4.44 -3.64 -16.17
CA ALA A 504 -4.12 -2.43 -15.46
C ALA A 504 -2.81 -1.82 -15.97
N PRO A 505 -2.65 -0.51 -15.78
CA PRO A 505 -1.33 0.07 -16.13
C PRO A 505 -0.19 -0.43 -15.21
N VAL A 506 1.02 -0.47 -15.76
CA VAL A 506 2.19 -0.78 -14.98
C VAL A 506 2.73 0.54 -14.44
N LYS A 507 2.47 0.75 -13.15
CA LYS A 507 2.78 2.02 -12.49
C LYS A 507 3.05 1.70 -11.03
N PRO A 508 3.96 2.44 -10.39
CA PRO A 508 4.28 2.07 -9.00
C PRO A 508 3.11 2.19 -8.03
N GLY A 509 2.15 3.05 -8.32
CA GLY A 509 1.03 3.28 -7.45
C GLY A 509 -0.15 2.33 -7.67
N VAL A 510 -0.02 1.44 -8.66
CA VAL A 510 -1.08 0.48 -9.05
C VAL A 510 -0.61 -0.93 -8.71
N LYS A 511 -1.07 -1.47 -7.59
CA LYS A 511 -0.52 -2.71 -7.05
C LYS A 511 -1.62 -3.69 -6.77
N PHE A 512 -1.34 -4.97 -7.03
CA PHE A 512 -2.27 -6.04 -6.75
C PHE A 512 -1.54 -7.06 -5.91
N HIS A 513 -2.31 -7.69 -5.05
CA HIS A 513 -1.82 -8.74 -4.20
C HIS A 513 -2.77 -9.93 -4.27
N ASP A 514 -2.19 -11.10 -4.48
CA ASP A 514 -2.93 -12.38 -4.37
C ASP A 514 -4.04 -12.50 -5.42
N LEU A 515 -3.60 -12.58 -6.69
CA LEU A 515 -4.46 -12.72 -7.86
C LEU A 515 -4.52 -14.17 -8.35
N LEU A 516 -5.70 -14.58 -8.80
CA LEU A 516 -5.81 -15.88 -9.43
C LEU A 516 -6.80 -15.91 -10.59
N VAL A 517 -6.52 -16.78 -11.58
CA VAL A 517 -7.50 -17.19 -12.59
C VAL A 517 -7.66 -18.70 -12.60
N VAL A 518 -8.84 -19.18 -12.97
CA VAL A 518 -9.14 -20.61 -12.89
C VAL A 518 -10.07 -21.00 -14.03
N SER A 519 -9.74 -22.08 -14.74
CA SER A 519 -10.66 -22.70 -15.67
C SER A 519 -11.34 -23.92 -15.08
N LEU A 520 -12.66 -24.03 -15.20
CA LEU A 520 -13.32 -25.27 -14.74
C LEU A 520 -13.27 -26.38 -15.78
N GLY A 521 -12.44 -27.37 -15.47
CA GLY A 521 -12.29 -28.54 -16.29
C GLY A 521 -12.00 -28.26 -17.75
N GLY A 522 -11.14 -27.29 -18.00
CA GLY A 522 -10.67 -27.00 -19.34
C GLY A 522 -11.69 -26.38 -20.26
N LYS A 523 -12.69 -25.70 -19.71
CA LYS A 523 -13.69 -25.08 -20.57
C LYS A 523 -13.27 -23.66 -20.89
N GLY A 524 -12.61 -23.52 -22.03
CA GLY A 524 -11.80 -22.36 -22.29
C GLY A 524 -10.57 -22.33 -21.39
N GLN A 525 -9.68 -21.41 -21.70
CA GLN A 525 -8.50 -21.22 -20.86
C GLN A 525 -8.15 -19.74 -20.79
N TYR A 526 -7.49 -19.35 -19.70
CA TYR A 526 -6.81 -18.05 -19.59
C TYR A 526 -5.41 -18.10 -20.24
N GLU A 527 -5.02 -17.02 -20.92
CA GLU A 527 -3.65 -16.90 -21.43
C GLU A 527 -2.67 -16.35 -20.38
N HIS A 528 -3.21 -15.54 -19.46
CA HIS A 528 -2.43 -14.86 -18.45
C HIS A 528 -3.33 -14.57 -17.25
N VAL A 529 -2.75 -14.05 -16.18
CA VAL A 529 -3.53 -13.60 -15.02
C VAL A 529 -3.90 -12.13 -15.13
N ILE A 530 -2.88 -11.31 -15.34
CA ILE A 530 -3.02 -9.86 -15.39
C ILE A 530 -2.23 -9.28 -16.59
N ASN A 531 -2.88 -8.48 -17.43
CA ASN A 531 -2.29 -8.00 -18.70
C ASN A 531 -1.73 -9.15 -19.51
N ASP A 532 -0.42 -9.09 -19.80
CA ASP A 532 0.29 -10.15 -20.48
C ASP A 532 1.17 -10.95 -19.53
N ILE A 533 0.75 -11.01 -18.25
CA ILE A 533 1.56 -11.42 -17.12
C ILE A 533 0.88 -12.52 -16.27
N GLY A 534 1.68 -13.51 -15.91
CA GLY A 534 1.18 -14.71 -15.26
C GLY A 534 0.96 -15.84 -16.27
N ASP A 535 0.96 -17.04 -15.70
CA ASP A 535 0.87 -18.27 -16.45
C ASP A 535 -0.51 -18.53 -17.01
N PRO A 536 -0.58 -19.13 -18.22
CA PRO A 536 -1.91 -19.54 -18.68
C PRO A 536 -2.43 -20.69 -17.89
N THR A 537 -3.75 -20.82 -17.78
CA THR A 537 -4.31 -22.04 -17.24
C THR A 537 -4.21 -23.15 -18.30
N SER A 538 -3.94 -24.35 -17.83
CA SER A 538 -3.74 -25.48 -18.72
C SER A 538 -4.27 -26.71 -18.00
N GLY A 539 -4.29 -27.86 -18.68
CA GLY A 539 -4.89 -29.07 -18.13
C GLY A 539 -6.41 -28.93 -18.09
N ASP A 540 -7.12 -29.98 -17.63
CA ASP A 540 -8.57 -29.88 -17.40
C ASP A 540 -8.88 -30.13 -15.92
N THR A 541 -7.94 -29.80 -15.05
CA THR A 541 -7.94 -30.25 -13.65
C THR A 541 -8.26 -29.13 -12.63
N THR A 542 -8.66 -27.96 -13.12
CA THR A 542 -9.13 -26.88 -12.23
C THR A 542 -8.07 -26.42 -11.24
N ILE A 543 -6.84 -26.46 -11.72
CA ILE A 543 -5.73 -25.90 -10.96
C ILE A 543 -5.57 -24.44 -11.30
N PRO A 544 -5.65 -23.55 -10.28
CA PRO A 544 -5.46 -22.12 -10.52
C PRO A 544 -4.07 -21.76 -10.96
N SER A 545 -3.98 -20.63 -11.65
CA SER A 545 -2.72 -19.95 -11.94
C SER A 545 -2.76 -18.71 -11.07
N GLN A 546 -1.64 -18.39 -10.41
CA GLN A 546 -1.67 -17.38 -9.34
C GLN A 546 -0.55 -16.36 -9.58
N VAL A 547 -0.80 -15.13 -9.16
CA VAL A 547 0.26 -14.11 -9.04
C VAL A 547 0.25 -13.55 -7.62
N VAL A 548 1.40 -13.62 -6.95
CA VAL A 548 1.44 -13.28 -5.52
C VAL A 548 1.42 -11.75 -5.38
N SER A 549 2.21 -11.06 -6.20
CA SER A 549 2.11 -9.62 -6.22
C SER A 549 2.61 -8.97 -7.55
N PHE A 550 1.91 -7.93 -7.97
CA PHE A 550 2.11 -7.28 -9.26
C PHE A 550 2.09 -5.80 -8.97
N PRO A 551 2.84 -5.00 -9.76
CA PRO A 551 3.78 -5.24 -10.86
C PRO A 551 5.12 -5.78 -10.34
N ALA B 1 -4.58 35.01 -1.13
CA ALA B 1 -3.82 33.99 -0.43
C ALA B 1 -4.26 34.01 1.04
N GLN B 2 -4.40 32.84 1.62
CA GLN B 2 -4.57 32.72 3.06
C GLN B 2 -3.25 32.21 3.62
N GLU B 3 -3.12 32.13 4.94
CA GLU B 3 -1.83 31.69 5.49
C GLU B 3 -1.79 30.15 5.60
N VAL B 4 -0.66 29.55 5.23
CA VAL B 4 -0.47 28.12 5.53
C VAL B 4 -0.33 27.96 7.03
N VAL B 5 -0.95 26.92 7.57
CA VAL B 5 -1.01 26.72 9.00
C VAL B 5 -0.07 25.57 9.42
N GLY B 6 0.63 25.77 10.54
CA GLY B 6 1.64 24.83 11.01
C GLY B 6 1.16 23.82 12.04
N GLY B 7 1.86 22.69 12.10
CA GLY B 7 1.48 21.55 12.92
C GLY B 7 0.39 20.67 12.28
N GLY B 8 -0.21 19.80 13.07
CA GLY B 8 -1.42 19.08 12.67
C GLY B 8 -1.15 17.67 12.11
N ASP B 9 -1.73 16.65 12.72
CA ASP B 9 -1.69 15.24 12.28
C ASP B 9 -0.47 14.77 11.49
N LEU B 10 0.35 13.91 12.12
CA LEU B 10 1.50 13.24 11.46
C LEU B 10 1.05 12.06 10.52
N GLY B 11 -0.25 11.97 10.35
CA GLY B 11 -0.85 11.19 9.27
C GLY B 11 -0.86 9.68 9.35
N PRO B 12 -1.52 9.05 8.34
CA PRO B 12 -1.81 7.61 8.23
C PRO B 12 -0.53 6.79 8.25
N ASN B 13 0.55 7.42 7.78
CA ASN B 13 1.80 6.71 7.54
C ASN B 13 2.88 6.90 8.64
N VAL B 14 2.57 7.68 9.68
CA VAL B 14 3.46 7.82 10.87
C VAL B 14 2.83 7.14 12.09
N LEU B 15 3.27 5.92 12.33
CA LEU B 15 2.82 5.12 13.44
C LEU B 15 3.65 5.49 14.66
N VAL B 16 2.99 6.00 15.69
CA VAL B 16 3.65 6.24 16.96
C VAL B 16 3.25 5.20 17.99
N PHE B 17 4.25 4.48 18.48
CA PHE B 17 4.11 3.43 19.51
C PHE B 17 4.56 3.89 20.90
N ASP B 18 4.01 3.24 21.92
CA ASP B 18 4.55 3.37 23.28
C ASP B 18 4.65 1.97 23.91
N PRO B 19 5.42 1.83 24.99
CA PRO B 19 5.63 0.46 25.48
C PRO B 19 4.36 -0.26 25.96
N SER B 20 3.26 0.47 26.11
CA SER B 20 1.99 -0.16 26.45
C SER B 20 1.08 -0.30 25.25
N THR B 21 1.66 -0.19 24.06
CA THR B 21 0.88 -0.26 22.85
C THR B 21 0.57 -1.71 22.58
N PRO B 22 -0.69 -2.02 22.25
CA PRO B 22 -0.97 -3.43 22.03
C PRO B 22 -0.25 -4.02 20.78
N ASP B 23 0.33 -5.21 20.94
CA ASP B 23 0.92 -5.99 19.84
C ASP B 23 1.67 -5.08 18.84
N ILE B 24 2.47 -4.17 19.38
CA ILE B 24 3.51 -3.43 18.63
C ILE B 24 4.17 -4.31 17.62
N GLN B 25 4.57 -5.49 18.07
CA GLN B 25 5.20 -6.50 17.21
C GLN B 25 4.41 -6.94 15.96
N GLY B 26 3.12 -7.20 16.12
CA GLY B 26 2.35 -7.64 14.96
C GLY B 26 2.20 -6.49 13.97
N LYS B 27 2.17 -5.28 14.50
CA LYS B 27 1.85 -4.08 13.74
C LYS B 27 3.07 -3.67 12.94
N VAL B 28 4.21 -3.74 13.59
CA VAL B 28 5.49 -3.57 12.88
C VAL B 28 5.64 -4.66 11.81
N ASP B 29 5.02 -5.82 12.04
CA ASP B 29 5.15 -6.93 11.08
C ASP B 29 4.13 -6.78 9.96
N GLU B 30 3.00 -6.10 10.24
CA GLU B 30 2.04 -5.71 9.18
C GLU B 30 2.84 -4.91 8.17
N VAL B 31 3.62 -3.96 8.65
CA VAL B 31 4.42 -3.11 7.77
C VAL B 31 5.51 -3.90 7.01
N PHE B 32 6.22 -4.80 7.70
CA PHE B 32 7.28 -5.57 7.03
C PHE B 32 6.73 -6.56 5.99
N ARG B 33 5.63 -7.23 6.33
CA ARG B 33 5.02 -8.27 5.46
C ARG B 33 4.87 -7.68 4.05
N LYS B 34 4.52 -6.42 4.07
CA LYS B 34 4.27 -5.68 2.87
C LYS B 34 5.49 -5.02 2.24
N GLN B 35 6.30 -4.37 3.08
CA GLN B 35 7.42 -3.60 2.56
C GLN B 35 8.64 -4.43 2.17
N GLU B 36 8.67 -5.68 2.66
CA GLU B 36 9.76 -6.63 2.48
C GLU B 36 10.38 -6.59 1.08
N SER B 37 9.52 -6.77 0.09
CA SER B 37 9.92 -6.89 -1.32
C SER B 37 9.37 -5.75 -2.13
N ASN B 38 8.93 -4.68 -1.48
CA ASN B 38 8.29 -3.60 -2.25
C ASN B 38 9.29 -2.60 -2.74
N GLN B 39 10.13 -3.03 -3.66
CA GLN B 39 11.30 -2.25 -3.96
C GLN B 39 10.96 -0.93 -4.63
N PHE B 40 9.92 -0.93 -5.45
CA PHE B 40 9.58 0.23 -6.27
C PHE B 40 8.18 0.83 -6.05
N GLY B 41 7.42 0.29 -5.11
CA GLY B 41 6.07 0.77 -4.86
C GLY B 41 6.00 2.10 -4.15
N THR B 42 4.77 2.59 -4.00
CA THR B 42 4.51 3.94 -3.51
C THR B 42 4.36 3.99 -2.02
N ASP B 43 4.40 2.84 -1.33
CA ASP B 43 4.20 2.89 0.11
C ASP B 43 5.40 3.41 0.86
N ARG B 44 5.10 4.13 1.93
CA ARG B 44 6.09 4.80 2.75
C ARG B 44 5.61 4.77 4.21
N TYR B 45 6.51 4.45 5.15
CA TYR B 45 6.13 4.48 6.59
C TYR B 45 7.25 4.92 7.49
N ALA B 46 6.85 5.59 8.57
CA ALA B 46 7.75 5.88 9.67
C ALA B 46 7.20 5.20 10.90
N LEU B 47 8.09 4.56 11.65
CA LEU B 47 7.75 3.86 12.89
C LEU B 47 8.45 4.62 14.00
N MET B 48 7.70 5.39 14.79
CA MET B 48 8.30 6.24 15.80
C MET B 48 7.97 5.67 17.17
N PHE B 49 8.95 5.73 18.07
CA PHE B 49 8.85 5.10 19.40
C PHE B 49 9.05 6.12 20.50
N LYS B 50 8.00 6.32 21.28
CA LYS B 50 8.01 7.33 22.34
C LYS B 50 9.02 6.91 23.43
N PRO B 51 9.57 7.86 24.21
CA PRO B 51 10.56 7.42 25.22
C PRO B 51 10.10 6.27 26.13
N GLY B 52 11.00 5.35 26.46
CA GLY B 52 10.69 4.18 27.28
C GLY B 52 11.51 2.96 26.93
N THR B 53 11.04 1.83 27.44
CA THR B 53 11.68 0.54 27.26
C THR B 53 10.69 -0.40 26.61
N TYR B 54 11.13 -1.02 25.51
CA TYR B 54 10.30 -1.96 24.77
C TYR B 54 10.96 -3.33 24.80
N ASN B 55 10.21 -4.36 25.21
CA ASN B 55 10.75 -5.73 25.26
C ASN B 55 10.15 -6.66 24.16
N ASP B 56 10.82 -7.79 23.92
CA ASP B 56 10.37 -8.83 22.99
C ASP B 56 9.99 -8.30 21.60
N ILE B 57 10.93 -7.53 21.06
CA ILE B 57 10.74 -6.77 19.85
C ILE B 57 11.92 -7.05 18.87
N ASN B 58 11.59 -7.48 17.64
CA ASN B 58 12.53 -7.52 16.54
C ASN B 58 11.84 -6.67 15.45
N ALA B 59 12.12 -5.37 15.41
CA ALA B 59 11.48 -4.51 14.41
C ALA B 59 12.21 -4.70 13.08
N GLN B 60 11.58 -5.47 12.19
CA GLN B 60 12.22 -5.90 10.94
C GLN B 60 11.88 -4.81 9.91
N ILE B 61 12.92 -4.30 9.24
CA ILE B 61 12.81 -3.09 8.40
C ILE B 61 12.90 -3.41 6.91
N GLY B 62 11.79 -3.21 6.21
CA GLY B 62 11.72 -3.40 4.77
C GLY B 62 11.98 -2.11 4.00
N PHE B 63 11.63 -2.09 2.72
CA PHE B 63 11.78 -0.91 1.90
C PHE B 63 10.96 0.28 2.42
N TYR B 64 11.54 1.47 2.26
CA TYR B 64 10.84 2.73 2.52
C TYR B 64 10.25 2.79 3.93
N THR B 65 11.02 2.28 4.89
CA THR B 65 10.62 2.24 6.30
C THR B 65 11.73 2.88 7.12
N SER B 66 11.32 3.88 7.90
CA SER B 66 12.19 4.56 8.85
C SER B 66 11.73 4.23 10.26
N ILE B 67 12.69 3.95 11.12
CA ILE B 67 12.36 3.67 12.52
C ILE B 67 13.21 4.62 13.35
N ALA B 68 12.58 5.21 14.35
CA ALA B 68 13.30 6.13 15.18
C ALA B 68 12.68 6.27 16.55
N GLY B 69 13.54 6.63 17.50
CA GLY B 69 13.12 7.03 18.82
C GLY B 69 12.78 8.52 18.88
N LEU B 70 12.00 8.87 19.89
CA LEU B 70 11.58 10.23 20.10
C LEU B 70 12.07 10.79 21.44
N GLY B 71 13.19 10.27 21.93
CA GLY B 71 13.89 10.85 23.07
C GLY B 71 14.79 12.00 22.67
N LEU B 72 15.32 12.69 23.69
CA LEU B 72 16.20 13.82 23.49
C LEU B 72 17.63 13.26 23.43
N ASN B 73 17.73 11.92 23.36
CA ASN B 73 18.94 11.12 23.60
C ASN B 73 18.67 9.63 23.14
N PRO B 74 19.64 8.94 22.51
CA PRO B 74 19.23 7.60 22.04
C PRO B 74 18.84 6.59 23.16
N ASP B 75 19.51 6.67 24.31
CA ASP B 75 19.22 5.73 25.39
C ASP B 75 17.86 6.01 26.08
N ASP B 76 17.20 7.10 25.71
CA ASP B 76 15.83 7.36 26.18
C ASP B 76 14.81 6.38 25.61
N THR B 77 15.12 5.78 24.47
CA THR B 77 14.26 4.80 23.83
C THR B 77 15.11 3.55 23.57
N THR B 78 15.00 2.55 24.46
CA THR B 78 15.81 1.37 24.36
C THR B 78 14.92 0.17 24.04
N PHE B 79 15.29 -0.55 23.00
CA PHE B 79 14.70 -1.86 22.70
C PHE B 79 15.56 -2.96 23.32
N ASN B 80 14.90 -3.92 23.97
CA ASN B 80 15.56 -5.17 24.35
C ASN B 80 15.16 -6.17 23.28
N GLY B 81 15.97 -6.17 22.27
CA GLY B 81 15.58 -6.71 20.99
C GLY B 81 16.38 -5.99 19.94
N ASP B 82 15.81 -5.92 18.73
CA ASP B 82 16.60 -5.82 17.52
C ASP B 82 15.90 -4.92 16.50
N VAL B 83 16.70 -4.15 15.76
CA VAL B 83 16.20 -3.48 14.55
C VAL B 83 16.99 -4.10 13.41
N THR B 84 16.32 -4.95 12.63
CA THR B 84 17.04 -5.80 11.71
C THR B 84 16.72 -5.55 10.25
N VAL B 85 17.78 -5.62 9.46
CA VAL B 85 17.65 -5.80 8.04
C VAL B 85 18.41 -7.07 7.67
N ASP B 86 17.68 -8.07 7.16
CA ASP B 86 18.31 -9.30 6.62
C ASP B 86 18.15 -9.37 5.09
N ALA B 87 18.61 -10.43 4.46
CA ALA B 87 18.56 -10.43 3.01
C ALA B 87 18.31 -11.79 2.39
N GLY B 88 17.29 -12.49 2.89
CA GLY B 88 16.82 -13.72 2.26
C GLY B 88 15.82 -13.52 1.13
N TRP B 89 15.24 -12.34 1.01
CA TRP B 89 14.14 -12.18 0.09
C TRP B 89 14.69 -12.22 -1.35
N PHE B 90 15.94 -11.79 -1.45
CA PHE B 90 16.74 -11.85 -2.66
C PHE B 90 17.81 -12.93 -2.44
N ASP B 91 17.37 -13.95 -1.70
CA ASP B 91 18.09 -15.17 -1.40
C ASP B 91 19.51 -15.03 -0.84
N GLY B 92 19.61 -14.23 0.21
CA GLY B 92 20.87 -14.07 0.87
C GLY B 92 21.64 -12.94 0.25
N ASN B 93 21.12 -12.41 -0.86
CA ASN B 93 21.73 -11.28 -1.55
C ASN B 93 21.28 -9.92 -0.97
N ALA B 94 22.17 -9.23 -0.25
CA ALA B 94 21.81 -7.95 0.33
C ALA B 94 22.04 -6.71 -0.58
N THR B 95 22.30 -6.93 -1.88
CA THR B 95 22.59 -5.81 -2.81
C THR B 95 21.36 -5.03 -3.28
N GLN B 96 20.16 -5.45 -2.85
CA GLN B 96 18.95 -4.70 -3.15
C GLN B 96 18.30 -4.05 -1.92
N ASN B 97 18.93 -4.18 -0.75
CA ASN B 97 18.37 -3.62 0.49
C ASN B 97 18.61 -2.11 0.65
N PHE B 98 17.84 -1.36 -0.13
CA PHE B 98 17.89 0.09 -0.18
C PHE B 98 16.78 0.83 0.61
N TRP B 99 16.96 2.16 0.73
CA TRP B 99 15.91 3.11 1.09
C TRP B 99 15.17 2.81 2.41
N ARG B 100 15.92 2.83 3.51
CA ARG B 100 15.32 2.65 4.80
C ARG B 100 16.17 3.39 5.83
N SER B 101 15.72 3.48 7.09
CA SER B 101 16.44 4.33 8.05
C SER B 101 16.30 3.77 9.48
N ALA B 102 17.36 3.93 10.28
CA ALA B 102 17.24 3.74 11.76
C ALA B 102 17.95 4.89 12.44
N GLU B 103 17.27 5.50 13.42
CA GLU B 103 17.91 6.56 14.20
C GLU B 103 17.42 6.65 15.64
N ASN B 104 18.31 7.14 16.51
CA ASN B 104 17.93 7.65 17.84
C ASN B 104 17.28 6.60 18.75
N LEU B 105 17.91 5.42 18.76
CA LEU B 105 17.49 4.26 19.60
C LEU B 105 18.70 3.62 20.26
N ALA B 106 18.49 3.01 21.44
CA ALA B 106 19.45 2.08 22.01
C ALA B 106 18.91 0.67 21.80
N LEU B 107 19.77 -0.23 21.38
CA LEU B 107 19.42 -1.61 21.10
C LEU B 107 20.26 -2.52 22.00
N ASN B 108 19.57 -3.49 22.62
CA ASN B 108 20.17 -4.55 23.41
C ASN B 108 19.78 -5.86 22.73
N PRO B 109 20.51 -6.23 21.67
CA PRO B 109 20.06 -7.30 20.75
C PRO B 109 19.99 -8.67 21.41
N VAL B 110 18.98 -9.47 21.05
CA VAL B 110 18.64 -10.66 21.84
C VAL B 110 19.74 -11.74 21.97
N ASN B 111 20.69 -11.80 21.01
CA ASN B 111 21.84 -12.74 21.06
C ASN B 111 23.20 -12.01 21.14
N GLY B 112 23.15 -10.78 21.63
CA GLY B 112 24.32 -9.92 21.65
C GLY B 112 24.58 -9.24 20.30
N THR B 113 23.96 -9.74 19.25
CA THR B 113 24.26 -9.31 17.90
C THR B 113 23.06 -8.72 17.16
N ASN B 114 23.20 -7.48 16.67
CA ASN B 114 22.15 -6.88 15.82
C ASN B 114 22.64 -6.86 14.37
N ARG B 115 21.80 -7.35 13.47
CA ARG B 115 22.16 -7.44 12.05
C ARG B 115 21.52 -6.29 11.24
N TRP B 116 22.36 -5.49 10.57
CA TRP B 116 21.91 -4.36 9.72
C TRP B 116 22.51 -4.60 8.33
N ALA B 117 21.98 -5.59 7.61
CA ALA B 117 22.59 -6.03 6.36
C ALA B 117 22.05 -5.24 5.18
N VAL B 118 22.49 -3.99 5.08
CA VAL B 118 21.90 -3.06 4.13
C VAL B 118 22.84 -2.79 2.96
N SER B 119 22.29 -2.15 1.92
CA SER B 119 23.09 -1.61 0.86
C SER B 119 22.92 -0.09 0.86
N GLN B 120 22.85 0.55 -0.30
CA GLN B 120 22.87 2.03 -0.33
C GLN B 120 21.60 2.69 0.20
N ALA B 121 21.74 3.92 0.69
CA ALA B 121 20.59 4.71 1.21
C ALA B 121 19.88 4.01 2.35
N ALA B 122 20.68 3.57 3.32
CA ALA B 122 20.15 2.91 4.50
C ALA B 122 20.87 3.40 5.76
N PRO B 123 20.72 4.70 6.07
CA PRO B 123 21.48 5.33 7.14
C PRO B 123 21.17 4.78 8.50
N PHE B 124 22.21 4.74 9.33
CA PHE B 124 22.15 4.28 10.72
C PHE B 124 22.76 5.44 11.50
N ARG B 125 21.93 6.25 12.14
CA ARG B 125 22.38 7.49 12.79
C ARG B 125 21.96 7.58 14.24
N ARG B 126 22.83 8.15 15.08
CA ARG B 126 22.45 8.45 16.46
C ARG B 126 21.94 7.19 17.18
N MET B 127 22.58 6.05 16.90
CA MET B 127 22.23 4.77 17.50
C MET B 127 23.23 4.33 18.58
N HIS B 128 22.72 3.74 19.63
CA HIS B 128 23.57 3.07 20.61
C HIS B 128 23.27 1.56 20.65
N VAL B 129 24.23 0.78 20.16
CA VAL B 129 24.10 -0.66 20.14
C VAL B 129 24.91 -1.23 21.31
N LYS B 130 24.16 -1.76 22.27
CA LYS B 130 24.76 -2.39 23.45
C LYS B 130 25.06 -3.85 23.13
N GLY B 131 26.09 -4.02 22.31
CA GLY B 131 26.49 -5.29 21.73
C GLY B 131 27.22 -5.07 20.42
N GLY B 132 27.21 -6.12 19.59
CA GLY B 132 27.82 -6.09 18.30
C GLY B 132 26.84 -5.71 17.22
N LEU B 133 27.40 -5.42 16.05
CA LEU B 133 26.63 -5.02 14.87
C LEU B 133 27.21 -5.79 13.68
N ASN B 134 26.40 -6.65 13.07
CA ASN B 134 26.79 -7.44 11.91
C ASN B 134 26.14 -6.81 10.72
N LEU B 135 26.94 -6.49 9.71
CA LEU B 135 26.42 -5.72 8.57
C LEU B 135 26.14 -6.53 7.31
N ALA B 136 26.16 -7.87 7.42
CA ALA B 136 26.12 -8.72 6.23
C ALA B 136 25.08 -9.84 6.30
N PRO B 137 24.54 -10.23 5.14
CA PRO B 137 23.38 -11.13 5.18
C PRO B 137 23.49 -12.44 5.94
N ASP B 138 24.60 -13.17 6.08
CA ASP B 138 24.47 -14.53 6.73
C ASP B 138 24.31 -15.62 5.64
N GLY B 139 25.34 -16.45 5.59
CA GLY B 139 25.64 -17.21 4.38
C GLY B 139 26.70 -16.39 3.65
N TYR B 140 27.15 -15.32 4.30
CA TYR B 140 28.25 -14.45 3.82
C TYR B 140 28.00 -13.83 2.44
N GLY B 141 26.87 -13.16 2.34
CA GLY B 141 26.48 -12.56 1.06
C GLY B 141 27.08 -11.23 0.63
N TRP B 142 26.85 -11.01 -0.65
CA TRP B 142 27.12 -9.78 -1.35
C TRP B 142 26.34 -8.60 -0.80
N ALA B 143 27.04 -7.49 -0.48
CA ALA B 143 26.45 -6.18 -0.04
C ALA B 143 27.31 -5.01 -0.54
N SER B 144 26.67 -3.86 -0.88
CA SER B 144 27.35 -2.57 -1.15
C SER B 144 26.77 -1.47 -0.29
N GLY B 145 26.90 -1.60 1.04
CA GLY B 145 26.63 -0.49 1.95
C GLY B 145 27.73 0.55 1.93
N GLY B 146 27.75 1.49 2.87
CA GLY B 146 26.80 1.69 3.94
C GLY B 146 27.26 2.92 4.73
N TYR B 147 26.48 3.35 5.72
CA TYR B 147 26.66 4.64 6.37
C TYR B 147 26.25 4.56 7.85
N ILE B 148 27.19 4.87 8.73
CA ILE B 148 26.90 5.03 10.15
C ILE B 148 27.46 6.38 10.59
N ALA B 149 26.64 7.13 11.31
CA ALA B 149 27.05 8.42 11.88
C ALA B 149 26.58 8.56 13.30
N ASP B 150 27.38 9.25 14.10
CA ASP B 150 27.00 9.68 15.44
C ASP B 150 26.43 8.55 16.30
N SER B 151 27.07 7.39 16.22
CA SER B 151 26.58 6.19 16.86
C SER B 151 27.64 5.56 17.73
N LYS B 152 27.22 4.82 18.75
CA LYS B 152 28.15 4.06 19.58
C LYS B 152 27.78 2.59 19.47
N ILE B 153 28.80 1.75 19.23
CA ILE B 153 28.64 0.30 19.16
C ILE B 153 29.56 -0.23 20.24
N ASP B 154 29.00 -0.97 21.19
CA ASP B 154 29.74 -1.39 22.39
C ASP B 154 30.67 -2.57 22.11
N GLY B 155 30.24 -3.46 21.24
CA GLY B 155 31.08 -4.56 20.79
C GLY B 155 31.82 -4.20 19.49
N GLU B 156 31.98 -5.20 18.63
CA GLU B 156 32.66 -5.05 17.35
C GLU B 156 31.64 -4.89 16.21
N VAL B 157 32.02 -4.09 15.23
CA VAL B 157 31.30 -4.04 13.99
C VAL B 157 31.94 -5.03 13.04
N GLY B 158 31.16 -5.99 12.54
CA GLY B 158 31.61 -6.92 11.51
C GLY B 158 31.07 -6.58 10.15
N PRO B 159 31.92 -6.02 9.27
CA PRO B 159 31.43 -5.80 7.91
C PRO B 159 31.26 -7.11 7.12
N TYR B 160 32.07 -8.14 7.48
CA TYR B 160 32.22 -9.37 6.70
C TYR B 160 32.29 -9.12 5.18
N SER B 161 31.25 -9.57 4.46
CA SER B 161 31.19 -9.50 3.00
C SER B 161 30.66 -8.15 2.45
N GLN B 162 30.62 -7.11 3.27
CA GLN B 162 30.31 -5.76 2.76
C GLN B 162 31.46 -5.29 1.88
N GLN B 163 31.19 -4.78 0.68
CA GLN B 163 32.27 -4.29 -0.16
C GLN B 163 33.00 -3.09 0.42
N GLN B 164 32.23 -2.14 0.94
CA GLN B 164 32.81 -0.87 1.38
C GLN B 164 31.89 -0.34 2.47
N TRP B 165 32.33 0.72 3.14
CA TRP B 165 31.57 1.28 4.27
C TRP B 165 32.15 2.60 4.69
N TYR B 166 31.28 3.50 5.19
CA TYR B 166 31.71 4.78 5.75
C TYR B 166 31.13 4.96 7.15
N THR B 167 31.99 5.29 8.10
CA THR B 167 31.58 5.57 9.46
C THR B 167 32.18 6.92 9.85
N ARG B 168 31.34 7.81 10.37
CA ARG B 168 31.89 9.07 10.94
C ARG B 168 31.37 9.40 12.34
N ASP B 169 32.24 10.07 13.10
CA ASP B 169 31.89 10.74 14.35
C ASP B 169 31.10 9.81 15.28
N SER B 170 31.75 8.68 15.57
CA SER B 170 31.19 7.55 16.27
C SER B 170 32.24 6.91 17.19
N SER B 171 31.83 5.87 17.90
CA SER B 171 32.79 5.04 18.62
C SER B 171 32.42 3.56 18.46
N VAL B 172 33.42 2.72 18.21
CA VAL B 172 33.20 1.29 18.06
C VAL B 172 34.09 0.51 19.03
N GLY B 173 33.61 -0.64 19.46
CA GLY B 173 34.31 -1.45 20.44
C GLY B 173 35.08 -2.54 19.71
N GLY B 174 35.44 -2.25 18.46
CA GLY B 174 36.07 -3.20 17.58
C GLY B 174 35.62 -2.93 16.15
N TRP B 175 36.53 -3.13 15.19
CA TRP B 175 36.16 -3.14 13.77
C TRP B 175 36.63 -4.39 13.08
N GLY B 176 35.67 -5.22 12.68
CA GLY B 176 35.95 -6.61 12.32
C GLY B 176 36.92 -6.91 11.19
N ASN B 177 36.88 -6.09 10.14
CA ASN B 177 37.53 -6.39 8.85
C ASN B 177 37.23 -5.34 7.80
N GLY B 178 37.94 -5.46 6.69
CA GLY B 178 37.63 -4.69 5.48
C GLY B 178 37.62 -5.59 4.25
N VAL B 179 37.19 -5.00 3.14
CA VAL B 179 37.05 -5.73 1.89
C VAL B 179 37.69 -4.92 0.78
N TRP B 180 37.00 -3.91 0.26
CA TRP B 180 37.59 -2.99 -0.71
C TRP B 180 37.90 -1.58 -0.17
N ASN B 181 36.97 -0.99 0.60
CA ASN B 181 37.16 0.39 1.05
C ASN B 181 36.34 0.66 2.30
N MET B 182 36.98 0.52 3.47
CA MET B 182 36.37 0.90 4.74
C MET B 182 37.01 2.20 5.17
N THR B 183 36.23 3.28 5.18
CA THR B 183 36.70 4.60 5.55
C THR B 183 36.05 5.06 6.89
N PHE B 184 36.86 5.74 7.69
CA PHE B 184 36.47 6.24 9.01
C PHE B 184 36.91 7.70 9.12
N SER B 185 36.05 8.57 9.64
CA SER B 185 36.51 9.88 10.10
C SER B 185 35.91 10.20 11.47
N GLY B 186 36.75 10.62 12.42
CA GLY B 186 36.27 10.93 13.74
C GLY B 186 35.73 9.72 14.50
N VAL B 187 36.26 8.52 14.21
CA VAL B 187 35.76 7.32 14.84
C VAL B 187 36.68 6.80 15.94
N GLU B 188 36.24 6.97 17.18
CA GLU B 188 36.92 6.39 18.31
C GLU B 188 36.90 4.87 18.20
N GLY B 189 38.10 4.27 18.25
CA GLY B 189 38.23 2.84 18.18
C GLY B 189 38.36 2.24 16.78
N ALA B 190 38.42 3.10 15.76
CA ALA B 190 38.59 2.66 14.39
C ALA B 190 39.91 1.89 14.22
N PRO B 191 40.01 1.11 13.17
CA PRO B 191 41.32 0.55 12.87
C PRO B 191 42.27 1.67 12.42
N ALA B 192 43.55 1.50 12.72
CA ALA B 192 44.54 2.42 12.22
C ALA B 192 44.44 2.55 10.68
N GLN B 193 45.08 3.58 10.18
CA GLN B 193 45.28 3.76 8.75
C GLN B 193 46.16 2.63 8.22
N SER B 194 45.69 1.91 7.20
CA SER B 194 46.37 0.71 6.74
C SER B 194 46.38 0.43 5.24
N PHE B 195 45.70 1.27 4.47
CA PHE B 195 45.44 1.00 3.06
C PHE B 195 46.80 0.84 2.41
N PRO B 196 46.98 -0.15 1.53
CA PRO B 196 45.99 -1.00 0.81
C PRO B 196 45.38 -2.21 1.54
N GLU B 197 46.02 -2.73 2.57
CA GLU B 197 45.66 -4.07 3.07
C GLU B 197 45.92 -4.27 4.58
N PRO B 198 44.85 -4.39 5.43
CA PRO B 198 43.46 -4.23 4.99
C PRO B 198 43.19 -2.82 4.42
N PRO B 199 42.11 -2.66 3.68
CA PRO B 199 41.86 -1.35 3.08
C PRO B 199 41.07 -0.42 4.01
N TYR B 200 41.80 0.09 5.00
CA TYR B 200 41.30 1.02 5.98
C TYR B 200 41.86 2.42 5.73
N THR B 201 40.95 3.37 5.48
CA THR B 201 41.27 4.78 5.38
C THR B 201 40.70 5.44 6.64
N THR B 202 41.61 5.97 7.48
CA THR B 202 41.22 6.43 8.80
C THR B 202 41.72 7.83 9.10
N LEU B 203 40.78 8.73 9.36
CA LEU B 203 41.08 10.12 9.65
C LEU B 203 40.68 10.44 11.08
N GLU B 204 41.61 11.06 11.82
CA GLU B 204 41.42 11.32 13.25
C GLU B 204 40.11 12.10 13.52
N THR B 205 39.80 13.10 12.70
CA THR B 205 38.59 13.91 12.91
C THR B 205 37.87 14.16 11.58
N THR B 206 36.60 14.55 11.67
CA THR B 206 35.84 14.94 10.51
C THR B 206 35.94 16.46 10.41
N PRO B 207 36.35 16.97 9.23
CA PRO B 207 36.64 18.39 9.11
C PRO B 207 35.53 19.28 9.69
N VAL B 208 34.30 18.86 9.42
CA VAL B 208 33.12 19.51 9.92
C VAL B 208 31.97 18.57 9.75
N SER B 209 31.05 18.59 10.72
CA SER B 209 29.82 17.87 10.55
C SER B 209 28.74 18.47 11.42
N ARG B 210 27.50 18.25 11.01
CA ARG B 210 26.37 18.76 11.75
C ARG B 210 25.31 17.68 11.69
N GLU B 211 24.92 17.18 12.85
CA GLU B 211 24.04 16.02 12.89
C GLU B 211 22.65 16.33 12.36
N LYS B 212 22.06 15.30 11.78
CA LYS B 212 20.80 15.45 11.08
C LYS B 212 19.69 15.81 12.08
N PRO B 213 18.86 16.80 11.75
CA PRO B 213 17.70 17.11 12.61
C PRO B 213 16.74 15.92 12.75
N PHE B 214 16.07 15.87 13.90
CA PHE B 214 15.15 14.78 14.18
C PHE B 214 13.98 15.22 15.08
N LEU B 215 12.88 14.49 14.96
CA LEU B 215 11.67 14.72 15.72
C LEU B 215 11.83 14.11 17.13
N TYR B 216 11.54 14.87 18.19
CA TYR B 216 11.54 14.35 19.57
C TYR B 216 10.32 14.91 20.35
N LEU B 217 9.74 14.10 21.24
CA LEU B 217 8.78 14.53 22.27
C LEU B 217 9.53 15.16 23.43
N ASP B 218 9.57 16.50 23.53
CA ASP B 218 10.11 17.25 24.69
C ASP B 218 8.97 17.41 25.67
N GLY B 219 8.97 16.71 26.81
CA GLY B 219 7.74 16.60 27.58
C GLY B 219 6.77 15.76 26.75
N ASP B 220 5.49 16.05 26.80
CA ASP B 220 4.54 15.39 25.91
C ASP B 220 4.51 16.06 24.53
N ASP B 221 5.42 17.00 24.33
CA ASP B 221 5.33 17.91 23.22
C ASP B 221 6.38 17.66 22.11
N TYR B 222 5.90 17.50 20.87
CA TYR B 222 6.75 17.26 19.71
C TYR B 222 7.51 18.48 19.23
N LYS B 223 8.79 18.27 19.00
CA LYS B 223 9.71 19.28 18.57
C LYS B 223 10.61 18.63 17.53
N VAL B 224 11.28 19.44 16.71
CA VAL B 224 12.39 18.98 15.89
C VAL B 224 13.67 19.56 16.45
N PHE B 225 14.58 18.69 16.86
CA PHE B 225 15.88 19.12 17.38
C PHE B 225 16.80 19.33 16.22
N VAL B 226 17.49 20.48 16.24
CA VAL B 226 18.38 20.92 15.18
C VAL B 226 19.80 21.03 15.76
N PRO B 227 20.57 19.97 15.59
CA PRO B 227 21.99 19.99 16.00
C PRO B 227 22.76 21.16 15.35
N ALA B 228 23.70 21.74 16.07
CA ALA B 228 24.53 22.80 15.49
C ALA B 228 25.87 22.14 15.07
N LYS B 229 26.67 22.75 14.19
CA LYS B 229 27.86 22.02 13.73
C LYS B 229 29.00 21.87 14.75
N ARG B 230 29.81 20.85 14.44
CA ARG B 230 31.05 20.58 15.11
C ARG B 230 32.12 20.75 14.04
N THR B 231 33.25 21.32 14.41
CA THR B 231 34.42 21.35 13.54
C THR B 231 35.48 20.42 14.11
N ASN B 232 36.23 19.76 13.23
CA ASN B 232 37.20 18.78 13.69
C ASN B 232 36.49 17.82 14.66
N ALA B 233 35.42 17.23 14.18
CA ALA B 233 34.58 16.35 15.00
C ALA B 233 35.15 14.95 15.24
N ARG B 234 34.86 14.39 16.41
CA ARG B 234 35.26 13.04 16.76
C ARG B 234 34.41 12.53 17.93
N GLY B 235 34.01 11.27 17.80
CA GLY B 235 33.13 10.64 18.75
C GLY B 235 31.69 11.14 18.57
N THR B 236 30.81 10.66 19.45
CA THR B 236 29.39 10.98 19.32
C THR B 236 29.09 12.40 19.79
N SER B 237 27.93 12.91 19.39
CA SER B 237 27.50 14.27 19.78
C SER B 237 26.67 14.34 21.06
N TRP B 238 26.36 13.18 21.65
CA TRP B 238 25.21 13.01 22.55
C TRP B 238 25.38 12.13 23.80
N GLY B 239 26.52 11.46 23.95
CA GLY B 239 26.67 10.49 25.05
C GLY B 239 27.08 10.93 26.45
N ASN B 240 27.13 12.24 26.68
CA ASN B 240 27.61 12.73 27.98
C ASN B 240 27.24 14.20 28.32
N GLY B 241 25.98 14.63 28.05
CA GLY B 241 25.39 15.88 28.60
C GLY B 241 24.13 16.34 27.83
N THR B 242 23.54 17.55 28.03
CA THR B 242 22.51 18.05 27.06
C THR B 242 23.11 18.01 25.61
N PRO B 243 22.33 17.57 24.62
CA PRO B 243 22.81 17.69 23.21
C PRO B 243 22.96 19.16 22.78
N GLU B 244 23.85 19.45 21.83
CA GLU B 244 24.06 20.83 21.39
C GLU B 244 23.37 21.29 20.09
N GLY B 245 22.66 22.44 20.22
CA GLY B 245 21.78 22.96 19.18
C GLY B 245 20.61 23.83 19.69
N GLU B 246 19.50 23.79 18.93
CA GLU B 246 18.25 24.56 19.18
C GLU B 246 17.04 23.60 19.04
N SER B 247 15.80 24.07 19.24
CA SER B 247 14.63 23.16 19.14
C SER B 247 13.31 23.73 18.63
N LEU B 248 12.94 23.49 17.37
CA LEU B 248 11.77 24.16 16.83
C LEU B 248 10.47 23.40 17.09
N PRO B 249 9.42 24.14 17.55
CA PRO B 249 8.23 23.39 17.90
C PRO B 249 7.54 22.92 16.65
N LEU B 250 6.89 21.77 16.73
CA LEU B 250 6.20 21.26 15.56
C LEU B 250 5.29 22.33 14.92
N ASP B 251 4.79 23.28 15.71
CA ASP B 251 3.82 24.21 15.11
C ASP B 251 4.48 25.29 14.23
N GLN B 252 5.81 25.26 14.11
CA GLN B 252 6.55 26.12 13.21
C GLN B 252 6.91 25.38 11.90
N PHE B 253 6.31 24.20 11.71
CA PHE B 253 6.46 23.38 10.51
C PHE B 253 5.14 23.26 9.79
N TYR B 254 5.13 23.54 8.49
CA TYR B 254 4.06 23.04 7.65
C TYR B 254 4.27 21.52 7.61
N VAL B 255 3.26 20.78 8.06
CA VAL B 255 3.34 19.31 8.15
C VAL B 255 2.67 18.79 6.90
N VAL B 256 3.41 18.81 5.82
CA VAL B 256 2.85 18.56 4.50
C VAL B 256 2.40 17.11 4.43
N LYS B 257 1.43 16.84 3.57
CA LYS B 257 0.89 15.49 3.41
C LYS B 257 0.27 15.38 2.01
N PRO B 258 -0.19 14.18 1.61
CA PRO B 258 -0.67 14.07 0.21
C PRO B 258 -1.84 15.01 -0.04
N GLY B 259 -1.89 15.60 -1.24
CA GLY B 259 -2.79 16.67 -1.56
C GLY B 259 -2.17 18.06 -1.50
N ALA B 260 -0.95 18.15 -0.94
CA ALA B 260 -0.12 19.38 -1.04
C ALA B 260 0.45 19.67 -2.45
N THR B 261 0.49 20.96 -2.83
CA THR B 261 1.20 21.40 -4.04
C THR B 261 2.52 22.07 -3.66
N ALA B 262 3.46 22.16 -4.61
CA ALA B 262 4.57 23.08 -4.38
C ALA B 262 4.14 24.55 -4.15
N GLU B 263 2.91 24.92 -4.51
CA GLU B 263 2.45 26.32 -4.32
C GLU B 263 2.17 26.59 -2.82
N THR B 264 1.59 25.59 -2.15
CA THR B 264 1.32 25.70 -0.73
C THR B 264 2.65 25.56 0.03
N ILE B 265 3.53 24.74 -0.50
CA ILE B 265 4.82 24.49 0.14
C ILE B 265 5.73 25.72 0.06
N ASN B 266 5.81 26.33 -1.11
CA ASN B 266 6.64 27.53 -1.27
C ASN B 266 6.07 28.72 -0.50
N ALA B 267 4.76 28.84 -0.46
CA ALA B 267 4.12 29.87 0.33
C ALA B 267 4.49 29.69 1.78
N ALA B 268 4.48 28.46 2.25
CA ALA B 268 4.85 28.13 3.62
C ALA B 268 6.22 28.70 4.00
N VAL B 269 7.18 28.47 3.12
CA VAL B 269 8.52 29.05 3.33
C VAL B 269 8.67 30.63 3.49
N ASP B 270 7.99 31.53 2.76
CA ASP B 270 8.05 32.98 3.20
C ASP B 270 7.43 33.30 4.57
N GLN B 271 6.28 32.72 4.89
CA GLN B 271 5.54 33.06 6.11
C GLN B 271 6.17 32.69 7.46
N GLY B 272 5.99 31.45 7.90
CA GLY B 272 6.65 31.02 9.12
C GLY B 272 7.74 29.98 8.92
N LEU B 273 7.51 29.15 7.93
CA LEU B 273 7.46 27.77 8.26
C LEU B 273 8.59 26.94 7.70
N HIS B 274 9.05 26.04 8.54
CA HIS B 274 9.87 24.93 8.13
C HIS B 274 8.95 23.89 7.47
N LEU B 275 9.55 22.85 6.89
CA LEU B 275 8.83 21.81 6.19
C LEU B 275 9.08 20.44 6.81
N LEU B 276 7.99 19.72 7.09
CA LEU B 276 8.06 18.35 7.54
C LEU B 276 7.25 17.52 6.54
N PHE B 277 7.95 16.74 5.70
CA PHE B 277 7.24 15.90 4.73
C PHE B 277 6.91 14.59 5.40
N THR B 278 5.63 14.33 5.55
CA THR B 278 5.17 13.04 6.06
C THR B 278 5.45 11.95 5.02
N PRO B 279 5.48 10.70 5.46
CA PRO B 279 5.81 9.65 4.48
C PRO B 279 4.76 9.59 3.39
N GLY B 280 5.20 9.80 2.16
CA GLY B 280 4.34 9.81 1.00
C GLY B 280 5.15 10.12 -0.23
N VAL B 281 4.44 10.21 -1.34
CA VAL B 281 5.02 10.49 -2.65
C VAL B 281 4.34 11.75 -3.15
N TYR B 282 5.14 12.80 -3.38
CA TYR B 282 4.66 14.16 -3.70
C TYR B 282 5.05 14.60 -5.12
N HIS B 283 4.06 14.85 -5.97
CA HIS B 283 4.33 15.42 -7.30
C HIS B 283 4.32 16.93 -7.20
N VAL B 284 5.35 17.58 -7.76
CA VAL B 284 5.35 19.04 -7.91
C VAL B 284 5.28 19.39 -9.42
N ASP B 285 4.67 20.54 -9.69
CA ASP B 285 4.62 21.11 -11.05
C ASP B 285 5.35 22.43 -11.06
N GLN B 286 6.03 22.69 -9.96
CA GLN B 286 6.77 23.93 -9.72
C GLN B 286 7.96 23.44 -8.96
N PRO B 287 9.12 24.06 -9.14
CA PRO B 287 10.13 23.63 -8.15
C PRO B 287 9.77 24.07 -6.73
N ILE B 288 10.09 23.24 -5.77
CA ILE B 288 10.12 23.65 -4.38
C ILE B 288 11.27 24.65 -4.26
N GLU B 289 10.99 25.81 -3.69
CA GLU B 289 11.97 26.88 -3.47
C GLU B 289 12.17 27.13 -2.00
N ILE B 290 13.38 26.90 -1.53
CA ILE B 290 13.75 27.21 -0.16
C ILE B 290 14.72 28.39 -0.19
N ASP B 291 14.18 29.61 0.01
CA ASP B 291 14.99 30.80 -0.05
C ASP B 291 14.81 31.67 1.19
N ARG B 292 14.85 31.01 2.33
CA ARG B 292 14.93 31.64 3.66
C ARG B 292 16.04 30.98 4.46
N ALA B 293 16.90 31.79 5.08
CA ALA B 293 17.98 31.25 5.87
C ALA B 293 17.45 30.33 6.98
N ASN B 294 18.18 29.27 7.28
CA ASN B 294 17.90 28.37 8.41
C ASN B 294 16.65 27.47 8.34
N THR B 295 16.04 27.44 7.18
CA THR B 295 14.90 26.55 6.96
C THR B 295 15.33 25.10 7.05
N VAL B 296 14.60 24.35 7.85
CA VAL B 296 14.69 22.91 7.89
C VAL B 296 13.65 22.32 6.97
N ALA B 297 14.07 21.34 6.16
CA ALA B 297 13.15 20.56 5.34
C ALA B 297 13.47 19.10 5.61
N LEU B 298 12.68 18.52 6.51
CA LEU B 298 12.94 17.19 7.06
C LEU B 298 11.89 16.22 6.53
N GLY B 299 12.34 15.13 5.91
CA GLY B 299 11.44 14.08 5.49
C GLY B 299 11.38 12.92 6.47
N LEU B 300 10.24 12.24 6.49
CA LEU B 300 10.01 11.05 7.28
C LEU B 300 9.66 9.91 6.36
N GLY B 301 10.07 8.71 6.75
CA GLY B 301 9.72 7.50 6.01
C GLY B 301 10.01 7.53 4.52
N LEU B 302 11.16 8.09 4.14
CA LEU B 302 11.58 8.13 2.75
C LEU B 302 10.57 8.85 1.87
N ALA B 303 10.00 9.91 2.44
CA ALA B 303 9.22 10.87 1.71
C ALA B 303 9.91 11.23 0.40
N THR B 304 9.12 11.22 -0.66
CA THR B 304 9.62 11.29 -2.02
C THR B 304 9.01 12.43 -2.83
N ILE B 305 9.87 13.16 -3.55
CA ILE B 305 9.44 14.25 -4.43
C ILE B 305 9.65 13.83 -5.86
N ILE B 306 8.59 13.90 -6.67
CA ILE B 306 8.69 13.66 -8.10
C ILE B 306 8.35 14.94 -8.85
N PRO B 307 9.31 15.48 -9.62
CA PRO B 307 9.00 16.66 -10.46
C PRO B 307 8.36 16.21 -11.77
N ASP B 308 7.11 16.58 -11.96
CA ASP B 308 6.42 16.36 -13.23
C ASP B 308 6.83 17.44 -14.23
N ASN B 309 6.51 17.27 -15.50
CA ASN B 309 6.67 18.36 -16.48
C ASN B 309 8.11 18.91 -16.65
N GLY B 310 9.11 18.11 -16.29
CA GLY B 310 10.51 18.46 -16.52
C GLY B 310 11.05 19.49 -15.57
N VAL B 311 10.31 19.78 -14.49
CA VAL B 311 10.75 20.81 -13.58
C VAL B 311 11.89 20.29 -12.68
N THR B 312 12.65 21.20 -12.10
CA THR B 312 13.56 20.81 -11.03
C THR B 312 12.72 20.60 -9.79
N ALA B 313 13.12 19.66 -8.94
CA ALA B 313 12.36 19.32 -7.73
C ALA B 313 12.57 20.33 -6.60
N LEU B 314 13.82 20.69 -6.36
CA LEU B 314 14.18 21.49 -5.19
C LEU B 314 15.26 22.44 -5.59
N LYS B 315 15.04 23.72 -5.29
CA LYS B 315 16.05 24.75 -5.48
C LYS B 315 16.25 25.47 -4.11
N VAL B 316 17.43 25.29 -3.50
CA VAL B 316 17.81 26.07 -2.30
C VAL B 316 18.53 27.35 -2.74
N GLY B 317 18.19 28.48 -2.12
CA GLY B 317 18.79 29.75 -2.50
C GLY B 317 20.13 30.02 -1.84
N ASP B 318 20.65 31.20 -2.16
CA ASP B 318 21.97 31.68 -1.74
C ASP B 318 22.04 32.08 -0.24
N VAL B 319 21.44 31.25 0.60
CA VAL B 319 21.23 31.55 2.02
C VAL B 319 21.98 30.59 2.94
N ASP B 320 22.32 31.09 4.14
CA ASP B 320 22.93 30.27 5.21
C ASP B 320 21.92 29.24 5.77
N GLY B 321 22.47 28.16 6.30
CA GLY B 321 21.79 27.39 7.33
C GLY B 321 20.64 26.47 6.97
N VAL B 322 20.38 26.29 5.68
CA VAL B 322 19.28 25.41 5.28
C VAL B 322 19.72 23.96 5.49
N LYS B 323 18.79 23.16 6.04
CA LYS B 323 19.05 21.78 6.40
C LYS B 323 18.02 20.90 5.68
N VAL B 324 18.42 20.31 4.56
CA VAL B 324 17.56 19.37 3.84
C VAL B 324 17.94 17.96 4.27
N ALA B 325 16.97 17.17 4.64
CA ALA B 325 17.28 15.86 5.21
C ALA B 325 16.18 14.84 4.98
N GLY B 326 16.59 13.66 4.57
CA GLY B 326 15.68 12.50 4.57
C GLY B 326 14.64 12.44 3.47
N LEU B 327 15.07 12.82 2.27
CA LEU B 327 14.19 12.85 1.11
C LEU B 327 14.76 12.08 -0.06
N LEU B 328 13.85 11.44 -0.81
CA LEU B 328 14.16 10.82 -2.10
C LEU B 328 13.58 11.71 -3.18
N VAL B 329 14.38 12.04 -4.18
CA VAL B 329 13.93 12.78 -5.35
C VAL B 329 13.97 11.76 -6.50
N ASP B 330 12.80 11.52 -7.08
CA ASP B 330 12.61 10.48 -8.08
C ASP B 330 12.28 11.17 -9.41
N ALA B 331 13.14 11.02 -10.42
CA ALA B 331 12.88 11.66 -11.72
C ALA B 331 11.56 11.18 -12.33
N GLY B 332 10.86 12.11 -12.97
CA GLY B 332 9.73 11.76 -13.80
C GLY B 332 10.13 11.44 -15.24
N PRO B 333 9.18 10.95 -16.05
CA PRO B 333 9.38 10.66 -17.47
C PRO B 333 9.92 11.80 -18.31
N VAL B 334 9.39 13.01 -18.08
CA VAL B 334 9.84 14.20 -18.81
C VAL B 334 11.20 14.64 -18.21
N ASN B 335 12.21 14.73 -19.07
CA ASN B 335 13.57 14.98 -18.60
C ASN B 335 13.68 16.29 -17.85
N SER B 336 14.21 16.20 -16.64
CA SER B 336 14.47 17.38 -15.87
C SER B 336 15.88 17.83 -16.10
N GLU B 337 16.01 19.08 -16.48
CA GLU B 337 17.30 19.71 -16.68
C GLU B 337 18.22 19.55 -15.47
N THR B 338 17.66 19.80 -14.27
CA THR B 338 18.32 19.52 -13.00
C THR B 338 17.27 18.95 -12.05
N LEU B 339 17.66 18.11 -11.10
CA LEU B 339 16.74 17.65 -10.06
C LEU B 339 16.82 18.44 -8.72
N VAL B 340 18.03 18.79 -8.28
CA VAL B 340 18.26 19.53 -7.05
C VAL B 340 19.36 20.55 -7.28
N GLU B 341 19.09 21.81 -6.92
CA GLU B 341 20.08 22.87 -7.00
C GLU B 341 20.25 23.51 -5.64
N VAL B 342 21.51 23.58 -5.18
CA VAL B 342 21.86 24.30 -3.96
C VAL B 342 22.62 25.54 -4.35
N GLY B 343 21.93 26.68 -4.24
CA GLY B 343 22.44 27.98 -4.59
C GLY B 343 22.28 28.28 -6.07
N SER B 344 22.44 29.53 -6.45
CA SER B 344 22.35 29.92 -7.87
C SER B 344 23.72 29.71 -8.51
N ASP B 345 23.79 29.47 -9.82
CA ASP B 345 25.12 29.42 -10.46
C ASP B 345 25.70 30.82 -10.46
N GLY B 346 27.00 30.90 -10.15
CA GLY B 346 27.70 32.18 -10.05
C GLY B 346 27.92 32.65 -8.62
N ALA B 347 27.19 32.04 -7.68
CA ALA B 347 27.21 32.49 -6.29
C ALA B 347 28.61 32.53 -5.74
N SER B 348 29.03 33.68 -5.16
CA SER B 348 30.40 33.79 -4.60
C SER B 348 30.48 34.22 -3.11
N GLY B 349 29.38 34.04 -2.38
CA GLY B 349 29.32 34.32 -0.94
C GLY B 349 29.63 33.17 0.04
N ASP B 350 30.26 33.57 1.16
CA ASP B 350 30.74 32.71 2.28
C ASP B 350 29.54 32.23 3.08
N HIS B 351 29.47 30.91 3.37
CA HIS B 351 28.45 30.43 4.32
C HIS B 351 29.15 29.57 5.37
N ALA B 352 30.32 30.01 5.82
CA ALA B 352 31.21 29.14 6.60
C ALA B 352 30.72 28.84 8.03
N ALA B 353 30.22 29.85 8.74
CA ALA B 353 29.82 29.64 10.12
C ALA B 353 28.60 28.72 10.14
N ASN B 354 27.65 28.99 9.22
CA ASN B 354 26.33 28.38 9.21
C ASN B 354 26.03 27.85 7.80
N PRO B 355 26.65 26.72 7.45
CA PRO B 355 26.52 26.13 6.12
C PRO B 355 25.14 25.54 5.84
N THR B 356 24.80 25.47 4.56
CA THR B 356 23.63 24.69 4.10
C THR B 356 24.09 23.25 3.93
N SER B 357 23.19 22.29 4.21
CA SER B 357 23.54 20.89 4.11
C SER B 357 22.45 20.05 3.45
N LEU B 358 22.91 19.01 2.72
CA LEU B 358 22.07 17.91 2.25
C LEU B 358 22.44 16.65 3.04
N GLN B 359 21.46 16.02 3.70
CA GLN B 359 21.71 14.80 4.48
C GLN B 359 20.66 13.72 4.19
N ASP B 360 21.13 12.53 3.86
CA ASP B 360 20.18 11.48 3.51
C ASP B 360 19.24 11.98 2.43
N VAL B 361 19.84 12.64 1.45
CA VAL B 361 19.17 13.03 0.24
C VAL B 361 19.57 12.03 -0.86
N PHE B 362 18.57 11.34 -1.40
CA PHE B 362 18.80 10.29 -2.36
C PHE B 362 18.10 10.72 -3.64
N VAL B 363 18.68 10.33 -4.77
CA VAL B 363 18.11 10.65 -6.06
C VAL B 363 18.04 9.33 -6.84
N ARG B 364 16.91 9.11 -7.50
CA ARG B 364 16.73 7.91 -8.34
C ARG B 364 16.26 8.33 -9.73
N ILE B 365 16.85 7.72 -10.76
CA ILE B 365 16.39 8.00 -12.12
C ILE B 365 16.12 6.68 -12.84
N GLY B 366 14.83 6.41 -13.01
CA GLY B 366 14.34 5.14 -13.51
C GLY B 366 14.15 4.09 -12.43
N GLY B 367 13.66 2.92 -12.83
CA GLY B 367 13.54 1.79 -11.92
C GLY B 367 12.08 1.50 -11.61
N ALA B 368 11.29 2.57 -11.50
CA ALA B 368 9.84 2.46 -11.37
C ALA B 368 9.10 2.89 -12.64
N GLY B 369 9.73 2.73 -13.79
CA GLY B 369 9.26 3.30 -15.03
C GLY B 369 10.07 4.54 -15.32
N PRO B 370 10.13 4.97 -16.60
CA PRO B 370 11.25 5.78 -17.04
C PRO B 370 11.30 7.10 -16.28
N GLY B 371 12.51 7.51 -15.99
CA GLY B 371 12.76 8.83 -15.52
C GLY B 371 13.99 9.27 -16.28
N LYS B 372 14.11 10.56 -16.50
CA LYS B 372 15.27 11.12 -17.17
C LYS B 372 15.62 12.43 -16.48
N ALA B 373 16.91 12.70 -16.34
CA ALA B 373 17.36 14.01 -15.89
C ALA B 373 18.77 14.22 -16.40
N THR B 374 19.08 15.44 -16.78
CA THR B 374 20.40 15.72 -17.34
C THR B 374 21.49 15.75 -16.27
N THR B 375 21.29 16.55 -15.25
CA THR B 375 22.14 16.58 -14.09
C THR B 375 21.27 16.42 -12.84
N SER B 376 21.71 15.58 -11.91
CA SER B 376 20.87 15.31 -10.75
C SER B 376 21.03 16.38 -9.64
N ILE B 377 22.23 16.57 -9.12
CA ILE B 377 22.46 17.58 -8.07
C ILE B 377 23.53 18.56 -8.51
N VAL B 378 23.17 19.86 -8.51
CA VAL B 378 24.14 20.93 -8.71
C VAL B 378 24.33 21.68 -7.42
N VAL B 379 25.59 21.76 -6.97
CA VAL B 379 25.91 22.51 -5.76
C VAL B 379 26.72 23.76 -6.09
N ASN B 380 26.00 24.87 -6.06
CA ASN B 380 26.57 26.18 -6.32
C ASN B 380 27.09 26.85 -5.04
N SER B 381 26.39 26.69 -3.93
CA SER B 381 26.72 27.47 -2.73
C SER B 381 28.02 27.05 -2.08
N ASN B 382 28.85 28.03 -1.76
CA ASN B 382 30.08 27.76 -1.05
C ASN B 382 29.78 27.19 0.34
N ASP B 383 30.73 26.38 0.83
CA ASP B 383 30.70 25.79 2.17
C ASP B 383 29.61 24.72 2.42
N THR B 384 28.94 24.30 1.36
CA THR B 384 27.87 23.31 1.48
C THR B 384 28.42 21.99 1.99
N ILE B 385 27.66 21.33 2.87
CA ILE B 385 27.99 19.97 3.35
C ILE B 385 27.00 19.00 2.68
N ILE B 386 27.55 17.95 2.09
CA ILE B 386 26.79 16.82 1.54
C ILE B 386 27.17 15.64 2.42
N ASP B 387 26.29 15.29 3.37
CA ASP B 387 26.56 14.27 4.39
C ASP B 387 25.58 13.10 4.21
N HIS B 388 26.04 12.12 3.45
CA HIS B 388 25.28 10.97 2.94
C HIS B 388 24.31 11.28 1.81
N THR B 389 24.75 10.98 0.61
CA THR B 389 23.86 11.03 -0.54
C THR B 389 24.07 9.77 -1.38
N TRP B 390 22.99 9.28 -1.97
CA TRP B 390 23.05 8.24 -3.01
C TRP B 390 22.31 8.79 -4.24
N VAL B 391 23.07 8.99 -5.30
CA VAL B 391 22.58 9.56 -6.55
C VAL B 391 22.73 8.43 -7.58
N TRP B 392 21.58 7.86 -7.97
CA TRP B 392 21.50 6.55 -8.62
C TRP B 392 20.68 6.53 -9.90
N ARG B 393 21.37 6.34 -11.03
CA ARG B 393 20.68 6.01 -12.26
C ARG B 393 20.40 4.54 -12.19
N ALA B 394 19.12 4.16 -12.29
CA ALA B 394 18.75 2.78 -12.05
C ALA B 394 19.41 1.78 -13.00
N ASP B 395 19.84 0.65 -12.45
CA ASP B 395 20.41 -0.44 -13.24
C ASP B 395 19.47 -1.62 -13.34
N HIS B 396 18.29 -1.50 -12.76
CA HIS B 396 17.32 -2.59 -12.81
C HIS B 396 15.97 -1.98 -12.53
N GLY B 397 14.94 -2.70 -12.99
CA GLY B 397 13.55 -2.34 -12.73
C GLY B 397 12.79 -1.88 -13.98
N GLU B 398 11.78 -1.06 -13.78
CA GLU B 398 10.93 -0.65 -14.87
C GLU B 398 11.43 0.65 -15.45
N GLY B 399 11.54 0.71 -16.79
CA GLY B 399 11.96 1.96 -17.39
C GLY B 399 13.48 2.13 -17.34
N VAL B 400 14.21 1.09 -17.75
CA VAL B 400 15.68 1.11 -17.68
C VAL B 400 16.38 0.65 -18.96
N GLY B 401 17.22 1.54 -19.46
CA GLY B 401 18.05 1.25 -20.59
C GLY B 401 18.94 2.44 -20.88
N TRP B 402 19.97 2.19 -21.69
CA TRP B 402 20.95 3.23 -22.07
C TRP B 402 20.27 4.52 -22.45
N GLU B 403 19.11 4.38 -23.11
CA GLU B 403 18.30 5.53 -23.52
C GLU B 403 17.17 5.86 -22.56
N THR B 404 16.31 4.87 -22.33
CA THR B 404 15.10 4.99 -21.54
C THR B 404 15.30 5.89 -20.35
N ASN B 405 16.26 5.53 -19.50
CA ASN B 405 16.52 6.28 -18.28
C ASN B 405 17.91 6.95 -18.36
N ARG B 406 18.18 7.53 -19.52
CA ARG B 406 19.37 8.33 -19.72
C ARG B 406 19.47 9.40 -18.63
N ALA B 407 20.63 9.44 -17.98
CA ALA B 407 20.99 10.54 -17.09
C ALA B 407 22.49 10.77 -17.21
N ASP B 408 22.88 11.92 -17.74
CA ASP B 408 24.28 12.08 -18.12
C ASP B 408 25.20 12.34 -16.92
N TYR B 409 24.74 13.17 -15.98
CA TYR B 409 25.59 13.67 -14.91
C TYR B 409 24.94 13.51 -13.55
N GLY B 410 25.71 13.08 -12.56
CA GLY B 410 25.18 12.81 -11.24
C GLY B 410 25.18 14.04 -10.35
N VAL B 411 26.40 14.45 -10.03
CA VAL B 411 26.62 15.63 -9.20
C VAL B 411 27.63 16.53 -9.88
N HIS B 412 27.33 17.83 -9.86
CA HIS B 412 28.26 18.84 -10.29
C HIS B 412 28.44 19.84 -9.18
N VAL B 413 29.63 19.85 -8.58
CA VAL B 413 29.93 20.80 -7.51
C VAL B 413 30.70 21.98 -8.08
N LYS B 414 30.10 23.16 -7.90
CA LYS B 414 30.71 24.38 -8.39
C LYS B 414 31.11 25.31 -7.24
N GLY B 415 30.54 25.09 -6.06
CA GLY B 415 30.89 25.82 -4.85
C GLY B 415 32.26 25.56 -4.22
N ASP B 416 32.76 26.65 -3.70
CA ASP B 416 34.03 26.65 -3.05
C ASP B 416 33.90 26.02 -1.63
N ASN B 417 34.90 25.27 -1.20
CA ASN B 417 34.93 24.77 0.18
C ASN B 417 33.79 23.81 0.51
N VAL B 418 33.36 23.08 -0.49
CA VAL B 418 32.27 22.10 -0.32
C VAL B 418 32.85 20.81 0.24
N LEU B 419 32.15 20.22 1.18
CA LEU B 419 32.60 18.97 1.81
C LEU B 419 31.58 17.89 1.59
N ALA B 420 32.03 16.73 1.11
CA ALA B 420 31.15 15.58 0.94
C ALA B 420 31.67 14.47 1.84
N THR B 421 30.81 13.98 2.71
CA THR B 421 31.12 12.84 3.57
C THR B 421 30.10 11.76 3.20
N GLY B 422 30.58 10.61 2.72
CA GLY B 422 29.68 9.51 2.34
C GLY B 422 28.96 9.79 1.04
N LEU B 423 29.75 9.85 -0.03
CA LEU B 423 29.26 10.17 -1.37
C LEU B 423 29.10 8.86 -2.19
N PHE B 424 27.88 8.53 -2.58
CA PHE B 424 27.59 7.31 -3.39
C PHE B 424 26.88 7.77 -4.70
N VAL B 425 27.48 7.59 -5.85
CA VAL B 425 26.93 8.08 -7.12
C VAL B 425 27.22 7.03 -8.21
N GLU B 426 26.17 6.55 -8.88
CA GLU B 426 26.33 5.38 -9.74
C GLU B 426 25.55 5.45 -11.08
N HIS B 427 26.22 4.99 -12.14
CA HIS B 427 25.63 4.53 -13.41
C HIS B 427 25.32 5.60 -14.45
N PHE B 428 25.81 6.82 -14.25
CA PHE B 428 25.51 7.90 -15.18
C PHE B 428 26.11 7.66 -16.58
N ASN B 429 25.45 8.19 -17.62
CA ASN B 429 25.90 7.96 -18.98
C ASN B 429 27.23 8.69 -19.24
N LYS B 430 27.47 9.76 -18.49
CA LYS B 430 28.71 10.53 -18.60
C LYS B 430 29.38 10.60 -17.22
N TYR B 431 29.84 11.78 -16.77
CA TYR B 431 30.56 11.83 -15.52
C TYR B 431 29.61 11.70 -14.34
N ASP B 432 29.86 10.74 -13.48
CA ASP B 432 28.99 10.59 -12.31
C ASP B 432 29.15 11.82 -11.39
N VAL B 433 30.39 12.21 -11.15
CA VAL B 433 30.69 13.42 -10.37
C VAL B 433 31.67 14.29 -11.12
N GLN B 434 31.37 15.59 -11.20
CA GLN B 434 32.32 16.62 -11.66
C GLN B 434 32.48 17.69 -10.57
N TRP B 435 33.71 18.16 -10.38
CA TRP B 435 34.03 19.15 -9.37
C TRP B 435 34.87 20.30 -9.95
N SER B 436 34.26 21.49 -9.94
CA SER B 436 34.81 22.79 -10.41
C SER B 436 35.13 23.78 -9.29
N GLY B 437 34.37 23.71 -8.22
CA GLY B 437 34.62 24.55 -7.07
C GLY B 437 36.06 24.37 -6.62
N GLU B 438 36.57 25.36 -5.91
CA GLU B 438 37.89 25.27 -5.34
C GLU B 438 37.80 24.69 -3.93
N ASN B 439 38.85 24.00 -3.55
CA ASN B 439 39.02 23.63 -2.13
C ASN B 439 38.01 22.60 -1.70
N GLY B 440 37.60 21.75 -2.63
CA GLY B 440 36.69 20.68 -2.35
C GLY B 440 37.31 19.55 -1.54
N LYS B 441 36.49 18.89 -0.73
CA LYS B 441 36.92 17.68 0.00
C LYS B 441 35.84 16.59 -0.03
N THR B 442 36.26 15.35 -0.33
CA THR B 442 35.38 14.19 -0.28
C THR B 442 36.03 13.15 0.60
N ILE B 443 35.27 12.72 1.61
CA ILE B 443 35.66 11.62 2.49
C ILE B 443 34.65 10.50 2.26
N PHE B 444 35.16 9.43 1.63
CA PHE B 444 34.43 8.27 1.12
C PHE B 444 33.67 8.54 -0.17
N TYR B 445 34.04 7.79 -1.23
CA TYR B 445 33.27 7.80 -2.48
C TYR B 445 33.07 6.35 -2.88
N GLN B 446 31.83 6.02 -3.23
CA GLN B 446 31.50 4.77 -3.87
C GLN B 446 30.80 5.05 -5.21
N ASN B 447 31.37 4.50 -6.28
CA ASN B 447 30.80 4.57 -7.63
C ASN B 447 30.76 3.21 -8.32
N ALA B 448 29.78 3.04 -9.19
CA ALA B 448 29.83 1.99 -10.22
C ALA B 448 29.48 2.68 -11.52
N LYS B 449 30.22 2.33 -12.56
CA LYS B 449 29.97 2.92 -13.87
C LYS B 449 28.77 2.24 -14.57
N ALA B 450 28.14 2.95 -15.52
CA ALA B 450 27.01 2.41 -16.29
C ALA B 450 27.30 1.03 -16.78
N TYR B 451 26.32 0.13 -16.71
CA TYR B 451 26.55 -1.24 -17.18
C TYR B 451 26.16 -1.38 -18.65
N ASP B 452 25.50 -0.32 -19.18
CA ASP B 452 24.79 -0.36 -20.48
C ASP B 452 25.32 0.49 -21.70
N ALA B 453 26.57 0.94 -21.69
CA ALA B 453 27.18 1.47 -22.93
C ALA B 453 27.16 0.40 -24.05
N PRO B 454 26.36 0.60 -25.13
CA PRO B 454 26.28 -0.41 -26.21
C PRO B 454 27.66 -0.90 -26.63
N ASP B 455 28.62 -0.01 -26.51
CA ASP B 455 29.90 -0.23 -27.09
C ASP B 455 30.86 0.89 -26.72
N GLN B 456 32.11 0.74 -27.16
CA GLN B 456 33.14 1.73 -26.90
C GLN B 456 32.78 3.11 -27.48
N ALA B 457 32.37 3.17 -28.74
CA ALA B 457 32.01 4.46 -29.34
C ALA B 457 31.00 5.22 -28.48
N ALA B 458 30.10 4.49 -27.83
CA ALA B 458 29.02 5.11 -27.07
C ALA B 458 29.47 5.93 -25.85
N ILE B 459 30.67 5.66 -25.32
CA ILE B 459 31.19 6.37 -24.16
C ILE B 459 32.51 7.13 -24.49
N GLN B 460 32.74 7.46 -25.77
CA GLN B 460 33.96 8.22 -26.04
C GLN B 460 33.88 9.66 -25.51
N ASN B 461 34.99 10.11 -24.94
CA ASN B 461 35.09 11.39 -24.23
C ASN B 461 36.38 12.02 -24.78
N GLY B 462 36.32 12.46 -26.04
CA GLY B 462 37.51 12.86 -26.78
C GLY B 462 38.46 11.70 -26.99
N ASP B 463 39.70 11.91 -26.54
CA ASP B 463 40.71 10.87 -26.52
C ASP B 463 40.76 10.23 -25.13
N ILE B 464 39.63 10.20 -24.43
CA ILE B 464 39.52 9.34 -23.25
C ILE B 464 38.42 8.29 -23.48
N LYS B 465 38.77 7.03 -23.21
CA LYS B 465 37.76 5.99 -23.27
C LYS B 465 36.92 6.06 -22.01
N GLY B 466 35.65 6.43 -22.19
CA GLY B 466 34.71 6.56 -21.09
C GLY B 466 34.87 7.87 -20.36
N TYR B 467 33.97 8.10 -19.41
CA TYR B 467 33.99 9.31 -18.58
C TYR B 467 34.35 8.90 -17.15
N ALA B 468 35.27 9.63 -16.52
CA ALA B 468 35.59 9.39 -15.13
C ALA B 468 34.34 9.29 -14.27
N ALA B 469 34.42 8.45 -13.25
CA ALA B 469 33.45 8.47 -12.17
C ALA B 469 33.56 9.75 -11.35
N TYR B 470 34.75 10.32 -11.27
CA TYR B 470 34.97 11.48 -10.42
C TYR B 470 36.01 12.34 -11.09
N LYS B 471 35.59 13.52 -11.48
CA LYS B 471 36.38 14.38 -12.32
C LYS B 471 36.46 15.80 -11.84
N VAL B 472 37.67 16.14 -11.41
CA VAL B 472 38.07 17.48 -11.00
C VAL B 472 38.49 18.33 -12.20
N ASP B 473 37.87 19.51 -12.36
CA ASP B 473 38.23 20.47 -13.42
C ASP B 473 39.75 20.72 -13.53
N ASP B 474 40.22 20.86 -14.78
CA ASP B 474 41.57 21.35 -15.12
C ASP B 474 42.05 22.57 -14.37
N SER B 475 41.13 23.44 -14.04
CA SER B 475 41.53 24.70 -13.45
C SER B 475 41.60 24.70 -11.92
N VAL B 476 40.88 23.78 -11.28
CA VAL B 476 40.96 23.65 -9.82
C VAL B 476 42.44 23.63 -9.42
N THR B 477 42.80 24.36 -8.37
CA THR B 477 44.18 24.30 -7.90
C THR B 477 44.22 23.60 -6.56
N THR B 478 43.06 23.53 -5.87
CA THR B 478 42.95 22.96 -4.54
C THR B 478 41.78 21.92 -4.46
N HIS B 479 42.09 20.66 -4.14
CA HIS B 479 41.11 19.58 -3.95
C HIS B 479 41.72 18.45 -3.10
N GLU B 480 40.90 17.73 -2.33
CA GLU B 480 41.43 16.60 -1.56
C GLU B 480 40.37 15.52 -1.34
N GLY B 481 40.70 14.30 -1.75
CA GLY B 481 39.82 13.13 -1.63
C GLY B 481 40.45 11.94 -0.92
N TRP B 482 39.65 11.23 -0.12
CA TRP B 482 40.12 10.13 0.71
C TRP B 482 39.17 8.92 0.59
N GLY B 483 39.70 7.74 0.27
CA GLY B 483 38.91 6.51 0.37
C GLY B 483 37.83 6.44 -0.71
N MET B 484 38.27 6.25 -1.94
CA MET B 484 37.39 6.45 -3.09
C MET B 484 37.51 5.28 -4.08
N GLY B 485 36.36 4.66 -4.45
CA GLY B 485 36.40 3.50 -5.34
C GLY B 485 35.39 3.61 -6.48
N SER B 486 35.79 3.12 -7.65
CA SER B 486 34.89 3.03 -8.82
C SER B 486 34.94 1.61 -9.33
N TYR B 487 33.77 1.01 -9.51
CA TYR B 487 33.70 -0.35 -10.04
C TYR B 487 33.00 -0.40 -11.39
N CYS B 488 33.34 -1.41 -12.21
CA CYS B 488 32.63 -1.59 -13.47
C CYS B 488 32.04 -2.98 -13.60
N TYR B 489 30.98 -3.03 -14.42
CA TYR B 489 30.25 -4.27 -14.71
C TYR B 489 29.58 -4.09 -16.07
N PHE B 490 30.39 -4.14 -17.12
CA PHE B 490 29.90 -3.79 -18.46
C PHE B 490 29.30 -5.06 -19.09
N ASN B 491 28.10 -5.43 -18.64
CA ASN B 491 27.57 -6.71 -19.13
C ASN B 491 27.00 -6.63 -20.52
N VAL B 492 26.53 -5.47 -20.95
CA VAL B 492 26.07 -5.32 -22.34
C VAL B 492 27.23 -5.58 -23.31
N ASN B 493 28.38 -4.98 -23.05
CA ASN B 493 29.57 -5.25 -23.86
C ASN B 493 30.83 -5.37 -22.98
N PRO B 494 31.14 -6.62 -22.55
CA PRO B 494 32.29 -6.86 -21.68
C PRO B 494 33.65 -6.54 -22.36
N ASP B 495 33.65 -6.20 -23.64
CA ASP B 495 34.89 -5.82 -24.34
C ASP B 495 35.28 -4.37 -24.05
N ILE B 496 34.36 -3.61 -23.45
CA ILE B 496 34.62 -2.20 -23.17
C ILE B 496 35.82 -2.00 -22.25
N ARG B 497 36.53 -0.89 -22.48
CA ARG B 497 37.57 -0.40 -21.61
C ARG B 497 37.17 0.95 -21.05
N GLN B 498 37.36 1.12 -19.74
CA GLN B 498 37.18 2.39 -19.01
C GLN B 498 38.58 2.92 -18.72
N GLN B 499 38.98 4.09 -19.23
CA GLN B 499 40.38 4.49 -19.07
C GLN B 499 40.75 4.67 -17.59
N HIS B 500 39.84 5.24 -16.81
CA HIS B 500 40.13 5.49 -15.40
C HIS B 500 38.87 5.70 -14.58
N GLY B 501 39.01 5.57 -13.25
CA GLY B 501 37.92 5.91 -12.35
C GLY B 501 37.91 7.39 -12.03
N PHE B 502 39.12 7.98 -12.05
CA PHE B 502 39.36 9.35 -11.56
C PHE B 502 40.15 10.16 -12.57
N GLN B 503 39.73 11.41 -12.75
CA GLN B 503 40.39 12.35 -13.68
C GLN B 503 40.60 13.68 -12.98
N ALA B 504 41.84 14.18 -13.01
CA ALA B 504 42.17 15.43 -12.29
C ALA B 504 43.44 16.08 -12.82
N PRO B 505 43.58 17.39 -12.68
CA PRO B 505 44.87 17.96 -13.02
C PRO B 505 45.97 17.55 -12.06
N VAL B 506 47.17 17.52 -12.61
CA VAL B 506 48.35 17.21 -11.84
C VAL B 506 48.90 18.54 -11.32
N LYS B 507 48.66 18.80 -10.03
CA LYS B 507 49.05 20.04 -9.36
C LYS B 507 49.36 19.71 -7.91
N PRO B 508 50.13 20.56 -7.22
CA PRO B 508 50.44 20.11 -5.85
C PRO B 508 49.29 20.25 -4.85
N GLY B 509 48.38 21.17 -5.13
CA GLY B 509 47.20 21.38 -4.30
C GLY B 509 45.99 20.50 -4.65
N VAL B 510 46.16 19.56 -5.58
CA VAL B 510 45.11 18.56 -5.89
C VAL B 510 45.70 17.22 -5.49
N LYS B 511 45.01 16.52 -4.59
CA LYS B 511 45.60 15.36 -3.89
C LYS B 511 44.55 14.28 -3.66
N PHE B 512 44.93 13.01 -3.82
CA PHE B 512 44.05 11.88 -3.56
C PHE B 512 44.77 10.89 -2.68
N HIS B 513 44.01 10.33 -1.75
CA HIS B 513 44.49 9.26 -0.88
C HIS B 513 43.59 8.02 -0.99
N ASP B 514 44.19 6.85 -1.21
CA ASP B 514 43.49 5.56 -1.12
C ASP B 514 42.40 5.48 -2.18
N LEU B 515 42.84 5.34 -3.43
CA LEU B 515 41.96 5.18 -4.59
C LEU B 515 41.96 3.75 -5.05
N LEU B 516 40.81 3.29 -5.53
CA LEU B 516 40.74 1.97 -6.12
C LEU B 516 39.76 1.89 -7.28
N VAL B 517 40.08 1.02 -8.23
CA VAL B 517 39.10 0.59 -9.22
C VAL B 517 38.98 -0.94 -9.25
N VAL B 518 37.82 -1.44 -9.66
CA VAL B 518 37.59 -2.88 -9.66
C VAL B 518 36.63 -3.28 -10.74
N SER B 519 37.01 -4.35 -11.43
CA SER B 519 36.16 -4.97 -12.43
C SER B 519 35.38 -6.11 -11.79
N LEU B 520 34.06 -6.01 -11.84
CA LEU B 520 33.25 -7.10 -11.35
C LEU B 520 33.24 -8.27 -12.33
N GLY B 521 34.04 -9.25 -11.98
CA GLY B 521 34.17 -10.50 -12.71
C GLY B 521 34.59 -10.38 -14.18
N GLY B 522 35.32 -9.34 -14.52
CA GLY B 522 35.88 -9.19 -15.85
C GLY B 522 34.93 -8.70 -16.91
N LYS B 523 33.80 -8.11 -16.52
CA LYS B 523 32.91 -7.51 -17.48
C LYS B 523 33.37 -6.05 -17.68
N GLY B 524 34.21 -5.89 -18.69
CA GLY B 524 34.99 -4.71 -18.87
C GLY B 524 36.24 -4.71 -17.99
N GLN B 525 37.15 -3.79 -18.29
CA GLN B 525 38.31 -3.52 -17.48
C GLN B 525 38.62 -2.03 -17.46
N TYR B 526 39.24 -1.60 -16.37
CA TYR B 526 39.90 -0.28 -16.30
C TYR B 526 41.33 -0.33 -16.85
N GLU B 527 41.72 0.68 -17.61
CA GLU B 527 43.10 0.85 -18.05
C GLU B 527 44.04 1.37 -16.96
N HIS B 528 43.49 2.21 -16.08
CA HIS B 528 44.26 2.86 -15.01
C HIS B 528 43.29 3.21 -13.86
N VAL B 529 43.84 3.73 -12.77
CA VAL B 529 43.00 4.14 -11.63
C VAL B 529 42.62 5.61 -11.79
N ILE B 530 43.64 6.44 -11.97
CA ILE B 530 43.47 7.88 -12.13
C ILE B 530 44.33 8.42 -13.28
N ASN B 531 43.75 9.22 -14.16
CA ASN B 531 44.46 9.72 -15.33
C ASN B 531 45.12 8.54 -16.05
N ASP B 532 46.46 8.54 -16.17
CA ASP B 532 47.19 7.36 -16.69
C ASP B 532 48.05 6.70 -15.61
N ILE B 533 47.62 6.83 -14.37
CA ILE B 533 48.38 6.40 -13.21
C ILE B 533 47.64 5.20 -12.62
N GLY B 534 48.41 4.19 -12.26
CA GLY B 534 47.85 3.00 -11.69
C GLY B 534 47.64 1.89 -12.70
N ASP B 535 47.76 0.68 -12.19
CA ASP B 535 47.71 -0.50 -13.05
C ASP B 535 46.29 -0.73 -13.58
N PRO B 536 46.18 -1.35 -14.77
CA PRO B 536 44.83 -1.76 -15.22
C PRO B 536 44.29 -2.86 -14.34
N THR B 537 42.98 -3.05 -14.34
CA THR B 537 42.44 -4.30 -13.79
C THR B 537 42.67 -5.39 -14.84
N SER B 538 42.88 -6.62 -14.39
CA SER B 538 42.93 -7.76 -15.30
C SER B 538 42.46 -9.02 -14.58
N GLY B 539 42.37 -10.13 -15.29
CA GLY B 539 41.71 -11.33 -14.75
C GLY B 539 40.20 -11.17 -14.67
N ASP B 540 39.52 -12.21 -14.19
CA ASP B 540 38.07 -12.20 -13.94
C ASP B 540 37.79 -12.44 -12.44
N THR B 541 38.77 -12.06 -11.63
CA THR B 541 38.85 -12.42 -10.21
C THR B 541 38.43 -11.32 -9.24
N THR B 542 38.11 -10.15 -9.76
CA THR B 542 37.52 -9.09 -8.93
C THR B 542 38.56 -8.64 -7.90
N ILE B 543 39.76 -8.43 -8.37
CA ILE B 543 40.85 -7.88 -7.57
C ILE B 543 41.02 -6.39 -7.84
N PRO B 544 40.91 -5.54 -6.81
CA PRO B 544 41.05 -4.10 -7.09
C PRO B 544 42.46 -3.68 -7.51
N SER B 545 42.55 -2.61 -8.32
CA SER B 545 43.78 -1.89 -8.59
C SER B 545 43.78 -0.63 -7.76
N GLN B 546 44.82 -0.48 -6.93
CA GLN B 546 44.81 0.49 -5.85
C GLN B 546 45.89 1.53 -6.11
N VAL B 547 45.67 2.74 -5.60
CA VAL B 547 46.67 3.81 -5.63
C VAL B 547 46.64 4.60 -4.33
N VAL B 548 47.81 4.74 -3.70
CA VAL B 548 47.83 5.19 -2.32
C VAL B 548 47.89 6.70 -2.20
N SER B 549 48.71 7.30 -3.05
CA SER B 549 49.01 8.72 -2.93
C SER B 549 49.19 9.31 -4.34
N PHE B 550 48.37 10.27 -4.65
CA PHE B 550 48.44 10.91 -5.94
C PHE B 550 48.26 12.42 -5.74
N PRO B 551 49.01 13.22 -6.50
CA PRO B 551 50.00 12.81 -7.50
C PRO B 551 51.36 12.82 -6.86
C1 EDO C . -38.46 -12.38 -9.31
O1 EDO C . -37.76 -12.91 -8.15
C2 EDO C . -38.82 -10.89 -9.19
O2 EDO C . -37.76 -10.18 -8.58
H11 EDO C . -39.37 -12.96 -9.48
H12 EDO C . -37.82 -12.49 -10.17
HO1 EDO C . -37.58 -13.85 -8.29
H21 EDO C . -39.75 -10.76 -8.62
H22 EDO C . -38.99 -10.49 -10.19
HO2 EDO C . -38.00 -9.24 -8.54
C1 EDO D . -15.64 -12.56 -21.99
O1 EDO D . -14.35 -11.89 -22.09
C2 EDO D . -16.76 -11.50 -22.01
O2 EDO D . -16.53 -10.55 -21.00
H11 EDO D . -15.70 -13.14 -21.06
H12 EDO D . -15.76 -13.25 -22.82
HO1 EDO D . -13.66 -12.56 -22.25
H21 EDO D . -17.73 -11.98 -21.85
H22 EDO D . -16.78 -11.01 -22.98
HO2 EDO D . -17.02 -9.73 -21.17
C2 BGC E . 25.14 -1.58 -6.95
C3 BGC E . 23.77 -0.92 -7.16
C4 BGC E . 22.87 -1.97 -7.89
C5 BGC E . 22.71 -3.28 -7.10
C6 BGC E . 21.91 -4.31 -7.91
C1 BGC E . 24.80 -2.79 -6.05
O1 BGC E . 25.90 -3.47 -5.52
O2 BGC E . 26.17 -0.69 -6.42
O3 BGC E . 23.78 0.31 -7.88
O4 BGC E . 21.57 -1.42 -8.15
O5 BGC E . 24.03 -3.73 -6.80
O6 BGC E . 21.94 -5.58 -7.30
H2 BGC E . 25.46 -1.96 -7.92
H3 BGC E . 23.12 -1.62 -7.65
H4 BGC E . 23.34 -2.28 -8.84
H5 BGC E . 22.13 -3.05 -6.21
H61 BGC E . 22.33 -4.41 -8.91
H62 BGC E . 20.89 -3.96 -8.01
H1 BGC E . 24.19 -2.42 -5.21
HO1 BGC E . 26.72 -2.98 -5.74
HO2 BGC E . 26.46 -1.03 -5.55
HO3 BGC E . 24.70 0.46 -8.20
HO4 BGC E . 21.58 -0.47 -7.96
HO6 BGC E . 22.43 -5.54 -6.46
C1 EDO F . 7.46 6.49 -6.21
O1 EDO F . 8.65 7.22 -5.89
C2 EDO F . 7.41 5.16 -5.48
O2 EDO F . 8.66 4.50 -5.39
H11 EDO F . 7.40 6.31 -7.28
H12 EDO F . 6.58 7.07 -5.91
HO1 EDO F . 8.76 7.96 -6.50
H21 EDO F . 6.70 4.50 -5.97
H22 EDO F . 7.06 5.35 -4.46
HO2 EDO F . 8.64 3.84 -4.68
C1 EDO G . 31.20 4.98 -19.02
O1 EDO G . 32.38 5.74 -18.85
C2 EDO G . 30.04 5.97 -19.17
O2 EDO G . 29.82 6.76 -18.01
H11 EDO G . 31.04 4.33 -18.16
H12 EDO G . 31.28 4.37 -19.91
HO1 EDO G . 33.04 5.19 -18.43
H21 EDO G . 29.13 5.41 -19.40
H22 EDO G . 30.26 6.64 -20.00
HO2 EDO G . 28.88 6.99 -17.97
C1 EDO H . 49.52 5.67 3.33
O1 EDO H . 48.63 6.22 4.33
C2 EDO H . 49.22 4.18 3.10
O2 EDO H . 48.25 3.67 4.03
H11 EDO H . 50.56 5.78 3.64
H12 EDO H . 49.39 6.20 2.39
HO1 EDO H . 49.04 7.00 4.72
H21 EDO H . 50.14 3.60 3.20
H22 EDO H . 48.81 4.03 2.09
HO2 EDO H . 48.35 2.72 4.11
N VAL A 4 -46.72 10.59 3.15
CA VAL A 4 -46.01 11.55 3.98
C VAL A 4 -45.88 10.93 5.33
N VAL A 5 -46.75 9.95 5.57
CA VAL A 5 -46.95 9.53 6.92
C VAL A 5 -46.02 8.38 7.22
N GLY A 6 -45.02 8.69 8.04
CA GLY A 6 -44.13 7.73 8.64
C GLY A 6 -44.86 6.58 9.29
N GLY A 7 -44.07 5.56 9.62
CA GLY A 7 -44.50 4.39 10.36
C GLY A 7 -45.78 3.64 10.04
N GLY A 8 -46.02 3.12 8.85
CA GLY A 8 -47.12 2.09 8.72
C GLY A 8 -47.05 0.88 9.71
N ASP A 9 -47.64 -0.28 9.41
CA ASP A 9 -47.11 -1.54 10.00
C ASP A 9 -46.41 -2.30 8.91
N LEU A 10 -45.76 -3.41 9.28
CA LEU A 10 -44.74 -3.99 8.40
C LEU A 10 -45.30 -4.94 7.29
N GLY A 11 -46.47 -5.57 7.53
CA GLY A 11 -47.17 -6.41 6.54
C GLY A 11 -47.21 -7.91 6.80
N PRO A 12 -47.93 -8.68 5.95
CA PRO A 12 -48.05 -10.13 6.16
C PRO A 12 -46.76 -10.84 5.86
N ASN A 13 -45.77 -10.15 5.29
CA ASN A 13 -44.50 -10.81 4.98
C ASN A 13 -43.37 -10.46 5.93
N VAL A 14 -43.64 -9.63 6.93
CA VAL A 14 -42.75 -9.54 8.09
C VAL A 14 -43.38 -10.32 9.25
N LEU A 15 -42.75 -11.44 9.57
CA LEU A 15 -43.23 -12.28 10.67
C LEU A 15 -42.42 -11.91 11.93
N VAL A 16 -43.09 -11.49 12.99
CA VAL A 16 -42.46 -11.12 14.26
C VAL A 16 -42.87 -12.12 15.36
N PHE A 17 -41.86 -12.73 15.97
CA PHE A 17 -42.03 -13.75 16.99
C PHE A 17 -41.58 -13.23 18.37
N ASP A 18 -42.39 -13.55 19.40
CA ASP A 18 -42.07 -13.61 20.86
C ASP A 18 -41.52 -14.95 21.24
N PRO A 19 -40.78 -15.04 22.37
CA PRO A 19 -40.53 -16.39 22.90
C PRO A 19 -41.79 -17.25 23.03
N SER A 20 -42.92 -16.58 23.29
CA SER A 20 -44.20 -17.22 23.59
C SER A 20 -45.12 -17.44 22.41
N THR A 21 -44.72 -17.07 21.19
CA THR A 21 -45.63 -17.21 20.06
C THR A 21 -45.85 -18.69 19.88
N PRO A 22 -47.11 -19.10 19.61
CA PRO A 22 -47.30 -20.53 19.40
C PRO A 22 -46.68 -21.03 18.09
N ASP A 23 -46.10 -22.22 18.15
CA ASP A 23 -45.75 -23.00 16.97
C ASP A 23 -44.65 -22.37 16.11
N ILE A 24 -43.57 -21.90 16.71
CA ILE A 24 -42.60 -21.22 15.87
C ILE A 24 -41.82 -22.14 14.93
N GLN A 25 -41.44 -23.33 15.37
CA GLN A 25 -40.78 -24.28 14.46
C GLN A 25 -41.68 -24.60 13.26
N GLY A 26 -42.96 -24.82 13.53
CA GLY A 26 -43.92 -25.07 12.46
C GLY A 26 -43.99 -23.93 11.49
N LYS A 27 -43.98 -22.72 12.00
CA LYS A 27 -44.07 -21.53 11.16
C LYS A 27 -42.84 -21.35 10.27
N VAL A 28 -41.68 -21.27 10.90
CA VAL A 28 -40.43 -21.02 10.17
C VAL A 28 -40.23 -22.14 9.16
N ASP A 29 -40.68 -23.36 9.50
CA ASP A 29 -40.67 -24.47 8.53
C ASP A 29 -41.74 -24.34 7.43
N GLU A 30 -42.87 -23.66 7.71
CA GLU A 30 -43.84 -23.41 6.63
C GLU A 30 -43.20 -22.50 5.55
N VAL A 31 -42.57 -21.41 5.98
CA VAL A 31 -41.93 -20.53 5.01
C VAL A 31 -40.86 -21.34 4.26
N PHE A 32 -40.17 -22.22 4.98
CA PHE A 32 -39.04 -22.94 4.35
C PHE A 32 -39.51 -23.84 3.19
N ARG A 33 -40.50 -24.69 3.46
CA ARG A 33 -41.03 -25.60 2.45
C ARG A 33 -41.43 -24.81 1.20
N LYS A 34 -41.89 -23.58 1.39
CA LYS A 34 -42.23 -22.71 0.26
C LYS A 34 -40.96 -22.27 -0.46
N GLN A 35 -40.04 -21.68 0.30
CA GLN A 35 -38.92 -20.92 -0.22
C GLN A 35 -37.70 -21.78 -0.59
N GLU A 36 -37.71 -23.03 -0.16
CA GLU A 36 -36.59 -23.93 -0.33
C GLU A 36 -35.99 -23.96 -1.74
N SER A 37 -36.82 -24.29 -2.72
CA SER A 37 -36.38 -24.27 -4.12
C SER A 37 -37.09 -23.20 -4.92
N ASN A 38 -37.55 -22.17 -4.24
CA ASN A 38 -38.25 -21.08 -4.91
C ASN A 38 -37.31 -20.01 -5.44
N GLN A 39 -36.43 -20.44 -6.31
CA GLN A 39 -35.28 -19.62 -6.60
C GLN A 39 -35.56 -18.36 -7.41
N PHE A 40 -36.59 -18.41 -8.27
CA PHE A 40 -36.97 -17.25 -9.10
C PHE A 40 -38.39 -16.75 -8.84
N GLY A 41 -39.02 -17.22 -7.76
CA GLY A 41 -40.37 -16.77 -7.39
C GLY A 41 -40.42 -15.34 -6.83
N THR A 42 -41.66 -14.89 -6.57
CA THR A 42 -41.88 -13.53 -6.14
C THR A 42 -42.21 -13.45 -4.65
N ASP A 43 -42.28 -14.59 -3.97
CA ASP A 43 -42.41 -14.64 -2.51
C ASP A 43 -41.17 -14.00 -1.82
N ARG A 44 -41.42 -13.23 -0.77
CA ARG A 44 -40.37 -12.56 0.04
C ARG A 44 -40.74 -12.58 1.53
N TYR A 45 -39.80 -12.94 2.42
CA TYR A 45 -40.11 -13.02 3.87
C TYR A 45 -38.99 -12.53 4.76
N ALA A 46 -39.36 -11.82 5.82
CA ALA A 46 -38.44 -11.47 6.90
C ALA A 46 -38.99 -12.09 8.18
N LEU A 47 -38.14 -12.84 8.86
CA LEU A 47 -38.49 -13.55 10.12
C LEU A 47 -37.82 -12.90 11.32
N MET A 48 -38.50 -11.97 12.01
CA MET A 48 -37.82 -11.14 13.00
C MET A 48 -38.16 -11.65 14.41
N PHE A 49 -37.16 -11.70 15.26
CA PHE A 49 -37.28 -12.28 16.59
C PHE A 49 -37.04 -11.25 17.68
N LYS A 50 -38.03 -11.06 18.56
CA LYS A 50 -37.88 -10.09 19.65
C LYS A 50 -36.85 -10.58 20.67
N PRO A 51 -36.21 -9.66 21.40
CA PRO A 51 -35.21 -10.09 22.37
C PRO A 51 -35.76 -11.14 23.32
N GLY A 52 -34.88 -12.02 23.72
CA GLY A 52 -35.24 -13.20 24.48
C GLY A 52 -34.40 -14.40 24.09
N THR A 53 -34.74 -15.50 24.73
CA THR A 53 -34.03 -16.74 24.56
C THR A 53 -35.12 -17.63 23.98
N TYR A 54 -34.79 -18.36 22.89
CA TYR A 54 -35.72 -19.26 22.21
C TYR A 54 -35.12 -20.65 22.30
N ASN A 55 -35.94 -21.63 22.71
CA ASN A 55 -35.50 -23.04 22.71
C ASN A 55 -36.16 -23.93 21.66
N ASP A 56 -35.46 -24.99 21.25
CA ASP A 56 -35.99 -25.96 20.31
C ASP A 56 -36.36 -25.32 18.97
N ILE A 57 -35.39 -24.62 18.38
CA ILE A 57 -35.56 -23.98 17.07
C ILE A 57 -34.44 -24.39 16.09
N ASN A 58 -34.82 -24.85 14.89
CA ASN A 58 -33.89 -24.97 13.79
C ASN A 58 -34.51 -24.23 12.63
N ALA A 59 -34.07 -22.98 12.49
CA ALA A 59 -34.58 -22.06 11.48
C ALA A 59 -33.91 -22.38 10.17
N GLN A 60 -34.62 -23.12 9.33
CA GLN A 60 -34.10 -23.50 8.02
C GLN A 60 -34.42 -22.35 7.04
N ILE A 61 -33.40 -21.83 6.35
CA ILE A 61 -33.50 -20.62 5.55
C ILE A 61 -33.43 -20.90 4.03
N GLY A 62 -34.53 -20.63 3.33
CA GLY A 62 -34.60 -20.82 1.90
C GLY A 62 -34.35 -19.55 1.13
N PHE A 63 -34.72 -19.56 -0.14
CA PHE A 63 -34.59 -18.36 -0.95
C PHE A 63 -35.39 -17.19 -0.39
N TYR A 64 -34.90 -15.98 -0.64
CA TYR A 64 -35.58 -14.74 -0.34
C TYR A 64 -36.16 -14.72 1.08
N THR A 65 -35.35 -15.22 2.00
CA THR A 65 -35.70 -15.21 3.42
C THR A 65 -34.59 -14.55 4.20
N SER A 66 -34.95 -13.53 4.99
CA SER A 66 -34.03 -12.91 5.95
C SER A 66 -34.51 -13.26 7.36
N ILE A 67 -33.56 -13.50 8.25
CA ILE A 67 -33.88 -13.75 9.66
C ILE A 67 -33.00 -12.79 10.47
N ALA A 68 -33.60 -12.16 11.46
CA ALA A 68 -32.85 -11.25 12.31
C ALA A 68 -33.40 -11.14 13.70
N GLY A 69 -32.50 -10.87 14.64
CA GLY A 69 -32.92 -10.46 15.97
C GLY A 69 -33.26 -8.99 16.00
N LEU A 70 -33.97 -8.60 17.06
CA LEU A 70 -34.41 -7.22 17.24
C LEU A 70 -33.72 -6.59 18.44
N GLY A 71 -32.53 -7.09 18.76
CA GLY A 71 -31.81 -6.64 19.90
C GLY A 71 -31.39 -5.22 19.72
N LEU A 72 -30.31 -4.98 18.99
CA LEU A 72 -29.38 -3.88 19.40
C LEU A 72 -28.12 -4.49 19.83
N ASN A 73 -28.23 -5.59 20.57
CA ASN A 73 -27.05 -6.45 20.67
C ASN A 73 -27.41 -7.87 20.27
N PRO A 74 -26.48 -8.55 19.55
CA PRO A 74 -26.70 -9.93 19.12
C PRO A 74 -27.22 -10.83 20.22
N ASP A 75 -26.58 -10.80 21.40
CA ASP A 75 -26.90 -11.81 22.40
C ASP A 75 -28.23 -11.52 23.15
N ASP A 76 -28.89 -10.40 22.85
CA ASP A 76 -30.24 -10.18 23.42
C ASP A 76 -31.27 -11.15 22.85
N THR A 77 -30.94 -11.72 21.69
CA THR A 77 -31.83 -12.62 20.97
C THR A 77 -31.03 -13.91 20.68
N THR A 78 -31.27 -14.91 21.52
CA THR A 78 -30.46 -16.12 21.57
C THR A 78 -31.29 -17.32 21.18
N PHE A 79 -30.81 -18.07 20.20
CA PHE A 79 -31.39 -19.35 19.82
C PHE A 79 -30.53 -20.44 20.42
N ASN A 80 -31.15 -21.27 21.23
CA ASN A 80 -30.58 -22.56 21.58
C ASN A 80 -31.18 -23.46 20.55
N GLY A 81 -30.38 -23.76 19.55
CA GLY A 81 -30.87 -24.09 18.21
C GLY A 81 -30.13 -23.32 17.11
N ASP A 82 -30.47 -23.62 15.86
CA ASP A 82 -29.67 -23.29 14.68
C ASP A 82 -30.38 -22.38 13.65
N VAL A 83 -29.59 -21.65 12.88
CA VAL A 83 -30.05 -20.94 11.69
C VAL A 83 -29.28 -21.54 10.51
N THR A 84 -29.98 -22.28 9.67
CA THR A 84 -29.36 -23.30 8.83
C THR A 84 -29.63 -23.14 7.34
N VAL A 85 -28.56 -23.25 6.54
CA VAL A 85 -28.69 -23.39 5.10
C VAL A 85 -27.97 -24.67 4.65
N ASP A 86 -28.71 -25.51 3.95
CA ASP A 86 -28.17 -26.73 3.34
C ASP A 86 -28.59 -26.83 1.86
N ALA A 87 -28.19 -27.91 1.19
CA ALA A 87 -28.35 -28.00 -0.27
C ALA A 87 -29.06 -29.28 -0.75
N GLY A 88 -29.89 -29.87 0.11
CA GLY A 88 -30.52 -31.12 -0.28
C GLY A 88 -31.39 -30.95 -1.55
N TRP A 89 -31.94 -29.75 -1.73
CA TRP A 89 -32.78 -29.50 -2.89
C TRP A 89 -31.98 -29.53 -4.19
N PHE A 90 -30.66 -29.34 -4.07
CA PHE A 90 -29.73 -29.54 -5.16
C PHE A 90 -28.75 -30.71 -4.84
N ASP A 91 -29.30 -31.73 -4.18
CA ASP A 91 -28.62 -33.02 -4.03
C ASP A 91 -27.24 -32.90 -3.34
N GLY A 92 -27.23 -32.12 -2.25
CA GLY A 92 -26.02 -31.88 -1.48
C GLY A 92 -25.10 -30.89 -2.19
N ASN A 93 -25.54 -30.29 -3.30
CA ASN A 93 -24.70 -29.23 -3.92
C ASN A 93 -25.21 -27.79 -3.69
N ALA A 94 -24.35 -27.00 -3.02
CA ALA A 94 -24.72 -25.71 -2.44
C ALA A 94 -24.47 -24.46 -3.30
N THR A 95 -24.24 -24.66 -4.61
CA THR A 95 -23.76 -23.63 -5.52
C THR A 95 -24.84 -22.66 -6.03
N GLN A 96 -26.10 -23.00 -5.75
CA GLN A 96 -27.22 -22.08 -6.07
C GLN A 96 -27.97 -21.55 -4.85
N ASN A 97 -27.34 -21.58 -3.67
CA ASN A 97 -28.01 -21.09 -2.46
C ASN A 97 -27.79 -19.58 -2.32
N PHE A 98 -28.61 -18.82 -3.03
CA PHE A 98 -28.51 -17.37 -3.08
C PHE A 98 -29.61 -16.63 -2.30
N TRP A 99 -29.41 -15.33 -2.15
CA TRP A 99 -30.46 -14.34 -1.81
C TRP A 99 -31.17 -14.68 -0.50
N ARG A 100 -30.42 -14.65 0.58
CA ARG A 100 -30.98 -14.87 1.91
C ARG A 100 -30.05 -14.25 2.92
N SER A 101 -30.44 -14.15 4.19
CA SER A 101 -29.57 -13.40 5.12
C SER A 101 -29.87 -13.73 6.58
N ALA A 102 -28.86 -13.62 7.41
CA ALA A 102 -29.01 -13.78 8.87
C ALA A 102 -28.27 -12.64 9.55
N GLU A 103 -28.91 -12.02 10.53
CA GLU A 103 -28.19 -11.02 11.30
C GLU A 103 -28.70 -10.82 12.72
N ASN A 104 -27.78 -10.38 13.56
CA ASN A 104 -28.13 -9.85 14.91
C ASN A 104 -28.80 -10.87 15.84
N LEU A 105 -28.22 -12.05 15.83
CA LEU A 105 -28.61 -13.18 16.68
C LEU A 105 -27.42 -13.84 17.32
N ALA A 106 -27.64 -14.38 18.51
CA ALA A 106 -26.72 -15.37 19.10
C ALA A 106 -27.26 -16.79 18.86
N LEU A 107 -26.38 -17.69 18.45
CA LEU A 107 -26.71 -19.10 18.18
C LEU A 107 -25.89 -20.02 19.11
N ASN A 108 -26.62 -20.96 19.71
CA ASN A 108 -26.05 -22.06 20.50
C ASN A 108 -26.46 -23.36 19.81
N PRO A 109 -25.71 -23.75 18.77
CA PRO A 109 -26.25 -24.79 17.87
C PRO A 109 -26.26 -26.18 18.51
N VAL A 110 -27.35 -26.92 18.34
CA VAL A 110 -27.73 -28.04 19.24
C VAL A 110 -26.66 -29.08 19.58
N ASN A 111 -25.90 -29.36 18.52
CA ASN A 111 -24.80 -30.31 18.54
C ASN A 111 -23.44 -29.67 18.23
N GLY A 112 -23.22 -28.39 18.57
CA GLY A 112 -21.88 -27.84 18.57
C GLY A 112 -21.56 -26.87 17.43
N THR A 113 -22.05 -27.16 16.24
CA THR A 113 -21.77 -26.33 15.09
C THR A 113 -23.06 -25.98 14.37
N ASN A 114 -22.99 -24.86 13.65
CA ASN A 114 -24.10 -24.33 12.86
C ASN A 114 -23.66 -24.37 11.42
N ARG A 115 -24.57 -24.77 10.53
CA ARG A 115 -24.28 -24.84 9.11
C ARG A 115 -24.92 -23.70 8.31
N TRP A 116 -24.09 -22.88 7.64
CA TRP A 116 -24.54 -21.82 6.71
C TRP A 116 -23.86 -22.12 5.35
N ALA A 117 -24.36 -23.12 4.62
CA ALA A 117 -23.74 -23.56 3.38
C ALA A 117 -24.34 -22.82 2.20
N VAL A 118 -23.84 -21.62 1.97
CA VAL A 118 -24.40 -20.69 1.00
C VAL A 118 -23.42 -20.38 -0.13
N SER A 119 -23.95 -19.83 -1.23
CA SER A 119 -23.11 -19.18 -2.23
C SER A 119 -23.37 -17.68 -2.16
N GLN A 120 -23.52 -17.01 -3.30
CA GLN A 120 -23.51 -15.56 -3.33
C GLN A 120 -24.79 -14.88 -2.80
N ALA A 121 -24.63 -13.64 -2.36
CA ALA A 121 -25.72 -12.83 -1.82
C ALA A 121 -26.44 -13.49 -0.64
N ALA A 122 -25.63 -14.03 0.27
CA ALA A 122 -26.14 -14.64 1.46
C ALA A 122 -25.40 -14.15 2.71
N PRO A 123 -25.57 -12.86 3.05
CA PRO A 123 -24.74 -12.29 4.09
C PRO A 123 -25.07 -12.82 5.50
N PHE A 124 -24.03 -12.84 6.32
CA PHE A 124 -24.10 -13.33 7.71
C PHE A 124 -23.43 -12.20 8.49
N ARG A 125 -24.25 -11.38 9.18
CA ARG A 125 -23.77 -10.14 9.77
C ARG A 125 -24.14 -10.02 11.25
N ARG A 126 -23.22 -9.50 12.04
CA ARG A 126 -23.52 -9.22 13.44
C ARG A 126 -24.11 -10.42 14.16
N MET A 127 -23.49 -11.57 13.92
CA MET A 127 -23.86 -12.80 14.55
C MET A 127 -22.85 -13.23 15.61
N HIS A 128 -23.36 -13.84 16.68
CA HIS A 128 -22.53 -14.50 17.69
C HIS A 128 -22.83 -16.00 17.67
N VAL A 129 -21.90 -16.79 17.13
CA VAL A 129 -22.04 -18.24 17.12
C VAL A 129 -21.29 -18.80 18.31
N LYS A 130 -22.03 -19.31 19.28
CA LYS A 130 -21.44 -19.90 20.48
C LYS A 130 -21.11 -21.37 20.19
N GLY A 131 -20.13 -21.54 19.33
CA GLY A 131 -19.83 -22.82 18.72
C GLY A 131 -19.11 -22.65 17.40
N GLY A 132 -19.17 -23.70 16.61
CA GLY A 132 -18.50 -23.75 15.32
C GLY A 132 -19.46 -23.37 14.21
N LEU A 133 -18.88 -23.12 13.05
CA LEU A 133 -19.62 -22.65 11.87
C LEU A 133 -19.07 -23.37 10.68
N ASN A 134 -19.90 -24.24 10.11
CA ASN A 134 -19.52 -25.05 8.96
C ASN A 134 -20.23 -24.49 7.70
N LEU A 135 -19.43 -24.17 6.68
CA LEU A 135 -19.91 -23.43 5.49
C LEU A 135 -20.20 -24.25 4.21
N ALA A 136 -20.16 -25.57 4.27
CA ALA A 136 -20.29 -26.42 3.06
C ALA A 136 -21.42 -27.47 3.15
N PRO A 137 -21.85 -28.03 2.01
CA PRO A 137 -22.97 -29.00 2.03
C PRO A 137 -22.61 -30.42 2.51
N ASP A 138 -23.64 -31.25 2.70
CA ASP A 138 -23.57 -32.56 3.42
C ASP A 138 -23.45 -33.58 2.33
N GLY A 139 -22.93 -33.13 1.20
CA GLY A 139 -21.98 -33.98 0.51
C GLY A 139 -20.56 -33.90 1.10
N TYR A 140 -19.97 -32.72 1.28
CA TYR A 140 -18.50 -32.48 1.11
C TYR A 140 -18.40 -31.83 -0.32
N GLY A 141 -19.45 -31.10 -0.73
CA GLY A 141 -19.73 -30.75 -2.15
C GLY A 141 -19.68 -29.27 -2.57
N TRP A 142 -19.96 -28.98 -3.86
CA TRP A 142 -19.71 -27.65 -4.49
C TRP A 142 -20.34 -26.45 -3.71
N ALA A 143 -19.58 -25.40 -3.43
CA ALA A 143 -20.16 -24.17 -2.84
C ALA A 143 -19.30 -22.97 -3.21
N SER A 144 -19.94 -21.80 -3.36
CA SER A 144 -19.30 -20.60 -3.94
C SER A 144 -19.73 -19.30 -3.23
N GLY A 145 -19.59 -19.28 -1.90
CA GLY A 145 -19.81 -18.07 -1.11
C GLY A 145 -18.64 -17.10 -1.16
N GLY A 146 -18.55 -16.17 -0.20
CA GLY A 146 -19.50 -15.96 0.86
C GLY A 146 -19.02 -14.76 1.65
N TYR A 147 -19.84 -14.31 2.60
CA TYR A 147 -19.61 -13.06 3.30
C TYR A 147 -20.00 -13.13 4.77
N ILE A 148 -19.02 -12.86 5.64
CA ILE A 148 -19.25 -12.66 7.06
C ILE A 148 -18.68 -11.31 7.48
N ALA A 149 -19.48 -10.55 8.23
CA ALA A 149 -19.04 -9.27 8.78
C ALA A 149 -19.54 -9.09 10.21
N ASP A 150 -18.68 -8.46 10.99
CA ASP A 150 -19.04 -7.96 12.32
C ASP A 150 -19.56 -9.08 13.21
N SER A 151 -18.97 -10.25 13.05
CA SER A 151 -19.44 -11.46 13.72
C SER A 151 -18.37 -12.08 14.64
N LYS A 152 -18.83 -12.81 15.65
CA LYS A 152 -17.94 -13.49 16.61
C LYS A 152 -18.33 -14.95 16.56
N ILE A 153 -17.39 -15.78 16.15
CA ILE A 153 -17.61 -17.21 16.06
C ILE A 153 -16.68 -17.85 17.11
N ASP A 154 -17.27 -18.42 18.18
CA ASP A 154 -16.48 -18.87 19.33
C ASP A 154 -15.58 -20.06 19.01
N GLY A 155 -16.03 -20.91 18.10
CA GLY A 155 -15.27 -22.07 17.68
C GLY A 155 -14.59 -21.83 16.34
N GLU A 156 -14.44 -22.92 15.61
CA GLU A 156 -13.74 -22.90 14.35
C GLU A 156 -14.71 -22.62 13.23
N VAL A 157 -14.21 -21.90 12.23
CA VAL A 157 -14.88 -21.80 10.96
C VAL A 157 -14.31 -22.79 9.96
N GLY A 158 -15.17 -23.69 9.47
CA GLY A 158 -14.79 -24.69 8.48
C GLY A 158 -15.35 -24.37 7.09
N PRO A 159 -14.48 -24.02 6.14
CA PRO A 159 -15.08 -23.75 4.83
C PRO A 159 -15.28 -25.04 4.03
N TYR A 160 -14.53 -26.06 4.45
CA TYR A 160 -14.32 -27.32 3.73
C TYR A 160 -14.19 -27.12 2.21
N SER A 161 -15.28 -27.31 1.46
CA SER A 161 -15.22 -27.25 0.01
C SER A 161 -15.56 -25.89 -0.57
N GLN A 162 -15.84 -24.90 0.27
CA GLN A 162 -16.08 -23.55 -0.23
C GLN A 162 -14.90 -23.03 -1.05
N GLN A 163 -15.14 -22.55 -2.26
CA GLN A 163 -14.04 -22.10 -3.11
C GLN A 163 -13.33 -20.85 -2.62
N GLN A 164 -14.13 -19.92 -2.11
CA GLN A 164 -13.58 -18.63 -1.70
C GLN A 164 -14.46 -18.07 -0.58
N TRP A 165 -14.00 -17.02 0.09
CA TRP A 165 -14.77 -16.46 1.20
C TRP A 165 -14.14 -15.15 1.59
N TYR A 166 -14.98 -14.20 2.01
CA TYR A 166 -14.50 -12.95 2.60
C TYR A 166 -15.05 -12.78 3.99
N THR A 167 -14.16 -12.49 4.94
CA THR A 167 -14.59 -12.21 6.32
C THR A 167 -14.02 -10.84 6.72
N ARG A 168 -14.83 -9.96 7.29
CA ARG A 168 -14.29 -8.70 7.82
C ARG A 168 -14.75 -8.36 9.23
N ASP A 169 -13.87 -7.66 9.93
CA ASP A 169 -14.17 -6.99 11.21
C ASP A 169 -14.92 -7.91 12.17
N SER A 170 -14.28 -9.04 12.43
CA SER A 170 -14.88 -10.15 13.15
C SER A 170 -13.84 -10.76 14.09
N SER A 171 -14.27 -11.81 14.80
CA SER A 171 -13.44 -12.61 15.68
C SER A 171 -13.78 -14.08 15.41
N VAL A 172 -12.77 -14.94 15.18
CA VAL A 172 -13.02 -16.38 15.04
C VAL A 172 -12.14 -17.21 15.98
N GLY A 173 -12.73 -18.27 16.51
CA GLY A 173 -12.02 -19.17 17.37
C GLY A 173 -11.26 -20.23 16.59
N GLY A 174 -11.11 -19.99 15.30
CA GLY A 174 -10.37 -20.92 14.45
C GLY A 174 -10.80 -20.83 12.99
N TRP A 175 -9.91 -21.29 12.11
CA TRP A 175 -10.21 -21.34 10.69
C TRP A 175 -9.52 -22.56 10.09
N GLY A 176 -10.26 -23.40 9.38
CA GLY A 176 -9.79 -24.75 9.04
C GLY A 176 -9.14 -25.02 7.67
N ASN A 177 -9.43 -24.19 6.67
CA ASN A 177 -8.86 -24.40 5.34
C ASN A 177 -9.12 -23.27 4.35
N GLY A 178 -8.30 -23.28 3.30
CA GLY A 178 -8.57 -22.55 2.10
C GLY A 178 -8.70 -23.47 0.90
N VAL A 179 -9.28 -22.93 -0.17
CA VAL A 179 -9.45 -23.62 -1.44
C VAL A 179 -8.83 -22.73 -2.54
N TRP A 180 -9.52 -21.69 -2.99
CA TRP A 180 -8.94 -20.78 -3.99
C TRP A 180 -8.61 -19.42 -3.39
N ASN A 181 -9.48 -18.85 -2.57
CA ASN A 181 -9.28 -17.47 -2.13
C ASN A 181 -10.05 -17.16 -0.87
N MET A 182 -9.39 -17.29 0.27
CA MET A 182 -9.98 -16.88 1.55
C MET A 182 -9.30 -15.59 1.98
N THR A 183 -10.09 -14.53 2.04
CA THR A 183 -9.57 -13.21 2.36
C THR A 183 -10.19 -12.74 3.68
N PHE A 184 -9.36 -12.03 4.46
CA PHE A 184 -9.72 -11.57 5.79
C PHE A 184 -9.23 -10.13 5.94
N SER A 185 -10.07 -9.25 6.47
CA SER A 185 -9.58 -7.93 6.87
C SER A 185 -10.18 -7.57 8.22
N GLY A 186 -9.30 -7.22 9.14
CA GLY A 186 -9.72 -6.93 10.50
C GLY A 186 -10.32 -8.09 11.29
N VAL A 187 -9.85 -9.30 11.02
CA VAL A 187 -10.36 -10.48 11.68
C VAL A 187 -9.43 -11.04 12.73
N GLU A 188 -9.85 -10.93 13.98
CA GLU A 188 -9.12 -11.57 15.09
C GLU A 188 -9.19 -13.07 14.98
N GLY A 189 -8.04 -13.73 14.99
CA GLY A 189 -8.01 -15.18 14.82
C GLY A 189 -7.81 -15.58 13.37
N ALA A 190 -7.84 -14.63 12.46
CA ALA A 190 -7.61 -14.96 11.04
C ALA A 190 -6.35 -15.79 10.91
N PRO A 191 -6.34 -16.70 9.94
CA PRO A 191 -5.04 -17.36 9.70
C PRO A 191 -4.01 -16.39 9.10
N ALA A 192 -2.72 -16.64 9.37
CA ALA A 192 -1.66 -15.76 8.89
C ALA A 192 -1.72 -15.68 7.38
N GLN A 193 -1.47 -14.49 6.85
CA GLN A 193 -1.23 -14.31 5.41
C GLN A 193 -0.30 -15.41 4.99
N SER A 194 -0.71 -16.17 3.98
CA SER A 194 0.08 -17.31 3.54
C SER A 194 0.04 -17.61 2.01
N PHE A 195 -0.86 -16.93 1.29
CA PHE A 195 -1.07 -17.12 -0.16
C PHE A 195 0.26 -17.36 -0.88
N PRO A 196 0.34 -18.44 -1.67
CA PRO A 196 -0.79 -19.26 -2.18
C PRO A 196 -1.16 -20.51 -1.36
N GLU A 197 -0.40 -20.87 -0.33
CA GLU A 197 -0.67 -22.11 0.37
C GLU A 197 -0.52 -22.08 1.88
N PRO A 198 -1.64 -22.17 2.60
CA PRO A 198 -3.01 -22.03 2.15
C PRO A 198 -3.26 -20.69 1.43
N PRO A 199 -4.34 -20.60 0.65
CA PRO A 199 -4.66 -19.42 -0.17
C PRO A 199 -5.28 -18.29 0.69
N TYR A 200 -4.54 -17.87 1.71
CA TYR A 200 -4.98 -16.84 2.67
C TYR A 200 -4.42 -15.46 2.40
N THR A 201 -5.32 -14.51 2.23
CA THR A 201 -5.00 -13.10 2.08
C THR A 201 -5.51 -12.39 3.32
N THR A 202 -4.59 -11.92 4.15
CA THR A 202 -4.94 -11.46 5.49
C THR A 202 -4.42 -10.06 5.73
N LEU A 203 -5.35 -9.13 5.93
CA LEU A 203 -5.02 -7.75 6.23
C LEU A 203 -5.41 -7.47 7.68
N GLU A 204 -4.51 -6.79 8.38
CA GLU A 204 -4.70 -6.51 9.80
C GLU A 204 -5.98 -5.75 10.14
N THR A 205 -6.30 -4.71 9.38
CA THR A 205 -7.57 -3.98 9.59
C THR A 205 -8.24 -3.71 8.26
N THR A 206 -9.48 -3.25 8.34
CA THR A 206 -10.21 -2.79 7.20
C THR A 206 -10.11 -1.28 7.13
N PRO A 207 -9.76 -0.71 5.96
CA PRO A 207 -9.47 0.74 5.92
C PRO A 207 -10.56 1.63 6.48
N VAL A 208 -11.75 1.46 5.92
CA VAL A 208 -12.97 1.93 6.60
C VAL A 208 -14.11 0.94 6.46
N SER A 209 -14.99 0.92 7.48
CA SER A 209 -16.24 0.18 7.41
C SER A 209 -17.31 0.89 8.22
N ARG A 210 -18.55 0.59 7.92
CA ARG A 210 -19.65 1.17 8.64
C ARG A 210 -20.72 0.11 8.67
N GLU A 211 -21.05 -0.38 9.85
CA GLU A 211 -21.92 -1.55 9.91
C GLU A 211 -23.31 -1.27 9.37
N LYS A 212 -23.89 -2.31 8.81
CA LYS A 212 -25.20 -2.29 8.21
C LYS A 212 -26.34 -1.85 9.18
N PRO A 213 -27.13 -0.84 8.80
CA PRO A 213 -28.26 -0.46 9.68
C PRO A 213 -29.30 -1.58 9.82
N PHE A 214 -29.98 -1.62 10.97
CA PHE A 214 -30.91 -2.69 11.26
C PHE A 214 -32.05 -2.27 12.19
N LEU A 215 -33.17 -2.98 12.06
CA LEU A 215 -34.37 -2.69 12.83
C LEU A 215 -34.20 -3.35 14.18
N TYR A 216 -34.69 -2.70 15.23
CA TYR A 216 -34.67 -3.28 16.57
C TYR A 216 -35.76 -2.69 17.45
N LEU A 217 -35.90 -3.25 18.65
CA LEU A 217 -36.79 -2.68 19.64
C LEU A 217 -35.98 -2.02 20.78
N ASP A 218 -36.28 -0.76 21.02
CA ASP A 218 -35.73 -0.03 22.16
C ASP A 218 -36.77 -0.07 23.24
N GLY A 219 -36.52 -0.85 24.29
CA GLY A 219 -37.61 -1.24 25.17
C GLY A 219 -38.74 -1.68 24.25
N ASP A 220 -39.97 -1.30 24.58
CA ASP A 220 -41.16 -1.59 23.79
C ASP A 220 -41.34 -0.62 22.56
N ASP A 221 -40.24 -0.10 21.99
CA ASP A 221 -40.34 0.82 20.84
C ASP A 221 -39.53 0.34 19.61
N TYR A 222 -40.15 0.39 18.41
CA TYR A 222 -39.53 0.09 17.11
C TYR A 222 -38.62 1.21 16.58
N LYS A 223 -37.38 0.87 16.23
CA LYS A 223 -36.42 1.84 15.73
C LYS A 223 -35.47 1.18 14.73
N VAL A 224 -34.90 1.95 13.79
CA VAL A 224 -33.78 1.47 12.96
C VAL A 224 -32.46 1.97 13.50
N PHE A 225 -31.63 1.09 14.02
CA PHE A 225 -30.27 1.50 14.43
C PHE A 225 -29.36 1.80 13.24
N VAL A 226 -28.77 2.99 13.24
CA VAL A 226 -27.84 3.40 12.20
C VAL A 226 -26.37 3.54 12.73
N PRO A 227 -25.62 2.41 12.79
CA PRO A 227 -24.23 2.30 13.29
C PRO A 227 -23.27 3.38 12.86
N ALA A 228 -22.32 3.69 13.76
CA ALA A 228 -21.25 4.64 13.48
C ALA A 228 -20.07 4.06 12.67
N LYS A 229 -19.59 4.85 11.72
CA LYS A 229 -18.39 4.53 10.95
C LYS A 229 -17.13 4.16 11.78
N ARG A 230 -16.34 3.21 11.25
CA ARG A 230 -15.04 2.81 11.81
C ARG A 230 -13.85 2.98 10.85
N THR A 231 -12.71 3.49 11.35
CA THR A 231 -11.49 3.55 10.56
C THR A 231 -10.45 2.57 11.22
N ASN A 232 -9.69 1.80 10.40
CA ASN A 232 -8.87 0.69 10.90
C ASN A 232 -9.63 -0.28 11.77
N ALA A 233 -10.76 -0.74 11.24
CA ALA A 233 -11.55 -1.78 11.87
C ALA A 233 -10.81 -3.11 12.07
N ARG A 234 -10.91 -3.62 13.30
CA ARG A 234 -10.49 -4.95 13.62
C ARG A 234 -11.42 -5.38 14.76
N GLY A 235 -11.91 -6.61 14.67
CA GLY A 235 -12.87 -7.11 15.63
C GLY A 235 -14.29 -6.52 15.41
N THR A 236 -15.20 -6.89 16.29
CA THR A 236 -16.60 -6.47 16.12
C THR A 236 -16.92 -5.07 16.69
N SER A 237 -18.08 -4.56 16.28
CA SER A 237 -18.56 -3.24 16.67
C SER A 237 -19.43 -3.28 17.94
N TRP A 238 -19.56 -4.47 18.52
CA TRP A 238 -20.39 -4.71 19.69
C TRP A 238 -19.71 -5.54 20.79
N GLY A 239 -18.59 -6.22 20.51
CA GLY A 239 -17.93 -7.03 21.54
C GLY A 239 -17.60 -6.20 22.80
N ASN A 240 -17.33 -4.91 22.56
CA ASN A 240 -16.75 -3.92 23.50
C ASN A 240 -17.73 -3.22 24.48
N GLY A 241 -18.09 -1.97 24.26
CA GLY A 241 -19.04 -1.40 25.18
C GLY A 241 -20.45 -1.56 24.68
N THR A 242 -21.11 -0.42 24.75
CA THR A 242 -22.35 -0.28 24.04
C THR A 242 -21.97 -0.17 22.55
N PRO A 243 -22.91 -0.48 21.65
CA PRO A 243 -22.51 -0.23 20.27
C PRO A 243 -22.56 1.26 19.97
N GLU A 244 -21.79 1.71 19.00
CA GLU A 244 -21.84 3.10 18.57
C GLU A 244 -22.60 3.49 17.27
N GLY A 245 -23.65 4.31 17.40
CA GLY A 245 -24.33 4.96 16.28
C GLY A 245 -25.49 5.82 16.77
N GLU A 246 -26.46 6.10 15.89
CA GLU A 246 -27.67 6.85 16.25
C GLU A 246 -28.81 5.89 16.17
N SER A 247 -29.91 6.22 16.82
CA SER A 247 -31.13 5.46 16.64
C SER A 247 -32.19 6.31 15.95
N LEU A 248 -32.84 5.74 14.92
CA LEU A 248 -33.88 6.45 14.16
C LEU A 248 -35.26 5.87 14.44
N PRO A 249 -36.19 6.69 14.92
CA PRO A 249 -37.56 6.20 15.19
C PRO A 249 -38.23 5.66 13.93
N LEU A 250 -39.08 4.65 14.08
CA LEU A 250 -39.75 4.06 12.91
C LEU A 250 -40.71 5.01 12.21
N ASP A 251 -41.31 5.93 12.94
CA ASP A 251 -42.22 6.87 12.27
C ASP A 251 -41.45 7.97 11.49
N GLN A 252 -40.11 7.97 11.55
CA GLN A 252 -39.27 8.78 10.64
C GLN A 252 -38.97 8.04 9.29
N PHE A 253 -39.47 6.80 9.14
CA PHE A 253 -39.32 6.01 7.89
C PHE A 253 -40.64 5.90 7.19
N TYR A 254 -40.67 6.12 5.87
CA TYR A 254 -41.79 5.68 5.05
C TYR A 254 -41.66 4.18 4.94
N VAL A 255 -42.68 3.47 5.40
CA VAL A 255 -42.71 2.03 5.33
C VAL A 255 -43.35 1.65 4.01
N VAL A 256 -42.51 1.28 3.06
CA VAL A 256 -42.93 1.02 1.71
C VAL A 256 -43.54 -0.39 1.66
N LYS A 257 -44.63 -0.49 0.91
CA LYS A 257 -45.38 -1.73 0.67
C LYS A 257 -45.92 -1.77 -0.77
N PRO A 258 -46.54 -2.89 -1.16
CA PRO A 258 -47.40 -2.94 -2.37
C PRO A 258 -48.43 -1.85 -2.42
N GLY A 259 -48.52 -1.13 -3.54
CA GLY A 259 -49.23 0.13 -3.60
C GLY A 259 -48.23 1.11 -4.15
N ALA A 260 -47.43 1.65 -3.22
CA ALA A 260 -46.32 2.57 -3.46
C ALA A 260 -45.82 2.74 -4.90
N THR A 261 -46.32 3.78 -5.52
CA THR A 261 -45.78 4.15 -6.80
C THR A 261 -44.32 4.62 -6.49
N ALA A 262 -43.67 5.27 -7.46
CA ALA A 262 -42.29 5.71 -7.23
C ALA A 262 -42.30 7.22 -7.02
N GLU A 263 -43.31 7.88 -7.57
CA GLU A 263 -43.64 9.23 -7.13
C GLU A 263 -43.98 9.25 -5.62
N THR A 264 -44.66 8.24 -5.09
CA THR A 264 -44.92 8.21 -3.64
C THR A 264 -43.60 8.07 -2.84
N ILE A 265 -42.74 7.15 -3.25
CA ILE A 265 -41.47 6.95 -2.57
C ILE A 265 -40.58 8.19 -2.67
N ASN A 266 -40.56 8.83 -3.84
CA ASN A 266 -39.69 9.99 -4.02
C ASN A 266 -40.11 11.15 -3.12
N ALA A 267 -41.41 11.31 -3.00
CA ALA A 267 -41.99 12.39 -2.17
C ALA A 267 -41.67 12.17 -0.69
N ALA A 268 -41.65 10.91 -0.25
CA ALA A 268 -41.21 10.59 1.12
C ALA A 268 -39.83 11.19 1.43
N VAL A 269 -38.87 10.98 0.54
CA VAL A 269 -37.52 11.51 0.78
C VAL A 269 -37.56 13.03 0.57
N ASP A 270 -38.37 13.48 -0.38
CA ASP A 270 -38.55 14.91 -0.53
C ASP A 270 -38.89 15.57 0.82
N GLN A 271 -39.51 14.85 1.74
CA GLN A 271 -39.99 15.44 3.00
C GLN A 271 -39.28 14.98 4.30
N GLY A 272 -38.07 14.44 4.18
CA GLY A 272 -37.28 14.12 5.37
C GLY A 272 -37.57 12.77 5.97
N LEU A 273 -38.19 11.88 5.21
CA LEU A 273 -38.38 10.51 5.65
C LEU A 273 -37.41 9.53 5.02
N HIS A 274 -36.87 8.65 5.85
CA HIS A 274 -36.08 7.51 5.41
C HIS A 274 -36.98 6.46 4.75
N LEU A 275 -36.39 5.38 4.26
CA LEU A 275 -37.16 4.35 3.57
C LEU A 275 -36.96 2.96 4.15
N LEU A 276 -38.08 2.29 4.44
CA LEU A 276 -38.00 0.88 4.84
C LEU A 276 -38.81 0.09 3.88
N PHE A 277 -38.13 -0.70 3.06
CA PHE A 277 -38.81 -1.56 2.09
C PHE A 277 -39.15 -2.85 2.75
N THR A 278 -40.42 -3.05 3.01
CA THR A 278 -40.86 -4.31 3.56
C THR A 278 -40.75 -5.35 2.46
N PRO A 279 -40.70 -6.63 2.85
CA PRO A 279 -40.42 -7.64 1.83
C PRO A 279 -41.47 -7.69 0.74
N GLY A 280 -40.99 -7.60 -0.49
CA GLY A 280 -41.88 -7.58 -1.64
C GLY A 280 -41.13 -7.22 -2.90
N VAL A 281 -41.89 -7.08 -3.98
CA VAL A 281 -41.34 -6.79 -5.31
C VAL A 281 -42.01 -5.49 -5.83
N TYR A 282 -41.18 -4.46 -6.03
CA TYR A 282 -41.59 -3.09 -6.32
C TYR A 282 -41.22 -2.65 -7.74
N HIS A 283 -42.21 -2.63 -8.63
CA HIS A 283 -42.04 -2.17 -10.01
C HIS A 283 -42.02 -0.62 -10.03
N VAL A 284 -40.98 -0.02 -10.60
CA VAL A 284 -40.89 1.44 -10.58
C VAL A 284 -40.83 1.99 -12.01
N ASP A 285 -41.85 2.79 -12.37
CA ASP A 285 -41.95 3.33 -13.73
C ASP A 285 -41.03 4.51 -13.99
N GLN A 286 -40.24 4.88 -12.99
CA GLN A 286 -39.18 5.91 -13.05
C GLN A 286 -38.24 5.70 -11.85
N PRO A 287 -37.04 6.33 -11.83
CA PRO A 287 -36.11 5.92 -10.75
C PRO A 287 -36.59 6.27 -9.36
N ILE A 288 -36.21 5.44 -8.39
CA ILE A 288 -36.26 5.84 -6.98
C ILE A 288 -35.09 6.78 -6.83
N GLU A 289 -35.37 8.01 -6.42
CA GLU A 289 -34.35 9.06 -6.32
C GLU A 289 -34.15 9.48 -4.87
N ILE A 290 -32.91 9.39 -4.41
CA ILE A 290 -32.51 9.74 -3.06
C ILE A 290 -31.53 10.92 -3.21
N ASP A 291 -32.03 12.12 -2.96
CA ASP A 291 -31.17 13.31 -3.04
C ASP A 291 -31.42 14.06 -1.73
N ARG A 292 -31.12 13.35 -0.65
CA ARG A 292 -31.25 13.85 0.71
C ARG A 292 -30.12 13.22 1.54
N ALA A 293 -29.23 14.07 2.04
CA ALA A 293 -28.12 13.57 2.83
C ALA A 293 -28.63 12.76 4.02
N ASN A 294 -27.88 11.72 4.37
CA ASN A 294 -28.18 10.89 5.55
C ASN A 294 -29.33 9.91 5.40
N THR A 295 -29.93 9.84 4.23
CA THR A 295 -31.09 8.97 4.02
C THR A 295 -30.70 7.53 4.09
N VAL A 296 -31.47 6.80 4.90
CA VAL A 296 -31.35 5.38 5.09
C VAL A 296 -32.42 4.72 4.22
N ALA A 297 -32.00 3.79 3.36
CA ALA A 297 -32.95 3.02 2.54
C ALA A 297 -32.65 1.57 2.82
N LEU A 298 -33.47 0.96 3.67
CA LEU A 298 -33.20 -0.35 4.24
C LEU A 298 -34.27 -1.34 3.80
N GLY A 299 -33.86 -2.39 3.09
CA GLY A 299 -34.80 -3.43 2.69
C GLY A 299 -34.81 -4.54 3.70
N LEU A 300 -35.92 -5.27 3.77
CA LEU A 300 -36.02 -6.47 4.56
C LEU A 300 -36.53 -7.60 3.63
N GLY A 301 -36.16 -8.83 3.96
CA GLY A 301 -36.65 -10.00 3.24
C GLY A 301 -36.37 -9.96 1.75
N LEU A 302 -35.22 -9.42 1.38
CA LEU A 302 -34.77 -9.36 -0.02
C LEU A 302 -35.75 -8.59 -0.91
N ALA A 303 -36.31 -7.53 -0.32
CA ALA A 303 -37.09 -6.55 -1.07
C ALA A 303 -36.37 -6.25 -2.38
N THR A 304 -37.16 -6.23 -3.43
CA THR A 304 -36.67 -6.21 -4.79
C THR A 304 -37.30 -5.08 -5.56
N ILE A 305 -36.48 -4.38 -6.34
CA ILE A 305 -36.97 -3.29 -7.19
C ILE A 305 -36.72 -3.64 -8.64
N ILE A 306 -37.78 -3.55 -9.45
CA ILE A 306 -37.71 -3.81 -10.88
C ILE A 306 -38.03 -2.54 -11.64
N PRO A 307 -37.09 -2.04 -12.47
CA PRO A 307 -37.39 -0.85 -13.24
C PRO A 307 -38.04 -1.24 -14.55
N ASP A 308 -39.20 -0.64 -14.84
CA ASP A 308 -39.82 -0.80 -16.16
C ASP A 308 -39.47 0.33 -17.10
N ASN A 309 -39.75 0.09 -18.37
CA ASN A 309 -39.60 1.10 -19.43
C ASN A 309 -38.20 1.66 -19.57
N GLY A 310 -37.22 0.86 -19.15
CA GLY A 310 -35.82 1.14 -19.41
C GLY A 310 -35.19 2.11 -18.46
N VAL A 311 -35.89 2.39 -17.35
CA VAL A 311 -35.42 3.40 -16.44
C VAL A 311 -34.32 2.86 -15.50
N THR A 312 -33.56 3.78 -14.95
CA THR A 312 -32.69 3.46 -13.83
C THR A 312 -33.56 3.15 -12.59
N ALA A 313 -33.14 2.18 -11.79
CA ALA A 313 -33.93 1.79 -10.60
C ALA A 313 -33.75 2.75 -9.43
N LEU A 314 -32.48 3.05 -9.15
CA LEU A 314 -32.13 3.74 -7.94
C LEU A 314 -31.04 4.71 -8.28
N LYS A 315 -31.31 5.95 -7.92
CA LYS A 315 -30.33 7.02 -8.15
C LYS A 315 -30.08 7.78 -6.85
N VAL A 316 -28.81 7.87 -6.51
CA VAL A 316 -28.37 8.52 -5.30
C VAL A 316 -27.64 9.79 -5.71
N GLY A 317 -28.01 10.91 -5.11
CA GLY A 317 -27.38 12.19 -5.42
C GLY A 317 -25.96 12.30 -4.84
N ASP A 318 -25.31 13.42 -5.12
CA ASP A 318 -23.97 13.76 -4.61
C ASP A 318 -24.08 14.34 -3.21
N VAL A 319 -24.68 13.56 -2.32
CA VAL A 319 -24.94 13.98 -0.97
C VAL A 319 -24.27 13.00 -0.04
N ASP A 320 -23.87 13.50 1.13
CA ASP A 320 -23.22 12.69 2.19
C ASP A 320 -24.16 11.65 2.75
N GLY A 321 -23.58 10.53 3.20
CA GLY A 321 -24.20 9.73 4.25
C GLY A 321 -25.41 8.89 3.89
N VAL A 322 -25.63 8.63 2.61
CA VAL A 322 -26.75 7.75 2.27
C VAL A 322 -26.34 6.30 2.54
N LYS A 323 -27.26 5.53 3.13
CA LYS A 323 -26.98 4.13 3.49
C LYS A 323 -28.04 3.29 2.78
N VAL A 324 -27.69 2.72 1.63
CA VAL A 324 -28.57 1.76 0.95
C VAL A 324 -28.19 0.35 1.41
N ALA A 325 -29.18 -0.43 1.83
CA ALA A 325 -28.87 -1.75 2.39
C ALA A 325 -30.00 -2.75 2.13
N GLY A 326 -29.64 -3.95 1.68
CA GLY A 326 -30.59 -5.04 1.62
C GLY A 326 -31.65 -4.93 0.55
N LEU A 327 -31.19 -4.62 -0.65
CA LEU A 327 -32.07 -4.57 -1.82
C LEU A 327 -31.51 -5.39 -2.96
N LEU A 328 -32.42 -6.09 -3.63
CA LEU A 328 -32.13 -6.72 -4.91
C LEU A 328 -32.73 -5.86 -6.02
N VAL A 329 -31.92 -5.49 -7.01
CA VAL A 329 -32.39 -4.79 -8.18
C VAL A 329 -32.39 -5.80 -9.34
N ASP A 330 -33.55 -6.02 -9.94
CA ASP A 330 -33.78 -7.07 -10.94
C ASP A 330 -34.16 -6.40 -12.26
N ALA A 331 -33.30 -6.50 -13.28
CA ALA A 331 -33.57 -5.84 -14.53
C ALA A 331 -34.88 -6.26 -15.17
N GLY A 332 -35.52 -5.30 -15.80
CA GLY A 332 -36.69 -5.57 -16.63
C GLY A 332 -36.26 -5.98 -18.03
N PRO A 333 -37.20 -6.54 -18.81
CA PRO A 333 -36.87 -6.95 -20.18
C PRO A 333 -36.53 -5.79 -21.11
N VAL A 334 -36.99 -4.58 -20.80
CA VAL A 334 -36.52 -3.42 -21.55
C VAL A 334 -35.15 -3.00 -21.02
N ASN A 335 -34.16 -2.90 -21.92
CA ASN A 335 -32.81 -2.50 -21.54
C ASN A 335 -32.80 -1.18 -20.75
N SER A 336 -32.17 -1.18 -19.56
CA SER A 336 -31.85 0.06 -18.82
C SER A 336 -30.37 0.48 -19.02
N GLU A 337 -30.12 1.73 -19.42
CA GLU A 337 -28.73 2.25 -19.51
C GLU A 337 -27.91 1.98 -18.27
N THR A 338 -28.53 2.27 -17.14
CA THR A 338 -27.93 1.99 -15.83
C THR A 338 -29.03 1.46 -14.90
N LEU A 339 -28.66 0.61 -13.94
CA LEU A 339 -29.61 0.17 -12.92
C LEU A 339 -29.51 0.92 -11.57
N VAL A 340 -28.30 1.22 -11.14
CA VAL A 340 -28.04 1.97 -9.92
C VAL A 340 -26.97 2.98 -10.24
N GLU A 341 -27.23 4.24 -9.89
CA GLU A 341 -26.19 5.29 -10.01
C GLU A 341 -25.99 5.97 -8.69
N VAL A 342 -24.73 6.11 -8.28
CA VAL A 342 -24.37 6.80 -7.05
C VAL A 342 -23.61 8.08 -7.37
N GLY A 343 -24.34 9.18 -7.29
CA GLY A 343 -23.81 10.50 -7.59
C GLY A 343 -23.77 10.75 -9.08
N SER A 344 -23.05 11.78 -9.51
CA SER A 344 -23.09 12.14 -10.94
C SER A 344 -21.75 12.19 -11.65
N ASP A 345 -21.78 11.75 -12.91
CA ASP A 345 -20.67 11.99 -13.81
C ASP A 345 -20.26 13.42 -13.73
N GLY A 346 -18.97 13.59 -13.44
CA GLY A 346 -18.36 14.90 -13.24
C GLY A 346 -18.21 15.29 -11.79
N ALA A 347 -19.27 15.05 -10.99
CA ALA A 347 -19.24 15.47 -9.58
C ALA A 347 -17.94 15.02 -8.94
N SER A 348 -17.22 15.95 -8.29
CA SER A 348 -15.91 15.65 -7.71
C SER A 348 -15.89 16.18 -6.29
N GLY A 349 -17.10 16.29 -5.74
CA GLY A 349 -17.27 16.60 -4.34
C GLY A 349 -16.76 15.46 -3.49
N ASP A 350 -16.30 15.79 -2.30
CA ASP A 350 -15.81 14.74 -1.46
C ASP A 350 -16.70 14.50 -0.27
N HIS A 351 -16.74 13.23 0.18
CA HIS A 351 -17.67 12.78 1.19
C HIS A 351 -16.92 11.94 2.22
N ALA A 352 -15.73 12.40 2.61
CA ALA A 352 -14.81 11.55 3.39
C ALA A 352 -15.19 11.27 4.84
N ALA A 353 -15.62 12.29 5.59
CA ALA A 353 -16.00 12.02 6.99
C ALA A 353 -17.28 11.20 7.05
N ASN A 354 -18.12 11.31 6.01
CA ASN A 354 -19.48 10.74 6.04
C ASN A 354 -19.91 10.26 4.64
N PRO A 355 -19.35 9.12 4.21
CA PRO A 355 -19.56 8.66 2.85
C PRO A 355 -20.94 8.02 2.66
N THR A 356 -21.32 7.84 1.41
CA THR A 356 -22.48 7.04 1.07
C THR A 356 -22.01 5.59 0.93
N SER A 357 -22.89 4.63 1.29
CA SER A 357 -22.56 3.22 1.16
C SER A 357 -23.68 2.42 0.49
N LEU A 358 -23.26 1.36 -0.21
CA LEU A 358 -24.18 0.33 -0.66
C LEU A 358 -23.78 -0.93 0.09
N GLN A 359 -24.73 -1.55 0.80
CA GLN A 359 -24.46 -2.79 1.53
C GLN A 359 -25.49 -3.85 1.22
N ASP A 360 -25.04 -5.05 0.92
CA ASP A 360 -25.99 -6.10 0.56
C ASP A 360 -26.96 -5.56 -0.50
N VAL A 361 -26.36 -4.95 -1.52
CA VAL A 361 -27.08 -4.52 -2.70
C VAL A 361 -26.75 -5.52 -3.78
N PHE A 362 -27.77 -6.18 -4.28
CA PHE A 362 -27.60 -7.24 -5.25
C PHE A 362 -28.26 -6.77 -6.56
N VAL A 363 -27.72 -7.24 -7.66
CA VAL A 363 -28.30 -6.94 -8.96
C VAL A 363 -28.35 -8.24 -9.78
N ARG A 364 -29.49 -8.46 -10.42
CA ARG A 364 -29.71 -9.59 -11.32
C ARG A 364 -30.15 -9.10 -12.68
N ILE A 365 -29.56 -9.69 -13.72
CA ILE A 365 -30.01 -9.47 -15.09
C ILE A 365 -30.39 -10.79 -15.74
N GLY A 366 -31.71 -11.00 -15.89
CA GLY A 366 -32.26 -12.24 -16.41
C GLY A 366 -32.43 -13.32 -15.35
N GLY A 367 -32.92 -14.49 -15.77
CA GLY A 367 -33.02 -15.63 -14.87
C GLY A 367 -34.43 -15.91 -14.32
N ALA A 368 -35.08 -14.87 -13.85
CA ALA A 368 -36.44 -14.94 -13.30
C ALA A 368 -37.43 -14.42 -14.35
N GLY A 369 -37.06 -14.63 -15.62
CA GLY A 369 -37.70 -13.99 -16.74
C GLY A 369 -36.82 -12.93 -17.40
N PRO A 370 -37.10 -12.65 -18.66
CA PRO A 370 -36.06 -11.95 -19.43
C PRO A 370 -35.67 -10.53 -18.90
N GLY A 371 -34.41 -10.10 -19.07
CA GLY A 371 -33.93 -8.80 -18.58
C GLY A 371 -32.62 -8.30 -19.18
N LYS A 372 -32.46 -6.98 -19.29
CA LYS A 372 -31.30 -6.36 -19.93
C LYS A 372 -30.86 -5.05 -19.25
N ALA A 373 -29.56 -4.82 -19.19
CA ALA A 373 -29.05 -3.51 -18.76
C ALA A 373 -27.65 -3.28 -19.31
N THR A 374 -27.34 -2.05 -19.74
CA THR A 374 -26.01 -1.77 -20.29
C THR A 374 -24.92 -1.75 -19.20
N THR A 375 -25.14 -0.92 -18.19
CA THR A 375 -24.31 -0.92 -16.98
C THR A 375 -25.17 -1.16 -15.76
N SER A 376 -24.74 -2.02 -14.85
CA SER A 376 -25.52 -2.28 -13.66
C SER A 376 -25.40 -1.22 -12.55
N ILE A 377 -24.16 -0.96 -12.13
CA ILE A 377 -23.88 0.01 -11.08
C ILE A 377 -22.77 0.93 -11.51
N VAL A 378 -23.08 2.23 -11.47
CA VAL A 378 -22.09 3.25 -11.70
C VAL A 378 -21.91 4.00 -10.39
N VAL A 379 -20.66 4.07 -9.91
CA VAL A 379 -20.37 4.83 -8.69
C VAL A 379 -19.52 6.06 -9.03
N ASN A 380 -20.20 7.19 -9.09
CA ASN A 380 -19.58 8.47 -9.35
C ASN A 380 -19.14 9.19 -8.06
N SER A 381 -19.83 8.98 -6.96
CA SER A 381 -19.51 9.73 -5.73
C SER A 381 -18.16 9.36 -5.11
N ASN A 382 -17.30 10.36 -4.90
CA ASN A 382 -16.08 10.09 -4.22
C ASN A 382 -16.36 9.53 -2.80
N ASP A 383 -15.44 8.71 -2.34
CA ASP A 383 -15.41 8.17 -0.99
C ASP A 383 -16.55 7.19 -0.68
N THR A 384 -17.18 6.66 -1.72
CA THR A 384 -18.25 5.68 -1.53
C THR A 384 -17.69 4.34 -1.02
N ILE A 385 -18.45 3.70 -0.13
CA ILE A 385 -18.15 2.37 0.36
C ILE A 385 -19.12 1.37 -0.30
N ILE A 386 -18.59 0.34 -0.94
CA ILE A 386 -19.42 -0.73 -1.51
C ILE A 386 -19.06 -1.98 -0.68
N ASP A 387 -19.91 -2.32 0.30
CA ASP A 387 -19.60 -3.35 1.30
C ASP A 387 -20.58 -4.52 1.15
N HIS A 388 -20.14 -5.50 0.34
CA HIS A 388 -20.92 -6.64 -0.13
C HIS A 388 -21.91 -6.27 -1.22
N THR A 389 -21.51 -6.59 -2.45
CA THR A 389 -22.42 -6.55 -3.58
C THR A 389 -22.27 -7.83 -4.42
N TRP A 390 -23.36 -8.30 -5.01
CA TRP A 390 -23.31 -9.36 -6.03
C TRP A 390 -24.06 -8.80 -7.23
N VAL A 391 -23.34 -8.62 -8.32
CA VAL A 391 -23.88 -8.04 -9.56
C VAL A 391 -23.73 -9.18 -10.61
N TRP A 392 -24.88 -9.73 -11.01
CA TRP A 392 -24.93 -11.05 -11.64
C TRP A 392 -25.76 -11.06 -12.90
N ARG A 393 -25.12 -11.25 -14.03
CA ARG A 393 -25.88 -11.54 -15.24
C ARG A 393 -26.20 -13.04 -15.18
N ALA A 394 -27.47 -13.39 -15.27
CA ALA A 394 -27.88 -14.78 -15.07
C ALA A 394 -27.25 -15.77 -16.07
N ASP A 395 -26.80 -16.92 -15.55
CA ASP A 395 -26.26 -18.03 -16.36
C ASP A 395 -27.28 -19.16 -16.52
N HIS A 396 -28.45 -19.01 -15.91
CA HIS A 396 -29.47 -20.02 -15.96
C HIS A 396 -30.76 -19.44 -15.39
N GLY A 397 -31.82 -20.22 -15.52
CA GLY A 397 -33.16 -19.77 -15.22
C GLY A 397 -33.93 -19.47 -16.49
N GLU A 398 -34.75 -18.43 -16.44
CA GLU A 398 -35.48 -17.98 -17.61
C GLU A 398 -34.92 -16.70 -18.23
N GLY A 399 -34.86 -16.74 -19.56
CA GLY A 399 -34.57 -15.56 -20.31
C GLY A 399 -33.07 -15.37 -20.51
N VAL A 400 -32.33 -16.48 -20.47
CA VAL A 400 -30.87 -16.49 -20.49
C VAL A 400 -30.26 -16.78 -21.89
N GLY A 401 -29.62 -15.76 -22.46
CA GLY A 401 -28.97 -15.89 -23.74
C GLY A 401 -28.00 -14.76 -23.99
N TRP A 402 -26.98 -15.04 -24.78
CA TRP A 402 -25.93 -14.04 -25.10
C TRP A 402 -26.45 -12.62 -25.46
N GLU A 403 -27.45 -12.56 -26.32
CA GLU A 403 -28.08 -11.29 -26.70
C GLU A 403 -29.34 -11.08 -25.80
N THR A 404 -30.04 -12.17 -25.54
CA THR A 404 -31.27 -12.17 -24.74
C THR A 404 -31.21 -11.47 -23.36
N ASN A 405 -30.30 -11.89 -22.46
CA ASN A 405 -30.08 -11.12 -21.24
C ASN A 405 -28.67 -10.46 -21.30
N ARG A 406 -28.36 -9.91 -22.47
CA ARG A 406 -27.10 -9.19 -22.66
C ARG A 406 -27.00 -8.10 -21.60
N ALA A 407 -25.83 -8.04 -20.97
CA ALA A 407 -25.52 -6.97 -20.04
C ALA A 407 -24.03 -6.73 -20.22
N ASP A 408 -23.69 -5.61 -20.86
CA ASP A 408 -22.29 -5.37 -21.26
C ASP A 408 -21.35 -5.17 -20.04
N TYR A 409 -21.76 -4.34 -19.08
CA TYR A 409 -20.86 -3.88 -18.00
C TYR A 409 -21.50 -4.04 -16.62
N GLY A 410 -20.71 -4.55 -15.67
CA GLY A 410 -21.22 -4.82 -14.34
C GLY A 410 -21.16 -3.57 -13.47
N VAL A 411 -19.95 -3.19 -13.12
CA VAL A 411 -19.72 -2.08 -12.23
C VAL A 411 -18.68 -1.22 -12.87
N HIS A 412 -18.96 0.08 -12.91
CA HIS A 412 -17.95 1.06 -13.31
C HIS A 412 -17.77 2.07 -12.19
N VAL A 413 -16.57 2.13 -11.64
CA VAL A 413 -16.30 3.07 -10.55
C VAL A 413 -15.56 4.26 -11.15
N LYS A 414 -16.21 5.42 -11.15
CA LYS A 414 -15.62 6.66 -11.65
C LYS A 414 -15.11 7.58 -10.53
N GLY A 415 -15.63 7.42 -9.31
CA GLY A 415 -15.23 8.30 -8.20
C GLY A 415 -13.86 8.01 -7.66
N ASP A 416 -13.30 9.02 -6.98
CA ASP A 416 -12.03 8.87 -6.30
C ASP A 416 -12.22 8.30 -4.89
N ASN A 417 -11.23 7.57 -4.42
CA ASN A 417 -11.24 7.06 -3.04
C ASN A 417 -12.41 6.17 -2.69
N VAL A 418 -12.79 5.33 -3.64
CA VAL A 418 -13.89 4.37 -3.41
C VAL A 418 -13.26 3.07 -2.87
N LEU A 419 -13.97 2.44 -1.94
CA LEU A 419 -13.51 1.21 -1.32
C LEU A 419 -14.56 0.18 -1.62
N ALA A 420 -14.14 -0.99 -2.09
CA ALA A 420 -15.03 -2.15 -2.21
C ALA A 420 -14.52 -3.26 -1.30
N THR A 421 -15.41 -3.75 -0.45
CA THR A 421 -15.11 -4.86 0.45
C THR A 421 -16.12 -5.98 0.23
N GLY A 422 -15.68 -7.07 -0.37
CA GLY A 422 -16.59 -8.16 -0.71
C GLY A 422 -17.34 -7.91 -2.02
N LEU A 423 -16.59 -7.84 -3.12
CA LEU A 423 -17.15 -7.50 -4.44
C LEU A 423 -17.27 -8.76 -5.31
N PHE A 424 -18.48 -9.15 -5.66
CA PHE A 424 -18.74 -10.35 -6.45
C PHE A 424 -19.46 -9.89 -7.76
N VAL A 425 -18.86 -10.05 -8.92
CA VAL A 425 -19.47 -9.59 -10.16
C VAL A 425 -19.24 -10.65 -11.24
N GLU A 426 -20.32 -11.13 -11.89
CA GLU A 426 -20.22 -12.27 -12.78
C GLU A 426 -21.01 -12.16 -14.08
N HIS A 427 -20.37 -12.62 -15.15
CA HIS A 427 -21.01 -13.07 -16.41
C HIS A 427 -21.29 -11.99 -17.46
N PHE A 428 -20.73 -10.79 -17.30
CA PHE A 428 -21.01 -9.71 -18.23
C PHE A 428 -20.41 -9.93 -19.64
N ASN A 429 -21.09 -9.40 -20.66
CA ASN A 429 -20.65 -9.62 -22.04
C ASN A 429 -19.34 -8.90 -22.35
N LYS A 430 -19.07 -7.85 -21.59
CA LYS A 430 -17.83 -7.10 -21.68
C LYS A 430 -17.16 -6.98 -20.29
N TYR A 431 -16.66 -5.81 -19.89
CA TYR A 431 -15.94 -5.76 -18.62
C TYR A 431 -16.86 -5.91 -17.41
N ASP A 432 -16.61 -6.91 -16.57
CA ASP A 432 -17.43 -7.09 -15.41
C ASP A 432 -17.25 -5.88 -14.49
N VAL A 433 -15.99 -5.49 -14.27
CA VAL A 433 -15.65 -4.33 -13.45
C VAL A 433 -14.67 -3.44 -14.17
N GLN A 434 -14.99 -2.13 -14.20
CA GLN A 434 -14.08 -1.10 -14.69
C GLN A 434 -13.89 -0.04 -13.61
N TRP A 435 -12.65 0.40 -13.46
CA TRP A 435 -12.29 1.33 -12.41
C TRP A 435 -11.45 2.40 -13.05
N SER A 436 -12.04 3.59 -13.14
CA SER A 436 -11.34 4.75 -13.67
C SER A 436 -11.01 5.84 -12.64
N GLY A 437 -11.72 5.89 -11.52
CA GLY A 437 -11.40 6.86 -10.49
C GLY A 437 -10.04 6.59 -9.86
N GLU A 438 -9.54 7.57 -9.10
CA GLU A 438 -8.22 7.47 -8.49
C GLU A 438 -8.34 6.89 -7.05
N ASN A 439 -7.23 6.32 -6.61
CA ASN A 439 -7.07 5.60 -5.33
C ASN A 439 -8.23 4.75 -4.84
N GLY A 440 -8.71 3.89 -5.74
CA GLY A 440 -9.64 2.84 -5.37
C GLY A 440 -8.91 1.72 -4.65
N LYS A 441 -9.68 1.05 -3.80
CA LYS A 441 -9.22 -0.14 -3.13
C LYS A 441 -10.29 -1.18 -3.20
N THR A 442 -9.90 -2.41 -3.55
CA THR A 442 -10.80 -3.58 -3.50
C THR A 442 -10.19 -4.65 -2.64
N ILE A 443 -10.93 -5.06 -1.62
CA ILE A 443 -10.53 -6.17 -0.73
C ILE A 443 -11.58 -7.28 -0.94
N PHE A 444 -11.10 -8.34 -1.64
CA PHE A 444 -11.85 -9.49 -2.10
C PHE A 444 -12.67 -9.23 -3.34
N TYR A 445 -12.35 -9.98 -4.39
CA TYR A 445 -13.10 -9.98 -5.64
C TYR A 445 -13.31 -11.43 -6.07
N GLN A 446 -14.55 -11.73 -6.43
CA GLN A 446 -14.90 -13.00 -7.08
C GLN A 446 -15.63 -12.69 -8.38
N ASN A 447 -15.12 -13.25 -9.47
CA ASN A 447 -15.72 -13.13 -10.79
C ASN A 447 -15.81 -14.49 -11.46
N ALA A 448 -16.83 -14.63 -12.31
CA ALA A 448 -16.87 -15.71 -13.31
C ALA A 448 -17.14 -15.01 -14.64
N LYS A 449 -16.48 -15.47 -15.68
CA LYS A 449 -16.70 -14.92 -17.02
C LYS A 449 -17.92 -15.58 -17.65
N ALA A 450 -18.58 -14.86 -18.54
CA ALA A 450 -19.77 -15.36 -19.24
C ALA A 450 -19.54 -16.74 -19.89
N TYR A 451 -20.42 -17.68 -19.59
CA TYR A 451 -20.31 -19.07 -20.10
C TYR A 451 -20.67 -19.17 -21.56
N ASP A 452 -21.45 -18.21 -22.02
CA ASP A 452 -22.15 -18.28 -23.28
C ASP A 452 -21.65 -17.45 -24.46
N ALA A 453 -20.45 -16.89 -24.37
CA ALA A 453 -19.80 -16.29 -25.50
C ALA A 453 -19.80 -17.32 -26.64
N PRO A 454 -20.33 -16.97 -27.81
CA PRO A 454 -20.46 -18.08 -28.78
C PRO A 454 -19.18 -18.42 -29.52
N ASP A 455 -18.36 -17.40 -29.70
CA ASP A 455 -17.04 -17.63 -30.29
C ASP A 455 -16.02 -16.56 -29.89
N GLN A 456 -14.81 -16.73 -30.40
CA GLN A 456 -13.70 -15.83 -30.08
C GLN A 456 -13.98 -14.40 -30.58
N ALA A 457 -14.46 -14.31 -31.82
CA ALA A 457 -14.71 -13.00 -32.46
C ALA A 457 -15.71 -12.17 -31.69
N ALA A 458 -16.67 -12.84 -31.04
CA ALA A 458 -17.74 -12.15 -30.34
C ALA A 458 -17.27 -11.29 -29.17
N ILE A 459 -16.21 -11.75 -28.49
CA ILE A 459 -15.66 -11.14 -27.27
C ILE A 459 -14.38 -10.33 -27.45
N GLN A 460 -14.07 -9.97 -28.68
CA GLN A 460 -12.79 -9.31 -28.92
C GLN A 460 -12.81 -7.92 -28.33
N ASN A 461 -11.65 -7.50 -27.87
CA ASN A 461 -11.47 -6.25 -27.16
C ASN A 461 -10.28 -5.55 -27.83
N GLY A 462 -10.48 -5.17 -29.10
CA GLY A 462 -9.38 -4.67 -29.91
C GLY A 462 -8.29 -5.70 -30.28
N ASP A 463 -7.10 -5.53 -29.71
CA ASP A 463 -5.99 -6.45 -29.87
C ASP A 463 -5.96 -7.51 -28.76
N ILE A 464 -6.97 -7.48 -27.90
CA ILE A 464 -7.09 -8.33 -26.72
C ILE A 464 -8.22 -9.33 -26.91
N LYS A 465 -7.96 -10.58 -26.50
CA LYS A 465 -9.00 -11.61 -26.46
C LYS A 465 -9.74 -11.60 -25.16
N GLY A 466 -11.03 -11.30 -25.27
CA GLY A 466 -11.86 -11.20 -24.09
C GLY A 466 -11.76 -9.85 -23.45
N TYR A 467 -12.63 -9.62 -22.48
CA TYR A 467 -12.64 -8.39 -21.69
C TYR A 467 -12.23 -8.79 -20.29
N ALA A 468 -11.30 -8.06 -19.68
CA ALA A 468 -10.90 -8.38 -18.32
C ALA A 468 -12.11 -8.42 -17.40
N ALA A 469 -12.03 -9.26 -16.39
CA ALA A 469 -13.02 -9.25 -15.33
C ALA A 469 -12.89 -7.99 -14.47
N TYR A 470 -11.71 -7.39 -14.46
CA TYR A 470 -11.46 -6.23 -13.61
C TYR A 470 -10.38 -5.39 -14.30
N LYS A 471 -10.80 -4.23 -14.80
CA LYS A 471 -9.93 -3.34 -15.54
C LYS A 471 -9.80 -1.99 -14.92
N VAL A 472 -8.59 -1.74 -14.43
CA VAL A 472 -8.14 -0.41 -14.08
C VAL A 472 -7.61 0.31 -15.32
N ASP A 473 -8.32 1.37 -15.69
CA ASP A 473 -7.93 2.22 -16.82
C ASP A 473 -6.44 2.52 -16.80
N ASP A 474 -5.85 2.54 -18.00
CA ASP A 474 -4.47 2.94 -18.23
C ASP A 474 -4.00 4.24 -17.55
N SER A 475 -4.93 5.15 -17.29
CA SER A 475 -4.61 6.51 -16.85
C SER A 475 -4.48 6.63 -15.33
N VAL A 476 -5.14 5.70 -14.65
CA VAL A 476 -5.14 5.69 -13.20
C VAL A 476 -3.71 5.55 -12.72
N THR A 477 -3.45 6.24 -11.63
CA THR A 477 -2.12 6.49 -11.16
C THR A 477 -1.98 5.75 -9.82
N THR A 478 -3.11 5.59 -9.15
CA THR A 478 -3.10 4.87 -7.88
C THR A 478 -4.34 3.96 -7.74
N HIS A 479 -4.10 2.69 -7.41
CA HIS A 479 -5.15 1.68 -7.19
C HIS A 479 -4.55 0.57 -6.37
N GLU A 480 -5.38 -0.23 -5.71
CA GLU A 480 -4.85 -1.37 -4.98
C GLU A 480 -5.94 -2.42 -4.72
N GLY A 481 -5.65 -3.66 -5.10
CA GLY A 481 -6.55 -4.78 -4.91
C GLY A 481 -5.91 -5.94 -4.15
N TRP A 482 -6.71 -6.60 -3.31
CA TRP A 482 -6.26 -7.68 -2.48
C TRP A 482 -7.20 -8.90 -2.61
N GLY A 483 -6.64 -10.05 -2.97
CA GLY A 483 -7.40 -11.29 -2.91
C GLY A 483 -8.51 -11.43 -3.94
N MET A 484 -8.09 -11.60 -5.21
CA MET A 484 -8.99 -11.40 -6.33
C MET A 484 -8.89 -12.54 -7.34
N GLY A 485 -10.05 -13.07 -7.71
CA GLY A 485 -10.09 -14.18 -8.67
C GLY A 485 -11.11 -14.05 -9.80
N SER A 486 -10.76 -14.62 -10.95
CA SER A 486 -11.64 -14.68 -12.14
C SER A 486 -11.65 -16.13 -12.59
N TYR A 487 -12.84 -16.71 -12.75
CA TYR A 487 -12.98 -18.09 -13.22
C TYR A 487 -13.69 -18.15 -14.55
N CYS A 488 -13.38 -19.16 -15.36
CA CYS A 488 -14.10 -19.33 -16.64
C CYS A 488 -14.69 -20.76 -16.79
N TYR A 489 -15.80 -20.82 -17.50
CA TYR A 489 -16.41 -22.08 -17.98
C TYR A 489 -17.13 -21.80 -19.26
N PHE A 490 -16.32 -21.67 -20.31
CA PHE A 490 -16.84 -21.37 -21.64
C PHE A 490 -17.44 -22.65 -22.25
N ASN A 491 -18.67 -22.95 -21.87
CA ASN A 491 -19.21 -24.25 -22.19
C ASN A 491 -20.14 -24.27 -23.43
N VAL A 492 -20.36 -23.09 -24.03
CA VAL A 492 -20.84 -23.01 -25.41
C VAL A 492 -19.68 -23.23 -26.38
N ASN A 493 -18.59 -22.51 -26.19
CA ASN A 493 -17.41 -22.63 -27.06
C ASN A 493 -16.13 -22.80 -26.22
N PRO A 494 -15.88 -24.03 -25.78
CA PRO A 494 -14.76 -24.39 -24.92
C PRO A 494 -13.35 -24.32 -25.56
N ASP A 495 -13.27 -23.88 -26.82
CA ASP A 495 -12.00 -23.55 -27.44
C ASP A 495 -11.68 -22.04 -27.38
N ILE A 496 -12.52 -21.28 -26.69
CA ILE A 496 -12.23 -19.85 -26.47
C ILE A 496 -11.02 -19.63 -25.56
N ARG A 497 -10.31 -18.53 -25.82
CA ARG A 497 -9.27 -18.04 -24.92
C ARG A 497 -9.64 -16.69 -24.33
N GLN A 498 -9.38 -16.53 -23.04
CA GLN A 498 -9.55 -15.27 -22.33
C GLN A 498 -8.14 -14.75 -22.04
N GLN A 499 -7.76 -13.59 -22.57
CA GLN A 499 -6.35 -13.20 -22.44
C GLN A 499 -5.92 -13.06 -20.98
N HIS A 500 -6.80 -12.53 -20.15
CA HIS A 500 -6.47 -12.32 -18.74
C HIS A 500 -7.72 -12.04 -17.91
N GLY A 501 -7.62 -12.25 -16.60
CA GLY A 501 -8.66 -11.85 -15.64
C GLY A 501 -8.61 -10.37 -15.28
N PHE A 502 -7.40 -9.80 -15.30
CA PHE A 502 -7.18 -8.43 -14.86
C PHE A 502 -6.35 -7.65 -15.88
N GLN A 503 -6.70 -6.36 -16.05
CA GLN A 503 -5.92 -5.45 -16.91
C GLN A 503 -5.67 -4.15 -16.16
N ALA A 504 -4.42 -3.69 -16.17
CA ALA A 504 -4.10 -2.50 -15.45
C ALA A 504 -2.73 -1.95 -15.84
N PRO A 505 -2.56 -0.62 -15.77
CA PRO A 505 -1.22 -0.03 -16.00
C PRO A 505 -0.08 -0.57 -15.11
N VAL A 506 1.11 -0.61 -15.67
CA VAL A 506 2.32 -0.92 -14.91
C VAL A 506 2.81 0.41 -14.35
N LYS A 507 2.52 0.62 -13.08
CA LYS A 507 2.86 1.88 -12.41
C LYS A 507 3.08 1.58 -10.94
N PRO A 508 4.00 2.30 -10.32
CA PRO A 508 4.26 1.97 -8.92
C PRO A 508 3.07 2.19 -7.96
N GLY A 509 2.14 3.07 -8.30
CA GLY A 509 0.99 3.33 -7.46
C GLY A 509 -0.15 2.34 -7.72
N VAL A 510 0.09 1.40 -8.62
CA VAL A 510 -0.89 0.36 -9.00
C VAL A 510 -0.37 -0.98 -8.60
N LYS A 511 -1.02 -1.51 -7.58
CA LYS A 511 -0.49 -2.62 -6.83
C LYS A 511 -1.64 -3.60 -6.80
N PHE A 512 -1.34 -4.88 -7.01
CA PHE A 512 -2.31 -5.94 -6.74
C PHE A 512 -1.63 -7.00 -5.89
N HIS A 513 -2.39 -7.55 -4.97
CA HIS A 513 -1.94 -8.65 -4.14
C HIS A 513 -2.84 -9.88 -4.29
N ASP A 514 -2.23 -11.04 -4.51
CA ASP A 514 -2.95 -12.32 -4.47
C ASP A 514 -4.07 -12.40 -5.51
N LEU A 515 -3.62 -12.42 -6.79
CA LEU A 515 -4.48 -12.59 -7.96
C LEU A 515 -4.50 -14.01 -8.46
N LEU A 516 -5.63 -14.40 -9.04
CA LEU A 516 -5.75 -15.72 -9.62
C LEU A 516 -6.78 -15.80 -10.73
N VAL A 517 -6.55 -16.77 -11.63
CA VAL A 517 -7.55 -17.18 -12.62
C VAL A 517 -7.64 -18.69 -12.65
N VAL A 518 -8.81 -19.20 -13.00
CA VAL A 518 -9.10 -20.61 -12.80
C VAL A 518 -10.02 -21.03 -13.96
N SER A 519 -9.65 -22.08 -14.70
CA SER A 519 -10.53 -22.68 -15.69
C SER A 519 -11.32 -23.84 -15.12
N LEU A 520 -12.63 -23.80 -15.25
CA LEU A 520 -13.44 -24.91 -14.76
C LEU A 520 -13.53 -26.03 -15.79
N GLY A 521 -12.91 -27.15 -15.47
CA GLY A 521 -13.00 -28.34 -16.32
C GLY A 521 -12.40 -28.17 -17.73
N GLY A 522 -11.49 -27.23 -17.92
CA GLY A 522 -10.85 -27.03 -19.21
C GLY A 522 -11.76 -26.37 -20.23
N LYS A 523 -12.80 -25.72 -19.75
CA LYS A 523 -13.78 -25.10 -20.63
C LYS A 523 -13.34 -23.67 -20.90
N GLY A 524 -12.61 -23.52 -22.00
CA GLY A 524 -11.82 -22.35 -22.22
C GLY A 524 -10.57 -22.34 -21.35
N GLN A 525 -9.67 -21.43 -21.68
CA GLN A 525 -8.47 -21.22 -20.86
C GLN A 525 -8.13 -19.73 -20.79
N TYR A 526 -7.45 -19.34 -19.70
CA TYR A 526 -6.82 -18.01 -19.58
C TYR A 526 -5.38 -18.00 -20.07
N GLU A 527 -5.04 -17.06 -20.95
CA GLU A 527 -3.65 -16.90 -21.41
C GLU A 527 -2.69 -16.42 -20.34
N HIS A 528 -3.20 -15.60 -19.41
CA HIS A 528 -2.41 -14.97 -18.38
C HIS A 528 -3.34 -14.63 -17.21
N VAL A 529 -2.74 -14.15 -16.13
CA VAL A 529 -3.51 -13.69 -14.98
C VAL A 529 -3.88 -12.21 -15.09
N ILE A 530 -2.87 -11.36 -15.22
CA ILE A 530 -3.09 -9.93 -15.37
C ILE A 530 -2.20 -9.41 -16.48
N ASN A 531 -2.73 -8.54 -17.32
CA ASN A 531 -1.99 -8.11 -18.52
C ASN A 531 -1.36 -9.30 -19.21
N ASP A 532 -0.20 -9.10 -19.81
CA ASP A 532 0.48 -10.18 -20.52
C ASP A 532 1.38 -10.98 -19.57
N ILE A 533 0.97 -10.99 -18.30
CA ILE A 533 1.74 -11.53 -17.21
C ILE A 533 0.94 -12.59 -16.45
N GLY A 534 1.63 -13.66 -16.09
CA GLY A 534 1.00 -14.72 -15.34
C GLY A 534 0.87 -15.88 -16.29
N ASP A 535 0.99 -17.06 -15.73
CA ASP A 535 1.03 -18.26 -16.50
C ASP A 535 -0.38 -18.64 -16.92
N PRO A 536 -0.51 -19.29 -18.11
CA PRO A 536 -1.85 -19.62 -18.57
C PRO A 536 -2.44 -20.74 -17.77
N THR A 537 -3.75 -20.85 -17.72
CA THR A 537 -4.32 -22.09 -17.29
C THR A 537 -4.11 -23.14 -18.38
N SER A 538 -4.05 -24.41 -17.97
CA SER A 538 -3.99 -25.49 -18.94
C SER A 538 -4.51 -26.76 -18.30
N GLY A 539 -4.81 -27.78 -19.13
CA GLY A 539 -5.38 -29.01 -18.64
C GLY A 539 -6.88 -28.89 -18.39
N ASP A 540 -7.46 -29.91 -17.76
CA ASP A 540 -8.88 -29.90 -17.40
C ASP A 540 -9.13 -30.23 -15.93
N THR A 541 -8.12 -29.98 -15.10
CA THR A 541 -8.14 -30.31 -13.66
C THR A 541 -8.37 -29.10 -12.71
N THR A 542 -8.64 -27.91 -13.25
CA THR A 542 -9.13 -26.78 -12.40
C THR A 542 -8.06 -26.22 -11.46
N ILE A 543 -6.82 -26.32 -11.91
CA ILE A 543 -5.70 -25.79 -11.15
C ILE A 543 -5.55 -24.28 -11.36
N PRO A 544 -5.63 -23.48 -10.29
CA PRO A 544 -5.48 -22.03 -10.41
C PRO A 544 -4.08 -21.58 -10.86
N SER A 545 -4.05 -20.52 -11.65
CA SER A 545 -2.83 -19.79 -11.94
C SER A 545 -2.82 -18.53 -11.10
N GLN A 546 -1.75 -18.36 -10.32
CA GLN A 546 -1.74 -17.37 -9.23
C GLN A 546 -0.66 -16.32 -9.51
N VAL A 547 -0.90 -15.12 -9.02
CA VAL A 547 0.17 -14.10 -8.94
C VAL A 547 0.15 -13.41 -7.59
N VAL A 548 1.28 -13.52 -6.89
CA VAL A 548 1.38 -13.06 -5.52
C VAL A 548 1.47 -11.54 -5.48
N SER A 549 2.41 -10.97 -6.25
CA SER A 549 2.62 -9.52 -6.28
C SER A 549 2.64 -8.96 -7.72
N PHE A 550 1.96 -7.83 -7.91
CA PHE A 550 1.98 -7.09 -9.16
C PHE A 550 1.98 -5.60 -8.82
N PRO A 551 2.84 -4.80 -9.50
CA PRO A 551 3.58 -5.02 -10.74
C PRO A 551 4.99 -5.43 -10.46
N ALA B 1 -3.29 33.12 -0.89
CA ALA B 1 -4.07 34.26 -0.40
C ALA B 1 -4.71 34.02 0.97
N GLN B 2 -4.21 33.01 1.68
CA GLN B 2 -4.46 32.81 3.11
C GLN B 2 -3.24 32.08 3.70
N GLU B 3 -2.87 32.36 4.96
CA GLU B 3 -1.63 31.77 5.53
C GLU B 3 -1.66 30.24 5.65
N VAL B 4 -0.56 29.55 5.34
CA VAL B 4 -0.52 28.10 5.60
C VAL B 4 -0.41 27.93 7.11
N VAL B 5 -1.04 26.87 7.63
CA VAL B 5 -1.13 26.64 9.04
C VAL B 5 -0.21 25.48 9.40
N GLY B 6 0.77 25.78 10.25
CA GLY B 6 1.73 24.79 10.67
C GLY B 6 1.19 23.90 11.79
N GLY B 7 1.94 22.84 12.03
CA GLY B 7 1.59 21.86 13.05
C GLY B 7 0.56 20.90 12.49
N GLY B 8 0.07 20.00 13.35
CA GLY B 8 -0.99 19.09 12.97
C GLY B 8 -0.48 17.65 12.95
N ASP B 9 -1.31 16.73 13.40
CA ASP B 9 -1.15 15.31 13.17
C ASP B 9 -0.28 14.92 12.00
N LEU B 10 0.47 13.84 12.19
CA LEU B 10 1.46 13.42 11.20
C LEU B 10 0.93 12.47 10.09
N GLY B 11 -0.40 12.33 9.99
CA GLY B 11 -1.04 11.53 8.95
C GLY B 11 -0.98 10.04 9.19
N PRO B 12 -1.57 9.24 8.27
CA PRO B 12 -1.71 7.82 8.62
C PRO B 12 -0.54 6.97 8.13
N ASN B 13 0.59 7.61 7.82
CA ASN B 13 1.81 6.84 7.54
C ASN B 13 2.91 6.99 8.61
N VAL B 14 2.59 7.72 9.68
CA VAL B 14 3.48 7.86 10.85
C VAL B 14 2.85 7.07 12.00
N LEU B 15 3.37 5.87 12.22
CA LEU B 15 2.88 4.98 13.27
C LEU B 15 3.68 5.26 14.55
N VAL B 16 2.97 5.73 15.57
CA VAL B 16 3.60 6.12 16.84
C VAL B 16 3.22 5.08 17.92
N PHE B 17 4.21 4.73 18.75
CA PHE B 17 4.10 3.63 19.73
C PHE B 17 4.59 4.11 21.14
N ASP B 18 3.97 3.57 22.21
CA ASP B 18 4.62 3.48 23.55
C ASP B 18 4.65 2.00 24.02
N PRO B 19 5.28 1.72 25.17
CA PRO B 19 5.36 0.29 25.52
C PRO B 19 4.04 -0.34 25.93
N SER B 20 2.99 0.49 26.05
CA SER B 20 1.62 0.03 26.30
C SER B 20 0.73 -0.21 25.04
N THR B 21 1.27 0.03 23.85
CA THR B 21 0.56 -0.38 22.64
C THR B 21 0.53 -1.89 22.59
N PRO B 22 -0.65 -2.49 22.32
CA PRO B 22 -0.58 -3.97 22.24
C PRO B 22 -0.05 -4.46 20.90
N ASP B 23 0.68 -5.56 21.00
CA ASP B 23 1.21 -6.27 19.84
C ASP B 23 1.88 -5.22 18.96
N ILE B 24 2.90 -4.62 19.55
CA ILE B 24 3.74 -3.71 18.79
C ILE B 24 4.39 -4.50 17.69
N GLN B 25 4.85 -5.71 18.03
CA GLN B 25 5.44 -6.63 17.04
C GLN B 25 4.48 -6.81 15.88
N GLY B 26 3.19 -6.72 16.19
CA GLY B 26 2.14 -6.90 15.22
C GLY B 26 2.01 -5.82 14.14
N LYS B 27 1.97 -4.53 14.47
CA LYS B 27 1.78 -3.58 13.40
C LYS B 27 3.09 -3.33 12.73
N VAL B 28 4.19 -3.46 13.47
CA VAL B 28 5.49 -3.51 12.79
C VAL B 28 5.54 -4.70 11.87
N ASP B 29 4.89 -5.79 12.25
CA ASP B 29 4.94 -7.00 11.42
C ASP B 29 4.08 -6.85 10.18
N GLU B 30 2.96 -6.11 10.30
CA GLU B 30 2.09 -5.82 9.14
C GLU B 30 2.95 -5.01 8.15
N VAL B 31 3.49 -3.87 8.60
CA VAL B 31 4.33 -3.02 7.74
C VAL B 31 5.41 -3.82 7.01
N PHE B 32 6.12 -4.67 7.72
CA PHE B 32 7.18 -5.45 7.04
C PHE B 32 6.70 -6.41 5.96
N ARG B 33 5.61 -7.16 6.18
CA ARG B 33 5.23 -8.18 5.19
C ARG B 33 5.00 -7.37 3.89
N LYS B 34 4.35 -6.23 4.02
CA LYS B 34 3.99 -5.47 2.83
C LYS B 34 5.12 -4.58 2.25
N GLN B 35 6.21 -4.41 2.99
CA GLN B 35 7.38 -3.66 2.46
C GLN B 35 8.67 -4.46 2.14
N GLU B 36 8.79 -5.69 2.65
CA GLU B 36 10.04 -6.46 2.55
C GLU B 36 10.59 -6.54 1.13
N SER B 37 9.70 -6.80 0.16
CA SER B 37 10.06 -6.83 -1.27
C SER B 37 9.26 -5.81 -2.06
N ASN B 38 9.03 -4.64 -1.50
CA ASN B 38 8.23 -3.61 -2.17
C ASN B 38 9.18 -2.57 -2.74
N GLN B 39 10.07 -3.03 -3.61
CA GLN B 39 11.25 -2.23 -3.94
C GLN B 39 10.95 -0.92 -4.64
N PHE B 40 9.91 -0.91 -5.48
CA PHE B 40 9.57 0.26 -6.26
C PHE B 40 8.15 0.82 -6.03
N GLY B 41 7.43 0.30 -5.04
CA GLY B 41 6.10 0.81 -4.75
C GLY B 41 6.04 2.21 -4.16
N THR B 42 4.80 2.69 -4.01
CA THR B 42 4.53 4.04 -3.56
C THR B 42 4.35 4.08 -2.07
N ASP B 43 4.39 2.91 -1.44
CA ASP B 43 4.07 2.79 -0.03
C ASP B 43 5.26 3.25 0.82
N ARG B 44 4.97 4.08 1.84
CA ARG B 44 5.97 4.75 2.68
C ARG B 44 5.58 4.69 4.18
N TYR B 45 6.53 4.43 5.08
CA TYR B 45 6.20 4.35 6.53
C TYR B 45 7.26 4.88 7.47
N ALA B 46 6.83 5.57 8.54
CA ALA B 46 7.71 5.94 9.65
C ALA B 46 7.18 5.24 10.88
N LEU B 47 8.08 4.59 11.63
CA LEU B 47 7.73 3.90 12.87
C LEU B 47 8.42 4.66 13.98
N MET B 48 7.64 5.37 14.81
CA MET B 48 8.20 6.27 15.79
C MET B 48 7.91 5.70 17.18
N PHE B 49 8.93 5.73 18.04
CA PHE B 49 8.86 5.07 19.35
C PHE B 49 9.04 6.06 20.46
N LYS B 50 7.99 6.24 21.26
CA LYS B 50 8.12 7.22 22.33
C LYS B 50 9.11 6.72 23.39
N PRO B 51 9.73 7.65 24.14
CA PRO B 51 10.62 7.26 25.23
C PRO B 51 10.01 6.18 26.12
N GLY B 52 10.82 5.20 26.47
CA GLY B 52 10.39 4.01 27.20
C GLY B 52 11.30 2.83 26.87
N THR B 53 10.98 1.66 27.44
CA THR B 53 11.73 0.43 27.23
C THR B 53 10.77 -0.59 26.65
N TYR B 54 11.24 -1.32 25.64
CA TYR B 54 10.40 -2.22 24.85
C TYR B 54 11.02 -3.60 24.86
N ASN B 55 10.31 -4.59 25.44
CA ASN B 55 10.80 -5.97 25.46
C ASN B 55 10.17 -6.81 24.34
N ASP B 56 10.89 -7.84 23.92
CA ASP B 56 10.37 -8.83 22.97
C ASP B 56 10.07 -8.22 21.60
N ILE B 57 10.95 -7.34 21.12
CA ILE B 57 10.73 -6.66 19.83
C ILE B 57 11.87 -6.99 18.87
N ASN B 58 11.51 -7.26 17.62
CA ASN B 58 12.47 -7.47 16.58
C ASN B 58 11.93 -6.71 15.38
N ALA B 59 12.15 -5.40 15.36
CA ALA B 59 11.58 -4.57 14.31
C ALA B 59 12.29 -4.87 12.99
N GLN B 60 11.57 -5.58 12.12
CA GLN B 60 12.04 -5.94 10.80
C GLN B 60 11.79 -4.76 9.88
N ILE B 61 12.86 -4.26 9.24
CA ILE B 61 12.79 -3.04 8.41
C ILE B 61 12.90 -3.36 6.91
N GLY B 62 11.80 -3.18 6.18
CA GLY B 62 11.76 -3.39 4.73
C GLY B 62 12.01 -2.09 3.98
N PHE B 63 11.62 -2.07 2.70
CA PHE B 63 11.79 -0.89 1.88
C PHE B 63 10.97 0.27 2.42
N TYR B 64 11.52 1.48 2.24
CA TYR B 64 10.84 2.74 2.52
C TYR B 64 10.24 2.79 3.93
N THR B 65 10.99 2.21 4.86
CA THR B 65 10.62 2.21 6.27
C THR B 65 11.73 2.87 7.09
N SER B 66 11.34 3.89 7.83
CA SER B 66 12.22 4.54 8.78
C SER B 66 11.74 4.20 10.21
N ILE B 67 12.69 3.95 11.10
CA ILE B 67 12.36 3.64 12.50
C ILE B 67 13.20 4.60 13.33
N ALA B 68 12.57 5.19 14.33
CA ALA B 68 13.23 6.18 15.14
C ALA B 68 12.67 6.18 16.55
N GLY B 69 13.54 6.61 17.48
CA GLY B 69 13.12 6.96 18.82
C GLY B 69 12.80 8.45 18.91
N LEU B 70 11.97 8.80 19.90
CA LEU B 70 11.50 10.16 20.10
C LEU B 70 12.04 10.78 21.39
N GLY B 71 13.20 10.32 21.83
CA GLY B 71 13.95 10.96 22.91
C GLY B 71 15.01 11.91 22.37
N LEU B 72 15.26 12.99 23.11
CA LEU B 72 16.50 13.76 22.97
C LEU B 72 17.63 12.80 22.60
N ASN B 73 17.95 11.94 23.59
CA ASN B 73 19.06 10.97 23.58
C ASN B 73 18.60 9.62 23.04
N PRO B 74 19.51 8.86 22.42
CA PRO B 74 19.20 7.51 21.94
C PRO B 74 18.83 6.52 23.07
N ASP B 75 19.41 6.73 24.24
CA ASP B 75 19.18 5.78 25.34
C ASP B 75 17.78 5.98 25.96
N ASP B 76 17.16 7.13 25.66
CA ASP B 76 15.80 7.38 26.09
C ASP B 76 14.80 6.38 25.55
N THR B 77 15.12 5.75 24.44
CA THR B 77 14.22 4.82 23.79
C THR B 77 15.00 3.54 23.52
N THR B 78 14.83 2.57 24.42
CA THR B 78 15.66 1.40 24.47
C THR B 78 14.80 0.17 24.11
N PHE B 79 15.33 -0.61 23.18
CA PHE B 79 14.72 -1.88 22.73
C PHE B 79 15.55 -3.05 23.24
N ASN B 80 14.91 -3.98 23.94
CA ASN B 80 15.58 -5.22 24.30
C ASN B 80 15.21 -6.22 23.21
N GLY B 81 16.01 -6.12 22.17
CA GLY B 81 15.68 -6.71 20.91
C GLY B 81 16.49 -6.01 19.85
N ASP B 82 15.96 -6.04 18.64
CA ASP B 82 16.73 -5.79 17.44
C ASP B 82 15.96 -4.96 16.43
N VAL B 83 16.68 -4.07 15.76
CA VAL B 83 16.20 -3.46 14.53
C VAL B 83 16.97 -4.14 13.40
N THR B 84 16.31 -5.05 12.70
CA THR B 84 16.96 -5.95 11.77
C THR B 84 16.76 -5.56 10.31
N VAL B 85 17.86 -5.66 9.55
CA VAL B 85 17.76 -5.85 8.11
C VAL B 85 18.58 -7.10 7.75
N ASP B 86 17.92 -8.02 7.06
CA ASP B 86 18.60 -9.20 6.49
C ASP B 86 18.19 -9.11 5.00
N ALA B 87 18.42 -10.09 4.14
CA ALA B 87 17.76 -9.95 2.80
C ALA B 87 17.77 -11.14 1.86
N GLY B 88 17.40 -12.23 2.46
CA GLY B 88 17.02 -13.38 1.69
C GLY B 88 15.54 -13.33 1.56
N TRP B 89 15.02 -12.14 1.22
CA TRP B 89 13.83 -12.02 0.37
C TRP B 89 14.31 -12.11 -1.09
N PHE B 90 15.15 -11.17 -1.57
CA PHE B 90 15.87 -11.34 -2.86
C PHE B 90 16.98 -12.37 -2.59
N ASP B 91 16.56 -13.55 -2.10
CA ASP B 91 17.38 -14.75 -1.83
C ASP B 91 18.68 -14.83 -0.92
N GLY B 92 19.10 -13.75 -0.27
CA GLY B 92 20.24 -13.78 0.66
C GLY B 92 21.30 -12.85 0.11
N ASN B 93 20.94 -12.26 -1.02
CA ASN B 93 21.74 -11.28 -1.65
C ASN B 93 21.32 -9.93 -1.06
N ALA B 94 22.24 -9.24 -0.36
CA ALA B 94 21.90 -8.00 0.32
C ALA B 94 22.12 -6.75 -0.52
N THR B 95 22.38 -6.88 -1.83
CA THR B 95 22.72 -5.69 -2.62
C THR B 95 21.55 -4.86 -3.16
N GLN B 96 20.31 -5.31 -2.90
CA GLN B 96 19.10 -4.53 -3.23
C GLN B 96 18.44 -3.92 -1.98
N ASN B 97 19.16 -3.89 -0.85
CA ASN B 97 18.55 -3.47 0.42
C ASN B 97 18.68 -1.97 0.68
N PHE B 98 17.86 -1.24 -0.07
CA PHE B 98 17.91 0.20 -0.14
C PHE B 98 16.77 0.91 0.62
N TRP B 99 16.94 2.22 0.75
CA TRP B 99 15.86 3.18 1.07
C TRP B 99 15.14 2.85 2.40
N ARG B 100 15.91 2.87 3.48
CA ARG B 100 15.35 2.63 4.80
C ARG B 100 16.27 3.24 5.86
N SER B 101 15.82 3.34 7.10
CA SER B 101 16.65 4.08 8.04
C SER B 101 16.36 3.70 9.49
N ALA B 102 17.39 3.84 10.32
CA ALA B 102 17.25 3.68 11.80
C ALA B 102 17.94 4.85 12.50
N GLU B 103 17.25 5.48 13.46
CA GLU B 103 17.89 6.56 14.22
C GLU B 103 17.37 6.70 15.65
N ASN B 104 18.26 7.17 16.51
CA ASN B 104 17.90 7.64 17.86
C ASN B 104 17.26 6.56 18.75
N LEU B 105 17.89 5.38 18.73
CA LEU B 105 17.49 4.23 19.57
C LEU B 105 18.72 3.61 20.25
N ALA B 106 18.49 3.02 21.43
CA ALA B 106 19.43 2.09 22.02
C ALA B 106 18.90 0.67 21.81
N LEU B 107 19.76 -0.22 21.37
CA LEU B 107 19.41 -1.61 21.06
C LEU B 107 20.24 -2.52 21.96
N ASN B 108 19.52 -3.36 22.71
CA ASN B 108 20.14 -4.45 23.46
C ASN B 108 19.84 -5.75 22.71
N PRO B 109 20.62 -6.01 21.66
CA PRO B 109 20.32 -6.97 20.61
C PRO B 109 20.06 -8.33 21.14
N VAL B 110 19.00 -8.88 20.62
CA VAL B 110 18.43 -10.03 21.22
C VAL B 110 19.37 -11.21 21.33
N ASN B 111 20.37 -11.42 20.45
CA ASN B 111 21.33 -12.51 20.65
C ASN B 111 22.76 -12.00 20.93
N GLY B 112 22.87 -10.71 21.25
CA GLY B 112 24.17 -10.10 21.51
C GLY B 112 24.70 -9.33 20.29
N THR B 113 23.98 -9.47 19.18
CA THR B 113 24.35 -8.90 17.89
C THR B 113 23.12 -8.27 17.27
N ASN B 114 23.29 -7.06 16.74
CA ASN B 114 22.31 -6.41 15.86
C ASN B 114 22.93 -6.28 14.44
N ARG B 115 22.18 -5.75 13.51
CA ARG B 115 21.75 -6.71 12.58
C ARG B 115 21.34 -6.17 11.23
N TRP B 116 22.22 -5.36 10.65
CA TRP B 116 21.83 -4.31 9.71
C TRP B 116 22.48 -4.55 8.36
N ALA B 117 21.97 -5.53 7.62
CA ALA B 117 22.61 -5.99 6.38
C ALA B 117 22.05 -5.26 5.16
N VAL B 118 22.58 -4.07 4.95
CA VAL B 118 22.01 -3.14 3.99
C VAL B 118 22.98 -2.81 2.86
N SER B 119 22.43 -2.19 1.82
CA SER B 119 23.24 -1.57 0.80
C SER B 119 22.95 -0.07 0.84
N GLN B 120 22.89 0.59 -0.30
CA GLN B 120 22.86 2.06 -0.33
C GLN B 120 21.59 2.70 0.20
N ALA B 121 21.72 3.94 0.70
CA ALA B 121 20.58 4.75 1.18
C ALA B 121 19.86 4.08 2.33
N ALA B 122 20.66 3.58 3.28
CA ALA B 122 20.12 2.93 4.46
C ALA B 122 20.85 3.42 5.73
N PRO B 123 20.68 4.71 6.05
CA PRO B 123 21.49 5.27 7.14
C PRO B 123 21.17 4.73 8.51
N PHE B 124 22.20 4.76 9.35
CA PHE B 124 22.15 4.29 10.73
C PHE B 124 22.78 5.43 11.52
N ARG B 125 21.93 6.23 12.18
CA ARG B 125 22.35 7.50 12.82
C ARG B 125 21.91 7.63 14.29
N ARG B 126 22.76 8.25 15.13
CA ARG B 126 22.38 8.54 16.52
C ARG B 126 21.89 7.25 17.21
N MET B 127 22.58 6.13 16.94
CA MET B 127 22.25 4.83 17.51
C MET B 127 23.25 4.40 18.60
N HIS B 128 22.75 3.76 19.64
CA HIS B 128 23.58 3.12 20.65
C HIS B 128 23.30 1.61 20.63
N VAL B 129 24.27 0.82 20.15
CA VAL B 129 24.14 -0.63 20.14
C VAL B 129 24.91 -1.20 21.34
N LYS B 130 24.15 -1.66 22.31
CA LYS B 130 24.72 -2.30 23.50
C LYS B 130 25.02 -3.75 23.19
N GLY B 131 26.01 -3.91 22.33
CA GLY B 131 26.43 -5.20 21.80
C GLY B 131 27.12 -5.04 20.47
N GLY B 132 27.05 -6.09 19.66
CA GLY B 132 27.68 -6.14 18.37
C GLY B 132 26.74 -5.76 17.24
N LEU B 133 27.33 -5.57 16.06
CA LEU B 133 26.61 -5.05 14.90
C LEU B 133 27.13 -5.74 13.64
N ASN B 134 26.35 -6.69 13.11
CA ASN B 134 26.71 -7.46 11.92
C ASN B 134 26.11 -6.77 10.71
N LEU B 135 26.97 -6.37 9.78
CA LEU B 135 26.52 -5.68 8.58
C LEU B 135 26.21 -6.56 7.38
N ALA B 136 26.35 -7.88 7.51
CA ALA B 136 26.11 -8.74 6.36
C ALA B 136 24.89 -9.63 6.50
N PRO B 137 24.35 -10.01 5.35
CA PRO B 137 23.48 -11.19 5.27
C PRO B 137 24.13 -12.54 5.47
N ASP B 138 23.15 -13.43 5.85
CA ASP B 138 23.20 -14.90 6.07
C ASP B 138 23.20 -15.78 4.84
N GLY B 139 24.26 -16.56 4.79
CA GLY B 139 24.83 -16.96 3.54
C GLY B 139 25.96 -15.99 3.23
N TYR B 140 26.15 -14.93 4.03
CA TYR B 140 27.39 -14.16 3.92
C TYR B 140 27.66 -13.44 2.56
N GLY B 141 26.66 -13.11 1.77
CA GLY B 141 26.91 -12.99 0.33
C GLY B 141 27.06 -11.68 -0.39
N TRP B 142 28.24 -11.10 -0.57
CA TRP B 142 28.34 -9.79 -1.22
C TRP B 142 27.08 -8.74 -1.02
N ALA B 143 27.42 -7.53 -0.64
CA ALA B 143 26.47 -6.62 -0.03
C ALA B 143 27.20 -5.30 -0.19
N SER B 144 26.46 -4.19 -0.31
CA SER B 144 27.07 -2.93 -0.81
C SER B 144 26.51 -1.64 -0.15
N GLY B 145 26.60 -1.58 1.19
CA GLY B 145 26.39 -0.32 1.90
C GLY B 145 27.62 0.59 1.91
N GLY B 146 27.72 1.48 2.89
CA GLY B 146 26.75 1.70 3.93
C GLY B 146 27.23 2.92 4.70
N TYR B 147 26.46 3.34 5.70
CA TYR B 147 26.64 4.60 6.38
C TYR B 147 26.24 4.51 7.85
N ILE B 148 27.20 4.77 8.74
CA ILE B 148 26.95 4.93 10.17
C ILE B 148 27.47 6.30 10.58
N ALA B 149 26.65 7.05 11.30
CA ALA B 149 27.11 8.33 11.84
C ALA B 149 26.59 8.51 13.25
N ASP B 150 27.39 9.19 14.06
CA ASP B 150 26.94 9.65 15.38
C ASP B 150 26.42 8.54 16.29
N SER B 151 27.05 7.39 16.19
CA SER B 151 26.60 6.20 16.88
C SER B 151 27.66 5.61 17.77
N LYS B 152 27.22 4.88 18.80
CA LYS B 152 28.18 4.07 19.55
C LYS B 152 27.77 2.62 19.60
N ILE B 153 28.75 1.80 19.22
CA ILE B 153 28.61 0.35 19.21
C ILE B 153 29.55 -0.10 20.31
N ASP B 154 28.97 -0.59 21.40
CA ASP B 154 29.78 -1.02 22.56
C ASP B 154 30.61 -2.27 22.25
N GLY B 155 30.10 -3.10 21.34
CA GLY B 155 30.81 -4.27 20.88
C GLY B 155 31.52 -4.07 19.54
N GLU B 156 31.67 -5.17 18.83
CA GLU B 156 32.35 -5.18 17.56
C GLU B 156 31.39 -5.05 16.37
N VAL B 157 31.81 -4.29 15.39
CA VAL B 157 31.14 -4.22 14.09
C VAL B 157 31.81 -5.21 13.14
N GLY B 158 31.00 -5.97 12.43
CA GLY B 158 31.50 -7.01 11.53
C GLY B 158 30.98 -6.81 10.12
N PRO B 159 31.79 -6.22 9.24
CA PRO B 159 31.31 -6.00 7.88
C PRO B 159 31.18 -7.32 7.10
N TYR B 160 32.08 -8.27 7.37
CA TYR B 160 32.16 -9.52 6.62
C TYR B 160 32.25 -9.25 5.09
N SER B 161 31.28 -9.71 4.31
CA SER B 161 31.38 -9.61 2.86
C SER B 161 30.99 -8.22 2.29
N GLN B 162 30.48 -7.32 3.13
CA GLN B 162 30.26 -5.90 2.69
C GLN B 162 31.44 -5.39 1.89
N GLN B 163 31.18 -4.83 0.70
CA GLN B 163 32.27 -4.33 -0.12
C GLN B 163 33.00 -3.14 0.47
N GLN B 164 32.23 -2.17 0.98
CA GLN B 164 32.82 -0.89 1.39
C GLN B 164 31.89 -0.31 2.45
N TRP B 165 32.36 0.70 3.16
CA TRP B 165 31.59 1.28 4.26
C TRP B 165 32.17 2.61 4.69
N TYR B 166 31.30 3.52 5.15
CA TYR B 166 31.72 4.78 5.75
C TYR B 166 31.11 4.94 7.14
N THR B 167 31.97 5.27 8.09
CA THR B 167 31.56 5.53 9.47
C THR B 167 32.14 6.88 9.86
N ARG B 168 31.30 7.75 10.40
CA ARG B 168 31.85 8.99 10.98
C ARG B 168 31.34 9.34 12.37
N ASP B 169 32.20 10.07 13.08
CA ASP B 169 31.87 10.71 14.35
C ASP B 169 31.07 9.76 15.26
N SER B 170 31.73 8.65 15.58
CA SER B 170 31.15 7.52 16.29
C SER B 170 32.18 6.91 17.23
N SER B 171 31.77 5.84 17.91
CA SER B 171 32.65 5.03 18.74
C SER B 171 32.31 3.55 18.51
N VAL B 172 33.32 2.75 18.26
CA VAL B 172 33.13 1.33 18.06
C VAL B 172 34.04 0.56 19.00
N GLY B 173 33.61 -0.63 19.41
CA GLY B 173 34.36 -1.43 20.36
C GLY B 173 35.42 -2.23 19.64
N GLY B 174 35.04 -2.73 18.47
CA GLY B 174 35.95 -3.43 17.57
C GLY B 174 35.50 -3.24 16.13
N TRP B 175 36.31 -3.77 15.21
CA TRP B 175 36.05 -3.76 13.76
C TRP B 175 36.65 -5.03 13.17
N GLY B 176 35.85 -5.89 12.54
CA GLY B 176 36.33 -7.21 12.16
C GLY B 176 37.11 -7.33 10.85
N ASN B 177 36.65 -6.65 9.79
CA ASN B 177 37.40 -6.71 8.56
C ASN B 177 37.17 -5.53 7.63
N GLY B 178 38.07 -5.42 6.65
CA GLY B 178 37.89 -4.58 5.48
C GLY B 178 37.85 -5.45 4.23
N VAL B 179 37.07 -5.03 3.24
CA VAL B 179 36.96 -5.78 1.99
C VAL B 179 37.63 -4.98 0.87
N TRP B 180 36.99 -3.89 0.42
CA TRP B 180 37.58 -3.00 -0.60
C TRP B 180 37.91 -1.59 -0.11
N ASN B 181 37.01 -1.00 0.68
CA ASN B 181 37.16 0.39 1.10
C ASN B 181 36.35 0.66 2.35
N MET B 182 36.97 0.49 3.52
CA MET B 182 36.34 0.88 4.75
C MET B 182 37.01 2.18 5.21
N THR B 183 36.22 3.26 5.21
CA THR B 183 36.71 4.59 5.58
C THR B 183 36.05 5.06 6.89
N PHE B 184 36.86 5.74 7.72
CA PHE B 184 36.45 6.25 9.01
C PHE B 184 36.92 7.70 9.12
N SER B 185 36.05 8.58 9.62
CA SER B 185 36.51 9.89 10.06
C SER B 185 35.87 10.23 11.42
N GLY B 186 36.69 10.63 12.39
CA GLY B 186 36.21 10.93 13.72
C GLY B 186 35.71 9.73 14.51
N VAL B 187 36.25 8.54 14.22
CA VAL B 187 35.76 7.32 14.82
C VAL B 187 36.69 6.78 15.91
N GLU B 188 36.26 6.94 17.16
CA GLU B 188 36.92 6.33 18.30
C GLU B 188 36.84 4.80 18.18
N GLY B 189 38.00 4.14 18.22
CA GLY B 189 38.05 2.70 18.09
C GLY B 189 38.25 2.21 16.67
N ALA B 190 38.31 3.14 15.72
CA ALA B 190 38.54 2.77 14.32
C ALA B 190 39.94 2.18 14.16
N PRO B 191 40.06 1.16 13.30
CA PRO B 191 41.40 0.66 13.00
C PRO B 191 42.30 1.77 12.42
N ALA B 192 43.58 1.65 12.70
CA ALA B 192 44.58 2.61 12.24
C ALA B 192 44.63 2.64 10.70
N GLN B 193 45.01 3.78 10.14
CA GLN B 193 45.31 3.92 8.71
C GLN B 193 46.25 2.81 8.18
N SER B 194 45.72 1.96 7.29
CA SER B 194 46.47 0.79 6.77
C SER B 194 46.39 0.49 5.28
N PHE B 195 45.59 1.28 4.56
CA PHE B 195 45.34 1.04 3.14
C PHE B 195 46.69 0.87 2.46
N PRO B 196 46.79 -0.06 1.48
CA PRO B 196 45.70 -0.89 0.93
C PRO B 196 45.38 -2.18 1.66
N GLU B 197 46.08 -2.54 2.73
CA GLU B 197 45.80 -3.83 3.37
C GLU B 197 45.92 -3.95 4.92
N PRO B 198 44.78 -4.18 5.61
CA PRO B 198 43.43 -4.15 4.99
C PRO B 198 43.10 -2.76 4.46
N PRO B 199 41.97 -2.59 3.77
CA PRO B 199 41.73 -1.32 3.08
C PRO B 199 41.06 -0.29 3.97
N TYR B 200 41.77 0.07 5.05
CA TYR B 200 41.34 1.05 6.01
C TYR B 200 41.91 2.43 5.73
N THR B 201 41.01 3.36 5.43
CA THR B 201 41.29 4.77 5.35
C THR B 201 40.72 5.43 6.61
N THR B 202 41.61 5.97 7.47
CA THR B 202 41.21 6.43 8.79
C THR B 202 41.69 7.85 9.05
N LEU B 203 40.72 8.74 9.26
CA LEU B 203 40.99 10.13 9.57
C LEU B 203 40.65 10.35 11.02
N GLU B 204 41.53 11.06 11.72
CA GLU B 204 41.36 11.32 13.13
C GLU B 204 40.05 12.07 13.43
N THR B 205 39.74 13.08 12.60
CA THR B 205 38.57 13.93 12.84
C THR B 205 37.84 14.17 11.51
N THR B 206 36.57 14.56 11.61
CA THR B 206 35.83 14.97 10.44
C THR B 206 35.93 16.50 10.33
N PRO B 207 36.32 17.01 9.15
CA PRO B 207 36.62 18.44 9.00
C PRO B 207 35.52 19.34 9.56
N VAL B 208 34.29 18.99 9.25
CA VAL B 208 33.14 19.53 9.95
C VAL B 208 31.97 18.62 9.72
N SER B 209 31.09 18.60 10.71
CA SER B 209 29.86 17.85 10.58
C SER B 209 28.78 18.50 11.39
N ARG B 210 27.53 18.22 11.02
CA ARG B 210 26.39 18.74 11.76
C ARG B 210 25.32 17.66 11.69
N GLU B 211 24.94 17.14 12.85
CA GLU B 211 24.07 15.99 12.88
C GLU B 211 22.68 16.29 12.33
N LYS B 212 22.11 15.28 11.68
CA LYS B 212 20.81 15.48 11.02
C LYS B 212 19.72 15.84 12.03
N PRO B 213 18.85 16.80 11.71
CA PRO B 213 17.67 17.09 12.54
C PRO B 213 16.73 15.88 12.67
N PHE B 214 16.00 15.84 13.79
CA PHE B 214 15.08 14.74 14.03
C PHE B 214 13.92 15.13 14.98
N LEU B 215 12.78 14.47 14.79
CA LEU B 215 11.59 14.69 15.59
C LEU B 215 11.72 13.92 16.91
N TYR B 216 11.43 14.58 18.03
CA TYR B 216 11.43 13.97 19.38
C TYR B 216 10.22 14.42 20.18
N LEU B 217 10.21 14.11 21.48
CA LEU B 217 9.17 14.55 22.41
C LEU B 217 9.75 15.37 23.54
N ASP B 218 9.39 16.65 23.63
CA ASP B 218 9.68 17.41 24.83
C ASP B 218 8.46 17.11 25.67
N GLY B 219 8.65 16.23 26.65
CA GLY B 219 7.55 15.55 27.30
C GLY B 219 6.37 15.26 26.37
N ASP B 220 5.50 16.27 26.25
CA ASP B 220 4.21 16.12 25.61
C ASP B 220 4.09 17.04 24.34
N ASP B 221 5.07 17.91 24.13
CA ASP B 221 5.20 18.67 22.89
C ASP B 221 6.18 17.97 21.94
N TYR B 222 5.75 17.71 20.71
CA TYR B 222 6.66 17.30 19.65
C TYR B 222 7.48 18.49 19.22
N LYS B 223 8.78 18.29 19.05
CA LYS B 223 9.67 19.27 18.45
C LYS B 223 10.65 18.62 17.46
N VAL B 224 11.37 19.44 16.70
CA VAL B 224 12.48 18.98 15.89
C VAL B 224 13.76 19.52 16.49
N PHE B 225 14.63 18.61 16.92
CA PHE B 225 15.95 19.00 17.41
C PHE B 225 16.83 19.26 16.22
N VAL B 226 17.52 20.39 16.25
CA VAL B 226 18.39 20.82 15.17
C VAL B 226 19.82 20.95 15.73
N PRO B 227 20.62 19.91 15.54
CA PRO B 227 21.98 19.94 16.12
C PRO B 227 22.82 21.09 15.63
N ALA B 228 23.57 21.72 16.53
CA ALA B 228 24.56 22.70 16.12
C ALA B 228 25.79 21.98 15.56
N LYS B 229 26.40 22.62 14.58
CA LYS B 229 27.62 22.11 13.95
C LYS B 229 28.79 21.80 14.91
N ARG B 230 29.51 20.72 14.59
CA ARG B 230 30.83 20.44 15.18
C ARG B 230 31.95 20.75 14.20
N THR B 231 33.11 21.10 14.72
CA THR B 231 34.28 21.42 13.92
C THR B 231 35.44 20.48 14.32
N ASN B 232 36.09 19.86 13.32
CA ASN B 232 37.07 18.82 13.57
C ASN B 232 36.47 17.77 14.58
N ALA B 233 35.34 17.21 14.19
CA ALA B 233 34.57 16.29 15.03
C ALA B 233 35.20 14.91 15.26
N ARG B 234 34.94 14.36 16.44
CA ARG B 234 35.34 13.00 16.78
C ARG B 234 34.39 12.52 17.85
N GLY B 235 33.95 11.28 17.69
CA GLY B 235 33.11 10.64 18.65
C GLY B 235 31.68 11.16 18.55
N THR B 236 30.85 10.63 19.43
CA THR B 236 29.43 10.96 19.35
C THR B 236 29.18 12.37 19.90
N SER B 237 28.22 13.05 19.28
CA SER B 237 27.80 14.36 19.71
C SER B 237 27.16 14.30 21.08
N TRP B 238 26.39 13.24 21.30
CA TRP B 238 25.49 13.15 22.43
C TRP B 238 26.14 12.55 23.68
N GLY B 239 27.30 11.94 23.55
CA GLY B 239 27.92 11.40 24.75
C GLY B 239 28.30 12.35 25.90
N ASN B 240 27.88 13.62 25.93
CA ASN B 240 28.28 14.54 27.07
C ASN B 240 27.17 15.38 27.66
N GLY B 241 26.11 14.72 28.13
CA GLY B 241 24.80 15.32 27.97
C GLY B 241 24.61 15.77 26.52
N THR B 242 23.79 16.82 26.41
CA THR B 242 23.44 17.61 25.20
C THR B 242 24.48 17.87 24.13
N PRO B 243 24.09 17.74 22.84
CA PRO B 243 24.86 18.56 21.87
C PRO B 243 24.34 19.99 22.08
N GLU B 244 25.04 21.09 21.75
CA GLU B 244 24.36 22.37 21.56
C GLU B 244 23.36 22.05 20.47
N GLY B 245 22.38 22.91 20.29
CA GLY B 245 21.41 22.71 19.23
C GLY B 245 20.20 23.51 19.60
N GLU B 246 19.24 23.61 18.69
CA GLU B 246 18.03 24.36 18.96
C GLU B 246 16.82 23.49 18.67
N SER B 247 15.86 23.52 19.60
CA SER B 247 14.59 22.83 19.41
C SER B 247 13.56 23.81 18.86
N LEU B 248 12.83 23.34 17.86
CA LEU B 248 11.81 24.12 17.19
C LEU B 248 10.48 23.46 17.57
N PRO B 249 9.39 24.24 17.69
CA PRO B 249 8.12 23.54 17.88
C PRO B 249 7.55 22.99 16.56
N LEU B 250 6.85 21.87 16.67
CA LEU B 250 6.16 21.31 15.52
C LEU B 250 5.22 22.34 14.85
N ASP B 251 4.68 23.27 15.62
CA ASP B 251 3.75 24.27 15.06
C ASP B 251 4.42 25.24 14.08
N GLN B 252 5.75 25.28 14.15
CA GLN B 252 6.53 26.13 13.25
C GLN B 252 6.96 25.35 11.99
N PHE B 253 6.31 24.21 11.74
CA PHE B 253 6.48 23.42 10.51
C PHE B 253 5.18 23.31 9.75
N TYR B 254 5.23 23.53 8.43
CA TYR B 254 4.14 23.05 7.57
C TYR B 254 4.31 21.53 7.46
N VAL B 255 3.23 20.82 7.77
CA VAL B 255 3.22 19.37 7.72
C VAL B 255 2.66 18.93 6.39
N VAL B 256 3.58 18.55 5.51
CA VAL B 256 3.26 18.31 4.11
C VAL B 256 2.59 16.94 4.04
N LYS B 257 1.47 16.92 3.32
CA LYS B 257 0.65 15.74 3.02
C LYS B 257 0.55 15.48 1.52
N PRO B 258 0.04 14.28 1.13
CA PRO B 258 -0.70 13.83 -0.07
C PRO B 258 -1.66 14.76 -0.83
N GLY B 259 -1.79 16.02 -0.46
CA GLY B 259 -2.55 16.98 -1.24
C GLY B 259 -1.76 18.28 -1.43
N ALA B 260 -0.51 18.30 -0.95
CA ALA B 260 0.25 19.56 -1.01
C ALA B 260 0.76 19.87 -2.40
N THR B 261 0.65 21.13 -2.78
CA THR B 261 1.16 21.61 -4.04
C THR B 261 2.47 22.35 -3.82
N ALA B 262 3.22 22.51 -4.88
CA ALA B 262 4.43 23.28 -4.76
C ALA B 262 4.17 24.74 -4.32
N GLU B 263 3.17 25.40 -4.88
CA GLU B 263 2.98 26.83 -4.52
C GLU B 263 2.68 26.99 -3.00
N THR B 264 1.99 26.01 -2.42
CA THR B 264 1.75 25.92 -0.96
C THR B 264 3.00 25.79 -0.13
N ILE B 265 3.77 24.75 -0.44
CA ILE B 265 5.04 24.53 0.23
C ILE B 265 5.85 25.79 0.15
N ASN B 266 5.85 26.40 -1.03
CA ASN B 266 6.64 27.60 -1.26
C ASN B 266 6.12 28.77 -0.43
N ALA B 267 4.80 28.91 -0.37
CA ALA B 267 4.19 29.95 0.44
C ALA B 267 4.44 29.71 1.90
N ALA B 268 4.55 28.45 2.31
CA ALA B 268 4.88 28.13 3.70
C ALA B 268 6.26 28.64 4.07
N VAL B 269 7.24 28.27 3.27
CA VAL B 269 8.63 28.62 3.57
C VAL B 269 8.79 30.17 3.60
N ASP B 270 8.14 30.81 2.64
CA ASP B 270 7.89 32.26 2.64
C ASP B 270 7.57 32.92 4.01
N GLN B 271 6.63 32.32 4.73
CA GLN B 271 6.08 32.87 5.98
C GLN B 271 6.93 32.58 7.21
N GLY B 272 8.04 31.88 6.99
CA GLY B 272 8.83 31.41 8.10
C GLY B 272 8.38 30.11 8.71
N LEU B 273 7.74 29.24 7.92
CA LEU B 273 7.50 27.89 8.37
C LEU B 273 8.61 27.01 7.82
N HIS B 274 9.00 26.03 8.60
CA HIS B 274 9.88 24.96 8.13
C HIS B 274 8.98 23.93 7.45
N LEU B 275 9.58 22.88 6.87
CA LEU B 275 8.84 21.83 6.19
C LEU B 275 9.11 20.47 6.84
N LEU B 276 8.02 19.75 7.12
CA LEU B 276 8.09 18.40 7.64
C LEU B 276 7.31 17.53 6.64
N PHE B 277 8.02 16.74 5.82
CA PHE B 277 7.32 15.91 4.83
C PHE B 277 7.01 14.57 5.43
N THR B 278 5.72 14.32 5.60
CA THR B 278 5.25 13.05 6.10
C THR B 278 5.45 11.97 5.03
N PRO B 279 5.50 10.70 5.45
CA PRO B 279 5.82 9.67 4.45
C PRO B 279 4.77 9.58 3.37
N GLY B 280 5.23 9.60 2.13
CA GLY B 280 4.36 9.69 0.97
C GLY B 280 5.12 10.11 -0.25
N VAL B 281 4.38 10.25 -1.35
CA VAL B 281 4.93 10.76 -2.61
C VAL B 281 4.24 12.04 -3.05
N TYR B 282 5.04 13.06 -3.32
CA TYR B 282 4.56 14.40 -3.66
C TYR B 282 5.03 14.79 -5.07
N HIS B 283 4.08 14.92 -5.97
CA HIS B 283 4.42 15.49 -7.28
C HIS B 283 4.29 16.95 -7.20
N VAL B 284 5.28 17.63 -7.78
CA VAL B 284 5.24 19.05 -7.98
C VAL B 284 5.21 19.31 -9.50
N ASP B 285 4.47 20.33 -9.91
CA ASP B 285 4.45 20.78 -11.30
C ASP B 285 5.28 22.02 -11.45
N GLN B 286 6.03 22.29 -10.38
CA GLN B 286 6.74 23.53 -10.20
C GLN B 286 7.90 23.26 -9.19
N PRO B 287 9.02 23.99 -9.27
CA PRO B 287 10.01 23.64 -8.23
C PRO B 287 9.61 24.06 -6.81
N ILE B 288 10.06 23.30 -5.83
CA ILE B 288 10.04 23.74 -4.45
C ILE B 288 11.24 24.63 -4.29
N GLU B 289 11.02 25.74 -3.57
CA GLU B 289 12.02 26.77 -3.38
C GLU B 289 12.16 27.14 -1.92
N ILE B 290 13.41 27.03 -1.43
CA ILE B 290 13.73 27.36 -0.07
C ILE B 290 14.73 28.49 -0.16
N ASP B 291 14.24 29.68 0.12
CA ASP B 291 15.04 30.88 0.00
C ASP B 291 14.96 31.73 1.25
N ARG B 292 14.81 31.04 2.37
CA ARG B 292 14.91 31.67 3.68
C ARG B 292 15.99 30.96 4.50
N ALA B 293 16.88 31.74 5.10
CA ALA B 293 17.97 31.18 5.89
C ALA B 293 17.45 30.29 7.05
N ASN B 294 18.23 29.24 7.38
CA ASN B 294 17.96 28.34 8.51
C ASN B 294 16.68 27.48 8.36
N THR B 295 16.13 27.39 7.16
CA THR B 295 14.96 26.54 6.92
C THR B 295 15.34 25.07 7.04
N VAL B 296 14.60 24.35 7.87
CA VAL B 296 14.71 22.90 7.96
C VAL B 296 13.63 22.26 7.09
N ALA B 297 14.08 21.35 6.21
CA ALA B 297 13.16 20.54 5.39
C ALA B 297 13.48 19.10 5.67
N LEU B 298 12.66 18.50 6.53
CA LEU B 298 12.91 17.16 7.06
C LEU B 298 11.87 16.19 6.55
N GLY B 299 12.33 15.11 5.97
CA GLY B 299 11.44 14.05 5.51
C GLY B 299 11.43 12.88 6.47
N LEU B 300 10.28 12.22 6.55
CA LEU B 300 10.10 11.02 7.34
C LEU B 300 9.71 9.90 6.40
N GLY B 301 10.13 8.68 6.75
CA GLY B 301 9.73 7.48 6.03
C GLY B 301 10.00 7.51 4.54
N LEU B 302 11.16 8.05 4.17
CA LEU B 302 11.54 8.08 2.75
C LEU B 302 10.54 8.86 1.87
N ALA B 303 10.01 9.93 2.45
CA ALA B 303 9.19 10.87 1.71
C ALA B 303 9.88 11.20 0.40
N THR B 304 9.08 11.22 -0.65
CA THR B 304 9.59 11.27 -2.02
C THR B 304 8.96 12.39 -2.83
N ILE B 305 9.80 13.08 -3.60
CA ILE B 305 9.35 14.18 -4.43
C ILE B 305 9.62 13.81 -5.87
N ILE B 306 8.57 13.87 -6.69
CA ILE B 306 8.69 13.63 -8.12
C ILE B 306 8.36 14.91 -8.90
N PRO B 307 9.33 15.44 -9.68
CA PRO B 307 9.01 16.59 -10.53
C PRO B 307 8.28 16.14 -11.78
N ASP B 308 7.16 16.79 -12.02
CA ASP B 308 6.37 16.52 -13.21
C ASP B 308 6.82 17.52 -14.27
N ASN B 309 6.53 17.22 -15.53
CA ASN B 309 6.63 18.23 -16.60
C ASN B 309 8.04 18.82 -16.80
N GLY B 310 9.07 18.09 -16.37
CA GLY B 310 10.45 18.46 -16.60
C GLY B 310 11.00 19.49 -15.64
N VAL B 311 10.23 19.87 -14.61
CA VAL B 311 10.74 20.83 -13.64
C VAL B 311 11.85 20.26 -12.75
N THR B 312 12.61 21.18 -12.15
CA THR B 312 13.54 20.85 -11.07
C THR B 312 12.70 20.63 -9.83
N ALA B 313 13.11 19.69 -8.99
CA ALA B 313 12.31 19.30 -7.82
C ALA B 313 12.53 20.23 -6.65
N LEU B 314 13.78 20.64 -6.45
CA LEU B 314 14.13 21.46 -5.31
C LEU B 314 15.24 22.40 -5.60
N LYS B 315 15.03 23.64 -5.14
CA LYS B 315 15.96 24.74 -5.35
C LYS B 315 16.19 25.42 -4.01
N VAL B 316 17.43 25.36 -3.52
CA VAL B 316 17.82 26.15 -2.34
C VAL B 316 18.49 27.48 -2.80
N GLY B 317 18.06 28.60 -2.23
CA GLY B 317 18.64 29.89 -2.58
C GLY B 317 19.99 30.18 -1.93
N ASP B 318 20.48 31.40 -2.11
CA ASP B 318 21.80 31.81 -1.61
C ASP B 318 21.73 32.30 -0.15
N VAL B 319 21.28 31.40 0.70
CA VAL B 319 21.08 31.64 2.13
C VAL B 319 21.83 30.64 2.98
N ASP B 320 22.28 31.12 4.15
CA ASP B 320 22.90 30.31 5.21
C ASP B 320 21.91 29.28 5.75
N GLY B 321 22.45 28.16 6.22
CA GLY B 321 21.80 27.39 7.24
C GLY B 321 20.65 26.48 6.87
N VAL B 322 20.39 26.29 5.60
CA VAL B 322 19.29 25.42 5.21
C VAL B 322 19.72 23.95 5.44
N LYS B 323 18.78 23.15 5.96
CA LYS B 323 19.05 21.77 6.34
C LYS B 323 18.03 20.88 5.67
N VAL B 324 18.43 20.27 4.56
CA VAL B 324 17.56 19.38 3.83
C VAL B 324 17.94 17.98 4.27
N ALA B 325 16.97 17.20 4.67
CA ALA B 325 17.26 15.90 5.23
C ALA B 325 16.19 14.88 4.90
N GLY B 326 16.62 13.68 4.53
CA GLY B 326 15.70 12.54 4.52
C GLY B 326 14.65 12.52 3.42
N LEU B 327 15.07 12.87 2.22
CA LEU B 327 14.18 12.91 1.06
C LEU B 327 14.76 12.11 -0.09
N LEU B 328 13.86 11.42 -0.80
CA LEU B 328 14.19 10.81 -2.09
C LEU B 328 13.59 11.65 -3.19
N VAL B 329 14.40 12.03 -4.18
CA VAL B 329 13.91 12.73 -5.36
C VAL B 329 13.98 11.73 -6.53
N ASP B 330 12.83 11.50 -7.13
CA ASP B 330 12.67 10.43 -8.10
C ASP B 330 12.30 11.10 -9.43
N ALA B 331 13.15 10.95 -10.45
CA ALA B 331 12.86 11.61 -11.72
C ALA B 331 11.52 11.15 -12.32
N GLY B 332 10.78 12.10 -12.87
CA GLY B 332 9.65 11.77 -13.72
C GLY B 332 10.08 11.34 -15.14
N PRO B 333 9.15 10.71 -15.89
CA PRO B 333 9.41 10.35 -17.29
C PRO B 333 9.89 11.51 -18.15
N VAL B 334 9.44 12.74 -17.87
CA VAL B 334 9.87 13.91 -18.67
C VAL B 334 11.21 14.49 -18.18
N ASN B 335 12.21 14.53 -19.06
CA ASN B 335 13.55 14.90 -18.64
C ASN B 335 13.57 16.20 -17.86
N SER B 336 14.08 16.10 -16.65
CA SER B 336 14.39 17.26 -15.88
C SER B 336 15.80 17.69 -16.16
N GLU B 337 15.94 18.95 -16.48
CA GLU B 337 17.25 19.52 -16.71
C GLU B 337 18.19 19.44 -15.49
N THR B 338 17.66 19.71 -14.30
CA THR B 338 18.31 19.43 -13.01
C THR B 338 17.26 18.88 -12.05
N LEU B 339 17.67 18.08 -11.07
CA LEU B 339 16.75 17.66 -9.99
C LEU B 339 16.88 18.47 -8.68
N VAL B 340 18.10 18.88 -8.32
CA VAL B 340 18.36 19.63 -7.12
C VAL B 340 19.47 20.59 -7.39
N GLU B 341 19.14 21.87 -7.22
CA GLU B 341 20.10 22.91 -7.32
C GLU B 341 20.22 23.66 -6.06
N VAL B 342 21.42 23.62 -5.52
CA VAL B 342 21.69 24.26 -4.27
C VAL B 342 22.52 25.50 -4.52
N GLY B 343 21.84 26.64 -4.38
CA GLY B 343 22.41 27.94 -4.65
C GLY B 343 22.31 28.34 -6.12
N SER B 344 22.68 29.58 -6.39
CA SER B 344 22.61 30.15 -7.77
C SER B 344 23.85 29.85 -8.58
N ASP B 345 23.78 29.83 -9.91
CA ASP B 345 25.04 29.78 -10.68
C ASP B 345 25.83 31.08 -10.54
N GLY B 346 27.14 30.97 -10.23
CA GLY B 346 28.02 32.12 -10.05
C GLY B 346 28.02 32.67 -8.64
N ALA B 347 27.28 31.99 -7.78
CA ALA B 347 27.21 32.41 -6.39
C ALA B 347 28.55 32.15 -5.73
N SER B 348 29.07 33.20 -5.07
CA SER B 348 30.41 33.23 -4.50
C SER B 348 30.43 33.62 -3.01
N GLY B 349 29.29 34.05 -2.49
CA GLY B 349 29.19 34.34 -1.08
C GLY B 349 29.45 33.08 -0.27
N ASP B 350 29.96 33.26 0.95
CA ASP B 350 30.32 32.18 1.84
C ASP B 350 29.14 31.81 2.68
N HIS B 351 29.28 30.68 3.34
CA HIS B 351 28.32 30.29 4.34
C HIS B 351 29.09 29.47 5.35
N ALA B 352 30.27 29.93 5.78
CA ALA B 352 31.17 29.04 6.51
C ALA B 352 30.73 28.84 7.97
N ALA B 353 30.24 29.93 8.59
CA ALA B 353 29.81 29.85 9.98
C ALA B 353 28.52 29.00 10.11
N ASN B 354 27.68 29.03 9.06
CA ASN B 354 26.38 28.35 9.11
C ASN B 354 26.05 27.88 7.71
N PRO B 355 26.65 26.73 7.34
CA PRO B 355 26.47 26.22 5.98
C PRO B 355 25.04 25.77 5.68
N THR B 356 24.82 25.44 4.42
CA THR B 356 23.62 24.68 4.02
C THR B 356 24.04 23.23 3.86
N SER B 357 23.10 22.30 4.06
CA SER B 357 23.46 20.90 4.03
C SER B 357 22.40 20.06 3.40
N LEU B 358 22.87 18.98 2.77
CA LEU B 358 22.05 17.88 2.28
C LEU B 358 22.44 16.63 3.06
N GLN B 359 21.47 16.00 3.72
CA GLN B 359 21.73 14.78 4.49
C GLN B 359 20.67 13.73 4.21
N ASP B 360 21.13 12.54 3.87
CA ASP B 360 20.20 11.48 3.53
C ASP B 360 19.25 11.99 2.44
N VAL B 361 19.85 12.63 1.44
CA VAL B 361 19.17 13.00 0.20
C VAL B 361 19.56 11.99 -0.88
N PHE B 362 18.55 11.32 -1.42
CA PHE B 362 18.76 10.24 -2.36
C PHE B 362 18.08 10.67 -3.65
N VAL B 363 18.68 10.32 -4.77
CA VAL B 363 18.12 10.61 -6.07
C VAL B 363 18.04 9.29 -6.83
N ARG B 364 16.93 9.10 -7.54
CA ARG B 364 16.72 7.92 -8.38
C ARG B 364 16.28 8.36 -9.76
N ILE B 365 16.86 7.75 -10.81
CA ILE B 365 16.39 8.00 -12.18
C ILE B 365 16.12 6.68 -12.86
N GLY B 366 14.83 6.40 -13.01
CA GLY B 366 14.38 5.13 -13.52
C GLY B 366 14.21 4.09 -12.43
N GLY B 367 13.70 2.91 -12.82
CA GLY B 367 13.63 1.77 -11.91
C GLY B 367 12.23 1.51 -11.37
N ALA B 368 11.45 2.58 -11.22
CA ALA B 368 10.02 2.46 -10.90
C ALA B 368 9.14 3.02 -12.03
N GLY B 369 9.65 2.88 -13.25
CA GLY B 369 9.08 3.53 -14.42
C GLY B 369 10.13 4.39 -15.11
N PRO B 370 10.03 4.56 -16.44
CA PRO B 370 11.05 5.42 -17.07
C PRO B 370 11.15 6.83 -16.46
N GLY B 371 12.38 7.25 -16.22
CA GLY B 371 12.67 8.54 -15.66
C GLY B 371 13.96 9.08 -16.27
N LYS B 372 14.06 10.41 -16.40
CA LYS B 372 15.16 11.05 -17.13
C LYS B 372 15.56 12.37 -16.46
N ALA B 373 16.85 12.65 -16.36
CA ALA B 373 17.35 13.94 -15.90
C ALA B 373 18.77 14.16 -16.39
N THR B 374 19.09 15.40 -16.75
CA THR B 374 20.39 15.67 -17.34
C THR B 374 21.51 15.70 -16.29
N THR B 375 21.30 16.50 -15.26
CA THR B 375 22.18 16.55 -14.11
C THR B 375 21.28 16.32 -12.88
N SER B 376 21.78 15.62 -11.86
CA SER B 376 20.93 15.32 -10.72
C SER B 376 21.03 16.38 -9.62
N ILE B 377 22.24 16.61 -9.12
CA ILE B 377 22.44 17.60 -8.06
C ILE B 377 23.49 18.59 -8.50
N VAL B 378 23.11 19.88 -8.55
CA VAL B 378 24.08 20.96 -8.74
C VAL B 378 24.28 21.65 -7.41
N VAL B 379 25.54 21.66 -6.94
CA VAL B 379 25.90 22.39 -5.73
C VAL B 379 26.68 23.66 -6.12
N ASN B 380 25.96 24.78 -6.10
CA ASN B 380 26.58 26.07 -6.41
C ASN B 380 27.13 26.79 -5.19
N SER B 381 26.49 26.58 -4.05
CA SER B 381 26.78 27.37 -2.84
C SER B 381 28.06 26.98 -2.10
N ASN B 382 28.85 27.98 -1.77
CA ASN B 382 30.07 27.74 -1.04
C ASN B 382 29.77 27.18 0.34
N ASP B 383 30.70 26.37 0.83
CA ASP B 383 30.69 25.81 2.18
C ASP B 383 29.63 24.71 2.44
N THR B 384 28.93 24.30 1.40
CA THR B 384 27.87 23.31 1.54
C THR B 384 28.44 21.99 2.07
N ILE B 385 27.68 21.34 2.96
CA ILE B 385 28.00 19.97 3.44
C ILE B 385 27.03 19.00 2.75
N ILE B 386 27.59 17.99 2.09
CA ILE B 386 26.83 16.86 1.58
C ILE B 386 27.20 15.65 2.43
N ASP B 387 26.32 15.29 3.36
CA ASP B 387 26.59 14.26 4.38
C ASP B 387 25.59 13.09 4.20
N HIS B 388 26.02 12.15 3.38
CA HIS B 388 25.30 10.97 2.92
C HIS B 388 24.31 11.28 1.79
N THR B 389 24.74 10.97 0.58
CA THR B 389 23.83 11.02 -0.57
C THR B 389 24.05 9.74 -1.37
N TRP B 390 22.97 9.25 -1.97
CA TRP B 390 23.05 8.22 -3.01
C TRP B 390 22.32 8.78 -4.23
N VAL B 391 23.08 9.00 -5.30
CA VAL B 391 22.57 9.56 -6.54
C VAL B 391 22.71 8.43 -7.57
N TRP B 392 21.55 7.85 -7.93
CA TRP B 392 21.50 6.56 -8.59
C TRP B 392 20.68 6.54 -9.88
N ARG B 393 21.37 6.33 -11.00
CA ARG B 393 20.68 6.00 -12.24
C ARG B 393 20.40 4.50 -12.17
N ALA B 394 19.12 4.13 -12.31
CA ALA B 394 18.75 2.75 -12.05
C ALA B 394 19.37 1.73 -13.02
N ASP B 395 19.69 0.55 -12.48
CA ASP B 395 20.10 -0.61 -13.30
C ASP B 395 19.11 -1.80 -13.26
N HIS B 396 18.20 -1.81 -12.28
CA HIS B 396 17.15 -2.83 -12.22
C HIS B 396 15.84 -2.06 -12.04
N GLY B 397 14.70 -2.70 -12.32
CA GLY B 397 13.40 -2.04 -12.22
C GLY B 397 12.84 -1.51 -13.54
N GLU B 398 11.58 -1.12 -13.54
CA GLU B 398 10.94 -0.74 -14.78
C GLU B 398 11.49 0.57 -15.31
N GLY B 399 11.57 0.70 -16.64
CA GLY B 399 11.97 1.96 -17.24
C GLY B 399 13.49 2.19 -17.31
N VAL B 400 14.23 1.08 -17.41
CA VAL B 400 15.69 1.09 -17.45
C VAL B 400 16.17 0.83 -18.91
N GLY B 401 17.02 1.73 -19.43
CA GLY B 401 17.42 1.74 -20.83
C GLY B 401 18.56 2.72 -21.04
N TRP B 402 19.56 2.34 -21.86
CA TRP B 402 20.69 3.24 -22.14
C TRP B 402 20.14 4.57 -22.59
N GLU B 403 19.07 4.51 -23.38
CA GLU B 403 18.32 5.71 -23.70
C GLU B 403 17.12 5.94 -22.75
N THR B 404 16.31 4.93 -22.44
CA THR B 404 15.04 5.21 -21.76
C THR B 404 15.17 5.78 -20.33
N ASN B 405 16.22 5.44 -19.58
CA ASN B 405 16.52 6.22 -18.35
C ASN B 405 17.89 6.92 -18.40
N ARG B 406 18.21 7.50 -19.54
CA ARG B 406 19.46 8.22 -19.67
C ARG B 406 19.53 9.32 -18.62
N ALA B 407 20.70 9.43 -18.02
CA ALA B 407 21.02 10.53 -17.13
C ALA B 407 22.51 10.74 -17.25
N ASP B 408 22.87 11.81 -17.93
CA ASP B 408 24.28 12.06 -18.25
C ASP B 408 25.17 12.30 -17.02
N TYR B 409 24.71 13.15 -16.08
CA TYR B 409 25.57 13.65 -15.01
C TYR B 409 24.92 13.50 -13.64
N GLY B 410 25.68 13.00 -12.69
CA GLY B 410 25.22 12.82 -11.34
C GLY B 410 25.21 14.12 -10.59
N VAL B 411 26.35 14.40 -9.96
CA VAL B 411 26.57 15.58 -9.14
C VAL B 411 27.58 16.50 -9.84
N HIS B 412 27.30 17.80 -9.79
CA HIS B 412 28.24 18.78 -10.30
C HIS B 412 28.46 19.78 -9.17
N VAL B 413 29.67 19.79 -8.61
CA VAL B 413 29.98 20.77 -7.55
C VAL B 413 30.73 21.99 -8.08
N LYS B 414 30.03 23.12 -7.94
CA LYS B 414 30.47 24.45 -8.36
C LYS B 414 31.07 25.26 -7.26
N GLY B 415 30.48 25.09 -6.09
CA GLY B 415 30.84 25.84 -4.91
C GLY B 415 32.26 25.59 -4.46
N ASP B 416 32.78 26.55 -3.70
CA ASP B 416 34.09 26.46 -3.08
C ASP B 416 33.93 25.94 -1.67
N ASN B 417 34.93 25.20 -1.21
CA ASN B 417 34.99 24.73 0.16
C ASN B 417 33.83 23.81 0.51
N VAL B 418 33.36 23.07 -0.48
CA VAL B 418 32.27 22.11 -0.29
C VAL B 418 32.88 20.82 0.26
N LEU B 419 32.16 20.21 1.19
CA LEU B 419 32.60 18.95 1.83
C LEU B 419 31.56 17.87 1.58
N ALA B 420 32.01 16.71 1.11
CA ALA B 420 31.17 15.54 0.91
C ALA B 420 31.66 14.44 1.82
N THR B 421 30.79 13.94 2.70
CA THR B 421 31.10 12.84 3.61
C THR B 421 30.09 11.74 3.35
N GLY B 422 30.54 10.65 2.74
CA GLY B 422 29.66 9.54 2.37
C GLY B 422 28.96 9.81 1.06
N LEU B 423 29.75 9.83 -0.02
CA LEU B 423 29.27 10.15 -1.36
C LEU B 423 29.12 8.87 -2.19
N PHE B 424 27.89 8.54 -2.58
CA PHE B 424 27.58 7.32 -3.39
C PHE B 424 26.88 7.79 -4.69
N VAL B 425 27.50 7.60 -5.85
CA VAL B 425 26.95 8.07 -7.12
C VAL B 425 27.21 7.03 -8.20
N GLU B 426 26.16 6.57 -8.87
CA GLU B 426 26.29 5.38 -9.72
C GLU B 426 25.51 5.42 -11.07
N HIS B 427 26.18 4.92 -12.10
CA HIS B 427 25.59 4.48 -13.38
C HIS B 427 25.31 5.57 -14.42
N PHE B 428 25.80 6.78 -14.21
CA PHE B 428 25.51 7.87 -15.15
C PHE B 428 26.12 7.64 -16.54
N ASN B 429 25.46 8.14 -17.60
CA ASN B 429 25.93 7.93 -18.96
C ASN B 429 27.25 8.66 -19.22
N LYS B 430 27.48 9.74 -18.50
CA LYS B 430 28.68 10.55 -18.64
C LYS B 430 29.37 10.64 -17.27
N TYR B 431 29.89 11.80 -16.86
CA TYR B 431 30.58 11.85 -15.60
C TYR B 431 29.63 11.70 -14.40
N ASP B 432 29.89 10.74 -13.52
CA ASP B 432 29.03 10.59 -12.34
C ASP B 432 29.17 11.80 -11.38
N VAL B 433 30.42 12.17 -11.12
CA VAL B 433 30.73 13.36 -10.32
C VAL B 433 31.70 14.25 -11.08
N GLN B 434 31.36 15.54 -11.17
CA GLN B 434 32.28 16.58 -11.64
C GLN B 434 32.47 17.65 -10.56
N TRP B 435 33.71 18.07 -10.36
CA TRP B 435 34.04 19.07 -9.35
C TRP B 435 34.89 20.17 -9.97
N SER B 436 34.31 21.36 -10.04
CA SER B 436 34.98 22.53 -10.63
C SER B 436 35.07 23.78 -9.77
N GLY B 437 34.54 23.75 -8.55
CA GLY B 437 34.80 24.84 -7.62
C GLY B 437 36.07 24.45 -6.89
N GLU B 438 36.48 25.28 -5.94
CA GLU B 438 37.78 25.16 -5.29
C GLU B 438 37.76 24.57 -3.88
N ASN B 439 38.91 24.08 -3.45
CA ASN B 439 39.10 23.57 -2.07
C ASN B 439 38.07 22.52 -1.62
N GLY B 440 37.56 21.78 -2.59
CA GLY B 440 36.67 20.67 -2.32
C GLY B 440 37.31 19.55 -1.50
N LYS B 441 36.49 18.88 -0.69
CA LYS B 441 36.93 17.67 0.03
C LYS B 441 35.87 16.60 -0.02
N THR B 442 36.29 15.38 -0.32
CA THR B 442 35.41 14.21 -0.29
C THR B 442 36.03 13.16 0.61
N ILE B 443 35.25 12.71 1.57
CA ILE B 443 35.63 11.65 2.49
C ILE B 443 34.64 10.51 2.27
N PHE B 444 35.15 9.47 1.62
CA PHE B 444 34.45 8.28 1.12
C PHE B 444 33.68 8.52 -0.16
N TYR B 445 34.06 7.79 -1.21
CA TYR B 445 33.29 7.78 -2.45
C TYR B 445 33.11 6.33 -2.89
N GLN B 446 31.88 6.01 -3.23
CA GLN B 446 31.53 4.77 -3.92
C GLN B 446 30.80 5.06 -5.24
N ASN B 447 31.37 4.51 -6.32
CA ASN B 447 30.78 4.57 -7.66
C ASN B 447 30.73 3.19 -8.32
N ALA B 448 29.74 3.01 -9.18
CA ALA B 448 29.71 1.93 -10.18
C ALA B 448 29.43 2.63 -11.52
N LYS B 449 30.18 2.24 -12.53
CA LYS B 449 29.98 2.77 -13.87
C LYS B 449 28.72 2.17 -14.51
N ALA B 450 28.11 2.89 -15.47
CA ALA B 450 26.96 2.36 -16.25
C ALA B 450 27.19 0.95 -16.75
N TYR B 451 26.22 0.05 -16.52
CA TYR B 451 26.37 -1.38 -16.89
C TYR B 451 26.07 -1.53 -18.38
N ASP B 452 25.29 -0.57 -18.89
CA ASP B 452 24.56 -0.76 -20.13
C ASP B 452 25.13 -0.01 -21.34
N ALA B 453 26.35 0.54 -21.21
CA ALA B 453 27.05 1.07 -22.37
C ALA B 453 27.10 0.00 -23.48
N PRO B 454 26.54 0.27 -24.66
CA PRO B 454 26.52 -0.84 -25.63
C PRO B 454 27.79 -0.96 -26.47
N ASP B 455 28.60 0.09 -26.51
CA ASP B 455 29.86 0.01 -27.22
C ASP B 455 30.88 1.05 -26.80
N GLN B 456 32.12 0.83 -27.23
CA GLN B 456 33.23 1.73 -26.92
C GLN B 456 32.93 3.16 -27.42
N ALA B 457 32.40 3.27 -28.64
CA ALA B 457 32.09 4.59 -29.22
C ALA B 457 31.08 5.34 -28.36
N ALA B 458 30.09 4.61 -27.86
CA ALA B 458 29.03 5.22 -27.05
C ALA B 458 29.57 6.04 -25.87
N ILE B 459 30.80 5.74 -25.44
CA ILE B 459 31.39 6.41 -24.28
C ILE B 459 32.68 7.18 -24.59
N GLN B 460 32.93 7.59 -25.84
CA GLN B 460 34.17 8.33 -26.09
C GLN B 460 34.01 9.68 -25.42
N ASN B 461 35.13 10.21 -24.94
CA ASN B 461 35.15 11.41 -24.10
C ASN B 461 36.37 12.19 -24.55
N GLY B 462 36.17 12.95 -25.62
CA GLY B 462 37.23 13.35 -26.53
C GLY B 462 38.28 12.27 -26.74
N ASP B 463 39.43 12.53 -26.13
CA ASP B 463 40.64 11.72 -26.24
C ASP B 463 40.58 10.41 -25.43
N ILE B 464 39.62 10.39 -24.53
CA ILE B 464 39.61 9.43 -23.41
C ILE B 464 38.56 8.35 -23.62
N LYS B 465 38.89 7.12 -23.23
CA LYS B 465 37.92 6.04 -23.26
C LYS B 465 37.07 6.09 -22.01
N GLY B 466 35.81 6.46 -22.21
CA GLY B 466 34.88 6.61 -21.11
C GLY B 466 35.00 7.87 -20.30
N TYR B 467 34.02 8.04 -19.41
CA TYR B 467 33.91 9.20 -18.54
C TYR B 467 34.30 8.83 -17.11
N ALA B 468 35.20 9.61 -16.52
CA ALA B 468 35.57 9.39 -15.14
C ALA B 468 34.34 9.30 -14.25
N ALA B 469 34.45 8.49 -13.20
CA ALA B 469 33.44 8.49 -12.15
C ALA B 469 33.55 9.76 -11.32
N TYR B 470 34.74 10.35 -11.27
CA TYR B 470 34.97 11.54 -10.45
C TYR B 470 36.01 12.37 -11.18
N LYS B 471 35.55 13.49 -11.72
CA LYS B 471 36.37 14.42 -12.45
C LYS B 471 36.52 15.76 -11.77
N VAL B 472 37.77 16.13 -11.59
CA VAL B 472 38.13 17.46 -11.12
C VAL B 472 38.51 18.27 -12.35
N ASP B 473 37.85 19.39 -12.54
CA ASP B 473 38.12 20.15 -13.70
C ASP B 473 39.52 20.69 -13.67
N ASP B 474 40.02 21.19 -14.80
CA ASP B 474 41.43 21.54 -14.80
C ASP B 474 41.77 23.01 -14.43
N SER B 475 40.79 23.80 -14.01
CA SER B 475 41.11 25.11 -13.42
C SER B 475 41.39 25.00 -11.94
N VAL B 476 40.84 23.92 -11.37
CA VAL B 476 40.83 23.70 -9.93
C VAL B 476 42.26 23.66 -9.41
N THR B 477 42.52 24.42 -8.34
CA THR B 477 43.85 24.54 -7.72
C THR B 477 44.03 23.64 -6.51
N THR B 478 43.00 23.62 -5.65
CA THR B 478 43.04 22.79 -4.44
C THR B 478 41.85 21.81 -4.44
N HIS B 479 42.13 20.54 -4.14
CA HIS B 479 41.11 19.52 -3.97
C HIS B 479 41.72 18.41 -3.14
N GLU B 480 40.93 17.72 -2.33
CA GLU B 480 41.46 16.58 -1.59
C GLU B 480 40.39 15.52 -1.28
N GLY B 481 40.69 14.30 -1.70
CA GLY B 481 39.79 13.16 -1.56
C GLY B 481 40.41 11.97 -0.88
N TRP B 482 39.61 11.26 -0.07
CA TRP B 482 40.08 10.12 0.69
C TRP B 482 39.12 8.91 0.57
N GLY B 483 39.66 7.74 0.25
CA GLY B 483 38.87 6.51 0.35
C GLY B 483 37.79 6.40 -0.73
N MET B 484 38.25 6.29 -1.95
CA MET B 484 37.38 6.50 -3.12
C MET B 484 37.50 5.33 -4.10
N GLY B 485 36.36 4.72 -4.47
CA GLY B 485 36.36 3.58 -5.38
C GLY B 485 35.36 3.68 -6.51
N SER B 486 35.73 3.12 -7.67
CA SER B 486 34.84 3.03 -8.83
C SER B 486 34.89 1.60 -9.34
N TYR B 487 33.71 1.02 -9.53
CA TYR B 487 33.62 -0.36 -10.01
C TYR B 487 32.95 -0.42 -11.37
N CYS B 488 33.32 -1.40 -12.20
CA CYS B 488 32.65 -1.55 -13.49
C CYS B 488 32.05 -2.94 -13.65
N TYR B 489 31.04 -2.99 -14.52
CA TYR B 489 30.29 -4.22 -14.78
C TYR B 489 29.60 -4.06 -16.13
N PHE B 490 30.41 -4.08 -17.19
CA PHE B 490 29.92 -3.76 -18.53
C PHE B 490 29.29 -5.02 -19.12
N ASN B 491 28.08 -5.30 -18.63
CA ASN B 491 27.39 -6.58 -18.83
C ASN B 491 26.40 -6.44 -19.93
N VAL B 492 26.69 -5.56 -20.85
CA VAL B 492 26.04 -5.56 -22.13
C VAL B 492 27.15 -5.73 -23.18
N ASN B 493 28.33 -5.19 -22.88
CA ASN B 493 29.47 -5.28 -23.77
C ASN B 493 30.80 -5.37 -22.96
N PRO B 494 31.13 -6.60 -22.52
CA PRO B 494 32.30 -6.97 -21.70
C PRO B 494 33.65 -6.62 -22.33
N ASP B 495 33.67 -6.22 -23.61
CA ASP B 495 34.93 -5.86 -24.27
C ASP B 495 35.27 -4.38 -24.06
N ILE B 496 34.36 -3.63 -23.43
CA ILE B 496 34.60 -2.21 -23.20
C ILE B 496 35.81 -2.00 -22.27
N ARG B 497 36.53 -0.92 -22.52
CA ARG B 497 37.56 -0.42 -21.61
C ARG B 497 37.18 0.94 -21.04
N GLN B 498 37.37 1.09 -19.73
CA GLN B 498 37.21 2.37 -19.04
C GLN B 498 38.61 2.90 -18.71
N GLN B 499 38.99 4.07 -19.22
CA GLN B 499 40.37 4.53 -19.04
C GLN B 499 40.73 4.65 -17.56
N HIS B 500 39.82 5.21 -16.78
CA HIS B 500 40.12 5.45 -15.38
C HIS B 500 38.86 5.69 -14.57
N GLY B 501 38.99 5.56 -13.25
CA GLY B 501 37.90 5.90 -12.34
C GLY B 501 37.89 7.38 -12.03
N PHE B 502 39.08 7.98 -12.04
CA PHE B 502 39.31 9.36 -11.58
C PHE B 502 40.11 10.15 -12.62
N GLN B 503 39.73 11.39 -12.79
CA GLN B 503 40.49 12.31 -13.63
C GLN B 503 40.64 13.67 -12.97
N ALA B 504 41.87 14.18 -12.98
CA ALA B 504 42.21 15.41 -12.25
C ALA B 504 43.51 16.01 -12.78
N PRO B 505 43.67 17.32 -12.65
CA PRO B 505 44.97 17.87 -13.06
C PRO B 505 46.05 17.51 -12.07
N VAL B 506 47.29 17.59 -12.56
CA VAL B 506 48.46 17.37 -11.75
C VAL B 506 48.89 18.74 -11.25
N LYS B 507 48.41 19.07 -10.06
CA LYS B 507 48.64 20.37 -9.40
C LYS B 507 49.00 20.07 -7.96
N PRO B 508 49.95 20.84 -7.37
CA PRO B 508 50.40 20.74 -5.98
C PRO B 508 49.38 21.13 -4.86
N GLY B 509 48.11 21.00 -5.16
CA GLY B 509 47.10 21.19 -4.16
C GLY B 509 45.89 20.34 -4.52
N VAL B 510 46.07 19.40 -5.44
CA VAL B 510 44.97 18.54 -5.94
C VAL B 510 45.45 17.13 -5.68
N LYS B 511 45.04 16.55 -4.57
CA LYS B 511 45.54 15.21 -4.31
C LYS B 511 44.53 14.27 -3.72
N PHE B 512 44.94 13.02 -3.69
CA PHE B 512 44.04 11.92 -3.42
C PHE B 512 44.78 10.91 -2.61
N HIS B 513 44.02 10.27 -1.73
CA HIS B 513 44.53 9.24 -0.85
C HIS B 513 43.60 8.02 -0.96
N ASP B 514 44.18 6.86 -1.24
CA ASP B 514 43.46 5.58 -1.12
C ASP B 514 42.35 5.47 -2.15
N LEU B 515 42.78 5.31 -3.41
CA LEU B 515 41.89 5.14 -4.54
C LEU B 515 41.95 3.74 -5.03
N LEU B 516 40.79 3.22 -5.45
CA LEU B 516 40.75 1.96 -6.13
C LEU B 516 39.74 1.92 -7.27
N VAL B 517 40.02 1.03 -8.22
CA VAL B 517 39.05 0.61 -9.22
C VAL B 517 38.96 -0.91 -9.27
N VAL B 518 37.80 -1.44 -9.68
CA VAL B 518 37.56 -2.87 -9.64
C VAL B 518 36.64 -3.30 -10.74
N SER B 519 37.02 -4.38 -11.41
CA SER B 519 36.16 -5.04 -12.41
C SER B 519 35.37 -6.18 -11.76
N LEU B 520 34.05 -6.08 -11.75
CA LEU B 520 33.22 -7.16 -11.26
C LEU B 520 33.24 -8.34 -12.23
N GLY B 521 34.07 -9.32 -11.95
CA GLY B 521 34.20 -10.52 -12.76
C GLY B 521 34.62 -10.39 -14.25
N GLY B 522 35.53 -9.48 -14.55
CA GLY B 522 36.00 -9.34 -15.92
C GLY B 522 34.99 -8.75 -16.89
N LYS B 523 33.86 -8.28 -16.38
CA LYS B 523 32.89 -7.59 -17.22
C LYS B 523 33.42 -6.18 -17.49
N GLY B 524 34.23 -6.07 -18.53
CA GLY B 524 35.01 -4.88 -18.79
C GLY B 524 36.26 -4.81 -17.92
N GLN B 525 37.13 -3.87 -18.24
CA GLN B 525 38.29 -3.55 -17.42
C GLN B 525 38.60 -2.07 -17.43
N TYR B 526 39.25 -1.63 -16.34
CA TYR B 526 39.91 -0.30 -16.29
C TYR B 526 41.35 -0.38 -16.83
N GLU B 527 41.73 0.62 -17.62
CA GLU B 527 43.12 0.82 -18.02
C GLU B 527 44.02 1.31 -16.92
N HIS B 528 43.48 2.17 -16.06
CA HIS B 528 44.27 2.85 -15.03
C HIS B 528 43.31 3.23 -13.87
N VAL B 529 43.90 3.77 -12.80
CA VAL B 529 43.12 4.17 -11.62
C VAL B 529 42.66 5.62 -11.80
N ILE B 530 43.65 6.48 -11.98
CA ILE B 530 43.47 7.92 -12.08
C ILE B 530 44.33 8.46 -13.23
N ASN B 531 43.73 9.25 -14.10
CA ASN B 531 44.40 9.70 -15.30
C ASN B 531 44.94 8.48 -16.04
N ASP B 532 46.25 8.39 -16.30
CA ASP B 532 46.79 7.21 -16.97
C ASP B 532 47.77 6.48 -16.09
N ILE B 533 47.43 6.36 -14.80
CA ILE B 533 48.33 5.78 -13.78
C ILE B 533 47.62 4.90 -12.69
N GLY B 534 48.40 4.04 -12.04
CA GLY B 534 47.84 2.95 -11.30
C GLY B 534 47.50 1.87 -12.30
N ASP B 535 47.66 0.61 -11.90
CA ASP B 535 47.56 -0.51 -12.84
C ASP B 535 46.18 -0.70 -13.48
N PRO B 536 46.14 -1.33 -14.68
CA PRO B 536 44.80 -1.72 -15.16
C PRO B 536 44.25 -2.83 -14.30
N THR B 537 42.94 -3.06 -14.37
CA THR B 537 42.43 -4.32 -13.82
C THR B 537 42.73 -5.47 -14.80
N SER B 538 42.72 -6.68 -14.24
CA SER B 538 43.25 -7.87 -14.88
C SER B 538 42.37 -9.04 -14.45
N GLY B 539 42.19 -10.05 -15.32
CA GLY B 539 41.54 -11.28 -14.89
C GLY B 539 40.02 -11.19 -14.75
N ASP B 540 39.44 -12.28 -14.25
CA ASP B 540 37.99 -12.36 -14.03
C ASP B 540 37.71 -12.59 -12.53
N THR B 541 38.62 -12.13 -11.70
CA THR B 541 38.69 -12.54 -10.30
C THR B 541 38.33 -11.40 -9.31
N THR B 542 38.06 -10.20 -9.84
CA THR B 542 37.50 -9.10 -9.05
C THR B 542 38.48 -8.66 -7.94
N ILE B 543 39.72 -8.42 -8.33
CA ILE B 543 40.75 -7.90 -7.43
C ILE B 543 41.03 -6.43 -7.73
N PRO B 544 40.83 -5.54 -6.73
CA PRO B 544 41.01 -4.11 -7.03
C PRO B 544 42.42 -3.74 -7.49
N SER B 545 42.52 -2.69 -8.31
CA SER B 545 43.76 -2.01 -8.59
C SER B 545 43.71 -0.74 -7.79
N GLN B 546 44.83 -0.30 -7.24
CA GLN B 546 44.69 0.85 -6.38
C GLN B 546 45.94 1.70 -6.26
N VAL B 547 45.69 2.98 -5.97
CA VAL B 547 46.73 4.01 -5.83
C VAL B 547 46.63 4.50 -4.39
N VAL B 548 47.76 4.56 -3.69
CA VAL B 548 47.77 5.06 -2.31
C VAL B 548 47.81 6.59 -2.23
N SER B 549 48.69 7.22 -3.03
CA SER B 549 48.87 8.72 -3.03
C SER B 549 48.96 9.26 -4.47
N PHE B 550 48.22 10.33 -4.74
CA PHE B 550 48.29 11.09 -5.99
C PHE B 550 48.36 12.55 -5.60
N PRO B 551 49.18 13.35 -6.32
CA PRO B 551 50.02 13.00 -7.48
C PRO B 551 51.50 12.79 -7.13
C1 EDO C . -38.69 -12.32 -9.44
O1 EDO C . -37.90 -12.87 -8.37
C2 EDO C . -38.96 -10.84 -9.24
O2 EDO C . -37.81 -10.22 -8.67
H11 EDO C . -39.63 -12.86 -9.52
H12 EDO C . -38.14 -12.45 -10.38
HO1 EDO C . -37.74 -13.81 -8.53
H21 EDO C . -39.82 -10.69 -8.59
H22 EDO C . -39.19 -10.38 -10.21
HO2 EDO C . -38.01 -9.31 -8.44
C1 EDO D . -15.69 -12.62 -22.17
O1 EDO D . -14.39 -11.98 -22.17
C2 EDO D . -16.79 -11.54 -22.18
O2 EDO D . -16.59 -10.70 -21.05
H11 EDO D . -15.82 -13.25 -21.29
H12 EDO D . -15.79 -13.25 -23.06
HO1 EDO D . -13.69 -12.65 -22.17
H21 EDO D . -17.77 -12.00 -22.12
H22 EDO D . -16.74 -10.96 -23.10
HO2 EDO D . -17.08 -9.88 -21.16
C2 BGC E . 24.30 -1.83 -6.40
C3 BGC E . 23.36 -1.06 -7.34
C4 BGC E . 22.92 -1.86 -8.56
C5 BGC E . 23.21 -3.37 -8.46
C6 BGC E . 22.77 -4.24 -9.65
C1 BGC E . 24.52 -3.33 -6.66
O1 BGC E . 25.70 -3.68 -5.97
O2 BGC E . 23.99 -1.76 -5.03
O3 BGC E . 23.69 0.28 -7.73
O4 BGC E . 21.54 -1.65 -8.25
O5 BGC E . 24.55 -3.62 -8.05
O6 BGC E . 22.23 -5.39 -9.04
H2 BGC E . 23.42 -1.42 -6.85
H3 BGC E . 23.33 -1.64 -8.25
H4 BGC E . 23.21 -1.31 -9.48
H5 BGC E . 22.54 -3.67 -7.66
H61 BGC E . 23.58 -4.29 -10.36
H62 BGC E . 21.93 -3.75 -10.11
H1 BGC E . 23.73 -3.90 -6.17
HO1 BGC E . 26.00 -2.91 -5.44
HO2 BGC E . 24.09 -2.63 -4.60
HO3 BGC E . 24.32 0.69 -7.11
HO4 BGC E . 21.44 -1.26 -7.36
HO6 BGC E . 22.51 -5.45 -8.10
C1 EDO F . 7.59 6.50 -6.49
O1 EDO F . 8.67 7.29 -6.01
C2 EDO F . 7.93 5.02 -6.56
O2 EDO F . 8.59 4.60 -5.34
H11 EDO F . 7.29 6.84 -7.47
H12 EDO F . 6.73 6.63 -5.81
HO1 EDO F . 8.43 8.21 -6.00
H21 EDO F . 8.59 4.86 -7.40
H22 EDO F . 7.03 4.44 -6.70
HO2 EDO F . 8.82 3.67 -5.41
C1 EDO G . 31.05 5.01 -19.03
O1 EDO G . 32.30 5.67 -18.94
C2 EDO G . 29.92 6.03 -18.98
O2 EDO G . 30.08 6.96 -17.92
H11 EDO G . 30.94 4.31 -18.20
H12 EDO G . 30.99 4.44 -19.96
HO1 EDO G . 32.99 5.02 -18.73
H21 EDO G . 28.96 5.53 -18.86
H22 EDO G . 29.89 6.58 -19.93
HO2 EDO G . 29.22 7.25 -17.61
C1 EDO H . 49.72 5.18 3.82
O1 EDO H . 48.73 5.95 4.51
C2 EDO H . 49.43 3.73 4.13
O2 EDO H . 48.05 3.66 4.55
H11 EDO H . 50.72 5.44 4.17
H12 EDO H . 49.67 5.36 2.74
HO1 EDO H . 48.77 6.87 4.20
H21 EDO H . 50.10 3.37 4.91
H22 EDO H . 49.59 3.12 3.24
HO2 EDO H . 47.88 2.80 4.95
N VAL A 4 -48.23 11.96 3.95
CA VAL A 4 -47.26 10.86 3.82
C VAL A 4 -46.87 10.39 5.18
N VAL A 5 -47.75 9.58 5.78
CA VAL A 5 -47.63 9.33 7.20
C VAL A 5 -46.67 8.16 7.53
N GLY A 6 -45.58 8.54 8.19
CA GLY A 6 -44.50 7.65 8.50
C GLY A 6 -44.92 6.57 9.48
N GLY A 7 -44.04 5.59 9.67
CA GLY A 7 -44.26 4.49 10.59
C GLY A 7 -45.40 3.60 10.15
N GLY A 8 -46.01 2.90 11.11
CA GLY A 8 -47.11 1.97 10.83
C GLY A 8 -46.72 0.49 10.77
N ASP A 9 -47.63 -0.28 10.17
CA ASP A 9 -47.59 -1.74 10.11
C ASP A 9 -46.57 -2.20 9.08
N LEU A 10 -45.87 -3.30 9.34
CA LEU A 10 -44.80 -3.72 8.42
C LEU A 10 -45.24 -4.72 7.35
N GLY A 11 -46.54 -5.02 7.31
CA GLY A 11 -47.09 -5.85 6.28
C GLY A 11 -47.13 -7.33 6.60
N PRO A 12 -47.76 -8.09 5.73
CA PRO A 12 -48.06 -9.52 5.96
C PRO A 12 -46.84 -10.43 5.91
N ASN A 13 -45.67 -9.86 5.63
CA ASN A 13 -44.52 -10.67 5.25
C ASN A 13 -43.32 -10.41 6.14
N VAL A 14 -43.55 -9.57 7.15
CA VAL A 14 -42.63 -9.45 8.27
C VAL A 14 -43.32 -10.23 9.38
N LEU A 15 -42.76 -11.38 9.71
CA LEU A 15 -43.28 -12.21 10.80
C LEU A 15 -42.46 -11.90 12.02
N VAL A 16 -43.13 -11.37 13.05
CA VAL A 16 -42.48 -11.03 14.29
C VAL A 16 -42.88 -12.07 15.35
N PHE A 17 -41.84 -12.65 15.93
CA PHE A 17 -41.94 -13.68 16.96
C PHE A 17 -41.39 -13.12 18.29
N ASP A 18 -42.05 -13.51 19.40
CA ASP A 18 -41.52 -13.32 20.75
C ASP A 18 -41.31 -14.73 21.31
N PRO A 19 -40.70 -14.89 22.51
CA PRO A 19 -40.51 -16.29 22.92
C PRO A 19 -41.80 -16.96 23.34
N SER A 20 -42.81 -16.17 23.73
CA SER A 20 -44.12 -16.76 23.98
C SER A 20 -45.07 -16.66 22.76
N THR A 21 -44.61 -17.16 21.58
CA THR A 21 -45.44 -17.43 20.38
C THR A 21 -45.54 -18.97 20.16
N PRO A 22 -46.76 -19.54 20.01
CA PRO A 22 -46.85 -21.01 19.81
C PRO A 22 -46.27 -21.51 18.47
N ASP A 23 -45.88 -22.77 18.43
CA ASP A 23 -45.21 -23.43 17.30
C ASP A 23 -44.42 -22.51 16.35
N ILE A 24 -43.37 -21.92 16.92
CA ILE A 24 -42.43 -21.16 16.16
C ILE A 24 -41.85 -22.03 15.04
N GLN A 25 -41.47 -23.26 15.40
CA GLN A 25 -40.90 -24.18 14.41
C GLN A 25 -41.79 -24.42 13.21
N GLY A 26 -43.10 -24.56 13.41
CA GLY A 26 -44.01 -24.79 12.31
C GLY A 26 -44.19 -23.56 11.43
N LYS A 27 -43.99 -22.40 12.03
CA LYS A 27 -44.12 -21.18 11.26
C LYS A 27 -42.90 -21.01 10.36
N VAL A 28 -41.71 -21.11 10.95
CA VAL A 28 -40.46 -21.14 10.16
C VAL A 28 -40.33 -22.34 9.20
N ASP A 29 -40.73 -23.55 9.62
CA ASP A 29 -40.63 -24.70 8.70
C ASP A 29 -41.57 -24.50 7.49
N GLU A 30 -42.77 -23.98 7.71
CA GLU A 30 -43.67 -23.76 6.58
C GLU A 30 -43.14 -22.70 5.60
N VAL A 31 -42.55 -21.62 6.11
CA VAL A 31 -41.96 -20.64 5.22
C VAL A 31 -40.83 -21.31 4.42
N PHE A 32 -40.00 -22.09 5.10
CA PHE A 32 -38.91 -22.78 4.41
C PHE A 32 -39.41 -23.70 3.30
N ARG A 33 -40.50 -24.41 3.55
CA ARG A 33 -40.97 -25.38 2.55
C ARG A 33 -41.43 -24.64 1.28
N LYS A 34 -41.99 -23.45 1.46
CA LYS A 34 -42.38 -22.67 0.29
C LYS A 34 -41.18 -22.03 -0.44
N GLN A 35 -40.14 -21.65 0.30
CA GLN A 35 -39.04 -20.89 -0.28
C GLN A 35 -37.82 -21.73 -0.64
N GLU A 36 -37.76 -22.96 -0.12
CA GLU A 36 -36.58 -23.82 -0.28
C GLU A 36 -36.00 -23.95 -1.70
N SER A 37 -36.89 -24.23 -2.63
CA SER A 37 -36.57 -24.45 -4.04
C SER A 37 -37.07 -23.30 -4.93
N ASN A 38 -37.50 -22.21 -4.30
CA ASN A 38 -38.23 -21.14 -4.97
C ASN A 38 -37.31 -20.08 -5.57
N GLN A 39 -36.39 -20.52 -6.43
CA GLN A 39 -35.21 -19.73 -6.80
C GLN A 39 -35.55 -18.41 -7.47
N PHE A 40 -36.62 -18.43 -8.27
CA PHE A 40 -36.98 -17.27 -9.08
C PHE A 40 -38.39 -16.75 -8.82
N GLY A 41 -39.02 -17.22 -7.74
CA GLY A 41 -40.37 -16.80 -7.37
C GLY A 41 -40.47 -15.38 -6.84
N THR A 42 -41.70 -14.95 -6.51
CA THR A 42 -41.97 -13.57 -6.17
C THR A 42 -42.22 -13.36 -4.69
N ASP A 43 -42.35 -14.44 -3.92
CA ASP A 43 -42.51 -14.32 -2.46
C ASP A 43 -41.21 -13.86 -1.78
N ARG A 44 -41.38 -13.12 -0.70
CA ARG A 44 -40.29 -12.49 0.06
C ARG A 44 -40.67 -12.48 1.53
N TYR A 45 -39.77 -12.94 2.42
CA TYR A 45 -40.12 -12.99 3.84
C TYR A 45 -39.00 -12.56 4.75
N ALA A 46 -39.39 -11.84 5.81
CA ALA A 46 -38.46 -11.48 6.88
C ALA A 46 -38.98 -12.08 8.18
N LEU A 47 -38.11 -12.84 8.83
CA LEU A 47 -38.42 -13.46 10.13
C LEU A 47 -37.69 -12.66 11.21
N MET A 48 -38.46 -11.95 12.05
CA MET A 48 -37.91 -11.01 13.00
C MET A 48 -38.12 -11.61 14.40
N PHE A 49 -37.08 -11.69 15.18
CA PHE A 49 -37.17 -12.26 16.54
C PHE A 49 -36.96 -11.23 17.64
N LYS A 50 -37.98 -11.03 18.49
CA LYS A 50 -37.90 -10.06 19.60
C LYS A 50 -36.84 -10.51 20.64
N PRO A 51 -36.19 -9.56 21.35
CA PRO A 51 -35.12 -9.97 22.25
C PRO A 51 -35.57 -10.99 23.30
N GLY A 52 -34.70 -11.95 23.58
CA GLY A 52 -35.05 -13.07 24.41
C GLY A 52 -34.33 -14.37 24.04
N THR A 53 -34.81 -15.45 24.65
CA THR A 53 -34.19 -16.76 24.54
C THR A 53 -35.20 -17.74 23.93
N TYR A 54 -34.79 -18.40 22.83
CA TYR A 54 -35.60 -19.35 22.07
C TYR A 54 -34.95 -20.70 22.10
N ASN A 55 -35.74 -21.73 22.40
CA ASN A 55 -35.25 -23.11 22.55
C ASN A 55 -35.85 -24.00 21.50
N ASP A 56 -35.14 -25.08 21.17
CA ASP A 56 -35.68 -26.09 20.27
C ASP A 56 -36.18 -25.46 18.97
N ILE A 57 -35.22 -24.97 18.20
CA ILE A 57 -35.51 -24.26 16.96
C ILE A 57 -34.35 -24.55 15.98
N ASN A 58 -34.66 -25.08 14.79
CA ASN A 58 -33.70 -24.98 13.69
C ASN A 58 -34.45 -24.26 12.60
N ALA A 59 -34.06 -23.02 12.41
CA ALA A 59 -34.66 -22.14 11.43
C ALA A 59 -33.94 -22.35 10.12
N GLN A 60 -34.58 -23.10 9.24
CA GLN A 60 -33.99 -23.45 7.95
C GLN A 60 -34.37 -22.33 6.98
N ILE A 61 -33.37 -21.76 6.31
CA ILE A 61 -33.51 -20.54 5.54
C ILE A 61 -33.41 -20.84 4.04
N GLY A 62 -34.52 -20.64 3.33
CA GLY A 62 -34.59 -20.85 1.90
C GLY A 62 -34.34 -19.57 1.12
N PHE A 63 -34.72 -19.58 -0.16
CA PHE A 63 -34.59 -18.38 -0.98
C PHE A 63 -35.40 -17.20 -0.42
N TYR A 64 -34.88 -16.00 -0.62
CA TYR A 64 -35.58 -14.74 -0.33
C TYR A 64 -36.16 -14.74 1.08
N THR A 65 -35.38 -15.27 2.00
CA THR A 65 -35.71 -15.27 3.41
C THR A 65 -34.57 -14.63 4.19
N SER A 66 -34.94 -13.65 5.02
CA SER A 66 -34.02 -12.99 5.94
C SER A 66 -34.48 -13.33 7.36
N ILE A 67 -33.52 -13.53 8.26
CA ILE A 67 -33.84 -13.81 9.66
C ILE A 67 -33.00 -12.86 10.49
N ALA A 68 -33.61 -12.26 11.48
CA ALA A 68 -32.92 -11.25 12.26
C ALA A 68 -33.44 -11.16 13.69
N GLY A 69 -32.52 -10.89 14.60
CA GLY A 69 -32.92 -10.52 15.95
C GLY A 69 -33.29 -9.06 16.03
N LEU A 70 -33.97 -8.71 17.13
CA LEU A 70 -34.49 -7.37 17.35
C LEU A 70 -33.86 -6.69 18.58
N GLY A 71 -32.76 -7.24 19.06
CA GLY A 71 -32.06 -6.65 20.17
C GLY A 71 -31.17 -5.55 19.71
N LEU A 72 -30.82 -4.67 20.66
CA LEU A 72 -29.87 -3.66 20.38
C LEU A 72 -28.58 -4.37 20.07
N ASN A 73 -28.36 -5.52 20.72
CA ASN A 73 -27.17 -6.36 20.49
C ASN A 73 -27.49 -7.81 20.23
N PRO A 74 -26.52 -8.58 19.72
CA PRO A 74 -26.84 -9.91 19.21
C PRO A 74 -27.20 -10.89 20.33
N ASP A 75 -26.53 -10.75 21.47
CA ASP A 75 -26.73 -11.67 22.58
C ASP A 75 -28.12 -11.43 23.20
N ASP A 76 -28.74 -10.30 22.85
CA ASP A 76 -30.10 -10.01 23.33
C ASP A 76 -31.15 -11.01 22.81
N THR A 77 -30.83 -11.67 21.68
CA THR A 77 -31.75 -12.58 20.98
C THR A 77 -30.99 -13.88 20.69
N THR A 78 -31.22 -14.87 21.55
CA THR A 78 -30.44 -16.12 21.56
C THR A 78 -31.29 -17.31 21.18
N PHE A 79 -30.84 -18.06 20.19
CA PHE A 79 -31.44 -19.34 19.81
C PHE A 79 -30.59 -20.42 20.44
N ASN A 80 -31.20 -21.27 21.24
CA ASN A 80 -30.62 -22.55 21.58
C ASN A 80 -31.10 -23.51 20.52
N GLY A 81 -30.28 -23.63 19.50
CA GLY A 81 -30.71 -24.09 18.19
C GLY A 81 -29.91 -23.40 17.09
N ASP A 82 -30.46 -23.37 15.88
CA ASP A 82 -29.65 -23.16 14.68
C ASP A 82 -30.37 -22.27 13.67
N VAL A 83 -29.58 -21.73 12.76
CA VAL A 83 -30.06 -21.03 11.58
C VAL A 83 -29.31 -21.69 10.45
N THR A 84 -30.01 -22.55 9.73
CA THR A 84 -29.44 -23.57 8.85
C THR A 84 -29.67 -23.29 7.36
N VAL A 85 -28.57 -23.29 6.60
CA VAL A 85 -28.67 -23.39 5.14
C VAL A 85 -27.91 -24.65 4.71
N ASP A 86 -28.59 -25.53 4.00
CA ASP A 86 -27.95 -26.68 3.38
C ASP A 86 -28.48 -26.83 1.95
N ALA A 87 -28.23 -27.97 1.32
CA ALA A 87 -28.33 -28.05 -0.15
C ALA A 87 -29.12 -29.25 -0.69
N GLY A 88 -30.12 -29.71 0.08
CA GLY A 88 -30.78 -30.95 -0.29
C GLY A 88 -31.66 -30.78 -1.52
N TRP A 89 -32.10 -29.55 -1.75
CA TRP A 89 -33.03 -29.30 -2.85
C TRP A 89 -32.26 -29.40 -4.13
N PHE A 90 -30.94 -29.43 -4.03
CA PHE A 90 -30.23 -29.79 -5.21
C PHE A 90 -29.18 -30.84 -5.05
N ASP A 91 -29.35 -31.75 -4.09
CA ASP A 91 -28.48 -32.96 -3.99
C ASP A 91 -26.99 -32.70 -4.10
N GLY A 92 -26.68 -31.53 -4.64
CA GLY A 92 -25.34 -31.26 -5.11
C GLY A 92 -24.84 -30.14 -4.24
N ASN A 93 -23.80 -29.48 -4.71
CA ASN A 93 -23.30 -28.30 -4.08
C ASN A 93 -24.35 -27.42 -3.48
N ALA A 94 -23.85 -26.43 -2.78
CA ALA A 94 -24.61 -25.28 -2.42
C ALA A 94 -24.46 -24.16 -3.47
N THR A 95 -24.10 -24.47 -4.72
CA THR A 95 -23.77 -23.38 -5.68
C THR A 95 -24.93 -22.48 -6.10
N GLN A 96 -26.16 -22.90 -5.82
CA GLN A 96 -27.35 -22.08 -6.13
C GLN A 96 -28.02 -21.50 -4.88
N ASN A 97 -27.34 -21.59 -3.73
CA ASN A 97 -27.91 -21.08 -2.49
C ASN A 97 -27.66 -19.57 -2.37
N PHE A 98 -28.56 -18.83 -3.02
CA PHE A 98 -28.50 -17.38 -3.09
C PHE A 98 -29.62 -16.67 -2.31
N TRP A 99 -29.43 -15.38 -2.14
CA TRP A 99 -30.48 -14.37 -1.81
C TRP A 99 -31.21 -14.68 -0.49
N ARG A 100 -30.42 -14.67 0.57
CA ARG A 100 -31.00 -14.89 1.89
C ARG A 100 -30.05 -14.30 2.91
N SER A 101 -30.45 -14.23 4.18
CA SER A 101 -29.59 -13.52 5.13
C SER A 101 -29.90 -13.82 6.59
N ALA A 102 -28.88 -13.69 7.41
CA ALA A 102 -29.03 -13.80 8.88
C ALA A 102 -28.29 -12.63 9.53
N GLU A 103 -28.94 -12.00 10.52
CA GLU A 103 -28.27 -10.93 11.27
C GLU A 103 -28.73 -10.82 12.72
N ASN A 104 -27.81 -10.38 13.57
CA ASN A 104 -28.17 -9.83 14.90
C ASN A 104 -28.83 -10.86 15.82
N LEU A 105 -28.20 -12.04 15.83
CA LEU A 105 -28.59 -13.15 16.68
C LEU A 105 -27.40 -13.83 17.30
N ALA A 106 -27.61 -14.39 18.48
CA ALA A 106 -26.68 -15.36 19.05
C ALA A 106 -27.22 -16.78 18.85
N LEU A 107 -26.36 -17.68 18.40
CA LEU A 107 -26.71 -19.09 18.22
C LEU A 107 -25.91 -19.96 19.19
N ASN A 108 -26.63 -20.94 19.74
CA ASN A 108 -26.06 -22.01 20.55
C ASN A 108 -26.45 -23.31 19.85
N PRO A 109 -25.70 -23.69 18.81
CA PRO A 109 -26.22 -24.71 17.87
C PRO A 109 -26.19 -26.11 18.45
N VAL A 110 -27.11 -26.95 18.01
CA VAL A 110 -27.39 -28.21 18.74
C VAL A 110 -26.27 -29.28 18.70
N ASN A 111 -25.45 -29.30 17.67
CA ASN A 111 -24.28 -30.25 17.78
C ASN A 111 -22.95 -29.49 18.03
N GLY A 112 -23.05 -28.23 18.42
CA GLY A 112 -21.86 -27.43 18.69
C GLY A 112 -21.41 -26.72 17.42
N THR A 113 -22.19 -26.83 16.35
CA THR A 113 -21.79 -26.29 15.05
C THR A 113 -22.94 -25.99 14.08
N ASN A 114 -23.04 -24.71 13.77
CA ASN A 114 -24.08 -24.19 12.90
C ASN A 114 -23.61 -24.33 11.49
N ARG A 115 -24.50 -24.74 10.62
CA ARG A 115 -24.12 -24.90 9.26
C ARG A 115 -24.80 -23.90 8.34
N TRP A 116 -23.96 -23.22 7.57
CA TRP A 116 -24.40 -22.10 6.75
C TRP A 116 -23.80 -22.24 5.35
N ALA A 117 -24.32 -23.21 4.59
CA ALA A 117 -23.72 -23.64 3.34
C ALA A 117 -24.30 -22.84 2.19
N VAL A 118 -23.89 -21.58 2.11
CA VAL A 118 -24.40 -20.67 1.09
C VAL A 118 -23.43 -20.39 -0.08
N SER A 119 -23.98 -19.83 -1.15
CA SER A 119 -23.16 -19.19 -2.18
C SER A 119 -23.38 -17.67 -2.14
N GLN A 120 -23.53 -17.02 -3.30
CA GLN A 120 -23.52 -15.55 -3.31
C GLN A 120 -24.79 -14.91 -2.80
N ALA A 121 -24.66 -13.65 -2.38
CA ALA A 121 -25.78 -12.85 -1.84
C ALA A 121 -26.48 -13.52 -0.66
N ALA A 122 -25.65 -13.98 0.26
CA ALA A 122 -26.14 -14.61 1.47
C ALA A 122 -25.39 -14.12 2.73
N PRO A 123 -25.52 -12.84 3.05
CA PRO A 123 -24.71 -12.27 4.12
C PRO A 123 -25.04 -12.82 5.50
N PHE A 124 -24.02 -12.86 6.34
CA PHE A 124 -24.09 -13.36 7.72
C PHE A 124 -23.43 -12.21 8.50
N ARG A 125 -24.25 -11.36 9.16
CA ARG A 125 -23.79 -10.12 9.78
C ARG A 125 -24.17 -10.04 11.27
N ARG A 126 -23.27 -9.46 12.08
CA ARG A 126 -23.58 -9.17 13.49
C ARG A 126 -24.16 -10.41 14.19
N MET A 127 -23.49 -11.54 13.94
CA MET A 127 -23.86 -12.81 14.56
C MET A 127 -22.86 -13.20 15.63
N HIS A 128 -23.40 -13.76 16.72
CA HIS A 128 -22.57 -14.46 17.71
C HIS A 128 -22.90 -15.96 17.63
N VAL A 129 -21.94 -16.76 17.18
CA VAL A 129 -22.09 -18.23 17.17
C VAL A 129 -21.29 -18.82 18.34
N LYS A 130 -22.00 -19.38 19.31
CA LYS A 130 -21.37 -19.96 20.49
C LYS A 130 -20.93 -21.40 20.19
N GLY A 131 -20.06 -21.54 19.20
CA GLY A 131 -19.58 -22.82 18.72
C GLY A 131 -18.87 -22.62 17.39
N GLY A 132 -18.89 -23.63 16.54
CA GLY A 132 -18.23 -23.56 15.24
C GLY A 132 -19.23 -23.21 14.15
N LEU A 133 -18.69 -22.92 12.97
CA LEU A 133 -19.50 -22.51 11.82
C LEU A 133 -19.08 -23.30 10.62
N ASN A 134 -20.03 -24.08 10.11
CA ASN A 134 -19.79 -24.98 8.99
C ASN A 134 -20.32 -24.31 7.72
N LEU A 135 -19.44 -23.99 6.77
CA LEU A 135 -19.85 -23.20 5.60
C LEU A 135 -20.14 -24.06 4.39
N ALA A 136 -20.09 -25.37 4.60
CA ALA A 136 -20.15 -26.28 3.49
C ALA A 136 -21.36 -27.18 3.65
N PRO A 137 -21.91 -27.61 2.53
CA PRO A 137 -22.93 -28.65 2.61
C PRO A 137 -22.35 -30.00 2.97
N ASP A 138 -23.19 -30.82 3.58
CA ASP A 138 -23.09 -32.25 3.33
C ASP A 138 -23.89 -32.46 2.04
N GLY A 139 -23.35 -31.99 0.95
CA GLY A 139 -23.33 -32.80 -0.25
C GLY A 139 -21.97 -33.37 0.03
N TYR A 140 -21.24 -32.58 0.82
CA TYR A 140 -19.79 -32.46 0.74
C TYR A 140 -19.40 -31.37 -0.35
N GLY A 141 -20.36 -30.80 -1.08
CA GLY A 141 -20.17 -30.57 -2.46
C GLY A 141 -19.75 -29.16 -2.73
N TRP A 142 -19.89 -28.67 -3.95
CA TRP A 142 -19.18 -27.45 -4.32
C TRP A 142 -19.81 -26.32 -3.58
N ALA A 143 -19.15 -25.17 -3.53
CA ALA A 143 -19.80 -23.99 -2.95
C ALA A 143 -19.07 -22.73 -3.39
N SER A 144 -19.81 -21.62 -3.57
CA SER A 144 -19.19 -20.33 -3.96
C SER A 144 -19.79 -19.14 -3.23
N GLY A 145 -19.60 -19.16 -1.92
CA GLY A 145 -19.82 -17.99 -1.09
C GLY A 145 -18.67 -17.01 -1.21
N GLY A 146 -18.56 -16.09 -0.24
CA GLY A 146 -19.47 -15.94 0.86
C GLY A 146 -18.99 -14.75 1.66
N TYR A 147 -19.79 -14.34 2.64
CA TYR A 147 -19.58 -13.07 3.32
C TYR A 147 -20.01 -13.12 4.79
N ILE A 148 -19.03 -12.85 5.66
CA ILE A 148 -19.24 -12.67 7.08
C ILE A 148 -18.67 -11.31 7.50
N ALA A 149 -19.46 -10.54 8.23
CA ALA A 149 -18.98 -9.28 8.80
C ALA A 149 -19.49 -9.07 10.20
N ASP A 150 -18.65 -8.44 11.01
CA ASP A 150 -19.03 -7.99 12.34
C ASP A 150 -19.57 -9.12 13.22
N SER A 151 -18.96 -10.29 13.10
CA SER A 151 -19.45 -11.48 13.81
C SER A 151 -18.36 -12.07 14.71
N LYS A 152 -18.81 -12.74 15.77
CA LYS A 152 -17.89 -13.48 16.65
C LYS A 152 -18.29 -14.95 16.54
N ILE A 153 -17.38 -15.79 16.08
CA ILE A 153 -17.59 -17.22 16.07
C ILE A 153 -16.67 -17.77 17.17
N ASP A 154 -17.24 -18.29 18.26
CA ASP A 154 -16.42 -18.65 19.41
C ASP A 154 -15.36 -19.69 19.01
N GLY A 155 -15.77 -20.76 18.33
CA GLY A 155 -14.86 -21.82 17.95
C GLY A 155 -14.31 -21.65 16.54
N GLU A 156 -14.35 -22.74 15.79
CA GLU A 156 -13.69 -22.81 14.52
C GLU A 156 -14.66 -22.59 13.38
N VAL A 157 -14.23 -21.79 12.40
CA VAL A 157 -14.96 -21.63 11.16
C VAL A 157 -14.39 -22.56 10.10
N GLY A 158 -15.24 -23.44 9.56
CA GLY A 158 -14.84 -24.47 8.60
C GLY A 158 -15.40 -24.26 7.19
N PRO A 159 -14.54 -23.88 6.23
CA PRO A 159 -15.10 -23.76 4.88
C PRO A 159 -15.22 -25.09 4.10
N TYR A 160 -14.39 -26.09 4.42
CA TYR A 160 -14.32 -27.34 3.64
C TYR A 160 -14.27 -27.04 2.12
N SER A 161 -15.37 -27.30 1.40
CA SER A 161 -15.39 -27.25 -0.04
C SER A 161 -15.59 -25.87 -0.63
N GLN A 162 -15.96 -24.89 0.20
CA GLN A 162 -16.20 -23.54 -0.30
C GLN A 162 -15.07 -23.03 -1.19
N GLN A 163 -15.39 -22.51 -2.39
CA GLN A 163 -14.35 -22.04 -3.32
C GLN A 163 -13.55 -20.87 -2.74
N GLN A 164 -14.27 -19.90 -2.21
CA GLN A 164 -13.64 -18.64 -1.75
C GLN A 164 -14.52 -18.08 -0.65
N TRP A 165 -14.02 -17.06 0.05
CA TRP A 165 -14.77 -16.48 1.17
C TRP A 165 -14.13 -15.15 1.56
N TYR A 166 -14.97 -14.22 2.01
CA TYR A 166 -14.50 -12.96 2.60
C TYR A 166 -15.06 -12.78 4.01
N THR A 167 -14.17 -12.45 4.94
CA THR A 167 -14.57 -12.16 6.31
C THR A 167 -13.99 -10.79 6.71
N ARG A 168 -14.83 -9.96 7.31
CA ARG A 168 -14.45 -8.59 7.70
C ARG A 168 -14.79 -8.33 9.15
N ASP A 169 -13.86 -7.69 9.87
CA ASP A 169 -14.12 -7.00 11.14
C ASP A 169 -14.90 -7.87 12.13
N SER A 170 -14.27 -9.00 12.46
CA SER A 170 -14.89 -10.09 13.19
C SER A 170 -13.87 -10.73 14.15
N SER A 171 -14.35 -11.72 14.91
CA SER A 171 -13.52 -12.62 15.73
C SER A 171 -13.84 -14.08 15.39
N VAL A 172 -12.81 -14.91 15.18
CA VAL A 172 -13.01 -16.35 15.05
C VAL A 172 -12.04 -17.13 15.97
N GLY A 173 -12.50 -18.27 16.48
CA GLY A 173 -11.66 -19.10 17.31
C GLY A 173 -10.61 -19.88 16.52
N GLY A 174 -10.89 -20.04 15.25
CA GLY A 174 -9.96 -20.69 14.33
C GLY A 174 -10.53 -20.74 12.92
N TRP A 175 -9.70 -21.16 11.97
CA TRP A 175 -10.05 -21.24 10.56
C TRP A 175 -9.55 -22.58 10.02
N GLY A 176 -10.43 -23.39 9.45
CA GLY A 176 -10.06 -24.74 9.10
C GLY A 176 -9.17 -24.88 7.88
N ASN A 177 -9.49 -24.14 6.84
CA ASN A 177 -8.72 -24.24 5.61
C ASN A 177 -9.08 -23.18 4.58
N GLY A 178 -8.27 -23.17 3.52
CA GLY A 178 -8.50 -22.36 2.36
C GLY A 178 -8.46 -23.23 1.12
N VAL A 179 -9.23 -22.80 0.13
CA VAL A 179 -9.49 -23.60 -1.05
C VAL A 179 -8.82 -22.94 -2.26
N TRP A 180 -9.38 -21.83 -2.76
CA TRP A 180 -8.74 -20.96 -3.76
C TRP A 180 -8.50 -19.50 -3.31
N ASN A 181 -9.41 -18.93 -2.52
CA ASN A 181 -9.24 -17.53 -2.09
C ASN A 181 -10.03 -17.20 -0.84
N MET A 182 -9.38 -17.35 0.30
CA MET A 182 -9.98 -16.93 1.57
C MET A 182 -9.30 -15.63 1.98
N THR A 183 -10.10 -14.57 2.05
CA THR A 183 -9.58 -13.23 2.36
C THR A 183 -10.20 -12.73 3.68
N PHE A 184 -9.37 -12.05 4.48
CA PHE A 184 -9.77 -11.56 5.79
C PHE A 184 -9.25 -10.12 5.91
N SER A 185 -10.08 -9.22 6.42
CA SER A 185 -9.58 -7.91 6.84
C SER A 185 -10.18 -7.57 8.19
N GLY A 186 -9.29 -7.24 9.13
CA GLY A 186 -9.73 -6.89 10.46
C GLY A 186 -10.33 -8.03 11.27
N VAL A 187 -9.83 -9.24 11.03
CA VAL A 187 -10.36 -10.43 11.69
C VAL A 187 -9.42 -10.98 12.74
N GLU A 188 -9.85 -10.84 13.98
CA GLU A 188 -9.13 -11.46 15.10
C GLU A 188 -9.24 -12.96 14.99
N GLY A 189 -8.11 -13.68 14.95
CA GLY A 189 -8.11 -15.12 14.80
C GLY A 189 -7.98 -15.63 13.38
N ALA A 190 -7.82 -14.74 12.41
CA ALA A 190 -7.68 -15.18 11.02
C ALA A 190 -6.38 -15.94 10.83
N PRO A 191 -6.36 -16.86 9.87
CA PRO A 191 -5.09 -17.53 9.58
C PRO A 191 -4.11 -16.52 9.00
N ALA A 192 -2.82 -16.65 9.33
CA ALA A 192 -1.88 -15.65 8.89
C ALA A 192 -1.82 -15.64 7.37
N GLN A 193 -1.36 -14.51 6.83
CA GLN A 193 -1.06 -14.36 5.42
C GLN A 193 -0.16 -15.49 5.00
N SER A 194 -0.68 -16.23 4.03
CA SER A 194 0.10 -17.22 3.34
C SER A 194 -0.10 -16.95 1.83
N PHE A 195 -1.13 -17.50 1.18
CA PHE A 195 -1.24 -17.40 -0.31
C PHE A 195 0.10 -17.51 -1.10
N PRO A 196 0.24 -18.52 -1.96
CA PRO A 196 -0.73 -19.56 -2.37
C PRO A 196 -1.16 -20.53 -1.28
N GLU A 197 -0.25 -20.82 -0.37
CA GLU A 197 -0.33 -22.08 0.34
C GLU A 197 -0.39 -21.88 1.84
N PRO A 198 -1.60 -21.93 2.42
CA PRO A 198 -2.93 -21.96 1.77
C PRO A 198 -3.25 -20.58 1.26
N PRO A 199 -4.27 -20.45 0.40
CA PRO A 199 -4.49 -19.16 -0.25
C PRO A 199 -5.24 -18.16 0.67
N TYR A 200 -4.54 -17.78 1.73
CA TYR A 200 -5.03 -16.84 2.73
C TYR A 200 -4.46 -15.46 2.48
N THR A 201 -5.36 -14.51 2.22
CA THR A 201 -5.03 -13.11 2.09
C THR A 201 -5.55 -12.41 3.34
N THR A 202 -4.60 -11.93 4.16
CA THR A 202 -4.95 -11.47 5.51
C THR A 202 -4.50 -10.03 5.70
N LEU A 203 -5.45 -9.15 5.93
CA LEU A 203 -5.18 -7.75 6.22
C LEU A 203 -5.54 -7.48 7.66
N GLU A 204 -4.67 -6.71 8.29
CA GLU A 204 -4.78 -6.44 9.68
C GLU A 204 -6.05 -5.72 10.08
N THR A 205 -6.38 -4.65 9.37
CA THR A 205 -7.69 -4.01 9.57
C THR A 205 -8.29 -3.77 8.22
N THR A 206 -9.54 -3.34 8.27
CA THR A 206 -10.24 -2.83 7.13
C THR A 206 -10.08 -1.32 7.11
N PRO A 207 -9.74 -0.73 5.93
CA PRO A 207 -9.41 0.72 5.94
C PRO A 207 -10.49 1.51 6.62
N VAL A 208 -11.71 1.25 6.16
CA VAL A 208 -12.91 1.77 6.83
C VAL A 208 -14.06 0.86 6.57
N SER A 209 -14.99 0.84 7.52
CA SER A 209 -16.23 0.11 7.40
C SER A 209 -17.27 0.78 8.28
N ARG A 210 -18.53 0.60 7.92
CA ARG A 210 -19.62 1.17 8.67
C ARG A 210 -20.66 0.07 8.63
N GLU A 211 -21.02 -0.45 9.80
CA GLU A 211 -21.90 -1.63 9.85
C GLU A 211 -23.30 -1.28 9.34
N LYS A 212 -23.98 -2.28 8.78
CA LYS A 212 -25.27 -2.06 8.10
C LYS A 212 -26.37 -1.73 9.12
N PRO A 213 -27.22 -0.74 8.81
CA PRO A 213 -28.37 -0.45 9.68
C PRO A 213 -29.31 -1.64 9.85
N PHE A 214 -30.00 -1.69 10.98
CA PHE A 214 -30.94 -2.78 11.27
C PHE A 214 -32.04 -2.33 12.23
N LEU A 215 -33.21 -2.97 12.17
CA LEU A 215 -34.28 -2.63 13.10
C LEU A 215 -33.98 -3.30 14.45
N TYR A 216 -34.37 -2.62 15.54
CA TYR A 216 -34.33 -3.15 16.92
C TYR A 216 -35.54 -2.59 17.69
N LEU A 217 -35.99 -3.28 18.75
CA LEU A 217 -36.91 -2.67 19.74
C LEU A 217 -36.10 -1.98 20.82
N ASP A 218 -36.31 -0.68 20.97
CA ASP A 218 -35.82 0.03 22.15
C ASP A 218 -37.00 -0.04 23.10
N GLY A 219 -37.04 -1.14 23.86
CA GLY A 219 -38.21 -1.50 24.65
C GLY A 219 -39.40 -1.81 23.77
N ASP A 220 -40.21 -0.79 23.53
CA ASP A 220 -41.40 -0.95 22.68
C ASP A 220 -41.68 0.20 21.73
N ASP A 221 -40.65 0.97 21.43
CA ASP A 221 -40.61 1.67 20.17
C ASP A 221 -39.71 0.86 19.15
N TYR A 222 -40.25 0.56 17.96
CA TYR A 222 -39.41 0.09 16.83
C TYR A 222 -38.57 1.28 16.34
N LYS A 223 -37.24 1.12 16.35
CA LYS A 223 -36.37 2.08 15.72
C LYS A 223 -35.27 1.40 14.89
N VAL A 224 -34.63 2.13 13.99
CA VAL A 224 -33.54 1.58 13.17
C VAL A 224 -32.22 2.06 13.73
N PHE A 225 -31.34 1.12 14.02
CA PHE A 225 -29.99 1.52 14.45
C PHE A 225 -29.02 1.75 13.29
N VAL A 226 -28.20 2.80 13.45
CA VAL A 226 -27.24 3.22 12.44
C VAL A 226 -25.82 3.32 12.99
N PRO A 227 -25.02 2.29 12.77
CA PRO A 227 -23.65 2.35 13.30
C PRO A 227 -22.80 3.47 12.70
N ALA A 228 -22.00 4.14 13.53
CA ALA A 228 -21.02 5.10 13.01
C ALA A 228 -19.91 4.32 12.31
N LYS A 229 -19.31 4.90 11.27
CA LYS A 229 -18.17 4.28 10.60
C LYS A 229 -16.97 4.18 11.53
N ARG A 230 -16.28 3.05 11.42
CA ARG A 230 -14.97 2.84 12.00
C ARG A 230 -13.89 3.01 10.93
N THR A 231 -12.73 3.55 11.32
CA THR A 231 -11.55 3.48 10.50
C THR A 231 -10.53 2.48 11.12
N ASN A 232 -9.80 1.73 10.27
CA ASN A 232 -8.83 0.75 10.75
C ASN A 232 -9.55 -0.21 11.66
N ALA A 233 -10.74 -0.60 11.20
CA ALA A 233 -11.60 -1.53 11.89
C ALA A 233 -10.95 -2.88 12.10
N ARG A 234 -11.15 -3.40 13.31
CA ARG A 234 -10.71 -4.75 13.64
C ARG A 234 -11.57 -5.27 14.75
N GLY A 235 -11.97 -6.53 14.62
CA GLY A 235 -12.90 -7.12 15.57
C GLY A 235 -14.31 -6.55 15.44
N THR A 236 -15.19 -6.98 16.33
CA THR A 236 -16.61 -6.60 16.25
C THR A 236 -16.92 -5.20 16.87
N SER A 237 -17.99 -4.61 16.35
CA SER A 237 -18.45 -3.28 16.75
C SER A 237 -19.32 -3.31 18.02
N TRP A 238 -19.44 -4.48 18.64
CA TRP A 238 -20.33 -4.64 19.78
C TRP A 238 -19.71 -5.27 21.07
N GLY A 239 -18.39 -5.11 21.27
CA GLY A 239 -17.62 -5.76 22.34
C GLY A 239 -17.68 -5.32 23.81
N ASN A 240 -16.77 -4.44 24.21
CA ASN A 240 -16.89 -3.93 25.56
C ASN A 240 -18.22 -3.24 25.60
N GLY A 241 -19.28 -4.02 25.90
CA GLY A 241 -20.67 -3.58 25.75
C GLY A 241 -20.94 -2.60 24.60
N THR A 242 -21.54 -1.48 25.00
CA THR A 242 -22.12 -0.49 24.12
C THR A 242 -21.22 0.52 23.57
N PRO A 243 -21.29 0.74 22.25
CA PRO A 243 -20.78 2.04 21.89
C PRO A 243 -21.71 2.84 20.94
N GLU A 244 -21.45 4.16 20.97
CA GLU A 244 -21.53 5.10 19.81
C GLU A 244 -22.28 4.63 18.52
N GLY A 245 -22.79 5.61 17.74
CA GLY A 245 -23.81 5.38 16.70
C GLY A 245 -25.17 5.95 17.11
N GLU A 246 -26.11 5.94 16.15
CA GLU A 246 -27.27 6.84 16.15
C GLU A 246 -28.59 6.11 15.82
N SER A 247 -29.67 6.37 16.57
CA SER A 247 -30.94 5.66 16.36
C SER A 247 -32.11 6.45 15.74
N LEU A 248 -32.94 5.79 14.92
CA LEU A 248 -34.10 6.46 14.28
C LEU A 248 -35.46 5.79 14.48
N PRO A 249 -36.39 6.47 15.17
CA PRO A 249 -37.77 6.01 15.26
C PRO A 249 -38.37 5.52 13.93
N LEU A 250 -39.00 4.35 13.94
CA LEU A 250 -39.76 3.94 12.75
C LEU A 250 -40.64 5.07 12.18
N ASP A 251 -41.17 5.95 13.00
CA ASP A 251 -42.00 7.01 12.42
C ASP A 251 -41.21 8.07 11.61
N GLN A 252 -39.88 7.98 11.59
CA GLN A 252 -39.06 8.79 10.67
C GLN A 252 -38.75 8.01 9.38
N PHE A 253 -39.35 6.82 9.25
CA PHE A 253 -39.20 5.99 8.04
C PHE A 253 -40.52 5.85 7.33
N TYR A 254 -40.51 5.99 6.01
CA TYR A 254 -41.65 5.65 5.20
C TYR A 254 -41.61 4.13 5.00
N VAL A 255 -42.62 3.46 5.55
CA VAL A 255 -42.72 2.01 5.45
C VAL A 255 -43.38 1.68 4.11
N VAL A 256 -42.55 1.21 3.18
CA VAL A 256 -42.96 0.96 1.81
C VAL A 256 -43.42 -0.48 1.68
N LYS A 257 -44.50 -0.67 0.94
CA LYS A 257 -45.07 -1.96 0.59
C LYS A 257 -45.64 -1.82 -0.87
N PRO A 258 -45.84 -2.94 -1.61
CA PRO A 258 -46.22 -2.98 -3.05
C PRO A 258 -47.29 -2.01 -3.54
N GLY A 259 -47.13 -1.66 -4.81
CA GLY A 259 -47.97 -0.65 -5.42
C GLY A 259 -47.46 0.75 -5.21
N ALA A 260 -46.58 0.93 -4.24
CA ALA A 260 -45.96 2.21 -4.06
C ALA A 260 -45.29 2.54 -5.37
N THR A 261 -45.87 3.48 -6.11
CA THR A 261 -45.16 4.21 -7.14
C THR A 261 -43.83 4.81 -6.65
N ALA A 262 -42.87 4.87 -7.58
CA ALA A 262 -41.68 5.69 -7.37
C ALA A 262 -42.05 7.11 -7.00
N GLU A 263 -43.20 7.58 -7.44
CA GLU A 263 -43.62 8.94 -7.09
C GLU A 263 -43.85 9.15 -5.59
N THR A 264 -44.59 8.27 -4.94
CA THR A 264 -44.75 8.44 -3.50
C THR A 264 -43.43 8.19 -2.76
N ILE A 265 -42.74 7.12 -3.12
CA ILE A 265 -41.46 6.81 -2.50
C ILE A 265 -40.58 8.05 -2.62
N ASN A 266 -40.52 8.65 -3.81
CA ASN A 266 -39.74 9.86 -4.00
C ASN A 266 -40.35 11.04 -3.26
N ALA A 267 -41.67 11.08 -3.15
CA ALA A 267 -42.31 12.15 -2.40
C ALA A 267 -41.83 12.05 -0.97
N ALA A 268 -41.80 10.81 -0.48
CA ALA A 268 -41.29 10.48 0.86
C ALA A 268 -39.91 11.08 1.21
N VAL A 269 -38.90 10.76 0.42
CA VAL A 269 -37.53 11.13 0.76
C VAL A 269 -37.42 12.64 0.96
N ASP A 270 -37.66 13.36 -0.14
CA ASP A 270 -37.88 14.82 -0.12
C ASP A 270 -38.38 15.39 1.21
N GLN A 271 -39.39 14.74 1.79
CA GLN A 271 -40.00 15.21 3.04
C GLN A 271 -39.20 14.79 4.29
N GLY A 272 -37.92 14.45 4.11
CA GLY A 272 -37.08 14.11 5.24
C GLY A 272 -37.33 12.74 5.83
N LEU A 273 -38.14 11.92 5.15
CA LEU A 273 -38.38 10.55 5.60
C LEU A 273 -37.33 9.60 5.03
N HIS A 274 -36.94 8.64 5.87
CA HIS A 274 -36.11 7.51 5.44
C HIS A 274 -37.00 6.45 4.80
N LEU A 275 -36.41 5.39 4.25
CA LEU A 275 -37.17 4.36 3.55
C LEU A 275 -36.99 2.97 4.14
N LEU A 276 -38.11 2.29 4.39
CA LEU A 276 -38.04 0.88 4.77
C LEU A 276 -38.84 0.10 3.77
N PHE A 277 -38.14 -0.70 2.98
CA PHE A 277 -38.82 -1.52 2.01
C PHE A 277 -39.13 -2.85 2.66
N THR A 278 -40.41 -3.07 2.93
CA THR A 278 -40.82 -4.33 3.48
C THR A 278 -40.70 -5.40 2.39
N PRO A 279 -40.71 -6.68 2.79
CA PRO A 279 -40.45 -7.73 1.80
C PRO A 279 -41.50 -7.73 0.71
N GLY A 280 -41.01 -7.70 -0.53
CA GLY A 280 -41.90 -7.69 -1.67
C GLY A 280 -41.16 -7.33 -2.94
N VAL A 281 -41.89 -7.19 -4.04
CA VAL A 281 -41.32 -6.85 -5.33
C VAL A 281 -41.97 -5.58 -5.87
N TYR A 282 -41.16 -4.52 -5.96
CA TYR A 282 -41.58 -3.15 -6.29
C TYR A 282 -41.25 -2.82 -7.74
N HIS A 283 -42.30 -2.64 -8.56
CA HIS A 283 -42.15 -2.41 -9.99
C HIS A 283 -42.31 -0.91 -10.24
N VAL A 284 -41.25 -0.24 -10.72
CA VAL A 284 -41.24 1.21 -10.80
C VAL A 284 -41.05 1.75 -12.25
N ASP A 285 -41.61 2.94 -12.50
CA ASP A 285 -41.60 3.56 -13.86
C ASP A 285 -40.83 4.88 -13.90
N GLN A 286 -40.19 5.20 -12.78
CA GLN A 286 -39.39 6.40 -12.60
C GLN A 286 -38.36 5.93 -11.60
N PRO A 287 -37.12 6.38 -11.74
CA PRO A 287 -36.16 6.00 -10.71
C PRO A 287 -36.60 6.45 -9.34
N ILE A 288 -36.13 5.71 -8.35
CA ILE A 288 -36.16 6.17 -6.98
C ILE A 288 -34.94 7.08 -6.82
N GLU A 289 -35.16 8.35 -6.46
CA GLU A 289 -34.09 9.33 -6.31
C GLU A 289 -33.89 9.56 -4.81
N ILE A 290 -32.68 9.36 -4.34
CA ILE A 290 -32.32 9.59 -2.93
C ILE A 290 -31.28 10.72 -2.94
N ASP A 291 -31.82 11.94 -2.88
CA ASP A 291 -31.10 13.20 -3.02
C ASP A 291 -31.02 13.98 -1.71
N ARG A 292 -31.23 13.28 -0.60
CA ARG A 292 -31.12 13.88 0.72
C ARG A 292 -30.03 13.20 1.54
N ALA A 293 -29.11 14.02 2.03
CA ALA A 293 -28.02 13.51 2.83
C ALA A 293 -28.55 12.71 4.03
N ASN A 294 -27.83 11.66 4.38
CA ASN A 294 -28.12 10.84 5.57
C ASN A 294 -29.36 9.94 5.48
N THR A 295 -29.94 9.86 4.30
CA THR A 295 -31.10 8.98 4.09
C THR A 295 -30.70 7.52 4.21
N VAL A 296 -31.47 6.77 4.99
CA VAL A 296 -31.33 5.34 5.11
C VAL A 296 -32.42 4.72 4.23
N ALA A 297 -32.01 3.78 3.36
CA ALA A 297 -32.92 3.00 2.54
C ALA A 297 -32.61 1.55 2.80
N LEU A 298 -33.46 0.91 3.57
CA LEU A 298 -33.18 -0.38 4.17
C LEU A 298 -34.24 -1.34 3.68
N GLY A 299 -33.80 -2.43 3.08
CA GLY A 299 -34.72 -3.47 2.67
C GLY A 299 -34.77 -4.57 3.70
N LEU A 300 -35.92 -5.24 3.77
CA LEU A 300 -36.12 -6.44 4.56
C LEU A 300 -36.56 -7.57 3.63
N GLY A 301 -36.19 -8.80 3.94
CA GLY A 301 -36.65 -9.97 3.21
C GLY A 301 -36.34 -9.96 1.73
N LEU A 302 -35.19 -9.40 1.37
CA LEU A 302 -34.74 -9.39 -0.03
C LEU A 302 -35.72 -8.62 -0.92
N ALA A 303 -36.28 -7.55 -0.34
CA ALA A 303 -37.09 -6.61 -1.08
C ALA A 303 -36.40 -6.26 -2.40
N THR A 304 -37.19 -6.30 -3.46
CA THR A 304 -36.68 -6.23 -4.81
C THR A 304 -37.30 -5.06 -5.54
N ILE A 305 -36.47 -4.37 -6.32
CA ILE A 305 -36.92 -3.28 -7.18
C ILE A 305 -36.72 -3.69 -8.64
N ILE A 306 -37.77 -3.60 -9.47
CA ILE A 306 -37.67 -3.84 -10.91
C ILE A 306 -38.00 -2.55 -11.66
N PRO A 307 -37.06 -2.05 -12.50
CA PRO A 307 -37.39 -0.84 -13.27
C PRO A 307 -38.12 -1.17 -14.56
N ASP A 308 -39.19 -0.40 -14.86
CA ASP A 308 -39.83 -0.49 -16.18
C ASP A 308 -39.19 0.57 -17.10
N ASN A 309 -39.45 0.47 -18.40
CA ASN A 309 -39.17 1.58 -19.33
C ASN A 309 -37.69 1.78 -19.64
N GLY A 310 -36.88 0.88 -19.13
CA GLY A 310 -35.46 1.02 -19.26
C GLY A 310 -34.93 2.15 -18.39
N VAL A 311 -35.67 2.53 -17.35
CA VAL A 311 -35.11 3.54 -16.45
C VAL A 311 -34.12 2.92 -15.48
N THR A 312 -33.40 3.79 -14.81
CA THR A 312 -32.53 3.42 -13.72
C THR A 312 -33.41 3.15 -12.49
N ALA A 313 -33.16 2.05 -11.80
CA ALA A 313 -33.96 1.72 -10.61
C ALA A 313 -33.76 2.68 -9.44
N LEU A 314 -32.50 3.06 -9.22
CA LEU A 314 -32.10 3.66 -7.97
C LEU A 314 -30.99 4.64 -8.29
N LYS A 315 -31.26 5.89 -7.94
CA LYS A 315 -30.24 6.94 -8.09
C LYS A 315 -30.00 7.61 -6.75
N VAL A 316 -28.73 7.84 -6.47
CA VAL A 316 -28.34 8.57 -5.29
C VAL A 316 -27.64 9.84 -5.76
N GLY A 317 -28.08 10.98 -5.25
CA GLY A 317 -27.50 12.27 -5.60
C GLY A 317 -26.10 12.47 -5.01
N ASP A 318 -25.58 13.69 -5.16
CA ASP A 318 -24.23 14.05 -4.74
C ASP A 318 -24.21 14.47 -3.28
N VAL A 319 -24.64 13.56 -2.42
CA VAL A 319 -24.89 13.88 -1.01
C VAL A 319 -24.18 12.94 -0.06
N ASP A 320 -23.82 13.46 1.10
CA ASP A 320 -23.19 12.66 2.18
C ASP A 320 -24.16 11.63 2.74
N GLY A 321 -23.61 10.51 3.24
CA GLY A 321 -24.28 9.77 4.28
C GLY A 321 -25.40 8.83 3.91
N VAL A 322 -25.70 8.70 2.62
CA VAL A 322 -26.80 7.80 2.22
C VAL A 322 -26.38 6.35 2.49
N LYS A 323 -27.30 5.57 3.06
CA LYS A 323 -27.02 4.19 3.45
C LYS A 323 -28.08 3.31 2.78
N VAL A 324 -27.70 2.71 1.65
CA VAL A 324 -28.60 1.79 0.94
C VAL A 324 -28.24 0.36 1.35
N ALA A 325 -29.22 -0.43 1.77
CA ALA A 325 -28.89 -1.74 2.35
C ALA A 325 -30.00 -2.75 2.14
N GLY A 326 -29.61 -3.97 1.75
CA GLY A 326 -30.55 -5.06 1.70
C GLY A 326 -31.60 -4.97 0.62
N LEU A 327 -31.16 -4.65 -0.59
CA LEU A 327 -32.04 -4.60 -1.75
C LEU A 327 -31.49 -5.39 -2.93
N LEU A 328 -32.40 -6.11 -3.57
CA LEU A 328 -32.12 -6.73 -4.85
C LEU A 328 -32.67 -5.81 -5.95
N VAL A 329 -31.90 -5.58 -7.00
CA VAL A 329 -32.36 -4.82 -8.15
C VAL A 329 -32.35 -5.79 -9.34
N ASP A 330 -33.52 -5.99 -9.93
CA ASP A 330 -33.75 -7.03 -10.95
C ASP A 330 -34.15 -6.35 -12.25
N ALA A 331 -33.32 -6.46 -13.29
CA ALA A 331 -33.60 -5.79 -14.53
C ALA A 331 -34.91 -6.22 -15.16
N GLY A 332 -35.58 -5.27 -15.79
CA GLY A 332 -36.75 -5.56 -16.60
C GLY A 332 -36.34 -5.94 -18.01
N PRO A 333 -37.26 -6.52 -18.77
CA PRO A 333 -36.93 -6.95 -20.15
C PRO A 333 -36.57 -5.78 -21.05
N VAL A 334 -36.86 -4.56 -20.64
CA VAL A 334 -36.48 -3.40 -21.42
C VAL A 334 -35.18 -2.82 -20.88
N ASN A 335 -34.18 -2.71 -21.76
CA ASN A 335 -32.82 -2.40 -21.35
C ASN A 335 -32.71 -1.03 -20.65
N SER A 336 -32.10 -1.02 -19.46
CA SER A 336 -31.74 0.25 -18.78
C SER A 336 -30.25 0.59 -19.00
N GLU A 337 -29.94 1.86 -19.29
CA GLU A 337 -28.55 2.35 -19.39
C GLU A 337 -27.77 2.07 -18.12
N THR A 338 -28.48 2.21 -17.01
CA THR A 338 -27.89 1.94 -15.72
C THR A 338 -28.99 1.37 -14.84
N LEU A 339 -28.63 0.51 -13.90
CA LEU A 339 -29.61 0.08 -12.90
C LEU A 339 -29.53 0.86 -11.56
N VAL A 340 -28.30 1.13 -11.12
CA VAL A 340 -28.04 1.91 -9.91
C VAL A 340 -26.97 2.92 -10.23
N GLU A 341 -27.22 4.17 -9.83
CA GLU A 341 -26.18 5.23 -9.89
C GLU A 341 -25.97 5.87 -8.53
N VAL A 342 -24.70 6.00 -8.13
CA VAL A 342 -24.34 6.70 -6.91
C VAL A 342 -23.61 7.97 -7.30
N GLY A 343 -24.29 9.09 -7.08
CA GLY A 343 -23.79 10.42 -7.37
C GLY A 343 -24.02 10.68 -8.82
N SER A 344 -23.84 11.93 -9.23
CA SER A 344 -23.95 12.33 -10.64
C SER A 344 -22.60 12.29 -11.32
N ASP A 345 -22.67 12.47 -12.63
CA ASP A 345 -21.56 12.23 -13.58
C ASP A 345 -20.52 13.39 -13.58
N GLY A 346 -19.22 13.11 -13.35
CA GLY A 346 -18.15 14.13 -13.25
C GLY A 346 -17.98 14.84 -11.92
N ALA A 347 -19.12 15.28 -11.39
CA ALA A 347 -19.25 15.78 -10.01
C ALA A 347 -18.19 15.14 -9.13
N SER A 348 -17.41 15.96 -8.42
CA SER A 348 -16.14 15.57 -7.83
C SER A 348 -15.99 16.17 -6.40
N GLY A 349 -17.12 16.32 -5.71
CA GLY A 349 -17.04 16.63 -4.29
C GLY A 349 -16.45 15.51 -3.45
N ASP A 350 -15.90 15.85 -2.28
CA ASP A 350 -15.39 14.84 -1.36
C ASP A 350 -16.53 14.47 -0.39
N HIS A 351 -16.50 13.24 0.14
CA HIS A 351 -17.52 12.79 1.08
C HIS A 351 -16.86 11.97 2.20
N ALA A 352 -15.71 12.44 2.67
CA ALA A 352 -14.81 11.57 3.46
C ALA A 352 -15.25 11.28 4.89
N ALA A 353 -15.78 12.26 5.60
CA ALA A 353 -16.17 12.01 6.99
C ALA A 353 -17.45 11.18 7.04
N ASN A 354 -18.37 11.44 6.11
CA ASN A 354 -19.70 10.80 6.11
C ASN A 354 -20.03 10.26 4.68
N PRO A 355 -19.36 9.18 4.29
CA PRO A 355 -19.55 8.64 2.95
C PRO A 355 -20.92 8.03 2.72
N THR A 356 -21.31 7.89 1.46
CA THR A 356 -22.47 7.08 1.09
C THR A 356 -22.02 5.63 0.94
N SER A 357 -22.90 4.67 1.28
CA SER A 357 -22.56 3.25 1.16
C SER A 357 -23.68 2.43 0.49
N LEU A 358 -23.26 1.40 -0.23
CA LEU A 358 -24.17 0.34 -0.67
C LEU A 358 -23.77 -0.93 0.06
N GLN A 359 -24.73 -1.55 0.77
CA GLN A 359 -24.43 -2.80 1.47
C GLN A 359 -25.51 -3.83 1.20
N ASP A 360 -25.07 -5.04 0.91
CA ASP A 360 -26.04 -6.08 0.56
C ASP A 360 -26.99 -5.56 -0.50
N VAL A 361 -26.40 -4.95 -1.52
CA VAL A 361 -27.11 -4.55 -2.71
C VAL A 361 -26.74 -5.55 -3.78
N PHE A 362 -27.76 -6.23 -4.31
CA PHE A 362 -27.54 -7.28 -5.29
C PHE A 362 -28.22 -6.81 -6.60
N VAL A 363 -27.65 -7.22 -7.72
CA VAL A 363 -28.24 -6.95 -9.02
C VAL A 363 -28.36 -8.27 -9.75
N ARG A 364 -29.51 -8.48 -10.39
CA ARG A 364 -29.75 -9.63 -11.27
C ARG A 364 -30.18 -9.14 -12.66
N ILE A 365 -29.56 -9.69 -13.71
CA ILE A 365 -30.01 -9.46 -15.09
C ILE A 365 -30.42 -10.78 -15.73
N GLY A 366 -31.72 -10.98 -15.90
CA GLY A 366 -32.28 -12.22 -16.41
C GLY A 366 -32.44 -13.27 -15.33
N GLY A 367 -32.96 -14.46 -15.69
CA GLY A 367 -33.12 -15.56 -14.72
C GLY A 367 -34.59 -15.84 -14.33
N ALA A 368 -35.31 -14.76 -14.07
CA ALA A 368 -36.80 -14.69 -14.01
C ALA A 368 -37.37 -13.93 -15.24
N GLY A 369 -37.12 -14.50 -16.40
CA GLY A 369 -37.54 -13.90 -17.65
C GLY A 369 -36.40 -13.09 -18.26
N PRO A 370 -36.59 -12.64 -19.52
CA PRO A 370 -35.68 -11.66 -20.14
C PRO A 370 -35.38 -10.46 -19.22
N GLY A 371 -34.13 -10.02 -19.20
CA GLY A 371 -33.72 -8.83 -18.50
C GLY A 371 -32.49 -8.28 -19.17
N LYS A 372 -32.35 -6.96 -19.21
CA LYS A 372 -31.28 -6.33 -19.97
C LYS A 372 -30.84 -5.02 -19.29
N ALA A 373 -29.53 -4.80 -19.22
CA ALA A 373 -29.04 -3.49 -18.78
C ALA A 373 -27.61 -3.28 -19.27
N THR A 374 -27.31 -2.03 -19.65
CA THR A 374 -25.99 -1.76 -20.25
C THR A 374 -24.90 -1.74 -19.19
N THR A 375 -25.13 -0.92 -18.17
CA THR A 375 -24.32 -0.98 -16.97
C THR A 375 -25.23 -1.29 -15.80
N SER A 376 -24.73 -2.00 -14.82
CA SER A 376 -25.54 -2.28 -13.66
C SER A 376 -25.37 -1.25 -12.52
N ILE A 377 -24.13 -1.03 -12.09
CA ILE A 377 -23.86 -0.02 -11.06
C ILE A 377 -22.77 0.91 -11.50
N VAL A 378 -23.10 2.21 -11.49
CA VAL A 378 -22.11 3.23 -11.76
C VAL A 378 -21.94 4.01 -10.47
N VAL A 379 -20.69 4.15 -10.04
CA VAL A 379 -20.43 4.83 -8.80
C VAL A 379 -19.52 6.03 -9.04
N ASN A 380 -20.19 7.18 -9.11
CA ASN A 380 -19.54 8.46 -9.34
C ASN A 380 -19.13 9.15 -8.06
N SER A 381 -19.87 8.95 -6.98
CA SER A 381 -19.57 9.65 -5.70
C SER A 381 -18.19 9.32 -5.14
N ASN A 382 -17.38 10.35 -4.88
CA ASN A 382 -16.12 10.11 -4.21
C ASN A 382 -16.38 9.51 -2.82
N ASP A 383 -15.47 8.66 -2.39
CA ASP A 383 -15.40 8.13 -1.02
C ASP A 383 -16.48 7.08 -0.67
N THR A 384 -17.23 6.67 -1.68
CA THR A 384 -18.27 5.67 -1.51
C THR A 384 -17.68 4.33 -1.06
N ILE A 385 -18.43 3.66 -0.18
CA ILE A 385 -18.09 2.31 0.25
C ILE A 385 -19.12 1.34 -0.32
N ILE A 386 -18.63 0.31 -1.00
CA ILE A 386 -19.49 -0.79 -1.48
C ILE A 386 -19.08 -1.99 -0.63
N ASP A 387 -19.91 -2.34 0.35
CA ASP A 387 -19.57 -3.35 1.34
C ASP A 387 -20.57 -4.51 1.18
N HIS A 388 -20.15 -5.48 0.36
CA HIS A 388 -20.92 -6.64 -0.09
C HIS A 388 -21.90 -6.31 -1.20
N THR A 389 -21.52 -6.65 -2.43
CA THR A 389 -22.43 -6.60 -3.56
C THR A 389 -22.25 -7.86 -4.42
N TRP A 390 -23.35 -8.35 -4.99
CA TRP A 390 -23.32 -9.39 -6.01
C TRP A 390 -24.04 -8.80 -7.20
N VAL A 391 -23.31 -8.60 -8.29
CA VAL A 391 -23.84 -8.05 -9.53
C VAL A 391 -23.72 -9.18 -10.58
N TRP A 392 -24.88 -9.70 -11.00
CA TRP A 392 -24.94 -11.01 -11.64
C TRP A 392 -25.79 -11.05 -12.89
N ARG A 393 -25.15 -11.20 -14.04
CA ARG A 393 -25.89 -11.50 -15.25
C ARG A 393 -26.21 -13.01 -15.16
N ALA A 394 -27.49 -13.36 -15.26
CA ALA A 394 -27.91 -14.75 -15.07
C ALA A 394 -27.31 -15.73 -16.08
N ASP A 395 -26.96 -16.94 -15.59
CA ASP A 395 -26.50 -18.04 -16.46
C ASP A 395 -27.53 -19.15 -16.58
N HIS A 396 -28.54 -19.14 -15.72
CA HIS A 396 -29.62 -20.07 -15.91
C HIS A 396 -30.91 -19.46 -15.39
N GLY A 397 -31.99 -20.19 -15.62
CA GLY A 397 -33.33 -19.73 -15.39
C GLY A 397 -34.02 -19.43 -16.71
N GLU A 398 -35.10 -18.68 -16.59
CA GLU A 398 -35.89 -18.20 -17.71
C GLU A 398 -35.26 -16.91 -18.23
N GLY A 399 -35.11 -16.80 -19.56
CA GLY A 399 -34.77 -15.53 -20.16
C GLY A 399 -33.29 -15.29 -20.29
N VAL A 400 -32.51 -16.36 -20.41
CA VAL A 400 -31.06 -16.26 -20.51
C VAL A 400 -30.63 -16.47 -21.98
N GLY A 401 -29.62 -15.70 -22.41
CA GLY A 401 -29.14 -15.75 -23.78
C GLY A 401 -28.10 -14.68 -24.02
N TRP A 402 -27.11 -15.00 -24.86
CA TRP A 402 -26.02 -14.06 -25.15
C TRP A 402 -26.61 -12.67 -25.56
N GLU A 403 -27.63 -12.68 -26.42
CA GLU A 403 -28.49 -11.50 -26.75
C GLU A 403 -29.56 -11.22 -25.71
N THR A 404 -30.37 -12.23 -25.53
CA THR A 404 -31.52 -12.19 -24.67
C THR A 404 -31.36 -11.48 -23.31
N ASN A 405 -30.35 -11.85 -22.52
CA ASN A 405 -30.07 -11.10 -21.28
C ASN A 405 -28.67 -10.48 -21.33
N ARG A 406 -28.36 -9.97 -22.52
CA ARG A 406 -27.11 -9.27 -22.78
C ARG A 406 -26.95 -8.12 -21.72
N ALA A 407 -25.85 -8.13 -21.00
CA ALA A 407 -25.52 -7.04 -20.05
C ALA A 407 -24.04 -6.78 -20.21
N ASP A 408 -23.68 -5.64 -20.80
CA ASP A 408 -22.27 -5.42 -21.19
C ASP A 408 -21.35 -5.16 -19.99
N TYR A 409 -21.80 -4.35 -19.04
CA TYR A 409 -20.92 -3.83 -17.99
C TYR A 409 -21.54 -4.03 -16.61
N GLY A 410 -20.73 -4.55 -15.69
CA GLY A 410 -21.20 -4.84 -14.35
C GLY A 410 -21.18 -3.62 -13.46
N VAL A 411 -19.97 -3.29 -13.00
CA VAL A 411 -19.73 -2.13 -12.14
C VAL A 411 -18.71 -1.21 -12.78
N HIS A 412 -19.04 0.09 -12.77
CA HIS A 412 -18.10 1.13 -13.19
C HIS A 412 -17.86 2.11 -12.08
N VAL A 413 -16.63 2.10 -11.58
CA VAL A 413 -16.27 3.03 -10.51
C VAL A 413 -15.57 4.23 -11.12
N LYS A 414 -16.24 5.37 -11.06
CA LYS A 414 -15.68 6.62 -11.56
C LYS A 414 -15.26 7.62 -10.47
N GLY A 415 -15.81 7.48 -9.27
CA GLY A 415 -15.39 8.31 -8.14
C GLY A 415 -14.00 7.99 -7.62
N ASP A 416 -13.42 8.94 -6.86
CA ASP A 416 -12.11 8.75 -6.24
C ASP A 416 -12.24 8.19 -4.82
N ASN A 417 -11.23 7.45 -4.40
CA ASN A 417 -11.14 6.90 -3.03
C ASN A 417 -12.33 6.05 -2.64
N VAL A 418 -12.81 5.29 -3.63
CA VAL A 418 -13.93 4.35 -3.43
C VAL A 418 -13.33 3.05 -2.89
N LEU A 419 -14.03 2.42 -1.95
CA LEU A 419 -13.56 1.21 -1.30
C LEU A 419 -14.60 0.15 -1.58
N ALA A 420 -14.18 -0.99 -2.12
CA ALA A 420 -15.06 -2.15 -2.24
C ALA A 420 -14.52 -3.26 -1.33
N THR A 421 -15.39 -3.74 -0.46
CA THR A 421 -15.10 -4.86 0.44
C THR A 421 -16.12 -5.98 0.19
N GLY A 422 -15.69 -7.08 -0.39
CA GLY A 422 -16.61 -8.15 -0.73
C GLY A 422 -17.36 -7.90 -2.05
N LEU A 423 -16.57 -7.82 -3.12
CA LEU A 423 -17.08 -7.50 -4.47
C LEU A 423 -17.25 -8.78 -5.29
N PHE A 424 -18.48 -9.12 -5.66
CA PHE A 424 -18.78 -10.33 -6.43
C PHE A 424 -19.48 -9.88 -7.74
N VAL A 425 -18.86 -10.04 -8.89
CA VAL A 425 -19.46 -9.59 -10.15
C VAL A 425 -19.22 -10.66 -11.23
N GLU A 426 -20.30 -11.11 -11.88
CA GLU A 426 -20.19 -12.25 -12.81
C GLU A 426 -21.00 -12.15 -14.10
N HIS A 427 -20.36 -12.58 -15.18
CA HIS A 427 -21.01 -13.07 -16.42
C HIS A 427 -21.30 -12.00 -17.47
N PHE A 428 -20.75 -10.81 -17.30
CA PHE A 428 -21.01 -9.72 -18.22
C PHE A 428 -20.40 -9.93 -19.63
N ASN A 429 -21.08 -9.38 -20.62
CA ASN A 429 -20.67 -9.59 -22.01
C ASN A 429 -19.32 -8.93 -22.30
N LYS A 430 -19.05 -7.86 -21.58
CA LYS A 430 -17.79 -7.14 -21.67
C LYS A 430 -17.13 -7.00 -20.29
N TYR A 431 -16.64 -5.80 -19.91
CA TYR A 431 -15.94 -5.66 -18.65
C TYR A 431 -16.89 -5.88 -17.45
N ASP A 432 -16.61 -6.89 -16.62
CA ASP A 432 -17.43 -7.06 -15.43
C ASP A 432 -17.25 -5.85 -14.51
N VAL A 433 -15.99 -5.48 -14.27
CA VAL A 433 -15.67 -4.32 -13.43
C VAL A 433 -14.70 -3.40 -14.15
N GLN A 434 -15.04 -2.09 -14.19
CA GLN A 434 -14.20 -1.04 -14.73
C GLN A 434 -13.95 0.02 -13.62
N TRP A 435 -12.68 0.35 -13.42
CA TRP A 435 -12.28 1.33 -12.43
C TRP A 435 -11.51 2.44 -13.13
N SER A 436 -12.13 3.62 -13.20
CA SER A 436 -11.48 4.80 -13.75
C SER A 436 -11.14 5.90 -12.73
N GLY A 437 -11.71 5.84 -11.52
CA GLY A 437 -11.37 6.80 -10.50
C GLY A 437 -10.00 6.58 -9.87
N GLU A 438 -9.52 7.59 -9.16
CA GLU A 438 -8.22 7.46 -8.50
C GLU A 438 -8.36 6.82 -7.11
N ASN A 439 -7.24 6.27 -6.68
CA ASN A 439 -7.10 5.61 -5.39
C ASN A 439 -8.24 4.69 -4.98
N GLY A 440 -8.64 3.81 -5.87
CA GLY A 440 -9.56 2.76 -5.52
C GLY A 440 -8.87 1.68 -4.72
N LYS A 441 -9.65 1.03 -3.87
CA LYS A 441 -9.23 -0.13 -3.12
C LYS A 441 -10.32 -1.18 -3.23
N THR A 442 -9.93 -2.41 -3.57
CA THR A 442 -10.81 -3.60 -3.50
C THR A 442 -10.17 -4.64 -2.60
N ILE A 443 -10.95 -5.07 -1.60
CA ILE A 443 -10.57 -6.16 -0.68
C ILE A 443 -11.59 -7.28 -0.92
N PHE A 444 -11.08 -8.34 -1.54
CA PHE A 444 -11.82 -9.50 -2.02
C PHE A 444 -12.64 -9.23 -3.27
N TYR A 445 -12.34 -10.01 -4.32
CA TYR A 445 -13.08 -9.97 -5.56
C TYR A 445 -13.28 -11.40 -6.06
N GLN A 446 -14.51 -11.68 -6.46
CA GLN A 446 -14.85 -12.95 -7.09
C GLN A 446 -15.63 -12.70 -8.39
N ASN A 447 -15.10 -13.24 -9.48
CA ASN A 447 -15.72 -13.13 -10.79
C ASN A 447 -15.80 -14.49 -11.46
N ALA A 448 -16.82 -14.64 -12.31
CA ALA A 448 -16.84 -15.71 -13.31
C ALA A 448 -17.16 -15.05 -14.65
N LYS A 449 -16.50 -15.50 -15.69
CA LYS A 449 -16.70 -14.91 -17.02
C LYS A 449 -17.96 -15.55 -17.62
N ALA A 450 -18.56 -14.85 -18.56
CA ALA A 450 -19.73 -15.30 -19.29
C ALA A 450 -19.47 -16.66 -19.93
N TYR A 451 -20.35 -17.60 -19.63
CA TYR A 451 -20.24 -19.00 -20.13
C TYR A 451 -20.65 -19.12 -21.58
N ASP A 452 -21.38 -18.12 -22.06
CA ASP A 452 -22.10 -18.23 -23.32
C ASP A 452 -21.65 -17.36 -24.49
N ALA A 453 -20.48 -16.72 -24.37
CA ALA A 453 -19.83 -16.13 -25.52
C ALA A 453 -19.82 -17.18 -26.64
N PRO A 454 -20.32 -16.83 -27.84
CA PRO A 454 -20.46 -17.79 -28.95
C PRO A 454 -19.13 -18.27 -29.52
N ASP A 455 -18.21 -17.33 -29.67
CA ASP A 455 -16.89 -17.62 -30.21
C ASP A 455 -15.92 -16.48 -29.89
N GLN A 456 -14.68 -16.65 -30.34
CA GLN A 456 -13.65 -15.68 -30.04
C GLN A 456 -14.07 -14.28 -30.55
N ALA A 457 -14.71 -14.24 -31.71
CA ALA A 457 -15.01 -12.93 -32.33
C ALA A 457 -15.98 -12.09 -31.53
N ALA A 458 -16.78 -12.73 -30.67
CA ALA A 458 -17.83 -12.05 -29.91
C ALA A 458 -17.33 -11.36 -28.64
N ILE A 459 -16.14 -11.74 -28.20
CA ILE A 459 -15.52 -11.18 -27.00
C ILE A 459 -14.27 -10.40 -27.37
N GLN A 460 -14.17 -10.05 -28.64
CA GLN A 460 -13.00 -9.36 -29.12
C GLN A 460 -13.02 -7.96 -28.53
N ASN A 461 -11.91 -7.61 -27.89
CA ASN A 461 -11.68 -6.27 -27.35
C ASN A 461 -10.51 -5.67 -28.14
N GLY A 462 -10.83 -5.30 -29.39
CA GLY A 462 -9.86 -4.85 -30.38
C GLY A 462 -8.63 -5.77 -30.45
N ASP A 463 -7.52 -5.32 -29.86
CA ASP A 463 -6.30 -6.12 -29.82
C ASP A 463 -6.24 -7.19 -28.72
N ILE A 464 -7.31 -7.28 -27.91
CA ILE A 464 -7.40 -8.21 -26.77
C ILE A 464 -8.47 -9.31 -26.96
N LYS A 465 -8.08 -10.56 -26.66
CA LYS A 465 -9.03 -11.66 -26.59
C LYS A 465 -9.76 -11.61 -25.26
N GLY A 466 -11.04 -11.29 -25.33
CA GLY A 466 -11.85 -11.15 -24.13
C GLY A 466 -11.73 -9.81 -23.48
N TYR A 467 -12.60 -9.59 -22.48
CA TYR A 467 -12.59 -8.38 -21.67
C TYR A 467 -12.19 -8.79 -20.28
N ALA A 468 -11.26 -8.04 -19.67
CA ALA A 468 -10.87 -8.33 -18.29
C ALA A 468 -12.10 -8.40 -17.39
N ALA A 469 -12.03 -9.25 -16.39
CA ALA A 469 -13.01 -9.26 -15.32
C ALA A 469 -12.87 -8.00 -14.45
N TYR A 470 -11.68 -7.41 -14.44
CA TYR A 470 -11.45 -6.22 -13.60
C TYR A 470 -10.38 -5.40 -14.32
N LYS A 471 -10.81 -4.25 -14.87
CA LYS A 471 -9.96 -3.35 -15.64
C LYS A 471 -9.80 -2.03 -14.95
N VAL A 472 -8.58 -1.78 -14.53
CA VAL A 472 -8.15 -0.44 -14.13
C VAL A 472 -7.66 0.33 -15.37
N ASP A 473 -8.31 1.44 -15.71
CA ASP A 473 -7.91 2.16 -16.93
C ASP A 473 -6.48 2.65 -16.82
N ASP A 474 -5.79 2.76 -17.96
CA ASP A 474 -4.39 3.23 -17.97
C ASP A 474 -4.16 4.67 -17.50
N SER A 475 -5.24 5.41 -17.35
CA SER A 475 -5.20 6.79 -16.86
C SER A 475 -4.96 6.90 -15.34
N VAL A 476 -5.28 5.84 -14.62
CA VAL A 476 -5.19 5.81 -13.16
C VAL A 476 -3.73 5.74 -12.70
N THR A 477 -3.40 6.46 -11.63
CA THR A 477 -2.03 6.44 -11.07
C THR A 477 -1.96 5.69 -9.73
N THR A 478 -3.08 5.58 -9.01
CA THR A 478 -3.11 4.87 -7.72
C THR A 478 -4.31 3.92 -7.66
N HIS A 479 -4.05 2.67 -7.29
CA HIS A 479 -5.08 1.64 -7.11
C HIS A 479 -4.48 0.54 -6.28
N GLU A 480 -5.30 -0.20 -5.56
CA GLU A 480 -4.80 -1.37 -4.86
C GLU A 480 -5.90 -2.42 -4.68
N GLY A 481 -5.58 -3.65 -5.05
CA GLY A 481 -6.50 -4.78 -4.93
C GLY A 481 -5.86 -5.95 -4.16
N TRP A 482 -6.66 -6.62 -3.33
CA TRP A 482 -6.19 -7.74 -2.56
C TRP A 482 -7.17 -8.92 -2.65
N GLY A 483 -6.64 -10.09 -2.98
CA GLY A 483 -7.44 -11.31 -2.90
C GLY A 483 -8.51 -11.41 -3.98
N MET A 484 -8.05 -11.57 -5.23
CA MET A 484 -8.89 -11.35 -6.41
C MET A 484 -8.86 -12.52 -7.35
N GLY A 485 -10.05 -13.05 -7.63
CA GLY A 485 -10.18 -14.22 -8.48
C GLY A 485 -11.14 -14.06 -9.66
N SER A 486 -10.80 -14.73 -10.76
CA SER A 486 -11.69 -14.80 -11.93
C SER A 486 -11.64 -16.20 -12.49
N TYR A 487 -12.82 -16.78 -12.75
CA TYR A 487 -12.93 -18.13 -13.26
C TYR A 487 -13.65 -18.15 -14.59
N CYS A 488 -13.35 -19.15 -15.40
CA CYS A 488 -14.06 -19.29 -16.69
C CYS A 488 -14.66 -20.69 -16.87
N TYR A 489 -15.66 -20.75 -17.72
CA TYR A 489 -16.36 -21.99 -18.05
C TYR A 489 -17.11 -21.77 -19.33
N PHE A 490 -16.32 -21.60 -20.37
CA PHE A 490 -16.86 -21.34 -21.69
C PHE A 490 -17.46 -22.64 -22.25
N ASN A 491 -18.63 -23.01 -21.71
CA ASN A 491 -19.25 -24.30 -21.97
C ASN A 491 -19.91 -24.35 -23.33
N VAL A 492 -20.27 -23.19 -23.87
CA VAL A 492 -20.79 -23.10 -25.22
C VAL A 492 -19.66 -23.39 -26.19
N ASN A 493 -18.62 -22.56 -26.17
CA ASN A 493 -17.45 -22.76 -27.03
C ASN A 493 -16.16 -22.94 -26.22
N PRO A 494 -15.86 -24.21 -25.88
CA PRO A 494 -14.70 -24.57 -25.04
C PRO A 494 -13.31 -24.31 -25.64
N ASP A 495 -13.25 -23.83 -26.89
CA ASP A 495 -12.00 -23.48 -27.53
C ASP A 495 -11.59 -22.02 -27.32
N ILE A 496 -12.48 -21.25 -26.70
CA ILE A 496 -12.22 -19.83 -26.47
C ILE A 496 -11.02 -19.61 -25.57
N ARG A 497 -10.32 -18.51 -25.79
CA ARG A 497 -9.27 -18.04 -24.90
C ARG A 497 -9.63 -16.68 -24.34
N GLN A 498 -9.41 -16.52 -23.04
CA GLN A 498 -9.55 -15.26 -22.34
C GLN A 498 -8.15 -14.74 -22.04
N GLN A 499 -7.79 -13.54 -22.51
CA GLN A 499 -6.39 -13.11 -22.31
C GLN A 499 -5.95 -13.04 -20.85
N HIS A 500 -6.82 -12.51 -20.01
CA HIS A 500 -6.47 -12.27 -18.63
C HIS A 500 -7.73 -12.02 -17.79
N GLY A 501 -7.63 -12.23 -16.48
CA GLY A 501 -8.68 -11.84 -15.55
C GLY A 501 -8.62 -10.34 -15.26
N PHE A 502 -7.40 -9.80 -15.30
CA PHE A 502 -7.14 -8.44 -14.83
C PHE A 502 -6.37 -7.60 -15.83
N GLN A 503 -6.77 -6.32 -15.96
CA GLN A 503 -6.07 -5.40 -16.85
C GLN A 503 -5.90 -3.95 -16.29
N ALA A 504 -4.63 -3.52 -16.31
CA ALA A 504 -4.22 -2.30 -15.64
C ALA A 504 -2.98 -1.67 -16.30
N PRO A 505 -2.60 -0.47 -15.82
CA PRO A 505 -1.27 0.09 -16.10
C PRO A 505 -0.15 -0.50 -15.21
N VAL A 506 1.09 -0.51 -15.70
CA VAL A 506 2.23 -0.88 -14.86
C VAL A 506 2.81 0.42 -14.30
N LYS A 507 2.48 0.71 -13.05
CA LYS A 507 2.87 1.99 -12.44
C LYS A 507 3.15 1.74 -10.97
N PRO A 508 4.07 2.49 -10.38
CA PRO A 508 4.34 2.15 -8.96
C PRO A 508 3.15 2.31 -8.01
N GLY A 509 2.15 3.10 -8.36
CA GLY A 509 1.02 3.33 -7.48
C GLY A 509 -0.12 2.34 -7.71
N VAL A 510 0.07 1.42 -8.64
CA VAL A 510 -0.93 0.38 -8.96
C VAL A 510 -0.40 -0.99 -8.57
N LYS A 511 -0.98 -1.55 -7.50
CA LYS A 511 -0.45 -2.75 -6.86
C LYS A 511 -1.59 -3.74 -6.70
N PHE A 512 -1.36 -5.01 -7.03
CA PHE A 512 -2.34 -6.05 -6.77
C PHE A 512 -1.61 -7.12 -5.93
N HIS A 513 -2.32 -7.70 -4.99
CA HIS A 513 -1.84 -8.84 -4.21
C HIS A 513 -2.80 -10.00 -4.31
N ASP A 514 -2.24 -11.18 -4.47
CA ASP A 514 -2.98 -12.43 -4.40
C ASP A 514 -4.08 -12.47 -5.46
N LEU A 515 -3.64 -12.54 -6.72
CA LEU A 515 -4.51 -12.70 -7.89
C LEU A 515 -4.54 -14.16 -8.34
N LEU A 516 -5.72 -14.62 -8.77
CA LEU A 516 -5.81 -15.92 -9.39
C LEU A 516 -6.81 -15.97 -10.53
N VAL A 517 -6.54 -16.87 -11.48
CA VAL A 517 -7.51 -17.26 -12.52
C VAL A 517 -7.62 -18.77 -12.61
N VAL A 518 -8.80 -19.27 -12.99
CA VAL A 518 -8.99 -20.70 -13.06
C VAL A 518 -9.99 -21.02 -14.13
N SER A 519 -9.71 -22.07 -14.89
CA SER A 519 -10.66 -22.64 -15.81
C SER A 519 -11.34 -23.82 -15.16
N LEU A 520 -12.67 -23.83 -15.20
CA LEU A 520 -13.40 -24.91 -14.56
C LEU A 520 -13.65 -26.01 -15.58
N GLY A 521 -12.93 -27.12 -15.43
CA GLY A 521 -13.13 -28.29 -16.26
C GLY A 521 -12.44 -28.18 -17.63
N GLY A 522 -11.45 -27.31 -17.74
CA GLY A 522 -10.80 -27.06 -19.02
C GLY A 522 -11.74 -26.50 -20.07
N LYS A 523 -12.87 -25.94 -19.62
CA LYS A 523 -13.77 -25.26 -20.54
C LYS A 523 -13.27 -23.84 -20.84
N GLY A 524 -12.49 -23.71 -21.91
CA GLY A 524 -11.77 -22.48 -22.19
C GLY A 524 -10.52 -22.39 -21.34
N GLN A 525 -9.65 -21.45 -21.68
CA GLN A 525 -8.45 -21.20 -20.87
C GLN A 525 -8.15 -19.71 -20.81
N TYR A 526 -7.52 -19.30 -19.71
CA TYR A 526 -6.87 -17.99 -19.62
C TYR A 526 -5.47 -18.06 -20.22
N GLU A 527 -5.06 -17.02 -20.95
CA GLU A 527 -3.68 -16.93 -21.46
C GLU A 527 -2.71 -16.42 -20.41
N HIS A 528 -3.24 -15.66 -19.45
CA HIS A 528 -2.41 -14.98 -18.46
C HIS A 528 -3.28 -14.60 -17.27
N VAL A 529 -2.68 -14.14 -16.18
CA VAL A 529 -3.46 -13.73 -15.03
C VAL A 529 -3.84 -12.25 -15.11
N ILE A 530 -2.83 -11.42 -15.32
CA ILE A 530 -3.01 -9.97 -15.36
C ILE A 530 -2.24 -9.37 -16.54
N ASN A 531 -2.90 -8.52 -17.32
CA ASN A 531 -2.35 -8.01 -18.58
C ASN A 531 -1.84 -9.12 -19.48
N ASP A 532 -0.51 -9.26 -19.50
CA ASP A 532 0.20 -10.13 -20.41
C ASP A 532 1.20 -10.97 -19.61
N ILE A 533 0.93 -11.05 -18.30
CA ILE A 533 1.85 -11.60 -17.31
C ILE A 533 1.09 -12.74 -16.66
N GLY A 534 1.80 -13.78 -16.26
CA GLY A 534 1.20 -14.89 -15.54
C GLY A 534 1.00 -16.08 -16.45
N ASP A 535 1.27 -17.25 -15.88
CA ASP A 535 1.08 -18.54 -16.50
C ASP A 535 -0.37 -18.76 -16.94
N PRO A 536 -0.54 -19.34 -18.13
CA PRO A 536 -1.90 -19.66 -18.56
C PRO A 536 -2.49 -20.74 -17.71
N THR A 537 -3.80 -20.89 -17.76
CA THR A 537 -4.41 -22.09 -17.26
C THR A 537 -4.25 -23.18 -18.33
N SER A 538 -4.14 -24.42 -17.86
CA SER A 538 -4.03 -25.54 -18.79
C SER A 538 -4.46 -26.83 -18.11
N GLY A 539 -4.58 -27.90 -18.89
CA GLY A 539 -5.15 -29.14 -18.35
C GLY A 539 -6.64 -28.97 -18.13
N ASP A 540 -7.30 -30.03 -17.65
CA ASP A 540 -8.74 -29.97 -17.36
C ASP A 540 -9.01 -30.06 -15.86
N THR A 541 -7.95 -30.01 -15.04
CA THR A 541 -8.12 -30.33 -13.62
C THR A 541 -8.17 -29.12 -12.70
N THR A 542 -8.67 -28.01 -13.24
CA THR A 542 -9.13 -26.92 -12.40
C THR A 542 -8.10 -26.55 -11.32
N ILE A 543 -6.88 -26.42 -11.80
CA ILE A 543 -5.76 -25.92 -11.02
C ILE A 543 -5.58 -24.43 -11.31
N PRO A 544 -5.59 -23.58 -10.26
CA PRO A 544 -5.41 -22.15 -10.50
C PRO A 544 -4.03 -21.76 -10.95
N SER A 545 -3.98 -20.61 -11.62
CA SER A 545 -2.74 -19.93 -11.96
C SER A 545 -2.74 -18.64 -11.17
N GLN A 546 -1.64 -18.38 -10.44
CA GLN A 546 -1.66 -17.35 -9.41
C GLN A 546 -0.52 -16.36 -9.59
N VAL A 547 -0.80 -15.11 -9.25
CA VAL A 547 0.24 -14.13 -9.03
C VAL A 547 0.15 -13.59 -7.59
N VAL A 548 1.31 -13.41 -6.98
CA VAL A 548 1.36 -13.02 -5.57
C VAL A 548 1.49 -11.52 -5.54
N SER A 549 2.47 -11.05 -6.32
CA SER A 549 2.75 -9.64 -6.40
C SER A 549 2.69 -9.14 -7.85
N PHE A 550 1.95 -8.06 -8.06
CA PHE A 550 1.95 -7.38 -9.33
C PHE A 550 1.88 -5.90 -9.07
N PRO A 551 2.74 -5.13 -9.77
CA PRO A 551 3.64 -5.34 -10.91
C PRO A 551 5.02 -5.93 -10.58
N ALA B 1 -3.06 32.99 -1.02
CA ALA B 1 -3.61 34.28 -0.61
C ALA B 1 -4.12 34.20 0.84
N GLN B 2 -3.90 33.04 1.47
CA GLN B 2 -4.64 32.59 2.63
C GLN B 2 -3.95 31.26 2.91
N GLU B 3 -3.75 30.94 4.19
CA GLU B 3 -2.37 30.79 4.55
C GLU B 3 -2.06 29.67 5.48
N VAL B 4 -0.78 29.31 5.45
CA VAL B 4 -0.46 27.93 5.63
C VAL B 4 -0.29 27.78 7.10
N VAL B 5 -1.00 26.81 7.66
CA VAL B 5 -0.98 26.60 9.09
C VAL B 5 0.04 25.51 9.41
N GLY B 6 0.75 25.72 10.50
CA GLY B 6 1.74 24.77 10.95
C GLY B 6 1.20 23.84 12.00
N GLY B 7 1.99 22.82 12.33
CA GLY B 7 1.65 21.85 13.34
C GLY B 7 0.55 20.88 12.93
N GLY B 8 0.00 20.17 13.90
CA GLY B 8 -1.08 19.22 13.65
C GLY B 8 -0.71 17.74 13.70
N ASP B 9 -1.33 17.04 12.74
CA ASP B 9 -1.63 15.63 12.76
C ASP B 9 -0.78 15.04 11.59
N LEU B 10 -0.16 13.86 11.73
CA LEU B 10 0.93 13.47 10.78
C LEU B 10 0.58 12.45 9.70
N GLY B 11 -0.71 12.17 9.58
CA GLY B 11 -1.21 11.30 8.54
C GLY B 11 -1.17 9.83 8.92
N PRO B 12 -1.70 8.98 8.03
CA PRO B 12 -1.85 7.53 8.20
C PRO B 12 -0.53 6.81 8.29
N ASN B 13 0.52 7.46 7.79
CA ASN B 13 1.78 6.75 7.52
C ASN B 13 2.86 6.89 8.59
N VAL B 14 2.54 7.65 9.63
CA VAL B 14 3.41 7.77 10.81
C VAL B 14 2.74 7.08 12.01
N LEU B 15 3.25 5.89 12.34
CA LEU B 15 2.75 5.10 13.46
C LEU B 15 3.58 5.49 14.68
N VAL B 16 2.93 6.09 15.69
CA VAL B 16 3.55 6.43 16.97
C VAL B 16 3.23 5.34 18.00
N PHE B 17 4.27 4.80 18.62
CA PHE B 17 4.14 3.76 19.63
C PHE B 17 4.64 4.25 21.01
N ASP B 18 4.02 3.72 22.06
CA ASP B 18 4.63 3.71 23.39
C ASP B 18 4.65 2.28 23.99
N PRO B 19 5.32 2.10 25.14
CA PRO B 19 5.48 0.71 25.58
C PRO B 19 4.19 0.01 25.96
N SER B 20 3.10 0.77 26.05
CA SER B 20 1.79 0.20 26.32
C SER B 20 0.97 -0.25 25.10
N THR B 21 1.51 -0.07 23.90
CA THR B 21 0.72 -0.28 22.69
C THR B 21 0.39 -1.74 22.46
N PRO B 22 -0.89 -2.02 22.23
CA PRO B 22 -1.17 -3.43 22.00
C PRO B 22 -0.48 -3.99 20.71
N ASP B 23 0.24 -5.09 20.92
CA ASP B 23 0.77 -5.92 19.84
C ASP B 23 1.67 -5.13 18.87
N ILE B 24 2.50 -4.24 19.42
CA ILE B 24 3.48 -3.46 18.61
C ILE B 24 4.21 -4.41 17.72
N GLN B 25 4.73 -5.39 18.42
CA GLN B 25 5.30 -6.57 17.89
C GLN B 25 4.58 -7.01 16.58
N GLY B 26 3.26 -7.10 16.61
CA GLY B 26 2.52 -7.53 15.45
C GLY B 26 2.30 -6.42 14.41
N LYS B 27 2.21 -5.16 14.87
CA LYS B 27 1.96 -4.05 13.95
C LYS B 27 3.19 -3.76 13.09
N VAL B 28 4.37 -3.90 13.68
CA VAL B 28 5.58 -3.72 12.87
C VAL B 28 5.65 -4.81 11.83
N ASP B 29 5.24 -6.02 12.20
CA ASP B 29 5.28 -7.16 11.30
C ASP B 29 4.40 -6.96 10.07
N GLU B 30 3.25 -6.26 10.21
CA GLU B 30 2.40 -6.04 9.02
C GLU B 30 3.02 -5.08 8.03
N VAL B 31 3.62 -4.01 8.55
CA VAL B 31 4.34 -3.05 7.70
C VAL B 31 5.43 -3.81 6.96
N PHE B 32 6.19 -4.61 7.69
CA PHE B 32 7.24 -5.42 7.07
C PHE B 32 6.70 -6.36 5.99
N ARG B 33 5.54 -6.93 6.20
CA ARG B 33 5.03 -7.78 5.13
C ARG B 33 4.59 -6.94 3.92
N LYS B 34 3.98 -5.78 4.13
CA LYS B 34 3.69 -4.98 2.95
C LYS B 34 4.99 -4.46 2.29
N GLN B 35 6.05 -4.25 3.08
CA GLN B 35 7.26 -3.60 2.54
C GLN B 35 8.48 -4.48 2.18
N GLU B 36 8.47 -5.73 2.62
CA GLU B 36 9.64 -6.63 2.48
C GLU B 36 10.30 -6.58 1.09
N SER B 37 9.48 -6.83 0.07
CA SER B 37 9.93 -6.86 -1.35
C SER B 37 9.51 -5.66 -2.16
N ASN B 38 8.84 -4.68 -1.53
CA ASN B 38 8.21 -3.60 -2.29
C ASN B 38 9.27 -2.60 -2.73
N GLN B 39 10.08 -3.03 -3.67
CA GLN B 39 11.29 -2.27 -3.95
C GLN B 39 10.98 -0.94 -4.60
N PHE B 40 9.91 -0.90 -5.40
CA PHE B 40 9.59 0.26 -6.21
C PHE B 40 8.18 0.86 -6.05
N GLY B 41 7.37 0.33 -5.13
CA GLY B 41 6.03 0.85 -4.93
C GLY B 41 5.99 2.17 -4.19
N THR B 42 4.78 2.69 -3.97
CA THR B 42 4.59 4.03 -3.46
C THR B 42 4.38 4.07 -1.98
N ASP B 43 4.31 2.91 -1.33
CA ASP B 43 4.12 2.86 0.13
C ASP B 43 5.31 3.45 0.87
N ARG B 44 5.01 4.17 1.93
CA ARG B 44 5.99 4.87 2.73
C ARG B 44 5.55 4.78 4.20
N TYR B 45 6.48 4.47 5.12
CA TYR B 45 6.12 4.44 6.55
C TYR B 45 7.22 4.91 7.48
N ALA B 46 6.82 5.59 8.54
CA ALA B 46 7.72 5.90 9.65
C ALA B 46 7.21 5.20 10.89
N LEU B 47 8.12 4.57 11.62
CA LEU B 47 7.80 3.82 12.84
C LEU B 47 8.50 4.48 14.04
N MET B 48 7.74 5.23 14.83
CA MET B 48 8.31 6.14 15.84
C MET B 48 7.95 5.64 17.21
N PHE B 49 8.93 5.70 18.09
CA PHE B 49 8.83 5.08 19.40
C PHE B 49 9.04 6.09 20.51
N LYS B 50 8.00 6.29 21.32
CA LYS B 50 8.14 7.20 22.49
C LYS B 50 9.19 6.63 23.43
N PRO B 51 9.87 7.50 24.19
CA PRO B 51 10.79 6.99 25.21
C PRO B 51 10.12 6.01 26.18
N GLY B 52 10.91 5.02 26.56
CA GLY B 52 10.46 3.89 27.35
C GLY B 52 11.36 2.73 26.98
N THR B 53 10.95 1.53 27.40
CA THR B 53 11.68 0.28 27.17
C THR B 53 10.69 -0.71 26.55
N TYR B 54 11.07 -1.30 25.43
CA TYR B 54 10.23 -2.28 24.72
C TYR B 54 10.92 -3.63 24.68
N ASN B 55 10.34 -4.66 25.32
CA ASN B 55 10.92 -5.99 25.33
C ASN B 55 10.34 -6.90 24.20
N ASP B 56 11.05 -7.99 23.87
CA ASP B 56 10.51 -9.07 23.04
C ASP B 56 10.08 -8.57 21.67
N ILE B 57 11.02 -7.88 21.02
CA ILE B 57 10.78 -7.22 19.74
C ILE B 57 11.89 -7.59 18.77
N ASN B 58 11.51 -7.83 17.53
CA ASN B 58 12.45 -7.78 16.44
C ASN B 58 11.74 -6.95 15.37
N ALA B 59 12.04 -5.65 15.32
CA ALA B 59 11.42 -4.76 14.33
C ALA B 59 12.17 -4.86 13.03
N GLN B 60 11.55 -5.63 12.13
CA GLN B 60 12.07 -5.97 10.81
C GLN B 60 11.85 -4.81 9.88
N ILE B 61 12.93 -4.29 9.25
CA ILE B 61 12.83 -3.09 8.41
C ILE B 61 12.93 -3.45 6.91
N GLY B 62 11.86 -3.16 6.20
CA GLY B 62 11.79 -3.37 4.74
C GLY B 62 12.02 -2.07 3.99
N PHE B 63 11.63 -2.05 2.72
CA PHE B 63 11.79 -0.87 1.90
C PHE B 63 10.96 0.30 2.43
N TYR B 64 11.50 1.50 2.25
CA TYR B 64 10.80 2.76 2.53
C TYR B 64 10.20 2.77 3.93
N THR B 65 10.98 2.26 4.87
CA THR B 65 10.61 2.23 6.29
C THR B 65 11.73 2.89 7.09
N SER B 66 11.31 3.87 7.87
CA SER B 66 12.20 4.52 8.84
C SER B 66 11.72 4.21 10.24
N ILE B 67 12.66 3.91 11.12
CA ILE B 67 12.33 3.63 12.51
C ILE B 67 13.16 4.61 13.34
N ALA B 68 12.53 5.23 14.31
CA ALA B 68 13.26 6.13 15.18
C ALA B 68 12.65 6.25 16.57
N GLY B 69 13.51 6.64 17.50
CA GLY B 69 13.10 7.03 18.83
C GLY B 69 12.82 8.53 18.90
N LEU B 70 12.08 8.92 19.93
CA LEU B 70 11.61 10.30 20.10
C LEU B 70 12.16 10.97 21.36
N GLY B 71 13.19 10.38 21.95
CA GLY B 71 13.89 11.00 23.08
C GLY B 71 14.84 12.09 22.64
N LEU B 72 15.12 13.04 23.53
CA LEU B 72 16.18 13.97 23.26
C LEU B 72 17.54 13.24 23.27
N ASN B 73 17.57 11.98 23.73
CA ASN B 73 18.77 11.10 23.65
C ASN B 73 18.38 9.69 23.13
N PRO B 74 19.31 8.98 22.48
CA PRO B 74 19.05 7.64 21.98
C PRO B 74 18.80 6.62 23.12
N ASP B 75 19.43 6.85 24.26
CA ASP B 75 19.25 5.95 25.42
C ASP B 75 17.86 6.10 26.06
N ASP B 76 17.16 7.19 25.72
CA ASP B 76 15.78 7.43 26.16
C ASP B 76 14.80 6.36 25.65
N THR B 77 15.08 5.84 24.45
CA THR B 77 14.22 4.86 23.80
C THR B 77 15.06 3.60 23.53
N THR B 78 14.93 2.61 24.42
CA THR B 78 15.80 1.45 24.39
C THR B 78 14.94 0.21 24.09
N PHE B 79 15.39 -0.57 23.12
CA PHE B 79 14.78 -1.86 22.78
C PHE B 79 15.61 -2.99 23.34
N ASN B 80 14.98 -3.89 24.09
CA ASN B 80 15.57 -5.16 24.45
C ASN B 80 15.17 -6.12 23.32
N GLY B 81 15.95 -6.03 22.26
CA GLY B 81 15.59 -6.65 21.00
C GLY B 81 16.40 -5.98 19.92
N ASP B 82 15.84 -6.01 18.70
CA ASP B 82 16.63 -5.81 17.50
C ASP B 82 15.92 -4.90 16.50
N VAL B 83 16.72 -4.17 15.74
CA VAL B 83 16.25 -3.41 14.57
C VAL B 83 16.99 -4.07 13.40
N THR B 84 16.30 -4.93 12.67
CA THR B 84 16.95 -5.88 11.78
C THR B 84 16.74 -5.59 10.29
N VAL B 85 17.82 -5.72 9.50
CA VAL B 85 17.71 -5.87 8.06
C VAL B 85 18.46 -7.13 7.64
N ASP B 86 17.75 -7.99 6.91
CA ASP B 86 18.30 -9.20 6.30
C ASP B 86 18.08 -9.24 4.80
N ALA B 87 18.74 -10.19 4.14
CA ALA B 87 18.51 -10.38 2.71
C ALA B 87 17.64 -11.61 2.38
N GLY B 88 16.42 -11.64 2.93
CA GLY B 88 15.51 -12.76 2.80
C GLY B 88 14.24 -12.61 1.96
N TRP B 89 14.08 -11.46 1.34
CA TRP B 89 13.14 -11.34 0.24
C TRP B 89 13.98 -11.64 -0.97
N PHE B 90 15.18 -12.24 -0.76
CA PHE B 90 16.19 -12.35 -1.82
C PHE B 90 17.43 -13.28 -1.54
N ASP B 91 17.22 -14.43 -0.90
CA ASP B 91 18.27 -15.45 -0.84
C ASP B 91 19.54 -15.09 -0.09
N GLY B 92 20.18 -13.98 -0.46
CA GLY B 92 21.23 -13.44 0.39
C GLY B 92 21.84 -12.18 -0.16
N ASN B 93 21.50 -11.87 -1.38
CA ASN B 93 21.89 -10.61 -1.93
C ASN B 93 21.18 -9.52 -1.17
N ALA B 94 21.94 -8.90 -0.25
CA ALA B 94 21.47 -7.69 0.36
C ALA B 94 21.84 -6.52 -0.56
N THR B 95 22.28 -6.80 -1.80
CA THR B 95 22.65 -5.70 -2.73
C THR B 95 21.47 -4.87 -3.21
N GLN B 96 20.23 -5.30 -2.90
CA GLN B 96 19.04 -4.51 -3.22
C GLN B 96 18.38 -3.92 -1.97
N ASN B 97 19.07 -3.96 -0.83
CA ASN B 97 18.49 -3.52 0.44
C ASN B 97 18.66 -2.02 0.65
N PHE B 98 17.84 -1.29 -0.10
CA PHE B 98 17.89 0.15 -0.18
C PHE B 98 16.77 0.86 0.61
N TRP B 99 16.97 2.16 0.75
CA TRP B 99 15.92 3.13 1.10
C TRP B 99 15.18 2.83 2.42
N ARG B 100 15.93 2.84 3.50
CA ARG B 100 15.35 2.60 4.82
C ARG B 100 16.27 3.21 5.87
N SER B 101 15.81 3.34 7.10
CA SER B 101 16.68 4.00 8.07
C SER B 101 16.34 3.67 9.52
N ALA B 102 17.36 3.82 10.34
CA ALA B 102 17.23 3.70 11.81
C ALA B 102 17.95 4.85 12.48
N GLU B 103 17.30 5.43 13.48
CA GLU B 103 17.94 6.50 14.25
C GLU B 103 17.40 6.68 15.65
N ASN B 104 18.27 7.16 16.53
CA ASN B 104 17.89 7.68 17.85
C ASN B 104 17.24 6.62 18.74
N LEU B 105 17.85 5.43 18.71
CA LEU B 105 17.45 4.27 19.52
C LEU B 105 18.65 3.64 20.20
N ALA B 106 18.41 3.04 21.37
CA ALA B 106 19.37 2.19 22.00
C ALA B 106 18.87 0.76 21.81
N LEU B 107 19.76 -0.14 21.41
CA LEU B 107 19.42 -1.53 21.11
C LEU B 107 20.23 -2.47 21.99
N ASN B 108 19.52 -3.36 22.67
CA ASN B 108 20.14 -4.45 23.43
C ASN B 108 19.75 -5.74 22.75
N PRO B 109 20.55 -6.16 21.75
CA PRO B 109 20.07 -7.17 20.81
C PRO B 109 20.08 -8.58 21.34
N VAL B 110 19.09 -9.38 20.96
CA VAL B 110 19.06 -10.80 21.26
C VAL B 110 20.41 -11.46 21.15
N ASN B 111 20.89 -11.67 19.95
CA ASN B 111 21.80 -12.84 19.91
C ASN B 111 23.19 -12.34 20.35
N GLY B 112 23.20 -11.12 20.91
CA GLY B 112 24.42 -10.45 21.35
C GLY B 112 24.86 -9.43 20.31
N THR B 113 24.15 -9.43 19.19
CA THR B 113 24.58 -8.76 17.99
C THR B 113 23.33 -8.44 17.15
N ASN B 114 23.28 -7.22 16.65
CA ASN B 114 22.18 -6.74 15.82
C ASN B 114 22.65 -6.83 14.37
N ARG B 115 21.78 -7.27 13.47
CA ARG B 115 22.13 -7.32 12.04
C ARG B 115 21.47 -6.21 11.22
N TRP B 116 22.31 -5.39 10.55
CA TRP B 116 21.86 -4.31 9.68
C TRP B 116 22.51 -4.58 8.31
N ALA B 117 22.01 -5.59 7.61
CA ALA B 117 22.64 -6.02 6.37
C ALA B 117 22.07 -5.25 5.18
N VAL B 118 22.57 -4.03 4.99
CA VAL B 118 21.97 -3.09 4.05
C VAL B 118 22.92 -2.76 2.89
N SER B 119 22.35 -2.20 1.83
CA SER B 119 23.15 -1.58 0.80
C SER B 119 22.94 -0.08 0.85
N GLN B 120 22.82 0.59 -0.30
CA GLN B 120 22.86 2.06 -0.33
C GLN B 120 21.58 2.70 0.20
N ALA B 121 21.69 3.93 0.67
CA ALA B 121 20.54 4.72 1.14
C ALA B 121 19.85 4.06 2.33
N ALA B 122 20.66 3.57 3.26
CA ALA B 122 20.17 2.92 4.46
C ALA B 122 20.87 3.43 5.74
N PRO B 123 20.70 4.73 6.05
CA PRO B 123 21.46 5.34 7.13
C PRO B 123 21.16 4.77 8.51
N PHE B 124 22.21 4.75 9.34
CA PHE B 124 22.14 4.28 10.73
C PHE B 124 22.75 5.43 11.51
N ARG B 125 21.90 6.22 12.19
CA ARG B 125 22.36 7.45 12.82
C ARG B 125 21.96 7.55 14.30
N ARG B 126 22.87 8.08 15.12
CA ARG B 126 22.56 8.39 16.51
C ARG B 126 21.94 7.16 17.20
N MET B 127 22.59 6.01 16.97
CA MET B 127 22.23 4.74 17.58
C MET B 127 23.23 4.33 18.67
N HIS B 128 22.72 3.69 19.72
CA HIS B 128 23.56 3.07 20.74
C HIS B 128 23.28 1.55 20.72
N VAL B 129 24.22 0.79 20.18
CA VAL B 129 24.10 -0.66 20.14
C VAL B 129 24.90 -1.26 21.31
N LYS B 130 24.16 -1.85 22.25
CA LYS B 130 24.71 -2.50 23.44
C LYS B 130 25.13 -3.92 23.11
N GLY B 131 26.10 -4.02 22.21
CA GLY B 131 26.53 -5.30 21.65
C GLY B 131 27.28 -5.04 20.35
N GLY B 132 27.35 -6.07 19.51
CA GLY B 132 28.01 -6.00 18.23
C GLY B 132 27.01 -5.66 17.14
N LEU B 133 27.55 -5.26 16.00
CA LEU B 133 26.72 -4.95 14.84
C LEU B 133 27.26 -5.77 13.68
N ASN B 134 26.40 -6.62 13.10
CA ASN B 134 26.72 -7.46 11.94
C ASN B 134 26.10 -6.76 10.75
N LEU B 135 26.90 -6.48 9.73
CA LEU B 135 26.40 -5.74 8.57
C LEU B 135 26.16 -6.56 7.30
N ALA B 136 26.22 -7.87 7.40
CA ALA B 136 26.12 -8.74 6.21
C ALA B 136 25.02 -9.76 6.44
N PRO B 137 24.17 -10.03 5.42
CA PRO B 137 23.04 -10.89 5.80
C PRO B 137 23.47 -12.30 6.23
N ASP B 138 22.66 -12.86 7.14
CA ASP B 138 22.82 -14.22 7.62
C ASP B 138 23.22 -15.04 6.43
N GLY B 139 24.49 -15.45 6.35
CA GLY B 139 24.93 -16.31 5.26
C GLY B 139 26.08 -15.82 4.39
N TYR B 140 26.50 -14.55 4.59
CA TYR B 140 27.63 -13.90 3.88
C TYR B 140 27.48 -13.73 2.33
N GLY B 141 26.26 -13.51 1.82
CA GLY B 141 26.11 -13.04 0.44
C GLY B 141 26.19 -11.54 0.10
N TRP B 142 26.53 -11.25 -1.16
CA TRP B 142 26.27 -9.98 -1.87
C TRP B 142 25.82 -8.78 -1.01
N ALA B 143 26.64 -7.73 -0.89
CA ALA B 143 26.22 -6.62 -0.02
C ALA B 143 27.09 -5.36 -0.20
N SER B 144 26.44 -4.21 -0.36
CA SER B 144 27.11 -2.98 -0.83
C SER B 144 26.62 -1.71 -0.09
N GLY B 145 26.81 -1.70 1.23
CA GLY B 145 26.57 -0.49 2.03
C GLY B 145 27.69 0.54 1.91
N GLY B 146 27.75 1.51 2.82
CA GLY B 146 26.83 1.69 3.93
C GLY B 146 27.30 2.90 4.73
N TYR B 147 26.50 3.33 5.71
CA TYR B 147 26.67 4.61 6.38
C TYR B 147 26.24 4.52 7.85
N ILE B 148 27.20 4.80 8.74
CA ILE B 148 26.95 4.96 10.16
C ILE B 148 27.48 6.33 10.58
N ALA B 149 26.65 7.11 11.28
CA ALA B 149 27.13 8.36 11.86
C ALA B 149 26.62 8.53 13.28
N ASP B 150 27.44 9.16 14.10
CA ASP B 150 27.02 9.62 15.42
C ASP B 150 26.44 8.51 16.28
N SER B 151 27.08 7.36 16.21
CA SER B 151 26.60 6.18 16.89
C SER B 151 27.66 5.59 17.78
N LYS B 152 27.18 4.86 18.80
CA LYS B 152 28.06 4.09 19.67
C LYS B 152 27.74 2.60 19.58
N ILE B 153 28.71 1.81 19.14
CA ILE B 153 28.58 0.34 19.11
C ILE B 153 29.56 -0.18 20.16
N ASP B 154 29.04 -0.57 21.31
CA ASP B 154 29.90 -0.98 22.44
C ASP B 154 30.86 -2.14 22.09
N GLY B 155 30.42 -3.06 21.23
CA GLY B 155 31.24 -4.18 20.79
C GLY B 155 31.76 -4.08 19.36
N GLU B 156 31.94 -5.23 18.73
CA GLU B 156 32.53 -5.34 17.40
C GLU B 156 31.52 -4.97 16.30
N VAL B 157 31.95 -4.13 15.38
CA VAL B 157 31.26 -4.02 14.10
C VAL B 157 31.95 -4.94 13.11
N GLY B 158 31.19 -5.89 12.56
CA GLY B 158 31.70 -6.85 11.61
C GLY B 158 31.09 -6.68 10.23
N PRO B 159 31.87 -6.18 9.25
CA PRO B 159 31.29 -6.04 7.92
C PRO B 159 31.23 -7.40 7.22
N TYR B 160 32.18 -8.29 7.52
CA TYR B 160 32.37 -9.53 6.78
C TYR B 160 32.51 -9.25 5.27
N SER B 161 31.42 -9.53 4.54
CA SER B 161 31.34 -9.52 3.09
C SER B 161 31.06 -8.15 2.49
N GLN B 162 30.72 -7.15 3.33
CA GLN B 162 30.38 -5.82 2.81
C GLN B 162 31.56 -5.32 2.00
N GLN B 163 31.32 -4.80 0.80
CA GLN B 163 32.43 -4.35 0.00
C GLN B 163 33.12 -3.12 0.54
N GLN B 164 32.31 -2.20 1.06
CA GLN B 164 32.82 -0.90 1.44
C GLN B 164 31.89 -0.31 2.50
N TRP B 165 32.33 0.73 3.16
CA TRP B 165 31.55 1.30 4.26
C TRP B 165 32.13 2.63 4.68
N TYR B 166 31.28 3.52 5.17
CA TYR B 166 31.70 4.80 5.75
C TYR B 166 31.11 4.98 7.13
N THR B 167 31.98 5.31 8.09
CA THR B 167 31.57 5.57 9.45
C THR B 167 32.16 6.91 9.83
N ARG B 168 31.32 7.81 10.37
CA ARG B 168 31.87 9.04 10.98
C ARG B 168 31.35 9.37 12.37
N ASP B 169 32.21 10.06 13.11
CA ASP B 169 31.88 10.74 14.36
C ASP B 169 31.09 9.79 15.27
N SER B 170 31.73 8.67 15.55
CA SER B 170 31.13 7.56 16.27
C SER B 170 32.16 6.92 17.22
N SER B 171 31.72 5.89 17.92
CA SER B 171 32.55 5.13 18.83
C SER B 171 32.24 3.65 18.60
N VAL B 172 33.29 2.84 18.42
CA VAL B 172 33.16 1.38 18.27
C VAL B 172 34.12 0.65 19.22
N GLY B 173 33.66 -0.47 19.76
CA GLY B 173 34.52 -1.28 20.63
C GLY B 173 35.49 -2.12 19.81
N GLY B 174 35.29 -2.11 18.49
CA GLY B 174 36.03 -2.96 17.59
C GLY B 174 35.51 -2.84 16.15
N TRP B 175 36.41 -3.05 15.20
CA TRP B 175 36.08 -3.11 13.76
C TRP B 175 36.76 -4.29 13.08
N GLY B 176 35.96 -5.21 12.57
CA GLY B 176 36.44 -6.59 12.37
C GLY B 176 37.19 -6.95 11.10
N ASN B 177 36.94 -6.19 10.04
CA ASN B 177 37.52 -6.50 8.72
C ASN B 177 37.22 -5.43 7.68
N GLY B 178 37.96 -5.50 6.57
CA GLY B 178 37.74 -4.63 5.43
C GLY B 178 37.90 -5.38 4.11
N VAL B 179 37.07 -5.01 3.13
CA VAL B 179 37.01 -5.70 1.85
C VAL B 179 37.71 -4.85 0.76
N TRP B 180 37.01 -3.87 0.18
CA TRP B 180 37.62 -2.95 -0.78
C TRP B 180 37.92 -1.54 -0.21
N ASN B 181 37.00 -1.00 0.59
CA ASN B 181 37.15 0.37 1.08
C ASN B 181 36.34 0.64 2.33
N MET B 182 36.97 0.47 3.51
CA MET B 182 36.34 0.87 4.74
C MET B 182 36.99 2.19 5.16
N THR B 183 36.20 3.26 5.15
CA THR B 183 36.68 4.60 5.55
C THR B 183 36.02 5.07 6.87
N PHE B 184 36.83 5.77 7.66
CA PHE B 184 36.45 6.24 8.99
C PHE B 184 36.91 7.68 9.13
N SER B 185 36.05 8.55 9.65
CA SER B 185 36.49 9.87 10.07
C SER B 185 35.87 10.20 11.42
N GLY B 186 36.71 10.58 12.39
CA GLY B 186 36.19 10.92 13.71
C GLY B 186 35.68 9.73 14.52
N VAL B 187 36.22 8.53 14.26
CA VAL B 187 35.73 7.32 14.90
C VAL B 187 36.65 6.77 15.98
N GLU B 188 36.23 6.90 17.24
CA GLU B 188 36.92 6.28 18.36
C GLU B 188 36.89 4.76 18.16
N GLY B 189 38.03 4.08 18.23
CA GLY B 189 38.10 2.65 18.02
C GLY B 189 38.30 2.22 16.57
N ALA B 190 38.40 3.17 15.67
CA ALA B 190 38.64 2.83 14.27
C ALA B 190 39.94 2.03 14.15
N PRO B 191 39.98 1.09 13.21
CA PRO B 191 41.28 0.48 12.99
C PRO B 191 42.28 1.55 12.46
N ALA B 192 43.56 1.30 12.65
CA ALA B 192 44.58 2.23 12.18
C ALA B 192 44.74 2.26 10.64
N GLN B 193 44.89 3.48 10.14
CA GLN B 193 45.17 3.75 8.73
C GLN B 193 46.15 2.70 8.21
N SER B 194 45.71 1.97 7.19
CA SER B 194 46.30 0.70 6.75
C SER B 194 46.46 0.54 5.24
N PHE B 195 45.56 1.19 4.49
CA PHE B 195 45.40 0.97 3.05
C PHE B 195 46.73 0.75 2.34
N PRO B 196 46.82 -0.28 1.45
CA PRO B 196 45.87 -1.27 0.89
C PRO B 196 45.34 -2.37 1.80
N GLU B 197 46.14 -2.86 2.74
CA GLU B 197 45.64 -3.94 3.60
C GLU B 197 45.94 -3.84 5.11
N PRO B 198 44.89 -3.94 5.95
CA PRO B 198 43.48 -3.86 5.51
C PRO B 198 43.16 -2.55 4.73
N PRO B 199 42.05 -2.55 3.96
CA PRO B 199 41.62 -1.43 3.10
C PRO B 199 41.02 -0.31 3.93
N TYR B 200 41.75 0.09 4.96
CA TYR B 200 41.31 1.04 5.97
C TYR B 200 41.90 2.44 5.70
N THR B 201 40.98 3.38 5.50
CA THR B 201 41.27 4.80 5.38
C THR B 201 40.69 5.47 6.63
N THR B 202 41.58 5.98 7.48
CA THR B 202 41.21 6.43 8.81
C THR B 202 41.73 7.83 9.08
N LEU B 203 40.79 8.78 9.27
CA LEU B 203 41.13 10.17 9.56
C LEU B 203 40.69 10.43 11.01
N GLU B 204 41.53 11.12 11.77
CA GLU B 204 41.29 11.28 13.19
C GLU B 204 39.97 12.01 13.48
N THR B 205 39.68 13.06 12.72
CA THR B 205 38.49 13.89 12.93
C THR B 205 37.83 14.18 11.59
N THR B 206 36.56 14.54 11.62
CA THR B 206 35.85 14.98 10.44
C THR B 206 35.95 16.49 10.42
N PRO B 207 36.42 17.08 9.29
CA PRO B 207 36.68 18.54 9.26
C PRO B 207 35.52 19.37 9.79
N VAL B 208 34.33 19.00 9.38
CA VAL B 208 33.11 19.62 9.88
C VAL B 208 31.97 18.66 9.69
N SER B 209 31.05 18.65 10.64
CA SER B 209 29.83 17.87 10.54
C SER B 209 28.73 18.50 11.36
N ARG B 210 27.50 18.23 10.99
CA ARG B 210 26.36 18.73 11.73
C ARG B 210 25.31 17.65 11.67
N GLU B 211 24.93 17.15 12.83
CA GLU B 211 24.03 16.00 12.88
C GLU B 211 22.63 16.31 12.34
N LYS B 212 22.01 15.27 11.80
CA LYS B 212 20.77 15.46 11.06
C LYS B 212 19.65 15.81 12.04
N PRO B 213 18.84 16.83 11.74
CA PRO B 213 17.68 17.13 12.59
C PRO B 213 16.74 15.93 12.74
N PHE B 214 16.09 15.89 13.90
CA PHE B 214 15.18 14.79 14.19
C PHE B 214 14.03 15.25 15.10
N LEU B 215 12.90 14.58 14.95
CA LEU B 215 11.74 14.79 15.79
C LEU B 215 11.95 14.16 17.18
N TYR B 216 11.59 14.89 18.24
CA TYR B 216 11.47 14.30 19.58
C TYR B 216 10.26 14.91 20.30
N LEU B 217 9.90 14.28 21.42
CA LEU B 217 8.87 14.77 22.33
C LEU B 217 9.60 15.38 23.52
N ASP B 218 9.58 16.71 23.62
CA ASP B 218 10.19 17.41 24.75
C ASP B 218 9.09 17.52 25.77
N GLY B 219 8.90 16.48 26.59
CA GLY B 219 7.66 16.30 27.34
C GLY B 219 6.60 15.70 26.43
N ASP B 220 5.35 16.14 26.56
CA ASP B 220 4.35 15.79 25.56
C ASP B 220 4.27 16.85 24.41
N ASP B 221 5.39 17.50 24.13
CA ASP B 221 5.45 18.49 23.05
C ASP B 221 6.44 18.06 21.93
N TYR B 222 5.92 17.93 20.69
CA TYR B 222 6.70 17.52 19.52
C TYR B 222 7.51 18.69 19.03
N LYS B 223 8.83 18.57 19.16
CA LYS B 223 9.78 19.53 18.61
C LYS B 223 10.71 18.82 17.59
N VAL B 224 11.46 19.58 16.82
CA VAL B 224 12.50 19.01 15.98
C VAL B 224 13.83 19.49 16.52
N PHE B 225 14.64 18.54 17.01
CA PHE B 225 15.97 18.88 17.48
C PHE B 225 16.84 19.18 16.28
N VAL B 226 17.57 20.29 16.35
CA VAL B 226 18.51 20.66 15.32
C VAL B 226 19.91 20.84 15.92
N PRO B 227 20.73 19.79 15.84
CA PRO B 227 22.09 19.89 16.38
C PRO B 227 22.94 21.02 15.77
N ALA B 228 23.68 21.69 16.65
CA ALA B 228 24.74 22.62 16.26
C ALA B 228 25.86 21.95 15.42
N LYS B 229 26.51 22.75 14.58
CA LYS B 229 27.72 22.32 13.87
C LYS B 229 28.87 22.05 14.85
N ARG B 230 29.70 21.06 14.51
CA ARG B 230 31.01 20.89 15.12
C ARG B 230 32.07 21.07 14.04
N THR B 231 33.28 21.45 14.44
CA THR B 231 34.41 21.50 13.51
C THR B 231 35.50 20.58 14.03
N ASN B 232 36.25 19.98 13.11
CA ASN B 232 37.16 18.91 13.48
C ASN B 232 36.49 17.93 14.48
N ALA B 233 35.42 17.33 14.02
CA ALA B 233 34.59 16.47 14.87
C ALA B 233 35.16 15.08 15.15
N ARG B 234 34.86 14.57 16.35
CA ARG B 234 35.27 13.24 16.77
C ARG B 234 34.33 12.73 17.86
N GLY B 235 33.95 11.44 17.71
CA GLY B 235 33.10 10.79 18.66
C GLY B 235 31.68 11.32 18.54
N THR B 236 30.82 10.87 19.45
CA THR B 236 29.38 11.20 19.33
C THR B 236 29.06 12.61 19.85
N SER B 237 27.97 13.19 19.32
CA SER B 237 27.39 14.46 19.77
C SER B 237 26.47 14.26 20.98
N TRP B 238 26.46 13.07 21.50
CA TRP B 238 25.51 12.77 22.53
C TRP B 238 26.17 12.01 23.65
N GLY B 239 27.36 11.48 23.37
CA GLY B 239 28.00 10.59 24.30
C GLY B 239 28.01 11.11 25.73
N ASN B 240 28.10 12.45 25.90
CA ASN B 240 28.42 13.02 27.23
C ASN B 240 27.59 14.23 27.75
N GLY B 241 26.39 14.55 27.23
CA GLY B 241 25.70 15.74 27.74
C GLY B 241 24.52 16.37 26.99
N THR B 242 24.09 17.54 27.46
CA THR B 242 23.04 18.33 26.73
C THR B 242 23.66 18.46 25.34
N PRO B 243 23.10 17.75 24.32
CA PRO B 243 23.59 18.05 22.99
C PRO B 243 23.34 19.50 22.62
N GLU B 244 24.36 20.15 22.07
CA GLU B 244 24.28 21.54 21.68
C GLU B 244 23.33 21.68 20.45
N GLY B 245 22.30 22.54 20.51
CA GLY B 245 21.44 22.72 19.35
C GLY B 245 20.13 23.44 19.65
N GLU B 246 19.39 23.72 18.58
CA GLU B 246 18.15 24.49 18.70
C GLU B 246 16.91 23.65 18.75
N SER B 247 15.83 24.24 19.27
CA SER B 247 14.59 23.56 19.55
C SER B 247 13.42 24.20 18.82
N LEU B 248 12.95 23.62 17.71
CA LEU B 248 11.74 24.17 17.07
C LEU B 248 10.48 23.37 17.42
N PRO B 249 9.44 24.04 17.95
CA PRO B 249 8.18 23.31 18.14
C PRO B 249 7.59 22.81 16.82
N LEU B 250 6.93 21.67 16.86
CA LEU B 250 6.31 21.12 15.65
C LEU B 250 5.34 22.12 14.98
N ASP B 251 4.77 23.07 15.73
CA ASP B 251 3.79 23.97 15.11
C ASP B 251 4.47 25.08 14.26
N GLN B 252 5.81 25.09 14.25
CA GLN B 252 6.57 25.98 13.38
C GLN B 252 6.93 25.31 12.03
N PHE B 253 6.29 24.16 11.73
CA PHE B 253 6.45 23.43 10.46
C PHE B 253 5.13 23.31 9.68
N TYR B 254 5.18 23.52 8.36
CA TYR B 254 4.09 23.01 7.52
C TYR B 254 4.29 21.51 7.46
N VAL B 255 3.31 20.80 8.02
CA VAL B 255 3.28 19.35 8.03
C VAL B 255 2.70 18.98 6.65
N VAL B 256 3.58 18.62 5.72
CA VAL B 256 3.16 18.35 4.34
C VAL B 256 2.56 16.96 4.29
N LYS B 257 1.42 16.86 3.59
CA LYS B 257 0.54 15.69 3.52
C LYS B 257 0.12 15.42 2.09
N PRO B 258 -0.41 14.21 1.77
CA PRO B 258 -0.74 14.08 0.34
C PRO B 258 -1.84 15.00 -0.10
N GLY B 259 -1.88 15.24 -1.41
CA GLY B 259 -2.57 16.38 -2.02
C GLY B 259 -1.66 17.59 -2.34
N ALA B 260 -0.37 17.52 -1.99
CA ALA B 260 0.34 18.76 -1.67
C ALA B 260 1.31 19.36 -2.72
N THR B 261 0.92 20.54 -3.20
CA THR B 261 1.61 21.19 -4.29
C THR B 261 2.77 22.04 -3.82
N ALA B 262 3.65 22.31 -4.77
CA ALA B 262 4.65 23.34 -4.59
C ALA B 262 4.12 24.71 -4.20
N GLU B 263 2.97 25.14 -4.73
CA GLU B 263 2.63 26.56 -4.52
C GLU B 263 2.18 26.69 -3.08
N THR B 264 1.62 25.59 -2.62
CA THR B 264 1.19 25.46 -1.28
C THR B 264 2.48 25.30 -0.34
N ILE B 265 3.47 24.46 -0.69
CA ILE B 265 4.77 24.40 0.06
C ILE B 265 5.66 25.68 0.02
N ASN B 266 5.77 26.32 -1.13
CA ASN B 266 6.60 27.53 -1.28
C ASN B 266 6.06 28.70 -0.47
N ALA B 267 4.74 28.83 -0.42
CA ALA B 267 4.13 29.86 0.40
C ALA B 267 4.50 29.67 1.84
N ALA B 268 4.49 28.43 2.31
CA ALA B 268 4.81 28.15 3.72
C ALA B 268 6.20 28.62 4.06
N VAL B 269 7.14 28.19 3.24
CA VAL B 269 8.54 28.47 3.50
C VAL B 269 8.72 29.98 3.53
N ASP B 270 8.03 30.72 2.72
CA ASP B 270 8.23 32.14 2.87
C ASP B 270 7.65 32.83 4.14
N GLN B 271 6.46 32.45 4.54
CA GLN B 271 5.89 32.98 5.77
C GLN B 271 6.85 32.89 6.93
N GLY B 272 7.73 31.89 6.82
CA GLY B 272 8.64 31.51 7.89
C GLY B 272 8.32 30.17 8.48
N LEU B 273 7.64 29.28 7.74
CA LEU B 273 7.43 27.92 8.20
C LEU B 273 8.57 27.03 7.70
N HIS B 274 9.00 26.11 8.55
CA HIS B 274 9.82 24.99 8.11
C HIS B 274 8.93 23.93 7.46
N LEU B 275 9.56 22.90 6.89
CA LEU B 275 8.86 21.84 6.20
C LEU B 275 9.11 20.48 6.81
N LEU B 276 8.01 19.76 7.04
CA LEU B 276 8.04 18.42 7.59
C LEU B 276 7.29 17.52 6.62
N PHE B 277 8.01 16.73 5.82
CA PHE B 277 7.34 15.89 4.84
C PHE B 277 6.98 14.56 5.44
N THR B 278 5.68 14.33 5.63
CA THR B 278 5.21 13.05 6.14
C THR B 278 5.44 11.98 5.06
N PRO B 279 5.49 10.72 5.46
CA PRO B 279 5.84 9.70 4.46
C PRO B 279 4.78 9.63 3.37
N GLY B 280 5.24 9.60 2.14
CA GLY B 280 4.36 9.60 0.99
C GLY B 280 5.11 10.04 -0.25
N VAL B 281 4.37 10.20 -1.32
CA VAL B 281 4.93 10.62 -2.60
C VAL B 281 4.22 11.87 -3.06
N TYR B 282 5.00 12.89 -3.38
CA TYR B 282 4.50 14.21 -3.71
C TYR B 282 4.96 14.57 -5.11
N HIS B 283 4.02 14.51 -6.03
CA HIS B 283 4.30 15.03 -7.37
C HIS B 283 4.17 16.54 -7.33
N VAL B 284 5.13 17.24 -7.96
CA VAL B 284 5.13 18.73 -8.03
C VAL B 284 5.31 19.23 -9.48
N ASP B 285 4.48 20.18 -9.89
CA ASP B 285 4.57 20.72 -11.26
C ASP B 285 5.39 22.00 -11.35
N GLN B 286 6.02 22.38 -10.23
CA GLN B 286 7.10 23.41 -10.15
C GLN B 286 8.06 23.15 -9.01
N PRO B 287 9.25 23.77 -9.07
CA PRO B 287 10.22 23.47 -8.00
C PRO B 287 9.80 23.97 -6.63
N ILE B 288 10.15 23.19 -5.63
CA ILE B 288 10.04 23.60 -4.24
C ILE B 288 11.24 24.46 -3.91
N GLU B 289 10.98 25.74 -3.65
CA GLU B 289 12.01 26.75 -3.38
C GLU B 289 12.16 27.05 -1.93
N ILE B 290 13.42 27.05 -1.48
CA ILE B 290 13.76 27.38 -0.13
C ILE B 290 14.78 28.51 -0.21
N ASP B 291 14.28 29.74 -0.03
CA ASP B 291 15.12 30.92 -0.05
C ASP B 291 15.05 31.68 1.27
N ARG B 292 14.91 30.93 2.34
CA ARG B 292 14.91 31.49 3.69
C ARG B 292 16.03 30.86 4.49
N ALA B 293 16.90 31.70 5.05
CA ALA B 293 17.98 31.18 5.88
C ALA B 293 17.42 30.29 6.98
N ASN B 294 18.16 29.23 7.31
CA ASN B 294 17.87 28.38 8.48
C ASN B 294 16.64 27.49 8.38
N THR B 295 16.07 27.41 7.20
CA THR B 295 14.93 26.53 6.98
C THR B 295 15.34 25.06 7.08
N VAL B 296 14.54 24.32 7.83
CA VAL B 296 14.69 22.88 7.95
C VAL B 296 13.64 22.26 7.03
N ALA B 297 14.08 21.30 6.21
CA ALA B 297 13.19 20.54 5.33
C ALA B 297 13.49 19.09 5.58
N LEU B 298 12.66 18.50 6.43
CA LEU B 298 12.90 17.18 6.99
C LEU B 298 11.86 16.20 6.51
N GLY B 299 12.31 15.10 5.93
CA GLY B 299 11.39 14.06 5.49
C GLY B 299 11.37 12.90 6.46
N LEU B 300 10.24 12.20 6.50
CA LEU B 300 10.06 11.03 7.31
C LEU B 300 9.70 9.88 6.39
N GLY B 301 10.15 8.68 6.75
CA GLY B 301 9.79 7.46 6.03
C GLY B 301 10.03 7.53 4.54
N LEU B 302 11.16 8.11 4.14
CA LEU B 302 11.57 8.13 2.74
C LEU B 302 10.54 8.87 1.87
N ALA B 303 9.98 9.92 2.44
CA ALA B 303 9.16 10.87 1.70
C ALA B 303 9.86 11.22 0.38
N THR B 304 9.07 11.25 -0.67
CA THR B 304 9.59 11.30 -2.03
C THR B 304 8.97 12.42 -2.83
N ILE B 305 9.83 13.14 -3.57
CA ILE B 305 9.41 14.25 -4.43
C ILE B 305 9.63 13.82 -5.87
N ILE B 306 8.58 13.91 -6.69
CA ILE B 306 8.67 13.63 -8.12
C ILE B 306 8.31 14.88 -8.92
N PRO B 307 9.28 15.39 -9.69
CA PRO B 307 9.02 16.59 -10.51
C PRO B 307 8.34 16.18 -11.80
N ASP B 308 7.25 16.88 -12.09
CA ASP B 308 6.50 16.69 -13.30
C ASP B 308 6.97 17.78 -14.24
N ASN B 309 6.62 17.68 -15.52
CA ASN B 309 6.80 18.83 -16.42
C ASN B 309 8.24 19.15 -16.72
N GLY B 310 9.12 18.16 -16.54
CA GLY B 310 10.55 18.38 -16.64
C GLY B 310 11.05 19.49 -15.71
N VAL B 311 10.28 19.86 -14.69
CA VAL B 311 10.77 20.90 -13.79
C VAL B 311 11.82 20.34 -12.80
N THR B 312 12.59 21.24 -12.19
CA THR B 312 13.49 20.89 -11.10
C THR B 312 12.67 20.62 -9.84
N ALA B 313 13.10 19.69 -9.01
CA ALA B 313 12.29 19.31 -7.84
C ALA B 313 12.51 20.27 -6.66
N LEU B 314 13.76 20.69 -6.47
CA LEU B 314 14.15 21.44 -5.29
C LEU B 314 15.24 22.41 -5.62
N LYS B 315 14.99 23.67 -5.27
CA LYS B 315 16.00 24.73 -5.38
C LYS B 315 16.21 25.39 -4.02
N VAL B 316 17.47 25.38 -3.55
CA VAL B 316 17.85 26.12 -2.35
C VAL B 316 18.53 27.45 -2.76
N GLY B 317 18.19 28.52 -2.04
CA GLY B 317 18.74 29.82 -2.39
C GLY B 317 20.11 30.05 -1.77
N ASP B 318 20.61 31.25 -2.04
CA ASP B 318 21.89 31.73 -1.53
C ASP B 318 21.69 32.26 -0.12
N VAL B 319 21.44 31.30 0.76
CA VAL B 319 21.22 31.56 2.17
C VAL B 319 22.01 30.60 3.02
N ASP B 320 22.31 31.07 4.24
CA ASP B 320 22.95 30.26 5.27
C ASP B 320 21.93 29.24 5.83
N GLY B 321 22.45 28.17 6.41
CA GLY B 321 21.71 27.41 7.39
C GLY B 321 20.58 26.50 6.96
N VAL B 322 20.39 26.29 5.68
CA VAL B 322 19.28 25.43 5.24
C VAL B 322 19.71 23.97 5.47
N LYS B 323 18.80 23.17 6.04
CA LYS B 323 19.04 21.74 6.26
C LYS B 323 18.02 20.93 5.57
N VAL B 324 18.43 20.26 4.51
CA VAL B 324 17.51 19.38 3.81
C VAL B 324 17.90 17.99 4.25
N ALA B 325 16.93 17.18 4.64
CA ALA B 325 17.27 15.84 5.12
C ALA B 325 16.19 14.81 4.92
N GLY B 326 16.62 13.63 4.49
CA GLY B 326 15.71 12.47 4.45
C GLY B 326 14.60 12.49 3.42
N LEU B 327 14.97 12.88 2.21
CA LEU B 327 14.06 12.92 1.07
C LEU B 327 14.69 12.13 -0.07
N LEU B 328 13.84 11.40 -0.79
CA LEU B 328 14.19 10.80 -2.08
C LEU B 328 13.59 11.67 -3.17
N VAL B 329 14.39 12.01 -4.18
CA VAL B 329 13.92 12.73 -5.34
C VAL B 329 14.00 11.76 -6.50
N ASP B 330 12.85 11.52 -7.10
CA ASP B 330 12.73 10.47 -8.09
C ASP B 330 12.29 11.08 -9.43
N ALA B 331 13.13 10.93 -10.45
CA ALA B 331 12.87 11.59 -11.73
C ALA B 331 11.53 11.16 -12.31
N GLY B 332 10.81 12.13 -12.89
CA GLY B 332 9.71 11.80 -13.77
C GLY B 332 10.21 11.30 -15.13
N PRO B 333 9.36 10.56 -15.87
CA PRO B 333 9.72 10.15 -17.24
C PRO B 333 10.02 11.35 -18.15
N VAL B 334 9.49 12.53 -17.85
CA VAL B 334 9.85 13.75 -18.62
C VAL B 334 11.17 14.39 -18.13
N ASN B 335 12.13 14.55 -19.02
CA ASN B 335 13.47 14.97 -18.60
C ASN B 335 13.53 16.29 -17.87
N SER B 336 14.17 16.27 -16.70
CA SER B 336 14.47 17.47 -15.94
C SER B 336 15.93 17.88 -16.15
N GLU B 337 16.16 19.15 -16.50
CA GLU B 337 17.53 19.66 -16.67
C GLU B 337 18.36 19.46 -15.40
N THR B 338 17.72 19.72 -14.26
CA THR B 338 18.31 19.47 -12.97
C THR B 338 17.24 18.92 -12.03
N LEU B 339 17.65 18.08 -11.08
CA LEU B 339 16.72 17.61 -10.04
C LEU B 339 16.80 18.40 -8.72
N VAL B 340 18.01 18.72 -8.27
CA VAL B 340 18.25 19.53 -7.07
C VAL B 340 19.34 20.55 -7.34
N GLU B 341 19.08 21.82 -6.99
CA GLU B 341 20.09 22.85 -7.05
C GLU B 341 20.30 23.47 -5.67
N VAL B 342 21.57 23.66 -5.29
CA VAL B 342 21.90 24.30 -4.02
C VAL B 342 22.64 25.57 -4.38
N GLY B 343 21.91 26.67 -4.26
CA GLY B 343 22.37 27.98 -4.67
C GLY B 343 22.23 28.23 -6.17
N SER B 344 22.45 29.47 -6.57
CA SER B 344 22.29 29.90 -7.96
C SER B 344 23.65 29.95 -8.64
N ASP B 345 23.70 30.15 -9.96
CA ASP B 345 24.99 30.41 -10.67
C ASP B 345 25.17 31.94 -10.67
N GLY B 346 26.41 32.42 -10.56
CA GLY B 346 26.63 33.82 -10.23
C GLY B 346 26.65 33.93 -8.72
N ALA B 347 25.45 34.08 -8.16
CA ALA B 347 25.35 34.34 -6.72
C ALA B 347 26.24 33.45 -5.81
N SER B 348 26.83 34.21 -4.90
CA SER B 348 28.27 34.10 -4.54
C SER B 348 28.60 34.05 -3.05
N GLY B 349 27.63 33.77 -2.23
CA GLY B 349 27.84 33.94 -0.80
C GLY B 349 29.04 33.12 -0.28
N ASP B 350 29.53 33.43 0.93
CA ASP B 350 30.21 32.45 1.81
C ASP B 350 29.11 32.00 2.71
N HIS B 351 29.25 30.81 3.26
CA HIS B 351 28.32 30.36 4.29
C HIS B 351 29.13 29.55 5.29
N ALA B 352 30.32 30.02 5.64
CA ALA B 352 31.22 29.16 6.38
C ALA B 352 30.74 28.87 7.81
N ALA B 353 30.32 29.90 8.55
CA ALA B 353 29.91 29.69 9.93
C ALA B 353 28.71 28.74 10.00
N ASN B 354 27.66 29.02 9.21
CA ASN B 354 26.41 28.27 9.22
C ASN B 354 26.08 27.82 7.80
N PRO B 355 26.67 26.70 7.39
CA PRO B 355 26.47 26.21 6.02
C PRO B 355 25.03 25.79 5.71
N THR B 356 24.79 25.44 4.46
CA THR B 356 23.59 24.67 4.08
C THR B 356 24.06 23.23 3.91
N SER B 357 23.20 22.26 4.26
CA SER B 357 23.57 20.87 4.19
C SER B 357 22.47 20.05 3.57
N LEU B 358 22.92 19.01 2.83
CA LEU B 358 22.07 17.94 2.30
C LEU B 358 22.46 16.66 3.05
N GLN B 359 21.48 16.01 3.69
CA GLN B 359 21.77 14.79 4.43
C GLN B 359 20.70 13.73 4.13
N ASP B 360 21.14 12.53 3.81
CA ASP B 360 20.19 11.48 3.46
C ASP B 360 19.22 11.99 2.38
N VAL B 361 19.83 12.69 1.43
CA VAL B 361 19.14 13.07 0.22
C VAL B 361 19.54 12.06 -0.85
N PHE B 362 18.55 11.37 -1.38
CA PHE B 362 18.76 10.30 -2.34
C PHE B 362 18.08 10.75 -3.63
N VAL B 363 18.61 10.28 -4.77
CA VAL B 363 18.06 10.62 -6.05
C VAL B 363 18.03 9.31 -6.85
N ARG B 364 16.91 9.09 -7.53
CA ARG B 364 16.72 7.90 -8.37
C ARG B 364 16.30 8.35 -9.76
N ILE B 365 16.92 7.78 -10.79
CA ILE B 365 16.47 8.02 -12.17
C ILE B 365 16.13 6.68 -12.83
N GLY B 366 14.83 6.44 -12.98
CA GLY B 366 14.32 5.19 -13.51
C GLY B 366 14.14 4.08 -12.46
N GLY B 367 13.68 2.91 -12.90
CA GLY B 367 13.54 1.77 -12.01
C GLY B 367 12.11 1.53 -11.54
N ALA B 368 11.42 2.60 -11.18
CA ALA B 368 9.99 2.55 -10.89
C ALA B 368 9.19 3.12 -12.06
N GLY B 369 9.61 2.73 -13.26
CA GLY B 369 9.13 3.32 -14.50
C GLY B 369 10.18 4.24 -15.12
N PRO B 370 10.01 4.59 -16.40
CA PRO B 370 10.98 5.50 -17.03
C PRO B 370 11.17 6.85 -16.32
N GLY B 371 12.43 7.23 -16.14
CA GLY B 371 12.76 8.52 -15.57
C GLY B 371 13.99 9.11 -16.25
N LYS B 372 14.07 10.44 -16.36
CA LYS B 372 15.13 11.11 -17.11
C LYS B 372 15.56 12.43 -16.46
N ALA B 373 16.86 12.69 -16.38
CA ALA B 373 17.37 13.97 -15.90
C ALA B 373 18.80 14.20 -16.38
N THR B 374 19.11 15.43 -16.72
CA THR B 374 20.44 15.70 -17.28
C THR B 374 21.53 15.73 -16.20
N THR B 375 21.34 16.57 -15.18
CA THR B 375 22.27 16.70 -14.05
C THR B 375 21.48 16.62 -12.74
N SER B 376 21.77 15.62 -11.89
CA SER B 376 20.86 15.37 -10.78
C SER B 376 21.01 16.40 -9.65
N ILE B 377 22.23 16.66 -9.20
CA ILE B 377 22.46 17.63 -8.11
C ILE B 377 23.56 18.60 -8.49
N VAL B 378 23.21 19.90 -8.50
CA VAL B 378 24.18 20.95 -8.68
C VAL B 378 24.35 21.70 -7.38
N VAL B 379 25.60 21.79 -6.91
CA VAL B 379 25.91 22.44 -5.65
C VAL B 379 26.73 23.69 -5.96
N ASN B 380 26.03 24.81 -6.02
CA ASN B 380 26.68 26.10 -6.24
C ASN B 380 27.18 26.75 -4.96
N SER B 381 26.34 26.80 -3.94
CA SER B 381 26.70 27.52 -2.71
C SER B 381 28.00 27.08 -2.07
N ASN B 382 28.85 28.06 -1.77
CA ASN B 382 30.06 27.79 -1.04
C ASN B 382 29.77 27.19 0.34
N ASP B 383 30.69 26.35 0.77
CA ASP B 383 30.73 25.76 2.12
C ASP B 383 29.64 24.71 2.42
N THR B 384 28.92 24.32 1.38
CA THR B 384 27.87 23.32 1.50
C THR B 384 28.43 22.00 2.03
N ILE B 385 27.66 21.34 2.91
CA ILE B 385 28.02 20.00 3.41
C ILE B 385 27.07 18.98 2.78
N ILE B 386 27.62 17.97 2.12
CA ILE B 386 26.81 16.87 1.60
C ILE B 386 27.19 15.66 2.44
N ASP B 387 26.31 15.30 3.37
CA ASP B 387 26.59 14.28 4.39
C ASP B 387 25.62 13.10 4.20
N HIS B 388 26.06 12.17 3.37
CA HIS B 388 25.32 10.99 2.92
C HIS B 388 24.33 11.28 1.80
N THR B 389 24.75 10.96 0.59
CA THR B 389 23.85 11.00 -0.56
C THR B 389 24.07 9.75 -1.39
N TRP B 390 22.98 9.26 -1.98
CA TRP B 390 23.04 8.24 -3.03
C TRP B 390 22.30 8.81 -4.23
N VAL B 391 23.06 9.03 -5.31
CA VAL B 391 22.56 9.57 -6.57
C VAL B 391 22.71 8.42 -7.56
N TRP B 392 21.55 7.84 -7.93
CA TRP B 392 21.48 6.53 -8.59
C TRP B 392 20.66 6.53 -9.87
N ARG B 393 21.35 6.34 -10.98
CA ARG B 393 20.69 6.04 -12.23
C ARG B 393 20.40 4.54 -12.19
N ALA B 394 19.11 4.16 -12.26
CA ALA B 394 18.76 2.77 -12.06
C ALA B 394 19.42 1.78 -13.03
N ASP B 395 19.83 0.64 -12.48
CA ASP B 395 20.37 -0.47 -13.28
C ASP B 395 19.41 -1.66 -13.34
N HIS B 396 18.39 -1.69 -12.50
CA HIS B 396 17.37 -2.73 -12.62
C HIS B 396 16.06 -2.08 -12.36
N GLY B 397 15.03 -2.87 -12.65
CA GLY B 397 13.66 -2.52 -12.42
C GLY B 397 13.01 -2.15 -13.75
N GLU B 398 12.07 -1.23 -13.66
CA GLU B 398 11.28 -0.80 -14.80
C GLU B 398 11.70 0.54 -15.36
N GLY B 399 11.60 0.64 -16.69
CA GLY B 399 11.94 1.87 -17.37
C GLY B 399 13.45 2.06 -17.29
N VAL B 400 14.19 1.01 -17.64
CA VAL B 400 15.67 1.03 -17.52
C VAL B 400 16.30 0.63 -18.85
N GLY B 401 17.24 1.45 -19.30
CA GLY B 401 17.91 1.24 -20.57
C GLY B 401 18.84 2.40 -20.88
N TRP B 402 19.89 2.11 -21.65
CA TRP B 402 20.91 3.10 -22.03
C TRP B 402 20.27 4.42 -22.44
N GLU B 403 19.03 4.39 -22.98
CA GLU B 403 18.31 5.67 -23.13
C GLU B 403 17.03 5.87 -22.39
N THR B 404 16.30 4.81 -22.12
CA THR B 404 14.99 4.95 -21.55
C THR B 404 15.11 5.68 -20.21
N ASN B 405 16.21 5.45 -19.49
CA ASN B 405 16.50 6.22 -18.27
C ASN B 405 17.88 6.93 -18.34
N ARG B 406 18.16 7.50 -19.50
CA ARG B 406 19.36 8.28 -19.73
C ARG B 406 19.47 9.44 -18.72
N ALA B 407 20.67 9.62 -18.19
CA ALA B 407 21.01 10.74 -17.32
C ALA B 407 22.50 10.89 -17.31
N ASP B 408 22.98 12.01 -17.81
CA ASP B 408 24.39 12.11 -18.16
C ASP B 408 25.27 12.33 -16.93
N TYR B 409 24.80 13.18 -15.99
CA TYR B 409 25.62 13.71 -14.92
C TYR B 409 24.95 13.52 -13.55
N GLY B 410 25.72 13.06 -12.54
CA GLY B 410 25.16 12.80 -11.24
C GLY B 410 25.17 14.06 -10.40
N VAL B 411 26.37 14.40 -9.95
CA VAL B 411 26.61 15.54 -9.06
C VAL B 411 27.64 16.45 -9.71
N HIS B 412 27.33 17.75 -9.80
CA HIS B 412 28.30 18.76 -10.22
C HIS B 412 28.47 19.73 -9.06
N VAL B 413 29.67 19.74 -8.50
CA VAL B 413 29.98 20.70 -7.43
C VAL B 413 30.72 21.91 -7.99
N LYS B 414 30.05 23.06 -7.94
CA LYS B 414 30.64 24.31 -8.44
C LYS B 414 31.07 25.25 -7.31
N GLY B 415 30.45 25.11 -6.15
CA GLY B 415 30.83 25.89 -4.99
C GLY B 415 32.21 25.61 -4.41
N ASP B 416 32.76 26.62 -3.75
CA ASP B 416 34.06 26.52 -3.09
C ASP B 416 33.91 25.96 -1.69
N ASN B 417 34.90 25.21 -1.25
CA ASN B 417 34.97 24.81 0.14
C ASN B 417 33.81 23.89 0.51
N VAL B 418 33.38 23.11 -0.47
CA VAL B 418 32.30 22.11 -0.30
C VAL B 418 32.88 20.81 0.26
N LEU B 419 32.16 20.19 1.17
CA LEU B 419 32.60 18.94 1.80
C LEU B 419 31.56 17.88 1.55
N ALA B 420 32.00 16.73 1.03
CA ALA B 420 31.15 15.56 0.89
C ALA B 420 31.66 14.46 1.81
N THR B 421 30.79 13.93 2.66
CA THR B 421 31.13 12.84 3.56
C THR B 421 30.12 11.72 3.33
N GLY B 422 30.57 10.63 2.71
CA GLY B 422 29.68 9.54 2.36
C GLY B 422 28.97 9.83 1.05
N LEU B 423 29.76 9.84 -0.03
CA LEU B 423 29.30 10.17 -1.37
C LEU B 423 29.14 8.86 -2.18
N PHE B 424 27.91 8.56 -2.59
CA PHE B 424 27.59 7.35 -3.39
C PHE B 424 26.87 7.81 -4.68
N VAL B 425 27.47 7.59 -5.84
CA VAL B 425 26.95 8.07 -7.12
C VAL B 425 27.22 7.01 -8.19
N GLU B 426 26.17 6.52 -8.85
CA GLU B 426 26.33 5.38 -9.72
C GLU B 426 25.53 5.44 -11.05
N HIS B 427 26.20 4.97 -12.11
CA HIS B 427 25.60 4.50 -13.37
C HIS B 427 25.31 5.57 -14.41
N PHE B 428 25.84 6.78 -14.21
CA PHE B 428 25.52 7.88 -15.15
C PHE B 428 26.13 7.65 -16.55
N ASN B 429 25.47 8.15 -17.59
CA ASN B 429 25.94 7.94 -18.96
C ASN B 429 27.27 8.66 -19.21
N LYS B 430 27.49 9.77 -18.52
CA LYS B 430 28.71 10.56 -18.66
C LYS B 430 29.38 10.66 -17.27
N TYR B 431 29.84 11.83 -16.85
CA TYR B 431 30.55 11.91 -15.58
C TYR B 431 29.63 11.74 -14.37
N ASP B 432 29.90 10.76 -13.52
CA ASP B 432 29.04 10.59 -12.33
C ASP B 432 29.18 11.80 -11.38
N VAL B 433 30.42 12.17 -11.10
CA VAL B 433 30.71 13.38 -10.32
C VAL B 433 31.68 14.27 -11.08
N GLN B 434 31.35 15.56 -11.11
CA GLN B 434 32.24 16.61 -11.62
C GLN B 434 32.45 17.66 -10.53
N TRP B 435 33.69 18.10 -10.35
CA TRP B 435 34.02 19.10 -9.34
C TRP B 435 34.87 20.19 -9.94
N SER B 436 34.32 21.39 -10.00
CA SER B 436 35.09 22.56 -10.47
C SER B 436 35.19 23.71 -9.47
N GLY B 437 34.45 23.60 -8.36
CA GLY B 437 34.70 24.47 -7.21
C GLY B 437 36.12 24.28 -6.67
N GLU B 438 36.61 25.30 -5.98
CA GLU B 438 37.91 25.24 -5.33
C GLU B 438 37.81 24.60 -3.94
N ASN B 439 38.92 24.03 -3.50
CA ASN B 439 39.05 23.60 -2.13
C ASN B 439 38.03 22.57 -1.73
N GLY B 440 37.73 21.70 -2.67
CA GLY B 440 36.83 20.58 -2.44
C GLY B 440 37.43 19.55 -1.52
N LYS B 441 36.54 18.89 -0.76
CA LYS B 441 36.90 17.81 0.16
C LYS B 441 35.87 16.67 0.04
N THR B 442 36.32 15.46 -0.27
CA THR B 442 35.44 14.27 -0.25
C THR B 442 36.05 13.18 0.60
N ILE B 443 35.27 12.73 1.57
CA ILE B 443 35.64 11.65 2.48
C ILE B 443 34.64 10.53 2.27
N PHE B 444 35.16 9.48 1.63
CA PHE B 444 34.45 8.28 1.13
C PHE B 444 33.68 8.51 -0.14
N TYR B 445 34.02 7.75 -1.19
CA TYR B 445 33.27 7.79 -2.45
C TYR B 445 33.07 6.36 -2.89
N GLN B 446 31.85 6.04 -3.24
CA GLN B 446 31.52 4.78 -3.91
C GLN B 446 30.80 5.06 -5.24
N ASN B 447 31.38 4.51 -6.31
CA ASN B 447 30.81 4.58 -7.66
C ASN B 447 30.75 3.21 -8.32
N ALA B 448 29.76 3.04 -9.18
CA ALA B 448 29.75 1.96 -10.19
C ALA B 448 29.42 2.64 -11.51
N LYS B 449 30.13 2.22 -12.54
CA LYS B 449 29.95 2.78 -13.87
C LYS B 449 28.69 2.22 -14.54
N ALA B 450 28.15 2.96 -15.52
CA ALA B 450 27.00 2.51 -16.32
C ALA B 450 27.26 1.18 -16.94
N TYR B 451 26.35 0.23 -16.73
CA TYR B 451 26.61 -1.15 -17.15
C TYR B 451 26.22 -1.34 -18.60
N ASP B 452 25.39 -0.40 -19.09
CA ASP B 452 24.64 -0.61 -20.33
C ASP B 452 25.17 0.19 -21.54
N ALA B 453 26.31 0.88 -21.39
CA ALA B 453 27.09 1.34 -22.55
C ALA B 453 27.06 0.28 -23.66
N PRO B 454 26.55 0.63 -24.86
CA PRO B 454 26.39 -0.46 -25.84
C PRO B 454 27.70 -0.94 -26.45
N ASP B 455 28.66 -0.03 -26.52
CA ASP B 455 29.95 -0.34 -27.08
C ASP B 455 30.86 0.81 -26.67
N GLN B 456 32.08 0.76 -27.19
CA GLN B 456 33.12 1.72 -26.81
C GLN B 456 32.83 3.13 -27.29
N ALA B 457 32.25 3.26 -28.49
CA ALA B 457 31.94 4.57 -29.06
C ALA B 457 30.91 5.33 -28.22
N ALA B 458 30.01 4.60 -27.54
CA ALA B 458 28.93 5.24 -26.79
C ALA B 458 29.42 5.99 -25.55
N ILE B 459 30.63 5.67 -25.10
CA ILE B 459 31.23 6.34 -23.97
C ILE B 459 32.56 7.03 -24.35
N GLN B 460 32.80 7.26 -25.64
CA GLN B 460 34.01 8.01 -26.04
C GLN B 460 33.88 9.48 -25.64
N ASN B 461 34.97 10.02 -25.12
CA ASN B 461 35.02 11.39 -24.54
C ASN B 461 36.30 12.15 -24.93
N GLY B 462 36.44 12.51 -26.22
CA GLY B 462 37.73 13.02 -26.72
C GLY B 462 38.76 11.91 -26.95
N ASP B 463 39.99 12.00 -26.38
CA ASP B 463 41.02 10.93 -26.45
C ASP B 463 41.02 9.98 -25.24
N ILE B 464 40.20 10.28 -24.25
CA ILE B 464 39.93 9.35 -23.16
C ILE B 464 38.78 8.43 -23.53
N LYS B 465 38.95 7.13 -23.29
CA LYS B 465 37.87 6.14 -23.34
C LYS B 465 37.06 6.22 -22.06
N GLY B 466 35.76 6.48 -22.19
CA GLY B 466 34.89 6.59 -21.04
C GLY B 466 34.97 7.90 -20.29
N TYR B 467 34.00 8.10 -19.40
CA TYR B 467 33.96 9.27 -18.52
C TYR B 467 34.34 8.88 -17.10
N ALA B 468 35.23 9.65 -16.48
CA ALA B 468 35.59 9.41 -15.11
C ALA B 468 34.35 9.30 -14.24
N ALA B 469 34.45 8.49 -13.20
CA ALA B 469 33.44 8.48 -12.15
C ALA B 469 33.54 9.74 -11.31
N TYR B 470 34.73 10.33 -11.28
CA TYR B 470 34.97 11.49 -10.43
C TYR B 470 36.03 12.31 -11.10
N LYS B 471 35.60 13.46 -11.59
CA LYS B 471 36.41 14.38 -12.32
C LYS B 471 36.58 15.67 -11.58
N VAL B 472 37.81 16.16 -11.58
CA VAL B 472 38.12 17.51 -11.09
C VAL B 472 38.52 18.31 -12.31
N ASP B 473 37.86 19.44 -12.54
CA ASP B 473 38.02 20.18 -13.79
C ASP B 473 39.46 20.77 -13.78
N ASP B 474 40.05 21.01 -14.95
CA ASP B 474 41.48 21.37 -15.08
C ASP B 474 41.89 22.71 -14.45
N SER B 475 40.90 23.54 -14.16
CA SER B 475 41.13 24.86 -13.58
C SER B 475 41.31 24.86 -12.05
N VAL B 476 40.86 23.80 -11.42
CA VAL B 476 40.92 23.69 -9.96
C VAL B 476 42.37 23.63 -9.47
N THR B 477 42.71 24.44 -8.46
CA THR B 477 44.06 24.47 -7.90
C THR B 477 44.16 23.67 -6.59
N THR B 478 43.03 23.57 -5.87
CA THR B 478 42.97 22.91 -4.57
C THR B 478 41.78 21.89 -4.53
N HIS B 479 42.08 20.63 -4.22
CA HIS B 479 41.09 19.57 -3.99
C HIS B 479 41.72 18.48 -3.13
N GLU B 480 40.90 17.77 -2.35
CA GLU B 480 41.43 16.61 -1.61
C GLU B 480 40.35 15.54 -1.39
N GLY B 481 40.66 14.31 -1.78
CA GLY B 481 39.79 13.14 -1.59
C GLY B 481 40.44 11.96 -0.89
N TRP B 482 39.64 11.26 -0.07
CA TRP B 482 40.12 10.13 0.70
C TRP B 482 39.15 8.94 0.58
N GLY B 483 39.67 7.75 0.28
CA GLY B 483 38.87 6.53 0.39
C GLY B 483 37.81 6.39 -0.69
N MET B 484 38.28 6.20 -1.91
CA MET B 484 37.40 6.41 -3.08
C MET B 484 37.51 5.27 -4.07
N GLY B 485 36.36 4.68 -4.46
CA GLY B 485 36.35 3.52 -5.35
C GLY B 485 35.31 3.60 -6.47
N SER B 486 35.72 3.17 -7.66
CA SER B 486 34.85 3.08 -8.84
C SER B 486 34.92 1.64 -9.35
N TYR B 487 33.77 1.02 -9.52
CA TYR B 487 33.71 -0.35 -10.06
C TYR B 487 32.96 -0.41 -11.41
N CYS B 488 33.24 -1.44 -12.21
CA CYS B 488 32.53 -1.61 -13.48
C CYS B 488 31.91 -2.98 -13.61
N TYR B 489 30.84 -3.03 -14.41
CA TYR B 489 30.12 -4.26 -14.83
C TYR B 489 29.53 -3.94 -16.19
N PHE B 490 30.36 -4.03 -17.22
CA PHE B 490 29.89 -3.72 -18.57
C PHE B 490 29.25 -5.01 -19.12
N ASN B 491 28.01 -5.25 -18.69
CA ASN B 491 27.40 -6.61 -18.77
C ASN B 491 26.78 -6.82 -20.11
N VAL B 492 26.52 -5.71 -20.77
CA VAL B 492 26.00 -5.69 -22.12
C VAL B 492 27.16 -5.84 -23.13
N ASN B 493 28.28 -5.17 -22.87
CA ASN B 493 29.41 -5.19 -23.81
C ASN B 493 30.76 -5.30 -23.04
N PRO B 494 31.09 -6.53 -22.62
CA PRO B 494 32.21 -6.70 -21.67
C PRO B 494 33.61 -6.50 -22.27
N ASP B 495 33.67 -6.22 -23.58
CA ASP B 495 34.95 -5.90 -24.23
C ASP B 495 35.31 -4.42 -24.00
N ILE B 496 34.42 -3.70 -23.32
CA ILE B 496 34.65 -2.28 -23.07
C ILE B 496 35.85 -2.06 -22.15
N ARG B 497 36.54 -0.96 -22.43
CA ARG B 497 37.58 -0.42 -21.56
C ARG B 497 37.17 0.95 -21.02
N GLN B 498 37.36 1.13 -19.72
CA GLN B 498 37.20 2.43 -19.03
C GLN B 498 38.61 2.95 -18.75
N GLN B 499 39.03 4.12 -19.26
CA GLN B 499 40.46 4.50 -19.06
C GLN B 499 40.78 4.62 -17.56
N HIS B 500 39.87 5.23 -16.81
CA HIS B 500 40.13 5.49 -15.41
C HIS B 500 38.86 5.69 -14.59
N GLY B 501 38.99 5.56 -13.26
CA GLY B 501 37.90 5.91 -12.36
C GLY B 501 37.92 7.39 -12.02
N PHE B 502 39.11 7.96 -11.99
CA PHE B 502 39.36 9.33 -11.54
C PHE B 502 40.11 10.14 -12.58
N GLN B 503 39.77 11.42 -12.67
CA GLN B 503 40.45 12.35 -13.57
C GLN B 503 40.63 13.68 -12.89
N ALA B 504 41.87 14.18 -12.92
CA ALA B 504 42.19 15.42 -12.22
C ALA B 504 43.47 16.03 -12.80
N PRO B 505 43.58 17.36 -12.76
CA PRO B 505 44.86 17.94 -13.15
C PRO B 505 45.97 17.61 -12.18
N VAL B 506 47.20 17.80 -12.65
CA VAL B 506 48.40 17.56 -11.87
C VAL B 506 48.83 18.91 -11.30
N LYS B 507 48.56 19.12 -10.02
CA LYS B 507 48.72 20.40 -9.37
C LYS B 507 49.13 20.18 -7.94
N PRO B 508 49.91 21.10 -7.36
CA PRO B 508 50.39 20.80 -6.00
C PRO B 508 49.35 20.76 -4.87
N GLY B 509 48.16 21.29 -5.09
CA GLY B 509 47.12 21.22 -4.09
C GLY B 509 45.97 20.22 -4.38
N VAL B 510 46.12 19.41 -5.43
CA VAL B 510 45.01 18.50 -5.89
C VAL B 510 45.36 17.04 -5.58
N LYS B 511 45.03 16.65 -4.36
CA LYS B 511 45.57 15.45 -3.70
C LYS B 511 44.53 14.34 -3.53
N PHE B 512 44.94 13.09 -3.74
CA PHE B 512 44.08 11.96 -3.44
C PHE B 512 44.79 10.91 -2.62
N HIS B 513 44.03 10.32 -1.72
CA HIS B 513 44.52 9.27 -0.85
C HIS B 513 43.62 8.05 -0.95
N ASP B 514 44.23 6.90 -1.24
CA ASP B 514 43.52 5.62 -1.20
C ASP B 514 42.43 5.57 -2.25
N LEU B 515 42.86 5.52 -3.51
CA LEU B 515 41.98 5.31 -4.66
C LEU B 515 41.94 3.84 -5.08
N LEU B 516 40.76 3.38 -5.51
CA LEU B 516 40.55 1.99 -5.98
C LEU B 516 39.71 1.96 -7.25
N VAL B 517 40.05 1.06 -8.17
CA VAL B 517 39.11 0.63 -9.22
C VAL B 517 39.02 -0.90 -9.28
N VAL B 518 37.88 -1.44 -9.71
CA VAL B 518 37.71 -2.88 -9.72
C VAL B 518 36.68 -3.30 -10.75
N SER B 519 37.03 -4.34 -11.49
CA SER B 519 36.13 -4.95 -12.46
C SER B 519 35.33 -6.10 -11.85
N LEU B 520 34.02 -6.02 -11.97
CA LEU B 520 33.15 -7.04 -11.44
C LEU B 520 33.27 -8.26 -12.34
N GLY B 521 34.12 -9.21 -11.95
CA GLY B 521 34.33 -10.45 -12.67
C GLY B 521 34.74 -10.36 -14.16
N GLY B 522 35.58 -9.40 -14.50
CA GLY B 522 36.07 -9.26 -15.86
C GLY B 522 35.03 -8.82 -16.87
N LYS B 523 33.95 -8.23 -16.37
CA LYS B 523 32.94 -7.65 -17.23
C LYS B 523 33.34 -6.19 -17.53
N GLY B 524 34.23 -6.05 -18.52
CA GLY B 524 34.95 -4.81 -18.79
C GLY B 524 36.22 -4.73 -17.95
N GLN B 525 37.09 -3.78 -18.27
CA GLN B 525 38.27 -3.51 -17.46
C GLN B 525 38.59 -2.04 -17.45
N TYR B 526 39.25 -1.62 -16.36
CA TYR B 526 39.89 -0.28 -16.28
C TYR B 526 41.32 -0.35 -16.83
N GLU B 527 41.69 0.68 -17.59
CA GLU B 527 43.08 0.83 -18.05
C GLU B 527 44.03 1.38 -16.98
N HIS B 528 43.49 2.21 -16.10
CA HIS B 528 44.25 2.92 -15.07
C HIS B 528 43.31 3.23 -13.88
N VAL B 529 43.88 3.78 -12.81
CA VAL B 529 43.08 4.17 -11.65
C VAL B 529 42.66 5.64 -11.79
N ILE B 530 43.66 6.49 -12.00
CA ILE B 530 43.49 7.93 -12.06
C ILE B 530 44.34 8.46 -13.23
N ASN B 531 43.74 9.31 -14.07
CA ASN B 531 44.40 9.77 -15.27
C ASN B 531 45.03 8.58 -16.02
N ASP B 532 46.36 8.54 -16.13
CA ASP B 532 47.09 7.42 -16.77
C ASP B 532 47.97 6.66 -15.77
N ILE B 533 47.62 6.73 -14.49
CA ILE B 533 48.35 6.14 -13.37
C ILE B 533 47.56 5.01 -12.69
N GLY B 534 48.30 4.04 -12.17
CA GLY B 534 47.70 2.89 -11.56
C GLY B 534 47.59 1.79 -12.58
N ASP B 535 47.75 0.58 -12.08
CA ASP B 535 47.70 -0.59 -12.98
C ASP B 535 46.30 -0.76 -13.55
N PRO B 536 46.19 -1.38 -14.74
CA PRO B 536 44.85 -1.76 -15.18
C PRO B 536 44.31 -2.90 -14.33
N THR B 537 43.01 -3.03 -14.27
CA THR B 537 42.43 -4.26 -13.78
C THR B 537 42.62 -5.32 -14.87
N SER B 538 42.74 -6.58 -14.45
CA SER B 538 42.74 -7.69 -15.39
C SER B 538 42.32 -8.93 -14.64
N GLY B 539 42.04 -9.99 -15.38
CA GLY B 539 41.60 -11.21 -14.75
C GLY B 539 40.10 -11.11 -14.65
N ASP B 540 39.50 -12.19 -14.14
CA ASP B 540 38.08 -12.24 -13.89
C ASP B 540 37.86 -12.39 -12.38
N THR B 541 38.85 -11.98 -11.61
CA THR B 541 38.86 -12.33 -10.18
C THR B 541 38.46 -11.19 -9.24
N THR B 542 38.05 -10.07 -9.81
CA THR B 542 37.53 -8.94 -9.03
C THR B 542 38.55 -8.49 -7.96
N ILE B 543 39.81 -8.38 -8.36
CA ILE B 543 40.84 -7.80 -7.50
C ILE B 543 40.99 -6.31 -7.75
N PRO B 544 40.83 -5.47 -6.71
CA PRO B 544 41.02 -4.03 -6.90
C PRO B 544 42.41 -3.70 -7.44
N SER B 545 42.51 -2.66 -8.27
CA SER B 545 43.78 -1.96 -8.51
C SER B 545 43.76 -0.65 -7.77
N GLN B 546 44.85 -0.40 -7.05
CA GLN B 546 44.86 0.61 -6.01
C GLN B 546 46.00 1.60 -6.22
N VAL B 547 45.70 2.87 -5.94
CA VAL B 547 46.68 3.95 -5.83
C VAL B 547 46.59 4.45 -4.40
N VAL B 548 47.70 4.35 -3.68
CA VAL B 548 47.74 4.81 -2.30
C VAL B 548 47.73 6.35 -2.25
N SER B 549 48.59 6.98 -3.06
CA SER B 549 48.80 8.43 -3.00
C SER B 549 49.04 9.06 -4.38
N PHE B 550 48.36 10.18 -4.62
CA PHE B 550 48.44 10.96 -5.85
C PHE B 550 48.39 12.44 -5.48
N PRO B 551 49.20 13.28 -6.14
CA PRO B 551 50.04 12.93 -7.30
C PRO B 551 51.36 12.33 -6.86
C1 EDO C . -38.60 -12.38 -9.21
O1 EDO C . -37.79 -12.96 -8.17
C2 EDO C . -38.99 -10.94 -8.88
O2 EDO C . -37.81 -10.15 -8.77
H11 EDO C . -39.51 -12.97 -9.35
H12 EDO C . -38.04 -12.38 -10.15
HO1 EDO C . -37.57 -13.87 -8.40
H21 EDO C . -39.54 -10.92 -7.95
H22 EDO C . -39.63 -10.54 -9.67
HO2 EDO C . -38.07 -9.22 -8.64
C1 EDO D . -15.64 -12.66 -22.17
O1 EDO D . -14.38 -11.95 -22.17
C2 EDO D . -16.81 -11.66 -22.17
O2 EDO D . -16.62 -10.72 -21.13
H11 EDO D . -15.72 -13.30 -21.29
H12 EDO D . -15.70 -13.30 -23.04
HO1 EDO D . -13.64 -12.58 -22.24
H21 EDO D . -17.75 -12.17 -22.03
H22 EDO D . -16.84 -11.15 -23.13
HO2 EDO D . -17.47 -10.37 -20.86
C2 BGC E . 25.21 -1.51 -7.10
C3 BGC E . 23.74 -1.11 -6.85
C4 BGC E . 22.88 -2.19 -7.57
C5 BGC E . 23.12 -3.64 -7.16
C6 BGC E . 22.24 -4.56 -8.03
C1 BGC E . 25.47 -3.02 -6.94
O1 BGC E . 26.60 -3.25 -7.76
O2 BGC E . 26.18 -0.76 -6.35
O3 BGC E . 23.49 0.12 -7.54
O4 BGC E . 21.48 -1.87 -7.58
O5 BGC E . 24.48 -3.92 -7.44
O6 BGC E . 22.04 -5.81 -7.41
H2 BGC E . 24.28 -1.30 -6.58
H3 BGC E . 23.09 -1.88 -7.21
H4 BGC E . 23.25 -2.32 -8.60
H5 BGC E . 22.82 -3.76 -6.13
H61 BGC E . 22.71 -4.71 -9.01
H62 BGC E . 21.26 -4.11 -8.21
H1 BGC E . 25.71 -3.26 -5.90
HO1 BGC E . 26.83 -2.43 -8.24
HO2 BGC E . 26.45 -1.28 -5.55
HO3 BGC E . 24.29 0.35 -8.05
HO4 BGC E . 21.33 -0.98 -7.16
HO6 BGC E . 22.52 -5.82 -6.56
C1 EDO F . 7.46 6.47 -6.13
O1 EDO F . 8.58 7.34 -5.92
C2 EDO F . 7.94 5.09 -6.51
O2 EDO F . 8.58 4.49 -5.40
H11 EDO F . 6.83 6.87 -6.93
H12 EDO F . 6.85 6.41 -5.22
HO1 EDO F . 8.27 8.24 -5.83
H21 EDO F . 8.65 5.17 -7.35
H22 EDO F . 7.09 4.48 -6.84
HO2 EDO F . 8.95 3.63 -5.66
C1 EDO G . 31.20 5.00 -19.04
O1 EDO G . 32.35 5.80 -18.90
C2 EDO G . 29.96 5.91 -19.05
O2 EDO G . 29.96 6.86 -17.99
H11 EDO G . 31.14 4.31 -18.20
H12 EDO G . 31.26 4.41 -19.95
HO1 EDO G . 33.13 5.23 -18.81
H21 EDO G . 29.06 5.29 -19.00
H22 EDO G . 29.94 6.45 -20.00
HO2 EDO G . 29.05 7.08 -17.77
C1 EDO H . 49.34 5.06 3.34
O1 EDO H . 48.86 6.01 4.29
C2 EDO H . 49.33 3.69 3.99
O2 EDO H . 47.98 3.39 4.41
H11 EDO H . 50.37 5.32 3.04
H12 EDO H . 48.73 5.01 2.44
HO1 EDO H . 49.08 6.90 4.01
H21 EDO H . 50.00 3.69 4.85
H22 EDO H . 49.70 2.94 3.28
HO2 EDO H . 47.96 2.53 4.85
N VAL A 4 -48.14 8.43 4.37
CA VAL A 4 -46.97 9.29 4.31
C VAL A 4 -46.75 10.28 5.48
N VAL A 5 -47.19 9.89 6.65
CA VAL A 5 -46.22 9.93 7.70
C VAL A 5 -45.69 8.49 7.73
N GLY A 6 -44.69 8.26 8.58
CA GLY A 6 -44.00 6.99 8.68
C GLY A 6 -44.53 6.03 9.72
N GLY A 7 -43.81 4.94 9.96
CA GLY A 7 -44.21 3.94 10.93
C GLY A 7 -45.39 3.13 10.42
N GLY A 8 -46.22 2.65 11.34
CA GLY A 8 -47.30 1.73 10.97
C GLY A 8 -46.91 0.25 11.01
N ASP A 9 -47.63 -0.53 10.19
CA ASP A 9 -47.60 -1.99 10.11
C ASP A 9 -46.59 -2.44 9.08
N LEU A 10 -45.83 -3.49 9.42
CA LEU A 10 -44.78 -3.96 8.51
C LEU A 10 -45.28 -4.98 7.46
N GLY A 11 -46.59 -5.31 7.50
CA GLY A 11 -47.19 -6.19 6.51
C GLY A 11 -47.15 -7.70 6.81
N PRO A 12 -48.04 -8.49 6.16
CA PRO A 12 -48.01 -9.94 6.36
C PRO A 12 -46.73 -10.63 5.95
N ASN A 13 -45.78 -9.95 5.34
CA ASN A 13 -44.51 -10.59 4.97
C ASN A 13 -43.37 -10.39 5.96
N VAL A 14 -43.62 -9.64 7.03
CA VAL A 14 -42.68 -9.52 8.14
C VAL A 14 -43.32 -10.28 9.29
N LEU A 15 -42.73 -11.43 9.60
CA LEU A 15 -43.28 -12.29 10.63
C LEU A 15 -42.49 -12.07 11.92
N VAL A 16 -43.19 -11.64 12.95
CA VAL A 16 -42.57 -11.21 14.20
C VAL A 16 -42.92 -12.20 15.27
N PHE A 17 -41.90 -12.55 16.03
CA PHE A 17 -41.92 -13.66 16.95
C PHE A 17 -41.48 -13.15 18.31
N ASP A 18 -42.02 -13.80 19.33
CA ASP A 18 -41.62 -13.52 20.69
C ASP A 18 -41.40 -14.91 21.33
N PRO A 19 -40.62 -14.99 22.42
CA PRO A 19 -40.35 -16.27 23.08
C PRO A 19 -41.64 -16.98 23.30
N SER A 20 -42.62 -16.16 23.71
CA SER A 20 -43.97 -16.59 24.03
C SER A 20 -44.80 -16.96 22.83
N THR A 21 -44.42 -16.45 21.65
CA THR A 21 -45.14 -16.71 20.40
C THR A 21 -45.22 -18.17 20.33
N PRO A 22 -46.26 -18.72 19.70
CA PRO A 22 -46.10 -20.16 19.46
C PRO A 22 -46.30 -20.69 18.03
N ASP A 23 -46.09 -22.00 17.97
CA ASP A 23 -45.97 -22.80 16.77
C ASP A 23 -44.70 -22.42 16.02
N ILE A 24 -43.77 -21.74 16.72
CA ILE A 24 -42.67 -21.05 16.07
C ILE A 24 -41.99 -21.87 15.01
N GLN A 25 -41.63 -23.09 15.36
CA GLN A 25 -40.94 -23.97 14.44
C GLN A 25 -41.83 -24.37 13.28
N GLY A 26 -43.14 -24.44 13.55
CA GLY A 26 -44.07 -24.73 12.49
C GLY A 26 -44.18 -23.56 11.54
N LYS A 27 -44.09 -22.37 12.07
CA LYS A 27 -44.25 -21.20 11.23
C LYS A 27 -43.03 -20.98 10.37
N VAL A 28 -41.85 -21.28 10.92
CA VAL A 28 -40.60 -21.15 10.18
C VAL A 28 -40.41 -22.31 9.20
N ASP A 29 -40.85 -23.52 9.56
CA ASP A 29 -40.73 -24.63 8.61
C ASP A 29 -41.65 -24.44 7.40
N GLU A 30 -42.87 -23.93 7.63
CA GLU A 30 -43.80 -23.67 6.51
C GLU A 30 -43.23 -22.65 5.51
N VAL A 31 -42.54 -21.64 6.02
CA VAL A 31 -41.91 -20.68 5.12
C VAL A 31 -40.82 -21.40 4.34
N PHE A 32 -39.96 -22.10 5.05
CA PHE A 32 -38.92 -22.89 4.38
C PHE A 32 -39.45 -23.83 3.29
N ARG A 33 -40.62 -24.44 3.51
CA ARG A 33 -41.12 -25.45 2.55
C ARG A 33 -41.51 -24.75 1.24
N LYS A 34 -41.99 -23.51 1.35
CA LYS A 34 -42.32 -22.67 0.20
C LYS A 34 -41.08 -22.04 -0.47
N GLN A 35 -40.05 -21.72 0.32
CA GLN A 35 -38.85 -20.98 -0.15
C GLN A 35 -37.68 -21.90 -0.57
N GLU A 36 -37.70 -23.18 -0.14
CA GLU A 36 -36.54 -24.03 -0.31
C GLU A 36 -35.98 -24.12 -1.76
N SER A 37 -36.86 -24.18 -2.75
CA SER A 37 -36.42 -24.18 -4.16
C SER A 37 -37.16 -23.10 -5.00
N ASN A 38 -37.66 -22.11 -4.31
CA ASN A 38 -38.31 -20.97 -4.95
C ASN A 38 -37.28 -19.99 -5.50
N GLN A 39 -36.45 -20.46 -6.44
CA GLN A 39 -35.25 -19.71 -6.78
C GLN A 39 -35.57 -18.40 -7.46
N PHE A 40 -36.63 -18.41 -8.28
CA PHE A 40 -37.03 -17.25 -9.09
C PHE A 40 -38.47 -16.81 -8.84
N GLY A 41 -39.04 -17.25 -7.72
CA GLY A 41 -40.39 -16.82 -7.35
C GLY A 41 -40.42 -15.40 -6.80
N THR A 42 -41.63 -14.92 -6.52
CA THR A 42 -41.80 -13.54 -6.13
C THR A 42 -42.21 -13.36 -4.69
N ASP A 43 -42.27 -14.45 -3.93
CA ASP A 43 -42.47 -14.33 -2.49
C ASP A 43 -41.20 -13.88 -1.77
N ARG A 44 -41.39 -13.16 -0.69
CA ARG A 44 -40.31 -12.53 0.07
C ARG A 44 -40.69 -12.56 1.54
N TYR A 45 -39.78 -13.00 2.43
CA TYR A 45 -40.10 -13.05 3.86
C TYR A 45 -38.99 -12.53 4.76
N ALA A 46 -39.39 -11.81 5.81
CA ALA A 46 -38.48 -11.47 6.89
C ALA A 46 -39.01 -12.08 8.17
N LEU A 47 -38.15 -12.82 8.85
CA LEU A 47 -38.50 -13.49 10.11
C LEU A 47 -37.73 -12.80 11.22
N MET A 48 -38.39 -12.01 12.08
CA MET A 48 -37.66 -11.42 13.18
C MET A 48 -38.16 -11.81 14.52
N PHE A 49 -37.21 -11.80 15.42
CA PHE A 49 -37.30 -12.39 16.72
C PHE A 49 -37.06 -11.33 17.79
N LYS A 50 -38.08 -11.09 18.61
CA LYS A 50 -37.94 -10.12 19.68
C LYS A 50 -36.86 -10.61 20.65
N PRO A 51 -36.21 -9.68 21.36
CA PRO A 51 -35.23 -10.08 22.37
C PRO A 51 -35.80 -11.13 23.32
N GLY A 52 -34.97 -12.08 23.72
CA GLY A 52 -35.37 -13.25 24.48
C GLY A 52 -34.52 -14.47 24.17
N THR A 53 -34.97 -15.62 24.70
CA THR A 53 -34.30 -16.92 24.58
C THR A 53 -35.26 -17.96 23.94
N TYR A 54 -34.93 -18.39 22.72
CA TYR A 54 -35.74 -19.33 21.97
C TYR A 54 -35.16 -20.70 22.05
N ASN A 55 -35.96 -21.63 22.59
CA ASN A 55 -35.58 -23.04 22.64
C ASN A 55 -36.14 -23.84 21.47
N ASP A 56 -35.55 -25.02 21.27
CA ASP A 56 -35.98 -26.00 20.27
C ASP A 56 -36.32 -25.44 18.90
N ILE A 57 -35.26 -25.03 18.22
CA ILE A 57 -35.39 -24.27 17.01
C ILE A 57 -34.25 -24.64 16.03
N ASN A 58 -34.60 -25.35 14.95
CA ASN A 58 -33.79 -25.25 13.75
C ASN A 58 -34.52 -24.50 12.64
N ALA A 59 -34.01 -23.32 12.31
CA ALA A 59 -34.64 -22.49 11.29
C ALA A 59 -33.87 -22.63 10.00
N GLN A 60 -34.40 -23.47 9.10
CA GLN A 60 -33.82 -23.64 7.76
C GLN A 60 -34.24 -22.42 6.92
N ILE A 61 -33.26 -21.77 6.31
CA ILE A 61 -33.47 -20.57 5.54
C ILE A 61 -33.37 -20.88 4.04
N GLY A 62 -34.49 -20.64 3.34
CA GLY A 62 -34.55 -20.80 1.91
C GLY A 62 -34.36 -19.53 1.14
N PHE A 63 -34.74 -19.57 -0.13
CA PHE A 63 -34.67 -18.38 -0.98
C PHE A 63 -35.52 -17.22 -0.46
N TYR A 64 -34.93 -16.02 -0.58
CA TYR A 64 -35.60 -14.75 -0.32
C TYR A 64 -36.20 -14.71 1.10
N THR A 65 -35.39 -15.18 2.03
CA THR A 65 -35.71 -15.18 3.44
C THR A 65 -34.58 -14.53 4.21
N SER A 66 -34.90 -13.49 4.97
CA SER A 66 -33.97 -12.88 5.94
C SER A 66 -34.45 -13.24 7.35
N ILE A 67 -33.50 -13.52 8.24
CA ILE A 67 -33.85 -13.77 9.64
C ILE A 67 -32.99 -12.81 10.45
N ALA A 68 -33.59 -12.24 11.48
CA ALA A 68 -32.88 -11.26 12.27
C ALA A 68 -33.38 -11.19 13.69
N GLY A 69 -32.50 -10.82 14.61
CA GLY A 69 -32.92 -10.47 15.94
C GLY A 69 -33.28 -9.00 16.04
N LEU A 70 -34.05 -8.67 17.08
CA LEU A 70 -34.53 -7.31 17.30
C LEU A 70 -34.03 -6.70 18.63
N GLY A 71 -33.09 -7.34 19.33
CA GLY A 71 -32.39 -6.67 20.43
C GLY A 71 -31.51 -5.63 19.79
N LEU A 72 -30.84 -4.74 20.56
CA LEU A 72 -29.84 -3.85 19.93
C LEU A 72 -28.53 -4.62 19.66
N ASN A 73 -28.13 -5.44 20.64
CA ASN A 73 -26.90 -6.28 20.56
C ASN A 73 -27.26 -7.74 20.22
N PRO A 74 -26.37 -8.49 19.52
CA PRO A 74 -26.82 -9.84 19.10
C PRO A 74 -27.18 -10.81 20.26
N ASP A 75 -26.47 -10.69 21.39
CA ASP A 75 -26.65 -11.67 22.45
C ASP A 75 -28.03 -11.48 23.10
N ASP A 76 -28.64 -10.33 22.85
CA ASP A 76 -30.01 -10.07 23.31
C ASP A 76 -31.08 -11.04 22.77
N THR A 77 -30.82 -11.67 21.63
CA THR A 77 -31.75 -12.59 20.97
C THR A 77 -30.97 -13.88 20.68
N THR A 78 -31.19 -14.86 21.54
CA THR A 78 -30.42 -16.09 21.59
C THR A 78 -31.27 -17.29 21.20
N PHE A 79 -30.76 -18.05 20.23
CA PHE A 79 -31.35 -19.30 19.81
C PHE A 79 -30.52 -20.43 20.41
N ASN A 80 -31.16 -21.23 21.25
CA ASN A 80 -30.64 -22.54 21.59
C ASN A 80 -31.10 -23.49 20.52
N GLY A 81 -30.23 -23.62 19.52
CA GLY A 81 -30.63 -24.09 18.20
C GLY A 81 -29.86 -23.37 17.11
N ASP A 82 -30.43 -23.38 15.91
CA ASP A 82 -29.64 -23.16 14.70
C ASP A 82 -30.33 -22.25 13.70
N VAL A 83 -29.55 -21.82 12.73
CA VAL A 83 -30.01 -21.10 11.56
C VAL A 83 -29.27 -21.79 10.43
N THR A 84 -29.98 -22.72 9.80
CA THR A 84 -29.43 -23.69 8.86
C THR A 84 -29.65 -23.30 7.38
N VAL A 85 -28.58 -23.33 6.59
CA VAL A 85 -28.73 -23.41 5.14
C VAL A 85 -28.04 -24.72 4.69
N ASP A 86 -28.83 -25.58 4.03
CA ASP A 86 -28.42 -26.86 3.48
C ASP A 86 -28.63 -26.86 1.97
N ALA A 87 -28.15 -27.90 1.31
CA ALA A 87 -28.29 -27.99 -0.15
C ALA A 87 -29.21 -29.14 -0.53
N GLY A 88 -29.80 -29.78 0.48
CA GLY A 88 -30.63 -30.97 0.27
C GLY A 88 -31.56 -30.90 -0.94
N TRP A 89 -32.34 -29.81 -1.04
CA TRP A 89 -33.16 -29.55 -2.22
C TRP A 89 -32.40 -29.81 -3.51
N PHE A 90 -31.14 -29.38 -3.59
CA PHE A 90 -30.44 -29.48 -4.86
C PHE A 90 -29.45 -30.64 -4.80
N ASP A 91 -29.79 -31.80 -4.30
CA ASP A 91 -28.87 -32.96 -4.48
C ASP A 91 -27.41 -32.68 -4.01
N GLY A 92 -27.27 -31.65 -3.16
CA GLY A 92 -26.12 -31.49 -2.30
C GLY A 92 -25.13 -30.44 -2.80
N ASN A 93 -25.44 -29.87 -3.96
CA ASN A 93 -24.60 -28.80 -4.49
C ASN A 93 -25.11 -27.46 -3.93
N ALA A 94 -24.25 -26.70 -3.27
CA ALA A 94 -24.64 -25.40 -2.69
C ALA A 94 -24.50 -24.14 -3.60
N THR A 95 -24.19 -24.32 -4.88
CA THR A 95 -23.81 -23.17 -5.71
C THR A 95 -24.99 -22.45 -6.32
N GLN A 96 -26.19 -22.76 -5.83
CA GLN A 96 -27.34 -21.95 -6.14
C GLN A 96 -28.06 -21.45 -4.89
N ASN A 97 -27.44 -21.59 -3.70
CA ASN A 97 -28.04 -21.12 -2.44
C ASN A 97 -27.82 -19.61 -2.26
N PHE A 98 -28.58 -18.85 -3.04
CA PHE A 98 -28.48 -17.40 -3.09
C PHE A 98 -29.60 -16.67 -2.30
N TRP A 99 -29.40 -15.37 -2.14
CA TRP A 99 -30.44 -14.37 -1.81
C TRP A 99 -31.18 -14.70 -0.48
N ARG A 100 -30.42 -14.67 0.60
CA ARG A 100 -30.99 -14.87 1.93
C ARG A 100 -30.06 -14.20 2.93
N SER A 101 -30.41 -14.13 4.21
CA SER A 101 -29.55 -13.36 5.13
C SER A 101 -29.88 -13.65 6.59
N ALA A 102 -28.85 -13.63 7.41
CA ALA A 102 -29.01 -13.76 8.86
C ALA A 102 -28.25 -12.63 9.53
N GLU A 103 -28.85 -12.03 10.54
CA GLU A 103 -28.15 -10.99 11.28
C GLU A 103 -28.66 -10.82 12.71
N ASN A 104 -27.76 -10.35 13.57
CA ASN A 104 -28.14 -9.85 14.91
C ASN A 104 -28.82 -10.88 15.84
N LEU A 105 -28.22 -12.07 15.82
CA LEU A 105 -28.61 -13.19 16.67
C LEU A 105 -27.40 -13.85 17.30
N ALA A 106 -27.60 -14.40 18.49
CA ALA A 106 -26.69 -15.40 19.06
C ALA A 106 -27.25 -16.80 18.85
N LEU A 107 -26.39 -17.71 18.45
CA LEU A 107 -26.75 -19.11 18.20
C LEU A 107 -25.92 -20.01 19.14
N ASN A 108 -26.61 -20.99 19.72
CA ASN A 108 -26.01 -22.03 20.53
C ASN A 108 -26.38 -23.34 19.81
N PRO A 109 -25.64 -23.66 18.74
CA PRO A 109 -26.15 -24.59 17.69
C PRO A 109 -26.34 -25.99 18.24
N VAL A 110 -27.35 -26.69 17.75
CA VAL A 110 -28.03 -27.66 18.60
C VAL A 110 -27.04 -28.64 19.08
N ASN A 111 -26.03 -28.97 18.26
CA ASN A 111 -24.88 -29.69 18.84
C ASN A 111 -23.45 -29.23 18.41
N GLY A 112 -23.21 -27.94 18.60
CA GLY A 112 -21.86 -27.44 18.63
C GLY A 112 -21.51 -26.67 17.38
N THR A 113 -22.09 -27.04 16.24
CA THR A 113 -21.73 -26.38 14.99
C THR A 113 -22.94 -26.02 14.08
N ASN A 114 -23.01 -24.74 13.74
CA ASN A 114 -24.08 -24.19 12.89
C ASN A 114 -23.64 -24.22 11.43
N ARG A 115 -24.52 -24.70 10.55
CA ARG A 115 -24.24 -24.79 9.12
C ARG A 115 -24.92 -23.64 8.34
N TRP A 116 -24.10 -22.82 7.69
CA TRP A 116 -24.56 -21.77 6.78
C TRP A 116 -23.93 -22.04 5.38
N ALA A 117 -24.47 -23.04 4.68
CA ALA A 117 -23.85 -23.55 3.45
C ALA A 117 -24.37 -22.84 2.21
N VAL A 118 -23.70 -21.76 1.86
CA VAL A 118 -24.27 -20.78 0.93
C VAL A 118 -23.31 -20.45 -0.21
N SER A 119 -23.85 -19.86 -1.29
CA SER A 119 -23.02 -19.15 -2.25
C SER A 119 -23.34 -17.65 -2.17
N GLN A 120 -23.53 -17.00 -3.32
CA GLN A 120 -23.52 -15.53 -3.32
C GLN A 120 -24.77 -14.90 -2.78
N ALA A 121 -24.62 -13.65 -2.33
CA ALA A 121 -25.72 -12.85 -1.76
C ALA A 121 -26.43 -13.51 -0.59
N ALA A 122 -25.63 -14.04 0.35
CA ALA A 122 -26.12 -14.73 1.53
C ALA A 122 -25.39 -14.24 2.81
N PRO A 123 -25.49 -12.92 3.07
CA PRO A 123 -24.71 -12.31 4.12
C PRO A 123 -25.05 -12.83 5.52
N PHE A 124 -24.02 -12.89 6.35
CA PHE A 124 -24.09 -13.37 7.74
C PHE A 124 -23.45 -12.21 8.52
N ARG A 125 -24.27 -11.39 9.17
CA ARG A 125 -23.80 -10.13 9.76
C ARG A 125 -24.16 -10.06 11.25
N ARG A 126 -23.26 -9.50 12.06
CA ARG A 126 -23.60 -9.17 13.43
C ARG A 126 -24.12 -10.41 14.19
N MET A 127 -23.45 -11.53 13.97
CA MET A 127 -23.83 -12.80 14.57
C MET A 127 -22.83 -13.24 15.63
N HIS A 128 -23.36 -13.81 16.70
CA HIS A 128 -22.52 -14.47 17.71
C HIS A 128 -22.82 -15.99 17.69
N VAL A 129 -21.90 -16.76 17.13
CA VAL A 129 -22.03 -18.22 17.13
C VAL A 129 -21.25 -18.77 18.31
N LYS A 130 -21.96 -19.31 19.29
CA LYS A 130 -21.33 -19.92 20.45
C LYS A 130 -20.94 -21.38 20.15
N GLY A 131 -20.05 -21.52 19.17
CA GLY A 131 -19.58 -22.81 18.68
C GLY A 131 -18.99 -22.63 17.29
N GLY A 132 -18.82 -23.74 16.59
CA GLY A 132 -18.25 -23.71 15.25
C GLY A 132 -19.26 -23.31 14.17
N LEU A 133 -18.71 -23.02 13.01
CA LEU A 133 -19.51 -22.60 11.83
C LEU A 133 -19.04 -23.38 10.63
N ASN A 134 -19.94 -24.22 10.12
CA ASN A 134 -19.65 -25.10 8.98
C ASN A 134 -20.27 -24.43 7.73
N LEU A 135 -19.44 -24.12 6.74
CA LEU A 135 -19.88 -23.32 5.58
C LEU A 135 -20.17 -24.07 4.29
N ALA A 136 -20.00 -25.38 4.29
CA ALA A 136 -20.24 -26.18 3.09
C ALA A 136 -21.50 -27.06 3.32
N PRO A 137 -22.12 -27.56 2.24
CA PRO A 137 -23.30 -28.47 2.41
C PRO A 137 -22.97 -29.84 3.03
N ASP A 138 -23.90 -30.50 3.76
CA ASP A 138 -23.59 -31.80 4.36
C ASP A 138 -23.37 -32.72 3.14
N GLY A 139 -22.21 -33.36 3.10
CA GLY A 139 -21.85 -34.18 1.97
C GLY A 139 -20.69 -33.59 1.19
N TYR A 140 -20.37 -32.31 1.45
CA TYR A 140 -19.26 -31.63 0.79
C TYR A 140 -19.48 -31.26 -0.69
N GLY A 141 -20.59 -30.61 -1.01
CA GLY A 141 -20.76 -30.15 -2.38
C GLY A 141 -19.90 -28.92 -2.61
N TRP A 142 -19.44 -28.75 -3.83
CA TRP A 142 -19.19 -27.47 -4.44
C TRP A 142 -20.04 -26.36 -3.82
N ALA A 143 -19.42 -25.20 -3.61
CA ALA A 143 -20.10 -24.09 -2.93
C ALA A 143 -19.29 -22.85 -3.25
N SER A 144 -19.96 -21.72 -3.39
CA SER A 144 -19.33 -20.52 -3.95
C SER A 144 -19.78 -19.24 -3.24
N GLY A 145 -19.63 -19.24 -1.92
CA GLY A 145 -19.82 -18.07 -1.11
C GLY A 145 -18.70 -17.04 -1.20
N GLY A 146 -18.61 -16.11 -0.24
CA GLY A 146 -19.52 -15.97 0.86
C GLY A 146 -19.02 -14.78 1.65
N TYR A 147 -19.81 -14.35 2.65
CA TYR A 147 -19.57 -13.08 3.30
C TYR A 147 -19.99 -13.12 4.78
N ILE A 148 -19.01 -12.85 5.64
CA ILE A 148 -19.23 -12.66 7.07
C ILE A 148 -18.67 -11.30 7.49
N ALA A 149 -19.48 -10.53 8.22
CA ALA A 149 -19.01 -9.27 8.80
C ALA A 149 -19.52 -9.08 10.23
N ASP A 150 -18.69 -8.42 11.03
CA ASP A 150 -19.06 -7.98 12.35
C ASP A 150 -19.59 -9.10 13.23
N SER A 151 -18.98 -10.28 13.10
CA SER A 151 -19.44 -11.47 13.81
C SER A 151 -18.37 -12.08 14.68
N LYS A 152 -18.82 -12.73 15.75
CA LYS A 152 -17.93 -13.52 16.59
C LYS A 152 -18.34 -14.97 16.49
N ILE A 153 -17.42 -15.81 16.04
CA ILE A 153 -17.63 -17.24 16.06
C ILE A 153 -16.64 -17.74 17.12
N ASP A 154 -17.18 -18.17 18.28
CA ASP A 154 -16.31 -18.54 19.38
C ASP A 154 -15.32 -19.63 18.91
N GLY A 155 -15.70 -20.36 17.86
CA GLY A 155 -15.10 -21.62 17.53
C GLY A 155 -14.44 -21.58 16.17
N GLU A 156 -14.27 -22.77 15.58
CA GLU A 156 -13.67 -22.89 14.25
C GLU A 156 -14.69 -22.52 13.19
N VAL A 157 -14.29 -21.67 12.24
CA VAL A 157 -14.97 -21.60 10.97
C VAL A 157 -14.38 -22.63 10.04
N GLY A 158 -15.23 -23.56 9.56
CA GLY A 158 -14.82 -24.60 8.64
C GLY A 158 -15.39 -24.42 7.23
N PRO A 159 -14.57 -23.91 6.30
CA PRO A 159 -15.09 -23.70 4.95
C PRO A 159 -15.18 -25.03 4.19
N TYR A 160 -14.25 -25.94 4.45
CA TYR A 160 -14.20 -27.21 3.74
C TYR A 160 -14.27 -27.02 2.21
N SER A 161 -15.40 -27.32 1.56
CA SER A 161 -15.44 -27.26 0.11
C SER A 161 -15.56 -25.87 -0.50
N GLN A 162 -15.94 -24.86 0.29
CA GLN A 162 -16.14 -23.51 -0.25
C GLN A 162 -14.94 -23.03 -1.09
N GLN A 163 -15.22 -22.49 -2.28
CA GLN A 163 -14.12 -22.13 -3.16
C GLN A 163 -13.42 -20.84 -2.73
N GLN A 164 -14.20 -19.91 -2.21
CA GLN A 164 -13.64 -18.63 -1.76
C GLN A 164 -14.48 -18.09 -0.60
N TRP A 165 -14.02 -17.04 0.06
CA TRP A 165 -14.78 -16.46 1.17
C TRP A 165 -14.16 -15.13 1.56
N TYR A 166 -15.00 -14.20 2.02
CA TYR A 166 -14.52 -12.94 2.61
C TYR A 166 -15.06 -12.78 4.01
N THR A 167 -14.17 -12.52 4.97
CA THR A 167 -14.60 -12.16 6.32
C THR A 167 -14.01 -10.80 6.69
N ARG A 168 -14.82 -9.91 7.26
CA ARG A 168 -14.24 -8.66 7.81
C ARG A 168 -14.71 -8.34 9.20
N ASP A 169 -13.79 -7.70 9.96
CA ASP A 169 -14.13 -7.01 11.21
C ASP A 169 -14.92 -7.93 12.12
N SER A 170 -14.27 -9.04 12.46
CA SER A 170 -14.87 -10.17 13.16
C SER A 170 -13.84 -10.82 14.10
N SER A 171 -14.31 -11.85 14.80
CA SER A 171 -13.48 -12.66 15.68
C SER A 171 -13.78 -14.14 15.41
N VAL A 172 -12.74 -14.97 15.19
CA VAL A 172 -12.93 -16.40 14.97
C VAL A 172 -11.98 -17.22 15.85
N GLY A 173 -12.47 -18.32 16.39
CA GLY A 173 -11.67 -19.19 17.24
C GLY A 173 -10.70 -20.07 16.47
N GLY A 174 -11.13 -20.44 15.26
CA GLY A 174 -10.36 -21.30 14.37
C GLY A 174 -10.76 -21.03 12.91
N TRP A 175 -9.85 -21.32 11.98
CA TRP A 175 -10.15 -21.33 10.55
C TRP A 175 -9.57 -22.60 9.95
N GLY A 176 -10.41 -23.45 9.39
CA GLY A 176 -9.99 -24.79 9.04
C GLY A 176 -9.15 -24.99 7.78
N ASN A 177 -9.44 -24.21 6.75
CA ASN A 177 -8.78 -24.42 5.47
C ASN A 177 -9.03 -23.32 4.46
N GLY A 178 -8.17 -23.33 3.44
CA GLY A 178 -8.31 -22.51 2.27
C GLY A 178 -8.39 -23.39 1.03
N VAL A 179 -9.25 -23.00 0.10
CA VAL A 179 -9.43 -23.71 -1.16
C VAL A 179 -8.76 -22.90 -2.30
N TRP A 180 -9.38 -21.83 -2.76
CA TRP A 180 -8.77 -20.92 -3.73
C TRP A 180 -8.49 -19.51 -3.21
N ASN A 181 -9.44 -18.92 -2.48
CA ASN A 181 -9.25 -17.52 -2.09
C ASN A 181 -10.04 -17.17 -0.85
N MET A 182 -9.39 -17.31 0.29
CA MET A 182 -9.98 -16.88 1.56
C MET A 182 -9.29 -15.57 1.96
N THR A 183 -10.09 -14.51 2.02
CA THR A 183 -9.57 -13.18 2.33
C THR A 183 -10.18 -12.69 3.66
N PHE A 184 -9.35 -12.03 4.46
CA PHE A 184 -9.73 -11.53 5.76
C PHE A 184 -9.23 -10.10 5.90
N SER A 185 -10.06 -9.22 6.44
CA SER A 185 -9.58 -7.91 6.85
C SER A 185 -10.15 -7.57 8.22
N GLY A 186 -9.29 -7.21 9.15
CA GLY A 186 -9.74 -6.91 10.50
C GLY A 186 -10.33 -8.08 11.27
N VAL A 187 -9.84 -9.28 11.01
CA VAL A 187 -10.37 -10.46 11.67
C VAL A 187 -9.44 -10.98 12.74
N GLU A 188 -9.85 -10.77 13.98
CA GLU A 188 -9.19 -11.39 15.14
C GLU A 188 -9.25 -12.90 15.03
N GLY A 189 -8.10 -13.58 15.02
CA GLY A 189 -8.07 -15.03 14.85
C GLY A 189 -7.91 -15.44 13.39
N ALA A 190 -7.80 -14.46 12.51
CA ALA A 190 -7.53 -14.79 11.12
C ALA A 190 -6.26 -15.64 11.01
N PRO A 191 -6.29 -16.66 10.15
CA PRO A 191 -5.03 -17.38 9.92
C PRO A 191 -3.99 -16.49 9.19
N ALA A 192 -2.69 -16.76 9.40
CA ALA A 192 -1.63 -15.90 8.89
C ALA A 192 -1.71 -15.79 7.36
N GLN A 193 -1.46 -14.59 6.85
CA GLN A 193 -1.29 -14.36 5.41
C GLN A 193 -0.32 -15.40 4.94
N SER A 194 -0.74 -16.13 3.91
CA SER A 194 -0.11 -17.37 3.48
C SER A 194 -0.02 -17.48 1.98
N PHE A 195 -0.77 -16.62 1.29
CA PHE A 195 -0.86 -16.70 -0.15
C PHE A 195 0.58 -16.73 -0.62
N PRO A 196 0.95 -17.76 -1.37
CA PRO A 196 0.18 -18.77 -2.10
C PRO A 196 -0.43 -20.00 -1.37
N GLU A 197 -0.14 -20.19 -0.10
CA GLU A 197 -0.15 -21.54 0.36
C GLU A 197 -0.15 -21.73 1.86
N PRO A 198 -1.32 -21.93 2.46
CA PRO A 198 -2.71 -21.93 1.98
C PRO A 198 -3.05 -20.59 1.32
N PRO A 199 -4.16 -20.53 0.57
CA PRO A 199 -4.54 -19.30 -0.15
C PRO A 199 -5.24 -18.25 0.75
N TYR A 200 -4.50 -17.78 1.75
CA TYR A 200 -4.98 -16.83 2.74
C TYR A 200 -4.40 -15.45 2.53
N THR A 201 -5.29 -14.52 2.21
CA THR A 201 -4.96 -13.09 2.11
C THR A 201 -5.49 -12.44 3.38
N THR A 202 -4.58 -11.97 4.23
CA THR A 202 -4.92 -11.54 5.58
C THR A 202 -4.45 -10.11 5.80
N LEU A 203 -5.40 -9.21 6.01
CA LEU A 203 -5.11 -7.81 6.29
C LEU A 203 -5.48 -7.50 7.74
N GLU A 204 -4.56 -6.78 8.39
CA GLU A 204 -4.68 -6.52 9.83
C GLU A 204 -5.94 -5.75 10.15
N THR A 205 -6.26 -4.76 9.32
CA THR A 205 -7.43 -3.92 9.55
C THR A 205 -8.20 -3.71 8.26
N THR A 206 -9.48 -3.40 8.39
CA THR A 206 -10.26 -2.90 7.27
C THR A 206 -10.05 -1.41 7.25
N PRO A 207 -9.75 -0.84 6.07
CA PRO A 207 -9.44 0.60 5.96
C PRO A 207 -10.51 1.50 6.54
N VAL A 208 -11.73 1.31 6.04
CA VAL A 208 -12.92 1.91 6.66
C VAL A 208 -14.07 0.94 6.49
N SER A 209 -14.96 0.91 7.49
CA SER A 209 -16.19 0.15 7.38
C SER A 209 -17.28 0.84 8.20
N ARG A 210 -18.52 0.58 7.85
CA ARG A 210 -19.64 1.15 8.56
C ARG A 210 -20.70 0.06 8.59
N GLU A 211 -20.95 -0.51 9.76
CA GLU A 211 -21.89 -1.66 9.80
C GLU A 211 -23.30 -1.28 9.32
N LYS A 212 -23.98 -2.25 8.72
CA LYS A 212 -25.28 -2.03 8.07
C LYS A 212 -26.38 -1.74 9.10
N PRO A 213 -27.21 -0.73 8.84
CA PRO A 213 -28.36 -0.50 9.73
C PRO A 213 -29.30 -1.72 9.88
N PHE A 214 -30.06 -1.73 10.95
CA PHE A 214 -31.01 -2.82 11.24
C PHE A 214 -32.10 -2.32 12.17
N LEU A 215 -33.21 -3.03 12.20
CA LEU A 215 -34.29 -2.70 13.10
C LEU A 215 -33.98 -3.39 14.44
N TYR A 216 -34.12 -2.65 15.54
CA TYR A 216 -34.17 -3.22 16.90
C TYR A 216 -35.31 -2.58 17.69
N LEU A 217 -35.89 -3.35 18.62
CA LEU A 217 -36.86 -2.86 19.61
C LEU A 217 -36.19 -2.14 20.82
N ASP A 218 -36.77 -1.00 21.17
CA ASP A 218 -36.42 -0.18 22.34
C ASP A 218 -37.74 -0.14 23.10
N GLY A 219 -37.89 -1.03 24.08
CA GLY A 219 -39.04 -1.04 24.96
C GLY A 219 -40.19 -1.68 24.21
N ASP A 220 -41.13 -0.86 23.81
CA ASP A 220 -42.18 -1.30 22.92
C ASP A 220 -41.94 -0.75 21.52
N ASP A 221 -40.94 0.13 21.39
CA ASP A 221 -40.81 0.97 20.20
C ASP A 221 -39.76 0.48 19.20
N TYR A 222 -40.19 0.42 17.94
CA TYR A 222 -39.32 0.14 16.81
C TYR A 222 -38.47 1.35 16.39
N LYS A 223 -37.16 1.08 16.28
CA LYS A 223 -36.21 2.03 15.79
C LYS A 223 -35.26 1.34 14.84
N VAL A 224 -34.42 2.15 14.17
CA VAL A 224 -33.39 1.60 13.31
C VAL A 224 -32.07 2.14 13.85
N PHE A 225 -31.19 1.24 14.23
CA PHE A 225 -29.85 1.66 14.62
C PHE A 225 -28.99 1.89 13.38
N VAL A 226 -28.25 3.02 13.40
CA VAL A 226 -27.39 3.43 12.31
C VAL A 226 -25.96 3.53 12.87
N PRO A 227 -25.18 2.44 12.76
CA PRO A 227 -23.77 2.46 13.21
C PRO A 227 -22.91 3.60 12.67
N ALA A 228 -22.06 4.16 13.54
CA ALA A 228 -21.04 5.12 13.13
C ALA A 228 -19.84 4.38 12.58
N LYS A 229 -19.15 4.93 11.58
CA LYS A 229 -18.09 4.15 10.96
C LYS A 229 -16.80 4.04 11.79
N ARG A 230 -15.92 3.18 11.28
CA ARG A 230 -14.74 2.70 11.98
C ARG A 230 -13.51 2.80 11.07
N THR A 231 -12.46 3.56 11.45
CA THR A 231 -11.18 3.54 10.71
C THR A 231 -10.19 2.50 11.31
N ASN A 232 -9.28 1.96 10.47
CA ASN A 232 -8.37 0.90 10.91
C ASN A 232 -9.10 -0.22 11.62
N ALA A 233 -10.14 -0.78 11.00
CA ALA A 233 -11.08 -1.62 11.74
C ALA A 233 -10.65 -3.07 11.96
N ARG A 234 -10.84 -3.49 13.21
CA ARG A 234 -10.47 -4.81 13.64
C ARG A 234 -11.43 -5.33 14.72
N GLY A 235 -11.83 -6.58 14.57
CA GLY A 235 -12.81 -7.17 15.46
C GLY A 235 -14.21 -6.60 15.36
N THR A 236 -15.09 -7.08 16.24
CA THR A 236 -16.49 -6.71 16.15
C THR A 236 -16.73 -5.31 16.68
N SER A 237 -17.79 -4.71 16.16
CA SER A 237 -18.18 -3.39 16.57
C SER A 237 -18.75 -3.41 17.98
N TRP A 238 -19.41 -4.53 18.33
CA TRP A 238 -20.35 -4.64 19.44
C TRP A 238 -19.64 -5.42 20.53
N GLY A 239 -18.65 -6.19 20.06
CA GLY A 239 -17.29 -6.15 20.55
C GLY A 239 -17.30 -6.74 21.87
N ASN A 240 -16.21 -6.48 22.60
CA ASN A 240 -16.34 -6.07 23.98
C ASN A 240 -16.83 -4.57 23.94
N GLY A 241 -17.71 -4.18 23.04
CA GLY A 241 -18.11 -2.79 23.17
C GLY A 241 -19.31 -2.14 22.54
N THR A 242 -19.48 -0.88 22.94
CA THR A 242 -20.56 -0.08 22.39
C THR A 242 -19.94 0.94 21.45
N PRO A 243 -20.31 0.82 20.17
CA PRO A 243 -20.05 1.70 19.07
C PRO A 243 -21.11 2.75 19.04
N GLU A 244 -20.75 3.97 18.68
CA GLU A 244 -21.75 4.98 18.64
C GLU A 244 -22.55 4.71 17.37
N GLY A 245 -23.44 5.64 17.11
CA GLY A 245 -24.39 5.55 16.04
C GLY A 245 -25.53 6.37 16.57
N GLU A 246 -26.65 6.32 15.86
CA GLU A 246 -27.88 7.04 16.20
C GLU A 246 -28.96 5.99 16.15
N SER A 247 -30.19 6.35 16.50
CA SER A 247 -31.26 5.34 16.55
C SER A 247 -32.66 5.90 16.18
N LEU A 248 -33.17 5.53 14.99
CA LEU A 248 -34.23 6.26 14.24
C LEU A 248 -35.64 5.72 14.47
N PRO A 249 -36.48 6.47 15.21
CA PRO A 249 -37.86 6.02 15.37
C PRO A 249 -38.46 5.56 14.03
N LEU A 250 -39.22 4.49 14.07
CA LEU A 250 -39.83 3.96 12.86
C LEU A 250 -40.71 5.02 12.21
N ASP A 251 -41.20 5.92 13.05
CA ASP A 251 -42.11 6.89 12.52
C ASP A 251 -41.38 7.96 11.68
N GLN A 252 -40.04 7.92 11.65
CA GLN A 252 -39.25 8.74 10.72
C GLN A 252 -38.92 8.00 9.38
N PHE A 253 -39.46 6.79 9.21
CA PHE A 253 -39.26 6.00 7.98
C PHE A 253 -40.57 5.93 7.23
N TYR A 254 -40.54 6.04 5.90
CA TYR A 254 -41.73 5.70 5.12
C TYR A 254 -41.68 4.21 4.77
N VAL A 255 -42.83 3.51 4.84
CA VAL A 255 -42.81 2.06 4.74
C VAL A 255 -43.45 1.63 3.45
N VAL A 256 -42.61 1.04 2.62
CA VAL A 256 -42.91 0.83 1.25
C VAL A 256 -43.48 -0.56 1.15
N LYS A 257 -44.79 -0.58 0.99
CA LYS A 257 -45.53 -1.80 0.70
C LYS A 257 -45.94 -1.92 -0.77
N PRO A 258 -46.21 -3.17 -1.22
CA PRO A 258 -47.24 -3.56 -2.20
C PRO A 258 -47.84 -2.59 -3.14
N GLY A 259 -47.02 -2.00 -4.01
CA GLY A 259 -47.57 -1.22 -5.08
C GLY A 259 -47.46 0.27 -4.82
N ALA A 260 -46.71 0.65 -3.78
CA ALA A 260 -46.27 2.02 -3.63
C ALA A 260 -45.61 2.50 -4.94
N THR A 261 -45.85 3.75 -5.32
CA THR A 261 -45.39 4.19 -6.64
C THR A 261 -44.03 4.89 -6.55
N ALA A 262 -43.24 4.71 -7.60
CA ALA A 262 -41.99 5.47 -7.78
C ALA A 262 -42.14 6.85 -7.20
N GLU A 263 -43.17 7.57 -7.62
CA GLU A 263 -43.34 8.95 -7.15
C GLU A 263 -43.78 9.17 -5.69
N THR A 264 -44.53 8.24 -5.11
CA THR A 264 -44.78 8.32 -3.67
C THR A 264 -43.50 8.14 -2.82
N ILE A 265 -42.71 7.11 -3.11
CA ILE A 265 -41.42 6.91 -2.45
C ILE A 265 -40.53 8.14 -2.58
N ASN A 266 -40.54 8.78 -3.75
CA ASN A 266 -39.66 9.95 -4.00
C ASN A 266 -39.91 11.18 -3.12
N ALA A 267 -41.18 11.52 -2.95
CA ALA A 267 -41.57 12.64 -2.09
C ALA A 267 -41.33 12.31 -0.63
N ALA A 268 -41.43 11.03 -0.27
CA ALA A 268 -41.13 10.64 1.11
C ALA A 268 -39.75 11.18 1.51
N VAL A 269 -38.76 11.03 0.62
CA VAL A 269 -37.41 11.49 0.93
C VAL A 269 -37.37 13.03 0.96
N ASP A 270 -38.10 13.67 0.05
CA ASP A 270 -38.19 15.14 0.06
C ASP A 270 -38.88 15.68 1.33
N GLN A 271 -39.81 14.91 1.91
CA GLN A 271 -40.41 15.26 3.21
C GLN A 271 -39.54 14.81 4.41
N GLY A 272 -38.31 14.36 4.16
CA GLY A 272 -37.39 14.00 5.23
C GLY A 272 -37.60 12.64 5.87
N LEU A 273 -38.31 11.76 5.16
CA LEU A 273 -38.53 10.39 5.62
C LEU A 273 -37.54 9.43 5.00
N HIS A 274 -36.95 8.60 5.85
CA HIS A 274 -36.10 7.49 5.44
C HIS A 274 -36.98 6.43 4.75
N LEU A 275 -36.37 5.40 4.18
CA LEU A 275 -37.13 4.35 3.49
C LEU A 275 -36.94 2.98 4.11
N LEU A 276 -38.05 2.29 4.37
CA LEU A 276 -38.00 0.91 4.82
C LEU A 276 -38.82 0.09 3.85
N PHE A 277 -38.13 -0.72 3.07
CA PHE A 277 -38.80 -1.56 2.09
C PHE A 277 -39.16 -2.88 2.73
N THR A 278 -40.45 -3.07 2.95
CA THR A 278 -40.95 -4.33 3.46
C THR A 278 -40.80 -5.41 2.40
N PRO A 279 -40.90 -6.68 2.81
CA PRO A 279 -40.59 -7.70 1.82
C PRO A 279 -41.63 -7.80 0.72
N GLY A 280 -41.14 -7.60 -0.50
CA GLY A 280 -41.98 -7.65 -1.68
C GLY A 280 -41.20 -7.25 -2.92
N VAL A 281 -41.94 -6.99 -3.99
CA VAL A 281 -41.37 -6.62 -5.28
C VAL A 281 -42.03 -5.32 -5.73
N TYR A 282 -41.18 -4.35 -6.04
CA TYR A 282 -41.57 -2.99 -6.35
C TYR A 282 -41.22 -2.67 -7.80
N HIS A 283 -42.24 -2.73 -8.66
CA HIS A 283 -42.08 -2.47 -10.10
C HIS A 283 -42.25 -0.96 -10.27
N VAL A 284 -41.18 -0.25 -10.67
CA VAL A 284 -41.20 1.20 -10.73
C VAL A 284 -41.08 1.79 -12.16
N ASP A 285 -41.62 3.00 -12.33
CA ASP A 285 -41.74 3.63 -13.66
C ASP A 285 -40.84 4.83 -13.88
N GLN A 286 -40.17 5.26 -12.82
CA GLN A 286 -39.13 6.29 -12.87
C GLN A 286 -38.16 5.83 -11.83
N PRO A 287 -36.94 6.38 -11.83
CA PRO A 287 -36.00 6.03 -10.75
C PRO A 287 -36.53 6.32 -9.37
N ILE A 288 -36.17 5.47 -8.43
CA ILE A 288 -36.26 5.79 -7.02
C ILE A 288 -35.04 6.63 -6.79
N GLU A 289 -35.25 7.76 -6.14
CA GLU A 289 -34.25 8.78 -6.09
C GLU A 289 -34.03 9.25 -4.66
N ILE A 290 -32.77 9.21 -4.24
CA ILE A 290 -32.40 9.61 -2.90
C ILE A 290 -31.42 10.76 -3.04
N ASP A 291 -31.94 11.98 -2.88
CA ASP A 291 -31.10 13.18 -2.95
C ASP A 291 -31.23 13.94 -1.63
N ARG A 292 -31.24 13.18 -0.53
CA ARG A 292 -31.15 13.73 0.82
C ARG A 292 -30.03 13.12 1.63
N ALA A 293 -29.15 14.00 2.10
CA ALA A 293 -28.06 13.59 2.93
C ALA A 293 -28.56 12.70 4.06
N ASN A 294 -27.82 11.63 4.31
CA ASN A 294 -28.01 10.75 5.45
C ASN A 294 -29.26 9.82 5.44
N THR A 295 -29.98 9.85 4.33
CA THR A 295 -31.14 8.98 4.13
C THR A 295 -30.74 7.52 4.20
N VAL A 296 -31.51 6.74 4.97
CA VAL A 296 -31.36 5.31 4.98
C VAL A 296 -32.45 4.71 4.11
N ALA A 297 -32.04 3.81 3.22
CA ALA A 297 -32.98 3.02 2.42
C ALA A 297 -32.66 1.57 2.74
N LEU A 298 -33.44 1.00 3.63
CA LEU A 298 -33.19 -0.33 4.21
C LEU A 298 -34.25 -1.30 3.71
N GLY A 299 -33.79 -2.45 3.22
CA GLY A 299 -34.70 -3.49 2.75
C GLY A 299 -34.81 -4.57 3.80
N LEU A 300 -35.93 -5.29 3.77
CA LEU A 300 -36.12 -6.47 4.59
C LEU A 300 -36.56 -7.61 3.65
N GLY A 301 -36.15 -8.82 3.98
CA GLY A 301 -36.57 -10.02 3.26
C GLY A 301 -36.35 -9.98 1.76
N LEU A 302 -35.21 -9.41 1.35
CA LEU A 302 -34.79 -9.38 -0.05
C LEU A 302 -35.78 -8.60 -0.94
N ALA A 303 -36.38 -7.58 -0.34
CA ALA A 303 -37.10 -6.56 -1.07
C ALA A 303 -36.38 -6.25 -2.38
N THR A 304 -37.17 -6.23 -3.44
CA THR A 304 -36.69 -6.18 -4.79
C THR A 304 -37.33 -5.03 -5.54
N ILE A 305 -36.51 -4.34 -6.33
CA ILE A 305 -36.97 -3.26 -7.20
C ILE A 305 -36.73 -3.70 -8.65
N ILE A 306 -37.79 -3.66 -9.47
CA ILE A 306 -37.67 -3.87 -10.92
C ILE A 306 -38.01 -2.57 -11.64
N PRO A 307 -37.06 -2.02 -12.42
CA PRO A 307 -37.39 -0.81 -13.17
C PRO A 307 -38.12 -1.16 -14.44
N ASP A 308 -39.27 -0.53 -14.64
CA ASP A 308 -39.98 -0.62 -15.92
C ASP A 308 -39.37 0.32 -16.97
N ASN A 309 -39.76 0.12 -18.22
CA ASN A 309 -39.49 1.12 -19.27
C ASN A 309 -38.03 1.55 -19.47
N GLY A 310 -37.09 0.64 -19.22
CA GLY A 310 -35.68 0.93 -19.33
C GLY A 310 -35.19 2.05 -18.43
N VAL A 311 -35.96 2.38 -17.38
CA VAL A 311 -35.51 3.41 -16.47
C VAL A 311 -34.42 2.88 -15.52
N THR A 312 -33.68 3.79 -14.94
CA THR A 312 -32.77 3.47 -13.87
C THR A 312 -33.59 3.17 -12.60
N ALA A 313 -33.18 2.16 -11.84
CA ALA A 313 -33.94 1.74 -10.65
C ALA A 313 -33.74 2.68 -9.47
N LEU A 314 -32.47 3.02 -9.23
CA LEU A 314 -32.09 3.79 -8.06
C LEU A 314 -30.99 4.77 -8.39
N LYS A 315 -31.26 6.03 -8.11
CA LYS A 315 -30.28 7.12 -8.32
C LYS A 315 -30.05 7.87 -7.02
N VAL A 316 -28.83 7.78 -6.50
CA VAL A 316 -28.45 8.52 -5.29
C VAL A 316 -27.77 9.80 -5.74
N GLY A 317 -28.20 10.92 -5.17
CA GLY A 317 -27.65 12.20 -5.55
C GLY A 317 -26.26 12.45 -4.98
N ASP A 318 -25.80 13.69 -5.13
CA ASP A 318 -24.43 14.03 -4.84
C ASP A 318 -24.23 14.46 -3.37
N VAL A 319 -24.79 13.63 -2.48
CA VAL A 319 -24.90 13.96 -1.05
C VAL A 319 -24.17 12.96 -0.10
N ASP A 320 -23.79 13.47 1.07
CA ASP A 320 -23.18 12.65 2.14
C ASP A 320 -24.16 11.63 2.72
N GLY A 321 -23.60 10.50 3.19
CA GLY A 321 -24.25 9.76 4.26
C GLY A 321 -25.38 8.86 3.92
N VAL A 322 -25.66 8.67 2.64
CA VAL A 322 -26.77 7.77 2.28
C VAL A 322 -26.35 6.32 2.56
N LYS A 323 -27.29 5.53 3.11
CA LYS A 323 -27.02 4.16 3.54
C LYS A 323 -28.08 3.32 2.88
N VAL A 324 -27.75 2.72 1.75
CA VAL A 324 -28.69 1.80 1.10
C VAL A 324 -28.26 0.37 1.46
N ALA A 325 -29.23 -0.45 1.84
CA ALA A 325 -28.88 -1.77 2.36
C ALA A 325 -29.99 -2.79 2.14
N GLY A 326 -29.61 -3.99 1.70
CA GLY A 326 -30.52 -5.10 1.64
C GLY A 326 -31.59 -5.08 0.58
N LEU A 327 -31.16 -4.69 -0.62
CA LEU A 327 -32.05 -4.59 -1.77
C LEU A 327 -31.53 -5.42 -2.93
N LEU A 328 -32.44 -6.10 -3.60
CA LEU A 328 -32.18 -6.74 -4.88
C LEU A 328 -32.75 -5.84 -5.97
N VAL A 329 -31.97 -5.55 -7.01
CA VAL A 329 -32.46 -4.82 -8.17
C VAL A 329 -32.41 -5.80 -9.34
N ASP A 330 -33.57 -6.07 -9.92
CA ASP A 330 -33.79 -7.10 -10.93
C ASP A 330 -34.14 -6.43 -12.26
N ALA A 331 -33.27 -6.54 -13.25
CA ALA A 331 -33.50 -5.86 -14.51
C ALA A 331 -34.81 -6.28 -15.17
N GLY A 332 -35.41 -5.31 -15.85
CA GLY A 332 -36.62 -5.56 -16.60
C GLY A 332 -36.26 -5.95 -18.03
N PRO A 333 -37.22 -6.52 -18.75
CA PRO A 333 -36.91 -6.91 -20.14
C PRO A 333 -36.60 -5.71 -21.05
N VAL A 334 -36.89 -4.49 -20.63
CA VAL A 334 -36.58 -3.30 -21.43
C VAL A 334 -35.23 -2.71 -21.01
N ASN A 335 -34.23 -2.78 -21.89
CA ASN A 335 -32.87 -2.48 -21.48
C ASN A 335 -32.72 -1.16 -20.71
N SER A 336 -32.27 -1.25 -19.47
CA SER A 336 -31.97 -0.07 -18.68
C SER A 336 -30.53 0.33 -18.93
N GLU A 337 -30.38 1.58 -19.27
CA GLU A 337 -29.07 2.09 -19.58
C GLU A 337 -28.13 1.99 -18.34
N THR A 338 -28.70 2.25 -17.17
CA THR A 338 -28.04 1.93 -15.89
C THR A 338 -29.09 1.41 -14.91
N LEU A 339 -28.68 0.59 -13.93
CA LEU A 339 -29.62 0.13 -12.91
C LEU A 339 -29.52 0.90 -11.56
N VAL A 340 -28.29 1.22 -11.15
CA VAL A 340 -28.03 1.95 -9.91
C VAL A 340 -26.99 3.00 -10.17
N GLU A 341 -27.33 4.27 -9.89
CA GLU A 341 -26.31 5.37 -9.91
C GLU A 341 -26.05 5.91 -8.52
N VAL A 342 -24.77 6.06 -8.18
CA VAL A 342 -24.37 6.73 -6.95
C VAL A 342 -23.62 7.98 -7.34
N GLY A 343 -24.33 9.11 -7.26
CA GLY A 343 -23.80 10.38 -7.70
C GLY A 343 -24.02 10.55 -9.18
N SER A 344 -24.01 11.78 -9.65
CA SER A 344 -24.12 12.08 -11.09
C SER A 344 -22.74 11.91 -11.79
N ASP A 345 -22.68 11.80 -13.12
CA ASP A 345 -21.34 11.72 -13.75
C ASP A 345 -20.63 13.06 -13.57
N GLY A 346 -19.31 13.01 -13.42
CA GLY A 346 -18.47 14.19 -13.29
C GLY A 346 -18.14 14.62 -11.86
N ALA A 347 -19.19 14.66 -11.03
CA ALA A 347 -19.14 15.19 -9.64
C ALA A 347 -17.84 14.91 -8.88
N SER A 348 -17.18 15.97 -8.40
CA SER A 348 -15.86 15.87 -7.78
C SER A 348 -15.82 16.34 -6.32
N GLY A 349 -16.97 16.50 -5.69
CA GLY A 349 -16.99 16.76 -4.27
C GLY A 349 -16.56 15.56 -3.43
N ASP A 350 -16.15 15.80 -2.18
CA ASP A 350 -15.86 14.71 -1.26
C ASP A 350 -17.05 14.32 -0.40
N HIS A 351 -16.93 13.14 0.21
CA HIS A 351 -17.83 12.68 1.22
C HIS A 351 -17.00 11.87 2.23
N ALA A 352 -15.84 12.41 2.64
CA ALA A 352 -14.82 11.64 3.38
C ALA A 352 -15.19 11.30 4.82
N ALA A 353 -15.73 12.27 5.55
CA ALA A 353 -16.06 11.95 6.94
C ALA A 353 -17.34 11.13 7.03
N ASN A 354 -18.28 11.40 6.12
CA ASN A 354 -19.60 10.74 6.12
C ASN A 354 -19.99 10.24 4.70
N PRO A 355 -19.33 9.16 4.26
CA PRO A 355 -19.57 8.61 2.92
C PRO A 355 -20.95 8.02 2.73
N THR A 356 -21.34 7.90 1.47
CA THR A 356 -22.48 7.08 1.07
C THR A 356 -22.02 5.62 0.93
N SER A 357 -22.91 4.67 1.25
CA SER A 357 -22.57 3.26 1.18
C SER A 357 -23.68 2.44 0.52
N LEU A 358 -23.25 1.39 -0.19
CA LEU A 358 -24.15 0.33 -0.65
C LEU A 358 -23.76 -0.94 0.09
N GLN A 359 -24.71 -1.55 0.79
CA GLN A 359 -24.44 -2.80 1.51
C GLN A 359 -25.50 -3.86 1.21
N ASP A 360 -25.05 -5.06 0.92
CA ASP A 360 -26.00 -6.11 0.55
C ASP A 360 -26.95 -5.58 -0.50
N VAL A 361 -26.37 -4.99 -1.53
CA VAL A 361 -27.10 -4.55 -2.70
C VAL A 361 -26.77 -5.55 -3.79
N PHE A 362 -27.78 -6.22 -4.30
CA PHE A 362 -27.57 -7.27 -5.27
C PHE A 362 -28.27 -6.84 -6.56
N VAL A 363 -27.69 -7.23 -7.68
CA VAL A 363 -28.27 -6.96 -8.97
C VAL A 363 -28.34 -8.25 -9.76
N ARG A 364 -29.49 -8.47 -10.41
CA ARG A 364 -29.70 -9.61 -11.30
C ARG A 364 -30.15 -9.13 -12.69
N ILE A 365 -29.58 -9.75 -13.72
CA ILE A 365 -30.00 -9.48 -15.10
C ILE A 365 -30.40 -10.82 -15.74
N GLY A 366 -31.71 -11.01 -15.90
CA GLY A 366 -32.27 -12.25 -16.40
C GLY A 366 -32.40 -13.32 -15.33
N GLY A 367 -32.88 -14.52 -15.72
CA GLY A 367 -32.97 -15.66 -14.81
C GLY A 367 -34.41 -15.95 -14.40
N ALA A 368 -35.14 -14.86 -14.21
CA ALA A 368 -36.57 -14.86 -13.91
C ALA A 368 -37.35 -14.21 -15.09
N GLY A 369 -36.93 -14.61 -16.28
CA GLY A 369 -37.40 -13.99 -17.51
C GLY A 369 -36.29 -13.13 -18.13
N PRO A 370 -36.44 -12.80 -19.44
CA PRO A 370 -35.52 -11.86 -20.08
C PRO A 370 -35.35 -10.60 -19.26
N GLY A 371 -34.10 -10.19 -19.00
CA GLY A 371 -33.81 -8.88 -18.44
C GLY A 371 -32.56 -8.33 -19.12
N LYS A 372 -32.42 -7.01 -19.20
CA LYS A 372 -31.28 -6.39 -19.90
C LYS A 372 -30.87 -5.05 -19.25
N ALA A 373 -29.57 -4.82 -19.15
CA ALA A 373 -29.08 -3.50 -18.72
C ALA A 373 -27.68 -3.27 -19.26
N THR A 374 -27.36 -2.03 -19.66
CA THR A 374 -26.04 -1.75 -20.24
C THR A 374 -24.91 -1.72 -19.22
N THR A 375 -25.09 -0.92 -18.16
CA THR A 375 -24.24 -0.96 -16.98
C THR A 375 -25.12 -1.18 -15.75
N SER A 376 -24.69 -2.03 -14.82
CA SER A 376 -25.51 -2.29 -13.66
C SER A 376 -25.37 -1.25 -12.53
N ILE A 377 -24.13 -1.01 -12.09
CA ILE A 377 -23.87 -0.03 -11.05
C ILE A 377 -22.78 0.91 -11.49
N VAL A 378 -23.12 2.21 -11.49
CA VAL A 378 -22.12 3.22 -11.73
C VAL A 378 -21.91 4.01 -10.48
N VAL A 379 -20.64 4.15 -10.10
CA VAL A 379 -20.30 4.82 -8.85
C VAL A 379 -19.47 6.06 -9.13
N ASN A 380 -20.18 7.18 -9.12
CA ASN A 380 -19.58 8.48 -9.37
C ASN A 380 -19.12 9.20 -8.10
N SER A 381 -19.84 9.05 -7.00
CA SER A 381 -19.47 9.82 -5.78
C SER A 381 -18.15 9.40 -5.14
N ASN A 382 -17.30 10.39 -4.86
CA ASN A 382 -16.08 10.11 -4.16
C ASN A 382 -16.35 9.52 -2.76
N ASP A 383 -15.44 8.68 -2.34
CA ASP A 383 -15.37 8.13 -0.98
C ASP A 383 -16.45 7.07 -0.67
N THR A 384 -17.21 6.68 -1.68
CA THR A 384 -18.28 5.69 -1.51
C THR A 384 -17.73 4.34 -1.01
N ILE A 385 -18.50 3.68 -0.14
CA ILE A 385 -18.15 2.37 0.36
C ILE A 385 -19.12 1.37 -0.28
N ILE A 386 -18.56 0.31 -0.87
CA ILE A 386 -19.36 -0.75 -1.49
C ILE A 386 -19.02 -1.99 -0.66
N ASP A 387 -19.87 -2.31 0.31
CA ASP A 387 -19.57 -3.35 1.30
C ASP A 387 -20.59 -4.51 1.16
N HIS A 388 -20.15 -5.49 0.38
CA HIS A 388 -20.95 -6.62 -0.10
C HIS A 388 -21.92 -6.29 -1.21
N THR A 389 -21.54 -6.67 -2.42
CA THR A 389 -22.46 -6.61 -3.55
C THR A 389 -22.25 -7.87 -4.42
N TRP A 390 -23.35 -8.34 -5.03
CA TRP A 390 -23.31 -9.39 -6.04
C TRP A 390 -24.04 -8.79 -7.24
N VAL A 391 -23.31 -8.61 -8.32
CA VAL A 391 -23.85 -8.06 -9.57
C VAL A 391 -23.72 -9.20 -10.60
N TRP A 392 -24.87 -9.75 -10.99
CA TRP A 392 -24.94 -11.06 -11.64
C TRP A 392 -25.80 -11.05 -12.89
N ARG A 393 -25.16 -11.25 -14.03
CA ARG A 393 -25.90 -11.53 -15.24
C ARG A 393 -26.21 -13.04 -15.16
N ALA A 394 -27.48 -13.40 -15.27
CA ALA A 394 -27.88 -14.79 -15.08
C ALA A 394 -27.28 -15.78 -16.09
N ASP A 395 -26.87 -16.94 -15.57
CA ASP A 395 -26.31 -18.01 -16.39
C ASP A 395 -27.30 -19.19 -16.43
N HIS A 396 -28.37 -19.08 -15.66
CA HIS A 396 -29.35 -20.14 -15.52
C HIS A 396 -30.69 -19.52 -15.17
N GLY A 397 -31.75 -20.23 -15.49
CA GLY A 397 -33.10 -19.78 -15.24
C GLY A 397 -33.70 -19.52 -16.59
N GLU A 398 -34.83 -18.83 -16.62
CA GLU A 398 -35.48 -18.54 -17.86
C GLU A 398 -35.16 -17.11 -18.21
N GLY A 399 -34.95 -16.86 -19.51
CA GLY A 399 -34.75 -15.52 -20.02
C GLY A 399 -33.29 -15.23 -20.24
N VAL A 400 -32.54 -16.30 -20.46
CA VAL A 400 -31.10 -16.23 -20.61
C VAL A 400 -30.69 -16.40 -22.08
N GLY A 401 -29.68 -15.64 -22.50
CA GLY A 401 -29.14 -15.78 -23.83
C GLY A 401 -28.07 -14.74 -24.02
N TRP A 402 -27.04 -15.08 -24.81
CA TRP A 402 -25.99 -14.10 -25.13
C TRP A 402 -26.62 -12.77 -25.60
N GLU A 403 -27.75 -12.87 -26.31
CA GLU A 403 -28.59 -11.69 -26.61
C GLU A 403 -29.76 -11.47 -25.64
N THR A 404 -30.44 -12.53 -25.27
CA THR A 404 -31.63 -12.40 -24.44
C THR A 404 -31.43 -11.55 -23.20
N ASN A 405 -30.39 -11.88 -22.42
CA ASN A 405 -30.07 -11.10 -21.23
C ASN A 405 -28.68 -10.49 -21.32
N ARG A 406 -28.39 -9.93 -22.49
CA ARG A 406 -27.16 -9.18 -22.66
C ARG A 406 -27.04 -8.08 -21.60
N ALA A 407 -25.86 -7.97 -21.02
CA ALA A 407 -25.53 -6.90 -20.08
C ALA A 407 -24.04 -6.67 -20.22
N ASP A 408 -23.66 -5.52 -20.76
CA ASP A 408 -22.26 -5.36 -21.18
C ASP A 408 -21.32 -5.15 -20.00
N TYR A 409 -21.72 -4.29 -19.06
CA TYR A 409 -20.84 -3.87 -17.97
C TYR A 409 -21.48 -4.06 -16.60
N GLY A 410 -20.68 -4.57 -15.67
CA GLY A 410 -21.18 -4.86 -14.33
C GLY A 410 -21.16 -3.60 -13.49
N VAL A 411 -19.96 -3.23 -13.10
CA VAL A 411 -19.75 -2.09 -12.22
C VAL A 411 -18.70 -1.22 -12.86
N HIS A 412 -18.97 0.09 -12.86
CA HIS A 412 -17.98 1.04 -13.32
C HIS A 412 -17.78 2.07 -12.21
N VAL A 413 -16.57 2.10 -11.65
CA VAL A 413 -16.24 3.04 -10.59
C VAL A 413 -15.51 4.25 -11.17
N LYS A 414 -16.16 5.41 -11.08
CA LYS A 414 -15.56 6.67 -11.55
C LYS A 414 -15.11 7.62 -10.43
N GLY A 415 -15.74 7.52 -9.26
CA GLY A 415 -15.35 8.35 -8.11
C GLY A 415 -13.97 8.01 -7.59
N ASP A 416 -13.39 8.96 -6.86
CA ASP A 416 -12.08 8.79 -6.24
C ASP A 416 -12.23 8.27 -4.78
N ASN A 417 -11.21 7.59 -4.29
CA ASN A 417 -11.18 7.08 -2.90
C ASN A 417 -12.33 6.13 -2.61
N VAL A 418 -12.74 5.35 -3.61
CA VAL A 418 -13.87 4.40 -3.44
C VAL A 418 -13.29 3.09 -2.88
N LEU A 419 -14.00 2.48 -1.94
CA LEU A 419 -13.57 1.22 -1.33
C LEU A 419 -14.61 0.17 -1.61
N ALA A 420 -14.19 -0.96 -2.14
CA ALA A 420 -15.06 -2.14 -2.24
C ALA A 420 -14.54 -3.26 -1.33
N THR A 421 -15.43 -3.72 -0.46
CA THR A 421 -15.15 -4.84 0.44
C THR A 421 -16.16 -5.96 0.22
N GLY A 422 -15.69 -7.06 -0.35
CA GLY A 422 -16.61 -8.14 -0.71
C GLY A 422 -17.32 -7.88 -2.04
N LEU A 423 -16.55 -7.89 -3.11
CA LEU A 423 -17.04 -7.52 -4.45
C LEU A 423 -17.23 -8.79 -5.30
N PHE A 424 -18.46 -9.11 -5.67
CA PHE A 424 -18.77 -10.33 -6.43
C PHE A 424 -19.49 -9.88 -7.72
N VAL A 425 -18.90 -10.09 -8.88
CA VAL A 425 -19.48 -9.61 -10.13
C VAL A 425 -19.25 -10.68 -11.21
N GLU A 426 -20.32 -11.13 -11.89
CA GLU A 426 -20.20 -12.26 -12.80
C GLU A 426 -21.00 -12.15 -14.10
N HIS A 427 -20.36 -12.60 -15.17
CA HIS A 427 -21.00 -13.05 -16.43
C HIS A 427 -21.30 -11.96 -17.47
N PHE A 428 -20.77 -10.77 -17.29
CA PHE A 428 -21.02 -9.68 -18.22
C PHE A 428 -20.42 -9.90 -19.63
N ASN A 429 -21.11 -9.37 -20.65
CA ASN A 429 -20.69 -9.59 -22.04
C ASN A 429 -19.35 -8.88 -22.35
N LYS A 430 -19.08 -7.81 -21.60
CA LYS A 430 -17.81 -7.12 -21.67
C LYS A 430 -17.16 -7.00 -20.28
N TYR A 431 -16.70 -5.81 -19.88
CA TYR A 431 -15.98 -5.74 -18.61
C TYR A 431 -16.90 -5.90 -17.40
N ASP A 432 -16.63 -6.90 -16.56
CA ASP A 432 -17.45 -7.08 -15.40
C ASP A 432 -17.26 -5.86 -14.48
N VAL A 433 -16.00 -5.52 -14.24
CA VAL A 433 -15.68 -4.34 -13.43
C VAL A 433 -14.68 -3.47 -14.16
N GLN A 434 -14.96 -2.16 -14.24
CA GLN A 434 -13.95 -1.18 -14.64
C GLN A 434 -13.81 -0.13 -13.54
N TRP A 435 -12.57 0.37 -13.40
CA TRP A 435 -12.24 1.31 -12.38
C TRP A 435 -11.43 2.44 -13.00
N SER A 436 -12.04 3.63 -13.02
CA SER A 436 -11.44 4.81 -13.63
C SER A 436 -11.11 5.92 -12.64
N GLY A 437 -11.68 5.86 -11.44
CA GLY A 437 -11.33 6.82 -10.40
C GLY A 437 -9.96 6.55 -9.83
N GLU A 438 -9.41 7.53 -9.12
CA GLU A 438 -8.10 7.34 -8.50
C GLU A 438 -8.27 6.83 -7.06
N ASN A 439 -7.21 6.21 -6.58
CA ASN A 439 -7.12 5.89 -5.16
C ASN A 439 -8.14 4.81 -4.72
N GLY A 440 -8.57 3.98 -5.67
CA GLY A 440 -9.53 2.94 -5.39
C GLY A 440 -8.88 1.75 -4.70
N LYS A 441 -9.67 1.05 -3.90
CA LYS A 441 -9.22 -0.18 -3.30
C LYS A 441 -10.32 -1.20 -3.27
N THR A 442 -9.93 -2.44 -3.57
CA THR A 442 -10.82 -3.62 -3.49
C THR A 442 -10.20 -4.64 -2.58
N ILE A 443 -10.98 -5.06 -1.59
CA ILE A 443 -10.61 -6.15 -0.67
C ILE A 443 -11.61 -7.28 -0.93
N PHE A 444 -11.10 -8.31 -1.61
CA PHE A 444 -11.83 -9.47 -2.09
C PHE A 444 -12.66 -9.20 -3.33
N TYR A 445 -12.31 -9.95 -4.39
CA TYR A 445 -13.05 -9.96 -5.64
C TYR A 445 -13.29 -11.41 -6.09
N GLN A 446 -14.53 -11.69 -6.45
CA GLN A 446 -14.89 -12.96 -7.07
C GLN A 446 -15.63 -12.68 -8.38
N ASN A 447 -15.11 -13.25 -9.46
CA ASN A 447 -15.71 -13.14 -10.78
C ASN A 447 -15.77 -14.48 -11.46
N ALA A 448 -16.78 -14.62 -12.32
CA ALA A 448 -16.79 -15.68 -13.34
C ALA A 448 -17.14 -15.02 -14.68
N LYS A 449 -16.47 -15.45 -15.73
CA LYS A 449 -16.70 -14.89 -17.06
C LYS A 449 -17.92 -15.56 -17.69
N ALA A 450 -18.57 -14.83 -18.59
CA ALA A 450 -19.74 -15.32 -19.32
C ALA A 450 -19.51 -16.72 -19.90
N TYR A 451 -20.43 -17.64 -19.61
CA TYR A 451 -20.31 -19.05 -20.07
C TYR A 451 -20.66 -19.19 -21.53
N ASP A 452 -21.42 -18.20 -22.02
CA ASP A 452 -22.15 -18.31 -23.25
C ASP A 452 -21.65 -17.43 -24.41
N ALA A 453 -20.43 -16.89 -24.28
CA ALA A 453 -19.76 -16.27 -25.41
C ALA A 453 -19.74 -17.30 -26.54
N PRO A 454 -20.21 -16.94 -27.73
CA PRO A 454 -20.40 -17.99 -28.75
C PRO A 454 -19.10 -18.46 -29.40
N ASP A 455 -18.18 -17.51 -29.57
CA ASP A 455 -16.95 -17.71 -30.31
C ASP A 455 -15.94 -16.62 -29.97
N GLN A 456 -14.70 -16.80 -30.41
CA GLN A 456 -13.64 -15.87 -30.08
C GLN A 456 -13.94 -14.40 -30.52
N ALA A 457 -14.40 -14.21 -31.75
CA ALA A 457 -14.53 -12.82 -32.26
C ALA A 457 -15.65 -12.08 -31.53
N ALA A 458 -16.62 -12.83 -31.01
CA ALA A 458 -17.73 -12.24 -30.26
C ALA A 458 -17.29 -11.47 -28.99
N ILE A 459 -16.07 -11.75 -28.53
CA ILE A 459 -15.50 -11.09 -27.35
C ILE A 459 -14.20 -10.38 -27.64
N GLN A 460 -14.03 -9.98 -28.89
CA GLN A 460 -12.79 -9.33 -29.33
C GLN A 460 -12.81 -7.89 -28.81
N ASN A 461 -11.71 -7.55 -28.13
CA ASN A 461 -11.58 -6.31 -27.33
C ASN A 461 -10.36 -5.50 -27.75
N GLY A 462 -10.58 -4.61 -28.73
CA GLY A 462 -9.50 -4.05 -29.49
C GLY A 462 -8.66 -5.23 -29.96
N ASP A 463 -7.41 -5.23 -29.55
CA ASP A 463 -6.53 -6.31 -29.88
C ASP A 463 -6.52 -7.46 -28.83
N ILE A 464 -7.20 -7.26 -27.71
CA ILE A 464 -7.19 -8.21 -26.58
C ILE A 464 -8.21 -9.31 -26.82
N LYS A 465 -7.88 -10.56 -26.47
CA LYS A 465 -8.87 -11.63 -26.54
C LYS A 465 -9.71 -11.57 -25.25
N GLY A 466 -10.98 -11.25 -25.39
CA GLY A 466 -11.86 -11.10 -24.23
C GLY A 466 -11.76 -9.76 -23.54
N TYR A 467 -12.67 -9.53 -22.59
CA TYR A 467 -12.65 -8.36 -21.71
C TYR A 467 -12.24 -8.78 -20.30
N ALA A 468 -11.33 -8.03 -19.68
CA ALA A 468 -10.92 -8.35 -18.31
C ALA A 468 -12.13 -8.41 -17.39
N ALA A 469 -12.05 -9.25 -16.39
CA ALA A 469 -13.02 -9.26 -15.31
C ALA A 469 -12.90 -8.02 -14.43
N TYR A 470 -11.72 -7.42 -14.44
CA TYR A 470 -11.46 -6.24 -13.61
C TYR A 470 -10.40 -5.40 -14.31
N LYS A 471 -10.85 -4.29 -14.88
CA LYS A 471 -9.98 -3.36 -15.59
C LYS A 471 -9.77 -2.10 -14.83
N VAL A 472 -8.52 -1.71 -14.76
CA VAL A 472 -8.16 -0.37 -14.31
C VAL A 472 -7.73 0.48 -15.52
N ASP A 473 -8.37 1.63 -15.70
CA ASP A 473 -8.06 2.54 -16.81
C ASP A 473 -6.60 2.96 -16.74
N ASP A 474 -5.99 3.06 -17.91
CA ASP A 474 -4.56 3.41 -17.99
C ASP A 474 -4.21 4.79 -17.45
N SER A 475 -5.23 5.63 -17.35
CA SER A 475 -5.09 6.99 -16.80
C SER A 475 -4.81 6.95 -15.30
N VAL A 476 -5.24 5.88 -14.64
CA VAL A 476 -5.21 5.79 -13.18
C VAL A 476 -3.77 5.69 -12.65
N THR A 477 -3.47 6.43 -11.60
CA THR A 477 -2.10 6.44 -11.07
C THR A 477 -2.00 5.66 -9.76
N THR A 478 -3.10 5.57 -9.01
CA THR A 478 -3.10 4.85 -7.73
C THR A 478 -4.30 3.93 -7.63
N HIS A 479 -4.05 2.69 -7.23
CA HIS A 479 -5.10 1.66 -7.10
C HIS A 479 -4.49 0.51 -6.34
N GLU A 480 -5.32 -0.23 -5.63
CA GLU A 480 -4.85 -1.44 -5.01
C GLU A 480 -5.93 -2.44 -4.78
N GLY A 481 -5.62 -3.70 -5.04
CA GLY A 481 -6.55 -4.78 -4.84
C GLY A 481 -5.90 -5.97 -4.13
N TRP A 482 -6.68 -6.65 -3.28
CA TRP A 482 -6.20 -7.81 -2.55
C TRP A 482 -7.17 -8.98 -2.68
N GLY A 483 -6.62 -10.15 -3.02
CA GLY A 483 -7.40 -11.37 -2.92
C GLY A 483 -8.51 -11.45 -3.95
N MET A 484 -8.08 -11.63 -5.20
CA MET A 484 -8.97 -11.40 -6.33
C MET A 484 -8.88 -12.56 -7.31
N GLY A 485 -10.06 -13.08 -7.70
CA GLY A 485 -10.08 -14.16 -8.68
C GLY A 485 -11.15 -14.06 -9.74
N SER A 486 -10.79 -14.52 -10.95
CA SER A 486 -11.70 -14.66 -12.10
C SER A 486 -11.66 -16.11 -12.54
N TYR A 487 -12.85 -16.70 -12.74
CA TYR A 487 -12.98 -18.10 -13.18
C TYR A 487 -13.66 -18.15 -14.54
N CYS A 488 -13.32 -19.14 -15.35
CA CYS A 488 -14.02 -19.31 -16.65
C CYS A 488 -14.64 -20.71 -16.81
N TYR A 489 -15.67 -20.75 -17.64
CA TYR A 489 -16.40 -22.00 -17.99
C TYR A 489 -17.10 -21.75 -19.30
N PHE A 490 -16.31 -21.63 -20.35
CA PHE A 490 -16.86 -21.33 -21.67
C PHE A 490 -17.46 -22.58 -22.31
N ASN A 491 -18.66 -22.94 -21.89
CA ASN A 491 -19.16 -24.24 -22.23
C ASN A 491 -19.92 -24.25 -23.60
N VAL A 492 -20.43 -23.10 -24.04
CA VAL A 492 -20.88 -22.92 -25.42
C VAL A 492 -19.73 -23.05 -26.44
N ASN A 493 -18.53 -22.69 -26.03
CA ASN A 493 -17.37 -22.84 -26.92
C ASN A 493 -16.08 -22.92 -26.11
N PRO A 494 -15.69 -24.17 -25.74
CA PRO A 494 -14.52 -24.30 -24.89
C PRO A 494 -13.18 -24.14 -25.63
N ASP A 495 -13.22 -23.81 -26.93
CA ASP A 495 -12.01 -23.47 -27.65
C ASP A 495 -11.59 -22.00 -27.41
N ILE A 496 -12.47 -21.23 -26.76
CA ILE A 496 -12.19 -19.82 -26.46
C ILE A 496 -10.99 -19.61 -25.57
N ARG A 497 -10.30 -18.49 -25.79
CA ARG A 497 -9.26 -18.01 -24.91
C ARG A 497 -9.61 -16.64 -24.33
N GLN A 498 -9.39 -16.50 -23.03
CA GLN A 498 -9.56 -15.24 -22.31
C GLN A 498 -8.15 -14.73 -22.00
N GLN A 499 -7.75 -13.58 -22.53
CA GLN A 499 -6.35 -13.22 -22.37
C GLN A 499 -5.94 -13.07 -20.91
N HIS A 500 -6.80 -12.43 -20.11
CA HIS A 500 -6.47 -12.20 -18.70
C HIS A 500 -7.71 -12.05 -17.82
N GLY A 501 -7.53 -12.28 -16.51
CA GLY A 501 -8.55 -11.92 -15.53
C GLY A 501 -8.54 -10.42 -15.26
N PHE A 502 -7.34 -9.83 -15.27
CA PHE A 502 -7.15 -8.46 -14.85
C PHE A 502 -6.36 -7.67 -15.86
N GLN A 503 -6.63 -6.37 -15.91
CA GLN A 503 -5.88 -5.48 -16.79
C GLN A 503 -5.68 -4.14 -16.10
N ALA A 504 -4.44 -3.65 -16.14
CA ALA A 504 -4.06 -2.48 -15.40
C ALA A 504 -2.79 -1.86 -15.98
N PRO A 505 -2.60 -0.55 -15.79
CA PRO A 505 -1.27 -0.01 -16.12
C PRO A 505 -0.16 -0.52 -15.18
N VAL A 506 1.07 -0.55 -15.67
CA VAL A 506 2.21 -0.87 -14.82
C VAL A 506 2.75 0.45 -14.30
N LYS A 507 2.51 0.71 -13.01
CA LYS A 507 2.89 1.97 -12.37
C LYS A 507 3.20 1.74 -10.89
N PRO A 508 4.02 2.60 -10.28
CA PRO A 508 4.26 2.27 -8.86
C PRO A 508 3.04 2.37 -7.92
N GLY A 509 2.06 3.20 -8.24
CA GLY A 509 0.94 3.42 -7.37
C GLY A 509 -0.18 2.40 -7.54
N VAL A 510 0.01 1.47 -8.47
CA VAL A 510 -0.93 0.38 -8.73
C VAL A 510 -0.30 -0.94 -8.28
N LYS A 511 -0.86 -1.65 -7.30
CA LYS A 511 -0.34 -2.99 -6.98
C LYS A 511 -1.51 -3.88 -6.76
N PHE A 512 -1.34 -5.13 -7.13
CA PHE A 512 -2.30 -6.15 -6.84
C PHE A 512 -1.60 -7.18 -5.99
N HIS A 513 -2.34 -7.65 -4.99
CA HIS A 513 -1.87 -8.71 -4.13
C HIS A 513 -2.80 -9.90 -4.26
N ASP A 514 -2.23 -11.07 -4.51
CA ASP A 514 -2.96 -12.34 -4.42
C ASP A 514 -4.08 -12.45 -5.48
N LEU A 515 -3.65 -12.43 -6.75
CA LEU A 515 -4.49 -12.56 -7.95
C LEU A 515 -4.54 -14.00 -8.45
N LEU A 516 -5.68 -14.37 -9.03
CA LEU A 516 -5.79 -15.70 -9.60
C LEU A 516 -6.83 -15.84 -10.70
N VAL A 517 -6.62 -16.86 -11.53
CA VAL A 517 -7.59 -17.27 -12.54
C VAL A 517 -7.69 -18.78 -12.61
N VAL A 518 -8.87 -19.29 -12.98
CA VAL A 518 -9.07 -20.73 -13.06
C VAL A 518 -10.06 -21.03 -14.16
N SER A 519 -9.81 -22.09 -14.92
CA SER A 519 -10.81 -22.67 -15.80
C SER A 519 -11.45 -23.90 -15.18
N LEU A 520 -12.77 -23.93 -15.06
CA LEU A 520 -13.42 -25.16 -14.61
C LEU A 520 -13.41 -26.23 -15.68
N GLY A 521 -12.67 -27.31 -15.40
CA GLY A 521 -12.64 -28.50 -16.22
C GLY A 521 -12.26 -28.27 -17.69
N GLY A 522 -11.23 -27.46 -17.90
CA GLY A 522 -10.70 -27.22 -19.24
C GLY A 522 -11.64 -26.54 -20.19
N LYS A 523 -12.75 -26.01 -19.66
CA LYS A 523 -13.70 -25.32 -20.53
C LYS A 523 -13.21 -23.89 -20.80
N GLY A 524 -12.50 -23.74 -21.90
CA GLY A 524 -11.78 -22.51 -22.21
C GLY A 524 -10.52 -22.40 -21.35
N GLN A 525 -9.68 -21.44 -21.68
CA GLN A 525 -8.48 -21.21 -20.87
C GLN A 525 -8.14 -19.72 -20.82
N TYR A 526 -7.47 -19.32 -19.73
CA TYR A 526 -6.82 -18.01 -19.65
C TYR A 526 -5.41 -18.05 -20.24
N GLU A 527 -5.02 -17.01 -20.95
CA GLU A 527 -3.63 -16.90 -21.43
C GLU A 527 -2.68 -16.39 -20.37
N HIS A 528 -3.21 -15.57 -19.45
CA HIS A 528 -2.41 -14.97 -18.39
C HIS A 528 -3.34 -14.62 -17.24
N VAL A 529 -2.75 -14.28 -16.10
CA VAL A 529 -3.52 -13.82 -14.95
C VAL A 529 -3.85 -12.34 -15.10
N ILE A 530 -2.84 -11.53 -15.37
CA ILE A 530 -2.97 -10.08 -15.44
C ILE A 530 -2.17 -9.42 -16.59
N ASN A 531 -2.84 -8.55 -17.35
CA ASN A 531 -2.28 -7.96 -18.58
C ASN A 531 -1.78 -9.05 -19.56
N ASP A 532 -0.46 -9.24 -19.59
CA ASP A 532 0.20 -10.28 -20.37
C ASP A 532 1.19 -11.07 -19.52
N ILE A 533 0.90 -11.11 -18.22
CA ILE A 533 1.80 -11.60 -17.18
C ILE A 533 1.10 -12.70 -16.38
N GLY A 534 1.85 -13.72 -15.99
CA GLY A 534 1.31 -14.87 -15.29
C GLY A 534 1.09 -16.02 -16.25
N ASP A 535 1.33 -17.21 -15.72
CA ASP A 535 1.07 -18.47 -16.38
C ASP A 535 -0.35 -18.57 -16.95
N PRO A 536 -0.49 -19.12 -18.17
CA PRO A 536 -1.83 -19.50 -18.64
C PRO A 536 -2.39 -20.65 -17.84
N THR A 537 -3.72 -20.81 -17.80
CA THR A 537 -4.27 -22.05 -17.30
C THR A 537 -4.08 -23.14 -18.36
N SER A 538 -4.19 -24.37 -17.91
CA SER A 538 -3.58 -25.49 -18.59
C SER A 538 -4.31 -26.78 -18.14
N GLY A 539 -4.65 -27.66 -19.08
CA GLY A 539 -5.35 -28.89 -18.75
C GLY A 539 -6.85 -28.82 -18.49
N ASP A 540 -7.38 -29.84 -17.78
CA ASP A 540 -8.80 -29.91 -17.44
C ASP A 540 -8.99 -30.23 -15.97
N THR A 541 -8.02 -29.82 -15.15
CA THR A 541 -7.85 -30.24 -13.75
C THR A 541 -8.29 -29.15 -12.75
N THR A 542 -8.60 -27.95 -13.25
CA THR A 542 -9.19 -26.91 -12.40
C THR A 542 -8.18 -26.38 -11.37
N ILE A 543 -6.94 -26.25 -11.81
CA ILE A 543 -5.85 -25.69 -11.00
C ILE A 543 -5.63 -24.20 -11.26
N PRO A 544 -5.75 -23.36 -10.22
CA PRO A 544 -5.68 -21.92 -10.44
C PRO A 544 -4.28 -21.48 -10.88
N SER A 545 -4.19 -20.43 -11.70
CA SER A 545 -2.90 -19.79 -12.00
C SER A 545 -2.84 -18.53 -11.15
N GLN A 546 -1.77 -18.42 -10.35
CA GLN A 546 -1.68 -17.43 -9.28
C GLN A 546 -0.67 -16.35 -9.61
N VAL A 547 -0.92 -15.14 -9.15
CA VAL A 547 0.12 -14.13 -9.02
C VAL A 547 0.08 -13.50 -7.62
N VAL A 548 1.25 -13.32 -7.02
CA VAL A 548 1.31 -12.83 -5.65
C VAL A 548 1.34 -11.31 -5.66
N SER A 549 2.28 -10.75 -6.41
CA SER A 549 2.48 -9.30 -6.44
C SER A 549 2.63 -8.77 -7.89
N PHE A 550 1.91 -7.70 -8.21
CA PHE A 550 2.02 -6.98 -9.48
C PHE A 550 1.95 -5.51 -9.12
N PRO A 551 2.57 -4.61 -9.93
CA PRO A 551 3.51 -4.93 -11.01
C PRO A 551 4.84 -5.35 -10.39
N ALA B 1 -4.26 34.52 -1.62
CA ALA B 1 -4.46 33.40 -0.71
C ALA B 1 -4.09 33.73 0.75
N GLN B 2 -4.15 32.69 1.56
CA GLN B 2 -4.41 32.86 2.98
C GLN B 2 -3.24 32.12 3.70
N GLU B 3 -3.05 32.34 5.00
CA GLU B 3 -1.82 31.80 5.64
C GLU B 3 -1.80 30.28 5.70
N VAL B 4 -0.68 29.67 5.32
CA VAL B 4 -0.56 28.23 5.41
C VAL B 4 -0.34 27.97 6.90
N VAL B 5 -0.96 26.93 7.44
CA VAL B 5 -1.05 26.75 8.88
C VAL B 5 -0.04 25.72 9.37
N GLY B 6 0.73 26.11 10.40
CA GLY B 6 1.69 25.22 11.01
C GLY B 6 1.10 24.12 11.86
N GLY B 7 1.82 22.99 11.90
CA GLY B 7 1.51 21.91 12.81
C GLY B 7 0.40 20.99 12.30
N GLY B 8 -0.23 20.29 13.25
CA GLY B 8 -1.21 19.27 12.92
C GLY B 8 -0.68 17.86 13.27
N ASP B 9 -1.40 16.82 12.86
CA ASP B 9 -0.93 15.48 13.16
C ASP B 9 -0.24 14.96 11.92
N LEU B 10 0.76 14.14 12.18
CA LEU B 10 1.61 13.65 11.13
C LEU B 10 0.75 12.90 10.14
N GLY B 11 0.05 11.85 10.57
CA GLY B 11 -0.99 11.30 9.73
C GLY B 11 -0.88 9.81 9.53
N PRO B 12 -1.46 9.30 8.41
CA PRO B 12 -1.76 7.89 8.14
C PRO B 12 -0.53 7.04 7.86
N ASN B 13 0.65 7.65 7.79
CA ASN B 13 1.85 6.85 7.58
C ASN B 13 2.91 6.96 8.67
N VAL B 14 2.57 7.67 9.74
CA VAL B 14 3.48 7.80 10.91
C VAL B 14 2.92 7.06 12.12
N LEU B 15 3.34 5.82 12.29
CA LEU B 15 2.85 5.01 13.38
C LEU B 15 3.66 5.38 14.63
N VAL B 16 2.96 5.81 15.68
CA VAL B 16 3.60 6.24 16.91
C VAL B 16 3.27 5.31 18.08
N PHE B 17 4.27 4.55 18.49
CA PHE B 17 4.16 3.49 19.50
C PHE B 17 4.52 3.99 20.94
N ASP B 18 3.87 3.38 21.94
CA ASP B 18 4.30 3.45 23.36
C ASP B 18 4.58 2.02 23.91
N PRO B 19 5.41 1.89 24.97
CA PRO B 19 5.67 0.54 25.52
C PRO B 19 4.40 -0.22 25.96
N SER B 20 3.37 0.56 26.30
CA SER B 20 2.06 -0.01 26.67
C SER B 20 1.04 0.13 25.53
N THR B 21 1.51 0.50 24.35
CA THR B 21 0.73 0.31 23.15
C THR B 21 0.58 -1.19 23.00
N PRO B 22 -0.65 -1.68 22.86
CA PRO B 22 -0.71 -3.14 22.70
C PRO B 22 -0.20 -3.60 21.32
N ASP B 23 0.33 -4.81 21.32
CA ASP B 23 0.75 -5.51 20.10
C ASP B 23 1.61 -4.70 19.13
N ILE B 24 2.79 -4.35 19.61
CA ILE B 24 3.79 -3.69 18.76
C ILE B 24 4.38 -4.63 17.71
N GLN B 25 4.82 -5.81 18.13
CA GLN B 25 5.42 -6.75 17.19
C GLN B 25 4.52 -7.07 16.00
N GLY B 26 3.24 -7.27 16.28
CA GLY B 26 2.29 -7.56 15.22
C GLY B 26 2.19 -6.41 14.24
N LYS B 27 2.21 -5.19 14.78
CA LYS B 27 1.98 -4.02 13.98
C LYS B 27 3.22 -3.67 13.14
N VAL B 28 4.40 -3.78 13.74
CA VAL B 28 5.65 -3.65 12.97
C VAL B 28 5.76 -4.76 11.91
N ASP B 29 5.35 -5.99 12.24
CA ASP B 29 5.40 -7.08 11.26
C ASP B 29 4.48 -6.89 10.08
N GLU B 30 3.29 -6.31 10.30
CA GLU B 30 2.39 -6.10 9.15
C GLU B 30 2.99 -5.09 8.18
N VAL B 31 3.72 -4.10 8.69
CA VAL B 31 4.44 -3.17 7.82
C VAL B 31 5.53 -3.89 7.04
N PHE B 32 6.25 -4.77 7.71
CA PHE B 32 7.34 -5.52 7.05
C PHE B 32 6.87 -6.44 5.93
N ARG B 33 5.91 -7.32 6.25
CA ARG B 33 5.26 -8.18 5.24
C ARG B 33 5.22 -7.43 3.92
N LYS B 34 4.49 -6.33 3.93
CA LYS B 34 4.20 -5.50 2.75
C LYS B 34 5.37 -4.75 2.16
N GLN B 35 6.22 -4.17 3.00
CA GLN B 35 7.37 -3.45 2.48
C GLN B 35 8.56 -4.36 2.14
N GLU B 36 8.53 -5.61 2.61
CA GLU B 36 9.67 -6.53 2.53
C GLU B 36 10.40 -6.49 1.19
N SER B 37 9.70 -6.87 0.13
CA SER B 37 10.23 -6.83 -1.25
C SER B 37 9.54 -5.78 -2.12
N ASN B 38 8.96 -4.76 -1.51
CA ASN B 38 8.26 -3.71 -2.27
C ASN B 38 9.26 -2.66 -2.70
N GLN B 39 10.11 -3.05 -3.65
CA GLN B 39 11.29 -2.28 -3.94
C GLN B 39 10.98 -0.95 -4.61
N PHE B 40 9.91 -0.92 -5.41
CA PHE B 40 9.59 0.25 -6.22
C PHE B 40 8.17 0.82 -6.01
N GLY B 41 7.40 0.24 -5.10
CA GLY B 41 6.06 0.75 -4.82
C GLY B 41 6.03 2.10 -4.15
N THR B 42 4.81 2.64 -4.00
CA THR B 42 4.60 3.98 -3.46
C THR B 42 4.40 4.02 -1.97
N ASP B 43 4.34 2.88 -1.29
CA ASP B 43 4.12 2.94 0.16
C ASP B 43 5.32 3.51 0.85
N ARG B 44 5.05 4.25 1.92
CA ARG B 44 6.08 4.88 2.72
C ARG B 44 5.62 4.76 4.19
N TYR B 45 6.53 4.44 5.12
CA TYR B 45 6.16 4.37 6.53
C TYR B 45 7.23 4.86 7.44
N ALA B 46 6.80 5.50 8.52
CA ALA B 46 7.70 5.83 9.59
C ALA B 46 7.19 5.25 10.88
N LEU B 47 8.07 4.58 11.60
CA LEU B 47 7.73 3.95 12.88
C LEU B 47 8.45 4.75 13.94
N MET B 48 7.67 5.41 14.79
CA MET B 48 8.21 6.33 15.76
C MET B 48 7.91 5.83 17.17
N PHE B 49 8.96 5.70 17.98
CA PHE B 49 8.87 5.08 19.32
C PHE B 49 9.07 6.07 20.43
N LYS B 50 8.04 6.18 21.28
CA LYS B 50 8.12 7.06 22.45
C LYS B 50 9.20 6.59 23.43
N PRO B 51 9.83 7.52 24.17
CA PRO B 51 10.85 7.13 25.15
C PRO B 51 10.37 6.12 26.17
N GLY B 52 11.31 5.28 26.58
CA GLY B 52 11.06 4.18 27.52
C GLY B 52 11.83 2.96 27.05
N THR B 53 11.44 1.81 27.61
CA THR B 53 12.02 0.51 27.29
C THR B 53 10.93 -0.37 26.68
N TYR B 54 11.34 -1.14 25.67
CA TYR B 54 10.48 -2.06 24.91
C TYR B 54 11.13 -3.43 24.93
N ASN B 55 10.35 -4.48 25.26
CA ASN B 55 10.87 -5.85 25.32
C ASN B 55 10.24 -6.76 24.23
N ASP B 56 10.83 -7.96 24.01
CA ASP B 56 10.30 -8.94 23.06
C ASP B 56 10.04 -8.30 21.68
N ILE B 57 10.96 -7.43 21.26
CA ILE B 57 10.72 -6.58 20.08
C ILE B 57 11.80 -6.78 19.05
N ASN B 58 11.36 -7.26 17.90
CA ASN B 58 12.18 -7.34 16.76
C ASN B 58 11.56 -6.53 15.63
N ALA B 59 12.01 -5.29 15.44
CA ALA B 59 11.50 -4.50 14.32
C ALA B 59 12.26 -4.79 13.02
N GLN B 60 11.67 -5.65 12.20
CA GLN B 60 12.22 -5.97 10.86
C GLN B 60 11.91 -4.83 9.89
N ILE B 61 12.95 -4.29 9.24
CA ILE B 61 12.84 -3.08 8.40
C ILE B 61 12.92 -3.39 6.91
N GLY B 62 11.82 -3.15 6.20
CA GLY B 62 11.74 -3.36 4.75
C GLY B 62 11.98 -2.08 3.96
N PHE B 63 11.60 -2.07 2.69
CA PHE B 63 11.76 -0.89 1.87
C PHE B 63 10.95 0.28 2.42
N TYR B 64 11.49 1.49 2.23
CA TYR B 64 10.82 2.74 2.53
C TYR B 64 10.22 2.76 3.92
N THR B 65 11.00 2.26 4.86
CA THR B 65 10.64 2.19 6.26
C THR B 65 11.75 2.81 7.08
N SER B 66 11.34 3.79 7.87
CA SER B 66 12.22 4.35 8.88
C SER B 66 11.76 3.92 10.23
N ILE B 67 12.71 3.89 11.15
CA ILE B 67 12.37 3.66 12.53
C ILE B 67 13.19 4.63 13.36
N ALA B 68 12.54 5.30 14.30
CA ALA B 68 13.24 6.24 15.14
C ALA B 68 12.66 6.34 16.55
N GLY B 69 13.53 6.59 17.51
CA GLY B 69 13.12 7.02 18.84
C GLY B 69 12.81 8.53 18.91
N LEU B 70 12.03 8.88 19.93
CA LEU B 70 11.53 10.24 20.11
C LEU B 70 12.06 10.93 21.38
N GLY B 71 13.08 10.34 22.02
CA GLY B 71 13.79 11.00 23.12
C GLY B 71 14.74 12.08 22.61
N LEU B 72 15.21 12.96 23.48
CA LEU B 72 16.29 13.86 23.10
C LEU B 72 17.57 13.04 22.84
N ASN B 73 17.68 11.91 23.54
CA ASN B 73 18.86 11.07 23.45
C ASN B 73 18.55 9.61 23.11
N PRO B 74 19.52 8.91 22.52
CA PRO B 74 19.30 7.55 22.05
C PRO B 74 18.92 6.52 23.14
N ASP B 75 19.52 6.58 24.33
CA ASP B 75 19.18 5.61 25.37
C ASP B 75 17.77 5.87 25.94
N ASP B 76 17.21 7.05 25.64
CA ASP B 76 15.86 7.38 26.10
C ASP B 76 14.81 6.43 25.55
N THR B 77 15.16 5.74 24.47
CA THR B 77 14.25 4.81 23.81
C THR B 77 15.04 3.53 23.54
N THR B 78 14.84 2.54 24.42
CA THR B 78 15.63 1.34 24.44
C THR B 78 14.80 0.13 24.04
N PHE B 79 15.33 -0.62 23.08
CA PHE B 79 14.75 -1.91 22.68
C PHE B 79 15.59 -3.01 23.29
N ASN B 80 14.95 -3.87 24.07
CA ASN B 80 15.53 -5.17 24.41
C ASN B 80 15.08 -6.08 23.29
N GLY B 81 15.95 -6.18 22.31
CA GLY B 81 15.65 -6.80 21.04
C GLY B 81 16.41 -6.06 19.96
N ASP B 82 15.82 -6.01 18.77
CA ASP B 82 16.58 -5.79 17.54
C ASP B 82 15.87 -4.86 16.55
N VAL B 83 16.69 -4.18 15.75
CA VAL B 83 16.25 -3.49 14.53
C VAL B 83 17.00 -4.16 13.38
N THR B 84 16.29 -5.02 12.68
CA THR B 84 16.89 -6.03 11.82
C THR B 84 16.71 -5.72 10.33
N VAL B 85 17.82 -5.70 9.59
CA VAL B 85 17.74 -5.82 8.15
C VAL B 85 18.51 -7.04 7.70
N ASP B 86 17.81 -7.84 6.89
CA ASP B 86 18.50 -8.91 6.22
C ASP B 86 18.09 -9.03 4.76
N ALA B 87 18.67 -10.00 4.09
CA ALA B 87 18.55 -10.03 2.64
C ALA B 87 17.60 -11.12 2.34
N GLY B 88 16.62 -11.24 3.25
CA GLY B 88 15.67 -12.31 3.22
C GLY B 88 15.10 -12.52 1.84
N TRP B 89 13.99 -11.83 1.56
CA TRP B 89 13.28 -11.72 0.28
C TRP B 89 14.06 -11.96 -1.02
N PHE B 90 15.39 -11.97 -0.98
CA PHE B 90 16.19 -12.08 -2.21
C PHE B 90 17.30 -13.12 -2.05
N ASP B 91 16.95 -14.21 -1.37
CA ASP B 91 17.85 -15.33 -1.07
C ASP B 91 19.33 -15.02 -0.79
N GLY B 92 19.57 -14.24 0.27
CA GLY B 92 20.91 -14.00 0.79
C GLY B 92 21.67 -12.87 0.10
N ASN B 93 21.10 -12.35 -0.97
CA ASN B 93 21.73 -11.29 -1.72
C ASN B 93 21.28 -9.93 -1.18
N ALA B 94 22.18 -9.12 -0.62
CA ALA B 94 21.76 -7.91 0.09
C ALA B 94 21.97 -6.62 -0.71
N THR B 95 22.47 -6.74 -1.94
CA THR B 95 22.77 -5.56 -2.78
C THR B 95 21.59 -4.70 -3.16
N GLN B 96 20.36 -5.16 -2.87
CA GLN B 96 19.16 -4.37 -3.12
C GLN B 96 18.40 -3.88 -1.85
N ASN B 97 19.02 -3.94 -0.66
CA ASN B 97 18.34 -3.54 0.59
C ASN B 97 18.43 -2.03 0.86
N PHE B 98 17.85 -1.30 -0.08
CA PHE B 98 17.90 0.13 -0.14
C PHE B 98 16.77 0.85 0.62
N TRP B 99 16.96 2.16 0.75
CA TRP B 99 15.89 3.12 1.08
C TRP B 99 15.17 2.81 2.39
N ARG B 100 15.93 2.82 3.47
CA ARG B 100 15.35 2.61 4.79
C ARG B 100 16.27 3.26 5.83
N SER B 101 15.82 3.39 7.07
CA SER B 101 16.69 4.11 8.02
C SER B 101 16.38 3.72 9.46
N ALA B 102 17.40 3.87 10.30
CA ALA B 102 17.24 3.70 11.76
C ALA B 102 17.94 4.84 12.45
N GLU B 103 17.28 5.42 13.45
CA GLU B 103 17.91 6.50 14.21
C GLU B 103 17.39 6.65 15.64
N ASN B 104 18.28 7.09 16.54
CA ASN B 104 17.90 7.64 17.85
C ASN B 104 17.25 6.58 18.75
N LEU B 105 17.88 5.41 18.75
CA LEU B 105 17.47 4.23 19.55
C LEU B 105 18.69 3.62 20.23
N ALA B 106 18.49 3.03 21.41
CA ALA B 106 19.46 2.12 22.00
C ALA B 106 18.94 0.68 21.84
N LEU B 107 19.79 -0.22 21.38
CA LEU B 107 19.46 -1.62 21.11
C LEU B 107 20.26 -2.55 22.03
N ASN B 108 19.55 -3.51 22.59
CA ASN B 108 20.15 -4.58 23.38
C ASN B 108 19.74 -5.89 22.71
N PRO B 109 20.53 -6.31 21.72
CA PRO B 109 19.98 -7.33 20.82
C PRO B 109 20.02 -8.78 21.31
N VAL B 110 19.18 -9.57 20.68
CA VAL B 110 19.18 -10.99 20.90
C VAL B 110 20.57 -11.67 20.81
N ASN B 111 21.62 -11.06 20.31
CA ASN B 111 22.90 -11.85 20.37
C ASN B 111 24.03 -11.07 20.99
N GLY B 112 23.64 -9.88 21.36
CA GLY B 112 24.59 -8.81 21.39
C GLY B 112 25.03 -8.69 19.98
N THR B 113 24.25 -9.24 19.02
CA THR B 113 24.49 -8.99 17.62
C THR B 113 23.19 -8.54 16.99
N ASN B 114 23.18 -7.28 16.57
CA ASN B 114 22.09 -6.73 15.78
C ASN B 114 22.53 -6.86 14.33
N ARG B 115 21.60 -7.25 13.47
CA ARG B 115 21.86 -7.50 12.04
C ARG B 115 21.35 -6.29 11.25
N TRP B 116 22.24 -5.50 10.62
CA TRP B 116 21.86 -4.37 9.73
C TRP B 116 22.51 -4.60 8.36
N ALA B 117 21.96 -5.57 7.63
CA ALA B 117 22.54 -6.06 6.39
C ALA B 117 22.00 -5.28 5.20
N VAL B 118 22.58 -4.10 5.00
CA VAL B 118 22.03 -3.10 4.07
C VAL B 118 22.96 -2.76 2.90
N SER B 119 22.35 -2.15 1.88
CA SER B 119 23.03 -1.62 0.74
C SER B 119 22.93 -0.10 0.80
N GLN B 120 22.82 0.58 -0.34
CA GLN B 120 22.84 2.04 -0.35
C GLN B 120 21.58 2.70 0.22
N ALA B 121 21.72 3.95 0.65
CA ALA B 121 20.59 4.74 1.18
C ALA B 121 19.89 4.07 2.32
N ALA B 122 20.69 3.59 3.28
CA ALA B 122 20.16 2.94 4.47
C ALA B 122 20.88 3.44 5.73
N PRO B 123 20.71 4.73 6.05
CA PRO B 123 21.49 5.32 7.13
C PRO B 123 21.15 4.77 8.50
N PHE B 124 22.18 4.77 9.33
CA PHE B 124 22.13 4.28 10.71
C PHE B 124 22.76 5.41 11.51
N ARG B 125 21.93 6.21 12.16
CA ARG B 125 22.37 7.47 12.78
C ARG B 125 21.98 7.57 14.24
N ARG B 126 22.88 8.08 15.09
CA ARG B 126 22.48 8.40 16.45
C ARG B 126 21.93 7.17 17.18
N MET B 127 22.62 6.04 16.97
CA MET B 127 22.25 4.76 17.54
C MET B 127 23.24 4.34 18.63
N HIS B 128 22.73 3.71 19.67
CA HIS B 128 23.56 3.06 20.68
C HIS B 128 23.28 1.54 20.64
N VAL B 129 24.21 0.76 20.09
CA VAL B 129 24.07 -0.68 20.08
C VAL B 129 24.81 -1.24 21.31
N LYS B 130 24.01 -1.77 22.23
CA LYS B 130 24.54 -2.37 23.46
C LYS B 130 25.00 -3.78 23.19
N GLY B 131 25.87 -3.91 22.21
CA GLY B 131 26.38 -5.20 21.73
C GLY B 131 27.14 -5.02 20.43
N GLY B 132 27.16 -6.09 19.63
CA GLY B 132 27.79 -6.09 18.34
C GLY B 132 26.82 -5.71 17.24
N LEU B 133 27.38 -5.42 16.08
CA LEU B 133 26.60 -4.98 14.91
C LEU B 133 27.15 -5.72 13.69
N ASN B 134 26.34 -6.61 13.14
CA ASN B 134 26.72 -7.45 11.99
C ASN B 134 26.11 -6.79 10.76
N LEU B 135 26.96 -6.43 9.80
CA LEU B 135 26.51 -5.74 8.60
C LEU B 135 26.25 -6.70 7.43
N ALA B 136 26.38 -8.00 7.71
CA ALA B 136 26.39 -9.02 6.69
C ALA B 136 25.13 -9.88 6.71
N PRO B 137 24.66 -10.30 5.54
CA PRO B 137 23.72 -11.43 5.44
C PRO B 137 24.39 -12.76 5.79
N ASP B 138 23.63 -13.85 5.76
CA ASP B 138 24.21 -15.18 5.72
C ASP B 138 25.05 -15.41 4.49
N GLY B 139 26.01 -16.31 4.65
CA GLY B 139 26.74 -16.87 3.56
C GLY B 139 27.82 -15.99 3.05
N TYR B 140 28.11 -14.90 3.77
CA TYR B 140 29.19 -14.00 3.36
C TYR B 140 28.74 -13.59 1.89
N GLY B 141 27.41 -13.55 1.72
CA GLY B 141 26.67 -12.99 0.55
C GLY B 141 26.75 -11.47 0.27
N TRP B 142 26.40 -11.06 -0.95
CA TRP B 142 27.03 -9.87 -1.61
C TRP B 142 26.91 -8.48 -0.81
N ALA B 143 26.53 -7.35 -1.37
CA ALA B 143 26.01 -6.22 -0.55
C ALA B 143 26.99 -5.06 -0.43
N SER B 144 26.46 -3.85 -0.63
CA SER B 144 27.25 -2.66 -0.93
C SER B 144 26.69 -1.46 -0.22
N GLY B 145 26.72 -1.45 1.12
CA GLY B 145 26.39 -0.22 1.84
C GLY B 145 27.66 0.61 1.93
N GLY B 146 27.78 1.46 2.94
CA GLY B 146 26.77 1.72 3.95
C GLY B 146 27.27 2.92 4.74
N TYR B 147 26.51 3.33 5.74
CA TYR B 147 26.70 4.62 6.40
C TYR B 147 26.27 4.52 7.86
N ILE B 148 27.23 4.77 8.75
CA ILE B 148 26.99 4.89 10.19
C ILE B 148 27.50 6.29 10.60
N ALA B 149 26.66 7.05 11.30
CA ALA B 149 27.11 8.33 11.86
C ALA B 149 26.58 8.54 13.27
N ASP B 150 27.38 9.21 14.06
CA ASP B 150 26.99 9.62 15.40
C ASP B 150 26.46 8.51 16.29
N SER B 151 27.12 7.37 16.22
CA SER B 151 26.64 6.18 16.90
C SER B 151 27.69 5.58 17.81
N LYS B 152 27.21 4.86 18.84
CA LYS B 152 28.09 4.16 19.77
C LYS B 152 27.76 2.66 19.65
N ILE B 153 28.73 1.86 19.19
CA ILE B 153 28.60 0.40 19.17
C ILE B 153 29.54 -0.08 20.25
N ASP B 154 28.99 -0.52 21.37
CA ASP B 154 29.83 -0.89 22.52
C ASP B 154 30.81 -1.98 22.11
N GLY B 155 30.33 -2.88 21.23
CA GLY B 155 31.06 -4.05 20.81
C GLY B 155 31.66 -3.92 19.42
N GLU B 156 31.80 -5.05 18.75
CA GLU B 156 32.40 -5.02 17.44
C GLU B 156 31.42 -4.93 16.28
N VAL B 157 31.76 -4.05 15.36
CA VAL B 157 31.09 -3.94 14.09
C VAL B 157 31.81 -4.79 13.10
N GLY B 158 31.13 -5.82 12.60
CA GLY B 158 31.70 -6.78 11.66
C GLY B 158 31.05 -6.71 10.29
N PRO B 159 31.77 -6.19 9.28
CA PRO B 159 31.31 -6.10 7.89
C PRO B 159 31.15 -7.44 7.15
N TYR B 160 32.04 -8.40 7.39
CA TYR B 160 32.11 -9.65 6.60
C TYR B 160 32.11 -9.37 5.07
N SER B 161 30.97 -9.60 4.39
CA SER B 161 30.96 -9.53 2.92
C SER B 161 30.49 -8.18 2.35
N GLN B 162 30.35 -7.15 3.20
CA GLN B 162 30.15 -5.77 2.71
C GLN B 162 31.33 -5.33 1.85
N GLN B 163 31.08 -4.74 0.68
CA GLN B 163 32.17 -4.30 -0.18
C GLN B 163 32.96 -3.15 0.44
N GLN B 164 32.23 -2.20 1.02
CA GLN B 164 32.81 -0.93 1.42
C GLN B 164 31.89 -0.35 2.49
N TRP B 165 32.32 0.73 3.13
CA TRP B 165 31.57 1.29 4.25
C TRP B 165 32.15 2.61 4.69
N TYR B 166 31.28 3.50 5.17
CA TYR B 166 31.72 4.78 5.75
C TYR B 166 31.13 4.97 7.14
N THR B 167 32.02 5.31 8.08
CA THR B 167 31.61 5.59 9.44
C THR B 167 32.19 6.93 9.83
N ARG B 168 31.34 7.80 10.36
CA ARG B 168 31.88 9.04 10.96
C ARG B 168 31.37 9.36 12.33
N ASP B 169 32.24 10.04 13.07
CA ASP B 169 31.89 10.72 14.33
C ASP B 169 31.10 9.78 15.25
N SER B 170 31.76 8.65 15.55
CA SER B 170 31.15 7.54 16.27
C SER B 170 32.17 6.93 17.23
N SER B 171 31.71 5.90 17.95
CA SER B 171 32.58 5.10 18.78
C SER B 171 32.25 3.62 18.54
N VAL B 172 33.29 2.80 18.37
CA VAL B 172 33.16 1.36 18.20
C VAL B 172 34.11 0.63 19.15
N GLY B 173 33.67 -0.50 19.67
CA GLY B 173 34.50 -1.31 20.54
C GLY B 173 35.55 -2.10 19.76
N GLY B 174 35.44 -2.04 18.44
CA GLY B 174 36.29 -2.81 17.55
C GLY B 174 35.78 -2.76 16.10
N TRP B 175 36.47 -3.49 15.22
CA TRP B 175 36.15 -3.55 13.78
C TRP B 175 36.71 -4.83 13.13
N GLY B 176 35.85 -5.64 12.52
CA GLY B 176 36.18 -7.04 12.19
C GLY B 176 36.99 -7.29 10.92
N ASN B 177 36.69 -6.53 9.87
CA ASN B 177 37.46 -6.63 8.63
C ASN B 177 37.10 -5.51 7.68
N GLY B 178 37.92 -5.38 6.64
CA GLY B 178 37.55 -4.62 5.44
C GLY B 178 37.63 -5.52 4.20
N VAL B 179 37.01 -5.09 3.10
CA VAL B 179 37.01 -5.86 1.86
C VAL B 179 37.68 -5.00 0.77
N TRP B 180 36.98 -3.98 0.26
CA TRP B 180 37.60 -3.03 -0.68
C TRP B 180 37.92 -1.62 -0.12
N ASN B 181 37.00 -1.04 0.64
CA ASN B 181 37.16 0.35 1.08
C ASN B 181 36.34 0.63 2.32
N MET B 182 36.99 0.52 3.50
CA MET B 182 36.34 0.89 4.74
C MET B 182 36.99 2.19 5.19
N THR B 183 36.21 3.27 5.18
CA THR B 183 36.71 4.60 5.56
C THR B 183 36.06 5.07 6.89
N PHE B 184 36.87 5.78 7.67
CA PHE B 184 36.48 6.24 8.99
C PHE B 184 36.93 7.70 9.12
N SER B 185 36.07 8.56 9.63
CA SER B 185 36.52 9.88 10.08
C SER B 185 35.90 10.24 11.42
N GLY B 186 36.72 10.66 12.38
CA GLY B 186 36.21 10.96 13.71
C GLY B 186 35.70 9.76 14.50
N VAL B 187 36.25 8.57 14.23
CA VAL B 187 35.74 7.35 14.81
C VAL B 187 36.63 6.85 15.93
N GLU B 188 36.17 7.05 17.15
CA GLU B 188 36.85 6.53 18.30
C GLU B 188 36.81 5.00 18.20
N GLY B 189 37.99 4.40 18.21
CA GLY B 189 38.09 2.97 18.06
C GLY B 189 38.26 2.48 16.63
N ALA B 190 38.40 3.41 15.68
CA ALA B 190 38.63 3.01 14.30
C ALA B 190 39.90 2.16 14.22
N PRO B 191 39.95 1.25 13.25
CA PRO B 191 41.23 0.56 13.16
C PRO B 191 42.30 1.53 12.59
N ALA B 192 43.56 1.12 12.70
CA ALA B 192 44.65 1.89 12.14
C ALA B 192 44.58 2.01 10.62
N GLN B 193 44.84 3.23 10.16
CA GLN B 193 45.08 3.51 8.75
C GLN B 193 46.09 2.50 8.23
N SER B 194 45.63 1.72 7.25
CA SER B 194 46.29 0.50 6.80
C SER B 194 46.38 0.35 5.26
N PHE B 195 45.58 1.12 4.53
CA PHE B 195 45.38 0.92 3.09
C PHE B 195 46.73 0.72 2.40
N PRO B 196 46.86 -0.32 1.57
CA PRO B 196 45.85 -1.31 1.16
C PRO B 196 45.51 -2.48 2.08
N GLU B 197 46.23 -2.74 3.17
CA GLU B 197 45.98 -3.96 3.96
C GLU B 197 45.99 -3.82 5.48
N PRO B 198 44.79 -3.96 6.11
CA PRO B 198 43.50 -3.96 5.41
C PRO B 198 43.24 -2.64 4.64
N PRO B 199 42.22 -2.61 3.78
CA PRO B 199 41.94 -1.32 3.13
C PRO B 199 41.12 -0.40 4.06
N TYR B 200 41.84 0.15 5.04
CA TYR B 200 41.33 1.08 6.02
C TYR B 200 41.90 2.47 5.75
N THR B 201 40.98 3.41 5.51
CA THR B 201 41.27 4.83 5.39
C THR B 201 40.69 5.47 6.65
N THR B 202 41.59 5.97 7.51
CA THR B 202 41.21 6.40 8.85
C THR B 202 41.68 7.79 9.16
N LEU B 203 40.72 8.65 9.47
CA LEU B 203 40.97 10.07 9.71
C LEU B 203 40.61 10.42 11.12
N GLU B 204 41.55 11.08 11.80
CA GLU B 204 41.41 11.42 13.22
C GLU B 204 40.08 12.15 13.46
N THR B 205 39.73 13.06 12.56
CA THR B 205 38.54 13.89 12.77
C THR B 205 37.84 14.17 11.44
N THR B 206 36.58 14.57 11.52
CA THR B 206 35.85 15.08 10.37
C THR B 206 36.00 16.60 10.34
N PRO B 207 36.44 17.18 9.20
CA PRO B 207 36.67 18.65 9.21
C PRO B 207 35.49 19.45 9.76
N VAL B 208 34.29 19.08 9.34
CA VAL B 208 33.07 19.66 9.87
C VAL B 208 31.98 18.63 9.72
N SER B 209 31.15 18.51 10.74
CA SER B 209 29.89 17.81 10.58
C SER B 209 28.80 18.53 11.32
N ARG B 210 27.57 18.21 10.99
CA ARG B 210 26.42 18.71 11.72
C ARG B 210 25.36 17.61 11.68
N GLU B 211 24.95 17.13 12.84
CA GLU B 211 24.06 15.97 12.89
C GLU B 211 22.66 16.27 12.36
N LYS B 212 22.06 15.24 11.76
CA LYS B 212 20.78 15.42 11.08
C LYS B 212 19.69 15.82 12.08
N PRO B 213 18.87 16.82 11.75
CA PRO B 213 17.69 17.10 12.59
C PRO B 213 16.74 15.90 12.77
N PHE B 214 16.08 15.87 13.93
CA PHE B 214 15.16 14.78 14.24
C PHE B 214 14.00 15.24 15.12
N LEU B 215 12.84 14.77 14.70
CA LEU B 215 11.68 14.45 15.52
C LEU B 215 11.94 14.04 17.02
N TYR B 216 11.53 14.84 18.02
CA TYR B 216 11.50 14.36 19.43
C TYR B 216 10.24 14.87 20.19
N LEU B 217 9.74 14.05 21.13
CA LEU B 217 8.60 14.43 22.01
C LEU B 217 9.12 15.15 23.26
N ASP B 218 8.57 16.34 23.55
CA ASP B 218 8.86 17.06 24.78
C ASP B 218 7.64 16.94 25.67
N GLY B 219 7.80 16.19 26.74
CA GLY B 219 6.64 15.73 27.46
C GLY B 219 5.62 15.42 26.38
N ASP B 220 4.64 16.33 26.25
CA ASP B 220 3.49 16.17 25.35
C ASP B 220 3.58 16.76 23.90
N ASP B 221 4.43 17.75 23.67
CA ASP B 221 4.53 18.45 22.36
C ASP B 221 5.57 17.81 21.35
N TYR B 222 5.29 17.81 20.05
CA TYR B 222 6.29 17.32 19.07
C TYR B 222 7.21 18.50 18.70
N LYS B 223 8.52 18.29 18.78
CA LYS B 223 9.47 19.28 18.29
C LYS B 223 10.56 18.62 17.45
N VAL B 224 11.34 19.44 16.76
CA VAL B 224 12.44 18.96 15.96
C VAL B 224 13.73 19.52 16.56
N PHE B 225 14.67 18.64 16.92
CA PHE B 225 15.98 19.07 17.41
C PHE B 225 16.87 19.33 16.22
N VAL B 226 17.60 20.45 16.26
CA VAL B 226 18.45 20.93 15.19
C VAL B 226 19.87 21.08 15.76
N PRO B 227 20.64 20.01 15.66
CA PRO B 227 22.01 20.01 16.17
C PRO B 227 22.90 21.13 15.64
N ALA B 228 23.63 21.77 16.55
CA ALA B 228 24.73 22.67 16.21
C ALA B 228 25.92 21.92 15.58
N LYS B 229 26.63 22.58 14.67
CA LYS B 229 27.80 21.95 14.03
C LYS B 229 29.01 21.74 14.95
N ARG B 230 29.81 20.72 14.62
CA ARG B 230 31.12 20.56 15.20
C ARG B 230 32.14 20.80 14.13
N THR B 231 33.24 21.40 14.52
CA THR B 231 34.46 21.42 13.72
C THR B 231 35.43 20.39 14.32
N ASN B 232 36.13 19.64 13.46
CA ASN B 232 36.88 18.44 13.84
C ASN B 232 36.22 17.55 14.87
N ALA B 233 35.13 16.99 14.40
CA ALA B 233 34.31 16.13 15.19
C ALA B 233 35.06 14.85 15.42
N ARG B 234 34.82 14.26 16.56
CA ARG B 234 35.29 12.94 16.84
C ARG B 234 34.40 12.41 17.95
N GLY B 235 33.98 11.15 17.80
CA GLY B 235 33.11 10.54 18.76
C GLY B 235 31.71 11.11 18.61
N THR B 236 30.84 10.72 19.52
CA THR B 236 29.42 11.06 19.35
C THR B 236 29.12 12.47 19.86
N SER B 237 28.06 13.05 19.31
CA SER B 237 27.57 14.37 19.71
C SER B 237 26.80 14.36 21.03
N TRP B 238 26.34 13.17 21.42
CA TRP B 238 25.50 12.93 22.58
C TRP B 238 26.16 12.08 23.67
N GLY B 239 27.22 11.38 23.32
CA GLY B 239 27.57 10.19 24.08
C GLY B 239 27.84 10.48 25.52
N ASN B 240 28.18 11.75 25.71
CA ASN B 240 28.87 12.32 26.86
C ASN B 240 27.92 13.36 27.49
N GLY B 241 26.63 13.22 27.17
CA GLY B 241 25.63 14.23 27.47
C GLY B 241 25.31 15.06 26.24
N THR B 242 24.23 15.83 26.32
CA THR B 242 23.52 16.24 25.09
C THR B 242 24.21 17.33 24.33
N PRO B 243 23.91 17.42 23.00
CA PRO B 243 24.45 18.42 22.09
C PRO B 243 23.84 19.80 22.30
N GLU B 244 24.51 20.82 21.77
CA GLU B 244 23.85 22.10 21.55
C GLU B 244 23.04 21.94 20.29
N GLY B 245 22.10 22.84 20.17
CA GLY B 245 21.17 22.82 19.08
C GLY B 245 19.96 23.62 19.53
N GLU B 246 19.02 23.69 18.61
CA GLU B 246 17.78 24.35 18.86
C GLU B 246 16.70 23.29 18.97
N SER B 247 15.58 23.63 19.60
CA SER B 247 14.34 22.88 19.36
C SER B 247 13.38 23.77 18.54
N LEU B 248 12.78 23.21 17.49
CA LEU B 248 11.87 23.98 16.66
C LEU B 248 10.47 23.40 16.79
N PRO B 249 9.55 24.18 17.40
CA PRO B 249 8.22 23.65 17.66
C PRO B 249 7.54 23.07 16.41
N LEU B 250 6.89 21.94 16.57
CA LEU B 250 6.17 21.37 15.45
C LEU B 250 5.18 22.36 14.81
N ASP B 251 4.54 23.22 15.58
CA ASP B 251 3.55 24.11 14.95
C ASP B 251 4.29 25.19 14.11
N GLN B 252 5.61 25.11 14.08
CA GLN B 252 6.43 25.98 13.22
C GLN B 252 6.88 25.28 11.92
N PHE B 253 6.35 24.08 11.69
CA PHE B 253 6.47 23.35 10.42
C PHE B 253 5.15 23.27 9.68
N TYR B 254 5.18 23.50 8.37
CA TYR B 254 4.09 23.02 7.52
C TYR B 254 4.27 21.51 7.47
N VAL B 255 3.23 20.79 7.88
CA VAL B 255 3.24 19.34 7.85
C VAL B 255 2.63 18.96 6.50
N VAL B 256 3.47 18.48 5.60
CA VAL B 256 3.01 18.27 4.23
C VAL B 256 2.48 16.84 4.04
N LYS B 257 1.26 16.76 3.46
CA LYS B 257 0.57 15.51 3.03
C LYS B 257 0.24 15.52 1.51
N PRO B 258 -0.29 14.41 0.94
CA PRO B 258 -0.27 14.17 -0.53
C PRO B 258 -0.93 15.18 -1.53
N GLY B 259 -0.32 15.36 -2.72
CA GLY B 259 -0.85 16.29 -3.70
C GLY B 259 -0.91 17.68 -3.12
N ALA B 260 0.19 18.43 -3.21
CA ALA B 260 0.18 19.73 -2.57
C ALA B 260 0.88 20.59 -3.50
N THR B 261 0.37 21.76 -3.62
CA THR B 261 0.86 22.57 -4.65
C THR B 261 2.26 22.85 -4.11
N ALA B 262 3.24 22.59 -4.95
CA ALA B 262 4.51 23.22 -4.75
C ALA B 262 4.30 24.61 -4.15
N GLU B 263 3.30 25.35 -4.66
CA GLU B 263 3.21 26.77 -4.26
C GLU B 263 2.83 26.91 -2.79
N THR B 264 1.99 26.01 -2.30
CA THR B 264 1.67 25.99 -0.88
C THR B 264 2.91 25.69 -0.04
N ILE B 265 3.68 24.69 -0.43
CA ILE B 265 4.95 24.47 0.24
C ILE B 265 5.81 25.73 0.12
N ASN B 266 5.85 26.29 -1.08
CA ASN B 266 6.62 27.49 -1.34
C ASN B 266 6.06 28.68 -0.60
N ALA B 267 4.73 28.72 -0.51
CA ALA B 267 4.08 29.76 0.27
C ALA B 267 4.48 29.58 1.70
N ALA B 268 4.53 28.34 2.16
CA ALA B 268 4.88 28.05 3.55
C ALA B 268 6.26 28.60 3.98
N VAL B 269 7.29 28.35 3.17
CA VAL B 269 8.65 28.77 3.51
C VAL B 269 8.81 30.32 3.57
N ASP B 270 8.22 30.99 2.61
CA ASP B 270 8.19 32.45 2.59
C ASP B 270 7.59 33.07 3.90
N GLN B 271 6.68 32.35 4.56
CA GLN B 271 5.81 32.95 5.59
C GLN B 271 6.41 32.74 7.01
N GLY B 272 6.80 31.55 7.34
CA GLY B 272 7.84 31.42 8.36
C GLY B 272 8.24 30.01 8.60
N LEU B 273 7.56 29.12 7.90
CA LEU B 273 7.43 27.77 8.33
C LEU B 273 8.59 26.96 7.76
N HIS B 274 9.04 26.02 8.58
CA HIS B 274 9.90 24.94 8.11
C HIS B 274 8.98 23.89 7.46
N LEU B 275 9.58 22.84 6.90
CA LEU B 275 8.87 21.78 6.22
C LEU B 275 9.16 20.42 6.85
N LEU B 276 8.09 19.64 7.07
CA LEU B 276 8.21 18.30 7.64
C LEU B 276 7.39 17.42 6.69
N PHE B 277 8.07 16.68 5.82
CA PHE B 277 7.38 15.85 4.85
C PHE B 277 7.01 14.51 5.43
N THR B 278 5.71 14.30 5.66
CA THR B 278 5.22 13.02 6.13
C THR B 278 5.46 11.96 5.05
N PRO B 279 5.53 10.69 5.44
CA PRO B 279 5.84 9.65 4.45
C PRO B 279 4.77 9.56 3.37
N GLY B 280 5.23 9.52 2.12
CA GLY B 280 4.36 9.71 0.97
C GLY B 280 5.17 10.09 -0.25
N VAL B 281 4.45 10.20 -1.36
CA VAL B 281 5.04 10.43 -2.67
C VAL B 281 4.40 11.66 -3.25
N TYR B 282 5.20 12.72 -3.43
CA TYR B 282 4.70 14.06 -3.74
C TYR B 282 5.06 14.54 -5.13
N HIS B 283 4.07 14.54 -6.01
CA HIS B 283 4.28 15.11 -7.34
C HIS B 283 4.25 16.65 -7.18
N VAL B 284 5.11 17.35 -7.94
CA VAL B 284 5.18 18.83 -7.96
C VAL B 284 5.33 19.36 -9.41
N ASP B 285 4.63 20.48 -9.68
CA ASP B 285 4.44 21.03 -11.03
C ASP B 285 5.26 22.26 -11.30
N GLN B 286 6.20 22.51 -10.40
CA GLN B 286 7.19 23.57 -10.53
C GLN B 286 8.09 23.36 -9.31
N PRO B 287 9.26 24.02 -9.25
CA PRO B 287 10.13 23.63 -8.12
C PRO B 287 9.69 24.09 -6.73
N ILE B 288 10.02 23.27 -5.75
CA ILE B 288 10.03 23.65 -4.35
C ILE B 288 11.22 24.57 -4.16
N GLU B 289 10.96 25.78 -3.68
CA GLU B 289 11.92 26.85 -3.57
C GLU B 289 12.10 27.25 -2.11
N ILE B 290 13.30 27.01 -1.57
CA ILE B 290 13.60 27.35 -0.20
C ILE B 290 14.63 28.47 -0.19
N ASP B 291 14.11 29.70 -0.03
CA ASP B 291 14.98 30.86 0.06
C ASP B 291 14.79 31.71 1.30
N ARG B 292 14.89 31.05 2.44
CA ARG B 292 14.93 31.78 3.70
C ARG B 292 15.92 31.06 4.57
N ALA B 293 16.84 31.82 5.14
CA ALA B 293 17.93 31.23 5.91
C ALA B 293 17.41 30.32 7.01
N ASN B 294 18.20 29.30 7.37
CA ASN B 294 17.92 28.40 8.50
C ASN B 294 16.66 27.51 8.37
N THR B 295 16.11 27.41 7.18
CA THR B 295 14.95 26.54 6.95
C THR B 295 15.34 25.08 7.05
N VAL B 296 14.59 24.34 7.85
CA VAL B 296 14.70 22.89 7.94
C VAL B 296 13.64 22.27 7.02
N ALA B 297 14.08 21.33 6.18
CA ALA B 297 13.16 20.53 5.35
C ALA B 297 13.49 19.07 5.62
N LEU B 298 12.67 18.45 6.46
CA LEU B 298 12.98 17.14 7.02
C LEU B 298 11.92 16.14 6.61
N GLY B 299 12.31 15.13 5.84
CA GLY B 299 11.39 14.06 5.49
C GLY B 299 11.36 12.92 6.49
N LEU B 300 10.22 12.22 6.51
CA LEU B 300 10.03 11.04 7.33
C LEU B 300 9.68 9.88 6.42
N GLY B 301 10.13 8.68 6.79
CA GLY B 301 9.76 7.48 6.07
C GLY B 301 10.01 7.49 4.57
N LEU B 302 11.11 8.12 4.16
CA LEU B 302 11.52 8.11 2.75
C LEU B 302 10.52 8.86 1.85
N ALA B 303 9.97 9.93 2.42
CA ALA B 303 9.14 10.84 1.67
C ALA B 303 9.85 11.22 0.38
N THR B 304 9.07 11.21 -0.69
CA THR B 304 9.61 11.28 -2.04
C THR B 304 8.99 12.40 -2.83
N ILE B 305 9.83 13.14 -3.54
CA ILE B 305 9.40 14.26 -4.41
C ILE B 305 9.65 13.86 -5.85
N ILE B 306 8.59 13.86 -6.66
CA ILE B 306 8.66 13.62 -8.09
C ILE B 306 8.34 14.93 -8.86
N PRO B 307 9.32 15.50 -9.58
CA PRO B 307 9.00 16.68 -10.41
C PRO B 307 8.32 16.28 -11.71
N ASP B 308 7.11 16.76 -11.93
CA ASP B 308 6.42 16.58 -13.20
C ASP B 308 6.87 17.65 -14.22
N ASN B 309 6.54 17.42 -15.49
CA ASN B 309 6.68 18.44 -16.55
C ASN B 309 8.13 18.94 -16.70
N GLY B 310 9.08 18.04 -16.47
CA GLY B 310 10.50 18.34 -16.58
C GLY B 310 11.06 19.42 -15.69
N VAL B 311 10.36 19.78 -14.61
CA VAL B 311 10.88 20.83 -13.73
C VAL B 311 11.94 20.29 -12.74
N THR B 312 12.70 21.19 -12.13
CA THR B 312 13.59 20.86 -11.02
C THR B 312 12.74 20.66 -9.78
N ALA B 313 13.10 19.67 -8.97
CA ALA B 313 12.31 19.32 -7.78
C ALA B 313 12.55 20.27 -6.61
N LEU B 314 13.82 20.53 -6.34
CA LEU B 314 14.21 21.28 -5.15
C LEU B 314 15.26 22.32 -5.50
N LYS B 315 15.05 23.55 -5.05
CA LYS B 315 15.99 24.64 -5.29
C LYS B 315 16.19 25.42 -3.99
N VAL B 316 17.44 25.45 -3.51
CA VAL B 316 17.79 26.21 -2.32
C VAL B 316 18.47 27.53 -2.77
N GLY B 317 18.07 28.63 -2.17
CA GLY B 317 18.65 29.92 -2.52
C GLY B 317 20.02 30.12 -1.91
N ASP B 318 20.54 31.34 -2.08
CA ASP B 318 21.88 31.70 -1.64
C ASP B 318 21.89 32.14 -0.17
N VAL B 319 21.51 31.20 0.70
CA VAL B 319 21.28 31.46 2.11
C VAL B 319 22.01 30.49 3.01
N ASP B 320 22.41 31.02 4.15
CA ASP B 320 22.96 30.28 5.28
C ASP B 320 21.97 29.26 5.84
N GLY B 321 22.51 28.19 6.42
CA GLY B 321 21.79 27.36 7.36
C GLY B 321 20.64 26.49 6.92
N VAL B 322 20.42 26.31 5.64
CA VAL B 322 19.31 25.44 5.23
C VAL B 322 19.73 23.97 5.44
N LYS B 323 18.79 23.17 5.97
CA LYS B 323 19.05 21.80 6.36
C LYS B 323 18.03 20.88 5.67
N VAL B 324 18.44 20.29 4.56
CA VAL B 324 17.57 19.39 3.81
C VAL B 324 17.93 17.99 4.28
N ALA B 325 16.93 17.20 4.64
CA ALA B 325 17.20 15.93 5.28
C ALA B 325 16.15 14.87 4.99
N GLY B 326 16.58 13.68 4.56
CA GLY B 326 15.67 12.54 4.54
C GLY B 326 14.61 12.50 3.45
N LEU B 327 15.03 12.86 2.24
CA LEU B 327 14.14 12.88 1.09
C LEU B 327 14.75 12.11 -0.08
N LEU B 328 13.88 11.42 -0.81
CA LEU B 328 14.22 10.80 -2.10
C LEU B 328 13.61 11.67 -3.18
N VAL B 329 14.39 12.02 -4.18
CA VAL B 329 13.91 12.73 -5.34
C VAL B 329 13.94 11.70 -6.49
N ASP B 330 12.78 11.49 -7.08
CA ASP B 330 12.59 10.42 -8.06
C ASP B 330 12.23 11.06 -9.40
N ALA B 331 13.10 10.95 -10.41
CA ALA B 331 12.89 11.62 -11.68
C ALA B 331 11.58 11.22 -12.33
N GLY B 332 10.97 12.20 -13.01
CA GLY B 332 9.84 11.94 -13.86
C GLY B 332 10.32 11.47 -15.23
N PRO B 333 9.41 10.91 -16.02
CA PRO B 333 9.80 10.51 -17.38
C PRO B 333 10.07 11.73 -18.29
N VAL B 334 9.49 12.88 -17.96
CA VAL B 334 9.85 14.10 -18.72
C VAL B 334 11.18 14.70 -18.21
N ASN B 335 12.22 14.60 -19.03
CA ASN B 335 13.57 14.99 -18.59
C ASN B 335 13.64 16.33 -17.86
N SER B 336 14.28 16.31 -16.70
CA SER B 336 14.57 17.53 -15.98
C SER B 336 15.99 17.98 -16.26
N GLU B 337 16.17 19.28 -16.45
CA GLU B 337 17.51 19.84 -16.59
C GLU B 337 18.37 19.52 -15.38
N THR B 338 17.81 19.81 -14.22
CA THR B 338 18.43 19.52 -12.94
C THR B 338 17.34 19.00 -12.01
N LEU B 339 17.69 18.09 -11.09
CA LEU B 339 16.74 17.64 -10.05
C LEU B 339 16.80 18.44 -8.72
N VAL B 340 18.00 18.77 -8.28
CA VAL B 340 18.24 19.55 -7.08
C VAL B 340 19.32 20.56 -7.38
N GLU B 341 19.09 21.84 -7.03
CA GLU B 341 20.08 22.89 -7.21
C GLU B 341 20.28 23.63 -5.88
N VAL B 342 21.50 23.57 -5.32
CA VAL B 342 21.84 24.24 -4.07
C VAL B 342 22.61 25.50 -4.37
N GLY B 343 21.93 26.61 -4.22
CA GLY B 343 22.44 27.91 -4.59
C GLY B 343 22.26 28.12 -6.07
N SER B 344 22.50 29.33 -6.51
CA SER B 344 22.10 29.64 -7.88
C SER B 344 23.34 29.54 -8.77
N ASP B 345 23.14 29.15 -10.04
CA ASP B 345 24.20 29.20 -11.04
C ASP B 345 25.08 30.43 -10.79
N GLY B 346 26.30 30.16 -10.37
CA GLY B 346 27.32 31.18 -10.24
C GLY B 346 27.65 31.78 -8.88
N ALA B 347 26.91 31.46 -7.84
CA ALA B 347 26.98 32.28 -6.63
C ALA B 347 28.32 32.34 -5.82
N SER B 348 28.57 33.48 -5.18
CA SER B 348 29.90 33.81 -4.65
C SER B 348 30.15 34.11 -3.14
N GLY B 349 29.13 34.01 -2.31
CA GLY B 349 29.27 34.38 -0.91
C GLY B 349 29.66 33.19 -0.04
N ASP B 350 30.31 33.50 1.10
CA ASP B 350 30.73 32.56 2.16
C ASP B 350 29.53 32.10 2.95
N HIS B 351 29.47 30.81 3.30
CA HIS B 351 28.46 30.33 4.25
C HIS B 351 29.16 29.49 5.32
N ALA B 352 30.38 29.86 5.70
CA ALA B 352 31.21 28.94 6.50
C ALA B 352 30.76 28.80 7.96
N ALA B 353 30.28 29.91 8.53
CA ALA B 353 29.80 29.89 9.90
C ALA B 353 28.56 28.98 10.00
N ASN B 354 27.61 29.17 9.08
CA ASN B 354 26.33 28.49 9.13
C ASN B 354 26.00 27.90 7.75
N PRO B 355 26.62 26.75 7.43
CA PRO B 355 26.46 26.17 6.09
C PRO B 355 25.03 25.74 5.76
N THR B 356 24.80 25.43 4.48
CA THR B 356 23.61 24.66 4.07
C THR B 356 24.06 23.23 3.89
N SER B 357 23.19 22.26 4.22
CA SER B 357 23.55 20.87 4.09
C SER B 357 22.46 20.04 3.42
N LEU B 358 22.91 18.99 2.73
CA LEU B 358 22.06 17.92 2.25
C LEU B 358 22.43 16.66 3.05
N GLN B 359 21.44 16.04 3.69
CA GLN B 359 21.69 14.84 4.50
C GLN B 359 20.66 13.74 4.22
N ASP B 360 21.13 12.55 3.91
CA ASP B 360 20.19 11.50 3.54
C ASP B 360 19.25 12.02 2.44
N VAL B 361 19.85 12.65 1.45
CA VAL B 361 19.17 13.06 0.24
C VAL B 361 19.58 12.09 -0.87
N PHE B 362 18.59 11.38 -1.39
CA PHE B 362 18.81 10.34 -2.36
C PHE B 362 18.16 10.78 -3.67
N VAL B 363 18.67 10.29 -4.78
CA VAL B 363 18.11 10.58 -6.08
C VAL B 363 18.04 9.27 -6.85
N ARG B 364 16.91 9.04 -7.51
CA ARG B 364 16.72 7.87 -8.36
C ARG B 364 16.31 8.33 -9.75
N ILE B 365 16.92 7.77 -10.80
CA ILE B 365 16.47 8.02 -12.17
C ILE B 365 16.11 6.69 -12.84
N GLY B 366 14.81 6.45 -13.00
CA GLY B 366 14.31 5.17 -13.47
C GLY B 366 14.16 4.13 -12.38
N GLY B 367 13.62 2.96 -12.76
CA GLY B 367 13.54 1.82 -11.85
C GLY B 367 12.13 1.55 -11.33
N ALA B 368 11.34 2.62 -11.22
CA ALA B 368 9.92 2.51 -10.88
C ALA B 368 9.10 2.72 -12.12
N GLY B 369 9.78 2.66 -13.26
CA GLY B 369 9.23 3.13 -14.51
C GLY B 369 10.20 4.11 -15.15
N PRO B 370 9.90 4.56 -16.36
CA PRO B 370 10.84 5.49 -17.04
C PRO B 370 11.10 6.83 -16.31
N GLY B 371 12.38 7.22 -16.19
CA GLY B 371 12.74 8.47 -15.58
C GLY B 371 13.96 9.07 -16.25
N LYS B 372 14.03 10.40 -16.35
CA LYS B 372 15.15 11.11 -17.02
C LYS B 372 15.55 12.43 -16.38
N ALA B 373 16.84 12.69 -16.28
CA ALA B 373 17.35 13.99 -15.88
C ALA B 373 18.77 14.19 -16.40
N THR B 374 19.10 15.42 -16.73
CA THR B 374 20.44 15.70 -17.29
C THR B 374 21.53 15.73 -16.21
N THR B 375 21.34 16.55 -15.19
CA THR B 375 22.22 16.61 -14.04
C THR B 375 21.36 16.48 -12.79
N SER B 376 21.73 15.57 -11.90
CA SER B 376 20.87 15.29 -10.76
C SER B 376 21.01 16.36 -9.66
N ILE B 377 22.22 16.55 -9.14
CA ILE B 377 22.42 17.58 -8.10
C ILE B 377 23.51 18.56 -8.53
N VAL B 378 23.16 19.86 -8.56
CA VAL B 378 24.13 20.92 -8.78
C VAL B 378 24.35 21.68 -7.49
N VAL B 379 25.58 21.68 -7.01
CA VAL B 379 25.91 22.45 -5.81
C VAL B 379 26.68 23.71 -6.18
N ASN B 380 25.99 24.83 -6.07
CA ASN B 380 26.57 26.13 -6.36
C ASN B 380 27.10 26.85 -5.11
N SER B 381 26.43 26.67 -3.98
CA SER B 381 26.72 27.46 -2.79
C SER B 381 28.00 27.05 -2.11
N ASN B 382 28.83 28.03 -1.80
CA ASN B 382 30.05 27.75 -1.09
C ASN B 382 29.77 27.19 0.31
N ASP B 383 30.72 26.39 0.77
CA ASP B 383 30.76 25.78 2.12
C ASP B 383 29.65 24.73 2.44
N THR B 384 28.93 24.33 1.42
CA THR B 384 27.87 23.31 1.54
C THR B 384 28.44 22.00 2.05
N ILE B 385 27.66 21.32 2.90
CA ILE B 385 28.01 19.97 3.40
C ILE B 385 27.04 18.97 2.78
N ILE B 386 27.59 17.98 2.11
CA ILE B 386 26.82 16.87 1.55
C ILE B 386 27.18 15.65 2.42
N ASP B 387 26.31 15.30 3.36
CA ASP B 387 26.57 14.27 4.38
C ASP B 387 25.59 13.11 4.20
N HIS B 388 26.03 12.15 3.40
CA HIS B 388 25.30 10.99 2.93
C HIS B 388 24.30 11.30 1.81
N THR B 389 24.74 10.97 0.59
CA THR B 389 23.84 11.01 -0.56
C THR B 389 24.05 9.74 -1.38
N TRP B 390 22.96 9.27 -1.98
CA TRP B 390 23.05 8.23 -3.03
C TRP B 390 22.31 8.77 -4.24
N VAL B 391 23.07 9.00 -5.32
CA VAL B 391 22.58 9.57 -6.57
C VAL B 391 22.70 8.44 -7.59
N TRP B 392 21.54 7.88 -7.96
CA TRP B 392 21.48 6.56 -8.59
C TRP B 392 20.68 6.55 -9.89
N ARG B 393 21.37 6.39 -11.00
CA ARG B 393 20.71 6.04 -12.25
C ARG B 393 20.41 4.56 -12.17
N ALA B 394 19.14 4.18 -12.29
CA ALA B 394 18.77 2.80 -12.07
C ALA B 394 19.41 1.81 -13.04
N ASP B 395 19.85 0.67 -12.50
CA ASP B 395 20.37 -0.44 -13.31
C ASP B 395 19.41 -1.62 -13.39
N HIS B 396 18.27 -1.56 -12.67
CA HIS B 396 17.29 -2.64 -12.71
C HIS B 396 15.94 -2.06 -12.36
N GLY B 397 14.90 -2.85 -12.64
CA GLY B 397 13.52 -2.46 -12.43
C GLY B 397 12.89 -2.20 -13.78
N GLU B 398 11.98 -1.24 -13.83
CA GLU B 398 11.30 -0.89 -15.07
C GLU B 398 11.65 0.50 -15.53
N GLY B 399 11.64 0.72 -16.84
CA GLY B 399 11.97 2.04 -17.38
C GLY B 399 13.48 2.22 -17.47
N VAL B 400 14.20 1.11 -17.57
CA VAL B 400 15.68 1.10 -17.51
C VAL B 400 16.27 0.73 -18.88
N GLY B 401 17.24 1.53 -19.32
CA GLY B 401 17.89 1.32 -20.59
C GLY B 401 18.79 2.51 -20.92
N TRP B 402 19.77 2.27 -21.80
CA TRP B 402 20.79 3.27 -22.13
C TRP B 402 20.19 4.60 -22.55
N GLU B 403 19.06 4.54 -23.25
CA GLU B 403 18.38 5.76 -23.63
C GLU B 403 17.13 5.99 -22.77
N THR B 404 16.51 4.88 -22.41
CA THR B 404 15.26 4.82 -21.67
C THR B 404 15.30 5.61 -20.35
N ASN B 405 16.30 5.34 -19.48
CA ASN B 405 16.52 6.18 -18.27
C ASN B 405 17.88 6.89 -18.33
N ARG B 406 18.16 7.47 -19.49
CA ARG B 406 19.36 8.24 -19.69
C ARG B 406 19.48 9.37 -18.65
N ALA B 407 20.69 9.52 -18.10
CA ALA B 407 21.01 10.58 -17.15
C ALA B 407 22.48 10.80 -17.25
N ASP B 408 22.89 11.91 -17.87
CA ASP B 408 24.30 12.09 -18.20
C ASP B 408 25.20 12.32 -16.97
N TYR B 409 24.71 13.12 -16.02
CA TYR B 409 25.57 13.67 -14.96
C TYR B 409 24.91 13.49 -13.60
N GLY B 410 25.70 13.07 -12.61
CA GLY B 410 25.19 12.79 -11.30
C GLY B 410 25.19 14.02 -10.42
N VAL B 411 26.38 14.34 -9.95
CA VAL B 411 26.60 15.50 -9.08
C VAL B 411 27.59 16.44 -9.75
N HIS B 412 27.31 17.74 -9.64
CA HIS B 412 28.24 18.73 -10.15
C HIS B 412 28.46 19.78 -9.09
N VAL B 413 29.66 19.82 -8.53
CA VAL B 413 29.97 20.78 -7.46
C VAL B 413 30.75 21.96 -8.03
N LYS B 414 30.09 23.11 -7.98
CA LYS B 414 30.66 24.34 -8.48
C LYS B 414 31.01 25.32 -7.38
N GLY B 415 30.48 25.11 -6.19
CA GLY B 415 30.83 25.93 -5.05
C GLY B 415 32.22 25.63 -4.50
N ASP B 416 32.76 26.62 -3.80
CA ASP B 416 34.04 26.52 -3.13
C ASP B 416 33.86 25.94 -1.76
N ASN B 417 34.84 25.16 -1.33
CA ASN B 417 34.93 24.70 0.04
C ASN B 417 33.78 23.80 0.46
N VAL B 418 33.27 23.08 -0.51
CA VAL B 418 32.20 22.11 -0.30
C VAL B 418 32.82 20.81 0.23
N LEU B 419 32.11 20.18 1.16
CA LEU B 419 32.58 18.94 1.78
C LEU B 419 31.54 17.87 1.55
N ALA B 420 31.99 16.71 1.08
CA ALA B 420 31.14 15.53 0.93
C ALA B 420 31.65 14.42 1.85
N THR B 421 30.77 13.92 2.73
CA THR B 421 31.13 12.85 3.65
C THR B 421 30.15 11.71 3.49
N GLY B 422 30.52 10.72 2.68
CA GLY B 422 29.65 9.60 2.36
C GLY B 422 28.95 9.80 1.03
N LEU B 423 29.75 9.86 -0.04
CA LEU B 423 29.27 10.16 -1.39
C LEU B 423 29.13 8.86 -2.21
N PHE B 424 27.91 8.53 -2.60
CA PHE B 424 27.59 7.31 -3.39
C PHE B 424 26.88 7.77 -4.68
N VAL B 425 27.48 7.57 -5.84
CA VAL B 425 26.94 8.06 -7.11
C VAL B 425 27.20 7.01 -8.19
N GLU B 426 26.16 6.53 -8.85
CA GLU B 426 26.33 5.39 -9.74
C GLU B 426 25.53 5.43 -11.06
N HIS B 427 26.20 4.98 -12.13
CA HIS B 427 25.61 4.48 -13.38
C HIS B 427 25.30 5.55 -14.42
N PHE B 428 25.82 6.76 -14.21
CA PHE B 428 25.55 7.86 -15.15
C PHE B 428 26.15 7.65 -16.54
N ASN B 429 25.46 8.15 -17.57
CA ASN B 429 25.92 7.97 -18.95
C ASN B 429 27.26 8.64 -19.21
N LYS B 430 27.51 9.74 -18.48
CA LYS B 430 28.75 10.49 -18.60
C LYS B 430 29.43 10.59 -17.24
N TYR B 431 29.88 11.77 -16.82
CA TYR B 431 30.58 11.89 -15.56
C TYR B 431 29.63 11.74 -14.38
N ASP B 432 29.90 10.77 -13.50
CA ASP B 432 29.05 10.62 -12.32
C ASP B 432 29.20 11.80 -11.38
N VAL B 433 30.44 12.18 -11.11
CA VAL B 433 30.73 13.37 -10.31
C VAL B 433 31.70 14.26 -11.08
N GLN B 434 31.42 15.57 -11.03
CA GLN B 434 32.24 16.61 -11.61
C GLN B 434 32.42 17.70 -10.55
N TRP B 435 33.66 18.14 -10.37
CA TRP B 435 33.99 19.15 -9.37
C TRP B 435 34.73 20.31 -10.03
N SER B 436 34.02 21.44 -10.08
CA SER B 436 34.42 22.72 -10.71
C SER B 436 35.02 23.70 -9.68
N GLY B 437 34.57 23.60 -8.44
CA GLY B 437 34.90 24.58 -7.38
C GLY B 437 36.23 24.31 -6.69
N GLU B 438 36.72 25.30 -5.94
CA GLU B 438 37.95 25.18 -5.18
C GLU B 438 37.80 24.53 -3.82
N ASN B 439 38.90 23.96 -3.37
CA ASN B 439 39.09 23.43 -2.02
C ASN B 439 37.98 22.53 -1.57
N GLY B 440 37.45 21.78 -2.51
CA GLY B 440 36.53 20.70 -2.20
C GLY B 440 37.24 19.56 -1.49
N LYS B 441 36.47 18.86 -0.66
CA LYS B 441 36.95 17.64 -0.02
C LYS B 441 35.88 16.57 -0.06
N THR B 442 36.30 15.35 -0.35
CA THR B 442 35.42 14.18 -0.29
C THR B 442 36.05 13.15 0.61
N ILE B 443 35.28 12.73 1.60
CA ILE B 443 35.66 11.63 2.47
C ILE B 443 34.64 10.50 2.24
N PHE B 444 35.16 9.45 1.63
CA PHE B 444 34.44 8.27 1.14
C PHE B 444 33.66 8.51 -0.15
N TYR B 445 34.03 7.78 -1.20
CA TYR B 445 33.27 7.79 -2.45
C TYR B 445 33.09 6.34 -2.89
N GLN B 446 31.86 6.02 -3.27
CA GLN B 446 31.53 4.76 -3.91
C GLN B 446 30.80 5.04 -5.22
N ASN B 447 31.36 4.49 -6.31
CA ASN B 447 30.79 4.58 -7.64
C ASN B 447 30.77 3.21 -8.33
N ALA B 448 29.80 3.04 -9.20
CA ALA B 448 29.86 1.99 -10.22
C ALA B 448 29.49 2.67 -11.53
N LYS B 449 30.24 2.33 -12.56
CA LYS B 449 29.99 2.88 -13.88
C LYS B 449 28.73 2.23 -14.53
N ALA B 450 28.15 2.92 -15.52
CA ALA B 450 26.99 2.39 -16.26
C ALA B 450 27.28 1.03 -16.82
N TYR B 451 26.38 0.08 -16.56
CA TYR B 451 26.61 -1.30 -17.01
C TYR B 451 26.20 -1.48 -18.47
N ASP B 452 25.43 -0.50 -18.98
CA ASP B 452 24.66 -0.71 -20.21
C ASP B 452 25.05 0.12 -21.45
N ALA B 453 26.24 0.76 -21.47
CA ALA B 453 26.74 1.30 -22.74
C ALA B 453 26.87 0.16 -23.77
N PRO B 454 26.22 0.31 -24.95
CA PRO B 454 26.17 -0.78 -25.94
C PRO B 454 27.54 -1.12 -26.51
N ASP B 455 28.41 -0.13 -26.56
CA ASP B 455 29.73 -0.33 -27.15
C ASP B 455 30.68 0.74 -26.69
N GLN B 456 31.92 0.66 -27.17
CA GLN B 456 32.93 1.65 -26.83
C GLN B 456 32.65 3.03 -27.45
N ALA B 457 32.33 3.07 -28.75
CA ALA B 457 32.03 4.33 -29.46
C ALA B 457 31.06 5.22 -28.68
N ALA B 458 30.05 4.62 -28.08
CA ALA B 458 29.01 5.35 -27.36
C ALA B 458 29.51 6.09 -26.11
N ILE B 459 30.67 5.69 -25.59
CA ILE B 459 31.29 6.38 -24.45
C ILE B 459 32.60 7.12 -24.79
N GLN B 460 32.87 7.45 -26.05
CA GLN B 460 34.14 8.15 -26.35
C GLN B 460 34.06 9.61 -25.91
N ASN B 461 35.18 10.12 -25.39
CA ASN B 461 35.18 11.41 -24.65
C ASN B 461 36.52 12.13 -24.87
N GLY B 462 36.68 12.83 -26.00
CA GLY B 462 38.01 13.25 -26.44
C GLY B 462 38.81 12.05 -26.92
N ASP B 463 40.05 11.94 -26.43
CA ASP B 463 40.91 10.77 -26.60
C ASP B 463 40.91 10.04 -25.27
N ILE B 464 39.76 10.11 -24.60
CA ILE B 464 39.51 9.30 -23.41
C ILE B 464 38.45 8.23 -23.67
N LYS B 465 38.77 7.00 -23.29
CA LYS B 465 37.79 5.94 -23.31
C LYS B 465 36.93 6.05 -22.06
N GLY B 466 35.67 6.44 -22.26
CA GLY B 466 34.73 6.65 -21.17
C GLY B 466 34.90 7.92 -20.38
N TYR B 467 34.00 8.09 -19.42
CA TYR B 467 33.95 9.26 -18.55
C TYR B 467 34.33 8.87 -17.12
N ALA B 468 35.26 9.61 -16.51
CA ALA B 468 35.59 9.40 -15.12
C ALA B 468 34.33 9.32 -14.25
N ALA B 469 34.41 8.47 -13.23
CA ALA B 469 33.46 8.47 -12.14
C ALA B 469 33.55 9.77 -11.33
N TYR B 470 34.73 10.36 -11.30
CA TYR B 470 34.96 11.52 -10.43
C TYR B 470 36.01 12.35 -11.10
N LYS B 471 35.55 13.49 -11.60
CA LYS B 471 36.33 14.39 -12.40
C LYS B 471 36.50 15.74 -11.75
N VAL B 472 37.73 16.13 -11.55
CA VAL B 472 38.10 17.48 -11.09
C VAL B 472 38.53 18.31 -12.30
N ASP B 473 37.84 19.40 -12.56
CA ASP B 473 38.10 20.15 -13.80
C ASP B 473 39.52 20.67 -13.78
N ASP B 474 40.04 20.87 -14.97
CA ASP B 474 41.41 21.25 -15.27
C ASP B 474 41.98 22.41 -14.48
N SER B 475 41.21 23.46 -14.34
CA SER B 475 41.74 24.65 -13.70
C SER B 475 41.31 24.33 -12.31
N VAL B 476 41.38 25.16 -11.33
CA VAL B 476 41.06 24.49 -9.98
C VAL B 476 42.30 23.87 -9.46
N THR B 477 42.65 24.38 -8.31
CA THR B 477 44.03 24.38 -7.93
C THR B 477 44.19 23.60 -6.66
N THR B 478 43.06 23.34 -6.01
CA THR B 478 43.05 22.88 -4.64
C THR B 478 41.84 21.90 -4.47
N HIS B 479 42.12 20.65 -4.10
CA HIS B 479 41.11 19.57 -3.92
C HIS B 479 41.76 18.44 -3.11
N GLU B 480 40.98 17.75 -2.25
CA GLU B 480 41.50 16.54 -1.61
C GLU B 480 40.40 15.48 -1.35
N GLY B 481 40.69 14.26 -1.77
CA GLY B 481 39.80 13.10 -1.60
C GLY B 481 40.44 11.93 -0.88
N TRP B 482 39.66 11.25 -0.06
CA TRP B 482 40.15 10.08 0.69
C TRP B 482 39.16 8.92 0.53
N GLY B 483 39.69 7.73 0.29
CA GLY B 483 38.88 6.52 0.36
C GLY B 483 37.81 6.43 -0.72
N MET B 484 38.27 6.25 -1.96
CA MET B 484 37.41 6.47 -3.12
C MET B 484 37.54 5.30 -4.09
N GLY B 485 36.40 4.69 -4.47
CA GLY B 485 36.40 3.55 -5.39
C GLY B 485 35.39 3.65 -6.53
N SER B 486 35.77 3.17 -7.71
CA SER B 486 34.88 3.07 -8.89
C SER B 486 34.95 1.63 -9.37
N TYR B 487 33.80 1.00 -9.53
CA TYR B 487 33.79 -0.37 -10.04
C TYR B 487 32.97 -0.47 -11.34
N CYS B 488 33.31 -1.43 -12.20
CA CYS B 488 32.60 -1.56 -13.47
C CYS B 488 32.02 -2.95 -13.62
N TYR B 489 31.01 -3.01 -14.46
CA TYR B 489 30.29 -4.25 -14.78
C TYR B 489 29.59 -4.07 -16.12
N PHE B 490 30.40 -4.07 -17.17
CA PHE B 490 29.89 -3.73 -18.50
C PHE B 490 29.28 -5.00 -19.12
N ASN B 491 28.08 -5.33 -18.66
CA ASN B 491 27.52 -6.67 -18.94
C ASN B 491 26.85 -6.73 -20.29
N VAL B 492 26.60 -5.57 -20.86
CA VAL B 492 26.04 -5.46 -22.21
C VAL B 492 27.17 -5.62 -23.22
N ASN B 493 28.35 -5.11 -22.90
CA ASN B 493 29.48 -5.25 -23.79
C ASN B 493 30.78 -5.34 -22.96
N PRO B 494 31.11 -6.56 -22.51
CA PRO B 494 32.22 -6.80 -21.60
C PRO B 494 33.60 -6.65 -22.22
N ASP B 495 33.65 -6.24 -23.50
CA ASP B 495 34.91 -5.96 -24.17
C ASP B 495 35.26 -4.45 -24.05
N ILE B 496 34.37 -3.68 -23.40
CA ILE B 496 34.62 -2.27 -23.16
C ILE B 496 35.83 -2.03 -22.26
N ARG B 497 36.52 -0.92 -22.52
CA ARG B 497 37.55 -0.41 -21.61
C ARG B 497 37.16 0.98 -21.08
N GLN B 498 37.37 1.14 -19.77
CA GLN B 498 37.21 2.43 -19.06
C GLN B 498 38.62 2.93 -18.73
N GLN B 499 39.05 4.10 -19.24
CA GLN B 499 40.45 4.50 -19.04
C GLN B 499 40.78 4.63 -17.56
N HIS B 500 39.86 5.22 -16.81
CA HIS B 500 40.11 5.46 -15.40
C HIS B 500 38.85 5.70 -14.59
N GLY B 501 38.98 5.56 -13.27
CA GLY B 501 37.89 5.94 -12.37
C GLY B 501 37.90 7.41 -12.05
N PHE B 502 39.11 7.98 -12.02
CA PHE B 502 39.35 9.34 -11.56
C PHE B 502 40.16 10.14 -12.58
N GLN B 503 39.88 11.44 -12.66
CA GLN B 503 40.50 12.35 -13.64
C GLN B 503 40.66 13.70 -12.97
N ALA B 504 41.89 14.21 -12.97
CA ALA B 504 42.23 15.42 -12.24
C ALA B 504 43.50 16.07 -12.78
N PRO B 505 43.56 17.40 -12.76
CA PRO B 505 44.85 17.99 -13.14
C PRO B 505 45.94 17.61 -12.17
N VAL B 506 47.17 17.61 -12.66
CA VAL B 506 48.30 17.19 -11.86
C VAL B 506 48.93 18.47 -11.33
N LYS B 507 48.77 18.70 -10.02
CA LYS B 507 49.05 20.00 -9.40
C LYS B 507 49.30 19.86 -7.92
N PRO B 508 50.11 20.77 -7.35
CA PRO B 508 50.42 20.66 -5.92
C PRO B 508 49.21 20.61 -4.94
N GLY B 509 48.22 21.45 -5.16
CA GLY B 509 47.06 21.49 -4.27
C GLY B 509 45.96 20.45 -4.52
N VAL B 510 46.10 19.58 -5.53
CA VAL B 510 45.06 18.57 -5.87
C VAL B 510 45.60 17.16 -5.54
N LYS B 511 45.09 16.57 -4.45
CA LYS B 511 45.69 15.37 -3.85
C LYS B 511 44.61 14.32 -3.61
N PHE B 512 44.97 13.05 -3.71
CA PHE B 512 44.05 11.98 -3.37
C PHE B 512 44.78 10.91 -2.61
N HIS B 513 44.02 10.30 -1.72
CA HIS B 513 44.50 9.26 -0.84
C HIS B 513 43.61 8.04 -0.97
N ASP B 514 44.22 6.87 -1.19
CA ASP B 514 43.51 5.60 -1.11
C ASP B 514 42.41 5.49 -2.17
N LEU B 515 42.86 5.34 -3.42
CA LEU B 515 42.00 5.19 -4.58
C LEU B 515 41.97 3.75 -5.05
N LEU B 516 40.81 3.31 -5.53
CA LEU B 516 40.75 2.00 -6.14
C LEU B 516 39.76 1.96 -7.28
N VAL B 517 40.04 1.07 -8.22
CA VAL B 517 39.07 0.66 -9.21
C VAL B 517 38.99 -0.86 -9.27
N VAL B 518 37.82 -1.39 -9.65
CA VAL B 518 37.65 -2.83 -9.73
C VAL B 518 36.62 -3.27 -10.78
N SER B 519 36.98 -4.35 -11.47
CA SER B 519 36.08 -5.00 -12.44
C SER B 519 35.33 -6.15 -11.80
N LEU B 520 34.00 -6.16 -11.90
CA LEU B 520 33.22 -7.28 -11.41
C LEU B 520 33.22 -8.40 -12.43
N GLY B 521 33.93 -9.48 -12.15
CA GLY B 521 33.87 -10.66 -13.01
C GLY B 521 34.45 -10.50 -14.42
N GLY B 522 35.36 -9.55 -14.60
CA GLY B 522 35.92 -9.29 -15.92
C GLY B 522 34.98 -8.68 -16.92
N LYS B 523 33.82 -8.21 -16.47
CA LYS B 523 32.89 -7.53 -17.39
C LYS B 523 33.42 -6.09 -17.64
N GLY B 524 34.24 -5.97 -18.67
CA GLY B 524 35.03 -4.79 -18.89
C GLY B 524 36.24 -4.74 -17.99
N GLN B 525 37.14 -3.81 -18.29
CA GLN B 525 38.30 -3.54 -17.46
C GLN B 525 38.62 -2.06 -17.45
N TYR B 526 39.26 -1.62 -16.36
CA TYR B 526 39.90 -0.28 -16.27
C TYR B 526 41.34 -0.32 -16.84
N GLU B 527 41.70 0.69 -17.63
CA GLU B 527 43.10 0.83 -18.08
C GLU B 527 44.04 1.35 -17.00
N HIS B 528 43.50 2.16 -16.10
CA HIS B 528 44.27 2.83 -15.05
C HIS B 528 43.31 3.20 -13.89
N VAL B 529 43.88 3.78 -12.84
CA VAL B 529 43.07 4.18 -11.68
C VAL B 529 42.64 5.65 -11.83
N ILE B 530 43.64 6.51 -12.04
CA ILE B 530 43.46 7.95 -12.14
C ILE B 530 44.35 8.48 -13.28
N ASN B 531 43.80 9.32 -14.16
CA ASN B 531 44.50 9.76 -15.37
C ASN B 531 45.18 8.55 -16.05
N ASP B 532 46.47 8.63 -16.40
CA ASP B 532 47.19 7.43 -16.88
C ASP B 532 48.09 6.78 -15.81
N ILE B 533 47.65 6.86 -14.55
CA ILE B 533 48.38 6.41 -13.36
C ILE B 533 47.67 5.17 -12.78
N GLY B 534 48.47 4.17 -12.40
CA GLY B 534 47.94 3.00 -11.74
C GLY B 534 47.69 1.84 -12.67
N ASP B 535 47.78 0.64 -12.13
CA ASP B 535 47.70 -0.58 -12.96
C ASP B 535 46.30 -0.72 -13.56
N PRO B 536 46.20 -1.35 -14.75
CA PRO B 536 44.86 -1.75 -15.20
C PRO B 536 44.30 -2.86 -14.33
N THR B 537 42.99 -3.01 -14.31
CA THR B 537 42.42 -4.25 -13.80
C THR B 537 42.64 -5.34 -14.84
N SER B 538 42.74 -6.59 -14.38
CA SER B 538 42.81 -7.72 -15.29
C SER B 538 42.25 -8.97 -14.62
N GLY B 539 42.17 -10.07 -15.35
CA GLY B 539 41.56 -11.27 -14.80
C GLY B 539 40.05 -11.09 -14.64
N ASP B 540 39.39 -12.16 -14.19
CA ASP B 540 37.92 -12.18 -14.02
C ASP B 540 37.49 -12.41 -12.57
N THR B 541 38.41 -12.29 -11.64
CA THR B 541 38.15 -12.63 -10.25
C THR B 541 37.89 -11.44 -9.33
N THR B 542 37.82 -10.24 -9.92
CA THR B 542 37.42 -9.06 -9.15
C THR B 542 38.43 -8.75 -8.04
N ILE B 543 39.64 -8.36 -8.44
CA ILE B 543 40.71 -7.92 -7.54
C ILE B 543 41.00 -6.43 -7.78
N PRO B 544 40.80 -5.56 -6.76
CA PRO B 544 41.02 -4.13 -7.07
C PRO B 544 42.45 -3.71 -7.46
N SER B 545 42.55 -2.72 -8.35
CA SER B 545 43.79 -1.98 -8.57
C SER B 545 43.75 -0.76 -7.68
N GLN B 546 44.90 -0.42 -7.10
CA GLN B 546 44.95 0.52 -5.98
C GLN B 546 46.00 1.60 -6.23
N VAL B 547 45.70 2.81 -5.75
CA VAL B 547 46.68 3.90 -5.65
C VAL B 547 46.58 4.60 -4.29
N VAL B 548 47.59 4.41 -3.43
CA VAL B 548 47.61 5.03 -2.09
C VAL B 548 47.67 6.58 -2.08
N SER B 549 48.57 7.18 -2.86
CA SER B 549 48.73 8.66 -2.89
C SER B 549 48.68 9.05 -4.33
N PHE B 550 48.39 10.32 -4.60
CA PHE B 550 48.52 10.93 -5.91
C PHE B 550 48.46 12.45 -5.68
N PRO B 551 49.40 13.24 -6.27
CA PRO B 551 50.52 12.89 -7.19
C PRO B 551 51.48 11.90 -6.62
C1 EDO C . -38.52 -12.71 -9.30
O1 EDO C . -37.75 -12.87 -8.11
C2 EDO C . -38.69 -11.26 -9.74
O2 EDO C . -37.94 -10.39 -8.85
H11 EDO C . -39.51 -13.15 -9.16
H12 EDO C . -38.02 -13.26 -10.09
HO1 EDO C . -37.56 -13.81 -7.97
H21 EDO C . -39.74 -10.99 -9.71
H22 EDO C . -38.32 -11.14 -10.76
HO2 EDO C . -38.00 -9.48 -9.18
C1 EDO D . -15.66 -12.60 -22.18
O1 EDO D . -14.38 -11.92 -22.14
C2 EDO D . -16.78 -11.55 -22.17
O2 EDO D . -16.62 -10.71 -21.03
H11 EDO D . -15.77 -13.26 -21.32
H12 EDO D . -15.72 -13.22 -23.08
HO1 EDO D . -13.66 -12.55 -22.30
H21 EDO D . -17.76 -12.02 -22.13
H22 EDO D . -16.73 -10.95 -23.08
HO2 EDO D . -17.27 -10.01 -21.05
C2 BGC E . 25.64 -1.67 -7.50
C3 BGC E . 24.16 -1.26 -7.70
C4 BGC E . 23.57 -2.12 -8.87
C5 BGC E . 23.72 -3.61 -8.57
C6 BGC E . 22.96 -4.43 -9.64
C1 BGC E . 25.53 -3.17 -7.16
O1 BGC E . 26.73 -3.71 -6.61
O2 BGC E . 26.42 -0.90 -6.52
O3 BGC E . 23.74 0.12 -7.82
O4 BGC E . 22.17 -1.91 -8.92
O5 BGC E . 25.08 -3.90 -8.31
O6 BGC E . 22.62 -5.71 -9.15
H2 BGC E . 24.64 -1.30 -7.38
H3 BGC E . 23.78 -1.82 -8.52
H4 BGC E . 23.96 -1.78 -9.83
H5 BGC E . 23.23 -3.80 -7.61
H61 BGC E . 23.49 -4.34 -10.59
H62 BGC E . 22.00 -3.98 -9.78
H1 BGC E . 24.79 -3.29 -6.38
HO1 BGC E . 27.34 -2.99 -6.38
HO2 BGC E . 26.40 -1.35 -5.66
HO3 BGC E . 24.53 0.69 -7.81
HO4 BGC E . 21.82 -1.65 -8.05
HO6 BGC E . 22.99 -5.82 -8.25
C1 EDO F . 7.45 6.41 -6.36
O1 EDO F . 8.60 7.21 -6.06
C2 EDO F . 7.84 4.95 -6.40
O2 EDO F . 8.55 4.58 -5.22
H11 EDO F . 7.02 6.71 -7.32
H12 EDO F . 6.69 6.56 -5.59
HO1 EDO F . 8.34 8.11 -5.86
H21 EDO F . 8.47 4.78 -7.28
H22 EDO F . 6.94 4.33 -6.49
HO2 EDO F . 8.91 3.69 -5.32
C1 EDO G . 31.03 4.93 -18.95
O1 EDO G . 32.27 5.60 -19.05
C2 EDO G . 29.88 5.95 -18.94
O2 EDO G . 30.06 6.98 -17.97
H11 EDO G . 31.01 4.33 -18.04
H12 EDO G . 30.91 4.25 -19.79
HO1 EDO G . 32.99 4.96 -18.94
H21 EDO G . 28.94 5.43 -18.72
H22 EDO G . 29.80 6.40 -19.92
HO2 EDO G . 29.19 7.29 -17.68
C1 EDO H . 49.52 5.33 3.73
O1 EDO H . 49.94 5.19 5.09
C2 EDO H . 48.72 4.07 3.43
O2 EDO H . 47.89 3.75 4.56
H11 EDO H . 50.40 5.39 3.07
H12 EDO H . 48.92 6.23 3.59
HO1 EDO H . 49.57 5.91 5.63
H21 EDO H . 49.41 3.25 3.25
H22 EDO H . 48.10 4.22 2.53
HO2 EDO H . 47.70 2.80 4.57
N VAL A 4 -46.82 9.42 2.20
CA VAL A 4 -45.58 9.76 2.91
C VAL A 4 -45.87 10.09 4.42
N VAL A 5 -46.67 9.25 5.05
CA VAL A 5 -46.76 9.22 6.51
C VAL A 5 -45.69 8.28 7.08
N GLY A 6 -45.11 8.71 8.19
CA GLY A 6 -44.13 7.94 8.92
C GLY A 6 -44.71 6.67 9.55
N GLY A 7 -43.90 5.62 9.48
CA GLY A 7 -44.18 4.36 10.11
C GLY A 7 -45.33 3.64 9.44
N GLY A 8 -46.09 2.90 10.22
CA GLY A 8 -47.10 2.03 9.65
C GLY A 8 -46.47 0.69 9.81
N ASP A 9 -47.28 -0.34 9.62
CA ASP A 9 -46.97 -1.67 10.10
C ASP A 9 -46.24 -2.53 9.06
N LEU A 10 -45.38 -3.43 9.53
CA LEU A 10 -44.43 -4.12 8.65
C LEU A 10 -45.05 -4.92 7.50
N GLY A 11 -46.38 -5.06 7.47
CA GLY A 11 -47.03 -5.81 6.41
C GLY A 11 -47.06 -7.31 6.71
N PRO A 12 -47.63 -8.09 5.79
CA PRO A 12 -47.88 -9.49 6.15
C PRO A 12 -46.70 -10.38 5.91
N ASN A 13 -45.71 -9.85 5.18
CA ASN A 13 -44.51 -10.60 4.87
C ASN A 13 -43.43 -10.42 5.95
N VAL A 14 -43.70 -9.64 7.00
CA VAL A 14 -42.81 -9.59 8.14
C VAL A 14 -43.42 -10.36 9.30
N LEU A 15 -42.82 -11.52 9.59
CA LEU A 15 -43.28 -12.41 10.66
C LEU A 15 -42.49 -12.04 11.90
N VAL A 16 -43.18 -11.59 12.92
CA VAL A 16 -42.57 -11.17 14.16
C VAL A 16 -42.88 -12.21 15.25
N PHE A 17 -41.82 -12.62 15.92
CA PHE A 17 -41.84 -13.67 16.94
C PHE A 17 -41.43 -13.12 18.32
N ASP A 18 -42.06 -13.69 19.37
CA ASP A 18 -41.78 -13.48 20.80
C ASP A 18 -41.42 -14.87 21.35
N PRO A 19 -40.64 -14.97 22.45
CA PRO A 19 -40.45 -16.37 22.87
C PRO A 19 -41.73 -17.04 23.37
N SER A 20 -42.81 -16.28 23.57
CA SER A 20 -44.14 -16.86 23.87
C SER A 20 -44.97 -17.31 22.66
N THR A 21 -44.57 -17.00 21.43
CA THR A 21 -45.33 -17.44 20.25
C THR A 21 -45.47 -18.97 20.24
N PRO A 22 -46.71 -19.50 20.14
CA PRO A 22 -46.73 -20.97 19.98
C PRO A 22 -46.15 -21.41 18.62
N ASP A 23 -45.39 -22.50 18.65
CA ASP A 23 -44.86 -23.14 17.45
C ASP A 23 -44.26 -22.19 16.41
N ILE A 24 -43.36 -21.37 16.91
CA ILE A 24 -42.42 -20.65 16.10
C ILE A 24 -41.86 -21.63 15.06
N GLN A 25 -41.55 -22.85 15.45
CA GLN A 25 -40.94 -23.79 14.52
C GLN A 25 -41.84 -24.01 13.34
N GLY A 26 -43.10 -24.38 13.59
CA GLY A 26 -44.02 -24.64 12.51
C GLY A 26 -44.24 -23.44 11.61
N LYS A 27 -43.86 -22.28 12.10
CA LYS A 27 -44.02 -21.08 11.30
C LYS A 27 -42.81 -20.86 10.40
N VAL A 28 -41.60 -21.01 10.94
CA VAL A 28 -40.39 -21.08 10.08
C VAL A 28 -40.39 -22.32 9.17
N ASP A 29 -40.96 -23.44 9.63
CA ASP A 29 -40.92 -24.65 8.79
C ASP A 29 -41.85 -24.49 7.56
N GLU A 30 -43.07 -23.97 7.80
CA GLU A 30 -44.01 -23.63 6.70
C GLU A 30 -43.43 -22.60 5.69
N VAL A 31 -42.67 -21.62 6.15
CA VAL A 31 -42.06 -20.68 5.23
C VAL A 31 -40.94 -21.37 4.44
N PHE A 32 -40.25 -22.29 5.10
CA PHE A 32 -39.13 -22.99 4.43
C PHE A 32 -39.62 -23.90 3.29
N ARG A 33 -40.71 -24.62 3.51
CA ARG A 33 -41.23 -25.48 2.44
C ARG A 33 -41.55 -24.61 1.21
N LYS A 34 -42.01 -23.37 1.43
CA LYS A 34 -42.31 -22.49 0.27
C LYS A 34 -41.05 -22.05 -0.47
N GLN A 35 -40.05 -21.68 0.29
CA GLN A 35 -38.93 -20.92 -0.25
C GLN A 35 -37.74 -21.78 -0.63
N GLU A 36 -37.75 -23.02 -0.17
CA GLU A 36 -36.59 -23.89 -0.31
C GLU A 36 -35.98 -23.96 -1.72
N SER A 37 -36.83 -24.26 -2.70
CA SER A 37 -36.36 -24.39 -4.08
C SER A 37 -37.01 -23.33 -4.98
N ASN A 38 -37.52 -22.29 -4.34
CA ASN A 38 -38.20 -21.19 -5.03
C ASN A 38 -37.21 -20.15 -5.56
N GLN A 39 -36.34 -20.58 -6.45
CA GLN A 39 -35.18 -19.77 -6.83
C GLN A 39 -35.53 -18.42 -7.46
N PHE A 40 -36.60 -18.42 -8.26
CA PHE A 40 -36.98 -17.24 -9.06
C PHE A 40 -38.41 -16.79 -8.76
N GLY A 41 -38.97 -17.30 -7.66
CA GLY A 41 -40.30 -16.94 -7.21
C GLY A 41 -40.39 -15.51 -6.72
N THR A 42 -41.63 -15.06 -6.49
CA THR A 42 -41.85 -13.68 -6.15
C THR A 42 -42.27 -13.46 -4.71
N ASP A 43 -42.29 -14.52 -3.91
CA ASP A 43 -42.45 -14.39 -2.47
C ASP A 43 -41.17 -13.88 -1.81
N ARG A 44 -41.36 -13.17 -0.70
CA ARG A 44 -40.30 -12.53 0.06
C ARG A 44 -40.69 -12.53 1.52
N TYR A 45 -39.78 -12.93 2.41
CA TYR A 45 -40.09 -12.98 3.85
C TYR A 45 -38.99 -12.49 4.74
N ALA A 46 -39.38 -11.78 5.81
CA ALA A 46 -38.47 -11.46 6.90
C ALA A 46 -39.00 -12.08 8.17
N LEU A 47 -38.15 -12.89 8.80
CA LEU A 47 -38.46 -13.56 10.08
C LEU A 47 -37.72 -12.80 11.16
N MET A 48 -38.47 -12.10 12.02
CA MET A 48 -37.87 -11.17 12.94
C MET A 48 -38.22 -11.62 14.39
N PHE A 49 -37.21 -11.68 15.22
CA PHE A 49 -37.32 -12.28 16.57
C PHE A 49 -37.10 -11.29 17.71
N LYS A 50 -38.11 -11.13 18.58
CA LYS A 50 -38.00 -10.21 19.72
C LYS A 50 -36.90 -10.67 20.69
N PRO A 51 -36.24 -9.72 21.37
CA PRO A 51 -35.27 -10.10 22.39
C PRO A 51 -35.81 -11.14 23.34
N GLY A 52 -34.95 -12.07 23.69
CA GLY A 52 -35.32 -13.18 24.53
C GLY A 52 -34.53 -14.40 24.15
N THR A 53 -35.07 -15.54 24.55
CA THR A 53 -34.41 -16.84 24.50
C THR A 53 -35.38 -17.84 23.85
N TYR A 54 -34.97 -18.45 22.73
CA TYR A 54 -35.79 -19.37 21.95
C TYR A 54 -35.20 -20.76 21.95
N ASN A 55 -36.02 -21.75 22.27
CA ASN A 55 -35.57 -23.14 22.39
C ASN A 55 -36.20 -24.01 21.33
N ASP A 56 -35.60 -25.20 21.18
CA ASP A 56 -36.05 -26.20 20.21
C ASP A 56 -36.35 -25.51 18.88
N ILE A 57 -35.28 -25.11 18.20
CA ILE A 57 -35.37 -24.30 17.00
C ILE A 57 -34.28 -24.61 15.96
N ASN A 58 -34.75 -25.07 14.81
CA ASN A 58 -33.90 -25.22 13.69
C ASN A 58 -34.51 -24.38 12.61
N ALA A 59 -33.93 -23.20 12.38
CA ALA A 59 -34.55 -22.23 11.48
C ALA A 59 -33.89 -22.34 10.15
N GLN A 60 -34.58 -23.07 9.27
CA GLN A 60 -34.08 -23.46 7.96
C GLN A 60 -34.38 -22.30 6.99
N ILE A 61 -33.37 -21.78 6.32
CA ILE A 61 -33.48 -20.55 5.54
C ILE A 61 -33.41 -20.83 4.04
N GLY A 62 -34.52 -20.60 3.36
CA GLY A 62 -34.61 -20.79 1.93
C GLY A 62 -34.35 -19.52 1.13
N PHE A 63 -34.70 -19.55 -0.15
CA PHE A 63 -34.58 -18.36 -0.97
C PHE A 63 -35.38 -17.18 -0.43
N TYR A 64 -34.87 -15.98 -0.66
CA TYR A 64 -35.55 -14.73 -0.36
C TYR A 64 -36.14 -14.68 1.06
N THR A 65 -35.36 -15.22 1.99
CA THR A 65 -35.72 -15.20 3.40
C THR A 65 -34.60 -14.57 4.21
N SER A 66 -34.99 -13.61 5.04
CA SER A 66 -34.09 -13.02 6.03
C SER A 66 -34.53 -13.47 7.40
N ILE A 67 -33.56 -13.59 8.30
CA ILE A 67 -33.85 -13.89 9.70
C ILE A 67 -33.00 -12.91 10.52
N ALA A 68 -33.62 -12.31 11.52
CA ALA A 68 -32.88 -11.36 12.36
C ALA A 68 -33.38 -11.32 13.79
N GLY A 69 -32.49 -10.96 14.71
CA GLY A 69 -32.93 -10.55 16.04
C GLY A 69 -33.25 -9.06 16.10
N LEU A 70 -34.00 -8.66 17.14
CA LEU A 70 -34.47 -7.29 17.32
C LEU A 70 -33.94 -6.61 18.59
N GLY A 71 -32.89 -7.16 19.20
CA GLY A 71 -32.20 -6.41 20.23
C GLY A 71 -31.29 -5.42 19.57
N LEU A 72 -30.86 -4.42 20.35
CA LEU A 72 -29.65 -3.73 20.00
C LEU A 72 -28.53 -4.72 19.62
N ASN A 73 -28.29 -5.72 20.48
CA ASN A 73 -27.05 -6.52 20.43
C ASN A 73 -27.29 -8.02 20.15
N PRO A 74 -26.38 -8.71 19.41
CA PRO A 74 -26.84 -10.07 19.06
C PRO A 74 -27.15 -11.01 20.23
N ASP A 75 -26.45 -10.86 21.36
CA ASP A 75 -26.67 -11.79 22.44
C ASP A 75 -27.97 -11.45 23.19
N ASP A 76 -28.66 -10.38 22.76
CA ASP A 76 -30.02 -10.09 23.28
C ASP A 76 -31.08 -11.07 22.79
N THR A 77 -30.82 -11.73 21.67
CA THR A 77 -31.77 -12.63 21.00
C THR A 77 -30.97 -13.89 20.71
N THR A 78 -31.12 -14.88 21.58
CA THR A 78 -30.32 -16.09 21.55
C THR A 78 -31.21 -17.27 21.20
N PHE A 79 -30.77 -18.04 20.22
CA PHE A 79 -31.41 -19.30 19.85
C PHE A 79 -30.57 -20.41 20.43
N ASN A 80 -31.20 -21.26 21.23
CA ASN A 80 -30.60 -22.53 21.56
C ASN A 80 -31.02 -23.47 20.48
N GLY A 81 -30.24 -23.41 19.41
CA GLY A 81 -30.65 -23.95 18.13
C GLY A 81 -29.86 -23.32 17.01
N ASP A 82 -30.47 -23.31 15.83
CA ASP A 82 -29.69 -23.21 14.61
C ASP A 82 -30.40 -22.31 13.62
N VAL A 83 -29.60 -21.63 12.80
CA VAL A 83 -30.06 -20.91 11.63
C VAL A 83 -29.28 -21.52 10.47
N THR A 84 -29.97 -22.30 9.68
CA THR A 84 -29.31 -23.29 8.83
C THR A 84 -29.61 -23.16 7.34
N VAL A 85 -28.54 -23.19 6.54
CA VAL A 85 -28.67 -23.34 5.10
C VAL A 85 -27.98 -24.64 4.68
N ASP A 86 -28.73 -25.51 4.00
CA ASP A 86 -28.29 -26.80 3.42
C ASP A 86 -28.42 -26.77 1.92
N ALA A 87 -28.06 -27.88 1.28
CA ALA A 87 -28.21 -27.98 -0.18
C ALA A 87 -28.98 -29.21 -0.68
N GLY A 88 -30.00 -29.66 0.04
CA GLY A 88 -30.64 -30.91 -0.33
C GLY A 88 -31.60 -30.76 -1.51
N TRP A 89 -32.17 -29.58 -1.64
CA TRP A 89 -33.07 -29.30 -2.74
C TRP A 89 -32.35 -29.41 -4.10
N PHE A 90 -31.05 -29.05 -4.14
CA PHE A 90 -30.19 -29.22 -5.31
C PHE A 90 -29.16 -30.34 -5.04
N ASP A 91 -29.67 -31.53 -4.70
CA ASP A 91 -28.91 -32.78 -4.46
C ASP A 91 -27.41 -32.65 -4.02
N GLY A 92 -27.14 -31.70 -3.14
CA GLY A 92 -25.85 -31.65 -2.47
C GLY A 92 -24.97 -30.55 -3.00
N ASN A 93 -25.50 -29.88 -4.01
CA ASN A 93 -24.85 -28.75 -4.63
C ASN A 93 -25.39 -27.48 -3.96
N ALA A 94 -24.49 -26.65 -3.42
CA ALA A 94 -24.84 -25.39 -2.78
C ALA A 94 -24.64 -24.19 -3.73
N THR A 95 -24.30 -24.48 -4.98
CA THR A 95 -23.84 -23.44 -5.90
C THR A 95 -25.01 -22.59 -6.45
N GLN A 96 -26.22 -22.80 -5.90
CA GLN A 96 -27.35 -21.92 -6.17
C GLN A 96 -28.07 -21.46 -4.88
N ASN A 97 -27.40 -21.55 -3.72
CA ASN A 97 -27.98 -21.06 -2.47
C ASN A 97 -27.76 -19.57 -2.32
N PHE A 98 -28.57 -18.82 -3.06
CA PHE A 98 -28.50 -17.39 -3.12
C PHE A 98 -29.60 -16.67 -2.31
N TRP A 99 -29.40 -15.37 -2.13
CA TRP A 99 -30.46 -14.37 -1.81
C TRP A 99 -31.19 -14.68 -0.48
N ARG A 100 -30.43 -14.62 0.60
CA ARG A 100 -31.00 -14.84 1.92
C ARG A 100 -30.05 -14.24 2.93
N SER A 101 -30.42 -14.17 4.20
CA SER A 101 -29.58 -13.39 5.13
C SER A 101 -29.88 -13.72 6.58
N ALA A 102 -28.85 -13.64 7.39
CA ALA A 102 -29.00 -13.78 8.85
C ALA A 102 -28.26 -12.65 9.54
N GLU A 103 -28.89 -12.05 10.55
CA GLU A 103 -28.19 -11.01 11.31
C GLU A 103 -28.69 -10.81 12.73
N ASN A 104 -27.78 -10.36 13.57
CA ASN A 104 -28.16 -9.83 14.91
C ASN A 104 -28.83 -10.89 15.82
N LEU A 105 -28.22 -12.07 15.81
CA LEU A 105 -28.61 -13.20 16.65
C LEU A 105 -27.42 -13.85 17.31
N ALA A 106 -27.62 -14.42 18.48
CA ALA A 106 -26.66 -15.36 19.05
C ALA A 106 -27.21 -16.77 18.83
N LEU A 107 -26.34 -17.69 18.41
CA LEU A 107 -26.71 -19.10 18.20
C LEU A 107 -25.92 -19.98 19.16
N ASN A 108 -26.63 -20.93 19.75
CA ASN A 108 -26.05 -21.98 20.57
C ASN A 108 -26.38 -23.28 19.85
N PRO A 109 -25.59 -23.60 18.84
CA PRO A 109 -26.15 -24.55 17.86
C PRO A 109 -26.20 -25.99 18.37
N VAL A 110 -27.09 -26.78 17.80
CA VAL A 110 -27.17 -28.21 18.18
C VAL A 110 -25.90 -28.98 17.97
N ASN A 111 -25.26 -28.93 16.81
CA ASN A 111 -24.25 -29.99 16.72
C ASN A 111 -22.94 -29.58 17.41
N GLY A 112 -22.99 -28.52 18.24
CA GLY A 112 -21.80 -27.77 18.60
C GLY A 112 -21.43 -26.83 17.45
N THR A 113 -22.06 -27.07 16.30
CA THR A 113 -21.75 -26.35 15.07
C THR A 113 -23.05 -25.92 14.38
N ASN A 114 -22.98 -24.78 13.70
CA ASN A 114 -24.09 -24.27 12.88
C ASN A 114 -23.67 -24.39 11.42
N ARG A 115 -24.57 -24.84 10.54
CA ARG A 115 -24.25 -24.92 9.12
C ARG A 115 -24.85 -23.76 8.35
N TRP A 116 -23.99 -23.01 7.64
CA TRP A 116 -24.43 -21.92 6.76
C TRP A 116 -23.81 -22.15 5.35
N ALA A 117 -24.41 -23.07 4.60
CA ALA A 117 -23.83 -23.60 3.37
C ALA A 117 -24.38 -22.84 2.18
N VAL A 118 -23.87 -21.65 2.01
CA VAL A 118 -24.42 -20.71 1.04
C VAL A 118 -23.44 -20.41 -0.11
N SER A 119 -23.98 -19.78 -1.15
CA SER A 119 -23.16 -19.18 -2.18
C SER A 119 -23.38 -17.68 -2.13
N GLN A 120 -23.52 -17.03 -3.29
CA GLN A 120 -23.53 -15.58 -3.32
C GLN A 120 -24.80 -14.92 -2.78
N ALA A 121 -24.66 -13.68 -2.34
CA ALA A 121 -25.76 -12.86 -1.79
C ALA A 121 -26.46 -13.52 -0.62
N ALA A 122 -25.64 -14.00 0.31
CA ALA A 122 -26.13 -14.68 1.48
C ALA A 122 -25.38 -14.17 2.74
N PRO A 123 -25.56 -12.89 3.05
CA PRO A 123 -24.74 -12.29 4.11
C PRO A 123 -25.05 -12.84 5.51
N PHE A 124 -24.03 -12.87 6.34
CA PHE A 124 -24.10 -13.37 7.73
C PHE A 124 -23.43 -12.23 8.52
N ARG A 125 -24.25 -11.43 9.21
CA ARG A 125 -23.79 -10.15 9.78
C ARG A 125 -24.16 -10.05 11.28
N ARG A 126 -23.26 -9.52 12.10
CA ARG A 126 -23.59 -9.20 13.49
C ARG A 126 -24.16 -10.43 14.22
N MET A 127 -23.51 -11.57 13.99
CA MET A 127 -23.88 -12.84 14.61
C MET A 127 -22.89 -13.25 15.67
N HIS A 128 -23.40 -13.87 16.72
CA HIS A 128 -22.56 -14.51 17.74
C HIS A 128 -22.85 -16.02 17.76
N VAL A 129 -21.96 -16.79 17.14
CA VAL A 129 -22.04 -18.26 17.13
C VAL A 129 -21.24 -18.84 18.30
N LYS A 130 -21.95 -19.38 19.28
CA LYS A 130 -21.31 -19.98 20.46
C LYS A 130 -20.95 -21.45 20.19
N GLY A 131 -20.01 -21.63 19.30
CA GLY A 131 -19.67 -22.93 18.76
C GLY A 131 -19.02 -22.67 17.42
N GLY A 132 -19.01 -23.68 16.57
CA GLY A 132 -18.37 -23.58 15.26
C GLY A 132 -19.34 -23.28 14.13
N LEU A 133 -18.77 -22.92 12.99
CA LEU A 133 -19.53 -22.59 11.76
C LEU A 133 -19.03 -23.41 10.58
N ASN A 134 -19.92 -24.26 10.10
CA ASN A 134 -19.67 -25.16 8.97
C ASN A 134 -20.27 -24.52 7.71
N LEU A 135 -19.43 -24.22 6.72
CA LEU A 135 -19.88 -23.47 5.53
C LEU A 135 -20.24 -24.28 4.28
N ALA A 136 -20.21 -25.62 4.35
CA ALA A 136 -20.28 -26.46 3.13
C ALA A 136 -21.42 -27.53 3.17
N PRO A 137 -21.78 -28.12 2.00
CA PRO A 137 -22.86 -29.13 1.79
C PRO A 137 -22.45 -30.63 2.04
N ASP A 138 -23.35 -31.63 2.14
CA ASP A 138 -22.89 -32.88 2.82
C ASP A 138 -22.14 -33.84 1.89
N GLY A 139 -20.86 -33.53 1.70
CA GLY A 139 -20.03 -34.30 0.81
C GLY A 139 -18.64 -33.82 0.55
N TYR A 140 -18.27 -32.67 1.10
CA TYR A 140 -17.36 -31.78 0.45
C TYR A 140 -18.05 -31.39 -0.90
N GLY A 141 -19.39 -31.27 -0.89
CA GLY A 141 -20.12 -30.77 -2.06
C GLY A 141 -19.70 -29.35 -2.47
N TRP A 142 -19.90 -28.97 -3.73
CA TRP A 142 -19.33 -27.69 -4.22
C TRP A 142 -20.04 -26.48 -3.60
N ALA A 143 -19.27 -25.42 -3.34
CA ALA A 143 -19.83 -24.19 -2.76
C ALA A 143 -19.05 -22.94 -3.21
N SER A 144 -19.75 -21.81 -3.32
CA SER A 144 -19.18 -20.58 -3.92
C SER A 144 -19.65 -19.30 -3.21
N GLY A 145 -19.45 -19.28 -1.90
CA GLY A 145 -19.75 -18.09 -1.10
C GLY A 145 -18.65 -17.05 -1.21
N GLY A 146 -18.58 -16.09 -0.28
CA GLY A 146 -19.49 -15.95 0.82
C GLY A 146 -19.01 -14.74 1.62
N TYR A 147 -19.83 -14.33 2.61
CA TYR A 147 -19.59 -13.07 3.30
C TYR A 147 -20.00 -13.14 4.78
N ILE A 148 -19.02 -12.88 5.65
CA ILE A 148 -19.23 -12.69 7.09
C ILE A 148 -18.68 -11.33 7.51
N ALA A 149 -19.48 -10.55 8.24
CA ALA A 149 -19.00 -9.29 8.81
C ALA A 149 -19.51 -9.08 10.24
N ASP A 150 -18.67 -8.41 11.02
CA ASP A 150 -19.03 -7.94 12.35
C ASP A 150 -19.56 -9.07 13.24
N SER A 151 -18.94 -10.24 13.12
CA SER A 151 -19.41 -11.43 13.85
C SER A 151 -18.34 -12.04 14.74
N LYS A 152 -18.80 -12.75 15.78
CA LYS A 152 -17.91 -13.50 16.67
C LYS A 152 -18.31 -14.97 16.59
N ILE A 153 -17.39 -15.79 16.11
CA ILE A 153 -17.57 -17.22 16.07
C ILE A 153 -16.66 -17.77 17.17
N ASP A 154 -17.23 -18.28 18.26
CA ASP A 154 -16.39 -18.71 19.39
C ASP A 154 -15.43 -19.87 19.01
N GLY A 155 -15.90 -20.83 18.20
CA GLY A 155 -15.09 -21.96 17.78
C GLY A 155 -14.47 -21.75 16.41
N GLU A 156 -14.37 -22.84 15.66
CA GLU A 156 -13.74 -22.81 14.33
C GLU A 156 -14.76 -22.64 13.22
N VAL A 157 -14.40 -21.77 12.27
CA VAL A 157 -15.07 -21.72 10.99
C VAL A 157 -14.46 -22.73 10.06
N GLY A 158 -15.32 -23.46 9.36
CA GLY A 158 -14.93 -24.53 8.47
C GLY A 158 -15.43 -24.38 7.03
N PRO A 159 -14.55 -23.97 6.10
CA PRO A 159 -15.10 -23.73 4.76
C PRO A 159 -15.21 -25.02 3.94
N TYR A 160 -14.28 -25.95 4.22
CA TYR A 160 -14.13 -27.21 3.47
C TYR A 160 -14.14 -27.00 1.97
N SER A 161 -15.24 -27.34 1.30
CA SER A 161 -15.30 -27.30 -0.14
C SER A 161 -15.70 -25.92 -0.67
N GLN A 162 -15.84 -24.93 0.20
CA GLN A 162 -16.10 -23.58 -0.27
C GLN A 162 -14.92 -23.07 -1.09
N GLN A 163 -15.19 -22.57 -2.31
CA GLN A 163 -14.11 -22.10 -3.18
C GLN A 163 -13.38 -20.89 -2.63
N GLN A 164 -14.15 -19.95 -2.11
CA GLN A 164 -13.58 -18.69 -1.66
C GLN A 164 -14.49 -18.10 -0.59
N TRP A 165 -14.03 -17.05 0.07
CA TRP A 165 -14.79 -16.45 1.16
C TRP A 165 -14.15 -15.14 1.57
N TYR A 166 -14.98 -14.19 2.00
CA TYR A 166 -14.51 -12.94 2.59
C TYR A 166 -15.07 -12.74 3.98
N THR A 167 -14.18 -12.44 4.92
CA THR A 167 -14.61 -12.12 6.30
C THR A 167 -13.99 -10.77 6.69
N ARG A 168 -14.79 -9.88 7.26
CA ARG A 168 -14.24 -8.64 7.81
C ARG A 168 -14.71 -8.33 9.21
N ASP A 169 -13.84 -7.63 9.92
CA ASP A 169 -14.16 -6.98 11.20
C ASP A 169 -14.92 -7.92 12.14
N SER A 170 -14.26 -9.04 12.41
CA SER A 170 -14.83 -10.16 13.14
C SER A 170 -13.79 -10.82 14.05
N SER A 171 -14.25 -11.84 14.75
CA SER A 171 -13.45 -12.63 15.66
C SER A 171 -13.79 -14.12 15.45
N VAL A 172 -12.79 -14.99 15.21
CA VAL A 172 -13.02 -16.44 15.07
C VAL A 172 -12.04 -17.25 15.96
N GLY A 173 -12.54 -18.33 16.54
CA GLY A 173 -11.72 -19.17 17.39
C GLY A 173 -10.62 -19.89 16.65
N GLY A 174 -10.89 -20.18 15.38
CA GLY A 174 -9.93 -20.82 14.49
C GLY A 174 -10.48 -20.74 13.05
N TRP A 175 -9.72 -21.25 12.07
CA TRP A 175 -10.14 -21.17 10.69
C TRP A 175 -9.56 -22.27 9.80
N GLY A 176 -10.38 -23.28 9.51
CA GLY A 176 -9.93 -24.62 9.12
C GLY A 176 -9.26 -24.89 7.78
N ASN A 177 -9.55 -24.11 6.74
CA ASN A 177 -8.84 -24.27 5.47
C ASN A 177 -9.07 -23.15 4.47
N GLY A 178 -8.18 -23.12 3.48
CA GLY A 178 -8.29 -22.25 2.33
C GLY A 178 -8.18 -23.07 1.05
N VAL A 179 -9.06 -22.73 0.11
CA VAL A 179 -9.30 -23.50 -1.11
C VAL A 179 -8.74 -22.75 -2.35
N TRP A 180 -9.44 -21.73 -2.87
CA TRP A 180 -8.86 -20.85 -3.89
C TRP A 180 -8.56 -19.44 -3.35
N ASN A 181 -9.42 -18.89 -2.51
CA ASN A 181 -9.24 -17.49 -2.11
C ASN A 181 -10.02 -17.16 -0.84
N MET A 182 -9.38 -17.30 0.30
CA MET A 182 -9.98 -16.90 1.58
C MET A 182 -9.31 -15.58 1.97
N THR A 183 -10.11 -14.52 2.03
CA THR A 183 -9.58 -13.20 2.35
C THR A 183 -10.19 -12.71 3.66
N PHE A 184 -9.35 -12.05 4.46
CA PHE A 184 -9.74 -11.57 5.79
C PHE A 184 -9.24 -10.14 5.94
N SER A 185 -10.06 -9.24 6.46
CA SER A 185 -9.56 -7.93 6.84
C SER A 185 -10.16 -7.56 8.21
N GLY A 186 -9.29 -7.21 9.15
CA GLY A 186 -9.73 -6.90 10.50
C GLY A 186 -10.34 -8.07 11.28
N VAL A 187 -9.86 -9.26 11.02
CA VAL A 187 -10.39 -10.44 11.69
C VAL A 187 -9.46 -10.94 12.76
N GLU A 188 -9.89 -10.72 14.00
CA GLU A 188 -9.21 -11.29 15.17
C GLU A 188 -9.31 -12.80 15.11
N GLY A 189 -8.17 -13.49 14.99
CA GLY A 189 -8.17 -14.95 14.86
C GLY A 189 -8.05 -15.46 13.43
N ALA A 190 -7.80 -14.55 12.49
CA ALA A 190 -7.64 -14.98 11.10
C ALA A 190 -6.35 -15.76 10.96
N PRO A 191 -6.32 -16.65 9.97
CA PRO A 191 -5.03 -17.30 9.69
C PRO A 191 -4.02 -16.32 9.11
N ALA A 192 -2.73 -16.59 9.35
CA ALA A 192 -1.64 -15.78 8.83
C ALA A 192 -1.68 -15.74 7.31
N GLN A 193 -1.36 -14.58 6.74
CA GLN A 193 -1.17 -14.45 5.28
C GLN A 193 -0.17 -15.45 4.83
N SER A 194 -0.63 -16.29 3.90
CA SER A 194 0.15 -17.42 3.44
C SER A 194 0.01 -17.72 1.93
N PHE A 195 -0.84 -16.95 1.25
CA PHE A 195 -1.03 -17.09 -0.21
C PHE A 195 0.31 -17.27 -0.92
N PRO A 196 0.45 -18.33 -1.74
CA PRO A 196 -0.53 -19.34 -2.20
C PRO A 196 -1.03 -20.44 -1.21
N GLU A 197 -0.14 -20.94 -0.36
CA GLU A 197 -0.46 -22.12 0.45
C GLU A 197 -0.47 -21.86 1.95
N PRO A 198 -1.64 -22.00 2.58
CA PRO A 198 -2.97 -22.05 1.97
C PRO A 198 -3.25 -20.70 1.33
N PRO A 199 -4.36 -20.58 0.61
CA PRO A 199 -4.57 -19.33 -0.13
C PRO A 199 -5.29 -18.27 0.73
N TYR A 200 -4.53 -17.78 1.72
CA TYR A 200 -5.00 -16.78 2.68
C TYR A 200 -4.39 -15.43 2.40
N THR A 201 -5.29 -14.47 2.22
CA THR A 201 -4.97 -13.07 2.08
C THR A 201 -5.50 -12.39 3.33
N THR A 202 -4.58 -11.93 4.19
CA THR A 202 -4.94 -11.49 5.54
C THR A 202 -4.41 -10.10 5.86
N LEU A 203 -5.35 -9.18 6.10
CA LEU A 203 -5.04 -7.79 6.38
C LEU A 203 -5.43 -7.46 7.81
N GLU A 204 -4.51 -6.75 8.49
CA GLU A 204 -4.66 -6.35 9.90
C GLU A 204 -5.98 -5.70 10.16
N THR A 205 -6.29 -4.71 9.32
CA THR A 205 -7.48 -3.89 9.55
C THR A 205 -8.21 -3.69 8.26
N THR A 206 -9.48 -3.27 8.37
CA THR A 206 -10.24 -2.83 7.24
C THR A 206 -10.13 -1.32 7.11
N PRO A 207 -9.67 -0.83 5.93
CA PRO A 207 -9.42 0.61 5.78
C PRO A 207 -10.55 1.56 6.26
N VAL A 208 -11.78 1.23 5.93
CA VAL A 208 -12.91 1.87 6.61
C VAL A 208 -14.08 0.93 6.50
N SER A 209 -14.90 0.88 7.55
CA SER A 209 -16.13 0.13 7.51
C SER A 209 -17.19 0.78 8.38
N ARG A 210 -18.43 0.58 7.96
CA ARG A 210 -19.56 1.16 8.65
C ARG A 210 -20.66 0.09 8.62
N GLU A 211 -21.06 -0.37 9.79
CA GLU A 211 -21.92 -1.56 9.85
C GLU A 211 -23.34 -1.28 9.37
N LYS A 212 -23.98 -2.30 8.81
CA LYS A 212 -25.28 -2.13 8.15
C LYS A 212 -26.37 -1.73 9.16
N PRO A 213 -27.22 -0.74 8.81
CA PRO A 213 -28.34 -0.41 9.73
C PRO A 213 -29.29 -1.60 9.89
N PHE A 214 -30.00 -1.64 11.01
CA PHE A 214 -30.94 -2.72 11.30
C PHE A 214 -32.02 -2.25 12.26
N LEU A 215 -33.17 -2.88 12.17
CA LEU A 215 -34.27 -2.54 13.05
C LEU A 215 -33.96 -3.12 14.41
N TYR A 216 -34.51 -2.53 15.45
CA TYR A 216 -34.53 -3.15 16.79
C TYR A 216 -35.74 -2.62 17.53
N LEU A 217 -36.23 -3.38 18.51
CA LEU A 217 -37.34 -2.97 19.36
C LEU A 217 -36.76 -2.45 20.66
N ASP A 218 -36.82 -1.12 20.85
CA ASP A 218 -36.44 -0.46 22.10
C ASP A 218 -37.68 -0.15 22.93
N GLY A 219 -37.87 -0.99 23.95
CA GLY A 219 -39.12 -1.04 24.69
C GLY A 219 -40.08 -1.75 23.77
N ASP A 220 -41.21 -1.11 23.53
CA ASP A 220 -42.22 -1.64 22.64
C ASP A 220 -42.19 -0.83 21.33
N ASP A 221 -41.01 -0.28 21.01
CA ASP A 221 -40.92 0.80 20.06
C ASP A 221 -39.81 0.57 19.01
N TYR A 222 -40.23 0.35 17.76
CA TYR A 222 -39.29 0.09 16.66
C TYR A 222 -38.35 1.25 16.38
N LYS A 223 -37.08 0.93 16.20
CA LYS A 223 -36.08 1.92 15.85
C LYS A 223 -35.14 1.30 14.85
N VAL A 224 -34.58 2.11 13.97
CA VAL A 224 -33.44 1.67 13.16
C VAL A 224 -32.14 2.27 13.72
N PHE A 225 -31.24 1.37 14.11
CA PHE A 225 -29.88 1.74 14.51
C PHE A 225 -28.98 1.90 13.29
N VAL A 226 -28.38 3.10 13.19
CA VAL A 226 -27.37 3.40 12.21
C VAL A 226 -26.02 3.42 12.89
N PRO A 227 -25.27 2.31 12.80
CA PRO A 227 -23.86 2.34 13.26
C PRO A 227 -23.11 3.50 12.65
N ALA A 228 -22.07 3.99 13.34
CA ALA A 228 -21.15 4.96 12.72
C ALA A 228 -19.95 4.25 12.12
N LYS A 229 -19.26 4.95 11.21
CA LYS A 229 -17.96 4.54 10.68
C LYS A 229 -16.94 4.06 11.73
N ARG A 230 -16.01 3.22 11.27
CA ARG A 230 -14.68 3.07 11.87
C ARG A 230 -13.68 3.26 10.75
N THR A 231 -12.50 3.83 11.06
CA THR A 231 -11.30 3.70 10.22
C THR A 231 -10.40 2.60 10.75
N ASN A 232 -9.81 1.84 9.83
CA ASN A 232 -8.76 0.89 10.13
C ASN A 232 -9.31 -0.08 11.18
N ALA A 233 -10.29 -0.88 10.77
CA ALA A 233 -11.13 -1.60 11.71
C ALA A 233 -10.68 -3.02 11.94
N ARG A 234 -10.84 -3.46 13.19
CA ARG A 234 -10.54 -4.84 13.56
C ARG A 234 -11.52 -5.27 14.63
N GLY A 235 -11.95 -6.53 14.54
CA GLY A 235 -12.84 -7.10 15.53
C GLY A 235 -14.26 -6.56 15.38
N THR A 236 -15.15 -7.01 16.26
CA THR A 236 -16.55 -6.62 16.18
C THR A 236 -16.78 -5.21 16.72
N SER A 237 -17.94 -4.68 16.38
CA SER A 237 -18.37 -3.35 16.80
C SER A 237 -19.20 -3.36 18.09
N TRP A 238 -19.85 -4.50 18.35
CA TRP A 238 -20.87 -4.65 19.40
C TRP A 238 -20.30 -5.38 20.61
N GLY A 239 -19.18 -6.08 20.41
CA GLY A 239 -18.43 -6.65 21.51
C GLY A 239 -18.39 -5.60 22.61
N ASN A 240 -17.84 -4.40 22.28
CA ASN A 240 -17.48 -3.30 23.19
C ASN A 240 -18.35 -2.00 23.09
N GLY A 241 -18.17 -1.23 22.01
CA GLY A 241 -18.90 0.00 21.87
C GLY A 241 -20.26 -0.15 22.51
N THR A 242 -20.38 0.46 23.69
CA THR A 242 -21.71 0.84 24.13
C THR A 242 -21.94 1.59 22.84
N PRO A 243 -22.90 1.11 22.03
CA PRO A 243 -22.64 1.39 20.60
C PRO A 243 -22.63 2.84 20.12
N GLU A 244 -21.83 3.05 19.08
CA GLU A 244 -21.80 4.36 18.43
C GLU A 244 -22.66 4.27 17.18
N GLY A 245 -23.74 5.02 17.25
CA GLY A 245 -24.59 5.18 16.10
C GLY A 245 -25.71 6.10 16.48
N GLU A 246 -26.59 6.24 15.50
CA GLU A 246 -27.80 7.03 15.60
C GLU A 246 -28.88 6.01 15.78
N SER A 247 -29.93 6.38 16.51
CA SER A 247 -31.04 5.50 16.80
C SER A 247 -32.37 6.17 16.40
N LEU A 248 -32.89 5.88 15.20
CA LEU A 248 -34.06 6.57 14.68
C LEU A 248 -35.33 5.79 14.95
N PRO A 249 -36.42 6.49 15.31
CA PRO A 249 -37.70 5.83 15.57
C PRO A 249 -38.39 5.50 14.24
N LEU A 250 -39.20 4.46 14.24
CA LEU A 250 -39.93 4.07 13.04
C LEU A 250 -40.82 5.20 12.47
N ASP A 251 -41.31 6.05 13.37
CA ASP A 251 -41.93 7.38 13.06
C ASP A 251 -41.37 8.04 11.83
N GLN A 252 -40.08 7.89 11.64
CA GLN A 252 -39.39 8.71 10.68
C GLN A 252 -39.02 7.91 9.42
N PHE A 253 -39.76 6.81 9.20
CA PHE A 253 -39.57 5.94 8.02
C PHE A 253 -40.82 5.73 7.21
N TYR A 254 -40.84 6.21 5.98
CA TYR A 254 -41.83 5.74 5.02
C TYR A 254 -41.66 4.25 4.96
N VAL A 255 -42.69 3.52 5.39
CA VAL A 255 -42.69 2.07 5.33
C VAL A 255 -43.33 1.71 4.01
N VAL A 256 -42.52 1.17 3.12
CA VAL A 256 -42.93 0.90 1.78
C VAL A 256 -43.55 -0.50 1.78
N LYS A 257 -44.69 -0.64 1.13
CA LYS A 257 -45.26 -1.94 0.83
C LYS A 257 -45.77 -1.87 -0.63
N PRO A 258 -45.68 -2.97 -1.38
CA PRO A 258 -45.83 -2.81 -2.84
C PRO A 258 -47.23 -2.20 -3.18
N GLY A 259 -47.34 -1.43 -4.27
CA GLY A 259 -48.44 -0.47 -4.38
C GLY A 259 -48.02 0.97 -4.08
N ALA A 260 -46.85 1.13 -3.46
CA ALA A 260 -46.09 2.40 -3.55
C ALA A 260 -45.72 2.68 -5.01
N THR A 261 -45.71 3.96 -5.42
CA THR A 261 -45.08 4.31 -6.71
C THR A 261 -43.77 4.96 -6.39
N ALA A 262 -42.87 4.98 -7.37
CA ALA A 262 -41.66 5.76 -7.25
C ALA A 262 -41.93 7.24 -6.93
N GLU A 263 -43.04 7.81 -7.41
CA GLU A 263 -43.36 9.20 -7.06
C GLU A 263 -43.73 9.42 -5.59
N THR A 264 -44.45 8.48 -5.02
CA THR A 264 -44.72 8.52 -3.59
C THR A 264 -43.48 8.23 -2.76
N ILE A 265 -42.67 7.28 -3.23
CA ILE A 265 -41.42 6.97 -2.55
C ILE A 265 -40.51 8.19 -2.61
N ASN A 266 -40.44 8.85 -3.78
CA ASN A 266 -39.57 10.02 -3.92
C ASN A 266 -40.02 11.23 -3.11
N ALA A 267 -41.33 11.37 -2.96
CA ALA A 267 -41.93 12.46 -2.18
C ALA A 267 -41.65 12.26 -0.70
N ALA A 268 -41.63 11.00 -0.24
CA ALA A 268 -41.27 10.69 1.16
C ALA A 268 -39.86 11.19 1.48
N VAL A 269 -38.91 10.86 0.62
CA VAL A 269 -37.52 11.19 0.89
C VAL A 269 -37.39 12.70 0.99
N ASP A 270 -37.80 13.38 -0.08
CA ASP A 270 -37.72 14.84 -0.15
C ASP A 270 -38.50 15.45 0.98
N GLN A 271 -39.68 14.90 1.23
CA GLN A 271 -40.42 15.27 2.42
C GLN A 271 -39.94 14.44 3.68
N GLY A 272 -38.62 14.25 3.73
CA GLY A 272 -37.87 14.03 4.97
C GLY A 272 -37.95 12.72 5.68
N LEU A 273 -38.49 11.71 5.00
CA LEU A 273 -38.61 10.38 5.58
C LEU A 273 -37.47 9.50 5.04
N HIS A 274 -37.03 8.55 5.87
CA HIS A 274 -36.11 7.49 5.44
C HIS A 274 -36.99 6.44 4.76
N LEU A 275 -36.37 5.41 4.20
CA LEU A 275 -37.15 4.38 3.50
C LEU A 275 -36.95 3.00 4.09
N LEU A 276 -38.07 2.31 4.34
CA LEU A 276 -38.00 0.92 4.81
C LEU A 276 -38.80 0.09 3.86
N PHE A 277 -38.12 -0.69 3.04
CA PHE A 277 -38.79 -1.54 2.06
C PHE A 277 -39.16 -2.86 2.70
N THR A 278 -40.45 -3.06 2.89
CA THR A 278 -40.91 -4.34 3.39
C THR A 278 -40.70 -5.40 2.31
N PRO A 279 -40.67 -6.67 2.72
CA PRO A 279 -40.36 -7.68 1.70
C PRO A 279 -41.47 -7.78 0.68
N GLY A 280 -41.05 -7.55 -0.55
CA GLY A 280 -41.94 -7.62 -1.68
C GLY A 280 -41.17 -7.24 -2.93
N VAL A 281 -41.91 -7.11 -4.02
CA VAL A 281 -41.33 -6.81 -5.32
C VAL A 281 -42.03 -5.57 -5.86
N TYR A 282 -41.24 -4.50 -6.01
CA TYR A 282 -41.72 -3.18 -6.40
C TYR A 282 -41.34 -2.89 -7.88
N HIS A 283 -42.32 -2.75 -8.79
CA HIS A 283 -41.98 -2.26 -10.15
C HIS A 283 -42.10 -0.79 -10.09
N VAL A 284 -41.13 -0.11 -10.66
CA VAL A 284 -41.13 1.33 -10.64
C VAL A 284 -41.10 1.88 -12.09
N ASP A 285 -41.67 3.07 -12.27
CA ASP A 285 -41.83 3.71 -13.59
C ASP A 285 -40.86 4.82 -13.85
N GLN A 286 -40.27 5.34 -12.79
CA GLN A 286 -39.27 6.37 -12.82
C GLN A 286 -38.28 5.92 -11.79
N PRO A 287 -37.05 6.45 -11.84
CA PRO A 287 -36.11 6.10 -10.77
C PRO A 287 -36.62 6.44 -9.38
N ILE A 288 -36.17 5.66 -8.40
CA ILE A 288 -36.20 6.07 -7.00
C ILE A 288 -35.03 7.02 -6.78
N GLU A 289 -35.30 8.32 -6.60
CA GLU A 289 -34.21 9.28 -6.43
C GLU A 289 -34.05 9.71 -5.00
N ILE A 290 -32.85 9.47 -4.48
CA ILE A 290 -32.53 9.84 -3.12
C ILE A 290 -31.68 11.09 -3.27
N ASP A 291 -32.32 12.23 -3.06
CA ASP A 291 -31.67 13.52 -3.21
C ASP A 291 -31.71 14.21 -1.79
N ARG A 292 -31.30 13.47 -0.75
CA ARG A 292 -31.20 13.98 0.64
C ARG A 292 -30.13 13.27 1.47
N ALA A 293 -29.28 14.06 2.12
CA ALA A 293 -28.15 13.51 2.83
C ALA A 293 -28.61 12.70 4.05
N ASN A 294 -27.80 11.71 4.42
CA ASN A 294 -28.05 10.87 5.59
C ASN A 294 -29.29 9.93 5.50
N THR A 295 -29.86 9.84 4.31
CA THR A 295 -31.05 9.01 4.08
C THR A 295 -30.69 7.54 4.18
N VAL A 296 -31.46 6.79 5.00
CA VAL A 296 -31.34 5.36 5.07
C VAL A 296 -32.42 4.74 4.20
N ALA A 297 -32.02 3.82 3.32
CA ALA A 297 -32.95 3.03 2.51
C ALA A 297 -32.64 1.57 2.79
N LEU A 298 -33.42 0.98 3.68
CA LEU A 298 -33.17 -0.34 4.24
C LEU A 298 -34.24 -1.32 3.77
N GLY A 299 -33.82 -2.40 3.12
CA GLY A 299 -34.75 -3.42 2.68
C GLY A 299 -34.78 -4.57 3.67
N LEU A 300 -35.93 -5.22 3.75
CA LEU A 300 -36.14 -6.41 4.53
C LEU A 300 -36.56 -7.56 3.61
N GLY A 301 -36.22 -8.79 3.99
CA GLY A 301 -36.63 -9.98 3.26
C GLY A 301 -36.37 -9.98 1.75
N LEU A 302 -35.21 -9.42 1.36
CA LEU A 302 -34.78 -9.41 -0.04
C LEU A 302 -35.75 -8.60 -0.94
N ALA A 303 -36.26 -7.53 -0.36
CA ALA A 303 -37.07 -6.58 -1.08
C ALA A 303 -36.38 -6.22 -2.39
N THR A 304 -37.17 -6.24 -3.44
CA THR A 304 -36.67 -6.19 -4.79
C THR A 304 -37.29 -5.04 -5.53
N ILE A 305 -36.48 -4.35 -6.32
CA ILE A 305 -36.96 -3.28 -7.18
C ILE A 305 -36.71 -3.69 -8.64
N ILE A 306 -37.77 -3.68 -9.44
CA ILE A 306 -37.67 -3.89 -10.90
C ILE A 306 -38.00 -2.59 -11.63
N PRO A 307 -37.07 -2.08 -12.45
CA PRO A 307 -37.40 -0.86 -13.20
C PRO A 307 -38.08 -1.20 -14.52
N ASP A 308 -39.21 -0.55 -14.77
CA ASP A 308 -39.83 -0.66 -16.09
C ASP A 308 -39.27 0.39 -17.00
N ASN A 309 -39.70 0.37 -18.25
CA ASN A 309 -39.59 1.59 -19.05
C ASN A 309 -38.13 1.87 -19.44
N GLY A 310 -37.25 0.90 -19.20
CA GLY A 310 -35.82 1.10 -19.36
C GLY A 310 -35.20 2.12 -18.43
N VAL A 311 -35.91 2.52 -17.36
CA VAL A 311 -35.32 3.49 -16.45
C VAL A 311 -34.30 2.88 -15.50
N THR A 312 -33.54 3.77 -14.88
CA THR A 312 -32.66 3.43 -13.79
C THR A 312 -33.52 3.16 -12.57
N ALA A 313 -33.18 2.13 -11.79
CA ALA A 313 -33.95 1.77 -10.58
C ALA A 313 -33.73 2.71 -9.38
N LEU A 314 -32.48 3.11 -9.16
CA LEU A 314 -32.13 3.94 -8.02
C LEU A 314 -31.03 4.88 -8.40
N LYS A 315 -31.30 6.15 -8.12
CA LYS A 315 -30.32 7.22 -8.34
C LYS A 315 -30.08 7.99 -7.06
N VAL A 316 -28.83 7.98 -6.61
CA VAL A 316 -28.45 8.69 -5.40
C VAL A 316 -27.74 9.96 -5.82
N GLY A 317 -28.11 11.08 -5.24
CA GLY A 317 -27.48 12.35 -5.56
C GLY A 317 -26.08 12.52 -4.98
N ASP A 318 -25.51 13.71 -5.16
CA ASP A 318 -24.17 14.05 -4.68
C ASP A 318 -24.21 14.54 -3.24
N VAL A 319 -24.72 13.67 -2.37
CA VAL A 319 -24.93 13.99 -0.97
C VAL A 319 -24.23 12.98 -0.05
N ASP A 320 -23.80 13.46 1.11
CA ASP A 320 -23.17 12.62 2.14
C ASP A 320 -24.14 11.58 2.72
N GLY A 321 -23.58 10.48 3.22
CA GLY A 321 -24.20 9.71 4.28
C GLY A 321 -25.37 8.83 3.94
N VAL A 322 -25.64 8.63 2.65
CA VAL A 322 -26.78 7.77 2.29
C VAL A 322 -26.36 6.33 2.54
N LYS A 323 -27.29 5.52 3.07
CA LYS A 323 -26.97 4.13 3.42
C LYS A 323 -28.03 3.29 2.77
N VAL A 324 -27.69 2.72 1.62
CA VAL A 324 -28.60 1.80 0.90
C VAL A 324 -28.22 0.38 1.35
N ALA A 325 -29.21 -0.41 1.75
CA ALA A 325 -28.90 -1.71 2.38
C ALA A 325 -29.98 -2.74 2.13
N GLY A 326 -29.60 -3.95 1.70
CA GLY A 326 -30.55 -5.06 1.65
C GLY A 326 -31.60 -5.03 0.56
N LEU A 327 -31.14 -4.75 -0.65
CA LEU A 327 -32.04 -4.61 -1.80
C LEU A 327 -31.51 -5.40 -2.98
N LEU A 328 -32.43 -6.10 -3.67
CA LEU A 328 -32.14 -6.71 -4.96
C LEU A 328 -32.72 -5.84 -6.06
N VAL A 329 -31.91 -5.48 -7.03
CA VAL A 329 -32.38 -4.81 -8.22
C VAL A 329 -32.39 -5.85 -9.35
N ASP A 330 -33.56 -6.06 -9.94
CA ASP A 330 -33.80 -7.12 -10.93
C ASP A 330 -34.19 -6.42 -12.23
N ALA A 331 -33.33 -6.54 -13.24
CA ALA A 331 -33.54 -5.88 -14.51
C ALA A 331 -34.85 -6.30 -15.15
N GLY A 332 -35.53 -5.32 -15.75
CA GLY A 332 -36.69 -5.60 -16.57
C GLY A 332 -36.28 -5.93 -18.01
N PRO A 333 -37.19 -6.56 -18.77
CA PRO A 333 -36.85 -6.96 -20.16
C PRO A 333 -36.53 -5.79 -21.09
N VAL A 334 -36.80 -4.58 -20.64
CA VAL A 334 -36.57 -3.40 -21.45
C VAL A 334 -35.26 -2.76 -20.98
N ASN A 335 -34.26 -2.78 -21.86
CA ASN A 335 -32.90 -2.46 -21.45
C ASN A 335 -32.72 -1.12 -20.70
N SER A 336 -32.21 -1.19 -19.47
CA SER A 336 -31.86 0.03 -18.75
C SER A 336 -30.41 0.43 -19.02
N GLU A 337 -30.18 1.70 -19.30
CA GLU A 337 -28.83 2.17 -19.55
C GLU A 337 -27.99 2.02 -18.27
N THR A 338 -28.60 2.29 -17.13
CA THR A 338 -27.97 1.96 -15.84
C THR A 338 -29.05 1.43 -14.90
N LEU A 339 -28.67 0.58 -13.94
CA LEU A 339 -29.61 0.14 -12.91
C LEU A 339 -29.53 0.91 -11.55
N VAL A 340 -28.31 1.19 -11.10
CA VAL A 340 -28.05 1.90 -9.84
C VAL A 340 -27.01 2.95 -10.10
N GLU A 341 -27.34 4.21 -9.81
CA GLU A 341 -26.33 5.29 -9.88
C GLU A 341 -26.08 5.92 -8.52
N VAL A 342 -24.79 6.08 -8.20
CA VAL A 342 -24.36 6.63 -6.94
C VAL A 342 -23.60 7.92 -7.29
N GLY A 343 -24.31 9.04 -7.19
CA GLY A 343 -23.81 10.33 -7.61
C GLY A 343 -23.86 10.56 -9.12
N SER A 344 -23.56 11.78 -9.50
CA SER A 344 -23.66 12.20 -10.92
C SER A 344 -22.33 12.20 -11.62
N ASP A 345 -22.38 11.96 -12.94
CA ASP A 345 -21.16 11.99 -13.74
C ASP A 345 -20.45 13.35 -13.57
N GLY A 346 -19.14 13.31 -13.31
CA GLY A 346 -18.40 14.53 -12.99
C GLY A 346 -18.37 14.88 -11.50
N ALA A 347 -19.27 14.25 -10.72
CA ALA A 347 -19.29 14.28 -9.24
C ALA A 347 -17.89 14.59 -8.67
N SER A 348 -17.66 15.86 -8.37
CA SER A 348 -16.37 16.41 -8.10
C SER A 348 -16.00 16.53 -6.63
N GLY A 349 -17.03 16.52 -5.82
CA GLY A 349 -16.86 16.73 -4.41
C GLY A 349 -16.57 15.43 -3.72
N ASP A 350 -16.71 15.51 -2.43
CA ASP A 350 -16.09 14.54 -1.57
C ASP A 350 -17.05 14.28 -0.44
N HIS A 351 -16.93 13.10 0.15
CA HIS A 351 -17.71 12.70 1.28
C HIS A 351 -16.83 11.86 2.20
N ALA A 352 -15.70 12.42 2.64
CA ALA A 352 -14.73 11.63 3.41
C ALA A 352 -15.18 11.35 4.82
N ALA A 353 -15.76 12.35 5.44
CA ALA A 353 -16.23 12.25 6.82
C ALA A 353 -17.44 11.33 6.94
N ASN A 354 -18.33 11.46 5.96
CA ASN A 354 -19.66 10.88 6.03
C ASN A 354 -20.04 10.34 4.61
N PRO A 355 -19.37 9.25 4.22
CA PRO A 355 -19.55 8.66 2.89
C PRO A 355 -20.93 8.04 2.69
N THR A 356 -21.31 7.88 1.44
CA THR A 356 -22.47 7.06 1.07
C THR A 356 -21.99 5.61 0.92
N SER A 357 -22.89 4.67 1.22
CA SER A 357 -22.56 3.26 1.10
C SER A 357 -23.68 2.44 0.48
N LEU A 358 -23.27 1.40 -0.23
CA LEU A 358 -24.15 0.33 -0.67
C LEU A 358 -23.76 -0.93 0.08
N GLN A 359 -24.72 -1.52 0.80
CA GLN A 359 -24.47 -2.77 1.53
C GLN A 359 -25.52 -3.82 1.20
N ASP A 360 -25.08 -5.03 0.89
CA ASP A 360 -26.04 -6.08 0.53
C ASP A 360 -27.01 -5.54 -0.53
N VAL A 361 -26.42 -4.92 -1.55
CA VAL A 361 -27.17 -4.54 -2.74
C VAL A 361 -26.79 -5.56 -3.80
N PHE A 362 -27.80 -6.26 -4.29
CA PHE A 362 -27.58 -7.34 -5.25
C PHE A 362 -28.27 -6.94 -6.55
N VAL A 363 -27.62 -7.18 -7.68
CA VAL A 363 -28.23 -6.94 -8.98
C VAL A 363 -28.34 -8.26 -9.77
N ARG A 364 -29.47 -8.46 -10.44
CA ARG A 364 -29.70 -9.60 -11.31
C ARG A 364 -30.16 -9.13 -12.70
N ILE A 365 -29.55 -9.69 -13.74
CA ILE A 365 -30.00 -9.45 -15.12
C ILE A 365 -30.40 -10.78 -15.76
N GLY A 366 -31.71 -11.00 -15.86
CA GLY A 366 -32.26 -12.24 -16.41
C GLY A 366 -32.45 -13.30 -15.34
N GLY A 367 -32.96 -14.47 -15.74
CA GLY A 367 -33.05 -15.59 -14.81
C GLY A 367 -34.51 -15.86 -14.42
N ALA A 368 -35.22 -14.77 -14.16
CA ALA A 368 -36.67 -14.77 -13.94
C ALA A 368 -37.46 -14.05 -15.06
N GLY A 369 -37.08 -14.29 -16.33
CA GLY A 369 -37.62 -13.54 -17.46
C GLY A 369 -36.51 -12.79 -18.18
N PRO A 370 -36.68 -12.51 -19.50
CA PRO A 370 -35.68 -11.65 -20.12
C PRO A 370 -35.46 -10.37 -19.25
N GLY A 371 -34.21 -9.99 -19.15
CA GLY A 371 -33.83 -8.75 -18.50
C GLY A 371 -32.58 -8.27 -19.20
N LYS A 372 -32.39 -6.95 -19.32
CA LYS A 372 -31.28 -6.35 -20.05
C LYS A 372 -30.84 -5.02 -19.35
N ALA A 373 -29.53 -4.81 -19.22
CA ALA A 373 -29.01 -3.51 -18.77
C ALA A 373 -27.61 -3.29 -19.29
N THR A 374 -27.29 -2.05 -19.66
CA THR A 374 -25.97 -1.76 -20.23
C THR A 374 -24.88 -1.74 -19.16
N THR A 375 -25.10 -0.91 -18.15
CA THR A 375 -24.23 -0.90 -16.96
C THR A 375 -25.06 -1.06 -15.72
N SER A 376 -24.71 -2.00 -14.86
CA SER A 376 -25.53 -2.26 -13.71
C SER A 376 -25.38 -1.20 -12.58
N ILE A 377 -24.14 -0.94 -12.16
CA ILE A 377 -23.89 0.01 -11.08
C ILE A 377 -22.78 0.94 -11.47
N VAL A 378 -23.11 2.24 -11.46
CA VAL A 378 -22.14 3.28 -11.72
C VAL A 378 -21.94 4.02 -10.42
N VAL A 379 -20.68 4.15 -10.03
CA VAL A 379 -20.33 4.85 -8.79
C VAL A 379 -19.50 6.07 -9.13
N ASN A 380 -20.19 7.22 -9.17
CA ASN A 380 -19.53 8.48 -9.42
C ASN A 380 -19.09 9.17 -8.13
N SER A 381 -19.82 8.96 -7.03
CA SER A 381 -19.52 9.64 -5.75
C SER A 381 -18.18 9.29 -5.12
N ASN A 382 -17.37 10.33 -4.88
CA ASN A 382 -16.12 10.09 -4.20
C ASN A 382 -16.39 9.52 -2.79
N ASP A 383 -15.48 8.68 -2.35
CA ASP A 383 -15.41 8.13 -0.99
C ASP A 383 -16.47 7.07 -0.69
N THR A 384 -17.20 6.65 -1.71
CA THR A 384 -18.26 5.66 -1.54
C THR A 384 -17.67 4.32 -1.05
N ILE A 385 -18.42 3.65 -0.18
CA ILE A 385 -18.09 2.32 0.31
C ILE A 385 -19.08 1.34 -0.30
N ILE A 386 -18.58 0.29 -0.96
CA ILE A 386 -19.45 -0.79 -1.47
C ILE A 386 -19.07 -1.99 -0.64
N ASP A 387 -19.91 -2.35 0.33
CA ASP A 387 -19.60 -3.37 1.32
C ASP A 387 -20.60 -4.53 1.17
N HIS A 388 -20.17 -5.52 0.39
CA HIS A 388 -20.95 -6.65 -0.09
C HIS A 388 -21.93 -6.32 -1.20
N THR A 389 -21.53 -6.64 -2.42
CA THR A 389 -22.44 -6.58 -3.55
C THR A 389 -22.29 -7.87 -4.40
N TRP A 390 -23.38 -8.33 -5.01
CA TRP A 390 -23.33 -9.38 -6.03
C TRP A 390 -24.05 -8.82 -7.23
N VAL A 391 -23.32 -8.66 -8.31
CA VAL A 391 -23.86 -8.07 -9.53
C VAL A 391 -23.74 -9.20 -10.59
N TRP A 392 -24.89 -9.72 -11.01
CA TRP A 392 -24.95 -11.04 -11.66
C TRP A 392 -25.80 -11.04 -12.91
N ARG A 393 -25.17 -11.28 -14.04
CA ARG A 393 -25.92 -11.55 -15.24
C ARG A 393 -26.23 -13.07 -15.18
N ALA A 394 -27.51 -13.41 -15.28
CA ALA A 394 -27.94 -14.79 -15.06
C ALA A 394 -27.32 -15.80 -16.05
N ASP A 395 -26.98 -16.99 -15.53
CA ASP A 395 -26.48 -18.10 -16.36
C ASP A 395 -27.48 -19.25 -16.36
N HIS A 396 -28.53 -19.14 -15.57
CA HIS A 396 -29.60 -20.11 -15.60
C HIS A 396 -30.92 -19.45 -15.26
N GLY A 397 -31.99 -20.21 -15.48
CA GLY A 397 -33.36 -19.76 -15.27
C GLY A 397 -34.03 -19.54 -16.60
N GLU A 398 -34.85 -18.48 -16.65
CA GLU A 398 -35.59 -17.97 -17.81
C GLU A 398 -34.99 -16.69 -18.36
N GLY A 399 -34.98 -16.56 -19.68
CA GLY A 399 -34.68 -15.28 -20.27
C GLY A 399 -33.18 -15.09 -20.38
N VAL A 400 -32.46 -16.20 -20.38
CA VAL A 400 -31.01 -16.25 -20.47
C VAL A 400 -30.52 -16.53 -21.91
N GLY A 401 -29.62 -15.68 -22.40
CA GLY A 401 -29.01 -15.85 -23.70
C GLY A 401 -28.04 -14.73 -24.00
N TRP A 402 -27.06 -15.03 -24.83
CA TRP A 402 -26.02 -14.05 -25.19
C TRP A 402 -26.59 -12.66 -25.60
N GLU A 403 -27.66 -12.61 -26.40
CA GLU A 403 -28.43 -11.35 -26.52
C GLU A 403 -29.66 -11.30 -25.59
N THR A 404 -30.25 -12.46 -25.24
CA THR A 404 -31.51 -12.48 -24.47
C THR A 404 -31.42 -11.66 -23.18
N ASN A 405 -30.41 -11.97 -22.34
CA ASN A 405 -30.12 -11.17 -21.15
C ASN A 405 -28.74 -10.52 -21.22
N ARG A 406 -28.48 -9.96 -22.40
CA ARG A 406 -27.26 -9.21 -22.60
C ARG A 406 -27.07 -8.12 -21.55
N ALA A 407 -25.89 -8.10 -20.97
CA ALA A 407 -25.53 -7.04 -20.01
C ALA A 407 -24.05 -6.78 -20.21
N ASP A 408 -23.71 -5.65 -20.81
CA ASP A 408 -22.31 -5.45 -21.20
C ASP A 408 -21.37 -5.16 -20.02
N TYR A 409 -21.80 -4.33 -19.09
CA TYR A 409 -20.93 -3.84 -18.01
C TYR A 409 -21.56 -4.04 -16.62
N GLY A 410 -20.74 -4.53 -15.69
CA GLY A 410 -21.21 -4.81 -14.34
C GLY A 410 -21.18 -3.58 -13.45
N VAL A 411 -19.98 -3.29 -12.97
CA VAL A 411 -19.75 -2.15 -12.10
C VAL A 411 -18.72 -1.26 -12.76
N HIS A 412 -19.01 0.04 -12.77
CA HIS A 412 -18.06 1.06 -13.24
C HIS A 412 -17.82 2.10 -12.14
N VAL A 413 -16.58 2.13 -11.63
CA VAL A 413 -16.24 3.07 -10.55
C VAL A 413 -15.46 4.23 -11.11
N LYS A 414 -16.08 5.41 -11.07
CA LYS A 414 -15.37 6.63 -11.47
C LYS A 414 -15.03 7.60 -10.34
N GLY A 415 -15.68 7.46 -9.19
CA GLY A 415 -15.29 8.26 -8.02
C GLY A 415 -13.88 7.94 -7.56
N ASP A 416 -13.31 8.86 -6.77
CA ASP A 416 -11.99 8.70 -6.21
C ASP A 416 -12.14 8.17 -4.77
N ASN A 417 -11.13 7.48 -4.29
CA ASN A 417 -11.10 6.98 -2.90
C ASN A 417 -12.28 6.09 -2.60
N VAL A 418 -12.73 5.35 -3.61
CA VAL A 418 -13.85 4.38 -3.44
C VAL A 418 -13.28 3.07 -2.93
N LEU A 419 -13.97 2.46 -1.95
CA LEU A 419 -13.52 1.22 -1.34
C LEU A 419 -14.56 0.18 -1.61
N ALA A 420 -14.15 -0.97 -2.13
CA ALA A 420 -15.04 -2.14 -2.24
C ALA A 420 -14.53 -3.25 -1.33
N THR A 421 -15.39 -3.73 -0.45
CA THR A 421 -15.10 -4.86 0.43
C THR A 421 -16.13 -5.97 0.21
N GLY A 422 -15.69 -7.08 -0.37
CA GLY A 422 -16.61 -8.16 -0.72
C GLY A 422 -17.34 -7.89 -2.03
N LEU A 423 -16.57 -7.89 -3.12
CA LEU A 423 -17.09 -7.53 -4.46
C LEU A 423 -17.23 -8.80 -5.30
N PHE A 424 -18.46 -9.16 -5.66
CA PHE A 424 -18.76 -10.37 -6.42
C PHE A 424 -19.47 -9.91 -7.72
N VAL A 425 -18.87 -10.08 -8.88
CA VAL A 425 -19.45 -9.60 -10.13
C VAL A 425 -19.20 -10.65 -11.24
N GLU A 426 -20.28 -11.12 -11.89
CA GLU A 426 -20.18 -12.26 -12.80
C GLU A 426 -20.99 -12.15 -14.10
N HIS A 427 -20.35 -12.59 -15.19
CA HIS A 427 -20.99 -13.07 -16.43
C HIS A 427 -21.28 -12.00 -17.49
N PHE A 428 -20.73 -10.80 -17.31
CA PHE A 428 -21.00 -9.70 -18.22
C PHE A 428 -20.41 -9.91 -19.63
N ASN A 429 -21.10 -9.40 -20.66
CA ASN A 429 -20.65 -9.65 -22.04
C ASN A 429 -19.31 -8.95 -22.31
N LYS A 430 -19.08 -7.84 -21.62
CA LYS A 430 -17.83 -7.10 -21.72
C LYS A 430 -17.16 -6.99 -20.33
N TYR A 431 -16.68 -5.80 -19.93
CA TYR A 431 -15.95 -5.72 -18.68
C TYR A 431 -16.85 -5.89 -17.45
N ASP A 432 -16.57 -6.88 -16.60
CA ASP A 432 -17.42 -7.06 -15.43
C ASP A 432 -17.26 -5.85 -14.51
N VAL A 433 -16.01 -5.49 -14.24
CA VAL A 433 -15.69 -4.34 -13.41
C VAL A 433 -14.71 -3.46 -14.12
N GLN A 434 -14.97 -2.15 -14.16
CA GLN A 434 -13.99 -1.18 -14.62
C GLN A 434 -13.83 -0.09 -13.59
N TRP A 435 -12.59 0.38 -13.45
CA TRP A 435 -12.24 1.33 -12.43
C TRP A 435 -11.42 2.43 -13.10
N SER A 436 -12.04 3.60 -13.16
CA SER A 436 -11.50 4.77 -13.84
C SER A 436 -11.22 5.91 -12.83
N GLY A 437 -11.79 5.81 -11.64
CA GLY A 437 -11.51 6.78 -10.60
C GLY A 437 -10.17 6.57 -9.91
N GLU A 438 -9.73 7.57 -9.14
CA GLU A 438 -8.44 7.51 -8.49
C GLU A 438 -8.50 6.90 -7.06
N ASN A 439 -7.40 6.32 -6.63
CA ASN A 439 -7.23 5.90 -5.26
C ASN A 439 -8.22 4.83 -4.80
N GLY A 440 -8.60 3.97 -5.74
CA GLY A 440 -9.52 2.89 -5.45
C GLY A 440 -8.85 1.75 -4.71
N LYS A 441 -9.66 1.05 -3.91
CA LYS A 441 -9.23 -0.16 -3.25
C LYS A 441 -10.33 -1.19 -3.28
N THR A 442 -9.94 -2.42 -3.60
CA THR A 442 -10.81 -3.59 -3.53
C THR A 442 -10.18 -4.64 -2.63
N ILE A 443 -10.93 -5.06 -1.62
CA ILE A 443 -10.53 -6.18 -0.73
C ILE A 443 -11.58 -7.29 -0.95
N PHE A 444 -11.08 -8.36 -1.61
CA PHE A 444 -11.83 -9.50 -2.07
C PHE A 444 -12.65 -9.24 -3.30
N TYR A 445 -12.31 -9.96 -4.38
CA TYR A 445 -13.07 -9.96 -5.62
C TYR A 445 -13.29 -11.39 -6.06
N GLN A 446 -14.53 -11.66 -6.47
CA GLN A 446 -14.86 -12.95 -7.09
C GLN A 446 -15.64 -12.69 -8.38
N ASN A 447 -15.12 -13.25 -9.47
CA ASN A 447 -15.72 -13.13 -10.79
C ASN A 447 -15.80 -14.48 -11.47
N ALA A 448 -16.81 -14.62 -12.32
CA ALA A 448 -16.89 -15.69 -13.32
C ALA A 448 -17.18 -15.01 -14.66
N LYS A 449 -16.50 -15.47 -15.68
CA LYS A 449 -16.69 -14.98 -17.04
C LYS A 449 -17.92 -15.64 -17.69
N ALA A 450 -18.59 -14.89 -18.55
CA ALA A 450 -19.80 -15.34 -19.25
C ALA A 450 -19.58 -16.73 -19.88
N TYR A 451 -20.48 -17.67 -19.57
CA TYR A 451 -20.33 -19.09 -20.03
C TYR A 451 -20.72 -19.22 -21.49
N ASP A 452 -21.45 -18.22 -21.99
CA ASP A 452 -22.15 -18.32 -23.25
C ASP A 452 -21.63 -17.47 -24.43
N ALA A 453 -20.40 -16.98 -24.34
CA ALA A 453 -19.77 -16.36 -25.49
C ALA A 453 -19.72 -17.44 -26.57
N PRO A 454 -20.23 -17.16 -27.77
CA PRO A 454 -20.35 -18.34 -28.64
C PRO A 454 -19.07 -18.69 -29.40
N ASP A 455 -18.28 -17.66 -29.67
CA ASP A 455 -16.96 -17.81 -30.30
C ASP A 455 -16.00 -16.66 -29.93
N GLN A 456 -14.74 -16.78 -30.36
CA GLN A 456 -13.72 -15.77 -30.07
C GLN A 456 -14.09 -14.39 -30.64
N ALA A 457 -14.45 -14.34 -31.92
CA ALA A 457 -14.72 -13.07 -32.60
C ALA A 457 -15.82 -12.27 -31.90
N ALA A 458 -16.63 -12.95 -31.10
CA ALA A 458 -17.75 -12.29 -30.41
C ALA A 458 -17.32 -11.49 -29.15
N ILE A 459 -16.13 -11.80 -28.63
CA ILE A 459 -15.59 -11.17 -27.43
C ILE A 459 -14.26 -10.45 -27.69
N GLN A 460 -13.98 -10.13 -28.96
CA GLN A 460 -12.76 -9.40 -29.31
C GLN A 460 -12.82 -7.95 -28.89
N ASN A 461 -11.78 -7.57 -28.13
CA ASN A 461 -11.69 -6.31 -27.39
C ASN A 461 -10.47 -5.52 -27.91
N GLY A 462 -10.57 -4.98 -29.12
CA GLY A 462 -9.39 -4.41 -29.75
C GLY A 462 -8.36 -5.51 -29.97
N ASP A 463 -7.11 -5.23 -29.62
CA ASP A 463 -6.03 -6.20 -29.70
C ASP A 463 -5.93 -7.10 -28.45
N ILE A 464 -7.08 -7.47 -27.93
CA ILE A 464 -7.16 -8.26 -26.72
C ILE A 464 -8.28 -9.30 -26.83
N LYS A 465 -7.95 -10.55 -26.49
CA LYS A 465 -8.92 -11.65 -26.56
C LYS A 465 -9.78 -11.54 -25.30
N GLY A 466 -11.05 -11.19 -25.46
CA GLY A 466 -11.92 -11.03 -24.31
C GLY A 466 -11.74 -9.74 -23.57
N TYR A 467 -12.64 -9.51 -22.59
CA TYR A 467 -12.61 -8.33 -21.72
C TYR A 467 -12.19 -8.76 -20.33
N ALA A 468 -11.29 -8.01 -19.70
CA ALA A 468 -10.89 -8.32 -18.34
C ALA A 468 -12.10 -8.39 -17.42
N ALA A 469 -12.03 -9.26 -16.42
CA ALA A 469 -13.03 -9.25 -15.35
C ALA A 469 -12.89 -8.00 -14.47
N TYR A 470 -11.69 -7.43 -14.45
CA TYR A 470 -11.42 -6.24 -13.61
C TYR A 470 -10.36 -5.42 -14.33
N LYS A 471 -10.77 -4.24 -14.82
CA LYS A 471 -9.91 -3.36 -15.58
C LYS A 471 -9.76 -2.06 -14.86
N VAL A 472 -8.53 -1.66 -14.67
CA VAL A 472 -8.20 -0.30 -14.25
C VAL A 472 -7.81 0.56 -15.47
N ASP A 473 -8.40 1.74 -15.61
CA ASP A 473 -8.13 2.63 -16.76
C ASP A 473 -6.64 2.95 -16.82
N ASP A 474 -6.17 3.39 -17.99
CA ASP A 474 -4.72 3.69 -18.16
C ASP A 474 -4.29 4.98 -17.51
N SER A 475 -5.24 5.87 -17.35
CA SER A 475 -5.00 7.20 -16.83
C SER A 475 -4.84 7.15 -15.29
N VAL A 476 -5.36 6.11 -14.65
CA VAL A 476 -5.31 6.00 -13.19
C VAL A 476 -3.88 5.85 -12.69
N THR A 477 -3.56 6.52 -11.58
CA THR A 477 -2.19 6.49 -11.06
C THR A 477 -2.07 5.74 -9.75
N THR A 478 -3.18 5.60 -9.03
CA THR A 478 -3.15 4.88 -7.76
C THR A 478 -4.33 3.92 -7.66
N HIS A 479 -4.03 2.69 -7.28
CA HIS A 479 -5.05 1.64 -7.11
C HIS A 479 -4.43 0.51 -6.30
N GLU A 480 -5.23 -0.18 -5.51
CA GLU A 480 -4.75 -1.37 -4.82
C GLU A 480 -5.89 -2.40 -4.74
N GLY A 481 -5.53 -3.66 -4.94
CA GLY A 481 -6.48 -4.75 -4.86
C GLY A 481 -5.85 -5.94 -4.14
N TRP A 482 -6.64 -6.60 -3.28
CA TRP A 482 -6.18 -7.77 -2.58
C TRP A 482 -7.16 -8.95 -2.68
N GLY A 483 -6.63 -10.13 -2.95
CA GLY A 483 -7.43 -11.35 -2.87
C GLY A 483 -8.53 -11.46 -3.91
N MET A 484 -8.10 -11.62 -5.17
CA MET A 484 -8.97 -11.49 -6.34
C MET A 484 -8.85 -12.62 -7.33
N GLY A 485 -9.99 -13.26 -7.61
CA GLY A 485 -9.99 -14.36 -8.57
C GLY A 485 -11.08 -14.28 -9.60
N SER A 486 -10.73 -14.62 -10.84
CA SER A 486 -11.67 -14.75 -11.97
C SER A 486 -11.63 -16.15 -12.51
N TYR A 487 -12.80 -16.73 -12.73
CA TYR A 487 -12.92 -18.09 -13.24
C TYR A 487 -13.67 -18.14 -14.56
N CYS A 488 -13.36 -19.13 -15.38
CA CYS A 488 -14.04 -19.27 -16.68
C CYS A 488 -14.67 -20.67 -16.83
N TYR A 489 -15.71 -20.71 -17.64
CA TYR A 489 -16.43 -21.96 -17.99
C TYR A 489 -17.16 -21.75 -19.30
N PHE A 490 -16.36 -21.70 -20.35
CA PHE A 490 -16.86 -21.37 -21.67
C PHE A 490 -17.48 -22.61 -22.30
N ASN A 491 -18.67 -22.99 -21.83
CA ASN A 491 -19.22 -24.27 -22.18
C ASN A 491 -19.91 -24.29 -23.56
N VAL A 492 -20.39 -23.14 -24.03
CA VAL A 492 -20.86 -23.00 -25.41
C VAL A 492 -19.70 -23.22 -26.37
N ASN A 493 -18.52 -22.74 -26.02
CA ASN A 493 -17.36 -22.84 -26.90
C ASN A 493 -16.04 -22.86 -26.12
N PRO A 494 -15.63 -24.05 -25.66
CA PRO A 494 -14.43 -24.15 -24.84
C PRO A 494 -13.14 -24.03 -25.65
N ASP A 495 -13.27 -23.78 -26.95
CA ASP A 495 -12.14 -23.40 -27.78
C ASP A 495 -11.68 -21.97 -27.51
N ILE A 496 -12.45 -21.27 -26.69
CA ILE A 496 -12.17 -19.85 -26.42
C ILE A 496 -10.97 -19.63 -25.51
N ARG A 497 -10.30 -18.50 -25.74
CA ARG A 497 -9.23 -18.04 -24.89
C ARG A 497 -9.59 -16.66 -24.31
N GLN A 498 -9.38 -16.54 -23.01
CA GLN A 498 -9.54 -15.29 -22.28
C GLN A 498 -8.13 -14.75 -22.01
N GLN A 499 -7.78 -13.58 -22.54
CA GLN A 499 -6.40 -13.14 -22.41
C GLN A 499 -5.98 -13.02 -20.94
N HIS A 500 -6.85 -12.47 -20.10
CA HIS A 500 -6.48 -12.26 -18.69
C HIS A 500 -7.72 -12.05 -17.78
N GLY A 501 -7.56 -12.27 -16.48
CA GLY A 501 -8.58 -11.89 -15.50
C GLY A 501 -8.57 -10.39 -15.25
N PHE A 502 -7.37 -9.82 -15.25
CA PHE A 502 -7.19 -8.44 -14.83
C PHE A 502 -6.33 -7.64 -15.81
N GLN A 503 -6.61 -6.36 -15.88
CA GLN A 503 -5.86 -5.48 -16.76
C GLN A 503 -5.70 -4.08 -16.14
N ALA A 504 -4.45 -3.60 -16.11
CA ALA A 504 -4.13 -2.37 -15.45
C ALA A 504 -2.86 -1.77 -16.04
N PRO A 505 -2.70 -0.45 -15.95
CA PRO A 505 -1.38 0.11 -16.28
C PRO A 505 -0.26 -0.40 -15.33
N VAL A 506 1.01 -0.39 -15.77
CA VAL A 506 2.13 -0.78 -14.92
C VAL A 506 2.72 0.50 -14.37
N LYS A 507 2.39 0.78 -13.11
CA LYS A 507 2.77 2.03 -12.49
C LYS A 507 3.06 1.77 -11.03
N PRO A 508 3.98 2.55 -10.43
CA PRO A 508 4.33 2.15 -9.05
C PRO A 508 3.18 2.14 -8.04
N GLY A 509 2.17 2.98 -8.20
CA GLY A 509 1.12 3.11 -7.22
C GLY A 509 -0.17 2.37 -7.57
N VAL A 510 -0.19 1.69 -8.71
CA VAL A 510 -1.36 0.86 -9.14
C VAL A 510 -0.99 -0.60 -8.90
N LYS A 511 -1.43 -1.14 -7.75
CA LYS A 511 -0.86 -2.35 -7.11
C LYS A 511 -1.83 -3.51 -6.89
N PHE A 512 -1.39 -4.77 -7.04
CA PHE A 512 -2.24 -5.93 -6.68
C PHE A 512 -1.53 -7.02 -5.89
N HIS A 513 -2.31 -7.65 -5.01
CA HIS A 513 -1.86 -8.84 -4.27
C HIS A 513 -2.81 -10.02 -4.35
N ASP A 514 -2.22 -11.20 -4.47
CA ASP A 514 -2.94 -12.48 -4.38
C ASP A 514 -4.06 -12.56 -5.42
N LEU A 515 -3.63 -12.59 -6.69
CA LEU A 515 -4.50 -12.71 -7.85
C LEU A 515 -4.51 -14.15 -8.33
N LEU A 516 -5.70 -14.61 -8.74
CA LEU A 516 -5.77 -15.93 -9.35
C LEU A 516 -6.81 -16.03 -10.47
N VAL A 517 -6.52 -16.87 -11.47
CA VAL A 517 -7.52 -17.26 -12.48
C VAL A 517 -7.63 -18.76 -12.57
N VAL A 518 -8.81 -19.27 -12.95
CA VAL A 518 -9.03 -20.70 -13.00
C VAL A 518 -10.01 -21.02 -14.10
N SER A 519 -9.70 -22.04 -14.89
CA SER A 519 -10.64 -22.61 -15.81
C SER A 519 -11.31 -23.80 -15.17
N LEU A 520 -12.63 -23.81 -15.03
CA LEU A 520 -13.23 -25.01 -14.47
C LEU A 520 -13.47 -26.01 -15.59
N GLY A 521 -12.91 -27.19 -15.41
CA GLY A 521 -13.19 -28.27 -16.33
C GLY A 521 -12.48 -28.17 -17.68
N GLY A 522 -11.55 -27.24 -17.83
CA GLY A 522 -10.83 -27.08 -19.09
C GLY A 522 -11.69 -26.43 -20.15
N LYS A 523 -12.74 -25.75 -19.70
CA LYS A 523 -13.71 -25.16 -20.62
C LYS A 523 -13.27 -23.73 -20.92
N GLY A 524 -12.57 -23.57 -22.04
CA GLY A 524 -11.82 -22.37 -22.30
C GLY A 524 -10.59 -22.31 -21.40
N GLN A 525 -9.70 -21.38 -21.71
CA GLN A 525 -8.51 -21.18 -20.86
C GLN A 525 -8.15 -19.72 -20.80
N TYR A 526 -7.51 -19.32 -19.70
CA TYR A 526 -6.81 -18.03 -19.60
C TYR A 526 -5.42 -18.09 -20.24
N GLU A 527 -5.02 -17.03 -20.95
CA GLU A 527 -3.64 -16.86 -21.41
C GLU A 527 -2.68 -16.44 -20.31
N HIS A 528 -3.20 -15.67 -19.36
CA HIS A 528 -2.40 -15.01 -18.35
C HIS A 528 -3.32 -14.59 -17.21
N VAL A 529 -2.73 -14.16 -16.10
CA VAL A 529 -3.50 -13.72 -14.94
C VAL A 529 -3.86 -12.25 -15.04
N ILE A 530 -2.85 -11.41 -15.20
CA ILE A 530 -3.03 -9.97 -15.34
C ILE A 530 -2.17 -9.43 -16.47
N ASN A 531 -2.77 -8.60 -17.34
CA ASN A 531 -2.11 -8.11 -18.55
C ASN A 531 -1.58 -9.24 -19.41
N ASP A 532 -0.28 -9.27 -19.65
CA ASP A 532 0.35 -10.32 -20.41
C ASP A 532 1.32 -11.08 -19.53
N ILE A 533 1.01 -11.11 -18.23
CA ILE A 533 1.92 -11.58 -17.19
C ILE A 533 1.19 -12.64 -16.32
N GLY A 534 1.94 -13.65 -15.91
CA GLY A 534 1.34 -14.82 -15.27
C GLY A 534 1.03 -15.93 -16.26
N ASP A 535 1.05 -17.13 -15.70
CA ASP A 535 0.98 -18.36 -16.46
C ASP A 535 -0.42 -18.73 -16.87
N PRO A 536 -0.58 -19.19 -18.14
CA PRO A 536 -1.91 -19.55 -18.63
C PRO A 536 -2.46 -20.69 -17.81
N THR A 537 -3.78 -20.86 -17.77
CA THR A 537 -4.32 -22.07 -17.20
C THR A 537 -4.19 -23.23 -18.22
N SER A 538 -3.89 -24.42 -17.69
CA SER A 538 -3.62 -25.60 -18.52
C SER A 538 -4.38 -26.85 -18.03
N GLY A 539 -4.58 -27.83 -18.92
CA GLY A 539 -5.29 -29.04 -18.54
C GLY A 539 -6.78 -28.87 -18.27
N ASP A 540 -7.41 -29.95 -17.77
CA ASP A 540 -8.84 -29.95 -17.48
C ASP A 540 -9.06 -30.21 -16.00
N THR A 541 -8.06 -29.92 -15.18
CA THR A 541 -8.03 -30.35 -13.78
C THR A 541 -8.31 -29.20 -12.77
N THR A 542 -8.61 -28.00 -13.28
CA THR A 542 -9.18 -26.96 -12.42
C THR A 542 -8.16 -26.37 -11.42
N ILE A 543 -6.93 -26.24 -11.91
CA ILE A 543 -5.81 -25.74 -11.11
C ILE A 543 -5.57 -24.24 -11.27
N PRO A 544 -5.64 -23.48 -10.17
CA PRO A 544 -5.49 -22.02 -10.25
C PRO A 544 -4.11 -21.63 -10.76
N SER A 545 -4.08 -20.62 -11.63
CA SER A 545 -2.83 -19.92 -11.95
C SER A 545 -2.82 -18.66 -11.12
N GLN A 546 -1.70 -18.43 -10.42
CA GLN A 546 -1.67 -17.41 -9.37
C GLN A 546 -0.56 -16.40 -9.60
N VAL A 547 -0.80 -15.20 -9.11
CA VAL A 547 0.23 -14.17 -9.01
C VAL A 547 0.18 -13.55 -7.62
N VAL A 548 1.32 -13.46 -6.95
CA VAL A 548 1.34 -12.92 -5.60
C VAL A 548 1.35 -11.42 -5.72
N SER A 549 2.05 -10.92 -6.74
CA SER A 549 2.57 -9.57 -6.70
C SER A 549 2.58 -8.81 -8.05
N PHE A 550 1.90 -7.64 -8.10
CA PHE A 550 1.83 -6.79 -9.31
C PHE A 550 1.90 -5.27 -9.01
N PRO A 551 2.82 -4.57 -9.66
CA PRO A 551 3.89 -5.06 -10.54
C PRO A 551 4.75 -6.05 -9.76
N ALA B 1 -3.93 35.73 -1.03
CA ALA B 1 -3.70 34.38 -0.56
C ALA B 1 -4.04 34.23 0.91
N GLN B 2 -3.77 33.03 1.41
CA GLN B 2 -4.08 32.56 2.75
C GLN B 2 -2.82 32.26 3.51
N GLU B 3 -2.87 32.34 4.83
CA GLU B 3 -1.73 31.82 5.62
C GLU B 3 -1.76 30.30 5.76
N VAL B 4 -0.67 29.65 5.36
CA VAL B 4 -0.53 28.22 5.57
C VAL B 4 -0.43 27.97 7.07
N VAL B 5 -1.07 26.90 7.54
CA VAL B 5 -1.19 26.65 8.95
C VAL B 5 -0.23 25.55 9.39
N GLY B 6 0.85 26.00 10.00
CA GLY B 6 1.78 25.13 10.66
C GLY B 6 1.23 24.17 11.71
N GLY B 7 1.95 23.07 11.84
CA GLY B 7 1.71 22.09 12.87
C GLY B 7 0.59 21.11 12.54
N GLY B 8 0.05 20.51 13.58
CA GLY B 8 -0.99 19.52 13.39
C GLY B 8 -0.42 18.14 13.13
N ASP B 9 -1.24 17.33 12.45
CA ASP B 9 -1.10 15.90 12.53
C ASP B 9 -0.22 15.32 11.47
N LEU B 10 0.51 14.29 11.84
CA LEU B 10 1.58 13.76 11.00
C LEU B 10 1.05 12.73 10.02
N GLY B 11 -0.26 12.50 10.10
CA GLY B 11 -0.99 11.76 9.09
C GLY B 11 -0.89 10.27 9.29
N PRO B 12 -1.51 9.50 8.38
CA PRO B 12 -1.66 8.09 8.73
C PRO B 12 -0.57 7.09 8.22
N ASN B 13 0.58 7.60 7.79
CA ASN B 13 1.71 6.65 7.58
C ASN B 13 2.86 6.83 8.57
N VAL B 14 2.52 7.54 9.65
CA VAL B 14 3.41 7.67 10.80
C VAL B 14 2.85 6.90 12.00
N LEU B 15 3.31 5.66 12.19
CA LEU B 15 2.80 4.81 13.23
C LEU B 15 3.61 5.08 14.49
N VAL B 16 2.91 5.48 15.54
CA VAL B 16 3.56 5.87 16.78
C VAL B 16 3.19 4.87 17.86
N PHE B 17 4.22 4.33 18.48
CA PHE B 17 4.08 3.25 19.46
C PHE B 17 4.46 3.76 20.89
N ASP B 18 3.81 3.16 21.91
CA ASP B 18 3.98 3.40 23.35
C ASP B 18 4.25 2.05 24.04
N PRO B 19 4.90 2.00 25.23
CA PRO B 19 5.27 0.64 25.61
C PRO B 19 4.18 -0.15 26.25
N SER B 20 3.00 0.46 26.31
CA SER B 20 1.79 -0.27 26.62
C SER B 20 0.86 -0.25 25.41
N THR B 21 1.42 -0.07 24.21
CA THR B 21 0.65 -0.30 23.00
C THR B 21 0.58 -1.81 22.84
N PRO B 22 -0.64 -2.35 22.62
CA PRO B 22 -0.83 -3.80 22.45
C PRO B 22 -0.07 -4.38 21.23
N ASP B 23 0.52 -5.57 21.40
CA ASP B 23 1.25 -6.34 20.36
C ASP B 23 2.00 -5.50 19.31
N ILE B 24 3.03 -4.77 19.75
CA ILE B 24 3.89 -4.09 18.78
C ILE B 24 4.40 -5.01 17.69
N GLN B 25 4.96 -6.17 18.07
CA GLN B 25 5.54 -7.14 17.13
C GLN B 25 4.67 -7.36 15.88
N GLY B 26 3.43 -7.81 16.06
CA GLY B 26 2.53 -7.98 14.93
C GLY B 26 2.35 -6.72 14.07
N LYS B 27 2.25 -5.56 14.71
CA LYS B 27 2.01 -4.33 13.97
C LYS B 27 3.21 -3.97 13.07
N VAL B 28 4.42 -4.22 13.57
CA VAL B 28 5.63 -3.96 12.77
C VAL B 28 5.84 -5.06 11.72
N ASP B 29 5.28 -6.23 11.99
CA ASP B 29 5.32 -7.32 11.00
C ASP B 29 4.27 -7.03 9.91
N GLU B 30 3.18 -6.36 10.27
CA GLU B 30 2.20 -5.96 9.26
C GLU B 30 2.88 -5.02 8.23
N VAL B 31 3.58 -4.00 8.72
CA VAL B 31 4.35 -3.13 7.82
C VAL B 31 5.45 -3.89 7.11
N PHE B 32 6.14 -4.77 7.82
CA PHE B 32 7.20 -5.55 7.17
C PHE B 32 6.66 -6.61 6.18
N ARG B 33 5.41 -7.07 6.28
CA ARG B 33 4.99 -7.86 5.11
C ARG B 33 4.78 -6.96 3.90
N LYS B 34 4.18 -5.79 4.11
CA LYS B 34 3.96 -4.86 2.99
C LYS B 34 5.26 -4.48 2.30
N GLN B 35 6.23 -4.10 3.11
CA GLN B 35 7.46 -3.50 2.56
C GLN B 35 8.63 -4.43 2.20
N GLU B 36 8.60 -5.68 2.66
CA GLU B 36 9.73 -6.60 2.47
C GLU B 36 10.28 -6.62 1.04
N SER B 37 9.35 -6.79 0.09
CA SER B 37 9.61 -6.99 -1.36
C SER B 37 9.35 -5.77 -2.20
N ASN B 38 8.98 -4.67 -1.55
CA ASN B 38 8.30 -3.56 -2.23
C ASN B 38 9.33 -2.56 -2.68
N GLN B 39 10.14 -2.96 -3.65
CA GLN B 39 11.31 -2.19 -3.96
C GLN B 39 10.98 -0.87 -4.62
N PHE B 40 9.92 -0.86 -5.44
CA PHE B 40 9.57 0.30 -6.23
C PHE B 40 8.19 0.91 -5.96
N GLY B 41 7.38 0.31 -5.09
CA GLY B 41 6.06 0.84 -4.82
C GLY B 41 6.01 2.20 -4.15
N THR B 42 4.78 2.62 -3.88
CA THR B 42 4.48 3.98 -3.45
C THR B 42 4.33 4.07 -1.95
N ASP B 43 4.27 2.94 -1.26
CA ASP B 43 4.08 2.96 0.19
C ASP B 43 5.32 3.50 0.89
N ARG B 44 5.06 4.23 1.97
CA ARG B 44 6.07 4.91 2.75
C ARG B 44 5.61 4.86 4.20
N TYR B 45 6.50 4.49 5.14
CA TYR B 45 6.10 4.45 6.55
C TYR B 45 7.21 4.88 7.49
N ALA B 46 6.81 5.53 8.57
CA ALA B 46 7.71 5.89 9.66
C ALA B 46 7.19 5.25 10.91
N LEU B 47 8.06 4.57 11.63
CA LEU B 47 7.72 3.88 12.87
C LEU B 47 8.40 4.59 14.02
N MET B 48 7.65 5.39 14.80
CA MET B 48 8.28 6.19 15.87
C MET B 48 7.93 5.66 17.22
N PHE B 49 8.95 5.64 18.07
CA PHE B 49 8.87 5.04 19.39
C PHE B 49 9.06 6.08 20.45
N LYS B 50 7.99 6.34 21.18
CA LYS B 50 8.03 7.46 22.11
C LYS B 50 8.98 7.03 23.27
N PRO B 51 9.40 7.95 24.16
CA PRO B 51 10.39 7.51 25.18
C PRO B 51 9.95 6.39 26.17
N GLY B 52 10.77 5.33 26.31
CA GLY B 52 10.43 4.13 27.09
C GLY B 52 11.32 2.90 26.80
N THR B 53 10.88 1.72 27.29
CA THR B 53 11.55 0.41 27.12
C THR B 53 10.61 -0.59 26.46
N TYR B 54 11.10 -1.34 25.47
CA TYR B 54 10.26 -2.25 24.66
C TYR B 54 10.80 -3.65 24.57
N ASN B 55 10.18 -4.59 25.28
CA ASN B 55 10.66 -5.95 25.31
C ASN B 55 10.05 -6.83 24.21
N ASP B 56 10.76 -7.91 23.86
CA ASP B 56 10.20 -8.98 23.05
C ASP B 56 10.04 -8.58 21.58
N ILE B 57 10.97 -7.78 21.08
CA ILE B 57 10.79 -7.03 19.82
C ILE B 57 11.88 -7.33 18.80
N ASN B 58 11.46 -7.63 17.56
CA ASN B 58 12.39 -7.91 16.49
C ASN B 58 11.93 -7.21 15.20
N ALA B 59 12.32 -5.94 15.13
CA ALA B 59 11.67 -4.97 14.26
C ALA B 59 12.35 -5.05 12.95
N GLN B 60 11.62 -5.59 12.00
CA GLN B 60 12.20 -5.94 10.74
C GLN B 60 11.86 -4.84 9.78
N ILE B 61 12.91 -4.32 9.13
CA ILE B 61 12.82 -3.08 8.37
C ILE B 61 12.93 -3.38 6.87
N GLY B 62 11.83 -3.16 6.16
CA GLY B 62 11.78 -3.36 4.71
C GLY B 62 12.03 -2.08 3.94
N PHE B 63 11.66 -2.07 2.66
CA PHE B 63 11.80 -0.89 1.85
C PHE B 63 10.98 0.28 2.40
N TYR B 64 11.52 1.50 2.23
CA TYR B 64 10.82 2.75 2.53
C TYR B 64 10.22 2.79 3.93
N THR B 65 11.00 2.24 4.87
CA THR B 65 10.63 2.23 6.28
C THR B 65 11.73 2.91 7.09
N SER B 66 11.32 3.93 7.84
CA SER B 66 12.16 4.56 8.84
C SER B 66 11.70 4.16 10.23
N ILE B 67 12.67 3.94 11.11
CA ILE B 67 12.36 3.67 12.52
C ILE B 67 13.19 4.67 13.33
N ALA B 68 12.53 5.37 14.25
CA ALA B 68 13.22 6.32 15.07
C ALA B 68 12.65 6.38 16.47
N GLY B 69 13.52 6.74 17.40
CA GLY B 69 13.14 7.04 18.76
C GLY B 69 12.81 8.53 18.89
N LEU B 70 11.97 8.83 19.88
CA LEU B 70 11.44 10.16 20.11
C LEU B 70 12.00 10.77 21.41
N GLY B 71 13.03 10.15 21.99
CA GLY B 71 13.73 10.71 23.12
C GLY B 71 14.54 11.90 22.65
N LEU B 72 14.98 12.74 23.58
CA LEU B 72 15.97 13.74 23.25
C LEU B 72 17.18 12.96 22.69
N ASN B 73 17.68 11.93 23.40
CA ASN B 73 18.86 11.12 22.92
C ASN B 73 18.64 9.57 22.92
N PRO B 74 19.60 8.76 22.37
CA PRO B 74 19.20 7.40 22.04
C PRO B 74 18.77 6.53 23.21
N ASP B 75 19.48 6.65 24.33
CA ASP B 75 19.23 5.74 25.44
C ASP B 75 17.90 6.08 26.10
N ASP B 76 17.28 7.20 25.69
CA ASP B 76 15.93 7.54 26.15
C ASP B 76 14.91 6.51 25.62
N THR B 77 15.24 5.84 24.51
CA THR B 77 14.32 4.90 23.86
C THR B 77 15.06 3.58 23.57
N THR B 78 14.87 2.60 24.46
CA THR B 78 15.63 1.37 24.46
C THR B 78 14.78 0.17 24.05
N PHE B 79 15.31 -0.60 23.12
CA PHE B 79 14.75 -1.90 22.72
C PHE B 79 15.61 -2.99 23.31
N ASN B 80 14.98 -3.88 24.08
CA ASN B 80 15.57 -5.16 24.40
C ASN B 80 15.02 -6.07 23.31
N GLY B 81 15.85 -6.23 22.29
CA GLY B 81 15.39 -6.60 20.97
C GLY B 81 16.25 -5.93 19.93
N ASP B 82 15.78 -5.99 18.68
CA ASP B 82 16.62 -5.72 17.52
C ASP B 82 15.91 -4.83 16.52
N VAL B 83 16.72 -4.16 15.71
CA VAL B 83 16.24 -3.43 14.54
C VAL B 83 16.98 -4.08 13.38
N THR B 84 16.26 -4.92 12.65
CA THR B 84 16.87 -5.93 11.81
C THR B 84 16.69 -5.65 10.30
N VAL B 85 17.80 -5.67 9.55
CA VAL B 85 17.75 -5.78 8.10
C VAL B 85 18.57 -6.98 7.62
N ASP B 86 17.98 -7.61 6.61
CA ASP B 86 18.33 -8.90 6.03
C ASP B 86 18.45 -8.83 4.55
N ALA B 87 18.63 -10.02 3.98
CA ALA B 87 18.57 -10.21 2.55
C ALA B 87 18.20 -11.65 2.23
N GLY B 88 17.13 -12.13 2.86
CA GLY B 88 16.49 -13.37 2.46
C GLY B 88 15.52 -13.25 1.30
N TRP B 89 14.93 -12.08 1.01
CA TRP B 89 13.94 -12.00 -0.09
C TRP B 89 14.60 -12.18 -1.43
N PHE B 90 15.92 -12.04 -1.37
CA PHE B 90 16.83 -12.06 -2.52
C PHE B 90 17.95 -13.03 -2.17
N ASP B 91 17.60 -13.89 -1.22
CA ASP B 91 18.33 -15.07 -0.77
C ASP B 91 19.86 -14.91 -0.55
N GLY B 92 20.19 -14.22 0.54
CA GLY B 92 21.55 -14.05 0.97
C GLY B 92 22.09 -12.81 0.28
N ASN B 93 21.43 -12.39 -0.80
CA ASN B 93 21.84 -11.27 -1.60
C ASN B 93 21.36 -9.92 -1.04
N ALA B 94 22.25 -9.20 -0.39
CA ALA B 94 21.90 -7.97 0.29
C ALA B 94 22.16 -6.74 -0.54
N THR B 95 22.42 -6.88 -1.86
CA THR B 95 22.68 -5.74 -2.74
C THR B 95 21.48 -4.95 -3.25
N GLN B 96 20.24 -5.35 -2.93
CA GLN B 96 19.11 -4.48 -3.26
C GLN B 96 18.36 -3.98 -2.02
N ASN B 97 19.01 -4.06 -0.85
CA ASN B 97 18.43 -3.55 0.39
C ASN B 97 18.64 -2.04 0.61
N PHE B 98 17.85 -1.26 -0.12
CA PHE B 98 17.91 0.17 -0.17
C PHE B 98 16.78 0.89 0.60
N TRP B 99 16.97 2.21 0.75
CA TRP B 99 15.90 3.17 1.09
C TRP B 99 15.16 2.86 2.40
N ARG B 100 15.90 2.90 3.50
CA ARG B 100 15.32 2.61 4.82
C ARG B 100 16.26 3.15 5.90
N SER B 101 15.76 3.35 7.10
CA SER B 101 16.56 4.13 8.04
C SER B 101 16.33 3.70 9.47
N ALA B 102 17.39 3.81 10.29
CA ALA B 102 17.25 3.71 11.76
C ALA B 102 17.92 4.88 12.47
N GLU B 103 17.24 5.41 13.51
CA GLU B 103 17.66 6.62 14.20
C GLU B 103 17.33 6.64 15.68
N ASN B 104 18.26 7.10 16.50
CA ASN B 104 17.93 7.64 17.83
C ASN B 104 17.27 6.59 18.74
N LEU B 105 17.88 5.41 18.74
CA LEU B 105 17.44 4.27 19.57
C LEU B 105 18.65 3.63 20.24
N ALA B 106 18.43 3.06 21.42
CA ALA B 106 19.36 2.10 21.98
C ALA B 106 18.77 0.70 21.73
N LEU B 107 19.66 -0.25 21.46
CA LEU B 107 19.33 -1.63 21.10
C LEU B 107 20.17 -2.57 21.97
N ASN B 108 19.49 -3.47 22.66
CA ASN B 108 20.14 -4.51 23.42
C ASN B 108 19.78 -5.85 22.75
N PRO B 109 20.56 -6.22 21.72
CA PRO B 109 20.12 -7.26 20.79
C PRO B 109 20.12 -8.67 21.37
N VAL B 110 19.16 -9.48 20.97
CA VAL B 110 18.71 -10.65 21.75
C VAL B 110 19.73 -11.78 21.97
N ASN B 111 20.84 -11.71 21.24
CA ASN B 111 21.94 -12.67 21.35
C ASN B 111 23.28 -11.89 21.23
N GLY B 112 23.25 -10.65 21.67
CA GLY B 112 24.43 -9.83 21.70
C GLY B 112 24.80 -9.14 20.39
N THR B 113 24.09 -9.44 19.30
CA THR B 113 24.45 -8.93 17.97
C THR B 113 23.22 -8.60 17.09
N ASN B 114 23.16 -7.36 16.59
CA ASN B 114 22.05 -6.86 15.75
C ASN B 114 22.41 -7.00 14.25
N ARG B 115 21.44 -7.47 13.44
CA ARG B 115 21.47 -7.62 11.95
C ARG B 115 21.17 -6.24 11.25
N TRP B 116 22.14 -5.55 10.60
CA TRP B 116 21.81 -4.37 9.71
C TRP B 116 22.48 -4.60 8.34
N ALA B 117 21.93 -5.56 7.61
CA ALA B 117 22.54 -6.03 6.38
C ALA B 117 22.00 -5.28 5.17
N VAL B 118 22.52 -4.08 4.98
CA VAL B 118 21.94 -3.13 4.03
C VAL B 118 22.88 -2.83 2.88
N SER B 119 22.36 -2.19 1.85
CA SER B 119 23.20 -1.59 0.84
C SER B 119 22.98 -0.09 0.86
N GLN B 120 22.86 0.58 -0.29
CA GLN B 120 22.87 2.04 -0.31
C GLN B 120 21.59 2.70 0.23
N ALA B 121 21.73 3.95 0.67
CA ALA B 121 20.57 4.75 1.14
C ALA B 121 19.88 4.07 2.31
N ALA B 122 20.69 3.59 3.25
CA ALA B 122 20.16 2.95 4.45
C ALA B 122 20.84 3.45 5.76
N PRO B 123 20.67 4.74 6.07
CA PRO B 123 21.47 5.34 7.13
C PRO B 123 21.16 4.78 8.52
N PHE B 124 22.20 4.71 9.33
CA PHE B 124 22.13 4.25 10.72
C PHE B 124 22.75 5.40 11.52
N ARG B 125 21.89 6.21 12.17
CA ARG B 125 22.34 7.46 12.80
C ARG B 125 21.94 7.57 14.26
N ARG B 126 22.85 8.10 15.09
CA ARG B 126 22.51 8.43 16.46
C ARG B 126 21.94 7.19 17.18
N MET B 127 22.58 6.04 16.93
CA MET B 127 22.20 4.77 17.54
C MET B 127 23.18 4.38 18.63
N HIS B 128 22.68 3.70 19.65
CA HIS B 128 23.54 3.09 20.65
C HIS B 128 23.27 1.58 20.66
N VAL B 129 24.22 0.81 20.12
CA VAL B 129 24.13 -0.64 20.12
C VAL B 129 24.93 -1.21 21.31
N LYS B 130 24.17 -1.75 22.25
CA LYS B 130 24.72 -2.35 23.46
C LYS B 130 25.06 -3.83 23.19
N GLY B 131 26.01 -3.98 22.30
CA GLY B 131 26.45 -5.29 21.78
C GLY B 131 27.15 -5.09 20.46
N GLY B 132 27.13 -6.15 19.64
CA GLY B 132 27.79 -6.15 18.36
C GLY B 132 26.84 -5.74 17.26
N LEU B 133 27.42 -5.42 16.10
CA LEU B 133 26.66 -4.96 14.96
C LEU B 133 27.17 -5.67 13.71
N ASN B 134 26.33 -6.55 13.15
CA ASN B 134 26.69 -7.35 11.98
C ASN B 134 26.10 -6.71 10.75
N LEU B 135 26.96 -6.39 9.79
CA LEU B 135 26.52 -5.72 8.57
C LEU B 135 26.27 -6.68 7.42
N ALA B 136 26.49 -7.98 7.64
CA ALA B 136 26.44 -8.95 6.55
C ALA B 136 25.23 -9.85 6.60
N PRO B 137 24.76 -10.29 5.43
CA PRO B 137 23.78 -11.38 5.40
C PRO B 137 24.08 -12.58 6.35
N ASP B 138 24.78 -13.60 5.91
CA ASP B 138 24.92 -14.87 6.67
C ASP B 138 25.18 -15.77 5.51
N GLY B 139 26.24 -16.58 5.56
CA GLY B 139 26.73 -17.22 4.34
C GLY B 139 27.49 -16.29 3.38
N TYR B 140 27.98 -15.18 3.97
CA TYR B 140 29.00 -14.27 3.41
C TYR B 140 28.87 -13.91 1.86
N GLY B 141 27.64 -13.75 1.43
CA GLY B 141 27.29 -13.29 0.08
C GLY B 141 26.86 -11.82 0.09
N TRP B 142 26.16 -11.35 -0.94
CA TRP B 142 26.55 -10.04 -1.45
C TRP B 142 25.92 -8.83 -0.81
N ALA B 143 26.72 -7.76 -0.78
CA ALA B 143 26.37 -6.64 0.07
C ALA B 143 27.20 -5.38 -0.21
N SER B 144 26.50 -4.24 -0.31
CA SER B 144 27.10 -2.98 -0.79
C SER B 144 26.55 -1.72 -0.08
N GLY B 145 26.61 -1.67 1.25
CA GLY B 145 26.38 -0.43 1.98
C GLY B 145 27.60 0.49 1.95
N GLY B 146 27.71 1.43 2.88
CA GLY B 146 26.77 1.69 3.95
C GLY B 146 27.27 2.90 4.74
N TYR B 147 26.49 3.33 5.71
CA TYR B 147 26.67 4.62 6.36
C TYR B 147 26.25 4.54 7.83
N ILE B 148 27.20 4.82 8.71
CA ILE B 148 26.93 5.00 10.14
C ILE B 148 27.47 6.35 10.57
N ALA B 149 26.65 7.10 11.28
CA ALA B 149 27.08 8.38 11.84
C ALA B 149 26.60 8.54 13.27
N ASP B 150 27.41 9.20 14.07
CA ASP B 150 27.03 9.60 15.42
C ASP B 150 26.46 8.46 16.26
N SER B 151 27.13 7.33 16.20
CA SER B 151 26.63 6.14 16.90
C SER B 151 27.68 5.55 17.82
N LYS B 152 27.23 4.83 18.85
CA LYS B 152 28.16 4.08 19.73
C LYS B 152 27.80 2.61 19.58
N ILE B 153 28.77 1.81 19.17
CA ILE B 153 28.61 0.35 19.12
C ILE B 153 29.52 -0.16 20.22
N ASP B 154 28.93 -0.70 21.27
CA ASP B 154 29.70 -1.13 22.44
C ASP B 154 30.71 -2.20 22.06
N GLY B 155 30.30 -3.09 21.17
CA GLY B 155 31.13 -4.21 20.77
C GLY B 155 31.64 -4.04 19.35
N GLU B 156 31.91 -5.17 18.73
CA GLU B 156 32.47 -5.23 17.40
C GLU B 156 31.43 -4.98 16.31
N VAL B 157 31.83 -4.18 15.34
CA VAL B 157 31.13 -4.14 14.08
C VAL B 157 31.76 -5.19 13.21
N GLY B 158 30.96 -5.92 12.46
CA GLY B 158 31.46 -6.98 11.61
C GLY B 158 30.93 -6.78 10.20
N PRO B 159 31.76 -6.31 9.29
CA PRO B 159 31.26 -6.11 7.94
C PRO B 159 31.12 -7.44 7.21
N TYR B 160 32.03 -8.37 7.47
CA TYR B 160 32.19 -9.59 6.70
C TYR B 160 32.10 -9.30 5.18
N SER B 161 31.00 -9.62 4.51
CA SER B 161 30.98 -9.51 3.04
C SER B 161 30.72 -8.12 2.45
N GLN B 162 30.37 -7.13 3.28
CA GLN B 162 30.23 -5.74 2.81
C GLN B 162 31.45 -5.36 1.99
N GLN B 163 31.26 -4.79 0.79
CA GLN B 163 32.38 -4.36 -0.04
C GLN B 163 33.08 -3.13 0.50
N GLN B 164 32.27 -2.20 1.02
CA GLN B 164 32.81 -0.89 1.40
C GLN B 164 31.88 -0.33 2.49
N TRP B 165 32.33 0.72 3.14
CA TRP B 165 31.58 1.28 4.27
C TRP B 165 32.17 2.61 4.70
N TYR B 166 31.30 3.51 5.16
CA TYR B 166 31.73 4.79 5.75
C TYR B 166 31.13 4.97 7.13
N THR B 167 32.00 5.30 8.09
CA THR B 167 31.57 5.56 9.46
C THR B 167 32.14 6.90 9.84
N ARG B 168 31.30 7.79 10.37
CA ARG B 168 31.83 9.05 10.92
C ARG B 168 31.35 9.36 12.34
N ASP B 169 32.24 10.03 13.06
CA ASP B 169 31.93 10.70 14.33
C ASP B 169 31.14 9.77 15.25
N SER B 170 31.77 8.65 15.56
CA SER B 170 31.16 7.54 16.27
C SER B 170 32.19 6.91 17.23
N SER B 171 31.75 5.85 17.92
CA SER B 171 32.63 5.06 18.76
C SER B 171 32.30 3.59 18.55
N VAL B 172 33.32 2.77 18.32
CA VAL B 172 33.14 1.32 18.12
C VAL B 172 34.06 0.53 19.05
N GLY B 173 33.65 -0.70 19.37
CA GLY B 173 34.38 -1.52 20.33
C GLY B 173 35.30 -2.51 19.65
N GLY B 174 34.88 -3.05 18.51
CA GLY B 174 35.78 -3.74 17.60
C GLY B 174 35.43 -3.49 16.14
N TRP B 175 36.24 -4.06 15.24
CA TRP B 175 36.04 -3.96 13.80
C TRP B 175 36.78 -5.16 13.17
N GLY B 176 36.03 -6.10 12.59
CA GLY B 176 36.56 -7.40 12.18
C GLY B 176 37.19 -7.57 10.80
N ASN B 177 37.09 -6.53 9.97
CA ASN B 177 37.72 -6.50 8.63
C ASN B 177 37.35 -5.33 7.74
N GLY B 178 38.28 -5.01 6.84
CA GLY B 178 38.00 -4.22 5.66
C GLY B 178 38.13 -5.09 4.41
N VAL B 179 37.32 -4.80 3.39
CA VAL B 179 37.22 -5.66 2.21
C VAL B 179 37.74 -4.95 0.95
N TRP B 180 36.97 -4.02 0.38
CA TRP B 180 37.48 -3.12 -0.69
C TRP B 180 37.84 -1.71 -0.17
N ASN B 181 36.96 -1.09 0.62
CA ASN B 181 37.16 0.28 1.07
C ASN B 181 36.36 0.60 2.33
N MET B 182 37.00 0.46 3.50
CA MET B 182 36.36 0.86 4.74
C MET B 182 37.03 2.18 5.18
N THR B 183 36.26 3.26 5.16
CA THR B 183 36.72 4.59 5.54
C THR B 183 36.07 5.06 6.86
N PHE B 184 36.86 5.75 7.68
CA PHE B 184 36.45 6.25 8.99
C PHE B 184 36.90 7.69 9.12
N SER B 185 36.04 8.56 9.65
CA SER B 185 36.51 9.87 10.10
C SER B 185 35.88 10.20 11.44
N GLY B 186 36.69 10.59 12.43
CA GLY B 186 36.17 10.90 13.75
C GLY B 186 35.67 9.72 14.56
N VAL B 187 36.23 8.53 14.27
CA VAL B 187 35.75 7.31 14.90
C VAL B 187 36.67 6.77 15.98
N GLU B 188 36.25 7.00 17.22
CA GLU B 188 36.91 6.42 18.35
C GLU B 188 36.86 4.90 18.22
N GLY B 189 38.04 4.27 18.20
CA GLY B 189 38.13 2.84 18.12
C GLY B 189 38.31 2.27 16.72
N ALA B 190 38.40 3.14 15.72
CA ALA B 190 38.61 2.69 14.35
C ALA B 190 39.96 2.01 14.22
N PRO B 191 40.10 1.14 13.22
CA PRO B 191 41.41 0.54 13.10
C PRO B 191 42.38 1.56 12.50
N ALA B 192 43.66 1.32 12.74
CA ALA B 192 44.71 2.17 12.21
C ALA B 192 44.63 2.23 10.69
N GLN B 193 44.90 3.42 10.17
CA GLN B 193 45.14 3.61 8.75
C GLN B 193 46.07 2.51 8.25
N SER B 194 45.66 1.80 7.21
CA SER B 194 46.44 0.68 6.71
C SER B 194 46.37 0.41 5.23
N PHE B 195 45.49 1.13 4.52
CA PHE B 195 45.27 0.90 3.09
C PHE B 195 46.62 0.70 2.41
N PRO B 196 46.74 -0.31 1.53
CA PRO B 196 45.71 -1.23 1.03
C PRO B 196 45.34 -2.43 1.87
N GLU B 197 46.24 -2.94 2.69
CA GLU B 197 46.01 -4.20 3.35
C GLU B 197 45.97 -4.01 4.86
N PRO B 198 44.79 -4.18 5.49
CA PRO B 198 43.51 -4.15 4.77
C PRO B 198 43.19 -2.73 4.32
N PRO B 199 42.19 -2.58 3.45
CA PRO B 199 41.94 -1.22 2.96
C PRO B 199 41.15 -0.35 3.93
N TYR B 200 41.82 0.07 5.01
CA TYR B 200 41.30 1.02 5.97
C TYR B 200 41.87 2.42 5.72
N THR B 201 40.96 3.37 5.52
CA THR B 201 41.28 4.78 5.39
C THR B 201 40.71 5.44 6.64
N THR B 202 41.60 5.92 7.50
CA THR B 202 41.22 6.38 8.82
C THR B 202 41.72 7.80 9.07
N LEU B 203 40.78 8.72 9.24
CA LEU B 203 41.09 10.12 9.56
C LEU B 203 40.69 10.39 11.00
N GLU B 204 41.52 11.10 11.75
CA GLU B 204 41.24 11.20 13.18
C GLU B 204 39.97 12.02 13.47
N THR B 205 39.70 13.07 12.68
CA THR B 205 38.50 13.88 12.86
C THR B 205 37.85 14.18 11.50
N THR B 206 36.57 14.51 11.54
CA THR B 206 35.85 14.96 10.36
C THR B 206 35.98 16.47 10.30
N PRO B 207 36.42 17.02 9.16
CA PRO B 207 36.72 18.45 9.40
C PRO B 207 35.51 19.38 9.56
N VAL B 208 34.35 19.03 9.04
CA VAL B 208 33.12 19.59 9.62
C VAL B 208 31.94 18.67 9.46
N SER B 209 31.07 18.72 10.46
CA SER B 209 29.87 17.90 10.47
C SER B 209 28.79 18.59 11.24
N ARG B 210 27.56 18.18 11.00
CA ARG B 210 26.40 18.71 11.71
C ARG B 210 25.33 17.62 11.63
N GLU B 211 24.93 17.11 12.79
CA GLU B 211 24.08 15.92 12.84
C GLU B 211 22.66 16.16 12.36
N LYS B 212 22.07 15.10 11.84
CA LYS B 212 20.77 15.23 11.21
C LYS B 212 19.71 15.71 12.21
N PRO B 213 18.90 16.69 11.79
CA PRO B 213 17.71 17.07 12.55
C PRO B 213 16.74 15.90 12.74
N PHE B 214 16.07 15.85 13.89
CA PHE B 214 15.12 14.77 14.15
C PHE B 214 13.92 15.20 15.01
N LEU B 215 12.82 14.48 14.81
CA LEU B 215 11.60 14.67 15.58
C LEU B 215 11.82 14.11 17.00
N TYR B 216 11.40 14.85 18.02
CA TYR B 216 11.49 14.37 19.42
C TYR B 216 10.42 15.01 20.31
N LEU B 217 10.04 14.31 21.39
CA LEU B 217 9.04 14.83 22.35
C LEU B 217 9.69 15.56 23.56
N ASP B 218 9.17 16.79 23.78
CA ASP B 218 9.41 17.68 24.94
C ASP B 218 8.14 17.70 25.85
N GLY B 219 8.09 16.75 26.80
CA GLY B 219 6.85 16.44 27.53
C GLY B 219 5.92 15.79 26.53
N ASP B 220 4.83 16.48 26.22
CA ASP B 220 3.86 16.08 25.20
C ASP B 220 4.29 16.57 23.88
N ASP B 221 5.11 17.62 23.88
CA ASP B 221 5.16 18.37 22.64
C ASP B 221 6.36 18.02 21.77
N TYR B 222 5.94 17.57 20.58
CA TYR B 222 6.76 17.29 19.42
C TYR B 222 7.56 18.53 19.18
N LYS B 223 8.84 18.34 18.94
CA LYS B 223 9.69 19.42 18.48
C LYS B 223 10.58 18.77 17.42
N VAL B 224 11.49 19.55 16.87
CA VAL B 224 12.50 19.01 15.98
C VAL B 224 13.82 19.50 16.52
N PHE B 225 14.68 18.59 16.93
CA PHE B 225 15.98 18.99 17.45
C PHE B 225 16.88 19.20 16.27
N VAL B 226 17.58 20.33 16.30
CA VAL B 226 18.38 20.82 15.19
C VAL B 226 19.81 21.02 15.74
N PRO B 227 20.65 20.00 15.58
CA PRO B 227 22.02 20.03 16.12
C PRO B 227 22.92 21.14 15.55
N ALA B 228 23.84 21.67 16.38
CA ALA B 228 24.81 22.67 15.95
C ALA B 228 26.10 22.05 15.39
N LYS B 229 26.59 22.62 14.28
CA LYS B 229 27.91 22.25 13.71
C LYS B 229 29.08 22.05 14.66
N ARG B 230 29.76 20.90 14.49
CA ARG B 230 31.06 20.69 15.09
C ARG B 230 32.18 20.86 14.09
N THR B 231 33.27 21.45 14.57
CA THR B 231 34.58 21.55 13.92
C THR B 231 35.48 20.39 14.37
N ASN B 232 36.19 19.77 13.41
CA ASN B 232 37.09 18.67 13.70
C ASN B 232 36.42 17.71 14.70
N ALA B 233 35.27 17.22 14.28
CA ALA B 233 34.44 16.37 15.09
C ALA B 233 35.05 15.00 15.29
N ARG B 234 34.81 14.42 16.46
CA ARG B 234 35.26 13.09 16.77
C ARG B 234 34.40 12.55 17.88
N GLY B 235 33.99 11.29 17.73
CA GLY B 235 33.13 10.66 18.68
C GLY B 235 31.73 11.21 18.57
N THR B 236 30.86 10.72 19.44
CA THR B 236 29.44 11.05 19.33
C THR B 236 29.17 12.46 19.85
N SER B 237 28.08 13.05 19.37
CA SER B 237 27.59 14.35 19.82
C SER B 237 26.81 14.31 21.14
N TRP B 238 26.49 13.12 21.64
CA TRP B 238 25.59 13.00 22.80
C TRP B 238 26.29 12.72 24.17
N GLY B 239 25.69 11.95 25.06
CA GLY B 239 26.30 11.70 26.37
C GLY B 239 27.48 12.63 26.76
N ASN B 240 27.15 13.81 27.30
CA ASN B 240 27.96 14.60 28.22
C ASN B 240 26.80 15.04 29.10
N GLY B 241 25.76 14.22 29.20
CA GLY B 241 24.44 14.73 29.55
C GLY B 241 23.92 15.67 28.47
N THR B 242 23.19 16.72 28.89
CA THR B 242 22.41 17.53 27.97
C THR B 242 23.30 18.16 26.88
N PRO B 243 22.77 18.25 25.62
CA PRO B 243 23.72 18.58 24.57
C PRO B 243 23.39 19.92 23.80
N GLU B 244 23.32 19.98 22.46
CA GLU B 244 23.84 21.15 21.69
C GLU B 244 23.06 21.69 20.46
N GLY B 245 22.22 22.71 20.66
CA GLY B 245 21.43 23.24 19.58
C GLY B 245 20.19 24.06 19.96
N GLU B 246 19.18 23.98 19.09
CA GLU B 246 17.90 24.66 19.26
C GLU B 246 16.84 23.60 19.01
N SER B 247 15.67 23.71 19.63
CA SER B 247 14.51 22.88 19.25
C SER B 247 13.42 23.76 18.60
N LEU B 248 12.84 23.34 17.47
CA LEU B 248 11.64 24.01 16.94
C LEU B 248 10.38 23.26 17.38
N PRO B 249 9.34 23.99 17.83
CA PRO B 249 8.12 23.19 17.99
C PRO B 249 7.53 22.80 16.66
N LEU B 250 6.78 21.71 16.69
CA LEU B 250 6.04 21.30 15.53
C LEU B 250 5.24 22.44 14.92
N ASP B 251 4.80 23.40 15.74
CA ASP B 251 3.90 24.45 15.22
C ASP B 251 4.56 25.37 14.21
N GLN B 252 5.89 25.33 14.17
CA GLN B 252 6.61 26.16 13.21
C GLN B 252 6.98 25.40 11.92
N PHE B 253 6.42 24.19 11.74
CA PHE B 253 6.50 23.45 10.48
C PHE B 253 5.17 23.39 9.78
N TYR B 254 5.16 23.57 8.46
CA TYR B 254 4.07 23.04 7.62
C TYR B 254 4.27 21.52 7.58
N VAL B 255 3.25 20.79 8.04
CA VAL B 255 3.24 19.34 7.98
C VAL B 255 2.69 18.92 6.61
N VAL B 256 3.59 18.60 5.71
CA VAL B 256 3.30 18.35 4.28
C VAL B 256 2.68 16.96 4.14
N LYS B 257 1.53 16.90 3.49
CA LYS B 257 0.91 15.61 3.21
C LYS B 257 0.63 15.49 1.70
N PRO B 258 0.94 14.31 1.11
CA PRO B 258 0.66 14.15 -0.33
C PRO B 258 -0.72 14.67 -0.64
N GLY B 259 -0.81 15.80 -1.37
CA GLY B 259 -2.06 16.55 -1.47
C GLY B 259 -1.65 17.96 -1.12
N ALA B 260 -0.41 18.32 -1.44
CA ALA B 260 0.14 19.64 -1.23
C ALA B 260 0.78 20.00 -2.56
N THR B 261 0.66 21.24 -3.04
CA THR B 261 0.92 21.55 -4.47
C THR B 261 2.12 22.44 -4.96
N ALA B 262 3.36 22.13 -4.70
CA ALA B 262 4.46 23.14 -4.70
C ALA B 262 4.10 24.61 -4.31
N GLU B 263 3.05 25.14 -4.92
CA GLU B 263 2.44 26.44 -4.54
C GLU B 263 2.34 26.58 -3.01
N THR B 264 1.63 25.66 -2.41
CA THR B 264 1.39 25.71 -0.99
C THR B 264 2.69 25.55 -0.18
N ILE B 265 3.57 24.67 -0.65
CA ILE B 265 4.87 24.49 0.01
C ILE B 265 5.75 25.75 -0.06
N ASN B 266 5.78 26.39 -1.23
CA ASN B 266 6.56 27.62 -1.43
C ASN B 266 6.09 28.74 -0.51
N ALA B 267 4.77 28.88 -0.40
CA ALA B 267 4.16 29.92 0.42
C ALA B 267 4.43 29.70 1.89
N ALA B 268 4.62 28.45 2.27
CA ALA B 268 4.95 28.10 3.63
C ALA B 268 6.34 28.61 4.03
N VAL B 269 7.34 28.32 3.20
CA VAL B 269 8.71 28.69 3.54
C VAL B 269 8.87 30.24 3.69
N ASP B 270 8.36 31.00 2.72
CA ASP B 270 8.37 32.47 2.78
C ASP B 270 7.66 33.04 4.04
N GLN B 271 6.62 32.36 4.52
CA GLN B 271 5.86 32.85 5.67
C GLN B 271 6.57 32.52 6.99
N GLY B 272 7.72 31.85 6.91
CA GLY B 272 8.51 31.50 8.08
C GLY B 272 8.48 30.06 8.52
N LEU B 273 7.64 29.24 7.88
CA LEU B 273 7.47 27.86 8.31
C LEU B 273 8.62 27.01 7.79
N HIS B 274 9.01 26.03 8.58
CA HIS B 274 9.85 24.94 8.12
C HIS B 274 8.95 23.90 7.46
N LEU B 275 9.56 22.86 6.89
CA LEU B 275 8.84 21.82 6.17
C LEU B 275 9.10 20.46 6.81
N LEU B 276 8.01 19.74 7.07
CA LEU B 276 8.06 18.37 7.55
C LEU B 276 7.29 17.52 6.55
N PHE B 277 7.99 16.73 5.75
CA PHE B 277 7.32 15.86 4.79
C PHE B 277 6.99 14.54 5.42
N THR B 278 5.70 14.34 5.65
CA THR B 278 5.21 13.05 6.11
C THR B 278 5.47 11.97 5.04
N PRO B 279 5.56 10.72 5.46
CA PRO B 279 5.87 9.66 4.47
C PRO B 279 4.84 9.59 3.38
N GLY B 280 5.30 9.68 2.14
CA GLY B 280 4.42 9.67 0.99
C GLY B 280 5.18 10.06 -0.25
N VAL B 281 4.44 10.10 -1.36
CA VAL B 281 5.01 10.46 -2.66
C VAL B 281 4.31 11.72 -3.14
N TYR B 282 5.09 12.79 -3.33
CA TYR B 282 4.55 14.08 -3.69
C TYR B 282 4.97 14.43 -5.12
N HIS B 283 4.01 14.52 -6.01
CA HIS B 283 4.27 15.06 -7.36
C HIS B 283 4.11 16.56 -7.35
N VAL B 284 5.13 17.28 -7.83
CA VAL B 284 5.06 18.75 -7.97
C VAL B 284 5.13 19.15 -9.47
N ASP B 285 4.63 20.33 -9.78
CA ASP B 285 4.71 20.83 -11.16
C ASP B 285 5.37 22.20 -11.19
N GLN B 286 6.14 22.47 -10.15
CA GLN B 286 6.92 23.69 -9.99
C GLN B 286 7.98 23.39 -8.96
N PRO B 287 9.20 23.94 -9.10
CA PRO B 287 10.15 23.55 -8.04
C PRO B 287 9.81 24.02 -6.63
N ILE B 288 10.09 23.18 -5.66
CA ILE B 288 10.09 23.58 -4.26
C ILE B 288 11.22 24.58 -4.09
N GLU B 289 10.85 25.75 -3.56
CA GLU B 289 11.70 26.92 -3.40
C GLU B 289 12.02 27.23 -1.92
N ILE B 290 13.29 27.03 -1.51
CA ILE B 290 13.72 27.35 -0.15
C ILE B 290 14.74 28.49 -0.21
N ASP B 291 14.28 29.69 0.12
CA ASP B 291 15.11 30.88 0.06
C ASP B 291 15.03 31.69 1.34
N ARG B 292 14.76 30.99 2.44
CA ARG B 292 14.87 31.54 3.79
C ARG B 292 16.03 30.88 4.50
N ALA B 293 16.95 31.69 5.05
CA ALA B 293 18.00 31.16 5.88
C ALA B 293 17.45 30.27 7.01
N ASN B 294 18.18 29.20 7.30
CA ASN B 294 17.91 28.34 8.46
C ASN B 294 16.66 27.45 8.39
N THR B 295 16.08 27.39 7.20
CA THR B 295 14.93 26.51 6.95
C THR B 295 15.34 25.05 7.04
N VAL B 296 14.59 24.32 7.84
CA VAL B 296 14.68 22.87 7.92
C VAL B 296 13.64 22.28 6.99
N ALA B 297 14.08 21.35 6.14
CA ALA B 297 13.17 20.58 5.29
C ALA B 297 13.46 19.12 5.55
N LEU B 298 12.65 18.55 6.44
CA LEU B 298 12.90 17.22 6.99
C LEU B 298 11.85 16.24 6.47
N GLY B 299 12.31 15.15 5.87
CA GLY B 299 11.39 14.10 5.47
C GLY B 299 11.38 12.91 6.42
N LEU B 300 10.22 12.26 6.45
CA LEU B 300 9.96 11.10 7.26
C LEU B 300 9.63 9.93 6.37
N GLY B 301 10.02 8.73 6.79
CA GLY B 301 9.68 7.52 6.06
C GLY B 301 9.98 7.53 4.57
N LEU B 302 11.12 8.11 4.18
CA LEU B 302 11.54 8.12 2.79
C LEU B 302 10.54 8.87 1.88
N ALA B 303 9.97 9.94 2.44
CA ALA B 303 9.15 10.84 1.67
C ALA B 303 9.88 11.20 0.38
N THR B 304 9.08 11.23 -0.68
CA THR B 304 9.61 11.30 -2.04
C THR B 304 9.00 12.41 -2.83
N ILE B 305 9.82 13.14 -3.56
CA ILE B 305 9.37 14.24 -4.43
C ILE B 305 9.61 13.84 -5.87
N ILE B 306 8.56 13.93 -6.69
CA ILE B 306 8.63 13.66 -8.12
C ILE B 306 8.30 14.94 -8.90
N PRO B 307 9.28 15.48 -9.64
CA PRO B 307 9.01 16.73 -10.38
C PRO B 307 8.42 16.41 -11.76
N ASP B 308 7.12 16.63 -11.89
CA ASP B 308 6.45 16.48 -13.17
C ASP B 308 6.91 17.58 -14.15
N ASN B 309 6.59 17.43 -15.43
CA ASN B 309 6.76 18.51 -16.41
C ASN B 309 8.18 19.04 -16.53
N GLY B 310 9.13 18.10 -16.52
CA GLY B 310 10.55 18.39 -16.62
C GLY B 310 11.11 19.47 -15.73
N VAL B 311 10.43 19.87 -14.66
CA VAL B 311 11.00 20.90 -13.78
C VAL B 311 12.01 20.33 -12.76
N THR B 312 12.76 21.20 -12.10
CA THR B 312 13.61 20.77 -11.00
C THR B 312 12.75 20.60 -9.76
N ALA B 313 13.10 19.61 -8.95
CA ALA B 313 12.32 19.28 -7.76
C ALA B 313 12.52 20.28 -6.62
N LEU B 314 13.76 20.69 -6.42
CA LEU B 314 14.10 21.49 -5.25
C LEU B 314 15.20 22.44 -5.62
N LYS B 315 15.00 23.72 -5.30
CA LYS B 315 16.03 24.74 -5.49
C LYS B 315 16.22 25.55 -4.20
N VAL B 316 17.40 25.42 -3.59
CA VAL B 316 17.74 26.17 -2.38
C VAL B 316 18.47 27.46 -2.77
N GLY B 317 18.14 28.58 -2.13
CA GLY B 317 18.78 29.84 -2.48
C GLY B 317 20.14 30.03 -1.85
N ASP B 318 20.72 31.21 -2.10
CA ASP B 318 22.06 31.54 -1.61
C ASP B 318 22.08 31.97 -0.16
N VAL B 319 21.45 31.15 0.67
CA VAL B 319 21.22 31.50 2.07
C VAL B 319 21.90 30.52 2.99
N ASP B 320 22.32 31.06 4.13
CA ASP B 320 22.90 30.32 5.24
C ASP B 320 21.93 29.26 5.79
N GLY B 321 22.49 28.16 6.29
CA GLY B 321 21.82 27.37 7.31
C GLY B 321 20.69 26.47 6.91
N VAL B 322 20.42 26.29 5.63
CA VAL B 322 19.30 25.42 5.23
C VAL B 322 19.71 23.95 5.49
N LYS B 323 18.78 23.14 6.01
CA LYS B 323 19.03 21.77 6.40
C LYS B 323 18.01 20.86 5.71
N VAL B 324 18.43 20.25 4.60
CA VAL B 324 17.56 19.35 3.86
C VAL B 324 17.95 17.94 4.27
N ALA B 325 16.99 17.15 4.74
CA ALA B 325 17.28 15.85 5.32
C ALA B 325 16.22 14.82 5.01
N GLY B 326 16.63 13.64 4.57
CA GLY B 326 15.67 12.51 4.48
C GLY B 326 14.58 12.57 3.41
N LEU B 327 15.03 12.88 2.19
CA LEU B 327 14.13 12.92 1.05
C LEU B 327 14.74 12.13 -0.09
N LEU B 328 13.88 11.40 -0.79
CA LEU B 328 14.22 10.77 -2.07
C LEU B 328 13.60 11.59 -3.18
N VAL B 329 14.39 12.03 -4.15
CA VAL B 329 13.90 12.70 -5.34
C VAL B 329 13.93 11.69 -6.49
N ASP B 330 12.76 11.46 -7.08
CA ASP B 330 12.57 10.39 -8.06
C ASP B 330 12.23 11.07 -9.38
N ALA B 331 13.07 10.89 -10.41
CA ALA B 331 12.82 11.58 -11.67
C ALA B 331 11.50 11.16 -12.28
N GLY B 332 10.79 12.12 -12.88
CA GLY B 332 9.72 11.81 -13.81
C GLY B 332 10.25 11.44 -15.20
N PRO B 333 9.36 10.88 -16.05
CA PRO B 333 9.68 10.46 -17.42
C PRO B 333 10.03 11.62 -18.35
N VAL B 334 9.44 12.79 -18.10
CA VAL B 334 9.87 14.00 -18.80
C VAL B 334 11.23 14.46 -18.21
N ASN B 335 12.23 14.65 -19.08
CA ASN B 335 13.55 15.05 -18.62
C ASN B 335 13.53 16.34 -17.85
N SER B 336 14.17 16.32 -16.67
CA SER B 336 14.49 17.53 -15.95
C SER B 336 15.94 17.90 -16.22
N GLU B 337 16.22 19.17 -16.51
CA GLU B 337 17.59 19.67 -16.68
C GLU B 337 18.38 19.44 -15.40
N THR B 338 17.74 19.73 -14.28
CA THR B 338 18.30 19.43 -12.97
C THR B 338 17.22 18.89 -12.05
N LEU B 339 17.63 18.10 -11.06
CA LEU B 339 16.72 17.64 -9.99
C LEU B 339 16.84 18.41 -8.65
N VAL B 340 18.07 18.77 -8.26
CA VAL B 340 18.32 19.54 -7.04
C VAL B 340 19.45 20.54 -7.21
N GLU B 341 19.14 21.82 -7.00
CA GLU B 341 20.14 22.85 -6.98
C GLU B 341 20.28 23.43 -5.56
N VAL B 342 21.52 23.45 -5.08
CA VAL B 342 21.88 24.19 -3.86
C VAL B 342 22.61 25.47 -4.27
N GLY B 343 21.88 26.58 -4.18
CA GLY B 343 22.38 27.89 -4.52
C GLY B 343 22.23 28.27 -5.99
N SER B 344 22.42 29.54 -6.27
CA SER B 344 22.08 30.12 -7.57
C SER B 344 23.29 29.98 -8.47
N ASP B 345 23.13 29.90 -9.79
CA ASP B 345 24.34 29.62 -10.57
C ASP B 345 25.20 30.89 -10.64
N GLY B 346 26.50 30.69 -10.51
CA GLY B 346 27.46 31.77 -10.36
C GLY B 346 27.61 32.39 -8.97
N ALA B 347 27.35 31.62 -7.91
CA ALA B 347 27.25 32.19 -6.56
C ALA B 347 28.60 32.27 -5.82
N SER B 348 28.84 33.37 -5.09
CA SER B 348 30.21 33.71 -4.72
C SER B 348 30.47 34.52 -3.39
N GLY B 349 29.49 34.48 -2.49
CA GLY B 349 29.65 34.80 -1.08
C GLY B 349 29.61 33.49 -0.30
N ASP B 350 29.96 33.57 0.99
CA ASP B 350 30.32 32.47 1.90
C ASP B 350 29.17 31.99 2.72
N HIS B 351 29.31 30.78 3.28
CA HIS B 351 28.37 30.31 4.29
C HIS B 351 29.12 29.52 5.36
N ALA B 352 30.30 29.97 5.75
CA ALA B 352 31.22 29.14 6.53
C ALA B 352 30.73 28.87 7.96
N ALA B 353 30.25 29.91 8.64
CA ALA B 353 29.80 29.76 10.02
C ALA B 353 28.54 28.88 10.12
N ASN B 354 27.70 28.92 9.09
CA ASN B 354 26.36 28.36 9.15
C ASN B 354 25.99 27.87 7.75
N PRO B 355 26.60 26.74 7.35
CA PRO B 355 26.45 26.23 5.99
C PRO B 355 25.05 25.70 5.72
N THR B 356 24.77 25.49 4.43
CA THR B 356 23.62 24.69 4.03
C THR B 356 24.07 23.24 3.87
N SER B 357 23.19 22.29 4.19
CA SER B 357 23.53 20.88 4.09
C SER B 357 22.45 20.06 3.40
N LEU B 358 22.91 18.99 2.73
CA LEU B 358 22.04 17.92 2.23
C LEU B 358 22.42 16.66 3.02
N GLN B 359 21.44 16.03 3.67
CA GLN B 359 21.73 14.82 4.45
C GLN B 359 20.68 13.73 4.23
N ASP B 360 21.14 12.53 3.88
CA ASP B 360 20.17 11.49 3.52
C ASP B 360 19.23 12.01 2.43
N VAL B 361 19.86 12.63 1.43
CA VAL B 361 19.17 13.03 0.21
C VAL B 361 19.56 12.04 -0.86
N PHE B 362 18.56 11.34 -1.38
CA PHE B 362 18.78 10.30 -2.36
C PHE B 362 18.09 10.73 -3.65
N VAL B 363 18.67 10.31 -4.78
CA VAL B 363 18.11 10.59 -6.08
C VAL B 363 18.03 9.27 -6.84
N ARG B 364 16.91 9.07 -7.53
CA ARG B 364 16.70 7.89 -8.37
C ARG B 364 16.27 8.34 -9.75
N ILE B 365 16.89 7.77 -10.79
CA ILE B 365 16.46 8.04 -12.17
C ILE B 365 16.12 6.72 -12.84
N GLY B 366 14.81 6.46 -12.97
CA GLY B 366 14.33 5.20 -13.49
C GLY B 366 14.15 4.12 -12.44
N GLY B 367 13.68 2.95 -12.85
CA GLY B 367 13.57 1.80 -11.96
C GLY B 367 12.12 1.51 -11.58
N ALA B 368 11.33 2.58 -11.50
CA ALA B 368 9.87 2.47 -11.38
C ALA B 368 9.13 3.02 -12.61
N GLY B 369 9.67 2.74 -13.80
CA GLY B 369 9.22 3.39 -15.00
C GLY B 369 10.28 4.36 -15.48
N PRO B 370 10.12 4.91 -16.69
CA PRO B 370 11.25 5.69 -17.13
C PRO B 370 11.31 6.96 -16.31
N GLY B 371 12.52 7.41 -16.08
CA GLY B 371 12.76 8.69 -15.50
C GLY B 371 14.00 9.17 -16.20
N LYS B 372 14.13 10.48 -16.34
CA LYS B 372 15.29 11.07 -16.98
C LYS B 372 15.65 12.43 -16.40
N ALA B 373 16.95 12.69 -16.26
CA ALA B 373 17.43 14.00 -15.83
C ALA B 373 18.82 14.23 -16.39
N THR B 374 19.11 15.45 -16.74
CA THR B 374 20.43 15.73 -17.30
C THR B 374 21.51 15.75 -16.22
N THR B 375 21.31 16.57 -15.19
CA THR B 375 22.20 16.65 -14.05
C THR B 375 21.36 16.55 -12.78
N SER B 376 21.73 15.62 -11.89
CA SER B 376 20.84 15.34 -10.76
C SER B 376 20.99 16.37 -9.62
N ILE B 377 22.22 16.62 -9.15
CA ILE B 377 22.43 17.61 -8.08
C ILE B 377 23.53 18.59 -8.49
N VAL B 378 23.18 19.88 -8.49
CA VAL B 378 24.16 20.94 -8.69
C VAL B 378 24.35 21.69 -7.41
N VAL B 379 25.61 21.78 -6.98
CA VAL B 379 25.98 22.39 -5.71
C VAL B 379 26.78 23.67 -6.02
N ASN B 380 26.07 24.80 -6.04
CA ASN B 380 26.70 26.10 -6.21
C ASN B 380 27.12 26.78 -4.90
N SER B 381 26.34 26.64 -3.83
CA SER B 381 26.62 27.38 -2.57
C SER B 381 27.96 27.00 -2.00
N ASN B 382 28.79 28.01 -1.78
CA ASN B 382 30.05 27.79 -1.13
C ASN B 382 29.81 27.25 0.28
N ASP B 383 30.72 26.38 0.72
CA ASP B 383 30.72 25.79 2.09
C ASP B 383 29.63 24.74 2.40
N THR B 384 28.92 24.32 1.37
CA THR B 384 27.88 23.32 1.53
C THR B 384 28.44 22.00 2.04
N ILE B 385 27.66 21.36 2.93
CA ILE B 385 27.99 20.01 3.43
C ILE B 385 27.03 19.01 2.78
N ILE B 386 27.56 18.01 2.11
CA ILE B 386 26.76 16.88 1.61
C ILE B 386 27.15 15.66 2.44
N ASP B 387 26.30 15.30 3.37
CA ASP B 387 26.58 14.27 4.39
C ASP B 387 25.59 13.11 4.20
N HIS B 388 26.02 12.15 3.39
CA HIS B 388 25.28 11.00 2.92
C HIS B 388 24.29 11.30 1.78
N THR B 389 24.75 10.97 0.58
CA THR B 389 23.85 11.02 -0.59
C THR B 389 24.08 9.74 -1.40
N TRP B 390 22.99 9.25 -1.98
CA TRP B 390 23.05 8.22 -3.04
C TRP B 390 22.32 8.81 -4.25
N VAL B 391 23.08 8.98 -5.33
CA VAL B 391 22.59 9.55 -6.58
C VAL B 391 22.73 8.42 -7.58
N TRP B 392 21.57 7.87 -7.97
CA TRP B 392 21.49 6.55 -8.58
C TRP B 392 20.68 6.54 -9.88
N ARG B 393 21.37 6.34 -10.98
CA ARG B 393 20.67 6.00 -12.22
C ARG B 393 20.38 4.52 -12.16
N ALA B 394 19.12 4.14 -12.28
CA ALA B 394 18.75 2.75 -12.04
C ALA B 394 19.44 1.77 -12.98
N ASP B 395 19.82 0.63 -12.43
CA ASP B 395 20.36 -0.47 -13.24
C ASP B 395 19.41 -1.67 -13.30
N HIS B 396 18.28 -1.61 -12.62
CA HIS B 396 17.30 -2.68 -12.66
C HIS B 396 15.98 -2.05 -12.31
N GLY B 397 14.90 -2.79 -12.59
CA GLY B 397 13.56 -2.27 -12.40
C GLY B 397 12.99 -1.79 -13.73
N GLU B 398 11.76 -1.36 -13.70
CA GLU B 398 11.03 -1.04 -14.91
C GLU B 398 11.48 0.33 -15.43
N GLY B 399 11.53 0.52 -16.76
CA GLY B 399 11.87 1.82 -17.33
C GLY B 399 13.38 2.09 -17.38
N VAL B 400 14.16 1.03 -17.49
CA VAL B 400 15.62 1.15 -17.49
C VAL B 400 16.16 0.82 -18.89
N GLY B 401 17.08 1.67 -19.35
CA GLY B 401 17.78 1.43 -20.59
C GLY B 401 18.75 2.56 -20.90
N TRP B 402 19.74 2.27 -21.74
CA TRP B 402 20.78 3.24 -22.08
C TRP B 402 20.22 4.57 -22.56
N GLU B 403 19.13 4.53 -23.34
CA GLU B 403 18.38 5.76 -23.63
C GLU B 403 17.04 5.87 -22.83
N THR B 404 16.45 4.78 -22.38
CA THR B 404 15.15 4.89 -21.68
C THR B 404 15.23 5.57 -20.30
N ASN B 405 16.32 5.38 -19.56
CA ASN B 405 16.54 6.19 -18.34
C ASN B 405 17.92 6.89 -18.37
N ARG B 406 18.23 7.45 -19.54
CA ARG B 406 19.43 8.26 -19.69
C ARG B 406 19.50 9.36 -18.63
N ALA B 407 20.68 9.49 -18.03
CA ALA B 407 20.98 10.59 -17.12
C ALA B 407 22.47 10.82 -17.22
N ASP B 408 22.86 11.96 -17.77
CA ASP B 408 24.28 12.13 -18.16
C ASP B 408 25.19 12.37 -16.95
N TYR B 409 24.75 13.20 -16.01
CA TYR B 409 25.61 13.69 -14.93
C TYR B 409 24.97 13.53 -13.55
N GLY B 410 25.73 13.00 -12.61
CA GLY B 410 25.20 12.79 -11.28
C GLY B 410 25.21 14.10 -10.51
N VAL B 411 26.38 14.41 -9.99
CA VAL B 411 26.58 15.59 -9.15
C VAL B 411 27.64 16.47 -9.78
N HIS B 412 27.37 17.78 -9.81
CA HIS B 412 28.38 18.76 -10.21
C HIS B 412 28.52 19.79 -9.12
N VAL B 413 29.69 19.82 -8.49
CA VAL B 413 29.92 20.78 -7.42
C VAL B 413 30.69 21.95 -7.97
N LYS B 414 30.03 23.10 -7.94
CA LYS B 414 30.63 24.32 -8.47
C LYS B 414 30.95 25.28 -7.34
N GLY B 415 30.37 25.05 -6.17
CA GLY B 415 30.68 25.85 -5.01
C GLY B 415 32.11 25.58 -4.49
N ASP B 416 32.65 26.50 -3.72
CA ASP B 416 34.01 26.40 -3.21
C ASP B 416 33.91 25.96 -1.75
N ASN B 417 34.90 25.23 -1.31
CA ASN B 417 34.98 24.77 0.07
C ASN B 417 33.83 23.82 0.45
N VAL B 418 33.39 23.06 -0.52
CA VAL B 418 32.29 22.10 -0.32
C VAL B 418 32.87 20.80 0.24
N LEU B 419 32.14 20.19 1.17
CA LEU B 419 32.59 18.95 1.80
C LEU B 419 31.57 17.85 1.57
N ALA B 420 32.01 16.72 1.02
CA ALA B 420 31.15 15.55 0.91
C ALA B 420 31.67 14.46 1.85
N THR B 421 30.79 13.96 2.71
CA THR B 421 31.12 12.85 3.60
C THR B 421 30.12 11.74 3.32
N GLY B 422 30.59 10.66 2.72
CA GLY B 422 29.72 9.56 2.37
C GLY B 422 29.01 9.81 1.06
N LEU B 423 29.81 9.85 -0.01
CA LEU B 423 29.33 10.16 -1.35
C LEU B 423 29.16 8.85 -2.18
N PHE B 424 27.94 8.54 -2.57
CA PHE B 424 27.61 7.32 -3.37
C PHE B 424 26.89 7.77 -4.68
N VAL B 425 27.49 7.56 -5.85
CA VAL B 425 26.95 8.06 -7.12
C VAL B 425 27.21 7.03 -8.20
N GLU B 426 26.18 6.54 -8.86
CA GLU B 426 26.33 5.39 -9.74
C GLU B 426 25.54 5.46 -11.06
N HIS B 427 26.21 4.98 -12.13
CA HIS B 427 25.61 4.51 -13.38
C HIS B 427 25.27 5.58 -14.42
N PHE B 428 25.76 6.80 -14.20
CA PHE B 428 25.49 7.88 -15.16
C PHE B 428 26.09 7.66 -16.55
N ASN B 429 25.41 8.16 -17.59
CA ASN B 429 25.90 7.93 -18.95
C ASN B 429 27.22 8.64 -19.21
N LYS B 430 27.47 9.72 -18.46
CA LYS B 430 28.72 10.48 -18.58
C LYS B 430 29.40 10.59 -17.22
N TYR B 431 29.87 11.76 -16.81
CA TYR B 431 30.57 11.88 -15.55
C TYR B 431 29.63 11.74 -14.37
N ASP B 432 29.89 10.75 -13.51
CA ASP B 432 29.04 10.60 -12.31
C ASP B 432 29.19 11.79 -11.37
N VAL B 433 30.43 12.17 -11.11
CA VAL B 433 30.70 13.39 -10.33
C VAL B 433 31.67 14.30 -11.08
N GLN B 434 31.29 15.58 -11.23
CA GLN B 434 32.19 16.67 -11.60
C GLN B 434 32.44 17.61 -10.42
N TRP B 435 33.64 18.17 -10.36
CA TRP B 435 34.01 19.13 -9.34
C TRP B 435 34.82 20.28 -9.97
N SER B 436 34.20 21.47 -10.00
CA SER B 436 34.81 22.75 -10.51
C SER B 436 35.20 23.69 -9.39
N GLY B 437 34.51 23.56 -8.27
CA GLY B 437 34.74 24.44 -7.13
C GLY B 437 36.17 24.25 -6.64
N GLU B 438 36.68 25.27 -5.96
CA GLU B 438 37.98 25.18 -5.33
C GLU B 438 37.88 24.61 -3.90
N ASN B 439 38.97 24.00 -3.48
CA ASN B 439 39.16 23.56 -2.11
C ASN B 439 38.11 22.55 -1.67
N GLY B 440 37.65 21.75 -2.63
CA GLY B 440 36.71 20.68 -2.34
C GLY B 440 37.28 19.53 -1.50
N LYS B 441 36.43 18.88 -0.70
CA LYS B 441 36.79 17.69 0.08
C LYS B 441 35.76 16.57 -0.13
N THR B 442 36.25 15.36 -0.37
CA THR B 442 35.39 14.16 -0.32
C THR B 442 36.05 13.15 0.60
N ILE B 443 35.29 12.72 1.60
CA ILE B 443 35.68 11.63 2.50
C ILE B 443 34.67 10.51 2.26
N PHE B 444 35.17 9.46 1.62
CA PHE B 444 34.44 8.29 1.14
C PHE B 444 33.68 8.54 -0.16
N TYR B 445 34.02 7.75 -1.19
CA TYR B 445 33.27 7.76 -2.44
C TYR B 445 33.08 6.33 -2.88
N GLN B 446 31.84 6.02 -3.24
CA GLN B 446 31.50 4.78 -3.90
C GLN B 446 30.80 5.04 -5.23
N ASN B 447 31.39 4.50 -6.30
CA ASN B 447 30.81 4.57 -7.65
C ASN B 447 30.78 3.19 -8.33
N ALA B 448 29.77 3.00 -9.17
CA ALA B 448 29.75 1.95 -10.21
C ALA B 448 29.45 2.64 -11.54
N LYS B 449 30.16 2.22 -12.55
CA LYS B 449 29.98 2.76 -13.90
C LYS B 449 28.75 2.14 -14.58
N ALA B 450 28.10 2.90 -15.48
CA ALA B 450 26.96 2.40 -16.25
C ALA B 450 27.23 1.05 -16.88
N TYR B 451 26.42 0.04 -16.52
CA TYR B 451 26.62 -1.34 -16.96
C TYR B 451 26.21 -1.54 -18.41
N ASP B 452 25.37 -0.62 -18.88
CA ASP B 452 24.59 -0.83 -20.09
C ASP B 452 25.12 -0.05 -21.31
N ALA B 453 26.32 0.53 -21.20
CA ALA B 453 27.04 1.04 -22.39
C ALA B 453 27.07 -0.03 -23.49
N PRO B 454 26.46 0.25 -24.67
CA PRO B 454 26.45 -0.81 -25.70
C PRO B 454 27.76 -0.96 -26.49
N ASP B 455 28.61 0.05 -26.46
CA ASP B 455 29.83 -0.01 -27.24
C ASP B 455 30.82 1.10 -26.93
N GLN B 456 32.11 0.80 -27.10
CA GLN B 456 33.18 1.79 -26.89
C GLN B 456 32.79 3.16 -27.46
N ALA B 457 32.07 3.19 -28.59
CA ALA B 457 31.65 4.46 -29.16
C ALA B 457 30.75 5.25 -28.16
N ALA B 458 29.83 4.57 -27.49
CA ALA B 458 28.83 5.27 -26.65
C ALA B 458 29.38 6.06 -25.43
N ILE B 459 30.59 5.73 -24.98
CA ILE B 459 31.16 6.36 -23.78
C ILE B 459 32.50 7.06 -24.06
N GLN B 460 32.75 7.37 -25.33
CA GLN B 460 33.92 8.17 -25.69
C GLN B 460 33.73 9.63 -25.27
N ASN B 461 34.62 10.20 -24.46
CA ASN B 461 34.68 11.66 -24.46
C ASN B 461 36.07 12.28 -24.62
N GLY B 462 36.11 13.07 -25.67
CA GLY B 462 37.33 13.63 -26.21
C GLY B 462 38.27 12.50 -26.59
N ASP B 463 39.51 12.63 -26.12
CA ASP B 463 40.57 11.70 -26.47
C ASP B 463 40.59 10.46 -25.61
N ILE B 464 39.50 10.24 -24.86
CA ILE B 464 39.47 9.21 -23.81
C ILE B 464 38.44 8.09 -24.01
N LYS B 465 38.74 6.99 -23.36
CA LYS B 465 37.83 5.87 -23.26
C LYS B 465 37.09 6.00 -21.95
N GLY B 466 35.81 6.35 -22.05
CA GLY B 466 34.97 6.46 -20.90
C GLY B 466 34.96 7.84 -20.32
N TYR B 467 34.04 8.04 -19.36
CA TYR B 467 33.98 9.24 -18.55
C TYR B 467 34.35 8.85 -17.11
N ALA B 468 35.23 9.63 -16.48
CA ALA B 468 35.58 9.41 -15.11
C ALA B 468 34.33 9.29 -14.23
N ALA B 469 34.44 8.48 -13.20
CA ALA B 469 33.44 8.47 -12.14
C ALA B 469 33.55 9.75 -11.31
N TYR B 470 34.73 10.35 -11.30
CA TYR B 470 34.96 11.53 -10.47
C TYR B 470 36.03 12.35 -11.16
N LYS B 471 35.56 13.50 -11.64
CA LYS B 471 36.25 14.42 -12.50
C LYS B 471 36.48 15.76 -11.82
N VAL B 472 37.73 16.10 -11.53
CA VAL B 472 38.08 17.43 -11.05
C VAL B 472 38.53 18.30 -12.24
N ASP B 473 37.91 19.45 -12.45
CA ASP B 473 38.27 20.35 -13.56
C ASP B 473 39.76 20.66 -13.60
N ASP B 474 40.26 20.89 -14.80
CA ASP B 474 41.58 21.50 -15.04
C ASP B 474 41.85 22.82 -14.33
N SER B 475 40.83 23.63 -14.13
CA SER B 475 41.10 24.94 -13.55
C SER B 475 41.37 24.85 -12.07
N VAL B 476 40.91 23.77 -11.45
CA VAL B 476 40.95 23.63 -10.01
C VAL B 476 42.40 23.60 -9.54
N THR B 477 42.67 24.16 -8.37
CA THR B 477 44.03 24.20 -7.87
C THR B 477 44.17 23.57 -6.49
N THR B 478 43.10 23.58 -5.67
CA THR B 478 43.07 22.73 -4.46
C THR B 478 41.85 21.81 -4.42
N HIS B 479 42.12 20.55 -4.08
CA HIS B 479 41.10 19.53 -3.94
C HIS B 479 41.72 18.40 -3.13
N GLU B 480 40.91 17.71 -2.33
CA GLU B 480 41.44 16.55 -1.59
C GLU B 480 40.34 15.49 -1.41
N GLY B 481 40.69 14.26 -1.80
CA GLY B 481 39.82 13.09 -1.66
C GLY B 481 40.46 11.95 -0.90
N TRP B 482 39.67 11.27 -0.06
CA TRP B 482 40.13 10.09 0.70
C TRP B 482 39.14 8.91 0.58
N GLY B 483 39.65 7.73 0.27
CA GLY B 483 38.85 6.52 0.37
C GLY B 483 37.78 6.44 -0.72
N MET B 484 38.26 6.30 -1.94
CA MET B 484 37.38 6.46 -3.09
C MET B 484 37.53 5.27 -4.06
N GLY B 485 36.39 4.68 -4.46
CA GLY B 485 36.38 3.54 -5.37
C GLY B 485 35.39 3.70 -6.53
N SER B 486 35.74 3.15 -7.68
CA SER B 486 34.86 3.08 -8.86
C SER B 486 34.90 1.65 -9.36
N TYR B 487 33.73 1.06 -9.52
CA TYR B 487 33.65 -0.31 -10.02
C TYR B 487 32.96 -0.39 -11.39
N CYS B 488 33.30 -1.41 -12.19
CA CYS B 488 32.62 -1.61 -13.47
C CYS B 488 32.03 -3.01 -13.59
N TYR B 489 30.97 -3.09 -14.39
CA TYR B 489 30.22 -4.33 -14.67
C TYR B 489 29.54 -4.11 -16.01
N PHE B 490 30.33 -4.09 -17.08
CA PHE B 490 29.81 -3.78 -18.41
C PHE B 490 29.19 -5.08 -18.98
N ASN B 491 27.95 -5.35 -18.59
CA ASN B 491 27.33 -6.68 -18.83
C ASN B 491 26.79 -6.75 -20.23
N VAL B 492 26.45 -5.59 -20.74
CA VAL B 492 25.97 -5.48 -22.11
C VAL B 492 27.13 -5.75 -23.09
N ASN B 493 28.30 -5.15 -22.86
CA ASN B 493 29.46 -5.32 -23.74
C ASN B 493 30.77 -5.40 -22.93
N PRO B 494 31.14 -6.61 -22.52
CA PRO B 494 32.27 -6.76 -21.59
C PRO B 494 33.63 -6.64 -22.28
N ASP B 495 33.64 -6.29 -23.59
CA ASP B 495 34.86 -5.90 -24.34
C ASP B 495 35.28 -4.45 -24.02
N ILE B 496 34.38 -3.68 -23.41
CA ILE B 496 34.62 -2.25 -23.18
C ILE B 496 35.81 -1.98 -22.26
N ARG B 497 36.55 -0.91 -22.55
CA ARG B 497 37.56 -0.40 -21.65
C ARG B 497 37.16 0.96 -21.08
N GLN B 498 37.36 1.11 -19.76
CA GLN B 498 37.20 2.39 -19.04
C GLN B 498 38.61 2.91 -18.73
N GLN B 499 39.02 4.07 -19.23
CA GLN B 499 40.41 4.47 -19.02
C GLN B 499 40.74 4.62 -17.54
N HIS B 500 39.85 5.23 -16.78
CA HIS B 500 40.12 5.48 -15.37
C HIS B 500 38.86 5.71 -14.57
N GLY B 501 38.97 5.57 -13.24
CA GLY B 501 37.88 5.92 -12.34
C GLY B 501 37.87 7.40 -12.01
N PHE B 502 39.08 7.98 -12.00
CA PHE B 502 39.32 9.34 -11.50
C PHE B 502 40.14 10.14 -12.51
N GLN B 503 39.86 11.44 -12.56
CA GLN B 503 40.51 12.33 -13.53
C GLN B 503 40.67 13.70 -12.88
N ALA B 504 41.91 14.19 -12.89
CA ALA B 504 42.22 15.46 -12.25
C ALA B 504 43.49 16.05 -12.86
N PRO B 505 43.63 17.38 -12.84
CA PRO B 505 44.91 17.95 -13.25
C PRO B 505 46.01 17.68 -12.22
N VAL B 506 47.25 17.55 -12.69
CA VAL B 506 48.37 17.21 -11.82
C VAL B 506 48.95 18.53 -11.30
N LYS B 507 48.68 18.84 -10.03
CA LYS B 507 48.92 20.17 -9.46
C LYS B 507 49.21 20.01 -7.97
N PRO B 508 50.08 20.86 -7.41
CA PRO B 508 50.41 20.60 -6.01
C PRO B 508 49.27 20.68 -4.98
N GLY B 509 48.20 21.38 -5.28
CA GLY B 509 47.09 21.48 -4.36
C GLY B 509 45.99 20.42 -4.54
N VAL B 510 46.12 19.56 -5.57
CA VAL B 510 45.06 18.58 -5.93
C VAL B 510 45.55 17.18 -5.55
N LYS B 511 44.99 16.64 -4.46
CA LYS B 511 45.48 15.42 -3.79
C LYS B 511 44.45 14.33 -3.66
N PHE B 512 44.87 13.08 -3.79
CA PHE B 512 44.00 11.94 -3.53
C PHE B 512 44.75 10.92 -2.69
N HIS B 513 44.01 10.32 -1.77
CA HIS B 513 44.50 9.28 -0.89
C HIS B 513 43.60 8.05 -1.01
N ASP B 514 44.21 6.88 -1.23
CA ASP B 514 43.49 5.61 -1.11
C ASP B 514 42.39 5.46 -2.15
N LEU B 515 42.83 5.31 -3.40
CA LEU B 515 41.93 5.13 -4.54
C LEU B 515 41.93 3.70 -4.99
N LEU B 516 40.79 3.28 -5.52
CA LEU B 516 40.73 1.98 -6.15
C LEU B 516 39.74 1.92 -7.29
N VAL B 517 40.04 1.03 -8.24
CA VAL B 517 39.06 0.60 -9.22
C VAL B 517 38.98 -0.92 -9.27
N VAL B 518 37.80 -1.43 -9.63
CA VAL B 518 37.54 -2.85 -9.59
C VAL B 518 36.63 -3.26 -10.73
N SER B 519 36.98 -4.37 -11.39
CA SER B 519 36.14 -5.01 -12.40
C SER B 519 35.35 -6.17 -11.80
N LEU B 520 34.01 -6.17 -11.98
CA LEU B 520 33.14 -7.21 -11.44
C LEU B 520 33.24 -8.47 -12.32
N GLY B 521 34.12 -9.39 -11.96
CA GLY B 521 34.34 -10.64 -12.68
C GLY B 521 34.69 -10.53 -14.18
N GLY B 522 35.47 -9.54 -14.55
CA GLY B 522 35.87 -9.38 -15.94
C GLY B 522 34.85 -8.81 -16.91
N LYS B 523 33.72 -8.27 -16.42
CA LYS B 523 32.86 -7.51 -17.32
C LYS B 523 33.44 -6.12 -17.54
N GLY B 524 34.27 -6.03 -18.56
CA GLY B 524 35.01 -4.84 -18.86
C GLY B 524 36.24 -4.75 -17.96
N GLN B 525 37.10 -3.81 -18.29
CA GLN B 525 38.28 -3.53 -17.49
C GLN B 525 38.61 -2.06 -17.48
N TYR B 526 39.28 -1.65 -16.40
CA TYR B 526 39.91 -0.31 -16.31
C TYR B 526 41.34 -0.34 -16.85
N GLU B 527 41.71 0.67 -17.65
CA GLU B 527 43.11 0.85 -18.07
C GLU B 527 44.04 1.36 -16.97
N HIS B 528 43.48 2.17 -16.07
CA HIS B 528 44.24 2.87 -15.03
C HIS B 528 43.27 3.19 -13.87
N VAL B 529 43.83 3.68 -12.77
CA VAL B 529 43.00 4.09 -11.62
C VAL B 529 42.62 5.56 -11.80
N ILE B 530 43.64 6.37 -12.06
CA ILE B 530 43.43 7.78 -12.27
C ILE B 530 44.34 8.36 -13.35
N ASN B 531 43.73 9.17 -14.22
CA ASN B 531 44.42 9.69 -15.36
C ASN B 531 45.00 8.47 -16.07
N ASP B 532 46.32 8.41 -16.26
CA ASP B 532 46.94 7.22 -16.84
C ASP B 532 47.93 6.63 -15.82
N ILE B 533 47.56 6.72 -14.53
CA ILE B 533 48.35 6.23 -13.39
C ILE B 533 47.58 5.08 -12.69
N GLY B 534 48.32 4.11 -12.16
CA GLY B 534 47.71 2.94 -11.58
C GLY B 534 47.57 1.81 -12.57
N ASP B 535 47.72 0.60 -12.06
CA ASP B 535 47.69 -0.60 -12.90
C ASP B 535 46.28 -0.83 -13.47
N PRO B 536 46.18 -1.41 -14.67
CA PRO B 536 44.85 -1.76 -15.17
C PRO B 536 44.31 -2.93 -14.38
N THR B 537 42.99 -3.02 -14.26
CA THR B 537 42.42 -4.27 -13.75
C THR B 537 42.63 -5.37 -14.78
N SER B 538 42.82 -6.60 -14.31
CA SER B 538 43.05 -7.74 -15.20
C SER B 538 42.52 -9.00 -14.55
N GLY B 539 42.49 -10.09 -15.32
CA GLY B 539 41.83 -11.29 -14.87
C GLY B 539 40.33 -11.09 -14.64
N ASP B 540 39.73 -12.07 -13.98
CA ASP B 540 38.31 -12.05 -13.66
C ASP B 540 38.05 -12.42 -12.19
N THR B 541 38.98 -12.08 -11.33
CA THR B 541 38.83 -12.49 -9.92
C THR B 541 38.59 -11.28 -9.02
N THR B 542 38.18 -10.17 -9.63
CA THR B 542 37.65 -9.03 -8.89
C THR B 542 38.67 -8.55 -7.85
N ILE B 543 39.92 -8.45 -8.28
CA ILE B 543 40.96 -7.86 -7.47
C ILE B 543 41.04 -6.38 -7.78
N PRO B 544 40.90 -5.51 -6.75
CA PRO B 544 41.06 -4.07 -6.97
C PRO B 544 42.46 -3.69 -7.45
N SER B 545 42.54 -2.60 -8.22
CA SER B 545 43.78 -1.89 -8.50
C SER B 545 43.75 -0.61 -7.70
N GLN B 546 44.83 -0.39 -6.95
CA GLN B 546 44.85 0.56 -5.86
C GLN B 546 45.93 1.59 -6.12
N VAL B 547 45.66 2.84 -5.72
CA VAL B 547 46.68 3.90 -5.66
C VAL B 547 46.61 4.63 -4.32
N VAL B 548 47.66 4.51 -3.51
CA VAL B 548 47.67 5.10 -2.17
C VAL B 548 47.69 6.62 -2.13
N SER B 549 48.59 7.24 -2.89
CA SER B 549 48.72 8.73 -2.91
C SER B 549 48.96 9.25 -4.30
N PHE B 550 48.33 10.37 -4.57
CA PHE B 550 48.43 11.02 -5.83
C PHE B 550 48.48 12.53 -5.57
N PRO B 551 49.45 13.25 -6.18
CA PRO B 551 50.52 12.74 -7.07
C PRO B 551 51.45 11.78 -6.35
C1 EDO C . -38.49 -12.46 -9.17
O1 EDO C . -37.72 -12.91 -8.04
C2 EDO C . -38.94 -11.00 -9.02
O2 EDO C . -37.80 -10.18 -8.85
H11 EDO C . -39.36 -13.10 -9.30
H12 EDO C . -37.87 -12.54 -10.06
HO1 EDO C . -37.48 -13.84 -8.16
H21 EDO C . -39.59 -10.91 -8.16
H22 EDO C . -39.49 -10.70 -9.92
HO2 EDO C . -38.10 -9.28 -8.65
C1 EDO D . -15.71 -12.66 -22.16
O1 EDO D . -14.41 -12.02 -22.20
C2 EDO D . -16.79 -11.59 -22.14
O2 EDO D . -16.57 -10.73 -21.02
H11 EDO D . -15.79 -13.29 -21.26
H12 EDO D . -15.82 -13.31 -23.03
HO1 EDO D . -13.70 -12.68 -22.20
H21 EDO D . -17.78 -12.03 -22.06
H22 EDO D . -16.75 -11.02 -23.07
HO2 EDO D . -16.97 -9.87 -21.17
C2 BGC E . 25.08 -1.55 -6.83
C3 BGC E . 23.64 -0.99 -6.93
C4 BGC E . 22.82 -2.10 -7.67
C5 BGC E . 22.91 -3.50 -7.06
C6 BGC E . 22.13 -4.46 -7.96
C1 BGC E . 25.05 -2.95 -6.19
O1 BGC E . 26.34 -3.50 -6.09
O2 BGC E . 26.15 -0.74 -6.33
O3 BGC E . 23.54 0.18 -7.75
O4 BGC E . 21.44 -1.79 -7.90
O5 BGC E . 24.27 -3.87 -6.95
O6 BGC E . 22.16 -5.78 -7.44
H2 BGC E . 24.15 -1.06 -6.53
H3 BGC E . 22.97 -1.74 -7.30
H4 BGC E . 23.32 -2.36 -8.62
H5 BGC E . 22.38 -3.46 -6.11
H61 BGC E . 22.56 -4.46 -8.97
H62 BGC E . 21.09 -4.13 -8.04
H1 BGC E . 24.66 -2.85 -5.27
HO1 BGC E . 26.99 -2.80 -6.27
HO2 BGC E . 26.47 -1.13 -5.51
HO3 BGC E . 24.44 0.44 -8.03
HO4 BGC E . 21.32 -0.81 -7.92
HO6 BGC E . 22.61 -5.78 -6.58
C1 EDO F . 7.61 6.38 -6.81
O1 EDO F . 8.42 7.18 -5.96
C2 EDO F . 7.79 4.90 -6.50
O2 EDO F . 8.46 4.68 -5.27
H11 EDO F . 7.88 6.56 -7.86
H12 EDO F . 6.56 6.64 -6.69
HO1 EDO F . 8.61 8.02 -6.40
H21 EDO F . 8.36 4.45 -7.31
H22 EDO F . 6.81 4.42 -6.47
HO2 EDO F . 8.71 3.75 -5.20
C1 EDO G . 31.05 5.04 -18.93
O1 EDO G . 32.34 5.62 -18.92
C2 EDO G . 29.97 6.13 -18.90
O2 EDO G . 30.14 7.04 -17.82
H11 EDO G . 30.94 4.39 -18.06
H12 EDO G . 30.93 4.43 -19.83
HO1 EDO G . 32.99 4.95 -18.71
H21 EDO G . 28.98 5.67 -18.83
H22 EDO G . 30.02 6.70 -19.82
HO2 EDO G . 29.28 7.41 -17.58
C1 EDO H . 48.37 7.74 5.35
O1 EDO H . 47.03 7.31 5.09
C2 EDO H . 49.35 6.87 4.58
O2 EDO H . 48.90 5.59 4.21
H11 EDO H . 48.58 7.74 6.42
H12 EDO H . 48.44 8.76 4.99
HO1 EDO H . 46.40 7.99 5.39
H21 EDO H . 50.22 6.71 5.23
H22 EDO H . 49.69 7.40 3.68
HO2 EDO H . 49.67 5.06 3.93
N VAL A 4 -44.99 9.77 1.72
CA VAL A 4 -46.30 10.34 1.95
C VAL A 4 -46.59 10.59 3.48
N VAL A 5 -46.03 9.75 4.40
CA VAL A 5 -46.46 9.62 5.83
C VAL A 5 -45.56 8.70 6.74
N GLY A 6 -45.30 9.13 7.97
CA GLY A 6 -44.25 8.54 8.78
C GLY A 6 -44.60 7.29 9.58
N GLY A 7 -44.02 6.16 9.19
CA GLY A 7 -44.19 4.89 9.90
C GLY A 7 -45.29 3.97 9.32
N GLY A 8 -45.60 2.91 10.10
CA GLY A 8 -46.64 1.91 9.82
C GLY A 8 -46.30 0.59 10.55
N ASP A 9 -47.00 -0.50 10.26
CA ASP A 9 -46.35 -1.81 10.40
C ASP A 9 -46.21 -2.47 9.06
N LEU A 10 -45.70 -3.69 9.15
CA LEU A 10 -44.75 -4.17 8.15
C LEU A 10 -45.29 -5.15 7.08
N GLY A 11 -46.60 -5.16 6.85
CA GLY A 11 -47.20 -6.02 5.83
C GLY A 11 -47.25 -7.46 6.29
N PRO A 12 -47.92 -8.34 5.53
CA PRO A 12 -48.00 -9.67 6.13
C PRO A 12 -46.75 -10.49 5.86
N ASN A 13 -45.67 -9.85 5.39
CA ASN A 13 -44.45 -10.58 5.04
C ASN A 13 -43.30 -10.39 6.03
N VAL A 14 -43.54 -9.59 7.07
CA VAL A 14 -42.60 -9.47 8.19
C VAL A 14 -43.18 -10.26 9.36
N LEU A 15 -42.70 -11.50 9.51
CA LEU A 15 -43.21 -12.41 10.56
C LEU A 15 -42.47 -12.10 11.85
N VAL A 16 -43.20 -11.74 12.89
CA VAL A 16 -42.61 -11.29 14.15
C VAL A 16 -42.93 -12.27 15.26
N PHE A 17 -41.88 -12.80 15.84
CA PHE A 17 -41.92 -13.83 16.87
C PHE A 17 -41.42 -13.28 18.21
N ASP A 18 -42.00 -13.76 19.30
CA ASP A 18 -41.39 -13.62 20.60
C ASP A 18 -41.29 -15.00 21.25
N PRO A 19 -40.53 -15.14 22.36
CA PRO A 19 -40.37 -16.51 22.86
C PRO A 19 -41.69 -17.13 23.29
N SER A 20 -42.73 -16.31 23.47
CA SER A 20 -44.07 -16.80 23.77
C SER A 20 -44.97 -17.07 22.55
N THR A 21 -44.55 -16.67 21.35
CA THR A 21 -45.38 -16.79 20.14
C THR A 21 -45.75 -18.25 20.00
N PRO A 22 -47.02 -18.54 19.73
CA PRO A 22 -47.37 -19.92 19.39
C PRO A 22 -46.74 -20.46 18.09
N ASP A 23 -46.13 -21.64 18.19
CA ASP A 23 -45.90 -22.54 17.06
C ASP A 23 -44.71 -22.17 16.18
N ILE A 24 -43.67 -21.61 16.83
CA ILE A 24 -42.51 -21.08 16.12
C ILE A 24 -41.92 -22.01 15.07
N GLN A 25 -41.48 -23.20 15.46
CA GLN A 25 -40.85 -24.10 14.51
C GLN A 25 -41.72 -24.41 13.31
N GLY A 26 -43.00 -24.64 13.57
CA GLY A 26 -43.94 -24.89 12.49
C GLY A 26 -44.06 -23.75 11.51
N LYS A 27 -44.14 -22.54 12.03
CA LYS A 27 -44.30 -21.37 11.18
C LYS A 27 -43.07 -21.13 10.33
N VAL A 28 -41.90 -21.30 10.93
CA VAL A 28 -40.65 -21.06 10.22
C VAL A 28 -40.30 -22.30 9.35
N ASP A 29 -40.74 -23.48 9.77
CA ASP A 29 -40.68 -24.60 8.84
C ASP A 29 -41.71 -24.41 7.71
N GLU A 30 -42.83 -23.71 7.97
CA GLU A 30 -43.81 -23.45 6.89
C GLU A 30 -43.19 -22.56 5.79
N VAL A 31 -42.52 -21.51 6.19
CA VAL A 31 -41.95 -20.60 5.22
C VAL A 31 -40.89 -21.35 4.41
N PHE A 32 -40.25 -22.33 5.04
CA PHE A 32 -39.11 -22.98 4.38
C PHE A 32 -39.57 -23.87 3.22
N ARG A 33 -40.62 -24.65 3.45
CA ARG A 33 -41.13 -25.59 2.43
C ARG A 33 -41.46 -24.76 1.17
N LYS A 34 -41.96 -23.54 1.38
CA LYS A 34 -42.32 -22.66 0.25
C LYS A 34 -41.08 -22.09 -0.49
N GLN A 35 -40.04 -21.75 0.28
CA GLN A 35 -38.88 -21.00 -0.23
C GLN A 35 -37.71 -21.84 -0.62
N GLU A 36 -37.65 -23.06 -0.11
CA GLU A 36 -36.49 -23.92 -0.28
C GLU A 36 -35.92 -23.97 -1.72
N SER A 37 -36.77 -24.22 -2.69
CA SER A 37 -36.32 -24.26 -4.09
C SER A 37 -37.03 -23.21 -4.96
N ASN A 38 -37.54 -22.19 -4.31
CA ASN A 38 -38.24 -21.12 -5.00
C ASN A 38 -37.27 -20.08 -5.56
N GLN A 39 -36.33 -20.55 -6.36
CA GLN A 39 -35.17 -19.74 -6.75
C GLN A 39 -35.54 -18.43 -7.43
N PHE A 40 -36.60 -18.46 -8.24
CA PHE A 40 -37.01 -17.30 -9.04
C PHE A 40 -38.46 -16.87 -8.74
N GLY A 41 -38.99 -17.32 -7.61
CA GLY A 41 -40.31 -16.89 -7.15
C GLY A 41 -40.41 -15.43 -6.74
N THR A 42 -41.65 -14.99 -6.50
CA THR A 42 -41.94 -13.60 -6.20
C THR A 42 -42.20 -13.40 -4.72
N ASP A 43 -42.34 -14.49 -3.96
CA ASP A 43 -42.50 -14.37 -2.50
C ASP A 43 -41.21 -13.87 -1.80
N ARG A 44 -41.42 -13.17 -0.71
CA ARG A 44 -40.34 -12.53 0.06
C ARG A 44 -40.75 -12.56 1.53
N TYR A 45 -39.81 -12.93 2.42
CA TYR A 45 -40.13 -13.04 3.84
C TYR A 45 -39.01 -12.54 4.74
N ALA A 46 -39.36 -11.79 5.78
CA ALA A 46 -38.43 -11.47 6.88
C ALA A 46 -38.98 -12.10 8.15
N LEU A 47 -38.13 -12.87 8.82
CA LEU A 47 -38.47 -13.52 10.10
C LEU A 47 -37.74 -12.74 11.19
N MET A 48 -38.48 -11.99 12.02
CA MET A 48 -37.87 -11.08 12.97
C MET A 48 -38.18 -11.63 14.39
N PHE A 49 -37.19 -11.64 15.24
CA PHE A 49 -37.27 -12.26 16.56
C PHE A 49 -37.02 -11.26 17.66
N LYS A 50 -38.01 -11.03 18.51
CA LYS A 50 -37.83 -10.05 19.59
C LYS A 50 -36.84 -10.59 20.65
N PRO A 51 -36.17 -9.69 21.39
CA PRO A 51 -35.18 -10.13 22.38
C PRO A 51 -35.75 -11.13 23.38
N GLY A 52 -34.91 -12.09 23.72
CA GLY A 52 -35.29 -13.20 24.57
C GLY A 52 -34.46 -14.44 24.24
N THR A 53 -34.94 -15.58 24.73
CA THR A 53 -34.33 -16.88 24.46
C THR A 53 -35.36 -17.81 23.84
N TYR A 54 -34.93 -18.51 22.78
CA TYR A 54 -35.75 -19.42 22.02
C TYR A 54 -35.14 -20.77 22.10
N ASN A 55 -35.90 -21.73 22.66
CA ASN A 55 -35.52 -23.15 22.63
C ASN A 55 -36.21 -23.91 21.51
N ASP A 56 -35.80 -25.16 21.33
CA ASP A 56 -36.48 -26.06 20.41
C ASP A 56 -36.57 -25.51 18.97
N ILE A 57 -35.50 -24.96 18.42
CA ILE A 57 -35.59 -24.28 17.11
C ILE A 57 -34.49 -24.69 16.10
N ASN A 58 -34.90 -24.81 14.84
CA ASN A 58 -33.94 -24.94 13.78
C ASN A 58 -34.57 -24.14 12.65
N ALA A 59 -34.00 -22.99 12.40
CA ALA A 59 -34.60 -22.02 11.47
C ALA A 59 -33.91 -22.22 10.16
N GLN A 60 -34.59 -22.93 9.27
CA GLN A 60 -34.03 -23.35 7.99
C GLN A 60 -34.36 -22.26 6.99
N ILE A 61 -33.35 -21.77 6.29
CA ILE A 61 -33.46 -20.56 5.50
C ILE A 61 -33.38 -20.86 4.00
N GLY A 62 -34.50 -20.66 3.31
CA GLY A 62 -34.59 -20.85 1.88
C GLY A 62 -34.35 -19.56 1.13
N PHE A 63 -34.69 -19.55 -0.16
CA PHE A 63 -34.56 -18.35 -0.97
C PHE A 63 -35.37 -17.16 -0.41
N TYR A 64 -34.85 -15.96 -0.60
CA TYR A 64 -35.57 -14.70 -0.33
C TYR A 64 -36.16 -14.67 1.08
N THR A 65 -35.37 -15.15 2.02
CA THR A 65 -35.72 -15.17 3.42
C THR A 65 -34.59 -14.50 4.20
N SER A 66 -34.95 -13.50 5.01
CA SER A 66 -34.03 -12.90 5.98
C SER A 66 -34.50 -13.28 7.37
N ILE A 67 -33.55 -13.52 8.25
CA ILE A 67 -33.87 -13.81 9.67
C ILE A 67 -33.04 -12.85 10.49
N ALA A 68 -33.62 -12.34 11.55
CA ALA A 68 -32.95 -11.27 12.30
C ALA A 68 -33.45 -11.21 13.73
N GLY A 69 -32.53 -10.88 14.63
CA GLY A 69 -32.95 -10.48 15.96
C GLY A 69 -33.30 -9.01 16.02
N LEU A 70 -33.95 -8.63 17.13
CA LEU A 70 -34.42 -7.27 17.34
C LEU A 70 -33.91 -6.64 18.65
N GLY A 71 -32.90 -7.23 19.28
CA GLY A 71 -32.25 -6.57 20.40
C GLY A 71 -31.34 -5.52 19.84
N LEU A 72 -30.89 -4.56 20.67
CA LEU A 72 -29.79 -3.69 20.26
C LEU A 72 -28.47 -4.41 20.23
N ASN A 73 -28.28 -5.45 21.05
CA ASN A 73 -27.04 -6.22 20.99
C ASN A 73 -27.45 -7.60 20.42
N PRO A 74 -26.53 -8.33 19.79
CA PRO A 74 -26.91 -9.62 19.20
C PRO A 74 -27.12 -10.71 20.27
N ASP A 75 -26.44 -10.56 21.40
CA ASP A 75 -26.60 -11.50 22.51
C ASP A 75 -27.90 -11.21 23.25
N ASP A 76 -28.66 -10.24 22.76
CA ASP A 76 -30.00 -9.97 23.29
C ASP A 76 -31.08 -10.91 22.74
N THR A 77 -30.78 -11.65 21.67
CA THR A 77 -31.72 -12.59 21.03
C THR A 77 -30.96 -13.89 20.73
N THR A 78 -31.13 -14.88 21.60
CA THR A 78 -30.36 -16.12 21.52
C THR A 78 -31.25 -17.29 21.15
N PHE A 79 -30.80 -18.06 20.17
CA PHE A 79 -31.43 -19.32 19.81
C PHE A 79 -30.56 -20.43 20.40
N ASN A 80 -31.19 -21.28 21.18
CA ASN A 80 -30.60 -22.56 21.55
C ASN A 80 -31.08 -23.50 20.50
N GLY A 81 -30.26 -23.59 19.46
CA GLY A 81 -30.68 -24.07 18.16
C GLY A 81 -29.90 -23.38 17.05
N ASP A 82 -30.42 -23.50 15.83
CA ASP A 82 -29.61 -23.30 14.64
C ASP A 82 -30.33 -22.36 13.67
N VAL A 83 -29.55 -21.63 12.89
CA VAL A 83 -30.04 -20.96 11.69
C VAL A 83 -29.25 -21.56 10.53
N THR A 84 -29.95 -22.36 9.73
CA THR A 84 -29.32 -23.36 8.86
C THR A 84 -29.58 -23.16 7.38
N VAL A 85 -28.50 -23.23 6.59
CA VAL A 85 -28.59 -23.34 5.14
C VAL A 85 -27.80 -24.59 4.72
N ASP A 86 -28.40 -25.41 3.86
CA ASP A 86 -27.72 -26.56 3.27
C ASP A 86 -28.29 -26.74 1.85
N ALA A 87 -27.99 -27.87 1.22
CA ALA A 87 -28.28 -27.99 -0.24
C ALA A 87 -29.05 -29.25 -0.60
N GLY A 88 -29.87 -29.74 0.32
CA GLY A 88 -30.70 -30.93 0.06
C GLY A 88 -31.54 -30.82 -1.24
N TRP A 89 -32.06 -29.63 -1.51
CA TRP A 89 -32.89 -29.42 -2.70
C TRP A 89 -32.12 -29.57 -4.00
N PHE A 90 -30.80 -29.35 -3.93
CA PHE A 90 -29.87 -29.40 -5.08
C PHE A 90 -28.84 -30.57 -4.90
N ASP A 91 -29.23 -31.51 -4.02
CA ASP A 91 -28.45 -32.69 -3.55
C ASP A 91 -26.90 -32.55 -3.28
N GLY A 92 -26.58 -31.74 -2.28
CA GLY A 92 -25.19 -31.49 -1.89
C GLY A 92 -24.51 -30.26 -2.55
N ASN A 93 -25.00 -29.85 -3.71
CA ASN A 93 -24.48 -28.72 -4.48
C ASN A 93 -24.97 -27.36 -3.92
N ALA A 94 -24.16 -26.69 -3.11
CA ALA A 94 -24.59 -25.40 -2.52
C ALA A 94 -24.39 -24.18 -3.44
N THR A 95 -24.18 -24.39 -4.74
CA THR A 95 -23.78 -23.28 -5.63
C THR A 95 -24.92 -22.40 -6.12
N GLN A 96 -26.18 -22.77 -5.79
CA GLN A 96 -27.33 -21.92 -6.10
C GLN A 96 -28.08 -21.44 -4.87
N ASN A 97 -27.42 -21.53 -3.71
CA ASN A 97 -28.01 -21.09 -2.46
C ASN A 97 -27.80 -19.57 -2.28
N PHE A 98 -28.58 -18.83 -3.05
CA PHE A 98 -28.51 -17.38 -3.09
C PHE A 98 -29.62 -16.65 -2.30
N TRP A 99 -29.41 -15.35 -2.14
CA TRP A 99 -30.45 -14.36 -1.81
C TRP A 99 -31.18 -14.69 -0.48
N ARG A 100 -30.41 -14.68 0.60
CA ARG A 100 -30.98 -14.91 1.91
C ARG A 100 -30.03 -14.29 2.91
N SER A 101 -30.41 -14.18 4.18
CA SER A 101 -29.56 -13.38 5.10
C SER A 101 -29.87 -13.72 6.55
N ALA A 102 -28.86 -13.58 7.39
CA ALA A 102 -29.04 -13.75 8.84
C ALA A 102 -28.27 -12.66 9.54
N GLU A 103 -28.89 -12.07 10.55
CA GLU A 103 -28.22 -11.00 11.27
C GLU A 103 -28.69 -10.84 12.72
N ASN A 104 -27.77 -10.40 13.55
CA ASN A 104 -28.13 -9.89 14.89
C ASN A 104 -28.79 -10.90 15.81
N LEU A 105 -28.21 -12.10 15.80
CA LEU A 105 -28.61 -13.21 16.66
C LEU A 105 -27.42 -13.86 17.33
N ALA A 106 -27.65 -14.43 18.51
CA ALA A 106 -26.72 -15.39 19.10
C ALA A 106 -27.27 -16.81 18.87
N LEU A 107 -26.42 -17.69 18.39
CA LEU A 107 -26.76 -19.09 18.13
C LEU A 107 -25.92 -20.02 19.07
N ASN A 108 -26.63 -20.98 19.67
CA ASN A 108 -26.05 -22.02 20.52
C ASN A 108 -26.43 -23.33 19.83
N PRO A 109 -25.64 -23.70 18.81
CA PRO A 109 -26.14 -24.66 17.82
C PRO A 109 -26.16 -26.08 18.38
N VAL A 110 -27.20 -26.81 18.03
CA VAL A 110 -27.56 -28.03 18.77
C VAL A 110 -26.63 -29.21 18.62
N ASN A 111 -25.57 -29.14 17.82
CA ASN A 111 -24.46 -30.15 18.03
C ASN A 111 -23.08 -29.49 18.15
N GLY A 112 -23.07 -28.21 18.52
CA GLY A 112 -21.82 -27.45 18.68
C GLY A 112 -21.41 -26.69 17.41
N THR A 113 -22.06 -27.00 16.30
CA THR A 113 -21.73 -26.38 15.02
C THR A 113 -22.98 -26.03 14.20
N ASN A 114 -23.00 -24.81 13.70
CA ASN A 114 -24.11 -24.33 12.89
C ASN A 114 -23.70 -24.43 11.44
N ARG A 115 -24.61 -24.90 10.58
CA ARG A 115 -24.35 -25.02 9.15
C ARG A 115 -24.91 -23.83 8.37
N TRP A 116 -24.03 -23.15 7.63
CA TRP A 116 -24.39 -22.02 6.81
C TRP A 116 -23.78 -22.20 5.40
N ALA A 117 -24.38 -23.12 4.63
CA ALA A 117 -23.79 -23.58 3.39
C ALA A 117 -24.38 -22.81 2.23
N VAL A 118 -24.07 -21.53 2.20
CA VAL A 118 -24.54 -20.62 1.19
C VAL A 118 -23.57 -20.41 0.00
N SER A 119 -24.10 -19.78 -1.05
CA SER A 119 -23.24 -19.21 -2.10
C SER A 119 -23.40 -17.68 -2.10
N GLN A 120 -23.54 -17.04 -3.27
CA GLN A 120 -23.52 -15.57 -3.29
C GLN A 120 -24.80 -14.91 -2.78
N ALA A 121 -24.66 -13.66 -2.36
CA ALA A 121 -25.76 -12.83 -1.85
C ALA A 121 -26.44 -13.49 -0.64
N ALA A 122 -25.63 -13.98 0.28
CA ALA A 122 -26.12 -14.62 1.48
C ALA A 122 -25.36 -14.16 2.74
N PRO A 123 -25.51 -12.87 3.08
CA PRO A 123 -24.69 -12.31 4.13
C PRO A 123 -25.05 -12.83 5.52
N PHE A 124 -24.02 -12.86 6.34
CA PHE A 124 -24.08 -13.34 7.74
C PHE A 124 -23.43 -12.20 8.52
N ARG A 125 -24.26 -11.40 9.19
CA ARG A 125 -23.80 -10.14 9.80
C ARG A 125 -24.20 -10.05 11.28
N ARG A 126 -23.31 -9.50 12.11
CA ARG A 126 -23.71 -9.15 13.47
C ARG A 126 -24.17 -10.42 14.23
N MET A 127 -23.50 -11.52 13.97
CA MET A 127 -23.85 -12.83 14.56
C MET A 127 -22.85 -13.26 15.62
N HIS A 128 -23.39 -13.84 16.70
CA HIS A 128 -22.57 -14.48 17.72
C HIS A 128 -22.84 -15.99 17.71
N VAL A 129 -21.92 -16.74 17.14
CA VAL A 129 -22.04 -18.20 17.13
C VAL A 129 -21.26 -18.76 18.29
N LYS A 130 -21.98 -19.30 19.26
CA LYS A 130 -21.34 -19.87 20.44
C LYS A 130 -21.01 -21.34 20.17
N GLY A 131 -20.11 -21.55 19.22
CA GLY A 131 -19.85 -22.86 18.66
C GLY A 131 -19.12 -22.72 17.34
N GLY A 132 -19.02 -23.83 16.63
CA GLY A 132 -18.41 -23.88 15.31
C GLY A 132 -19.37 -23.37 14.24
N LEU A 133 -18.82 -23.12 13.06
CA LEU A 133 -19.58 -22.60 11.91
C LEU A 133 -19.07 -23.30 10.68
N ASN A 134 -19.92 -24.20 10.15
CA ASN A 134 -19.60 -25.05 9.00
C ASN A 134 -20.20 -24.41 7.74
N LEU A 135 -19.38 -24.14 6.73
CA LEU A 135 -19.82 -23.35 5.56
C LEU A 135 -20.17 -24.13 4.29
N ALA A 136 -20.13 -25.46 4.33
CA ALA A 136 -20.36 -26.26 3.14
C ALA A 136 -21.51 -27.23 3.41
N PRO A 137 -22.22 -27.63 2.37
CA PRO A 137 -23.38 -28.50 2.64
C PRO A 137 -22.84 -29.90 2.99
N ASP A 138 -23.72 -30.75 3.54
CA ASP A 138 -23.29 -32.07 4.02
C ASP A 138 -22.94 -32.96 2.86
N GLY A 139 -21.90 -33.78 3.05
CA GLY A 139 -21.29 -34.53 1.97
C GLY A 139 -20.28 -33.69 1.23
N TYR A 140 -20.14 -32.41 1.66
CA TYR A 140 -19.49 -31.27 0.98
C TYR A 140 -19.29 -31.25 -0.58
N GLY A 141 -20.38 -30.99 -1.26
CA GLY A 141 -20.39 -30.68 -2.67
C GLY A 141 -19.93 -29.28 -3.00
N TRP A 142 -20.25 -28.82 -4.19
CA TRP A 142 -19.65 -27.62 -4.77
C TRP A 142 -20.12 -26.47 -3.89
N ALA A 143 -19.41 -25.35 -3.89
CA ALA A 143 -19.73 -24.25 -2.97
C ALA A 143 -19.04 -22.93 -3.36
N SER A 144 -19.83 -21.84 -3.46
CA SER A 144 -19.29 -20.55 -3.96
C SER A 144 -19.75 -19.27 -3.24
N GLY A 145 -19.66 -19.29 -1.90
CA GLY A 145 -19.84 -18.07 -1.11
C GLY A 145 -18.72 -17.04 -1.22
N GLY A 146 -18.61 -16.11 -0.26
CA GLY A 146 -19.53 -15.92 0.84
C GLY A 146 -19.02 -14.74 1.63
N TYR A 147 -19.79 -14.34 2.64
CA TYR A 147 -19.58 -13.06 3.29
C TYR A 147 -20.02 -13.11 4.75
N ILE A 148 -19.04 -12.83 5.63
CA ILE A 148 -19.25 -12.67 7.06
C ILE A 148 -18.68 -11.32 7.50
N ALA A 149 -19.47 -10.56 8.23
CA ALA A 149 -19.03 -9.28 8.80
C ALA A 149 -19.54 -9.08 10.20
N ASP A 150 -18.70 -8.44 11.00
CA ASP A 150 -19.07 -7.97 12.34
C ASP A 150 -19.61 -9.09 13.22
N SER A 151 -18.99 -10.27 13.09
CA SER A 151 -19.45 -11.47 13.80
C SER A 151 -18.37 -12.07 14.71
N LYS A 152 -18.82 -12.76 15.76
CA LYS A 152 -17.89 -13.52 16.62
C LYS A 152 -18.28 -15.00 16.54
N ILE A 153 -17.37 -15.81 16.05
CA ILE A 153 -17.56 -17.24 16.07
C ILE A 153 -16.61 -17.76 17.13
N ASP A 154 -17.16 -18.29 18.22
CA ASP A 154 -16.31 -18.65 19.34
C ASP A 154 -15.47 -19.91 19.02
N GLY A 155 -15.95 -20.73 18.09
CA GLY A 155 -15.26 -21.94 17.68
C GLY A 155 -14.62 -21.78 16.30
N GLU A 156 -14.37 -22.91 15.65
CA GLU A 156 -13.68 -22.94 14.37
C GLU A 156 -14.66 -22.64 13.28
N VAL A 157 -14.23 -21.84 12.32
CA VAL A 157 -14.97 -21.73 11.07
C VAL A 157 -14.42 -22.77 10.12
N GLY A 158 -15.31 -23.63 9.61
CA GLY A 158 -14.99 -24.69 8.67
C GLY A 158 -15.50 -24.38 7.27
N PRO A 159 -14.59 -24.03 6.34
CA PRO A 159 -15.00 -23.85 4.94
C PRO A 159 -15.22 -25.16 4.19
N TYR A 160 -14.35 -26.14 4.44
CA TYR A 160 -14.27 -27.36 3.64
C TYR A 160 -14.22 -27.07 2.12
N SER A 161 -15.25 -27.41 1.35
CA SER A 161 -15.19 -27.23 -0.09
C SER A 161 -15.68 -25.88 -0.64
N GLN A 162 -15.85 -24.88 0.22
CA GLN A 162 -16.13 -23.53 -0.29
C GLN A 162 -14.95 -23.00 -1.15
N GLN A 163 -15.22 -22.50 -2.36
CA GLN A 163 -14.10 -22.06 -3.21
C GLN A 163 -13.38 -20.84 -2.65
N GLN A 164 -14.17 -19.89 -2.16
CA GLN A 164 -13.63 -18.58 -1.79
C GLN A 164 -14.50 -18.05 -0.65
N TRP A 165 -14.02 -17.01 0.04
CA TRP A 165 -14.76 -16.46 1.15
C TRP A 165 -14.13 -15.14 1.57
N TYR A 166 -14.98 -14.20 1.99
CA TYR A 166 -14.51 -12.95 2.59
C TYR A 166 -15.05 -12.77 4.00
N THR A 167 -14.17 -12.46 4.95
CA THR A 167 -14.59 -12.16 6.32
C THR A 167 -14.00 -10.81 6.72
N ARG A 168 -14.81 -9.92 7.27
CA ARG A 168 -14.25 -8.69 7.82
C ARG A 168 -14.72 -8.36 9.22
N ASP A 169 -13.84 -7.67 9.93
CA ASP A 169 -14.15 -7.02 11.21
C ASP A 169 -14.91 -7.94 12.14
N SER A 170 -14.28 -9.06 12.42
CA SER A 170 -14.86 -10.17 13.15
C SER A 170 -13.81 -10.80 14.07
N SER A 171 -14.26 -11.78 14.84
CA SER A 171 -13.38 -12.62 15.67
C SER A 171 -13.75 -14.10 15.44
N VAL A 172 -12.75 -14.95 15.15
CA VAL A 172 -12.99 -16.39 15.00
C VAL A 172 -12.07 -17.19 15.94
N GLY A 173 -12.61 -18.27 16.48
CA GLY A 173 -11.87 -19.15 17.36
C GLY A 173 -10.98 -20.12 16.60
N GLY A 174 -11.03 -20.02 15.28
CA GLY A 174 -10.33 -20.95 14.40
C GLY A 174 -10.75 -20.79 12.94
N TRP A 175 -9.81 -21.09 12.05
CA TRP A 175 -10.08 -21.15 10.61
C TRP A 175 -9.31 -22.35 10.12
N GLY A 176 -10.00 -23.26 9.41
CA GLY A 176 -9.49 -24.61 9.18
C GLY A 176 -8.84 -24.88 7.82
N ASN A 177 -9.27 -24.18 6.78
CA ASN A 177 -8.80 -24.53 5.44
C ASN A 177 -9.09 -23.43 4.43
N GLY A 178 -8.34 -23.49 3.31
CA GLY A 178 -8.61 -22.63 2.17
C GLY A 178 -8.52 -23.37 0.82
N VAL A 179 -9.42 -23.00 -0.10
CA VAL A 179 -9.46 -23.58 -1.45
C VAL A 179 -8.82 -22.67 -2.52
N TRP A 180 -9.53 -21.67 -3.01
CA TRP A 180 -8.96 -20.76 -4.01
C TRP A 180 -8.63 -19.39 -3.46
N ASN A 181 -9.46 -18.86 -2.56
CA ASN A 181 -9.25 -17.48 -2.12
C ASN A 181 -10.01 -17.16 -0.85
N MET A 182 -9.35 -17.32 0.28
CA MET A 182 -9.94 -16.93 1.57
C MET A 182 -9.29 -15.61 1.97
N THR A 183 -10.09 -14.55 2.05
CA THR A 183 -9.58 -13.22 2.36
C THR A 183 -10.20 -12.71 3.68
N PHE A 184 -9.36 -12.00 4.44
CA PHE A 184 -9.71 -11.53 5.76
C PHE A 184 -9.20 -10.11 5.91
N SER A 185 -10.05 -9.22 6.44
CA SER A 185 -9.57 -7.92 6.85
C SER A 185 -10.16 -7.59 8.22
N GLY A 186 -9.29 -7.24 9.14
CA GLY A 186 -9.72 -6.92 10.50
C GLY A 186 -10.31 -8.08 11.28
N VAL A 187 -9.83 -9.28 11.03
CA VAL A 187 -10.36 -10.46 11.69
C VAL A 187 -9.44 -10.96 12.80
N GLU A 188 -9.88 -10.70 14.04
CA GLU A 188 -9.20 -11.25 15.22
C GLU A 188 -9.26 -12.76 15.13
N GLY A 189 -8.10 -13.42 15.07
CA GLY A 189 -8.05 -14.87 14.94
C GLY A 189 -7.92 -15.45 13.54
N ALA A 190 -7.84 -14.62 12.50
CA ALA A 190 -7.65 -15.18 11.16
C ALA A 190 -6.26 -15.80 11.04
N PRO A 191 -6.09 -16.74 10.09
CA PRO A 191 -4.72 -17.21 9.85
C PRO A 191 -3.89 -16.10 9.31
N ALA A 192 -2.57 -16.21 9.42
CA ALA A 192 -1.73 -15.14 8.94
C ALA A 192 -1.92 -15.03 7.42
N GLN A 193 -1.19 -14.11 6.81
CA GLN A 193 -1.07 -14.03 5.36
C GLN A 193 -0.22 -15.21 4.88
N SER A 194 -0.74 -16.00 3.92
CA SER A 194 -0.18 -17.33 3.53
C SER A 194 0.18 -17.37 2.05
N PHE A 195 -0.57 -16.61 1.26
CA PHE A 195 -0.80 -16.91 -0.15
C PHE A 195 0.55 -17.16 -0.86
N PRO A 196 0.62 -18.21 -1.72
CA PRO A 196 -0.50 -19.02 -2.21
C PRO A 196 -0.68 -20.39 -1.57
N GLU A 197 -0.19 -20.65 -0.35
CA GLU A 197 -0.33 -21.98 0.26
C GLU A 197 -0.33 -21.85 1.78
N PRO A 198 -1.50 -21.98 2.40
CA PRO A 198 -2.80 -22.05 1.72
C PRO A 198 -3.11 -20.68 1.14
N PRO A 199 -4.23 -20.52 0.45
CA PRO A 199 -4.46 -19.24 -0.25
C PRO A 199 -5.19 -18.22 0.66
N TYR A 200 -4.49 -17.78 1.71
CA TYR A 200 -5.00 -16.78 2.64
C TYR A 200 -4.40 -15.43 2.40
N THR A 201 -5.29 -14.47 2.19
CA THR A 201 -4.98 -13.07 2.07
C THR A 201 -5.50 -12.40 3.34
N THR A 202 -4.57 -11.94 4.17
CA THR A 202 -4.91 -11.46 5.52
C THR A 202 -4.41 -10.04 5.78
N LEU A 203 -5.35 -9.14 6.03
CA LEU A 203 -5.08 -7.74 6.34
C LEU A 203 -5.45 -7.43 7.79
N GLU A 204 -4.54 -6.73 8.49
CA GLU A 204 -4.65 -6.41 9.93
C GLU A 204 -5.98 -5.70 10.21
N THR A 205 -6.29 -4.69 9.39
CA THR A 205 -7.47 -3.82 9.62
C THR A 205 -8.20 -3.59 8.30
N THR A 206 -9.44 -3.11 8.39
CA THR A 206 -10.24 -2.76 7.23
C THR A 206 -10.26 -1.24 7.04
N PRO A 207 -9.71 -0.75 5.91
CA PRO A 207 -9.50 0.71 5.81
C PRO A 207 -10.65 1.60 6.30
N VAL A 208 -11.86 1.23 5.95
CA VAL A 208 -13.02 1.85 6.62
C VAL A 208 -14.21 0.97 6.44
N SER A 209 -15.01 0.90 7.49
CA SER A 209 -16.26 0.19 7.41
C SER A 209 -17.31 0.91 8.20
N ARG A 210 -18.55 0.57 7.94
CA ARG A 210 -19.64 1.16 8.66
C ARG A 210 -20.72 0.11 8.61
N GLU A 211 -21.09 -0.41 9.77
CA GLU A 211 -21.93 -1.61 9.77
C GLU A 211 -23.34 -1.28 9.28
N LYS A 212 -24.00 -2.28 8.72
CA LYS A 212 -25.28 -2.12 8.06
C LYS A 212 -26.36 -1.72 9.07
N PRO A 213 -27.22 -0.75 8.71
CA PRO A 213 -28.31 -0.42 9.65
C PRO A 213 -29.27 -1.58 9.84
N PHE A 214 -29.88 -1.63 11.02
CA PHE A 214 -30.79 -2.70 11.35
C PHE A 214 -31.87 -2.24 12.31
N LEU A 215 -33.01 -2.91 12.18
CA LEU A 215 -34.19 -2.63 12.95
C LEU A 215 -34.07 -3.36 14.29
N TYR A 216 -34.20 -2.62 15.40
CA TYR A 216 -34.17 -3.21 16.75
C TYR A 216 -35.32 -2.68 17.60
N LEU A 217 -35.44 -3.27 18.79
CA LEU A 217 -36.52 -2.97 19.74
C LEU A 217 -35.85 -2.24 20.91
N ASP A 218 -36.33 -1.04 21.26
CA ASP A 218 -35.70 -0.27 22.37
C ASP A 218 -36.73 -0.14 23.48
N GLY A 219 -36.86 -1.19 24.31
CA GLY A 219 -38.12 -1.37 25.04
C GLY A 219 -39.15 -1.68 23.97
N ASP A 220 -40.44 -1.41 24.22
CA ASP A 220 -41.50 -1.54 23.20
C ASP A 220 -41.11 -0.90 21.88
N ASP A 221 -40.13 -0.01 21.90
CA ASP A 221 -40.11 1.03 20.88
C ASP A 221 -39.11 0.76 19.74
N TYR A 222 -39.67 0.68 18.52
CA TYR A 222 -38.95 0.39 17.28
C TYR A 222 -38.11 1.53 16.74
N LYS A 223 -36.85 1.22 16.52
CA LYS A 223 -35.95 2.17 15.94
C LYS A 223 -35.04 1.44 14.97
N VAL A 224 -34.30 2.21 14.20
CA VAL A 224 -33.37 1.65 13.23
C VAL A 224 -32.06 2.15 13.74
N PHE A 225 -31.20 1.20 14.10
CA PHE A 225 -29.86 1.56 14.52
C PHE A 225 -29.00 1.79 13.29
N VAL A 226 -28.29 2.92 13.32
CA VAL A 226 -27.57 3.42 12.18
C VAL A 226 -26.12 3.55 12.68
N PRO A 227 -25.34 2.45 12.61
CA PRO A 227 -23.93 2.48 13.08
C PRO A 227 -23.06 3.61 12.56
N ALA A 228 -22.32 4.23 13.49
CA ALA A 228 -21.21 5.11 13.19
C ALA A 228 -20.08 4.34 12.55
N LYS A 229 -19.54 4.83 11.43
CA LYS A 229 -18.40 4.17 10.80
C LYS A 229 -17.18 3.99 11.69
N ARG A 230 -16.26 3.18 11.14
CA ARG A 230 -15.08 2.75 11.85
C ARG A 230 -13.92 2.91 10.89
N THR A 231 -12.86 3.62 11.32
CA THR A 231 -11.65 3.74 10.52
C THR A 231 -10.57 2.77 11.04
N ASN A 232 -9.87 2.07 10.13
CA ASN A 232 -8.95 1.02 10.50
C ASN A 232 -9.66 0.04 11.47
N ALA A 233 -10.96 -0.21 11.21
CA ALA A 233 -11.70 -1.27 11.89
C ALA A 233 -10.94 -2.59 12.03
N ARG A 234 -11.19 -3.26 13.16
CA ARG A 234 -10.77 -4.64 13.43
C ARG A 234 -11.70 -5.17 14.48
N GLY A 235 -11.92 -6.48 14.54
CA GLY A 235 -12.83 -7.07 15.50
C GLY A 235 -14.28 -6.56 15.39
N THR A 236 -15.16 -7.02 16.29
CA THR A 236 -16.57 -6.66 16.22
C THR A 236 -16.88 -5.28 16.82
N SER A 237 -17.93 -4.64 16.31
CA SER A 237 -18.41 -3.35 16.82
C SER A 237 -19.21 -3.46 18.13
N TRP A 238 -19.49 -4.69 18.54
CA TRP A 238 -20.52 -4.97 19.51
C TRP A 238 -20.09 -5.85 20.68
N GLY A 239 -18.85 -6.32 20.73
CA GLY A 239 -18.50 -7.19 21.86
C GLY A 239 -18.88 -6.64 23.25
N ASN A 240 -19.12 -5.33 23.32
CA ASN A 240 -19.43 -4.63 24.56
C ASN A 240 -20.77 -3.90 24.32
N GLY A 241 -21.76 -4.69 23.90
CA GLY A 241 -22.97 -4.18 23.27
C GLY A 241 -22.72 -3.04 22.29
N THR A 242 -23.05 -1.82 22.72
CA THR A 242 -22.92 -0.54 21.97
C THR A 242 -21.76 -0.29 20.95
N PRO A 243 -22.11 -0.17 19.68
CA PRO A 243 -21.16 0.60 18.88
C PRO A 243 -21.69 1.99 18.67
N GLU A 244 -20.82 2.93 18.35
CA GLU A 244 -21.17 4.33 18.29
C GLU A 244 -22.29 4.29 17.22
N GLY A 245 -23.31 5.16 17.30
CA GLY A 245 -24.41 5.15 16.32
C GLY A 245 -25.70 5.90 16.68
N GLU A 246 -26.59 5.98 15.68
CA GLU A 246 -27.82 6.81 15.77
C GLU A 246 -28.99 5.89 15.71
N SER A 247 -30.04 6.20 16.46
CA SER A 247 -31.18 5.29 16.47
C SER A 247 -32.49 6.01 16.16
N LEU A 248 -32.97 5.75 14.95
CA LEU A 248 -34.05 6.49 14.31
C LEU A 248 -35.39 5.81 14.56
N PRO A 249 -36.37 6.54 15.10
CA PRO A 249 -37.71 5.96 15.25
C PRO A 249 -38.30 5.52 13.89
N LEU A 250 -39.01 4.40 13.88
CA LEU A 250 -39.69 3.95 12.67
C LEU A 250 -40.64 5.02 12.10
N ASP A 251 -41.21 5.88 12.93
CA ASP A 251 -42.13 6.89 12.41
C ASP A 251 -41.40 8.04 11.69
N GLN A 252 -40.08 7.96 11.60
CA GLN A 252 -39.30 8.82 10.70
C GLN A 252 -38.90 8.02 9.42
N PHE A 253 -39.54 6.86 9.20
CA PHE A 253 -39.32 6.05 7.99
C PHE A 253 -40.61 5.96 7.21
N TYR A 254 -40.60 6.19 5.89
CA TYR A 254 -41.76 5.76 5.10
C TYR A 254 -41.66 4.25 4.93
N VAL A 255 -42.74 3.55 5.31
CA VAL A 255 -42.79 2.10 5.28
C VAL A 255 -43.39 1.68 3.94
N VAL A 256 -42.53 1.10 3.14
CA VAL A 256 -42.72 0.90 1.73
C VAL A 256 -43.34 -0.50 1.53
N LYS A 257 -44.48 -0.51 0.83
CA LYS A 257 -45.55 -1.49 0.90
C LYS A 257 -45.95 -1.97 -0.51
N PRO A 258 -46.43 -3.24 -0.63
CA PRO A 258 -46.97 -3.56 -1.95
C PRO A 258 -48.07 -2.59 -2.35
N GLY A 259 -47.97 -2.19 -3.62
CA GLY A 259 -48.70 -1.06 -4.14
C GLY A 259 -47.81 0.06 -4.64
N ALA A 260 -46.95 0.61 -3.77
CA ALA A 260 -46.20 1.89 -3.98
C ALA A 260 -45.50 2.21 -5.33
N THR A 261 -45.83 3.34 -5.96
CA THR A 261 -45.13 3.78 -7.20
C THR A 261 -43.90 4.63 -6.81
N ALA A 262 -43.00 4.93 -7.76
CA ALA A 262 -41.82 5.75 -7.41
C ALA A 262 -42.12 7.20 -7.02
N GLU A 263 -43.18 7.80 -7.58
CA GLU A 263 -43.51 9.20 -7.26
C GLU A 263 -43.69 9.35 -5.75
N THR A 264 -44.47 8.46 -5.16
CA THR A 264 -44.64 8.41 -3.71
C THR A 264 -43.35 8.21 -2.92
N ILE A 265 -42.56 7.23 -3.32
CA ILE A 265 -41.33 6.94 -2.62
C ILE A 265 -40.45 8.18 -2.59
N ASN A 266 -40.36 8.86 -3.73
CA ASN A 266 -39.46 10.02 -3.87
C ASN A 266 -39.86 11.25 -3.07
N ALA A 267 -41.16 11.51 -3.00
CA ALA A 267 -41.68 12.60 -2.17
C ALA A 267 -41.40 12.33 -0.71
N ALA A 268 -41.53 11.06 -0.29
CA ALA A 268 -41.15 10.71 1.10
C ALA A 268 -39.74 11.19 1.46
N VAL A 269 -38.78 10.92 0.60
CA VAL A 269 -37.41 11.33 0.89
C VAL A 269 -37.34 12.85 0.83
N ASP A 270 -38.06 13.40 -0.13
CA ASP A 270 -38.13 14.83 -0.27
C ASP A 270 -38.88 15.45 0.90
N GLN A 271 -39.84 14.70 1.43
CA GLN A 271 -40.52 15.05 2.68
C GLN A 271 -39.59 15.14 3.87
N GLY A 272 -38.55 14.30 3.88
CA GLY A 272 -37.58 14.26 4.97
C GLY A 272 -37.50 12.90 5.62
N LEU A 273 -38.26 11.97 5.06
CA LEU A 273 -38.29 10.61 5.61
C LEU A 273 -37.25 9.65 5.04
N HIS A 274 -36.91 8.64 5.84
CA HIS A 274 -36.09 7.52 5.42
C HIS A 274 -36.99 6.46 4.76
N LEU A 275 -36.39 5.41 4.23
CA LEU A 275 -37.15 4.37 3.54
C LEU A 275 -36.92 3.01 4.16
N LEU A 276 -38.01 2.30 4.42
CA LEU A 276 -37.88 0.91 4.86
C LEU A 276 -38.72 0.10 3.90
N PHE A 277 -38.07 -0.68 3.05
CA PHE A 277 -38.78 -1.51 2.10
C PHE A 277 -39.10 -2.84 2.73
N THR A 278 -40.38 -3.07 2.96
CA THR A 278 -40.83 -4.35 3.49
C THR A 278 -40.74 -5.41 2.38
N PRO A 279 -40.78 -6.69 2.76
CA PRO A 279 -40.48 -7.72 1.76
C PRO A 279 -41.52 -7.80 0.68
N GLY A 280 -41.04 -7.74 -0.56
CA GLY A 280 -41.90 -7.82 -1.71
C GLY A 280 -41.16 -7.36 -2.95
N VAL A 281 -41.90 -7.25 -4.05
CA VAL A 281 -41.33 -6.84 -5.33
C VAL A 281 -42.02 -5.60 -5.83
N TYR A 282 -41.21 -4.59 -6.10
CA TYR A 282 -41.66 -3.26 -6.44
C TYR A 282 -41.27 -2.82 -7.87
N HIS A 283 -42.30 -2.48 -8.63
CA HIS A 283 -42.22 -1.86 -9.95
C HIS A 283 -42.09 -0.34 -9.88
N VAL A 284 -41.14 0.23 -10.60
CA VAL A 284 -40.92 1.66 -10.53
C VAL A 284 -40.65 2.26 -11.93
N ASP A 285 -41.50 3.23 -12.29
CA ASP A 285 -41.52 3.83 -13.65
C ASP A 285 -40.63 5.08 -13.82
N GLN A 286 -39.85 5.40 -12.81
CA GLN A 286 -38.87 6.46 -12.86
C GLN A 286 -37.90 6.01 -11.84
N PRO A 287 -36.72 6.65 -11.77
CA PRO A 287 -35.90 6.11 -10.71
C PRO A 287 -36.49 6.51 -9.39
N ILE A 288 -36.15 5.72 -8.40
CA ILE A 288 -36.23 6.18 -7.04
C ILE A 288 -35.08 7.17 -6.92
N GLU A 289 -35.30 8.32 -6.32
CA GLU A 289 -34.27 9.36 -6.27
C GLU A 289 -34.00 9.74 -4.82
N ILE A 290 -32.76 9.50 -4.39
CA ILE A 290 -32.33 9.68 -3.01
C ILE A 290 -31.26 10.76 -3.02
N ASP A 291 -31.71 12.00 -2.85
CA ASP A 291 -30.85 13.16 -3.05
C ASP A 291 -30.96 14.08 -1.82
N ARG A 292 -31.18 13.40 -0.70
CA ARG A 292 -31.31 14.02 0.60
C ARG A 292 -30.26 13.37 1.50
N ALA A 293 -29.46 14.18 2.17
CA ALA A 293 -28.27 13.66 2.83
C ALA A 293 -28.66 12.77 4.02
N ASN A 294 -27.85 11.75 4.28
CA ASN A 294 -28.01 10.89 5.46
C ASN A 294 -29.22 9.90 5.41
N THR A 295 -29.90 9.87 4.27
CA THR A 295 -31.06 8.98 4.08
C THR A 295 -30.65 7.52 4.18
N VAL A 296 -31.42 6.78 4.99
CA VAL A 296 -31.33 5.35 5.06
C VAL A 296 -32.41 4.73 4.20
N ALA A 297 -32.01 3.78 3.36
CA ALA A 297 -32.97 3.02 2.56
C ALA A 297 -32.66 1.57 2.84
N LEU A 298 -33.47 0.96 3.70
CA LEU A 298 -33.18 -0.36 4.26
C LEU A 298 -34.23 -1.35 3.77
N GLY A 299 -33.77 -2.45 3.17
CA GLY A 299 -34.69 -3.49 2.69
C GLY A 299 -34.76 -4.64 3.67
N LEU A 300 -35.94 -5.23 3.74
CA LEU A 300 -36.20 -6.43 4.52
C LEU A 300 -36.60 -7.56 3.59
N GLY A 301 -36.19 -8.78 3.93
CA GLY A 301 -36.62 -9.98 3.21
C GLY A 301 -36.35 -9.98 1.71
N LEU A 302 -35.16 -9.47 1.32
CA LEU A 302 -34.74 -9.43 -0.08
C LEU A 302 -35.73 -8.63 -0.96
N ALA A 303 -36.28 -7.58 -0.36
CA ALA A 303 -37.05 -6.60 -1.09
C ALA A 303 -36.32 -6.24 -2.38
N THR A 304 -37.12 -6.24 -3.44
CA THR A 304 -36.65 -6.21 -4.80
C THR A 304 -37.29 -5.07 -5.55
N ILE A 305 -36.46 -4.34 -6.30
CA ILE A 305 -36.94 -3.28 -7.19
C ILE A 305 -36.71 -3.72 -8.64
N ILE A 306 -37.76 -3.65 -9.46
CA ILE A 306 -37.66 -3.85 -10.91
C ILE A 306 -38.00 -2.56 -11.65
N PRO A 307 -37.05 -2.01 -12.43
CA PRO A 307 -37.39 -0.81 -13.19
C PRO A 307 -38.15 -1.17 -14.45
N ASP A 308 -39.23 -0.41 -14.69
CA ASP A 308 -39.93 -0.50 -15.96
C ASP A 308 -39.31 0.46 -16.95
N ASN A 309 -39.70 0.32 -18.21
CA ASN A 309 -39.52 1.40 -19.18
C ASN A 309 -38.08 1.77 -19.50
N GLY A 310 -37.13 0.98 -19.02
CA GLY A 310 -35.74 1.18 -19.33
C GLY A 310 -35.08 2.20 -18.42
N VAL A 311 -35.74 2.56 -17.31
CA VAL A 311 -35.11 3.52 -16.41
C VAL A 311 -34.12 2.86 -15.46
N THR A 312 -33.30 3.71 -14.86
CA THR A 312 -32.47 3.36 -13.75
C THR A 312 -33.40 3.11 -12.55
N ALA A 313 -33.13 2.04 -11.81
CA ALA A 313 -33.92 1.68 -10.63
C ALA A 313 -33.70 2.65 -9.47
N LEU A 314 -32.45 3.02 -9.24
CA LEU A 314 -32.11 3.83 -8.09
C LEU A 314 -31.01 4.79 -8.41
N LYS A 315 -31.26 6.03 -8.05
CA LYS A 315 -30.26 7.11 -8.21
C LYS A 315 -30.04 7.80 -6.87
N VAL A 316 -28.79 7.80 -6.41
CA VAL A 316 -28.42 8.50 -5.20
C VAL A 316 -27.74 9.78 -5.66
N GLY A 317 -28.15 10.91 -5.09
CA GLY A 317 -27.50 12.17 -5.39
C GLY A 317 -26.08 12.29 -4.85
N ASP A 318 -25.47 13.43 -5.17
CA ASP A 318 -24.11 13.78 -4.76
C ASP A 318 -24.03 14.24 -3.31
N VAL A 319 -24.67 13.48 -2.43
CA VAL A 319 -24.84 13.89 -1.04
C VAL A 319 -24.12 12.93 -0.07
N ASP A 320 -23.75 13.44 1.09
CA ASP A 320 -23.14 12.64 2.17
C ASP A 320 -24.13 11.61 2.72
N GLY A 321 -23.59 10.48 3.23
CA GLY A 321 -24.25 9.74 4.28
C GLY A 321 -25.40 8.83 3.92
N VAL A 322 -25.68 8.66 2.64
CA VAL A 322 -26.80 7.77 2.26
C VAL A 322 -26.35 6.33 2.50
N LYS A 323 -27.29 5.53 3.03
CA LYS A 323 -26.99 4.16 3.44
C LYS A 323 -28.03 3.28 2.76
N VAL A 324 -27.68 2.72 1.61
CA VAL A 324 -28.56 1.79 0.88
C VAL A 324 -28.20 0.37 1.36
N ALA A 325 -29.20 -0.40 1.77
CA ALA A 325 -28.90 -1.67 2.43
C ALA A 325 -29.98 -2.71 2.13
N GLY A 326 -29.56 -3.90 1.73
CA GLY A 326 -30.44 -5.05 1.68
C GLY A 326 -31.49 -5.08 0.61
N LEU A 327 -31.10 -4.64 -0.59
CA LEU A 327 -31.99 -4.60 -1.76
C LEU A 327 -31.48 -5.44 -2.92
N LEU A 328 -32.42 -6.11 -3.58
CA LEU A 328 -32.20 -6.74 -4.88
C LEU A 328 -32.72 -5.78 -5.95
N VAL A 329 -31.95 -5.56 -7.00
CA VAL A 329 -32.39 -4.75 -8.14
C VAL A 329 -32.34 -5.69 -9.34
N ASP A 330 -33.49 -5.87 -9.97
CA ASP A 330 -33.71 -6.84 -11.03
C ASP A 330 -34.06 -6.13 -12.33
N ALA A 331 -33.26 -6.33 -13.37
CA ALA A 331 -33.60 -5.75 -14.64
C ALA A 331 -34.95 -6.20 -15.15
N GLY A 332 -35.65 -5.23 -15.75
CA GLY A 332 -36.80 -5.53 -16.56
C GLY A 332 -36.36 -5.85 -17.99
N PRO A 333 -37.28 -6.32 -18.82
CA PRO A 333 -36.90 -6.70 -20.19
C PRO A 333 -36.50 -5.53 -21.08
N VAL A 334 -37.02 -4.33 -20.87
CA VAL A 334 -36.52 -3.17 -21.59
C VAL A 334 -35.18 -2.78 -20.99
N ASN A 335 -34.16 -2.76 -21.85
CA ASN A 335 -32.82 -2.43 -21.40
C ASN A 335 -32.75 -1.08 -20.68
N SER A 336 -32.13 -1.07 -19.49
CA SER A 336 -31.80 0.18 -18.79
C SER A 336 -30.33 0.57 -19.01
N GLU A 337 -30.02 1.85 -19.24
CA GLU A 337 -28.64 2.34 -19.38
C GLU A 337 -27.83 2.09 -18.11
N THR A 338 -28.45 2.39 -16.98
CA THR A 338 -27.91 1.97 -15.70
C THR A 338 -29.01 1.38 -14.84
N LEU A 339 -28.64 0.57 -13.86
CA LEU A 339 -29.62 0.13 -12.87
C LEU A 339 -29.53 0.90 -11.53
N VAL A 340 -28.30 1.20 -11.11
CA VAL A 340 -28.04 1.93 -9.88
C VAL A 340 -26.99 2.95 -10.23
N GLU A 341 -27.27 4.22 -9.93
CA GLU A 341 -26.25 5.28 -9.99
C GLU A 341 -26.03 5.90 -8.62
N VAL A 342 -24.75 6.06 -8.27
CA VAL A 342 -24.36 6.71 -7.03
C VAL A 342 -23.60 7.96 -7.37
N GLY A 343 -24.28 9.10 -7.24
CA GLY A 343 -23.73 10.40 -7.58
C GLY A 343 -23.87 10.65 -9.07
N SER A 344 -23.76 11.90 -9.46
CA SER A 344 -24.00 12.22 -10.86
C SER A 344 -22.73 12.07 -11.68
N ASP A 345 -22.90 11.71 -12.95
CA ASP A 345 -21.74 11.55 -13.78
C ASP A 345 -20.94 12.86 -13.85
N GLY A 346 -19.65 12.74 -13.58
CA GLY A 346 -18.82 13.91 -13.39
C GLY A 346 -18.82 14.41 -11.96
N ALA A 347 -19.89 14.16 -11.17
CA ALA A 347 -20.04 14.99 -9.95
C ALA A 347 -18.87 14.82 -9.01
N SER A 348 -18.29 15.92 -8.56
CA SER A 348 -16.87 15.90 -8.15
C SER A 348 -16.35 16.42 -6.78
N GLY A 349 -17.21 16.52 -5.77
CA GLY A 349 -16.76 16.81 -4.40
C GLY A 349 -16.68 15.59 -3.50
N ASP A 350 -16.34 15.82 -2.24
CA ASP A 350 -16.04 14.71 -1.33
C ASP A 350 -17.18 14.27 -0.43
N HIS A 351 -16.95 13.13 0.23
CA HIS A 351 -17.81 12.68 1.29
C HIS A 351 -16.97 11.88 2.31
N ALA A 352 -15.78 12.38 2.67
CA ALA A 352 -14.81 11.58 3.43
C ALA A 352 -15.22 11.23 4.85
N ALA A 353 -15.69 12.22 5.60
CA ALA A 353 -16.09 11.94 6.99
C ALA A 353 -17.37 11.10 6.99
N ASN A 354 -18.34 11.50 6.17
CA ASN A 354 -19.64 10.81 6.11
C ASN A 354 -19.98 10.29 4.68
N PRO A 355 -19.35 9.19 4.26
CA PRO A 355 -19.51 8.65 2.91
C PRO A 355 -20.88 8.00 2.70
N THR A 356 -21.29 7.88 1.45
CA THR A 356 -22.46 7.05 1.08
C THR A 356 -22.01 5.60 0.91
N SER A 357 -22.89 4.64 1.26
CA SER A 357 -22.54 3.23 1.15
C SER A 357 -23.67 2.44 0.47
N LEU A 358 -23.27 1.38 -0.23
CA LEU A 358 -24.18 0.33 -0.69
C LEU A 358 -23.78 -0.94 0.07
N GLN A 359 -24.73 -1.53 0.81
CA GLN A 359 -24.46 -2.80 1.50
C GLN A 359 -25.51 -3.84 1.21
N ASP A 360 -25.07 -5.05 0.92
CA ASP A 360 -26.03 -6.10 0.54
C ASP A 360 -27.00 -5.57 -0.52
N VAL A 361 -26.41 -4.96 -1.53
CA VAL A 361 -27.14 -4.57 -2.72
C VAL A 361 -26.76 -5.59 -3.80
N PHE A 362 -27.78 -6.27 -4.31
CA PHE A 362 -27.55 -7.34 -5.28
C PHE A 362 -28.28 -6.95 -6.56
N VAL A 363 -27.67 -7.22 -7.69
CA VAL A 363 -28.28 -6.95 -9.01
C VAL A 363 -28.38 -8.26 -9.76
N ARG A 364 -29.52 -8.49 -10.40
CA ARG A 364 -29.69 -9.66 -11.30
C ARG A 364 -30.17 -9.17 -12.67
N ILE A 365 -29.58 -9.73 -13.72
CA ILE A 365 -30.04 -9.46 -15.08
C ILE A 365 -30.41 -10.78 -15.75
N GLY A 366 -31.72 -11.01 -15.89
CA GLY A 366 -32.25 -12.25 -16.41
C GLY A 366 -32.45 -13.30 -15.33
N GLY A 367 -32.97 -14.48 -15.72
CA GLY A 367 -33.08 -15.60 -14.79
C GLY A 367 -34.50 -15.82 -14.26
N ALA A 368 -34.98 -14.80 -13.57
CA ALA A 368 -36.39 -14.60 -13.40
C ALA A 368 -36.57 -13.73 -14.61
N GLY A 369 -37.02 -14.37 -15.67
CA GLY A 369 -37.53 -13.69 -16.83
C GLY A 369 -36.66 -12.66 -17.49
N PRO A 370 -37.29 -11.97 -18.42
CA PRO A 370 -36.43 -11.24 -19.34
C PRO A 370 -35.83 -9.98 -18.77
N GLY A 371 -34.54 -9.81 -18.95
CA GLY A 371 -33.87 -8.65 -18.40
C GLY A 371 -32.57 -8.26 -19.07
N LYS A 372 -32.39 -6.94 -19.19
CA LYS A 372 -31.25 -6.35 -19.88
C LYS A 372 -30.85 -5.01 -19.25
N ALA A 373 -29.56 -4.77 -19.19
CA ALA A 373 -29.05 -3.46 -18.77
C ALA A 373 -27.63 -3.26 -19.27
N THR A 374 -27.30 -2.04 -19.68
CA THR A 374 -25.96 -1.79 -20.25
C THR A 374 -24.84 -1.78 -19.20
N THR A 375 -24.98 -0.93 -18.18
CA THR A 375 -24.07 -0.89 -17.02
C THR A 375 -24.90 -1.01 -15.75
N SER A 376 -24.66 -2.00 -14.91
CA SER A 376 -25.50 -2.23 -13.76
C SER A 376 -25.36 -1.20 -12.61
N ILE A 377 -24.13 -1.01 -12.15
CA ILE A 377 -23.85 -0.04 -11.09
C ILE A 377 -22.74 0.89 -11.50
N VAL A 378 -23.06 2.19 -11.45
CA VAL A 378 -22.07 3.22 -11.69
C VAL A 378 -21.87 4.01 -10.39
N VAL A 379 -20.61 4.13 -9.97
CA VAL A 379 -20.27 4.85 -8.74
C VAL A 379 -19.49 6.10 -9.09
N ASN A 380 -20.21 7.21 -9.10
CA ASN A 380 -19.63 8.51 -9.36
C ASN A 380 -19.17 9.23 -8.09
N SER A 381 -19.82 9.02 -6.96
CA SER A 381 -19.42 9.78 -5.76
C SER A 381 -18.10 9.37 -5.13
N ASN A 382 -17.22 10.35 -4.92
CA ASN A 382 -15.99 10.09 -4.19
C ASN A 382 -16.31 9.49 -2.81
N ASP A 383 -15.41 8.63 -2.35
CA ASP A 383 -15.37 8.13 -0.99
C ASP A 383 -16.50 7.14 -0.66
N THR A 384 -17.19 6.66 -1.68
CA THR A 384 -18.25 5.66 -1.50
C THR A 384 -17.68 4.31 -1.02
N ILE A 385 -18.45 3.64 -0.17
CA ILE A 385 -18.11 2.30 0.29
C ILE A 385 -19.10 1.32 -0.32
N ILE A 386 -18.61 0.29 -1.00
CA ILE A 386 -19.44 -0.79 -1.52
C ILE A 386 -19.06 -1.99 -0.67
N ASP A 387 -19.90 -2.33 0.31
CA ASP A 387 -19.58 -3.35 1.29
C ASP A 387 -20.59 -4.50 1.15
N HIS A 388 -20.16 -5.48 0.35
CA HIS A 388 -20.92 -6.64 -0.10
C HIS A 388 -21.90 -6.29 -1.20
N THR A 389 -21.52 -6.61 -2.43
CA THR A 389 -22.43 -6.56 -3.56
C THR A 389 -22.27 -7.83 -4.42
N TRP A 390 -23.38 -8.29 -5.02
CA TRP A 390 -23.31 -9.37 -6.04
C TRP A 390 -24.03 -8.81 -7.25
N VAL A 391 -23.30 -8.65 -8.33
CA VAL A 391 -23.81 -8.05 -9.57
C VAL A 391 -23.71 -9.19 -10.59
N TRP A 392 -24.86 -9.71 -11.00
CA TRP A 392 -24.93 -11.03 -11.64
C TRP A 392 -25.79 -11.04 -12.89
N ARG A 393 -25.17 -11.24 -14.03
CA ARG A 393 -25.92 -11.55 -15.23
C ARG A 393 -26.21 -13.06 -15.17
N ALA A 394 -27.49 -13.43 -15.29
CA ALA A 394 -27.90 -14.82 -15.04
C ALA A 394 -27.29 -15.81 -16.05
N ASP A 395 -26.91 -17.00 -15.56
CA ASP A 395 -26.37 -18.06 -16.40
C ASP A 395 -27.33 -19.24 -16.53
N HIS A 396 -28.52 -19.10 -15.97
CA HIS A 396 -29.55 -20.10 -16.16
C HIS A 396 -30.86 -19.55 -15.59
N GLY A 397 -31.90 -20.32 -15.83
CA GLY A 397 -33.25 -19.95 -15.48
C GLY A 397 -33.95 -19.63 -16.77
N GLU A 398 -35.03 -18.87 -16.62
CA GLU A 398 -35.91 -18.45 -17.67
C GLU A 398 -35.36 -17.08 -18.14
N GLY A 399 -35.05 -16.97 -19.45
CA GLY A 399 -34.72 -15.68 -20.06
C GLY A 399 -33.25 -15.39 -20.30
N VAL A 400 -32.45 -16.44 -20.34
CA VAL A 400 -31.01 -16.34 -20.49
C VAL A 400 -30.60 -16.52 -21.96
N GLY A 401 -29.66 -15.70 -22.43
CA GLY A 401 -29.20 -15.74 -23.81
C GLY A 401 -28.08 -14.73 -24.00
N TRP A 402 -27.08 -15.06 -24.81
CA TRP A 402 -26.01 -14.09 -25.14
C TRP A 402 -26.61 -12.72 -25.56
N GLU A 403 -27.76 -12.76 -26.22
CA GLU A 403 -28.55 -11.55 -26.52
C GLU A 403 -29.77 -11.37 -25.58
N THR A 404 -30.50 -12.44 -25.33
CA THR A 404 -31.74 -12.33 -24.55
C THR A 404 -31.58 -11.64 -23.16
N ASN A 405 -30.47 -11.92 -22.45
CA ASN A 405 -30.14 -11.15 -21.25
C ASN A 405 -28.73 -10.50 -21.33
N ARG A 406 -28.43 -9.96 -22.50
CA ARG A 406 -27.20 -9.19 -22.68
C ARG A 406 -27.04 -8.10 -21.61
N ALA A 407 -25.84 -8.02 -21.06
CA ALA A 407 -25.53 -6.95 -20.10
C ALA A 407 -24.05 -6.70 -20.24
N ASP A 408 -23.69 -5.57 -20.85
CA ASP A 408 -22.28 -5.39 -21.22
C ASP A 408 -21.34 -5.18 -20.03
N TYR A 409 -21.76 -4.35 -19.08
CA TYR A 409 -20.86 -3.90 -18.01
C TYR A 409 -21.49 -4.06 -16.62
N GLY A 410 -20.70 -4.56 -15.69
CA GLY A 410 -21.21 -4.83 -14.35
C GLY A 410 -21.19 -3.61 -13.45
N VAL A 411 -19.98 -3.26 -13.04
CA VAL A 411 -19.73 -2.14 -12.15
C VAL A 411 -18.71 -1.24 -12.80
N HIS A 412 -18.99 0.07 -12.78
CA HIS A 412 -18.02 1.05 -13.25
C HIS A 412 -17.80 2.10 -12.15
N VAL A 413 -16.59 2.13 -11.62
CA VAL A 413 -16.29 3.06 -10.55
C VAL A 413 -15.53 4.23 -11.14
N LYS A 414 -16.15 5.41 -11.07
CA LYS A 414 -15.48 6.61 -11.55
C LYS A 414 -15.11 7.61 -10.43
N GLY A 415 -15.70 7.45 -9.25
CA GLY A 415 -15.33 8.28 -8.08
C GLY A 415 -13.93 7.97 -7.59
N ASP A 416 -13.37 8.90 -6.82
CA ASP A 416 -12.05 8.75 -6.22
C ASP A 416 -12.16 8.21 -4.78
N ASN A 417 -11.16 7.47 -4.33
CA ASN A 417 -11.10 6.99 -2.93
C ASN A 417 -12.20 5.99 -2.56
N VAL A 418 -12.80 5.38 -3.59
CA VAL A 418 -13.88 4.39 -3.42
C VAL A 418 -13.28 3.08 -2.88
N LEU A 419 -13.98 2.46 -1.93
CA LEU A 419 -13.53 1.22 -1.31
C LEU A 419 -14.59 0.19 -1.61
N ALA A 420 -14.16 -0.95 -2.13
CA ALA A 420 -15.03 -2.12 -2.25
C ALA A 420 -14.53 -3.24 -1.33
N THR A 421 -15.41 -3.74 -0.49
CA THR A 421 -15.13 -4.85 0.43
C THR A 421 -16.16 -5.96 0.20
N GLY A 422 -15.71 -7.08 -0.35
CA GLY A 422 -16.63 -8.14 -0.72
C GLY A 422 -17.33 -7.88 -2.05
N LEU A 423 -16.56 -7.87 -3.13
CA LEU A 423 -17.04 -7.52 -4.48
C LEU A 423 -17.21 -8.81 -5.32
N PHE A 424 -18.46 -9.14 -5.68
CA PHE A 424 -18.76 -10.35 -6.44
C PHE A 424 -19.48 -9.88 -7.74
N VAL A 425 -18.87 -10.06 -8.90
CA VAL A 425 -19.46 -9.60 -10.16
C VAL A 425 -19.21 -10.66 -11.24
N GLU A 426 -20.29 -11.11 -11.90
CA GLU A 426 -20.21 -12.27 -12.79
C GLU A 426 -21.02 -12.14 -14.08
N HIS A 427 -20.38 -12.55 -15.18
CA HIS A 427 -21.04 -13.02 -16.42
C HIS A 427 -21.35 -11.96 -17.49
N PHE A 428 -20.77 -10.76 -17.35
CA PHE A 428 -21.04 -9.67 -18.27
C PHE A 428 -20.43 -9.91 -19.66
N ASN A 429 -21.09 -9.38 -20.69
CA ASN A 429 -20.64 -9.60 -22.07
C ASN A 429 -19.31 -8.88 -22.35
N LYS A 430 -19.06 -7.82 -21.59
CA LYS A 430 -17.83 -7.05 -21.68
C LYS A 430 -17.15 -6.99 -20.30
N TYR A 431 -16.63 -5.81 -19.90
CA TYR A 431 -15.93 -5.77 -18.63
C TYR A 431 -16.87 -5.92 -17.44
N ASP A 432 -16.61 -6.90 -16.58
CA ASP A 432 -17.43 -7.08 -15.42
C ASP A 432 -17.27 -5.86 -14.50
N VAL A 433 -16.01 -5.50 -14.26
CA VAL A 433 -15.69 -4.31 -13.46
C VAL A 433 -14.69 -3.44 -14.18
N GLN A 434 -14.97 -2.13 -14.20
CA GLN A 434 -14.02 -1.13 -14.66
C GLN A 434 -13.85 -0.07 -13.59
N TRP A 435 -12.60 0.37 -13.39
CA TRP A 435 -12.27 1.34 -12.37
C TRP A 435 -11.48 2.44 -13.06
N SER A 436 -12.10 3.62 -13.11
CA SER A 436 -11.49 4.79 -13.74
C SER A 436 -11.13 5.88 -12.73
N GLY A 437 -11.74 5.85 -11.55
CA GLY A 437 -11.38 6.80 -10.52
C GLY A 437 -10.01 6.56 -9.88
N GLU A 438 -9.54 7.56 -9.13
CA GLU A 438 -8.24 7.46 -8.49
C GLU A 438 -8.36 6.87 -7.09
N ASN A 439 -7.28 6.26 -6.65
CA ASN A 439 -7.15 5.75 -5.30
C ASN A 439 -8.35 4.90 -4.93
N GLY A 440 -8.58 3.89 -5.75
CA GLY A 440 -9.60 2.91 -5.49
C GLY A 440 -8.93 1.76 -4.79
N LYS A 441 -9.71 1.07 -3.97
CA LYS A 441 -9.23 -0.16 -3.36
C LYS A 441 -10.32 -1.20 -3.28
N THR A 442 -9.92 -2.44 -3.57
CA THR A 442 -10.81 -3.60 -3.50
C THR A 442 -10.18 -4.64 -2.60
N ILE A 443 -10.95 -5.04 -1.60
CA ILE A 443 -10.57 -6.14 -0.68
C ILE A 443 -11.60 -7.27 -0.93
N PHE A 444 -11.09 -8.31 -1.61
CA PHE A 444 -11.82 -9.49 -2.07
C PHE A 444 -12.64 -9.22 -3.31
N TYR A 445 -12.33 -9.99 -4.35
CA TYR A 445 -13.06 -9.97 -5.62
C TYR A 445 -13.29 -11.41 -6.07
N GLN A 446 -14.52 -11.68 -6.47
CA GLN A 446 -14.87 -12.96 -7.09
C GLN A 446 -15.63 -12.68 -8.39
N ASN A 447 -15.11 -13.23 -9.48
CA ASN A 447 -15.72 -13.11 -10.80
C ASN A 447 -15.79 -14.46 -11.46
N ALA A 448 -16.80 -14.63 -12.31
CA ALA A 448 -16.78 -15.70 -13.33
C ALA A 448 -17.10 -15.00 -14.65
N LYS A 449 -16.47 -15.46 -15.71
CA LYS A 449 -16.68 -14.89 -17.05
C LYS A 449 -17.90 -15.55 -17.69
N ALA A 450 -18.54 -14.84 -18.59
CA ALA A 450 -19.73 -15.33 -19.30
C ALA A 450 -19.48 -16.71 -19.91
N TYR A 451 -20.38 -17.66 -19.60
CA TYR A 451 -20.25 -19.08 -20.09
C TYR A 451 -20.66 -19.20 -21.54
N ASP A 452 -21.44 -18.23 -21.98
CA ASP A 452 -22.16 -18.33 -23.24
C ASP A 452 -21.66 -17.46 -24.40
N ALA A 453 -20.44 -16.90 -24.29
CA ALA A 453 -19.81 -16.28 -25.43
C ALA A 453 -19.78 -17.28 -26.59
N PRO A 454 -20.31 -16.91 -27.75
CA PRO A 454 -20.43 -17.98 -28.76
C PRO A 454 -19.12 -18.40 -29.43
N ASP A 455 -18.21 -17.46 -29.51
CA ASP A 455 -16.97 -17.65 -30.22
C ASP A 455 -16.01 -16.51 -29.94
N GLN A 456 -14.75 -16.71 -30.36
CA GLN A 456 -13.68 -15.77 -30.05
C GLN A 456 -14.00 -14.35 -30.54
N ALA A 457 -14.55 -14.24 -31.74
CA ALA A 457 -14.82 -12.90 -32.32
C ALA A 457 -15.84 -12.13 -31.49
N ALA A 458 -16.84 -12.83 -30.97
CA ALA A 458 -17.90 -12.20 -30.15
C ALA A 458 -17.36 -11.50 -28.89
N ILE A 459 -16.08 -11.67 -28.62
CA ILE A 459 -15.45 -11.11 -27.43
C ILE A 459 -14.12 -10.45 -27.76
N GLN A 460 -13.76 -10.40 -29.03
CA GLN A 460 -12.59 -9.64 -29.47
C GLN A 460 -12.83 -8.21 -29.02
N ASN A 461 -11.78 -7.54 -28.56
CA ASN A 461 -11.94 -6.12 -28.21
C ASN A 461 -10.63 -5.42 -28.36
N GLY A 462 -10.56 -4.74 -29.50
CA GLY A 462 -9.32 -4.19 -29.95
C GLY A 462 -8.42 -5.39 -30.19
N ASP A 463 -7.14 -5.22 -29.85
CA ASP A 463 -6.19 -6.30 -30.08
C ASP A 463 -6.07 -7.12 -28.80
N ILE A 464 -7.23 -7.47 -28.23
CA ILE A 464 -7.35 -8.25 -26.97
C ILE A 464 -8.46 -9.32 -27.03
N LYS A 465 -8.08 -10.59 -26.80
CA LYS A 465 -9.02 -11.68 -26.62
C LYS A 465 -9.77 -11.57 -25.29
N GLY A 466 -11.04 -11.21 -25.38
CA GLY A 466 -11.85 -11.08 -24.20
C GLY A 466 -11.71 -9.77 -23.47
N TYR A 467 -12.66 -9.54 -22.56
CA TYR A 467 -12.67 -8.37 -21.70
C TYR A 467 -12.24 -8.80 -20.30
N ALA A 468 -11.32 -8.05 -19.71
CA ALA A 468 -10.93 -8.33 -18.34
C ALA A 468 -12.13 -8.39 -17.41
N ALA A 469 -12.05 -9.25 -16.41
CA ALA A 469 -13.03 -9.25 -15.34
C ALA A 469 -12.90 -8.00 -14.47
N TYR A 470 -11.70 -7.42 -14.45
CA TYR A 470 -11.45 -6.24 -13.61
C TYR A 470 -10.38 -5.40 -14.31
N LYS A 471 -10.82 -4.25 -14.83
CA LYS A 471 -9.96 -3.37 -15.59
C LYS A 471 -9.81 -2.04 -14.92
N VAL A 472 -8.60 -1.55 -14.89
CA VAL A 472 -8.32 -0.19 -14.41
C VAL A 472 -7.93 0.70 -15.60
N ASP A 473 -8.51 1.90 -15.73
CA ASP A 473 -8.17 2.77 -16.90
C ASP A 473 -6.73 3.10 -16.84
N ASP A 474 -6.14 3.17 -18.02
CA ASP A 474 -4.68 3.24 -18.08
C ASP A 474 -4.08 4.53 -17.53
N SER A 475 -4.89 5.55 -17.43
CA SER A 475 -4.47 6.84 -16.90
C SER A 475 -4.58 6.91 -15.34
N VAL A 476 -5.16 5.89 -14.72
CA VAL A 476 -5.27 5.84 -13.26
C VAL A 476 -3.87 5.80 -12.66
N THR A 477 -3.69 6.54 -11.57
CA THR A 477 -2.38 6.73 -10.98
C THR A 477 -2.15 5.78 -9.79
N THR A 478 -3.12 5.69 -8.88
CA THR A 478 -2.99 4.86 -7.68
C THR A 478 -4.24 3.96 -7.55
N HIS A 479 -4.02 2.72 -7.13
CA HIS A 479 -5.08 1.69 -7.02
C HIS A 479 -4.47 0.52 -6.30
N GLU A 480 -5.27 -0.20 -5.50
CA GLU A 480 -4.77 -1.39 -4.84
C GLU A 480 -5.90 -2.42 -4.66
N GLY A 481 -5.60 -3.65 -5.02
CA GLY A 481 -6.54 -4.75 -4.86
C GLY A 481 -5.89 -5.93 -4.15
N TRP A 482 -6.65 -6.61 -3.30
CA TRP A 482 -6.16 -7.74 -2.55
C TRP A 482 -7.13 -8.92 -2.62
N GLY A 483 -6.61 -10.08 -3.01
CA GLY A 483 -7.39 -11.31 -2.91
C GLY A 483 -8.49 -11.43 -3.96
N MET A 484 -8.08 -11.55 -5.23
CA MET A 484 -8.98 -11.39 -6.35
C MET A 484 -8.89 -12.56 -7.30
N GLY A 485 -10.04 -13.13 -7.66
CA GLY A 485 -10.04 -14.25 -8.58
C GLY A 485 -11.11 -14.18 -9.65
N SER A 486 -10.75 -14.61 -10.87
CA SER A 486 -11.67 -14.71 -12.00
C SER A 486 -11.65 -16.12 -12.53
N TYR A 487 -12.85 -16.67 -12.78
CA TYR A 487 -13.01 -18.05 -13.19
C TYR A 487 -13.71 -18.12 -14.56
N CYS A 488 -13.36 -19.11 -15.37
CA CYS A 488 -14.05 -19.28 -16.67
C CYS A 488 -14.63 -20.67 -16.83
N TYR A 489 -15.62 -20.76 -17.70
CA TYR A 489 -16.32 -22.03 -18.01
C TYR A 489 -17.04 -21.82 -19.31
N PHE A 490 -16.23 -21.67 -20.35
CA PHE A 490 -16.79 -21.38 -21.65
C PHE A 490 -17.42 -22.64 -22.24
N ASN A 491 -18.63 -22.96 -21.76
CA ASN A 491 -19.21 -24.23 -22.07
C ASN A 491 -19.85 -24.27 -23.46
N VAL A 492 -20.31 -23.13 -23.98
CA VAL A 492 -20.80 -23.04 -25.35
C VAL A 492 -19.67 -23.25 -26.36
N ASN A 493 -18.48 -22.72 -26.04
CA ASN A 493 -17.37 -22.81 -26.96
C ASN A 493 -16.06 -22.91 -26.17
N PRO A 494 -15.66 -24.15 -25.81
CA PRO A 494 -14.47 -24.28 -24.97
C PRO A 494 -13.16 -24.08 -25.74
N ASP A 495 -13.26 -23.74 -27.03
CA ASP A 495 -12.10 -23.38 -27.85
C ASP A 495 -11.59 -21.99 -27.46
N ILE A 496 -12.45 -21.24 -26.77
CA ILE A 496 -12.17 -19.83 -26.44
C ILE A 496 -10.98 -19.65 -25.54
N ARG A 497 -10.27 -18.53 -25.79
CA ARG A 497 -9.21 -18.03 -24.95
C ARG A 497 -9.59 -16.66 -24.38
N GLN A 498 -9.43 -16.54 -23.07
CA GLN A 498 -9.56 -15.28 -22.33
C GLN A 498 -8.13 -14.75 -22.04
N GLN A 499 -7.75 -13.57 -22.55
CA GLN A 499 -6.35 -13.14 -22.40
C GLN A 499 -5.94 -13.04 -20.95
N HIS A 500 -6.83 -12.52 -20.11
CA HIS A 500 -6.48 -12.27 -18.71
C HIS A 500 -7.73 -12.02 -17.83
N GLY A 501 -7.58 -12.21 -16.53
CA GLY A 501 -8.62 -11.83 -15.59
C GLY A 501 -8.57 -10.35 -15.25
N PHE A 502 -7.36 -9.79 -15.26
CA PHE A 502 -7.08 -8.46 -14.78
C PHE A 502 -6.29 -7.65 -15.79
N GLN A 503 -6.63 -6.37 -15.91
CA GLN A 503 -5.92 -5.46 -16.80
C GLN A 503 -5.72 -4.09 -16.15
N ALA A 504 -4.46 -3.63 -16.16
CA ALA A 504 -4.09 -2.43 -15.48
C ALA A 504 -2.76 -1.85 -16.00
N PRO A 505 -2.55 -0.54 -15.80
CA PRO A 505 -1.20 0.02 -16.01
C PRO A 505 -0.08 -0.61 -15.17
N VAL A 506 1.14 -0.59 -15.71
CA VAL A 506 2.34 -0.82 -14.92
C VAL A 506 2.77 0.58 -14.48
N LYS A 507 2.48 0.86 -13.21
CA LYS A 507 2.74 2.16 -12.60
C LYS A 507 2.98 1.87 -11.14
N PRO A 508 3.97 2.51 -10.52
CA PRO A 508 4.27 2.13 -9.12
C PRO A 508 3.14 2.24 -8.10
N GLY A 509 2.13 3.07 -8.34
CA GLY A 509 1.07 3.28 -7.37
C GLY A 509 -0.11 2.34 -7.59
N VAL A 510 -0.09 1.65 -8.72
CA VAL A 510 -1.17 0.70 -9.10
C VAL A 510 -0.70 -0.70 -8.77
N LYS A 511 -1.37 -1.38 -7.85
CA LYS A 511 -0.95 -2.75 -7.54
C LYS A 511 -1.81 -3.73 -6.82
N PHE A 512 -1.43 -4.97 -7.05
CA PHE A 512 -2.24 -6.10 -6.67
C PHE A 512 -1.48 -7.07 -5.80
N HIS A 513 -2.24 -7.77 -4.97
CA HIS A 513 -1.77 -8.91 -4.21
C HIS A 513 -2.78 -10.03 -4.28
N ASP A 514 -2.26 -11.22 -4.54
CA ASP A 514 -3.01 -12.47 -4.44
C ASP A 514 -4.14 -12.55 -5.46
N LEU A 515 -3.73 -12.45 -6.74
CA LEU A 515 -4.57 -12.70 -7.91
C LEU A 515 -4.56 -14.17 -8.37
N LEU A 516 -5.74 -14.61 -8.81
CA LEU A 516 -6.03 -15.97 -9.28
C LEU A 516 -6.80 -15.91 -10.59
N VAL A 517 -6.50 -16.81 -11.54
CA VAL A 517 -7.51 -17.21 -12.54
C VAL A 517 -7.64 -18.73 -12.63
N VAL A 518 -8.83 -19.22 -12.99
CA VAL A 518 -9.09 -20.65 -13.05
C VAL A 518 -10.06 -20.97 -14.16
N SER A 519 -9.73 -22.00 -14.94
CA SER A 519 -10.67 -22.60 -15.86
C SER A 519 -11.40 -23.78 -15.20
N LEU A 520 -12.73 -23.90 -15.29
CA LEU A 520 -13.37 -25.17 -14.80
C LEU A 520 -13.18 -26.18 -15.85
N GLY A 521 -12.45 -27.23 -15.50
CA GLY A 521 -12.35 -28.41 -16.34
C GLY A 521 -12.10 -28.19 -17.82
N GLY A 522 -11.30 -27.19 -18.14
CA GLY A 522 -10.85 -26.97 -19.52
C GLY A 522 -11.84 -26.31 -20.44
N LYS A 523 -12.94 -25.82 -19.86
CA LYS A 523 -13.91 -25.10 -20.66
C LYS A 523 -13.35 -23.70 -20.91
N GLY A 524 -12.56 -23.59 -21.97
CA GLY A 524 -11.78 -22.40 -22.22
C GLY A 524 -10.55 -22.35 -21.33
N GLN A 525 -9.64 -21.45 -21.67
CA GLN A 525 -8.45 -21.21 -20.84
C GLN A 525 -8.12 -19.72 -20.78
N TYR A 526 -7.47 -19.31 -19.69
CA TYR A 526 -6.83 -18.00 -19.58
C TYR A 526 -5.39 -17.99 -20.09
N GLU A 527 -5.03 -17.05 -20.98
CA GLU A 527 -3.64 -16.88 -21.44
C GLU A 527 -2.68 -16.37 -20.37
N HIS A 528 -3.20 -15.55 -19.47
CA HIS A 528 -2.40 -14.87 -18.46
C HIS A 528 -3.31 -14.59 -17.26
N VAL A 529 -2.71 -14.17 -16.15
CA VAL A 529 -3.49 -13.78 -14.96
C VAL A 529 -3.87 -12.32 -15.06
N ILE A 530 -2.86 -11.49 -15.17
CA ILE A 530 -3.07 -10.05 -15.25
C ILE A 530 -2.18 -9.52 -16.36
N ASN A 531 -2.74 -8.68 -17.22
CA ASN A 531 -2.04 -8.13 -18.38
C ASN A 531 -1.48 -9.26 -19.26
N ASP A 532 -0.21 -9.19 -19.65
CA ASP A 532 0.39 -10.22 -20.48
C ASP A 532 1.28 -11.10 -19.63
N ILE A 533 0.94 -11.13 -18.35
CA ILE A 533 1.82 -11.59 -17.31
C ILE A 533 1.13 -12.65 -16.43
N GLY A 534 1.87 -13.71 -16.13
CA GLY A 534 1.37 -14.80 -15.31
C GLY A 534 1.00 -15.97 -16.20
N ASP A 535 1.07 -17.17 -15.60
CA ASP A 535 0.94 -18.44 -16.31
C ASP A 535 -0.43 -18.57 -16.95
N PRO A 536 -0.51 -19.22 -18.13
CA PRO A 536 -1.84 -19.58 -18.61
C PRO A 536 -2.45 -20.67 -17.78
N THR A 537 -3.77 -20.81 -17.78
CA THR A 537 -4.34 -22.04 -17.28
C THR A 537 -4.13 -23.17 -18.29
N SER A 538 -3.92 -24.36 -17.76
CA SER A 538 -3.66 -25.54 -18.58
C SER A 538 -4.38 -26.77 -18.03
N GLY A 539 -4.41 -27.85 -18.80
CA GLY A 539 -5.04 -29.08 -18.36
C GLY A 539 -6.55 -28.95 -18.28
N ASP A 540 -7.22 -29.97 -17.69
CA ASP A 540 -8.64 -29.90 -17.40
C ASP A 540 -8.91 -30.22 -15.93
N THR A 541 -7.90 -30.08 -15.07
CA THR A 541 -8.03 -30.43 -13.63
C THR A 541 -8.31 -29.22 -12.71
N THR A 542 -8.70 -28.08 -13.30
CA THR A 542 -9.19 -26.94 -12.52
C THR A 542 -8.18 -26.55 -11.44
N ILE A 543 -6.95 -26.38 -11.91
CA ILE A 543 -5.84 -25.91 -11.09
C ILE A 543 -5.62 -24.41 -11.29
N PRO A 544 -5.59 -23.64 -10.20
CA PRO A 544 -5.41 -22.18 -10.32
C PRO A 544 -4.03 -21.77 -10.80
N SER A 545 -3.98 -20.66 -11.54
CA SER A 545 -2.74 -19.96 -11.86
C SER A 545 -2.76 -18.64 -11.10
N GLN A 546 -1.64 -18.29 -10.48
CA GLN A 546 -1.64 -17.26 -9.45
C GLN A 546 -0.54 -16.24 -9.66
N VAL A 547 -0.76 -15.05 -9.13
CA VAL A 547 0.29 -14.03 -9.03
C VAL A 547 0.25 -13.26 -7.70
N VAL A 548 1.30 -13.45 -6.91
CA VAL A 548 1.35 -12.95 -5.52
C VAL A 548 1.35 -11.43 -5.50
N SER A 549 2.22 -10.83 -6.30
CA SER A 549 2.24 -9.39 -6.37
C SER A 549 2.57 -8.86 -7.79
N PHE A 550 1.96 -7.72 -8.12
CA PHE A 550 2.10 -7.03 -9.38
C PHE A 550 2.15 -5.57 -8.96
N PRO A 551 2.86 -4.72 -9.71
CA PRO A 551 3.69 -4.99 -10.90
C PRO A 551 5.11 -5.33 -10.48
N ALA B 1 -5.96 32.65 -1.32
CA ALA B 1 -4.75 33.37 -0.93
C ALA B 1 -4.61 33.67 0.60
N GLN B 2 -4.18 32.68 1.39
CA GLN B 2 -4.33 32.76 2.86
C GLN B 2 -3.11 32.08 3.59
N GLU B 3 -2.86 32.43 4.87
CA GLU B 3 -1.72 31.82 5.58
C GLU B 3 -1.74 30.29 5.68
N VAL B 4 -0.61 29.62 5.39
CA VAL B 4 -0.54 28.17 5.57
C VAL B 4 -0.38 27.95 7.07
N VAL B 5 -1.01 26.90 7.57
CA VAL B 5 -1.12 26.66 8.99
C VAL B 5 -0.21 25.50 9.39
N GLY B 6 0.65 25.73 10.37
CA GLY B 6 1.60 24.75 10.82
C GLY B 6 1.08 23.84 11.92
N GLY B 7 1.90 22.85 12.27
CA GLY B 7 1.59 21.91 13.33
C GLY B 7 0.62 20.81 12.92
N GLY B 8 -0.24 20.38 13.85
CA GLY B 8 -1.25 19.35 13.54
C GLY B 8 -0.66 17.93 13.42
N ASP B 9 -1.39 16.98 12.79
CA ASP B 9 -0.93 15.59 12.75
C ASP B 9 -0.28 15.05 11.49
N LEU B 10 0.41 13.96 11.75
CA LEU B 10 1.48 13.44 10.92
C LEU B 10 0.98 12.47 9.85
N GLY B 11 -0.31 12.12 9.94
CA GLY B 11 -0.97 11.33 8.94
C GLY B 11 -0.95 9.83 9.18
N PRO B 12 -1.58 9.08 8.26
CA PRO B 12 -1.79 7.62 8.37
C PRO B 12 -0.48 6.89 8.67
N ASN B 13 0.51 7.28 7.87
CA ASN B 13 1.67 6.42 7.64
C ASN B 13 2.79 6.59 8.63
N VAL B 14 2.53 7.37 9.69
CA VAL B 14 3.47 7.52 10.81
C VAL B 14 2.81 6.81 11.99
N LEU B 15 3.27 5.60 12.29
CA LEU B 15 2.73 4.90 13.44
C LEU B 15 3.59 5.35 14.62
N VAL B 16 2.92 5.85 15.65
CA VAL B 16 3.59 6.24 16.88
C VAL B 16 3.20 5.21 17.95
N PHE B 17 4.19 4.44 18.34
CA PHE B 17 4.09 3.40 19.36
C PHE B 17 4.51 3.97 20.70
N ASP B 18 4.23 3.21 21.77
CA ASP B 18 4.85 3.47 23.07
C ASP B 18 4.78 2.19 23.89
N PRO B 19 5.43 2.19 25.08
CA PRO B 19 5.34 1.09 26.03
C PRO B 19 4.08 0.29 25.85
N SER B 20 2.95 0.93 26.14
CA SER B 20 1.73 0.19 26.43
C SER B 20 0.76 0.10 25.25
N THR B 21 1.24 0.37 24.04
CA THR B 21 0.50 -0.01 22.86
C THR B 21 0.35 -1.50 22.89
N PRO B 22 -0.88 -2.00 23.10
CA PRO B 22 -0.91 -3.45 23.03
C PRO B 22 -0.35 -3.89 21.67
N ASP B 23 0.36 -5.02 21.67
CA ASP B 23 0.86 -5.68 20.47
C ASP B 23 1.69 -4.86 19.45
N ILE B 24 2.84 -4.36 19.89
CA ILE B 24 3.76 -3.72 18.92
C ILE B 24 4.32 -4.67 17.86
N GLN B 25 4.84 -5.84 18.24
CA GLN B 25 5.45 -6.77 17.27
C GLN B 25 4.53 -7.06 16.11
N GLY B 26 3.27 -7.38 16.42
CA GLY B 26 2.31 -7.68 15.37
C GLY B 26 2.24 -6.53 14.39
N LYS B 27 2.35 -5.32 14.92
CA LYS B 27 2.07 -4.13 14.15
C LYS B 27 3.25 -3.78 13.25
N VAL B 28 4.45 -3.84 13.81
CA VAL B 28 5.66 -3.69 12.98
C VAL B 28 5.75 -4.78 11.91
N ASP B 29 5.42 -6.02 12.28
CA ASP B 29 5.64 -7.16 11.39
C ASP B 29 4.81 -7.08 10.13
N GLU B 30 3.64 -6.45 10.23
CA GLU B 30 2.75 -6.31 9.08
C GLU B 30 3.16 -5.16 8.15
N VAL B 31 3.75 -4.11 8.69
CA VAL B 31 4.37 -3.09 7.83
C VAL B 31 5.46 -3.82 7.07
N PHE B 32 6.15 -4.70 7.76
CA PHE B 32 7.20 -5.47 7.10
C PHE B 32 6.62 -6.40 6.03
N ARG B 33 5.45 -6.98 6.33
CA ARG B 33 4.74 -7.90 5.41
C ARG B 33 4.62 -7.16 4.06
N LYS B 34 4.20 -5.89 4.11
CA LYS B 34 3.93 -5.06 2.91
C LYS B 34 5.23 -4.64 2.24
N GLN B 35 6.23 -4.32 3.04
CA GLN B 35 7.38 -3.59 2.54
C GLN B 35 8.61 -4.42 2.19
N GLU B 36 8.60 -5.68 2.65
CA GLU B 36 9.77 -6.56 2.58
C GLU B 36 10.49 -6.55 1.23
N SER B 37 9.75 -6.86 0.19
CA SER B 37 10.27 -6.71 -1.19
C SER B 37 9.41 -5.75 -2.00
N ASN B 38 9.02 -4.66 -1.35
CA ASN B 38 8.28 -3.59 -2.03
C ASN B 38 9.28 -2.59 -2.62
N GLN B 39 10.13 -3.08 -3.53
CA GLN B 39 11.29 -2.30 -3.89
C GLN B 39 10.96 -1.00 -4.60
N PHE B 40 9.94 -1.01 -5.44
CA PHE B 40 9.56 0.17 -6.20
C PHE B 40 8.11 0.61 -5.99
N GLY B 41 7.44 0.13 -4.95
CA GLY B 41 6.10 0.58 -4.65
C GLY B 41 6.06 1.98 -4.08
N THR B 42 4.86 2.54 -3.98
CA THR B 42 4.71 3.92 -3.56
C THR B 42 4.41 4.04 -2.08
N ASP B 43 4.41 2.92 -1.38
CA ASP B 43 4.17 2.92 0.07
C ASP B 43 5.37 3.44 0.84
N ARG B 44 5.06 4.17 1.92
CA ARG B 44 6.05 4.85 2.73
C ARG B 44 5.59 4.76 4.20
N TYR B 45 6.50 4.44 5.13
CA TYR B 45 6.13 4.38 6.56
C TYR B 45 7.23 4.89 7.49
N ALA B 46 6.82 5.61 8.53
CA ALA B 46 7.72 5.95 9.65
C ALA B 46 7.22 5.22 10.87
N LEU B 47 8.13 4.62 11.62
CA LEU B 47 7.78 3.88 12.85
C LEU B 47 8.44 4.55 14.04
N MET B 48 7.68 5.36 14.77
CA MET B 48 8.23 6.25 15.77
C MET B 48 7.94 5.71 17.18
N PHE B 49 8.95 5.75 18.04
CA PHE B 49 8.87 5.15 19.38
C PHE B 49 9.06 6.16 20.48
N LYS B 50 8.04 6.25 21.33
CA LYS B 50 8.08 7.21 22.45
C LYS B 50 9.17 6.87 23.46
N PRO B 51 9.69 7.88 24.20
CA PRO B 51 10.68 7.42 25.18
C PRO B 51 10.16 6.31 26.13
N GLY B 52 11.09 5.42 26.50
CA GLY B 52 10.77 4.24 27.30
C GLY B 52 11.52 2.97 26.87
N THR B 53 10.97 1.85 27.33
CA THR B 53 11.60 0.55 27.29
C THR B 53 10.67 -0.48 26.69
N TYR B 54 11.02 -0.92 25.50
CA TYR B 54 10.22 -1.93 24.79
C TYR B 54 10.95 -3.25 24.91
N ASN B 55 10.21 -4.31 25.29
CA ASN B 55 10.78 -5.64 25.40
C ASN B 55 10.33 -6.47 24.20
N ASP B 56 10.91 -7.68 24.06
CA ASP B 56 10.48 -8.73 23.10
C ASP B 56 10.04 -8.26 21.71
N ILE B 57 10.89 -7.43 21.12
CA ILE B 57 10.65 -6.91 19.78
C ILE B 57 11.83 -7.16 18.82
N ASN B 58 11.45 -7.38 17.56
CA ASN B 58 12.37 -7.73 16.49
C ASN B 58 11.88 -6.94 15.29
N ALA B 59 12.11 -5.63 15.29
CA ALA B 59 11.50 -4.77 14.28
C ALA B 59 12.28 -4.96 12.98
N GLN B 60 11.72 -5.75 12.07
CA GLN B 60 12.40 -6.02 10.79
C GLN B 60 11.99 -4.91 9.82
N ILE B 61 13.00 -4.30 9.20
CA ILE B 61 12.84 -3.09 8.40
C ILE B 61 12.93 -3.42 6.90
N GLY B 62 11.83 -3.22 6.19
CA GLY B 62 11.78 -3.43 4.74
C GLY B 62 12.02 -2.12 3.97
N PHE B 63 11.68 -2.10 2.69
CA PHE B 63 11.81 -0.89 1.89
C PHE B 63 10.98 0.28 2.43
N TYR B 64 11.50 1.48 2.20
CA TYR B 64 10.84 2.75 2.52
C TYR B 64 10.25 2.74 3.92
N THR B 65 11.03 2.21 4.85
CA THR B 65 10.65 2.12 6.25
C THR B 65 11.76 2.77 7.06
N SER B 66 11.29 3.66 7.93
CA SER B 66 12.16 4.34 8.85
C SER B 66 11.71 3.99 10.24
N ILE B 67 12.68 3.86 11.14
CA ILE B 67 12.38 3.59 12.55
C ILE B 67 13.19 4.60 13.36
N ALA B 68 12.54 5.24 14.32
CA ALA B 68 13.20 6.23 15.12
C ALA B 68 12.65 6.32 16.54
N GLY B 69 13.58 6.53 17.49
CA GLY B 69 13.24 6.93 18.84
C GLY B 69 12.95 8.43 18.97
N LEU B 70 12.23 8.79 20.03
CA LEU B 70 11.58 10.09 20.15
C LEU B 70 12.01 10.90 21.38
N GLY B 71 13.16 10.57 21.95
CA GLY B 71 13.78 11.45 22.95
C GLY B 71 14.99 12.23 22.40
N LEU B 72 15.41 13.24 23.16
CA LEU B 72 16.72 13.91 23.04
C LEU B 72 17.91 12.98 22.77
N ASN B 73 18.01 11.97 23.64
CA ASN B 73 19.12 11.01 23.70
C ASN B 73 18.68 9.61 23.17
N PRO B 74 19.56 8.88 22.48
CA PRO B 74 19.07 7.58 22.01
C PRO B 74 18.72 6.64 23.18
N ASP B 75 19.49 6.70 24.26
CA ASP B 75 19.30 5.83 25.41
C ASP B 75 17.96 6.13 26.10
N ASP B 76 17.24 7.15 25.63
CA ASP B 76 15.91 7.44 26.15
C ASP B 76 14.84 6.50 25.59
N THR B 77 15.14 5.83 24.47
CA THR B 77 14.23 4.88 23.84
C THR B 77 15.01 3.56 23.57
N THR B 78 14.80 2.57 24.44
CA THR B 78 15.58 1.36 24.44
C THR B 78 14.73 0.15 24.07
N PHE B 79 15.22 -0.59 23.09
CA PHE B 79 14.67 -1.89 22.72
C PHE B 79 15.53 -2.96 23.33
N ASN B 80 14.91 -3.82 24.14
CA ASN B 80 15.50 -5.10 24.49
C ASN B 80 15.01 -5.98 23.37
N GLY B 81 15.88 -6.12 22.38
CA GLY B 81 15.51 -6.64 21.08
C GLY B 81 16.28 -5.90 20.01
N ASP B 82 15.76 -5.97 18.79
CA ASP B 82 16.57 -5.69 17.59
C ASP B 82 15.84 -4.81 16.57
N VAL B 83 16.65 -4.12 15.76
CA VAL B 83 16.17 -3.46 14.54
C VAL B 83 16.90 -4.12 13.39
N THR B 84 16.17 -4.85 12.56
CA THR B 84 16.77 -5.88 11.74
C THR B 84 16.59 -5.63 10.25
N VAL B 85 17.70 -5.64 9.51
CA VAL B 85 17.67 -5.81 8.08
C VAL B 85 18.48 -7.05 7.70
N ASP B 86 17.86 -7.92 6.91
CA ASP B 86 18.71 -8.93 6.26
C ASP B 86 18.24 -9.36 4.87
N ALA B 87 18.85 -10.45 4.40
CA ALA B 87 18.71 -10.90 3.01
C ALA B 87 17.61 -11.91 2.67
N GLY B 88 16.94 -12.51 3.66
CA GLY B 88 16.15 -13.73 3.40
C GLY B 88 15.37 -13.65 2.09
N TRP B 89 15.03 -12.41 1.74
CA TRP B 89 14.12 -12.09 0.67
C TRP B 89 14.71 -12.28 -0.74
N PHE B 90 16.07 -12.25 -0.82
CA PHE B 90 16.92 -12.33 -2.08
C PHE B 90 18.12 -13.37 -2.01
N ASP B 91 17.91 -14.60 -1.56
CA ASP B 91 18.98 -15.68 -1.45
C ASP B 91 20.47 -15.29 -1.11
N GLY B 92 20.70 -14.64 0.03
CA GLY B 92 22.03 -14.25 0.48
C GLY B 92 22.45 -12.80 0.16
N ASN B 93 21.79 -12.18 -0.82
CA ASN B 93 22.25 -10.94 -1.40
C ASN B 93 21.65 -9.79 -0.57
N ALA B 94 22.41 -8.73 -0.35
CA ALA B 94 21.91 -7.57 0.35
C ALA B 94 22.01 -6.36 -0.60
N THR B 95 22.50 -6.64 -1.83
CA THR B 95 22.78 -5.58 -2.82
C THR B 95 21.60 -4.73 -3.27
N GLN B 96 20.37 -5.09 -2.88
CA GLN B 96 19.30 -4.09 -2.98
C GLN B 96 18.44 -3.86 -1.74
N ASN B 97 19.03 -3.96 -0.56
CA ASN B 97 18.33 -3.54 0.65
C ASN B 97 18.51 -2.05 0.84
N PHE B 98 17.84 -1.30 -0.05
CA PHE B 98 17.90 0.14 -0.14
C PHE B 98 16.77 0.86 0.62
N TRP B 99 16.94 2.17 0.72
CA TRP B 99 15.87 3.14 1.09
C TRP B 99 15.15 2.81 2.39
N ARG B 100 15.90 2.84 3.48
CA ARG B 100 15.31 2.60 4.79
C ARG B 100 16.22 3.28 5.82
N SER B 101 15.81 3.33 7.07
CA SER B 101 16.68 4.02 8.02
C SER B 101 16.37 3.71 9.45
N ALA B 102 17.39 3.88 10.30
CA ALA B 102 17.22 3.73 11.76
C ALA B 102 17.91 4.88 12.44
N GLU B 103 17.26 5.47 13.45
CA GLU B 103 17.95 6.50 14.22
C GLU B 103 17.41 6.68 15.63
N ASN B 104 18.30 7.15 16.50
CA ASN B 104 17.95 7.64 17.84
C ASN B 104 17.27 6.58 18.73
N LEU B 105 17.87 5.40 18.74
CA LEU B 105 17.43 4.25 19.56
C LEU B 105 18.64 3.62 20.24
N ALA B 106 18.44 3.01 21.41
CA ALA B 106 19.41 2.10 21.99
C ALA B 106 18.88 0.67 21.77
N LEU B 107 19.74 -0.25 21.37
CA LEU B 107 19.37 -1.64 21.09
C LEU B 107 20.21 -2.57 21.95
N ASN B 108 19.52 -3.51 22.59
CA ASN B 108 20.14 -4.58 23.35
C ASN B 108 19.72 -5.90 22.70
N PRO B 109 20.47 -6.32 21.67
CA PRO B 109 20.00 -7.36 20.74
C PRO B 109 19.94 -8.77 21.33
N VAL B 110 18.92 -9.57 20.97
CA VAL B 110 18.62 -10.85 21.65
C VAL B 110 19.81 -11.72 21.96
N ASN B 111 20.72 -11.78 20.99
CA ASN B 111 21.82 -12.72 21.02
C ASN B 111 23.17 -11.97 21.11
N GLY B 112 23.11 -10.70 21.52
CA GLY B 112 24.31 -9.91 21.69
C GLY B 112 24.82 -9.17 20.45
N THR B 113 24.21 -9.40 19.30
CA THR B 113 24.57 -8.67 18.09
C THR B 113 23.35 -8.43 17.21
N ASN B 114 23.29 -7.22 16.67
CA ASN B 114 22.20 -6.77 15.83
C ASN B 114 22.66 -6.84 14.38
N ARG B 115 21.79 -7.34 13.49
CA ARG B 115 22.14 -7.49 12.07
C ARG B 115 21.51 -6.38 11.23
N TRP B 116 22.36 -5.59 10.57
CA TRP B 116 21.93 -4.44 9.75
C TRP B 116 22.53 -4.62 8.34
N ALA B 117 21.98 -5.56 7.59
CA ALA B 117 22.61 -6.01 6.35
C ALA B 117 22.08 -5.24 5.16
N VAL B 118 22.48 -3.98 5.08
CA VAL B 118 21.95 -3.06 4.07
C VAL B 118 22.92 -2.77 2.91
N SER B 119 22.38 -2.18 1.85
CA SER B 119 23.22 -1.58 0.84
C SER B 119 22.96 -0.08 0.85
N GLN B 120 22.84 0.57 -0.31
CA GLN B 120 22.84 2.05 -0.34
C GLN B 120 21.56 2.71 0.20
N ALA B 121 21.71 3.95 0.64
CA ALA B 121 20.58 4.76 1.16
C ALA B 121 19.87 4.06 2.32
N ALA B 122 20.68 3.56 3.26
CA ALA B 122 20.14 2.95 4.47
C ALA B 122 20.84 3.46 5.75
N PRO B 123 20.67 4.74 6.05
CA PRO B 123 21.50 5.34 7.10
C PRO B 123 21.15 4.81 8.49
N PHE B 124 22.20 4.75 9.32
CA PHE B 124 22.13 4.28 10.70
C PHE B 124 22.76 5.40 11.52
N ARG B 125 21.90 6.22 12.15
CA ARG B 125 22.34 7.47 12.79
C ARG B 125 21.96 7.57 14.26
N ARG B 126 22.87 8.11 15.06
CA ARG B 126 22.50 8.44 16.44
C ARG B 126 21.95 7.17 17.15
N MET B 127 22.62 6.04 16.91
CA MET B 127 22.19 4.77 17.47
C MET B 127 23.11 4.37 18.62
N HIS B 128 22.57 3.60 19.54
CA HIS B 128 23.38 2.93 20.54
C HIS B 128 23.14 1.43 20.48
N VAL B 129 24.14 0.70 20.01
CA VAL B 129 24.07 -0.75 20.06
C VAL B 129 24.84 -1.28 21.29
N LYS B 130 24.07 -1.78 22.27
CA LYS B 130 24.66 -2.43 23.48
C LYS B 130 24.87 -3.86 23.22
N GLY B 131 25.95 -4.11 22.50
CA GLY B 131 26.26 -5.42 21.98
C GLY B 131 26.88 -5.18 20.65
N GLY B 132 26.63 -6.11 19.73
CA GLY B 132 27.40 -6.19 18.51
C GLY B 132 26.57 -5.79 17.31
N LEU B 133 27.24 -5.54 16.18
CA LEU B 133 26.58 -5.06 14.96
C LEU B 133 27.16 -5.79 13.76
N ASN B 134 26.31 -6.58 13.11
CA ASN B 134 26.70 -7.38 11.96
C ASN B 134 26.13 -6.69 10.76
N LEU B 135 26.99 -6.37 9.79
CA LEU B 135 26.55 -5.72 8.59
C LEU B 135 26.30 -6.76 7.49
N ALA B 136 26.52 -8.03 7.81
CA ALA B 136 26.45 -9.08 6.80
C ALA B 136 25.14 -9.85 6.79
N PRO B 137 24.56 -9.99 5.60
CA PRO B 137 23.51 -10.99 5.42
C PRO B 137 24.05 -12.35 5.89
N ASP B 138 23.21 -13.12 6.55
CA ASP B 138 23.65 -14.46 6.85
C ASP B 138 23.51 -15.38 5.60
N GLY B 139 24.57 -16.14 5.27
CA GLY B 139 24.63 -16.95 4.03
C GLY B 139 25.92 -16.80 3.21
N TYR B 140 26.97 -16.40 3.91
CA TYR B 140 28.07 -15.67 3.30
C TYR B 140 27.74 -14.98 1.96
N GLY B 141 26.83 -13.97 1.98
CA GLY B 141 26.36 -13.28 0.76
C GLY B 141 26.78 -11.83 0.51
N TRP B 142 26.50 -11.36 -0.72
CA TRP B 142 26.93 -10.05 -1.25
C TRP B 142 26.25 -8.81 -0.66
N ALA B 143 27.04 -7.74 -0.45
CA ALA B 143 26.56 -6.59 0.29
C ALA B 143 27.26 -5.30 -0.16
N SER B 144 26.50 -4.21 -0.38
CA SER B 144 27.07 -2.95 -0.94
C SER B 144 26.63 -1.66 -0.17
N GLY B 145 26.85 -1.64 1.15
CA GLY B 145 26.61 -0.44 1.95
C GLY B 145 27.71 0.60 1.88
N GLY B 146 27.74 1.54 2.83
CA GLY B 146 26.82 1.67 3.94
C GLY B 146 27.28 2.90 4.72
N TYR B 147 26.51 3.30 5.73
CA TYR B 147 26.67 4.58 6.39
C TYR B 147 26.23 4.49 7.85
N ILE B 148 27.18 4.77 8.75
CA ILE B 148 26.92 4.95 10.17
C ILE B 148 27.46 6.33 10.58
N ALA B 149 26.65 7.10 11.30
CA ALA B 149 27.13 8.35 11.85
C ALA B 149 26.58 8.56 13.25
N ASP B 150 27.38 9.23 14.08
CA ASP B 150 26.93 9.67 15.39
C ASP B 150 26.43 8.54 16.29
N SER B 151 27.10 7.41 16.20
CA SER B 151 26.62 6.22 16.88
C SER B 151 27.67 5.60 17.77
N LYS B 152 27.21 4.79 18.70
CA LYS B 152 28.08 4.07 19.61
C LYS B 152 27.74 2.59 19.52
N ILE B 153 28.71 1.79 19.11
CA ILE B 153 28.58 0.33 19.12
C ILE B 153 29.52 -0.16 20.22
N ASP B 154 28.94 -0.65 21.31
CA ASP B 154 29.74 -1.07 22.49
C ASP B 154 30.64 -2.25 22.15
N GLY B 155 30.14 -3.14 21.30
CA GLY B 155 30.87 -4.32 20.92
C GLY B 155 31.55 -4.11 19.59
N GLU B 156 31.58 -5.16 18.79
CA GLU B 156 32.27 -5.13 17.52
C GLU B 156 31.34 -4.97 16.32
N VAL B 157 31.82 -4.25 15.33
CA VAL B 157 31.17 -4.20 14.03
C VAL B 157 31.84 -5.21 13.11
N GLY B 158 31.03 -5.98 12.42
CA GLY B 158 31.52 -7.03 11.53
C GLY B 158 30.97 -6.80 10.13
N PRO B 159 31.81 -6.23 9.24
CA PRO B 159 31.39 -6.00 7.86
C PRO B 159 31.23 -7.33 7.13
N TYR B 160 32.17 -8.26 7.38
CA TYR B 160 32.24 -9.51 6.65
C TYR B 160 32.29 -9.29 5.14
N SER B 161 31.17 -9.57 4.47
CA SER B 161 31.08 -9.52 3.02
C SER B 161 30.48 -8.21 2.51
N GLN B 162 30.68 -7.11 3.24
CA GLN B 162 30.34 -5.76 2.76
C GLN B 162 31.52 -5.25 1.94
N GLN B 163 31.30 -4.78 0.71
CA GLN B 163 32.49 -4.38 -0.04
C GLN B 163 33.13 -3.12 0.50
N GLN B 164 32.31 -2.23 1.03
CA GLN B 164 32.80 -0.92 1.41
C GLN B 164 31.86 -0.34 2.48
N TRP B 165 32.34 0.70 3.17
CA TRP B 165 31.58 1.28 4.28
C TRP B 165 32.16 2.62 4.70
N TYR B 166 31.28 3.50 5.19
CA TYR B 166 31.72 4.78 5.75
C TYR B 166 31.12 4.98 7.14
N THR B 167 31.99 5.36 8.07
CA THR B 167 31.61 5.55 9.46
C THR B 167 32.16 6.91 9.86
N ARG B 168 31.32 7.79 10.39
CA ARG B 168 31.89 9.02 10.98
C ARG B 168 31.37 9.37 12.37
N ASP B 169 32.25 10.02 13.11
CA ASP B 169 31.90 10.70 14.37
C ASP B 169 31.09 9.76 15.28
N SER B 170 31.72 8.63 15.59
CA SER B 170 31.14 7.53 16.31
C SER B 170 32.18 6.90 17.25
N SER B 171 31.75 5.92 18.04
CA SER B 171 32.69 5.07 18.78
C SER B 171 32.31 3.60 18.60
N VAL B 172 33.34 2.77 18.42
CA VAL B 172 33.13 1.34 18.22
C VAL B 172 34.01 0.62 19.23
N GLY B 173 33.58 -0.55 19.68
CA GLY B 173 34.39 -1.34 20.60
C GLY B 173 35.43 -2.14 19.85
N GLY B 174 35.27 -2.21 18.53
CA GLY B 174 36.15 -2.93 17.63
C GLY B 174 35.66 -2.73 16.19
N TRP B 175 36.46 -3.17 15.22
CA TRP B 175 36.06 -3.20 13.80
C TRP B 175 36.61 -4.44 13.11
N GLY B 176 35.73 -5.32 12.63
CA GLY B 176 36.15 -6.69 12.30
C GLY B 176 37.00 -6.97 11.06
N ASN B 177 36.65 -6.32 9.95
CA ASN B 177 37.33 -6.64 8.69
C ASN B 177 37.20 -5.55 7.64
N GLY B 178 37.91 -5.76 6.52
CA GLY B 178 37.79 -4.93 5.32
C GLY B 178 37.47 -5.81 4.13
N VAL B 179 37.19 -5.19 2.99
CA VAL B 179 36.90 -5.91 1.75
C VAL B 179 37.58 -5.02 0.70
N TRP B 180 36.88 -4.01 0.16
CA TRP B 180 37.50 -3.03 -0.75
C TRP B 180 37.83 -1.63 -0.18
N ASN B 181 36.94 -1.04 0.62
CA ASN B 181 37.13 0.34 1.05
C ASN B 181 36.32 0.63 2.30
N MET B 182 36.97 0.51 3.48
CA MET B 182 36.33 0.86 4.72
C MET B 182 36.97 2.16 5.19
N THR B 183 36.21 3.25 5.17
CA THR B 183 36.69 4.58 5.58
C THR B 183 36.04 5.06 6.88
N PHE B 184 36.84 5.76 7.68
CA PHE B 184 36.46 6.22 9.00
C PHE B 184 36.92 7.68 9.14
N SER B 185 36.06 8.55 9.66
CA SER B 185 36.52 9.87 10.11
C SER B 185 35.90 10.21 11.45
N GLY B 186 36.73 10.59 12.42
CA GLY B 186 36.24 10.92 13.74
C GLY B 186 35.71 9.72 14.53
N VAL B 187 36.28 8.53 14.28
CA VAL B 187 35.77 7.32 14.89
C VAL B 187 36.69 6.77 15.97
N GLU B 188 36.28 6.97 17.22
CA GLU B 188 36.93 6.34 18.34
C GLU B 188 36.87 4.82 18.18
N GLY B 189 38.04 4.17 18.23
CA GLY B 189 38.09 2.73 18.12
C GLY B 189 38.28 2.25 16.69
N ALA B 190 38.32 3.18 15.75
CA ALA B 190 38.59 2.84 14.37
C ALA B 190 39.96 2.15 14.26
N PRO B 191 40.05 1.17 13.37
CA PRO B 191 41.37 0.62 13.08
C PRO B 191 42.30 1.72 12.53
N ALA B 192 43.60 1.57 12.75
CA ALA B 192 44.55 2.57 12.27
C ALA B 192 44.64 2.51 10.73
N GLN B 193 44.98 3.64 10.13
CA GLN B 193 45.25 3.76 8.70
C GLN B 193 46.20 2.65 8.18
N SER B 194 45.69 1.87 7.22
CA SER B 194 46.33 0.65 6.72
C SER B 194 46.37 0.43 5.20
N PHE B 195 45.38 0.95 4.48
CA PHE B 195 45.27 0.82 3.01
C PHE B 195 46.63 0.65 2.34
N PRO B 196 46.76 -0.31 1.43
CA PRO B 196 45.75 -1.28 0.94
C PRO B 196 45.36 -2.48 1.80
N GLU B 197 46.20 -2.96 2.72
CA GLU B 197 45.87 -4.12 3.53
C GLU B 197 46.09 -3.88 5.04
N PRO B 198 45.00 -3.95 5.86
CA PRO B 198 43.62 -4.00 5.37
C PRO B 198 43.30 -2.67 4.64
N PRO B 199 42.25 -2.65 3.82
CA PRO B 199 41.93 -1.35 3.22
C PRO B 199 41.09 -0.53 4.21
N TYR B 200 41.84 0.15 5.07
CA TYR B 200 41.29 1.08 6.05
C TYR B 200 41.88 2.46 5.77
N THR B 201 40.98 3.40 5.49
CA THR B 201 41.30 4.80 5.38
C THR B 201 40.73 5.45 6.62
N THR B 202 41.63 5.95 7.49
CA THR B 202 41.22 6.42 8.81
C THR B 202 41.71 7.85 9.06
N LEU B 203 40.75 8.77 9.25
CA LEU B 203 41.04 10.16 9.57
C LEU B 203 40.66 10.41 11.03
N GLU B 204 41.54 11.07 11.76
CA GLU B 204 41.32 11.30 13.18
C GLU B 204 40.03 12.11 13.45
N THR B 205 39.71 13.05 12.56
CA THR B 205 38.53 13.90 12.73
C THR B 205 37.81 14.13 11.41
N THR B 206 36.55 14.56 11.50
CA THR B 206 35.83 15.04 10.34
C THR B 206 35.93 16.57 10.35
N PRO B 207 36.39 17.20 9.23
CA PRO B 207 36.64 18.66 9.32
C PRO B 207 35.46 19.46 9.83
N VAL B 208 34.29 19.15 9.31
CA VAL B 208 33.04 19.62 9.93
C VAL B 208 31.96 18.63 9.68
N SER B 209 31.03 18.62 10.63
CA SER B 209 29.81 17.85 10.46
C SER B 209 28.76 18.53 11.30
N ARG B 210 27.52 18.20 11.01
CA ARG B 210 26.38 18.72 11.73
C ARG B 210 25.27 17.66 11.68
N GLU B 211 24.93 17.08 12.83
CA GLU B 211 24.00 15.96 12.85
C GLU B 211 22.63 16.29 12.30
N LYS B 212 22.03 15.29 11.64
CA LYS B 212 20.75 15.56 10.96
C LYS B 212 19.70 15.91 12.00
N PRO B 213 18.80 16.85 11.70
CA PRO B 213 17.66 17.16 12.57
C PRO B 213 16.73 15.94 12.71
N PHE B 214 16.08 15.86 13.88
CA PHE B 214 15.15 14.77 14.14
C PHE B 214 13.98 15.20 15.04
N LEU B 215 12.87 14.51 14.84
CA LEU B 215 11.65 14.64 15.63
C LEU B 215 11.82 13.94 16.98
N TYR B 216 11.29 14.54 18.03
CA TYR B 216 11.31 13.99 19.40
C TYR B 216 10.15 14.64 20.23
N LEU B 217 9.86 14.13 21.43
CA LEU B 217 8.78 14.66 22.32
C LEU B 217 9.29 15.37 23.61
N ASP B 218 9.01 16.68 23.78
CA ASP B 218 9.71 17.55 24.78
C ASP B 218 8.83 17.68 26.02
N GLY B 219 8.88 16.63 26.85
CA GLY B 219 7.80 16.38 27.79
C GLY B 219 6.69 15.88 26.90
N ASP B 220 5.57 16.61 26.89
CA ASP B 220 4.49 16.33 25.92
C ASP B 220 4.51 17.01 24.53
N ASP B 221 5.54 17.74 24.13
CA ASP B 221 5.42 18.37 22.79
C ASP B 221 6.43 17.95 21.73
N TYR B 222 5.92 17.84 20.49
CA TYR B 222 6.75 17.51 19.37
C TYR B 222 7.61 18.71 19.11
N LYS B 223 8.89 18.47 18.94
CA LYS B 223 9.77 19.46 18.39
C LYS B 223 10.67 18.71 17.40
N VAL B 224 11.35 19.48 16.56
CA VAL B 224 12.47 19.01 15.79
C VAL B 224 13.73 19.53 16.46
N PHE B 225 14.61 18.62 16.89
CA PHE B 225 15.94 19.04 17.37
C PHE B 225 16.81 19.33 16.18
N VAL B 226 17.53 20.47 16.25
CA VAL B 226 18.38 20.98 15.19
C VAL B 226 19.81 21.06 15.76
N PRO B 227 20.56 19.98 15.62
CA PRO B 227 21.94 19.88 16.09
C PRO B 227 22.87 21.02 15.69
N ALA B 228 23.78 21.35 16.60
CA ALA B 228 24.82 22.34 16.36
C ALA B 228 25.96 21.70 15.60
N LYS B 229 26.64 22.49 14.79
CA LYS B 229 27.68 21.99 13.92
C LYS B 229 29.02 21.91 14.67
N ARG B 230 29.76 20.80 14.52
CA ARG B 230 31.09 20.72 15.13
C ARG B 230 32.17 20.85 14.06
N THR B 231 33.31 21.40 14.44
CA THR B 231 34.48 21.42 13.57
C THR B 231 35.54 20.52 14.15
N ASN B 232 36.19 19.73 13.31
CA ASN B 232 37.15 18.76 13.79
C ASN B 232 36.42 17.76 14.72
N ALA B 233 35.32 17.21 14.23
CA ALA B 233 34.51 16.28 15.02
C ALA B 233 35.15 14.91 15.22
N ARG B 234 34.92 14.33 16.40
CA ARG B 234 35.33 12.98 16.73
C ARG B 234 34.42 12.46 17.85
N GLY B 235 33.99 11.21 17.71
CA GLY B 235 33.13 10.59 18.67
C GLY B 235 31.70 11.11 18.52
N THR B 236 30.82 10.63 19.40
CA THR B 236 29.41 11.02 19.28
C THR B 236 29.20 12.43 19.83
N SER B 237 28.19 13.12 19.29
CA SER B 237 27.77 14.42 19.75
C SER B 237 26.97 14.37 21.06
N TRP B 238 26.54 13.17 21.43
CA TRP B 238 25.58 12.94 22.49
C TRP B 238 26.13 12.08 23.64
N GLY B 239 27.17 11.31 23.43
CA GLY B 239 27.48 10.25 24.42
C GLY B 239 27.80 10.74 25.82
N ASN B 240 27.97 12.06 25.92
CA ASN B 240 28.67 12.67 27.03
C ASN B 240 27.81 13.73 27.69
N GLY B 241 28.21 14.99 27.49
CA GLY B 241 27.45 16.15 27.90
C GLY B 241 26.30 16.62 27.02
N THR B 242 26.19 17.93 26.96
CA THR B 242 24.92 18.47 26.52
C THR B 242 24.94 18.61 25.00
N PRO B 243 23.76 18.48 24.37
CA PRO B 243 23.46 18.80 22.98
C PRO B 243 23.51 20.29 22.63
N GLU B 244 24.70 20.78 22.24
CA GLU B 244 24.84 22.11 21.65
C GLU B 244 23.88 22.02 20.43
N GLY B 245 23.06 23.06 20.22
CA GLY B 245 21.95 23.04 19.26
C GLY B 245 20.61 23.49 19.84
N GLU B 246 19.59 23.66 18.99
CA GLU B 246 18.28 24.15 19.44
C GLU B 246 17.09 23.24 19.23
N SER B 247 15.89 23.66 19.67
CA SER B 247 14.77 22.72 19.78
C SER B 247 13.43 23.35 19.34
N LEU B 248 13.04 23.02 18.11
CA LEU B 248 12.10 23.80 17.30
C LEU B 248 10.65 23.21 17.21
N PRO B 249 9.68 23.85 17.95
CA PRO B 249 8.30 23.36 18.08
C PRO B 249 7.63 22.92 16.76
N LEU B 250 6.95 21.79 16.80
CA LEU B 250 6.19 21.32 15.65
C LEU B 250 5.27 22.39 15.02
N ASP B 251 4.65 23.26 15.82
CA ASP B 251 3.65 24.18 15.26
C ASP B 251 4.30 25.22 14.32
N GLN B 252 5.63 25.22 14.30
CA GLN B 252 6.42 26.03 13.39
C GLN B 252 6.79 25.31 12.04
N PHE B 253 6.21 24.13 11.82
CA PHE B 253 6.41 23.36 10.59
C PHE B 253 5.12 23.24 9.79
N TYR B 254 5.19 23.52 8.49
CA TYR B 254 4.13 23.05 7.61
C TYR B 254 4.33 21.55 7.50
N VAL B 255 3.25 20.81 7.81
CA VAL B 255 3.27 19.37 7.78
C VAL B 255 2.70 18.96 6.43
N VAL B 256 3.55 18.50 5.56
CA VAL B 256 3.15 18.26 4.17
C VAL B 256 2.56 16.84 4.03
N LYS B 257 1.36 16.76 3.44
CA LYS B 257 0.71 15.47 3.07
C LYS B 257 0.30 15.34 1.60
N PRO B 258 0.47 14.11 0.98
CA PRO B 258 -0.02 13.70 -0.35
C PRO B 258 -1.35 14.35 -0.80
N GLY B 259 -1.30 15.00 -1.98
CA GLY B 259 -2.36 15.87 -2.50
C GLY B 259 -1.92 17.34 -2.35
N ALA B 260 -1.02 17.59 -1.42
CA ALA B 260 -0.44 18.93 -1.29
C ALA B 260 0.34 19.35 -2.54
N THR B 261 0.73 20.62 -2.57
CA THR B 261 1.31 21.21 -3.79
C THR B 261 2.47 22.20 -3.60
N ALA B 262 3.34 22.32 -4.63
CA ALA B 262 4.47 23.23 -4.60
C ALA B 262 4.07 24.66 -4.27
N GLU B 263 2.96 25.13 -4.84
CA GLU B 263 2.46 26.49 -4.51
C GLU B 263 2.26 26.73 -3.00
N THR B 264 1.68 25.74 -2.31
CA THR B 264 1.47 25.84 -0.87
C THR B 264 2.77 25.64 -0.07
N ILE B 265 3.61 24.73 -0.56
CA ILE B 265 4.88 24.46 0.10
C ILE B 265 5.76 25.71 0.06
N ASN B 266 5.85 26.34 -1.12
CA ASN B 266 6.64 27.55 -1.29
C ASN B 266 6.12 28.72 -0.47
N ALA B 267 4.80 28.80 -0.34
CA ALA B 267 4.18 29.84 0.45
C ALA B 267 4.55 29.69 1.90
N ALA B 268 4.50 28.48 2.44
CA ALA B 268 4.89 28.29 3.85
C ALA B 268 6.33 28.75 4.11
N VAL B 269 7.25 28.27 3.29
CA VAL B 269 8.68 28.50 3.58
C VAL B 269 9.00 30.01 3.65
N ASP B 270 8.37 30.79 2.79
CA ASP B 270 8.51 32.22 2.85
C ASP B 270 7.76 32.83 4.07
N GLN B 271 6.80 32.07 4.55
CA GLN B 271 5.97 32.52 5.63
C GLN B 271 6.74 32.34 6.93
N GLY B 272 7.92 31.74 6.82
CA GLY B 272 8.70 31.42 8.00
C GLY B 272 8.24 30.16 8.68
N LEU B 273 7.65 29.25 7.90
CA LEU B 273 7.47 27.87 8.34
C LEU B 273 8.60 27.02 7.77
N HIS B 274 9.04 26.08 8.58
CA HIS B 274 9.87 24.99 8.11
C HIS B 274 8.96 23.94 7.47
N LEU B 275 9.56 22.88 6.91
CA LEU B 275 8.83 21.82 6.24
C LEU B 275 9.10 20.47 6.88
N LEU B 276 8.01 19.73 7.11
CA LEU B 276 8.08 18.35 7.59
C LEU B 276 7.32 17.51 6.58
N PHE B 277 8.04 16.73 5.78
CA PHE B 277 7.39 15.89 4.81
C PHE B 277 7.03 14.54 5.40
N THR B 278 5.73 14.32 5.57
CA THR B 278 5.21 13.03 6.04
C THR B 278 5.51 11.94 5.01
N PRO B 279 5.49 10.67 5.43
CA PRO B 279 5.82 9.62 4.45
C PRO B 279 4.79 9.51 3.33
N GLY B 280 5.27 9.45 2.10
CA GLY B 280 4.43 9.48 0.91
C GLY B 280 5.16 10.05 -0.29
N VAL B 281 4.42 10.27 -1.37
CA VAL B 281 4.95 10.71 -2.65
C VAL B 281 4.27 12.00 -3.10
N TYR B 282 5.08 13.05 -3.36
CA TYR B 282 4.59 14.41 -3.63
C TYR B 282 5.01 14.90 -5.03
N HIS B 283 4.16 14.63 -6.02
CA HIS B 283 4.39 15.16 -7.36
C HIS B 283 4.21 16.65 -7.34
N VAL B 284 5.20 17.39 -7.83
CA VAL B 284 5.13 18.86 -7.94
C VAL B 284 5.16 19.32 -9.42
N ASP B 285 4.51 20.47 -9.67
CA ASP B 285 4.50 21.12 -11.00
C ASP B 285 5.22 22.45 -10.98
N GLN B 286 6.16 22.57 -10.05
CA GLN B 286 6.87 23.80 -9.64
C GLN B 286 8.02 23.32 -8.78
N PRO B 287 9.23 23.87 -8.97
CA PRO B 287 10.25 23.54 -7.96
C PRO B 287 9.94 24.04 -6.55
N ILE B 288 10.08 23.18 -5.58
CA ILE B 288 10.09 23.57 -4.18
C ILE B 288 11.25 24.52 -3.93
N GLU B 289 10.95 25.78 -3.61
CA GLU B 289 11.93 26.84 -3.46
C GLU B 289 12.16 27.18 -1.98
N ILE B 290 13.39 26.94 -1.51
CA ILE B 290 13.78 27.22 -0.12
C ILE B 290 14.72 28.41 -0.13
N ASP B 291 14.16 29.59 0.16
CA ASP B 291 14.88 30.83 -0.03
C ASP B 291 15.06 31.63 1.24
N ARG B 292 14.94 30.94 2.37
CA ARG B 292 14.97 31.57 3.68
C ARG B 292 16.02 30.90 4.56
N ALA B 293 16.84 31.72 5.21
CA ALA B 293 17.94 31.19 6.00
C ALA B 293 17.46 30.26 7.11
N ASN B 294 18.21 29.20 7.35
CA ASN B 294 17.96 28.29 8.47
C ASN B 294 16.67 27.43 8.32
N THR B 295 16.09 27.40 7.14
CA THR B 295 14.92 26.52 6.89
C THR B 295 15.32 25.05 7.00
N VAL B 296 14.57 24.32 7.82
CA VAL B 296 14.71 22.88 7.94
C VAL B 296 13.65 22.25 7.05
N ALA B 297 14.08 21.34 6.18
CA ALA B 297 13.17 20.54 5.34
C ALA B 297 13.48 19.09 5.60
N LEU B 298 12.67 18.49 6.48
CA LEU B 298 12.94 17.16 7.00
C LEU B 298 11.88 16.18 6.52
N GLY B 299 12.31 15.09 5.88
CA GLY B 299 11.38 14.05 5.52
C GLY B 299 11.39 12.88 6.49
N LEU B 300 10.25 12.20 6.53
CA LEU B 300 10.02 11.02 7.34
C LEU B 300 9.68 9.88 6.39
N GLY B 301 10.11 8.68 6.76
CA GLY B 301 9.76 7.46 6.04
C GLY B 301 10.03 7.51 4.54
N LEU B 302 11.15 8.09 4.16
CA LEU B 302 11.55 8.12 2.75
C LEU B 302 10.53 8.87 1.87
N ALA B 303 9.96 9.92 2.45
CA ALA B 303 9.17 10.88 1.70
C ALA B 303 9.86 11.24 0.40
N THR B 304 9.06 11.26 -0.67
CA THR B 304 9.60 11.32 -2.03
C THR B 304 9.02 12.45 -2.84
N ILE B 305 9.89 13.18 -3.52
CA ILE B 305 9.49 14.28 -4.41
C ILE B 305 9.66 13.80 -5.84
N ILE B 306 8.58 13.86 -6.64
CA ILE B 306 8.68 13.62 -8.09
C ILE B 306 8.35 14.90 -8.86
N PRO B 307 9.33 15.42 -9.63
CA PRO B 307 9.07 16.59 -10.49
C PRO B 307 8.38 16.19 -11.78
N ASP B 308 7.25 16.85 -12.03
CA ASP B 308 6.52 16.68 -13.26
C ASP B 308 6.97 17.78 -14.22
N ASN B 309 6.63 17.65 -15.50
CA ASN B 309 6.79 18.76 -16.44
C ASN B 309 8.22 19.11 -16.76
N GLY B 310 9.16 18.27 -16.33
CA GLY B 310 10.57 18.54 -16.56
C GLY B 310 11.14 19.55 -15.59
N VAL B 311 10.38 19.90 -14.55
CA VAL B 311 10.90 20.87 -13.61
C VAL B 311 12.01 20.29 -12.68
N THR B 312 12.77 21.19 -12.09
CA THR B 312 13.65 20.85 -10.99
C THR B 312 12.76 20.62 -9.78
N ALA B 313 13.14 19.68 -8.93
CA ALA B 313 12.31 19.29 -7.79
C ALA B 313 12.51 20.24 -6.62
N LEU B 314 13.76 20.64 -6.41
CA LEU B 314 14.12 21.41 -5.21
C LEU B 314 15.21 22.38 -5.57
N LYS B 315 14.96 23.65 -5.22
CA LYS B 315 15.98 24.68 -5.38
C LYS B 315 16.18 25.39 -4.04
N VAL B 316 17.43 25.46 -3.58
CA VAL B 316 17.76 26.25 -2.39
C VAL B 316 18.48 27.54 -2.83
N GLY B 317 18.06 28.68 -2.28
CA GLY B 317 18.70 29.94 -2.63
C GLY B 317 20.03 30.17 -1.92
N ASP B 318 20.56 31.37 -2.13
CA ASP B 318 21.89 31.74 -1.64
C ASP B 318 21.88 32.15 -0.17
N VAL B 319 21.42 31.25 0.67
CA VAL B 319 21.22 31.53 2.09
C VAL B 319 21.95 30.56 3.01
N ASP B 320 22.28 31.07 4.19
CA ASP B 320 22.89 30.31 5.27
C ASP B 320 21.93 29.26 5.81
N GLY B 321 22.50 28.15 6.28
CA GLY B 321 21.85 27.33 7.27
C GLY B 321 20.67 26.47 6.87
N VAL B 322 20.43 26.28 5.59
CA VAL B 322 19.30 25.43 5.19
C VAL B 322 19.73 23.97 5.43
N LYS B 323 18.82 23.17 5.99
CA LYS B 323 19.11 21.79 6.35
C LYS B 323 18.07 20.90 5.67
N VAL B 324 18.44 20.30 4.56
CA VAL B 324 17.55 19.40 3.84
C VAL B 324 17.90 17.99 4.22
N ALA B 325 16.89 17.20 4.58
CA ALA B 325 17.15 15.79 4.78
C ALA B 325 16.08 14.79 4.87
N GLY B 326 16.51 13.59 4.52
CA GLY B 326 15.62 12.43 4.59
C GLY B 326 14.61 12.35 3.48
N LEU B 327 15.01 12.83 2.30
CA LEU B 327 14.14 12.88 1.12
C LEU B 327 14.73 12.11 -0.06
N LEU B 328 13.84 11.40 -0.78
CA LEU B 328 14.16 10.79 -2.08
C LEU B 328 13.58 11.68 -3.17
N VAL B 329 14.37 11.98 -4.19
CA VAL B 329 13.91 12.71 -5.36
C VAL B 329 13.94 11.72 -6.51
N ASP B 330 12.79 11.50 -7.10
CA ASP B 330 12.60 10.44 -8.09
C ASP B 330 12.26 11.08 -9.42
N ALA B 331 13.12 10.93 -10.44
CA ALA B 331 12.88 11.58 -11.72
C ALA B 331 11.55 11.16 -12.35
N GLY B 332 10.88 12.12 -13.01
CA GLY B 332 9.74 11.78 -13.84
C GLY B 332 10.18 11.35 -15.24
N PRO B 333 9.25 10.79 -16.03
CA PRO B 333 9.55 10.46 -17.42
C PRO B 333 10.08 11.66 -18.17
N VAL B 334 9.41 12.81 -18.05
CA VAL B 334 9.87 13.98 -18.80
C VAL B 334 11.22 14.50 -18.22
N ASN B 335 12.24 14.62 -19.07
CA ASN B 335 13.56 15.00 -18.61
C ASN B 335 13.62 16.32 -17.86
N SER B 336 14.26 16.30 -16.69
CA SER B 336 14.52 17.49 -15.94
C SER B 336 15.95 17.91 -16.16
N GLU B 337 16.17 19.18 -16.50
CA GLU B 337 17.55 19.67 -16.64
C GLU B 337 18.35 19.43 -15.38
N THR B 338 17.69 19.69 -14.26
CA THR B 338 18.25 19.44 -12.95
C THR B 338 17.18 18.88 -12.03
N LEU B 339 17.61 18.11 -11.03
CA LEU B 339 16.69 17.64 -9.99
C LEU B 339 16.80 18.44 -8.69
N VAL B 340 18.02 18.77 -8.29
CA VAL B 340 18.28 19.53 -7.09
C VAL B 340 19.35 20.55 -7.38
N GLU B 341 19.10 21.80 -7.01
CA GLU B 341 20.10 22.82 -7.11
C GLU B 341 20.27 23.43 -5.72
N VAL B 342 21.53 23.64 -5.31
CA VAL B 342 21.84 24.20 -4.02
C VAL B 342 22.59 25.48 -4.29
N GLY B 343 21.84 26.58 -4.18
CA GLY B 343 22.32 27.89 -4.57
C GLY B 343 22.18 28.17 -6.06
N SER B 344 22.35 29.45 -6.36
CA SER B 344 22.18 30.01 -7.69
C SER B 344 23.45 29.87 -8.52
N ASP B 345 23.33 30.01 -9.84
CA ASP B 345 24.47 29.82 -10.73
C ASP B 345 25.48 30.95 -10.55
N GLY B 346 26.74 30.58 -10.33
CA GLY B 346 27.82 31.55 -10.20
C GLY B 346 27.70 32.29 -8.89
N ALA B 347 27.07 31.59 -7.93
CA ALA B 347 26.85 32.08 -6.58
C ALA B 347 28.16 32.32 -5.86
N SER B 348 28.25 33.48 -5.24
CA SER B 348 29.50 34.08 -4.80
C SER B 348 29.83 34.11 -3.27
N GLY B 349 28.78 34.05 -2.48
CA GLY B 349 28.93 34.31 -1.06
C GLY B 349 29.39 33.12 -0.25
N ASP B 350 29.92 33.46 0.93
CA ASP B 350 30.40 32.56 1.96
C ASP B 350 29.25 32.11 2.79
N HIS B 351 29.27 30.83 3.21
CA HIS B 351 28.34 30.39 4.26
C HIS B 351 29.06 29.56 5.31
N ALA B 352 30.27 29.96 5.72
CA ALA B 352 31.12 29.00 6.42
C ALA B 352 30.71 28.77 7.89
N ALA B 353 30.23 29.82 8.57
CA ALA B 353 29.87 29.70 9.98
C ALA B 353 28.53 28.92 10.15
N ASN B 354 27.67 28.98 9.13
CA ASN B 354 26.34 28.36 9.19
C ASN B 354 26.03 27.84 7.78
N PRO B 355 26.64 26.71 7.44
CA PRO B 355 26.49 26.12 6.11
C PRO B 355 25.13 25.49 5.88
N THR B 356 24.72 25.48 4.62
CA THR B 356 23.57 24.68 4.19
C THR B 356 24.06 23.25 3.97
N SER B 357 23.20 22.27 4.30
CA SER B 357 23.57 20.88 4.11
C SER B 357 22.49 20.07 3.38
N LEU B 358 22.94 18.98 2.76
CA LEU B 358 22.08 17.92 2.26
C LEU B 358 22.44 16.65 3.06
N GLN B 359 21.45 16.01 3.68
CA GLN B 359 21.72 14.82 4.48
C GLN B 359 20.67 13.75 4.22
N ASP B 360 21.13 12.55 3.88
CA ASP B 360 20.18 11.51 3.51
C ASP B 360 19.22 12.01 2.42
N VAL B 361 19.82 12.64 1.44
CA VAL B 361 19.17 13.00 0.20
C VAL B 361 19.57 11.95 -0.85
N PHE B 362 18.57 11.31 -1.41
CA PHE B 362 18.79 10.25 -2.37
C PHE B 362 18.07 10.64 -3.62
N VAL B 363 18.67 10.33 -4.77
CA VAL B 363 18.10 10.65 -6.06
C VAL B 363 18.02 9.33 -6.84
N ARG B 364 16.90 9.12 -7.53
CA ARG B 364 16.71 7.93 -8.39
C ARG B 364 16.28 8.37 -9.76
N ILE B 365 16.90 7.79 -10.81
CA ILE B 365 16.44 8.03 -12.18
C ILE B 365 16.12 6.69 -12.83
N GLY B 366 14.82 6.43 -12.97
CA GLY B 366 14.35 5.15 -13.48
C GLY B 366 14.16 4.09 -12.41
N GLY B 367 13.65 2.92 -12.83
CA GLY B 367 13.52 1.77 -11.95
C GLY B 367 12.10 1.57 -11.45
N ALA B 368 11.42 2.68 -11.19
CA ALA B 368 9.98 2.70 -10.91
C ALA B 368 9.19 3.24 -12.11
N GLY B 369 9.72 2.99 -13.31
CA GLY B 369 9.21 3.57 -14.54
C GLY B 369 10.28 4.42 -15.19
N PRO B 370 10.12 4.72 -16.50
CA PRO B 370 11.09 5.63 -17.10
C PRO B 370 11.24 6.94 -16.33
N GLY B 371 12.47 7.33 -16.09
CA GLY B 371 12.77 8.60 -15.49
C GLY B 371 13.99 9.14 -16.20
N LYS B 372 14.09 10.48 -16.31
CA LYS B 372 15.19 11.12 -17.03
C LYS B 372 15.57 12.44 -16.39
N ALA B 373 16.87 12.70 -16.27
CA ALA B 373 17.37 14.01 -15.84
C ALA B 373 18.77 14.22 -16.39
N THR B 374 19.08 15.44 -16.74
CA THR B 374 20.40 15.71 -17.31
C THR B 374 21.48 15.74 -16.24
N THR B 375 21.25 16.52 -15.19
CA THR B 375 22.16 16.64 -14.07
C THR B 375 21.37 16.56 -12.77
N SER B 376 21.70 15.60 -11.91
CA SER B 376 20.86 15.36 -10.75
C SER B 376 21.01 16.41 -9.66
N ILE B 377 22.23 16.65 -9.18
CA ILE B 377 22.42 17.63 -8.10
C ILE B 377 23.50 18.61 -8.50
N VAL B 378 23.17 19.90 -8.53
CA VAL B 378 24.14 20.95 -8.72
C VAL B 378 24.35 21.69 -7.43
N VAL B 379 25.59 21.69 -6.94
CA VAL B 379 25.94 22.43 -5.73
C VAL B 379 26.76 23.68 -6.06
N ASN B 380 26.06 24.82 -6.02
CA ASN B 380 26.70 26.10 -6.29
C ASN B 380 27.18 26.84 -5.05
N SER B 381 26.45 26.71 -3.96
CA SER B 381 26.75 27.52 -2.78
C SER B 381 28.02 27.07 -2.12
N ASN B 382 28.85 28.05 -1.77
CA ASN B 382 30.06 27.75 -1.06
C ASN B 382 29.77 27.19 0.33
N ASP B 383 30.71 26.35 0.78
CA ASP B 383 30.72 25.77 2.14
C ASP B 383 29.62 24.73 2.42
N THR B 384 28.93 24.32 1.39
CA THR B 384 27.89 23.29 1.51
C THR B 384 28.46 21.97 2.05
N ILE B 385 27.70 21.35 2.95
CA ILE B 385 28.03 20.01 3.44
C ILE B 385 27.06 19.01 2.78
N ILE B 386 27.60 17.97 2.17
CA ILE B 386 26.78 16.88 1.63
C ILE B 386 27.19 15.66 2.44
N ASP B 387 26.32 15.29 3.37
CA ASP B 387 26.60 14.26 4.38
C ASP B 387 25.61 13.11 4.21
N HIS B 388 26.05 12.14 3.41
CA HIS B 388 25.29 10.99 2.95
C HIS B 388 24.33 11.29 1.80
N THR B 389 24.76 10.96 0.61
CA THR B 389 23.85 11.01 -0.54
C THR B 389 24.07 9.76 -1.39
N TRP B 390 22.98 9.27 -1.97
CA TRP B 390 23.04 8.25 -3.02
C TRP B 390 22.30 8.82 -4.24
N VAL B 391 23.05 9.00 -5.32
CA VAL B 391 22.55 9.56 -6.56
C VAL B 391 22.68 8.44 -7.57
N TRP B 392 21.52 7.88 -7.97
CA TRP B 392 21.48 6.56 -8.59
C TRP B 392 20.66 6.55 -9.88
N ARG B 393 21.34 6.37 -10.99
CA ARG B 393 20.68 6.04 -12.24
C ARG B 393 20.41 4.54 -12.17
N ALA B 394 19.14 4.16 -12.31
CA ALA B 394 18.78 2.79 -12.03
C ALA B 394 19.42 1.79 -13.01
N ASP B 395 19.83 0.65 -12.47
CA ASP B 395 20.36 -0.45 -13.29
C ASP B 395 19.41 -1.66 -13.36
N HIS B 396 18.29 -1.61 -12.64
CA HIS B 396 17.30 -2.69 -12.69
C HIS B 396 15.98 -2.05 -12.37
N GLY B 397 14.91 -2.80 -12.60
CA GLY B 397 13.56 -2.33 -12.41
C GLY B 397 12.90 -1.99 -13.74
N GLU B 398 11.88 -1.15 -13.64
CA GLU B 398 11.02 -0.74 -14.74
C GLU B 398 11.58 0.50 -15.36
N GLY B 399 11.59 0.56 -16.70
CA GLY B 399 11.95 1.80 -17.37
C GLY B 399 13.46 2.04 -17.41
N VAL B 400 14.23 0.97 -17.56
CA VAL B 400 15.70 1.02 -17.46
C VAL B 400 16.38 0.64 -18.78
N GLY B 401 17.35 1.45 -19.16
CA GLY B 401 18.17 1.20 -20.34
C GLY B 401 18.95 2.45 -20.80
N TRP B 402 19.90 2.25 -21.73
CA TRP B 402 20.86 3.31 -22.12
C TRP B 402 20.18 4.60 -22.56
N GLU B 403 19.01 4.48 -23.21
CA GLU B 403 18.22 5.65 -23.58
C GLU B 403 16.99 5.80 -22.67
N THR B 404 16.41 4.69 -22.25
CA THR B 404 15.13 4.69 -21.54
C THR B 404 15.20 5.50 -20.24
N ASN B 405 16.32 5.37 -19.50
CA ASN B 405 16.51 6.19 -18.30
C ASN B 405 17.88 6.92 -18.33
N ARG B 406 18.15 7.52 -19.49
CA ARG B 406 19.34 8.31 -19.67
C ARG B 406 19.46 9.40 -18.62
N ALA B 407 20.64 9.48 -17.98
CA ALA B 407 20.95 10.55 -17.06
C ALA B 407 22.43 10.80 -17.19
N ASP B 408 22.79 11.96 -17.72
CA ASP B 408 24.15 12.11 -18.21
C ASP B 408 25.13 12.41 -17.05
N TYR B 409 24.67 13.17 -16.05
CA TYR B 409 25.56 13.68 -15.01
C TYR B 409 24.94 13.54 -13.62
N GLY B 410 25.74 13.06 -12.68
CA GLY B 410 25.24 12.81 -11.36
C GLY B 410 25.23 14.11 -10.60
N VAL B 411 26.36 14.36 -9.94
CA VAL B 411 26.57 15.55 -9.13
C VAL B 411 27.59 16.47 -9.79
N HIS B 412 27.29 17.78 -9.84
CA HIS B 412 28.32 18.77 -10.20
C HIS B 412 28.45 19.78 -9.09
N VAL B 413 29.65 19.80 -8.50
CA VAL B 413 29.94 20.78 -7.47
C VAL B 413 30.70 21.92 -8.06
N LYS B 414 30.10 23.09 -7.96
CA LYS B 414 30.81 24.27 -8.42
C LYS B 414 31.05 25.29 -7.30
N GLY B 415 30.46 25.08 -6.14
CA GLY B 415 30.77 25.90 -4.97
C GLY B 415 32.18 25.63 -4.45
N ASP B 416 32.75 26.60 -3.74
CA ASP B 416 34.07 26.45 -3.14
C ASP B 416 33.93 25.93 -1.73
N ASN B 417 34.91 25.17 -1.28
CA ASN B 417 34.97 24.69 0.10
C ASN B 417 33.83 23.77 0.47
N VAL B 418 33.33 23.08 -0.51
CA VAL B 418 32.26 22.11 -0.30
C VAL B 418 32.84 20.80 0.25
N LEU B 419 32.13 20.21 1.17
CA LEU B 419 32.59 18.96 1.80
C LEU B 419 31.58 17.88 1.56
N ALA B 420 32.01 16.75 1.02
CA ALA B 420 31.15 15.57 0.91
C ALA B 420 31.65 14.45 1.81
N THR B 421 30.77 13.94 2.67
CA THR B 421 31.10 12.84 3.57
C THR B 421 30.11 11.73 3.30
N GLY B 422 30.59 10.62 2.73
CA GLY B 422 29.73 9.52 2.33
C GLY B 422 29.02 9.85 1.03
N LEU B 423 29.79 9.84 -0.05
CA LEU B 423 29.27 10.15 -1.38
C LEU B 423 29.12 8.85 -2.18
N PHE B 424 27.89 8.52 -2.57
CA PHE B 424 27.58 7.30 -3.38
C PHE B 424 26.88 7.78 -4.67
N VAL B 425 27.50 7.58 -5.83
CA VAL B 425 26.95 8.05 -7.12
C VAL B 425 27.22 7.01 -8.19
N GLU B 426 26.17 6.56 -8.87
CA GLU B 426 26.32 5.40 -9.74
C GLU B 426 25.51 5.43 -11.06
N HIS B 427 26.17 4.95 -12.11
CA HIS B 427 25.59 4.47 -13.37
C HIS B 427 25.28 5.55 -14.39
N PHE B 428 25.77 6.76 -14.17
CA PHE B 428 25.50 7.85 -15.12
C PHE B 428 26.09 7.62 -16.51
N ASN B 429 25.42 8.13 -17.55
CA ASN B 429 25.89 7.92 -18.91
C ASN B 429 27.22 8.61 -19.17
N LYS B 430 27.45 9.73 -18.49
CA LYS B 430 28.69 10.49 -18.63
C LYS B 430 29.39 10.59 -17.26
N TYR B 431 29.82 11.77 -16.83
CA TYR B 431 30.52 11.88 -15.58
C TYR B 431 29.60 11.72 -14.37
N ASP B 432 29.88 10.75 -13.50
CA ASP B 432 29.02 10.58 -12.33
C ASP B 432 29.18 11.78 -11.39
N VAL B 433 30.42 12.18 -11.15
CA VAL B 433 30.70 13.38 -10.36
C VAL B 433 31.68 14.24 -11.11
N GLN B 434 31.35 15.53 -11.16
CA GLN B 434 32.25 16.59 -11.62
C GLN B 434 32.45 17.61 -10.51
N TRP B 435 33.67 18.10 -10.36
CA TRP B 435 33.97 19.12 -9.37
C TRP B 435 34.74 20.22 -10.05
N SER B 436 34.18 21.42 -10.01
CA SER B 436 34.87 22.56 -10.59
C SER B 436 35.04 23.76 -9.63
N GLY B 437 34.49 23.66 -8.42
CA GLY B 437 34.80 24.58 -7.33
C GLY B 437 36.17 24.29 -6.69
N GLU B 438 36.69 25.26 -5.94
CA GLU B 438 37.97 25.13 -5.23
C GLU B 438 37.83 24.53 -3.81
N ASN B 439 38.96 24.07 -3.30
CA ASN B 439 39.08 23.42 -1.97
C ASN B 439 38.01 22.46 -1.56
N GLY B 440 37.46 21.77 -2.55
CA GLY B 440 36.61 20.64 -2.30
C GLY B 440 37.32 19.54 -1.51
N LYS B 441 36.55 18.88 -0.64
CA LYS B 441 36.98 17.62 -0.03
C LYS B 441 35.89 16.55 -0.09
N THR B 442 36.27 15.32 -0.40
CA THR B 442 35.37 14.16 -0.32
C THR B 442 36.03 13.16 0.60
N ILE B 443 35.28 12.73 1.60
CA ILE B 443 35.67 11.61 2.47
C ILE B 443 34.65 10.50 2.24
N PHE B 444 35.16 9.44 1.62
CA PHE B 444 34.45 8.24 1.14
C PHE B 444 33.67 8.49 -0.12
N TYR B 445 34.01 7.73 -1.17
CA TYR B 445 33.26 7.76 -2.43
C TYR B 445 33.08 6.33 -2.90
N GLN B 446 31.86 6.02 -3.29
CA GLN B 446 31.53 4.77 -3.94
C GLN B 446 30.81 5.06 -5.26
N ASN B 447 31.37 4.51 -6.34
CA ASN B 447 30.80 4.61 -7.68
C ASN B 447 30.75 3.23 -8.34
N ALA B 448 29.75 3.05 -9.19
CA ALA B 448 29.81 1.99 -10.20
C ALA B 448 29.44 2.66 -11.53
N LYS B 449 30.15 2.26 -12.57
CA LYS B 449 29.94 2.82 -13.88
C LYS B 449 28.69 2.22 -14.55
N ALA B 450 28.13 2.96 -15.51
CA ALA B 450 26.99 2.47 -16.32
C ALA B 450 27.28 1.10 -16.86
N TYR B 451 26.34 0.16 -16.68
CA TYR B 451 26.59 -1.21 -17.13
C TYR B 451 26.16 -1.41 -18.57
N ASP B 452 25.45 -0.41 -19.11
CA ASP B 452 24.75 -0.56 -20.40
C ASP B 452 25.25 0.33 -21.59
N ALA B 453 26.44 0.92 -21.50
CA ALA B 453 27.11 1.43 -22.71
C ALA B 453 27.06 0.33 -23.78
N PRO B 454 26.53 0.67 -24.99
CA PRO B 454 26.41 -0.42 -25.98
C PRO B 454 27.73 -0.87 -26.59
N ASP B 455 28.67 0.04 -26.71
CA ASP B 455 29.95 -0.26 -27.29
C ASP B 455 30.89 0.83 -26.86
N GLN B 456 32.15 0.68 -27.26
CA GLN B 456 33.16 1.65 -26.90
C GLN B 456 32.80 3.04 -27.45
N ALA B 457 32.10 3.09 -28.59
CA ALA B 457 31.69 4.37 -29.19
C ALA B 457 30.75 5.17 -28.28
N ALA B 458 29.83 4.46 -27.65
CA ALA B 458 28.73 5.09 -26.91
C ALA B 458 29.19 5.91 -25.70
N ILE B 459 30.48 5.84 -25.40
CA ILE B 459 31.04 6.54 -24.26
C ILE B 459 32.38 7.19 -24.61
N GLN B 460 32.55 7.60 -25.86
CA GLN B 460 33.72 8.37 -26.24
C GLN B 460 33.78 9.76 -25.60
N ASN B 461 34.86 10.04 -24.88
CA ASN B 461 34.99 11.32 -24.16
C ASN B 461 36.18 12.13 -24.64
N GLY B 462 35.97 12.94 -25.69
CA GLY B 462 37.05 13.73 -26.23
C GLY B 462 38.18 12.82 -26.72
N ASP B 463 39.32 12.94 -26.03
CA ASP B 463 40.47 12.05 -26.16
C ASP B 463 40.60 10.91 -25.17
N ILE B 464 39.50 10.53 -24.54
CA ILE B 464 39.57 9.58 -23.39
C ILE B 464 38.55 8.44 -23.59
N LYS B 465 38.91 7.19 -23.26
CA LYS B 465 37.95 6.09 -23.26
C LYS B 465 37.06 6.16 -22.01
N GLY B 466 35.79 6.52 -22.22
CA GLY B 466 34.87 6.69 -21.12
C GLY B 466 35.05 7.89 -20.22
N TYR B 467 34.01 8.13 -19.42
CA TYR B 467 33.93 9.29 -18.54
C TYR B 467 34.31 8.88 -17.12
N ALA B 468 35.22 9.64 -16.51
CA ALA B 468 35.59 9.38 -15.14
C ALA B 468 34.35 9.25 -14.26
N ALA B 469 34.46 8.46 -13.22
CA ALA B 469 33.46 8.47 -12.17
C ALA B 469 33.56 9.75 -11.34
N TYR B 470 34.75 10.36 -11.32
CA TYR B 470 34.98 11.52 -10.48
C TYR B 470 36.04 12.36 -11.16
N LYS B 471 35.59 13.48 -11.71
CA LYS B 471 36.41 14.41 -12.43
C LYS B 471 36.55 15.72 -11.73
N VAL B 472 37.79 16.09 -11.50
CA VAL B 472 38.14 17.43 -11.08
C VAL B 472 38.60 18.25 -12.30
N ASP B 473 37.95 19.37 -12.55
CA ASP B 473 38.26 20.20 -13.72
C ASP B 473 39.70 20.68 -13.67
N ASP B 474 40.35 20.69 -14.83
CA ASP B 474 41.76 21.11 -14.97
C ASP B 474 42.11 22.44 -14.32
N SER B 475 41.12 23.30 -14.26
CA SER B 475 41.36 24.64 -13.79
C SER B 475 41.26 24.81 -12.25
N VAL B 476 40.89 23.73 -11.55
CA VAL B 476 40.85 23.76 -10.10
C VAL B 476 42.29 23.76 -9.62
N THR B 477 42.58 24.48 -8.53
CA THR B 477 43.94 24.55 -7.99
C THR B 477 44.10 23.68 -6.73
N THR B 478 43.01 23.49 -5.97
CA THR B 478 43.07 22.74 -4.70
C THR B 478 41.87 21.77 -4.54
N HIS B 479 42.15 20.49 -4.24
CA HIS B 479 41.11 19.47 -4.03
C HIS B 479 41.69 18.33 -3.22
N GLU B 480 40.92 17.74 -2.30
CA GLU B 480 41.42 16.54 -1.60
C GLU B 480 40.33 15.46 -1.48
N GLY B 481 40.73 14.21 -1.70
CA GLY B 481 39.82 13.08 -1.59
C GLY B 481 40.48 11.92 -0.86
N TRP B 482 39.67 11.19 -0.08
CA TRP B 482 40.14 10.09 0.71
C TRP B 482 39.18 8.91 0.59
N GLY B 483 39.73 7.74 0.29
CA GLY B 483 38.94 6.52 0.40
C GLY B 483 37.88 6.50 -0.68
N MET B 484 38.29 6.22 -1.89
CA MET B 484 37.42 6.41 -3.05
C MET B 484 37.53 5.26 -4.05
N GLY B 485 36.39 4.66 -4.42
CA GLY B 485 36.40 3.53 -5.35
C GLY B 485 35.38 3.66 -6.47
N SER B 486 35.74 3.11 -7.63
CA SER B 486 34.82 3.02 -8.78
C SER B 486 34.85 1.60 -9.32
N TYR B 487 33.67 1.05 -9.54
CA TYR B 487 33.53 -0.32 -10.02
C TYR B 487 32.89 -0.38 -11.41
N CYS B 488 33.28 -1.37 -12.21
CA CYS B 488 32.59 -1.62 -13.48
C CYS B 488 32.02 -3.02 -13.58
N TYR B 489 30.96 -3.13 -14.36
CA TYR B 489 30.31 -4.41 -14.76
C TYR B 489 29.59 -4.14 -16.07
N PHE B 490 30.37 -4.10 -17.14
CA PHE B 490 29.84 -3.74 -18.45
C PHE B 490 29.22 -5.02 -19.03
N ASN B 491 27.99 -5.31 -18.64
CA ASN B 491 27.44 -6.62 -19.04
C ASN B 491 26.85 -6.60 -20.44
N VAL B 492 26.40 -5.45 -20.88
CA VAL B 492 25.98 -5.28 -22.28
C VAL B 492 27.16 -5.54 -23.21
N ASN B 493 28.31 -4.90 -22.97
CA ASN B 493 29.51 -5.17 -23.77
C ASN B 493 30.78 -5.23 -22.90
N PRO B 494 31.08 -6.42 -22.38
CA PRO B 494 32.23 -6.54 -21.48
C PRO B 494 33.60 -6.54 -22.17
N ASP B 495 33.67 -6.16 -23.46
CA ASP B 495 34.93 -5.89 -24.16
C ASP B 495 35.30 -4.38 -24.02
N ILE B 496 34.45 -3.61 -23.36
CA ILE B 496 34.70 -2.19 -23.13
C ILE B 496 35.90 -2.00 -22.20
N ARG B 497 36.66 -0.93 -22.42
CA ARG B 497 37.63 -0.45 -21.43
C ARG B 497 37.21 0.92 -20.97
N GLN B 498 37.36 1.11 -19.67
CA GLN B 498 37.19 2.38 -18.97
C GLN B 498 38.61 2.88 -18.68
N GLN B 499 38.99 4.04 -19.19
CA GLN B 499 40.37 4.48 -19.04
C GLN B 499 40.75 4.64 -17.56
N HIS B 500 39.85 5.26 -16.80
CA HIS B 500 40.11 5.51 -15.38
C HIS B 500 38.84 5.67 -14.57
N GLY B 501 38.98 5.55 -13.24
CA GLY B 501 37.89 5.90 -12.33
C GLY B 501 37.88 7.39 -12.00
N PHE B 502 39.08 7.97 -12.01
CA PHE B 502 39.30 9.36 -11.57
C PHE B 502 40.09 10.14 -12.61
N GLN B 503 39.70 11.40 -12.77
CA GLN B 503 40.45 12.34 -13.62
C GLN B 503 40.65 13.67 -12.95
N ALA B 504 41.88 14.16 -13.01
CA ALA B 504 42.22 15.41 -12.33
C ALA B 504 43.53 16.01 -12.87
N PRO B 505 43.60 17.34 -12.93
CA PRO B 505 44.90 17.90 -13.34
C PRO B 505 45.99 17.62 -12.33
N VAL B 506 47.24 17.75 -12.74
CA VAL B 506 48.39 17.46 -11.88
C VAL B 506 48.93 18.77 -11.30
N LYS B 507 48.53 19.07 -10.06
CA LYS B 507 48.84 20.31 -9.34
C LYS B 507 49.19 19.96 -7.90
N PRO B 508 50.02 20.77 -7.24
CA PRO B 508 50.43 20.35 -5.89
C PRO B 508 49.32 20.27 -4.85
N GLY B 509 48.29 21.08 -5.01
CA GLY B 509 47.22 21.16 -4.03
C GLY B 509 46.00 20.33 -4.42
N VAL B 510 46.11 19.60 -5.53
CA VAL B 510 45.09 18.59 -5.92
C VAL B 510 45.64 17.23 -5.48
N LYS B 511 44.89 16.59 -4.58
CA LYS B 511 45.40 15.62 -3.60
C LYS B 511 44.45 14.40 -3.52
N PHE B 512 44.93 13.16 -3.73
CA PHE B 512 44.10 11.96 -3.46
C PHE B 512 44.81 10.91 -2.65
N HIS B 513 44.01 10.27 -1.81
CA HIS B 513 44.46 9.27 -0.86
C HIS B 513 43.56 8.03 -0.95
N ASP B 514 44.15 6.88 -1.24
CA ASP B 514 43.46 5.59 -1.14
C ASP B 514 42.37 5.46 -2.19
N LEU B 515 42.83 5.44 -3.44
CA LEU B 515 41.98 5.23 -4.62
C LEU B 515 41.96 3.77 -5.04
N LEU B 516 40.81 3.35 -5.56
CA LEU B 516 40.74 2.02 -6.17
C LEU B 516 39.74 1.94 -7.30
N VAL B 517 40.02 1.04 -8.24
CA VAL B 517 39.03 0.62 -9.22
C VAL B 517 38.93 -0.92 -9.26
N VAL B 518 37.74 -1.43 -9.62
CA VAL B 518 37.46 -2.86 -9.61
C VAL B 518 36.59 -3.24 -10.79
N SER B 519 36.96 -4.34 -11.44
CA SER B 519 36.12 -4.97 -12.45
C SER B 519 35.33 -6.12 -11.85
N LEU B 520 34.00 -6.05 -11.93
CA LEU B 520 33.17 -7.15 -11.51
C LEU B 520 33.20 -8.29 -12.53
N GLY B 521 33.84 -9.38 -12.13
CA GLY B 521 33.93 -10.60 -12.92
C GLY B 521 34.53 -10.50 -14.32
N GLY B 522 35.34 -9.48 -14.55
CA GLY B 522 35.88 -9.23 -15.87
C GLY B 522 34.88 -8.75 -16.89
N LYS B 523 33.81 -8.07 -16.47
CA LYS B 523 32.92 -7.46 -17.44
C LYS B 523 33.44 -6.02 -17.65
N GLY B 524 34.25 -5.91 -18.69
CA GLY B 524 35.03 -4.73 -18.92
C GLY B 524 36.25 -4.72 -18.02
N GLN B 525 37.13 -3.78 -18.30
CA GLN B 525 38.29 -3.52 -17.45
C GLN B 525 38.61 -2.05 -17.45
N TYR B 526 39.25 -1.62 -16.35
CA TYR B 526 39.92 -0.29 -16.27
C TYR B 526 41.34 -0.34 -16.83
N GLU B 527 41.69 0.66 -17.64
CA GLU B 527 43.08 0.82 -18.09
C GLU B 527 44.00 1.31 -16.99
N HIS B 528 43.47 2.17 -16.11
CA HIS B 528 44.23 2.84 -15.05
C HIS B 528 43.28 3.22 -13.88
N VAL B 529 43.85 3.80 -12.81
CA VAL B 529 43.08 4.21 -11.65
C VAL B 529 42.66 5.68 -11.78
N ILE B 530 43.68 6.54 -11.92
CA ILE B 530 43.52 7.98 -12.01
C ILE B 530 44.37 8.48 -13.19
N ASN B 531 43.75 9.29 -14.06
CA ASN B 531 44.39 9.73 -15.29
C ASN B 531 44.94 8.50 -16.03
N ASP B 532 46.20 8.52 -16.45
CA ASP B 532 46.75 7.37 -17.18
C ASP B 532 47.72 6.62 -16.28
N ILE B 533 47.40 6.66 -14.98
CA ILE B 533 48.26 6.20 -13.88
C ILE B 533 47.53 5.17 -12.96
N GLY B 534 48.29 4.21 -12.46
CA GLY B 534 47.75 3.07 -11.73
C GLY B 534 47.59 1.86 -12.62
N ASP B 535 47.72 0.66 -12.06
CA ASP B 535 47.63 -0.55 -12.88
C ASP B 535 46.25 -0.72 -13.54
N PRO B 536 46.19 -1.37 -14.71
CA PRO B 536 44.86 -1.76 -15.18
C PRO B 536 44.29 -2.89 -14.33
N THR B 537 42.98 -3.04 -14.32
CA THR B 537 42.42 -4.29 -13.81
C THR B 537 42.63 -5.38 -14.84
N SER B 538 42.63 -6.62 -14.38
CA SER B 538 42.82 -7.75 -15.28
C SER B 538 42.30 -9.00 -14.62
N GLY B 539 41.91 -9.96 -15.44
CA GLY B 539 41.32 -11.18 -14.94
C GLY B 539 39.82 -11.05 -14.69
N ASP B 540 39.26 -12.16 -14.23
CA ASP B 540 37.82 -12.37 -14.03
C ASP B 540 37.49 -12.49 -12.54
N THR B 541 38.48 -12.17 -11.72
CA THR B 541 38.47 -12.55 -10.30
C THR B 541 38.13 -11.40 -9.34
N THR B 542 37.94 -10.20 -9.90
CA THR B 542 37.45 -9.06 -9.12
C THR B 542 38.41 -8.65 -8.00
N ILE B 543 39.66 -8.39 -8.40
CA ILE B 543 40.72 -7.91 -7.51
C ILE B 543 41.01 -6.44 -7.81
N PRO B 544 40.88 -5.54 -6.80
CA PRO B 544 41.09 -4.10 -7.08
C PRO B 544 42.50 -3.71 -7.54
N SER B 545 42.59 -2.62 -8.32
CA SER B 545 43.85 -1.90 -8.54
C SER B 545 43.78 -0.59 -7.76
N GLN B 546 44.88 -0.22 -7.10
CA GLN B 546 44.85 0.93 -6.20
C GLN B 546 45.96 1.95 -6.43
N VAL B 547 45.81 3.11 -5.78
CA VAL B 547 46.83 4.17 -5.74
C VAL B 547 46.74 4.85 -4.38
N VAL B 548 47.80 4.77 -3.56
CA VAL B 548 47.70 5.31 -2.18
C VAL B 548 47.73 6.80 -2.16
N SER B 549 48.69 7.36 -2.91
CA SER B 549 48.90 8.81 -2.98
C SER B 549 48.97 9.20 -4.44
N PHE B 550 48.33 10.32 -4.72
CA PHE B 550 48.40 11.03 -5.98
C PHE B 550 48.38 12.51 -5.66
N PRO B 551 49.20 13.32 -6.36
CA PRO B 551 50.10 12.89 -7.44
C PRO B 551 51.38 12.31 -6.83
C1 EDO C . -38.62 -12.39 -9.22
O1 EDO C . -37.77 -12.94 -8.19
C2 EDO C . -39.01 -10.95 -8.90
O2 EDO C . -37.83 -10.19 -8.68
H11 EDO C . -39.52 -12.99 -9.33
H12 EDO C . -38.08 -12.40 -10.16
HO1 EDO C . -37.55 -13.86 -8.41
H21 EDO C . -39.64 -10.92 -8.02
H22 EDO C . -39.57 -10.53 -9.74
HO2 EDO C . -38.07 -9.29 -8.43
C1 EDO D . -15.66 -12.68 -22.19
O1 EDO D . -14.36 -12.03 -22.17
C2 EDO D . -16.78 -11.64 -22.29
O2 EDO D . -16.72 -10.78 -21.18
H11 EDO D . -15.79 -13.26 -21.27
H12 EDO D . -15.70 -13.37 -23.03
HO1 EDO D . -13.66 -12.68 -22.05
H21 EDO D . -17.75 -12.13 -22.31
H22 EDO D . -16.67 -11.07 -23.23
HO2 EDO D . -17.59 -10.40 -21.03
C2 BGC E . 25.53 -1.70 -7.21
C3 BGC E . 24.09 -1.13 -7.23
C4 BGC E . 23.14 -2.16 -7.94
C5 BGC E . 23.28 -3.52 -7.26
C6 BGC E . 22.25 -4.55 -7.75
C1 BGC E . 25.56 -3.18 -6.66
O1 BGC E . 26.80 -3.79 -6.58
O2 BGC E . 26.47 -0.83 -6.55
O3 BGC E . 24.06 0.18 -7.83
O4 BGC E . 21.75 -1.80 -7.87
O5 BGC E . 24.63 -3.96 -7.39
O6 BGC E . 22.39 -4.88 -9.12
H2 BGC E . 24.56 -1.30 -6.91
H3 BGC E . 23.43 -1.78 -7.76
H4 BGC E . 23.43 -2.31 -8.99
H5 BGC E . 23.06 -3.37 -6.21
H61 BGC E . 21.24 -4.14 -7.62
H62 BGC E . 22.31 -5.46 -7.14
H1 BGC E . 25.32 -3.30 -5.67
HO1 BGC E . 27.52 -3.16 -6.80
HO2 BGC E . 26.46 -1.01 -5.59
HO3 BGC E . 24.97 0.41 -8.14
HO4 BGC E . 21.63 -0.92 -7.46
HO6 BGC E . 23.00 -4.26 -9.56
C1 EDO F . 7.44 6.49 -6.13
O1 EDO F . 8.64 7.27 -5.99
C2 EDO F . 7.82 5.06 -6.48
O2 EDO F . 8.51 4.52 -5.35
H11 EDO F . 6.82 6.90 -6.93
H12 EDO F . 6.87 6.52 -5.20
HO1 EDO F . 8.42 8.16 -5.69
H21 EDO F . 8.47 5.04 -7.35
H22 EDO F . 6.93 4.47 -6.68
HO2 EDO F . 8.83 3.63 -5.56
C1 EDO G . 30.94 5.13 -18.97
O1 EDO G . 32.27 5.63 -18.94
C2 EDO G . 29.97 6.29 -18.82
O2 EDO G . 30.39 7.17 -17.78
H11 EDO G . 30.80 4.42 -18.16
H12 EDO G . 30.77 4.59 -19.91
HO1 EDO G . 32.88 4.90 -18.77
H21 EDO G . 28.96 5.92 -18.60
H22 EDO G . 29.94 6.82 -19.77
HO2 EDO G . 29.62 7.59 -17.40
C1 EDO H . 49.55 5.05 3.67
O1 EDO H . 48.87 6.15 4.28
C2 EDO H . 49.52 3.82 4.57
O2 EDO H . 48.17 3.30 4.64
H11 EDO H . 50.59 5.32 3.45
H12 EDO H . 49.05 4.81 2.73
HO1 EDO H . 49.07 6.97 3.79
H21 EDO H . 49.85 4.08 5.58
H22 EDO H . 50.19 3.05 4.17
HO2 EDO H . 48.15 2.55 5.24
N VAL A 4 -46.19 8.18 2.50
CA VAL A 4 -47.02 9.38 2.72
C VAL A 4 -46.69 9.88 4.13
N VAL A 5 -46.77 8.97 5.09
CA VAL A 5 -46.46 9.29 6.49
C VAL A 5 -45.42 8.32 7.04
N GLY A 6 -44.71 8.73 8.09
CA GLY A 6 -43.77 7.87 8.78
C GLY A 6 -44.44 6.97 9.84
N GLY A 7 -43.94 5.75 9.97
CA GLY A 7 -44.27 4.87 11.09
C GLY A 7 -44.86 3.57 10.60
N GLY A 8 -45.40 2.76 11.50
CA GLY A 8 -46.40 1.76 11.13
C GLY A 8 -46.06 0.30 10.86
N ASP A 9 -47.13 -0.48 10.64
CA ASP A 9 -47.06 -1.94 10.49
C ASP A 9 -46.21 -2.38 9.35
N LEU A 10 -45.45 -3.44 9.63
CA LEU A 10 -44.49 -4.03 8.68
C LEU A 10 -45.18 -4.90 7.64
N GLY A 11 -46.40 -5.34 7.94
CA GLY A 11 -47.19 -5.94 6.89
C GLY A 11 -47.14 -7.44 6.81
N PRO A 12 -47.76 -7.97 5.75
CA PRO A 12 -48.03 -9.39 5.53
C PRO A 12 -46.79 -10.24 5.38
N ASN A 13 -45.60 -9.68 5.12
CA ASN A 13 -44.42 -10.54 4.95
C ASN A 13 -43.27 -10.33 5.95
N VAL A 14 -43.57 -9.54 6.97
CA VAL A 14 -42.67 -9.39 8.10
C VAL A 14 -43.27 -10.20 9.26
N LEU A 15 -42.68 -11.38 9.53
CA LEU A 15 -43.19 -12.29 10.57
C LEU A 15 -42.46 -12.07 11.88
N VAL A 16 -43.21 -11.59 12.88
CA VAL A 16 -42.66 -11.21 14.16
C VAL A 16 -42.94 -12.25 15.23
N PHE A 17 -41.88 -12.74 15.85
CA PHE A 17 -41.92 -13.83 16.83
C PHE A 17 -41.45 -13.38 18.21
N ASP A 18 -41.96 -14.07 19.23
CA ASP A 18 -41.34 -14.05 20.56
C ASP A 18 -41.43 -15.44 21.20
N PRO A 19 -40.66 -15.73 22.28
CA PRO A 19 -40.65 -17.13 22.72
C PRO A 19 -41.98 -17.68 23.21
N SER A 20 -42.94 -16.78 23.47
CA SER A 20 -44.31 -17.17 23.81
C SER A 20 -45.13 -17.50 22.58
N THR A 21 -44.70 -17.03 21.41
CA THR A 21 -45.35 -17.39 20.16
C THR A 21 -45.38 -18.93 20.06
N PRO A 22 -46.56 -19.52 19.83
CA PRO A 22 -46.64 -21.00 19.70
C PRO A 22 -46.00 -21.58 18.40
N ASP A 23 -45.54 -22.83 18.44
CA ASP A 23 -45.32 -23.54 17.18
C ASP A 23 -44.17 -22.96 16.32
N ILE A 24 -43.32 -22.07 16.89
CA ILE A 24 -42.43 -21.24 16.07
C ILE A 24 -41.77 -22.12 15.01
N GLN A 25 -41.38 -23.33 15.43
CA GLN A 25 -40.80 -24.31 14.51
C GLN A 25 -41.69 -24.51 13.29
N GLY A 26 -42.98 -24.78 13.52
CA GLY A 26 -43.90 -24.95 12.41
C GLY A 26 -43.97 -23.76 11.48
N LYS A 27 -44.15 -22.60 12.06
CA LYS A 27 -44.21 -21.34 11.31
C LYS A 27 -42.99 -21.16 10.41
N VAL A 28 -41.81 -21.40 10.98
CA VAL A 28 -40.58 -21.19 10.25
C VAL A 28 -40.38 -22.31 9.21
N ASP A 29 -40.80 -23.53 9.56
CA ASP A 29 -40.72 -24.60 8.55
C ASP A 29 -41.73 -24.42 7.41
N GLU A 30 -42.85 -23.75 7.69
CA GLU A 30 -43.86 -23.33 6.67
C GLU A 30 -43.19 -22.41 5.61
N VAL A 31 -42.48 -21.42 6.06
CA VAL A 31 -41.79 -20.53 5.13
C VAL A 31 -40.74 -21.33 4.34
N PHE A 32 -39.92 -22.10 5.03
CA PHE A 32 -38.86 -22.86 4.34
C PHE A 32 -39.35 -23.72 3.17
N ARG A 33 -40.26 -24.66 3.46
CA ARG A 33 -40.70 -25.63 2.45
C ARG A 33 -41.32 -24.92 1.22
N LYS A 34 -41.74 -23.67 1.39
CA LYS A 34 -42.26 -22.89 0.26
C LYS A 34 -41.14 -22.09 -0.45
N GLN A 35 -40.15 -21.66 0.32
CA GLN A 35 -38.98 -20.96 -0.20
C GLN A 35 -37.79 -21.84 -0.59
N GLU A 36 -37.82 -23.11 -0.20
CA GLU A 36 -36.64 -23.96 -0.34
C GLU A 36 -36.12 -24.03 -1.77
N SER A 37 -37.05 -24.28 -2.68
CA SER A 37 -36.76 -24.54 -4.08
C SER A 37 -37.11 -23.35 -4.96
N ASN A 38 -37.53 -22.28 -4.30
CA ASN A 38 -38.18 -21.16 -4.97
C ASN A 38 -37.15 -20.15 -5.47
N GLN A 39 -36.39 -20.55 -6.48
CA GLN A 39 -35.21 -19.78 -6.82
C GLN A 39 -35.52 -18.44 -7.46
N PHE A 40 -36.59 -18.41 -8.25
CA PHE A 40 -36.92 -17.24 -9.05
C PHE A 40 -38.31 -16.68 -8.79
N GLY A 41 -38.98 -17.23 -7.78
CA GLY A 41 -40.32 -16.79 -7.41
C GLY A 41 -40.35 -15.40 -6.78
N THR A 42 -41.56 -14.94 -6.46
CA THR A 42 -41.72 -13.57 -6.06
C THR A 42 -42.19 -13.42 -4.65
N ASP A 43 -42.31 -14.51 -3.90
CA ASP A 43 -42.51 -14.37 -2.46
C ASP A 43 -41.22 -13.91 -1.77
N ARG A 44 -41.38 -13.17 -0.70
CA ARG A 44 -40.30 -12.52 0.05
C ARG A 44 -40.70 -12.55 1.53
N TYR A 45 -39.78 -12.97 2.41
CA TYR A 45 -40.09 -13.04 3.83
C TYR A 45 -39.00 -12.51 4.72
N ALA A 46 -39.41 -11.84 5.81
CA ALA A 46 -38.49 -11.49 6.89
C ALA A 46 -39.01 -12.08 8.17
N LEU A 47 -38.14 -12.82 8.84
CA LEU A 47 -38.46 -13.45 10.14
C LEU A 47 -37.66 -12.67 11.19
N MET A 48 -38.39 -11.96 12.08
CA MET A 48 -37.75 -11.15 13.06
C MET A 48 -38.09 -11.72 14.42
N PHE A 49 -37.11 -11.73 15.29
CA PHE A 49 -37.26 -12.31 16.62
C PHE A 49 -37.05 -11.29 17.72
N LYS A 50 -38.05 -11.12 18.58
CA LYS A 50 -37.94 -10.15 19.68
C LYS A 50 -36.87 -10.60 20.66
N PRO A 51 -36.20 -9.64 21.32
CA PRO A 51 -35.11 -10.00 22.22
C PRO A 51 -35.57 -10.99 23.27
N GLY A 52 -34.67 -11.90 23.59
CA GLY A 52 -34.97 -13.00 24.47
C GLY A 52 -34.28 -14.29 24.10
N THR A 53 -34.81 -15.36 24.68
CA THR A 53 -34.25 -16.70 24.56
C THR A 53 -35.31 -17.61 23.91
N TYR A 54 -34.92 -18.25 22.78
CA TYR A 54 -35.78 -19.17 22.05
C TYR A 54 -35.19 -20.54 22.12
N ASN A 55 -35.96 -21.49 22.65
CA ASN A 55 -35.57 -22.90 22.59
C ASN A 55 -36.32 -23.73 21.56
N ASP A 56 -35.82 -24.95 21.37
CA ASP A 56 -36.32 -25.92 20.39
C ASP A 56 -36.54 -25.38 18.96
N ILE A 57 -35.49 -24.84 18.35
CA ILE A 57 -35.56 -24.29 16.99
C ILE A 57 -34.40 -24.74 16.06
N ASN A 58 -34.76 -25.14 14.84
CA ASN A 58 -33.81 -25.07 13.74
C ASN A 58 -34.56 -24.19 12.74
N ALA A 59 -33.98 -23.04 12.43
CA ALA A 59 -34.60 -22.11 11.46
C ALA A 59 -33.91 -22.35 10.14
N GLN A 60 -34.51 -23.21 9.32
CA GLN A 60 -33.94 -23.51 8.01
C GLN A 60 -34.36 -22.40 7.03
N ILE A 61 -33.37 -21.86 6.32
CA ILE A 61 -33.53 -20.64 5.56
C ILE A 61 -33.43 -20.93 4.07
N GLY A 62 -34.52 -20.62 3.36
CA GLY A 62 -34.60 -20.80 1.94
C GLY A 62 -34.35 -19.54 1.15
N PHE A 63 -34.73 -19.57 -0.14
CA PHE A 63 -34.58 -18.37 -0.97
C PHE A 63 -35.38 -17.20 -0.39
N TYR A 64 -34.89 -15.99 -0.66
CA TYR A 64 -35.57 -14.74 -0.33
C TYR A 64 -36.16 -14.74 1.08
N THR A 65 -35.34 -15.22 2.00
CA THR A 65 -35.69 -15.22 3.42
C THR A 65 -34.60 -14.51 4.23
N SER A 66 -35.12 -13.58 5.03
CA SER A 66 -34.47 -12.70 6.00
C SER A 66 -34.67 -13.28 7.39
N ILE A 67 -33.64 -13.54 8.18
CA ILE A 67 -33.87 -13.81 9.64
C ILE A 67 -33.03 -12.83 10.48
N ALA A 68 -33.66 -12.27 11.51
CA ALA A 68 -33.04 -11.16 12.25
C ALA A 68 -33.53 -10.98 13.68
N GLY A 69 -32.58 -10.85 14.61
CA GLY A 69 -32.95 -10.46 15.96
C GLY A 69 -33.30 -8.99 16.03
N LEU A 70 -33.85 -8.57 17.18
CA LEU A 70 -34.40 -7.22 17.37
C LEU A 70 -33.93 -6.50 18.65
N GLY A 71 -32.82 -6.96 19.24
CA GLY A 71 -32.19 -6.17 20.29
C GLY A 71 -31.15 -5.31 19.62
N LEU A 72 -30.55 -4.37 20.37
CA LEU A 72 -29.43 -3.56 19.87
C LEU A 72 -28.22 -4.39 19.69
N ASN A 73 -28.23 -5.51 20.42
CA ASN A 73 -27.10 -6.32 20.75
C ASN A 73 -27.44 -7.79 20.34
N PRO A 74 -26.54 -8.52 19.66
CA PRO A 74 -27.02 -9.81 19.15
C PRO A 74 -27.33 -10.84 20.24
N ASP A 75 -26.60 -10.78 21.35
CA ASP A 75 -26.77 -11.75 22.41
C ASP A 75 -28.10 -11.47 23.15
N ASP A 76 -28.77 -10.36 22.78
CA ASP A 76 -30.09 -10.06 23.36
C ASP A 76 -31.14 -11.03 22.81
N THR A 77 -30.86 -11.60 21.64
CA THR A 77 -31.77 -12.53 20.97
C THR A 77 -30.98 -13.82 20.70
N THR A 78 -31.20 -14.81 21.55
CA THR A 78 -30.39 -16.04 21.57
C THR A 78 -31.27 -17.22 21.21
N PHE A 79 -30.79 -17.99 20.24
CA PHE A 79 -31.41 -19.26 19.86
C PHE A 79 -30.55 -20.37 20.47
N ASN A 80 -31.18 -21.22 21.25
CA ASN A 80 -30.61 -22.51 21.58
C ASN A 80 -31.14 -23.43 20.54
N GLY A 81 -30.31 -23.62 19.52
CA GLY A 81 -30.74 -24.03 18.20
C GLY A 81 -29.93 -23.37 17.07
N ASP A 82 -30.44 -23.48 15.86
CA ASP A 82 -29.63 -23.26 14.65
C ASP A 82 -30.36 -22.38 13.63
N VAL A 83 -29.56 -21.67 12.84
CA VAL A 83 -30.02 -20.98 11.63
C VAL A 83 -29.27 -21.62 10.48
N THR A 84 -29.98 -22.39 9.68
CA THR A 84 -29.36 -23.39 8.82
C THR A 84 -29.64 -23.17 7.34
N VAL A 85 -28.56 -23.18 6.56
CA VAL A 85 -28.66 -23.30 5.12
C VAL A 85 -27.92 -24.58 4.71
N ASP A 86 -28.64 -25.47 4.05
CA ASP A 86 -28.02 -26.61 3.42
C ASP A 86 -28.49 -26.77 1.96
N ALA A 87 -27.99 -27.80 1.28
CA ALA A 87 -28.27 -27.96 -0.16
C ALA A 87 -29.09 -29.21 -0.44
N GLY A 88 -29.97 -29.57 0.50
CA GLY A 88 -30.84 -30.74 0.32
C GLY A 88 -31.61 -30.73 -1.01
N TRP A 89 -31.96 -29.54 -1.49
CA TRP A 89 -32.87 -29.41 -2.65
C TRP A 89 -32.17 -29.47 -3.99
N PHE A 90 -30.88 -29.17 -3.99
CA PHE A 90 -30.06 -29.32 -5.18
C PHE A 90 -28.91 -30.26 -4.92
N ASP A 91 -29.23 -31.52 -4.72
CA ASP A 91 -28.25 -32.60 -4.70
C ASP A 91 -26.90 -32.43 -3.97
N GLY A 92 -26.86 -31.86 -2.77
CA GLY A 92 -25.59 -31.77 -2.06
C GLY A 92 -24.70 -30.70 -2.70
N ASN A 93 -25.33 -29.96 -3.61
CA ASN A 93 -24.72 -28.90 -4.38
C ASN A 93 -25.21 -27.53 -3.88
N ALA A 94 -24.30 -26.74 -3.29
CA ALA A 94 -24.64 -25.43 -2.68
C ALA A 94 -24.50 -24.24 -3.62
N THR A 95 -24.04 -24.52 -4.83
CA THR A 95 -23.71 -23.50 -5.82
C THR A 95 -24.83 -22.51 -6.17
N GLN A 96 -26.08 -22.88 -5.87
CA GLN A 96 -27.21 -21.94 -6.09
C GLN A 96 -27.95 -21.48 -4.84
N ASN A 97 -27.30 -21.54 -3.69
CA ASN A 97 -27.89 -21.06 -2.46
C ASN A 97 -27.70 -19.55 -2.36
N PHE A 98 -28.60 -18.82 -3.02
CA PHE A 98 -28.53 -17.38 -3.09
C PHE A 98 -29.63 -16.64 -2.29
N TRP A 99 -29.45 -15.33 -2.17
CA TRP A 99 -30.50 -14.35 -1.82
C TRP A 99 -31.21 -14.68 -0.49
N ARG A 100 -30.43 -14.65 0.57
CA ARG A 100 -30.99 -14.85 1.90
C ARG A 100 -30.06 -14.26 2.93
N SER A 101 -30.44 -14.24 4.20
CA SER A 101 -29.54 -13.57 5.15
C SER A 101 -29.86 -13.91 6.58
N ALA A 102 -28.88 -13.66 7.43
CA ALA A 102 -29.04 -13.78 8.87
C ALA A 102 -28.29 -12.65 9.55
N GLU A 103 -28.93 -12.08 10.56
CA GLU A 103 -28.25 -11.04 11.31
C GLU A 103 -28.75 -10.82 12.73
N ASN A 104 -27.84 -10.35 13.57
CA ASN A 104 -28.18 -9.84 14.91
C ASN A 104 -28.82 -10.88 15.85
N LEU A 105 -28.15 -12.04 15.88
CA LEU A 105 -28.57 -13.17 16.71
C LEU A 105 -27.39 -13.85 17.33
N ALA A 106 -27.62 -14.40 18.52
CA ALA A 106 -26.70 -15.37 19.11
C ALA A 106 -27.24 -16.78 18.88
N LEU A 107 -26.37 -17.68 18.44
CA LEU A 107 -26.71 -19.08 18.21
C LEU A 107 -25.91 -19.97 19.16
N ASN A 108 -26.63 -20.90 19.79
CA ASN A 108 -26.04 -21.98 20.57
C ASN A 108 -26.48 -23.28 19.87
N PRO A 109 -25.71 -23.68 18.85
CA PRO A 109 -26.25 -24.63 17.86
C PRO A 109 -26.20 -26.09 18.35
N VAL A 110 -27.05 -26.96 17.82
CA VAL A 110 -27.31 -28.30 18.43
C VAL A 110 -26.21 -29.36 18.35
N ASN A 111 -25.24 -29.25 17.48
CA ASN A 111 -24.09 -30.19 17.64
C ASN A 111 -22.81 -29.42 17.97
N GLY A 112 -23.00 -28.19 18.45
CA GLY A 112 -21.88 -27.31 18.74
C GLY A 112 -21.50 -26.57 17.48
N THR A 113 -22.14 -26.90 16.37
CA THR A 113 -21.79 -26.37 15.06
C THR A 113 -23.01 -26.00 14.21
N ASN A 114 -23.00 -24.78 13.70
CA ASN A 114 -24.09 -24.24 12.88
C ASN A 114 -23.72 -24.24 11.40
N ARG A 115 -24.56 -24.84 10.56
CA ARG A 115 -24.25 -24.92 9.14
C ARG A 115 -24.87 -23.78 8.35
N TRP A 116 -24.01 -23.02 7.65
CA TRP A 116 -24.45 -21.94 6.79
C TRP A 116 -23.82 -22.17 5.38
N ALA A 117 -24.39 -23.13 4.62
CA ALA A 117 -23.78 -23.60 3.39
C ALA A 117 -24.36 -22.88 2.20
N VAL A 118 -23.85 -21.68 1.99
CA VAL A 118 -24.42 -20.74 1.04
C VAL A 118 -23.45 -20.46 -0.10
N SER A 119 -23.97 -19.79 -1.13
CA SER A 119 -23.15 -19.21 -2.17
C SER A 119 -23.36 -17.69 -2.12
N GLN A 120 -23.52 -17.03 -3.28
CA GLN A 120 -23.51 -15.56 -3.29
C GLN A 120 -24.80 -14.90 -2.79
N ALA A 121 -24.67 -13.63 -2.38
CA ALA A 121 -25.79 -12.83 -1.84
C ALA A 121 -26.46 -13.51 -0.64
N ALA A 122 -25.65 -13.98 0.28
CA ALA A 122 -26.13 -14.66 1.46
C ALA A 122 -25.39 -14.17 2.73
N PRO A 123 -25.53 -12.87 3.05
CA PRO A 123 -24.73 -12.27 4.10
C PRO A 123 -25.07 -12.80 5.51
N PHE A 124 -24.04 -12.87 6.33
CA PHE A 124 -24.12 -13.35 7.72
C PHE A 124 -23.44 -12.22 8.51
N ARG A 125 -24.26 -11.39 9.19
CA ARG A 125 -23.82 -10.12 9.78
C ARG A 125 -24.19 -10.01 11.28
N ARG A 126 -23.28 -9.47 12.09
CA ARG A 126 -23.63 -9.16 13.48
C ARG A 126 -24.15 -10.41 14.19
N MET A 127 -23.46 -11.54 13.97
CA MET A 127 -23.83 -12.82 14.56
C MET A 127 -22.85 -13.23 15.66
N HIS A 128 -23.39 -13.86 16.70
CA HIS A 128 -22.57 -14.49 17.72
C HIS A 128 -22.88 -16.01 17.71
N VAL A 129 -21.95 -16.80 17.18
CA VAL A 129 -22.12 -18.27 17.20
C VAL A 129 -21.33 -18.83 18.36
N LYS A 130 -22.07 -19.29 19.36
CA LYS A 130 -21.53 -19.92 20.56
C LYS A 130 -21.25 -21.39 20.21
N GLY A 131 -20.08 -21.64 19.61
CA GLY A 131 -19.80 -22.88 18.88
C GLY A 131 -19.12 -22.69 17.53
N GLY A 132 -19.24 -23.70 16.66
CA GLY A 132 -18.56 -23.72 15.37
C GLY A 132 -19.49 -23.37 14.21
N LEU A 133 -18.86 -23.15 13.06
CA LEU A 133 -19.56 -22.66 11.86
C LEU A 133 -19.04 -23.41 10.64
N ASN A 134 -19.89 -24.28 10.09
CA ASN A 134 -19.58 -25.11 8.90
C ASN A 134 -20.21 -24.39 7.70
N LEU A 135 -19.39 -24.07 6.70
CA LEU A 135 -19.85 -23.32 5.51
C LEU A 135 -20.16 -24.20 4.31
N ALA A 136 -20.10 -25.51 4.46
CA ALA A 136 -20.27 -26.38 3.31
C ALA A 136 -21.51 -27.26 3.51
N PRO A 137 -22.06 -27.77 2.41
CA PRO A 137 -22.85 -28.97 2.67
C PRO A 137 -21.94 -30.20 2.64
N ASP A 138 -22.08 -31.06 3.64
CA ASP A 138 -22.08 -32.51 3.44
C ASP A 138 -21.67 -33.01 2.08
N GLY A 139 -20.58 -33.78 2.02
CA GLY A 139 -20.05 -34.26 0.75
C GLY A 139 -19.02 -33.46 -0.02
N TYR A 140 -18.30 -32.52 0.63
CA TYR A 140 -17.34 -31.64 -0.05
C TYR A 140 -18.10 -31.00 -1.21
N GLY A 141 -19.29 -30.49 -0.85
CA GLY A 141 -20.19 -29.89 -1.81
C GLY A 141 -19.55 -28.83 -2.67
N TRP A 142 -19.91 -28.78 -3.95
CA TRP A 142 -19.51 -27.59 -4.70
C TRP A 142 -20.16 -26.44 -3.91
N ALA A 143 -19.40 -25.38 -3.68
CA ALA A 143 -19.93 -24.26 -2.91
C ALA A 143 -19.11 -23.00 -3.24
N SER A 144 -19.82 -21.87 -3.40
CA SER A 144 -19.19 -20.64 -3.89
C SER A 144 -19.70 -19.41 -3.12
N GLY A 145 -19.33 -19.30 -1.85
CA GLY A 145 -19.68 -18.13 -1.05
C GLY A 145 -18.65 -17.02 -1.20
N GLY A 146 -18.61 -16.05 -0.27
CA GLY A 146 -19.49 -15.94 0.87
C GLY A 146 -19.00 -14.73 1.66
N TYR A 147 -19.80 -14.32 2.64
CA TYR A 147 -19.59 -13.06 3.30
C TYR A 147 -19.99 -13.12 4.78
N ILE A 148 -19.02 -12.87 5.66
CA ILE A 148 -19.25 -12.65 7.08
C ILE A 148 -18.66 -11.32 7.50
N ALA A 149 -19.44 -10.56 8.27
CA ALA A 149 -18.98 -9.29 8.84
C ALA A 149 -19.52 -9.07 10.24
N ASP A 150 -18.69 -8.41 11.04
CA ASP A 150 -19.07 -7.96 12.37
C ASP A 150 -19.62 -9.08 13.25
N SER A 151 -18.99 -10.25 13.16
CA SER A 151 -19.47 -11.46 13.86
C SER A 151 -18.36 -12.08 14.72
N LYS A 152 -18.76 -12.74 15.83
CA LYS A 152 -17.83 -13.57 16.61
C LYS A 152 -18.27 -15.01 16.42
N ILE A 153 -17.35 -15.90 16.06
CA ILE A 153 -17.60 -17.33 16.20
C ILE A 153 -16.58 -17.87 17.20
N ASP A 154 -17.06 -18.48 18.29
CA ASP A 154 -16.19 -18.86 19.41
C ASP A 154 -15.29 -20.03 19.06
N GLY A 155 -15.90 -21.09 18.52
CA GLY A 155 -15.18 -22.18 17.90
C GLY A 155 -14.63 -21.84 16.51
N GLU A 156 -14.49 -22.87 15.70
CA GLU A 156 -13.86 -22.67 14.41
C GLU A 156 -14.83 -22.55 13.27
N VAL A 157 -14.40 -21.77 12.27
CA VAL A 157 -15.03 -21.73 10.98
C VAL A 157 -14.45 -22.80 10.07
N GLY A 158 -15.30 -23.73 9.62
CA GLY A 158 -14.91 -24.78 8.67
C GLY A 158 -15.46 -24.50 7.27
N PRO A 159 -14.63 -23.96 6.38
CA PRO A 159 -15.10 -23.73 5.00
C PRO A 159 -15.28 -25.03 4.21
N TYR A 160 -14.44 -26.02 4.50
CA TYR A 160 -14.42 -27.26 3.73
C TYR A 160 -14.36 -26.95 2.22
N SER A 161 -15.34 -27.37 1.44
CA SER A 161 -15.21 -27.26 0.00
C SER A 161 -15.53 -25.89 -0.60
N GLN A 162 -15.87 -24.90 0.22
CA GLN A 162 -16.12 -23.54 -0.29
C GLN A 162 -14.95 -23.02 -1.14
N GLN A 163 -15.22 -22.51 -2.35
CA GLN A 163 -14.14 -22.08 -3.23
C GLN A 163 -13.41 -20.84 -2.70
N GLN A 164 -14.19 -19.88 -2.24
CA GLN A 164 -13.63 -18.61 -1.78
C GLN A 164 -14.48 -18.09 -0.63
N TRP A 165 -14.00 -17.06 0.06
CA TRP A 165 -14.77 -16.47 1.16
C TRP A 165 -14.16 -15.13 1.56
N TYR A 166 -15.00 -14.19 1.98
CA TYR A 166 -14.53 -12.94 2.59
C TYR A 166 -15.06 -12.79 4.00
N THR A 167 -14.18 -12.46 4.95
CA THR A 167 -14.60 -12.17 6.32
C THR A 167 -13.99 -10.82 6.71
N ARG A 168 -14.79 -9.93 7.27
CA ARG A 168 -14.23 -8.70 7.83
C ARG A 168 -14.74 -8.37 9.22
N ASP A 169 -13.88 -7.65 9.94
CA ASP A 169 -14.18 -6.98 11.21
C ASP A 169 -14.92 -7.87 12.20
N SER A 170 -14.29 -9.01 12.45
CA SER A 170 -14.86 -10.14 13.16
C SER A 170 -13.84 -10.79 14.09
N SER A 171 -14.30 -11.81 14.81
CA SER A 171 -13.48 -12.62 15.68
C SER A 171 -13.79 -14.13 15.46
N VAL A 172 -12.74 -14.94 15.25
CA VAL A 172 -12.89 -16.35 14.95
C VAL A 172 -11.94 -17.19 15.83
N GLY A 173 -12.48 -18.27 16.39
CA GLY A 173 -11.68 -19.12 17.26
C GLY A 173 -10.55 -19.83 16.53
N GLY A 174 -10.75 -19.93 15.22
CA GLY A 174 -9.83 -20.62 14.32
C GLY A 174 -10.47 -20.74 12.95
N TRP A 175 -9.73 -21.32 12.00
CA TRP A 175 -10.14 -21.34 10.60
C TRP A 175 -9.46 -22.53 9.94
N GLY A 176 -10.22 -23.36 9.22
CA GLY A 176 -9.77 -24.71 8.89
C GLY A 176 -9.23 -25.01 7.50
N ASN A 177 -9.57 -24.19 6.50
CA ASN A 177 -8.97 -24.39 5.17
C ASN A 177 -9.21 -23.27 4.15
N GLY A 178 -8.25 -23.16 3.24
CA GLY A 178 -8.36 -22.36 2.05
C GLY A 178 -8.45 -23.29 0.86
N VAL A 179 -9.31 -22.98 -0.11
CA VAL A 179 -9.34 -23.68 -1.39
C VAL A 179 -8.69 -22.78 -2.45
N TRP A 180 -9.41 -21.76 -2.89
CA TRP A 180 -8.86 -20.84 -3.88
C TRP A 180 -8.55 -19.46 -3.33
N ASN A 181 -9.44 -18.92 -2.49
CA ASN A 181 -9.23 -17.52 -2.06
C ASN A 181 -10.04 -17.21 -0.82
N MET A 182 -9.44 -17.40 0.34
CA MET A 182 -10.04 -16.87 1.58
C MET A 182 -9.34 -15.59 1.98
N THR A 183 -10.10 -14.52 2.05
CA THR A 183 -9.58 -13.19 2.37
C THR A 183 -10.21 -12.71 3.69
N PHE A 184 -9.41 -11.97 4.46
CA PHE A 184 -9.77 -11.51 5.78
C PHE A 184 -9.26 -10.10 5.92
N SER A 185 -10.07 -9.21 6.46
CA SER A 185 -9.57 -7.90 6.85
C SER A 185 -10.17 -7.56 8.21
N GLY A 186 -9.29 -7.22 9.14
CA GLY A 186 -9.72 -6.91 10.49
C GLY A 186 -10.33 -8.08 11.25
N VAL A 187 -9.84 -9.29 10.99
CA VAL A 187 -10.36 -10.47 11.65
C VAL A 187 -9.41 -11.03 12.71
N GLU A 188 -9.86 -10.92 13.95
CA GLU A 188 -9.16 -11.55 15.08
C GLU A 188 -9.21 -13.05 14.96
N GLY A 189 -8.05 -13.71 14.99
CA GLY A 189 -7.99 -15.15 14.87
C GLY A 189 -7.89 -15.66 13.44
N ALA A 190 -7.82 -14.78 12.46
CA ALA A 190 -7.66 -15.26 11.09
C ALA A 190 -6.28 -15.89 10.91
N PRO A 191 -6.15 -16.84 9.97
CA PRO A 191 -4.81 -17.31 9.64
C PRO A 191 -3.93 -16.18 9.12
N ALA A 192 -2.62 -16.35 9.32
CA ALA A 192 -1.65 -15.39 8.84
C ALA A 192 -1.71 -15.37 7.31
N GLN A 193 -1.32 -14.23 6.74
CA GLN A 193 -1.10 -14.09 5.30
C GLN A 193 -0.13 -15.15 4.81
N SER A 194 -0.51 -15.87 3.75
CA SER A 194 0.14 -17.13 3.39
C SER A 194 -0.05 -17.55 1.93
N PHE A 195 -0.61 -16.64 1.14
CA PHE A 195 -0.93 -16.92 -0.26
C PHE A 195 0.40 -17.06 -0.98
N PRO A 196 0.51 -18.00 -1.95
CA PRO A 196 -0.43 -18.92 -2.60
C PRO A 196 -0.93 -20.08 -1.74
N GLU A 197 -0.21 -20.46 -0.67
CA GLU A 197 -0.39 -21.73 0.04
C GLU A 197 -0.13 -21.68 1.57
N PRO A 198 -1.17 -21.86 2.39
CA PRO A 198 -2.59 -21.86 2.03
C PRO A 198 -3.00 -20.53 1.40
N PRO A 199 -4.09 -20.55 0.64
CA PRO A 199 -4.55 -19.41 -0.17
C PRO A 199 -5.23 -18.30 0.69
N TYR A 200 -4.57 -17.97 1.82
CA TYR A 200 -5.00 -16.90 2.71
C TYR A 200 -4.41 -15.52 2.36
N THR A 201 -5.31 -14.57 2.16
CA THR A 201 -5.00 -13.15 2.04
C THR A 201 -5.51 -12.46 3.31
N THR A 202 -4.57 -12.00 4.13
CA THR A 202 -4.91 -11.51 5.47
C THR A 202 -4.41 -10.11 5.73
N LEU A 203 -5.34 -9.21 6.01
CA LEU A 203 -5.05 -7.82 6.33
C LEU A 203 -5.43 -7.51 7.75
N GLU A 204 -4.53 -6.78 8.42
CA GLU A 204 -4.68 -6.48 9.83
C GLU A 204 -5.99 -5.75 10.14
N THR A 205 -6.30 -4.73 9.34
CA THR A 205 -7.48 -3.89 9.58
C THR A 205 -8.21 -3.68 8.26
N THR A 206 -9.48 -3.28 8.37
CA THR A 206 -10.23 -2.83 7.21
C THR A 206 -10.12 -1.33 7.10
N PRO A 207 -9.72 -0.81 5.92
CA PRO A 207 -9.46 0.62 5.78
C PRO A 207 -10.53 1.56 6.34
N VAL A 208 -11.76 1.37 5.91
CA VAL A 208 -12.95 1.95 6.56
C VAL A 208 -14.02 0.90 6.52
N SER A 209 -14.98 0.98 7.46
CA SER A 209 -16.22 0.23 7.36
C SER A 209 -17.30 0.90 8.21
N ARG A 210 -18.55 0.64 7.87
CA ARG A 210 -19.67 1.20 8.59
C ARG A 210 -20.71 0.12 8.63
N GLU A 211 -21.03 -0.39 9.81
CA GLU A 211 -21.91 -1.56 9.89
C GLU A 211 -23.33 -1.27 9.36
N LYS A 212 -23.96 -2.27 8.77
CA LYS A 212 -25.27 -2.08 8.10
C LYS A 212 -26.35 -1.73 9.13
N PRO A 213 -27.18 -0.71 8.87
CA PRO A 213 -28.30 -0.40 9.77
C PRO A 213 -29.28 -1.57 9.94
N PHE A 214 -29.96 -1.64 11.08
CA PHE A 214 -30.91 -2.72 11.32
C PHE A 214 -32.05 -2.31 12.23
N LEU A 215 -33.15 -3.03 12.13
CA LEU A 215 -34.36 -2.77 12.90
C LEU A 215 -34.18 -3.42 14.27
N TYR A 216 -34.59 -2.70 15.32
CA TYR A 216 -34.56 -3.24 16.69
C TYR A 216 -35.71 -2.65 17.54
N LEU A 217 -35.90 -3.19 18.74
CA LEU A 217 -36.86 -2.65 19.71
C LEU A 217 -36.16 -1.95 20.91
N ASP A 218 -36.70 -0.77 21.25
CA ASP A 218 -36.28 0.12 22.39
C ASP A 218 -37.57 0.52 23.14
N GLY A 219 -37.47 0.68 24.46
CA GLY A 219 -38.68 0.74 25.29
C GLY A 219 -39.58 -0.44 24.91
N ASP A 220 -40.65 -0.16 24.18
CA ASP A 220 -41.23 -1.18 23.30
C ASP A 220 -41.56 -0.64 21.90
N ASP A 221 -40.89 0.44 21.51
CA ASP A 221 -41.05 1.10 20.21
C ASP A 221 -40.18 0.34 19.21
N TYR A 222 -40.42 0.42 17.89
CA TYR A 222 -39.40 0.03 16.89
C TYR A 222 -38.45 1.20 16.55
N LYS A 223 -37.21 0.87 16.22
CA LYS A 223 -36.18 1.85 15.88
C LYS A 223 -35.19 1.23 14.89
N VAL A 224 -34.51 2.06 14.11
CA VAL A 224 -33.39 1.60 13.28
C VAL A 224 -32.08 2.12 13.86
N PHE A 225 -31.19 1.21 14.23
CA PHE A 225 -29.85 1.61 14.64
C PHE A 225 -28.94 1.83 13.44
N VAL A 226 -28.16 2.92 13.50
CA VAL A 226 -27.23 3.31 12.46
C VAL A 226 -25.82 3.47 13.00
N PRO A 227 -25.02 2.40 12.90
CA PRO A 227 -23.63 2.50 13.34
C PRO A 227 -22.87 3.66 12.68
N ALA A 228 -22.07 4.39 13.46
CA ALA A 228 -21.14 5.35 12.85
C ALA A 228 -20.07 4.51 12.21
N LYS A 229 -19.25 5.10 11.33
CA LYS A 229 -18.15 4.39 10.68
C LYS A 229 -16.91 4.28 11.60
N ARG A 230 -16.13 3.21 11.41
CA ARG A 230 -14.86 3.14 12.10
C ARG A 230 -13.76 3.07 11.06
N THR A 231 -12.59 3.60 11.41
CA THR A 231 -11.45 3.58 10.51
C THR A 231 -10.38 2.62 11.10
N ASN A 232 -9.69 1.85 10.25
CA ASN A 232 -8.81 0.79 10.74
C ASN A 232 -9.57 -0.18 11.61
N ALA A 233 -10.77 -0.54 11.15
CA ALA A 233 -11.65 -1.44 11.86
C ALA A 233 -11.02 -2.79 12.10
N ARG A 234 -11.41 -3.40 13.22
CA ARG A 234 -10.93 -4.74 13.57
C ARG A 234 -11.69 -5.31 14.76
N GLY A 235 -11.98 -6.60 14.69
CA GLY A 235 -12.87 -7.20 15.65
C GLY A 235 -14.29 -6.65 15.47
N THR A 236 -15.20 -7.12 16.31
CA THR A 236 -16.59 -6.72 16.21
C THR A 236 -16.79 -5.28 16.68
N SER A 237 -17.78 -4.64 16.12
CA SER A 237 -18.15 -3.30 16.51
C SER A 237 -18.69 -3.33 17.93
N TRP A 238 -19.31 -4.48 18.25
CA TRP A 238 -20.20 -4.61 19.38
C TRP A 238 -19.61 -5.43 20.51
N GLY A 239 -18.46 -6.09 20.27
CA GLY A 239 -17.86 -6.98 21.25
C GLY A 239 -18.20 -6.55 22.66
N ASN A 240 -18.31 -5.23 22.90
CA ASN A 240 -18.63 -4.71 24.23
C ASN A 240 -18.58 -3.19 24.43
N GLY A 241 -19.71 -2.59 24.83
CA GLY A 241 -19.83 -1.16 24.98
C GLY A 241 -21.09 -0.96 24.18
N THR A 242 -22.04 -0.21 24.70
CA THR A 242 -23.11 0.25 23.85
C THR A 242 -22.52 0.58 22.45
N PRO A 243 -23.00 -0.10 21.42
CA PRO A 243 -22.51 0.22 20.09
C PRO A 243 -22.51 1.74 19.86
N GLU A 244 -21.56 2.24 19.07
CA GLU A 244 -21.47 3.66 18.69
C GLU A 244 -22.34 3.90 17.45
N GLY A 245 -23.16 4.94 17.47
CA GLY A 245 -24.00 5.24 16.33
C GLY A 245 -25.20 6.05 16.73
N GLU A 246 -26.17 6.11 15.81
CA GLU A 246 -27.41 6.82 16.00
C GLU A 246 -28.50 5.80 16.00
N SER A 247 -29.59 6.11 16.73
CA SER A 247 -30.84 5.34 16.64
C SER A 247 -32.03 6.23 16.27
N LEU A 248 -32.82 5.75 15.29
CA LEU A 248 -33.88 6.51 14.65
C LEU A 248 -35.22 5.85 14.95
N PRO A 249 -36.25 6.62 15.33
CA PRO A 249 -37.58 6.04 15.43
C PRO A 249 -38.12 5.51 14.09
N LEU A 250 -38.81 4.37 14.09
CA LEU A 250 -39.57 3.96 12.89
C LEU A 250 -40.57 5.03 12.37
N ASP A 251 -40.93 6.01 13.20
CA ASP A 251 -41.81 7.08 12.70
C ASP A 251 -41.14 8.23 11.91
N GLN A 252 -39.94 8.02 11.39
CA GLN A 252 -39.47 8.83 10.25
C GLN A 252 -39.06 8.00 9.04
N PHE A 253 -39.48 6.75 9.04
CA PHE A 253 -39.30 5.91 7.87
C PHE A 253 -40.62 5.88 7.17
N TYR A 254 -40.66 6.07 5.84
CA TYR A 254 -41.84 5.71 5.07
C TYR A 254 -41.75 4.22 4.79
N VAL A 255 -42.84 3.47 5.04
CA VAL A 255 -42.78 2.03 4.95
C VAL A 255 -43.29 1.62 3.61
N VAL A 256 -42.37 1.22 2.76
CA VAL A 256 -42.68 0.98 1.39
C VAL A 256 -43.34 -0.39 1.40
N LYS A 257 -44.54 -0.42 0.83
CA LYS A 257 -45.40 -1.58 0.73
C LYS A 257 -45.83 -1.84 -0.73
N PRO A 258 -46.46 -3.00 -0.99
CA PRO A 258 -47.13 -3.35 -2.26
C PRO A 258 -47.39 -2.29 -3.32
N GLY A 259 -46.69 -2.20 -4.46
CA GLY A 259 -47.19 -1.29 -5.48
C GLY A 259 -47.38 0.16 -5.00
N ALA A 260 -46.78 0.52 -3.86
CA ALA A 260 -46.31 1.90 -3.67
C ALA A 260 -45.60 2.25 -4.96
N THR A 261 -45.81 3.46 -5.44
CA THR A 261 -45.17 3.97 -6.67
C THR A 261 -43.85 4.70 -6.39
N ALA A 262 -42.99 4.79 -7.39
CA ALA A 262 -41.77 5.59 -7.24
C ALA A 262 -42.13 7.04 -6.93
N GLU A 263 -43.28 7.51 -7.43
CA GLU A 263 -43.77 8.85 -7.11
C GLU A 263 -43.88 9.09 -5.60
N THR A 264 -44.61 8.23 -4.90
CA THR A 264 -44.72 8.32 -3.44
C THR A 264 -43.37 8.14 -2.70
N ILE A 265 -42.58 7.16 -3.14
CA ILE A 265 -41.30 6.91 -2.49
C ILE A 265 -40.46 8.18 -2.58
N ASN A 266 -40.43 8.80 -3.75
CA ASN A 266 -39.61 10.00 -3.93
C ASN A 266 -40.16 11.18 -3.14
N ALA A 267 -41.47 11.22 -2.99
CA ALA A 267 -42.12 12.27 -2.21
C ALA A 267 -41.75 12.10 -0.74
N ALA A 268 -41.66 10.83 -0.32
CA ALA A 268 -41.23 10.51 1.05
C ALA A 268 -39.86 11.11 1.36
N VAL A 269 -38.91 10.90 0.47
CA VAL A 269 -37.53 11.33 0.76
C VAL A 269 -37.45 12.85 0.77
N ASP A 270 -38.27 13.50 -0.04
CA ASP A 270 -38.22 14.96 -0.07
C ASP A 270 -39.11 15.59 1.01
N GLN A 271 -39.58 14.75 1.93
CA GLN A 271 -40.16 15.25 3.18
C GLN A 271 -39.35 14.75 4.40
N GLY A 272 -38.07 14.44 4.15
CA GLY A 272 -37.16 14.10 5.22
C GLY A 272 -37.35 12.74 5.88
N LEU A 273 -38.25 11.92 5.34
CA LEU A 273 -38.39 10.56 5.85
C LEU A 273 -37.19 9.72 5.39
N HIS A 274 -37.01 8.56 6.02
CA HIS A 274 -36.12 7.52 5.52
C HIS A 274 -36.99 6.46 4.81
N LEU A 275 -36.39 5.42 4.26
CA LEU A 275 -37.16 4.38 3.56
C LEU A 275 -36.93 3.00 4.14
N LEU A 276 -38.04 2.30 4.42
CA LEU A 276 -37.93 0.93 4.89
C LEU A 276 -38.76 0.09 3.95
N PHE A 277 -38.11 -0.68 3.09
CA PHE A 277 -38.82 -1.50 2.12
C PHE A 277 -39.24 -2.84 2.70
N THR A 278 -40.54 -3.09 2.81
CA THR A 278 -41.00 -4.38 3.32
C THR A 278 -40.79 -5.44 2.25
N PRO A 279 -40.79 -6.71 2.66
CA PRO A 279 -40.52 -7.77 1.67
C PRO A 279 -41.61 -7.79 0.63
N GLY A 280 -41.15 -7.63 -0.61
CA GLY A 280 -42.03 -7.62 -1.75
C GLY A 280 -41.24 -7.21 -2.98
N VAL A 281 -41.96 -6.99 -4.08
CA VAL A 281 -41.38 -6.56 -5.35
C VAL A 281 -42.07 -5.25 -5.70
N TYR A 282 -41.26 -4.29 -6.06
CA TYR A 282 -41.66 -2.92 -6.27
C TYR A 282 -41.30 -2.60 -7.71
N HIS A 283 -42.33 -2.58 -8.55
CA HIS A 283 -42.15 -2.17 -9.93
C HIS A 283 -42.16 -0.65 -9.99
N VAL A 284 -41.14 -0.05 -10.60
CA VAL A 284 -41.13 1.41 -10.75
C VAL A 284 -41.06 1.84 -12.22
N ASP A 285 -41.56 3.06 -12.46
CA ASP A 285 -41.72 3.60 -13.82
C ASP A 285 -40.80 4.80 -14.01
N GLN A 286 -40.36 5.34 -12.89
CA GLN A 286 -39.28 6.31 -12.80
C GLN A 286 -38.25 5.83 -11.79
N PRO A 287 -37.04 6.41 -11.81
CA PRO A 287 -36.09 6.05 -10.76
C PRO A 287 -36.55 6.51 -9.39
N ILE A 288 -36.16 5.74 -8.38
CA ILE A 288 -36.23 6.20 -7.00
C ILE A 288 -35.09 7.23 -6.83
N GLU A 289 -35.42 8.49 -6.53
CA GLU A 289 -34.42 9.53 -6.30
C GLU A 289 -34.10 9.61 -4.82
N ILE A 290 -32.83 9.48 -4.47
CA ILE A 290 -32.36 9.82 -3.14
C ILE A 290 -31.43 11.02 -3.35
N ASP A 291 -31.84 12.18 -2.87
CA ASP A 291 -30.91 13.31 -2.95
C ASP A 291 -31.06 14.24 -1.74
N ARG A 292 -31.42 13.63 -0.63
CA ARG A 292 -31.27 14.19 0.70
C ARG A 292 -30.12 13.45 1.36
N ALA A 293 -29.24 14.20 2.02
CA ALA A 293 -28.11 13.55 2.66
C ALA A 293 -28.56 12.74 3.88
N ASN A 294 -27.79 11.71 4.15
CA ASN A 294 -27.96 10.83 5.31
C ASN A 294 -29.31 10.02 5.38
N THR A 295 -29.90 9.82 4.22
CA THR A 295 -31.10 8.98 4.09
C THR A 295 -30.72 7.51 4.17
N VAL A 296 -31.42 6.77 5.03
CA VAL A 296 -31.33 5.33 5.05
C VAL A 296 -32.40 4.73 4.16
N ALA A 297 -31.99 3.79 3.30
CA ALA A 297 -32.91 3.03 2.46
C ALA A 297 -32.61 1.56 2.76
N LEU A 298 -33.46 0.96 3.58
CA LEU A 298 -33.16 -0.33 4.21
C LEU A 298 -34.21 -1.34 3.80
N GLY A 299 -33.77 -2.43 3.17
CA GLY A 299 -34.68 -3.47 2.71
C GLY A 299 -34.77 -4.58 3.73
N LEU A 300 -35.95 -5.21 3.77
CA LEU A 300 -36.24 -6.41 4.55
C LEU A 300 -36.61 -7.55 3.61
N GLY A 301 -36.19 -8.77 3.95
CA GLY A 301 -36.60 -9.97 3.24
C GLY A 301 -36.36 -9.95 1.74
N LEU A 302 -35.19 -9.44 1.33
CA LEU A 302 -34.77 -9.43 -0.06
C LEU A 302 -35.75 -8.63 -0.93
N ALA A 303 -36.23 -7.54 -0.34
CA ALA A 303 -37.03 -6.57 -1.04
C ALA A 303 -36.34 -6.23 -2.36
N THR A 304 -37.16 -6.21 -3.40
CA THR A 304 -36.70 -6.19 -4.77
C THR A 304 -37.33 -5.04 -5.54
N ILE A 305 -36.50 -4.34 -6.31
CA ILE A 305 -36.96 -3.26 -7.18
C ILE A 305 -36.73 -3.68 -8.63
N ILE A 306 -37.79 -3.65 -9.45
CA ILE A 306 -37.69 -3.87 -10.89
C ILE A 306 -38.00 -2.54 -11.59
N PRO A 307 -37.05 -2.02 -12.42
CA PRO A 307 -37.38 -0.81 -13.17
C PRO A 307 -37.99 -1.16 -14.49
N ASP A 308 -39.19 -0.61 -14.72
CA ASP A 308 -39.85 -0.79 -16.01
C ASP A 308 -39.44 0.33 -16.97
N ASN A 309 -39.76 0.19 -18.25
CA ASN A 309 -39.60 1.32 -19.21
C ASN A 309 -38.16 1.69 -19.50
N GLY A 310 -37.20 0.84 -19.13
CA GLY A 310 -35.79 1.09 -19.36
C GLY A 310 -35.17 2.10 -18.42
N VAL A 311 -35.88 2.45 -17.33
CA VAL A 311 -35.35 3.46 -16.44
C VAL A 311 -34.25 2.91 -15.51
N THR A 312 -33.52 3.83 -14.88
CA THR A 312 -32.62 3.49 -13.82
C THR A 312 -33.48 3.22 -12.56
N ALA A 313 -33.16 2.16 -11.83
CA ALA A 313 -33.95 1.77 -10.65
C ALA A 313 -33.72 2.70 -9.45
N LEU A 314 -32.46 3.03 -9.21
CA LEU A 314 -32.10 3.79 -8.04
C LEU A 314 -30.99 4.73 -8.36
N LYS A 315 -31.26 5.97 -8.02
CA LYS A 315 -30.29 7.03 -8.20
C LYS A 315 -30.10 7.80 -6.92
N VAL A 316 -28.84 7.90 -6.54
CA VAL A 316 -28.46 8.59 -5.33
C VAL A 316 -27.69 9.82 -5.76
N GLY A 317 -28.08 10.97 -5.25
CA GLY A 317 -27.43 12.21 -5.65
C GLY A 317 -26.08 12.42 -4.96
N ASP A 318 -25.52 13.62 -5.09
CA ASP A 318 -24.18 13.94 -4.57
C ASP A 318 -24.24 14.46 -3.15
N VAL A 319 -24.56 13.54 -2.26
CA VAL A 319 -24.82 13.90 -0.89
C VAL A 319 -24.09 12.92 0.02
N ASP A 320 -23.75 13.43 1.20
CA ASP A 320 -23.13 12.60 2.23
C ASP A 320 -24.13 11.58 2.77
N GLY A 321 -23.59 10.45 3.22
CA GLY A 321 -24.21 9.65 4.27
C GLY A 321 -25.38 8.80 3.92
N VAL A 322 -25.70 8.66 2.64
CA VAL A 322 -26.84 7.80 2.29
C VAL A 322 -26.40 6.36 2.52
N LYS A 323 -27.30 5.57 3.11
CA LYS A 323 -27.01 4.18 3.51
C LYS A 323 -28.04 3.30 2.78
N VAL A 324 -27.67 2.72 1.64
CA VAL A 324 -28.54 1.78 0.91
C VAL A 324 -28.22 0.38 1.41
N ALA A 325 -29.22 -0.39 1.83
CA ALA A 325 -28.93 -1.67 2.47
C ALA A 325 -30.01 -2.71 2.16
N GLY A 326 -29.60 -3.88 1.70
CA GLY A 326 -30.50 -5.02 1.64
C GLY A 326 -31.57 -5.01 0.58
N LEU A 327 -31.16 -4.62 -0.63
CA LEU A 327 -32.05 -4.57 -1.78
C LEU A 327 -31.52 -5.41 -2.93
N LEU A 328 -32.44 -6.10 -3.60
CA LEU A 328 -32.16 -6.76 -4.86
C LEU A 328 -32.70 -5.83 -5.95
N VAL A 329 -31.91 -5.53 -6.97
CA VAL A 329 -32.41 -4.76 -8.12
C VAL A 329 -32.37 -5.67 -9.33
N ASP A 330 -33.54 -5.98 -9.86
CA ASP A 330 -33.73 -6.93 -10.95
C ASP A 330 -34.09 -6.23 -12.26
N ALA A 331 -33.26 -6.39 -13.29
CA ALA A 331 -33.54 -5.72 -14.54
C ALA A 331 -34.86 -6.17 -15.17
N GLY A 332 -35.48 -5.24 -15.89
CA GLY A 332 -36.68 -5.54 -16.66
C GLY A 332 -36.29 -5.88 -18.09
N PRO A 333 -37.27 -6.28 -18.92
CA PRO A 333 -36.85 -6.63 -20.27
C PRO A 333 -36.49 -5.45 -21.19
N VAL A 334 -36.82 -4.22 -20.81
CA VAL A 334 -36.35 -3.04 -21.56
C VAL A 334 -35.01 -2.59 -20.99
N ASN A 335 -33.98 -2.64 -21.83
CA ASN A 335 -32.62 -2.37 -21.39
C ASN A 335 -32.54 -1.03 -20.65
N SER A 336 -32.09 -1.09 -19.42
CA SER A 336 -31.75 0.14 -18.71
C SER A 336 -30.29 0.52 -18.98
N GLU A 337 -30.04 1.79 -19.31
CA GLU A 337 -28.66 2.30 -19.46
C GLU A 337 -27.85 2.06 -18.20
N THR A 338 -28.52 2.24 -17.08
CA THR A 338 -27.93 1.95 -15.78
C THR A 338 -29.03 1.40 -14.88
N LEU A 339 -28.67 0.58 -13.91
CA LEU A 339 -29.63 0.13 -12.91
C LEU A 339 -29.52 0.88 -11.55
N VAL A 340 -28.30 1.19 -11.16
CA VAL A 340 -28.05 1.96 -9.95
C VAL A 340 -26.95 2.92 -10.26
N GLU A 341 -27.18 4.20 -10.02
CA GLU A 341 -25.96 4.96 -9.84
C GLU A 341 -25.89 6.00 -8.73
N VAL A 342 -24.66 6.12 -8.29
CA VAL A 342 -24.33 6.77 -7.04
C VAL A 342 -23.55 8.03 -7.37
N GLY A 343 -24.20 9.19 -7.26
CA GLY A 343 -23.64 10.48 -7.65
C GLY A 343 -23.73 10.82 -9.14
N SER A 344 -23.00 11.87 -9.60
CA SER A 344 -23.09 12.41 -11.01
C SER A 344 -21.75 12.93 -11.71
N ASP A 345 -21.86 13.78 -12.77
CA ASP A 345 -20.80 13.95 -13.79
C ASP A 345 -20.24 15.37 -13.83
N GLY A 346 -18.89 15.50 -13.79
CA GLY A 346 -18.28 16.59 -13.06
C GLY A 346 -18.05 16.31 -11.55
N ALA A 347 -19.09 16.39 -10.68
CA ALA A 347 -19.09 15.75 -9.32
C ALA A 347 -17.77 15.25 -8.77
N SER A 348 -16.99 16.17 -8.25
CA SER A 348 -15.64 15.90 -7.78
C SER A 348 -15.57 16.45 -6.37
N GLY A 349 -16.75 16.48 -5.74
CA GLY A 349 -16.84 16.82 -4.34
C GLY A 349 -16.62 15.56 -3.54
N ASP A 350 -16.33 15.75 -2.27
CA ASP A 350 -15.95 14.62 -1.45
C ASP A 350 -16.92 14.37 -0.32
N HIS A 351 -16.83 13.16 0.25
CA HIS A 351 -17.72 12.69 1.29
C HIS A 351 -16.90 11.82 2.25
N ALA A 352 -15.74 12.33 2.66
CA ALA A 352 -14.81 11.53 3.46
C ALA A 352 -15.30 11.30 4.88
N ALA A 353 -15.86 12.34 5.47
CA ALA A 353 -16.30 12.27 6.87
C ALA A 353 -17.55 11.41 7.00
N ASN A 354 -18.42 11.52 6.00
CA ASN A 354 -19.72 10.88 6.04
C ASN A 354 -20.06 10.30 4.64
N PRO A 355 -19.39 9.19 4.29
CA PRO A 355 -19.56 8.57 2.99
C PRO A 355 -20.95 8.02 2.73
N THR A 356 -21.30 7.87 1.46
CA THR A 356 -22.47 7.06 1.08
C THR A 356 -22.00 5.61 0.91
N SER A 357 -22.89 4.66 1.26
CA SER A 357 -22.56 3.24 1.16
C SER A 357 -23.67 2.43 0.49
N LEU A 358 -23.25 1.40 -0.26
CA LEU A 358 -24.14 0.34 -0.70
C LEU A 358 -23.78 -0.92 0.06
N GLN A 359 -24.72 -1.53 0.76
CA GLN A 359 -24.45 -2.78 1.50
C GLN A 359 -25.52 -3.84 1.20
N ASP A 360 -25.07 -5.05 0.92
CA ASP A 360 -26.02 -6.09 0.54
C ASP A 360 -26.98 -5.55 -0.52
N VAL A 361 -26.41 -4.96 -1.55
CA VAL A 361 -27.13 -4.58 -2.76
C VAL A 361 -26.75 -5.62 -3.82
N PHE A 362 -27.78 -6.28 -4.34
CA PHE A 362 -27.61 -7.40 -5.27
C PHE A 362 -28.37 -7.13 -6.55
N VAL A 363 -27.67 -7.18 -7.68
CA VAL A 363 -28.27 -6.92 -8.98
C VAL A 363 -28.34 -8.23 -9.76
N ARG A 364 -29.47 -8.44 -10.45
CA ARG A 364 -29.66 -9.60 -11.33
C ARG A 364 -30.15 -9.16 -12.71
N ILE A 365 -29.58 -9.75 -13.76
CA ILE A 365 -30.00 -9.49 -15.13
C ILE A 365 -30.39 -10.82 -15.75
N GLY A 366 -31.69 -11.01 -15.86
CA GLY A 366 -32.26 -12.25 -16.36
C GLY A 366 -32.40 -13.31 -15.28
N GLY A 367 -32.93 -14.49 -15.64
CA GLY A 367 -33.08 -15.57 -14.66
C GLY A 367 -34.53 -15.76 -14.19
N ALA A 368 -35.09 -14.71 -13.62
CA ALA A 368 -36.51 -14.65 -13.23
C ALA A 368 -37.31 -13.88 -14.29
N GLY A 369 -36.60 -13.33 -15.27
CA GLY A 369 -37.22 -12.88 -16.52
C GLY A 369 -36.19 -12.67 -17.63
N PRO A 370 -36.63 -12.44 -18.89
CA PRO A 370 -35.68 -11.74 -19.72
C PRO A 370 -35.44 -10.39 -19.07
N GLY A 371 -34.18 -10.03 -18.96
CA GLY A 371 -33.78 -8.77 -18.37
C GLY A 371 -32.57 -8.30 -19.14
N LYS A 372 -32.37 -6.99 -19.19
CA LYS A 372 -31.25 -6.37 -19.88
C LYS A 372 -30.84 -5.04 -19.23
N ALA A 373 -29.54 -4.80 -19.16
CA ALA A 373 -29.04 -3.48 -18.73
C ALA A 373 -27.64 -3.26 -19.27
N THR A 374 -27.33 -2.02 -19.66
CA THR A 374 -26.00 -1.73 -20.26
C THR A 374 -24.86 -1.71 -19.22
N THR A 375 -25.02 -0.91 -18.16
CA THR A 375 -24.10 -0.89 -17.01
C THR A 375 -24.89 -1.00 -15.72
N SER A 376 -24.65 -2.02 -14.91
CA SER A 376 -25.51 -2.24 -13.76
C SER A 376 -25.35 -1.24 -12.57
N ILE A 377 -24.12 -1.02 -12.11
CA ILE A 377 -23.87 -0.02 -11.09
C ILE A 377 -22.77 0.94 -11.50
N VAL A 378 -23.10 2.23 -11.49
CA VAL A 378 -22.11 3.26 -11.74
C VAL A 378 -21.87 4.01 -10.45
N VAL A 379 -20.60 4.10 -10.06
CA VAL A 379 -20.25 4.76 -8.82
C VAL A 379 -19.48 6.05 -9.14
N ASN A 380 -20.22 7.15 -9.09
CA ASN A 380 -19.66 8.45 -9.40
C ASN A 380 -19.18 9.21 -8.17
N SER A 381 -19.81 9.00 -7.01
CA SER A 381 -19.48 9.80 -5.82
C SER A 381 -18.16 9.39 -5.17
N ASN A 382 -17.29 10.37 -4.92
CA ASN A 382 -16.06 10.08 -4.21
C ASN A 382 -16.35 9.50 -2.82
N ASP A 383 -15.42 8.69 -2.34
CA ASP A 383 -15.38 8.13 -0.96
C ASP A 383 -16.46 7.06 -0.67
N THR A 384 -17.17 6.65 -1.70
CA THR A 384 -18.24 5.66 -1.55
C THR A 384 -17.68 4.32 -1.02
N ILE A 385 -18.44 3.69 -0.11
CA ILE A 385 -18.13 2.36 0.38
C ILE A 385 -19.09 1.37 -0.25
N ILE A 386 -18.53 0.32 -0.83
CA ILE A 386 -19.32 -0.74 -1.46
C ILE A 386 -19.00 -2.00 -0.64
N ASP A 387 -19.88 -2.33 0.32
CA ASP A 387 -19.58 -3.36 1.32
C ASP A 387 -20.58 -4.53 1.17
N HIS A 388 -20.15 -5.52 0.40
CA HIS A 388 -20.93 -6.65 -0.08
C HIS A 388 -21.91 -6.30 -1.19
N THR A 389 -21.53 -6.66 -2.42
CA THR A 389 -22.43 -6.60 -3.56
C THR A 389 -22.25 -7.87 -4.42
N TRP A 390 -23.36 -8.35 -5.02
CA TRP A 390 -23.29 -9.40 -6.06
C TRP A 390 -24.00 -8.82 -7.27
N VAL A 391 -23.27 -8.63 -8.35
CA VAL A 391 -23.81 -8.05 -9.57
C VAL A 391 -23.71 -9.19 -10.59
N TRP A 392 -24.86 -9.70 -11.01
CA TRP A 392 -24.93 -11.03 -11.64
C TRP A 392 -25.80 -11.04 -12.88
N ARG A 393 -25.17 -11.23 -14.02
CA ARG A 393 -25.92 -11.53 -15.22
C ARG A 393 -26.22 -13.04 -15.15
N ALA A 394 -27.50 -13.40 -15.25
CA ALA A 394 -27.90 -14.79 -15.02
C ALA A 394 -27.29 -15.80 -16.01
N ASP A 395 -26.90 -16.97 -15.49
CA ASP A 395 -26.36 -18.06 -16.35
C ASP A 395 -27.34 -19.25 -16.40
N HIS A 396 -28.52 -19.08 -15.81
CA HIS A 396 -29.57 -20.09 -15.76
C HIS A 396 -30.89 -19.45 -15.38
N GLY A 397 -31.99 -20.06 -15.83
CA GLY A 397 -33.34 -19.61 -15.57
C GLY A 397 -34.08 -19.11 -16.81
N GLU A 398 -35.02 -18.20 -16.62
CA GLU A 398 -35.82 -17.66 -17.71
C GLU A 398 -35.19 -16.41 -18.31
N GLY A 399 -35.29 -16.26 -19.62
CA GLY A 399 -34.82 -15.05 -20.27
C GLY A 399 -33.30 -15.00 -20.48
N VAL A 400 -32.62 -16.14 -20.35
CA VAL A 400 -31.15 -16.19 -20.52
C VAL A 400 -30.73 -16.35 -22.01
N GLY A 401 -29.68 -15.65 -22.40
CA GLY A 401 -29.15 -15.75 -23.74
C GLY A 401 -28.07 -14.72 -23.94
N TRP A 402 -27.04 -15.09 -24.71
CA TRP A 402 -25.94 -14.14 -25.01
C TRP A 402 -26.49 -12.75 -25.43
N GLU A 403 -27.57 -12.76 -26.19
CA GLU A 403 -28.21 -11.51 -26.55
C GLU A 403 -29.54 -11.31 -25.80
N THR A 404 -30.27 -12.39 -25.56
CA THR A 404 -31.48 -12.33 -24.74
C THR A 404 -31.30 -11.55 -23.41
N ASN A 405 -30.35 -11.94 -22.53
CA ASN A 405 -30.07 -11.14 -21.31
C ASN A 405 -28.68 -10.49 -21.34
N ARG A 406 -28.38 -9.95 -22.51
CA ARG A 406 -27.18 -9.16 -22.70
C ARG A 406 -27.02 -8.09 -21.62
N ALA A 407 -25.86 -8.08 -20.96
CA ALA A 407 -25.53 -7.02 -20.01
C ALA A 407 -24.04 -6.76 -20.17
N ASP A 408 -23.69 -5.65 -20.82
CA ASP A 408 -22.28 -5.46 -21.21
C ASP A 408 -21.36 -5.19 -20.01
N TYR A 409 -21.80 -4.36 -19.07
CA TYR A 409 -20.93 -3.85 -18.00
C TYR A 409 -21.53 -4.04 -16.62
N GLY A 410 -20.72 -4.53 -15.69
CA GLY A 410 -21.19 -4.82 -14.35
C GLY A 410 -21.17 -3.60 -13.46
N VAL A 411 -19.97 -3.26 -13.03
CA VAL A 411 -19.75 -2.11 -12.18
C VAL A 411 -18.71 -1.22 -12.82
N HIS A 412 -18.98 0.08 -12.80
CA HIS A 412 -18.04 1.08 -13.26
C HIS A 412 -17.84 2.12 -12.14
N VAL A 413 -16.63 2.20 -11.63
CA VAL A 413 -16.34 3.14 -10.54
C VAL A 413 -15.60 4.34 -11.11
N LYS A 414 -16.32 5.46 -11.21
CA LYS A 414 -15.76 6.71 -11.73
C LYS A 414 -15.19 7.57 -10.56
N GLY A 415 -15.69 7.38 -9.35
CA GLY A 415 -15.31 8.23 -8.20
C GLY A 415 -13.94 7.94 -7.60
N ASP A 416 -13.39 8.92 -6.89
CA ASP A 416 -12.09 8.78 -6.24
C ASP A 416 -12.25 8.23 -4.82
N ASN A 417 -11.25 7.50 -4.36
CA ASN A 417 -11.19 7.05 -2.95
C ASN A 417 -12.35 6.13 -2.60
N VAL A 418 -12.79 5.36 -3.61
CA VAL A 418 -13.88 4.39 -3.40
C VAL A 418 -13.28 3.09 -2.88
N LEU A 419 -13.97 2.45 -1.93
CA LEU A 419 -13.52 1.22 -1.33
C LEU A 419 -14.57 0.18 -1.62
N ALA A 420 -14.14 -0.98 -2.10
CA ALA A 420 -15.04 -2.14 -2.21
C ALA A 420 -14.52 -3.26 -1.32
N THR A 421 -15.40 -3.74 -0.46
CA THR A 421 -15.12 -4.86 0.43
C THR A 421 -16.15 -5.97 0.20
N GLY A 422 -15.71 -7.07 -0.35
CA GLY A 422 -16.61 -8.16 -0.69
C GLY A 422 -17.33 -7.90 -2.01
N LEU A 423 -16.56 -7.84 -3.09
CA LEU A 423 -17.05 -7.51 -4.43
C LEU A 423 -17.22 -8.76 -5.28
N PHE A 424 -18.45 -9.08 -5.66
CA PHE A 424 -18.77 -10.30 -6.42
C PHE A 424 -19.48 -9.86 -7.72
N VAL A 425 -18.88 -10.09 -8.88
CA VAL A 425 -19.45 -9.60 -10.13
C VAL A 425 -19.23 -10.67 -11.23
N GLU A 426 -20.31 -11.12 -11.88
CA GLU A 426 -20.22 -12.27 -12.78
C GLU A 426 -21.02 -12.17 -14.08
N HIS A 427 -20.38 -12.61 -15.15
CA HIS A 427 -21.01 -13.08 -16.40
C HIS A 427 -21.29 -12.02 -17.47
N PHE A 428 -20.74 -10.81 -17.30
CA PHE A 428 -20.98 -9.73 -18.23
C PHE A 428 -20.36 -9.94 -19.62
N ASN A 429 -21.04 -9.45 -20.64
CA ASN A 429 -20.62 -9.66 -22.02
C ASN A 429 -19.29 -8.93 -22.31
N LYS A 430 -19.09 -7.83 -21.61
CA LYS A 430 -17.89 -7.04 -21.74
C LYS A 430 -17.24 -6.91 -20.35
N TYR A 431 -16.68 -5.76 -19.96
CA TYR A 431 -15.96 -5.73 -18.69
C TYR A 431 -16.89 -5.89 -17.48
N ASP A 432 -16.62 -6.88 -16.63
CA ASP A 432 -17.43 -7.08 -15.45
C ASP A 432 -17.26 -5.87 -14.50
N VAL A 433 -15.99 -5.49 -14.28
CA VAL A 433 -15.67 -4.32 -13.45
C VAL A 433 -14.70 -3.42 -14.18
N GLN A 434 -14.99 -2.12 -14.23
CA GLN A 434 -14.06 -1.13 -14.74
C GLN A 434 -13.86 -0.04 -13.67
N TRP A 435 -12.60 0.36 -13.47
CA TRP A 435 -12.25 1.36 -12.47
C TRP A 435 -11.48 2.48 -13.14
N SER A 436 -12.08 3.67 -13.10
CA SER A 436 -11.51 4.89 -13.66
C SER A 436 -11.07 5.90 -12.60
N GLY A 437 -11.82 6.00 -11.52
CA GLY A 437 -11.48 6.91 -10.45
C GLY A 437 -10.10 6.62 -9.85
N GLU A 438 -9.59 7.61 -9.11
CA GLU A 438 -8.28 7.47 -8.48
C GLU A 438 -8.37 6.82 -7.10
N ASN A 439 -7.27 6.18 -6.71
CA ASN A 439 -7.08 5.71 -5.35
C ASN A 439 -8.14 4.72 -4.84
N GLY A 440 -8.65 3.93 -5.77
CA GLY A 440 -9.59 2.88 -5.44
C GLY A 440 -8.89 1.75 -4.72
N LYS A 441 -9.66 1.06 -3.89
CA LYS A 441 -9.21 -0.12 -3.18
C LYS A 441 -10.30 -1.19 -3.22
N THR A 442 -9.91 -2.42 -3.56
CA THR A 442 -10.80 -3.59 -3.50
C THR A 442 -10.18 -4.65 -2.61
N ILE A 443 -10.93 -5.05 -1.59
CA ILE A 443 -10.55 -6.16 -0.70
C ILE A 443 -11.58 -7.28 -0.95
N PHE A 444 -11.08 -8.33 -1.61
CA PHE A 444 -11.82 -9.48 -2.09
C PHE A 444 -12.64 -9.20 -3.34
N TYR A 445 -12.28 -9.92 -4.41
CA TYR A 445 -13.03 -9.93 -5.64
C TYR A 445 -13.27 -11.38 -6.07
N GLN A 446 -14.49 -11.64 -6.47
CA GLN A 446 -14.82 -12.93 -7.10
C GLN A 446 -15.61 -12.67 -8.39
N ASN A 447 -15.13 -13.28 -9.45
CA ASN A 447 -15.72 -13.16 -10.77
C ASN A 447 -15.82 -14.50 -11.45
N ALA A 448 -16.84 -14.63 -12.28
CA ALA A 448 -16.89 -15.67 -13.31
C ALA A 448 -17.17 -15.01 -14.65
N LYS A 449 -16.51 -15.51 -15.67
CA LYS A 449 -16.67 -15.02 -17.03
C LYS A 449 -17.91 -15.65 -17.67
N ALA A 450 -18.56 -14.89 -18.55
CA ALA A 450 -19.74 -15.36 -19.29
C ALA A 450 -19.52 -16.73 -19.89
N TYR A 451 -20.47 -17.63 -19.63
CA TYR A 451 -20.38 -19.05 -20.04
C TYR A 451 -20.73 -19.19 -21.50
N ASP A 452 -21.45 -18.20 -22.01
CA ASP A 452 -22.17 -18.30 -23.25
C ASP A 452 -21.66 -17.46 -24.43
N ALA A 453 -20.46 -16.89 -24.30
CA ALA A 453 -19.77 -16.28 -25.42
C ALA A 453 -19.75 -17.29 -26.58
N PRO A 454 -20.26 -16.91 -27.76
CA PRO A 454 -20.44 -17.94 -28.81
C PRO A 454 -19.15 -18.37 -29.52
N ASP A 455 -18.24 -17.42 -29.67
CA ASP A 455 -16.97 -17.63 -30.33
C ASP A 455 -15.98 -16.55 -29.92
N GLN A 456 -14.74 -16.69 -30.38
CA GLN A 456 -13.70 -15.70 -30.06
C GLN A 456 -14.07 -14.29 -30.55
N ALA A 457 -14.66 -14.21 -31.74
CA ALA A 457 -14.94 -12.90 -32.36
C ALA A 457 -15.88 -12.09 -31.50
N ALA A 458 -16.84 -12.77 -30.88
CA ALA A 458 -17.85 -12.09 -30.06
C ALA A 458 -17.29 -11.51 -28.75
N ILE A 459 -15.98 -11.59 -28.57
CA ILE A 459 -15.30 -11.05 -27.39
C ILE A 459 -13.93 -10.36 -27.66
N GLN A 460 -13.39 -10.46 -28.89
CA GLN A 460 -12.29 -9.62 -29.41
C GLN A 460 -12.50 -8.17 -28.87
N ASN A 461 -11.51 -7.67 -28.12
CA ASN A 461 -11.56 -6.38 -27.41
C ASN A 461 -10.34 -5.54 -27.86
N GLY A 462 -10.50 -4.85 -28.99
CA GLY A 462 -9.37 -4.27 -29.71
C GLY A 462 -8.48 -5.35 -30.33
N ASP A 463 -7.28 -5.48 -29.78
CA ASP A 463 -6.32 -6.52 -30.14
C ASP A 463 -6.06 -7.40 -28.88
N ILE A 464 -7.03 -7.40 -27.97
CA ILE A 464 -7.08 -8.29 -26.79
C ILE A 464 -8.17 -9.36 -26.96
N LYS A 465 -7.88 -10.62 -26.64
CA LYS A 465 -8.91 -11.66 -26.64
C LYS A 465 -9.73 -11.55 -25.33
N GLY A 466 -11.00 -11.15 -25.46
CA GLY A 466 -11.87 -10.96 -24.30
C GLY A 466 -11.68 -9.71 -23.48
N TYR A 467 -12.71 -9.40 -22.67
CA TYR A 467 -12.66 -8.29 -21.72
C TYR A 467 -12.23 -8.74 -20.32
N ALA A 468 -11.32 -8.00 -19.69
CA ALA A 468 -10.91 -8.30 -18.33
C ALA A 468 -12.11 -8.37 -17.40
N ALA A 469 -12.03 -9.25 -16.41
CA ALA A 469 -13.00 -9.26 -15.34
C ALA A 469 -12.86 -8.01 -14.47
N TYR A 470 -11.66 -7.44 -14.45
CA TYR A 470 -11.42 -6.25 -13.61
C TYR A 470 -10.36 -5.43 -14.30
N LYS A 471 -10.79 -4.29 -14.83
CA LYS A 471 -9.93 -3.38 -15.57
C LYS A 471 -9.79 -2.08 -14.87
N VAL A 472 -8.55 -1.63 -14.79
CA VAL A 472 -8.24 -0.27 -14.34
C VAL A 472 -7.77 0.54 -15.56
N ASP A 473 -8.39 1.69 -15.82
CA ASP A 473 -8.06 2.45 -17.03
C ASP A 473 -6.61 2.92 -16.92
N ASP A 474 -5.96 2.98 -18.08
CA ASP A 474 -4.51 3.21 -18.16
C ASP A 474 -4.06 4.56 -17.59
N SER A 475 -4.96 5.54 -17.56
CA SER A 475 -4.64 6.89 -17.04
C SER A 475 -4.56 6.91 -15.50
N VAL A 476 -5.19 5.92 -14.90
CA VAL A 476 -5.28 5.88 -13.46
C VAL A 476 -3.87 5.76 -12.90
N THR A 477 -3.67 6.20 -11.66
CA THR A 477 -2.36 6.53 -11.14
C THR A 477 -2.10 5.85 -9.79
N THR A 478 -3.15 5.64 -9.01
CA THR A 478 -3.05 4.88 -7.76
C THR A 478 -4.26 3.95 -7.64
N HIS A 479 -4.00 2.68 -7.34
CA HIS A 479 -5.06 1.67 -7.17
C HIS A 479 -4.47 0.54 -6.35
N GLU A 480 -5.30 -0.19 -5.64
CA GLU A 480 -4.82 -1.31 -4.85
C GLU A 480 -5.90 -2.38 -4.67
N GLY A 481 -5.55 -3.63 -4.94
CA GLY A 481 -6.48 -4.74 -4.83
C GLY A 481 -5.85 -5.94 -4.12
N TRP A 482 -6.63 -6.61 -3.27
CA TRP A 482 -6.15 -7.78 -2.56
C TRP A 482 -7.14 -8.94 -2.65
N GLY A 483 -6.62 -10.11 -3.01
CA GLY A 483 -7.40 -11.35 -2.89
C GLY A 483 -8.50 -11.47 -3.92
N MET A 484 -8.08 -11.63 -5.17
CA MET A 484 -8.98 -11.45 -6.30
C MET A 484 -8.87 -12.58 -7.30
N GLY A 485 -10.01 -13.14 -7.67
CA GLY A 485 -10.00 -14.27 -8.59
C GLY A 485 -11.09 -14.26 -9.63
N SER A 486 -10.74 -14.64 -10.86
CA SER A 486 -11.66 -14.74 -12.00
C SER A 486 -11.66 -16.18 -12.50
N TYR A 487 -12.86 -16.72 -12.71
CA TYR A 487 -13.03 -18.11 -13.15
C TYR A 487 -13.68 -18.13 -14.53
N CYS A 488 -13.36 -19.16 -15.33
CA CYS A 488 -14.06 -19.31 -16.61
C CYS A 488 -14.66 -20.71 -16.78
N TYR A 489 -15.73 -20.72 -17.56
CA TYR A 489 -16.43 -21.97 -17.96
C TYR A 489 -17.15 -21.72 -19.26
N PHE A 490 -16.34 -21.59 -20.30
CA PHE A 490 -16.88 -21.39 -21.64
C PHE A 490 -17.50 -22.68 -22.19
N ASN A 491 -18.70 -23.00 -21.73
CA ASN A 491 -19.28 -24.30 -22.05
C ASN A 491 -19.98 -24.35 -23.39
N VAL A 492 -20.34 -23.18 -23.92
CA VAL A 492 -20.82 -23.09 -25.29
C VAL A 492 -19.68 -23.34 -26.26
N ASN A 493 -18.55 -22.64 -26.06
CA ASN A 493 -17.40 -22.81 -26.94
C ASN A 493 -16.08 -22.96 -26.18
N PRO A 494 -15.77 -24.21 -25.77
CA PRO A 494 -14.60 -24.61 -24.97
C PRO A 494 -13.23 -24.29 -25.56
N ASP A 495 -13.17 -23.85 -26.82
CA ASP A 495 -11.92 -23.53 -27.46
C ASP A 495 -11.56 -22.02 -27.37
N ILE A 496 -12.47 -21.24 -26.80
CA ILE A 496 -12.21 -19.83 -26.48
C ILE A 496 -11.01 -19.61 -25.58
N ARG A 497 -10.31 -18.51 -25.82
CA ARG A 497 -9.25 -18.03 -24.94
C ARG A 497 -9.61 -16.67 -24.35
N GLN A 498 -9.31 -16.50 -23.06
CA GLN A 498 -9.50 -15.23 -22.35
C GLN A 498 -8.11 -14.70 -22.06
N GLN A 499 -7.72 -13.53 -22.59
CA GLN A 499 -6.30 -13.13 -22.45
C GLN A 499 -5.92 -13.02 -20.98
N HIS A 500 -6.79 -12.45 -20.17
CA HIS A 500 -6.46 -12.24 -18.75
C HIS A 500 -7.69 -12.02 -17.86
N GLY A 501 -7.50 -12.24 -16.56
CA GLY A 501 -8.52 -11.89 -15.59
C GLY A 501 -8.55 -10.40 -15.29
N PHE A 502 -7.35 -9.80 -15.29
CA PHE A 502 -7.15 -8.44 -14.81
C PHE A 502 -6.32 -7.62 -15.80
N GLN A 503 -6.65 -6.34 -15.89
CA GLN A 503 -5.91 -5.42 -16.74
C GLN A 503 -5.70 -4.09 -16.05
N ALA A 504 -4.46 -3.60 -16.10
CA ALA A 504 -4.15 -2.30 -15.55
C ALA A 504 -2.88 -1.71 -16.16
N PRO A 505 -2.66 -0.42 -15.94
CA PRO A 505 -1.33 0.12 -16.31
C PRO A 505 -0.24 -0.37 -15.34
N VAL A 506 1.00 -0.49 -15.84
CA VAL A 506 2.15 -0.80 -14.98
C VAL A 506 2.70 0.52 -14.47
N LYS A 507 2.44 0.75 -13.19
CA LYS A 507 2.63 2.03 -12.53
C LYS A 507 2.69 1.71 -11.06
N PRO A 508 3.82 2.05 -10.42
CA PRO A 508 4.12 1.60 -9.05
C PRO A 508 3.10 2.02 -7.99
N GLY A 509 2.20 2.92 -8.32
CA GLY A 509 1.10 3.27 -7.46
C GLY A 509 -0.13 2.39 -7.71
N VAL A 510 -0.05 1.52 -8.72
CA VAL A 510 -1.13 0.59 -9.07
C VAL A 510 -0.64 -0.81 -8.70
N LYS A 511 -1.18 -1.36 -7.62
CA LYS A 511 -0.63 -2.53 -6.94
C LYS A 511 -1.68 -3.61 -6.73
N PHE A 512 -1.38 -4.88 -7.04
CA PHE A 512 -2.34 -5.94 -6.77
C PHE A 512 -1.65 -7.03 -5.90
N HIS A 513 -2.42 -7.60 -5.00
CA HIS A 513 -1.97 -8.69 -4.15
C HIS A 513 -2.86 -9.92 -4.29
N ASP A 514 -2.25 -11.06 -4.51
CA ASP A 514 -2.94 -12.36 -4.45
C ASP A 514 -4.04 -12.47 -5.50
N LEU A 515 -3.61 -12.51 -6.77
CA LEU A 515 -4.48 -12.65 -7.93
C LEU A 515 -4.51 -14.10 -8.40
N LEU A 516 -5.68 -14.53 -8.88
CA LEU A 516 -5.75 -15.84 -9.50
C LEU A 516 -6.80 -15.91 -10.61
N VAL A 517 -6.55 -16.82 -11.55
CA VAL A 517 -7.52 -17.19 -12.58
C VAL A 517 -7.67 -18.71 -12.60
N VAL A 518 -8.88 -19.20 -12.92
CA VAL A 518 -9.16 -20.63 -12.85
C VAL A 518 -10.08 -21.01 -14.00
N SER A 519 -9.75 -22.09 -14.70
CA SER A 519 -10.65 -22.65 -15.71
C SER A 519 -11.35 -23.87 -15.16
N LEU A 520 -12.69 -23.89 -15.26
CA LEU A 520 -13.46 -25.06 -14.80
C LEU A 520 -13.62 -26.13 -15.89
N GLY A 521 -13.11 -27.32 -15.64
CA GLY A 521 -13.23 -28.43 -16.59
C GLY A 521 -12.39 -28.23 -17.87
N GLY A 522 -11.54 -27.22 -17.89
CA GLY A 522 -10.84 -26.85 -19.10
C GLY A 522 -11.76 -26.32 -20.17
N LYS A 523 -12.79 -25.59 -19.73
CA LYS A 523 -13.79 -25.05 -20.62
C LYS A 523 -13.33 -23.63 -20.96
N GLY A 524 -12.57 -23.53 -22.04
CA GLY A 524 -11.77 -22.36 -22.30
C GLY A 524 -10.55 -22.33 -21.39
N GLN A 525 -9.65 -21.42 -21.69
CA GLN A 525 -8.48 -21.19 -20.87
C GLN A 525 -8.14 -19.71 -20.80
N TYR A 526 -7.49 -19.32 -19.70
CA TYR A 526 -6.84 -18.01 -19.58
C TYR A 526 -5.42 -18.04 -20.18
N GLU A 527 -5.06 -17.04 -20.97
CA GLU A 527 -3.68 -16.94 -21.47
C GLU A 527 -2.69 -16.38 -20.42
N HIS A 528 -3.19 -15.53 -19.53
CA HIS A 528 -2.40 -14.97 -18.42
C HIS A 528 -3.33 -14.65 -17.25
N VAL A 529 -2.74 -14.18 -16.15
CA VAL A 529 -3.50 -13.74 -14.99
C VAL A 529 -3.86 -12.25 -15.11
N ILE A 530 -2.84 -11.42 -15.28
CA ILE A 530 -3.02 -9.98 -15.41
C ILE A 530 -2.19 -9.41 -16.57
N ASN A 531 -2.83 -8.56 -17.36
CA ASN A 531 -2.26 -8.02 -18.61
C ASN A 531 -1.73 -9.10 -19.54
N ASP A 532 -0.41 -9.16 -19.66
CA ASP A 532 0.30 -10.11 -20.48
C ASP A 532 1.23 -10.95 -19.60
N ILE A 533 0.89 -11.07 -18.31
CA ILE A 533 1.75 -11.58 -17.25
C ILE A 533 1.08 -12.67 -16.35
N GLY A 534 1.89 -13.67 -15.95
CA GLY A 534 1.41 -14.83 -15.20
C GLY A 534 1.06 -15.98 -16.14
N ASP A 535 1.15 -17.19 -15.62
CA ASP A 535 1.03 -18.39 -16.44
C ASP A 535 -0.40 -18.61 -16.94
N PRO A 536 -0.54 -19.21 -18.14
CA PRO A 536 -1.87 -19.61 -18.59
C PRO A 536 -2.43 -20.72 -17.74
N THR A 537 -3.75 -20.87 -17.72
CA THR A 537 -4.29 -22.12 -17.26
C THR A 537 -4.13 -23.16 -18.36
N SER A 538 -4.14 -24.43 -17.95
CA SER A 538 -4.00 -25.54 -18.87
C SER A 538 -4.54 -26.80 -18.22
N GLY A 539 -4.62 -27.89 -18.98
CA GLY A 539 -5.22 -29.12 -18.47
C GLY A 539 -6.72 -28.95 -18.29
N ASP A 540 -7.37 -29.98 -17.71
CA ASP A 540 -8.80 -29.91 -17.41
C ASP A 540 -9.01 -30.07 -15.91
N THR A 541 -8.00 -29.62 -15.18
CA THR A 541 -7.69 -30.00 -13.80
C THR A 541 -8.19 -28.99 -12.77
N THR A 542 -8.60 -27.81 -13.25
CA THR A 542 -9.15 -26.72 -12.41
C THR A 542 -8.14 -26.23 -11.34
N ILE A 543 -6.87 -26.52 -11.59
CA ILE A 543 -5.80 -25.91 -10.79
C ILE A 543 -5.60 -24.44 -11.19
N PRO A 544 -5.63 -23.51 -10.21
CA PRO A 544 -5.41 -22.11 -10.60
C PRO A 544 -4.01 -21.77 -11.06
N SER A 545 -3.96 -20.58 -11.68
CA SER A 545 -2.71 -19.88 -11.96
C SER A 545 -2.75 -18.58 -11.15
N GLN A 546 -1.63 -18.26 -10.48
CA GLN A 546 -1.64 -17.29 -9.37
C GLN A 546 -0.49 -16.28 -9.44
N VAL A 547 -0.82 -15.00 -9.33
CA VAL A 547 0.16 -13.91 -9.13
C VAL A 547 0.10 -13.35 -7.68
N VAL A 548 1.27 -13.07 -7.12
CA VAL A 548 1.33 -12.51 -5.74
C VAL A 548 1.36 -10.99 -5.73
N SER A 549 2.38 -10.42 -6.37
CA SER A 549 2.50 -8.96 -6.44
C SER A 549 2.49 -8.60 -7.89
N PHE A 550 1.77 -7.52 -8.18
CA PHE A 550 1.84 -6.85 -9.43
C PHE A 550 1.81 -5.38 -8.99
N PRO A 551 2.77 -4.58 -9.47
CA PRO A 551 3.85 -4.83 -10.42
C PRO A 551 5.12 -5.41 -9.76
N ALA B 1 -4.87 35.10 -0.48
CA ALA B 1 -4.01 33.92 -0.34
C ALA B 1 -3.78 33.76 1.14
N GLN B 2 -4.13 32.61 1.68
CA GLN B 2 -4.25 32.49 3.13
C GLN B 2 -3.00 31.85 3.73
N GLU B 3 -2.64 32.33 4.93
CA GLU B 3 -1.49 31.82 5.67
C GLU B 3 -1.56 30.29 5.74
N VAL B 4 -0.53 29.59 5.28
CA VAL B 4 -0.50 28.16 5.49
C VAL B 4 -0.34 27.94 6.99
N VAL B 5 -1.01 26.93 7.53
CA VAL B 5 -0.98 26.66 8.95
C VAL B 5 0.12 25.68 9.34
N GLY B 6 0.67 25.89 10.53
CA GLY B 6 1.71 25.05 11.07
C GLY B 6 1.19 24.05 12.10
N GLY B 7 2.02 23.06 12.40
CA GLY B 7 1.68 22.03 13.36
C GLY B 7 0.63 21.07 12.80
N GLY B 8 0.00 20.30 13.68
CA GLY B 8 -1.08 19.41 13.26
C GLY B 8 -0.78 17.92 13.22
N ASP B 9 -1.53 17.26 12.33
CA ASP B 9 -1.62 15.81 12.18
C ASP B 9 -0.48 15.24 11.35
N LEU B 10 -0.05 14.01 11.62
CA LEU B 10 1.09 13.41 10.88
C LEU B 10 0.73 12.39 9.79
N GLY B 11 -0.57 12.25 9.50
CA GLY B 11 -1.04 11.33 8.48
C GLY B 11 -1.02 9.90 8.95
N PRO B 12 -1.57 8.99 8.13
CA PRO B 12 -1.76 7.64 8.66
C PRO B 12 -0.50 6.79 8.54
N ASN B 13 0.51 7.31 7.86
CA ASN B 13 1.70 6.50 7.58
C ASN B 13 2.79 6.59 8.59
N VAL B 14 2.53 7.38 9.64
CA VAL B 14 3.45 7.49 10.76
C VAL B 14 2.85 6.72 11.92
N LEU B 15 3.50 5.61 12.27
CA LEU B 15 3.05 4.72 13.31
C LEU B 15 3.81 5.06 14.59
N VAL B 16 3.07 5.58 15.56
CA VAL B 16 3.62 5.96 16.86
C VAL B 16 3.27 4.96 17.95
N PHE B 17 4.27 4.63 18.77
CA PHE B 17 4.17 3.57 19.79
C PHE B 17 4.57 4.07 21.21
N ASP B 18 4.07 3.38 22.24
CA ASP B 18 4.70 3.43 23.57
C ASP B 18 4.78 1.99 24.12
N PRO B 19 5.54 1.78 25.21
CA PRO B 19 5.77 0.39 25.66
C PRO B 19 4.47 -0.40 25.88
N SER B 20 3.37 0.32 25.95
CA SER B 20 2.10 -0.28 26.33
C SER B 20 1.21 -0.55 25.11
N THR B 21 1.67 -0.20 23.89
CA THR B 21 0.84 -0.42 22.71
C THR B 21 0.67 -1.91 22.47
N PRO B 22 -0.54 -2.32 22.04
CA PRO B 22 -0.91 -3.72 21.80
C PRO B 22 -0.19 -4.43 20.61
N ASP B 23 0.54 -5.48 20.96
CA ASP B 23 1.16 -6.35 19.95
C ASP B 23 2.01 -5.51 19.00
N ILE B 24 2.98 -4.79 19.55
CA ILE B 24 3.89 -4.01 18.72
C ILE B 24 4.56 -4.88 17.67
N GLN B 25 4.96 -6.10 18.04
CA GLN B 25 5.56 -7.03 17.06
C GLN B 25 4.61 -7.24 15.89
N GLY B 26 3.36 -7.56 16.17
CA GLY B 26 2.39 -7.71 15.09
C GLY B 26 2.20 -6.45 14.28
N LYS B 27 2.13 -5.29 14.95
CA LYS B 27 1.91 -4.04 14.26
C LYS B 27 3.09 -3.74 13.31
N VAL B 28 4.30 -4.01 13.76
CA VAL B 28 5.51 -3.89 12.91
C VAL B 28 5.71 -4.98 11.84
N ASP B 29 5.29 -6.22 12.13
CA ASP B 29 5.43 -7.33 11.18
C ASP B 29 4.58 -7.07 9.94
N GLU B 30 3.44 -6.39 10.10
CA GLU B 30 2.60 -6.16 8.93
C GLU B 30 3.10 -5.04 8.04
N VAL B 31 3.67 -3.99 8.61
CA VAL B 31 4.41 -3.04 7.77
C VAL B 31 5.47 -3.84 7.04
N PHE B 32 6.16 -4.70 7.76
CA PHE B 32 7.20 -5.52 7.12
C PHE B 32 6.61 -6.45 6.05
N ARG B 33 5.38 -6.90 6.29
CA ARG B 33 4.68 -7.72 5.28
C ARG B 33 4.68 -6.90 4.00
N LYS B 34 4.02 -5.75 4.07
CA LYS B 34 3.80 -4.86 2.93
C LYS B 34 5.10 -4.47 2.22
N GLN B 35 6.14 -4.16 3.01
CA GLN B 35 7.35 -3.52 2.49
C GLN B 35 8.56 -4.42 2.17
N GLU B 36 8.58 -5.65 2.68
CA GLU B 36 9.75 -6.55 2.59
C GLU B 36 10.38 -6.57 1.20
N SER B 37 9.54 -6.83 0.21
CA SER B 37 9.94 -6.96 -1.20
C SER B 37 9.30 -5.84 -2.04
N ASN B 38 8.99 -4.70 -1.39
CA ASN B 38 8.30 -3.58 -2.06
C ASN B 38 9.35 -2.58 -2.52
N GLN B 39 10.05 -2.94 -3.58
CA GLN B 39 11.28 -2.25 -3.94
C GLN B 39 10.96 -0.95 -4.61
N PHE B 40 9.91 -0.95 -5.42
CA PHE B 40 9.56 0.20 -6.24
C PHE B 40 8.12 0.68 -6.07
N GLY B 41 7.42 0.22 -5.04
CA GLY B 41 6.06 0.69 -4.79
C GLY B 41 6.01 2.03 -4.07
N THR B 42 4.82 2.59 -3.95
CA THR B 42 4.64 3.94 -3.41
C THR B 42 4.38 3.94 -1.91
N ASP B 43 4.32 2.76 -1.27
CA ASP B 43 4.17 2.67 0.20
C ASP B 43 5.34 3.38 0.87
N ARG B 44 5.04 4.14 1.91
CA ARG B 44 6.04 4.88 2.69
C ARG B 44 5.62 4.84 4.17
N TYR B 45 6.52 4.48 5.08
CA TYR B 45 6.15 4.45 6.52
C TYR B 45 7.24 4.91 7.46
N ALA B 46 6.81 5.60 8.51
CA ALA B 46 7.71 5.94 9.64
C ALA B 46 7.17 5.19 10.85
N LEU B 47 8.08 4.61 11.63
CA LEU B 47 7.71 3.97 12.89
C LEU B 47 8.41 4.77 13.97
N MET B 48 7.65 5.46 14.82
CA MET B 48 8.26 6.37 15.80
C MET B 48 7.92 5.89 17.21
N PHE B 49 8.96 5.73 18.03
CA PHE B 49 8.83 5.13 19.36
C PHE B 49 9.02 6.11 20.48
N LYS B 50 7.99 6.25 21.30
CA LYS B 50 8.05 7.20 22.40
C LYS B 50 9.08 6.78 23.43
N PRO B 51 9.66 7.74 24.18
CA PRO B 51 10.68 7.29 25.15
C PRO B 51 10.21 6.20 26.10
N GLY B 52 11.15 5.34 26.50
CA GLY B 52 10.86 4.22 27.38
C GLY B 52 11.51 2.95 26.90
N THR B 53 10.97 1.83 27.40
CA THR B 53 11.64 0.55 27.39
C THR B 53 10.73 -0.48 26.75
N TYR B 54 11.23 -1.07 25.68
CA TYR B 54 10.40 -1.91 24.80
C TYR B 54 10.94 -3.32 24.74
N ASN B 55 10.16 -4.30 25.19
CA ASN B 55 10.65 -5.68 25.26
C ASN B 55 9.97 -6.63 24.25
N ASP B 56 10.66 -7.73 23.96
CA ASP B 56 10.11 -8.74 23.07
C ASP B 56 9.85 -8.19 21.67
N ILE B 57 10.93 -7.79 21.01
CA ILE B 57 10.81 -7.05 19.76
C ILE B 57 11.90 -7.43 18.77
N ASN B 58 11.52 -7.49 17.51
CA ASN B 58 12.44 -7.79 16.45
C ASN B 58 11.89 -7.07 15.23
N ALA B 59 12.23 -5.81 15.12
CA ALA B 59 11.62 -4.92 14.14
C ALA B 59 12.39 -5.09 12.84
N GLN B 60 11.80 -5.86 11.93
CA GLN B 60 12.41 -6.12 10.64
C GLN B 60 12.02 -4.92 9.76
N ILE B 61 13.02 -4.29 9.16
CA ILE B 61 12.84 -3.05 8.39
C ILE B 61 12.90 -3.34 6.89
N GLY B 62 11.79 -3.11 6.21
CA GLY B 62 11.72 -3.34 4.76
C GLY B 62 12.01 -2.07 3.97
N PHE B 63 11.66 -2.07 2.69
CA PHE B 63 11.82 -0.90 1.88
C PHE B 63 10.98 0.26 2.41
N TYR B 64 11.48 1.47 2.21
CA TYR B 64 10.76 2.70 2.50
C TYR B 64 10.17 2.75 3.91
N THR B 65 10.98 2.29 4.87
CA THR B 65 10.60 2.24 6.28
C THR B 65 11.69 2.91 7.09
N SER B 66 11.28 3.94 7.84
CA SER B 66 12.16 4.57 8.83
C SER B 66 11.72 4.20 10.22
N ILE B 67 12.70 3.93 11.07
CA ILE B 67 12.40 3.67 12.49
C ILE B 67 13.22 4.63 13.33
N ALA B 68 12.60 5.16 14.38
CA ALA B 68 13.26 6.14 15.17
C ALA B 68 12.65 6.23 16.58
N GLY B 69 13.53 6.51 17.54
CA GLY B 69 13.12 6.95 18.86
C GLY B 69 12.82 8.46 18.90
N LEU B 70 12.00 8.84 19.88
CA LEU B 70 11.49 10.17 20.03
C LEU B 70 12.10 10.84 21.29
N GLY B 71 13.15 10.22 21.83
CA GLY B 71 14.15 10.90 22.62
C GLY B 71 14.97 11.77 21.65
N LEU B 72 16.27 11.80 21.76
CA LEU B 72 17.01 13.04 21.56
C LEU B 72 18.07 12.97 22.56
N ASN B 73 17.93 12.02 23.49
CA ASN B 73 19.04 11.12 23.61
C ASN B 73 18.64 9.71 23.23
N PRO B 74 19.55 9.03 22.54
CA PRO B 74 19.22 7.71 22.05
C PRO B 74 18.86 6.74 23.22
N ASP B 75 19.62 6.76 24.32
CA ASP B 75 19.31 5.82 25.40
C ASP B 75 17.98 6.12 26.11
N ASP B 76 17.27 7.16 25.66
CA ASP B 76 15.93 7.43 26.19
C ASP B 76 14.88 6.46 25.62
N THR B 77 15.17 5.82 24.49
CA THR B 77 14.29 4.84 23.85
C THR B 77 15.07 3.55 23.57
N THR B 78 14.87 2.55 24.43
CA THR B 78 15.66 1.35 24.41
C THR B 78 14.78 0.15 24.07
N PHE B 79 15.19 -0.57 23.03
CA PHE B 79 14.64 -1.88 22.70
C PHE B 79 15.52 -2.95 23.30
N ASN B 80 14.91 -3.84 24.06
CA ASN B 80 15.53 -5.10 24.38
C ASN B 80 15.03 -6.03 23.30
N GLY B 81 15.88 -6.13 22.29
CA GLY B 81 15.52 -6.67 20.99
C GLY B 81 16.33 -5.96 19.92
N ASP B 82 15.83 -6.00 18.69
CA ASP B 82 16.64 -5.74 17.52
C ASP B 82 15.92 -4.89 16.48
N VAL B 83 16.70 -4.21 15.65
CA VAL B 83 16.20 -3.55 14.46
C VAL B 83 16.94 -4.23 13.32
N THR B 84 16.21 -5.04 12.56
CA THR B 84 16.80 -6.02 11.68
C THR B 84 16.55 -5.71 10.21
N VAL B 85 17.65 -5.65 9.45
CA VAL B 85 17.60 -5.78 8.02
C VAL B 85 18.37 -7.04 7.70
N ASP B 86 17.66 -8.00 7.10
CA ASP B 86 18.23 -9.23 6.56
C ASP B 86 18.11 -9.23 5.05
N ALA B 87 18.82 -10.18 4.43
CA ALA B 87 18.72 -10.43 2.99
C ALA B 87 17.91 -11.67 2.57
N GLY B 88 17.27 -12.32 3.54
CA GLY B 88 16.21 -13.29 3.27
C GLY B 88 15.62 -13.12 1.88
N TRP B 89 14.57 -12.32 1.70
CA TRP B 89 13.78 -12.25 0.43
C TRP B 89 14.49 -12.42 -0.92
N PHE B 90 15.80 -12.17 -0.94
CA PHE B 90 16.61 -12.14 -2.19
C PHE B 90 17.62 -13.26 -2.13
N ASP B 91 17.05 -14.43 -1.98
CA ASP B 91 17.71 -15.61 -1.43
C ASP B 91 19.19 -15.44 -1.07
N GLY B 92 19.49 -14.41 -0.27
CA GLY B 92 20.81 -14.23 0.33
C GLY B 92 21.58 -12.96 -0.07
N ASN B 93 21.09 -12.30 -1.11
CA ASN B 93 21.75 -11.16 -1.68
C ASN B 93 21.28 -9.85 -1.00
N ALA B 94 22.21 -9.04 -0.47
CA ALA B 94 21.80 -7.84 0.24
C ALA B 94 21.92 -6.59 -0.63
N THR B 95 22.39 -6.79 -1.86
CA THR B 95 22.75 -5.68 -2.72
C THR B 95 21.58 -4.83 -3.18
N GLN B 96 20.35 -5.29 -2.96
CA GLN B 96 19.18 -4.45 -3.26
C GLN B 96 18.45 -3.94 -2.00
N ASN B 97 19.11 -4.00 -0.84
CA ASN B 97 18.53 -3.49 0.40
C ASN B 97 18.76 -1.99 0.57
N PHE B 98 17.89 -1.25 -0.10
CA PHE B 98 17.93 0.20 -0.17
C PHE B 98 16.79 0.90 0.61
N TRP B 99 16.95 2.22 0.74
CA TRP B 99 15.89 3.16 1.10
C TRP B 99 15.17 2.85 2.42
N ARG B 100 15.92 2.86 3.50
CA ARG B 100 15.33 2.64 4.82
C ARG B 100 16.25 3.25 5.87
N SER B 101 15.76 3.46 7.09
CA SER B 101 16.59 4.19 8.03
C SER B 101 16.33 3.76 9.45
N ALA B 102 17.36 3.92 10.29
CA ALA B 102 17.20 3.75 11.74
C ALA B 102 17.89 4.89 12.45
N GLU B 103 17.22 5.48 13.43
CA GLU B 103 17.92 6.47 14.24
C GLU B 103 17.38 6.66 15.66
N ASN B 104 18.28 7.16 16.52
CA ASN B 104 17.92 7.63 17.87
C ASN B 104 17.24 6.57 18.75
N LEU B 105 17.84 5.40 18.76
CA LEU B 105 17.39 4.25 19.57
C LEU B 105 18.62 3.63 20.23
N ALA B 106 18.44 3.10 21.45
CA ALA B 106 19.42 2.17 22.01
C ALA B 106 18.90 0.74 21.79
N LEU B 107 19.79 -0.15 21.39
CA LEU B 107 19.44 -1.54 21.09
C LEU B 107 20.26 -2.48 21.98
N ASN B 108 19.55 -3.41 22.60
CA ASN B 108 20.15 -4.49 23.37
C ASN B 108 19.77 -5.80 22.69
N PRO B 109 20.59 -6.22 21.72
CA PRO B 109 20.08 -7.22 20.79
C PRO B 109 20.00 -8.58 21.44
N VAL B 110 19.03 -9.39 21.04
CA VAL B 110 18.63 -10.55 21.84
C VAL B 110 19.70 -11.65 22.03
N ASN B 111 20.66 -11.73 21.09
CA ASN B 111 21.84 -12.63 21.26
C ASN B 111 23.20 -11.86 21.20
N GLY B 112 23.17 -10.58 21.57
CA GLY B 112 24.40 -9.80 21.70
C GLY B 112 24.96 -9.21 20.40
N THR B 113 24.25 -9.34 19.28
CA THR B 113 24.62 -8.61 18.04
C THR B 113 23.48 -8.42 17.03
N ASN B 114 23.23 -7.15 16.73
CA ASN B 114 22.17 -6.71 15.86
C ASN B 114 22.60 -6.81 14.39
N ARG B 115 21.68 -7.20 13.51
CA ARG B 115 22.00 -7.26 12.09
C ARG B 115 21.40 -6.10 11.32
N TRP B 116 22.27 -5.39 10.59
CA TRP B 116 21.90 -4.30 9.69
C TRP B 116 22.55 -4.57 8.33
N ALA B 117 21.99 -5.53 7.61
CA ALA B 117 22.60 -6.02 6.37
C ALA B 117 22.10 -5.23 5.16
N VAL B 118 22.55 -3.99 5.06
CA VAL B 118 21.99 -3.04 4.10
C VAL B 118 22.92 -2.78 2.92
N SER B 119 22.35 -2.16 1.89
CA SER B 119 23.15 -1.57 0.85
C SER B 119 22.94 -0.05 0.87
N GLN B 120 22.84 0.60 -0.29
CA GLN B 120 22.86 2.07 -0.32
C GLN B 120 21.60 2.73 0.21
N ALA B 121 21.74 3.97 0.68
CA ALA B 121 20.60 4.77 1.18
C ALA B 121 19.89 4.09 2.32
N ALA B 122 20.67 3.60 3.28
CA ALA B 122 20.14 2.94 4.46
C ALA B 122 20.85 3.42 5.74
N PRO B 123 20.65 4.70 6.07
CA PRO B 123 21.50 5.25 7.11
C PRO B 123 21.16 4.74 8.50
N PHE B 124 22.21 4.69 9.32
CA PHE B 124 22.14 4.28 10.71
C PHE B 124 22.74 5.43 11.49
N ARG B 125 21.90 6.23 12.15
CA ARG B 125 22.35 7.46 12.81
C ARG B 125 21.94 7.56 14.27
N ARG B 126 22.84 8.09 15.10
CA ARG B 126 22.48 8.40 16.48
C ARG B 126 21.94 7.16 17.19
N MET B 127 22.61 6.03 16.96
CA MET B 127 22.22 4.75 17.54
C MET B 127 23.20 4.34 18.64
N HIS B 128 22.69 3.58 19.60
CA HIS B 128 23.55 3.00 20.63
C HIS B 128 23.27 1.50 20.69
N VAL B 129 24.23 0.71 20.22
CA VAL B 129 24.08 -0.73 20.15
C VAL B 129 24.88 -1.28 21.33
N LYS B 130 24.14 -1.83 22.29
CA LYS B 130 24.73 -2.47 23.46
C LYS B 130 25.08 -3.91 23.12
N GLY B 131 26.08 -4.04 22.27
CA GLY B 131 26.45 -5.32 21.64
C GLY B 131 27.21 -5.08 20.34
N GLY B 132 27.25 -6.11 19.49
CA GLY B 132 27.90 -6.04 18.21
C GLY B 132 26.91 -5.69 17.12
N LEU B 133 27.45 -5.40 15.94
CA LEU B 133 26.64 -4.98 14.78
C LEU B 133 27.18 -5.73 13.58
N ASN B 134 26.37 -6.64 13.06
CA ASN B 134 26.72 -7.50 11.93
C ASN B 134 26.13 -6.82 10.72
N LEU B 135 26.98 -6.43 9.78
CA LEU B 135 26.54 -5.70 8.59
C LEU B 135 26.27 -6.59 7.37
N ALA B 136 26.45 -7.89 7.54
CA ALA B 136 26.22 -8.88 6.47
C ALA B 136 25.00 -9.78 6.81
N PRO B 137 24.56 -10.61 5.84
CA PRO B 137 23.55 -11.70 5.88
C PRO B 137 24.16 -13.07 6.09
N ASP B 138 23.41 -14.18 6.13
CA ASP B 138 24.02 -15.56 6.13
C ASP B 138 24.67 -16.17 4.86
N GLY B 139 25.98 -15.96 4.70
CA GLY B 139 26.77 -16.77 3.79
C GLY B 139 27.60 -15.83 2.95
N TYR B 140 28.27 -14.96 3.71
CA TYR B 140 28.24 -13.53 3.55
C TYR B 140 27.77 -13.21 2.13
N GLY B 141 26.46 -13.30 2.01
CA GLY B 141 25.74 -13.05 0.76
C GLY B 141 25.87 -11.58 0.37
N TRP B 142 26.05 -11.39 -0.93
CA TRP B 142 26.58 -10.15 -1.48
C TRP B 142 25.83 -8.88 -1.09
N ALA B 143 26.54 -7.74 -1.11
CA ALA B 143 26.24 -6.69 -0.12
C ALA B 143 27.06 -5.37 -0.23
N SER B 144 26.40 -4.22 -0.40
CA SER B 144 27.10 -2.94 -0.69
C SER B 144 26.49 -1.65 -0.07
N GLY B 145 26.55 -1.55 1.26
CA GLY B 145 26.31 -0.29 1.93
C GLY B 145 27.59 0.55 1.95
N GLY B 146 27.73 1.46 2.90
CA GLY B 146 26.81 1.71 3.98
C GLY B 146 27.30 2.93 4.73
N TYR B 147 26.52 3.33 5.73
CA TYR B 147 26.69 4.63 6.38
C TYR B 147 26.25 4.52 7.84
N ILE B 148 27.20 4.77 8.75
CA ILE B 148 26.88 5.00 10.15
C ILE B 148 27.43 6.37 10.56
N ALA B 149 26.62 7.11 11.30
CA ALA B 149 27.09 8.38 11.85
C ALA B 149 26.59 8.55 13.27
N ASP B 150 27.41 9.19 14.09
CA ASP B 150 27.00 9.62 15.41
C ASP B 150 26.46 8.49 16.29
N SER B 151 27.12 7.35 16.22
CA SER B 151 26.63 6.17 16.90
C SER B 151 27.69 5.56 17.80
N LYS B 152 27.23 4.82 18.81
CA LYS B 152 28.10 4.13 19.75
C LYS B 152 27.75 2.63 19.64
N ILE B 153 28.71 1.82 19.20
CA ILE B 153 28.54 0.37 19.14
C ILE B 153 29.45 -0.18 20.25
N ASP B 154 28.89 -0.93 21.19
CA ASP B 154 29.62 -1.33 22.43
C ASP B 154 30.63 -2.44 22.15
N GLY B 155 30.21 -3.39 21.35
CA GLY B 155 31.06 -4.48 20.93
C GLY B 155 31.68 -4.17 19.57
N GLU B 156 31.65 -5.20 18.74
CA GLU B 156 32.32 -5.22 17.47
C GLU B 156 31.37 -4.94 16.32
N VAL B 157 31.85 -4.20 15.34
CA VAL B 157 31.20 -4.11 14.06
C VAL B 157 31.82 -5.18 13.15
N GLY B 158 30.99 -5.93 12.44
CA GLY B 158 31.48 -6.97 11.55
C GLY B 158 30.96 -6.73 10.14
N PRO B 159 31.81 -6.18 9.27
CA PRO B 159 31.30 -6.00 7.91
C PRO B 159 31.16 -7.32 7.16
N TYR B 160 32.07 -8.27 7.39
CA TYR B 160 32.15 -9.54 6.63
C TYR B 160 32.16 -9.34 5.09
N SER B 161 31.03 -9.54 4.39
CA SER B 161 31.03 -9.45 2.92
C SER B 161 30.70 -8.08 2.32
N GLN B 162 30.27 -7.14 3.15
CA GLN B 162 30.12 -5.74 2.69
C GLN B 162 31.33 -5.30 1.88
N GLN B 163 31.11 -4.69 0.72
CA GLN B 163 32.24 -4.33 -0.11
C GLN B 163 32.98 -3.09 0.38
N GLN B 164 32.23 -2.13 0.90
CA GLN B 164 32.79 -0.87 1.35
C GLN B 164 31.90 -0.35 2.48
N TRP B 165 32.35 0.69 3.16
CA TRP B 165 31.59 1.25 4.29
C TRP B 165 32.18 2.59 4.71
N TYR B 166 31.30 3.51 5.16
CA TYR B 166 31.74 4.78 5.76
C TYR B 166 31.14 4.96 7.14
N THR B 167 32.00 5.28 8.09
CA THR B 167 31.59 5.55 9.46
C THR B 167 32.16 6.90 9.85
N ARG B 168 31.32 7.79 10.38
CA ARG B 168 31.88 9.01 10.98
C ARG B 168 31.35 9.36 12.37
N ASP B 169 32.23 10.03 13.11
CA ASP B 169 31.89 10.71 14.37
C ASP B 169 31.11 9.77 15.28
N SER B 170 31.76 8.64 15.55
CA SER B 170 31.19 7.53 16.26
C SER B 170 32.22 6.86 17.19
N SER B 171 31.78 5.81 17.88
CA SER B 171 32.66 5.05 18.76
C SER B 171 32.37 3.57 18.60
N VAL B 172 33.41 2.78 18.31
CA VAL B 172 33.23 1.35 18.10
C VAL B 172 34.17 0.53 18.96
N GLY B 173 33.59 -0.39 19.71
CA GLY B 173 34.39 -1.32 20.51
C GLY B 173 35.49 -2.01 19.72
N GLY B 174 35.17 -2.51 18.52
CA GLY B 174 36.16 -3.06 17.61
C GLY B 174 35.63 -3.09 16.18
N TRP B 175 36.41 -3.67 15.25
CA TRP B 175 36.10 -3.68 13.81
C TRP B 175 36.56 -5.00 13.17
N GLY B 176 35.63 -5.77 12.60
CA GLY B 176 35.91 -7.15 12.21
C GLY B 176 36.76 -7.38 10.95
N ASN B 177 36.58 -6.53 9.94
CA ASN B 177 37.28 -6.69 8.66
C ASN B 177 37.07 -5.57 7.66
N GLY B 178 37.79 -5.65 6.53
CA GLY B 178 37.55 -4.80 5.37
C GLY B 178 37.35 -5.71 4.18
N VAL B 179 36.96 -5.16 3.03
CA VAL B 179 36.85 -5.90 1.77
C VAL B 179 37.58 -5.02 0.77
N TRP B 180 36.92 -3.97 0.26
CA TRP B 180 37.54 -3.02 -0.68
C TRP B 180 37.88 -1.64 -0.11
N ASN B 181 36.98 -1.04 0.68
CA ASN B 181 37.17 0.33 1.11
C ASN B 181 36.33 0.62 2.32
N MET B 182 36.93 0.47 3.50
CA MET B 182 36.30 0.83 4.75
C MET B 182 36.95 2.14 5.20
N THR B 183 36.18 3.23 5.20
CA THR B 183 36.66 4.57 5.57
C THR B 183 36.01 5.05 6.89
N PHE B 184 36.81 5.75 7.69
CA PHE B 184 36.44 6.23 9.01
C PHE B 184 36.90 7.67 9.13
N SER B 185 36.06 8.55 9.65
CA SER B 185 36.54 9.86 10.11
C SER B 185 35.91 10.20 11.44
N GLY B 186 36.74 10.57 12.41
CA GLY B 186 36.25 10.91 13.74
C GLY B 186 35.69 9.72 14.51
N VAL B 187 36.23 8.52 14.23
CA VAL B 187 35.74 7.30 14.86
C VAL B 187 36.69 6.76 15.92
N GLU B 188 36.29 6.90 17.16
CA GLU B 188 37.05 6.34 18.25
C GLU B 188 36.92 4.79 18.20
N GLY B 189 38.07 4.10 18.28
CA GLY B 189 38.14 2.67 18.07
C GLY B 189 38.27 2.23 16.63
N ALA B 190 38.40 3.17 15.71
CA ALA B 190 38.63 2.81 14.32
C ALA B 190 39.96 2.07 14.20
N PRO B 191 40.03 1.13 13.26
CA PRO B 191 41.36 0.60 12.98
C PRO B 191 42.25 1.69 12.36
N ALA B 192 43.52 1.64 12.71
CA ALA B 192 44.49 2.61 12.25
C ALA B 192 44.57 2.64 10.72
N GLN B 193 44.99 3.75 10.15
CA GLN B 193 45.23 3.86 8.72
C GLN B 193 46.20 2.76 8.24
N SER B 194 45.77 1.91 7.28
CA SER B 194 46.62 0.83 6.70
C SER B 194 46.45 0.46 5.23
N PHE B 195 45.69 1.28 4.51
CA PHE B 195 45.34 0.97 3.14
C PHE B 195 46.70 0.78 2.50
N PRO B 196 46.86 -0.29 1.70
CA PRO B 196 45.86 -1.20 1.12
C PRO B 196 45.37 -2.52 1.81
N GLU B 197 46.06 -3.13 2.78
CA GLU B 197 45.62 -4.45 3.30
C GLU B 197 45.94 -4.62 4.79
N PRO B 198 45.00 -4.22 5.65
CA PRO B 198 43.60 -3.96 5.26
C PRO B 198 43.33 -2.58 4.59
N PRO B 199 42.20 -2.49 3.85
CA PRO B 199 41.87 -1.26 3.12
C PRO B 199 41.11 -0.29 4.01
N TYR B 200 41.80 0.11 5.09
CA TYR B 200 41.31 1.07 6.06
C TYR B 200 41.89 2.45 5.78
N THR B 201 40.98 3.39 5.50
CA THR B 201 41.29 4.80 5.39
C THR B 201 40.71 5.45 6.64
N THR B 202 41.60 5.95 7.51
CA THR B 202 41.22 6.44 8.82
C THR B 202 41.74 7.86 9.07
N LEU B 203 40.81 8.78 9.35
CA LEU B 203 41.14 10.17 9.64
C LEU B 203 40.77 10.43 11.10
N GLU B 204 41.62 11.12 11.86
CA GLU B 204 41.35 11.36 13.29
C GLU B 204 40.04 12.15 13.50
N THR B 205 39.73 13.07 12.59
CA THR B 205 38.56 13.93 12.75
C THR B 205 37.86 14.16 11.41
N THR B 206 36.60 14.58 11.49
CA THR B 206 35.87 15.05 10.32
C THR B 206 35.97 16.57 10.27
N PRO B 207 36.41 17.16 9.13
CA PRO B 207 36.58 18.62 9.06
C PRO B 207 35.38 19.47 9.49
N VAL B 208 34.19 19.17 9.02
CA VAL B 208 33.01 19.78 9.62
C VAL B 208 31.93 18.72 9.60
N SER B 209 31.06 18.71 10.61
CA SER B 209 29.83 17.91 10.52
C SER B 209 28.74 18.53 11.35
N ARG B 210 27.51 18.25 10.98
CA ARG B 210 26.36 18.76 11.72
C ARG B 210 25.28 17.69 11.69
N GLU B 211 24.95 17.17 12.86
CA GLU B 211 24.08 16.02 12.96
C GLU B 211 22.66 16.26 12.45
N LYS B 212 22.07 15.19 11.95
CA LYS B 212 20.78 15.31 11.28
C LYS B 212 19.68 15.79 12.21
N PRO B 213 18.88 16.78 11.79
CA PRO B 213 17.71 17.06 12.64
C PRO B 213 16.72 15.90 12.73
N PHE B 214 16.01 15.85 13.86
CA PHE B 214 15.07 14.76 14.09
C PHE B 214 13.91 15.22 15.00
N LEU B 215 12.83 14.45 14.93
CA LEU B 215 11.65 14.62 15.74
C LEU B 215 11.90 13.96 17.11
N TYR B 216 11.38 14.55 18.17
CA TYR B 216 11.45 13.98 19.50
C TYR B 216 10.21 14.48 20.23
N LEU B 217 10.05 14.11 21.52
CA LEU B 217 8.97 14.59 22.39
C LEU B 217 9.55 15.38 23.55
N ASP B 218 8.93 16.55 23.80
CA ASP B 218 9.19 17.39 24.96
C ASP B 218 7.96 17.47 25.93
N GLY B 219 8.17 16.99 27.16
CA GLY B 219 7.09 16.49 27.97
C GLY B 219 6.29 15.70 26.96
N ASP B 220 5.04 16.07 26.86
CA ASP B 220 4.24 15.58 25.78
C ASP B 220 4.14 16.65 24.62
N ASP B 221 5.28 17.21 24.19
CA ASP B 221 5.26 18.15 23.03
C ASP B 221 6.24 17.74 21.91
N TYR B 222 5.77 17.70 20.65
CA TYR B 222 6.69 17.40 19.55
C TYR B 222 7.51 18.64 19.18
N LYS B 223 8.81 18.42 19.04
CA LYS B 223 9.73 19.44 18.61
C LYS B 223 10.67 18.78 17.58
N VAL B 224 11.40 19.57 16.82
CA VAL B 224 12.43 19.06 15.94
C VAL B 224 13.75 19.59 16.48
N PHE B 225 14.64 18.68 16.87
CA PHE B 225 15.97 19.04 17.36
C PHE B 225 16.86 19.33 16.17
N VAL B 226 17.63 20.43 16.25
CA VAL B 226 18.59 20.80 15.22
C VAL B 226 19.97 20.87 15.84
N PRO B 227 20.80 19.88 15.56
CA PRO B 227 22.12 20.01 16.21
C PRO B 227 23.01 21.13 15.62
N ALA B 228 23.82 21.79 16.46
CA ALA B 228 24.76 22.77 15.94
C ALA B 228 25.90 22.04 15.25
N LYS B 229 26.55 22.72 14.34
CA LYS B 229 27.66 22.14 13.63
C LYS B 229 28.84 21.83 14.65
N ARG B 230 29.64 20.81 14.32
CA ARG B 230 30.83 20.44 15.09
C ARG B 230 32.06 20.54 14.22
N THR B 231 33.01 21.37 14.62
CA THR B 231 34.29 21.45 13.91
C THR B 231 35.32 20.42 14.36
N ASN B 232 35.99 19.83 13.37
CA ASN B 232 37.02 18.80 13.60
C ASN B 232 36.48 17.77 14.61
N ALA B 233 35.35 17.16 14.24
CA ALA B 233 34.62 16.25 15.12
C ALA B 233 35.23 14.86 15.28
N ARG B 234 34.97 14.29 16.45
CA ARG B 234 35.40 12.96 16.79
C ARG B 234 34.46 12.44 17.86
N GLY B 235 34.06 11.18 17.74
CA GLY B 235 33.18 10.57 18.70
C GLY B 235 31.77 11.10 18.57
N THR B 236 30.89 10.54 19.39
CA THR B 236 29.47 10.87 19.25
C THR B 236 29.20 12.28 19.79
N SER B 237 28.09 12.86 19.36
CA SER B 237 27.73 14.21 19.76
C SER B 237 27.08 14.22 21.13
N TRP B 238 26.44 13.10 21.48
CA TRP B 238 25.57 12.96 22.63
C TRP B 238 26.26 12.16 23.77
N GLY B 239 27.51 11.75 23.57
CA GLY B 239 28.27 11.19 24.70
C GLY B 239 28.40 12.16 25.88
N ASN B 240 29.15 13.25 25.70
CA ASN B 240 28.99 14.31 26.67
C ASN B 240 27.66 14.91 26.25
N GLY B 241 27.64 15.38 24.99
CA GLY B 241 26.59 16.25 24.45
C GLY B 241 25.26 16.53 25.15
N THR B 242 25.21 17.25 26.28
CA THR B 242 23.97 17.95 26.57
C THR B 242 23.96 18.72 25.25
N PRO B 243 23.08 18.31 24.34
CA PRO B 243 23.64 18.25 22.99
C PRO B 243 23.59 19.58 22.22
N GLU B 244 24.48 20.55 22.44
CA GLU B 244 24.35 21.94 21.89
C GLU B 244 23.41 21.94 20.63
N GLY B 245 22.40 22.81 20.58
CA GLY B 245 21.31 22.65 19.62
C GLY B 245 20.04 23.52 19.73
N GLU B 246 19.31 23.59 18.61
CA GLU B 246 18.04 24.31 18.55
C GLU B 246 16.86 23.33 18.39
N SER B 247 16.03 23.19 19.44
CA SER B 247 14.80 22.36 19.40
C SER B 247 13.63 23.19 18.87
N LEU B 248 13.18 22.98 17.62
CA LEU B 248 12.10 23.77 17.01
C LEU B 248 10.70 23.29 17.47
N PRO B 249 9.72 24.22 17.68
CA PRO B 249 8.41 23.65 17.97
C PRO B 249 7.72 23.08 16.72
N LEU B 250 7.05 21.95 16.82
CA LEU B 250 6.32 21.46 15.65
C LEU B 250 5.29 22.50 15.09
N ASP B 251 4.83 23.50 15.87
CA ASP B 251 3.90 24.53 15.31
C ASP B 251 4.53 25.36 14.23
N GLN B 252 5.86 25.33 14.16
CA GLN B 252 6.58 26.16 13.21
C GLN B 252 6.98 25.37 11.96
N PHE B 253 6.45 24.16 11.84
CA PHE B 253 6.51 23.38 10.60
C PHE B 253 5.15 23.30 9.91
N TYR B 254 5.18 23.51 8.60
CA TYR B 254 4.12 23.02 7.73
C TYR B 254 4.33 21.52 7.64
N VAL B 255 3.25 20.78 7.87
CA VAL B 255 3.24 19.33 7.88
C VAL B 255 2.65 18.95 6.54
N VAL B 256 3.51 18.57 5.62
CA VAL B 256 3.09 18.34 4.26
C VAL B 256 2.49 16.96 4.25
N LYS B 257 1.47 16.76 3.43
CA LYS B 257 0.98 15.43 3.09
C LYS B 257 0.74 15.31 1.60
N PRO B 258 0.90 14.08 1.04
CA PRO B 258 0.66 13.79 -0.39
C PRO B 258 -0.60 14.46 -0.92
N GLY B 259 -0.44 15.42 -1.83
CA GLY B 259 -1.54 16.16 -2.39
C GLY B 259 -1.27 17.65 -2.28
N ALA B 260 -0.47 18.03 -1.29
CA ALA B 260 -0.06 19.42 -1.13
C ALA B 260 0.58 19.91 -2.43
N THR B 261 -0.03 20.90 -3.09
CA THR B 261 0.61 21.57 -4.22
C THR B 261 2.00 22.12 -3.89
N ALA B 262 2.86 22.28 -4.90
CA ALA B 262 4.14 22.93 -4.71
C ALA B 262 3.91 24.41 -4.39
N GLU B 263 2.78 24.97 -4.87
CA GLU B 263 2.47 26.39 -4.65
C GLU B 263 2.40 26.66 -3.14
N THR B 264 1.74 25.76 -2.41
CA THR B 264 1.62 25.89 -0.95
C THR B 264 2.88 25.67 -0.12
N ILE B 265 3.71 24.68 -0.48
CA ILE B 265 4.99 24.51 0.20
C ILE B 265 5.83 25.77 0.11
N ASN B 266 5.84 26.37 -1.09
CA ASN B 266 6.61 27.59 -1.34
C ASN B 266 6.08 28.73 -0.49
N ALA B 267 4.76 28.85 -0.41
CA ALA B 267 4.13 29.82 0.47
C ALA B 267 4.53 29.67 1.93
N ALA B 268 4.50 28.45 2.46
CA ALA B 268 4.84 28.24 3.88
C ALA B 268 6.26 28.72 4.18
N VAL B 269 7.19 28.33 3.32
CA VAL B 269 8.59 28.71 3.51
C VAL B 269 8.77 30.26 3.54
N ASP B 270 8.27 30.92 2.51
CA ASP B 270 8.21 32.38 2.45
C ASP B 270 7.67 33.03 3.74
N GLN B 271 6.56 32.50 4.25
CA GLN B 271 5.91 33.10 5.40
C GLN B 271 6.67 32.75 6.72
N GLY B 272 7.71 31.91 6.60
CA GLY B 272 8.55 31.53 7.75
C GLY B 272 8.33 30.17 8.39
N LEU B 273 7.63 29.26 7.71
CA LEU B 273 7.47 27.90 8.22
C LEU B 273 8.61 27.02 7.71
N HIS B 274 9.00 26.06 8.52
CA HIS B 274 9.86 24.97 8.09
C HIS B 274 8.95 23.93 7.43
N LEU B 275 9.56 22.87 6.88
CA LEU B 275 8.84 21.82 6.19
C LEU B 275 9.09 20.46 6.82
N LEU B 276 8.00 19.73 7.06
CA LEU B 276 8.06 18.37 7.55
C LEU B 276 7.26 17.50 6.57
N PHE B 277 7.96 16.71 5.77
CA PHE B 277 7.27 15.85 4.82
C PHE B 277 6.95 14.53 5.43
N THR B 278 5.66 14.29 5.62
CA THR B 278 5.18 13.03 6.14
C THR B 278 5.43 11.95 5.07
N PRO B 279 5.47 10.70 5.48
CA PRO B 279 5.80 9.67 4.47
C PRO B 279 4.75 9.61 3.36
N GLY B 280 5.24 9.57 2.12
CA GLY B 280 4.41 9.64 0.94
C GLY B 280 5.16 10.12 -0.29
N VAL B 281 4.40 10.39 -1.34
CA VAL B 281 4.94 10.76 -2.64
C VAL B 281 4.26 12.05 -3.11
N TYR B 282 5.07 13.06 -3.39
CA TYR B 282 4.58 14.42 -3.62
C TYR B 282 4.98 14.93 -5.01
N HIS B 283 4.09 14.74 -5.95
CA HIS B 283 4.31 15.29 -7.29
C HIS B 283 4.27 16.80 -7.20
N VAL B 284 5.21 17.45 -7.88
CA VAL B 284 5.25 18.91 -7.93
C VAL B 284 5.34 19.42 -9.38
N ASP B 285 4.40 20.31 -9.70
CA ASP B 285 4.23 20.91 -11.02
C ASP B 285 5.28 21.96 -11.35
N GLN B 286 5.94 22.46 -10.30
CA GLN B 286 7.04 23.45 -10.38
C GLN B 286 7.99 23.12 -9.22
N PRO B 287 9.13 23.82 -9.14
CA PRO B 287 10.07 23.43 -8.08
C PRO B 287 9.72 24.00 -6.71
N ILE B 288 10.05 23.23 -5.70
CA ILE B 288 10.06 23.68 -4.34
C ILE B 288 11.23 24.66 -4.27
N GLU B 289 10.93 25.83 -3.73
CA GLU B 289 11.92 26.88 -3.50
C GLU B 289 12.11 27.18 -2.02
N ILE B 290 13.35 27.03 -1.56
CA ILE B 290 13.72 27.29 -0.18
C ILE B 290 14.70 28.44 -0.17
N ASP B 291 14.18 29.65 0.08
CA ASP B 291 15.01 30.84 -0.02
C ASP B 291 14.92 31.69 1.25
N ARG B 292 14.84 31.00 2.36
CA ARG B 292 14.94 31.62 3.68
C ARG B 292 16.03 30.92 4.48
N ALA B 293 16.92 31.74 5.04
CA ALA B 293 18.00 31.21 5.88
C ALA B 293 17.43 30.34 7.01
N ASN B 294 18.16 29.27 7.34
CA ASN B 294 17.87 28.39 8.47
C ASN B 294 16.62 27.48 8.35
N THR B 295 16.02 27.45 7.18
CA THR B 295 14.89 26.55 6.92
C THR B 295 15.31 25.08 7.02
N VAL B 296 14.56 24.34 7.82
CA VAL B 296 14.68 22.91 7.92
C VAL B 296 13.63 22.29 7.00
N ALA B 297 14.07 21.33 6.19
CA ALA B 297 13.19 20.57 5.30
C ALA B 297 13.49 19.12 5.55
N LEU B 298 12.64 18.53 6.38
CA LEU B 298 12.91 17.22 6.97
C LEU B 298 11.87 16.21 6.51
N GLY B 299 12.33 15.12 5.92
CA GLY B 299 11.44 14.05 5.51
C GLY B 299 11.43 12.88 6.47
N LEU B 300 10.29 12.20 6.54
CA LEU B 300 10.10 11.01 7.34
C LEU B 300 9.71 9.87 6.42
N GLY B 301 10.11 8.66 6.78
CA GLY B 301 9.77 7.46 6.04
C GLY B 301 10.02 7.55 4.54
N LEU B 302 11.15 8.10 4.13
CA LEU B 302 11.54 8.13 2.72
C LEU B 302 10.53 8.90 1.84
N ALA B 303 9.96 9.96 2.43
CA ALA B 303 9.16 10.91 1.68
C ALA B 303 9.88 11.26 0.38
N THR B 304 9.10 11.25 -0.68
CA THR B 304 9.62 11.33 -2.04
C THR B 304 9.00 12.45 -2.83
N ILE B 305 9.85 13.21 -3.53
CA ILE B 305 9.41 14.28 -4.43
C ILE B 305 9.61 13.82 -5.86
N ILE B 306 8.55 13.88 -6.67
CA ILE B 306 8.65 13.64 -8.09
C ILE B 306 8.30 14.91 -8.88
N PRO B 307 9.28 15.47 -9.62
CA PRO B 307 9.03 16.68 -10.43
C PRO B 307 8.39 16.30 -11.76
N ASP B 308 7.17 16.78 -11.95
CA ASP B 308 6.40 16.52 -13.18
C ASP B 308 6.83 17.53 -14.24
N ASN B 309 6.42 17.28 -15.49
CA ASN B 309 6.56 18.23 -16.59
C ASN B 309 8.00 18.74 -16.83
N GLY B 310 8.98 17.93 -16.45
CA GLY B 310 10.41 18.27 -16.59
C GLY B 310 10.97 19.38 -15.72
N VAL B 311 10.27 19.75 -14.64
CA VAL B 311 10.75 20.84 -13.81
C VAL B 311 11.81 20.35 -12.78
N THR B 312 12.51 21.27 -12.13
CA THR B 312 13.47 20.90 -11.08
C THR B 312 12.66 20.61 -9.83
N ALA B 313 13.12 19.69 -8.98
CA ALA B 313 12.34 19.31 -7.80
C ALA B 313 12.57 20.25 -6.62
N LEU B 314 13.82 20.57 -6.35
CA LEU B 314 14.16 21.45 -5.22
C LEU B 314 15.21 22.44 -5.63
N LYS B 315 14.95 23.71 -5.32
CA LYS B 315 15.95 24.78 -5.50
C LYS B 315 16.15 25.45 -4.14
N VAL B 316 17.39 25.50 -3.67
CA VAL B 316 17.72 26.26 -2.46
C VAL B 316 18.44 27.55 -2.89
N GLY B 317 17.99 28.69 -2.40
CA GLY B 317 18.68 29.93 -2.71
C GLY B 317 19.99 30.15 -1.99
N ASP B 318 20.48 31.38 -2.11
CA ASP B 318 21.83 31.75 -1.66
C ASP B 318 21.87 32.18 -0.21
N VAL B 319 21.40 31.29 0.65
CA VAL B 319 21.23 31.57 2.07
C VAL B 319 22.02 30.62 2.95
N ASP B 320 22.30 31.09 4.17
CA ASP B 320 22.91 30.28 5.22
C ASP B 320 21.92 29.26 5.79
N GLY B 321 22.45 28.13 6.27
CA GLY B 321 21.80 27.36 7.30
C GLY B 321 20.63 26.47 6.94
N VAL B 322 20.40 26.27 5.65
CA VAL B 322 19.29 25.41 5.23
C VAL B 322 19.71 23.95 5.48
N LYS B 323 18.78 23.16 6.03
CA LYS B 323 19.04 21.77 6.40
C LYS B 323 18.02 20.89 5.68
N VAL B 324 18.44 20.28 4.60
CA VAL B 324 17.57 19.38 3.83
C VAL B 324 17.96 17.98 4.25
N ALA B 325 16.99 17.17 4.65
CA ALA B 325 17.32 15.87 5.20
C ALA B 325 16.21 14.84 5.05
N GLY B 326 16.60 13.65 4.59
CA GLY B 326 15.68 12.52 4.57
C GLY B 326 14.66 12.46 3.45
N LEU B 327 15.04 12.92 2.26
CA LEU B 327 14.17 12.91 1.08
C LEU B 327 14.76 12.13 -0.07
N LEU B 328 13.87 11.43 -0.79
CA LEU B 328 14.18 10.82 -2.09
C LEU B 328 13.57 11.69 -3.17
N VAL B 329 14.34 12.02 -4.19
CA VAL B 329 13.84 12.71 -5.38
C VAL B 329 13.92 11.70 -6.51
N ASP B 330 12.76 11.44 -7.11
CA ASP B 330 12.60 10.40 -8.11
C ASP B 330 12.28 11.09 -9.43
N ALA B 331 13.12 10.88 -10.45
CA ALA B 331 12.90 11.54 -11.72
C ALA B 331 11.54 11.13 -12.30
N GLY B 332 10.83 12.12 -12.83
CA GLY B 332 9.71 11.83 -13.71
C GLY B 332 10.21 11.36 -15.09
N PRO B 333 9.35 10.63 -15.83
CA PRO B 333 9.66 10.21 -17.21
C PRO B 333 9.94 11.41 -18.11
N VAL B 334 9.40 12.59 -17.79
CA VAL B 334 9.75 13.83 -18.54
C VAL B 334 11.09 14.46 -18.06
N ASN B 335 12.07 14.56 -18.96
CA ASN B 335 13.42 14.96 -18.57
C ASN B 335 13.52 16.30 -17.87
N SER B 336 14.14 16.28 -16.69
CA SER B 336 14.46 17.48 -15.95
C SER B 336 15.89 17.89 -16.22
N GLU B 337 16.12 19.17 -16.49
CA GLU B 337 17.49 19.67 -16.67
C GLU B 337 18.38 19.46 -15.43
N THR B 338 17.83 19.81 -14.26
CA THR B 338 18.44 19.57 -12.96
C THR B 338 17.36 19.05 -12.01
N LEU B 339 17.70 18.12 -11.13
CA LEU B 339 16.77 17.66 -10.07
C LEU B 339 16.83 18.43 -8.73
N VAL B 340 18.03 18.82 -8.29
CA VAL B 340 18.24 19.59 -7.07
C VAL B 340 19.32 20.58 -7.37
N GLU B 341 19.05 21.85 -7.05
CA GLU B 341 20.01 22.92 -7.23
C GLU B 341 20.21 23.64 -5.88
N VAL B 342 21.45 23.60 -5.38
CA VAL B 342 21.81 24.25 -4.12
C VAL B 342 22.60 25.52 -4.41
N GLY B 343 21.90 26.64 -4.30
CA GLY B 343 22.39 27.95 -4.66
C GLY B 343 22.35 28.19 -6.15
N SER B 344 22.65 29.41 -6.58
CA SER B 344 22.54 29.79 -7.99
C SER B 344 23.89 29.81 -8.69
N ASP B 345 23.91 29.61 -10.01
CA ASP B 345 25.20 29.64 -10.71
C ASP B 345 25.91 30.96 -10.53
N GLY B 346 25.18 32.06 -10.55
CA GLY B 346 25.77 33.32 -10.07
C GLY B 346 26.64 33.22 -8.79
N ALA B 347 25.93 33.26 -7.67
CA ALA B 347 26.43 33.14 -6.26
C ALA B 347 27.87 32.77 -5.78
N SER B 348 28.48 33.72 -5.09
CA SER B 348 29.87 33.60 -4.65
C SER B 348 30.12 34.02 -3.15
N GLY B 349 29.05 34.07 -2.37
CA GLY B 349 29.17 34.41 -0.96
C GLY B 349 29.55 33.19 -0.13
N ASP B 350 30.12 33.45 1.06
CA ASP B 350 30.50 32.51 2.12
C ASP B 350 29.30 32.06 2.87
N HIS B 351 29.33 30.80 3.32
CA HIS B 351 28.30 30.30 4.24
C HIS B 351 29.05 29.46 5.25
N ALA B 352 30.15 30.00 5.76
CA ALA B 352 31.11 29.13 6.40
C ALA B 352 30.73 28.85 7.86
N ALA B 353 30.33 29.87 8.61
CA ALA B 353 29.94 29.66 9.99
C ALA B 353 28.64 28.80 10.09
N ASN B 354 27.71 29.01 9.16
CA ASN B 354 26.40 28.36 9.21
C ASN B 354 26.07 27.81 7.83
N PRO B 355 26.69 26.66 7.51
CA PRO B 355 26.53 26.04 6.20
C PRO B 355 25.14 25.47 5.95
N THR B 356 24.75 25.45 4.67
CA THR B 356 23.60 24.66 4.20
C THR B 356 24.09 23.23 3.99
N SER B 357 23.24 22.26 4.33
CA SER B 357 23.59 20.87 4.14
C SER B 357 22.51 20.07 3.41
N LEU B 358 22.96 18.98 2.80
CA LEU B 358 22.10 17.93 2.30
C LEU B 358 22.45 16.68 3.07
N GLN B 359 21.46 16.02 3.66
CA GLN B 359 21.74 14.81 4.43
C GLN B 359 20.68 13.73 4.22
N ASP B 360 21.13 12.54 3.85
CA ASP B 360 20.17 11.48 3.51
C ASP B 360 19.21 12.03 2.45
N VAL B 361 19.83 12.65 1.45
CA VAL B 361 19.16 13.03 0.23
C VAL B 361 19.55 12.02 -0.85
N PHE B 362 18.54 11.37 -1.40
CA PHE B 362 18.75 10.30 -2.37
C PHE B 362 18.09 10.74 -3.66
N VAL B 363 18.68 10.32 -4.77
CA VAL B 363 18.12 10.61 -6.07
C VAL B 363 18.05 9.29 -6.84
N ARG B 364 16.92 9.08 -7.53
CA ARG B 364 16.72 7.90 -8.38
C ARG B 364 16.32 8.36 -9.77
N ILE B 365 16.95 7.81 -10.81
CA ILE B 365 16.49 8.04 -12.19
C ILE B 365 16.15 6.70 -12.85
N GLY B 366 14.85 6.48 -13.01
CA GLY B 366 14.32 5.21 -13.49
C GLY B 366 14.15 4.15 -12.41
N GLY B 367 13.65 2.97 -12.81
CA GLY B 367 13.51 1.84 -11.92
C GLY B 367 12.07 1.60 -11.49
N ALA B 368 11.27 2.67 -11.45
CA ALA B 368 9.82 2.56 -11.23
C ALA B 368 9.04 3.10 -12.44
N GLY B 369 9.36 2.60 -13.62
CA GLY B 369 8.94 3.20 -14.87
C GLY B 369 10.03 4.15 -15.36
N PRO B 370 10.05 4.49 -16.66
CA PRO B 370 11.09 5.43 -17.12
C PRO B 370 11.21 6.76 -16.35
N GLY B 371 12.45 7.23 -16.22
CA GLY B 371 12.72 8.53 -15.65
C GLY B 371 13.98 9.08 -16.29
N LYS B 372 14.09 10.41 -16.38
CA LYS B 372 15.20 11.05 -17.09
C LYS B 372 15.59 12.39 -16.45
N ALA B 373 16.89 12.65 -16.32
CA ALA B 373 17.37 13.96 -15.88
C ALA B 373 18.78 14.17 -16.41
N THR B 374 19.06 15.39 -16.83
CA THR B 374 20.37 15.66 -17.42
C THR B 374 21.45 15.70 -16.36
N THR B 375 21.21 16.50 -15.33
CA THR B 375 22.07 16.51 -14.18
C THR B 375 21.19 16.31 -12.95
N SER B 376 21.70 15.62 -11.93
CA SER B 376 20.87 15.33 -10.77
C SER B 376 21.02 16.40 -9.67
N ILE B 377 22.22 16.60 -9.16
CA ILE B 377 22.43 17.63 -8.11
C ILE B 377 23.53 18.59 -8.52
N VAL B 378 23.19 19.89 -8.53
CA VAL B 378 24.17 20.94 -8.70
C VAL B 378 24.33 21.71 -7.40
N VAL B 379 25.59 21.86 -6.99
CA VAL B 379 25.94 22.42 -5.68
C VAL B 379 26.77 23.67 -5.92
N ASN B 380 26.07 24.80 -5.80
CA ASN B 380 26.62 26.09 -6.16
C ASN B 380 27.10 26.85 -4.92
N SER B 381 26.41 26.67 -3.81
CA SER B 381 26.72 27.45 -2.61
C SER B 381 28.03 27.02 -1.98
N ASN B 382 28.87 28.00 -1.72
CA ASN B 382 30.10 27.74 -1.03
C ASN B 382 29.83 27.22 0.39
N ASP B 383 30.74 26.36 0.83
CA ASP B 383 30.72 25.79 2.19
C ASP B 383 29.63 24.73 2.45
N THR B 384 28.93 24.33 1.41
CA THR B 384 27.88 23.32 1.53
C THR B 384 28.44 21.98 2.05
N ILE B 385 27.66 21.34 2.93
CA ILE B 385 27.99 19.99 3.43
C ILE B 385 27.04 18.98 2.74
N ILE B 386 27.60 17.96 2.13
CA ILE B 386 26.82 16.85 1.56
C ILE B 386 27.19 15.64 2.41
N ASP B 387 26.32 15.29 3.36
CA ASP B 387 26.60 14.26 4.37
C ASP B 387 25.61 13.09 4.16
N HIS B 388 26.08 12.10 3.40
CA HIS B 388 25.32 10.96 2.92
C HIS B 388 24.33 11.29 1.80
N THR B 389 24.76 10.99 0.60
CA THR B 389 23.85 11.04 -0.55
C THR B 389 24.07 9.77 -1.38
N TRP B 390 22.98 9.28 -1.96
CA TRP B 390 23.04 8.25 -3.02
C TRP B 390 22.30 8.79 -4.24
N VAL B 391 23.06 9.03 -5.31
CA VAL B 391 22.56 9.56 -6.57
C VAL B 391 22.70 8.42 -7.59
N TRP B 392 21.54 7.85 -7.96
CA TRP B 392 21.48 6.55 -8.63
C TRP B 392 20.66 6.56 -9.91
N ARG B 393 21.35 6.37 -11.02
CA ARG B 393 20.69 6.03 -12.28
C ARG B 393 20.40 4.54 -12.20
N ALA B 394 19.12 4.17 -12.29
CA ALA B 394 18.77 2.77 -12.02
C ALA B 394 19.43 1.75 -12.97
N ASP B 395 19.88 0.63 -12.38
CA ASP B 395 20.38 -0.51 -13.16
C ASP B 395 19.35 -1.61 -13.37
N HIS B 396 18.27 -1.62 -12.59
CA HIS B 396 17.25 -2.67 -12.69
C HIS B 396 15.93 -2.08 -12.26
N GLY B 397 14.86 -2.82 -12.58
CA GLY B 397 13.51 -2.35 -12.33
C GLY B 397 12.85 -1.99 -13.65
N GLU B 398 11.77 -1.20 -13.58
CA GLU B 398 11.02 -0.82 -14.77
C GLU B 398 11.56 0.46 -15.36
N GLY B 399 11.55 0.52 -16.69
CA GLY B 399 11.95 1.70 -17.42
C GLY B 399 13.47 1.96 -17.38
N VAL B 400 14.24 0.90 -17.58
CA VAL B 400 15.72 0.93 -17.40
C VAL B 400 16.51 0.50 -18.64
N GLY B 401 17.35 1.41 -19.12
CA GLY B 401 18.29 1.13 -20.17
C GLY B 401 18.98 2.38 -20.70
N TRP B 402 19.92 2.16 -21.62
CA TRP B 402 20.87 3.20 -22.05
C TRP B 402 20.22 4.53 -22.47
N GLU B 403 19.06 4.47 -23.11
CA GLU B 403 18.33 5.68 -23.51
C GLU B 403 16.97 5.80 -22.79
N THR B 404 16.42 4.69 -22.29
CA THR B 404 15.13 4.75 -21.61
C THR B 404 15.22 5.55 -20.31
N ASN B 405 16.33 5.39 -19.58
CA ASN B 405 16.58 6.24 -18.40
C ASN B 405 17.98 6.91 -18.42
N ARG B 406 18.46 7.40 -19.57
CA ARG B 406 19.77 8.05 -19.55
C ARG B 406 19.72 9.23 -18.59
N ALA B 407 20.85 9.46 -17.95
CA ALA B 407 21.05 10.58 -17.08
C ALA B 407 22.53 10.82 -17.17
N ASP B 408 22.93 11.96 -17.74
CA ASP B 408 24.34 12.13 -18.13
C ASP B 408 25.24 12.32 -16.94
N TYR B 409 24.76 13.13 -15.97
CA TYR B 409 25.60 13.61 -14.88
C TYR B 409 24.91 13.46 -13.52
N GLY B 410 25.66 13.01 -12.52
CA GLY B 410 25.12 12.77 -11.20
C GLY B 410 25.17 14.00 -10.31
N VAL B 411 26.38 14.39 -9.99
CA VAL B 411 26.62 15.58 -9.15
C VAL B 411 27.63 16.49 -9.81
N HIS B 412 27.33 17.78 -9.83
CA HIS B 412 28.27 18.81 -10.29
C HIS B 412 28.47 19.79 -9.15
N VAL B 413 29.69 19.86 -8.62
CA VAL B 413 29.99 20.77 -7.53
C VAL B 413 30.80 21.91 -8.03
N LYS B 414 30.27 23.10 -7.87
CA LYS B 414 31.07 24.24 -8.29
C LYS B 414 31.23 25.25 -7.19
N GLY B 415 30.50 25.06 -6.10
CA GLY B 415 30.76 25.82 -4.89
C GLY B 415 32.17 25.56 -4.38
N ASP B 416 32.72 26.56 -3.71
CA ASP B 416 34.06 26.44 -3.18
C ASP B 416 33.94 25.95 -1.74
N ASN B 417 34.94 25.25 -1.25
CA ASN B 417 34.98 24.79 0.14
C ASN B 417 33.79 23.88 0.50
N VAL B 418 33.37 23.08 -0.47
CA VAL B 418 32.25 22.14 -0.29
C VAL B 418 32.83 20.82 0.22
N LEU B 419 32.11 20.19 1.13
CA LEU B 419 32.58 18.95 1.75
C LEU B 419 31.57 17.86 1.51
N ALA B 420 32.00 16.72 0.98
CA ALA B 420 31.15 15.54 0.88
C ALA B 420 31.65 14.46 1.81
N THR B 421 30.76 13.94 2.66
CA THR B 421 31.10 12.87 3.58
C THR B 421 30.10 11.75 3.35
N GLY B 422 30.55 10.67 2.70
CA GLY B 422 29.69 9.56 2.34
C GLY B 422 28.98 9.85 1.03
N LEU B 423 29.75 9.85 -0.05
CA LEU B 423 29.23 10.16 -1.38
C LEU B 423 29.11 8.87 -2.19
N PHE B 424 27.89 8.51 -2.59
CA PHE B 424 27.60 7.30 -3.37
C PHE B 424 26.90 7.78 -4.68
N VAL B 425 27.51 7.58 -5.84
CA VAL B 425 26.95 8.07 -7.11
C VAL B 425 27.21 7.03 -8.19
N GLU B 426 26.16 6.54 -8.84
CA GLU B 426 26.31 5.37 -9.72
C GLU B 426 25.53 5.42 -11.06
N HIS B 427 26.21 4.95 -12.11
CA HIS B 427 25.62 4.47 -13.38
C HIS B 427 25.31 5.57 -14.40
N PHE B 428 25.82 6.78 -14.20
CA PHE B 428 25.50 7.87 -15.14
C PHE B 428 26.10 7.66 -16.54
N ASN B 429 25.42 8.17 -17.56
CA ASN B 429 25.88 7.97 -18.93
C ASN B 429 27.20 8.67 -19.18
N LYS B 430 27.46 9.76 -18.45
CA LYS B 430 28.71 10.51 -18.59
C LYS B 430 29.43 10.61 -17.23
N TYR B 431 29.88 11.79 -16.81
CA TYR B 431 30.60 11.85 -15.55
C TYR B 431 29.64 11.71 -14.37
N ASP B 432 29.88 10.73 -13.49
CA ASP B 432 29.03 10.61 -12.31
C ASP B 432 29.17 11.81 -11.38
N VAL B 433 30.41 12.19 -11.10
CA VAL B 433 30.69 13.40 -10.32
C VAL B 433 31.68 14.27 -11.06
N GLN B 434 31.41 15.57 -11.05
CA GLN B 434 32.32 16.61 -11.54
C GLN B 434 32.49 17.68 -10.48
N TRP B 435 33.72 18.14 -10.31
CA TRP B 435 34.02 19.15 -9.31
C TRP B 435 34.76 20.28 -10.00
N SER B 436 34.09 21.43 -10.01
CA SER B 436 34.51 22.69 -10.67
C SER B 436 35.05 23.71 -9.68
N GLY B 437 34.54 23.64 -8.45
CA GLY B 437 34.88 24.58 -7.38
C GLY B 437 36.21 24.28 -6.70
N GLU B 438 36.66 25.25 -5.91
CA GLU B 438 37.95 25.17 -5.26
C GLU B 438 37.82 24.57 -3.87
N ASN B 439 38.92 23.99 -3.38
CA ASN B 439 39.02 23.78 -1.94
C ASN B 439 38.12 22.66 -1.44
N GLY B 440 37.64 21.85 -2.37
CA GLY B 440 36.73 20.76 -2.09
C GLY B 440 37.37 19.58 -1.38
N LYS B 441 36.55 18.89 -0.60
CA LYS B 441 36.98 17.68 0.11
C LYS B 441 35.90 16.60 -0.02
N THR B 442 36.32 15.37 -0.32
CA THR B 442 35.42 14.20 -0.30
C THR B 442 36.04 13.14 0.60
N ILE B 443 35.28 12.74 1.62
CA ILE B 443 35.67 11.62 2.49
C ILE B 443 34.67 10.50 2.24
N PHE B 444 35.19 9.46 1.60
CA PHE B 444 34.47 8.28 1.09
C PHE B 444 33.69 8.54 -0.18
N TYR B 445 34.06 7.82 -1.24
CA TYR B 445 33.29 7.80 -2.48
C TYR B 445 33.11 6.36 -2.90
N GLN B 446 31.86 6.02 -3.22
CA GLN B 446 31.54 4.77 -3.90
C GLN B 446 30.82 5.06 -5.23
N ASN B 447 31.40 4.52 -6.31
CA ASN B 447 30.81 4.58 -7.64
C ASN B 447 30.76 3.20 -8.32
N ALA B 448 29.77 3.03 -9.18
CA ALA B 448 29.79 1.96 -10.19
C ALA B 448 29.47 2.67 -11.52
N LYS B 449 30.18 2.27 -12.56
CA LYS B 449 29.96 2.85 -13.87
C LYS B 449 28.71 2.22 -14.50
N ALA B 450 28.11 2.89 -15.48
CA ALA B 450 26.96 2.32 -16.24
C ALA B 450 27.21 0.88 -16.68
N TYR B 451 26.25 -0.03 -16.46
CA TYR B 451 26.44 -1.43 -16.90
C TYR B 451 26.05 -1.62 -18.35
N ASP B 452 25.31 -0.64 -18.88
CA ASP B 452 24.58 -0.80 -20.14
C ASP B 452 25.09 0.00 -21.36
N ALA B 453 26.26 0.64 -21.26
CA ALA B 453 26.95 1.19 -22.44
C ALA B 453 26.98 0.19 -23.62
N PRO B 454 26.37 0.53 -24.78
CA PRO B 454 26.25 -0.39 -25.93
C PRO B 454 27.58 -0.90 -26.45
N ASP B 455 28.51 0.03 -26.54
CA ASP B 455 29.77 -0.20 -27.21
C ASP B 455 30.75 0.82 -26.69
N GLN B 456 31.96 0.80 -27.25
CA GLN B 456 33.01 1.73 -26.83
C GLN B 456 32.77 3.19 -27.22
N ALA B 457 32.22 3.45 -28.40
CA ALA B 457 32.10 4.85 -28.83
C ALA B 457 30.92 5.57 -28.11
N ALA B 458 29.92 4.82 -27.66
CA ALA B 458 28.84 5.44 -26.87
C ALA B 458 29.39 6.14 -25.59
N ILE B 459 30.64 5.84 -25.22
CA ILE B 459 31.30 6.44 -24.04
C ILE B 459 32.62 7.16 -24.38
N GLN B 460 32.90 7.36 -25.66
CA GLN B 460 34.14 8.03 -26.02
C GLN B 460 34.05 9.51 -25.67
N ASN B 461 34.98 9.96 -24.84
CA ASN B 461 34.99 11.31 -24.27
C ASN B 461 36.17 12.04 -24.90
N GLY B 462 35.98 12.43 -26.18
CA GLY B 462 37.04 13.00 -27.00
C GLY B 462 38.16 11.98 -27.23
N ASP B 463 39.29 12.16 -26.56
CA ASP B 463 40.31 11.12 -26.57
C ASP B 463 40.04 10.01 -25.52
N ILE B 464 39.35 10.37 -24.44
CA ILE B 464 39.29 9.49 -23.28
C ILE B 464 38.32 8.35 -23.53
N LYS B 465 38.76 7.13 -23.24
CA LYS B 465 37.85 6.01 -23.31
C LYS B 465 37.09 6.06 -22.01
N GLY B 466 35.79 6.39 -22.13
CA GLY B 466 34.96 6.52 -20.97
C GLY B 466 35.01 7.87 -20.30
N TYR B 467 34.04 8.09 -19.43
CA TYR B 467 33.97 9.27 -18.59
C TYR B 467 34.32 8.88 -17.16
N ALA B 468 35.21 9.65 -16.52
CA ALA B 468 35.55 9.41 -15.15
C ALA B 468 34.32 9.32 -14.26
N ALA B 469 34.43 8.50 -13.23
CA ALA B 469 33.43 8.49 -12.17
C ALA B 469 33.54 9.74 -11.33
N TYR B 470 34.73 10.33 -11.29
CA TYR B 470 34.98 11.49 -10.44
C TYR B 470 36.04 12.31 -11.12
N LYS B 471 35.59 13.45 -11.63
CA LYS B 471 36.39 14.39 -12.36
C LYS B 471 36.58 15.67 -11.56
N VAL B 472 37.79 16.17 -11.58
CA VAL B 472 38.13 17.48 -11.04
C VAL B 472 38.58 18.31 -12.23
N ASP B 473 37.91 19.43 -12.48
CA ASP B 473 38.24 20.24 -13.65
C ASP B 473 39.67 20.74 -13.58
N ASP B 474 40.12 21.27 -14.69
CA ASP B 474 41.53 21.60 -14.88
C ASP B 474 42.04 22.86 -14.23
N SER B 475 41.11 23.78 -14.05
CA SER B 475 41.40 25.07 -13.48
C SER B 475 41.44 24.98 -11.96
N VAL B 476 40.74 23.99 -11.42
CA VAL B 476 40.83 23.74 -9.99
C VAL B 476 42.31 23.75 -9.63
N THR B 477 42.68 24.52 -8.62
CA THR B 477 44.06 24.52 -8.18
C THR B 477 44.14 23.65 -6.90
N THR B 478 42.97 23.26 -6.37
CA THR B 478 42.84 22.91 -4.97
C THR B 478 41.70 21.92 -4.65
N HIS B 479 42.04 20.72 -4.13
CA HIS B 479 41.09 19.61 -3.93
C HIS B 479 41.72 18.47 -3.12
N GLU B 480 40.90 17.73 -2.36
CA GLU B 480 41.44 16.56 -1.66
C GLU B 480 40.36 15.48 -1.43
N GLY B 481 40.73 14.24 -1.72
CA GLY B 481 39.84 13.10 -1.62
C GLY B 481 40.48 11.92 -0.91
N TRP B 482 39.70 11.26 -0.06
CA TRP B 482 40.14 10.10 0.71
C TRP B 482 39.15 8.93 0.57
N GLY B 483 39.65 7.72 0.31
CA GLY B 483 38.81 6.52 0.40
C GLY B 483 37.78 6.42 -0.73
N MET B 484 38.26 6.37 -1.96
CA MET B 484 37.40 6.54 -3.13
C MET B 484 37.51 5.35 -4.09
N GLY B 485 36.37 4.75 -4.47
CA GLY B 485 36.37 3.58 -5.35
C GLY B 485 35.37 3.67 -6.50
N SER B 486 35.75 3.12 -7.65
CA SER B 486 34.87 3.05 -8.82
C SER B 486 34.89 1.63 -9.32
N TYR B 487 33.72 1.03 -9.49
CA TYR B 487 33.64 -0.33 -10.01
C TYR B 487 32.97 -0.38 -11.39
N CYS B 488 33.32 -1.38 -12.21
CA CYS B 488 32.63 -1.57 -13.48
C CYS B 488 32.01 -2.96 -13.61
N TYR B 489 30.95 -3.00 -14.41
CA TYR B 489 30.20 -4.23 -14.73
C TYR B 489 29.54 -4.03 -16.09
N PHE B 490 30.36 -4.00 -17.13
CA PHE B 490 29.85 -3.74 -18.47
C PHE B 490 29.29 -5.06 -19.03
N ASN B 491 28.08 -5.38 -18.62
CA ASN B 491 27.53 -6.72 -18.90
C ASN B 491 26.84 -6.76 -20.23
N VAL B 492 26.46 -5.59 -20.72
CA VAL B 492 25.93 -5.46 -22.07
C VAL B 492 27.10 -5.78 -23.00
N ASN B 493 28.18 -4.97 -23.01
CA ASN B 493 29.39 -5.28 -23.82
C ASN B 493 30.71 -5.36 -23.00
N PRO B 494 31.08 -6.57 -22.57
CA PRO B 494 32.20 -6.80 -21.64
C PRO B 494 33.61 -6.64 -22.25
N ASP B 495 33.67 -6.29 -23.55
CA ASP B 495 34.94 -5.95 -24.21
C ASP B 495 35.30 -4.45 -24.02
N ILE B 496 34.40 -3.68 -23.40
CA ILE B 496 34.64 -2.26 -23.17
C ILE B 496 35.83 -2.01 -22.24
N ARG B 497 36.52 -0.89 -22.47
CA ARG B 497 37.57 -0.39 -21.60
C ARG B 497 37.18 0.98 -21.08
N GLN B 498 37.35 1.16 -19.76
CA GLN B 498 37.18 2.44 -19.07
C GLN B 498 38.58 2.96 -18.74
N GLN B 499 38.97 4.13 -19.23
CA GLN B 499 40.36 4.55 -19.08
C GLN B 499 40.75 4.71 -17.61
N HIS B 500 39.83 5.23 -16.80
CA HIS B 500 40.12 5.42 -15.38
C HIS B 500 38.87 5.66 -14.55
N GLY B 501 39.01 5.56 -13.23
CA GLY B 501 37.92 5.92 -12.33
C GLY B 501 37.90 7.40 -12.02
N PHE B 502 39.11 7.98 -12.03
CA PHE B 502 39.37 9.34 -11.54
C PHE B 502 40.18 10.14 -12.54
N GLN B 503 39.83 11.42 -12.65
CA GLN B 503 40.52 12.36 -13.56
C GLN B 503 40.66 13.70 -12.87
N ALA B 504 41.87 14.23 -12.90
CA ALA B 504 42.20 15.46 -12.20
C ALA B 504 43.46 16.08 -12.78
N PRO B 505 43.59 17.39 -12.73
CA PRO B 505 44.88 17.95 -13.15
C PRO B 505 45.99 17.62 -12.17
N VAL B 506 47.23 17.73 -12.65
CA VAL B 506 48.41 17.40 -11.86
C VAL B 506 48.95 18.71 -11.26
N LYS B 507 48.56 18.98 -10.00
CA LYS B 507 48.96 20.13 -9.18
C LYS B 507 49.19 19.66 -7.72
N PRO B 508 50.18 20.22 -7.01
CA PRO B 508 50.50 19.70 -5.65
C PRO B 508 49.32 19.86 -4.68
N GLY B 509 48.47 20.82 -5.02
CA GLY B 509 47.29 21.18 -4.24
C GLY B 509 46.02 20.40 -4.61
N VAL B 510 46.18 19.39 -5.46
CA VAL B 510 45.06 18.52 -5.90
C VAL B 510 45.49 17.10 -5.57
N LYS B 511 45.07 16.62 -4.40
CA LYS B 511 45.62 15.38 -3.84
C LYS B 511 44.56 14.33 -3.59
N PHE B 512 44.93 13.07 -3.76
CA PHE B 512 44.05 11.96 -3.47
C PHE B 512 44.77 10.90 -2.66
N HIS B 513 44.02 10.31 -1.74
CA HIS B 513 44.49 9.27 -0.86
C HIS B 513 43.60 8.03 -0.97
N ASP B 514 44.22 6.88 -1.25
CA ASP B 514 43.52 5.61 -1.20
C ASP B 514 42.43 5.53 -2.26
N LEU B 515 42.86 5.59 -3.52
CA LEU B 515 41.97 5.30 -4.66
C LEU B 515 42.00 3.84 -5.07
N LEU B 516 40.83 3.34 -5.50
CA LEU B 516 40.78 2.02 -6.12
C LEU B 516 39.77 1.92 -7.24
N VAL B 517 40.05 1.01 -8.19
CA VAL B 517 39.07 0.60 -9.20
C VAL B 517 38.98 -0.92 -9.25
N VAL B 518 37.79 -1.43 -9.63
CA VAL B 518 37.54 -2.86 -9.63
C VAL B 518 36.61 -3.25 -10.78
N SER B 519 36.97 -4.32 -11.48
CA SER B 519 36.07 -4.95 -12.45
C SER B 519 35.33 -6.14 -11.84
N LEU B 520 34.00 -6.09 -11.86
CA LEU B 520 33.20 -7.20 -11.39
C LEU B 520 33.25 -8.34 -12.39
N GLY B 521 33.95 -9.42 -12.04
CA GLY B 521 34.04 -10.61 -12.87
C GLY B 521 34.45 -10.40 -14.34
N GLY B 522 35.28 -9.42 -14.58
CA GLY B 522 35.81 -9.17 -15.91
C GLY B 522 34.82 -8.70 -16.96
N LYS B 523 33.75 -8.02 -16.54
CA LYS B 523 32.83 -7.42 -17.47
C LYS B 523 33.35 -5.99 -17.72
N GLY B 524 34.23 -5.88 -18.70
CA GLY B 524 35.04 -4.69 -18.88
C GLY B 524 36.25 -4.70 -17.97
N GLN B 525 37.20 -3.83 -18.28
CA GLN B 525 38.34 -3.54 -17.42
C GLN B 525 38.63 -2.05 -17.41
N TYR B 526 39.29 -1.62 -16.33
CA TYR B 526 39.93 -0.29 -16.27
C TYR B 526 41.34 -0.33 -16.84
N GLU B 527 41.69 0.66 -17.65
CA GLU B 527 43.08 0.82 -18.08
C GLU B 527 44.02 1.37 -17.00
N HIS B 528 43.49 2.19 -16.10
CA HIS B 528 44.26 2.85 -15.04
C HIS B 528 43.30 3.22 -13.88
N VAL B 529 43.87 3.77 -12.80
CA VAL B 529 43.08 4.17 -11.66
C VAL B 529 42.67 5.63 -11.82
N ILE B 530 43.69 6.48 -12.02
CA ILE B 530 43.51 7.91 -12.15
C ILE B 530 44.36 8.45 -13.29
N ASN B 531 43.78 9.36 -14.09
CA ASN B 531 44.42 9.80 -15.31
C ASN B 531 45.02 8.60 -16.07
N ASP B 532 46.32 8.68 -16.38
CA ASP B 532 47.00 7.60 -17.08
C ASP B 532 47.91 6.85 -16.14
N ILE B 533 47.63 7.00 -14.84
CA ILE B 533 48.41 6.50 -13.70
C ILE B 533 47.69 5.31 -13.08
N GLY B 534 48.43 4.23 -12.89
CA GLY B 534 47.96 3.11 -12.10
C GLY B 534 47.69 1.90 -12.94
N ASP B 535 47.72 0.73 -12.31
CA ASP B 535 47.62 -0.52 -13.07
C ASP B 535 46.23 -0.68 -13.67
N PRO B 536 46.13 -1.43 -14.78
CA PRO B 536 44.78 -1.78 -15.21
C PRO B 536 44.25 -2.89 -14.34
N THR B 537 42.94 -3.04 -14.32
CA THR B 537 42.37 -4.28 -13.80
C THR B 537 42.63 -5.39 -14.82
N SER B 538 42.70 -6.63 -14.36
CA SER B 538 42.91 -7.79 -15.23
C SER B 538 42.50 -9.08 -14.51
N GLY B 539 42.46 -10.19 -15.23
CA GLY B 539 41.86 -11.41 -14.69
C GLY B 539 40.34 -11.27 -14.62
N ASP B 540 39.69 -12.25 -14.01
CA ASP B 540 38.23 -12.25 -13.85
C ASP B 540 37.82 -12.46 -12.40
N THR B 541 38.75 -12.16 -11.49
CA THR B 541 38.57 -12.50 -10.08
C THR B 541 38.35 -11.28 -9.18
N THR B 542 38.02 -10.15 -9.78
CA THR B 542 37.48 -9.03 -9.04
C THR B 542 38.46 -8.61 -7.94
N ILE B 543 39.73 -8.50 -8.33
CA ILE B 543 40.77 -7.96 -7.46
C ILE B 543 40.93 -6.49 -7.81
N PRO B 544 40.88 -5.57 -6.80
CA PRO B 544 41.06 -4.14 -7.10
C PRO B 544 42.46 -3.73 -7.54
N SER B 545 42.53 -2.63 -8.30
CA SER B 545 43.76 -1.91 -8.61
C SER B 545 43.73 -0.59 -7.85
N GLN B 546 44.75 -0.39 -7.02
CA GLN B 546 44.73 0.65 -6.01
C GLN B 546 45.92 1.60 -6.21
N VAL B 547 45.72 2.87 -5.84
CA VAL B 547 46.79 3.88 -5.73
C VAL B 547 46.70 4.53 -4.36
N VAL B 548 47.83 4.58 -3.65
CA VAL B 548 47.84 5.10 -2.27
C VAL B 548 47.84 6.64 -2.23
N SER B 549 48.74 7.26 -3.00
CA SER B 549 48.99 8.72 -2.93
C SER B 549 49.18 9.40 -4.31
N PHE B 550 48.25 10.27 -4.66
CA PHE B 550 48.33 11.06 -5.87
C PHE B 550 48.44 12.53 -5.53
N PRO B 551 49.29 13.27 -6.27
CA PRO B 551 50.12 12.77 -7.37
C PRO B 551 51.46 12.26 -6.87
C1 EDO C . -38.53 -12.41 -9.27
O1 EDO C . -37.81 -12.89 -8.11
C2 EDO C . -38.86 -10.93 -9.19
O2 EDO C . -37.73 -10.22 -8.71
H11 EDO C . -39.44 -13.00 -9.42
H12 EDO C . -37.89 -12.55 -10.13
HO1 EDO C . -37.53 -13.80 -8.25
H21 EDO C . -39.72 -10.77 -8.53
H22 EDO C . -39.13 -10.56 -10.19
HO2 EDO C . -37.82 -9.29 -8.95
C1 EDO D . -15.60 -12.67 -22.18
O1 EDO D . -14.35 -11.94 -22.20
C2 EDO D . -16.77 -11.70 -22.29
O2 EDO D . -16.69 -10.77 -21.23
H11 EDO D . -15.70 -13.24 -21.25
H12 EDO D . -15.63 -13.39 -23.00
HO1 EDO D . -13.61 -12.57 -22.15
H21 EDO D . -17.72 -12.25 -22.22
H22 EDO D . -16.74 -11.19 -23.25
HO2 EDO D . -17.57 -10.38 -21.09
C2 BGC E . 25.03 -1.66 -6.73
C3 BGC E . 23.56 -1.14 -6.81
C4 BGC E . 22.75 -2.28 -7.48
C5 BGC E . 22.89 -3.66 -6.84
C6 BGC E . 21.89 -4.56 -7.60
C1 BGC E . 25.25 -3.18 -6.34
O1 BGC E . 26.50 -3.60 -6.80
O2 BGC E . 25.96 -0.76 -6.08
O3 BGC E . 23.43 0.00 -7.66
O4 BGC E . 21.36 -2.00 -7.72
O5 BGC E . 24.27 -4.07 -6.88
O6 BGC E . 21.81 -5.89 -7.11
H2 BGC E . 24.06 -1.36 -6.35
H3 BGC E . 22.90 -1.91 -7.13
H4 BGC E . 23.25 -2.56 -8.42
H5 BGC E . 22.54 -3.57 -5.82
H61 BGC E . 22.14 -4.55 -8.66
H62 BGC E . 20.88 -4.16 -7.50
H1 BGC E . 25.35 -3.35 -5.28
HO1 BGC E . 26.99 -2.83 -7.17
HO2 BGC E . 26.62 -1.28 -5.58
HO3 BGC E . 24.29 0.21 -8.08
HO4 BGC E . 21.21 -1.03 -7.70
HO6 BGC E . 22.35 -5.96 -6.30
C1 EDO F . 7.59 6.47 -6.60
O1 EDO F . 8.79 7.21 -6.35
C2 EDO F . 7.88 4.97 -6.61
O2 EDO F . 8.51 4.59 -5.37
H11 EDO F . 7.14 6.77 -7.54
H12 EDO F . 6.88 6.68 -5.80
HO1 EDO F . 8.61 8.15 -6.30
H21 EDO F . 8.56 4.75 -7.44
H22 EDO F . 6.95 4.42 -6.74
HO2 EDO F . 8.76 3.66 -5.41
C1 EDO G . 31.07 4.98 -19.04
O1 EDO G . 32.30 5.69 -18.97
C2 EDO G . 29.91 5.98 -19.02
O2 EDO G . 30.02 6.89 -17.93
H11 EDO G . 30.99 4.31 -18.18
H12 EDO G . 31.03 4.37 -19.95
HO1 EDO G . 33.02 5.07 -18.81
H21 EDO G . 28.96 5.45 -18.95
H22 EDO G . 29.92 6.54 -19.96
HO2 EDO G . 29.14 7.12 -17.61
C1 EDO H . 49.67 5.27 3.55
O1 EDO H . 48.78 6.02 4.37
C2 EDO H . 49.18 3.83 3.39
O2 EDO H . 48.08 3.56 4.28
H11 EDO H . 50.67 5.25 3.99
H12 EDO H . 49.75 5.74 2.56
HO1 EDO H . 49.27 6.68 4.87
H21 EDO H . 50.00 3.15 3.61
H22 EDO H . 48.85 3.67 2.37
HO2 EDO H . 47.86 2.62 4.22
N VAL A 4 -47.27 10.58 2.70
CA VAL A 4 -46.86 11.79 3.38
C VAL A 4 -46.40 11.35 4.82
N VAL A 5 -46.76 10.12 5.24
CA VAL A 5 -46.71 9.69 6.66
C VAL A 5 -45.62 8.65 7.02
N GLY A 6 -44.98 8.88 8.17
CA GLY A 6 -44.09 7.91 8.75
C GLY A 6 -44.76 6.73 9.45
N GLY A 7 -44.07 5.59 9.41
CA GLY A 7 -44.38 4.42 10.22
C GLY A 7 -45.52 3.50 9.82
N GLY A 8 -46.07 2.79 10.82
CA GLY A 8 -47.13 1.80 10.60
C GLY A 8 -46.67 0.35 10.63
N ASP A 9 -47.61 -0.54 10.29
CA ASP A 9 -47.48 -2.01 10.31
C ASP A 9 -46.56 -2.41 9.17
N LEU A 10 -45.92 -3.57 9.29
CA LEU A 10 -44.87 -3.96 8.33
C LEU A 10 -45.39 -4.88 7.18
N GLY A 11 -46.71 -4.97 7.05
CA GLY A 11 -47.33 -5.83 6.03
C GLY A 11 -47.34 -7.30 6.38
N PRO A 12 -47.88 -8.14 5.49
CA PRO A 12 -48.03 -9.50 6.01
C PRO A 12 -46.80 -10.34 5.73
N ASN A 13 -45.65 -9.72 5.46
CA ASN A 13 -44.49 -10.49 5.05
C ASN A 13 -43.32 -10.30 5.97
N VAL A 14 -43.58 -9.54 7.02
CA VAL A 14 -42.68 -9.41 8.13
C VAL A 14 -43.33 -10.24 9.25
N LEU A 15 -42.72 -11.38 9.55
CA LEU A 15 -43.33 -12.29 10.54
C LEU A 15 -42.53 -12.23 11.85
N VAL A 16 -43.18 -11.66 12.88
CA VAL A 16 -42.59 -11.32 14.17
C VAL A 16 -42.92 -12.32 15.25
N PHE A 17 -41.87 -12.86 15.85
CA PHE A 17 -41.95 -13.75 16.99
C PHE A 17 -41.40 -13.11 18.28
N ASP A 18 -41.94 -13.54 19.41
CA ASP A 18 -41.31 -13.32 20.71
C ASP A 18 -41.20 -14.69 21.36
N PRO A 19 -40.47 -14.82 22.50
CA PRO A 19 -40.32 -16.23 22.85
C PRO A 19 -41.55 -16.89 23.45
N SER A 20 -42.75 -16.28 23.47
CA SER A 20 -43.94 -17.06 23.84
C SER A 20 -45.01 -17.07 22.71
N THR A 21 -44.56 -17.35 21.49
CA THR A 21 -45.40 -17.39 20.27
C THR A 21 -45.68 -18.87 19.93
N PRO A 22 -46.94 -19.22 19.65
CA PRO A 22 -47.19 -20.61 19.24
C PRO A 22 -46.35 -21.22 18.06
N ASP A 23 -46.22 -22.56 18.07
CA ASP A 23 -45.37 -23.37 17.16
C ASP A 23 -44.49 -22.56 16.19
N ILE A 24 -43.50 -21.89 16.76
CA ILE A 24 -42.58 -21.08 15.98
C ILE A 24 -41.87 -21.96 14.97
N GLN A 25 -41.54 -23.19 15.38
CA GLN A 25 -40.87 -24.14 14.49
C GLN A 25 -41.74 -24.50 13.28
N GLY A 26 -43.02 -24.74 13.51
CA GLY A 26 -43.91 -25.07 12.42
C GLY A 26 -44.15 -23.89 11.49
N LYS A 27 -43.92 -22.69 11.94
CA LYS A 27 -44.15 -21.55 11.06
C LYS A 27 -42.95 -21.06 10.29
N VAL A 28 -41.76 -21.19 10.88
CA VAL A 28 -40.53 -21.04 10.12
C VAL A 28 -40.40 -22.24 9.16
N ASP A 29 -40.91 -23.41 9.54
CA ASP A 29 -40.86 -24.55 8.59
C ASP A 29 -41.83 -24.40 7.41
N GLU A 30 -43.01 -23.78 7.65
CA GLU A 30 -43.93 -23.47 6.52
C GLU A 30 -43.27 -22.53 5.51
N VAL A 31 -42.56 -21.53 6.02
CA VAL A 31 -41.90 -20.59 5.11
C VAL A 31 -40.82 -21.33 4.33
N PHE A 32 -40.08 -22.22 4.99
CA PHE A 32 -38.98 -22.94 4.30
C PHE A 32 -39.46 -23.85 3.16
N ARG A 33 -40.44 -24.70 3.44
CA ARG A 33 -40.92 -25.66 2.43
C ARG A 33 -41.43 -24.87 1.22
N LYS A 34 -41.89 -23.65 1.45
CA LYS A 34 -42.34 -22.79 0.37
C LYS A 34 -41.17 -22.14 -0.41
N GLN A 35 -40.14 -21.77 0.34
CA GLN A 35 -39.00 -21.05 -0.22
C GLN A 35 -37.83 -21.93 -0.61
N GLU A 36 -37.86 -23.21 -0.21
CA GLU A 36 -36.71 -24.09 -0.31
C GLU A 36 -35.98 -24.08 -1.67
N SER A 37 -36.75 -24.33 -2.72
CA SER A 37 -36.27 -24.46 -4.07
C SER A 37 -36.91 -23.37 -4.96
N ASN A 38 -37.42 -22.32 -4.33
CA ASN A 38 -38.18 -21.28 -5.04
C ASN A 38 -37.24 -20.19 -5.56
N GLN A 39 -36.35 -20.58 -6.46
CA GLN A 39 -35.19 -19.75 -6.78
C GLN A 39 -35.54 -18.42 -7.45
N PHE A 40 -36.59 -18.42 -8.27
CA PHE A 40 -36.93 -17.25 -9.07
C PHE A 40 -38.33 -16.72 -8.80
N GLY A 41 -38.99 -17.28 -7.77
CA GLY A 41 -40.31 -16.82 -7.36
C GLY A 41 -40.39 -15.40 -6.80
N THR A 42 -41.61 -14.99 -6.49
CA THR A 42 -41.88 -13.61 -6.16
C THR A 42 -42.24 -13.42 -4.70
N ASP A 43 -42.27 -14.51 -3.94
CA ASP A 43 -42.47 -14.38 -2.50
C ASP A 43 -41.21 -13.88 -1.80
N ARG A 44 -41.42 -13.14 -0.72
CA ARG A 44 -40.35 -12.51 0.04
C ARG A 44 -40.77 -12.51 1.52
N TYR A 45 -39.86 -12.95 2.41
CA TYR A 45 -40.15 -13.07 3.83
C TYR A 45 -39.04 -12.54 4.73
N ALA A 46 -39.42 -11.83 5.81
CA ALA A 46 -38.46 -11.47 6.86
C ALA A 46 -38.96 -12.08 8.17
N LEU A 47 -38.09 -12.85 8.81
CA LEU A 47 -38.39 -13.50 10.10
C LEU A 47 -37.65 -12.77 11.22
N MET A 48 -38.41 -12.10 12.09
CA MET A 48 -37.80 -11.21 13.05
C MET A 48 -38.18 -11.67 14.46
N PHE A 49 -37.19 -11.70 15.32
CA PHE A 49 -37.33 -12.28 16.66
C PHE A 49 -37.11 -11.30 17.79
N LYS A 50 -38.14 -11.05 18.62
CA LYS A 50 -37.91 -10.14 19.75
C LYS A 50 -36.85 -10.69 20.69
N PRO A 51 -36.20 -9.81 21.47
CA PRO A 51 -35.26 -10.30 22.50
C PRO A 51 -35.86 -11.37 23.40
N GLY A 52 -34.99 -12.29 23.80
CA GLY A 52 -35.35 -13.49 24.53
C GLY A 52 -34.53 -14.68 24.08
N THR A 53 -34.91 -15.83 24.63
CA THR A 53 -34.29 -17.12 24.37
C THR A 53 -35.33 -18.05 23.78
N TYR A 54 -34.91 -18.72 22.71
CA TYR A 54 -35.73 -19.63 21.94
C TYR A 54 -35.03 -20.97 22.00
N ASN A 55 -35.80 -22.04 22.27
CA ASN A 55 -35.24 -23.37 22.50
C ASN A 55 -35.68 -24.35 21.44
N ASP A 56 -34.79 -25.27 21.05
CA ASP A 56 -35.17 -26.37 20.18
C ASP A 56 -35.73 -25.83 18.85
N ILE A 57 -35.20 -24.70 18.43
CA ILE A 57 -35.55 -24.06 17.17
C ILE A 57 -34.45 -24.32 16.13
N ASN A 58 -34.88 -24.71 14.92
CA ASN A 58 -33.97 -24.84 13.80
C ASN A 58 -34.65 -24.06 12.68
N ALA A 59 -34.12 -22.86 12.46
CA ALA A 59 -34.74 -21.95 11.49
C ALA A 59 -34.02 -22.14 10.17
N GLN A 60 -34.55 -23.02 9.33
CA GLN A 60 -33.93 -23.28 8.03
C GLN A 60 -34.35 -22.17 7.06
N ILE A 61 -33.37 -21.67 6.32
CA ILE A 61 -33.49 -20.46 5.54
C ILE A 61 -33.42 -20.80 4.05
N GLY A 62 -34.53 -20.58 3.35
CA GLY A 62 -34.59 -20.81 1.92
C GLY A 62 -34.32 -19.55 1.13
N PHE A 63 -34.69 -19.56 -0.15
CA PHE A 63 -34.56 -18.35 -0.96
C PHE A 63 -35.38 -17.17 -0.42
N TYR A 64 -34.86 -15.96 -0.63
CA TYR A 64 -35.55 -14.71 -0.35
C TYR A 64 -36.12 -14.66 1.07
N THR A 65 -35.34 -15.16 2.01
CA THR A 65 -35.70 -15.16 3.41
C THR A 65 -34.58 -14.50 4.20
N SER A 66 -34.94 -13.53 5.02
CA SER A 66 -34.02 -12.90 5.97
C SER A 66 -34.47 -13.23 7.38
N ILE A 67 -33.53 -13.56 8.26
CA ILE A 67 -33.88 -13.83 9.66
C ILE A 67 -33.05 -12.87 10.50
N ALA A 68 -33.68 -12.27 11.49
CA ALA A 68 -33.06 -11.19 12.24
C ALA A 68 -33.48 -11.18 13.70
N GLY A 69 -32.55 -10.84 14.59
CA GLY A 69 -32.91 -10.44 15.93
C GLY A 69 -33.24 -8.97 16.02
N LEU A 70 -33.92 -8.60 17.13
CA LEU A 70 -34.38 -7.23 17.36
C LEU A 70 -33.80 -6.57 18.64
N GLY A 71 -32.61 -7.02 19.08
CA GLY A 71 -31.92 -6.37 20.18
C GLY A 71 -30.84 -5.41 19.74
N LEU A 72 -30.38 -4.54 20.66
CA LEU A 72 -29.36 -3.61 20.24
C LEU A 72 -28.12 -4.39 19.91
N ASN A 73 -27.70 -5.20 20.89
CA ASN A 73 -26.53 -6.04 20.80
C ASN A 73 -27.02 -7.43 20.36
N PRO A 74 -26.15 -8.23 19.73
CA PRO A 74 -26.60 -9.49 19.17
C PRO A 74 -26.94 -10.55 20.24
N ASP A 75 -26.36 -10.47 21.44
CA ASP A 75 -26.57 -11.49 22.46
C ASP A 75 -27.98 -11.36 23.08
N ASP A 76 -28.69 -10.31 22.69
CA ASP A 76 -30.04 -10.03 23.20
C ASP A 76 -31.11 -10.99 22.72
N THR A 77 -30.87 -11.62 21.56
CA THR A 77 -31.78 -12.62 20.96
C THR A 77 -30.98 -13.89 20.72
N THR A 78 -31.20 -14.88 21.55
CA THR A 78 -30.45 -16.14 21.53
C THR A 78 -31.30 -17.35 21.16
N PHE A 79 -30.84 -18.08 20.16
CA PHE A 79 -31.43 -19.35 19.76
C PHE A 79 -30.56 -20.45 20.38
N ASN A 80 -31.17 -21.26 21.20
CA ASN A 80 -30.61 -22.55 21.55
C ASN A 80 -31.10 -23.52 20.50
N GLY A 81 -30.23 -23.70 19.51
CA GLY A 81 -30.61 -24.20 18.20
C GLY A 81 -29.82 -23.51 17.08
N ASP A 82 -30.42 -23.42 15.91
CA ASP A 82 -29.65 -23.27 14.68
C ASP A 82 -30.34 -22.35 13.67
N VAL A 83 -29.55 -21.70 12.85
CA VAL A 83 -29.99 -21.04 11.62
C VAL A 83 -29.24 -21.72 10.47
N THR A 84 -29.93 -22.65 9.81
CA THR A 84 -29.34 -23.61 8.87
C THR A 84 -29.59 -23.27 7.40
N VAL A 85 -28.52 -23.28 6.60
CA VAL A 85 -28.67 -23.37 5.15
C VAL A 85 -28.03 -24.70 4.70
N ASP A 86 -28.88 -25.61 4.18
CA ASP A 86 -28.50 -26.87 3.56
C ASP A 86 -28.71 -26.88 2.05
N ALA A 87 -28.19 -27.92 1.42
CA ALA A 87 -28.26 -28.00 -0.04
C ALA A 87 -28.99 -29.24 -0.47
N GLY A 88 -29.81 -29.80 0.44
CA GLY A 88 -30.56 -31.00 0.11
C GLY A 88 -31.36 -30.80 -1.18
N TRP A 89 -32.22 -29.77 -1.19
CA TRP A 89 -33.08 -29.47 -2.34
C TRP A 89 -32.34 -29.60 -3.66
N PHE A 90 -31.01 -29.51 -3.57
CA PHE A 90 -30.11 -29.77 -4.69
C PHE A 90 -28.99 -30.87 -4.51
N ASP A 91 -29.31 -32.03 -3.92
CA ASP A 91 -28.40 -33.22 -3.96
C ASP A 91 -27.08 -33.16 -3.13
N GLY A 92 -26.70 -31.97 -2.68
CA GLY A 92 -25.44 -31.78 -1.96
C GLY A 92 -24.57 -30.71 -2.59
N ASN A 93 -25.20 -29.89 -3.41
CA ASN A 93 -24.49 -28.84 -4.12
C ASN A 93 -25.08 -27.47 -3.85
N ALA A 94 -24.30 -26.63 -3.16
CA ALA A 94 -24.77 -25.32 -2.74
C ALA A 94 -24.52 -24.14 -3.72
N THR A 95 -24.06 -24.40 -4.94
CA THR A 95 -23.71 -23.30 -5.88
C THR A 95 -24.88 -22.41 -6.20
N GLN A 96 -26.10 -22.86 -5.89
CA GLN A 96 -27.26 -21.99 -6.11
C GLN A 96 -28.02 -21.53 -4.85
N ASN A 97 -27.40 -21.62 -3.66
CA ASN A 97 -28.06 -21.14 -2.43
C ASN A 97 -27.85 -19.61 -2.28
N PHE A 98 -28.61 -18.85 -3.05
CA PHE A 98 -28.51 -17.40 -3.10
C PHE A 98 -29.61 -16.67 -2.31
N TRP A 99 -29.40 -15.36 -2.15
CA TRP A 99 -30.43 -14.35 -1.79
C TRP A 99 -31.16 -14.67 -0.47
N ARG A 100 -30.40 -14.66 0.61
CA ARG A 100 -30.98 -14.89 1.93
C ARG A 100 -30.06 -14.21 2.93
N SER A 101 -30.47 -14.10 4.19
CA SER A 101 -29.58 -13.36 5.13
C SER A 101 -29.91 -13.62 6.59
N ALA A 102 -28.88 -13.64 7.41
CA ALA A 102 -29.02 -13.76 8.88
C ALA A 102 -28.26 -12.62 9.54
N GLU A 103 -28.88 -12.01 10.56
CA GLU A 103 -28.21 -10.90 11.26
C GLU A 103 -28.68 -10.79 12.70
N ASN A 104 -27.76 -10.38 13.57
CA ASN A 104 -28.14 -9.85 14.91
C ASN A 104 -28.80 -10.88 15.82
N LEU A 105 -28.15 -12.04 15.88
CA LEU A 105 -28.57 -13.15 16.73
C LEU A 105 -27.35 -13.82 17.33
N ALA A 106 -27.55 -14.41 18.51
CA ALA A 106 -26.61 -15.38 19.05
C ALA A 106 -27.16 -16.78 18.87
N LEU A 107 -26.33 -17.71 18.41
CA LEU A 107 -26.71 -19.11 18.20
C LEU A 107 -25.89 -19.99 19.15
N ASN A 108 -26.59 -20.99 19.68
CA ASN A 108 -26.03 -22.04 20.53
C ASN A 108 -26.41 -23.37 19.86
N PRO A 109 -25.64 -23.78 18.83
CA PRO A 109 -26.12 -24.78 17.87
C PRO A 109 -26.16 -26.22 18.40
N VAL A 110 -27.10 -26.98 17.87
CA VAL A 110 -27.32 -28.37 18.32
C VAL A 110 -26.09 -29.26 18.47
N ASN A 111 -25.26 -29.36 17.47
CA ASN A 111 -24.13 -30.32 17.67
C ASN A 111 -22.86 -29.53 17.94
N GLY A 112 -23.04 -28.29 18.38
CA GLY A 112 -21.90 -27.44 18.66
C GLY A 112 -21.47 -26.72 17.40
N THR A 113 -21.88 -27.23 16.23
CA THR A 113 -21.69 -26.49 14.97
C THR A 113 -23.04 -25.98 14.45
N ASN A 114 -22.97 -24.84 13.75
CA ASN A 114 -24.06 -24.30 12.95
C ASN A 114 -23.65 -24.33 11.48
N ARG A 115 -24.56 -24.70 10.60
CA ARG A 115 -24.24 -24.80 9.19
C ARG A 115 -24.84 -23.66 8.39
N TRP A 116 -24.00 -22.94 7.63
CA TRP A 116 -24.43 -21.86 6.74
C TRP A 116 -23.78 -22.15 5.36
N ALA A 117 -24.33 -23.13 4.63
CA ALA A 117 -23.76 -23.59 3.38
C ALA A 117 -24.34 -22.83 2.19
N VAL A 118 -23.84 -21.64 1.99
CA VAL A 118 -24.39 -20.72 1.01
C VAL A 118 -23.43 -20.42 -0.13
N SER A 119 -23.98 -19.79 -1.18
CA SER A 119 -23.19 -19.19 -2.23
C SER A 119 -23.40 -17.67 -2.17
N GLN A 120 -23.53 -16.99 -3.31
CA GLN A 120 -23.51 -15.53 -3.27
C GLN A 120 -24.79 -14.90 -2.77
N ALA A 121 -24.65 -13.64 -2.35
CA ALA A 121 -25.77 -12.82 -1.83
C ALA A 121 -26.47 -13.49 -0.65
N ALA A 122 -25.65 -13.97 0.28
CA ALA A 122 -26.14 -14.65 1.46
C ALA A 122 -25.40 -14.17 2.73
N PRO A 123 -25.52 -12.87 3.02
CA PRO A 123 -24.73 -12.30 4.11
C PRO A 123 -25.07 -12.85 5.50
N PHE A 124 -24.04 -12.87 6.33
CA PHE A 124 -24.08 -13.36 7.72
C PHE A 124 -23.42 -12.21 8.50
N ARG A 125 -24.24 -11.40 9.18
CA ARG A 125 -23.76 -10.16 9.81
C ARG A 125 -24.15 -10.08 11.29
N ARG A 126 -23.24 -9.55 12.12
CA ARG A 126 -23.63 -9.21 13.49
C ARG A 126 -24.16 -10.43 14.25
N MET A 127 -23.50 -11.56 14.04
CA MET A 127 -23.87 -12.82 14.65
C MET A 127 -22.87 -13.20 15.73
N HIS A 128 -23.38 -13.87 16.75
CA HIS A 128 -22.53 -14.50 17.76
C HIS A 128 -22.80 -16.01 17.77
N VAL A 129 -21.92 -16.78 17.14
CA VAL A 129 -22.03 -18.23 17.12
C VAL A 129 -21.22 -18.80 18.27
N LYS A 130 -21.92 -19.35 19.25
CA LYS A 130 -21.26 -19.97 20.39
C LYS A 130 -20.84 -21.41 20.07
N GLY A 131 -20.09 -21.55 18.99
CA GLY A 131 -19.55 -22.82 18.58
C GLY A 131 -18.91 -22.66 17.21
N GLY A 132 -18.80 -23.76 16.49
CA GLY A 132 -18.20 -23.73 15.16
C GLY A 132 -19.21 -23.35 14.11
N LEU A 133 -18.70 -22.95 12.96
CA LEU A 133 -19.53 -22.59 11.80
C LEU A 133 -19.05 -23.40 10.62
N ASN A 134 -19.91 -24.29 10.13
CA ASN A 134 -19.60 -25.10 8.95
C ASN A 134 -20.21 -24.39 7.74
N LEU A 135 -19.37 -24.06 6.75
CA LEU A 135 -19.84 -23.36 5.53
C LEU A 135 -20.13 -24.34 4.40
N ALA A 136 -20.08 -25.62 4.70
CA ALA A 136 -20.31 -26.67 3.71
C ALA A 136 -21.66 -27.40 3.87
N PRO A 137 -22.30 -27.75 2.73
CA PRO A 137 -23.54 -28.55 2.65
C PRO A 137 -23.10 -29.99 2.87
N ASP A 138 -23.65 -31.04 2.23
CA ASP A 138 -23.06 -32.41 2.45
C ASP A 138 -22.73 -33.25 1.20
N GLY A 139 -21.71 -32.81 0.46
CA GLY A 139 -21.19 -33.61 -0.63
C GLY A 139 -19.73 -33.26 -0.87
N TYR A 140 -19.42 -31.95 -0.88
CA TYR A 140 -18.03 -31.40 -0.97
C TYR A 140 -17.76 -30.98 -2.39
N GLY A 141 -18.86 -30.66 -3.10
CA GLY A 141 -18.97 -29.66 -4.21
C GLY A 141 -18.81 -28.13 -4.07
N TRP A 142 -19.13 -27.42 -5.16
CA TRP A 142 -19.02 -25.97 -5.11
C TRP A 142 -20.19 -25.63 -4.17
N ALA A 143 -20.50 -24.35 -4.17
CA ALA A 143 -20.74 -23.66 -2.94
C ALA A 143 -19.64 -22.69 -3.21
N SER A 144 -20.10 -21.48 -3.46
CA SER A 144 -19.26 -20.41 -3.97
C SER A 144 -19.74 -19.22 -3.24
N GLY A 145 -19.54 -19.24 -1.92
CA GLY A 145 -19.77 -18.07 -1.09
C GLY A 145 -18.66 -17.05 -1.20
N GLY A 146 -18.57 -16.11 -0.25
CA GLY A 146 -19.50 -15.95 0.85
C GLY A 146 -19.01 -14.76 1.65
N TYR A 147 -19.80 -14.34 2.63
CA TYR A 147 -19.56 -13.07 3.30
C TYR A 147 -19.98 -13.13 4.77
N ILE A 148 -19.01 -12.88 5.65
CA ILE A 148 -19.22 -12.70 7.09
C ILE A 148 -18.66 -11.33 7.50
N ALA A 149 -19.46 -10.57 8.25
CA ALA A 149 -19.03 -9.29 8.79
C ALA A 149 -19.52 -9.10 10.22
N ASP A 150 -18.67 -8.47 11.02
CA ASP A 150 -19.08 -8.01 12.35
C ASP A 150 -19.60 -9.14 13.23
N SER A 151 -18.99 -10.31 13.08
CA SER A 151 -19.48 -11.51 13.76
C SER A 151 -18.43 -12.10 14.69
N LYS A 152 -18.88 -12.80 15.73
CA LYS A 152 -17.95 -13.55 16.58
C LYS A 152 -18.35 -15.00 16.53
N ILE A 153 -17.43 -15.83 16.08
CA ILE A 153 -17.63 -17.26 16.07
C ILE A 153 -16.73 -17.80 17.18
N ASP A 154 -17.34 -18.28 18.26
CA ASP A 154 -16.57 -18.69 19.43
C ASP A 154 -15.56 -19.84 19.07
N GLY A 155 -15.97 -20.79 18.23
CA GLY A 155 -15.08 -21.86 17.77
C GLY A 155 -14.50 -21.71 16.36
N GLU A 156 -14.34 -22.86 15.71
CA GLU A 156 -13.76 -22.97 14.37
C GLU A 156 -14.75 -22.64 13.27
N VAL A 157 -14.30 -21.86 12.30
CA VAL A 157 -14.98 -21.81 11.01
C VAL A 157 -14.41 -22.87 10.09
N GLY A 158 -15.27 -23.67 9.47
CA GLY A 158 -14.84 -24.73 8.56
C GLY A 158 -15.42 -24.62 7.15
N PRO A 159 -14.65 -24.04 6.21
CA PRO A 159 -15.03 -23.90 4.81
C PRO A 159 -15.28 -25.23 4.10
N TYR A 160 -14.39 -26.20 4.35
CA TYR A 160 -14.34 -27.41 3.54
C TYR A 160 -14.32 -27.06 2.05
N SER A 161 -15.39 -27.36 1.33
CA SER A 161 -15.39 -27.28 -0.11
C SER A 161 -15.63 -25.89 -0.70
N GLN A 162 -15.95 -24.91 0.13
CA GLN A 162 -16.11 -23.54 -0.37
C GLN A 162 -14.90 -23.05 -1.16
N GLN A 163 -15.10 -22.52 -2.37
CA GLN A 163 -13.96 -22.09 -3.17
C GLN A 163 -13.28 -20.84 -2.64
N GLN A 164 -14.10 -19.89 -2.18
CA GLN A 164 -13.59 -18.58 -1.77
C GLN A 164 -14.46 -18.04 -0.63
N TRP A 165 -14.00 -17.02 0.07
CA TRP A 165 -14.76 -16.45 1.17
C TRP A 165 -14.13 -15.12 1.57
N TYR A 166 -14.98 -14.19 2.01
CA TYR A 166 -14.53 -12.93 2.59
C TYR A 166 -15.06 -12.77 4.00
N THR A 167 -14.17 -12.44 4.93
CA THR A 167 -14.56 -12.20 6.32
C THR A 167 -13.99 -10.84 6.72
N ARG A 168 -14.81 -9.99 7.30
CA ARG A 168 -14.30 -8.71 7.79
C ARG A 168 -14.76 -8.35 9.19
N ASP A 169 -13.87 -7.67 9.89
CA ASP A 169 -14.14 -7.08 11.20
C ASP A 169 -14.92 -8.05 12.06
N SER A 170 -14.23 -9.09 12.52
CA SER A 170 -14.82 -10.22 13.23
C SER A 170 -13.78 -10.90 14.15
N SER A 171 -14.24 -11.77 15.06
CA SER A 171 -13.36 -12.72 15.76
C SER A 171 -13.78 -14.15 15.46
N VAL A 172 -12.79 -15.00 15.22
CA VAL A 172 -13.01 -16.41 15.03
C VAL A 172 -12.06 -17.17 15.98
N GLY A 173 -12.55 -18.28 16.53
CA GLY A 173 -11.74 -19.08 17.40
C GLY A 173 -10.72 -19.89 16.62
N GLY A 174 -11.04 -20.10 15.34
CA GLY A 174 -10.21 -20.89 14.46
C GLY A 174 -10.68 -20.76 13.01
N TRP A 175 -9.79 -21.06 12.08
CA TRP A 175 -10.16 -21.09 10.67
C TRP A 175 -9.57 -22.33 10.03
N GLY A 176 -10.44 -23.22 9.54
CA GLY A 176 -10.07 -24.60 9.22
C GLY A 176 -9.22 -24.79 7.97
N ASN A 177 -9.49 -24.02 6.92
CA ASN A 177 -8.75 -24.22 5.68
C ASN A 177 -8.99 -23.18 4.59
N GLY A 178 -8.13 -23.26 3.58
CA GLY A 178 -8.17 -22.43 2.40
C GLY A 178 -8.14 -23.19 1.08
N VAL A 179 -9.11 -22.86 0.22
CA VAL A 179 -9.39 -23.58 -1.02
C VAL A 179 -8.81 -22.88 -2.27
N TRP A 180 -9.46 -21.81 -2.76
CA TRP A 180 -8.88 -20.92 -3.78
C TRP A 180 -8.54 -19.52 -3.26
N ASN A 181 -9.45 -18.91 -2.49
CA ASN A 181 -9.25 -17.51 -2.09
C ASN A 181 -10.05 -17.16 -0.86
N MET A 182 -9.40 -17.29 0.29
CA MET A 182 -10.01 -16.83 1.55
C MET A 182 -9.29 -15.56 1.98
N THR A 183 -10.06 -14.48 2.03
CA THR A 183 -9.54 -13.17 2.39
C THR A 183 -10.17 -12.72 3.71
N PHE A 184 -9.34 -12.07 4.52
CA PHE A 184 -9.74 -11.57 5.82
C PHE A 184 -9.25 -10.13 5.93
N SER A 185 -10.09 -9.24 6.44
CA SER A 185 -9.58 -7.92 6.85
C SER A 185 -10.17 -7.58 8.21
N GLY A 186 -9.31 -7.20 9.15
CA GLY A 186 -9.78 -6.87 10.49
C GLY A 186 -10.35 -8.02 11.30
N VAL A 187 -9.84 -9.24 11.07
CA VAL A 187 -10.38 -10.41 11.73
C VAL A 187 -9.45 -10.90 12.82
N GLU A 188 -9.84 -10.66 14.07
CA GLU A 188 -9.16 -11.33 15.21
C GLU A 188 -9.21 -12.82 14.99
N GLY A 189 -8.06 -13.50 15.00
CA GLY A 189 -8.04 -14.94 14.89
C GLY A 189 -7.89 -15.45 13.47
N ALA A 190 -7.81 -14.56 12.50
CA ALA A 190 -7.64 -15.01 11.12
C ALA A 190 -6.32 -15.74 10.98
N PRO A 191 -6.26 -16.70 10.06
CA PRO A 191 -4.94 -17.28 9.80
C PRO A 191 -4.02 -16.23 9.20
N ALA A 192 -2.72 -16.34 9.47
CA ALA A 192 -1.74 -15.41 8.91
C ALA A 192 -1.94 -15.23 7.40
N GLN A 193 -1.28 -14.23 6.84
CA GLN A 193 -1.13 -14.11 5.40
C GLN A 193 -0.27 -15.25 4.94
N SER A 194 -0.71 -16.01 3.93
CA SER A 194 0.09 -17.15 3.45
C SER A 194 0.00 -17.49 1.95
N PHE A 195 -0.85 -16.77 1.22
CA PHE A 195 -1.08 -16.99 -0.21
C PHE A 195 0.24 -17.24 -0.98
N PRO A 196 0.29 -18.26 -1.86
CA PRO A 196 -0.81 -19.15 -2.29
C PRO A 196 -1.08 -20.40 -1.44
N GLU A 197 -0.23 -20.66 -0.44
CA GLU A 197 -0.32 -21.92 0.30
C GLU A 197 -0.26 -21.72 1.80
N PRO A 198 -1.42 -21.91 2.49
CA PRO A 198 -2.75 -22.05 1.88
C PRO A 198 -3.13 -20.69 1.29
N PRO A 199 -4.31 -20.57 0.67
CA PRO A 199 -4.53 -19.34 -0.11
C PRO A 199 -5.24 -18.24 0.72
N TYR A 200 -4.50 -17.77 1.74
CA TYR A 200 -4.98 -16.80 2.72
C TYR A 200 -4.42 -15.40 2.47
N THR A 201 -5.33 -14.48 2.22
CA THR A 201 -5.03 -13.07 2.08
C THR A 201 -5.55 -12.38 3.33
N THR A 202 -4.61 -11.91 4.17
CA THR A 202 -4.95 -11.48 5.52
C THR A 202 -4.46 -10.07 5.79
N LEU A 203 -5.41 -9.17 6.02
CA LEU A 203 -5.12 -7.79 6.34
C LEU A 203 -5.46 -7.47 7.80
N GLU A 204 -4.49 -6.80 8.44
CA GLU A 204 -4.60 -6.24 9.78
C GLU A 204 -5.97 -5.69 10.09
N THR A 205 -6.32 -4.69 9.30
CA THR A 205 -7.50 -3.87 9.55
C THR A 205 -8.22 -3.70 8.23
N THR A 206 -9.50 -3.30 8.34
CA THR A 206 -10.23 -2.85 7.17
C THR A 206 -10.10 -1.33 7.13
N PRO A 207 -9.73 -0.75 5.96
CA PRO A 207 -9.43 0.69 5.93
C PRO A 207 -10.51 1.59 6.50
N VAL A 208 -11.73 1.42 5.98
CA VAL A 208 -12.91 2.04 6.55
C VAL A 208 -14.03 1.01 6.47
N SER A 209 -14.88 0.95 7.49
CA SER A 209 -16.10 0.17 7.41
C SER A 209 -17.17 0.79 8.28
N ARG A 210 -18.42 0.48 7.95
CA ARG A 210 -19.55 1.07 8.64
C ARG A 210 -20.67 0.04 8.60
N GLU A 211 -21.08 -0.45 9.77
CA GLU A 211 -21.98 -1.61 9.81
C GLU A 211 -23.38 -1.29 9.29
N LYS A 212 -24.03 -2.30 8.71
CA LYS A 212 -25.34 -2.16 8.08
C LYS A 212 -26.42 -1.73 9.10
N PRO A 213 -27.25 -0.74 8.77
CA PRO A 213 -28.38 -0.41 9.65
C PRO A 213 -29.32 -1.60 9.85
N PHE A 214 -30.01 -1.64 10.98
CA PHE A 214 -30.97 -2.70 11.27
C PHE A 214 -32.08 -2.26 12.22
N LEU A 215 -33.21 -2.92 12.09
CA LEU A 215 -34.40 -2.71 12.89
C LEU A 215 -34.19 -3.42 14.22
N TYR A 216 -34.40 -2.72 15.34
CA TYR A 216 -34.46 -3.34 16.68
C TYR A 216 -35.74 -2.91 17.43
N LEU A 217 -36.05 -3.55 18.56
CA LEU A 217 -37.33 -3.31 19.26
C LEU A 217 -37.07 -2.76 20.63
N ASP A 218 -37.81 -1.71 21.02
CA ASP A 218 -37.34 -0.89 22.13
C ASP A 218 -38.35 -0.28 23.04
N GLY A 219 -38.54 -0.92 24.19
CA GLY A 219 -39.78 -0.83 24.91
C GLY A 219 -40.60 -1.53 23.88
N ASP A 220 -41.75 -0.92 23.62
CA ASP A 220 -42.66 -1.33 22.57
C ASP A 220 -42.29 -0.70 21.23
N ASP A 221 -41.33 0.22 21.23
CA ASP A 221 -41.01 1.01 20.02
C ASP A 221 -40.06 0.34 19.00
N TYR A 222 -40.45 0.25 17.73
CA TYR A 222 -39.44 -0.07 16.69
C TYR A 222 -38.57 1.20 16.40
N LYS A 223 -37.24 1.07 16.57
CA LYS A 223 -36.25 2.04 16.04
C LYS A 223 -35.25 1.37 15.04
N VAL A 224 -34.44 2.18 14.34
CA VAL A 224 -33.36 1.68 13.48
C VAL A 224 -32.01 2.16 13.98
N PHE A 225 -31.10 1.23 14.26
CA PHE A 225 -29.75 1.63 14.63
C PHE A 225 -28.87 1.81 13.39
N VAL A 226 -28.18 2.94 13.37
CA VAL A 226 -27.31 3.34 12.30
C VAL A 226 -25.90 3.45 12.84
N PRO A 227 -25.10 2.38 12.68
CA PRO A 227 -23.72 2.41 13.18
C PRO A 227 -22.83 3.52 12.64
N ALA A 228 -22.02 4.06 13.55
CA ALA A 228 -20.95 4.97 13.23
C ALA A 228 -19.87 4.25 12.40
N LYS A 229 -19.30 4.95 11.44
CA LYS A 229 -18.18 4.42 10.68
C LYS A 229 -16.91 4.27 11.52
N ARG A 230 -16.20 3.18 11.22
CA ARG A 230 -14.92 2.84 11.84
C ARG A 230 -13.82 2.96 10.78
N THR A 231 -12.64 3.45 11.15
CA THR A 231 -11.52 3.46 10.20
C THR A 231 -10.39 2.54 10.82
N ASN A 232 -9.65 1.78 9.99
CA ASN A 232 -8.63 0.86 10.52
C ASN A 232 -9.36 -0.16 11.42
N ALA A 233 -10.45 -0.71 10.92
CA ALA A 233 -11.32 -1.54 11.75
C ALA A 233 -10.82 -2.96 11.98
N ARG A 234 -11.04 -3.42 13.21
CA ARG A 234 -10.64 -4.76 13.62
C ARG A 234 -11.54 -5.28 14.73
N GLY A 235 -11.94 -6.55 14.60
CA GLY A 235 -12.90 -7.13 15.52
C GLY A 235 -14.30 -6.55 15.37
N THR A 236 -15.18 -6.97 16.26
CA THR A 236 -16.58 -6.56 16.13
C THR A 236 -16.88 -5.18 16.72
N SER A 237 -18.05 -4.67 16.31
CA SER A 237 -18.54 -3.37 16.74
C SER A 237 -19.45 -3.44 17.98
N TRP A 238 -19.70 -4.65 18.46
CA TRP A 238 -20.52 -4.82 19.64
C TRP A 238 -19.62 -5.43 20.72
N GLY A 239 -18.43 -5.86 20.28
CA GLY A 239 -17.16 -5.38 20.85
C GLY A 239 -17.17 -5.20 22.36
N ASN A 240 -16.93 -3.98 22.84
CA ASN A 240 -16.63 -3.78 24.27
C ASN A 240 -17.36 -2.66 25.00
N GLY A 241 -18.53 -2.27 24.53
CA GLY A 241 -19.39 -1.40 25.32
C GLY A 241 -20.67 -1.04 24.59
N THR A 242 -21.15 0.16 24.89
CA THR A 242 -22.26 0.74 24.14
C THR A 242 -21.93 0.67 22.64
N PRO A 243 -22.63 -0.15 21.81
CA PRO A 243 -22.15 0.13 20.46
C PRO A 243 -22.54 1.53 20.13
N GLU A 244 -21.62 2.18 19.46
CA GLU A 244 -21.91 3.51 19.02
C GLU A 244 -22.60 3.39 17.70
N GLY A 245 -23.58 4.25 17.47
CA GLY A 245 -24.17 4.45 16.15
C GLY A 245 -25.07 5.63 16.38
N GLU A 246 -26.25 5.64 15.75
CA GLU A 246 -27.30 6.60 16.10
C GLU A 246 -28.65 5.98 15.83
N SER A 247 -29.69 6.43 16.50
CA SER A 247 -30.91 5.64 16.47
C SER A 247 -32.14 6.45 16.15
N LEU A 248 -32.84 5.98 15.11
CA LEU A 248 -33.91 6.69 14.45
C LEU A 248 -35.24 5.98 14.63
N PRO A 249 -36.25 6.69 15.14
CA PRO A 249 -37.55 6.08 15.42
C PRO A 249 -38.21 5.52 14.16
N LEU A 250 -38.82 4.34 14.28
CA LEU A 250 -39.47 3.74 13.11
C LEU A 250 -40.51 4.66 12.41
N ASP A 251 -41.07 5.64 13.13
CA ASP A 251 -41.86 6.70 12.48
C ASP A 251 -41.17 7.56 11.49
N GLN A 252 -39.86 7.74 11.61
CA GLN A 252 -39.18 8.64 10.69
C GLN A 252 -38.87 7.93 9.36
N PHE A 253 -39.50 6.77 9.17
CA PHE A 253 -39.36 5.97 7.94
C PHE A 253 -40.67 5.89 7.18
N TYR A 254 -40.67 6.19 5.88
CA TYR A 254 -41.77 5.78 5.02
C TYR A 254 -41.70 4.26 4.84
N VAL A 255 -42.77 3.56 5.23
CA VAL A 255 -42.76 2.11 5.16
C VAL A 255 -43.39 1.71 3.83
N VAL A 256 -42.53 1.18 2.99
CA VAL A 256 -42.79 0.91 1.60
C VAL A 256 -43.43 -0.46 1.53
N LYS A 257 -44.69 -0.53 1.11
CA LYS A 257 -45.33 -1.83 0.85
C LYS A 257 -45.71 -2.22 -0.59
N PRO A 258 -46.19 -1.30 -1.45
CA PRO A 258 -46.58 -2.14 -2.65
C PRO A 258 -47.07 -1.39 -3.87
N GLY A 259 -46.35 -1.42 -4.99
CA GLY A 259 -46.73 -0.48 -6.05
C GLY A 259 -46.87 0.97 -5.54
N ALA A 260 -46.61 1.20 -4.24
CA ALA A 260 -46.01 2.41 -3.76
C ALA A 260 -45.32 2.89 -4.98
N THR A 261 -45.91 3.87 -5.63
CA THR A 261 -45.37 4.29 -6.90
C THR A 261 -43.96 4.79 -6.65
N ALA A 262 -43.16 4.79 -7.71
CA ALA A 262 -41.93 5.58 -7.74
C ALA A 262 -42.25 6.98 -7.21
N GLU A 263 -43.42 7.54 -7.56
CA GLU A 263 -43.78 8.90 -7.12
C GLU A 263 -43.89 9.02 -5.61
N THR A 264 -44.68 8.13 -5.02
CA THR A 264 -44.90 8.12 -3.60
C THR A 264 -43.61 7.97 -2.79
N ILE A 265 -42.75 7.04 -3.22
CA ILE A 265 -41.48 6.81 -2.54
C ILE A 265 -40.61 8.05 -2.61
N ASN A 266 -40.54 8.65 -3.80
CA ASN A 266 -39.74 9.86 -3.98
C ASN A 266 -40.32 11.04 -3.20
N ALA A 267 -41.64 10.99 -3.01
CA ALA A 267 -42.30 12.06 -2.28
C ALA A 267 -41.77 12.00 -0.86
N ALA A 268 -41.58 10.77 -0.39
CA ALA A 268 -41.15 10.53 0.98
C ALA A 268 -39.74 11.07 1.28
N VAL A 269 -38.73 10.64 0.53
CA VAL A 269 -37.37 11.09 0.79
C VAL A 269 -37.40 12.59 0.85
N ASP A 270 -38.01 13.17 -0.18
CA ASP A 270 -38.01 14.61 -0.38
C ASP A 270 -38.61 15.42 0.77
N GLN A 271 -39.17 14.75 1.77
CA GLN A 271 -39.74 15.42 2.95
C GLN A 271 -39.05 14.97 4.23
N GLY A 272 -37.79 14.53 4.14
CA GLY A 272 -37.03 14.11 5.31
C GLY A 272 -37.28 12.73 5.88
N LEU A 273 -38.11 11.94 5.23
CA LEU A 273 -38.33 10.56 5.68
C LEU A 273 -37.29 9.60 5.11
N HIS A 274 -36.90 8.61 5.92
CA HIS A 274 -36.06 7.50 5.46
C HIS A 274 -36.99 6.47 4.80
N LEU A 275 -36.39 5.42 4.23
CA LEU A 275 -37.15 4.37 3.56
C LEU A 275 -36.92 3.01 4.16
N LEU A 276 -38.01 2.30 4.41
CA LEU A 276 -37.91 0.91 4.85
C LEU A 276 -38.74 0.10 3.90
N PHE A 277 -38.07 -0.65 3.03
CA PHE A 277 -38.76 -1.50 2.07
C PHE A 277 -39.13 -2.83 2.70
N THR A 278 -40.42 -3.02 2.91
CA THR A 278 -40.89 -4.26 3.46
C THR A 278 -40.70 -5.38 2.42
N PRO A 279 -40.81 -6.63 2.86
CA PRO A 279 -40.46 -7.68 1.91
C PRO A 279 -41.48 -7.77 0.78
N GLY A 280 -40.97 -7.68 -0.46
CA GLY A 280 -41.84 -7.66 -1.61
C GLY A 280 -41.11 -7.25 -2.89
N VAL A 281 -41.88 -7.16 -3.97
CA VAL A 281 -41.35 -6.85 -5.29
C VAL A 281 -42.02 -5.57 -5.81
N TYR A 282 -41.21 -4.52 -5.98
CA TYR A 282 -41.69 -3.18 -6.36
C TYR A 282 -41.33 -2.85 -7.82
N HIS A 283 -42.28 -3.00 -8.76
CA HIS A 283 -42.00 -2.58 -10.16
C HIS A 283 -42.07 -1.02 -10.14
N VAL A 284 -41.07 -0.32 -10.70
CA VAL A 284 -41.07 1.15 -10.72
C VAL A 284 -40.84 1.81 -12.10
N ASP A 285 -41.71 2.76 -12.43
CA ASP A 285 -41.79 3.35 -13.77
C ASP A 285 -41.01 4.61 -13.91
N GLN A 286 -40.28 4.97 -12.88
CA GLN A 286 -39.47 6.16 -12.93
C GLN A 286 -38.42 6.01 -11.78
N PRO A 287 -37.23 6.61 -11.93
CA PRO A 287 -36.18 6.46 -10.90
C PRO A 287 -36.60 6.71 -9.44
N ILE A 288 -36.16 5.85 -8.52
CA ILE A 288 -36.14 6.23 -7.09
C ILE A 288 -34.97 7.20 -6.92
N GLU A 289 -35.25 8.49 -6.68
CA GLU A 289 -34.19 9.43 -6.38
C GLU A 289 -34.07 9.54 -4.87
N ILE A 290 -32.88 9.22 -4.36
CA ILE A 290 -32.50 9.70 -3.04
C ILE A 290 -31.61 10.92 -3.25
N ASP A 291 -32.16 12.11 -3.05
CA ASP A 291 -31.33 13.33 -3.08
C ASP A 291 -31.46 14.01 -1.70
N ARG A 292 -31.14 13.24 -0.67
CA ARG A 292 -30.95 13.77 0.69
C ARG A 292 -29.82 13.04 1.40
N ALA A 293 -28.81 13.81 1.79
CA ALA A 293 -27.84 13.39 2.79
C ALA A 293 -28.43 12.64 4.00
N ASN A 294 -27.72 11.56 4.34
CA ASN A 294 -28.04 10.69 5.46
C ASN A 294 -29.32 9.86 5.43
N THR A 295 -29.95 9.82 4.28
CA THR A 295 -31.13 8.97 4.10
C THR A 295 -30.69 7.53 4.27
N VAL A 296 -31.50 6.75 4.98
CA VAL A 296 -31.34 5.33 5.04
C VAL A 296 -32.43 4.73 4.20
N ALA A 297 -32.03 3.82 3.30
CA ALA A 297 -32.98 3.04 2.52
C ALA A 297 -32.64 1.60 2.83
N LEU A 298 -33.43 1.00 3.70
CA LEU A 298 -33.18 -0.32 4.24
C LEU A 298 -34.26 -1.25 3.70
N GLY A 299 -33.83 -2.39 3.18
CA GLY A 299 -34.74 -3.43 2.73
C GLY A 299 -34.77 -4.57 3.72
N LEU A 300 -35.93 -5.22 3.80
CA LEU A 300 -36.09 -6.46 4.55
C LEU A 300 -36.57 -7.59 3.63
N GLY A 301 -36.18 -8.81 3.95
CA GLY A 301 -36.63 -10.00 3.23
C GLY A 301 -36.37 -9.98 1.75
N LEU A 302 -35.22 -9.41 1.37
CA LEU A 302 -34.78 -9.38 -0.03
C LEU A 302 -35.75 -8.58 -0.91
N ALA A 303 -36.35 -7.55 -0.33
CA ALA A 303 -37.10 -6.56 -1.08
C ALA A 303 -36.38 -6.23 -2.38
N THR A 304 -37.17 -6.18 -3.43
CA THR A 304 -36.68 -6.17 -4.79
C THR A 304 -37.30 -5.01 -5.56
N ILE A 305 -36.46 -4.28 -6.29
CA ILE A 305 -36.91 -3.22 -7.20
C ILE A 305 -36.75 -3.69 -8.65
N ILE A 306 -37.81 -3.62 -9.45
CA ILE A 306 -37.71 -3.86 -10.90
C ILE A 306 -38.04 -2.57 -11.66
N PRO A 307 -37.08 -2.03 -12.45
CA PRO A 307 -37.35 -0.80 -13.19
C PRO A 307 -38.01 -1.08 -14.52
N ASP A 308 -39.18 -0.48 -14.72
CA ASP A 308 -39.91 -0.56 -15.97
C ASP A 308 -39.32 0.43 -16.97
N ASN A 309 -39.64 0.27 -18.25
CA ASN A 309 -39.46 1.40 -19.19
C ASN A 309 -38.02 1.76 -19.51
N GLY A 310 -37.10 0.86 -19.15
CA GLY A 310 -35.69 1.08 -19.34
C GLY A 310 -35.10 2.11 -18.41
N VAL A 311 -35.81 2.44 -17.33
CA VAL A 311 -35.29 3.46 -16.43
C VAL A 311 -34.22 2.90 -15.49
N THR A 312 -33.47 3.80 -14.89
CA THR A 312 -32.58 3.48 -13.80
C THR A 312 -33.46 3.20 -12.56
N ALA A 313 -33.16 2.12 -11.83
CA ALA A 313 -33.96 1.74 -10.65
C ALA A 313 -33.76 2.68 -9.47
N LEU A 314 -32.50 3.01 -9.20
CA LEU A 314 -32.14 3.75 -8.02
C LEU A 314 -31.04 4.71 -8.35
N LYS A 315 -31.29 5.95 -8.00
CA LYS A 315 -30.24 6.98 -8.16
C LYS A 315 -30.02 7.64 -6.82
N VAL A 316 -28.75 7.82 -6.47
CA VAL A 316 -28.39 8.58 -5.30
C VAL A 316 -27.68 9.82 -5.77
N GLY A 317 -28.07 10.94 -5.20
CA GLY A 317 -27.44 12.22 -5.51
C GLY A 317 -26.06 12.36 -4.89
N ASP A 318 -25.46 13.52 -5.12
CA ASP A 318 -24.10 13.85 -4.73
C ASP A 318 -24.04 14.32 -3.28
N VAL A 319 -24.53 13.47 -2.41
CA VAL A 319 -24.80 13.85 -1.03
C VAL A 319 -24.09 12.90 -0.08
N ASP A 320 -23.69 13.43 1.08
CA ASP A 320 -23.09 12.61 2.15
C ASP A 320 -24.07 11.60 2.71
N GLY A 321 -23.53 10.50 3.26
CA GLY A 321 -24.23 9.73 4.29
C GLY A 321 -25.38 8.83 3.93
N VAL A 322 -25.68 8.68 2.65
CA VAL A 322 -26.80 7.79 2.27
C VAL A 322 -26.36 6.35 2.53
N LYS A 323 -27.28 5.54 3.08
CA LYS A 323 -26.99 4.15 3.46
C LYS A 323 -28.05 3.30 2.77
N VAL A 324 -27.70 2.76 1.61
CA VAL A 324 -28.55 1.81 0.85
C VAL A 324 -28.23 0.39 1.34
N ALA A 325 -29.22 -0.39 1.74
CA ALA A 325 -28.89 -1.68 2.36
C ALA A 325 -29.96 -2.73 2.12
N GLY A 326 -29.54 -3.94 1.74
CA GLY A 326 -30.44 -5.08 1.70
C GLY A 326 -31.49 -5.10 0.62
N LEU A 327 -31.07 -4.74 -0.59
CA LEU A 327 -31.98 -4.63 -1.73
C LEU A 327 -31.48 -5.44 -2.92
N LEU A 328 -32.43 -6.06 -3.61
CA LEU A 328 -32.18 -6.71 -4.88
C LEU A 328 -32.74 -5.80 -5.98
N VAL A 329 -31.96 -5.55 -7.01
CA VAL A 329 -32.42 -4.83 -8.20
C VAL A 329 -32.42 -5.83 -9.36
N ASP A 330 -33.59 -6.09 -9.94
CA ASP A 330 -33.83 -7.17 -10.91
C ASP A 330 -34.21 -6.49 -12.25
N ALA A 331 -33.35 -6.58 -13.26
CA ALA A 331 -33.59 -5.88 -14.51
C ALA A 331 -34.90 -6.32 -15.17
N GLY A 332 -35.59 -5.34 -15.78
CA GLY A 332 -36.75 -5.63 -16.60
C GLY A 332 -36.36 -5.92 -18.05
N PRO A 333 -37.30 -6.46 -18.85
CA PRO A 333 -37.05 -6.88 -20.24
C PRO A 333 -36.78 -5.73 -21.21
N VAL A 334 -37.04 -4.48 -20.79
CA VAL A 334 -36.63 -3.31 -21.55
C VAL A 334 -35.26 -2.87 -21.03
N ASN A 335 -34.25 -2.85 -21.89
CA ASN A 335 -32.92 -2.48 -21.47
C ASN A 335 -32.81 -1.13 -20.72
N SER A 336 -32.23 -1.17 -19.52
CA SER A 336 -31.87 0.04 -18.78
C SER A 336 -30.41 0.40 -19.02
N GLU A 337 -30.15 1.66 -19.35
CA GLU A 337 -28.79 2.10 -19.58
C GLU A 337 -27.94 2.02 -18.29
N THR A 338 -28.62 2.21 -17.15
CA THR A 338 -27.99 1.96 -15.84
C THR A 338 -29.06 1.41 -14.89
N LEU A 339 -28.68 0.56 -13.95
CA LEU A 339 -29.62 0.13 -12.91
C LEU A 339 -29.51 0.91 -11.57
N VAL A 340 -28.28 1.23 -11.17
CA VAL A 340 -28.00 1.96 -9.94
C VAL A 340 -26.94 3.00 -10.26
N GLU A 341 -27.21 4.26 -9.93
CA GLU A 341 -26.20 5.34 -10.03
C GLU A 341 -25.95 5.96 -8.66
N VAL A 342 -24.69 5.99 -8.24
CA VAL A 342 -24.31 6.59 -6.97
C VAL A 342 -23.59 7.89 -7.32
N GLY A 343 -24.36 8.98 -7.28
CA GLY A 343 -23.87 10.29 -7.68
C GLY A 343 -23.85 10.37 -9.20
N SER A 344 -23.12 11.32 -9.76
CA SER A 344 -23.14 11.40 -11.24
C SER A 344 -21.87 11.90 -11.90
N ASP A 345 -21.92 11.88 -13.24
CA ASP A 345 -20.76 12.14 -14.11
C ASP A 345 -20.04 13.44 -13.76
N GLY A 346 -18.81 13.30 -13.32
CA GLY A 346 -17.95 14.44 -12.98
C GLY A 346 -17.85 14.82 -11.51
N ALA A 347 -18.66 14.16 -10.67
CA ALA A 347 -18.71 14.38 -9.23
C ALA A 347 -17.32 14.59 -8.58
N SER A 348 -16.96 15.85 -8.31
CA SER A 348 -15.60 16.16 -7.87
C SER A 348 -15.56 16.46 -6.38
N GLY A 349 -16.74 16.35 -5.78
CA GLY A 349 -16.94 16.63 -4.37
C GLY A 349 -16.66 15.51 -3.42
N ASP A 350 -16.04 15.90 -2.33
CA ASP A 350 -15.35 15.00 -1.47
C ASP A 350 -16.34 14.66 -0.35
N HIS A 351 -16.43 13.38 0.06
CA HIS A 351 -17.46 12.92 1.01
C HIS A 351 -16.83 12.06 2.11
N ALA A 352 -15.66 12.46 2.60
CA ALA A 352 -14.80 11.53 3.35
C ALA A 352 -15.23 11.26 4.77
N ALA A 353 -15.67 12.29 5.48
CA ALA A 353 -16.14 12.12 6.86
C ALA A 353 -17.33 11.17 6.88
N ASN A 354 -18.33 11.47 6.06
CA ASN A 354 -19.61 10.77 6.07
C ASN A 354 -19.99 10.27 4.65
N PRO A 355 -19.36 9.17 4.20
CA PRO A 355 -19.61 8.73 2.83
C PRO A 355 -20.96 8.03 2.66
N THR A 356 -21.35 7.86 1.42
CA THR A 356 -22.50 7.03 1.07
C THR A 356 -22.01 5.60 0.94
N SER A 357 -22.90 4.65 1.28
CA SER A 357 -22.57 3.24 1.18
C SER A 357 -23.68 2.45 0.51
N LEU A 358 -23.27 1.42 -0.23
CA LEU A 358 -24.15 0.34 -0.65
C LEU A 358 -23.77 -0.91 0.10
N GLN A 359 -24.73 -1.52 0.80
CA GLN A 359 -24.48 -2.78 1.52
C GLN A 359 -25.53 -3.84 1.20
N ASP A 360 -25.06 -5.04 0.89
CA ASP A 360 -26.00 -6.10 0.52
C ASP A 360 -26.96 -5.55 -0.53
N VAL A 361 -26.38 -4.96 -1.56
CA VAL A 361 -27.10 -4.55 -2.74
C VAL A 361 -26.78 -5.58 -3.79
N PHE A 362 -27.81 -6.23 -4.30
CA PHE A 362 -27.60 -7.29 -5.28
C PHE A 362 -28.27 -6.83 -6.58
N VAL A 363 -27.68 -7.22 -7.69
CA VAL A 363 -28.25 -6.94 -8.98
C VAL A 363 -28.35 -8.24 -9.77
N ARG A 364 -29.48 -8.46 -10.42
CA ARG A 364 -29.66 -9.62 -11.30
C ARG A 364 -30.17 -9.16 -12.67
N ILE A 365 -29.59 -9.75 -13.73
CA ILE A 365 -29.99 -9.48 -15.10
C ILE A 365 -30.38 -10.81 -15.75
N GLY A 366 -31.69 -11.03 -15.90
CA GLY A 366 -32.24 -12.29 -16.37
C GLY A 366 -32.44 -13.32 -15.26
N GLY A 367 -32.92 -14.51 -15.63
CA GLY A 367 -33.10 -15.57 -14.65
C GLY A 367 -34.55 -15.71 -14.17
N ALA A 368 -35.07 -14.69 -13.51
CA ALA A 368 -36.46 -14.71 -13.03
C ALA A 368 -37.40 -14.15 -14.09
N GLY A 369 -36.82 -13.77 -15.23
CA GLY A 369 -37.55 -13.31 -16.40
C GLY A 369 -36.58 -12.55 -17.29
N PRO A 370 -36.90 -12.40 -18.58
CA PRO A 370 -35.86 -11.71 -19.36
C PRO A 370 -35.60 -10.28 -18.92
N GLY A 371 -34.34 -9.89 -19.01
CA GLY A 371 -33.91 -8.61 -18.53
C GLY A 371 -32.60 -8.22 -19.16
N LYS A 372 -32.36 -6.90 -19.21
CA LYS A 372 -31.23 -6.34 -19.89
C LYS A 372 -30.82 -5.02 -19.24
N ALA A 373 -29.52 -4.77 -19.17
CA ALA A 373 -29.03 -3.46 -18.73
C ALA A 373 -27.65 -3.25 -19.30
N THR A 374 -27.35 -2.02 -19.72
CA THR A 374 -26.02 -1.76 -20.31
C THR A 374 -24.93 -1.73 -19.25
N THR A 375 -25.18 -0.95 -18.20
CA THR A 375 -24.34 -0.96 -17.00
C THR A 375 -25.22 -1.24 -15.78
N SER A 376 -24.72 -2.01 -14.83
CA SER A 376 -25.52 -2.27 -13.65
C SER A 376 -25.37 -1.24 -12.51
N ILE A 377 -24.13 -0.97 -12.12
CA ILE A 377 -23.87 0.03 -11.10
C ILE A 377 -22.77 0.97 -11.54
N VAL A 378 -23.11 2.25 -11.50
CA VAL A 378 -22.17 3.33 -11.77
C VAL A 378 -21.90 4.02 -10.45
N VAL A 379 -20.62 4.11 -10.09
CA VAL A 379 -20.22 4.77 -8.84
C VAL A 379 -19.45 6.05 -9.17
N ASN A 380 -20.16 7.16 -9.08
CA ASN A 380 -19.57 8.47 -9.32
C ASN A 380 -19.08 9.13 -8.03
N SER A 381 -19.82 8.95 -6.94
CA SER A 381 -19.51 9.64 -5.67
C SER A 381 -18.15 9.29 -5.07
N ASN A 382 -17.32 10.31 -4.86
CA ASN A 382 -16.08 10.09 -4.20
C ASN A 382 -16.34 9.49 -2.80
N ASP A 383 -15.43 8.66 -2.36
CA ASP A 383 -15.37 8.12 -0.99
C ASP A 383 -16.44 7.06 -0.68
N THR A 384 -17.21 6.68 -1.69
CA THR A 384 -18.26 5.68 -1.54
C THR A 384 -17.72 4.33 -1.02
N ILE A 385 -18.50 3.72 -0.12
CA ILE A 385 -18.21 2.38 0.38
C ILE A 385 -19.14 1.38 -0.30
N ILE A 386 -18.56 0.35 -0.93
CA ILE A 386 -19.35 -0.74 -1.51
C ILE A 386 -19.01 -1.97 -0.65
N ASP A 387 -19.89 -2.31 0.29
CA ASP A 387 -19.59 -3.34 1.29
C ASP A 387 -20.58 -4.52 1.15
N HIS A 388 -20.16 -5.51 0.37
CA HIS A 388 -20.93 -6.65 -0.10
C HIS A 388 -21.91 -6.29 -1.21
N THR A 389 -21.53 -6.64 -2.43
CA THR A 389 -22.45 -6.58 -3.56
C THR A 389 -22.26 -7.84 -4.43
N TRP A 390 -23.36 -8.34 -4.99
CA TRP A 390 -23.30 -9.38 -6.03
C TRP A 390 -24.02 -8.81 -7.23
N VAL A 391 -23.30 -8.63 -8.32
CA VAL A 391 -23.84 -8.05 -9.56
C VAL A 391 -23.72 -9.19 -10.60
N TRP A 392 -24.86 -9.72 -11.01
CA TRP A 392 -24.90 -11.04 -11.64
C TRP A 392 -25.75 -11.06 -12.89
N ARG A 393 -25.12 -11.26 -14.03
CA ARG A 393 -25.87 -11.55 -15.23
C ARG A 393 -26.18 -13.07 -15.17
N ALA A 394 -27.46 -13.44 -15.28
CA ALA A 394 -27.85 -14.83 -15.05
C ALA A 394 -27.26 -15.83 -16.05
N ASP A 395 -26.89 -17.02 -15.55
CA ASP A 395 -26.38 -18.09 -16.40
C ASP A 395 -27.39 -19.26 -16.45
N HIS A 396 -28.49 -19.10 -15.71
CA HIS A 396 -29.58 -20.08 -15.73
C HIS A 396 -30.90 -19.42 -15.39
N GLY A 397 -31.98 -20.00 -15.90
CA GLY A 397 -33.34 -19.56 -15.64
C GLY A 397 -34.01 -18.81 -16.79
N GLU A 398 -34.81 -17.82 -16.43
CA GLU A 398 -35.59 -17.06 -17.41
C GLU A 398 -35.00 -15.94 -18.17
N GLY A 399 -35.31 -15.94 -19.48
CA GLY A 399 -34.86 -14.86 -20.32
C GLY A 399 -33.37 -14.78 -20.16
N VAL A 400 -32.69 -15.91 -20.43
CA VAL A 400 -31.22 -16.00 -20.53
C VAL A 400 -30.83 -16.15 -22.01
N GLY A 401 -29.69 -15.60 -22.40
CA GLY A 401 -29.24 -15.64 -23.78
C GLY A 401 -28.13 -14.63 -23.98
N TRP A 402 -27.07 -15.03 -24.70
CA TRP A 402 -25.95 -14.10 -24.98
C TRP A 402 -26.46 -12.69 -25.36
N GLU A 403 -27.50 -12.68 -26.17
CA GLU A 403 -28.16 -11.43 -26.53
C GLU A 403 -29.42 -11.17 -25.71
N THR A 404 -30.26 -12.18 -25.58
CA THR A 404 -31.51 -12.04 -24.85
C THR A 404 -31.37 -11.46 -23.42
N ASN A 405 -30.40 -11.91 -22.57
CA ASN A 405 -30.10 -11.16 -21.33
C ASN A 405 -28.71 -10.51 -21.35
N ARG A 406 -28.38 -9.97 -22.51
CA ARG A 406 -27.16 -9.21 -22.66
C ARG A 406 -27.03 -8.12 -21.57
N ALA A 407 -25.88 -8.10 -20.92
CA ALA A 407 -25.53 -7.01 -20.00
C ALA A 407 -24.04 -6.76 -20.17
N ASP A 408 -23.69 -5.60 -20.74
CA ASP A 408 -22.27 -5.41 -21.15
C ASP A 408 -21.34 -5.19 -19.98
N TYR A 409 -21.76 -4.36 -19.03
CA TYR A 409 -20.87 -3.86 -17.98
C TYR A 409 -21.48 -4.06 -16.60
N GLY A 410 -20.68 -4.55 -15.67
CA GLY A 410 -21.19 -4.84 -14.34
C GLY A 410 -21.16 -3.61 -13.44
N VAL A 411 -19.97 -3.30 -12.96
CA VAL A 411 -19.75 -2.14 -12.09
C VAL A 411 -18.73 -1.24 -12.76
N HIS A 412 -19.00 0.07 -12.77
CA HIS A 412 -18.05 1.05 -13.25
C HIS A 412 -17.80 2.09 -12.19
N VAL A 413 -16.58 2.13 -11.67
CA VAL A 413 -16.24 3.10 -10.62
C VAL A 413 -15.41 4.22 -11.22
N LYS A 414 -15.96 5.45 -11.32
CA LYS A 414 -15.07 6.57 -11.64
C LYS A 414 -14.98 7.66 -10.61
N GLY A 415 -15.58 7.50 -9.43
CA GLY A 415 -15.25 8.37 -8.29
C GLY A 415 -13.92 7.99 -7.65
N ASP A 416 -13.35 8.93 -6.88
CA ASP A 416 -12.04 8.76 -6.26
C ASP A 416 -12.16 8.21 -4.81
N ASN A 417 -11.15 7.48 -4.36
CA ASN A 417 -11.11 7.00 -2.98
C ASN A 417 -12.31 6.13 -2.63
N VAL A 418 -12.77 5.36 -3.63
CA VAL A 418 -13.88 4.41 -3.42
C VAL A 418 -13.30 3.09 -2.89
N LEU A 419 -14.00 2.47 -1.93
CA LEU A 419 -13.55 1.23 -1.31
C LEU A 419 -14.58 0.17 -1.57
N ALA A 420 -14.17 -0.97 -2.12
CA ALA A 420 -15.06 -2.14 -2.23
C ALA A 420 -14.54 -3.27 -1.34
N THR A 421 -15.40 -3.73 -0.44
CA THR A 421 -15.12 -4.85 0.44
C THR A 421 -16.15 -5.96 0.19
N GLY A 422 -15.70 -7.06 -0.39
CA GLY A 422 -16.63 -8.15 -0.71
C GLY A 422 -17.37 -7.89 -2.02
N LEU A 423 -16.59 -7.86 -3.10
CA LEU A 423 -17.08 -7.53 -4.44
C LEU A 423 -17.23 -8.80 -5.31
N PHE A 424 -18.47 -9.14 -5.66
CA PHE A 424 -18.77 -10.34 -6.43
C PHE A 424 -19.48 -9.88 -7.74
N VAL A 425 -18.89 -10.09 -8.90
CA VAL A 425 -19.46 -9.60 -10.16
C VAL A 425 -19.21 -10.67 -11.24
N GLU A 426 -20.28 -11.10 -11.92
CA GLU A 426 -20.20 -12.27 -12.79
C GLU A 426 -21.00 -12.18 -14.07
N HIS A 427 -20.35 -12.60 -15.15
CA HIS A 427 -20.98 -13.07 -16.40
C HIS A 427 -21.27 -11.99 -17.46
N PHE A 428 -20.73 -10.79 -17.29
CA PHE A 428 -21.01 -9.70 -18.22
C PHE A 428 -20.41 -9.91 -19.62
N ASN A 429 -21.08 -9.37 -20.63
CA ASN A 429 -20.68 -9.55 -22.03
C ASN A 429 -19.33 -8.87 -22.33
N LYS A 430 -19.06 -7.80 -21.58
CA LYS A 430 -17.79 -7.12 -21.66
C LYS A 430 -17.11 -7.06 -20.28
N TYR A 431 -16.65 -5.87 -19.87
CA TYR A 431 -15.91 -5.78 -18.61
C TYR A 431 -16.84 -5.95 -17.41
N ASP A 432 -16.60 -6.94 -16.57
CA ASP A 432 -17.41 -7.10 -15.39
C ASP A 432 -17.25 -5.88 -14.48
N VAL A 433 -16.00 -5.50 -14.26
CA VAL A 433 -15.68 -4.32 -13.46
C VAL A 433 -14.68 -3.45 -14.19
N GLN A 434 -14.94 -2.15 -14.23
CA GLN A 434 -13.99 -1.17 -14.72
C GLN A 434 -13.84 -0.07 -13.65
N TRP A 435 -12.60 0.37 -13.44
CA TRP A 435 -12.28 1.31 -12.37
C TRP A 435 -11.45 2.40 -12.99
N SER A 436 -12.06 3.59 -13.05
CA SER A 436 -11.44 4.77 -13.66
C SER A 436 -11.07 5.86 -12.63
N GLY A 437 -11.69 5.85 -11.46
CA GLY A 437 -11.35 6.81 -10.42
C GLY A 437 -9.98 6.57 -9.78
N GLU A 438 -9.52 7.57 -9.03
CA GLU A 438 -8.23 7.46 -8.36
C GLU A 438 -8.34 6.81 -6.97
N ASN A 439 -7.22 6.26 -6.53
CA ASN A 439 -7.03 5.60 -5.22
C ASN A 439 -8.19 4.71 -4.77
N GLY A 440 -8.69 3.93 -5.71
CA GLY A 440 -9.58 2.83 -5.41
C GLY A 440 -8.87 1.71 -4.67
N LYS A 441 -9.62 1.08 -3.78
CA LYS A 441 -9.18 -0.13 -3.10
C LYS A 441 -10.28 -1.16 -3.24
N THR A 442 -9.89 -2.40 -3.56
CA THR A 442 -10.79 -3.57 -3.52
C THR A 442 -10.18 -4.63 -2.63
N ILE A 443 -10.94 -5.05 -1.62
CA ILE A 443 -10.55 -6.15 -0.71
C ILE A 443 -11.60 -7.27 -0.93
N PHE A 444 -11.10 -8.32 -1.58
CA PHE A 444 -11.87 -9.47 -2.05
C PHE A 444 -12.70 -9.21 -3.30
N TYR A 445 -12.37 -9.97 -4.35
CA TYR A 445 -13.09 -9.98 -5.61
C TYR A 445 -13.31 -11.42 -6.04
N GLN A 446 -14.55 -11.71 -6.42
CA GLN A 446 -14.89 -12.96 -7.09
C GLN A 446 -15.63 -12.67 -8.38
N ASN A 447 -15.11 -13.24 -9.46
CA ASN A 447 -15.71 -13.12 -10.79
C ASN A 447 -15.78 -14.47 -11.46
N ALA A 448 -16.79 -14.60 -12.33
CA ALA A 448 -16.80 -15.68 -13.35
C ALA A 448 -17.13 -15.01 -14.67
N LYS A 449 -16.49 -15.47 -15.72
CA LYS A 449 -16.70 -14.89 -17.06
C LYS A 449 -17.94 -15.53 -17.66
N ALA A 450 -18.57 -14.83 -18.60
CA ALA A 450 -19.72 -15.34 -19.33
C ALA A 450 -19.49 -16.72 -19.91
N TYR A 451 -20.39 -17.65 -19.62
CA TYR A 451 -20.24 -19.07 -20.09
C TYR A 451 -20.64 -19.20 -21.54
N ASP A 452 -21.41 -18.22 -22.02
CA ASP A 452 -22.14 -18.30 -23.27
C ASP A 452 -21.64 -17.43 -24.43
N ALA A 453 -20.41 -16.89 -24.33
CA ALA A 453 -19.78 -16.27 -25.47
C ALA A 453 -19.76 -17.29 -26.60
N PRO A 454 -20.29 -16.94 -27.78
CA PRO A 454 -20.44 -18.02 -28.77
C PRO A 454 -19.15 -18.36 -29.52
N ASP A 455 -18.30 -17.39 -29.73
CA ASP A 455 -16.99 -17.63 -30.33
C ASP A 455 -15.98 -16.54 -29.93
N GLN A 456 -14.73 -16.71 -30.37
CA GLN A 456 -13.71 -15.71 -30.06
C GLN A 456 -14.08 -14.32 -30.63
N ALA A 457 -14.62 -14.29 -31.84
CA ALA A 457 -14.94 -13.00 -32.48
C ALA A 457 -15.91 -12.18 -31.65
N ALA A 458 -16.80 -12.85 -30.92
CA ALA A 458 -17.84 -12.20 -30.11
C ALA A 458 -17.36 -11.41 -28.89
N ILE A 459 -16.18 -11.76 -28.34
CA ILE A 459 -15.66 -11.15 -27.12
C ILE A 459 -14.35 -10.42 -27.39
N GLN A 460 -14.19 -10.01 -28.62
CA GLN A 460 -12.98 -9.32 -29.02
C GLN A 460 -12.98 -7.91 -28.45
N ASN A 461 -11.81 -7.45 -28.05
CA ASN A 461 -11.67 -6.19 -27.32
C ASN A 461 -10.51 -5.43 -27.95
N GLY A 462 -10.68 -5.11 -29.25
CA GLY A 462 -9.57 -4.68 -30.06
C GLY A 462 -8.57 -5.82 -30.32
N ASP A 463 -7.33 -5.59 -29.90
CA ASP A 463 -6.22 -6.52 -30.07
C ASP A 463 -6.18 -7.57 -28.95
N ILE A 464 -7.10 -7.43 -28.00
CA ILE A 464 -7.17 -8.35 -26.85
C ILE A 464 -8.30 -9.35 -26.98
N LYS A 465 -8.00 -10.60 -26.61
CA LYS A 465 -8.99 -11.64 -26.56
C LYS A 465 -9.72 -11.58 -25.24
N GLY A 466 -11.00 -11.27 -25.32
CA GLY A 466 -11.81 -11.14 -24.13
C GLY A 466 -11.79 -9.76 -23.54
N TYR A 467 -12.61 -9.58 -22.51
CA TYR A 467 -12.64 -8.36 -21.70
C TYR A 467 -12.24 -8.76 -20.29
N ALA A 468 -11.32 -8.02 -19.69
CA ALA A 468 -10.91 -8.32 -18.32
C ALA A 468 -12.11 -8.39 -17.40
N ALA A 469 -12.02 -9.24 -16.40
CA ALA A 469 -13.02 -9.25 -15.35
C ALA A 469 -12.87 -8.00 -14.47
N TYR A 470 -11.68 -7.42 -14.46
CA TYR A 470 -11.45 -6.23 -13.62
C TYR A 470 -10.42 -5.38 -14.33
N LYS A 471 -10.88 -4.23 -14.85
CA LYS A 471 -10.05 -3.34 -15.62
C LYS A 471 -9.84 -2.02 -14.96
N VAL A 472 -8.59 -1.75 -14.65
CA VAL A 472 -8.16 -0.42 -14.22
C VAL A 472 -7.70 0.40 -15.44
N ASP A 473 -8.38 1.54 -15.67
CA ASP A 473 -8.06 2.44 -16.79
C ASP A 473 -6.64 2.91 -16.79
N ASP A 474 -6.19 3.36 -17.96
CA ASP A 474 -4.78 3.73 -18.12
C ASP A 474 -4.46 5.16 -17.61
N SER A 475 -5.48 5.98 -17.44
CA SER A 475 -5.38 7.29 -16.77
C SER A 475 -5.13 7.21 -15.25
N VAL A 476 -5.30 6.03 -14.67
CA VAL A 476 -5.27 5.91 -13.21
C VAL A 476 -3.83 5.89 -12.73
N THR A 477 -3.56 6.56 -11.60
CA THR A 477 -2.22 6.64 -11.00
C THR A 477 -2.09 5.81 -9.73
N THR A 478 -3.23 5.59 -9.07
CA THR A 478 -3.27 5.08 -7.71
C THR A 478 -4.43 4.04 -7.63
N HIS A 479 -4.10 2.77 -7.28
CA HIS A 479 -5.10 1.69 -7.12
C HIS A 479 -4.48 0.54 -6.32
N GLU A 480 -5.26 -0.16 -5.50
CA GLU A 480 -4.76 -1.32 -4.76
C GLU A 480 -5.85 -2.39 -4.57
N GLY A 481 -5.50 -3.61 -4.94
CA GLY A 481 -6.43 -4.74 -4.87
C GLY A 481 -5.83 -5.94 -4.15
N TRP A 482 -6.64 -6.60 -3.31
CA TRP A 482 -6.18 -7.74 -2.54
C TRP A 482 -7.14 -8.94 -2.66
N GLY A 483 -6.62 -10.09 -3.03
CA GLY A 483 -7.40 -11.32 -2.92
C GLY A 483 -8.53 -11.42 -3.95
N MET A 484 -8.12 -11.61 -5.20
CA MET A 484 -9.00 -11.41 -6.33
C MET A 484 -8.89 -12.49 -7.34
N GLY A 485 -10.05 -13.05 -7.69
CA GLY A 485 -10.06 -14.13 -8.66
C GLY A 485 -11.14 -14.06 -9.72
N SER A 486 -10.79 -14.56 -10.91
CA SER A 486 -11.69 -14.70 -12.05
C SER A 486 -11.66 -16.16 -12.50
N TYR A 487 -12.84 -16.76 -12.68
CA TYR A 487 -12.92 -18.11 -13.22
C TYR A 487 -13.64 -18.12 -14.55
N CYS A 488 -13.30 -19.09 -15.39
CA CYS A 488 -14.01 -19.23 -16.66
C CYS A 488 -14.51 -20.66 -16.81
N TYR A 489 -15.46 -20.82 -17.69
CA TYR A 489 -15.77 -22.13 -18.28
C TYR A 489 -16.76 -21.89 -19.38
N PHE A 490 -16.13 -21.76 -20.53
CA PHE A 490 -16.81 -21.40 -21.73
C PHE A 490 -17.50 -22.63 -22.33
N ASN A 491 -18.69 -22.91 -21.82
CA ASN A 491 -19.35 -24.17 -22.07
C ASN A 491 -20.00 -24.30 -23.40
N VAL A 492 -20.33 -23.16 -24.00
CA VAL A 492 -20.82 -23.10 -25.36
C VAL A 492 -19.67 -23.27 -26.36
N ASN A 493 -18.49 -22.76 -26.01
CA ASN A 493 -17.36 -22.86 -26.92
C ASN A 493 -16.04 -22.94 -26.17
N PRO A 494 -15.65 -24.16 -25.77
CA PRO A 494 -14.49 -24.32 -24.90
C PRO A 494 -13.13 -24.15 -25.57
N ASP A 495 -13.11 -23.79 -26.86
CA ASP A 495 -11.84 -23.47 -27.50
C ASP A 495 -11.52 -21.97 -27.34
N ILE A 496 -12.45 -21.24 -26.74
CA ILE A 496 -12.21 -19.82 -26.47
C ILE A 496 -11.02 -19.62 -25.56
N ARG A 497 -10.32 -18.49 -25.76
CA ARG A 497 -9.24 -18.05 -24.91
C ARG A 497 -9.56 -16.68 -24.34
N GLN A 498 -9.33 -16.54 -23.04
CA GLN A 498 -9.50 -15.27 -22.32
C GLN A 498 -8.09 -14.76 -22.00
N GLN A 499 -7.71 -13.59 -22.50
CA GLN A 499 -6.31 -13.17 -22.31
C GLN A 499 -5.89 -13.01 -20.86
N HIS A 500 -6.75 -12.38 -20.06
CA HIS A 500 -6.45 -12.17 -18.66
C HIS A 500 -7.71 -11.98 -17.80
N GLY A 501 -7.59 -12.25 -16.50
CA GLY A 501 -8.63 -11.86 -15.56
C GLY A 501 -8.59 -10.35 -15.26
N PHE A 502 -7.38 -9.79 -15.31
CA PHE A 502 -7.13 -8.44 -14.83
C PHE A 502 -6.32 -7.65 -15.84
N GLN A 503 -6.64 -6.36 -15.94
CA GLN A 503 -5.89 -5.46 -16.80
C GLN A 503 -5.72 -4.14 -16.08
N ALA A 504 -4.50 -3.60 -16.13
CA ALA A 504 -4.15 -2.47 -15.34
C ALA A 504 -2.79 -1.91 -15.79
N PRO A 505 -2.70 -0.56 -15.90
CA PRO A 505 -1.42 0.04 -16.30
C PRO A 505 -0.29 -0.42 -15.38
N VAL A 506 0.93 -0.47 -15.91
CA VAL A 506 2.11 -0.68 -15.11
C VAL A 506 2.61 0.68 -14.60
N LYS A 507 2.54 0.84 -13.28
CA LYS A 507 2.78 2.13 -12.59
C LYS A 507 3.07 1.80 -11.12
N PRO A 508 3.99 2.54 -10.46
CA PRO A 508 4.27 2.10 -9.08
C PRO A 508 3.12 2.20 -8.08
N GLY A 509 2.13 3.04 -8.34
CA GLY A 509 1.02 3.26 -7.43
C GLY A 509 -0.20 2.38 -7.70
N VAL A 510 -0.05 1.45 -8.63
CA VAL A 510 -1.09 0.44 -8.95
C VAL A 510 -0.55 -0.95 -8.63
N LYS A 511 -0.93 -1.52 -7.47
CA LYS A 511 -0.39 -2.81 -7.03
C LYS A 511 -1.54 -3.76 -6.84
N PHE A 512 -1.29 -5.01 -7.16
CA PHE A 512 -2.22 -6.07 -6.85
C PHE A 512 -1.51 -7.09 -5.97
N HIS A 513 -2.29 -7.64 -5.07
CA HIS A 513 -1.85 -8.68 -4.17
C HIS A 513 -2.78 -9.87 -4.28
N ASP A 514 -2.21 -11.05 -4.52
CA ASP A 514 -2.95 -12.32 -4.42
C ASP A 514 -4.05 -12.42 -5.46
N LEU A 515 -3.61 -12.51 -6.72
CA LEU A 515 -4.47 -12.67 -7.89
C LEU A 515 -4.50 -14.10 -8.39
N LEU A 516 -5.66 -14.51 -8.91
CA LEU A 516 -5.77 -15.79 -9.59
C LEU A 516 -6.75 -15.77 -10.74
N VAL A 517 -6.50 -16.68 -11.69
CA VAL A 517 -7.51 -17.11 -12.65
C VAL A 517 -7.65 -18.63 -12.62
N VAL A 518 -8.84 -19.13 -12.95
CA VAL A 518 -9.11 -20.56 -12.85
C VAL A 518 -10.05 -20.97 -13.98
N SER A 519 -9.68 -22.02 -14.72
CA SER A 519 -10.59 -22.63 -15.68
C SER A 519 -11.30 -23.85 -15.10
N LEU A 520 -12.63 -23.85 -15.14
CA LEU A 520 -13.37 -25.02 -14.69
C LEU A 520 -13.41 -26.13 -15.74
N GLY A 521 -12.83 -27.26 -15.37
CA GLY A 521 -12.84 -28.46 -16.20
C GLY A 521 -12.35 -28.24 -17.64
N GLY A 522 -11.40 -27.32 -17.84
CA GLY A 522 -10.81 -27.10 -19.15
C GLY A 522 -11.71 -26.45 -20.17
N LYS A 523 -12.74 -25.77 -19.68
CA LYS A 523 -13.72 -25.14 -20.56
C LYS A 523 -13.24 -23.73 -20.90
N GLY A 524 -12.50 -23.63 -22.00
CA GLY A 524 -11.76 -22.42 -22.29
C GLY A 524 -10.55 -22.34 -21.38
N GLN A 525 -9.66 -21.41 -21.69
CA GLN A 525 -8.46 -21.21 -20.87
C GLN A 525 -8.12 -19.73 -20.81
N TYR A 526 -7.48 -19.33 -19.71
CA TYR A 526 -6.84 -18.02 -19.61
C TYR A 526 -5.43 -18.07 -20.22
N GLU A 527 -5.03 -17.03 -20.94
CA GLU A 527 -3.64 -16.93 -21.44
C GLU A 527 -2.68 -16.41 -20.37
N HIS A 528 -3.20 -15.58 -19.46
CA HIS A 528 -2.41 -14.96 -18.41
C HIS A 528 -3.36 -14.60 -17.26
N VAL A 529 -2.78 -14.18 -16.14
CA VAL A 529 -3.57 -13.76 -14.97
C VAL A 529 -3.89 -12.28 -15.04
N ILE A 530 -2.86 -11.46 -15.22
CA ILE A 530 -3.03 -10.02 -15.32
C ILE A 530 -2.17 -9.49 -16.43
N ASN A 531 -2.75 -8.67 -17.31
CA ASN A 531 -2.09 -8.18 -18.53
C ASN A 531 -1.59 -9.30 -19.43
N ASP A 532 -0.28 -9.30 -19.70
CA ASP A 532 0.42 -10.36 -20.44
C ASP A 532 1.28 -11.20 -19.51
N ILE A 533 0.89 -11.19 -18.23
CA ILE A 533 1.77 -11.56 -17.14
C ILE A 533 1.07 -12.59 -16.25
N GLY A 534 1.86 -13.53 -15.77
CA GLY A 534 1.33 -14.69 -15.10
C GLY A 534 0.99 -15.75 -16.14
N ASP A 535 0.97 -16.98 -15.64
CA ASP A 535 0.91 -18.17 -16.46
C ASP A 535 -0.47 -18.41 -17.03
N PRO A 536 -0.54 -19.10 -18.19
CA PRO A 536 -1.86 -19.52 -18.66
C PRO A 536 -2.37 -20.67 -17.81
N THR A 537 -3.69 -20.87 -17.72
CA THR A 537 -4.20 -22.12 -17.19
C THR A 537 -4.02 -23.21 -18.25
N SER A 538 -3.77 -24.43 -17.76
CA SER A 538 -3.48 -25.59 -18.60
C SER A 538 -4.30 -26.77 -18.11
N GLY A 539 -4.62 -27.73 -18.97
CA GLY A 539 -5.30 -28.94 -18.52
C GLY A 539 -6.79 -28.81 -18.25
N ASP A 540 -7.37 -29.90 -17.71
CA ASP A 540 -8.79 -29.92 -17.35
C ASP A 540 -8.97 -29.97 -15.82
N THR A 541 -7.88 -29.76 -15.12
CA THR A 541 -7.71 -30.08 -13.72
C THR A 541 -8.19 -28.99 -12.73
N THR A 542 -8.65 -27.87 -13.28
CA THR A 542 -9.14 -26.74 -12.49
C THR A 542 -8.11 -26.25 -11.46
N ILE A 543 -6.83 -26.36 -11.82
CA ILE A 543 -5.76 -25.76 -11.02
C ILE A 543 -5.63 -24.30 -11.31
N PRO A 544 -5.73 -23.44 -10.28
CA PRO A 544 -5.55 -22.00 -10.53
C PRO A 544 -4.17 -21.67 -11.05
N SER A 545 -4.06 -20.53 -11.71
CA SER A 545 -2.78 -19.90 -12.05
C SER A 545 -2.74 -18.66 -11.18
N GLN A 546 -1.66 -18.48 -10.44
CA GLN A 546 -1.63 -17.52 -9.34
C GLN A 546 -0.59 -16.40 -9.54
N VAL A 547 -0.84 -15.27 -8.89
CA VAL A 547 0.14 -14.15 -8.85
C VAL A 547 0.13 -13.41 -7.52
N VAL A 548 1.21 -13.62 -6.76
CA VAL A 548 1.32 -13.10 -5.40
C VAL A 548 1.43 -11.57 -5.43
N SER A 549 2.39 -11.08 -6.22
CA SER A 549 2.67 -9.64 -6.27
C SER A 549 2.79 -9.02 -7.68
N PHE A 550 1.94 -8.03 -7.94
CA PHE A 550 2.02 -7.22 -9.15
C PHE A 550 2.19 -5.77 -8.69
N PRO A 551 3.05 -4.99 -9.37
CA PRO A 551 3.85 -5.15 -10.59
C PRO A 551 5.15 -5.89 -10.31
N ALA B 1 -1.81 33.49 -0.99
CA ALA B 1 -3.27 33.41 -0.88
C ALA B 1 -3.78 33.74 0.55
N GLN B 2 -4.17 32.71 1.32
CA GLN B 2 -4.51 32.90 2.73
C GLN B 2 -3.51 32.02 3.56
N GLU B 3 -3.23 32.41 4.82
CA GLU B 3 -2.07 31.80 5.53
C GLU B 3 -1.97 30.25 5.51
N VAL B 4 -0.73 29.76 5.46
CA VAL B 4 -0.51 28.33 5.46
C VAL B 4 -0.30 27.97 6.92
N VAL B 5 -1.06 26.99 7.43
CA VAL B 5 -1.15 26.76 8.87
C VAL B 5 -0.16 25.72 9.33
N GLY B 6 0.66 26.15 10.29
CA GLY B 6 1.71 25.33 10.82
C GLY B 6 1.18 24.29 11.77
N GLY B 7 1.98 23.25 11.92
CA GLY B 7 1.51 22.09 12.59
C GLY B 7 0.41 21.52 11.70
N GLY B 8 0.55 20.26 11.43
CA GLY B 8 -0.43 19.52 10.69
C GLY B 8 -0.31 18.19 11.33
N ASP B 9 -1.33 17.39 11.15
CA ASP B 9 -1.43 16.11 11.80
C ASP B 9 -0.40 15.29 11.04
N LEU B 10 0.29 14.35 11.70
CA LEU B 10 1.38 13.60 11.05
C LEU B 10 0.86 12.45 10.12
N GLY B 11 -0.46 12.33 10.10
CA GLY B 11 -1.17 11.53 9.13
C GLY B 11 -1.02 10.02 9.24
N PRO B 12 -1.49 9.31 8.20
CA PRO B 12 -1.76 7.86 8.15
C PRO B 12 -0.51 7.00 8.30
N ASN B 13 0.61 7.50 7.81
CA ASN B 13 1.79 6.65 7.84
C ASN B 13 2.94 6.96 8.73
N VAL B 14 2.69 7.85 9.68
CA VAL B 14 3.55 7.97 10.86
C VAL B 14 2.86 7.18 11.97
N LEU B 15 3.44 6.03 12.32
CA LEU B 15 2.92 5.15 13.35
C LEU B 15 3.69 5.51 14.63
N VAL B 16 2.96 5.71 15.72
CA VAL B 16 3.57 6.27 16.92
C VAL B 16 3.21 5.37 18.13
N PHE B 17 4.20 4.62 18.58
CA PHE B 17 4.04 3.67 19.69
C PHE B 17 4.67 4.21 20.98
N ASP B 18 4.07 3.88 22.12
CA ASP B 18 4.72 4.05 23.41
C ASP B 18 4.98 2.68 24.11
N PRO B 19 5.38 2.68 25.38
CA PRO B 19 5.61 1.32 25.89
C PRO B 19 4.35 0.44 26.03
N SER B 20 3.20 1.09 26.18
CA SER B 20 1.97 0.39 26.50
C SER B 20 1.19 -0.13 25.28
N THR B 21 1.66 0.22 24.08
CA THR B 21 0.89 0.00 22.88
C THR B 21 0.54 -1.47 22.58
N PRO B 22 -0.72 -1.73 22.22
CA PRO B 22 -1.00 -3.14 21.94
C PRO B 22 -0.42 -3.66 20.61
N ASP B 23 0.04 -4.90 20.63
CA ASP B 23 0.49 -5.67 19.46
C ASP B 23 1.51 -5.00 18.53
N ILE B 24 2.27 -4.08 19.09
CA ILE B 24 3.53 -3.57 18.49
C ILE B 24 4.21 -4.51 17.49
N GLN B 25 4.65 -5.69 17.92
CA GLN B 25 5.35 -6.57 16.98
C GLN B 25 4.43 -7.04 15.84
N GLY B 26 3.11 -7.02 16.06
CA GLY B 26 2.17 -7.36 14.99
C GLY B 26 1.91 -6.17 14.06
N LYS B 27 1.98 -4.95 14.58
CA LYS B 27 1.83 -3.78 13.73
C LYS B 27 3.13 -3.53 12.92
N VAL B 28 4.30 -3.83 13.50
CA VAL B 28 5.57 -3.78 12.74
C VAL B 28 5.72 -4.94 11.72
N ASP B 29 5.17 -6.12 12.02
CA ASP B 29 5.21 -7.21 11.02
C ASP B 29 4.31 -6.86 9.84
N GLU B 30 3.15 -6.26 10.11
CA GLU B 30 2.24 -5.98 9.01
C GLU B 30 2.87 -4.96 8.05
N VAL B 31 3.56 -3.96 8.59
CA VAL B 31 4.36 -3.04 7.74
C VAL B 31 5.46 -3.83 7.00
N PHE B 32 6.22 -4.67 7.70
CA PHE B 32 7.29 -5.44 7.03
C PHE B 32 6.75 -6.38 5.96
N ARG B 33 5.61 -7.00 6.26
CA ARG B 33 4.93 -7.90 5.33
C ARG B 33 4.66 -7.17 4.00
N LYS B 34 4.19 -5.93 4.11
CA LYS B 34 3.93 -5.07 2.96
C LYS B 34 5.22 -4.62 2.28
N GLN B 35 6.24 -4.32 3.08
CA GLN B 35 7.38 -3.59 2.56
C GLN B 35 8.61 -4.42 2.21
N GLU B 36 8.63 -5.66 2.65
CA GLU B 36 9.81 -6.50 2.53
C GLU B 36 10.42 -6.53 1.14
N SER B 37 9.59 -6.83 0.15
CA SER B 37 10.05 -6.92 -1.25
C SER B 37 9.43 -5.82 -2.12
N ASN B 38 8.98 -4.73 -1.47
CA ASN B 38 8.29 -3.65 -2.17
C ASN B 38 9.29 -2.64 -2.68
N GLN B 39 10.16 -3.08 -3.58
CA GLN B 39 11.35 -2.32 -3.91
C GLN B 39 11.03 -1.01 -4.63
N PHE B 40 10.01 -1.03 -5.48
CA PHE B 40 9.64 0.13 -6.27
C PHE B 40 8.19 0.58 -6.11
N GLY B 41 7.51 0.20 -5.05
CA GLY B 41 6.14 0.67 -4.83
C GLY B 41 6.06 2.02 -4.16
N THR B 42 4.83 2.52 -3.98
CA THR B 42 4.59 3.87 -3.48
C THR B 42 4.39 3.95 -2.00
N ASP B 43 4.30 2.81 -1.30
CA ASP B 43 4.10 2.86 0.17
C ASP B 43 5.34 3.40 0.87
N ARG B 44 5.08 4.24 1.85
CA ARG B 44 6.10 4.87 2.68
C ARG B 44 5.63 4.75 4.12
N TYR B 45 6.54 4.47 5.07
CA TYR B 45 6.18 4.41 6.50
C TYR B 45 7.25 4.92 7.44
N ALA B 46 6.82 5.58 8.51
CA ALA B 46 7.72 5.96 9.61
C ALA B 46 7.18 5.43 10.91
N LEU B 47 7.99 4.64 11.60
CA LEU B 47 7.64 4.08 12.89
C LEU B 47 8.39 4.89 13.93
N MET B 48 7.67 5.49 14.86
CA MET B 48 8.27 6.37 15.84
C MET B 48 8.00 5.72 17.19
N PHE B 49 8.99 5.72 18.07
CA PHE B 49 8.85 5.12 19.40
C PHE B 49 9.03 6.15 20.46
N LYS B 50 7.99 6.31 21.27
CA LYS B 50 8.06 7.27 22.37
C LYS B 50 9.07 6.77 23.41
N PRO B 51 9.66 7.69 24.20
CA PRO B 51 10.65 7.21 25.18
C PRO B 51 10.14 6.12 26.12
N GLY B 52 11.02 5.18 26.41
CA GLY B 52 10.66 4.02 27.23
C GLY B 52 11.46 2.80 26.87
N THR B 53 11.02 1.69 27.46
CA THR B 53 11.64 0.39 27.35
C THR B 53 10.67 -0.52 26.65
N TYR B 54 11.12 -1.10 25.55
CA TYR B 54 10.33 -2.07 24.80
C TYR B 54 11.02 -3.43 24.87
N ASN B 55 10.28 -4.48 25.29
CA ASN B 55 10.82 -5.83 25.36
C ASN B 55 10.14 -6.73 24.32
N ASP B 56 10.88 -7.75 23.87
CA ASP B 56 10.32 -8.85 23.08
C ASP B 56 9.93 -8.39 21.67
N ILE B 57 10.93 -7.81 21.02
CA ILE B 57 10.76 -7.09 19.74
C ILE B 57 11.91 -7.32 18.78
N ASN B 58 11.55 -7.50 17.51
CA ASN B 58 12.49 -7.67 16.45
C ASN B 58 11.96 -6.85 15.29
N ALA B 59 12.18 -5.54 15.32
CA ALA B 59 11.55 -4.65 14.34
C ALA B 59 12.23 -4.85 13.00
N GLN B 60 11.50 -5.54 12.14
CA GLN B 60 11.93 -5.87 10.81
C GLN B 60 11.72 -4.69 9.87
N ILE B 61 12.80 -4.21 9.25
CA ILE B 61 12.79 -3.00 8.42
C ILE B 61 12.86 -3.32 6.90
N GLY B 62 11.73 -3.19 6.20
CA GLY B 62 11.68 -3.39 4.75
C GLY B 62 11.96 -2.11 3.98
N PHE B 63 11.57 -2.07 2.71
CA PHE B 63 11.75 -0.89 1.90
C PHE B 63 10.93 0.30 2.43
N TYR B 64 11.49 1.50 2.23
CA TYR B 64 10.80 2.75 2.52
C TYR B 64 10.21 2.78 3.93
N THR B 65 10.99 2.25 4.86
CA THR B 65 10.64 2.22 6.28
C THR B 65 11.74 2.91 7.08
N SER B 66 11.32 3.92 7.84
CA SER B 66 12.20 4.59 8.81
C SER B 66 11.72 4.21 10.22
N ILE B 67 12.68 3.92 11.09
CA ILE B 67 12.36 3.62 12.49
C ILE B 67 13.18 4.60 13.32
N ALA B 68 12.56 5.19 14.32
CA ALA B 68 13.24 6.16 15.12
C ALA B 68 12.66 6.25 16.54
N GLY B 69 13.54 6.57 17.48
CA GLY B 69 13.16 6.89 18.85
C GLY B 69 12.86 8.39 18.98
N LEU B 70 12.09 8.74 20.02
CA LEU B 70 11.56 10.08 20.19
C LEU B 70 12.05 10.85 21.44
N GLY B 71 13.19 10.43 21.98
CA GLY B 71 13.85 11.19 23.05
C GLY B 71 14.91 12.16 22.54
N LEU B 72 15.45 12.99 23.43
CA LEU B 72 16.66 13.77 23.08
C LEU B 72 17.99 13.03 23.17
N ASN B 73 18.04 11.81 23.71
CA ASN B 73 19.21 10.94 23.46
C ASN B 73 18.79 9.52 23.01
N PRO B 74 19.69 8.77 22.37
CA PRO B 74 19.23 7.47 21.93
C PRO B 74 18.92 6.56 23.13
N ASP B 75 19.59 6.79 24.27
CA ASP B 75 19.39 5.92 25.42
C ASP B 75 18.05 6.20 26.13
N ASP B 76 17.26 7.15 25.60
CA ASP B 76 15.90 7.42 26.10
C ASP B 76 14.89 6.41 25.60
N THR B 77 15.17 5.81 24.45
CA THR B 77 14.26 4.86 23.80
C THR B 77 15.01 3.58 23.55
N THR B 78 14.73 2.59 24.42
CA THR B 78 15.50 1.38 24.49
C THR B 78 14.67 0.17 24.07
N PHE B 79 15.19 -0.56 23.09
CA PHE B 79 14.68 -1.90 22.74
C PHE B 79 15.59 -2.94 23.38
N ASN B 80 14.96 -3.93 24.02
CA ASN B 80 15.62 -5.18 24.32
C ASN B 80 15.08 -6.11 23.25
N GLY B 81 15.87 -6.21 22.20
CA GLY B 81 15.34 -6.48 20.89
C GLY B 81 16.27 -5.94 19.83
N ASP B 82 15.80 -6.00 18.58
CA ASP B 82 16.66 -5.89 17.43
C ASP B 82 15.97 -5.01 16.40
N VAL B 83 16.76 -4.24 15.68
CA VAL B 83 16.31 -3.57 14.47
C VAL B 83 17.04 -4.25 13.33
N THR B 84 16.30 -5.06 12.58
CA THR B 84 16.87 -6.05 11.72
C THR B 84 16.63 -5.74 10.25
N VAL B 85 17.71 -5.78 9.48
CA VAL B 85 17.65 -5.88 8.05
C VAL B 85 18.43 -7.13 7.66
N ASP B 86 17.73 -8.07 7.01
CA ASP B 86 18.35 -9.32 6.52
C ASP B 86 18.12 -9.55 5.00
N ALA B 87 18.52 -10.72 4.48
CA ALA B 87 18.51 -10.94 3.02
C ALA B 87 18.05 -12.32 2.51
N GLY B 88 16.81 -12.38 2.05
CA GLY B 88 16.23 -13.62 1.58
C GLY B 88 15.12 -13.23 0.65
N TRP B 89 15.37 -12.10 0.00
CA TRP B 89 14.31 -11.38 -0.67
C TRP B 89 14.67 -11.73 -2.08
N PHE B 90 15.98 -11.68 -2.41
CA PHE B 90 16.58 -12.81 -3.12
C PHE B 90 17.66 -13.50 -2.27
N ASP B 91 17.20 -14.43 -1.45
CA ASP B 91 18.00 -15.56 -0.94
C ASP B 91 19.47 -15.40 -0.49
N GLY B 92 19.70 -15.01 0.75
CA GLY B 92 21.03 -14.59 1.15
C GLY B 92 21.49 -13.26 0.52
N ASN B 93 20.89 -12.81 -0.60
CA ASN B 93 21.43 -11.59 -1.27
C ASN B 93 20.98 -10.21 -0.75
N ALA B 94 21.97 -9.35 -0.43
CA ALA B 94 21.74 -8.05 0.18
C ALA B 94 21.93 -6.81 -0.73
N THR B 95 22.51 -6.98 -1.93
CA THR B 95 22.82 -5.84 -2.80
C THR B 95 21.63 -4.97 -3.22
N GLN B 96 20.43 -5.27 -2.74
CA GLN B 96 19.28 -4.42 -3.05
C GLN B 96 18.51 -3.92 -1.85
N ASN B 97 19.13 -3.95 -0.68
CA ASN B 97 18.47 -3.52 0.55
C ASN B 97 18.65 -2.03 0.74
N PHE B 98 17.85 -1.27 -0.03
CA PHE B 98 17.91 0.16 -0.15
C PHE B 98 16.78 0.88 0.61
N TRP B 99 16.97 2.20 0.75
CA TRP B 99 15.90 3.16 1.09
C TRP B 99 15.17 2.83 2.40
N ARG B 100 15.93 2.84 3.48
CA ARG B 100 15.33 2.63 4.80
C ARG B 100 16.25 3.28 5.85
N SER B 101 15.82 3.34 7.11
CA SER B 101 16.56 4.20 8.04
C SER B 101 16.32 3.76 9.46
N ALA B 102 17.37 3.82 10.29
CA ALA B 102 17.23 3.70 11.75
C ALA B 102 17.93 4.85 12.45
N GLU B 103 17.27 5.42 13.45
CA GLU B 103 17.95 6.43 14.26
C GLU B 103 17.38 6.66 15.65
N ASN B 104 18.27 7.14 16.51
CA ASN B 104 17.90 7.67 17.82
C ASN B 104 17.25 6.60 18.71
N LEU B 105 17.86 5.41 18.72
CA LEU B 105 17.44 4.27 19.56
C LEU B 105 18.65 3.63 20.23
N ALA B 106 18.42 3.00 21.40
CA ALA B 106 19.40 2.12 21.98
C ALA B 106 18.87 0.69 21.81
N LEU B 107 19.74 -0.20 21.38
CA LEU B 107 19.41 -1.58 21.11
C LEU B 107 20.25 -2.50 22.00
N ASN B 108 19.55 -3.42 22.66
CA ASN B 108 20.18 -4.51 23.43
C ASN B 108 19.80 -5.79 22.70
N PRO B 109 20.57 -6.14 21.68
CA PRO B 109 20.12 -7.17 20.74
C PRO B 109 20.09 -8.55 21.34
N VAL B 110 19.30 -9.42 20.75
CA VAL B 110 18.75 -10.52 21.47
C VAL B 110 19.71 -11.72 21.61
N ASN B 111 20.84 -11.67 20.88
CA ASN B 111 21.99 -12.59 21.11
C ASN B 111 23.37 -11.84 21.18
N GLY B 112 23.34 -10.63 21.74
CA GLY B 112 24.50 -9.75 21.74
C GLY B 112 24.81 -9.08 20.41
N THR B 113 24.34 -9.65 19.29
CA THR B 113 24.47 -8.96 17.99
C THR B 113 23.15 -8.52 17.32
N ASN B 114 23.23 -7.36 16.63
CA ASN B 114 22.14 -6.80 15.82
C ASN B 114 22.58 -6.87 14.34
N ARG B 115 21.67 -7.29 13.46
CA ARG B 115 21.96 -7.47 12.02
C ARG B 115 21.36 -6.28 11.21
N TRP B 116 22.24 -5.50 10.57
CA TRP B 116 21.85 -4.36 9.70
C TRP B 116 22.51 -4.59 8.33
N ALA B 117 21.95 -5.54 7.59
CA ALA B 117 22.57 -6.02 6.37
C ALA B 117 22.10 -5.24 5.16
N VAL B 118 22.58 -4.01 5.02
CA VAL B 118 22.05 -3.09 4.02
C VAL B 118 23.00 -2.83 2.87
N SER B 119 22.45 -2.21 1.83
CA SER B 119 23.24 -1.58 0.80
C SER B 119 22.96 -0.07 0.82
N GLN B 120 22.85 0.58 -0.33
CA GLN B 120 22.85 2.06 -0.35
C GLN B 120 21.59 2.69 0.19
N ALA B 121 21.70 3.93 0.66
CA ALA B 121 20.57 4.72 1.15
C ALA B 121 19.87 4.04 2.31
N ALA B 122 20.68 3.58 3.26
CA ALA B 122 20.18 2.94 4.46
C ALA B 122 20.89 3.46 5.73
N PRO B 123 20.71 4.74 6.05
CA PRO B 123 21.48 5.32 7.14
C PRO B 123 21.15 4.77 8.52
N PHE B 124 22.19 4.72 9.34
CA PHE B 124 22.13 4.26 10.72
C PHE B 124 22.74 5.41 11.51
N ARG B 125 21.89 6.20 12.17
CA ARG B 125 22.33 7.45 12.79
C ARG B 125 21.93 7.55 14.24
N ARG B 126 22.85 8.03 15.08
CA ARG B 126 22.47 8.35 16.43
C ARG B 126 21.94 7.13 17.19
N MET B 127 22.60 6.01 16.97
CA MET B 127 22.23 4.76 17.58
C MET B 127 23.24 4.34 18.65
N HIS B 128 22.72 3.73 19.71
CA HIS B 128 23.57 3.13 20.75
C HIS B 128 23.30 1.61 20.74
N VAL B 129 24.24 0.85 20.17
CA VAL B 129 24.12 -0.61 20.12
C VAL B 129 24.91 -1.18 21.30
N LYS B 130 24.14 -1.64 22.28
CA LYS B 130 24.68 -2.18 23.51
C LYS B 130 24.92 -3.64 23.30
N GLY B 131 26.00 -3.92 22.59
CA GLY B 131 26.28 -5.25 22.06
C GLY B 131 26.98 -5.09 20.73
N GLY B 132 26.70 -6.00 19.80
CA GLY B 132 27.44 -6.11 18.57
C GLY B 132 26.59 -5.80 17.36
N LEU B 133 27.24 -5.68 16.19
CA LEU B 133 26.57 -5.16 14.99
C LEU B 133 27.16 -5.80 13.73
N ASN B 134 26.40 -6.70 13.11
CA ASN B 134 26.87 -7.38 11.91
C ASN B 134 26.15 -6.86 10.69
N LEU B 135 26.93 -6.41 9.72
CA LEU B 135 26.38 -5.70 8.58
C LEU B 135 26.16 -6.59 7.33
N ALA B 136 26.11 -7.91 7.51
CA ALA B 136 26.18 -8.81 6.33
C ALA B 136 25.17 -9.95 6.35
N PRO B 137 24.53 -10.21 5.21
CA PRO B 137 23.47 -11.21 5.22
C PRO B 137 23.99 -12.59 5.68
N ASP B 138 23.08 -13.45 6.13
CA ASP B 138 23.42 -14.82 6.51
C ASP B 138 23.95 -15.65 5.26
N GLY B 139 25.04 -16.39 5.46
CA GLY B 139 25.93 -16.90 4.40
C GLY B 139 26.99 -15.90 4.01
N TYR B 140 27.10 -14.81 4.80
CA TYR B 140 27.98 -13.72 4.49
C TYR B 140 27.87 -13.41 3.02
N GLY B 141 26.81 -12.72 2.63
CA GLY B 141 26.54 -12.49 1.22
C GLY B 141 26.96 -11.13 0.73
N TRP B 142 27.11 -11.09 -0.60
CA TRP B 142 27.45 -9.90 -1.37
C TRP B 142 26.60 -8.80 -0.73
N ALA B 143 27.19 -7.63 -0.51
CA ALA B 143 26.47 -6.54 0.12
C ALA B 143 27.24 -5.25 -0.17
N SER B 144 26.54 -4.12 -0.34
CA SER B 144 27.17 -2.90 -0.85
C SER B 144 26.62 -1.62 -0.17
N GLY B 145 26.67 -1.62 1.17
CA GLY B 145 26.40 -0.40 1.95
C GLY B 145 27.64 0.48 1.98
N GLY B 146 27.73 1.44 2.89
CA GLY B 146 26.76 1.70 3.93
C GLY B 146 27.26 2.90 4.73
N TYR B 147 26.49 3.30 5.73
CA TYR B 147 26.67 4.60 6.38
C TYR B 147 26.24 4.51 7.86
N ILE B 148 27.19 4.80 8.75
CA ILE B 148 26.94 4.96 10.17
C ILE B 148 27.45 6.35 10.58
N ALA B 149 26.64 7.10 11.31
CA ALA B 149 27.07 8.39 11.84
C ALA B 149 26.57 8.56 13.26
N ASP B 150 27.38 9.21 14.08
CA ASP B 150 26.95 9.64 15.41
C ASP B 150 26.41 8.50 16.26
N SER B 151 27.08 7.37 16.20
CA SER B 151 26.59 6.18 16.89
C SER B 151 27.66 5.60 17.77
N LYS B 152 27.23 4.87 18.78
CA LYS B 152 28.15 4.07 19.60
C LYS B 152 27.76 2.63 19.60
N ILE B 153 28.63 1.78 19.05
CA ILE B 153 28.44 0.33 19.13
C ILE B 153 29.41 -0.17 20.24
N ASP B 154 28.83 -0.72 21.31
CA ASP B 154 29.63 -1.17 22.47
C ASP B 154 30.62 -2.29 22.13
N GLY B 155 30.18 -3.23 21.30
CA GLY B 155 31.01 -4.33 20.85
C GLY B 155 31.62 -4.09 19.48
N GLU B 156 31.79 -5.17 18.74
CA GLU B 156 32.45 -5.13 17.46
C GLU B 156 31.47 -4.93 16.30
N VAL B 157 31.90 -4.16 15.31
CA VAL B 157 31.22 -4.11 14.02
C VAL B 157 31.91 -5.03 13.04
N GLY B 158 31.13 -5.94 12.47
CA GLY B 158 31.64 -6.91 11.52
C GLY B 158 31.04 -6.68 10.14
N PRO B 159 31.83 -6.13 9.20
CA PRO B 159 31.30 -5.92 7.87
C PRO B 159 31.19 -7.24 7.07
N TYR B 160 32.06 -8.21 7.36
CA TYR B 160 32.12 -9.49 6.64
C TYR B 160 32.10 -9.36 5.09
N SER B 161 30.94 -9.51 4.46
CA SER B 161 30.86 -9.46 2.98
C SER B 161 30.36 -8.12 2.46
N GLN B 162 30.52 -7.06 3.27
CA GLN B 162 30.26 -5.70 2.82
C GLN B 162 31.46 -5.25 2.01
N GLN B 163 31.26 -4.76 0.78
CA GLN B 163 32.42 -4.38 -0.01
C GLN B 163 33.10 -3.12 0.49
N GLN B 164 32.29 -2.16 0.94
CA GLN B 164 32.81 -0.87 1.36
C GLN B 164 31.89 -0.33 2.44
N TRP B 165 32.34 0.71 3.13
CA TRP B 165 31.58 1.27 4.25
C TRP B 165 32.16 2.60 4.69
N TYR B 166 31.30 3.51 5.15
CA TYR B 166 31.72 4.77 5.75
C TYR B 166 31.12 4.94 7.13
N THR B 167 31.97 5.26 8.10
CA THR B 167 31.53 5.59 9.46
C THR B 167 32.13 6.93 9.83
N ARG B 168 31.31 7.82 10.36
CA ARG B 168 31.89 9.03 10.97
C ARG B 168 31.36 9.33 12.36
N ASP B 169 32.22 10.02 13.11
CA ASP B 169 31.85 10.68 14.37
C ASP B 169 31.06 9.75 15.27
N SER B 170 31.70 8.63 15.56
CA SER B 170 31.10 7.54 16.27
C SER B 170 32.11 6.93 17.23
N SER B 171 31.65 5.96 18.02
CA SER B 171 32.57 5.15 18.81
C SER B 171 32.23 3.67 18.61
N VAL B 172 33.26 2.87 18.43
CA VAL B 172 33.10 1.42 18.25
C VAL B 172 34.03 0.67 19.21
N GLY B 173 33.59 -0.50 19.66
CA GLY B 173 34.40 -1.33 20.54
C GLY B 173 35.38 -2.18 19.76
N GLY B 174 35.14 -2.33 18.46
CA GLY B 174 35.97 -3.15 17.60
C GLY B 174 35.55 -3.03 16.14
N TRP B 175 36.51 -3.27 15.25
CA TRP B 175 36.26 -3.35 13.82
C TRP B 175 37.08 -4.52 13.26
N GLY B 176 36.42 -5.53 12.70
CA GLY B 176 37.07 -6.81 12.36
C GLY B 176 37.58 -7.11 10.96
N ASN B 177 37.14 -6.38 9.94
CA ASN B 177 37.78 -6.50 8.62
C ASN B 177 37.43 -5.42 7.61
N GLY B 178 38.31 -5.32 6.63
CA GLY B 178 38.05 -4.58 5.40
C GLY B 178 37.67 -5.54 4.31
N VAL B 179 37.46 -5.01 3.11
CA VAL B 179 37.10 -5.83 1.96
C VAL B 179 37.64 -4.99 0.81
N TRP B 180 36.90 -3.99 0.31
CA TRP B 180 37.46 -3.05 -0.66
C TRP B 180 37.81 -1.63 -0.13
N ASN B 181 36.95 -1.03 0.68
CA ASN B 181 37.15 0.36 1.09
C ASN B 181 36.34 0.67 2.34
N MET B 182 36.95 0.48 3.52
CA MET B 182 36.33 0.91 4.76
C MET B 182 37.01 2.21 5.17
N THR B 183 36.22 3.29 5.20
CA THR B 183 36.69 4.60 5.58
C THR B 183 36.03 5.08 6.89
N PHE B 184 36.83 5.78 7.70
CA PHE B 184 36.42 6.26 9.00
C PHE B 184 36.90 7.68 9.13
N SER B 185 36.05 8.56 9.64
CA SER B 185 36.51 9.87 10.10
C SER B 185 35.88 10.21 11.44
N GLY B 186 36.69 10.62 12.40
CA GLY B 186 36.19 10.98 13.71
C GLY B 186 35.69 9.78 14.50
N VAL B 187 36.26 8.59 14.24
CA VAL B 187 35.76 7.38 14.86
C VAL B 187 36.68 6.81 15.95
N GLU B 188 36.26 6.96 17.20
CA GLU B 188 36.95 6.42 18.33
C GLU B 188 36.82 4.88 18.24
N GLY B 189 37.96 4.19 18.19
CA GLY B 189 38.00 2.75 17.96
C GLY B 189 38.21 2.35 16.51
N ALA B 190 38.34 3.36 15.65
CA ALA B 190 38.57 3.11 14.23
C ALA B 190 39.93 2.48 14.06
N PRO B 191 39.99 1.32 13.37
CA PRO B 191 41.29 0.71 13.12
C PRO B 191 42.28 1.72 12.49
N ALA B 192 43.56 1.53 12.76
CA ALA B 192 44.57 2.47 12.29
C ALA B 192 44.72 2.36 10.77
N GLN B 193 44.91 3.51 10.13
CA GLN B 193 45.25 3.61 8.72
C GLN B 193 46.12 2.45 8.25
N SER B 194 45.63 1.65 7.31
CA SER B 194 46.50 0.63 6.74
C SER B 194 46.32 0.27 5.26
N PHE B 195 45.54 1.07 4.54
CA PHE B 195 45.33 0.88 3.10
C PHE B 195 46.69 0.70 2.44
N PRO B 196 46.82 -0.28 1.53
CA PRO B 196 45.79 -1.16 0.95
C PRO B 196 45.65 -2.57 1.52
N GLU B 197 45.97 -2.80 2.79
CA GLU B 197 45.83 -4.11 3.41
C GLU B 197 45.98 -4.06 4.94
N PRO B 198 44.93 -4.40 5.68
CA PRO B 198 43.51 -4.29 5.32
C PRO B 198 43.22 -2.87 4.73
N PRO B 199 42.25 -2.77 3.83
CA PRO B 199 42.05 -1.45 3.21
C PRO B 199 41.22 -0.44 4.04
N TYR B 200 41.88 0.07 5.08
CA TYR B 200 41.34 1.06 6.01
C TYR B 200 41.93 2.46 5.74
N THR B 201 41.02 3.39 5.47
CA THR B 201 41.30 4.80 5.36
C THR B 201 40.74 5.46 6.62
N THR B 202 41.63 5.91 7.51
CA THR B 202 41.21 6.42 8.81
C THR B 202 41.70 7.83 9.05
N LEU B 203 40.76 8.75 9.26
CA LEU B 203 41.06 10.14 9.55
C LEU B 203 40.66 10.43 11.00
N GLU B 204 41.54 11.08 11.77
CA GLU B 204 41.27 11.23 13.19
C GLU B 204 39.97 12.02 13.47
N THR B 205 39.68 13.04 12.66
CA THR B 205 38.48 13.85 12.84
C THR B 205 37.80 14.11 11.50
N THR B 206 36.52 14.46 11.57
CA THR B 206 35.80 14.88 10.39
C THR B 206 35.93 16.40 10.32
N PRO B 207 36.22 16.94 9.12
CA PRO B 207 36.56 18.36 9.01
C PRO B 207 35.47 19.27 9.60
N VAL B 208 34.24 18.99 9.23
CA VAL B 208 33.08 19.65 9.79
C VAL B 208 31.96 18.65 9.65
N SER B 209 31.10 18.57 10.67
CA SER B 209 29.85 17.84 10.55
C SER B 209 28.77 18.50 11.38
N ARG B 210 27.53 18.24 11.02
CA ARG B 210 26.39 18.74 11.77
C ARG B 210 25.35 17.62 11.70
N GLU B 211 24.88 17.17 12.85
CA GLU B 211 24.02 15.99 12.88
C GLU B 211 22.63 16.24 12.33
N LYS B 212 22.06 15.19 11.76
CA LYS B 212 20.81 15.39 11.01
C LYS B 212 19.71 15.78 12.01
N PRO B 213 18.87 16.74 11.65
CA PRO B 213 17.69 17.11 12.45
C PRO B 213 16.79 15.90 12.70
N PHE B 214 16.13 15.88 13.86
CA PHE B 214 15.16 14.83 14.09
C PHE B 214 14.02 15.25 15.01
N LEU B 215 12.91 14.54 14.87
CA LEU B 215 11.70 14.79 15.60
C LEU B 215 11.88 14.18 17.00
N TYR B 216 11.44 14.89 18.03
CA TYR B 216 11.30 14.27 19.32
C TYR B 216 10.13 14.91 20.05
N LEU B 217 9.70 14.21 21.09
CA LEU B 217 8.65 14.66 21.97
C LEU B 217 9.41 15.19 23.21
N ASP B 218 9.69 16.53 23.19
CA ASP B 218 10.16 17.37 24.33
C ASP B 218 8.92 18.11 24.68
N GLY B 219 8.42 17.93 25.87
CA GLY B 219 7.03 18.28 26.12
C GLY B 219 6.03 17.21 25.71
N ASP B 220 4.78 17.64 25.56
CA ASP B 220 3.73 16.73 25.13
C ASP B 220 3.50 17.09 23.67
N ASP B 221 4.27 18.10 23.28
CA ASP B 221 4.31 18.60 21.93
C ASP B 221 5.58 18.15 21.20
N TYR B 222 5.36 17.65 20.01
CA TYR B 222 6.44 17.28 19.13
C TYR B 222 7.32 18.50 18.91
N LYS B 223 8.61 18.25 18.76
CA LYS B 223 9.57 19.26 18.40
C LYS B 223 10.64 18.62 17.50
N VAL B 224 11.48 19.44 16.92
CA VAL B 224 12.51 18.96 16.02
C VAL B 224 13.83 19.48 16.57
N PHE B 225 14.75 18.57 16.89
CA PHE B 225 16.03 19.04 17.38
C PHE B 225 16.91 19.31 16.18
N VAL B 226 17.66 20.41 16.25
CA VAL B 226 18.55 20.90 15.21
C VAL B 226 19.94 21.02 15.83
N PRO B 227 20.73 19.97 15.69
CA PRO B 227 22.13 20.04 16.15
C PRO B 227 22.92 21.19 15.47
N ALA B 228 23.80 21.89 16.22
CA ALA B 228 24.72 22.86 15.58
C ALA B 228 25.91 22.09 15.06
N LYS B 229 26.58 22.64 14.06
CA LYS B 229 27.80 21.98 13.57
C LYS B 229 28.97 22.00 14.58
N ARG B 230 29.79 20.96 14.46
CA ARG B 230 31.09 20.94 15.10
C ARG B 230 32.11 21.00 14.00
N THR B 231 33.29 21.46 14.36
CA THR B 231 34.43 21.44 13.48
C THR B 231 35.47 20.55 14.11
N ASN B 232 36.15 19.78 13.26
CA ASN B 232 37.10 18.79 13.71
C ASN B 232 36.42 17.81 14.71
N ALA B 233 35.32 17.24 14.25
CA ALA B 233 34.50 16.33 15.05
C ALA B 233 35.14 14.95 15.28
N ARG B 234 34.89 14.41 16.46
CA ARG B 234 35.36 13.08 16.83
C ARG B 234 34.41 12.52 17.90
N GLY B 235 34.01 11.25 17.68
CA GLY B 235 33.08 10.60 18.55
C GLY B 235 31.65 11.05 18.34
N THR B 236 30.81 10.70 19.31
CA THR B 236 29.38 11.02 19.21
C THR B 236 29.08 12.43 19.74
N SER B 237 27.90 12.94 19.35
CA SER B 237 27.41 14.27 19.74
C SER B 237 26.46 14.20 20.94
N TRP B 238 26.44 13.06 21.58
CA TRP B 238 25.50 12.85 22.66
C TRP B 238 26.20 11.96 23.68
N GLY B 239 27.29 11.33 23.25
CA GLY B 239 28.25 10.73 24.16
C GLY B 239 28.47 11.60 25.41
N ASN B 240 28.32 12.93 25.24
CA ASN B 240 28.38 13.85 26.38
C ASN B 240 26.94 14.30 26.55
N GLY B 241 26.29 14.70 25.42
CA GLY B 241 24.83 14.86 25.33
C GLY B 241 24.01 15.67 26.34
N THR B 242 22.94 16.29 25.84
CA THR B 242 22.43 17.61 26.24
C THR B 242 23.23 18.49 25.24
N PRO B 243 22.95 18.22 23.95
CA PRO B 243 23.58 18.58 22.68
C PRO B 243 23.56 20.06 22.50
N GLU B 244 24.54 20.61 21.83
CA GLU B 244 24.51 22.01 21.50
C GLU B 244 23.75 22.11 20.19
N GLY B 245 22.77 22.98 20.14
CA GLY B 245 21.78 22.94 19.10
C GLY B 245 20.60 23.74 19.58
N GLU B 246 19.54 23.67 18.79
CA GLU B 246 18.26 24.21 19.19
C GLU B 246 17.11 23.31 18.87
N SER B 247 16.03 23.49 19.61
CA SER B 247 14.84 22.74 19.27
C SER B 247 13.87 23.64 18.48
N LEU B 248 12.87 23.02 17.85
CA LEU B 248 11.83 23.81 17.22
C LEU B 248 10.47 23.24 17.55
N PRO B 249 9.47 24.11 17.80
CA PRO B 249 8.09 23.61 17.89
C PRO B 249 7.59 22.98 16.59
N LEU B 250 7.02 21.78 16.67
CA LEU B 250 6.45 21.13 15.49
C LEU B 250 5.40 22.12 14.94
N ASP B 251 4.95 23.01 15.82
CA ASP B 251 4.05 24.09 15.46
C ASP B 251 4.53 25.01 14.29
N GLN B 252 5.84 25.20 14.13
CA GLN B 252 6.30 26.06 13.04
C GLN B 252 6.85 25.31 11.83
N PHE B 253 6.36 24.06 11.66
CA PHE B 253 6.49 23.31 10.41
C PHE B 253 5.16 23.21 9.66
N TYR B 254 5.19 23.49 8.38
CA TYR B 254 4.12 22.97 7.52
C TYR B 254 4.32 21.44 7.51
N VAL B 255 3.40 20.74 8.17
CA VAL B 255 3.40 19.28 8.18
C VAL B 255 2.70 18.86 6.90
N VAL B 256 3.48 18.55 5.89
CA VAL B 256 3.03 18.24 4.55
C VAL B 256 2.47 16.82 4.39
N LYS B 257 1.32 16.74 3.72
CA LYS B 257 0.82 15.50 3.12
C LYS B 257 0.73 15.64 1.60
N PRO B 258 0.81 14.50 0.88
CA PRO B 258 0.60 14.49 -0.57
C PRO B 258 -0.76 15.14 -0.95
N GLY B 259 -0.70 15.92 -2.04
CA GLY B 259 -1.71 16.94 -2.41
C GLY B 259 -1.27 18.41 -2.48
N ALA B 260 -0.01 18.71 -2.10
CA ALA B 260 0.50 20.11 -1.92
C ALA B 260 1.19 20.65 -3.17
N THR B 261 0.48 21.52 -3.88
CA THR B 261 1.10 22.49 -4.73
C THR B 261 2.44 22.86 -4.10
N ALA B 262 3.48 22.85 -4.91
CA ALA B 262 4.73 23.40 -4.45
C ALA B 262 4.58 24.90 -4.18
N GLU B 263 3.63 25.55 -4.85
CA GLU B 263 3.37 26.94 -4.51
C GLU B 263 2.90 27.05 -3.03
N THR B 264 2.04 26.13 -2.57
CA THR B 264 1.67 26.09 -1.13
C THR B 264 2.85 25.79 -0.23
N ILE B 265 3.62 24.78 -0.59
CA ILE B 265 4.85 24.48 0.12
C ILE B 265 5.75 25.71 0.08
N ASN B 266 5.80 26.35 -1.09
CA ASN B 266 6.64 27.54 -1.23
C ASN B 266 6.08 28.72 -0.44
N ALA B 267 4.76 28.85 -0.39
CA ALA B 267 4.17 29.91 0.41
C ALA B 267 4.55 29.71 1.86
N ALA B 268 4.54 28.46 2.33
CA ALA B 268 4.86 28.19 3.74
C ALA B 268 6.26 28.66 4.08
N VAL B 269 7.21 28.25 3.25
CA VAL B 269 8.59 28.64 3.47
C VAL B 269 8.74 30.18 3.41
N ASP B 270 8.09 30.78 2.41
CA ASP B 270 8.16 32.23 2.24
C ASP B 270 7.52 33.00 3.40
N GLN B 271 6.57 32.37 4.08
CA GLN B 271 5.92 33.02 5.22
C GLN B 271 6.65 32.74 6.55
N GLY B 272 7.65 31.84 6.52
CA GLY B 272 8.49 31.55 7.68
C GLY B 272 8.30 30.22 8.37
N LEU B 273 7.62 29.27 7.72
CA LEU B 273 7.47 27.92 8.27
C LEU B 273 8.61 27.02 7.77
N HIS B 274 9.03 26.09 8.60
CA HIS B 274 9.90 25.00 8.15
C HIS B 274 9.00 23.95 7.46
N LEU B 275 9.62 22.89 6.90
CA LEU B 275 8.90 21.84 6.21
C LEU B 275 9.19 20.47 6.83
N LEU B 276 8.10 19.72 7.06
CA LEU B 276 8.19 18.36 7.56
C LEU B 276 7.36 17.50 6.61
N PHE B 277 8.03 16.72 5.75
CA PHE B 277 7.31 15.90 4.79
C PHE B 277 6.98 14.58 5.43
N THR B 278 5.69 14.31 5.58
CA THR B 278 5.23 13.03 6.08
C THR B 278 5.46 11.96 5.01
N PRO B 279 5.53 10.69 5.43
CA PRO B 279 5.86 9.65 4.44
C PRO B 279 4.82 9.56 3.36
N GLY B 280 5.25 9.78 2.14
CA GLY B 280 4.38 9.81 0.98
C GLY B 280 5.19 10.09 -0.26
N VAL B 281 4.48 10.12 -1.37
CA VAL B 281 5.05 10.39 -2.69
C VAL B 281 4.38 11.65 -3.22
N TYR B 282 5.18 12.69 -3.43
CA TYR B 282 4.67 14.00 -3.74
C TYR B 282 5.08 14.38 -5.17
N HIS B 283 4.15 15.00 -5.87
CA HIS B 283 4.42 15.54 -7.20
C HIS B 283 4.48 17.05 -7.05
N VAL B 284 5.46 17.67 -7.71
CA VAL B 284 5.42 19.11 -7.95
C VAL B 284 5.45 19.38 -9.47
N ASP B 285 4.88 20.53 -9.85
CA ASP B 285 5.13 21.10 -11.18
C ASP B 285 5.64 22.51 -11.04
N GLN B 286 6.33 22.70 -9.95
CA GLN B 286 7.22 23.81 -9.76
C GLN B 286 8.18 23.37 -8.72
N PRO B 287 9.42 23.78 -8.87
CA PRO B 287 10.36 23.41 -7.82
C PRO B 287 9.94 23.97 -6.48
N ILE B 288 10.13 23.16 -5.48
CA ILE B 288 10.12 23.62 -4.12
C ILE B 288 11.26 24.62 -4.04
N GLU B 289 10.99 25.80 -3.48
CA GLU B 289 12.04 26.79 -3.25
C GLU B 289 12.17 27.08 -1.76
N ILE B 290 13.41 27.02 -1.29
CA ILE B 290 13.73 27.34 0.08
C ILE B 290 14.75 28.45 0.02
N ASP B 291 14.23 29.68 0.06
CA ASP B 291 15.05 30.87 0.05
C ASP B 291 14.85 31.71 1.30
N ARG B 292 14.86 31.02 2.43
CA ARG B 292 14.95 31.68 3.75
C ARG B 292 16.01 30.94 4.56
N ALA B 293 16.93 31.71 5.11
CA ALA B 293 17.99 31.17 5.93
C ALA B 293 17.45 30.27 7.03
N ASN B 294 18.18 29.20 7.33
CA ASN B 294 17.94 28.35 8.51
C ASN B 294 16.70 27.45 8.41
N THR B 295 16.10 27.42 7.24
CA THR B 295 14.94 26.57 6.98
C THR B 295 15.31 25.11 7.06
N VAL B 296 14.57 24.38 7.85
CA VAL B 296 14.68 22.93 7.92
C VAL B 296 13.63 22.31 7.02
N ALA B 297 14.07 21.36 6.20
CA ALA B 297 13.17 20.54 5.39
C ALA B 297 13.52 19.09 5.70
N LEU B 298 12.67 18.48 6.52
CA LEU B 298 12.94 17.17 7.05
C LEU B 298 11.90 16.19 6.55
N GLY B 299 12.34 15.14 5.87
CA GLY B 299 11.42 14.08 5.48
C GLY B 299 11.38 12.92 6.46
N LEU B 300 10.23 12.22 6.47
CA LEU B 300 9.99 11.05 7.27
C LEU B 300 9.65 9.91 6.36
N GLY B 301 10.09 8.71 6.74
CA GLY B 301 9.72 7.50 6.03
C GLY B 301 10.01 7.54 4.54
N LEU B 302 11.15 8.10 4.16
CA LEU B 302 11.56 8.12 2.76
C LEU B 302 10.56 8.88 1.88
N ALA B 303 10.00 9.96 2.45
CA ALA B 303 9.19 10.88 1.69
C ALA B 303 9.91 11.22 0.39
N THR B 304 9.11 11.25 -0.66
CA THR B 304 9.63 11.29 -2.03
C THR B 304 9.00 12.41 -2.83
N ILE B 305 9.84 13.14 -3.56
CA ILE B 305 9.40 14.24 -4.41
C ILE B 305 9.61 13.82 -5.86
N ILE B 306 8.56 13.92 -6.66
CA ILE B 306 8.64 13.66 -8.09
C ILE B 306 8.33 14.93 -8.87
N PRO B 307 9.33 15.48 -9.59
CA PRO B 307 9.06 16.69 -10.39
C PRO B 307 8.41 16.33 -11.72
N ASP B 308 7.28 16.97 -11.96
CA ASP B 308 6.56 16.85 -13.22
C ASP B 308 7.08 17.87 -14.22
N ASN B 309 6.78 17.63 -15.49
CA ASN B 309 6.92 18.69 -16.48
C ASN B 309 8.38 19.03 -16.77
N GLY B 310 9.26 18.06 -16.54
CA GLY B 310 10.68 18.30 -16.62
C GLY B 310 11.18 19.45 -15.77
N VAL B 311 10.45 19.84 -14.73
CA VAL B 311 10.98 20.90 -13.85
C VAL B 311 11.97 20.34 -12.81
N THR B 312 12.69 21.24 -12.17
CA THR B 312 13.57 20.89 -11.06
C THR B 312 12.73 20.64 -9.83
N ALA B 313 13.08 19.65 -9.02
CA ALA B 313 12.30 19.30 -7.83
C ALA B 313 12.54 20.24 -6.65
N LEU B 314 13.79 20.62 -6.43
CA LEU B 314 14.16 21.34 -5.23
C LEU B 314 15.23 22.34 -5.54
N LYS B 315 15.04 23.57 -5.10
CA LYS B 315 16.05 24.59 -5.33
C LYS B 315 16.21 25.48 -4.10
N VAL B 316 17.41 25.45 -3.53
CA VAL B 316 17.74 26.26 -2.37
C VAL B 316 18.42 27.56 -2.84
N GLY B 317 18.04 28.68 -2.23
CA GLY B 317 18.66 29.95 -2.58
C GLY B 317 20.01 30.15 -1.92
N ASP B 318 20.52 31.36 -2.09
CA ASP B 318 21.86 31.73 -1.61
C ASP B 318 21.88 32.16 -0.17
N VAL B 319 21.57 31.21 0.70
CA VAL B 319 21.31 31.53 2.09
C VAL B 319 21.98 30.56 3.03
N ASP B 320 22.32 31.10 4.21
CA ASP B 320 22.92 30.33 5.29
C ASP B 320 21.94 29.27 5.83
N GLY B 321 22.50 28.16 6.29
CA GLY B 321 21.84 27.35 7.28
C GLY B 321 20.66 26.47 6.90
N VAL B 322 20.40 26.30 5.61
CA VAL B 322 19.31 25.39 5.22
C VAL B 322 19.75 23.94 5.48
N LYS B 323 18.81 23.13 6.01
CA LYS B 323 19.07 21.75 6.38
C LYS B 323 18.04 20.86 5.69
N VAL B 324 18.42 20.26 4.57
CA VAL B 324 17.53 19.35 3.85
C VAL B 324 17.94 17.96 4.29
N ALA B 325 16.95 17.17 4.68
CA ALA B 325 17.23 15.98 5.43
C ALA B 325 16.21 14.88 5.09
N GLY B 326 16.65 13.70 4.61
CA GLY B 326 15.75 12.55 4.56
C GLY B 326 14.69 12.48 3.46
N LEU B 327 15.06 12.89 2.25
CA LEU B 327 14.14 12.89 1.10
C LEU B 327 14.72 12.11 -0.06
N LEU B 328 13.84 11.42 -0.79
CA LEU B 328 14.16 10.81 -2.09
C LEU B 328 13.57 11.70 -3.17
N VAL B 329 14.35 12.01 -4.20
CA VAL B 329 13.88 12.71 -5.37
C VAL B 329 13.90 11.69 -6.51
N ASP B 330 12.74 11.46 -7.08
CA ASP B 330 12.52 10.36 -8.02
C ASP B 330 12.19 10.99 -9.36
N ALA B 331 13.05 10.82 -10.37
CA ALA B 331 12.85 11.53 -11.64
C ALA B 331 11.54 11.13 -12.32
N GLY B 332 10.91 12.12 -12.95
CA GLY B 332 9.81 11.87 -13.85
C GLY B 332 10.30 11.44 -15.25
N PRO B 333 9.39 10.89 -16.07
CA PRO B 333 9.75 10.48 -17.44
C PRO B 333 10.02 11.66 -18.39
N VAL B 334 9.51 12.85 -18.07
CA VAL B 334 9.91 14.05 -18.79
C VAL B 334 11.25 14.54 -18.20
N ASN B 335 12.27 14.63 -19.04
CA ASN B 335 13.60 14.99 -18.58
C ASN B 335 13.61 16.31 -17.84
N SER B 336 14.22 16.30 -16.66
CA SER B 336 14.51 17.51 -15.95
C SER B 336 15.93 17.90 -16.23
N GLU B 337 16.16 19.19 -16.49
CA GLU B 337 17.52 19.67 -16.72
C GLU B 337 18.34 19.51 -15.42
N THR B 338 17.70 19.82 -14.29
CA THR B 338 18.29 19.59 -12.96
C THR B 338 17.22 18.99 -12.05
N LEU B 339 17.64 18.12 -11.11
CA LEU B 339 16.73 17.65 -10.05
C LEU B 339 16.81 18.43 -8.71
N VAL B 340 18.03 18.76 -8.27
CA VAL B 340 18.27 19.54 -7.07
C VAL B 340 19.34 20.57 -7.36
N GLU B 341 19.10 21.82 -6.96
CA GLU B 341 20.15 22.83 -6.97
C GLU B 341 20.30 23.44 -5.59
N VAL B 342 21.55 23.61 -5.16
CA VAL B 342 21.85 24.34 -3.94
C VAL B 342 22.63 25.58 -4.32
N GLY B 343 21.96 26.71 -4.17
CA GLY B 343 22.49 28.00 -4.57
C GLY B 343 22.31 28.28 -6.04
N SER B 344 22.75 29.45 -6.45
CA SER B 344 22.44 30.00 -7.76
C SER B 344 23.66 30.21 -8.61
N ASP B 345 23.42 30.67 -9.84
CA ASP B 345 24.45 30.64 -10.83
C ASP B 345 25.55 31.70 -10.72
N GLY B 346 26.70 31.24 -10.22
CA GLY B 346 27.77 32.09 -9.79
C GLY B 346 27.39 32.68 -8.43
N ALA B 347 26.59 31.91 -7.67
CA ALA B 347 26.45 32.05 -6.21
C ALA B 347 27.82 32.29 -5.60
N SER B 348 28.11 33.56 -5.29
CA SER B 348 29.42 34.03 -4.87
C SER B 348 29.80 34.18 -3.34
N GLY B 349 28.79 34.22 -2.49
CA GLY B 349 29.03 34.50 -1.08
C GLY B 349 29.48 33.23 -0.39
N ASP B 350 29.89 33.39 0.87
CA ASP B 350 30.37 32.30 1.74
C ASP B 350 29.26 31.95 2.71
N HIS B 351 29.32 30.72 3.24
CA HIS B 351 28.40 30.31 4.29
C HIS B 351 29.16 29.48 5.30
N ALA B 352 30.31 29.98 5.77
CA ALA B 352 31.23 29.14 6.54
C ALA B 352 30.73 28.85 7.94
N ALA B 353 30.22 29.87 8.62
CA ALA B 353 29.86 29.66 10.02
C ALA B 353 28.64 28.74 10.13
N ASN B 354 27.73 28.85 9.15
CA ASN B 354 26.39 28.30 9.22
C ASN B 354 26.03 27.79 7.82
N PRO B 355 26.65 26.67 7.40
CA PRO B 355 26.39 26.21 6.06
C PRO B 355 25.00 25.63 5.81
N THR B 356 24.71 25.48 4.53
CA THR B 356 23.59 24.66 4.06
C THR B 356 24.07 23.21 3.91
N SER B 357 23.21 22.26 4.27
CA SER B 357 23.57 20.86 4.09
C SER B 357 22.46 20.06 3.43
N LEU B 358 22.90 19.01 2.74
CA LEU B 358 22.04 17.92 2.28
C LEU B 358 22.41 16.68 3.09
N GLN B 359 21.43 16.04 3.72
CA GLN B 359 21.68 14.83 4.52
C GLN B 359 20.66 13.75 4.23
N ASP B 360 21.13 12.56 3.89
CA ASP B 360 20.19 11.49 3.53
C ASP B 360 19.24 12.01 2.44
N VAL B 361 19.85 12.64 1.44
CA VAL B 361 19.18 12.98 0.21
C VAL B 361 19.58 11.94 -0.84
N PHE B 362 18.56 11.33 -1.42
CA PHE B 362 18.76 10.24 -2.36
C PHE B 362 18.05 10.63 -3.64
N VAL B 363 18.67 10.32 -4.77
CA VAL B 363 18.09 10.60 -6.06
C VAL B 363 18.05 9.29 -6.84
N ARG B 364 16.94 9.12 -7.57
CA ARG B 364 16.73 7.93 -8.40
C ARG B 364 16.32 8.36 -9.78
N ILE B 365 16.96 7.77 -10.80
CA ILE B 365 16.55 8.00 -12.19
C ILE B 365 16.15 6.67 -12.81
N GLY B 366 14.84 6.47 -12.97
CA GLY B 366 14.31 5.23 -13.47
C GLY B 366 14.14 4.15 -12.40
N GLY B 367 13.62 2.98 -12.80
CA GLY B 367 13.51 1.85 -11.91
C GLY B 367 12.07 1.57 -11.51
N ALA B 368 11.28 2.64 -11.37
CA ALA B 368 9.83 2.52 -11.11
C ALA B 368 8.98 2.91 -12.33
N GLY B 369 9.65 3.07 -13.46
CA GLY B 369 9.07 3.73 -14.61
C GLY B 369 10.20 4.55 -15.23
N PRO B 370 10.13 4.78 -16.55
CA PRO B 370 11.13 5.68 -17.14
C PRO B 370 11.28 6.97 -16.34
N GLY B 371 12.52 7.38 -16.14
CA GLY B 371 12.80 8.66 -15.57
C GLY B 371 14.02 9.20 -16.27
N LYS B 372 14.11 10.52 -16.39
CA LYS B 372 15.20 11.15 -17.11
C LYS B 372 15.60 12.46 -16.43
N ALA B 373 16.90 12.71 -16.32
CA ALA B 373 17.38 13.99 -15.84
C ALA B 373 18.78 14.19 -16.37
N THR B 374 19.10 15.42 -16.72
CA THR B 374 20.40 15.69 -17.32
C THR B 374 21.49 15.76 -16.26
N THR B 375 21.27 16.57 -15.23
CA THR B 375 22.16 16.69 -14.10
C THR B 375 21.35 16.58 -12.79
N SER B 376 21.69 15.62 -11.93
CA SER B 376 20.83 15.36 -10.79
C SER B 376 20.99 16.41 -9.68
N ILE B 377 22.21 16.64 -9.21
CA ILE B 377 22.41 17.63 -8.13
C ILE B 377 23.52 18.60 -8.49
N VAL B 378 23.18 19.89 -8.50
CA VAL B 378 24.18 20.94 -8.69
C VAL B 378 24.36 21.69 -7.40
N VAL B 379 25.60 21.72 -6.90
CA VAL B 379 25.91 22.48 -5.70
C VAL B 379 26.73 23.72 -6.06
N ASN B 380 26.02 24.85 -6.15
CA ASN B 380 26.66 26.14 -6.36
C ASN B 380 27.17 26.80 -5.08
N SER B 381 26.46 26.62 -3.97
CA SER B 381 26.77 27.41 -2.76
C SER B 381 28.07 27.01 -2.09
N ASN B 382 28.87 28.01 -1.76
CA ASN B 382 30.07 27.76 -0.99
C ASN B 382 29.74 27.14 0.37
N ASP B 383 30.69 26.34 0.84
CA ASP B 383 30.69 25.77 2.20
C ASP B 383 29.62 24.69 2.45
N THR B 384 28.94 24.31 1.40
CA THR B 384 27.89 23.30 1.50
C THR B 384 28.46 21.98 2.01
N ILE B 385 27.69 21.33 2.88
CA ILE B 385 28.02 19.99 3.40
C ILE B 385 27.06 18.99 2.78
N ILE B 386 27.60 17.99 2.10
CA ILE B 386 26.80 16.88 1.56
C ILE B 386 27.17 15.67 2.42
N ASP B 387 26.28 15.29 3.34
CA ASP B 387 26.56 14.28 4.38
C ASP B 387 25.58 13.10 4.20
N HIS B 388 26.02 12.16 3.40
CA HIS B 388 25.28 10.97 2.94
C HIS B 388 24.32 11.28 1.81
N THR B 389 24.75 10.92 0.61
CA THR B 389 23.84 11.00 -0.55
C THR B 389 24.05 9.75 -1.39
N TRP B 390 22.96 9.27 -1.98
CA TRP B 390 23.05 8.23 -3.03
C TRP B 390 22.32 8.78 -4.24
N VAL B 391 23.09 9.01 -5.31
CA VAL B 391 22.58 9.55 -6.57
C VAL B 391 22.71 8.41 -7.57
N TRP B 392 21.55 7.86 -7.94
CA TRP B 392 21.48 6.55 -8.59
C TRP B 392 20.66 6.53 -9.89
N ARG B 393 21.35 6.34 -11.00
CA ARG B 393 20.67 6.02 -12.24
C ARG B 393 20.39 4.54 -12.17
N ALA B 394 19.11 4.16 -12.30
CA ALA B 394 18.75 2.77 -12.05
C ALA B 394 19.43 1.78 -13.01
N ASP B 395 19.88 0.67 -12.45
CA ASP B 395 20.44 -0.43 -13.28
C ASP B 395 19.44 -1.57 -13.42
N HIS B 396 18.37 -1.58 -12.63
CA HIS B 396 17.37 -2.63 -12.73
C HIS B 396 16.01 -2.05 -12.47
N GLY B 397 15.01 -2.74 -13.00
CA GLY B 397 13.61 -2.43 -12.73
C GLY B 397 12.90 -2.03 -14.01
N GLU B 398 11.85 -1.21 -13.87
CA GLU B 398 11.06 -0.80 -15.01
C GLU B 398 11.53 0.56 -15.49
N GLY B 399 11.58 0.75 -16.82
CA GLY B 399 11.92 2.07 -17.36
C GLY B 399 13.43 2.26 -17.40
N VAL B 400 14.16 1.17 -17.65
CA VAL B 400 15.62 1.18 -17.61
C VAL B 400 16.23 0.79 -18.96
N GLY B 401 17.16 1.62 -19.42
CA GLY B 401 17.82 1.41 -20.70
C GLY B 401 18.79 2.55 -20.96
N TRP B 402 19.79 2.30 -21.79
CA TRP B 402 20.80 3.32 -22.15
C TRP B 402 20.16 4.64 -22.57
N GLU B 403 19.02 4.60 -23.25
CA GLU B 403 18.30 5.84 -23.44
C GLU B 403 16.98 5.93 -22.67
N THR B 404 16.39 4.80 -22.30
CA THR B 404 15.11 4.82 -21.62
C THR B 404 15.18 5.58 -20.30
N ASN B 405 16.27 5.36 -19.54
CA ASN B 405 16.53 6.20 -18.35
C ASN B 405 17.90 6.90 -18.41
N ARG B 406 18.22 7.49 -19.57
CA ARG B 406 19.40 8.33 -19.71
C ARG B 406 19.50 9.38 -18.60
N ALA B 407 20.69 9.47 -18.00
CA ALA B 407 21.02 10.53 -17.06
C ALA B 407 22.51 10.75 -17.18
N ASP B 408 22.92 11.88 -17.75
CA ASP B 408 24.33 12.05 -18.12
C ASP B 408 25.23 12.36 -16.95
N TYR B 409 24.74 13.18 -16.02
CA TYR B 409 25.60 13.72 -14.97
C TYR B 409 24.92 13.57 -13.60
N GLY B 410 25.69 13.09 -12.63
CA GLY B 410 25.15 12.81 -11.31
C GLY B 410 25.17 14.02 -10.40
N VAL B 411 26.37 14.39 -10.00
CA VAL B 411 26.58 15.58 -9.17
C VAL B 411 27.59 16.50 -9.81
N HIS B 412 27.29 17.79 -9.77
CA HIS B 412 28.28 18.79 -10.21
C HIS B 412 28.47 19.82 -9.13
N VAL B 413 29.68 19.85 -8.60
CA VAL B 413 29.96 20.77 -7.50
C VAL B 413 30.71 21.94 -8.07
N LYS B 414 30.07 23.09 -7.99
CA LYS B 414 30.76 24.24 -8.52
C LYS B 414 31.05 25.27 -7.39
N GLY B 415 30.43 25.12 -6.23
CA GLY B 415 30.81 25.94 -5.08
C GLY B 415 32.19 25.63 -4.47
N ASP B 416 32.73 26.60 -3.73
CA ASP B 416 34.04 26.47 -3.09
C ASP B 416 33.89 25.94 -1.67
N ASN B 417 34.91 25.23 -1.20
CA ASN B 417 34.96 24.77 0.19
C ASN B 417 33.80 23.83 0.52
N VAL B 418 33.35 23.10 -0.48
CA VAL B 418 32.30 22.10 -0.30
C VAL B 418 32.89 20.79 0.25
N LEU B 419 32.18 20.20 1.19
CA LEU B 419 32.61 18.95 1.80
C LEU B 419 31.57 17.89 1.55
N ALA B 420 32.02 16.72 1.07
CA ALA B 420 31.15 15.57 0.91
C ALA B 420 31.62 14.46 1.82
N THR B 421 30.75 13.97 2.70
CA THR B 421 31.10 12.87 3.60
C THR B 421 30.10 11.74 3.37
N GLY B 422 30.55 10.70 2.67
CA GLY B 422 29.70 9.56 2.34
C GLY B 422 28.97 9.82 1.04
N LEU B 423 29.75 9.84 -0.03
CA LEU B 423 29.28 10.17 -1.36
C LEU B 423 29.12 8.87 -2.19
N PHE B 424 27.90 8.53 -2.57
CA PHE B 424 27.58 7.32 -3.37
C PHE B 424 26.88 7.78 -4.68
N VAL B 425 27.50 7.58 -5.84
CA VAL B 425 26.97 8.07 -7.12
C VAL B 425 27.22 7.03 -8.20
N GLU B 426 26.18 6.58 -8.89
CA GLU B 426 26.30 5.40 -9.74
C GLU B 426 25.53 5.45 -11.07
N HIS B 427 26.20 4.95 -12.12
CA HIS B 427 25.60 4.49 -13.38
C HIS B 427 25.30 5.58 -14.42
N PHE B 428 25.79 6.79 -14.22
CA PHE B 428 25.48 7.89 -15.16
C PHE B 428 26.06 7.66 -16.55
N ASN B 429 25.42 8.20 -17.60
CA ASN B 429 25.89 7.95 -18.96
C ASN B 429 27.20 8.69 -19.25
N LYS B 430 27.44 9.81 -18.55
CA LYS B 430 28.70 10.54 -18.65
C LYS B 430 29.39 10.64 -17.27
N TYR B 431 29.84 11.81 -16.85
CA TYR B 431 30.55 11.91 -15.58
C TYR B 431 29.62 11.75 -14.39
N ASP B 432 29.88 10.77 -13.51
CA ASP B 432 29.02 10.62 -12.33
C ASP B 432 29.17 11.82 -11.38
N VAL B 433 30.41 12.19 -11.12
CA VAL B 433 30.72 13.41 -10.37
C VAL B 433 31.71 14.29 -11.12
N GLN B 434 31.41 15.59 -11.19
CA GLN B 434 32.34 16.62 -11.65
C GLN B 434 32.50 17.64 -10.53
N TRP B 435 33.73 18.13 -10.36
CA TRP B 435 34.04 19.09 -9.32
C TRP B 435 34.88 20.19 -9.93
N SER B 436 34.26 21.37 -10.02
CA SER B 436 34.95 22.53 -10.59
C SER B 436 35.15 23.69 -9.59
N GLY B 437 34.47 23.62 -8.45
CA GLY B 437 34.76 24.52 -7.33
C GLY B 437 36.13 24.28 -6.73
N GLU B 438 36.62 25.26 -5.99
CA GLU B 438 37.92 25.15 -5.33
C GLU B 438 37.82 24.60 -3.90
N ASN B 439 38.94 24.08 -3.43
CA ASN B 439 39.09 23.55 -2.07
C ASN B 439 38.01 22.57 -1.63
N GLY B 440 37.48 21.83 -2.59
CA GLY B 440 36.62 20.71 -2.32
C GLY B 440 37.30 19.59 -1.54
N LYS B 441 36.48 18.88 -0.75
CA LYS B 441 36.93 17.70 -0.03
C LYS B 441 35.87 16.61 -0.05
N THR B 442 36.30 15.38 -0.32
CA THR B 442 35.41 14.21 -0.28
C THR B 442 36.05 13.15 0.62
N ILE B 443 35.29 12.73 1.62
CA ILE B 443 35.67 11.61 2.49
C ILE B 443 34.65 10.50 2.25
N PHE B 444 35.16 9.45 1.61
CA PHE B 444 34.45 8.26 1.13
C PHE B 444 33.67 8.51 -0.14
N TYR B 445 34.04 7.77 -1.20
CA TYR B 445 33.28 7.77 -2.45
C TYR B 445 33.09 6.34 -2.89
N GLN B 446 31.86 6.04 -3.28
CA GLN B 446 31.53 4.78 -3.93
C GLN B 446 30.81 5.05 -5.23
N ASN B 447 31.38 4.49 -6.31
CA ASN B 447 30.81 4.57 -7.65
C ASN B 447 30.75 3.19 -8.32
N ALA B 448 29.77 3.04 -9.20
CA ALA B 448 29.74 1.96 -10.20
C ALA B 448 29.44 2.66 -11.53
N LYS B 449 30.18 2.26 -12.55
CA LYS B 449 29.97 2.79 -13.89
C LYS B 449 28.71 2.20 -14.52
N ALA B 450 28.10 2.92 -15.47
CA ALA B 450 26.95 2.43 -16.23
C ALA B 450 27.22 1.07 -16.82
N TYR B 451 26.31 0.11 -16.60
CA TYR B 451 26.56 -1.25 -17.08
C TYR B 451 26.19 -1.41 -18.54
N ASP B 452 25.41 -0.44 -19.06
CA ASP B 452 24.68 -0.60 -20.32
C ASP B 452 25.18 0.25 -21.53
N ALA B 453 26.37 0.86 -21.44
CA ALA B 453 26.99 1.40 -22.65
C ALA B 453 26.97 0.31 -23.72
N PRO B 454 26.67 0.70 -24.97
CA PRO B 454 26.54 -0.33 -26.00
C PRO B 454 27.87 -0.83 -26.54
N ASP B 455 28.87 0.01 -26.54
CA ASP B 455 30.10 -0.26 -27.20
C ASP B 455 31.02 0.88 -26.83
N GLN B 456 32.28 0.77 -27.24
CA GLN B 456 33.26 1.81 -26.95
C GLN B 456 32.88 3.22 -27.48
N ALA B 457 32.44 3.33 -28.73
CA ALA B 457 32.24 4.67 -29.33
C ALA B 457 31.16 5.46 -28.59
N ALA B 458 30.31 4.78 -27.84
CA ALA B 458 29.24 5.49 -27.13
C ALA B 458 29.63 6.08 -25.76
N ILE B 459 30.87 5.90 -25.34
CA ILE B 459 31.36 6.47 -24.09
C ILE B 459 32.67 7.24 -24.32
N GLN B 460 32.88 7.68 -25.57
CA GLN B 460 34.14 8.31 -25.99
C GLN B 460 34.27 9.81 -25.69
N ASN B 461 34.53 10.11 -24.42
CA ASN B 461 34.86 11.45 -23.87
C ASN B 461 36.07 12.23 -24.48
N GLY B 462 35.80 13.20 -25.32
CA GLY B 462 36.84 13.78 -26.17
C GLY B 462 37.16 12.58 -27.02
N ASP B 463 38.29 11.96 -26.69
CA ASP B 463 38.62 10.58 -27.03
C ASP B 463 39.02 9.77 -25.75
N ILE B 464 39.21 10.39 -24.56
CA ILE B 464 39.47 9.55 -23.35
C ILE B 464 38.42 8.44 -23.46
N LYS B 465 38.78 7.18 -23.19
CA LYS B 465 37.80 6.09 -23.24
C LYS B 465 37.01 6.10 -21.96
N GLY B 466 35.71 6.35 -22.10
CA GLY B 466 34.84 6.44 -20.95
C GLY B 466 34.89 7.80 -20.31
N TYR B 467 33.97 8.01 -19.37
CA TYR B 467 33.91 9.21 -18.54
C TYR B 467 34.30 8.85 -17.11
N ALA B 468 35.21 9.62 -16.52
CA ALA B 468 35.59 9.40 -15.13
C ALA B 468 34.34 9.23 -14.26
N ALA B 469 34.46 8.45 -13.20
CA ALA B 469 33.48 8.47 -12.13
C ALA B 469 33.58 9.75 -11.33
N TYR B 470 34.77 10.34 -11.28
CA TYR B 470 35.00 11.49 -10.41
C TYR B 470 36.05 12.33 -11.08
N LYS B 471 35.59 13.46 -11.58
CA LYS B 471 36.38 14.38 -12.36
C LYS B 471 36.60 15.68 -11.59
N VAL B 472 37.84 16.09 -11.52
CA VAL B 472 38.21 17.41 -10.99
C VAL B 472 38.71 18.20 -12.18
N ASP B 473 38.04 19.31 -12.46
CA ASP B 473 38.36 20.18 -13.58
C ASP B 473 39.80 20.71 -13.56
N ASP B 474 40.40 20.83 -14.75
CA ASP B 474 41.80 21.27 -14.88
C ASP B 474 42.04 22.70 -14.31
N SER B 475 40.99 23.47 -14.20
CA SER B 475 41.15 24.83 -13.71
C SER B 475 41.29 24.90 -12.18
N VAL B 476 40.88 23.83 -11.50
CA VAL B 476 40.95 23.79 -10.04
C VAL B 476 42.42 23.71 -9.65
N THR B 477 42.76 24.27 -8.49
CA THR B 477 44.13 24.25 -7.97
C THR B 477 44.20 23.60 -6.56
N THR B 478 43.08 23.59 -5.81
CA THR B 478 43.01 22.82 -4.55
C THR B 478 41.80 21.88 -4.49
N HIS B 479 42.07 20.64 -4.10
CA HIS B 479 41.06 19.60 -3.92
C HIS B 479 41.68 18.50 -3.09
N GLU B 480 40.86 17.74 -2.36
CA GLU B 480 41.39 16.58 -1.63
C GLU B 480 40.32 15.50 -1.44
N GLY B 481 40.68 14.27 -1.78
CA GLY B 481 39.80 13.11 -1.62
C GLY B 481 40.45 11.93 -0.91
N TRP B 482 39.65 11.26 -0.07
CA TRP B 482 40.12 10.12 0.71
C TRP B 482 39.15 8.93 0.60
N GLY B 483 39.71 7.75 0.31
CA GLY B 483 38.93 6.52 0.39
C GLY B 483 37.85 6.47 -0.69
N MET B 484 38.29 6.27 -1.92
CA MET B 484 37.39 6.42 -3.07
C MET B 484 37.52 5.29 -4.05
N GLY B 485 36.39 4.69 -4.45
CA GLY B 485 36.42 3.56 -5.38
C GLY B 485 35.40 3.68 -6.51
N SER B 486 35.79 3.20 -7.69
CA SER B 486 34.88 3.09 -8.83
C SER B 486 34.93 1.65 -9.34
N TYR B 487 33.76 1.06 -9.53
CA TYR B 487 33.69 -0.32 -10.04
C TYR B 487 32.96 -0.38 -11.39
N CYS B 488 33.28 -1.39 -12.21
CA CYS B 488 32.61 -1.55 -13.50
C CYS B 488 32.04 -2.93 -13.66
N TYR B 489 30.95 -3.02 -14.39
CA TYR B 489 30.31 -4.29 -14.78
C TYR B 489 29.60 -4.06 -16.09
N PHE B 490 30.39 -4.05 -17.16
CA PHE B 490 29.91 -3.72 -18.49
C PHE B 490 29.35 -5.01 -19.10
N ASN B 491 28.14 -5.35 -18.69
CA ASN B 491 27.63 -6.67 -19.05
C ASN B 491 27.24 -6.68 -20.50
N VAL B 492 26.62 -5.62 -20.95
CA VAL B 492 26.07 -5.54 -22.29
C VAL B 492 27.21 -5.68 -23.28
N ASN B 493 28.35 -5.06 -22.97
CA ASN B 493 29.52 -5.17 -23.83
C ASN B 493 30.80 -5.26 -22.99
N PRO B 494 31.11 -6.49 -22.52
CA PRO B 494 32.25 -6.71 -21.61
C PRO B 494 33.61 -6.60 -22.29
N ASP B 495 33.65 -6.22 -23.58
CA ASP B 495 34.93 -5.90 -24.24
C ASP B 495 35.28 -4.41 -24.08
N ILE B 496 34.38 -3.65 -23.48
CA ILE B 496 34.62 -2.23 -23.23
C ILE B 496 35.81 -2.01 -22.29
N ARG B 497 36.53 -0.91 -22.52
CA ARG B 497 37.57 -0.41 -21.63
C ARG B 497 37.17 0.95 -21.04
N GLN B 498 37.36 1.07 -19.74
CA GLN B 498 37.18 2.32 -19.00
C GLN B 498 38.58 2.80 -18.68
N GLN B 499 38.96 3.96 -19.17
CA GLN B 499 40.34 4.37 -19.00
C GLN B 499 40.73 4.57 -17.53
N HIS B 500 39.86 5.25 -16.76
CA HIS B 500 40.14 5.46 -15.36
C HIS B 500 38.88 5.69 -14.53
N GLY B 501 39.01 5.57 -13.21
CA GLY B 501 37.95 5.94 -12.30
C GLY B 501 37.90 7.44 -12.04
N PHE B 502 39.09 8.03 -12.05
CA PHE B 502 39.32 9.41 -11.61
C PHE B 502 40.09 10.20 -12.67
N GLN B 503 39.64 11.43 -12.92
CA GLN B 503 40.35 12.42 -13.75
C GLN B 503 40.58 13.71 -13.00
N ALA B 504 41.83 14.19 -13.00
CA ALA B 504 42.21 15.40 -12.27
C ALA B 504 43.49 16.03 -12.83
N PRO B 505 43.62 17.36 -12.77
CA PRO B 505 44.91 17.91 -13.15
C PRO B 505 45.99 17.53 -12.14
N VAL B 506 47.23 17.43 -12.61
CA VAL B 506 48.38 17.17 -11.75
C VAL B 506 48.93 18.53 -11.29
N LYS B 507 48.70 18.83 -10.00
CA LYS B 507 49.03 20.12 -9.34
C LYS B 507 49.27 19.79 -7.86
N PRO B 508 50.36 20.29 -7.23
CA PRO B 508 50.39 19.93 -5.80
C PRO B 508 49.31 20.43 -4.82
N GLY B 509 48.30 21.15 -5.27
CA GLY B 509 47.16 21.45 -4.42
C GLY B 509 45.98 20.51 -4.65
N VAL B 510 46.15 19.54 -5.55
CA VAL B 510 45.07 18.57 -5.90
C VAL B 510 45.56 17.20 -5.53
N LYS B 511 44.94 16.60 -4.50
CA LYS B 511 45.53 15.46 -3.82
C LYS B 511 44.50 14.36 -3.62
N PHE B 512 44.92 13.12 -3.79
CA PHE B 512 44.08 11.99 -3.47
C PHE B 512 44.81 10.95 -2.65
N HIS B 513 44.03 10.28 -1.83
CA HIS B 513 44.49 9.25 -0.91
C HIS B 513 43.60 8.01 -1.00
N ASP B 514 44.19 6.83 -1.21
CA ASP B 514 43.44 5.58 -1.10
C ASP B 514 42.34 5.50 -2.18
N LEU B 515 42.78 5.44 -3.43
CA LEU B 515 41.92 5.22 -4.60
C LEU B 515 41.93 3.78 -5.05
N LEU B 516 40.77 3.34 -5.52
CA LEU B 516 40.68 2.01 -6.12
C LEU B 516 39.74 1.95 -7.30
N VAL B 517 40.08 1.07 -8.24
CA VAL B 517 39.10 0.60 -9.22
C VAL B 517 39.00 -0.92 -9.25
N VAL B 518 37.82 -1.42 -9.63
CA VAL B 518 37.50 -2.83 -9.54
C VAL B 518 36.61 -3.24 -10.70
N SER B 519 37.00 -4.29 -11.43
CA SER B 519 36.10 -4.91 -12.42
C SER B 519 35.37 -6.11 -11.83
N LEU B 520 34.04 -6.15 -12.03
CA LEU B 520 33.21 -7.22 -11.51
C LEU B 520 33.25 -8.41 -12.49
N GLY B 521 33.98 -9.46 -12.10
CA GLY B 521 34.05 -10.67 -12.90
C GLY B 521 34.61 -10.58 -14.34
N GLY B 522 35.49 -9.61 -14.58
CA GLY B 522 36.02 -9.43 -15.91
C GLY B 522 35.08 -8.80 -16.91
N LYS B 523 33.97 -8.21 -16.45
CA LYS B 523 33.05 -7.55 -17.36
C LYS B 523 33.48 -6.08 -17.59
N GLY B 524 34.22 -5.91 -18.66
CA GLY B 524 34.98 -4.71 -18.91
C GLY B 524 36.21 -4.68 -18.03
N GLN B 525 37.12 -3.77 -18.34
CA GLN B 525 38.28 -3.52 -17.51
C GLN B 525 38.62 -2.04 -17.47
N TYR B 526 39.28 -1.67 -16.38
CA TYR B 526 39.92 -0.34 -16.26
C TYR B 526 41.35 -0.35 -16.85
N GLU B 527 41.70 0.67 -17.61
CA GLU B 527 43.10 0.85 -18.06
C GLU B 527 44.04 1.39 -16.98
N HIS B 528 43.49 2.20 -16.07
CA HIS B 528 44.26 2.89 -15.03
C HIS B 528 43.30 3.21 -13.86
N VAL B 529 43.85 3.76 -12.80
CA VAL B 529 43.05 4.18 -11.65
C VAL B 529 42.65 5.65 -11.81
N ILE B 530 43.66 6.50 -11.99
CA ILE B 530 43.52 7.94 -12.05
C ILE B 530 44.37 8.50 -13.21
N ASN B 531 43.77 9.35 -14.06
CA ASN B 531 44.41 9.81 -15.29
C ASN B 531 45.04 8.61 -16.04
N ASP B 532 46.36 8.64 -16.24
CA ASP B 532 47.13 7.52 -16.84
C ASP B 532 47.89 6.74 -15.80
N ILE B 533 47.61 7.01 -14.54
CA ILE B 533 48.29 6.42 -13.39
C ILE B 533 47.56 5.16 -12.94
N GLY B 534 48.30 4.07 -12.95
CA GLY B 534 47.93 2.92 -12.15
C GLY B 534 47.81 1.64 -12.95
N ASP B 535 47.88 0.53 -12.21
CA ASP B 535 47.75 -0.79 -12.82
C ASP B 535 46.34 -0.89 -13.45
N PRO B 536 46.25 -1.41 -14.70
CA PRO B 536 44.89 -1.75 -15.15
C PRO B 536 44.31 -2.87 -14.30
N THR B 537 43.01 -3.06 -14.35
CA THR B 537 42.42 -4.30 -13.80
C THR B 537 42.60 -5.41 -14.83
N SER B 538 42.74 -6.64 -14.35
CA SER B 538 42.94 -7.78 -15.23
C SER B 538 42.48 -9.05 -14.55
N GLY B 539 42.43 -10.15 -15.28
CA GLY B 539 41.77 -11.35 -14.78
C GLY B 539 40.27 -11.18 -14.68
N ASP B 540 39.63 -12.16 -14.05
CA ASP B 540 38.17 -12.21 -13.85
C ASP B 540 37.92 -12.33 -12.34
N THR B 541 38.95 -12.01 -11.57
CA THR B 541 39.01 -12.37 -10.15
C THR B 541 38.52 -11.24 -9.22
N THR B 542 38.06 -10.14 -9.83
CA THR B 542 37.49 -8.99 -9.08
C THR B 542 38.47 -8.50 -8.01
N ILE B 543 39.74 -8.46 -8.37
CA ILE B 543 40.78 -7.94 -7.50
C ILE B 543 41.05 -6.46 -7.77
N PRO B 544 40.87 -5.57 -6.74
CA PRO B 544 41.05 -4.14 -7.04
C PRO B 544 42.44 -3.74 -7.49
N SER B 545 42.53 -2.65 -8.24
CA SER B 545 43.78 -1.97 -8.52
C SER B 545 43.77 -0.69 -7.72
N GLN B 546 44.89 -0.38 -7.06
CA GLN B 546 44.88 0.59 -5.97
C GLN B 546 46.00 1.63 -6.19
N VAL B 547 45.74 2.86 -5.74
CA VAL B 547 46.77 3.92 -5.71
C VAL B 547 46.71 4.60 -4.35
N VAL B 548 47.82 4.60 -3.62
CA VAL B 548 47.82 5.11 -2.25
C VAL B 548 47.91 6.64 -2.20
N SER B 549 48.91 7.21 -2.88
CA SER B 549 49.08 8.68 -2.88
C SER B 549 49.24 9.29 -4.31
N PHE B 550 48.37 10.25 -4.63
CA PHE B 550 48.42 11.03 -5.88
C PHE B 550 48.42 12.50 -5.56
N PRO B 551 49.28 13.30 -6.22
CA PRO B 551 50.30 13.00 -7.24
C PRO B 551 51.50 12.30 -6.66
C1 EDO C . -38.53 -12.50 -9.04
O1 EDO C . -37.73 -12.87 -7.90
C2 EDO C . -38.97 -11.04 -9.02
O2 EDO C . -37.83 -10.21 -8.76
H11 EDO C . -39.39 -13.15 -9.13
H12 EDO C . -37.92 -12.63 -9.94
HO1 EDO C . -37.49 -13.81 -7.96
H21 EDO C . -39.75 -10.89 -8.26
H22 EDO C . -39.40 -10.79 -9.99
HO2 EDO C . -38.10 -9.28 -8.85
C1 EDO D . -15.64 -12.63 -22.11
O1 EDO D . -14.35 -11.97 -22.08
C2 EDO D . -16.76 -11.59 -22.17
O2 EDO D . -16.61 -10.73 -21.04
H11 EDO D . -15.78 -13.24 -21.20
H12 EDO D . -15.70 -13.30 -22.97
HO1 EDO D . -13.65 -12.61 -22.23
H21 EDO D . -17.74 -12.06 -22.14
H22 EDO D . -16.68 -11.02 -23.10
HO2 EDO D . -17.31 -10.08 -21.04
C2 BGC E . 25.99 -1.92 -7.98
C3 BGC E . 24.58 -1.26 -7.94
C4 BGC E . 23.67 -2.04 -8.92
C5 BGC E . 23.72 -3.51 -8.53
C6 BGC E . 22.89 -4.47 -9.40
C1 BGC E . 25.77 -3.34 -7.47
O1 BGC E . 26.97 -4.06 -7.22
O2 BGC E . 27.09 -1.30 -7.31
O3 BGC E . 24.41 0.16 -8.02
O4 BGC E . 22.29 -1.69 -8.80
O5 BGC E . 25.04 -3.99 -8.46
O6 BGC E . 22.99 -5.73 -8.76
H2 BGC E . 25.11 -1.37 -7.66
H3 BGC E . 23.97 -1.72 -8.69
H4 BGC E . 23.96 -1.86 -9.98
H5 BGC E . 23.33 -3.58 -7.51
H61 BGC E . 23.20 -4.34 -10.44
H62 BGC E . 21.85 -4.16 -9.34
H1 BGC E . 25.19 -3.32 -6.54
HO1 BGC E . 27.74 -3.52 -7.52
HO2 BGC E . 27.10 -1.58 -6.38
HO3 BGC E . 25.27 0.57 -8.24
HO4 BGC E . 22.19 -0.97 -8.14
HO6 BGC E . 23.62 -5.67 -8.01
C1 EDO F . 7.35 6.39 -5.84
O1 EDO F . 8.49 7.24 -6.05
C2 EDO F . 7.74 4.96 -6.18
O2 EDO F . 8.67 4.47 -5.23
H11 EDO F . 6.53 6.71 -6.49
H12 EDO F . 7.03 6.44 -4.80
HO1 EDO F . 8.27 8.15 -5.81
H21 EDO F . 8.19 4.95 -7.18
H22 EDO F . 6.85 4.32 -6.20
HO2 EDO F . 8.96 3.58 -5.49
C1 EDO G . 31.12 4.93 -19.12
O1 EDO G . 32.33 5.67 -18.97
C2 EDO G . 29.93 5.90 -19.22
O2 EDO G . 29.85 6.77 -18.09
H11 EDO G . 30.98 4.27 -18.27
H12 EDO G . 31.16 4.31 -20.02
HO1 EDO G . 33.00 5.10 -18.57
H21 EDO G . 29.01 5.33 -19.30
H22 EDO G . 30.03 6.48 -20.14
HO2 EDO G . 28.93 7.00 -17.94
C1 EDO H . 50.16 5.02 4.05
O1 EDO H . 49.00 5.86 4.10
C2 EDO H . 49.65 3.63 3.92
O2 EDO H . 48.86 3.41 5.10
H11 EDO H . 50.74 5.13 4.97
H12 EDO H . 50.79 5.28 3.20
HO1 EDO H . 48.97 6.34 4.94
H21 EDO H . 50.46 2.91 3.83
H22 EDO H . 49.01 3.56 3.04
HO2 EDO H . 48.28 2.65 4.95
N VAL A 4 -48.52 12.08 3.64
CA VAL A 4 -47.07 12.09 3.94
C VAL A 4 -46.48 11.00 4.88
N VAL A 5 -47.03 9.81 5.12
CA VAL A 5 -46.84 9.27 6.48
C VAL A 5 -45.72 8.25 6.79
N GLY A 6 -44.80 8.77 7.60
CA GLY A 6 -43.86 8.05 8.43
C GLY A 6 -44.45 7.10 9.48
N GLY A 7 -43.96 5.87 9.45
CA GLY A 7 -44.41 4.80 10.32
C GLY A 7 -45.51 4.02 9.61
N GLY A 8 -46.00 2.96 10.25
CA GLY A 8 -47.01 2.10 9.62
C GLY A 8 -46.74 0.62 9.84
N ASP A 9 -47.62 -0.24 9.34
CA ASP A 9 -47.56 -1.68 9.68
C ASP A 9 -46.57 -2.38 8.79
N LEU A 10 -45.89 -3.40 9.32
CA LEU A 10 -44.77 -4.01 8.58
C LEU A 10 -45.27 -4.88 7.41
N GLY A 11 -46.59 -4.94 7.27
CA GLY A 11 -47.19 -5.77 6.27
C GLY A 11 -47.10 -7.24 6.56
N PRO A 12 -47.66 -8.03 5.66
CA PRO A 12 -47.87 -9.44 5.94
C PRO A 12 -46.66 -10.33 5.68
N ASN A 13 -45.59 -9.77 5.12
CA ASN A 13 -44.40 -10.55 4.83
C ASN A 13 -43.30 -10.38 5.90
N VAL A 14 -43.59 -9.64 6.96
CA VAL A 14 -42.69 -9.59 8.13
C VAL A 14 -43.31 -10.35 9.29
N LEU A 15 -42.71 -11.48 9.60
CA LEU A 15 -43.25 -12.37 10.63
C LEU A 15 -42.47 -12.13 11.90
N VAL A 16 -43.16 -11.62 12.90
CA VAL A 16 -42.56 -11.23 14.16
C VAL A 16 -42.96 -12.21 15.26
N PHE A 17 -41.94 -12.87 15.79
CA PHE A 17 -42.04 -13.88 16.83
C PHE A 17 -41.56 -13.34 18.17
N ASP A 18 -42.17 -13.84 19.25
CA ASP A 18 -41.58 -13.65 20.55
C ASP A 18 -41.45 -15.02 21.21
N PRO A 19 -40.70 -15.10 22.33
CA PRO A 19 -40.54 -16.35 23.08
C PRO A 19 -41.87 -17.06 23.34
N SER A 20 -42.92 -16.27 23.53
CA SER A 20 -44.22 -16.87 23.80
C SER A 20 -44.83 -17.50 22.52
N THR A 21 -44.70 -16.77 21.41
CA THR A 21 -45.36 -17.07 20.12
C THR A 21 -45.72 -18.55 19.88
N PRO A 22 -47.00 -18.85 19.58
CA PRO A 22 -47.44 -20.21 19.19
C PRO A 22 -46.70 -20.90 18.02
N ASP A 23 -46.23 -22.13 18.29
CA ASP A 23 -45.45 -22.99 17.38
C ASP A 23 -44.55 -22.27 16.35
N ILE A 24 -43.45 -21.73 16.86
CA ILE A 24 -42.46 -21.06 16.04
C ILE A 24 -41.89 -22.01 14.98
N GLN A 25 -41.55 -23.22 15.41
CA GLN A 25 -40.96 -24.21 14.52
C GLN A 25 -41.78 -24.46 13.26
N GLY A 26 -43.09 -24.72 13.42
CA GLY A 26 -43.93 -24.97 12.27
C GLY A 26 -44.11 -23.75 11.38
N LYS A 27 -44.28 -22.60 12.00
CA LYS A 27 -44.44 -21.37 11.24
C LYS A 27 -43.19 -21.14 10.38
N VAL A 28 -42.03 -21.20 11.01
CA VAL A 28 -40.77 -21.05 10.27
C VAL A 28 -40.55 -22.19 9.26
N ASP A 29 -40.96 -23.40 9.60
CA ASP A 29 -40.79 -24.50 8.63
C ASP A 29 -41.77 -24.38 7.44
N GLU A 30 -42.90 -23.69 7.61
CA GLU A 30 -43.77 -23.46 6.43
C GLU A 30 -43.18 -22.39 5.49
N VAL A 31 -42.51 -21.39 6.05
CA VAL A 31 -41.83 -20.43 5.18
C VAL A 31 -40.78 -21.21 4.40
N PHE A 32 -39.94 -21.96 5.12
CA PHE A 32 -38.91 -22.75 4.46
C PHE A 32 -39.44 -23.70 3.38
N ARG A 33 -40.62 -24.28 3.56
CA ARG A 33 -41.03 -25.24 2.53
C ARG A 33 -41.53 -24.42 1.33
N LYS A 34 -42.15 -23.27 1.59
CA LYS A 34 -42.52 -22.35 0.48
C LYS A 34 -41.30 -21.85 -0.33
N GLN A 35 -40.16 -21.70 0.34
CA GLN A 35 -39.00 -20.99 -0.24
C GLN A 35 -37.77 -21.83 -0.60
N GLU A 36 -37.71 -23.04 -0.09
CA GLU A 36 -36.52 -23.87 -0.25
C GLU A 36 -36.02 -23.99 -1.72
N SER A 37 -36.95 -24.29 -2.62
CA SER A 37 -36.64 -24.46 -4.05
C SER A 37 -37.10 -23.28 -4.92
N ASN A 38 -37.58 -22.21 -4.31
CA ASN A 38 -38.23 -21.15 -5.10
C ASN A 38 -37.25 -20.04 -5.51
N GLN A 39 -36.32 -20.48 -6.36
CA GLN A 39 -35.16 -19.69 -6.74
C GLN A 39 -35.52 -18.39 -7.45
N PHE A 40 -36.57 -18.44 -8.27
CA PHE A 40 -36.96 -17.29 -9.07
C PHE A 40 -38.41 -16.84 -8.80
N GLY A 41 -39.00 -17.33 -7.70
CA GLY A 41 -40.34 -16.92 -7.30
C GLY A 41 -40.37 -15.53 -6.74
N THR A 42 -41.59 -15.06 -6.42
CA THR A 42 -41.75 -13.67 -6.05
C THR A 42 -42.24 -13.47 -4.64
N ASP A 43 -42.29 -14.51 -3.83
CA ASP A 43 -42.48 -14.29 -2.40
C ASP A 43 -41.18 -13.78 -1.75
N ARG A 44 -41.34 -13.10 -0.62
CA ARG A 44 -40.26 -12.44 0.10
C ARG A 44 -40.66 -12.47 1.57
N TYR A 45 -39.79 -12.95 2.46
CA TYR A 45 -40.14 -13.08 3.88
C TYR A 45 -39.03 -12.59 4.77
N ALA A 46 -39.43 -11.90 5.83
CA ALA A 46 -38.49 -11.49 6.86
C ALA A 46 -38.99 -12.08 8.17
N LEU A 47 -38.08 -12.74 8.86
CA LEU A 47 -38.36 -13.33 10.17
C LEU A 47 -37.62 -12.46 11.18
N MET A 48 -38.34 -11.82 12.11
CA MET A 48 -37.63 -11.12 13.18
C MET A 48 -38.06 -11.65 14.51
N PHE A 49 -37.04 -11.84 15.30
CA PHE A 49 -37.17 -12.39 16.63
C PHE A 49 -36.95 -11.31 17.67
N LYS A 50 -37.99 -11.13 18.48
CA LYS A 50 -37.97 -10.16 19.55
C LYS A 50 -36.94 -10.64 20.60
N PRO A 51 -36.28 -9.70 21.33
CA PRO A 51 -35.28 -10.11 22.30
C PRO A 51 -35.77 -11.17 23.26
N GLY A 52 -34.87 -12.05 23.65
CA GLY A 52 -35.20 -13.16 24.50
C GLY A 52 -34.48 -14.43 24.08
N THR A 53 -35.03 -15.53 24.56
CA THR A 53 -34.42 -16.85 24.53
C THR A 53 -35.39 -17.83 23.86
N TYR A 54 -34.93 -18.44 22.75
CA TYR A 54 -35.75 -19.31 21.93
C TYR A 54 -35.17 -20.68 21.93
N ASN A 55 -36.06 -21.67 22.00
CA ASN A 55 -35.68 -22.99 22.42
C ASN A 55 -36.24 -24.03 21.49
N ASP A 56 -35.41 -25.02 21.22
CA ASP A 56 -35.78 -26.16 20.39
C ASP A 56 -36.23 -25.63 19.01
N ILE A 57 -35.22 -25.35 18.19
CA ILE A 57 -35.36 -24.51 16.99
C ILE A 57 -34.25 -24.88 15.99
N ASN A 58 -34.65 -25.33 14.80
CA ASN A 58 -33.78 -25.26 13.65
C ASN A 58 -34.51 -24.37 12.63
N ALA A 59 -34.01 -23.16 12.43
CA ALA A 59 -34.67 -22.22 11.48
C ALA A 59 -34.02 -22.30 10.11
N GLN A 60 -34.58 -23.16 9.26
CA GLN A 60 -33.99 -23.49 7.95
C GLN A 60 -34.37 -22.32 7.03
N ILE A 61 -33.37 -21.78 6.32
CA ILE A 61 -33.51 -20.55 5.55
C ILE A 61 -33.43 -20.86 4.06
N GLY A 62 -34.53 -20.60 3.36
CA GLY A 62 -34.63 -20.80 1.93
C GLY A 62 -34.35 -19.54 1.15
N PHE A 63 -34.70 -19.56 -0.14
CA PHE A 63 -34.59 -18.37 -0.95
C PHE A 63 -35.39 -17.18 -0.39
N TYR A 64 -34.89 -15.97 -0.64
CA TYR A 64 -35.58 -14.71 -0.32
C TYR A 64 -36.15 -14.67 1.09
N THR A 65 -35.34 -15.13 2.04
CA THR A 65 -35.70 -15.13 3.45
C THR A 65 -34.56 -14.49 4.24
N SER A 66 -34.91 -13.50 5.05
CA SER A 66 -33.98 -12.85 5.99
C SER A 66 -34.45 -13.20 7.39
N ILE A 67 -33.50 -13.49 8.27
CA ILE A 67 -33.83 -13.79 9.67
C ILE A 67 -32.97 -12.85 10.49
N ALA A 68 -33.57 -12.24 11.50
CA ALA A 68 -32.87 -11.25 12.30
C ALA A 68 -33.40 -11.15 13.72
N GLY A 69 -32.50 -10.87 14.65
CA GLY A 69 -32.92 -10.47 15.99
C GLY A 69 -33.33 -9.02 16.02
N LEU A 70 -34.08 -8.66 17.08
CA LEU A 70 -34.54 -7.28 17.26
C LEU A 70 -34.01 -6.62 18.53
N GLY A 71 -33.00 -7.21 19.18
CA GLY A 71 -32.33 -6.52 20.29
C GLY A 71 -31.34 -5.54 19.72
N LEU A 72 -30.74 -4.72 20.60
CA LEU A 72 -29.68 -3.83 20.21
C LEU A 72 -28.39 -4.57 19.93
N ASN A 73 -28.06 -5.51 20.83
CA ASN A 73 -26.82 -6.31 20.73
C ASN A 73 -27.21 -7.71 20.26
N PRO A 74 -26.33 -8.35 19.52
CA PRO A 74 -26.56 -9.71 19.03
C PRO A 74 -26.92 -10.74 20.14
N ASP A 75 -26.42 -10.58 21.37
CA ASP A 75 -26.70 -11.57 22.41
C ASP A 75 -28.00 -11.28 23.15
N ASP A 76 -28.77 -10.30 22.68
CA ASP A 76 -30.09 -10.00 23.26
C ASP A 76 -31.12 -11.01 22.79
N THR A 77 -30.82 -11.71 21.69
CA THR A 77 -31.75 -12.62 21.03
C THR A 77 -30.97 -13.90 20.72
N THR A 78 -31.18 -14.91 21.55
CA THR A 78 -30.39 -16.13 21.54
C THR A 78 -31.28 -17.32 21.17
N PHE A 79 -30.83 -18.07 20.19
CA PHE A 79 -31.44 -19.34 19.81
C PHE A 79 -30.56 -20.42 20.43
N ASN A 80 -31.17 -21.27 21.24
CA ASN A 80 -30.58 -22.56 21.54
C ASN A 80 -31.04 -23.51 20.47
N GLY A 81 -30.19 -23.62 19.47
CA GLY A 81 -30.58 -24.08 18.15
C GLY A 81 -29.76 -23.37 17.06
N ASP A 82 -30.37 -23.22 15.90
CA ASP A 82 -29.60 -23.14 14.66
C ASP A 82 -30.34 -22.24 13.66
N VAL A 83 -29.55 -21.65 12.79
CA VAL A 83 -30.06 -21.02 11.57
C VAL A 83 -29.31 -21.75 10.44
N THR A 84 -29.99 -22.69 9.79
CA THR A 84 -29.38 -23.66 8.87
C THR A 84 -29.61 -23.32 7.38
N VAL A 85 -28.52 -23.26 6.61
CA VAL A 85 -28.63 -23.36 5.16
C VAL A 85 -27.81 -24.59 4.70
N ASP A 86 -28.39 -25.32 3.78
CA ASP A 86 -27.98 -26.66 3.47
C ASP A 86 -28.41 -26.81 2.00
N ALA A 87 -28.01 -27.89 1.33
CA ALA A 87 -28.22 -27.99 -0.13
C ALA A 87 -29.05 -29.20 -0.51
N GLY A 88 -29.74 -29.77 0.50
CA GLY A 88 -30.59 -30.93 0.29
C GLY A 88 -31.59 -30.80 -0.86
N TRP A 89 -32.20 -29.63 -1.02
CA TRP A 89 -33.19 -29.40 -2.07
C TRP A 89 -32.60 -29.54 -3.45
N PHE A 90 -31.28 -29.45 -3.51
CA PHE A 90 -30.59 -29.81 -4.71
C PHE A 90 -29.75 -31.07 -4.48
N ASP A 91 -30.00 -31.76 -3.37
CA ASP A 91 -29.20 -32.91 -3.02
C ASP A 91 -27.71 -32.56 -3.29
N GLY A 92 -27.24 -31.55 -2.57
CA GLY A 92 -25.82 -31.50 -2.18
C GLY A 92 -24.81 -30.58 -2.86
N ASN A 93 -25.18 -30.04 -4.00
CA ASN A 93 -24.46 -28.95 -4.61
C ASN A 93 -25.03 -27.62 -4.08
N ALA A 94 -24.19 -26.81 -3.42
CA ALA A 94 -24.64 -25.58 -2.75
C ALA A 94 -24.46 -24.32 -3.61
N THR A 95 -24.07 -24.50 -4.87
CA THR A 95 -23.71 -23.34 -5.71
C THR A 95 -24.89 -22.50 -6.16
N GLN A 96 -26.11 -22.89 -5.79
CA GLN A 96 -27.27 -22.03 -6.11
C GLN A 96 -28.04 -21.55 -4.86
N ASN A 97 -27.43 -21.65 -3.66
CA ASN A 97 -28.07 -21.14 -2.43
C ASN A 97 -27.83 -19.62 -2.25
N PHE A 98 -28.63 -18.86 -2.99
CA PHE A 98 -28.52 -17.41 -3.07
C PHE A 98 -29.62 -16.68 -2.28
N TRP A 99 -29.40 -15.36 -2.15
CA TRP A 99 -30.45 -14.35 -1.82
C TRP A 99 -31.15 -14.68 -0.49
N ARG A 100 -30.39 -14.66 0.59
CA ARG A 100 -30.98 -14.86 1.92
C ARG A 100 -30.05 -14.20 2.94
N SER A 101 -30.49 -14.06 4.20
CA SER A 101 -29.75 -13.17 5.14
C SER A 101 -29.92 -13.67 6.57
N ALA A 102 -28.86 -13.62 7.37
CA ALA A 102 -29.00 -13.76 8.84
C ALA A 102 -28.26 -12.62 9.53
N GLU A 103 -28.88 -12.02 10.54
CA GLU A 103 -28.20 -10.97 11.29
C GLU A 103 -28.68 -10.81 12.72
N ASN A 104 -27.78 -10.34 13.56
CA ASN A 104 -28.14 -9.84 14.90
C ASN A 104 -28.80 -10.88 15.82
N LEU A 105 -28.19 -12.06 15.81
CA LEU A 105 -28.57 -13.17 16.66
C LEU A 105 -27.38 -13.84 17.30
N ALA A 106 -27.62 -14.39 18.50
CA ALA A 106 -26.69 -15.36 19.09
C ALA A 106 -27.23 -16.76 18.86
N LEU A 107 -26.37 -17.68 18.44
CA LEU A 107 -26.73 -19.08 18.19
C LEU A 107 -25.92 -19.98 19.12
N ASN A 108 -26.62 -20.92 19.74
CA ASN A 108 -26.04 -21.99 20.54
C ASN A 108 -26.34 -23.30 19.80
N PRO A 109 -25.55 -23.61 18.77
CA PRO A 109 -25.92 -24.62 17.76
C PRO A 109 -26.17 -25.98 18.34
N VAL A 110 -27.11 -26.69 17.75
CA VAL A 110 -27.50 -27.97 18.28
C VAL A 110 -26.36 -28.94 18.42
N ASN A 111 -25.53 -29.14 17.42
CA ASN A 111 -24.49 -30.20 17.67
C ASN A 111 -23.10 -29.58 17.89
N GLY A 112 -23.06 -28.35 18.41
CA GLY A 112 -21.80 -27.66 18.64
C GLY A 112 -21.43 -26.80 17.44
N THR A 113 -22.17 -26.97 16.36
CA THR A 113 -21.79 -26.38 15.08
C THR A 113 -23.00 -26.05 14.23
N ASN A 114 -22.99 -24.83 13.71
CA ASN A 114 -24.08 -24.33 12.86
C ASN A 114 -23.65 -24.41 11.42
N ARG A 115 -24.55 -24.89 10.56
CA ARG A 115 -24.29 -25.01 9.13
C ARG A 115 -24.88 -23.83 8.35
N TRP A 116 -24.01 -23.12 7.63
CA TRP A 116 -24.44 -22.01 6.78
C TRP A 116 -23.82 -22.19 5.38
N ALA A 117 -24.36 -23.16 4.62
CA ALA A 117 -23.73 -23.65 3.40
C ALA A 117 -24.24 -22.90 2.18
N VAL A 118 -23.79 -21.66 2.05
CA VAL A 118 -24.35 -20.75 1.05
C VAL A 118 -23.40 -20.42 -0.10
N SER A 119 -23.97 -19.80 -1.15
CA SER A 119 -23.17 -19.18 -2.21
C SER A 119 -23.38 -17.67 -2.15
N GLN A 120 -23.53 -17.00 -3.29
CA GLN A 120 -23.51 -15.54 -3.30
C GLN A 120 -24.79 -14.90 -2.78
N ALA A 121 -24.66 -13.65 -2.32
CA ALA A 121 -25.79 -12.86 -1.80
C ALA A 121 -26.48 -13.53 -0.63
N ALA A 122 -25.66 -14.05 0.29
CA ALA A 122 -26.13 -14.68 1.50
C ALA A 122 -25.40 -14.16 2.74
N PRO A 123 -25.53 -12.86 3.04
CA PRO A 123 -24.72 -12.27 4.11
C PRO A 123 -25.06 -12.80 5.50
N PHE A 124 -24.04 -12.81 6.36
CA PHE A 124 -24.10 -13.33 7.72
C PHE A 124 -23.43 -12.20 8.52
N ARG A 125 -24.25 -11.40 9.20
CA ARG A 125 -23.76 -10.16 9.82
C ARG A 125 -24.14 -10.06 11.29
N ARG A 126 -23.23 -9.52 12.10
CA ARG A 126 -23.56 -9.21 13.49
C ARG A 126 -24.16 -10.43 14.19
N MET A 127 -23.49 -11.57 13.97
CA MET A 127 -23.87 -12.84 14.54
C MET A 127 -22.88 -13.29 15.60
N HIS A 128 -23.41 -13.88 16.67
CA HIS A 128 -22.57 -14.51 17.70
C HIS A 128 -22.85 -16.02 17.70
N VAL A 129 -21.94 -16.79 17.11
CA VAL A 129 -22.06 -18.25 17.14
C VAL A 129 -21.26 -18.78 18.33
N LYS A 130 -21.98 -19.35 19.29
CA LYS A 130 -21.37 -19.99 20.45
C LYS A 130 -20.96 -21.43 20.13
N GLY A 131 -19.94 -21.56 19.31
CA GLY A 131 -19.54 -22.85 18.79
C GLY A 131 -18.93 -22.64 17.42
N GLY A 132 -18.97 -23.67 16.59
CA GLY A 132 -18.34 -23.64 15.28
C GLY A 132 -19.32 -23.25 14.19
N LEU A 133 -18.77 -22.90 13.03
CA LEU A 133 -19.55 -22.57 11.82
C LEU A 133 -19.03 -23.38 10.64
N ASN A 134 -19.89 -24.27 10.12
CA ASN A 134 -19.57 -25.09 8.94
C ASN A 134 -20.19 -24.34 7.76
N LEU A 135 -19.38 -24.02 6.77
CA LEU A 135 -19.85 -23.29 5.59
C LEU A 135 -20.06 -24.22 4.42
N ALA A 136 -19.78 -25.49 4.63
CA ALA A 136 -19.84 -26.41 3.52
C ALA A 136 -21.07 -27.28 3.62
N PRO A 137 -21.67 -27.57 2.47
CA PRO A 137 -22.52 -28.74 2.48
C PRO A 137 -21.70 -30.00 2.79
N ASP A 138 -22.38 -31.14 2.75
CA ASP A 138 -22.03 -32.38 3.48
C ASP A 138 -21.60 -33.50 2.48
N GLY A 139 -20.30 -33.61 2.22
CA GLY A 139 -19.81 -34.47 1.16
C GLY A 139 -18.86 -33.71 0.24
N TYR A 140 -18.35 -32.58 0.75
CA TYR A 140 -17.51 -31.67 0.03
C TYR A 140 -18.17 -31.35 -1.31
N GLY A 141 -19.41 -30.85 -1.26
CA GLY A 141 -20.16 -30.52 -2.46
C GLY A 141 -19.61 -29.24 -3.06
N TRP A 142 -19.95 -28.93 -4.30
CA TRP A 142 -19.74 -27.59 -4.86
C TRP A 142 -20.27 -26.52 -3.88
N ALA A 143 -19.47 -25.48 -3.60
CA ALA A 143 -19.98 -24.35 -2.82
C ALA A 143 -19.22 -23.05 -3.18
N SER A 144 -19.94 -21.92 -3.31
CA SER A 144 -19.35 -20.67 -3.86
C SER A 144 -19.82 -19.38 -3.18
N GLY A 145 -19.59 -19.30 -1.87
CA GLY A 145 -19.83 -18.09 -1.10
C GLY A 145 -18.65 -17.14 -1.11
N GLY A 146 -18.57 -16.21 -0.15
CA GLY A 146 -19.54 -15.95 0.90
C GLY A 146 -19.04 -14.76 1.67
N TYR A 147 -19.83 -14.31 2.65
CA TYR A 147 -19.59 -13.05 3.32
C TYR A 147 -20.01 -13.12 4.79
N ILE A 148 -19.03 -12.88 5.66
CA ILE A 148 -19.23 -12.69 7.09
C ILE A 148 -18.66 -11.33 7.49
N ALA A 149 -19.46 -10.55 8.20
CA ALA A 149 -18.97 -9.30 8.79
C ALA A 149 -19.50 -9.08 10.21
N ASP A 150 -18.64 -8.46 11.01
CA ASP A 150 -19.03 -7.99 12.33
C ASP A 150 -19.57 -9.10 13.21
N SER A 151 -18.97 -10.28 13.08
CA SER A 151 -19.44 -11.47 13.79
C SER A 151 -18.38 -12.06 14.69
N LYS A 152 -18.84 -12.77 15.73
CA LYS A 152 -17.94 -13.56 16.57
C LYS A 152 -18.33 -15.02 16.52
N ILE A 153 -17.39 -15.85 16.09
CA ILE A 153 -17.57 -17.27 16.05
C ILE A 153 -16.73 -17.83 17.21
N ASP A 154 -17.37 -18.32 18.28
CA ASP A 154 -16.63 -18.83 19.45
C ASP A 154 -15.74 -20.05 19.07
N GLY A 155 -16.12 -20.77 18.01
CA GLY A 155 -15.43 -21.97 17.60
C GLY A 155 -14.71 -21.80 16.26
N GLU A 156 -14.43 -22.93 15.64
CA GLU A 156 -13.73 -22.95 14.37
C GLU A 156 -14.69 -22.63 13.27
N VAL A 157 -14.25 -21.82 12.32
CA VAL A 157 -14.95 -21.70 11.05
C VAL A 157 -14.38 -22.75 10.09
N GLY A 158 -15.27 -23.60 9.56
CA GLY A 158 -14.91 -24.64 8.61
C GLY A 158 -15.45 -24.36 7.20
N PRO A 159 -14.56 -24.00 6.25
CA PRO A 159 -15.10 -23.75 4.92
C PRO A 159 -15.24 -25.03 4.10
N TYR A 160 -14.39 -26.01 4.40
CA TYR A 160 -14.21 -27.26 3.64
C TYR A 160 -14.17 -27.06 2.11
N SER A 161 -15.28 -27.34 1.41
CA SER A 161 -15.29 -27.30 -0.04
C SER A 161 -15.58 -25.93 -0.62
N GLN A 162 -15.87 -24.94 0.22
CA GLN A 162 -16.14 -23.59 -0.27
C GLN A 162 -14.98 -23.07 -1.13
N GLN A 163 -15.26 -22.51 -2.30
CA GLN A 163 -14.19 -22.06 -3.19
C GLN A 163 -13.43 -20.84 -2.66
N GLN A 164 -14.18 -19.87 -2.18
CA GLN A 164 -13.61 -18.59 -1.77
C GLN A 164 -14.45 -18.05 -0.61
N TRP A 165 -13.99 -17.00 0.04
CA TRP A 165 -14.73 -16.42 1.16
C TRP A 165 -14.11 -15.10 1.57
N TYR A 166 -14.96 -14.16 2.01
CA TYR A 166 -14.50 -12.94 2.61
C TYR A 166 -15.04 -12.79 4.02
N THR A 167 -14.16 -12.46 4.95
CA THR A 167 -14.57 -12.21 6.33
C THR A 167 -13.97 -10.83 6.71
N ARG A 168 -14.77 -9.95 7.30
CA ARG A 168 -14.21 -8.69 7.83
C ARG A 168 -14.70 -8.36 9.22
N ASP A 169 -13.82 -7.68 9.96
CA ASP A 169 -14.17 -6.96 11.20
C ASP A 169 -14.96 -7.89 12.11
N SER A 170 -14.31 -9.01 12.42
CA SER A 170 -14.90 -10.11 13.15
C SER A 170 -13.85 -10.73 14.08
N SER A 171 -14.27 -11.80 14.76
CA SER A 171 -13.43 -12.64 15.60
C SER A 171 -13.80 -14.12 15.39
N VAL A 172 -12.81 -14.99 15.17
CA VAL A 172 -13.05 -16.42 15.11
C VAL A 172 -12.08 -17.18 16.03
N GLY A 173 -12.52 -18.33 16.50
CA GLY A 173 -11.70 -19.16 17.35
C GLY A 173 -10.78 -20.12 16.60
N GLY A 174 -11.02 -20.26 15.31
CA GLY A 174 -10.28 -21.18 14.45
C GLY A 174 -10.74 -21.01 13.00
N TRP A 175 -9.85 -21.35 12.06
CA TRP A 175 -10.16 -21.32 10.64
C TRP A 175 -9.51 -22.55 10.00
N GLY A 176 -10.33 -23.41 9.42
CA GLY A 176 -9.88 -24.77 9.11
C GLY A 176 -9.10 -24.97 7.81
N ASN A 177 -9.44 -24.20 6.77
CA ASN A 177 -8.79 -24.37 5.48
C ASN A 177 -9.10 -23.27 4.46
N GLY A 178 -8.24 -23.26 3.44
CA GLY A 178 -8.42 -22.46 2.26
C GLY A 178 -8.57 -23.35 1.04
N VAL A 179 -9.27 -22.85 0.03
CA VAL A 179 -9.60 -23.62 -1.14
C VAL A 179 -8.97 -22.91 -2.36
N TRP A 180 -9.54 -21.79 -2.81
CA TRP A 180 -8.89 -20.92 -3.81
C TRP A 180 -8.58 -19.50 -3.32
N ASN A 181 -9.46 -18.92 -2.50
CA ASN A 181 -9.27 -17.51 -2.10
C ASN A 181 -10.05 -17.20 -0.85
N MET A 182 -9.40 -17.34 0.30
CA MET A 182 -9.97 -16.92 1.58
C MET A 182 -9.30 -15.60 1.98
N THR A 183 -10.10 -14.54 2.05
CA THR A 183 -9.60 -13.21 2.38
C THR A 183 -10.22 -12.73 3.69
N PHE A 184 -9.38 -12.06 4.50
CA PHE A 184 -9.75 -11.55 5.81
C PHE A 184 -9.25 -10.12 5.92
N SER A 185 -10.08 -9.22 6.46
CA SER A 185 -9.58 -7.90 6.86
C SER A 185 -10.16 -7.55 8.24
N GLY A 186 -9.27 -7.23 9.16
CA GLY A 186 -9.70 -6.95 10.53
C GLY A 186 -10.31 -8.13 11.28
N VAL A 187 -9.80 -9.33 11.02
CA VAL A 187 -10.35 -10.51 11.67
C VAL A 187 -9.42 -11.09 12.70
N GLU A 188 -9.88 -11.01 13.96
CA GLU A 188 -9.15 -11.61 15.10
C GLU A 188 -9.16 -13.12 15.05
N GLY A 189 -7.98 -13.73 15.02
CA GLY A 189 -7.91 -15.16 14.88
C GLY A 189 -7.91 -15.63 13.42
N ALA A 190 -7.75 -14.69 12.50
CA ALA A 190 -7.64 -15.08 11.11
C ALA A 190 -6.37 -15.89 10.95
N PRO A 191 -6.36 -16.80 9.97
CA PRO A 191 -5.09 -17.50 9.73
C PRO A 191 -4.08 -16.55 9.07
N ALA A 192 -2.79 -16.72 9.39
CA ALA A 192 -1.73 -15.84 8.86
C ALA A 192 -1.74 -15.74 7.33
N GLN A 193 -1.42 -14.55 6.82
CA GLN A 193 -1.16 -14.34 5.39
C GLN A 193 -0.17 -15.36 4.87
N SER A 194 -0.58 -16.09 3.84
CA SER A 194 0.22 -17.21 3.37
C SER A 194 0.05 -17.57 1.89
N PHE A 195 -0.63 -16.70 1.14
CA PHE A 195 -0.98 -16.98 -0.25
C PHE A 195 0.33 -17.19 -0.99
N PRO A 196 0.39 -18.24 -1.84
CA PRO A 196 -0.75 -19.03 -2.34
C PRO A 196 -1.17 -20.33 -1.64
N GLU A 197 -0.34 -20.92 -0.80
CA GLU A 197 -0.67 -22.28 -0.30
C GLU A 197 -0.36 -22.33 1.20
N PRO A 198 -1.40 -22.16 2.03
CA PRO A 198 -2.84 -21.96 1.71
C PRO A 198 -3.15 -20.54 1.21
N PRO A 199 -4.11 -20.40 0.29
CA PRO A 199 -4.46 -19.10 -0.34
C PRO A 199 -5.23 -18.18 0.64
N TYR A 200 -4.51 -17.78 1.69
CA TYR A 200 -5.00 -16.80 2.64
C TYR A 200 -4.41 -15.44 2.35
N THR A 201 -5.31 -14.48 2.19
CA THR A 201 -4.98 -13.08 2.06
C THR A 201 -5.48 -12.41 3.33
N THR A 202 -4.55 -11.93 4.16
CA THR A 202 -4.92 -11.49 5.51
C THR A 202 -4.44 -10.07 5.77
N LEU A 203 -5.40 -9.18 6.00
CA LEU A 203 -5.15 -7.79 6.31
C LEU A 203 -5.47 -7.51 7.75
N GLU A 204 -4.53 -6.86 8.40
CA GLU A 204 -4.69 -6.46 9.78
C GLU A 204 -6.01 -5.77 10.08
N THR A 205 -6.32 -4.73 9.30
CA THR A 205 -7.52 -3.91 9.54
C THR A 205 -8.25 -3.62 8.23
N THR A 206 -9.47 -3.08 8.36
CA THR A 206 -10.28 -2.64 7.22
C THR A 206 -10.30 -1.11 7.04
N PRO A 207 -9.70 -0.60 5.94
CA PRO A 207 -9.44 0.86 5.82
C PRO A 207 -10.60 1.79 6.22
N VAL A 208 -11.82 1.35 5.96
CA VAL A 208 -12.98 1.89 6.67
C VAL A 208 -14.01 0.85 6.58
N SER A 209 -14.98 0.93 7.50
CA SER A 209 -16.22 0.21 7.34
C SER A 209 -17.28 0.94 8.15
N ARG A 210 -18.53 0.58 7.96
CA ARG A 210 -19.61 1.18 8.71
C ARG A 210 -20.77 0.19 8.65
N GLU A 211 -21.04 -0.44 9.79
CA GLU A 211 -21.94 -1.60 9.82
C GLU A 211 -23.34 -1.27 9.33
N LYS A 212 -24.00 -2.28 8.75
CA LYS A 212 -25.30 -2.15 8.08
C LYS A 212 -26.38 -1.75 9.12
N PRO A 213 -27.20 -0.76 8.80
CA PRO A 213 -28.33 -0.44 9.69
C PRO A 213 -29.32 -1.61 9.83
N PHE A 214 -30.04 -1.65 10.95
CA PHE A 214 -30.97 -2.74 11.22
C PHE A 214 -32.13 -2.34 12.13
N LEU A 215 -33.28 -3.00 11.99
CA LEU A 215 -34.47 -2.66 12.80
C LEU A 215 -34.29 -3.39 14.13
N TYR A 216 -34.77 -2.76 15.19
CA TYR A 216 -34.65 -3.29 16.55
C TYR A 216 -35.76 -2.72 17.44
N LEU A 217 -36.08 -3.43 18.53
CA LEU A 217 -37.16 -3.10 19.44
C LEU A 217 -36.62 -2.46 20.74
N ASP A 218 -37.00 -1.21 21.02
CA ASP A 218 -36.73 -0.51 22.29
C ASP A 218 -38.08 -0.19 23.01
N GLY A 219 -38.32 -0.86 24.12
CA GLY A 219 -39.62 -0.84 24.77
C GLY A 219 -40.66 -1.51 23.86
N ASP A 220 -41.64 -0.75 23.38
CA ASP A 220 -42.76 -1.27 22.60
C ASP A 220 -42.82 -0.56 21.22
N ASP A 221 -41.71 0.09 20.93
CA ASP A 221 -41.50 0.99 19.81
C ASP A 221 -40.42 0.44 18.86
N TYR A 222 -40.66 0.38 17.55
CA TYR A 222 -39.60 -0.04 16.62
C TYR A 222 -38.66 1.13 16.24
N LYS A 223 -37.34 0.86 16.32
CA LYS A 223 -36.25 1.78 15.92
C LYS A 223 -35.40 1.10 14.84
N VAL A 224 -34.78 1.90 13.97
CA VAL A 224 -33.67 1.42 13.11
C VAL A 224 -32.33 1.88 13.65
N PHE A 225 -31.43 0.95 13.96
CA PHE A 225 -30.11 1.38 14.42
C PHE A 225 -29.14 1.70 13.28
N VAL A 226 -28.31 2.74 13.47
CA VAL A 226 -27.47 3.27 12.42
C VAL A 226 -26.03 3.41 12.91
N PRO A 227 -25.24 2.33 12.79
CA PRO A 227 -23.84 2.28 13.25
C PRO A 227 -22.95 3.41 12.75
N ALA A 228 -21.91 3.72 13.51
CA ALA A 228 -20.96 4.76 13.13
C ALA A 228 -19.77 4.15 12.38
N LYS A 229 -19.10 4.94 11.54
CA LYS A 229 -17.99 4.36 10.82
C LYS A 229 -16.79 4.15 11.72
N ARG A 230 -16.04 3.14 11.34
CA ARG A 230 -14.83 2.77 12.02
C ARG A 230 -13.78 2.95 10.98
N THR A 231 -12.72 3.71 11.25
CA THR A 231 -11.62 3.74 10.29
C THR A 231 -10.51 2.82 10.90
N ASN A 232 -9.85 2.01 10.06
CA ASN A 232 -8.91 0.99 10.54
C ASN A 232 -9.56 -0.01 11.49
N ALA A 233 -10.73 -0.52 11.07
CA ALA A 233 -11.53 -1.44 11.85
C ALA A 233 -10.89 -2.80 12.12
N ARG A 234 -11.23 -3.34 13.30
CA ARG A 234 -10.87 -4.72 13.61
C ARG A 234 -11.64 -5.26 14.81
N GLY A 235 -11.94 -6.55 14.74
CA GLY A 235 -12.84 -7.15 15.71
C GLY A 235 -14.26 -6.61 15.50
N THR A 236 -15.18 -7.06 16.33
CA THR A 236 -16.57 -6.64 16.18
C THR A 236 -16.84 -5.23 16.72
N SER A 237 -17.83 -4.59 16.14
CA SER A 237 -18.22 -3.26 16.54
C SER A 237 -18.87 -3.26 17.93
N TRP A 238 -19.34 -4.44 18.35
CA TRP A 238 -20.26 -4.51 19.48
C TRP A 238 -19.61 -4.97 20.74
N GLY A 239 -19.01 -6.16 20.71
CA GLY A 239 -18.83 -6.99 21.90
C GLY A 239 -19.42 -6.57 23.24
N ASN A 240 -19.39 -5.27 23.55
CA ASN A 240 -19.18 -4.81 24.91
C ASN A 240 -19.84 -3.45 24.99
N GLY A 241 -20.85 -3.24 24.15
CA GLY A 241 -21.01 -1.95 23.50
C GLY A 241 -22.33 -1.24 23.39
N THR A 242 -22.49 -0.30 24.32
CA THR A 242 -23.56 0.69 24.31
C THR A 242 -23.21 1.56 23.06
N PRO A 243 -24.11 1.52 22.07
CA PRO A 243 -23.43 1.53 20.75
C PRO A 243 -22.99 2.85 20.07
N GLU A 244 -21.71 2.89 19.66
CA GLU A 244 -21.07 4.12 19.15
C GLU A 244 -21.69 4.45 17.77
N GLY A 245 -22.92 5.00 17.81
CA GLY A 245 -23.70 5.39 16.63
C GLY A 245 -25.08 5.96 17.01
N GLU A 246 -26.09 5.86 16.13
CA GLU A 246 -27.38 6.56 16.37
C GLU A 246 -28.64 5.80 16.05
N SER A 247 -29.64 5.98 16.91
CA SER A 247 -30.91 5.33 16.73
C SER A 247 -31.84 6.29 16.02
N LEU A 248 -32.47 5.83 14.94
CA LEU A 248 -33.62 6.52 14.33
C LEU A 248 -34.98 5.88 14.68
N PRO A 249 -35.98 6.71 15.01
CA PRO A 249 -37.29 6.15 15.36
C PRO A 249 -38.10 5.76 14.13
N LEU A 250 -38.90 4.71 14.24
CA LEU A 250 -39.62 4.21 13.07
C LEU A 250 -40.59 5.23 12.45
N ASP A 251 -41.09 6.17 13.25
CA ASP A 251 -41.85 7.27 12.65
C ASP A 251 -41.06 8.17 11.70
N GLN A 252 -39.72 8.03 11.64
CA GLN A 252 -38.89 8.78 10.68
C GLN A 252 -38.83 8.08 9.28
N PHE A 253 -39.29 6.83 9.17
CA PHE A 253 -39.24 6.07 7.89
C PHE A 253 -40.59 6.04 7.18
N TYR A 254 -40.62 6.14 5.83
CA TYR A 254 -41.79 5.72 5.06
C TYR A 254 -41.72 4.22 4.89
N VAL A 255 -42.84 3.54 5.08
CA VAL A 255 -42.85 2.09 5.00
C VAL A 255 -43.42 1.74 3.67
N VAL A 256 -42.57 1.14 2.87
CA VAL A 256 -42.83 0.97 1.49
C VAL A 256 -43.34 -0.45 1.39
N LYS A 257 -44.61 -0.56 1.06
CA LYS A 257 -45.19 -1.81 0.70
C LYS A 257 -45.66 -1.92 -0.69
N PRO A 258 -45.96 -0.80 -1.38
CA PRO A 258 -47.10 -0.79 -2.31
C PRO A 258 -47.04 -1.89 -3.41
N GLY A 259 -47.61 -1.62 -4.58
CA GLY A 259 -46.90 -1.88 -5.82
C GLY A 259 -46.50 -0.44 -6.16
N ALA A 260 -45.26 -0.08 -5.78
CA ALA A 260 -44.94 1.30 -5.23
C ALA A 260 -44.85 2.30 -6.20
N THR A 261 -45.43 3.44 -5.93
CA THR A 261 -45.13 4.43 -6.91
C THR A 261 -43.76 4.93 -6.49
N ALA A 262 -42.83 4.79 -7.43
CA ALA A 262 -41.72 5.72 -7.56
C ALA A 262 -42.14 7.09 -7.04
N GLU A 263 -43.30 7.56 -7.52
CA GLU A 263 -43.97 8.81 -7.10
C GLU A 263 -43.96 8.99 -5.59
N THR A 264 -44.75 8.14 -4.94
CA THR A 264 -44.87 8.22 -3.48
C THR A 264 -43.52 8.06 -2.77
N ILE A 265 -42.77 7.02 -3.11
CA ILE A 265 -41.45 6.81 -2.51
C ILE A 265 -40.61 8.08 -2.62
N ASN A 266 -40.62 8.70 -3.80
CA ASN A 266 -39.87 9.95 -4.02
C ASN A 266 -40.49 11.11 -3.23
N ALA A 267 -41.78 11.01 -2.95
CA ALA A 267 -42.48 12.05 -2.21
C ALA A 267 -42.24 11.85 -0.72
N ALA A 268 -41.74 10.68 -0.37
CA ALA A 268 -41.28 10.42 1.00
C ALA A 268 -39.92 11.07 1.25
N VAL A 269 -38.99 10.82 0.34
CA VAL A 269 -37.60 11.21 0.58
C VAL A 269 -37.42 12.71 0.64
N ASP A 270 -38.14 13.41 -0.24
CA ASP A 270 -38.09 14.88 -0.23
C ASP A 270 -38.73 15.48 1.01
N GLN A 271 -39.66 14.76 1.63
CA GLN A 271 -40.34 15.22 2.86
C GLN A 271 -39.51 14.96 4.17
N GLY A 272 -38.35 14.32 4.05
CA GLY A 272 -37.49 14.05 5.21
C GLY A 272 -37.59 12.67 5.81
N LEU A 273 -38.36 11.80 5.18
CA LEU A 273 -38.51 10.42 5.63
C LEU A 273 -37.47 9.50 4.99
N HIS A 274 -36.92 8.62 5.81
CA HIS A 274 -36.09 7.52 5.36
C HIS A 274 -37.00 6.46 4.71
N LEU A 275 -36.39 5.40 4.20
CA LEU A 275 -37.15 4.36 3.52
C LEU A 275 -36.93 2.99 4.14
N LEU A 276 -38.04 2.30 4.42
CA LEU A 276 -37.95 0.92 4.87
C LEU A 276 -38.77 0.12 3.91
N PHE A 277 -38.11 -0.64 3.05
CA PHE A 277 -38.82 -1.49 2.10
C PHE A 277 -39.17 -2.82 2.72
N THR A 278 -40.46 -3.02 2.97
CA THR A 278 -40.91 -4.29 3.49
C THR A 278 -40.76 -5.35 2.41
N PRO A 279 -40.74 -6.64 2.81
CA PRO A 279 -40.40 -7.65 1.82
C PRO A 279 -41.44 -7.75 0.72
N GLY A 280 -40.94 -7.67 -0.51
CA GLY A 280 -41.80 -7.79 -1.68
C GLY A 280 -41.07 -7.26 -2.91
N VAL A 281 -41.86 -6.98 -3.95
CA VAL A 281 -41.33 -6.60 -5.26
C VAL A 281 -42.00 -5.31 -5.75
N TYR A 282 -41.18 -4.30 -6.02
CA TYR A 282 -41.63 -2.94 -6.26
C TYR A 282 -41.39 -2.52 -7.70
N HIS A 283 -42.32 -2.91 -8.55
CA HIS A 283 -42.21 -2.63 -9.97
C HIS A 283 -42.53 -1.19 -10.21
N VAL A 284 -41.46 -0.40 -10.49
CA VAL A 284 -41.55 1.05 -10.63
C VAL A 284 -41.53 1.54 -12.11
N ASP A 285 -42.46 2.46 -12.42
CA ASP A 285 -42.45 3.18 -13.71
C ASP A 285 -41.23 4.08 -13.92
N GLN A 286 -40.82 4.88 -12.92
CA GLN A 286 -39.57 5.71 -12.97
C GLN A 286 -38.64 5.41 -11.78
N PRO A 287 -37.42 6.01 -11.80
CA PRO A 287 -36.42 5.80 -10.74
C PRO A 287 -36.75 6.36 -9.38
N ILE A 288 -36.23 5.67 -8.38
CA ILE A 288 -36.27 6.10 -7.00
C ILE A 288 -35.11 7.08 -6.75
N GLU A 289 -35.44 8.38 -6.64
CA GLU A 289 -34.45 9.44 -6.48
C GLU A 289 -34.16 9.67 -5.00
N ILE A 290 -32.90 9.61 -4.63
CA ILE A 290 -32.49 9.90 -3.27
C ILE A 290 -31.45 10.99 -3.28
N ASP A 291 -31.94 12.20 -3.06
CA ASP A 291 -31.08 13.36 -3.13
C ASP A 291 -31.03 14.14 -1.84
N ARG A 292 -31.09 13.40 -0.74
CA ARG A 292 -30.80 13.99 0.54
C ARG A 292 -29.83 13.19 1.36
N ALA A 293 -28.80 13.91 1.78
CA ALA A 293 -27.89 13.46 2.79
C ALA A 293 -28.50 12.65 3.94
N ASN A 294 -27.78 11.62 4.33
CA ASN A 294 -28.06 10.87 5.55
C ASN A 294 -29.36 10.03 5.48
N THR A 295 -29.90 9.85 4.28
CA THR A 295 -31.09 9.01 4.10
C THR A 295 -30.71 7.54 4.24
N VAL A 296 -31.58 6.78 4.90
CA VAL A 296 -31.39 5.36 5.03
C VAL A 296 -32.47 4.73 4.18
N ALA A 297 -32.05 3.80 3.32
CA ALA A 297 -32.96 2.99 2.53
C ALA A 297 -32.64 1.55 2.87
N LEU A 298 -33.47 0.93 3.71
CA LEU A 298 -33.18 -0.36 4.30
C LEU A 298 -34.24 -1.35 3.81
N GLY A 299 -33.81 -2.42 3.16
CA GLY A 299 -34.73 -3.44 2.70
C GLY A 299 -34.87 -4.52 3.75
N LEU A 300 -35.97 -5.26 3.70
CA LEU A 300 -36.25 -6.41 4.53
C LEU A 300 -36.63 -7.57 3.61
N GLY A 301 -36.21 -8.77 3.95
CA GLY A 301 -36.65 -9.98 3.25
C GLY A 301 -36.37 -9.97 1.76
N LEU A 302 -35.21 -9.43 1.38
CA LEU A 302 -34.79 -9.39 -0.02
C LEU A 302 -35.75 -8.60 -0.91
N ALA A 303 -36.33 -7.54 -0.33
CA ALA A 303 -37.08 -6.55 -1.08
C ALA A 303 -36.36 -6.23 -2.38
N THR A 304 -37.14 -6.24 -3.45
CA THR A 304 -36.66 -6.21 -4.80
C THR A 304 -37.28 -5.04 -5.55
N ILE A 305 -36.46 -4.36 -6.33
CA ILE A 305 -36.93 -3.25 -7.16
C ILE A 305 -36.70 -3.65 -8.62
N ILE A 306 -37.77 -3.62 -9.42
CA ILE A 306 -37.69 -3.86 -10.87
C ILE A 306 -38.02 -2.55 -11.61
N PRO A 307 -37.06 -2.02 -12.42
CA PRO A 307 -37.37 -0.81 -13.18
C PRO A 307 -38.03 -1.13 -14.49
N ASP A 308 -39.23 -0.58 -14.66
CA ASP A 308 -39.95 -0.60 -15.93
C ASP A 308 -39.34 0.36 -16.92
N ASN A 309 -39.83 0.33 -18.16
CA ASN A 309 -39.62 1.47 -19.07
C ASN A 309 -38.17 1.75 -19.46
N GLY A 310 -37.27 0.85 -19.07
CA GLY A 310 -35.86 1.04 -19.32
C GLY A 310 -35.20 2.07 -18.42
N VAL A 311 -35.87 2.45 -17.33
CA VAL A 311 -35.25 3.44 -16.45
C VAL A 311 -34.21 2.85 -15.48
N THR A 312 -33.47 3.74 -14.85
CA THR A 312 -32.60 3.41 -13.75
C THR A 312 -33.49 3.14 -12.54
N ALA A 313 -33.20 2.07 -11.82
CA ALA A 313 -34.00 1.72 -10.63
C ALA A 313 -33.74 2.66 -9.45
N LEU A 314 -32.48 3.02 -9.25
CA LEU A 314 -32.08 3.74 -8.06
C LEU A 314 -30.96 4.67 -8.38
N LYS A 315 -31.21 5.90 -8.02
CA LYS A 315 -30.18 6.94 -8.15
C LYS A 315 -30.04 7.74 -6.86
N VAL A 316 -28.80 7.81 -6.41
CA VAL A 316 -28.46 8.56 -5.22
C VAL A 316 -27.73 9.83 -5.65
N GLY A 317 -28.05 10.93 -5.00
CA GLY A 317 -27.38 12.20 -5.27
C GLY A 317 -25.93 12.24 -4.78
N ASP A 318 -25.26 13.34 -5.12
CA ASP A 318 -23.89 13.66 -4.67
C ASP A 318 -23.84 14.17 -3.24
N VAL A 319 -24.70 13.58 -2.41
CA VAL A 319 -24.88 13.96 -1.01
C VAL A 319 -24.17 12.96 -0.09
N ASP A 320 -23.80 13.45 1.08
CA ASP A 320 -23.18 12.67 2.17
C ASP A 320 -24.13 11.63 2.77
N GLY A 321 -23.57 10.53 3.27
CA GLY A 321 -24.23 9.74 4.31
C GLY A 321 -25.41 8.87 3.94
N VAL A 322 -25.67 8.70 2.64
CA VAL A 322 -26.79 7.82 2.24
C VAL A 322 -26.36 6.36 2.46
N LYS A 323 -27.28 5.57 2.98
CA LYS A 323 -26.97 4.18 3.32
C LYS A 323 -28.02 3.29 2.72
N VAL A 324 -27.66 2.67 1.62
CA VAL A 324 -28.56 1.74 0.93
C VAL A 324 -28.22 0.34 1.41
N ALA A 325 -29.22 -0.45 1.81
CA ALA A 325 -28.92 -1.73 2.45
C ALA A 325 -29.99 -2.77 2.16
N GLY A 326 -29.58 -3.95 1.69
CA GLY A 326 -30.47 -5.09 1.63
C GLY A 326 -31.55 -5.05 0.59
N LEU A 327 -31.15 -4.68 -0.62
CA LEU A 327 -32.06 -4.59 -1.75
C LEU A 327 -31.52 -5.40 -2.91
N LEU A 328 -32.44 -6.09 -3.60
CA LEU A 328 -32.14 -6.72 -4.87
C LEU A 328 -32.70 -5.81 -5.98
N VAL A 329 -31.92 -5.55 -7.02
CA VAL A 329 -32.43 -4.85 -8.19
C VAL A 329 -32.39 -5.83 -9.33
N ASP A 330 -33.56 -6.08 -9.91
CA ASP A 330 -33.76 -7.08 -10.96
C ASP A 330 -34.15 -6.37 -12.26
N ALA A 331 -33.32 -6.49 -13.30
CA ALA A 331 -33.64 -5.81 -14.55
C ALA A 331 -34.95 -6.30 -15.15
N GLY A 332 -35.66 -5.36 -15.77
CA GLY A 332 -36.76 -5.71 -16.65
C GLY A 332 -36.22 -6.06 -18.04
N PRO A 333 -37.06 -6.69 -18.87
CA PRO A 333 -36.64 -6.93 -20.25
C PRO A 333 -36.42 -5.68 -21.13
N VAL A 334 -36.96 -4.51 -20.78
CA VAL A 334 -36.61 -3.32 -21.54
C VAL A 334 -35.26 -2.83 -21.02
N ASN A 335 -34.26 -2.79 -21.90
CA ASN A 335 -32.91 -2.43 -21.49
C ASN A 335 -32.85 -1.10 -20.74
N SER A 336 -32.25 -1.13 -19.53
CA SER A 336 -31.87 0.09 -18.83
C SER A 336 -30.42 0.46 -19.11
N GLU A 337 -30.14 1.76 -19.24
CA GLU A 337 -28.77 2.24 -19.43
C GLU A 337 -27.94 1.99 -18.18
N THR A 338 -28.53 2.30 -17.04
CA THR A 338 -27.93 1.99 -15.76
C THR A 338 -29.04 1.43 -14.87
N LEU A 339 -28.68 0.57 -13.91
CA LEU A 339 -29.63 0.14 -12.90
C LEU A 339 -29.51 0.88 -11.54
N VAL A 340 -28.28 1.18 -11.13
CA VAL A 340 -28.02 1.89 -9.88
C VAL A 340 -26.98 2.94 -10.16
N GLU A 341 -27.32 4.20 -9.88
CA GLU A 341 -26.33 5.27 -9.97
C GLU A 341 -26.07 5.81 -8.57
N VAL A 342 -24.78 5.95 -8.26
CA VAL A 342 -24.35 6.45 -6.99
C VAL A 342 -23.63 7.76 -7.30
N GLY A 343 -24.37 8.83 -7.11
CA GLY A 343 -23.91 10.14 -7.48
C GLY A 343 -24.26 10.35 -8.94
N SER A 344 -23.57 11.32 -9.53
CA SER A 344 -23.88 11.74 -10.92
C SER A 344 -22.71 11.64 -11.88
N ASP A 345 -23.05 11.55 -13.17
CA ASP A 345 -22.01 11.52 -14.19
C ASP A 345 -21.33 12.88 -14.22
N GLY A 346 -20.09 12.94 -13.74
CA GLY A 346 -19.43 14.21 -13.71
C GLY A 346 -19.02 14.70 -12.32
N ALA A 347 -19.88 15.45 -11.63
CA ALA A 347 -19.41 16.39 -10.56
C ALA A 347 -18.65 15.67 -9.42
N SER A 348 -17.52 16.23 -8.93
CA SER A 348 -16.69 15.60 -7.89
C SER A 348 -16.40 16.30 -6.55
N GLY A 349 -17.40 16.37 -5.69
CA GLY A 349 -17.10 16.70 -4.30
C GLY A 349 -16.59 15.51 -3.52
N ASP A 350 -16.32 15.74 -2.23
CA ASP A 350 -15.96 14.67 -1.32
C ASP A 350 -17.05 14.32 -0.34
N HIS A 351 -16.93 13.12 0.22
CA HIS A 351 -17.78 12.66 1.27
C HIS A 351 -16.94 11.85 2.24
N ALA A 352 -15.76 12.35 2.60
CA ALA A 352 -14.82 11.55 3.39
C ALA A 352 -15.31 11.30 4.82
N ALA A 353 -15.80 12.36 5.47
CA ALA A 353 -16.22 12.29 6.87
C ALA A 353 -17.51 11.46 7.06
N ASN A 354 -18.27 11.30 5.99
CA ASN A 354 -19.62 10.77 6.07
C ASN A 354 -20.03 10.25 4.67
N PRO A 355 -19.38 9.15 4.25
CA PRO A 355 -19.57 8.62 2.91
C PRO A 355 -20.93 8.00 2.70
N THR A 356 -21.32 7.89 1.44
CA THR A 356 -22.47 7.07 1.04
C THR A 356 -22.00 5.62 0.88
N SER A 357 -22.92 4.69 1.15
CA SER A 357 -22.60 3.28 1.15
C SER A 357 -23.68 2.45 0.43
N LEU A 358 -23.25 1.38 -0.24
CA LEU A 358 -24.15 0.31 -0.65
C LEU A 358 -23.76 -0.94 0.11
N GLN A 359 -24.73 -1.54 0.79
CA GLN A 359 -24.48 -2.79 1.52
C GLN A 359 -25.52 -3.84 1.20
N ASP A 360 -25.07 -5.03 0.90
CA ASP A 360 -26.01 -6.09 0.53
C ASP A 360 -26.97 -5.56 -0.53
N VAL A 361 -26.39 -4.95 -1.55
CA VAL A 361 -27.11 -4.57 -2.75
C VAL A 361 -26.74 -5.60 -3.81
N PHE A 362 -27.77 -6.27 -4.31
CA PHE A 362 -27.57 -7.34 -5.27
C PHE A 362 -28.25 -6.88 -6.56
N VAL A 363 -27.68 -7.25 -7.69
CA VAL A 363 -28.28 -6.94 -8.97
C VAL A 363 -28.37 -8.24 -9.76
N ARG A 364 -29.50 -8.43 -10.43
CA ARG A 364 -29.74 -9.59 -11.31
C ARG A 364 -30.17 -9.13 -12.69
N ILE A 365 -29.58 -9.71 -13.74
CA ILE A 365 -30.01 -9.46 -15.12
C ILE A 365 -30.39 -10.79 -15.76
N GLY A 366 -31.69 -10.99 -15.90
CA GLY A 366 -32.26 -12.22 -16.42
C GLY A 366 -32.42 -13.29 -15.35
N GLY A 367 -32.97 -14.45 -15.74
CA GLY A 367 -33.07 -15.60 -14.84
C GLY A 367 -34.51 -15.85 -14.36
N ALA A 368 -35.19 -14.78 -14.01
CA ALA A 368 -36.57 -14.87 -13.53
C ALA A 368 -37.49 -14.68 -14.72
N GLY A 369 -36.86 -14.17 -15.82
CA GLY A 369 -37.39 -13.96 -17.16
C GLY A 369 -36.38 -13.03 -17.88
N PRO A 370 -36.60 -12.71 -19.17
CA PRO A 370 -35.61 -11.83 -19.83
C PRO A 370 -35.42 -10.50 -19.11
N GLY A 371 -34.18 -10.03 -19.07
CA GLY A 371 -33.82 -8.74 -18.50
C GLY A 371 -32.55 -8.22 -19.17
N LYS A 372 -32.41 -6.90 -19.26
CA LYS A 372 -31.30 -6.29 -20.00
C LYS A 372 -30.84 -4.99 -19.30
N ALA A 373 -29.53 -4.81 -19.19
CA ALA A 373 -29.00 -3.53 -18.70
C ALA A 373 -27.58 -3.29 -19.25
N THR A 374 -27.26 -2.03 -19.58
CA THR A 374 -25.94 -1.72 -20.15
C THR A 374 -24.82 -1.73 -19.11
N THR A 375 -25.00 -0.89 -18.11
CA THR A 375 -24.12 -0.87 -16.93
C THR A 375 -24.94 -1.02 -15.67
N SER A 376 -24.65 -2.02 -14.85
CA SER A 376 -25.50 -2.28 -13.72
C SER A 376 -25.37 -1.27 -12.55
N ILE A 377 -24.13 -0.95 -12.17
CA ILE A 377 -23.90 -0.01 -11.08
C ILE A 377 -22.78 0.92 -11.47
N VAL A 378 -23.09 2.23 -11.48
CA VAL A 378 -22.10 3.25 -11.71
C VAL A 378 -21.91 4.01 -10.41
N VAL A 379 -20.66 4.10 -9.95
CA VAL A 379 -20.36 4.79 -8.71
C VAL A 379 -19.49 5.99 -9.01
N ASN A 380 -20.15 7.15 -9.07
CA ASN A 380 -19.47 8.41 -9.29
C ASN A 380 -19.08 9.14 -8.01
N SER A 381 -19.81 8.94 -6.91
CA SER A 381 -19.56 9.72 -5.68
C SER A 381 -18.20 9.35 -5.05
N ASN A 382 -17.32 10.34 -4.87
CA ASN A 382 -16.07 10.06 -4.22
C ASN A 382 -16.31 9.49 -2.80
N ASP A 383 -15.39 8.67 -2.35
CA ASP A 383 -15.35 8.13 -0.98
C ASP A 383 -16.42 7.06 -0.68
N THR A 384 -17.17 6.65 -1.71
CA THR A 384 -18.25 5.68 -1.53
C THR A 384 -17.69 4.34 -1.04
N ILE A 385 -18.46 3.69 -0.15
CA ILE A 385 -18.13 2.37 0.35
C ILE A 385 -19.09 1.37 -0.30
N ILE A 386 -18.57 0.34 -0.93
CA ILE A 386 -19.42 -0.74 -1.47
C ILE A 386 -19.04 -1.97 -0.63
N ASP A 387 -19.92 -2.33 0.32
CA ASP A 387 -19.60 -3.36 1.31
C ASP A 387 -20.61 -4.52 1.15
N HIS A 388 -20.17 -5.51 0.37
CA HIS A 388 -20.93 -6.64 -0.11
C HIS A 388 -21.91 -6.30 -1.22
N THR A 389 -21.52 -6.62 -2.44
CA THR A 389 -22.43 -6.56 -3.56
C THR A 389 -22.27 -7.84 -4.43
N TRP A 390 -23.37 -8.30 -5.01
CA TRP A 390 -23.32 -9.36 -6.02
C TRP A 390 -24.05 -8.80 -7.22
N VAL A 391 -23.32 -8.64 -8.31
CA VAL A 391 -23.87 -8.07 -9.53
C VAL A 391 -23.71 -9.18 -10.58
N TRP A 392 -24.84 -9.73 -11.00
CA TRP A 392 -24.90 -11.04 -11.65
C TRP A 392 -25.76 -11.03 -12.89
N ARG A 393 -25.15 -11.22 -14.04
CA ARG A 393 -25.92 -11.51 -15.22
C ARG A 393 -26.22 -13.03 -15.16
N ALA A 394 -27.51 -13.39 -15.27
CA ALA A 394 -27.92 -14.77 -15.05
C ALA A 394 -27.32 -15.77 -16.07
N ASP A 395 -26.95 -16.95 -15.56
CA ASP A 395 -26.43 -18.05 -16.39
C ASP A 395 -27.43 -19.21 -16.46
N HIS A 396 -28.47 -19.12 -15.63
CA HIS A 396 -29.53 -20.08 -15.67
C HIS A 396 -30.83 -19.42 -15.27
N GLY A 397 -31.90 -20.07 -15.70
CA GLY A 397 -33.26 -19.65 -15.44
C GLY A 397 -34.05 -19.57 -16.72
N GLU A 398 -34.96 -18.62 -16.74
CA GLU A 398 -35.63 -18.20 -17.96
C GLU A 398 -35.07 -16.84 -18.36
N GLY A 399 -35.15 -16.54 -19.66
CA GLY A 399 -34.74 -15.23 -20.15
C GLY A 399 -33.24 -15.08 -20.33
N VAL A 400 -32.51 -16.20 -20.36
CA VAL A 400 -31.06 -16.20 -20.51
C VAL A 400 -30.67 -16.37 -21.99
N GLY A 401 -29.57 -15.74 -22.37
CA GLY A 401 -29.05 -15.86 -23.73
C GLY A 401 -28.01 -14.78 -23.96
N TRP A 402 -27.01 -15.12 -24.76
CA TRP A 402 -25.94 -14.15 -25.10
C TRP A 402 -26.55 -12.79 -25.50
N GLU A 403 -27.66 -12.86 -26.22
CA GLU A 403 -28.43 -11.66 -26.57
C GLU A 403 -29.56 -11.35 -25.59
N THR A 404 -30.33 -12.38 -25.31
CA THR A 404 -31.61 -12.23 -24.63
C THR A 404 -31.49 -11.61 -23.22
N ASN A 405 -30.43 -11.93 -22.46
CA ASN A 405 -30.11 -11.14 -21.27
C ASN A 405 -28.71 -10.49 -21.34
N ARG A 406 -28.41 -9.94 -22.50
CA ARG A 406 -27.18 -9.19 -22.70
C ARG A 406 -27.04 -8.10 -21.63
N ALA A 407 -25.89 -8.09 -20.98
CA ALA A 407 -25.57 -7.02 -20.02
C ALA A 407 -24.08 -6.78 -20.16
N ASP A 408 -23.71 -5.62 -20.70
CA ASP A 408 -22.31 -5.44 -21.11
C ASP A 408 -21.37 -5.17 -19.94
N TYR A 409 -21.79 -4.31 -19.02
CA TYR A 409 -20.89 -3.84 -17.97
C TYR A 409 -21.52 -4.05 -16.60
N GLY A 410 -20.71 -4.52 -15.67
CA GLY A 410 -21.22 -4.81 -14.33
C GLY A 410 -21.18 -3.60 -13.43
N VAL A 411 -19.97 -3.24 -13.05
CA VAL A 411 -19.73 -2.11 -12.16
C VAL A 411 -18.69 -1.22 -12.79
N HIS A 412 -18.99 0.08 -12.75
CA HIS A 412 -18.11 1.10 -13.29
C HIS A 412 -17.85 2.10 -12.18
N VAL A 413 -16.62 2.11 -11.67
CA VAL A 413 -16.27 3.04 -10.59
C VAL A 413 -15.57 4.25 -11.17
N LYS A 414 -16.24 5.41 -11.11
CA LYS A 414 -15.67 6.66 -11.62
C LYS A 414 -15.16 7.61 -10.53
N GLY A 415 -15.66 7.48 -9.30
CA GLY A 415 -15.22 8.32 -8.17
C GLY A 415 -13.86 7.96 -7.59
N ASP A 416 -13.26 8.92 -6.86
CA ASP A 416 -11.95 8.78 -6.23
C ASP A 416 -12.13 8.18 -4.81
N ASN A 417 -11.14 7.43 -4.34
CA ASN A 417 -11.09 6.98 -2.95
C ASN A 417 -12.22 6.03 -2.58
N VAL A 418 -12.78 5.38 -3.60
CA VAL A 418 -13.88 4.40 -3.40
C VAL A 418 -13.28 3.08 -2.88
N LEU A 419 -14.00 2.44 -1.96
CA LEU A 419 -13.55 1.21 -1.35
C LEU A 419 -14.60 0.17 -1.60
N ALA A 420 -14.21 -0.97 -2.16
CA ALA A 420 -15.09 -2.14 -2.23
C ALA A 420 -14.56 -3.26 -1.32
N THR A 421 -15.41 -3.73 -0.43
CA THR A 421 -15.11 -4.86 0.45
C THR A 421 -16.14 -5.97 0.21
N GLY A 422 -15.70 -7.07 -0.35
CA GLY A 422 -16.61 -8.17 -0.68
C GLY A 422 -17.33 -7.92 -2.01
N LEU A 423 -16.56 -7.92 -3.08
CA LEU A 423 -17.07 -7.56 -4.42
C LEU A 423 -17.22 -8.83 -5.29
N PHE A 424 -18.46 -9.16 -5.68
CA PHE A 424 -18.76 -10.37 -6.44
C PHE A 424 -19.48 -9.90 -7.75
N VAL A 425 -18.87 -10.08 -8.90
CA VAL A 425 -19.46 -9.61 -10.16
C VAL A 425 -19.21 -10.68 -11.24
N GLU A 426 -20.29 -11.13 -11.91
CA GLU A 426 -20.21 -12.29 -12.79
C GLU A 426 -21.01 -12.16 -14.08
N HIS A 427 -20.36 -12.59 -15.16
CA HIS A 427 -20.99 -13.05 -16.42
C HIS A 427 -21.29 -11.97 -17.49
N PHE A 428 -20.76 -10.76 -17.32
CA PHE A 428 -21.03 -9.69 -18.26
C PHE A 428 -20.42 -9.91 -19.65
N ASN A 429 -21.11 -9.38 -20.66
CA ASN A 429 -20.68 -9.57 -22.05
C ASN A 429 -19.35 -8.87 -22.36
N LYS A 430 -19.06 -7.82 -21.60
CA LYS A 430 -17.79 -7.13 -21.69
C LYS A 430 -17.15 -7.01 -20.30
N TYR A 431 -16.71 -5.82 -19.90
CA TYR A 431 -15.97 -5.74 -18.65
C TYR A 431 -16.87 -5.91 -17.42
N ASP A 432 -16.62 -6.91 -16.60
CA ASP A 432 -17.42 -7.09 -15.40
C ASP A 432 -17.23 -5.88 -14.47
N VAL A 433 -15.97 -5.50 -14.25
CA VAL A 433 -15.64 -4.32 -13.44
C VAL A 433 -14.66 -3.44 -14.17
N GLN A 434 -14.96 -2.14 -14.27
CA GLN A 434 -13.99 -1.15 -14.72
C GLN A 434 -13.81 -0.11 -13.62
N TRP A 435 -12.57 0.34 -13.43
CA TRP A 435 -12.25 1.31 -12.41
C TRP A 435 -11.46 2.44 -13.08
N SER A 436 -12.08 3.62 -13.09
CA SER A 436 -11.50 4.80 -13.73
C SER A 436 -11.28 5.98 -12.79
N GLY A 437 -11.67 5.88 -11.52
CA GLY A 437 -11.34 6.90 -10.52
C GLY A 437 -10.01 6.62 -9.84
N GLU A 438 -9.48 7.60 -9.11
CA GLU A 438 -8.18 7.44 -8.46
C GLU A 438 -8.32 6.85 -7.03
N ASN A 439 -7.23 6.31 -6.51
CA ASN A 439 -7.15 5.93 -5.09
C ASN A 439 -8.09 4.78 -4.69
N GLY A 440 -8.58 4.04 -5.68
CA GLY A 440 -9.49 2.92 -5.45
C GLY A 440 -8.84 1.75 -4.73
N LYS A 441 -9.67 1.07 -3.93
CA LYS A 441 -9.24 -0.10 -3.18
C LYS A 441 -10.33 -1.16 -3.18
N THR A 442 -9.94 -2.39 -3.57
CA THR A 442 -10.82 -3.56 -3.49
C THR A 442 -10.19 -4.61 -2.59
N ILE A 443 -10.95 -5.03 -1.58
CA ILE A 443 -10.57 -6.14 -0.70
C ILE A 443 -11.59 -7.28 -0.94
N PHE A 444 -11.09 -8.32 -1.59
CA PHE A 444 -11.84 -9.50 -2.06
C PHE A 444 -12.64 -9.23 -3.31
N TYR A 445 -12.31 -10.01 -4.35
CA TYR A 445 -13.07 -10.02 -5.60
C TYR A 445 -13.29 -11.45 -6.04
N GLN A 446 -14.53 -11.70 -6.45
CA GLN A 446 -14.87 -12.98 -7.08
C GLN A 446 -15.63 -12.71 -8.37
N ASN A 447 -15.14 -13.30 -9.45
CA ASN A 447 -15.73 -13.18 -10.77
C ASN A 447 -15.78 -14.53 -11.45
N ALA A 448 -16.83 -14.71 -12.25
CA ALA A 448 -16.88 -15.75 -13.29
C ALA A 448 -17.15 -15.02 -14.61
N LYS A 449 -16.51 -15.49 -15.67
CA LYS A 449 -16.71 -14.92 -17.01
C LYS A 449 -17.95 -15.56 -17.65
N ALA A 450 -18.57 -14.86 -18.58
CA ALA A 450 -19.73 -15.33 -19.34
C ALA A 450 -19.51 -16.73 -19.88
N TYR A 451 -20.46 -17.63 -19.63
CA TYR A 451 -20.34 -19.05 -20.07
C TYR A 451 -20.71 -19.18 -21.53
N ASP A 452 -21.45 -18.20 -22.01
CA ASP A 452 -22.18 -18.31 -23.26
C ASP A 452 -21.67 -17.45 -24.43
N ALA A 453 -20.45 -16.91 -24.33
CA ALA A 453 -19.81 -16.29 -25.48
C ALA A 453 -19.84 -17.32 -26.62
N PRO A 454 -20.35 -16.94 -27.81
CA PRO A 454 -20.47 -18.02 -28.81
C PRO A 454 -19.15 -18.46 -29.42
N ASP A 455 -18.20 -17.54 -29.44
CA ASP A 455 -16.96 -17.72 -30.16
C ASP A 455 -15.99 -16.58 -29.80
N GLN A 456 -14.79 -16.66 -30.37
CA GLN A 456 -13.73 -15.71 -30.06
C GLN A 456 -14.07 -14.29 -30.57
N ALA A 457 -14.59 -14.19 -31.79
CA ALA A 457 -14.91 -12.88 -32.39
C ALA A 457 -15.99 -12.16 -31.59
N ALA A 458 -16.82 -12.92 -30.90
CA ALA A 458 -17.91 -12.32 -30.12
C ALA A 458 -17.43 -11.55 -28.89
N ILE A 459 -16.18 -11.80 -28.48
CA ILE A 459 -15.60 -11.16 -27.31
C ILE A 459 -14.27 -10.46 -27.61
N GLN A 460 -14.08 -10.03 -28.86
CA GLN A 460 -12.85 -9.33 -29.23
C GLN A 460 -12.85 -7.88 -28.82
N ASN A 461 -11.95 -7.56 -27.89
CA ASN A 461 -11.82 -6.22 -27.34
C ASN A 461 -10.59 -5.52 -27.91
N GLY A 462 -10.78 -4.81 -29.02
CA GLY A 462 -9.69 -4.26 -29.77
C GLY A 462 -8.64 -5.35 -30.01
N ASP A 463 -7.42 -5.04 -29.57
CA ASP A 463 -6.26 -5.92 -29.73
C ASP A 463 -6.18 -7.14 -28.78
N ILE A 464 -7.20 -7.31 -27.95
CA ILE A 464 -7.18 -8.28 -26.83
C ILE A 464 -8.27 -9.38 -27.01
N LYS A 465 -7.97 -10.65 -26.69
CA LYS A 465 -9.02 -11.70 -26.67
C LYS A 465 -9.81 -11.56 -25.36
N GLY A 466 -11.10 -11.23 -25.45
CA GLY A 466 -11.93 -11.08 -24.26
C GLY A 466 -11.70 -9.82 -23.46
N TYR A 467 -12.67 -9.54 -22.57
CA TYR A 467 -12.63 -8.37 -21.69
C TYR A 467 -12.23 -8.79 -20.28
N ALA A 468 -11.31 -8.04 -19.67
CA ALA A 468 -10.91 -8.36 -18.30
C ALA A 468 -12.12 -8.42 -17.38
N ALA A 469 -12.03 -9.25 -16.35
CA ALA A 469 -13.02 -9.25 -15.31
C ALA A 469 -12.91 -7.99 -14.45
N TYR A 470 -11.73 -7.37 -14.45
CA TYR A 470 -11.49 -6.19 -13.59
C TYR A 470 -10.45 -5.34 -14.30
N LYS A 471 -10.91 -4.21 -14.86
CA LYS A 471 -10.06 -3.30 -15.60
C LYS A 471 -9.82 -2.01 -14.90
N VAL A 472 -8.57 -1.80 -14.53
CA VAL A 472 -8.12 -0.48 -14.11
C VAL A 472 -7.69 0.31 -15.35
N ASP A 473 -8.36 1.45 -15.55
CA ASP A 473 -8.03 2.26 -16.70
C ASP A 473 -6.57 2.68 -16.70
N ASP A 474 -6.05 3.04 -17.86
CA ASP A 474 -4.63 3.40 -17.94
C ASP A 474 -4.26 4.83 -17.54
N SER A 475 -5.23 5.71 -17.39
CA SER A 475 -5.00 7.05 -16.82
C SER A 475 -4.73 6.99 -15.32
N VAL A 476 -5.19 5.91 -14.71
CA VAL A 476 -5.21 5.82 -13.25
C VAL A 476 -3.78 5.77 -12.74
N THR A 477 -3.60 6.36 -11.57
CA THR A 477 -2.32 6.64 -10.98
C THR A 477 -2.11 5.79 -9.71
N THR A 478 -3.22 5.49 -9.07
CA THR A 478 -3.31 5.13 -7.68
C THR A 478 -4.42 4.05 -7.60
N HIS A 479 -4.11 2.81 -7.19
CA HIS A 479 -5.11 1.71 -7.07
C HIS A 479 -4.49 0.54 -6.30
N GLU A 480 -5.28 -0.17 -5.51
CA GLU A 480 -4.79 -1.35 -4.83
C GLU A 480 -5.91 -2.39 -4.63
N GLY A 481 -5.60 -3.63 -5.02
CA GLY A 481 -6.52 -4.75 -4.86
C GLY A 481 -5.87 -5.94 -4.14
N TRP A 482 -6.66 -6.63 -3.32
CA TRP A 482 -6.19 -7.77 -2.56
C TRP A 482 -7.17 -8.96 -2.69
N GLY A 483 -6.64 -10.12 -3.03
CA GLY A 483 -7.42 -11.35 -2.94
C GLY A 483 -8.53 -11.45 -3.97
N MET A 484 -8.12 -11.56 -5.24
CA MET A 484 -8.98 -11.36 -6.38
C MET A 484 -8.92 -12.53 -7.32
N GLY A 485 -10.07 -13.04 -7.74
CA GLY A 485 -10.07 -14.15 -8.70
C GLY A 485 -11.14 -14.08 -9.75
N SER A 486 -10.79 -14.58 -10.94
CA SER A 486 -11.70 -14.67 -12.08
C SER A 486 -11.67 -16.12 -12.54
N TYR A 487 -12.86 -16.73 -12.72
CA TYR A 487 -12.95 -18.10 -13.22
C TYR A 487 -13.66 -18.14 -14.55
N CYS A 488 -13.33 -19.14 -15.37
CA CYS A 488 -14.04 -19.29 -16.65
C CYS A 488 -14.66 -20.67 -16.80
N TYR A 489 -15.75 -20.71 -17.58
CA TYR A 489 -16.44 -21.96 -17.94
C TYR A 489 -17.14 -21.74 -19.25
N PHE A 490 -16.33 -21.65 -20.29
CA PHE A 490 -16.88 -21.39 -21.61
C PHE A 490 -17.46 -22.69 -22.16
N ASN A 491 -18.65 -23.08 -21.71
CA ASN A 491 -19.11 -24.40 -22.11
C ASN A 491 -20.04 -24.40 -23.30
N VAL A 492 -20.23 -23.23 -23.93
CA VAL A 492 -20.79 -23.14 -25.27
C VAL A 492 -19.68 -23.32 -26.31
N ASN A 493 -18.56 -22.64 -26.11
CA ASN A 493 -17.42 -22.77 -26.99
C ASN A 493 -16.11 -22.89 -26.19
N PRO A 494 -15.79 -24.12 -25.74
CA PRO A 494 -14.63 -24.34 -24.88
C PRO A 494 -13.27 -24.20 -25.57
N ASP A 495 -13.27 -23.84 -26.86
CA ASP A 495 -12.05 -23.52 -27.55
C ASP A 495 -11.63 -22.05 -27.38
N ILE A 496 -12.49 -21.28 -26.72
CA ILE A 496 -12.21 -19.86 -26.49
C ILE A 496 -11.02 -19.64 -25.57
N ARG A 497 -10.33 -18.51 -25.78
CA ARG A 497 -9.25 -18.05 -24.93
C ARG A 497 -9.60 -16.68 -24.33
N GLN A 498 -9.45 -16.57 -23.02
CA GLN A 498 -9.58 -15.30 -22.30
C GLN A 498 -8.17 -14.78 -22.01
N GLN A 499 -7.78 -13.61 -22.51
CA GLN A 499 -6.36 -13.27 -22.35
C GLN A 499 -5.91 -13.01 -20.92
N HIS A 500 -6.80 -12.46 -20.11
CA HIS A 500 -6.47 -12.22 -18.70
C HIS A 500 -7.72 -12.01 -17.83
N GLY A 501 -7.59 -12.29 -16.53
CA GLY A 501 -8.59 -11.90 -15.56
C GLY A 501 -8.58 -10.40 -15.30
N PHE A 502 -7.36 -9.84 -15.27
CA PHE A 502 -7.14 -8.48 -14.81
C PHE A 502 -6.32 -7.68 -15.79
N GLN A 503 -6.51 -6.38 -15.78
CA GLN A 503 -5.85 -5.54 -16.74
C GLN A 503 -5.70 -4.13 -16.14
N ALA A 504 -4.48 -3.59 -16.19
CA ALA A 504 -4.18 -2.36 -15.52
C ALA A 504 -2.94 -1.71 -16.11
N PRO A 505 -2.83 -0.38 -15.97
CA PRO A 505 -1.53 0.23 -16.31
C PRO A 505 -0.41 -0.28 -15.39
N VAL A 506 0.82 -0.27 -15.91
CA VAL A 506 1.99 -0.57 -15.10
C VAL A 506 2.56 0.76 -14.60
N LYS A 507 2.39 0.97 -13.29
CA LYS A 507 2.79 2.21 -12.60
C LYS A 507 3.11 1.88 -11.14
N PRO A 508 4.02 2.63 -10.51
CA PRO A 508 4.33 2.14 -9.16
C PRO A 508 3.22 2.24 -8.11
N GLY A 509 2.20 3.05 -8.32
CA GLY A 509 1.12 3.23 -7.35
C GLY A 509 -0.16 2.49 -7.73
N VAL A 510 -0.03 1.54 -8.65
CA VAL A 510 -1.12 0.60 -9.01
C VAL A 510 -0.61 -0.77 -8.65
N LYS A 511 -1.21 -1.37 -7.63
CA LYS A 511 -0.67 -2.61 -7.03
C LYS A 511 -1.75 -3.60 -6.85
N PHE A 512 -1.41 -4.86 -7.04
CA PHE A 512 -2.32 -5.95 -6.74
C PHE A 512 -1.59 -6.93 -5.83
N HIS A 513 -2.37 -7.65 -5.04
CA HIS A 513 -1.89 -8.71 -4.19
C HIS A 513 -2.79 -9.93 -4.27
N ASP A 514 -2.20 -11.09 -4.46
CA ASP A 514 -2.90 -12.38 -4.41
C ASP A 514 -4.02 -12.47 -5.44
N LEU A 515 -3.63 -12.56 -6.72
CA LEU A 515 -4.54 -12.80 -7.84
C LEU A 515 -4.51 -14.25 -8.31
N LEU A 516 -5.67 -14.72 -8.74
CA LEU A 516 -5.73 -16.02 -9.38
C LEU A 516 -6.73 -16.03 -10.53
N VAL A 517 -6.50 -16.96 -11.46
CA VAL A 517 -7.49 -17.29 -12.48
C VAL A 517 -7.65 -18.79 -12.59
N VAL A 518 -8.86 -19.24 -12.93
CA VAL A 518 -9.19 -20.64 -12.84
C VAL A 518 -10.09 -20.99 -13.99
N SER A 519 -9.71 -21.97 -14.80
CA SER A 519 -10.62 -22.58 -15.75
C SER A 519 -11.29 -23.77 -15.13
N LEU A 520 -12.61 -23.84 -15.24
CA LEU A 520 -13.33 -24.96 -14.66
C LEU A 520 -13.39 -26.12 -15.68
N GLY A 521 -12.64 -27.19 -15.36
CA GLY A 521 -12.58 -28.38 -16.20
C GLY A 521 -12.23 -28.17 -17.68
N GLY A 522 -11.28 -27.28 -17.95
CA GLY A 522 -10.79 -27.06 -19.31
C GLY A 522 -11.75 -26.42 -20.28
N LYS A 523 -12.80 -25.79 -19.77
CA LYS A 523 -13.77 -25.13 -20.63
C LYS A 523 -13.28 -23.71 -20.92
N GLY A 524 -12.58 -23.56 -22.04
CA GLY A 524 -11.79 -22.37 -22.29
C GLY A 524 -10.56 -22.32 -21.39
N GLN A 525 -9.65 -21.42 -21.71
CA GLN A 525 -8.48 -21.20 -20.86
C GLN A 525 -8.13 -19.72 -20.79
N TYR A 526 -7.49 -19.33 -19.69
CA TYR A 526 -6.83 -18.03 -19.57
C TYR A 526 -5.42 -18.06 -20.12
N GLU A 527 -5.05 -17.08 -20.94
CA GLU A 527 -3.66 -16.95 -21.40
C GLU A 527 -2.68 -16.44 -20.34
N HIS A 528 -3.21 -15.65 -19.40
CA HIS A 528 -2.42 -14.99 -18.36
C HIS A 528 -3.35 -14.60 -17.21
N VAL A 529 -2.75 -14.07 -16.16
CA VAL A 529 -3.51 -13.59 -15.01
C VAL A 529 -3.85 -12.11 -15.16
N ILE A 530 -2.86 -11.30 -15.54
CA ILE A 530 -3.02 -9.84 -15.61
C ILE A 530 -2.25 -9.17 -16.79
N ASN A 531 -2.90 -8.28 -17.53
CA ASN A 531 -2.38 -7.81 -18.82
C ASN A 531 -1.85 -9.02 -19.65
N ASP A 532 -0.52 -9.11 -19.77
CA ASP A 532 0.18 -10.24 -20.42
C ASP A 532 1.11 -11.01 -19.48
N ILE A 533 0.83 -10.91 -18.18
CA ILE A 533 1.68 -11.48 -17.16
C ILE A 533 0.91 -12.59 -16.44
N GLY A 534 1.62 -13.68 -16.20
CA GLY A 534 1.20 -14.73 -15.30
C GLY A 534 1.70 -16.03 -15.88
N ASP A 535 1.00 -17.12 -15.62
CA ASP A 535 1.00 -18.27 -16.49
C ASP A 535 -0.44 -18.43 -17.00
N PRO A 536 -0.62 -19.13 -18.14
CA PRO A 536 -1.96 -19.52 -18.57
C PRO A 536 -2.51 -20.61 -17.70
N THR A 537 -3.82 -20.83 -17.73
CA THR A 537 -4.34 -22.08 -17.26
C THR A 537 -4.11 -23.18 -18.31
N SER A 538 -3.93 -24.39 -17.82
CA SER A 538 -3.79 -25.55 -18.71
C SER A 538 -4.46 -26.76 -18.11
N GLY A 539 -4.59 -27.80 -18.92
CA GLY A 539 -5.21 -29.03 -18.49
C GLY A 539 -6.69 -28.87 -18.26
N ASP A 540 -7.29 -29.93 -17.70
CA ASP A 540 -8.69 -29.87 -17.26
C ASP A 540 -8.82 -30.10 -15.75
N THR A 541 -7.74 -29.92 -15.00
CA THR A 541 -7.77 -30.36 -13.60
C THR A 541 -8.05 -29.21 -12.57
N THR A 542 -8.49 -28.04 -13.09
CA THR A 542 -9.02 -26.91 -12.30
C THR A 542 -8.02 -26.27 -11.36
N ILE A 543 -6.77 -26.37 -11.78
CA ILE A 543 -5.69 -25.83 -10.98
C ILE A 543 -5.53 -24.34 -11.25
N PRO A 544 -5.74 -23.51 -10.20
CA PRO A 544 -5.52 -22.08 -10.17
C PRO A 544 -4.19 -21.71 -10.78
N SER A 545 -4.11 -20.62 -11.53
CA SER A 545 -2.84 -19.95 -11.82
C SER A 545 -2.82 -18.63 -11.06
N GLN A 546 -1.70 -18.36 -10.38
CA GLN A 546 -1.66 -17.37 -9.32
C GLN A 546 -0.55 -16.34 -9.54
N VAL A 547 -0.86 -15.06 -9.29
CA VAL A 547 0.15 -14.00 -9.13
C VAL A 547 0.09 -13.43 -7.71
N VAL A 548 1.24 -13.36 -7.07
CA VAL A 548 1.31 -12.98 -5.65
C VAL A 548 1.35 -11.46 -5.50
N SER A 549 2.22 -10.81 -6.25
CA SER A 549 2.25 -9.36 -6.19
C SER A 549 2.56 -8.77 -7.58
N PHE A 550 1.86 -7.69 -7.86
CA PHE A 550 1.95 -7.07 -9.13
C PHE A 550 2.08 -5.58 -8.92
N PRO A 551 2.97 -4.94 -9.70
CA PRO A 551 3.73 -5.32 -10.92
C PRO A 551 5.08 -6.08 -10.76
N ALA B 1 -4.82 32.97 -0.96
CA ALA B 1 -4.85 34.26 -0.26
C ALA B 1 -4.84 34.16 1.26
N GLN B 2 -4.33 33.03 1.76
CA GLN B 2 -4.51 32.68 3.18
C GLN B 2 -3.26 32.04 3.78
N GLU B 3 -2.88 32.45 4.99
CA GLU B 3 -1.65 31.87 5.58
C GLU B 3 -1.71 30.33 5.73
N VAL B 4 -0.59 29.67 5.43
CA VAL B 4 -0.50 28.21 5.53
C VAL B 4 -0.33 27.96 7.00
N VAL B 5 -1.01 26.94 7.52
CA VAL B 5 -1.08 26.74 8.96
C VAL B 5 -0.05 25.74 9.43
N GLY B 6 0.52 26.03 10.59
CA GLY B 6 1.55 25.20 11.14
C GLY B 6 1.01 24.01 11.93
N GLY B 7 1.92 23.08 12.23
CA GLY B 7 1.63 21.90 13.03
C GLY B 7 0.53 20.94 12.60
N GLY B 8 -0.08 20.30 13.59
CA GLY B 8 -1.21 19.42 13.35
C GLY B 8 -0.79 17.96 13.42
N ASP B 9 -1.42 17.16 12.58
CA ASP B 9 -1.20 15.74 12.67
C ASP B 9 -0.22 15.31 11.63
N LEU B 10 0.44 14.19 11.94
CA LEU B 10 1.43 13.56 11.09
C LEU B 10 0.89 12.45 10.14
N GLY B 11 -0.43 12.27 10.11
CA GLY B 11 -1.09 11.43 9.13
C GLY B 11 -0.98 9.91 9.33
N PRO B 12 -1.59 9.13 8.42
CA PRO B 12 -1.72 7.69 8.71
C PRO B 12 -0.45 6.87 8.48
N ASN B 13 0.54 7.47 7.83
CA ASN B 13 1.77 6.75 7.48
C ASN B 13 2.87 6.87 8.51
N VAL B 14 2.57 7.60 9.57
CA VAL B 14 3.40 7.58 10.76
C VAL B 14 2.67 6.74 11.79
N LEU B 15 3.37 5.76 12.31
CA LEU B 15 2.86 4.90 13.35
C LEU B 15 3.64 5.27 14.59
N VAL B 16 2.93 5.71 15.62
CA VAL B 16 3.56 6.14 16.87
C VAL B 16 3.20 5.19 18.01
N PHE B 17 4.23 4.76 18.74
CA PHE B 17 4.09 3.79 19.82
C PHE B 17 4.58 4.37 21.17
N ASP B 18 3.95 3.92 22.25
CA ASP B 18 4.55 3.96 23.60
C ASP B 18 4.66 2.52 24.16
N PRO B 19 5.33 2.32 25.31
CA PRO B 19 5.67 0.92 25.67
C PRO B 19 4.43 0.05 25.89
N SER B 20 3.31 0.74 26.11
CA SER B 20 2.03 0.13 26.45
C SER B 20 1.23 -0.38 25.27
N THR B 21 1.55 0.12 24.07
CA THR B 21 0.71 -0.07 22.89
C THR B 21 0.38 -1.53 22.62
N PRO B 22 -0.90 -1.80 22.32
CA PRO B 22 -1.12 -3.22 22.12
C PRO B 22 -0.40 -3.79 20.86
N ASP B 23 0.17 -4.99 21.02
CA ASP B 23 0.73 -5.77 19.90
C ASP B 23 1.60 -4.95 18.92
N ILE B 24 2.51 -4.17 19.50
CA ILE B 24 3.56 -3.45 18.76
C ILE B 24 4.29 -4.29 17.71
N GLN B 25 4.62 -5.54 18.05
CA GLN B 25 5.36 -6.43 17.12
C GLN B 25 4.47 -6.92 15.96
N GLY B 26 3.24 -7.32 16.27
CA GLY B 26 2.30 -7.68 15.22
C GLY B 26 2.15 -6.49 14.26
N LYS B 27 2.07 -5.29 14.84
CA LYS B 27 1.90 -4.10 14.03
C LYS B 27 3.14 -3.82 13.19
N VAL B 28 4.30 -3.70 13.84
CA VAL B 28 5.55 -3.56 13.07
C VAL B 28 5.65 -4.65 12.02
N ASP B 29 5.04 -5.80 12.30
CA ASP B 29 5.15 -6.94 11.41
C ASP B 29 4.26 -6.78 10.19
N GLU B 30 3.10 -6.12 10.31
CA GLU B 30 2.26 -5.93 9.11
C GLU B 30 2.94 -4.98 8.13
N VAL B 31 3.57 -3.92 8.63
CA VAL B 31 4.30 -3.01 7.73
C VAL B 31 5.43 -3.77 7.04
N PHE B 32 6.09 -4.66 7.74
CA PHE B 32 7.18 -5.43 7.13
C PHE B 32 6.70 -6.38 6.04
N ARG B 33 5.54 -7.01 6.24
CA ARG B 33 5.08 -8.00 5.27
C ARG B 33 4.80 -7.29 3.93
N LYS B 34 4.32 -6.06 3.98
CA LYS B 34 4.01 -5.30 2.76
C LYS B 34 5.20 -4.58 2.12
N GLN B 35 6.25 -4.39 2.91
CA GLN B 35 7.39 -3.60 2.49
C GLN B 35 8.64 -4.44 2.21
N GLU B 36 8.67 -5.68 2.73
CA GLU B 36 9.82 -6.58 2.54
C GLU B 36 10.29 -6.58 1.09
N SER B 37 9.31 -6.71 0.17
CA SER B 37 9.50 -6.82 -1.31
C SER B 37 9.24 -5.59 -2.12
N ASN B 38 8.77 -4.51 -1.49
CA ASN B 38 8.14 -3.39 -2.19
C ASN B 38 9.25 -2.44 -2.68
N GLN B 39 10.09 -2.95 -3.57
CA GLN B 39 11.30 -2.21 -3.94
C GLN B 39 10.98 -0.92 -4.66
N PHE B 40 9.92 -0.93 -5.47
CA PHE B 40 9.56 0.22 -6.28
C PHE B 40 8.15 0.79 -6.09
N GLY B 41 7.35 0.27 -5.15
CA GLY B 41 6.02 0.81 -4.94
C GLY B 41 6.00 2.12 -4.15
N THR B 42 4.81 2.67 -3.94
CA THR B 42 4.66 4.02 -3.39
C THR B 42 4.33 4.07 -1.91
N ASP B 43 4.22 2.93 -1.23
CA ASP B 43 3.99 2.95 0.23
C ASP B 43 5.21 3.53 0.92
N ARG B 44 4.96 4.24 2.00
CA ARG B 44 6.02 4.88 2.77
C ARG B 44 5.60 4.82 4.23
N TYR B 45 6.50 4.46 5.14
CA TYR B 45 6.14 4.41 6.57
C TYR B 45 7.23 4.89 7.50
N ALA B 46 6.81 5.63 8.51
CA ALA B 46 7.68 5.96 9.63
C ALA B 46 7.18 5.24 10.88
N LEU B 47 8.08 4.60 11.60
CA LEU B 47 7.77 3.97 12.89
C LEU B 47 8.44 4.80 13.96
N MET B 48 7.67 5.42 14.85
CA MET B 48 8.19 6.39 15.80
C MET B 48 7.86 5.96 17.23
N PHE B 49 8.92 5.73 18.02
CA PHE B 49 8.82 5.11 19.35
C PHE B 49 9.03 6.11 20.46
N LYS B 50 8.00 6.26 21.30
CA LYS B 50 8.08 7.24 22.39
C LYS B 50 9.12 6.82 23.41
N PRO B 51 9.70 7.79 24.17
CA PRO B 51 10.66 7.40 25.22
C PRO B 51 10.17 6.25 26.11
N GLY B 52 11.07 5.31 26.44
CA GLY B 52 10.73 4.12 27.22
C GLY B 52 11.50 2.86 26.83
N THR B 53 10.97 1.72 27.27
CA THR B 53 11.63 0.41 27.21
C THR B 53 10.71 -0.64 26.59
N TYR B 54 11.15 -1.20 25.47
CA TYR B 54 10.31 -2.12 24.69
C TYR B 54 10.94 -3.49 24.68
N ASN B 55 10.15 -4.52 25.04
CA ASN B 55 10.66 -5.88 25.18
C ASN B 55 10.10 -6.84 24.12
N ASP B 56 10.88 -7.90 23.85
CA ASP B 56 10.38 -8.99 23.07
C ASP B 56 10.07 -8.46 21.66
N ILE B 57 10.91 -7.54 21.20
CA ILE B 57 10.71 -6.88 19.92
C ILE B 57 11.83 -7.20 18.96
N ASN B 58 11.45 -7.75 17.81
CA ASN B 58 12.26 -7.67 16.64
C ASN B 58 11.58 -6.72 15.64
N ALA B 59 12.30 -5.69 15.22
CA ALA B 59 11.73 -4.72 14.30
C ALA B 59 12.44 -4.87 12.98
N GLN B 60 11.72 -5.53 12.08
CA GLN B 60 12.26 -5.97 10.82
C GLN B 60 11.94 -4.86 9.83
N ILE B 61 12.97 -4.35 9.16
CA ILE B 61 12.85 -3.10 8.39
C ILE B 61 12.93 -3.41 6.89
N GLY B 62 11.84 -3.16 6.19
CA GLY B 62 11.73 -3.36 4.74
C GLY B 62 12.00 -2.08 3.96
N PHE B 63 11.62 -2.07 2.69
CA PHE B 63 11.78 -0.89 1.87
C PHE B 63 10.97 0.29 2.42
N TYR B 64 11.52 1.49 2.23
CA TYR B 64 10.84 2.76 2.53
C TYR B 64 10.24 2.80 3.93
N THR B 65 11.02 2.32 4.89
CA THR B 65 10.61 2.30 6.29
C THR B 65 11.71 2.99 7.09
N SER B 66 11.31 4.01 7.84
CA SER B 66 12.20 4.74 8.74
C SER B 66 11.72 4.54 10.17
N ILE B 67 12.64 4.06 11.01
CA ILE B 67 12.32 3.80 12.43
C ILE B 67 13.19 4.68 13.30
N ALA B 68 12.56 5.28 14.31
CA ALA B 68 13.23 6.21 15.16
C ALA B 68 12.62 6.28 16.55
N GLY B 69 13.45 6.69 17.49
CA GLY B 69 12.99 7.10 18.81
C GLY B 69 12.62 8.59 18.89
N LEU B 70 11.78 8.91 19.88
CA LEU B 70 11.34 10.28 20.19
C LEU B 70 11.97 10.92 21.43
N GLY B 71 13.01 10.30 22.00
CA GLY B 71 13.72 10.88 23.14
C GLY B 71 14.63 11.99 22.65
N LEU B 72 15.06 12.89 23.54
CA LEU B 72 16.12 13.80 23.13
C LEU B 72 17.33 12.95 22.76
N ASN B 73 17.58 11.93 23.59
CA ASN B 73 18.81 11.11 23.55
C ASN B 73 18.55 9.63 23.16
N PRO B 74 19.54 8.96 22.55
CA PRO B 74 19.32 7.61 22.06
C PRO B 74 18.89 6.57 23.15
N ASP B 75 19.50 6.65 24.32
CA ASP B 75 19.18 5.69 25.38
C ASP B 75 17.82 5.96 26.03
N ASP B 76 17.19 7.09 25.67
CA ASP B 76 15.85 7.40 26.14
C ASP B 76 14.81 6.45 25.56
N THR B 77 15.13 5.82 24.43
CA THR B 77 14.26 4.83 23.79
C THR B 77 15.03 3.53 23.52
N THR B 78 14.76 2.52 24.36
CA THR B 78 15.50 1.29 24.43
C THR B 78 14.70 0.04 24.04
N PHE B 79 15.29 -0.75 23.14
CA PHE B 79 14.73 -2.02 22.65
C PHE B 79 15.56 -3.19 23.17
N ASN B 80 14.96 -4.02 24.02
CA ASN B 80 15.58 -5.29 24.37
C ASN B 80 15.19 -6.25 23.26
N GLY B 81 15.99 -6.15 22.21
CA GLY B 81 15.65 -6.72 20.93
C GLY B 81 16.44 -5.97 19.88
N ASP B 82 15.92 -6.02 18.65
CA ASP B 82 16.72 -5.78 17.47
C ASP B 82 15.96 -4.93 16.45
N VAL B 83 16.74 -4.17 15.69
CA VAL B 83 16.25 -3.48 14.51
C VAL B 83 17.00 -4.15 13.37
N THR B 84 16.27 -4.98 12.61
CA THR B 84 16.89 -5.98 11.78
C THR B 84 16.68 -5.69 10.29
N VAL B 85 17.78 -5.75 9.54
CA VAL B 85 17.69 -5.86 8.10
C VAL B 85 18.42 -7.12 7.65
N ASP B 86 17.67 -7.99 6.97
CA ASP B 86 18.21 -9.23 6.40
C ASP B 86 17.97 -9.28 4.89
N ALA B 87 18.54 -10.29 4.21
CA ALA B 87 18.28 -10.49 2.78
C ALA B 87 17.54 -11.78 2.40
N GLY B 88 16.79 -12.36 3.34
CA GLY B 88 15.96 -13.53 3.06
C GLY B 88 15.08 -13.40 1.82
N TRP B 89 14.47 -12.22 1.60
CA TRP B 89 13.57 -11.94 0.47
C TRP B 89 14.18 -11.99 -0.93
N PHE B 90 15.50 -11.84 -1.03
CA PHE B 90 16.06 -12.38 -2.25
C PHE B 90 17.35 -13.17 -2.16
N ASP B 91 17.11 -14.37 -1.64
CA ASP B 91 18.02 -15.48 -1.78
C ASP B 91 19.28 -15.20 -0.95
N GLY B 92 19.15 -14.20 -0.08
CA GLY B 92 20.15 -13.82 0.88
C GLY B 92 21.19 -12.91 0.24
N ASN B 93 20.85 -12.35 -0.91
CA ASN B 93 21.62 -11.32 -1.57
C ASN B 93 21.23 -9.91 -1.02
N ALA B 94 22.11 -9.28 -0.24
CA ALA B 94 21.80 -8.00 0.39
C ALA B 94 22.00 -6.77 -0.49
N THR B 95 22.12 -6.95 -1.80
CA THR B 95 22.53 -5.88 -2.71
C THR B 95 21.38 -5.06 -3.31
N GLN B 96 20.13 -5.41 -2.97
CA GLN B 96 18.97 -4.57 -3.27
C GLN B 96 18.32 -3.99 -1.99
N ASN B 97 18.99 -4.12 -0.83
CA ASN B 97 18.44 -3.58 0.43
C ASN B 97 18.68 -2.09 0.62
N PHE B 98 17.85 -1.30 -0.08
CA PHE B 98 17.91 0.14 -0.15
C PHE B 98 16.79 0.87 0.62
N TRP B 99 16.96 2.19 0.76
CA TRP B 99 15.90 3.14 1.11
C TRP B 99 15.17 2.85 2.42
N ARG B 100 15.92 2.86 3.51
CA ARG B 100 15.33 2.59 4.80
C ARG B 100 16.25 3.16 5.89
N SER B 101 15.77 3.30 7.11
CA SER B 101 16.66 3.96 8.06
C SER B 101 16.34 3.69 9.50
N ALA B 102 17.38 3.85 10.33
CA ALA B 102 17.24 3.72 11.79
C ALA B 102 17.93 4.88 12.45
N GLU B 103 17.27 5.47 13.45
CA GLU B 103 17.94 6.50 14.24
C GLU B 103 17.39 6.69 15.66
N ASN B 104 18.26 7.17 16.54
CA ASN B 104 17.84 7.73 17.82
C ASN B 104 17.22 6.66 18.75
N LEU B 105 17.83 5.48 18.76
CA LEU B 105 17.38 4.31 19.57
C LEU B 105 18.58 3.64 20.23
N ALA B 106 18.38 3.08 21.43
CA ALA B 106 19.35 2.15 22.01
C ALA B 106 18.82 0.73 21.80
N LEU B 107 19.71 -0.17 21.44
CA LEU B 107 19.41 -1.56 21.13
C LEU B 107 20.21 -2.47 22.04
N ASN B 108 19.50 -3.45 22.60
CA ASN B 108 20.13 -4.49 23.41
C ASN B 108 19.75 -5.80 22.73
N PRO B 109 20.56 -6.19 21.74
CA PRO B 109 20.09 -7.21 20.78
C PRO B 109 19.97 -8.60 21.37
N VAL B 110 18.93 -9.32 20.95
CA VAL B 110 18.50 -10.57 21.60
C VAL B 110 19.62 -11.53 21.95
N ASN B 111 20.49 -11.77 20.95
CA ASN B 111 21.53 -12.80 21.00
C ASN B 111 22.90 -12.13 21.11
N GLY B 112 22.91 -10.83 21.40
CA GLY B 112 24.15 -10.09 21.60
C GLY B 112 24.55 -9.21 20.40
N THR B 113 24.19 -9.65 19.20
CA THR B 113 24.47 -8.93 17.97
C THR B 113 23.19 -8.49 17.24
N ASN B 114 23.24 -7.30 16.64
CA ASN B 114 22.16 -6.77 15.82
C ASN B 114 22.56 -6.88 14.35
N ARG B 115 21.65 -7.39 13.50
CA ARG B 115 21.95 -7.55 12.06
C ARG B 115 21.38 -6.37 11.24
N TRP B 116 22.26 -5.60 10.61
CA TRP B 116 21.90 -4.46 9.75
C TRP B 116 22.52 -4.66 8.37
N ALA B 117 21.96 -5.60 7.61
CA ALA B 117 22.55 -6.05 6.37
C ALA B 117 22.01 -5.25 5.19
N VAL B 118 22.49 -4.03 5.07
CA VAL B 118 21.97 -3.07 4.10
C VAL B 118 22.93 -2.76 2.95
N SER B 119 22.37 -2.15 1.90
CA SER B 119 23.17 -1.61 0.82
C SER B 119 22.99 -0.09 0.82
N GLN B 120 22.86 0.56 -0.33
CA GLN B 120 22.87 2.04 -0.36
C GLN B 120 21.60 2.68 0.20
N ALA B 121 21.73 3.92 0.67
CA ALA B 121 20.58 4.72 1.15
C ALA B 121 19.87 4.05 2.32
N ALA B 122 20.67 3.57 3.27
CA ALA B 122 20.15 2.92 4.47
C ALA B 122 20.86 3.43 5.74
N PRO B 123 20.67 4.71 6.07
CA PRO B 123 21.46 5.31 7.14
C PRO B 123 21.12 4.75 8.52
N PHE B 124 22.16 4.72 9.34
CA PHE B 124 22.12 4.28 10.72
C PHE B 124 22.76 5.42 11.49
N ARG B 125 21.92 6.23 12.16
CA ARG B 125 22.37 7.47 12.80
C ARG B 125 21.97 7.55 14.26
N ARG B 126 22.86 8.08 15.10
CA ARG B 126 22.49 8.38 16.47
C ARG B 126 21.94 7.14 17.18
N MET B 127 22.58 6.01 16.92
CA MET B 127 22.21 4.74 17.53
C MET B 127 23.19 4.35 18.62
N HIS B 128 22.66 3.69 19.63
CA HIS B 128 23.49 3.04 20.62
C HIS B 128 23.24 1.52 20.65
N VAL B 129 24.19 0.76 20.12
CA VAL B 129 24.07 -0.69 20.12
C VAL B 129 24.91 -1.26 21.29
N LYS B 130 24.21 -1.88 22.24
CA LYS B 130 24.86 -2.47 23.42
C LYS B 130 25.21 -3.94 23.14
N GLY B 131 26.12 -4.09 22.19
CA GLY B 131 26.58 -5.38 21.67
C GLY B 131 27.31 -5.09 20.38
N GLY B 132 27.38 -6.11 19.50
CA GLY B 132 28.00 -5.96 18.21
C GLY B 132 26.97 -5.62 17.16
N LEU B 133 27.47 -5.31 15.97
CA LEU B 133 26.65 -4.95 14.81
C LEU B 133 27.19 -5.76 13.65
N ASN B 134 26.32 -6.59 13.06
CA ASN B 134 26.67 -7.47 11.95
C ASN B 134 26.08 -6.79 10.74
N LEU B 135 26.91 -6.47 9.76
CA LEU B 135 26.46 -5.75 8.57
C LEU B 135 26.22 -6.65 7.36
N ALA B 136 26.37 -7.96 7.52
CA ALA B 136 26.24 -8.88 6.39
C ALA B 136 25.03 -9.76 6.58
N PRO B 137 24.60 -10.46 5.51
CA PRO B 137 23.68 -11.61 5.62
C PRO B 137 24.47 -12.86 6.08
N ASP B 138 23.88 -14.06 6.08
CA ASP B 138 24.69 -15.31 6.16
C ASP B 138 24.92 -15.83 4.77
N GLY B 139 25.68 -16.92 4.68
CA GLY B 139 26.21 -17.38 3.41
C GLY B 139 27.25 -16.41 2.86
N TYR B 140 27.41 -15.25 3.48
CA TYR B 140 28.26 -14.16 2.99
C TYR B 140 27.92 -13.62 1.61
N GLY B 141 26.64 -13.37 1.41
CA GLY B 141 26.19 -12.74 0.18
C GLY B 141 26.86 -11.40 0.16
N TRP B 142 26.96 -10.77 -1.01
CA TRP B 142 27.75 -9.57 -1.05
C TRP B 142 26.79 -8.51 -0.52
N ALA B 143 27.30 -7.47 0.14
CA ALA B 143 26.49 -6.29 0.48
C ALA B 143 27.25 -5.16 -0.11
N SER B 144 26.56 -4.05 -0.36
CA SER B 144 27.19 -2.88 -0.92
C SER B 144 26.71 -1.62 -0.15
N GLY B 145 26.98 -1.60 1.16
CA GLY B 145 26.67 -0.44 2.00
C GLY B 145 27.76 0.62 1.91
N GLY B 146 27.76 1.57 2.83
CA GLY B 146 26.81 1.70 3.93
C GLY B 146 27.28 2.90 4.72
N TYR B 147 26.50 3.33 5.71
CA TYR B 147 26.68 4.61 6.39
C TYR B 147 26.24 4.52 7.85
N ILE B 148 27.20 4.74 8.75
CA ILE B 148 26.93 4.95 10.18
C ILE B 148 27.46 6.33 10.57
N ALA B 149 26.66 7.09 11.29
CA ALA B 149 27.16 8.35 11.85
C ALA B 149 26.62 8.55 13.24
N ASP B 150 27.43 9.17 14.08
CA ASP B 150 26.98 9.62 15.38
C ASP B 150 26.46 8.51 16.27
N SER B 151 27.09 7.36 16.19
CA SER B 151 26.60 6.18 16.90
C SER B 151 27.67 5.58 17.78
N LYS B 152 27.22 4.84 18.79
CA LYS B 152 28.15 4.10 19.66
C LYS B 152 27.78 2.60 19.58
N ILE B 153 28.74 1.80 19.12
CA ILE B 153 28.57 0.35 19.06
C ILE B 153 29.52 -0.22 20.12
N ASP B 154 28.96 -0.66 21.24
CA ASP B 154 29.76 -1.13 22.39
C ASP B 154 30.78 -2.18 22.02
N GLY B 155 30.38 -3.13 21.17
CA GLY B 155 31.22 -4.22 20.73
C GLY B 155 31.76 -4.02 19.33
N GLU B 156 32.01 -5.14 18.65
CA GLU B 156 32.62 -5.15 17.32
C GLU B 156 31.58 -4.88 16.23
N VAL B 157 31.99 -4.08 15.26
CA VAL B 157 31.31 -4.02 13.99
C VAL B 157 31.94 -5.04 13.04
N GLY B 158 31.11 -5.93 12.50
CA GLY B 158 31.56 -6.96 11.57
C GLY B 158 31.01 -6.72 10.17
N PRO B 159 31.84 -6.19 9.28
CA PRO B 159 31.35 -5.97 7.92
C PRO B 159 31.20 -7.28 7.13
N TYR B 160 32.02 -8.28 7.45
CA TYR B 160 32.12 -9.51 6.67
C TYR B 160 32.21 -9.23 5.17
N SER B 161 31.14 -9.54 4.43
CA SER B 161 31.14 -9.44 2.97
C SER B 161 30.75 -8.05 2.49
N GLN B 162 30.79 -7.06 3.39
CA GLN B 162 30.44 -5.71 2.96
C GLN B 162 31.57 -5.21 2.10
N GLN B 163 31.27 -4.80 0.87
CA GLN B 163 32.38 -4.40 0.05
C GLN B 163 33.04 -3.09 0.47
N GLN B 164 32.25 -2.13 0.91
CA GLN B 164 32.79 -0.84 1.35
C GLN B 164 31.88 -0.32 2.45
N TRP B 165 32.33 0.72 3.14
CA TRP B 165 31.58 1.28 4.27
C TRP B 165 32.16 2.60 4.70
N TYR B 166 31.29 3.52 5.16
CA TYR B 166 31.72 4.78 5.75
C TYR B 166 31.12 4.95 7.14
N THR B 167 31.98 5.28 8.09
CA THR B 167 31.57 5.55 9.45
C THR B 167 32.13 6.91 9.82
N ARG B 168 31.30 7.77 10.38
CA ARG B 168 31.85 9.00 10.95
C ARG B 168 31.37 9.33 12.35
N ASP B 169 32.23 10.02 13.07
CA ASP B 169 31.88 10.68 14.33
C ASP B 169 31.11 9.74 15.27
N SER B 170 31.76 8.64 15.61
CA SER B 170 31.18 7.52 16.34
C SER B 170 32.20 6.89 17.29
N SER B 171 31.76 5.87 18.03
CA SER B 171 32.64 5.03 18.83
C SER B 171 32.32 3.57 18.51
N VAL B 172 33.35 2.76 18.32
CA VAL B 172 33.18 1.31 18.13
C VAL B 172 34.09 0.55 19.08
N GLY B 173 33.65 -0.64 19.49
CA GLY B 173 34.41 -1.46 20.43
C GLY B 173 35.43 -2.28 19.67
N GLY B 174 35.15 -2.49 18.39
CA GLY B 174 36.03 -3.23 17.51
C GLY B 174 35.54 -3.08 16.08
N TRP B 175 36.44 -3.33 15.13
CA TRP B 175 36.09 -3.32 13.72
C TRP B 175 36.59 -4.58 13.02
N GLY B 176 35.65 -5.41 12.58
CA GLY B 176 35.95 -6.80 12.29
C GLY B 176 36.91 -7.07 11.15
N ASN B 177 36.82 -6.28 10.07
CA ASN B 177 37.59 -6.48 8.82
C ASN B 177 37.32 -5.41 7.78
N GLY B 178 38.14 -5.41 6.70
CA GLY B 178 37.87 -4.62 5.50
C GLY B 178 37.63 -5.49 4.28
N VAL B 179 37.23 -4.87 3.16
CA VAL B 179 37.00 -5.63 1.93
C VAL B 179 37.61 -4.87 0.74
N TRP B 180 36.94 -3.86 0.17
CA TRP B 180 37.55 -2.94 -0.79
C TRP B 180 37.91 -1.54 -0.20
N ASN B 181 36.99 -0.97 0.61
CA ASN B 181 37.16 0.39 1.06
C ASN B 181 36.35 0.65 2.32
N MET B 182 37.00 0.55 3.48
CA MET B 182 36.36 0.90 4.73
C MET B 182 37.01 2.21 5.17
N THR B 183 36.23 3.29 5.16
CA THR B 183 36.70 4.62 5.55
C THR B 183 36.05 5.08 6.87
N PHE B 184 36.84 5.78 7.67
CA PHE B 184 36.46 6.24 8.99
C PHE B 184 36.92 7.68 9.13
N SER B 185 36.07 8.56 9.66
CA SER B 185 36.52 9.88 10.10
C SER B 185 35.88 10.20 11.45
N GLY B 186 36.70 10.61 12.41
CA GLY B 186 36.21 10.88 13.74
C GLY B 186 35.67 9.68 14.52
N VAL B 187 36.24 8.49 14.27
CA VAL B 187 35.73 7.27 14.87
C VAL B 187 36.69 6.72 15.94
N GLU B 188 36.28 6.83 17.19
CA GLU B 188 36.93 6.17 18.31
C GLU B 188 36.92 4.64 18.14
N GLY B 189 38.06 3.97 18.22
CA GLY B 189 38.14 2.53 17.95
C GLY B 189 38.27 2.13 16.49
N ALA B 190 38.32 3.12 15.62
CA ALA B 190 38.61 2.88 14.23
C ALA B 190 39.93 2.11 14.13
N PRO B 191 40.00 1.16 13.21
CA PRO B 191 41.27 0.51 13.02
C PRO B 191 42.32 1.49 12.45
N ALA B 192 43.57 1.21 12.78
CA ALA B 192 44.73 1.83 12.15
C ALA B 192 44.56 1.99 10.64
N GLN B 193 44.87 3.21 10.20
CA GLN B 193 45.12 3.48 8.80
C GLN B 193 46.05 2.38 8.30
N SER B 194 45.77 1.86 7.11
CA SER B 194 46.48 0.68 6.65
C SER B 194 46.41 0.40 5.16
N PHE B 195 45.29 0.72 4.50
CA PHE B 195 45.21 0.71 3.03
C PHE B 195 46.57 0.68 2.35
N PRO B 196 46.82 -0.32 1.49
CA PRO B 196 45.99 -1.40 0.92
C PRO B 196 45.44 -2.45 1.90
N GLU B 197 46.26 -2.87 2.87
CA GLU B 197 45.96 -4.06 3.64
C GLU B 197 45.99 -3.92 5.17
N PRO B 198 44.84 -4.14 5.83
CA PRO B 198 43.53 -4.10 5.15
C PRO B 198 43.24 -2.72 4.56
N PRO B 199 42.16 -2.60 3.78
CA PRO B 199 41.83 -1.38 3.02
C PRO B 199 41.13 -0.34 3.88
N TYR B 200 41.79 -0.01 5.01
CA TYR B 200 41.29 0.95 5.97
C TYR B 200 41.85 2.32 5.63
N THR B 201 40.94 3.29 5.57
CA THR B 201 41.25 4.71 5.41
C THR B 201 40.70 5.40 6.64
N THR B 202 41.60 5.92 7.48
CA THR B 202 41.22 6.40 8.80
C THR B 202 41.68 7.82 9.04
N LEU B 203 40.71 8.71 9.21
CA LEU B 203 40.99 10.10 9.54
C LEU B 203 40.62 10.31 10.99
N GLU B 204 41.47 11.04 11.70
CA GLU B 204 41.26 11.22 13.12
C GLU B 204 39.99 12.02 13.42
N THR B 205 39.70 13.02 12.59
CA THR B 205 38.51 13.87 12.80
C THR B 205 37.80 14.15 11.48
N THR B 206 36.52 14.47 11.59
CA THR B 206 35.79 14.96 10.44
C THR B 206 35.92 16.49 10.37
N PRO B 207 36.34 17.03 9.20
CA PRO B 207 36.66 18.47 9.20
C PRO B 207 35.48 19.38 9.56
N VAL B 208 34.31 19.08 9.01
CA VAL B 208 33.08 19.73 9.46
C VAL B 208 31.97 18.70 9.47
N SER B 209 31.06 18.81 10.43
CA SER B 209 29.86 17.99 10.42
C SER B 209 28.78 18.57 11.31
N ARG B 210 27.55 18.21 11.00
CA ARG B 210 26.40 18.71 11.73
C ARG B 210 25.34 17.60 11.67
N GLU B 211 24.97 17.08 12.83
CA GLU B 211 24.09 15.93 12.87
C GLU B 211 22.69 16.25 12.36
N LYS B 212 22.08 15.27 11.70
CA LYS B 212 20.79 15.49 11.01
C LYS B 212 19.73 15.85 12.06
N PRO B 213 18.85 16.80 11.74
CA PRO B 213 17.70 17.09 12.60
C PRO B 213 16.76 15.90 12.74
N PHE B 214 16.09 15.85 13.90
CA PHE B 214 15.17 14.75 14.20
C PHE B 214 14.01 15.17 15.12
N LEU B 215 12.87 14.52 14.93
CA LEU B 215 11.67 14.75 15.70
C LEU B 215 11.85 14.19 17.13
N TYR B 216 11.43 14.91 18.16
CA TYR B 216 11.50 14.42 19.56
C TYR B 216 10.46 15.09 20.49
N LEU B 217 10.13 14.39 21.60
CA LEU B 217 9.14 14.76 22.67
C LEU B 217 9.71 15.48 23.90
N ASP B 218 9.36 16.76 24.14
CA ASP B 218 9.68 17.45 25.44
C ASP B 218 8.48 17.23 26.39
N GLY B 219 8.04 15.99 26.41
CA GLY B 219 6.88 15.59 27.16
C GLY B 219 5.74 15.28 26.21
N ASP B 220 4.92 16.30 26.01
CA ASP B 220 3.64 16.13 25.39
C ASP B 220 3.60 16.86 23.98
N ASP B 221 4.42 17.93 23.83
CA ASP B 221 4.87 18.57 22.55
C ASP B 221 5.56 17.65 21.55
N TYR B 222 5.36 17.84 20.24
CA TYR B 222 6.36 17.40 19.24
C TYR B 222 7.24 18.56 18.82
N LYS B 223 8.50 18.23 18.55
CA LYS B 223 9.51 19.24 18.24
C LYS B 223 10.62 18.59 17.39
N VAL B 224 11.29 19.40 16.58
CA VAL B 224 12.45 18.97 15.84
C VAL B 224 13.69 19.57 16.51
N PHE B 225 14.68 18.73 16.80
CA PHE B 225 15.95 19.23 17.33
C PHE B 225 16.88 19.41 16.18
N VAL B 226 17.65 20.50 16.23
CA VAL B 226 18.58 20.94 15.20
C VAL B 226 19.97 21.03 15.80
N PRO B 227 20.70 19.96 15.70
CA PRO B 227 22.11 19.95 16.13
C PRO B 227 22.91 21.12 15.56
N ALA B 228 23.78 21.71 16.37
CA ALA B 228 24.71 22.72 15.87
C ALA B 228 25.96 22.03 15.40
N LYS B 229 26.68 22.74 14.55
CA LYS B 229 27.93 22.25 13.98
C LYS B 229 28.95 21.80 14.99
N ARG B 230 29.75 20.82 14.56
CA ARG B 230 31.00 20.44 15.20
C ARG B 230 32.12 20.65 14.18
N THR B 231 33.21 21.28 14.62
CA THR B 231 34.44 21.37 13.82
C THR B 231 35.49 20.37 14.39
N ASN B 232 36.24 19.73 13.49
CA ASN B 232 37.15 18.65 13.85
C ASN B 232 36.47 17.66 14.80
N ALA B 233 35.36 17.11 14.31
CA ALA B 233 34.51 16.21 15.07
C ALA B 233 35.15 14.85 15.27
N ARG B 234 34.91 14.27 16.44
CA ARG B 234 35.27 12.89 16.72
C ARG B 234 34.43 12.41 17.90
N GLY B 235 33.98 11.16 17.82
CA GLY B 235 33.08 10.62 18.80
C GLY B 235 31.67 11.16 18.63
N THR B 236 30.76 10.65 19.47
CA THR B 236 29.34 10.99 19.36
C THR B 236 29.06 12.39 19.87
N SER B 237 27.92 12.94 19.46
CA SER B 237 27.52 14.28 19.90
C SER B 237 26.72 14.32 21.20
N TRP B 238 26.29 13.14 21.68
CA TRP B 238 25.30 12.99 22.73
C TRP B 238 25.81 12.20 23.92
N GLY B 239 27.03 11.67 23.87
CA GLY B 239 27.43 10.88 25.04
C GLY B 239 27.55 11.73 26.31
N ASN B 240 27.62 13.05 26.13
CA ASN B 240 27.66 13.90 27.31
C ASN B 240 26.26 14.46 27.61
N GLY B 241 25.29 13.88 26.90
CA GLY B 241 23.86 14.11 27.13
C GLY B 241 23.42 15.45 26.57
N THR B 242 22.16 15.83 26.85
CA THR B 242 21.74 17.26 26.82
C THR B 242 22.45 17.94 25.67
N PRO B 243 22.32 17.36 24.46
CA PRO B 243 23.11 17.67 23.25
C PRO B 243 23.09 19.14 22.82
N GLU B 244 24.07 19.61 22.02
CA GLU B 244 24.13 21.04 21.60
C GLU B 244 23.15 21.44 20.45
N GLY B 245 22.14 22.27 20.78
CA GLY B 245 21.28 22.86 19.77
C GLY B 245 20.14 23.85 20.05
N GLU B 246 19.29 24.02 19.03
CA GLU B 246 18.07 24.84 19.08
C GLU B 246 16.88 23.97 18.67
N SER B 247 15.90 23.87 19.56
CA SER B 247 14.70 23.09 19.26
C SER B 247 13.60 23.96 18.67
N LEU B 248 12.91 23.42 17.67
CA LEU B 248 11.84 24.12 16.99
C LEU B 248 10.50 23.49 17.33
N PRO B 249 9.44 24.31 17.49
CA PRO B 249 8.15 23.65 17.75
C PRO B 249 7.56 22.98 16.51
N LEU B 250 6.85 21.89 16.72
CA LEU B 250 6.17 21.26 15.60
C LEU B 250 5.20 22.22 14.88
N ASP B 251 4.47 23.05 15.62
CA ASP B 251 3.49 23.91 14.96
C ASP B 251 4.19 24.96 14.07
N GLN B 252 5.51 24.98 14.17
CA GLN B 252 6.33 25.87 13.39
C GLN B 252 6.74 25.23 12.07
N PHE B 253 6.20 24.05 11.80
CA PHE B 253 6.43 23.31 10.57
C PHE B 253 5.13 23.22 9.80
N TYR B 254 5.18 23.49 8.51
CA TYR B 254 4.11 23.05 7.65
C TYR B 254 4.28 21.53 7.52
N VAL B 255 3.20 20.81 7.83
CA VAL B 255 3.20 19.35 7.79
C VAL B 255 2.66 18.97 6.41
N VAL B 256 3.56 18.56 5.55
CA VAL B 256 3.17 18.32 4.17
C VAL B 256 2.60 16.92 4.12
N LYS B 257 1.39 16.79 3.58
CA LYS B 257 0.87 15.47 3.21
C LYS B 257 0.21 15.49 1.85
N PRO B 258 0.24 14.33 1.14
CA PRO B 258 0.08 14.33 -0.33
C PRO B 258 -1.18 15.05 -0.74
N GLY B 259 -1.09 15.95 -1.71
CA GLY B 259 -2.20 16.83 -2.06
C GLY B 259 -1.77 18.28 -1.94
N ALA B 260 -0.68 18.49 -1.21
CA ALA B 260 -0.04 19.82 -1.11
C ALA B 260 0.62 20.17 -2.45
N THR B 261 0.00 21.07 -3.20
CA THR B 261 0.70 21.69 -4.32
C THR B 261 2.03 22.30 -3.90
N ALA B 262 2.91 22.53 -4.87
CA ALA B 262 4.22 23.07 -4.52
C ALA B 262 4.12 24.59 -4.30
N GLU B 263 3.09 25.21 -4.87
CA GLU B 263 2.83 26.63 -4.62
C GLU B 263 2.48 26.81 -3.12
N THR B 264 1.72 25.87 -2.55
CA THR B 264 1.44 25.92 -1.11
C THR B 264 2.72 25.74 -0.28
N ILE B 265 3.49 24.71 -0.62
CA ILE B 265 4.76 24.43 0.04
C ILE B 265 5.71 25.65 0.01
N ASN B 266 5.79 26.31 -1.14
CA ASN B 266 6.64 27.50 -1.29
C ASN B 266 6.09 28.70 -0.51
N ALA B 267 4.77 28.79 -0.41
CA ALA B 267 4.15 29.84 0.40
C ALA B 267 4.49 29.69 1.87
N ALA B 268 4.45 28.45 2.37
CA ALA B 268 4.81 28.16 3.76
C ALA B 268 6.20 28.66 4.06
N VAL B 269 7.10 28.44 3.11
CA VAL B 269 8.44 28.96 3.25
C VAL B 269 8.56 30.53 3.27
N ASP B 270 7.94 31.32 2.36
CA ASP B 270 8.15 32.78 2.49
C ASP B 270 7.50 33.29 3.74
N GLN B 271 6.48 32.56 4.19
CA GLN B 271 5.79 32.84 5.43
C GLN B 271 6.74 32.73 6.62
N GLY B 272 7.80 31.93 6.44
CA GLY B 272 8.70 31.61 7.54
C GLY B 272 8.52 30.25 8.21
N LEU B 273 7.67 29.36 7.67
CA LEU B 273 7.54 28.02 8.24
C LEU B 273 8.65 27.09 7.74
N HIS B 274 9.03 26.12 8.55
CA HIS B 274 9.85 25.00 8.11
C HIS B 274 8.95 23.95 7.44
N LEU B 275 9.56 22.89 6.90
CA LEU B 275 8.85 21.83 6.19
C LEU B 275 9.11 20.48 6.83
N LEU B 276 8.02 19.75 7.08
CA LEU B 276 8.09 18.37 7.58
C LEU B 276 7.30 17.53 6.58
N PHE B 277 8.00 16.71 5.79
CA PHE B 277 7.32 15.87 4.82
C PHE B 277 6.97 14.55 5.45
N THR B 278 5.68 14.31 5.61
CA THR B 278 5.23 13.03 6.12
C THR B 278 5.46 11.95 5.05
N PRO B 279 5.45 10.69 5.44
CA PRO B 279 5.82 9.69 4.43
C PRO B 279 4.78 9.57 3.33
N GLY B 280 5.24 9.76 2.11
CA GLY B 280 4.38 9.68 0.95
C GLY B 280 5.16 10.09 -0.28
N VAL B 281 4.42 10.27 -1.36
CA VAL B 281 4.98 10.60 -2.65
C VAL B 281 4.28 11.84 -3.15
N TYR B 282 5.08 12.88 -3.41
CA TYR B 282 4.60 14.21 -3.71
C TYR B 282 5.01 14.63 -5.11
N HIS B 283 4.06 14.56 -6.03
CA HIS B 283 4.30 15.02 -7.38
C HIS B 283 4.15 16.55 -7.38
N VAL B 284 5.09 17.26 -8.02
CA VAL B 284 5.14 18.74 -8.04
C VAL B 284 5.37 19.34 -9.46
N ASP B 285 4.62 20.38 -9.77
CA ASP B 285 4.59 20.99 -11.11
C ASP B 285 5.52 22.17 -11.22
N GLN B 286 5.98 22.63 -10.06
CA GLN B 286 7.01 23.67 -9.92
C GLN B 286 8.04 23.28 -8.89
N PRO B 287 9.23 23.85 -8.99
CA PRO B 287 10.26 23.58 -7.99
C PRO B 287 9.85 24.00 -6.58
N ILE B 288 10.10 23.15 -5.62
CA ILE B 288 10.12 23.52 -4.23
C ILE B 288 11.29 24.49 -4.07
N GLU B 289 10.99 25.68 -3.56
CA GLU B 289 11.96 26.75 -3.33
C GLU B 289 12.18 26.97 -1.80
N ILE B 290 13.45 27.08 -1.41
CA ILE B 290 13.80 27.30 -0.02
C ILE B 290 14.81 28.43 0.01
N ASP B 291 14.27 29.64 0.14
CA ASP B 291 15.05 30.85 0.01
C ASP B 291 14.96 31.72 1.28
N ARG B 292 14.82 31.06 2.42
CA ARG B 292 14.90 31.72 3.74
C ARG B 292 15.96 30.99 4.57
N ALA B 293 16.88 31.74 5.16
CA ALA B 293 17.96 31.15 5.91
C ALA B 293 17.46 30.27 7.06
N ASN B 294 18.26 29.28 7.45
CA ASN B 294 17.97 28.34 8.55
C ASN B 294 16.68 27.48 8.40
N THR B 295 16.11 27.43 7.21
CA THR B 295 14.95 26.56 6.94
C THR B 295 15.34 25.08 7.04
N VAL B 296 14.56 24.33 7.82
CA VAL B 296 14.69 22.89 7.96
C VAL B 296 13.63 22.26 7.06
N ALA B 297 14.08 21.35 6.21
CA ALA B 297 13.18 20.56 5.36
C ALA B 297 13.50 19.11 5.62
N LEU B 298 12.66 18.48 6.44
CA LEU B 298 12.93 17.16 6.98
C LEU B 298 11.87 16.19 6.50
N GLY B 299 12.30 15.10 5.85
CA GLY B 299 11.38 14.03 5.49
C GLY B 299 11.33 12.90 6.50
N LEU B 300 10.20 12.20 6.51
CA LEU B 300 9.96 11.04 7.33
C LEU B 300 9.66 9.88 6.41
N GLY B 301 10.08 8.68 6.79
CA GLY B 301 9.77 7.47 6.04
C GLY B 301 10.03 7.55 4.54
N LEU B 302 11.18 8.08 4.15
CA LEU B 302 11.56 8.10 2.74
C LEU B 302 10.56 8.87 1.87
N ALA B 303 10.01 9.93 2.46
CA ALA B 303 9.19 10.87 1.71
C ALA B 303 9.90 11.22 0.40
N THR B 304 9.11 11.22 -0.66
CA THR B 304 9.63 11.32 -2.01
C THR B 304 9.02 12.44 -2.82
N ILE B 305 9.87 13.19 -3.53
CA ILE B 305 9.44 14.28 -4.40
C ILE B 305 9.65 13.83 -5.83
N ILE B 306 8.60 13.91 -6.65
CA ILE B 306 8.73 13.68 -8.08
C ILE B 306 8.35 14.97 -8.84
N PRO B 307 9.32 15.57 -9.57
CA PRO B 307 9.03 16.77 -10.38
C PRO B 307 8.44 16.40 -11.74
N ASP B 308 7.22 16.89 -11.94
CA ASP B 308 6.51 16.76 -13.20
C ASP B 308 7.00 17.80 -14.23
N ASN B 309 6.72 17.55 -15.50
CA ASN B 309 6.85 18.59 -16.51
C ASN B 309 8.29 19.02 -16.72
N GLY B 310 9.22 18.13 -16.42
CA GLY B 310 10.64 18.42 -16.55
C GLY B 310 11.15 19.50 -15.63
N VAL B 311 10.39 19.88 -14.59
CA VAL B 311 10.93 20.88 -13.67
C VAL B 311 11.97 20.29 -12.70
N THR B 312 12.74 21.18 -12.09
CA THR B 312 13.62 20.83 -10.98
C THR B 312 12.73 20.57 -9.78
N ALA B 313 13.12 19.65 -8.91
CA ALA B 313 12.32 19.32 -7.75
C ALA B 313 12.55 20.29 -6.61
N LEU B 314 13.81 20.66 -6.41
CA LEU B 314 14.22 21.39 -5.21
C LEU B 314 15.27 22.41 -5.58
N LYS B 315 15.02 23.67 -5.23
CA LYS B 315 15.97 24.75 -5.48
C LYS B 315 16.20 25.60 -4.24
N VAL B 316 17.36 25.46 -3.62
CA VAL B 316 17.70 26.22 -2.41
C VAL B 316 18.46 27.51 -2.82
N GLY B 317 18.19 28.62 -2.14
CA GLY B 317 18.88 29.88 -2.46
C GLY B 317 20.26 30.05 -1.81
N ASP B 318 20.88 31.18 -2.13
CA ASP B 318 22.20 31.58 -1.62
C ASP B 318 22.21 31.86 -0.11
N VAL B 319 21.41 31.15 0.66
CA VAL B 319 21.23 31.50 2.07
C VAL B 319 21.97 30.54 2.97
N ASP B 320 22.32 31.05 4.15
CA ASP B 320 22.92 30.27 5.23
C ASP B 320 21.91 29.24 5.78
N GLY B 321 22.43 28.10 6.23
CA GLY B 321 21.79 27.36 7.29
C GLY B 321 20.66 26.43 6.94
N VAL B 322 20.37 26.29 5.65
CA VAL B 322 19.28 25.42 5.24
C VAL B 322 19.70 23.96 5.50
N LYS B 323 18.74 23.16 6.00
CA LYS B 323 18.95 21.76 6.35
C LYS B 323 17.96 20.89 5.65
N VAL B 324 18.39 20.28 4.57
CA VAL B 324 17.54 19.34 3.84
C VAL B 324 17.94 17.95 4.28
N ALA B 325 16.96 17.13 4.66
CA ALA B 325 17.28 15.84 5.22
C ALA B 325 16.20 14.78 4.96
N GLY B 326 16.64 13.60 4.54
CA GLY B 326 15.76 12.43 4.55
C GLY B 326 14.70 12.32 3.46
N LEU B 327 15.06 12.78 2.26
CA LEU B 327 14.16 12.84 1.12
C LEU B 327 14.75 12.08 -0.06
N LEU B 328 13.87 11.41 -0.79
CA LEU B 328 14.21 10.80 -2.10
C LEU B 328 13.62 11.65 -3.18
N VAL B 329 14.43 12.06 -4.17
CA VAL B 329 13.95 12.78 -5.32
C VAL B 329 14.02 11.81 -6.47
N ASP B 330 12.87 11.60 -7.09
CA ASP B 330 12.75 10.59 -8.09
C ASP B 330 12.31 11.21 -9.42
N ALA B 331 13.13 11.08 -10.47
CA ALA B 331 12.78 11.71 -11.74
C ALA B 331 11.47 11.21 -12.32
N GLY B 332 10.76 12.13 -12.96
CA GLY B 332 9.64 11.79 -13.81
C GLY B 332 10.12 11.41 -15.21
N PRO B 333 9.17 10.95 -16.04
CA PRO B 333 9.46 10.56 -17.42
C PRO B 333 9.94 11.72 -18.27
N VAL B 334 9.35 12.90 -18.09
CA VAL B 334 9.84 14.09 -18.79
C VAL B 334 11.21 14.47 -18.21
N ASN B 335 12.21 14.59 -19.08
CA ASN B 335 13.56 14.95 -18.63
C ASN B 335 13.59 16.25 -17.87
N SER B 336 14.23 16.21 -16.71
CA SER B 336 14.47 17.38 -15.94
C SER B 336 15.88 17.80 -16.17
N GLU B 337 16.04 19.08 -16.47
CA GLU B 337 17.32 19.72 -16.62
C GLU B 337 18.25 19.45 -15.42
N THR B 338 17.69 19.72 -14.25
CA THR B 338 18.33 19.46 -12.98
C THR B 338 17.25 18.96 -12.02
N LEU B 339 17.63 18.11 -11.07
CA LEU B 339 16.70 17.66 -10.04
C LEU B 339 16.77 18.45 -8.72
N VAL B 340 17.98 18.80 -8.29
CA VAL B 340 18.23 19.54 -7.07
C VAL B 340 19.29 20.58 -7.39
N GLU B 341 19.04 21.82 -6.96
CA GLU B 341 20.01 22.90 -7.09
C GLU B 341 20.17 23.59 -5.77
N VAL B 342 21.42 23.79 -5.38
CA VAL B 342 21.75 24.41 -4.12
C VAL B 342 22.61 25.66 -4.37
N GLY B 343 21.94 26.81 -4.43
CA GLY B 343 22.52 28.10 -4.75
C GLY B 343 22.49 28.42 -6.24
N SER B 344 22.80 29.65 -6.64
CA SER B 344 22.85 29.96 -8.08
C SER B 344 24.20 29.87 -8.74
N ASP B 345 24.18 29.69 -10.07
CA ASP B 345 25.40 29.68 -10.85
C ASP B 345 26.20 30.93 -10.67
N GLY B 346 27.44 30.73 -10.26
CA GLY B 346 28.33 31.80 -9.90
C GLY B 346 28.11 32.26 -8.47
N ALA B 347 27.09 31.68 -7.80
CA ALA B 347 26.84 31.82 -6.35
C ALA B 347 28.10 32.32 -5.69
N SER B 348 28.04 33.53 -5.18
CA SER B 348 29.27 34.26 -4.83
C SER B 348 29.69 34.28 -3.32
N GLY B 349 28.74 34.10 -2.43
CA GLY B 349 29.05 34.37 -1.03
C GLY B 349 29.54 33.16 -0.27
N ASP B 350 29.94 33.42 1.00
CA ASP B 350 30.39 32.43 1.97
C ASP B 350 29.22 32.01 2.80
N HIS B 351 29.28 30.78 3.31
CA HIS B 351 28.34 30.33 4.31
C HIS B 351 29.09 29.53 5.36
N ALA B 352 30.28 30.00 5.76
CA ALA B 352 31.17 29.16 6.56
C ALA B 352 30.71 28.86 7.99
N ALA B 353 30.24 29.87 8.71
CA ALA B 353 29.86 29.67 10.11
C ALA B 353 28.60 28.77 10.17
N ASN B 354 27.73 28.92 9.17
CA ASN B 354 26.38 28.36 9.18
C ASN B 354 26.04 27.85 7.79
N PRO B 355 26.62 26.71 7.41
CA PRO B 355 26.45 26.19 6.07
C PRO B 355 25.03 25.66 5.77
N THR B 356 24.76 25.47 4.49
CA THR B 356 23.60 24.68 4.06
C THR B 356 24.08 23.22 3.92
N SER B 357 23.17 22.27 4.21
CA SER B 357 23.53 20.86 4.10
C SER B 357 22.44 20.04 3.43
N LEU B 358 22.89 19.00 2.72
CA LEU B 358 22.05 17.90 2.27
C LEU B 358 22.44 16.65 3.04
N GLN B 359 21.47 16.02 3.70
CA GLN B 359 21.72 14.81 4.49
C GLN B 359 20.68 13.74 4.20
N ASP B 360 21.14 12.54 3.87
CA ASP B 360 20.19 11.49 3.54
C ASP B 360 19.24 12.00 2.46
N VAL B 361 19.84 12.61 1.46
CA VAL B 361 19.15 13.02 0.25
C VAL B 361 19.56 12.03 -0.84
N PHE B 362 18.56 11.35 -1.40
CA PHE B 362 18.79 10.29 -2.36
C PHE B 362 18.10 10.70 -3.65
N VAL B 363 18.68 10.31 -4.77
CA VAL B 363 18.13 10.59 -6.08
C VAL B 363 18.06 9.28 -6.85
N ARG B 364 16.95 9.09 -7.55
CA ARG B 364 16.73 7.89 -8.39
C ARG B 364 16.32 8.35 -9.76
N ILE B 365 16.95 7.79 -10.80
CA ILE B 365 16.49 7.99 -12.17
C ILE B 365 16.16 6.65 -12.84
N GLY B 366 14.87 6.40 -13.01
CA GLY B 366 14.39 5.12 -13.51
C GLY B 366 14.18 4.08 -12.43
N GLY B 367 13.67 2.91 -12.84
CA GLY B 367 13.48 1.78 -11.94
C GLY B 367 12.00 1.54 -11.62
N ALA B 368 11.33 2.61 -11.20
CA ALA B 368 9.87 2.60 -11.05
C ALA B 368 9.15 2.72 -12.41
N GLY B 369 9.92 3.06 -13.42
CA GLY B 369 9.36 3.44 -14.70
C GLY B 369 10.24 4.50 -15.26
N PRO B 370 10.05 4.83 -16.54
CA PRO B 370 11.00 5.75 -17.18
C PRO B 370 11.16 7.04 -16.39
N GLY B 371 12.40 7.35 -16.08
CA GLY B 371 12.75 8.62 -15.50
C GLY B 371 13.97 9.15 -16.21
N LYS B 372 14.09 10.47 -16.32
CA LYS B 372 15.16 11.12 -17.07
C LYS B 372 15.58 12.42 -16.43
N ALA B 373 16.87 12.65 -16.29
CA ALA B 373 17.38 13.94 -15.84
C ALA B 373 18.77 14.19 -16.39
N THR B 374 19.06 15.41 -16.76
CA THR B 374 20.39 15.72 -17.31
C THR B 374 21.48 15.73 -16.23
N THR B 375 21.27 16.53 -15.20
CA THR B 375 22.18 16.61 -14.08
C THR B 375 21.35 16.51 -12.80
N SER B 376 21.74 15.61 -11.91
CA SER B 376 20.87 15.35 -10.78
C SER B 376 21.00 16.41 -9.67
N ILE B 377 22.21 16.64 -9.18
CA ILE B 377 22.42 17.64 -8.11
C ILE B 377 23.50 18.60 -8.53
N VAL B 378 23.15 19.90 -8.57
CA VAL B 378 24.13 20.95 -8.76
C VAL B 378 24.32 21.70 -7.45
N VAL B 379 25.57 21.71 -6.96
CA VAL B 379 25.89 22.40 -5.71
C VAL B 379 26.70 23.66 -6.04
N ASN B 380 25.99 24.79 -6.01
CA ASN B 380 26.54 26.08 -6.32
C ASN B 380 27.05 26.86 -5.10
N SER B 381 26.43 26.64 -3.94
CA SER B 381 26.75 27.45 -2.74
C SER B 381 28.04 27.02 -2.07
N ASN B 382 28.86 28.00 -1.75
CA ASN B 382 30.07 27.73 -1.03
C ASN B 382 29.79 27.16 0.36
N ASP B 383 30.73 26.34 0.80
CA ASP B 383 30.76 25.77 2.15
C ASP B 383 29.65 24.75 2.46
N THR B 384 28.92 24.36 1.43
CA THR B 384 27.88 23.33 1.54
C THR B 384 28.46 22.01 2.06
N ILE B 385 27.69 21.34 2.93
CA ILE B 385 28.03 20.00 3.40
C ILE B 385 27.06 18.98 2.79
N ILE B 386 27.58 18.01 2.08
CA ILE B 386 26.81 16.88 1.55
C ILE B 386 27.18 15.68 2.43
N ASP B 387 26.30 15.30 3.35
CA ASP B 387 26.58 14.28 4.36
C ASP B 387 25.59 13.11 4.19
N HIS B 388 26.04 12.14 3.42
CA HIS B 388 25.29 10.98 2.94
C HIS B 388 24.31 11.28 1.82
N THR B 389 24.75 10.97 0.61
CA THR B 389 23.85 11.01 -0.54
C THR B 389 24.08 9.74 -1.38
N TRP B 390 22.99 9.26 -1.99
CA TRP B 390 23.05 8.23 -3.02
C TRP B 390 22.32 8.80 -4.24
N VAL B 391 23.08 8.99 -5.32
CA VAL B 391 22.58 9.55 -6.57
C VAL B 391 22.72 8.43 -7.57
N TRP B 392 21.56 7.86 -7.95
CA TRP B 392 21.50 6.55 -8.59
C TRP B 392 20.68 6.54 -9.88
N ARG B 393 21.37 6.34 -10.99
CA ARG B 393 20.70 6.02 -12.24
C ARG B 393 20.41 4.52 -12.17
N ALA B 394 19.14 4.16 -12.26
CA ALA B 394 18.76 2.77 -12.01
C ALA B 394 19.40 1.77 -12.98
N ASP B 395 19.74 0.59 -12.44
CA ASP B 395 20.26 -0.55 -13.23
C ASP B 395 19.28 -1.72 -13.32
N HIS B 396 18.13 -1.61 -12.65
CA HIS B 396 17.14 -2.67 -12.69
C HIS B 396 15.86 -2.04 -12.19
N GLY B 397 14.78 -2.84 -12.22
CA GLY B 397 13.43 -2.29 -12.23
C GLY B 397 12.88 -2.06 -13.63
N GLU B 398 11.82 -1.25 -13.72
CA GLU B 398 11.17 -0.93 -14.99
C GLU B 398 11.55 0.48 -15.44
N GLY B 399 11.58 0.68 -16.77
CA GLY B 399 11.93 1.99 -17.33
C GLY B 399 13.45 2.19 -17.41
N VAL B 400 14.19 1.10 -17.49
CA VAL B 400 15.66 1.15 -17.52
C VAL B 400 16.18 0.88 -18.94
N GLY B 401 17.04 1.75 -19.42
CA GLY B 401 17.68 1.55 -20.71
C GLY B 401 18.64 2.67 -21.03
N TRP B 402 19.63 2.37 -21.87
CA TRP B 402 20.69 3.33 -22.20
C TRP B 402 20.12 4.70 -22.60
N GLU B 403 18.98 4.70 -23.29
CA GLU B 403 18.26 5.94 -23.57
C GLU B 403 17.02 6.07 -22.63
N THR B 404 16.41 4.94 -22.31
CA THR B 404 15.17 4.87 -21.57
C THR B 404 15.23 5.65 -20.26
N ASN B 405 16.27 5.40 -19.47
CA ASN B 405 16.53 6.22 -18.27
C ASN B 405 17.90 6.91 -18.33
N ARG B 406 18.21 7.47 -19.50
CA ARG B 406 19.43 8.23 -19.66
C ARG B 406 19.52 9.32 -18.59
N ALA B 407 20.66 9.37 -17.92
CA ALA B 407 21.01 10.47 -17.04
C ALA B 407 22.51 10.73 -17.20
N ASP B 408 22.85 11.87 -17.79
CA ASP B 408 24.25 12.11 -18.18
C ASP B 408 25.16 12.35 -16.98
N TYR B 409 24.69 13.16 -16.02
CA TYR B 409 25.55 13.68 -14.95
C TYR B 409 24.92 13.50 -13.58
N GLY B 410 25.72 13.05 -12.62
CA GLY B 410 25.23 12.81 -11.29
C GLY B 410 25.21 14.08 -10.48
N VAL B 411 26.36 14.36 -9.90
CA VAL B 411 26.58 15.51 -9.03
C VAL B 411 27.59 16.42 -9.68
N HIS B 412 27.27 17.72 -9.69
CA HIS B 412 28.20 18.71 -10.23
C HIS B 412 28.44 19.75 -9.14
N VAL B 413 29.64 19.73 -8.55
CA VAL B 413 29.97 20.70 -7.51
C VAL B 413 30.71 21.91 -8.04
N LYS B 414 30.04 23.04 -7.89
CA LYS B 414 30.56 24.31 -8.36
C LYS B 414 31.04 25.24 -7.26
N GLY B 415 30.51 25.05 -6.07
CA GLY B 415 30.89 25.84 -4.91
C GLY B 415 32.29 25.58 -4.36
N ASP B 416 32.82 26.59 -3.69
CA ASP B 416 34.13 26.51 -3.03
C ASP B 416 33.95 25.98 -1.59
N ASN B 417 34.98 25.37 -1.03
CA ASN B 417 34.99 24.81 0.34
C ASN B 417 33.87 23.80 0.55
N VAL B 418 33.41 23.12 -0.50
CA VAL B 418 32.33 22.13 -0.31
C VAL B 418 32.89 20.82 0.26
N LEU B 419 32.15 20.23 1.18
CA LEU B 419 32.58 18.99 1.83
C LEU B 419 31.56 17.89 1.58
N ALA B 420 32.02 16.74 1.09
CA ALA B 420 31.16 15.56 0.95
C ALA B 420 31.66 14.47 1.87
N THR B 421 30.78 13.94 2.74
CA THR B 421 31.12 12.86 3.63
C THR B 421 30.13 11.73 3.43
N GLY B 422 30.54 10.72 2.68
CA GLY B 422 29.67 9.59 2.35
C GLY B 422 28.95 9.82 1.04
N LEU B 423 29.73 9.86 -0.04
CA LEU B 423 29.24 10.18 -1.39
C LEU B 423 29.10 8.88 -2.20
N PHE B 424 27.88 8.53 -2.59
CA PHE B 424 27.59 7.32 -3.38
C PHE B 424 26.88 7.79 -4.68
N VAL B 425 27.48 7.56 -5.85
CA VAL B 425 26.95 8.06 -7.12
C VAL B 425 27.22 7.01 -8.19
N GLU B 426 26.18 6.54 -8.86
CA GLU B 426 26.32 5.38 -9.73
C GLU B 426 25.54 5.43 -11.05
N HIS B 427 26.21 4.96 -12.11
CA HIS B 427 25.62 4.49 -13.37
C HIS B 427 25.33 5.57 -14.41
N PHE B 428 25.81 6.79 -14.20
CA PHE B 428 25.52 7.86 -15.15
C PHE B 428 26.11 7.63 -16.54
N ASN B 429 25.45 8.17 -17.58
CA ASN B 429 25.92 8.00 -18.95
C ASN B 429 27.26 8.68 -19.20
N LYS B 430 27.50 9.80 -18.52
CA LYS B 430 28.74 10.54 -18.63
C LYS B 430 29.42 10.63 -17.26
N TYR B 431 29.91 11.79 -16.83
CA TYR B 431 30.60 11.87 -15.56
C TYR B 431 29.64 11.73 -14.38
N ASP B 432 29.87 10.76 -13.50
CA ASP B 432 29.01 10.61 -12.31
C ASP B 432 29.17 11.82 -11.38
N VAL B 433 30.41 12.20 -11.14
CA VAL B 433 30.69 13.42 -10.35
C VAL B 433 31.69 14.27 -11.08
N GLN B 434 31.38 15.57 -11.15
CA GLN B 434 32.30 16.60 -11.60
C GLN B 434 32.45 17.67 -10.53
N TRP B 435 33.68 18.15 -10.37
CA TRP B 435 34.02 19.14 -9.36
C TRP B 435 34.84 20.26 -10.00
N SER B 436 34.25 21.45 -10.03
CA SER B 436 34.94 22.66 -10.52
C SER B 436 35.06 23.81 -9.59
N GLY B 437 34.42 23.74 -8.42
CA GLY B 437 34.66 24.70 -7.36
C GLY B 437 36.03 24.40 -6.79
N GLU B 438 36.55 25.36 -6.02
CA GLU B 438 37.85 25.21 -5.40
C GLU B 438 37.76 24.62 -4.01
N ASN B 439 38.83 23.94 -3.64
CA ASN B 439 39.01 23.56 -2.26
C ASN B 439 37.97 22.57 -1.77
N GLY B 440 37.48 21.75 -2.67
CA GLY B 440 36.61 20.66 -2.28
C GLY B 440 37.29 19.56 -1.45
N LYS B 441 36.50 18.89 -0.61
CA LYS B 441 36.95 17.67 0.11
C LYS B 441 35.88 16.60 0.02
N THR B 442 36.30 15.38 -0.27
CA THR B 442 35.41 14.21 -0.27
C THR B 442 36.05 13.15 0.61
N ILE B 443 35.28 12.72 1.60
CA ILE B 443 35.66 11.64 2.50
C ILE B 443 34.66 10.51 2.26
N PHE B 444 35.17 9.47 1.62
CA PHE B 444 34.47 8.28 1.13
C PHE B 444 33.68 8.51 -0.15
N TYR B 445 34.05 7.76 -1.21
CA TYR B 445 33.27 7.76 -2.45
C TYR B 445 33.08 6.33 -2.90
N GLN B 446 31.85 6.01 -3.26
CA GLN B 446 31.53 4.75 -3.91
C GLN B 446 30.79 5.03 -5.23
N ASN B 447 31.36 4.49 -6.31
CA ASN B 447 30.79 4.58 -7.65
C ASN B 447 30.76 3.21 -8.34
N ALA B 448 29.75 3.02 -9.18
CA ALA B 448 29.75 1.96 -10.20
C ALA B 448 29.48 2.66 -11.52
N LYS B 449 30.18 2.25 -12.56
CA LYS B 449 29.99 2.81 -13.88
C LYS B 449 28.80 2.13 -14.59
N ALA B 450 28.07 2.88 -15.41
CA ALA B 450 26.94 2.37 -16.22
C ALA B 450 27.18 0.96 -16.72
N TYR B 451 26.27 0.01 -16.42
CA TYR B 451 26.49 -1.39 -16.83
C TYR B 451 26.09 -1.61 -18.29
N ASP B 452 25.23 -0.72 -18.78
CA ASP B 452 24.52 -0.95 -20.03
C ASP B 452 25.05 -0.17 -21.24
N ALA B 453 26.27 0.35 -21.18
CA ALA B 453 26.82 1.05 -22.35
C ALA B 453 26.91 0.13 -23.59
N PRO B 454 26.52 0.62 -24.80
CA PRO B 454 26.50 -0.16 -26.05
C PRO B 454 27.85 -0.63 -26.58
N ASP B 455 28.83 0.24 -26.49
CA ASP B 455 30.10 0.00 -27.08
C ASP B 455 31.09 1.10 -26.70
N GLN B 456 32.32 0.94 -27.14
CA GLN B 456 33.35 1.92 -26.89
C GLN B 456 32.95 3.30 -27.45
N ALA B 457 32.17 3.32 -28.53
CA ALA B 457 31.72 4.58 -29.13
C ALA B 457 30.76 5.37 -28.23
N ALA B 458 29.83 4.68 -27.59
CA ALA B 458 28.84 5.39 -26.76
C ALA B 458 29.47 6.22 -25.63
N ILE B 459 30.63 5.79 -25.13
CA ILE B 459 31.27 6.44 -23.98
C ILE B 459 32.59 7.22 -24.24
N GLN B 460 32.97 7.46 -25.50
CA GLN B 460 34.18 8.25 -25.80
C GLN B 460 34.08 9.68 -25.27
N ASN B 461 35.24 10.22 -24.91
CA ASN B 461 35.32 11.50 -24.23
C ASN B 461 36.64 12.22 -24.59
N GLY B 462 36.70 12.87 -25.76
CA GLY B 462 37.98 13.30 -26.31
C GLY B 462 38.81 12.08 -26.71
N ASP B 463 40.12 12.11 -26.45
CA ASP B 463 40.96 10.92 -26.61
C ASP B 463 40.78 9.94 -25.44
N ILE B 464 39.88 10.26 -24.49
CA ILE B 464 39.73 9.41 -23.27
C ILE B 464 38.62 8.34 -23.38
N LYS B 465 38.96 7.09 -23.07
CA LYS B 465 38.02 5.98 -23.14
C LYS B 465 37.10 5.98 -21.92
N GLY B 466 35.84 6.37 -22.13
CA GLY B 466 34.90 6.55 -21.04
C GLY B 466 34.92 7.89 -20.37
N TYR B 467 33.98 8.09 -19.43
CA TYR B 467 33.95 9.26 -18.55
C TYR B 467 34.34 8.87 -17.12
N ALA B 468 35.26 9.62 -16.50
CA ALA B 468 35.61 9.38 -15.13
C ALA B 468 34.36 9.29 -14.25
N ALA B 469 34.45 8.46 -13.21
CA ALA B 469 33.45 8.47 -12.15
C ALA B 469 33.55 9.75 -11.34
N TYR B 470 34.74 10.34 -11.30
CA TYR B 470 34.97 11.51 -10.47
C TYR B 470 36.05 12.33 -11.16
N LYS B 471 35.60 13.46 -11.69
CA LYS B 471 36.38 14.40 -12.49
C LYS B 471 36.55 15.71 -11.76
N VAL B 472 37.80 16.10 -11.56
CA VAL B 472 38.13 17.44 -11.09
C VAL B 472 38.61 18.22 -12.30
N ASP B 473 37.94 19.35 -12.55
CA ASP B 473 38.27 20.26 -13.63
C ASP B 473 39.73 20.70 -13.64
N ASP B 474 40.26 20.87 -14.84
CA ASP B 474 41.59 21.44 -15.03
C ASP B 474 41.83 22.84 -14.44
N SER B 475 40.78 23.58 -14.17
CA SER B 475 40.94 24.94 -13.67
C SER B 475 41.07 24.95 -12.13
N VAL B 476 40.76 23.81 -11.51
CA VAL B 476 40.86 23.67 -10.06
C VAL B 476 42.35 23.63 -9.68
N THR B 477 42.67 23.89 -8.40
CA THR B 477 44.07 23.93 -7.93
C THR B 477 44.33 23.28 -6.54
N THR B 478 43.32 22.62 -5.94
CA THR B 478 43.25 22.50 -4.49
C THR B 478 41.98 21.68 -4.36
N HIS B 479 42.17 20.39 -4.07
CA HIS B 479 41.10 19.44 -3.90
C HIS B 479 41.73 18.37 -3.04
N GLU B 480 40.93 17.68 -2.22
CA GLU B 480 41.47 16.54 -1.47
C GLU B 480 40.41 15.46 -1.23
N GLY B 481 40.64 14.27 -1.76
CA GLY B 481 39.76 13.12 -1.58
C GLY B 481 40.42 11.93 -0.90
N TRP B 482 39.66 11.23 -0.04
CA TRP B 482 40.16 10.10 0.72
C TRP B 482 39.18 8.91 0.63
N GLY B 483 39.70 7.73 0.30
CA GLY B 483 38.91 6.52 0.40
C GLY B 483 37.85 6.44 -0.69
N MET B 484 38.28 6.17 -1.91
CA MET B 484 37.44 6.40 -3.09
C MET B 484 37.51 5.25 -4.09
N GLY B 485 36.36 4.69 -4.48
CA GLY B 485 36.33 3.54 -5.39
C GLY B 485 35.37 3.69 -6.55
N SER B 486 35.75 3.15 -7.71
CA SER B 486 34.88 3.08 -8.88
C SER B 486 34.90 1.66 -9.36
N TYR B 487 33.73 1.08 -9.54
CA TYR B 487 33.66 -0.29 -10.04
C TYR B 487 32.97 -0.38 -11.40
N CYS B 488 33.33 -1.38 -12.20
CA CYS B 488 32.66 -1.56 -13.48
C CYS B 488 32.06 -2.95 -13.63
N TYR B 489 31.05 -3.02 -14.48
CA TYR B 489 30.32 -4.26 -14.80
C TYR B 489 29.64 -4.07 -16.14
N PHE B 490 30.44 -4.13 -17.18
CA PHE B 490 29.97 -3.84 -18.53
C PHE B 490 29.45 -5.15 -19.18
N ASN B 491 28.45 -5.74 -18.54
CA ASN B 491 27.70 -6.85 -19.12
C ASN B 491 27.26 -6.68 -20.58
N VAL B 492 26.58 -5.58 -20.89
CA VAL B 492 25.99 -5.36 -22.21
C VAL B 492 27.13 -5.66 -23.15
N ASN B 493 28.24 -4.91 -23.02
CA ASN B 493 29.44 -5.20 -23.79
C ASN B 493 30.75 -5.32 -22.95
N PRO B 494 31.07 -6.54 -22.51
CA PRO B 494 32.20 -6.78 -21.59
C PRO B 494 33.58 -6.64 -22.21
N ASP B 495 33.66 -6.21 -23.48
CA ASP B 495 34.94 -5.91 -24.13
C ASP B 495 35.29 -4.43 -23.99
N ILE B 496 34.39 -3.66 -23.38
CA ILE B 496 34.65 -2.24 -23.15
C ILE B 496 35.83 -2.01 -22.22
N ARG B 497 36.53 -0.90 -22.47
CA ARG B 497 37.58 -0.41 -21.58
C ARG B 497 37.20 0.96 -21.02
N GLN B 498 37.36 1.12 -19.70
CA GLN B 498 37.20 2.40 -19.00
C GLN B 498 38.60 2.90 -18.71
N GLN B 499 39.00 4.07 -19.22
CA GLN B 499 40.38 4.47 -19.04
C GLN B 499 40.75 4.63 -17.58
N HIS B 500 39.85 5.23 -16.80
CA HIS B 500 40.10 5.47 -15.41
C HIS B 500 38.84 5.67 -14.58
N GLY B 501 39.00 5.60 -13.25
CA GLY B 501 37.93 5.95 -12.35
C GLY B 501 37.89 7.43 -12.03
N PHE B 502 39.09 8.04 -12.04
CA PHE B 502 39.32 9.40 -11.55
C PHE B 502 40.13 10.17 -12.59
N GLN B 503 39.80 11.45 -12.73
CA GLN B 503 40.48 12.35 -13.67
C GLN B 503 40.66 13.68 -12.96
N ALA B 504 41.89 14.17 -12.98
CA ALA B 504 42.23 15.39 -12.25
C ALA B 504 43.53 15.99 -12.78
N PRO B 505 43.68 17.30 -12.65
CA PRO B 505 45.01 17.83 -12.96
C PRO B 505 46.07 17.36 -11.98
N VAL B 506 47.32 17.32 -12.47
CA VAL B 506 48.47 17.11 -11.64
C VAL B 506 48.95 18.50 -11.22
N LYS B 507 48.61 18.86 -9.99
CA LYS B 507 48.96 20.14 -9.40
C LYS B 507 49.43 19.80 -8.01
N PRO B 508 50.11 20.73 -7.34
CA PRO B 508 50.51 20.30 -5.99
C PRO B 508 49.36 20.04 -4.99
N GLY B 509 48.44 20.98 -4.91
CA GLY B 509 47.38 20.96 -3.92
C GLY B 509 46.16 20.10 -4.28
N VAL B 510 46.21 19.43 -5.43
CA VAL B 510 45.15 18.49 -5.85
C VAL B 510 45.67 17.14 -5.42
N LYS B 511 44.96 16.55 -4.44
CA LYS B 511 45.48 15.54 -3.51
C LYS B 511 44.50 14.37 -3.47
N PHE B 512 44.97 13.14 -3.70
CA PHE B 512 44.13 11.95 -3.61
C PHE B 512 44.80 10.90 -2.72
N HIS B 513 44.01 10.31 -1.82
CA HIS B 513 44.47 9.27 -0.92
C HIS B 513 43.57 8.03 -0.98
N ASP B 514 44.18 6.88 -1.22
CA ASP B 514 43.50 5.59 -1.13
C ASP B 514 42.42 5.44 -2.19
N LEU B 515 42.85 5.39 -3.44
CA LEU B 515 41.98 5.17 -4.60
C LEU B 515 41.93 3.73 -5.01
N LEU B 516 40.75 3.33 -5.50
CA LEU B 516 40.62 2.01 -6.09
C LEU B 516 39.66 1.95 -7.26
N VAL B 517 39.99 1.06 -8.19
CA VAL B 517 39.06 0.65 -9.22
C VAL B 517 38.97 -0.88 -9.27
N VAL B 518 37.80 -1.39 -9.67
CA VAL B 518 37.44 -2.79 -9.52
C VAL B 518 36.60 -3.24 -10.70
N SER B 519 37.03 -4.31 -11.38
CA SER B 519 36.22 -4.97 -12.42
C SER B 519 35.42 -6.10 -11.82
N LEU B 520 34.09 -5.98 -11.83
CA LEU B 520 33.24 -6.98 -11.22
C LEU B 520 33.17 -8.20 -12.13
N GLY B 521 34.13 -9.09 -11.96
CA GLY B 521 34.15 -10.39 -12.64
C GLY B 521 34.57 -10.37 -14.12
N GLY B 522 35.48 -9.48 -14.46
CA GLY B 522 35.95 -9.37 -15.83
C GLY B 522 35.04 -8.70 -16.85
N LYS B 523 33.88 -8.22 -16.43
CA LYS B 523 32.98 -7.57 -17.36
C LYS B 523 33.47 -6.12 -17.59
N GLY B 524 34.23 -5.95 -18.67
CA GLY B 524 35.03 -4.75 -18.89
C GLY B 524 36.25 -4.72 -17.98
N GLN B 525 37.16 -3.80 -18.28
CA GLN B 525 38.31 -3.53 -17.44
C GLN B 525 38.64 -2.05 -17.44
N TYR B 526 39.31 -1.61 -16.37
CA TYR B 526 39.92 -0.28 -16.31
C TYR B 526 41.35 -0.33 -16.87
N GLU B 527 41.69 0.63 -17.73
CA GLU B 527 43.08 0.82 -18.18
C GLU B 527 44.02 1.42 -17.10
N HIS B 528 43.45 2.20 -16.19
CA HIS B 528 44.22 2.92 -15.14
C HIS B 528 43.29 3.26 -13.94
N VAL B 529 43.88 3.75 -12.84
CA VAL B 529 43.09 4.17 -11.68
C VAL B 529 42.67 5.65 -11.83
N ILE B 530 43.67 6.51 -12.05
CA ILE B 530 43.51 7.95 -12.12
C ILE B 530 44.38 8.50 -13.28
N ASN B 531 43.81 9.42 -14.06
CA ASN B 531 44.40 9.83 -15.34
C ASN B 531 45.03 8.60 -16.03
N ASP B 532 46.37 8.57 -16.10
CA ASP B 532 47.15 7.50 -16.74
C ASP B 532 47.95 6.67 -15.76
N ILE B 533 47.64 6.79 -14.47
CA ILE B 533 48.37 6.19 -13.37
C ILE B 533 47.58 5.03 -12.75
N GLY B 534 48.32 4.02 -12.33
CA GLY B 534 47.72 2.86 -11.74
C GLY B 534 47.72 1.73 -12.73
N ASP B 535 47.69 0.53 -12.19
CA ASP B 535 47.64 -0.60 -13.08
C ASP B 535 46.23 -0.86 -13.55
N PRO B 536 46.11 -1.44 -14.74
CA PRO B 536 44.80 -1.81 -15.25
C PRO B 536 44.28 -2.94 -14.39
N THR B 537 42.97 -3.05 -14.33
CA THR B 537 42.41 -4.28 -13.79
C THR B 537 42.66 -5.37 -14.82
N SER B 538 42.77 -6.60 -14.34
CA SER B 538 43.06 -7.72 -15.22
C SER B 538 42.40 -8.95 -14.65
N GLY B 539 41.93 -9.85 -15.50
CA GLY B 539 41.33 -11.10 -15.05
C GLY B 539 39.83 -11.04 -14.85
N ASP B 540 39.28 -12.10 -14.26
CA ASP B 540 37.84 -12.19 -14.00
C ASP B 540 37.59 -12.43 -12.50
N THR B 541 38.62 -12.12 -11.72
CA THR B 541 38.72 -12.46 -10.28
C THR B 541 38.30 -11.35 -9.29
N THR B 542 38.08 -10.15 -9.81
CA THR B 542 37.52 -9.05 -9.02
C THR B 542 38.53 -8.51 -7.97
N ILE B 543 39.81 -8.50 -8.34
CA ILE B 543 40.86 -7.92 -7.50
C ILE B 543 41.01 -6.43 -7.81
N PRO B 544 40.87 -5.55 -6.79
CA PRO B 544 41.04 -4.11 -7.06
C PRO B 544 42.45 -3.73 -7.51
N SER B 545 42.57 -2.70 -8.34
CA SER B 545 43.82 -2.01 -8.60
C SER B 545 43.75 -0.71 -7.85
N GLN B 546 44.77 -0.40 -7.08
CA GLN B 546 44.56 0.80 -6.32
C GLN B 546 45.84 1.57 -6.07
N VAL B 547 45.68 2.81 -5.63
CA VAL B 547 46.72 3.81 -5.64
C VAL B 547 46.71 4.59 -4.34
N VAL B 548 47.82 4.57 -3.61
CA VAL B 548 47.89 5.13 -2.25
C VAL B 548 47.76 6.64 -2.18
N SER B 549 48.65 7.34 -2.92
CA SER B 549 48.83 8.79 -2.79
C SER B 549 48.88 9.27 -4.22
N PHE B 550 48.27 10.39 -4.51
CA PHE B 550 48.40 10.99 -5.81
C PHE B 550 48.31 12.52 -5.70
N PRO B 551 49.25 13.26 -6.32
CA PRO B 551 50.38 12.85 -7.21
C PRO B 551 51.36 11.89 -6.59
C1 EDO C . -38.67 -12.31 -9.13
O1 EDO C . -37.80 -12.92 -8.17
C2 EDO C . -39.00 -10.87 -8.69
O2 EDO C . -37.79 -10.13 -8.70
H11 EDO C . -39.58 -12.90 -9.26
H12 EDO C . -38.16 -12.25 -10.10
HO1 EDO C . -37.59 -13.83 -8.46
H21 EDO C . -39.44 -10.88 -7.68
H22 EDO C . -39.73 -10.43 -9.38
HO2 EDO C . -37.97 -9.21 -8.49
C1 EDO D . -15.68 -12.52 -22.02
O1 EDO D . -14.37 -11.88 -22.05
C2 EDO D . -16.77 -11.43 -21.99
O2 EDO D . -16.49 -10.56 -20.88
H11 EDO D . -15.79 -13.16 -21.15
H12 EDO D . -15.82 -13.13 -22.91
HO1 EDO D . -13.68 -12.56 -22.08
H21 EDO D . -17.75 -11.88 -21.85
H22 EDO D . -16.78 -10.87 -22.93
HO2 EDO D . -17.02 -9.76 -20.96
C2 BGC E . 25.02 -1.63 -6.74
C3 BGC E . 23.63 -0.99 -6.97
C4 BGC E . 22.79 -2.09 -7.70
C5 BGC E . 22.79 -3.48 -7.02
C6 BGC E . 22.09 -4.51 -7.91
C1 BGC E . 24.84 -2.94 -5.93
O1 BGC E . 26.03 -3.53 -5.56
O2 BGC E . 26.09 -0.77 -6.27
O3 BGC E . 23.65 0.18 -7.80
O4 BGC E . 21.43 -1.70 -7.87
O5 BGC E . 24.12 -3.90 -6.71
O6 BGC E . 21.99 -5.76 -7.23
H2 BGC E . 24.10 -1.08 -6.57
H3 BGC E . 22.99 -1.73 -7.39
H4 BGC E . 23.24 -2.31 -8.67
H5 BGC E . 22.18 -3.36 -6.14
H61 BGC E . 22.62 -4.63 -8.86
H62 BGC E . 21.09 -4.16 -8.15
H1 BGC E . 24.26 -2.70 -5.02
HO1 BGC E . 26.78 -2.98 -5.86
HO2 BGC E . 26.49 -1.16 -5.47
HO3 BGC E . 24.55 0.44 -8.02
HO4 BGC E . 21.34 -0.72 -7.76
HO6 BGC E . 22.45 -5.69 -6.36
C1 EDO F . 7.51 6.77 -6.00
O1 EDO F . 8.82 7.33 -5.90
C2 EDO F . 7.63 5.31 -6.35
O2 EDO F . 8.38 4.60 -5.34
H11 EDO F . 6.95 7.29 -6.78
H12 EDO F . 6.98 6.89 -5.05
HO1 EDO F . 8.77 8.29 -5.87
H21 EDO F . 8.15 5.22 -7.31
H22 EDO F . 6.64 4.85 -6.46
HO2 EDO F . 8.49 3.68 -5.59
C1 EDO G . 31.00 4.98 -18.98
O1 EDO G . 32.29 5.60 -19.05
C2 EDO G . 29.94 6.06 -18.96
O2 EDO G . 30.10 6.98 -17.88
H11 EDO G . 30.94 4.37 -18.07
H12 EDO G . 30.87 4.31 -19.83
HO1 EDO G . 32.97 4.92 -19.11
H21 EDO G . 28.94 5.61 -18.88
H22 EDO G . 29.98 6.61 -19.90
HO2 EDO G . 29.23 7.28 -17.59
C1 EDO H . 49.27 5.43 4.26
O1 EDO H . 48.89 6.69 3.71
C2 EDO H . 48.57 4.20 3.64
O2 EDO H . 47.87 3.40 4.61
H11 EDO H . 49.10 5.45 5.34
H12 EDO H . 50.34 5.31 4.12
HO1 EDO H . 49.38 7.39 4.14
H21 EDO H . 49.33 3.58 3.17
H22 EDO H . 47.88 4.53 2.85
HO2 EDO H . 47.76 2.51 4.26
N VAL A 4 -46.71 10.58 3.37
CA VAL A 4 -46.67 11.26 4.66
C VAL A 4 -46.80 10.17 5.64
N VAL A 5 -46.75 10.48 6.94
CA VAL A 5 -46.93 9.47 7.96
C VAL A 5 -45.86 8.32 7.75
N GLY A 6 -44.74 8.55 8.43
CA GLY A 6 -43.81 7.51 8.74
C GLY A 6 -44.42 6.68 9.86
N GLY A 7 -43.96 5.44 10.00
CA GLY A 7 -44.39 4.56 11.07
C GLY A 7 -45.34 3.51 10.55
N GLY A 8 -45.76 2.61 11.43
CA GLY A 8 -46.74 1.56 11.10
C GLY A 8 -46.25 0.11 11.09
N ASP A 9 -47.13 -0.81 11.50
CA ASP A 9 -46.81 -2.25 11.50
C ASP A 9 -46.28 -2.55 10.13
N LEU A 10 -45.54 -3.64 10.07
CA LEU A 10 -44.63 -3.84 8.95
C LEU A 10 -45.22 -4.75 7.88
N GLY A 11 -46.44 -5.21 8.10
CA GLY A 11 -47.13 -5.97 7.08
C GLY A 11 -47.01 -7.48 7.16
N PRO A 12 -47.68 -8.17 6.23
CA PRO A 12 -47.95 -9.60 6.27
C PRO A 12 -46.74 -10.48 5.98
N ASN A 13 -45.67 -9.90 5.45
CA ASN A 13 -44.49 -10.68 5.07
C ASN A 13 -43.30 -10.38 5.99
N VAL A 14 -43.57 -9.59 7.05
CA VAL A 14 -42.67 -9.44 8.19
C VAL A 14 -43.27 -10.23 9.37
N LEU A 15 -42.80 -11.44 9.56
CA LEU A 15 -43.31 -12.28 10.66
C LEU A 15 -42.50 -11.97 11.92
N VAL A 16 -43.19 -11.48 12.94
CA VAL A 16 -42.57 -11.09 14.20
C VAL A 16 -42.96 -12.06 15.31
N PHE A 17 -41.94 -12.54 16.01
CA PHE A 17 -42.03 -13.65 16.95
C PHE A 17 -41.46 -13.17 18.29
N ASP A 18 -42.08 -13.56 19.41
CA ASP A 18 -41.40 -13.45 20.72
C ASP A 18 -41.31 -14.83 21.36
N PRO A 19 -40.53 -14.99 22.48
CA PRO A 19 -40.54 -16.38 22.96
C PRO A 19 -41.94 -16.92 23.19
N SER A 20 -42.90 -16.06 23.58
CA SER A 20 -44.32 -16.42 23.72
C SER A 20 -45.12 -16.55 22.42
N THR A 21 -44.61 -17.31 21.46
CA THR A 21 -45.32 -17.58 20.22
C THR A 21 -45.48 -19.09 20.04
N PRO A 22 -46.73 -19.58 19.99
CA PRO A 22 -46.84 -21.05 19.77
C PRO A 22 -46.19 -21.58 18.46
N ASP A 23 -45.53 -22.72 18.55
CA ASP A 23 -45.05 -23.46 17.37
C ASP A 23 -44.32 -22.55 16.37
N ILE A 24 -43.36 -21.81 16.91
CA ILE A 24 -42.41 -21.09 16.09
C ILE A 24 -41.85 -22.01 15.04
N GLN A 25 -41.41 -23.19 15.46
CA GLN A 25 -40.77 -24.14 14.56
C GLN A 25 -41.66 -24.41 13.36
N GLY A 26 -42.92 -24.73 13.65
CA GLY A 26 -43.85 -25.12 12.62
C GLY A 26 -44.01 -24.05 11.59
N LYS A 27 -44.02 -22.81 11.99
CA LYS A 27 -44.24 -21.77 10.99
C LYS A 27 -42.99 -21.38 10.19
N VAL A 28 -41.82 -21.60 10.79
CA VAL A 28 -40.58 -21.29 10.13
C VAL A 28 -40.35 -22.44 9.15
N ASP A 29 -40.77 -23.65 9.55
CA ASP A 29 -40.79 -24.77 8.58
C ASP A 29 -41.73 -24.51 7.38
N GLU A 30 -42.88 -23.85 7.61
CA GLU A 30 -43.83 -23.57 6.51
C GLU A 30 -43.21 -22.59 5.51
N VAL A 31 -42.55 -21.56 6.02
CA VAL A 31 -41.92 -20.60 5.14
C VAL A 31 -40.80 -21.31 4.37
N PHE A 32 -39.99 -22.08 5.08
CA PHE A 32 -38.97 -22.89 4.41
C PHE A 32 -39.56 -23.82 3.34
N ARG A 33 -40.74 -24.39 3.57
CA ARG A 33 -41.25 -25.34 2.55
C ARG A 33 -41.57 -24.51 1.29
N LYS A 34 -42.07 -23.29 1.49
CA LYS A 34 -42.44 -22.43 0.35
C LYS A 34 -41.19 -21.96 -0.44
N GLN A 35 -40.13 -21.65 0.30
CA GLN A 35 -38.96 -21.01 -0.27
C GLN A 35 -37.79 -21.91 -0.61
N GLU A 36 -37.79 -23.14 -0.11
CA GLU A 36 -36.62 -24.01 -0.25
C GLU A 36 -36.05 -24.03 -1.67
N SER A 37 -36.92 -24.33 -2.63
CA SER A 37 -36.50 -24.42 -4.02
C SER A 37 -37.10 -23.29 -4.89
N ASN A 38 -37.63 -22.26 -4.26
CA ASN A 38 -38.24 -21.17 -5.04
C ASN A 38 -37.25 -20.11 -5.50
N GLN A 39 -36.34 -20.55 -6.38
CA GLN A 39 -35.18 -19.75 -6.76
C GLN A 39 -35.51 -18.45 -7.45
N PHE A 40 -36.57 -18.47 -8.26
CA PHE A 40 -36.97 -17.30 -9.06
C PHE A 40 -38.41 -16.84 -8.81
N GLY A 41 -39.01 -17.24 -7.70
CA GLY A 41 -40.35 -16.76 -7.38
C GLY A 41 -40.40 -15.37 -6.76
N THR A 42 -41.62 -14.93 -6.50
CA THR A 42 -41.90 -13.55 -6.19
C THR A 42 -42.18 -13.39 -4.72
N ASP A 43 -42.23 -14.48 -3.97
CA ASP A 43 -42.41 -14.38 -2.52
C ASP A 43 -41.15 -13.95 -1.77
N ARG A 44 -41.36 -13.21 -0.68
CA ARG A 44 -40.31 -12.53 0.07
C ARG A 44 -40.70 -12.55 1.54
N TYR A 45 -39.79 -12.97 2.42
CA TYR A 45 -40.11 -13.03 3.86
C TYR A 45 -39.01 -12.54 4.76
N ALA A 46 -39.38 -11.82 5.83
CA ALA A 46 -38.46 -11.49 6.91
C ALA A 46 -38.99 -12.12 8.18
N LEU A 47 -38.12 -12.87 8.85
CA LEU A 47 -38.48 -13.60 10.09
C LEU A 47 -37.82 -12.96 11.26
N MET A 48 -38.56 -12.13 12.01
CA MET A 48 -37.92 -11.37 13.02
C MET A 48 -38.19 -11.82 14.44
N PHE A 49 -37.15 -11.83 15.24
CA PHE A 49 -37.21 -12.35 16.60
C PHE A 49 -36.97 -11.30 17.68
N LYS A 50 -37.97 -11.11 18.55
CA LYS A 50 -37.84 -10.18 19.66
C LYS A 50 -36.81 -10.68 20.67
N PRO A 51 -36.18 -9.76 21.41
CA PRO A 51 -35.20 -10.20 22.41
C PRO A 51 -35.77 -11.23 23.37
N GLY A 52 -34.94 -12.21 23.71
CA GLY A 52 -35.35 -13.33 24.52
C GLY A 52 -34.58 -14.57 24.11
N THR A 53 -35.11 -15.71 24.52
CA THR A 53 -34.43 -16.98 24.35
C THR A 53 -35.40 -17.98 23.71
N TYR A 54 -34.92 -18.61 22.63
CA TYR A 54 -35.68 -19.56 21.85
C TYR A 54 -34.97 -20.89 21.88
N ASN A 55 -35.74 -21.95 22.13
CA ASN A 55 -35.16 -23.28 22.40
C ASN A 55 -35.73 -24.27 21.36
N ASP A 56 -35.08 -25.43 21.20
CA ASP A 56 -35.62 -26.49 20.34
C ASP A 56 -35.94 -25.94 18.92
N ILE A 57 -35.23 -24.90 18.47
CA ILE A 57 -35.49 -24.26 17.18
C ILE A 57 -34.39 -24.56 16.12
N ASN A 58 -34.82 -24.92 14.91
CA ASN A 58 -33.90 -25.10 13.79
C ASN A 58 -34.56 -24.33 12.65
N ALA A 59 -34.08 -23.11 12.44
CA ALA A 59 -34.66 -22.21 11.43
C ALA A 59 -33.95 -22.42 10.13
N GLN A 60 -34.58 -23.23 9.25
CA GLN A 60 -34.00 -23.55 7.95
C GLN A 60 -34.35 -22.37 7.04
N ILE A 61 -33.34 -21.84 6.36
CA ILE A 61 -33.49 -20.63 5.57
C ILE A 61 -33.43 -21.03 4.08
N GLY A 62 -34.48 -20.64 3.34
CA GLY A 62 -34.56 -20.84 1.91
C GLY A 62 -34.36 -19.56 1.13
N PHE A 63 -34.72 -19.56 -0.16
CA PHE A 63 -34.57 -18.36 -0.98
C PHE A 63 -35.39 -17.20 -0.40
N TYR A 64 -34.89 -15.98 -0.63
CA TYR A 64 -35.60 -14.72 -0.32
C TYR A 64 -36.19 -14.71 1.10
N THR A 65 -35.38 -15.19 2.03
CA THR A 65 -35.71 -15.19 3.43
C THR A 65 -34.59 -14.51 4.22
N SER A 66 -34.95 -13.49 4.99
CA SER A 66 -34.04 -12.86 5.97
C SER A 66 -34.50 -13.28 7.38
N ILE A 67 -33.53 -13.54 8.26
CA ILE A 67 -33.85 -13.84 9.66
C ILE A 67 -33.01 -12.86 10.51
N ALA A 68 -33.60 -12.35 11.56
CA ALA A 68 -32.87 -11.40 12.38
C ALA A 68 -33.45 -11.28 13.77
N GLY A 69 -32.56 -10.91 14.68
CA GLY A 69 -32.99 -10.51 16.02
C GLY A 69 -33.35 -9.05 16.04
N LEU A 70 -34.09 -8.64 17.08
CA LEU A 70 -34.50 -7.25 17.26
C LEU A 70 -34.00 -6.67 18.60
N GLY A 71 -32.88 -7.18 19.14
CA GLY A 71 -32.23 -6.55 20.27
C GLY A 71 -31.17 -5.58 19.81
N LEU A 72 -30.59 -4.83 20.75
CA LEU A 72 -29.50 -3.94 20.43
C LEU A 72 -28.21 -4.70 20.18
N ASN A 73 -28.02 -5.89 20.79
CA ASN A 73 -26.87 -6.80 20.52
C ASN A 73 -27.39 -8.14 20.09
N PRO A 74 -26.54 -8.93 19.43
CA PRO A 74 -27.05 -10.25 19.06
C PRO A 74 -27.36 -11.11 20.28
N ASP A 75 -26.62 -10.88 21.36
CA ASP A 75 -26.79 -11.73 22.52
C ASP A 75 -28.05 -11.33 23.28
N ASP A 76 -28.75 -10.31 22.81
CA ASP A 76 -30.12 -10.00 23.29
C ASP A 76 -31.17 -10.98 22.77
N THR A 77 -30.87 -11.63 21.65
CA THR A 77 -31.79 -12.58 20.98
C THR A 77 -30.99 -13.86 20.71
N THR A 78 -31.18 -14.84 21.59
CA THR A 78 -30.47 -16.11 21.59
C THR A 78 -31.34 -17.25 21.15
N PHE A 79 -30.81 -18.05 20.22
CA PHE A 79 -31.39 -19.32 19.83
C PHE A 79 -30.54 -20.41 20.45
N ASN A 80 -31.18 -21.22 21.28
CA ASN A 80 -30.60 -22.49 21.64
C ASN A 80 -31.03 -23.41 20.53
N GLY A 81 -30.23 -23.37 19.47
CA GLY A 81 -30.57 -23.97 18.20
C GLY A 81 -29.75 -23.36 17.06
N ASP A 82 -30.30 -23.47 15.85
CA ASP A 82 -29.52 -23.27 14.62
C ASP A 82 -30.28 -22.34 13.67
N VAL A 83 -29.52 -21.62 12.85
CA VAL A 83 -30.03 -20.98 11.65
C VAL A 83 -29.27 -21.63 10.49
N THR A 84 -29.98 -22.49 9.77
CA THR A 84 -29.37 -23.46 8.88
C THR A 84 -29.62 -23.22 7.38
N VAL A 85 -28.53 -23.23 6.61
CA VAL A 85 -28.64 -23.32 5.16
C VAL A 85 -27.89 -24.56 4.71
N ASP A 86 -28.56 -25.37 3.92
CA ASP A 86 -27.93 -26.58 3.47
C ASP A 86 -28.45 -26.92 2.06
N ALA A 87 -27.99 -28.05 1.51
CA ALA A 87 -28.08 -28.24 0.06
C ALA A 87 -29.12 -29.27 -0.37
N GLY A 88 -30.06 -29.57 0.55
CA GLY A 88 -31.03 -30.64 0.35
C GLY A 88 -31.64 -30.65 -1.03
N TRP A 89 -32.22 -29.52 -1.39
CA TRP A 89 -32.94 -29.45 -2.64
C TRP A 89 -32.08 -29.79 -3.83
N PHE A 90 -30.72 -29.79 -3.71
CA PHE A 90 -29.91 -30.12 -4.92
C PHE A 90 -28.51 -30.93 -5.13
N ASP A 91 -27.75 -31.46 -4.13
CA ASP A 91 -27.07 -32.84 -4.22
C ASP A 91 -25.60 -32.99 -3.88
N GLY A 92 -25.23 -32.67 -2.65
CA GLY A 92 -23.98 -31.98 -2.45
C GLY A 92 -24.31 -30.52 -2.76
N ASN A 93 -24.92 -30.28 -3.93
CA ASN A 93 -24.74 -29.00 -4.61
C ASN A 93 -25.20 -27.69 -3.90
N ALA A 94 -24.34 -27.07 -3.08
CA ALA A 94 -24.69 -25.78 -2.45
C ALA A 94 -24.45 -24.52 -3.34
N THR A 95 -24.05 -24.73 -4.60
CA THR A 95 -23.64 -23.62 -5.50
C THR A 95 -24.74 -22.63 -5.85
N GLN A 96 -26.01 -22.98 -5.60
CA GLN A 96 -27.10 -22.05 -5.93
C GLN A 96 -27.91 -21.56 -4.75
N ASN A 97 -27.29 -21.50 -3.58
CA ASN A 97 -27.98 -21.03 -2.38
C ASN A 97 -27.78 -19.52 -2.24
N PHE A 98 -28.59 -18.80 -3.01
CA PHE A 98 -28.49 -17.36 -3.08
C PHE A 98 -29.61 -16.65 -2.32
N TRP A 99 -29.42 -15.35 -2.16
CA TRP A 99 -30.46 -14.34 -1.81
C TRP A 99 -31.19 -14.65 -0.49
N ARG A 100 -30.42 -14.67 0.59
CA ARG A 100 -30.99 -14.87 1.91
C ARG A 100 -30.05 -14.27 2.93
N SER A 101 -30.44 -14.19 4.20
CA SER A 101 -29.55 -13.50 5.14
C SER A 101 -29.87 -13.79 6.58
N ALA A 102 -28.86 -13.67 7.43
CA ALA A 102 -29.04 -13.78 8.87
C ALA A 102 -28.28 -12.64 9.53
N GLU A 103 -28.92 -12.01 10.51
CA GLU A 103 -28.22 -10.95 11.25
C GLU A 103 -28.71 -10.77 12.69
N ASN A 104 -27.79 -10.36 13.54
CA ASN A 104 -28.14 -9.84 14.89
C ASN A 104 -28.81 -10.88 15.81
N LEU A 105 -28.19 -12.05 15.86
CA LEU A 105 -28.62 -13.18 16.69
C LEU A 105 -27.42 -13.86 17.31
N ALA A 106 -27.62 -14.42 18.50
CA ALA A 106 -26.66 -15.37 19.05
C ALA A 106 -27.21 -16.79 18.89
N LEU A 107 -26.37 -17.70 18.43
CA LEU A 107 -26.73 -19.10 18.18
C LEU A 107 -25.92 -20.01 19.12
N ASN A 108 -26.62 -21.00 19.65
CA ASN A 108 -26.03 -22.07 20.47
C ASN A 108 -26.41 -23.39 19.76
N PRO A 109 -25.63 -23.77 18.72
CA PRO A 109 -26.01 -24.85 17.78
C PRO A 109 -26.27 -26.15 18.51
N VAL A 110 -27.36 -26.85 18.22
CA VAL A 110 -27.75 -27.99 19.08
C VAL A 110 -26.63 -29.00 19.35
N ASN A 111 -25.85 -29.22 18.28
CA ASN A 111 -24.74 -30.18 18.32
C ASN A 111 -23.36 -29.56 18.21
N GLY A 112 -23.18 -28.31 18.64
CA GLY A 112 -21.84 -27.73 18.71
C GLY A 112 -21.52 -26.82 17.52
N THR A 113 -22.06 -27.18 16.37
CA THR A 113 -21.77 -26.48 15.12
C THR A 113 -23.06 -26.00 14.45
N ASN A 114 -22.94 -24.90 13.70
CA ASN A 114 -24.04 -24.35 12.90
C ASN A 114 -23.62 -24.39 11.44
N ARG A 115 -24.48 -24.90 10.55
CA ARG A 115 -24.20 -24.92 9.12
C ARG A 115 -24.84 -23.76 8.35
N TRP A 116 -24.01 -22.96 7.67
CA TRP A 116 -24.46 -21.90 6.76
C TRP A 116 -23.83 -22.16 5.37
N ALA A 117 -24.34 -23.15 4.65
CA ALA A 117 -23.74 -23.60 3.39
C ALA A 117 -24.34 -22.87 2.21
N VAL A 118 -23.91 -21.64 2.08
CA VAL A 118 -24.44 -20.72 1.11
C VAL A 118 -23.49 -20.45 -0.06
N SER A 119 -24.03 -19.79 -1.07
CA SER A 119 -23.22 -19.21 -2.13
C SER A 119 -23.41 -17.69 -2.10
N GLN A 120 -23.56 -17.05 -3.27
CA GLN A 120 -23.55 -15.59 -3.30
C GLN A 120 -24.82 -14.92 -2.78
N ALA A 121 -24.67 -13.66 -2.35
CA ALA A 121 -25.77 -12.85 -1.80
C ALA A 121 -26.45 -13.53 -0.62
N ALA A 122 -25.63 -14.04 0.29
CA ALA A 122 -26.12 -14.69 1.49
C ALA A 122 -25.38 -14.18 2.74
N PRO A 123 -25.54 -12.88 3.03
CA PRO A 123 -24.73 -12.29 4.10
C PRO A 123 -25.05 -12.83 5.50
N PHE A 124 -24.03 -12.82 6.34
CA PHE A 124 -24.11 -13.35 7.71
C PHE A 124 -23.45 -12.22 8.51
N ARG A 125 -24.26 -11.38 9.17
CA ARG A 125 -23.79 -10.14 9.79
C ARG A 125 -24.16 -10.05 11.28
N ARG A 126 -23.25 -9.53 12.09
CA ARG A 126 -23.60 -9.21 13.47
C ARG A 126 -24.13 -10.46 14.20
N MET A 127 -23.46 -11.58 13.99
CA MET A 127 -23.86 -12.86 14.57
C MET A 127 -22.88 -13.29 15.63
N HIS A 128 -23.41 -13.88 16.70
CA HIS A 128 -22.60 -14.54 17.71
C HIS A 128 -22.87 -16.04 17.69
N VAL A 129 -21.98 -16.80 17.05
CA VAL A 129 -22.08 -18.27 17.09
C VAL A 129 -21.34 -18.81 18.29
N LYS A 130 -22.09 -19.34 19.24
CA LYS A 130 -21.53 -19.96 20.43
C LYS A 130 -21.21 -21.43 20.11
N GLY A 131 -20.10 -21.61 19.42
CA GLY A 131 -19.72 -22.89 18.83
C GLY A 131 -18.97 -22.62 17.55
N GLY A 132 -19.04 -23.58 16.63
CA GLY A 132 -18.33 -23.50 15.37
C GLY A 132 -19.30 -23.22 14.23
N LEU A 133 -18.74 -23.04 13.05
CA LEU A 133 -19.49 -22.61 11.87
C LEU A 133 -19.00 -23.34 10.64
N ASN A 134 -19.85 -24.23 10.14
CA ASN A 134 -19.56 -25.08 8.98
C ASN A 134 -20.17 -24.36 7.76
N LEU A 135 -19.35 -23.99 6.79
CA LEU A 135 -19.82 -23.22 5.61
C LEU A 135 -20.14 -24.10 4.45
N ALA A 136 -20.00 -25.40 4.63
CA ALA A 136 -20.03 -26.30 3.51
C ALA A 136 -21.31 -27.16 3.47
N PRO A 137 -21.65 -27.62 2.27
CA PRO A 137 -22.62 -28.70 2.10
C PRO A 137 -22.14 -30.03 2.63
N ASP A 138 -23.14 -30.82 3.04
CA ASP A 138 -23.03 -32.20 3.46
C ASP A 138 -23.36 -33.04 2.22
N GLY A 139 -22.99 -34.31 2.15
CA GLY A 139 -22.83 -34.85 0.79
C GLY A 139 -21.88 -33.97 -0.06
N TYR A 140 -21.68 -32.70 0.34
CA TYR A 140 -20.38 -31.98 0.27
C TYR A 140 -20.06 -31.23 -1.06
N GLY A 141 -21.09 -30.73 -1.72
CA GLY A 141 -20.89 -30.21 -3.05
C GLY A 141 -19.92 -29.07 -3.14
N TRP A 142 -19.70 -28.61 -4.37
CA TRP A 142 -19.07 -27.33 -4.56
C TRP A 142 -19.98 -26.34 -3.90
N ALA A 143 -19.45 -25.14 -3.74
CA ALA A 143 -20.08 -24.16 -2.88
C ALA A 143 -19.26 -22.93 -3.18
N SER A 144 -19.93 -21.79 -3.35
CA SER A 144 -19.29 -20.59 -3.89
C SER A 144 -19.72 -19.30 -3.19
N GLY A 145 -19.51 -19.27 -1.86
CA GLY A 145 -19.77 -18.08 -1.07
C GLY A 145 -18.64 -17.09 -1.17
N GLY A 146 -18.56 -16.14 -0.22
CA GLY A 146 -19.52 -15.95 0.85
C GLY A 146 -19.03 -14.77 1.65
N TYR A 147 -19.81 -14.35 2.65
CA TYR A 147 -19.58 -13.08 3.31
C TYR A 147 -19.99 -13.15 4.78
N ILE A 148 -19.01 -12.88 5.66
CA ILE A 148 -19.23 -12.71 7.10
C ILE A 148 -18.67 -11.35 7.49
N ALA A 149 -19.45 -10.59 8.24
CA ALA A 149 -18.98 -9.32 8.81
C ALA A 149 -19.51 -9.09 10.21
N ASP A 150 -18.67 -8.48 11.02
CA ASP A 150 -19.06 -7.97 12.33
C ASP A 150 -19.58 -9.10 13.21
N SER A 151 -18.94 -10.24 13.11
CA SER A 151 -19.42 -11.45 13.79
C SER A 151 -18.37 -12.03 14.69
N LYS A 152 -18.81 -12.87 15.62
CA LYS A 152 -17.86 -13.60 16.44
C LYS A 152 -18.32 -15.04 16.49
N ILE A 153 -17.42 -15.91 16.11
CA ILE A 153 -17.62 -17.34 16.16
C ILE A 153 -16.63 -17.83 17.20
N ASP A 154 -17.15 -18.36 18.32
CA ASP A 154 -16.26 -18.73 19.43
C ASP A 154 -15.22 -19.80 19.03
N GLY A 155 -15.69 -20.89 18.40
CA GLY A 155 -14.78 -21.92 17.91
C GLY A 155 -14.34 -21.72 16.47
N GLU A 156 -14.25 -22.83 15.73
CA GLU A 156 -13.65 -22.84 14.39
C GLU A 156 -14.67 -22.58 13.31
N VAL A 157 -14.24 -21.83 12.30
CA VAL A 157 -14.96 -21.73 11.05
C VAL A 157 -14.34 -22.63 10.01
N GLY A 158 -15.12 -23.60 9.49
CA GLY A 158 -14.64 -24.57 8.50
C GLY A 158 -15.28 -24.44 7.12
N PRO A 159 -14.51 -24.00 6.11
CA PRO A 159 -15.09 -23.84 4.77
C PRO A 159 -15.24 -25.18 4.05
N TYR A 160 -14.33 -26.10 4.35
CA TYR A 160 -14.22 -27.37 3.67
C TYR A 160 -14.09 -27.15 2.17
N SER A 161 -15.23 -27.26 1.47
CA SER A 161 -15.25 -27.27 0.03
C SER A 161 -15.47 -25.87 -0.57
N GLN A 162 -15.96 -24.92 0.23
CA GLN A 162 -16.15 -23.55 -0.22
C GLN A 162 -14.89 -23.05 -0.93
N GLN A 163 -15.07 -22.45 -2.08
CA GLN A 163 -13.97 -22.03 -2.91
C GLN A 163 -13.22 -20.81 -2.44
N GLN A 164 -14.03 -19.88 -1.96
CA GLN A 164 -13.50 -18.57 -1.64
C GLN A 164 -14.42 -18.02 -0.57
N TRP A 165 -13.98 -17.00 0.12
CA TRP A 165 -14.77 -16.45 1.20
C TRP A 165 -14.14 -15.14 1.60
N TYR A 166 -14.98 -14.20 2.03
CA TYR A 166 -14.51 -12.95 2.61
C TYR A 166 -15.08 -12.76 4.00
N THR A 167 -14.20 -12.43 4.94
CA THR A 167 -14.62 -12.16 6.31
C THR A 167 -14.03 -10.79 6.69
N ARG A 168 -14.84 -9.90 7.24
CA ARG A 168 -14.29 -8.66 7.79
C ARG A 168 -14.74 -8.37 9.21
N ASP A 169 -13.85 -7.68 9.92
CA ASP A 169 -14.16 -7.03 11.20
C ASP A 169 -14.92 -7.96 12.14
N SER A 170 -14.27 -9.08 12.44
CA SER A 170 -14.84 -10.19 13.18
C SER A 170 -13.81 -10.83 14.11
N SER A 171 -14.25 -11.85 14.83
CA SER A 171 -13.45 -12.62 15.78
C SER A 171 -13.77 -14.10 15.49
N VAL A 172 -12.75 -14.93 15.18
CA VAL A 172 -12.95 -16.37 15.06
C VAL A 172 -12.05 -17.13 16.03
N GLY A 173 -12.54 -18.29 16.47
CA GLY A 173 -11.75 -19.16 17.30
C GLY A 173 -10.57 -19.77 16.56
N GLY A 174 -10.86 -20.30 15.37
CA GLY A 174 -9.89 -20.88 14.45
C GLY A 174 -10.49 -20.86 13.03
N TRP A 175 -9.70 -21.24 12.02
CA TRP A 175 -10.16 -21.22 10.63
C TRP A 175 -9.64 -22.46 9.92
N GLY A 176 -10.56 -23.34 9.51
CA GLY A 176 -10.18 -24.70 9.17
C GLY A 176 -9.30 -24.88 7.94
N ASN A 177 -9.58 -24.13 6.88
CA ASN A 177 -8.85 -24.31 5.62
C ASN A 177 -9.15 -23.25 4.57
N GLY A 178 -8.38 -23.32 3.49
CA GLY A 178 -8.71 -22.64 2.26
C GLY A 178 -8.83 -23.58 1.05
N VAL A 179 -9.33 -23.01 -0.04
CA VAL A 179 -9.59 -23.73 -1.28
C VAL A 179 -8.88 -22.92 -2.36
N TRP A 180 -9.45 -21.79 -2.80
CA TRP A 180 -8.82 -20.90 -3.80
C TRP A 180 -8.52 -19.49 -3.30
N ASN A 181 -9.42 -18.90 -2.51
CA ASN A 181 -9.23 -17.50 -2.12
C ASN A 181 -10.01 -17.17 -0.86
N MET A 182 -9.38 -17.33 0.29
CA MET A 182 -9.97 -16.89 1.55
C MET A 182 -9.29 -15.59 1.96
N THR A 183 -10.09 -14.52 2.03
CA THR A 183 -9.58 -13.19 2.35
C THR A 183 -10.21 -12.72 3.66
N PHE A 184 -9.39 -12.00 4.44
CA PHE A 184 -9.77 -11.53 5.75
C PHE A 184 -9.26 -10.11 5.90
N SER A 185 -10.08 -9.21 6.44
CA SER A 185 -9.59 -7.92 6.87
C SER A 185 -10.19 -7.56 8.21
N GLY A 186 -9.33 -7.27 9.17
CA GLY A 186 -9.79 -6.92 10.51
C GLY A 186 -10.38 -8.08 11.31
N VAL A 187 -9.83 -9.27 11.08
CA VAL A 187 -10.36 -10.47 11.71
C VAL A 187 -9.42 -11.03 12.78
N GLU A 188 -9.88 -10.91 14.02
CA GLU A 188 -9.19 -11.54 15.15
C GLU A 188 -9.21 -13.05 15.03
N GLY A 189 -8.06 -13.71 15.01
CA GLY A 189 -8.02 -15.16 14.86
C GLY A 189 -7.86 -15.66 13.44
N ALA A 190 -7.77 -14.77 12.46
CA ALA A 190 -7.62 -15.24 11.09
C ALA A 190 -6.26 -15.92 10.87
N PRO A 191 -6.22 -16.93 9.99
CA PRO A 191 -4.90 -17.49 9.65
C PRO A 191 -3.99 -16.47 8.98
N ALA A 192 -2.71 -16.51 9.35
CA ALA A 192 -1.73 -15.54 8.86
C ALA A 192 -1.71 -15.53 7.35
N GLN A 193 -1.33 -14.39 6.78
CA GLN A 193 -1.11 -14.24 5.35
C GLN A 193 -0.20 -15.34 4.86
N SER A 194 -0.78 -16.18 3.98
CA SER A 194 -0.12 -17.40 3.51
C SER A 194 -0.08 -17.59 1.99
N PHE A 195 -0.76 -16.71 1.28
CA PHE A 195 -0.92 -16.88 -0.16
C PHE A 195 0.46 -17.07 -0.81
N PRO A 196 0.61 -18.17 -1.58
CA PRO A 196 -0.45 -19.06 -2.09
C PRO A 196 -0.82 -20.27 -1.20
N GLU A 197 -0.03 -20.54 -0.15
CA GLU A 197 -0.05 -21.83 0.56
C GLU A 197 -0.39 -21.81 2.02
N PRO A 198 -1.65 -22.11 2.37
CA PRO A 198 -2.92 -22.12 1.65
C PRO A 198 -3.21 -20.70 1.18
N PRO A 199 -4.25 -20.49 0.37
CA PRO A 199 -4.46 -19.17 -0.24
C PRO A 199 -5.22 -18.21 0.71
N TYR A 200 -4.48 -17.72 1.70
CA TYR A 200 -4.98 -16.80 2.70
C TYR A 200 -4.39 -15.42 2.45
N THR A 201 -5.29 -14.48 2.24
CA THR A 201 -4.99 -13.07 2.11
C THR A 201 -5.52 -12.40 3.36
N THR A 202 -4.60 -11.90 4.19
CA THR A 202 -4.96 -11.44 5.53
C THR A 202 -4.44 -10.04 5.81
N LEU A 203 -5.37 -9.11 5.98
CA LEU A 203 -5.10 -7.71 6.31
C LEU A 203 -5.47 -7.45 7.78
N GLU A 204 -4.55 -6.80 8.50
CA GLU A 204 -4.76 -6.59 9.94
C GLU A 204 -6.02 -5.77 10.23
N THR A 205 -6.27 -4.74 9.42
CA THR A 205 -7.43 -3.86 9.63
C THR A 205 -8.17 -3.65 8.31
N THR A 206 -9.44 -3.22 8.41
CA THR A 206 -10.22 -2.82 7.26
C THR A 206 -10.15 -1.31 7.12
N PRO A 207 -9.66 -0.79 5.96
CA PRO A 207 -9.37 0.66 5.86
C PRO A 207 -10.46 1.61 6.37
N VAL A 208 -11.68 1.39 5.88
CA VAL A 208 -12.86 2.02 6.49
C VAL A 208 -14.03 1.04 6.41
N SER A 209 -14.86 0.99 7.44
CA SER A 209 -16.08 0.18 7.37
C SER A 209 -17.17 0.83 8.21
N ARG A 210 -18.40 0.51 7.87
CA ARG A 210 -19.53 1.06 8.57
C ARG A 210 -20.58 -0.04 8.58
N GLU A 211 -21.05 -0.40 9.77
CA GLU A 211 -21.93 -1.56 9.86
C GLU A 211 -23.33 -1.25 9.38
N LYS A 212 -23.97 -2.27 8.84
CA LYS A 212 -25.24 -2.09 8.16
C LYS A 212 -26.36 -1.75 9.16
N PRO A 213 -27.22 -0.78 8.82
CA PRO A 213 -28.34 -0.45 9.72
C PRO A 213 -29.29 -1.62 9.90
N PHE A 214 -29.99 -1.63 11.03
CA PHE A 214 -30.94 -2.70 11.31
C PHE A 214 -32.07 -2.28 12.22
N LEU A 215 -33.17 -2.99 12.03
CA LEU A 215 -34.40 -2.86 12.75
C LEU A 215 -34.18 -3.49 14.15
N TYR A 216 -34.63 -2.81 15.21
CA TYR A 216 -34.62 -3.37 16.59
C TYR A 216 -35.78 -2.76 17.42
N LEU A 217 -36.18 -3.46 18.49
CA LEU A 217 -37.37 -3.07 19.24
C LEU A 217 -36.95 -2.46 20.59
N ASP A 218 -37.61 -1.35 20.97
CA ASP A 218 -37.23 -0.68 22.20
C ASP A 218 -38.41 -0.50 23.11
N GLY A 219 -38.38 -1.18 24.24
CA GLY A 219 -39.56 -1.37 25.03
C GLY A 219 -40.56 -1.94 24.04
N ASP A 220 -41.47 -1.08 23.59
CA ASP A 220 -42.43 -1.46 22.55
C ASP A 220 -42.23 -0.64 21.30
N ASP A 221 -41.11 0.04 21.19
CA ASP A 221 -40.90 1.10 20.21
C ASP A 221 -39.89 0.65 19.11
N TYR A 222 -40.33 0.31 17.88
CA TYR A 222 -39.40 -0.03 16.76
C TYR A 222 -38.42 1.14 16.49
N LYS A 223 -37.13 0.82 16.31
CA LYS A 223 -36.08 1.81 15.99
C LYS A 223 -35.33 1.27 14.78
N VAL A 224 -34.50 2.10 14.15
CA VAL A 224 -33.45 1.62 13.23
C VAL A 224 -32.12 2.13 13.76
N PHE A 225 -31.23 1.19 14.00
CA PHE A 225 -29.90 1.55 14.45
C PHE A 225 -28.94 1.77 13.28
N VAL A 226 -28.13 2.83 13.42
CA VAL A 226 -27.34 3.37 12.33
C VAL A 226 -25.93 3.54 12.90
N PRO A 227 -25.12 2.47 12.82
CA PRO A 227 -23.72 2.47 13.26
C PRO A 227 -22.87 3.63 12.75
N ALA A 228 -22.10 4.31 13.62
CA ALA A 228 -21.07 5.19 13.05
C ALA A 228 -19.81 4.41 12.59
N LYS A 229 -18.93 5.06 11.85
CA LYS A 229 -17.87 4.35 11.12
C LYS A 229 -16.59 4.14 11.95
N ARG A 230 -15.85 3.10 11.57
CA ARG A 230 -14.53 2.84 12.09
C ARG A 230 -13.51 2.84 10.96
N THR A 231 -12.51 3.71 11.07
CA THR A 231 -11.43 3.70 10.11
C THR A 231 -10.45 2.64 10.63
N ASN A 232 -9.93 1.79 9.74
CA ASN A 232 -8.89 0.85 10.13
C ASN A 232 -9.53 -0.04 11.21
N ALA A 233 -10.72 -0.56 10.89
CA ALA A 233 -11.49 -1.42 11.77
C ALA A 233 -10.85 -2.78 12.01
N ARG A 234 -11.16 -3.34 13.18
CA ARG A 234 -10.78 -4.70 13.51
C ARG A 234 -11.68 -5.24 14.63
N GLY A 235 -11.98 -6.53 14.57
CA GLY A 235 -12.91 -7.12 15.52
C GLY A 235 -14.32 -6.55 15.39
N THR A 236 -15.20 -6.98 16.28
CA THR A 236 -16.61 -6.58 16.21
C THR A 236 -16.85 -5.13 16.64
N SER A 237 -17.92 -4.55 16.11
CA SER A 237 -18.35 -3.22 16.52
C SER A 237 -18.92 -3.30 17.94
N TRP A 238 -19.54 -4.44 18.23
CA TRP A 238 -20.21 -4.78 19.48
C TRP A 238 -19.44 -5.96 20.17
N GLY A 239 -18.34 -5.84 20.91
CA GLY A 239 -17.76 -7.06 21.51
C GLY A 239 -17.30 -6.94 22.96
N ASN A 240 -17.58 -5.74 23.41
CA ASN A 240 -16.99 -5.01 24.48
C ASN A 240 -17.31 -3.60 23.99
N GLY A 241 -18.51 -3.46 23.38
CA GLY A 241 -19.04 -2.23 22.87
C GLY A 241 -20.53 -2.07 23.18
N THR A 242 -21.09 -1.19 22.38
CA THR A 242 -22.20 -0.23 22.58
C THR A 242 -21.54 0.81 21.72
N PRO A 243 -21.56 0.59 20.41
CA PRO A 243 -20.61 1.33 19.60
C PRO A 243 -21.19 2.67 19.09
N GLU A 244 -20.34 3.54 18.51
CA GLU A 244 -20.74 4.69 17.68
C GLU A 244 -22.16 4.57 17.02
N GLY A 245 -22.78 3.40 16.82
CA GLY A 245 -24.28 3.41 16.60
C GLY A 245 -25.12 4.71 16.31
N GLU A 246 -26.38 4.91 16.85
CA GLU A 246 -27.32 6.09 16.51
C GLU A 246 -28.79 5.74 16.06
N SER A 247 -29.83 6.08 16.85
CA SER A 247 -31.12 5.37 16.72
C SER A 247 -32.30 6.20 16.20
N LEU A 248 -32.98 5.72 15.15
CA LEU A 248 -34.02 6.51 14.48
C LEU A 248 -35.43 5.94 14.63
N PRO A 249 -36.37 6.73 15.21
CA PRO A 249 -37.78 6.36 15.39
C PRO A 249 -38.44 5.81 14.11
N LEU A 250 -39.12 4.67 14.23
CA LEU A 250 -39.72 4.08 13.05
C LEU A 250 -40.71 5.07 12.37
N ASP A 251 -41.19 6.01 13.16
CA ASP A 251 -42.02 7.08 12.65
C ASP A 251 -41.28 8.09 11.75
N GLN A 252 -39.96 7.98 11.60
CA GLN A 252 -39.22 8.80 10.64
C GLN A 252 -38.84 8.04 9.33
N PHE A 253 -39.44 6.84 9.15
CA PHE A 253 -39.28 6.02 7.94
C PHE A 253 -40.63 5.91 7.26
N TYR A 254 -40.70 6.08 5.93
CA TYR A 254 -41.87 5.59 5.17
C TYR A 254 -41.71 4.10 5.00
N VAL A 255 -42.59 3.34 5.62
CA VAL A 255 -42.72 1.92 5.39
C VAL A 255 -43.30 1.65 3.99
N VAL A 256 -42.43 1.20 3.08
CA VAL A 256 -42.79 0.94 1.70
C VAL A 256 -43.36 -0.48 1.66
N LYS A 257 -44.60 -0.58 1.21
CA LYS A 257 -45.42 -1.74 1.50
C LYS A 257 -46.20 -1.97 0.22
N PRO A 258 -47.36 -2.65 0.34
CA PRO A 258 -47.69 -3.55 -0.81
C PRO A 258 -47.24 -2.95 -2.14
N GLY A 259 -48.04 -2.07 -2.71
CA GLY A 259 -47.58 -1.28 -3.85
C GLY A 259 -47.81 0.23 -3.76
N ALA A 260 -46.92 0.96 -3.08
CA ALA A 260 -46.70 2.37 -3.36
C ALA A 260 -45.88 2.41 -4.62
N THR A 261 -45.55 3.63 -5.02
CA THR A 261 -45.14 3.98 -6.37
C THR A 261 -43.86 4.84 -6.33
N ALA A 262 -43.08 4.87 -7.41
CA ALA A 262 -41.81 5.62 -7.42
C ALA A 262 -42.02 7.15 -7.26
N GLU A 263 -43.27 7.58 -7.14
CA GLU A 263 -43.52 8.96 -6.73
C GLU A 263 -43.85 9.08 -5.27
N THR A 264 -44.68 8.16 -4.78
CA THR A 264 -44.93 8.01 -3.34
C THR A 264 -43.57 7.97 -2.58
N ILE A 265 -42.81 6.91 -2.83
CA ILE A 265 -41.45 6.77 -2.31
C ILE A 265 -40.60 8.04 -2.51
N ASN A 266 -40.64 8.64 -3.69
CA ASN A 266 -39.83 9.83 -3.98
C ASN A 266 -40.27 11.08 -3.16
N ALA A 267 -41.57 11.27 -2.99
CA ALA A 267 -42.05 12.38 -2.18
C ALA A 267 -41.64 12.15 -0.73
N ALA A 268 -41.63 10.88 -0.30
CA ALA A 268 -41.16 10.55 1.07
C ALA A 268 -39.76 11.13 1.34
N VAL A 269 -38.82 10.87 0.46
CA VAL A 269 -37.46 11.39 0.65
C VAL A 269 -37.44 12.92 0.58
N ASP A 270 -38.22 13.49 -0.34
CA ASP A 270 -38.27 14.96 -0.44
C ASP A 270 -38.67 15.55 0.90
N GLN A 271 -39.35 14.73 1.69
CA GLN A 271 -39.99 15.08 2.95
C GLN A 271 -39.17 14.85 4.20
N GLY A 272 -37.93 14.38 4.05
CA GLY A 272 -37.11 14.02 5.19
C GLY A 272 -37.37 12.66 5.77
N LEU A 273 -38.32 11.89 5.22
CA LEU A 273 -38.53 10.49 5.65
C LEU A 273 -37.44 9.59 5.06
N HIS A 274 -36.99 8.63 5.87
CA HIS A 274 -36.12 7.54 5.44
C HIS A 274 -37.00 6.45 4.77
N LEU A 275 -36.39 5.41 4.23
CA LEU A 275 -37.17 4.37 3.53
C LEU A 275 -36.94 3.00 4.12
N LEU A 276 -38.05 2.29 4.41
CA LEU A 276 -37.94 0.92 4.88
C LEU A 276 -38.76 0.08 3.95
N PHE A 277 -38.09 -0.66 3.08
CA PHE A 277 -38.80 -1.48 2.09
C PHE A 277 -39.16 -2.81 2.71
N THR A 278 -40.45 -3.04 2.92
CA THR A 278 -40.85 -4.34 3.42
C THR A 278 -40.70 -5.37 2.33
N PRO A 279 -40.56 -6.65 2.73
CA PRO A 279 -40.36 -7.71 1.75
C PRO A 279 -41.46 -7.69 0.70
N GLY A 280 -41.02 -7.76 -0.55
CA GLY A 280 -41.92 -7.77 -1.69
C GLY A 280 -41.15 -7.36 -2.94
N VAL A 281 -41.88 -7.33 -4.06
CA VAL A 281 -41.30 -6.97 -5.34
C VAL A 281 -42.01 -5.72 -5.86
N TYR A 282 -41.22 -4.64 -5.97
CA TYR A 282 -41.69 -3.30 -6.29
C TYR A 282 -41.36 -2.96 -7.74
N HIS A 283 -42.41 -2.76 -8.53
CA HIS A 283 -42.24 -2.53 -9.95
C HIS A 283 -42.46 -1.09 -10.34
N VAL A 284 -41.35 -0.36 -10.55
CA VAL A 284 -41.37 1.08 -10.75
C VAL A 284 -41.31 1.56 -12.21
N ASP A 285 -42.08 2.60 -12.52
CA ASP A 285 -42.10 3.18 -13.87
C ASP A 285 -41.20 4.41 -14.00
N GLN A 286 -40.52 4.77 -12.93
CA GLN A 286 -39.49 5.84 -12.94
C GLN A 286 -38.50 5.68 -11.76
N PRO A 287 -37.31 6.31 -11.84
CA PRO A 287 -36.31 6.03 -10.81
C PRO A 287 -36.65 6.50 -9.39
N ILE A 288 -36.23 5.71 -8.41
CA ILE A 288 -36.18 6.14 -7.01
C ILE A 288 -34.99 7.10 -6.89
N GLU A 289 -35.21 8.28 -6.33
CA GLU A 289 -34.18 9.33 -6.31
C GLU A 289 -33.77 9.80 -4.86
N ILE A 290 -32.84 9.08 -4.22
CA ILE A 290 -32.34 9.47 -2.88
C ILE A 290 -31.36 10.66 -2.99
N ASP A 291 -31.92 11.85 -2.79
CA ASP A 291 -31.20 13.12 -2.93
C ASP A 291 -31.46 13.94 -1.65
N ARG A 292 -31.12 13.31 -0.56
CA ARG A 292 -31.22 13.86 0.76
C ARG A 292 -30.08 13.26 1.54
N ALA A 293 -29.23 14.11 2.08
CA ALA A 293 -28.08 13.61 2.81
C ALA A 293 -28.55 12.75 4.00
N ASN A 294 -27.77 11.71 4.29
CA ASN A 294 -27.96 10.85 5.47
C ASN A 294 -29.25 9.96 5.46
N THR A 295 -29.87 9.86 4.30
CA THR A 295 -31.04 9.00 4.11
C THR A 295 -30.69 7.52 4.17
N VAL A 296 -31.39 6.77 5.03
CA VAL A 296 -31.31 5.33 5.06
C VAL A 296 -32.39 4.73 4.18
N ALA A 297 -31.99 3.79 3.33
CA ALA A 297 -32.94 2.99 2.56
C ALA A 297 -32.60 1.54 2.83
N LEU A 298 -33.41 0.90 3.68
CA LEU A 298 -33.13 -0.41 4.24
C LEU A 298 -34.19 -1.36 3.72
N GLY A 299 -33.77 -2.46 3.11
CA GLY A 299 -34.69 -3.49 2.69
C GLY A 299 -34.80 -4.60 3.72
N LEU A 300 -35.94 -5.27 3.72
CA LEU A 300 -36.22 -6.44 4.53
C LEU A 300 -36.62 -7.60 3.61
N GLY A 301 -36.18 -8.80 3.95
CA GLY A 301 -36.58 -10.02 3.24
C GLY A 301 -36.33 -10.00 1.75
N LEU A 302 -35.18 -9.43 1.36
CA LEU A 302 -34.77 -9.38 -0.04
C LEU A 302 -35.76 -8.60 -0.93
N ALA A 303 -36.32 -7.54 -0.34
CA ALA A 303 -37.12 -6.58 -1.09
C ALA A 303 -36.42 -6.24 -2.40
N THR A 304 -37.22 -6.26 -3.45
CA THR A 304 -36.72 -6.22 -4.81
C THR A 304 -37.33 -5.07 -5.57
N ILE A 305 -36.48 -4.35 -6.30
CA ILE A 305 -36.93 -3.26 -7.18
C ILE A 305 -36.69 -3.67 -8.64
N ILE A 306 -37.76 -3.59 -9.46
CA ILE A 306 -37.67 -3.83 -10.90
C ILE A 306 -38.03 -2.56 -11.66
N PRO A 307 -37.10 -2.06 -12.51
CA PRO A 307 -37.46 -0.87 -13.31
C PRO A 307 -38.10 -1.22 -14.65
N ASP A 308 -39.22 -0.57 -15.03
CA ASP A 308 -39.69 -0.65 -16.43
C ASP A 308 -39.22 0.59 -17.16
N ASN A 309 -39.41 0.58 -18.48
CA ASN A 309 -39.16 1.74 -19.34
C ASN A 309 -37.66 2.00 -19.58
N GLY A 310 -36.85 1.04 -19.17
CA GLY A 310 -35.42 1.14 -19.29
C GLY A 310 -34.90 2.17 -18.33
N VAL A 311 -35.67 2.45 -17.28
CA VAL A 311 -35.24 3.49 -16.36
C VAL A 311 -34.16 2.94 -15.43
N THR A 312 -33.42 3.85 -14.85
CA THR A 312 -32.54 3.52 -13.77
C THR A 312 -33.44 3.25 -12.55
N ALA A 313 -33.17 2.15 -11.85
CA ALA A 313 -33.96 1.76 -10.69
C ALA A 313 -33.75 2.67 -9.48
N LEU A 314 -32.50 3.01 -9.22
CA LEU A 314 -32.16 3.75 -8.02
C LEU A 314 -31.01 4.69 -8.30
N LYS A 315 -31.28 5.93 -7.95
CA LYS A 315 -30.28 6.99 -8.05
C LYS A 315 -30.07 7.74 -6.78
N VAL A 316 -28.82 7.71 -6.33
CA VAL A 316 -28.43 8.47 -5.17
C VAL A 316 -27.74 9.74 -5.65
N GLY A 317 -28.15 10.86 -5.08
CA GLY A 317 -27.57 12.14 -5.39
C GLY A 317 -26.15 12.33 -4.88
N ASP A 318 -25.61 13.53 -5.10
CA ASP A 318 -24.25 13.82 -4.71
C ASP A 318 -24.18 14.37 -3.30
N VAL A 319 -24.68 13.55 -2.39
CA VAL A 319 -24.86 13.94 -1.01
C VAL A 319 -24.16 12.96 -0.06
N ASP A 320 -23.80 13.47 1.10
CA ASP A 320 -23.19 12.66 2.18
C ASP A 320 -24.17 11.63 2.73
N GLY A 321 -23.63 10.51 3.22
CA GLY A 321 -24.28 9.75 4.29
C GLY A 321 -25.40 8.82 3.92
N VAL A 322 -25.68 8.66 2.64
CA VAL A 322 -26.79 7.78 2.25
C VAL A 322 -26.37 6.33 2.49
N LYS A 323 -27.28 5.54 3.07
CA LYS A 323 -26.99 4.15 3.44
C LYS A 323 -28.04 3.29 2.76
N VAL A 324 -27.68 2.69 1.63
CA VAL A 324 -28.56 1.80 0.87
C VAL A 324 -28.21 0.39 1.33
N ALA A 325 -29.21 -0.38 1.72
CA ALA A 325 -28.92 -1.64 2.43
C ALA A 325 -29.97 -2.70 2.15
N GLY A 326 -29.55 -3.87 1.67
CA GLY A 326 -30.44 -5.01 1.66
C GLY A 326 -31.52 -5.01 0.60
N LEU A 327 -31.11 -4.66 -0.61
CA LEU A 327 -32.00 -4.59 -1.75
C LEU A 327 -31.49 -5.39 -2.94
N LEU A 328 -32.43 -6.05 -3.62
CA LEU A 328 -32.16 -6.70 -4.89
C LEU A 328 -32.73 -5.80 -5.99
N VAL A 329 -31.92 -5.49 -6.98
CA VAL A 329 -32.37 -4.73 -8.15
C VAL A 329 -32.36 -5.71 -9.32
N ASP A 330 -33.53 -5.96 -9.89
CA ASP A 330 -33.74 -6.97 -10.93
C ASP A 330 -34.06 -6.26 -12.24
N ALA A 331 -33.28 -6.51 -13.30
CA ALA A 331 -33.54 -5.84 -14.55
C ALA A 331 -34.87 -6.24 -15.14
N GLY A 332 -35.55 -5.25 -15.71
CA GLY A 332 -36.71 -5.51 -16.54
C GLY A 332 -36.26 -5.86 -17.95
N PRO A 333 -37.15 -6.44 -18.75
CA PRO A 333 -36.75 -6.85 -20.10
C PRO A 333 -36.33 -5.68 -21.00
N VAL A 334 -36.92 -4.50 -20.80
CA VAL A 334 -36.52 -3.30 -21.51
C VAL A 334 -35.15 -2.86 -20.97
N ASN A 335 -34.15 -2.73 -21.85
CA ASN A 335 -32.80 -2.44 -21.44
C ASN A 335 -32.71 -1.12 -20.68
N SER A 336 -32.19 -1.21 -19.46
CA SER A 336 -31.87 0.01 -18.71
C SER A 336 -30.43 0.40 -18.99
N GLU A 337 -30.24 1.67 -19.29
CA GLU A 337 -28.91 2.16 -19.57
C GLU A 337 -28.00 2.02 -18.31
N THR A 338 -28.60 2.30 -17.15
CA THR A 338 -27.99 1.97 -15.86
C THR A 338 -29.05 1.43 -14.91
N LEU A 339 -28.66 0.58 -13.95
CA LEU A 339 -29.59 0.12 -12.93
C LEU A 339 -29.50 0.88 -11.58
N VAL A 340 -28.28 1.21 -11.15
CA VAL A 340 -28.03 1.95 -9.93
C VAL A 340 -26.96 2.96 -10.22
N GLU A 341 -27.24 4.22 -9.92
CA GLU A 341 -26.25 5.30 -10.04
C GLU A 341 -26.01 5.98 -8.70
N VAL A 342 -24.74 6.08 -8.31
CA VAL A 342 -24.37 6.74 -7.07
C VAL A 342 -23.54 7.96 -7.38
N GLY A 343 -24.19 9.12 -7.22
CA GLY A 343 -23.68 10.40 -7.62
C GLY A 343 -23.93 10.63 -9.08
N SER A 344 -23.78 11.87 -9.50
CA SER A 344 -23.98 12.22 -10.91
C SER A 344 -22.69 12.06 -11.69
N ASP A 345 -22.81 12.00 -13.01
CA ASP A 345 -21.64 11.85 -13.83
C ASP A 345 -20.70 13.07 -13.72
N GLY A 346 -19.45 12.75 -13.49
CA GLY A 346 -18.38 13.70 -13.36
C GLY A 346 -18.55 14.72 -12.27
N ALA A 347 -19.22 14.39 -11.17
CA ALA A 347 -19.13 15.33 -10.05
C ALA A 347 -18.09 14.93 -9.01
N SER A 348 -17.60 15.94 -8.34
CA SER A 348 -16.26 15.90 -7.85
C SER A 348 -16.24 16.54 -6.50
N GLY A 349 -17.36 16.43 -5.78
CA GLY A 349 -17.37 16.75 -4.37
C GLY A 349 -16.81 15.59 -3.57
N ASP A 350 -16.37 15.87 -2.35
CA ASP A 350 -15.81 14.84 -1.48
C ASP A 350 -16.85 14.45 -0.41
N HIS A 351 -16.74 13.24 0.12
CA HIS A 351 -17.64 12.76 1.15
C HIS A 351 -16.82 11.89 2.12
N ALA A 352 -15.72 12.45 2.65
CA ALA A 352 -14.75 11.64 3.42
C ALA A 352 -15.19 11.26 4.84
N ALA A 353 -15.68 12.23 5.58
CA ALA A 353 -16.06 11.96 6.98
C ALA A 353 -17.33 11.12 7.01
N ASN A 354 -18.24 11.39 6.07
CA ASN A 354 -19.53 10.73 6.06
C ASN A 354 -19.92 10.25 4.65
N PRO A 355 -19.37 9.09 4.25
CA PRO A 355 -19.61 8.57 2.91
C PRO A 355 -21.03 8.06 2.67
N THR A 356 -21.34 7.85 1.41
CA THR A 356 -22.51 7.04 1.03
C THR A 356 -22.03 5.60 0.90
N SER A 357 -22.92 4.66 1.20
CA SER A 357 -22.58 3.24 1.17
C SER A 357 -23.69 2.44 0.49
N LEU A 358 -23.27 1.40 -0.22
CA LEU A 358 -24.16 0.34 -0.67
C LEU A 358 -23.77 -0.93 0.06
N GLN A 359 -24.72 -1.53 0.78
CA GLN A 359 -24.45 -2.78 1.50
C GLN A 359 -25.51 -3.83 1.20
N ASP A 360 -25.05 -5.04 0.90
CA ASP A 360 -26.02 -6.09 0.53
C ASP A 360 -26.99 -5.56 -0.52
N VAL A 361 -26.42 -4.95 -1.54
CA VAL A 361 -27.14 -4.56 -2.74
C VAL A 361 -26.77 -5.58 -3.79
N PHE A 362 -27.78 -6.27 -4.32
CA PHE A 362 -27.56 -7.34 -5.28
C PHE A 362 -28.27 -6.95 -6.57
N VAL A 363 -27.62 -7.18 -7.70
CA VAL A 363 -28.23 -6.91 -8.99
C VAL A 363 -28.32 -8.22 -9.76
N ARG A 364 -29.46 -8.43 -10.43
CA ARG A 364 -29.66 -9.61 -11.30
C ARG A 364 -30.17 -9.17 -12.66
N ILE A 365 -29.59 -9.74 -13.72
CA ILE A 365 -30.05 -9.49 -15.09
C ILE A 365 -30.40 -10.84 -15.73
N GLY A 366 -31.70 -11.04 -15.92
CA GLY A 366 -32.24 -12.31 -16.41
C GLY A 366 -32.41 -13.34 -15.30
N GLY A 367 -32.89 -14.54 -15.67
CA GLY A 367 -32.94 -15.67 -14.73
C GLY A 367 -34.38 -16.05 -14.40
N ALA A 368 -35.17 -15.01 -14.23
CA ALA A 368 -36.61 -15.11 -14.21
C ALA A 368 -37.04 -14.28 -15.39
N GLY A 369 -37.07 -14.86 -16.59
CA GLY A 369 -37.49 -14.09 -17.73
C GLY A 369 -36.36 -13.20 -18.23
N PRO A 370 -36.48 -12.75 -19.50
CA PRO A 370 -35.46 -11.88 -20.08
C PRO A 370 -35.32 -10.56 -19.27
N GLY A 371 -34.08 -10.19 -18.99
CA GLY A 371 -33.77 -8.88 -18.41
C GLY A 371 -32.55 -8.32 -19.13
N LYS A 372 -32.41 -6.99 -19.15
CA LYS A 372 -31.33 -6.32 -19.88
C LYS A 372 -30.87 -5.02 -19.20
N ALA A 373 -29.56 -4.80 -19.13
CA ALA A 373 -29.07 -3.50 -18.70
C ALA A 373 -27.68 -3.27 -19.27
N THR A 374 -27.38 -2.04 -19.68
CA THR A 374 -26.05 -1.76 -20.27
C THR A 374 -24.93 -1.74 -19.22
N THR A 375 -25.14 -0.97 -18.15
CA THR A 375 -24.22 -0.92 -17.00
C THR A 375 -25.00 -1.02 -15.69
N SER A 376 -24.70 -2.02 -14.88
CA SER A 376 -25.50 -2.28 -13.68
C SER A 376 -25.32 -1.29 -12.51
N ILE A 377 -24.08 -0.99 -12.13
CA ILE A 377 -23.84 -0.03 -11.07
C ILE A 377 -22.74 0.92 -11.48
N VAL A 378 -23.08 2.21 -11.48
CA VAL A 378 -22.11 3.24 -11.76
C VAL A 378 -21.92 4.04 -10.48
N VAL A 379 -20.67 4.18 -10.07
CA VAL A 379 -20.38 4.89 -8.83
C VAL A 379 -19.48 6.07 -9.15
N ASN A 380 -20.14 7.22 -9.16
CA ASN A 380 -19.48 8.47 -9.45
C ASN A 380 -19.05 9.20 -8.20
N SER A 381 -19.74 9.01 -7.07
CA SER A 381 -19.40 9.79 -5.85
C SER A 381 -18.09 9.37 -5.18
N ASN A 382 -17.23 10.36 -4.94
CA ASN A 382 -16.02 10.12 -4.20
C ASN A 382 -16.33 9.54 -2.80
N ASP A 383 -15.42 8.70 -2.34
CA ASP A 383 -15.40 8.15 -0.97
C ASP A 383 -16.46 7.08 -0.69
N THR A 384 -17.18 6.66 -1.71
CA THR A 384 -18.25 5.66 -1.56
C THR A 384 -17.69 4.33 -1.05
N ILE A 385 -18.46 3.70 -0.16
CA ILE A 385 -18.17 2.39 0.36
C ILE A 385 -19.14 1.40 -0.29
N ILE A 386 -18.60 0.33 -0.85
CA ILE A 386 -19.40 -0.71 -1.49
C ILE A 386 -19.08 -1.96 -0.68
N ASP A 387 -19.93 -2.30 0.30
CA ASP A 387 -19.61 -3.33 1.30
C ASP A 387 -20.60 -4.51 1.16
N HIS A 388 -20.18 -5.48 0.36
CA HIS A 388 -20.94 -6.63 -0.10
C HIS A 388 -21.93 -6.32 -1.21
N THR A 389 -21.55 -6.65 -2.43
CA THR A 389 -22.44 -6.59 -3.57
C THR A 389 -22.26 -7.87 -4.42
N TRP A 390 -23.36 -8.34 -5.00
CA TRP A 390 -23.30 -9.39 -6.02
C TRP A 390 -24.03 -8.83 -7.23
N VAL A 391 -23.30 -8.63 -8.31
CA VAL A 391 -23.82 -8.06 -9.54
C VAL A 391 -23.72 -9.19 -10.59
N TRP A 392 -24.87 -9.73 -10.99
CA TRP A 392 -24.93 -11.04 -11.63
C TRP A 392 -25.80 -11.05 -12.88
N ARG A 393 -25.16 -11.23 -14.03
CA ARG A 393 -25.91 -11.53 -15.22
C ARG A 393 -26.22 -13.05 -15.16
N ALA A 394 -27.49 -13.40 -15.29
CA ALA A 394 -27.88 -14.79 -15.08
C ALA A 394 -27.28 -15.76 -16.10
N ASP A 395 -26.77 -16.88 -15.59
CA ASP A 395 -26.31 -18.00 -16.44
C ASP A 395 -27.26 -19.19 -16.36
N HIS A 396 -28.38 -19.03 -15.67
CA HIS A 396 -29.44 -20.03 -15.74
C HIS A 396 -30.81 -19.48 -15.35
N GLY A 397 -31.83 -20.22 -15.74
CA GLY A 397 -33.21 -19.95 -15.40
C GLY A 397 -33.92 -19.59 -16.67
N GLU A 398 -34.79 -18.59 -16.60
CA GLU A 398 -35.51 -18.15 -17.78
C GLU A 398 -35.10 -16.75 -18.30
N GLY A 399 -35.13 -16.62 -19.62
CA GLY A 399 -34.75 -15.38 -20.28
C GLY A 399 -33.24 -15.20 -20.37
N VAL A 400 -32.50 -16.32 -20.38
CA VAL A 400 -31.05 -16.30 -20.46
C VAL A 400 -30.57 -16.56 -21.90
N GLY A 401 -29.55 -15.81 -22.31
CA GLY A 401 -28.99 -15.90 -23.65
C GLY A 401 -28.01 -14.78 -23.94
N TRP A 402 -27.02 -15.09 -24.77
CA TRP A 402 -25.98 -14.10 -25.11
C TRP A 402 -26.55 -12.73 -25.53
N GLU A 403 -27.64 -12.72 -26.27
CA GLU A 403 -28.36 -11.47 -26.52
C GLU A 403 -29.65 -11.33 -25.67
N THR A 404 -30.30 -12.45 -25.36
CA THR A 404 -31.54 -12.38 -24.59
C THR A 404 -31.41 -11.59 -23.27
N ASN A 405 -30.41 -11.93 -22.45
CA ASN A 405 -30.12 -11.13 -21.24
C ASN A 405 -28.72 -10.51 -21.30
N ARG A 406 -28.42 -9.96 -22.47
CA ARG A 406 -27.23 -9.14 -22.67
C ARG A 406 -27.06 -8.13 -21.53
N ALA A 407 -25.86 -8.04 -20.99
CA ALA A 407 -25.52 -6.96 -20.05
C ALA A 407 -24.03 -6.71 -20.21
N ASP A 408 -23.67 -5.58 -20.78
CA ASP A 408 -22.28 -5.39 -21.17
C ASP A 408 -21.36 -5.19 -19.99
N TYR A 409 -21.80 -4.38 -19.04
CA TYR A 409 -20.91 -3.91 -17.97
C TYR A 409 -21.52 -4.09 -16.59
N GLY A 410 -20.70 -4.59 -15.66
CA GLY A 410 -21.21 -4.85 -14.32
C GLY A 410 -21.17 -3.60 -13.45
N VAL A 411 -19.96 -3.24 -13.05
CA VAL A 411 -19.73 -2.11 -12.17
C VAL A 411 -18.67 -1.23 -12.79
N HIS A 412 -18.94 0.07 -12.78
CA HIS A 412 -17.99 1.07 -13.28
C HIS A 412 -17.79 2.08 -12.15
N VAL A 413 -16.58 2.09 -11.58
CA VAL A 413 -16.27 3.00 -10.48
C VAL A 413 -15.56 4.22 -11.05
N LYS A 414 -16.27 5.35 -11.04
CA LYS A 414 -15.72 6.59 -11.59
C LYS A 414 -15.25 7.61 -10.54
N GLY A 415 -15.70 7.45 -9.30
CA GLY A 415 -15.30 8.32 -8.20
C GLY A 415 -13.93 7.99 -7.62
N ASP A 416 -13.38 8.94 -6.87
CA ASP A 416 -12.09 8.80 -6.23
C ASP A 416 -12.23 8.27 -4.80
N ASN A 417 -11.21 7.56 -4.32
CA ASN A 417 -11.15 7.09 -2.93
C ASN A 417 -12.31 6.13 -2.62
N VAL A 418 -12.75 5.36 -3.62
CA VAL A 418 -13.85 4.38 -3.44
C VAL A 418 -13.28 3.05 -2.93
N LEU A 419 -13.98 2.45 -1.96
CA LEU A 419 -13.53 1.22 -1.31
C LEU A 419 -14.58 0.17 -1.59
N ALA A 420 -14.16 -0.97 -2.10
CA ALA A 420 -15.05 -2.14 -2.23
C ALA A 420 -14.54 -3.25 -1.33
N THR A 421 -15.40 -3.73 -0.46
CA THR A 421 -15.12 -4.85 0.44
C THR A 421 -16.14 -5.96 0.20
N GLY A 422 -15.68 -7.06 -0.38
CA GLY A 422 -16.57 -8.15 -0.72
C GLY A 422 -17.32 -7.91 -2.03
N LEU A 423 -16.57 -7.88 -3.13
CA LEU A 423 -17.08 -7.53 -4.45
C LEU A 423 -17.23 -8.80 -5.31
N PHE A 424 -18.46 -9.10 -5.71
CA PHE A 424 -18.78 -10.33 -6.44
C PHE A 424 -19.49 -9.88 -7.75
N VAL A 425 -18.87 -10.03 -8.91
CA VAL A 425 -19.49 -9.59 -10.17
C VAL A 425 -19.24 -10.67 -11.24
N GLU A 426 -20.31 -11.14 -11.89
CA GLU A 426 -20.20 -12.26 -12.80
C GLU A 426 -21.01 -12.16 -14.08
N HIS A 427 -20.38 -12.61 -15.15
CA HIS A 427 -21.01 -13.06 -16.41
C HIS A 427 -21.31 -12.00 -17.47
N PHE A 428 -20.76 -10.80 -17.31
CA PHE A 428 -21.02 -9.71 -18.23
C PHE A 428 -20.43 -9.92 -19.63
N ASN A 429 -21.10 -9.38 -20.64
CA ASN A 429 -20.65 -9.58 -22.03
C ASN A 429 -19.33 -8.88 -22.32
N LYS A 430 -19.07 -7.80 -21.59
CA LYS A 430 -17.82 -7.07 -21.69
C LYS A 430 -17.13 -6.98 -20.30
N TYR A 431 -16.61 -5.82 -19.90
CA TYR A 431 -15.89 -5.78 -18.63
C TYR A 431 -16.83 -5.94 -17.43
N ASP A 432 -16.58 -6.92 -16.57
CA ASP A 432 -17.43 -7.08 -15.42
C ASP A 432 -17.26 -5.86 -14.50
N VAL A 433 -16.00 -5.50 -14.26
CA VAL A 433 -15.68 -4.30 -13.47
C VAL A 433 -14.67 -3.45 -14.18
N GLN A 434 -14.97 -2.14 -14.27
CA GLN A 434 -14.05 -1.14 -14.79
C GLN A 434 -13.85 -0.06 -13.72
N TRP A 435 -12.60 0.35 -13.50
CA TRP A 435 -12.28 1.32 -12.47
C TRP A 435 -11.48 2.46 -13.11
N SER A 436 -12.10 3.63 -13.11
CA SER A 436 -11.49 4.83 -13.65
C SER A 436 -10.98 5.80 -12.59
N GLY A 437 -11.76 5.95 -11.52
CA GLY A 437 -11.38 6.87 -10.47
C GLY A 437 -10.02 6.58 -9.86
N GLU A 438 -9.52 7.56 -9.13
CA GLU A 438 -8.23 7.43 -8.49
C GLU A 438 -8.42 6.78 -7.12
N ASN A 439 -7.35 6.15 -6.67
CA ASN A 439 -7.26 5.72 -5.30
C ASN A 439 -8.20 4.64 -4.80
N GLY A 440 -8.72 3.87 -5.73
CA GLY A 440 -9.59 2.78 -5.40
C GLY A 440 -8.87 1.67 -4.68
N LYS A 441 -9.61 1.03 -3.79
CA LYS A 441 -9.17 -0.19 -3.15
C LYS A 441 -10.26 -1.21 -3.24
N THR A 442 -9.89 -2.44 -3.58
CA THR A 442 -10.80 -3.59 -3.51
C THR A 442 -10.18 -4.63 -2.60
N ILE A 443 -10.94 -5.03 -1.59
CA ILE A 443 -10.56 -6.13 -0.68
C ILE A 443 -11.58 -7.26 -0.92
N PHE A 444 -11.07 -8.32 -1.57
CA PHE A 444 -11.82 -9.47 -2.06
C PHE A 444 -12.64 -9.20 -3.31
N TYR A 445 -12.35 -9.99 -4.34
CA TYR A 445 -13.08 -9.97 -5.60
C TYR A 445 -13.30 -11.40 -6.06
N GLN A 446 -14.54 -11.69 -6.43
CA GLN A 446 -14.90 -12.95 -7.08
C GLN A 446 -15.66 -12.67 -8.38
N ASN A 447 -15.13 -13.22 -9.46
CA ASN A 447 -15.73 -13.11 -10.79
C ASN A 447 -15.80 -14.47 -11.45
N ALA A 448 -16.81 -14.63 -12.31
CA ALA A 448 -16.81 -15.69 -13.32
C ALA A 448 -17.12 -15.00 -14.64
N LYS A 449 -16.49 -15.46 -15.69
CA LYS A 449 -16.69 -14.92 -17.03
C LYS A 449 -17.89 -15.61 -17.69
N ALA A 450 -18.57 -14.86 -18.54
CA ALA A 450 -19.72 -15.34 -19.31
C ALA A 450 -19.49 -16.72 -19.92
N TYR A 451 -20.44 -17.62 -19.70
CA TYR A 451 -20.29 -19.04 -20.15
C TYR A 451 -20.65 -19.17 -21.59
N ASP A 452 -21.42 -18.19 -22.07
CA ASP A 452 -22.15 -18.30 -23.30
C ASP A 452 -21.67 -17.41 -24.46
N ALA A 453 -20.43 -16.91 -24.38
CA ALA A 453 -19.81 -16.30 -25.55
C ALA A 453 -19.80 -17.34 -26.65
N PRO A 454 -20.33 -17.01 -27.83
CA PRO A 454 -20.49 -18.08 -28.84
C PRO A 454 -19.22 -18.42 -29.63
N ASP A 455 -18.29 -17.49 -29.65
CA ASP A 455 -17.00 -17.74 -30.28
C ASP A 455 -16.00 -16.70 -29.81
N GLN A 456 -14.79 -16.78 -30.37
CA GLN A 456 -13.73 -15.83 -30.06
C GLN A 456 -14.08 -14.47 -30.66
N ALA A 457 -14.66 -14.49 -31.86
CA ALA A 457 -14.99 -13.27 -32.60
C ALA A 457 -15.95 -12.41 -31.79
N ALA A 458 -16.81 -13.07 -31.02
CA ALA A 458 -17.83 -12.41 -30.23
C ALA A 458 -17.27 -11.44 -29.17
N ILE A 459 -16.19 -11.86 -28.51
CA ILE A 459 -15.63 -11.14 -27.35
C ILE A 459 -14.31 -10.42 -27.63
N GLN A 460 -14.16 -10.00 -28.87
CA GLN A 460 -13.03 -9.17 -29.25
C GLN A 460 -13.05 -7.80 -28.55
N ASN A 461 -12.08 -7.56 -27.67
CA ASN A 461 -11.81 -6.22 -27.11
C ASN A 461 -10.66 -5.56 -27.90
N GLY A 462 -11.00 -5.10 -29.11
CA GLY A 462 -10.02 -4.61 -30.07
C GLY A 462 -8.88 -5.61 -30.25
N ASP A 463 -7.72 -5.26 -29.71
CA ASP A 463 -6.52 -6.06 -29.84
C ASP A 463 -6.22 -6.96 -28.60
N ILE A 464 -7.24 -7.25 -27.80
CA ILE A 464 -7.14 -8.25 -26.73
C ILE A 464 -8.24 -9.29 -26.93
N LYS A 465 -7.95 -10.54 -26.57
CA LYS A 465 -8.93 -11.60 -26.54
C LYS A 465 -9.73 -11.54 -25.25
N GLY A 466 -11.00 -11.20 -25.38
CA GLY A 466 -11.87 -11.07 -24.22
C GLY A 466 -11.73 -9.74 -23.54
N TYR A 467 -12.58 -9.54 -22.54
CA TYR A 467 -12.62 -8.35 -21.70
C TYR A 467 -12.22 -8.76 -20.30
N ALA A 468 -11.29 -8.02 -19.70
CA ALA A 468 -10.88 -8.35 -18.33
C ALA A 468 -12.09 -8.40 -17.41
N ALA A 469 -12.02 -9.26 -16.41
CA ALA A 469 -13.04 -9.24 -15.35
C ALA A 469 -12.90 -8.00 -14.50
N TYR A 470 -11.70 -7.42 -14.47
CA TYR A 470 -11.44 -6.25 -13.63
C TYR A 470 -10.36 -5.42 -14.31
N LYS A 471 -10.80 -4.28 -14.83
CA LYS A 471 -10.00 -3.37 -15.63
C LYS A 471 -9.79 -2.09 -14.89
N VAL A 472 -8.53 -1.76 -14.63
CA VAL A 472 -8.17 -0.44 -14.15
C VAL A 472 -7.70 0.37 -15.37
N ASP A 473 -8.33 1.50 -15.63
CA ASP A 473 -7.96 2.29 -16.81
C ASP A 473 -6.49 2.56 -16.82
N ASP A 474 -5.95 2.81 -18.01
CA ASP A 474 -4.52 3.06 -18.14
C ASP A 474 -4.12 4.40 -17.51
N SER A 475 -5.10 5.31 -17.46
CA SER A 475 -4.99 6.67 -16.91
C SER A 475 -4.73 6.72 -15.38
N VAL A 476 -5.35 5.81 -14.64
CA VAL A 476 -5.25 5.81 -13.17
C VAL A 476 -3.80 5.71 -12.69
N THR A 477 -3.47 6.44 -11.63
CA THR A 477 -2.10 6.44 -11.10
C THR A 477 -2.00 5.70 -9.75
N THR A 478 -3.11 5.61 -9.01
CA THR A 478 -3.11 4.85 -7.73
C THR A 478 -4.31 3.92 -7.64
N HIS A 479 -4.06 2.69 -7.19
CA HIS A 479 -5.09 1.64 -7.07
C HIS A 479 -4.48 0.48 -6.30
N GLU A 480 -5.31 -0.26 -5.58
CA GLU A 480 -4.79 -1.41 -4.82
C GLU A 480 -5.90 -2.44 -4.61
N GLY A 481 -5.63 -3.67 -5.05
CA GLY A 481 -6.54 -4.78 -4.88
C GLY A 481 -5.89 -5.97 -4.15
N TRP A 482 -6.64 -6.64 -3.29
CA TRP A 482 -6.14 -7.81 -2.58
C TRP A 482 -7.13 -8.97 -2.69
N GLY A 483 -6.64 -10.14 -3.07
CA GLY A 483 -7.42 -11.35 -2.93
C GLY A 483 -8.54 -11.46 -3.95
N MET A 484 -8.13 -11.65 -5.21
CA MET A 484 -9.01 -11.45 -6.34
C MET A 484 -8.90 -12.57 -7.32
N GLY A 485 -10.04 -13.16 -7.65
CA GLY A 485 -10.06 -14.24 -8.62
C GLY A 485 -11.11 -14.12 -9.70
N SER A 486 -10.75 -14.61 -10.88
CA SER A 486 -11.68 -14.75 -12.01
C SER A 486 -11.64 -16.19 -12.52
N TYR A 487 -12.83 -16.76 -12.74
CA TYR A 487 -12.94 -18.11 -13.24
C TYR A 487 -13.68 -18.15 -14.56
N CYS A 488 -13.38 -19.16 -15.38
CA CYS A 488 -14.06 -19.31 -16.67
C CYS A 488 -14.65 -20.71 -16.83
N TYR A 489 -15.66 -20.77 -17.68
CA TYR A 489 -16.36 -22.01 -18.04
C TYR A 489 -17.10 -21.74 -19.32
N PHE A 490 -16.32 -21.64 -20.38
CA PHE A 490 -16.86 -21.36 -21.69
C PHE A 490 -17.49 -22.62 -22.30
N ASN A 491 -18.69 -22.96 -21.82
CA ASN A 491 -19.28 -24.23 -22.19
C ASN A 491 -19.90 -24.28 -23.57
N VAL A 492 -20.36 -23.13 -24.07
CA VAL A 492 -20.81 -23.01 -25.44
C VAL A 492 -19.67 -23.13 -26.46
N ASN A 493 -18.48 -22.70 -26.07
CA ASN A 493 -17.33 -22.81 -26.94
C ASN A 493 -16.02 -22.87 -26.14
N PRO A 494 -15.65 -24.09 -25.72
CA PRO A 494 -14.53 -24.21 -24.80
C PRO A 494 -13.16 -24.18 -25.49
N ASP A 495 -13.15 -23.84 -26.76
CA ASP A 495 -11.89 -23.52 -27.41
C ASP A 495 -11.56 -22.02 -27.35
N ILE A 496 -12.46 -21.26 -26.73
CA ILE A 496 -12.20 -19.83 -26.48
C ILE A 496 -11.01 -19.62 -25.57
N ARG A 497 -10.33 -18.48 -25.79
CA ARG A 497 -9.26 -18.02 -24.92
C ARG A 497 -9.62 -16.66 -24.34
N GLN A 498 -9.39 -16.52 -23.04
CA GLN A 498 -9.53 -15.25 -22.32
C GLN A 498 -8.12 -14.72 -22.05
N GLN A 499 -7.74 -13.55 -22.56
CA GLN A 499 -6.33 -13.12 -22.42
C GLN A 499 -5.92 -13.03 -20.94
N HIS A 500 -6.81 -12.49 -20.11
CA HIS A 500 -6.47 -12.28 -18.71
C HIS A 500 -7.72 -12.04 -17.83
N GLY A 501 -7.57 -12.28 -16.52
CA GLY A 501 -8.58 -11.89 -15.55
C GLY A 501 -8.56 -10.39 -15.27
N PHE A 502 -7.34 -9.82 -15.28
CA PHE A 502 -7.11 -8.45 -14.82
C PHE A 502 -6.28 -7.64 -15.81
N GLN A 503 -6.60 -6.35 -15.91
CA GLN A 503 -5.89 -5.43 -16.78
C GLN A 503 -5.71 -4.08 -16.09
N ALA A 504 -4.48 -3.57 -16.11
CA ALA A 504 -4.19 -2.29 -15.51
C ALA A 504 -2.97 -1.62 -16.16
N PRO A 505 -2.81 -0.31 -15.93
CA PRO A 505 -1.54 0.34 -16.28
C PRO A 505 -0.40 -0.17 -15.40
N VAL A 506 0.84 -0.13 -15.91
CA VAL A 506 1.98 -0.56 -15.14
C VAL A 506 2.63 0.70 -14.54
N LYS A 507 2.42 0.90 -13.24
CA LYS A 507 2.70 2.17 -12.56
C LYS A 507 2.98 1.88 -11.10
N PRO A 508 3.98 2.53 -10.50
CA PRO A 508 4.31 2.20 -9.10
C PRO A 508 3.13 2.22 -8.10
N GLY A 509 2.15 3.08 -8.33
CA GLY A 509 1.07 3.25 -7.38
C GLY A 509 -0.09 2.29 -7.59
N VAL A 510 0.01 1.45 -8.61
CA VAL A 510 -1.05 0.49 -8.99
C VAL A 510 -0.55 -0.89 -8.62
N LYS A 511 -1.08 -1.45 -7.55
CA LYS A 511 -0.56 -2.68 -6.97
C LYS A 511 -1.67 -3.69 -6.83
N PHE A 512 -1.35 -4.97 -7.05
CA PHE A 512 -2.28 -6.04 -6.69
C PHE A 512 -1.57 -7.10 -5.87
N HIS A 513 -2.36 -7.70 -4.98
CA HIS A 513 -1.93 -8.81 -4.15
C HIS A 513 -2.85 -10.02 -4.28
N ASP A 514 -2.23 -11.17 -4.48
CA ASP A 514 -2.93 -12.46 -4.41
C ASP A 514 -4.04 -12.56 -5.44
N LEU A 515 -3.62 -12.51 -6.72
CA LEU A 515 -4.49 -12.68 -7.89
C LEU A 515 -4.50 -14.13 -8.36
N LEU A 516 -5.67 -14.60 -8.79
CA LEU A 516 -5.74 -15.90 -9.44
C LEU A 516 -6.78 -15.98 -10.56
N VAL A 517 -6.52 -16.87 -11.52
CA VAL A 517 -7.51 -17.24 -12.54
C VAL A 517 -7.65 -18.76 -12.59
N VAL A 518 -8.84 -19.23 -12.97
CA VAL A 518 -9.14 -20.64 -12.90
C VAL A 518 -10.06 -21.00 -14.04
N SER A 519 -9.71 -22.04 -14.80
CA SER A 519 -10.63 -22.66 -15.73
C SER A 519 -11.29 -23.87 -15.11
N LEU A 520 -12.62 -23.96 -15.21
CA LEU A 520 -13.36 -25.15 -14.79
C LEU A 520 -13.39 -26.25 -15.83
N GLY A 521 -12.74 -27.37 -15.56
CA GLY A 521 -12.81 -28.51 -16.51
C GLY A 521 -12.18 -28.26 -17.87
N GLY A 522 -11.43 -27.18 -18.04
CA GLY A 522 -10.80 -26.91 -19.32
C GLY A 522 -11.76 -26.33 -20.34
N LYS A 523 -12.81 -25.71 -19.82
CA LYS A 523 -13.82 -25.08 -20.65
C LYS A 523 -13.31 -23.69 -20.94
N GLY A 524 -12.54 -23.58 -22.02
CA GLY A 524 -11.77 -22.40 -22.28
C GLY A 524 -10.55 -22.35 -21.37
N GLN A 525 -9.66 -21.42 -21.69
CA GLN A 525 -8.46 -21.20 -20.88
C GLN A 525 -8.13 -19.73 -20.83
N TYR A 526 -7.48 -19.32 -19.74
CA TYR A 526 -6.83 -18.01 -19.62
C TYR A 526 -5.42 -18.06 -20.20
N GLU A 527 -5.04 -17.06 -20.98
CA GLU A 527 -3.65 -16.92 -21.47
C GLU A 527 -2.69 -16.40 -20.39
N HIS A 528 -3.22 -15.62 -19.45
CA HIS A 528 -2.41 -14.95 -18.44
C HIS A 528 -3.32 -14.59 -17.26
N VAL A 529 -2.73 -14.17 -16.16
CA VAL A 529 -3.51 -13.74 -15.01
C VAL A 529 -3.86 -12.27 -15.09
N ILE A 530 -2.84 -11.46 -15.28
CA ILE A 530 -2.99 -10.02 -15.32
C ILE A 530 -2.09 -9.48 -16.41
N ASN A 531 -2.64 -8.68 -17.31
CA ASN A 531 -1.93 -8.26 -18.52
C ASN A 531 -1.41 -9.49 -19.23
N ASP A 532 -0.09 -9.58 -19.42
CA ASP A 532 0.59 -10.80 -19.88
C ASP A 532 1.48 -11.49 -18.83
N ILE A 533 1.27 -11.17 -17.56
CA ILE A 533 2.04 -11.74 -16.44
C ILE A 533 1.14 -12.82 -15.86
N GLY A 534 1.74 -13.75 -15.12
CA GLY A 534 1.04 -14.95 -14.76
C GLY A 534 0.90 -15.91 -15.93
N ASP A 535 0.86 -17.15 -15.54
CA ASP A 535 0.95 -18.22 -16.48
C ASP A 535 -0.44 -18.62 -16.93
N PRO A 536 -0.54 -19.23 -18.12
CA PRO A 536 -1.87 -19.59 -18.59
C PRO A 536 -2.49 -20.67 -17.74
N THR A 537 -3.80 -20.81 -17.82
CA THR A 537 -4.40 -22.02 -17.34
C THR A 537 -4.18 -23.12 -18.39
N SER A 538 -3.97 -24.33 -17.89
CA SER A 538 -3.88 -25.47 -18.79
C SER A 538 -4.38 -26.73 -18.10
N GLY A 539 -4.49 -27.82 -18.85
CA GLY A 539 -5.08 -29.04 -18.35
C GLY A 539 -6.57 -28.89 -18.23
N ASP A 540 -7.23 -29.92 -17.66
CA ASP A 540 -8.67 -29.86 -17.43
C ASP A 540 -9.00 -30.13 -15.96
N THR A 541 -8.03 -29.84 -15.09
CA THR A 541 -8.06 -30.26 -13.69
C THR A 541 -8.45 -29.12 -12.71
N THR A 542 -8.69 -27.93 -13.25
CA THR A 542 -9.18 -26.81 -12.43
C THR A 542 -8.19 -26.39 -11.34
N ILE A 543 -6.97 -26.12 -11.77
CA ILE A 543 -5.94 -25.66 -10.87
C ILE A 543 -5.56 -24.22 -11.20
N PRO A 544 -5.60 -23.32 -10.19
CA PRO A 544 -5.40 -21.89 -10.41
C PRO A 544 -4.01 -21.46 -10.84
N SER A 545 -3.99 -20.49 -11.74
CA SER A 545 -2.76 -19.77 -12.07
C SER A 545 -2.81 -18.49 -11.26
N GLN A 546 -1.69 -18.19 -10.63
CA GLN A 546 -1.69 -17.21 -9.55
C GLN A 546 -0.59 -16.18 -9.71
N VAL A 547 -0.85 -14.97 -9.27
CA VAL A 547 0.17 -13.90 -9.15
C VAL A 547 0.14 -13.35 -7.72
N VAL A 548 1.30 -13.34 -7.08
CA VAL A 548 1.34 -13.03 -5.66
C VAL A 548 1.30 -11.51 -5.50
N SER A 549 1.99 -10.81 -6.40
CA SER A 549 2.09 -9.36 -6.34
C SER A 549 2.38 -8.76 -7.73
N PHE A 550 1.90 -7.53 -7.98
CA PHE A 550 2.05 -6.88 -9.28
C PHE A 550 1.93 -5.35 -9.16
N PRO A 551 2.64 -4.60 -10.04
CA PRO A 551 3.66 -5.08 -11.00
C PRO A 551 4.97 -5.63 -10.39
N ALA B 1 -6.19 33.48 -0.85
CA ALA B 1 -5.13 34.30 -0.25
C ALA B 1 -5.04 34.24 1.27
N GLN B 2 -4.49 33.14 1.81
CA GLN B 2 -4.37 32.98 3.25
C GLN B 2 -3.15 32.28 3.74
N GLU B 3 -3.04 32.22 5.06
CA GLU B 3 -1.85 31.64 5.66
C GLU B 3 -1.88 30.16 5.85
N VAL B 4 -0.73 29.60 5.48
CA VAL B 4 -0.52 28.18 5.51
C VAL B 4 -0.27 27.85 6.96
N VAL B 5 -1.00 26.87 7.47
CA VAL B 5 -1.02 26.59 8.90
C VAL B 5 -0.01 25.51 9.24
N GLY B 6 0.73 25.69 10.33
CA GLY B 6 1.70 24.70 10.77
C GLY B 6 1.17 23.83 11.89
N GLY B 7 1.87 22.73 12.15
CA GLY B 7 1.52 21.84 13.24
C GLY B 7 0.51 20.76 12.87
N GLY B 8 0.02 20.05 13.88
CA GLY B 8 -1.06 19.06 13.72
C GLY B 8 -0.58 17.63 13.56
N ASP B 9 -1.40 16.79 12.93
CA ASP B 9 -1.10 15.37 12.88
C ASP B 9 -0.25 15.01 11.68
N LEU B 10 0.65 14.10 11.98
CA LEU B 10 1.64 13.60 11.02
C LEU B 10 1.07 12.60 10.03
N GLY B 11 -0.18 12.20 10.27
CA GLY B 11 -0.98 11.52 9.29
C GLY B 11 -0.88 10.01 9.42
N PRO B 12 -1.53 9.30 8.47
CA PRO B 12 -1.71 7.87 8.72
C PRO B 12 -0.49 6.98 8.40
N ASN B 13 0.52 7.56 7.75
CA ASN B 13 1.72 6.77 7.42
C ASN B 13 2.81 6.84 8.46
N VAL B 14 2.50 7.54 9.54
CA VAL B 14 3.37 7.59 10.70
C VAL B 14 2.66 6.86 11.82
N LEU B 15 3.32 5.83 12.35
CA LEU B 15 2.78 5.08 13.45
C LEU B 15 3.61 5.46 14.68
N VAL B 16 2.94 6.01 15.69
CA VAL B 16 3.55 6.33 16.97
C VAL B 16 3.23 5.23 17.98
N PHE B 17 4.28 4.66 18.58
CA PHE B 17 4.13 3.54 19.52
C PHE B 17 4.67 3.94 20.89
N ASP B 18 4.15 3.25 21.91
CA ASP B 18 4.72 3.37 23.23
C ASP B 18 4.54 2.05 23.95
N PRO B 19 5.10 1.94 25.16
CA PRO B 19 4.92 0.60 25.71
C PRO B 19 3.48 0.31 26.08
N SER B 20 2.61 1.32 26.15
CA SER B 20 1.20 1.00 26.42
C SER B 20 0.49 0.46 25.17
N THR B 21 1.08 0.60 23.99
CA THR B 21 0.51 -0.08 22.83
C THR B 21 0.62 -1.59 23.08
N PRO B 22 -0.46 -2.37 22.89
CA PRO B 22 -0.28 -3.82 22.97
C PRO B 22 0.07 -4.23 21.54
N ASP B 23 0.54 -5.45 21.29
CA ASP B 23 0.69 -5.96 19.91
C ASP B 23 1.56 -5.01 19.07
N ILE B 24 2.55 -4.39 19.73
CA ILE B 24 3.55 -3.61 19.02
C ILE B 24 4.17 -4.39 17.88
N GLN B 25 4.70 -5.56 18.20
CA GLN B 25 5.35 -6.45 17.21
C GLN B 25 4.44 -6.77 16.03
N GLY B 26 3.16 -6.96 16.31
CA GLY B 26 2.23 -7.36 15.26
C GLY B 26 2.04 -6.23 14.26
N LYS B 27 2.00 -5.01 14.76
CA LYS B 27 1.78 -3.86 13.91
C LYS B 27 3.02 -3.63 13.07
N VAL B 28 4.18 -3.83 13.69
CA VAL B 28 5.44 -3.68 12.97
C VAL B 28 5.60 -4.77 11.92
N ASP B 29 5.14 -5.97 12.25
CA ASP B 29 5.23 -7.05 11.28
C ASP B 29 4.25 -6.80 10.12
N GLU B 30 3.11 -6.13 10.39
CA GLU B 30 2.12 -5.77 9.34
C GLU B 30 2.88 -4.96 8.27
N VAL B 31 3.64 -3.96 8.71
CA VAL B 31 4.37 -3.07 7.81
C VAL B 31 5.46 -3.84 7.05
N PHE B 32 6.14 -4.76 7.72
CA PHE B 32 7.26 -5.45 7.08
C PHE B 32 6.75 -6.34 5.95
N ARG B 33 5.60 -6.92 6.17
CA ARG B 33 5.07 -7.87 5.20
C ARG B 33 4.69 -7.08 3.97
N LYS B 34 4.32 -5.84 4.18
CA LYS B 34 3.81 -5.11 3.07
C LYS B 34 5.03 -4.40 2.35
N GLN B 35 6.09 -4.12 3.12
CA GLN B 35 7.32 -3.49 2.57
C GLN B 35 8.56 -4.37 2.22
N GLU B 36 8.66 -5.58 2.76
CA GLU B 36 9.90 -6.35 2.61
C GLU B 36 10.39 -6.49 1.15
N SER B 37 9.45 -6.69 0.22
CA SER B 37 9.78 -6.88 -1.22
C SER B 37 9.41 -5.71 -2.11
N ASN B 38 8.92 -4.64 -1.51
CA ASN B 38 8.22 -3.55 -2.18
C ASN B 38 9.20 -2.51 -2.72
N GLN B 39 10.12 -2.98 -3.55
CA GLN B 39 11.29 -2.18 -3.90
C GLN B 39 10.95 -0.88 -4.62
N PHE B 40 9.91 -0.91 -5.46
CA PHE B 40 9.55 0.26 -6.25
C PHE B 40 8.12 0.80 -6.01
N GLY B 41 7.39 0.25 -5.06
CA GLY B 41 6.03 0.71 -4.81
C GLY B 41 6.00 2.07 -4.10
N THR B 42 4.80 2.66 -4.04
CA THR B 42 4.65 4.01 -3.50
C THR B 42 4.42 4.03 -2.00
N ASP B 43 4.34 2.87 -1.36
CA ASP B 43 4.13 2.80 0.09
C ASP B 43 5.31 3.42 0.85
N ARG B 44 4.99 4.19 1.89
CA ARG B 44 6.00 4.87 2.71
C ARG B 44 5.58 4.78 4.19
N TYR B 45 6.51 4.46 5.09
CA TYR B 45 6.15 4.35 6.52
C TYR B 45 7.24 4.83 7.46
N ALA B 46 6.82 5.49 8.53
CA ALA B 46 7.73 5.85 9.60
C ALA B 46 7.15 5.39 10.91
N LEU B 47 7.94 4.64 11.65
CA LEU B 47 7.52 4.19 12.98
C LEU B 47 8.31 4.99 13.99
N MET B 48 7.54 5.59 14.89
CA MET B 48 7.96 6.63 15.81
C MET B 48 7.83 5.92 17.17
N PHE B 49 8.92 5.80 17.94
CA PHE B 49 8.88 5.15 19.27
C PHE B 49 9.07 6.13 20.41
N LYS B 50 8.04 6.26 21.23
CA LYS B 50 8.13 7.20 22.35
C LYS B 50 9.12 6.68 23.40
N PRO B 51 9.74 7.59 24.17
CA PRO B 51 10.71 7.13 25.17
C PRO B 51 10.17 6.07 26.14
N GLY B 52 11.08 5.21 26.59
CA GLY B 52 10.75 4.10 27.47
C GLY B 52 11.53 2.88 27.02
N THR B 53 11.07 1.73 27.52
CA THR B 53 11.69 0.44 27.26
C THR B 53 10.65 -0.42 26.59
N TYR B 54 11.10 -1.06 25.52
CA TYR B 54 10.35 -2.09 24.82
C TYR B 54 11.14 -3.36 24.96
N ASN B 55 10.42 -4.45 25.26
CA ASN B 55 11.00 -5.77 25.39
C ASN B 55 10.46 -6.61 24.26
N ASP B 56 10.83 -7.90 24.25
CA ASP B 56 10.41 -8.88 23.24
C ASP B 56 9.93 -8.24 21.90
N ILE B 57 10.90 -7.71 21.17
CA ILE B 57 10.67 -6.93 19.95
C ILE B 57 11.78 -7.21 18.97
N ASN B 58 11.38 -7.55 17.76
CA ASN B 58 12.28 -7.44 16.66
C ASN B 58 11.63 -6.69 15.51
N ALA B 59 12.09 -5.46 15.31
CA ALA B 59 11.54 -4.64 14.24
C ALA B 59 12.28 -4.99 12.93
N GLN B 60 11.62 -5.83 12.12
CA GLN B 60 12.09 -6.13 10.78
C GLN B 60 11.87 -4.90 9.90
N ILE B 61 12.93 -4.39 9.24
CA ILE B 61 12.83 -3.15 8.45
C ILE B 61 12.90 -3.44 6.94
N GLY B 62 11.81 -3.17 6.22
CA GLY B 62 11.73 -3.36 4.78
C GLY B 62 12.00 -2.08 4.00
N PHE B 63 11.69 -2.07 2.71
CA PHE B 63 11.79 -0.88 1.89
C PHE B 63 10.95 0.29 2.41
N TYR B 64 11.52 1.49 2.26
CA TYR B 64 10.81 2.74 2.53
C TYR B 64 10.20 2.77 3.93
N THR B 65 10.97 2.28 4.90
CA THR B 65 10.60 2.28 6.30
C THR B 65 11.73 2.95 7.12
N SER B 66 11.32 4.00 7.87
CA SER B 66 12.13 4.65 8.91
C SER B 66 11.75 4.15 10.25
N ILE B 67 12.74 3.85 11.10
CA ILE B 67 12.53 3.52 12.51
C ILE B 67 13.31 4.53 13.37
N ALA B 68 12.63 5.07 14.38
CA ALA B 68 13.21 6.16 15.15
C ALA B 68 12.62 6.30 16.54
N GLY B 69 13.50 6.58 17.49
CA GLY B 69 13.12 6.97 18.84
C GLY B 69 12.82 8.47 18.93
N LEU B 70 12.11 8.85 20.00
CA LEU B 70 11.56 10.18 20.16
C LEU B 70 12.05 11.00 21.39
N GLY B 71 13.07 10.51 22.10
CA GLY B 71 13.80 11.33 23.08
C GLY B 71 14.92 12.17 22.44
N LEU B 72 15.73 12.84 23.26
CA LEU B 72 16.76 13.79 22.77
C LEU B 72 18.00 12.96 22.44
N ASN B 73 18.24 11.96 23.30
CA ASN B 73 19.29 10.97 23.14
C ASN B 73 18.76 9.52 22.97
N PRO B 74 19.53 8.65 22.33
CA PRO B 74 18.98 7.35 21.97
C PRO B 74 18.63 6.43 23.15
N ASP B 75 19.35 6.52 24.25
CA ASP B 75 19.08 5.62 25.37
C ASP B 75 17.71 5.92 25.97
N ASP B 76 17.16 7.10 25.66
CA ASP B 76 15.81 7.45 26.09
C ASP B 76 14.79 6.43 25.59
N THR B 77 15.12 5.76 24.47
CA THR B 77 14.23 4.81 23.81
C THR B 77 15.01 3.52 23.54
N THR B 78 14.76 2.52 24.39
CA THR B 78 15.55 1.32 24.45
C THR B 78 14.70 0.12 24.05
N PHE B 79 15.20 -0.64 23.08
CA PHE B 79 14.62 -1.93 22.69
C PHE B 79 15.48 -3.02 23.32
N ASN B 80 14.83 -3.98 23.98
CA ASN B 80 15.51 -5.22 24.34
C ASN B 80 15.13 -6.21 23.25
N GLY B 81 15.97 -6.22 22.23
CA GLY B 81 15.59 -6.80 20.96
C GLY B 81 16.42 -6.14 19.89
N ASP B 82 15.86 -6.04 18.69
CA ASP B 82 16.66 -5.86 17.48
C ASP B 82 15.94 -4.99 16.45
N VAL B 83 16.73 -4.27 15.67
CA VAL B 83 16.25 -3.62 14.45
C VAL B 83 17.01 -4.26 13.30
N THR B 84 16.28 -5.08 12.56
CA THR B 84 16.88 -6.08 11.70
C THR B 84 16.62 -5.76 10.22
N VAL B 85 17.69 -5.70 9.43
CA VAL B 85 17.57 -5.76 8.00
C VAL B 85 18.27 -7.05 7.59
N ASP B 86 17.53 -7.92 6.87
CA ASP B 86 18.16 -9.10 6.29
C ASP B 86 18.03 -9.16 4.78
N ALA B 87 18.70 -10.14 4.17
CA ALA B 87 18.60 -10.33 2.72
C ALA B 87 18.06 -11.70 2.29
N GLY B 88 17.20 -12.32 3.11
CA GLY B 88 16.76 -13.71 2.92
C GLY B 88 15.72 -13.82 1.80
N TRP B 89 15.20 -12.66 1.45
CA TRP B 89 14.08 -12.54 0.53
C TRP B 89 14.58 -12.58 -0.87
N PHE B 90 15.90 -12.46 -0.94
CA PHE B 90 16.60 -12.30 -2.18
C PHE B 90 17.75 -13.24 -2.05
N ASP B 91 17.48 -14.43 -1.53
CA ASP B 91 18.42 -15.52 -1.56
C ASP B 91 19.82 -15.08 -1.09
N GLY B 92 20.23 -13.84 -1.45
CA GLY B 92 20.88 -12.91 -0.53
C GLY B 92 21.70 -11.85 -1.21
N ASN B 93 21.25 -11.38 -2.36
CA ASN B 93 21.83 -10.15 -2.84
C ASN B 93 21.30 -9.06 -1.88
N ALA B 94 21.78 -9.11 -0.63
CA ALA B 94 21.68 -7.97 0.27
C ALA B 94 22.00 -6.67 -0.50
N THR B 95 22.52 -6.81 -1.72
CA THR B 95 22.75 -5.66 -2.60
C THR B 95 21.52 -5.00 -3.21
N GLN B 96 20.30 -5.36 -2.80
CA GLN B 96 19.16 -4.48 -3.10
C GLN B 96 18.40 -3.97 -1.87
N ASN B 97 19.03 -4.02 -0.70
CA ASN B 97 18.40 -3.53 0.54
C ASN B 97 18.62 -2.03 0.73
N PHE B 98 17.89 -1.29 -0.09
CA PHE B 98 17.92 0.16 -0.15
C PHE B 98 16.80 0.88 0.62
N TRP B 99 16.98 2.19 0.75
CA TRP B 99 15.92 3.16 1.09
C TRP B 99 15.18 2.84 2.40
N ARG B 100 15.93 2.86 3.49
CA ARG B 100 15.33 2.63 4.79
C ARG B 100 16.24 3.30 5.82
N SER B 101 15.81 3.39 7.08
CA SER B 101 16.51 4.27 8.02
C SER B 101 16.33 3.76 9.46
N ALA B 102 17.38 3.85 10.28
CA ALA B 102 17.25 3.71 11.75
C ALA B 102 17.95 4.87 12.44
N GLU B 103 17.27 5.41 13.47
CA GLU B 103 17.75 6.60 14.18
C GLU B 103 17.37 6.66 15.64
N ASN B 104 18.30 7.10 16.49
CA ASN B 104 17.94 7.64 17.82
C ASN B 104 17.30 6.59 18.75
N LEU B 105 17.87 5.40 18.71
CA LEU B 105 17.47 4.25 19.55
C LEU B 105 18.67 3.61 20.21
N ALA B 106 18.45 3.03 21.40
CA ALA B 106 19.42 2.14 22.01
C ALA B 106 18.90 0.71 21.81
N LEU B 107 19.81 -0.19 21.46
CA LEU B 107 19.53 -1.55 21.07
C LEU B 107 20.27 -2.52 21.99
N ASN B 108 19.54 -3.47 22.57
CA ASN B 108 20.13 -4.54 23.38
C ASN B 108 19.76 -5.85 22.70
N PRO B 109 20.52 -6.23 21.67
CA PRO B 109 20.04 -7.27 20.75
C PRO B 109 20.03 -8.68 21.32
N VAL B 110 19.14 -9.50 20.81
CA VAL B 110 18.99 -10.89 21.26
C VAL B 110 20.24 -11.77 21.26
N ASN B 111 21.03 -11.75 20.22
CA ASN B 111 22.12 -12.76 20.35
C ASN B 111 23.45 -12.03 20.71
N GLY B 112 23.28 -10.84 21.31
CA GLY B 112 24.41 -9.98 21.64
C GLY B 112 24.84 -9.12 20.45
N THR B 113 24.13 -9.26 19.34
CA THR B 113 24.57 -8.68 18.08
C THR B 113 23.38 -8.46 17.16
N ASN B 114 23.28 -7.25 16.63
CA ASN B 114 22.14 -6.80 15.82
C ASN B 114 22.53 -6.84 14.33
N ARG B 115 21.59 -7.30 13.50
CA ARG B 115 21.83 -7.46 12.07
C ARG B 115 21.31 -6.27 11.25
N TRP B 116 22.22 -5.57 10.57
CA TRP B 116 21.88 -4.42 9.71
C TRP B 116 22.54 -4.63 8.33
N ALA B 117 22.01 -5.60 7.58
CA ALA B 117 22.62 -6.03 6.32
C ALA B 117 22.10 -5.23 5.14
N VAL B 118 22.44 -3.96 5.11
CA VAL B 118 21.87 -3.03 4.13
C VAL B 118 22.82 -2.80 2.96
N SER B 119 22.34 -2.15 1.89
CA SER B 119 23.22 -1.60 0.88
C SER B 119 22.99 -0.08 0.86
N GLN B 120 22.89 0.56 -0.29
CA GLN B 120 22.87 2.03 -0.32
C GLN B 120 21.60 2.68 0.22
N ALA B 121 21.74 3.93 0.71
CA ALA B 121 20.59 4.72 1.21
C ALA B 121 19.87 4.04 2.36
N ALA B 122 20.67 3.57 3.31
CA ALA B 122 20.13 2.93 4.49
C ALA B 122 20.83 3.40 5.77
N PRO B 123 20.69 4.69 6.07
CA PRO B 123 21.52 5.24 7.14
C PRO B 123 21.19 4.69 8.50
N PHE B 124 22.19 4.72 9.36
CA PHE B 124 22.12 4.26 10.75
C PHE B 124 22.74 5.42 11.52
N ARG B 125 21.89 6.23 12.18
CA ARG B 125 22.34 7.47 12.80
C ARG B 125 21.93 7.59 14.27
N ARG B 126 22.85 8.14 15.06
CA ARG B 126 22.55 8.45 16.45
C ARG B 126 21.98 7.20 17.14
N MET B 127 22.64 6.06 16.94
CA MET B 127 22.25 4.79 17.55
C MET B 127 23.24 4.37 18.63
N HIS B 128 22.73 3.75 19.68
CA HIS B 128 23.56 3.11 20.71
C HIS B 128 23.27 1.58 20.69
N VAL B 129 24.23 0.82 20.18
CA VAL B 129 24.11 -0.63 20.13
C VAL B 129 24.90 -1.22 21.32
N LYS B 130 24.13 -1.74 22.27
CA LYS B 130 24.69 -2.36 23.48
C LYS B 130 25.01 -3.82 23.19
N GLY B 131 26.08 -3.99 22.43
CA GLY B 131 26.45 -5.27 21.85
C GLY B 131 27.14 -5.10 20.53
N GLY B 132 26.95 -6.08 19.65
CA GLY B 132 27.64 -6.13 18.39
C GLY B 132 26.73 -5.72 17.25
N LEU B 133 27.34 -5.49 16.09
CA LEU B 133 26.60 -5.05 14.92
C LEU B 133 27.18 -5.80 13.73
N ASN B 134 26.35 -6.63 13.11
CA ASN B 134 26.73 -7.47 11.97
C ASN B 134 26.08 -6.83 10.76
N LEU B 135 26.89 -6.41 9.80
CA LEU B 135 26.37 -5.72 8.63
C LEU B 135 26.22 -6.65 7.43
N ALA B 136 26.36 -7.96 7.66
CA ALA B 136 26.37 -8.95 6.56
C ALA B 136 25.13 -9.85 6.46
N PRO B 137 24.76 -10.21 5.22
CA PRO B 137 23.77 -11.27 5.01
C PRO B 137 24.25 -12.69 5.35
N ASP B 138 23.22 -13.53 5.61
CA ASP B 138 23.28 -14.97 5.98
C ASP B 138 23.89 -15.84 4.88
N GLY B 139 24.76 -16.76 5.26
CA GLY B 139 25.55 -17.46 4.24
C GLY B 139 26.43 -16.50 3.46
N TYR B 140 26.58 -15.27 3.98
CA TYR B 140 27.61 -14.35 3.53
C TYR B 140 27.70 -14.14 2.00
N GLY B 141 26.56 -13.95 1.38
CA GLY B 141 26.48 -13.34 0.07
C GLY B 141 26.99 -11.91 -0.03
N TRP B 142 26.72 -11.39 -1.21
CA TRP B 142 26.90 -9.99 -1.57
C TRP B 142 26.31 -8.96 -0.59
N ALA B 143 26.92 -7.76 -0.53
CA ALA B 143 26.35 -6.62 0.20
C ALA B 143 27.15 -5.33 -0.11
N SER B 144 26.46 -4.18 -0.29
CA SER B 144 27.11 -2.90 -0.73
C SER B 144 26.59 -1.65 -0.03
N GLY B 145 26.72 -1.58 1.29
CA GLY B 145 26.42 -0.35 2.00
C GLY B 145 27.61 0.60 1.90
N GLY B 146 27.72 1.53 2.84
CA GLY B 146 26.81 1.70 3.96
C GLY B 146 27.29 2.92 4.73
N TYR B 147 26.54 3.32 5.74
CA TYR B 147 26.69 4.62 6.40
C TYR B 147 26.25 4.54 7.86
N ILE B 148 27.21 4.81 8.75
CA ILE B 148 26.95 4.96 10.17
C ILE B 148 27.47 6.33 10.59
N ALA B 149 26.64 7.08 11.30
CA ALA B 149 27.08 8.38 11.84
C ALA B 149 26.59 8.53 13.26
N ASP B 150 27.40 9.18 14.07
CA ASP B 150 26.97 9.65 15.39
C ASP B 150 26.48 8.54 16.32
N SER B 151 27.13 7.40 16.22
CA SER B 151 26.64 6.19 16.86
C SER B 151 27.67 5.58 17.80
N LYS B 152 27.16 4.81 18.76
CA LYS B 152 28.01 4.10 19.72
C LYS B 152 27.69 2.61 19.60
N ILE B 153 28.66 1.83 19.14
CA ILE B 153 28.52 0.36 19.11
C ILE B 153 29.47 -0.15 20.17
N ASP B 154 28.93 -0.66 21.28
CA ASP B 154 29.75 -1.00 22.45
C ASP B 154 30.72 -2.15 22.12
N GLY B 155 30.22 -3.11 21.33
CA GLY B 155 31.02 -4.26 20.94
C GLY B 155 31.65 -4.06 19.57
N GLU B 156 31.49 -5.07 18.74
CA GLU B 156 32.18 -5.14 17.49
C GLU B 156 31.29 -4.84 16.29
N VAL B 157 31.82 -4.08 15.36
CA VAL B 157 31.21 -3.96 14.05
C VAL B 157 31.82 -5.01 13.13
N GLY B 158 30.98 -5.83 12.52
CA GLY B 158 31.44 -6.91 11.65
C GLY B 158 30.93 -6.72 10.23
N PRO B 159 31.76 -6.18 9.35
CA PRO B 159 31.32 -6.00 7.95
C PRO B 159 31.24 -7.31 7.17
N TYR B 160 32.08 -8.30 7.52
CA TYR B 160 32.11 -9.59 6.85
C TYR B 160 32.12 -9.49 5.34
N SER B 161 30.97 -9.52 4.69
CA SER B 161 31.05 -9.50 3.21
C SER B 161 30.87 -8.11 2.58
N GLN B 162 30.75 -7.07 3.41
CA GLN B 162 30.41 -5.74 2.89
C GLN B 162 31.52 -5.23 1.97
N GLN B 163 31.17 -4.75 0.78
CA GLN B 163 32.20 -4.33 -0.13
C GLN B 163 32.95 -3.08 0.36
N GLN B 164 32.18 -2.11 0.84
CA GLN B 164 32.75 -0.84 1.31
C GLN B 164 31.85 -0.35 2.44
N TRP B 165 32.30 0.70 3.14
CA TRP B 165 31.55 1.27 4.26
C TRP B 165 32.14 2.61 4.68
N TYR B 166 31.28 3.52 5.16
CA TYR B 166 31.72 4.80 5.74
C TYR B 166 31.12 4.97 7.13
N THR B 167 31.99 5.26 8.10
CA THR B 167 31.56 5.54 9.46
C THR B 167 32.17 6.89 9.84
N ARG B 168 31.35 7.81 10.35
CA ARG B 168 31.92 9.05 10.93
C ARG B 168 31.38 9.38 12.33
N ASP B 169 32.24 10.04 13.11
CA ASP B 169 31.86 10.71 14.36
C ASP B 169 31.07 9.77 15.27
N SER B 170 31.74 8.68 15.59
CA SER B 170 31.14 7.58 16.31
C SER B 170 32.14 6.95 17.26
N SER B 171 31.66 5.89 17.93
CA SER B 171 32.42 5.17 18.91
C SER B 171 32.16 3.68 18.66
N VAL B 172 33.23 2.90 18.52
CA VAL B 172 33.12 1.45 18.29
C VAL B 172 34.07 0.68 19.21
N GLY B 173 33.62 -0.45 19.71
CA GLY B 173 34.46 -1.26 20.58
C GLY B 173 35.56 -1.92 19.78
N GLY B 174 35.28 -2.17 18.52
CA GLY B 174 36.15 -2.93 17.63
C GLY B 174 35.63 -2.86 16.19
N TRP B 175 36.48 -3.31 15.26
CA TRP B 175 36.17 -3.39 13.83
C TRP B 175 36.80 -4.64 13.22
N GLY B 176 36.01 -5.47 12.54
CA GLY B 176 36.47 -6.83 12.18
C GLY B 176 37.34 -6.99 10.95
N ASN B 177 36.88 -6.44 9.83
CA ASN B 177 37.57 -6.63 8.57
C ASN B 177 37.33 -5.50 7.60
N GLY B 178 38.25 -5.40 6.63
CA GLY B 178 38.02 -4.66 5.40
C GLY B 178 37.80 -5.57 4.20
N VAL B 179 37.33 -4.97 3.10
CA VAL B 179 37.04 -5.72 1.86
C VAL B 179 37.66 -4.93 0.72
N TRP B 180 36.95 -3.93 0.18
CA TRP B 180 37.55 -3.01 -0.80
C TRP B 180 37.88 -1.61 -0.22
N ASN B 181 37.00 -1.05 0.63
CA ASN B 181 37.16 0.33 1.08
C ASN B 181 36.36 0.61 2.33
N MET B 182 37.00 0.46 3.50
CA MET B 182 36.36 0.85 4.75
C MET B 182 36.99 2.18 5.17
N THR B 183 36.21 3.25 5.15
CA THR B 183 36.69 4.58 5.55
C THR B 183 36.04 5.05 6.89
N PHE B 184 36.85 5.74 7.69
CA PHE B 184 36.49 6.21 9.02
C PHE B 184 36.94 7.66 9.15
N SER B 185 36.07 8.54 9.67
CA SER B 185 36.52 9.86 10.10
C SER B 185 35.89 10.24 11.43
N GLY B 186 36.70 10.63 12.40
CA GLY B 186 36.21 10.95 13.73
C GLY B 186 35.71 9.76 14.53
N VAL B 187 36.27 8.57 14.27
CA VAL B 187 35.78 7.34 14.88
C VAL B 187 36.69 6.77 15.98
N GLU B 188 36.24 6.94 17.21
CA GLU B 188 36.91 6.36 18.35
C GLU B 188 36.84 4.83 18.23
N GLY B 189 38.00 4.17 18.30
CA GLY B 189 38.11 2.75 18.12
C GLY B 189 38.26 2.26 16.69
N ALA B 190 38.37 3.18 15.74
CA ALA B 190 38.58 2.78 14.37
C ALA B 190 39.97 2.15 14.21
N PRO B 191 40.08 1.19 13.29
CA PRO B 191 41.40 0.61 13.12
C PRO B 191 42.32 1.69 12.55
N ALA B 192 43.61 1.54 12.78
CA ALA B 192 44.56 2.54 12.31
C ALA B 192 44.60 2.54 10.78
N GLN B 193 45.00 3.67 10.21
CA GLN B 193 45.26 3.77 8.77
C GLN B 193 46.11 2.57 8.33
N SER B 194 45.66 1.88 7.28
CA SER B 194 46.37 0.68 6.82
C SER B 194 46.27 0.38 5.31
N PHE B 195 45.61 1.27 4.57
CA PHE B 195 45.23 1.00 3.16
C PHE B 195 46.48 0.62 2.38
N PRO B 196 46.41 -0.41 1.55
CA PRO B 196 45.36 -1.36 1.14
C PRO B 196 45.07 -2.61 2.04
N GLU B 197 45.95 -2.97 2.96
CA GLU B 197 45.83 -4.24 3.72
C GLU B 197 45.76 -4.08 5.26
N PRO B 198 44.56 -4.23 5.83
CA PRO B 198 43.26 -4.19 5.12
C PRO B 198 42.98 -2.80 4.54
N PRO B 199 41.92 -2.65 3.73
CA PRO B 199 41.77 -1.34 3.09
C PRO B 199 41.04 -0.34 3.97
N TYR B 200 41.77 0.11 5.00
CA TYR B 200 41.29 1.04 5.98
C TYR B 200 41.89 2.42 5.70
N THR B 201 40.97 3.37 5.49
CA THR B 201 41.26 4.78 5.39
C THR B 201 40.70 5.43 6.66
N THR B 202 41.58 5.95 7.51
CA THR B 202 41.21 6.42 8.83
C THR B 202 41.71 7.84 9.11
N LEU B 203 40.77 8.75 9.34
CA LEU B 203 41.09 10.15 9.65
C LEU B 203 40.69 10.44 11.09
N GLU B 204 41.58 11.04 11.88
CA GLU B 204 41.35 11.24 13.31
C GLU B 204 40.05 12.06 13.54
N THR B 205 39.75 13.02 12.65
CA THR B 205 38.57 13.89 12.81
C THR B 205 37.85 14.13 11.46
N THR B 206 36.58 14.51 11.55
CA THR B 206 35.83 14.93 10.39
C THR B 206 35.92 16.45 10.31
N PRO B 207 36.24 17.00 9.12
CA PRO B 207 36.56 18.44 9.04
C PRO B 207 35.47 19.34 9.59
N VAL B 208 34.26 19.03 9.21
CA VAL B 208 33.08 19.61 9.84
C VAL B 208 31.94 18.67 9.63
N SER B 209 31.06 18.63 10.63
CA SER B 209 29.83 17.87 10.50
C SER B 209 28.76 18.52 11.34
N ARG B 210 27.51 18.24 10.98
CA ARG B 210 26.38 18.76 11.74
C ARG B 210 25.32 17.68 11.67
N GLU B 211 24.97 17.12 12.81
CA GLU B 211 24.08 15.96 12.83
C GLU B 211 22.67 16.27 12.31
N LYS B 212 22.06 15.25 11.72
CA LYS B 212 20.77 15.44 11.06
C LYS B 212 19.70 15.84 12.08
N PRO B 213 18.84 16.82 11.75
CA PRO B 213 17.68 17.10 12.59
C PRO B 213 16.73 15.90 12.74
N PHE B 214 16.04 15.83 13.89
CA PHE B 214 15.09 14.75 14.12
C PHE B 214 13.93 15.21 15.03
N LEU B 215 12.81 14.49 14.91
CA LEU B 215 11.58 14.74 15.65
C LEU B 215 11.67 14.04 17.00
N TYR B 216 11.43 14.77 18.09
CA TYR B 216 11.49 14.24 19.47
C TYR B 216 10.31 14.83 20.30
N LEU B 217 10.05 14.25 21.49
CA LEU B 217 8.92 14.71 22.36
C LEU B 217 9.32 15.30 23.73
N ASP B 218 8.36 16.08 24.27
CA ASP B 218 8.50 16.87 25.50
C ASP B 218 7.14 17.34 26.05
N GLY B 219 6.97 17.21 27.37
CA GLY B 219 5.65 17.17 27.98
C GLY B 219 4.75 16.33 27.09
N ASP B 220 3.97 17.01 26.23
CA ASP B 220 3.42 16.36 25.04
C ASP B 220 3.43 17.16 23.70
N ASP B 221 4.33 18.11 23.49
CA ASP B 221 4.42 18.69 22.13
C ASP B 221 5.61 18.07 21.33
N TYR B 222 5.34 17.80 20.06
CA TYR B 222 6.36 17.37 19.09
C TYR B 222 7.27 18.56 18.83
N LYS B 223 8.55 18.28 18.63
CA LYS B 223 9.54 19.30 18.36
C LYS B 223 10.63 18.65 17.53
N VAL B 224 11.43 19.46 16.86
CA VAL B 224 12.52 18.96 16.05
C VAL B 224 13.79 19.52 16.63
N PHE B 225 14.74 18.62 16.88
CA PHE B 225 16.04 18.98 17.40
C PHE B 225 16.90 19.30 16.23
N VAL B 226 17.67 20.39 16.31
CA VAL B 226 18.54 20.80 15.24
C VAL B 226 19.95 20.92 15.81
N PRO B 227 20.75 19.86 15.64
CA PRO B 227 22.07 19.90 16.29
C PRO B 227 23.03 21.01 15.82
N ALA B 228 23.86 21.49 16.75
CA ALA B 228 24.90 22.47 16.48
C ALA B 228 25.99 21.85 15.62
N LYS B 229 26.64 22.63 14.75
CA LYS B 229 27.77 22.04 13.98
C LYS B 229 29.01 21.73 14.83
N ARG B 230 29.83 20.80 14.32
CA ARG B 230 31.08 20.39 14.95
C ARG B 230 32.28 20.38 14.00
N THR B 231 33.23 21.30 14.21
CA THR B 231 34.54 21.28 13.52
C THR B 231 35.52 20.28 14.13
N ASN B 232 36.27 19.61 13.23
CA ASN B 232 37.22 18.59 13.62
C ASN B 232 36.58 17.67 14.64
N ALA B 233 35.43 17.15 14.25
CA ALA B 233 34.61 16.29 15.07
C ALA B 233 35.22 14.91 15.27
N ARG B 234 34.94 14.35 16.45
CA ARG B 234 35.35 13.02 16.80
C ARG B 234 34.41 12.52 17.90
N GLY B 235 33.95 11.28 17.72
CA GLY B 235 33.11 10.66 18.69
C GLY B 235 31.68 11.14 18.55
N THR B 236 30.82 10.59 19.39
CA THR B 236 29.41 10.94 19.31
C THR B 236 29.19 12.36 19.82
N SER B 237 28.09 12.96 19.35
CA SER B 237 27.68 14.30 19.75
C SER B 237 26.93 14.31 21.09
N TRP B 238 26.44 13.14 21.46
CA TRP B 238 25.53 12.97 22.58
C TRP B 238 26.13 12.14 23.74
N GLY B 239 27.34 11.62 23.60
CA GLY B 239 27.98 10.94 24.75
C GLY B 239 28.03 11.51 26.21
N ASN B 240 28.30 12.80 26.42
CA ASN B 240 28.25 13.38 27.82
C ASN B 240 28.03 14.91 28.09
N GLY B 241 27.15 15.55 27.33
CA GLY B 241 26.78 16.94 27.59
C GLY B 241 25.33 17.09 27.16
N THR B 242 24.74 18.28 27.32
CA THR B 242 23.45 18.54 26.66
C THR B 242 23.91 18.88 25.24
N PRO B 243 23.40 18.17 24.23
CA PRO B 243 23.95 18.36 22.87
C PRO B 243 23.57 19.66 22.09
N GLU B 244 24.42 20.70 22.10
CA GLU B 244 24.11 22.06 21.53
C GLU B 244 23.22 21.97 20.31
N GLY B 245 22.37 22.97 20.08
CA GLY B 245 21.47 22.96 18.94
C GLY B 245 20.26 23.82 19.22
N GLU B 246 19.28 23.81 18.32
CA GLU B 246 18.02 24.48 18.61
C GLU B 246 16.90 23.46 18.80
N SER B 247 15.73 23.92 19.25
CA SER B 247 14.63 23.00 19.45
C SER B 247 13.28 23.61 19.02
N LEU B 248 12.87 23.35 17.78
CA LEU B 248 11.67 23.99 17.18
C LEU B 248 10.39 23.24 17.53
N PRO B 249 9.26 23.97 17.75
CA PRO B 249 7.95 23.27 17.83
C PRO B 249 7.38 22.77 16.50
N LEU B 250 6.64 21.66 16.59
CA LEU B 250 5.84 21.12 15.48
C LEU B 250 5.06 22.24 14.75
N ASP B 251 4.43 23.15 15.47
CA ASP B 251 3.56 24.14 14.79
C ASP B 251 4.37 25.25 14.10
N GLN B 252 5.70 25.15 14.13
CA GLN B 252 6.49 25.97 13.24
C GLN B 252 6.90 25.27 11.95
N PHE B 253 6.31 24.10 11.68
CA PHE B 253 6.45 23.36 10.43
C PHE B 253 5.14 23.24 9.67
N TYR B 254 5.18 23.46 8.36
CA TYR B 254 4.10 22.97 7.51
C TYR B 254 4.29 21.45 7.40
N VAL B 255 3.29 20.72 7.88
CA VAL B 255 3.28 19.26 7.89
C VAL B 255 2.72 18.83 6.55
N VAL B 256 3.61 18.66 5.59
CA VAL B 256 3.18 18.42 4.23
C VAL B 256 2.69 16.99 4.17
N LYS B 257 1.52 16.82 3.57
CA LYS B 257 1.03 15.51 3.20
C LYS B 257 0.67 15.44 1.70
N PRO B 258 0.71 14.23 1.12
CA PRO B 258 0.17 13.74 -0.16
C PRO B 258 -0.52 14.63 -1.17
N GLY B 259 0.18 15.59 -1.74
CA GLY B 259 -0.30 16.22 -2.95
C GLY B 259 -1.05 17.44 -2.48
N ALA B 260 -0.62 17.89 -1.30
CA ALA B 260 -0.42 19.30 -1.02
C ALA B 260 0.51 19.82 -2.14
N THR B 261 0.72 21.12 -2.30
CA THR B 261 1.30 21.59 -3.58
C THR B 261 2.60 22.36 -3.45
N ALA B 262 3.42 22.24 -4.49
CA ALA B 262 4.61 23.04 -4.59
C ALA B 262 4.33 24.55 -4.33
N GLU B 263 3.31 25.12 -4.96
CA GLU B 263 2.91 26.51 -4.65
C GLU B 263 2.84 26.79 -3.13
N THR B 264 2.33 25.80 -2.39
CA THR B 264 1.86 26.02 -1.03
C THR B 264 3.02 25.77 -0.11
N ILE B 265 3.75 24.69 -0.40
CA ILE B 265 5.04 24.49 0.22
C ILE B 265 5.83 25.77 0.11
N ASN B 266 5.86 26.34 -1.09
CA ASN B 266 6.62 27.57 -1.32
C ASN B 266 6.05 28.72 -0.52
N ALA B 267 4.72 28.80 -0.44
CA ALA B 267 4.08 29.82 0.36
C ALA B 267 4.51 29.63 1.78
N ALA B 268 4.46 28.38 2.23
CA ALA B 268 4.81 28.04 3.61
C ALA B 268 6.19 28.53 3.95
N VAL B 269 7.16 28.15 3.12
CA VAL B 269 8.53 28.55 3.37
C VAL B 269 8.62 30.07 3.27
N ASP B 270 7.89 30.69 2.39
CA ASP B 270 8.02 32.14 2.27
C ASP B 270 7.42 32.92 3.45
N GLN B 271 6.36 32.38 4.07
CA GLN B 271 5.74 33.03 5.24
C GLN B 271 6.44 32.71 6.55
N GLY B 272 7.32 31.70 6.58
CA GLY B 272 8.23 31.53 7.73
C GLY B 272 8.28 30.15 8.33
N LEU B 273 7.56 29.21 7.73
CA LEU B 273 7.46 27.87 8.26
C LEU B 273 8.60 26.99 7.72
N HIS B 274 9.03 26.06 8.54
CA HIS B 274 9.86 24.97 8.09
C HIS B 274 8.96 23.92 7.45
N LEU B 275 9.56 22.86 6.92
CA LEU B 275 8.86 21.82 6.21
C LEU B 275 9.10 20.46 6.83
N LEU B 276 8.01 19.75 7.10
CA LEU B 276 8.08 18.37 7.56
C LEU B 276 7.30 17.52 6.56
N PHE B 277 8.01 16.74 5.75
CA PHE B 277 7.34 15.90 4.78
C PHE B 277 7.00 14.56 5.40
N THR B 278 5.71 14.34 5.64
CA THR B 278 5.23 13.04 6.14
C THR B 278 5.41 11.97 5.06
N PRO B 279 5.48 10.70 5.46
CA PRO B 279 5.83 9.67 4.46
C PRO B 279 4.77 9.59 3.37
N GLY B 280 5.25 9.68 2.15
CA GLY B 280 4.39 9.62 0.98
C GLY B 280 5.16 10.10 -0.23
N VAL B 281 4.43 10.24 -1.33
CA VAL B 281 5.01 10.63 -2.62
C VAL B 281 4.35 11.92 -3.10
N TYR B 282 5.19 12.94 -3.33
CA TYR B 282 4.75 14.29 -3.65
C TYR B 282 5.11 14.64 -5.10
N HIS B 283 4.10 14.74 -5.96
CA HIS B 283 4.35 15.27 -7.29
C HIS B 283 4.34 16.80 -7.18
N VAL B 284 5.24 17.45 -7.93
CA VAL B 284 5.28 18.92 -7.98
C VAL B 284 5.46 19.39 -9.44
N ASP B 285 4.73 20.44 -9.84
CA ASP B 285 4.86 21.00 -11.20
C ASP B 285 5.57 22.35 -11.19
N GLN B 286 6.07 22.72 -10.04
CA GLN B 286 7.23 23.60 -10.03
C GLN B 286 8.14 23.21 -8.88
N PRO B 287 9.36 23.72 -8.92
CA PRO B 287 10.31 23.35 -7.87
C PRO B 287 9.88 23.82 -6.49
N ILE B 288 10.16 23.01 -5.51
CA ILE B 288 10.09 23.45 -4.13
C ILE B 288 11.25 24.42 -4.01
N GLU B 289 10.96 25.65 -3.58
CA GLU B 289 11.96 26.69 -3.39
C GLU B 289 12.15 27.10 -1.95
N ILE B 290 13.40 27.07 -1.49
CA ILE B 290 13.73 27.42 -0.12
C ILE B 290 14.78 28.52 -0.17
N ASP B 291 14.30 29.75 0.01
CA ASP B 291 15.14 30.92 -0.06
C ASP B 291 15.11 31.71 1.23
N ARG B 292 14.83 31.01 2.31
CA ARG B 292 14.92 31.58 3.66
C ARG B 292 15.97 30.89 4.52
N ALA B 293 16.90 31.69 5.06
CA ALA B 293 17.96 31.17 5.90
C ALA B 293 17.42 30.29 7.03
N ASN B 294 18.16 29.25 7.38
CA ASN B 294 17.87 28.39 8.55
C ASN B 294 16.65 27.46 8.40
N THR B 295 16.12 27.35 7.20
CA THR B 295 14.95 26.49 6.97
C THR B 295 15.36 25.02 7.06
N VAL B 296 14.60 24.27 7.87
CA VAL B 296 14.70 22.84 7.92
C VAL B 296 13.62 22.24 7.02
N ALA B 297 14.05 21.35 6.13
CA ALA B 297 13.15 20.55 5.29
C ALA B 297 13.48 19.12 5.59
N LEU B 298 12.60 18.50 6.36
CA LEU B 298 12.87 17.24 7.02
C LEU B 298 11.84 16.21 6.59
N GLY B 299 12.30 15.15 5.95
CA GLY B 299 11.40 14.09 5.51
C GLY B 299 11.39 12.92 6.46
N LEU B 300 10.25 12.21 6.49
CA LEU B 300 10.07 11.02 7.30
C LEU B 300 9.68 9.88 6.38
N GLY B 301 10.09 8.67 6.77
CA GLY B 301 9.73 7.45 6.05
C GLY B 301 10.00 7.49 4.56
N LEU B 302 11.14 8.08 4.16
CA LEU B 302 11.53 8.09 2.76
C LEU B 302 10.54 8.84 1.87
N ALA B 303 9.97 9.90 2.45
CA ALA B 303 9.17 10.84 1.70
C ALA B 303 9.89 11.20 0.39
N THR B 304 9.10 11.23 -0.66
CA THR B 304 9.62 11.29 -2.02
C THR B 304 9.01 12.43 -2.80
N ILE B 305 9.86 13.12 -3.58
CA ILE B 305 9.45 14.27 -4.40
C ILE B 305 9.64 13.86 -5.84
N ILE B 306 8.56 13.87 -6.63
CA ILE B 306 8.67 13.66 -8.08
C ILE B 306 8.33 14.96 -8.82
N PRO B 307 9.32 15.56 -9.53
CA PRO B 307 9.05 16.74 -10.40
C PRO B 307 8.42 16.32 -11.72
N ASP B 308 7.21 16.81 -11.92
CA ASP B 308 6.49 16.65 -13.17
C ASP B 308 6.95 17.69 -14.21
N ASN B 309 6.65 17.41 -15.47
CA ASN B 309 6.79 18.39 -16.54
C ASN B 309 8.21 18.91 -16.73
N GLY B 310 9.20 18.08 -16.43
CA GLY B 310 10.61 18.45 -16.59
C GLY B 310 11.12 19.47 -15.60
N VAL B 311 10.36 19.79 -14.56
CA VAL B 311 10.84 20.78 -13.59
C VAL B 311 11.96 20.23 -12.65
N THR B 312 12.73 21.17 -12.08
CA THR B 312 13.67 20.85 -10.99
C THR B 312 12.84 20.64 -9.73
N ALA B 313 13.07 19.56 -9.00
CA ALA B 313 12.26 19.27 -7.82
C ALA B 313 12.51 20.21 -6.65
N LEU B 314 13.77 20.61 -6.47
CA LEU B 314 14.18 21.25 -5.23
C LEU B 314 15.24 22.28 -5.53
N LYS B 315 15.00 23.52 -5.12
CA LYS B 315 16.00 24.57 -5.24
C LYS B 315 16.24 25.20 -3.88
N VAL B 316 17.50 25.38 -3.52
CA VAL B 316 17.84 26.14 -2.32
C VAL B 316 18.56 27.43 -2.78
N GLY B 317 18.20 28.54 -2.16
CA GLY B 317 18.80 29.81 -2.53
C GLY B 317 20.15 30.02 -1.85
N ASP B 318 20.69 31.21 -2.09
CA ASP B 318 22.03 31.57 -1.64
C ASP B 318 22.05 32.01 -0.19
N VAL B 319 21.32 31.28 0.63
CA VAL B 319 21.18 31.58 2.05
C VAL B 319 21.98 30.64 2.94
N ASP B 320 22.17 31.11 4.17
CA ASP B 320 22.82 30.39 5.25
C ASP B 320 21.88 29.32 5.85
N GLY B 321 22.46 28.19 6.29
CA GLY B 321 21.83 27.34 7.29
C GLY B 321 20.65 26.47 6.91
N VAL B 322 20.41 26.26 5.63
CA VAL B 322 19.29 25.41 5.24
C VAL B 322 19.70 23.96 5.50
N LYS B 323 18.75 23.15 6.02
CA LYS B 323 19.03 21.78 6.39
C LYS B 323 18.01 20.88 5.69
N VAL B 324 18.42 20.29 4.57
CA VAL B 324 17.57 19.37 3.82
C VAL B 324 17.94 17.97 4.27
N ALA B 325 16.95 17.17 4.64
CA ALA B 325 17.23 15.90 5.30
C ALA B 325 16.19 14.84 4.99
N GLY B 326 16.64 13.66 4.58
CA GLY B 326 15.75 12.50 4.53
C GLY B 326 14.67 12.50 3.45
N LEU B 327 15.10 12.85 2.25
CA LEU B 327 14.23 12.89 1.09
C LEU B 327 14.79 12.07 -0.06
N LEU B 328 13.88 11.42 -0.78
CA LEU B 328 14.20 10.80 -2.08
C LEU B 328 13.60 11.67 -3.16
N VAL B 329 14.39 12.01 -4.17
CA VAL B 329 13.90 12.70 -5.35
C VAL B 329 13.96 11.71 -6.51
N ASP B 330 12.80 11.48 -7.11
CA ASP B 330 12.61 10.43 -8.11
C ASP B 330 12.25 11.08 -9.44
N ALA B 331 13.10 10.92 -10.45
CA ALA B 331 12.85 11.57 -11.75
C ALA B 331 11.51 11.13 -12.36
N GLY B 332 10.80 12.07 -12.96
CA GLY B 332 9.65 11.75 -13.77
C GLY B 332 10.06 11.31 -15.19
N PRO B 333 9.10 10.75 -15.95
CA PRO B 333 9.34 10.33 -17.32
C PRO B 333 9.78 11.48 -18.21
N VAL B 334 9.42 12.73 -17.88
CA VAL B 334 9.85 13.92 -18.66
C VAL B 334 11.20 14.47 -18.13
N ASN B 335 12.18 14.65 -19.01
CA ASN B 335 13.52 15.01 -18.56
C ASN B 335 13.60 16.36 -17.86
N SER B 336 14.24 16.38 -16.69
CA SER B 336 14.63 17.63 -16.03
C SER B 336 16.06 17.99 -16.41
N GLU B 337 16.44 19.27 -16.59
CA GLU B 337 17.89 19.59 -16.72
C GLU B 337 18.59 19.44 -15.37
N THR B 338 17.84 19.70 -14.29
CA THR B 338 18.36 19.59 -12.93
C THR B 338 17.29 18.96 -12.02
N LEU B 339 17.69 18.15 -11.03
CA LEU B 339 16.74 17.66 -10.01
C LEU B 339 16.79 18.43 -8.68
N VAL B 340 17.99 18.78 -8.24
CA VAL B 340 18.22 19.52 -7.02
C VAL B 340 19.30 20.54 -7.29
N GLU B 341 19.04 21.80 -6.89
CA GLU B 341 20.03 22.85 -6.96
C GLU B 341 20.23 23.47 -5.59
N VAL B 342 21.50 23.69 -5.23
CA VAL B 342 21.85 24.35 -3.99
C VAL B 342 22.65 25.58 -4.36
N GLY B 343 21.98 26.71 -4.25
CA GLY B 343 22.46 28.01 -4.69
C GLY B 343 22.20 28.29 -6.17
N SER B 344 22.12 29.56 -6.48
CA SER B 344 21.93 30.03 -7.87
C SER B 344 23.20 29.79 -8.70
N ASP B 345 23.05 29.62 -10.02
CA ASP B 345 24.26 29.52 -10.82
C ASP B 345 25.00 30.83 -10.73
N GLY B 346 26.28 30.75 -10.37
CA GLY B 346 27.09 31.97 -10.29
C GLY B 346 27.25 32.59 -8.91
N ALA B 347 26.36 32.27 -7.97
CA ALA B 347 26.49 32.79 -6.61
C ALA B 347 27.88 32.57 -5.98
N SER B 348 28.38 33.57 -5.23
CA SER B 348 29.76 33.56 -4.69
C SER B 348 29.94 34.02 -3.19
N GLY B 349 28.88 33.99 -2.41
CA GLY B 349 29.01 34.32 -1.00
C GLY B 349 29.47 33.12 -0.21
N ASP B 350 30.01 33.36 0.99
CA ASP B 350 30.40 32.32 1.94
C ASP B 350 29.22 31.97 2.76
N HIS B 351 29.26 30.75 3.29
CA HIS B 351 28.30 30.30 4.26
C HIS B 351 29.09 29.46 5.26
N ALA B 352 30.23 29.97 5.69
CA ALA B 352 31.17 29.12 6.41
C ALA B 352 30.78 28.91 7.87
N ALA B 353 30.28 29.95 8.54
CA ALA B 353 29.91 29.79 9.93
C ALA B 353 28.65 28.90 10.07
N ASN B 354 27.73 29.02 9.12
CA ASN B 354 26.42 28.36 9.20
C ASN B 354 26.07 27.81 7.81
N PRO B 355 26.68 26.68 7.45
CA PRO B 355 26.49 26.02 6.16
C PRO B 355 25.10 25.53 5.88
N THR B 356 24.75 25.47 4.59
CA THR B 356 23.60 24.67 4.13
C THR B 356 24.06 23.22 3.95
N SER B 357 23.21 22.25 4.34
CA SER B 357 23.56 20.84 4.18
C SER B 357 22.44 19.99 3.57
N LEU B 358 22.88 18.99 2.78
CA LEU B 358 22.02 17.92 2.28
C LEU B 358 22.42 16.65 3.04
N GLN B 359 21.45 15.99 3.67
CA GLN B 359 21.71 14.80 4.49
C GLN B 359 20.67 13.74 4.21
N ASP B 360 21.12 12.54 3.90
CA ASP B 360 20.18 11.49 3.55
C ASP B 360 19.24 12.00 2.47
N VAL B 361 19.84 12.64 1.48
CA VAL B 361 19.17 13.05 0.26
C VAL B 361 19.57 12.06 -0.85
N PHE B 362 18.57 11.37 -1.37
CA PHE B 362 18.77 10.30 -2.34
C PHE B 362 18.06 10.69 -3.62
N VAL B 363 18.66 10.32 -4.74
CA VAL B 363 18.12 10.62 -6.05
C VAL B 363 18.03 9.30 -6.83
N ARG B 364 16.93 9.11 -7.54
CA ARG B 364 16.73 7.93 -8.39
C ARG B 364 16.32 8.38 -9.77
N ILE B 365 16.97 7.85 -10.81
CA ILE B 365 16.48 8.00 -12.19
C ILE B 365 16.13 6.65 -12.79
N GLY B 366 14.85 6.39 -12.95
CA GLY B 366 14.36 5.15 -13.49
C GLY B 366 14.17 4.08 -12.42
N GLY B 367 13.62 2.94 -12.84
CA GLY B 367 13.47 1.81 -11.94
C GLY B 367 12.02 1.57 -11.54
N ALA B 368 11.30 2.67 -11.34
CA ALA B 368 9.84 2.66 -11.08
C ALA B 368 9.02 3.15 -12.30
N GLY B 369 9.58 2.95 -13.48
CA GLY B 369 9.10 3.58 -14.69
C GLY B 369 10.20 4.47 -15.25
N PRO B 370 10.12 4.81 -16.54
CA PRO B 370 11.22 5.63 -17.05
C PRO B 370 11.31 6.93 -16.29
N GLY B 371 12.53 7.40 -16.10
CA GLY B 371 12.78 8.69 -15.54
C GLY B 371 14.01 9.19 -16.26
N LYS B 372 14.13 10.51 -16.42
CA LYS B 372 15.28 11.09 -17.14
C LYS B 372 15.63 12.40 -16.47
N ALA B 373 16.91 12.70 -16.32
CA ALA B 373 17.36 14.02 -15.90
C ALA B 373 18.76 14.22 -16.42
N THR B 374 19.09 15.45 -16.73
CA THR B 374 20.40 15.73 -17.31
C THR B 374 21.50 15.74 -16.26
N THR B 375 21.31 16.57 -15.24
CA THR B 375 22.20 16.62 -14.10
C THR B 375 21.33 16.47 -12.85
N SER B 376 21.77 15.63 -11.90
CA SER B 376 20.92 15.36 -10.76
C SER B 376 21.03 16.41 -9.66
N ILE B 377 22.23 16.61 -9.14
CA ILE B 377 22.44 17.62 -8.09
C ILE B 377 23.53 18.58 -8.50
N VAL B 378 23.19 19.87 -8.54
CA VAL B 378 24.15 20.92 -8.74
C VAL B 378 24.34 21.67 -7.45
N VAL B 379 25.60 21.74 -6.97
CA VAL B 379 25.90 22.46 -5.74
C VAL B 379 26.71 23.72 -6.08
N ASN B 380 26.01 24.85 -6.06
CA ASN B 380 26.63 26.14 -6.30
C ASN B 380 27.10 26.85 -5.04
N SER B 381 26.39 26.65 -3.94
CA SER B 381 26.68 27.42 -2.71
C SER B 381 27.98 27.02 -2.04
N ASN B 382 28.78 28.02 -1.70
CA ASN B 382 30.01 27.78 -0.99
C ASN B 382 29.73 27.18 0.39
N ASP B 383 30.67 26.36 0.82
CA ASP B 383 30.69 25.78 2.17
C ASP B 383 29.62 24.71 2.46
N THR B 384 28.95 24.26 1.41
CA THR B 384 27.88 23.29 1.53
C THR B 384 28.43 21.96 2.02
N ILE B 385 27.67 21.33 2.93
CA ILE B 385 27.97 19.98 3.41
C ILE B 385 27.01 19.00 2.72
N ILE B 386 27.57 17.96 2.11
CA ILE B 386 26.79 16.84 1.58
C ILE B 386 27.18 15.66 2.46
N ASP B 387 26.29 15.29 3.38
CA ASP B 387 26.57 14.26 4.40
C ASP B 387 25.59 13.08 4.22
N HIS B 388 26.04 12.14 3.40
CA HIS B 388 25.29 10.98 2.94
C HIS B 388 24.31 11.29 1.83
N THR B 389 24.74 10.96 0.63
CA THR B 389 23.85 10.99 -0.53
C THR B 389 24.08 9.74 -1.37
N TRP B 390 22.98 9.23 -1.95
CA TRP B 390 23.05 8.21 -3.01
C TRP B 390 22.32 8.79 -4.23
N VAL B 391 23.07 8.98 -5.31
CA VAL B 391 22.56 9.55 -6.55
C VAL B 391 22.71 8.43 -7.59
N TRP B 392 21.57 7.87 -7.97
CA TRP B 392 21.50 6.55 -8.59
C TRP B 392 20.67 6.52 -9.87
N ARG B 393 21.36 6.32 -11.00
CA ARG B 393 20.68 6.02 -12.23
C ARG B 393 20.39 4.53 -12.18
N ALA B 394 19.11 4.16 -12.26
CA ALA B 394 18.74 2.76 -12.04
C ALA B 394 19.43 1.79 -12.99
N ASP B 395 19.83 0.64 -12.45
CA ASP B 395 20.39 -0.45 -13.26
C ASP B 395 19.44 -1.61 -13.39
N HIS B 396 18.29 -1.55 -12.71
CA HIS B 396 17.32 -2.63 -12.81
C HIS B 396 15.97 -2.04 -12.44
N GLY B 397 14.92 -2.81 -12.67
CA GLY B 397 13.56 -2.35 -12.47
C GLY B 397 12.93 -2.00 -13.79
N GLU B 398 11.88 -1.17 -13.75
CA GLU B 398 11.20 -0.63 -14.93
C GLU B 398 11.86 0.59 -15.53
N GLY B 399 11.64 0.83 -16.82
CA GLY B 399 11.95 2.15 -17.37
C GLY B 399 13.45 2.34 -17.57
N VAL B 400 14.18 1.24 -17.52
CA VAL B 400 15.64 1.25 -17.51
C VAL B 400 16.22 0.83 -18.88
N GLY B 401 17.21 1.59 -19.33
CA GLY B 401 17.80 1.43 -20.64
C GLY B 401 18.76 2.57 -20.96
N TRP B 402 19.74 2.33 -21.83
CA TRP B 402 20.81 3.32 -22.13
C TRP B 402 20.33 4.71 -22.52
N GLU B 403 19.41 4.82 -23.46
CA GLU B 403 18.88 6.13 -23.76
C GLU B 403 17.53 6.35 -22.93
N THR B 404 16.83 5.25 -22.59
CA THR B 404 15.51 5.29 -21.91
C THR B 404 15.43 5.78 -20.45
N ASN B 405 16.44 5.48 -19.64
CA ASN B 405 16.62 6.24 -18.39
C ASN B 405 17.96 6.96 -18.40
N ARG B 406 18.32 7.50 -19.57
CA ARG B 406 19.53 8.31 -19.70
C ARG B 406 19.56 9.38 -18.62
N ALA B 407 20.72 9.48 -17.99
CA ALA B 407 21.02 10.56 -17.09
C ALA B 407 22.51 10.80 -17.21
N ASP B 408 22.91 11.92 -17.82
CA ASP B 408 24.32 12.08 -18.16
C ASP B 408 25.20 12.36 -16.94
N TYR B 409 24.73 13.20 -16.01
CA TYR B 409 25.58 13.71 -14.94
C TYR B 409 24.93 13.54 -13.56
N GLY B 410 25.74 13.07 -12.61
CA GLY B 410 25.22 12.81 -11.28
C GLY B 410 25.23 14.09 -10.48
N VAL B 411 26.39 14.36 -9.93
CA VAL B 411 26.61 15.52 -9.05
C VAL B 411 27.64 16.44 -9.71
N HIS B 412 27.32 17.73 -9.76
CA HIS B 412 28.29 18.73 -10.15
C HIS B 412 28.47 19.75 -9.05
N VAL B 413 29.68 19.81 -8.50
CA VAL B 413 29.97 20.76 -7.42
C VAL B 413 30.71 21.96 -7.99
N LYS B 414 30.07 23.12 -7.96
CA LYS B 414 30.70 24.34 -8.46
C LYS B 414 31.02 25.31 -7.34
N GLY B 415 30.52 25.05 -6.13
CA GLY B 415 30.81 25.87 -4.97
C GLY B 415 32.20 25.61 -4.38
N ASP B 416 32.74 26.61 -3.70
CA ASP B 416 34.06 26.50 -3.07
C ASP B 416 33.90 25.95 -1.67
N ASN B 417 34.92 25.25 -1.20
CA ASN B 417 34.98 24.77 0.17
C ASN B 417 33.81 23.84 0.52
N VAL B 418 33.37 23.11 -0.48
CA VAL B 418 32.29 22.13 -0.30
C VAL B 418 32.86 20.82 0.28
N LEU B 419 32.14 20.23 1.22
CA LEU B 419 32.59 18.98 1.82
C LEU B 419 31.56 17.91 1.56
N ALA B 420 32.02 16.75 1.09
CA ALA B 420 31.16 15.58 0.95
C ALA B 420 31.68 14.46 1.87
N THR B 421 30.78 13.94 2.71
CA THR B 421 31.11 12.84 3.60
C THR B 421 30.11 11.71 3.36
N GLY B 422 30.57 10.64 2.70
CA GLY B 422 29.70 9.54 2.34
C GLY B 422 28.97 9.80 1.04
N LEU B 423 29.76 9.85 -0.03
CA LEU B 423 29.28 10.15 -1.37
C LEU B 423 29.13 8.85 -2.19
N PHE B 424 27.91 8.52 -2.60
CA PHE B 424 27.60 7.32 -3.37
C PHE B 424 26.90 7.78 -4.69
N VAL B 425 27.48 7.55 -5.85
CA VAL B 425 26.95 8.07 -7.12
C VAL B 425 27.21 7.03 -8.20
N GLU B 426 26.16 6.58 -8.89
CA GLU B 426 26.30 5.40 -9.74
C GLU B 426 25.52 5.45 -11.06
N HIS B 427 26.19 4.97 -12.13
CA HIS B 427 25.57 4.50 -13.37
C HIS B 427 25.27 5.58 -14.40
N PHE B 428 25.80 6.78 -14.21
CA PHE B 428 25.49 7.86 -15.16
C PHE B 428 26.09 7.61 -16.55
N ASN B 429 25.42 8.11 -17.60
CA ASN B 429 25.92 7.91 -18.95
C ASN B 429 27.25 8.63 -19.19
N LYS B 430 27.49 9.72 -18.44
CA LYS B 430 28.76 10.45 -18.54
C LYS B 430 29.45 10.55 -17.17
N TYR B 431 29.92 11.72 -16.75
CA TYR B 431 30.60 11.78 -15.46
C TYR B 431 29.63 11.70 -14.33
N ASP B 432 29.85 10.74 -13.45
CA ASP B 432 28.99 10.59 -12.30
C ASP B 432 29.16 11.80 -11.38
N VAL B 433 30.42 12.15 -11.10
CA VAL B 433 30.72 13.35 -10.30
C VAL B 433 31.70 14.23 -11.03
N GLN B 434 31.41 15.52 -11.01
CA GLN B 434 32.27 16.56 -11.54
C GLN B 434 32.47 17.63 -10.47
N TRP B 435 33.71 18.10 -10.35
CA TRP B 435 34.05 19.09 -9.34
C TRP B 435 34.87 20.21 -9.91
N SER B 436 34.15 21.35 -10.01
CA SER B 436 34.56 22.63 -10.62
C SER B 436 34.96 23.67 -9.58
N GLY B 437 34.36 23.54 -8.39
CA GLY B 437 34.65 24.43 -7.28
C GLY B 437 36.05 24.23 -6.70
N GLU B 438 36.50 25.22 -5.96
CA GLU B 438 37.79 25.19 -5.31
C GLU B 438 37.72 24.63 -3.86
N ASN B 439 38.83 24.08 -3.42
CA ASN B 439 38.99 23.59 -2.06
C ASN B 439 37.98 22.53 -1.65
N GLY B 440 37.47 21.79 -2.63
CA GLY B 440 36.61 20.65 -2.36
C GLY B 440 37.29 19.56 -1.53
N LYS B 441 36.51 18.93 -0.65
CA LYS B 441 36.94 17.72 0.07
C LYS B 441 35.87 16.64 0.04
N THR B 442 36.29 15.43 -0.32
CA THR B 442 35.43 14.24 -0.27
C THR B 442 36.07 13.18 0.60
N ILE B 443 35.29 12.72 1.58
CA ILE B 443 35.67 11.64 2.47
C ILE B 443 34.65 10.51 2.25
N PHE B 444 35.16 9.45 1.64
CA PHE B 444 34.44 8.27 1.15
C PHE B 444 33.65 8.51 -0.13
N TYR B 445 34.01 7.76 -1.18
CA TYR B 445 33.27 7.78 -2.44
C TYR B 445 33.08 6.35 -2.90
N GLN B 446 31.85 6.03 -3.27
CA GLN B 446 31.52 4.77 -3.92
C GLN B 446 30.82 5.04 -5.24
N ASN B 447 31.41 4.52 -6.32
CA ASN B 447 30.81 4.60 -7.65
C ASN B 447 30.75 3.23 -8.33
N ALA B 448 29.77 3.08 -9.20
CA ALA B 448 29.78 1.99 -10.21
C ALA B 448 29.45 2.65 -11.53
N LYS B 449 30.20 2.28 -12.53
CA LYS B 449 29.99 2.79 -13.88
C LYS B 449 28.74 2.16 -14.53
N ALA B 450 28.08 2.91 -15.43
CA ALA B 450 26.95 2.41 -16.24
C ALA B 450 27.22 1.05 -16.80
N TYR B 451 26.27 0.12 -16.64
CA TYR B 451 26.49 -1.25 -17.13
C TYR B 451 26.09 -1.41 -18.58
N ASP B 452 25.36 -0.42 -19.09
CA ASP B 452 24.71 -0.52 -20.40
C ASP B 452 25.30 0.28 -21.60
N ALA B 453 26.49 0.87 -21.45
CA ALA B 453 27.25 1.39 -22.61
C ALA B 453 27.27 0.36 -23.75
N PRO B 454 26.70 0.71 -24.92
CA PRO B 454 26.49 -0.33 -25.95
C PRO B 454 27.78 -0.82 -26.56
N ASP B 455 28.73 0.07 -26.61
CA ASP B 455 30.00 -0.27 -27.20
C ASP B 455 30.93 0.82 -26.76
N GLN B 456 32.15 0.75 -27.25
CA GLN B 456 33.14 1.75 -26.93
C GLN B 456 32.72 3.12 -27.47
N ALA B 457 32.30 3.17 -28.75
CA ALA B 457 31.85 4.41 -29.39
C ALA B 457 30.91 5.24 -28.50
N ALA B 458 30.01 4.56 -27.81
CA ALA B 458 29.00 5.19 -26.95
C ALA B 458 29.56 6.06 -25.82
N ILE B 459 30.83 5.82 -25.47
CA ILE B 459 31.42 6.47 -24.31
C ILE B 459 32.76 7.15 -24.64
N GLN B 460 33.09 7.37 -25.93
CA GLN B 460 34.37 8.02 -26.24
C GLN B 460 34.27 9.48 -25.82
N ASN B 461 35.25 9.95 -25.06
CA ASN B 461 35.13 11.31 -24.52
C ASN B 461 36.41 12.14 -24.55
N GLY B 462 36.31 13.23 -25.29
CA GLY B 462 37.47 13.83 -25.89
C GLY B 462 38.42 12.72 -26.34
N ASP B 463 39.68 12.97 -26.07
CA ASP B 463 40.77 11.97 -26.15
C ASP B 463 40.63 10.60 -25.47
N ILE B 464 39.50 10.29 -24.81
CA ILE B 464 39.53 9.26 -23.76
C ILE B 464 38.35 8.27 -23.79
N LYS B 465 38.63 7.02 -23.42
CA LYS B 465 37.60 6.01 -23.41
C LYS B 465 36.82 6.07 -22.10
N GLY B 466 35.53 6.36 -22.24
CA GLY B 466 34.67 6.51 -21.08
C GLY B 466 34.79 7.85 -20.42
N TYR B 467 33.96 8.05 -19.40
CA TYR B 467 33.99 9.25 -18.58
C TYR B 467 34.33 8.87 -17.15
N ALA B 468 35.23 9.63 -16.52
CA ALA B 468 35.57 9.41 -15.14
C ALA B 468 34.34 9.31 -14.27
N ALA B 469 34.45 8.50 -13.23
CA ALA B 469 33.47 8.49 -12.16
C ALA B 469 33.56 9.77 -11.32
N TYR B 470 34.75 10.35 -11.28
CA TYR B 470 34.99 11.52 -10.43
C TYR B 470 36.03 12.34 -11.13
N LYS B 471 35.56 13.47 -11.63
CA LYS B 471 36.28 14.42 -12.43
C LYS B 471 36.55 15.68 -11.62
N VAL B 472 37.78 16.14 -11.64
CA VAL B 472 38.15 17.44 -11.09
C VAL B 472 38.60 18.27 -12.27
N ASP B 473 37.95 19.39 -12.46
CA ASP B 473 38.25 20.22 -13.62
C ASP B 473 39.71 20.63 -13.62
N ASP B 474 40.29 20.67 -14.81
CA ASP B 474 41.71 20.97 -14.94
C ASP B 474 42.12 22.36 -14.42
N SER B 475 41.19 23.28 -14.32
CA SER B 475 41.53 24.60 -13.78
C SER B 475 41.64 24.65 -12.25
N VAL B 476 40.88 23.80 -11.58
CA VAL B 476 40.86 23.77 -10.11
C VAL B 476 42.28 23.71 -9.58
N THR B 477 42.54 24.39 -8.46
CA THR B 477 43.88 24.43 -7.86
C THR B 477 44.04 23.64 -6.55
N THR B 478 42.93 23.54 -5.81
CA THR B 478 42.87 23.01 -4.45
C THR B 478 41.74 21.94 -4.47
N HIS B 479 42.07 20.69 -4.12
CA HIS B 479 41.09 19.59 -3.95
C HIS B 479 41.70 18.45 -3.14
N GLU B 480 40.88 17.74 -2.37
CA GLU B 480 41.40 16.61 -1.59
C GLU B 480 40.35 15.51 -1.36
N GLY B 481 40.68 14.28 -1.74
CA GLY B 481 39.80 13.13 -1.59
C GLY B 481 40.44 11.97 -0.87
N TRP B 482 39.65 11.28 -0.04
CA TRP B 482 40.11 10.13 0.71
C TRP B 482 39.14 8.94 0.57
N GLY B 483 39.66 7.75 0.27
CA GLY B 483 38.88 6.52 0.39
C GLY B 483 37.81 6.40 -0.71
N MET B 484 38.29 6.24 -1.93
CA MET B 484 37.44 6.42 -3.10
C MET B 484 37.55 5.26 -4.07
N GLY B 485 36.41 4.66 -4.46
CA GLY B 485 36.41 3.53 -5.37
C GLY B 485 35.37 3.60 -6.48
N SER B 486 35.73 3.09 -7.65
CA SER B 486 34.81 2.98 -8.77
C SER B 486 34.87 1.56 -9.30
N TYR B 487 33.69 0.95 -9.46
CA TYR B 487 33.60 -0.41 -10.01
C TYR B 487 32.96 -0.42 -11.38
N CYS B 488 33.35 -1.38 -12.23
CA CYS B 488 32.67 -1.53 -13.50
C CYS B 488 32.02 -2.89 -13.66
N TYR B 489 30.95 -2.89 -14.44
CA TYR B 489 30.20 -4.09 -14.80
C TYR B 489 29.52 -3.91 -16.16
N PHE B 490 30.33 -4.00 -17.21
CA PHE B 490 29.84 -3.73 -18.57
C PHE B 490 29.26 -5.03 -19.12
N ASN B 491 28.03 -5.33 -18.71
CA ASN B 491 27.45 -6.67 -18.93
C ASN B 491 26.74 -6.76 -20.26
N VAL B 492 26.57 -5.64 -20.90
CA VAL B 492 26.03 -5.68 -22.25
C VAL B 492 27.13 -5.58 -23.33
N ASN B 493 28.31 -5.03 -22.99
CA ASN B 493 29.49 -5.24 -23.82
C ASN B 493 30.78 -5.33 -22.96
N PRO B 494 31.12 -6.55 -22.53
CA PRO B 494 32.25 -6.75 -21.61
C PRO B 494 33.63 -6.61 -22.26
N ASP B 495 33.69 -6.21 -23.54
CA ASP B 495 34.96 -5.91 -24.21
C ASP B 495 35.31 -4.43 -24.04
N ILE B 496 34.39 -3.67 -23.43
CA ILE B 496 34.63 -2.25 -23.17
C ILE B 496 35.82 -2.02 -22.25
N ARG B 497 36.54 -0.93 -22.52
CA ARG B 497 37.55 -0.41 -21.61
C ARG B 497 37.15 0.96 -21.05
N GLN B 498 37.36 1.11 -19.74
CA GLN B 498 37.21 2.38 -19.04
C GLN B 498 38.62 2.91 -18.73
N GLN B 499 38.97 4.09 -19.25
CA GLN B 499 40.34 4.63 -19.10
C GLN B 499 40.72 4.73 -17.62
N HIS B 500 39.82 5.28 -16.81
CA HIS B 500 40.09 5.49 -15.40
C HIS B 500 38.82 5.69 -14.57
N GLY B 501 38.97 5.59 -13.24
CA GLY B 501 37.90 5.92 -12.32
C GLY B 501 37.90 7.41 -12.02
N PHE B 502 39.10 7.97 -11.98
CA PHE B 502 39.35 9.32 -11.50
C PHE B 502 40.13 10.12 -12.54
N GLN B 503 39.75 11.38 -12.65
CA GLN B 503 40.38 12.32 -13.60
C GLN B 503 40.60 13.68 -12.97
N ALA B 504 41.85 14.15 -12.97
CA ALA B 504 42.20 15.37 -12.25
C ALA B 504 43.49 16.00 -12.80
N PRO B 505 43.67 17.31 -12.60
CA PRO B 505 45.01 17.83 -12.88
C PRO B 505 46.07 17.33 -11.92
N VAL B 506 47.32 17.22 -12.41
CA VAL B 506 48.46 17.05 -11.55
C VAL B 506 48.92 18.46 -11.16
N LYS B 507 48.62 18.80 -9.90
CA LYS B 507 48.77 20.14 -9.32
C LYS B 507 49.25 19.92 -7.91
N PRO B 508 49.95 20.89 -7.32
CA PRO B 508 50.37 20.52 -5.96
C PRO B 508 49.24 20.47 -4.94
N GLY B 509 48.23 21.32 -5.13
CA GLY B 509 47.12 21.36 -4.21
C GLY B 509 45.97 20.37 -4.49
N VAL B 510 46.12 19.51 -5.51
CA VAL B 510 45.04 18.55 -5.90
C VAL B 510 45.49 17.14 -5.53
N LYS B 511 45.02 16.64 -4.39
CA LYS B 511 45.55 15.42 -3.78
C LYS B 511 44.50 14.32 -3.59
N PHE B 512 44.93 13.08 -3.74
CA PHE B 512 44.05 11.96 -3.45
C PHE B 512 44.77 10.91 -2.63
N HIS B 513 43.99 10.29 -1.76
CA HIS B 513 44.46 9.27 -0.84
C HIS B 513 43.55 8.07 -0.94
N ASP B 514 44.15 6.91 -1.24
CA ASP B 514 43.46 5.62 -1.15
C ASP B 514 42.37 5.48 -2.21
N LEU B 515 42.81 5.43 -3.47
CA LEU B 515 41.93 5.23 -4.63
C LEU B 515 41.97 3.79 -5.07
N LEU B 516 40.82 3.30 -5.52
CA LEU B 516 40.74 1.97 -6.10
C LEU B 516 39.76 1.91 -7.24
N VAL B 517 40.06 1.04 -8.21
CA VAL B 517 39.08 0.61 -9.20
C VAL B 517 38.98 -0.91 -9.26
N VAL B 518 37.81 -1.41 -9.68
CA VAL B 518 37.46 -2.82 -9.52
C VAL B 518 36.58 -3.25 -10.68
N SER B 519 36.95 -4.35 -11.35
CA SER B 519 36.14 -4.98 -12.40
C SER B 519 35.35 -6.14 -11.80
N LEU B 520 34.02 -6.14 -11.91
CA LEU B 520 33.24 -7.28 -11.44
C LEU B 520 33.23 -8.38 -12.49
N GLY B 521 33.91 -9.48 -12.18
CA GLY B 521 33.93 -10.66 -13.02
C GLY B 521 34.42 -10.51 -14.47
N GLY B 522 35.39 -9.64 -14.71
CA GLY B 522 35.92 -9.47 -16.06
C GLY B 522 35.00 -8.75 -17.01
N LYS B 523 33.90 -8.23 -16.48
CA LYS B 523 32.94 -7.49 -17.31
C LYS B 523 33.42 -6.07 -17.58
N GLY B 524 34.23 -5.95 -18.62
CA GLY B 524 35.00 -4.76 -18.87
C GLY B 524 36.22 -4.71 -17.99
N GLN B 525 37.13 -3.80 -18.33
CA GLN B 525 38.29 -3.50 -17.49
C GLN B 525 38.62 -2.03 -17.49
N TYR B 526 39.27 -1.61 -16.40
CA TYR B 526 39.91 -0.27 -16.32
C TYR B 526 41.34 -0.30 -16.88
N GLU B 527 41.68 0.69 -17.71
CA GLU B 527 43.09 0.89 -18.11
C GLU B 527 44.01 1.32 -16.96
N HIS B 528 43.48 2.17 -16.07
CA HIS B 528 44.26 2.83 -15.00
C HIS B 528 43.28 3.20 -13.86
N VAL B 529 43.82 3.77 -12.79
CA VAL B 529 43.00 4.18 -11.64
C VAL B 529 42.61 5.66 -11.79
N ILE B 530 43.64 6.50 -11.97
CA ILE B 530 43.49 7.93 -12.06
C ILE B 530 44.35 8.48 -13.23
N ASN B 531 43.76 9.30 -14.10
CA ASN B 531 44.44 9.76 -15.30
C ASN B 531 45.09 8.56 -16.03
N ASP B 532 46.42 8.56 -16.19
CA ASP B 532 47.15 7.42 -16.75
C ASP B 532 48.05 6.73 -15.71
N ILE B 533 47.67 6.84 -14.44
CA ILE B 533 48.43 6.31 -13.32
C ILE B 533 47.64 5.12 -12.74
N GLY B 534 48.37 4.10 -12.32
CA GLY B 534 47.79 2.93 -11.74
C GLY B 534 47.66 1.83 -12.74
N ASP B 535 47.79 0.61 -12.24
CA ASP B 535 47.78 -0.57 -13.09
C ASP B 535 46.36 -0.82 -13.59
N PRO B 536 46.21 -1.39 -14.79
CA PRO B 536 44.84 -1.74 -15.20
C PRO B 536 44.30 -2.87 -14.35
N THR B 537 43.00 -3.04 -14.32
CA THR B 537 42.45 -4.30 -13.78
C THR B 537 42.65 -5.39 -14.83
N SER B 538 42.72 -6.63 -14.36
CA SER B 538 42.87 -7.77 -15.26
C SER B 538 42.23 -8.99 -14.63
N GLY B 539 41.97 -10.04 -15.42
CA GLY B 539 41.40 -11.28 -14.90
C GLY B 539 39.91 -11.14 -14.71
N ASP B 540 39.28 -12.22 -14.20
CA ASP B 540 37.85 -12.21 -13.85
C ASP B 540 37.58 -12.38 -12.36
N THR B 541 38.61 -12.19 -11.56
CA THR B 541 38.50 -12.44 -10.10
C THR B 541 38.32 -11.21 -9.21
N THR B 542 38.02 -10.05 -9.83
CA THR B 542 37.54 -8.88 -9.08
C THR B 542 38.56 -8.42 -8.01
N ILE B 543 39.84 -8.54 -8.34
CA ILE B 543 40.91 -7.91 -7.56
C ILE B 543 41.00 -6.43 -7.87
N PRO B 544 40.86 -5.55 -6.86
CA PRO B 544 41.04 -4.12 -7.13
C PRO B 544 42.45 -3.73 -7.56
N SER B 545 42.59 -2.66 -8.36
CA SER B 545 43.85 -1.94 -8.57
C SER B 545 43.83 -0.73 -7.68
N GLN B 546 44.96 -0.49 -7.01
CA GLN B 546 45.06 0.46 -5.91
C GLN B 546 46.08 1.53 -6.24
N VAL B 547 45.76 2.78 -5.88
CA VAL B 547 46.73 3.86 -5.80
C VAL B 547 46.65 4.45 -4.40
N VAL B 548 47.73 4.40 -3.63
CA VAL B 548 47.74 4.98 -2.28
C VAL B 548 47.82 6.50 -2.29
N SER B 549 48.66 7.05 -3.17
CA SER B 549 49.02 8.48 -3.13
C SER B 549 49.14 9.16 -4.49
N PHE B 550 48.35 10.21 -4.67
CA PHE B 550 48.39 11.01 -5.87
C PHE B 550 48.36 12.48 -5.53
N PRO B 551 49.20 13.28 -6.23
CA PRO B 551 50.05 12.88 -7.36
C PRO B 551 51.44 12.43 -6.91
C1 EDO C . -38.76 -12.31 -9.44
O1 EDO C . -37.95 -12.75 -8.33
C2 EDO C . -38.82 -10.79 -9.53
O2 EDO C . -37.82 -10.25 -8.67
H11 EDO C . -39.77 -12.73 -9.36
H12 EDO C . -38.32 -12.69 -10.36
HO1 EDO C . -37.79 -13.70 -8.39
H21 EDO C . -39.80 -10.43 -9.23
H22 EDO C . -38.62 -10.47 -10.55
HO2 EDO C . -37.90 -9.29 -8.65
C1 EDO D . -15.65 -12.60 -22.17
O1 EDO D . -14.35 -11.97 -22.24
C2 EDO D . -16.74 -11.52 -22.16
O2 EDO D . -16.55 -10.70 -21.02
H11 EDO D . -15.74 -13.21 -21.26
H12 EDO D . -15.79 -13.26 -23.02
HO1 EDO D . -13.66 -12.65 -22.24
H21 EDO D . -17.74 -11.98 -22.11
H22 EDO D . -16.68 -10.93 -23.08
HO2 EDO D . -17.11 -9.90 -21.07
C2 BGC E . 25.24 -1.75 -7.21
C3 BGC E . 23.83 -1.13 -7.02
C4 BGC E . 22.93 -2.20 -7.72
C5 BGC E . 23.08 -3.71 -7.31
C6 BGC E . 22.40 -4.54 -8.46
C1 BGC E . 25.43 -3.22 -6.71
O1 BGC E . 26.66 -3.67 -7.28
O2 BGC E . 26.37 -0.93 -6.81
O3 BGC E . 23.62 0.10 -7.76
O4 BGC E . 21.54 -1.77 -7.89
O5 BGC E . 24.43 -4.15 -7.11
O6 BGC E . 22.74 -5.91 -8.65
H2 BGC E . 24.40 -1.36 -6.65
H3 BGC E . 23.05 -1.86 -7.20
H4 BGC E . 23.38 -2.41 -8.69
H5 BGC E . 22.52 -3.88 -6.41
H61 BGC E . 22.80 -4.27 -9.44
H62 BGC E . 21.33 -4.39 -8.46
H1 BGC E . 25.53 -3.24 -5.63
HO1 BGC E . 26.95 -3.05 -7.97
HO2 BGC E . 27.21 -1.36 -7.09
HO3 BGC E . 24.44 0.33 -8.24
HO4 BGC E . 21.32 -1.04 -7.28
HO6 BGC E . 23.38 -6.20 -7.97
C1 EDO F . 7.43 6.75 -6.06
O1 EDO F . 8.68 7.40 -5.86
C2 EDO F . 7.73 5.32 -6.47
O2 EDO F . 8.41 4.64 -5.39
H11 EDO F . 6.86 7.24 -6.85
H12 EDO F . 6.84 6.75 -5.15
HO1 EDO F . 8.59 8.34 -6.08
H21 EDO F . 8.36 5.32 -7.37
H22 EDO F . 6.81 4.79 -6.70
HO2 EDO F . 8.76 3.80 -5.71
C1 EDO G . 30.95 5.09 -18.90
O1 EDO G . 32.27 5.62 -18.97
C2 EDO G . 29.94 6.24 -18.70
O2 EDO G . 30.35 7.16 -17.70
H11 EDO G . 30.88 4.38 -18.08
H12 EDO G . 30.72 4.56 -19.83
HO1 EDO G . 32.90 4.89 -19.01
H21 EDO G . 28.96 5.84 -18.43
H22 EDO G . 29.84 6.76 -19.65
HO2 EDO G . 29.56 7.58 -17.32
C1 EDO H . 48.69 3.91 4.28
O1 EDO H . 49.77 4.79 3.87
C2 EDO H . 49.27 3.05 5.41
O2 EDO H . 48.45 1.89 5.53
H11 EDO H . 48.34 3.28 3.46
H12 EDO H . 47.85 4.48 4.65
HO1 EDO H . 49.43 5.46 3.25
H21 EDO H . 49.30 3.61 6.34
H22 EDO H . 50.29 2.75 5.14
HO2 EDO H . 48.93 1.22 6.04
N VAL A 4 -46.51 9.92 1.08
CA VAL A 4 -47.43 10.62 2.00
C VAL A 4 -46.91 10.50 3.47
N VAL A 5 -47.62 9.90 4.44
CA VAL A 5 -47.15 9.84 5.88
C VAL A 5 -46.16 8.74 6.34
N GLY A 6 -45.72 8.85 7.61
CA GLY A 6 -44.64 8.06 8.21
C GLY A 6 -44.89 6.96 9.27
N GLY A 7 -43.91 6.05 9.38
CA GLY A 7 -43.98 4.85 10.19
C GLY A 7 -45.11 4.02 9.61
N GLY A 8 -45.32 2.78 10.07
CA GLY A 8 -46.43 1.97 9.57
C GLY A 8 -46.20 0.47 9.70
N ASP A 9 -47.19 -0.29 10.20
CA ASP A 9 -47.18 -1.76 10.29
C ASP A 9 -46.36 -2.46 9.17
N LEU A 10 -45.49 -3.39 9.59
CA LEU A 10 -44.46 -3.97 8.71
C LEU A 10 -45.11 -4.88 7.68
N GLY A 11 -46.42 -5.01 7.76
CA GLY A 11 -47.14 -5.76 6.76
C GLY A 11 -47.02 -7.24 6.98
N PRO A 12 -47.61 -7.99 6.06
CA PRO A 12 -47.87 -9.39 6.36
C PRO A 12 -46.74 -10.30 5.91
N ASN A 13 -45.63 -9.72 5.46
CA ASN A 13 -44.50 -10.51 5.04
C ASN A 13 -43.34 -10.37 6.02
N VAL A 14 -43.57 -9.59 7.08
CA VAL A 14 -42.68 -9.51 8.21
C VAL A 14 -43.34 -10.31 9.36
N LEU A 15 -42.79 -11.48 9.65
CA LEU A 15 -43.30 -12.28 10.77
C LEU A 15 -42.48 -11.91 12.01
N VAL A 16 -43.12 -11.28 13.00
CA VAL A 16 -42.45 -10.91 14.25
C VAL A 16 -42.84 -11.89 15.36
N PHE A 17 -41.83 -12.63 15.80
CA PHE A 17 -41.94 -13.65 16.85
C PHE A 17 -41.52 -13.16 18.24
N ASP A 18 -42.12 -13.80 19.25
CA ASP A 18 -41.73 -13.64 20.65
C ASP A 18 -41.49 -15.07 21.22
N PRO A 19 -40.79 -15.22 22.37
CA PRO A 19 -40.69 -16.61 22.87
C PRO A 19 -41.99 -17.39 23.15
N SER A 20 -43.09 -16.74 23.55
CA SER A 20 -44.35 -17.48 23.68
C SER A 20 -44.83 -17.99 22.33
N THR A 21 -44.79 -17.12 21.31
CA THR A 21 -45.54 -17.25 20.05
C THR A 21 -45.89 -18.69 19.70
N PRO A 22 -47.18 -18.99 19.44
CA PRO A 22 -47.46 -20.39 19.06
C PRO A 22 -46.70 -20.98 17.86
N ASP A 23 -46.26 -22.22 18.04
CA ASP A 23 -45.61 -23.04 17.03
C ASP A 23 -44.72 -22.22 16.07
N ILE A 24 -43.74 -21.50 16.65
CA ILE A 24 -42.65 -20.86 15.89
C ILE A 24 -42.01 -21.87 14.93
N GLN A 25 -41.59 -23.02 15.45
CA GLN A 25 -40.94 -24.01 14.60
C GLN A 25 -41.78 -24.42 13.41
N GLY A 26 -43.06 -24.67 13.64
CA GLY A 26 -43.92 -25.03 12.54
C GLY A 26 -44.04 -23.86 11.60
N LYS A 27 -43.96 -22.65 12.15
CA LYS A 27 -44.11 -21.44 11.31
C LYS A 27 -42.92 -21.25 10.38
N VAL A 28 -41.72 -21.45 10.90
CA VAL A 28 -40.52 -21.19 10.10
C VAL A 28 -40.34 -22.29 9.06
N ASP A 29 -40.82 -23.51 9.34
CA ASP A 29 -40.79 -24.56 8.30
C ASP A 29 -41.84 -24.33 7.21
N GLU A 30 -42.94 -23.62 7.51
CA GLU A 30 -43.96 -23.29 6.49
C GLU A 30 -43.35 -22.33 5.47
N VAL A 31 -42.55 -21.40 5.97
CA VAL A 31 -41.86 -20.48 5.08
C VAL A 31 -40.83 -21.30 4.29
N PHE A 32 -40.15 -22.21 4.97
CA PHE A 32 -39.08 -22.97 4.29
C PHE A 32 -39.61 -23.90 3.20
N ARG A 33 -40.70 -24.62 3.49
CA ARG A 33 -41.25 -25.50 2.47
C ARG A 33 -41.61 -24.63 1.24
N LYS A 34 -42.11 -23.42 1.46
CA LYS A 34 -42.43 -22.50 0.35
C LYS A 34 -41.18 -22.00 -0.41
N GLN A 35 -40.10 -21.77 0.33
CA GLN A 35 -38.95 -21.02 -0.18
C GLN A 35 -37.74 -21.88 -0.57
N GLU A 36 -37.72 -23.12 -0.11
CA GLU A 36 -36.56 -24.00 -0.28
C GLU A 36 -36.02 -24.08 -1.72
N SER A 37 -36.94 -24.24 -2.67
CA SER A 37 -36.63 -24.47 -4.09
C SER A 37 -37.08 -23.29 -4.96
N ASN A 38 -37.53 -22.22 -4.33
CA ASN A 38 -38.17 -21.13 -5.05
C ASN A 38 -37.11 -20.14 -5.53
N GLN A 39 -36.34 -20.54 -6.53
CA GLN A 39 -35.16 -19.77 -6.88
C GLN A 39 -35.50 -18.43 -7.50
N PHE A 40 -36.58 -18.43 -8.29
CA PHE A 40 -36.93 -17.26 -9.09
C PHE A 40 -38.34 -16.73 -8.82
N GLY A 41 -39.00 -17.30 -7.80
CA GLY A 41 -40.34 -16.86 -7.40
C GLY A 41 -40.35 -15.45 -6.79
N THR A 42 -41.56 -14.97 -6.50
CA THR A 42 -41.70 -13.60 -6.05
C THR A 42 -42.24 -13.44 -4.65
N ASP A 43 -42.30 -14.52 -3.89
CA ASP A 43 -42.51 -14.38 -2.45
C ASP A 43 -41.22 -13.89 -1.77
N ARG A 44 -41.40 -13.17 -0.68
CA ARG A 44 -40.31 -12.52 0.05
C ARG A 44 -40.71 -12.53 1.53
N TYR A 45 -39.79 -12.94 2.41
CA TYR A 45 -40.10 -13.01 3.84
C TYR A 45 -39.00 -12.54 4.75
N ALA A 46 -39.39 -11.84 5.81
CA ALA A 46 -38.48 -11.44 6.89
C ALA A 46 -39.00 -12.07 8.17
N LEU A 47 -38.14 -12.81 8.84
CA LEU A 47 -38.49 -13.46 10.11
C LEU A 47 -37.75 -12.71 11.22
N MET A 48 -38.49 -11.96 12.05
CA MET A 48 -37.89 -11.05 13.02
C MET A 48 -38.18 -11.55 14.45
N PHE A 49 -37.13 -11.77 15.23
CA PHE A 49 -37.27 -12.32 16.57
C PHE A 49 -37.04 -11.30 17.68
N LYS A 50 -38.04 -11.12 18.54
CA LYS A 50 -37.90 -10.17 19.65
C LYS A 50 -36.88 -10.69 20.67
N PRO A 51 -36.22 -9.78 21.41
CA PRO A 51 -35.27 -10.19 22.44
C PRO A 51 -35.87 -11.22 23.38
N GLY A 52 -35.03 -12.14 23.82
CA GLY A 52 -35.46 -13.35 24.48
C GLY A 52 -34.56 -14.52 24.13
N THR A 53 -34.92 -15.66 24.69
CA THR A 53 -34.21 -16.91 24.50
C THR A 53 -35.22 -17.86 23.87
N TYR A 54 -34.80 -18.44 22.74
CA TYR A 54 -35.63 -19.34 21.98
C TYR A 54 -34.95 -20.66 22.04
N ASN A 55 -35.66 -21.61 22.66
CA ASN A 55 -35.32 -23.02 22.61
C ASN A 55 -36.04 -23.66 21.45
N ASP A 56 -35.68 -24.92 21.23
CA ASP A 56 -36.41 -25.81 20.36
C ASP A 56 -36.63 -25.24 18.95
N ILE A 57 -35.52 -24.99 18.27
CA ILE A 57 -35.54 -24.27 17.01
C ILE A 57 -34.39 -24.65 16.05
N ASN A 58 -34.76 -25.17 14.88
CA ASN A 58 -33.89 -25.09 13.72
C ASN A 58 -34.61 -24.28 12.64
N ALA A 59 -34.09 -23.11 12.34
CA ALA A 59 -34.72 -22.26 11.33
C ALA A 59 -33.97 -22.44 10.03
N GLN A 60 -34.51 -23.35 9.23
CA GLN A 60 -34.18 -23.51 7.81
C GLN A 60 -34.37 -22.23 7.03
N ILE A 61 -33.34 -21.75 6.33
CA ILE A 61 -33.46 -20.52 5.56
C ILE A 61 -33.39 -20.81 4.05
N GLY A 62 -34.51 -20.60 3.37
CA GLY A 62 -34.61 -20.82 1.95
C GLY A 62 -34.34 -19.57 1.15
N PHE A 63 -34.72 -19.58 -0.12
CA PHE A 63 -34.59 -18.39 -0.94
C PHE A 63 -35.39 -17.21 -0.38
N TYR A 64 -34.90 -16.01 -0.62
CA TYR A 64 -35.59 -14.75 -0.34
C TYR A 64 -36.17 -14.72 1.08
N THR A 65 -35.34 -15.12 2.02
CA THR A 65 -35.69 -15.13 3.43
C THR A 65 -34.56 -14.47 4.23
N SER A 66 -34.94 -13.45 5.00
CA SER A 66 -34.03 -12.82 5.97
C SER A 66 -34.49 -13.21 7.37
N ILE A 67 -33.53 -13.52 8.24
CA ILE A 67 -33.85 -13.82 9.65
C ILE A 67 -33.00 -12.87 10.48
N ALA A 68 -33.58 -12.36 11.55
CA ALA A 68 -32.90 -11.36 12.34
C ALA A 68 -33.39 -11.34 13.78
N GLY A 69 -32.50 -10.92 14.67
CA GLY A 69 -32.92 -10.50 16.00
C GLY A 69 -33.24 -9.02 16.04
N LEU A 70 -33.99 -8.61 17.07
CA LEU A 70 -34.41 -7.22 17.26
C LEU A 70 -33.85 -6.63 18.55
N GLY A 71 -32.75 -7.19 19.06
CA GLY A 71 -32.05 -6.57 20.14
C GLY A 71 -31.14 -5.46 19.68
N LEU A 72 -30.90 -4.52 20.60
CA LEU A 72 -29.81 -3.59 20.54
C LEU A 72 -28.51 -4.39 20.26
N ASN A 73 -28.34 -5.58 20.87
CA ASN A 73 -27.10 -6.43 20.77
C ASN A 73 -27.40 -7.86 20.32
N PRO A 74 -26.44 -8.57 19.70
CA PRO A 74 -26.78 -9.90 19.17
C PRO A 74 -27.15 -10.89 20.27
N ASP A 75 -26.45 -10.80 21.40
CA ASP A 75 -26.71 -11.73 22.48
C ASP A 75 -27.92 -11.24 23.28
N ASP A 76 -28.67 -10.29 22.72
CA ASP A 76 -30.01 -9.95 23.25
C ASP A 76 -31.06 -10.94 22.72
N THR A 77 -30.78 -11.59 21.60
CA THR A 77 -31.70 -12.54 20.96
C THR A 77 -30.94 -13.84 20.69
N THR A 78 -31.15 -14.82 21.55
CA THR A 78 -30.39 -16.07 21.56
C THR A 78 -31.27 -17.25 21.18
N PHE A 79 -30.83 -18.01 20.19
CA PHE A 79 -31.43 -19.29 19.84
C PHE A 79 -30.57 -20.41 20.45
N ASN A 80 -31.21 -21.25 21.25
CA ASN A 80 -30.62 -22.52 21.59
C ASN A 80 -31.02 -23.47 20.49
N GLY A 81 -30.24 -23.41 19.42
CA GLY A 81 -30.62 -24.01 18.17
C GLY A 81 -29.82 -23.39 17.02
N ASP A 82 -30.33 -23.53 15.81
CA ASP A 82 -29.57 -23.31 14.59
C ASP A 82 -30.32 -22.40 13.62
N VAL A 83 -29.55 -21.63 12.86
CA VAL A 83 -30.03 -20.95 11.66
C VAL A 83 -29.26 -21.60 10.50
N THR A 84 -29.98 -22.41 9.73
CA THR A 84 -29.37 -23.40 8.87
C THR A 84 -29.62 -23.18 7.38
N VAL A 85 -28.53 -23.20 6.60
CA VAL A 85 -28.61 -23.34 5.15
C VAL A 85 -27.74 -24.54 4.73
N ASP A 86 -28.28 -25.41 3.89
CA ASP A 86 -27.58 -26.56 3.33
C ASP A 86 -28.10 -26.68 1.91
N ALA A 87 -27.80 -27.80 1.26
CA ALA A 87 -28.07 -27.92 -0.19
C ALA A 87 -28.81 -29.19 -0.68
N GLY A 88 -29.53 -29.89 0.19
CA GLY A 88 -30.19 -31.12 -0.25
C GLY A 88 -31.17 -30.97 -1.43
N TRP A 89 -31.72 -29.80 -1.65
CA TRP A 89 -32.70 -29.63 -2.72
C TRP A 89 -32.02 -29.70 -4.09
N PHE A 90 -30.70 -29.71 -4.04
CA PHE A 90 -29.88 -29.75 -5.23
C PHE A 90 -28.90 -30.97 -5.24
N ASP A 91 -29.50 -32.15 -5.36
CA ASP A 91 -28.82 -33.43 -5.08
C ASP A 91 -27.81 -33.29 -3.93
N GLY A 92 -26.52 -32.99 -4.17
CA GLY A 92 -25.66 -32.50 -3.08
C GLY A 92 -25.06 -31.05 -3.01
N ASN A 93 -25.48 -30.14 -3.89
CA ASN A 93 -24.66 -28.98 -4.32
C ASN A 93 -25.08 -27.55 -3.82
N ALA A 94 -24.24 -26.87 -3.03
CA ALA A 94 -24.62 -25.54 -2.49
C ALA A 94 -24.39 -24.35 -3.44
N THR A 95 -23.97 -24.64 -4.66
CA THR A 95 -23.61 -23.59 -5.64
C THR A 95 -24.77 -22.71 -6.12
N GLN A 96 -26.03 -23.16 -5.99
CA GLN A 96 -27.12 -22.18 -6.24
C GLN A 96 -27.86 -21.60 -5.03
N ASN A 97 -27.22 -21.64 -3.88
CA ASN A 97 -27.86 -21.10 -2.68
C ASN A 97 -27.69 -19.59 -2.51
N PHE A 98 -28.59 -18.84 -3.12
CA PHE A 98 -28.51 -17.39 -3.12
C PHE A 98 -29.62 -16.67 -2.32
N TRP A 99 -29.40 -15.36 -2.16
CA TRP A 99 -30.45 -14.35 -1.80
C TRP A 99 -31.18 -14.66 -0.49
N ARG A 100 -30.42 -14.64 0.60
CA ARG A 100 -31.00 -14.89 1.91
C ARG A 100 -30.06 -14.28 2.95
N SER A 101 -30.49 -14.16 4.21
CA SER A 101 -29.63 -13.42 5.16
C SER A 101 -29.90 -13.80 6.58
N ALA A 102 -28.88 -13.64 7.42
CA ALA A 102 -29.05 -13.77 8.87
C ALA A 102 -28.28 -12.65 9.54
N GLU A 103 -28.88 -12.04 10.55
CA GLU A 103 -28.18 -11.01 11.29
C GLU A 103 -28.68 -10.83 12.73
N ASN A 104 -27.79 -10.34 13.57
CA ASN A 104 -28.18 -9.83 14.90
C ASN A 104 -28.82 -10.87 15.83
N LEU A 105 -28.19 -12.04 15.83
CA LEU A 105 -28.58 -13.17 16.68
C LEU A 105 -27.39 -13.84 17.33
N ALA A 106 -27.62 -14.41 18.51
CA ALA A 106 -26.69 -15.38 19.09
C ALA A 106 -27.24 -16.77 18.84
N LEU A 107 -26.37 -17.70 18.44
CA LEU A 107 -26.73 -19.09 18.18
C LEU A 107 -25.89 -20.02 19.07
N ASN A 108 -26.60 -20.95 19.70
CA ASN A 108 -26.04 -22.03 20.51
C ASN A 108 -26.43 -23.35 19.80
N PRO A 109 -25.66 -23.74 18.79
CA PRO A 109 -26.17 -24.71 17.80
C PRO A 109 -26.22 -26.13 18.36
N VAL A 110 -27.06 -26.97 17.77
CA VAL A 110 -27.31 -28.29 18.38
C VAL A 110 -26.24 -29.37 18.26
N ASN A 111 -25.22 -29.23 17.44
CA ASN A 111 -24.05 -30.16 17.66
C ASN A 111 -22.78 -29.41 18.00
N GLY A 112 -22.96 -28.16 18.39
CA GLY A 112 -21.82 -27.28 18.62
C GLY A 112 -21.34 -26.68 17.31
N THR A 113 -22.13 -26.83 16.25
CA THR A 113 -21.73 -26.42 14.91
C THR A 113 -22.93 -26.02 14.03
N ASN A 114 -22.98 -24.74 13.70
CA ASN A 114 -24.06 -24.22 12.87
C ASN A 114 -23.64 -24.32 11.41
N ARG A 115 -24.58 -24.71 10.55
CA ARG A 115 -24.32 -24.87 9.14
C ARG A 115 -24.90 -23.69 8.34
N TRP A 116 -24.04 -22.92 7.66
CA TRP A 116 -24.45 -21.84 6.75
C TRP A 116 -23.82 -22.14 5.36
N ALA A 117 -24.44 -23.07 4.64
CA ALA A 117 -23.88 -23.62 3.41
C ALA A 117 -24.39 -22.86 2.20
N VAL A 118 -23.84 -21.67 2.03
CA VAL A 118 -24.37 -20.72 1.05
C VAL A 118 -23.41 -20.44 -0.11
N SER A 119 -23.97 -19.82 -1.15
CA SER A 119 -23.14 -19.20 -2.18
C SER A 119 -23.37 -17.68 -2.14
N GLN A 120 -23.52 -17.04 -3.30
CA GLN A 120 -23.50 -15.57 -3.32
C GLN A 120 -24.78 -14.91 -2.80
N ALA A 121 -24.64 -13.66 -2.38
CA ALA A 121 -25.75 -12.85 -1.82
C ALA A 121 -26.45 -13.51 -0.64
N ALA A 122 -25.64 -14.01 0.29
CA ALA A 122 -26.14 -14.64 1.50
C ALA A 122 -25.37 -14.16 2.74
N PRO A 123 -25.50 -12.86 3.06
CA PRO A 123 -24.69 -12.27 4.10
C PRO A 123 -25.03 -12.80 5.49
N PHE A 124 -24.01 -12.82 6.34
CA PHE A 124 -24.10 -13.34 7.71
C PHE A 124 -23.43 -12.20 8.50
N ARG A 125 -24.24 -11.36 9.17
CA ARG A 125 -23.74 -10.14 9.78
C ARG A 125 -24.12 -10.04 11.27
N ARG A 126 -23.22 -9.51 12.09
CA ARG A 126 -23.58 -9.19 13.48
C ARG A 126 -24.17 -10.41 14.19
N MET A 127 -23.49 -11.55 13.99
CA MET A 127 -23.87 -12.80 14.60
C MET A 127 -22.88 -13.21 15.69
N HIS A 128 -23.42 -13.84 16.73
CA HIS A 128 -22.57 -14.48 17.74
C HIS A 128 -22.85 -15.99 17.73
N VAL A 129 -21.92 -16.76 17.17
CA VAL A 129 -22.05 -18.23 17.13
C VAL A 129 -21.26 -18.82 18.29
N LYS A 130 -21.99 -19.33 19.27
CA LYS A 130 -21.40 -20.00 20.42
C LYS A 130 -21.11 -21.45 20.09
N GLY A 131 -20.38 -21.67 19.00
CA GLY A 131 -19.92 -22.99 18.60
C GLY A 131 -19.19 -22.83 17.30
N GLY A 132 -19.10 -23.91 16.55
CA GLY A 132 -18.47 -23.87 15.25
C GLY A 132 -19.41 -23.41 14.16
N LEU A 133 -18.83 -23.03 13.04
CA LEU A 133 -19.57 -22.57 11.87
C LEU A 133 -19.07 -23.35 10.65
N ASN A 134 -19.94 -24.23 10.15
CA ASN A 134 -19.65 -25.10 9.01
C ASN A 134 -20.23 -24.40 7.77
N LEU A 135 -19.40 -24.08 6.78
CA LEU A 135 -19.86 -23.29 5.60
C LEU A 135 -20.16 -24.13 4.38
N ALA A 136 -19.93 -25.43 4.51
CA ALA A 136 -20.16 -26.36 3.43
C ALA A 136 -21.41 -27.24 3.67
N PRO A 137 -22.23 -27.40 2.64
CA PRO A 137 -23.39 -28.32 2.70
C PRO A 137 -22.95 -29.75 3.01
N ASP A 138 -23.76 -30.49 3.77
CA ASP A 138 -23.40 -31.87 4.14
C ASP A 138 -22.94 -32.66 2.90
N GLY A 139 -21.72 -33.21 3.02
CA GLY A 139 -21.09 -34.06 2.02
C GLY A 139 -19.96 -33.55 1.10
N TYR A 140 -19.12 -32.55 1.49
CA TYR A 140 -17.98 -31.96 0.66
C TYR A 140 -18.47 -31.43 -0.73
N GLY A 141 -19.77 -31.26 -0.89
CA GLY A 141 -20.30 -30.68 -2.12
C GLY A 141 -19.80 -29.26 -2.41
N TRP A 142 -19.80 -28.87 -3.69
CA TRP A 142 -19.32 -27.54 -4.14
C TRP A 142 -20.13 -26.39 -3.54
N ALA A 143 -19.45 -25.30 -3.17
CA ALA A 143 -20.15 -24.08 -2.72
C ALA A 143 -19.32 -22.89 -3.15
N SER A 144 -20.02 -21.76 -3.32
CA SER A 144 -19.43 -20.57 -3.92
C SER A 144 -19.83 -19.31 -3.17
N GLY A 145 -19.55 -19.30 -1.86
CA GLY A 145 -19.78 -18.11 -1.04
C GLY A 145 -18.72 -17.03 -1.19
N GLY A 146 -18.64 -16.11 -0.22
CA GLY A 146 -19.56 -15.99 0.87
C GLY A 146 -19.07 -14.78 1.65
N TYR A 147 -19.85 -14.33 2.62
CA TYR A 147 -19.57 -13.08 3.28
C TYR A 147 -19.99 -13.11 4.76
N ILE A 148 -19.01 -12.87 5.63
CA ILE A 148 -19.23 -12.68 7.06
C ILE A 148 -18.67 -11.31 7.49
N ALA A 149 -19.47 -10.56 8.24
CA ALA A 149 -19.05 -9.27 8.80
C ALA A 149 -19.55 -9.07 10.22
N ASP A 150 -18.72 -8.41 11.03
CA ASP A 150 -19.12 -7.96 12.36
C ASP A 150 -19.60 -9.10 13.24
N SER A 151 -18.97 -10.25 13.10
CA SER A 151 -19.43 -11.46 13.79
C SER A 151 -18.36 -12.06 14.70
N LYS A 152 -18.80 -12.77 15.73
CA LYS A 152 -17.85 -13.61 16.49
C LYS A 152 -18.30 -15.04 16.44
N ILE A 153 -17.34 -15.86 16.07
CA ILE A 153 -17.49 -17.28 16.05
C ILE A 153 -16.60 -17.77 17.18
N ASP A 154 -17.22 -18.23 18.28
CA ASP A 154 -16.46 -18.68 19.44
C ASP A 154 -15.44 -19.76 19.04
N GLY A 155 -15.79 -20.65 18.10
CA GLY A 155 -14.95 -21.78 17.72
C GLY A 155 -14.37 -21.70 16.29
N GLU A 156 -14.12 -22.87 15.69
CA GLU A 156 -13.53 -22.92 14.33
C GLU A 156 -14.60 -22.64 13.33
N VAL A 157 -14.21 -21.86 12.32
CA VAL A 157 -15.00 -21.73 11.11
C VAL A 157 -14.48 -22.73 10.11
N GLY A 158 -15.35 -23.59 9.58
CA GLY A 158 -14.97 -24.65 8.65
C GLY A 158 -15.42 -24.44 7.20
N PRO A 159 -14.54 -23.91 6.34
CA PRO A 159 -15.04 -23.66 4.97
C PRO A 159 -15.24 -24.96 4.20
N TYR A 160 -14.43 -25.98 4.53
CA TYR A 160 -14.33 -27.17 3.70
C TYR A 160 -14.47 -26.73 2.24
N SER A 161 -15.32 -27.43 1.48
CA SER A 161 -15.41 -27.32 0.04
C SER A 161 -15.42 -25.92 -0.56
N GLN A 162 -15.98 -24.95 0.17
CA GLN A 162 -16.14 -23.57 -0.31
C GLN A 162 -14.95 -23.07 -1.13
N GLN A 163 -15.21 -22.51 -2.32
CA GLN A 163 -14.10 -22.09 -3.18
C GLN A 163 -13.38 -20.87 -2.65
N GLN A 164 -14.16 -19.92 -2.15
CA GLN A 164 -13.60 -18.64 -1.72
C GLN A 164 -14.47 -18.09 -0.58
N TRP A 165 -14.01 -17.03 0.07
CA TRP A 165 -14.76 -16.45 1.17
C TRP A 165 -14.13 -15.12 1.59
N TYR A 166 -14.96 -14.18 2.02
CA TYR A 166 -14.49 -12.93 2.61
C TYR A 166 -15.04 -12.77 4.01
N THR A 167 -14.16 -12.44 4.96
CA THR A 167 -14.61 -12.14 6.32
C THR A 167 -14.01 -10.79 6.70
N ARG A 168 -14.80 -9.89 7.25
CA ARG A 168 -14.22 -8.65 7.80
C ARG A 168 -14.73 -8.32 9.19
N ASP A 169 -13.85 -7.64 9.92
CA ASP A 169 -14.16 -6.98 11.18
C ASP A 169 -14.94 -7.91 12.11
N SER A 170 -14.30 -9.03 12.41
CA SER A 170 -14.88 -10.14 13.13
C SER A 170 -13.85 -10.80 14.08
N SER A 171 -14.31 -11.81 14.79
CA SER A 171 -13.51 -12.62 15.71
C SER A 171 -13.77 -14.11 15.45
N VAL A 172 -12.73 -14.91 15.19
CA VAL A 172 -12.92 -16.34 14.90
C VAL A 172 -12.01 -17.23 15.75
N GLY A 173 -12.58 -18.32 16.26
CA GLY A 173 -11.87 -19.20 17.17
C GLY A 173 -11.07 -20.30 16.49
N GLY A 174 -11.13 -20.31 15.17
CA GLY A 174 -10.43 -21.29 14.36
C GLY A 174 -10.82 -21.08 12.91
N TRP A 175 -9.95 -21.52 11.99
CA TRP A 175 -10.27 -21.48 10.57
C TRP A 175 -9.67 -22.71 9.89
N GLY A 176 -10.52 -23.50 9.26
CA GLY A 176 -10.14 -24.85 8.88
C GLY A 176 -9.33 -25.01 7.61
N ASN A 177 -9.70 -24.28 6.56
CA ASN A 177 -9.09 -24.54 5.26
C ASN A 177 -9.27 -23.39 4.27
N GLY A 178 -8.44 -23.43 3.23
CA GLY A 178 -8.55 -22.51 2.12
C GLY A 178 -8.39 -23.22 0.79
N VAL A 179 -9.33 -22.95 -0.11
CA VAL A 179 -9.48 -23.62 -1.41
C VAL A 179 -8.90 -22.72 -2.53
N TRP A 180 -9.60 -21.67 -2.99
CA TRP A 180 -8.99 -20.79 -4.00
C TRP A 180 -8.63 -19.41 -3.45
N ASN A 181 -9.43 -18.87 -2.54
CA ASN A 181 -9.23 -17.48 -2.12
C ASN A 181 -10.05 -17.15 -0.88
N MET A 182 -9.42 -17.28 0.28
CA MET A 182 -10.04 -16.89 1.54
C MET A 182 -9.36 -15.60 1.98
N THR A 183 -10.12 -14.52 2.04
CA THR A 183 -9.57 -13.20 2.40
C THR A 183 -10.20 -12.72 3.72
N PHE A 184 -9.38 -12.03 4.51
CA PHE A 184 -9.76 -11.54 5.81
C PHE A 184 -9.26 -10.11 5.94
N SER A 185 -10.08 -9.20 6.46
CA SER A 185 -9.57 -7.89 6.85
C SER A 185 -10.16 -7.53 8.22
N GLY A 186 -9.28 -7.24 9.16
CA GLY A 186 -9.72 -6.91 10.50
C GLY A 186 -10.33 -8.06 11.29
N VAL A 187 -9.86 -9.27 11.03
CA VAL A 187 -10.41 -10.43 11.69
C VAL A 187 -9.49 -10.96 12.75
N GLU A 188 -9.93 -10.80 14.00
CA GLU A 188 -9.20 -11.36 15.14
C GLU A 188 -9.27 -12.89 15.08
N GLY A 189 -8.12 -13.58 15.05
CA GLY A 189 -8.10 -15.03 14.90
C GLY A 189 -7.97 -15.51 13.46
N ALA A 190 -7.80 -14.58 12.53
CA ALA A 190 -7.61 -14.99 11.15
C ALA A 190 -6.29 -15.73 10.99
N PRO A 191 -6.26 -16.69 10.07
CA PRO A 191 -4.98 -17.35 9.77
C PRO A 191 -3.98 -16.39 9.11
N ALA A 192 -2.68 -16.63 9.36
CA ALA A 192 -1.61 -15.79 8.82
C ALA A 192 -1.70 -15.69 7.30
N GLN A 193 -1.47 -14.49 6.76
CA GLN A 193 -1.32 -14.30 5.31
C GLN A 193 -0.26 -15.23 4.82
N SER A 194 -0.56 -15.90 3.72
CA SER A 194 0.15 -17.11 3.37
C SER A 194 -0.02 -17.57 1.90
N PHE A 195 -0.74 -16.77 1.12
CA PHE A 195 -1.05 -17.10 -0.28
C PHE A 195 0.29 -17.34 -1.00
N PRO A 196 0.42 -18.47 -1.74
CA PRO A 196 -0.58 -19.48 -2.18
C PRO A 196 -1.05 -20.56 -1.17
N GLU A 197 -0.22 -20.93 -0.19
CA GLU A 197 -0.44 -22.17 0.56
C GLU A 197 -0.56 -21.98 2.06
N PRO A 198 -1.79 -21.98 2.56
CA PRO A 198 -3.06 -21.98 1.83
C PRO A 198 -3.26 -20.57 1.28
N PRO A 199 -4.25 -20.38 0.39
CA PRO A 199 -4.41 -19.10 -0.32
C PRO A 199 -5.18 -18.13 0.57
N TYR A 200 -4.46 -17.68 1.59
CA TYR A 200 -4.97 -16.81 2.63
C TYR A 200 -4.40 -15.43 2.42
N THR A 201 -5.31 -14.48 2.21
CA THR A 201 -5.01 -13.08 2.07
C THR A 201 -5.52 -12.39 3.32
N THR A 202 -4.59 -11.92 4.16
CA THR A 202 -4.94 -11.43 5.49
C THR A 202 -4.43 -10.02 5.74
N LEU A 203 -5.36 -9.12 5.96
CA LEU A 203 -5.09 -7.71 6.28
C LEU A 203 -5.46 -7.48 7.74
N GLU A 204 -4.54 -6.89 8.51
CA GLU A 204 -4.74 -6.75 9.96
C GLU A 204 -5.96 -5.86 10.26
N THR A 205 -6.22 -4.90 9.37
CA THR A 205 -7.36 -3.96 9.54
C THR A 205 -8.11 -3.70 8.24
N THR A 206 -9.37 -3.28 8.38
CA THR A 206 -10.19 -2.85 7.27
C THR A 206 -10.12 -1.33 7.16
N PRO A 207 -9.58 -0.79 6.03
CA PRO A 207 -9.39 0.66 5.88
C PRO A 207 -10.49 1.56 6.42
N VAL A 208 -11.72 1.36 5.96
CA VAL A 208 -12.90 1.93 6.65
C VAL A 208 -14.04 0.96 6.51
N SER A 209 -14.91 0.92 7.52
CA SER A 209 -16.15 0.19 7.43
C SER A 209 -17.22 0.88 8.26
N ARG A 210 -18.45 0.61 7.91
CA ARG A 210 -19.59 1.16 8.63
C ARG A 210 -20.65 0.08 8.61
N GLU A 211 -21.01 -0.42 9.78
CA GLU A 211 -21.87 -1.60 9.84
C GLU A 211 -23.28 -1.27 9.36
N LYS A 212 -23.94 -2.27 8.78
CA LYS A 212 -25.24 -2.12 8.14
C LYS A 212 -26.36 -1.78 9.15
N PRO A 213 -27.20 -0.78 8.82
CA PRO A 213 -28.36 -0.48 9.69
C PRO A 213 -29.31 -1.67 9.87
N PHE A 214 -29.99 -1.70 11.00
CA PHE A 214 -30.93 -2.79 11.32
C PHE A 214 -32.06 -2.33 12.24
N LEU A 215 -33.19 -3.01 12.17
CA LEU A 215 -34.30 -2.68 13.05
C LEU A 215 -34.03 -3.32 14.40
N TYR A 216 -34.49 -2.70 15.48
CA TYR A 216 -34.51 -3.38 16.78
C TYR A 216 -35.50 -2.82 17.81
N LEU A 217 -35.54 -3.53 18.96
CA LEU A 217 -36.37 -3.26 20.13
C LEU A 217 -35.55 -3.04 21.49
N ASP A 218 -34.86 -1.92 21.69
CA ASP A 218 -34.82 -1.27 23.03
C ASP A 218 -36.22 -0.67 23.16
N GLY A 219 -37.07 -1.28 23.98
CA GLY A 219 -38.51 -1.01 23.95
C GLY A 219 -39.34 -1.61 22.81
N ASP A 220 -40.68 -1.63 23.02
CA ASP A 220 -41.68 -1.88 21.98
C ASP A 220 -41.44 -0.97 20.83
N ASP A 221 -41.12 0.28 21.20
CA ASP A 221 -40.63 1.27 20.26
C ASP A 221 -39.59 0.66 19.32
N TYR A 222 -40.02 0.59 18.05
CA TYR A 222 -39.24 0.14 16.92
C TYR A 222 -38.32 1.28 16.49
N LYS A 223 -37.05 0.95 16.31
CA LYS A 223 -36.05 1.91 15.87
C LYS A 223 -35.13 1.27 14.83
N VAL A 224 -34.43 2.11 14.08
CA VAL A 224 -33.32 1.64 13.24
C VAL A 224 -32.02 2.24 13.81
N PHE A 225 -31.10 1.35 14.16
CA PHE A 225 -29.76 1.75 14.60
C PHE A 225 -28.85 1.90 13.38
N VAL A 226 -28.06 2.97 13.43
CA VAL A 226 -27.25 3.43 12.33
C VAL A 226 -25.85 3.59 12.88
N PRO A 227 -25.03 2.55 12.74
CA PRO A 227 -23.63 2.61 13.17
C PRO A 227 -22.82 3.78 12.63
N ALA A 228 -22.05 4.41 13.53
CA ALA A 228 -21.00 5.33 13.12
C ALA A 228 -19.95 4.56 12.33
N LYS A 229 -19.11 5.29 11.57
CA LYS A 229 -18.03 4.73 10.75
C LYS A 229 -16.81 4.38 11.63
N ARG A 230 -16.08 3.31 11.24
CA ARG A 230 -14.84 2.87 11.93
C ARG A 230 -13.62 3.06 11.01
N THR A 231 -12.44 3.37 11.57
CA THR A 231 -11.17 3.41 10.80
C THR A 231 -10.12 2.45 11.46
N ASN A 232 -9.20 1.88 10.69
CA ASN A 232 -8.28 0.92 11.31
C ASN A 232 -9.12 -0.25 11.87
N ALA A 233 -10.23 -0.59 11.24
CA ALA A 233 -11.20 -1.50 11.87
C ALA A 233 -10.71 -2.93 12.07
N ARG A 234 -11.02 -3.49 13.24
CA ARG A 234 -10.61 -4.82 13.62
C ARG A 234 -11.52 -5.35 14.71
N GLY A 235 -12.04 -6.56 14.51
CA GLY A 235 -12.97 -7.12 15.45
C GLY A 235 -14.37 -6.51 15.35
N THR A 236 -15.24 -6.96 16.24
CA THR A 236 -16.64 -6.56 16.21
C THR A 236 -16.93 -5.17 16.82
N SER A 237 -18.10 -4.64 16.48
CA SER A 237 -18.55 -3.31 16.90
C SER A 237 -19.39 -3.37 18.17
N TRP A 238 -19.64 -4.58 18.65
CA TRP A 238 -20.52 -4.78 19.77
C TRP A 238 -19.93 -5.68 20.86
N GLY A 239 -18.61 -5.92 20.85
CA GLY A 239 -18.00 -7.13 21.44
C GLY A 239 -17.23 -7.05 22.75
N ASN A 240 -17.90 -7.36 23.86
CA ASN A 240 -17.62 -6.72 25.14
C ASN A 240 -17.78 -5.18 24.89
N GLY A 241 -17.80 -4.36 25.95
CA GLY A 241 -18.07 -2.94 25.73
C GLY A 241 -19.26 -2.58 24.80
N THR A 242 -19.41 -1.27 24.59
CA THR A 242 -20.62 -0.71 23.94
C THR A 242 -20.36 0.01 22.60
N PRO A 243 -21.43 0.51 21.91
CA PRO A 243 -21.07 1.15 20.63
C PRO A 243 -22.07 2.11 19.99
N GLU A 244 -21.53 2.92 19.10
CA GLU A 244 -22.24 4.14 18.85
C GLU A 244 -22.74 4.11 17.46
N GLY A 245 -23.67 5.03 17.32
CA GLY A 245 -24.34 5.34 16.11
C GLY A 245 -25.64 6.02 16.48
N GLU A 246 -25.87 6.49 17.70
CA GLU A 246 -27.26 7.04 17.91
C GLU A 246 -28.46 6.02 17.46
N SER A 247 -29.68 6.43 17.06
CA SER A 247 -30.88 5.50 16.96
C SER A 247 -32.27 6.07 16.50
N LEU A 248 -32.79 5.65 15.33
CA LEU A 248 -33.85 6.39 14.64
C LEU A 248 -35.28 5.85 14.69
N PRO A 249 -36.24 6.74 15.04
CA PRO A 249 -37.61 6.29 15.33
C PRO A 249 -38.40 5.80 14.13
N LEU A 250 -39.09 4.68 14.28
CA LEU A 250 -39.82 4.12 13.15
C LEU A 250 -40.76 5.18 12.56
N ASP A 251 -41.24 6.05 13.46
CA ASP A 251 -41.95 7.28 13.10
C ASP A 251 -41.28 8.16 12.07
N GLN A 252 -39.99 7.93 11.80
CA GLN A 252 -39.25 8.72 10.80
C GLN A 252 -39.00 7.93 9.46
N PHE A 253 -39.70 6.80 9.26
CA PHE A 253 -39.61 5.98 8.02
C PHE A 253 -40.93 5.86 7.31
N TYR A 254 -40.92 6.11 6.01
CA TYR A 254 -41.97 5.63 5.14
C TYR A 254 -41.74 4.12 4.99
N VAL A 255 -42.68 3.34 5.55
CA VAL A 255 -42.59 1.89 5.51
C VAL A 255 -43.24 1.43 4.20
N VAL A 256 -42.41 1.08 3.22
CA VAL A 256 -42.89 0.85 1.87
C VAL A 256 -43.61 -0.49 1.85
N LYS A 257 -44.70 -0.58 1.07
CA LYS A 257 -45.41 -1.84 0.78
C LYS A 257 -45.93 -1.92 -0.68
N PRO A 258 -46.35 -3.12 -1.11
CA PRO A 258 -46.99 -3.34 -2.42
C PRO A 258 -48.40 -2.78 -2.64
N GLY A 259 -48.77 -1.78 -1.86
CA GLY A 259 -49.11 -0.47 -2.43
C GLY A 259 -47.95 0.20 -3.27
N ALA A 260 -47.22 1.13 -2.65
CA ALA A 260 -46.12 2.05 -3.19
C ALA A 260 -45.63 2.20 -4.66
N THR A 261 -45.64 3.45 -5.10
CA THR A 261 -44.97 3.95 -6.32
C THR A 261 -43.71 4.85 -6.11
N ALA A 262 -42.73 4.72 -7.02
CA ALA A 262 -41.54 5.59 -6.98
C ALA A 262 -41.80 7.10 -6.81
N GLU A 263 -42.81 7.68 -7.45
CA GLU A 263 -43.08 9.09 -7.23
C GLU A 263 -43.48 9.35 -5.74
N THR A 264 -44.38 8.54 -5.18
CA THR A 264 -44.68 8.64 -3.74
C THR A 264 -43.48 8.24 -2.84
N ILE A 265 -42.80 7.16 -3.20
CA ILE A 265 -41.57 6.83 -2.52
C ILE A 265 -40.67 8.05 -2.64
N ASN A 266 -40.69 8.68 -3.81
CA ASN A 266 -39.87 9.87 -4.04
C ASN A 266 -40.32 11.08 -3.21
N ALA A 267 -41.62 11.18 -3.03
CA ALA A 267 -42.19 12.28 -2.23
C ALA A 267 -41.83 12.08 -0.75
N ALA A 268 -41.63 10.82 -0.37
CA ALA A 268 -41.21 10.56 1.03
C ALA A 268 -39.82 11.12 1.35
N VAL A 269 -38.85 10.85 0.49
CA VAL A 269 -37.47 11.23 0.79
C VAL A 269 -37.36 12.74 0.82
N ASP A 270 -37.93 13.37 -0.20
CA ASP A 270 -38.23 14.82 -0.19
C ASP A 270 -38.69 15.24 1.19
N GLN A 271 -39.95 14.91 1.46
CA GLN A 271 -40.69 15.30 2.66
C GLN A 271 -39.77 15.15 3.91
N GLY A 272 -38.77 14.27 3.79
CA GLY A 272 -37.70 14.14 4.76
C GLY A 272 -37.72 12.81 5.49
N LEU A 273 -38.45 11.84 4.94
CA LEU A 273 -38.51 10.50 5.54
C LEU A 273 -37.42 9.58 5.01
N HIS A 274 -36.97 8.67 5.88
CA HIS A 274 -36.11 7.54 5.47
C HIS A 274 -37.00 6.47 4.80
N LEU A 275 -36.39 5.40 4.26
CA LEU A 275 -37.15 4.37 3.54
C LEU A 275 -36.94 3.00 4.14
N LEU A 276 -38.05 2.30 4.43
CA LEU A 276 -37.97 0.91 4.88
C LEU A 276 -38.80 0.07 3.94
N PHE A 277 -38.13 -0.73 3.12
CA PHE A 277 -38.82 -1.55 2.12
C PHE A 277 -39.18 -2.90 2.71
N THR A 278 -40.48 -3.14 2.88
CA THR A 278 -40.94 -4.43 3.40
C THR A 278 -40.79 -5.53 2.36
N PRO A 279 -41.03 -6.79 2.77
CA PRO A 279 -40.66 -7.81 1.78
C PRO A 279 -41.66 -7.90 0.63
N GLY A 280 -41.16 -7.54 -0.54
CA GLY A 280 -41.96 -7.60 -1.74
C GLY A 280 -41.17 -7.22 -2.96
N VAL A 281 -41.91 -7.03 -4.06
CA VAL A 281 -41.35 -6.64 -5.34
C VAL A 281 -41.99 -5.33 -5.74
N TYR A 282 -41.14 -4.36 -6.05
CA TYR A 282 -41.55 -2.99 -6.33
C TYR A 282 -41.17 -2.63 -7.77
N HIS A 283 -42.19 -2.63 -8.60
CA HIS A 283 -42.09 -2.31 -10.02
C HIS A 283 -42.20 -0.78 -10.11
N VAL A 284 -41.14 -0.12 -10.59
CA VAL A 284 -41.16 1.35 -10.67
C VAL A 284 -40.91 1.92 -12.08
N ASP A 285 -41.80 2.86 -12.43
CA ASP A 285 -41.86 3.42 -13.79
C ASP A 285 -40.96 4.63 -14.00
N GLN A 286 -40.40 5.16 -12.90
CA GLN A 286 -39.35 6.19 -12.91
C GLN A 286 -38.34 5.75 -11.87
N PRO A 287 -37.12 6.30 -11.91
CA PRO A 287 -36.19 5.96 -10.84
C PRO A 287 -36.63 6.45 -9.47
N ILE A 288 -36.17 5.70 -8.47
CA ILE A 288 -36.20 6.16 -7.10
C ILE A 288 -35.02 7.10 -6.97
N GLU A 289 -35.22 8.18 -6.23
CA GLU A 289 -34.24 9.22 -6.13
C GLU A 289 -34.09 9.56 -4.67
N ILE A 290 -32.86 9.44 -4.22
CA ILE A 290 -32.51 9.69 -2.83
C ILE A 290 -31.52 10.85 -2.91
N ASP A 291 -32.07 12.06 -2.89
CA ASP A 291 -31.28 13.29 -2.98
C ASP A 291 -31.42 14.10 -1.67
N ARG A 292 -31.26 13.40 -0.56
CA ARG A 292 -31.20 13.99 0.76
C ARG A 292 -30.05 13.34 1.48
N ALA A 293 -29.19 14.14 2.11
CA ALA A 293 -28.08 13.57 2.84
C ALA A 293 -28.59 12.72 4.01
N ASN A 294 -27.82 11.67 4.32
CA ASN A 294 -28.06 10.80 5.47
C ASN A 294 -29.30 9.89 5.43
N THR A 295 -29.93 9.82 4.27
CA THR A 295 -31.11 8.98 4.09
C THR A 295 -30.73 7.51 4.12
N VAL A 296 -31.44 6.75 4.95
CA VAL A 296 -31.32 5.33 5.03
C VAL A 296 -32.42 4.71 4.20
N ALA A 297 -32.02 3.77 3.34
CA ALA A 297 -32.95 3.00 2.52
C ALA A 297 -32.64 1.56 2.81
N LEU A 298 -33.45 0.97 3.68
CA LEU A 298 -33.19 -0.36 4.24
C LEU A 298 -34.25 -1.29 3.72
N GLY A 299 -33.82 -2.42 3.16
CA GLY A 299 -34.75 -3.43 2.69
C GLY A 299 -34.79 -4.58 3.67
N LEU A 300 -35.95 -5.24 3.74
CA LEU A 300 -36.16 -6.43 4.53
C LEU A 300 -36.56 -7.58 3.60
N GLY A 301 -36.15 -8.79 3.97
CA GLY A 301 -36.56 -10.00 3.27
C GLY A 301 -36.31 -9.96 1.78
N LEU A 302 -35.14 -9.43 1.40
CA LEU A 302 -34.73 -9.37 0.00
C LEU A 302 -35.72 -8.61 -0.89
N ALA A 303 -36.27 -7.54 -0.31
CA ALA A 303 -37.05 -6.57 -1.05
C ALA A 303 -36.36 -6.25 -2.37
N THR A 304 -37.17 -6.27 -3.42
CA THR A 304 -36.71 -6.23 -4.79
C THR A 304 -37.32 -5.08 -5.53
N ILE A 305 -36.50 -4.39 -6.32
CA ILE A 305 -36.96 -3.30 -7.17
C ILE A 305 -36.71 -3.65 -8.63
N ILE A 306 -37.77 -3.59 -9.44
CA ILE A 306 -37.66 -3.85 -10.89
C ILE A 306 -37.99 -2.57 -11.65
N PRO A 307 -37.04 -2.06 -12.46
CA PRO A 307 -37.37 -0.84 -13.21
C PRO A 307 -38.08 -1.16 -14.49
N ASP A 308 -39.31 -0.67 -14.60
CA ASP A 308 -40.05 -0.76 -15.86
C ASP A 308 -39.55 0.19 -16.92
N ASN A 309 -40.09 -0.01 -18.12
CA ASN A 309 -39.98 0.92 -19.24
C ASN A 309 -38.59 1.54 -19.37
N GLY A 310 -37.58 0.70 -19.20
CA GLY A 310 -36.19 1.06 -19.45
C GLY A 310 -35.52 2.06 -18.52
N VAL A 311 -36.18 2.41 -17.41
CA VAL A 311 -35.63 3.40 -16.51
C VAL A 311 -34.50 2.84 -15.58
N THR A 312 -33.72 3.75 -14.99
CA THR A 312 -32.84 3.39 -13.90
C THR A 312 -33.66 3.11 -12.61
N ALA A 313 -33.21 2.14 -11.82
CA ALA A 313 -33.93 1.77 -10.56
C ALA A 313 -33.69 2.70 -9.35
N LEU A 314 -32.42 3.04 -9.11
CA LEU A 314 -32.06 3.85 -7.96
C LEU A 314 -31.00 4.83 -8.41
N LYS A 315 -31.31 6.10 -8.26
CA LYS A 315 -30.30 7.16 -8.41
C LYS A 315 -30.04 7.77 -7.03
N VAL A 316 -28.79 7.81 -6.60
CA VAL A 316 -28.44 8.59 -5.43
C VAL A 316 -27.73 9.87 -5.87
N GLY A 317 -28.14 10.98 -5.30
CA GLY A 317 -27.53 12.26 -5.63
C GLY A 317 -26.15 12.47 -5.00
N ASP A 318 -25.63 13.67 -5.21
CA ASP A 318 -24.33 14.07 -4.71
C ASP A 318 -24.46 14.60 -3.30
N VAL A 319 -24.61 13.66 -2.37
CA VAL A 319 -24.86 13.98 -0.98
C VAL A 319 -24.14 13.00 -0.05
N ASP A 320 -23.77 13.50 1.14
CA ASP A 320 -23.17 12.66 2.19
C ASP A 320 -24.15 11.61 2.74
N GLY A 321 -23.59 10.50 3.22
CA GLY A 321 -24.22 9.72 4.28
C GLY A 321 -25.39 8.85 3.93
N VAL A 322 -25.69 8.68 2.65
CA VAL A 322 -26.82 7.81 2.29
C VAL A 322 -26.39 6.35 2.52
N LYS A 323 -27.30 5.55 3.08
CA LYS A 323 -26.98 4.18 3.45
C LYS A 323 -28.02 3.30 2.78
N VAL A 324 -27.64 2.69 1.66
CA VAL A 324 -28.53 1.78 0.91
C VAL A 324 -28.20 0.36 1.39
N ALA A 325 -29.22 -0.40 1.77
CA ALA A 325 -28.94 -1.71 2.40
C ALA A 325 -30.03 -2.74 2.12
N GLY A 326 -29.63 -3.94 1.71
CA GLY A 326 -30.54 -5.06 1.64
C GLY A 326 -31.60 -5.00 0.57
N LEU A 327 -31.17 -4.64 -0.64
CA LEU A 327 -32.06 -4.59 -1.80
C LEU A 327 -31.51 -5.41 -2.94
N LEU A 328 -32.42 -6.13 -3.61
CA LEU A 328 -32.15 -6.72 -4.91
C LEU A 328 -32.73 -5.81 -6.00
N VAL A 329 -31.94 -5.52 -7.01
CA VAL A 329 -32.42 -4.81 -8.19
C VAL A 329 -32.41 -5.81 -9.35
N ASP A 330 -33.60 -6.10 -9.87
CA ASP A 330 -33.83 -7.16 -10.86
C ASP A 330 -34.20 -6.49 -12.20
N ALA A 331 -33.37 -6.65 -13.23
CA ALA A 331 -33.58 -5.92 -14.46
C ALA A 331 -34.86 -6.34 -15.16
N GLY A 332 -35.48 -5.34 -15.81
CA GLY A 332 -36.65 -5.58 -16.63
C GLY A 332 -36.23 -5.97 -18.04
N PRO A 333 -37.15 -6.55 -18.80
CA PRO A 333 -36.85 -6.98 -20.16
C PRO A 333 -36.57 -5.81 -21.13
N VAL A 334 -36.96 -4.57 -20.77
CA VAL A 334 -36.55 -3.39 -21.56
C VAL A 334 -35.23 -2.82 -21.03
N ASN A 335 -34.19 -2.84 -21.87
CA ASN A 335 -32.85 -2.46 -21.45
C ASN A 335 -32.79 -1.12 -20.72
N SER A 336 -32.23 -1.11 -19.51
CA SER A 336 -31.90 0.14 -18.80
C SER A 336 -30.43 0.52 -19.05
N GLU A 337 -30.14 1.78 -19.35
CA GLU A 337 -28.73 2.19 -19.50
C GLU A 337 -27.94 1.92 -18.24
N THR A 338 -28.57 2.21 -17.12
CA THR A 338 -27.98 1.92 -15.81
C THR A 338 -29.09 1.40 -14.91
N LEU A 339 -28.71 0.57 -13.94
CA LEU A 339 -29.65 0.13 -12.91
C LEU A 339 -29.55 0.89 -11.57
N VAL A 340 -28.32 1.20 -11.14
CA VAL A 340 -28.06 1.91 -9.89
C VAL A 340 -26.98 2.92 -10.15
N GLU A 341 -27.25 4.17 -9.75
CA GLU A 341 -26.21 5.22 -9.78
C GLU A 341 -25.97 5.82 -8.42
N VAL A 342 -24.69 5.92 -8.05
CA VAL A 342 -24.30 6.64 -6.85
C VAL A 342 -23.63 7.91 -7.30
N GLY A 343 -24.37 9.01 -7.21
CA GLY A 343 -23.87 10.31 -7.59
C GLY A 343 -23.97 10.56 -9.06
N SER A 344 -23.60 11.77 -9.47
CA SER A 344 -23.79 12.22 -10.86
C SER A 344 -22.57 12.00 -11.74
N ASP A 345 -22.82 11.74 -13.03
CA ASP A 345 -21.76 11.66 -14.03
C ASP A 345 -21.07 13.04 -13.99
N GLY A 346 -19.79 13.03 -13.65
CA GLY A 346 -19.05 14.28 -13.49
C GLY A 346 -19.21 14.93 -12.12
N ALA A 347 -19.70 14.20 -11.11
CA ALA A 347 -19.82 14.80 -9.79
C ALA A 347 -18.49 14.73 -9.13
N SER A 348 -18.08 15.82 -8.50
CA SER A 348 -16.72 15.97 -8.02
C SER A 348 -16.62 16.30 -6.52
N GLY A 349 -17.75 16.19 -5.82
CA GLY A 349 -17.76 16.37 -4.37
C GLY A 349 -17.13 15.27 -3.53
N ASP A 350 -16.36 15.67 -2.52
CA ASP A 350 -15.81 14.64 -1.63
C ASP A 350 -16.80 14.39 -0.50
N HIS A 351 -16.74 13.18 0.07
CA HIS A 351 -17.62 12.79 1.14
C HIS A 351 -16.84 11.97 2.18
N ALA A 352 -15.69 12.47 2.62
CA ALA A 352 -14.76 11.63 3.39
C ALA A 352 -15.25 11.28 4.80
N ALA A 353 -15.65 12.29 5.57
CA ALA A 353 -16.05 12.05 6.95
C ALA A 353 -17.34 11.24 7.06
N ASN A 354 -18.18 11.34 6.03
CA ASN A 354 -19.52 10.75 6.07
C ASN A 354 -19.94 10.26 4.66
N PRO A 355 -19.39 9.12 4.22
CA PRO A 355 -19.64 8.65 2.86
C PRO A 355 -21.02 8.05 2.66
N THR A 356 -21.35 7.85 1.39
CA THR A 356 -22.50 7.05 1.01
C THR A 356 -22.03 5.60 0.89
N SER A 357 -22.90 4.65 1.25
CA SER A 357 -22.56 3.24 1.17
C SER A 357 -23.68 2.44 0.50
N LEU A 358 -23.27 1.40 -0.22
CA LEU A 358 -24.16 0.35 -0.67
C LEU A 358 -23.78 -0.92 0.10
N GLN A 359 -24.73 -1.54 0.79
CA GLN A 359 -24.46 -2.79 1.52
C GLN A 359 -25.51 -3.84 1.24
N ASP A 360 -25.07 -5.05 0.94
CA ASP A 360 -26.03 -6.11 0.57
C ASP A 360 -26.98 -5.59 -0.50
N VAL A 361 -26.37 -5.03 -1.54
CA VAL A 361 -27.07 -4.56 -2.70
C VAL A 361 -26.74 -5.57 -3.78
N PHE A 362 -27.78 -6.21 -4.30
CA PHE A 362 -27.59 -7.27 -5.27
C PHE A 362 -28.26 -6.80 -6.58
N VAL A 363 -27.68 -7.21 -7.69
CA VAL A 363 -28.26 -6.94 -9.01
C VAL A 363 -28.36 -8.26 -9.76
N ARG A 364 -29.50 -8.47 -10.44
CA ARG A 364 -29.70 -9.63 -11.31
C ARG A 364 -30.15 -9.13 -12.69
N ILE A 365 -29.57 -9.72 -13.74
CA ILE A 365 -30.01 -9.46 -15.12
C ILE A 365 -30.40 -10.79 -15.77
N GLY A 366 -31.71 -11.00 -15.91
CA GLY A 366 -32.26 -12.26 -16.40
C GLY A 366 -32.45 -13.28 -15.29
N GLY A 367 -32.97 -14.47 -15.64
CA GLY A 367 -33.10 -15.56 -14.67
C GLY A 367 -34.54 -15.78 -14.27
N ALA A 368 -35.19 -14.69 -13.90
CA ALA A 368 -36.64 -14.63 -13.64
C ALA A 368 -37.38 -14.03 -14.85
N GLY A 369 -36.94 -14.42 -16.05
CA GLY A 369 -37.46 -13.83 -17.28
C GLY A 369 -36.40 -12.98 -17.95
N PRO A 370 -36.62 -12.65 -19.24
CA PRO A 370 -35.64 -11.78 -19.90
C PRO A 370 -35.47 -10.43 -19.16
N GLY A 371 -34.21 -10.00 -19.07
CA GLY A 371 -33.87 -8.70 -18.54
C GLY A 371 -32.61 -8.23 -19.23
N LYS A 372 -32.36 -6.92 -19.24
CA LYS A 372 -31.24 -6.32 -19.94
C LYS A 372 -30.81 -5.00 -19.28
N ALA A 373 -29.50 -4.77 -19.20
CA ALA A 373 -29.02 -3.47 -18.73
C ALA A 373 -27.60 -3.25 -19.27
N THR A 374 -27.24 -2.01 -19.62
CA THR A 374 -25.91 -1.75 -20.19
C THR A 374 -24.75 -1.73 -19.15
N THR A 375 -24.85 -0.88 -18.12
CA THR A 375 -23.92 -0.90 -16.97
C THR A 375 -24.71 -0.91 -15.68
N SER A 376 -24.65 -2.00 -14.91
CA SER A 376 -25.51 -2.18 -13.76
C SER A 376 -25.38 -1.14 -12.62
N ILE A 377 -24.16 -0.99 -12.10
CA ILE A 377 -23.92 0.00 -11.06
C ILE A 377 -22.82 0.93 -11.49
N VAL A 378 -23.11 2.22 -11.44
CA VAL A 378 -22.10 3.21 -11.65
C VAL A 378 -21.90 3.97 -10.35
N VAL A 379 -20.65 4.03 -9.90
CA VAL A 379 -20.32 4.78 -8.69
C VAL A 379 -19.47 6.01 -9.06
N ASN A 380 -20.14 7.15 -9.05
CA ASN A 380 -19.51 8.40 -9.40
C ASN A 380 -19.07 9.16 -8.16
N SER A 381 -19.81 9.07 -7.06
CA SER A 381 -19.46 9.84 -5.85
C SER A 381 -18.14 9.40 -5.20
N ASN A 382 -17.27 10.37 -4.96
CA ASN A 382 -16.04 10.11 -4.24
C ASN A 382 -16.34 9.52 -2.85
N ASP A 383 -15.43 8.69 -2.38
CA ASP A 383 -15.40 8.14 -1.01
C ASP A 383 -16.50 7.11 -0.70
N THR A 384 -17.21 6.68 -1.73
CA THR A 384 -18.28 5.69 -1.57
C THR A 384 -17.72 4.35 -1.06
N ILE A 385 -18.50 3.69 -0.21
CA ILE A 385 -18.15 2.37 0.30
C ILE A 385 -19.13 1.37 -0.29
N ILE A 386 -18.61 0.32 -0.93
CA ILE A 386 -19.45 -0.76 -1.46
C ILE A 386 -19.05 -1.98 -0.63
N ASP A 387 -19.91 -2.33 0.34
CA ASP A 387 -19.57 -3.36 1.33
C ASP A 387 -20.58 -4.53 1.17
N HIS A 388 -20.16 -5.49 0.36
CA HIS A 388 -20.93 -6.63 -0.09
C HIS A 388 -21.92 -6.29 -1.20
N THR A 389 -21.54 -6.66 -2.42
CA THR A 389 -22.45 -6.61 -3.55
C THR A 389 -22.26 -7.88 -4.42
N TRP A 390 -23.37 -8.34 -5.02
CA TRP A 390 -23.32 -9.40 -6.04
C TRP A 390 -24.04 -8.83 -7.24
N VAL A 391 -23.30 -8.61 -8.31
CA VAL A 391 -23.84 -8.04 -9.54
C VAL A 391 -23.72 -9.18 -10.59
N TRP A 392 -24.86 -9.70 -11.00
CA TRP A 392 -24.94 -11.03 -11.65
C TRP A 392 -25.79 -11.02 -12.90
N ARG A 393 -25.16 -11.24 -14.04
CA ARG A 393 -25.91 -11.54 -15.24
C ARG A 393 -26.21 -13.05 -15.18
N ALA A 394 -27.48 -13.42 -15.27
CA ALA A 394 -27.89 -14.81 -15.07
C ALA A 394 -27.27 -15.80 -16.06
N ASP A 395 -26.86 -16.99 -15.55
CA ASP A 395 -26.44 -18.11 -16.41
C ASP A 395 -27.41 -19.28 -16.38
N HIS A 396 -28.58 -19.07 -15.76
CA HIS A 396 -29.74 -19.92 -15.96
C HIS A 396 -31.02 -19.27 -15.48
N GLY A 397 -32.13 -19.91 -15.82
CA GLY A 397 -33.46 -19.38 -15.62
C GLY A 397 -34.14 -18.88 -16.90
N GLU A 398 -35.40 -18.47 -16.79
CA GLU A 398 -36.08 -17.90 -17.94
C GLU A 398 -35.34 -16.62 -18.37
N GLY A 399 -35.32 -16.38 -19.68
CA GLY A 399 -34.78 -15.16 -20.22
C GLY A 399 -33.26 -15.06 -20.26
N VAL A 400 -32.57 -16.20 -20.39
CA VAL A 400 -31.10 -16.22 -20.53
C VAL A 400 -30.64 -16.48 -21.98
N GLY A 401 -29.80 -15.59 -22.49
CA GLY A 401 -29.18 -15.73 -23.79
C GLY A 401 -28.10 -14.69 -23.99
N TRP A 402 -27.09 -15.04 -24.78
CA TRP A 402 -26.00 -14.08 -25.08
C TRP A 402 -26.60 -12.74 -25.57
N GLU A 403 -27.66 -12.84 -26.37
CA GLU A 403 -28.49 -11.67 -26.71
C GLU A 403 -29.66 -11.47 -25.73
N THR A 404 -30.36 -12.55 -25.42
CA THR A 404 -31.55 -12.48 -24.55
C THR A 404 -31.31 -11.60 -23.33
N ASN A 405 -30.38 -11.97 -22.43
CA ASN A 405 -30.09 -11.13 -21.26
C ASN A 405 -28.70 -10.48 -21.34
N ARG A 406 -28.39 -9.95 -22.51
CA ARG A 406 -27.17 -9.20 -22.65
C ARG A 406 -27.04 -8.12 -21.58
N ALA A 407 -25.86 -8.05 -20.99
CA ALA A 407 -25.53 -6.99 -20.04
C ALA A 407 -24.06 -6.72 -20.22
N ASP A 408 -23.69 -5.58 -20.79
CA ASP A 408 -22.30 -5.40 -21.20
C ASP A 408 -21.36 -5.16 -20.01
N TYR A 409 -21.80 -4.37 -19.05
CA TYR A 409 -20.92 -3.89 -17.98
C TYR A 409 -21.54 -4.08 -16.59
N GLY A 410 -20.72 -4.57 -15.67
CA GLY A 410 -21.21 -4.85 -14.33
C GLY A 410 -21.18 -3.62 -13.46
N VAL A 411 -19.96 -3.27 -13.04
CA VAL A 411 -19.72 -2.15 -12.15
C VAL A 411 -18.70 -1.26 -12.80
N HIS A 412 -18.97 0.04 -12.76
CA HIS A 412 -18.08 1.06 -13.29
C HIS A 412 -17.81 2.09 -12.19
N VAL A 413 -16.60 2.11 -11.67
CA VAL A 413 -16.28 3.03 -10.58
C VAL A 413 -15.53 4.22 -11.13
N LYS A 414 -16.18 5.38 -11.09
CA LYS A 414 -15.55 6.58 -11.59
C LYS A 414 -15.17 7.59 -10.49
N GLY A 415 -15.76 7.47 -9.31
CA GLY A 415 -15.39 8.34 -8.19
C GLY A 415 -14.00 8.02 -7.66
N ASP A 416 -13.45 8.93 -6.84
CA ASP A 416 -12.15 8.77 -6.24
C ASP A 416 -12.25 8.27 -4.79
N ASN A 417 -11.25 7.54 -4.33
CA ASN A 417 -11.18 7.11 -2.93
C ASN A 417 -12.31 6.13 -2.58
N VAL A 418 -12.77 5.39 -3.60
CA VAL A 418 -13.84 4.39 -3.42
C VAL A 418 -13.27 3.06 -2.90
N LEU A 419 -13.96 2.46 -1.94
CA LEU A 419 -13.53 1.21 -1.33
C LEU A 419 -14.58 0.18 -1.62
N ALA A 420 -14.18 -0.97 -2.16
CA ALA A 420 -15.06 -2.14 -2.26
C ALA A 420 -14.54 -3.24 -1.33
N THR A 421 -15.41 -3.72 -0.46
CA THR A 421 -15.11 -4.84 0.44
C THR A 421 -16.13 -5.95 0.19
N GLY A 422 -15.68 -7.05 -0.36
CA GLY A 422 -16.57 -8.15 -0.70
C GLY A 422 -17.30 -7.89 -2.01
N LEU A 423 -16.54 -7.88 -3.10
CA LEU A 423 -17.08 -7.53 -4.43
C LEU A 423 -17.23 -8.80 -5.29
N PHE A 424 -18.46 -9.12 -5.66
CA PHE A 424 -18.75 -10.33 -6.43
C PHE A 424 -19.48 -9.88 -7.74
N VAL A 425 -18.87 -10.06 -8.90
CA VAL A 425 -19.47 -9.59 -10.16
C VAL A 425 -19.22 -10.64 -11.24
N GLU A 426 -20.28 -11.10 -11.90
CA GLU A 426 -20.18 -12.25 -12.79
C GLU A 426 -20.99 -12.15 -14.06
N HIS A 427 -20.35 -12.58 -15.15
CA HIS A 427 -21.00 -13.06 -16.39
C HIS A 427 -21.29 -11.98 -17.46
N PHE A 428 -20.75 -10.77 -17.29
CA PHE A 428 -21.04 -9.69 -18.22
C PHE A 428 -20.45 -9.90 -19.63
N ASN A 429 -21.16 -9.36 -20.63
CA ASN A 429 -20.75 -9.53 -22.03
C ASN A 429 -19.43 -8.84 -22.35
N LYS A 430 -19.11 -7.80 -21.59
CA LYS A 430 -17.84 -7.12 -21.69
C LYS A 430 -17.17 -6.99 -20.31
N TYR A 431 -16.69 -5.82 -19.90
CA TYR A 431 -15.95 -5.76 -18.65
C TYR A 431 -16.86 -5.89 -17.42
N ASP A 432 -16.62 -6.90 -16.59
CA ASP A 432 -17.43 -7.08 -15.40
C ASP A 432 -17.25 -5.86 -14.49
N VAL A 433 -15.98 -5.51 -14.25
CA VAL A 433 -15.66 -4.35 -13.44
C VAL A 433 -14.66 -3.48 -14.15
N GLN A 434 -14.94 -2.18 -14.19
CA GLN A 434 -14.02 -1.18 -14.73
C GLN A 434 -13.85 -0.07 -13.69
N TRP A 435 -12.58 0.30 -13.44
CA TRP A 435 -12.26 1.29 -12.43
C TRP A 435 -11.46 2.40 -13.09
N SER A 436 -12.11 3.56 -13.18
CA SER A 436 -11.54 4.77 -13.77
C SER A 436 -11.15 5.85 -12.74
N GLY A 437 -11.72 5.82 -11.54
CA GLY A 437 -11.37 6.79 -10.52
C GLY A 437 -10.01 6.56 -9.89
N GLU A 438 -9.49 7.60 -9.22
CA GLU A 438 -8.21 7.47 -8.54
C GLU A 438 -8.34 6.88 -7.12
N ASN A 439 -7.24 6.30 -6.65
CA ASN A 439 -7.16 5.78 -5.30
C ASN A 439 -8.38 4.96 -5.00
N GLY A 440 -8.51 3.85 -5.69
CA GLY A 440 -9.54 2.89 -5.39
C GLY A 440 -8.87 1.73 -4.69
N LYS A 441 -9.67 1.05 -3.87
CA LYS A 441 -9.23 -0.13 -3.18
C LYS A 441 -10.32 -1.18 -3.21
N THR A 442 -9.92 -2.40 -3.55
CA THR A 442 -10.81 -3.58 -3.50
C THR A 442 -10.18 -4.64 -2.60
N ILE A 443 -10.94 -5.05 -1.60
CA ILE A 443 -10.55 -6.16 -0.70
C ILE A 443 -11.58 -7.28 -0.93
N PHE A 444 -11.08 -8.33 -1.59
CA PHE A 444 -11.83 -9.49 -2.06
C PHE A 444 -12.65 -9.23 -3.31
N TYR A 445 -12.31 -9.98 -4.36
CA TYR A 445 -13.07 -9.99 -5.61
C TYR A 445 -13.29 -11.42 -6.07
N GLN A 446 -14.53 -11.70 -6.48
CA GLN A 446 -14.86 -12.98 -7.09
C GLN A 446 -15.62 -12.71 -8.38
N ASN A 447 -15.13 -13.30 -9.46
CA ASN A 447 -15.71 -13.16 -10.79
C ASN A 447 -15.79 -14.50 -11.48
N ALA A 448 -16.81 -14.65 -12.33
CA ALA A 448 -16.87 -15.71 -13.34
C ALA A 448 -17.14 -15.01 -14.67
N LYS A 449 -16.49 -15.45 -15.73
CA LYS A 449 -16.71 -14.89 -17.06
C LYS A 449 -17.93 -15.58 -17.70
N ALA A 450 -18.61 -14.86 -18.58
CA ALA A 450 -19.80 -15.36 -19.26
C ALA A 450 -19.54 -16.71 -19.91
N TYR A 451 -20.41 -17.66 -19.62
CA TYR A 451 -20.28 -19.06 -20.10
C TYR A 451 -20.65 -19.16 -21.56
N ASP A 452 -21.42 -18.17 -22.02
CA ASP A 452 -22.14 -18.26 -23.27
C ASP A 452 -21.66 -17.43 -24.48
N ALA A 453 -20.50 -16.76 -24.37
CA ALA A 453 -19.83 -16.18 -25.52
C ALA A 453 -19.85 -17.18 -26.66
N PRO A 454 -20.36 -16.79 -27.84
CA PRO A 454 -20.48 -17.89 -28.82
C PRO A 454 -19.16 -18.32 -29.46
N ASP A 455 -18.26 -17.38 -29.61
CA ASP A 455 -16.97 -17.63 -30.26
C ASP A 455 -15.97 -16.53 -29.94
N GLN A 456 -14.72 -16.73 -30.38
CA GLN A 456 -13.66 -15.76 -30.10
C GLN A 456 -14.01 -14.36 -30.62
N ALA A 457 -14.67 -14.31 -31.78
CA ALA A 457 -15.02 -13.01 -32.36
C ALA A 457 -15.90 -12.18 -31.40
N ALA A 458 -16.93 -12.80 -30.83
CA ALA A 458 -17.91 -12.11 -29.98
C ALA A 458 -17.38 -11.47 -28.67
N ILE A 459 -16.13 -11.74 -28.31
CA ILE A 459 -15.49 -11.11 -27.14
C ILE A 459 -14.15 -10.44 -27.46
N GLN A 460 -13.91 -10.15 -28.74
CA GLN A 460 -12.69 -9.44 -29.14
C GLN A 460 -12.77 -8.02 -28.57
N ASN A 461 -11.65 -7.56 -28.00
CA ASN A 461 -11.58 -6.29 -27.27
C ASN A 461 -10.41 -5.48 -27.87
N GLY A 462 -10.69 -4.84 -29.02
CA GLY A 462 -9.64 -4.30 -29.86
C GLY A 462 -8.59 -5.38 -30.15
N ASP A 463 -7.36 -5.15 -29.67
CA ASP A 463 -6.26 -6.12 -29.80
C ASP A 463 -6.26 -7.30 -28.78
N ILE A 464 -7.34 -7.43 -28.00
CA ILE A 464 -7.35 -8.33 -26.82
C ILE A 464 -8.45 -9.41 -26.98
N LYS A 465 -8.09 -10.67 -26.74
CA LYS A 465 -9.08 -11.75 -26.68
C LYS A 465 -9.83 -11.62 -25.34
N GLY A 466 -11.12 -11.30 -25.40
CA GLY A 466 -11.91 -11.15 -24.20
C GLY A 466 -11.73 -9.85 -23.48
N TYR A 467 -12.65 -9.58 -22.55
CA TYR A 467 -12.62 -8.39 -21.69
C TYR A 467 -12.22 -8.79 -20.29
N ALA A 468 -11.31 -8.03 -19.68
CA ALA A 468 -10.92 -8.31 -18.30
C ALA A 468 -12.14 -8.36 -17.39
N ALA A 469 -12.05 -9.24 -16.39
CA ALA A 469 -13.03 -9.24 -15.31
C ALA A 469 -12.89 -7.99 -14.44
N TYR A 470 -11.70 -7.39 -14.46
CA TYR A 470 -11.43 -6.23 -13.60
C TYR A 470 -10.39 -5.38 -14.30
N LYS A 471 -10.85 -4.23 -14.83
CA LYS A 471 -10.03 -3.31 -15.60
C LYS A 471 -9.83 -1.98 -14.93
N VAL A 472 -8.57 -1.69 -14.64
CA VAL A 472 -8.13 -0.35 -14.26
C VAL A 472 -7.58 0.42 -15.47
N ASP A 473 -8.25 1.53 -15.77
CA ASP A 473 -7.96 2.43 -16.89
C ASP A 473 -6.49 2.81 -16.77
N ASP A 474 -5.85 3.01 -17.91
CA ASP A 474 -4.42 3.28 -17.88
C ASP A 474 -4.08 4.73 -17.53
N SER A 475 -5.10 5.56 -17.37
CA SER A 475 -4.92 6.93 -16.91
C SER A 475 -4.74 7.01 -15.38
N VAL A 476 -5.09 5.94 -14.68
CA VAL A 476 -5.12 5.92 -13.22
C VAL A 476 -3.72 5.78 -12.64
N THR A 477 -3.39 6.57 -11.62
CA THR A 477 -2.04 6.47 -11.06
C THR A 477 -1.98 5.77 -9.68
N THR A 478 -3.12 5.61 -9.01
CA THR A 478 -3.12 4.85 -7.74
C THR A 478 -4.32 3.91 -7.66
N HIS A 479 -4.06 2.67 -7.28
CA HIS A 479 -5.09 1.64 -7.11
C HIS A 479 -4.49 0.48 -6.36
N GLU A 480 -5.29 -0.22 -5.57
CA GLU A 480 -4.83 -1.44 -4.91
C GLU A 480 -5.97 -2.45 -4.75
N GLY A 481 -5.67 -3.69 -5.07
CA GLY A 481 -6.57 -4.80 -4.86
C GLY A 481 -5.88 -5.97 -4.14
N TRP A 482 -6.64 -6.64 -3.28
CA TRP A 482 -6.17 -7.80 -2.55
C TRP A 482 -7.17 -8.96 -2.67
N GLY A 483 -6.66 -10.14 -2.99
CA GLY A 483 -7.45 -11.36 -2.90
C GLY A 483 -8.54 -11.47 -3.94
N MET A 484 -8.11 -11.63 -5.20
CA MET A 484 -9.00 -11.46 -6.33
C MET A 484 -8.93 -12.64 -7.24
N GLY A 485 -10.09 -13.15 -7.63
CA GLY A 485 -10.11 -14.31 -8.52
C GLY A 485 -11.14 -14.22 -9.64
N SER A 486 -10.78 -14.76 -10.80
CA SER A 486 -11.71 -14.89 -11.91
C SER A 486 -11.67 -16.30 -12.45
N TYR A 487 -12.84 -16.87 -12.68
CA TYR A 487 -12.92 -18.20 -13.25
C TYR A 487 -13.67 -18.18 -14.57
N CYS A 488 -13.31 -19.11 -15.44
CA CYS A 488 -14.05 -19.28 -16.70
C CYS A 488 -14.64 -20.68 -16.82
N TYR A 489 -15.69 -20.74 -17.61
CA TYR A 489 -16.35 -22.01 -17.98
C TYR A 489 -17.10 -21.77 -19.27
N PHE A 490 -16.31 -21.61 -20.33
CA PHE A 490 -16.84 -21.34 -21.64
C PHE A 490 -17.46 -22.58 -22.26
N ASN A 491 -18.66 -22.93 -21.81
CA ASN A 491 -19.18 -24.21 -22.20
C ASN A 491 -19.91 -24.23 -23.53
N VAL A 492 -20.33 -23.06 -24.02
CA VAL A 492 -20.82 -22.94 -25.38
C VAL A 492 -19.70 -23.22 -26.37
N ASN A 493 -18.51 -22.67 -26.09
CA ASN A 493 -17.38 -22.84 -27.00
C ASN A 493 -16.08 -22.95 -26.22
N PRO A 494 -15.70 -24.19 -25.86
CA PRO A 494 -14.60 -24.28 -24.91
C PRO A 494 -13.20 -24.21 -25.54
N ASP A 495 -13.13 -23.85 -26.83
CA ASP A 495 -11.85 -23.50 -27.43
C ASP A 495 -11.53 -21.98 -27.36
N ILE A 496 -12.46 -21.21 -26.79
CA ILE A 496 -12.18 -19.78 -26.54
C ILE A 496 -11.00 -19.60 -25.61
N ARG A 497 -10.28 -18.49 -25.80
CA ARG A 497 -9.24 -18.04 -24.91
C ARG A 497 -9.59 -16.66 -24.36
N GLN A 498 -9.33 -16.50 -23.06
CA GLN A 498 -9.50 -15.23 -22.35
C GLN A 498 -8.09 -14.70 -22.05
N GLN A 499 -7.73 -13.53 -22.58
CA GLN A 499 -6.35 -13.03 -22.41
C GLN A 499 -5.96 -13.02 -20.93
N HIS A 500 -6.83 -12.49 -20.08
CA HIS A 500 -6.48 -12.29 -18.67
C HIS A 500 -7.74 -12.06 -17.80
N GLY A 501 -7.61 -12.26 -16.49
CA GLY A 501 -8.66 -11.90 -15.55
C GLY A 501 -8.61 -10.41 -15.25
N PHE A 502 -7.38 -9.86 -15.31
CA PHE A 502 -7.11 -8.53 -14.83
C PHE A 502 -6.33 -7.72 -15.86
N GLN A 503 -6.57 -6.41 -15.87
CA GLN A 503 -5.79 -5.50 -16.70
C GLN A 503 -5.64 -4.15 -16.01
N ALA A 504 -4.43 -3.62 -16.06
CA ALA A 504 -4.10 -2.45 -15.33
C ALA A 504 -2.80 -1.85 -15.83
N PRO A 505 -2.72 -0.51 -15.91
CA PRO A 505 -1.43 0.07 -16.31
C PRO A 505 -0.30 -0.34 -15.37
N VAL A 506 0.92 -0.24 -15.88
CA VAL A 506 2.08 -0.60 -15.13
C VAL A 506 2.66 0.68 -14.52
N LYS A 507 2.32 0.89 -13.25
CA LYS A 507 2.63 2.14 -12.53
C LYS A 507 2.95 1.79 -11.06
N PRO A 508 3.90 2.49 -10.44
CA PRO A 508 4.24 1.99 -9.08
C PRO A 508 3.14 2.16 -8.00
N GLY A 509 2.18 3.03 -8.23
CA GLY A 509 1.10 3.25 -7.30
C GLY A 509 -0.09 2.35 -7.59
N VAL A 510 0.00 1.56 -8.66
CA VAL A 510 -1.04 0.56 -9.04
C VAL A 510 -0.57 -0.83 -8.65
N LYS A 511 -1.18 -1.35 -7.59
CA LYS A 511 -0.69 -2.56 -6.96
C LYS A 511 -1.75 -3.61 -6.82
N PHE A 512 -1.32 -4.86 -6.91
CA PHE A 512 -2.19 -6.01 -6.73
C PHE A 512 -1.48 -7.06 -5.91
N HIS A 513 -2.26 -7.67 -5.03
CA HIS A 513 -1.81 -8.78 -4.20
C HIS A 513 -2.77 -9.93 -4.29
N ASP A 514 -2.23 -11.12 -4.51
CA ASP A 514 -2.99 -12.38 -4.46
C ASP A 514 -4.12 -12.40 -5.47
N LEU A 515 -3.72 -12.47 -6.76
CA LEU A 515 -4.63 -12.68 -7.89
C LEU A 515 -4.59 -14.12 -8.37
N LEU A 516 -5.73 -14.60 -8.86
CA LEU A 516 -5.75 -15.87 -9.56
C LEU A 516 -6.80 -15.91 -10.66
N VAL A 517 -6.55 -16.78 -11.64
CA VAL A 517 -7.55 -17.18 -12.61
C VAL A 517 -7.66 -18.72 -12.65
N VAL A 518 -8.85 -19.23 -12.98
CA VAL A 518 -9.10 -20.66 -12.93
C VAL A 518 -10.06 -21.04 -14.04
N SER A 519 -9.74 -22.05 -14.82
CA SER A 519 -10.68 -22.63 -15.76
C SER A 519 -11.38 -23.87 -15.17
N LEU A 520 -12.70 -23.88 -15.18
CA LEU A 520 -13.42 -25.06 -14.72
C LEU A 520 -13.48 -26.16 -15.79
N GLY A 521 -12.80 -27.26 -15.49
CA GLY A 521 -12.84 -28.43 -16.35
C GLY A 521 -12.34 -28.19 -17.78
N GLY A 522 -11.49 -27.18 -17.96
CA GLY A 522 -10.89 -26.90 -19.26
C GLY A 522 -11.84 -26.31 -20.29
N LYS A 523 -12.97 -25.80 -19.81
CA LYS A 523 -13.89 -25.08 -20.68
C LYS A 523 -13.33 -23.69 -20.94
N GLY A 524 -12.59 -23.58 -22.04
CA GLY A 524 -11.80 -22.40 -22.32
C GLY A 524 -10.58 -22.34 -21.42
N GLN A 525 -9.68 -21.41 -21.73
CA GLN A 525 -8.49 -21.21 -20.88
C GLN A 525 -8.15 -19.74 -20.81
N TYR A 526 -7.52 -19.33 -19.71
CA TYR A 526 -6.86 -18.02 -19.60
C TYR A 526 -5.47 -18.06 -20.21
N GLU A 527 -5.10 -17.03 -20.97
CA GLU A 527 -3.70 -16.88 -21.44
C GLU A 527 -2.73 -16.41 -20.36
N HIS A 528 -3.24 -15.56 -19.48
CA HIS A 528 -2.45 -14.96 -18.40
C HIS A 528 -3.36 -14.61 -17.23
N VAL A 529 -2.76 -14.20 -16.12
CA VAL A 529 -3.52 -13.73 -14.97
C VAL A 529 -3.82 -12.24 -15.11
N ILE A 530 -2.79 -11.45 -15.37
CA ILE A 530 -2.92 -9.99 -15.41
C ILE A 530 -2.10 -9.39 -16.58
N ASN A 531 -2.73 -8.54 -17.38
CA ASN A 531 -2.09 -7.98 -18.59
C ASN A 531 -1.54 -9.09 -19.53
N ASP A 532 -0.20 -9.28 -19.54
CA ASP A 532 0.46 -10.49 -20.11
C ASP A 532 1.43 -11.21 -19.15
N ILE A 533 1.02 -11.25 -17.88
CA ILE A 533 1.84 -11.77 -16.77
C ILE A 533 1.15 -12.95 -16.01
N GLY A 534 1.94 -13.92 -15.57
CA GLY A 534 1.43 -15.10 -14.88
C GLY A 534 1.12 -16.28 -15.81
N ASP A 535 1.13 -17.49 -15.27
CA ASP A 535 0.95 -18.72 -16.04
C ASP A 535 -0.40 -18.71 -16.79
N PRO A 536 -0.46 -19.21 -18.05
CA PRO A 536 -1.81 -19.54 -18.55
C PRO A 536 -2.41 -20.67 -17.74
N THR A 537 -3.72 -20.82 -17.75
CA THR A 537 -4.29 -22.06 -17.30
C THR A 537 -4.17 -23.11 -18.42
N SER A 538 -4.10 -24.37 -18.03
CA SER A 538 -4.08 -25.45 -19.01
C SER A 538 -4.48 -26.73 -18.29
N GLY A 539 -4.67 -27.80 -19.05
CA GLY A 539 -5.25 -29.00 -18.49
C GLY A 539 -6.74 -28.82 -18.27
N ASP A 540 -7.35 -29.85 -17.65
CA ASP A 540 -8.77 -29.83 -17.33
C ASP A 540 -8.94 -30.10 -15.83
N THR A 541 -7.92 -29.81 -15.05
CA THR A 541 -7.86 -30.21 -13.64
C THR A 541 -8.11 -29.02 -12.68
N THR A 542 -8.62 -27.91 -13.22
CA THR A 542 -9.06 -26.77 -12.39
C THR A 542 -8.02 -26.31 -11.35
N ILE A 543 -6.74 -26.35 -11.75
CA ILE A 543 -5.69 -25.76 -10.93
C ILE A 543 -5.61 -24.25 -11.16
N PRO A 544 -5.80 -23.45 -10.08
CA PRO A 544 -5.63 -21.99 -10.11
C PRO A 544 -4.26 -21.64 -10.69
N SER A 545 -4.17 -20.61 -11.53
CA SER A 545 -2.89 -19.99 -11.88
C SER A 545 -2.86 -18.66 -11.17
N GLN A 546 -1.69 -18.24 -10.66
CA GLN A 546 -1.70 -16.96 -9.94
C GLN A 546 -0.46 -16.14 -9.86
N VAL A 547 -0.69 -14.98 -9.27
CA VAL A 547 0.32 -13.95 -9.05
C VAL A 547 0.23 -13.46 -7.61
N VAL A 548 1.34 -13.58 -6.89
CA VAL A 548 1.38 -13.15 -5.48
C VAL A 548 1.35 -11.63 -5.40
N SER A 549 2.15 -10.99 -6.25
CA SER A 549 2.36 -9.55 -6.19
C SER A 549 2.48 -8.97 -7.61
N PHE A 550 1.84 -7.83 -7.82
CA PHE A 550 1.94 -7.11 -9.06
C PHE A 550 2.19 -5.66 -8.68
N PRO A 551 3.14 -4.99 -9.35
CA PRO A 551 3.99 -5.31 -10.50
C PRO A 551 5.40 -5.71 -10.08
N ALA B 1 -4.19 36.19 0.13
CA ALA B 1 -2.91 35.64 0.55
C ALA B 1 -3.43 34.88 1.72
N GLN B 2 -2.83 33.77 2.07
CA GLN B 2 -3.56 32.97 2.98
C GLN B 2 -2.76 31.94 3.62
N GLU B 3 -2.58 32.12 4.92
CA GLU B 3 -1.43 31.57 5.58
C GLU B 3 -1.55 30.04 5.49
N VAL B 4 -0.41 29.41 5.31
CA VAL B 4 -0.36 28.00 5.55
C VAL B 4 -0.34 27.89 7.05
N VAL B 5 -0.98 26.86 7.58
CA VAL B 5 -1.09 26.69 9.01
C VAL B 5 -0.15 25.56 9.44
N GLY B 6 0.69 25.85 10.44
CA GLY B 6 1.70 24.92 10.88
C GLY B 6 1.20 23.98 11.96
N GLY B 7 1.94 22.90 12.16
CA GLY B 7 1.59 21.87 13.11
C GLY B 7 0.46 20.99 12.60
N GLY B 8 -0.16 20.25 13.52
CA GLY B 8 -1.21 19.28 13.18
C GLY B 8 -0.70 17.83 13.30
N ASP B 9 -1.61 16.88 13.13
CA ASP B 9 -1.31 15.47 13.30
C ASP B 9 -0.33 15.08 12.22
N LEU B 10 0.31 13.93 12.38
CA LEU B 10 1.33 13.46 11.43
C LEU B 10 0.88 12.62 10.22
N GLY B 11 -0.43 12.32 10.16
CA GLY B 11 -1.01 11.55 9.07
C GLY B 11 -0.95 10.05 9.29
N PRO B 12 -1.51 9.25 8.35
CA PRO B 12 -1.73 7.85 8.73
C PRO B 12 -0.48 6.95 8.60
N ASN B 13 0.56 7.51 7.98
CA ASN B 13 1.74 6.70 7.65
C ASN B 13 2.92 6.93 8.59
N VAL B 14 2.63 7.69 9.66
CA VAL B 14 3.50 7.77 10.82
C VAL B 14 2.80 7.03 11.96
N LEU B 15 3.31 5.86 12.31
CA LEU B 15 2.75 5.12 13.41
C LEU B 15 3.58 5.53 14.63
N VAL B 16 2.88 5.95 15.68
CA VAL B 16 3.54 6.30 16.92
C VAL B 16 3.19 5.28 17.99
N PHE B 17 4.21 4.60 18.49
CA PHE B 17 4.03 3.50 19.45
C PHE B 17 4.32 4.02 20.84
N ASP B 18 3.97 3.22 21.86
CA ASP B 18 4.58 3.34 23.18
C ASP B 18 4.66 1.94 23.80
N PRO B 19 5.29 1.80 24.99
CA PRO B 19 5.39 0.43 25.51
C PRO B 19 4.05 -0.19 25.87
N SER B 20 2.99 0.62 25.97
CA SER B 20 1.65 0.10 26.23
C SER B 20 0.71 -0.08 25.01
N THR B 21 1.29 -0.22 23.81
CA THR B 21 0.54 -0.59 22.62
C THR B 21 0.45 -2.09 22.50
N PRO B 22 -0.74 -2.69 22.71
CA PRO B 22 -0.76 -4.14 22.50
C PRO B 22 -0.21 -4.39 21.10
N ASP B 23 0.41 -5.55 20.91
CA ASP B 23 0.91 -6.00 19.62
C ASP B 23 1.60 -4.89 18.80
N ILE B 24 2.42 -4.08 19.47
CA ILE B 24 3.52 -3.38 18.81
C ILE B 24 4.17 -4.29 17.78
N GLN B 25 4.55 -5.48 18.22
CA GLN B 25 5.21 -6.48 17.35
C GLN B 25 4.40 -6.75 16.09
N GLY B 26 3.11 -7.03 16.28
CA GLY B 26 2.30 -7.43 15.15
C GLY B 26 2.05 -6.25 14.22
N LYS B 27 1.97 -5.05 14.80
CA LYS B 27 1.79 -3.85 14.02
C LYS B 27 3.04 -3.63 13.17
N VAL B 28 4.22 -3.79 13.78
CA VAL B 28 5.45 -3.71 12.98
C VAL B 28 5.49 -4.78 11.92
N ASP B 29 5.04 -6.00 12.26
CA ASP B 29 5.04 -7.09 11.27
C ASP B 29 4.21 -6.70 10.04
N GLU B 30 3.03 -6.10 10.27
CA GLU B 30 2.10 -5.78 9.14
C GLU B 30 2.84 -4.88 8.16
N VAL B 31 3.63 -3.95 8.67
CA VAL B 31 4.39 -3.05 7.79
C VAL B 31 5.48 -3.83 7.06
N PHE B 32 6.23 -4.67 7.78
CA PHE B 32 7.25 -5.47 7.09
C PHE B 32 6.62 -6.41 6.08
N ARG B 33 5.42 -6.91 6.43
CA ARG B 33 4.68 -7.84 5.57
C ARG B 33 3.85 -7.08 4.52
N LYS B 34 4.25 -5.84 4.24
CA LYS B 34 4.02 -5.22 2.93
C LYS B 34 5.33 -4.74 2.29
N GLN B 35 6.21 -4.19 3.10
CA GLN B 35 7.37 -3.50 2.54
C GLN B 35 8.60 -4.34 2.20
N GLU B 36 8.69 -5.54 2.77
CA GLU B 36 9.90 -6.36 2.63
C GLU B 36 10.47 -6.46 1.20
N SER B 37 9.64 -6.77 0.20
CA SER B 37 10.12 -6.77 -1.21
C SER B 37 9.45 -5.71 -2.10
N ASN B 38 8.88 -4.67 -1.46
CA ASN B 38 8.14 -3.58 -2.14
C ASN B 38 9.14 -2.53 -2.63
N GLN B 39 10.00 -2.96 -3.55
CA GLN B 39 11.19 -2.19 -3.88
C GLN B 39 10.89 -0.90 -4.62
N PHE B 40 9.85 -0.90 -5.44
CA PHE B 40 9.53 0.26 -6.27
C PHE B 40 8.13 0.84 -6.07
N GLY B 41 7.38 0.28 -5.13
CA GLY B 41 6.07 0.82 -4.87
C GLY B 41 6.03 2.18 -4.20
N THR B 42 4.80 2.67 -3.99
CA THR B 42 4.58 4.05 -3.53
C THR B 42 4.34 4.11 -2.05
N ASP B 43 4.35 2.95 -1.38
CA ASP B 43 4.16 2.89 0.06
C ASP B 43 5.36 3.41 0.84
N ARG B 44 5.06 4.12 1.92
CA ARG B 44 6.04 4.85 2.70
C ARG B 44 5.62 4.80 4.17
N TYR B 45 6.54 4.49 5.07
CA TYR B 45 6.20 4.34 6.49
C TYR B 45 7.25 4.88 7.45
N ALA B 46 6.81 5.57 8.49
CA ALA B 46 7.68 5.95 9.61
C ALA B 46 7.17 5.31 10.87
N LEU B 47 8.05 4.62 11.57
CA LEU B 47 7.74 3.96 12.82
C LEU B 47 8.42 4.81 13.88
N MET B 48 7.65 5.37 14.81
CA MET B 48 8.28 6.12 15.88
C MET B 48 7.87 5.73 17.26
N PHE B 49 8.90 5.70 18.11
CA PHE B 49 8.83 5.10 19.43
C PHE B 49 9.06 6.15 20.48
N LYS B 50 8.04 6.35 21.30
CA LYS B 50 8.15 7.27 22.42
C LYS B 50 9.16 6.69 23.41
N PRO B 51 9.84 7.56 24.17
CA PRO B 51 10.79 7.04 25.15
C PRO B 51 10.17 6.06 26.13
N GLY B 52 11.01 5.14 26.58
CA GLY B 52 10.59 4.02 27.41
C GLY B 52 11.43 2.84 27.00
N THR B 53 11.07 1.68 27.53
CA THR B 53 11.77 0.43 27.30
C THR B 53 10.77 -0.52 26.66
N TYR B 54 11.18 -1.08 25.54
CA TYR B 54 10.40 -2.09 24.84
C TYR B 54 11.14 -3.37 24.98
N ASN B 55 10.40 -4.43 25.34
CA ASN B 55 10.96 -5.76 25.36
C ASN B 55 10.31 -6.62 24.30
N ASP B 56 11.00 -7.72 23.95
CA ASP B 56 10.51 -8.75 23.05
C ASP B 56 10.02 -8.18 21.73
N ILE B 57 10.82 -7.26 21.22
CA ILE B 57 10.58 -6.61 19.95
C ILE B 57 11.73 -6.85 19.00
N ASN B 58 11.38 -7.32 17.81
CA ASN B 58 12.26 -7.33 16.68
C ASN B 58 11.54 -6.56 15.58
N ALA B 59 12.02 -5.35 15.33
CA ALA B 59 11.42 -4.52 14.29
C ALA B 59 12.18 -4.79 13.01
N GLN B 60 11.55 -5.54 12.10
CA GLN B 60 12.19 -5.91 10.83
C GLN B 60 11.86 -4.80 9.86
N ILE B 61 12.90 -4.28 9.21
CA ILE B 61 12.80 -3.04 8.43
C ILE B 61 12.88 -3.36 6.93
N GLY B 62 11.80 -3.12 6.22
CA GLY B 62 11.75 -3.33 4.76
C GLY B 62 12.02 -2.05 3.99
N PHE B 63 11.66 -2.03 2.71
CA PHE B 63 11.82 -0.85 1.90
C PHE B 63 10.99 0.30 2.46
N TYR B 64 11.51 1.52 2.25
CA TYR B 64 10.80 2.75 2.54
C TYR B 64 10.21 2.78 3.94
N THR B 65 10.98 2.28 4.88
CA THR B 65 10.60 2.24 6.28
C THR B 65 11.70 2.90 7.11
N SER B 66 11.29 3.91 7.88
CA SER B 66 12.19 4.54 8.85
C SER B 66 11.73 4.14 10.25
N ILE B 67 12.69 3.91 11.12
CA ILE B 67 12.36 3.57 12.51
C ILE B 67 13.20 4.53 13.36
N ALA B 68 12.58 5.12 14.38
CA ALA B 68 13.32 5.99 15.24
C ALA B 68 12.71 6.15 16.62
N GLY B 69 13.57 6.53 17.54
CA GLY B 69 13.16 6.97 18.86
C GLY B 69 12.85 8.47 18.90
N LEU B 70 12.10 8.85 19.93
CA LEU B 70 11.64 10.20 20.10
C LEU B 70 12.13 10.86 21.41
N GLY B 71 13.19 10.31 21.99
CA GLY B 71 13.85 10.91 23.15
C GLY B 71 14.83 11.96 22.69
N LEU B 72 15.44 12.71 23.62
CA LEU B 72 16.45 13.65 23.13
C LEU B 72 17.72 12.90 22.65
N ASN B 73 18.26 11.98 23.45
CA ASN B 73 19.27 10.98 23.03
C ASN B 73 18.77 9.53 22.84
N PRO B 74 19.59 8.62 22.23
CA PRO B 74 19.09 7.28 21.90
C PRO B 74 18.69 6.44 23.12
N ASP B 75 19.44 6.55 24.22
CA ASP B 75 19.20 5.66 25.35
C ASP B 75 17.86 5.97 26.02
N ASP B 76 17.25 7.10 25.63
CA ASP B 76 15.94 7.45 26.16
C ASP B 76 14.84 6.56 25.59
N THR B 77 15.17 5.81 24.54
CA THR B 77 14.21 4.90 23.89
C THR B 77 14.95 3.60 23.62
N THR B 78 14.77 2.61 24.50
CA THR B 78 15.57 1.43 24.49
C THR B 78 14.75 0.18 24.12
N PHE B 79 15.27 -0.56 23.15
CA PHE B 79 14.73 -1.85 22.73
C PHE B 79 15.56 -2.97 23.34
N ASN B 80 14.90 -3.86 24.07
CA ASN B 80 15.53 -5.13 24.42
C ASN B 80 15.10 -6.09 23.32
N GLY B 81 15.93 -6.11 22.30
CA GLY B 81 15.58 -6.68 21.02
C GLY B 81 16.36 -5.98 19.93
N ASP B 82 15.83 -6.04 18.72
CA ASP B 82 16.61 -5.78 17.53
C ASP B 82 15.88 -4.90 16.52
N VAL B 83 16.69 -4.32 15.65
CA VAL B 83 16.18 -3.66 14.47
C VAL B 83 16.98 -4.27 13.34
N THR B 84 16.31 -5.16 12.61
CA THR B 84 17.00 -6.03 11.72
C THR B 84 16.72 -5.71 10.25
N VAL B 85 17.81 -5.60 9.48
CA VAL B 85 17.72 -5.77 8.04
C VAL B 85 18.46 -7.05 7.62
N ASP B 86 17.70 -7.93 6.92
CA ASP B 86 18.21 -9.15 6.27
C ASP B 86 18.01 -9.02 4.77
N ALA B 87 18.47 -10.05 4.04
CA ALA B 87 18.16 -10.22 2.61
C ALA B 87 17.27 -11.42 2.12
N GLY B 88 16.75 -12.29 2.97
CA GLY B 88 16.00 -13.48 2.50
C GLY B 88 15.18 -13.43 1.20
N TRP B 89 14.75 -12.26 0.77
CA TRP B 89 13.79 -12.18 -0.33
C TRP B 89 14.51 -12.18 -1.69
N PHE B 90 15.83 -11.97 -1.62
CA PHE B 90 16.75 -11.92 -2.75
C PHE B 90 17.77 -13.02 -2.44
N ASP B 91 17.22 -14.18 -2.04
CA ASP B 91 17.93 -15.33 -1.43
C ASP B 91 19.30 -15.11 -0.77
N GLY B 92 19.39 -14.15 0.16
CA GLY B 92 20.60 -13.93 0.94
C GLY B 92 21.63 -13.02 0.29
N ASN B 93 21.18 -12.34 -0.77
CA ASN B 93 21.96 -11.33 -1.44
C ASN B 93 21.48 -9.97 -0.89
N ALA B 94 22.36 -9.23 -0.21
CA ALA B 94 21.96 -7.98 0.46
C ALA B 94 22.13 -6.75 -0.37
N THR B 95 22.18 -6.92 -1.70
CA THR B 95 22.56 -5.86 -2.65
C THR B 95 21.40 -5.03 -3.20
N GLN B 96 20.16 -5.37 -2.86
CA GLN B 96 19.00 -4.52 -3.19
C GLN B 96 18.38 -3.92 -1.92
N ASN B 97 19.10 -3.99 -0.80
CA ASN B 97 18.58 -3.45 0.45
C ASN B 97 18.86 -1.96 0.50
N PHE B 98 17.87 -1.23 0.01
CA PHE B 98 17.91 0.20 -0.14
C PHE B 98 16.77 0.92 0.61
N TRP B 99 16.96 2.22 0.76
CA TRP B 99 15.88 3.17 1.09
C TRP B 99 15.15 2.84 2.40
N ARG B 100 15.89 2.91 3.50
CA ARG B 100 15.32 2.63 4.81
C ARG B 100 16.26 3.21 5.87
N SER B 101 15.80 3.37 7.10
CA SER B 101 16.67 4.05 8.04
C SER B 101 16.35 3.72 9.49
N ALA B 102 17.38 3.87 10.33
CA ALA B 102 17.22 3.72 11.78
C ALA B 102 17.91 4.89 12.46
N GLU B 103 17.24 5.50 13.44
CA GLU B 103 17.93 6.49 14.25
C GLU B 103 17.40 6.67 15.65
N ASN B 104 18.29 7.14 16.53
CA ASN B 104 17.91 7.64 17.85
C ASN B 104 17.27 6.58 18.74
N LEU B 105 17.89 5.40 18.74
CA LEU B 105 17.48 4.24 19.55
C LEU B 105 18.69 3.62 20.21
N ALA B 106 18.48 3.04 21.41
CA ALA B 106 19.44 2.12 22.00
C ALA B 106 18.88 0.71 21.79
N LEU B 107 19.73 -0.19 21.30
CA LEU B 107 19.37 -1.59 21.08
C LEU B 107 20.22 -2.47 21.99
N ASN B 108 19.54 -3.45 22.58
CA ASN B 108 20.18 -4.48 23.37
C ASN B 108 19.83 -5.80 22.68
N PRO B 109 20.62 -6.15 21.65
CA PRO B 109 20.17 -7.13 20.67
C PRO B 109 20.04 -8.46 21.31
N VAL B 110 19.02 -9.15 20.85
CA VAL B 110 18.39 -10.09 21.68
C VAL B 110 19.51 -11.01 22.06
N ASN B 111 20.23 -11.57 21.08
CA ASN B 111 21.17 -12.64 21.35
C ASN B 111 22.64 -12.20 21.07
N GLY B 112 22.92 -10.91 21.36
CA GLY B 112 24.27 -10.37 21.45
C GLY B 112 24.73 -9.45 20.29
N THR B 113 24.06 -9.57 19.16
CA THR B 113 24.48 -8.91 17.94
C THR B 113 23.24 -8.46 17.15
N ASN B 114 23.25 -7.21 16.67
CA ASN B 114 22.19 -6.68 15.83
C ASN B 114 22.65 -6.81 14.38
N ARG B 115 21.73 -7.17 13.52
CA ARG B 115 21.99 -7.52 12.13
C ARG B 115 21.42 -6.35 11.25
N TRP B 116 22.30 -5.59 10.58
CA TRP B 116 21.92 -4.43 9.71
C TRP B 116 22.56 -4.65 8.32
N ALA B 117 22.01 -5.60 7.58
CA ALA B 117 22.62 -6.06 6.34
C ALA B 117 22.05 -5.27 5.16
N VAL B 118 22.53 -4.05 5.02
CA VAL B 118 21.95 -3.09 4.08
C VAL B 118 22.90 -2.82 2.91
N SER B 119 22.37 -2.15 1.88
CA SER B 119 23.22 -1.61 0.84
C SER B 119 23.00 -0.09 0.86
N GLN B 120 22.89 0.57 -0.28
CA GLN B 120 22.88 2.04 -0.29
C GLN B 120 21.60 2.69 0.25
N ALA B 121 21.72 3.96 0.69
CA ALA B 121 20.56 4.73 1.18
C ALA B 121 19.86 4.07 2.35
N ALA B 122 20.67 3.57 3.28
CA ALA B 122 20.16 2.94 4.49
C ALA B 122 20.88 3.44 5.75
N PRO B 123 20.71 4.72 6.07
CA PRO B 123 21.49 5.32 7.15
C PRO B 123 21.17 4.74 8.52
N PHE B 124 22.20 4.73 9.36
CA PHE B 124 22.14 4.29 10.75
C PHE B 124 22.74 5.45 11.50
N ARG B 125 21.89 6.25 12.16
CA ARG B 125 22.36 7.48 12.81
C ARG B 125 21.96 7.57 14.27
N ARG B 126 22.86 8.07 15.12
CA ARG B 126 22.47 8.40 16.48
C ARG B 126 21.92 7.15 17.19
N MET B 127 22.60 6.03 16.96
CA MET B 127 22.23 4.75 17.56
C MET B 127 23.23 4.36 18.65
N HIS B 128 22.76 3.59 19.61
CA HIS B 128 23.63 3.04 20.65
C HIS B 128 23.36 1.54 20.68
N VAL B 129 24.27 0.76 20.10
CA VAL B 129 24.13 -0.67 20.12
C VAL B 129 24.89 -1.20 21.33
N LYS B 130 24.11 -1.66 22.32
CA LYS B 130 24.65 -2.29 23.53
C LYS B 130 25.06 -3.73 23.18
N GLY B 131 26.03 -3.84 22.29
CA GLY B 131 26.46 -5.13 21.74
C GLY B 131 27.17 -5.00 20.41
N GLY B 132 27.14 -6.06 19.62
CA GLY B 132 27.77 -6.08 18.33
C GLY B 132 26.82 -5.70 17.23
N LEU B 133 27.41 -5.37 16.07
CA LEU B 133 26.65 -4.95 14.89
C LEU B 133 27.21 -5.72 13.70
N ASN B 134 26.39 -6.58 13.12
CA ASN B 134 26.75 -7.39 11.97
C ASN B 134 26.13 -6.69 10.77
N LEU B 135 26.94 -6.39 9.76
CA LEU B 135 26.45 -5.66 8.60
C LEU B 135 26.23 -6.52 7.37
N ALA B 136 26.42 -7.83 7.53
CA ALA B 136 26.47 -8.73 6.36
C ALA B 136 25.24 -9.62 6.30
N PRO B 137 24.70 -9.79 5.09
CA PRO B 137 23.71 -10.85 5.01
C PRO B 137 24.30 -12.21 5.36
N ASP B 138 23.45 -13.21 5.16
CA ASP B 138 23.70 -14.54 5.68
C ASP B 138 24.32 -15.39 4.60
N GLY B 139 25.36 -16.11 4.99
CA GLY B 139 26.19 -16.85 4.05
C GLY B 139 27.18 -15.97 3.30
N TYR B 140 27.42 -14.78 3.84
CA TYR B 140 28.47 -13.91 3.37
C TYR B 140 28.23 -13.47 1.87
N GLY B 141 26.95 -13.33 1.49
CA GLY B 141 26.58 -13.03 0.11
C GLY B 141 26.87 -11.57 -0.13
N TRP B 142 26.67 -11.03 -1.33
CA TRP B 142 27.34 -9.75 -1.49
C TRP B 142 26.47 -8.60 -1.05
N ALA B 143 27.16 -7.61 -0.52
CA ALA B 143 26.58 -6.55 0.25
C ALA B 143 27.30 -5.27 -0.11
N SER B 144 26.55 -4.20 -0.28
CA SER B 144 27.13 -2.96 -0.83
C SER B 144 26.61 -1.68 -0.13
N GLY B 145 26.81 -1.62 1.19
CA GLY B 145 26.54 -0.39 1.95
C GLY B 145 27.68 0.61 1.88
N GLY B 146 27.73 1.56 2.82
CA GLY B 146 26.82 1.72 3.94
C GLY B 146 27.32 2.92 4.71
N TYR B 147 26.53 3.36 5.69
CA TYR B 147 26.72 4.63 6.36
C TYR B 147 26.30 4.51 7.83
N ILE B 148 27.24 4.77 8.73
CA ILE B 148 26.98 4.96 10.14
C ILE B 148 27.50 6.35 10.56
N ALA B 149 26.64 7.11 11.25
CA ALA B 149 27.08 8.38 11.84
C ALA B 149 26.57 8.54 13.26
N ASP B 150 27.38 9.18 14.06
CA ASP B 150 26.98 9.63 15.39
C ASP B 150 26.43 8.52 16.28
N SER B 151 27.09 7.37 16.20
CA SER B 151 26.61 6.19 16.89
C SER B 151 27.66 5.60 17.82
N LYS B 152 27.18 4.87 18.82
CA LYS B 152 28.02 4.18 19.81
C LYS B 152 27.73 2.68 19.67
N ILE B 153 28.71 1.91 19.23
CA ILE B 153 28.58 0.44 19.13
C ILE B 153 29.52 -0.13 20.19
N ASP B 154 28.96 -0.63 21.29
CA ASP B 154 29.78 -1.05 22.44
C ASP B 154 30.76 -2.18 22.09
N GLY B 155 30.27 -3.12 21.29
CA GLY B 155 31.04 -4.29 20.90
C GLY B 155 31.72 -4.07 19.56
N GLU B 156 31.71 -5.12 18.74
CA GLU B 156 32.39 -5.09 17.48
C GLU B 156 31.45 -4.93 16.31
N VAL B 157 31.85 -4.06 15.40
CA VAL B 157 31.22 -3.97 14.11
C VAL B 157 31.86 -4.97 13.17
N GLY B 158 31.05 -5.89 12.64
CA GLY B 158 31.55 -6.94 11.75
C GLY B 158 30.90 -6.86 10.38
N PRO B 159 31.62 -6.33 9.39
CA PRO B 159 31.05 -6.25 8.04
C PRO B 159 31.04 -7.59 7.31
N TYR B 160 32.07 -8.41 7.49
CA TYR B 160 32.23 -9.65 6.73
C TYR B 160 32.32 -9.36 5.22
N SER B 161 31.29 -9.68 4.46
CA SER B 161 31.29 -9.52 2.99
C SER B 161 30.81 -8.17 2.46
N GLN B 162 30.76 -7.14 3.31
CA GLN B 162 30.41 -5.80 2.83
C GLN B 162 31.57 -5.31 1.99
N GLN B 163 31.31 -4.84 0.77
CA GLN B 163 32.41 -4.36 -0.06
C GLN B 163 33.08 -3.11 0.49
N GLN B 164 32.26 -2.20 0.98
CA GLN B 164 32.79 -0.89 1.38
C GLN B 164 31.88 -0.35 2.48
N TRP B 165 32.35 0.69 3.16
CA TRP B 165 31.58 1.27 4.27
C TRP B 165 32.16 2.60 4.68
N TYR B 166 31.29 3.49 5.18
CA TYR B 166 31.70 4.77 5.76
C TYR B 166 31.11 4.95 7.15
N THR B 167 31.97 5.31 8.10
CA THR B 167 31.58 5.55 9.47
C THR B 167 32.15 6.90 9.87
N ARG B 168 31.30 7.78 10.40
CA ARG B 168 31.85 9.02 10.98
C ARG B 168 31.34 9.38 12.37
N ASP B 169 32.21 10.07 13.09
CA ASP B 169 31.87 10.75 14.36
C ASP B 169 31.08 9.79 15.27
N SER B 170 31.75 8.68 15.58
CA SER B 170 31.17 7.56 16.29
C SER B 170 32.20 6.94 17.23
N SER B 171 31.78 5.89 17.94
CA SER B 171 32.69 5.09 18.75
C SER B 171 32.36 3.62 18.52
N VAL B 172 33.39 2.80 18.31
CA VAL B 172 33.22 1.34 18.16
C VAL B 172 34.15 0.59 19.12
N GLY B 173 33.68 -0.55 19.61
CA GLY B 173 34.47 -1.39 20.48
C GLY B 173 35.36 -2.33 19.70
N GLY B 174 35.16 -2.40 18.39
CA GLY B 174 35.90 -3.32 17.52
C GLY B 174 35.51 -3.26 16.05
N TRP B 175 36.41 -3.69 15.17
CA TRP B 175 36.14 -3.67 13.73
C TRP B 175 36.65 -4.97 13.09
N GLY B 176 35.75 -5.75 12.53
CA GLY B 176 36.08 -7.14 12.16
C GLY B 176 36.98 -7.33 10.95
N ASN B 177 36.80 -6.46 9.95
CA ASN B 177 37.50 -6.60 8.67
C ASN B 177 37.13 -5.51 7.68
N GLY B 178 37.91 -5.46 6.59
CA GLY B 178 37.62 -4.65 5.42
C GLY B 178 37.64 -5.54 4.18
N VAL B 179 37.04 -5.05 3.10
CA VAL B 179 36.96 -5.83 1.87
C VAL B 179 37.60 -5.01 0.76
N TRP B 180 36.92 -3.98 0.23
CA TRP B 180 37.53 -3.05 -0.70
C TRP B 180 37.85 -1.66 -0.12
N ASN B 181 36.95 -1.07 0.67
CA ASN B 181 37.16 0.31 1.11
C ASN B 181 36.32 0.62 2.33
N MET B 182 36.93 0.49 3.52
CA MET B 182 36.31 0.89 4.76
C MET B 182 36.98 2.20 5.18
N THR B 183 36.20 3.27 5.20
CA THR B 183 36.69 4.60 5.55
C THR B 183 36.03 5.08 6.86
N PHE B 184 36.83 5.79 7.66
CA PHE B 184 36.45 6.23 9.00
C PHE B 184 36.92 7.68 9.15
N SER B 185 36.06 8.55 9.65
CA SER B 185 36.51 9.87 10.08
C SER B 185 35.89 10.21 11.44
N GLY B 186 36.71 10.62 12.40
CA GLY B 186 36.24 10.94 13.73
C GLY B 186 35.68 9.75 14.50
N VAL B 187 36.24 8.56 14.27
CA VAL B 187 35.74 7.34 14.89
C VAL B 187 36.66 6.82 16.01
N GLU B 188 36.23 7.02 17.24
CA GLU B 188 36.91 6.44 18.37
C GLU B 188 36.87 4.92 18.20
N GLY B 189 38.05 4.31 18.16
CA GLY B 189 38.15 2.88 17.99
C GLY B 189 38.28 2.39 16.56
N ALA B 190 38.43 3.30 15.61
CA ALA B 190 38.62 2.87 14.25
C ALA B 190 39.95 2.12 14.17
N PRO B 191 40.01 1.11 13.31
CA PRO B 191 41.34 0.57 13.03
C PRO B 191 42.28 1.68 12.54
N ALA B 192 43.58 1.45 12.68
CA ALA B 192 44.56 2.42 12.23
C ALA B 192 44.72 2.39 10.70
N GLN B 193 44.99 3.56 10.14
CA GLN B 193 45.25 3.71 8.70
C GLN B 193 46.16 2.59 8.18
N SER B 194 45.58 1.71 7.34
CA SER B 194 46.25 0.53 6.78
C SER B 194 46.31 0.36 5.25
N PHE B 195 45.53 1.13 4.51
CA PHE B 195 45.29 0.89 3.07
C PHE B 195 46.62 0.61 2.37
N PRO B 196 46.71 -0.48 1.57
CA PRO B 196 45.75 -1.49 1.05
C PRO B 196 45.31 -2.67 1.93
N GLU B 197 46.19 -3.25 2.73
CA GLU B 197 45.90 -4.48 3.46
C GLU B 197 46.13 -4.23 4.93
N PRO B 198 45.04 -4.12 5.70
CA PRO B 198 43.61 -4.01 5.34
C PRO B 198 43.29 -2.69 4.59
N PRO B 199 42.13 -2.61 3.90
CA PRO B 199 41.80 -1.42 3.11
C PRO B 199 41.09 -0.37 3.95
N TYR B 200 41.75 0.05 5.05
CA TYR B 200 41.22 1.04 5.96
C TYR B 200 41.83 2.40 5.66
N THR B 201 40.93 3.37 5.50
CA THR B 201 41.27 4.77 5.39
C THR B 201 40.71 5.45 6.64
N THR B 202 41.61 5.94 7.50
CA THR B 202 41.21 6.39 8.82
C THR B 202 41.68 7.81 9.09
N LEU B 203 40.71 8.72 9.24
CA LEU B 203 41.00 10.12 9.54
C LEU B 203 40.63 10.39 10.99
N GLU B 204 41.48 11.14 11.68
CA GLU B 204 41.32 11.31 13.12
C GLU B 204 40.06 12.12 13.45
N THR B 205 39.74 13.11 12.62
CA THR B 205 38.61 14.00 12.84
C THR B 205 37.85 14.21 11.54
N THR B 206 36.57 14.56 11.66
CA THR B 206 35.80 14.95 10.50
C THR B 206 35.90 16.46 10.36
N PRO B 207 36.18 16.95 9.14
CA PRO B 207 36.51 18.37 8.98
C PRO B 207 35.41 19.32 9.48
N VAL B 208 34.22 19.14 8.96
CA VAL B 208 33.04 19.74 9.55
C VAL B 208 31.91 18.71 9.51
N SER B 209 31.06 18.72 10.53
CA SER B 209 29.86 17.90 10.50
C SER B 209 28.75 18.56 11.30
N ARG B 210 27.51 18.24 10.96
CA ARG B 210 26.37 18.73 11.73
C ARG B 210 25.31 17.64 11.67
N GLU B 211 24.91 17.16 12.84
CA GLU B 211 24.02 16.02 12.90
C GLU B 211 22.64 16.32 12.35
N LYS B 212 22.03 15.28 11.80
CA LYS B 212 20.77 15.45 11.09
C LYS B 212 19.67 15.82 12.08
N PRO B 213 18.87 16.84 11.77
CA PRO B 213 17.71 17.14 12.62
C PRO B 213 16.76 15.94 12.76
N PHE B 214 16.08 15.88 13.90
CA PHE B 214 15.16 14.78 14.18
C PHE B 214 14.03 15.22 15.12
N LEU B 215 12.88 14.60 14.92
CA LEU B 215 11.70 14.78 15.76
C LEU B 215 11.95 14.27 17.18
N TYR B 216 11.48 14.97 18.21
CA TYR B 216 11.40 14.36 19.54
C TYR B 216 10.31 14.99 20.41
N LEU B 217 10.16 14.45 21.63
CA LEU B 217 9.04 14.78 22.53
C LEU B 217 9.50 15.29 23.86
N ASP B 218 8.95 16.44 24.27
CA ASP B 218 9.33 17.12 25.52
C ASP B 218 8.08 17.18 26.46
N GLY B 219 7.51 16.02 26.73
CA GLY B 219 6.16 15.92 27.28
C GLY B 219 5.20 15.49 26.19
N ASP B 220 4.12 16.25 26.02
CA ASP B 220 3.08 15.91 25.06
C ASP B 220 3.31 16.52 23.67
N ASP B 221 4.23 17.49 23.60
CA ASP B 221 4.45 18.25 22.38
C ASP B 221 5.62 17.70 21.53
N TYR B 222 5.52 17.89 20.22
CA TYR B 222 6.53 17.40 19.30
C TYR B 222 7.40 18.59 18.93
N LYS B 223 8.66 18.31 18.65
CA LYS B 223 9.64 19.33 18.38
C LYS B 223 10.63 18.66 17.42
N VAL B 224 11.38 19.46 16.68
CA VAL B 224 12.54 18.96 15.98
C VAL B 224 13.79 19.55 16.60
N PHE B 225 14.72 18.69 16.97
CA PHE B 225 16.00 19.13 17.50
C PHE B 225 16.88 19.33 16.30
N VAL B 226 17.61 20.45 16.30
CA VAL B 226 18.54 20.76 15.26
C VAL B 226 19.91 20.91 15.89
N PRO B 227 20.66 19.80 15.91
CA PRO B 227 22.04 19.88 16.41
C PRO B 227 22.86 21.00 15.76
N ALA B 228 23.69 21.69 16.53
CA ALA B 228 24.53 22.72 15.93
C ALA B 228 25.82 22.08 15.38
N LYS B 229 26.44 22.71 14.38
CA LYS B 229 27.63 22.08 13.75
C LYS B 229 28.87 21.94 14.66
N ARG B 230 29.72 20.98 14.27
CA ARG B 230 30.99 20.76 14.94
C ARG B 230 32.13 21.02 13.99
N THR B 231 33.27 21.30 14.62
CA THR B 231 34.56 21.44 13.98
C THR B 231 35.55 20.32 14.41
N ASN B 232 36.31 19.81 13.43
CA ASN B 232 37.25 18.70 13.64
C ASN B 232 36.58 17.70 14.63
N ALA B 233 35.42 17.21 14.20
CA ALA B 233 34.56 16.37 15.02
C ALA B 233 35.13 14.98 15.26
N ARG B 234 34.87 14.45 16.45
CA ARG B 234 35.34 13.13 16.82
C ARG B 234 34.48 12.53 17.93
N GLY B 235 34.06 11.29 17.70
CA GLY B 235 33.19 10.62 18.62
C GLY B 235 31.77 11.16 18.53
N THR B 236 30.88 10.62 19.36
CA THR B 236 29.47 10.93 19.26
C THR B 236 29.20 12.34 19.79
N SER B 237 28.13 12.95 19.29
CA SER B 237 27.69 14.27 19.75
C SER B 237 26.94 14.28 21.10
N TRP B 238 26.46 13.14 21.58
CA TRP B 238 25.24 13.04 22.41
C TRP B 238 25.16 12.25 23.74
N GLY B 239 26.23 12.14 24.52
CA GLY B 239 26.29 11.18 25.63
C GLY B 239 27.55 11.30 26.51
N ASN B 240 28.46 12.20 26.11
CA ASN B 240 29.15 13.04 27.08
C ASN B 240 28.08 14.09 27.50
N GLY B 241 27.21 14.47 26.57
CA GLY B 241 25.98 15.16 26.96
C GLY B 241 25.37 16.09 25.93
N THR B 242 25.07 17.32 26.40
CA THR B 242 24.18 18.36 25.85
C THR B 242 24.76 19.27 24.82
N PRO B 243 23.91 19.89 23.96
CA PRO B 243 24.59 20.36 22.77
C PRO B 243 24.05 21.61 22.14
N GLU B 244 25.00 22.48 21.90
CA GLU B 244 24.96 23.23 20.68
C GLU B 244 23.90 22.54 19.78
N GLY B 245 22.72 23.12 19.79
CA GLY B 245 21.66 22.64 18.94
C GLY B 245 20.33 23.02 19.53
N GLU B 246 19.44 23.53 18.68
CA GLU B 246 18.15 24.12 19.06
C GLU B 246 16.93 23.21 18.89
N SER B 247 15.85 23.49 19.63
CA SER B 247 14.60 22.69 19.56
C SER B 247 13.38 23.45 18.98
N LEU B 248 13.05 23.17 17.72
CA LEU B 248 12.07 23.93 16.98
C LEU B 248 10.68 23.41 17.27
N PRO B 249 9.78 24.27 17.79
CA PRO B 249 8.47 23.70 18.11
C PRO B 249 7.77 23.27 16.82
N LEU B 250 7.01 22.19 16.88
CA LEU B 250 6.51 21.63 15.65
C LEU B 250 5.35 22.44 15.00
N ASP B 251 4.73 23.38 15.71
CA ASP B 251 3.80 24.28 14.99
C ASP B 251 4.57 25.38 14.20
N GLN B 252 5.91 25.31 14.18
CA GLN B 252 6.72 26.09 13.22
C GLN B 252 6.87 25.41 11.85
N PHE B 253 6.34 24.19 11.74
CA PHE B 253 6.50 23.40 10.52
C PHE B 253 5.18 23.29 9.77
N TYR B 254 5.25 23.46 8.45
CA TYR B 254 4.19 22.98 7.57
C TYR B 254 4.32 21.47 7.40
N VAL B 255 3.34 20.78 7.95
CA VAL B 255 3.28 19.34 7.92
C VAL B 255 2.65 18.98 6.59
N VAL B 256 3.51 18.62 5.67
CA VAL B 256 3.11 18.39 4.30
C VAL B 256 2.47 17.01 4.25
N LYS B 257 1.42 16.92 3.45
CA LYS B 257 0.87 15.66 2.96
C LYS B 257 0.56 15.91 1.49
N PRO B 258 0.55 14.85 0.66
CA PRO B 258 -0.35 14.89 -0.53
C PRO B 258 -1.69 15.57 -0.24
N GLY B 259 -2.40 15.98 -1.30
CA GLY B 259 -3.22 17.17 -1.23
C GLY B 259 -2.31 18.38 -1.40
N ALA B 260 -1.10 18.40 -0.79
CA ALA B 260 -0.19 19.58 -0.92
C ALA B 260 0.23 19.84 -2.36
N THR B 261 0.44 21.12 -2.68
CA THR B 261 1.04 21.58 -3.92
C THR B 261 2.33 22.38 -3.67
N ALA B 262 3.07 22.69 -4.73
CA ALA B 262 4.31 23.43 -4.58
C ALA B 262 4.04 24.88 -4.29
N GLU B 263 3.05 25.40 -5.01
CA GLU B 263 2.66 26.82 -4.85
C GLU B 263 2.47 27.11 -3.34
N THR B 264 1.95 26.13 -2.60
CA THR B 264 1.79 26.27 -1.15
C THR B 264 2.97 25.90 -0.26
N ILE B 265 3.68 24.84 -0.63
CA ILE B 265 4.91 24.53 0.07
C ILE B 265 5.83 25.75 0.03
N ASN B 266 5.92 26.39 -1.13
CA ASN B 266 6.73 27.60 -1.25
C ASN B 266 6.13 28.77 -0.48
N ALA B 267 4.80 28.82 -0.45
CA ALA B 267 4.14 29.84 0.33
C ALA B 267 4.49 29.66 1.80
N ALA B 268 4.62 28.41 2.23
CA ALA B 268 4.93 28.11 3.62
C ALA B 268 6.32 28.58 4.04
N VAL B 269 7.31 28.34 3.18
CA VAL B 269 8.65 28.83 3.48
C VAL B 269 8.73 30.38 3.46
N ASP B 270 8.06 31.04 2.54
CA ASP B 270 8.14 32.49 2.47
C ASP B 270 7.52 33.12 3.72
N GLN B 271 6.53 32.43 4.28
CA GLN B 271 5.73 32.98 5.35
C GLN B 271 6.54 32.85 6.63
N GLY B 272 7.44 31.86 6.68
CA GLY B 272 8.31 31.64 7.84
C GLY B 272 8.25 30.27 8.47
N LEU B 273 7.64 29.30 7.77
CA LEU B 273 7.52 27.95 8.30
C LEU B 273 8.61 27.03 7.75
N HIS B 274 9.01 26.06 8.55
CA HIS B 274 9.85 24.96 8.12
C HIS B 274 8.95 23.91 7.43
N LEU B 275 9.57 22.87 6.88
CA LEU B 275 8.88 21.82 6.14
C LEU B 275 9.12 20.46 6.76
N LEU B 276 8.02 19.73 6.95
CA LEU B 276 8.10 18.44 7.58
C LEU B 276 7.30 17.48 6.69
N PHE B 277 8.00 16.76 5.81
CA PHE B 277 7.33 15.92 4.83
C PHE B 277 6.99 14.59 5.43
N THR B 278 5.70 14.34 5.60
CA THR B 278 5.24 13.07 6.14
C THR B 278 5.43 11.98 5.06
N PRO B 279 5.48 10.73 5.48
CA PRO B 279 5.81 9.69 4.49
C PRO B 279 4.77 9.56 3.39
N GLY B 280 5.25 9.67 2.17
CA GLY B 280 4.40 9.61 0.99
C GLY B 280 5.18 10.00 -0.24
N VAL B 281 4.48 9.99 -1.37
CA VAL B 281 5.05 10.41 -2.65
C VAL B 281 4.36 11.67 -3.16
N TYR B 282 5.14 12.73 -3.38
CA TYR B 282 4.63 14.05 -3.71
C TYR B 282 5.03 14.45 -5.15
N HIS B 283 4.05 14.64 -6.01
CA HIS B 283 4.34 15.24 -7.32
C HIS B 283 4.29 16.77 -7.24
N VAL B 284 5.25 17.44 -7.89
CA VAL B 284 5.24 18.90 -8.06
C VAL B 284 5.45 19.30 -9.55
N ASP B 285 4.90 20.44 -9.97
CA ASP B 285 5.19 20.94 -11.33
C ASP B 285 5.68 22.36 -11.27
N GLN B 286 6.15 22.71 -10.09
CA GLN B 286 7.03 23.84 -9.89
C GLN B 286 8.08 23.37 -8.92
N PRO B 287 9.31 23.88 -9.03
CA PRO B 287 10.24 23.45 -7.98
C PRO B 287 9.77 23.89 -6.61
N ILE B 288 10.19 23.15 -5.61
CA ILE B 288 10.07 23.52 -4.23
C ILE B 288 11.24 24.43 -3.95
N GLU B 289 10.90 25.67 -3.64
CA GLU B 289 11.84 26.77 -3.60
C GLU B 289 12.06 27.12 -2.11
N ILE B 290 13.31 27.03 -1.64
CA ILE B 290 13.62 27.37 -0.25
C ILE B 290 14.69 28.44 -0.17
N ASP B 291 14.25 29.67 0.04
CA ASP B 291 15.14 30.81 -0.02
C ASP B 291 15.09 31.62 1.24
N ARG B 292 14.89 30.93 2.34
CA ARG B 292 14.95 31.56 3.65
C ARG B 292 15.98 30.86 4.55
N ALA B 293 16.87 31.69 5.11
CA ALA B 293 17.95 31.17 5.93
C ALA B 293 17.42 30.28 7.05
N ASN B 294 18.20 29.24 7.35
CA ASN B 294 17.90 28.32 8.45
C ASN B 294 16.62 27.48 8.36
N THR B 295 16.08 27.38 7.16
CA THR B 295 14.91 26.55 6.92
C THR B 295 15.31 25.07 7.02
N VAL B 296 14.57 24.33 7.84
CA VAL B 296 14.70 22.89 7.94
C VAL B 296 13.65 22.30 7.00
N ALA B 297 14.09 21.37 6.15
CA ALA B 297 13.18 20.59 5.31
C ALA B 297 13.48 19.13 5.57
N LEU B 298 12.64 18.54 6.40
CA LEU B 298 12.92 17.22 6.96
C LEU B 298 11.91 16.21 6.50
N GLY B 299 12.36 15.10 5.91
CA GLY B 299 11.45 14.06 5.48
C GLY B 299 11.39 12.91 6.45
N LEU B 300 10.24 12.23 6.46
CA LEU B 300 9.99 11.08 7.28
C LEU B 300 9.63 9.93 6.38
N GLY B 301 10.10 8.73 6.74
CA GLY B 301 9.74 7.51 6.03
C GLY B 301 10.02 7.55 4.54
N LEU B 302 11.16 8.10 4.15
CA LEU B 302 11.57 8.11 2.75
C LEU B 302 10.54 8.86 1.87
N ALA B 303 9.99 9.92 2.44
CA ALA B 303 9.17 10.85 1.68
C ALA B 303 9.87 11.22 0.38
N THR B 304 9.09 11.25 -0.68
CA THR B 304 9.61 11.29 -2.05
C THR B 304 8.98 12.40 -2.86
N ILE B 305 9.84 13.16 -3.54
CA ILE B 305 9.42 14.23 -4.42
C ILE B 305 9.58 13.75 -5.88
N ILE B 306 8.51 13.83 -6.66
CA ILE B 306 8.61 13.63 -8.10
C ILE B 306 8.31 14.94 -8.86
N PRO B 307 9.32 15.50 -9.56
CA PRO B 307 9.04 16.68 -10.40
C PRO B 307 8.38 16.25 -11.70
N ASP B 308 7.16 16.73 -11.91
CA ASP B 308 6.45 16.54 -13.16
C ASP B 308 6.88 17.61 -14.18
N ASN B 309 6.54 17.38 -15.44
CA ASN B 309 6.65 18.41 -16.48
C ASN B 309 8.09 18.88 -16.74
N GLY B 310 9.06 18.12 -16.25
CA GLY B 310 10.46 18.35 -16.56
C GLY B 310 11.06 19.42 -15.69
N VAL B 311 10.35 19.81 -14.64
CA VAL B 311 10.86 20.88 -13.78
C VAL B 311 11.91 20.32 -12.79
N THR B 312 12.72 21.20 -12.21
CA THR B 312 13.57 20.84 -11.09
C THR B 312 12.70 20.55 -9.89
N ALA B 313 13.14 19.68 -8.98
CA ALA B 313 12.31 19.31 -7.83
C ALA B 313 12.52 20.27 -6.66
N LEU B 314 13.76 20.68 -6.45
CA LEU B 314 14.12 21.45 -5.27
C LEU B 314 15.21 22.43 -5.62
N LYS B 315 14.94 23.71 -5.35
CA LYS B 315 15.94 24.78 -5.50
C LYS B 315 16.14 25.49 -4.16
N VAL B 316 17.37 25.47 -3.64
CA VAL B 316 17.69 26.21 -2.42
C VAL B 316 18.43 27.50 -2.83
N GLY B 317 18.03 28.61 -2.24
CA GLY B 317 18.65 29.89 -2.59
C GLY B 317 20.00 30.10 -1.90
N ASP B 318 20.52 31.31 -2.06
CA ASP B 318 21.86 31.67 -1.58
C ASP B 318 21.80 32.21 -0.15
N VAL B 319 21.31 31.33 0.71
CA VAL B 319 21.09 31.64 2.11
C VAL B 319 21.86 30.67 2.98
N ASP B 320 22.26 31.15 4.16
CA ASP B 320 22.87 30.33 5.21
C ASP B 320 21.88 29.27 5.76
N GLY B 321 22.44 28.15 6.23
CA GLY B 321 21.81 27.38 7.27
C GLY B 321 20.66 26.46 6.92
N VAL B 322 20.39 26.29 5.65
CA VAL B 322 19.29 25.42 5.22
C VAL B 322 19.71 23.98 5.48
N LYS B 323 18.77 23.17 6.00
CA LYS B 323 19.04 21.80 6.40
C LYS B 323 18.01 20.88 5.71
N VAL B 324 18.39 20.30 4.58
CA VAL B 324 17.54 19.39 3.84
C VAL B 324 17.91 17.98 4.27
N ALA B 325 16.94 17.18 4.66
CA ALA B 325 17.26 15.87 5.22
C ALA B 325 16.20 14.83 4.97
N GLY B 326 16.62 13.64 4.56
CA GLY B 326 15.73 12.48 4.54
C GLY B 326 14.66 12.47 3.46
N LEU B 327 15.07 12.82 2.25
CA LEU B 327 14.17 12.89 1.10
C LEU B 327 14.76 12.12 -0.08
N LEU B 328 13.87 11.42 -0.79
CA LEU B 328 14.19 10.81 -2.08
C LEU B 328 13.59 11.69 -3.17
N VAL B 329 14.37 12.02 -4.20
CA VAL B 329 13.88 12.72 -5.36
C VAL B 329 13.91 11.70 -6.51
N ASP B 330 12.75 11.46 -7.08
CA ASP B 330 12.57 10.39 -8.08
C ASP B 330 12.24 11.06 -9.40
N ALA B 331 13.10 10.88 -10.42
CA ALA B 331 12.88 11.57 -11.68
C ALA B 331 11.54 11.17 -12.31
N GLY B 332 10.86 12.16 -12.89
CA GLY B 332 9.77 11.88 -13.81
C GLY B 332 10.32 11.45 -15.19
N PRO B 333 9.46 10.85 -16.04
CA PRO B 333 9.88 10.47 -17.40
C PRO B 333 10.09 11.66 -18.32
N VAL B 334 9.52 12.82 -18.01
CA VAL B 334 9.88 14.05 -18.72
C VAL B 334 11.23 14.59 -18.18
N ASN B 335 12.24 14.67 -19.05
CA ASN B 335 13.59 15.00 -18.61
C ASN B 335 13.63 16.30 -17.84
N SER B 336 14.23 16.24 -16.66
CA SER B 336 14.54 17.43 -15.91
C SER B 336 15.99 17.80 -16.12
N GLU B 337 16.22 19.06 -16.52
CA GLU B 337 17.58 19.61 -16.60
C GLU B 337 18.41 19.38 -15.35
N THR B 338 17.80 19.71 -14.22
CA THR B 338 18.37 19.51 -12.90
C THR B 338 17.27 18.93 -12.02
N LEU B 339 17.64 18.08 -11.06
CA LEU B 339 16.69 17.62 -10.03
C LEU B 339 16.77 18.43 -8.70
N VAL B 340 17.97 18.81 -8.28
CA VAL B 340 18.19 19.55 -7.06
C VAL B 340 19.25 20.59 -7.33
N GLU B 341 19.00 21.83 -6.92
CA GLU B 341 19.99 22.88 -7.02
C GLU B 341 20.20 23.54 -5.64
N VAL B 342 21.47 23.63 -5.23
CA VAL B 342 21.85 24.30 -3.99
C VAL B 342 22.61 25.56 -4.37
N GLY B 343 21.89 26.67 -4.34
CA GLY B 343 22.37 27.98 -4.76
C GLY B 343 22.23 28.31 -6.24
N SER B 344 22.14 29.61 -6.48
CA SER B 344 22.33 30.32 -7.76
C SER B 344 23.39 29.72 -8.65
N ASP B 345 23.16 29.51 -9.96
CA ASP B 345 24.33 29.40 -10.82
C ASP B 345 25.05 30.69 -10.52
N GLY B 346 26.37 30.59 -10.37
CA GLY B 346 27.17 31.79 -10.21
C GLY B 346 27.52 32.22 -8.79
N ALA B 347 26.67 31.87 -7.82
CA ALA B 347 26.80 32.45 -6.47
C ALA B 347 28.15 32.30 -5.81
N SER B 348 28.49 33.34 -5.05
CA SER B 348 29.85 33.77 -4.77
C SER B 348 30.15 34.15 -3.27
N GLY B 349 29.20 33.88 -2.39
CA GLY B 349 29.30 34.28 -1.00
C GLY B 349 29.59 33.10 -0.11
N ASP B 350 30.19 33.39 1.04
CA ASP B 350 30.55 32.41 2.05
C ASP B 350 29.39 32.07 2.92
N HIS B 351 29.34 30.80 3.35
CA HIS B 351 28.36 30.33 4.32
C HIS B 351 29.10 29.51 5.40
N ALA B 352 30.27 29.98 5.84
CA ALA B 352 31.17 29.13 6.62
C ALA B 352 30.72 28.87 8.07
N ALA B 353 30.25 29.91 8.75
CA ALA B 353 29.84 29.71 10.13
C ALA B 353 28.64 28.75 10.13
N ASN B 354 27.72 28.98 9.18
CA ASN B 354 26.40 28.35 9.16
C ASN B 354 26.05 27.86 7.77
N PRO B 355 26.62 26.71 7.38
CA PRO B 355 26.40 26.28 6.00
C PRO B 355 25.08 25.56 5.77
N THR B 356 24.68 25.53 4.51
CA THR B 356 23.56 24.70 4.06
C THR B 356 24.05 23.27 3.91
N SER B 357 23.18 22.30 4.24
CA SER B 357 23.55 20.91 4.09
C SER B 357 22.47 20.07 3.42
N LEU B 358 22.94 18.98 2.82
CA LEU B 358 22.07 17.93 2.29
C LEU B 358 22.45 16.65 3.02
N GLN B 359 21.47 16.02 3.68
CA GLN B 359 21.72 14.80 4.46
C GLN B 359 20.69 13.73 4.19
N ASP B 360 21.13 12.54 3.86
CA ASP B 360 20.18 11.49 3.51
C ASP B 360 19.23 12.00 2.41
N VAL B 361 19.84 12.65 1.43
CA VAL B 361 19.20 13.00 0.17
C VAL B 361 19.58 11.98 -0.87
N PHE B 362 18.57 11.32 -1.40
CA PHE B 362 18.79 10.28 -2.36
C PHE B 362 18.14 10.77 -3.67
N VAL B 363 18.64 10.28 -4.78
CA VAL B 363 18.08 10.57 -6.07
C VAL B 363 18.03 9.26 -6.83
N ARG B 364 16.91 9.07 -7.53
CA ARG B 364 16.72 7.90 -8.38
C ARG B 364 16.29 8.37 -9.75
N ILE B 365 16.89 7.78 -10.80
CA ILE B 365 16.43 8.02 -12.17
C ILE B 365 16.12 6.69 -12.84
N GLY B 366 14.83 6.42 -13.02
CA GLY B 366 14.38 5.14 -13.52
C GLY B 366 14.17 4.10 -12.43
N GLY B 367 13.67 2.92 -12.83
CA GLY B 367 13.56 1.80 -11.92
C GLY B 367 12.12 1.59 -11.44
N ALA B 368 11.50 2.68 -11.01
CA ALA B 368 10.08 2.64 -10.63
C ALA B 368 9.24 3.05 -11.83
N GLY B 369 9.88 3.13 -12.99
CA GLY B 369 9.27 3.73 -14.16
C GLY B 369 10.21 4.62 -14.97
N PRO B 370 9.98 4.69 -16.29
CA PRO B 370 10.89 5.50 -17.09
C PRO B 370 11.15 6.92 -16.47
N GLY B 371 12.38 7.22 -16.11
CA GLY B 371 12.74 8.52 -15.58
C GLY B 371 13.98 9.09 -16.29
N LYS B 372 14.08 10.42 -16.38
CA LYS B 372 15.17 11.11 -17.09
C LYS B 372 15.56 12.43 -16.39
N ALA B 373 16.86 12.68 -16.29
CA ALA B 373 17.36 13.97 -15.82
C ALA B 373 18.77 14.18 -16.36
N THR B 374 19.08 15.40 -16.75
CA THR B 374 20.39 15.69 -17.32
C THR B 374 21.49 15.70 -16.25
N THR B 375 21.29 16.52 -15.23
CA THR B 375 22.17 16.61 -14.09
C THR B 375 21.31 16.43 -12.84
N SER B 376 21.75 15.59 -11.90
CA SER B 376 20.88 15.32 -10.75
C SER B 376 21.00 16.38 -9.64
N ILE B 377 22.22 16.65 -9.16
CA ILE B 377 22.41 17.65 -8.10
C ILE B 377 23.51 18.61 -8.50
N VAL B 378 23.18 19.91 -8.53
CA VAL B 378 24.19 20.94 -8.73
C VAL B 378 24.36 21.69 -7.45
N VAL B 379 25.61 21.79 -6.99
CA VAL B 379 25.93 22.51 -5.76
C VAL B 379 26.73 23.75 -6.11
N ASN B 380 26.02 24.88 -6.12
CA ASN B 380 26.67 26.14 -6.37
C ASN B 380 27.13 26.87 -5.12
N SER B 381 26.42 26.67 -4.01
CA SER B 381 26.67 27.44 -2.77
C SER B 381 27.97 27.03 -2.07
N ASN B 382 28.79 28.01 -1.75
CA ASN B 382 30.03 27.75 -1.03
C ASN B 382 29.78 27.17 0.36
N ASP B 383 30.68 26.30 0.77
CA ASP B 383 30.74 25.77 2.15
C ASP B 383 29.64 24.73 2.48
N THR B 384 28.94 24.31 1.44
CA THR B 384 27.88 23.32 1.55
C THR B 384 28.44 21.99 2.05
N ILE B 385 27.68 21.34 2.94
CA ILE B 385 28.00 19.99 3.43
C ILE B 385 27.05 18.98 2.78
N ILE B 386 27.60 17.97 2.13
CA ILE B 386 26.79 16.86 1.60
C ILE B 386 27.17 15.65 2.44
N ASP B 387 26.28 15.29 3.38
CA ASP B 387 26.56 14.27 4.40
C ASP B 387 25.59 13.10 4.21
N HIS B 388 26.04 12.15 3.40
CA HIS B 388 25.30 10.98 2.94
C HIS B 388 24.31 11.29 1.82
N THR B 389 24.74 10.94 0.61
CA THR B 389 23.85 10.99 -0.55
C THR B 389 24.08 9.73 -1.38
N TRP B 390 23.00 9.23 -1.97
CA TRP B 390 23.05 8.21 -3.01
C TRP B 390 22.32 8.77 -4.23
N VAL B 391 23.08 8.99 -5.30
CA VAL B 391 22.59 9.56 -6.54
C VAL B 391 22.72 8.42 -7.56
N TRP B 392 21.56 7.86 -7.93
CA TRP B 392 21.50 6.55 -8.58
C TRP B 392 20.69 6.54 -9.86
N ARG B 393 21.38 6.40 -10.98
CA ARG B 393 20.67 6.06 -12.18
C ARG B 393 20.41 4.58 -12.13
N ALA B 394 19.14 4.20 -12.32
CA ALA B 394 18.77 2.82 -12.08
C ALA B 394 19.45 1.79 -13.03
N ASP B 395 19.88 0.66 -12.46
CA ASP B 395 20.45 -0.46 -13.22
C ASP B 395 19.45 -1.57 -13.43
N HIS B 396 18.38 -1.59 -12.64
CA HIS B 396 17.39 -2.65 -12.74
C HIS B 396 16.05 -2.05 -12.40
N GLY B 397 15.01 -2.84 -12.67
CA GLY B 397 13.64 -2.44 -12.46
C GLY B 397 12.92 -2.18 -13.77
N GLU B 398 11.93 -1.31 -13.70
CA GLU B 398 11.15 -0.95 -14.87
C GLU B 398 11.58 0.42 -15.38
N GLY B 399 11.56 0.59 -16.71
CA GLY B 399 11.90 1.88 -17.32
C GLY B 399 13.41 2.11 -17.41
N VAL B 400 14.16 1.02 -17.55
CA VAL B 400 15.62 1.05 -17.46
C VAL B 400 16.25 0.73 -18.82
N GLY B 401 17.29 1.50 -19.18
CA GLY B 401 18.02 1.28 -20.39
C GLY B 401 18.88 2.47 -20.80
N TRP B 402 19.84 2.21 -21.67
CA TRP B 402 20.83 3.22 -22.06
C TRP B 402 20.26 4.57 -22.50
N GLU B 403 19.17 4.56 -23.26
CA GLU B 403 18.55 5.83 -23.59
C GLU B 403 17.18 6.00 -22.80
N THR B 404 16.52 4.89 -22.47
CA THR B 404 15.24 4.95 -21.74
C THR B 404 15.31 5.65 -20.39
N ASN B 405 16.38 5.42 -19.63
CA ASN B 405 16.61 6.24 -18.42
C ASN B 405 17.97 6.94 -18.43
N ARG B 406 18.34 7.51 -19.58
CA ARG B 406 19.52 8.34 -19.68
C ARG B 406 19.53 9.42 -18.60
N ALA B 407 20.70 9.54 -17.98
CA ALA B 407 21.00 10.62 -17.07
C ALA B 407 22.48 10.87 -17.22
N ASP B 408 22.86 11.97 -17.86
CA ASP B 408 24.27 12.13 -18.21
C ASP B 408 25.17 12.37 -16.99
N TYR B 409 24.68 13.17 -16.04
CA TYR B 409 25.55 13.71 -14.98
C TYR B 409 24.92 13.53 -13.60
N GLY B 410 25.72 13.08 -12.64
CA GLY B 410 25.24 12.83 -11.29
C GLY B 410 25.22 14.07 -10.45
N VAL B 411 26.39 14.40 -9.95
CA VAL B 411 26.58 15.58 -9.11
C VAL B 411 27.64 16.47 -9.74
N HIS B 412 27.33 17.77 -9.79
CA HIS B 412 28.30 18.77 -10.20
C HIS B 412 28.47 19.77 -9.10
N VAL B 413 29.65 19.78 -8.49
CA VAL B 413 29.94 20.79 -7.46
C VAL B 413 30.68 21.97 -8.07
N LYS B 414 30.01 23.12 -8.02
CA LYS B 414 30.61 24.36 -8.50
C LYS B 414 30.97 25.28 -7.34
N GLY B 415 30.45 25.03 -6.15
CA GLY B 415 30.78 25.82 -4.97
C GLY B 415 32.19 25.60 -4.44
N ASP B 416 32.72 26.61 -3.75
CA ASP B 416 34.04 26.52 -3.12
C ASP B 416 33.88 25.97 -1.70
N ASN B 417 34.87 25.22 -1.27
CA ASN B 417 34.96 24.83 0.13
C ASN B 417 33.82 23.84 0.51
N VAL B 418 33.36 23.11 -0.48
CA VAL B 418 32.28 22.11 -0.28
C VAL B 418 32.87 20.80 0.28
N LEU B 419 32.16 20.19 1.21
CA LEU B 419 32.60 18.94 1.82
C LEU B 419 31.57 17.87 1.57
N ALA B 420 32.00 16.73 1.03
CA ALA B 420 31.14 15.55 0.92
C ALA B 420 31.66 14.44 1.84
N THR B 421 30.80 13.96 2.72
CA THR B 421 31.11 12.84 3.61
C THR B 421 30.09 11.74 3.30
N GLY B 422 30.55 10.64 2.72
CA GLY B 422 29.66 9.55 2.36
C GLY B 422 28.96 9.83 1.05
N LEU B 423 29.75 9.83 -0.03
CA LEU B 423 29.25 10.16 -1.38
C LEU B 423 29.12 8.87 -2.21
N PHE B 424 27.90 8.53 -2.59
CA PHE B 424 27.59 7.31 -3.38
C PHE B 424 26.88 7.78 -4.68
N VAL B 425 27.48 7.57 -5.85
CA VAL B 425 26.93 8.06 -7.12
C VAL B 425 27.21 7.01 -8.20
N GLU B 426 26.17 6.57 -8.90
CA GLU B 426 26.31 5.41 -9.75
C GLU B 426 25.52 5.44 -11.07
N HIS B 427 26.18 4.95 -12.11
CA HIS B 427 25.59 4.47 -13.37
C HIS B 427 25.30 5.57 -14.41
N PHE B 428 25.83 6.77 -14.20
CA PHE B 428 25.53 7.85 -15.13
C PHE B 428 26.12 7.64 -16.52
N ASN B 429 25.45 8.16 -17.55
CA ASN B 429 25.87 7.92 -18.92
C ASN B 429 27.21 8.59 -19.20
N LYS B 430 27.55 9.60 -18.39
CA LYS B 430 28.79 10.37 -18.57
C LYS B 430 29.47 10.51 -17.19
N TYR B 431 29.93 11.70 -16.81
CA TYR B 431 30.59 11.90 -15.54
C TYR B 431 29.63 11.73 -14.34
N ASP B 432 29.91 10.76 -13.47
CA ASP B 432 29.02 10.59 -12.30
C ASP B 432 29.17 11.79 -11.38
N VAL B 433 30.41 12.16 -11.12
CA VAL B 433 30.71 13.35 -10.32
C VAL B 433 31.71 14.23 -11.05
N GLN B 434 31.41 15.52 -11.10
CA GLN B 434 32.31 16.57 -11.58
C GLN B 434 32.50 17.61 -10.50
N TRP B 435 33.72 18.10 -10.33
CA TRP B 435 33.98 19.12 -9.34
C TRP B 435 34.69 20.27 -10.00
N SER B 436 33.95 21.36 -10.10
CA SER B 436 34.32 22.64 -10.74
C SER B 436 34.90 23.70 -9.78
N GLY B 437 34.48 23.63 -8.51
CA GLY B 437 34.86 24.62 -7.51
C GLY B 437 36.17 24.31 -6.80
N GLU B 438 36.66 25.29 -6.03
CA GLU B 438 37.90 25.19 -5.28
C GLU B 438 37.74 24.61 -3.87
N ASN B 439 38.89 24.33 -3.27
CA ASN B 439 39.05 23.51 -2.07
C ASN B 439 37.95 22.56 -1.65
N GLY B 440 37.47 21.81 -2.61
CA GLY B 440 36.62 20.66 -2.36
C GLY B 440 37.31 19.57 -1.54
N LYS B 441 36.51 18.90 -0.71
CA LYS B 441 36.94 17.71 0.05
C LYS B 441 35.89 16.60 -0.05
N THR B 442 36.33 15.38 -0.34
CA THR B 442 35.45 14.22 -0.30
C THR B 442 36.06 13.17 0.59
N ILE B 443 35.29 12.74 1.57
CA ILE B 443 35.67 11.64 2.46
C ILE B 443 34.66 10.52 2.24
N PHE B 444 35.17 9.46 1.61
CA PHE B 444 34.46 8.26 1.13
C PHE B 444 33.67 8.51 -0.15
N TYR B 445 33.99 7.74 -1.19
CA TYR B 445 33.24 7.77 -2.43
C TYR B 445 33.06 6.36 -2.90
N GLN B 446 31.83 6.04 -3.28
CA GLN B 446 31.50 4.77 -3.93
C GLN B 446 30.81 5.07 -5.26
N ASN B 447 31.37 4.50 -6.32
CA ASN B 447 30.81 4.60 -7.67
C ASN B 447 30.75 3.23 -8.35
N ALA B 448 29.74 3.05 -9.20
CA ALA B 448 29.71 1.95 -10.18
C ALA B 448 29.38 2.60 -11.51
N LYS B 449 30.17 2.28 -12.53
CA LYS B 449 29.94 2.83 -13.85
C LYS B 449 28.73 2.15 -14.55
N ALA B 450 28.09 2.88 -15.46
CA ALA B 450 26.97 2.36 -16.28
C ALA B 450 27.24 0.96 -16.81
N TYR B 451 26.33 0.01 -16.53
CA TYR B 451 26.52 -1.41 -16.95
C TYR B 451 26.07 -1.64 -18.38
N ASP B 452 25.15 -0.80 -18.81
CA ASP B 452 24.42 -0.99 -20.05
C ASP B 452 24.99 -0.13 -21.19
N ALA B 453 26.23 0.34 -21.01
CA ALA B 453 26.95 0.92 -22.12
C ALA B 453 26.99 -0.14 -23.24
N PRO B 454 26.57 0.20 -24.47
CA PRO B 454 26.50 -0.89 -25.47
C PRO B 454 27.74 -1.05 -26.35
N ASP B 455 28.59 -0.04 -26.37
CA ASP B 455 29.74 -0.06 -27.25
C ASP B 455 30.77 0.92 -26.73
N GLN B 456 32.01 0.71 -27.15
CA GLN B 456 33.05 1.66 -26.83
C GLN B 456 32.66 3.07 -27.34
N ALA B 457 32.29 3.19 -28.62
CA ALA B 457 32.09 4.48 -29.31
C ALA B 457 31.20 5.47 -28.54
N ALA B 458 30.08 4.95 -28.10
CA ALA B 458 29.13 5.75 -27.36
C ALA B 458 29.76 6.47 -26.17
N ILE B 459 30.65 5.80 -25.44
CA ILE B 459 31.26 6.38 -24.26
C ILE B 459 32.57 7.14 -24.60
N GLN B 460 32.82 7.40 -25.88
CA GLN B 460 34.06 8.11 -26.22
C GLN B 460 33.97 9.56 -25.78
N ASN B 461 35.00 10.00 -25.09
CA ASN B 461 35.06 11.27 -24.35
C ASN B 461 36.20 12.04 -24.99
N GLY B 462 36.06 12.37 -26.29
CA GLY B 462 37.09 13.02 -27.07
C GLY B 462 38.04 11.94 -27.56
N ASP B 463 39.14 11.80 -26.84
CA ASP B 463 40.14 10.76 -27.01
C ASP B 463 40.02 9.78 -25.82
N ILE B 464 39.50 10.28 -24.72
CA ILE B 464 39.41 9.48 -23.50
C ILE B 464 38.35 8.42 -23.69
N LYS B 465 38.72 7.17 -23.38
CA LYS B 465 37.76 6.08 -23.35
C LYS B 465 36.97 6.19 -22.07
N GLY B 466 35.69 6.51 -22.23
CA GLY B 466 34.81 6.62 -21.10
C GLY B 466 34.91 7.95 -20.39
N TYR B 467 34.03 8.09 -19.40
CA TYR B 467 33.92 9.26 -18.55
C TYR B 467 34.31 8.88 -17.12
N ALA B 468 35.24 9.63 -16.53
CA ALA B 468 35.61 9.40 -15.14
C ALA B 468 34.37 9.27 -14.27
N ALA B 469 34.48 8.49 -13.21
CA ALA B 469 33.47 8.48 -12.17
C ALA B 469 33.55 9.74 -11.33
N TYR B 470 34.73 10.34 -11.26
CA TYR B 470 34.96 11.50 -10.42
C TYR B 470 36.01 12.35 -11.13
N LYS B 471 35.56 13.46 -11.72
CA LYS B 471 36.41 14.42 -12.42
C LYS B 471 36.58 15.72 -11.67
N VAL B 472 37.81 16.16 -11.58
CA VAL B 472 38.12 17.50 -11.10
C VAL B 472 38.55 18.30 -12.30
N ASP B 473 37.90 19.44 -12.53
CA ASP B 473 38.24 20.31 -13.67
C ASP B 473 39.77 20.55 -13.65
N ASP B 474 40.41 20.56 -14.83
CA ASP B 474 41.85 20.91 -14.89
C ASP B 474 42.03 22.36 -14.32
N SER B 475 40.99 23.17 -14.54
CA SER B 475 40.76 24.52 -13.97
C SER B 475 41.20 24.70 -12.52
N VAL B 476 40.89 23.68 -11.73
CA VAL B 476 40.88 23.77 -10.27
C VAL B 476 42.31 23.79 -9.75
N THR B 477 42.50 24.41 -8.58
CA THR B 477 43.80 24.50 -7.94
C THR B 477 43.99 23.65 -6.70
N THR B 478 42.97 23.57 -5.84
CA THR B 478 43.08 22.76 -4.62
C THR B 478 41.87 21.83 -4.46
N HIS B 479 42.14 20.58 -4.09
CA HIS B 479 41.13 19.54 -3.93
C HIS B 479 41.73 18.43 -3.10
N GLU B 480 40.90 17.72 -2.36
CA GLU B 480 41.42 16.57 -1.61
C GLU B 480 40.35 15.51 -1.37
N GLY B 481 40.66 14.27 -1.77
CA GLY B 481 39.77 13.12 -1.60
C GLY B 481 40.43 11.94 -0.91
N TRP B 482 39.67 11.27 -0.04
CA TRP B 482 40.15 10.10 0.68
C TRP B 482 39.18 8.93 0.57
N GLY B 483 39.69 7.74 0.26
CA GLY B 483 38.90 6.51 0.40
C GLY B 483 37.81 6.37 -0.66
N MET B 484 38.24 6.18 -1.89
CA MET B 484 37.35 6.38 -3.04
C MET B 484 37.50 5.28 -4.06
N GLY B 485 36.36 4.68 -4.47
CA GLY B 485 36.41 3.54 -5.38
C GLY B 485 35.38 3.60 -6.49
N SER B 486 35.77 3.14 -7.68
CA SER B 486 34.86 3.02 -8.81
C SER B 486 34.90 1.60 -9.31
N TYR B 487 33.72 1.03 -9.51
CA TYR B 487 33.62 -0.32 -10.05
C TYR B 487 32.94 -0.38 -11.41
N CYS B 488 33.31 -1.37 -12.22
CA CYS B 488 32.63 -1.57 -13.48
C CYS B 488 32.04 -2.99 -13.60
N TYR B 489 31.03 -3.09 -14.42
CA TYR B 489 30.36 -4.35 -14.76
C TYR B 489 29.60 -4.13 -16.05
N PHE B 490 30.36 -4.05 -17.15
CA PHE B 490 29.83 -3.73 -18.46
C PHE B 490 29.23 -5.01 -19.08
N ASN B 491 28.04 -5.36 -18.64
CA ASN B 491 27.51 -6.73 -18.88
C ASN B 491 27.01 -6.84 -20.29
N VAL B 492 26.63 -5.72 -20.84
CA VAL B 492 26.06 -5.65 -22.16
C VAL B 492 27.19 -5.76 -23.19
N ASN B 493 28.35 -5.19 -22.85
CA ASN B 493 29.53 -5.31 -23.69
C ASN B 493 30.84 -5.50 -22.89
N PRO B 494 31.19 -6.78 -22.59
CA PRO B 494 32.38 -7.33 -21.91
C PRO B 494 33.68 -6.70 -22.36
N ASP B 495 33.70 -6.25 -23.62
CA ASP B 495 34.92 -5.84 -24.32
C ASP B 495 35.31 -4.39 -24.02
N ILE B 496 34.40 -3.65 -23.40
CA ILE B 496 34.64 -2.22 -23.15
C ILE B 496 35.84 -2.00 -22.26
N ARG B 497 36.52 -0.89 -22.50
CA ARG B 497 37.57 -0.39 -21.63
C ARG B 497 37.20 0.98 -21.06
N GLN B 498 37.38 1.11 -19.75
CA GLN B 498 37.20 2.39 -19.05
C GLN B 498 38.59 2.92 -18.73
N GLN B 499 38.95 4.12 -19.22
CA GLN B 499 40.29 4.68 -18.96
C GLN B 499 40.69 4.67 -17.51
N HIS B 500 39.82 5.24 -16.71
CA HIS B 500 40.12 5.43 -15.31
C HIS B 500 38.84 5.67 -14.52
N GLY B 501 38.96 5.54 -13.20
CA GLY B 501 37.89 5.89 -12.30
C GLY B 501 37.89 7.38 -12.00
N PHE B 502 39.09 7.96 -12.00
CA PHE B 502 39.33 9.29 -11.45
C PHE B 502 40.14 10.11 -12.41
N GLN B 503 39.99 11.42 -12.29
CA GLN B 503 40.61 12.31 -13.25
C GLN B 503 40.71 13.70 -12.74
N ALA B 504 41.90 14.25 -12.87
CA ALA B 504 42.20 15.47 -12.15
C ALA B 504 43.45 16.14 -12.69
N PRO B 505 43.52 17.48 -12.56
CA PRO B 505 44.78 18.20 -12.76
C PRO B 505 45.93 17.63 -12.00
N VAL B 506 47.12 17.76 -12.58
CA VAL B 506 48.33 17.35 -11.92
C VAL B 506 48.91 18.66 -11.36
N LYS B 507 48.63 18.91 -10.08
CA LYS B 507 48.92 20.20 -9.43
C LYS B 507 49.22 20.05 -7.96
N PRO B 508 50.04 20.95 -7.41
CA PRO B 508 50.46 20.70 -6.02
C PRO B 508 49.34 20.63 -4.93
N GLY B 509 48.24 21.30 -5.14
CA GLY B 509 47.18 21.28 -4.14
C GLY B 509 46.02 20.34 -4.45
N VAL B 510 46.17 19.44 -5.42
CA VAL B 510 45.09 18.52 -5.83
C VAL B 510 45.59 17.11 -5.51
N LYS B 511 45.14 16.56 -4.37
CA LYS B 511 45.76 15.36 -3.77
C LYS B 511 44.67 14.32 -3.49
N PHE B 512 44.99 13.06 -3.73
CA PHE B 512 44.07 11.99 -3.42
C PHE B 512 44.77 10.92 -2.64
N HIS B 513 44.00 10.31 -1.75
CA HIS B 513 44.48 9.26 -0.88
C HIS B 513 43.59 8.04 -1.00
N ASP B 514 44.21 6.87 -1.22
CA ASP B 514 43.51 5.60 -1.16
C ASP B 514 42.42 5.51 -2.22
N LEU B 515 42.87 5.53 -3.49
CA LEU B 515 42.00 5.28 -4.64
C LEU B 515 41.99 3.83 -5.07
N LEU B 516 40.84 3.41 -5.59
CA LEU B 516 40.76 2.08 -6.16
C LEU B 516 39.75 1.95 -7.28
N VAL B 517 40.05 1.06 -8.22
CA VAL B 517 39.08 0.62 -9.22
C VAL B 517 38.97 -0.91 -9.26
N VAL B 518 37.79 -1.41 -9.67
CA VAL B 518 37.45 -2.81 -9.54
C VAL B 518 36.60 -3.23 -10.72
N SER B 519 36.99 -4.30 -11.41
CA SER B 519 36.16 -4.91 -12.46
C SER B 519 35.38 -6.09 -11.88
N LEU B 520 34.07 -6.08 -12.06
CA LEU B 520 33.30 -7.18 -11.55
C LEU B 520 33.10 -8.30 -12.55
N GLY B 521 33.79 -9.40 -12.26
CA GLY B 521 33.72 -10.61 -13.05
C GLY B 521 34.40 -10.48 -14.42
N GLY B 522 35.20 -9.45 -14.60
CA GLY B 522 35.85 -9.23 -15.88
C GLY B 522 34.94 -8.70 -16.97
N LYS B 523 33.81 -8.09 -16.60
CA LYS B 523 32.95 -7.47 -17.60
C LYS B 523 33.46 -6.04 -17.77
N GLY B 524 34.27 -5.85 -18.79
CA GLY B 524 35.06 -4.66 -18.93
C GLY B 524 36.26 -4.65 -18.02
N GLN B 525 37.17 -3.73 -18.30
CA GLN B 525 38.30 -3.48 -17.47
C GLN B 525 38.62 -2.02 -17.47
N TYR B 526 39.26 -1.59 -16.38
CA TYR B 526 39.92 -0.27 -16.30
C TYR B 526 41.35 -0.31 -16.86
N GLU B 527 41.70 0.67 -17.69
CA GLU B 527 43.10 0.94 -18.09
C GLU B 527 44.02 1.36 -16.96
N HIS B 528 43.47 2.15 -16.05
CA HIS B 528 44.25 2.86 -15.04
C HIS B 528 43.29 3.22 -13.87
N VAL B 529 43.87 3.76 -12.80
CA VAL B 529 43.09 4.16 -11.63
C VAL B 529 42.68 5.64 -11.81
N ILE B 530 43.69 6.48 -12.03
CA ILE B 530 43.50 7.91 -12.14
C ILE B 530 44.36 8.45 -13.29
N ASN B 531 43.77 9.31 -14.13
CA ASN B 531 44.43 9.78 -15.34
C ASN B 531 45.08 8.61 -16.06
N ASP B 532 46.42 8.63 -16.14
CA ASP B 532 47.22 7.60 -16.79
C ASP B 532 48.07 6.84 -15.79
N ILE B 533 47.67 6.85 -14.53
CA ILE B 533 48.43 6.32 -13.38
C ILE B 533 47.67 5.12 -12.77
N GLY B 534 48.43 4.11 -12.36
CA GLY B 534 47.86 2.93 -11.75
C GLY B 534 47.73 1.76 -12.69
N ASP B 535 47.81 0.56 -12.10
CA ASP B 535 47.71 -0.67 -12.88
C ASP B 535 46.31 -0.81 -13.49
N PRO B 536 46.23 -1.40 -14.69
CA PRO B 536 44.89 -1.75 -15.16
C PRO B 536 44.32 -2.88 -14.31
N THR B 537 43.01 -3.03 -14.32
CA THR B 537 42.41 -4.27 -13.81
C THR B 537 42.63 -5.42 -14.81
N SER B 538 42.75 -6.63 -14.30
CA SER B 538 43.03 -7.80 -15.14
C SER B 538 42.39 -9.04 -14.54
N GLY B 539 42.43 -10.14 -15.28
CA GLY B 539 41.79 -11.37 -14.84
C GLY B 539 40.27 -11.23 -14.77
N ASP B 540 39.63 -12.16 -14.06
CA ASP B 540 38.17 -12.17 -13.98
C ASP B 540 37.69 -12.51 -12.54
N THR B 541 38.57 -12.23 -11.59
CA THR B 541 38.35 -12.57 -10.17
C THR B 541 38.20 -11.38 -9.20
N THR B 542 38.00 -10.17 -9.72
CA THR B 542 37.59 -9.04 -8.87
C THR B 542 38.66 -8.59 -7.86
N ILE B 543 39.84 -8.28 -8.37
CA ILE B 543 40.92 -7.74 -7.56
C ILE B 543 41.14 -6.28 -7.80
N PRO B 544 40.88 -5.46 -6.77
CA PRO B 544 41.06 -4.02 -7.00
C PRO B 544 42.44 -3.65 -7.47
N SER B 545 42.53 -2.65 -8.37
CA SER B 545 43.77 -1.93 -8.61
C SER B 545 43.73 -0.68 -7.75
N GLN B 546 44.79 -0.47 -6.99
CA GLN B 546 44.81 0.58 -5.98
C GLN B 546 45.96 1.56 -6.20
N VAL B 547 45.72 2.81 -5.81
CA VAL B 547 46.76 3.82 -5.67
C VAL B 547 46.64 4.46 -4.28
N VAL B 548 47.68 4.30 -3.47
CA VAL B 548 47.72 4.90 -2.13
C VAL B 548 47.76 6.43 -2.15
N SER B 549 48.72 7.00 -2.89
CA SER B 549 48.90 8.46 -2.98
C SER B 549 48.99 8.95 -4.43
N PHE B 550 48.30 10.07 -4.69
CA PHE B 550 48.39 10.84 -5.92
C PHE B 550 48.37 12.33 -5.59
N PRO B 551 49.20 13.13 -6.28
CA PRO B 551 50.07 12.73 -7.40
C PRO B 551 51.50 12.49 -6.94
C1 EDO C . -38.40 -12.57 -9.29
O1 EDO C . -37.76 -12.88 -8.04
C2 EDO C . -38.87 -11.12 -9.37
O2 EDO C . -37.90 -10.26 -8.79
H11 EDO C . -39.23 -13.25 -9.47
H12 EDO C . -37.68 -12.72 -10.09
HO1 EDO C . -37.48 -13.80 -8.03
H21 EDO C . -39.80 -10.97 -8.83
H22 EDO C . -39.03 -10.85 -10.41
HO2 EDO C . -38.21 -9.35 -8.86
C1 EDO D . -15.66 -12.62 -22.12
O1 EDO D . -14.36 -11.98 -22.21
C2 EDO D . -16.76 -11.55 -22.14
O2 EDO D . -16.53 -10.65 -21.05
H11 EDO D . -15.74 -13.21 -21.20
H12 EDO D . -15.79 -13.31 -22.96
HO1 EDO D . -13.68 -12.66 -22.27
H21 EDO D . -17.74 -12.00 -22.02
H22 EDO D . -16.74 -11.01 -23.08
HO2 EDO D . -17.02 -9.83 -21.19
C2 BGC E . 24.97 -1.24 -6.95
C3 BGC E . 23.50 -0.90 -6.68
C4 BGC E . 22.61 -1.95 -7.40
C5 BGC E . 23.01 -3.42 -7.26
C6 BGC E . 22.01 -4.36 -7.98
C1 BGC E . 25.28 -2.73 -7.08
O1 BGC E . 26.50 -2.75 -7.78
O2 BGC E . 25.95 -0.58 -6.13
O3 BGC E . 23.35 0.27 -7.47
O4 BGC E . 21.20 -1.73 -7.24
O5 BGC E . 24.31 -3.45 -7.85
O6 BGC E . 21.71 -5.53 -7.23
H2 BGC E . 24.04 -1.13 -6.40
H3 BGC E . 22.84 -1.67 -7.03
H4 BGC E . 22.87 -2.01 -8.47
H5 BGC E . 23.05 -3.69 -6.21
H61 BGC E . 22.44 -4.67 -8.94
H62 BGC E . 21.09 -3.84 -8.19
H1 BGC E . 25.39 -3.18 -6.09
HO1 BGC E . 26.76 -1.83 -8.00
HO2 BGC E . 26.69 -1.19 -5.95
HO3 BGC E . 24.22 0.56 -7.80
HO4 BGC E . 21.05 -0.82 -6.90
HO6 BGC E . 22.18 -5.52 -6.37
C1 EDO F . 7.44 6.37 -6.38
O1 EDO F . 8.55 7.21 -6.03
C2 EDO F . 7.95 4.95 -6.53
O2 EDO F . 8.59 4.51 -5.33
H11 EDO F . 6.97 6.70 -7.31
H12 EDO F . 6.69 6.41 -5.59
HO1 EDO F . 8.27 8.13 -6.03
H21 EDO F . 8.65 4.91 -7.36
H22 EDO F . 7.10 4.29 -6.77
HO2 EDO F . 8.94 3.62 -5.45
C1 EDO G . 31.01 5.06 -19.16
O1 EDO G . 32.29 5.63 -18.96
C2 EDO G . 29.93 6.14 -19.02
O2 EDO G . 30.18 7.04 -17.92
H11 EDO G . 30.84 4.28 -18.43
H12 EDO G . 30.95 4.62 -20.16
HO1 EDO G . 32.95 4.93 -18.97
H21 EDO G . 28.96 5.67 -18.88
H22 EDO G . 29.90 6.72 -19.96
HO2 EDO G . 29.33 7.33 -17.58
C1 EDO H . 49.46 5.47 3.72
O1 EDO H . 48.49 6.27 4.38
C2 EDO H . 49.14 3.97 3.77
O2 EDO H . 47.91 3.66 4.45
H11 EDO H . 50.44 5.64 4.16
H12 EDO H . 49.52 5.78 2.66
HO1 EDO H . 48.77 7.20 4.35
H21 EDO H . 49.97 3.45 4.25
H22 EDO H . 49.07 3.59 2.75
HO2 EDO H . 47.82 2.70 4.52
N VAL A 4 -45.00 8.55 3.14
CA VAL A 4 -45.20 9.98 3.32
C VAL A 4 -46.01 10.31 4.62
N VAL A 5 -46.86 9.39 5.06
CA VAL A 5 -47.17 9.31 6.48
C VAL A 5 -46.14 8.35 7.09
N GLY A 6 -45.36 8.82 8.07
CA GLY A 6 -44.22 8.11 8.60
C GLY A 6 -44.59 7.03 9.60
N GLY A 7 -43.93 5.88 9.43
CA GLY A 7 -44.21 4.68 10.18
C GLY A 7 -45.18 4.02 9.22
N GLY A 8 -45.82 2.95 9.62
CA GLY A 8 -46.73 2.24 8.75
C GLY A 8 -46.47 0.76 8.97
N ASP A 9 -47.50 -0.06 8.96
CA ASP A 9 -47.32 -1.41 9.46
C ASP A 9 -46.50 -2.31 8.53
N LEU A 10 -45.72 -3.19 9.15
CA LEU A 10 -44.71 -3.96 8.43
C LEU A 10 -45.37 -4.91 7.46
N GLY A 11 -46.59 -5.35 7.79
CA GLY A 11 -47.37 -6.16 6.90
C GLY A 11 -47.22 -7.66 7.10
N PRO A 12 -48.04 -8.43 6.38
CA PRO A 12 -48.06 -9.88 6.53
C PRO A 12 -46.77 -10.57 6.09
N ASN A 13 -45.79 -9.84 5.58
CA ASN A 13 -44.57 -10.47 5.07
C ASN A 13 -43.39 -10.26 6.00
N VAL A 14 -43.64 -9.55 7.11
CA VAL A 14 -42.69 -9.50 8.20
C VAL A 14 -43.29 -10.26 9.37
N LEU A 15 -42.82 -11.47 9.58
CA LEU A 15 -43.38 -12.33 10.64
C LEU A 15 -42.52 -12.13 11.89
N VAL A 16 -43.15 -11.58 12.93
CA VAL A 16 -42.45 -11.15 14.13
C VAL A 16 -42.82 -12.07 15.29
N PHE A 17 -41.79 -12.51 15.98
CA PHE A 17 -41.86 -13.59 16.95
C PHE A 17 -41.46 -13.12 18.35
N ASP A 18 -42.04 -13.81 19.34
CA ASP A 18 -41.66 -13.70 20.75
C ASP A 18 -41.55 -15.16 21.30
N PRO A 19 -40.88 -15.39 22.45
CA PRO A 19 -40.86 -16.75 23.01
C PRO A 19 -42.24 -17.42 23.25
N SER A 20 -43.31 -16.64 23.15
CA SER A 20 -44.65 -17.09 23.50
C SER A 20 -45.50 -17.30 22.26
N THR A 21 -44.98 -16.87 21.12
CA THR A 21 -45.68 -17.05 19.86
C THR A 21 -46.02 -18.51 19.76
N PRO A 22 -47.29 -18.83 19.50
CA PRO A 22 -47.54 -20.24 19.26
C PRO A 22 -46.77 -20.81 18.02
N ASP A 23 -46.32 -22.06 18.15
CA ASP A 23 -45.58 -22.90 17.17
C ASP A 23 -44.64 -22.17 16.19
N ILE A 24 -43.57 -21.58 16.72
CA ILE A 24 -42.57 -20.92 15.90
C ILE A 24 -41.98 -21.92 14.89
N GLN A 25 -41.55 -23.08 15.36
CA GLN A 25 -40.94 -24.07 14.48
C GLN A 25 -41.77 -24.48 13.26
N GLY A 26 -43.06 -24.74 13.47
CA GLY A 26 -43.90 -25.06 12.34
C GLY A 26 -44.07 -23.85 11.45
N LYS A 27 -44.09 -22.66 12.02
CA LYS A 27 -44.24 -21.46 11.19
C LYS A 27 -43.02 -21.13 10.37
N VAL A 28 -41.85 -21.46 10.89
CA VAL A 28 -40.60 -21.21 10.17
C VAL A 28 -40.32 -22.38 9.21
N ASP A 29 -40.67 -23.61 9.59
CA ASP A 29 -40.62 -24.73 8.63
C ASP A 29 -41.51 -24.36 7.45
N GLU A 30 -42.55 -23.61 7.79
CA GLU A 30 -43.60 -23.18 6.88
C GLU A 30 -43.09 -22.30 5.72
N VAL A 31 -42.52 -21.17 6.09
CA VAL A 31 -41.84 -20.29 5.16
C VAL A 31 -40.82 -21.12 4.37
N PHE A 32 -40.06 -21.96 5.07
CA PHE A 32 -39.01 -22.73 4.41
C PHE A 32 -39.58 -23.68 3.35
N ARG A 33 -40.74 -24.28 3.62
CA ARG A 33 -41.28 -25.20 2.60
C ARG A 33 -41.66 -24.40 1.35
N LYS A 34 -42.23 -23.20 1.53
CA LYS A 34 -42.58 -22.30 0.42
C LYS A 34 -41.31 -21.86 -0.35
N GLN A 35 -40.21 -21.67 0.38
CA GLN A 35 -39.03 -21.02 -0.18
C GLN A 35 -37.84 -21.85 -0.59
N GLU A 36 -37.70 -23.04 -0.01
CA GLU A 36 -36.57 -23.93 -0.26
C GLU A 36 -36.06 -23.87 -1.70
N SER A 37 -36.99 -24.20 -2.57
CA SER A 37 -36.87 -24.47 -3.98
C SER A 37 -37.13 -23.30 -4.91
N ASN A 38 -37.60 -22.22 -4.33
CA ASN A 38 -38.21 -21.16 -5.11
C ASN A 38 -37.15 -20.14 -5.57
N GLN A 39 -36.34 -20.56 -6.51
CA GLN A 39 -35.14 -19.78 -6.82
C GLN A 39 -35.48 -18.43 -7.44
N PHE A 40 -36.55 -18.43 -8.23
CA PHE A 40 -36.87 -17.30 -9.08
C PHE A 40 -38.26 -16.73 -8.79
N GLY A 41 -38.92 -17.30 -7.79
CA GLY A 41 -40.22 -16.86 -7.29
C GLY A 41 -40.28 -15.44 -6.73
N THR A 42 -41.48 -15.01 -6.37
CA THR A 42 -41.71 -13.63 -6.05
C THR A 42 -42.00 -13.43 -4.59
N ASP A 43 -42.27 -14.50 -3.86
CA ASP A 43 -42.46 -14.32 -2.44
C ASP A 43 -41.18 -13.86 -1.76
N ARG A 44 -41.38 -13.14 -0.67
CA ARG A 44 -40.30 -12.49 0.10
C ARG A 44 -40.69 -12.52 1.57
N TYR A 45 -39.77 -12.96 2.44
CA TYR A 45 -40.10 -13.03 3.87
C TYR A 45 -39.00 -12.52 4.77
N ALA A 46 -39.40 -11.81 5.83
CA ALA A 46 -38.47 -11.45 6.90
C ALA A 46 -39.01 -12.05 8.19
N LEU A 47 -38.14 -12.80 8.85
CA LEU A 47 -38.48 -13.50 10.11
C LEU A 47 -37.75 -12.80 11.22
N MET A 48 -38.49 -12.08 12.07
CA MET A 48 -37.90 -11.14 12.99
C MET A 48 -38.19 -11.59 14.43
N PHE A 49 -37.14 -11.74 15.21
CA PHE A 49 -37.22 -12.30 16.57
C PHE A 49 -36.98 -11.26 17.67
N LYS A 50 -37.97 -11.05 18.54
CA LYS A 50 -37.81 -10.07 19.63
C LYS A 50 -36.76 -10.52 20.66
N PRO A 51 -36.10 -9.57 21.35
CA PRO A 51 -35.05 -9.98 22.28
C PRO A 51 -35.56 -10.95 23.33
N GLY A 52 -34.74 -11.95 23.61
CA GLY A 52 -35.10 -13.04 24.49
C GLY A 52 -34.33 -14.30 24.16
N THR A 53 -34.81 -15.42 24.72
CA THR A 53 -34.18 -16.76 24.53
C THR A 53 -35.21 -17.72 23.92
N TYR A 54 -34.79 -18.46 22.86
CA TYR A 54 -35.60 -19.41 22.09
C TYR A 54 -34.94 -20.79 22.05
N ASN A 55 -35.75 -21.86 22.21
CA ASN A 55 -35.24 -23.21 22.36
C ASN A 55 -35.68 -24.13 21.20
N ASP A 56 -35.01 -25.28 21.07
CA ASP A 56 -35.47 -26.39 20.20
C ASP A 56 -35.98 -25.83 18.88
N ILE A 57 -35.07 -25.21 18.18
CA ILE A 57 -35.43 -24.31 17.12
C ILE A 57 -34.34 -24.51 16.08
N ASN A 58 -34.74 -25.00 14.90
CA ASN A 58 -33.84 -24.94 13.79
C ASN A 58 -34.52 -24.25 12.63
N ALA A 59 -34.08 -23.02 12.43
CA ALA A 59 -34.70 -22.11 11.47
C ALA A 59 -33.99 -22.30 10.17
N GLN A 60 -34.62 -23.06 9.30
CA GLN A 60 -34.01 -23.41 8.02
C GLN A 60 -34.39 -22.32 7.03
N ILE A 61 -33.39 -21.81 6.32
CA ILE A 61 -33.49 -20.58 5.56
C ILE A 61 -33.37 -20.86 4.07
N GLY A 62 -34.47 -20.62 3.35
CA GLY A 62 -34.54 -20.84 1.92
C GLY A 62 -34.32 -19.56 1.15
N PHE A 63 -34.69 -19.56 -0.12
CA PHE A 63 -34.58 -18.37 -0.94
C PHE A 63 -35.40 -17.19 -0.39
N TYR A 64 -34.89 -15.99 -0.62
CA TYR A 64 -35.57 -14.73 -0.32
C TYR A 64 -36.16 -14.68 1.10
N THR A 65 -35.36 -15.17 2.02
CA THR A 65 -35.71 -15.16 3.43
C THR A 65 -34.58 -14.50 4.22
N SER A 66 -34.91 -13.46 4.99
CA SER A 66 -33.99 -12.86 5.97
C SER A 66 -34.46 -13.22 7.37
N ILE A 67 -33.52 -13.57 8.23
CA ILE A 67 -33.82 -13.84 9.66
C ILE A 67 -32.99 -12.85 10.48
N ALA A 68 -33.62 -12.26 11.48
CA ALA A 68 -32.93 -11.25 12.28
C ALA A 68 -33.46 -11.17 13.71
N GLY A 69 -32.57 -10.82 14.62
CA GLY A 69 -33.01 -10.45 15.96
C GLY A 69 -33.29 -8.96 16.05
N LEU A 70 -34.00 -8.58 17.11
CA LEU A 70 -34.46 -7.20 17.31
C LEU A 70 -33.79 -6.52 18.53
N GLY A 71 -32.57 -6.94 18.88
CA GLY A 71 -31.83 -6.34 19.94
C GLY A 71 -30.73 -5.39 19.49
N LEU A 72 -30.16 -4.68 20.45
CA LEU A 72 -29.21 -3.69 20.10
C LEU A 72 -27.93 -4.42 19.76
N ASN A 73 -27.73 -5.57 20.44
CA ASN A 73 -26.65 -6.54 20.17
C ASN A 73 -27.23 -7.93 19.97
N PRO A 74 -26.52 -8.78 19.22
CA PRO A 74 -27.03 -10.13 18.94
C PRO A 74 -27.33 -11.03 20.16
N ASP A 75 -26.60 -10.84 21.27
CA ASP A 75 -26.82 -11.72 22.41
C ASP A 75 -28.11 -11.38 23.17
N ASP A 76 -28.77 -10.27 22.78
CA ASP A 76 -30.11 -9.96 23.30
C ASP A 76 -31.17 -10.95 22.79
N THR A 77 -30.85 -11.64 21.69
CA THR A 77 -31.77 -12.54 21.00
C THR A 77 -30.99 -13.85 20.73
N THR A 78 -31.18 -14.83 21.62
CA THR A 78 -30.44 -16.08 21.61
C THR A 78 -31.31 -17.26 21.20
N PHE A 79 -30.80 -18.06 20.26
CA PHE A 79 -31.42 -19.31 19.85
C PHE A 79 -30.58 -20.43 20.45
N ASN A 80 -31.22 -21.31 21.20
CA ASN A 80 -30.62 -22.59 21.58
C ASN A 80 -31.04 -23.56 20.52
N GLY A 81 -30.22 -23.60 19.49
CA GLY A 81 -30.61 -24.11 18.19
C GLY A 81 -29.84 -23.38 17.11
N ASP A 82 -30.37 -23.42 15.90
CA ASP A 82 -29.57 -23.07 14.73
C ASP A 82 -30.34 -22.26 13.70
N VAL A 83 -29.57 -21.76 12.76
CA VAL A 83 -30.04 -21.06 11.59
C VAL A 83 -29.25 -21.73 10.47
N THR A 84 -29.92 -22.68 9.83
CA THR A 84 -29.35 -23.64 8.90
C THR A 84 -29.62 -23.30 7.43
N VAL A 85 -28.55 -23.32 6.64
CA VAL A 85 -28.69 -23.45 5.19
C VAL A 85 -27.96 -24.73 4.74
N ASP A 86 -28.73 -25.61 4.10
CA ASP A 86 -28.50 -27.04 3.84
C ASP A 86 -28.55 -27.04 2.28
N ALA A 87 -27.92 -28.01 1.61
CA ALA A 87 -28.00 -28.01 0.13
C ALA A 87 -28.79 -29.20 -0.31
N GLY A 88 -29.74 -29.61 0.53
CA GLY A 88 -30.63 -30.71 0.21
C GLY A 88 -31.03 -30.58 -1.25
N TRP A 89 -31.94 -29.66 -1.55
CA TRP A 89 -32.62 -29.56 -2.84
C TRP A 89 -31.74 -29.60 -4.10
N PHE A 90 -30.42 -29.46 -3.93
CA PHE A 90 -29.43 -29.59 -4.99
C PHE A 90 -28.43 -30.73 -4.66
N ASP A 91 -29.00 -31.83 -4.14
CA ASP A 91 -28.27 -32.88 -3.37
C ASP A 91 -26.74 -32.63 -3.24
N GLY A 92 -26.41 -31.61 -2.44
CA GLY A 92 -25.07 -31.35 -1.97
C GLY A 92 -24.28 -30.25 -2.67
N ASN A 93 -24.69 -29.95 -3.90
CA ASN A 93 -24.26 -28.77 -4.66
C ASN A 93 -24.86 -27.52 -4.01
N ALA A 94 -24.08 -26.83 -3.19
CA ALA A 94 -24.58 -25.61 -2.56
C ALA A 94 -24.46 -24.34 -3.45
N THR A 95 -24.18 -24.51 -4.75
CA THR A 95 -23.82 -23.36 -5.62
C THR A 95 -24.93 -22.46 -6.09
N GLN A 96 -26.19 -22.84 -5.84
CA GLN A 96 -27.33 -21.97 -6.13
C GLN A 96 -28.04 -21.44 -4.87
N ASN A 97 -27.35 -21.47 -3.73
CA ASN A 97 -27.94 -21.02 -2.48
C ASN A 97 -27.73 -19.52 -2.26
N PHE A 98 -28.55 -18.78 -2.99
CA PHE A 98 -28.49 -17.34 -3.07
C PHE A 98 -29.62 -16.63 -2.28
N TRP A 99 -29.43 -15.32 -2.13
CA TRP A 99 -30.49 -14.34 -1.81
C TRP A 99 -31.21 -14.67 -0.49
N ARG A 100 -30.43 -14.66 0.58
CA ARG A 100 -30.98 -14.88 1.90
C ARG A 100 -30.04 -14.26 2.90
N SER A 101 -30.41 -14.20 4.18
CA SER A 101 -29.53 -13.47 5.12
C SER A 101 -29.86 -13.79 6.56
N ALA A 102 -28.88 -13.59 7.40
CA ALA A 102 -29.04 -13.72 8.86
C ALA A 102 -28.29 -12.59 9.52
N GLU A 103 -28.92 -11.96 10.52
CA GLU A 103 -28.22 -10.93 11.28
C GLU A 103 -28.71 -10.78 12.72
N ASN A 104 -27.79 -10.36 13.58
CA ASN A 104 -28.15 -9.85 14.92
C ASN A 104 -28.82 -10.87 15.84
N LEU A 105 -28.21 -12.06 15.85
CA LEU A 105 -28.59 -13.17 16.69
C LEU A 105 -27.39 -13.84 17.31
N ALA A 106 -27.59 -14.40 18.49
CA ALA A 106 -26.66 -15.36 19.07
C ALA A 106 -27.21 -16.76 18.84
N LEU A 107 -26.36 -17.68 18.42
CA LEU A 107 -26.74 -19.08 18.18
C LEU A 107 -25.92 -20.01 19.11
N ASN A 108 -26.63 -20.96 19.70
CA ASN A 108 -26.04 -22.02 20.52
C ASN A 108 -26.43 -23.32 19.82
N PRO A 109 -25.68 -23.69 18.77
CA PRO A 109 -26.13 -24.70 17.81
C PRO A 109 -26.28 -26.07 18.45
N VAL A 110 -27.18 -26.91 17.92
CA VAL A 110 -27.46 -28.21 18.59
C VAL A 110 -26.39 -29.26 18.68
N ASN A 111 -25.48 -29.28 17.74
CA ASN A 111 -24.39 -30.28 17.85
C ASN A 111 -23.04 -29.58 18.02
N GLY A 112 -23.06 -28.32 18.45
CA GLY A 112 -21.82 -27.60 18.65
C GLY A 112 -21.49 -26.76 17.43
N THR A 113 -22.18 -27.04 16.34
CA THR A 113 -21.91 -26.44 15.03
C THR A 113 -23.18 -25.91 14.41
N ASN A 114 -23.05 -24.79 13.71
CA ASN A 114 -24.13 -24.24 12.86
C ASN A 114 -23.76 -24.44 11.39
N ARG A 115 -24.71 -24.89 10.55
CA ARG A 115 -24.49 -25.02 9.09
C ARG A 115 -24.96 -23.77 8.38
N TRP A 116 -24.06 -23.10 7.67
CA TRP A 116 -24.42 -21.98 6.79
C TRP A 116 -23.81 -22.23 5.38
N ALA A 117 -24.36 -23.20 4.65
CA ALA A 117 -23.79 -23.69 3.38
C ALA A 117 -24.32 -22.93 2.18
N VAL A 118 -23.76 -21.76 1.96
CA VAL A 118 -24.31 -20.81 1.00
C VAL A 118 -23.38 -20.47 -0.15
N SER A 119 -23.95 -19.82 -1.18
CA SER A 119 -23.16 -19.16 -2.19
C SER A 119 -23.40 -17.65 -2.13
N GLN A 120 -23.53 -17.00 -3.29
CA GLN A 120 -23.52 -15.54 -3.30
C GLN A 120 -24.78 -14.89 -2.77
N ALA A 121 -24.63 -13.65 -2.32
CA ALA A 121 -25.72 -12.84 -1.78
C ALA A 121 -26.42 -13.51 -0.59
N ALA A 122 -25.61 -14.06 0.30
CA ALA A 122 -26.11 -14.71 1.49
C ALA A 122 -25.39 -14.18 2.75
N PRO A 123 -25.55 -12.88 3.05
CA PRO A 123 -24.72 -12.28 4.09
C PRO A 123 -25.06 -12.81 5.49
N PHE A 124 -24.01 -12.85 6.30
CA PHE A 124 -24.06 -13.33 7.69
C PHE A 124 -23.41 -12.18 8.49
N ARG A 125 -24.23 -11.37 9.17
CA ARG A 125 -23.74 -10.14 9.81
C ARG A 125 -24.12 -10.04 11.29
N ARG A 126 -23.24 -9.48 12.11
CA ARG A 126 -23.63 -9.17 13.48
C ARG A 126 -24.13 -10.43 14.23
N MET A 127 -23.47 -11.55 13.97
CA MET A 127 -23.84 -12.82 14.56
C MET A 127 -22.87 -13.26 15.64
N HIS A 128 -23.40 -13.82 16.71
CA HIS A 128 -22.56 -14.48 17.72
C HIS A 128 -22.85 -15.99 17.70
N VAL A 129 -21.96 -16.76 17.10
CA VAL A 129 -22.08 -18.22 17.13
C VAL A 129 -21.29 -18.77 18.29
N LYS A 130 -22.00 -19.24 19.28
CA LYS A 130 -21.39 -19.76 20.51
C LYS A 130 -21.07 -21.23 20.31
N GLY A 131 -19.96 -21.45 19.63
CA GLY A 131 -19.64 -22.71 18.96
C GLY A 131 -19.01 -22.48 17.58
N GLY A 132 -19.07 -23.52 16.75
CA GLY A 132 -18.41 -23.53 15.44
C GLY A 132 -19.36 -23.24 14.29
N LEU A 133 -18.78 -23.03 13.11
CA LEU A 133 -19.54 -22.57 11.94
C LEU A 133 -19.05 -23.31 10.70
N ASN A 134 -19.93 -24.17 10.18
CA ASN A 134 -19.63 -25.02 9.02
C ASN A 134 -20.22 -24.35 7.78
N LEU A 135 -19.40 -24.11 6.76
CA LEU A 135 -19.85 -23.35 5.58
C LEU A 135 -20.14 -24.24 4.39
N ALA A 136 -20.09 -25.54 4.61
CA ALA A 136 -20.08 -26.49 3.53
C ALA A 136 -21.34 -27.34 3.52
N PRO A 137 -21.77 -27.72 2.31
CA PRO A 137 -22.82 -28.74 2.23
C PRO A 137 -22.32 -30.12 2.62
N ASP A 138 -23.27 -30.94 3.02
CA ASP A 138 -22.91 -32.21 3.57
C ASP A 138 -22.83 -33.08 2.35
N GLY A 139 -21.68 -33.75 2.20
CA GLY A 139 -21.18 -34.22 0.93
C GLY A 139 -19.81 -33.55 0.76
N TYR A 140 -19.61 -32.48 1.55
CA TYR A 140 -18.62 -31.47 1.30
C TYR A 140 -18.59 -31.33 -0.20
N GLY A 141 -19.77 -31.16 -0.77
CA GLY A 141 -19.94 -30.90 -2.18
C GLY A 141 -19.70 -29.43 -2.40
N TRP A 142 -19.85 -29.04 -3.66
CA TRP A 142 -19.69 -27.64 -4.14
C TRP A 142 -20.29 -26.54 -3.31
N ALA A 143 -19.52 -25.48 -3.08
CA ALA A 143 -20.12 -24.22 -2.61
C ALA A 143 -19.29 -23.05 -3.13
N SER A 144 -19.92 -21.89 -3.29
CA SER A 144 -19.29 -20.71 -3.85
C SER A 144 -19.82 -19.47 -3.11
N GLY A 145 -19.45 -19.34 -1.83
CA GLY A 145 -19.73 -18.13 -1.07
C GLY A 145 -18.64 -17.08 -1.18
N GLY A 146 -18.58 -16.13 -0.24
CA GLY A 146 -19.51 -15.94 0.86
C GLY A 146 -19.00 -14.74 1.64
N TYR A 147 -19.77 -14.32 2.65
CA TYR A 147 -19.55 -13.06 3.31
C TYR A 147 -19.97 -13.13 4.78
N ILE A 148 -19.00 -12.85 5.65
CA ILE A 148 -19.22 -12.67 7.09
C ILE A 148 -18.66 -11.31 7.50
N ALA A 149 -19.45 -10.54 8.25
CA ALA A 149 -19.00 -9.27 8.81
C ALA A 149 -19.51 -9.05 10.24
N ASP A 150 -18.67 -8.41 11.02
CA ASP A 150 -19.06 -7.95 12.37
C ASP A 150 -19.60 -9.07 13.24
N SER A 151 -18.98 -10.24 13.12
CA SER A 151 -19.47 -11.43 13.81
C SER A 151 -18.41 -12.04 14.70
N LYS A 152 -18.84 -12.74 15.74
CA LYS A 152 -17.90 -13.57 16.53
C LYS A 152 -18.36 -15.02 16.50
N ILE A 153 -17.44 -15.88 16.09
CA ILE A 153 -17.63 -17.31 16.07
C ILE A 153 -16.65 -17.85 17.13
N ASP A 154 -17.16 -18.40 18.24
CA ASP A 154 -16.27 -18.76 19.35
C ASP A 154 -15.39 -19.99 19.03
N GLY A 155 -15.96 -20.97 18.32
CA GLY A 155 -15.19 -22.10 17.81
C GLY A 155 -14.56 -21.83 16.45
N GLU A 156 -14.43 -22.90 15.68
CA GLU A 156 -13.75 -22.85 14.41
C GLU A 156 -14.76 -22.61 13.29
N VAL A 157 -14.32 -21.81 12.30
CA VAL A 157 -15.02 -21.76 11.03
C VAL A 157 -14.42 -22.78 10.07
N GLY A 158 -15.27 -23.60 9.44
CA GLY A 158 -14.83 -24.67 8.53
C GLY A 158 -15.41 -24.47 7.12
N PRO A 159 -14.58 -24.02 6.17
CA PRO A 159 -15.19 -23.76 4.86
C PRO A 159 -15.31 -25.05 4.06
N TYR A 160 -14.48 -26.03 4.41
CA TYR A 160 -14.33 -27.29 3.66
C TYR A 160 -14.28 -27.04 2.15
N SER A 161 -15.35 -27.39 1.44
CA SER A 161 -15.36 -27.34 -0.01
C SER A 161 -15.52 -25.95 -0.63
N GLN A 162 -15.98 -24.97 0.14
CA GLN A 162 -16.18 -23.60 -0.39
C GLN A 162 -15.01 -23.07 -1.22
N GLN A 163 -15.29 -22.50 -2.41
CA GLN A 163 -14.20 -22.03 -3.27
C GLN A 163 -13.42 -20.84 -2.68
N GLN A 164 -14.18 -19.87 -2.20
CA GLN A 164 -13.58 -18.61 -1.77
C GLN A 164 -14.45 -18.09 -0.64
N TRP A 165 -13.98 -17.06 0.06
CA TRP A 165 -14.74 -16.46 1.15
C TRP A 165 -14.12 -15.13 1.54
N TYR A 166 -14.97 -14.20 1.99
CA TYR A 166 -14.51 -12.93 2.58
C TYR A 166 -15.07 -12.79 3.99
N THR A 167 -14.18 -12.48 4.93
CA THR A 167 -14.61 -12.14 6.30
C THR A 167 -13.99 -10.80 6.69
N ARG A 168 -14.79 -9.93 7.30
CA ARG A 168 -14.23 -8.68 7.83
C ARG A 168 -14.71 -8.36 9.24
N ASP A 169 -13.84 -7.67 9.97
CA ASP A 169 -14.18 -7.03 11.25
C ASP A 169 -14.94 -7.98 12.17
N SER A 170 -14.28 -9.08 12.50
CA SER A 170 -14.86 -10.20 13.20
C SER A 170 -13.83 -10.84 14.15
N SER A 171 -14.34 -11.77 14.96
CA SER A 171 -13.52 -12.66 15.82
C SER A 171 -13.82 -14.11 15.47
N VAL A 172 -12.77 -14.89 15.22
CA VAL A 172 -12.92 -16.34 15.02
C VAL A 172 -11.96 -17.14 15.94
N GLY A 173 -12.46 -18.25 16.46
CA GLY A 173 -11.66 -19.09 17.33
C GLY A 173 -10.52 -19.83 16.64
N GLY A 174 -10.86 -20.40 15.48
CA GLY A 174 -9.90 -20.95 14.54
C GLY A 174 -10.48 -20.79 13.12
N TRP A 175 -9.64 -21.01 12.11
CA TRP A 175 -10.09 -21.06 10.70
C TRP A 175 -9.59 -22.35 10.12
N GLY A 176 -10.49 -23.18 9.56
CA GLY A 176 -10.13 -24.55 9.22
C GLY A 176 -9.30 -24.78 7.96
N ASN A 177 -9.55 -24.03 6.90
CA ASN A 177 -8.81 -24.26 5.67
C ASN A 177 -9.10 -23.26 4.57
N GLY A 178 -8.24 -23.34 3.56
CA GLY A 178 -8.39 -22.59 2.33
C GLY A 178 -8.75 -23.48 1.17
N VAL A 179 -9.04 -22.83 0.04
CA VAL A 179 -9.37 -23.51 -1.21
C VAL A 179 -8.79 -22.72 -2.41
N TRP A 180 -9.52 -21.72 -2.95
CA TRP A 180 -8.93 -20.82 -3.95
C TRP A 180 -8.60 -19.45 -3.36
N ASN A 181 -9.49 -18.89 -2.54
CA ASN A 181 -9.27 -17.50 -2.11
C ASN A 181 -10.05 -17.16 -0.87
N MET A 182 -9.39 -17.28 0.27
CA MET A 182 -9.98 -16.88 1.53
C MET A 182 -9.30 -15.58 1.97
N THR A 183 -10.08 -14.51 2.05
CA THR A 183 -9.55 -13.19 2.37
C THR A 183 -10.18 -12.71 3.68
N PHE A 184 -9.34 -12.05 4.48
CA PHE A 184 -9.71 -11.57 5.79
C PHE A 184 -9.22 -10.13 5.95
N SER A 185 -10.06 -9.24 6.46
CA SER A 185 -9.58 -7.91 6.86
C SER A 185 -10.17 -7.56 8.22
N GLY A 186 -9.29 -7.20 9.15
CA GLY A 186 -9.73 -6.89 10.50
C GLY A 186 -10.34 -8.05 11.27
N VAL A 187 -9.84 -9.26 11.04
CA VAL A 187 -10.39 -10.44 11.71
C VAL A 187 -9.47 -10.95 12.80
N GLU A 188 -9.88 -10.71 14.05
CA GLU A 188 -9.22 -11.36 15.20
C GLU A 188 -9.29 -12.85 15.03
N GLY A 189 -8.14 -13.55 15.03
CA GLY A 189 -8.13 -14.99 14.88
C GLY A 189 -7.97 -15.49 13.45
N ALA A 190 -7.80 -14.59 12.48
CA ALA A 190 -7.57 -15.06 11.12
C ALA A 190 -6.22 -15.78 11.03
N PRO A 191 -6.14 -16.79 10.18
CA PRO A 191 -4.81 -17.33 9.86
C PRO A 191 -3.93 -16.26 9.23
N ALA A 192 -2.62 -16.35 9.50
CA ALA A 192 -1.68 -15.37 8.95
C ALA A 192 -1.67 -15.43 7.43
N GLN A 193 -1.40 -14.28 6.81
CA GLN A 193 -1.26 -14.15 5.36
C GLN A 193 -0.28 -15.23 4.92
N SER A 194 -0.62 -15.99 3.88
CA SER A 194 0.22 -17.10 3.39
C SER A 194 -0.01 -17.50 1.92
N PHE A 195 -0.89 -16.77 1.25
CA PHE A 195 -1.02 -16.88 -0.20
C PHE A 195 0.41 -16.86 -0.76
N PRO A 196 0.76 -17.84 -1.60
CA PRO A 196 0.07 -18.90 -2.33
C PRO A 196 -0.71 -20.01 -1.59
N GLU A 197 -0.07 -20.71 -0.65
CA GLU A 197 -0.59 -21.94 -0.06
C GLU A 197 -0.28 -22.06 1.45
N PRO A 198 -1.31 -22.01 2.32
CA PRO A 198 -2.71 -21.89 1.90
C PRO A 198 -3.03 -20.49 1.39
N PRO A 199 -4.07 -20.38 0.57
CA PRO A 199 -4.33 -19.12 -0.13
C PRO A 199 -5.17 -18.14 0.74
N TYR A 200 -4.52 -17.68 1.82
CA TYR A 200 -5.09 -16.67 2.70
C TYR A 200 -4.45 -15.36 2.44
N THR A 201 -5.32 -14.38 2.20
CA THR A 201 -4.98 -13.00 2.04
C THR A 201 -5.49 -12.36 3.32
N THR A 202 -4.56 -11.95 4.18
CA THR A 202 -4.91 -11.49 5.52
C THR A 202 -4.43 -10.07 5.78
N LEU A 203 -5.37 -9.18 6.05
CA LEU A 203 -5.09 -7.78 6.33
C LEU A 203 -5.42 -7.44 7.78
N GLU A 204 -4.48 -6.75 8.45
CA GLU A 204 -4.63 -6.32 9.86
C GLU A 204 -6.00 -5.72 10.13
N THR A 205 -6.33 -4.70 9.35
CA THR A 205 -7.54 -3.89 9.61
C THR A 205 -8.23 -3.60 8.28
N THR A 206 -9.49 -3.15 8.37
CA THR A 206 -10.23 -2.67 7.20
C THR A 206 -10.11 -1.15 7.15
N PRO A 207 -9.53 -0.61 6.05
CA PRO A 207 -9.34 0.86 5.99
C PRO A 207 -10.52 1.70 6.49
N VAL A 208 -11.72 1.42 5.98
CA VAL A 208 -12.94 1.92 6.63
C VAL A 208 -14.07 0.91 6.49
N SER A 209 -14.94 0.89 7.50
CA SER A 209 -16.19 0.12 7.44
C SER A 209 -17.26 0.83 8.25
N ARG A 210 -18.51 0.53 7.96
CA ARG A 210 -19.60 1.14 8.66
C ARG A 210 -20.66 0.07 8.65
N GLU A 211 -21.02 -0.42 9.82
CA GLU A 211 -21.89 -1.58 9.88
C GLU A 211 -23.29 -1.27 9.37
N LYS A 212 -23.93 -2.28 8.80
CA LYS A 212 -25.21 -2.12 8.13
C LYS A 212 -26.33 -1.75 9.14
N PRO A 213 -27.12 -0.70 8.86
CA PRO A 213 -28.27 -0.42 9.72
C PRO A 213 -29.25 -1.60 9.86
N PHE A 214 -30.00 -1.59 10.95
CA PHE A 214 -30.93 -2.67 11.26
C PHE A 214 -32.02 -2.23 12.23
N LEU A 215 -33.14 -2.93 12.15
CA LEU A 215 -34.27 -2.70 13.01
C LEU A 215 -33.99 -3.33 14.38
N TYR A 216 -34.48 -2.68 15.44
CA TYR A 216 -34.43 -3.23 16.80
C TYR A 216 -35.56 -2.61 17.63
N LEU A 217 -35.93 -3.26 18.75
CA LEU A 217 -36.78 -2.65 19.78
C LEU A 217 -35.93 -1.89 20.79
N ASP A 218 -36.31 -0.63 21.03
CA ASP A 218 -35.55 0.28 21.93
C ASP A 218 -36.29 0.23 23.25
N GLY A 219 -36.51 -0.99 23.74
CA GLY A 219 -37.60 -1.26 24.66
C GLY A 219 -38.93 -1.53 23.95
N ASP A 220 -40.00 -0.84 24.35
CA ASP A 220 -41.27 -0.95 23.61
C ASP A 220 -41.43 0.06 22.41
N ASP A 221 -40.29 0.56 21.89
CA ASP A 221 -40.28 1.35 20.63
C ASP A 221 -39.41 0.71 19.53
N TYR A 222 -40.00 0.44 18.35
CA TYR A 222 -39.25 -0.03 17.14
C TYR A 222 -38.51 1.10 16.48
N LYS A 223 -37.32 0.80 15.99
CA LYS A 223 -36.48 1.79 15.35
C LYS A 223 -35.34 1.17 14.58
N VAL A 224 -34.69 1.98 13.77
CA VAL A 224 -33.46 1.58 13.10
C VAL A 224 -32.20 2.17 13.75
N PHE A 225 -31.34 1.30 14.26
CA PHE A 225 -29.98 1.73 14.67
C PHE A 225 -29.14 1.89 13.41
N VAL A 226 -28.47 3.04 13.34
CA VAL A 226 -27.53 3.36 12.29
C VAL A 226 -26.09 3.42 12.85
N PRO A 227 -25.34 2.30 12.75
CA PRO A 227 -23.94 2.30 13.25
C PRO A 227 -23.05 3.45 12.75
N ALA A 228 -22.21 4.02 13.64
CA ALA A 228 -21.15 4.94 13.19
C ALA A 228 -20.06 4.15 12.48
N LYS A 229 -19.29 4.82 11.61
CA LYS A 229 -18.20 4.24 10.81
C LYS A 229 -16.86 4.22 11.54
N ARG A 230 -16.24 3.04 11.59
CA ARG A 230 -14.88 2.92 12.11
C ARG A 230 -13.84 3.05 11.03
N THR A 231 -12.66 3.56 11.42
CA THR A 231 -11.52 3.59 10.53
C THR A 231 -10.50 2.55 11.08
N ASN A 232 -9.88 1.74 10.20
CA ASN A 232 -8.98 0.69 10.65
C ASN A 232 -9.72 -0.18 11.64
N ALA A 233 -10.97 -0.47 11.27
CA ALA A 233 -11.78 -1.47 11.92
C ALA A 233 -11.03 -2.78 12.11
N ARG A 234 -11.23 -3.34 13.30
CA ARG A 234 -10.80 -4.69 13.59
C ARG A 234 -11.64 -5.29 14.70
N GLY A 235 -12.02 -6.55 14.52
CA GLY A 235 -12.92 -7.17 15.46
C GLY A 235 -14.31 -6.55 15.39
N THR A 236 -15.18 -6.99 16.30
CA THR A 236 -16.59 -6.64 16.22
C THR A 236 -16.87 -5.22 16.74
N SER A 237 -17.96 -4.66 16.24
CA SER A 237 -18.36 -3.34 16.65
C SER A 237 -18.96 -3.39 18.04
N TRP A 238 -19.55 -4.54 18.39
CA TRP A 238 -20.43 -4.66 19.55
C TRP A 238 -19.85 -5.40 20.77
N GLY A 239 -18.64 -5.95 20.64
CA GLY A 239 -17.98 -6.66 21.73
C GLY A 239 -17.95 -6.03 23.14
N ASN A 240 -17.90 -4.69 23.22
CA ASN A 240 -17.87 -3.95 24.49
C ASN A 240 -19.31 -3.50 24.71
N GLY A 241 -20.23 -4.41 24.36
CA GLY A 241 -21.65 -4.17 24.27
C GLY A 241 -22.16 -3.34 23.08
N THR A 242 -22.25 -2.03 23.26
CA THR A 242 -22.97 -1.17 22.30
C THR A 242 -22.06 -0.07 21.75
N PRO A 243 -21.48 -0.25 20.55
CA PRO A 243 -20.70 0.84 19.95
C PRO A 243 -21.70 1.80 19.41
N GLU A 244 -21.30 2.55 18.40
CA GLU A 244 -21.58 3.96 18.33
C GLU A 244 -22.41 4.34 17.10
N GLY A 245 -23.66 4.75 17.28
CA GLY A 245 -24.49 5.09 16.13
C GLY A 245 -25.76 5.74 16.64
N GLU A 246 -26.60 6.22 15.71
CA GLU A 246 -27.93 6.85 15.94
C GLU A 246 -28.99 5.83 16.00
N SER A 247 -30.02 6.08 16.80
CA SER A 247 -31.25 5.33 16.74
C SER A 247 -32.31 6.23 16.13
N LEU A 248 -33.06 5.70 15.14
CA LEU A 248 -34.02 6.46 14.36
C LEU A 248 -35.42 5.89 14.53
N PRO A 249 -36.35 6.72 15.05
CA PRO A 249 -37.75 6.30 15.21
C PRO A 249 -38.39 5.70 13.94
N LEU A 250 -39.17 4.64 14.07
CA LEU A 250 -39.85 4.09 12.88
C LEU A 250 -40.78 5.10 12.20
N ASP A 251 -41.38 6.00 12.98
CA ASP A 251 -42.22 7.04 12.37
C ASP A 251 -41.32 8.03 11.61
N GLN A 252 -40.00 7.85 11.71
CA GLN A 252 -39.09 8.64 10.88
C GLN A 252 -38.73 7.93 9.55
N PHE A 253 -39.38 6.79 9.28
CA PHE A 253 -39.24 6.04 8.01
C PHE A 253 -40.57 5.96 7.30
N TYR A 254 -40.57 6.02 5.96
CA TYR A 254 -41.69 5.57 5.14
C TYR A 254 -41.63 4.05 5.07
N VAL A 255 -42.66 3.36 5.58
CA VAL A 255 -42.71 1.90 5.61
C VAL A 255 -43.42 1.38 4.35
N VAL A 256 -42.62 1.29 3.30
CA VAL A 256 -43.10 1.09 1.95
C VAL A 256 -43.58 -0.36 1.79
N LYS A 257 -44.71 -0.51 1.11
CA LYS A 257 -45.24 -1.82 0.69
C LYS A 257 -45.58 -1.80 -0.79
N PRO A 258 -45.36 -2.93 -1.49
CA PRO A 258 -45.64 -2.97 -2.93
C PRO A 258 -47.03 -2.44 -3.32
N GLY A 259 -47.13 -1.77 -4.48
CA GLY A 259 -48.27 -0.91 -4.77
C GLY A 259 -47.90 0.56 -4.59
N ALA A 260 -46.90 0.76 -3.75
CA ALA A 260 -46.19 2.04 -3.74
C ALA A 260 -45.83 2.39 -5.18
N THR A 261 -45.63 3.67 -5.46
CA THR A 261 -45.13 4.11 -6.76
C THR A 261 -43.81 4.85 -6.52
N ALA A 262 -42.96 4.94 -7.53
CA ALA A 262 -41.71 5.71 -7.35
C ALA A 262 -41.99 7.16 -6.95
N GLU A 263 -43.12 7.71 -7.42
CA GLU A 263 -43.57 9.05 -7.07
C GLU A 263 -43.65 9.31 -5.56
N THR A 264 -44.42 8.47 -4.86
CA THR A 264 -44.58 8.63 -3.43
C THR A 264 -43.32 8.27 -2.59
N ILE A 265 -42.58 7.25 -3.02
CA ILE A 265 -41.30 6.95 -2.38
C ILE A 265 -40.43 8.19 -2.48
N ASN A 266 -40.44 8.81 -3.66
CA ASN A 266 -39.64 10.01 -3.90
C ASN A 266 -40.15 11.22 -3.11
N ALA A 267 -41.48 11.31 -2.94
CA ALA A 267 -42.12 12.31 -2.10
C ALA A 267 -41.67 12.11 -0.67
N ALA A 268 -41.65 10.83 -0.27
CA ALA A 268 -41.18 10.47 1.08
C ALA A 268 -39.81 11.08 1.32
N VAL A 269 -38.88 10.86 0.38
CA VAL A 269 -37.54 11.41 0.56
C VAL A 269 -37.58 12.92 0.38
N ASP A 270 -38.47 13.39 -0.50
CA ASP A 270 -38.58 14.81 -0.73
C ASP A 270 -38.82 15.56 0.59
N GLN A 271 -39.89 15.24 1.33
CA GLN A 271 -40.06 15.73 2.73
C GLN A 271 -39.50 14.85 3.86
N GLY A 272 -38.24 14.46 3.82
CA GLY A 272 -37.51 14.14 5.04
C GLY A 272 -37.50 12.73 5.61
N LEU A 273 -38.37 11.85 5.12
CA LEU A 273 -38.47 10.50 5.68
C LEU A 273 -37.34 9.61 5.14
N HIS A 274 -36.95 8.63 5.97
CA HIS A 274 -36.10 7.52 5.52
C HIS A 274 -37.01 6.47 4.85
N LEU A 275 -36.41 5.43 4.27
CA LEU A 275 -37.19 4.39 3.59
C LEU A 275 -36.96 3.02 4.16
N LEU A 276 -38.06 2.30 4.39
CA LEU A 276 -37.97 0.92 4.87
C LEU A 276 -38.77 0.10 3.91
N PHE A 277 -38.09 -0.65 3.06
CA PHE A 277 -38.80 -1.47 2.08
C PHE A 277 -39.17 -2.80 2.69
N THR A 278 -40.45 -3.00 2.90
CA THR A 278 -40.93 -4.27 3.38
C THR A 278 -40.75 -5.33 2.30
N PRO A 279 -40.66 -6.60 2.72
CA PRO A 279 -40.38 -7.66 1.75
C PRO A 279 -41.46 -7.75 0.68
N GLY A 280 -41.00 -7.72 -0.56
CA GLY A 280 -41.90 -7.74 -1.69
C GLY A 280 -41.15 -7.28 -2.93
N VAL A 281 -41.91 -7.06 -4.01
CA VAL A 281 -41.36 -6.70 -5.32
C VAL A 281 -42.04 -5.42 -5.75
N TYR A 282 -41.22 -4.42 -6.07
CA TYR A 282 -41.66 -3.07 -6.39
C TYR A 282 -41.27 -2.72 -7.83
N HIS A 283 -42.22 -2.79 -8.77
CA HIS A 283 -41.99 -2.23 -10.10
C HIS A 283 -42.04 -0.74 -9.99
N VAL A 284 -41.11 -0.10 -10.64
CA VAL A 284 -41.16 1.33 -10.68
C VAL A 284 -41.33 1.69 -12.16
N ASP A 285 -42.25 2.62 -12.42
CA ASP A 285 -42.38 3.18 -13.77
C ASP A 285 -41.30 4.21 -14.06
N GLN A 286 -40.52 4.49 -13.05
CA GLN A 286 -39.60 5.62 -13.00
C GLN A 286 -38.67 5.44 -11.76
N PRO A 287 -37.47 6.05 -11.79
CA PRO A 287 -36.45 5.74 -10.75
C PRO A 287 -36.77 6.24 -9.38
N ILE A 288 -36.24 5.50 -8.42
CA ILE A 288 -36.34 5.84 -7.02
C ILE A 288 -35.17 6.76 -6.68
N GLU A 289 -35.50 8.02 -6.42
CA GLU A 289 -34.50 9.08 -6.21
C GLU A 289 -34.23 9.29 -4.72
N ILE A 290 -32.95 9.31 -4.36
CA ILE A 290 -32.54 9.72 -3.02
C ILE A 290 -31.66 10.95 -3.23
N ASP A 291 -32.22 12.11 -2.89
CA ASP A 291 -31.47 13.35 -3.08
C ASP A 291 -31.26 14.11 -1.78
N ARG A 292 -31.41 13.41 -0.67
CA ARG A 292 -31.29 14.02 0.63
C ARG A 292 -30.17 13.35 1.44
N ALA A 293 -29.28 14.16 2.05
CA ALA A 293 -28.19 13.60 2.81
C ALA A 293 -28.66 12.75 3.99
N ASN A 294 -27.89 11.72 4.28
CA ASN A 294 -28.09 10.87 5.46
C ASN A 294 -29.27 9.91 5.42
N THR A 295 -29.94 9.86 4.28
CA THR A 295 -31.10 8.98 4.11
C THR A 295 -30.70 7.52 4.23
N VAL A 296 -31.50 6.77 4.98
CA VAL A 296 -31.34 5.35 5.14
C VAL A 296 -32.39 4.70 4.25
N ALA A 297 -31.97 3.74 3.43
CA ALA A 297 -32.92 2.98 2.61
C ALA A 297 -32.62 1.53 2.90
N LEU A 298 -33.36 0.97 3.87
CA LEU A 298 -33.18 -0.39 4.37
C LEU A 298 -34.25 -1.29 3.76
N GLY A 299 -33.82 -2.41 3.20
CA GLY A 299 -34.74 -3.42 2.71
C GLY A 299 -34.76 -4.59 3.66
N LEU A 300 -35.93 -5.22 3.74
CA LEU A 300 -36.18 -6.41 4.52
C LEU A 300 -36.55 -7.56 3.60
N GLY A 301 -36.13 -8.77 3.95
CA GLY A 301 -36.53 -9.98 3.26
C GLY A 301 -36.34 -9.95 1.75
N LEU A 302 -35.17 -9.45 1.32
CA LEU A 302 -34.80 -9.46 -0.09
C LEU A 302 -35.77 -8.63 -0.96
N ALA A 303 -36.27 -7.55 -0.37
CA ALA A 303 -37.07 -6.57 -1.09
C ALA A 303 -36.37 -6.24 -2.40
N THR A 304 -37.17 -6.25 -3.46
CA THR A 304 -36.68 -6.20 -4.81
C THR A 304 -37.31 -5.06 -5.58
N ILE A 305 -36.49 -4.36 -6.37
CA ILE A 305 -36.92 -3.26 -7.25
C ILE A 305 -36.75 -3.71 -8.69
N ILE A 306 -37.80 -3.57 -9.50
CA ILE A 306 -37.70 -3.82 -10.94
C ILE A 306 -38.02 -2.53 -11.70
N PRO A 307 -37.04 -1.98 -12.46
CA PRO A 307 -37.38 -0.76 -13.20
C PRO A 307 -38.10 -1.10 -14.48
N ASP A 308 -39.21 -0.43 -14.73
CA ASP A 308 -39.85 -0.61 -16.04
C ASP A 308 -39.38 0.39 -17.06
N ASN A 309 -39.59 0.02 -18.32
CA ASN A 309 -39.48 0.95 -19.43
C ASN A 309 -38.03 1.50 -19.56
N GLY A 310 -37.05 0.68 -19.20
CA GLY A 310 -35.64 1.01 -19.34
C GLY A 310 -35.14 2.11 -18.43
N VAL A 311 -35.88 2.45 -17.38
CA VAL A 311 -35.35 3.46 -16.46
C VAL A 311 -34.26 2.89 -15.52
N THR A 312 -33.55 3.79 -14.88
CA THR A 312 -32.61 3.46 -13.83
C THR A 312 -33.43 3.12 -12.55
N ALA A 313 -33.05 2.09 -11.80
CA ALA A 313 -33.81 1.74 -10.57
C ALA A 313 -33.69 2.74 -9.43
N LEU A 314 -32.45 3.13 -9.12
CA LEU A 314 -32.19 4.05 -8.02
C LEU A 314 -31.06 4.91 -8.39
N LYS A 315 -31.31 6.19 -8.24
CA LYS A 315 -30.29 7.21 -8.40
C LYS A 315 -30.11 7.92 -7.06
N VAL A 316 -28.86 7.91 -6.62
CA VAL A 316 -28.51 8.59 -5.41
C VAL A 316 -27.75 9.85 -5.76
N GLY A 317 -28.07 10.93 -5.07
CA GLY A 317 -27.45 12.21 -5.36
C GLY A 317 -26.01 12.30 -4.86
N ASP A 318 -25.40 13.43 -5.19
CA ASP A 318 -24.07 13.83 -4.73
C ASP A 318 -24.06 14.35 -3.29
N VAL A 319 -24.67 13.57 -2.41
CA VAL A 319 -24.85 13.97 -1.03
C VAL A 319 -24.13 13.00 -0.08
N ASP A 320 -23.81 13.51 1.10
CA ASP A 320 -23.19 12.71 2.18
C ASP A 320 -24.15 11.65 2.72
N GLY A 321 -23.60 10.53 3.20
CA GLY A 321 -24.23 9.76 4.26
C GLY A 321 -25.37 8.85 3.91
N VAL A 322 -25.68 8.70 2.63
CA VAL A 322 -26.79 7.80 2.26
C VAL A 322 -26.35 6.35 2.51
N LYS A 323 -27.28 5.56 3.07
CA LYS A 323 -27.01 4.17 3.46
C LYS A 323 -28.05 3.33 2.76
N VAL A 324 -27.69 2.72 1.64
CA VAL A 324 -28.58 1.78 0.91
C VAL A 324 -28.22 0.36 1.38
N ALA A 325 -29.20 -0.43 1.79
CA ALA A 325 -28.89 -1.74 2.37
C ALA A 325 -29.99 -2.75 2.10
N GLY A 326 -29.61 -3.96 1.67
CA GLY A 326 -30.54 -5.06 1.65
C GLY A 326 -31.60 -5.04 0.58
N LEU A 327 -31.16 -4.70 -0.63
CA LEU A 327 -32.04 -4.63 -1.80
C LEU A 327 -31.50 -5.43 -2.95
N LEU A 328 -32.42 -6.13 -3.64
CA LEU A 328 -32.13 -6.72 -4.92
C LEU A 328 -32.72 -5.84 -6.02
N VAL A 329 -31.93 -5.46 -7.02
CA VAL A 329 -32.48 -4.80 -8.20
C VAL A 329 -32.42 -5.81 -9.35
N ASP A 330 -33.58 -6.06 -9.96
CA ASP A 330 -33.80 -7.13 -10.94
C ASP A 330 -34.18 -6.42 -12.24
N ALA A 331 -33.33 -6.52 -13.27
CA ALA A 331 -33.55 -5.79 -14.49
C ALA A 331 -34.86 -6.19 -15.14
N GLY A 332 -35.48 -5.23 -15.81
CA GLY A 332 -36.68 -5.51 -16.58
C GLY A 332 -36.33 -5.96 -17.98
N PRO A 333 -37.31 -6.52 -18.70
CA PRO A 333 -37.11 -6.97 -20.08
C PRO A 333 -36.68 -5.85 -21.03
N VAL A 334 -36.89 -4.58 -20.67
CA VAL A 334 -36.49 -3.48 -21.51
C VAL A 334 -35.16 -2.95 -21.00
N ASN A 335 -34.19 -2.86 -21.89
CA ASN A 335 -32.84 -2.47 -21.48
C ASN A 335 -32.80 -1.14 -20.71
N SER A 336 -32.25 -1.18 -19.49
CA SER A 336 -31.95 0.01 -18.73
C SER A 336 -30.50 0.40 -18.97
N GLU A 337 -30.28 1.65 -19.32
CA GLU A 337 -28.93 2.11 -19.55
C GLU A 337 -28.07 1.94 -18.28
N THR A 338 -28.69 2.19 -17.13
CA THR A 338 -28.05 1.93 -15.84
C THR A 338 -29.11 1.37 -14.91
N LEU A 339 -28.72 0.54 -13.95
CA LEU A 339 -29.64 0.13 -12.89
C LEU A 339 -29.52 0.89 -11.55
N VAL A 340 -28.29 1.18 -11.12
CA VAL A 340 -28.05 1.90 -9.87
C VAL A 340 -26.94 2.88 -10.16
N GLU A 341 -27.21 4.16 -9.87
CA GLU A 341 -26.18 5.20 -9.97
C GLU A 341 -25.99 5.88 -8.62
N VAL A 342 -24.72 5.98 -8.20
CA VAL A 342 -24.40 6.71 -6.99
C VAL A 342 -23.65 7.98 -7.35
N GLY A 343 -24.37 9.10 -7.35
CA GLY A 343 -23.83 10.38 -7.71
C GLY A 343 -23.84 10.60 -9.20
N SER A 344 -23.51 11.82 -9.63
CA SER A 344 -23.50 12.11 -11.08
C SER A 344 -22.20 11.98 -11.80
N ASP A 345 -22.33 11.84 -13.12
CA ASP A 345 -21.17 11.95 -13.97
C ASP A 345 -20.68 13.36 -13.76
N GLY A 346 -19.37 13.55 -13.62
CA GLY A 346 -18.84 14.91 -13.45
C GLY A 346 -18.66 15.30 -11.99
N ALA A 347 -19.62 14.91 -11.14
CA ALA A 347 -19.46 15.05 -9.67
C ALA A 347 -18.02 14.91 -9.24
N SER A 348 -17.50 15.87 -8.48
CA SER A 348 -16.11 15.83 -8.08
C SER A 348 -15.87 16.66 -6.80
N GLY A 349 -16.82 16.57 -5.88
CA GLY A 349 -16.62 16.98 -4.50
C GLY A 349 -16.43 15.76 -3.61
N ASP A 350 -16.10 15.96 -2.33
CA ASP A 350 -15.73 14.83 -1.47
C ASP A 350 -16.84 14.41 -0.50
N HIS A 351 -16.76 13.18 0.01
CA HIS A 351 -17.60 12.73 1.09
C HIS A 351 -16.81 11.86 2.08
N ALA A 352 -15.72 12.41 2.64
CA ALA A 352 -14.76 11.58 3.40
C ALA A 352 -15.17 11.36 4.83
N ALA A 353 -15.68 12.40 5.48
CA ALA A 353 -16.15 12.29 6.84
C ALA A 353 -17.31 11.28 6.88
N ASN A 354 -18.29 11.53 6.01
CA ASN A 354 -19.60 10.88 6.07
C ASN A 354 -20.00 10.31 4.68
N PRO A 355 -19.38 9.18 4.30
CA PRO A 355 -19.60 8.59 2.97
C PRO A 355 -21.01 8.04 2.72
N THR A 356 -21.34 7.87 1.44
CA THR A 356 -22.51 7.06 1.05
C THR A 356 -22.04 5.63 0.91
N SER A 357 -22.94 4.68 1.22
CA SER A 357 -22.60 3.26 1.16
C SER A 357 -23.71 2.45 0.48
N LEU A 358 -23.28 1.41 -0.23
CA LEU A 358 -24.16 0.35 -0.69
C LEU A 358 -23.77 -0.93 0.06
N GLN A 359 -24.73 -1.52 0.78
CA GLN A 359 -24.44 -2.76 1.53
C GLN A 359 -25.49 -3.83 1.24
N ASP A 360 -25.02 -5.03 0.91
CA ASP A 360 -25.97 -6.08 0.53
C ASP A 360 -26.94 -5.55 -0.52
N VAL A 361 -26.37 -4.93 -1.53
CA VAL A 361 -27.09 -4.53 -2.72
C VAL A 361 -26.73 -5.54 -3.80
N PHE A 362 -27.74 -6.23 -4.30
CA PHE A 362 -27.55 -7.29 -5.28
C PHE A 362 -28.23 -6.85 -6.56
N VAL A 363 -27.67 -7.25 -7.68
CA VAL A 363 -28.25 -6.95 -8.98
C VAL A 363 -28.33 -8.25 -9.78
N ARG A 364 -29.48 -8.46 -10.42
CA ARG A 364 -29.70 -9.61 -11.30
C ARG A 364 -30.17 -9.13 -12.67
N ILE A 365 -29.58 -9.73 -13.72
CA ILE A 365 -30.03 -9.48 -15.10
C ILE A 365 -30.40 -10.83 -15.74
N GLY A 366 -31.71 -11.07 -15.88
CA GLY A 366 -32.22 -12.37 -16.30
C GLY A 366 -32.32 -13.35 -15.13
N GLY A 367 -32.69 -14.63 -15.33
CA GLY A 367 -32.84 -15.50 -14.16
C GLY A 367 -34.23 -15.19 -13.68
N ALA A 368 -34.53 -14.85 -12.43
CA ALA A 368 -35.95 -14.66 -12.05
C ALA A 368 -36.92 -14.23 -13.22
N GLY A 369 -36.37 -13.85 -14.40
CA GLY A 369 -36.97 -14.01 -15.77
C GLY A 369 -36.41 -13.21 -17.02
N PRO A 370 -37.28 -12.57 -17.75
CA PRO A 370 -36.84 -11.78 -18.94
C PRO A 370 -35.87 -10.47 -18.83
N GLY A 371 -34.50 -10.36 -18.79
CA GLY A 371 -33.85 -9.03 -18.50
C GLY A 371 -32.55 -8.46 -19.12
N LYS A 372 -32.42 -7.11 -19.17
CA LYS A 372 -31.31 -6.41 -19.85
C LYS A 372 -30.86 -5.06 -19.23
N ALA A 373 -29.55 -4.80 -19.21
CA ALA A 373 -29.04 -3.49 -18.80
C ALA A 373 -27.63 -3.27 -19.29
N THR A 374 -27.29 -2.03 -19.63
CA THR A 374 -25.96 -1.75 -20.21
C THR A 374 -24.84 -1.75 -19.15
N THR A 375 -25.02 -0.92 -18.12
CA THR A 375 -24.08 -0.86 -16.98
C THR A 375 -24.84 -0.94 -15.67
N SER A 376 -24.71 -2.03 -14.92
CA SER A 376 -25.53 -2.23 -13.75
C SER A 376 -25.38 -1.22 -12.58
N ILE A 377 -24.14 -0.96 -12.15
CA ILE A 377 -23.86 -0.05 -11.05
C ILE A 377 -22.74 0.88 -11.44
N VAL A 378 -23.05 2.19 -11.44
CA VAL A 378 -22.05 3.20 -11.71
C VAL A 378 -21.85 3.98 -10.43
N VAL A 379 -20.60 4.06 -10.00
CA VAL A 379 -20.24 4.71 -8.73
C VAL A 379 -19.48 5.99 -9.06
N ASN A 380 -20.21 7.10 -9.06
CA ASN A 380 -19.61 8.38 -9.39
C ASN A 380 -19.07 9.11 -8.17
N SER A 381 -19.77 9.05 -7.05
CA SER A 381 -19.39 9.89 -5.90
C SER A 381 -18.12 9.43 -5.21
N ASN A 382 -17.23 10.38 -4.92
CA ASN A 382 -16.03 10.07 -4.18
C ASN A 382 -16.35 9.49 -2.80
N ASP A 383 -15.43 8.67 -2.32
CA ASP A 383 -15.38 8.13 -0.96
C ASP A 383 -16.48 7.11 -0.66
N THR A 384 -17.18 6.64 -1.69
CA THR A 384 -18.26 5.66 -1.52
C THR A 384 -17.70 4.32 -1.04
N ILE A 385 -18.47 3.66 -0.16
CA ILE A 385 -18.14 2.35 0.34
C ILE A 385 -19.11 1.36 -0.30
N ILE A 386 -18.58 0.33 -0.92
CA ILE A 386 -19.37 -0.76 -1.51
C ILE A 386 -19.04 -1.99 -0.65
N ASP A 387 -19.89 -2.31 0.32
CA ASP A 387 -19.60 -3.35 1.30
C ASP A 387 -20.59 -4.52 1.15
N HIS A 388 -20.16 -5.49 0.35
CA HIS A 388 -20.92 -6.64 -0.10
C HIS A 388 -21.92 -6.31 -1.19
N THR A 389 -21.53 -6.62 -2.42
CA THR A 389 -22.42 -6.57 -3.56
C THR A 389 -22.24 -7.85 -4.41
N TRP A 390 -23.34 -8.34 -5.01
CA TRP A 390 -23.30 -9.38 -6.03
C TRP A 390 -24.04 -8.81 -7.22
N VAL A 391 -23.33 -8.61 -8.31
CA VAL A 391 -23.86 -8.03 -9.53
C VAL A 391 -23.73 -9.17 -10.58
N TRP A 392 -24.87 -9.72 -10.98
CA TRP A 392 -24.92 -11.02 -11.65
C TRP A 392 -25.76 -11.03 -12.89
N ARG A 393 -25.14 -11.27 -14.03
CA ARG A 393 -25.89 -11.55 -15.22
C ARG A 393 -26.21 -13.06 -15.18
N ALA A 394 -27.49 -13.41 -15.30
CA ALA A 394 -27.90 -14.80 -15.08
C ALA A 394 -27.25 -15.79 -16.06
N ASP A 395 -26.83 -16.94 -15.53
CA ASP A 395 -26.37 -18.05 -16.35
C ASP A 395 -27.42 -19.16 -16.45
N HIS A 396 -28.54 -19.03 -15.74
CA HIS A 396 -29.63 -19.99 -15.83
C HIS A 396 -30.97 -19.36 -15.47
N GLY A 397 -32.05 -20.02 -15.92
CA GLY A 397 -33.42 -19.56 -15.72
C GLY A 397 -34.15 -19.05 -16.97
N GLU A 398 -35.17 -18.24 -16.80
CA GLU A 398 -35.85 -17.63 -17.94
C GLU A 398 -35.14 -16.38 -18.42
N GLY A 399 -35.14 -16.20 -19.73
CA GLY A 399 -34.69 -14.95 -20.30
C GLY A 399 -33.20 -14.95 -20.55
N VAL A 400 -32.56 -16.11 -20.38
CA VAL A 400 -31.09 -16.24 -20.49
C VAL A 400 -30.61 -16.51 -21.93
N GLY A 401 -29.70 -15.66 -22.40
CA GLY A 401 -29.06 -15.83 -23.70
C GLY A 401 -28.05 -14.73 -23.95
N TRP A 402 -27.03 -15.07 -24.73
CA TRP A 402 -25.96 -14.12 -25.10
C TRP A 402 -26.52 -12.73 -25.52
N GLU A 403 -27.56 -12.69 -26.34
CA GLU A 403 -28.23 -11.41 -26.63
C GLU A 403 -29.52 -11.24 -25.76
N THR A 404 -30.26 -12.31 -25.50
CA THR A 404 -31.50 -12.15 -24.75
C THR A 404 -31.40 -11.54 -23.31
N ASN A 405 -30.40 -11.93 -22.49
CA ASN A 405 -30.08 -11.16 -21.27
C ASN A 405 -28.70 -10.52 -21.32
N ARG A 406 -28.37 -9.96 -22.50
CA ARG A 406 -27.09 -9.28 -22.65
C ARG A 406 -26.99 -8.15 -21.60
N ALA A 407 -25.84 -8.09 -20.96
CA ALA A 407 -25.56 -7.11 -19.92
C ALA A 407 -24.09 -6.84 -20.07
N ASP A 408 -23.83 -5.64 -20.54
CA ASP A 408 -22.51 -5.33 -21.00
C ASP A 408 -21.45 -5.15 -19.94
N TYR A 409 -21.76 -4.28 -18.99
CA TYR A 409 -20.82 -3.83 -17.99
C TYR A 409 -21.43 -4.04 -16.61
N GLY A 410 -20.64 -4.55 -15.69
CA GLY A 410 -21.16 -4.85 -14.37
C GLY A 410 -21.18 -3.62 -13.49
N VAL A 411 -19.97 -3.26 -13.07
CA VAL A 411 -19.75 -2.13 -12.17
C VAL A 411 -18.76 -1.23 -12.86
N HIS A 412 -19.00 0.06 -12.73
CA HIS A 412 -18.10 1.06 -13.25
C HIS A 412 -17.80 2.09 -12.18
N VAL A 413 -16.58 2.10 -11.68
CA VAL A 413 -16.24 3.03 -10.62
C VAL A 413 -15.55 4.26 -11.21
N LYS A 414 -16.23 5.41 -11.12
CA LYS A 414 -15.73 6.68 -11.65
C LYS A 414 -15.22 7.61 -10.53
N GLY A 415 -15.73 7.42 -9.31
CA GLY A 415 -15.35 8.25 -8.17
C GLY A 415 -13.96 7.99 -7.60
N ASP A 416 -13.41 9.03 -6.96
CA ASP A 416 -12.15 8.93 -6.25
C ASP A 416 -12.29 8.32 -4.83
N ASN A 417 -11.27 7.60 -4.42
CA ASN A 417 -11.17 7.03 -3.06
C ASN A 417 -12.34 6.14 -2.66
N VAL A 418 -12.78 5.37 -3.65
CA VAL A 418 -13.88 4.40 -3.43
C VAL A 418 -13.27 3.08 -2.91
N LEU A 419 -13.97 2.47 -1.96
CA LEU A 419 -13.53 1.23 -1.33
C LEU A 419 -14.57 0.21 -1.65
N ALA A 420 -14.14 -0.97 -2.10
CA ALA A 420 -15.05 -2.12 -2.20
C ALA A 420 -14.54 -3.25 -1.32
N THR A 421 -15.40 -3.74 -0.45
CA THR A 421 -15.09 -4.87 0.44
C THR A 421 -16.13 -5.97 0.21
N GLY A 422 -15.69 -7.07 -0.39
CA GLY A 422 -16.60 -8.15 -0.72
C GLY A 422 -17.34 -7.91 -2.03
N LEU A 423 -16.59 -7.90 -3.12
CA LEU A 423 -17.10 -7.53 -4.46
C LEU A 423 -17.24 -8.79 -5.31
N PHE A 424 -18.48 -9.14 -5.67
CA PHE A 424 -18.77 -10.35 -6.43
C PHE A 424 -19.47 -9.88 -7.74
N VAL A 425 -18.87 -10.06 -8.90
CA VAL A 425 -19.48 -9.61 -10.16
C VAL A 425 -19.22 -10.66 -11.25
N GLU A 426 -20.30 -11.12 -11.90
CA GLU A 426 -20.20 -12.28 -12.79
C GLU A 426 -21.02 -12.18 -14.06
N HIS A 427 -20.37 -12.59 -15.15
CA HIS A 427 -21.01 -13.04 -16.41
C HIS A 427 -21.30 -11.96 -17.45
N PHE A 428 -20.76 -10.76 -17.27
CA PHE A 428 -21.02 -9.68 -18.22
C PHE A 428 -20.40 -9.92 -19.60
N ASN A 429 -21.09 -9.39 -20.62
CA ASN A 429 -20.62 -9.59 -22.00
C ASN A 429 -19.29 -8.89 -22.30
N LYS A 430 -19.02 -7.81 -21.57
CA LYS A 430 -17.76 -7.11 -21.66
C LYS A 430 -17.10 -7.01 -20.27
N TYR A 431 -16.60 -5.83 -19.87
CA TYR A 431 -15.90 -5.76 -18.62
C TYR A 431 -16.84 -5.94 -17.42
N ASP A 432 -16.58 -6.93 -16.56
CA ASP A 432 -17.42 -7.10 -15.39
C ASP A 432 -17.26 -5.89 -14.49
N VAL A 433 -16.00 -5.51 -14.24
CA VAL A 433 -15.69 -4.32 -13.44
C VAL A 433 -14.68 -3.46 -14.15
N GLN A 434 -14.92 -2.15 -14.14
CA GLN A 434 -14.00 -1.16 -14.66
C GLN A 434 -13.85 -0.05 -13.60
N TRP A 435 -12.63 0.45 -13.46
CA TRP A 435 -12.30 1.36 -12.40
C TRP A 435 -11.48 2.47 -13.03
N SER A 436 -12.14 3.62 -13.17
CA SER A 436 -11.55 4.80 -13.77
C SER A 436 -11.24 5.93 -12.75
N GLY A 437 -11.72 5.82 -11.52
CA GLY A 437 -11.40 6.80 -10.49
C GLY A 437 -10.02 6.57 -9.87
N GLU A 438 -9.50 7.58 -9.17
CA GLU A 438 -8.21 7.45 -8.51
C GLU A 438 -8.34 6.88 -7.06
N ASN A 439 -7.22 6.36 -6.55
CA ASN A 439 -7.07 5.72 -5.23
C ASN A 439 -8.20 4.78 -4.77
N GLY A 440 -8.55 3.87 -5.66
CA GLY A 440 -9.52 2.84 -5.38
C GLY A 440 -8.86 1.70 -4.65
N LYS A 441 -9.65 1.04 -3.82
CA LYS A 441 -9.21 -0.09 -3.04
C LYS A 441 -10.28 -1.16 -3.20
N THR A 442 -9.88 -2.38 -3.54
CA THR A 442 -10.77 -3.56 -3.50
C THR A 442 -10.18 -4.62 -2.60
N ILE A 443 -10.94 -5.03 -1.61
CA ILE A 443 -10.56 -6.15 -0.71
C ILE A 443 -11.60 -7.27 -0.96
N PHE A 444 -11.10 -8.32 -1.63
CA PHE A 444 -11.85 -9.48 -2.09
C PHE A 444 -12.68 -9.22 -3.32
N TYR A 445 -12.38 -9.99 -4.36
CA TYR A 445 -13.12 -9.97 -5.60
C TYR A 445 -13.32 -11.41 -6.05
N GLN A 446 -14.55 -11.69 -6.45
CA GLN A 446 -14.89 -12.96 -7.09
C GLN A 446 -15.64 -12.67 -8.39
N ASN A 447 -15.11 -13.21 -9.47
CA ASN A 447 -15.71 -13.12 -10.80
C ASN A 447 -15.77 -14.49 -11.46
N ALA A 448 -16.80 -14.66 -12.30
CA ALA A 448 -16.81 -15.74 -13.29
C ALA A 448 -17.14 -15.05 -14.62
N LYS A 449 -16.48 -15.49 -15.67
CA LYS A 449 -16.70 -14.92 -17.01
C LYS A 449 -17.91 -15.58 -17.68
N ALA A 450 -18.57 -14.85 -18.56
CA ALA A 450 -19.77 -15.34 -19.25
C ALA A 450 -19.54 -16.71 -19.91
N TYR A 451 -20.44 -17.65 -19.63
CA TYR A 451 -20.32 -19.04 -20.10
C TYR A 451 -20.67 -19.15 -21.55
N ASP A 452 -21.47 -18.18 -22.02
CA ASP A 452 -22.17 -18.30 -23.29
C ASP A 452 -21.63 -17.47 -24.45
N ALA A 453 -20.39 -16.99 -24.33
CA ALA A 453 -19.69 -16.39 -25.46
C ALA A 453 -19.77 -17.32 -26.66
N PRO A 454 -20.26 -16.86 -27.82
CA PRO A 454 -20.43 -17.85 -28.91
C PRO A 454 -19.14 -18.32 -29.59
N ASP A 455 -18.13 -17.47 -29.57
CA ASP A 455 -16.88 -17.72 -30.25
C ASP A 455 -15.90 -16.60 -29.97
N GLN A 456 -14.66 -16.77 -30.39
CA GLN A 456 -13.63 -15.77 -30.13
C GLN A 456 -14.05 -14.39 -30.69
N ALA A 457 -14.77 -14.40 -31.81
CA ALA A 457 -15.08 -13.15 -32.51
C ALA A 457 -15.97 -12.26 -31.68
N ALA A 458 -16.93 -12.88 -30.98
CA ALA A 458 -17.92 -12.14 -30.19
C ALA A 458 -17.37 -11.29 -29.05
N ILE A 459 -16.26 -11.73 -28.44
CA ILE A 459 -15.71 -11.06 -27.25
C ILE A 459 -14.43 -10.34 -27.60
N GLN A 460 -14.34 -9.96 -28.85
CA GLN A 460 -13.13 -9.35 -29.38
C GLN A 460 -13.05 -7.90 -28.94
N ASN A 461 -12.04 -7.63 -28.12
CA ASN A 461 -11.82 -6.32 -27.50
C ASN A 461 -10.62 -5.69 -28.24
N GLY A 462 -10.81 -5.54 -29.57
CA GLY A 462 -9.74 -5.18 -30.49
C GLY A 462 -8.54 -6.13 -30.44
N ASP A 463 -7.41 -5.59 -29.96
CA ASP A 463 -6.13 -6.32 -29.80
C ASP A 463 -6.15 -7.41 -28.73
N ILE A 464 -7.13 -7.32 -27.83
CA ILE A 464 -7.29 -8.19 -26.66
C ILE A 464 -8.33 -9.27 -26.92
N LYS A 465 -7.99 -10.51 -26.58
CA LYS A 465 -8.92 -11.63 -26.60
C LYS A 465 -9.74 -11.54 -25.32
N GLY A 466 -11.02 -11.22 -25.44
CA GLY A 466 -11.88 -11.11 -24.29
C GLY A 466 -11.74 -9.80 -23.56
N TYR A 467 -12.59 -9.62 -22.54
CA TYR A 467 -12.59 -8.41 -21.72
C TYR A 467 -12.22 -8.79 -20.30
N ALA A 468 -11.31 -8.03 -19.68
CA ALA A 468 -10.92 -8.31 -18.31
C ALA A 468 -12.12 -8.37 -17.39
N ALA A 469 -12.03 -9.23 -16.39
CA ALA A 469 -13.02 -9.25 -15.31
C ALA A 469 -12.88 -8.00 -14.45
N TYR A 470 -11.69 -7.41 -14.45
CA TYR A 470 -11.43 -6.24 -13.60
C TYR A 470 -10.36 -5.44 -14.29
N LYS A 471 -10.78 -4.28 -14.81
CA LYS A 471 -9.95 -3.41 -15.61
C LYS A 471 -9.73 -2.14 -14.86
N VAL A 472 -8.47 -1.78 -14.74
CA VAL A 472 -8.09 -0.45 -14.27
C VAL A 472 -7.63 0.37 -15.49
N ASP A 473 -8.30 1.52 -15.68
CA ASP A 473 -8.04 2.43 -16.81
C ASP A 473 -6.60 2.98 -16.81
N ASP A 474 -5.98 3.07 -18.00
CA ASP A 474 -4.53 3.45 -18.13
C ASP A 474 -4.12 4.83 -17.53
N SER A 475 -5.05 5.78 -17.39
CA SER A 475 -4.62 7.07 -16.79
C SER A 475 -4.64 7.06 -15.27
N VAL A 476 -5.21 6.01 -14.67
CA VAL A 476 -5.25 5.92 -13.22
C VAL A 476 -3.85 5.81 -12.66
N THR A 477 -3.60 6.53 -11.56
CA THR A 477 -2.24 6.56 -11.06
C THR A 477 -2.05 5.78 -9.74
N THR A 478 -3.11 5.68 -8.92
CA THR A 478 -3.08 4.84 -7.70
C THR A 478 -4.29 3.91 -7.62
N HIS A 479 -4.04 2.69 -7.17
CA HIS A 479 -5.09 1.65 -7.04
C HIS A 479 -4.47 0.52 -6.25
N GLU A 480 -5.24 -0.15 -5.40
CA GLU A 480 -4.75 -1.36 -4.75
C GLU A 480 -5.88 -2.39 -4.58
N GLY A 481 -5.61 -3.60 -5.05
CA GLY A 481 -6.51 -4.73 -4.89
C GLY A 481 -5.87 -5.91 -4.15
N TRP A 482 -6.65 -6.61 -3.33
CA TRP A 482 -6.17 -7.76 -2.59
C TRP A 482 -7.17 -8.93 -2.68
N GLY A 483 -6.64 -10.12 -2.98
CA GLY A 483 -7.44 -11.33 -2.88
C GLY A 483 -8.54 -11.44 -3.93
N MET A 484 -8.13 -11.59 -5.18
CA MET A 484 -9.02 -11.43 -6.32
C MET A 484 -8.90 -12.56 -7.30
N GLY A 485 -10.05 -13.12 -7.67
CA GLY A 485 -10.08 -14.24 -8.60
C GLY A 485 -11.11 -14.11 -9.72
N SER A 486 -10.76 -14.61 -10.90
CA SER A 486 -11.66 -14.71 -12.04
C SER A 486 -11.63 -16.14 -12.53
N TYR A 487 -12.82 -16.71 -12.77
CA TYR A 487 -12.93 -18.07 -13.25
C TYR A 487 -13.68 -18.14 -14.56
N CYS A 488 -13.37 -19.15 -15.37
CA CYS A 488 -14.08 -19.29 -16.66
C CYS A 488 -14.68 -20.68 -16.81
N TYR A 489 -15.71 -20.72 -17.63
CA TYR A 489 -16.52 -21.92 -17.91
C TYR A 489 -17.21 -21.72 -19.26
N PHE A 490 -16.40 -21.71 -20.31
CA PHE A 490 -16.86 -21.37 -21.64
C PHE A 490 -17.49 -22.58 -22.33
N ASN A 491 -18.68 -22.95 -21.86
CA ASN A 491 -19.24 -24.24 -22.21
C ASN A 491 -19.89 -24.29 -23.57
N VAL A 492 -20.41 -23.16 -24.05
CA VAL A 492 -20.84 -23.07 -25.41
C VAL A 492 -19.67 -23.33 -26.33
N ASN A 493 -18.53 -22.70 -26.06
CA ASN A 493 -17.37 -22.81 -26.94
C ASN A 493 -16.07 -22.96 -26.17
N PRO A 494 -15.73 -24.21 -25.78
CA PRO A 494 -14.61 -24.51 -24.88
C PRO A 494 -13.23 -24.26 -25.50
N ASP A 495 -13.21 -23.83 -26.76
CA ASP A 495 -11.97 -23.50 -27.42
C ASP A 495 -11.60 -22.01 -27.31
N ILE A 496 -12.50 -21.22 -26.72
CA ILE A 496 -12.21 -19.80 -26.49
C ILE A 496 -11.03 -19.61 -25.57
N ARG A 497 -10.31 -18.51 -25.78
CA ARG A 497 -9.26 -18.06 -24.90
C ARG A 497 -9.60 -16.70 -24.32
N GLN A 498 -9.41 -16.56 -23.02
CA GLN A 498 -9.54 -15.29 -22.31
C GLN A 498 -8.12 -14.77 -22.03
N GLN A 499 -7.74 -13.60 -22.53
CA GLN A 499 -6.33 -13.20 -22.39
C GLN A 499 -5.91 -13.08 -20.93
N HIS A 500 -6.79 -12.53 -20.10
CA HIS A 500 -6.47 -12.33 -18.67
C HIS A 500 -7.73 -12.08 -17.83
N GLY A 501 -7.63 -12.30 -16.52
CA GLY A 501 -8.67 -11.90 -15.59
C GLY A 501 -8.60 -10.42 -15.28
N PHE A 502 -7.38 -9.86 -15.31
CA PHE A 502 -7.10 -8.53 -14.82
C PHE A 502 -6.30 -7.73 -15.85
N GLN A 503 -6.49 -6.43 -15.81
CA GLN A 503 -5.77 -5.52 -16.70
C GLN A 503 -5.59 -4.18 -16.01
N ALA A 504 -4.37 -3.66 -16.07
CA ALA A 504 -4.06 -2.45 -15.36
C ALA A 504 -2.79 -1.83 -15.95
N PRO A 505 -2.67 -0.50 -15.85
CA PRO A 505 -1.37 0.07 -16.23
C PRO A 505 -0.23 -0.41 -15.32
N VAL A 506 0.99 -0.36 -15.82
CA VAL A 506 2.17 -0.64 -15.02
C VAL A 506 2.67 0.71 -14.51
N LYS A 507 2.39 0.95 -13.23
CA LYS A 507 2.53 2.26 -12.60
C LYS A 507 2.75 1.98 -11.12
N PRO A 508 3.87 2.47 -10.53
CA PRO A 508 4.22 2.02 -9.18
C PRO A 508 3.15 2.26 -8.09
N GLY A 509 2.13 3.06 -8.37
CA GLY A 509 1.04 3.28 -7.44
C GLY A 509 -0.15 2.33 -7.66
N VAL A 510 -0.05 1.46 -8.66
CA VAL A 510 -1.15 0.54 -9.02
C VAL A 510 -0.67 -0.89 -8.72
N LYS A 511 -1.06 -1.44 -7.55
CA LYS A 511 -0.53 -2.73 -7.06
C LYS A 511 -1.56 -3.76 -6.71
N PHE A 512 -1.36 -4.97 -7.18
CA PHE A 512 -2.26 -6.07 -6.90
C PHE A 512 -1.53 -7.13 -6.08
N HIS A 513 -2.27 -7.66 -5.11
CA HIS A 513 -1.82 -8.74 -4.25
C HIS A 513 -2.78 -9.90 -4.27
N ASP A 514 -2.24 -11.07 -4.57
CA ASP A 514 -3.00 -12.32 -4.46
C ASP A 514 -4.12 -12.43 -5.49
N LEU A 515 -3.71 -12.48 -6.76
CA LEU A 515 -4.56 -12.74 -7.90
C LEU A 515 -4.51 -14.22 -8.31
N LEU A 516 -5.67 -14.77 -8.66
CA LEU A 516 -5.71 -16.06 -9.33
C LEU A 516 -6.77 -16.09 -10.44
N VAL A 517 -6.52 -16.94 -11.44
CA VAL A 517 -7.53 -17.27 -12.46
C VAL A 517 -7.66 -18.78 -12.56
N VAL A 518 -8.83 -19.24 -12.98
CA VAL A 518 -9.05 -20.67 -13.08
C VAL A 518 -10.06 -21.01 -14.13
N SER A 519 -9.77 -22.07 -14.86
CA SER A 519 -10.69 -22.67 -15.80
C SER A 519 -11.37 -23.86 -15.16
N LEU A 520 -12.69 -23.92 -15.27
CA LEU A 520 -13.42 -25.06 -14.75
C LEU A 520 -13.50 -26.19 -15.82
N GLY A 521 -12.77 -27.28 -15.62
CA GLY A 521 -12.86 -28.44 -16.50
C GLY A 521 -12.17 -28.26 -17.86
N GLY A 522 -11.33 -27.25 -17.96
CA GLY A 522 -10.71 -26.92 -19.25
C GLY A 522 -11.69 -26.35 -20.25
N LYS A 523 -12.79 -25.82 -19.73
CA LYS A 523 -13.81 -25.18 -20.55
C LYS A 523 -13.34 -23.76 -20.87
N GLY A 524 -12.59 -23.63 -21.97
CA GLY A 524 -11.81 -22.43 -22.26
C GLY A 524 -10.56 -22.35 -21.38
N GLN A 525 -9.68 -21.42 -21.72
CA GLN A 525 -8.49 -21.20 -20.89
C GLN A 525 -8.14 -19.73 -20.81
N TYR A 526 -7.49 -19.33 -19.71
CA TYR A 526 -6.85 -18.02 -19.59
C TYR A 526 -5.43 -18.07 -20.20
N GLU A 527 -5.04 -17.04 -20.96
CA GLU A 527 -3.66 -16.92 -21.43
C GLU A 527 -2.69 -16.42 -20.37
N HIS A 528 -3.22 -15.57 -19.48
CA HIS A 528 -2.43 -14.86 -18.48
C HIS A 528 -3.33 -14.59 -17.28
N VAL A 529 -2.72 -14.13 -16.19
CA VAL A 529 -3.46 -13.74 -15.00
C VAL A 529 -3.84 -12.27 -15.07
N ILE A 530 -2.84 -11.44 -15.28
CA ILE A 530 -3.04 -9.99 -15.36
C ILE A 530 -2.16 -9.43 -16.49
N ASN A 531 -2.73 -8.59 -17.34
CA ASN A 531 -2.03 -8.12 -18.53
C ASN A 531 -1.36 -9.28 -19.24
N ASP A 532 -0.08 -9.16 -19.55
CA ASP A 532 0.61 -10.18 -20.30
C ASP A 532 1.44 -11.12 -19.39
N ILE A 533 1.04 -11.14 -18.12
CA ILE A 533 1.83 -11.66 -17.00
C ILE A 533 1.14 -12.79 -16.21
N GLY A 534 1.95 -13.70 -15.69
CA GLY A 534 1.43 -14.88 -15.03
C GLY A 534 1.07 -15.91 -16.08
N ASP A 535 1.01 -17.13 -15.62
CA ASP A 535 0.92 -18.23 -16.54
C ASP A 535 -0.49 -18.52 -16.99
N PRO A 536 -0.62 -19.12 -18.19
CA PRO A 536 -1.94 -19.54 -18.64
C PRO A 536 -2.48 -20.66 -17.80
N THR A 537 -3.80 -20.83 -17.76
CA THR A 537 -4.34 -22.07 -17.24
C THR A 537 -4.10 -23.20 -18.26
N SER A 538 -3.86 -24.40 -17.74
CA SER A 538 -3.60 -25.59 -18.56
C SER A 538 -4.35 -26.81 -18.04
N GLY A 539 -4.58 -27.78 -18.92
CA GLY A 539 -5.31 -28.99 -18.54
C GLY A 539 -6.79 -28.82 -18.26
N ASP A 540 -7.38 -29.87 -17.66
CA ASP A 540 -8.76 -29.84 -17.20
C ASP A 540 -8.86 -30.12 -15.71
N THR A 541 -7.81 -29.75 -14.99
CA THR A 541 -7.63 -30.14 -13.60
C THR A 541 -8.10 -29.04 -12.65
N THR A 542 -8.59 -27.93 -13.22
CA THR A 542 -9.12 -26.81 -12.46
C THR A 542 -8.07 -26.20 -11.49
N ILE A 543 -6.81 -26.32 -11.86
CA ILE A 543 -5.73 -25.75 -11.04
C ILE A 543 -5.55 -24.24 -11.29
N PRO A 544 -5.57 -23.43 -10.21
CA PRO A 544 -5.37 -21.98 -10.31
C PRO A 544 -4.01 -21.50 -10.72
N SER A 545 -3.97 -20.58 -11.68
CA SER A 545 -2.77 -19.81 -11.98
C SER A 545 -2.79 -18.56 -11.14
N GLN A 546 -1.70 -18.32 -10.40
CA GLN A 546 -1.68 -17.27 -9.38
C GLN A 546 -0.55 -16.30 -9.59
N VAL A 547 -0.83 -15.02 -9.36
CA VAL A 547 0.20 -14.00 -9.16
C VAL A 547 0.16 -13.65 -7.66
N VAL A 548 1.33 -13.49 -7.05
CA VAL A 548 1.36 -13.21 -5.62
C VAL A 548 1.42 -11.70 -5.45
N SER A 549 2.30 -11.08 -6.24
CA SER A 549 2.50 -9.63 -6.25
C SER A 549 2.53 -9.11 -7.71
N PHE A 550 2.04 -7.89 -7.93
CA PHE A 550 2.14 -7.17 -9.20
C PHE A 550 2.18 -5.68 -8.83
N PRO A 551 3.06 -4.86 -9.43
CA PRO A 551 3.99 -4.99 -10.56
C PRO A 551 5.41 -4.99 -10.09
N ALA B 1 -4.77 34.18 -1.28
CA ALA B 1 -3.62 33.66 -0.53
C ALA B 1 -3.78 33.83 1.01
N GLN B 2 -4.20 32.79 1.71
CA GLN B 2 -4.07 32.80 3.18
C GLN B 2 -2.85 32.11 3.70
N GLU B 3 -2.41 32.61 4.85
CA GLU B 3 -1.24 32.05 5.49
C GLU B 3 -1.44 30.54 5.83
N VAL B 4 -0.45 29.75 5.42
CA VAL B 4 -0.36 28.32 5.65
C VAL B 4 -0.27 28.04 7.14
N VAL B 5 -0.94 26.97 7.58
CA VAL B 5 -1.05 26.70 9.01
C VAL B 5 0.00 25.70 9.50
N GLY B 6 0.57 26.01 10.66
CA GLY B 6 1.55 25.14 11.26
C GLY B 6 0.97 24.00 12.09
N GLY B 7 1.87 23.00 12.23
CA GLY B 7 1.68 21.75 12.93
C GLY B 7 0.51 20.92 12.43
N GLY B 8 -0.10 20.22 13.38
CA GLY B 8 -1.14 19.24 13.10
C GLY B 8 -0.55 17.82 13.18
N ASP B 9 -1.00 16.96 12.28
CA ASP B 9 -0.56 15.57 12.35
C ASP B 9 0.11 15.00 11.15
N LEU B 10 1.09 14.14 11.46
CA LEU B 10 1.90 13.38 10.52
C LEU B 10 1.14 12.30 9.78
N GLY B 11 -0.12 12.09 10.15
CA GLY B 11 -1.07 11.43 9.28
C GLY B 11 -0.96 9.93 9.21
N PRO B 12 -1.46 9.36 8.10
CA PRO B 12 -1.81 7.93 8.05
C PRO B 12 -0.62 6.98 7.80
N ASN B 13 0.62 7.46 7.77
CA ASN B 13 1.73 6.54 7.53
C ASN B 13 2.86 6.71 8.53
N VAL B 14 2.55 7.48 9.57
CA VAL B 14 3.43 7.62 10.74
C VAL B 14 2.72 6.91 11.84
N LEU B 15 3.32 5.81 12.28
CA LEU B 15 2.79 4.97 13.32
C LEU B 15 3.59 5.32 14.57
N VAL B 16 2.93 5.87 15.57
CA VAL B 16 3.53 6.12 16.88
C VAL B 16 3.17 5.02 17.87
N PHE B 17 4.21 4.37 18.37
CA PHE B 17 4.06 3.23 19.28
C PHE B 17 4.49 3.74 20.66
N ASP B 18 3.96 3.11 21.70
CA ASP B 18 4.33 3.49 23.05
C ASP B 18 4.54 2.23 23.86
N PRO B 19 5.22 2.37 25.01
CA PRO B 19 5.57 1.29 25.93
C PRO B 19 4.37 0.38 26.29
N SER B 20 3.12 0.84 26.15
CA SER B 20 1.96 -0.08 26.33
C SER B 20 0.92 -0.01 25.18
N THR B 21 1.48 0.07 23.98
CA THR B 21 0.81 -0.36 22.77
C THR B 21 0.80 -1.88 22.76
N PRO B 22 -0.39 -2.48 22.54
CA PRO B 22 -0.52 -3.93 22.36
C PRO B 22 -0.06 -4.35 20.93
N ASP B 23 0.44 -5.57 20.81
CA ASP B 23 0.79 -6.14 19.50
C ASP B 23 1.69 -5.19 18.69
N ILE B 24 2.54 -4.43 19.40
CA ILE B 24 3.62 -3.66 18.76
C ILE B 24 4.34 -4.48 17.73
N GLN B 25 4.80 -5.67 18.13
CA GLN B 25 5.46 -6.56 17.16
C GLN B 25 4.53 -6.89 15.99
N GLY B 26 3.27 -7.17 16.29
CA GLY B 26 2.28 -7.43 15.25
C GLY B 26 2.08 -6.24 14.31
N LYS B 27 2.02 -5.04 14.89
CA LYS B 27 1.84 -3.82 14.10
C LYS B 27 3.03 -3.62 13.14
N VAL B 28 4.26 -3.88 13.60
CA VAL B 28 5.40 -3.66 12.68
C VAL B 28 5.62 -4.88 11.79
N ASP B 29 5.03 -5.99 12.18
CA ASP B 29 5.01 -7.15 11.29
C ASP B 29 4.13 -6.84 10.06
N GLU B 30 2.99 -6.16 10.26
CA GLU B 30 2.09 -5.83 9.11
C GLU B 30 2.88 -4.96 8.11
N VAL B 31 3.63 -4.00 8.63
CA VAL B 31 4.42 -3.11 7.76
C VAL B 31 5.51 -3.88 7.01
N PHE B 32 6.24 -4.75 7.71
CA PHE B 32 7.31 -5.51 7.04
C PHE B 32 6.70 -6.42 5.98
N ARG B 33 5.50 -6.93 6.28
CA ARG B 33 4.78 -7.67 5.27
C ARG B 33 4.53 -6.80 4.03
N LYS B 34 4.08 -5.54 4.19
CA LYS B 34 3.82 -4.67 3.02
C LYS B 34 5.12 -4.34 2.28
N GLN B 35 6.18 -4.13 3.05
CA GLN B 35 7.40 -3.47 2.54
C GLN B 35 8.60 -4.34 2.20
N GLU B 36 8.65 -5.56 2.74
CA GLU B 36 9.82 -6.43 2.59
C GLU B 36 10.40 -6.51 1.18
N SER B 37 9.54 -6.75 0.19
CA SER B 37 9.96 -6.83 -1.23
C SER B 37 9.26 -5.78 -2.09
N ASN B 38 8.92 -4.64 -1.49
CA ASN B 38 8.20 -3.56 -2.18
C ASN B 38 9.23 -2.55 -2.71
N GLN B 39 10.10 -3.02 -3.58
CA GLN B 39 11.28 -2.25 -3.92
C GLN B 39 10.96 -0.93 -4.62
N PHE B 40 9.92 -0.93 -5.45
CA PHE B 40 9.59 0.24 -6.25
C PHE B 40 8.17 0.83 -6.02
N GLY B 41 7.40 0.26 -5.10
CA GLY B 41 6.06 0.76 -4.84
C GLY B 41 6.02 2.11 -4.13
N THR B 42 4.82 2.70 -3.99
CA THR B 42 4.71 4.06 -3.45
C THR B 42 4.40 4.06 -1.98
N ASP B 43 4.36 2.89 -1.35
CA ASP B 43 4.16 2.79 0.09
C ASP B 43 5.32 3.43 0.84
N ARG B 44 5.00 4.16 1.90
CA ARG B 44 6.00 4.86 2.70
C ARG B 44 5.58 4.77 4.17
N TYR B 45 6.52 4.47 5.08
CA TYR B 45 6.19 4.36 6.52
C TYR B 45 7.25 4.88 7.46
N ALA B 46 6.82 5.53 8.53
CA ALA B 46 7.71 5.87 9.65
C ALA B 46 7.16 5.26 10.93
N LEU B 47 8.01 4.51 11.64
CA LEU B 47 7.66 3.93 12.94
C LEU B 47 8.39 4.67 14.00
N MET B 48 7.64 5.32 14.90
CA MET B 48 8.16 6.30 15.81
C MET B 48 7.85 5.90 17.25
N PHE B 49 8.89 5.73 18.07
CA PHE B 49 8.79 5.09 19.39
C PHE B 49 9.02 6.08 20.52
N LYS B 50 7.99 6.27 21.35
CA LYS B 50 8.10 7.20 22.49
C LYS B 50 9.19 6.68 23.45
N PRO B 51 9.84 7.58 24.20
CA PRO B 51 10.83 7.09 25.17
C PRO B 51 10.29 6.05 26.15
N GLY B 52 11.19 5.18 26.59
CA GLY B 52 10.85 4.09 27.50
C GLY B 52 11.62 2.86 27.08
N THR B 53 11.12 1.69 27.50
CA THR B 53 11.74 0.41 27.24
C THR B 53 10.71 -0.49 26.61
N TYR B 54 11.07 -1.05 25.47
CA TYR B 54 10.30 -2.07 24.78
C TYR B 54 11.08 -3.36 24.92
N ASN B 55 10.35 -4.45 25.23
CA ASN B 55 10.94 -5.78 25.28
C ASN B 55 10.44 -6.58 24.09
N ASP B 56 11.04 -7.75 23.85
CA ASP B 56 10.44 -8.77 23.01
C ASP B 56 10.12 -8.28 21.61
N ILE B 57 11.02 -7.47 21.08
CA ILE B 57 10.86 -6.76 19.81
C ILE B 57 11.93 -7.26 18.79
N ASN B 58 11.53 -7.52 17.54
CA ASN B 58 12.46 -7.84 16.46
C ASN B 58 11.93 -7.09 15.26
N ALA B 59 12.19 -5.79 15.22
CA ALA B 59 11.53 -4.94 14.27
C ALA B 59 12.30 -5.11 12.99
N GLN B 60 11.65 -5.78 12.05
CA GLN B 60 12.27 -6.04 10.76
C GLN B 60 11.91 -4.88 9.83
N ILE B 61 12.94 -4.29 9.20
CA ILE B 61 12.82 -3.07 8.40
C ILE B 61 12.90 -3.38 6.90
N GLY B 62 11.81 -3.15 6.19
CA GLY B 62 11.74 -3.38 4.75
C GLY B 62 12.01 -2.11 3.97
N PHE B 63 11.60 -2.07 2.70
CA PHE B 63 11.79 -0.90 1.88
C PHE B 63 10.98 0.28 2.42
N TYR B 64 11.53 1.47 2.24
CA TYR B 64 10.83 2.73 2.53
C TYR B 64 10.23 2.78 3.93
N THR B 65 11.02 2.33 4.90
CA THR B 65 10.61 2.36 6.30
C THR B 65 11.72 3.01 7.15
N SER B 66 11.27 4.08 7.86
CA SER B 66 11.99 4.76 8.95
C SER B 66 11.65 4.10 10.27
N ILE B 67 12.64 3.93 11.13
CA ILE B 67 12.38 3.59 12.53
C ILE B 67 13.19 4.61 13.34
N ALA B 68 12.53 5.27 14.29
CA ALA B 68 13.20 6.27 15.09
C ALA B 68 12.64 6.36 16.51
N GLY B 69 13.54 6.70 17.43
CA GLY B 69 13.16 7.05 18.79
C GLY B 69 12.78 8.52 18.90
N LEU B 70 11.98 8.83 19.91
CA LEU B 70 11.47 10.16 20.13
C LEU B 70 12.01 10.83 21.40
N GLY B 71 13.09 10.28 21.97
CA GLY B 71 13.72 10.92 23.12
C GLY B 71 14.65 12.00 22.63
N LEU B 72 15.13 12.85 23.53
CA LEU B 72 16.31 13.63 23.24
C LEU B 72 17.56 12.80 23.55
N ASN B 73 17.53 11.51 23.40
CA ASN B 73 18.79 10.81 23.14
C ASN B 73 18.48 9.37 22.96
N PRO B 74 19.33 8.65 22.23
CA PRO B 74 19.00 7.29 21.88
C PRO B 74 18.75 6.44 23.12
N ASP B 75 19.43 6.73 24.24
CA ASP B 75 19.26 5.93 25.44
C ASP B 75 17.97 6.28 26.16
N ASP B 76 17.23 7.28 25.65
CA ASP B 76 15.88 7.56 26.16
C ASP B 76 14.89 6.50 25.65
N THR B 77 15.17 5.89 24.50
CA THR B 77 14.26 4.91 23.88
C THR B 77 15.01 3.60 23.61
N THR B 78 14.80 2.60 24.48
CA THR B 78 15.60 1.40 24.47
C THR B 78 14.78 0.16 24.06
N PHE B 79 15.33 -0.59 23.12
CA PHE B 79 14.80 -1.91 22.71
C PHE B 79 15.63 -3.04 23.28
N ASN B 80 14.98 -3.86 24.09
CA ASN B 80 15.52 -5.17 24.44
C ASN B 80 15.01 -6.06 23.33
N GLY B 81 15.83 -6.11 22.30
CA GLY B 81 15.41 -6.61 21.01
C GLY B 81 16.23 -5.91 19.94
N ASP B 82 15.72 -5.96 18.71
CA ASP B 82 16.56 -5.72 17.55
C ASP B 82 15.86 -4.83 16.55
N VAL B 83 16.69 -4.21 15.71
CA VAL B 83 16.24 -3.46 14.54
C VAL B 83 16.98 -4.11 13.37
N THR B 84 16.24 -4.90 12.63
CA THR B 84 16.83 -5.94 11.79
C THR B 84 16.64 -5.70 10.31
N VAL B 85 17.75 -5.72 9.57
CA VAL B 85 17.68 -5.87 8.14
C VAL B 85 18.48 -7.10 7.72
N ASP B 86 17.80 -8.01 7.00
CA ASP B 86 18.50 -9.15 6.41
C ASP B 86 18.15 -9.27 4.92
N ALA B 87 18.78 -10.24 4.27
CA ALA B 87 18.51 -10.53 2.87
C ALA B 87 17.72 -11.81 2.63
N GLY B 88 16.90 -12.24 3.60
CA GLY B 88 16.12 -13.46 3.42
C GLY B 88 15.21 -13.39 2.19
N TRP B 89 14.49 -12.26 2.04
CA TRP B 89 13.63 -12.06 0.86
C TRP B 89 14.39 -12.36 -0.40
N PHE B 90 15.70 -12.21 -0.30
CA PHE B 90 16.62 -12.35 -1.44
C PHE B 90 17.77 -13.38 -1.32
N ASP B 91 17.49 -14.56 -0.77
CA ASP B 91 18.49 -15.65 -0.73
C ASP B 91 19.78 -15.33 0.02
N GLY B 92 20.01 -14.08 0.38
CA GLY B 92 21.28 -13.70 0.96
C GLY B 92 21.94 -12.60 0.16
N ASN B 93 21.44 -12.37 -1.05
CA ASN B 93 21.87 -11.18 -1.75
C ASN B 93 21.27 -9.97 -1.07
N ALA B 94 22.12 -9.13 -0.49
CA ALA B 94 21.64 -7.95 0.21
C ALA B 94 21.87 -6.68 -0.61
N THR B 95 22.18 -6.84 -1.89
CA THR B 95 22.62 -5.71 -2.71
C THR B 95 21.50 -4.81 -3.21
N GLN B 96 20.24 -5.20 -2.97
CA GLN B 96 19.11 -4.32 -3.27
C GLN B 96 18.36 -3.89 -2.01
N ASN B 97 19.06 -3.95 -0.87
CA ASN B 97 18.50 -3.55 0.42
C ASN B 97 18.65 -2.06 0.68
N PHE B 98 17.87 -1.30 -0.10
CA PHE B 98 17.89 0.13 -0.15
C PHE B 98 16.77 0.86 0.61
N TRP B 99 16.97 2.18 0.74
CA TRP B 99 15.91 3.16 1.10
C TRP B 99 15.17 2.83 2.41
N ARG B 100 15.91 2.87 3.50
CA ARG B 100 15.33 2.61 4.81
C ARG B 100 16.24 3.21 5.87
N SER B 101 15.78 3.36 7.10
CA SER B 101 16.65 4.06 8.04
C SER B 101 16.36 3.69 9.48
N ALA B 102 17.39 3.82 10.31
CA ALA B 102 17.22 3.68 11.77
C ALA B 102 17.91 4.84 12.44
N GLU B 103 17.25 5.43 13.45
CA GLU B 103 17.92 6.47 14.24
C GLU B 103 17.42 6.65 15.67
N ASN B 104 18.32 7.11 16.52
CA ASN B 104 17.98 7.64 17.85
C ASN B 104 17.32 6.59 18.74
N LEU B 105 17.91 5.41 18.74
CA LEU B 105 17.50 4.25 19.56
C LEU B 105 18.69 3.59 20.22
N ALA B 106 18.46 3.02 21.40
CA ALA B 106 19.42 2.11 22.02
C ALA B 106 18.86 0.68 21.93
N LEU B 107 19.67 -0.22 21.40
CA LEU B 107 19.27 -1.60 21.12
C LEU B 107 20.12 -2.54 21.97
N ASN B 108 19.43 -3.40 22.71
CA ASN B 108 20.07 -4.49 23.45
C ASN B 108 19.72 -5.79 22.74
N PRO B 109 20.50 -6.15 21.71
CA PRO B 109 20.03 -7.14 20.73
C PRO B 109 19.88 -8.51 21.30
N VAL B 110 18.85 -9.22 20.87
CA VAL B 110 18.34 -10.37 21.59
C VAL B 110 19.29 -11.52 21.75
N ASN B 111 20.36 -11.60 20.95
CA ASN B 111 21.35 -12.57 21.35
C ASN B 111 22.64 -11.90 21.85
N GLY B 112 22.90 -10.70 21.35
CA GLY B 112 24.18 -10.05 21.54
C GLY B 112 24.62 -9.20 20.35
N THR B 113 24.20 -9.58 19.14
CA THR B 113 24.49 -8.85 17.92
C THR B 113 23.20 -8.40 17.22
N ASN B 114 23.26 -7.21 16.61
CA ASN B 114 22.17 -6.71 15.78
C ASN B 114 22.63 -6.86 14.33
N ARG B 115 21.80 -7.46 13.49
CA ARG B 115 22.16 -7.60 12.06
C ARG B 115 21.51 -6.42 11.23
N TRP B 116 22.35 -5.61 10.57
CA TRP B 116 21.91 -4.46 9.74
C TRP B 116 22.52 -4.65 8.33
N ALA B 117 21.96 -5.59 7.58
CA ALA B 117 22.59 -6.04 6.33
C ALA B 117 22.07 -5.22 5.16
N VAL B 118 22.45 -3.95 5.13
CA VAL B 118 21.89 -3.00 4.18
C VAL B 118 22.83 -2.71 3.01
N SER B 119 22.28 -2.11 1.96
CA SER B 119 23.05 -1.60 0.86
C SER B 119 22.93 -0.07 0.87
N GLN B 120 22.85 0.59 -0.29
CA GLN B 120 22.85 2.06 -0.33
C GLN B 120 21.58 2.71 0.21
N ALA B 121 21.71 3.96 0.68
CA ALA B 121 20.56 4.75 1.16
C ALA B 121 19.86 4.07 2.35
N ALA B 122 20.69 3.59 3.29
CA ALA B 122 20.21 2.90 4.48
C ALA B 122 20.90 3.43 5.75
N PRO B 123 20.71 4.71 6.05
CA PRO B 123 21.49 5.33 7.12
C PRO B 123 21.17 4.78 8.50
N PHE B 124 22.23 4.75 9.32
CA PHE B 124 22.17 4.27 10.71
C PHE B 124 22.79 5.41 11.52
N ARG B 125 21.94 6.20 12.17
CA ARG B 125 22.38 7.45 12.81
C ARG B 125 21.96 7.57 14.28
N ARG B 126 22.85 8.11 15.13
CA ARG B 126 22.46 8.41 16.52
C ARG B 126 21.96 7.13 17.21
N MET B 127 22.63 6.01 16.92
CA MET B 127 22.28 4.73 17.53
C MET B 127 23.27 4.30 18.63
N HIS B 128 22.71 3.70 19.68
CA HIS B 128 23.48 3.10 20.77
C HIS B 128 23.27 1.58 20.71
N VAL B 129 24.19 0.81 20.12
CA VAL B 129 24.06 -0.63 20.09
C VAL B 129 24.87 -1.24 21.27
N LYS B 130 24.16 -1.77 22.26
CA LYS B 130 24.83 -2.60 23.24
C LYS B 130 25.28 -3.80 22.41
N GLY B 131 26.49 -4.26 22.58
CA GLY B 131 26.88 -5.44 21.81
C GLY B 131 27.38 -5.07 20.43
N GLY B 132 27.31 -6.05 19.52
CA GLY B 132 27.92 -5.94 18.22
C GLY B 132 26.90 -5.66 17.15
N LEU B 133 27.42 -5.36 15.97
CA LEU B 133 26.60 -4.93 14.83
C LEU B 133 27.12 -5.65 13.62
N ASN B 134 26.36 -6.63 13.14
CA ASN B 134 26.71 -7.43 11.98
C ASN B 134 26.07 -6.77 10.78
N LEU B 135 26.90 -6.40 9.80
CA LEU B 135 26.43 -5.68 8.61
C LEU B 135 26.25 -6.61 7.43
N ALA B 136 26.38 -7.89 7.71
CA ALA B 136 26.39 -8.89 6.67
C ALA B 136 25.15 -9.77 6.68
N PRO B 137 24.66 -10.09 5.49
CA PRO B 137 23.62 -11.08 5.31
C PRO B 137 24.27 -12.38 4.95
N ASP B 138 24.58 -13.24 5.91
CA ASP B 138 24.48 -14.70 5.77
C ASP B 138 24.82 -15.32 4.43
N GLY B 139 25.59 -16.40 4.55
CA GLY B 139 26.26 -16.99 3.43
C GLY B 139 27.21 -15.96 2.92
N TYR B 140 27.31 -14.83 3.65
CA TYR B 140 28.11 -13.66 3.31
C TYR B 140 27.75 -13.41 1.89
N GLY B 141 26.44 -13.26 1.74
CA GLY B 141 25.85 -12.93 0.47
C GLY B 141 26.27 -11.52 0.15
N TRP B 142 26.24 -11.15 -1.12
CA TRP B 142 26.86 -9.91 -1.52
C TRP B 142 26.14 -8.76 -0.79
N ALA B 143 26.86 -7.66 -0.53
CA ALA B 143 26.27 -6.50 0.13
C ALA B 143 27.14 -5.29 -0.17
N SER B 144 26.51 -4.14 -0.37
CA SER B 144 27.23 -2.91 -0.80
C SER B 144 26.60 -1.64 -0.16
N GLY B 145 26.61 -1.59 1.17
CA GLY B 145 26.36 -0.33 1.89
C GLY B 145 27.61 0.54 1.94
N GLY B 146 27.72 1.46 2.89
CA GLY B 146 26.77 1.73 3.95
C GLY B 146 27.28 2.92 4.74
N TYR B 147 26.51 3.34 5.74
CA TYR B 147 26.67 4.61 6.40
C TYR B 147 26.22 4.52 7.86
N ILE B 148 27.17 4.78 8.74
CA ILE B 148 26.93 4.94 10.17
C ILE B 148 27.46 6.33 10.59
N ALA B 149 26.64 7.09 11.30
CA ALA B 149 27.12 8.35 11.87
C ALA B 149 26.58 8.54 13.27
N ASP B 150 27.36 9.23 14.08
CA ASP B 150 26.96 9.64 15.44
C ASP B 150 26.43 8.51 16.30
N SER B 151 27.08 7.37 16.18
CA SER B 151 26.61 6.16 16.84
C SER B 151 27.68 5.54 17.70
N LYS B 152 27.22 4.71 18.62
CA LYS B 152 28.12 4.09 19.61
C LYS B 152 27.75 2.61 19.59
N ILE B 153 28.72 1.81 19.17
CA ILE B 153 28.58 0.36 19.08
C ILE B 153 29.47 -0.13 20.24
N ASP B 154 28.88 -0.72 21.27
CA ASP B 154 29.70 -1.06 22.47
C ASP B 154 30.59 -2.30 22.18
N GLY B 155 30.14 -3.17 21.27
CA GLY B 155 30.85 -4.37 20.84
C GLY B 155 31.67 -4.19 19.55
N GLU B 156 31.75 -5.25 18.75
CA GLU B 156 32.47 -5.24 17.47
C GLU B 156 31.53 -4.98 16.30
N VAL B 157 31.95 -4.08 15.41
CA VAL B 157 31.34 -4.00 14.09
C VAL B 157 32.03 -4.96 13.14
N GLY B 158 31.23 -5.89 12.61
CA GLY B 158 31.68 -6.91 11.68
C GLY B 158 31.01 -6.75 10.32
N PRO B 159 31.72 -6.17 9.36
CA PRO B 159 31.21 -6.00 8.01
C PRO B 159 31.13 -7.31 7.21
N TYR B 160 32.03 -8.25 7.52
CA TYR B 160 32.23 -9.49 6.75
C TYR B 160 32.31 -9.27 5.23
N SER B 161 31.27 -9.67 4.49
CA SER B 161 31.26 -9.58 3.03
C SER B 161 31.14 -8.14 2.50
N GLN B 162 30.75 -7.18 3.34
CA GLN B 162 30.42 -5.83 2.86
C GLN B 162 31.55 -5.27 2.00
N GLN B 163 31.24 -4.78 0.81
CA GLN B 163 32.31 -4.31 -0.08
C GLN B 163 33.04 -3.09 0.47
N GLN B 164 32.26 -2.11 0.94
CA GLN B 164 32.82 -0.83 1.34
C GLN B 164 31.90 -0.28 2.43
N TRP B 165 32.36 0.73 3.15
CA TRP B 165 31.59 1.28 4.27
C TRP B 165 32.17 2.61 4.70
N TYR B 166 31.29 3.51 5.15
CA TYR B 166 31.70 4.78 5.76
C TYR B 166 31.08 4.95 7.13
N THR B 167 31.95 5.30 8.09
CA THR B 167 31.54 5.57 9.46
C THR B 167 32.13 6.92 9.83
N ARG B 168 31.32 7.79 10.41
CA ARG B 168 31.88 9.03 10.94
C ARG B 168 31.38 9.36 12.34
N ASP B 169 32.23 10.07 13.07
CA ASP B 169 31.89 10.72 14.34
C ASP B 169 31.08 9.78 15.26
N SER B 170 31.74 8.65 15.55
CA SER B 170 31.18 7.52 16.27
C SER B 170 32.20 6.89 17.23
N SER B 171 31.75 5.89 17.99
CA SER B 171 32.65 5.09 18.82
C SER B 171 32.30 3.61 18.61
N VAL B 172 33.32 2.78 18.41
CA VAL B 172 33.13 1.34 18.27
C VAL B 172 34.07 0.63 19.23
N GLY B 173 33.66 -0.53 19.71
CA GLY B 173 34.49 -1.34 20.59
C GLY B 173 35.45 -2.24 19.81
N GLY B 174 35.33 -2.22 18.48
CA GLY B 174 36.18 -3.01 17.61
C GLY B 174 35.72 -2.76 16.18
N TRP B 175 36.50 -3.22 15.20
CA TRP B 175 36.12 -3.18 13.79
C TRP B 175 36.77 -4.35 13.08
N GLY B 176 35.97 -5.27 12.57
CA GLY B 176 36.47 -6.64 12.38
C GLY B 176 37.17 -6.99 11.06
N ASN B 177 36.85 -6.30 9.98
CA ASN B 177 37.45 -6.61 8.67
C ASN B 177 37.13 -5.60 7.59
N GLY B 178 37.74 -5.80 6.41
CA GLY B 178 37.59 -4.89 5.28
C GLY B 178 37.84 -5.49 3.89
N VAL B 179 36.92 -5.19 2.99
CA VAL B 179 36.91 -5.83 1.67
C VAL B 179 37.63 -4.94 0.65
N TRP B 180 36.94 -3.94 0.10
CA TRP B 180 37.56 -2.99 -0.82
C TRP B 180 37.89 -1.61 -0.22
N ASN B 181 36.99 -1.05 0.61
CA ASN B 181 37.15 0.32 1.07
C ASN B 181 36.32 0.63 2.31
N MET B 182 36.97 0.53 3.48
CA MET B 182 36.36 0.89 4.74
C MET B 182 37.00 2.19 5.20
N THR B 183 36.23 3.27 5.19
CA THR B 183 36.71 4.59 5.59
C THR B 183 36.04 5.06 6.90
N PHE B 184 36.83 5.79 7.70
CA PHE B 184 36.47 6.23 9.04
C PHE B 184 36.95 7.69 9.17
N SER B 185 36.10 8.56 9.70
CA SER B 185 36.55 9.88 10.13
C SER B 185 35.89 10.23 11.45
N GLY B 186 36.69 10.62 12.45
CA GLY B 186 36.16 10.94 13.76
C GLY B 186 35.65 9.73 14.54
N VAL B 187 36.21 8.54 14.25
CA VAL B 187 35.74 7.32 14.87
C VAL B 187 36.66 6.78 15.96
N GLU B 188 36.25 6.95 17.20
CA GLU B 188 36.95 6.36 18.33
C GLU B 188 36.89 4.83 18.20
N GLY B 189 38.06 4.18 18.17
CA GLY B 189 38.14 2.74 18.09
C GLY B 189 38.32 2.18 16.70
N ALA B 190 38.37 3.06 15.71
CA ALA B 190 38.56 2.65 14.34
C ALA B 190 39.94 1.99 14.18
N PRO B 191 40.05 1.09 13.22
CA PRO B 191 41.32 0.43 13.02
C PRO B 191 42.35 1.47 12.54
N ALA B 192 43.62 1.13 12.73
CA ALA B 192 44.70 1.91 12.17
C ALA B 192 44.53 2.05 10.67
N GLN B 193 44.96 3.24 10.20
CA GLN B 193 45.15 3.51 8.80
C GLN B 193 46.07 2.42 8.25
N SER B 194 45.60 1.72 7.23
CA SER B 194 46.31 0.54 6.74
C SER B 194 46.29 0.25 5.23
N PHE B 195 45.42 0.92 4.49
CA PHE B 195 45.27 0.77 3.04
C PHE B 195 46.65 0.59 2.37
N PRO B 196 46.82 -0.44 1.53
CA PRO B 196 45.91 -1.50 1.06
C PRO B 196 45.39 -2.54 2.07
N GLU B 197 46.19 -2.90 3.08
CA GLU B 197 45.88 -4.05 3.91
C GLU B 197 45.90 -3.81 5.41
N PRO B 198 44.72 -3.91 6.07
CA PRO B 198 43.42 -4.02 5.38
C PRO B 198 43.07 -2.69 4.68
N PRO B 199 41.94 -2.63 3.95
CA PRO B 199 41.78 -1.37 3.19
C PRO B 199 41.06 -0.32 4.03
N TYR B 200 41.80 0.15 5.05
CA TYR B 200 41.32 1.10 6.02
C TYR B 200 41.90 2.51 5.79
N THR B 201 40.98 3.43 5.49
CA THR B 201 41.26 4.84 5.38
C THR B 201 40.69 5.48 6.63
N THR B 202 41.59 5.97 7.50
CA THR B 202 41.20 6.41 8.83
C THR B 202 41.71 7.80 9.11
N LEU B 203 40.77 8.73 9.34
CA LEU B 203 41.10 10.13 9.60
C LEU B 203 40.70 10.45 11.04
N GLU B 204 41.54 11.14 11.81
CA GLU B 204 41.26 11.32 13.24
C GLU B 204 39.98 12.11 13.48
N THR B 205 39.69 13.07 12.59
CA THR B 205 38.52 13.91 12.78
C THR B 205 37.83 14.13 11.45
N THR B 206 36.55 14.49 11.52
CA THR B 206 35.82 14.97 10.38
C THR B 206 35.96 16.49 10.36
N PRO B 207 36.37 17.06 9.21
CA PRO B 207 36.69 18.50 9.20
C PRO B 207 35.52 19.34 9.71
N VAL B 208 34.36 19.05 9.17
CA VAL B 208 33.11 19.66 9.64
C VAL B 208 31.97 18.67 9.51
N SER B 209 31.12 18.65 10.52
CA SER B 209 29.89 17.87 10.45
C SER B 209 28.80 18.57 11.24
N ARG B 210 27.58 18.16 10.99
CA ARG B 210 26.44 18.68 11.70
C ARG B 210 25.38 17.61 11.62
N GLU B 211 24.97 17.12 12.78
CA GLU B 211 24.07 15.99 12.84
C GLU B 211 22.66 16.30 12.32
N LYS B 212 22.06 15.28 11.75
CA LYS B 212 20.78 15.45 11.06
C LYS B 212 19.70 15.84 12.07
N PRO B 213 18.85 16.83 11.74
CA PRO B 213 17.70 17.11 12.63
C PRO B 213 16.77 15.91 12.78
N PHE B 214 16.10 15.86 13.93
CA PHE B 214 15.16 14.77 14.17
C PHE B 214 13.96 15.19 15.06
N LEU B 215 12.87 14.46 14.89
CA LEU B 215 11.63 14.64 15.65
C LEU B 215 11.74 13.92 16.99
N TYR B 216 11.38 14.63 18.06
CA TYR B 216 11.34 14.07 19.41
C TYR B 216 10.25 14.77 20.22
N LEU B 217 10.06 14.30 21.45
CA LEU B 217 8.83 14.55 22.19
C LEU B 217 9.27 15.08 23.57
N ASP B 218 8.71 16.25 23.91
CA ASP B 218 8.52 16.74 25.29
C ASP B 218 7.05 16.61 25.75
N GLY B 219 6.71 15.52 26.45
CA GLY B 219 5.40 15.34 27.03
C GLY B 219 4.47 14.83 25.98
N ASP B 220 3.49 15.66 25.65
CA ASP B 220 2.64 15.45 24.49
C ASP B 220 2.78 16.69 23.57
N ASP B 221 4.03 17.12 23.36
CA ASP B 221 4.39 18.13 22.34
C ASP B 221 5.65 17.74 21.51
N TYR B 222 5.46 17.62 20.20
CA TYR B 222 6.56 17.29 19.29
C TYR B 222 7.43 18.52 19.07
N LYS B 223 8.73 18.28 18.99
CA LYS B 223 9.69 19.30 18.61
C LYS B 223 10.58 18.65 17.54
N VAL B 224 11.31 19.48 16.82
CA VAL B 224 12.41 19.01 15.98
C VAL B 224 13.70 19.58 16.57
N PHE B 225 14.64 18.70 16.90
CA PHE B 225 15.93 19.11 17.43
C PHE B 225 16.91 19.25 16.28
N VAL B 226 17.71 20.31 16.35
CA VAL B 226 18.64 20.70 15.30
C VAL B 226 20.05 20.89 15.90
N PRO B 227 20.88 19.87 15.77
CA PRO B 227 22.20 19.99 16.40
C PRO B 227 23.06 21.09 15.77
N ALA B 228 23.74 21.91 16.59
CA ALA B 228 24.72 22.83 16.02
C ALA B 228 25.94 22.05 15.50
N LYS B 229 26.84 22.75 14.83
CA LYS B 229 27.97 22.10 14.14
C LYS B 229 29.17 21.75 15.01
N ARG B 230 29.94 20.78 14.50
CA ARG B 230 31.20 20.30 15.10
C ARG B 230 32.35 20.25 14.08
N THR B 231 33.38 21.04 14.38
CA THR B 231 34.63 21.10 13.61
C THR B 231 35.73 20.16 14.20
N ASN B 232 36.58 19.57 13.33
CA ASN B 232 37.49 18.50 13.77
C ASN B 232 36.72 17.58 14.71
N ALA B 233 35.57 17.13 14.23
CA ALA B 233 34.65 16.33 15.01
C ALA B 233 35.17 14.93 15.21
N ARG B 234 34.89 14.39 16.40
CA ARG B 234 35.29 13.04 16.74
C ARG B 234 34.39 12.52 17.85
N GLY B 235 33.99 11.26 17.71
CA GLY B 235 33.14 10.60 18.68
C GLY B 235 31.71 11.10 18.54
N THR B 236 30.84 10.59 19.40
CA THR B 236 29.42 10.96 19.27
C THR B 236 29.17 12.35 19.80
N SER B 237 28.08 12.95 19.33
CA SER B 237 27.65 14.29 19.71
C SER B 237 26.92 14.31 21.04
N TRP B 238 26.38 13.17 21.43
CA TRP B 238 25.35 13.08 22.43
C TRP B 238 25.84 12.41 23.68
N GLY B 239 26.86 11.58 23.54
CA GLY B 239 27.33 10.89 24.72
C GLY B 239 28.58 11.60 25.20
N ASN B 240 28.50 12.90 25.46
CA ASN B 240 29.24 13.41 26.62
C ASN B 240 28.17 13.83 27.52
N GLY B 241 26.96 13.56 27.06
CA GLY B 241 25.75 13.98 27.71
C GLY B 241 25.20 14.98 26.75
N THR B 242 24.17 15.69 27.20
CA THR B 242 23.42 16.65 26.37
C THR B 242 24.08 17.31 25.15
N PRO B 243 23.28 17.68 24.17
CA PRO B 243 23.83 18.36 23.00
C PRO B 243 23.25 19.76 22.58
N GLU B 244 24.10 20.48 21.84
CA GLU B 244 23.82 21.87 21.45
C GLU B 244 23.05 22.01 20.17
N GLY B 245 21.96 22.75 20.25
CA GLY B 245 21.09 22.92 19.13
C GLY B 245 19.82 23.59 19.53
N GLU B 246 19.14 24.06 18.50
CA GLU B 246 17.90 24.76 18.65
C GLU B 246 16.80 23.75 18.69
N SER B 247 15.66 24.15 19.24
CA SER B 247 14.52 23.27 19.28
C SER B 247 13.33 24.00 18.71
N LEU B 248 12.82 23.46 17.61
CA LEU B 248 11.67 24.03 16.96
C LEU B 248 10.41 23.19 17.30
N PRO B 249 9.44 23.77 18.05
CA PRO B 249 8.12 23.13 18.11
C PRO B 249 7.51 22.73 16.77
N LEU B 250 6.76 21.65 16.77
CA LEU B 250 6.12 21.18 15.54
C LEU B 250 5.20 22.22 14.88
N ASP B 251 4.53 23.06 15.66
CA ASP B 251 3.58 23.99 15.07
C ASP B 251 4.28 25.06 14.21
N GLN B 252 5.62 25.07 14.30
CA GLN B 252 6.45 25.92 13.46
C GLN B 252 6.85 25.25 12.15
N PHE B 253 6.26 24.08 11.89
CA PHE B 253 6.43 23.35 10.63
C PHE B 253 5.13 23.27 9.87
N TYR B 254 5.24 23.44 8.56
CA TYR B 254 4.18 23.00 7.68
C TYR B 254 4.37 21.48 7.54
N VAL B 255 3.40 20.73 8.06
CA VAL B 255 3.45 19.28 8.04
C VAL B 255 2.75 18.88 6.74
N VAL B 256 3.57 18.61 5.74
CA VAL B 256 3.15 18.41 4.35
C VAL B 256 2.59 17.01 4.16
N LYS B 257 1.48 16.92 3.43
CA LYS B 257 0.91 15.64 3.05
C LYS B 257 0.64 15.49 1.56
N PRO B 258 0.58 14.23 1.09
CA PRO B 258 0.00 13.72 -0.17
C PRO B 258 -0.85 14.65 -1.00
N GLY B 259 -0.31 15.44 -1.94
CA GLY B 259 -1.11 16.32 -2.73
C GLY B 259 -1.06 17.77 -2.26
N ALA B 260 0.14 18.22 -1.88
CA ALA B 260 0.35 19.63 -1.53
C ALA B 260 1.23 20.15 -2.62
N THR B 261 0.75 21.10 -3.37
CA THR B 261 1.53 21.44 -4.47
C THR B 261 2.70 22.16 -3.93
N ALA B 262 3.73 22.14 -4.74
CA ALA B 262 4.76 23.09 -4.53
C ALA B 262 4.17 24.50 -4.29
N GLU B 263 2.93 24.82 -4.70
CA GLU B 263 2.48 26.19 -4.39
C GLU B 263 2.30 26.34 -2.89
N THR B 264 1.46 25.52 -2.27
CA THR B 264 1.24 25.64 -0.84
C THR B 264 2.57 25.52 -0.10
N ILE B 265 3.43 24.63 -0.61
CA ILE B 265 4.72 24.39 0.02
C ILE B 265 5.64 25.63 -0.04
N ASN B 266 5.71 26.29 -1.19
CA ASN B 266 6.49 27.54 -1.33
C ASN B 266 6.03 28.64 -0.43
N ALA B 267 4.72 28.90 -0.49
CA ALA B 267 4.12 29.91 0.36
C ALA B 267 4.55 29.70 1.79
N ALA B 268 4.45 28.46 2.26
CA ALA B 268 4.78 28.12 3.64
C ALA B 268 6.16 28.62 4.03
N VAL B 269 7.12 28.34 3.16
CA VAL B 269 8.49 28.80 3.40
C VAL B 269 8.60 30.35 3.39
N ASP B 270 7.94 30.99 2.44
CA ASP B 270 8.03 32.44 2.29
C ASP B 270 7.51 33.11 3.56
N GLN B 271 6.53 32.46 4.16
CA GLN B 271 5.83 33.02 5.27
C GLN B 271 6.62 32.79 6.58
N GLY B 272 7.57 31.83 6.56
CA GLY B 272 8.41 31.57 7.74
C GLY B 272 8.39 30.16 8.29
N LEU B 273 7.58 29.29 7.69
CA LEU B 273 7.44 27.94 8.21
C LEU B 273 8.59 27.05 7.72
N HIS B 274 9.01 26.12 8.55
CA HIS B 274 9.84 24.99 8.13
C HIS B 274 8.95 23.92 7.47
N LEU B 275 9.57 22.85 6.95
CA LEU B 275 8.86 21.81 6.24
C LEU B 275 9.12 20.44 6.86
N LEU B 276 8.03 19.71 7.13
CA LEU B 276 8.12 18.32 7.58
C LEU B 276 7.32 17.51 6.58
N PHE B 277 8.01 16.73 5.74
CA PHE B 277 7.30 15.92 4.76
C PHE B 277 6.97 14.59 5.38
N THR B 278 5.67 14.32 5.55
CA THR B 278 5.22 13.05 6.09
C THR B 278 5.43 11.95 5.04
N PRO B 279 5.47 10.70 5.48
CA PRO B 279 5.78 9.62 4.50
C PRO B 279 4.74 9.51 3.42
N GLY B 280 5.21 9.62 2.19
CA GLY B 280 4.38 9.52 1.02
C GLY B 280 5.08 10.01 -0.23
N VAL B 281 4.31 10.08 -1.30
CA VAL B 281 4.80 10.60 -2.58
C VAL B 281 4.13 11.91 -2.95
N TYR B 282 4.97 12.84 -3.41
CA TYR B 282 4.56 14.20 -3.70
C TYR B 282 4.95 14.56 -5.13
N HIS B 283 4.02 14.37 -6.06
CA HIS B 283 4.22 14.86 -7.42
C HIS B 283 4.09 16.38 -7.37
N VAL B 284 5.05 17.11 -7.96
CA VAL B 284 5.01 18.58 -8.01
C VAL B 284 5.16 19.15 -9.46
N ASP B 285 4.59 20.33 -9.68
CA ASP B 285 4.58 20.98 -11.00
C ASP B 285 5.55 22.15 -11.12
N GLN B 286 5.79 22.79 -9.98
CA GLN B 286 6.70 23.95 -9.70
C GLN B 286 7.91 23.35 -8.99
N PRO B 287 9.10 23.97 -9.09
CA PRO B 287 10.08 23.55 -8.07
C PRO B 287 9.74 24.01 -6.66
N ILE B 288 10.07 23.19 -5.67
CA ILE B 288 10.07 23.60 -4.28
C ILE B 288 11.28 24.49 -4.08
N GLU B 289 11.03 25.72 -3.64
CA GLU B 289 12.06 26.74 -3.49
C GLU B 289 12.22 27.17 -2.05
N ILE B 290 13.42 26.96 -1.50
CA ILE B 290 13.71 27.29 -0.13
C ILE B 290 14.69 28.44 -0.17
N ASP B 291 14.22 29.65 0.11
CA ASP B 291 15.07 30.82 0.01
C ASP B 291 15.15 31.66 1.28
N ARG B 292 14.79 31.06 2.40
CA ARG B 292 14.95 31.71 3.72
C ARG B 292 16.01 30.98 4.51
N ALA B 293 16.94 31.74 5.09
CA ALA B 293 18.01 31.15 5.88
C ALA B 293 17.45 30.27 6.98
N ASN B 294 18.16 29.17 7.27
CA ASN B 294 17.83 28.28 8.39
C ASN B 294 16.57 27.45 8.31
N THR B 295 16.04 27.35 7.11
CA THR B 295 14.88 26.50 6.88
C THR B 295 15.31 25.04 7.00
N VAL B 296 14.58 24.32 7.85
CA VAL B 296 14.72 22.89 7.98
C VAL B 296 13.64 22.26 7.09
N ALA B 297 14.08 21.37 6.19
CA ALA B 297 13.18 20.56 5.37
C ALA B 297 13.49 19.09 5.63
N LEU B 298 12.70 18.50 6.54
CA LEU B 298 12.92 17.15 7.03
C LEU B 298 11.89 16.19 6.47
N GLY B 299 12.34 15.11 5.86
CA GLY B 299 11.43 14.04 5.46
C GLY B 299 11.42 12.88 6.44
N LEU B 300 10.27 12.22 6.52
CA LEU B 300 10.07 11.03 7.31
C LEU B 300 9.69 9.91 6.38
N GLY B 301 10.12 8.70 6.73
CA GLY B 301 9.72 7.50 6.02
C GLY B 301 9.98 7.55 4.52
N LEU B 302 11.11 8.14 4.12
CA LEU B 302 11.54 8.13 2.72
C LEU B 302 10.53 8.87 1.82
N ALA B 303 9.96 9.94 2.40
CA ALA B 303 9.15 10.88 1.65
C ALA B 303 9.86 11.24 0.36
N THR B 304 9.08 11.24 -0.71
CA THR B 304 9.62 11.28 -2.06
C THR B 304 9.00 12.40 -2.86
N ILE B 305 9.85 13.18 -3.53
CA ILE B 305 9.41 14.27 -4.40
C ILE B 305 9.61 13.82 -5.85
N ILE B 306 8.56 13.93 -6.65
CA ILE B 306 8.66 13.67 -8.08
C ILE B 306 8.30 14.93 -8.88
N PRO B 307 9.26 15.45 -9.68
CA PRO B 307 8.95 16.64 -10.48
C PRO B 307 8.34 16.25 -11.81
N ASP B 308 7.05 16.55 -11.96
CA ASP B 308 6.38 16.44 -13.25
C ASP B 308 6.87 17.54 -14.19
N ASN B 309 6.51 17.46 -15.47
CA ASN B 309 6.66 18.62 -16.37
C ASN B 309 8.11 18.96 -16.69
N GLY B 310 9.03 18.05 -16.41
CA GLY B 310 10.44 18.33 -16.56
C GLY B 310 11.00 19.42 -15.65
N VAL B 311 10.31 19.78 -14.57
CA VAL B 311 10.84 20.84 -13.70
C VAL B 311 11.92 20.31 -12.73
N THR B 312 12.69 21.22 -12.13
CA THR B 312 13.60 20.88 -11.04
C THR B 312 12.72 20.61 -9.83
N ALA B 313 13.09 19.65 -9.00
CA ALA B 313 12.29 19.30 -7.82
C ALA B 313 12.51 20.28 -6.67
N LEU B 314 13.75 20.68 -6.47
CA LEU B 314 14.13 21.44 -5.29
C LEU B 314 15.24 22.42 -5.61
N LYS B 315 15.01 23.68 -5.25
CA LYS B 315 15.96 24.77 -5.52
C LYS B 315 16.20 25.54 -4.21
N VAL B 316 17.39 25.43 -3.65
CA VAL B 316 17.75 26.17 -2.43
C VAL B 316 18.50 27.44 -2.85
N GLY B 317 18.10 28.59 -2.33
CA GLY B 317 18.77 29.83 -2.68
C GLY B 317 20.06 30.13 -1.93
N ASP B 318 20.53 31.37 -2.09
CA ASP B 318 21.85 31.79 -1.61
C ASP B 318 21.77 32.30 -0.17
N VAL B 319 21.40 31.36 0.69
CA VAL B 319 21.19 31.63 2.10
C VAL B 319 21.95 30.65 2.98
N ASP B 320 22.30 31.14 4.17
CA ASP B 320 22.90 30.35 5.24
C ASP B 320 21.91 29.31 5.81
N GLY B 321 22.46 28.19 6.26
CA GLY B 321 21.82 27.38 7.28
C GLY B 321 20.64 26.50 6.91
N VAL B 322 20.39 26.33 5.63
CA VAL B 322 19.30 25.43 5.23
C VAL B 322 19.73 23.99 5.47
N LYS B 323 18.78 23.18 5.97
CA LYS B 323 19.04 21.80 6.39
C LYS B 323 18.01 20.90 5.72
N VAL B 324 18.41 20.27 4.63
CA VAL B 324 17.53 19.40 3.88
C VAL B 324 17.92 17.99 4.27
N ALA B 325 16.94 17.17 4.64
CA ALA B 325 17.26 15.88 5.20
C ALA B 325 16.18 14.85 4.95
N GLY B 326 16.60 13.66 4.55
CA GLY B 326 15.69 12.52 4.54
C GLY B 326 14.63 12.51 3.44
N LEU B 327 15.04 12.86 2.22
CA LEU B 327 14.13 12.89 1.08
C LEU B 327 14.75 12.11 -0.08
N LEU B 328 13.87 11.42 -0.80
CA LEU B 328 14.21 10.81 -2.09
C LEU B 328 13.61 11.67 -3.18
N VAL B 329 14.40 12.02 -4.19
CA VAL B 329 13.90 12.72 -5.37
C VAL B 329 13.96 11.69 -6.52
N ASP B 330 12.79 11.45 -7.11
CA ASP B 330 12.60 10.39 -8.08
C ASP B 330 12.23 11.05 -9.42
N ALA B 331 13.09 10.93 -10.42
CA ALA B 331 12.85 11.60 -11.70
C ALA B 331 11.53 11.14 -12.30
N GLY B 332 10.79 12.07 -12.92
CA GLY B 332 9.67 11.69 -13.76
C GLY B 332 10.12 11.28 -15.17
N PRO B 333 9.23 10.61 -15.91
CA PRO B 333 9.48 10.24 -17.32
C PRO B 333 9.88 11.43 -18.18
N VAL B 334 9.43 12.64 -17.86
CA VAL B 334 9.80 13.85 -18.64
C VAL B 334 11.15 14.45 -18.14
N ASN B 335 12.12 14.54 -19.02
CA ASN B 335 13.46 14.98 -18.62
C ASN B 335 13.51 16.31 -17.88
N SER B 336 14.14 16.29 -16.71
CA SER B 336 14.46 17.48 -15.98
C SER B 336 15.89 17.87 -16.25
N GLU B 337 16.13 19.15 -16.54
CA GLU B 337 17.49 19.65 -16.69
C GLU B 337 18.33 19.44 -15.43
N THR B 338 17.75 19.77 -14.28
CA THR B 338 18.33 19.46 -12.98
C THR B 338 17.24 18.93 -12.04
N LEU B 339 17.65 18.13 -11.08
CA LEU B 339 16.72 17.65 -10.02
C LEU B 339 16.79 18.45 -8.71
N VAL B 340 18.00 18.78 -8.23
CA VAL B 340 18.22 19.51 -7.01
C VAL B 340 19.30 20.55 -7.28
N GLU B 341 19.07 21.78 -6.80
CA GLU B 341 20.11 22.79 -6.82
C GLU B 341 20.32 23.37 -5.44
N VAL B 342 21.58 23.60 -5.09
CA VAL B 342 21.93 24.31 -3.89
C VAL B 342 22.69 25.57 -4.29
N GLY B 343 21.96 26.68 -4.22
CA GLY B 343 22.41 27.98 -4.69
C GLY B 343 22.27 28.16 -6.20
N SER B 344 22.24 29.39 -6.68
CA SER B 344 22.05 29.59 -8.14
C SER B 344 23.45 29.73 -8.80
N ASP B 345 23.64 29.71 -10.13
CA ASP B 345 25.06 29.84 -10.57
C ASP B 345 25.66 31.22 -10.50
N GLY B 346 26.99 31.23 -10.36
CA GLY B 346 27.77 32.37 -9.98
C GLY B 346 27.45 32.79 -8.55
N ALA B 347 26.74 31.92 -7.81
CA ALA B 347 26.38 32.10 -6.38
C ALA B 347 27.57 32.52 -5.53
N SER B 348 27.98 33.77 -5.66
CA SER B 348 29.17 34.26 -4.96
C SER B 348 29.46 33.94 -3.46
N GLY B 349 28.55 34.16 -2.53
CA GLY B 349 28.98 34.35 -1.12
C GLY B 349 29.44 33.13 -0.33
N ASP B 350 29.97 33.35 0.89
CA ASP B 350 30.44 32.33 1.83
C ASP B 350 29.29 31.98 2.72
N HIS B 351 29.28 30.75 3.22
CA HIS B 351 28.34 30.36 4.25
C HIS B 351 29.12 29.52 5.26
N ALA B 352 30.30 30.00 5.63
CA ALA B 352 31.23 29.14 6.35
C ALA B 352 30.79 28.83 7.79
N ALA B 353 30.42 29.87 8.56
CA ALA B 353 30.02 29.64 9.94
C ALA B 353 28.81 28.67 10.02
N ASN B 354 27.84 28.89 9.13
CA ASN B 354 26.51 28.27 9.22
C ASN B 354 26.11 27.82 7.82
N PRO B 355 26.65 26.68 7.36
CA PRO B 355 26.35 26.39 5.97
C PRO B 355 25.04 25.67 5.77
N THR B 356 24.67 25.55 4.51
CA THR B 356 23.57 24.69 4.07
C THR B 356 24.06 23.25 3.93
N SER B 357 23.19 22.28 4.26
CA SER B 357 23.54 20.88 4.15
C SER B 357 22.46 20.05 3.47
N LEU B 358 22.95 19.01 2.79
CA LEU B 358 22.15 17.90 2.29
C LEU B 358 22.49 16.67 3.12
N GLN B 359 21.48 16.03 3.72
CA GLN B 359 21.71 14.80 4.48
C GLN B 359 20.67 13.75 4.19
N ASP B 360 21.13 12.55 3.87
CA ASP B 360 20.17 11.48 3.54
C ASP B 360 19.21 12.01 2.45
N VAL B 361 19.82 12.62 1.45
CA VAL B 361 19.12 13.01 0.24
C VAL B 361 19.52 12.00 -0.83
N PHE B 362 18.54 11.34 -1.39
CA PHE B 362 18.78 10.27 -2.35
C PHE B 362 18.08 10.68 -3.63
N VAL B 363 18.68 10.32 -4.76
CA VAL B 363 18.11 10.61 -6.05
C VAL B 363 18.05 9.29 -6.84
N ARG B 364 16.93 9.09 -7.55
CA ARG B 364 16.73 7.90 -8.38
C ARG B 364 16.32 8.35 -9.77
N ILE B 365 16.91 7.77 -10.81
CA ILE B 365 16.48 8.03 -12.19
C ILE B 365 16.12 6.71 -12.86
N GLY B 366 14.82 6.49 -13.01
CA GLY B 366 14.30 5.22 -13.48
C GLY B 366 14.14 4.15 -12.40
N GLY B 367 13.67 2.96 -12.80
CA GLY B 367 13.54 1.82 -11.89
C GLY B 367 12.08 1.58 -11.53
N ALA B 368 11.35 2.68 -11.34
CA ALA B 368 9.90 2.67 -11.18
C ALA B 368 9.21 3.34 -12.39
N GLY B 369 9.52 2.81 -13.57
CA GLY B 369 9.09 3.44 -14.79
C GLY B 369 10.21 4.29 -15.34
N PRO B 370 10.11 4.64 -16.63
CA PRO B 370 11.13 5.54 -17.16
C PRO B 370 11.28 6.80 -16.32
N GLY B 371 12.50 7.30 -16.22
CA GLY B 371 12.74 8.58 -15.63
C GLY B 371 14.00 9.12 -16.29
N LYS B 372 14.11 10.44 -16.42
CA LYS B 372 15.25 11.07 -17.11
C LYS B 372 15.60 12.41 -16.44
N ALA B 373 16.88 12.70 -16.34
CA ALA B 373 17.37 13.97 -15.86
C ALA B 373 18.78 14.17 -16.39
N THR B 374 19.09 15.40 -16.73
CA THR B 374 20.42 15.70 -17.24
C THR B 374 21.52 15.76 -16.16
N THR B 375 21.31 16.56 -15.12
CA THR B 375 22.26 16.74 -14.03
C THR B 375 21.50 16.69 -12.70
N SER B 376 21.71 15.61 -11.93
CA SER B 376 20.81 15.37 -10.81
C SER B 376 20.97 16.42 -9.70
N ILE B 377 22.19 16.64 -9.22
CA ILE B 377 22.40 17.63 -8.15
C ILE B 377 23.49 18.58 -8.55
N VAL B 378 23.15 19.88 -8.58
CA VAL B 378 24.13 20.94 -8.78
C VAL B 378 24.35 21.68 -7.49
N VAL B 379 25.60 21.68 -7.02
CA VAL B 379 25.95 22.35 -5.77
C VAL B 379 26.75 23.64 -6.05
N ASN B 380 26.04 24.77 -5.97
CA ASN B 380 26.64 26.10 -6.16
C ASN B 380 27.11 26.82 -4.89
N SER B 381 26.35 26.71 -3.80
CA SER B 381 26.66 27.49 -2.59
C SER B 381 27.98 27.07 -1.98
N ASN B 382 28.84 28.04 -1.74
CA ASN B 382 30.07 27.74 -1.03
C ASN B 382 29.79 27.19 0.35
N ASP B 383 30.74 26.39 0.83
CA ASP B 383 30.74 25.80 2.17
C ASP B 383 29.64 24.74 2.44
N THR B 384 28.95 24.32 1.40
CA THR B 384 27.90 23.32 1.52
C THR B 384 28.44 21.99 2.02
N ILE B 385 27.62 21.32 2.85
CA ILE B 385 27.97 20.00 3.38
C ILE B 385 27.01 19.02 2.72
N ILE B 386 27.58 18.01 2.09
CA ILE B 386 26.82 16.88 1.55
C ILE B 386 27.21 15.67 2.42
N ASP B 387 26.33 15.31 3.35
CA ASP B 387 26.60 14.28 4.37
C ASP B 387 25.61 13.11 4.18
N HIS B 388 26.06 12.12 3.43
CA HIS B 388 25.29 10.99 2.95
C HIS B 388 24.32 11.31 1.80
N THR B 389 24.74 10.99 0.60
CA THR B 389 23.85 11.04 -0.57
C THR B 389 24.05 9.75 -1.38
N TRP B 390 22.97 9.25 -1.98
CA TRP B 390 23.05 8.24 -3.04
C TRP B 390 22.31 8.81 -4.24
N VAL B 391 23.05 9.02 -5.32
CA VAL B 391 22.57 9.58 -6.58
C VAL B 391 22.71 8.45 -7.59
N TRP B 392 21.56 7.86 -7.96
CA TRP B 392 21.50 6.55 -8.59
C TRP B 392 20.68 6.52 -9.89
N ARG B 393 21.37 6.27 -10.98
CA ARG B 393 20.68 5.96 -12.21
C ARG B 393 20.39 4.48 -12.15
N ALA B 394 19.12 4.10 -12.29
CA ALA B 394 18.76 2.72 -12.02
C ALA B 394 19.43 1.72 -12.96
N ASP B 395 19.80 0.57 -12.40
CA ASP B 395 20.32 -0.57 -13.18
C ASP B 395 19.35 -1.73 -13.21
N HIS B 396 18.19 -1.59 -12.58
CA HIS B 396 17.18 -2.66 -12.59
C HIS B 396 15.88 -2.08 -12.11
N GLY B 397 14.82 -2.87 -12.29
CA GLY B 397 13.48 -2.37 -12.18
C GLY B 397 12.99 -1.99 -13.56
N GLU B 398 11.85 -1.31 -13.59
CA GLU B 398 11.15 -0.98 -14.82
C GLU B 398 11.51 0.40 -15.38
N GLY B 399 11.53 0.51 -16.71
CA GLY B 399 11.88 1.78 -17.37
C GLY B 399 13.39 2.06 -17.45
N VAL B 400 14.17 1.01 -17.60
CA VAL B 400 15.65 1.07 -17.50
C VAL B 400 16.29 0.74 -18.87
N GLY B 401 17.33 1.50 -19.22
CA GLY B 401 18.00 1.34 -20.50
C GLY B 401 18.86 2.55 -20.87
N TRP B 402 19.82 2.36 -21.78
CA TRP B 402 20.80 3.40 -22.15
C TRP B 402 20.19 4.74 -22.53
N GLU B 403 19.11 4.71 -23.31
CA GLU B 403 18.39 5.95 -23.61
C GLU B 403 17.10 6.04 -22.73
N THR B 404 16.50 4.91 -22.36
CA THR B 404 15.22 4.93 -21.66
C THR B 404 15.27 5.64 -20.29
N ASN B 405 16.32 5.42 -19.50
CA ASN B 405 16.53 6.22 -18.28
C ASN B 405 17.89 6.93 -18.31
N ARG B 406 18.19 7.51 -19.46
CA ARG B 406 19.38 8.30 -19.64
C ARG B 406 19.49 9.39 -18.58
N ALA B 407 20.68 9.48 -18.00
CA ALA B 407 21.01 10.52 -17.01
C ALA B 407 22.48 10.78 -17.15
N ASP B 408 22.84 11.91 -17.74
CA ASP B 408 24.22 12.11 -18.21
C ASP B 408 25.14 12.38 -16.99
N TYR B 409 24.68 13.21 -16.05
CA TYR B 409 25.52 13.67 -14.94
C TYR B 409 24.85 13.51 -13.58
N GLY B 410 25.64 13.08 -12.59
CA GLY B 410 25.14 12.81 -11.25
C GLY B 410 25.16 14.03 -10.34
N VAL B 411 26.38 14.43 -9.99
CA VAL B 411 26.61 15.57 -9.11
C VAL B 411 27.64 16.46 -9.75
N HIS B 412 27.33 17.75 -9.80
CA HIS B 412 28.28 18.75 -10.22
C HIS B 412 28.44 19.77 -9.11
N VAL B 413 29.63 19.77 -8.50
CA VAL B 413 29.92 20.74 -7.45
C VAL B 413 30.67 21.94 -8.00
N LYS B 414 29.98 23.08 -7.96
CA LYS B 414 30.54 24.33 -8.46
C LYS B 414 30.96 25.29 -7.34
N GLY B 415 30.44 25.08 -6.14
CA GLY B 415 30.83 25.86 -4.97
C GLY B 415 32.21 25.57 -4.36
N ASP B 416 32.73 26.57 -3.66
CA ASP B 416 34.05 26.47 -3.04
C ASP B 416 33.92 25.92 -1.59
N ASN B 417 34.95 25.24 -1.14
CA ASN B 417 35.04 24.66 0.22
C ASN B 417 33.81 23.81 0.54
N VAL B 418 33.34 23.11 -0.46
CA VAL B 418 32.24 22.13 -0.26
C VAL B 418 32.85 20.83 0.27
N LEU B 419 32.14 20.20 1.19
CA LEU B 419 32.62 18.95 1.78
C LEU B 419 31.58 17.88 1.53
N ALA B 420 32.01 16.73 1.03
CA ALA B 420 31.13 15.56 0.91
C ALA B 420 31.64 14.47 1.83
N THR B 421 30.77 13.95 2.69
CA THR B 421 31.11 12.87 3.60
C THR B 421 30.12 11.75 3.35
N GLY B 422 30.56 10.68 2.70
CA GLY B 422 29.67 9.57 2.36
C GLY B 422 28.96 9.82 1.04
N LEU B 423 29.75 9.86 -0.03
CA LEU B 423 29.26 10.18 -1.37
C LEU B 423 29.11 8.87 -2.19
N PHE B 424 27.89 8.55 -2.59
CA PHE B 424 27.60 7.33 -3.40
C PHE B 424 26.89 7.79 -4.69
N VAL B 425 27.47 7.56 -5.85
CA VAL B 425 26.94 8.07 -7.13
C VAL B 425 27.21 7.02 -8.20
N GLU B 426 26.15 6.54 -8.86
CA GLU B 426 26.31 5.37 -9.72
C GLU B 426 25.53 5.44 -11.06
N HIS B 427 26.20 5.00 -12.12
CA HIS B 427 25.60 4.51 -13.37
C HIS B 427 25.30 5.59 -14.40
N PHE B 428 25.82 6.79 -14.21
CA PHE B 428 25.52 7.88 -15.15
C PHE B 428 26.12 7.64 -16.54
N ASN B 429 25.45 8.14 -17.58
CA ASN B 429 25.93 7.97 -18.96
C ASN B 429 27.26 8.67 -19.22
N LYS B 430 27.51 9.79 -18.51
CA LYS B 430 28.75 10.55 -18.63
C LYS B 430 29.40 10.65 -17.24
N TYR B 431 29.87 11.82 -16.82
CA TYR B 431 30.58 11.90 -15.57
C TYR B 431 29.64 11.75 -14.38
N ASP B 432 29.90 10.79 -13.49
CA ASP B 432 29.03 10.61 -12.33
C ASP B 432 29.17 11.81 -11.40
N VAL B 433 30.41 12.20 -11.14
CA VAL B 433 30.72 13.38 -10.34
C VAL B 433 31.71 14.24 -11.10
N GLN B 434 31.41 15.54 -11.18
CA GLN B 434 32.39 16.56 -11.60
C GLN B 434 32.51 17.65 -10.54
N TRP B 435 33.74 18.06 -10.28
CA TRP B 435 34.06 19.07 -9.28
C TRP B 435 34.91 20.21 -9.83
N SER B 436 34.30 21.41 -9.76
CA SER B 436 34.75 22.74 -10.25
C SER B 436 35.23 23.74 -9.24
N GLY B 437 34.51 23.74 -8.13
CA GLY B 437 34.78 24.70 -7.08
C GLY B 437 36.16 24.43 -6.51
N GLU B 438 36.71 25.42 -5.85
CA GLU B 438 37.99 25.27 -5.20
C GLU B 438 37.84 24.64 -3.82
N ASN B 439 38.94 24.08 -3.35
CA ASN B 439 39.05 23.57 -1.98
C ASN B 439 37.99 22.56 -1.58
N GLY B 440 37.48 21.82 -2.57
CA GLY B 440 36.62 20.70 -2.31
C GLY B 440 37.30 19.58 -1.52
N LYS B 441 36.51 18.89 -0.70
CA LYS B 441 36.96 17.70 0.02
C LYS B 441 35.90 16.59 -0.06
N THR B 442 36.33 15.37 -0.35
CA THR B 442 35.44 14.21 -0.29
C THR B 442 36.05 13.14 0.59
N ILE B 443 35.29 12.74 1.61
CA ILE B 443 35.67 11.62 2.48
C ILE B 443 34.66 10.51 2.24
N PHE B 444 35.17 9.45 1.63
CA PHE B 444 34.46 8.26 1.13
C PHE B 444 33.70 8.53 -0.16
N TYR B 445 34.03 7.77 -1.21
CA TYR B 445 33.27 7.79 -2.45
C TYR B 445 33.08 6.35 -2.90
N GLN B 446 31.85 6.02 -3.25
CA GLN B 446 31.53 4.74 -3.90
C GLN B 446 30.81 5.03 -5.23
N ASN B 447 31.38 4.49 -6.30
CA ASN B 447 30.82 4.57 -7.65
C ASN B 447 30.75 3.19 -8.32
N ALA B 448 29.76 3.05 -9.20
CA ALA B 448 29.70 1.94 -10.19
C ALA B 448 29.41 2.64 -11.51
N LYS B 449 30.15 2.27 -12.54
CA LYS B 449 29.94 2.82 -13.86
C LYS B 449 28.69 2.23 -14.51
N ALA B 450 28.11 2.93 -15.49
CA ALA B 450 26.95 2.45 -16.26
C ALA B 450 27.25 1.12 -16.90
N TYR B 451 26.32 0.16 -16.76
CA TYR B 451 26.56 -1.22 -17.20
C TYR B 451 26.15 -1.41 -18.63
N ASP B 452 25.40 -0.43 -19.14
CA ASP B 452 24.67 -0.58 -20.40
C ASP B 452 25.22 0.22 -21.60
N ALA B 453 26.38 0.87 -21.44
CA ALA B 453 27.16 1.37 -22.57
C ALA B 453 27.17 0.35 -23.73
N PRO B 454 26.72 0.76 -24.91
CA PRO B 454 26.53 -0.29 -25.94
C PRO B 454 27.83 -0.79 -26.52
N ASP B 455 28.82 0.08 -26.52
CA ASP B 455 30.09 -0.14 -27.16
C ASP B 455 31.00 1.05 -26.78
N GLN B 456 32.22 1.07 -27.33
CA GLN B 456 33.23 2.03 -26.93
C GLN B 456 32.92 3.48 -27.30
N ALA B 457 32.43 3.65 -28.53
CA ALA B 457 32.19 4.95 -29.13
C ALA B 457 30.88 5.51 -28.61
N ALA B 458 30.54 5.25 -27.38
CA ALA B 458 29.34 5.84 -26.80
C ALA B 458 29.82 6.51 -25.53
N ILE B 459 30.77 5.87 -24.91
CA ILE B 459 31.41 6.46 -23.76
C ILE B 459 32.71 7.16 -24.21
N GLN B 460 32.89 7.33 -25.52
CA GLN B 460 34.04 8.11 -25.98
C GLN B 460 33.90 9.56 -25.55
N ASN B 461 34.88 9.98 -24.77
CA ASN B 461 34.95 11.33 -24.22
C ASN B 461 36.10 12.05 -24.92
N GLY B 462 35.85 12.44 -26.19
CA GLY B 462 36.88 13.04 -27.01
C GLY B 462 38.12 12.17 -27.08
N ASP B 463 39.13 12.54 -26.31
CA ASP B 463 40.39 11.83 -26.32
C ASP B 463 40.46 10.77 -25.18
N ILE B 464 39.32 10.36 -24.63
CA ILE B 464 39.32 9.38 -23.51
C ILE B 464 38.28 8.25 -23.70
N LYS B 465 38.67 7.02 -23.33
CA LYS B 465 37.71 5.92 -23.33
C LYS B 465 36.92 6.06 -22.04
N GLY B 466 35.64 6.43 -22.19
CA GLY B 466 34.78 6.58 -21.03
C GLY B 466 34.93 7.88 -20.29
N TYR B 467 33.98 8.09 -19.38
CA TYR B 467 33.94 9.28 -18.52
C TYR B 467 34.32 8.88 -17.11
N ALA B 468 35.23 9.62 -16.48
CA ALA B 468 35.60 9.36 -15.13
C ALA B 468 34.36 9.25 -14.25
N ALA B 469 34.46 8.45 -13.20
CA ALA B 469 33.45 8.45 -12.16
C ALA B 469 33.55 9.75 -11.34
N TYR B 470 34.74 10.33 -11.29
CA TYR B 470 34.97 11.50 -10.43
C TYR B 470 36.03 12.33 -11.09
N LYS B 471 35.59 13.47 -11.60
CA LYS B 471 36.36 14.37 -12.40
C LYS B 471 36.58 15.67 -11.66
N VAL B 472 37.80 16.15 -11.69
CA VAL B 472 38.11 17.49 -11.20
C VAL B 472 38.51 18.35 -12.40
N ASP B 473 37.90 19.53 -12.48
CA ASP B 473 38.20 20.48 -13.54
C ASP B 473 39.70 20.90 -13.58
N ASP B 474 40.24 21.12 -14.78
CA ASP B 474 41.70 21.37 -14.93
C ASP B 474 42.14 22.70 -14.29
N SER B 475 41.23 23.63 -14.22
CA SER B 475 41.61 24.89 -13.68
C SER B 475 41.84 24.71 -12.17
N VAL B 476 41.00 23.89 -11.55
CA VAL B 476 41.01 23.67 -10.09
C VAL B 476 42.43 23.63 -9.48
N THR B 477 42.63 24.45 -8.46
CA THR B 477 43.95 24.60 -7.86
C THR B 477 44.09 23.75 -6.58
N THR B 478 42.98 23.59 -5.83
CA THR B 478 42.98 22.85 -4.57
C THR B 478 41.80 21.86 -4.49
N HIS B 479 42.10 20.62 -4.12
CA HIS B 479 41.12 19.55 -3.94
C HIS B 479 41.74 18.44 -3.08
N GLU B 480 40.91 17.71 -2.32
CA GLU B 480 41.43 16.55 -1.56
C GLU B 480 40.36 15.47 -1.36
N GLY B 481 40.69 14.25 -1.76
CA GLY B 481 39.80 13.08 -1.60
C GLY B 481 40.44 11.90 -0.89
N TRP B 482 39.65 11.20 -0.07
CA TRP B 482 40.13 10.06 0.70
C TRP B 482 39.13 8.89 0.57
N GLY B 483 39.62 7.69 0.30
CA GLY B 483 38.79 6.47 0.39
C GLY B 483 37.75 6.35 -0.73
N MET B 484 38.26 6.38 -1.96
CA MET B 484 37.42 6.56 -3.14
C MET B 484 37.54 5.35 -4.07
N GLY B 485 36.39 4.74 -4.46
CA GLY B 485 36.40 3.57 -5.34
C GLY B 485 35.37 3.63 -6.47
N SER B 486 35.74 3.13 -7.65
CA SER B 486 34.83 3.00 -8.78
C SER B 486 34.89 1.59 -9.32
N TYR B 487 33.71 1.03 -9.54
CA TYR B 487 33.59 -0.35 -10.03
C TYR B 487 32.94 -0.39 -11.41
N CYS B 488 33.30 -1.38 -12.22
CA CYS B 488 32.62 -1.56 -13.50
C CYS B 488 32.05 -2.96 -13.63
N TYR B 489 31.09 -3.07 -14.52
CA TYR B 489 30.39 -4.33 -14.80
C TYR B 489 29.63 -4.11 -16.09
N PHE B 490 30.40 -4.05 -17.17
CA PHE B 490 29.84 -3.72 -18.47
C PHE B 490 29.25 -4.99 -19.06
N ASN B 491 28.00 -5.28 -18.69
CA ASN B 491 27.47 -6.64 -18.94
C ASN B 491 26.79 -6.71 -20.29
N VAL B 492 26.44 -5.56 -20.83
CA VAL B 492 25.98 -5.46 -22.21
C VAL B 492 27.14 -5.67 -23.19
N ASN B 493 28.29 -5.06 -22.92
CA ASN B 493 29.46 -5.24 -23.78
C ASN B 493 30.77 -5.34 -22.96
N PRO B 494 31.11 -6.56 -22.54
CA PRO B 494 32.27 -6.81 -21.66
C PRO B 494 33.62 -6.57 -22.35
N ASP B 495 33.62 -6.26 -23.64
CA ASP B 495 34.85 -5.85 -24.35
C ASP B 495 35.27 -4.43 -24.02
N ILE B 496 34.36 -3.67 -23.40
CA ILE B 496 34.62 -2.27 -23.13
C ILE B 496 35.84 -2.06 -22.22
N ARG B 497 36.56 -0.97 -22.49
CA ARG B 497 37.56 -0.44 -21.57
C ARG B 497 37.13 0.91 -21.00
N GLN B 498 37.36 1.08 -19.70
CA GLN B 498 37.17 2.36 -18.98
C GLN B 498 38.58 2.87 -18.70
N GLN B 499 38.97 4.03 -19.26
CA GLN B 499 40.34 4.49 -19.09
C GLN B 499 40.73 4.68 -17.63
N HIS B 500 39.85 5.32 -16.87
CA HIS B 500 40.11 5.58 -15.46
C HIS B 500 38.85 5.71 -14.61
N GLY B 501 39.01 5.55 -13.29
CA GLY B 501 37.96 5.91 -12.35
C GLY B 501 37.93 7.40 -12.02
N PHE B 502 39.13 8.00 -11.96
CA PHE B 502 39.32 9.39 -11.52
C PHE B 502 40.11 10.17 -12.56
N GLN B 503 39.78 11.45 -12.67
CA GLN B 503 40.37 12.36 -13.67
C GLN B 503 40.61 13.69 -12.96
N ALA B 504 41.86 14.19 -13.00
CA ALA B 504 42.19 15.41 -12.27
C ALA B 504 43.47 16.05 -12.78
N PRO B 505 43.55 17.38 -12.74
CA PRO B 505 44.85 18.01 -13.06
C PRO B 505 45.95 17.58 -12.11
N VAL B 506 47.18 17.64 -12.62
CA VAL B 506 48.35 17.30 -11.85
C VAL B 506 48.96 18.58 -11.28
N LYS B 507 48.73 18.81 -9.98
CA LYS B 507 49.26 19.93 -9.20
C LYS B 507 49.41 19.49 -7.74
N PRO B 508 50.40 20.05 -7.00
CA PRO B 508 50.53 19.63 -5.60
C PRO B 508 49.33 19.88 -4.68
N GLY B 509 48.48 20.85 -5.01
CA GLY B 509 47.34 21.19 -4.17
C GLY B 509 46.09 20.36 -4.48
N VAL B 510 46.20 19.47 -5.47
CA VAL B 510 45.09 18.56 -5.84
C VAL B 510 45.57 17.17 -5.50
N LYS B 511 45.03 16.60 -4.40
CA LYS B 511 45.56 15.36 -3.85
C LYS B 511 44.53 14.31 -3.52
N PHE B 512 44.90 13.06 -3.77
CA PHE B 512 44.03 11.95 -3.45
C PHE B 512 44.76 10.95 -2.61
N HIS B 513 44.00 10.32 -1.74
CA HIS B 513 44.47 9.27 -0.84
C HIS B 513 43.57 8.03 -0.96
N ASP B 514 44.19 6.86 -1.21
CA ASP B 514 43.49 5.58 -1.12
C ASP B 514 42.40 5.46 -2.18
N LEU B 515 42.84 5.24 -3.41
CA LEU B 515 41.94 5.07 -4.55
C LEU B 515 41.98 3.64 -5.01
N LEU B 516 40.82 3.18 -5.47
CA LEU B 516 40.77 1.91 -6.15
C LEU B 516 39.74 1.87 -7.28
N VAL B 517 40.02 1.02 -8.26
CA VAL B 517 39.04 0.60 -9.25
C VAL B 517 38.94 -0.92 -9.29
N VAL B 518 37.76 -1.44 -9.66
CA VAL B 518 37.48 -2.86 -9.62
C VAL B 518 36.60 -3.23 -10.80
N SER B 519 36.98 -4.32 -11.49
CA SER B 519 36.13 -4.98 -12.47
C SER B 519 35.39 -6.12 -11.80
N LEU B 520 34.06 -6.11 -11.83
CA LEU B 520 33.33 -7.21 -11.28
C LEU B 520 33.33 -8.35 -12.29
N GLY B 521 34.11 -9.38 -11.99
CA GLY B 521 34.14 -10.58 -12.80
C GLY B 521 34.62 -10.46 -14.26
N GLY B 522 35.59 -9.60 -14.52
CA GLY B 522 36.05 -9.35 -15.89
C GLY B 522 35.02 -8.80 -16.85
N LYS B 523 33.96 -8.18 -16.33
CA LYS B 523 32.97 -7.56 -17.18
C LYS B 523 33.42 -6.12 -17.53
N GLY B 524 34.23 -6.02 -18.56
CA GLY B 524 34.99 -4.81 -18.84
C GLY B 524 36.23 -4.74 -17.96
N GLN B 525 37.12 -3.80 -18.28
CA GLN B 525 38.28 -3.50 -17.46
C GLN B 525 38.61 -2.02 -17.46
N TYR B 526 39.24 -1.60 -16.37
CA TYR B 526 39.92 -0.28 -16.28
C TYR B 526 41.35 -0.34 -16.83
N GLU B 527 41.74 0.69 -17.57
CA GLU B 527 43.12 0.81 -18.03
C GLU B 527 44.07 1.34 -16.96
N HIS B 528 43.52 2.18 -16.08
CA HIS B 528 44.32 2.87 -15.06
C HIS B 528 43.37 3.25 -13.89
N VAL B 529 43.93 3.88 -12.85
CA VAL B 529 43.13 4.26 -11.68
C VAL B 529 42.69 5.70 -11.80
N ILE B 530 43.68 6.57 -12.02
CA ILE B 530 43.49 7.98 -12.15
C ILE B 530 44.33 8.52 -13.33
N ASN B 531 43.73 9.41 -14.14
CA ASN B 531 44.36 9.86 -15.39
C ASN B 531 44.96 8.65 -16.12
N ASP B 532 46.27 8.65 -16.39
CA ASP B 532 46.94 7.46 -16.96
C ASP B 532 47.95 6.83 -15.99
N ILE B 533 47.70 6.95 -14.67
CA ILE B 533 48.46 6.25 -13.59
C ILE B 533 47.63 5.13 -12.97
N GLY B 534 48.33 4.07 -12.61
CA GLY B 534 47.74 2.96 -11.92
C GLY B 534 47.68 1.76 -12.80
N ASP B 535 47.82 0.60 -12.18
CA ASP B 535 47.73 -0.70 -12.86
C ASP B 535 46.34 -0.83 -13.49
N PRO B 536 46.25 -1.43 -14.67
CA PRO B 536 44.89 -1.75 -15.14
C PRO B 536 44.32 -2.88 -14.31
N THR B 537 43.01 -3.04 -14.34
CA THR B 537 42.44 -4.28 -13.82
C THR B 537 42.65 -5.41 -14.82
N SER B 538 42.74 -6.62 -14.32
CA SER B 538 42.97 -7.80 -15.16
C SER B 538 42.29 -8.99 -14.54
N GLY B 539 42.20 -10.08 -15.30
CA GLY B 539 41.53 -11.26 -14.79
C GLY B 539 40.01 -11.12 -14.76
N ASP B 540 39.37 -12.09 -14.10
CA ASP B 540 37.91 -12.20 -14.03
C ASP B 540 37.51 -12.41 -12.57
N THR B 541 38.50 -12.15 -11.71
CA THR B 541 38.53 -12.52 -10.29
C THR B 541 38.17 -11.35 -9.31
N THR B 542 37.92 -10.17 -9.86
CA THR B 542 37.38 -9.06 -9.09
C THR B 542 38.35 -8.55 -8.00
N ILE B 543 39.63 -8.41 -8.35
CA ILE B 543 40.69 -7.87 -7.49
C ILE B 543 40.97 -6.39 -7.79
N PRO B 544 40.84 -5.48 -6.80
CA PRO B 544 41.11 -4.07 -7.13
C PRO B 544 42.54 -3.71 -7.53
N SER B 545 42.68 -2.67 -8.37
CA SER B 545 43.95 -1.97 -8.59
C SER B 545 43.86 -0.67 -7.82
N GLN B 546 44.96 -0.26 -7.21
CA GLN B 546 44.88 0.78 -6.21
C GLN B 546 46.01 1.77 -6.35
N VAL B 547 45.78 2.96 -5.80
CA VAL B 547 46.82 3.97 -5.61
C VAL B 547 46.73 4.42 -4.15
N VAL B 548 47.87 4.58 -3.47
CA VAL B 548 47.83 5.06 -2.09
C VAL B 548 47.69 6.57 -2.08
N SER B 549 48.56 7.24 -2.85
CA SER B 549 48.54 8.73 -2.97
C SER B 549 48.82 9.20 -4.40
N PHE B 550 48.27 10.36 -4.72
CA PHE B 550 48.42 11.08 -5.96
C PHE B 550 48.35 12.55 -5.56
N PRO B 551 49.11 13.44 -6.21
CA PRO B 551 49.98 13.27 -7.38
C PRO B 551 51.34 12.76 -6.94
C1 EDO C . -38.89 -12.32 -9.08
O1 EDO C . -37.85 -12.87 -8.24
C2 EDO C . -38.97 -10.79 -8.97
O2 EDO C . -37.68 -10.25 -8.80
H11 EDO C . -39.85 -12.75 -8.81
H12 EDO C . -38.71 -12.57 -10.13
HO1 EDO C . -37.74 -13.81 -8.42
H21 EDO C . -39.61 -10.53 -8.11
H22 EDO C . -39.44 -10.38 -9.86
HO2 EDO C . -37.75 -9.29 -8.70
C1 EDO D . -15.67 -12.61 -22.13
O1 EDO D . -14.38 -11.95 -22.18
C2 EDO D . -16.78 -11.56 -22.14
O2 EDO D . -16.57 -10.73 -21.01
H11 EDO D . -15.76 -13.22 -21.22
H12 EDO D . -15.80 -13.29 -22.98
HO1 EDO D . -13.68 -12.60 -22.31
H21 EDO D . -17.76 -12.02 -22.09
H22 EDO D . -16.73 -10.98 -23.07
HO2 EDO D . -17.23 -10.01 -21.01
C2 BGC E . 25.18 -1.61 -6.94
C3 BGC E . 23.71 -1.10 -6.96
C4 BGC E . 22.94 -2.17 -7.79
C5 BGC E . 23.25 -3.64 -7.48
C6 BGC E . 22.51 -4.54 -8.50
C1 BGC E . 25.32 -3.11 -6.57
O1 BGC E . 26.67 -3.51 -6.55
O2 BGC E . 26.15 -0.82 -6.24
O3 BGC E . 23.54 0.12 -7.69
O4 BGC E . 21.53 -1.91 -7.86
O5 BGC E . 24.64 -3.87 -7.56
O6 BGC E . 22.67 -5.89 -8.11
H2 BGC E . 24.22 -1.30 -6.53
H3 BGC E . 23.07 -1.87 -7.32
H4 BGC E . 23.38 -2.25 -8.80
H5 BGC E . 22.88 -3.88 -6.49
H61 BGC E . 22.90 -4.36 -9.51
H62 BGC E . 21.45 -4.30 -8.50
H1 BGC E . 24.89 -3.28 -5.58
HO1 BGC E . 27.23 -2.86 -7.02
HO2 BGC E . 27.04 -1.19 -6.38
HO3 BGC E . 24.41 0.50 -7.92
HO4 BGC E . 21.32 -1.01 -7.53
HO6 BGC E . 23.19 -5.92 -7.28
C1 EDO F . 7.79 6.23 -6.61
O1 EDO F . 8.61 7.29 -6.08
C2 EDO F . 7.49 5.27 -5.48
O2 EDO F . 8.66 4.50 -5.21
H11 EDO F . 8.33 5.71 -7.40
H12 EDO F . 6.86 6.62 -7.03
HO1 EDO F . 8.95 7.83 -6.80
H21 EDO F . 6.69 4.59 -5.76
H22 EDO F . 7.18 5.82 -4.60
HO2 EDO F . 8.54 3.93 -4.45
C1 EDO G . 31.12 5.00 -18.92
O1 EDO G . 32.37 5.68 -18.91
C2 EDO G . 30.03 6.08 -18.93
O2 EDO G . 30.16 6.98 -17.83
H11 EDO G . 31.03 4.39 -18.04
H12 EDO G . 31.05 4.37 -19.80
HO1 EDO G . 33.07 5.05 -18.65
H21 EDO G . 29.04 5.61 -18.88
H22 EDO G . 30.09 6.65 -19.86
HO2 EDO G . 29.29 7.24 -17.52
C1 EDO H . 49.02 5.11 4.32
O1 EDO H . 47.64 5.10 4.77
C2 EDO H . 49.30 3.63 4.26
O2 EDO H . 48.04 3.12 4.75
H11 EDO H . 49.67 5.60 5.05
H12 EDO H . 49.14 5.57 3.34
HO1 EDO H . 47.40 6.00 5.04
H21 EDO H . 50.15 3.36 4.84
H22 EDO H . 49.50 3.33 3.23
HO2 EDO H . 48.05 2.15 4.73
N VAL A 4 -49.79 8.89 4.59
CA VAL A 4 -48.72 9.21 3.65
C VAL A 4 -47.36 9.59 4.30
N VAL A 5 -46.97 8.79 5.30
CA VAL A 5 -46.02 9.23 6.35
C VAL A 5 -45.34 8.04 7.03
N GLY A 6 -44.72 8.27 8.18
CA GLY A 6 -43.85 7.27 8.77
C GLY A 6 -44.50 6.29 9.74
N GLY A 7 -43.86 5.14 9.90
CA GLY A 7 -44.27 4.12 10.85
C GLY A 7 -45.44 3.29 10.35
N GLY A 8 -45.98 2.47 11.24
CA GLY A 8 -47.12 1.63 10.88
C GLY A 8 -46.77 0.22 10.41
N ASP A 9 -47.76 -0.67 10.53
CA ASP A 9 -47.69 -2.13 10.26
C ASP A 9 -46.59 -2.69 9.33
N LEU A 10 -45.77 -3.61 9.85
CA LEU A 10 -44.61 -4.04 9.04
C LEU A 10 -45.01 -5.04 7.94
N GLY A 11 -46.31 -5.36 7.85
CA GLY A 11 -46.87 -6.11 6.74
C GLY A 11 -46.93 -7.63 6.93
N PRO A 12 -47.76 -8.29 6.10
CA PRO A 12 -47.92 -9.72 6.34
C PRO A 12 -46.72 -10.55 5.91
N ASN A 13 -45.68 -9.90 5.38
CA ASN A 13 -44.46 -10.59 4.94
C ASN A 13 -43.33 -10.48 5.95
N VAL A 14 -43.61 -9.79 7.04
CA VAL A 14 -42.71 -9.72 8.17
C VAL A 14 -43.40 -10.46 9.30
N LEU A 15 -42.83 -11.61 9.64
CA LEU A 15 -43.36 -12.47 10.70
C LEU A 15 -42.53 -12.15 11.91
N VAL A 16 -43.18 -11.60 12.92
CA VAL A 16 -42.51 -11.17 14.14
C VAL A 16 -42.87 -12.15 15.25
N PHE A 17 -41.81 -12.76 15.75
CA PHE A 17 -41.86 -13.79 16.75
C PHE A 17 -41.36 -13.28 18.07
N ASP A 18 -41.57 -14.15 19.02
CA ASP A 18 -41.84 -13.73 20.33
C ASP A 18 -41.69 -15.00 21.15
N PRO A 19 -40.90 -14.95 22.24
CA PRO A 19 -40.67 -16.20 22.97
C PRO A 19 -41.99 -16.84 23.38
N SER A 20 -43.05 -16.05 23.58
CA SER A 20 -44.38 -16.61 23.84
C SER A 20 -45.12 -17.25 22.64
N THR A 21 -44.67 -17.05 21.40
CA THR A 21 -45.41 -17.53 20.22
C THR A 21 -45.51 -19.07 20.07
N PRO A 22 -46.74 -19.59 19.88
CA PRO A 22 -46.87 -21.05 19.66
C PRO A 22 -46.18 -21.56 18.38
N ASP A 23 -45.66 -22.78 18.43
CA ASP A 23 -45.39 -23.53 17.21
C ASP A 23 -44.28 -22.90 16.36
N ILE A 24 -43.34 -22.20 16.99
CA ILE A 24 -42.51 -21.26 16.24
C ILE A 24 -41.84 -22.05 15.12
N GLN A 25 -41.52 -23.30 15.43
CA GLN A 25 -40.91 -24.19 14.48
C GLN A 25 -41.77 -24.48 13.24
N GLY A 26 -43.08 -24.65 13.42
CA GLY A 26 -43.96 -24.84 12.28
C GLY A 26 -44.12 -23.61 11.42
N LYS A 27 -44.02 -22.46 12.05
CA LYS A 27 -44.24 -21.25 11.29
C LYS A 27 -43.02 -20.84 10.48
N VAL A 28 -41.83 -21.08 11.02
CA VAL A 28 -40.59 -20.99 10.21
C VAL A 28 -40.48 -22.15 9.21
N ASP A 29 -40.86 -23.37 9.62
CA ASP A 29 -40.74 -24.52 8.72
C ASP A 29 -41.67 -24.36 7.51
N GLU A 30 -42.83 -23.72 7.75
CA GLU A 30 -43.85 -23.53 6.72
C GLU A 30 -43.29 -22.60 5.64
N VAL A 31 -42.62 -21.55 6.08
CA VAL A 31 -41.99 -20.63 5.15
C VAL A 31 -40.89 -21.35 4.37
N PHE A 32 -40.23 -22.30 5.01
CA PHE A 32 -39.05 -22.92 4.36
C PHE A 32 -39.49 -23.84 3.20
N ARG A 33 -40.45 -24.71 3.51
CA ARG A 33 -41.20 -25.53 2.55
C ARG A 33 -41.39 -24.80 1.20
N LYS A 34 -41.86 -23.56 1.33
CA LYS A 34 -42.24 -22.70 0.19
C LYS A 34 -41.01 -22.15 -0.53
N GLN A 35 -40.07 -21.64 0.26
CA GLN A 35 -38.92 -20.91 -0.26
C GLN A 35 -37.74 -21.80 -0.62
N GLU A 36 -37.76 -23.03 -0.14
CA GLU A 36 -36.63 -23.94 -0.27
C GLU A 36 -36.00 -23.98 -1.68
N SER A 37 -36.81 -24.24 -2.69
CA SER A 37 -36.28 -24.29 -4.05
C SER A 37 -36.98 -23.29 -4.96
N ASN A 38 -37.52 -22.24 -4.36
CA ASN A 38 -38.22 -21.22 -5.13
C ASN A 38 -37.29 -20.13 -5.61
N GLN A 39 -36.34 -20.56 -6.42
CA GLN A 39 -35.19 -19.73 -6.75
C GLN A 39 -35.52 -18.42 -7.45
N PHE A 40 -36.60 -18.42 -8.23
CA PHE A 40 -36.97 -17.26 -9.04
C PHE A 40 -38.40 -16.78 -8.77
N GLY A 41 -39.01 -17.29 -7.69
CA GLY A 41 -40.32 -16.84 -7.27
C GLY A 41 -40.35 -15.41 -6.75
N THR A 42 -41.56 -14.92 -6.48
CA THR A 42 -41.75 -13.52 -6.12
C THR A 42 -42.11 -13.34 -4.68
N ASP A 43 -42.31 -14.44 -3.93
CA ASP A 43 -42.50 -14.33 -2.49
C ASP A 43 -41.22 -13.96 -1.78
N ARG A 44 -41.37 -13.18 -0.72
CA ARG A 44 -40.29 -12.57 0.03
C ARG A 44 -40.68 -12.57 1.51
N TYR A 45 -39.76 -12.96 2.41
CA TYR A 45 -40.07 -12.99 3.86
C TYR A 45 -38.97 -12.49 4.75
N ALA A 46 -39.37 -11.80 5.83
CA ALA A 46 -38.45 -11.45 6.90
C ALA A 46 -38.98 -12.08 8.18
N LEU A 47 -38.11 -12.85 8.83
CA LEU A 47 -38.41 -13.50 10.11
C LEU A 47 -37.69 -12.71 11.21
N MET A 48 -38.47 -11.96 12.01
CA MET A 48 -37.92 -11.05 13.00
C MET A 48 -38.18 -11.64 14.42
N PHE A 49 -37.17 -11.65 15.25
CA PHE A 49 -37.25 -12.25 16.59
C PHE A 49 -37.00 -11.23 17.69
N LYS A 50 -38.00 -10.99 18.57
CA LYS A 50 -37.81 -10.01 19.66
C LYS A 50 -36.79 -10.52 20.68
N PRO A 51 -36.11 -9.61 21.40
CA PRO A 51 -35.08 -10.07 22.32
C PRO A 51 -35.61 -11.02 23.37
N GLY A 52 -34.76 -11.96 23.74
CA GLY A 52 -35.13 -13.10 24.55
C GLY A 52 -34.39 -14.36 24.14
N THR A 53 -34.87 -15.48 24.68
CA THR A 53 -34.27 -16.80 24.47
C THR A 53 -35.30 -17.74 23.85
N TYR A 54 -34.89 -18.45 22.80
CA TYR A 54 -35.71 -19.39 22.06
C TYR A 54 -35.04 -20.73 22.13
N ASN A 55 -35.79 -21.78 22.51
CA ASN A 55 -35.22 -23.14 22.57
C ASN A 55 -35.89 -24.05 21.55
N ASP A 56 -35.17 -25.12 21.16
CA ASP A 56 -35.78 -26.14 20.31
C ASP A 56 -36.22 -25.57 18.96
N ILE A 57 -35.33 -24.83 18.33
CA ILE A 57 -35.62 -24.18 17.07
C ILE A 57 -34.50 -24.50 16.10
N ASN A 58 -34.87 -25.04 14.93
CA ASN A 58 -33.94 -25.04 13.82
C ASN A 58 -34.62 -24.33 12.68
N ALA A 59 -34.08 -23.17 12.34
CA ALA A 59 -34.62 -22.39 11.24
C ALA A 59 -33.80 -22.68 9.99
N GLN A 60 -34.44 -23.35 9.03
CA GLN A 60 -33.84 -23.56 7.72
C GLN A 60 -34.25 -22.32 6.90
N ILE A 61 -33.27 -21.74 6.23
CA ILE A 61 -33.45 -20.50 5.51
C ILE A 61 -33.38 -20.83 4.01
N GLY A 62 -34.50 -20.63 3.33
CA GLY A 62 -34.59 -20.85 1.90
C GLY A 62 -34.38 -19.56 1.15
N PHE A 63 -34.71 -19.55 -0.13
CA PHE A 63 -34.58 -18.34 -0.94
C PHE A 63 -35.40 -17.17 -0.40
N TYR A 64 -34.88 -15.96 -0.58
CA TYR A 64 -35.58 -14.71 -0.32
C TYR A 64 -36.17 -14.64 1.10
N THR A 65 -35.35 -15.04 2.05
CA THR A 65 -35.73 -15.04 3.45
C THR A 65 -34.62 -14.39 4.26
N SER A 66 -34.97 -13.36 5.04
CA SER A 66 -34.05 -12.81 6.05
C SER A 66 -34.50 -13.25 7.42
N ILE A 67 -33.54 -13.55 8.28
CA ILE A 67 -33.85 -13.82 9.68
C ILE A 67 -33.00 -12.86 10.49
N ALA A 68 -33.61 -12.27 11.50
CA ALA A 68 -32.88 -11.29 12.31
C ALA A 68 -33.42 -11.19 13.73
N GLY A 69 -32.51 -10.89 14.65
CA GLY A 69 -32.91 -10.48 15.98
C GLY A 69 -33.28 -9.01 16.04
N LEU A 70 -33.99 -8.65 17.11
CA LEU A 70 -34.45 -7.27 17.34
C LEU A 70 -33.85 -6.63 18.60
N GLY A 71 -32.75 -7.18 19.11
CA GLY A 71 -32.04 -6.55 20.20
C GLY A 71 -31.03 -5.57 19.69
N LEU A 72 -30.31 -4.94 20.62
CA LEU A 72 -29.35 -3.94 20.22
C LEU A 72 -28.03 -4.60 19.80
N ASN A 73 -27.55 -5.48 20.68
CA ASN A 73 -26.46 -6.42 20.39
C ASN A 73 -27.03 -7.80 20.12
N PRO A 74 -26.28 -8.64 19.38
CA PRO A 74 -26.94 -9.90 19.01
C PRO A 74 -27.31 -10.82 20.18
N ASP A 75 -26.60 -10.72 21.31
CA ASP A 75 -26.80 -11.69 22.37
C ASP A 75 -28.14 -11.46 23.07
N ASP A 76 -28.77 -10.33 22.74
CA ASP A 76 -30.09 -9.99 23.28
C ASP A 76 -31.16 -10.98 22.79
N THR A 77 -30.89 -11.63 21.66
CA THR A 77 -31.82 -12.54 21.00
C THR A 77 -31.04 -13.84 20.72
N THR A 78 -31.24 -14.81 21.59
CA THR A 78 -30.46 -16.03 21.62
C THR A 78 -31.30 -17.24 21.24
N PHE A 79 -30.80 -17.99 20.28
CA PHE A 79 -31.38 -19.28 19.89
C PHE A 79 -30.53 -20.40 20.48
N ASN A 80 -31.17 -21.23 21.30
CA ASN A 80 -30.62 -22.53 21.62
C ASN A 80 -31.10 -23.45 20.54
N GLY A 81 -30.28 -23.53 19.52
CA GLY A 81 -30.70 -23.99 18.21
C GLY A 81 -29.88 -23.32 17.10
N ASP A 82 -30.43 -23.36 15.89
CA ASP A 82 -29.66 -23.21 14.67
C ASP A 82 -30.36 -22.33 13.63
N VAL A 83 -29.54 -21.68 12.81
CA VAL A 83 -29.98 -20.98 11.62
C VAL A 83 -29.23 -21.67 10.45
N THR A 84 -29.93 -22.52 9.73
CA THR A 84 -29.31 -23.50 8.84
C THR A 84 -29.57 -23.21 7.37
N VAL A 85 -28.49 -23.23 6.58
CA VAL A 85 -28.64 -23.36 5.14
C VAL A 85 -27.89 -24.62 4.69
N ASP A 86 -28.59 -25.51 3.99
CA ASP A 86 -27.95 -26.65 3.34
C ASP A 86 -28.42 -26.74 1.89
N ALA A 87 -28.04 -27.84 1.24
CA ALA A 87 -28.28 -27.97 -0.20
C ALA A 87 -29.16 -29.20 -0.42
N GLY A 88 -29.99 -29.47 0.59
CA GLY A 88 -30.84 -30.66 0.62
C GLY A 88 -31.83 -30.69 -0.54
N TRP A 89 -32.28 -29.50 -0.94
CA TRP A 89 -33.18 -29.33 -2.08
C TRP A 89 -32.51 -29.46 -3.40
N PHE A 90 -31.17 -29.48 -3.38
CA PHE A 90 -30.44 -29.51 -4.62
C PHE A 90 -29.08 -30.17 -4.47
N ASP A 91 -29.10 -31.35 -3.87
CA ASP A 91 -28.02 -32.35 -3.93
C ASP A 91 -26.65 -32.03 -3.41
N GLY A 92 -26.57 -31.67 -2.12
CA GLY A 92 -25.33 -31.19 -1.54
C GLY A 92 -24.55 -30.29 -2.49
N ASN A 93 -25.23 -29.65 -3.45
CA ASN A 93 -24.66 -28.61 -4.29
C ASN A 93 -25.22 -27.27 -3.87
N ALA A 94 -24.35 -26.43 -3.32
CA ALA A 94 -24.72 -25.15 -2.74
C ALA A 94 -24.57 -23.95 -3.69
N THR A 95 -24.18 -24.18 -4.94
CA THR A 95 -23.90 -23.05 -5.86
C THR A 95 -25.13 -22.27 -6.35
N GLN A 96 -26.31 -22.64 -5.86
CA GLN A 96 -27.51 -21.88 -6.13
C GLN A 96 -28.20 -21.40 -4.87
N ASN A 97 -27.51 -21.51 -3.73
CA ASN A 97 -28.05 -21.06 -2.44
C ASN A 97 -27.79 -19.56 -2.29
N PHE A 98 -28.60 -18.81 -3.00
CA PHE A 98 -28.50 -17.38 -3.08
C PHE A 98 -29.61 -16.66 -2.29
N TRP A 99 -29.40 -15.36 -2.11
CA TRP A 99 -30.46 -14.35 -1.78
C TRP A 99 -31.17 -14.68 -0.46
N ARG A 100 -30.37 -14.69 0.60
CA ARG A 100 -30.90 -14.80 1.97
C ARG A 100 -30.03 -14.06 2.96
N SER A 101 -30.52 -13.94 4.20
CA SER A 101 -29.96 -12.97 5.16
C SER A 101 -30.01 -13.57 6.56
N ALA A 102 -28.92 -13.50 7.31
CA ALA A 102 -29.01 -13.74 8.76
C ALA A 102 -28.23 -12.66 9.51
N GLU A 103 -28.84 -12.10 10.56
CA GLU A 103 -28.12 -11.11 11.33
C GLU A 103 -28.66 -10.85 12.74
N ASN A 104 -27.77 -10.36 13.60
CA ASN A 104 -28.16 -9.83 14.93
C ASN A 104 -28.80 -10.87 15.86
N LEU A 105 -28.20 -12.06 15.85
CA LEU A 105 -28.59 -13.17 16.70
C LEU A 105 -27.38 -13.83 17.33
N ALA A 106 -27.59 -14.40 18.51
CA ALA A 106 -26.65 -15.36 19.09
C ALA A 106 -27.20 -16.76 18.90
N LEU A 107 -26.37 -17.69 18.46
CA LEU A 107 -26.74 -19.09 18.23
C LEU A 107 -25.93 -20.00 19.18
N ASN A 108 -26.64 -20.97 19.73
CA ASN A 108 -26.07 -22.05 20.52
C ASN A 108 -26.50 -23.34 19.82
N PRO A 109 -25.77 -23.71 18.76
CA PRO A 109 -26.26 -24.71 17.78
C PRO A 109 -26.32 -26.11 18.38
N VAL A 110 -27.28 -26.94 17.99
CA VAL A 110 -27.61 -28.15 18.81
C VAL A 110 -26.52 -29.19 18.96
N ASN A 111 -25.66 -29.27 17.96
CA ASN A 111 -24.56 -30.22 18.09
C ASN A 111 -23.19 -29.52 18.14
N GLY A 112 -23.21 -28.24 18.44
CA GLY A 112 -21.96 -27.49 18.61
C GLY A 112 -21.55 -26.74 17.35
N THR A 113 -22.11 -27.11 16.22
CA THR A 113 -21.77 -26.49 14.94
C THR A 113 -23.02 -26.03 14.18
N ASN A 114 -23.00 -24.77 13.74
CA ASN A 114 -24.08 -24.24 12.90
C ASN A 114 -23.66 -24.39 11.44
N ARG A 115 -24.57 -24.91 10.60
CA ARG A 115 -24.29 -25.07 9.17
C ARG A 115 -24.85 -23.89 8.36
N TRP A 116 -23.96 -23.18 7.66
CA TRP A 116 -24.39 -22.05 6.81
C TRP A 116 -23.80 -22.22 5.38
N ALA A 117 -24.35 -23.16 4.61
CA ALA A 117 -23.76 -23.62 3.34
C ALA A 117 -24.33 -22.87 2.15
N VAL A 118 -23.74 -21.71 1.89
CA VAL A 118 -24.30 -20.73 0.96
C VAL A 118 -23.33 -20.39 -0.17
N SER A 119 -23.85 -19.85 -1.28
CA SER A 119 -23.03 -19.16 -2.24
C SER A 119 -23.35 -17.66 -2.20
N GLN A 120 -23.50 -16.99 -3.34
CA GLN A 120 -23.52 -15.53 -3.35
C GLN A 120 -24.79 -14.90 -2.82
N ALA A 121 -24.66 -13.64 -2.41
CA ALA A 121 -25.77 -12.84 -1.84
C ALA A 121 -26.46 -13.51 -0.66
N ALA A 122 -25.64 -14.02 0.27
CA ALA A 122 -26.13 -14.66 1.46
C ALA A 122 -25.37 -14.18 2.73
N PRO A 123 -25.53 -12.88 3.05
CA PRO A 123 -24.74 -12.28 4.13
C PRO A 123 -25.06 -12.84 5.51
N PHE A 124 -24.03 -12.85 6.35
CA PHE A 124 -24.08 -13.35 7.72
C PHE A 124 -23.42 -12.21 8.50
N ARG A 125 -24.22 -11.38 9.17
CA ARG A 125 -23.72 -10.15 9.81
C ARG A 125 -24.12 -10.06 11.29
N ARG A 126 -23.25 -9.54 12.12
CA ARG A 126 -23.66 -9.18 13.48
C ARG A 126 -24.17 -10.42 14.21
N MET A 127 -23.49 -11.55 13.99
CA MET A 127 -23.86 -12.82 14.59
C MET A 127 -22.87 -13.22 15.66
N HIS A 128 -23.38 -13.94 16.65
CA HIS A 128 -22.53 -14.54 17.69
C HIS A 128 -22.80 -16.05 17.71
N VAL A 129 -21.94 -16.80 17.07
CA VAL A 129 -22.03 -18.26 17.07
C VAL A 129 -21.28 -18.79 18.26
N LYS A 130 -22.04 -19.25 19.24
CA LYS A 130 -21.49 -19.83 20.45
C LYS A 130 -21.29 -21.29 20.19
N GLY A 131 -20.21 -21.55 19.47
CA GLY A 131 -19.94 -22.81 18.81
C GLY A 131 -19.16 -22.57 17.52
N GLY A 132 -19.15 -23.59 16.68
CA GLY A 132 -18.47 -23.53 15.39
C GLY A 132 -19.43 -23.24 14.25
N LEU A 133 -18.85 -22.97 13.09
CA LEU A 133 -19.59 -22.59 11.87
C LEU A 133 -19.08 -23.39 10.68
N ASN A 134 -19.94 -24.25 10.14
CA ASN A 134 -19.58 -25.04 8.97
C ASN A 134 -20.22 -24.39 7.74
N LEU A 135 -19.39 -24.04 6.76
CA LEU A 135 -19.86 -23.31 5.58
C LEU A 135 -20.13 -24.21 4.40
N ALA A 136 -19.98 -25.50 4.63
CA ALA A 136 -20.00 -26.45 3.55
C ALA A 136 -21.28 -27.29 3.56
N PRO A 137 -21.79 -27.54 2.37
CA PRO A 137 -22.96 -28.43 2.25
C PRO A 137 -22.64 -29.87 2.64
N ASP A 138 -23.60 -30.56 3.27
CA ASP A 138 -23.40 -31.97 3.53
C ASP A 138 -23.09 -32.52 2.14
N GLY A 139 -21.82 -32.80 1.92
CA GLY A 139 -21.35 -33.21 0.62
C GLY A 139 -19.82 -33.38 0.46
N TYR A 140 -19.06 -32.39 0.84
CA TYR A 140 -17.82 -32.06 0.14
C TYR A 140 -18.37 -31.48 -1.22
N GLY A 141 -19.64 -31.05 -1.20
CA GLY A 141 -20.29 -30.56 -2.40
C GLY A 141 -19.75 -29.23 -2.92
N TRP A 142 -20.21 -28.76 -4.08
CA TRP A 142 -19.69 -27.48 -4.58
C TRP A 142 -20.36 -26.38 -3.74
N ALA A 143 -19.54 -25.41 -3.32
CA ALA A 143 -20.05 -24.17 -2.71
C ALA A 143 -19.17 -23.00 -3.17
N SER A 144 -19.79 -21.84 -3.35
CA SER A 144 -19.07 -20.64 -3.80
C SER A 144 -19.58 -19.38 -3.11
N GLY A 145 -19.29 -19.29 -1.81
CA GLY A 145 -19.65 -18.14 -1.00
C GLY A 145 -18.65 -17.02 -1.19
N GLY A 146 -18.66 -16.03 -0.29
CA GLY A 146 -19.53 -15.95 0.87
C GLY A 146 -19.02 -14.76 1.66
N TYR A 147 -19.81 -14.32 2.65
CA TYR A 147 -19.58 -13.06 3.31
C TYR A 147 -20.01 -13.12 4.78
N ILE A 148 -19.03 -12.87 5.66
CA ILE A 148 -19.26 -12.68 7.10
C ILE A 148 -18.69 -11.32 7.51
N ALA A 149 -19.47 -10.55 8.27
CA ALA A 149 -19.00 -9.28 8.82
C ALA A 149 -19.51 -9.05 10.24
N ASP A 150 -18.68 -8.40 11.03
CA ASP A 150 -19.04 -7.95 12.38
C ASP A 150 -19.60 -9.08 13.23
N SER A 151 -18.97 -10.24 13.10
CA SER A 151 -19.46 -11.43 13.78
C SER A 151 -18.40 -12.06 14.65
N LYS A 152 -18.85 -12.82 15.64
CA LYS A 152 -17.89 -13.53 16.50
C LYS A 152 -18.28 -15.00 16.58
N ILE A 153 -17.32 -15.80 16.17
CA ILE A 153 -17.43 -17.23 16.05
C ILE A 153 -16.56 -17.79 17.19
N ASP A 154 -17.14 -18.26 18.30
CA ASP A 154 -16.31 -18.73 19.43
C ASP A 154 -15.38 -19.88 18.97
N GLY A 155 -15.86 -20.71 18.03
CA GLY A 155 -15.14 -21.89 17.57
C GLY A 155 -14.56 -21.77 16.16
N GLU A 156 -14.30 -22.93 15.55
CA GLU A 156 -13.67 -23.03 14.22
C GLU A 156 -14.69 -22.68 13.19
N VAL A 157 -14.24 -21.98 12.15
CA VAL A 157 -14.96 -21.91 10.90
C VAL A 157 -14.35 -22.95 9.97
N GLY A 158 -15.17 -23.86 9.45
CA GLY A 158 -14.72 -24.87 8.50
C GLY A 158 -15.32 -24.64 7.12
N PRO A 159 -14.53 -24.10 6.18
CA PRO A 159 -15.10 -23.89 4.84
C PRO A 159 -15.31 -25.19 4.07
N TYR A 160 -14.57 -26.24 4.43
CA TYR A 160 -14.46 -27.45 3.61
C TYR A 160 -14.42 -27.04 2.12
N SER A 161 -15.44 -27.44 1.36
CA SER A 161 -15.44 -27.37 -0.08
C SER A 161 -15.62 -25.96 -0.69
N GLN A 162 -15.90 -24.95 0.13
CA GLN A 162 -16.13 -23.59 -0.38
C GLN A 162 -14.95 -23.05 -1.18
N GLN A 163 -15.14 -22.54 -2.40
CA GLN A 163 -13.93 -22.15 -3.15
C GLN A 163 -13.29 -20.85 -2.66
N GLN A 164 -14.11 -19.91 -2.19
CA GLN A 164 -13.58 -18.62 -1.73
C GLN A 164 -14.48 -18.07 -0.64
N TRP A 165 -14.02 -17.04 0.06
CA TRP A 165 -14.78 -16.46 1.16
C TRP A 165 -14.15 -15.14 1.57
N TYR A 166 -14.98 -14.20 2.01
CA TYR A 166 -14.51 -12.94 2.60
C TYR A 166 -15.05 -12.77 4.01
N THR A 167 -14.17 -12.46 4.95
CA THR A 167 -14.59 -12.16 6.33
C THR A 167 -13.98 -10.81 6.73
N ARG A 168 -14.78 -9.91 7.28
CA ARG A 168 -14.20 -8.69 7.87
C ARG A 168 -14.69 -8.36 9.26
N ASP A 169 -13.81 -7.68 10.01
CA ASP A 169 -14.15 -6.99 11.25
C ASP A 169 -14.91 -7.91 12.19
N SER A 170 -14.29 -9.06 12.43
CA SER A 170 -14.89 -10.16 13.18
C SER A 170 -13.85 -10.76 14.12
N SER A 171 -14.31 -11.76 14.87
CA SER A 171 -13.44 -12.60 15.68
C SER A 171 -13.77 -14.09 15.41
N VAL A 172 -12.76 -14.91 15.15
CA VAL A 172 -12.98 -16.35 14.98
C VAL A 172 -12.12 -17.18 15.94
N GLY A 173 -12.68 -18.29 16.41
CA GLY A 173 -11.97 -19.18 17.30
C GLY A 173 -11.01 -20.13 16.59
N GLY A 174 -11.12 -20.17 15.27
CA GLY A 174 -10.32 -21.06 14.44
C GLY A 174 -10.74 -20.89 12.98
N TRP A 175 -9.90 -21.36 12.04
CA TRP A 175 -10.25 -21.28 10.62
C TRP A 175 -9.66 -22.43 9.81
N GLY A 176 -10.50 -23.41 9.48
CA GLY A 176 -10.02 -24.75 9.14
C GLY A 176 -9.12 -24.91 7.92
N ASN A 177 -9.44 -24.21 6.83
CA ASN A 177 -8.74 -24.41 5.56
C ASN A 177 -9.08 -23.35 4.52
N GLY A 178 -8.32 -23.35 3.43
CA GLY A 178 -8.60 -22.54 2.25
C GLY A 178 -8.49 -23.33 0.96
N VAL A 179 -9.13 -22.79 -0.08
CA VAL A 179 -9.33 -23.49 -1.33
C VAL A 179 -8.78 -22.67 -2.53
N TRP A 180 -9.52 -21.66 -3.00
CA TRP A 180 -8.96 -20.77 -4.02
C TRP A 180 -8.63 -19.39 -3.46
N ASN A 181 -9.47 -18.84 -2.58
CA ASN A 181 -9.27 -17.46 -2.15
C ASN A 181 -10.05 -17.16 -0.88
N MET A 182 -9.39 -17.28 0.26
CA MET A 182 -9.97 -16.86 1.53
C MET A 182 -9.30 -15.58 1.97
N THR A 183 -10.08 -14.52 2.04
CA THR A 183 -9.56 -13.19 2.35
C THR A 183 -10.19 -12.71 3.66
N PHE A 184 -9.35 -12.04 4.46
CA PHE A 184 -9.73 -11.55 5.77
C PHE A 184 -9.22 -10.12 5.92
N SER A 185 -10.05 -9.23 6.45
CA SER A 185 -9.58 -7.91 6.84
C SER A 185 -10.17 -7.55 8.20
N GLY A 186 -9.30 -7.23 9.15
CA GLY A 186 -9.75 -6.87 10.49
C GLY A 186 -10.35 -8.03 11.30
N VAL A 187 -9.88 -9.25 11.02
CA VAL A 187 -10.42 -10.42 11.69
C VAL A 187 -9.50 -10.93 12.77
N GLU A 188 -9.90 -10.66 14.02
CA GLU A 188 -9.23 -11.25 15.18
C GLU A 188 -9.26 -12.78 15.10
N GLY A 189 -8.11 -13.43 15.00
CA GLY A 189 -8.06 -14.88 14.90
C GLY A 189 -7.88 -15.43 13.48
N ALA A 190 -7.79 -14.57 12.47
CA ALA A 190 -7.60 -15.09 11.12
C ALA A 190 -6.22 -15.75 11.00
N PRO A 191 -6.10 -16.77 10.12
CA PRO A 191 -4.79 -17.30 9.74
C PRO A 191 -3.90 -16.19 9.18
N ALA A 192 -2.58 -16.33 9.37
CA ALA A 192 -1.66 -15.34 8.87
C ALA A 192 -1.63 -15.37 7.35
N GLN A 193 -1.29 -14.24 6.74
CA GLN A 193 -0.99 -14.16 5.31
C GLN A 193 -0.16 -15.35 4.87
N SER A 194 -0.64 -16.09 3.87
CA SER A 194 0.09 -17.28 3.42
C SER A 194 0.00 -17.58 1.90
N PHE A 195 -0.76 -16.76 1.19
CA PHE A 195 -0.86 -16.87 -0.27
C PHE A 195 0.57 -16.94 -0.82
N PRO A 196 0.85 -17.92 -1.72
CA PRO A 196 -0.12 -18.74 -2.45
C PRO A 196 -0.73 -19.96 -1.77
N GLU A 197 -0.07 -20.57 -0.76
CA GLU A 197 -0.48 -21.84 -0.14
C GLU A 197 -0.32 -21.86 1.37
N PRO A 198 -1.42 -22.07 2.12
CA PRO A 198 -2.85 -22.03 1.77
C PRO A 198 -3.20 -20.65 1.21
N PRO A 199 -4.31 -20.50 0.47
CA PRO A 199 -4.50 -19.21 -0.21
C PRO A 199 -5.22 -18.19 0.69
N TYR A 200 -4.47 -17.71 1.68
CA TYR A 200 -4.97 -16.77 2.68
C TYR A 200 -4.39 -15.38 2.45
N THR A 201 -5.29 -14.43 2.22
CA THR A 201 -4.97 -13.02 2.08
C THR A 201 -5.49 -12.36 3.34
N THR A 202 -4.57 -11.91 4.20
CA THR A 202 -4.94 -11.42 5.53
C THR A 202 -4.44 -10.01 5.76
N LEU A 203 -5.37 -9.08 5.96
CA LEU A 203 -5.09 -7.67 6.27
C LEU A 203 -5.43 -7.50 7.74
N GLU A 204 -4.52 -6.93 8.52
CA GLU A 204 -4.80 -6.92 9.95
C GLU A 204 -5.97 -5.96 10.27
N THR A 205 -6.25 -5.01 9.37
CA THR A 205 -7.39 -4.08 9.55
C THR A 205 -8.16 -3.85 8.26
N THR A 206 -9.42 -3.45 8.40
CA THR A 206 -10.21 -2.94 7.29
C THR A 206 -10.00 -1.42 7.24
N PRO A 207 -9.52 -0.88 6.10
CA PRO A 207 -9.23 0.57 5.95
C PRO A 207 -10.33 1.51 6.46
N VAL A 208 -11.56 1.27 6.04
CA VAL A 208 -12.73 1.89 6.69
C VAL A 208 -13.85 0.88 6.62
N SER A 209 -14.82 1.00 7.53
CA SER A 209 -16.04 0.20 7.47
C SER A 209 -17.16 0.86 8.30
N ARG A 210 -18.40 0.58 7.93
CA ARG A 210 -19.54 1.16 8.62
C ARG A 210 -20.64 0.11 8.60
N GLU A 211 -21.02 -0.39 9.77
CA GLU A 211 -21.92 -1.56 9.80
C GLU A 211 -23.34 -1.20 9.32
N LYS A 212 -24.03 -2.21 8.78
CA LYS A 212 -25.31 -2.00 8.10
C LYS A 212 -26.42 -1.65 9.10
N PRO A 213 -27.29 -0.67 8.77
CA PRO A 213 -28.40 -0.36 9.66
C PRO A 213 -29.35 -1.54 9.83
N PHE A 214 -29.96 -1.64 11.01
CA PHE A 214 -30.88 -2.74 11.29
C PHE A 214 -32.04 -2.31 12.18
N LEU A 215 -33.13 -3.07 12.10
CA LEU A 215 -34.36 -2.79 12.82
C LEU A 215 -34.23 -3.42 14.19
N TYR A 216 -34.50 -2.65 15.24
CA TYR A 216 -34.54 -3.22 16.60
C TYR A 216 -35.78 -2.76 17.33
N LEU A 217 -35.76 -3.04 18.63
CA LEU A 217 -36.90 -2.84 19.49
C LEU A 217 -36.28 -2.29 20.81
N ASP A 218 -36.71 -1.09 21.20
CA ASP A 218 -36.27 -0.43 22.42
C ASP A 218 -37.51 -0.53 23.27
N GLY A 219 -37.50 -1.47 24.19
CA GLY A 219 -38.70 -1.78 24.91
C GLY A 219 -39.86 -2.03 23.96
N ASP A 220 -40.30 -0.99 23.25
CA ASP A 220 -41.71 -0.82 22.98
C ASP A 220 -42.08 0.05 21.77
N ASP A 221 -41.22 0.11 20.77
CA ASP A 221 -41.40 1.02 19.64
C ASP A 221 -40.32 0.62 18.59
N TYR A 222 -40.71 0.30 17.36
CA TYR A 222 -39.71 -0.03 16.33
C TYR A 222 -38.78 1.16 16.09
N LYS A 223 -37.45 0.93 16.19
CA LYS A 223 -36.41 1.86 15.71
C LYS A 223 -35.42 1.17 14.78
N VAL A 224 -34.55 1.97 14.14
CA VAL A 224 -33.47 1.45 13.27
C VAL A 224 -32.12 1.94 13.79
N PHE A 225 -31.21 1.03 14.14
CA PHE A 225 -29.86 1.47 14.57
C PHE A 225 -28.91 1.69 13.38
N VAL A 226 -28.08 2.73 13.52
CA VAL A 226 -27.33 3.31 12.42
C VAL A 226 -25.89 3.49 12.87
N PRO A 227 -25.03 2.51 12.57
CA PRO A 227 -23.61 2.57 12.95
C PRO A 227 -22.76 3.73 12.36
N ALA A 228 -21.99 4.47 13.18
CA ALA A 228 -21.02 5.41 12.60
C ALA A 228 -19.86 4.61 12.03
N LYS A 229 -19.05 5.21 11.15
CA LYS A 229 -17.85 4.53 10.64
C LYS A 229 -16.78 4.28 11.71
N ARG A 230 -16.29 3.04 11.71
CA ARG A 230 -15.00 2.69 12.32
C ARG A 230 -13.84 3.02 11.36
N THR A 231 -12.60 3.06 11.92
CA THR A 231 -11.30 3.24 11.24
C THR A 231 -10.34 2.11 11.56
N ASN A 232 -9.61 1.58 10.56
CA ASN A 232 -8.73 0.45 10.84
C ASN A 232 -9.49 -0.46 11.71
N ALA A 233 -10.65 -0.83 11.18
CA ALA A 233 -11.54 -1.71 11.87
C ALA A 233 -10.86 -3.04 12.09
N ARG A 234 -11.08 -3.57 13.28
CA ARG A 234 -10.66 -4.90 13.62
C ARG A 234 -11.55 -5.38 14.75
N GLY A 235 -11.96 -6.64 14.67
CA GLY A 235 -12.91 -7.17 15.64
C GLY A 235 -14.30 -6.59 15.43
N THR A 236 -15.22 -7.03 16.27
CA THR A 236 -16.59 -6.57 16.15
C THR A 236 -16.81 -5.21 16.79
N SER A 237 -17.93 -4.62 16.39
CA SER A 237 -18.37 -3.30 16.84
C SER A 237 -19.17 -3.38 18.12
N TRP A 238 -19.65 -4.59 18.41
CA TRP A 238 -20.54 -4.87 19.50
C TRP A 238 -19.92 -5.87 20.45
N GLY A 239 -18.68 -6.30 20.21
CA GLY A 239 -17.98 -7.11 21.19
C GLY A 239 -18.21 -6.34 22.48
N ASN A 240 -17.46 -5.23 22.60
CA ASN A 240 -17.24 -4.46 23.84
C ASN A 240 -18.20 -3.31 24.03
N GLY A 241 -18.52 -2.99 25.32
CA GLY A 241 -19.52 -1.99 25.69
C GLY A 241 -20.37 -1.41 24.59
N THR A 242 -20.49 -0.09 24.55
CA THR A 242 -21.41 0.49 23.57
C THR A 242 -20.89 0.64 22.16
N PRO A 243 -21.82 0.64 21.20
CA PRO A 243 -21.62 1.35 19.92
C PRO A 243 -21.85 2.87 19.99
N GLU A 244 -21.37 3.56 18.96
CA GLU A 244 -21.78 4.92 18.71
C GLU A 244 -22.50 4.95 17.36
N GLY A 245 -23.76 5.37 17.37
CA GLY A 245 -24.56 5.43 16.16
C GLY A 245 -25.72 6.35 16.44
N GLU A 246 -26.67 6.41 15.51
CA GLU A 246 -27.93 7.12 15.66
C GLU A 246 -29.07 6.10 15.63
N SER A 247 -30.03 6.26 16.52
CA SER A 247 -31.17 5.35 16.60
C SER A 247 -32.41 6.12 16.12
N LEU A 248 -32.97 5.72 14.99
CA LEU A 248 -34.07 6.46 14.37
C LEU A 248 -35.41 5.78 14.56
N PRO A 249 -36.37 6.45 15.22
CA PRO A 249 -37.69 5.84 15.34
C PRO A 249 -38.30 5.43 14.00
N LEU A 250 -39.14 4.39 14.03
CA LEU A 250 -39.73 3.88 12.81
C LEU A 250 -40.65 4.89 12.11
N ASP A 251 -41.23 5.84 12.83
CA ASP A 251 -41.99 6.84 12.08
C ASP A 251 -41.14 7.90 11.38
N GLN A 252 -39.81 7.80 11.45
CA GLN A 252 -38.95 8.64 10.64
C GLN A 252 -38.69 7.94 9.29
N PHE A 253 -39.23 6.73 9.14
CA PHE A 253 -39.14 5.98 7.89
C PHE A 253 -40.47 5.94 7.20
N TYR A 254 -40.53 6.19 5.89
CA TYR A 254 -41.71 5.83 5.14
C TYR A 254 -41.66 4.32 4.93
N VAL A 255 -42.71 3.65 5.40
CA VAL A 255 -42.80 2.22 5.27
C VAL A 255 -43.42 1.86 3.92
N VAL A 256 -42.58 1.28 3.07
CA VAL A 256 -42.92 1.05 1.69
C VAL A 256 -43.44 -0.39 1.57
N LYS A 257 -44.68 -0.52 1.13
CA LYS A 257 -45.24 -1.80 0.74
C LYS A 257 -45.51 -1.75 -0.76
N PRO A 258 -45.25 -2.87 -1.48
CA PRO A 258 -45.44 -2.95 -2.92
C PRO A 258 -46.75 -2.32 -3.42
N GLY A 259 -46.73 -1.66 -4.59
CA GLY A 259 -47.89 -0.87 -4.99
C GLY A 259 -47.78 0.57 -4.53
N ALA A 260 -46.81 0.81 -3.65
CA ALA A 260 -46.25 2.15 -3.52
C ALA A 260 -45.59 2.45 -4.85
N THR A 261 -45.61 3.72 -5.25
CA THR A 261 -44.94 4.14 -6.49
C THR A 261 -43.65 4.93 -6.24
N ALA A 262 -42.77 4.88 -7.24
CA ALA A 262 -41.63 5.79 -7.25
C ALA A 262 -42.07 7.23 -7.09
N GLU A 263 -43.28 7.58 -7.55
CA GLU A 263 -43.83 8.92 -7.31
C GLU A 263 -43.97 9.14 -5.81
N THR A 264 -44.71 8.26 -5.15
CA THR A 264 -44.83 8.35 -3.70
C THR A 264 -43.50 8.16 -2.94
N ILE A 265 -42.67 7.22 -3.38
CA ILE A 265 -41.43 6.95 -2.67
C ILE A 265 -40.54 8.17 -2.66
N ASN A 266 -40.48 8.88 -3.80
CA ASN A 266 -39.64 10.06 -3.90
C ASN A 266 -40.23 11.26 -3.16
N ALA A 267 -41.55 11.26 -3.03
CA ALA A 267 -42.23 12.26 -2.23
C ALA A 267 -41.75 12.08 -0.78
N ALA A 268 -41.77 10.83 -0.33
CA ALA A 268 -41.30 10.50 1.03
C ALA A 268 -39.91 11.08 1.32
N VAL A 269 -38.95 10.79 0.46
CA VAL A 269 -37.57 11.22 0.73
C VAL A 269 -37.46 12.74 0.72
N ASP A 270 -37.97 13.36 -0.33
CA ASP A 270 -37.89 14.83 -0.44
C ASP A 270 -38.52 15.46 0.77
N GLN A 271 -39.70 14.97 1.17
CA GLN A 271 -40.36 15.39 2.40
C GLN A 271 -39.52 15.25 3.67
N GLY A 272 -38.69 14.21 3.76
CA GLY A 272 -37.81 14.03 4.91
C GLY A 272 -37.79 12.65 5.54
N LEU A 273 -38.53 11.71 4.96
CA LEU A 273 -38.60 10.36 5.49
C LEU A 273 -37.55 9.45 4.87
N HIS A 274 -36.89 8.66 5.74
CA HIS A 274 -36.06 7.54 5.34
C HIS A 274 -36.96 6.48 4.71
N LEU A 275 -36.36 5.44 4.15
CA LEU A 275 -37.12 4.38 3.51
C LEU A 275 -36.90 3.01 4.13
N LEU A 276 -38.00 2.30 4.38
CA LEU A 276 -37.93 0.92 4.86
C LEU A 276 -38.76 0.11 3.92
N PHE A 277 -38.10 -0.67 3.07
CA PHE A 277 -38.77 -1.54 2.11
C PHE A 277 -39.13 -2.85 2.76
N THR A 278 -40.41 -3.03 3.03
CA THR A 278 -40.86 -4.30 3.56
C THR A 278 -40.74 -5.33 2.44
N PRO A 279 -40.65 -6.61 2.82
CA PRO A 279 -40.39 -7.65 1.82
C PRO A 279 -41.45 -7.60 0.75
N GLY A 280 -41.02 -7.71 -0.51
CA GLY A 280 -41.93 -7.67 -1.64
C GLY A 280 -41.17 -7.30 -2.90
N VAL A 281 -41.92 -7.18 -4.01
CA VAL A 281 -41.35 -6.85 -5.31
C VAL A 281 -42.04 -5.59 -5.84
N TYR A 282 -41.22 -4.55 -6.03
CA TYR A 282 -41.64 -3.20 -6.36
C TYR A 282 -41.31 -2.81 -7.80
N HIS A 283 -42.30 -2.81 -8.68
CA HIS A 283 -42.03 -2.38 -10.06
C HIS A 283 -42.25 -0.90 -10.11
N VAL A 284 -41.21 -0.17 -10.48
CA VAL A 284 -41.27 1.28 -10.57
C VAL A 284 -41.25 1.73 -12.04
N ASP A 285 -42.09 2.71 -12.37
CA ASP A 285 -42.06 3.24 -13.75
C ASP A 285 -41.15 4.45 -13.90
N GLN A 286 -40.64 4.95 -12.79
CA GLN A 286 -39.57 5.95 -12.72
C GLN A 286 -38.56 5.55 -11.66
N PRO A 287 -37.34 6.12 -11.72
CA PRO A 287 -36.34 5.81 -10.70
C PRO A 287 -36.65 6.37 -9.33
N ILE A 288 -36.31 5.59 -8.32
CA ILE A 288 -36.23 6.07 -6.96
C ILE A 288 -35.06 7.02 -6.95
N GLU A 289 -35.15 8.11 -6.19
CA GLU A 289 -34.09 9.11 -6.16
C GLU A 289 -33.85 9.52 -4.70
N ILE A 290 -32.64 9.27 -4.24
CA ILE A 290 -32.28 9.57 -2.86
C ILE A 290 -31.30 10.74 -2.89
N ASP A 291 -31.86 11.94 -3.01
CA ASP A 291 -31.13 13.22 -3.19
C ASP A 291 -31.28 14.00 -1.85
N ARG A 292 -31.08 13.28 -0.75
CA ARG A 292 -31.04 13.91 0.57
C ARG A 292 -30.01 13.24 1.46
N ALA A 293 -29.17 14.07 2.07
CA ALA A 293 -28.08 13.54 2.85
C ALA A 293 -28.61 12.73 4.04
N ASN A 294 -27.88 11.69 4.40
CA ASN A 294 -28.14 10.87 5.60
C ASN A 294 -29.34 9.90 5.52
N THR A 295 -29.93 9.81 4.35
CA THR A 295 -31.09 8.95 4.14
C THR A 295 -30.70 7.49 4.22
N VAL A 296 -31.46 6.73 5.03
CA VAL A 296 -31.33 5.30 5.10
C VAL A 296 -32.41 4.71 4.23
N ALA A 297 -32.01 3.76 3.36
CA ALA A 297 -32.97 2.98 2.58
C ALA A 297 -32.63 1.52 2.87
N LEU A 298 -33.43 0.91 3.73
CA LEU A 298 -33.14 -0.41 4.30
C LEU A 298 -34.18 -1.41 3.85
N GLY A 299 -33.75 -2.45 3.15
CA GLY A 299 -34.68 -3.48 2.72
C GLY A 299 -34.77 -4.58 3.75
N LEU A 300 -35.93 -5.25 3.76
CA LEU A 300 -36.21 -6.43 4.55
C LEU A 300 -36.60 -7.57 3.60
N GLY A 301 -36.18 -8.78 3.93
CA GLY A 301 -36.64 -9.97 3.22
C GLY A 301 -36.35 -9.98 1.72
N LEU A 302 -35.17 -9.47 1.34
CA LEU A 302 -34.74 -9.45 -0.06
C LEU A 302 -35.71 -8.64 -0.93
N ALA A 303 -36.22 -7.57 -0.34
CA ALA A 303 -37.04 -6.63 -1.07
C ALA A 303 -36.36 -6.26 -2.36
N THR A 304 -37.15 -6.24 -3.42
CA THR A 304 -36.68 -6.18 -4.79
C THR A 304 -37.31 -5.03 -5.53
N ILE A 305 -36.49 -4.31 -6.32
CA ILE A 305 -37.00 -3.25 -7.20
C ILE A 305 -36.73 -3.64 -8.65
N ILE A 306 -37.78 -3.60 -9.47
CA ILE A 306 -37.68 -3.83 -10.91
C ILE A 306 -37.99 -2.53 -11.65
N PRO A 307 -37.04 -2.00 -12.44
CA PRO A 307 -37.33 -0.79 -13.21
C PRO A 307 -38.06 -1.10 -14.47
N ASP A 308 -39.01 -0.23 -14.80
CA ASP A 308 -39.78 -0.36 -16.02
C ASP A 308 -39.28 0.57 -17.06
N ASN A 309 -39.61 0.24 -18.31
CA ASN A 309 -39.58 1.25 -19.37
C ASN A 309 -38.17 1.74 -19.63
N GLY A 310 -37.21 0.94 -19.17
CA GLY A 310 -35.80 1.19 -19.38
C GLY A 310 -35.20 2.18 -18.42
N VAL A 311 -35.92 2.55 -17.36
CA VAL A 311 -35.33 3.48 -16.42
C VAL A 311 -34.29 2.85 -15.51
N THR A 312 -33.53 3.73 -14.91
CA THR A 312 -32.67 3.41 -13.80
C THR A 312 -33.56 3.12 -12.59
N ALA A 313 -33.16 2.14 -11.79
CA ALA A 313 -33.93 1.78 -10.59
C ALA A 313 -33.71 2.75 -9.43
N LEU A 314 -32.45 3.12 -9.20
CA LEU A 314 -32.09 3.88 -8.02
C LEU A 314 -31.00 4.86 -8.37
N LYS A 315 -31.30 6.13 -8.12
CA LYS A 315 -30.36 7.26 -8.31
C LYS A 315 -30.09 7.86 -6.92
N VAL A 316 -28.89 7.70 -6.38
CA VAL A 316 -28.49 8.43 -5.18
C VAL A 316 -27.76 9.70 -5.61
N GLY A 317 -28.16 10.83 -5.06
CA GLY A 317 -27.56 12.13 -5.42
C GLY A 317 -26.15 12.31 -4.88
N ASP A 318 -25.59 13.50 -5.12
CA ASP A 318 -24.22 13.82 -4.71
C ASP A 318 -24.13 14.34 -3.28
N VAL A 319 -24.70 13.55 -2.38
CA VAL A 319 -24.85 13.94 -0.98
C VAL A 319 -24.15 12.97 -0.06
N ASP A 320 -23.79 13.47 1.13
CA ASP A 320 -23.16 12.65 2.18
C ASP A 320 -24.15 11.62 2.73
N GLY A 321 -23.59 10.52 3.26
CA GLY A 321 -24.26 9.75 4.30
C GLY A 321 -25.42 8.86 3.92
N VAL A 322 -25.68 8.68 2.63
CA VAL A 322 -26.79 7.79 2.25
C VAL A 322 -26.36 6.36 2.53
N LYS A 323 -27.31 5.57 3.06
CA LYS A 323 -27.03 4.19 3.46
C LYS A 323 -28.08 3.29 2.81
N VAL A 324 -27.74 2.73 1.66
CA VAL A 324 -28.63 1.77 0.95
C VAL A 324 -28.25 0.36 1.38
N ALA A 325 -29.24 -0.43 1.81
CA ALA A 325 -28.91 -1.74 2.36
C ALA A 325 -29.99 -2.77 2.13
N GLY A 326 -29.59 -3.97 1.71
CA GLY A 326 -30.47 -5.12 1.72
C GLY A 326 -31.53 -5.15 0.66
N LEU A 327 -31.14 -4.70 -0.54
CA LEU A 327 -32.02 -4.64 -1.72
C LEU A 327 -31.49 -5.46 -2.89
N LEU A 328 -32.42 -6.14 -3.58
CA LEU A 328 -32.15 -6.74 -4.87
C LEU A 328 -32.71 -5.82 -5.96
N VAL A 329 -31.93 -5.55 -6.99
CA VAL A 329 -32.40 -4.81 -8.15
C VAL A 329 -32.42 -5.79 -9.32
N ASP A 330 -33.59 -5.97 -9.89
CA ASP A 330 -33.88 -6.99 -10.89
C ASP A 330 -34.17 -6.30 -12.22
N ALA A 331 -33.31 -6.47 -13.22
CA ALA A 331 -33.54 -5.83 -14.48
C ALA A 331 -34.82 -6.30 -15.13
N GLY A 332 -35.52 -5.35 -15.75
CA GLY A 332 -36.69 -5.68 -16.54
C GLY A 332 -36.27 -5.93 -18.00
N PRO A 333 -37.21 -6.47 -18.79
CA PRO A 333 -36.89 -6.85 -20.17
C PRO A 333 -36.49 -5.68 -21.08
N VAL A 334 -36.81 -4.44 -20.70
CA VAL A 334 -36.41 -3.30 -21.50
C VAL A 334 -35.09 -2.72 -20.99
N ASN A 335 -34.06 -2.74 -21.84
CA ASN A 335 -32.71 -2.41 -21.42
C ASN A 335 -32.61 -1.09 -20.66
N SER A 336 -32.17 -1.15 -19.42
CA SER A 336 -31.83 0.06 -18.69
C SER A 336 -30.37 0.43 -18.98
N GLU A 337 -30.14 1.69 -19.31
CA GLU A 337 -28.80 2.20 -19.55
C GLU A 337 -27.94 2.03 -18.27
N THR A 338 -28.60 2.22 -17.13
CA THR A 338 -27.97 1.96 -15.85
C THR A 338 -29.05 1.41 -14.92
N LEU A 339 -28.67 0.56 -13.96
CA LEU A 339 -29.61 0.12 -12.92
C LEU A 339 -29.52 0.90 -11.58
N VAL A 340 -28.30 1.20 -11.15
CA VAL A 340 -28.05 1.92 -9.91
C VAL A 340 -26.97 2.93 -10.18
N GLU A 341 -27.26 4.20 -9.86
CA GLU A 341 -26.24 5.24 -9.94
C GLU A 341 -26.01 5.86 -8.57
N VAL A 342 -24.74 6.09 -8.25
CA VAL A 342 -24.35 6.72 -7.01
C VAL A 342 -23.52 7.98 -7.35
N GLY A 343 -24.15 9.14 -7.19
CA GLY A 343 -23.60 10.44 -7.57
C GLY A 343 -23.99 10.83 -8.99
N SER A 344 -23.40 11.91 -9.51
CA SER A 344 -23.59 12.36 -10.92
C SER A 344 -22.26 12.28 -11.69
N ASP A 345 -22.30 11.99 -13.01
CA ASP A 345 -21.02 11.89 -13.77
C ASP A 345 -20.31 13.17 -13.56
N GLY A 346 -19.03 13.07 -13.26
CA GLY A 346 -18.25 14.27 -12.98
C GLY A 346 -18.44 14.88 -11.60
N ALA A 347 -19.11 14.19 -10.68
CA ALA A 347 -19.15 14.75 -9.33
C ALA A 347 -17.75 14.58 -8.70
N SER A 348 -17.13 15.70 -8.27
CA SER A 348 -15.73 15.72 -7.84
C SER A 348 -15.65 16.36 -6.39
N GLY A 349 -16.80 16.56 -5.77
CA GLY A 349 -16.87 16.89 -4.36
C GLY A 349 -16.73 15.67 -3.46
N ASP A 350 -16.19 15.88 -2.27
CA ASP A 350 -15.81 14.74 -1.42
C ASP A 350 -16.88 14.41 -0.39
N HIS A 351 -16.81 13.16 0.12
CA HIS A 351 -17.67 12.71 1.19
C HIS A 351 -16.82 11.86 2.14
N ALA A 352 -15.77 12.46 2.72
CA ALA A 352 -14.75 11.70 3.46
C ALA A 352 -15.13 11.40 4.90
N ALA A 353 -15.82 12.35 5.52
CA ALA A 353 -16.22 12.22 6.92
C ALA A 353 -17.48 11.36 7.05
N ASN A 354 -18.34 11.42 6.04
CA ASN A 354 -19.67 10.81 6.10
C ASN A 354 -20.05 10.28 4.70
N PRO A 355 -19.44 9.16 4.30
CA PRO A 355 -19.64 8.63 2.96
C PRO A 355 -21.02 8.03 2.71
N THR A 356 -21.34 7.86 1.43
CA THR A 356 -22.50 7.06 1.03
C THR A 356 -22.03 5.62 0.86
N SER A 357 -22.91 4.67 1.20
CA SER A 357 -22.58 3.25 1.15
C SER A 357 -23.67 2.45 0.43
N LEU A 358 -23.25 1.38 -0.24
CA LEU A 358 -24.15 0.33 -0.67
C LEU A 358 -23.76 -0.92 0.10
N GLN A 359 -24.73 -1.52 0.78
CA GLN A 359 -24.45 -2.76 1.52
C GLN A 359 -25.50 -3.81 1.23
N ASP A 360 -25.04 -5.01 0.93
CA ASP A 360 -26.00 -6.06 0.55
C ASP A 360 -26.97 -5.54 -0.51
N VAL A 361 -26.38 -4.92 -1.52
CA VAL A 361 -27.10 -4.54 -2.72
C VAL A 361 -26.74 -5.57 -3.78
N PHE A 362 -27.75 -6.22 -4.30
CA PHE A 362 -27.56 -7.29 -5.27
C PHE A 362 -28.24 -6.82 -6.58
N VAL A 363 -27.68 -7.22 -7.69
CA VAL A 363 -28.27 -6.93 -8.98
C VAL A 363 -28.33 -8.23 -9.78
N ARG A 364 -29.46 -8.46 -10.43
CA ARG A 364 -29.69 -9.62 -11.29
C ARG A 364 -30.17 -9.15 -12.66
N ILE A 365 -29.59 -9.74 -13.72
CA ILE A 365 -30.00 -9.46 -15.09
C ILE A 365 -30.41 -10.77 -15.74
N GLY A 366 -31.73 -10.98 -15.86
CA GLY A 366 -32.27 -12.22 -16.36
C GLY A 366 -32.44 -13.30 -15.29
N GLY A 367 -32.92 -14.48 -15.68
CA GLY A 367 -33.02 -15.60 -14.76
C GLY A 367 -34.46 -15.82 -14.28
N ALA A 368 -35.07 -14.73 -13.85
CA ALA A 368 -36.50 -14.65 -13.56
C ALA A 368 -37.14 -13.74 -14.61
N GLY A 369 -37.02 -14.16 -15.88
CA GLY A 369 -37.49 -13.42 -17.04
C GLY A 369 -36.37 -12.73 -17.82
N PRO A 370 -36.54 -12.56 -19.16
CA PRO A 370 -35.60 -11.70 -19.87
C PRO A 370 -35.40 -10.36 -19.16
N GLY A 371 -34.15 -9.93 -19.10
CA GLY A 371 -33.79 -8.68 -18.44
C GLY A 371 -32.51 -8.20 -19.08
N LYS A 372 -32.36 -6.89 -19.20
CA LYS A 372 -31.23 -6.30 -19.90
C LYS A 372 -30.82 -5.00 -19.23
N ALA A 373 -29.51 -4.78 -19.13
CA ALA A 373 -29.01 -3.47 -18.73
C ALA A 373 -27.59 -3.28 -19.28
N THR A 374 -27.22 -2.03 -19.56
CA THR A 374 -25.89 -1.73 -20.14
C THR A 374 -24.77 -1.77 -19.12
N THR A 375 -24.89 -0.92 -18.12
CA THR A 375 -24.02 -0.95 -16.93
C THR A 375 -24.90 -1.06 -15.70
N SER A 376 -24.64 -2.05 -14.84
CA SER A 376 -25.52 -2.29 -13.73
C SER A 376 -25.37 -1.26 -12.59
N ILE A 377 -24.15 -1.02 -12.13
CA ILE A 377 -23.89 -0.01 -11.11
C ILE A 377 -22.77 0.91 -11.53
N VAL A 378 -23.08 2.21 -11.53
CA VAL A 378 -22.12 3.24 -11.80
C VAL A 378 -21.91 3.96 -10.50
N VAL A 379 -20.65 4.07 -10.11
CA VAL A 379 -20.32 4.69 -8.84
C VAL A 379 -19.51 5.94 -9.08
N ASN A 380 -20.21 7.08 -9.09
CA ASN A 380 -19.58 8.35 -9.31
C ASN A 380 -19.12 9.06 -8.02
N SER A 381 -19.76 8.78 -6.89
CA SER A 381 -19.49 9.56 -5.66
C SER A 381 -18.12 9.26 -5.05
N ASN A 382 -17.30 10.29 -4.83
CA ASN A 382 -16.03 10.06 -4.17
C ASN A 382 -16.28 9.49 -2.78
N ASP A 383 -15.36 8.65 -2.33
CA ASP A 383 -15.31 8.08 -0.99
C ASP A 383 -16.41 7.06 -0.68
N THR A 384 -17.14 6.64 -1.71
CA THR A 384 -18.22 5.67 -1.56
C THR A 384 -17.69 4.32 -1.08
N ILE A 385 -18.49 3.68 -0.23
CA ILE A 385 -18.17 2.36 0.30
C ILE A 385 -19.12 1.35 -0.30
N ILE A 386 -18.58 0.30 -0.91
CA ILE A 386 -19.41 -0.78 -1.46
C ILE A 386 -19.06 -1.99 -0.63
N ASP A 387 -19.91 -2.32 0.35
CA ASP A 387 -19.60 -3.34 1.34
C ASP A 387 -20.61 -4.51 1.19
N HIS A 388 -20.17 -5.48 0.39
CA HIS A 388 -20.93 -6.64 -0.08
C HIS A 388 -21.91 -6.30 -1.19
N THR A 389 -21.53 -6.66 -2.42
CA THR A 389 -22.44 -6.60 -3.55
C THR A 389 -22.27 -7.88 -4.41
N TRP A 390 -23.37 -8.32 -5.01
CA TRP A 390 -23.32 -9.37 -6.04
C TRP A 390 -24.05 -8.79 -7.23
N VAL A 391 -23.32 -8.60 -8.30
CA VAL A 391 -23.85 -8.04 -9.54
C VAL A 391 -23.71 -9.20 -10.58
N TRP A 392 -24.84 -9.74 -10.99
CA TRP A 392 -24.91 -11.05 -11.63
C TRP A 392 -25.78 -11.06 -12.87
N ARG A 393 -25.17 -11.25 -14.03
CA ARG A 393 -25.92 -11.52 -15.23
C ARG A 393 -26.24 -13.04 -15.17
N ALA A 394 -27.51 -13.41 -15.30
CA ALA A 394 -27.93 -14.79 -15.06
C ALA A 394 -27.33 -15.78 -16.07
N ASP A 395 -27.00 -16.98 -15.56
CA ASP A 395 -26.49 -18.07 -16.41
C ASP A 395 -27.49 -19.21 -16.47
N HIS A 396 -28.57 -19.11 -15.68
CA HIS A 396 -29.62 -20.10 -15.67
C HIS A 396 -30.93 -19.45 -15.28
N GLY A 397 -32.01 -20.13 -15.67
CA GLY A 397 -33.36 -19.66 -15.42
C GLY A 397 -34.01 -19.50 -16.77
N GLU A 398 -35.07 -18.70 -16.82
CA GLU A 398 -35.73 -18.42 -18.09
C GLU A 398 -35.37 -16.96 -18.37
N GLY A 399 -35.25 -16.63 -19.66
CA GLY A 399 -34.82 -15.31 -20.07
C GLY A 399 -33.32 -15.14 -20.23
N VAL A 400 -32.58 -16.23 -20.29
CA VAL A 400 -31.13 -16.20 -20.48
C VAL A 400 -30.79 -16.20 -22.00
N GLY A 401 -29.58 -15.76 -22.35
CA GLY A 401 -29.16 -15.73 -23.74
C GLY A 401 -28.07 -14.70 -23.97
N TRP A 402 -27.06 -15.06 -24.76
CA TRP A 402 -26.01 -14.08 -25.12
C TRP A 402 -26.62 -12.74 -25.57
N GLU A 403 -27.74 -12.82 -26.29
CA GLU A 403 -28.56 -11.62 -26.60
C GLU A 403 -29.70 -11.38 -25.64
N THR A 404 -30.38 -12.45 -25.30
CA THR A 404 -31.63 -12.33 -24.59
C THR A 404 -31.49 -11.62 -23.23
N ASN A 405 -30.42 -11.92 -22.46
CA ASN A 405 -30.11 -11.15 -21.25
C ASN A 405 -28.70 -10.52 -21.33
N ARG A 406 -28.41 -9.97 -22.49
CA ARG A 406 -27.19 -9.21 -22.67
C ARG A 406 -27.05 -8.15 -21.56
N ALA A 407 -25.87 -8.14 -20.93
CA ALA A 407 -25.52 -7.07 -19.99
C ALA A 407 -24.05 -6.80 -20.22
N ASP A 408 -23.72 -5.68 -20.85
CA ASP A 408 -22.30 -5.44 -21.21
C ASP A 408 -21.37 -5.20 -20.02
N TYR A 409 -21.79 -4.35 -19.08
CA TYR A 409 -20.90 -3.92 -17.98
C TYR A 409 -21.53 -4.11 -16.61
N GLY A 410 -20.71 -4.57 -15.68
CA GLY A 410 -21.20 -4.86 -14.33
C GLY A 410 -21.18 -3.62 -13.46
N VAL A 411 -19.96 -3.26 -13.06
CA VAL A 411 -19.72 -2.15 -12.17
C VAL A 411 -18.65 -1.26 -12.78
N HIS A 412 -18.95 0.03 -12.80
CA HIS A 412 -17.99 1.02 -13.30
C HIS A 412 -17.75 2.04 -12.18
N VAL A 413 -16.54 2.05 -11.66
CA VAL A 413 -16.23 2.97 -10.55
C VAL A 413 -15.52 4.16 -11.11
N LYS A 414 -16.19 5.32 -11.02
CA LYS A 414 -15.68 6.54 -11.59
C LYS A 414 -15.15 7.57 -10.56
N GLY A 415 -15.66 7.51 -9.33
CA GLY A 415 -15.20 8.43 -8.27
C GLY A 415 -13.88 7.97 -7.66
N ASP A 416 -13.29 8.81 -6.80
CA ASP A 416 -11.98 8.53 -6.21
C ASP A 416 -12.11 8.12 -4.75
N ASN A 417 -11.13 7.37 -4.27
CA ASN A 417 -11.06 6.93 -2.88
C ASN A 417 -12.16 5.94 -2.55
N VAL A 418 -12.77 5.35 -3.59
CA VAL A 418 -13.86 4.38 -3.40
C VAL A 418 -13.31 3.05 -2.90
N LEU A 419 -13.99 2.49 -1.89
CA LEU A 419 -13.57 1.24 -1.30
C LEU A 419 -14.63 0.22 -1.62
N ALA A 420 -14.21 -0.94 -2.10
CA ALA A 420 -15.09 -2.10 -2.23
C ALA A 420 -14.58 -3.23 -1.33
N THR A 421 -15.43 -3.70 -0.43
CA THR A 421 -15.14 -4.84 0.43
C THR A 421 -16.16 -5.96 0.20
N GLY A 422 -15.71 -7.05 -0.38
CA GLY A 422 -16.60 -8.15 -0.69
C GLY A 422 -17.34 -7.89 -2.00
N LEU A 423 -16.57 -7.90 -3.09
CA LEU A 423 -17.06 -7.55 -4.42
C LEU A 423 -17.23 -8.82 -5.29
N PHE A 424 -18.46 -9.13 -5.67
CA PHE A 424 -18.76 -10.34 -6.43
C PHE A 424 -19.47 -9.86 -7.73
N VAL A 425 -18.85 -10.03 -8.90
CA VAL A 425 -19.47 -9.59 -10.16
C VAL A 425 -19.21 -10.67 -11.24
N GLU A 426 -20.28 -11.13 -11.91
CA GLU A 426 -20.19 -12.30 -12.80
C GLU A 426 -21.00 -12.18 -14.09
N HIS A 427 -20.36 -12.58 -15.18
CA HIS A 427 -21.01 -13.06 -16.43
C HIS A 427 -21.30 -12.00 -17.49
N PHE A 428 -20.76 -10.80 -17.31
CA PHE A 428 -21.01 -9.70 -18.22
C PHE A 428 -20.41 -9.90 -19.62
N ASN A 429 -21.09 -9.36 -20.63
CA ASN A 429 -20.67 -9.57 -22.02
C ASN A 429 -19.33 -8.87 -22.33
N LYS A 430 -19.07 -7.79 -21.59
CA LYS A 430 -17.81 -7.09 -21.66
C LYS A 430 -17.13 -7.03 -20.28
N TYR A 431 -16.63 -5.86 -19.86
CA TYR A 431 -15.92 -5.78 -18.60
C TYR A 431 -16.86 -5.93 -17.41
N ASP A 432 -16.61 -6.91 -16.56
CA ASP A 432 -17.43 -7.08 -15.38
C ASP A 432 -17.26 -5.87 -14.46
N VAL A 433 -15.99 -5.48 -14.25
CA VAL A 433 -15.65 -4.31 -13.44
C VAL A 433 -14.66 -3.43 -14.19
N GLN A 434 -14.95 -2.12 -14.28
CA GLN A 434 -14.00 -1.13 -14.77
C GLN A 434 -13.82 -0.05 -13.67
N TRP A 435 -12.58 0.36 -13.45
CA TRP A 435 -12.26 1.34 -12.44
C TRP A 435 -11.49 2.47 -13.11
N SER A 436 -12.18 3.60 -13.23
CA SER A 436 -11.69 4.82 -13.86
C SER A 436 -11.21 5.89 -12.83
N GLY A 437 -11.74 5.88 -11.61
CA GLY A 437 -11.34 6.87 -10.60
C GLY A 437 -10.01 6.57 -9.89
N GLU A 438 -9.50 7.56 -9.14
CA GLU A 438 -8.21 7.42 -8.46
C GLU A 438 -8.33 6.82 -7.05
N ASN A 439 -7.23 6.19 -6.63
CA ASN A 439 -7.06 5.71 -5.27
C ASN A 439 -8.15 4.74 -4.84
N GLY A 440 -8.67 3.99 -5.80
CA GLY A 440 -9.60 2.93 -5.50
C GLY A 440 -8.92 1.77 -4.82
N LYS A 441 -9.69 1.05 -4.01
CA LYS A 441 -9.20 -0.15 -3.36
C LYS A 441 -10.28 -1.19 -3.25
N THR A 442 -9.91 -2.43 -3.56
CA THR A 442 -10.81 -3.59 -3.48
C THR A 442 -10.18 -4.63 -2.59
N ILE A 443 -10.97 -5.07 -1.62
CA ILE A 443 -10.58 -6.16 -0.69
C ILE A 443 -11.61 -7.28 -0.92
N PHE A 444 -11.11 -8.32 -1.57
CA PHE A 444 -11.84 -9.48 -2.07
C PHE A 444 -12.65 -9.21 -3.31
N TYR A 445 -12.28 -9.95 -4.38
CA TYR A 445 -13.02 -9.96 -5.63
C TYR A 445 -13.26 -11.39 -6.07
N GLN A 446 -14.50 -11.65 -6.47
CA GLN A 446 -14.85 -12.93 -7.09
C GLN A 446 -15.61 -12.66 -8.39
N ASN A 447 -15.11 -13.24 -9.48
CA ASN A 447 -15.70 -13.12 -10.80
C ASN A 447 -15.80 -14.47 -11.46
N ALA A 448 -16.82 -14.61 -12.32
CA ALA A 448 -16.84 -15.69 -13.32
C ALA A 448 -17.17 -15.03 -14.66
N LYS A 449 -16.50 -15.49 -15.70
CA LYS A 449 -16.69 -14.96 -17.05
C LYS A 449 -17.95 -15.59 -17.65
N ALA A 450 -18.57 -14.86 -18.58
CA ALA A 450 -19.74 -15.34 -19.29
C ALA A 450 -19.51 -16.72 -19.92
N TYR A 451 -20.40 -17.65 -19.60
CA TYR A 451 -20.27 -19.05 -20.06
C TYR A 451 -20.65 -19.17 -21.50
N ASP A 452 -21.45 -18.21 -21.98
CA ASP A 452 -22.15 -18.34 -23.24
C ASP A 452 -21.59 -17.50 -24.40
N ALA A 453 -20.36 -17.01 -24.26
CA ALA A 453 -19.68 -16.40 -25.37
C ALA A 453 -19.72 -17.38 -26.53
N PRO A 454 -20.29 -16.97 -27.67
CA PRO A 454 -20.43 -17.99 -28.75
C PRO A 454 -19.12 -18.42 -29.37
N ASP A 455 -18.22 -17.47 -29.46
CA ASP A 455 -16.99 -17.64 -30.21
C ASP A 455 -16.02 -16.55 -29.84
N GLN A 456 -14.78 -16.70 -30.31
CA GLN A 456 -13.72 -15.74 -30.03
C GLN A 456 -14.06 -14.33 -30.55
N ALA A 457 -14.62 -14.25 -31.76
CA ALA A 457 -14.90 -12.95 -32.38
C ALA A 457 -15.91 -12.14 -31.59
N ALA A 458 -16.79 -12.83 -30.87
CA ALA A 458 -17.86 -12.21 -30.10
C ALA A 458 -17.38 -11.38 -28.89
N ILE A 459 -16.17 -11.68 -28.42
CA ILE A 459 -15.60 -10.99 -27.26
C ILE A 459 -14.24 -10.33 -27.59
N GLN A 460 -13.98 -10.04 -28.86
CA GLN A 460 -12.70 -9.38 -29.29
C GLN A 460 -12.69 -7.93 -28.82
N ASN A 461 -11.83 -7.62 -27.85
CA ASN A 461 -11.71 -6.30 -27.24
C ASN A 461 -10.53 -5.52 -27.83
N GLY A 462 -10.69 -4.98 -29.03
CA GLY A 462 -9.59 -4.30 -29.71
C GLY A 462 -8.46 -5.29 -29.89
N ASP A 463 -7.29 -4.98 -29.36
CA ASP A 463 -6.16 -5.87 -29.55
C ASP A 463 -6.19 -7.13 -28.69
N ILE A 464 -7.25 -7.28 -27.90
CA ILE A 464 -7.30 -8.20 -26.77
C ILE A 464 -8.42 -9.23 -26.92
N LYS A 465 -8.10 -10.48 -26.62
CA LYS A 465 -9.09 -11.55 -26.63
C LYS A 465 -9.85 -11.52 -25.32
N GLY A 466 -11.12 -11.15 -25.42
CA GLY A 466 -11.95 -11.04 -24.24
C GLY A 466 -11.73 -9.77 -23.49
N TYR A 467 -12.67 -9.49 -22.59
CA TYR A 467 -12.62 -8.33 -21.70
C TYR A 467 -12.22 -8.77 -20.31
N ALA A 468 -11.31 -8.02 -19.67
CA ALA A 468 -10.92 -8.32 -18.30
C ALA A 468 -12.14 -8.37 -17.39
N ALA A 469 -12.06 -9.23 -16.38
CA ALA A 469 -13.03 -9.23 -15.33
C ALA A 469 -12.87 -7.98 -14.46
N TYR A 470 -11.67 -7.42 -14.44
CA TYR A 470 -11.39 -6.25 -13.60
C TYR A 470 -10.33 -5.41 -14.30
N LYS A 471 -10.77 -4.23 -14.74
CA LYS A 471 -10.01 -3.34 -15.59
C LYS A 471 -9.84 -1.99 -14.96
N VAL A 472 -8.59 -1.65 -14.70
CA VAL A 472 -8.24 -0.28 -14.32
C VAL A 472 -7.86 0.59 -15.54
N ASP A 473 -8.45 1.78 -15.61
CA ASP A 473 -8.16 2.75 -16.67
C ASP A 473 -6.69 3.08 -16.71
N ASP A 474 -6.12 3.24 -17.91
CA ASP A 474 -4.66 3.43 -18.02
C ASP A 474 -4.25 4.82 -17.54
N SER A 475 -5.23 5.70 -17.41
CA SER A 475 -5.01 7.03 -16.87
C SER A 475 -4.87 7.04 -15.33
N VAL A 476 -5.29 5.95 -14.68
CA VAL A 476 -5.23 5.85 -13.21
C VAL A 476 -3.78 5.76 -12.72
N THR A 477 -3.44 6.52 -11.68
CA THR A 477 -2.08 6.47 -11.10
C THR A 477 -2.00 5.66 -9.79
N THR A 478 -3.10 5.57 -9.06
CA THR A 478 -3.12 4.86 -7.76
C THR A 478 -4.32 3.93 -7.65
N HIS A 479 -4.07 2.69 -7.24
CA HIS A 479 -5.10 1.66 -7.08
C HIS A 479 -4.46 0.52 -6.30
N GLU A 480 -5.24 -0.15 -5.45
CA GLU A 480 -4.75 -1.32 -4.75
C GLU A 480 -5.85 -2.39 -4.57
N GLY A 481 -5.54 -3.61 -4.97
CA GLY A 481 -6.47 -4.72 -4.88
C GLY A 481 -5.85 -5.91 -4.14
N TRP A 482 -6.64 -6.60 -3.31
CA TRP A 482 -6.14 -7.75 -2.59
C TRP A 482 -7.13 -8.93 -2.69
N GLY A 483 -6.60 -10.11 -3.00
CA GLY A 483 -7.38 -11.33 -2.89
C GLY A 483 -8.50 -11.46 -3.93
N MET A 484 -8.09 -11.65 -5.18
CA MET A 484 -8.97 -11.42 -6.31
C MET A 484 -8.88 -12.53 -7.32
N GLY A 485 -10.05 -13.05 -7.71
CA GLY A 485 -10.08 -14.11 -8.70
C GLY A 485 -11.12 -13.98 -9.81
N SER A 486 -10.76 -14.48 -10.98
CA SER A 486 -11.64 -14.58 -12.16
C SER A 486 -11.66 -16.05 -12.59
N TYR A 487 -12.86 -16.60 -12.81
CA TYR A 487 -13.04 -18.01 -13.18
C TYR A 487 -13.69 -18.10 -14.56
N CYS A 488 -13.30 -19.07 -15.38
CA CYS A 488 -14.01 -19.26 -16.68
C CYS A 488 -14.60 -20.68 -16.81
N TYR A 489 -15.65 -20.76 -17.62
CA TYR A 489 -16.32 -22.02 -17.96
C TYR A 489 -17.07 -21.79 -19.23
N PHE A 490 -16.29 -21.63 -20.29
CA PHE A 490 -16.84 -21.36 -21.60
C PHE A 490 -17.43 -22.63 -22.19
N ASN A 491 -18.61 -23.00 -21.71
CA ASN A 491 -19.09 -24.32 -21.97
C ASN A 491 -19.94 -24.39 -23.24
N VAL A 492 -20.23 -23.23 -23.84
CA VAL A 492 -20.76 -23.15 -25.19
C VAL A 492 -19.63 -23.38 -26.19
N ASN A 493 -18.58 -22.58 -26.10
CA ASN A 493 -17.41 -22.74 -26.98
C ASN A 493 -16.11 -22.87 -26.20
N PRO A 494 -15.77 -24.12 -25.84
CA PRO A 494 -14.62 -24.35 -24.95
C PRO A 494 -13.24 -24.21 -25.62
N ASP A 495 -13.21 -23.82 -26.90
CA ASP A 495 -12.01 -23.48 -27.61
C ASP A 495 -11.61 -22.01 -27.38
N ILE A 496 -12.49 -21.26 -26.72
CA ILE A 496 -12.23 -19.84 -26.45
C ILE A 496 -11.03 -19.63 -25.55
N ARG A 497 -10.33 -18.51 -25.77
CA ARG A 497 -9.26 -18.02 -24.91
C ARG A 497 -9.60 -16.66 -24.32
N GLN A 498 -9.28 -16.50 -23.05
CA GLN A 498 -9.44 -15.24 -22.32
C GLN A 498 -8.04 -14.71 -21.98
N GLN A 499 -7.64 -13.55 -22.49
CA GLN A 499 -6.23 -13.14 -22.30
C GLN A 499 -5.85 -12.98 -20.85
N HIS A 500 -6.80 -12.48 -20.07
CA HIS A 500 -6.49 -12.18 -18.67
C HIS A 500 -7.75 -11.99 -17.82
N GLY A 501 -7.62 -12.27 -16.52
CA GLY A 501 -8.64 -11.87 -15.56
C GLY A 501 -8.58 -10.37 -15.27
N PHE A 502 -7.36 -9.83 -15.27
CA PHE A 502 -7.08 -8.48 -14.80
C PHE A 502 -6.27 -7.67 -15.83
N GLN A 503 -6.59 -6.38 -15.92
CA GLN A 503 -5.89 -5.46 -16.83
C GLN A 503 -5.72 -4.11 -16.14
N ALA A 504 -4.50 -3.57 -16.15
CA ALA A 504 -4.25 -2.24 -15.62
C ALA A 504 -2.96 -1.65 -16.17
N PRO A 505 -2.78 -0.33 -16.00
CA PRO A 505 -1.48 0.25 -16.36
C PRO A 505 -0.37 -0.23 -15.41
N VAL A 506 0.88 -0.23 -15.91
CA VAL A 506 2.03 -0.61 -15.10
C VAL A 506 2.66 0.67 -14.53
N LYS A 507 2.34 0.95 -13.28
CA LYS A 507 2.64 2.23 -12.61
C LYS A 507 2.94 1.88 -11.15
N PRO A 508 3.93 2.55 -10.53
CA PRO A 508 4.28 2.15 -9.14
C PRO A 508 3.19 2.26 -8.11
N GLY A 509 2.16 3.07 -8.33
CA GLY A 509 1.08 3.24 -7.39
C GLY A 509 -0.11 2.34 -7.67
N VAL A 510 0.03 1.43 -8.64
CA VAL A 510 -1.05 0.49 -9.03
C VAL A 510 -0.61 -0.91 -8.68
N LYS A 511 -1.25 -1.45 -7.64
CA LYS A 511 -0.70 -2.51 -6.81
C LYS A 511 -1.69 -3.68 -6.61
N PHE A 512 -1.33 -4.90 -7.02
CA PHE A 512 -2.18 -6.06 -6.74
C PHE A 512 -1.45 -7.12 -5.89
N HIS A 513 -2.21 -7.70 -4.96
CA HIS A 513 -1.75 -8.84 -4.17
C HIS A 513 -2.74 -9.98 -4.25
N ASP A 514 -2.22 -11.17 -4.52
CA ASP A 514 -2.95 -12.43 -4.41
C ASP A 514 -4.06 -12.57 -5.46
N LEU A 515 -3.63 -12.58 -6.72
CA LEU A 515 -4.50 -12.75 -7.89
C LEU A 515 -4.54 -14.21 -8.38
N LEU A 516 -5.72 -14.62 -8.84
CA LEU A 516 -5.81 -15.90 -9.49
C LEU A 516 -6.82 -15.93 -10.62
N VAL A 517 -6.54 -16.75 -11.62
CA VAL A 517 -7.52 -17.13 -12.64
C VAL A 517 -7.63 -18.65 -12.63
N VAL A 518 -8.82 -19.16 -12.96
CA VAL A 518 -9.02 -20.58 -12.95
C VAL A 518 -10.05 -21.00 -14.02
N SER A 519 -9.77 -22.10 -14.72
CA SER A 519 -10.70 -22.70 -15.68
C SER A 519 -11.45 -23.93 -15.17
N LEU A 520 -12.76 -23.90 -15.05
CA LEU A 520 -13.43 -25.12 -14.62
C LEU A 520 -13.47 -26.15 -15.71
N GLY A 521 -12.81 -27.27 -15.42
CA GLY A 521 -12.76 -28.41 -16.30
C GLY A 521 -12.37 -28.15 -17.73
N GLY A 522 -11.45 -27.21 -17.98
CA GLY A 522 -10.88 -27.03 -19.32
C GLY A 522 -11.82 -26.38 -20.32
N LYS A 523 -12.89 -25.80 -19.80
CA LYS A 523 -13.87 -25.12 -20.62
C LYS A 523 -13.33 -23.70 -20.91
N GLY A 524 -12.52 -23.60 -21.97
CA GLY A 524 -11.78 -22.40 -22.24
C GLY A 524 -10.53 -22.34 -21.36
N GLN A 525 -9.64 -21.44 -21.70
CA GLN A 525 -8.45 -21.21 -20.88
C GLN A 525 -8.13 -19.72 -20.82
N TYR A 526 -7.48 -19.33 -19.72
CA TYR A 526 -6.84 -18.01 -19.63
C TYR A 526 -5.43 -18.06 -20.22
N GLU A 527 -5.03 -17.01 -20.95
CA GLU A 527 -3.66 -16.92 -21.45
C GLU A 527 -2.69 -16.38 -20.39
N HIS A 528 -3.23 -15.55 -19.50
CA HIS A 528 -2.44 -14.87 -18.48
C HIS A 528 -3.33 -14.60 -17.26
N VAL A 529 -2.72 -14.16 -16.16
CA VAL A 529 -3.50 -13.74 -15.01
C VAL A 529 -3.87 -12.27 -15.10
N ILE A 530 -2.85 -11.46 -15.26
CA ILE A 530 -3.01 -10.02 -15.26
C ILE A 530 -2.13 -9.49 -16.35
N ASN A 531 -2.69 -8.70 -17.25
CA ASN A 531 -1.97 -8.23 -18.44
C ASN A 531 -1.44 -9.38 -19.28
N ASP A 532 -0.13 -9.39 -19.56
CA ASP A 532 0.53 -10.52 -20.21
C ASP A 532 1.45 -11.25 -19.23
N ILE A 533 1.04 -11.22 -17.95
CA ILE A 533 1.80 -11.71 -16.78
C ILE A 533 1.08 -12.83 -16.00
N GLY A 534 1.87 -13.74 -15.42
CA GLY A 534 1.34 -14.97 -14.83
C GLY A 534 1.13 -16.07 -15.87
N ASP A 535 0.99 -17.30 -15.40
CA ASP A 535 0.93 -18.47 -16.28
C ASP A 535 -0.47 -18.68 -16.86
N PRO A 536 -0.56 -19.17 -18.14
CA PRO A 536 -1.89 -19.57 -18.61
C PRO A 536 -2.41 -20.74 -17.82
N THR A 537 -3.73 -20.86 -17.66
CA THR A 537 -4.26 -22.13 -17.19
C THR A 537 -4.07 -23.19 -18.26
N SER A 538 -4.00 -24.43 -17.79
CA SER A 538 -3.82 -25.56 -18.69
C SER A 538 -4.53 -26.79 -18.11
N GLY A 539 -4.59 -27.86 -18.90
CA GLY A 539 -5.24 -29.07 -18.47
C GLY A 539 -6.72 -28.86 -18.26
N ASP A 540 -7.36 -29.85 -17.63
CA ASP A 540 -8.77 -29.71 -17.28
C ASP A 540 -9.01 -30.06 -15.82
N THR A 541 -7.97 -29.86 -15.01
CA THR A 541 -7.96 -30.27 -13.60
C THR A 541 -8.27 -29.12 -12.63
N THR A 542 -8.63 -27.95 -13.19
CA THR A 542 -9.13 -26.85 -12.37
C THR A 542 -8.15 -26.42 -11.28
N ILE A 543 -6.88 -26.37 -11.67
CA ILE A 543 -5.86 -25.78 -10.81
C ILE A 543 -5.61 -24.32 -11.19
N PRO A 544 -5.68 -23.42 -10.20
CA PRO A 544 -5.48 -21.99 -10.45
C PRO A 544 -4.08 -21.66 -10.92
N SER A 545 -3.99 -20.54 -11.62
CA SER A 545 -2.74 -19.88 -11.92
C SER A 545 -2.75 -18.61 -11.09
N GLN A 546 -1.65 -18.38 -10.34
CA GLN A 546 -1.60 -17.29 -9.36
C GLN A 546 -0.47 -16.31 -9.58
N VAL A 547 -0.77 -15.03 -9.36
CA VAL A 547 0.26 -13.98 -9.16
C VAL A 547 0.21 -13.47 -7.70
N VAL A 548 1.35 -13.51 -7.01
CA VAL A 548 1.39 -13.10 -5.60
C VAL A 548 1.42 -11.57 -5.49
N SER A 549 2.34 -10.97 -6.24
CA SER A 549 2.52 -9.52 -6.26
C SER A 549 2.55 -9.04 -7.72
N PHE A 550 1.95 -7.88 -7.97
CA PHE A 550 1.99 -7.18 -9.25
C PHE A 550 1.94 -5.67 -8.98
N PRO A 551 2.57 -4.84 -9.84
CA PRO A 551 3.33 -5.13 -11.07
C PRO A 551 4.61 -5.88 -10.69
N ALA B 1 -6.72 34.94 -0.23
CA ALA B 1 -5.28 34.91 -0.01
C ALA B 1 -5.08 34.65 1.43
N GLN B 2 -4.36 33.58 1.77
CA GLN B 2 -4.35 33.15 3.18
C GLN B 2 -3.15 32.36 3.68
N GLU B 3 -2.90 32.52 4.99
CA GLU B 3 -1.71 31.89 5.61
C GLU B 3 -1.72 30.36 5.61
N VAL B 4 -0.56 29.76 5.37
CA VAL B 4 -0.46 28.30 5.51
C VAL B 4 -0.36 28.04 7.01
N VAL B 5 -0.95 26.94 7.48
CA VAL B 5 -1.05 26.70 8.91
C VAL B 5 -0.01 25.71 9.42
N GLY B 6 0.63 26.08 10.53
CA GLY B 6 1.67 25.29 11.12
C GLY B 6 1.16 24.10 11.93
N GLY B 7 1.92 23.00 11.87
CA GLY B 7 1.74 21.89 12.79
C GLY B 7 0.62 20.89 12.50
N GLY B 8 0.24 20.16 13.54
CA GLY B 8 -0.88 19.23 13.45
C GLY B 8 -0.51 17.75 13.53
N ASP B 9 -0.99 17.01 12.53
CA ASP B 9 -1.10 15.59 12.64
C ASP B 9 -0.48 14.91 11.43
N LEU B 10 0.14 13.75 11.68
CA LEU B 10 1.27 13.27 10.87
C LEU B 10 0.90 12.15 9.92
N GLY B 11 -0.39 11.97 9.70
CA GLY B 11 -0.92 11.03 8.73
C GLY B 11 -0.94 9.57 9.15
N PRO B 12 -1.58 8.74 8.32
CA PRO B 12 -1.72 7.32 8.66
C PRO B 12 -0.49 6.52 8.19
N ASN B 13 0.53 7.25 7.74
CA ASN B 13 1.83 6.61 7.43
C ASN B 13 2.91 6.81 8.49
N VAL B 14 2.60 7.60 9.52
CA VAL B 14 3.44 7.71 10.72
C VAL B 14 2.75 6.96 11.83
N LEU B 15 3.38 5.88 12.28
CA LEU B 15 2.89 5.05 13.35
C LEU B 15 3.71 5.36 14.61
N VAL B 16 3.05 5.95 15.60
CA VAL B 16 3.65 6.30 16.88
C VAL B 16 3.25 5.28 17.99
N PHE B 17 4.25 4.88 18.78
CA PHE B 17 4.06 3.96 19.93
C PHE B 17 4.58 4.45 21.30
N ASP B 18 3.91 4.02 22.39
CA ASP B 18 4.52 3.94 23.74
C ASP B 18 4.72 2.47 24.21
N PRO B 19 5.39 2.27 25.35
CA PRO B 19 5.64 0.87 25.72
C PRO B 19 4.37 0.07 26.07
N SER B 20 3.23 0.74 26.12
CA SER B 20 1.95 0.07 26.42
C SER B 20 1.13 -0.38 25.22
N THR B 21 1.51 0.00 24.01
CA THR B 21 0.72 -0.38 22.84
C THR B 21 0.57 -1.88 22.72
N PRO B 22 -0.68 -2.36 22.51
CA PRO B 22 -0.69 -3.81 22.37
C PRO B 22 -0.10 -4.25 21.01
N ASP B 23 0.49 -5.44 21.05
CA ASP B 23 1.07 -6.09 19.88
C ASP B 23 1.75 -5.05 18.97
N ILE B 24 2.68 -4.33 19.60
CA ILE B 24 3.69 -3.55 18.86
C ILE B 24 4.28 -4.43 17.78
N GLN B 25 4.75 -5.61 18.15
CA GLN B 25 5.33 -6.57 17.19
C GLN B 25 4.48 -6.74 15.93
N GLY B 26 3.18 -6.92 16.11
CA GLY B 26 2.31 -7.20 14.98
C GLY B 26 2.04 -5.98 14.13
N LYS B 27 2.03 -4.81 14.77
CA LYS B 27 1.86 -3.58 14.06
C LYS B 27 3.05 -3.50 13.08
N VAL B 28 4.27 -3.54 13.60
CA VAL B 28 5.47 -3.52 12.73
C VAL B 28 5.65 -4.73 11.81
N ASP B 29 5.11 -5.89 12.20
CA ASP B 29 5.23 -7.09 11.37
C ASP B 29 4.33 -6.89 10.15
N GLU B 30 3.19 -6.21 10.35
CA GLU B 30 2.27 -5.91 9.26
C GLU B 30 2.96 -5.00 8.24
N VAL B 31 3.66 -3.98 8.71
CA VAL B 31 4.40 -3.08 7.81
C VAL B 31 5.49 -3.83 7.05
N PHE B 32 6.16 -4.78 7.70
CA PHE B 32 7.24 -5.54 7.05
C PHE B 32 6.68 -6.50 5.99
N ARG B 33 5.56 -7.16 6.31
CA ARG B 33 4.91 -8.06 5.35
C ARG B 33 4.68 -7.30 4.02
N LYS B 34 4.31 -6.03 4.12
CA LYS B 34 4.10 -5.22 2.92
C LYS B 34 5.42 -4.77 2.30
N GLN B 35 6.22 -4.05 3.07
CA GLN B 35 7.44 -3.45 2.53
C GLN B 35 8.62 -4.40 2.20
N GLU B 36 8.61 -5.63 2.74
CA GLU B 36 9.73 -6.59 2.62
C GLU B 36 10.35 -6.63 1.19
N SER B 37 9.50 -6.84 0.18
CA SER B 37 9.93 -6.96 -1.23
C SER B 37 9.49 -5.79 -2.11
N ASN B 38 8.98 -4.73 -1.47
CA ASN B 38 8.28 -3.63 -2.15
C ASN B 38 9.26 -2.57 -2.64
N GLN B 39 10.09 -2.99 -3.58
CA GLN B 39 11.30 -2.26 -3.94
C GLN B 39 11.00 -0.92 -4.60
N PHE B 40 9.90 -0.86 -5.35
CA PHE B 40 9.55 0.33 -6.12
C PHE B 40 8.15 0.94 -5.83
N GLY B 41 7.32 0.26 -5.03
CA GLY B 41 6.01 0.81 -4.73
C GLY B 41 6.01 2.17 -4.07
N THR B 42 4.80 2.72 -3.89
CA THR B 42 4.61 4.11 -3.45
C THR B 42 4.34 4.19 -1.97
N ASP B 43 4.24 3.06 -1.30
CA ASP B 43 3.99 3.03 0.14
C ASP B 43 5.21 3.54 0.89
N ARG B 44 4.95 4.28 1.95
CA ARG B 44 6.01 4.92 2.73
C ARG B 44 5.56 4.87 4.19
N TYR B 45 6.46 4.48 5.11
CA TYR B 45 6.12 4.41 6.54
C TYR B 45 7.21 4.88 7.46
N ALA B 46 6.80 5.59 8.51
CA ALA B 46 7.71 5.96 9.58
C ALA B 46 7.19 5.36 10.86
N LEU B 47 8.04 4.60 11.54
CA LEU B 47 7.72 4.06 12.85
C LEU B 47 8.42 4.96 13.87
N MET B 48 7.69 5.39 14.89
CA MET B 48 8.22 6.39 15.81
C MET B 48 7.88 5.99 17.25
N PHE B 49 8.92 5.63 17.99
CA PHE B 49 8.78 5.06 19.34
C PHE B 49 9.01 6.08 20.43
N LYS B 50 7.99 6.26 21.26
CA LYS B 50 8.14 7.22 22.35
C LYS B 50 9.17 6.72 23.37
N PRO B 51 9.78 7.62 24.13
CA PRO B 51 10.76 7.16 25.12
C PRO B 51 10.18 6.17 26.12
N GLY B 52 11.03 5.23 26.52
CA GLY B 52 10.65 4.09 27.34
C GLY B 52 11.53 2.89 26.98
N THR B 53 11.14 1.74 27.51
CA THR B 53 11.80 0.46 27.27
C THR B 53 10.80 -0.50 26.66
N TYR B 54 11.18 -1.08 25.53
CA TYR B 54 10.40 -2.11 24.85
C TYR B 54 11.14 -3.43 24.98
N ASN B 55 10.40 -4.51 25.27
CA ASN B 55 10.95 -5.87 25.35
C ASN B 55 10.49 -6.78 24.19
N ASP B 56 11.24 -7.85 23.90
CA ASP B 56 10.73 -8.95 23.08
C ASP B 56 10.29 -8.43 21.69
N ILE B 57 11.06 -7.47 21.16
CA ILE B 57 10.82 -6.86 19.85
C ILE B 57 11.90 -7.20 18.83
N ASN B 58 11.50 -7.77 17.70
CA ASN B 58 12.31 -7.83 16.49
C ASN B 58 11.66 -6.97 15.39
N ALA B 59 12.21 -5.79 15.17
CA ALA B 59 11.65 -4.86 14.20
C ALA B 59 12.42 -5.02 12.91
N GLN B 60 11.84 -5.85 12.07
CA GLN B 60 12.34 -6.09 10.72
C GLN B 60 11.98 -4.89 9.83
N ILE B 61 13.00 -4.29 9.23
CA ILE B 61 12.85 -3.08 8.41
C ILE B 61 12.93 -3.47 6.94
N GLY B 62 11.88 -3.14 6.19
CA GLY B 62 11.80 -3.38 4.76
C GLY B 62 12.03 -2.09 3.99
N PHE B 63 11.66 -2.08 2.70
CA PHE B 63 11.79 -0.89 1.90
C PHE B 63 10.98 0.28 2.45
N TYR B 64 11.53 1.48 2.24
CA TYR B 64 10.85 2.74 2.51
C TYR B 64 10.26 2.83 3.92
N THR B 65 11.00 2.26 4.88
CA THR B 65 10.61 2.25 6.29
C THR B 65 11.72 2.94 7.09
N SER B 66 11.30 3.97 7.84
CA SER B 66 12.19 4.69 8.76
C SER B 66 11.71 4.45 10.20
N ILE B 67 12.62 3.96 11.05
CA ILE B 67 12.31 3.68 12.46
C ILE B 67 13.16 4.61 13.32
N ALA B 68 12.54 5.19 14.35
CA ALA B 68 13.24 6.13 15.20
C ALA B 68 12.64 6.30 16.58
N GLY B 69 13.52 6.60 17.52
CA GLY B 69 13.11 7.03 18.86
C GLY B 69 12.80 8.53 18.90
N LEU B 70 12.05 8.92 19.92
CA LEU B 70 11.58 10.29 20.07
C LEU B 70 12.13 10.87 21.36
N GLY B 71 13.29 10.38 21.76
CA GLY B 71 13.97 10.80 22.96
C GLY B 71 14.82 11.99 22.58
N LEU B 72 14.95 12.91 23.52
CA LEU B 72 15.86 13.97 23.32
C LEU B 72 17.26 13.35 23.27
N ASN B 73 17.37 12.04 23.58
CA ASN B 73 18.62 11.25 23.52
C ASN B 73 18.40 9.73 23.19
N PRO B 74 19.41 9.06 22.65
CA PRO B 74 19.27 7.70 22.13
C PRO B 74 18.85 6.64 23.21
N ASP B 75 19.48 6.67 24.37
CA ASP B 75 19.11 5.70 25.40
C ASP B 75 17.77 6.01 26.09
N ASP B 76 17.12 7.11 25.68
CA ASP B 76 15.76 7.39 26.15
C ASP B 76 14.72 6.45 25.57
N THR B 77 15.04 5.84 24.43
CA THR B 77 14.17 4.87 23.80
C THR B 77 15.00 3.61 23.53
N THR B 78 14.92 2.63 24.43
CA THR B 78 15.76 1.47 24.37
C THR B 78 14.89 0.25 24.06
N PHE B 79 15.32 -0.50 23.07
CA PHE B 79 14.70 -1.79 22.74
C PHE B 79 15.56 -2.87 23.35
N ASN B 80 14.93 -3.76 24.12
CA ASN B 80 15.53 -5.04 24.44
C ASN B 80 14.97 -5.95 23.37
N GLY B 81 15.83 -6.14 22.36
CA GLY B 81 15.42 -6.59 21.05
C GLY B 81 16.29 -5.94 20.00
N ASP B 82 15.80 -5.94 18.76
CA ASP B 82 16.64 -5.68 17.61
C ASP B 82 15.91 -4.81 16.57
N VAL B 83 16.71 -4.23 15.69
CA VAL B 83 16.19 -3.52 14.51
C VAL B 83 16.95 -4.11 13.36
N THR B 84 16.23 -4.89 12.58
CA THR B 84 16.82 -5.95 11.79
C THR B 84 16.68 -5.69 10.29
N VAL B 85 17.79 -5.84 9.56
CA VAL B 85 17.73 -6.00 8.12
C VAL B 85 18.44 -7.29 7.70
N ASP B 86 17.58 -8.20 7.17
CA ASP B 86 17.80 -9.53 6.48
C ASP B 86 18.13 -9.40 4.99
N ALA B 87 18.62 -10.48 4.37
CA ALA B 87 18.43 -10.67 2.94
C ALA B 87 17.46 -11.82 2.62
N GLY B 88 16.73 -12.32 3.63
CA GLY B 88 15.82 -13.44 3.46
C GLY B 88 15.02 -13.39 2.17
N TRP B 89 14.44 -12.23 1.86
CA TRP B 89 13.62 -12.06 0.65
C TRP B 89 14.33 -12.45 -0.66
N PHE B 90 15.60 -12.07 -0.86
CA PHE B 90 16.41 -12.36 -2.11
C PHE B 90 17.73 -13.17 -1.92
N ASP B 91 17.59 -14.45 -1.64
CA ASP B 91 18.64 -15.30 -1.00
C ASP B 91 20.04 -14.76 -0.71
N GLY B 92 20.19 -14.07 0.42
CA GLY B 92 21.50 -13.88 0.99
C GLY B 92 22.20 -12.73 0.33
N ASN B 93 21.63 -12.28 -0.78
CA ASN B 93 22.11 -11.13 -1.50
C ASN B 93 21.52 -9.87 -0.88
N ALA B 94 22.36 -9.11 -0.17
CA ALA B 94 21.93 -7.86 0.47
C ALA B 94 22.16 -6.63 -0.41
N THR B 95 22.65 -6.82 -1.64
CA THR B 95 22.85 -5.74 -2.62
C THR B 95 21.61 -4.93 -2.97
N GLN B 96 20.43 -5.54 -2.80
CA GLN B 96 19.13 -4.91 -3.12
C GLN B 96 18.51 -4.10 -1.95
N ASN B 97 19.16 -4.07 -0.79
CA ASN B 97 18.53 -3.56 0.44
C ASN B 97 18.70 -2.06 0.66
N PHE B 98 17.89 -1.31 -0.08
CA PHE B 98 17.92 0.13 -0.16
C PHE B 98 16.79 0.86 0.59
N TRP B 99 16.98 2.17 0.71
CA TRP B 99 15.93 3.14 1.09
C TRP B 99 15.20 2.84 2.39
N ARG B 100 15.94 2.86 3.48
CA ARG B 100 15.34 2.68 4.80
C ARG B 100 16.22 3.36 5.85
N SER B 101 15.72 3.53 7.06
CA SER B 101 16.46 4.36 8.02
C SER B 101 16.33 3.80 9.45
N ALA B 102 17.39 3.96 10.26
CA ALA B 102 17.26 3.76 11.73
C ALA B 102 17.94 4.92 12.42
N GLU B 103 17.25 5.51 13.40
CA GLU B 103 17.84 6.63 14.15
C GLU B 103 17.35 6.73 15.61
N ASN B 104 18.26 7.14 16.49
CA ASN B 104 17.92 7.63 17.83
C ASN B 104 17.26 6.57 18.72
N LEU B 105 17.88 5.38 18.70
CA LEU B 105 17.49 4.25 19.54
C LEU B 105 18.70 3.62 20.23
N ALA B 106 18.48 3.05 21.41
CA ALA B 106 19.43 2.12 21.98
C ALA B 106 18.90 0.71 21.74
N LEU B 107 19.77 -0.20 21.35
CA LEU B 107 19.45 -1.60 21.10
C LEU B 107 20.28 -2.53 22.02
N ASN B 108 19.58 -3.49 22.60
CA ASN B 108 20.21 -4.57 23.36
C ASN B 108 19.76 -5.86 22.69
N PRO B 109 20.48 -6.26 21.62
CA PRO B 109 19.98 -7.33 20.75
C PRO B 109 20.02 -8.70 21.41
N VAL B 110 19.12 -9.61 21.04
CA VAL B 110 18.74 -10.74 21.92
C VAL B 110 19.86 -11.80 22.19
N ASN B 111 20.78 -11.93 21.21
CA ASN B 111 22.01 -12.72 21.35
C ASN B 111 23.32 -11.89 21.27
N GLY B 112 23.32 -10.66 21.76
CA GLY B 112 24.50 -9.84 21.74
C GLY B 112 24.89 -9.11 20.45
N THR B 113 24.23 -9.44 19.33
CA THR B 113 24.54 -8.86 18.02
C THR B 113 23.27 -8.47 17.23
N ASN B 114 23.29 -7.28 16.61
CA ASN B 114 22.17 -6.76 15.80
C ASN B 114 22.47 -6.84 14.29
N ARG B 115 21.45 -7.22 13.50
CA ARG B 115 21.46 -7.52 12.05
C ARG B 115 21.09 -6.27 11.23
N TRP B 116 22.07 -5.58 10.61
CA TRP B 116 21.83 -4.41 9.71
C TRP B 116 22.52 -4.65 8.34
N ALA B 117 21.99 -5.59 7.58
CA ALA B 117 22.62 -6.04 6.34
C ALA B 117 22.08 -5.25 5.16
N VAL B 118 22.55 -4.02 5.04
CA VAL B 118 21.99 -3.08 4.05
C VAL B 118 22.96 -2.74 2.91
N SER B 119 22.40 -2.14 1.85
CA SER B 119 23.20 -1.55 0.81
C SER B 119 22.99 -0.04 0.83
N GLN B 120 22.87 0.60 -0.32
CA GLN B 120 22.87 2.08 -0.34
C GLN B 120 21.60 2.70 0.21
N ALA B 121 21.71 3.95 0.67
CA ALA B 121 20.55 4.73 1.16
C ALA B 121 19.85 4.06 2.33
N ALA B 122 20.66 3.62 3.30
CA ALA B 122 20.14 2.95 4.49
C ALA B 122 20.83 3.47 5.77
N PRO B 123 20.65 4.76 6.07
CA PRO B 123 21.44 5.36 7.15
C PRO B 123 21.15 4.80 8.52
N PHE B 124 22.20 4.79 9.33
CA PHE B 124 22.16 4.30 10.70
C PHE B 124 22.78 5.45 11.49
N ARG B 125 21.93 6.23 12.15
CA ARG B 125 22.36 7.48 12.80
C ARG B 125 21.95 7.56 14.28
N ARG B 126 22.86 8.09 15.12
CA ARG B 126 22.50 8.39 16.50
C ARG B 126 21.95 7.15 17.21
N MET B 127 22.63 6.02 16.97
CA MET B 127 22.24 4.76 17.56
C MET B 127 23.22 4.37 18.67
N HIS B 128 22.71 3.70 19.67
CA HIS B 128 23.56 3.09 20.68
C HIS B 128 23.25 1.58 20.70
N VAL B 129 24.22 0.79 20.25
CA VAL B 129 24.08 -0.65 20.20
C VAL B 129 24.89 -1.26 21.36
N LYS B 130 24.15 -1.76 22.34
CA LYS B 130 24.74 -2.38 23.54
C LYS B 130 25.08 -3.84 23.17
N GLY B 131 26.05 -3.99 22.28
CA GLY B 131 26.37 -5.29 21.70
C GLY B 131 27.11 -5.06 20.42
N GLY B 132 27.13 -6.11 19.59
CA GLY B 132 27.82 -6.05 18.31
C GLY B 132 26.87 -5.69 17.18
N LEU B 133 27.45 -5.41 16.01
CA LEU B 133 26.67 -5.04 14.82
C LEU B 133 27.22 -5.86 13.66
N ASN B 134 26.36 -6.67 13.06
CA ASN B 134 26.70 -7.56 11.92
C ASN B 134 26.10 -6.87 10.73
N LEU B 135 26.95 -6.44 9.79
CA LEU B 135 26.48 -5.81 8.54
C LEU B 135 26.26 -6.83 7.41
N ALA B 136 26.35 -8.13 7.74
CA ALA B 136 26.38 -9.18 6.72
C ALA B 136 25.12 -10.07 6.62
N PRO B 137 24.69 -10.31 5.39
CA PRO B 137 23.58 -11.25 5.18
C PRO B 137 24.02 -12.69 5.43
N ASP B 138 23.14 -13.49 5.98
CA ASP B 138 23.56 -14.82 6.31
C ASP B 138 23.90 -15.71 5.08
N GLY B 139 25.17 -15.61 4.60
CA GLY B 139 25.77 -16.55 3.62
C GLY B 139 26.93 -15.87 2.87
N TYR B 140 27.91 -15.41 3.63
CA TYR B 140 28.34 -14.01 3.63
C TYR B 140 28.15 -13.27 2.30
N GLY B 141 27.09 -12.50 2.36
CA GLY B 141 26.33 -12.31 1.17
C GLY B 141 26.52 -10.95 0.62
N TRP B 142 26.63 -11.01 -0.70
CA TRP B 142 26.69 -9.88 -1.56
C TRP B 142 26.05 -8.67 -0.84
N ALA B 143 26.85 -7.66 -0.48
CA ALA B 143 26.33 -6.42 0.13
C ALA B 143 27.21 -5.23 -0.22
N SER B 144 26.56 -4.06 -0.34
CA SER B 144 27.13 -2.87 -0.97
C SER B 144 26.65 -1.59 -0.20
N GLY B 145 26.78 -1.62 1.14
CA GLY B 145 26.55 -0.41 1.95
C GLY B 145 27.71 0.58 1.91
N GLY B 146 27.75 1.54 2.82
CA GLY B 146 26.82 1.71 3.92
C GLY B 146 27.28 2.92 4.72
N TYR B 147 26.50 3.31 5.73
CA TYR B 147 26.67 4.60 6.41
C TYR B 147 26.23 4.51 7.87
N ILE B 148 27.18 4.85 8.75
CA ILE B 148 26.94 4.99 10.18
C ILE B 148 27.48 6.36 10.60
N ALA B 149 26.66 7.13 11.32
CA ALA B 149 27.08 8.41 11.84
C ALA B 149 26.58 8.56 13.27
N ASP B 150 27.40 9.18 14.09
CA ASP B 150 27.00 9.63 15.43
C ASP B 150 26.46 8.51 16.30
N SER B 151 27.09 7.35 16.22
CA SER B 151 26.60 6.17 16.91
C SER B 151 27.66 5.59 17.81
N LYS B 152 27.21 4.90 18.86
CA LYS B 152 28.13 4.09 19.68
C LYS B 152 27.76 2.61 19.57
N ILE B 153 28.75 1.81 19.18
CA ILE B 153 28.61 0.36 19.17
C ILE B 153 29.55 -0.14 20.27
N ASP B 154 28.97 -0.63 21.34
CA ASP B 154 29.75 -1.07 22.50
C ASP B 154 30.68 -2.21 22.11
N GLY B 155 30.18 -3.07 21.24
CA GLY B 155 30.87 -4.25 20.81
C GLY B 155 31.58 -4.04 19.48
N GLU B 156 31.69 -5.13 18.75
CA GLU B 156 32.36 -5.07 17.47
C GLU B 156 31.43 -4.92 16.30
N VAL B 157 31.85 -4.07 15.39
CA VAL B 157 31.24 -4.05 14.08
C VAL B 157 31.95 -5.10 13.26
N GLY B 158 31.18 -5.91 12.54
CA GLY B 158 31.73 -6.89 11.62
C GLY B 158 31.09 -6.67 10.26
N PRO B 159 31.85 -6.11 9.31
CA PRO B 159 31.33 -5.93 7.96
C PRO B 159 31.23 -7.25 7.20
N TYR B 160 32.15 -8.17 7.49
CA TYR B 160 32.34 -9.40 6.73
C TYR B 160 32.32 -9.14 5.20
N SER B 161 31.27 -9.58 4.50
CA SER B 161 31.22 -9.45 3.02
C SER B 161 30.79 -8.10 2.42
N GLN B 162 30.49 -7.09 3.25
CA GLN B 162 30.20 -5.75 2.72
C GLN B 162 31.35 -5.30 1.82
N GLN B 163 31.10 -4.71 0.65
CA GLN B 163 32.24 -4.27 -0.18
C GLN B 163 32.98 -3.08 0.40
N GLN B 164 32.21 -2.11 0.90
CA GLN B 164 32.78 -0.84 1.34
C GLN B 164 31.87 -0.31 2.46
N TRP B 165 32.33 0.71 3.15
CA TRP B 165 31.58 1.28 4.28
C TRP B 165 32.17 2.60 4.70
N TYR B 166 31.30 3.51 5.16
CA TYR B 166 31.72 4.78 5.75
C TYR B 166 31.10 4.96 7.13
N THR B 167 31.96 5.31 8.09
CA THR B 167 31.54 5.60 9.45
C THR B 167 32.13 6.94 9.82
N ARG B 168 31.31 7.82 10.39
CA ARG B 168 31.89 9.02 11.00
C ARG B 168 31.37 9.37 12.38
N ASP B 169 32.24 10.07 13.10
CA ASP B 169 31.93 10.76 14.35
C ASP B 169 31.13 9.81 15.26
N SER B 170 31.76 8.67 15.54
CA SER B 170 31.16 7.56 16.27
C SER B 170 32.18 6.91 17.19
N SER B 171 31.74 5.86 17.89
CA SER B 171 32.64 5.06 18.70
C SER B 171 32.30 3.58 18.50
N VAL B 172 33.32 2.75 18.28
CA VAL B 172 33.12 1.32 18.08
C VAL B 172 34.03 0.46 18.96
N GLY B 173 33.46 -0.65 19.41
CA GLY B 173 34.18 -1.56 20.28
C GLY B 173 35.36 -2.11 19.54
N GLY B 174 35.15 -2.74 18.38
CA GLY B 174 36.23 -3.13 17.49
C GLY B 174 35.72 -3.13 16.06
N TRP B 175 36.51 -3.66 15.12
CA TRP B 175 36.17 -3.64 13.71
C TRP B 175 36.75 -4.86 13.03
N GLY B 176 35.89 -5.77 12.57
CA GLY B 176 36.35 -7.09 12.12
C GLY B 176 37.25 -7.09 10.89
N ASN B 177 36.72 -6.61 9.77
CA ASN B 177 37.47 -6.66 8.53
C ASN B 177 37.11 -5.55 7.56
N GLY B 178 37.95 -5.43 6.53
CA GLY B 178 37.65 -4.63 5.35
C GLY B 178 37.47 -5.57 4.17
N VAL B 179 37.33 -5.01 2.98
CA VAL B 179 37.05 -5.80 1.78
C VAL B 179 37.70 -4.99 0.68
N TRP B 180 37.03 -3.94 0.20
CA TRP B 180 37.61 -3.00 -0.76
C TRP B 180 37.91 -1.60 -0.19
N ASN B 181 37.01 -1.05 0.63
CA ASN B 181 37.16 0.31 1.09
C ASN B 181 36.34 0.59 2.34
N MET B 182 36.96 0.48 3.51
CA MET B 182 36.32 0.88 4.75
C MET B 182 36.98 2.18 5.19
N THR B 183 36.21 3.25 5.23
CA THR B 183 36.70 4.59 5.57
C THR B 183 36.05 5.08 6.88
N PHE B 184 36.87 5.76 7.69
CA PHE B 184 36.47 6.24 9.00
C PHE B 184 36.91 7.69 9.12
N SER B 185 36.05 8.55 9.65
CA SER B 185 36.51 9.87 10.11
C SER B 185 35.87 10.20 11.44
N GLY B 186 36.68 10.59 12.43
CA GLY B 186 36.18 10.94 13.74
C GLY B 186 35.66 9.75 14.54
N VAL B 187 36.21 8.56 14.26
CA VAL B 187 35.73 7.34 14.86
C VAL B 187 36.67 6.80 15.95
N GLU B 188 36.25 6.94 17.19
CA GLU B 188 36.92 6.32 18.30
C GLU B 188 36.90 4.81 18.16
N GLY B 189 38.08 4.19 18.17
CA GLY B 189 38.19 2.77 17.99
C GLY B 189 38.26 2.39 16.52
N ALA B 190 38.36 3.38 15.64
CA ALA B 190 38.59 3.07 14.23
C ALA B 190 39.92 2.36 14.14
N PRO B 191 39.97 1.30 13.34
CA PRO B 191 41.33 0.78 13.23
C PRO B 191 42.25 1.76 12.47
N ALA B 192 43.54 1.65 12.78
CA ALA B 192 44.56 2.56 12.26
C ALA B 192 44.53 2.62 10.73
N GLN B 193 45.03 3.70 10.17
CA GLN B 193 45.25 3.81 8.72
C GLN B 193 46.10 2.61 8.27
N SER B 194 45.71 1.97 7.16
CA SER B 194 46.32 0.71 6.75
C SER B 194 46.18 0.41 5.29
N PHE B 195 45.75 1.41 4.53
CA PHE B 195 45.48 1.19 3.13
C PHE B 195 46.85 0.97 2.51
N PRO B 196 46.98 -0.08 1.69
CA PRO B 196 45.91 -0.99 1.25
C PRO B 196 45.58 -2.34 1.95
N GLU B 197 46.28 -2.85 2.97
CA GLU B 197 45.75 -4.07 3.64
C GLU B 197 45.88 -4.02 5.14
N PRO B 198 44.75 -4.24 5.84
CA PRO B 198 43.38 -4.28 5.27
C PRO B 198 43.04 -2.87 4.72
N PRO B 199 42.03 -2.70 3.82
CA PRO B 199 41.81 -1.40 3.14
C PRO B 199 41.10 -0.36 4.01
N TYR B 200 41.83 0.09 5.03
CA TYR B 200 41.34 1.05 5.99
C TYR B 200 41.91 2.43 5.69
N THR B 201 40.98 3.37 5.48
CA THR B 201 41.25 4.79 5.37
C THR B 201 40.70 5.45 6.63
N THR B 202 41.60 6.00 7.46
CA THR B 202 41.24 6.42 8.80
C THR B 202 41.71 7.82 9.09
N LEU B 203 40.76 8.71 9.33
CA LEU B 203 41.05 10.11 9.59
C LEU B 203 40.65 10.40 11.02
N GLU B 204 41.52 11.09 11.74
CA GLU B 204 41.32 11.32 13.16
C GLU B 204 40.01 12.06 13.47
N THR B 205 39.74 13.14 12.74
CA THR B 205 38.52 13.93 12.94
C THR B 205 37.82 14.15 11.58
N THR B 206 36.53 14.46 11.66
CA THR B 206 35.80 14.93 10.50
C THR B 206 35.92 16.44 10.41
N PRO B 207 36.16 16.98 9.20
CA PRO B 207 36.46 18.42 9.10
C PRO B 207 35.38 19.35 9.65
N VAL B 208 34.18 19.17 9.12
CA VAL B 208 32.99 19.82 9.66
C VAL B 208 31.91 18.77 9.62
N SER B 209 31.08 18.73 10.66
CA SER B 209 29.86 17.92 10.59
C SER B 209 28.77 18.52 11.43
N ARG B 210 27.54 18.21 11.04
CA ARG B 210 26.38 18.73 11.72
C ARG B 210 25.32 17.64 11.64
N GLU B 211 24.87 17.15 12.80
CA GLU B 211 24.01 15.98 12.83
C GLU B 211 22.61 16.28 12.28
N LYS B 212 22.01 15.25 11.68
CA LYS B 212 20.69 15.39 11.04
C LYS B 212 19.66 15.82 12.07
N PRO B 213 18.85 16.84 11.75
CA PRO B 213 17.69 17.14 12.61
C PRO B 213 16.74 15.94 12.72
N PHE B 214 16.07 15.88 13.86
CA PHE B 214 15.14 14.80 14.09
C PHE B 214 13.97 15.20 15.00
N LEU B 215 12.88 14.46 14.87
CA LEU B 215 11.66 14.69 15.62
C LEU B 215 11.79 14.03 17.00
N TYR B 216 11.48 14.78 18.07
CA TYR B 216 11.32 14.21 19.41
C TYR B 216 10.16 14.89 20.15
N LEU B 217 9.89 14.43 21.38
CA LEU B 217 8.80 14.89 22.25
C LEU B 217 9.36 15.45 23.62
N ASP B 218 8.97 16.66 24.07
CA ASP B 218 8.75 16.93 25.56
C ASP B 218 7.48 17.68 25.99
N GLY B 219 7.24 17.65 27.31
CA GLY B 219 5.89 17.55 27.79
C GLY B 219 5.42 16.36 26.99
N ASP B 220 4.13 16.32 26.76
CA ASP B 220 3.58 15.42 25.82
C ASP B 220 3.70 16.01 24.39
N ASP B 221 4.67 16.92 24.12
CA ASP B 221 4.68 17.77 22.88
C ASP B 221 5.88 17.65 21.91
N TYR B 222 5.57 17.52 20.61
CA TYR B 222 6.55 17.34 19.53
C TYR B 222 7.39 18.56 19.12
N LYS B 223 8.64 18.31 18.75
CA LYS B 223 9.65 19.33 18.54
C LYS B 223 10.78 18.74 17.66
N VAL B 224 11.25 19.48 16.65
CA VAL B 224 12.42 19.04 15.88
C VAL B 224 13.73 19.56 16.49
N PHE B 225 14.63 18.65 16.81
CA PHE B 225 15.94 19.04 17.31
C PHE B 225 16.84 19.34 16.13
N VAL B 226 17.49 20.51 16.16
CA VAL B 226 18.44 20.95 15.14
C VAL B 226 19.82 21.06 15.77
N PRO B 227 20.57 19.97 15.71
CA PRO B 227 21.93 19.95 16.28
C PRO B 227 22.82 21.10 15.79
N ALA B 228 23.76 21.48 16.65
CA ALA B 228 24.74 22.52 16.40
C ALA B 228 25.92 21.92 15.60
N LYS B 229 26.53 22.67 14.68
CA LYS B 229 27.69 22.10 13.97
C LYS B 229 28.92 21.91 14.87
N ARG B 230 29.75 20.95 14.47
CA ARG B 230 31.06 20.73 15.07
C ARG B 230 32.14 20.89 14.01
N THR B 231 33.29 21.40 14.43
CA THR B 231 34.49 21.32 13.61
C THR B 231 35.50 20.40 14.31
N ASN B 232 36.30 19.68 13.52
CA ASN B 232 37.22 18.72 14.08
C ASN B 232 36.45 17.70 14.89
N ALA B 233 35.38 17.20 14.28
CA ALA B 233 34.49 16.30 14.96
C ALA B 233 35.11 14.94 15.23
N ARG B 234 34.85 14.43 16.42
CA ARG B 234 35.32 13.11 16.80
C ARG B 234 34.41 12.55 17.88
N GLY B 235 34.01 11.29 17.68
CA GLY B 235 33.10 10.63 18.58
C GLY B 235 31.68 11.17 18.49
N THR B 236 30.80 10.61 19.31
CA THR B 236 29.39 10.98 19.25
C THR B 236 29.19 12.43 19.72
N SER B 237 28.04 12.97 19.33
CA SER B 237 27.61 14.32 19.67
C SER B 237 26.86 14.32 21.01
N TRP B 238 26.27 13.17 21.32
CA TRP B 238 25.28 13.04 22.36
C TRP B 238 25.79 12.36 23.63
N GLY B 239 27.06 11.99 23.66
CA GLY B 239 27.69 11.60 24.92
C GLY B 239 27.23 12.13 26.28
N ASN B 240 27.39 13.43 26.58
CA ASN B 240 27.35 13.78 28.02
C ASN B 240 26.14 14.46 28.67
N GLY B 241 25.23 14.94 27.88
CA GLY B 241 23.92 15.31 28.39
C GLY B 241 23.09 15.51 27.19
N THR B 242 21.89 15.99 27.44
CA THR B 242 21.12 16.67 26.44
C THR B 242 22.11 17.60 25.70
N PRO B 243 22.05 17.57 24.39
CA PRO B 243 23.13 18.07 23.54
C PRO B 243 23.18 19.56 23.38
N GLU B 244 24.02 19.99 22.43
CA GLU B 244 23.99 21.37 21.95
C GLU B 244 23.40 21.46 20.56
N GLY B 245 22.56 22.48 20.42
CA GLY B 245 21.61 22.62 19.34
C GLY B 245 20.56 23.67 19.72
N GLU B 246 19.58 23.83 18.83
CA GLU B 246 18.28 24.50 19.05
C GLU B 246 17.10 23.52 18.94
N SER B 247 15.99 23.80 19.63
CA SER B 247 14.76 23.05 19.37
C SER B 247 13.71 23.93 18.74
N LEU B 248 12.90 23.34 17.84
CA LEU B 248 11.86 24.05 17.10
C LEU B 248 10.49 23.33 17.13
N PRO B 249 9.44 23.97 17.68
CA PRO B 249 8.13 23.32 17.82
C PRO B 249 7.43 22.86 16.54
N LEU B 250 6.61 21.81 16.66
CA LEU B 250 5.85 21.31 15.53
C LEU B 250 5.04 22.41 14.84
N ASP B 251 4.49 23.37 15.59
CA ASP B 251 3.68 24.39 14.91
C ASP B 251 4.56 25.45 14.21
N GLN B 252 5.90 25.31 14.29
CA GLN B 252 6.82 26.08 13.41
C GLN B 252 7.03 25.35 12.05
N PHE B 253 6.34 24.23 11.82
CA PHE B 253 6.45 23.44 10.58
C PHE B 253 5.14 23.33 9.80
N TYR B 254 5.20 23.54 8.48
CA TYR B 254 4.14 23.04 7.60
C TYR B 254 4.37 21.53 7.58
N VAL B 255 3.50 20.80 8.28
CA VAL B 255 3.49 19.36 8.21
C VAL B 255 2.85 19.11 6.85
N VAL B 256 3.64 18.68 5.89
CA VAL B 256 3.13 18.42 4.55
C VAL B 256 2.65 16.99 4.54
N LYS B 257 1.46 16.82 3.96
CA LYS B 257 0.74 15.55 4.00
C LYS B 257 0.18 15.21 2.65
N PRO B 258 -0.74 14.21 2.60
CA PRO B 258 -1.29 13.68 1.35
C PRO B 258 -1.38 14.36 -0.08
N GLY B 259 -0.60 15.36 -0.51
CA GLY B 259 -0.56 15.75 -1.95
C GLY B 259 -0.40 17.26 -2.22
N ALA B 260 0.21 17.93 -1.25
CA ALA B 260 0.49 19.38 -1.28
C ALA B 260 0.94 19.99 -2.61
N THR B 261 0.31 21.06 -3.03
CA THR B 261 0.83 21.82 -4.15
C THR B 261 2.20 22.47 -3.80
N ALA B 262 3.15 22.38 -4.72
CA ALA B 262 4.41 23.06 -4.45
C ALA B 262 4.19 24.57 -4.21
N GLU B 263 3.07 25.12 -4.72
CA GLU B 263 2.75 26.54 -4.45
C GLU B 263 2.65 26.81 -2.95
N THR B 264 1.92 25.91 -2.31
CA THR B 264 1.62 26.00 -0.88
C THR B 264 2.86 25.72 -0.04
N ILE B 265 3.65 24.74 -0.45
CA ILE B 265 4.92 24.49 0.19
C ILE B 265 5.80 25.72 0.12
N ASN B 266 5.83 26.34 -1.07
CA ASN B 266 6.64 27.53 -1.28
C ASN B 266 6.12 28.73 -0.48
N ALA B 267 4.80 28.86 -0.42
CA ALA B 267 4.20 29.91 0.39
C ALA B 267 4.57 29.70 1.83
N ALA B 268 4.46 28.47 2.31
CA ALA B 268 4.83 28.16 3.69
C ALA B 268 6.24 28.63 4.01
N VAL B 269 7.19 28.28 3.15
CA VAL B 269 8.59 28.65 3.36
C VAL B 269 8.85 30.19 3.42
N ASP B 270 8.48 30.89 2.37
CA ASP B 270 8.38 32.35 2.40
C ASP B 270 7.73 32.94 3.64
N GLN B 271 6.51 32.49 3.89
CA GLN B 271 5.81 32.78 5.11
C GLN B 271 6.53 32.37 6.40
N GLY B 272 7.79 31.92 6.36
CA GLY B 272 8.57 31.64 7.60
C GLY B 272 8.51 30.27 8.27
N LEU B 273 7.68 29.35 7.76
CA LEU B 273 7.55 28.01 8.33
C LEU B 273 8.66 27.09 7.79
N HIS B 274 9.01 26.10 8.57
CA HIS B 274 9.88 25.01 8.12
C HIS B 274 8.99 23.95 7.45
N LEU B 275 9.60 22.89 6.89
CA LEU B 275 8.88 21.82 6.21
C LEU B 275 9.14 20.46 6.86
N LEU B 276 8.05 19.71 7.08
CA LEU B 276 8.12 18.34 7.59
C LEU B 276 7.32 17.48 6.63
N PHE B 277 8.00 16.72 5.77
CA PHE B 277 7.33 15.90 4.77
C PHE B 277 7.00 14.55 5.39
N THR B 278 5.72 14.30 5.56
CA THR B 278 5.24 13.02 6.08
C THR B 278 5.49 11.94 5.02
N PRO B 279 5.49 10.67 5.45
CA PRO B 279 5.81 9.62 4.47
C PRO B 279 4.78 9.51 3.36
N GLY B 280 5.24 9.71 2.15
CA GLY B 280 4.41 9.61 0.97
C GLY B 280 5.14 10.13 -0.25
N VAL B 281 4.35 10.40 -1.30
CA VAL B 281 4.89 10.80 -2.60
C VAL B 281 4.21 12.08 -3.02
N TYR B 282 5.04 13.06 -3.39
CA TYR B 282 4.60 14.43 -3.66
C TYR B 282 5.03 14.82 -5.06
N HIS B 283 4.06 14.83 -5.97
CA HIS B 283 4.30 15.33 -7.32
C HIS B 283 4.27 16.83 -7.22
N VAL B 284 5.25 17.48 -7.85
CA VAL B 284 5.28 18.94 -7.95
C VAL B 284 5.36 19.36 -9.43
N ASP B 285 4.56 20.35 -9.78
CA ASP B 285 4.48 20.83 -11.15
C ASP B 285 5.26 22.12 -11.35
N GLN B 286 5.98 22.52 -10.31
CA GLN B 286 6.94 23.64 -10.34
C GLN B 286 7.93 23.37 -9.20
N PRO B 287 9.11 23.98 -9.20
CA PRO B 287 10.00 23.57 -8.09
C PRO B 287 9.66 24.09 -6.71
N ILE B 288 10.02 23.32 -5.72
CA ILE B 288 10.05 23.74 -4.32
C ILE B 288 11.25 24.67 -4.15
N GLU B 289 11.00 25.91 -3.75
CA GLU B 289 12.05 26.90 -3.51
C GLU B 289 12.23 27.11 -2.01
N ILE B 290 13.46 26.94 -1.53
CA ILE B 290 13.78 27.23 -0.13
C ILE B 290 14.74 28.40 -0.12
N ASP B 291 14.24 29.62 0.13
CA ASP B 291 15.07 30.80 -0.01
C ASP B 291 15.18 31.63 1.27
N ARG B 292 14.84 31.01 2.38
CA ARG B 292 14.91 31.62 3.70
C ARG B 292 16.00 30.92 4.52
N ALA B 293 16.92 31.71 5.07
CA ALA B 293 17.99 31.17 5.90
C ALA B 293 17.45 30.29 7.00
N ASN B 294 18.21 29.25 7.35
CA ASN B 294 17.91 28.38 8.50
C ASN B 294 16.67 27.48 8.39
N THR B 295 16.11 27.40 7.20
CA THR B 295 14.93 26.55 6.97
C THR B 295 15.32 25.08 7.05
N VAL B 296 14.61 24.35 7.90
CA VAL B 296 14.71 22.89 7.97
C VAL B 296 13.66 22.28 7.06
N ALA B 297 14.10 21.35 6.19
CA ALA B 297 13.19 20.59 5.33
C ALA B 297 13.49 19.13 5.59
N LEU B 298 12.66 18.53 6.43
CA LEU B 298 12.91 17.23 7.00
C LEU B 298 11.87 16.25 6.49
N GLY B 299 12.33 15.13 5.95
CA GLY B 299 11.43 14.08 5.52
C GLY B 299 11.40 12.90 6.48
N LEU B 300 10.26 12.22 6.53
CA LEU B 300 10.06 11.03 7.32
C LEU B 300 9.69 9.88 6.40
N GLY B 301 10.12 8.67 6.78
CA GLY B 301 9.76 7.47 6.04
C GLY B 301 10.04 7.51 4.55
N LEU B 302 11.19 8.04 4.16
CA LEU B 302 11.55 8.08 2.74
C LEU B 302 10.54 8.88 1.88
N ALA B 303 9.99 9.95 2.48
CA ALA B 303 9.19 10.88 1.73
C ALA B 303 9.89 11.23 0.41
N THR B 304 9.10 11.21 -0.65
CA THR B 304 9.62 11.28 -2.02
C THR B 304 9.00 12.42 -2.79
N ILE B 305 9.84 13.18 -3.50
CA ILE B 305 9.36 14.22 -4.41
C ILE B 305 9.58 13.76 -5.83
N ILE B 306 8.53 13.89 -6.66
CA ILE B 306 8.65 13.65 -8.09
C ILE B 306 8.32 14.94 -8.86
N PRO B 307 9.32 15.53 -9.57
CA PRO B 307 9.07 16.74 -10.37
C PRO B 307 8.45 16.40 -11.71
N ASP B 308 7.20 16.85 -11.87
CA ASP B 308 6.51 16.82 -13.15
C ASP B 308 7.03 17.83 -14.15
N ASN B 309 6.71 17.54 -15.41
CA ASN B 309 6.80 18.50 -16.50
C ASN B 309 8.22 19.00 -16.77
N GLY B 310 9.21 18.22 -16.36
CA GLY B 310 10.61 18.54 -16.60
C GLY B 310 11.15 19.58 -15.67
N VAL B 311 10.36 19.98 -14.68
CA VAL B 311 10.83 20.99 -13.76
C VAL B 311 11.87 20.40 -12.77
N THR B 312 12.60 21.28 -12.12
CA THR B 312 13.52 20.90 -11.06
C THR B 312 12.71 20.67 -9.80
N ALA B 313 13.07 19.66 -9.00
CA ALA B 313 12.29 19.33 -7.80
C ALA B 313 12.51 20.30 -6.65
N LEU B 314 13.75 20.73 -6.48
CA LEU B 314 14.13 21.44 -5.28
C LEU B 314 15.24 22.41 -5.57
N LYS B 315 15.00 23.67 -5.22
CA LYS B 315 16.02 24.71 -5.30
C LYS B 315 16.21 25.34 -3.93
N VAL B 316 17.46 25.41 -3.49
CA VAL B 316 17.82 26.16 -2.29
C VAL B 316 18.50 27.48 -2.75
N GLY B 317 18.12 28.60 -2.15
CA GLY B 317 18.74 29.87 -2.52
C GLY B 317 20.08 30.10 -1.87
N ASP B 318 20.62 31.28 -2.14
CA ASP B 318 21.91 31.72 -1.59
C ASP B 318 21.78 32.21 -0.15
N VAL B 319 21.57 31.25 0.74
CA VAL B 319 21.32 31.53 2.14
C VAL B 319 22.02 30.54 3.05
N ASP B 320 22.38 31.04 4.22
CA ASP B 320 22.95 30.27 5.31
C ASP B 320 21.94 29.24 5.87
N GLY B 321 22.48 28.16 6.41
CA GLY B 321 21.76 27.33 7.36
C GLY B 321 20.61 26.45 6.92
N VAL B 322 20.40 26.27 5.62
CA VAL B 322 19.31 25.39 5.20
C VAL B 322 19.73 23.95 5.52
N LYS B 323 18.79 23.16 6.05
CA LYS B 323 19.06 21.76 6.41
C LYS B 323 18.02 20.88 5.72
N VAL B 324 18.40 20.29 4.61
CA VAL B 324 17.54 19.41 3.86
C VAL B 324 17.91 17.98 4.27
N ALA B 325 16.95 17.19 4.69
CA ALA B 325 17.27 15.87 5.22
C ALA B 325 16.20 14.83 4.98
N GLY B 326 16.65 13.64 4.57
CA GLY B 326 15.79 12.46 4.57
C GLY B 326 14.76 12.32 3.46
N LEU B 327 15.09 12.86 2.27
CA LEU B 327 14.18 12.84 1.14
C LEU B 327 14.76 12.08 -0.04
N LEU B 328 13.85 11.43 -0.77
CA LEU B 328 14.18 10.83 -2.07
C LEU B 328 13.59 11.71 -3.17
N VAL B 329 14.38 12.01 -4.19
CA VAL B 329 13.93 12.73 -5.36
C VAL B 329 13.95 11.72 -6.52
N ASP B 330 12.79 11.52 -7.10
CA ASP B 330 12.54 10.43 -8.03
C ASP B 330 12.17 11.04 -9.38
N ALA B 331 13.06 10.92 -10.38
CA ALA B 331 12.84 11.57 -11.68
C ALA B 331 11.51 11.15 -12.31
N GLY B 332 10.83 12.12 -12.92
CA GLY B 332 9.70 11.81 -13.80
C GLY B 332 10.18 11.38 -15.19
N PRO B 333 9.29 10.74 -15.96
CA PRO B 333 9.60 10.29 -17.33
C PRO B 333 9.92 11.45 -18.26
N VAL B 334 9.41 12.66 -17.99
CA VAL B 334 9.85 13.85 -18.75
C VAL B 334 11.21 14.34 -18.19
N ASN B 335 12.18 14.54 -19.08
CA ASN B 335 13.50 14.96 -18.64
C ASN B 335 13.53 16.27 -17.86
N SER B 336 14.16 16.22 -16.69
CA SER B 336 14.45 17.41 -15.93
C SER B 336 15.89 17.83 -16.13
N GLU B 337 16.07 19.09 -16.51
CA GLU B 337 17.37 19.70 -16.66
C GLU B 337 18.25 19.44 -15.44
N THR B 338 17.67 19.72 -14.26
CA THR B 338 18.28 19.44 -12.98
C THR B 338 17.21 18.91 -12.02
N LEU B 339 17.61 18.10 -11.05
CA LEU B 339 16.71 17.63 -10.01
C LEU B 339 16.79 18.43 -8.68
N VAL B 340 18.00 18.79 -8.26
CA VAL B 340 18.23 19.55 -7.06
C VAL B 340 19.32 20.55 -7.32
N GLU B 341 19.08 21.81 -6.92
CA GLU B 341 20.04 22.88 -7.04
C GLU B 341 20.22 23.57 -5.70
N VAL B 342 21.49 23.73 -5.29
CA VAL B 342 21.82 24.39 -4.05
C VAL B 342 22.61 25.64 -4.39
N GLY B 343 21.93 26.77 -4.26
CA GLY B 343 22.46 28.07 -4.61
C GLY B 343 22.33 28.36 -6.09
N SER B 344 22.50 29.61 -6.44
CA SER B 344 22.45 30.06 -7.83
C SER B 344 23.80 29.91 -8.54
N ASP B 345 23.79 29.91 -9.88
CA ASP B 345 25.00 29.94 -10.71
C ASP B 345 25.84 31.24 -10.54
N GLY B 346 27.06 31.13 -9.99
CA GLY B 346 27.97 32.26 -9.74
C GLY B 346 28.01 32.71 -8.27
N ALA B 347 27.15 32.11 -7.46
CA ALA B 347 27.10 32.37 -6.03
C ALA B 347 28.52 32.37 -5.41
N SER B 348 29.08 33.55 -5.05
CA SER B 348 30.47 33.70 -4.54
C SER B 348 30.66 33.99 -3.02
N GLY B 349 29.59 34.38 -2.36
CA GLY B 349 29.67 34.60 -0.93
C GLY B 349 29.96 33.30 -0.21
N ASP B 350 30.40 33.45 1.04
CA ASP B 350 30.70 32.35 1.95
C ASP B 350 29.47 32.02 2.79
N HIS B 351 29.40 30.76 3.26
CA HIS B 351 28.41 30.39 4.27
C HIS B 351 29.10 29.60 5.37
N ALA B 352 30.32 30.01 5.72
CA ALA B 352 31.21 29.17 6.52
C ALA B 352 30.70 28.88 7.93
N ALA B 353 30.26 29.91 8.65
CA ALA B 353 29.87 29.70 10.04
C ALA B 353 28.69 28.72 10.07
N ASN B 354 27.70 28.98 9.21
CA ASN B 354 26.39 28.32 9.22
C ASN B 354 26.06 27.82 7.81
N PRO B 355 26.65 26.68 7.45
CA PRO B 355 26.44 26.16 6.09
C PRO B 355 25.04 25.62 5.84
N THR B 356 24.72 25.49 4.55
CA THR B 356 23.58 24.67 4.10
C THR B 356 24.07 23.23 3.93
N SER B 357 23.23 22.25 4.31
CA SER B 357 23.61 20.86 4.14
C SER B 357 22.51 20.04 3.49
N LEU B 358 22.95 18.96 2.83
CA LEU B 358 22.09 17.92 2.30
C LEU B 358 22.45 16.67 3.08
N GLN B 359 21.45 16.00 3.68
CA GLN B 359 21.70 14.80 4.48
C GLN B 359 20.67 13.74 4.21
N ASP B 360 21.13 12.54 3.86
CA ASP B 360 20.19 11.49 3.50
C ASP B 360 19.23 12.03 2.44
N VAL B 361 19.84 12.66 1.44
CA VAL B 361 19.15 13.04 0.24
C VAL B 361 19.56 12.06 -0.86
N PHE B 362 18.56 11.37 -1.39
CA PHE B 362 18.80 10.31 -2.34
C PHE B 362 18.10 10.71 -3.63
N VAL B 363 18.69 10.32 -4.76
CA VAL B 363 18.11 10.59 -6.06
C VAL B 363 18.05 9.29 -6.83
N ARG B 364 16.94 9.11 -7.55
CA ARG B 364 16.72 7.93 -8.38
C ARG B 364 16.29 8.37 -9.76
N ILE B 365 16.92 7.79 -10.80
CA ILE B 365 16.48 8.02 -12.18
C ILE B 365 16.14 6.68 -12.82
N GLY B 366 14.85 6.43 -12.97
CA GLY B 366 14.36 5.16 -13.49
C GLY B 366 14.17 4.10 -12.43
N GLY B 367 13.70 2.92 -12.85
CA GLY B 367 13.55 1.79 -11.93
C GLY B 367 12.11 1.55 -11.50
N ALA B 368 11.37 2.64 -11.34
CA ALA B 368 9.92 2.61 -11.03
C ALA B 368 9.11 3.23 -12.18
N GLY B 369 9.63 3.05 -13.40
CA GLY B 369 9.14 3.76 -14.57
C GLY B 369 10.29 4.50 -15.24
N PRO B 370 10.18 4.80 -16.54
CA PRO B 370 11.30 5.60 -17.02
C PRO B 370 11.36 6.91 -16.27
N GLY B 371 12.57 7.40 -16.13
CA GLY B 371 12.81 8.67 -15.51
C GLY B 371 14.02 9.19 -16.23
N LYS B 372 14.11 10.51 -16.35
CA LYS B 372 15.17 11.14 -17.09
C LYS B 372 15.56 12.47 -16.44
N ALA B 373 16.85 12.71 -16.32
CA ALA B 373 17.37 13.99 -15.86
C ALA B 373 18.76 14.21 -16.39
N THR B 374 19.10 15.44 -16.71
CA THR B 374 20.42 15.73 -17.25
C THR B 374 21.53 15.74 -16.18
N THR B 375 21.37 16.61 -15.17
CA THR B 375 22.27 16.68 -14.01
C THR B 375 21.43 16.56 -12.74
N SER B 376 21.77 15.63 -11.84
CA SER B 376 20.86 15.37 -10.73
C SER B 376 21.00 16.37 -9.57
N ILE B 377 22.23 16.66 -9.16
CA ILE B 377 22.45 17.64 -8.08
C ILE B 377 23.55 18.60 -8.48
N VAL B 378 23.20 19.90 -8.50
CA VAL B 378 24.17 20.96 -8.71
C VAL B 378 24.36 21.69 -7.42
N VAL B 379 25.61 21.76 -6.96
CA VAL B 379 25.95 22.49 -5.75
C VAL B 379 26.72 23.77 -6.08
N ASN B 380 26.01 24.87 -5.99
CA ASN B 380 26.58 26.18 -6.23
C ASN B 380 27.11 26.85 -4.97
N SER B 381 26.36 26.74 -3.87
CA SER B 381 26.67 27.52 -2.67
C SER B 381 27.98 27.10 -2.04
N ASN B 382 28.83 28.05 -1.72
CA ASN B 382 30.05 27.74 -1.03
C ASN B 382 29.78 27.18 0.38
N ASP B 383 30.72 26.36 0.84
CA ASP B 383 30.75 25.78 2.19
C ASP B 383 29.66 24.71 2.46
N THR B 384 28.96 24.31 1.42
CA THR B 384 27.90 23.32 1.54
C THR B 384 28.45 22.00 2.06
N ILE B 385 27.65 21.34 2.90
CA ILE B 385 27.96 19.98 3.38
C ILE B 385 27.02 18.98 2.70
N ILE B 386 27.58 17.98 2.05
CA ILE B 386 26.85 16.84 1.49
C ILE B 386 27.19 15.66 2.40
N ASP B 387 26.30 15.31 3.33
CA ASP B 387 26.55 14.30 4.37
C ASP B 387 25.59 13.11 4.19
N HIS B 388 26.06 12.14 3.43
CA HIS B 388 25.30 10.98 2.95
C HIS B 388 24.31 11.30 1.82
N THR B 389 24.74 10.99 0.61
CA THR B 389 23.84 11.04 -0.55
C THR B 389 24.06 9.77 -1.38
N TRP B 390 22.96 9.27 -1.98
CA TRP B 390 23.03 8.23 -3.01
C TRP B 390 22.29 8.79 -4.24
N VAL B 391 23.07 9.02 -5.29
CA VAL B 391 22.58 9.56 -6.55
C VAL B 391 22.73 8.42 -7.55
N TRP B 392 21.58 7.84 -7.93
CA TRP B 392 21.52 6.53 -8.57
C TRP B 392 20.70 6.53 -9.86
N ARG B 393 21.39 6.34 -10.97
CA ARG B 393 20.69 6.02 -12.21
C ARG B 393 20.39 4.53 -12.13
N ALA B 394 19.11 4.15 -12.27
CA ALA B 394 18.73 2.78 -12.00
C ALA B 394 19.44 1.77 -12.90
N ASP B 395 19.93 0.70 -12.28
CA ASP B 395 20.58 -0.39 -13.02
C ASP B 395 19.65 -1.56 -13.23
N HIS B 396 18.43 -1.47 -12.68
CA HIS B 396 17.44 -2.53 -12.82
C HIS B 396 16.06 -1.98 -12.60
N GLY B 397 15.07 -2.72 -13.12
CA GLY B 397 13.66 -2.44 -12.88
C GLY B 397 12.89 -2.02 -14.14
N GLU B 398 11.87 -1.21 -13.93
CA GLU B 398 11.05 -0.73 -15.03
C GLU B 398 11.49 0.65 -15.45
N GLY B 399 11.59 0.88 -16.77
CA GLY B 399 11.98 2.19 -17.25
C GLY B 399 13.50 2.35 -17.26
N VAL B 400 14.20 1.25 -17.50
CA VAL B 400 15.67 1.24 -17.55
C VAL B 400 16.16 0.92 -18.98
N GLY B 401 16.99 1.80 -19.54
CA GLY B 401 17.48 1.70 -20.92
C GLY B 401 18.58 2.72 -21.11
N TRP B 402 19.60 2.39 -21.93
CA TRP B 402 20.74 3.29 -22.15
C TRP B 402 20.24 4.65 -22.57
N GLU B 403 19.07 4.66 -23.21
CA GLU B 403 18.40 5.89 -23.57
C GLU B 403 17.08 6.05 -22.74
N THR B 404 16.45 4.95 -22.34
CA THR B 404 15.17 5.02 -21.65
C THR B 404 15.23 5.71 -20.30
N ASN B 405 16.29 5.45 -19.52
CA ASN B 405 16.52 6.26 -18.30
C ASN B 405 17.89 6.94 -18.37
N ARG B 406 18.16 7.52 -19.53
CA ARG B 406 19.35 8.32 -19.72
C ARG B 406 19.48 9.37 -18.61
N ALA B 407 20.67 9.41 -18.00
CA ALA B 407 21.03 10.45 -17.05
C ALA B 407 22.49 10.72 -17.24
N ASP B 408 22.84 11.83 -17.87
CA ASP B 408 24.26 12.07 -18.21
C ASP B 408 25.16 12.33 -17.00
N TYR B 409 24.71 13.15 -16.04
CA TYR B 409 25.57 13.62 -14.96
C TYR B 409 24.91 13.50 -13.59
N GLY B 410 25.68 13.04 -12.61
CA GLY B 410 25.18 12.81 -11.28
C GLY B 410 25.19 14.08 -10.47
N VAL B 411 26.37 14.37 -9.95
CA VAL B 411 26.60 15.54 -9.09
C VAL B 411 27.63 16.45 -9.74
N HIS B 412 27.34 17.75 -9.72
CA HIS B 412 28.25 18.76 -10.20
C HIS B 412 28.46 19.76 -9.09
N VAL B 413 29.67 19.80 -8.53
CA VAL B 413 29.97 20.79 -7.50
C VAL B 413 30.75 21.98 -8.07
N LYS B 414 30.08 23.13 -8.03
CA LYS B 414 30.65 24.37 -8.54
C LYS B 414 31.04 25.31 -7.39
N GLY B 415 30.46 25.08 -6.22
CA GLY B 415 30.80 25.87 -5.05
C GLY B 415 32.19 25.62 -4.48
N ASP B 416 32.69 26.61 -3.74
CA ASP B 416 34.01 26.55 -3.11
C ASP B 416 33.87 25.98 -1.69
N ASN B 417 34.88 25.27 -1.23
CA ASN B 417 34.96 24.84 0.17
C ASN B 417 33.82 23.86 0.53
N VAL B 418 33.38 23.11 -0.45
CA VAL B 418 32.32 22.10 -0.27
C VAL B 418 32.92 20.80 0.28
N LEU B 419 32.19 20.21 1.23
CA LEU B 419 32.62 18.94 1.83
C LEU B 419 31.59 17.88 1.56
N ALA B 420 32.01 16.74 1.03
CA ALA B 420 31.15 15.57 0.91
C ALA B 420 31.66 14.47 1.82
N THR B 421 30.78 13.96 2.69
CA THR B 421 31.11 12.87 3.58
C THR B 421 30.11 11.74 3.34
N GLY B 422 30.58 10.67 2.71
CA GLY B 422 29.70 9.56 2.35
C GLY B 422 28.98 9.82 1.04
N LEU B 423 29.76 9.85 -0.03
CA LEU B 423 29.25 10.16 -1.38
C LEU B 423 29.11 8.85 -2.20
N PHE B 424 27.88 8.52 -2.59
CA PHE B 424 27.57 7.31 -3.40
C PHE B 424 26.88 7.79 -4.69
N VAL B 425 27.50 7.58 -5.85
CA VAL B 425 26.94 8.05 -7.13
C VAL B 425 27.22 7.00 -8.21
N GLU B 426 26.17 6.53 -8.88
CA GLU B 426 26.32 5.36 -9.74
C GLU B 426 25.52 5.42 -11.07
N HIS B 427 26.19 4.99 -12.14
CA HIS B 427 25.59 4.52 -13.40
C HIS B 427 25.29 5.60 -14.43
N PHE B 428 25.79 6.81 -14.24
CA PHE B 428 25.48 7.91 -15.17
C PHE B 428 26.09 7.67 -16.55
N ASN B 429 25.43 8.17 -17.61
CA ASN B 429 25.93 7.95 -18.97
C ASN B 429 27.25 8.69 -19.23
N LYS B 430 27.47 9.81 -18.54
CA LYS B 430 28.72 10.56 -18.62
C LYS B 430 29.41 10.64 -17.24
N TYR B 431 29.86 11.81 -16.81
CA TYR B 431 30.57 11.91 -15.54
C TYR B 431 29.63 11.75 -14.37
N ASP B 432 29.87 10.78 -13.49
CA ASP B 432 29.00 10.61 -12.31
C ASP B 432 29.16 11.80 -11.37
N VAL B 433 30.41 12.16 -11.08
CA VAL B 433 30.73 13.37 -10.28
C VAL B 433 31.66 14.26 -11.05
N GLN B 434 31.39 15.55 -10.96
CA GLN B 434 32.15 16.61 -11.62
C GLN B 434 32.40 17.70 -10.58
N TRP B 435 33.64 18.11 -10.42
CA TRP B 435 34.00 19.11 -9.41
C TRP B 435 34.80 20.25 -10.01
N SER B 436 34.16 21.41 -10.05
CA SER B 436 34.70 22.64 -10.64
C SER B 436 35.04 23.73 -9.62
N GLY B 437 34.38 23.69 -8.45
CA GLY B 437 34.68 24.64 -7.38
C GLY B 437 36.03 24.37 -6.72
N GLU B 438 36.51 25.34 -5.97
CA GLU B 438 37.81 25.28 -5.33
C GLU B 438 37.75 24.66 -3.93
N ASN B 439 38.87 24.08 -3.56
CA ASN B 439 39.07 23.54 -2.23
C ASN B 439 37.98 22.58 -1.76
N GLY B 440 37.47 21.77 -2.67
CA GLY B 440 36.63 20.64 -2.31
C GLY B 440 37.31 19.58 -1.44
N LYS B 441 36.51 18.90 -0.62
CA LYS B 441 36.96 17.73 0.16
C LYS B 441 35.88 16.62 0.03
N THR B 442 36.31 15.40 -0.28
CA THR B 442 35.42 14.23 -0.28
C THR B 442 36.05 13.16 0.59
N ILE B 443 35.29 12.73 1.60
CA ILE B 443 35.66 11.62 2.46
C ILE B 443 34.66 10.50 2.22
N PHE B 444 35.17 9.46 1.57
CA PHE B 444 34.44 8.27 1.10
C PHE B 444 33.65 8.52 -0.15
N TYR B 445 34.01 7.79 -1.21
CA TYR B 445 33.26 7.79 -2.46
C TYR B 445 33.07 6.35 -2.89
N GLN B 446 31.83 6.01 -3.25
CA GLN B 446 31.51 4.75 -3.90
C GLN B 446 30.80 5.03 -5.22
N ASN B 447 31.38 4.48 -6.29
CA ASN B 447 30.81 4.58 -7.63
C ASN B 447 30.77 3.21 -8.32
N ALA B 448 29.76 3.05 -9.16
CA ALA B 448 29.77 1.99 -10.19
C ALA B 448 29.45 2.66 -11.52
N LYS B 449 30.17 2.25 -12.53
CA LYS B 449 29.96 2.76 -13.87
C LYS B 449 28.75 2.11 -14.56
N ALA B 450 28.07 2.86 -15.44
CA ALA B 450 26.94 2.35 -16.23
C ALA B 450 27.19 0.95 -16.73
N TYR B 451 26.30 -0.01 -16.42
CA TYR B 451 26.48 -1.41 -16.86
C TYR B 451 26.08 -1.57 -18.32
N ASP B 452 25.19 -0.69 -18.77
CA ASP B 452 24.47 -0.90 -20.02
C ASP B 452 25.05 -0.23 -21.25
N ALA B 453 26.19 0.45 -21.13
CA ALA B 453 26.76 1.12 -22.30
C ALA B 453 26.88 0.13 -23.48
N PRO B 454 26.37 0.50 -24.68
CA PRO B 454 26.30 -0.40 -25.86
C PRO B 454 27.67 -0.78 -26.44
N ASP B 455 28.57 0.18 -26.47
CA ASP B 455 29.85 0.00 -27.13
C ASP B 455 30.85 1.07 -26.77
N GLN B 456 32.10 0.80 -27.11
CA GLN B 456 33.18 1.73 -26.88
C GLN B 456 32.86 3.09 -27.51
N ALA B 457 32.55 3.11 -28.80
CA ALA B 457 32.35 4.40 -29.50
C ALA B 457 31.27 5.25 -28.81
N ALA B 458 30.30 4.62 -28.19
CA ALA B 458 29.24 5.40 -27.57
C ALA B 458 29.76 6.16 -26.35
N ILE B 459 30.79 5.63 -25.69
CA ILE B 459 31.41 6.32 -24.58
C ILE B 459 32.72 7.01 -24.95
N GLN B 460 33.03 7.24 -26.23
CA GLN B 460 34.25 7.97 -26.49
C GLN B 460 33.99 9.34 -25.90
N ASN B 461 34.87 9.80 -25.03
CA ASN B 461 34.79 11.22 -24.66
C ASN B 461 35.99 12.02 -25.15
N GLY B 462 35.90 12.51 -26.40
CA GLY B 462 37.06 13.09 -27.04
C GLY B 462 38.00 11.91 -27.17
N ASP B 463 39.26 12.04 -26.77
CA ASP B 463 40.17 10.91 -26.95
C ASP B 463 40.14 9.90 -25.81
N ILE B 464 39.43 10.20 -24.72
CA ILE B 464 39.38 9.30 -23.57
C ILE B 464 38.32 8.22 -23.78
N LYS B 465 38.66 6.97 -23.43
CA LYS B 465 37.67 5.92 -23.44
C LYS B 465 36.93 6.05 -22.11
N GLY B 466 35.65 6.42 -22.23
CA GLY B 466 34.82 6.59 -21.05
C GLY B 466 34.99 7.88 -20.30
N TYR B 467 34.02 8.11 -19.41
CA TYR B 467 33.98 9.29 -18.56
C TYR B 467 34.35 8.89 -17.12
N ALA B 468 35.26 9.64 -16.49
CA ALA B 468 35.61 9.39 -15.11
C ALA B 468 34.36 9.29 -14.24
N ALA B 469 34.46 8.47 -13.21
CA ALA B 469 33.46 8.47 -12.14
C ALA B 469 33.56 9.76 -11.32
N TYR B 470 34.75 10.35 -11.28
CA TYR B 470 34.97 11.53 -10.43
C TYR B 470 36.01 12.36 -11.12
N LYS B 471 35.55 13.47 -11.66
CA LYS B 471 36.36 14.40 -12.40
C LYS B 471 36.51 15.75 -11.72
N VAL B 472 37.77 16.13 -11.51
CA VAL B 472 38.13 17.48 -11.05
C VAL B 472 38.62 18.24 -12.26
N ASP B 473 38.00 19.37 -12.58
CA ASP B 473 38.40 20.09 -13.80
C ASP B 473 39.81 20.65 -13.73
N ASP B 474 40.41 20.71 -14.91
CA ASP B 474 41.66 21.43 -15.14
C ASP B 474 41.98 22.68 -14.33
N SER B 475 40.99 23.53 -14.10
CA SER B 475 41.23 24.86 -13.59
C SER B 475 41.31 24.91 -12.06
N VAL B 476 40.91 23.83 -11.40
CA VAL B 476 40.92 23.79 -9.94
C VAL B 476 42.36 23.79 -9.42
N THR B 477 42.61 24.49 -8.31
CA THR B 477 43.96 24.60 -7.80
C THR B 477 44.11 23.71 -6.56
N THR B 478 43.03 23.59 -5.77
CA THR B 478 43.03 22.77 -4.56
C THR B 478 41.83 21.85 -4.50
N HIS B 479 42.09 20.58 -4.21
CA HIS B 479 41.07 19.56 -3.98
C HIS B 479 41.70 18.48 -3.15
N GLU B 480 40.89 17.76 -2.36
CA GLU B 480 41.42 16.62 -1.62
C GLU B 480 40.34 15.53 -1.40
N GLY B 481 40.70 14.30 -1.75
CA GLY B 481 39.82 13.14 -1.61
C GLY B 481 40.45 11.96 -0.89
N TRP B 482 39.64 11.26 -0.09
CA TRP B 482 40.10 10.12 0.70
C TRP B 482 39.13 8.92 0.61
N GLY B 483 39.67 7.74 0.31
CA GLY B 483 38.88 6.51 0.41
C GLY B 483 37.81 6.40 -0.69
N MET B 484 38.29 6.21 -1.91
CA MET B 484 37.43 6.47 -3.08
C MET B 484 37.55 5.32 -4.08
N GLY B 485 36.40 4.72 -4.44
CA GLY B 485 36.41 3.55 -5.31
C GLY B 485 35.40 3.63 -6.44
N SER B 486 35.79 3.15 -7.62
CA SER B 486 34.87 3.04 -8.76
C SER B 486 34.89 1.62 -9.31
N TYR B 487 33.72 1.04 -9.51
CA TYR B 487 33.65 -0.32 -10.03
C TYR B 487 32.95 -0.39 -11.40
N CYS B 488 33.30 -1.39 -12.20
CA CYS B 488 32.63 -1.57 -13.49
C CYS B 488 32.05 -2.96 -13.62
N TYR B 489 30.99 -3.02 -14.42
CA TYR B 489 30.26 -4.25 -14.71
C TYR B 489 29.57 -4.06 -16.04
N PHE B 490 30.37 -4.07 -17.12
CA PHE B 490 29.84 -3.78 -18.45
C PHE B 490 29.29 -5.09 -19.01
N ASN B 491 28.08 -5.43 -18.58
CA ASN B 491 27.57 -6.77 -18.85
C ASN B 491 26.93 -6.88 -20.22
N VAL B 492 26.55 -5.74 -20.76
CA VAL B 492 26.07 -5.66 -22.13
C VAL B 492 27.19 -5.73 -23.19
N ASN B 493 28.35 -5.12 -22.90
CA ASN B 493 29.48 -5.20 -23.81
C ASN B 493 30.80 -5.31 -23.02
N PRO B 494 31.15 -6.54 -22.63
CA PRO B 494 32.26 -6.80 -21.72
C PRO B 494 33.62 -6.60 -22.36
N ASP B 495 33.64 -6.33 -23.67
CA ASP B 495 34.88 -5.93 -24.35
C ASP B 495 35.25 -4.44 -24.11
N ILE B 496 34.36 -3.67 -23.47
CA ILE B 496 34.63 -2.24 -23.21
C ILE B 496 35.84 -2.00 -22.30
N ARG B 497 36.55 -0.90 -22.55
CA ARG B 497 37.57 -0.40 -21.63
C ARG B 497 37.18 0.96 -21.05
N GLN B 498 37.37 1.10 -19.74
CA GLN B 498 37.21 2.39 -19.02
C GLN B 498 38.62 2.94 -18.72
N GLN B 499 39.02 4.10 -19.23
CA GLN B 499 40.43 4.52 -19.03
C GLN B 499 40.75 4.65 -17.55
N HIS B 500 39.86 5.30 -16.79
CA HIS B 500 40.15 5.56 -15.40
C HIS B 500 38.87 5.73 -14.57
N GLY B 501 39.02 5.57 -13.25
CA GLY B 501 37.94 5.90 -12.32
C GLY B 501 37.91 7.40 -12.03
N PHE B 502 39.12 7.98 -11.99
CA PHE B 502 39.36 9.35 -11.53
C PHE B 502 40.16 10.14 -12.54
N GLN B 503 39.92 11.44 -12.54
CA GLN B 503 40.51 12.34 -13.52
C GLN B 503 40.67 13.71 -12.90
N ALA B 504 41.88 14.25 -12.96
CA ALA B 504 42.18 15.49 -12.27
C ALA B 504 43.34 16.27 -12.91
N PRO B 505 43.48 17.56 -12.59
CA PRO B 505 44.75 18.25 -12.81
C PRO B 505 45.89 17.66 -12.03
N VAL B 506 47.06 17.66 -12.64
CA VAL B 506 48.26 17.25 -11.95
C VAL B 506 48.85 18.52 -11.34
N LYS B 507 48.63 18.68 -10.03
CA LYS B 507 48.75 19.97 -9.33
C LYS B 507 49.08 19.77 -7.86
N PRO B 508 50.00 20.58 -7.33
CA PRO B 508 50.50 20.31 -5.99
C PRO B 508 49.45 20.14 -4.87
N GLY B 509 48.38 20.91 -4.98
CA GLY B 509 47.35 20.97 -3.96
C GLY B 509 46.10 20.18 -4.36
N VAL B 510 46.22 19.34 -5.38
CA VAL B 510 45.10 18.48 -5.87
C VAL B 510 45.53 17.07 -5.56
N LYS B 511 44.99 16.56 -4.46
CA LYS B 511 45.55 15.43 -3.73
C LYS B 511 44.53 14.33 -3.51
N PHE B 512 44.93 13.09 -3.71
CA PHE B 512 44.05 11.96 -3.45
C PHE B 512 44.75 10.82 -2.72
N HIS B 513 44.05 10.32 -1.71
CA HIS B 513 44.52 9.24 -0.87
C HIS B 513 43.61 8.04 -0.98
N ASP B 514 44.21 6.87 -1.22
CA ASP B 514 43.51 5.61 -1.14
C ASP B 514 42.42 5.51 -2.21
N LEU B 515 42.85 5.51 -3.47
CA LEU B 515 41.98 5.30 -4.62
C LEU B 515 41.98 3.84 -5.06
N LEU B 516 40.85 3.43 -5.62
CA LEU B 516 40.79 2.11 -6.24
C LEU B 516 39.76 1.99 -7.34
N VAL B 517 40.05 1.10 -8.28
CA VAL B 517 39.06 0.66 -9.26
C VAL B 517 38.97 -0.87 -9.27
N VAL B 518 37.80 -1.42 -9.64
CA VAL B 518 37.55 -2.85 -9.60
C VAL B 518 36.61 -3.22 -10.71
N SER B 519 36.93 -4.32 -11.39
CA SER B 519 36.05 -4.89 -12.41
C SER B 519 35.34 -6.12 -11.87
N LEU B 520 34.01 -6.13 -11.90
CA LEU B 520 33.29 -7.26 -11.37
C LEU B 520 33.26 -8.39 -12.40
N GLY B 521 33.98 -9.48 -12.11
CA GLY B 521 33.95 -10.65 -12.96
C GLY B 521 34.49 -10.48 -14.39
N GLY B 522 35.38 -9.53 -14.59
CA GLY B 522 35.96 -9.30 -15.91
C GLY B 522 35.04 -8.68 -16.93
N LYS B 523 33.90 -8.17 -16.49
CA LYS B 523 32.96 -7.50 -17.40
C LYS B 523 33.44 -6.06 -17.63
N GLY B 524 34.22 -5.89 -18.68
CA GLY B 524 34.99 -4.69 -18.88
C GLY B 524 36.22 -4.68 -18.00
N GLN B 525 37.15 -3.79 -18.33
CA GLN B 525 38.30 -3.52 -17.49
C GLN B 525 38.63 -2.04 -17.48
N TYR B 526 39.25 -1.62 -16.37
CA TYR B 526 39.91 -0.30 -16.27
C TYR B 526 41.33 -0.38 -16.81
N GLU B 527 41.72 0.63 -17.57
CA GLU B 527 43.10 0.75 -18.04
C GLU B 527 44.04 1.33 -16.98
N HIS B 528 43.47 2.14 -16.09
CA HIS B 528 44.23 2.92 -15.08
C HIS B 528 43.29 3.24 -13.89
N VAL B 529 43.87 3.77 -12.83
CA VAL B 529 43.09 4.17 -11.65
C VAL B 529 42.65 5.64 -11.79
N ILE B 530 43.64 6.50 -12.05
CA ILE B 530 43.44 7.94 -12.15
C ILE B 530 44.29 8.48 -13.31
N ASN B 531 43.70 9.34 -14.15
CA ASN B 531 44.35 9.79 -15.39
C ASN B 531 44.93 8.59 -16.16
N ASP B 532 46.18 8.67 -16.61
CA ASP B 532 46.78 7.54 -17.35
C ASP B 532 47.72 6.80 -16.44
N ILE B 533 47.32 6.80 -15.16
CA ILE B 533 48.17 6.48 -14.01
C ILE B 533 47.55 5.37 -13.15
N GLY B 534 48.40 4.46 -12.70
CA GLY B 534 47.99 3.28 -11.97
C GLY B 534 47.71 2.07 -12.88
N ASP B 535 47.78 0.89 -12.30
CA ASP B 535 47.71 -0.31 -13.15
C ASP B 535 46.31 -0.58 -13.67
N PRO B 536 46.19 -1.30 -14.79
CA PRO B 536 44.85 -1.74 -15.20
C PRO B 536 44.33 -2.85 -14.31
N THR B 537 43.03 -3.03 -14.35
CA THR B 537 42.45 -4.26 -13.81
C THR B 537 42.66 -5.40 -14.82
N SER B 538 42.74 -6.63 -14.30
CA SER B 538 43.01 -7.81 -15.10
C SER B 538 42.33 -9.03 -14.50
N GLY B 539 42.11 -10.06 -15.31
CA GLY B 539 41.45 -11.28 -14.83
C GLY B 539 39.93 -11.16 -14.81
N ASP B 540 39.27 -12.19 -14.27
CA ASP B 540 37.81 -12.18 -14.08
C ASP B 540 37.50 -12.38 -12.59
N THR B 541 38.54 -12.13 -11.78
CA THR B 541 38.58 -12.43 -10.34
C THR B 541 38.36 -11.21 -9.39
N THR B 542 37.97 -10.08 -9.98
CA THR B 542 37.42 -8.98 -9.21
C THR B 542 38.40 -8.47 -8.11
N ILE B 543 39.70 -8.49 -8.41
CA ILE B 543 40.72 -7.93 -7.50
C ILE B 543 40.99 -6.45 -7.78
N PRO B 544 40.88 -5.58 -6.75
CA PRO B 544 41.03 -4.13 -7.00
C PRO B 544 42.41 -3.71 -7.51
N SER B 545 42.50 -2.63 -8.31
CA SER B 545 43.78 -1.93 -8.58
C SER B 545 43.76 -0.64 -7.78
N GLN B 546 44.83 -0.46 -7.02
CA GLN B 546 44.86 0.49 -5.93
C GLN B 546 45.92 1.54 -6.23
N VAL B 547 45.69 2.78 -5.76
CA VAL B 547 46.70 3.84 -5.74
C VAL B 547 46.60 4.55 -4.39
N VAL B 548 47.68 4.50 -3.60
CA VAL B 548 47.68 5.11 -2.27
C VAL B 548 47.80 6.64 -2.26
N SER B 549 48.69 7.20 -3.10
CA SER B 549 48.99 8.67 -3.06
C SER B 549 49.17 9.29 -4.45
N PHE B 550 48.37 10.31 -4.74
CA PHE B 550 48.48 11.08 -5.96
C PHE B 550 48.47 12.57 -5.61
N PRO B 551 49.28 13.40 -6.31
CA PRO B 551 50.33 13.15 -7.32
C PRO B 551 51.42 12.25 -6.80
C1 EDO C . -38.66 -12.43 -9.03
O1 EDO C . -37.73 -12.95 -8.06
C2 EDO C . -39.06 -11.01 -8.66
O2 EDO C . -37.93 -10.16 -8.82
H11 EDO C . -39.55 -13.07 -9.08
H12 EDO C . -38.20 -12.43 -10.01
HO1 EDO C . -37.48 -13.86 -8.30
H21 EDO C . -39.40 -10.99 -7.62
H22 EDO C . -39.88 -10.67 -9.29
HO2 EDO C . -38.21 -9.24 -8.67
C1 EDO D . -15.69 -12.53 -22.04
O1 EDO D . -14.38 -11.91 -22.10
C2 EDO D . -16.76 -11.44 -21.98
O2 EDO D . -16.42 -10.52 -20.94
H11 EDO D . -15.77 -13.18 -21.16
H12 EDO D . -15.84 -13.16 -22.92
HO1 EDO D . -13.70 -12.58 -22.20
H21 EDO D . -17.74 -11.86 -21.79
H22 EDO D . -16.79 -10.92 -22.94
HO2 EDO D . -16.95 -9.72 -21.03
C2 BGC E . 25.62 -1.56 -7.53
C3 BGC E . 24.13 -1.24 -7.22
C4 BGC E . 23.21 -2.38 -7.77
C5 BGC E . 23.77 -3.80 -8.02
C6 BGC E . 22.86 -4.55 -9.05
C1 BGC E . 25.85 -3.08 -7.41
O1 BGC E . 27.22 -3.42 -7.54
O2 BGC E . 26.56 -0.84 -6.71
O3 BGC E . 23.67 0.05 -7.72
O4 BGC E . 21.99 -2.67 -7.11
O5 BGC E . 25.12 -3.77 -8.41
O6 BGC E . 22.79 -5.94 -8.74
H2 BGC E . 24.67 -1.37 -7.05
H3 BGC E . 23.46 -1.98 -7.63
H4 BGC E . 23.55 -2.92 -8.66
H5 BGC E . 23.74 -4.35 -7.08
H61 BGC E . 23.23 -4.41 -10.07
H62 BGC E . 21.84 -4.17 -9.03
H1 BGC E . 25.52 -3.41 -6.43
HO1 BGC E . 27.71 -2.66 -7.91
HO2 BGC E . 27.39 -1.34 -6.61
HO3 BGC E . 24.44 0.58 -8.00
HO4 BGC E . 21.71 -1.89 -6.60
HO6 BGC E . 23.40 -6.13 -8.00
C1 EDO F . 7.41 6.57 -5.95
O1 EDO F . 8.60 7.34 -5.76
C2 EDO F . 7.81 5.19 -6.47
O2 EDO F . 8.50 4.54 -5.38
H11 EDO F . 6.75 7.05 -6.67
H12 EDO F . 6.88 6.46 -4.99
HO1 EDO F . 8.38 8.13 -5.27
H21 EDO F . 8.46 5.29 -7.34
H22 EDO F . 6.92 4.62 -6.75
HO2 EDO F . 8.82 3.69 -5.68
C1 EDO G . 31.15 4.95 -19.07
O1 EDO G . 32.35 5.71 -18.97
C2 EDO G . 29.97 5.93 -19.10
O2 EDO G . 30.04 6.88 -18.02
H11 EDO G . 31.07 4.28 -18.22
H12 EDO G . 31.16 4.35 -19.98
HO1 EDO G . 33.08 5.12 -18.73
H21 EDO G . 29.04 5.37 -19.02
H22 EDO G . 29.98 6.45 -20.06
HO2 EDO G . 29.13 7.14 -17.79
C1 EDO H . 50.10 4.84 4.17
O1 EDO H . 49.29 6.03 4.05
C2 EDO H . 49.23 3.78 4.82
O2 EDO H . 47.94 3.88 4.24
H11 EDO H . 50.97 5.04 4.79
H12 EDO H . 50.46 4.49 3.20
HO1 EDO H . 49.82 6.74 3.64
H21 EDO H . 49.15 3.94 5.90
H22 EDO H . 49.65 2.78 4.65
HO2 EDO H . 47.44 3.10 4.48
N VAL A 4 -44.78 9.05 3.09
CA VAL A 4 -45.21 10.39 3.41
C VAL A 4 -45.70 10.45 4.86
N VAL A 5 -46.42 9.40 5.24
CA VAL A 5 -46.61 9.17 6.66
C VAL A 5 -45.64 8.09 7.10
N GLY A 6 -45.06 8.37 8.25
CA GLY A 6 -44.04 7.53 8.80
C GLY A 6 -44.66 6.32 9.47
N GLY A 7 -43.85 5.28 9.49
CA GLY A 7 -44.14 4.05 10.19
C GLY A 7 -45.38 3.30 9.73
N GLY A 8 -45.94 2.60 10.70
CA GLY A 8 -47.18 1.89 10.48
C GLY A 8 -47.08 0.39 10.49
N ASP A 9 -45.96 -0.29 10.40
CA ASP A 9 -46.22 -1.74 10.18
C ASP A 9 -45.07 -2.52 9.89
N LEU A 10 -45.31 -3.80 10.00
CA LEU A 10 -44.37 -4.75 9.44
C LEU A 10 -44.89 -5.14 8.05
N GLY A 11 -46.21 -4.99 7.83
CA GLY A 11 -46.82 -5.48 6.61
C GLY A 11 -46.96 -6.98 6.67
N PRO A 12 -47.48 -7.58 5.60
CA PRO A 12 -47.89 -8.99 5.52
C PRO A 12 -46.74 -10.01 5.53
N ASN A 13 -45.54 -9.56 5.20
CA ASN A 13 -44.44 -10.48 4.94
C ASN A 13 -43.33 -10.39 5.97
N VAL A 14 -43.60 -9.68 7.06
CA VAL A 14 -42.67 -9.60 8.17
C VAL A 14 -43.31 -10.36 9.33
N LEU A 15 -42.75 -11.53 9.62
CA LEU A 15 -43.26 -12.40 10.70
C LEU A 15 -42.47 -12.13 11.95
N VAL A 16 -43.14 -11.59 12.96
CA VAL A 16 -42.52 -11.19 14.22
C VAL A 16 -42.91 -12.19 15.33
N PHE A 17 -41.89 -12.65 16.04
CA PHE A 17 -42.00 -13.66 17.07
C PHE A 17 -41.48 -13.09 18.37
N ASP A 18 -42.00 -13.60 19.48
CA ASP A 18 -41.41 -13.40 20.81
C ASP A 18 -41.33 -14.80 21.39
N PRO A 19 -40.65 -14.98 22.55
CA PRO A 19 -40.51 -16.39 22.96
C PRO A 19 -41.83 -17.12 23.27
N SER A 20 -42.92 -16.40 23.54
CA SER A 20 -44.19 -17.08 23.80
C SER A 20 -44.90 -17.62 22.57
N THR A 21 -44.61 -17.05 21.39
CA THR A 21 -45.45 -17.23 20.20
C THR A 21 -45.88 -18.68 19.96
N PRO A 22 -47.17 -18.90 19.69
CA PRO A 22 -47.43 -20.29 19.34
C PRO A 22 -46.76 -20.64 18.01
N ASP A 23 -46.20 -21.84 18.00
CA ASP A 23 -45.71 -22.47 16.79
C ASP A 23 -44.60 -21.71 16.05
N ILE A 24 -43.53 -21.26 16.73
CA ILE A 24 -42.43 -20.63 15.99
C ILE A 24 -41.88 -21.66 14.99
N GLN A 25 -41.64 -22.88 15.45
CA GLN A 25 -40.93 -23.83 14.61
C GLN A 25 -41.72 -24.15 13.36
N GLY A 26 -42.94 -24.66 13.56
CA GLY A 26 -43.83 -24.94 12.46
C GLY A 26 -44.04 -23.76 11.52
N LYS A 27 -43.99 -22.55 12.05
CA LYS A 27 -44.08 -21.38 11.17
C LYS A 27 -42.84 -21.19 10.31
N VAL A 28 -41.68 -21.42 10.89
CA VAL A 28 -40.42 -21.31 10.16
C VAL A 28 -40.45 -22.37 9.09
N ASP A 29 -40.89 -23.59 9.45
CA ASP A 29 -40.87 -24.69 8.47
C ASP A 29 -41.80 -24.38 7.30
N GLU A 30 -42.95 -23.76 7.61
CA GLU A 30 -43.96 -23.34 6.59
C GLU A 30 -43.30 -22.46 5.53
N VAL A 31 -42.47 -21.55 6.01
CA VAL A 31 -41.86 -20.60 5.11
C VAL A 31 -40.81 -21.36 4.31
N PHE A 32 -40.07 -22.24 4.99
CA PHE A 32 -39.01 -23.03 4.32
C PHE A 32 -39.52 -23.98 3.20
N ARG A 33 -40.58 -24.76 3.45
CA ARG A 33 -41.09 -25.68 2.42
C ARG A 33 -41.40 -24.87 1.16
N LYS A 34 -41.87 -23.65 1.37
CA LYS A 34 -42.27 -22.76 0.27
C LYS A 34 -41.09 -22.14 -0.46
N GLN A 35 -40.06 -21.79 0.30
CA GLN A 35 -38.95 -21.01 -0.24
C GLN A 35 -37.75 -21.85 -0.65
N GLU A 36 -37.73 -23.09 -0.19
CA GLU A 36 -36.56 -23.95 -0.33
C GLU A 36 -36.00 -24.03 -1.75
N SER A 37 -36.90 -24.35 -2.67
CA SER A 37 -36.60 -24.61 -4.07
C SER A 37 -37.01 -23.42 -4.96
N ASN A 38 -37.43 -22.34 -4.31
CA ASN A 38 -38.10 -21.24 -5.01
C ASN A 38 -37.09 -20.20 -5.48
N GLN A 39 -36.31 -20.56 -6.49
CA GLN A 39 -35.15 -19.76 -6.81
C GLN A 39 -35.52 -18.43 -7.46
N PHE A 40 -36.57 -18.47 -8.28
CA PHE A 40 -36.98 -17.31 -9.07
C PHE A 40 -38.39 -16.84 -8.78
N GLY A 41 -38.96 -17.36 -7.69
CA GLY A 41 -40.27 -16.92 -7.21
C GLY A 41 -40.33 -15.47 -6.73
N THR A 42 -41.55 -15.00 -6.49
CA THR A 42 -41.77 -13.60 -6.21
C THR A 42 -42.23 -13.42 -4.77
N ASP A 43 -42.28 -14.49 -3.99
CA ASP A 43 -42.47 -14.34 -2.55
C ASP A 43 -41.19 -13.89 -1.82
N ARG A 44 -41.38 -13.17 -0.72
CA ARG A 44 -40.31 -12.54 0.05
C ARG A 44 -40.71 -12.54 1.52
N TYR A 45 -39.82 -12.96 2.43
CA TYR A 45 -40.17 -12.94 3.86
C TYR A 45 -39.03 -12.51 4.76
N ALA A 46 -39.39 -11.78 5.83
CA ALA A 46 -38.44 -11.47 6.88
C ALA A 46 -38.98 -12.08 8.17
N LEU A 47 -38.11 -12.81 8.86
CA LEU A 47 -38.47 -13.46 10.13
C LEU A 47 -37.73 -12.72 11.23
N MET A 48 -38.48 -11.96 12.04
CA MET A 48 -37.89 -11.06 13.02
C MET A 48 -38.19 -11.58 14.44
N PHE A 49 -37.16 -11.68 15.25
CA PHE A 49 -37.24 -12.29 16.58
C PHE A 49 -37.00 -11.28 17.70
N LYS A 50 -37.98 -11.10 18.58
CA LYS A 50 -37.84 -10.11 19.67
C LYS A 50 -36.81 -10.62 20.69
N PRO A 51 -36.13 -9.70 21.39
CA PRO A 51 -35.10 -10.07 22.36
C PRO A 51 -35.61 -11.10 23.34
N GLY A 52 -34.78 -12.09 23.60
CA GLY A 52 -35.16 -13.23 24.40
C GLY A 52 -34.37 -14.49 24.04
N THR A 53 -34.82 -15.60 24.62
CA THR A 53 -34.20 -16.90 24.46
C THR A 53 -35.24 -17.85 23.86
N TYR A 54 -34.87 -18.47 22.72
CA TYR A 54 -35.70 -19.41 22.00
C TYR A 54 -35.03 -20.77 22.07
N ASN A 55 -35.87 -21.82 22.11
CA ASN A 55 -35.44 -23.21 22.32
C ASN A 55 -36.06 -24.14 21.30
N ASP A 56 -35.38 -25.26 21.06
CA ASP A 56 -35.96 -26.27 20.21
C ASP A 56 -36.23 -25.66 18.83
N ILE A 57 -35.36 -24.75 18.41
CA ILE A 57 -35.55 -24.06 17.13
C ILE A 57 -34.43 -24.40 16.14
N ASN A 58 -34.82 -24.77 14.92
CA ASN A 58 -33.86 -24.85 13.84
C ASN A 58 -34.55 -24.12 12.70
N ALA A 59 -34.15 -22.87 12.54
CA ALA A 59 -34.69 -21.96 11.53
C ALA A 59 -33.99 -22.24 10.22
N GLN A 60 -34.63 -23.06 9.40
CA GLN A 60 -34.07 -23.48 8.12
C GLN A 60 -34.43 -22.37 7.11
N ILE A 61 -33.43 -21.89 6.39
CA ILE A 61 -33.55 -20.70 5.58
C ILE A 61 -33.47 -21.03 4.09
N GLY A 62 -34.51 -20.64 3.36
CA GLY A 62 -34.56 -20.80 1.92
C GLY A 62 -34.35 -19.52 1.15
N PHE A 63 -34.68 -19.54 -0.15
CA PHE A 63 -34.57 -18.34 -0.96
C PHE A 63 -35.41 -17.17 -0.41
N TYR A 64 -34.89 -15.97 -0.60
CA TYR A 64 -35.61 -14.73 -0.33
C TYR A 64 -36.19 -14.69 1.10
N THR A 65 -35.38 -15.17 2.02
CA THR A 65 -35.71 -15.15 3.43
C THR A 65 -34.58 -14.49 4.21
N SER A 66 -34.91 -13.46 4.99
CA SER A 66 -33.98 -12.93 6.00
C SER A 66 -34.47 -13.31 7.38
N ILE A 67 -33.51 -13.55 8.28
CA ILE A 67 -33.85 -13.84 9.68
C ILE A 67 -32.96 -12.91 10.49
N ALA A 68 -33.56 -12.29 11.51
CA ALA A 68 -32.85 -11.27 12.26
C ALA A 68 -33.34 -11.18 13.70
N GLY A 69 -32.44 -10.79 14.59
CA GLY A 69 -32.83 -10.43 15.96
C GLY A 69 -33.04 -8.94 16.12
N LEU A 70 -33.81 -8.58 17.15
CA LEU A 70 -34.29 -7.22 17.33
C LEU A 70 -33.73 -6.52 18.60
N GLY A 71 -32.50 -6.85 18.99
CA GLY A 71 -31.86 -6.21 20.13
C GLY A 71 -30.73 -5.30 19.70
N LEU A 72 -30.16 -4.54 20.62
CA LEU A 72 -29.12 -3.62 20.21
C LEU A 72 -27.91 -4.48 19.84
N ASN A 73 -27.70 -5.46 20.72
CA ASN A 73 -26.58 -6.38 20.68
C ASN A 73 -27.08 -7.77 20.28
N PRO A 74 -26.26 -8.56 19.58
CA PRO A 74 -26.82 -9.83 19.11
C PRO A 74 -27.18 -10.81 20.22
N ASP A 75 -26.51 -10.68 21.35
CA ASP A 75 -26.70 -11.63 22.44
C ASP A 75 -28.01 -11.34 23.17
N ASP A 76 -28.68 -10.26 22.77
CA ASP A 76 -30.03 -9.95 23.28
C ASP A 76 -31.10 -10.92 22.76
N THR A 77 -30.81 -11.61 21.65
CA THR A 77 -31.74 -12.53 21.00
C THR A 77 -30.98 -13.85 20.69
N THR A 78 -31.25 -14.84 21.53
CA THR A 78 -30.52 -16.09 21.57
C THR A 78 -31.36 -17.28 21.16
N PHE A 79 -30.85 -18.04 20.21
CA PHE A 79 -31.43 -19.31 19.83
C PHE A 79 -30.58 -20.42 20.43
N ASN A 80 -31.22 -21.27 21.22
CA ASN A 80 -30.61 -22.55 21.55
C ASN A 80 -31.10 -23.50 20.49
N GLY A 81 -30.25 -23.62 19.50
CA GLY A 81 -30.66 -24.07 18.17
C GLY A 81 -29.89 -23.34 17.08
N ASP A 82 -30.41 -23.42 15.86
CA ASP A 82 -29.61 -23.26 14.66
C ASP A 82 -30.33 -22.40 13.63
N VAL A 83 -29.55 -21.73 12.80
CA VAL A 83 -30.00 -21.09 11.58
C VAL A 83 -29.25 -21.79 10.42
N THR A 84 -29.95 -22.73 9.82
CA THR A 84 -29.40 -23.69 8.87
C THR A 84 -29.68 -23.31 7.40
N VAL A 85 -28.63 -23.36 6.57
CA VAL A 85 -28.80 -23.41 5.13
C VAL A 85 -28.15 -24.71 4.67
N ASP A 86 -28.98 -25.62 4.13
CA ASP A 86 -28.53 -26.87 3.52
C ASP A 86 -28.59 -26.82 2.01
N ALA A 87 -28.01 -27.85 1.39
CA ALA A 87 -28.10 -27.96 -0.07
C ALA A 87 -28.75 -29.27 -0.45
N GLY A 88 -29.54 -29.85 0.46
CA GLY A 88 -30.30 -31.05 0.12
C GLY A 88 -31.28 -30.88 -1.04
N TRP A 89 -31.94 -29.71 -1.15
CA TRP A 89 -32.96 -29.52 -2.19
C TRP A 89 -32.39 -29.64 -3.55
N PHE A 90 -31.07 -29.51 -3.62
CA PHE A 90 -30.40 -29.37 -4.86
C PHE A 90 -29.31 -30.42 -4.95
N ASP A 91 -29.68 -31.62 -4.60
CA ASP A 91 -28.75 -32.73 -4.43
C ASP A 91 -27.34 -32.32 -3.99
N GLY A 92 -27.29 -31.41 -3.02
CA GLY A 92 -26.04 -31.10 -2.33
C GLY A 92 -25.22 -30.03 -3.02
N ASN A 93 -25.54 -29.78 -4.27
CA ASN A 93 -24.91 -28.66 -4.94
C ASN A 93 -25.36 -27.38 -4.22
N ALA A 94 -24.44 -26.72 -3.51
CA ALA A 94 -24.79 -25.54 -2.73
C ALA A 94 -24.59 -24.26 -3.54
N THR A 95 -24.28 -24.44 -4.82
CA THR A 95 -23.79 -23.31 -5.63
C THR A 95 -24.92 -22.44 -6.14
N GLN A 96 -26.17 -22.83 -5.86
CA GLN A 96 -27.33 -22.01 -6.15
C GLN A 96 -28.03 -21.48 -4.89
N ASN A 97 -27.38 -21.55 -3.74
CA ASN A 97 -27.98 -21.07 -2.50
C ASN A 97 -27.74 -19.57 -2.34
N PHE A 98 -28.58 -18.81 -3.00
CA PHE A 98 -28.49 -17.38 -3.05
C PHE A 98 -29.61 -16.66 -2.26
N TRP A 99 -29.42 -15.36 -2.12
CA TRP A 99 -30.49 -14.35 -1.81
C TRP A 99 -31.20 -14.66 -0.50
N ARG A 100 -30.43 -14.65 0.58
CA ARG A 100 -30.98 -14.87 1.90
C ARG A 100 -30.03 -14.31 2.94
N SER A 101 -30.45 -14.17 4.18
CA SER A 101 -29.55 -13.49 5.13
C SER A 101 -29.87 -13.77 6.58
N ALA A 102 -28.87 -13.60 7.42
CA ALA A 102 -29.01 -13.76 8.86
C ALA A 102 -28.24 -12.65 9.55
N GLU A 103 -28.84 -12.08 10.58
CA GLU A 103 -28.18 -11.01 11.31
C GLU A 103 -28.65 -10.87 12.76
N ASN A 104 -27.74 -10.39 13.60
CA ASN A 104 -28.13 -9.86 14.92
C ASN A 104 -28.79 -10.88 15.87
N LEU A 105 -28.17 -12.04 15.88
CA LEU A 105 -28.58 -13.17 16.71
C LEU A 105 -27.38 -13.85 17.32
N ALA A 106 -27.60 -14.41 18.49
CA ALA A 106 -26.65 -15.36 19.08
C ALA A 106 -27.21 -16.77 18.90
N LEU A 107 -26.37 -17.69 18.46
CA LEU A 107 -26.72 -19.09 18.22
C LEU A 107 -25.91 -20.01 19.14
N ASN A 108 -26.62 -20.97 19.71
CA ASN A 108 -26.03 -22.03 20.53
C ASN A 108 -26.41 -23.34 19.83
N PRO A 109 -25.64 -23.71 18.81
CA PRO A 109 -26.18 -24.69 17.86
C PRO A 109 -26.20 -26.10 18.40
N VAL A 110 -27.09 -26.91 17.86
CA VAL A 110 -27.30 -28.27 18.38
C VAL A 110 -26.12 -29.22 18.30
N ASN A 111 -25.26 -29.17 17.33
CA ASN A 111 -24.20 -30.21 17.49
C ASN A 111 -22.87 -29.62 17.87
N GLY A 112 -22.91 -28.38 18.35
CA GLY A 112 -21.69 -27.66 18.67
C GLY A 112 -21.38 -26.77 17.48
N THR A 113 -22.08 -27.01 16.37
CA THR A 113 -21.80 -26.33 15.10
C THR A 113 -23.00 -25.97 14.24
N ASN A 114 -23.00 -24.71 13.79
CA ASN A 114 -24.04 -24.19 12.92
C ASN A 114 -23.61 -24.35 11.45
N ARG A 115 -24.53 -24.76 10.57
CA ARG A 115 -24.24 -24.94 9.14
C ARG A 115 -24.87 -23.80 8.31
N TRP A 116 -24.02 -23.03 7.60
CA TRP A 116 -24.45 -21.91 6.74
C TRP A 116 -23.81 -22.16 5.35
N ALA A 117 -24.38 -23.11 4.60
CA ALA A 117 -23.80 -23.60 3.37
C ALA A 117 -24.35 -22.84 2.19
N VAL A 118 -23.78 -21.67 1.94
CA VAL A 118 -24.33 -20.73 0.97
C VAL A 118 -23.38 -20.38 -0.18
N SER A 119 -23.94 -19.80 -1.24
CA SER A 119 -23.13 -19.16 -2.26
C SER A 119 -23.38 -17.66 -2.18
N GLN A 120 -23.52 -17.00 -3.33
CA GLN A 120 -23.51 -15.53 -3.31
C GLN A 120 -24.78 -14.91 -2.78
N ALA A 121 -24.64 -13.65 -2.34
CA ALA A 121 -25.74 -12.85 -1.80
C ALA A 121 -26.44 -13.52 -0.64
N ALA A 122 -25.63 -14.04 0.27
CA ALA A 122 -26.14 -14.65 1.48
C ALA A 122 -25.40 -14.16 2.74
N PRO A 123 -25.55 -12.88 3.07
CA PRO A 123 -24.73 -12.30 4.12
C PRO A 123 -25.05 -12.83 5.52
N PHE A 124 -24.02 -12.83 6.34
CA PHE A 124 -24.08 -13.32 7.73
C PHE A 124 -23.42 -12.18 8.50
N ARG A 125 -24.24 -11.37 9.20
CA ARG A 125 -23.75 -10.13 9.81
C ARG A 125 -24.14 -10.03 11.29
N ARG A 126 -23.27 -9.48 12.12
CA ARG A 126 -23.61 -9.20 13.51
C ARG A 126 -24.14 -10.44 14.22
N MET A 127 -23.46 -11.57 14.00
CA MET A 127 -23.84 -12.83 14.58
C MET A 127 -22.85 -13.27 15.63
N HIS A 128 -23.39 -13.87 16.70
CA HIS A 128 -22.56 -14.52 17.71
C HIS A 128 -22.85 -16.03 17.66
N VAL A 129 -21.93 -16.81 17.12
CA VAL A 129 -22.05 -18.27 17.16
C VAL A 129 -21.25 -18.84 18.32
N LYS A 130 -21.94 -19.43 19.29
CA LYS A 130 -21.28 -20.04 20.44
C LYS A 130 -20.84 -21.47 20.13
N GLY A 131 -19.99 -21.60 19.13
CA GLY A 131 -19.53 -22.90 18.70
C GLY A 131 -18.96 -22.81 17.31
N GLY A 132 -19.03 -23.93 16.60
CA GLY A 132 -18.49 -24.03 15.26
C GLY A 132 -19.42 -23.48 14.19
N LEU A 133 -18.83 -23.23 13.03
CA LEU A 133 -19.54 -22.70 11.86
C LEU A 133 -19.01 -23.41 10.63
N ASN A 134 -19.82 -24.33 10.11
CA ASN A 134 -19.47 -25.10 8.92
C ASN A 134 -20.14 -24.37 7.74
N LEU A 135 -19.36 -24.02 6.73
CA LEU A 135 -19.87 -23.26 5.60
C LEU A 135 -20.16 -24.12 4.38
N ALA A 136 -20.10 -25.44 4.59
CA ALA A 136 -20.13 -26.36 3.47
C ALA A 136 -21.36 -27.25 3.53
N PRO A 137 -21.85 -27.61 2.35
CA PRO A 137 -22.95 -28.58 2.27
C PRO A 137 -22.57 -29.99 2.74
N ASP A 138 -23.57 -30.61 3.39
CA ASP A 138 -23.51 -31.98 3.90
C ASP A 138 -23.07 -32.88 2.74
N GLY A 139 -22.14 -33.79 3.03
CA GLY A 139 -21.39 -34.44 1.97
C GLY A 139 -20.33 -33.59 1.31
N TYR A 140 -20.10 -32.37 1.84
CA TYR A 140 -19.09 -31.43 1.34
C TYR A 140 -19.13 -30.86 -0.11
N GLY A 141 -20.24 -31.05 -0.82
CA GLY A 141 -20.48 -30.47 -2.14
C GLY A 141 -20.05 -29.04 -2.48
N TRP A 142 -19.76 -28.84 -3.76
CA TRP A 142 -19.29 -27.54 -4.27
C TRP A 142 -20.10 -26.39 -3.66
N ALA A 143 -19.44 -25.28 -3.37
CA ALA A 143 -20.13 -24.08 -2.86
C ALA A 143 -19.27 -22.91 -3.24
N SER A 144 -19.92 -21.75 -3.35
CA SER A 144 -19.27 -20.56 -3.90
C SER A 144 -19.77 -19.31 -3.21
N GLY A 145 -19.54 -19.24 -1.89
CA GLY A 145 -19.79 -18.03 -1.12
C GLY A 145 -18.66 -17.02 -1.20
N GLY A 146 -18.58 -16.09 -0.24
CA GLY A 146 -19.50 -15.93 0.86
C GLY A 146 -19.02 -14.75 1.66
N TYR A 147 -19.84 -14.32 2.63
CA TYR A 147 -19.60 -13.06 3.30
C TYR A 147 -20.00 -13.13 4.78
N ILE A 148 -19.03 -12.83 5.64
CA ILE A 148 -19.24 -12.68 7.09
C ILE A 148 -18.68 -11.32 7.50
N ALA A 149 -19.48 -10.56 8.24
CA ALA A 149 -19.01 -9.30 8.81
C ALA A 149 -19.53 -9.08 10.23
N ASP A 150 -18.68 -8.46 11.03
CA ASP A 150 -19.07 -7.98 12.36
C ASP A 150 -19.59 -9.11 13.23
N SER A 151 -18.95 -10.27 13.10
CA SER A 151 -19.43 -11.49 13.77
C SER A 151 -18.36 -12.10 14.65
N LYS A 152 -18.82 -12.79 15.69
CA LYS A 152 -17.91 -13.54 16.54
C LYS A 152 -18.31 -15.00 16.51
N ILE A 153 -17.38 -15.81 16.06
CA ILE A 153 -17.59 -17.24 15.89
C ILE A 153 -16.70 -17.87 16.98
N ASP A 154 -17.32 -18.49 17.99
CA ASP A 154 -16.56 -18.96 19.16
C ASP A 154 -15.65 -20.15 18.88
N GLY A 155 -15.85 -20.80 17.74
CA GLY A 155 -15.14 -22.03 17.46
C GLY A 155 -14.44 -21.82 16.15
N GLU A 156 -14.13 -22.91 15.47
CA GLU A 156 -13.49 -22.83 14.14
C GLU A 156 -14.55 -22.56 13.10
N VAL A 157 -14.22 -21.68 12.15
CA VAL A 157 -14.95 -21.66 10.90
C VAL A 157 -14.34 -22.70 9.98
N GLY A 158 -15.19 -23.57 9.45
CA GLY A 158 -14.83 -24.52 8.41
C GLY A 158 -15.45 -24.04 7.11
N PRO A 159 -14.62 -23.81 6.08
CA PRO A 159 -15.18 -23.67 4.72
C PRO A 159 -15.34 -25.01 3.97
N TYR A 160 -14.62 -26.06 4.41
CA TYR A 160 -14.43 -27.30 3.63
C TYR A 160 -14.29 -27.03 2.13
N SER A 161 -15.31 -27.36 1.32
CA SER A 161 -15.17 -27.18 -0.12
C SER A 161 -15.68 -25.85 -0.68
N GLN A 162 -15.93 -24.86 0.18
CA GLN A 162 -16.14 -23.49 -0.30
C GLN A 162 -14.91 -23.02 -1.07
N GLN A 163 -15.06 -22.52 -2.30
CA GLN A 163 -13.87 -22.14 -3.07
C GLN A 163 -13.19 -20.88 -2.54
N GLN A 164 -14.02 -19.95 -2.06
CA GLN A 164 -13.53 -18.63 -1.71
C GLN A 164 -14.46 -18.08 -0.61
N TRP A 165 -14.03 -17.01 0.05
CA TRP A 165 -14.80 -16.46 1.17
C TRP A 165 -14.17 -15.15 1.58
N TYR A 166 -15.01 -14.20 2.03
CA TYR A 166 -14.53 -12.95 2.61
C TYR A 166 -15.06 -12.77 4.02
N THR A 167 -14.18 -12.50 4.96
CA THR A 167 -14.60 -12.18 6.32
C THR A 167 -13.99 -10.82 6.73
N ARG A 168 -14.79 -9.94 7.31
CA ARG A 168 -14.22 -8.71 7.85
C ARG A 168 -14.72 -8.35 9.24
N ASP A 169 -13.83 -7.67 9.96
CA ASP A 169 -14.14 -6.99 11.21
C ASP A 169 -14.93 -7.92 12.11
N SER A 170 -14.28 -9.02 12.44
CA SER A 170 -14.89 -10.13 13.15
C SER A 170 -13.84 -10.76 14.07
N SER A 171 -14.27 -11.83 14.74
CA SER A 171 -13.38 -12.69 15.48
C SER A 171 -13.79 -14.19 15.33
N VAL A 172 -12.78 -15.04 15.15
CA VAL A 172 -13.00 -16.47 14.98
C VAL A 172 -12.08 -17.26 15.92
N GLY A 173 -12.62 -18.36 16.46
CA GLY A 173 -11.84 -19.22 17.34
C GLY A 173 -10.77 -19.99 16.58
N GLY A 174 -11.02 -20.13 15.28
CA GLY A 174 -10.06 -20.74 14.37
C GLY A 174 -10.57 -20.67 12.93
N TRP A 175 -9.85 -21.35 12.04
CA TRP A 175 -10.19 -21.36 10.63
C TRP A 175 -9.55 -22.56 9.95
N GLY A 176 -10.35 -23.44 9.37
CA GLY A 176 -9.87 -24.79 9.09
C GLY A 176 -9.21 -25.04 7.74
N ASN A 177 -9.50 -24.20 6.76
CA ASN A 177 -8.90 -24.37 5.44
C ASN A 177 -9.23 -23.27 4.46
N GLY A 178 -8.43 -23.24 3.40
CA GLY A 178 -8.75 -22.51 2.21
C GLY A 178 -8.86 -23.44 1.02
N VAL A 179 -9.33 -22.87 -0.07
CA VAL A 179 -9.59 -23.61 -1.29
C VAL A 179 -8.95 -22.80 -2.44
N TRP A 180 -9.55 -21.71 -2.90
CA TRP A 180 -8.87 -20.83 -3.88
C TRP A 180 -8.56 -19.43 -3.35
N ASN A 181 -9.44 -18.88 -2.51
CA ASN A 181 -9.24 -17.49 -2.10
C ASN A 181 -10.05 -17.16 -0.86
N MET A 182 -9.40 -17.29 0.29
CA MET A 182 -10.02 -16.86 1.54
C MET A 182 -9.33 -15.57 1.98
N THR A 183 -10.12 -14.51 2.05
CA THR A 183 -9.58 -13.20 2.38
C THR A 183 -10.21 -12.73 3.69
N PHE A 184 -9.39 -12.02 4.46
CA PHE A 184 -9.76 -11.54 5.77
C PHE A 184 -9.28 -10.12 5.90
N SER A 185 -10.08 -9.23 6.49
CA SER A 185 -9.59 -7.91 6.86
C SER A 185 -10.18 -7.55 8.21
N GLY A 186 -9.31 -7.24 9.16
CA GLY A 186 -9.77 -6.92 10.52
C GLY A 186 -10.35 -8.09 11.31
N VAL A 187 -9.83 -9.29 11.06
CA VAL A 187 -10.37 -10.47 11.72
C VAL A 187 -9.42 -11.06 12.75
N GLU A 188 -9.81 -10.93 14.01
CA GLU A 188 -9.06 -11.56 15.11
C GLU A 188 -9.16 -13.06 15.02
N GLY A 189 -8.02 -13.75 15.06
CA GLY A 189 -8.02 -15.20 14.91
C GLY A 189 -7.92 -15.64 13.47
N ALA A 190 -7.83 -14.69 12.55
CA ALA A 190 -7.64 -15.06 11.16
C ALA A 190 -6.30 -15.77 11.01
N PRO A 191 -6.23 -16.71 10.07
CA PRO A 191 -4.90 -17.28 9.80
C PRO A 191 -3.99 -16.21 9.19
N ALA A 192 -2.67 -16.40 9.38
CA ALA A 192 -1.69 -15.47 8.85
C ALA A 192 -1.96 -15.19 7.36
N GLN A 193 -1.31 -14.18 6.79
CA GLN A 193 -1.24 -14.06 5.35
C GLN A 193 -0.36 -15.21 4.89
N SER A 194 -0.64 -15.82 3.74
CA SER A 194 0.20 -16.93 3.29
C SER A 194 0.11 -17.34 1.80
N PHE A 195 -0.62 -16.54 1.03
CA PHE A 195 -0.91 -16.82 -0.37
C PHE A 195 0.41 -16.93 -1.14
N PRO A 196 0.50 -17.82 -2.19
CA PRO A 196 -0.47 -18.72 -2.85
C PRO A 196 -0.97 -19.94 -2.07
N GLU A 197 -0.18 -20.63 -1.25
CA GLU A 197 -0.75 -21.67 -0.36
C GLU A 197 -0.31 -21.64 1.12
N PRO A 198 -1.23 -21.89 2.05
CA PRO A 198 -2.69 -21.92 1.90
C PRO A 198 -3.15 -20.62 1.24
N PRO A 199 -4.38 -20.60 0.72
CA PRO A 199 -4.81 -19.46 -0.11
C PRO A 199 -5.39 -18.33 0.76
N TYR A 200 -4.59 -17.88 1.74
CA TYR A 200 -4.98 -16.83 2.68
C TYR A 200 -4.39 -15.45 2.35
N THR A 201 -5.30 -14.49 2.20
CA THR A 201 -5.00 -13.08 2.06
C THR A 201 -5.52 -12.39 3.32
N THR A 202 -4.60 -11.87 4.13
CA THR A 202 -4.96 -11.41 5.48
C THR A 202 -4.46 -10.00 5.77
N LEU A 203 -5.41 -9.12 6.02
CA LEU A 203 -5.16 -7.72 6.35
C LEU A 203 -5.52 -7.50 7.79
N GLU A 204 -4.61 -6.84 8.51
CA GLU A 204 -4.76 -6.64 9.95
C GLU A 204 -6.00 -5.80 10.24
N THR A 205 -6.22 -4.76 9.44
CA THR A 205 -7.41 -3.90 9.58
C THR A 205 -8.13 -3.74 8.26
N THR A 206 -9.44 -3.46 8.34
CA THR A 206 -10.20 -2.94 7.23
C THR A 206 -9.95 -1.45 7.28
N PRO A 207 -9.54 -0.83 6.17
CA PRO A 207 -9.32 0.64 6.16
C PRO A 207 -10.49 1.50 6.68
N VAL A 208 -11.65 1.42 6.03
CA VAL A 208 -12.91 1.93 6.65
C VAL A 208 -13.98 0.89 6.59
N SER A 209 -14.91 0.94 7.53
CA SER A 209 -16.14 0.19 7.42
C SER A 209 -17.23 0.87 8.25
N ARG A 210 -18.48 0.55 7.92
CA ARG A 210 -19.59 1.09 8.65
C ARG A 210 -20.68 0.04 8.63
N GLU A 211 -21.01 -0.47 9.81
CA GLU A 211 -21.91 -1.61 9.86
C GLU A 211 -23.31 -1.28 9.36
N LYS A 212 -23.97 -2.28 8.80
CA LYS A 212 -25.26 -2.11 8.14
C LYS A 212 -26.37 -1.72 9.17
N PRO A 213 -27.20 -0.72 8.85
CA PRO A 213 -28.37 -0.43 9.70
C PRO A 213 -29.29 -1.65 9.85
N PHE A 214 -30.02 -1.71 10.98
CA PHE A 214 -30.93 -2.81 11.26
C PHE A 214 -32.08 -2.40 12.19
N LEU A 215 -33.23 -3.09 12.10
CA LEU A 215 -34.40 -2.71 12.92
C LEU A 215 -34.31 -3.39 14.29
N TYR A 216 -34.48 -2.60 15.36
CA TYR A 216 -34.39 -3.04 16.78
C TYR A 216 -35.61 -2.58 17.56
N LEU A 217 -35.96 -3.34 18.60
CA LEU A 217 -37.07 -3.01 19.49
C LEU A 217 -36.58 -2.49 20.83
N ASP A 218 -36.92 -1.22 21.14
CA ASP A 218 -36.79 -0.62 22.47
C ASP A 218 -38.11 -0.68 23.24
N GLY A 219 -38.32 -1.82 23.88
CA GLY A 219 -39.61 -2.08 24.47
C GLY A 219 -40.53 -2.34 23.30
N ASP A 220 -41.46 -1.40 23.12
CA ASP A 220 -42.54 -1.46 22.14
C ASP A 220 -42.49 -0.16 21.24
N ASP A 221 -41.31 0.46 21.21
CA ASP A 221 -40.88 1.47 20.24
C ASP A 221 -39.84 0.81 19.27
N TYR A 222 -40.15 0.74 17.98
CA TYR A 222 -39.18 0.26 16.99
C TYR A 222 -38.29 1.38 16.52
N LYS A 223 -37.04 1.04 16.19
CA LYS A 223 -36.15 2.01 15.60
C LYS A 223 -35.21 1.32 14.65
N VAL A 224 -34.36 2.12 14.02
CA VAL A 224 -33.23 1.61 13.27
C VAL A 224 -31.97 2.21 13.87
N PHE A 225 -31.05 1.33 14.21
CA PHE A 225 -29.73 1.77 14.65
C PHE A 225 -28.86 1.91 13.39
N VAL A 226 -28.15 3.03 13.35
CA VAL A 226 -27.23 3.35 12.28
C VAL A 226 -25.85 3.48 12.87
N PRO A 227 -25.05 2.39 12.80
CA PRO A 227 -23.66 2.46 13.27
C PRO A 227 -22.88 3.61 12.66
N ALA A 228 -21.94 4.14 13.43
CA ALA A 228 -21.04 5.16 12.93
C ALA A 228 -19.90 4.43 12.25
N LYS A 229 -19.23 5.12 11.31
CA LYS A 229 -18.01 4.66 10.66
C LYS A 229 -16.95 4.25 11.66
N ARG A 230 -16.07 3.33 11.26
CA ARG A 230 -14.77 3.31 11.90
C ARG A 230 -13.65 3.16 10.88
N THR A 231 -12.49 3.70 11.26
CA THR A 231 -11.26 3.66 10.48
C THR A 231 -10.37 2.59 11.10
N ASN A 232 -9.68 1.78 10.29
CA ASN A 232 -8.83 0.73 10.83
C ASN A 232 -9.63 -0.14 11.78
N ALA A 233 -10.87 -0.43 11.38
CA ALA A 233 -11.68 -1.46 12.00
C ALA A 233 -10.95 -2.79 12.20
N ARG A 234 -11.25 -3.45 13.33
CA ARG A 234 -10.73 -4.80 13.60
C ARG A 234 -11.46 -5.41 14.80
N GLY A 235 -12.00 -6.61 14.57
CA GLY A 235 -12.88 -7.23 15.55
C GLY A 235 -14.27 -6.63 15.42
N THR A 236 -15.18 -7.11 16.26
CA THR A 236 -16.58 -6.72 16.12
C THR A 236 -16.76 -5.30 16.64
N SER A 237 -17.83 -4.67 16.18
CA SER A 237 -18.18 -3.35 16.64
C SER A 237 -18.75 -3.41 18.07
N TRP A 238 -19.43 -4.52 18.38
CA TRP A 238 -20.31 -4.68 19.53
C TRP A 238 -19.67 -5.44 20.70
N GLY A 239 -18.62 -6.22 20.44
CA GLY A 239 -17.99 -7.05 21.47
C GLY A 239 -16.88 -6.38 22.26
N ASN A 240 -17.07 -5.11 22.60
CA ASN A 240 -16.62 -4.48 23.85
C ASN A 240 -17.83 -3.54 24.01
N GLY A 241 -17.84 -2.52 24.84
CA GLY A 241 -19.10 -1.79 25.09
C GLY A 241 -20.28 -1.66 24.09
N THR A 242 -21.43 -1.42 24.74
CA THR A 242 -22.46 -0.50 24.30
C THR A 242 -21.78 0.52 23.27
N PRO A 243 -21.92 0.30 21.91
CA PRO A 243 -21.41 0.90 20.62
C PRO A 243 -21.85 2.31 20.02
N GLU A 244 -20.97 3.00 19.26
CA GLU A 244 -21.35 4.31 18.63
C GLU A 244 -22.24 4.20 17.38
N GLY A 245 -23.08 5.21 17.14
CA GLY A 245 -24.18 5.10 16.18
C GLY A 245 -25.46 5.81 16.62
N GLU A 246 -26.48 5.66 15.77
CA GLU A 246 -27.58 6.61 15.66
C GLU A 246 -28.94 5.93 15.73
N SER A 247 -29.72 6.22 16.77
CA SER A 247 -31.04 5.63 16.85
C SER A 247 -32.09 6.43 16.13
N LEU A 248 -32.76 5.81 15.17
CA LEU A 248 -33.78 6.49 14.41
C LEU A 248 -35.17 5.90 14.57
N PRO A 249 -36.13 6.73 14.97
CA PRO A 249 -37.50 6.28 15.24
C PRO A 249 -38.16 5.64 14.02
N LEU A 250 -38.86 4.53 14.25
CA LEU A 250 -39.59 3.92 13.17
C LEU A 250 -40.61 4.86 12.49
N ASP A 251 -41.05 5.89 13.19
CA ASP A 251 -41.95 6.84 12.56
C ASP A 251 -41.26 7.93 11.69
N GLN A 252 -39.92 7.95 11.63
CA GLN A 252 -39.22 8.79 10.68
C GLN A 252 -38.88 8.02 9.36
N PHE A 253 -39.53 6.87 9.18
CA PHE A 253 -39.41 6.03 7.96
C PHE A 253 -40.74 5.91 7.24
N TYR A 254 -40.78 6.17 5.93
CA TYR A 254 -41.89 5.69 5.10
C TYR A 254 -41.75 4.18 4.94
N VAL A 255 -42.79 3.44 5.33
CA VAL A 255 -42.78 2.00 5.14
C VAL A 255 -43.43 1.69 3.79
N VAL A 256 -42.62 1.14 2.90
CA VAL A 256 -42.97 0.97 1.51
C VAL A 256 -43.57 -0.45 1.39
N LYS A 257 -44.79 -0.54 0.81
CA LYS A 257 -45.53 -1.81 0.53
C LYS A 257 -46.28 -1.82 -0.87
N PRO A 258 -47.60 -2.30 -1.03
CA PRO A 258 -47.95 -2.67 -2.41
C PRO A 258 -49.06 -1.83 -3.08
N GLY A 259 -48.71 -0.86 -3.93
CA GLY A 259 -49.67 0.17 -4.28
C GLY A 259 -49.01 1.54 -4.27
N ALA A 260 -48.20 1.80 -3.23
CA ALA A 260 -47.08 2.76 -3.27
C ALA A 260 -46.49 2.90 -4.67
N THR A 261 -45.87 4.05 -4.96
CA THR A 261 -45.12 4.24 -6.21
C THR A 261 -43.80 5.01 -6.09
N ALA A 262 -42.98 4.94 -7.14
CA ALA A 262 -41.79 5.80 -7.19
C ALA A 262 -42.14 7.28 -7.01
N GLU A 263 -43.24 7.76 -7.59
CA GLU A 263 -43.77 9.09 -7.24
C GLU A 263 -43.82 9.26 -5.71
N THR A 264 -44.53 8.36 -5.05
CA THR A 264 -44.67 8.38 -3.61
C THR A 264 -43.35 8.19 -2.81
N ILE A 265 -42.58 7.17 -3.17
CA ILE A 265 -41.31 6.91 -2.50
C ILE A 265 -40.43 8.16 -2.60
N ASN A 266 -40.43 8.78 -3.77
CA ASN A 266 -39.62 9.98 -3.99
C ASN A 266 -40.15 11.16 -3.19
N ALA A 267 -41.47 11.28 -3.14
CA ALA A 267 -42.13 12.27 -2.31
C ALA A 267 -41.62 12.14 -0.88
N ALA A 268 -41.76 10.94 -0.32
CA ALA A 268 -41.26 10.66 1.05
C ALA A 268 -39.83 11.18 1.31
N VAL A 269 -38.87 10.83 0.46
CA VAL A 269 -37.49 11.22 0.76
C VAL A 269 -37.36 12.75 0.72
N ASP A 270 -38.13 13.33 -0.19
CA ASP A 270 -38.21 14.78 -0.31
C ASP A 270 -38.85 15.43 0.93
N GLN A 271 -39.74 14.70 1.59
CA GLN A 271 -40.59 15.26 2.63
C GLN A 271 -40.16 14.98 4.09
N GLY A 272 -39.00 14.31 4.29
CA GLY A 272 -38.50 14.02 5.63
C GLY A 272 -37.98 12.62 5.88
N LEU A 273 -38.61 11.67 5.20
CA LEU A 273 -38.63 10.28 5.63
C LEU A 273 -37.47 9.49 5.05
N HIS A 274 -36.95 8.60 5.88
CA HIS A 274 -36.09 7.50 5.44
C HIS A 274 -37.00 6.45 4.78
N LEU A 275 -36.40 5.41 4.22
CA LEU A 275 -37.18 4.37 3.52
C LEU A 275 -36.97 3.00 4.12
N LEU A 276 -38.07 2.32 4.44
CA LEU A 276 -37.98 0.92 4.85
C LEU A 276 -38.80 0.15 3.86
N PHE A 277 -38.12 -0.64 3.04
CA PHE A 277 -38.81 -1.48 2.06
C PHE A 277 -39.17 -2.79 2.69
N THR A 278 -40.47 -3.00 2.87
CA THR A 278 -40.95 -4.29 3.34
C THR A 278 -40.76 -5.35 2.28
N PRO A 279 -40.59 -6.62 2.70
CA PRO A 279 -40.36 -7.71 1.76
C PRO A 279 -41.47 -7.73 0.72
N GLY A 280 -41.05 -7.61 -0.54
CA GLY A 280 -41.97 -7.56 -1.65
C GLY A 280 -41.23 -7.18 -2.91
N VAL A 281 -42.00 -6.91 -3.96
CA VAL A 281 -41.45 -6.60 -5.28
C VAL A 281 -42.08 -5.31 -5.78
N TYR A 282 -41.23 -4.35 -6.07
CA TYR A 282 -41.60 -2.98 -6.36
C TYR A 282 -41.22 -2.66 -7.81
N HIS A 283 -42.20 -2.72 -8.69
CA HIS A 283 -41.97 -2.35 -10.08
C HIS A 283 -42.13 -0.85 -10.13
N VAL A 284 -41.09 -0.17 -10.58
CA VAL A 284 -41.15 1.27 -10.66
C VAL A 284 -41.12 1.75 -12.13
N ASP A 285 -42.03 2.67 -12.42
CA ASP A 285 -42.19 3.23 -13.76
C ASP A 285 -41.13 4.23 -14.07
N GLN A 286 -40.57 4.78 -13.00
CA GLN A 286 -39.46 5.73 -13.02
C GLN A 286 -38.46 5.45 -11.88
N PRO A 287 -37.36 6.22 -11.83
CA PRO A 287 -36.37 5.95 -10.78
C PRO A 287 -36.75 6.46 -9.41
N ILE A 288 -36.29 5.72 -8.42
CA ILE A 288 -36.28 6.19 -7.05
C ILE A 288 -35.09 7.15 -6.91
N GLU A 289 -35.32 8.34 -6.34
CA GLU A 289 -34.29 9.38 -6.28
C GLU A 289 -33.96 9.76 -4.84
N ILE A 290 -32.89 9.19 -4.30
CA ILE A 290 -32.45 9.56 -2.95
C ILE A 290 -31.57 10.82 -3.09
N ASP A 291 -32.15 11.97 -2.78
CA ASP A 291 -31.38 13.22 -2.93
C ASP A 291 -31.29 14.02 -1.64
N ARG A 292 -31.30 13.30 -0.52
CA ARG A 292 -31.17 13.91 0.80
C ARG A 292 -30.05 13.22 1.55
N ALA A 293 -29.12 14.03 2.05
CA ALA A 293 -28.03 13.50 2.81
C ALA A 293 -28.58 12.70 4.00
N ASN A 294 -27.85 11.65 4.38
CA ASN A 294 -28.14 10.87 5.57
C ASN A 294 -29.32 9.90 5.48
N THR A 295 -29.94 9.85 4.31
CA THR A 295 -31.11 8.98 4.10
C THR A 295 -30.71 7.52 4.18
N VAL A 296 -31.40 6.78 5.04
CA VAL A 296 -31.32 5.34 5.09
C VAL A 296 -32.40 4.72 4.21
N ALA A 297 -31.98 3.80 3.35
CA ALA A 297 -32.93 3.06 2.50
C ALA A 297 -32.66 1.60 2.78
N LEU A 298 -33.46 1.00 3.65
CA LEU A 298 -33.21 -0.31 4.23
C LEU A 298 -34.28 -1.28 3.75
N GLY A 299 -33.83 -2.41 3.20
CA GLY A 299 -34.73 -3.43 2.72
C GLY A 299 -34.80 -4.59 3.70
N LEU A 300 -35.99 -5.20 3.75
CA LEU A 300 -36.29 -6.39 4.53
C LEU A 300 -36.61 -7.55 3.59
N GLY A 301 -36.14 -8.75 3.94
CA GLY A 301 -36.54 -9.97 3.25
C GLY A 301 -36.28 -9.97 1.74
N LEU A 302 -35.12 -9.45 1.33
CA LEU A 302 -34.74 -9.45 -0.08
C LEU A 302 -35.72 -8.61 -0.93
N ALA A 303 -36.24 -7.53 -0.33
CA ALA A 303 -37.06 -6.58 -1.05
C ALA A 303 -36.37 -6.24 -2.36
N THR A 304 -37.18 -6.26 -3.41
CA THR A 304 -36.70 -6.21 -4.78
C THR A 304 -37.31 -5.05 -5.54
N ILE A 305 -36.49 -4.35 -6.32
CA ILE A 305 -36.96 -3.27 -7.19
C ILE A 305 -36.73 -3.67 -8.65
N ILE A 306 -37.79 -3.58 -9.46
CA ILE A 306 -37.71 -3.83 -10.90
C ILE A 306 -38.04 -2.57 -11.66
N PRO A 307 -37.11 -2.05 -12.46
CA PRO A 307 -37.51 -0.90 -13.27
C PRO A 307 -38.28 -1.38 -14.51
N ASP A 308 -39.32 -0.64 -14.92
CA ASP A 308 -39.79 -0.76 -16.32
C ASP A 308 -39.33 0.40 -17.13
N ASN A 309 -39.63 0.29 -18.42
CA ASN A 309 -39.49 1.43 -19.33
C ASN A 309 -38.05 1.78 -19.61
N GLY A 310 -37.13 0.95 -19.12
CA GLY A 310 -35.71 1.16 -19.31
C GLY A 310 -35.11 2.17 -18.38
N VAL A 311 -35.83 2.54 -17.31
CA VAL A 311 -35.27 3.53 -16.40
C VAL A 311 -34.22 2.92 -15.45
N THR A 312 -33.47 3.82 -14.83
CA THR A 312 -32.58 3.48 -13.76
C THR A 312 -33.46 3.20 -12.52
N ALA A 313 -33.15 2.14 -11.80
CA ALA A 313 -33.96 1.77 -10.62
C ALA A 313 -33.75 2.70 -9.42
N LEU A 314 -32.50 3.12 -9.21
CA LEU A 314 -32.14 3.73 -7.96
C LEU A 314 -31.02 4.71 -8.26
N LYS A 315 -31.32 5.98 -8.02
CA LYS A 315 -30.31 7.06 -8.20
C LYS A 315 -30.09 7.80 -6.90
N VAL A 316 -28.83 7.85 -6.45
CA VAL A 316 -28.45 8.67 -5.31
C VAL A 316 -27.73 9.93 -5.78
N GLY A 317 -28.18 11.09 -5.34
CA GLY A 317 -27.52 12.35 -5.67
C GLY A 317 -26.13 12.51 -5.04
N ASP A 318 -25.55 13.70 -5.19
CA ASP A 318 -24.21 14.00 -4.70
C ASP A 318 -24.21 14.49 -3.27
N VAL A 319 -24.79 13.67 -2.41
CA VAL A 319 -24.95 13.99 -1.00
C VAL A 319 -24.23 12.99 -0.10
N ASP A 320 -23.81 13.48 1.06
CA ASP A 320 -23.18 12.68 2.14
C ASP A 320 -24.16 11.63 2.72
N GLY A 321 -23.60 10.51 3.22
CA GLY A 321 -24.26 9.76 4.28
C GLY A 321 -25.42 8.87 3.93
N VAL A 322 -25.70 8.67 2.65
CA VAL A 322 -26.83 7.82 2.26
C VAL A 322 -26.42 6.37 2.49
N LYS A 323 -27.32 5.58 3.10
CA LYS A 323 -27.03 4.19 3.45
C LYS A 323 -28.05 3.32 2.76
N VAL A 324 -27.70 2.75 1.62
CA VAL A 324 -28.59 1.80 0.91
C VAL A 324 -28.22 0.38 1.38
N ALA A 325 -29.22 -0.41 1.76
CA ALA A 325 -28.90 -1.70 2.37
C ALA A 325 -29.98 -2.75 2.12
N GLY A 326 -29.57 -3.94 1.70
CA GLY A 326 -30.46 -5.07 1.69
C GLY A 326 -31.52 -5.08 0.63
N LEU A 327 -31.11 -4.72 -0.59
CA LEU A 327 -32.00 -4.63 -1.74
C LEU A 327 -31.48 -5.43 -2.91
N LEU A 328 -32.41 -6.07 -3.61
CA LEU A 328 -32.12 -6.75 -4.87
C LEU A 328 -32.74 -5.93 -6.01
N VAL A 329 -31.96 -5.59 -7.02
CA VAL A 329 -32.47 -4.91 -8.20
C VAL A 329 -32.45 -5.92 -9.36
N ASP A 330 -33.59 -6.11 -10.00
CA ASP A 330 -33.81 -7.21 -10.95
C ASP A 330 -34.21 -6.53 -12.26
N ALA A 331 -33.32 -6.56 -13.26
CA ALA A 331 -33.54 -5.86 -14.50
C ALA A 331 -34.85 -6.25 -15.15
N GLY A 332 -35.48 -5.28 -15.80
CA GLY A 332 -36.66 -5.55 -16.61
C GLY A 332 -36.27 -5.85 -18.06
N PRO A 333 -37.22 -6.36 -18.84
CA PRO A 333 -36.87 -6.70 -20.23
C PRO A 333 -36.40 -5.51 -21.07
N VAL A 334 -36.85 -4.28 -20.76
CA VAL A 334 -36.35 -3.12 -21.47
C VAL A 334 -34.98 -2.74 -20.93
N ASN A 335 -33.99 -2.72 -21.81
CA ASN A 335 -32.63 -2.44 -21.40
C ASN A 335 -32.55 -1.11 -20.65
N SER A 336 -32.12 -1.17 -19.41
CA SER A 336 -31.82 0.05 -18.69
C SER A 336 -30.37 0.44 -18.97
N GLU A 337 -30.13 1.69 -19.30
CA GLU A 337 -28.76 2.18 -19.53
C GLU A 337 -27.92 2.09 -18.24
N THR A 338 -28.59 2.28 -17.10
CA THR A 338 -27.99 1.96 -15.80
C THR A 338 -29.07 1.39 -14.88
N LEU A 339 -28.68 0.55 -13.92
CA LEU A 339 -29.63 0.11 -12.91
C LEU A 339 -29.53 0.89 -11.56
N VAL A 340 -28.31 1.19 -11.14
CA VAL A 340 -28.04 1.92 -9.91
C VAL A 340 -26.97 2.95 -10.24
N GLU A 341 -27.24 4.23 -9.94
CA GLU A 341 -26.24 5.32 -10.09
C GLU A 341 -26.00 5.92 -8.72
N VAL A 342 -24.73 5.97 -8.32
CA VAL A 342 -24.39 6.57 -7.03
C VAL A 342 -23.61 7.85 -7.30
N GLY A 343 -24.34 8.94 -7.20
CA GLY A 343 -23.86 10.22 -7.62
C GLY A 343 -24.17 10.38 -9.10
N SER A 344 -24.26 11.62 -9.51
CA SER A 344 -24.45 11.96 -10.95
C SER A 344 -23.20 11.71 -11.83
N ASP A 345 -23.31 11.92 -13.12
CA ASP A 345 -22.14 11.97 -13.97
C ASP A 345 -21.31 13.28 -13.86
N GLY A 346 -20.03 13.16 -13.48
CA GLY A 346 -19.21 14.36 -13.30
C GLY A 346 -19.04 14.88 -11.85
N ALA A 347 -19.55 14.12 -10.87
CA ALA A 347 -19.41 14.38 -9.40
C ALA A 347 -18.00 14.60 -8.83
N SER A 348 -17.59 15.83 -8.50
CA SER A 348 -16.19 16.03 -8.06
C SER A 348 -16.02 16.51 -6.61
N GLY A 349 -17.12 16.52 -5.86
CA GLY A 349 -17.04 16.72 -4.42
C GLY A 349 -16.68 15.51 -3.57
N ASP A 350 -16.23 15.78 -2.37
CA ASP A 350 -15.71 14.72 -1.53
C ASP A 350 -16.69 14.44 -0.40
N HIS A 351 -16.71 13.20 0.09
CA HIS A 351 -17.67 12.80 1.10
C HIS A 351 -16.97 12.01 2.22
N ALA A 352 -15.74 12.42 2.58
CA ALA A 352 -14.84 11.60 3.41
C ALA A 352 -15.32 11.35 4.83
N ALA A 353 -15.86 12.40 5.45
CA ALA A 353 -16.29 12.32 6.85
C ALA A 353 -17.52 11.42 7.00
N ASN A 354 -18.41 11.49 6.02
CA ASN A 354 -19.65 10.74 6.07
C ASN A 354 -20.03 10.24 4.66
N PRO A 355 -19.46 9.08 4.27
CA PRO A 355 -19.69 8.58 2.93
C PRO A 355 -21.09 8.05 2.67
N THR A 356 -21.39 7.84 1.39
CA THR A 356 -22.56 7.05 1.01
C THR A 356 -22.06 5.61 0.88
N SER A 357 -22.89 4.65 1.28
CA SER A 357 -22.54 3.23 1.19
C SER A 357 -23.66 2.44 0.50
N LEU A 358 -23.26 1.40 -0.22
CA LEU A 358 -24.17 0.34 -0.64
C LEU A 358 -23.79 -0.92 0.10
N GLN A 359 -24.75 -1.53 0.80
CA GLN A 359 -24.47 -2.77 1.53
C GLN A 359 -25.52 -3.83 1.22
N ASP A 360 -25.06 -5.04 0.93
CA ASP A 360 -26.01 -6.10 0.54
C ASP A 360 -26.99 -5.56 -0.50
N VAL A 361 -26.41 -4.95 -1.52
CA VAL A 361 -27.14 -4.54 -2.70
C VAL A 361 -26.78 -5.53 -3.78
N PHE A 362 -27.79 -6.20 -4.29
CA PHE A 362 -27.57 -7.27 -5.26
C PHE A 362 -28.25 -6.81 -6.56
N VAL A 363 -27.68 -7.24 -7.67
CA VAL A 363 -28.28 -6.96 -8.96
C VAL A 363 -28.37 -8.25 -9.74
N ARG A 364 -29.48 -8.43 -10.45
CA ARG A 364 -29.69 -9.58 -11.32
C ARG A 364 -30.14 -9.11 -12.69
N ILE A 365 -29.56 -9.71 -13.74
CA ILE A 365 -30.00 -9.46 -15.11
C ILE A 365 -30.39 -10.78 -15.76
N GLY A 366 -31.70 -10.98 -15.92
CA GLY A 366 -32.25 -12.23 -16.43
C GLY A 366 -32.45 -13.28 -15.35
N GLY A 367 -33.05 -14.41 -15.72
CA GLY A 367 -33.11 -15.57 -14.83
C GLY A 367 -34.52 -15.81 -14.31
N ALA A 368 -35.24 -14.71 -14.15
CA ALA A 368 -36.56 -14.62 -13.55
C ALA A 368 -37.47 -14.07 -14.66
N GLY A 369 -37.00 -14.25 -15.89
CA GLY A 369 -37.58 -13.59 -17.02
C GLY A 369 -36.53 -12.72 -17.65
N PRO A 370 -36.75 -12.41 -18.95
CA PRO A 370 -35.75 -11.58 -19.59
C PRO A 370 -35.54 -10.26 -18.88
N GLY A 371 -34.28 -9.86 -18.92
CA GLY A 371 -33.79 -8.65 -18.29
C GLY A 371 -32.56 -8.23 -19.04
N LYS A 372 -32.34 -6.92 -19.11
CA LYS A 372 -31.27 -6.34 -19.90
C LYS A 372 -30.84 -5.01 -19.27
N ALA A 373 -29.53 -4.77 -19.17
CA ALA A 373 -29.05 -3.47 -18.72
C ALA A 373 -27.66 -3.27 -19.27
N THR A 374 -27.30 -2.05 -19.65
CA THR A 374 -25.96 -1.82 -20.24
C THR A 374 -24.87 -1.78 -19.17
N THR A 375 -25.07 -0.93 -18.17
CA THR A 375 -24.24 -0.92 -16.97
C THR A 375 -25.14 -1.21 -15.76
N SER A 376 -24.66 -1.96 -14.80
CA SER A 376 -25.49 -2.28 -13.66
C SER A 376 -25.32 -1.32 -12.48
N ILE A 377 -24.08 -1.02 -12.10
CA ILE A 377 -23.84 -0.03 -11.07
C ILE A 377 -22.73 0.92 -11.49
N VAL A 378 -23.07 2.22 -11.46
CA VAL A 378 -22.11 3.28 -11.68
C VAL A 378 -21.85 4.00 -10.38
N VAL A 379 -20.58 4.07 -9.98
CA VAL A 379 -20.19 4.75 -8.74
C VAL A 379 -19.43 6.02 -9.11
N ASN A 380 -20.15 7.14 -9.10
CA ASN A 380 -19.53 8.42 -9.34
C ASN A 380 -19.08 9.15 -8.07
N SER A 381 -19.78 8.91 -6.96
CA SER A 381 -19.50 9.61 -5.69
C SER A 381 -18.12 9.29 -5.09
N ASN A 382 -17.30 10.31 -4.85
CA ASN A 382 -16.04 10.09 -4.18
C ASN A 382 -16.31 9.50 -2.79
N ASP A 383 -15.41 8.65 -2.35
CA ASP A 383 -15.36 8.12 -0.98
C ASP A 383 -16.45 7.08 -0.66
N THR A 384 -17.15 6.64 -1.69
CA THR A 384 -18.22 5.64 -1.56
C THR A 384 -17.69 4.29 -1.09
N ILE A 385 -18.45 3.64 -0.22
CA ILE A 385 -18.10 2.30 0.25
C ILE A 385 -19.12 1.33 -0.32
N ILE A 386 -18.64 0.30 -1.01
CA ILE A 386 -19.52 -0.79 -1.49
C ILE A 386 -19.11 -2.00 -0.66
N ASP A 387 -19.92 -2.33 0.36
CA ASP A 387 -19.59 -3.37 1.33
C ASP A 387 -20.58 -4.53 1.17
N HIS A 388 -20.13 -5.50 0.37
CA HIS A 388 -20.88 -6.66 -0.10
C HIS A 388 -21.86 -6.29 -1.21
N THR A 389 -21.48 -6.64 -2.43
CA THR A 389 -22.40 -6.59 -3.55
C THR A 389 -22.24 -7.86 -4.42
N TRP A 390 -23.35 -8.31 -5.02
CA TRP A 390 -23.31 -9.37 -6.04
C TRP A 390 -24.06 -8.80 -7.23
N VAL A 391 -23.32 -8.59 -8.31
CA VAL A 391 -23.84 -8.03 -9.55
C VAL A 391 -23.73 -9.18 -10.58
N TRP A 392 -24.88 -9.72 -10.98
CA TRP A 392 -24.93 -11.03 -11.65
C TRP A 392 -25.78 -11.04 -12.91
N ARG A 393 -25.16 -11.27 -14.05
CA ARG A 393 -25.90 -11.58 -15.25
C ARG A 393 -26.22 -13.08 -15.17
N ALA A 394 -27.49 -13.43 -15.27
CA ALA A 394 -27.92 -14.82 -15.05
C ALA A 394 -27.31 -15.80 -16.07
N ASP A 395 -26.93 -17.00 -15.57
CA ASP A 395 -26.45 -18.09 -16.44
C ASP A 395 -27.46 -19.25 -16.46
N HIS A 396 -28.53 -19.14 -15.68
CA HIS A 396 -29.56 -20.16 -15.64
C HIS A 396 -30.88 -19.48 -15.31
N GLY A 397 -31.98 -20.16 -15.64
CA GLY A 397 -33.33 -19.68 -15.36
C GLY A 397 -34.08 -19.28 -16.62
N GLU A 398 -34.76 -18.14 -16.52
CA GLU A 398 -35.58 -17.53 -17.59
C GLU A 398 -35.03 -16.28 -18.27
N GLY A 399 -35.16 -16.20 -19.59
CA GLY A 399 -34.77 -14.97 -20.25
C GLY A 399 -33.27 -14.91 -20.44
N VAL A 400 -32.61 -16.08 -20.42
CA VAL A 400 -31.14 -16.19 -20.53
C VAL A 400 -30.64 -16.45 -21.99
N GLY A 401 -29.64 -15.68 -22.40
CA GLY A 401 -29.12 -15.74 -23.77
C GLY A 401 -28.06 -14.68 -23.98
N TRP A 402 -27.04 -15.02 -24.77
CA TRP A 402 -25.97 -14.07 -25.10
C TRP A 402 -26.52 -12.69 -25.52
N GLU A 403 -27.61 -12.71 -26.30
CA GLU A 403 -28.34 -11.49 -26.66
C GLU A 403 -29.52 -11.26 -25.72
N THR A 404 -30.33 -12.30 -25.56
CA THR A 404 -31.52 -12.26 -24.71
C THR A 404 -31.31 -11.51 -23.36
N ASN A 405 -30.39 -11.93 -22.48
CA ASN A 405 -30.10 -11.15 -21.27
C ASN A 405 -28.69 -10.50 -21.33
N ARG A 406 -28.41 -9.92 -22.48
CA ARG A 406 -27.18 -9.16 -22.67
C ARG A 406 -27.02 -8.08 -21.59
N ALA A 407 -25.85 -8.06 -20.98
CA ALA A 407 -25.52 -7.02 -19.99
C ALA A 407 -24.03 -6.79 -20.13
N ASP A 408 -23.63 -5.64 -20.66
CA ASP A 408 -22.22 -5.55 -21.06
C ASP A 408 -21.27 -5.18 -19.95
N TYR A 409 -21.73 -4.35 -19.01
CA TYR A 409 -20.86 -3.83 -17.97
C TYR A 409 -21.50 -4.04 -16.60
N GLY A 410 -20.71 -4.57 -15.68
CA GLY A 410 -21.23 -4.88 -14.34
C GLY A 410 -21.20 -3.67 -13.44
N VAL A 411 -20.01 -3.34 -12.98
CA VAL A 411 -19.76 -2.24 -12.05
C VAL A 411 -18.70 -1.37 -12.66
N HIS A 412 -18.92 -0.06 -12.52
CA HIS A 412 -17.94 0.87 -13.02
C HIS A 412 -17.78 2.02 -12.04
N VAL A 413 -16.55 2.13 -11.54
CA VAL A 413 -16.26 3.06 -10.48
C VAL A 413 -15.57 4.25 -11.10
N LYS A 414 -16.29 5.38 -11.10
CA LYS A 414 -15.79 6.66 -11.60
C LYS A 414 -15.24 7.59 -10.52
N GLY A 415 -15.73 7.47 -9.27
CA GLY A 415 -15.30 8.32 -8.16
C GLY A 415 -13.91 8.02 -7.61
N ASP A 416 -13.33 8.98 -6.89
CA ASP A 416 -12.04 8.82 -6.22
C ASP A 416 -12.21 8.23 -4.82
N ASN A 417 -11.22 7.49 -4.36
CA ASN A 417 -11.14 7.02 -2.96
C ASN A 417 -12.29 6.08 -2.61
N VAL A 418 -12.77 5.38 -3.63
CA VAL A 418 -13.89 4.41 -3.45
C VAL A 418 -13.31 3.10 -2.92
N LEU A 419 -14.00 2.47 -1.96
CA LEU A 419 -13.54 1.22 -1.37
C LEU A 419 -14.60 0.19 -1.64
N ALA A 420 -14.19 -0.95 -2.17
CA ALA A 420 -15.06 -2.13 -2.25
C ALA A 420 -14.54 -3.25 -1.34
N THR A 421 -15.41 -3.73 -0.46
CA THR A 421 -15.12 -4.84 0.44
C THR A 421 -16.15 -5.95 0.19
N GLY A 422 -15.69 -7.06 -0.35
CA GLY A 422 -16.60 -8.15 -0.71
C GLY A 422 -17.33 -7.91 -2.05
N LEU A 423 -16.56 -7.90 -3.12
CA LEU A 423 -17.05 -7.55 -4.45
C LEU A 423 -17.21 -8.81 -5.31
N PHE A 424 -18.45 -9.16 -5.67
CA PHE A 424 -18.73 -10.37 -6.44
C PHE A 424 -19.46 -9.89 -7.75
N VAL A 425 -18.86 -10.08 -8.91
CA VAL A 425 -19.46 -9.60 -10.17
C VAL A 425 -19.22 -10.66 -11.24
N GLU A 426 -20.30 -11.10 -11.91
CA GLU A 426 -20.22 -12.29 -12.78
C GLU A 426 -21.02 -12.18 -14.07
N HIS A 427 -20.38 -12.63 -15.15
CA HIS A 427 -21.01 -13.07 -16.42
C HIS A 427 -21.32 -11.98 -17.47
N PHE A 428 -20.78 -10.78 -17.29
CA PHE A 428 -21.01 -9.70 -18.22
C PHE A 428 -20.40 -9.92 -19.62
N ASN A 429 -21.10 -9.39 -20.63
CA ASN A 429 -20.69 -9.60 -22.03
C ASN A 429 -19.36 -8.89 -22.34
N LYS A 430 -19.09 -7.79 -21.64
CA LYS A 430 -17.82 -7.08 -21.74
C LYS A 430 -17.17 -6.98 -20.35
N TYR A 431 -16.69 -5.79 -19.93
CA TYR A 431 -15.98 -5.71 -18.66
C TYR A 431 -16.89 -5.90 -17.44
N ASP A 432 -16.63 -6.91 -16.60
CA ASP A 432 -17.44 -7.09 -15.42
C ASP A 432 -17.26 -5.88 -14.48
N VAL A 433 -16.00 -5.49 -14.28
CA VAL A 433 -15.69 -4.32 -13.47
C VAL A 433 -14.69 -3.43 -14.17
N GLN A 434 -14.95 -2.12 -14.21
CA GLN A 434 -13.99 -1.10 -14.63
C GLN A 434 -13.82 -0.06 -13.55
N TRP A 435 -12.59 0.39 -13.37
CA TRP A 435 -12.27 1.36 -12.35
C TRP A 435 -11.51 2.52 -13.02
N SER A 436 -12.24 3.66 -13.06
CA SER A 436 -11.85 4.97 -13.61
C SER A 436 -11.17 5.88 -12.61
N GLY A 437 -11.83 6.05 -11.47
CA GLY A 437 -11.38 6.98 -10.45
C GLY A 437 -10.05 6.60 -9.84
N GLU A 438 -9.49 7.56 -9.11
CA GLU A 438 -8.18 7.38 -8.50
C GLU A 438 -8.33 6.83 -7.05
N ASN A 439 -7.24 6.27 -6.55
CA ASN A 439 -7.13 5.89 -5.14
C ASN A 439 -8.11 4.79 -4.73
N GLY A 440 -8.57 4.01 -5.70
CA GLY A 440 -9.47 2.91 -5.45
C GLY A 440 -8.82 1.75 -4.71
N LYS A 441 -9.63 1.06 -3.90
CA LYS A 441 -9.22 -0.12 -3.18
C LYS A 441 -10.30 -1.18 -3.25
N THR A 442 -9.90 -2.42 -3.55
CA THR A 442 -10.79 -3.58 -3.50
C THR A 442 -10.18 -4.64 -2.62
N ILE A 443 -10.95 -5.04 -1.60
CA ILE A 443 -10.57 -6.13 -0.69
C ILE A 443 -11.59 -7.27 -0.93
N PHE A 444 -11.09 -8.31 -1.61
CA PHE A 444 -11.82 -9.49 -2.06
C PHE A 444 -12.66 -9.24 -3.31
N TYR A 445 -12.32 -9.98 -4.37
CA TYR A 445 -13.07 -9.97 -5.62
C TYR A 445 -13.30 -11.40 -6.05
N GLN A 446 -14.54 -11.68 -6.44
CA GLN A 446 -14.87 -12.95 -7.07
C GLN A 446 -15.63 -12.70 -8.37
N ASN A 447 -15.11 -13.27 -9.46
CA ASN A 447 -15.71 -13.15 -10.78
C ASN A 447 -15.82 -14.51 -11.44
N ALA A 448 -16.83 -14.65 -12.30
CA ALA A 448 -16.83 -15.72 -13.32
C ALA A 448 -17.16 -15.04 -14.65
N LYS A 449 -16.50 -15.46 -15.70
CA LYS A 449 -16.72 -14.88 -17.04
C LYS A 449 -17.95 -15.55 -17.67
N ALA A 450 -18.60 -14.84 -18.58
CA ALA A 450 -19.79 -15.33 -19.28
C ALA A 450 -19.55 -16.72 -19.88
N TYR A 451 -20.48 -17.65 -19.61
CA TYR A 451 -20.32 -19.05 -20.07
C TYR A 451 -20.69 -19.17 -21.53
N ASP A 452 -21.43 -18.18 -22.03
CA ASP A 452 -22.15 -18.29 -23.28
C ASP A 452 -21.67 -17.40 -24.43
N ALA A 453 -20.45 -16.85 -24.31
CA ALA A 453 -19.75 -16.28 -25.45
C ALA A 453 -19.77 -17.29 -26.61
N PRO A 454 -20.29 -16.90 -27.77
CA PRO A 454 -20.41 -17.95 -28.80
C PRO A 454 -19.15 -18.28 -29.60
N ASP A 455 -18.21 -17.37 -29.60
CA ASP A 455 -16.93 -17.62 -30.26
C ASP A 455 -15.94 -16.52 -29.90
N GLN A 456 -14.71 -16.69 -30.39
CA GLN A 456 -13.63 -15.77 -30.03
C GLN A 456 -13.90 -14.31 -30.44
N ALA A 457 -14.44 -14.13 -31.65
CA ALA A 457 -14.58 -12.78 -32.22
C ALA A 457 -15.53 -11.94 -31.38
N ALA A 458 -16.52 -12.63 -30.82
CA ALA A 458 -17.61 -12.03 -30.05
C ALA A 458 -17.19 -11.40 -28.72
N ILE A 459 -16.03 -11.78 -28.21
CA ILE A 459 -15.47 -11.17 -27.00
C ILE A 459 -14.17 -10.44 -27.29
N GLN A 460 -14.01 -10.01 -28.53
CA GLN A 460 -12.81 -9.28 -28.89
C GLN A 460 -12.84 -7.86 -28.37
N ASN A 461 -11.68 -7.45 -27.89
CA ASN A 461 -11.52 -6.21 -27.17
C ASN A 461 -10.31 -5.46 -27.74
N GLY A 462 -10.37 -5.13 -29.04
CA GLY A 462 -9.22 -4.51 -29.71
C GLY A 462 -8.16 -5.57 -30.04
N ASP A 463 -6.90 -5.32 -29.66
CA ASP A 463 -5.81 -6.33 -29.78
C ASP A 463 -5.71 -7.24 -28.54
N ILE A 464 -6.82 -7.34 -27.79
CA ILE A 464 -7.04 -8.25 -26.66
C ILE A 464 -8.16 -9.25 -26.94
N LYS A 465 -7.92 -10.53 -26.62
CA LYS A 465 -8.95 -11.57 -26.59
C LYS A 465 -9.75 -11.54 -25.28
N GLY A 466 -11.04 -11.30 -25.37
CA GLY A 466 -11.85 -11.20 -24.17
C GLY A 466 -11.74 -9.86 -23.50
N TYR A 467 -12.56 -9.66 -22.45
CA TYR A 467 -12.61 -8.41 -21.68
C TYR A 467 -12.24 -8.79 -20.28
N ALA A 468 -11.31 -8.05 -19.67
CA ALA A 468 -10.91 -8.31 -18.30
C ALA A 468 -12.12 -8.39 -17.39
N ALA A 469 -12.03 -9.25 -16.39
CA ALA A 469 -13.01 -9.26 -15.34
C ALA A 469 -12.88 -8.01 -14.46
N TYR A 470 -11.68 -7.45 -14.41
CA TYR A 470 -11.42 -6.28 -13.56
C TYR A 470 -10.34 -5.47 -14.22
N LYS A 471 -10.74 -4.29 -14.67
CA LYS A 471 -9.86 -3.43 -15.43
C LYS A 471 -9.72 -2.10 -14.78
N VAL A 472 -8.51 -1.59 -14.84
CA VAL A 472 -8.20 -0.25 -14.35
C VAL A 472 -7.89 0.75 -15.51
N ASP A 473 -8.55 1.93 -15.50
CA ASP A 473 -8.48 3.01 -16.52
C ASP A 473 -6.97 3.44 -16.61
N ASP A 474 -6.41 3.54 -17.81
CA ASP A 474 -4.93 3.69 -17.98
C ASP A 474 -4.40 5.02 -17.44
N SER A 475 -5.30 5.95 -17.24
CA SER A 475 -4.97 7.25 -16.66
C SER A 475 -4.75 7.13 -15.14
N VAL A 476 -5.19 6.01 -14.56
CA VAL A 476 -5.14 5.80 -13.10
C VAL A 476 -3.70 5.73 -12.61
N THR A 477 -3.42 6.44 -11.52
CA THR A 477 -2.04 6.49 -11.01
C THR A 477 -1.95 5.70 -9.69
N THR A 478 -3.06 5.60 -8.97
CA THR A 478 -3.10 4.84 -7.71
C THR A 478 -4.31 3.90 -7.68
N HIS A 479 -4.08 2.66 -7.26
CA HIS A 479 -5.13 1.64 -7.12
C HIS A 479 -4.48 0.50 -6.36
N GLU A 480 -5.28 -0.24 -5.61
CA GLU A 480 -4.76 -1.38 -4.87
C GLU A 480 -5.88 -2.41 -4.70
N GLY A 481 -5.55 -3.66 -4.94
CA GLY A 481 -6.50 -4.75 -4.84
C GLY A 481 -5.86 -5.95 -4.14
N TRP A 482 -6.66 -6.64 -3.32
CA TRP A 482 -6.20 -7.77 -2.56
C TRP A 482 -7.17 -8.96 -2.67
N GLY A 483 -6.64 -10.15 -2.98
CA GLY A 483 -7.43 -11.36 -2.84
C GLY A 483 -8.54 -11.52 -3.88
N MET A 484 -8.11 -11.74 -5.12
CA MET A 484 -9.00 -11.55 -6.25
C MET A 484 -8.87 -12.63 -7.30
N GLY A 485 -10.01 -13.24 -7.65
CA GLY A 485 -10.01 -14.37 -8.56
C GLY A 485 -11.09 -14.29 -9.60
N SER A 486 -10.73 -14.68 -10.82
CA SER A 486 -11.66 -14.77 -11.94
C SER A 486 -11.63 -16.20 -12.47
N TYR A 487 -12.82 -16.78 -12.68
CA TYR A 487 -12.94 -18.14 -13.20
C TYR A 487 -13.66 -18.14 -14.55
N CYS A 488 -13.34 -19.13 -15.38
CA CYS A 488 -14.02 -19.27 -16.68
C CYS A 488 -14.64 -20.66 -16.82
N TYR A 489 -15.65 -20.72 -17.67
CA TYR A 489 -16.37 -21.97 -17.99
C TYR A 489 -17.12 -21.74 -19.28
N PHE A 490 -16.33 -21.62 -20.33
CA PHE A 490 -16.88 -21.36 -21.65
C PHE A 490 -17.50 -22.64 -22.22
N ASN A 491 -18.73 -22.91 -21.79
CA ASN A 491 -19.36 -24.14 -22.15
C ASN A 491 -20.18 -24.17 -23.42
N VAL A 492 -20.34 -23.02 -24.06
CA VAL A 492 -20.85 -22.92 -25.40
C VAL A 492 -19.72 -23.09 -26.43
N ASN A 493 -18.50 -22.77 -26.03
CA ASN A 493 -17.38 -22.92 -26.94
C ASN A 493 -16.07 -22.96 -26.15
N PRO A 494 -15.62 -24.17 -25.77
CA PRO A 494 -14.46 -24.17 -24.88
C PRO A 494 -13.12 -24.02 -25.64
N ASP A 495 -13.14 -23.79 -26.95
CA ASP A 495 -11.92 -23.41 -27.63
C ASP A 495 -11.54 -21.95 -27.40
N ILE A 496 -12.44 -21.22 -26.76
CA ILE A 496 -12.20 -19.80 -26.48
C ILE A 496 -11.01 -19.59 -25.57
N ARG A 497 -10.29 -18.49 -25.79
CA ARG A 497 -9.23 -18.02 -24.92
C ARG A 497 -9.60 -16.67 -24.36
N GLN A 498 -9.36 -16.51 -23.06
CA GLN A 498 -9.51 -15.25 -22.34
C GLN A 498 -8.09 -14.76 -22.03
N GLN A 499 -7.70 -13.58 -22.49
CA GLN A 499 -6.28 -13.22 -22.31
C GLN A 499 -5.86 -13.09 -20.86
N HIS A 500 -6.75 -12.54 -20.04
CA HIS A 500 -6.42 -12.34 -18.63
C HIS A 500 -7.68 -12.07 -17.80
N GLY A 501 -7.58 -12.27 -16.48
CA GLY A 501 -8.63 -11.85 -15.57
C GLY A 501 -8.59 -10.36 -15.28
N PHE A 502 -7.37 -9.81 -15.29
CA PHE A 502 -7.16 -8.45 -14.83
C PHE A 502 -6.39 -7.64 -15.86
N GLN A 503 -6.66 -6.35 -15.91
CA GLN A 503 -6.01 -5.43 -16.83
C GLN A 503 -5.75 -4.10 -16.10
N ALA A 504 -4.54 -3.58 -16.18
CA ALA A 504 -4.21 -2.32 -15.55
C ALA A 504 -2.97 -1.67 -16.15
N PRO A 505 -2.89 -0.33 -16.10
CA PRO A 505 -1.61 0.23 -16.53
C PRO A 505 -0.50 -0.11 -15.53
N VAL A 506 0.76 -0.18 -15.98
CA VAL A 506 1.86 -0.57 -15.11
C VAL A 506 2.53 0.68 -14.52
N LYS A 507 2.32 0.87 -13.21
CA LYS A 507 2.67 2.11 -12.51
C LYS A 507 2.95 1.77 -11.07
N PRO A 508 3.95 2.43 -10.47
CA PRO A 508 4.29 2.04 -9.09
C PRO A 508 3.17 2.21 -8.05
N GLY A 509 2.19 3.06 -8.32
CA GLY A 509 1.06 3.25 -7.42
C GLY A 509 -0.10 2.26 -7.61
N VAL A 510 -0.02 1.41 -8.63
CA VAL A 510 -1.10 0.47 -9.04
C VAL A 510 -0.66 -0.96 -8.69
N LYS A 511 -1.04 -1.40 -7.50
CA LYS A 511 -0.48 -2.59 -6.83
C LYS A 511 -1.60 -3.62 -6.76
N PHE A 512 -1.29 -4.89 -6.94
CA PHE A 512 -2.24 -5.97 -6.68
C PHE A 512 -1.57 -7.03 -5.81
N HIS A 513 -2.37 -7.68 -5.00
CA HIS A 513 -1.92 -8.78 -4.16
C HIS A 513 -2.85 -9.96 -4.27
N ASP A 514 -2.25 -11.12 -4.51
CA ASP A 514 -2.98 -12.38 -4.43
C ASP A 514 -4.10 -12.44 -5.48
N LEU A 515 -3.65 -12.50 -6.73
CA LEU A 515 -4.50 -12.68 -7.91
C LEU A 515 -4.50 -14.13 -8.40
N LEU A 516 -5.66 -14.55 -8.93
CA LEU A 516 -5.76 -15.87 -9.51
C LEU A 516 -6.80 -15.95 -10.61
N VAL A 517 -6.55 -16.85 -11.57
CA VAL A 517 -7.55 -17.25 -12.55
C VAL A 517 -7.65 -18.77 -12.59
N VAL A 518 -8.82 -19.28 -12.98
CA VAL A 518 -8.98 -20.72 -13.04
C VAL A 518 -10.05 -21.07 -14.05
N SER A 519 -9.76 -22.12 -14.82
CA SER A 519 -10.71 -22.69 -15.76
C SER A 519 -11.37 -23.92 -15.16
N LEU A 520 -12.70 -23.99 -15.18
CA LEU A 520 -13.36 -25.21 -14.70
C LEU A 520 -13.58 -26.26 -15.80
N GLY A 521 -12.94 -27.42 -15.60
CA GLY A 521 -13.12 -28.53 -16.51
C GLY A 521 -12.43 -28.30 -17.87
N GLY A 522 -11.42 -27.43 -17.90
CA GLY A 522 -10.77 -27.07 -19.16
C GLY A 522 -11.71 -26.47 -20.20
N LYS A 523 -12.78 -25.85 -19.75
CA LYS A 523 -13.71 -25.19 -20.64
C LYS A 523 -13.24 -23.75 -20.88
N GLY A 524 -12.55 -23.57 -22.00
CA GLY A 524 -11.78 -22.38 -22.23
C GLY A 524 -10.53 -22.34 -21.36
N GLN A 525 -9.63 -21.44 -21.71
CA GLN A 525 -8.46 -21.20 -20.88
C GLN A 525 -8.12 -19.73 -20.83
N TYR A 526 -7.50 -19.33 -19.72
CA TYR A 526 -6.84 -18.03 -19.60
C TYR A 526 -5.43 -18.06 -20.22
N GLU A 527 -5.04 -17.01 -20.97
CA GLU A 527 -3.65 -16.86 -21.44
C GLU A 527 -2.68 -16.38 -20.36
N HIS A 528 -3.21 -15.59 -19.42
CA HIS A 528 -2.40 -14.94 -18.39
C HIS A 528 -3.31 -14.59 -17.22
N VAL A 529 -2.72 -14.01 -16.18
CA VAL A 529 -3.49 -13.55 -15.02
C VAL A 529 -3.87 -12.08 -15.14
N ILE A 530 -2.86 -11.24 -15.34
CA ILE A 530 -3.10 -9.80 -15.53
C ILE A 530 -2.27 -9.24 -16.68
N ASN A 531 -2.86 -8.39 -17.50
CA ASN A 531 -2.23 -7.99 -18.76
C ASN A 531 -1.62 -9.22 -19.43
N ASP A 532 -0.29 -9.34 -19.40
CA ASP A 532 0.44 -10.43 -20.02
C ASP A 532 1.32 -11.24 -19.05
N ILE A 533 0.98 -11.14 -17.76
CA ILE A 533 1.71 -11.75 -16.64
C ILE A 533 0.94 -12.94 -16.02
N GLY A 534 1.69 -13.95 -15.55
CA GLY A 534 1.09 -15.14 -14.96
C GLY A 534 0.92 -16.23 -16.01
N ASP A 535 1.12 -17.47 -15.58
CA ASP A 535 0.98 -18.63 -16.44
C ASP A 535 -0.42 -18.67 -17.02
N PRO A 536 -0.58 -19.28 -18.22
CA PRO A 536 -1.93 -19.58 -18.69
C PRO A 536 -2.51 -20.68 -17.83
N THR A 537 -3.82 -20.85 -17.83
CA THR A 537 -4.37 -22.07 -17.30
C THR A 537 -4.18 -23.14 -18.36
N SER A 538 -4.01 -24.37 -17.88
CA SER A 538 -3.85 -25.49 -18.80
C SER A 538 -4.43 -26.73 -18.11
N GLY A 539 -4.59 -27.81 -18.86
CA GLY A 539 -5.19 -29.03 -18.35
C GLY A 539 -6.69 -28.91 -18.17
N ASP A 540 -7.28 -29.96 -17.61
CA ASP A 540 -8.69 -29.96 -17.24
C ASP A 540 -8.85 -30.07 -15.70
N THR A 541 -7.75 -29.96 -14.99
CA THR A 541 -7.73 -30.27 -13.56
C THR A 541 -7.98 -29.05 -12.62
N THR A 542 -8.65 -28.02 -13.18
CA THR A 542 -9.14 -26.85 -12.41
C THR A 542 -8.11 -26.35 -11.40
N ILE A 543 -6.88 -26.31 -11.90
CA ILE A 543 -5.73 -25.84 -11.18
C ILE A 543 -5.55 -24.36 -11.37
N PRO A 544 -5.56 -23.59 -10.27
CA PRO A 544 -5.40 -22.14 -10.42
C PRO A 544 -4.03 -21.77 -10.94
N SER A 545 -3.97 -20.61 -11.62
CA SER A 545 -2.72 -19.94 -11.94
C SER A 545 -2.73 -18.62 -11.16
N GLN A 546 -1.59 -18.26 -10.57
CA GLN A 546 -1.59 -17.26 -9.50
C GLN A 546 -0.53 -16.20 -9.73
N VAL A 547 -0.80 -14.99 -9.25
CA VAL A 547 0.22 -13.95 -9.09
C VAL A 547 0.16 -13.39 -7.66
N VAL A 548 1.28 -13.43 -6.96
CA VAL A 548 1.32 -12.92 -5.58
C VAL A 548 1.38 -11.42 -5.65
N SER A 549 2.29 -10.98 -6.51
CA SER A 549 2.66 -9.60 -6.57
C SER A 549 2.61 -9.02 -7.99
N PHE A 550 1.91 -7.91 -8.17
CA PHE A 550 1.97 -7.17 -9.41
C PHE A 550 1.96 -5.69 -9.12
N PRO A 551 2.82 -4.96 -9.82
CA PRO A 551 3.75 -5.31 -10.91
C PRO A 551 5.03 -6.06 -10.47
N ALA B 1 -3.47 32.87 -1.07
CA ALA B 1 -4.01 34.15 -0.65
C ALA B 1 -4.36 34.13 0.85
N GLN B 2 -4.03 33.04 1.53
CA GLN B 2 -4.31 32.86 2.95
C GLN B 2 -3.11 32.20 3.64
N GLU B 3 -2.95 32.40 4.96
CA GLU B 3 -1.73 31.85 5.63
C GLU B 3 -1.72 30.33 5.73
N VAL B 4 -0.56 29.72 5.50
CA VAL B 4 -0.42 28.28 5.61
C VAL B 4 -0.27 27.98 7.08
N VAL B 5 -0.96 26.96 7.56
CA VAL B 5 -1.02 26.66 8.97
C VAL B 5 -0.01 25.56 9.27
N GLY B 6 0.76 25.74 10.34
CA GLY B 6 1.71 24.74 10.74
C GLY B 6 1.11 23.81 11.79
N GLY B 7 1.94 22.90 12.28
CA GLY B 7 1.56 21.98 13.33
C GLY B 7 0.49 21.00 12.89
N GLY B 8 -0.48 20.73 13.75
CA GLY B 8 -1.47 19.70 13.44
C GLY B 8 -0.86 18.30 13.49
N ASP B 9 -1.35 17.43 12.59
CA ASP B 9 -1.27 15.99 12.74
C ASP B 9 -0.30 15.35 11.73
N LEU B 10 0.31 14.21 12.08
CA LEU B 10 1.31 13.61 11.16
C LEU B 10 0.79 12.63 10.04
N GLY B 11 -0.46 12.17 10.14
CA GLY B 11 -1.08 11.35 9.11
C GLY B 11 -0.96 9.83 9.27
N PRO B 12 -1.62 9.07 8.36
CA PRO B 12 -1.79 7.61 8.48
C PRO B 12 -0.48 6.84 8.43
N ASN B 13 0.55 7.50 7.89
CA ASN B 13 1.84 6.82 7.65
C ASN B 13 2.93 6.99 8.71
N VAL B 14 2.61 7.74 9.77
CA VAL B 14 3.49 7.87 10.94
C VAL B 14 2.86 7.13 12.14
N LEU B 15 3.31 5.89 12.30
CA LEU B 15 2.79 4.97 13.29
C LEU B 15 3.61 5.23 14.57
N VAL B 16 2.93 5.64 15.63
CA VAL B 16 3.58 6.00 16.89
C VAL B 16 3.20 5.03 17.99
N PHE B 17 4.20 4.61 18.77
CA PHE B 17 4.02 3.58 19.80
C PHE B 17 4.58 4.08 21.15
N ASP B 18 4.17 3.41 22.22
CA ASP B 18 4.82 3.49 23.54
C ASP B 18 4.77 2.07 24.06
N PRO B 19 5.39 1.81 25.21
CA PRO B 19 5.44 0.39 25.54
C PRO B 19 4.12 -0.16 26.01
N SER B 20 3.13 0.71 26.19
CA SER B 20 1.76 0.30 26.48
C SER B 20 0.90 -0.02 25.25
N THR B 21 1.41 0.20 24.06
CA THR B 21 0.64 -0.11 22.87
C THR B 21 0.34 -1.59 22.78
N PRO B 22 -0.93 -1.95 22.53
CA PRO B 22 -1.15 -3.37 22.23
C PRO B 22 -0.47 -3.82 20.92
N ASP B 23 0.12 -5.02 20.98
CA ASP B 23 0.71 -5.76 19.84
C ASP B 23 1.59 -4.92 18.91
N ILE B 24 2.49 -4.16 19.50
CA ILE B 24 3.54 -3.46 18.74
C ILE B 24 4.20 -4.36 17.70
N GLN B 25 4.63 -5.55 18.11
CA GLN B 25 5.31 -6.51 17.19
C GLN B 25 4.47 -6.88 15.97
N GLY B 26 3.18 -7.14 16.20
CA GLY B 26 2.31 -7.52 15.09
C GLY B 26 2.12 -6.34 14.18
N LYS B 27 2.19 -5.13 14.75
CA LYS B 27 1.98 -3.95 13.93
C LYS B 27 3.20 -3.65 13.06
N VAL B 28 4.42 -3.81 13.59
CA VAL B 28 5.60 -3.68 12.71
C VAL B 28 5.77 -4.83 11.74
N ASP B 29 5.31 -6.01 12.15
CA ASP B 29 5.35 -7.17 11.27
C ASP B 29 4.53 -6.88 10.04
N GLU B 30 3.35 -6.27 10.18
CA GLU B 30 2.51 -6.07 8.99
C GLU B 30 3.11 -5.05 8.04
N VAL B 31 3.62 -3.94 8.56
CA VAL B 31 4.33 -2.98 7.72
C VAL B 31 5.43 -3.75 7.00
N PHE B 32 6.16 -4.58 7.73
CA PHE B 32 7.23 -5.39 7.09
C PHE B 32 6.66 -6.35 6.07
N ARG B 33 5.47 -6.85 6.33
CA ARG B 33 4.90 -7.75 5.35
C ARG B 33 4.52 -6.92 4.13
N LYS B 34 4.06 -5.68 4.34
CA LYS B 34 3.74 -4.77 3.22
C LYS B 34 4.98 -4.42 2.38
N GLN B 35 6.12 -4.27 3.07
CA GLN B 35 7.30 -3.57 2.51
C GLN B 35 8.54 -4.38 2.20
N GLU B 36 8.62 -5.61 2.68
CA GLU B 36 9.87 -6.35 2.65
C GLU B 36 10.43 -6.49 1.24
N SER B 37 9.54 -6.79 0.29
CA SER B 37 9.95 -6.93 -1.12
C SER B 37 9.27 -5.87 -1.99
N ASN B 38 9.01 -4.70 -1.44
CA ASN B 38 8.35 -3.63 -2.23
C ASN B 38 9.39 -2.64 -2.72
N GLN B 39 10.20 -3.06 -3.66
CA GLN B 39 11.38 -2.27 -3.97
C GLN B 39 11.01 -0.95 -4.62
N PHE B 40 9.98 -0.95 -5.46
CA PHE B 40 9.62 0.22 -6.24
C PHE B 40 8.20 0.77 -6.00
N GLY B 41 7.46 0.18 -5.08
CA GLY B 41 6.13 0.67 -4.78
C GLY B 41 6.06 2.04 -4.12
N THR B 42 4.82 2.48 -3.97
CA THR B 42 4.49 3.81 -3.46
C THR B 42 4.36 3.88 -1.96
N ASP B 43 4.30 2.74 -1.26
CA ASP B 43 4.08 2.81 0.20
C ASP B 43 5.30 3.43 0.88
N ARG B 44 5.00 4.19 1.93
CA ARG B 44 6.01 4.89 2.73
C ARG B 44 5.58 4.84 4.20
N TYR B 45 6.51 4.51 5.10
CA TYR B 45 6.16 4.42 6.53
C TYR B 45 7.25 4.91 7.44
N ALA B 46 6.83 5.54 8.53
CA ALA B 46 7.74 5.84 9.63
C ALA B 46 7.19 5.26 10.91
N LEU B 47 8.02 4.43 11.55
CA LEU B 47 7.74 3.85 12.84
C LEU B 47 8.41 4.77 13.85
N MET B 48 7.67 5.19 14.88
CA MET B 48 8.24 6.09 15.85
C MET B 48 7.96 5.54 17.21
N PHE B 49 8.92 5.72 18.10
CA PHE B 49 8.89 5.08 19.42
C PHE B 49 9.10 6.09 20.52
N LYS B 50 8.08 6.26 21.36
CA LYS B 50 8.18 7.25 22.44
C LYS B 50 9.23 6.83 23.49
N PRO B 51 9.76 7.82 24.25
CA PRO B 51 10.76 7.41 25.26
C PRO B 51 10.24 6.34 26.22
N GLY B 52 11.06 5.31 26.45
CA GLY B 52 10.71 4.13 27.25
C GLY B 52 11.58 2.94 26.88
N THR B 53 11.30 1.79 27.50
CA THR B 53 12.05 0.54 27.29
C THR B 53 11.14 -0.58 26.80
N TYR B 54 11.35 -1.00 25.56
CA TYR B 54 10.53 -2.01 24.90
C TYR B 54 11.17 -3.38 25.01
N ASN B 55 10.34 -4.38 25.34
CA ASN B 55 10.79 -5.76 25.34
C ASN B 55 10.18 -6.53 24.17
N ASP B 56 10.80 -7.69 23.88
CA ASP B 56 10.26 -8.70 22.98
C ASP B 56 10.07 -8.21 21.53
N ILE B 57 10.87 -7.22 21.15
CA ILE B 57 10.67 -6.49 19.90
C ILE B 57 11.79 -6.86 18.91
N ASN B 58 11.41 -7.21 17.70
CA ASN B 58 12.33 -7.36 16.60
C ASN B 58 11.65 -6.52 15.54
N ALA B 59 12.18 -5.33 15.32
CA ALA B 59 11.60 -4.44 14.32
C ALA B 59 12.33 -4.75 13.01
N GLN B 60 11.66 -5.51 12.15
CA GLN B 60 12.22 -5.90 10.86
C GLN B 60 11.90 -4.79 9.87
N ILE B 61 12.94 -4.26 9.22
CA ILE B 61 12.81 -3.05 8.40
C ILE B 61 12.88 -3.39 6.91
N GLY B 62 11.78 -3.19 6.21
CA GLY B 62 11.72 -3.40 4.77
C GLY B 62 12.00 -2.11 3.98
N PHE B 63 11.62 -2.08 2.71
CA PHE B 63 11.78 -0.90 1.89
C PHE B 63 10.98 0.29 2.44
N TYR B 64 11.52 1.48 2.22
CA TYR B 64 10.85 2.74 2.52
C TYR B 64 10.27 2.78 3.93
N THR B 65 11.02 2.23 4.87
CA THR B 65 10.63 2.24 6.27
C THR B 65 11.73 2.87 7.11
N SER B 66 11.27 3.82 7.91
CA SER B 66 12.09 4.51 8.88
C SER B 66 11.67 4.07 10.25
N ILE B 67 12.65 3.89 11.13
CA ILE B 67 12.34 3.59 12.54
C ILE B 67 13.17 4.57 13.34
N ALA B 68 12.53 5.17 14.35
CA ALA B 68 13.17 6.22 15.10
C ALA B 68 12.64 6.34 16.53
N GLY B 69 13.54 6.66 17.45
CA GLY B 69 13.17 7.02 18.81
C GLY B 69 12.83 8.51 18.92
N LEU B 70 12.11 8.87 19.99
CA LEU B 70 11.59 10.21 20.17
C LEU B 70 12.10 10.97 21.42
N GLY B 71 13.18 10.50 22.04
CA GLY B 71 13.93 11.35 22.98
C GLY B 71 15.01 12.22 22.30
N LEU B 72 15.63 13.15 23.04
CA LEU B 72 16.93 13.77 22.61
C LEU B 72 18.07 12.77 22.32
N ASN B 73 18.39 11.96 23.33
CA ASN B 73 19.44 10.94 23.32
C ASN B 73 18.92 9.54 22.93
N PRO B 74 19.78 8.68 22.35
CA PRO B 74 19.35 7.34 21.98
C PRO B 74 18.88 6.52 23.18
N ASP B 75 19.55 6.71 24.31
CA ASP B 75 19.28 5.88 25.49
C ASP B 75 17.88 6.14 26.07
N ASP B 76 17.25 7.27 25.68
CA ASP B 76 15.87 7.59 26.06
C ASP B 76 14.90 6.47 25.62
N THR B 77 15.18 5.87 24.46
CA THR B 77 14.32 4.87 23.82
C THR B 77 15.15 3.59 23.56
N THR B 78 14.97 2.59 24.42
CA THR B 78 15.78 1.39 24.40
C THR B 78 14.93 0.15 24.07
N PHE B 79 15.39 -0.62 23.09
CA PHE B 79 14.77 -1.90 22.72
C PHE B 79 15.61 -3.02 23.29
N ASN B 80 14.99 -3.87 24.11
CA ASN B 80 15.59 -5.15 24.44
C ASN B 80 15.06 -6.04 23.34
N GLY B 81 15.88 -6.13 22.31
CA GLY B 81 15.39 -6.57 21.02
C GLY B 81 16.12 -5.78 19.96
N ASP B 82 15.67 -5.96 18.71
CA ASP B 82 16.54 -5.70 17.57
C ASP B 82 15.85 -4.82 16.53
N VAL B 83 16.66 -4.23 15.69
CA VAL B 83 16.20 -3.58 14.46
C VAL B 83 16.96 -4.23 13.33
N THR B 84 16.27 -5.10 12.60
CA THR B 84 16.92 -6.05 11.72
C THR B 84 16.67 -5.75 10.24
N VAL B 85 17.75 -5.82 9.46
CA VAL B 85 17.64 -5.92 8.03
C VAL B 85 18.37 -7.21 7.66
N ASP B 86 17.61 -8.19 7.16
CA ASP B 86 18.23 -9.40 6.62
C ASP B 86 18.03 -9.50 5.14
N ALA B 87 18.66 -10.48 4.50
CA ALA B 87 18.51 -10.68 3.07
C ALA B 87 17.76 -11.94 2.70
N GLY B 88 16.83 -12.34 3.56
CA GLY B 88 16.07 -13.57 3.36
C GLY B 88 15.15 -13.51 2.16
N TRP B 89 14.80 -12.28 1.72
CA TRP B 89 13.80 -12.08 0.64
C TRP B 89 14.39 -11.96 -0.74
N PHE B 90 15.71 -12.10 -0.87
CA PHE B 90 16.39 -11.90 -2.19
C PHE B 90 17.58 -12.85 -2.34
N ASP B 91 17.53 -13.97 -1.61
CA ASP B 91 18.43 -15.14 -1.84
C ASP B 91 19.73 -15.09 -1.07
N GLY B 92 19.78 -14.38 0.06
CA GLY B 92 21.01 -14.24 0.80
C GLY B 92 21.81 -13.05 0.30
N ASN B 93 21.42 -12.59 -0.90
CA ASN B 93 21.95 -11.39 -1.54
C ASN B 93 21.31 -10.10 -0.93
N ALA B 94 22.14 -9.18 -0.41
CA ALA B 94 21.65 -7.98 0.29
C ALA B 94 21.88 -6.70 -0.51
N THR B 95 22.18 -6.86 -1.80
CA THR B 95 22.63 -5.74 -2.63
C THR B 95 21.49 -4.86 -3.13
N GLN B 96 20.24 -5.25 -2.85
CA GLN B 96 19.09 -4.38 -3.14
C GLN B 96 18.37 -3.87 -1.89
N ASN B 97 19.01 -3.96 -0.71
CA ASN B 97 18.38 -3.51 0.53
C ASN B 97 18.60 -2.03 0.73
N PHE B 98 17.83 -1.27 -0.05
CA PHE B 98 17.91 0.16 -0.15
C PHE B 98 16.79 0.87 0.61
N TRP B 99 16.97 2.19 0.75
CA TRP B 99 15.90 3.15 1.08
C TRP B 99 15.17 2.84 2.39
N ARG B 100 15.93 2.86 3.47
CA ARG B 100 15.33 2.65 4.78
C ARG B 100 16.23 3.30 5.81
N SER B 101 15.82 3.35 7.07
CA SER B 101 16.70 3.99 8.04
C SER B 101 16.37 3.67 9.47
N ALA B 102 17.36 3.88 10.32
CA ALA B 102 17.20 3.71 11.78
C ALA B 102 17.91 4.85 12.47
N GLU B 103 17.25 5.44 13.48
CA GLU B 103 17.94 6.46 14.26
C GLU B 103 17.42 6.64 15.68
N ASN B 104 18.32 7.14 16.51
CA ASN B 104 18.00 7.62 17.85
C ASN B 104 17.31 6.58 18.75
N LEU B 105 17.88 5.38 18.75
CA LEU B 105 17.43 4.24 19.56
C LEU B 105 18.64 3.61 20.23
N ALA B 106 18.45 3.01 21.42
CA ALA B 106 19.41 2.07 21.97
C ALA B 106 18.84 0.67 21.75
N LEU B 107 19.71 -0.26 21.41
CA LEU B 107 19.35 -1.64 21.08
C LEU B 107 20.19 -2.58 21.95
N ASN B 108 19.50 -3.50 22.58
CA ASN B 108 20.12 -4.57 23.35
C ASN B 108 19.74 -5.86 22.67
N PRO B 109 20.51 -6.22 21.64
CA PRO B 109 20.10 -7.26 20.67
C PRO B 109 19.90 -8.63 21.32
N VAL B 110 18.87 -9.37 20.93
CA VAL B 110 18.44 -10.61 21.60
C VAL B 110 19.46 -11.70 21.84
N ASN B 111 20.43 -11.75 20.94
CA ASN B 111 21.42 -12.80 21.03
C ASN B 111 22.81 -12.16 21.13
N GLY B 112 22.87 -10.85 21.39
CA GLY B 112 24.14 -10.16 21.58
C GLY B 112 24.64 -9.34 20.36
N THR B 113 24.06 -9.58 19.20
CA THR B 113 24.46 -8.90 17.98
C THR B 113 23.23 -8.52 17.15
N ASN B 114 23.23 -7.27 16.66
CA ASN B 114 22.14 -6.76 15.83
C ASN B 114 22.58 -6.84 14.36
N ARG B 115 21.66 -7.20 13.47
CA ARG B 115 22.02 -7.28 12.07
C ARG B 115 21.36 -6.20 11.23
N TRP B 116 22.22 -5.43 10.55
CA TRP B 116 21.85 -4.31 9.66
C TRP B 116 22.49 -4.62 8.31
N ALA B 117 21.91 -5.60 7.61
CA ALA B 117 22.47 -6.14 6.38
C ALA B 117 21.94 -5.36 5.18
N VAL B 118 22.53 -4.18 4.97
CA VAL B 118 21.99 -3.17 4.07
C VAL B 118 22.92 -2.84 2.90
N SER B 119 22.38 -2.18 1.88
CA SER B 119 23.18 -1.59 0.84
C SER B 119 22.94 -0.07 0.84
N GLN B 120 22.85 0.58 -0.31
CA GLN B 120 22.87 2.05 -0.33
C GLN B 120 21.59 2.70 0.20
N ALA B 121 21.71 3.95 0.67
CA ALA B 121 20.57 4.73 1.20
C ALA B 121 19.86 4.04 2.35
N ALA B 122 20.66 3.58 3.31
CA ALA B 122 20.14 2.92 4.51
C ALA B 122 20.86 3.42 5.77
N PRO B 123 20.72 4.72 6.06
CA PRO B 123 21.51 5.32 7.14
C PRO B 123 21.17 4.76 8.51
N PHE B 124 22.22 4.75 9.33
CA PHE B 124 22.16 4.27 10.72
C PHE B 124 22.79 5.39 11.52
N ARG B 125 21.95 6.20 12.16
CA ARG B 125 22.40 7.44 12.79
C ARG B 125 22.01 7.51 14.24
N ARG B 126 22.92 8.00 15.07
CA ARG B 126 22.55 8.34 16.43
C ARG B 126 21.97 7.13 17.18
N MET B 127 22.60 5.99 16.95
CA MET B 127 22.21 4.74 17.55
C MET B 127 23.18 4.40 18.69
N HIS B 128 22.70 3.66 19.66
CA HIS B 128 23.55 3.06 20.67
C HIS B 128 23.28 1.55 20.70
N VAL B 129 24.19 0.77 20.12
CA VAL B 129 24.06 -0.67 20.12
C VAL B 129 24.89 -1.22 21.31
N LYS B 130 24.16 -1.71 22.32
CA LYS B 130 24.79 -2.42 23.44
C LYS B 130 25.03 -3.86 23.02
N GLY B 131 26.11 -4.05 22.27
CA GLY B 131 26.47 -5.32 21.68
C GLY B 131 27.20 -5.04 20.39
N GLY B 132 27.22 -6.02 19.48
CA GLY B 132 27.91 -5.88 18.23
C GLY B 132 26.90 -5.62 17.14
N LEU B 133 27.42 -5.28 15.96
CA LEU B 133 26.60 -4.95 14.79
C LEU B 133 27.16 -5.74 13.63
N ASN B 134 26.33 -6.58 13.02
CA ASN B 134 26.74 -7.47 11.93
C ASN B 134 26.11 -6.80 10.73
N LEU B 135 26.93 -6.43 9.75
CA LEU B 135 26.46 -5.64 8.61
C LEU B 135 26.23 -6.45 7.32
N ALA B 136 26.42 -7.76 7.43
CA ALA B 136 26.22 -8.65 6.28
C ALA B 136 25.02 -9.60 6.52
N PRO B 137 24.24 -9.89 5.46
CA PRO B 137 23.16 -10.88 5.47
C PRO B 137 23.51 -12.27 6.12
N ASP B 138 23.30 -13.41 5.45
CA ASP B 138 23.65 -14.72 6.02
C ASP B 138 24.42 -15.45 4.98
N GLY B 139 25.34 -16.30 5.44
CA GLY B 139 26.22 -17.10 4.59
C GLY B 139 27.60 -16.55 4.26
N TYR B 140 27.90 -15.32 4.69
CA TYR B 140 29.02 -14.56 4.17
C TYR B 140 28.44 -14.32 2.75
N GLY B 141 27.53 -13.36 2.85
CA GLY B 141 26.46 -13.03 1.95
C GLY B 141 26.59 -11.53 1.65
N TRP B 142 26.77 -11.26 0.36
CA TRP B 142 26.94 -9.94 -0.33
C TRP B 142 26.02 -8.67 -0.31
N ALA B 143 26.71 -7.49 -0.38
CA ALA B 143 26.17 -6.16 0.02
C ALA B 143 27.18 -5.06 -0.34
N SER B 144 26.69 -3.86 -0.71
CA SER B 144 27.49 -2.64 -0.99
C SER B 144 26.93 -1.55 -0.12
N GLY B 145 27.39 -1.52 1.14
CA GLY B 145 26.99 -0.52 2.11
C GLY B 145 27.87 0.67 1.90
N GLY B 146 27.75 1.68 2.77
CA GLY B 146 26.88 1.70 3.93
C GLY B 146 27.31 2.92 4.73
N TYR B 147 26.52 3.32 5.71
CA TYR B 147 26.67 4.61 6.38
C TYR B 147 26.25 4.54 7.84
N ILE B 148 27.20 4.80 8.74
CA ILE B 148 26.93 5.01 10.14
C ILE B 148 27.47 6.39 10.57
N ALA B 149 26.64 7.13 11.30
CA ALA B 149 27.07 8.41 11.84
C ALA B 149 26.57 8.56 13.27
N ASP B 150 27.40 9.16 14.08
CA ASP B 150 26.99 9.62 15.40
C ASP B 150 26.47 8.49 16.28
N SER B 151 27.13 7.35 16.22
CA SER B 151 26.63 6.16 16.90
C SER B 151 27.70 5.54 17.81
N LYS B 152 27.25 4.79 18.81
CA LYS B 152 28.15 4.05 19.71
C LYS B 152 27.77 2.60 19.59
N ILE B 153 28.70 1.79 19.10
CA ILE B 153 28.54 0.33 19.07
C ILE B 153 29.50 -0.18 20.13
N ASP B 154 28.97 -0.80 21.19
CA ASP B 154 29.83 -1.16 22.33
C ASP B 154 30.86 -2.23 22.00
N GLY B 155 30.43 -3.20 21.19
CA GLY B 155 31.30 -4.30 20.76
C GLY B 155 31.78 -4.13 19.33
N GLU B 156 32.00 -5.26 18.65
CA GLU B 156 32.55 -5.33 17.29
C GLU B 156 31.52 -4.98 16.23
N VAL B 157 31.89 -4.09 15.34
CA VAL B 157 31.20 -3.93 14.08
C VAL B 157 31.88 -4.83 13.09
N GLY B 158 31.15 -5.82 12.59
CA GLY B 158 31.67 -6.84 11.67
C GLY B 158 31.04 -6.69 10.29
N PRO B 159 31.84 -6.26 9.30
CA PRO B 159 31.20 -6.06 7.99
C PRO B 159 31.13 -7.31 7.09
N TYR B 160 31.98 -8.31 7.33
CA TYR B 160 32.08 -9.55 6.53
C TYR B 160 32.02 -9.37 4.98
N SER B 161 30.89 -9.60 4.32
CA SER B 161 30.88 -9.53 2.84
C SER B 161 30.62 -8.14 2.28
N GLN B 162 30.15 -7.20 3.11
CA GLN B 162 30.11 -5.78 2.72
C GLN B 162 31.33 -5.38 1.90
N GLN B 163 31.13 -4.73 0.76
CA GLN B 163 32.27 -4.35 -0.08
C GLN B 163 33.03 -3.13 0.46
N GLN B 164 32.26 -2.19 1.00
CA GLN B 164 32.80 -0.90 1.41
C GLN B 164 31.88 -0.35 2.48
N TRP B 165 32.32 0.72 3.14
CA TRP B 165 31.59 1.26 4.29
C TRP B 165 32.18 2.59 4.72
N TYR B 166 31.30 3.50 5.16
CA TYR B 166 31.73 4.77 5.76
C TYR B 166 31.14 4.95 7.15
N THR B 167 31.99 5.31 8.11
CA THR B 167 31.57 5.61 9.47
C THR B 167 32.08 6.99 9.85
N ARG B 168 31.17 7.81 10.38
CA ARG B 168 31.52 9.18 10.82
C ARG B 168 31.24 9.38 12.31
N ASP B 169 32.17 10.05 12.99
CA ASP B 169 31.91 10.69 14.29
C ASP B 169 31.12 9.76 15.23
N SER B 170 31.76 8.65 15.53
CA SER B 170 31.17 7.55 16.27
C SER B 170 32.20 6.93 17.20
N SER B 171 31.79 5.86 17.88
CA SER B 171 32.69 5.07 18.70
C SER B 171 32.37 3.58 18.51
N VAL B 172 33.39 2.76 18.32
CA VAL B 172 33.22 1.31 18.18
C VAL B 172 34.15 0.61 19.16
N GLY B 173 33.77 -0.60 19.58
CA GLY B 173 34.61 -1.38 20.47
C GLY B 173 35.48 -2.36 19.71
N GLY B 174 35.47 -2.28 18.37
CA GLY B 174 36.06 -3.30 17.52
C GLY B 174 35.57 -3.17 16.07
N TRP B 175 36.40 -3.63 15.12
CA TRP B 175 36.08 -3.58 13.69
C TRP B 175 36.71 -4.81 13.01
N GLY B 176 35.86 -5.70 12.51
CA GLY B 176 36.29 -7.07 12.19
C GLY B 176 37.10 -7.33 10.92
N ASN B 177 36.89 -6.49 9.91
CA ASN B 177 37.54 -6.67 8.61
C ASN B 177 37.11 -5.60 7.65
N GLY B 178 37.78 -5.58 6.50
CA GLY B 178 37.34 -4.79 5.36
C GLY B 178 37.36 -5.64 4.08
N VAL B 179 36.73 -5.14 3.02
CA VAL B 179 36.79 -5.82 1.72
C VAL B 179 37.61 -4.96 0.76
N TRP B 180 37.00 -3.89 0.23
CA TRP B 180 37.65 -2.98 -0.71
C TRP B 180 37.93 -1.57 -0.14
N ASN B 181 37.00 -1.03 0.66
CA ASN B 181 37.15 0.35 1.10
C ASN B 181 36.36 0.63 2.35
N MET B 182 37.00 0.48 3.52
CA MET B 182 36.39 0.87 4.78
C MET B 182 37.02 2.20 5.22
N THR B 183 36.24 3.28 5.17
CA THR B 183 36.69 4.61 5.57
C THR B 183 36.05 5.09 6.88
N PHE B 184 36.86 5.77 7.69
CA PHE B 184 36.48 6.22 9.02
C PHE B 184 36.93 7.67 9.14
N SER B 185 36.06 8.54 9.67
CA SER B 185 36.51 9.87 10.08
C SER B 185 35.87 10.20 11.44
N GLY B 186 36.71 10.58 12.40
CA GLY B 186 36.22 10.89 13.73
C GLY B 186 35.70 9.70 14.52
N VAL B 187 36.21 8.49 14.24
CA VAL B 187 35.72 7.30 14.91
C VAL B 187 36.66 6.79 16.00
N GLU B 188 36.20 6.92 17.23
CA GLU B 188 36.88 6.37 18.39
C GLU B 188 36.82 4.84 18.27
N GLY B 189 37.99 4.19 18.25
CA GLY B 189 38.08 2.75 18.23
C GLY B 189 38.34 2.14 16.86
N ALA B 190 38.31 2.98 15.83
CA ALA B 190 38.55 2.57 14.45
C ALA B 190 39.92 1.92 14.23
N PRO B 191 40.04 1.14 13.15
CA PRO B 191 41.33 0.49 12.92
C PRO B 191 42.40 1.49 12.53
N ALA B 192 43.66 1.10 12.62
CA ALA B 192 44.76 1.88 12.08
C ALA B 192 44.63 2.12 10.57
N GLN B 193 44.89 3.35 10.17
CA GLN B 193 45.08 3.71 8.76
C GLN B 193 46.19 2.84 8.15
N SER B 194 45.77 1.89 7.31
CA SER B 194 46.62 0.84 6.73
C SER B 194 46.37 0.55 5.28
N PHE B 195 45.82 1.51 4.54
CA PHE B 195 45.46 1.25 3.16
C PHE B 195 46.77 0.95 2.45
N PRO B 196 46.75 -0.02 1.53
CA PRO B 196 45.63 -0.78 0.95
C PRO B 196 45.32 -2.17 1.48
N GLU B 197 46.09 -2.72 2.41
CA GLU B 197 45.71 -3.98 3.08
C GLU B 197 46.00 -4.04 4.57
N PRO B 198 44.97 -4.30 5.36
CA PRO B 198 43.57 -4.26 4.91
C PRO B 198 43.26 -2.84 4.44
N PRO B 199 42.22 -2.66 3.62
CA PRO B 199 42.02 -1.36 2.99
C PRO B 199 41.27 -0.43 3.93
N TYR B 200 41.95 0.05 4.98
CA TYR B 200 41.40 0.97 5.96
C TYR B 200 41.93 2.39 5.67
N THR B 201 40.99 3.30 5.46
CA THR B 201 41.25 4.75 5.37
C THR B 201 40.70 5.42 6.64
N THR B 202 41.61 5.91 7.50
CA THR B 202 41.23 6.40 8.82
C THR B 202 41.71 7.82 9.08
N LEU B 203 40.76 8.74 9.31
CA LEU B 203 41.07 10.14 9.59
C LEU B 203 40.70 10.45 11.05
N GLU B 204 41.58 11.15 11.79
CA GLU B 204 41.36 11.42 13.22
C GLU B 204 40.02 12.11 13.46
N THR B 205 39.71 13.12 12.66
CA THR B 205 38.48 13.88 12.85
C THR B 205 37.81 14.18 11.51
N THR B 206 36.53 14.50 11.58
CA THR B 206 35.79 14.97 10.43
C THR B 206 35.92 16.50 10.39
N PRO B 207 36.24 17.07 9.21
CA PRO B 207 36.54 18.52 9.17
C PRO B 207 35.43 19.42 9.70
N VAL B 208 34.25 19.26 9.11
CA VAL B 208 33.02 19.87 9.60
C VAL B 208 31.93 18.81 9.54
N SER B 209 31.07 18.77 10.56
CA SER B 209 29.88 17.93 10.49
C SER B 209 28.79 18.55 11.33
N ARG B 210 27.55 18.21 10.97
CA ARG B 210 26.41 18.70 11.71
C ARG B 210 25.34 17.62 11.64
N GLU B 211 24.96 17.09 12.81
CA GLU B 211 24.03 15.96 12.85
C GLU B 211 22.65 16.29 12.30
N LYS B 212 22.03 15.27 11.72
CA LYS B 212 20.74 15.46 11.04
C LYS B 212 19.68 15.84 12.07
N PRO B 213 18.86 16.85 11.78
CA PRO B 213 17.69 17.15 12.63
C PRO B 213 16.77 15.94 12.73
N PHE B 214 16.09 15.86 13.86
CA PHE B 214 15.17 14.77 14.09
C PHE B 214 14.02 15.16 15.00
N LEU B 215 12.89 14.51 14.74
CA LEU B 215 11.65 14.73 15.45
C LEU B 215 11.82 14.11 16.82
N TYR B 216 11.37 14.79 17.85
CA TYR B 216 11.32 14.21 19.20
C TYR B 216 10.25 14.89 20.06
N LEU B 217 9.99 14.26 21.19
CA LEU B 217 8.98 14.66 22.13
C LEU B 217 9.66 15.16 23.42
N ASP B 218 9.62 16.50 23.67
CA ASP B 218 10.19 17.23 24.86
C ASP B 218 9.03 17.57 25.81
N GLY B 219 8.80 16.66 26.78
CA GLY B 219 7.57 16.66 27.59
C GLY B 219 6.45 15.94 26.85
N ASP B 220 5.19 16.35 27.09
CA ASP B 220 4.06 16.00 26.20
C ASP B 220 4.10 16.75 24.81
N ASP B 221 5.12 17.56 24.50
CA ASP B 221 5.12 18.31 23.20
C ASP B 221 6.25 17.96 22.17
N TYR B 222 5.78 17.63 20.95
CA TYR B 222 6.63 17.29 19.82
C TYR B 222 7.50 18.43 19.40
N LYS B 223 8.65 18.10 18.86
CA LYS B 223 9.56 19.07 18.35
C LYS B 223 10.56 18.48 17.37
N VAL B 224 11.35 19.36 16.78
CA VAL B 224 12.49 18.98 15.95
C VAL B 224 13.77 19.56 16.58
N PHE B 225 14.69 18.68 16.98
CA PHE B 225 15.99 19.10 17.46
C PHE B 225 16.85 19.33 16.25
N VAL B 226 17.58 20.45 16.26
CA VAL B 226 18.46 20.88 15.18
C VAL B 226 19.87 20.99 15.76
N PRO B 227 20.62 19.89 15.66
CA PRO B 227 21.97 19.81 16.23
C PRO B 227 22.92 20.92 15.81
N ALA B 228 23.83 21.29 16.74
CA ALA B 228 24.79 22.34 16.51
C ALA B 228 25.92 21.77 15.65
N LYS B 229 26.46 22.57 14.74
CA LYS B 229 27.64 22.09 14.01
C LYS B 229 28.86 21.87 14.91
N ARG B 230 29.76 21.03 14.40
CA ARG B 230 31.08 20.82 14.96
C ARG B 230 32.14 21.11 13.89
N THR B 231 33.33 21.55 14.32
CA THR B 231 34.52 21.55 13.44
C THR B 231 35.55 20.59 14.02
N ASN B 232 36.25 19.88 13.14
CA ASN B 232 37.15 18.82 13.58
C ASN B 232 36.49 17.82 14.57
N ALA B 233 35.45 17.17 14.09
CA ALA B 233 34.63 16.32 14.95
C ALA B 233 35.19 14.92 15.20
N ARG B 234 34.91 14.41 16.40
CA ARG B 234 35.30 13.07 16.77
C ARG B 234 34.41 12.57 17.89
N GLY B 235 34.09 11.27 17.82
CA GLY B 235 33.18 10.67 18.76
C GLY B 235 31.78 11.24 18.63
N THR B 236 30.87 10.67 19.42
CA THR B 236 29.45 11.00 19.28
C THR B 236 29.16 12.40 19.83
N SER B 237 28.03 12.94 19.39
CA SER B 237 27.60 14.29 19.75
C SER B 237 26.84 14.34 21.07
N TRP B 238 26.29 13.18 21.44
CA TRP B 238 25.39 13.05 22.56
C TRP B 238 26.03 12.28 23.72
N GLY B 239 27.11 11.54 23.49
CA GLY B 239 27.68 10.78 24.61
C GLY B 239 28.19 11.56 25.84
N ASN B 240 29.07 12.57 25.66
CA ASN B 240 29.46 13.47 26.80
C ASN B 240 28.63 14.76 26.90
N GLY B 241 27.35 14.85 26.50
CA GLY B 241 26.58 16.08 26.83
C GLY B 241 25.06 15.92 26.89
N THR B 242 24.29 17.04 26.97
CA THR B 242 22.96 17.03 26.38
C THR B 242 23.37 17.33 24.94
N PRO B 243 22.70 16.76 23.96
CA PRO B 243 23.28 17.14 22.65
C PRO B 243 22.98 18.61 22.23
N GLU B 244 24.03 19.38 21.94
CA GLU B 244 23.93 20.81 21.61
C GLU B 244 23.15 21.22 20.34
N GLY B 245 22.13 22.06 20.49
CA GLY B 245 21.37 22.50 19.33
C GLY B 245 20.03 23.05 19.74
N GLU B 246 19.40 23.76 18.81
CA GLU B 246 18.14 24.42 19.10
C GLU B 246 16.95 23.51 18.88
N SER B 247 15.88 23.90 19.53
CA SER B 247 14.71 23.12 19.64
C SER B 247 13.51 23.80 19.00
N LEU B 248 13.12 23.37 17.80
CA LEU B 248 12.07 24.07 17.06
C LEU B 248 10.68 23.52 17.36
N PRO B 249 9.73 24.40 17.69
CA PRO B 249 8.34 23.97 17.85
C PRO B 249 7.75 23.27 16.60
N LEU B 250 7.17 22.07 16.76
CA LEU B 250 6.49 21.40 15.66
C LEU B 250 5.45 22.35 15.02
N ASP B 251 4.99 23.34 15.77
CA ASP B 251 4.02 24.31 15.23
C ASP B 251 4.61 25.30 14.22
N GLN B 252 5.94 25.34 14.07
CA GLN B 252 6.52 26.14 13.00
C GLN B 252 6.85 25.34 11.77
N PHE B 253 6.30 24.13 11.69
CA PHE B 253 6.43 23.29 10.51
C PHE B 253 5.12 23.19 9.75
N TYR B 254 5.16 23.44 8.46
CA TYR B 254 4.11 22.94 7.57
C TYR B 254 4.32 21.43 7.53
N VAL B 255 3.41 20.71 8.19
CA VAL B 255 3.40 19.26 8.14
C VAL B 255 2.76 18.98 6.78
N VAL B 256 3.57 18.55 5.81
CA VAL B 256 3.10 18.41 4.44
C VAL B 256 2.61 16.99 4.23
N LYS B 257 1.45 16.90 3.58
CA LYS B 257 0.90 15.62 3.14
C LYS B 257 0.46 15.61 1.69
N PRO B 258 -0.03 14.46 1.26
CA PRO B 258 -0.99 14.35 0.15
C PRO B 258 -1.47 15.51 -0.70
N GLY B 259 -1.95 16.71 -0.32
CA GLY B 259 -2.49 17.57 -1.38
C GLY B 259 -1.32 18.38 -1.92
N ALA B 260 -1.22 19.59 -1.43
CA ALA B 260 0.11 20.16 -1.26
C ALA B 260 0.87 20.37 -2.55
N THR B 261 0.81 21.60 -2.99
CA THR B 261 1.42 21.96 -4.20
C THR B 261 2.73 22.58 -3.78
N ALA B 262 3.69 22.56 -4.68
CA ALA B 262 4.80 23.49 -4.56
C ALA B 262 4.31 24.87 -4.08
N GLU B 263 3.12 25.26 -4.54
CA GLU B 263 2.56 26.55 -4.14
C GLU B 263 2.27 26.60 -2.63
N THR B 264 1.43 25.69 -2.13
CA THR B 264 1.19 25.66 -0.69
C THR B 264 2.53 25.53 0.00
N ILE B 265 3.36 24.64 -0.53
CA ILE B 265 4.66 24.38 0.07
C ILE B 265 5.62 25.59 0.01
N ASN B 266 5.72 26.26 -1.14
CA ASN B 266 6.60 27.43 -1.28
C ASN B 266 6.08 28.65 -0.53
N ALA B 267 4.75 28.78 -0.46
CA ALA B 267 4.16 29.86 0.31
C ALA B 267 4.48 29.67 1.76
N ALA B 268 4.43 28.42 2.22
CA ALA B 268 4.75 28.11 3.62
C ALA B 268 6.14 28.58 3.96
N VAL B 269 7.10 28.15 3.16
CA VAL B 269 8.48 28.50 3.41
C VAL B 269 8.62 30.01 3.34
N ASP B 270 7.85 30.68 2.51
CA ASP B 270 8.08 32.10 2.44
C ASP B 270 7.47 32.94 3.57
N GLN B 271 6.37 32.46 4.18
CA GLN B 271 5.76 33.08 5.36
C GLN B 271 6.61 32.90 6.61
N GLY B 272 7.39 31.82 6.62
CA GLY B 272 8.28 31.51 7.74
C GLY B 272 8.16 30.16 8.40
N LEU B 273 7.52 29.22 7.71
CA LEU B 273 7.43 27.87 8.24
C LEU B 273 8.59 27.02 7.72
N HIS B 274 9.02 26.09 8.55
CA HIS B 274 9.87 24.99 8.10
C HIS B 274 8.97 23.93 7.43
N LEU B 275 9.58 22.87 6.89
CA LEU B 275 8.85 21.83 6.19
C LEU B 275 9.08 20.49 6.85
N LEU B 276 7.98 19.75 7.07
CA LEU B 276 8.08 18.38 7.51
C LEU B 276 7.28 17.57 6.51
N PHE B 277 7.99 16.75 5.73
CA PHE B 277 7.34 15.88 4.79
C PHE B 277 7.00 14.56 5.41
N THR B 278 5.71 14.32 5.61
CA THR B 278 5.23 13.05 6.14
C THR B 278 5.47 11.98 5.06
N PRO B 279 5.51 10.71 5.45
CA PRO B 279 5.85 9.70 4.44
C PRO B 279 4.81 9.59 3.35
N GLY B 280 5.24 9.86 2.13
CA GLY B 280 4.34 9.82 0.99
C GLY B 280 5.13 10.15 -0.26
N VAL B 281 4.42 10.27 -1.36
CA VAL B 281 5.03 10.53 -2.66
C VAL B 281 4.39 11.78 -3.22
N TYR B 282 5.16 12.86 -3.35
CA TYR B 282 4.62 14.17 -3.67
C TYR B 282 5.01 14.65 -5.09
N HIS B 283 4.05 14.61 -6.00
CA HIS B 283 4.26 15.23 -7.32
C HIS B 283 4.19 16.73 -7.22
N VAL B 284 5.17 17.41 -7.82
CA VAL B 284 5.13 18.89 -7.97
C VAL B 284 5.23 19.29 -9.46
N ASP B 285 4.51 20.33 -9.85
CA ASP B 285 4.68 20.84 -11.21
C ASP B 285 5.27 22.24 -11.27
N GLN B 286 6.02 22.57 -10.22
CA GLN B 286 7.01 23.65 -10.19
C GLN B 286 7.99 23.33 -9.06
N PRO B 287 9.22 23.88 -9.10
CA PRO B 287 10.16 23.50 -8.02
C PRO B 287 9.76 23.97 -6.63
N ILE B 288 10.08 23.16 -5.64
CA ILE B 288 10.06 23.58 -4.27
C ILE B 288 11.22 24.56 -4.12
N GLU B 289 10.90 25.76 -3.66
CA GLU B 289 11.90 26.80 -3.44
C GLU B 289 12.06 27.09 -1.97
N ILE B 290 13.31 27.06 -1.51
CA ILE B 290 13.62 27.44 -0.15
C ILE B 290 14.66 28.53 -0.22
N ASP B 291 14.20 29.76 -0.02
CA ASP B 291 15.10 30.89 -0.02
C ASP B 291 14.97 31.76 1.24
N ARG B 292 14.81 31.08 2.36
CA ARG B 292 14.89 31.70 3.69
C ARG B 292 15.96 30.98 4.51
N ALA B 293 16.88 31.77 5.08
CA ALA B 293 17.95 31.20 5.88
C ALA B 293 17.43 30.32 7.02
N ASN B 294 18.21 29.30 7.33
CA ASN B 294 17.94 28.37 8.43
C ASN B 294 16.68 27.50 8.38
N THR B 295 16.09 27.42 7.21
CA THR B 295 14.95 26.53 6.99
C THR B 295 15.34 25.06 7.06
N VAL B 296 14.64 24.32 7.91
CA VAL B 296 14.72 22.88 7.95
C VAL B 296 13.67 22.29 7.01
N ALA B 297 14.09 21.36 6.15
CA ALA B 297 13.17 20.58 5.31
C ALA B 297 13.47 19.11 5.57
N LEU B 298 12.63 18.51 6.42
CA LEU B 298 12.90 17.19 6.98
C LEU B 298 11.86 16.19 6.53
N GLY B 299 12.30 15.13 5.85
CA GLY B 299 11.41 14.05 5.47
C GLY B 299 11.40 12.89 6.45
N LEU B 300 10.24 12.22 6.52
CA LEU B 300 10.05 11.03 7.32
C LEU B 300 9.69 9.89 6.40
N GLY B 301 10.12 8.69 6.76
CA GLY B 301 9.74 7.49 6.01
C GLY B 301 10.04 7.54 4.53
N LEU B 302 11.18 8.12 4.17
CA LEU B 302 11.59 8.14 2.77
C LEU B 302 10.56 8.89 1.88
N ALA B 303 9.99 9.94 2.46
CA ALA B 303 9.17 10.86 1.71
C ALA B 303 9.87 11.23 0.40
N THR B 304 9.09 11.21 -0.66
CA THR B 304 9.62 11.30 -2.03
C THR B 304 9.00 12.44 -2.83
N ILE B 305 9.86 13.18 -3.55
CA ILE B 305 9.43 14.26 -4.43
C ILE B 305 9.62 13.80 -5.88
N ILE B 306 8.55 13.85 -6.67
CA ILE B 306 8.62 13.61 -8.10
C ILE B 306 8.29 14.90 -8.86
N PRO B 307 9.26 15.45 -9.62
CA PRO B 307 8.99 16.64 -10.45
C PRO B 307 8.40 16.25 -11.79
N ASP B 308 7.11 16.56 -11.95
CA ASP B 308 6.44 16.32 -13.20
C ASP B 308 6.92 17.41 -14.18
N ASN B 309 6.50 17.35 -15.45
CA ASN B 309 6.69 18.45 -16.42
C ASN B 309 8.10 18.93 -16.73
N GLY B 310 9.10 18.21 -16.25
CA GLY B 310 10.48 18.48 -16.58
C GLY B 310 11.07 19.53 -15.67
N VAL B 311 10.35 19.91 -14.62
CA VAL B 311 10.88 20.90 -13.70
C VAL B 311 11.95 20.33 -12.74
N THR B 312 12.72 21.23 -12.12
CA THR B 312 13.61 20.86 -11.02
C THR B 312 12.74 20.63 -9.79
N ALA B 313 13.12 19.65 -8.96
CA ALA B 313 12.32 19.29 -7.78
C ALA B 313 12.52 20.26 -6.62
N LEU B 314 13.79 20.61 -6.38
CA LEU B 314 14.14 21.45 -5.25
C LEU B 314 15.22 22.44 -5.62
N LYS B 315 14.96 23.72 -5.35
CA LYS B 315 15.98 24.78 -5.53
C LYS B 315 16.19 25.48 -4.17
N VAL B 316 17.40 25.40 -3.63
CA VAL B 316 17.75 26.17 -2.43
C VAL B 316 18.46 27.46 -2.87
N GLY B 317 18.14 28.57 -2.23
CA GLY B 317 18.77 29.83 -2.60
C GLY B 317 20.10 30.06 -1.88
N ASP B 318 20.62 31.27 -2.05
CA ASP B 318 21.96 31.64 -1.59
C ASP B 318 21.93 32.14 -0.16
N VAL B 319 21.33 31.30 0.68
CA VAL B 319 21.10 31.63 2.08
C VAL B 319 21.84 30.64 2.98
N ASP B 320 22.21 31.13 4.18
CA ASP B 320 22.85 30.32 5.23
C ASP B 320 21.89 29.25 5.80
N GLY B 321 22.48 28.26 6.49
CA GLY B 321 21.78 27.41 7.41
C GLY B 321 20.62 26.53 6.96
N VAL B 322 20.43 26.32 5.66
CA VAL B 322 19.32 25.44 5.25
C VAL B 322 19.72 23.99 5.48
N LYS B 323 18.78 23.17 5.98
CA LYS B 323 19.05 21.79 6.36
C LYS B 323 18.02 20.88 5.67
N VAL B 324 18.42 20.29 4.56
CA VAL B 324 17.54 19.39 3.82
C VAL B 324 17.91 17.99 4.28
N ALA B 325 16.93 17.19 4.66
CA ALA B 325 17.25 15.89 5.22
C ALA B 325 16.18 14.86 4.99
N GLY B 326 16.60 13.67 4.57
CA GLY B 326 15.69 12.53 4.56
C GLY B 326 14.64 12.48 3.47
N LEU B 327 15.07 12.81 2.25
CA LEU B 327 14.19 12.87 1.10
C LEU B 327 14.78 12.11 -0.06
N LEU B 328 13.88 11.44 -0.79
CA LEU B 328 14.20 10.83 -2.08
C LEU B 328 13.59 11.69 -3.16
N VAL B 329 14.38 12.00 -4.19
CA VAL B 329 13.89 12.73 -5.35
C VAL B 329 13.91 11.72 -6.52
N ASP B 330 12.73 11.47 -7.06
CA ASP B 330 12.55 10.44 -8.09
C ASP B 330 12.22 11.14 -9.41
N ALA B 331 13.10 11.01 -10.41
CA ALA B 331 12.88 11.62 -11.71
C ALA B 331 11.57 11.21 -12.35
N GLY B 332 10.93 12.15 -13.05
CA GLY B 332 9.78 11.83 -13.87
C GLY B 332 10.23 11.45 -15.29
N PRO B 333 9.29 10.98 -16.11
CA PRO B 333 9.49 10.63 -17.54
C PRO B 333 9.84 11.80 -18.44
N VAL B 334 9.40 13.00 -18.09
CA VAL B 334 9.84 14.18 -18.82
C VAL B 334 11.20 14.58 -18.23
N ASN B 335 12.23 14.60 -19.06
CA ASN B 335 13.57 14.95 -18.59
C ASN B 335 13.63 16.29 -17.86
N SER B 336 14.26 16.29 -16.70
CA SER B 336 14.52 17.49 -15.94
C SER B 336 15.96 17.91 -16.10
N GLU B 337 16.20 19.16 -16.54
CA GLU B 337 17.58 19.68 -16.70
C GLU B 337 18.37 19.45 -15.42
N THR B 338 17.72 19.72 -14.30
CA THR B 338 18.27 19.48 -12.98
C THR B 338 17.20 18.91 -12.05
N LEU B 339 17.62 18.11 -11.07
CA LEU B 339 16.71 17.65 -10.02
C LEU B 339 16.78 18.44 -8.70
N VAL B 340 17.97 18.77 -8.23
CA VAL B 340 18.19 19.55 -7.02
C VAL B 340 19.28 20.56 -7.26
N GLU B 341 18.99 21.83 -6.96
CA GLU B 341 20.02 22.87 -7.01
C GLU B 341 20.22 23.48 -5.64
N VAL B 342 21.48 23.48 -5.19
CA VAL B 342 21.87 24.18 -3.98
C VAL B 342 22.59 25.47 -4.35
N GLY B 343 21.85 26.56 -4.24
CA GLY B 343 22.30 27.89 -4.63
C GLY B 343 22.13 28.24 -6.10
N SER B 344 22.75 29.35 -6.51
CA SER B 344 22.57 29.92 -7.87
C SER B 344 23.88 29.97 -8.67
N ASP B 345 23.83 29.76 -10.00
CA ASP B 345 25.07 29.59 -10.79
C ASP B 345 25.93 30.80 -10.64
N GLY B 346 27.12 30.58 -10.13
CA GLY B 346 28.01 31.68 -9.85
C GLY B 346 27.53 32.48 -8.67
N ALA B 347 26.64 31.89 -7.86
CA ALA B 347 26.45 32.35 -6.46
C ALA B 347 27.81 32.43 -5.81
N SER B 348 28.17 33.58 -5.26
CA SER B 348 29.49 33.72 -4.67
C SER B 348 29.64 34.13 -3.15
N GLY B 349 28.59 34.06 -2.36
CA GLY B 349 28.79 34.35 -0.94
C GLY B 349 29.40 33.13 -0.28
N ASP B 350 29.93 33.32 0.94
CA ASP B 350 30.42 32.25 1.79
C ASP B 350 29.33 31.94 2.76
N HIS B 351 29.40 30.75 3.35
CA HIS B 351 28.41 30.34 4.35
C HIS B 351 29.14 29.51 5.40
N ALA B 352 30.32 29.98 5.83
CA ALA B 352 31.22 29.13 6.64
C ALA B 352 30.72 28.82 8.04
N ALA B 353 30.26 29.86 8.76
CA ALA B 353 29.82 29.69 10.13
C ALA B 353 28.54 28.84 10.16
N ASN B 354 27.69 28.99 9.16
CA ASN B 354 26.37 28.38 9.16
C ASN B 354 26.03 27.86 7.76
N PRO B 355 26.62 26.72 7.39
CA PRO B 355 26.41 26.25 6.02
C PRO B 355 25.01 25.73 5.75
N THR B 356 24.74 25.50 4.47
CA THR B 356 23.61 24.66 4.06
C THR B 356 24.09 23.21 3.92
N SER B 357 23.25 22.25 4.35
CA SER B 357 23.58 20.85 4.16
C SER B 357 22.47 20.06 3.51
N LEU B 358 22.91 19.01 2.80
CA LEU B 358 22.05 17.94 2.31
C LEU B 358 22.42 16.65 3.05
N GLN B 359 21.45 16.02 3.72
CA GLN B 359 21.71 14.82 4.50
C GLN B 359 20.67 13.74 4.19
N ASP B 360 21.13 12.54 3.86
CA ASP B 360 20.19 11.48 3.51
C ASP B 360 19.26 11.99 2.43
N VAL B 361 19.88 12.62 1.44
CA VAL B 361 19.25 12.97 0.18
C VAL B 361 19.61 11.94 -0.87
N PHE B 362 18.59 11.32 -1.41
CA PHE B 362 18.75 10.25 -2.36
C PHE B 362 18.10 10.71 -3.65
N VAL B 363 18.63 10.27 -4.78
CA VAL B 363 18.08 10.63 -6.06
C VAL B 363 18.02 9.32 -6.87
N ARG B 364 16.90 9.12 -7.55
CA ARG B 364 16.71 7.93 -8.39
C ARG B 364 16.29 8.36 -9.76
N ILE B 365 16.91 7.79 -10.80
CA ILE B 365 16.49 8.02 -12.17
C ILE B 365 16.13 6.67 -12.82
N GLY B 366 14.83 6.43 -12.96
CA GLY B 366 14.33 5.17 -13.48
C GLY B 366 14.14 4.12 -12.39
N GLY B 367 13.63 2.95 -12.79
CA GLY B 367 13.53 1.81 -11.89
C GLY B 367 12.09 1.51 -11.48
N ALA B 368 11.28 2.56 -11.47
CA ALA B 368 9.82 2.45 -11.30
C ALA B 368 9.07 2.81 -12.58
N GLY B 369 9.64 2.47 -13.71
CA GLY B 369 9.23 3.06 -14.99
C GLY B 369 10.18 4.19 -15.36
N PRO B 370 10.05 4.73 -16.59
CA PRO B 370 11.01 5.71 -17.10
C PRO B 370 11.29 6.80 -16.09
N GLY B 371 12.46 7.39 -16.21
CA GLY B 371 12.76 8.63 -15.55
C GLY B 371 14.00 9.15 -16.24
N LYS B 372 14.13 10.48 -16.38
CA LYS B 372 15.24 11.10 -17.09
C LYS B 372 15.60 12.43 -16.45
N ALA B 373 16.89 12.70 -16.35
CA ALA B 373 17.39 13.99 -15.89
C ALA B 373 18.81 14.20 -16.40
N THR B 374 19.16 15.44 -16.65
CA THR B 374 20.48 15.74 -17.23
C THR B 374 21.57 15.76 -16.16
N THR B 375 21.42 16.63 -15.16
CA THR B 375 22.31 16.73 -14.00
C THR B 375 21.44 16.60 -12.74
N SER B 376 21.76 15.63 -11.88
CA SER B 376 20.88 15.37 -10.76
C SER B 376 21.02 16.41 -9.63
N ILE B 377 22.25 16.62 -9.11
CA ILE B 377 22.46 17.62 -8.05
C ILE B 377 23.54 18.59 -8.44
N VAL B 378 23.17 19.88 -8.47
CA VAL B 378 24.11 20.96 -8.67
C VAL B 378 24.30 21.68 -7.36
N VAL B 379 25.56 21.74 -6.94
CA VAL B 379 25.92 22.44 -5.71
C VAL B 379 26.69 23.70 -6.10
N ASN B 380 25.95 24.81 -6.11
CA ASN B 380 26.51 26.11 -6.45
C ASN B 380 27.07 26.87 -5.26
N SER B 381 26.51 26.60 -4.07
CA SER B 381 26.79 27.40 -2.87
C SER B 381 28.02 26.97 -2.12
N ASN B 382 28.79 27.96 -1.72
CA ASN B 382 30.00 27.68 -1.02
C ASN B 382 29.78 27.18 0.40
N ASP B 383 30.70 26.33 0.84
CA ASP B 383 30.74 25.77 2.20
C ASP B 383 29.65 24.70 2.48
N THR B 384 28.94 24.30 1.43
CA THR B 384 27.89 23.30 1.55
C THR B 384 28.44 21.97 2.06
N ILE B 385 27.66 21.33 2.94
CA ILE B 385 27.97 20.00 3.46
C ILE B 385 27.03 19.02 2.76
N ILE B 386 27.59 17.98 2.13
CA ILE B 386 26.82 16.86 1.59
C ILE B 386 27.19 15.66 2.45
N ASP B 387 26.30 15.30 3.38
CA ASP B 387 26.57 14.25 4.40
C ASP B 387 25.60 13.07 4.20
N HIS B 388 26.04 12.12 3.39
CA HIS B 388 25.30 10.96 2.92
C HIS B 388 24.31 11.28 1.81
N THR B 389 24.75 10.97 0.60
CA THR B 389 23.85 11.04 -0.56
C THR B 389 24.07 9.77 -1.40
N TRP B 390 22.98 9.28 -1.99
CA TRP B 390 23.05 8.23 -3.02
C TRP B 390 22.31 8.79 -4.23
N VAL B 391 23.07 9.04 -5.29
CA VAL B 391 22.54 9.57 -6.54
C VAL B 391 22.70 8.45 -7.56
N TRP B 392 21.55 7.87 -7.92
CA TRP B 392 21.50 6.56 -8.56
C TRP B 392 20.68 6.54 -9.86
N ARG B 393 21.36 6.37 -10.98
CA ARG B 393 20.68 6.00 -12.21
C ARG B 393 20.39 4.51 -12.13
N ALA B 394 19.12 4.14 -12.28
CA ALA B 394 18.74 2.76 -12.03
C ALA B 394 19.40 1.77 -13.00
N ASP B 395 19.85 0.66 -12.45
CA ASP B 395 20.39 -0.46 -13.24
C ASP B 395 19.45 -1.66 -13.31
N HIS B 396 18.27 -1.58 -12.71
CA HIS B 396 17.30 -2.66 -12.79
C HIS B 396 15.96 -2.07 -12.43
N GLY B 397 14.90 -2.66 -12.99
CA GLY B 397 13.53 -2.32 -12.63
C GLY B 397 12.66 -2.06 -13.86
N GLU B 398 11.68 -1.17 -13.73
CA GLU B 398 10.86 -0.82 -14.88
C GLU B 398 11.31 0.50 -15.41
N GLY B 399 11.55 0.57 -16.71
CA GLY B 399 11.94 1.82 -17.36
C GLY B 399 13.46 2.04 -17.41
N VAL B 400 14.20 0.97 -17.66
CA VAL B 400 15.68 0.98 -17.54
C VAL B 400 16.39 0.58 -18.86
N GLY B 401 17.23 1.49 -19.35
CA GLY B 401 18.03 1.23 -20.55
C GLY B 401 18.88 2.44 -20.90
N TRP B 402 19.86 2.22 -21.79
CA TRP B 402 20.84 3.26 -22.15
C TRP B 402 20.16 4.57 -22.56
N GLU B 403 19.00 4.46 -23.19
CA GLU B 403 18.22 5.64 -23.59
C GLU B 403 17.01 5.86 -22.68
N THR B 404 16.39 4.77 -22.28
CA THR B 404 15.12 4.79 -21.58
C THR B 404 15.23 5.61 -20.30
N ASN B 405 16.30 5.41 -19.53
CA ASN B 405 16.55 6.22 -18.34
C ASN B 405 17.93 6.91 -18.39
N ARG B 406 18.28 7.42 -19.57
CA ARG B 406 19.47 8.25 -19.73
C ARG B 406 19.53 9.35 -18.65
N ALA B 407 20.69 9.44 -18.01
CA ALA B 407 21.02 10.52 -17.12
C ALA B 407 22.50 10.74 -17.23
N ASP B 408 22.88 11.84 -17.85
CA ASP B 408 24.30 12.07 -18.19
C ASP B 408 25.16 12.31 -16.95
N TYR B 409 24.66 13.14 -16.04
CA TYR B 409 25.50 13.69 -14.95
C TYR B 409 24.86 13.50 -13.59
N GLY B 410 25.67 13.04 -12.65
CA GLY B 410 25.22 12.81 -11.30
C GLY B 410 25.22 14.09 -10.50
N VAL B 411 26.39 14.38 -9.97
CA VAL B 411 26.61 15.55 -9.09
C VAL B 411 27.63 16.47 -9.73
N HIS B 412 27.31 17.76 -9.76
CA HIS B 412 28.25 18.77 -10.23
C HIS B 412 28.46 19.76 -9.11
N VAL B 413 29.67 19.77 -8.56
CA VAL B 413 29.97 20.70 -7.47
C VAL B 413 30.70 21.91 -8.01
N LYS B 414 30.03 23.06 -7.91
CA LYS B 414 30.61 24.29 -8.43
C LYS B 414 31.03 25.26 -7.33
N GLY B 415 30.43 25.11 -6.16
CA GLY B 415 30.79 25.92 -5.01
C GLY B 415 32.16 25.60 -4.41
N ASP B 416 32.72 26.58 -3.71
CA ASP B 416 34.04 26.45 -3.10
C ASP B 416 33.92 25.95 -1.65
N ASN B 417 34.93 25.24 -1.21
CA ASN B 417 35.00 24.74 0.17
C ASN B 417 33.83 23.80 0.50
N VAL B 418 33.37 23.09 -0.49
CA VAL B 418 32.29 22.11 -0.30
C VAL B 418 32.88 20.82 0.28
N LEU B 419 32.17 20.23 1.24
CA LEU B 419 32.60 18.99 1.86
C LEU B 419 31.57 17.91 1.59
N ALA B 420 32.01 16.75 1.10
CA ALA B 420 31.14 15.59 0.95
C ALA B 420 31.63 14.47 1.86
N THR B 421 30.75 13.96 2.73
CA THR B 421 31.09 12.86 3.63
C THR B 421 30.12 11.73 3.41
N GLY B 422 30.57 10.67 2.73
CA GLY B 422 29.71 9.57 2.34
C GLY B 422 29.00 9.84 1.04
N LEU B 423 29.77 9.83 -0.04
CA LEU B 423 29.28 10.16 -1.38
C LEU B 423 29.12 8.85 -2.20
N PHE B 424 27.88 8.54 -2.60
CA PHE B 424 27.56 7.32 -3.38
C PHE B 424 26.87 7.79 -4.68
N VAL B 425 27.48 7.57 -5.84
CA VAL B 425 26.94 8.05 -7.12
C VAL B 425 27.21 7.01 -8.20
N GLU B 426 26.16 6.53 -8.88
CA GLU B 426 26.31 5.37 -9.74
C GLU B 426 25.53 5.42 -11.07
N HIS B 427 26.19 4.96 -12.13
CA HIS B 427 25.58 4.48 -13.39
C HIS B 427 25.29 5.56 -14.42
N PHE B 428 25.81 6.76 -14.22
CA PHE B 428 25.50 7.87 -15.14
C PHE B 428 26.09 7.66 -16.53
N ASN B 429 25.43 8.18 -17.57
CA ASN B 429 25.90 7.96 -18.94
C ASN B 429 27.22 8.68 -19.20
N LYS B 430 27.47 9.77 -18.49
CA LYS B 430 28.72 10.54 -18.60
C LYS B 430 29.41 10.64 -17.23
N TYR B 431 29.83 11.83 -16.80
CA TYR B 431 30.57 11.92 -15.54
C TYR B 431 29.62 11.74 -14.37
N ASP B 432 29.87 10.75 -13.52
CA ASP B 432 29.01 10.59 -12.34
C ASP B 432 29.17 11.78 -11.40
N VAL B 433 30.41 12.16 -11.15
CA VAL B 433 30.73 13.36 -10.36
C VAL B 433 31.68 14.26 -11.11
N GLN B 434 31.36 15.55 -11.11
CA GLN B 434 32.22 16.61 -11.63
C GLN B 434 32.42 17.63 -10.50
N TRP B 435 33.66 18.10 -10.34
CA TRP B 435 34.00 19.09 -9.34
C TRP B 435 34.81 20.20 -9.97
N SER B 436 34.20 21.38 -10.03
CA SER B 436 34.86 22.59 -10.55
C SER B 436 35.00 23.71 -9.54
N GLY B 437 34.49 23.52 -8.33
CA GLY B 437 34.76 24.45 -7.24
C GLY B 437 36.15 24.25 -6.67
N GLU B 438 36.66 25.28 -5.99
CA GLU B 438 37.93 25.20 -5.28
C GLU B 438 37.82 24.59 -3.88
N ASN B 439 38.95 24.10 -3.41
CA ASN B 439 39.08 23.59 -2.06
C ASN B 439 38.01 22.57 -1.71
N GLY B 440 37.56 21.81 -2.71
CA GLY B 440 36.68 20.68 -2.50
C GLY B 440 37.29 19.58 -1.64
N LYS B 441 36.45 18.93 -0.82
CA LYS B 441 36.89 17.78 -0.01
C LYS B 441 35.86 16.64 -0.03
N THR B 442 36.30 15.42 -0.30
CA THR B 442 35.42 14.24 -0.27
C THR B 442 36.06 13.17 0.60
N ILE B 443 35.29 12.72 1.58
CA ILE B 443 35.66 11.62 2.47
C ILE B 443 34.66 10.50 2.23
N PHE B 444 35.17 9.44 1.63
CA PHE B 444 34.45 8.26 1.12
C PHE B 444 33.65 8.50 -0.15
N TYR B 445 34.01 7.77 -1.21
CA TYR B 445 33.24 7.77 -2.47
C TYR B 445 33.07 6.35 -2.92
N GLN B 446 31.83 6.01 -3.26
CA GLN B 446 31.51 4.74 -3.91
C GLN B 446 30.80 5.03 -5.22
N ASN B 447 31.36 4.49 -6.31
CA ASN B 447 30.78 4.59 -7.64
C ASN B 447 30.72 3.22 -8.31
N ALA B 448 29.74 3.03 -9.18
CA ALA B 448 29.78 1.97 -10.19
C ALA B 448 29.43 2.64 -11.51
N LYS B 449 30.14 2.24 -12.54
CA LYS B 449 29.94 2.83 -13.85
C LYS B 449 28.69 2.21 -14.55
N ALA B 450 28.12 2.91 -15.52
CA ALA B 450 26.98 2.39 -16.32
C ALA B 450 27.24 1.00 -16.83
N TYR B 451 26.28 0.08 -16.63
CA TYR B 451 26.47 -1.30 -17.08
C TYR B 451 26.08 -1.48 -18.52
N ASP B 452 25.31 -0.51 -19.04
CA ASP B 452 24.62 -0.66 -20.31
C ASP B 452 25.18 0.14 -21.52
N ALA B 453 26.30 0.83 -21.36
CA ALA B 453 27.12 1.26 -22.49
C ALA B 453 27.15 0.15 -23.55
N PRO B 454 26.83 0.47 -24.82
CA PRO B 454 26.61 -0.64 -25.75
C PRO B 454 27.85 -0.98 -26.53
N ASP B 455 28.73 0.01 -26.65
CA ASP B 455 30.03 -0.24 -27.24
C ASP B 455 30.96 0.91 -26.83
N GLN B 456 32.20 0.81 -27.28
CA GLN B 456 33.25 1.75 -26.91
C GLN B 456 32.97 3.22 -27.28
N ALA B 457 32.29 3.44 -28.42
CA ALA B 457 32.04 4.79 -28.93
C ALA B 457 30.98 5.58 -28.15
N ALA B 458 30.03 4.90 -27.53
CA ALA B 458 28.94 5.60 -26.83
C ALA B 458 29.40 6.18 -25.50
N ILE B 459 30.66 5.92 -25.16
CA ILE B 459 31.28 6.46 -23.95
C ILE B 459 32.60 7.15 -24.28
N GLN B 460 32.82 7.40 -25.58
CA GLN B 460 34.01 8.12 -26.00
C GLN B 460 33.97 9.57 -25.49
N ASN B 461 35.02 9.97 -24.79
CA ASN B 461 35.08 11.29 -24.11
C ASN B 461 36.33 12.06 -24.50
N GLY B 462 36.20 12.97 -25.46
CA GLY B 462 37.34 13.41 -26.23
C GLY B 462 38.30 12.28 -26.61
N ASP B 463 39.54 12.44 -26.17
CA ASP B 463 40.64 11.51 -26.42
C ASP B 463 40.62 10.31 -25.44
N ILE B 464 39.68 10.39 -24.50
CA ILE B 464 39.62 9.44 -23.40
C ILE B 464 38.55 8.41 -23.67
N LYS B 465 38.79 7.14 -23.30
CA LYS B 465 37.76 6.12 -23.38
C LYS B 465 36.98 6.12 -22.07
N GLY B 466 35.69 6.39 -22.18
CA GLY B 466 34.84 6.44 -21.01
C GLY B 466 34.89 7.79 -20.35
N TYR B 467 33.97 7.99 -19.41
CA TYR B 467 33.93 9.18 -18.57
C TYR B 467 34.29 8.82 -17.13
N ALA B 468 35.19 9.60 -16.52
CA ALA B 468 35.56 9.38 -15.16
C ALA B 468 34.32 9.32 -14.27
N ALA B 469 34.41 8.49 -13.23
CA ALA B 469 33.42 8.50 -12.17
C ALA B 469 33.53 9.77 -11.34
N TYR B 470 34.72 10.38 -11.32
CA TYR B 470 34.94 11.57 -10.50
C TYR B 470 36.01 12.38 -11.20
N LYS B 471 35.59 13.50 -11.82
CA LYS B 471 36.50 14.46 -12.48
C LYS B 471 36.63 15.72 -11.67
N VAL B 472 37.86 16.20 -11.57
CA VAL B 472 38.14 17.54 -11.09
C VAL B 472 38.52 18.36 -12.31
N ASP B 473 37.83 19.49 -12.54
CA ASP B 473 38.16 20.44 -13.63
C ASP B 473 39.65 20.76 -13.61
N ASP B 474 40.27 21.12 -14.74
CA ASP B 474 41.72 21.49 -14.67
C ASP B 474 41.92 22.98 -14.41
N SER B 475 40.82 23.68 -14.29
CA SER B 475 40.83 25.01 -13.74
C SER B 475 41.09 24.94 -12.25
N VAL B 476 40.67 23.84 -11.63
CA VAL B 476 40.70 23.75 -10.17
C VAL B 476 42.16 23.91 -9.78
N THR B 477 42.44 24.53 -8.62
CA THR B 477 43.81 24.55 -8.07
C THR B 477 43.98 23.71 -6.74
N THR B 478 42.95 23.63 -5.88
CA THR B 478 43.02 22.77 -4.67
C THR B 478 41.83 21.80 -4.55
N HIS B 479 42.13 20.55 -4.20
CA HIS B 479 41.13 19.52 -3.96
C HIS B 479 41.75 18.44 -3.09
N GLU B 480 40.94 17.75 -2.28
CA GLU B 480 41.44 16.61 -1.52
C GLU B 480 40.36 15.52 -1.37
N GLY B 481 40.72 14.28 -1.70
CA GLY B 481 39.83 13.14 -1.57
C GLY B 481 40.47 11.95 -0.87
N TRP B 482 39.66 11.27 -0.05
CA TRP B 482 40.11 10.12 0.72
C TRP B 482 39.15 8.92 0.59
N GLY B 483 39.68 7.73 0.29
CA GLY B 483 38.90 6.49 0.45
C GLY B 483 37.82 6.32 -0.62
N MET B 484 38.27 6.09 -1.84
CA MET B 484 37.43 6.38 -2.98
C MET B 484 37.55 5.27 -4.03
N GLY B 485 36.41 4.68 -4.42
CA GLY B 485 36.44 3.52 -5.30
C GLY B 485 35.42 3.58 -6.42
N SER B 486 35.79 3.01 -7.56
CA SER B 486 34.85 2.94 -8.69
C SER B 486 34.94 1.57 -9.32
N TYR B 487 33.79 0.98 -9.55
CA TYR B 487 33.78 -0.33 -10.18
C TYR B 487 32.99 -0.39 -11.48
N CYS B 488 33.30 -1.37 -12.33
CA CYS B 488 32.58 -1.56 -13.58
C CYS B 488 31.97 -2.94 -13.66
N TYR B 489 30.90 -3.00 -14.46
CA TYR B 489 30.15 -4.22 -14.78
C TYR B 489 29.49 -4.03 -16.14
N PHE B 490 30.31 -3.99 -17.18
CA PHE B 490 29.81 -3.69 -18.52
C PHE B 490 29.24 -4.98 -19.11
N ASN B 491 28.04 -5.33 -18.65
CA ASN B 491 27.57 -6.71 -18.92
C ASN B 491 26.89 -6.78 -20.27
N VAL B 492 26.52 -5.63 -20.81
CA VAL B 492 26.01 -5.64 -22.17
C VAL B 492 27.14 -5.69 -23.20
N ASN B 493 28.27 -5.03 -22.94
CA ASN B 493 29.46 -5.24 -23.79
C ASN B 493 30.75 -5.33 -22.96
N PRO B 494 31.12 -6.56 -22.58
CA PRO B 494 32.29 -6.82 -21.72
C PRO B 494 33.66 -6.51 -22.38
N ASP B 495 33.61 -6.17 -23.66
CA ASP B 495 34.83 -5.77 -24.36
C ASP B 495 35.27 -4.35 -24.05
N ILE B 496 34.39 -3.59 -23.42
CA ILE B 496 34.67 -2.20 -23.13
C ILE B 496 35.87 -2.00 -22.22
N ARG B 497 36.59 -0.91 -22.47
CA ARG B 497 37.62 -0.41 -21.57
C ARG B 497 37.21 0.94 -21.01
N GLN B 498 37.35 1.08 -19.70
CA GLN B 498 37.20 2.37 -19.01
C GLN B 498 38.59 2.86 -18.72
N GLN B 499 38.95 4.04 -19.21
CA GLN B 499 40.33 4.50 -19.06
C GLN B 499 40.72 4.63 -17.57
N HIS B 500 39.84 5.25 -16.80
CA HIS B 500 40.10 5.45 -15.40
C HIS B 500 38.84 5.68 -14.58
N GLY B 501 38.97 5.54 -13.25
CA GLY B 501 37.89 5.92 -12.36
C GLY B 501 37.91 7.41 -12.03
N PHE B 502 39.11 7.97 -12.03
CA PHE B 502 39.36 9.32 -11.54
C PHE B 502 40.15 10.11 -12.57
N GLN B 503 39.79 11.38 -12.69
CA GLN B 503 40.58 12.32 -13.50
C GLN B 503 40.69 13.66 -12.83
N ALA B 504 41.89 14.21 -12.88
CA ALA B 504 42.19 15.43 -12.16
C ALA B 504 43.48 16.06 -12.68
N PRO B 505 43.64 17.36 -12.45
CA PRO B 505 44.90 18.06 -12.73
C PRO B 505 46.01 17.50 -11.91
N VAL B 506 47.22 17.52 -12.44
CA VAL B 506 48.37 17.10 -11.68
C VAL B 506 49.06 18.33 -11.08
N LYS B 507 48.55 18.77 -9.92
CA LYS B 507 49.07 19.90 -9.14
C LYS B 507 49.29 19.50 -7.68
N PRO B 508 50.18 20.20 -6.95
CA PRO B 508 50.46 19.75 -5.58
C PRO B 508 49.35 20.05 -4.59
N GLY B 509 48.42 20.92 -4.96
CA GLY B 509 47.25 21.22 -4.13
C GLY B 509 46.04 20.32 -4.44
N VAL B 510 46.15 19.50 -5.49
CA VAL B 510 45.07 18.53 -5.86
C VAL B 510 45.53 17.13 -5.48
N LYS B 511 45.01 16.65 -4.33
CA LYS B 511 45.56 15.47 -3.67
C LYS B 511 44.52 14.36 -3.53
N PHE B 512 44.94 13.11 -3.73
CA PHE B 512 44.08 11.97 -3.46
C PHE B 512 44.79 10.93 -2.65
N HIS B 513 44.03 10.34 -1.73
CA HIS B 513 44.51 9.28 -0.85
C HIS B 513 43.60 8.05 -0.96
N ASP B 514 44.21 6.89 -1.23
CA ASP B 514 43.50 5.61 -1.15
C ASP B 514 42.42 5.53 -2.20
N LEU B 515 42.86 5.35 -3.44
CA LEU B 515 41.97 5.16 -4.57
C LEU B 515 41.96 3.72 -5.02
N LEU B 516 40.82 3.31 -5.56
CA LEU B 516 40.73 1.98 -6.13
C LEU B 516 39.75 1.94 -7.26
N VAL B 517 40.03 1.05 -8.20
CA VAL B 517 39.06 0.61 -9.18
C VAL B 517 39.00 -0.90 -9.25
N VAL B 518 37.84 -1.44 -9.61
CA VAL B 518 37.60 -2.88 -9.59
C VAL B 518 36.64 -3.28 -10.70
N SER B 519 36.97 -4.38 -11.37
CA SER B 519 36.10 -5.01 -12.38
C SER B 519 35.32 -6.19 -11.76
N LEU B 520 33.98 -6.17 -11.85
CA LEU B 520 33.18 -7.28 -11.33
C LEU B 520 33.12 -8.42 -12.33
N GLY B 521 33.89 -9.46 -12.09
CA GLY B 521 33.81 -10.66 -12.89
C GLY B 521 34.43 -10.53 -14.30
N GLY B 522 35.09 -9.41 -14.54
CA GLY B 522 35.80 -9.22 -15.79
C GLY B 522 34.91 -8.66 -16.88
N LYS B 523 33.74 -8.15 -16.50
CA LYS B 523 32.89 -7.49 -17.46
C LYS B 523 33.45 -6.08 -17.63
N GLY B 524 34.25 -5.92 -18.66
CA GLY B 524 35.02 -4.72 -18.88
C GLY B 524 36.25 -4.71 -18.02
N GLN B 525 37.16 -3.79 -18.33
CA GLN B 525 38.30 -3.50 -17.48
C GLN B 525 38.62 -2.03 -17.46
N TYR B 526 39.26 -1.61 -16.36
CA TYR B 526 39.92 -0.29 -16.27
C TYR B 526 41.34 -0.33 -16.86
N GLU B 527 41.69 0.67 -17.67
CA GLU B 527 43.09 0.85 -18.10
C GLU B 527 44.02 1.40 -17.01
N HIS B 528 43.47 2.23 -16.11
CA HIS B 528 44.25 2.92 -15.07
C HIS B 528 43.31 3.27 -13.89
N VAL B 529 43.89 3.76 -12.80
CA VAL B 529 43.07 4.15 -11.64
C VAL B 529 42.69 5.63 -11.76
N ILE B 530 43.71 6.47 -11.90
CA ILE B 530 43.57 7.91 -11.99
C ILE B 530 44.39 8.47 -13.18
N ASN B 531 43.77 9.33 -13.98
CA ASN B 531 44.37 9.82 -15.21
C ASN B 531 45.01 8.65 -16.00
N ASP B 532 46.33 8.68 -16.15
CA ASP B 532 47.09 7.70 -16.92
C ASP B 532 48.00 6.85 -16.06
N ILE B 533 47.77 6.89 -14.74
CA ILE B 533 48.54 6.20 -13.68
C ILE B 533 47.73 5.17 -12.85
N GLY B 534 48.45 4.20 -12.30
CA GLY B 534 47.82 3.05 -11.69
C GLY B 534 47.72 1.87 -12.64
N ASP B 535 47.70 0.68 -12.05
CA ASP B 535 47.64 -0.53 -12.86
C ASP B 535 46.25 -0.78 -13.43
N PRO B 536 46.18 -1.37 -14.63
CA PRO B 536 44.86 -1.76 -15.12
C PRO B 536 44.29 -2.89 -14.28
N THR B 537 42.98 -3.05 -14.32
CA THR B 537 42.41 -4.28 -13.76
C THR B 537 42.62 -5.38 -14.78
N SER B 538 42.71 -6.62 -14.31
CA SER B 538 42.92 -7.73 -15.22
C SER B 538 42.42 -9.00 -14.56
N GLY B 539 42.27 -10.07 -15.35
CA GLY B 539 41.69 -11.29 -14.84
C GLY B 539 40.19 -11.15 -14.67
N ASP B 540 39.56 -12.24 -14.20
CA ASP B 540 38.14 -12.23 -13.85
C ASP B 540 38.04 -12.60 -12.38
N THR B 541 38.92 -12.06 -11.58
CA THR B 541 39.00 -12.44 -10.16
C THR B 541 38.42 -11.33 -9.25
N THR B 542 38.00 -10.21 -9.86
CA THR B 542 37.47 -9.06 -9.12
C THR B 542 38.45 -8.69 -8.00
N ILE B 543 39.66 -8.32 -8.44
CA ILE B 543 40.74 -7.93 -7.56
C ILE B 543 41.02 -6.46 -7.81
N PRO B 544 40.92 -5.59 -6.76
CA PRO B 544 41.10 -4.15 -6.99
C PRO B 544 42.48 -3.75 -7.52
N SER B 545 42.54 -2.70 -8.34
CA SER B 545 43.77 -1.98 -8.61
C SER B 545 43.75 -0.72 -7.81
N GLN B 546 44.84 -0.45 -7.11
CA GLN B 546 44.72 0.50 -6.03
C GLN B 546 45.92 1.51 -6.09
N VAL B 547 45.65 2.77 -5.72
CA VAL B 547 46.68 3.81 -5.66
C VAL B 547 46.55 4.49 -4.31
N VAL B 548 47.59 4.36 -3.49
CA VAL B 548 47.59 4.97 -2.16
C VAL B 548 47.60 6.49 -2.18
N SER B 549 48.43 7.11 -3.04
CA SER B 549 48.54 8.58 -3.03
C SER B 549 48.90 9.21 -4.39
N PHE B 550 48.29 10.35 -4.65
CA PHE B 550 48.38 11.03 -5.91
C PHE B 550 48.33 12.52 -5.65
N PRO B 551 49.14 13.32 -6.38
CA PRO B 551 50.06 12.87 -7.43
C PRO B 551 51.39 12.42 -6.86
C1 EDO C . -38.60 -12.36 -9.01
O1 EDO C . -37.72 -12.99 -8.05
C2 EDO C . -38.86 -10.89 -8.66
O2 EDO C . -37.66 -10.16 -8.85
H11 EDO C . -39.55 -12.90 -9.06
H12 EDO C . -38.12 -12.41 -9.99
HO1 EDO C . -37.53 -13.89 -8.33
H21 EDO C . -39.18 -10.79 -7.61
H22 EDO C . -39.64 -10.49 -9.30
HO2 EDO C . -37.84 -9.21 -8.75
C1 EDO D . -15.66 -12.62 -22.11
O1 EDO D . -14.38 -11.95 -22.17
C2 EDO D . -16.78 -11.57 -22.15
O2 EDO D . -16.55 -10.67 -21.06
H11 EDO D . -15.75 -13.21 -21.20
H12 EDO D . -15.76 -13.30 -22.96
HO1 EDO D . -13.67 -12.61 -22.14
H21 EDO D . -17.75 -12.03 -22.05
H22 EDO D . -16.74 -11.03 -23.09
HO2 EDO D . -17.16 -9.92 -21.11
C2 BGC E . 25.11 -1.62 -6.89
C3 BGC E . 23.67 -1.06 -6.80
C4 BGC E . 22.86 -2.14 -7.55
C5 BGC E . 22.97 -3.56 -6.98
C6 BGC E . 22.11 -4.42 -7.89
C1 BGC E . 25.31 -3.12 -6.48
O1 BGC E . 26.47 -3.54 -7.17
O2 BGC E . 26.15 -0.79 -6.32
O3 BGC E . 23.51 0.09 -7.65
O4 BGC E . 21.50 -1.76 -7.82
O5 BGC E . 24.32 -4.03 -6.88
O6 BGC E . 22.52 -5.77 -7.85
H2 BGC E . 24.20 -1.28 -6.39
H3 BGC E . 22.95 -1.81 -7.05
H4 BGC E . 23.38 -2.34 -8.49
H5 BGC E . 22.51 -3.57 -5.99
H61 BGC E . 22.24 -4.13 -8.94
H62 BGC E . 21.06 -4.30 -7.62
H1 BGC E . 25.47 -3.20 -5.41
HO1 BGC E . 26.72 -2.85 -7.84
HO2 BGC E . 26.59 -1.28 -5.61
HO3 BGC E . 24.35 0.27 -8.13
HO4 BGC E . 21.36 -0.81 -7.63
HO6 BGC E . 23.40 -5.83 -7.42
C1 EDO F . 7.44 6.58 -5.86
O1 EDO F . 8.62 7.36 -6.04
C2 EDO F . 7.75 5.15 -6.29
O2 EDO F . 8.53 4.52 -5.27
H11 EDO F . 6.63 6.98 -6.47
H12 EDO F . 7.12 6.59 -4.81
HO1 EDO F . 8.43 8.28 -5.84
H21 EDO F . 8.32 5.17 -7.22
H22 EDO F . 6.82 4.60 -6.46
HO2 EDO F . 8.65 3.59 -5.48
C1 EDO G . 31.09 4.82 -18.95
O1 EDO G . 32.28 5.61 -18.94
C2 EDO G . 29.87 5.69 -19.21
O2 EDO G . 29.48 6.47 -18.07
H11 EDO G . 30.98 4.31 -18.00
H12 EDO G . 31.15 4.06 -19.74
HO1 EDO G . 33.03 5.05 -18.70
H21 EDO G . 29.03 5.05 -19.50
H22 EDO G . 30.09 6.36 -20.04
HO2 EDO G . 28.57 6.78 -18.18
C1 EDO H . 49.15 5.53 3.89
O1 EDO H . 48.31 6.50 4.50
C2 EDO H . 49.14 4.22 4.66
O2 EDO H . 47.95 3.49 4.35
H11 EDO H . 50.17 5.91 3.83
H12 EDO H . 48.82 5.34 2.86
HO1 EDO H . 48.18 7.24 3.89
H21 EDO H . 49.18 4.42 5.73
H22 EDO H . 50.02 3.64 4.39
HO2 EDO H . 47.94 2.69 4.88
N VAL A 4 -48.60 8.74 3.33
CA VAL A 4 -47.17 9.03 3.16
C VAL A 4 -46.57 9.41 4.45
N VAL A 5 -47.42 9.83 5.35
CA VAL A 5 -47.11 9.82 6.76
C VAL A 5 -46.12 8.62 6.99
N GLY A 6 -45.22 8.79 7.94
CA GLY A 6 -44.27 7.75 8.21
C GLY A 6 -44.90 6.61 8.97
N GLY A 7 -44.03 5.80 9.58
CA GLY A 7 -44.37 4.68 10.43
C GLY A 7 -45.35 3.74 9.75
N GLY A 8 -45.82 2.71 10.47
CA GLY A 8 -47.02 2.00 10.05
C GLY A 8 -47.07 0.47 9.99
N ASP A 9 -47.68 -0.03 8.92
CA ASP A 9 -47.82 -1.47 8.82
C ASP A 9 -46.68 -2.14 8.09
N LEU A 10 -45.86 -2.87 8.85
CA LEU A 10 -44.72 -3.65 8.32
C LEU A 10 -45.29 -4.88 7.56
N GLY A 11 -46.50 -5.29 7.94
CA GLY A 11 -47.34 -6.08 7.05
C GLY A 11 -47.19 -7.59 7.05
N PRO A 12 -47.84 -8.24 6.07
CA PRO A 12 -47.93 -9.69 5.99
C PRO A 12 -46.77 -10.34 5.27
N ASN A 13 -45.58 -9.80 5.37
CA ASN A 13 -44.41 -10.53 4.90
C ASN A 13 -43.32 -10.45 5.94
N VAL A 14 -43.60 -9.67 6.97
CA VAL A 14 -42.72 -9.59 8.10
C VAL A 14 -43.37 -10.38 9.25
N LEU A 15 -42.77 -11.52 9.56
CA LEU A 15 -43.29 -12.40 10.62
C LEU A 15 -42.50 -12.10 11.89
N VAL A 16 -43.22 -11.68 12.93
CA VAL A 16 -42.62 -11.24 14.19
C VAL A 16 -42.91 -12.24 15.30
N PHE A 17 -41.83 -12.72 15.92
CA PHE A 17 -41.89 -13.72 16.96
C PHE A 17 -41.41 -13.17 18.32
N ASP A 18 -42.01 -13.73 19.36
CA ASP A 18 -41.79 -13.45 20.79
C ASP A 18 -41.45 -14.83 21.34
N PRO A 19 -40.58 -14.96 22.39
CA PRO A 19 -40.35 -16.35 22.80
C PRO A 19 -41.57 -17.04 23.34
N SER A 20 -42.73 -16.37 23.35
CA SER A 20 -44.00 -16.97 23.74
C SER A 20 -44.92 -17.33 22.55
N THR A 21 -44.47 -17.16 21.32
CA THR A 21 -45.23 -17.56 20.14
C THR A 21 -45.43 -19.08 20.06
N PRO A 22 -46.67 -19.56 19.85
CA PRO A 22 -46.85 -20.99 19.59
C PRO A 22 -46.30 -21.38 18.23
N ASP A 23 -45.88 -22.62 18.07
CA ASP A 23 -45.59 -23.17 16.76
C ASP A 23 -44.52 -22.36 16.00
N ILE A 24 -43.64 -21.62 16.70
CA ILE A 24 -42.57 -20.86 16.02
C ILE A 24 -41.91 -21.79 15.02
N GLN A 25 -41.57 -22.98 15.46
CA GLN A 25 -40.91 -23.94 14.59
C GLN A 25 -41.73 -24.26 13.37
N GLY A 26 -42.94 -24.78 13.58
CA GLY A 26 -43.82 -25.11 12.47
C GLY A 26 -43.95 -23.97 11.50
N LYS A 27 -44.06 -22.76 12.03
CA LYS A 27 -44.20 -21.57 11.19
C LYS A 27 -42.98 -21.33 10.32
N VAL A 28 -41.80 -21.53 10.88
CA VAL A 28 -40.56 -21.37 10.11
C VAL A 28 -40.39 -22.55 9.17
N ASP A 29 -40.81 -23.75 9.58
CA ASP A 29 -40.74 -24.90 8.67
C ASP A 29 -41.70 -24.66 7.48
N GLU A 30 -42.84 -24.03 7.71
CA GLU A 30 -43.74 -23.71 6.60
C GLU A 30 -43.13 -22.73 5.59
N VAL A 31 -42.55 -21.66 6.10
CA VAL A 31 -41.91 -20.68 5.25
C VAL A 31 -40.84 -21.41 4.43
N PHE A 32 -40.13 -22.33 5.06
CA PHE A 32 -39.06 -23.05 4.34
C PHE A 32 -39.59 -23.91 3.20
N ARG A 33 -40.65 -24.66 3.46
CA ARG A 33 -41.24 -25.51 2.42
C ARG A 33 -41.53 -24.61 1.20
N LYS A 34 -42.03 -23.40 1.49
CA LYS A 34 -42.42 -22.46 0.44
C LYS A 34 -41.20 -22.00 -0.38
N GLN A 35 -40.11 -21.72 0.34
CA GLN A 35 -38.94 -21.03 -0.22
C GLN A 35 -37.77 -21.92 -0.61
N GLU A 36 -37.81 -23.19 -0.22
CA GLU A 36 -36.62 -24.06 -0.32
C GLU A 36 -35.99 -24.11 -1.73
N SER A 37 -36.80 -24.40 -2.73
CA SER A 37 -36.34 -24.48 -4.12
C SER A 37 -36.95 -23.36 -4.95
N ASN A 38 -37.43 -22.32 -4.28
CA ASN A 38 -38.15 -21.25 -4.96
C ASN A 38 -37.16 -20.20 -5.47
N GLN A 39 -36.35 -20.59 -6.45
CA GLN A 39 -35.20 -19.77 -6.81
C GLN A 39 -35.54 -18.44 -7.46
N PHE A 40 -36.61 -18.44 -8.27
CA PHE A 40 -36.95 -17.28 -9.08
C PHE A 40 -38.36 -16.73 -8.83
N GLY A 41 -39.02 -17.25 -7.77
CA GLY A 41 -40.36 -16.79 -7.40
C GLY A 41 -40.44 -15.37 -6.80
N THR A 42 -41.65 -14.94 -6.49
CA THR A 42 -41.91 -13.54 -6.14
C THR A 42 -42.13 -13.39 -4.65
N ASP A 43 -42.34 -14.49 -3.92
CA ASP A 43 -42.48 -14.37 -2.46
C ASP A 43 -41.19 -13.86 -1.80
N ARG A 44 -41.38 -13.15 -0.70
CA ARG A 44 -40.32 -12.52 0.09
C ARG A 44 -40.74 -12.55 1.56
N TYR A 45 -39.86 -12.98 2.46
CA TYR A 45 -40.17 -12.95 3.89
C TYR A 45 -39.03 -12.48 4.77
N ALA A 46 -39.38 -11.79 5.87
CA ALA A 46 -38.45 -11.46 6.93
C ALA A 46 -38.99 -12.07 8.21
N LEU A 47 -38.14 -12.84 8.88
CA LEU A 47 -38.49 -13.52 10.14
C LEU A 47 -37.79 -12.83 11.30
N MET A 48 -38.49 -11.96 12.05
CA MET A 48 -37.84 -11.09 13.02
C MET A 48 -38.13 -11.69 14.41
N PHE A 49 -37.16 -11.63 15.30
CA PHE A 49 -37.27 -12.26 16.61
C PHE A 49 -37.04 -11.26 17.74
N LYS A 50 -38.06 -11.08 18.58
CA LYS A 50 -37.93 -10.14 19.70
C LYS A 50 -36.89 -10.65 20.67
N PRO A 51 -36.21 -9.75 21.39
CA PRO A 51 -35.21 -10.18 22.37
C PRO A 51 -35.75 -11.18 23.37
N GLY A 52 -34.92 -12.16 23.67
CA GLY A 52 -35.29 -13.29 24.47
C GLY A 52 -34.46 -14.51 24.10
N THR A 53 -34.93 -15.63 24.62
CA THR A 53 -34.26 -16.91 24.55
C THR A 53 -35.26 -17.86 23.89
N TYR A 54 -34.87 -18.44 22.75
CA TYR A 54 -35.67 -19.38 22.02
C TYR A 54 -34.98 -20.71 22.13
N ASN A 55 -35.74 -21.74 22.51
CA ASN A 55 -35.29 -23.13 22.51
C ASN A 55 -36.10 -23.97 21.54
N ASP A 56 -35.54 -25.11 21.17
CA ASP A 56 -36.23 -26.07 20.32
C ASP A 56 -36.41 -25.57 18.90
N ILE A 57 -35.30 -25.19 18.28
CA ILE A 57 -35.36 -24.49 17.00
C ILE A 57 -34.24 -24.78 15.99
N ASN A 58 -34.63 -25.38 14.86
CA ASN A 58 -33.79 -25.42 13.70
C ASN A 58 -34.50 -24.60 12.62
N ALA A 59 -34.05 -23.37 12.41
CA ALA A 59 -34.68 -22.50 11.40
C ALA A 59 -33.92 -22.55 10.08
N GLN A 60 -34.49 -23.33 9.16
CA GLN A 60 -33.88 -23.53 7.84
C GLN A 60 -34.29 -22.34 6.97
N ILE A 61 -33.30 -21.73 6.32
CA ILE A 61 -33.46 -20.52 5.54
C ILE A 61 -33.39 -20.83 4.05
N GLY A 62 -34.50 -20.60 3.36
CA GLY A 62 -34.57 -20.81 1.94
C GLY A 62 -34.33 -19.55 1.15
N PHE A 63 -34.71 -19.57 -0.13
CA PHE A 63 -34.60 -18.37 -0.94
C PHE A 63 -35.42 -17.20 -0.40
N TYR A 64 -34.91 -15.98 -0.63
CA TYR A 64 -35.61 -14.73 -0.33
C TYR A 64 -36.18 -14.70 1.09
N THR A 65 -35.37 -15.18 2.02
CA THR A 65 -35.71 -15.17 3.44
C THR A 65 -34.57 -14.52 4.22
N SER A 66 -34.92 -13.50 5.01
CA SER A 66 -34.01 -12.85 5.97
C SER A 66 -34.47 -13.21 7.39
N ILE A 67 -33.52 -13.52 8.27
CA ILE A 67 -33.85 -13.82 9.68
C ILE A 67 -33.02 -12.87 10.53
N ALA A 68 -33.63 -12.27 11.54
CA ALA A 68 -32.94 -11.26 12.31
C ALA A 68 -33.44 -11.21 13.75
N GLY A 69 -32.54 -10.85 14.66
CA GLY A 69 -32.95 -10.49 16.00
C GLY A 69 -33.29 -9.01 16.10
N LEU A 70 -34.03 -8.67 17.16
CA LEU A 70 -34.52 -7.31 17.36
C LEU A 70 -33.95 -6.59 18.60
N GLY A 71 -32.84 -7.07 19.16
CA GLY A 71 -32.11 -6.27 20.12
C GLY A 71 -31.14 -5.35 19.41
N LEU A 72 -30.52 -4.44 20.18
CA LEU A 72 -29.39 -3.62 19.72
C LEU A 72 -28.14 -4.47 19.55
N ASN A 73 -27.98 -5.39 20.49
CA ASN A 73 -26.82 -6.28 20.51
C ASN A 73 -27.28 -7.71 20.21
N PRO A 74 -26.42 -8.50 19.58
CA PRO A 74 -26.90 -9.77 19.07
C PRO A 74 -27.11 -10.77 20.21
N ASP A 75 -26.38 -10.60 21.32
CA ASP A 75 -26.51 -11.51 22.44
C ASP A 75 -27.78 -11.19 23.24
N ASP A 76 -28.59 -10.26 22.72
CA ASP A 76 -29.91 -10.00 23.30
C ASP A 76 -31.03 -10.87 22.72
N THR A 77 -30.76 -11.56 21.60
CA THR A 77 -31.70 -12.48 20.96
C THR A 77 -30.99 -13.82 20.68
N THR A 78 -31.28 -14.82 21.52
CA THR A 78 -30.52 -16.06 21.58
C THR A 78 -31.33 -17.29 21.21
N PHE A 79 -30.85 -18.03 20.21
CA PHE A 79 -31.42 -19.32 19.82
C PHE A 79 -30.56 -20.43 20.43
N ASN A 80 -31.22 -21.31 21.17
CA ASN A 80 -30.61 -22.57 21.55
C ASN A 80 -31.01 -23.54 20.46
N GLY A 81 -30.23 -23.45 19.41
CA GLY A 81 -30.57 -24.06 18.14
C GLY A 81 -29.77 -23.40 17.03
N ASP A 82 -30.34 -23.45 15.83
CA ASP A 82 -29.56 -23.27 14.61
C ASP A 82 -30.31 -22.37 13.63
N VAL A 83 -29.54 -21.72 12.78
CA VAL A 83 -30.03 -21.04 11.61
C VAL A 83 -29.29 -21.74 10.48
N THR A 84 -29.96 -22.71 9.87
CA THR A 84 -29.37 -23.62 8.89
C THR A 84 -29.64 -23.22 7.43
N VAL A 85 -28.56 -23.26 6.62
CA VAL A 85 -28.71 -23.43 5.18
C VAL A 85 -27.89 -24.64 4.73
N ASP A 86 -28.54 -25.51 3.98
CA ASP A 86 -27.84 -26.65 3.42
C ASP A 86 -28.32 -26.80 1.97
N ALA A 87 -28.04 -27.94 1.36
CA ALA A 87 -28.20 -28.02 -0.10
C ALA A 87 -28.88 -29.28 -0.60
N GLY A 88 -29.85 -29.74 0.18
CA GLY A 88 -30.52 -31.01 -0.13
C GLY A 88 -31.50 -30.85 -1.28
N TRP A 89 -32.28 -29.76 -1.24
CA TRP A 89 -33.15 -29.42 -2.36
C TRP A 89 -32.48 -29.48 -3.72
N PHE A 90 -31.15 -29.58 -3.73
CA PHE A 90 -30.41 -29.63 -4.99
C PHE A 90 -29.38 -30.78 -4.96
N ASP A 91 -29.55 -31.73 -4.05
CA ASP A 91 -28.69 -32.93 -4.00
C ASP A 91 -27.23 -32.67 -3.60
N GLY A 92 -27.00 -31.61 -2.82
CA GLY A 92 -25.69 -31.44 -2.20
C GLY A 92 -24.66 -30.50 -2.81
N ASN A 93 -24.96 -29.86 -3.94
CA ASN A 93 -24.23 -28.67 -4.38
C ASN A 93 -24.96 -27.44 -3.86
N ALA A 94 -24.20 -26.58 -3.18
CA ALA A 94 -24.71 -25.35 -2.60
C ALA A 94 -24.56 -24.12 -3.52
N THR A 95 -24.31 -24.32 -4.82
CA THR A 95 -23.94 -23.17 -5.72
C THR A 95 -25.09 -22.31 -6.22
N GLN A 96 -26.33 -22.68 -5.88
CA GLN A 96 -27.50 -21.84 -6.12
C GLN A 96 -28.16 -21.37 -4.85
N ASN A 97 -27.45 -21.49 -3.74
CA ASN A 97 -27.98 -21.03 -2.47
C ASN A 97 -27.72 -19.52 -2.34
N PHE A 98 -28.55 -18.78 -3.04
CA PHE A 98 -28.48 -17.35 -3.10
C PHE A 98 -29.60 -16.66 -2.30
N TRP A 99 -29.42 -15.35 -2.13
CA TRP A 99 -30.46 -14.35 -1.81
C TRP A 99 -31.18 -14.66 -0.49
N ARG A 100 -30.42 -14.65 0.58
CA ARG A 100 -30.99 -14.86 1.91
C ARG A 100 -30.04 -14.26 2.93
N SER A 101 -30.44 -14.20 4.20
CA SER A 101 -29.55 -13.50 5.16
C SER A 101 -29.88 -13.81 6.60
N ALA A 102 -28.86 -13.68 7.42
CA ALA A 102 -29.00 -13.82 8.88
C ALA A 102 -28.27 -12.66 9.54
N GLU A 103 -28.92 -12.06 10.54
CA GLU A 103 -28.33 -10.93 11.23
C GLU A 103 -28.75 -10.81 12.71
N ASN A 104 -27.83 -10.35 13.53
CA ASN A 104 -28.19 -9.83 14.87
C ASN A 104 -28.82 -10.88 15.81
N LEU A 105 -28.22 -12.06 15.79
CA LEU A 105 -28.58 -13.18 16.66
C LEU A 105 -27.38 -13.83 17.31
N ALA A 106 -27.60 -14.41 18.48
CA ALA A 106 -26.66 -15.37 19.04
C ALA A 106 -27.22 -16.77 18.82
N LEU A 107 -26.36 -17.69 18.42
CA LEU A 107 -26.71 -19.08 18.17
C LEU A 107 -25.90 -19.99 19.10
N ASN A 108 -26.63 -20.89 19.75
CA ASN A 108 -26.05 -21.97 20.53
C ASN A 108 -26.48 -23.28 19.87
N PRO A 109 -25.72 -23.69 18.86
CA PRO A 109 -26.25 -24.68 17.90
C PRO A 109 -26.26 -26.09 18.44
N VAL A 110 -27.30 -26.82 18.07
CA VAL A 110 -27.50 -28.19 18.59
C VAL A 110 -26.28 -29.00 18.33
N ASN A 111 -25.61 -28.67 17.26
CA ASN A 111 -24.48 -29.44 16.92
C ASN A 111 -23.39 -29.34 17.97
N GLY A 112 -23.08 -28.11 18.40
CA GLY A 112 -21.73 -27.65 18.68
C GLY A 112 -21.33 -26.75 17.50
N THR A 113 -22.21 -26.71 16.51
CA THR A 113 -21.86 -26.18 15.19
C THR A 113 -23.12 -25.79 14.42
N ASN A 114 -23.04 -24.66 13.74
CA ASN A 114 -24.12 -24.17 12.90
C ASN A 114 -23.66 -24.34 11.45
N ARG A 115 -24.59 -24.69 10.55
CA ARG A 115 -24.26 -24.82 9.12
C ARG A 115 -24.88 -23.68 8.33
N TRP A 116 -24.03 -22.90 7.65
CA TRP A 116 -24.48 -21.82 6.76
C TRP A 116 -23.84 -22.09 5.38
N ALA A 117 -24.40 -23.06 4.64
CA ALA A 117 -23.81 -23.58 3.42
C ALA A 117 -24.36 -22.87 2.20
N VAL A 118 -23.75 -21.74 1.90
CA VAL A 118 -24.33 -20.78 0.97
C VAL A 118 -23.38 -20.40 -0.15
N SER A 119 -23.94 -19.84 -1.22
CA SER A 119 -23.14 -19.17 -2.23
C SER A 119 -23.37 -17.65 -2.17
N GLN A 120 -23.51 -17.00 -3.32
CA GLN A 120 -23.50 -15.54 -3.34
C GLN A 120 -24.76 -14.89 -2.82
N ALA A 121 -24.63 -13.64 -2.39
CA ALA A 121 -25.73 -12.84 -1.82
C ALA A 121 -26.43 -13.51 -0.64
N ALA A 122 -25.61 -14.03 0.28
CA ALA A 122 -26.09 -14.68 1.47
C ALA A 122 -25.37 -14.16 2.73
N PRO A 123 -25.51 -12.86 3.01
CA PRO A 123 -24.70 -12.28 4.08
C PRO A 123 -25.05 -12.82 5.48
N PHE A 124 -24.01 -12.89 6.29
CA PHE A 124 -24.07 -13.37 7.69
C PHE A 124 -23.43 -12.22 8.48
N ARG A 125 -24.26 -11.39 9.12
CA ARG A 125 -23.79 -10.15 9.76
C ARG A 125 -24.19 -10.09 11.23
N ARG A 126 -23.28 -9.60 12.06
CA ARG A 126 -23.67 -9.22 13.41
C ARG A 126 -24.17 -10.45 14.19
N MET A 127 -23.50 -11.58 13.97
CA MET A 127 -23.88 -12.84 14.57
C MET A 127 -22.88 -13.27 15.64
N HIS A 128 -23.42 -13.86 16.70
CA HIS A 128 -22.61 -14.51 17.71
C HIS A 128 -22.88 -16.03 17.72
N VAL A 129 -21.98 -16.79 17.10
CA VAL A 129 -22.07 -18.26 17.13
C VAL A 129 -21.28 -18.78 18.32
N LYS A 130 -21.99 -19.28 19.32
CA LYS A 130 -21.38 -19.89 20.50
C LYS A 130 -20.96 -21.32 20.22
N GLY A 131 -19.86 -21.48 19.49
CA GLY A 131 -19.47 -22.77 18.96
C GLY A 131 -18.93 -22.60 17.56
N GLY A 132 -19.02 -23.65 16.76
CA GLY A 132 -18.45 -23.67 15.43
C GLY A 132 -19.41 -23.15 14.38
N LEU A 133 -18.83 -22.68 13.29
CA LEU A 133 -19.61 -22.28 12.11
C LEU A 133 -19.14 -23.05 10.92
N ASN A 134 -20.05 -23.74 10.29
CA ASN A 134 -19.61 -24.51 9.15
C ASN A 134 -20.30 -24.22 7.79
N LEU A 135 -19.47 -24.01 6.77
CA LEU A 135 -19.88 -23.27 5.55
C LEU A 135 -20.16 -24.13 4.35
N ALA A 136 -20.04 -25.44 4.52
CA ALA A 136 -20.17 -26.35 3.42
C ALA A 136 -21.38 -27.26 3.60
N PRO A 137 -21.99 -27.64 2.49
CA PRO A 137 -23.14 -28.55 2.49
C PRO A 137 -22.78 -29.97 2.93
N ASP A 138 -23.69 -30.58 3.71
CA ASP A 138 -23.74 -32.04 3.90
C ASP A 138 -23.32 -32.66 2.55
N GLY A 139 -22.10 -33.18 2.46
CA GLY A 139 -21.74 -33.93 1.26
C GLY A 139 -21.19 -33.19 0.04
N TYR A 140 -20.64 -32.00 0.24
CA TYR A 140 -19.49 -31.56 -0.57
C TYR A 140 -19.70 -30.98 -1.96
N GLY A 141 -20.92 -30.95 -2.47
CA GLY A 141 -21.10 -30.49 -3.84
C GLY A 141 -20.77 -29.08 -3.46
N TRP A 142 -19.86 -28.46 -4.18
CA TRP A 142 -18.99 -27.45 -3.62
C TRP A 142 -19.90 -26.22 -3.37
N ALA A 143 -19.33 -25.03 -3.36
CA ALA A 143 -20.10 -23.90 -2.86
C ALA A 143 -19.27 -22.74 -3.28
N SER A 144 -19.94 -21.61 -3.45
CA SER A 144 -19.28 -20.43 -4.01
C SER A 144 -19.69 -19.16 -3.29
N GLY A 145 -19.67 -19.21 -1.95
CA GLY A 145 -19.88 -18.03 -1.13
C GLY A 145 -18.68 -17.08 -1.16
N GLY A 146 -18.54 -16.20 -0.16
CA GLY A 146 -19.52 -15.96 0.87
C GLY A 146 -19.03 -14.75 1.65
N TYR A 147 -19.85 -14.30 2.60
CA TYR A 147 -19.62 -13.05 3.30
C TYR A 147 -20.02 -13.14 4.77
N ILE A 148 -19.05 -12.85 5.64
CA ILE A 148 -19.24 -12.68 7.08
C ILE A 148 -18.66 -11.33 7.50
N ALA A 149 -19.47 -10.55 8.22
CA ALA A 149 -19.00 -9.28 8.79
C ALA A 149 -19.51 -9.09 10.22
N ASP A 150 -18.69 -8.41 11.02
CA ASP A 150 -19.07 -7.97 12.36
C ASP A 150 -19.60 -9.10 13.22
N SER A 151 -18.97 -10.26 13.10
CA SER A 151 -19.46 -11.45 13.82
C SER A 151 -18.38 -12.06 14.68
N LYS A 152 -18.81 -12.81 15.69
CA LYS A 152 -17.86 -13.54 16.50
C LYS A 152 -18.28 -15.00 16.57
N ILE A 153 -17.40 -15.86 16.11
CA ILE A 153 -17.62 -17.29 16.20
C ILE A 153 -16.64 -17.83 17.22
N ASP A 154 -17.15 -18.41 18.30
CA ASP A 154 -16.28 -18.79 19.41
C ASP A 154 -15.25 -19.87 19.01
N GLY A 155 -15.67 -20.86 18.21
CA GLY A 155 -14.77 -21.95 17.80
C GLY A 155 -14.30 -21.76 16.35
N GLU A 156 -14.18 -22.85 15.61
CA GLU A 156 -13.60 -22.74 14.26
C GLU A 156 -14.63 -22.56 13.20
N VAL A 157 -14.27 -21.73 12.23
CA VAL A 157 -15.01 -21.65 11.02
C VAL A 157 -14.36 -22.58 10.02
N GLY A 158 -15.11 -23.60 9.55
CA GLY A 158 -14.62 -24.58 8.59
C GLY A 158 -15.23 -24.31 7.22
N PRO A 159 -14.39 -23.94 6.22
CA PRO A 159 -15.06 -23.69 4.94
C PRO A 159 -15.23 -24.97 4.15
N TYR A 160 -14.52 -26.03 4.57
CA TYR A 160 -14.45 -27.31 3.86
C TYR A 160 -14.31 -27.06 2.36
N SER A 161 -15.41 -27.34 1.68
CA SER A 161 -15.57 -27.34 0.26
C SER A 161 -15.40 -25.95 -0.35
N GLN A 162 -16.07 -24.95 0.24
CA GLN A 162 -16.15 -23.57 -0.28
C GLN A 162 -14.94 -23.06 -1.10
N GLN A 163 -15.19 -22.52 -2.31
CA GLN A 163 -14.09 -22.10 -3.17
C GLN A 163 -13.36 -20.85 -2.66
N GLN A 164 -14.15 -19.90 -2.20
CA GLN A 164 -13.61 -18.61 -1.78
C GLN A 164 -14.49 -18.05 -0.66
N TRP A 165 -14.00 -17.03 0.05
CA TRP A 165 -14.76 -16.47 1.16
C TRP A 165 -14.14 -15.14 1.56
N TYR A 166 -14.97 -14.21 2.01
CA TYR A 166 -14.51 -12.94 2.60
C TYR A 166 -15.06 -12.77 4.00
N THR A 167 -14.16 -12.51 4.95
CA THR A 167 -14.57 -12.21 6.33
C THR A 167 -13.98 -10.84 6.72
N ARG A 168 -14.79 -9.95 7.27
CA ARG A 168 -14.22 -8.71 7.83
C ARG A 168 -14.72 -8.39 9.22
N ASP A 169 -13.84 -7.69 9.95
CA ASP A 169 -14.18 -7.02 11.21
C ASP A 169 -14.98 -7.98 12.08
N SER A 170 -14.30 -9.04 12.49
CA SER A 170 -14.90 -10.15 13.20
C SER A 170 -13.85 -10.78 14.12
N SER A 171 -14.29 -11.78 14.87
CA SER A 171 -13.41 -12.67 15.62
C SER A 171 -13.79 -14.14 15.37
N VAL A 172 -12.78 -14.99 15.15
CA VAL A 172 -13.01 -16.43 14.99
C VAL A 172 -12.09 -17.23 15.92
N GLY A 173 -12.60 -18.36 16.38
CA GLY A 173 -11.80 -19.27 17.20
C GLY A 173 -11.03 -20.34 16.42
N GLY A 174 -10.75 -20.06 15.17
CA GLY A 174 -9.96 -20.93 14.32
C GLY A 174 -10.55 -20.88 12.91
N TRP A 175 -9.78 -21.40 11.93
CA TRP A 175 -10.15 -21.40 10.52
C TRP A 175 -9.70 -22.71 9.89
N GLY A 176 -10.65 -23.49 9.41
CA GLY A 176 -10.33 -24.83 8.97
C GLY A 176 -9.38 -24.90 7.77
N ASN A 177 -9.70 -24.15 6.72
CA ASN A 177 -8.92 -24.24 5.49
C ASN A 177 -9.25 -23.16 4.47
N GLY A 178 -8.48 -23.19 3.38
CA GLY A 178 -8.86 -22.49 2.16
C GLY A 178 -8.66 -23.34 0.90
N VAL A 179 -9.41 -22.98 -0.14
CA VAL A 179 -9.41 -23.66 -1.44
C VAL A 179 -8.80 -22.74 -2.51
N TRP A 180 -9.51 -21.71 -2.98
CA TRP A 180 -8.94 -20.80 -3.97
C TRP A 180 -8.61 -19.42 -3.41
N ASN A 181 -9.46 -18.89 -2.53
CA ASN A 181 -9.26 -17.50 -2.10
C ASN A 181 -10.07 -17.16 -0.86
N MET A 182 -9.44 -17.32 0.30
CA MET A 182 -10.05 -16.87 1.56
C MET A 182 -9.36 -15.58 1.98
N THR A 183 -10.12 -14.49 2.01
CA THR A 183 -9.58 -13.18 2.38
C THR A 183 -10.21 -12.72 3.69
N PHE A 184 -9.39 -12.00 4.46
CA PHE A 184 -9.75 -11.55 5.80
C PHE A 184 -9.26 -10.11 5.94
N SER A 185 -10.09 -9.22 6.46
CA SER A 185 -9.58 -7.91 6.84
C SER A 185 -10.17 -7.56 8.21
N GLY A 186 -9.29 -7.23 9.13
CA GLY A 186 -9.71 -6.89 10.49
C GLY A 186 -10.32 -8.04 11.28
N VAL A 187 -9.82 -9.26 11.04
CA VAL A 187 -10.37 -10.44 11.68
C VAL A 187 -9.42 -11.03 12.72
N GLU A 188 -9.88 -11.03 13.97
CA GLU A 188 -9.13 -11.67 15.08
C GLU A 188 -9.18 -13.17 14.98
N GLY A 189 -8.02 -13.83 15.01
CA GLY A 189 -7.96 -15.27 14.84
C GLY A 189 -7.82 -15.72 13.40
N ALA A 190 -7.82 -14.77 12.46
CA ALA A 190 -7.66 -15.13 11.07
C ALA A 190 -6.33 -15.84 10.86
N PRO A 191 -6.24 -16.69 9.84
CA PRO A 191 -4.92 -17.28 9.65
C PRO A 191 -3.95 -16.22 9.14
N ALA A 192 -2.66 -16.42 9.39
CA ALA A 192 -1.65 -15.48 8.90
C ALA A 192 -1.66 -15.50 7.38
N GLN A 193 -1.40 -14.32 6.80
CA GLN A 193 -1.20 -14.15 5.38
C GLN A 193 -0.29 -15.26 4.91
N SER A 194 -0.67 -15.94 3.83
CA SER A 194 0.08 -17.12 3.41
C SER A 194 0.03 -17.46 1.91
N PHE A 195 -0.83 -16.76 1.17
CA PHE A 195 -1.08 -17.03 -0.24
C PHE A 195 0.25 -17.27 -0.98
N PRO A 196 0.29 -18.26 -1.90
CA PRO A 196 -0.80 -19.07 -2.49
C PRO A 196 -1.23 -20.37 -1.82
N GLU A 197 -0.41 -21.01 -0.98
CA GLU A 197 -0.76 -22.30 -0.38
C GLU A 197 -0.33 -22.39 1.10
N PRO A 198 -1.30 -22.26 2.03
CA PRO A 198 -2.75 -22.03 1.88
C PRO A 198 -3.11 -20.65 1.28
N PRO A 199 -4.26 -20.54 0.61
CA PRO A 199 -4.67 -19.38 -0.20
C PRO A 199 -5.29 -18.20 0.60
N TYR A 200 -4.60 -17.84 1.69
CA TYR A 200 -5.01 -16.82 2.66
C TYR A 200 -4.41 -15.44 2.40
N THR A 201 -5.31 -14.47 2.21
CA THR A 201 -4.98 -13.07 2.10
C THR A 201 -5.51 -12.41 3.35
N THR A 202 -4.61 -11.94 4.21
CA THR A 202 -4.98 -11.51 5.56
C THR A 202 -4.47 -10.11 5.84
N LEU A 203 -5.37 -9.13 5.89
CA LEU A 203 -4.97 -7.76 6.27
C LEU A 203 -5.36 -7.49 7.71
N GLU A 204 -4.44 -6.85 8.42
CA GLU A 204 -4.63 -6.61 9.85
C GLU A 204 -5.94 -5.88 10.07
N THR A 205 -6.23 -4.93 9.21
CA THR A 205 -7.34 -4.00 9.45
C THR A 205 -8.11 -3.74 8.17
N THR A 206 -9.35 -3.27 8.33
CA THR A 206 -10.14 -2.81 7.21
C THR A 206 -10.05 -1.30 7.16
N PRO A 207 -9.65 -0.71 6.00
CA PRO A 207 -9.39 0.75 6.00
C PRO A 207 -10.53 1.55 6.59
N VAL A 208 -11.70 1.26 6.06
CA VAL A 208 -12.92 1.87 6.58
C VAL A 208 -14.08 0.91 6.42
N SER A 209 -14.94 0.87 7.44
CA SER A 209 -16.19 0.15 7.37
C SER A 209 -17.28 0.84 8.21
N ARG A 210 -18.53 0.56 7.89
CA ARG A 210 -19.64 1.16 8.60
C ARG A 210 -20.74 0.12 8.61
N GLU A 211 -21.06 -0.43 9.78
CA GLU A 211 -21.91 -1.62 9.82
C GLU A 211 -23.32 -1.29 9.31
N LYS A 212 -23.98 -2.30 8.76
CA LYS A 212 -25.27 -2.12 8.10
C LYS A 212 -26.36 -1.72 9.12
N PRO A 213 -27.18 -0.71 8.80
CA PRO A 213 -28.30 -0.37 9.68
C PRO A 213 -29.25 -1.55 9.84
N PHE A 214 -29.94 -1.60 10.98
CA PHE A 214 -30.87 -2.68 11.28
C PHE A 214 -31.96 -2.26 12.27
N LEU A 215 -33.10 -2.95 12.16
CA LEU A 215 -34.28 -2.69 12.98
C LEU A 215 -34.13 -3.40 14.33
N TYR A 216 -34.76 -2.86 15.37
CA TYR A 216 -34.73 -3.45 16.73
C TYR A 216 -35.79 -2.77 17.62
N LEU A 217 -36.07 -3.32 18.82
CA LEU A 217 -36.86 -2.59 19.86
C LEU A 217 -36.01 -1.80 20.85
N ASP A 218 -36.41 -0.53 21.07
CA ASP A 218 -35.92 0.41 22.12
C ASP A 218 -37.20 0.78 22.93
N GLY A 219 -37.19 0.62 24.25
CA GLY A 219 -38.47 0.57 24.94
C GLY A 219 -39.30 -0.44 24.17
N ASP A 220 -40.61 -0.18 23.93
CA ASP A 220 -41.41 -0.97 22.95
C ASP A 220 -41.61 -0.22 21.57
N ASP A 221 -40.75 0.78 21.33
CA ASP A 221 -40.69 1.50 20.04
C ASP A 221 -39.86 0.70 18.99
N TYR A 222 -40.38 0.41 17.80
CA TYR A 222 -39.49 0.03 16.69
C TYR A 222 -38.62 1.20 16.28
N LYS A 223 -37.33 0.90 16.09
CA LYS A 223 -36.35 1.87 15.63
C LYS A 223 -35.31 1.23 14.77
N VAL A 224 -34.56 2.08 14.06
CA VAL A 224 -33.47 1.62 13.21
C VAL A 224 -32.15 2.15 13.76
N PHE A 225 -31.29 1.23 14.16
CA PHE A 225 -29.93 1.58 14.57
C PHE A 225 -29.09 1.86 13.33
N VAL A 226 -28.47 3.04 13.33
CA VAL A 226 -27.54 3.44 12.29
C VAL A 226 -26.15 3.49 12.90
N PRO A 227 -25.40 2.36 12.82
CA PRO A 227 -24.03 2.32 13.32
C PRO A 227 -23.22 3.51 12.89
N ALA A 228 -22.31 3.99 13.74
CA ALA A 228 -21.29 4.96 13.30
C ALA A 228 -20.18 4.18 12.63
N LYS A 229 -19.22 4.83 11.98
CA LYS A 229 -18.17 4.08 11.30
C LYS A 229 -16.89 4.00 12.09
N ARG A 230 -16.08 3.03 11.70
CA ARG A 230 -14.77 2.84 12.27
C ARG A 230 -13.74 3.05 11.20
N THR A 231 -12.62 3.61 11.61
CA THR A 231 -11.38 3.60 10.87
C THR A 231 -10.43 2.49 11.41
N ASN A 232 -9.70 1.80 10.53
CA ASN A 232 -8.76 0.79 11.00
C ASN A 232 -9.46 -0.25 11.80
N ALA A 233 -10.56 -0.72 11.24
CA ALA A 233 -11.40 -1.71 11.86
C ALA A 233 -10.74 -3.08 12.03
N ARG A 234 -10.85 -3.55 13.26
CA ARG A 234 -10.44 -4.89 13.61
C ARG A 234 -11.42 -5.35 14.67
N GLY A 235 -11.86 -6.59 14.54
CA GLY A 235 -12.79 -7.15 15.50
C GLY A 235 -14.21 -6.62 15.34
N THR A 236 -15.08 -7.12 16.20
CA THR A 236 -16.48 -6.74 16.16
C THR A 236 -16.63 -5.32 16.64
N SER A 237 -17.61 -4.66 16.03
CA SER A 237 -18.03 -3.35 16.49
C SER A 237 -18.62 -3.44 17.87
N TRP A 238 -19.37 -4.55 18.09
CA TRP A 238 -20.34 -4.76 19.18
C TRP A 238 -19.91 -5.65 20.38
N GLY A 239 -18.67 -6.18 20.46
CA GLY A 239 -18.17 -6.92 21.65
C GLY A 239 -17.69 -5.95 22.76
N ASN A 240 -18.02 -6.14 24.03
CA ASN A 240 -18.38 -4.93 24.76
C ASN A 240 -18.95 -3.77 23.88
N GLY A 241 -19.19 -4.02 22.58
CA GLY A 241 -19.42 -2.95 21.64
C GLY A 241 -20.88 -2.70 21.93
N THR A 242 -21.01 -1.97 23.04
CA THR A 242 -22.09 -1.12 23.37
C THR A 242 -22.11 -0.06 22.27
N PRO A 243 -22.62 -0.53 21.14
CA PRO A 243 -22.23 -0.10 19.83
C PRO A 243 -22.67 1.31 19.71
N GLU A 244 -21.71 2.08 19.27
CA GLU A 244 -21.92 3.45 18.99
C GLU A 244 -22.83 3.61 17.77
N GLY A 245 -23.39 4.81 17.59
CA GLY A 245 -24.09 5.17 16.37
C GLY A 245 -25.47 5.55 16.76
N GLU A 246 -26.25 5.90 15.74
CA GLU A 246 -27.46 6.69 15.91
C GLU A 246 -28.72 5.88 15.80
N SER A 247 -29.73 6.25 16.58
CA SER A 247 -30.97 5.46 16.59
C SER A 247 -32.05 6.30 15.93
N LEU A 248 -33.01 5.64 15.25
CA LEU A 248 -34.02 6.38 14.52
C LEU A 248 -35.40 5.81 14.64
N PRO A 249 -36.33 6.62 15.19
CA PRO A 249 -37.65 6.05 15.43
C PRO A 249 -38.19 5.45 14.17
N LEU A 250 -38.80 4.28 14.29
CA LEU A 250 -39.46 3.75 13.11
C LEU A 250 -40.47 4.77 12.58
N ASP A 251 -41.02 5.59 13.46
CA ASP A 251 -41.98 6.59 13.05
C ASP A 251 -41.34 7.73 12.24
N GLN A 252 -40.08 7.57 11.81
CA GLN A 252 -39.48 8.49 10.85
C GLN A 252 -38.93 7.77 9.56
N PHE A 253 -39.65 6.72 9.15
CA PHE A 253 -39.42 6.03 7.86
C PHE A 253 -40.74 6.00 7.13
N TYR A 254 -40.75 6.16 5.80
CA TYR A 254 -41.91 5.73 5.02
C TYR A 254 -41.80 4.23 4.72
N VAL A 255 -42.90 3.51 4.96
CA VAL A 255 -42.85 2.07 4.93
C VAL A 255 -43.44 1.66 3.62
N VAL A 256 -42.55 1.14 2.80
CA VAL A 256 -42.84 0.88 1.44
C VAL A 256 -43.46 -0.51 1.47
N LYS A 257 -44.64 -0.55 0.93
CA LYS A 257 -45.38 -1.76 0.71
C LYS A 257 -45.75 -1.81 -0.79
N PRO A 258 -45.73 -3.00 -1.41
CA PRO A 258 -45.94 -3.17 -2.86
C PRO A 258 -47.17 -2.44 -3.49
N GLY A 259 -47.10 -2.18 -4.81
CA GLY A 259 -47.91 -1.14 -5.43
C GLY A 259 -47.36 0.27 -5.27
N ALA A 260 -46.19 0.45 -4.61
CA ALA A 260 -45.83 1.82 -4.25
C ALA A 260 -45.33 2.43 -5.53
N THR A 261 -45.37 3.75 -5.63
CA THR A 261 -44.90 4.43 -6.84
C THR A 261 -43.65 5.22 -6.49
N ALA A 262 -42.73 5.32 -7.44
CA ALA A 262 -41.60 6.23 -7.33
C ALA A 262 -42.10 7.60 -6.92
N GLU A 263 -43.18 8.04 -7.58
CA GLU A 263 -43.88 9.27 -7.19
C GLU A 263 -44.06 9.32 -5.68
N THR A 264 -44.63 8.27 -5.09
CA THR A 264 -44.80 8.25 -3.64
C THR A 264 -43.47 8.08 -2.86
N ILE A 265 -42.59 7.21 -3.34
CA ILE A 265 -41.32 6.96 -2.66
C ILE A 265 -40.51 8.22 -2.65
N ASN A 266 -40.44 8.89 -3.79
CA ASN A 266 -39.54 10.00 -3.97
C ASN A 266 -39.95 11.18 -3.11
N ALA A 267 -41.24 11.47 -3.14
CA ALA A 267 -41.86 12.50 -2.29
C ALA A 267 -41.52 12.32 -0.84
N ALA A 268 -41.62 11.08 -0.33
CA ALA A 268 -41.22 10.80 1.07
C ALA A 268 -39.81 11.29 1.37
N VAL A 269 -38.87 10.96 0.50
CA VAL A 269 -37.47 11.35 0.77
C VAL A 269 -37.26 12.89 0.77
N ASP A 270 -37.76 13.56 -0.27
CA ASP A 270 -37.47 15.00 -0.41
C ASP A 270 -38.29 15.78 0.61
N GLN A 271 -39.45 15.25 0.97
CA GLN A 271 -40.17 15.69 2.19
C GLN A 271 -39.39 15.43 3.51
N GLY A 272 -38.40 14.52 3.50
CA GLY A 272 -37.50 14.35 4.64
C GLY A 272 -37.54 13.02 5.41
N LEU A 273 -38.19 12.00 4.84
CA LEU A 273 -38.23 10.69 5.50
C LEU A 273 -37.15 9.70 5.02
N HIS A 274 -36.89 8.70 5.85
CA HIS A 274 -36.07 7.54 5.47
C HIS A 274 -36.97 6.50 4.78
N LEU A 275 -36.36 5.46 4.23
CA LEU A 275 -37.11 4.40 3.54
C LEU A 275 -36.89 3.03 4.13
N LEU A 276 -38.00 2.33 4.41
CA LEU A 276 -37.89 0.96 4.91
C LEU A 276 -38.72 0.10 3.99
N PHE A 277 -38.06 -0.65 3.11
CA PHE A 277 -38.78 -1.48 2.15
C PHE A 277 -39.13 -2.83 2.74
N THR A 278 -40.43 -3.07 2.90
CA THR A 278 -40.91 -4.34 3.40
C THR A 278 -40.73 -5.43 2.34
N PRO A 279 -40.70 -6.69 2.76
CA PRO A 279 -40.42 -7.75 1.78
C PRO A 279 -41.49 -7.76 0.71
N GLY A 280 -41.03 -7.68 -0.53
CA GLY A 280 -41.91 -7.67 -1.68
C GLY A 280 -41.16 -7.31 -2.94
N VAL A 281 -41.89 -7.31 -4.06
CA VAL A 281 -41.32 -6.95 -5.37
C VAL A 281 -42.01 -5.69 -5.89
N TYR A 282 -41.20 -4.61 -6.01
CA TYR A 282 -41.65 -3.26 -6.41
C TYR A 282 -41.27 -2.96 -7.87
N HIS A 283 -42.30 -2.71 -8.68
CA HIS A 283 -42.14 -2.41 -10.11
C HIS A 283 -42.19 -0.90 -10.20
N VAL A 284 -41.11 -0.26 -10.69
CA VAL A 284 -41.05 1.19 -10.73
C VAL A 284 -40.93 1.69 -12.19
N ASP A 285 -41.75 2.65 -12.59
CA ASP A 285 -41.62 3.15 -13.98
C ASP A 285 -41.01 4.53 -14.00
N GLN A 286 -40.44 4.90 -12.87
CA GLN A 286 -39.56 6.06 -12.75
C GLN A 286 -38.49 5.72 -11.71
N PRO A 287 -37.29 6.34 -11.82
CA PRO A 287 -36.31 5.92 -10.80
C PRO A 287 -36.69 6.32 -9.38
N ILE A 288 -36.18 5.56 -8.43
CA ILE A 288 -36.19 5.98 -7.03
C ILE A 288 -35.02 6.93 -6.91
N GLU A 289 -35.28 8.13 -6.40
CA GLU A 289 -34.30 9.20 -6.35
C GLU A 289 -34.09 9.60 -4.89
N ILE A 290 -32.89 9.35 -4.39
CA ILE A 290 -32.51 9.70 -3.01
C ILE A 290 -31.50 10.84 -3.11
N ASP A 291 -31.98 12.07 -2.94
CA ASP A 291 -31.11 13.25 -3.09
C ASP A 291 -31.10 14.11 -1.82
N ARG A 292 -31.17 13.45 -0.67
CA ARG A 292 -31.00 14.08 0.63
C ARG A 292 -30.01 13.31 1.49
N ALA A 293 -29.12 14.07 2.14
CA ALA A 293 -28.03 13.49 2.89
C ALA A 293 -28.52 12.68 4.08
N ASN A 294 -27.78 11.64 4.41
CA ASN A 294 -28.05 10.76 5.52
C ASN A 294 -29.30 9.87 5.41
N THR A 295 -29.93 9.85 4.25
CA THR A 295 -31.12 9.00 4.08
C THR A 295 -30.71 7.53 4.22
N VAL A 296 -31.52 6.78 4.97
CA VAL A 296 -31.35 5.37 5.11
C VAL A 296 -32.41 4.72 4.24
N ALA A 297 -31.98 3.79 3.39
CA ALA A 297 -32.92 3.02 2.55
C ALA A 297 -32.61 1.58 2.82
N LEU A 298 -33.42 0.98 3.68
CA LEU A 298 -33.16 -0.34 4.25
C LEU A 298 -34.20 -1.29 3.71
N GLY A 299 -33.75 -2.43 3.21
CA GLY A 299 -34.65 -3.46 2.73
C GLY A 299 -34.73 -4.56 3.77
N LEU A 300 -35.88 -5.23 3.80
CA LEU A 300 -36.06 -6.45 4.58
C LEU A 300 -36.54 -7.56 3.65
N GLY A 301 -36.16 -8.79 3.98
CA GLY A 301 -36.61 -9.98 3.27
C GLY A 301 -36.34 -9.97 1.77
N LEU A 302 -35.18 -9.42 1.37
CA LEU A 302 -34.78 -9.41 -0.04
C LEU A 302 -35.75 -8.60 -0.94
N ALA A 303 -36.30 -7.54 -0.35
CA ALA A 303 -37.08 -6.57 -1.09
C ALA A 303 -36.39 -6.24 -2.40
N THR A 304 -37.17 -6.25 -3.46
CA THR A 304 -36.66 -6.22 -4.81
C THR A 304 -37.32 -5.07 -5.58
N ILE A 305 -36.50 -4.32 -6.31
CA ILE A 305 -37.00 -3.25 -7.17
C ILE A 305 -36.75 -3.66 -8.63
N ILE A 306 -37.78 -3.55 -9.46
CA ILE A 306 -37.66 -3.81 -10.89
C ILE A 306 -37.99 -2.55 -11.66
N PRO A 307 -37.02 -2.02 -12.46
CA PRO A 307 -37.37 -0.82 -13.22
C PRO A 307 -38.06 -1.17 -14.52
N ASP A 308 -39.17 -0.46 -14.76
CA ASP A 308 -39.86 -0.49 -16.03
C ASP A 308 -39.28 0.44 -17.02
N ASN A 309 -39.68 0.21 -18.27
CA ASN A 309 -39.55 1.23 -19.28
C ASN A 309 -38.12 1.68 -19.53
N GLY A 310 -37.19 0.81 -19.17
CA GLY A 310 -35.78 1.05 -19.39
C GLY A 310 -35.23 2.09 -18.45
N VAL A 311 -36.03 2.49 -17.45
CA VAL A 311 -35.53 3.47 -16.51
C VAL A 311 -34.49 2.87 -15.54
N THR A 312 -33.69 3.74 -14.93
CA THR A 312 -32.81 3.35 -13.84
C THR A 312 -33.64 3.08 -12.60
N ALA A 313 -33.22 2.11 -11.81
CA ALA A 313 -33.98 1.75 -10.60
C ALA A 313 -33.77 2.72 -9.42
N LEU A 314 -32.50 3.09 -9.18
CA LEU A 314 -32.15 3.87 -8.03
C LEU A 314 -31.08 4.87 -8.41
N LYS A 315 -31.41 6.13 -8.24
CA LYS A 315 -30.42 7.22 -8.38
C LYS A 315 -30.20 7.91 -7.04
N VAL A 316 -28.92 8.01 -6.68
CA VAL A 316 -28.51 8.65 -5.45
C VAL A 316 -27.71 9.88 -5.79
N GLY A 317 -28.07 11.00 -5.17
CA GLY A 317 -27.44 12.26 -5.48
C GLY A 317 -26.01 12.36 -4.93
N ASP A 318 -25.36 13.47 -5.24
CA ASP A 318 -24.01 13.80 -4.76
C ASP A 318 -23.99 14.30 -3.31
N VAL A 319 -24.56 13.50 -2.42
CA VAL A 319 -24.75 13.91 -1.03
C VAL A 319 -24.06 12.97 -0.06
N ASP A 320 -23.80 13.47 1.15
CA ASP A 320 -23.17 12.67 2.22
C ASP A 320 -24.14 11.63 2.78
N GLY A 321 -23.57 10.51 3.25
CA GLY A 321 -24.19 9.73 4.30
C GLY A 321 -25.34 8.82 3.93
N VAL A 322 -25.66 8.70 2.64
CA VAL A 322 -26.77 7.80 2.26
C VAL A 322 -26.35 6.34 2.50
N LYS A 323 -27.28 5.55 3.03
CA LYS A 323 -26.98 4.16 3.40
C LYS A 323 -28.04 3.30 2.73
N VAL A 324 -27.69 2.73 1.59
CA VAL A 324 -28.57 1.81 0.85
C VAL A 324 -28.22 0.39 1.35
N ALA A 325 -29.22 -0.39 1.78
CA ALA A 325 -28.89 -1.70 2.38
C ALA A 325 -29.98 -2.76 2.14
N GLY A 326 -29.57 -3.96 1.73
CA GLY A 326 -30.47 -5.09 1.70
C GLY A 326 -31.52 -5.08 0.62
N LEU A 327 -31.10 -4.69 -0.59
CA LEU A 327 -32.00 -4.61 -1.74
C LEU A 327 -31.49 -5.40 -2.93
N LEU A 328 -32.43 -6.07 -3.60
CA LEU A 328 -32.18 -6.66 -4.91
C LEU A 328 -32.71 -5.66 -5.94
N VAL A 329 -31.97 -5.51 -7.03
CA VAL A 329 -32.41 -4.74 -8.18
C VAL A 329 -32.38 -5.71 -9.35
N ASP A 330 -33.55 -6.03 -9.88
CA ASP A 330 -33.78 -7.08 -10.91
C ASP A 330 -34.15 -6.37 -12.22
N ALA A 331 -33.29 -6.46 -13.24
CA ALA A 331 -33.53 -5.76 -14.47
C ALA A 331 -34.86 -6.16 -15.10
N GLY A 332 -35.52 -5.18 -15.72
CA GLY A 332 -36.68 -5.47 -16.53
C GLY A 332 -36.29 -5.87 -17.95
N PRO A 333 -37.24 -6.44 -18.69
CA PRO A 333 -36.93 -6.89 -20.05
C PRO A 333 -36.45 -5.74 -20.96
N VAL A 334 -37.00 -4.54 -20.81
CA VAL A 334 -36.49 -3.39 -21.53
C VAL A 334 -35.10 -3.08 -20.99
N ASN A 335 -34.16 -2.77 -21.87
CA ASN A 335 -32.82 -2.48 -21.43
C ASN A 335 -32.75 -1.13 -20.71
N SER A 336 -32.20 -1.15 -19.49
CA SER A 336 -31.87 0.08 -18.76
C SER A 336 -30.42 0.48 -19.02
N GLU A 337 -30.18 1.75 -19.34
CA GLU A 337 -28.81 2.23 -19.51
C GLU A 337 -27.99 1.97 -18.27
N THR A 338 -28.58 2.29 -17.13
CA THR A 338 -27.99 1.97 -15.84
C THR A 338 -29.08 1.43 -14.90
N LEU A 339 -28.69 0.59 -13.95
CA LEU A 339 -29.64 0.14 -12.92
C LEU A 339 -29.55 0.90 -11.59
N VAL A 340 -28.32 1.19 -11.15
CA VAL A 340 -28.06 1.91 -9.92
C VAL A 340 -26.97 2.89 -10.19
N GLU A 341 -27.22 4.14 -9.82
CA GLU A 341 -26.20 5.18 -9.95
C GLU A 341 -26.00 5.82 -8.59
N VAL A 342 -24.73 5.92 -8.21
CA VAL A 342 -24.35 6.52 -6.94
C VAL A 342 -23.69 7.85 -7.31
N GLY A 343 -24.50 8.90 -7.31
CA GLY A 343 -24.02 10.21 -7.68
C GLY A 343 -23.95 10.48 -9.17
N SER A 344 -23.56 11.71 -9.51
CA SER A 344 -23.63 12.21 -10.90
C SER A 344 -22.27 12.26 -11.63
N ASP A 345 -22.31 12.08 -12.96
CA ASP A 345 -21.04 11.95 -13.70
C ASP A 345 -20.25 13.23 -13.53
N GLY A 346 -18.97 13.05 -13.20
CA GLY A 346 -18.01 14.14 -13.03
C GLY A 346 -18.00 14.97 -11.73
N ALA A 347 -18.63 14.50 -10.66
CA ALA A 347 -18.72 15.40 -9.50
C ALA A 347 -17.31 15.35 -8.90
N SER A 348 -16.88 16.42 -8.24
CA SER A 348 -15.48 16.47 -7.79
C SER A 348 -15.38 16.83 -6.32
N GLY A 349 -16.56 16.92 -5.67
CA GLY A 349 -16.65 17.04 -4.24
C GLY A 349 -16.37 15.75 -3.47
N ASP A 350 -15.93 15.94 -2.23
CA ASP A 350 -15.43 14.87 -1.39
C ASP A 350 -16.53 14.48 -0.39
N HIS A 351 -16.52 13.24 0.12
CA HIS A 351 -17.53 12.82 1.11
C HIS A 351 -16.88 12.02 2.26
N ALA A 352 -15.68 12.43 2.67
CA ALA A 352 -14.79 11.60 3.49
C ALA A 352 -15.24 11.35 4.93
N ALA A 353 -15.80 12.37 5.56
CA ALA A 353 -16.23 12.27 6.97
C ALA A 353 -17.52 11.49 7.13
N ASN A 354 -18.29 11.41 6.05
CA ASN A 354 -19.61 10.80 6.07
C ASN A 354 -19.99 10.28 4.65
N PRO A 355 -19.35 9.19 4.24
CA PRO A 355 -19.53 8.66 2.89
C PRO A 355 -20.89 8.01 2.70
N THR A 356 -21.31 7.89 1.46
CA THR A 356 -22.46 7.08 1.06
C THR A 356 -22.01 5.63 0.90
N SER A 357 -22.88 4.68 1.25
CA SER A 357 -22.56 3.27 1.19
C SER A 357 -23.67 2.47 0.53
N LEU A 358 -23.26 1.43 -0.20
CA LEU A 358 -24.16 0.38 -0.63
C LEU A 358 -23.77 -0.91 0.08
N GLN A 359 -24.71 -1.54 0.78
CA GLN A 359 -24.41 -2.80 1.49
C GLN A 359 -25.47 -3.85 1.22
N ASP A 360 -25.03 -5.07 0.91
CA ASP A 360 -26.01 -6.11 0.54
C ASP A 360 -26.97 -5.55 -0.50
N VAL A 361 -26.38 -4.94 -1.51
CA VAL A 361 -27.12 -4.55 -2.71
C VAL A 361 -26.75 -5.57 -3.76
N PHE A 362 -27.78 -6.23 -4.26
CA PHE A 362 -27.58 -7.24 -5.27
C PHE A 362 -28.18 -6.66 -6.58
N VAL A 363 -27.76 -7.28 -7.66
CA VAL A 363 -28.30 -6.97 -8.96
C VAL A 363 -28.36 -8.26 -9.77
N ARG A 364 -29.50 -8.47 -10.43
CA ARG A 364 -29.70 -9.63 -11.31
C ARG A 364 -30.17 -9.14 -12.69
N ILE A 365 -29.56 -9.68 -13.74
CA ILE A 365 -30.00 -9.44 -15.10
C ILE A 365 -30.38 -10.77 -15.73
N GLY A 366 -31.69 -10.98 -15.87
CA GLY A 366 -32.25 -12.24 -16.37
C GLY A 366 -32.41 -13.29 -15.28
N GLY A 367 -32.94 -14.47 -15.64
CA GLY A 367 -33.07 -15.55 -14.69
C GLY A 367 -34.49 -15.76 -14.17
N ALA A 368 -35.05 -14.72 -13.55
CA ALA A 368 -36.40 -14.73 -12.95
C ALA A 368 -37.35 -14.10 -13.94
N GLY A 369 -36.76 -13.53 -14.98
CA GLY A 369 -37.45 -13.28 -16.24
C GLY A 369 -36.49 -12.76 -17.29
N PRO A 370 -37.00 -12.49 -18.49
CA PRO A 370 -35.99 -11.83 -19.34
C PRO A 370 -35.68 -10.37 -18.89
N GLY A 371 -34.39 -10.01 -18.91
CA GLY A 371 -33.95 -8.68 -18.50
C GLY A 371 -32.67 -8.24 -19.21
N LYS A 372 -32.41 -6.94 -19.21
CA LYS A 372 -31.26 -6.36 -19.90
C LYS A 372 -30.84 -5.02 -19.26
N ALA A 373 -29.55 -4.78 -19.20
CA ALA A 373 -29.06 -3.47 -18.78
C ALA A 373 -27.63 -3.27 -19.29
N THR A 374 -27.29 -2.03 -19.64
CA THR A 374 -25.97 -1.75 -20.24
C THR A 374 -24.85 -1.75 -19.22
N THR A 375 -25.05 -0.93 -18.17
CA THR A 375 -24.21 -0.94 -17.00
C THR A 375 -25.11 -1.15 -15.81
N SER A 376 -24.69 -1.94 -14.84
CA SER A 376 -25.53 -2.21 -13.71
C SER A 376 -25.38 -1.20 -12.55
N ILE A 377 -24.14 -0.96 -12.11
CA ILE A 377 -23.87 0.01 -11.05
C ILE A 377 -22.77 0.95 -11.48
N VAL A 378 -23.11 2.24 -11.48
CA VAL A 378 -22.15 3.30 -11.72
C VAL A 378 -21.91 4.01 -10.40
N VAL A 379 -20.65 4.09 -9.98
CA VAL A 379 -20.31 4.75 -8.71
C VAL A 379 -19.49 6.00 -9.01
N ASN A 380 -20.20 7.12 -9.00
CA ASN A 380 -19.64 8.41 -9.34
C ASN A 380 -19.13 9.17 -8.13
N SER A 381 -19.78 9.00 -6.99
CA SER A 381 -19.43 9.84 -5.83
C SER A 381 -18.13 9.40 -5.15
N ASN A 382 -17.27 10.37 -4.88
CA ASN A 382 -16.04 10.10 -4.16
C ASN A 382 -16.34 9.50 -2.77
N ASP A 383 -15.44 8.65 -2.32
CA ASP A 383 -15.39 8.11 -0.96
C ASP A 383 -16.46 7.07 -0.66
N THR A 384 -17.18 6.65 -1.68
CA THR A 384 -18.23 5.65 -1.51
C THR A 384 -17.68 4.30 -1.03
N ILE A 385 -18.43 3.66 -0.13
CA ILE A 385 -18.12 2.31 0.32
C ILE A 385 -19.12 1.35 -0.31
N ILE A 386 -18.62 0.31 -0.95
CA ILE A 386 -19.49 -0.78 -1.44
C ILE A 386 -19.07 -2.00 -0.63
N ASP A 387 -19.89 -2.35 0.35
CA ASP A 387 -19.57 -3.37 1.32
C ASP A 387 -20.58 -4.52 1.18
N HIS A 388 -20.17 -5.49 0.36
CA HIS A 388 -20.94 -6.64 -0.09
C HIS A 388 -21.93 -6.32 -1.20
N THR A 389 -21.52 -6.63 -2.43
CA THR A 389 -22.44 -6.60 -3.56
C THR A 389 -22.26 -7.88 -4.41
N TRP A 390 -23.36 -8.36 -5.00
CA TRP A 390 -23.33 -9.41 -6.03
C TRP A 390 -24.06 -8.83 -7.23
N VAL A 391 -23.32 -8.63 -8.31
CA VAL A 391 -23.83 -8.04 -9.55
C VAL A 391 -23.72 -9.19 -10.58
N TRP A 392 -24.87 -9.73 -10.99
CA TRP A 392 -24.93 -11.04 -11.63
C TRP A 392 -25.78 -11.04 -12.88
N ARG A 393 -25.15 -11.22 -14.04
CA ARG A 393 -25.88 -11.54 -15.23
C ARG A 393 -26.21 -13.06 -15.16
N ALA A 394 -27.49 -13.40 -15.30
CA ALA A 394 -27.91 -14.79 -15.08
C ALA A 394 -27.30 -15.80 -16.06
N ASP A 395 -26.95 -16.98 -15.53
CA ASP A 395 -26.48 -18.07 -16.37
C ASP A 395 -27.47 -19.24 -16.38
N HIS A 396 -28.53 -19.14 -15.57
CA HIS A 396 -29.62 -20.10 -15.54
C HIS A 396 -30.91 -19.35 -15.24
N GLY A 397 -32.04 -19.86 -15.75
CA GLY A 397 -33.38 -19.31 -15.54
C GLY A 397 -34.18 -19.03 -16.83
N GLU A 398 -35.21 -18.19 -16.72
CA GLU A 398 -35.93 -17.73 -17.92
C GLU A 398 -35.34 -16.39 -18.43
N GLY A 399 -35.17 -16.32 -19.75
CA GLY A 399 -34.70 -15.11 -20.38
C GLY A 399 -33.18 -15.05 -20.37
N VAL A 400 -32.53 -16.21 -20.43
CA VAL A 400 -31.06 -16.34 -20.46
C VAL A 400 -30.52 -16.64 -21.88
N GLY A 401 -29.64 -15.75 -22.36
CA GLY A 401 -29.08 -15.85 -23.69
C GLY A 401 -28.04 -14.76 -23.94
N TRP A 402 -27.02 -15.10 -24.72
CA TRP A 402 -25.99 -14.12 -25.12
C TRP A 402 -26.62 -12.80 -25.61
N GLU A 403 -27.74 -12.88 -26.31
CA GLU A 403 -28.51 -11.66 -26.62
C GLU A 403 -29.75 -11.46 -25.69
N THR A 404 -30.44 -12.54 -25.35
CA THR A 404 -31.68 -12.39 -24.58
C THR A 404 -31.53 -11.67 -23.19
N ASN A 405 -30.43 -11.96 -22.45
CA ASN A 405 -30.10 -11.14 -21.28
C ASN A 405 -28.69 -10.50 -21.35
N ARG A 406 -28.38 -9.94 -22.52
CA ARG A 406 -27.16 -9.18 -22.67
C ARG A 406 -27.03 -8.11 -21.59
N ALA A 407 -25.84 -7.99 -21.04
CA ALA A 407 -25.55 -6.93 -20.08
C ALA A 407 -24.06 -6.71 -20.21
N ASP A 408 -23.68 -5.60 -20.83
CA ASP A 408 -22.26 -5.45 -21.21
C ASP A 408 -21.34 -5.19 -20.00
N TYR A 409 -21.80 -4.40 -19.04
CA TYR A 409 -20.92 -3.89 -17.99
C TYR A 409 -21.51 -4.08 -16.58
N GLY A 410 -20.69 -4.55 -15.67
CA GLY A 410 -21.18 -4.84 -14.32
C GLY A 410 -21.15 -3.61 -13.43
N VAL A 411 -19.94 -3.24 -13.02
CA VAL A 411 -19.71 -2.11 -12.14
C VAL A 411 -18.69 -1.23 -12.80
N HIS A 412 -18.99 0.06 -12.81
CA HIS A 412 -18.05 1.07 -13.30
C HIS A 412 -17.78 2.08 -12.20
N VAL A 413 -16.56 2.08 -11.67
CA VAL A 413 -16.24 3.03 -10.60
C VAL A 413 -15.50 4.22 -11.19
N LYS A 414 -16.16 5.38 -11.11
CA LYS A 414 -15.60 6.63 -11.63
C LYS A 414 -15.11 7.59 -10.52
N GLY A 415 -15.68 7.49 -9.33
CA GLY A 415 -15.31 8.37 -8.21
C GLY A 415 -13.96 8.05 -7.62
N ASP A 416 -13.38 9.05 -6.96
CA ASP A 416 -12.10 8.95 -6.28
C ASP A 416 -12.25 8.32 -4.82
N ASN A 417 -11.25 7.61 -4.34
CA ASN A 417 -11.15 7.08 -2.94
C ASN A 417 -12.22 6.03 -2.60
N VAL A 418 -12.78 5.38 -3.63
CA VAL A 418 -13.87 4.41 -3.43
C VAL A 418 -13.27 3.11 -2.88
N LEU A 419 -13.99 2.48 -1.93
CA LEU A 419 -13.54 1.24 -1.30
C LEU A 419 -14.59 0.19 -1.60
N ALA A 420 -14.15 -0.95 -2.14
CA ALA A 420 -15.03 -2.13 -2.26
C ALA A 420 -14.51 -3.24 -1.35
N THR A 421 -15.39 -3.73 -0.47
CA THR A 421 -15.11 -4.85 0.42
C THR A 421 -16.14 -5.96 0.18
N GLY A 422 -15.69 -7.04 -0.41
CA GLY A 422 -16.59 -8.16 -0.72
C GLY A 422 -17.33 -7.93 -2.04
N LEU A 423 -16.57 -7.81 -3.11
CA LEU A 423 -17.09 -7.48 -4.46
C LEU A 423 -17.25 -8.76 -5.31
N PHE A 424 -18.48 -9.10 -5.69
CA PHE A 424 -18.77 -10.32 -6.44
C PHE A 424 -19.49 -9.88 -7.75
N VAL A 425 -18.88 -10.09 -8.90
CA VAL A 425 -19.45 -9.60 -10.15
C VAL A 425 -19.23 -10.67 -11.24
N GLU A 426 -20.30 -11.12 -11.90
CA GLU A 426 -20.19 -12.27 -12.81
C GLU A 426 -21.01 -12.17 -14.09
N HIS A 427 -20.38 -12.61 -15.18
CA HIS A 427 -21.04 -13.06 -16.43
C HIS A 427 -21.30 -11.99 -17.50
N PHE A 428 -20.76 -10.79 -17.32
CA PHE A 428 -21.00 -9.70 -18.25
C PHE A 428 -20.38 -9.90 -19.65
N ASN A 429 -21.07 -9.37 -20.66
CA ASN A 429 -20.65 -9.60 -22.04
C ASN A 429 -19.33 -8.88 -22.34
N LYS A 430 -19.06 -7.81 -21.59
CA LYS A 430 -17.82 -7.06 -21.70
C LYS A 430 -17.12 -6.97 -20.32
N TYR A 431 -16.64 -5.79 -19.89
CA TYR A 431 -15.94 -5.76 -18.60
C TYR A 431 -16.86 -5.93 -17.39
N ASP A 432 -16.62 -6.94 -16.56
CA ASP A 432 -17.42 -7.13 -15.39
C ASP A 432 -17.24 -5.91 -14.46
N VAL A 433 -15.99 -5.53 -14.25
CA VAL A 433 -15.67 -4.36 -13.41
C VAL A 433 -14.71 -3.46 -14.13
N GLN A 434 -14.99 -2.14 -14.11
CA GLN A 434 -14.05 -1.13 -14.57
C GLN A 434 -13.89 -0.06 -13.50
N TRP A 435 -12.66 0.41 -13.36
CA TRP A 435 -12.31 1.33 -12.32
C TRP A 435 -11.44 2.41 -12.95
N SER A 436 -12.00 3.61 -13.03
CA SER A 436 -11.32 4.80 -13.55
C SER A 436 -11.11 5.95 -12.53
N GLY A 437 -11.77 5.89 -11.38
CA GLY A 437 -11.44 6.82 -10.31
C GLY A 437 -10.05 6.56 -9.75
N GLU A 438 -9.47 7.55 -9.07
CA GLU A 438 -8.19 7.39 -8.43
C GLU A 438 -8.33 6.81 -7.03
N ASN A 439 -7.24 6.21 -6.56
CA ASN A 439 -7.11 5.74 -5.19
C ASN A 439 -8.24 4.80 -4.78
N GLY A 440 -8.63 3.95 -5.71
CA GLY A 440 -9.57 2.89 -5.43
C GLY A 440 -8.88 1.75 -4.71
N LYS A 441 -9.63 1.09 -3.84
CA LYS A 441 -9.20 -0.10 -3.17
C LYS A 441 -10.30 -1.16 -3.19
N THR A 442 -9.92 -2.39 -3.55
CA THR A 442 -10.79 -3.57 -3.48
C THR A 442 -10.18 -4.62 -2.60
N ILE A 443 -10.94 -5.03 -1.59
CA ILE A 443 -10.57 -6.15 -0.70
C ILE A 443 -11.60 -7.27 -0.93
N PHE A 444 -11.10 -8.34 -1.57
CA PHE A 444 -11.85 -9.48 -2.05
C PHE A 444 -12.69 -9.20 -3.29
N TYR A 445 -12.40 -9.99 -4.33
CA TYR A 445 -13.15 -9.98 -5.58
C TYR A 445 -13.33 -11.40 -6.04
N GLN A 446 -14.55 -11.70 -6.46
CA GLN A 446 -14.86 -12.98 -7.07
C GLN A 446 -15.62 -12.71 -8.36
N ASN A 447 -15.09 -13.25 -9.45
CA ASN A 447 -15.70 -13.13 -10.77
C ASN A 447 -15.80 -14.48 -11.45
N ALA A 448 -16.79 -14.61 -12.31
CA ALA A 448 -16.82 -15.68 -13.32
C ALA A 448 -17.15 -15.00 -14.66
N LYS A 449 -16.48 -15.47 -15.70
CA LYS A 449 -16.70 -14.92 -17.04
C LYS A 449 -17.90 -15.61 -17.69
N ALA A 450 -18.58 -14.86 -18.55
CA ALA A 450 -19.74 -15.33 -19.30
C ALA A 450 -19.50 -16.71 -19.89
N TYR A 451 -20.44 -17.62 -19.64
CA TYR A 451 -20.31 -19.02 -20.09
C TYR A 451 -20.70 -19.16 -21.54
N ASP A 452 -21.45 -18.17 -22.02
CA ASP A 452 -22.14 -18.28 -23.27
C ASP A 452 -21.63 -17.44 -24.45
N ALA A 453 -20.43 -16.87 -24.32
CA ALA A 453 -19.75 -16.28 -25.46
C ALA A 453 -19.74 -17.26 -26.62
N PRO A 454 -20.22 -16.86 -27.81
CA PRO A 454 -20.36 -17.90 -28.84
C PRO A 454 -19.08 -18.29 -29.58
N ASP A 455 -18.16 -17.35 -29.68
CA ASP A 455 -16.88 -17.59 -30.31
C ASP A 455 -15.90 -16.47 -30.01
N GLN A 456 -14.64 -16.66 -30.39
CA GLN A 456 -13.59 -15.70 -30.05
C GLN A 456 -13.97 -14.26 -30.47
N ALA A 457 -14.61 -14.11 -31.62
CA ALA A 457 -14.96 -12.78 -32.14
C ALA A 457 -16.06 -12.08 -31.33
N ALA A 458 -16.89 -12.86 -30.62
CA ALA A 458 -17.94 -12.31 -29.76
C ALA A 458 -17.42 -11.64 -28.48
N ILE A 459 -16.11 -11.65 -28.30
CA ILE A 459 -15.49 -11.08 -27.10
C ILE A 459 -14.17 -10.41 -27.41
N GLN A 460 -13.93 -10.14 -28.68
CA GLN A 460 -12.72 -9.42 -29.09
C GLN A 460 -12.77 -8.01 -28.48
N ASN A 461 -11.62 -7.56 -28.00
CA ASN A 461 -11.51 -6.30 -27.26
C ASN A 461 -10.43 -5.46 -27.97
N GLY A 462 -10.73 -5.14 -29.24
CA GLY A 462 -9.73 -4.69 -30.19
C GLY A 462 -8.71 -5.79 -30.49
N ASP A 463 -7.45 -5.59 -30.11
CA ASP A 463 -6.42 -6.59 -30.29
C ASP A 463 -6.20 -7.48 -29.04
N ILE A 464 -7.17 -7.48 -28.12
CA ILE A 464 -7.07 -8.29 -26.90
C ILE A 464 -8.21 -9.33 -26.92
N LYS A 465 -7.90 -10.58 -26.57
CA LYS A 465 -8.92 -11.63 -26.56
C LYS A 465 -9.71 -11.55 -25.26
N GLY A 466 -10.99 -11.21 -25.37
CA GLY A 466 -11.82 -11.12 -24.18
C GLY A 466 -11.68 -9.81 -23.45
N TYR A 467 -12.65 -9.54 -22.57
CA TYR A 467 -12.66 -8.35 -21.71
C TYR A 467 -12.24 -8.75 -20.31
N ALA A 468 -11.34 -7.99 -19.71
CA ALA A 468 -10.93 -8.30 -18.34
C ALA A 468 -12.13 -8.36 -17.41
N ALA A 469 -12.04 -9.22 -16.42
CA ALA A 469 -13.01 -9.23 -15.34
C ALA A 469 -12.88 -7.98 -14.48
N TYR A 470 -11.69 -7.38 -14.47
CA TYR A 470 -11.45 -6.21 -13.63
C TYR A 470 -10.41 -5.35 -14.33
N LYS A 471 -10.84 -4.20 -14.86
CA LYS A 471 -10.00 -3.29 -15.65
C LYS A 471 -9.81 -1.98 -14.94
N VAL A 472 -8.58 -1.77 -14.53
CA VAL A 472 -8.10 -0.45 -14.10
C VAL A 472 -7.57 0.32 -15.32
N ASP A 473 -8.22 1.42 -15.67
CA ASP A 473 -7.84 2.15 -16.89
C ASP A 473 -6.40 2.64 -16.82
N ASP A 474 -5.68 2.63 -17.96
CA ASP A 474 -4.27 3.08 -17.98
C ASP A 474 -4.02 4.52 -17.50
N SER A 475 -5.08 5.29 -17.38
CA SER A 475 -5.03 6.67 -16.90
C SER A 475 -4.81 6.82 -15.38
N VAL A 476 -5.22 5.81 -14.64
CA VAL A 476 -5.18 5.87 -13.19
C VAL A 476 -3.74 5.85 -12.64
N THR A 477 -3.45 6.65 -11.60
CA THR A 477 -2.11 6.65 -11.00
C THR A 477 -2.04 5.70 -9.79
N THR A 478 -3.13 5.61 -9.03
CA THR A 478 -3.14 4.86 -7.78
C THR A 478 -4.35 3.92 -7.65
N HIS A 479 -4.09 2.70 -7.22
CA HIS A 479 -5.12 1.66 -7.10
C HIS A 479 -4.50 0.51 -6.33
N GLU A 480 -5.30 -0.22 -5.55
CA GLU A 480 -4.79 -1.36 -4.82
C GLU A 480 -5.90 -2.40 -4.65
N GLY A 481 -5.61 -3.64 -5.03
CA GLY A 481 -6.53 -4.75 -4.88
C GLY A 481 -5.88 -5.95 -4.17
N TRP A 482 -6.66 -6.61 -3.32
CA TRP A 482 -6.16 -7.75 -2.58
C TRP A 482 -7.14 -8.92 -2.68
N GLY A 483 -6.61 -10.10 -3.00
CA GLY A 483 -7.41 -11.31 -2.91
C GLY A 483 -8.51 -11.44 -3.95
N MET A 484 -8.10 -11.60 -5.21
CA MET A 484 -9.01 -11.43 -6.34
C MET A 484 -8.91 -12.56 -7.34
N GLY A 485 -10.06 -13.13 -7.67
CA GLY A 485 -10.11 -14.26 -8.59
C GLY A 485 -11.11 -14.09 -9.72
N SER A 486 -10.77 -14.65 -10.87
CA SER A 486 -11.63 -14.70 -12.04
C SER A 486 -11.63 -16.14 -12.55
N TYR A 487 -12.83 -16.69 -12.76
CA TYR A 487 -13.02 -18.08 -13.16
C TYR A 487 -13.67 -18.13 -14.54
N CYS A 488 -13.33 -19.13 -15.34
CA CYS A 488 -14.03 -19.29 -16.63
C CYS A 488 -14.59 -20.69 -16.83
N TYR A 489 -15.56 -20.78 -17.72
CA TYR A 489 -16.10 -22.06 -18.21
C TYR A 489 -16.96 -21.81 -19.41
N PHE A 490 -16.22 -21.66 -20.49
CA PHE A 490 -16.79 -21.33 -21.77
C PHE A 490 -17.42 -22.59 -22.35
N ASN A 491 -18.62 -22.85 -21.85
CA ASN A 491 -19.37 -24.07 -22.01
C ASN A 491 -19.93 -24.21 -23.41
N VAL A 492 -20.38 -23.08 -23.97
CA VAL A 492 -20.84 -23.04 -25.34
C VAL A 492 -19.68 -23.35 -26.25
N ASN A 493 -18.61 -22.56 -26.17
CA ASN A 493 -17.43 -22.74 -27.00
C ASN A 493 -16.14 -22.88 -26.18
N PRO A 494 -15.84 -24.13 -25.74
CA PRO A 494 -14.67 -24.39 -24.90
C PRO A 494 -13.29 -24.26 -25.58
N ASP A 495 -13.28 -23.86 -26.85
CA ASP A 495 -12.05 -23.49 -27.54
C ASP A 495 -11.62 -22.03 -27.34
N ILE A 496 -12.50 -21.23 -26.75
CA ILE A 496 -12.19 -19.82 -26.45
C ILE A 496 -10.99 -19.64 -25.55
N ARG A 497 -10.28 -18.52 -25.76
CA ARG A 497 -9.25 -18.06 -24.87
C ARG A 497 -9.60 -16.68 -24.29
N GLN A 498 -9.41 -16.54 -22.98
CA GLN A 498 -9.56 -15.28 -22.28
C GLN A 498 -8.14 -14.76 -22.02
N GLN A 499 -7.75 -13.60 -22.55
CA GLN A 499 -6.32 -13.28 -22.46
C GLN A 499 -5.88 -13.03 -21.00
N HIS A 500 -6.77 -12.53 -20.15
CA HIS A 500 -6.43 -12.31 -18.73
C HIS A 500 -7.68 -12.06 -17.88
N GLY A 501 -7.57 -12.24 -16.56
CA GLY A 501 -8.64 -11.86 -15.65
C GLY A 501 -8.60 -10.37 -15.29
N PHE A 502 -7.39 -9.81 -15.29
CA PHE A 502 -7.14 -8.46 -14.82
C PHE A 502 -6.34 -7.67 -15.85
N GLN A 503 -6.70 -6.40 -16.06
CA GLN A 503 -5.92 -5.47 -16.90
C GLN A 503 -5.69 -4.17 -16.11
N ALA A 504 -4.48 -3.63 -16.19
CA ALA A 504 -4.13 -2.50 -15.38
C ALA A 504 -2.78 -1.92 -15.82
N PRO A 505 -2.65 -0.57 -15.80
CA PRO A 505 -1.33 -0.01 -16.15
C PRO A 505 -0.18 -0.49 -15.24
N VAL A 506 1.05 -0.38 -15.73
CA VAL A 506 2.22 -0.74 -14.96
C VAL A 506 2.75 0.58 -14.41
N LYS A 507 2.46 0.80 -13.13
CA LYS A 507 2.77 2.06 -12.45
C LYS A 507 3.09 1.73 -11.01
N PRO A 508 4.00 2.48 -10.40
CA PRO A 508 4.31 2.11 -9.01
C PRO A 508 3.12 2.21 -8.05
N GLY A 509 2.17 3.09 -8.31
CA GLY A 509 1.04 3.27 -7.43
C GLY A 509 -0.11 2.29 -7.65
N VAL A 510 0.02 1.39 -8.63
CA VAL A 510 -1.07 0.43 -9.00
C VAL A 510 -0.65 -1.00 -8.72
N LYS A 511 -1.06 -1.51 -7.57
CA LYS A 511 -0.50 -2.73 -7.01
C LYS A 511 -1.58 -3.77 -6.79
N PHE A 512 -1.32 -5.02 -7.18
CA PHE A 512 -2.21 -6.13 -6.85
C PHE A 512 -1.53 -7.12 -5.92
N HIS A 513 -2.34 -7.65 -5.03
CA HIS A 513 -1.91 -8.70 -4.11
C HIS A 513 -2.83 -9.92 -4.24
N ASP A 514 -2.23 -11.09 -4.46
CA ASP A 514 -2.95 -12.37 -4.39
C ASP A 514 -4.09 -12.49 -5.43
N LEU A 515 -3.68 -12.49 -6.71
CA LEU A 515 -4.56 -12.73 -7.86
C LEU A 515 -4.55 -14.19 -8.31
N LEU A 516 -5.71 -14.65 -8.77
CA LEU A 516 -5.79 -15.95 -9.41
C LEU A 516 -6.77 -15.96 -10.57
N VAL A 517 -6.51 -16.87 -11.52
CA VAL A 517 -7.51 -17.26 -12.52
C VAL A 517 -7.65 -18.77 -12.60
N VAL A 518 -8.85 -19.23 -12.96
CA VAL A 518 -9.09 -20.65 -12.98
C VAL A 518 -10.06 -20.98 -14.11
N SER A 519 -9.80 -22.09 -14.79
CA SER A 519 -10.72 -22.70 -15.73
C SER A 519 -11.37 -23.93 -15.12
N LEU A 520 -12.71 -24.03 -15.15
CA LEU A 520 -13.36 -25.24 -14.67
C LEU A 520 -13.34 -26.28 -15.74
N GLY A 521 -12.57 -27.33 -15.46
CA GLY A 521 -12.47 -28.48 -16.31
C GLY A 521 -12.15 -28.20 -17.78
N GLY A 522 -11.28 -27.22 -18.02
CA GLY A 522 -10.74 -26.98 -19.35
C GLY A 522 -11.73 -26.35 -20.31
N LYS A 523 -12.83 -25.85 -19.76
CA LYS A 523 -13.81 -25.14 -20.58
C LYS A 523 -13.33 -23.74 -20.90
N GLY A 524 -12.58 -23.64 -22.00
CA GLY A 524 -11.83 -22.43 -22.30
C GLY A 524 -10.58 -22.35 -21.40
N GLN A 525 -9.69 -21.42 -21.73
CA GLN A 525 -8.50 -21.21 -20.89
C GLN A 525 -8.15 -19.73 -20.82
N TYR A 526 -7.50 -19.34 -19.73
CA TYR A 526 -6.87 -18.01 -19.62
C TYR A 526 -5.45 -18.06 -20.17
N GLU A 527 -5.06 -17.06 -20.96
CA GLU A 527 -3.67 -16.96 -21.42
C GLU A 527 -2.70 -16.43 -20.36
N HIS A 528 -3.21 -15.65 -19.41
CA HIS A 528 -2.40 -15.00 -18.39
C HIS A 528 -3.31 -14.60 -17.23
N VAL A 529 -2.72 -14.14 -16.13
CA VAL A 529 -3.48 -13.67 -14.96
C VAL A 529 -3.83 -12.19 -15.09
N ILE A 530 -2.80 -11.38 -15.31
CA ILE A 530 -2.95 -9.94 -15.40
C ILE A 530 -2.10 -9.35 -16.55
N ASN A 531 -2.71 -8.55 -17.41
CA ASN A 531 -2.02 -8.07 -18.61
C ASN A 531 -1.44 -9.24 -19.41
N ASP A 532 -0.11 -9.34 -19.55
CA ASP A 532 0.55 -10.51 -20.17
C ASP A 532 1.44 -11.28 -19.19
N ILE A 533 1.00 -11.27 -17.94
CA ILE A 533 1.74 -11.71 -16.79
C ILE A 533 0.99 -12.86 -16.10
N GLY A 534 1.73 -13.87 -15.65
CA GLY A 534 1.15 -15.05 -15.05
C GLY A 534 0.91 -16.13 -16.08
N ASP A 535 1.12 -17.36 -15.62
CA ASP A 535 1.01 -18.55 -16.42
C ASP A 535 -0.42 -18.71 -16.93
N PRO A 536 -0.57 -19.20 -18.18
CA PRO A 536 -1.92 -19.56 -18.62
C PRO A 536 -2.52 -20.64 -17.75
N THR A 537 -3.82 -20.85 -17.83
CA THR A 537 -4.37 -22.08 -17.30
C THR A 537 -4.20 -23.18 -18.35
N SER A 538 -4.00 -24.40 -17.88
CA SER A 538 -3.72 -25.54 -18.75
C SER A 538 -4.27 -26.78 -18.07
N GLY A 539 -4.41 -27.89 -18.80
CA GLY A 539 -5.04 -29.08 -18.25
C GLY A 539 -6.54 -28.90 -18.17
N ASP A 540 -7.24 -29.93 -17.64
CA ASP A 540 -8.66 -29.80 -17.30
C ASP A 540 -8.92 -30.11 -15.82
N THR A 541 -7.89 -29.94 -14.98
CA THR A 541 -7.97 -30.27 -13.55
C THR A 541 -8.13 -29.07 -12.62
N THR A 542 -8.61 -27.96 -13.18
CA THR A 542 -9.05 -26.81 -12.39
C THR A 542 -8.04 -26.31 -11.35
N ILE A 543 -6.77 -26.24 -11.76
CA ILE A 543 -5.76 -25.65 -10.90
C ILE A 543 -5.57 -24.15 -11.16
N PRO A 544 -5.70 -23.33 -10.11
CA PRO A 544 -5.59 -21.88 -10.22
C PRO A 544 -4.21 -21.53 -10.72
N SER A 545 -4.12 -20.53 -11.60
CA SER A 545 -2.83 -19.91 -11.84
C SER A 545 -2.69 -18.94 -10.68
N GLN A 546 -1.60 -18.21 -10.62
CA GLN A 546 -1.54 -17.23 -9.56
C GLN A 546 -0.57 -16.12 -9.84
N VAL A 547 -0.77 -15.00 -9.16
CA VAL A 547 0.23 -13.92 -9.09
C VAL A 547 0.19 -13.31 -7.67
N VAL A 548 1.29 -13.43 -6.93
CA VAL A 548 1.32 -12.86 -5.57
C VAL A 548 1.30 -11.33 -5.56
N SER A 549 2.15 -10.71 -6.39
CA SER A 549 2.19 -9.24 -6.45
C SER A 549 2.50 -8.72 -7.86
N PHE A 550 1.83 -7.61 -8.20
CA PHE A 550 2.04 -6.90 -9.44
C PHE A 550 2.09 -5.40 -9.09
N PRO A 551 3.26 -4.75 -9.24
CA PRO A 551 4.68 -5.20 -9.18
C PRO A 551 4.86 -6.06 -7.97
N ALA B 1 -3.84 32.53 -0.89
CA ALA B 1 -3.89 33.97 -0.62
C ALA B 1 -4.36 34.24 0.83
N GLN B 2 -3.72 33.56 1.77
CA GLN B 2 -4.32 33.22 3.05
C GLN B 2 -3.32 32.30 3.72
N GLU B 3 -3.06 32.45 5.02
CA GLU B 3 -1.85 31.82 5.60
C GLU B 3 -1.82 30.26 5.61
N VAL B 4 -0.67 29.67 5.32
CA VAL B 4 -0.52 28.21 5.45
C VAL B 4 -0.33 27.93 6.95
N VAL B 5 -1.03 26.94 7.49
CA VAL B 5 -0.95 26.65 8.92
C VAL B 5 0.21 25.74 9.30
N GLY B 6 0.75 25.98 10.49
CA GLY B 6 1.87 25.23 11.00
C GLY B 6 1.42 24.24 12.04
N GLY B 7 1.83 22.99 11.88
CA GLY B 7 1.67 21.96 12.88
C GLY B 7 0.55 20.92 12.73
N GLY B 8 0.17 20.28 13.84
CA GLY B 8 -0.89 19.27 13.87
C GLY B 8 -0.52 17.78 13.93
N ASP B 9 -1.43 16.99 13.36
CA ASP B 9 -1.44 15.53 13.30
C ASP B 9 -0.33 15.11 12.36
N LEU B 10 0.17 13.89 12.51
CA LEU B 10 1.22 13.38 11.59
C LEU B 10 0.76 12.46 10.43
N GLY B 11 -0.55 12.26 10.26
CA GLY B 11 -1.08 11.46 9.17
C GLY B 11 -0.96 9.96 9.36
N PRO B 12 -1.60 9.17 8.47
CA PRO B 12 -1.71 7.74 8.78
C PRO B 12 -0.49 6.89 8.37
N ASN B 13 0.55 7.54 7.83
CA ASN B 13 1.78 6.79 7.52
C ASN B 13 2.89 6.88 8.59
N VAL B 14 2.60 7.56 9.70
CA VAL B 14 3.52 7.62 10.86
C VAL B 14 2.97 6.95 12.10
N LEU B 15 3.32 5.69 12.29
CA LEU B 15 2.79 4.92 13.38
C LEU B 15 3.61 5.30 14.60
N VAL B 16 2.93 5.85 15.59
CA VAL B 16 3.56 6.24 16.84
C VAL B 16 3.21 5.25 17.93
N PHE B 17 4.26 4.62 18.46
CA PHE B 17 4.16 3.52 19.41
C PHE B 17 4.53 4.00 20.79
N ASP B 18 3.96 3.34 21.79
CA ASP B 18 4.45 3.49 23.14
C ASP B 18 4.49 2.13 23.84
N PRO B 19 5.30 2.04 24.89
CA PRO B 19 5.47 0.77 25.60
C PRO B 19 4.12 0.14 25.93
N SER B 20 3.21 0.97 26.44
CA SER B 20 1.84 0.55 26.72
C SER B 20 1.27 -0.31 25.57
N THR B 21 1.56 0.13 24.34
CA THR B 21 0.78 -0.20 23.15
C THR B 21 0.53 -1.66 22.81
N PRO B 22 -0.74 -2.00 22.54
CA PRO B 22 -1.07 -3.36 22.11
C PRO B 22 -0.31 -3.87 20.84
N ASP B 23 0.29 -5.05 20.97
CA ASP B 23 0.77 -5.86 19.81
C ASP B 23 1.67 -5.08 18.85
N ILE B 24 2.40 -4.08 19.37
CA ILE B 24 3.52 -3.42 18.67
C ILE B 24 4.18 -4.36 17.66
N GLN B 25 4.65 -5.51 18.14
CA GLN B 25 5.35 -6.47 17.26
C GLN B 25 4.48 -6.90 16.08
N GLY B 26 3.21 -7.13 16.37
CA GLY B 26 2.32 -7.57 15.33
C GLY B 26 2.21 -6.49 14.27
N LYS B 27 2.12 -5.23 14.70
CA LYS B 27 1.88 -4.23 13.68
C LYS B 27 3.12 -3.74 12.98
N VAL B 28 4.28 -3.94 13.61
CA VAL B 28 5.52 -3.79 12.83
C VAL B 28 5.64 -4.88 11.78
N ASP B 29 5.31 -6.11 12.16
CA ASP B 29 5.46 -7.24 11.23
C ASP B 29 4.57 -7.04 10.01
N GLU B 30 3.40 -6.44 10.20
CA GLU B 30 2.53 -6.24 9.03
C GLU B 30 3.05 -5.12 8.15
N VAL B 31 3.73 -4.13 8.72
CA VAL B 31 4.42 -3.15 7.88
C VAL B 31 5.51 -3.86 7.09
N PHE B 32 6.22 -4.75 7.76
CA PHE B 32 7.31 -5.50 7.09
C PHE B 32 6.77 -6.37 5.96
N ARG B 33 5.64 -6.99 6.21
CA ARG B 33 4.99 -7.84 5.22
C ARG B 33 4.83 -7.04 3.92
N LYS B 34 4.25 -5.86 4.04
CA LYS B 34 4.03 -4.96 2.91
C LYS B 34 5.33 -4.61 2.25
N GLN B 35 6.27 -4.13 3.05
CA GLN B 35 7.43 -3.44 2.53
C GLN B 35 8.61 -4.34 2.13
N GLU B 36 8.57 -5.63 2.47
CA GLU B 36 9.73 -6.50 2.33
C GLU B 36 10.38 -6.50 0.96
N SER B 37 9.54 -6.72 -0.05
CA SER B 37 9.94 -6.86 -1.47
C SER B 37 9.53 -5.68 -2.30
N ASN B 38 9.01 -4.65 -1.63
CA ASN B 38 8.25 -3.61 -2.29
C ASN B 38 9.24 -2.55 -2.76
N GLN B 39 10.15 -2.99 -3.63
CA GLN B 39 11.34 -2.20 -3.92
C GLN B 39 10.98 -0.90 -4.61
N PHE B 40 9.96 -0.94 -5.45
CA PHE B 40 9.59 0.20 -6.26
C PHE B 40 8.16 0.74 -6.09
N GLY B 41 7.41 0.28 -5.10
CA GLY B 41 6.05 0.78 -4.91
C GLY B 41 6.01 2.13 -4.22
N THR B 42 4.80 2.67 -4.05
CA THR B 42 4.63 4.01 -3.52
C THR B 42 4.41 4.01 -2.03
N ASP B 43 4.40 2.83 -1.42
CA ASP B 43 4.24 2.71 0.03
C ASP B 43 5.38 3.38 0.81
N ARG B 44 5.03 4.09 1.88
CA ARG B 44 6.00 4.82 2.71
C ARG B 44 5.58 4.82 4.20
N TYR B 45 6.49 4.49 5.11
CA TYR B 45 6.14 4.42 6.55
C TYR B 45 7.19 4.91 7.50
N ALA B 46 6.75 5.51 8.61
CA ALA B 46 7.68 5.84 9.69
C ALA B 46 7.13 5.46 11.05
N LEU B 47 7.91 4.59 11.68
CA LEU B 47 7.68 4.13 13.03
C LEU B 47 8.41 5.09 14.00
N MET B 48 7.68 5.81 14.86
CA MET B 48 8.35 6.48 15.99
C MET B 48 7.94 5.93 17.32
N PHE B 49 8.96 5.70 18.12
CA PHE B 49 8.83 5.03 19.41
C PHE B 49 9.02 6.04 20.50
N LYS B 50 7.98 6.21 21.31
CA LYS B 50 8.07 7.14 22.44
C LYS B 50 9.14 6.65 23.42
N PRO B 51 9.74 7.57 24.17
CA PRO B 51 10.71 7.12 25.19
C PRO B 51 10.12 6.07 26.13
N GLY B 52 10.97 5.14 26.55
CA GLY B 52 10.53 3.98 27.32
C GLY B 52 11.33 2.77 26.93
N THR B 53 10.87 1.59 27.39
CA THR B 53 11.57 0.33 27.21
C THR B 53 10.63 -0.64 26.57
N TYR B 54 11.10 -1.28 25.51
CA TYR B 54 10.30 -2.20 24.70
C TYR B 54 10.94 -3.56 24.69
N ASN B 55 10.17 -4.57 25.12
CA ASN B 55 10.65 -5.94 25.26
C ASN B 55 10.02 -6.86 24.18
N ASP B 56 10.75 -7.94 23.84
CA ASP B 56 10.20 -8.98 22.98
C ASP B 56 9.87 -8.34 21.63
N ILE B 57 10.87 -7.67 21.07
CA ILE B 57 10.70 -6.87 19.85
C ILE B 57 11.85 -7.13 18.89
N ASN B 58 11.50 -7.60 17.68
CA ASN B 58 12.41 -7.66 16.57
C ASN B 58 11.74 -6.96 15.39
N ALA B 59 12.17 -5.74 15.15
CA ALA B 59 11.53 -4.90 14.15
C ALA B 59 12.31 -5.12 12.88
N GLN B 60 11.71 -5.92 12.01
CA GLN B 60 12.28 -6.13 10.67
C GLN B 60 11.94 -4.92 9.80
N ILE B 61 12.99 -4.31 9.22
CA ILE B 61 12.87 -3.07 8.43
C ILE B 61 12.94 -3.34 6.91
N GLY B 62 11.82 -3.14 6.23
CA GLY B 62 11.76 -3.34 4.77
C GLY B 62 12.01 -2.05 3.99
N PHE B 63 11.63 -2.04 2.71
CA PHE B 63 11.78 -0.86 1.89
C PHE B 63 10.96 0.30 2.44
N TYR B 64 11.50 1.51 2.23
CA TYR B 64 10.83 2.77 2.53
C TYR B 64 10.24 2.81 3.93
N THR B 65 11.00 2.26 4.88
CA THR B 65 10.62 2.20 6.28
C THR B 65 11.72 2.86 7.12
N SER B 66 11.28 3.79 7.93
CA SER B 66 12.13 4.38 8.95
C SER B 66 11.63 3.93 10.30
N ILE B 67 12.59 3.77 11.21
CA ILE B 67 12.31 3.49 12.59
C ILE B 67 13.17 4.47 13.39
N ALA B 68 12.59 4.98 14.48
CA ALA B 68 13.33 5.92 15.29
C ALA B 68 12.69 6.09 16.67
N GLY B 69 13.52 6.50 17.61
CA GLY B 69 13.07 6.99 18.90
C GLY B 69 12.76 8.50 18.94
N LEU B 70 12.06 8.89 20.00
CA LEU B 70 11.53 10.23 20.17
C LEU B 70 12.04 10.92 21.46
N GLY B 71 13.13 10.43 22.05
CA GLY B 71 13.79 11.14 23.14
C GLY B 71 14.66 12.28 22.61
N LEU B 72 15.29 13.07 23.47
CA LEU B 72 16.33 13.97 22.97
C LEU B 72 17.55 13.10 22.67
N ASN B 73 17.58 11.90 23.26
CA ASN B 73 18.82 11.10 23.35
C ASN B 73 18.57 9.58 23.07
N PRO B 74 19.54 8.89 22.46
CA PRO B 74 19.25 7.55 21.96
C PRO B 74 18.86 6.57 23.09
N ASP B 75 19.45 6.76 24.25
CA ASP B 75 19.27 5.83 25.35
C ASP B 75 17.89 6.05 26.05
N ASP B 76 17.16 7.09 25.64
CA ASP B 76 15.80 7.31 26.15
C ASP B 76 14.77 6.35 25.57
N THR B 77 15.07 5.77 24.40
CA THR B 77 14.21 4.78 23.78
C THR B 77 15.02 3.49 23.53
N THR B 78 14.81 2.49 24.39
CA THR B 78 15.59 1.27 24.39
C THR B 78 14.70 0.06 24.03
N PHE B 79 15.15 -0.74 23.05
CA PHE B 79 14.51 -2.02 22.64
C PHE B 79 15.22 -3.30 23.09
N ASN B 80 14.93 -3.85 24.26
CA ASN B 80 15.50 -5.15 24.54
C ASN B 80 15.02 -6.02 23.38
N GLY B 81 15.86 -6.04 22.35
CA GLY B 81 15.51 -6.58 21.05
C GLY B 81 16.35 -5.95 19.96
N ASP B 82 15.83 -5.99 18.73
CA ASP B 82 16.64 -5.75 17.53
C ASP B 82 15.92 -4.87 16.51
N VAL B 83 16.73 -4.23 15.66
CA VAL B 83 16.25 -3.50 14.49
C VAL B 83 16.99 -4.17 13.32
N THR B 84 16.24 -4.98 12.59
CA THR B 84 16.80 -6.03 11.78
C THR B 84 16.64 -5.80 10.26
N VAL B 85 17.77 -5.86 9.53
CA VAL B 85 17.71 -6.00 8.09
C VAL B 85 18.42 -7.29 7.70
N ASP B 86 17.63 -8.23 7.16
CA ASP B 86 18.14 -9.49 6.60
C ASP B 86 18.04 -9.48 5.07
N ALA B 87 18.68 -10.45 4.45
CA ALA B 87 18.58 -10.64 3.00
C ALA B 87 17.89 -11.91 2.64
N GLY B 88 17.18 -12.54 3.58
CA GLY B 88 16.46 -13.77 3.26
C GLY B 88 15.64 -13.62 1.97
N TRP B 89 15.49 -12.37 1.55
CA TRP B 89 14.63 -11.98 0.43
C TRP B 89 15.04 -12.38 -1.01
N PHE B 90 16.34 -12.36 -1.33
CA PHE B 90 16.87 -12.90 -2.60
C PHE B 90 17.70 -14.01 -1.99
N ASP B 91 17.00 -15.10 -1.67
CA ASP B 91 17.29 -15.95 -0.51
C ASP B 91 18.77 -15.76 -0.05
N GLY B 92 19.01 -14.55 0.46
CA GLY B 92 20.31 -14.16 0.94
C GLY B 92 21.12 -13.06 0.27
N ASN B 93 20.70 -12.47 -0.85
CA ASN B 93 21.48 -11.34 -1.31
C ASN B 93 21.08 -9.93 -0.78
N ALA B 94 22.07 -9.17 -0.30
CA ALA B 94 21.79 -7.91 0.33
C ALA B 94 22.03 -6.71 -0.58
N THR B 95 22.42 -6.92 -1.83
CA THR B 95 22.86 -5.81 -2.68
C THR B 95 21.75 -4.85 -3.09
N GLN B 96 20.48 -5.21 -2.87
CA GLN B 96 19.41 -4.24 -3.12
C GLN B 96 18.58 -3.86 -1.91
N ASN B 97 19.15 -4.00 -0.73
CA ASN B 97 18.52 -3.52 0.50
C ASN B 97 18.69 -2.01 0.68
N PHE B 98 17.87 -1.28 -0.09
CA PHE B 98 17.90 0.17 -0.19
C PHE B 98 16.78 0.88 0.60
N TRP B 99 16.95 2.19 0.74
CA TRP B 99 15.88 3.15 1.08
C TRP B 99 15.14 2.86 2.40
N ARG B 100 15.88 2.88 3.49
CA ARG B 100 15.28 2.64 4.79
C ARG B 100 16.21 3.28 5.83
N SER B 101 15.82 3.28 7.09
CA SER B 101 16.73 3.87 8.06
C SER B 101 16.37 3.63 9.49
N ALA B 102 17.39 3.81 10.34
CA ALA B 102 17.23 3.70 11.80
C ALA B 102 17.90 4.87 12.47
N GLU B 103 17.25 5.43 13.49
CA GLU B 103 17.89 6.50 14.25
C GLU B 103 17.38 6.66 15.67
N ASN B 104 18.28 7.11 16.52
CA ASN B 104 17.93 7.64 17.83
C ASN B 104 17.26 6.60 18.74
N LEU B 105 17.85 5.40 18.73
CA LEU B 105 17.41 4.26 19.55
C LEU B 105 18.64 3.62 20.21
N ALA B 106 18.47 3.08 21.42
CA ALA B 106 19.43 2.15 21.97
C ALA B 106 18.87 0.74 21.72
N LEU B 107 19.75 -0.19 21.37
CA LEU B 107 19.42 -1.58 21.07
C LEU B 107 20.23 -2.50 22.02
N ASN B 108 19.52 -3.43 22.63
CA ASN B 108 20.13 -4.53 23.40
C ASN B 108 19.75 -5.83 22.69
N PRO B 109 20.54 -6.22 21.69
CA PRO B 109 20.07 -7.26 20.76
C PRO B 109 20.00 -8.64 21.36
N VAL B 110 19.25 -9.51 20.69
CA VAL B 110 18.86 -10.81 21.19
C VAL B 110 19.75 -12.02 20.79
N ASN B 111 21.00 -11.80 20.41
CA ASN B 111 22.05 -12.87 20.68
C ASN B 111 23.29 -12.28 21.16
N GLY B 112 23.34 -10.96 21.25
CA GLY B 112 24.55 -10.21 21.52
C GLY B 112 24.82 -9.24 20.35
N THR B 113 24.23 -9.52 19.19
CA THR B 113 24.57 -8.85 17.94
C THR B 113 23.37 -8.47 17.04
N ASN B 114 23.28 -7.18 16.72
CA ASN B 114 22.21 -6.68 15.86
C ASN B 114 22.67 -6.78 14.40
N ARG B 115 21.78 -7.18 13.51
CA ARG B 115 22.13 -7.25 12.07
C ARG B 115 21.46 -6.14 11.26
N TRP B 116 22.27 -5.34 10.57
CA TRP B 116 21.82 -4.26 9.68
C TRP B 116 22.50 -4.56 8.34
N ALA B 117 21.96 -5.54 7.63
CA ALA B 117 22.58 -6.05 6.40
C ALA B 117 22.06 -5.27 5.19
N VAL B 118 22.54 -4.04 5.04
CA VAL B 118 21.94 -3.09 4.10
C VAL B 118 22.90 -2.77 2.95
N SER B 119 22.36 -2.19 1.87
CA SER B 119 23.19 -1.59 0.85
C SER B 119 22.99 -0.08 0.86
N GLN B 120 22.88 0.57 -0.28
CA GLN B 120 22.89 2.04 -0.33
C GLN B 120 21.62 2.70 0.21
N ALA B 121 21.73 3.94 0.69
CA ALA B 121 20.57 4.73 1.17
C ALA B 121 19.86 4.05 2.33
N ALA B 122 20.65 3.58 3.29
CA ALA B 122 20.12 2.93 4.49
C ALA B 122 20.84 3.42 5.76
N PRO B 123 20.67 4.71 6.07
CA PRO B 123 21.48 5.29 7.13
C PRO B 123 21.14 4.75 8.50
N PHE B 124 22.19 4.75 9.33
CA PHE B 124 22.14 4.27 10.71
C PHE B 124 22.76 5.41 11.52
N ARG B 125 21.92 6.23 12.15
CA ARG B 125 22.37 7.47 12.81
C ARG B 125 21.96 7.56 14.28
N ARG B 126 22.85 8.10 15.11
CA ARG B 126 22.49 8.41 16.49
C ARG B 126 21.94 7.15 17.21
N MET B 127 22.61 6.03 16.95
CA MET B 127 22.23 4.74 17.55
C MET B 127 23.24 4.30 18.62
N HIS B 128 22.73 3.66 19.66
CA HIS B 128 23.54 3.05 20.70
C HIS B 128 23.28 1.53 20.72
N VAL B 129 24.21 0.76 20.15
CA VAL B 129 24.10 -0.68 20.11
C VAL B 129 24.89 -1.23 21.30
N LYS B 130 24.14 -1.73 22.28
CA LYS B 130 24.71 -2.33 23.48
C LYS B 130 24.96 -3.79 23.21
N GLY B 131 26.03 -4.03 22.47
CA GLY B 131 26.39 -5.33 21.94
C GLY B 131 27.04 -5.10 20.61
N GLY B 132 26.96 -6.11 19.74
CA GLY B 132 27.62 -6.08 18.46
C GLY B 132 26.72 -5.70 17.31
N LEU B 133 27.34 -5.46 16.15
CA LEU B 133 26.62 -4.98 14.95
C LEU B 133 27.17 -5.64 13.69
N ASN B 134 26.42 -6.60 13.16
CA ASN B 134 26.81 -7.34 11.96
C ASN B 134 26.16 -6.70 10.76
N LEU B 135 26.96 -6.40 9.74
CA LEU B 135 26.48 -5.68 8.55
C LEU B 135 26.21 -6.54 7.33
N ALA B 136 26.36 -7.86 7.49
CA ALA B 136 26.26 -8.83 6.39
C ALA B 136 25.05 -9.75 6.53
N PRO B 137 24.31 -9.95 5.44
CA PRO B 137 23.13 -10.83 5.50
C PRO B 137 23.46 -12.22 6.10
N ASP B 138 22.48 -12.82 6.77
CA ASP B 138 22.68 -14.17 7.24
C ASP B 138 23.06 -14.94 5.97
N GLY B 139 24.23 -15.60 6.01
CA GLY B 139 24.80 -16.30 4.87
C GLY B 139 26.08 -15.60 4.42
N TYR B 140 26.01 -14.29 4.61
CA TYR B 140 26.99 -13.31 4.21
C TYR B 140 27.40 -13.19 2.66
N GLY B 141 26.48 -13.02 1.71
CA GLY B 141 26.82 -12.85 0.29
C GLY B 141 26.97 -11.40 -0.19
N TRP B 142 26.87 -11.10 -1.51
CA TRP B 142 27.22 -9.72 -1.94
C TRP B 142 26.31 -8.67 -1.27
N ALA B 143 26.81 -7.44 -1.23
CA ALA B 143 26.36 -6.51 -0.21
C ALA B 143 27.21 -5.26 -0.32
N SER B 144 26.52 -4.13 -0.44
CA SER B 144 27.15 -2.88 -0.91
C SER B 144 26.68 -1.64 -0.13
N GLY B 145 26.92 -1.62 1.18
CA GLY B 145 26.65 -0.45 2.01
C GLY B 145 27.73 0.62 1.91
N GLY B 146 27.75 1.57 2.83
CA GLY B 146 26.81 1.70 3.94
C GLY B 146 27.28 2.91 4.72
N TYR B 147 26.49 3.33 5.71
CA TYR B 147 26.67 4.61 6.38
C TYR B 147 26.23 4.53 7.85
N ILE B 148 27.20 4.78 8.74
CA ILE B 148 26.95 4.94 10.16
C ILE B 148 27.49 6.32 10.57
N ALA B 149 26.64 7.08 11.29
CA ALA B 149 27.09 8.36 11.84
C ALA B 149 26.57 8.54 13.25
N ASP B 150 27.37 9.20 14.06
CA ASP B 150 26.96 9.68 15.38
C ASP B 150 26.45 8.55 16.27
N SER B 151 27.08 7.40 16.15
CA SER B 151 26.59 6.21 16.82
C SER B 151 27.63 5.59 17.72
N LYS B 152 27.12 4.79 18.66
CA LYS B 152 27.96 4.15 19.66
C LYS B 152 27.67 2.65 19.59
N ILE B 153 28.66 1.87 19.16
CA ILE B 153 28.52 0.41 19.07
C ILE B 153 29.46 -0.16 20.15
N ASP B 154 28.87 -0.75 21.19
CA ASP B 154 29.66 -1.10 22.39
C ASP B 154 30.65 -2.24 22.10
N GLY B 155 30.32 -3.09 21.11
CA GLY B 155 31.14 -4.23 20.75
C GLY B 155 31.80 -4.08 19.38
N GLU B 156 32.05 -5.21 18.71
CA GLU B 156 32.66 -5.20 17.38
C GLU B 156 31.61 -4.95 16.29
N VAL B 157 31.97 -4.10 15.34
CA VAL B 157 31.26 -4.05 14.07
C VAL B 157 31.89 -5.04 13.12
N GLY B 158 31.05 -5.87 12.51
CA GLY B 158 31.50 -6.93 11.61
C GLY B 158 30.88 -6.77 10.23
N PRO B 159 31.66 -6.27 9.27
CA PRO B 159 31.18 -6.18 7.89
C PRO B 159 31.13 -7.53 7.16
N TYR B 160 32.14 -8.39 7.32
CA TYR B 160 32.27 -9.63 6.51
C TYR B 160 32.21 -9.35 5.01
N SER B 161 31.01 -9.47 4.46
CA SER B 161 30.80 -9.30 3.03
C SER B 161 30.21 -7.95 2.67
N GLN B 162 30.55 -6.91 3.40
CA GLN B 162 30.25 -5.59 2.89
C GLN B 162 31.42 -5.19 2.00
N GLN B 163 31.16 -4.74 0.77
CA GLN B 163 32.25 -4.33 -0.09
C GLN B 163 33.01 -3.11 0.46
N GLN B 164 32.25 -2.16 0.98
CA GLN B 164 32.83 -0.88 1.39
C GLN B 164 31.88 -0.30 2.46
N TRP B 165 32.36 0.70 3.18
CA TRP B 165 31.59 1.28 4.28
C TRP B 165 32.17 2.61 4.69
N TYR B 166 31.30 3.52 5.17
CA TYR B 166 31.73 4.79 5.75
C TYR B 166 31.12 4.96 7.14
N THR B 167 31.98 5.29 8.10
CA THR B 167 31.55 5.58 9.45
C THR B 167 32.12 6.93 9.83
N ARG B 168 31.28 7.80 10.37
CA ARG B 168 31.84 9.04 10.94
C ARG B 168 31.34 9.37 12.34
N ASP B 169 32.22 10.04 13.07
CA ASP B 169 31.88 10.70 14.34
C ASP B 169 31.09 9.76 15.24
N SER B 170 31.75 8.68 15.64
CA SER B 170 31.14 7.55 16.30
C SER B 170 32.15 6.91 17.25
N SER B 171 31.71 5.87 17.94
CA SER B 171 32.57 5.07 18.80
C SER B 171 32.25 3.60 18.60
N VAL B 172 33.29 2.80 18.38
CA VAL B 172 33.14 1.33 18.26
C VAL B 172 34.10 0.60 19.20
N GLY B 173 33.63 -0.48 19.80
CA GLY B 173 34.52 -1.35 20.59
C GLY B 173 35.53 -2.13 19.76
N GLY B 174 35.28 -2.24 18.46
CA GLY B 174 36.18 -2.95 17.57
C GLY B 174 35.63 -2.92 16.14
N TRP B 175 36.45 -3.38 15.21
CA TRP B 175 36.10 -3.38 13.79
C TRP B 175 36.69 -4.62 13.17
N GLY B 176 35.88 -5.47 12.56
CA GLY B 176 36.33 -6.83 12.30
C GLY B 176 37.14 -7.07 11.02
N ASN B 177 36.91 -6.24 10.00
CA ASN B 177 37.60 -6.39 8.71
C ASN B 177 37.36 -5.25 7.73
N GLY B 178 38.23 -5.16 6.73
CA GLY B 178 38.05 -4.25 5.61
C GLY B 178 38.06 -5.09 4.35
N VAL B 179 37.25 -4.71 3.35
CA VAL B 179 37.07 -5.56 2.17
C VAL B 179 37.62 -4.89 0.90
N TRP B 180 36.91 -3.92 0.29
CA TRP B 180 37.49 -3.05 -0.73
C TRP B 180 37.83 -1.63 -0.18
N ASN B 181 36.94 -1.04 0.62
CA ASN B 181 37.14 0.31 1.07
C ASN B 181 36.35 0.62 2.33
N MET B 182 36.97 0.49 3.50
CA MET B 182 36.30 0.88 4.74
C MET B 182 36.95 2.17 5.21
N THR B 183 36.19 3.27 5.20
CA THR B 183 36.70 4.59 5.57
C THR B 183 36.06 5.06 6.89
N PHE B 184 36.86 5.76 7.70
CA PHE B 184 36.46 6.24 9.01
C PHE B 184 36.92 7.68 9.16
N SER B 185 36.05 8.56 9.66
CA SER B 185 36.52 9.87 10.14
C SER B 185 35.87 10.20 11.48
N GLY B 186 36.69 10.63 12.45
CA GLY B 186 36.20 10.93 13.78
C GLY B 186 35.67 9.73 14.55
N VAL B 187 36.24 8.55 14.28
CA VAL B 187 35.77 7.32 14.90
C VAL B 187 36.72 6.80 15.98
N GLU B 188 36.29 6.95 17.22
CA GLU B 188 36.96 6.32 18.34
C GLU B 188 36.91 4.79 18.21
N GLY B 189 38.06 4.15 18.21
CA GLY B 189 38.18 2.71 18.05
C GLY B 189 38.37 2.25 16.61
N ALA B 190 38.36 3.19 15.67
CA ALA B 190 38.59 2.85 14.26
C ALA B 190 39.92 2.12 14.11
N PRO B 191 39.98 1.18 13.16
CA PRO B 191 41.27 0.61 12.84
C PRO B 191 42.23 1.71 12.34
N ALA B 192 43.51 1.57 12.67
CA ALA B 192 44.51 2.53 12.24
C ALA B 192 44.60 2.58 10.71
N GLN B 193 45.11 3.68 10.20
CA GLN B 193 45.30 3.87 8.76
C GLN B 193 46.22 2.78 8.21
N SER B 194 45.70 1.94 7.31
CA SER B 194 46.43 0.75 6.87
C SER B 194 46.37 0.44 5.36
N PHE B 195 45.63 1.25 4.61
CA PHE B 195 45.56 1.13 3.15
C PHE B 195 47.02 1.19 2.68
N PRO B 196 47.41 0.34 1.71
CA PRO B 196 46.60 -0.55 0.90
C PRO B 196 46.00 -1.76 1.62
N GLU B 197 46.29 -2.00 2.90
CA GLU B 197 45.89 -3.30 3.42
C GLU B 197 45.90 -3.59 4.98
N PRO B 198 44.76 -4.13 5.53
CA PRO B 198 43.45 -4.09 4.85
C PRO B 198 43.11 -2.68 4.36
N PRO B 199 42.03 -2.55 3.60
CA PRO B 199 41.83 -1.24 2.98
C PRO B 199 41.09 -0.31 3.91
N TYR B 200 41.80 0.09 4.96
CA TYR B 200 41.31 1.03 5.96
C TYR B 200 41.88 2.41 5.68
N THR B 201 40.97 3.36 5.47
CA THR B 201 41.26 4.79 5.37
C THR B 201 40.69 5.45 6.64
N THR B 202 41.59 5.94 7.50
CA THR B 202 41.22 6.38 8.85
C THR B 202 41.72 7.79 9.15
N LEU B 203 40.78 8.72 9.40
CA LEU B 203 41.09 10.12 9.63
C LEU B 203 40.66 10.44 11.06
N GLU B 204 41.51 11.14 11.83
CA GLU B 204 41.23 11.32 13.26
C GLU B 204 39.96 12.12 13.50
N THR B 205 39.65 13.09 12.63
CA THR B 205 38.43 13.87 12.77
C THR B 205 37.74 14.07 11.42
N THR B 206 36.47 14.43 11.48
CA THR B 206 35.77 14.97 10.33
C THR B 206 35.97 16.49 10.33
N PRO B 207 36.43 17.06 9.20
CA PRO B 207 36.62 18.52 9.11
C PRO B 207 35.45 19.35 9.67
N VAL B 208 34.25 19.04 9.20
CA VAL B 208 33.06 19.66 9.74
C VAL B 208 31.94 18.65 9.57
N SER B 209 31.10 18.55 10.60
CA SER B 209 29.84 17.81 10.47
C SER B 209 28.77 18.54 11.24
N ARG B 210 27.52 18.16 11.01
CA ARG B 210 26.39 18.73 11.73
C ARG B 210 25.27 17.70 11.68
N GLU B 211 24.97 17.11 12.84
CA GLU B 211 24.06 15.98 12.85
C GLU B 211 22.66 16.31 12.34
N LYS B 212 22.04 15.30 11.76
CA LYS B 212 20.77 15.49 11.08
C LYS B 212 19.69 15.83 12.09
N PRO B 213 18.85 16.81 11.77
CA PRO B 213 17.66 17.09 12.57
C PRO B 213 16.73 15.88 12.70
N PHE B 214 16.04 15.83 13.85
CA PHE B 214 15.12 14.74 14.11
C PHE B 214 13.99 15.18 15.03
N LEU B 215 12.85 14.51 14.84
CA LEU B 215 11.70 14.66 15.72
C LEU B 215 11.94 14.03 17.08
N TYR B 216 11.57 14.75 18.14
CA TYR B 216 11.63 14.18 19.48
C TYR B 216 10.38 14.57 20.25
N LEU B 217 10.47 14.47 21.57
CA LEU B 217 9.33 14.66 22.46
C LEU B 217 9.87 15.38 23.66
N ASP B 218 9.45 16.63 23.83
CA ASP B 218 9.89 17.52 24.90
C ASP B 218 8.73 17.46 25.88
N GLY B 219 8.81 16.51 26.80
CA GLY B 219 7.67 16.20 27.66
C GLY B 219 6.76 15.50 26.71
N ASP B 220 5.49 15.88 26.68
CA ASP B 220 4.56 15.51 25.61
C ASP B 220 4.68 16.43 24.36
N ASP B 221 5.42 17.56 24.44
CA ASP B 221 5.54 18.52 23.31
C ASP B 221 6.50 18.01 22.19
N TYR B 222 5.95 17.65 21.02
CA TYR B 222 6.78 17.23 19.86
C TYR B 222 7.53 18.42 19.31
N LYS B 223 8.80 18.20 19.04
CA LYS B 223 9.65 19.22 18.50
C LYS B 223 10.58 18.56 17.48
N VAL B 224 11.22 19.39 16.66
CA VAL B 224 12.37 18.99 15.88
C VAL B 224 13.63 19.55 16.55
N PHE B 225 14.57 18.66 16.86
CA PHE B 225 15.86 19.05 17.40
C PHE B 225 16.75 19.29 16.22
N VAL B 226 17.44 20.43 16.21
CA VAL B 226 18.33 20.81 15.13
C VAL B 226 19.77 20.96 15.70
N PRO B 227 20.59 19.93 15.51
CA PRO B 227 21.96 20.00 16.01
C PRO B 227 22.75 21.14 15.35
N ALA B 228 23.67 21.73 16.10
CA ALA B 228 24.55 22.74 15.54
C ALA B 228 25.89 22.08 15.22
N LYS B 229 26.68 22.71 14.35
CA LYS B 229 27.87 22.03 13.80
C LYS B 229 29.00 21.72 14.78
N ARG B 230 29.77 20.68 14.41
CA ARG B 230 31.03 20.33 15.04
C ARG B 230 32.14 20.57 14.04
N THR B 231 33.22 21.19 14.50
CA THR B 231 34.43 21.34 13.71
C THR B 231 35.45 20.36 14.27
N ASN B 232 36.12 19.63 13.36
CA ASN B 232 37.04 18.58 13.78
C ASN B 232 36.36 17.59 14.72
N ALA B 233 35.22 17.08 14.27
CA ALA B 233 34.41 16.17 15.05
C ALA B 233 35.09 14.84 15.27
N ARG B 234 34.89 14.29 16.47
CA ARG B 234 35.37 12.97 16.78
C ARG B 234 34.47 12.42 17.87
N GLY B 235 33.98 11.18 17.66
CA GLY B 235 33.09 10.54 18.59
C GLY B 235 31.66 11.03 18.44
N THR B 236 30.79 10.51 19.32
CA THR B 236 29.37 10.89 19.30
C THR B 236 29.15 12.32 19.80
N SER B 237 28.04 12.92 19.36
CA SER B 237 27.65 14.28 19.73
C SER B 237 26.84 14.31 21.02
N TRP B 238 26.45 13.13 21.50
CA TRP B 238 25.53 12.95 22.62
C TRP B 238 26.06 12.11 23.78
N GLY B 239 27.13 11.37 23.57
CA GLY B 239 27.47 10.46 24.66
C GLY B 239 27.92 11.14 25.95
N ASN B 240 27.84 12.47 25.96
CA ASN B 240 28.44 13.22 27.04
C ASN B 240 27.33 13.88 27.75
N GLY B 241 26.22 14.14 27.06
CA GLY B 241 25.03 14.64 27.74
C GLY B 241 24.26 15.68 26.92
N THR B 242 23.59 16.62 27.61
CA THR B 242 22.72 17.67 26.98
C THR B 242 23.12 17.94 25.51
N PRO B 243 22.23 17.60 24.56
CA PRO B 243 22.69 17.83 23.18
C PRO B 243 22.67 19.31 22.68
N GLU B 244 23.84 19.81 22.29
CA GLU B 244 23.89 21.16 21.75
C GLU B 244 23.09 21.37 20.45
N GLY B 245 21.78 21.62 20.56
CA GLY B 245 21.04 22.13 19.41
C GLY B 245 20.30 23.43 19.65
N GLU B 246 19.36 23.66 18.73
CA GLU B 246 18.16 24.45 19.00
C GLU B 246 17.00 23.45 18.97
N SER B 247 15.91 23.71 19.69
CA SER B 247 14.72 22.87 19.54
C SER B 247 13.50 23.68 18.99
N LEU B 248 12.84 23.16 17.94
CA LEU B 248 11.73 23.82 17.26
C LEU B 248 10.37 23.12 17.47
N PRO B 249 9.36 23.84 18.00
CA PRO B 249 8.03 23.22 18.09
C PRO B 249 7.40 22.85 16.75
N LEU B 250 6.52 21.88 16.80
CA LEU B 250 5.82 21.40 15.63
C LEU B 250 4.99 22.51 14.91
N ASP B 251 4.40 23.47 15.63
CA ASP B 251 3.58 24.46 14.91
C ASP B 251 4.44 25.48 14.13
N GLN B 252 5.76 25.30 14.16
CA GLN B 252 6.66 26.11 13.33
C GLN B 252 6.94 25.39 11.95
N PHE B 253 6.36 24.19 11.78
CA PHE B 253 6.49 23.40 10.55
C PHE B 253 5.19 23.27 9.77
N TYR B 254 5.25 23.50 8.46
CA TYR B 254 4.16 23.04 7.59
C TYR B 254 4.33 21.52 7.42
N VAL B 255 3.30 20.80 7.84
CA VAL B 255 3.24 19.36 7.71
C VAL B 255 2.75 19.03 6.32
N VAL B 256 3.61 18.40 5.56
CA VAL B 256 3.37 18.16 4.14
C VAL B 256 2.80 16.73 4.02
N LYS B 257 1.53 16.64 3.61
CA LYS B 257 0.90 15.33 3.35
C LYS B 257 0.24 15.31 1.97
N PRO B 258 -0.29 14.13 1.52
CA PRO B 258 -0.91 14.07 0.18
C PRO B 258 -1.88 15.18 -0.02
N GLY B 259 -1.60 15.99 -1.05
CA GLY B 259 -2.31 17.25 -1.29
C GLY B 259 -1.41 18.49 -1.44
N ALA B 260 -0.11 18.35 -1.16
CA ALA B 260 0.76 19.55 -1.18
C ALA B 260 1.08 20.05 -2.58
N THR B 261 0.95 21.34 -2.82
CA THR B 261 1.39 21.91 -4.07
C THR B 261 2.63 22.74 -3.76
N ALA B 262 3.59 22.72 -4.69
CA ALA B 262 4.77 23.55 -4.55
C ALA B 262 4.44 25.00 -4.15
N GLU B 263 3.52 25.62 -4.89
CA GLU B 263 2.94 26.92 -4.49
C GLU B 263 2.80 27.09 -2.96
N THR B 264 2.10 26.14 -2.32
CA THR B 264 1.76 26.23 -0.90
C THR B 264 2.92 25.87 -0.02
N ILE B 265 3.62 24.82 -0.43
CA ILE B 265 4.87 24.46 0.20
C ILE B 265 5.78 25.69 0.12
N ASN B 266 5.82 26.33 -1.05
CA ASN B 266 6.66 27.53 -1.23
C ASN B 266 6.12 28.72 -0.47
N ALA B 267 4.80 28.83 -0.41
CA ALA B 267 4.17 29.89 0.37
C ALA B 267 4.51 29.70 1.84
N ALA B 268 4.52 28.46 2.29
CA ALA B 268 4.88 28.17 3.68
C ALA B 268 6.28 28.65 4.02
N VAL B 269 7.25 28.25 3.19
CA VAL B 269 8.61 28.72 3.40
C VAL B 269 8.66 30.26 3.30
N ASP B 270 7.97 30.77 2.29
CA ASP B 270 7.98 32.19 2.02
C ASP B 270 7.66 33.01 3.26
N GLN B 271 6.85 32.42 4.15
CA GLN B 271 6.25 33.07 5.33
C GLN B 271 7.01 32.92 6.63
N GLY B 272 7.83 31.87 6.68
CA GLY B 272 8.59 31.54 7.89
C GLY B 272 8.64 30.08 8.29
N LEU B 273 7.66 29.29 7.86
CA LEU B 273 7.53 27.92 8.34
C LEU B 273 8.63 27.04 7.76
N HIS B 274 9.05 26.08 8.57
CA HIS B 274 9.89 24.98 8.12
C HIS B 274 8.99 23.92 7.46
N LEU B 275 9.59 22.87 6.89
CA LEU B 275 8.85 21.83 6.20
C LEU B 275 9.10 20.46 6.83
N LEU B 276 8.01 19.73 7.11
CA LEU B 276 8.08 18.35 7.57
C LEU B 276 7.29 17.52 6.58
N PHE B 277 7.99 16.74 5.77
CA PHE B 277 7.32 15.89 4.81
C PHE B 277 6.98 14.57 5.44
N THR B 278 5.69 14.31 5.63
CA THR B 278 5.25 13.03 6.15
C THR B 278 5.44 11.96 5.06
N PRO B 279 5.48 10.69 5.46
CA PRO B 279 5.82 9.65 4.45
C PRO B 279 4.77 9.57 3.38
N GLY B 280 5.21 9.76 2.15
CA GLY B 280 4.32 9.84 1.00
C GLY B 280 5.13 10.11 -0.24
N VAL B 281 4.43 10.20 -1.36
CA VAL B 281 5.05 10.49 -2.64
C VAL B 281 4.40 11.74 -3.20
N TYR B 282 5.22 12.77 -3.39
CA TYR B 282 4.74 14.12 -3.69
C TYR B 282 5.11 14.57 -5.12
N HIS B 283 4.10 14.58 -5.98
CA HIS B 283 4.30 15.08 -7.35
C HIS B 283 4.12 16.58 -7.35
N VAL B 284 5.08 17.31 -7.93
CA VAL B 284 5.05 18.78 -7.99
C VAL B 284 5.24 19.29 -9.45
N ASP B 285 4.56 20.37 -9.82
CA ASP B 285 4.70 20.91 -11.17
C ASP B 285 5.33 22.27 -11.18
N GLN B 286 6.05 22.56 -10.12
CA GLN B 286 6.97 23.68 -10.06
C GLN B 286 7.99 23.40 -8.93
N PRO B 287 9.21 23.95 -9.05
CA PRO B 287 10.19 23.58 -8.02
C PRO B 287 9.87 24.05 -6.60
N ILE B 288 10.05 23.17 -5.65
CA ILE B 288 10.07 23.58 -4.28
C ILE B 288 11.30 24.46 -4.15
N GLU B 289 11.08 25.71 -3.74
CA GLU B 289 12.13 26.72 -3.68
C GLU B 289 12.26 27.33 -2.32
N ILE B 290 13.32 26.96 -1.61
CA ILE B 290 13.57 27.41 -0.26
C ILE B 290 14.62 28.52 -0.25
N ASP B 291 14.16 29.75 -0.05
CA ASP B 291 15.06 30.89 0.02
C ASP B 291 14.88 31.73 1.31
N ARG B 292 14.91 31.01 2.43
CA ARG B 292 14.89 31.60 3.78
C ARG B 292 16.00 30.93 4.55
N ALA B 293 16.93 31.72 5.08
CA ALA B 293 18.00 31.18 5.87
C ALA B 293 17.45 30.30 7.00
N ASN B 294 18.17 29.23 7.29
CA ASN B 294 17.87 28.31 8.40
C ASN B 294 16.63 27.45 8.33
N THR B 295 16.03 27.40 7.17
CA THR B 295 14.90 26.50 6.93
C THR B 295 15.33 25.04 7.05
N VAL B 296 14.61 24.30 7.89
CA VAL B 296 14.78 22.87 8.03
C VAL B 296 13.71 22.23 7.15
N ALA B 297 14.12 21.32 6.26
CA ALA B 297 13.20 20.54 5.43
C ALA B 297 13.50 19.08 5.66
N LEU B 298 12.68 18.49 6.53
CA LEU B 298 12.92 17.14 7.03
C LEU B 298 11.88 16.19 6.49
N GLY B 299 12.32 15.10 5.89
CA GLY B 299 11.42 14.03 5.52
C GLY B 299 11.44 12.87 6.49
N LEU B 300 10.30 12.17 6.56
CA LEU B 300 10.15 10.98 7.36
C LEU B 300 9.70 9.87 6.44
N GLY B 301 10.13 8.65 6.76
CA GLY B 301 9.74 7.46 6.03
C GLY B 301 10.00 7.52 4.54
N LEU B 302 11.12 8.12 4.13
CA LEU B 302 11.51 8.14 2.72
C LEU B 302 10.50 8.89 1.84
N ALA B 303 9.96 9.96 2.43
CA ALA B 303 9.15 10.90 1.69
C ALA B 303 9.87 11.25 0.39
N THR B 304 9.10 11.23 -0.68
CA THR B 304 9.62 11.28 -2.04
C THR B 304 9.00 12.40 -2.83
N ILE B 305 9.82 13.13 -3.57
CA ILE B 305 9.35 14.20 -4.42
C ILE B 305 9.61 13.81 -5.87
N ILE B 306 8.56 13.90 -6.69
CA ILE B 306 8.67 13.65 -8.13
C ILE B 306 8.31 14.94 -8.90
N PRO B 307 9.31 15.56 -9.58
CA PRO B 307 9.06 16.76 -10.40
C PRO B 307 8.44 16.44 -11.73
N ASP B 308 7.17 16.82 -11.90
CA ASP B 308 6.49 16.75 -13.18
C ASP B 308 7.00 17.86 -14.15
N ASN B 309 6.70 17.70 -15.43
CA ASN B 309 6.79 18.81 -16.39
C ASN B 309 8.23 19.16 -16.73
N GLY B 310 9.15 18.35 -16.26
CA GLY B 310 10.56 18.57 -16.55
C GLY B 310 11.15 19.57 -15.61
N VAL B 311 10.42 19.93 -14.55
CA VAL B 311 10.96 20.92 -13.65
C VAL B 311 12.00 20.35 -12.67
N THR B 312 12.74 21.27 -12.06
CA THR B 312 13.66 20.95 -10.97
C THR B 312 12.83 20.73 -9.71
N ALA B 313 13.03 19.61 -9.04
CA ALA B 313 12.26 19.30 -7.83
C ALA B 313 12.51 20.26 -6.66
N LEU B 314 13.77 20.65 -6.47
CA LEU B 314 14.15 21.50 -5.36
C LEU B 314 15.24 22.47 -5.72
N LYS B 315 15.00 23.74 -5.38
CA LYS B 315 16.01 24.78 -5.45
C LYS B 315 16.20 25.43 -4.07
N VAL B 316 17.43 25.41 -3.56
CA VAL B 316 17.78 26.18 -2.37
C VAL B 316 18.47 27.49 -2.81
N GLY B 317 18.08 28.60 -2.20
CA GLY B 317 18.71 29.87 -2.54
C GLY B 317 20.08 30.03 -1.89
N ASP B 318 20.64 31.21 -2.06
CA ASP B 318 22.01 31.52 -1.59
C ASP B 318 22.04 32.00 -0.16
N VAL B 319 21.47 31.18 0.70
CA VAL B 319 21.27 31.51 2.10
C VAL B 319 21.98 30.53 3.01
N ASP B 320 22.29 31.04 4.20
CA ASP B 320 22.90 30.27 5.28
C ASP B 320 21.91 29.23 5.86
N GLY B 321 22.48 28.19 6.46
CA GLY B 321 21.74 27.36 7.39
C GLY B 321 20.61 26.47 6.91
N VAL B 322 20.43 26.28 5.61
CA VAL B 322 19.33 25.40 5.19
C VAL B 322 19.76 23.96 5.47
N LYS B 323 18.82 23.17 5.98
CA LYS B 323 19.09 21.81 6.41
C LYS B 323 18.03 20.90 5.74
N VAL B 324 18.40 20.28 4.64
CA VAL B 324 17.50 19.38 3.92
C VAL B 324 17.90 17.97 4.31
N ALA B 325 16.92 17.16 4.68
CA ALA B 325 17.25 15.88 5.25
C ALA B 325 16.18 14.84 4.97
N GLY B 326 16.61 13.65 4.55
CA GLY B 326 15.69 12.51 4.48
C GLY B 326 14.62 12.54 3.40
N LEU B 327 15.04 12.91 2.19
CA LEU B 327 14.13 12.93 1.06
C LEU B 327 14.72 12.11 -0.07
N LEU B 328 13.83 11.40 -0.78
CA LEU B 328 14.16 10.82 -2.09
C LEU B 328 13.57 11.69 -3.18
N VAL B 329 14.36 12.02 -4.20
CA VAL B 329 13.89 12.76 -5.35
C VAL B 329 13.96 11.76 -6.50
N ASP B 330 12.81 11.54 -7.12
CA ASP B 330 12.65 10.47 -8.08
C ASP B 330 12.24 11.08 -9.42
N ALA B 331 13.07 10.91 -10.44
CA ALA B 331 12.81 11.59 -11.71
C ALA B 331 11.49 11.16 -12.32
N GLY B 332 10.76 12.12 -12.90
CA GLY B 332 9.67 11.78 -13.78
C GLY B 332 10.18 11.40 -15.18
N PRO B 333 9.31 10.75 -15.97
CA PRO B 333 9.73 10.37 -17.32
C PRO B 333 10.08 11.58 -18.19
N VAL B 334 9.47 12.73 -17.93
CA VAL B 334 9.85 13.97 -18.66
C VAL B 334 11.19 14.55 -18.13
N ASN B 335 12.19 14.61 -19.00
CA ASN B 335 13.55 15.01 -18.57
C ASN B 335 13.58 16.35 -17.87
N SER B 336 14.20 16.35 -16.69
CA SER B 336 14.52 17.57 -15.98
C SER B 336 15.97 17.92 -16.28
N GLU B 337 16.27 19.18 -16.56
CA GLU B 337 17.69 19.55 -16.74
C GLU B 337 18.45 19.42 -15.42
N THR B 338 17.78 19.71 -14.31
CA THR B 338 18.31 19.50 -12.96
C THR B 338 17.23 18.93 -12.03
N LEU B 339 17.65 18.12 -11.07
CA LEU B 339 16.74 17.64 -10.03
C LEU B 339 16.81 18.43 -8.70
N VAL B 340 18.01 18.77 -8.25
CA VAL B 340 18.23 19.55 -7.04
C VAL B 340 19.31 20.56 -7.32
N GLU B 341 19.05 21.83 -6.96
CA GLU B 341 20.05 22.87 -7.06
C GLU B 341 20.24 23.48 -5.68
N VAL B 342 21.50 23.55 -5.24
CA VAL B 342 21.87 24.22 -4.00
C VAL B 342 22.63 25.49 -4.33
N GLY B 343 21.92 26.60 -4.15
CA GLY B 343 22.40 27.91 -4.55
C GLY B 343 22.15 28.13 -6.03
N SER B 344 22.10 29.39 -6.44
CA SER B 344 21.86 29.68 -7.87
C SER B 344 23.19 29.79 -8.66
N ASP B 345 23.15 29.70 -9.98
CA ASP B 345 24.40 29.71 -10.76
C ASP B 345 25.16 31.02 -10.51
N GLY B 346 26.49 30.96 -10.40
CA GLY B 346 27.28 32.15 -10.10
C GLY B 346 27.57 32.43 -8.62
N ALA B 347 26.71 31.95 -7.73
CA ALA B 347 26.82 32.18 -6.26
C ALA B 347 28.28 32.24 -5.70
N SER B 348 28.77 33.40 -5.18
CA SER B 348 30.15 33.52 -4.59
C SER B 348 30.37 33.67 -3.05
N GLY B 349 29.39 34.23 -2.36
CA GLY B 349 29.49 34.53 -0.94
C GLY B 349 29.76 33.35 0.00
N ASP B 350 30.26 33.72 1.18
CA ASP B 350 30.66 32.83 2.31
C ASP B 350 29.46 32.23 3.02
N HIS B 351 29.54 30.95 3.41
CA HIS B 351 28.51 30.35 4.27
C HIS B 351 29.21 29.50 5.36
N ALA B 352 30.39 29.94 5.83
CA ALA B 352 31.24 29.06 6.64
C ALA B 352 30.76 28.84 8.06
N ALA B 353 30.27 29.90 8.70
CA ALA B 353 29.83 29.77 10.07
C ALA B 353 28.53 28.93 10.13
N ASN B 354 27.69 29.04 9.10
CA ASN B 354 26.35 28.45 9.13
C ASN B 354 26.01 27.92 7.73
N PRO B 355 26.59 26.77 7.39
CA PRO B 355 26.41 26.26 6.02
C PRO B 355 25.01 25.77 5.73
N THR B 356 24.76 25.49 4.45
CA THR B 356 23.61 24.69 4.03
C THR B 356 24.08 23.25 3.86
N SER B 357 23.18 22.30 4.15
CA SER B 357 23.54 20.90 4.07
C SER B 357 22.45 20.06 3.43
N LEU B 358 22.91 19.01 2.74
CA LEU B 358 22.06 17.91 2.28
C LEU B 358 22.43 16.66 3.06
N GLN B 359 21.45 16.01 3.70
CA GLN B 359 21.72 14.79 4.48
C GLN B 359 20.66 13.73 4.21
N ASP B 360 21.11 12.52 3.89
CA ASP B 360 20.17 11.47 3.53
C ASP B 360 19.23 12.00 2.45
N VAL B 361 19.86 12.62 1.46
CA VAL B 361 19.18 13.03 0.24
C VAL B 361 19.57 12.04 -0.87
N PHE B 362 18.56 11.35 -1.38
CA PHE B 362 18.78 10.29 -2.35
C PHE B 362 18.09 10.71 -3.63
N VAL B 363 18.69 10.35 -4.76
CA VAL B 363 18.11 10.62 -6.05
C VAL B 363 18.03 9.30 -6.81
N ARG B 364 16.93 9.11 -7.52
CA ARG B 364 16.72 7.94 -8.38
C ARG B 364 16.27 8.40 -9.75
N ILE B 365 16.87 7.82 -10.81
CA ILE B 365 16.42 8.06 -12.19
C ILE B 365 16.14 6.71 -12.85
N GLY B 366 14.85 6.42 -13.03
CA GLY B 366 14.39 5.14 -13.52
C GLY B 366 14.19 4.07 -12.47
N GLY B 367 13.70 2.90 -12.89
CA GLY B 367 13.57 1.76 -11.99
C GLY B 367 12.12 1.50 -11.59
N ALA B 368 11.40 2.57 -11.31
CA ALA B 368 9.94 2.54 -11.16
C ALA B 368 9.20 2.95 -12.45
N GLY B 369 9.90 2.90 -13.57
CA GLY B 369 9.41 3.42 -14.83
C GLY B 369 10.40 4.44 -15.35
N PRO B 370 10.22 4.89 -16.61
CA PRO B 370 11.24 5.84 -17.08
C PRO B 370 11.30 7.10 -16.24
N GLY B 371 12.52 7.51 -15.99
CA GLY B 371 12.81 8.80 -15.43
C GLY B 371 14.01 9.28 -16.21
N LYS B 372 14.14 10.59 -16.37
CA LYS B 372 15.25 11.17 -17.10
C LYS B 372 15.64 12.48 -16.46
N ALA B 373 16.93 12.71 -16.32
CA ALA B 373 17.43 14.00 -15.86
C ALA B 373 18.79 14.21 -16.40
N THR B 374 19.13 15.45 -16.66
CA THR B 374 20.45 15.74 -17.22
C THR B 374 21.55 15.76 -16.15
N THR B 375 21.38 16.60 -15.12
CA THR B 375 22.28 16.68 -13.96
C THR B 375 21.45 16.59 -12.69
N SER B 376 21.71 15.58 -11.87
CA SER B 376 20.82 15.34 -10.75
C SER B 376 20.97 16.41 -9.65
N ILE B 377 22.20 16.65 -9.19
CA ILE B 377 22.42 17.63 -8.13
C ILE B 377 23.53 18.60 -8.51
N VAL B 378 23.19 19.90 -8.52
CA VAL B 378 24.17 20.96 -8.71
C VAL B 378 24.35 21.71 -7.41
N VAL B 379 25.61 21.85 -6.99
CA VAL B 379 25.92 22.50 -5.73
C VAL B 379 26.75 23.74 -6.01
N ASN B 380 26.06 24.87 -6.04
CA ASN B 380 26.73 26.15 -6.15
C ASN B 380 27.08 26.82 -4.82
N SER B 381 26.33 26.57 -3.76
CA SER B 381 26.58 27.31 -2.51
C SER B 381 27.95 26.95 -1.93
N ASN B 382 28.76 27.97 -1.74
CA ASN B 382 30.00 27.79 -1.02
C ASN B 382 29.78 27.20 0.36
N ASP B 383 30.72 26.36 0.78
CA ASP B 383 30.76 25.77 2.13
C ASP B 383 29.67 24.72 2.44
N THR B 384 28.96 24.29 1.41
CA THR B 384 27.90 23.30 1.53
C THR B 384 28.46 21.99 2.06
N ILE B 385 27.68 21.34 2.94
CA ILE B 385 28.02 20.00 3.45
C ILE B 385 27.05 19.00 2.80
N ILE B 386 27.58 18.01 2.09
CA ILE B 386 26.79 16.90 1.56
C ILE B 386 27.18 15.68 2.43
N ASP B 387 26.31 15.32 3.37
CA ASP B 387 26.59 14.28 4.40
C ASP B 387 25.59 13.12 4.23
N HIS B 388 26.05 12.14 3.46
CA HIS B 388 25.28 11.00 2.96
C HIS B 388 24.30 11.32 1.81
N THR B 389 24.73 10.98 0.61
CA THR B 389 23.84 11.02 -0.55
C THR B 389 24.07 9.74 -1.37
N TRP B 390 22.98 9.24 -1.96
CA TRP B 390 23.05 8.22 -3.03
C TRP B 390 22.31 8.79 -4.24
N VAL B 391 23.06 9.00 -5.32
CA VAL B 391 22.55 9.56 -6.56
C VAL B 391 22.72 8.43 -7.58
N TRP B 392 21.57 7.86 -7.96
CA TRP B 392 21.51 6.55 -8.59
C TRP B 392 20.68 6.54 -9.88
N ARG B 393 21.36 6.36 -10.99
CA ARG B 393 20.68 6.02 -12.21
C ARG B 393 20.39 4.55 -12.15
N ALA B 394 19.11 4.16 -12.29
CA ALA B 394 18.75 2.78 -12.06
C ALA B 394 19.43 1.79 -13.01
N ASP B 395 19.80 0.65 -12.44
CA ASP B 395 20.37 -0.45 -13.22
C ASP B 395 19.38 -1.61 -13.34
N HIS B 396 18.24 -1.52 -12.68
CA HIS B 396 17.29 -2.61 -12.72
C HIS B 396 15.96 -2.08 -12.25
N GLY B 397 14.91 -2.90 -12.44
CA GLY B 397 13.55 -2.46 -12.23
C GLY B 397 12.85 -2.21 -13.56
N GLU B 398 12.09 -1.12 -13.66
CA GLU B 398 11.34 -0.81 -14.88
C GLU B 398 11.67 0.55 -15.43
N GLY B 399 11.64 0.68 -16.76
CA GLY B 399 11.88 1.96 -17.39
C GLY B 399 13.38 2.23 -17.50
N VAL B 400 14.15 1.15 -17.49
CA VAL B 400 15.62 1.22 -17.53
C VAL B 400 16.11 0.96 -18.97
N GLY B 401 17.17 1.66 -19.35
CA GLY B 401 17.74 1.51 -20.68
C GLY B 401 18.74 2.63 -20.95
N TRP B 402 19.77 2.32 -21.74
CA TRP B 402 20.83 3.28 -22.06
C TRP B 402 20.28 4.65 -22.46
N GLU B 403 19.17 4.62 -23.17
CA GLU B 403 18.48 5.83 -23.60
C GLU B 403 17.20 6.02 -22.73
N THR B 404 16.56 4.90 -22.41
CA THR B 404 15.29 4.87 -21.72
C THR B 404 15.29 5.61 -20.36
N ASN B 405 16.34 5.40 -19.55
CA ASN B 405 16.52 6.20 -18.31
C ASN B 405 17.89 6.90 -18.36
N ARG B 406 18.20 7.44 -19.53
CA ARG B 406 19.39 8.28 -19.69
C ARG B 406 19.49 9.37 -18.63
N ALA B 407 20.71 9.54 -18.11
CA ALA B 407 21.06 10.61 -17.19
C ALA B 407 22.55 10.84 -17.28
N ASP B 408 22.95 11.96 -17.87
CA ASP B 408 24.37 12.16 -18.20
C ASP B 408 25.23 12.30 -16.96
N TYR B 409 24.76 13.12 -16.01
CA TYR B 409 25.61 13.63 -14.93
C TYR B 409 24.96 13.49 -13.57
N GLY B 410 25.74 13.02 -12.60
CA GLY B 410 25.23 12.78 -11.27
C GLY B 410 25.25 14.07 -10.50
N VAL B 411 26.41 14.35 -9.92
CA VAL B 411 26.61 15.54 -9.11
C VAL B 411 27.63 16.46 -9.78
N HIS B 412 27.31 17.76 -9.79
CA HIS B 412 28.25 18.78 -10.27
C HIS B 412 28.47 19.77 -9.13
N VAL B 413 29.68 19.82 -8.58
CA VAL B 413 29.98 20.79 -7.52
C VAL B 413 30.73 21.97 -8.08
N LYS B 414 30.10 23.13 -7.99
CA LYS B 414 30.72 24.37 -8.47
C LYS B 414 31.09 25.31 -7.31
N GLY B 415 30.43 25.16 -6.18
CA GLY B 415 30.77 25.91 -4.98
C GLY B 415 32.18 25.63 -4.45
N ASP B 416 32.72 26.60 -3.72
CA ASP B 416 34.03 26.50 -3.09
C ASP B 416 33.90 25.93 -1.67
N ASN B 417 34.91 25.19 -1.23
CA ASN B 417 35.00 24.68 0.14
C ASN B 417 33.83 23.77 0.50
N VAL B 418 33.34 23.09 -0.51
CA VAL B 418 32.26 22.10 -0.32
C VAL B 418 32.86 20.81 0.24
N LEU B 419 32.16 20.20 1.18
CA LEU B 419 32.61 18.96 1.81
C LEU B 419 31.58 17.89 1.59
N ALA B 420 32.01 16.74 1.04
CA ALA B 420 31.16 15.56 0.90
C ALA B 420 31.66 14.47 1.83
N THR B 421 30.78 13.97 2.70
CA THR B 421 31.10 12.85 3.57
C THR B 421 30.09 11.74 3.27
N GLY B 422 30.56 10.64 2.70
CA GLY B 422 29.67 9.53 2.36
C GLY B 422 28.96 9.80 1.05
N LEU B 423 29.76 9.86 -0.02
CA LEU B 423 29.29 10.18 -1.36
C LEU B 423 29.13 8.88 -2.18
N PHE B 424 27.91 8.56 -2.59
CA PHE B 424 27.60 7.34 -3.37
C PHE B 424 26.89 7.80 -4.67
N VAL B 425 27.48 7.57 -5.83
CA VAL B 425 26.94 8.06 -7.11
C VAL B 425 27.21 7.02 -8.20
N GLU B 426 26.17 6.54 -8.86
CA GLU B 426 26.33 5.37 -9.72
C GLU B 426 25.53 5.42 -11.07
N HIS B 427 26.21 4.99 -12.13
CA HIS B 427 25.63 4.49 -13.39
C HIS B 427 25.31 5.58 -14.42
N PHE B 428 25.81 6.78 -14.21
CA PHE B 428 25.50 7.87 -15.14
C PHE B 428 26.11 7.66 -16.53
N ASN B 429 25.43 8.15 -17.57
CA ASN B 429 25.89 7.94 -18.93
C ASN B 429 27.19 8.67 -19.22
N LYS B 430 27.48 9.74 -18.47
CA LYS B 430 28.72 10.49 -18.62
C LYS B 430 29.40 10.62 -17.25
N TYR B 431 29.84 11.79 -16.82
CA TYR B 431 30.54 11.89 -15.55
C TYR B 431 29.60 11.73 -14.35
N ASP B 432 29.87 10.75 -13.49
CA ASP B 432 29.02 10.59 -12.30
C ASP B 432 29.19 11.78 -11.36
N VAL B 433 30.43 12.14 -11.09
CA VAL B 433 30.73 13.36 -10.31
C VAL B 433 31.72 14.21 -11.04
N GLN B 434 31.38 15.51 -11.10
CA GLN B 434 32.29 16.58 -11.52
C GLN B 434 32.43 17.67 -10.47
N TRP B 435 33.65 18.15 -10.31
CA TRP B 435 33.98 19.17 -9.32
C TRP B 435 34.76 20.29 -10.00
N SER B 436 34.18 21.48 -9.93
CA SER B 436 34.69 22.70 -10.60
C SER B 436 35.02 23.79 -9.56
N GLY B 437 34.45 23.65 -8.37
CA GLY B 437 34.72 24.58 -7.26
C GLY B 437 36.11 24.36 -6.68
N GLU B 438 36.59 25.35 -5.93
CA GLU B 438 37.89 25.27 -5.26
C GLU B 438 37.84 24.62 -3.86
N ASN B 439 38.96 24.07 -3.45
CA ASN B 439 39.17 23.42 -2.13
C ASN B 439 38.00 22.56 -1.66
N GLY B 440 37.48 21.74 -2.57
CA GLY B 440 36.57 20.68 -2.19
C GLY B 440 37.26 19.55 -1.45
N LYS B 441 36.50 18.87 -0.58
CA LYS B 441 36.97 17.60 -0.01
C LYS B 441 35.86 16.56 -0.06
N THR B 442 36.28 15.33 -0.34
CA THR B 442 35.40 14.17 -0.31
C THR B 442 36.04 13.12 0.58
N ILE B 443 35.27 12.70 1.57
CA ILE B 443 35.65 11.62 2.48
C ILE B 443 34.64 10.51 2.25
N PHE B 444 35.15 9.46 1.62
CA PHE B 444 34.46 8.26 1.13
C PHE B 444 33.66 8.50 -0.13
N TYR B 445 34.04 7.78 -1.20
CA TYR B 445 33.28 7.78 -2.44
C TYR B 445 33.07 6.36 -2.89
N GLN B 446 31.84 6.06 -3.27
CA GLN B 446 31.50 4.79 -3.92
C GLN B 446 30.81 5.07 -5.23
N ASN B 447 31.41 4.55 -6.31
CA ASN B 447 30.81 4.60 -7.64
C ASN B 447 30.76 3.22 -8.34
N ALA B 448 29.74 3.03 -9.16
CA ALA B 448 29.73 1.98 -10.20
C ALA B 448 29.44 2.69 -11.52
N LYS B 449 30.16 2.28 -12.56
CA LYS B 449 29.95 2.85 -13.88
C LYS B 449 28.71 2.22 -14.55
N ALA B 450 28.11 2.93 -15.49
CA ALA B 450 26.98 2.43 -16.29
C ALA B 450 27.23 1.03 -16.80
N TYR B 451 26.31 0.08 -16.52
CA TYR B 451 26.49 -1.30 -16.96
C TYR B 451 26.09 -1.50 -18.41
N ASP B 452 25.27 -0.57 -18.91
CA ASP B 452 24.55 -0.75 -20.19
C ASP B 452 25.14 0.01 -21.39
N ALA B 453 26.34 0.58 -21.24
CA ALA B 453 27.09 1.10 -22.38
C ALA B 453 27.09 0.13 -23.57
N PRO B 454 26.53 0.53 -24.73
CA PRO B 454 26.42 -0.49 -25.80
C PRO B 454 27.74 -0.91 -26.45
N ASP B 455 28.70 -0.02 -26.52
CA ASP B 455 29.98 -0.34 -27.11
C ASP B 455 30.91 0.80 -26.78
N GLN B 456 32.16 0.69 -27.21
CA GLN B 456 33.15 1.70 -26.88
C GLN B 456 32.76 3.08 -27.40
N ALA B 457 32.35 3.18 -28.67
CA ALA B 457 32.07 4.47 -29.30
C ALA B 457 30.96 5.22 -28.56
N ALA B 458 30.06 4.49 -27.92
CA ALA B 458 28.98 5.13 -27.19
C ALA B 458 29.43 5.94 -25.97
N ILE B 459 30.68 5.72 -25.53
CA ILE B 459 31.25 6.37 -24.36
C ILE B 459 32.58 7.08 -24.66
N GLN B 460 32.89 7.37 -25.93
CA GLN B 460 34.11 8.13 -26.23
C GLN B 460 33.95 9.54 -25.62
N ASN B 461 35.04 10.04 -25.06
CA ASN B 461 35.03 11.29 -24.28
C ASN B 461 36.27 12.05 -24.72
N GLY B 462 36.13 12.80 -25.81
CA GLY B 462 37.28 13.28 -26.55
C GLY B 462 38.22 12.16 -26.97
N ASP B 463 39.44 12.20 -26.45
CA ASP B 463 40.48 11.22 -26.76
C ASP B 463 40.56 10.12 -25.67
N ILE B 464 39.79 10.31 -24.59
CA ILE B 464 39.73 9.35 -23.48
C ILE B 464 38.62 8.35 -23.71
N LYS B 465 38.84 7.08 -23.32
CA LYS B 465 37.79 6.07 -23.35
C LYS B 465 36.98 6.13 -22.08
N GLY B 466 35.69 6.43 -22.25
CA GLY B 466 34.78 6.55 -21.13
C GLY B 466 34.92 7.84 -20.36
N TYR B 467 33.99 8.05 -19.43
CA TYR B 467 33.95 9.23 -18.56
C TYR B 467 34.32 8.85 -17.14
N ALA B 468 35.22 9.60 -16.52
CA ALA B 468 35.58 9.36 -15.16
C ALA B 468 34.35 9.30 -14.26
N ALA B 469 34.43 8.48 -13.23
CA ALA B 469 33.46 8.51 -12.16
C ALA B 469 33.55 9.79 -11.34
N TYR B 470 34.73 10.40 -11.30
CA TYR B 470 34.94 11.56 -10.45
C TYR B 470 36.00 12.38 -11.16
N LYS B 471 35.55 13.51 -11.70
CA LYS B 471 36.38 14.43 -12.44
C LYS B 471 36.53 15.78 -11.77
N VAL B 472 37.77 16.14 -11.48
CA VAL B 472 38.12 17.47 -11.00
C VAL B 472 38.51 18.30 -12.22
N ASP B 473 37.85 19.43 -12.44
CA ASP B 473 38.17 20.25 -13.61
C ASP B 473 39.66 20.62 -13.62
N ASP B 474 40.23 20.64 -14.81
CA ASP B 474 41.68 20.82 -14.95
C ASP B 474 42.14 22.19 -14.38
N SER B 475 41.25 23.18 -14.48
CA SER B 475 41.50 24.56 -14.03
C SER B 475 41.48 24.79 -12.50
N VAL B 476 41.01 23.79 -11.79
CA VAL B 476 40.89 23.83 -10.32
C VAL B 476 42.30 23.90 -9.75
N THR B 477 42.44 24.44 -8.53
CA THR B 477 43.75 24.60 -7.83
C THR B 477 43.99 23.65 -6.65
N THR B 478 42.97 23.49 -5.80
CA THR B 478 43.07 22.67 -4.59
C THR B 478 41.86 21.75 -4.47
N HIS B 479 42.13 20.52 -4.08
CA HIS B 479 41.11 19.51 -3.89
C HIS B 479 41.76 18.39 -3.08
N GLU B 480 40.97 17.72 -2.23
CA GLU B 480 41.48 16.50 -1.63
C GLU B 480 40.36 15.45 -1.54
N GLY B 481 40.73 14.20 -1.73
CA GLY B 481 39.80 13.07 -1.63
C GLY B 481 40.45 11.91 -0.91
N TRP B 482 39.66 11.28 -0.04
CA TRP B 482 40.12 10.15 0.75
C TRP B 482 39.16 8.95 0.60
N GLY B 483 39.69 7.77 0.30
CA GLY B 483 38.89 6.55 0.33
C GLY B 483 37.83 6.48 -0.76
N MET B 484 38.27 6.42 -2.02
CA MET B 484 37.36 6.50 -3.18
C MET B 484 37.50 5.30 -4.10
N GLY B 485 36.36 4.68 -4.46
CA GLY B 485 36.39 3.54 -5.37
C GLY B 485 35.35 3.60 -6.48
N SER B 486 35.77 3.20 -7.67
CA SER B 486 34.89 3.07 -8.84
C SER B 486 34.89 1.63 -9.31
N TYR B 487 33.68 1.09 -9.49
CA TYR B 487 33.47 -0.28 -10.00
C TYR B 487 32.92 -0.32 -11.41
N CYS B 488 33.29 -1.36 -12.18
CA CYS B 488 32.63 -1.58 -13.47
C CYS B 488 32.07 -2.98 -13.58
N TYR B 489 31.03 -3.07 -14.40
CA TYR B 489 30.40 -4.34 -14.74
C TYR B 489 29.66 -4.14 -16.05
N PHE B 490 30.44 -4.09 -17.13
CA PHE B 490 29.92 -3.73 -18.46
C PHE B 490 29.29 -4.96 -19.12
N ASN B 491 28.01 -5.16 -18.84
CA ASN B 491 27.42 -6.44 -19.24
C ASN B 491 26.83 -6.41 -20.64
N VAL B 492 26.41 -5.24 -21.11
CA VAL B 492 25.93 -5.13 -22.48
C VAL B 492 27.10 -5.37 -23.42
N ASN B 493 28.29 -4.96 -22.99
CA ASN B 493 29.48 -5.12 -23.82
C ASN B 493 30.76 -5.26 -22.98
N PRO B 494 31.07 -6.50 -22.55
CA PRO B 494 32.20 -6.77 -21.64
C PRO B 494 33.57 -6.63 -22.29
N ASP B 495 33.63 -6.21 -23.55
CA ASP B 495 34.90 -5.87 -24.22
C ASP B 495 35.28 -4.38 -24.01
N ILE B 496 34.36 -3.60 -23.47
CA ILE B 496 34.61 -2.19 -23.19
C ILE B 496 35.82 -1.98 -22.28
N ARG B 497 36.52 -0.88 -22.52
CA ARG B 497 37.56 -0.38 -21.63
C ARG B 497 37.15 0.99 -21.08
N GLN B 498 37.35 1.15 -19.77
CA GLN B 498 37.18 2.44 -19.09
C GLN B 498 38.57 2.94 -18.76
N GLN B 499 38.99 4.13 -19.26
CA GLN B 499 40.38 4.54 -19.05
C GLN B 499 40.74 4.67 -17.58
N HIS B 500 39.87 5.35 -16.83
CA HIS B 500 40.14 5.56 -15.41
C HIS B 500 38.88 5.75 -14.60
N GLY B 501 39.00 5.59 -13.28
CA GLY B 501 37.91 5.90 -12.38
C GLY B 501 37.89 7.39 -12.04
N PHE B 502 39.11 7.94 -11.99
CA PHE B 502 39.38 9.29 -11.48
C PHE B 502 40.19 10.12 -12.45
N GLN B 503 40.01 11.42 -12.39
CA GLN B 503 40.68 12.29 -13.33
C GLN B 503 40.74 13.69 -12.85
N ALA B 504 41.95 14.23 -12.88
CA ALA B 504 42.22 15.45 -12.18
C ALA B 504 43.50 16.03 -12.73
N PRO B 505 43.60 17.36 -12.77
CA PRO B 505 44.88 17.97 -13.12
C PRO B 505 45.98 17.62 -12.14
N VAL B 506 47.21 17.68 -12.65
CA VAL B 506 48.39 17.40 -11.86
C VAL B 506 48.86 18.77 -11.37
N LYS B 507 48.53 19.08 -10.11
CA LYS B 507 48.97 20.30 -9.42
C LYS B 507 49.13 19.91 -7.97
N PRO B 508 50.22 20.33 -7.31
CA PRO B 508 50.55 19.75 -5.99
C PRO B 508 49.38 19.53 -5.03
N GLY B 509 48.64 20.61 -4.76
CA GLY B 509 47.54 20.60 -3.80
C GLY B 509 46.21 19.98 -4.29
N VAL B 510 46.20 19.37 -5.47
CA VAL B 510 45.05 18.55 -5.91
C VAL B 510 45.47 17.13 -5.59
N LYS B 511 45.07 16.64 -4.41
CA LYS B 511 45.56 15.39 -3.85
C LYS B 511 44.51 14.33 -3.66
N PHE B 512 44.93 13.08 -3.72
CA PHE B 512 44.06 11.97 -3.38
C PHE B 512 44.79 10.96 -2.54
N HIS B 513 43.99 10.24 -1.76
CA HIS B 513 44.47 9.23 -0.85
C HIS B 513 43.57 8.01 -0.95
N ASP B 514 44.17 6.86 -1.24
CA ASP B 514 43.47 5.57 -1.16
C ASP B 514 42.38 5.46 -2.22
N LEU B 515 42.82 5.46 -3.48
CA LEU B 515 41.93 5.20 -4.61
C LEU B 515 41.95 3.75 -5.00
N LEU B 516 40.79 3.28 -5.47
CA LEU B 516 40.74 1.98 -6.11
C LEU B 516 39.74 1.92 -7.25
N VAL B 517 40.03 1.05 -8.20
CA VAL B 517 39.05 0.63 -9.20
C VAL B 517 38.98 -0.89 -9.28
N VAL B 518 37.81 -1.42 -9.64
CA VAL B 518 37.57 -2.85 -9.61
C VAL B 518 36.62 -3.25 -10.72
N SER B 519 36.96 -4.33 -11.43
CA SER B 519 36.04 -4.94 -12.39
C SER B 519 35.33 -6.14 -11.77
N LEU B 520 33.99 -6.14 -11.79
CA LEU B 520 33.25 -7.27 -11.26
C LEU B 520 33.23 -8.36 -12.35
N GLY B 521 33.92 -9.47 -12.11
CA GLY B 521 33.84 -10.63 -13.00
C GLY B 521 34.29 -10.45 -14.46
N GLY B 522 35.36 -9.69 -14.67
CA GLY B 522 35.90 -9.46 -16.00
C GLY B 522 34.98 -8.77 -16.99
N LYS B 523 33.92 -8.14 -16.49
CA LYS B 523 32.98 -7.49 -17.39
C LYS B 523 33.46 -6.05 -17.61
N GLY B 524 34.25 -5.90 -18.66
CA GLY B 524 35.01 -4.72 -18.90
C GLY B 524 36.25 -4.69 -18.00
N GLN B 525 37.15 -3.76 -18.30
CA GLN B 525 38.31 -3.50 -17.48
C GLN B 525 38.62 -2.02 -17.47
N TYR B 526 39.26 -1.59 -16.38
CA TYR B 526 39.92 -0.26 -16.30
C TYR B 526 41.35 -0.30 -16.85
N GLU B 527 41.71 0.69 -17.66
CA GLU B 527 43.12 0.92 -18.06
C GLU B 527 44.03 1.39 -16.95
N HIS B 528 43.48 2.23 -16.07
CA HIS B 528 44.25 2.92 -15.03
C HIS B 528 43.30 3.21 -13.86
N VAL B 529 43.87 3.73 -12.79
CA VAL B 529 43.09 4.16 -11.64
C VAL B 529 42.67 5.62 -11.83
N ILE B 530 43.67 6.47 -12.03
CA ILE B 530 43.47 7.91 -12.15
C ILE B 530 44.32 8.49 -13.30
N ASN B 531 43.68 9.31 -14.13
CA ASN B 531 44.32 9.86 -15.32
C ASN B 531 44.83 8.73 -16.21
N ASP B 532 46.13 8.73 -16.53
CA ASP B 532 46.79 7.66 -17.30
C ASP B 532 47.67 6.82 -16.41
N ILE B 533 47.45 6.99 -15.10
CA ILE B 533 48.23 6.35 -14.04
C ILE B 533 47.52 5.24 -13.27
N GLY B 534 48.26 4.16 -13.07
CA GLY B 534 47.89 3.11 -12.14
C GLY B 534 47.70 1.82 -12.90
N ASP B 535 47.76 0.69 -12.19
CA ASP B 535 47.62 -0.60 -12.89
C ASP B 535 46.25 -0.74 -13.50
N PRO B 536 46.17 -1.39 -14.68
CA PRO B 536 44.83 -1.77 -15.14
C PRO B 536 44.28 -2.87 -14.24
N THR B 537 42.99 -3.07 -14.28
CA THR B 537 42.43 -4.32 -13.76
C THR B 537 42.57 -5.39 -14.84
N SER B 538 42.63 -6.66 -14.42
CA SER B 538 42.66 -7.79 -15.35
C SER B 538 41.98 -9.00 -14.73
N GLY B 539 41.99 -10.12 -15.44
CA GLY B 539 41.37 -11.33 -14.93
C GLY B 539 39.86 -11.13 -14.82
N ASP B 540 39.19 -12.12 -14.23
CA ASP B 540 37.73 -12.12 -14.07
C ASP B 540 37.41 -12.44 -12.61
N THR B 541 38.41 -12.19 -11.75
CA THR B 541 38.39 -12.53 -10.33
C THR B 541 38.23 -11.34 -9.34
N THR B 542 38.01 -10.16 -9.89
CA THR B 542 37.45 -9.07 -9.10
C THR B 542 38.46 -8.48 -8.07
N ILE B 543 39.76 -8.71 -8.30
CA ILE B 543 40.79 -8.14 -7.45
C ILE B 543 40.96 -6.65 -7.80
N PRO B 544 40.91 -5.74 -6.79
CA PRO B 544 41.08 -4.30 -7.08
C PRO B 544 42.48 -3.84 -7.49
N SER B 545 42.55 -2.73 -8.23
CA SER B 545 43.77 -1.96 -8.46
C SER B 545 43.70 -0.73 -7.57
N GLN B 546 44.75 -0.54 -6.79
CA GLN B 546 44.79 0.52 -5.79
C GLN B 546 45.94 1.51 -6.03
N VAL B 547 45.67 2.80 -5.78
CA VAL B 547 46.71 3.84 -5.60
C VAL B 547 46.61 4.39 -4.16
N VAL B 548 47.73 4.46 -3.45
CA VAL B 548 47.74 5.05 -2.11
C VAL B 548 47.70 6.58 -2.13
N SER B 549 48.63 7.16 -2.89
CA SER B 549 48.81 8.62 -2.96
C SER B 549 48.91 9.07 -4.41
N PHE B 550 48.30 10.20 -4.70
CA PHE B 550 48.42 10.85 -5.99
C PHE B 550 48.13 12.30 -5.74
N PRO B 551 48.80 13.20 -6.47
CA PRO B 551 49.90 13.07 -7.43
C PRO B 551 51.24 12.75 -6.81
C1 EDO C . -38.90 -12.34 -8.85
O1 EDO C . -37.78 -12.91 -8.13
C2 EDO C . -39.03 -10.85 -8.56
O2 EDO C . -37.79 -10.21 -8.88
H11 EDO C . -39.83 -12.85 -8.57
H12 EDO C . -38.77 -12.47 -9.93
HO1 EDO C . -37.71 -13.85 -8.33
H21 EDO C . -39.25 -10.71 -7.51
H22 EDO C . -39.84 -10.41 -9.16
HO2 EDO C . -37.86 -9.27 -8.69
C1 EDO D . -15.71 -12.59 -22.09
O1 EDO D . -14.39 -11.96 -22.14
C2 EDO D . -16.80 -11.50 -22.02
O2 EDO D . -16.47 -10.60 -20.97
H11 EDO D . -15.79 -13.23 -21.21
H12 EDO D . -15.85 -13.21 -22.96
HO1 EDO D . -13.71 -12.64 -22.24
H21 EDO D . -17.77 -11.95 -21.83
H22 EDO D . -16.84 -10.98 -22.97
HO2 EDO D . -17.03 -9.82 -21.00
C2 BGC E . 25.14 -1.26 -7.17
C3 BGC E . 23.64 -0.85 -7.07
C4 BGC E . 22.80 -1.88 -7.84
C5 BGC E . 22.99 -3.29 -7.25
C6 BGC E . 21.95 -4.23 -7.87
C1 BGC E . 25.43 -2.77 -7.34
O1 BGC E . 26.35 -2.99 -8.36
O2 BGC E . 25.99 -0.64 -6.17
O3 BGC E . 23.53 0.38 -7.73
O4 BGC E . 21.42 -1.51 -7.97
O5 BGC E . 24.34 -3.68 -7.56
O6 BGC E . 21.88 -5.45 -7.15
H2 BGC E . 24.16 -1.15 -6.71
H3 BGC E . 23.01 -1.56 -7.55
H4 BGC E . 23.24 -2.05 -8.85
H5 BGC E . 22.78 -3.24 -6.19
H61 BGC E . 22.23 -4.45 -8.91
H62 BGC E . 20.96 -3.78 -7.88
H1 BGC E . 26.11 -3.08 -6.57
HO1 BGC E . 26.76 -2.13 -8.60
HO2 BGC E . 26.65 -1.28 -5.86
HO3 BGC E . 24.35 0.88 -7.64
HO4 BGC E . 21.31 -0.56 -7.74
HO6 BGC E . 22.51 -5.41 -6.39
C1 EDO F . 7.41 6.41 -5.60
O1 EDO F . 8.56 7.21 -5.93
C2 EDO F . 7.68 4.95 -5.91
O2 EDO F . 8.84 4.49 -5.22
H11 EDO F . 6.57 6.76 -6.19
H12 EDO F . 7.14 6.52 -4.55
HO1 EDO F . 8.33 8.15 -5.90
H21 EDO F . 7.84 4.86 -6.99
H22 EDO F . 6.82 4.33 -5.65
HO2 EDO F . 8.88 3.53 -5.26
C1 EDO G . 31.03 4.94 -19.05
O1 EDO G . 32.25 5.66 -18.96
C2 EDO G . 29.87 5.95 -19.06
O2 EDO G . 29.91 6.83 -17.95
H11 EDO G . 30.93 4.27 -18.19
H12 EDO G . 31.02 4.34 -19.97
HO1 EDO G . 32.98 5.05 -18.78
H21 EDO G . 28.93 5.40 -19.06
H22 EDO G . 29.93 6.52 -20.00
HO2 EDO G . 29.03 7.16 -17.77
C1 EDO H . 49.49 5.46 5.17
O1 EDO H . 49.00 6.28 4.13
C2 EDO H . 49.41 4.06 4.59
O2 EDO H . 48.44 3.30 5.33
H11 EDO H . 48.88 5.57 6.06
H12 EDO H . 50.52 5.72 5.42
HO1 EDO H . 49.23 7.20 4.31
H21 EDO H . 50.38 3.57 4.60
H22 EDO H . 49.10 4.13 3.54
HO2 EDO H . 48.24 2.48 4.86
N VAL A 4 -48.13 11.58 4.83
CA VAL A 4 -47.13 10.59 4.43
C VAL A 4 -46.18 10.53 5.58
N VAL A 5 -46.29 9.40 6.24
CA VAL A 5 -46.28 9.34 7.68
C VAL A 5 -45.39 8.19 7.97
N GLY A 6 -44.34 8.47 8.73
CA GLY A 6 -43.50 7.37 9.08
C GLY A 6 -44.18 6.37 10.01
N GLY A 7 -43.77 5.12 9.93
CA GLY A 7 -44.15 4.11 10.88
C GLY A 7 -45.42 3.35 10.55
N GLY A 8 -46.01 2.79 11.59
CA GLY A 8 -47.08 1.83 11.40
C GLY A 8 -46.61 0.44 10.99
N ASP A 9 -47.61 -0.44 10.82
CA ASP A 9 -47.51 -1.80 10.29
C ASP A 9 -46.42 -2.06 9.26
N LEU A 10 -46.01 -3.32 9.14
CA LEU A 10 -44.89 -3.72 8.23
C LEU A 10 -45.26 -4.76 7.15
N GLY A 11 -46.55 -5.00 6.93
CA GLY A 11 -47.01 -5.91 5.87
C GLY A 11 -47.17 -7.35 6.31
N PRO A 12 -47.78 -8.18 5.45
CA PRO A 12 -47.98 -9.54 5.97
C PRO A 12 -46.73 -10.38 5.73
N ASN A 13 -45.70 -9.76 5.13
CA ASN A 13 -44.44 -10.46 4.93
C ASN A 13 -43.37 -10.31 5.98
N VAL A 14 -43.68 -9.58 7.04
CA VAL A 14 -42.78 -9.57 8.18
C VAL A 14 -43.47 -10.40 9.26
N LEU A 15 -42.80 -11.48 9.63
CA LEU A 15 -43.35 -12.38 10.64
C LEU A 15 -42.54 -12.16 11.91
N VAL A 16 -43.15 -11.47 12.88
CA VAL A 16 -42.51 -11.14 14.14
C VAL A 16 -42.90 -12.14 15.22
N PHE A 17 -41.87 -12.55 15.95
CA PHE A 17 -41.92 -13.69 16.84
C PHE A 17 -41.48 -13.26 18.23
N ASP A 18 -41.93 -14.07 19.20
CA ASP A 18 -41.56 -13.92 20.60
C ASP A 18 -41.39 -15.32 21.20
N PRO A 19 -40.88 -15.42 22.46
CA PRO A 19 -40.91 -16.70 23.20
C PRO A 19 -42.31 -17.34 23.41
N SER A 20 -43.36 -16.55 23.70
CA SER A 20 -44.73 -17.07 23.78
C SER A 20 -45.47 -17.24 22.44
N THR A 21 -44.72 -17.29 21.34
CA THR A 21 -45.38 -17.45 20.06
C THR A 21 -45.68 -18.92 19.89
N PRO A 22 -46.96 -19.27 19.68
CA PRO A 22 -47.29 -20.69 19.50
C PRO A 22 -46.64 -21.31 18.22
N ASP A 23 -46.10 -22.52 18.36
CA ASP A 23 -45.51 -23.32 17.26
C ASP A 23 -44.55 -22.48 16.37
N ILE A 24 -43.55 -21.88 17.02
CA ILE A 24 -42.50 -21.16 16.31
C ILE A 24 -41.93 -21.98 15.16
N GLN A 25 -41.55 -23.22 15.44
CA GLN A 25 -40.86 -24.04 14.47
C GLN A 25 -41.72 -24.43 13.29
N GLY A 26 -42.98 -24.73 13.59
CA GLY A 26 -43.91 -25.04 12.52
C GLY A 26 -44.07 -23.87 11.59
N LYS A 27 -43.97 -22.67 12.14
CA LYS A 27 -44.15 -21.47 11.33
C LYS A 27 -42.97 -21.19 10.40
N VAL A 28 -41.74 -21.12 10.92
CA VAL A 28 -40.61 -20.96 9.98
C VAL A 28 -40.49 -22.18 9.06
N ASP A 29 -40.98 -23.35 9.47
CA ASP A 29 -40.89 -24.50 8.55
C ASP A 29 -41.86 -24.39 7.37
N GLU A 30 -43.01 -23.71 7.54
CA GLU A 30 -43.91 -23.43 6.37
C GLU A 30 -43.23 -22.46 5.38
N VAL A 31 -42.60 -21.44 5.95
CA VAL A 31 -41.89 -20.47 5.13
C VAL A 31 -40.80 -21.22 4.36
N PHE A 32 -40.07 -22.08 5.06
CA PHE A 32 -38.99 -22.82 4.42
C PHE A 32 -39.49 -23.69 3.28
N ARG A 33 -40.57 -24.44 3.51
CA ARG A 33 -41.10 -25.35 2.48
C ARG A 33 -41.43 -24.57 1.21
N LYS A 34 -42.02 -23.40 1.43
CA LYS A 34 -42.41 -22.45 0.38
C LYS A 34 -41.21 -21.98 -0.44
N GLN A 35 -40.13 -21.71 0.28
CA GLN A 35 -39.02 -20.93 -0.23
C GLN A 35 -37.82 -21.78 -0.59
N GLU A 36 -37.81 -23.02 -0.11
CA GLU A 36 -36.66 -23.92 -0.30
C GLU A 36 -36.09 -23.96 -1.74
N SER A 37 -36.92 -24.29 -2.71
CA SER A 37 -36.48 -24.37 -4.11
C SER A 37 -37.11 -23.27 -4.98
N ASN A 38 -37.63 -22.24 -4.33
CA ASN A 38 -38.28 -21.13 -5.03
C ASN A 38 -37.25 -20.11 -5.53
N GLN A 39 -36.38 -20.58 -6.42
CA GLN A 39 -35.21 -19.80 -6.81
C GLN A 39 -35.55 -18.45 -7.46
N PHE A 40 -36.61 -18.43 -8.26
CA PHE A 40 -36.96 -17.26 -9.07
C PHE A 40 -38.36 -16.72 -8.82
N GLY A 41 -39.04 -17.23 -7.78
CA GLY A 41 -40.38 -16.77 -7.43
C GLY A 41 -40.42 -15.36 -6.83
N THR A 42 -41.63 -14.89 -6.53
CA THR A 42 -41.83 -13.51 -6.15
C THR A 42 -42.18 -13.36 -4.68
N ASP A 43 -42.29 -14.48 -3.97
CA ASP A 43 -42.45 -14.39 -2.52
C ASP A 43 -41.17 -13.88 -1.82
N ARG A 44 -41.38 -13.18 -0.72
CA ARG A 44 -40.32 -12.52 0.04
C ARG A 44 -40.70 -12.53 1.53
N TYR A 45 -39.78 -12.94 2.42
CA TYR A 45 -40.10 -12.99 3.86
C TYR A 45 -38.98 -12.48 4.76
N ALA A 46 -39.37 -11.77 5.82
CA ALA A 46 -38.44 -11.43 6.89
C ALA A 46 -38.98 -12.08 8.15
N LEU A 47 -38.13 -12.88 8.79
CA LEU A 47 -38.46 -13.54 10.06
C LEU A 47 -37.67 -12.85 11.16
N MET A 48 -38.34 -12.05 11.99
CA MET A 48 -37.62 -11.30 12.98
C MET A 48 -37.97 -11.85 14.36
N PHE A 49 -37.06 -11.67 15.28
CA PHE A 49 -37.21 -12.28 16.61
C PHE A 49 -36.97 -11.25 17.70
N LYS A 50 -37.98 -11.00 18.54
CA LYS A 50 -37.80 -10.03 19.63
C LYS A 50 -36.87 -10.66 20.68
N PRO A 51 -36.19 -9.82 21.49
CA PRO A 51 -35.35 -10.34 22.58
C PRO A 51 -36.00 -11.44 23.40
N GLY A 52 -35.16 -12.38 23.81
CA GLY A 52 -35.58 -13.62 24.45
C GLY A 52 -34.65 -14.74 24.07
N THR A 53 -34.96 -15.90 24.62
CA THR A 53 -34.25 -17.12 24.33
C THR A 53 -35.29 -18.06 23.70
N TYR A 54 -34.85 -18.83 22.69
CA TYR A 54 -35.71 -19.68 21.89
C TYR A 54 -35.12 -21.09 21.82
N ASN A 55 -35.93 -22.12 22.14
CA ASN A 55 -35.39 -23.46 22.41
C ASN A 55 -35.88 -24.47 21.37
N ASP A 56 -35.07 -25.48 21.09
CA ASP A 56 -35.50 -26.55 20.18
C ASP A 56 -35.87 -25.93 18.82
N ILE A 57 -35.17 -24.89 18.42
CA ILE A 57 -35.41 -24.22 17.16
C ILE A 57 -34.33 -24.56 16.12
N ASN A 58 -34.78 -24.89 14.91
CA ASN A 58 -33.88 -25.04 13.79
C ASN A 58 -34.55 -24.22 12.68
N ALA A 59 -34.04 -23.02 12.48
CA ALA A 59 -34.62 -22.10 11.49
C ALA A 59 -33.95 -22.38 10.16
N GLN A 60 -34.65 -23.16 9.36
CA GLN A 60 -34.17 -23.56 8.04
C GLN A 60 -34.43 -22.37 7.09
N ILE A 61 -33.39 -21.83 6.43
CA ILE A 61 -33.51 -20.66 5.59
C ILE A 61 -33.46 -21.02 4.09
N GLY A 62 -34.50 -20.61 3.37
CA GLY A 62 -34.58 -20.81 1.94
C GLY A 62 -34.33 -19.54 1.14
N PHE A 63 -34.70 -19.56 -0.14
CA PHE A 63 -34.56 -18.35 -0.95
C PHE A 63 -35.38 -17.19 -0.39
N TYR A 64 -34.88 -15.98 -0.61
CA TYR A 64 -35.60 -14.74 -0.33
C TYR A 64 -36.21 -14.69 1.06
N THR A 65 -35.42 -15.16 2.01
CA THR A 65 -35.78 -15.17 3.42
C THR A 65 -34.62 -14.57 4.20
N SER A 66 -34.92 -13.52 4.99
CA SER A 66 -33.98 -12.90 5.93
C SER A 66 -34.45 -13.20 7.35
N ILE A 67 -33.53 -13.53 8.24
CA ILE A 67 -33.86 -13.81 9.65
C ILE A 67 -33.01 -12.86 10.49
N ALA A 68 -33.62 -12.28 11.51
CA ALA A 68 -32.92 -11.29 12.32
C ALA A 68 -33.39 -11.30 13.76
N GLY A 69 -32.52 -10.83 14.65
CA GLY A 69 -32.95 -10.45 15.99
C GLY A 69 -33.21 -8.95 16.11
N LEU A 70 -33.85 -8.56 17.22
CA LEU A 70 -34.33 -7.18 17.40
C LEU A 70 -33.88 -6.43 18.68
N GLY A 71 -32.73 -6.78 19.28
CA GLY A 71 -32.20 -5.96 20.36
C GLY A 71 -30.95 -5.22 19.94
N LEU A 72 -30.49 -4.21 20.70
CA LEU A 72 -29.31 -3.46 20.29
C LEU A 72 -28.01 -4.24 20.36
N ASN A 73 -28.04 -5.48 20.85
CA ASN A 73 -26.86 -6.35 20.89
C ASN A 73 -27.26 -7.77 20.39
N PRO A 74 -26.39 -8.46 19.65
CA PRO A 74 -26.86 -9.78 19.14
C PRO A 74 -27.17 -10.80 20.24
N ASP A 75 -26.46 -10.67 21.36
CA ASP A 75 -26.64 -11.61 22.46
C ASP A 75 -27.94 -11.29 23.21
N ASP A 76 -28.65 -10.25 22.76
CA ASP A 76 -30.01 -9.97 23.26
C ASP A 76 -31.06 -10.95 22.77
N THR A 77 -30.77 -11.61 21.65
CA THR A 77 -31.70 -12.50 20.95
C THR A 77 -30.94 -13.80 20.69
N THR A 78 -31.18 -14.78 21.53
CA THR A 78 -30.36 -15.99 21.59
C THR A 78 -31.19 -17.22 21.22
N PHE A 79 -30.69 -17.99 20.25
CA PHE A 79 -31.30 -19.26 19.86
C PHE A 79 -30.47 -20.39 20.47
N ASN A 80 -31.14 -21.26 21.23
CA ASN A 80 -30.63 -22.56 21.56
C ASN A 80 -31.10 -23.52 20.50
N GLY A 81 -30.25 -23.63 19.49
CA GLY A 81 -30.66 -24.07 18.17
C GLY A 81 -29.84 -23.38 17.09
N ASP A 82 -30.39 -23.35 15.88
CA ASP A 82 -29.60 -23.17 14.68
C ASP A 82 -30.35 -22.31 13.66
N VAL A 83 -29.60 -21.54 12.89
CA VAL A 83 -30.08 -20.88 11.69
C VAL A 83 -29.31 -21.54 10.51
N THR A 84 -30.01 -22.37 9.76
CA THR A 84 -29.35 -23.33 8.87
C THR A 84 -29.62 -23.15 7.38
N VAL A 85 -28.55 -23.21 6.59
CA VAL A 85 -28.63 -23.37 5.13
C VAL A 85 -27.85 -24.63 4.72
N ASP A 86 -28.50 -25.51 3.95
CA ASP A 86 -27.85 -26.63 3.28
C ASP A 86 -28.37 -26.79 1.83
N ALA A 87 -28.02 -27.90 1.16
CA ALA A 87 -28.22 -28.02 -0.30
C ALA A 87 -28.95 -29.28 -0.85
N GLY A 88 -29.77 -29.92 -0.03
CA GLY A 88 -30.44 -31.14 -0.50
C GLY A 88 -31.39 -30.99 -1.69
N TRP A 89 -32.14 -29.89 -1.74
CA TRP A 89 -32.97 -29.62 -2.92
C TRP A 89 -32.19 -29.73 -4.22
N PHE A 90 -30.85 -29.63 -4.13
CA PHE A 90 -29.94 -29.67 -5.30
C PHE A 90 -28.77 -30.69 -4.99
N ASP A 91 -29.19 -31.78 -4.33
CA ASP A 91 -28.33 -32.73 -3.55
C ASP A 91 -26.82 -32.53 -3.30
N GLY A 92 -26.60 -31.76 -2.24
CA GLY A 92 -25.27 -31.35 -1.83
C GLY A 92 -24.65 -30.27 -2.67
N ASN A 93 -25.42 -29.76 -3.61
CA ASN A 93 -24.92 -28.67 -4.41
C ASN A 93 -25.43 -27.33 -3.90
N ALA A 94 -24.49 -26.56 -3.35
CA ALA A 94 -24.80 -25.27 -2.72
C ALA A 94 -24.60 -24.09 -3.67
N THR A 95 -24.11 -24.35 -4.88
CA THR A 95 -23.76 -23.28 -5.82
C THR A 95 -24.92 -22.36 -6.20
N GLN A 96 -26.16 -22.75 -5.90
CA GLN A 96 -27.31 -21.86 -6.13
C GLN A 96 -28.04 -21.44 -4.86
N ASN A 97 -27.36 -21.49 -3.71
CA ASN A 97 -27.97 -21.06 -2.46
C ASN A 97 -27.77 -19.55 -2.29
N PHE A 98 -28.58 -18.82 -3.03
CA PHE A 98 -28.50 -17.38 -3.11
C PHE A 98 -29.61 -16.66 -2.31
N TRP A 99 -29.40 -15.36 -2.13
CA TRP A 99 -30.44 -14.35 -1.81
C TRP A 99 -31.17 -14.67 -0.50
N ARG A 100 -30.40 -14.64 0.57
CA ARG A 100 -30.97 -14.84 1.90
C ARG A 100 -30.05 -14.20 2.94
N SER A 101 -30.52 -14.13 4.19
CA SER A 101 -29.97 -13.17 5.16
C SER A 101 -29.97 -13.80 6.55
N ALA A 102 -28.90 -13.62 7.33
CA ALA A 102 -29.02 -13.76 8.80
C ALA A 102 -28.24 -12.64 9.50
N GLU A 103 -28.87 -12.08 10.53
CA GLU A 103 -28.30 -10.91 11.22
C GLU A 103 -28.74 -10.79 12.68
N ASN A 104 -27.83 -10.36 13.55
CA ASN A 104 -28.21 -9.89 14.90
C ASN A 104 -28.87 -10.91 15.82
N LEU A 105 -28.22 -12.07 15.85
CA LEU A 105 -28.62 -13.21 16.68
C LEU A 105 -27.42 -13.87 17.32
N ALA A 106 -27.63 -14.43 18.50
CA ALA A 106 -26.68 -15.39 19.07
C ALA A 106 -27.22 -16.81 18.86
N LEU A 107 -26.36 -17.71 18.44
CA LEU A 107 -26.70 -19.11 18.14
C LEU A 107 -25.87 -20.05 19.03
N ASN A 108 -26.59 -20.96 19.69
CA ASN A 108 -26.03 -22.02 20.50
C ASN A 108 -26.44 -23.35 19.85
N PRO A 109 -25.68 -23.79 18.85
CA PRO A 109 -26.22 -24.83 17.94
C PRO A 109 -26.23 -26.25 18.52
N VAL A 110 -27.16 -27.10 18.09
CA VAL A 110 -27.42 -28.42 18.79
C VAL A 110 -26.19 -29.27 19.10
N ASN A 111 -25.38 -29.50 18.06
CA ASN A 111 -24.16 -30.32 18.13
C ASN A 111 -22.88 -29.46 18.22
N GLY A 112 -23.02 -28.20 18.62
CA GLY A 112 -21.86 -27.31 18.79
C GLY A 112 -21.41 -26.68 17.49
N THR A 113 -22.15 -26.92 16.41
CA THR A 113 -21.76 -26.44 15.08
C THR A 113 -22.99 -26.11 14.21
N ASN A 114 -22.98 -24.88 13.67
CA ASN A 114 -24.09 -24.35 12.86
C ASN A 114 -23.67 -24.44 11.41
N ARG A 115 -24.54 -24.98 10.55
CA ARG A 115 -24.25 -25.08 9.11
C ARG A 115 -24.85 -23.90 8.34
N TRP A 116 -23.98 -23.16 7.63
CA TRP A 116 -24.40 -22.03 6.81
C TRP A 116 -23.80 -22.21 5.38
N ALA A 117 -24.37 -23.16 4.62
CA ALA A 117 -23.79 -23.59 3.37
C ALA A 117 -24.37 -22.83 2.21
N VAL A 118 -23.86 -21.63 2.03
CA VAL A 118 -24.43 -20.69 1.09
C VAL A 118 -23.48 -20.39 -0.07
N SER A 119 -24.02 -19.75 -1.10
CA SER A 119 -23.20 -19.20 -2.16
C SER A 119 -23.38 -17.69 -2.14
N GLN A 120 -23.52 -17.04 -3.30
CA GLN A 120 -23.55 -15.58 -3.34
C GLN A 120 -24.82 -14.91 -2.79
N ALA A 121 -24.66 -13.65 -2.38
CA ALA A 121 -25.75 -12.84 -1.82
C ALA A 121 -26.45 -13.52 -0.63
N ALA A 122 -25.63 -14.02 0.30
CA ALA A 122 -26.14 -14.65 1.48
C ALA A 122 -25.41 -14.17 2.74
N PRO A 123 -25.53 -12.87 3.05
CA PRO A 123 -24.73 -12.27 4.11
C PRO A 123 -25.07 -12.80 5.51
N PHE A 124 -24.03 -12.82 6.34
CA PHE A 124 -24.08 -13.32 7.72
C PHE A 124 -23.42 -12.18 8.51
N ARG A 125 -24.23 -11.37 9.19
CA ARG A 125 -23.74 -10.13 9.82
C ARG A 125 -24.15 -10.04 11.29
N ARG A 126 -23.28 -9.48 12.13
CA ARG A 126 -23.69 -9.15 13.48
C ARG A 126 -24.17 -10.44 14.22
N MET A 127 -23.46 -11.54 13.99
CA MET A 127 -23.83 -12.80 14.60
C MET A 127 -22.81 -13.22 15.66
N HIS A 128 -23.33 -13.85 16.71
CA HIS A 128 -22.49 -14.49 17.72
C HIS A 128 -22.82 -16.00 17.71
N VAL A 129 -21.94 -16.79 17.11
CA VAL A 129 -22.07 -18.25 17.14
C VAL A 129 -21.28 -18.80 18.30
N LYS A 130 -22.00 -19.31 19.27
CA LYS A 130 -21.40 -19.93 20.43
C LYS A 130 -21.12 -21.40 20.13
N GLY A 131 -20.20 -21.60 19.20
CA GLY A 131 -19.89 -22.91 18.67
C GLY A 131 -19.13 -22.79 17.36
N GLY A 132 -19.16 -23.86 16.59
CA GLY A 132 -18.48 -23.89 15.30
C GLY A 132 -19.40 -23.35 14.21
N LEU A 133 -18.81 -23.01 13.06
CA LEU A 133 -19.57 -22.62 11.85
C LEU A 133 -19.03 -23.38 10.65
N ASN A 134 -19.87 -24.28 10.12
CA ASN A 134 -19.57 -25.11 8.96
C ASN A 134 -20.19 -24.42 7.74
N LEU A 135 -19.36 -24.06 6.77
CA LEU A 135 -19.85 -23.30 5.59
C LEU A 135 -20.14 -24.20 4.42
N ALA A 136 -19.97 -25.48 4.61
CA ALA A 136 -20.09 -26.41 3.50
C ALA A 136 -21.33 -27.29 3.57
N PRO A 137 -21.85 -27.66 2.39
CA PRO A 137 -22.81 -28.75 2.26
C PRO A 137 -22.15 -30.11 2.47
N ASP A 138 -22.99 -31.14 2.47
CA ASP A 138 -22.63 -32.50 2.89
C ASP A 138 -21.99 -33.16 1.71
N GLY A 139 -21.10 -34.13 1.92
CA GLY A 139 -20.44 -34.78 0.80
C GLY A 139 -19.50 -33.87 0.07
N TYR A 140 -19.07 -32.80 0.77
CA TYR A 140 -18.03 -31.96 0.26
C TYR A 140 -18.42 -31.39 -1.07
N GLY A 141 -19.70 -31.04 -1.12
CA GLY A 141 -20.30 -30.61 -2.36
C GLY A 141 -19.83 -29.23 -2.73
N TRP A 142 -20.02 -28.89 -4.00
CA TRP A 142 -19.62 -27.59 -4.51
C TRP A 142 -20.33 -26.45 -3.76
N ALA A 143 -19.54 -25.43 -3.47
CA ALA A 143 -20.08 -24.24 -2.80
C ALA A 143 -19.25 -23.01 -3.18
N SER A 144 -19.93 -21.88 -3.35
CA SER A 144 -19.32 -20.64 -3.87
C SER A 144 -19.82 -19.39 -3.15
N GLY A 145 -19.47 -19.28 -1.86
CA GLY A 145 -19.75 -18.09 -1.06
C GLY A 145 -18.65 -17.06 -1.14
N GLY A 146 -18.60 -16.11 -0.20
CA GLY A 146 -19.54 -15.96 0.88
C GLY A 146 -19.04 -14.76 1.67
N TYR A 147 -19.84 -14.33 2.64
CA TYR A 147 -19.60 -13.05 3.31
C TYR A 147 -20.01 -13.11 4.78
N ILE A 148 -19.03 -12.82 5.65
CA ILE A 148 -19.24 -12.66 7.09
C ILE A 148 -18.68 -11.31 7.51
N ALA A 149 -19.46 -10.57 8.31
CA ALA A 149 -18.98 -9.29 8.84
C ALA A 149 -19.51 -9.07 10.24
N ASP A 150 -18.68 -8.42 11.05
CA ASP A 150 -19.11 -7.90 12.34
C ASP A 150 -19.61 -9.03 13.22
N SER A 151 -18.96 -10.19 13.12
CA SER A 151 -19.44 -11.39 13.84
C SER A 151 -18.37 -12.01 14.74
N LYS A 152 -18.84 -12.74 15.75
CA LYS A 152 -17.93 -13.49 16.62
C LYS A 152 -18.31 -14.96 16.55
N ILE A 153 -17.36 -15.78 16.11
CA ILE A 153 -17.56 -17.21 16.15
C ILE A 153 -16.57 -17.78 17.17
N ASP A 154 -17.10 -18.27 18.28
CA ASP A 154 -16.25 -18.65 19.41
C ASP A 154 -15.34 -19.83 19.02
N GLY A 155 -15.84 -20.67 18.11
CA GLY A 155 -15.13 -21.86 17.70
C GLY A 155 -14.53 -21.71 16.31
N GLU A 156 -14.36 -22.86 15.69
CA GLU A 156 -13.65 -23.02 14.44
C GLU A 156 -14.61 -22.76 13.29
N VAL A 157 -14.15 -22.01 12.28
CA VAL A 157 -14.92 -21.89 11.04
C VAL A 157 -14.44 -22.96 10.06
N GLY A 158 -15.38 -23.74 9.51
CA GLY A 158 -15.12 -24.84 8.59
C GLY A 158 -15.58 -24.53 7.16
N PRO A 159 -14.69 -23.97 6.34
CA PRO A 159 -15.10 -23.80 4.93
C PRO A 159 -15.29 -25.12 4.14
N TYR A 160 -14.52 -26.16 4.46
CA TYR A 160 -14.44 -27.37 3.64
C TYR A 160 -14.30 -27.08 2.15
N SER A 161 -15.36 -27.33 1.38
CA SER A 161 -15.25 -27.29 -0.06
C SER A 161 -15.59 -25.92 -0.64
N GLN A 162 -15.96 -24.94 0.19
CA GLN A 162 -16.17 -23.58 -0.30
C GLN A 162 -14.99 -23.07 -1.15
N GLN A 163 -15.25 -22.53 -2.35
CA GLN A 163 -14.15 -22.09 -3.20
C GLN A 163 -13.39 -20.88 -2.65
N GLN A 164 -14.15 -19.92 -2.14
CA GLN A 164 -13.60 -18.63 -1.72
C GLN A 164 -14.47 -18.08 -0.60
N TRP A 165 -14.01 -17.02 0.06
CA TRP A 165 -14.75 -16.44 1.16
C TRP A 165 -14.12 -15.12 1.57
N TYR A 166 -14.96 -14.18 2.02
CA TYR A 166 -14.50 -12.94 2.60
C TYR A 166 -15.06 -12.76 3.99
N THR A 167 -14.17 -12.48 4.95
CA THR A 167 -14.58 -12.19 6.33
C THR A 167 -14.01 -10.82 6.73
N ARG A 168 -14.84 -9.95 7.27
CA ARG A 168 -14.36 -8.64 7.76
C ARG A 168 -14.77 -8.32 9.18
N ASP A 169 -13.88 -7.63 9.88
CA ASP A 169 -14.18 -7.01 11.18
C ASP A 169 -14.96 -7.93 12.13
N SER A 170 -14.31 -9.04 12.45
CA SER A 170 -14.90 -10.14 13.17
C SER A 170 -13.86 -10.76 14.09
N SER A 171 -14.29 -11.79 14.81
CA SER A 171 -13.33 -12.73 15.38
C SER A 171 -13.77 -14.20 15.30
N VAL A 172 -12.78 -15.08 15.14
CA VAL A 172 -13.00 -16.52 14.98
C VAL A 172 -12.03 -17.33 15.83
N GLY A 173 -12.54 -18.32 16.53
CA GLY A 173 -11.69 -19.14 17.38
C GLY A 173 -10.60 -19.88 16.62
N GLY A 174 -10.90 -20.23 15.38
CA GLY A 174 -9.95 -20.96 14.53
C GLY A 174 -10.55 -21.03 13.14
N TRP A 175 -9.71 -21.28 12.13
CA TRP A 175 -10.16 -21.26 10.74
C TRP A 175 -9.56 -22.41 9.95
N GLY A 176 -10.38 -23.39 9.58
CA GLY A 176 -9.90 -24.73 9.23
C GLY A 176 -9.07 -24.84 7.95
N ASN A 177 -9.46 -24.07 6.93
CA ASN A 177 -8.91 -24.29 5.60
C ASN A 177 -9.28 -23.25 4.57
N GLY A 178 -8.68 -23.44 3.40
CA GLY A 178 -9.00 -22.69 2.21
C GLY A 178 -9.14 -23.62 1.02
N VAL A 179 -9.45 -23.03 -0.13
CA VAL A 179 -9.62 -23.78 -1.36
C VAL A 179 -8.88 -22.94 -2.43
N TRP A 180 -9.46 -21.82 -2.85
CA TRP A 180 -8.82 -20.92 -3.83
C TRP A 180 -8.53 -19.51 -3.32
N ASN A 181 -9.42 -18.93 -2.52
CA ASN A 181 -9.20 -17.53 -2.09
C ASN A 181 -10.01 -17.19 -0.86
N MET A 182 -9.40 -17.32 0.31
CA MET A 182 -10.04 -16.84 1.54
C MET A 182 -9.32 -15.56 1.98
N THR A 183 -10.09 -14.48 2.06
CA THR A 183 -9.56 -13.18 2.39
C THR A 183 -10.18 -12.72 3.71
N PHE A 184 -9.36 -12.02 4.50
CA PHE A 184 -9.75 -11.55 5.81
C PHE A 184 -9.25 -10.10 5.93
N SER A 185 -10.08 -9.21 6.44
CA SER A 185 -9.60 -7.89 6.83
C SER A 185 -10.21 -7.54 8.19
N GLY A 186 -9.34 -7.24 9.13
CA GLY A 186 -9.78 -6.89 10.48
C GLY A 186 -10.38 -8.04 11.28
N VAL A 187 -9.90 -9.25 11.00
CA VAL A 187 -10.41 -10.44 11.68
C VAL A 187 -9.48 -10.95 12.76
N GLU A 188 -9.89 -10.73 14.01
CA GLU A 188 -9.18 -11.33 15.14
C GLU A 188 -9.20 -12.85 15.05
N GLY A 189 -8.03 -13.50 15.07
CA GLY A 189 -7.97 -14.95 14.97
C GLY A 189 -7.87 -15.48 13.55
N ALA A 190 -7.77 -14.61 12.57
CA ALA A 190 -7.62 -15.08 11.21
C ALA A 190 -6.26 -15.78 11.03
N PRO A 191 -6.21 -16.77 10.14
CA PRO A 191 -4.90 -17.33 9.78
C PRO A 191 -4.01 -16.26 9.12
N ALA A 192 -2.69 -16.30 9.38
CA ALA A 192 -1.79 -15.26 8.86
C ALA A 192 -1.88 -15.17 7.32
N GLN A 193 -1.18 -14.20 6.73
CA GLN A 193 -0.92 -14.15 5.30
C GLN A 193 -0.04 -15.33 4.86
N SER A 194 -0.52 -16.11 3.88
CA SER A 194 0.26 -17.25 3.39
C SER A 194 0.14 -17.55 1.89
N PHE A 195 -0.56 -16.67 1.20
CA PHE A 195 -0.90 -16.90 -0.20
C PHE A 195 0.38 -17.18 -0.98
N PRO A 196 0.35 -18.21 -1.85
CA PRO A 196 -0.80 -18.98 -2.37
C PRO A 196 -1.20 -20.26 -1.64
N GLU A 197 -0.32 -20.81 -0.81
CA GLU A 197 -0.64 -22.03 -0.06
C GLU A 197 -0.49 -21.85 1.45
N PRO A 198 -1.59 -22.01 2.21
CA PRO A 198 -2.99 -22.01 1.72
C PRO A 198 -3.26 -20.63 1.12
N PRO A 199 -4.40 -20.45 0.45
CA PRO A 199 -4.55 -19.18 -0.27
C PRO A 199 -5.27 -18.17 0.62
N TYR A 200 -4.52 -17.71 1.63
CA TYR A 200 -4.99 -16.81 2.66
C TYR A 200 -4.39 -15.44 2.42
N THR A 201 -5.30 -14.49 2.21
CA THR A 201 -4.99 -13.07 2.07
C THR A 201 -5.51 -12.38 3.33
N THR A 202 -4.59 -11.88 4.16
CA THR A 202 -4.94 -11.42 5.51
C THR A 202 -4.44 -10.03 5.78
N LEU A 203 -5.37 -9.11 5.99
CA LEU A 203 -5.08 -7.72 6.31
C LEU A 203 -5.43 -7.44 7.75
N GLU A 204 -4.51 -6.78 8.44
CA GLU A 204 -4.70 -6.52 9.87
C GLU A 204 -5.97 -5.73 10.20
N THR A 205 -6.29 -4.69 9.42
CA THR A 205 -7.57 -3.96 9.60
C THR A 205 -8.20 -3.65 8.25
N THR A 206 -9.42 -3.08 8.31
CA THR A 206 -10.18 -2.66 7.13
C THR A 206 -10.27 -1.13 6.96
N PRO A 207 -9.64 -0.56 5.90
CA PRO A 207 -9.40 0.92 5.91
C PRO A 207 -10.54 1.76 6.44
N VAL A 208 -11.75 1.47 5.97
CA VAL A 208 -12.96 1.99 6.63
C VAL A 208 -14.08 0.98 6.48
N SER A 209 -15.01 1.00 7.44
CA SER A 209 -16.25 0.24 7.33
C SER A 209 -17.31 0.87 8.22
N ARG A 210 -18.55 0.58 7.93
CA ARG A 210 -19.65 1.16 8.67
C ARG A 210 -20.71 0.08 8.65
N GLU A 211 -21.08 -0.42 9.82
CA GLU A 211 -21.94 -1.61 9.85
C GLU A 211 -23.34 -1.29 9.36
N LYS A 212 -23.98 -2.30 8.81
CA LYS A 212 -25.26 -2.13 8.14
C LYS A 212 -26.37 -1.78 9.15
N PRO A 213 -27.20 -0.77 8.84
CA PRO A 213 -28.29 -0.43 9.74
C PRO A 213 -29.30 -1.58 9.89
N PHE A 214 -29.98 -1.66 11.04
CA PHE A 214 -30.96 -2.73 11.28
C PHE A 214 -32.13 -2.28 12.14
N LEU A 215 -33.26 -3.00 11.99
CA LEU A 215 -34.49 -2.78 12.75
C LEU A 215 -34.33 -3.39 14.13
N TYR A 216 -34.76 -2.67 15.16
CA TYR A 216 -34.72 -3.19 16.53
C TYR A 216 -35.79 -2.61 17.42
N LEU A 217 -36.05 -3.33 18.51
CA LEU A 217 -37.05 -2.95 19.48
C LEU A 217 -36.47 -2.29 20.71
N ASP A 218 -36.83 -1.03 20.86
CA ASP A 218 -36.45 -0.21 21.98
C ASP A 218 -37.53 -0.34 23.05
N GLY A 219 -37.26 -1.21 24.01
CA GLY A 219 -38.27 -1.66 24.91
C GLY A 219 -39.38 -2.19 24.02
N ASP A 220 -40.55 -1.62 24.20
CA ASP A 220 -41.64 -1.88 23.29
C ASP A 220 -41.78 -0.79 22.17
N ASP A 221 -40.67 -0.25 21.64
CA ASP A 221 -40.65 0.77 20.55
C ASP A 221 -39.81 0.27 19.34
N TYR A 222 -40.37 0.20 18.12
CA TYR A 222 -39.56 -0.12 16.90
C TYR A 222 -38.66 1.06 16.45
N LYS A 223 -37.36 0.79 16.17
CA LYS A 223 -36.39 1.79 15.67
C LYS A 223 -35.51 1.18 14.56
N VAL A 224 -34.86 1.99 13.71
CA VAL A 224 -33.68 1.52 12.95
C VAL A 224 -32.37 2.00 13.57
N PHE A 225 -31.50 1.08 13.95
CA PHE A 225 -30.14 1.49 14.38
C PHE A 225 -29.20 1.74 13.21
N VAL A 226 -28.46 2.86 13.30
CA VAL A 226 -27.56 3.34 12.25
C VAL A 226 -26.13 3.44 12.79
N PRO A 227 -25.36 2.34 12.69
CA PRO A 227 -23.96 2.31 13.10
C PRO A 227 -23.08 3.36 12.45
N ALA A 228 -22.16 3.82 13.28
CA ALA A 228 -21.21 4.83 12.88
C ALA A 228 -19.98 4.15 12.30
N LYS A 229 -19.39 4.79 11.30
CA LYS A 229 -18.20 4.24 10.64
C LYS A 229 -17.05 4.04 11.60
N ARG A 230 -16.19 3.09 11.25
CA ARG A 230 -14.86 2.94 11.83
C ARG A 230 -13.81 3.20 10.76
N THR A 231 -12.65 3.70 11.18
CA THR A 231 -11.44 3.66 10.36
C THR A 231 -10.45 2.65 11.05
N ASN A 232 -9.66 1.92 10.25
CA ASN A 232 -8.86 0.83 10.80
C ASN A 232 -9.68 -0.13 11.66
N ALA A 233 -10.74 -0.69 11.08
CA ALA A 233 -11.57 -1.65 11.77
C ALA A 233 -10.90 -3.01 11.97
N ARG A 234 -11.02 -3.51 13.20
CA ARG A 234 -10.62 -4.87 13.54
C ARG A 234 -11.51 -5.33 14.68
N GLY A 235 -11.99 -6.57 14.59
CA GLY A 235 -12.89 -7.10 15.60
C GLY A 235 -14.31 -6.58 15.43
N THR A 236 -15.19 -7.05 16.30
CA THR A 236 -16.62 -6.67 16.22
C THR A 236 -16.86 -5.25 16.74
N SER A 237 -17.90 -4.62 16.19
CA SER A 237 -18.32 -3.29 16.63
C SER A 237 -19.02 -3.34 17.99
N TRP A 238 -19.50 -4.51 18.35
CA TRP A 238 -20.34 -4.69 19.54
C TRP A 238 -19.60 -5.44 20.64
N GLY A 239 -20.11 -5.38 21.86
CA GLY A 239 -19.45 -5.98 23.02
C GLY A 239 -18.91 -5.08 24.13
N ASN A 240 -19.62 -3.97 24.43
CA ASN A 240 -19.09 -3.01 25.40
C ASN A 240 -20.22 -2.14 25.91
N GLY A 241 -21.34 -2.77 26.30
CA GLY A 241 -22.58 -2.04 26.55
C GLY A 241 -23.22 -1.56 25.26
N THR A 242 -23.06 -0.26 25.03
CA THR A 242 -23.75 0.40 23.94
C THR A 242 -22.91 0.48 22.65
N PRO A 243 -23.20 -0.44 21.72
CA PRO A 243 -22.74 -0.10 20.38
C PRO A 243 -22.93 1.34 20.12
N GLU A 244 -21.85 1.84 19.57
CA GLU A 244 -21.83 3.20 19.16
C GLU A 244 -22.31 3.32 17.73
N GLY A 245 -23.12 4.36 17.52
CA GLY A 245 -23.98 4.55 16.35
C GLY A 245 -25.21 5.28 16.86
N GLU A 246 -26.00 5.87 15.98
CA GLU A 246 -27.16 6.69 16.39
C GLU A 246 -28.46 6.02 15.97
N SER A 247 -29.59 6.47 16.53
CA SER A 247 -30.82 5.67 16.52
C SER A 247 -32.10 6.38 16.07
N LEU A 248 -32.82 5.80 15.08
CA LEU A 248 -33.94 6.49 14.45
C LEU A 248 -35.33 5.85 14.66
N PRO A 249 -36.31 6.66 15.08
CA PRO A 249 -37.66 6.13 15.30
C PRO A 249 -38.31 5.58 14.03
N LEU A 250 -39.05 4.47 14.15
CA LEU A 250 -39.70 3.90 12.98
C LEU A 250 -40.66 4.92 12.31
N ASP A 251 -41.16 5.86 13.08
CA ASP A 251 -42.00 6.90 12.48
C ASP A 251 -41.23 7.96 11.67
N GLN A 252 -39.90 7.85 11.61
CA GLN A 252 -39.15 8.72 10.70
C GLN A 252 -38.77 7.98 9.38
N PHE A 253 -39.33 6.77 9.20
CA PHE A 253 -39.26 6.00 7.93
C PHE A 253 -40.62 5.90 7.25
N TYR A 254 -40.70 6.13 5.94
CA TYR A 254 -41.85 5.68 5.14
C TYR A 254 -41.73 4.17 4.99
N VAL A 255 -42.81 3.42 5.28
CA VAL A 255 -42.74 1.96 5.35
C VAL A 255 -43.34 1.40 4.07
N VAL A 256 -42.45 1.07 3.14
CA VAL A 256 -42.79 0.85 1.74
C VAL A 256 -43.46 -0.51 1.52
N LYS A 257 -44.69 -0.47 1.05
CA LYS A 257 -45.50 -1.67 0.79
C LYS A 257 -45.86 -1.88 -0.67
N PRO A 258 -46.13 -3.13 -1.06
CA PRO A 258 -46.43 -3.26 -2.48
C PRO A 258 -47.80 -2.62 -2.56
N GLY A 259 -47.92 -1.71 -3.51
CA GLY A 259 -48.84 -0.57 -3.43
C GLY A 259 -48.10 0.73 -3.70
N ALA A 260 -46.89 0.87 -3.14
CA ALA A 260 -46.05 2.06 -3.32
C ALA A 260 -45.90 2.45 -4.79
N THR A 261 -45.55 3.72 -5.03
CA THR A 261 -45.08 4.19 -6.34
C THR A 261 -43.76 4.96 -6.21
N ALA A 262 -42.91 4.86 -7.22
CA ALA A 262 -41.65 5.65 -7.24
C ALA A 262 -41.85 7.09 -6.83
N GLU A 263 -42.90 7.71 -7.37
CA GLU A 263 -43.19 9.10 -7.09
C GLU A 263 -43.51 9.31 -5.61
N THR A 264 -44.30 8.44 -5.02
CA THR A 264 -44.53 8.52 -3.58
C THR A 264 -43.24 8.28 -2.76
N ILE A 265 -42.42 7.32 -3.19
CA ILE A 265 -41.17 7.06 -2.49
C ILE A 265 -40.29 8.30 -2.54
N ASN A 266 -40.17 8.89 -3.72
CA ASN A 266 -39.34 10.09 -3.90
C ASN A 266 -39.84 11.29 -3.08
N ALA A 267 -41.15 11.40 -3.00
CA ALA A 267 -41.83 12.46 -2.23
C ALA A 267 -41.60 12.25 -0.73
N ALA A 268 -41.66 11.01 -0.28
CA ALA A 268 -41.33 10.73 1.13
C ALA A 268 -39.92 11.22 1.48
N VAL A 269 -38.96 10.95 0.60
CA VAL A 269 -37.56 11.30 0.87
C VAL A 269 -37.38 12.82 1.04
N ASP A 270 -38.09 13.59 0.22
CA ASP A 270 -38.08 15.06 0.29
C ASP A 270 -38.91 15.60 1.45
N GLN A 271 -39.97 14.90 1.78
CA GLN A 271 -40.68 15.22 3.02
C GLN A 271 -39.83 14.77 4.26
N GLY A 272 -38.64 14.24 4.01
CA GLY A 272 -37.67 13.98 5.07
C GLY A 272 -37.83 12.68 5.80
N LEU A 273 -38.54 11.76 5.18
CA LEU A 273 -38.61 10.39 5.69
C LEU A 273 -37.44 9.55 5.16
N HIS A 274 -37.01 8.57 5.97
CA HIS A 274 -36.12 7.51 5.51
C HIS A 274 -37.00 6.45 4.82
N LEU A 275 -36.38 5.41 4.26
CA LEU A 275 -37.15 4.37 3.56
C LEU A 275 -36.91 2.99 4.15
N LEU A 276 -38.01 2.27 4.40
CA LEU A 276 -37.89 0.90 4.89
C LEU A 276 -38.74 0.05 3.99
N PHE A 277 -38.09 -0.72 3.11
CA PHE A 277 -38.83 -1.52 2.13
C PHE A 277 -39.17 -2.89 2.74
N THR A 278 -40.46 -3.14 2.94
CA THR A 278 -40.90 -4.42 3.48
C THR A 278 -40.85 -5.53 2.41
N PRO A 279 -41.08 -6.79 2.80
CA PRO A 279 -40.68 -7.77 1.78
C PRO A 279 -41.70 -7.88 0.67
N GLY A 280 -41.19 -7.67 -0.54
CA GLY A 280 -41.98 -7.74 -1.73
C GLY A 280 -41.20 -7.25 -2.94
N VAL A 281 -41.94 -6.99 -4.01
CA VAL A 281 -41.37 -6.53 -5.27
C VAL A 281 -42.05 -5.23 -5.66
N TYR A 282 -41.21 -4.26 -5.99
CA TYR A 282 -41.64 -2.91 -6.28
C TYR A 282 -41.24 -2.60 -7.72
N HIS A 283 -42.26 -2.65 -8.59
CA HIS A 283 -42.09 -2.43 -10.02
C HIS A 283 -42.28 -0.96 -10.29
N VAL A 284 -41.16 -0.26 -10.54
CA VAL A 284 -41.21 1.19 -10.68
C VAL A 284 -41.14 1.70 -12.13
N ASP A 285 -41.81 2.83 -12.36
CA ASP A 285 -41.94 3.39 -13.70
C ASP A 285 -41.04 4.56 -13.89
N GLN A 286 -40.47 5.02 -12.78
CA GLN A 286 -39.39 5.99 -12.79
C GLN A 286 -38.39 5.71 -11.66
N PRO A 287 -37.17 6.26 -11.77
CA PRO A 287 -36.16 6.01 -10.73
C PRO A 287 -36.57 6.47 -9.34
N ILE A 288 -36.11 5.71 -8.35
CA ILE A 288 -36.16 6.12 -6.96
C ILE A 288 -35.01 7.11 -6.76
N GLU A 289 -35.32 8.28 -6.22
CA GLU A 289 -34.32 9.30 -5.99
C GLU A 289 -34.04 9.40 -4.48
N ILE A 290 -32.75 9.37 -4.15
CA ILE A 290 -32.29 9.59 -2.79
C ILE A 290 -31.22 10.69 -2.87
N ASP A 291 -31.70 11.93 -2.78
CA ASP A 291 -30.83 13.11 -2.91
C ASP A 291 -30.82 13.95 -1.62
N ARG A 292 -31.22 13.32 -0.52
CA ARG A 292 -31.10 13.87 0.83
C ARG A 292 -29.98 13.17 1.58
N ALA A 293 -28.99 13.96 1.97
CA ALA A 293 -27.92 13.50 2.81
C ALA A 293 -28.46 12.69 3.99
N ASN A 294 -27.75 11.63 4.38
CA ASN A 294 -28.04 10.82 5.56
C ASN A 294 -29.33 9.95 5.45
N THR A 295 -29.85 9.82 4.25
CA THR A 295 -31.05 8.99 4.05
C THR A 295 -30.71 7.51 4.09
N VAL A 296 -31.44 6.80 4.96
CA VAL A 296 -31.37 5.37 5.14
C VAL A 296 -32.42 4.73 4.26
N ALA A 297 -31.99 3.82 3.38
CA ALA A 297 -32.91 3.06 2.53
C ALA A 297 -32.60 1.59 2.79
N LEU A 298 -33.42 0.99 3.64
CA LEU A 298 -33.17 -0.33 4.23
C LEU A 298 -34.24 -1.29 3.76
N GLY A 299 -33.82 -2.41 3.18
CA GLY A 299 -34.74 -3.44 2.75
C GLY A 299 -34.80 -4.59 3.73
N LEU A 300 -35.95 -5.25 3.74
CA LEU A 300 -36.21 -6.41 4.57
C LEU A 300 -36.60 -7.57 3.65
N GLY A 301 -36.14 -8.78 4.00
CA GLY A 301 -36.53 -9.98 3.28
C GLY A 301 -36.31 -9.96 1.78
N LEU A 302 -35.16 -9.43 1.36
CA LEU A 302 -34.75 -9.44 -0.05
C LEU A 302 -35.73 -8.62 -0.94
N ALA A 303 -36.28 -7.56 -0.35
CA ALA A 303 -37.07 -6.60 -1.10
C ALA A 303 -36.37 -6.25 -2.40
N THR A 304 -37.17 -6.22 -3.45
CA THR A 304 -36.68 -6.17 -4.82
C THR A 304 -37.31 -5.02 -5.58
N ILE A 305 -36.48 -4.25 -6.28
CA ILE A 305 -36.94 -3.21 -7.19
C ILE A 305 -36.74 -3.69 -8.63
N ILE A 306 -37.80 -3.61 -9.45
CA ILE A 306 -37.67 -3.83 -10.88
C ILE A 306 -38.01 -2.54 -11.64
N PRO A 307 -37.08 -2.05 -12.47
CA PRO A 307 -37.44 -0.89 -13.29
C PRO A 307 -38.17 -1.33 -14.55
N ASP A 308 -39.25 -0.64 -14.89
CA ASP A 308 -39.85 -0.79 -16.22
C ASP A 308 -39.36 0.38 -17.07
N ASN A 309 -39.82 0.46 -18.31
CA ASN A 309 -39.55 1.64 -19.16
C ASN A 309 -38.07 1.81 -19.52
N GLY A 310 -37.22 0.88 -19.13
CA GLY A 310 -35.79 1.02 -19.30
C GLY A 310 -35.21 2.09 -18.40
N VAL A 311 -35.94 2.45 -17.33
CA VAL A 311 -35.40 3.45 -16.42
C VAL A 311 -34.33 2.89 -15.49
N THR A 312 -33.57 3.78 -14.88
CA THR A 312 -32.65 3.45 -13.81
C THR A 312 -33.49 3.16 -12.56
N ALA A 313 -33.15 2.12 -11.81
CA ALA A 313 -33.92 1.77 -10.60
C ALA A 313 -33.69 2.73 -9.41
N LEU A 314 -32.42 3.07 -9.15
CA LEU A 314 -32.09 3.87 -7.98
C LEU A 314 -30.95 4.77 -8.30
N LYS A 315 -31.15 5.98 -7.84
CA LYS A 315 -30.32 7.10 -8.25
C LYS A 315 -30.09 8.01 -7.04
N VAL A 316 -28.89 7.86 -6.47
CA VAL A 316 -28.46 8.65 -5.32
C VAL A 316 -27.78 9.92 -5.83
N GLY A 317 -28.19 11.07 -5.32
CA GLY A 317 -27.60 12.34 -5.73
C GLY A 317 -26.23 12.59 -5.10
N ASP A 318 -25.75 13.83 -5.19
CA ASP A 318 -24.38 14.13 -4.79
C ASP A 318 -24.23 14.54 -3.32
N VAL A 319 -24.72 13.66 -2.46
CA VAL A 319 -24.87 13.96 -1.04
C VAL A 319 -24.19 12.97 -0.09
N ASP A 320 -23.82 13.48 1.09
CA ASP A 320 -23.18 12.66 2.15
C ASP A 320 -24.15 11.62 2.73
N GLY A 321 -23.60 10.48 3.17
CA GLY A 321 -24.21 9.71 4.25
C GLY A 321 -25.37 8.83 3.91
N VAL A 322 -25.70 8.69 2.64
CA VAL A 322 -26.83 7.82 2.27
C VAL A 322 -26.41 6.38 2.50
N LYS A 323 -27.30 5.57 3.10
CA LYS A 323 -27.00 4.17 3.45
C LYS A 323 -28.04 3.30 2.76
N VAL A 324 -27.66 2.67 1.66
CA VAL A 324 -28.56 1.74 0.95
C VAL A 324 -28.22 0.35 1.45
N ALA A 325 -29.22 -0.44 1.80
CA ALA A 325 -28.96 -1.67 2.52
C ALA A 325 -30.04 -2.72 2.20
N GLY A 326 -29.65 -3.90 1.73
CA GLY A 326 -30.57 -5.03 1.66
C GLY A 326 -31.64 -4.98 0.58
N LEU A 327 -31.19 -4.71 -0.64
CA LEU A 327 -32.08 -4.61 -1.78
C LEU A 327 -31.53 -5.40 -2.95
N LEU A 328 -32.43 -6.10 -3.64
CA LEU A 328 -32.14 -6.71 -4.93
C LEU A 328 -32.72 -5.81 -6.00
N VAL A 329 -31.95 -5.51 -7.04
CA VAL A 329 -32.48 -4.80 -8.20
C VAL A 329 -32.41 -5.78 -9.35
N ASP A 330 -33.54 -6.03 -9.96
CA ASP A 330 -33.71 -7.12 -10.93
C ASP A 330 -34.16 -6.51 -12.26
N ALA A 331 -33.32 -6.60 -13.28
CA ALA A 331 -33.55 -5.89 -14.51
C ALA A 331 -34.87 -6.27 -15.16
N GLY A 332 -35.50 -5.27 -15.78
CA GLY A 332 -36.70 -5.49 -16.56
C GLY A 332 -36.35 -5.85 -18.01
N PRO A 333 -37.35 -6.25 -18.78
CA PRO A 333 -37.04 -6.73 -20.12
C PRO A 333 -36.58 -5.61 -21.06
N VAL A 334 -36.96 -4.35 -20.81
CA VAL A 334 -36.39 -3.26 -21.58
C VAL A 334 -35.05 -2.87 -20.97
N ASN A 335 -34.05 -2.73 -21.84
CA ASN A 335 -32.72 -2.42 -21.40
C ASN A 335 -32.63 -1.07 -20.68
N SER A 336 -32.17 -1.10 -19.44
CA SER A 336 -31.85 0.14 -18.73
C SER A 336 -30.40 0.54 -19.04
N GLU A 337 -30.13 1.81 -19.34
CA GLU A 337 -28.72 2.25 -19.53
C GLU A 337 -27.94 1.96 -18.27
N THR A 338 -28.58 2.27 -17.14
CA THR A 338 -27.98 1.97 -15.84
C THR A 338 -29.04 1.42 -14.91
N LEU A 339 -28.66 0.58 -13.95
CA LEU A 339 -29.59 0.13 -12.94
C LEU A 339 -29.51 0.90 -11.59
N VAL A 340 -28.29 1.20 -11.15
CA VAL A 340 -28.10 1.99 -9.93
C VAL A 340 -26.99 2.97 -10.20
N GLU A 341 -27.20 4.23 -9.80
CA GLU A 341 -26.13 5.22 -9.83
C GLU A 341 -25.94 5.89 -8.51
N VAL A 342 -24.67 6.03 -8.15
CA VAL A 342 -24.28 6.71 -6.92
C VAL A 342 -23.54 7.96 -7.33
N GLY A 343 -24.28 9.05 -7.28
CA GLY A 343 -23.79 10.34 -7.70
C GLY A 343 -23.95 10.51 -9.20
N SER A 344 -24.02 11.76 -9.62
CA SER A 344 -24.19 12.09 -11.04
C SER A 344 -22.88 11.97 -11.82
N ASP A 345 -22.98 11.85 -13.14
CA ASP A 345 -21.80 11.75 -13.97
C ASP A 345 -20.92 13.01 -13.79
N GLY A 346 -19.65 12.79 -13.49
CA GLY A 346 -18.73 13.88 -13.29
C GLY A 346 -18.77 14.63 -11.96
N ALA A 347 -19.59 14.21 -10.99
CA ALA A 347 -19.59 14.92 -9.69
C ALA A 347 -18.25 14.73 -9.02
N SER A 348 -17.58 15.82 -8.56
CA SER A 348 -16.24 15.68 -7.97
C SER A 348 -16.03 16.34 -6.59
N GLY A 349 -17.06 16.28 -5.75
CA GLY A 349 -16.93 16.71 -4.36
C GLY A 349 -16.67 15.55 -3.42
N ASP A 350 -16.07 15.85 -2.27
CA ASP A 350 -15.67 14.82 -1.32
C ASP A 350 -16.84 14.47 -0.36
N HIS A 351 -16.81 13.24 0.19
CA HIS A 351 -17.78 12.82 1.19
C HIS A 351 -17.10 12.12 2.37
N ALA A 352 -15.82 12.46 2.58
CA ALA A 352 -14.87 11.64 3.33
C ALA A 352 -15.26 11.32 4.75
N ALA A 353 -15.74 12.32 5.47
CA ALA A 353 -16.16 12.09 6.86
C ALA A 353 -17.41 11.22 6.89
N ASN A 354 -18.36 11.50 6.01
CA ASN A 354 -19.64 10.79 6.05
C ASN A 354 -19.98 10.26 4.64
N PRO A 355 -19.35 9.15 4.26
CA PRO A 355 -19.56 8.64 2.90
C PRO A 355 -20.95 8.03 2.71
N THR A 356 -21.31 7.86 1.46
CA THR A 356 -22.48 7.06 1.07
C THR A 356 -22.00 5.61 0.92
N SER A 357 -22.90 4.67 1.24
CA SER A 357 -22.57 3.25 1.21
C SER A 357 -23.69 2.46 0.51
N LEU A 358 -23.27 1.42 -0.22
CA LEU A 358 -24.16 0.38 -0.68
C LEU A 358 -23.79 -0.91 0.06
N GLN A 359 -24.74 -1.51 0.76
CA GLN A 359 -24.50 -2.76 1.49
C GLN A 359 -25.55 -3.82 1.22
N ASP A 360 -25.11 -5.03 0.92
CA ASP A 360 -26.05 -6.09 0.55
C ASP A 360 -26.99 -5.55 -0.51
N VAL A 361 -26.37 -5.00 -1.53
CA VAL A 361 -27.07 -4.60 -2.73
C VAL A 361 -26.72 -5.63 -3.79
N PHE A 362 -27.76 -6.27 -4.32
CA PHE A 362 -27.56 -7.34 -5.28
C PHE A 362 -28.27 -6.91 -6.56
N VAL A 363 -27.68 -7.25 -7.69
CA VAL A 363 -28.28 -6.94 -8.97
C VAL A 363 -28.34 -8.24 -9.77
N ARG A 364 -29.46 -8.45 -10.45
CA ARG A 364 -29.65 -9.61 -11.31
C ARG A 364 -30.16 -9.18 -12.69
N ILE A 365 -29.59 -9.77 -13.75
CA ILE A 365 -30.01 -9.48 -15.12
C ILE A 365 -30.40 -10.80 -15.74
N GLY A 366 -31.71 -10.99 -15.88
CA GLY A 366 -32.26 -12.24 -16.37
C GLY A 366 -32.43 -13.28 -15.29
N GLY A 367 -33.01 -14.44 -15.66
CA GLY A 367 -33.15 -15.56 -14.73
C GLY A 367 -34.57 -15.74 -14.19
N ALA A 368 -35.08 -14.71 -13.52
CA ALA A 368 -36.43 -14.73 -12.97
C ALA A 368 -37.39 -14.33 -14.08
N GLY A 369 -36.87 -13.62 -15.06
CA GLY A 369 -37.51 -13.45 -16.36
C GLY A 369 -36.62 -12.76 -17.37
N PRO A 370 -37.23 -12.21 -18.43
CA PRO A 370 -36.37 -11.38 -19.28
C PRO A 370 -35.82 -10.11 -18.66
N GLY A 371 -34.52 -9.85 -18.87
CA GLY A 371 -33.90 -8.63 -18.39
C GLY A 371 -32.63 -8.20 -19.13
N LYS A 372 -32.42 -6.88 -19.23
CA LYS A 372 -31.26 -6.31 -19.90
C LYS A 372 -30.83 -5.00 -19.22
N ALA A 373 -29.52 -4.78 -19.15
CA ALA A 373 -29.02 -3.48 -18.70
C ALA A 373 -27.62 -3.25 -19.26
N THR A 374 -27.31 -2.02 -19.66
CA THR A 374 -25.97 -1.71 -20.19
C THR A 374 -24.85 -1.73 -19.15
N THR A 375 -25.04 -0.93 -18.10
CA THR A 375 -24.12 -0.91 -16.94
C THR A 375 -24.97 -1.07 -15.71
N SER A 376 -24.64 -2.01 -14.84
CA SER A 376 -25.51 -2.25 -13.71
C SER A 376 -25.37 -1.22 -12.56
N ILE A 377 -24.14 -0.99 -12.10
CA ILE A 377 -23.89 0.00 -11.08
C ILE A 377 -22.79 0.92 -11.53
N VAL A 378 -23.09 2.22 -11.49
CA VAL A 378 -22.07 3.23 -11.69
C VAL A 378 -21.86 3.97 -10.38
N VAL A 379 -20.61 4.08 -9.95
CA VAL A 379 -20.28 4.81 -8.72
C VAL A 379 -19.49 6.06 -9.08
N ASN A 380 -20.20 7.17 -9.10
CA ASN A 380 -19.60 8.46 -9.40
C ASN A 380 -19.08 9.19 -8.18
N SER A 381 -19.76 9.11 -7.05
CA SER A 381 -19.35 9.94 -5.90
C SER A 381 -18.11 9.45 -5.20
N ASN A 382 -17.24 10.39 -4.87
CA ASN A 382 -16.04 10.07 -4.14
C ASN A 382 -16.35 9.50 -2.75
N ASP A 383 -15.42 8.67 -2.28
CA ASP A 383 -15.38 8.13 -0.92
C ASP A 383 -16.47 7.06 -0.64
N THR A 384 -17.15 6.62 -1.67
CA THR A 384 -18.24 5.67 -1.53
C THR A 384 -17.67 4.33 -1.04
N ILE A 385 -18.45 3.66 -0.18
CA ILE A 385 -18.13 2.32 0.29
C ILE A 385 -19.13 1.34 -0.31
N ILE A 386 -18.64 0.30 -0.98
CA ILE A 386 -19.52 -0.77 -1.48
C ILE A 386 -19.10 -1.99 -0.65
N ASP A 387 -19.93 -2.33 0.34
CA ASP A 387 -19.61 -3.36 1.32
C ASP A 387 -20.60 -4.51 1.16
N HIS A 388 -20.16 -5.49 0.37
CA HIS A 388 -20.92 -6.64 -0.10
C HIS A 388 -21.89 -6.31 -1.21
N THR A 389 -21.51 -6.67 -2.42
CA THR A 389 -22.42 -6.61 -3.56
C THR A 389 -22.26 -7.88 -4.42
N TRP A 390 -23.36 -8.33 -5.01
CA TRP A 390 -23.32 -9.39 -6.03
C TRP A 390 -24.06 -8.81 -7.24
N VAL A 391 -23.33 -8.63 -8.32
CA VAL A 391 -23.86 -8.05 -9.56
C VAL A 391 -23.73 -9.18 -10.60
N TRP A 392 -24.89 -9.72 -11.00
CA TRP A 392 -24.94 -11.05 -11.65
C TRP A 392 -25.80 -11.03 -12.91
N ARG A 393 -25.16 -11.23 -14.05
CA ARG A 393 -25.90 -11.53 -15.26
C ARG A 393 -26.22 -13.04 -15.17
N ALA A 394 -27.49 -13.40 -15.27
CA ALA A 394 -27.89 -14.81 -15.05
C ALA A 394 -27.25 -15.80 -16.04
N ASP A 395 -26.82 -16.98 -15.52
CA ASP A 395 -26.30 -18.08 -16.36
C ASP A 395 -27.30 -19.26 -16.41
N HIS A 396 -28.40 -19.16 -15.66
CA HIS A 396 -29.47 -20.14 -15.71
C HIS A 396 -30.77 -19.46 -15.32
N GLY A 397 -31.90 -20.09 -15.69
CA GLY A 397 -33.22 -19.53 -15.43
C GLY A 397 -34.00 -19.27 -16.72
N GLU A 398 -35.02 -18.44 -16.58
CA GLU A 398 -35.94 -18.02 -17.64
C GLU A 398 -35.30 -16.72 -18.23
N GLY A 399 -35.24 -16.59 -19.57
CA GLY A 399 -34.79 -15.36 -20.20
C GLY A 399 -33.28 -15.14 -20.29
N VAL A 400 -32.53 -16.22 -20.36
CA VAL A 400 -31.08 -16.20 -20.50
C VAL A 400 -30.68 -16.36 -21.98
N GLY A 401 -29.63 -15.64 -22.40
CA GLY A 401 -29.12 -15.74 -23.75
C GLY A 401 -28.07 -14.68 -23.98
N TRP A 402 -27.03 -15.03 -24.75
CA TRP A 402 -25.96 -14.05 -25.09
C TRP A 402 -26.53 -12.67 -25.50
N GLU A 403 -27.59 -12.67 -26.30
CA GLU A 403 -28.27 -11.40 -26.63
C GLU A 403 -29.52 -11.21 -25.73
N THR A 404 -30.25 -12.28 -25.49
CA THR A 404 -31.49 -12.19 -24.71
C THR A 404 -31.36 -11.49 -23.33
N ASN A 405 -30.38 -11.86 -22.51
CA ASN A 405 -30.08 -11.08 -21.31
C ASN A 405 -28.69 -10.42 -21.37
N ARG A 406 -28.41 -9.85 -22.53
CA ARG A 406 -27.18 -9.08 -22.74
C ARG A 406 -27.06 -8.03 -21.61
N ALA A 407 -25.87 -8.00 -21.03
CA ALA A 407 -25.53 -6.97 -20.05
C ALA A 407 -24.04 -6.74 -20.20
N ASP A 408 -23.67 -5.63 -20.80
CA ASP A 408 -22.26 -5.44 -21.18
C ASP A 408 -21.32 -5.19 -20.00
N TYR A 409 -21.75 -4.37 -19.03
CA TYR A 409 -20.85 -3.88 -17.99
C TYR A 409 -21.49 -4.08 -16.61
N GLY A 410 -20.69 -4.57 -15.67
CA GLY A 410 -21.20 -4.84 -14.34
C GLY A 410 -21.15 -3.60 -13.47
N VAL A 411 -19.95 -3.29 -13.01
CA VAL A 411 -19.71 -2.13 -12.16
C VAL A 411 -18.66 -1.24 -12.80
N HIS A 412 -18.96 0.06 -12.83
CA HIS A 412 -18.00 1.05 -13.32
C HIS A 412 -17.80 2.07 -12.21
N VAL A 413 -16.58 2.11 -11.68
CA VAL A 413 -16.26 3.04 -10.60
C VAL A 413 -15.57 4.27 -11.16
N LYS A 414 -16.28 5.40 -11.10
CA LYS A 414 -15.82 6.67 -11.65
C LYS A 414 -15.27 7.62 -10.54
N GLY A 415 -15.78 7.49 -9.31
CA GLY A 415 -15.35 8.34 -8.20
C GLY A 415 -13.99 7.96 -7.65
N ASP A 416 -13.44 8.86 -6.83
CA ASP A 416 -12.12 8.69 -6.28
C ASP A 416 -12.30 8.24 -4.84
N ASN A 417 -11.37 7.46 -4.34
CA ASN A 417 -11.28 7.21 -2.90
C ASN A 417 -12.30 6.13 -2.48
N VAL A 418 -12.76 5.41 -3.51
CA VAL A 418 -13.84 4.41 -3.36
C VAL A 418 -13.27 3.06 -2.90
N LEU A 419 -13.97 2.44 -1.95
CA LEU A 419 -13.53 1.21 -1.33
C LEU A 419 -14.58 0.17 -1.59
N ALA A 420 -14.17 -0.97 -2.13
CA ALA A 420 -15.06 -2.13 -2.23
C ALA A 420 -14.54 -3.26 -1.33
N THR A 421 -15.41 -3.73 -0.46
CA THR A 421 -15.12 -4.84 0.45
C THR A 421 -16.15 -5.95 0.26
N GLY A 422 -15.73 -7.03 -0.37
CA GLY A 422 -16.63 -8.12 -0.69
C GLY A 422 -17.34 -7.90 -2.04
N LEU A 423 -16.55 -7.85 -3.10
CA LEU A 423 -17.06 -7.53 -4.44
C LEU A 423 -17.23 -8.80 -5.30
N PHE A 424 -18.46 -9.12 -5.67
CA PHE A 424 -18.77 -10.34 -6.43
C PHE A 424 -19.50 -9.87 -7.73
N VAL A 425 -18.89 -10.07 -8.89
CA VAL A 425 -19.46 -9.60 -10.14
C VAL A 425 -19.22 -10.66 -11.23
N GLU A 426 -20.29 -11.10 -11.89
CA GLU A 426 -20.19 -12.24 -12.79
C GLU A 426 -21.00 -12.13 -14.07
N HIS A 427 -20.36 -12.55 -15.16
CA HIS A 427 -21.01 -13.04 -16.39
C HIS A 427 -21.31 -11.97 -17.46
N PHE A 428 -20.76 -10.77 -17.30
CA PHE A 428 -21.01 -9.69 -18.23
C PHE A 428 -20.39 -9.89 -19.63
N ASN A 429 -21.07 -9.39 -20.66
CA ASN A 429 -20.64 -9.62 -22.04
C ASN A 429 -19.31 -8.91 -22.33
N LYS A 430 -19.07 -7.81 -21.60
CA LYS A 430 -17.80 -7.10 -21.66
C LYS A 430 -17.13 -6.99 -20.28
N TYR A 431 -16.62 -5.82 -19.89
CA TYR A 431 -15.90 -5.79 -18.62
C TYR A 431 -16.85 -5.94 -17.42
N ASP A 432 -16.60 -6.94 -16.58
CA ASP A 432 -17.42 -7.12 -15.40
C ASP A 432 -17.25 -5.89 -14.49
N VAL A 433 -15.99 -5.48 -14.27
CA VAL A 433 -15.68 -4.30 -13.46
C VAL A 433 -14.70 -3.41 -14.20
N GLN A 434 -15.01 -2.10 -14.32
CA GLN A 434 -14.06 -1.07 -14.77
C GLN A 434 -13.82 -0.12 -13.61
N TRP A 435 -12.57 0.35 -13.46
CA TRP A 435 -12.25 1.29 -12.43
C TRP A 435 -11.44 2.41 -13.07
N SER A 436 -12.04 3.60 -13.12
CA SER A 436 -11.39 4.77 -13.70
C SER A 436 -11.10 5.90 -12.70
N GLY A 437 -11.75 5.93 -11.54
CA GLY A 437 -11.37 6.87 -10.50
C GLY A 437 -10.02 6.56 -9.86
N GLU A 438 -9.47 7.56 -9.16
CA GLU A 438 -8.18 7.41 -8.49
C GLU A 438 -8.34 6.83 -7.07
N ASN A 439 -7.25 6.25 -6.60
CA ASN A 439 -7.12 5.74 -5.23
C ASN A 439 -8.23 4.80 -4.80
N GLY A 440 -8.65 3.97 -5.73
CA GLY A 440 -9.60 2.91 -5.46
C GLY A 440 -8.92 1.75 -4.76
N LYS A 441 -9.71 1.05 -3.95
CA LYS A 441 -9.24 -0.11 -3.23
C LYS A 441 -10.31 -1.17 -3.24
N THR A 442 -9.91 -2.41 -3.56
CA THR A 442 -10.79 -3.58 -3.49
C THR A 442 -10.16 -4.63 -2.61
N ILE A 443 -10.93 -5.05 -1.60
CA ILE A 443 -10.56 -6.15 -0.70
C ILE A 443 -11.60 -7.27 -0.93
N PHE A 444 -11.10 -8.32 -1.60
CA PHE A 444 -11.84 -9.48 -2.07
C PHE A 444 -12.67 -9.20 -3.29
N TYR A 445 -12.36 -9.99 -4.34
CA TYR A 445 -13.09 -9.97 -5.60
C TYR A 445 -13.30 -11.39 -6.06
N GLN A 446 -14.55 -11.68 -6.44
CA GLN A 446 -14.88 -12.94 -7.07
C GLN A 446 -15.65 -12.66 -8.36
N ASN A 447 -15.11 -13.17 -9.47
CA ASN A 447 -15.74 -13.08 -10.79
C ASN A 447 -15.82 -14.45 -11.45
N ALA A 448 -16.82 -14.60 -12.32
CA ALA A 448 -16.84 -15.68 -13.32
C ALA A 448 -17.16 -15.02 -14.66
N LYS A 449 -16.50 -15.48 -15.71
CA LYS A 449 -16.70 -14.91 -17.05
C LYS A 449 -17.92 -15.57 -17.69
N ALA A 450 -18.59 -14.83 -18.56
CA ALA A 450 -19.75 -15.34 -19.31
C ALA A 450 -19.52 -16.73 -19.90
N TYR A 451 -20.43 -17.65 -19.61
CA TYR A 451 -20.30 -19.06 -20.07
C TYR A 451 -20.65 -19.18 -21.53
N ASP A 452 -21.43 -18.20 -22.01
CA ASP A 452 -22.15 -18.30 -23.25
C ASP A 452 -21.64 -17.45 -24.42
N ALA A 453 -20.41 -16.94 -24.33
CA ALA A 453 -19.80 -16.30 -25.47
C ALA A 453 -19.72 -17.36 -26.56
N PRO A 454 -20.23 -17.05 -27.75
CA PRO A 454 -20.41 -18.18 -28.69
C PRO A 454 -19.14 -18.56 -29.41
N ASP A 455 -18.21 -17.61 -29.45
CA ASP A 455 -17.01 -17.70 -30.26
C ASP A 455 -16.02 -16.60 -29.93
N GLN A 456 -14.78 -16.77 -30.37
CA GLN A 456 -13.73 -15.78 -30.10
C GLN A 456 -14.09 -14.39 -30.68
N ALA A 457 -14.61 -14.40 -31.90
CA ALA A 457 -14.96 -13.15 -32.61
C ALA A 457 -15.95 -12.30 -31.82
N ALA A 458 -16.82 -12.95 -31.05
CA ALA A 458 -17.85 -12.28 -30.26
C ALA A 458 -17.31 -11.49 -29.05
N ILE A 459 -16.08 -11.80 -28.62
CA ILE A 459 -15.49 -11.15 -27.45
C ILE A 459 -14.14 -10.49 -27.74
N GLN A 460 -13.82 -10.28 -29.00
CA GLN A 460 -12.63 -9.52 -29.35
C GLN A 460 -12.69 -8.14 -28.70
N ASN A 461 -11.55 -7.65 -28.18
CA ASN A 461 -11.45 -6.33 -27.54
C ASN A 461 -10.12 -5.65 -28.00
N GLY A 462 -10.15 -4.84 -29.05
CA GLY A 462 -8.90 -4.34 -29.64
C GLY A 462 -7.94 -5.40 -30.23
N ASP A 463 -6.74 -5.57 -29.67
CA ASP A 463 -5.90 -6.73 -30.00
C ASP A 463 -5.87 -7.63 -28.77
N ILE A 464 -6.98 -7.59 -28.01
CA ILE A 464 -7.13 -8.37 -26.77
C ILE A 464 -8.31 -9.38 -26.84
N LYS A 465 -7.99 -10.67 -26.72
CA LYS A 465 -9.02 -11.71 -26.63
C LYS A 465 -9.77 -11.58 -25.31
N GLY A 466 -11.05 -11.25 -25.40
CA GLY A 466 -11.87 -11.14 -24.21
C GLY A 466 -11.74 -9.83 -23.49
N TYR A 467 -12.61 -9.63 -22.50
CA TYR A 467 -12.65 -8.41 -21.69
C TYR A 467 -12.23 -8.79 -20.29
N ALA A 468 -11.32 -8.03 -19.68
CA ALA A 468 -10.92 -8.33 -18.30
C ALA A 468 -12.14 -8.42 -17.41
N ALA A 469 -12.03 -9.27 -16.40
CA ALA A 469 -13.01 -9.27 -15.33
C ALA A 469 -12.86 -8.02 -14.47
N TYR A 470 -11.67 -7.42 -14.47
CA TYR A 470 -11.42 -6.24 -13.64
C TYR A 470 -10.37 -5.41 -14.35
N LYS A 471 -10.83 -4.26 -14.86
CA LYS A 471 -9.99 -3.37 -15.61
C LYS A 471 -9.79 -2.11 -14.85
N VAL A 472 -8.57 -1.62 -14.88
CA VAL A 472 -8.26 -0.28 -14.39
C VAL A 472 -7.83 0.61 -15.58
N ASP A 473 -8.43 1.79 -15.72
CA ASP A 473 -8.09 2.67 -16.85
C ASP A 473 -6.62 2.99 -16.82
N ASP A 474 -6.04 3.09 -18.01
CA ASP A 474 -4.60 3.41 -18.09
C ASP A 474 -4.31 4.84 -17.58
N SER A 475 -5.35 5.59 -17.27
CA SER A 475 -5.15 6.95 -16.75
C SER A 475 -4.89 6.95 -15.24
N VAL A 476 -5.39 5.91 -14.56
CA VAL A 476 -5.25 5.79 -13.10
C VAL A 476 -3.80 5.77 -12.58
N THR A 477 -3.61 6.53 -11.50
CA THR A 477 -2.32 6.81 -10.87
C THR A 477 -2.11 5.83 -9.71
N THR A 478 -3.19 5.63 -8.97
CA THR A 478 -3.14 4.88 -7.71
C THR A 478 -4.34 3.94 -7.62
N HIS A 479 -4.08 2.71 -7.18
CA HIS A 479 -5.12 1.68 -7.04
C HIS A 479 -4.49 0.54 -6.28
N GLU A 480 -5.28 -0.17 -5.49
CA GLU A 480 -4.79 -1.35 -4.81
C GLU A 480 -5.92 -2.40 -4.68
N GLY A 481 -5.61 -3.64 -5.03
CA GLY A 481 -6.53 -4.75 -4.86
C GLY A 481 -5.88 -5.95 -4.14
N TRP A 482 -6.67 -6.63 -3.32
CA TRP A 482 -6.19 -7.76 -2.56
C TRP A 482 -7.16 -8.94 -2.68
N GLY A 483 -6.62 -10.11 -3.03
CA GLY A 483 -7.41 -11.34 -2.92
C GLY A 483 -8.51 -11.47 -3.95
N MET A 484 -8.09 -11.61 -5.21
CA MET A 484 -8.98 -11.42 -6.35
C MET A 484 -8.87 -12.54 -7.34
N GLY A 485 -10.03 -13.09 -7.71
CA GLY A 485 -10.05 -14.20 -8.66
C GLY A 485 -11.10 -14.07 -9.74
N SER A 486 -10.77 -14.63 -10.89
CA SER A 486 -11.68 -14.73 -12.03
C SER A 486 -11.65 -16.15 -12.53
N TYR A 487 -12.84 -16.73 -12.74
CA TYR A 487 -12.97 -18.10 -13.21
C TYR A 487 -13.67 -18.12 -14.57
N CYS A 488 -13.34 -19.11 -15.40
CA CYS A 488 -14.04 -19.27 -16.68
C CYS A 488 -14.62 -20.68 -16.83
N TYR A 489 -15.68 -20.72 -17.63
CA TYR A 489 -16.39 -21.97 -17.94
C TYR A 489 -17.13 -21.74 -19.25
N PHE A 490 -16.33 -21.66 -20.31
CA PHE A 490 -16.86 -21.39 -21.62
C PHE A 490 -17.48 -22.68 -22.19
N ASN A 491 -18.70 -22.96 -21.74
CA ASN A 491 -19.31 -24.23 -22.03
C ASN A 491 -19.99 -24.30 -23.40
N VAL A 492 -20.27 -23.12 -23.98
CA VAL A 492 -20.81 -23.01 -25.34
C VAL A 492 -19.72 -23.05 -26.42
N ASN A 493 -18.51 -22.69 -26.06
CA ASN A 493 -17.38 -22.78 -26.98
C ASN A 493 -16.07 -22.88 -26.21
N PRO A 494 -15.70 -24.11 -25.84
CA PRO A 494 -14.56 -24.21 -24.94
C PRO A 494 -13.18 -24.12 -25.61
N ASP A 495 -13.17 -23.79 -26.90
CA ASP A 495 -11.95 -23.46 -27.61
C ASP A 495 -11.57 -21.97 -27.40
N ILE A 496 -12.47 -21.23 -26.76
CA ILE A 496 -12.23 -19.81 -26.47
C ILE A 496 -11.03 -19.60 -25.56
N ARG A 497 -10.34 -18.48 -25.77
CA ARG A 497 -9.26 -18.04 -24.90
C ARG A 497 -9.57 -16.67 -24.34
N GLN A 498 -9.38 -16.52 -23.02
CA GLN A 498 -9.53 -15.26 -22.32
C GLN A 498 -8.12 -14.73 -22.04
N GLN A 499 -7.75 -13.55 -22.55
CA GLN A 499 -6.35 -13.16 -22.42
C GLN A 499 -5.93 -12.99 -20.96
N HIS A 500 -6.81 -12.41 -20.14
CA HIS A 500 -6.50 -12.20 -18.73
C HIS A 500 -7.77 -12.00 -17.86
N GLY A 501 -7.63 -12.25 -16.55
CA GLY A 501 -8.66 -11.87 -15.59
C GLY A 501 -8.60 -10.38 -15.30
N PHE A 502 -7.37 -9.85 -15.29
CA PHE A 502 -7.09 -8.50 -14.83
C PHE A 502 -6.28 -7.71 -15.86
N GLN A 503 -6.46 -6.40 -15.85
CA GLN A 503 -5.86 -5.51 -16.84
C GLN A 503 -5.64 -4.15 -16.15
N ALA A 504 -4.40 -3.65 -16.15
CA ALA A 504 -4.14 -2.35 -15.57
C ALA A 504 -2.89 -1.71 -16.20
N PRO A 505 -2.66 -0.44 -15.90
CA PRO A 505 -1.35 0.13 -16.23
C PRO A 505 -0.26 -0.40 -15.30
N VAL A 506 1.01 -0.41 -15.75
CA VAL A 506 2.09 -0.87 -14.90
C VAL A 506 2.75 0.33 -14.27
N LYS A 507 2.48 0.53 -12.99
CA LYS A 507 2.91 1.75 -12.33
C LYS A 507 3.12 1.48 -10.86
N PRO A 508 4.00 2.25 -10.23
CA PRO A 508 4.32 2.04 -8.81
C PRO A 508 3.12 2.14 -7.88
N GLY A 509 2.18 3.01 -8.21
CA GLY A 509 1.00 3.23 -7.39
C GLY A 509 -0.19 2.34 -7.75
N VAL A 510 -0.03 1.41 -8.70
CA VAL A 510 -1.15 0.55 -9.17
C VAL A 510 -0.90 -0.94 -8.89
N LYS A 511 -1.31 -1.35 -7.71
CA LYS A 511 -0.69 -2.43 -6.95
C LYS A 511 -1.69 -3.59 -6.71
N PHE A 512 -1.31 -4.83 -7.03
CA PHE A 512 -2.21 -5.97 -6.79
C PHE A 512 -1.52 -7.03 -5.91
N HIS A 513 -2.34 -7.60 -5.05
CA HIS A 513 -1.92 -8.63 -4.12
C HIS A 513 -2.81 -9.85 -4.22
N ASP A 514 -2.20 -11.01 -4.46
CA ASP A 514 -2.89 -12.29 -4.40
C ASP A 514 -4.00 -12.40 -5.46
N LEU A 515 -3.56 -12.61 -6.70
CA LEU A 515 -4.43 -12.72 -7.86
C LEU A 515 -4.50 -14.17 -8.33
N LEU A 516 -5.66 -14.59 -8.83
CA LEU A 516 -5.74 -15.87 -9.50
C LEU A 516 -6.77 -15.90 -10.62
N VAL A 517 -6.51 -16.72 -11.64
CA VAL A 517 -7.53 -17.12 -12.61
C VAL A 517 -7.65 -18.64 -12.63
N VAL A 518 -8.84 -19.14 -12.96
CA VAL A 518 -9.00 -20.57 -13.02
C VAL A 518 -10.06 -21.00 -14.02
N SER A 519 -9.71 -22.06 -14.76
CA SER A 519 -10.62 -22.67 -15.71
C SER A 519 -11.32 -23.84 -15.07
N LEU A 520 -12.65 -23.83 -15.11
CA LEU A 520 -13.43 -24.98 -14.66
C LEU A 520 -13.52 -26.09 -15.71
N GLY A 521 -12.88 -27.21 -15.42
CA GLY A 521 -12.98 -28.41 -16.23
C GLY A 521 -12.48 -28.23 -17.68
N GLY A 522 -11.42 -27.43 -17.85
CA GLY A 522 -10.83 -27.15 -19.16
C GLY A 522 -11.75 -26.48 -20.17
N LYS A 523 -12.83 -25.86 -19.69
CA LYS A 523 -13.75 -25.17 -20.58
C LYS A 523 -13.26 -23.75 -20.86
N GLY A 524 -12.56 -23.60 -21.98
CA GLY A 524 -11.80 -22.41 -22.27
C GLY A 524 -10.56 -22.35 -21.38
N GLN A 525 -9.69 -21.41 -21.69
CA GLN A 525 -8.49 -21.21 -20.87
C GLN A 525 -8.13 -19.73 -20.80
N TYR A 526 -7.46 -19.35 -19.71
CA TYR A 526 -6.81 -18.04 -19.58
C TYR A 526 -5.39 -18.07 -20.16
N GLU A 527 -5.04 -17.06 -20.96
CA GLU A 527 -3.66 -16.93 -21.46
C GLU A 527 -2.69 -16.34 -20.41
N HIS A 528 -3.23 -15.52 -19.50
CA HIS A 528 -2.46 -14.90 -18.42
C HIS A 528 -3.39 -14.57 -17.25
N VAL A 529 -2.81 -14.11 -16.15
CA VAL A 529 -3.58 -13.65 -14.98
C VAL A 529 -3.91 -12.17 -15.09
N ILE A 530 -2.87 -11.37 -15.27
CA ILE A 530 -3.00 -9.93 -15.36
C ILE A 530 -2.12 -9.37 -16.50
N ASN A 531 -2.69 -8.58 -17.38
CA ASN A 531 -1.96 -8.13 -18.58
C ASN A 531 -1.41 -9.30 -19.38
N ASP A 532 -0.08 -9.40 -19.50
CA ASP A 532 0.59 -10.58 -20.04
C ASP A 532 1.50 -11.31 -19.01
N ILE A 533 1.12 -11.17 -17.74
CA ILE A 533 1.83 -11.67 -16.56
C ILE A 533 1.10 -12.86 -15.89
N GLY A 534 1.89 -13.80 -15.34
CA GLY A 534 1.34 -15.01 -14.75
C GLY A 534 1.07 -16.09 -15.79
N ASP A 535 1.00 -17.33 -15.35
CA ASP A 535 0.92 -18.46 -16.27
C ASP A 535 -0.45 -18.49 -16.97
N PRO A 536 -0.51 -19.18 -18.12
CA PRO A 536 -1.84 -19.55 -18.60
C PRO A 536 -2.42 -20.67 -17.75
N THR A 537 -3.73 -20.84 -17.76
CA THR A 537 -4.30 -22.06 -17.27
C THR A 537 -4.08 -23.18 -18.30
N SER A 538 -3.90 -24.41 -17.81
CA SER A 538 -3.71 -25.58 -18.68
C SER A 538 -4.43 -26.77 -18.10
N GLY A 539 -4.59 -27.81 -18.91
CA GLY A 539 -5.26 -29.01 -18.46
C GLY A 539 -6.75 -28.84 -18.27
N ASP A 540 -7.40 -29.88 -17.75
CA ASP A 540 -8.81 -29.78 -17.34
C ASP A 540 -8.96 -30.06 -15.83
N THR A 541 -7.88 -29.81 -15.10
CA THR A 541 -7.75 -30.17 -13.69
C THR A 541 -8.14 -29.06 -12.70
N THR A 542 -8.61 -27.94 -13.22
CA THR A 542 -9.12 -26.87 -12.36
C THR A 542 -8.11 -26.52 -11.28
N ILE A 543 -6.89 -26.21 -11.76
CA ILE A 543 -5.77 -25.66 -10.99
C ILE A 543 -5.61 -24.18 -11.26
N PRO A 544 -5.77 -23.32 -10.24
CA PRO A 544 -5.61 -21.86 -10.40
C PRO A 544 -4.20 -21.45 -10.77
N SER A 545 -4.06 -20.54 -11.73
CA SER A 545 -2.80 -19.90 -12.00
C SER A 545 -2.79 -18.64 -11.14
N GLN A 546 -1.71 -18.44 -10.39
CA GLN A 546 -1.69 -17.38 -9.38
C GLN A 546 -0.56 -16.39 -9.60
N VAL A 547 -0.79 -15.21 -9.08
CA VAL A 547 0.25 -14.22 -8.90
C VAL A 547 0.18 -13.62 -7.50
N VAL A 548 1.33 -13.51 -6.84
CA VAL A 548 1.38 -12.98 -5.47
C VAL A 548 1.38 -11.47 -5.50
N SER A 549 2.34 -10.93 -6.26
CA SER A 549 2.61 -9.49 -6.32
C SER A 549 2.38 -9.04 -7.75
N PHE A 550 1.89 -7.81 -7.93
CA PHE A 550 1.97 -7.13 -9.20
C PHE A 550 2.04 -5.64 -8.86
N PRO A 551 2.77 -4.88 -9.69
CA PRO A 551 3.71 -5.26 -10.75
C PRO A 551 4.97 -5.96 -10.23
N ALA B 1 -2.63 36.84 0.75
CA ALA B 1 -3.97 36.30 0.52
C ALA B 1 -4.41 35.19 1.50
N GLN B 2 -3.48 34.35 1.92
CA GLN B 2 -3.86 33.03 2.43
C GLN B 2 -2.87 32.27 3.39
N GLU B 3 -2.88 32.51 4.72
CA GLU B 3 -1.81 31.92 5.59
C GLU B 3 -1.80 30.39 5.72
N VAL B 4 -0.63 29.82 5.46
CA VAL B 4 -0.44 28.37 5.58
C VAL B 4 -0.30 28.04 7.05
N VAL B 5 -0.94 26.96 7.51
CA VAL B 5 -0.92 26.64 8.94
C VAL B 5 0.18 25.64 9.29
N GLY B 6 0.76 25.83 10.47
CA GLY B 6 1.72 24.89 10.98
C GLY B 6 1.17 23.86 11.95
N GLY B 7 1.97 22.84 12.19
CA GLY B 7 1.70 21.85 13.22
C GLY B 7 0.61 20.86 12.84
N GLY B 8 -0.10 20.33 13.83
CA GLY B 8 -1.14 19.32 13.59
C GLY B 8 -0.64 17.88 13.62
N ASP B 9 -1.47 16.97 13.11
CA ASP B 9 -1.30 15.54 13.27
C ASP B 9 -0.37 15.04 12.18
N LEU B 10 0.44 14.03 12.50
CA LEU B 10 1.41 13.53 11.53
C LEU B 10 0.77 12.77 10.35
N GLY B 11 -0.44 12.25 10.52
CA GLY B 11 -1.12 11.57 9.44
C GLY B 11 -0.97 10.07 9.54
N PRO B 12 -1.53 9.36 8.55
CA PRO B 12 -1.72 7.93 8.76
C PRO B 12 -0.59 7.09 8.18
N ASN B 13 0.56 7.69 7.93
CA ASN B 13 1.73 6.85 7.71
C ASN B 13 2.88 7.02 8.65
N VAL B 14 2.63 7.79 9.69
CA VAL B 14 3.50 7.82 10.85
C VAL B 14 2.81 7.04 11.95
N LEU B 15 3.34 5.86 12.25
CA LEU B 15 2.82 5.01 13.30
C LEU B 15 3.62 5.32 14.56
N VAL B 16 2.89 5.71 15.60
CA VAL B 16 3.49 6.19 16.84
C VAL B 16 3.19 5.17 17.94
N PHE B 17 4.26 4.67 18.53
CA PHE B 17 4.21 3.58 19.52
C PHE B 17 4.63 4.08 20.91
N ASP B 18 3.98 3.53 21.94
CA ASP B 18 4.45 3.64 23.33
C ASP B 18 4.65 2.21 23.91
N PRO B 19 5.50 2.06 24.95
CA PRO B 19 5.60 0.74 25.59
C PRO B 19 4.26 0.08 25.97
N SER B 20 3.20 0.88 26.16
CA SER B 20 1.85 0.43 26.49
C SER B 20 1.02 0.02 25.27
N THR B 21 1.41 0.53 24.10
CA THR B 21 0.74 0.16 22.88
C THR B 21 0.51 -1.31 22.85
N PRO B 22 -0.76 -1.70 22.89
CA PRO B 22 -0.96 -3.13 22.68
C PRO B 22 -0.31 -3.58 21.37
N ASP B 23 0.51 -4.63 21.49
CA ASP B 23 1.09 -5.43 20.40
C ASP B 23 1.57 -4.59 19.21
N ILE B 24 2.69 -3.96 19.52
CA ILE B 24 3.60 -3.29 18.58
C ILE B 24 4.20 -4.28 17.60
N GLN B 25 4.59 -5.45 18.09
CA GLN B 25 5.30 -6.43 17.22
C GLN B 25 4.46 -6.93 16.04
N GLY B 26 3.14 -7.03 16.23
CA GLY B 26 2.29 -7.35 15.10
C GLY B 26 2.08 -6.17 14.17
N LYS B 27 2.12 -4.96 14.73
CA LYS B 27 1.91 -3.77 13.94
C LYS B 27 3.11 -3.53 13.04
N VAL B 28 4.32 -3.80 13.56
CA VAL B 28 5.53 -3.72 12.71
C VAL B 28 5.69 -4.91 11.73
N ASP B 29 5.05 -6.05 12.02
CA ASP B 29 5.27 -7.21 11.17
C ASP B 29 4.32 -7.13 9.98
N GLU B 30 3.25 -6.35 10.13
CA GLU B 30 2.42 -6.10 8.94
C GLU B 30 2.97 -4.98 8.07
N VAL B 31 3.69 -4.02 8.63
CA VAL B 31 4.43 -3.09 7.78
C VAL B 31 5.52 -3.85 7.03
N PHE B 32 6.30 -4.66 7.72
CA PHE B 32 7.34 -5.45 7.04
C PHE B 32 6.73 -6.36 6.00
N ARG B 33 5.57 -6.90 6.31
CA ARG B 33 5.00 -7.82 5.35
C ARG B 33 4.70 -7.06 4.03
N LYS B 34 4.03 -5.90 4.12
CA LYS B 34 3.84 -4.99 2.97
C LYS B 34 5.16 -4.52 2.29
N GLN B 35 6.15 -4.10 3.10
CA GLN B 35 7.37 -3.47 2.53
C GLN B 35 8.58 -4.36 2.18
N GLU B 36 8.63 -5.57 2.71
CA GLU B 36 9.79 -6.46 2.53
C GLU B 36 10.34 -6.54 1.10
N SER B 37 9.43 -6.79 0.17
CA SER B 37 9.74 -6.93 -1.27
C SER B 37 9.24 -5.77 -2.08
N ASN B 38 8.94 -4.65 -1.45
CA ASN B 38 8.25 -3.58 -2.15
C ASN B 38 9.27 -2.54 -2.64
N GLN B 39 10.12 -2.96 -3.57
CA GLN B 39 11.29 -2.15 -3.91
C GLN B 39 10.97 -0.86 -4.65
N PHE B 40 9.93 -0.89 -5.47
CA PHE B 40 9.57 0.26 -6.28
C PHE B 40 8.15 0.81 -6.05
N GLY B 41 7.42 0.29 -5.07
CA GLY B 41 6.08 0.79 -4.80
C GLY B 41 6.03 2.16 -4.14
N THR B 42 4.82 2.69 -4.01
CA THR B 42 4.59 4.04 -3.51
C THR B 42 4.42 4.08 -2.02
N ASP B 43 4.42 2.92 -1.38
CA ASP B 43 4.17 2.84 0.05
C ASP B 43 5.35 3.43 0.83
N ARG B 44 5.05 4.15 1.91
CA ARG B 44 6.04 4.87 2.71
C ARG B 44 5.61 4.83 4.19
N TYR B 45 6.52 4.52 5.11
CA TYR B 45 6.16 4.40 6.54
C TYR B 45 7.24 4.90 7.49
N ALA B 46 6.80 5.63 8.53
CA ALA B 46 7.69 6.04 9.62
C ALA B 46 7.18 5.42 10.89
N LEU B 47 8.07 4.75 11.62
CA LEU B 47 7.73 3.98 12.81
C LEU B 47 8.44 4.67 13.96
N MET B 48 7.66 5.33 14.83
CA MET B 48 8.17 6.32 15.77
C MET B 48 7.90 5.77 17.18
N PHE B 49 8.92 5.76 18.02
CA PHE B 49 8.85 5.12 19.35
C PHE B 49 9.05 6.10 20.47
N LYS B 50 8.01 6.27 21.30
CA LYS B 50 8.11 7.20 22.42
C LYS B 50 9.15 6.70 23.43
N PRO B 51 9.82 7.62 24.14
CA PRO B 51 10.80 7.15 25.15
C PRO B 51 10.23 6.17 26.17
N GLY B 52 11.06 5.21 26.55
CA GLY B 52 10.69 4.10 27.42
C GLY B 52 11.50 2.88 27.05
N THR B 53 11.04 1.71 27.51
CA THR B 53 11.70 0.43 27.30
C THR B 53 10.72 -0.53 26.67
N TYR B 54 11.23 -1.26 25.67
CA TYR B 54 10.48 -2.29 24.96
C TYR B 54 11.23 -3.61 25.09
N ASN B 55 10.49 -4.70 25.41
CA ASN B 55 11.02 -6.07 25.40
C ASN B 55 10.38 -6.83 24.20
N ASP B 56 11.00 -7.92 23.73
CA ASP B 56 10.39 -8.90 22.80
C ASP B 56 10.29 -8.44 21.36
N ILE B 57 10.92 -7.34 21.05
CA ILE B 57 10.74 -6.75 19.74
C ILE B 57 11.88 -7.08 18.80
N ASN B 58 11.51 -7.49 17.59
CA ASN B 58 12.40 -7.66 16.47
C ASN B 58 11.72 -6.86 15.35
N ALA B 59 12.05 -5.58 15.27
CA ALA B 59 11.44 -4.71 14.26
C ALA B 59 12.17 -4.93 12.96
N GLN B 60 11.55 -5.74 12.11
CA GLN B 60 12.09 -6.10 10.80
C GLN B 60 11.82 -4.91 9.86
N ILE B 61 12.88 -4.39 9.21
CA ILE B 61 12.79 -3.16 8.42
C ILE B 61 12.90 -3.48 6.93
N GLY B 62 11.83 -3.23 6.20
CA GLY B 62 11.80 -3.43 4.76
C GLY B 62 12.02 -2.14 4.00
N PHE B 63 11.59 -2.10 2.75
CA PHE B 63 11.75 -0.91 1.93
C PHE B 63 10.96 0.27 2.47
N TYR B 64 11.52 1.48 2.27
CA TYR B 64 10.85 2.75 2.53
C TYR B 64 10.26 2.82 3.93
N THR B 65 11.01 2.27 4.87
CA THR B 65 10.61 2.23 6.27
C THR B 65 11.73 2.88 7.07
N SER B 66 11.34 3.87 7.85
CA SER B 66 12.26 4.55 8.74
C SER B 66 11.79 4.28 10.17
N ILE B 67 12.72 3.95 11.05
CA ILE B 67 12.37 3.68 12.45
C ILE B 67 13.20 4.60 13.32
N ALA B 68 12.56 5.14 14.35
CA ALA B 68 13.14 6.22 15.11
C ALA B 68 12.61 6.25 16.54
N GLY B 69 13.49 6.61 17.47
CA GLY B 69 13.11 6.99 18.80
C GLY B 69 12.78 8.49 18.91
N LEU B 70 11.94 8.83 19.89
CA LEU B 70 11.41 10.18 20.10
C LEU B 70 12.04 10.85 21.34
N GLY B 71 13.11 10.27 21.89
CA GLY B 71 13.83 10.87 22.99
C GLY B 71 14.76 11.96 22.48
N LEU B 72 15.29 12.78 23.38
CA LEU B 72 16.34 13.70 23.03
C LEU B 72 17.61 12.92 22.69
N ASN B 73 17.66 11.70 23.23
CA ASN B 73 18.90 10.98 23.43
C ASN B 73 18.65 9.51 23.09
N PRO B 74 19.62 8.83 22.50
CA PRO B 74 19.21 7.52 21.99
C PRO B 74 18.81 6.49 23.08
N ASP B 75 19.42 6.58 24.26
CA ASP B 75 19.11 5.60 25.30
C ASP B 75 17.77 5.91 25.99
N ASP B 76 17.17 7.05 25.63
CA ASP B 76 15.83 7.39 26.09
C ASP B 76 14.81 6.39 25.58
N THR B 77 15.10 5.78 24.43
CA THR B 77 14.22 4.82 23.79
C THR B 77 15.02 3.53 23.56
N THR B 78 14.79 2.56 24.45
CA THR B 78 15.54 1.33 24.50
C THR B 78 14.70 0.13 24.07
N PHE B 79 15.21 -0.59 23.07
CA PHE B 79 14.71 -1.90 22.69
C PHE B 79 15.57 -2.96 23.34
N ASN B 80 14.94 -3.82 24.13
CA ASN B 80 15.54 -5.10 24.45
C ASN B 80 15.01 -6.00 23.34
N GLY B 81 15.89 -6.20 22.37
CA GLY B 81 15.50 -6.64 21.06
C GLY B 81 16.33 -5.94 19.99
N ASP B 82 15.81 -5.97 18.75
CA ASP B 82 16.62 -5.76 17.56
C ASP B 82 15.90 -4.85 16.55
N VAL B 83 16.71 -4.30 15.65
CA VAL B 83 16.24 -3.51 14.52
C VAL B 83 16.96 -4.15 13.36
N THR B 84 16.24 -4.97 12.59
CA THR B 84 16.88 -5.96 11.75
C THR B 84 16.69 -5.68 10.27
N VAL B 85 17.79 -5.72 9.54
CA VAL B 85 17.76 -5.90 8.10
C VAL B 85 18.54 -7.14 7.71
N ASP B 86 17.86 -7.99 6.94
CA ASP B 86 18.48 -9.15 6.30
C ASP B 86 18.03 -9.19 4.81
N ALA B 87 18.54 -10.16 4.04
CA ALA B 87 18.29 -10.21 2.59
C ALA B 87 17.89 -11.54 1.91
N GLY B 88 16.71 -11.49 1.35
CA GLY B 88 16.03 -12.69 0.94
C GLY B 88 15.05 -12.32 -0.15
N TRP B 89 15.32 -11.24 -0.83
CA TRP B 89 14.81 -11.28 -2.15
C TRP B 89 15.82 -12.18 -2.75
N PHE B 90 16.93 -12.53 -2.00
CA PHE B 90 17.95 -13.57 -2.34
C PHE B 90 18.93 -14.24 -1.31
N ASP B 91 18.62 -15.44 -0.81
CA ASP B 91 19.63 -16.38 -0.25
C ASP B 91 20.98 -15.74 0.20
N GLY B 92 20.91 -14.71 1.03
CA GLY B 92 22.10 -14.02 1.45
C GLY B 92 22.59 -13.03 0.42
N ASN B 93 21.70 -12.46 -0.43
CA ASN B 93 22.08 -11.34 -1.34
C ASN B 93 21.52 -9.98 -0.89
N ALA B 94 22.38 -9.07 -0.44
CA ALA B 94 21.92 -7.83 0.15
C ALA B 94 22.11 -6.60 -0.76
N THR B 95 22.69 -6.78 -1.96
CA THR B 95 22.98 -5.65 -2.84
C THR B 95 21.81 -4.77 -3.18
N GLN B 96 20.60 -5.17 -2.84
CA GLN B 96 19.41 -4.34 -3.09
C GLN B 96 18.61 -3.89 -1.88
N ASN B 97 19.22 -3.89 -0.70
CA ASN B 97 18.51 -3.49 0.51
C ASN B 97 18.65 -2.00 0.74
N PHE B 98 17.88 -1.27 -0.06
CA PHE B 98 17.92 0.17 -0.16
C PHE B 98 16.78 0.87 0.61
N TRP B 99 16.96 2.18 0.77
CA TRP B 99 15.89 3.15 1.10
C TRP B 99 15.18 2.84 2.41
N ARG B 100 15.93 2.88 3.50
CA ARG B 100 15.35 2.64 4.81
C ARG B 100 16.25 3.27 5.87
N SER B 101 15.75 3.45 7.08
CA SER B 101 16.50 4.26 8.03
C SER B 101 16.32 3.77 9.46
N ALA B 102 17.37 3.87 10.28
CA ALA B 102 17.23 3.72 11.75
C ALA B 102 17.91 4.89 12.44
N GLU B 103 17.22 5.47 13.43
CA GLU B 103 17.77 6.62 14.15
C GLU B 103 17.32 6.71 15.62
N ASN B 104 18.25 7.13 16.47
CA ASN B 104 17.93 7.63 17.81
C ASN B 104 17.28 6.58 18.72
N LEU B 105 17.89 5.40 18.74
CA LEU B 105 17.44 4.25 19.56
C LEU B 105 18.65 3.61 20.23
N ALA B 106 18.44 3.03 21.42
CA ALA B 106 19.42 2.14 22.02
C ALA B 106 18.91 0.71 21.83
N LEU B 107 19.75 -0.16 21.31
CA LEU B 107 19.42 -1.56 21.11
C LEU B 107 20.21 -2.42 22.07
N ASN B 108 19.56 -3.47 22.56
CA ASN B 108 20.18 -4.53 23.36
C ASN B 108 19.79 -5.85 22.71
N PRO B 109 20.54 -6.27 21.69
CA PRO B 109 19.99 -7.28 20.79
C PRO B 109 20.16 -8.74 21.24
N VAL B 110 19.18 -9.58 20.90
CA VAL B 110 19.10 -10.95 21.42
C VAL B 110 20.33 -11.86 21.48
N ASN B 111 21.21 -11.85 20.52
CA ASN B 111 22.39 -12.72 20.79
C ASN B 111 23.66 -11.91 20.97
N GLY B 112 23.50 -10.72 21.52
CA GLY B 112 24.61 -9.81 21.68
C GLY B 112 24.94 -9.07 20.38
N THR B 113 24.35 -9.49 19.26
CA THR B 113 24.52 -8.78 17.98
C THR B 113 23.18 -8.40 17.33
N ASN B 114 23.21 -7.26 16.63
CA ASN B 114 22.09 -6.78 15.82
C ASN B 114 22.54 -6.87 14.35
N ARG B 115 21.66 -7.29 13.46
CA ARG B 115 22.02 -7.38 12.03
C ARG B 115 21.39 -6.23 11.24
N TRP B 116 22.25 -5.40 10.64
CA TRP B 116 21.84 -4.29 9.74
C TRP B 116 22.48 -4.54 8.36
N ALA B 117 21.96 -5.53 7.65
CA ALA B 117 22.57 -6.04 6.41
C ALA B 117 22.08 -5.26 5.20
N VAL B 118 22.58 -4.03 5.06
CA VAL B 118 22.04 -3.09 4.08
C VAL B 118 22.99 -2.78 2.93
N SER B 119 22.42 -2.21 1.86
CA SER B 119 23.19 -1.58 0.81
C SER B 119 22.98 -0.06 0.85
N GLN B 120 22.87 0.60 -0.30
CA GLN B 120 22.85 2.07 -0.33
C GLN B 120 21.58 2.71 0.21
N ALA B 121 21.71 3.94 0.68
CA ALA B 121 20.57 4.75 1.17
C ALA B 121 19.87 4.08 2.33
N ALA B 122 20.66 3.59 3.28
CA ALA B 122 20.14 2.94 4.48
C ALA B 122 20.84 3.43 5.76
N PRO B 123 20.68 4.72 6.06
CA PRO B 123 21.49 5.31 7.12
C PRO B 123 21.17 4.75 8.49
N PHE B 124 22.19 4.73 9.34
CA PHE B 124 22.13 4.25 10.71
C PHE B 124 22.75 5.38 11.52
N ARG B 125 21.91 6.21 12.14
CA ARG B 125 22.39 7.43 12.80
C ARG B 125 21.99 7.52 14.27
N ARG B 126 22.89 8.06 15.11
CA ARG B 126 22.49 8.40 16.46
C ARG B 126 21.94 7.15 17.17
N MET B 127 22.58 6.02 16.93
CA MET B 127 22.20 4.76 17.54
C MET B 127 23.17 4.40 18.67
N HIS B 128 22.69 3.62 19.62
CA HIS B 128 23.53 3.04 20.66
C HIS B 128 23.28 1.54 20.65
N VAL B 129 24.24 0.77 20.13
CA VAL B 129 24.12 -0.67 20.11
C VAL B 129 24.91 -1.22 21.32
N LYS B 130 24.16 -1.75 22.27
CA LYS B 130 24.74 -2.42 23.44
C LYS B 130 25.10 -3.86 23.09
N GLY B 131 26.07 -3.97 22.19
CA GLY B 131 26.54 -5.24 21.63
C GLY B 131 27.28 -5.00 20.33
N GLY B 132 27.33 -6.04 19.48
CA GLY B 132 27.95 -5.95 18.19
C GLY B 132 26.94 -5.64 17.11
N LEU B 133 27.48 -5.34 15.93
CA LEU B 133 26.66 -5.03 14.75
C LEU B 133 27.20 -5.89 13.63
N ASN B 134 26.31 -6.65 13.01
CA ASN B 134 26.65 -7.60 11.95
C ASN B 134 26.11 -7.05 10.63
N LEU B 135 26.99 -6.50 9.80
CA LEU B 135 26.55 -5.80 8.58
C LEU B 135 26.24 -6.72 7.42
N ALA B 136 26.30 -8.02 7.63
CA ALA B 136 26.19 -8.99 6.55
C ALA B 136 24.87 -9.78 6.55
N PRO B 137 24.27 -9.95 5.38
CA PRO B 137 23.09 -10.81 5.28
C PRO B 137 23.45 -12.27 5.64
N ASP B 138 22.49 -13.11 6.05
CA ASP B 138 22.85 -14.51 6.27
C ASP B 138 22.94 -15.36 4.99
N GLY B 139 23.95 -16.21 5.00
CA GLY B 139 24.66 -16.60 3.80
C GLY B 139 25.74 -15.55 3.53
N TYR B 140 26.01 -14.67 4.50
CA TYR B 140 27.19 -13.78 4.37
C TYR B 140 27.34 -12.99 3.02
N GLY B 141 26.35 -12.90 2.15
CA GLY B 141 26.70 -12.75 0.74
C GLY B 141 26.95 -11.36 0.17
N TRP B 142 26.63 -11.23 -1.12
CA TRP B 142 27.01 -10.04 -1.88
C TRP B 142 26.21 -8.82 -1.37
N ALA B 143 26.93 -7.80 -0.89
CA ALA B 143 26.32 -6.69 -0.13
C ALA B 143 27.14 -5.38 -0.27
N SER B 144 26.45 -4.26 -0.42
CA SER B 144 27.10 -3.00 -0.87
C SER B 144 26.63 -1.71 -0.13
N GLY B 145 26.83 -1.67 1.20
CA GLY B 145 26.60 -0.44 1.98
C GLY B 145 27.70 0.59 1.91
N GLY B 146 27.74 1.54 2.84
CA GLY B 146 26.80 1.71 3.95
C GLY B 146 27.29 2.93 4.72
N TYR B 147 26.53 3.34 5.73
CA TYR B 147 26.69 4.63 6.38
C TYR B 147 26.24 4.53 7.86
N ILE B 148 27.19 4.80 8.75
CA ILE B 148 26.91 4.98 10.17
C ILE B 148 27.44 6.36 10.60
N ALA B 149 26.60 7.12 11.29
CA ALA B 149 27.03 8.41 11.83
C ALA B 149 26.55 8.55 13.26
N ASP B 150 27.38 9.20 14.05
CA ASP B 150 26.98 9.66 15.38
C ASP B 150 26.46 8.53 16.27
N SER B 151 27.13 7.40 16.20
CA SER B 151 26.64 6.20 16.87
C SER B 151 27.67 5.59 17.80
N LYS B 152 27.18 4.84 18.79
CA LYS B 152 28.05 4.10 19.71
C LYS B 152 27.73 2.61 19.61
N ILE B 153 28.74 1.83 19.21
CA ILE B 153 28.60 0.37 19.12
C ILE B 153 29.54 -0.20 20.18
N ASP B 154 28.98 -0.65 21.30
CA ASP B 154 29.83 -1.12 22.42
C ASP B 154 30.71 -2.32 22.03
N GLY B 155 30.21 -3.14 21.12
CA GLY B 155 30.88 -4.36 20.72
C GLY B 155 31.62 -4.15 19.41
N GLU B 156 31.82 -5.24 18.69
CA GLU B 156 32.48 -5.20 17.40
C GLU B 156 31.48 -4.99 16.28
N VAL B 157 31.84 -4.13 15.34
CA VAL B 157 31.17 -4.10 14.05
C VAL B 157 31.79 -5.12 13.11
N GLY B 158 30.97 -5.92 12.45
CA GLY B 158 31.43 -6.92 11.49
C GLY B 158 30.96 -6.57 10.08
N PRO B 159 31.88 -6.15 9.22
CA PRO B 159 31.41 -5.96 7.85
C PRO B 159 31.17 -7.29 7.11
N TYR B 160 31.95 -8.32 7.43
CA TYR B 160 31.95 -9.61 6.71
C TYR B 160 32.10 -9.39 5.21
N SER B 161 31.06 -9.66 4.43
CA SER B 161 31.13 -9.52 2.98
C SER B 161 30.91 -8.11 2.43
N GLN B 162 30.55 -7.12 3.28
CA GLN B 162 30.29 -5.77 2.78
C GLN B 162 31.44 -5.26 1.92
N GLN B 163 31.12 -4.78 0.73
CA GLN B 163 32.16 -4.36 -0.17
C GLN B 163 32.90 -3.11 0.33
N GLN B 164 32.16 -2.14 0.87
CA GLN B 164 32.75 -0.90 1.34
C GLN B 164 31.86 -0.37 2.47
N TRP B 165 32.34 0.68 3.16
CA TRP B 165 31.59 1.25 4.29
C TRP B 165 32.19 2.60 4.71
N TYR B 166 31.32 3.50 5.19
CA TYR B 166 31.76 4.77 5.77
C TYR B 166 31.14 4.96 7.14
N THR B 167 31.99 5.28 8.11
CA THR B 167 31.57 5.59 9.46
C THR B 167 32.16 6.95 9.83
N ARG B 168 31.32 7.84 10.38
CA ARG B 168 31.86 9.07 10.97
C ARG B 168 31.35 9.40 12.38
N ASP B 169 32.22 10.10 13.10
CA ASP B 169 31.88 10.76 14.38
C ASP B 169 31.08 9.81 15.31
N SER B 170 31.72 8.68 15.57
CA SER B 170 31.12 7.56 16.27
C SER B 170 32.14 6.93 17.23
N SER B 171 31.70 5.87 17.89
CA SER B 171 32.58 5.09 18.73
C SER B 171 32.27 3.61 18.54
N VAL B 172 33.32 2.82 18.39
CA VAL B 172 33.17 1.36 18.23
C VAL B 172 34.12 0.64 19.18
N GLY B 173 33.71 -0.55 19.61
CA GLY B 173 34.55 -1.36 20.49
C GLY B 173 35.44 -2.32 19.74
N GLY B 174 35.32 -2.35 18.40
CA GLY B 174 35.99 -3.34 17.55
C GLY B 174 35.56 -3.25 16.08
N TRP B 175 36.41 -3.76 15.17
CA TRP B 175 36.13 -3.73 13.74
C TRP B 175 36.77 -4.94 13.01
N GLY B 176 35.94 -5.90 12.59
CA GLY B 176 36.42 -7.20 12.14
C GLY B 176 37.25 -7.30 10.85
N ASN B 177 36.89 -6.52 9.85
CA ASN B 177 37.57 -6.61 8.55
C ASN B 177 37.25 -5.49 7.61
N GLY B 178 38.12 -5.34 6.61
CA GLY B 178 37.83 -4.56 5.41
C GLY B 178 37.71 -5.50 4.24
N VAL B 179 37.07 -5.04 3.17
CA VAL B 179 36.95 -5.87 1.96
C VAL B 179 37.58 -5.06 0.82
N TRP B 180 36.90 -4.03 0.31
CA TRP B 180 37.51 -3.09 -0.65
C TRP B 180 37.84 -1.66 -0.14
N ASN B 181 36.95 -1.05 0.65
CA ASN B 181 37.16 0.33 1.08
C ASN B 181 36.36 0.61 2.32
N MET B 182 37.00 0.49 3.49
CA MET B 182 36.35 0.87 4.73
C MET B 182 37.00 2.19 5.17
N THR B 183 36.22 3.27 5.15
CA THR B 183 36.69 4.59 5.56
C THR B 183 36.03 5.07 6.89
N PHE B 184 36.85 5.72 7.73
CA PHE B 184 36.45 6.23 9.03
C PHE B 184 36.92 7.67 9.12
N SER B 185 36.07 8.54 9.65
CA SER B 185 36.53 9.87 10.05
C SER B 185 35.90 10.21 11.40
N GLY B 186 36.72 10.59 12.37
CA GLY B 186 36.22 10.91 13.70
C GLY B 186 35.69 9.72 14.50
N VAL B 187 36.22 8.52 14.23
CA VAL B 187 35.73 7.32 14.88
C VAL B 187 36.67 6.80 15.97
N GLU B 188 36.25 6.99 17.20
CA GLU B 188 36.91 6.40 18.35
C GLU B 188 36.84 4.89 18.22
N GLY B 189 38.01 4.24 18.23
CA GLY B 189 38.12 2.82 18.05
C GLY B 189 38.27 2.35 16.60
N ALA B 190 38.42 3.30 15.68
CA ALA B 190 38.66 2.95 14.28
C ALA B 190 39.97 2.18 14.16
N PRO B 191 40.01 1.21 13.23
CA PRO B 191 41.29 0.54 13.02
C PRO B 191 42.29 1.53 12.45
N ALA B 192 43.56 1.31 12.75
CA ALA B 192 44.60 2.17 12.20
C ALA B 192 44.62 2.14 10.67
N GLN B 193 44.94 3.30 10.13
CA GLN B 193 45.17 3.49 8.71
C GLN B 193 46.12 2.41 8.20
N SER B 194 45.72 1.70 7.16
CA SER B 194 46.59 0.66 6.62
C SER B 194 46.43 0.35 5.15
N PHE B 195 45.62 1.15 4.46
CA PHE B 195 45.41 0.98 3.03
C PHE B 195 46.81 0.86 2.42
N PRO B 196 47.01 -0.10 1.52
CA PRO B 196 46.01 -0.90 0.79
C PRO B 196 45.51 -2.20 1.45
N GLU B 197 46.09 -2.61 2.56
CA GLU B 197 45.80 -3.94 3.06
C GLU B 197 45.97 -4.09 4.58
N PRO B 198 44.85 -4.26 5.33
CA PRO B 198 43.44 -4.09 4.90
C PRO B 198 43.15 -2.66 4.41
N PRO B 199 42.00 -2.45 3.73
CA PRO B 199 41.72 -1.18 3.06
C PRO B 199 41.01 -0.21 3.98
N TYR B 200 41.76 0.17 5.02
CA TYR B 200 41.30 1.09 6.05
C TYR B 200 41.89 2.49 5.80
N THR B 201 41.01 3.41 5.44
CA THR B 201 41.30 4.82 5.39
C THR B 201 40.72 5.45 6.65
N THR B 202 41.60 5.97 7.50
CA THR B 202 41.19 6.42 8.82
C THR B 202 41.68 7.82 9.09
N LEU B 203 40.73 8.75 9.26
CA LEU B 203 41.04 10.14 9.57
C LEU B 203 40.65 10.42 11.02
N GLU B 204 41.52 11.07 11.79
CA GLU B 204 41.26 11.22 13.22
C GLU B 204 39.99 12.04 13.48
N THR B 205 39.69 12.99 12.60
CA THR B 205 38.52 13.86 12.76
C THR B 205 37.82 14.11 11.43
N THR B 206 36.62 14.65 11.50
CA THR B 206 35.88 15.09 10.34
C THR B 206 35.98 16.61 10.32
N PRO B 207 36.48 17.21 9.21
CA PRO B 207 36.74 18.66 9.28
C PRO B 207 35.52 19.43 9.78
N VAL B 208 34.36 19.06 9.27
CA VAL B 208 33.14 19.61 9.80
C VAL B 208 31.99 18.65 9.60
N SER B 209 31.09 18.62 10.59
CA SER B 209 29.85 17.86 10.50
C SER B 209 28.78 18.50 11.34
N ARG B 210 27.53 18.21 11.00
CA ARG B 210 26.39 18.74 11.72
C ARG B 210 25.36 17.63 11.66
N GLU B 211 24.94 17.14 12.81
CA GLU B 211 24.06 15.97 12.85
C GLU B 211 22.66 16.30 12.35
N LYS B 212 22.06 15.31 11.72
CA LYS B 212 20.79 15.52 11.02
C LYS B 212 19.72 15.88 12.05
N PRO B 213 18.86 16.86 11.76
CA PRO B 213 17.71 17.17 12.61
C PRO B 213 16.75 15.99 12.75
N PHE B 214 16.04 15.89 13.88
CA PHE B 214 15.11 14.80 14.09
C PHE B 214 13.96 15.21 15.01
N LEU B 215 12.85 14.50 14.87
CA LEU B 215 11.65 14.69 15.64
C LEU B 215 11.79 13.98 17.00
N TYR B 216 11.58 14.72 18.10
CA TYR B 216 11.47 14.15 19.45
C TYR B 216 10.18 14.64 20.12
N LEU B 217 10.01 14.26 21.39
CA LEU B 217 8.88 14.71 22.19
C LEU B 217 9.48 15.35 23.44
N ASP B 218 9.28 16.68 23.56
CA ASP B 218 9.30 17.38 24.83
C ASP B 218 8.07 16.93 25.56
N GLY B 219 8.27 16.29 26.70
CA GLY B 219 7.20 15.65 27.40
C GLY B 219 6.11 15.21 26.44
N ASP B 220 5.14 16.09 26.31
CA ASP B 220 3.93 15.81 25.56
C ASP B 220 3.93 16.39 24.16
N ASP B 221 4.94 17.18 23.86
CA ASP B 221 4.93 18.11 22.74
C ASP B 221 5.91 17.64 21.65
N TYR B 222 5.53 17.69 20.37
CA TYR B 222 6.49 17.28 19.33
C TYR B 222 7.35 18.48 18.91
N LYS B 223 8.68 18.32 18.98
CA LYS B 223 9.65 19.33 18.55
C LYS B 223 10.74 18.70 17.64
N VAL B 224 11.41 19.53 16.86
CA VAL B 224 12.46 19.03 15.98
C VAL B 224 13.77 19.53 16.57
N PHE B 225 14.68 18.60 16.86
CA PHE B 225 15.99 18.99 17.38
C PHE B 225 16.87 19.26 16.20
N VAL B 226 17.60 20.38 16.29
CA VAL B 226 18.51 20.80 15.25
C VAL B 226 19.89 20.97 15.86
N PRO B 227 20.73 19.95 15.68
CA PRO B 227 22.10 20.08 16.20
C PRO B 227 22.91 21.20 15.52
N ALA B 228 23.76 21.88 16.30
CA ALA B 228 24.73 22.81 15.71
C ALA B 228 26.01 22.06 15.33
N LYS B 229 26.73 22.58 14.35
CA LYS B 229 27.95 21.93 13.86
C LYS B 229 29.12 21.85 14.87
N ARG B 230 29.94 20.82 14.68
CA ARG B 230 31.25 20.73 15.31
C ARG B 230 32.27 20.81 14.18
N THR B 231 33.41 21.45 14.46
CA THR B 231 34.64 21.34 13.66
C THR B 231 35.49 20.19 14.20
N ASN B 232 36.13 19.43 13.33
CA ASN B 232 37.09 18.41 13.76
C ASN B 232 36.38 17.49 14.75
N ALA B 233 35.25 16.97 14.29
CA ALA B 233 34.45 16.06 15.05
C ALA B 233 35.17 14.77 15.34
N ARG B 234 34.90 14.21 16.51
CA ARG B 234 35.35 12.89 16.86
C ARG B 234 34.48 12.35 17.99
N GLY B 235 33.99 11.12 17.83
CA GLY B 235 33.10 10.54 18.79
C GLY B 235 31.68 11.05 18.56
N THR B 236 30.79 10.65 19.46
CA THR B 236 29.39 11.04 19.32
C THR B 236 29.15 12.50 19.75
N SER B 237 28.10 13.09 19.19
CA SER B 237 27.59 14.42 19.56
C SER B 237 26.83 14.34 20.85
N TRP B 238 26.23 13.17 21.07
CA TRP B 238 25.48 12.90 22.27
C TRP B 238 26.47 12.26 23.26
N GLY B 239 27.76 12.54 23.09
CA GLY B 239 28.75 12.90 24.14
C GLY B 239 28.40 12.92 25.64
N ASN B 240 28.94 13.91 26.36
CA ASN B 240 29.13 13.88 27.82
C ASN B 240 28.46 15.01 28.67
N GLY B 241 28.02 16.05 27.97
CA GLY B 241 27.01 16.95 28.44
C GLY B 241 25.88 16.97 27.46
N THR B 242 25.28 18.14 27.34
CA THR B 242 24.13 18.24 26.53
C THR B 242 24.54 18.24 25.08
N PRO B 243 23.60 17.85 24.26
CA PRO B 243 23.63 18.29 22.88
C PRO B 243 23.34 19.81 22.77
N GLU B 244 24.30 20.63 22.34
CA GLU B 244 23.94 21.98 21.85
C GLU B 244 23.25 21.88 20.50
N GLY B 245 22.49 22.92 20.15
CA GLY B 245 21.54 22.90 19.04
C GLY B 245 20.31 23.69 19.47
N GLU B 246 19.36 23.88 18.56
CA GLU B 246 18.12 24.56 18.91
C GLU B 246 16.96 23.60 18.91
N SER B 247 15.76 24.10 19.09
CA SER B 247 14.65 23.20 19.30
C SER B 247 13.36 23.83 18.86
N LEU B 248 12.93 23.42 17.67
CA LEU B 248 11.82 24.04 17.01
C LEU B 248 10.48 23.39 17.44
N PRO B 249 9.44 24.21 17.67
CA PRO B 249 8.14 23.57 17.88
C PRO B 249 7.59 23.06 16.55
N LEU B 250 6.83 21.98 16.55
CA LEU B 250 6.24 21.45 15.32
C LEU B 250 5.31 22.44 14.59
N ASP B 251 4.88 23.49 15.29
CA ASP B 251 3.80 24.32 14.72
C ASP B 251 4.34 25.45 13.88
N GLN B 252 5.65 25.58 13.79
CA GLN B 252 6.14 26.36 12.64
C GLN B 252 6.96 25.46 11.74
N PHE B 253 6.50 24.20 11.67
CA PHE B 253 6.61 23.40 10.46
C PHE B 253 5.25 23.34 9.78
N TYR B 254 5.24 23.50 8.46
CA TYR B 254 4.13 23.02 7.64
C TYR B 254 4.32 21.50 7.57
N VAL B 255 3.34 20.74 8.08
CA VAL B 255 3.38 19.29 8.08
C VAL B 255 2.71 18.83 6.77
N VAL B 256 3.52 18.59 5.76
CA VAL B 256 3.05 18.39 4.39
C VAL B 256 2.52 16.97 4.21
N LYS B 257 1.36 16.85 3.57
CA LYS B 257 0.82 15.57 3.13
C LYS B 257 0.44 15.61 1.65
N PRO B 258 0.19 14.41 1.03
CA PRO B 258 -0.61 14.16 -0.19
C PRO B 258 -1.47 15.27 -0.74
N GLY B 259 -1.41 15.46 -2.06
CA GLY B 259 -2.42 16.25 -2.75
C GLY B 259 -2.30 17.71 -2.35
N ALA B 260 -1.19 18.31 -2.76
CA ALA B 260 -0.60 19.48 -2.08
C ALA B 260 0.40 20.11 -3.02
N THR B 261 0.08 21.29 -3.50
CA THR B 261 0.88 21.84 -4.57
C THR B 261 2.21 22.39 -4.09
N ALA B 262 3.19 22.40 -4.99
CA ALA B 262 4.42 23.11 -4.72
C ALA B 262 4.13 24.52 -4.24
N GLU B 263 2.96 25.05 -4.58
CA GLU B 263 2.69 26.48 -4.25
C GLU B 263 2.22 26.59 -2.81
N THR B 264 1.52 25.59 -2.30
CA THR B 264 1.26 25.58 -0.87
C THR B 264 2.60 25.53 -0.13
N ILE B 265 3.49 24.67 -0.60
CA ILE B 265 4.80 24.49 0.04
C ILE B 265 5.70 25.74 0.00
N ASN B 266 5.77 26.40 -1.16
CA ASN B 266 6.60 27.61 -1.29
C ASN B 266 6.10 28.74 -0.41
N ALA B 267 4.79 28.93 -0.41
CA ALA B 267 4.18 29.95 0.44
C ALA B 267 4.56 29.72 1.89
N ALA B 268 4.47 28.48 2.34
CA ALA B 268 4.82 28.16 3.73
C ALA B 268 6.22 28.63 4.09
N VAL B 269 7.17 28.31 3.21
CA VAL B 269 8.55 28.70 3.40
C VAL B 269 8.74 30.24 3.41
N ASP B 270 8.26 30.88 2.36
CA ASP B 270 8.41 32.31 2.20
C ASP B 270 7.72 33.05 3.36
N GLN B 271 6.79 32.36 4.01
CA GLN B 271 5.98 32.93 5.06
C GLN B 271 6.69 32.80 6.41
N GLY B 272 7.54 31.77 6.56
CA GLY B 272 8.35 31.56 7.77
C GLY B 272 8.37 30.17 8.35
N LEU B 273 7.58 29.26 7.77
CA LEU B 273 7.49 27.91 8.30
C LEU B 273 8.59 27.00 7.76
N HIS B 274 9.01 26.07 8.59
CA HIS B 274 9.88 24.99 8.16
C HIS B 274 8.99 23.94 7.46
N LEU B 275 9.61 22.87 6.94
CA LEU B 275 8.90 21.81 6.23
C LEU B 275 9.15 20.43 6.86
N LEU B 276 8.04 19.73 7.12
CA LEU B 276 8.08 18.35 7.55
C LEU B 276 7.29 17.54 6.54
N PHE B 277 7.98 16.73 5.74
CA PHE B 277 7.30 15.91 4.76
C PHE B 277 6.95 14.59 5.41
N THR B 278 5.66 14.36 5.64
CA THR B 278 5.21 13.09 6.15
C THR B 278 5.44 12.01 5.07
N PRO B 279 5.51 10.74 5.48
CA PRO B 279 5.82 9.71 4.48
C PRO B 279 4.77 9.66 3.40
N GLY B 280 5.23 9.64 2.15
CA GLY B 280 4.36 9.72 0.99
C GLY B 280 5.15 10.13 -0.24
N VAL B 281 4.41 10.30 -1.33
CA VAL B 281 4.98 10.60 -2.63
C VAL B 281 4.27 11.83 -3.13
N TYR B 282 5.04 12.91 -3.32
CA TYR B 282 4.50 14.21 -3.68
C TYR B 282 4.95 14.58 -5.11
N HIS B 283 4.01 14.71 -6.01
CA HIS B 283 4.29 15.29 -7.34
C HIS B 283 4.25 16.79 -7.26
N VAL B 284 5.26 17.45 -7.83
CA VAL B 284 5.26 18.92 -7.95
C VAL B 284 5.30 19.39 -9.44
N ASP B 285 4.62 20.51 -9.72
CA ASP B 285 4.63 21.15 -11.05
C ASP B 285 5.38 22.47 -11.07
N GLN B 286 6.02 22.75 -9.95
CA GLN B 286 7.04 23.79 -9.78
C GLN B 286 8.14 23.20 -8.98
N PRO B 287 9.35 23.79 -9.04
CA PRO B 287 10.28 23.42 -7.98
C PRO B 287 9.79 23.91 -6.63
N ILE B 288 10.11 23.14 -5.62
CA ILE B 288 10.08 23.59 -4.26
C ILE B 288 11.24 24.56 -4.14
N GLU B 289 10.94 25.76 -3.66
CA GLU B 289 11.94 26.81 -3.51
C GLU B 289 12.11 27.15 -2.03
N ILE B 290 13.35 27.05 -1.58
CA ILE B 290 13.69 27.33 -0.20
C ILE B 290 14.68 28.47 -0.18
N ASP B 291 14.16 29.67 0.08
CA ASP B 291 14.92 30.90 -0.05
C ASP B 291 14.88 31.75 1.24
N ARG B 292 14.72 31.10 2.39
CA ARG B 292 14.91 31.73 3.72
C ARG B 292 16.00 31.00 4.49
N ALA B 293 16.88 31.78 5.10
CA ALA B 293 17.96 31.24 5.87
C ALA B 293 17.43 30.34 7.01
N ASN B 294 18.16 29.25 7.26
CA ASN B 294 17.88 28.38 8.41
C ASN B 294 16.64 27.48 8.28
N THR B 295 16.05 27.42 7.11
CA THR B 295 14.90 26.52 6.86
C THR B 295 15.30 25.07 7.02
N VAL B 296 14.55 24.34 7.84
CA VAL B 296 14.65 22.90 7.92
C VAL B 296 13.60 22.29 6.99
N ALA B 297 14.05 21.39 6.10
CA ALA B 297 13.17 20.58 5.25
C ALA B 297 13.47 19.13 5.55
N LEU B 298 12.62 18.53 6.37
CA LEU B 298 12.90 17.23 6.95
C LEU B 298 11.86 16.23 6.50
N GLY B 299 12.30 15.14 5.88
CA GLY B 299 11.39 14.06 5.49
C GLY B 299 11.45 12.90 6.45
N LEU B 300 10.32 12.22 6.59
CA LEU B 300 10.18 11.03 7.38
C LEU B 300 9.76 9.90 6.46
N GLY B 301 10.16 8.68 6.81
CA GLY B 301 9.73 7.51 6.06
C GLY B 301 10.01 7.53 4.55
N LEU B 302 11.13 8.12 4.17
CA LEU B 302 11.55 8.12 2.76
C LEU B 302 10.53 8.86 1.87
N ALA B 303 9.99 9.94 2.45
CA ALA B 303 9.18 10.88 1.71
C ALA B 303 9.89 11.23 0.40
N THR B 304 9.10 11.22 -0.66
CA THR B 304 9.60 11.30 -2.03
C THR B 304 8.99 12.43 -2.81
N ILE B 305 9.84 13.16 -3.54
CA ILE B 305 9.39 14.24 -4.42
C ILE B 305 9.63 13.83 -5.86
N ILE B 306 8.57 13.90 -6.67
CA ILE B 306 8.68 13.65 -8.10
C ILE B 306 8.34 14.94 -8.87
N PRO B 307 9.31 15.49 -9.63
CA PRO B 307 9.03 16.67 -10.48
C PRO B 307 8.36 16.25 -11.77
N ASP B 308 7.19 16.81 -12.01
CA ASP B 308 6.46 16.59 -13.24
C ASP B 308 6.91 17.65 -14.26
N ASN B 309 6.60 17.41 -15.51
CA ASN B 309 6.75 18.40 -16.59
C ASN B 309 8.18 18.93 -16.73
N GLY B 310 9.14 18.03 -16.53
CA GLY B 310 10.55 18.35 -16.62
C GLY B 310 11.12 19.44 -15.72
N VAL B 311 10.45 19.81 -14.63
CA VAL B 311 11.01 20.87 -13.77
C VAL B 311 12.02 20.33 -12.74
N THR B 312 12.74 21.25 -12.11
CA THR B 312 13.63 20.88 -11.00
C THR B 312 12.74 20.62 -9.80
N ALA B 313 13.14 19.66 -8.95
CA ALA B 313 12.32 19.32 -7.78
C ALA B 313 12.56 20.31 -6.63
N LEU B 314 13.82 20.70 -6.46
CA LEU B 314 14.23 21.44 -5.27
C LEU B 314 15.32 22.43 -5.60
N LYS B 315 15.06 23.71 -5.29
CA LYS B 315 16.02 24.79 -5.51
C LYS B 315 16.23 25.59 -4.23
N VAL B 316 17.40 25.45 -3.62
CA VAL B 316 17.72 26.21 -2.42
C VAL B 316 18.43 27.52 -2.85
N GLY B 317 18.00 28.63 -2.30
CA GLY B 317 18.64 29.90 -2.57
C GLY B 317 20.01 30.05 -1.91
N ASP B 318 20.51 31.27 -2.00
CA ASP B 318 21.90 31.59 -1.63
C ASP B 318 22.00 32.03 -0.17
N VAL B 319 21.39 31.21 0.67
CA VAL B 319 21.23 31.50 2.09
C VAL B 319 21.97 30.54 2.99
N ASP B 320 22.30 31.05 4.17
CA ASP B 320 22.89 30.30 5.27
C ASP B 320 21.91 29.25 5.82
N GLY B 321 22.41 28.08 6.18
CA GLY B 321 21.79 27.33 7.26
C GLY B 321 20.63 26.44 6.89
N VAL B 322 20.38 26.26 5.61
CA VAL B 322 19.29 25.39 5.22
C VAL B 322 19.72 23.93 5.49
N LYS B 323 18.78 23.14 6.02
CA LYS B 323 19.05 21.75 6.40
C LYS B 323 18.02 20.87 5.68
N VAL B 324 18.45 20.26 4.59
CA VAL B 324 17.58 19.38 3.81
C VAL B 324 17.95 17.97 4.25
N ALA B 325 16.95 17.17 4.62
CA ALA B 325 17.27 15.87 5.17
C ALA B 325 16.19 14.82 4.95
N GLY B 326 16.60 13.64 4.52
CA GLY B 326 15.68 12.51 4.49
C GLY B 326 14.60 12.53 3.42
N LEU B 327 15.04 12.84 2.21
CA LEU B 327 14.15 12.91 1.06
C LEU B 327 14.74 12.13 -0.09
N LEU B 328 13.86 11.45 -0.81
CA LEU B 328 14.18 10.82 -2.09
C LEU B 328 13.59 11.69 -3.17
N VAL B 329 14.38 12.03 -4.18
CA VAL B 329 13.90 12.75 -5.35
C VAL B 329 13.93 11.75 -6.51
N ASP B 330 12.76 11.48 -7.09
CA ASP B 330 12.60 10.42 -8.08
C ASP B 330 12.24 11.08 -9.41
N ALA B 331 13.11 10.94 -10.41
CA ALA B 331 12.88 11.62 -11.69
C ALA B 331 11.55 11.19 -12.32
N GLY B 332 10.87 12.14 -12.97
CA GLY B 332 9.75 11.82 -13.82
C GLY B 332 10.19 11.41 -15.24
N PRO B 333 9.26 10.88 -16.04
CA PRO B 333 9.61 10.43 -17.40
C PRO B 333 9.92 11.60 -18.34
N VAL B 334 9.42 12.80 -18.04
CA VAL B 334 9.85 13.99 -18.78
C VAL B 334 11.20 14.46 -18.21
N ASN B 335 12.20 14.60 -19.08
CA ASN B 335 13.53 14.96 -18.63
C ASN B 335 13.56 16.26 -17.86
N SER B 336 14.20 16.22 -16.70
CA SER B 336 14.52 17.41 -15.96
C SER B 336 15.98 17.77 -16.17
N GLU B 337 16.20 19.02 -16.57
CA GLU B 337 17.54 19.54 -16.75
C GLU B 337 18.36 19.46 -15.43
N THR B 338 17.70 19.70 -14.30
CA THR B 338 18.26 19.45 -12.98
C THR B 338 17.18 18.91 -12.04
N LEU B 339 17.59 18.12 -11.06
CA LEU B 339 16.68 17.65 -10.00
C LEU B 339 16.80 18.45 -8.68
N VAL B 340 18.01 18.77 -8.27
CA VAL B 340 18.30 19.51 -7.06
C VAL B 340 19.39 20.52 -7.32
N GLU B 341 19.10 21.80 -7.07
CA GLU B 341 20.07 22.87 -7.24
C GLU B 341 20.24 23.58 -5.90
N VAL B 342 21.45 23.48 -5.31
CA VAL B 342 21.79 24.17 -4.08
C VAL B 342 22.57 25.46 -4.36
N GLY B 343 21.88 26.57 -4.21
CA GLY B 343 22.39 27.89 -4.54
C GLY B 343 22.19 28.21 -6.00
N SER B 344 22.51 29.45 -6.34
CA SER B 344 22.32 29.97 -7.70
C SER B 344 23.49 29.76 -8.63
N ASP B 345 23.16 29.51 -9.90
CA ASP B 345 24.18 29.48 -10.91
C ASP B 345 25.09 30.67 -10.61
N GLY B 346 26.30 30.34 -10.20
CA GLY B 346 27.17 31.35 -9.65
C GLY B 346 27.07 31.71 -8.16
N ALA B 347 25.87 31.73 -7.53
CA ALA B 347 25.76 31.82 -6.04
C ALA B 347 27.04 32.28 -5.36
N SER B 348 27.47 33.49 -5.66
CA SER B 348 28.86 33.84 -5.36
C SER B 348 29.51 33.57 -3.99
N GLY B 349 28.90 33.97 -2.85
CA GLY B 349 29.65 34.17 -1.59
C GLY B 349 29.58 33.14 -0.42
N ASP B 350 30.13 33.53 0.75
CA ASP B 350 30.47 32.73 1.99
C ASP B 350 29.30 32.21 2.81
N HIS B 351 29.33 30.91 3.17
CA HIS B 351 28.39 30.39 4.18
C HIS B 351 29.08 29.59 5.27
N ALA B 352 30.30 29.98 5.64
CA ALA B 352 31.16 29.06 6.38
C ALA B 352 30.75 28.89 7.85
N ALA B 353 30.29 29.96 8.49
CA ALA B 353 29.88 29.87 9.88
C ALA B 353 28.64 28.94 10.03
N ASN B 354 27.69 29.06 9.09
CA ASN B 354 26.42 28.34 9.16
C ASN B 354 26.05 27.84 7.77
N PRO B 355 26.63 26.71 7.37
CA PRO B 355 26.38 26.29 5.99
C PRO B 355 25.00 25.72 5.72
N THR B 356 24.73 25.51 4.44
CA THR B 356 23.57 24.70 4.02
C THR B 356 24.04 23.27 3.87
N SER B 357 23.15 22.31 4.13
CA SER B 357 23.52 20.90 4.03
C SER B 357 22.43 20.06 3.40
N LEU B 358 22.88 19.00 2.72
CA LEU B 358 22.02 17.91 2.27
C LEU B 358 22.41 16.65 3.05
N GLN B 359 21.45 16.02 3.72
CA GLN B 359 21.72 14.80 4.49
C GLN B 359 20.68 13.74 4.21
N ASP B 360 21.15 12.53 3.88
CA ASP B 360 20.21 11.49 3.51
C ASP B 360 19.26 12.00 2.42
N VAL B 361 19.86 12.63 1.44
CA VAL B 361 19.19 13.01 0.21
C VAL B 361 19.58 11.96 -0.83
N PHE B 362 18.57 11.37 -1.42
CA PHE B 362 18.77 10.28 -2.37
C PHE B 362 18.07 10.69 -3.66
N VAL B 363 18.66 10.32 -4.79
CA VAL B 363 18.11 10.62 -6.08
C VAL B 363 18.03 9.30 -6.84
N ARG B 364 16.90 9.09 -7.52
CA ARG B 364 16.72 7.90 -8.38
C ARG B 364 16.31 8.35 -9.75
N ILE B 365 16.93 7.78 -10.79
CA ILE B 365 16.48 8.02 -12.17
C ILE B 365 16.14 6.68 -12.84
N GLY B 366 14.86 6.43 -12.99
CA GLY B 366 14.36 5.16 -13.49
C GLY B 366 14.16 4.10 -12.41
N GLY B 367 13.66 2.93 -12.84
CA GLY B 367 13.59 1.77 -11.96
C GLY B 367 12.18 1.49 -11.45
N ALA B 368 11.46 2.55 -11.11
CA ALA B 368 10.05 2.43 -10.74
C ALA B 368 9.22 3.10 -11.84
N GLY B 369 9.66 2.91 -13.09
CA GLY B 369 9.17 3.69 -14.21
C GLY B 369 10.27 4.41 -15.00
N PRO B 370 10.09 4.58 -16.32
CA PRO B 370 10.99 5.48 -17.02
C PRO B 370 11.19 6.85 -16.32
N GLY B 371 12.43 7.27 -16.19
CA GLY B 371 12.75 8.56 -15.61
C GLY B 371 14.01 9.12 -16.24
N LYS B 372 14.12 10.45 -16.33
CA LYS B 372 15.25 11.09 -17.00
C LYS B 372 15.61 12.43 -16.42
N ALA B 373 16.90 12.72 -16.33
CA ALA B 373 17.40 14.00 -15.87
C ALA B 373 18.80 14.23 -16.40
N THR B 374 19.14 15.48 -16.66
CA THR B 374 20.48 15.78 -17.17
C THR B 374 21.59 15.79 -16.09
N THR B 375 21.49 16.69 -15.11
CA THR B 375 22.36 16.72 -13.92
C THR B 375 21.47 16.60 -12.71
N SER B 376 21.70 15.59 -11.89
CA SER B 376 20.81 15.36 -10.78
C SER B 376 20.98 16.40 -9.67
N ILE B 377 22.22 16.62 -9.21
CA ILE B 377 22.45 17.61 -8.13
C ILE B 377 23.54 18.59 -8.51
N VAL B 378 23.18 19.88 -8.54
CA VAL B 378 24.16 20.96 -8.71
C VAL B 378 24.33 21.68 -7.40
N VAL B 379 25.58 21.75 -6.90
CA VAL B 379 25.88 22.47 -5.67
C VAL B 379 26.69 23.71 -5.98
N ASN B 380 25.98 24.83 -6.04
CA ASN B 380 26.56 26.13 -6.26
C ASN B 380 27.08 26.81 -5.00
N SER B 381 26.40 26.61 -3.87
CA SER B 381 26.72 27.38 -2.67
C SER B 381 28.03 26.97 -2.03
N ASN B 382 28.84 27.98 -1.74
CA ASN B 382 30.08 27.73 -1.05
C ASN B 382 29.79 27.18 0.35
N ASP B 383 30.70 26.33 0.80
CA ASP B 383 30.72 25.79 2.16
C ASP B 383 29.63 24.74 2.45
N THR B 384 28.93 24.34 1.40
CA THR B 384 27.89 23.33 1.52
C THR B 384 28.45 22.00 2.03
N ILE B 385 27.67 21.34 2.89
CA ILE B 385 28.00 20.00 3.39
C ILE B 385 27.03 18.98 2.78
N ILE B 386 27.58 17.96 2.14
CA ILE B 386 26.80 16.86 1.59
C ILE B 386 27.18 15.65 2.45
N ASP B 387 26.31 15.31 3.39
CA ASP B 387 26.57 14.27 4.41
C ASP B 387 25.59 13.10 4.22
N HIS B 388 26.03 12.15 3.40
CA HIS B 388 25.31 10.99 2.95
C HIS B 388 24.33 11.28 1.82
N THR B 389 24.76 10.93 0.62
CA THR B 389 23.85 10.97 -0.53
C THR B 389 24.08 9.72 -1.37
N TRP B 390 23.00 9.24 -1.98
CA TRP B 390 23.06 8.21 -3.03
C TRP B 390 22.34 8.78 -4.24
N VAL B 391 23.08 9.00 -5.31
CA VAL B 391 22.57 9.58 -6.55
C VAL B 391 22.70 8.44 -7.57
N TRP B 392 21.55 7.87 -7.94
CA TRP B 392 21.49 6.56 -8.59
C TRP B 392 20.67 6.53 -9.88
N ARG B 393 21.35 6.34 -10.99
CA ARG B 393 20.67 6.03 -12.22
C ARG B 393 20.38 4.53 -12.17
N ALA B 394 19.10 4.15 -12.28
CA ALA B 394 18.75 2.77 -12.04
C ALA B 394 19.43 1.80 -13.01
N ASP B 395 19.92 0.70 -12.47
CA ASP B 395 20.46 -0.41 -13.29
C ASP B 395 19.60 -1.63 -13.24
N HIS B 396 18.43 -1.51 -12.61
CA HIS B 396 17.53 -2.64 -12.46
C HIS B 396 16.13 -2.11 -12.28
N GLY B 397 15.21 -2.72 -13.04
CA GLY B 397 13.79 -2.62 -12.78
C GLY B 397 12.93 -2.09 -13.93
N GLU B 398 11.97 -1.22 -13.59
CA GLU B 398 11.11 -0.58 -14.57
C GLU B 398 11.72 0.61 -15.27
N GLY B 399 11.65 0.57 -16.60
CA GLY B 399 11.95 1.74 -17.41
C GLY B 399 13.44 2.05 -17.48
N VAL B 400 14.24 1.00 -17.56
CA VAL B 400 15.70 1.08 -17.56
C VAL B 400 16.26 0.74 -18.95
N GLY B 401 17.27 1.51 -19.36
CA GLY B 401 17.88 1.35 -20.66
C GLY B 401 18.81 2.53 -20.92
N TRP B 402 19.86 2.28 -21.73
CA TRP B 402 20.91 3.28 -22.02
C TRP B 402 20.32 4.65 -22.36
N GLU B 403 19.25 4.64 -23.14
CA GLU B 403 18.63 5.91 -23.54
C GLU B 403 17.24 6.09 -22.81
N THR B 404 16.56 5.00 -22.46
CA THR B 404 15.25 5.07 -21.76
C THR B 404 15.27 5.70 -20.37
N ASN B 405 16.30 5.42 -19.57
CA ASN B 405 16.53 6.22 -18.36
C ASN B 405 17.89 6.93 -18.39
N ARG B 406 18.21 7.53 -19.54
CA ARG B 406 19.42 8.32 -19.68
C ARG B 406 19.50 9.42 -18.63
N ALA B 407 20.69 9.54 -18.04
CA ALA B 407 21.02 10.59 -17.09
C ALA B 407 22.51 10.82 -17.22
N ASP B 408 22.91 11.92 -17.82
CA ASP B 408 24.33 12.07 -18.18
C ASP B 408 25.21 12.32 -16.95
N TYR B 409 24.73 13.15 -16.01
CA TYR B 409 25.59 13.68 -14.94
C TYR B 409 24.91 13.52 -13.57
N GLY B 410 25.67 13.07 -12.58
CA GLY B 410 25.13 12.78 -11.26
C GLY B 410 25.15 13.99 -10.36
N VAL B 411 26.35 14.39 -9.99
CA VAL B 411 26.56 15.56 -9.15
C VAL B 411 27.60 16.46 -9.75
N HIS B 412 27.31 17.76 -9.76
CA HIS B 412 28.28 18.77 -10.19
C HIS B 412 28.46 19.77 -9.07
N VAL B 413 29.65 19.81 -8.48
CA VAL B 413 29.92 20.82 -7.44
C VAL B 413 30.71 21.96 -8.02
N LYS B 414 30.10 23.14 -7.98
CA LYS B 414 30.78 24.36 -8.42
C LYS B 414 31.15 25.26 -7.28
N GLY B 415 30.46 25.14 -6.16
CA GLY B 415 30.80 25.88 -4.94
C GLY B 415 32.20 25.62 -4.40
N ASP B 416 32.74 26.60 -3.68
CA ASP B 416 34.06 26.48 -3.08
C ASP B 416 33.93 25.95 -1.66
N ASN B 417 34.93 25.21 -1.21
CA ASN B 417 35.00 24.72 0.16
C ASN B 417 33.83 23.81 0.52
N VAL B 418 33.35 23.10 -0.50
CA VAL B 418 32.28 22.11 -0.30
C VAL B 418 32.87 20.80 0.26
N LEU B 419 32.14 20.20 1.18
CA LEU B 419 32.58 18.96 1.82
C LEU B 419 31.56 17.87 1.57
N ALA B 420 32.00 16.73 1.05
CA ALA B 420 31.14 15.56 0.89
C ALA B 420 31.66 14.46 1.81
N THR B 421 30.76 13.94 2.66
CA THR B 421 31.09 12.86 3.58
C THR B 421 30.10 11.75 3.32
N GLY B 422 30.57 10.68 2.70
CA GLY B 422 29.71 9.55 2.35
C GLY B 422 29.00 9.81 1.04
N LEU B 423 29.78 9.88 -0.03
CA LEU B 423 29.28 10.17 -1.38
C LEU B 423 29.13 8.86 -2.18
N PHE B 424 27.91 8.52 -2.56
CA PHE B 424 27.60 7.31 -3.36
C PHE B 424 26.90 7.78 -4.68
N VAL B 425 27.52 7.59 -5.84
CA VAL B 425 26.97 8.06 -7.11
C VAL B 425 27.23 7.03 -8.20
N GLU B 426 26.18 6.55 -8.87
CA GLU B 426 26.31 5.38 -9.73
C GLU B 426 25.53 5.44 -11.06
N HIS B 427 26.20 4.98 -12.13
CA HIS B 427 25.61 4.50 -13.39
C HIS B 427 25.30 5.58 -14.42
N PHE B 428 25.79 6.78 -14.22
CA PHE B 428 25.50 7.87 -15.16
C PHE B 428 26.09 7.63 -16.55
N ASN B 429 25.44 8.13 -17.61
CA ASN B 429 25.94 7.89 -18.97
C ASN B 429 27.27 8.63 -19.20
N LYS B 430 27.47 9.73 -18.47
CA LYS B 430 28.73 10.49 -18.55
C LYS B 430 29.41 10.55 -17.17
N TYR B 431 29.83 11.75 -16.76
CA TYR B 431 30.56 11.92 -15.52
C TYR B 431 29.61 11.78 -14.34
N ASP B 432 29.85 10.79 -13.48
CA ASP B 432 28.99 10.61 -12.31
C ASP B 432 29.16 11.80 -11.38
N VAL B 433 30.42 12.14 -11.09
CA VAL B 433 30.75 13.33 -10.28
C VAL B 433 31.71 14.21 -11.04
N GLN B 434 31.42 15.50 -11.01
CA GLN B 434 32.26 16.55 -11.59
C GLN B 434 32.43 17.66 -10.55
N TRP B 435 33.66 18.15 -10.41
CA TRP B 435 33.99 19.15 -9.41
C TRP B 435 34.77 20.29 -10.04
N SER B 436 34.13 21.45 -10.01
CA SER B 436 34.59 22.73 -10.61
C SER B 436 34.98 23.78 -9.56
N GLY B 437 34.47 23.63 -8.34
CA GLY B 437 34.79 24.53 -7.23
C GLY B 437 36.19 24.32 -6.65
N GLU B 438 36.72 25.37 -6.01
CA GLU B 438 37.99 25.32 -5.31
C GLU B 438 37.86 24.63 -3.95
N ASN B 439 38.95 24.01 -3.55
CA ASN B 439 39.19 23.66 -2.17
C ASN B 439 38.09 22.72 -1.63
N GLY B 440 37.62 21.84 -2.51
CA GLY B 440 36.68 20.79 -2.13
C GLY B 440 37.34 19.59 -1.46
N LYS B 441 36.52 18.88 -0.68
CA LYS B 441 36.94 17.63 -0.04
C LYS B 441 35.87 16.56 -0.09
N THR B 442 36.29 15.33 -0.36
CA THR B 442 35.40 14.17 -0.32
C THR B 442 36.06 13.15 0.59
N ILE B 443 35.30 12.73 1.59
CA ILE B 443 35.67 11.63 2.48
C ILE B 443 34.66 10.52 2.25
N PHE B 444 35.16 9.47 1.62
CA PHE B 444 34.44 8.28 1.13
C PHE B 444 33.66 8.52 -0.16
N TYR B 445 34.04 7.79 -1.21
CA TYR B 445 33.28 7.78 -2.46
C TYR B 445 33.06 6.33 -2.88
N GLN B 446 31.82 6.01 -3.26
CA GLN B 446 31.49 4.74 -3.90
C GLN B 446 30.80 5.04 -5.22
N ASN B 447 31.37 4.47 -6.29
CA ASN B 447 30.78 4.56 -7.64
C ASN B 447 30.73 3.18 -8.32
N ALA B 448 29.72 3.00 -9.15
CA ALA B 448 29.74 1.94 -10.17
C ALA B 448 29.46 2.63 -11.50
N LYS B 449 30.13 2.18 -12.54
CA LYS B 449 29.97 2.77 -13.84
C LYS B 449 28.72 2.16 -14.54
N ALA B 450 28.14 2.90 -15.49
CA ALA B 450 26.98 2.42 -16.26
C ALA B 450 27.21 1.04 -16.84
N TYR B 451 26.38 0.07 -16.42
CA TYR B 451 26.51 -1.32 -16.83
C TYR B 451 26.17 -1.47 -18.33
N ASP B 452 25.42 -0.49 -18.86
CA ASP B 452 24.66 -0.67 -20.09
C ASP B 452 25.13 0.10 -21.36
N ALA B 453 26.34 0.67 -21.34
CA ALA B 453 26.96 1.13 -22.59
C ALA B 453 26.99 -0.02 -23.62
N PRO B 454 26.36 0.17 -24.81
CA PRO B 454 26.34 -0.96 -25.76
C PRO B 454 27.68 -1.15 -26.49
N ASP B 455 28.50 -0.13 -26.49
CA ASP B 455 29.80 -0.19 -27.16
C ASP B 455 30.77 0.89 -26.72
N GLN B 456 32.02 0.71 -27.13
CA GLN B 456 33.07 1.68 -26.84
C GLN B 456 32.69 3.07 -27.37
N ALA B 457 32.08 3.12 -28.55
CA ALA B 457 31.67 4.40 -29.15
C ALA B 457 30.61 5.16 -28.31
N ALA B 458 29.74 4.45 -27.61
CA ALA B 458 28.73 5.12 -26.78
C ALA B 458 29.35 5.96 -25.64
N ILE B 459 30.66 5.78 -25.40
CA ILE B 459 31.33 6.39 -24.25
C ILE B 459 32.67 7.11 -24.59
N GLN B 460 32.89 7.51 -25.85
CA GLN B 460 34.12 8.25 -26.19
C GLN B 460 34.07 9.71 -25.76
N ASN B 461 34.72 10.04 -24.65
CA ASN B 461 34.99 11.44 -24.33
C ASN B 461 36.26 11.97 -25.00
N GLY B 462 36.19 12.30 -26.30
CA GLY B 462 37.35 12.77 -27.05
C GLY B 462 38.47 11.73 -27.17
N ASP B 463 39.63 11.93 -26.53
CA ASP B 463 40.63 10.84 -26.48
C ASP B 463 40.52 9.95 -25.26
N ILE B 464 39.71 10.36 -24.27
CA ILE B 464 39.51 9.55 -23.07
C ILE B 464 38.50 8.50 -23.47
N LYS B 465 38.79 7.22 -23.16
CA LYS B 465 37.80 6.14 -23.28
C LYS B 465 36.91 6.18 -22.05
N GLY B 466 35.60 6.36 -22.26
CA GLY B 466 34.69 6.48 -21.14
C GLY B 466 34.80 7.82 -20.44
N TYR B 467 34.00 7.98 -19.38
CA TYR B 467 33.97 9.21 -18.57
C TYR B 467 34.34 8.87 -17.13
N ALA B 468 35.24 9.63 -16.53
CA ALA B 468 35.58 9.42 -15.13
C ALA B 468 34.33 9.33 -14.26
N ALA B 469 34.42 8.50 -13.24
CA ALA B 469 33.43 8.49 -12.17
C ALA B 469 33.54 9.75 -11.33
N TYR B 470 34.73 10.34 -11.28
CA TYR B 470 34.96 11.50 -10.43
C TYR B 470 36.03 12.33 -11.10
N LYS B 471 35.61 13.53 -11.49
CA LYS B 471 36.34 14.40 -12.35
C LYS B 471 36.46 15.80 -11.78
N VAL B 472 37.69 16.17 -11.48
CA VAL B 472 38.05 17.53 -11.08
C VAL B 472 38.52 18.28 -12.32
N ASP B 473 37.94 19.44 -12.61
CA ASP B 473 38.33 20.15 -13.83
C ASP B 473 39.75 20.63 -13.74
N ASP B 474 40.39 20.71 -14.91
CA ASP B 474 41.80 21.08 -15.01
C ASP B 474 42.14 22.49 -14.47
N SER B 475 41.15 23.36 -14.31
CA SER B 475 41.42 24.71 -13.74
C SER B 475 41.49 24.76 -12.20
N VAL B 476 41.05 23.71 -11.52
CA VAL B 476 40.95 23.75 -10.04
C VAL B 476 42.36 23.80 -9.41
N THR B 477 42.52 24.58 -8.34
CA THR B 477 43.81 24.75 -7.67
C THR B 477 44.00 23.74 -6.53
N THR B 478 42.98 23.61 -5.68
CA THR B 478 43.04 22.80 -4.45
C THR B 478 41.85 21.82 -4.44
N HIS B 479 42.12 20.57 -4.07
CA HIS B 479 41.12 19.53 -3.91
C HIS B 479 41.74 18.42 -3.06
N GLU B 480 40.93 17.73 -2.26
CA GLU B 480 41.44 16.58 -1.51
C GLU B 480 40.34 15.49 -1.39
N GLY B 481 40.70 14.26 -1.73
CA GLY B 481 39.80 13.12 -1.59
C GLY B 481 40.43 11.93 -0.87
N TRP B 482 39.66 11.26 -0.02
CA TRP B 482 40.14 10.11 0.75
C TRP B 482 39.16 8.92 0.61
N GLY B 483 39.68 7.74 0.32
CA GLY B 483 38.89 6.52 0.40
C GLY B 483 37.82 6.41 -0.69
N MET B 484 38.28 6.24 -1.93
CA MET B 484 37.41 6.42 -3.08
C MET B 484 37.53 5.28 -4.09
N GLY B 485 36.37 4.70 -4.49
CA GLY B 485 36.39 3.55 -5.38
C GLY B 485 35.35 3.63 -6.47
N SER B 486 35.71 3.07 -7.61
CA SER B 486 34.81 2.96 -8.76
C SER B 486 34.91 1.57 -9.31
N TYR B 487 33.77 0.91 -9.49
CA TYR B 487 33.78 -0.43 -10.11
C TYR B 487 32.98 -0.46 -11.40
N CYS B 488 33.33 -1.41 -12.28
CA CYS B 488 32.59 -1.57 -13.53
C CYS B 488 31.97 -2.97 -13.61
N TYR B 489 30.87 -3.05 -14.36
CA TYR B 489 30.23 -4.31 -14.76
C TYR B 489 29.53 -4.06 -16.09
N PHE B 490 30.31 -4.03 -17.15
CA PHE B 490 29.80 -3.65 -18.45
C PHE B 490 29.06 -4.85 -19.00
N ASN B 491 27.80 -4.91 -18.60
CA ASN B 491 26.92 -6.07 -18.70
C ASN B 491 26.66 -6.53 -20.14
N VAL B 492 26.46 -5.53 -20.98
CA VAL B 492 26.11 -5.69 -22.38
C VAL B 492 27.32 -6.02 -23.17
N ASN B 493 28.37 -5.21 -22.96
CA ASN B 493 29.55 -5.31 -23.78
C ASN B 493 30.81 -5.32 -22.93
N PRO B 494 31.12 -6.50 -22.40
CA PRO B 494 32.25 -6.67 -21.48
C PRO B 494 33.63 -6.61 -22.14
N ASP B 495 33.67 -6.27 -23.44
CA ASP B 495 34.92 -5.95 -24.12
C ASP B 495 35.28 -4.46 -23.98
N ILE B 496 34.39 -3.68 -23.37
CA ILE B 496 34.64 -2.27 -23.15
C ILE B 496 35.82 -2.03 -22.22
N ARG B 497 36.51 -0.92 -22.48
CA ARG B 497 37.56 -0.39 -21.61
C ARG B 497 37.18 1.00 -21.08
N GLN B 498 37.40 1.18 -19.78
CA GLN B 498 37.24 2.47 -19.08
C GLN B 498 38.65 3.01 -18.77
N GLN B 499 39.07 4.17 -19.27
CA GLN B 499 40.48 4.57 -19.05
C GLN B 499 40.78 4.69 -17.56
N HIS B 500 39.85 5.22 -16.79
CA HIS B 500 40.09 5.44 -15.38
C HIS B 500 38.84 5.67 -14.56
N GLY B 501 38.99 5.58 -13.24
CA GLY B 501 37.94 5.94 -12.32
C GLY B 501 37.89 7.43 -12.04
N PHE B 502 39.07 8.05 -12.09
CA PHE B 502 39.30 9.43 -11.62
C PHE B 502 40.12 10.22 -12.65
N GLN B 503 39.72 11.45 -12.93
CA GLN B 503 40.48 12.38 -13.80
C GLN B 503 40.68 13.67 -13.02
N ALA B 504 41.91 14.19 -13.01
CA ALA B 504 42.21 15.43 -12.26
C ALA B 504 43.47 16.07 -12.83
N PRO B 505 43.54 17.40 -12.81
CA PRO B 505 44.85 17.94 -13.21
C PRO B 505 45.94 17.59 -12.21
N VAL B 506 47.18 17.75 -12.65
CA VAL B 506 48.34 17.29 -11.90
C VAL B 506 48.99 18.53 -11.27
N LYS B 507 48.54 18.89 -10.07
CA LYS B 507 48.83 20.17 -9.43
C LYS B 507 49.11 19.99 -7.96
N PRO B 508 49.96 20.86 -7.37
CA PRO B 508 50.36 20.55 -5.99
C PRO B 508 49.25 20.32 -4.94
N GLY B 509 48.23 21.16 -4.97
CA GLY B 509 47.19 21.12 -3.97
C GLY B 509 45.96 20.31 -4.40
N VAL B 510 46.09 19.51 -5.45
CA VAL B 510 45.02 18.55 -5.85
C VAL B 510 45.56 17.18 -5.50
N LYS B 511 45.00 16.58 -4.44
CA LYS B 511 45.58 15.36 -3.87
C LYS B 511 44.53 14.28 -3.66
N PHE B 512 44.94 13.03 -3.77
CA PHE B 512 44.05 11.89 -3.59
C PHE B 512 44.74 10.87 -2.72
N HIS B 513 44.00 10.35 -1.75
CA HIS B 513 44.46 9.28 -0.86
C HIS B 513 43.57 8.05 -0.96
N ASP B 514 44.19 6.90 -1.23
CA ASP B 514 43.48 5.61 -1.14
C ASP B 514 42.38 5.49 -2.19
N LEU B 515 42.81 5.39 -3.44
CA LEU B 515 41.91 5.19 -4.58
C LEU B 515 41.94 3.75 -5.03
N LEU B 516 40.80 3.30 -5.53
CA LEU B 516 40.74 1.99 -6.16
C LEU B 516 39.74 1.93 -7.30
N VAL B 517 40.03 1.01 -8.23
CA VAL B 517 39.05 0.62 -9.23
C VAL B 517 38.98 -0.90 -9.29
N VAL B 518 37.81 -1.43 -9.68
CA VAL B 518 37.56 -2.86 -9.63
C VAL B 518 36.62 -3.27 -10.74
N SER B 519 36.98 -4.36 -11.42
CA SER B 519 36.11 -4.98 -12.42
C SER B 519 35.31 -6.16 -11.84
N LEU B 520 33.98 -6.16 -12.03
CA LEU B 520 33.15 -7.30 -11.62
C LEU B 520 33.10 -8.37 -12.71
N GLY B 521 33.58 -9.56 -12.36
CA GLY B 521 33.51 -10.72 -13.23
C GLY B 521 34.26 -10.56 -14.57
N GLY B 522 35.23 -9.66 -14.59
CA GLY B 522 35.90 -9.30 -15.84
C GLY B 522 34.95 -8.78 -16.91
N LYS B 523 33.90 -8.07 -16.48
CA LYS B 523 32.98 -7.48 -17.44
C LYS B 523 33.44 -6.04 -17.68
N GLY B 524 34.27 -5.90 -18.69
CA GLY B 524 35.04 -4.70 -18.91
C GLY B 524 36.24 -4.68 -17.99
N GLN B 525 37.16 -3.77 -18.29
CA GLN B 525 38.31 -3.51 -17.47
C GLN B 525 38.64 -2.03 -17.45
N TYR B 526 39.29 -1.62 -16.36
CA TYR B 526 39.92 -0.28 -16.27
C TYR B 526 41.35 -0.33 -16.82
N GLU B 527 41.72 0.65 -17.65
CA GLU B 527 43.10 0.81 -18.08
C GLU B 527 44.03 1.35 -16.98
N HIS B 528 43.47 2.15 -16.09
CA HIS B 528 44.24 2.88 -15.07
C HIS B 528 43.30 3.24 -13.89
N VAL B 529 43.88 3.79 -12.83
CA VAL B 529 43.10 4.21 -11.66
C VAL B 529 42.67 5.68 -11.81
N ILE B 530 43.66 6.53 -12.05
CA ILE B 530 43.49 7.96 -12.10
C ILE B 530 44.31 8.51 -13.29
N ASN B 531 43.67 9.28 -14.16
CA ASN B 531 44.35 9.77 -15.35
C ASN B 531 44.96 8.59 -16.14
N ASP B 532 46.30 8.59 -16.30
CA ASP B 532 47.00 7.50 -16.97
C ASP B 532 47.93 6.79 -16.00
N ILE B 533 47.51 6.69 -14.74
CA ILE B 533 48.33 6.29 -13.59
C ILE B 533 47.65 5.14 -12.84
N GLY B 534 48.44 4.13 -12.46
CA GLY B 534 47.91 2.99 -11.76
C GLY B 534 47.70 1.81 -12.69
N ASP B 535 47.78 0.61 -12.11
CA ASP B 535 47.65 -0.63 -12.87
C ASP B 535 46.29 -0.71 -13.55
N PRO B 536 46.23 -1.28 -14.76
CA PRO B 536 44.89 -1.72 -15.20
C PRO B 536 44.35 -2.85 -14.35
N THR B 537 43.04 -3.01 -14.31
CA THR B 537 42.46 -4.24 -13.77
C THR B 537 42.61 -5.36 -14.80
N SER B 538 42.65 -6.60 -14.35
CA SER B 538 42.77 -7.73 -15.25
C SER B 538 42.29 -9.00 -14.56
N GLY B 539 41.93 -10.00 -15.34
CA GLY B 539 41.47 -11.26 -14.77
C GLY B 539 39.96 -11.12 -14.58
N ASP B 540 39.34 -12.18 -14.10
CA ASP B 540 37.90 -12.15 -13.83
C ASP B 540 37.62 -12.39 -12.35
N THR B 541 38.64 -12.22 -11.53
CA THR B 541 38.54 -12.54 -10.11
C THR B 541 38.37 -11.32 -9.19
N THR B 542 38.08 -10.18 -9.77
CA THR B 542 37.43 -9.13 -9.00
C THR B 542 38.42 -8.49 -8.00
N ILE B 543 39.68 -8.46 -8.43
CA ILE B 543 40.80 -7.95 -7.64
C ILE B 543 41.03 -6.47 -7.92
N PRO B 544 40.93 -5.61 -6.90
CA PRO B 544 41.13 -4.19 -7.26
C PRO B 544 42.56 -3.81 -7.64
N SER B 545 42.72 -2.68 -8.36
CA SER B 545 43.99 -1.97 -8.50
C SER B 545 43.87 -0.74 -7.62
N GLN B 546 44.99 -0.28 -7.07
CA GLN B 546 44.94 0.72 -6.03
C GLN B 546 46.04 1.76 -6.26
N VAL B 547 45.77 2.97 -5.81
CA VAL B 547 46.75 4.05 -5.75
C VAL B 547 46.66 4.70 -4.37
N VAL B 548 47.72 4.53 -3.56
CA VAL B 548 47.74 5.07 -2.20
C VAL B 548 47.75 6.60 -2.18
N SER B 549 48.65 7.20 -2.98
CA SER B 549 48.92 8.64 -2.93
C SER B 549 49.06 9.21 -4.35
N PHE B 550 48.32 10.26 -4.62
CA PHE B 550 48.41 10.97 -5.87
C PHE B 550 48.38 12.48 -5.61
N PRO B 551 49.26 13.27 -6.28
CA PRO B 551 50.27 12.78 -7.24
C PRO B 551 51.37 11.99 -6.57
C1 EDO C . -38.74 -12.39 -9.01
O1 EDO C . -37.78 -12.90 -8.08
C2 EDO C . -39.07 -10.91 -8.73
O2 EDO C . -37.85 -10.18 -8.78
H11 EDO C . -39.65 -12.99 -8.96
H12 EDO C . -38.34 -12.47 -10.02
HO1 EDO C . -37.60 -13.83 -8.27
H21 EDO C . -39.55 -10.81 -7.75
H22 EDO C . -39.76 -10.54 -9.50
HO2 EDO C . -38.05 -9.24 -8.68
C1 EDO D . -15.68 -12.62 -22.18
O1 EDO D . -14.40 -11.94 -22.17
C2 EDO D . -16.79 -11.57 -22.18
O2 EDO D . -16.59 -10.72 -21.06
H11 EDO D . -15.77 -13.26 -21.30
H12 EDO D . -15.76 -13.25 -23.07
HO1 EDO D . -13.68 -12.59 -22.32
H21 EDO D . -17.77 -12.05 -22.11
H22 EDO D . -16.75 -10.99 -23.10
HO2 EDO D . -17.12 -9.92 -21.15
C2 BGC E . 25.08 -1.57 -6.92
C3 BGC E . 23.69 -0.92 -7.01
C4 BGC E . 22.84 -1.98 -7.75
C5 BGC E . 22.82 -3.33 -7.01
C6 BGC E . 22.08 -4.37 -7.84
C1 BGC E . 24.89 -2.78 -6.00
O1 BGC E . 26.09 -3.34 -5.55
O2 BGC E . 26.22 -0.74 -6.56
O3 BGC E . 23.60 0.28 -7.76
O4 BGC E . 21.54 -1.44 -8.09
O5 BGC E . 24.15 -3.77 -6.70
O6 BGC E . 20.72 -4.29 -7.56
H2 BGC E . 24.21 -0.96 -6.71
H3 BGC E . 22.97 -1.63 -7.35
H4 BGC E . 23.37 -2.29 -8.65
H5 BGC E . 22.27 -3.20 -6.08
H61 BGC E . 22.31 -5.39 -7.49
H62 BGC E . 22.29 -4.29 -8.91
H1 BGC E . 24.32 -2.46 -5.13
HO1 BGC E . 26.83 -2.75 -5.80
HO2 BGC E . 26.48 -0.93 -5.63
HO3 BGC E . 24.51 0.62 -7.92
HO4 BGC E . 21.50 -0.48 -7.89
HO6 BGC E . 20.55 -3.57 -6.93
C1 EDO F . 7.47 6.38 -6.42
O1 EDO F . 8.59 7.20 -6.01
C2 EDO F . 7.81 4.90 -6.43
O2 EDO F . 8.55 4.52 -5.25
H11 EDO F . 7.14 6.67 -7.42
H12 EDO F . 6.63 6.55 -5.73
HO1 EDO F . 8.38 8.13 -6.10
H21 EDO F . 8.43 4.69 -7.31
H22 EDO F . 6.89 4.32 -6.49
HO2 EDO F . 8.74 3.58 -5.28
C1 EDO G . 31.07 4.93 -18.92
O1 EDO G . 32.30 5.65 -18.99
C2 EDO G . 29.91 5.92 -18.97
O2 EDO G . 30.01 6.90 -17.94
H11 EDO G . 31.05 4.35 -18.00
H12 EDO G . 31.01 4.24 -19.77
HO1 EDO G . 33.00 5.13 -18.59
H21 EDO G . 28.96 5.39 -18.86
H22 EDO G . 29.91 6.41 -19.94
HO2 EDO G . 29.11 7.13 -17.65
C1 EDO H . 49.33 5.63 4.25
O1 EDO H . 48.15 6.43 4.39
C2 EDO H . 49.01 4.17 3.88
O2 EDO H . 47.87 3.67 4.62
H11 EDO H . 49.89 5.64 5.19
H12 EDO H . 49.96 6.07 3.47
HO1 EDO H . 48.40 7.34 4.56
H21 EDO H . 49.88 3.56 4.07
H22 EDO H . 48.79 4.13 2.81
HO2 EDO H . 47.78 2.72 4.44
N VAL A 4 -46.53 12.21 3.00
CA VAL A 4 -46.51 10.78 3.27
C VAL A 4 -46.96 10.58 4.74
N VAL A 5 -47.25 9.35 5.18
CA VAL A 5 -47.86 9.18 6.51
C VAL A 5 -47.21 7.96 7.25
N GLY A 6 -46.27 8.29 8.14
CA GLY A 6 -45.13 7.43 8.44
C GLY A 6 -45.28 6.42 9.56
N GLY A 7 -44.21 5.66 9.83
CA GLY A 7 -44.27 4.48 10.67
C GLY A 7 -45.28 3.45 10.16
N GLY A 8 -45.86 2.66 11.07
CA GLY A 8 -46.83 1.62 10.66
C GLY A 8 -46.31 0.18 10.70
N ASP A 9 -47.13 -0.77 10.25
CA ASP A 9 -46.82 -2.20 10.36
C ASP A 9 -46.35 -2.70 9.01
N LEU A 10 -45.51 -3.72 9.08
CA LEU A 10 -44.52 -3.98 8.05
C LEU A 10 -45.12 -4.97 7.08
N GLY A 11 -46.44 -5.05 7.13
CA GLY A 11 -47.18 -5.85 6.21
C GLY A 11 -47.19 -7.32 6.52
N PRO A 12 -47.77 -8.05 5.61
CA PRO A 12 -47.94 -9.45 5.91
C PRO A 12 -46.81 -10.23 5.30
N ASN A 13 -45.60 -9.67 5.24
CA ASN A 13 -44.40 -10.43 4.88
C ASN A 13 -43.31 -10.34 5.96
N VAL A 14 -43.59 -9.58 7.03
CA VAL A 14 -42.70 -9.52 8.20
C VAL A 14 -43.39 -10.35 9.30
N LEU A 15 -42.74 -11.45 9.72
CA LEU A 15 -43.28 -12.29 10.81
C LEU A 15 -42.47 -11.97 12.07
N VAL A 16 -43.19 -11.42 13.04
CA VAL A 16 -42.87 -11.24 14.46
C VAL A 16 -42.03 -12.32 15.06
N PHE A 17 -41.92 -12.41 16.37
CA PHE A 17 -41.75 -13.70 17.06
C PHE A 17 -41.30 -13.24 18.42
N ASP A 18 -41.99 -13.79 19.40
CA ASP A 18 -41.70 -13.61 20.81
C ASP A 18 -41.27 -14.95 21.35
N PRO A 19 -40.51 -14.97 22.48
CA PRO A 19 -40.28 -16.35 22.92
C PRO A 19 -41.57 -17.00 23.36
N SER A 20 -42.67 -16.23 23.49
CA SER A 20 -43.97 -16.84 23.77
C SER A 20 -45.00 -16.94 22.62
N THR A 21 -44.65 -16.51 21.40
CA THR A 21 -45.45 -16.80 20.20
C THR A 21 -45.55 -18.33 20.14
N PRO A 22 -46.73 -18.90 19.80
CA PRO A 22 -46.79 -20.37 19.60
C PRO A 22 -46.35 -20.89 18.22
N ASP A 23 -45.99 -22.18 18.18
CA ASP A 23 -45.74 -22.94 16.94
C ASP A 23 -44.63 -22.35 16.07
N ILE A 24 -43.67 -21.68 16.72
CA ILE A 24 -42.61 -20.99 16.03
C ILE A 24 -41.93 -21.90 15.01
N GLN A 25 -41.50 -23.07 15.45
CA GLN A 25 -40.82 -23.98 14.55
C GLN A 25 -41.75 -24.38 13.42
N GLY A 26 -43.04 -24.48 13.72
CA GLY A 26 -44.02 -24.72 12.67
C GLY A 26 -44.06 -23.66 11.59
N LYS A 27 -44.07 -22.40 11.96
CA LYS A 27 -44.26 -21.36 10.95
C LYS A 27 -42.98 -21.10 10.16
N VAL A 28 -41.85 -21.01 10.87
CA VAL A 28 -40.57 -20.88 10.19
C VAL A 28 -40.38 -22.10 9.25
N ASP A 29 -40.88 -23.28 9.64
CA ASP A 29 -40.76 -24.45 8.72
C ASP A 29 -41.79 -24.40 7.58
N GLU A 30 -42.92 -23.71 7.76
CA GLU A 30 -43.89 -23.55 6.66
C GLU A 30 -43.24 -22.67 5.59
N VAL A 31 -42.58 -21.62 6.05
CA VAL A 31 -41.94 -20.69 5.17
C VAL A 31 -40.81 -21.35 4.40
N PHE A 32 -40.00 -22.15 5.08
CA PHE A 32 -38.89 -22.82 4.42
C PHE A 32 -39.36 -23.74 3.31
N ARG A 33 -40.45 -24.46 3.53
CA ARG A 33 -40.81 -25.47 2.57
C ARG A 33 -41.28 -24.76 1.30
N LYS A 34 -41.92 -23.61 1.46
CA LYS A 34 -42.22 -22.86 0.27
C LYS A 34 -40.96 -22.37 -0.44
N GLN A 35 -40.13 -21.65 0.30
CA GLN A 35 -38.99 -20.92 -0.26
C GLN A 35 -37.83 -21.80 -0.63
N GLU A 36 -37.86 -23.05 -0.19
CA GLU A 36 -36.69 -23.92 -0.34
C GLU A 36 -36.07 -23.95 -1.75
N SER A 37 -36.86 -24.29 -2.76
CA SER A 37 -36.35 -24.24 -4.13
C SER A 37 -37.11 -23.22 -4.98
N ASN A 38 -37.56 -22.18 -4.31
CA ASN A 38 -38.29 -21.09 -4.96
C ASN A 38 -37.33 -20.03 -5.54
N GLN A 39 -36.38 -20.51 -6.34
CA GLN A 39 -35.23 -19.70 -6.75
C GLN A 39 -35.55 -18.39 -7.45
N PHE A 40 -36.62 -18.38 -8.25
CA PHE A 40 -36.92 -17.24 -9.11
C PHE A 40 -38.28 -16.61 -8.89
N GLY A 41 -39.04 -17.16 -7.94
CA GLY A 41 -40.40 -16.71 -7.67
C GLY A 41 -40.40 -15.40 -6.90
N THR A 42 -41.58 -14.96 -6.52
CA THR A 42 -41.75 -13.58 -6.05
C THR A 42 -42.23 -13.45 -4.62
N ASP A 43 -42.29 -14.55 -3.86
CA ASP A 43 -42.43 -14.42 -2.40
C ASP A 43 -41.16 -13.84 -1.77
N ARG A 44 -41.37 -13.11 -0.68
CA ARG A 44 -40.30 -12.47 0.09
C ARG A 44 -40.70 -12.51 1.55
N TYR A 45 -39.78 -12.91 2.42
CA TYR A 45 -40.10 -13.10 3.84
C TYR A 45 -39.03 -12.54 4.75
N ALA A 46 -39.43 -11.82 5.81
CA ALA A 46 -38.49 -11.48 6.88
C ALA A 46 -39.00 -12.09 8.16
N LEU A 47 -38.10 -12.83 8.82
CA LEU A 47 -38.40 -13.51 10.10
C LEU A 47 -37.66 -12.75 11.21
N MET A 48 -38.41 -12.06 12.06
CA MET A 48 -37.86 -11.06 12.98
C MET A 48 -38.15 -11.54 14.43
N PHE A 49 -37.10 -11.72 15.22
CA PHE A 49 -37.24 -12.30 16.57
C PHE A 49 -37.04 -11.32 17.72
N LYS A 50 -38.06 -11.11 18.55
CA LYS A 50 -37.93 -10.17 19.69
C LYS A 50 -36.88 -10.68 20.68
N PRO A 51 -36.19 -9.76 21.38
CA PRO A 51 -35.21 -10.18 22.39
C PRO A 51 -35.76 -11.19 23.38
N GLY A 52 -34.96 -12.21 23.62
CA GLY A 52 -35.36 -13.38 24.36
C GLY A 52 -34.49 -14.58 24.04
N THR A 53 -34.89 -15.70 24.60
CA THR A 53 -34.15 -16.92 24.51
C THR A 53 -35.13 -17.95 23.93
N TYR A 54 -34.69 -18.63 22.86
CA TYR A 54 -35.54 -19.46 22.04
C TYR A 54 -35.07 -20.88 22.04
N ASN A 55 -35.80 -21.76 22.72
CA ASN A 55 -35.46 -23.20 22.71
C ASN A 55 -36.18 -24.03 21.63
N ASP A 56 -35.53 -25.09 21.18
CA ASP A 56 -36.17 -26.11 20.33
C ASP A 56 -36.36 -25.58 18.89
N ILE A 57 -35.38 -24.81 18.44
CA ILE A 57 -35.50 -24.00 17.23
C ILE A 57 -34.41 -24.33 16.19
N ASN A 58 -34.83 -24.54 14.96
CA ASN A 58 -33.91 -24.78 13.87
C ASN A 58 -34.59 -24.00 12.77
N ALA A 59 -33.99 -22.91 12.40
CA ALA A 59 -34.63 -21.99 11.48
C ALA A 59 -33.95 -22.21 10.14
N GLN A 60 -34.58 -23.02 9.31
CA GLN A 60 -33.99 -23.40 8.02
C GLN A 60 -34.41 -22.31 7.03
N ILE A 61 -33.43 -21.77 6.31
CA ILE A 61 -33.56 -20.52 5.56
C ILE A 61 -33.43 -20.78 4.06
N GLY A 62 -34.55 -20.63 3.36
CA GLY A 62 -34.59 -20.81 1.93
C GLY A 62 -34.35 -19.54 1.15
N PHE A 63 -34.72 -19.55 -0.13
CA PHE A 63 -34.58 -18.36 -0.95
C PHE A 63 -35.38 -17.19 -0.39
N TYR A 64 -34.86 -15.99 -0.59
CA TYR A 64 -35.57 -14.73 -0.32
C TYR A 64 -36.16 -14.70 1.09
N THR A 65 -35.37 -15.18 2.03
CA THR A 65 -35.72 -15.17 3.44
C THR A 65 -34.59 -14.51 4.21
N SER A 66 -34.95 -13.51 5.01
CA SER A 66 -34.04 -12.92 6.01
C SER A 66 -34.51 -13.34 7.39
N ILE A 67 -33.56 -13.55 8.28
CA ILE A 67 -33.87 -13.82 9.68
C ILE A 67 -33.01 -12.85 10.48
N ALA A 68 -33.60 -12.24 11.50
CA ALA A 68 -32.85 -11.30 12.30
C ALA A 68 -33.41 -11.16 13.71
N GLY A 69 -32.51 -10.89 14.64
CA GLY A 69 -32.93 -10.49 15.98
C GLY A 69 -33.14 -9.00 16.08
N LEU A 70 -33.83 -8.62 17.17
CA LEU A 70 -34.30 -7.25 17.36
C LEU A 70 -33.78 -6.63 18.66
N GLY A 71 -32.71 -7.20 19.21
CA GLY A 71 -32.04 -6.56 20.31
C GLY A 71 -31.09 -5.57 19.72
N LEU A 72 -30.43 -4.81 20.59
CA LEU A 72 -29.44 -3.88 20.13
C LEU A 72 -28.20 -4.64 19.81
N ASN A 73 -27.99 -5.70 20.60
CA ASN A 73 -26.81 -6.55 20.53
C ASN A 73 -27.29 -7.98 20.24
N PRO A 74 -26.48 -8.81 19.56
CA PRO A 74 -26.95 -10.14 19.13
C PRO A 74 -27.24 -11.07 20.31
N ASP A 75 -26.62 -10.75 21.43
CA ASP A 75 -26.70 -11.56 22.62
C ASP A 75 -28.08 -11.40 23.25
N ASP A 76 -28.77 -10.31 22.89
CA ASP A 76 -30.15 -10.07 23.38
C ASP A 76 -31.17 -11.05 22.81
N THR A 77 -30.87 -11.65 21.67
CA THR A 77 -31.77 -12.57 20.98
C THR A 77 -30.99 -13.86 20.70
N THR A 78 -31.21 -14.84 21.56
CA THR A 78 -30.44 -16.08 21.58
C THR A 78 -31.29 -17.28 21.21
N PHE A 79 -30.78 -18.05 20.26
CA PHE A 79 -31.36 -19.32 19.87
C PHE A 79 -30.50 -20.41 20.48
N ASN A 80 -31.14 -21.24 21.29
CA ASN A 80 -30.61 -22.53 21.64
C ASN A 80 -31.12 -23.42 20.55
N GLY A 81 -30.28 -23.54 19.53
CA GLY A 81 -30.70 -23.98 18.22
C GLY A 81 -29.87 -23.30 17.12
N ASP A 82 -30.42 -23.29 15.90
CA ASP A 82 -29.62 -23.08 14.70
C ASP A 82 -30.37 -22.19 13.69
N VAL A 83 -29.58 -21.46 12.91
CA VAL A 83 -30.00 -20.84 11.66
C VAL A 83 -29.26 -21.57 10.52
N THR A 84 -29.97 -22.47 9.84
CA THR A 84 -29.36 -23.41 8.92
C THR A 84 -29.60 -23.14 7.43
N VAL A 85 -28.53 -23.24 6.63
CA VAL A 85 -28.61 -23.35 5.17
C VAL A 85 -27.87 -24.64 4.71
N ASP A 86 -28.57 -25.51 4.01
CA ASP A 86 -27.96 -26.66 3.34
C ASP A 86 -28.42 -26.76 1.85
N ALA A 87 -28.08 -27.88 1.20
CA ALA A 87 -28.25 -28.01 -0.26
C ALA A 87 -29.09 -29.24 -0.66
N GLY A 88 -29.99 -29.68 0.22
CA GLY A 88 -30.72 -30.90 -0.08
C GLY A 88 -31.56 -30.81 -1.36
N TRP A 89 -32.02 -29.61 -1.67
CA TRP A 89 -32.95 -29.43 -2.78
C TRP A 89 -32.21 -29.45 -4.09
N PHE A 90 -30.91 -29.14 -4.02
CA PHE A 90 -30.08 -29.28 -5.19
C PHE A 90 -29.41 -30.67 -5.30
N ASP A 91 -28.42 -31.07 -4.48
CA ASP A 91 -28.13 -32.53 -4.17
C ASP A 91 -26.81 -32.95 -3.48
N GLY A 92 -25.70 -32.81 -4.17
CA GLY A 92 -24.52 -32.41 -3.48
C GLY A 92 -24.51 -30.89 -3.23
N ASN A 93 -25.45 -30.11 -3.81
CA ASN A 93 -24.97 -28.91 -4.51
C ASN A 93 -25.35 -27.55 -3.92
N ALA A 94 -24.38 -26.86 -3.30
CA ALA A 94 -24.68 -25.56 -2.67
C ALA A 94 -24.49 -24.33 -3.61
N THR A 95 -24.08 -24.56 -4.86
CA THR A 95 -23.73 -23.42 -5.77
C THR A 95 -24.86 -22.50 -6.12
N GLN A 96 -26.07 -22.87 -5.70
CA GLN A 96 -27.25 -22.12 -6.05
C GLN A 96 -28.00 -21.54 -4.83
N ASN A 97 -27.36 -21.53 -3.67
CA ASN A 97 -27.99 -21.07 -2.42
C ASN A 97 -27.80 -19.56 -2.21
N PHE A 98 -28.51 -18.81 -3.04
CA PHE A 98 -28.47 -17.37 -3.08
C PHE A 98 -29.61 -16.66 -2.31
N TRP A 99 -29.42 -15.34 -2.15
CA TRP A 99 -30.47 -14.36 -1.82
C TRP A 99 -31.19 -14.69 -0.50
N ARG A 100 -30.42 -14.67 0.57
CA ARG A 100 -30.99 -14.84 1.90
C ARG A 100 -30.05 -14.22 2.91
N SER A 101 -30.45 -14.09 4.17
CA SER A 101 -29.58 -13.35 5.11
C SER A 101 -29.88 -13.70 6.56
N ALA A 102 -28.85 -13.62 7.39
CA ALA A 102 -29.02 -13.75 8.86
C ALA A 102 -28.27 -12.63 9.54
N GLU A 103 -28.89 -12.02 10.54
CA GLU A 103 -28.18 -11.01 11.29
C GLU A 103 -28.68 -10.83 12.72
N ASN A 104 -27.77 -10.41 13.58
CA ASN A 104 -28.14 -9.89 14.92
C ASN A 104 -28.81 -10.91 15.85
N LEU A 105 -28.21 -12.09 15.85
CA LEU A 105 -28.61 -13.20 16.70
C LEU A 105 -27.41 -13.84 17.34
N ALA A 106 -27.63 -14.40 18.53
CA ALA A 106 -26.70 -15.36 19.10
C ALA A 106 -27.25 -16.77 18.84
N LEU A 107 -26.39 -17.69 18.42
CA LEU A 107 -26.76 -19.09 18.17
C LEU A 107 -25.93 -19.99 19.11
N ASN A 108 -26.63 -20.96 19.70
CA ASN A 108 -26.03 -21.99 20.54
C ASN A 108 -26.39 -23.31 19.84
N PRO A 109 -25.63 -23.65 18.81
CA PRO A 109 -26.24 -24.61 17.87
C PRO A 109 -26.24 -26.05 18.40
N VAL A 110 -27.19 -26.86 17.96
CA VAL A 110 -27.26 -28.28 18.38
C VAL A 110 -25.92 -28.96 18.39
N ASN A 111 -25.40 -29.40 17.28
CA ASN A 111 -24.31 -30.38 17.51
C ASN A 111 -23.00 -29.65 17.85
N GLY A 112 -23.08 -28.43 18.40
CA GLY A 112 -21.90 -27.62 18.70
C GLY A 112 -21.55 -26.72 17.53
N THR A 113 -22.15 -27.00 16.38
CA THR A 113 -21.80 -26.34 15.12
C THR A 113 -23.05 -25.97 14.34
N ASN A 114 -22.98 -24.80 13.71
CA ASN A 114 -24.07 -24.26 12.88
C ASN A 114 -23.68 -24.34 11.41
N ARG A 115 -24.60 -24.76 10.55
CA ARG A 115 -24.31 -24.92 9.13
C ARG A 115 -24.90 -23.79 8.31
N TRP A 116 -24.04 -22.99 7.67
CA TRP A 116 -24.45 -21.88 6.79
C TRP A 116 -23.82 -22.13 5.40
N ALA A 117 -24.38 -23.07 4.65
CA ALA A 117 -23.79 -23.56 3.41
C ALA A 117 -24.37 -22.84 2.21
N VAL A 118 -23.89 -21.63 2.01
CA VAL A 118 -24.44 -20.71 1.02
C VAL A 118 -23.46 -20.40 -0.11
N SER A 119 -24.01 -19.83 -1.20
CA SER A 119 -23.21 -19.21 -2.26
C SER A 119 -23.40 -17.70 -2.20
N GLN A 120 -23.51 -17.01 -3.34
CA GLN A 120 -23.52 -15.55 -3.33
C GLN A 120 -24.79 -14.92 -2.78
N ALA A 121 -24.63 -13.67 -2.36
CA ALA A 121 -25.72 -12.85 -1.79
C ALA A 121 -26.43 -13.53 -0.63
N ALA A 122 -25.63 -14.08 0.28
CA ALA A 122 -26.13 -14.70 1.49
C ALA A 122 -25.41 -14.17 2.74
N PRO A 123 -25.56 -12.87 3.04
CA PRO A 123 -24.77 -12.28 4.11
C PRO A 123 -25.09 -12.83 5.51
N PHE A 124 -24.04 -12.88 6.31
CA PHE A 124 -24.10 -13.36 7.71
C PHE A 124 -23.44 -12.21 8.50
N ARG A 125 -24.26 -11.40 9.17
CA ARG A 125 -23.79 -10.14 9.78
C ARG A 125 -24.16 -10.07 11.27
N ARG A 126 -23.23 -9.59 12.09
CA ARG A 126 -23.55 -9.33 13.49
C ARG A 126 -24.12 -10.52 14.21
N MET A 127 -23.47 -11.65 13.98
CA MET A 127 -23.85 -12.88 14.60
C MET A 127 -22.86 -13.25 15.66
N HIS A 128 -23.38 -13.88 16.71
CA HIS A 128 -22.53 -14.50 17.72
C HIS A 128 -22.81 -16.01 17.72
N VAL A 129 -21.93 -16.79 17.13
CA VAL A 129 -22.06 -18.25 17.16
C VAL A 129 -21.27 -18.75 18.35
N LYS A 130 -22.01 -19.10 19.38
CA LYS A 130 -21.47 -19.71 20.58
C LYS A 130 -21.52 -21.16 20.27
N GLY A 131 -20.38 -21.62 19.75
CA GLY A 131 -20.27 -22.82 18.92
C GLY A 131 -19.47 -22.58 17.63
N GLY A 132 -19.28 -23.64 16.84
CA GLY A 132 -18.56 -23.58 15.56
C GLY A 132 -19.45 -23.30 14.34
N LEU A 133 -18.82 -23.10 13.19
CA LEU A 133 -19.53 -22.63 11.97
C LEU A 133 -19.03 -23.35 10.72
N ASN A 134 -19.93 -24.16 10.17
CA ASN A 134 -19.64 -25.04 9.05
C ASN A 134 -20.25 -24.42 7.77
N LEU A 135 -19.41 -24.12 6.77
CA LEU A 135 -19.85 -23.36 5.58
C LEU A 135 -20.18 -24.18 4.35
N ALA A 136 -20.01 -25.50 4.43
CA ALA A 136 -20.13 -26.29 3.23
C ALA A 136 -21.35 -27.17 3.35
N PRO A 137 -21.93 -27.52 2.20
CA PRO A 137 -22.89 -28.63 2.16
C PRO A 137 -22.35 -29.84 2.90
N ASP A 138 -23.27 -30.51 3.61
CA ASP A 138 -23.13 -31.91 4.05
C ASP A 138 -22.83 -32.59 2.75
N GLY A 139 -21.74 -33.34 2.69
CA GLY A 139 -21.53 -34.23 1.56
C GLY A 139 -20.50 -33.53 0.72
N TYR A 140 -20.52 -32.21 0.87
CA TYR A 140 -19.30 -31.43 0.82
C TYR A 140 -19.00 -31.04 -0.64
N GLY A 141 -19.99 -30.52 -1.37
CA GLY A 141 -19.81 -30.27 -2.81
C GLY A 141 -19.63 -28.85 -3.30
N TRP A 142 -20.13 -28.57 -4.51
CA TRP A 142 -19.88 -27.29 -5.18
C TRP A 142 -20.51 -26.22 -4.26
N ALA A 143 -19.70 -25.21 -3.92
CA ALA A 143 -20.11 -24.12 -2.98
C ALA A 143 -19.30 -22.86 -3.32
N SER A 144 -19.99 -21.72 -3.44
CA SER A 144 -19.41 -20.49 -3.99
C SER A 144 -19.81 -19.20 -3.24
N GLY A 145 -19.64 -19.23 -1.91
CA GLY A 145 -19.83 -18.04 -1.09
C GLY A 145 -18.66 -17.08 -1.17
N GLY A 146 -18.53 -16.17 -0.19
CA GLY A 146 -19.51 -15.94 0.84
C GLY A 146 -19.01 -14.74 1.64
N TYR A 147 -19.80 -14.35 2.64
CA TYR A 147 -19.56 -13.09 3.32
C TYR A 147 -20.00 -13.15 4.78
N ILE A 148 -19.02 -12.90 5.66
CA ILE A 148 -19.23 -12.71 7.10
C ILE A 148 -18.67 -11.34 7.50
N ALA A 149 -19.45 -10.57 8.26
CA ALA A 149 -18.98 -9.31 8.82
C ALA A 149 -19.51 -9.06 10.23
N ASP A 150 -18.66 -8.44 11.04
CA ASP A 150 -19.07 -7.97 12.37
C ASP A 150 -19.60 -9.10 13.24
N SER A 151 -19.00 -10.27 13.09
CA SER A 151 -19.51 -11.45 13.77
C SER A 151 -18.43 -12.07 14.63
N LYS A 152 -18.88 -12.78 15.65
CA LYS A 152 -17.91 -13.48 16.48
C LYS A 152 -18.28 -14.98 16.58
N ILE A 153 -17.33 -15.79 16.11
CA ILE A 153 -17.49 -17.23 16.07
C ILE A 153 -16.59 -17.74 17.20
N ASP A 154 -17.20 -18.17 18.30
CA ASP A 154 -16.42 -18.59 19.47
C ASP A 154 -15.34 -19.59 19.03
N GLY A 155 -15.70 -20.53 18.15
CA GLY A 155 -14.80 -21.59 17.73
C GLY A 155 -14.46 -21.51 16.24
N GLU A 156 -14.32 -22.69 15.66
CA GLU A 156 -13.74 -22.87 14.34
C GLU A 156 -14.75 -22.67 13.21
N VAL A 157 -14.33 -21.90 12.22
CA VAL A 157 -14.95 -21.90 10.91
C VAL A 157 -14.45 -23.07 10.09
N GLY A 158 -15.35 -23.75 9.39
CA GLY A 158 -14.99 -24.83 8.49
C GLY A 158 -15.51 -24.51 7.08
N PRO A 159 -14.63 -24.03 6.19
CA PRO A 159 -15.12 -23.79 4.83
C PRO A 159 -15.32 -25.07 4.01
N TYR A 160 -14.53 -26.10 4.33
CA TYR A 160 -14.49 -27.34 3.55
C TYR A 160 -14.40 -27.04 2.05
N SER A 161 -15.38 -27.45 1.26
CA SER A 161 -15.30 -27.29 -0.18
C SER A 161 -15.62 -25.89 -0.68
N GLN A 162 -15.88 -24.93 0.22
CA GLN A 162 -16.11 -23.55 -0.24
C GLN A 162 -14.94 -23.04 -1.08
N GLN A 163 -15.22 -22.52 -2.28
CA GLN A 163 -14.12 -22.09 -3.15
C GLN A 163 -13.36 -20.87 -2.63
N GLN A 164 -14.14 -19.88 -2.18
CA GLN A 164 -13.57 -18.61 -1.76
C GLN A 164 -14.44 -18.08 -0.63
N TRP A 165 -13.99 -17.02 0.05
CA TRP A 165 -14.75 -16.44 1.15
C TRP A 165 -14.15 -15.11 1.57
N TYR A 166 -14.99 -14.19 2.03
CA TYR A 166 -14.51 -12.94 2.61
C TYR A 166 -15.06 -12.77 4.00
N THR A 167 -14.17 -12.44 4.95
CA THR A 167 -14.59 -12.14 6.32
C THR A 167 -13.99 -10.78 6.72
N ARG A 168 -14.80 -9.88 7.27
CA ARG A 168 -14.22 -8.65 7.83
C ARG A 168 -14.70 -8.34 9.23
N ASP A 169 -13.83 -7.62 9.94
CA ASP A 169 -14.16 -6.99 11.22
C ASP A 169 -14.93 -7.94 12.13
N SER A 170 -14.28 -9.05 12.42
CA SER A 170 -14.85 -10.17 13.15
C SER A 170 -13.82 -10.79 14.09
N SER A 171 -14.27 -11.82 14.78
CA SER A 171 -13.47 -12.58 15.71
C SER A 171 -13.78 -14.05 15.46
N VAL A 172 -12.75 -14.88 15.28
CA VAL A 172 -12.96 -16.30 15.06
C VAL A 172 -12.11 -17.15 16.00
N GLY A 173 -12.66 -18.27 16.43
CA GLY A 173 -11.93 -19.20 17.29
C GLY A 173 -11.09 -20.20 16.52
N GLY A 174 -11.24 -20.18 15.21
CA GLY A 174 -10.45 -21.05 14.37
C GLY A 174 -10.75 -20.75 12.91
N TRP A 175 -9.86 -21.20 12.03
CA TRP A 175 -10.13 -21.19 10.60
C TRP A 175 -9.59 -22.48 10.01
N GLY A 176 -10.47 -23.35 9.56
CA GLY A 176 -10.04 -24.71 9.27
C GLY A 176 -9.18 -24.85 8.01
N ASN A 177 -9.58 -24.16 6.94
CA ASN A 177 -8.85 -24.24 5.68
C ASN A 177 -9.34 -23.29 4.57
N GLY A 178 -8.60 -23.28 3.46
CA GLY A 178 -9.05 -22.63 2.24
C GLY A 178 -9.06 -23.57 1.03
N VAL A 179 -9.44 -23.01 -0.12
CA VAL A 179 -9.49 -23.71 -1.39
C VAL A 179 -8.84 -22.82 -2.47
N TRP A 180 -9.54 -21.79 -2.97
CA TRP A 180 -9.01 -20.87 -3.98
C TRP A 180 -8.65 -19.49 -3.39
N ASN A 181 -9.51 -18.93 -2.53
CA ASN A 181 -9.29 -17.53 -2.11
C ASN A 181 -10.06 -17.17 -0.86
N MET A 182 -9.42 -17.30 0.29
CA MET A 182 -10.01 -16.86 1.55
C MET A 182 -9.32 -15.58 1.97
N THR A 183 -10.09 -14.49 2.03
CA THR A 183 -9.54 -13.19 2.39
C THR A 183 -10.18 -12.73 3.71
N PHE A 184 -9.39 -12.00 4.49
CA PHE A 184 -9.79 -11.53 5.80
C PHE A 184 -9.26 -10.12 5.94
N SER A 185 -10.08 -9.22 6.50
CA SER A 185 -9.55 -7.92 6.89
C SER A 185 -10.16 -7.55 8.25
N GLY A 186 -9.29 -7.20 9.19
CA GLY A 186 -9.74 -6.87 10.54
C GLY A 186 -10.32 -8.04 11.31
N VAL A 187 -9.83 -9.26 11.03
CA VAL A 187 -10.37 -10.44 11.68
C VAL A 187 -9.39 -11.01 12.70
N GLU A 188 -9.75 -10.91 13.99
CA GLU A 188 -8.91 -11.56 15.02
C GLU A 188 -9.14 -13.03 14.94
N GLY A 189 -8.07 -13.82 15.02
CA GLY A 189 -8.17 -15.26 14.88
C GLY A 189 -7.97 -15.68 13.45
N ALA A 190 -7.87 -14.72 12.54
CA ALA A 190 -7.64 -15.08 11.16
C ALA A 190 -6.27 -15.73 11.06
N PRO A 191 -6.12 -16.68 10.14
CA PRO A 191 -4.77 -17.20 9.89
C PRO A 191 -3.83 -16.14 9.36
N ALA A 192 -2.55 -16.44 9.55
CA ALA A 192 -1.45 -15.73 8.91
C ALA A 192 -1.66 -15.67 7.39
N GLN A 193 -1.43 -14.49 6.81
CA GLN A 193 -1.25 -14.35 5.39
C GLN A 193 -0.26 -15.40 4.94
N SER A 194 -0.57 -15.99 3.77
CA SER A 194 -0.25 -17.38 3.47
C SER A 194 -0.03 -17.61 1.95
N PHE A 195 -0.75 -16.83 1.17
CA PHE A 195 -0.87 -17.01 -0.27
C PHE A 195 0.54 -17.06 -0.90
N PRO A 196 0.78 -18.03 -1.83
CA PRO A 196 -0.22 -18.82 -2.55
C PRO A 196 -0.76 -20.04 -1.84
N GLU A 197 -0.20 -20.45 -0.69
CA GLU A 197 -0.48 -21.76 -0.04
C GLU A 197 -0.43 -21.75 1.50
N PRO A 198 -1.58 -22.03 2.16
CA PRO A 198 -2.95 -22.08 1.64
C PRO A 198 -3.25 -20.67 1.10
N PRO A 199 -4.29 -20.48 0.29
CA PRO A 199 -4.38 -19.10 -0.23
C PRO A 199 -5.18 -18.17 0.71
N TYR A 200 -4.48 -17.67 1.73
CA TYR A 200 -5.03 -16.73 2.72
C TYR A 200 -4.41 -15.38 2.51
N THR A 201 -5.30 -14.45 2.18
CA THR A 201 -4.98 -13.05 2.05
C THR A 201 -5.50 -12.40 3.31
N THR A 202 -4.60 -11.86 4.12
CA THR A 202 -4.97 -11.41 5.47
C THR A 202 -4.43 -10.04 5.80
N LEU A 203 -5.36 -9.15 6.12
CA LEU A 203 -5.10 -7.74 6.38
C LEU A 203 -5.49 -7.45 7.82
N GLU A 204 -4.58 -6.77 8.49
CA GLU A 204 -4.70 -6.49 9.91
C GLU A 204 -6.01 -5.75 10.23
N THR A 205 -6.33 -4.74 9.44
CA THR A 205 -7.59 -4.01 9.64
C THR A 205 -8.23 -3.73 8.29
N THR A 206 -9.51 -3.30 8.33
CA THR A 206 -10.23 -2.80 7.17
C THR A 206 -10.12 -1.28 7.11
N PRO A 207 -9.72 -0.72 5.94
CA PRO A 207 -9.47 0.74 5.90
C PRO A 207 -10.60 1.62 6.37
N VAL A 208 -11.80 1.29 5.93
CA VAL A 208 -13.02 1.92 6.44
C VAL A 208 -14.05 0.83 6.54
N SER A 209 -14.97 0.93 7.51
CA SER A 209 -16.19 0.14 7.46
C SER A 209 -17.27 0.79 8.32
N ARG A 210 -18.51 0.62 7.89
CA ARG A 210 -19.62 1.20 8.61
C ARG A 210 -20.70 0.15 8.61
N GLU A 211 -21.03 -0.39 9.79
CA GLU A 211 -21.92 -1.56 9.83
C GLU A 211 -23.33 -1.23 9.36
N LYS A 212 -23.96 -2.24 8.77
CA LYS A 212 -25.26 -2.09 8.09
C LYS A 212 -26.35 -1.71 9.11
N PRO A 213 -27.20 -0.74 8.78
CA PRO A 213 -28.30 -0.43 9.69
C PRO A 213 -29.27 -1.58 9.87
N PHE A 214 -29.97 -1.58 11.02
CA PHE A 214 -30.89 -2.66 11.34
C PHE A 214 -32.02 -2.29 12.29
N LEU A 215 -33.13 -3.00 12.12
CA LEU A 215 -34.35 -2.77 12.89
C LEU A 215 -34.09 -3.30 14.30
N TYR A 216 -34.67 -2.67 15.32
CA TYR A 216 -34.50 -3.16 16.70
C TYR A 216 -35.54 -2.55 17.65
N LEU A 217 -35.81 -3.21 18.77
CA LEU A 217 -37.06 -3.00 19.51
C LEU A 217 -36.66 -2.29 20.79
N ASP A 218 -37.64 -1.83 21.57
CA ASP A 218 -37.28 -0.83 22.59
C ASP A 218 -38.40 -0.50 23.56
N GLY A 219 -38.64 -1.37 24.51
CA GLY A 219 -39.98 -1.41 25.04
C GLY A 219 -40.64 -1.93 23.79
N ASP A 220 -41.80 -1.38 23.41
CA ASP A 220 -42.55 -1.91 22.25
C ASP A 220 -42.69 -0.84 21.14
N ASP A 221 -41.67 0.01 21.17
CA ASP A 221 -41.33 0.94 20.13
C ASP A 221 -40.43 0.14 19.20
N TYR A 222 -40.48 0.43 17.90
CA TYR A 222 -39.49 0.03 16.89
C TYR A 222 -38.53 1.17 16.51
N LYS A 223 -37.24 0.84 16.33
CA LYS A 223 -36.12 1.77 16.05
C LYS A 223 -35.29 1.23 14.88
N VAL A 224 -34.55 2.08 14.15
CA VAL A 224 -33.46 1.61 13.25
C VAL A 224 -32.13 2.10 13.80
N PHE A 225 -31.24 1.16 14.11
CA PHE A 225 -29.90 1.54 14.57
C PHE A 225 -28.98 1.77 13.38
N VAL A 226 -28.21 2.85 13.47
CA VAL A 226 -27.43 3.35 12.36
C VAL A 226 -26.00 3.49 12.88
N PRO A 227 -25.20 2.42 12.73
CA PRO A 227 -23.80 2.45 13.16
C PRO A 227 -22.96 3.59 12.59
N ALA A 228 -22.18 4.24 13.47
CA ALA A 228 -21.14 5.17 13.03
C ALA A 228 -20.03 4.34 12.37
N LYS A 229 -19.35 4.90 11.36
CA LYS A 229 -18.18 4.26 10.76
C LYS A 229 -17.04 4.09 11.76
N ARG A 230 -16.09 3.23 11.40
CA ARG A 230 -14.83 3.22 12.11
C ARG A 230 -13.71 2.93 11.15
N THR A 231 -12.64 3.71 11.27
CA THR A 231 -11.48 3.56 10.41
C THR A 231 -10.47 2.54 10.99
N ASN A 232 -9.73 1.84 10.11
CA ASN A 232 -8.75 0.81 10.50
C ASN A 232 -9.47 -0.17 11.45
N ALA A 233 -10.54 -0.79 10.95
CA ALA A 233 -11.37 -1.68 11.78
C ALA A 233 -10.78 -3.07 12.04
N ARG A 234 -10.94 -3.54 13.28
CA ARG A 234 -10.51 -4.88 13.68
C ARG A 234 -11.50 -5.40 14.73
N GLY A 235 -12.06 -6.57 14.46
CA GLY A 235 -13.04 -7.16 15.36
C GLY A 235 -14.41 -6.49 15.32
N THR A 236 -15.28 -6.92 16.23
CA THR A 236 -16.67 -6.47 16.14
C THR A 236 -16.92 -5.10 16.77
N SER A 237 -18.01 -4.50 16.34
CA SER A 237 -18.43 -3.19 16.81
C SER A 237 -19.16 -3.23 18.18
N TRP A 238 -19.51 -4.44 18.62
CA TRP A 238 -20.44 -4.65 19.71
C TRP A 238 -19.83 -5.64 20.72
N GLY A 239 -20.57 -6.01 21.77
CA GLY A 239 -20.31 -7.30 22.47
C GLY A 239 -19.57 -7.33 23.78
N ASN A 240 -18.25 -7.33 23.71
CA ASN A 240 -17.47 -6.40 24.51
C ASN A 240 -18.31 -5.12 24.82
N GLY A 241 -19.43 -5.21 25.56
CA GLY A 241 -20.26 -4.04 25.82
C GLY A 241 -21.32 -3.67 24.76
N THR A 242 -21.65 -2.38 24.66
CA THR A 242 -22.63 -1.91 23.69
C THR A 242 -22.03 -1.36 22.37
N PRO A 243 -22.85 -0.67 21.54
CA PRO A 243 -22.31 -0.09 20.31
C PRO A 243 -22.57 1.39 20.01
N GLU A 244 -21.68 1.99 19.21
CA GLU A 244 -21.80 3.43 18.92
C GLU A 244 -22.36 3.85 17.54
N GLY A 245 -23.33 4.77 17.58
CA GLY A 245 -23.94 5.32 16.37
C GLY A 245 -25.26 6.03 16.65
N GLU A 246 -26.18 5.98 15.67
CA GLU A 246 -27.49 6.64 15.75
C GLU A 246 -28.60 5.69 15.80
N SER A 247 -29.53 5.99 16.68
CA SER A 247 -30.83 5.42 16.49
C SER A 247 -31.85 6.42 15.96
N LEU A 248 -32.61 5.91 14.99
CA LEU A 248 -33.69 6.65 14.35
C LEU A 248 -35.05 5.98 14.66
N PRO A 249 -36.04 6.76 15.11
CA PRO A 249 -37.32 6.11 15.45
C PRO A 249 -38.09 5.64 14.20
N LEU A 250 -38.64 4.42 14.23
CA LEU A 250 -39.32 3.85 13.06
C LEU A 250 -40.45 4.73 12.52
N ASP A 251 -40.91 5.66 13.34
CA ASP A 251 -41.92 6.61 12.95
C ASP A 251 -41.37 7.69 11.98
N GLN A 252 -40.06 7.67 11.73
CA GLN A 252 -39.42 8.60 10.81
C GLN A 252 -39.10 7.95 9.44
N PHE A 253 -39.68 6.78 9.18
CA PHE A 253 -39.49 6.02 7.92
C PHE A 253 -40.79 5.93 7.15
N TYR A 254 -40.74 6.14 5.84
CA TYR A 254 -41.82 5.69 5.00
C TYR A 254 -41.67 4.19 4.84
N VAL A 255 -42.76 3.45 5.08
CA VAL A 255 -42.73 2.01 5.11
C VAL A 255 -43.36 1.54 3.81
N VAL A 256 -42.50 1.11 2.91
CA VAL A 256 -42.87 0.81 1.55
C VAL A 256 -43.57 -0.54 1.56
N LYS A 257 -44.76 -0.57 0.96
CA LYS A 257 -45.59 -1.74 0.79
C LYS A 257 -46.01 -1.83 -0.66
N PRO A 258 -46.43 -3.03 -1.12
CA PRO A 258 -46.96 -3.11 -2.49
C PRO A 258 -48.19 -2.21 -2.60
N GLY A 259 -48.33 -1.51 -3.74
CA GLY A 259 -49.10 -0.28 -3.83
C GLY A 259 -48.18 0.92 -4.11
N ALA A 260 -47.02 0.92 -3.46
CA ALA A 260 -46.10 2.07 -3.56
C ALA A 260 -45.58 2.31 -4.97
N THR A 261 -45.61 3.57 -5.35
CA THR A 261 -45.08 3.98 -6.65
C THR A 261 -43.87 4.91 -6.46
N ALA A 262 -43.02 5.00 -7.48
CA ALA A 262 -41.76 5.73 -7.33
C ALA A 262 -41.96 7.21 -6.99
N GLU A 263 -42.94 7.86 -7.63
CA GLU A 263 -43.26 9.26 -7.31
C GLU A 263 -43.43 9.44 -5.80
N THR A 264 -44.27 8.61 -5.22
CA THR A 264 -44.48 8.60 -3.78
C THR A 264 -43.23 8.36 -2.92
N ILE A 265 -42.38 7.42 -3.34
CA ILE A 265 -41.17 7.14 -2.58
C ILE A 265 -40.29 8.37 -2.57
N ASN A 266 -40.21 9.02 -3.73
CA ASN A 266 -39.35 10.19 -3.88
C ASN A 266 -39.83 11.39 -3.07
N ALA A 267 -41.15 11.54 -2.98
CA ALA A 267 -41.74 12.60 -2.15
C ALA A 267 -41.49 12.37 -0.66
N ALA A 268 -41.45 11.12 -0.19
CA ALA A 268 -41.15 10.89 1.24
C ALA A 268 -39.71 11.29 1.61
N VAL A 269 -38.77 11.00 0.72
CA VAL A 269 -37.38 11.48 0.88
C VAL A 269 -37.38 13.02 0.90
N ASP A 270 -38.22 13.61 0.06
CA ASP A 270 -38.38 15.08 0.03
C ASP A 270 -39.05 15.63 1.26
N GLN A 271 -39.67 14.72 1.98
CA GLN A 271 -40.38 15.00 3.19
C GLN A 271 -39.49 14.76 4.42
N GLY A 272 -38.27 14.27 4.20
CA GLY A 272 -37.37 13.95 5.31
C GLY A 272 -37.61 12.59 5.95
N LEU A 273 -38.39 11.76 5.26
CA LEU A 273 -38.62 10.38 5.67
C LEU A 273 -37.57 9.47 5.07
N HIS A 274 -37.01 8.59 5.90
CA HIS A 274 -36.13 7.51 5.44
C HIS A 274 -37.00 6.45 4.77
N LEU A 275 -36.38 5.42 4.20
CA LEU A 275 -37.13 4.37 3.50
C LEU A 275 -36.91 3.00 4.10
N LEU A 276 -38.03 2.31 4.37
CA LEU A 276 -37.97 0.95 4.87
C LEU A 276 -38.79 0.13 3.92
N PHE A 277 -38.12 -0.66 3.10
CA PHE A 277 -38.81 -1.48 2.12
C PHE A 277 -39.15 -2.81 2.73
N THR A 278 -40.44 -3.02 2.92
CA THR A 278 -40.91 -4.31 3.38
C THR A 278 -40.71 -5.36 2.29
N PRO A 279 -40.62 -6.63 2.70
CA PRO A 279 -40.36 -7.69 1.72
C PRO A 279 -41.46 -7.77 0.70
N GLY A 280 -41.01 -7.75 -0.55
CA GLY A 280 -41.92 -7.77 -1.68
C GLY A 280 -41.16 -7.36 -2.92
N VAL A 281 -41.88 -7.33 -4.04
CA VAL A 281 -41.29 -7.05 -5.34
C VAL A 281 -41.98 -5.79 -5.90
N TYR A 282 -41.20 -4.72 -6.08
CA TYR A 282 -41.70 -3.39 -6.47
C TYR A 282 -41.27 -2.92 -7.86
N HIS A 283 -42.22 -2.82 -8.79
CA HIS A 283 -41.90 -2.18 -10.08
C HIS A 283 -41.96 -0.67 -9.94
N VAL A 284 -41.00 -0.02 -10.58
CA VAL A 284 -41.05 1.41 -10.65
C VAL A 284 -41.08 1.79 -12.13
N ASP A 285 -41.70 2.93 -12.40
CA ASP A 285 -41.76 3.38 -13.78
C ASP A 285 -40.95 4.66 -13.96
N GLN A 286 -40.33 5.14 -12.89
CA GLN A 286 -39.23 6.11 -12.90
C GLN A 286 -38.21 5.81 -11.81
N PRO A 287 -37.01 6.41 -11.87
CA PRO A 287 -36.08 6.08 -10.79
C PRO A 287 -36.60 6.47 -9.43
N ILE A 288 -36.18 5.69 -8.44
CA ILE A 288 -36.21 6.12 -7.05
C ILE A 288 -35.03 7.06 -6.89
N GLU A 289 -35.31 8.29 -6.50
CA GLU A 289 -34.28 9.28 -6.26
C GLU A 289 -34.12 9.47 -4.75
N ILE A 290 -32.88 9.33 -4.32
CA ILE A 290 -32.49 9.74 -2.99
C ILE A 290 -31.57 10.96 -3.23
N ASP A 291 -32.03 12.16 -2.89
CA ASP A 291 -31.15 13.33 -3.00
C ASP A 291 -31.11 14.09 -1.67
N ARG A 292 -31.19 13.33 -0.58
CA ARG A 292 -31.19 13.87 0.77
C ARG A 292 -30.08 13.21 1.58
N ALA A 293 -29.16 14.04 2.03
CA ALA A 293 -28.05 13.57 2.84
C ALA A 293 -28.56 12.73 4.01
N ASN A 294 -27.83 11.67 4.30
CA ASN A 294 -28.10 10.79 5.44
C ASN A 294 -29.37 9.92 5.42
N THR A 295 -29.95 9.82 4.24
CA THR A 295 -31.11 8.98 4.02
C THR A 295 -30.74 7.50 4.07
N VAL A 296 -31.41 6.79 4.98
CA VAL A 296 -31.35 5.36 5.11
C VAL A 296 -32.42 4.72 4.23
N ALA A 297 -32.00 3.78 3.38
CA ALA A 297 -32.93 3.03 2.54
C ALA A 297 -32.63 1.58 2.82
N LEU A 298 -33.44 0.98 3.67
CA LEU A 298 -33.20 -0.34 4.24
C LEU A 298 -34.26 -1.28 3.73
N GLY A 299 -33.82 -2.40 3.15
CA GLY A 299 -34.72 -3.44 2.69
C GLY A 299 -34.77 -4.57 3.69
N LEU A 300 -35.93 -5.24 3.73
CA LEU A 300 -36.19 -6.42 4.54
C LEU A 300 -36.57 -7.58 3.61
N GLY A 301 -36.16 -8.79 3.98
CA GLY A 301 -36.55 -9.99 3.26
C GLY A 301 -36.32 -9.96 1.76
N LEU A 302 -35.18 -9.41 1.33
CA LEU A 302 -34.77 -9.40 -0.07
C LEU A 302 -35.75 -8.62 -0.96
N ALA A 303 -36.28 -7.54 -0.37
CA ALA A 303 -37.09 -6.60 -1.12
C ALA A 303 -36.37 -6.25 -2.41
N THR A 304 -37.15 -6.27 -3.47
CA THR A 304 -36.66 -6.21 -4.81
C THR A 304 -37.31 -5.07 -5.57
N ILE A 305 -36.48 -4.33 -6.29
CA ILE A 305 -36.93 -3.26 -7.18
C ILE A 305 -36.68 -3.68 -8.64
N ILE A 306 -37.71 -3.55 -9.48
CA ILE A 306 -37.57 -3.79 -10.90
C ILE A 306 -37.97 -2.55 -11.67
N PRO A 307 -37.03 -1.98 -12.45
CA PRO A 307 -37.38 -0.80 -13.23
C PRO A 307 -37.95 -1.17 -14.58
N ASP A 308 -39.24 -0.84 -14.79
CA ASP A 308 -39.84 -0.87 -16.14
C ASP A 308 -39.21 0.18 -17.06
N ASN A 309 -39.58 0.10 -18.34
CA ASN A 309 -39.39 1.26 -19.25
C ASN A 309 -37.98 1.70 -19.50
N GLY A 310 -37.02 0.83 -19.22
CA GLY A 310 -35.61 1.13 -19.39
C GLY A 310 -35.11 2.16 -18.41
N VAL A 311 -35.91 2.49 -17.39
CA VAL A 311 -35.45 3.46 -16.41
C VAL A 311 -34.37 2.88 -15.48
N THR A 312 -33.58 3.76 -14.89
CA THR A 312 -32.70 3.41 -13.80
C THR A 312 -33.56 3.08 -12.56
N ALA A 313 -33.14 2.13 -11.77
CA ALA A 313 -33.94 1.76 -10.57
C ALA A 313 -33.73 2.71 -9.40
N LEU A 314 -32.46 3.09 -9.18
CA LEU A 314 -32.08 3.84 -8.01
C LEU A 314 -30.99 4.81 -8.38
N LYS A 315 -31.27 6.06 -8.08
CA LYS A 315 -30.28 7.12 -8.24
C LYS A 315 -30.05 7.81 -6.89
N VAL A 316 -28.79 7.87 -6.50
CA VAL A 316 -28.39 8.60 -5.31
C VAL A 316 -27.68 9.86 -5.77
N GLY A 317 -28.08 10.99 -5.21
CA GLY A 317 -27.47 12.26 -5.56
C GLY A 317 -26.08 12.43 -4.96
N ASP A 318 -25.48 13.58 -5.23
CA ASP A 318 -24.18 13.93 -4.72
C ASP A 318 -24.22 14.45 -3.29
N VAL A 319 -24.59 13.54 -2.39
CA VAL A 319 -24.81 13.90 -1.00
C VAL A 319 -24.10 12.95 -0.05
N ASP A 320 -23.78 13.45 1.14
CA ASP A 320 -23.15 12.64 2.20
C ASP A 320 -24.14 11.60 2.75
N GLY A 321 -23.59 10.49 3.24
CA GLY A 321 -24.23 9.72 4.31
C GLY A 321 -25.38 8.82 3.93
N VAL A 322 -25.67 8.68 2.65
CA VAL A 322 -26.77 7.79 2.24
C VAL A 322 -26.35 6.34 2.50
N LYS A 323 -27.27 5.58 3.09
CA LYS A 323 -27.00 4.19 3.50
C LYS A 323 -28.03 3.31 2.80
N VAL A 324 -27.64 2.70 1.67
CA VAL A 324 -28.52 1.78 0.93
C VAL A 324 -28.17 0.36 1.39
N ALA A 325 -29.17 -0.40 1.81
CA ALA A 325 -28.91 -1.68 2.46
C ALA A 325 -29.99 -2.73 2.15
N GLY A 326 -29.59 -3.94 1.73
CA GLY A 326 -30.50 -5.07 1.67
C GLY A 326 -31.56 -5.02 0.62
N LEU A 327 -31.11 -4.72 -0.60
CA LEU A 327 -32.00 -4.60 -1.76
C LEU A 327 -31.48 -5.40 -2.93
N LEU A 328 -32.42 -6.09 -3.59
CA LEU A 328 -32.18 -6.70 -4.87
C LEU A 328 -32.72 -5.76 -5.94
N VAL A 329 -31.94 -5.52 -6.99
CA VAL A 329 -32.39 -4.71 -8.12
C VAL A 329 -32.38 -5.68 -9.30
N ASP A 330 -33.55 -6.01 -9.83
CA ASP A 330 -33.66 -6.99 -10.92
C ASP A 330 -34.12 -6.35 -12.23
N ALA A 331 -33.28 -6.47 -13.26
CA ALA A 331 -33.53 -5.82 -14.52
C ALA A 331 -34.85 -6.25 -15.14
N GLY A 332 -35.50 -5.27 -15.76
CA GLY A 332 -36.69 -5.53 -16.53
C GLY A 332 -36.33 -5.87 -17.97
N PRO A 333 -37.32 -6.32 -18.74
CA PRO A 333 -36.98 -6.81 -20.07
C PRO A 333 -36.60 -5.69 -21.03
N VAL A 334 -36.97 -4.44 -20.75
CA VAL A 334 -36.49 -3.33 -21.55
C VAL A 334 -35.16 -2.87 -21.00
N ASN A 335 -34.15 -2.81 -21.87
CA ASN A 335 -32.81 -2.46 -21.44
C ASN A 335 -32.80 -1.12 -20.70
N SER A 336 -32.20 -1.13 -19.51
CA SER A 336 -31.92 0.09 -18.77
C SER A 336 -30.48 0.48 -19.03
N GLU A 337 -30.24 1.75 -19.30
CA GLU A 337 -28.90 2.24 -19.52
C GLU A 337 -28.02 2.03 -18.28
N THR A 338 -28.60 2.29 -17.11
CA THR A 338 -27.95 1.95 -15.84
C THR A 338 -29.03 1.44 -14.87
N LEU A 339 -28.66 0.59 -13.92
CA LEU A 339 -29.60 0.15 -12.90
C LEU A 339 -29.48 0.90 -11.55
N VAL A 340 -28.26 1.22 -11.14
CA VAL A 340 -28.02 1.93 -9.90
C VAL A 340 -26.92 2.94 -10.16
N GLU A 341 -27.18 4.19 -9.81
CA GLU A 341 -26.13 5.24 -9.85
C GLU A 341 -25.90 5.88 -8.50
N VAL A 342 -24.65 5.85 -8.05
CA VAL A 342 -24.25 6.55 -6.84
C VAL A 342 -23.59 7.84 -7.31
N GLY A 343 -24.35 8.92 -7.24
CA GLY A 343 -23.88 10.24 -7.64
C GLY A 343 -23.86 10.52 -9.15
N SER A 344 -23.32 11.69 -9.49
CA SER A 344 -23.52 12.34 -10.80
C SER A 344 -22.32 12.21 -11.76
N ASP A 345 -22.60 12.04 -13.08
CA ASP A 345 -21.57 12.04 -14.17
C ASP A 345 -20.74 13.31 -13.95
N GLY A 346 -19.49 13.11 -13.57
CA GLY A 346 -18.61 14.25 -13.28
C GLY A 346 -18.62 14.73 -11.84
N ALA A 347 -19.60 14.26 -11.03
CA ALA A 347 -19.71 14.61 -9.59
C ALA A 347 -18.35 14.82 -8.97
N SER A 348 -18.13 15.98 -8.35
CA SER A 348 -16.80 16.29 -7.82
C SER A 348 -16.66 17.01 -6.44
N GLY A 349 -17.35 16.48 -5.45
CA GLY A 349 -17.04 16.86 -4.08
C GLY A 349 -16.73 15.65 -3.25
N ASP A 350 -15.97 15.84 -2.17
CA ASP A 350 -15.61 14.73 -1.29
C ASP A 350 -16.77 14.43 -0.34
N HIS A 351 -16.78 13.18 0.17
CA HIS A 351 -17.74 12.77 1.19
C HIS A 351 -17.02 11.97 2.28
N ALA A 352 -15.79 12.39 2.62
CA ALA A 352 -14.88 11.50 3.35
C ALA A 352 -15.26 11.25 4.81
N ALA A 353 -15.63 12.29 5.54
CA ALA A 353 -16.05 12.11 6.93
C ALA A 353 -17.27 11.21 6.97
N ASN A 354 -18.18 11.40 6.01
CA ASN A 354 -19.51 10.80 6.07
C ASN A 354 -19.92 10.29 4.66
N PRO A 355 -19.32 9.17 4.23
CA PRO A 355 -19.56 8.60 2.91
C PRO A 355 -20.95 8.01 2.71
N THR A 356 -21.35 7.88 1.46
CA THR A 356 -22.51 7.06 1.06
C THR A 356 -22.05 5.62 0.91
N SER A 357 -22.92 4.67 1.25
CA SER A 357 -22.57 3.27 1.13
C SER A 357 -23.67 2.46 0.46
N LEU A 358 -23.26 1.41 -0.23
CA LEU A 358 -24.15 0.34 -0.66
C LEU A 358 -23.76 -0.94 0.07
N GLN A 359 -24.71 -1.55 0.78
CA GLN A 359 -24.43 -2.80 1.50
C GLN A 359 -25.49 -3.84 1.21
N ASP A 360 -25.05 -5.05 0.91
CA ASP A 360 -26.01 -6.10 0.55
C ASP A 360 -26.99 -5.54 -0.49
N VAL A 361 -26.40 -4.95 -1.51
CA VAL A 361 -27.13 -4.54 -2.71
C VAL A 361 -26.78 -5.56 -3.77
N PHE A 362 -27.80 -6.23 -4.30
CA PHE A 362 -27.58 -7.29 -5.26
C PHE A 362 -28.26 -6.87 -6.56
N VAL A 363 -27.65 -7.21 -7.69
CA VAL A 363 -28.23 -6.94 -8.98
C VAL A 363 -28.33 -8.25 -9.76
N ARG A 364 -29.49 -8.48 -10.40
CA ARG A 364 -29.67 -9.61 -11.31
C ARG A 364 -30.15 -9.15 -12.68
N ILE A 365 -29.58 -9.74 -13.74
CA ILE A 365 -30.02 -9.48 -15.10
C ILE A 365 -30.41 -10.81 -15.73
N GLY A 366 -31.72 -11.03 -15.90
CA GLY A 366 -32.23 -12.29 -16.40
C GLY A 366 -32.42 -13.35 -15.31
N GLY A 367 -32.92 -14.54 -15.68
CA GLY A 367 -33.05 -15.65 -14.72
C GLY A 367 -34.50 -15.87 -14.31
N ALA A 368 -35.09 -14.78 -13.88
CA ALA A 368 -36.51 -14.66 -13.70
C ALA A 368 -36.78 -13.62 -14.75
N GLY A 369 -37.35 -14.05 -15.88
CA GLY A 369 -37.66 -13.12 -16.96
C GLY A 369 -36.46 -12.67 -17.78
N PRO A 370 -36.67 -12.47 -19.09
CA PRO A 370 -35.61 -11.77 -19.77
C PRO A 370 -35.39 -10.39 -19.11
N GLY A 371 -34.13 -10.03 -18.95
CA GLY A 371 -33.75 -8.76 -18.39
C GLY A 371 -32.50 -8.25 -19.10
N LYS A 372 -32.38 -6.93 -19.25
CA LYS A 372 -31.27 -6.33 -19.98
C LYS A 372 -30.82 -5.02 -19.29
N ALA A 373 -29.52 -4.80 -19.21
CA ALA A 373 -29.02 -3.48 -18.79
C ALA A 373 -27.58 -3.27 -19.30
N THR A 374 -27.24 -2.02 -19.61
CA THR A 374 -25.91 -1.72 -20.17
C THR A 374 -24.79 -1.72 -19.11
N THR A 375 -24.98 -0.86 -18.10
CA THR A 375 -24.03 -0.80 -16.94
C THR A 375 -24.78 -0.85 -15.62
N SER A 376 -24.71 -1.98 -14.92
CA SER A 376 -25.54 -2.18 -13.76
C SER A 376 -25.39 -1.15 -12.62
N ILE A 377 -24.16 -0.95 -12.14
CA ILE A 377 -23.90 0.00 -11.08
C ILE A 377 -22.79 0.94 -11.50
N VAL A 378 -23.09 2.24 -11.45
CA VAL A 378 -22.05 3.23 -11.64
C VAL A 378 -21.82 3.99 -10.34
N VAL A 379 -20.55 4.07 -9.93
CA VAL A 379 -20.16 4.80 -8.71
C VAL A 379 -19.46 6.10 -9.11
N ASN A 380 -20.23 7.19 -9.12
CA ASN A 380 -19.69 8.50 -9.41
C ASN A 380 -19.14 9.16 -8.13
N SER A 381 -19.83 8.98 -7.00
CA SER A 381 -19.49 9.72 -5.76
C SER A 381 -18.15 9.33 -5.15
N ASN A 382 -17.31 10.33 -4.88
CA ASN A 382 -16.06 10.08 -4.20
C ASN A 382 -16.32 9.49 -2.79
N ASP A 383 -15.42 8.63 -2.37
CA ASP A 383 -15.35 8.09 -1.00
C ASP A 383 -16.43 7.04 -0.68
N THR A 384 -17.14 6.61 -1.70
CA THR A 384 -18.24 5.63 -1.55
C THR A 384 -17.71 4.28 -1.04
N ILE A 385 -18.49 3.63 -0.19
CA ILE A 385 -18.15 2.31 0.30
C ILE A 385 -19.14 1.32 -0.28
N ILE A 386 -18.63 0.28 -0.93
CA ILE A 386 -19.49 -0.79 -1.46
C ILE A 386 -19.08 -1.99 -0.62
N ASP A 387 -19.91 -2.35 0.35
CA ASP A 387 -19.58 -3.37 1.33
C ASP A 387 -20.56 -4.55 1.18
N HIS A 388 -20.13 -5.51 0.37
CA HIS A 388 -20.92 -6.65 -0.09
C HIS A 388 -21.91 -6.31 -1.19
N THR A 389 -21.53 -6.66 -2.41
CA THR A 389 -22.44 -6.60 -3.53
C THR A 389 -22.27 -7.87 -4.38
N TRP A 390 -23.37 -8.35 -4.96
CA TRP A 390 -23.31 -9.39 -6.00
C TRP A 390 -24.05 -8.80 -7.20
N VAL A 391 -23.32 -8.63 -8.29
CA VAL A 391 -23.86 -8.07 -9.51
C VAL A 391 -23.72 -9.18 -10.58
N TRP A 392 -24.88 -9.72 -10.98
CA TRP A 392 -24.92 -11.03 -11.63
C TRP A 392 -25.77 -11.04 -12.87
N ARG A 393 -25.14 -11.22 -14.03
CA ARG A 393 -25.90 -11.51 -15.21
C ARG A 393 -26.21 -13.02 -15.16
N ALA A 394 -27.49 -13.37 -15.26
CA ALA A 394 -27.90 -14.76 -15.08
C ALA A 394 -27.29 -15.76 -16.07
N ASP A 395 -26.92 -16.93 -15.55
CA ASP A 395 -26.44 -18.04 -16.40
C ASP A 395 -27.44 -19.22 -16.42
N HIS A 396 -28.56 -19.05 -15.73
CA HIS A 396 -29.60 -20.04 -15.77
C HIS A 396 -30.94 -19.43 -15.38
N GLY A 397 -32.01 -20.17 -15.62
CA GLY A 397 -33.36 -19.70 -15.41
C GLY A 397 -33.93 -19.19 -16.70
N GLU A 398 -35.05 -18.48 -16.58
CA GLU A 398 -35.80 -17.98 -17.71
C GLU A 398 -35.18 -16.68 -18.21
N GLY A 399 -35.29 -16.43 -19.53
CA GLY A 399 -34.84 -15.17 -20.08
C GLY A 399 -33.34 -14.96 -20.07
N VAL A 400 -32.60 -16.02 -20.40
CA VAL A 400 -31.13 -16.00 -20.54
C VAL A 400 -30.78 -16.17 -22.03
N GLY A 401 -29.75 -15.46 -22.49
CA GLY A 401 -29.23 -15.66 -23.83
C GLY A 401 -28.11 -14.67 -24.04
N TRP A 402 -27.12 -15.04 -24.84
CA TRP A 402 -26.00 -14.11 -25.15
C TRP A 402 -26.57 -12.73 -25.55
N GLU A 403 -27.67 -12.76 -26.26
CA GLU A 403 -28.44 -11.54 -26.52
C GLU A 403 -29.68 -11.36 -25.68
N THR A 404 -30.35 -12.46 -25.39
CA THR A 404 -31.56 -12.41 -24.58
C THR A 404 -31.38 -11.56 -23.31
N ASN A 405 -30.39 -11.91 -22.47
CA ASN A 405 -30.10 -11.12 -21.27
C ASN A 405 -28.70 -10.47 -21.35
N ARG A 406 -28.40 -9.92 -22.53
CA ARG A 406 -27.18 -9.15 -22.68
C ARG A 406 -27.05 -8.09 -21.59
N ALA A 407 -25.84 -8.01 -21.06
CA ALA A 407 -25.51 -6.98 -20.06
C ALA A 407 -24.02 -6.73 -20.22
N ASP A 408 -23.67 -5.61 -20.85
CA ASP A 408 -22.26 -5.42 -21.21
C ASP A 408 -21.36 -5.19 -20.01
N TYR A 409 -21.80 -4.33 -19.10
CA TYR A 409 -20.94 -3.85 -18.02
C TYR A 409 -21.53 -4.05 -16.63
N GLY A 410 -20.71 -4.55 -15.72
CA GLY A 410 -21.19 -4.82 -14.36
C GLY A 410 -21.19 -3.59 -13.47
N VAL A 411 -19.99 -3.23 -13.04
CA VAL A 411 -19.75 -2.11 -12.16
C VAL A 411 -18.71 -1.23 -12.81
N HIS A 412 -18.98 0.08 -12.84
CA HIS A 412 -18.04 1.09 -13.33
C HIS A 412 -17.81 2.11 -12.21
N VAL A 413 -16.61 2.12 -11.66
CA VAL A 413 -16.28 3.06 -10.58
C VAL A 413 -15.51 4.23 -11.16
N LYS A 414 -16.14 5.40 -11.09
CA LYS A 414 -15.54 6.64 -11.59
C LYS A 414 -15.05 7.56 -10.45
N GLY A 415 -15.70 7.48 -9.30
CA GLY A 415 -15.32 8.34 -8.17
C GLY A 415 -13.96 7.98 -7.62
N ASP A 416 -13.43 8.88 -6.80
CA ASP A 416 -12.12 8.70 -6.22
C ASP A 416 -12.21 8.23 -4.77
N ASN A 417 -11.22 7.47 -4.35
CA ASN A 417 -11.15 6.95 -3.00
C ASN A 417 -12.28 6.03 -2.60
N VAL A 418 -12.80 5.35 -3.62
CA VAL A 418 -13.90 4.40 -3.43
C VAL A 418 -13.30 3.08 -2.92
N LEU A 419 -14.00 2.46 -1.97
CA LEU A 419 -13.56 1.22 -1.36
C LEU A 419 -14.61 0.20 -1.62
N ALA A 420 -14.19 -0.95 -2.14
CA ALA A 420 -15.06 -2.14 -2.24
C ALA A 420 -14.53 -3.23 -1.31
N THR A 421 -15.41 -3.73 -0.46
CA THR A 421 -15.13 -4.83 0.46
C THR A 421 -16.15 -5.94 0.20
N GLY A 422 -15.70 -7.05 -0.37
CA GLY A 422 -16.60 -8.13 -0.68
C GLY A 422 -17.33 -7.92 -2.00
N LEU A 423 -16.56 -7.92 -3.08
CA LEU A 423 -17.07 -7.56 -4.41
C LEU A 423 -17.22 -8.82 -5.29
N PHE A 424 -18.45 -9.15 -5.65
CA PHE A 424 -18.75 -10.35 -6.42
C PHE A 424 -19.48 -9.89 -7.72
N VAL A 425 -18.88 -10.09 -8.88
CA VAL A 425 -19.46 -9.61 -10.14
C VAL A 425 -19.21 -10.66 -11.23
N GLU A 426 -20.29 -11.10 -11.90
CA GLU A 426 -20.20 -12.27 -12.77
C GLU A 426 -21.01 -12.16 -14.07
N HIS A 427 -20.36 -12.57 -15.16
CA HIS A 427 -21.01 -13.04 -16.41
C HIS A 427 -21.31 -11.98 -17.47
N PHE A 428 -20.76 -10.76 -17.32
CA PHE A 428 -21.03 -9.69 -18.25
C PHE A 428 -20.43 -9.90 -19.64
N ASN A 429 -21.10 -9.37 -20.67
CA ASN A 429 -20.65 -9.60 -22.04
C ASN A 429 -19.33 -8.90 -22.34
N LYS A 430 -19.06 -7.81 -21.63
CA LYS A 430 -17.80 -7.10 -21.70
C LYS A 430 -17.13 -7.00 -20.32
N TYR A 431 -16.67 -5.80 -19.92
CA TYR A 431 -15.94 -5.71 -18.66
C TYR A 431 -16.86 -5.87 -17.45
N ASP A 432 -16.59 -6.87 -16.60
CA ASP A 432 -17.41 -7.06 -15.42
C ASP A 432 -17.22 -5.85 -14.49
N VAL A 433 -15.96 -5.52 -14.22
CA VAL A 433 -15.62 -4.38 -13.36
C VAL A 433 -14.65 -3.51 -14.05
N GLN A 434 -14.90 -2.20 -14.02
CA GLN A 434 -13.95 -1.22 -14.52
C GLN A 434 -13.81 -0.08 -13.55
N TRP A 435 -12.57 0.34 -13.34
CA TRP A 435 -12.25 1.30 -12.33
C TRP A 435 -11.46 2.39 -12.99
N SER A 436 -12.06 3.58 -13.03
CA SER A 436 -11.41 4.69 -13.67
C SER A 436 -11.06 5.81 -12.67
N GLY A 437 -11.74 5.86 -11.52
CA GLY A 437 -11.37 6.80 -10.47
C GLY A 437 -10.00 6.54 -9.84
N GLU A 438 -9.49 7.54 -9.09
CA GLU A 438 -8.19 7.40 -8.47
C GLU A 438 -8.32 6.82 -7.02
N ASN A 439 -7.21 6.26 -6.54
CA ASN A 439 -7.07 5.75 -5.17
C ASN A 439 -8.13 4.72 -4.75
N GLY A 440 -8.56 3.92 -5.72
CA GLY A 440 -9.51 2.86 -5.50
C GLY A 440 -8.85 1.72 -4.74
N LYS A 441 -9.65 1.06 -3.92
CA LYS A 441 -9.23 -0.13 -3.22
C LYS A 441 -10.32 -1.19 -3.28
N THR A 442 -9.91 -2.43 -3.55
CA THR A 442 -10.82 -3.59 -3.50
C THR A 442 -10.19 -4.63 -2.61
N ILE A 443 -10.96 -5.04 -1.60
CA ILE A 443 -10.57 -6.15 -0.71
C ILE A 443 -11.62 -7.29 -0.92
N PHE A 444 -11.11 -8.35 -1.55
CA PHE A 444 -11.85 -9.50 -2.05
C PHE A 444 -12.67 -9.23 -3.29
N TYR A 445 -12.34 -9.97 -4.34
CA TYR A 445 -13.08 -9.97 -5.60
C TYR A 445 -13.29 -11.41 -6.06
N GLN A 446 -14.53 -11.70 -6.44
CA GLN A 446 -14.88 -12.97 -7.08
C GLN A 446 -15.62 -12.68 -8.39
N ASN A 447 -15.11 -13.26 -9.46
CA ASN A 447 -15.69 -13.13 -10.79
C ASN A 447 -15.78 -14.49 -11.45
N ALA A 448 -16.80 -14.62 -12.30
CA ALA A 448 -16.83 -15.68 -13.30
C ALA A 448 -17.15 -15.02 -14.63
N LYS A 449 -16.51 -15.50 -15.68
CA LYS A 449 -16.68 -14.96 -17.03
C LYS A 449 -17.88 -15.62 -17.72
N ALA A 450 -18.58 -14.85 -18.55
CA ALA A 450 -19.75 -15.33 -19.32
C ALA A 450 -19.51 -16.72 -19.90
N TYR A 451 -20.42 -17.65 -19.63
CA TYR A 451 -20.27 -19.04 -20.14
C TYR A 451 -20.65 -19.16 -21.60
N ASP A 452 -21.43 -18.19 -22.06
CA ASP A 452 -22.16 -18.31 -23.32
C ASP A 452 -21.64 -17.47 -24.49
N ALA A 453 -20.44 -16.90 -24.34
CA ALA A 453 -19.73 -16.34 -25.47
C ALA A 453 -19.69 -17.40 -26.57
N PRO A 454 -20.17 -17.08 -27.77
CA PRO A 454 -20.35 -18.12 -28.80
C PRO A 454 -19.09 -18.45 -29.58
N ASP A 455 -18.19 -17.48 -29.64
CA ASP A 455 -16.92 -17.66 -30.33
C ASP A 455 -15.95 -16.53 -29.99
N GLN A 456 -14.69 -16.75 -30.35
CA GLN A 456 -13.66 -15.78 -30.06
C GLN A 456 -14.04 -14.37 -30.57
N ALA A 457 -14.65 -14.35 -31.74
CA ALA A 457 -15.09 -13.09 -32.39
C ALA A 457 -16.01 -12.22 -31.52
N ALA A 458 -16.94 -12.83 -30.78
CA ALA A 458 -17.89 -12.05 -29.99
C ALA A 458 -17.32 -11.28 -28.81
N ILE A 459 -16.14 -11.69 -28.33
CA ILE A 459 -15.50 -11.02 -27.17
C ILE A 459 -14.19 -10.35 -27.55
N GLN A 460 -14.05 -10.05 -28.82
CA GLN A 460 -12.85 -9.39 -29.32
C GLN A 460 -12.80 -7.95 -28.80
N ASN A 461 -11.77 -7.66 -28.00
CA ASN A 461 -11.64 -6.38 -27.28
C ASN A 461 -10.50 -5.57 -27.90
N GLY A 462 -10.81 -4.94 -29.04
CA GLY A 462 -9.82 -4.33 -29.90
C GLY A 462 -8.84 -5.42 -30.31
N ASP A 463 -7.62 -5.33 -29.75
CA ASP A 463 -6.55 -6.30 -30.02
C ASP A 463 -6.34 -7.34 -28.89
N ILE A 464 -7.27 -7.34 -27.93
CA ILE A 464 -7.23 -8.22 -26.77
C ILE A 464 -8.27 -9.29 -26.91
N LYS A 465 -7.88 -10.50 -26.55
CA LYS A 465 -8.76 -11.66 -26.48
C LYS A 465 -9.71 -11.55 -25.26
N GLY A 466 -10.99 -11.27 -25.47
CA GLY A 466 -11.90 -11.10 -24.33
C GLY A 466 -11.75 -9.80 -23.58
N TYR A 467 -12.68 -9.56 -22.64
CA TYR A 467 -12.64 -8.39 -21.75
C TYR A 467 -12.22 -8.78 -20.34
N ALA A 468 -11.35 -7.99 -19.71
CA ALA A 468 -10.93 -8.28 -18.35
C ALA A 468 -12.13 -8.34 -17.42
N ALA A 469 -12.05 -9.20 -16.43
CA ALA A 469 -13.03 -9.21 -15.37
C ALA A 469 -12.88 -8.00 -14.47
N TYR A 470 -11.68 -7.43 -14.45
CA TYR A 470 -11.42 -6.26 -13.60
C TYR A 470 -10.34 -5.44 -14.29
N LYS A 471 -10.75 -4.26 -14.76
CA LYS A 471 -9.86 -3.36 -15.46
C LYS A 471 -9.73 -2.05 -14.77
N VAL A 472 -8.54 -1.52 -14.86
CA VAL A 472 -8.23 -0.18 -14.37
C VAL A 472 -7.75 0.63 -15.58
N ASP A 473 -8.36 1.81 -15.83
CA ASP A 473 -7.96 2.68 -16.96
C ASP A 473 -6.48 3.00 -16.82
N ASP A 474 -5.76 2.81 -17.93
CA ASP A 474 -4.36 3.26 -18.03
C ASP A 474 -4.07 4.66 -17.46
N SER A 475 -5.09 5.49 -17.35
CA SER A 475 -4.93 6.86 -16.89
C SER A 475 -4.82 6.98 -15.35
N VAL A 476 -5.29 5.96 -14.64
CA VAL A 476 -5.18 5.89 -13.18
C VAL A 476 -3.70 5.74 -12.74
N THR A 477 -3.31 6.45 -11.69
CA THR A 477 -1.94 6.39 -11.15
C THR A 477 -1.91 5.70 -9.78
N THR A 478 -3.06 5.64 -9.10
CA THR A 478 -3.13 4.92 -7.81
C THR A 478 -4.34 3.97 -7.74
N HIS A 479 -4.06 2.71 -7.46
CA HIS A 479 -5.11 1.70 -7.24
C HIS A 479 -4.52 0.58 -6.39
N GLU A 480 -5.37 -0.15 -5.67
CA GLU A 480 -4.86 -1.28 -4.93
C GLU A 480 -5.94 -2.35 -4.71
N GLY A 481 -5.62 -3.59 -5.06
CA GLY A 481 -6.52 -4.72 -4.86
C GLY A 481 -5.87 -5.90 -4.15
N TRP A 482 -6.66 -6.59 -3.32
CA TRP A 482 -6.19 -7.77 -2.63
C TRP A 482 -7.18 -8.94 -2.71
N GLY A 483 -6.66 -10.11 -3.02
CA GLY A 483 -7.45 -11.33 -2.89
C GLY A 483 -8.54 -11.46 -3.95
N MET A 484 -8.10 -11.63 -5.20
CA MET A 484 -8.97 -11.45 -6.35
C MET A 484 -8.89 -12.64 -7.29
N GLY A 485 -10.05 -13.10 -7.75
CA GLY A 485 -10.06 -14.17 -8.72
C GLY A 485 -11.12 -14.05 -9.79
N SER A 486 -10.78 -14.59 -10.95
CA SER A 486 -11.66 -14.68 -12.11
C SER A 486 -11.65 -16.13 -12.55
N TYR A 487 -12.84 -16.68 -12.75
CA TYR A 487 -13.01 -18.06 -13.15
C TYR A 487 -13.68 -18.10 -14.52
N CYS A 488 -13.34 -19.10 -15.33
CA CYS A 488 -13.98 -19.25 -16.64
C CYS A 488 -14.54 -20.65 -16.81
N TYR A 489 -15.52 -20.73 -17.68
CA TYR A 489 -16.25 -21.98 -17.89
C TYR A 489 -17.06 -21.77 -19.17
N PHE A 490 -16.30 -21.59 -20.25
CA PHE A 490 -16.87 -21.39 -21.56
C PHE A 490 -17.44 -22.70 -22.09
N ASN A 491 -18.62 -23.06 -21.59
CA ASN A 491 -19.17 -24.37 -21.80
C ASN A 491 -20.01 -24.40 -23.13
N VAL A 492 -20.19 -23.24 -23.77
CA VAL A 492 -20.73 -23.15 -25.13
C VAL A 492 -19.65 -23.34 -26.21
N ASN A 493 -18.53 -22.65 -26.06
CA ASN A 493 -17.40 -22.78 -26.97
C ASN A 493 -16.10 -22.89 -26.18
N PRO A 494 -15.79 -24.11 -25.75
CA PRO A 494 -14.64 -24.26 -24.88
C PRO A 494 -13.27 -24.18 -25.58
N ASP A 495 -13.27 -23.83 -26.87
CA ASP A 495 -12.05 -23.50 -27.60
C ASP A 495 -11.63 -22.03 -27.40
N ILE A 496 -12.47 -21.25 -26.73
CA ILE A 496 -12.19 -19.84 -26.47
C ILE A 496 -11.00 -19.62 -25.56
N ARG A 497 -10.29 -18.50 -25.80
CA ARG A 497 -9.24 -18.03 -24.92
C ARG A 497 -9.61 -16.67 -24.31
N GLN A 498 -9.31 -16.53 -23.04
CA GLN A 498 -9.48 -15.27 -22.32
C GLN A 498 -8.09 -14.74 -22.02
N GLN A 499 -7.73 -13.57 -22.53
CA GLN A 499 -6.33 -13.13 -22.37
C GLN A 499 -5.92 -13.01 -20.90
N HIS A 500 -6.79 -12.41 -20.10
CA HIS A 500 -6.47 -12.20 -18.67
C HIS A 500 -7.73 -12.02 -17.80
N GLY A 501 -7.60 -12.27 -16.49
CA GLY A 501 -8.61 -11.87 -15.54
C GLY A 501 -8.58 -10.37 -15.26
N PHE A 502 -7.36 -9.82 -15.29
CA PHE A 502 -7.10 -8.46 -14.81
C PHE A 502 -6.28 -7.65 -15.80
N GLN A 503 -6.57 -6.36 -15.85
CA GLN A 503 -5.86 -5.44 -16.72
C GLN A 503 -5.69 -4.09 -16.04
N ALA A 504 -4.47 -3.55 -16.09
CA ALA A 504 -4.19 -2.32 -15.39
C ALA A 504 -2.92 -1.69 -15.96
N PRO A 505 -2.86 -0.35 -15.99
CA PRO A 505 -1.57 0.20 -16.44
C PRO A 505 -0.46 -0.22 -15.50
N VAL A 506 0.79 -0.21 -15.96
CA VAL A 506 1.90 -0.61 -15.14
C VAL A 506 2.57 0.65 -14.56
N LYS A 507 2.46 0.80 -13.25
CA LYS A 507 2.89 2.02 -12.56
C LYS A 507 3.13 1.72 -11.09
N PRO A 508 4.03 2.49 -10.45
CA PRO A 508 4.31 2.09 -9.07
C PRO A 508 3.17 2.19 -8.07
N GLY A 509 2.16 3.03 -8.33
CA GLY A 509 1.07 3.26 -7.41
C GLY A 509 -0.17 2.39 -7.68
N VAL A 510 -0.08 1.56 -8.72
CA VAL A 510 -1.17 0.65 -9.14
C VAL A 510 -0.79 -0.79 -8.79
N LYS A 511 -1.28 -1.22 -7.64
CA LYS A 511 -0.72 -2.32 -6.85
C LYS A 511 -1.71 -3.51 -6.69
N PHE A 512 -1.34 -4.77 -7.00
CA PHE A 512 -2.23 -5.91 -6.70
C PHE A 512 -1.55 -6.98 -5.83
N HIS A 513 -2.35 -7.57 -4.95
CA HIS A 513 -1.93 -8.68 -4.10
C HIS A 513 -2.83 -9.89 -4.25
N ASP A 514 -2.23 -11.06 -4.49
CA ASP A 514 -2.96 -12.33 -4.43
C ASP A 514 -4.06 -12.44 -5.48
N LEU A 515 -3.63 -12.47 -6.75
CA LEU A 515 -4.47 -12.65 -7.93
C LEU A 515 -4.50 -14.09 -8.38
N LEU A 516 -5.66 -14.53 -8.89
CA LEU A 516 -5.71 -15.84 -9.50
C LEU A 516 -6.74 -15.96 -10.62
N VAL A 517 -6.48 -16.81 -11.61
CA VAL A 517 -7.49 -17.25 -12.59
C VAL A 517 -7.64 -18.77 -12.63
N VAL A 518 -8.86 -19.23 -12.96
CA VAL A 518 -9.15 -20.63 -12.90
C VAL A 518 -10.11 -21.01 -14.03
N SER A 519 -9.74 -22.03 -14.80
CA SER A 519 -10.66 -22.67 -15.73
C SER A 519 -11.33 -23.85 -15.07
N LEU A 520 -12.67 -23.90 -14.97
CA LEU A 520 -13.27 -25.14 -14.45
C LEU A 520 -13.22 -26.17 -15.55
N GLY A 521 -12.61 -27.30 -15.24
CA GLY A 521 -12.69 -28.46 -16.11
C GLY A 521 -12.33 -28.23 -17.57
N GLY A 522 -11.38 -27.33 -17.84
CA GLY A 522 -10.84 -27.14 -19.19
C GLY A 522 -11.77 -26.46 -20.19
N LYS A 523 -12.85 -25.87 -19.69
CA LYS A 523 -13.77 -25.17 -20.57
C LYS A 523 -13.25 -23.76 -20.83
N GLY A 524 -12.53 -23.62 -21.93
CA GLY A 524 -11.79 -22.40 -22.21
C GLY A 524 -10.54 -22.34 -21.35
N GLN A 525 -9.65 -21.42 -21.69
CA GLN A 525 -8.47 -21.20 -20.86
C GLN A 525 -8.12 -19.72 -20.81
N TYR A 526 -7.49 -19.31 -19.71
CA TYR A 526 -6.81 -18.01 -19.59
C TYR A 526 -5.37 -18.06 -20.13
N GLU A 527 -4.99 -17.05 -20.89
CA GLU A 527 -3.61 -16.94 -21.38
C GLU A 527 -2.63 -16.38 -20.35
N HIS A 528 -3.17 -15.59 -19.42
CA HIS A 528 -2.40 -14.95 -18.36
C HIS A 528 -3.34 -14.60 -17.23
N VAL A 529 -2.76 -14.10 -16.13
CA VAL A 529 -3.53 -13.64 -14.99
C VAL A 529 -3.89 -12.17 -15.11
N ILE A 530 -2.87 -11.35 -15.30
CA ILE A 530 -3.03 -9.90 -15.37
C ILE A 530 -2.18 -9.36 -16.50
N ASN A 531 -2.77 -8.57 -17.39
CA ASN A 531 -2.10 -8.12 -18.62
C ASN A 531 -1.64 -9.33 -19.40
N ASP A 532 -0.41 -9.35 -19.88
CA ASP A 532 0.14 -10.54 -20.52
C ASP A 532 1.15 -11.14 -19.54
N ILE A 533 0.78 -11.01 -18.26
CA ILE A 533 1.57 -11.46 -17.15
C ILE A 533 0.75 -12.49 -16.35
N GLY A 534 1.36 -13.64 -16.17
CA GLY A 534 0.69 -14.75 -15.53
C GLY A 534 0.76 -15.88 -16.49
N ASP A 535 1.00 -17.05 -15.90
CA ASP A 535 0.98 -18.28 -16.64
C ASP A 535 -0.43 -18.52 -17.10
N PRO A 536 -0.57 -19.21 -18.24
CA PRO A 536 -1.90 -19.59 -18.67
C PRO A 536 -2.45 -20.69 -17.81
N THR A 537 -3.77 -20.82 -17.75
CA THR A 537 -4.35 -22.04 -17.26
C THR A 537 -4.10 -23.17 -18.27
N SER A 538 -3.95 -24.39 -17.75
CA SER A 538 -3.71 -25.56 -18.58
C SER A 538 -4.45 -26.78 -18.00
N GLY A 539 -4.39 -27.91 -18.69
CA GLY A 539 -5.14 -29.11 -18.29
C GLY A 539 -6.66 -28.93 -18.22
N ASP A 540 -7.36 -29.96 -17.74
CA ASP A 540 -8.81 -29.89 -17.46
C ASP A 540 -9.05 -30.10 -15.98
N THR A 541 -7.94 -29.97 -15.25
CA THR A 541 -7.80 -30.19 -13.81
C THR A 541 -8.51 -29.17 -12.90
N THR A 542 -8.67 -27.93 -13.38
CA THR A 542 -9.16 -26.82 -12.54
C THR A 542 -8.13 -26.50 -11.45
N ILE A 543 -6.89 -26.39 -11.91
CA ILE A 543 -5.78 -25.90 -11.08
C ILE A 543 -5.60 -24.40 -11.29
N PRO A 544 -5.64 -23.61 -10.19
CA PRO A 544 -5.45 -22.16 -10.24
C PRO A 544 -4.08 -21.72 -10.76
N SER A 545 -4.05 -20.63 -11.56
CA SER A 545 -2.80 -19.92 -11.89
C SER A 545 -2.81 -18.63 -11.09
N GLN A 546 -1.72 -18.34 -10.35
CA GLN A 546 -1.76 -17.24 -9.39
C GLN A 546 -0.55 -16.34 -9.48
N VAL A 547 -0.81 -15.06 -9.25
CA VAL A 547 0.26 -14.10 -8.98
C VAL A 547 0.15 -13.49 -7.57
N VAL A 548 1.29 -13.32 -6.91
CA VAL A 548 1.29 -12.65 -5.58
C VAL A 548 1.29 -11.15 -5.72
N SER A 549 2.26 -10.66 -6.47
CA SER A 549 2.51 -9.22 -6.55
C SER A 549 2.61 -8.73 -7.97
N PHE A 550 1.78 -7.72 -8.25
CA PHE A 550 1.88 -6.93 -9.44
C PHE A 550 2.05 -5.52 -8.88
N PRO A 551 2.96 -4.71 -9.47
CA PRO A 551 3.98 -5.05 -10.48
C PRO A 551 5.09 -5.92 -9.97
N ALA B 1 -3.14 34.07 -0.89
CA ALA B 1 -4.48 33.50 -0.71
C ALA B 1 -4.88 33.53 0.79
N GLN B 2 -4.26 32.66 1.59
CA GLN B 2 -4.49 32.57 3.04
C GLN B 2 -3.17 32.08 3.67
N GLU B 3 -2.97 32.35 4.96
CA GLU B 3 -1.73 31.84 5.57
C GLU B 3 -1.76 30.30 5.70
N VAL B 4 -0.67 29.60 5.34
CA VAL B 4 -0.58 28.15 5.54
C VAL B 4 -0.40 27.92 7.03
N VAL B 5 -1.07 26.90 7.55
CA VAL B 5 -1.20 26.71 8.98
C VAL B 5 -0.28 25.59 9.46
N GLY B 6 0.65 25.97 10.34
CA GLY B 6 1.66 25.07 10.85
C GLY B 6 1.18 24.03 11.85
N GLY B 7 1.95 22.95 11.97
CA GLY B 7 1.63 21.84 12.84
C GLY B 7 0.51 20.97 12.32
N GLY B 8 -0.04 20.11 13.19
CA GLY B 8 -1.18 19.27 12.81
C GLY B 8 -0.96 17.78 13.07
N ASP B 9 -1.65 16.98 12.26
CA ASP B 9 -1.61 15.53 12.38
C ASP B 9 -0.63 15.01 11.35
N LEU B 10 0.09 13.97 11.75
CA LEU B 10 1.23 13.49 10.95
C LEU B 10 0.80 12.54 9.85
N GLY B 11 -0.52 12.42 9.68
CA GLY B 11 -1.10 11.54 8.68
C GLY B 11 -1.06 10.11 9.13
N PRO B 12 -1.67 9.22 8.34
CA PRO B 12 -1.75 7.84 8.81
C PRO B 12 -0.53 7.00 8.40
N ASN B 13 0.51 7.63 7.82
CA ASN B 13 1.75 6.89 7.51
C ASN B 13 2.85 6.98 8.59
N VAL B 14 2.54 7.70 9.67
CA VAL B 14 3.45 7.77 10.83
C VAL B 14 2.80 7.06 12.01
N LEU B 15 3.34 5.90 12.32
CA LEU B 15 2.86 5.08 13.41
C LEU B 15 3.67 5.43 14.65
N VAL B 16 2.96 5.77 15.70
CA VAL B 16 3.56 6.27 16.94
C VAL B 16 3.24 5.30 18.08
N PHE B 17 4.28 4.65 18.57
CA PHE B 17 4.17 3.58 19.57
C PHE B 17 4.53 4.07 20.97
N ASP B 18 3.99 3.33 21.95
CA ASP B 18 4.21 3.60 23.36
C ASP B 18 4.67 2.28 24.00
N PRO B 19 5.29 2.36 25.19
CA PRO B 19 5.44 1.24 26.10
C PRO B 19 4.26 0.30 25.89
N SER B 20 3.12 0.76 26.37
CA SER B 20 1.96 -0.05 26.64
C SER B 20 0.94 -0.04 25.49
N THR B 21 1.47 -0.12 24.26
CA THR B 21 0.66 -0.28 23.06
C THR B 21 0.53 -1.77 22.80
N PRO B 22 -0.70 -2.24 22.53
CA PRO B 22 -0.83 -3.70 22.35
C PRO B 22 -0.11 -4.21 21.10
N ASP B 23 0.64 -5.30 21.27
CA ASP B 23 1.16 -6.10 20.17
C ASP B 23 1.89 -5.23 19.15
N ILE B 24 2.89 -4.50 19.64
CA ILE B 24 3.74 -3.72 18.77
C ILE B 24 4.35 -4.58 17.68
N GLN B 25 4.79 -5.78 18.05
CA GLN B 25 5.38 -6.72 17.10
C GLN B 25 4.46 -6.97 15.92
N GLY B 26 3.17 -7.12 16.22
CA GLY B 26 2.19 -7.41 15.18
C GLY B 26 2.07 -6.26 14.22
N LYS B 27 2.04 -5.04 14.77
CA LYS B 27 1.92 -3.84 13.99
C LYS B 27 3.15 -3.67 13.08
N VAL B 28 4.32 -4.05 13.59
CA VAL B 28 5.57 -3.92 12.79
C VAL B 28 5.72 -5.07 11.79
N ASP B 29 5.12 -6.21 12.11
CA ASP B 29 5.15 -7.36 11.22
C ASP B 29 4.30 -7.05 9.98
N GLU B 30 3.17 -6.34 10.17
CA GLU B 30 2.33 -5.97 9.01
C GLU B 30 3.05 -5.02 8.07
N VAL B 31 3.65 -3.98 8.62
CA VAL B 31 4.39 -3.02 7.78
C VAL B 31 5.48 -3.76 7.01
N PHE B 32 6.23 -4.61 7.69
CA PHE B 32 7.28 -5.38 7.01
C PHE B 32 6.74 -6.23 5.85
N ARG B 33 5.63 -6.91 6.10
CA ARG B 33 5.06 -7.70 5.01
C ARG B 33 4.58 -6.80 3.85
N LYS B 34 4.00 -5.63 4.11
CA LYS B 34 3.70 -4.74 2.99
C LYS B 34 5.02 -4.38 2.27
N GLN B 35 6.12 -4.26 3.02
CA GLN B 35 7.34 -3.62 2.49
C GLN B 35 8.56 -4.50 2.14
N GLU B 36 8.54 -5.80 2.48
CA GLU B 36 9.73 -6.66 2.43
C GLU B 36 10.42 -6.60 1.07
N SER B 37 9.61 -6.88 0.07
CA SER B 37 10.03 -7.03 -1.32
C SER B 37 9.46 -5.88 -2.19
N ASN B 38 8.96 -4.83 -1.53
CA ASN B 38 8.25 -3.71 -2.17
C ASN B 38 9.25 -2.66 -2.64
N GLN B 39 10.06 -3.05 -3.60
CA GLN B 39 11.24 -2.25 -3.90
C GLN B 39 10.92 -0.94 -4.59
N PHE B 40 9.90 -0.97 -5.44
CA PHE B 40 9.58 0.19 -6.25
C PHE B 40 8.16 0.75 -6.04
N GLY B 41 7.39 0.22 -5.08
CA GLY B 41 6.05 0.72 -4.84
C GLY B 41 6.02 2.04 -4.09
N THR B 42 4.81 2.63 -3.97
CA THR B 42 4.65 3.99 -3.48
C THR B 42 4.35 4.11 -2.00
N ASP B 43 4.27 2.98 -1.28
CA ASP B 43 4.04 3.07 0.18
C ASP B 43 5.27 3.54 0.89
N ARG B 44 5.04 4.22 1.99
CA ARG B 44 6.08 4.89 2.75
C ARG B 44 5.63 4.83 4.21
N TYR B 45 6.52 4.48 5.14
CA TYR B 45 6.15 4.50 6.58
C TYR B 45 7.25 5.04 7.49
N ALA B 46 6.86 5.79 8.51
CA ALA B 46 7.75 6.03 9.67
C ALA B 46 7.21 5.27 10.87
N LEU B 47 8.09 4.66 11.64
CA LEU B 47 7.72 3.99 12.88
C LEU B 47 8.44 4.79 13.95
N MET B 48 7.70 5.51 14.80
CA MET B 48 8.29 6.36 15.84
C MET B 48 7.96 5.77 17.20
N PHE B 49 8.95 5.76 18.08
CA PHE B 49 8.84 5.14 19.40
C PHE B 49 9.05 6.15 20.51
N LYS B 50 8.01 6.33 21.33
CA LYS B 50 8.12 7.26 22.46
C LYS B 50 9.18 6.80 23.47
N PRO B 51 9.79 7.75 24.21
CA PRO B 51 10.81 7.26 25.18
C PRO B 51 10.29 6.30 26.25
N GLY B 52 11.14 5.37 26.71
CA GLY B 52 10.78 4.33 27.69
C GLY B 52 11.47 3.01 27.30
N THR B 53 11.05 1.87 27.88
CA THR B 53 11.62 0.55 27.57
C THR B 53 10.67 -0.40 26.83
N TYR B 54 11.27 -1.14 25.89
CA TYR B 54 10.54 -1.95 24.90
C TYR B 54 11.12 -3.34 24.79
N ASN B 55 10.27 -4.37 24.91
CA ASN B 55 10.68 -5.78 25.03
C ASN B 55 10.19 -6.75 23.97
N ASP B 56 11.01 -7.78 23.72
CA ASP B 56 10.61 -8.88 22.85
C ASP B 56 10.22 -8.32 21.49
N ILE B 57 10.93 -7.25 21.11
CA ILE B 57 10.74 -6.57 19.84
C ILE B 57 11.82 -7.07 18.86
N ASN B 58 11.45 -7.24 17.60
CA ASN B 58 12.41 -7.49 16.56
C ASN B 58 11.83 -6.81 15.34
N ALA B 59 12.13 -5.54 15.22
CA ALA B 59 11.55 -4.72 14.16
C ALA B 59 12.36 -4.96 12.91
N GLN B 60 11.82 -5.80 12.04
CA GLN B 60 12.45 -6.01 10.74
C GLN B 60 12.02 -4.90 9.81
N ILE B 61 13.01 -4.32 9.14
CA ILE B 61 12.84 -3.07 8.38
C ILE B 61 12.89 -3.33 6.89
N GLY B 62 11.74 -3.20 6.22
CA GLY B 62 11.66 -3.40 4.77
C GLY B 62 11.95 -2.13 4.00
N PHE B 63 11.56 -2.09 2.72
CA PHE B 63 11.76 -0.92 1.91
C PHE B 63 10.96 0.27 2.45
N TYR B 64 11.51 1.47 2.24
CA TYR B 64 10.81 2.73 2.51
C TYR B 64 10.20 2.76 3.91
N THR B 65 11.00 2.32 4.87
CA THR B 65 10.63 2.28 6.28
C THR B 65 11.74 2.94 7.09
N SER B 66 11.32 3.97 7.84
CA SER B 66 12.19 4.60 8.84
C SER B 66 11.73 4.22 10.24
N ILE B 67 12.70 3.95 11.11
CA ILE B 67 12.37 3.65 12.51
C ILE B 67 13.20 4.61 13.36
N ALA B 68 12.55 5.23 14.34
CA ALA B 68 13.23 6.19 15.16
C ALA B 68 12.63 6.31 16.54
N GLY B 69 13.51 6.59 17.50
CA GLY B 69 13.11 6.98 18.83
C GLY B 69 12.82 8.48 18.92
N LEU B 70 12.01 8.87 19.90
CA LEU B 70 11.55 10.23 20.06
C LEU B 70 12.17 10.97 21.28
N GLY B 71 13.36 10.56 21.71
CA GLY B 71 14.16 11.34 22.67
C GLY B 71 15.35 12.13 22.09
N LEU B 72 15.84 13.12 22.87
CA LEU B 72 17.15 13.78 22.61
C LEU B 72 18.41 12.86 22.48
N ASN B 73 18.36 11.63 22.98
CA ASN B 73 19.40 10.65 22.75
C ASN B 73 18.81 9.26 22.65
N PRO B 74 19.52 8.33 22.02
CA PRO B 74 19.02 6.96 21.83
C PRO B 74 18.55 6.27 23.12
N ASP B 75 19.30 6.29 24.22
CA ASP B 75 18.95 5.36 25.30
C ASP B 75 17.64 5.76 25.97
N ASP B 76 17.15 6.98 25.70
CA ASP B 76 15.82 7.35 26.13
C ASP B 76 14.78 6.37 25.59
N THR B 77 15.05 5.83 24.40
CA THR B 77 14.17 4.84 23.78
C THR B 77 14.99 3.57 23.54
N THR B 78 14.80 2.58 24.41
CA THR B 78 15.62 1.39 24.45
C THR B 78 14.79 0.16 24.08
N PHE B 79 15.29 -0.56 23.07
CA PHE B 79 14.76 -1.87 22.68
C PHE B 79 15.59 -2.98 23.30
N ASN B 80 14.98 -3.75 24.22
CA ASN B 80 15.51 -5.07 24.52
C ASN B 80 14.96 -5.90 23.42
N GLY B 81 15.82 -6.12 22.43
CA GLY B 81 15.43 -6.64 21.14
C GLY B 81 16.24 -5.95 20.06
N ASP B 82 15.71 -6.01 18.83
CA ASP B 82 16.53 -5.74 17.65
C ASP B 82 15.83 -4.79 16.67
N VAL B 83 16.64 -4.28 15.74
CA VAL B 83 16.15 -3.66 14.52
C VAL B 83 16.94 -4.28 13.39
N THR B 84 16.26 -5.10 12.60
CA THR B 84 16.90 -6.05 11.74
C THR B 84 16.68 -5.72 10.27
N VAL B 85 17.78 -5.73 9.51
CA VAL B 85 17.70 -5.86 8.07
C VAL B 85 18.46 -7.11 7.68
N ASP B 86 17.74 -8.03 7.05
CA ASP B 86 18.37 -9.19 6.42
C ASP B 86 18.01 -9.32 4.93
N ALA B 87 18.52 -10.36 4.27
CA ALA B 87 18.28 -10.52 2.83
C ALA B 87 17.52 -11.82 2.45
N GLY B 88 16.67 -12.28 3.36
CA GLY B 88 16.01 -13.57 3.15
C GLY B 88 15.21 -13.42 1.88
N TRP B 89 14.79 -12.18 1.61
CA TRP B 89 13.87 -12.01 0.54
C TRP B 89 14.52 -12.24 -0.78
N PHE B 90 15.80 -11.90 -0.87
CA PHE B 90 16.53 -12.15 -2.11
C PHE B 90 17.67 -13.11 -1.85
N ASP B 91 17.46 -14.00 -0.89
CA ASP B 91 18.53 -14.85 -0.30
C ASP B 91 19.89 -14.23 -0.18
N GLY B 92 20.38 -14.12 1.05
CA GLY B 92 21.83 -14.10 1.23
C GLY B 92 22.59 -12.93 0.64
N ASN B 93 22.20 -12.48 -0.55
CA ASN B 93 22.78 -11.31 -1.16
C ASN B 93 21.90 -10.09 -0.78
N ALA B 94 22.52 -8.97 -0.43
CA ALA B 94 21.81 -7.87 0.13
C ALA B 94 22.00 -6.60 -0.69
N THR B 95 22.40 -6.79 -1.96
CA THR B 95 22.74 -5.67 -2.84
C THR B 95 21.55 -4.91 -3.36
N GLN B 96 20.39 -5.11 -2.77
CA GLN B 96 19.28 -4.20 -3.04
C GLN B 96 18.47 -3.83 -1.81
N ASN B 97 19.07 -3.95 -0.64
CA ASN B 97 18.43 -3.50 0.60
C ASN B 97 18.61 -2.01 0.77
N PHE B 98 17.87 -1.27 -0.07
CA PHE B 98 17.92 0.17 -0.17
C PHE B 98 16.80 0.88 0.61
N TRP B 99 16.97 2.19 0.76
CA TRP B 99 15.89 3.16 1.10
C TRP B 99 15.14 2.83 2.40
N ARG B 100 15.87 2.86 3.49
CA ARG B 100 15.28 2.64 4.80
C ARG B 100 16.20 3.29 5.82
N SER B 101 15.81 3.35 7.08
CA SER B 101 16.71 4.01 8.02
C SER B 101 16.38 3.71 9.47
N ALA B 102 17.41 3.83 10.31
CA ALA B 102 17.24 3.71 11.77
C ALA B 102 17.93 4.87 12.46
N GLU B 103 17.26 5.45 13.44
CA GLU B 103 17.83 6.57 14.18
C GLU B 103 17.37 6.67 15.63
N ASN B 104 18.27 7.13 16.50
CA ASN B 104 17.90 7.64 17.83
C ASN B 104 17.24 6.58 18.73
N LEU B 105 17.84 5.40 18.73
CA LEU B 105 17.41 4.22 19.54
C LEU B 105 18.63 3.58 20.20
N ALA B 106 18.45 3.00 21.40
CA ALA B 106 19.44 2.08 21.97
C ALA B 106 18.93 0.64 21.75
N LEU B 107 19.80 -0.25 21.31
CA LEU B 107 19.46 -1.65 21.06
C LEU B 107 20.28 -2.54 21.98
N ASN B 108 19.59 -3.53 22.52
CA ASN B 108 20.18 -4.58 23.33
C ASN B 108 19.73 -5.88 22.67
N PRO B 109 20.43 -6.30 21.61
CA PRO B 109 19.91 -7.40 20.78
C PRO B 109 20.06 -8.77 21.44
N VAL B 110 19.30 -9.79 21.03
CA VAL B 110 19.02 -10.95 21.89
C VAL B 110 20.16 -12.06 22.04
N ASN B 111 20.92 -12.19 20.95
CA ASN B 111 22.06 -13.08 20.69
C ASN B 111 23.35 -12.20 20.73
N GLY B 112 23.18 -10.97 21.20
CA GLY B 112 24.30 -10.09 21.51
C GLY B 112 24.80 -9.24 20.34
N THR B 113 24.10 -9.31 19.21
CA THR B 113 24.54 -8.68 17.98
C THR B 113 23.33 -8.34 17.11
N ASN B 114 23.22 -7.09 16.71
CA ASN B 114 22.15 -6.62 15.82
C ASN B 114 22.60 -6.74 14.37
N ARG B 115 21.69 -7.17 13.49
CA ARG B 115 22.02 -7.31 12.08
C ARG B 115 21.36 -6.20 11.25
N TRP B 116 22.20 -5.38 10.61
CA TRP B 116 21.77 -4.29 9.71
C TRP B 116 22.44 -4.56 8.37
N ALA B 117 21.90 -5.52 7.63
CA ALA B 117 22.54 -6.01 6.42
C ALA B 117 22.04 -5.23 5.19
N VAL B 118 22.54 -4.02 5.02
CA VAL B 118 21.96 -3.08 4.07
C VAL B 118 22.90 -2.78 2.91
N SER B 119 22.33 -2.12 1.90
CA SER B 119 23.13 -1.56 0.84
C SER B 119 22.95 -0.05 0.85
N GLN B 120 22.85 0.61 -0.29
CA GLN B 120 22.86 2.08 -0.34
C GLN B 120 21.58 2.71 0.20
N ALA B 121 21.71 3.95 0.64
CA ALA B 121 20.58 4.75 1.20
C ALA B 121 19.87 4.06 2.35
N ALA B 122 20.66 3.57 3.29
CA ALA B 122 20.13 2.92 4.49
C ALA B 122 20.86 3.41 5.77
N PRO B 123 20.73 4.71 6.06
CA PRO B 123 21.54 5.28 7.14
C PRO B 123 21.20 4.75 8.51
N PHE B 124 22.23 4.72 9.35
CA PHE B 124 22.16 4.26 10.73
C PHE B 124 22.77 5.41 11.52
N ARG B 125 21.92 6.21 12.17
CA ARG B 125 22.36 7.45 12.81
C ARG B 125 21.96 7.55 14.26
N ARG B 126 22.88 8.06 15.10
CA ARG B 126 22.49 8.39 16.45
C ARG B 126 21.95 7.15 17.16
N MET B 127 22.61 6.02 16.92
CA MET B 127 22.24 4.75 17.51
C MET B 127 23.20 4.36 18.64
N HIS B 128 22.67 3.72 19.66
CA HIS B 128 23.51 3.07 20.66
C HIS B 128 23.26 1.56 20.64
N VAL B 129 24.23 0.79 20.16
CA VAL B 129 24.09 -0.64 20.15
C VAL B 129 24.88 -1.23 21.34
N LYS B 130 24.13 -1.78 22.29
CA LYS B 130 24.71 -2.45 23.46
C LYS B 130 25.05 -3.90 23.13
N GLY B 131 26.03 -4.07 22.27
CA GLY B 131 26.34 -5.37 21.68
C GLY B 131 27.08 -5.08 20.41
N GLY B 132 27.14 -6.08 19.53
CA GLY B 132 27.82 -5.97 18.26
C GLY B 132 26.84 -5.61 17.17
N LEU B 133 27.39 -5.32 15.99
CA LEU B 133 26.60 -4.96 14.82
C LEU B 133 27.18 -5.76 13.65
N ASN B 134 26.38 -6.65 13.07
CA ASN B 134 26.79 -7.46 11.92
C ASN B 134 26.18 -6.81 10.70
N LEU B 135 27.00 -6.33 9.77
CA LEU B 135 26.48 -5.64 8.58
C LEU B 135 26.20 -6.57 7.42
N ALA B 136 26.32 -7.87 7.66
CA ALA B 136 26.31 -8.85 6.59
C ALA B 136 25.06 -9.71 6.54
N PRO B 137 24.67 -10.06 5.33
CA PRO B 137 23.72 -11.16 5.17
C PRO B 137 24.49 -12.47 5.45
N ASP B 138 23.77 -13.54 5.78
CA ASP B 138 24.33 -14.73 6.42
C ASP B 138 25.03 -15.65 5.41
N GLY B 139 26.02 -16.44 5.81
CA GLY B 139 26.79 -17.16 4.82
C GLY B 139 27.47 -16.20 3.89
N TYR B 140 27.93 -15.12 4.54
CA TYR B 140 28.43 -13.89 3.90
C TYR B 140 28.17 -13.64 2.38
N GLY B 141 29.13 -13.34 1.53
CA GLY B 141 28.78 -12.84 0.20
C GLY B 141 28.10 -11.45 0.11
N TRP B 142 28.63 -10.61 -0.79
CA TRP B 142 28.48 -9.12 -0.91
C TRP B 142 27.15 -8.31 -0.47
N ALA B 143 27.37 -7.25 0.27
CA ALA B 143 26.31 -6.29 0.41
C ALA B 143 27.18 -5.18 0.00
N SER B 144 26.58 -4.02 -0.17
CA SER B 144 27.29 -2.89 -0.72
C SER B 144 26.70 -1.62 -0.11
N GLY B 145 26.79 -1.53 1.22
CA GLY B 145 26.47 -0.27 1.90
C GLY B 145 27.67 0.63 1.91
N GLY B 146 27.75 1.54 2.87
CA GLY B 146 26.78 1.73 3.94
C GLY B 146 27.25 2.93 4.74
N TYR B 147 26.48 3.34 5.74
CA TYR B 147 26.65 4.62 6.40
C TYR B 147 26.21 4.52 7.86
N ILE B 148 27.16 4.82 8.73
CA ILE B 148 26.93 4.99 10.15
C ILE B 148 27.48 6.35 10.58
N ALA B 149 26.66 7.11 11.30
CA ALA B 149 27.12 8.39 11.84
C ALA B 149 26.61 8.55 13.26
N ASP B 150 27.40 9.21 14.09
CA ASP B 150 26.97 9.65 15.40
C ASP B 150 26.43 8.53 16.29
N SER B 151 27.09 7.38 16.22
CA SER B 151 26.61 6.20 16.92
C SER B 151 27.69 5.62 17.82
N LYS B 152 27.26 4.91 18.87
CA LYS B 152 28.18 4.09 19.66
C LYS B 152 27.77 2.62 19.61
N ILE B 153 28.72 1.80 19.17
CA ILE B 153 28.55 0.35 19.12
C ILE B 153 29.46 -0.17 20.23
N ASP B 154 28.90 -0.81 21.25
CA ASP B 154 29.70 -1.20 22.44
C ASP B 154 30.71 -2.32 22.13
N GLY B 155 30.33 -3.25 21.25
CA GLY B 155 31.21 -4.31 20.83
C GLY B 155 31.74 -4.08 19.43
N GLU B 156 31.92 -5.16 18.70
CA GLU B 156 32.48 -5.10 17.37
C GLU B 156 31.46 -4.94 16.27
N VAL B 157 31.87 -4.24 15.23
CA VAL B 157 31.17 -4.23 13.97
C VAL B 157 31.73 -5.35 13.08
N GLY B 158 30.85 -6.02 12.36
CA GLY B 158 31.27 -7.10 11.48
C GLY B 158 30.82 -6.77 10.08
N PRO B 159 31.72 -6.18 9.29
CA PRO B 159 31.36 -5.95 7.89
C PRO B 159 31.18 -7.24 7.09
N TYR B 160 31.97 -8.30 7.39
CA TYR B 160 32.06 -9.52 6.58
C TYR B 160 31.94 -9.27 5.08
N SER B 161 30.84 -9.68 4.45
CA SER B 161 30.83 -9.62 2.99
C SER B 161 30.82 -8.21 2.41
N GLN B 162 30.12 -7.26 3.03
CA GLN B 162 30.14 -5.82 2.64
C GLN B 162 31.35 -5.33 1.82
N GLN B 163 31.11 -4.76 0.64
CA GLN B 163 32.18 -4.21 -0.19
C GLN B 163 33.00 -3.13 0.50
N GLN B 164 32.27 -2.17 1.04
CA GLN B 164 32.84 -0.90 1.43
C GLN B 164 31.91 -0.35 2.52
N TRP B 165 32.33 0.72 3.17
CA TRP B 165 31.58 1.28 4.29
C TRP B 165 32.17 2.61 4.69
N TYR B 166 31.30 3.50 5.17
CA TYR B 166 31.73 4.78 5.74
C TYR B 166 31.12 4.96 7.12
N THR B 167 31.98 5.31 8.08
CA THR B 167 31.58 5.59 9.45
C THR B 167 32.15 6.93 9.87
N ARG B 168 31.27 7.79 10.39
CA ARG B 168 31.65 9.15 10.82
C ARG B 168 31.32 9.40 12.29
N ASP B 169 32.23 10.08 13.01
CA ASP B 169 31.93 10.72 14.31
C ASP B 169 31.12 9.81 15.26
N SER B 170 31.74 8.66 15.53
CA SER B 170 31.18 7.57 16.27
C SER B 170 32.20 6.94 17.23
N SER B 171 31.74 5.91 17.95
CA SER B 171 32.53 5.18 18.92
C SER B 171 32.25 3.67 18.63
N VAL B 172 33.29 2.87 18.47
CA VAL B 172 33.13 1.42 18.24
C VAL B 172 34.03 0.62 19.17
N GLY B 173 33.58 -0.57 19.56
CA GLY B 173 34.32 -1.41 20.49
C GLY B 173 35.32 -2.28 19.78
N GLY B 174 35.10 -2.44 18.48
CA GLY B 174 36.03 -3.11 17.59
C GLY B 174 35.54 -3.03 16.14
N TRP B 175 36.47 -3.28 15.21
CA TRP B 175 36.16 -3.35 13.79
C TRP B 175 36.84 -4.56 13.17
N GLY B 176 36.06 -5.54 12.73
CA GLY B 176 36.62 -6.85 12.37
C GLY B 176 37.34 -7.00 11.03
N ASN B 177 36.89 -6.30 10.00
CA ASN B 177 37.48 -6.50 8.68
C ASN B 177 37.08 -5.42 7.70
N GLY B 178 37.71 -5.44 6.53
CA GLY B 178 37.20 -4.69 5.39
C GLY B 178 37.19 -5.58 4.17
N VAL B 179 36.98 -4.99 3.00
CA VAL B 179 36.94 -5.73 1.73
C VAL B 179 37.68 -4.90 0.70
N TRP B 180 37.03 -3.88 0.14
CA TRP B 180 37.65 -2.97 -0.81
C TRP B 180 37.92 -1.54 -0.28
N ASN B 181 37.07 -1.04 0.63
CA ASN B 181 37.20 0.35 1.09
C ASN B 181 36.36 0.65 2.33
N MET B 182 36.98 0.53 3.51
CA MET B 182 36.33 0.92 4.74
C MET B 182 36.98 2.21 5.19
N THR B 183 36.20 3.28 5.23
CA THR B 183 36.70 4.60 5.61
C THR B 183 36.03 5.08 6.92
N PHE B 184 36.83 5.79 7.72
CA PHE B 184 36.45 6.26 9.04
C PHE B 184 36.93 7.69 9.15
N SER B 185 36.07 8.58 9.65
CA SER B 185 36.55 9.87 10.14
C SER B 185 35.90 10.19 11.49
N GLY B 186 36.72 10.60 12.46
CA GLY B 186 36.21 10.92 13.78
C GLY B 186 35.67 9.71 14.54
N VAL B 187 36.23 8.53 14.27
CA VAL B 187 35.73 7.31 14.88
C VAL B 187 36.67 6.77 15.96
N GLU B 188 36.23 6.89 17.20
CA GLU B 188 36.93 6.31 18.33
C GLU B 188 36.83 4.79 18.24
N GLY B 189 37.99 4.13 18.28
CA GLY B 189 38.10 2.69 18.15
C GLY B 189 38.30 2.20 16.72
N ALA B 190 38.36 3.11 15.77
CA ALA B 190 38.59 2.72 14.39
C ALA B 190 39.92 1.99 14.27
N PRO B 191 40.05 1.13 13.27
CA PRO B 191 41.35 0.53 13.05
C PRO B 191 42.34 1.55 12.51
N ALA B 192 43.62 1.30 12.72
CA ALA B 192 44.66 2.15 12.17
C ALA B 192 44.58 2.24 10.65
N GLN B 193 44.89 3.42 10.16
CA GLN B 193 45.06 3.67 8.73
C GLN B 193 45.99 2.61 8.21
N SER B 194 45.60 1.89 7.16
CA SER B 194 46.27 0.66 6.71
C SER B 194 46.34 0.41 5.21
N PHE B 195 45.57 1.19 4.45
CA PHE B 195 45.38 0.98 3.02
C PHE B 195 46.76 0.85 2.34
N PRO B 196 46.91 -0.07 1.38
CA PRO B 196 45.86 -0.88 0.78
C PRO B 196 45.56 -2.20 1.47
N GLU B 197 46.02 -2.46 2.69
CA GLU B 197 45.66 -3.71 3.38
C GLU B 197 45.93 -3.76 4.90
N PRO B 198 44.88 -4.05 5.71
CA PRO B 198 43.51 -4.07 5.20
C PRO B 198 43.15 -2.69 4.61
N PRO B 199 42.07 -2.62 3.82
CA PRO B 199 41.72 -1.45 3.00
C PRO B 199 41.08 -0.37 3.88
N TYR B 200 41.81 0.05 4.93
CA TYR B 200 41.32 1.00 5.93
C TYR B 200 41.88 2.40 5.66
N THR B 201 40.97 3.35 5.50
CA THR B 201 41.28 4.77 5.39
C THR B 201 40.72 5.44 6.64
N THR B 202 41.61 5.97 7.49
CA THR B 202 41.22 6.44 8.80
C THR B 202 41.72 7.86 9.05
N LEU B 203 40.78 8.78 9.27
CA LEU B 203 41.09 10.17 9.57
C LEU B 203 40.72 10.43 11.03
N GLU B 204 41.55 11.14 11.80
CA GLU B 204 41.23 11.29 13.23
C GLU B 204 39.94 12.08 13.46
N THR B 205 39.68 13.11 12.65
CA THR B 205 38.47 13.90 12.80
C THR B 205 37.79 14.14 11.46
N THR B 206 36.54 14.57 11.52
CA THR B 206 35.82 14.99 10.35
C THR B 206 35.97 16.51 10.28
N PRO B 207 36.35 17.07 9.10
CA PRO B 207 36.61 18.52 9.08
C PRO B 207 35.49 19.35 9.63
N VAL B 208 34.28 19.12 9.14
CA VAL B 208 33.11 19.60 9.87
C VAL B 208 31.95 18.65 9.70
N SER B 209 31.05 18.67 10.68
CA SER B 209 29.83 17.89 10.58
C SER B 209 28.74 18.46 11.46
N ARG B 210 27.52 18.26 11.02
CA ARG B 210 26.36 18.75 11.75
C ARG B 210 25.34 17.63 11.67
N GLU B 211 24.90 17.13 12.83
CA GLU B 211 24.04 15.95 12.84
C GLU B 211 22.65 16.27 12.30
N LYS B 212 22.04 15.26 11.71
CA LYS B 212 20.75 15.46 11.03
C LYS B 212 19.70 15.83 12.06
N PRO B 213 18.85 16.82 11.76
CA PRO B 213 17.65 17.11 12.59
C PRO B 213 16.75 15.90 12.74
N PHE B 214 16.08 15.81 13.90
CA PHE B 214 15.15 14.73 14.15
C PHE B 214 13.94 15.20 14.97
N LEU B 215 12.82 14.52 14.74
CA LEU B 215 11.56 14.73 15.42
C LEU B 215 11.67 14.02 16.77
N TYR B 216 11.47 14.77 17.86
CA TYR B 216 11.45 14.22 19.23
C TYR B 216 10.23 14.70 20.04
N LEU B 217 10.07 14.12 21.25
CA LEU B 217 9.06 14.54 22.24
C LEU B 217 9.69 15.18 23.46
N ASP B 218 9.32 16.45 23.70
CA ASP B 218 9.79 17.26 24.81
C ASP B 218 8.56 17.06 25.70
N GLY B 219 8.37 15.80 26.09
CA GLY B 219 7.18 15.41 26.80
C GLY B 219 6.07 14.90 25.90
N ASP B 220 5.36 15.80 25.24
CA ASP B 220 4.02 15.47 24.80
C ASP B 220 3.62 16.26 23.56
N ASP B 221 4.04 17.51 23.48
CA ASP B 221 4.19 18.12 22.16
C ASP B 221 5.45 17.61 21.42
N TYR B 222 5.27 17.32 20.13
CA TYR B 222 6.36 17.14 19.17
C TYR B 222 7.22 18.37 18.88
N LYS B 223 8.50 18.13 18.60
CA LYS B 223 9.45 19.17 18.20
C LYS B 223 10.56 18.54 17.36
N VAL B 224 11.37 19.38 16.73
CA VAL B 224 12.54 18.95 15.98
C VAL B 224 13.81 19.52 16.58
N PHE B 225 14.76 18.67 16.99
CA PHE B 225 16.06 19.14 17.46
C PHE B 225 16.90 19.33 16.21
N VAL B 226 17.63 20.45 16.19
CA VAL B 226 18.38 20.94 15.06
C VAL B 226 19.78 21.14 15.65
N PRO B 227 20.62 20.11 15.54
CA PRO B 227 21.91 20.21 16.24
C PRO B 227 22.92 21.23 15.66
N ALA B 228 23.68 21.90 16.54
CA ALA B 228 24.79 22.75 16.11
C ALA B 228 25.89 21.99 15.36
N LYS B 229 26.52 22.66 14.39
CA LYS B 229 27.75 22.13 13.77
C LYS B 229 28.87 21.84 14.77
N ARG B 230 29.70 20.87 14.41
CA ARG B 230 30.96 20.66 15.07
C ARG B 230 32.08 20.93 14.10
N THR B 231 33.23 21.32 14.64
CA THR B 231 34.46 21.41 13.87
C THR B 231 35.44 20.35 14.36
N ASN B 232 36.10 19.67 13.43
CA ASN B 232 37.09 18.66 13.80
C ASN B 232 36.43 17.64 14.75
N ALA B 233 35.32 17.11 14.29
CA ALA B 233 34.50 16.21 15.08
C ALA B 233 35.15 14.84 15.31
N ARG B 234 34.89 14.29 16.49
CA ARG B 234 35.33 12.96 16.85
C ARG B 234 34.44 12.45 17.96
N GLY B 235 34.04 11.18 17.85
CA GLY B 235 33.11 10.59 18.77
C GLY B 235 31.70 11.12 18.60
N THR B 236 30.78 10.57 19.40
CA THR B 236 29.38 10.97 19.30
C THR B 236 29.14 12.40 19.83
N SER B 237 28.05 12.98 19.35
CA SER B 237 27.55 14.28 19.80
C SER B 237 26.55 14.21 20.97
N TRP B 238 26.40 13.04 21.54
CA TRP B 238 25.48 12.90 22.63
C TRP B 238 26.18 12.11 23.72
N GLY B 239 27.35 11.57 23.42
CA GLY B 239 28.12 10.88 24.44
C GLY B 239 28.24 11.59 25.79
N ASN B 240 28.24 12.95 25.78
CA ASN B 240 28.67 13.82 26.93
C ASN B 240 27.64 14.33 27.95
N GLY B 241 26.39 14.62 27.58
CA GLY B 241 25.50 15.26 28.56
C GLY B 241 24.20 15.82 27.99
N THR B 242 23.87 17.10 28.22
CA THR B 242 22.88 17.83 27.35
C THR B 242 23.37 18.13 25.87
N PRO B 243 22.77 17.45 24.87
CA PRO B 243 23.29 17.70 23.53
C PRO B 243 23.09 19.17 23.06
N GLU B 244 23.94 19.63 22.18
CA GLU B 244 23.99 21.04 21.83
C GLU B 244 23.22 21.47 20.57
N GLY B 245 22.42 22.53 20.69
CA GLY B 245 21.88 23.18 19.51
C GLY B 245 20.60 23.99 19.73
N GLU B 246 19.68 23.88 18.77
CA GLU B 246 18.31 24.41 18.93
C GLU B 246 17.13 23.50 18.63
N SER B 247 16.09 23.70 19.45
CA SER B 247 14.85 22.95 19.36
C SER B 247 13.76 23.87 18.80
N LEU B 248 13.03 23.36 17.80
CA LEU B 248 11.95 24.06 17.13
C LEU B 248 10.56 23.39 17.38
N PRO B 249 9.51 24.19 17.73
CA PRO B 249 8.20 23.55 17.92
C PRO B 249 7.57 23.01 16.63
N LEU B 250 6.75 21.98 16.71
CA LEU B 250 6.06 21.47 15.52
C LEU B 250 5.12 22.47 14.80
N ASP B 251 4.50 23.42 15.52
CA ASP B 251 3.66 24.43 14.83
C ASP B 251 4.55 25.49 14.14
N GLN B 252 5.85 25.31 14.24
CA GLN B 252 6.82 26.07 13.45
C GLN B 252 7.03 25.34 12.09
N PHE B 253 6.32 24.23 11.87
CA PHE B 253 6.43 23.42 10.63
C PHE B 253 5.13 23.27 9.81
N TYR B 254 5.20 23.52 8.50
CA TYR B 254 4.14 23.02 7.60
C TYR B 254 4.33 21.51 7.47
N VAL B 255 3.27 20.77 7.79
CA VAL B 255 3.32 19.31 7.85
C VAL B 255 2.75 18.87 6.51
N VAL B 256 3.66 18.60 5.58
CA VAL B 256 3.28 18.43 4.19
C VAL B 256 2.62 17.06 4.09
N LYS B 257 1.29 17.13 3.94
CA LYS B 257 0.39 15.99 3.91
C LYS B 257 0.25 15.40 2.50
N PRO B 258 -0.22 14.15 2.40
CA PRO B 258 -0.65 13.75 1.05
C PRO B 258 -1.78 14.61 0.40
N GLY B 259 -1.43 15.34 -0.65
CA GLY B 259 -2.30 16.35 -1.29
C GLY B 259 -1.74 17.77 -1.58
N ALA B 260 -0.53 18.06 -1.08
CA ALA B 260 0.13 19.41 -1.20
C ALA B 260 0.74 19.89 -2.56
N THR B 261 0.14 20.92 -3.18
CA THR B 261 0.80 21.57 -4.32
C THR B 261 2.17 22.21 -4.00
N ALA B 262 2.96 22.42 -5.04
CA ALA B 262 4.24 23.09 -4.94
C ALA B 262 4.03 24.49 -4.42
N GLU B 263 3.04 25.15 -5.03
CA GLU B 263 2.68 26.54 -4.72
C GLU B 263 2.46 26.76 -3.19
N THR B 264 1.72 25.87 -2.53
CA THR B 264 1.51 26.00 -1.07
C THR B 264 2.72 25.68 -0.22
N ILE B 265 3.53 24.70 -0.64
CA ILE B 265 4.78 24.40 0.05
C ILE B 265 5.72 25.63 -0.01
N ASN B 266 5.81 26.25 -1.19
CA ASN B 266 6.59 27.49 -1.32
C ASN B 266 5.99 28.66 -0.54
N ALA B 267 4.67 28.70 -0.46
CA ALA B 267 4.04 29.75 0.32
C ALA B 267 4.43 29.60 1.77
N ALA B 268 4.44 28.38 2.26
CA ALA B 268 4.82 28.12 3.65
C ALA B 268 6.22 28.66 3.97
N VAL B 269 7.18 28.28 3.13
CA VAL B 269 8.54 28.71 3.37
C VAL B 269 8.63 30.24 3.22
N ASP B 270 7.98 30.79 2.20
CA ASP B 270 8.01 32.25 2.00
C ASP B 270 7.52 32.90 3.27
N GLN B 271 6.47 32.28 3.82
CA GLN B 271 5.83 32.73 5.05
C GLN B 271 6.76 32.80 6.24
N GLY B 272 7.55 31.74 6.46
CA GLY B 272 8.34 31.58 7.70
C GLY B 272 8.29 30.21 8.34
N LEU B 273 7.59 29.26 7.71
CA LEU B 273 7.48 27.91 8.28
C LEU B 273 8.60 27.02 7.75
N HIS B 274 9.00 26.07 8.57
CA HIS B 274 9.85 24.98 8.11
C HIS B 274 8.95 23.91 7.46
N LEU B 275 9.56 22.87 6.90
CA LEU B 275 8.86 21.81 6.20
C LEU B 275 9.13 20.46 6.85
N LEU B 276 8.04 19.72 7.10
CA LEU B 276 8.09 18.36 7.60
C LEU B 276 7.29 17.50 6.61
N PHE B 277 7.99 16.71 5.80
CA PHE B 277 7.29 15.89 4.82
C PHE B 277 6.92 14.56 5.42
N THR B 278 5.63 14.31 5.56
CA THR B 278 5.16 13.04 6.08
C THR B 278 5.43 11.95 5.02
N PRO B 279 5.52 10.70 5.44
CA PRO B 279 5.84 9.63 4.47
C PRO B 279 4.80 9.51 3.37
N GLY B 280 5.26 9.41 2.13
CA GLY B 280 4.41 9.55 0.97
C GLY B 280 5.17 10.06 -0.23
N VAL B 281 4.45 10.21 -1.34
CA VAL B 281 5.03 10.55 -2.63
C VAL B 281 4.31 11.78 -3.13
N TYR B 282 5.08 12.85 -3.33
CA TYR B 282 4.55 14.18 -3.65
C TYR B 282 4.97 14.61 -5.07
N HIS B 283 4.03 14.63 -5.99
CA HIS B 283 4.32 15.21 -7.30
C HIS B 283 4.24 16.73 -7.21
N VAL B 284 5.21 17.42 -7.81
CA VAL B 284 5.18 18.87 -7.98
C VAL B 284 5.25 19.26 -9.48
N ASP B 285 4.51 20.29 -9.86
CA ASP B 285 4.63 20.81 -11.22
C ASP B 285 5.35 22.15 -11.28
N GLN B 286 6.01 22.51 -10.19
CA GLN B 286 7.07 23.51 -10.22
C GLN B 286 8.04 23.24 -9.08
N PRO B 287 9.21 23.84 -9.11
CA PRO B 287 10.19 23.51 -8.04
C PRO B 287 9.82 24.00 -6.63
N ILE B 288 10.11 23.16 -5.66
CA ILE B 288 10.11 23.58 -4.27
C ILE B 288 11.31 24.51 -4.10
N GLU B 289 11.04 25.72 -3.59
CA GLU B 289 12.07 26.73 -3.40
C GLU B 289 12.23 27.12 -1.94
N ILE B 290 13.46 26.98 -1.45
CA ILE B 290 13.79 27.30 -0.07
C ILE B 290 14.81 28.43 -0.11
N ASP B 291 14.31 29.65 0.07
CA ASP B 291 15.08 30.85 -0.15
C ASP B 291 15.16 31.69 1.13
N ARG B 292 14.88 31.01 2.24
CA ARG B 292 14.99 31.60 3.58
C ARG B 292 16.03 30.89 4.45
N ALA B 293 16.94 31.69 5.01
CA ALA B 293 17.98 31.16 5.86
C ALA B 293 17.42 30.31 7.02
N ASN B 294 18.17 29.27 7.38
CA ASN B 294 17.87 28.42 8.54
C ASN B 294 16.64 27.51 8.40
N THR B 295 16.09 27.41 7.20
CA THR B 295 14.92 26.54 6.96
C THR B 295 15.33 25.07 7.05
N VAL B 296 14.59 24.33 7.85
CA VAL B 296 14.75 22.89 7.99
C VAL B 296 13.67 22.24 7.13
N ALA B 297 14.09 21.33 6.24
CA ALA B 297 13.17 20.55 5.41
C ALA B 297 13.47 19.08 5.65
N LEU B 298 12.65 18.49 6.49
CA LEU B 298 12.91 17.16 7.02
C LEU B 298 11.87 16.19 6.52
N GLY B 299 12.31 15.10 5.90
CA GLY B 299 11.40 14.06 5.50
C GLY B 299 11.36 12.91 6.49
N LEU B 300 10.22 12.21 6.50
CA LEU B 300 9.99 11.05 7.30
C LEU B 300 9.63 9.91 6.38
N GLY B 301 10.04 8.71 6.78
CA GLY B 301 9.71 7.50 6.07
C GLY B 301 10.00 7.51 4.58
N LEU B 302 11.14 8.05 4.17
CA LEU B 302 11.54 8.05 2.77
C LEU B 302 10.54 8.83 1.88
N ALA B 303 10.01 9.91 2.46
CA ALA B 303 9.22 10.86 1.71
C ALA B 303 9.91 11.20 0.40
N THR B 304 9.11 11.21 -0.65
CA THR B 304 9.61 11.29 -2.02
C THR B 304 8.99 12.41 -2.83
N ILE B 305 9.83 13.16 -3.54
CA ILE B 305 9.39 14.26 -4.41
C ILE B 305 9.60 13.84 -5.85
N ILE B 306 8.56 13.91 -6.67
CA ILE B 306 8.68 13.66 -8.10
C ILE B 306 8.32 14.94 -8.87
N PRO B 307 9.29 15.51 -9.62
CA PRO B 307 8.96 16.70 -10.43
C PRO B 307 8.34 16.28 -11.75
N ASP B 308 7.04 16.47 -11.88
CA ASP B 308 6.38 16.40 -13.18
C ASP B 308 6.88 17.52 -14.12
N ASN B 309 6.57 17.39 -15.41
CA ASN B 309 6.73 18.48 -16.39
C ASN B 309 8.15 18.85 -16.76
N GLY B 310 9.11 18.05 -16.34
CA GLY B 310 10.51 18.35 -16.55
C GLY B 310 11.06 19.41 -15.63
N VAL B 311 10.34 19.77 -14.56
CA VAL B 311 10.85 20.83 -13.69
C VAL B 311 11.94 20.31 -12.72
N THR B 312 12.68 21.23 -12.11
CA THR B 312 13.61 20.90 -11.02
C THR B 312 12.79 20.68 -9.77
N ALA B 313 13.11 19.66 -8.98
CA ALA B 313 12.30 19.31 -7.79
C ALA B 313 12.54 20.27 -6.61
N LEU B 314 13.79 20.67 -6.42
CA LEU B 314 14.20 21.40 -5.23
C LEU B 314 15.23 22.44 -5.59
N LYS B 315 14.97 23.72 -5.30
CA LYS B 315 15.98 24.78 -5.45
C LYS B 315 16.19 25.52 -4.13
N VAL B 316 17.40 25.39 -3.56
CA VAL B 316 17.77 26.18 -2.37
C VAL B 316 18.45 27.48 -2.83
N GLY B 317 17.99 28.61 -2.31
CA GLY B 317 18.63 29.89 -2.62
C GLY B 317 19.97 30.09 -1.92
N ASP B 318 20.46 31.31 -2.02
CA ASP B 318 21.82 31.64 -1.51
C ASP B 318 21.75 32.19 -0.09
N VAL B 319 21.36 31.28 0.78
CA VAL B 319 21.14 31.57 2.19
C VAL B 319 21.98 30.62 3.04
N ASP B 320 22.36 31.09 4.24
CA ASP B 320 22.96 30.25 5.27
C ASP B 320 21.94 29.22 5.82
N GLY B 321 22.47 28.12 6.34
CA GLY B 321 21.77 27.32 7.35
C GLY B 321 20.63 26.43 6.93
N VAL B 322 20.42 26.24 5.63
CA VAL B 322 19.31 25.40 5.21
C VAL B 322 19.72 23.94 5.44
N LYS B 323 18.79 23.16 5.99
CA LYS B 323 19.05 21.77 6.39
C LYS B 323 18.01 20.86 5.71
N VAL B 324 18.39 20.28 4.57
CA VAL B 324 17.53 19.35 3.85
C VAL B 324 17.93 17.95 4.27
N ALA B 325 16.96 17.15 4.70
CA ALA B 325 17.28 15.84 5.22
C ALA B 325 16.19 14.81 4.99
N GLY B 326 16.59 13.65 4.52
CA GLY B 326 15.68 12.51 4.49
C GLY B 326 14.60 12.53 3.42
N LEU B 327 15.01 12.88 2.21
CA LEU B 327 14.12 12.90 1.06
C LEU B 327 14.72 12.10 -0.08
N LEU B 328 13.84 11.41 -0.80
CA LEU B 328 14.17 10.79 -2.09
C LEU B 328 13.59 11.68 -3.17
N VAL B 329 14.39 11.99 -4.18
CA VAL B 329 13.93 12.75 -5.33
C VAL B 329 13.96 11.76 -6.50
N ASP B 330 12.79 11.54 -7.07
CA ASP B 330 12.60 10.48 -8.03
C ASP B 330 12.23 11.09 -9.38
N ALA B 331 13.10 10.93 -10.38
CA ALA B 331 12.86 11.58 -11.67
C ALA B 331 11.55 11.15 -12.31
N GLY B 332 10.87 12.14 -12.91
CA GLY B 332 9.81 11.88 -13.85
C GLY B 332 10.35 11.50 -15.24
N PRO B 333 9.46 11.02 -16.12
CA PRO B 333 9.86 10.62 -17.47
C PRO B 333 10.17 11.80 -18.40
N VAL B 334 9.53 12.96 -18.14
CA VAL B 334 9.94 14.19 -18.82
C VAL B 334 11.27 14.65 -18.22
N ASN B 335 12.31 14.72 -19.04
CA ASN B 335 13.64 15.10 -18.59
C ASN B 335 13.67 16.43 -17.89
N SER B 336 14.22 16.42 -16.67
CA SER B 336 14.54 17.64 -15.97
C SER B 336 16.00 17.92 -16.24
N GLU B 337 16.39 19.16 -16.53
CA GLU B 337 17.84 19.41 -16.70
C GLU B 337 18.59 19.32 -15.38
N THR B 338 17.92 19.70 -14.28
CA THR B 338 18.41 19.48 -12.92
C THR B 338 17.29 18.92 -12.03
N LEU B 339 17.65 18.07 -11.07
CA LEU B 339 16.72 17.63 -10.04
C LEU B 339 16.80 18.43 -8.72
N VAL B 340 18.01 18.75 -8.27
CA VAL B 340 18.26 19.53 -7.08
C VAL B 340 19.34 20.56 -7.36
N GLU B 341 19.06 21.82 -7.03
CA GLU B 341 20.05 22.88 -7.16
C GLU B 341 20.23 23.57 -5.81
N VAL B 342 21.48 23.65 -5.33
CA VAL B 342 21.81 24.31 -4.08
C VAL B 342 22.63 25.57 -4.36
N GLY B 343 21.93 26.69 -4.28
CA GLY B 343 22.47 27.98 -4.64
C GLY B 343 22.22 28.30 -6.09
N SER B 344 22.39 29.56 -6.42
CA SER B 344 22.05 30.10 -7.74
C SER B 344 23.22 30.04 -8.68
N ASP B 345 23.24 30.97 -9.65
CA ASP B 345 24.36 31.15 -10.61
C ASP B 345 25.05 32.54 -10.55
N GLY B 346 25.35 33.04 -9.36
CA GLY B 346 26.21 34.19 -9.23
C GLY B 346 26.93 33.92 -7.94
N ALA B 347 26.06 33.95 -6.94
CA ALA B 347 26.26 33.39 -5.61
C ALA B 347 27.69 32.97 -5.40
N SER B 348 28.31 33.83 -4.65
CA SER B 348 29.70 34.07 -4.68
C SER B 348 30.19 34.05 -3.20
N GLY B 349 29.27 34.40 -2.34
CA GLY B 349 29.53 34.55 -0.93
C GLY B 349 29.71 33.23 -0.24
N ASP B 350 30.06 33.37 1.04
CA ASP B 350 30.48 32.35 1.98
C ASP B 350 29.30 32.01 2.83
N HIS B 351 29.24 30.75 3.25
CA HIS B 351 28.28 30.35 4.28
C HIS B 351 29.03 29.56 5.32
N ALA B 352 30.19 30.05 5.74
CA ALA B 352 31.11 29.17 6.45
C ALA B 352 30.73 28.88 7.91
N ALA B 353 30.21 29.88 8.62
CA ALA B 353 29.86 29.69 10.02
C ALA B 353 28.59 28.82 10.11
N ASN B 354 27.72 28.93 9.11
CA ASN B 354 26.37 28.39 9.19
C ASN B 354 26.03 27.86 7.79
N PRO B 355 26.65 26.72 7.45
CA PRO B 355 26.50 26.15 6.11
C PRO B 355 25.12 25.51 5.86
N THR B 356 24.71 25.50 4.60
CA THR B 356 23.57 24.67 4.15
C THR B 356 24.06 23.23 3.99
N SER B 357 23.21 22.25 4.36
CA SER B 357 23.55 20.85 4.19
C SER B 357 22.45 20.05 3.49
N LEU B 358 22.90 19.01 2.75
CA LEU B 358 22.07 17.91 2.26
C LEU B 358 22.44 16.67 3.07
N GLN B 359 21.46 16.03 3.71
CA GLN B 359 21.71 14.80 4.49
C GLN B 359 20.67 13.74 4.22
N ASP B 360 21.13 12.53 3.89
CA ASP B 360 20.17 11.48 3.51
C ASP B 360 19.22 12.00 2.44
N VAL B 361 19.83 12.64 1.46
CA VAL B 361 19.17 13.00 0.22
C VAL B 361 19.56 11.94 -0.81
N PHE B 362 18.56 11.36 -1.43
CA PHE B 362 18.78 10.29 -2.38
C PHE B 362 18.09 10.72 -3.67
N VAL B 363 18.70 10.37 -4.79
CA VAL B 363 18.13 10.63 -6.09
C VAL B 363 18.03 9.30 -6.83
N ARG B 364 16.91 9.09 -7.52
CA ARG B 364 16.71 7.91 -8.37
C ARG B 364 16.30 8.36 -9.76
N ILE B 365 16.93 7.80 -10.79
CA ILE B 365 16.48 8.02 -12.18
C ILE B 365 16.14 6.68 -12.82
N GLY B 366 14.84 6.43 -12.96
CA GLY B 366 14.34 5.16 -13.48
C GLY B 366 14.15 4.10 -12.40
N GLY B 367 13.64 2.93 -12.81
CA GLY B 367 13.50 1.80 -11.91
C GLY B 367 12.08 1.59 -11.43
N ALA B 368 11.33 2.69 -11.39
CA ALA B 368 9.87 2.69 -11.24
C ALA B 368 9.24 3.32 -12.51
N GLY B 369 9.53 2.70 -13.63
CA GLY B 369 9.17 3.24 -14.93
C GLY B 369 10.28 4.12 -15.45
N PRO B 370 10.08 4.66 -16.65
CA PRO B 370 11.06 5.60 -17.20
C PRO B 370 11.19 6.90 -16.39
N GLY B 371 12.42 7.30 -16.13
CA GLY B 371 12.71 8.59 -15.56
C GLY B 371 13.95 9.16 -16.23
N LYS B 372 14.06 10.48 -16.31
CA LYS B 372 15.21 11.12 -16.97
C LYS B 372 15.59 12.48 -16.39
N ALA B 373 16.89 12.73 -16.27
CA ALA B 373 17.41 14.01 -15.84
C ALA B 373 18.80 14.21 -16.40
N THR B 374 19.14 15.44 -16.71
CA THR B 374 20.47 15.73 -17.27
C THR B 374 21.58 15.77 -16.21
N THR B 375 21.44 16.63 -15.21
CA THR B 375 22.28 16.63 -14.03
C THR B 375 21.32 16.38 -12.87
N SER B 376 21.74 15.63 -11.85
CA SER B 376 20.84 15.35 -10.76
C SER B 376 20.98 16.39 -9.63
N ILE B 377 22.20 16.66 -9.19
CA ILE B 377 22.43 17.63 -8.12
C ILE B 377 23.52 18.59 -8.51
N VAL B 378 23.17 19.88 -8.57
CA VAL B 378 24.17 20.93 -8.72
C VAL B 378 24.34 21.68 -7.42
N VAL B 379 25.59 21.73 -6.97
CA VAL B 379 25.92 22.41 -5.74
C VAL B 379 26.72 23.67 -6.06
N ASN B 380 26.02 24.80 -6.07
CA ASN B 380 26.66 26.09 -6.34
C ASN B 380 27.13 26.83 -5.09
N SER B 381 26.41 26.69 -3.98
CA SER B 381 26.71 27.47 -2.78
C SER B 381 27.99 27.05 -2.08
N ASN B 382 28.81 28.04 -1.77
CA ASN B 382 30.04 27.78 -1.09
C ASN B 382 29.77 27.19 0.30
N ASP B 383 30.68 26.36 0.76
CA ASP B 383 30.72 25.81 2.13
C ASP B 383 29.64 24.74 2.43
N THR B 384 28.95 24.31 1.39
CA THR B 384 27.90 23.30 1.53
C THR B 384 28.46 21.98 2.01
N ILE B 385 27.67 21.31 2.86
CA ILE B 385 28.03 19.97 3.35
C ILE B 385 27.03 18.97 2.76
N ILE B 386 27.56 17.95 2.11
CA ILE B 386 26.75 16.86 1.58
C ILE B 386 27.16 15.67 2.43
N ASP B 387 26.29 15.31 3.36
CA ASP B 387 26.56 14.27 4.37
C ASP B 387 25.59 13.10 4.21
N HIS B 388 26.03 12.13 3.41
CA HIS B 388 25.28 10.97 2.94
C HIS B 388 24.32 11.29 1.81
N THR B 389 24.75 10.96 0.61
CA THR B 389 23.87 11.03 -0.55
C THR B 389 24.06 9.75 -1.38
N TRP B 390 22.97 9.31 -2.01
CA TRP B 390 23.04 8.28 -3.05
C TRP B 390 22.30 8.82 -4.27
N VAL B 391 23.06 9.04 -5.35
CA VAL B 391 22.57 9.59 -6.59
C VAL B 391 22.71 8.44 -7.59
N TRP B 392 21.55 7.88 -7.95
CA TRP B 392 21.49 6.56 -8.59
C TRP B 392 20.67 6.55 -9.88
N ARG B 393 21.35 6.34 -10.99
CA ARG B 393 20.67 5.99 -12.23
C ARG B 393 20.40 4.51 -12.16
N ALA B 394 19.13 4.12 -12.29
CA ALA B 394 18.75 2.74 -12.04
C ALA B 394 19.40 1.75 -13.00
N ASP B 395 19.75 0.60 -12.46
CA ASP B 395 20.29 -0.52 -13.23
C ASP B 395 19.31 -1.69 -13.33
N HIS B 396 18.19 -1.62 -12.60
CA HIS B 396 17.14 -2.63 -12.72
C HIS B 396 15.82 -1.96 -12.38
N GLY B 397 14.71 -2.67 -12.64
CA GLY B 397 13.36 -2.17 -12.47
C GLY B 397 12.58 -1.93 -13.78
N GLU B 398 11.55 -1.10 -13.75
CA GLU B 398 10.87 -0.73 -14.99
C GLU B 398 11.52 0.50 -15.53
N GLY B 399 11.54 0.62 -16.86
CA GLY B 399 11.97 1.85 -17.49
C GLY B 399 13.48 2.07 -17.45
N VAL B 400 14.23 0.97 -17.46
CA VAL B 400 15.70 1.03 -17.36
C VAL B 400 16.30 0.71 -18.74
N GLY B 401 17.37 1.43 -19.09
CA GLY B 401 18.00 1.30 -20.40
C GLY B 401 18.84 2.51 -20.83
N TRP B 402 19.77 2.29 -21.77
CA TRP B 402 20.76 3.30 -22.15
C TRP B 402 20.20 4.66 -22.57
N GLU B 403 19.15 4.72 -23.39
CA GLU B 403 18.49 6.02 -23.62
C GLU B 403 17.21 6.17 -22.77
N THR B 404 16.61 5.04 -22.40
CA THR B 404 15.31 5.00 -21.72
C THR B 404 15.29 5.66 -20.35
N ASN B 405 16.35 5.48 -19.56
CA ASN B 405 16.54 6.26 -18.32
C ASN B 405 17.92 6.90 -18.32
N ARG B 406 18.28 7.44 -19.47
CA ARG B 406 19.57 8.08 -19.56
C ARG B 406 19.61 9.32 -18.66
N ALA B 407 20.76 9.48 -18.03
CA ALA B 407 21.02 10.58 -17.11
C ALA B 407 22.50 10.82 -17.21
N ASP B 408 22.88 11.95 -17.78
CA ASP B 408 24.28 12.11 -18.17
C ASP B 408 25.18 12.36 -16.97
N TYR B 409 24.69 13.17 -16.02
CA TYR B 409 25.54 13.66 -14.93
C TYR B 409 24.86 13.51 -13.57
N GLY B 410 25.63 13.04 -12.58
CA GLY B 410 25.12 12.81 -11.24
C GLY B 410 25.14 14.07 -10.40
N VAL B 411 26.33 14.38 -9.92
CA VAL B 411 26.57 15.55 -9.05
C VAL B 411 27.59 16.44 -9.71
N HIS B 412 27.29 17.74 -9.71
CA HIS B 412 28.24 18.75 -10.18
C HIS B 412 28.45 19.77 -9.08
N VAL B 413 29.68 19.82 -8.58
CA VAL B 413 30.00 20.75 -7.48
C VAL B 413 30.75 21.95 -8.03
N LYS B 414 30.09 23.09 -7.96
CA LYS B 414 30.65 24.33 -8.52
C LYS B 414 31.07 25.30 -7.42
N GLY B 415 30.45 25.21 -6.25
CA GLY B 415 30.84 26.04 -5.12
C GLY B 415 32.20 25.68 -4.48
N ASP B 416 32.73 26.60 -3.69
CA ASP B 416 34.01 26.45 -3.01
C ASP B 416 33.85 25.89 -1.60
N ASN B 417 34.89 25.22 -1.13
CA ASN B 417 34.96 24.69 0.23
C ASN B 417 33.82 23.76 0.55
N VAL B 418 33.34 23.10 -0.48
CA VAL B 418 32.29 22.09 -0.31
C VAL B 418 32.88 20.80 0.25
N LEU B 419 32.15 20.19 1.17
CA LEU B 419 32.60 18.95 1.80
C LEU B 419 31.57 17.88 1.56
N ALA B 420 32.01 16.72 1.08
CA ALA B 420 31.15 15.56 0.93
C ALA B 420 31.65 14.46 1.86
N THR B 421 30.78 13.97 2.74
CA THR B 421 31.11 12.86 3.64
C THR B 421 30.11 11.75 3.39
N GLY B 422 30.55 10.68 2.73
CA GLY B 422 29.67 9.57 2.38
C GLY B 422 28.97 9.81 1.06
N LEU B 423 29.77 9.83 -0.01
CA LEU B 423 29.28 10.13 -1.36
C LEU B 423 29.11 8.83 -2.19
N PHE B 424 27.88 8.52 -2.58
CA PHE B 424 27.57 7.30 -3.38
C PHE B 424 26.88 7.78 -4.68
N VAL B 425 27.52 7.59 -5.84
CA VAL B 425 26.98 8.06 -7.10
C VAL B 425 27.23 7.03 -8.20
N GLU B 426 26.17 6.55 -8.85
CA GLU B 426 26.31 5.38 -9.72
C GLU B 426 25.51 5.43 -11.06
N HIS B 427 26.18 4.94 -12.12
CA HIS B 427 25.58 4.49 -13.38
C HIS B 427 25.27 5.59 -14.40
N PHE B 428 25.80 6.78 -14.22
CA PHE B 428 25.51 7.88 -15.16
C PHE B 428 26.10 7.65 -16.55
N ASN B 429 25.44 8.15 -17.60
CA ASN B 429 25.90 7.92 -18.97
C ASN B 429 27.22 8.65 -19.23
N LYS B 430 27.46 9.75 -18.49
CA LYS B 430 28.69 10.52 -18.61
C LYS B 430 29.38 10.64 -17.23
N TYR B 431 29.79 11.82 -16.81
CA TYR B 431 30.53 11.94 -15.55
C TYR B 431 29.61 11.77 -14.35
N ASP B 432 29.86 10.78 -13.50
CA ASP B 432 29.01 10.60 -12.31
C ASP B 432 29.18 11.81 -11.38
N VAL B 433 30.43 12.16 -11.12
CA VAL B 433 30.73 13.38 -10.34
C VAL B 433 31.72 14.24 -11.08
N GLN B 434 31.39 15.53 -11.19
CA GLN B 434 32.33 16.59 -11.58
C GLN B 434 32.48 17.63 -10.48
N TRP B 435 33.70 18.10 -10.31
CA TRP B 435 34.01 19.09 -9.31
C TRP B 435 34.79 20.20 -10.00
N SER B 436 34.20 21.39 -9.98
CA SER B 436 34.87 22.57 -10.54
C SER B 436 35.09 23.71 -9.55
N GLY B 437 34.50 23.60 -8.36
CA GLY B 437 34.81 24.50 -7.27
C GLY B 437 36.20 24.30 -6.65
N GLU B 438 36.67 25.33 -5.98
CA GLU B 438 37.94 25.27 -5.28
C GLU B 438 37.82 24.64 -3.88
N ASN B 439 38.89 24.01 -3.46
CA ASN B 439 39.05 23.52 -2.09
C ASN B 439 37.97 22.54 -1.65
N GLY B 440 37.42 21.82 -2.61
CA GLY B 440 36.57 20.68 -2.31
C GLY B 440 37.25 19.58 -1.51
N LYS B 441 36.48 18.89 -0.67
CA LYS B 441 36.94 17.68 0.01
C LYS B 441 35.87 16.60 -0.05
N THR B 442 36.29 15.38 -0.35
CA THR B 442 35.41 14.21 -0.30
C THR B 442 36.04 13.16 0.59
N ILE B 443 35.26 12.74 1.60
CA ILE B 443 35.66 11.62 2.48
C ILE B 443 34.66 10.50 2.25
N PHE B 444 35.17 9.44 1.62
CA PHE B 444 34.44 8.28 1.12
C PHE B 444 33.65 8.50 -0.16
N TYR B 445 34.03 7.77 -1.21
CA TYR B 445 33.27 7.77 -2.46
C TYR B 445 33.07 6.33 -2.88
N GLN B 446 31.84 6.00 -3.22
CA GLN B 446 31.51 4.76 -3.89
C GLN B 446 30.80 5.04 -5.22
N ASN B 447 31.39 4.48 -6.29
CA ASN B 447 30.82 4.58 -7.63
C ASN B 447 30.76 3.21 -8.32
N ALA B 448 29.78 3.06 -9.18
CA ALA B 448 29.75 1.96 -10.19
C ALA B 448 29.45 2.65 -11.51
N LYS B 449 30.17 2.25 -12.53
CA LYS B 449 29.97 2.83 -13.85
C LYS B 449 28.69 2.26 -14.51
N ALA B 450 28.15 2.94 -15.53
CA ALA B 450 27.01 2.43 -16.28
C ALA B 450 27.23 1.02 -16.79
N TYR B 451 26.26 0.14 -16.56
CA TYR B 451 26.38 -1.26 -16.94
C TYR B 451 26.07 -1.48 -18.42
N ASP B 452 25.33 -0.52 -18.97
CA ASP B 452 24.61 -0.72 -20.23
C ASP B 452 25.06 0.10 -21.45
N ALA B 453 26.27 0.68 -21.44
CA ALA B 453 26.80 1.26 -22.66
C ALA B 453 26.80 0.18 -23.75
N PRO B 454 26.42 0.53 -24.99
CA PRO B 454 26.29 -0.41 -26.12
C PRO B 454 27.67 -0.88 -26.56
N ASP B 455 28.60 0.07 -26.67
CA ASP B 455 29.90 -0.19 -27.24
C ASP B 455 30.81 0.98 -26.90
N GLN B 456 32.10 0.76 -27.11
CA GLN B 456 33.11 1.78 -26.85
C GLN B 456 32.79 3.12 -27.55
N ALA B 457 32.33 3.06 -28.81
CA ALA B 457 31.94 4.26 -29.56
C ALA B 457 30.97 5.14 -28.77
N ALA B 458 30.05 4.51 -28.05
CA ALA B 458 29.02 5.25 -27.35
C ALA B 458 29.53 6.00 -26.11
N ILE B 459 30.81 5.82 -25.78
CA ILE B 459 31.38 6.37 -24.55
C ILE B 459 32.70 7.11 -24.81
N GLN B 460 32.99 7.48 -26.07
CA GLN B 460 34.21 8.22 -26.33
C GLN B 460 34.08 9.66 -25.82
N ASN B 461 35.04 10.06 -25.00
CA ASN B 461 35.03 11.34 -24.28
C ASN B 461 36.23 12.08 -24.85
N GLY B 462 36.01 12.78 -25.96
CA GLY B 462 37.06 13.28 -26.84
C GLY B 462 38.21 12.31 -26.89
N ASP B 463 39.29 12.69 -26.22
CA ASP B 463 40.52 11.89 -26.17
C ASP B 463 40.57 10.79 -25.10
N ILE B 464 39.44 10.50 -24.46
CA ILE B 464 39.41 9.49 -23.40
C ILE B 464 38.41 8.36 -23.66
N LYS B 465 38.79 7.12 -23.30
CA LYS B 465 37.85 6.01 -23.29
C LYS B 465 36.98 6.13 -22.05
N GLY B 466 35.70 6.43 -22.26
CA GLY B 466 34.75 6.59 -21.18
C GLY B 466 34.89 7.87 -20.40
N TYR B 467 34.00 8.04 -19.41
CA TYR B 467 33.94 9.22 -18.55
C TYR B 467 34.33 8.86 -17.11
N ALA B 468 35.24 9.63 -16.51
CA ALA B 468 35.59 9.41 -15.13
C ALA B 468 34.35 9.33 -14.25
N ALA B 469 34.43 8.47 -13.24
CA ALA B 469 33.42 8.48 -12.18
C ALA B 469 33.53 9.74 -11.34
N TYR B 470 34.72 10.32 -11.28
CA TYR B 470 34.96 11.48 -10.42
C TYR B 470 36.04 12.28 -11.08
N LYS B 471 35.61 13.43 -11.57
CA LYS B 471 36.36 14.35 -12.38
C LYS B 471 36.56 15.69 -11.67
N VAL B 472 37.81 16.11 -11.53
CA VAL B 472 38.15 17.44 -11.05
C VAL B 472 38.54 18.29 -12.26
N ASP B 473 37.89 19.44 -12.43
CA ASP B 473 38.22 20.36 -13.54
C ASP B 473 39.70 20.71 -13.60
N ASP B 474 40.17 20.85 -14.84
CA ASP B 474 41.51 21.39 -15.12
C ASP B 474 41.82 22.74 -14.47
N SER B 475 40.80 23.54 -14.24
CA SER B 475 41.02 24.85 -13.64
C SER B 475 41.28 24.81 -12.12
N VAL B 476 40.83 23.74 -11.47
CA VAL B 476 40.86 23.67 -10.02
C VAL B 476 42.33 23.70 -9.60
N THR B 477 42.64 24.41 -8.52
CA THR B 477 44.01 24.46 -7.99
C THR B 477 44.12 23.68 -6.66
N THR B 478 43.02 23.55 -5.90
CA THR B 478 43.03 22.76 -4.64
C THR B 478 41.83 21.81 -4.53
N HIS B 479 42.12 20.55 -4.22
CA HIS B 479 41.10 19.54 -4.00
C HIS B 479 41.70 18.43 -3.16
N GLU B 480 40.86 17.74 -2.37
CA GLU B 480 41.38 16.61 -1.61
C GLU B 480 40.33 15.53 -1.35
N GLY B 481 40.67 14.30 -1.74
CA GLY B 481 39.79 13.13 -1.55
C GLY B 481 40.45 11.96 -0.84
N TRP B 482 39.67 11.27 -0.02
CA TRP B 482 40.15 10.11 0.73
C TRP B 482 39.16 8.95 0.57
N GLY B 483 39.68 7.75 0.31
CA GLY B 483 38.85 6.54 0.43
C GLY B 483 37.81 6.42 -0.67
N MET B 484 38.27 6.25 -1.90
CA MET B 484 37.42 6.43 -3.06
C MET B 484 37.55 5.25 -4.03
N GLY B 485 36.40 4.67 -4.44
CA GLY B 485 36.43 3.50 -5.31
C GLY B 485 35.39 3.54 -6.42
N SER B 486 35.77 3.06 -7.60
CA SER B 486 34.87 2.98 -8.75
C SER B 486 34.91 1.59 -9.32
N TYR B 487 33.73 1.01 -9.51
CA TYR B 487 33.62 -0.35 -10.03
C TYR B 487 32.95 -0.40 -11.40
N CYS B 488 33.30 -1.41 -12.21
CA CYS B 488 32.60 -1.58 -13.49
C CYS B 488 32.01 -2.97 -13.63
N TYR B 489 30.92 -3.01 -14.41
CA TYR B 489 30.22 -4.25 -14.78
C TYR B 489 29.53 -3.97 -16.13
N PHE B 490 30.34 -4.03 -17.18
CA PHE B 490 29.91 -3.65 -18.53
C PHE B 490 29.27 -4.88 -19.18
N ASN B 491 28.07 -5.23 -18.76
CA ASN B 491 27.54 -6.54 -19.18
C ASN B 491 26.99 -6.54 -20.62
N VAL B 492 26.35 -5.45 -21.05
CA VAL B 492 25.94 -5.31 -22.46
C VAL B 492 27.13 -5.42 -23.42
N ASN B 493 28.35 -5.17 -22.93
CA ASN B 493 29.51 -5.28 -23.81
C ASN B 493 30.82 -5.36 -22.98
N PRO B 494 31.12 -6.58 -22.50
CA PRO B 494 32.23 -6.75 -21.55
C PRO B 494 33.63 -6.71 -22.17
N ASP B 495 33.70 -6.35 -23.46
CA ASP B 495 34.97 -6.02 -24.14
C ASP B 495 35.29 -4.50 -24.01
N ILE B 496 34.38 -3.74 -23.39
CA ILE B 496 34.59 -2.31 -23.15
C ILE B 496 35.80 -2.05 -22.25
N ARG B 497 36.48 -0.94 -22.52
CA ARG B 497 37.54 -0.42 -21.65
C ARG B 497 37.16 0.95 -21.10
N GLN B 498 37.39 1.11 -19.79
CA GLN B 498 37.22 2.39 -19.05
C GLN B 498 38.63 2.91 -18.74
N GLN B 499 38.97 4.11 -19.24
CA GLN B 499 40.33 4.62 -19.04
C GLN B 499 40.72 4.68 -17.58
N HIS B 500 39.81 5.21 -16.77
CA HIS B 500 40.11 5.43 -15.38
C HIS B 500 38.85 5.64 -14.54
N GLY B 501 39.02 5.53 -13.22
CA GLY B 501 37.97 5.88 -12.26
C GLY B 501 37.93 7.37 -11.99
N PHE B 502 39.12 7.97 -12.02
CA PHE B 502 39.36 9.31 -11.49
C PHE B 502 40.16 10.13 -12.48
N GLN B 503 39.96 11.43 -12.41
CA GLN B 503 40.57 12.32 -13.37
C GLN B 503 40.69 13.70 -12.81
N ALA B 504 41.89 14.25 -12.92
CA ALA B 504 42.18 15.49 -12.23
C ALA B 504 43.43 16.15 -12.79
N PRO B 505 43.52 17.47 -12.63
CA PRO B 505 44.80 18.12 -12.89
C PRO B 505 45.91 17.59 -12.00
N VAL B 506 47.12 17.70 -12.57
CA VAL B 506 48.34 17.36 -11.89
C VAL B 506 48.86 18.69 -11.33
N LYS B 507 48.59 18.96 -10.04
CA LYS B 507 48.80 20.26 -9.38
C LYS B 507 49.09 20.07 -7.89
N PRO B 508 50.03 20.84 -7.31
CA PRO B 508 50.41 20.43 -5.94
C PRO B 508 49.36 20.68 -4.87
N GLY B 509 48.26 21.28 -5.23
CA GLY B 509 47.14 21.42 -4.32
C GLY B 509 46.01 20.41 -4.54
N VAL B 510 46.15 19.55 -5.54
CA VAL B 510 45.10 18.56 -5.91
C VAL B 510 45.61 17.18 -5.55
N LYS B 511 45.14 16.65 -4.41
CA LYS B 511 45.67 15.41 -3.82
C LYS B 511 44.58 14.34 -3.63
N PHE B 512 44.95 13.08 -3.77
CA PHE B 512 44.04 11.99 -3.43
C PHE B 512 44.74 10.93 -2.62
N HIS B 513 43.98 10.31 -1.74
CA HIS B 513 44.45 9.27 -0.84
C HIS B 513 43.56 8.03 -0.95
N ASP B 514 44.19 6.87 -1.19
CA ASP B 514 43.50 5.59 -1.09
C ASP B 514 42.40 5.48 -2.14
N LEU B 515 42.84 5.33 -3.40
CA LEU B 515 41.95 5.16 -4.53
C LEU B 515 41.95 3.73 -4.99
N LEU B 516 40.79 3.31 -5.51
CA LEU B 516 40.71 1.99 -6.11
C LEU B 516 39.74 1.94 -7.27
N VAL B 517 40.05 1.04 -8.20
CA VAL B 517 39.06 0.59 -9.20
C VAL B 517 38.96 -0.92 -9.22
N VAL B 518 37.76 -1.41 -9.58
CA VAL B 518 37.37 -2.80 -9.43
C VAL B 518 36.60 -3.22 -10.67
N SER B 519 37.02 -4.31 -11.32
CA SER B 519 36.25 -4.93 -12.39
C SER B 519 35.41 -6.08 -11.83
N LEU B 520 34.09 -6.01 -11.94
CA LEU B 520 33.25 -7.07 -11.43
C LEU B 520 33.21 -8.26 -12.39
N GLY B 521 33.89 -9.33 -12.01
CA GLY B 521 33.89 -10.58 -12.75
C GLY B 521 34.58 -10.56 -14.12
N GLY B 522 35.08 -9.41 -14.52
CA GLY B 522 35.75 -9.26 -15.80
C GLY B 522 34.84 -8.73 -16.88
N LYS B 523 33.75 -8.06 -16.47
CA LYS B 523 32.85 -7.41 -17.43
C LYS B 523 33.41 -6.00 -17.67
N GLY B 524 34.21 -5.89 -18.70
CA GLY B 524 35.01 -4.71 -18.93
C GLY B 524 36.24 -4.69 -18.04
N GLN B 525 37.14 -3.76 -18.32
CA GLN B 525 38.28 -3.51 -17.47
C GLN B 525 38.61 -2.02 -17.46
N TYR B 526 39.25 -1.62 -16.36
CA TYR B 526 39.93 -0.30 -16.28
C TYR B 526 41.36 -0.34 -16.86
N GLU B 527 41.73 0.68 -17.64
CA GLU B 527 43.11 0.91 -18.08
C GLU B 527 44.05 1.40 -16.98
N HIS B 528 43.49 2.22 -16.09
CA HIS B 528 44.24 2.93 -15.05
C HIS B 528 43.29 3.26 -13.87
N VAL B 529 43.85 3.80 -12.79
CA VAL B 529 43.04 4.20 -11.64
C VAL B 529 42.64 5.67 -11.80
N ILE B 530 43.64 6.51 -12.00
CA ILE B 530 43.47 7.94 -12.12
C ILE B 530 44.35 8.47 -13.24
N ASN B 531 43.79 9.33 -14.09
CA ASN B 531 44.47 9.78 -15.29
C ASN B 531 45.19 8.61 -15.95
N ASP B 532 46.49 8.76 -16.21
CA ASP B 532 47.29 7.74 -16.89
C ASP B 532 48.09 6.85 -15.96
N ILE B 533 47.63 6.76 -14.70
CA ILE B 533 48.33 6.20 -13.53
C ILE B 533 47.57 5.07 -12.80
N GLY B 534 48.32 4.10 -12.28
CA GLY B 534 47.76 2.95 -11.62
C GLY B 534 47.60 1.82 -12.59
N ASP B 535 47.72 0.60 -12.07
CA ASP B 535 47.68 -0.62 -12.87
C ASP B 535 46.29 -0.75 -13.51
N PRO B 536 46.21 -1.36 -14.71
CA PRO B 536 44.85 -1.71 -15.16
C PRO B 536 44.28 -2.80 -14.27
N THR B 537 42.99 -3.05 -14.40
CA THR B 537 42.45 -4.29 -13.85
C THR B 537 42.65 -5.40 -14.88
N SER B 538 42.70 -6.64 -14.40
CA SER B 538 42.81 -7.80 -15.28
C SER B 538 42.11 -9.00 -14.65
N GLY B 539 41.96 -10.06 -15.43
CA GLY B 539 41.39 -11.31 -14.92
C GLY B 539 39.87 -11.25 -14.82
N ASP B 540 39.30 -12.31 -14.24
CA ASP B 540 37.86 -12.38 -13.98
C ASP B 540 37.54 -12.53 -12.49
N THR B 541 38.53 -12.25 -11.64
CA THR B 541 38.45 -12.53 -10.19
C THR B 541 38.19 -11.29 -9.29
N THR B 542 37.93 -10.14 -9.91
CA THR B 542 37.45 -8.96 -9.19
C THR B 542 38.44 -8.47 -8.10
N ILE B 543 39.73 -8.42 -8.44
CA ILE B 543 40.76 -7.92 -7.53
C ILE B 543 41.04 -6.45 -7.81
N PRO B 544 40.96 -5.58 -6.78
CA PRO B 544 41.12 -4.16 -7.09
C PRO B 544 42.53 -3.76 -7.51
N SER B 545 42.65 -2.70 -8.31
CA SER B 545 43.90 -1.97 -8.51
C SER B 545 43.79 -0.71 -7.69
N GLN B 546 44.88 -0.26 -7.08
CA GLN B 546 44.81 0.96 -6.25
C GLN B 546 45.95 1.93 -6.52
N VAL B 547 45.77 3.14 -6.00
CA VAL B 547 46.85 4.11 -5.84
C VAL B 547 46.74 4.64 -4.40
N VAL B 548 47.82 4.59 -3.61
CA VAL B 548 47.72 5.07 -2.22
C VAL B 548 47.75 6.59 -2.19
N SER B 549 48.60 7.17 -3.02
CA SER B 549 48.65 8.63 -3.08
C SER B 549 48.98 9.14 -4.46
N PHE B 550 48.30 10.22 -4.78
CA PHE B 550 48.44 10.91 -6.03
C PHE B 550 48.28 12.38 -5.70
N PRO B 551 49.09 13.26 -6.30
CA PRO B 551 50.01 13.09 -7.44
C PRO B 551 51.44 12.76 -7.03
C1 EDO C . -38.84 -12.35 -8.61
O1 EDO C . -37.61 -12.89 -8.06
C2 EDO C . -38.73 -10.98 -9.28
O2 EDO C . -37.80 -10.16 -8.61
H11 EDO C . -39.55 -12.27 -7.79
H12 EDO C . -39.24 -13.06 -9.34
HO1 EDO C . -37.79 -13.60 -7.44
H21 EDO C . -39.72 -10.50 -9.30
H22 EDO C . -38.40 -11.12 -10.31
HO2 EDO C . -37.60 -9.39 -9.16
C1 EDO D . -15.67 -12.57 -22.09
O1 EDO D . -14.37 -11.94 -22.07
C2 EDO D . -16.76 -11.49 -22.11
O2 EDO D . -16.59 -10.64 -20.98
H11 EDO D . -15.80 -13.20 -21.20
H12 EDO D . -15.76 -13.21 -22.97
HO1 EDO D . -13.68 -12.62 -22.09
H21 EDO D . -17.75 -11.96 -22.07
H22 EDO D . -16.69 -10.91 -23.03
HO2 EDO D . -17.10 -9.83 -21.10
C2 BGC E . 25.10 -1.67 -6.87
C3 BGC E . 23.79 -0.92 -7.19
C4 BGC E . 22.97 -2.00 -7.97
C5 BGC E . 22.66 -3.19 -7.04
C6 BGC E . 21.81 -4.22 -7.78
C1 BGC E . 24.76 -2.85 -5.92
O1 BGC E . 25.89 -3.60 -5.57
O2 BGC E . 26.22 -0.84 -6.45
O3 BGC E . 23.97 0.24 -7.97
O4 BGC E . 21.76 -1.52 -8.53
O5 BGC E . 23.86 -3.75 -6.54
O6 BGC E . 21.78 -5.49 -7.13
H2 BGC E . 24.23 -1.02 -6.76
H3 BGC E . 23.14 -1.60 -7.72
H4 BGC E . 23.61 -2.42 -8.78
H5 BGC E . 22.05 -2.80 -6.22
H61 BGC E . 22.22 -4.42 -8.77
H62 BGC E . 20.79 -3.84 -7.89
H1 BGC E . 24.31 -2.45 -5.01
HO1 BGC E . 26.70 -3.14 -5.86
HO2 BGC E . 26.45 -1.07 -5.53
HO3 BGC E . 24.91 0.30 -8.24
HO4 BGC E . 21.74 -0.54 -8.51
HO6 BGC E . 22.31 -5.44 -6.30
C1 EDO F . 7.42 6.51 -5.96
O1 EDO F . 8.63 7.27 -6.03
C2 EDO F . 7.75 5.08 -6.31
O2 EDO F . 8.58 4.50 -5.30
H11 EDO F . 6.68 6.89 -6.66
H12 EDO F . 7.01 6.55 -4.95
HO1 EDO F . 8.50 8.13 -5.62
H21 EDO F . 8.28 5.06 -7.26
H22 EDO F . 6.83 4.50 -6.41
HO2 EDO F . 8.73 3.58 -5.49
C1 EDO G . 31.08 4.98 -19.15
O1 EDO G . 32.31 5.67 -18.96
C2 EDO G . 29.93 5.99 -19.15
O2 EDO G . 30.04 6.93 -18.08
H11 EDO G . 30.94 4.27 -18.33
H12 EDO G . 31.08 4.42 -20.09
HO1 EDO G . 33.02 5.03 -18.86
H21 EDO G . 28.98 5.46 -19.07
H22 EDO G . 29.95 6.52 -20.11
HO2 EDO G . 29.15 7.14 -17.77
C1 EDO H . 48.94 5.66 3.94
O1 EDO H . 47.98 6.08 4.95
C2 EDO H . 49.45 4.33 4.41
O2 EDO H . 49.17 4.38 5.82
H11 EDO H . 49.75 6.37 3.84
H12 EDO H . 48.46 5.51 2.96
HO1 EDO H . 47.47 6.84 4.63
H21 EDO H . 50.51 4.21 4.18
H22 EDO H . 48.89 3.51 3.95
HO2 EDO H . 48.63 3.63 6.06
N VAL A 4 -46.96 11.91 2.60
CA VAL A 4 -46.68 10.51 2.99
C VAL A 4 -46.47 10.47 4.50
N VAL A 5 -47.00 9.45 5.18
CA VAL A 5 -46.73 9.35 6.62
C VAL A 5 -45.67 8.31 6.99
N GLY A 6 -45.05 8.54 8.16
CA GLY A 6 -44.07 7.64 8.72
C GLY A 6 -44.69 6.63 9.67
N GLY A 7 -43.96 5.55 9.94
CA GLY A 7 -44.41 4.53 10.86
C GLY A 7 -45.57 3.76 10.25
N GLY A 8 -46.28 3.01 11.09
CA GLY A 8 -47.31 2.10 10.59
C GLY A 8 -46.72 0.71 10.39
N ASP A 9 -47.58 -0.30 10.49
CA ASP A 9 -47.12 -1.68 10.57
C ASP A 9 -46.45 -2.13 9.28
N LEU A 10 -45.90 -3.34 9.33
CA LEU A 10 -44.86 -3.75 8.37
C LEU A 10 -45.28 -4.81 7.35
N GLY A 11 -46.57 -5.10 7.28
CA GLY A 11 -47.09 -6.02 6.28
C GLY A 11 -47.11 -7.48 6.69
N PRO A 12 -47.87 -8.28 5.96
CA PRO A 12 -47.96 -9.68 6.33
C PRO A 12 -46.72 -10.46 5.94
N ASN A 13 -45.66 -9.78 5.51
CA ASN A 13 -44.45 -10.47 5.09
C ASN A 13 -43.29 -10.24 6.06
N VAL A 14 -43.51 -9.38 7.06
CA VAL A 14 -42.61 -9.21 8.21
C VAL A 14 -43.22 -10.05 9.33
N LEU A 15 -42.63 -11.21 9.59
CA LEU A 15 -43.22 -12.14 10.56
C LEU A 15 -42.43 -12.00 11.87
N VAL A 16 -43.11 -11.50 12.89
CA VAL A 16 -42.50 -11.13 14.18
C VAL A 16 -42.88 -12.11 15.30
N PHE A 17 -41.86 -12.60 15.97
CA PHE A 17 -41.98 -13.66 16.98
C PHE A 17 -41.43 -13.20 18.32
N ASP A 18 -41.94 -13.83 19.39
CA ASP A 18 -41.43 -13.69 20.77
C ASP A 18 -41.32 -15.13 21.36
N PRO A 19 -40.68 -15.32 22.55
CA PRO A 19 -40.43 -16.69 23.09
C PRO A 19 -41.67 -17.61 23.25
N SER A 20 -42.83 -16.97 23.38
CA SER A 20 -44.04 -17.71 23.69
C SER A 20 -44.80 -18.07 22.42
N THR A 21 -44.49 -17.41 21.31
CA THR A 21 -45.28 -17.52 20.11
C THR A 21 -45.49 -19.00 19.82
N PRO A 22 -46.76 -19.43 19.78
CA PRO A 22 -47.00 -20.86 19.63
C PRO A 22 -46.33 -21.42 18.37
N ASP A 23 -45.77 -22.63 18.43
CA ASP A 23 -45.42 -23.33 17.20
C ASP A 23 -44.33 -22.63 16.34
N ILE A 24 -43.43 -21.82 16.94
CA ILE A 24 -42.49 -21.02 16.12
C ILE A 24 -41.86 -21.92 15.07
N GLN A 25 -41.48 -23.11 15.48
CA GLN A 25 -40.80 -24.00 14.59
C GLN A 25 -41.75 -24.52 13.50
N GLY A 26 -43.06 -24.50 13.76
CA GLY A 26 -44.00 -24.83 12.72
C GLY A 26 -44.05 -23.71 11.71
N LYS A 27 -43.92 -22.49 12.19
CA LYS A 27 -44.10 -21.31 11.36
C LYS A 27 -42.91 -21.04 10.45
N VAL A 28 -41.70 -21.10 11.01
CA VAL A 28 -40.48 -21.05 10.19
C VAL A 28 -40.43 -22.19 9.19
N ASP A 29 -40.86 -23.38 9.60
CA ASP A 29 -40.79 -24.52 8.68
C ASP A 29 -41.72 -24.29 7.50
N GLU A 30 -42.84 -23.61 7.78
CA GLU A 30 -43.86 -23.31 6.78
C GLU A 30 -43.24 -22.43 5.67
N VAL A 31 -42.51 -21.40 6.08
CA VAL A 31 -41.85 -20.53 5.12
C VAL A 31 -40.83 -21.37 4.34
N PHE A 32 -40.06 -22.20 5.06
CA PHE A 32 -38.97 -22.94 4.39
C PHE A 32 -39.44 -23.84 3.24
N ARG A 33 -40.39 -24.73 3.49
CA ARG A 33 -40.86 -25.63 2.44
C ARG A 33 -41.30 -24.85 1.20
N LYS A 34 -41.74 -23.63 1.43
CA LYS A 34 -42.30 -22.83 0.36
C LYS A 34 -41.24 -21.95 -0.36
N GLN A 35 -40.10 -21.73 0.30
CA GLN A 35 -39.01 -20.92 -0.24
C GLN A 35 -37.83 -21.76 -0.66
N GLU A 36 -37.81 -22.99 -0.19
CA GLU A 36 -36.64 -23.81 -0.34
C GLU A 36 -36.06 -23.85 -1.75
N SER A 37 -36.88 -24.23 -2.73
CA SER A 37 -36.43 -24.29 -4.11
C SER A 37 -37.09 -23.22 -4.98
N ASN A 38 -37.59 -22.18 -4.32
CA ASN A 38 -38.28 -21.08 -4.98
C ASN A 38 -37.29 -20.04 -5.47
N GLN A 39 -36.42 -20.49 -6.38
CA GLN A 39 -35.25 -19.72 -6.78
C GLN A 39 -35.58 -18.40 -7.46
N PHE A 40 -36.62 -18.43 -8.29
CA PHE A 40 -36.99 -17.28 -9.10
C PHE A 40 -38.42 -16.81 -8.85
N GLY A 41 -39.03 -17.26 -7.77
CA GLY A 41 -40.37 -16.82 -7.43
C GLY A 41 -40.41 -15.43 -6.81
N THR A 42 -41.63 -14.97 -6.55
CA THR A 42 -41.82 -13.58 -6.15
C THR A 42 -42.17 -13.44 -4.68
N ASP A 43 -42.25 -14.56 -3.96
CA ASP A 43 -42.39 -14.54 -2.50
C ASP A 43 -41.17 -13.92 -1.81
N ARG A 44 -41.41 -13.20 -0.72
CA ARG A 44 -40.36 -12.54 0.06
C ARG A 44 -40.75 -12.56 1.54
N TYR A 45 -39.84 -12.99 2.43
CA TYR A 45 -40.17 -12.99 3.86
C TYR A 45 -39.06 -12.55 4.77
N ALA A 46 -39.43 -11.83 5.84
CA ALA A 46 -38.51 -11.45 6.89
C ALA A 46 -39.02 -12.06 8.20
N LEU A 47 -38.14 -12.81 8.85
CA LEU A 47 -38.46 -13.49 10.11
C LEU A 47 -37.72 -12.78 11.21
N MET A 48 -38.45 -12.03 12.06
CA MET A 48 -37.80 -11.16 13.02
C MET A 48 -38.14 -11.65 14.43
N PHE A 49 -37.14 -11.69 15.28
CA PHE A 49 -37.24 -12.28 16.61
C PHE A 49 -37.00 -11.26 17.71
N LYS A 50 -38.01 -11.05 18.57
CA LYS A 50 -37.85 -10.12 19.70
C LYS A 50 -36.80 -10.63 20.68
N PRO A 51 -36.13 -9.72 21.41
CA PRO A 51 -35.12 -10.13 22.39
C PRO A 51 -35.62 -11.16 23.37
N GLY A 52 -34.78 -12.15 23.60
CA GLY A 52 -35.12 -13.27 24.46
C GLY A 52 -34.37 -14.52 24.08
N THR A 53 -34.80 -15.60 24.73
CA THR A 53 -34.23 -16.92 24.50
C THR A 53 -35.30 -17.79 23.84
N TYR A 54 -34.88 -18.46 22.76
CA TYR A 54 -35.75 -19.33 22.01
C TYR A 54 -35.19 -20.72 22.08
N ASN A 55 -35.98 -21.64 22.65
CA ASN A 55 -35.55 -23.04 22.66
C ASN A 55 -36.29 -23.96 21.71
N ASP A 56 -35.57 -25.02 21.34
CA ASP A 56 -36.03 -26.02 20.39
C ASP A 56 -36.38 -25.39 19.05
N ILE A 57 -35.40 -24.74 18.44
CA ILE A 57 -35.59 -24.03 17.19
C ILE A 57 -34.46 -24.32 16.19
N ASN A 58 -34.85 -24.43 14.95
CA ASN A 58 -33.92 -24.82 13.92
C ASN A 58 -34.47 -24.11 12.68
N ALA A 59 -34.06 -22.88 12.48
CA ALA A 59 -34.62 -22.04 11.40
C ALA A 59 -33.90 -22.32 10.10
N GLN A 60 -34.53 -23.11 9.24
CA GLN A 60 -33.96 -23.46 7.94
C GLN A 60 -34.34 -22.28 7.04
N ILE A 61 -33.35 -21.77 6.32
CA ILE A 61 -33.48 -20.55 5.55
C ILE A 61 -33.40 -20.84 4.04
N GLY A 62 -34.51 -20.60 3.36
CA GLY A 62 -34.59 -20.81 1.92
C GLY A 62 -34.33 -19.54 1.13
N PHE A 63 -34.65 -19.56 -0.16
CA PHE A 63 -34.57 -18.35 -0.97
C PHE A 63 -35.39 -17.18 -0.41
N TYR A 64 -34.90 -15.97 -0.64
CA TYR A 64 -35.60 -14.73 -0.33
C TYR A 64 -36.20 -14.74 1.08
N THR A 65 -35.41 -15.24 2.01
CA THR A 65 -35.76 -15.23 3.41
C THR A 65 -34.64 -14.54 4.20
N SER A 66 -35.01 -13.53 4.98
CA SER A 66 -34.12 -12.92 6.01
C SER A 66 -34.56 -13.36 7.40
N ILE A 67 -33.59 -13.55 8.28
CA ILE A 67 -33.87 -13.84 9.70
C ILE A 67 -33.00 -12.86 10.49
N ALA A 68 -33.60 -12.23 11.49
CA ALA A 68 -32.89 -11.27 12.29
C ALA A 68 -33.44 -11.19 13.70
N GLY A 69 -32.54 -10.90 14.63
CA GLY A 69 -32.97 -10.51 15.95
C GLY A 69 -33.39 -9.06 15.92
N LEU A 70 -34.11 -8.62 16.96
CA LEU A 70 -34.52 -7.23 17.05
C LEU A 70 -34.02 -6.69 18.38
N GLY A 71 -32.97 -7.37 18.86
CA GLY A 71 -32.19 -6.82 19.90
C GLY A 71 -31.51 -5.61 19.37
N LEU A 72 -31.72 -4.57 20.15
CA LEU A 72 -30.61 -3.78 20.59
C LEU A 72 -29.20 -4.52 20.51
N ASN A 73 -29.03 -5.82 20.79
CA ASN A 73 -27.69 -6.46 20.66
C ASN A 73 -27.71 -7.99 20.31
N PRO A 74 -26.64 -8.59 19.71
CA PRO A 74 -27.00 -9.95 19.25
C PRO A 74 -27.26 -10.98 20.36
N ASP A 75 -26.55 -10.84 21.47
CA ASP A 75 -26.73 -11.75 22.59
C ASP A 75 -28.14 -11.54 23.21
N ASP A 76 -28.75 -10.40 22.87
CA ASP A 76 -30.11 -10.12 23.37
C ASP A 76 -31.16 -11.08 22.81
N THR A 77 -30.92 -11.61 21.61
CA THR A 77 -31.81 -12.60 20.98
C THR A 77 -31.01 -13.89 20.70
N THR A 78 -31.22 -14.86 21.58
CA THR A 78 -30.45 -16.11 21.60
C THR A 78 -31.30 -17.29 21.20
N PHE A 79 -30.79 -18.05 20.24
CA PHE A 79 -31.38 -19.33 19.85
C PHE A 79 -30.52 -20.44 20.42
N ASN A 80 -31.14 -21.27 21.24
CA ASN A 80 -30.60 -22.58 21.57
C ASN A 80 -31.09 -23.52 20.50
N GLY A 81 -30.23 -23.70 19.51
CA GLY A 81 -30.65 -24.06 18.17
C GLY A 81 -29.83 -23.34 17.08
N ASP A 82 -30.42 -23.25 15.90
CA ASP A 82 -29.64 -23.11 14.68
C ASP A 82 -30.37 -22.25 13.66
N VAL A 83 -29.57 -21.64 12.80
CA VAL A 83 -30.03 -20.99 11.60
C VAL A 83 -29.26 -21.67 10.45
N THR A 84 -29.97 -22.55 9.76
CA THR A 84 -29.37 -23.53 8.86
C THR A 84 -29.64 -23.25 7.38
N VAL A 85 -28.58 -23.32 6.57
CA VAL A 85 -28.74 -23.45 5.13
C VAL A 85 -28.05 -24.75 4.72
N ASP A 86 -28.82 -25.72 4.23
CA ASP A 86 -28.24 -26.92 3.62
C ASP A 86 -28.51 -27.01 2.09
N ALA A 87 -28.15 -28.11 1.45
CA ALA A 87 -28.16 -28.05 -0.04
C ALA A 87 -28.50 -29.31 -0.82
N GLY A 88 -29.75 -29.75 -0.77
CA GLY A 88 -30.16 -31.01 -1.37
C GLY A 88 -31.47 -30.89 -2.12
N TRP A 89 -31.99 -29.68 -2.24
CA TRP A 89 -33.01 -29.43 -3.23
C TRP A 89 -32.33 -29.52 -4.62
N PHE A 90 -31.06 -29.10 -4.73
CA PHE A 90 -30.26 -29.18 -5.97
C PHE A 90 -29.63 -30.59 -5.91
N ASP A 91 -29.10 -31.03 -4.75
CA ASP A 91 -29.01 -32.48 -4.34
C ASP A 91 -27.86 -32.76 -3.41
N GLY A 92 -27.26 -31.73 -2.82
CA GLY A 92 -25.98 -31.75 -2.09
C GLY A 92 -25.11 -30.62 -2.60
N ASN A 93 -25.53 -30.11 -3.75
CA ASN A 93 -24.74 -29.11 -4.42
C ASN A 93 -25.18 -27.76 -3.85
N ALA A 94 -24.27 -26.96 -3.29
CA ALA A 94 -24.67 -25.67 -2.68
C ALA A 94 -24.47 -24.40 -3.54
N THR A 95 -24.23 -24.54 -4.86
CA THR A 95 -23.81 -23.37 -5.67
C THR A 95 -24.93 -22.40 -6.05
N GLN A 96 -26.21 -22.81 -5.92
CA GLN A 96 -27.35 -21.92 -6.17
C GLN A 96 -28.05 -21.44 -4.88
N ASN A 97 -27.40 -21.57 -3.72
CA ASN A 97 -28.00 -21.09 -2.46
C ASN A 97 -27.79 -19.57 -2.31
N PHE A 98 -28.60 -18.82 -3.03
CA PHE A 98 -28.51 -17.38 -3.09
C PHE A 98 -29.62 -16.65 -2.31
N TRP A 99 -29.41 -15.35 -2.15
CA TRP A 99 -30.44 -14.35 -1.81
C TRP A 99 -31.17 -14.69 -0.48
N ARG A 100 -30.40 -14.66 0.59
CA ARG A 100 -30.96 -14.85 1.93
C ARG A 100 -30.05 -14.14 2.94
N SER A 101 -30.46 -14.09 4.20
CA SER A 101 -29.71 -13.20 5.13
C SER A 101 -29.95 -13.67 6.58
N ALA A 102 -28.89 -13.59 7.39
CA ALA A 102 -29.00 -13.78 8.84
C ALA A 102 -28.25 -12.66 9.53
N GLU A 103 -28.86 -12.08 10.55
CA GLU A 103 -28.15 -11.06 11.30
C GLU A 103 -28.67 -10.85 12.72
N ASN A 104 -27.76 -10.39 13.57
CA ASN A 104 -28.15 -9.85 14.89
C ASN A 104 -28.80 -10.87 15.83
N LEU A 105 -28.22 -12.07 15.81
CA LEU A 105 -28.62 -13.19 16.66
C LEU A 105 -27.41 -13.84 17.31
N ALA A 106 -27.63 -14.42 18.48
CA ALA A 106 -26.67 -15.37 19.06
C ALA A 106 -27.24 -16.78 18.86
N LEU A 107 -26.38 -17.69 18.45
CA LEU A 107 -26.74 -19.10 18.20
C LEU A 107 -25.89 -20.01 19.08
N ASN A 108 -26.60 -20.94 19.71
CA ASN A 108 -25.99 -22.02 20.51
C ASN A 108 -26.34 -23.33 19.79
N PRO A 109 -25.53 -23.69 18.78
CA PRO A 109 -25.98 -24.68 17.79
C PRO A 109 -26.20 -26.05 18.34
N VAL A 110 -27.22 -26.69 17.79
CA VAL A 110 -27.83 -27.82 18.44
C VAL A 110 -26.95 -29.04 18.44
N ASN A 111 -25.81 -29.00 17.74
CA ASN A 111 -24.70 -29.95 18.10
C ASN A 111 -23.27 -29.36 18.09
N GLY A 112 -23.15 -28.11 18.53
CA GLY A 112 -21.85 -27.45 18.71
C GLY A 112 -21.38 -26.71 17.45
N THR A 113 -22.24 -26.68 16.45
CA THR A 113 -21.81 -26.26 15.12
C THR A 113 -23.01 -25.95 14.24
N ASN A 114 -23.00 -24.72 13.72
CA ASN A 114 -24.07 -24.18 12.88
C ASN A 114 -23.64 -24.25 11.43
N ARG A 115 -24.57 -24.66 10.58
CA ARG A 115 -24.31 -24.87 9.18
C ARG A 115 -24.88 -23.76 8.34
N TRP A 116 -24.02 -23.07 7.60
CA TRP A 116 -24.43 -21.96 6.72
C TRP A 116 -23.80 -22.19 5.33
N ALA A 117 -24.27 -23.22 4.63
CA ALA A 117 -23.69 -23.62 3.36
C ALA A 117 -24.34 -22.84 2.23
N VAL A 118 -23.89 -21.61 2.09
CA VAL A 118 -24.44 -20.69 1.12
C VAL A 118 -23.50 -20.40 -0.03
N SER A 119 -24.07 -19.74 -1.03
CA SER A 119 -23.31 -19.23 -2.15
C SER A 119 -23.41 -17.70 -2.13
N GLN A 120 -23.51 -17.03 -3.29
CA GLN A 120 -23.48 -15.57 -3.31
C GLN A 120 -24.75 -14.92 -2.79
N ALA A 121 -24.63 -13.65 -2.38
CA ALA A 121 -25.74 -12.86 -1.83
C ALA A 121 -26.43 -13.53 -0.65
N ALA A 122 -25.63 -14.03 0.28
CA ALA A 122 -26.14 -14.65 1.48
C ALA A 122 -25.38 -14.16 2.73
N PRO A 123 -25.53 -12.88 3.05
CA PRO A 123 -24.71 -12.29 4.11
C PRO A 123 -25.04 -12.83 5.51
N PHE A 124 -24.03 -12.80 6.36
CA PHE A 124 -24.10 -13.33 7.74
C PHE A 124 -23.43 -12.20 8.52
N ARG A 125 -24.24 -11.39 9.23
CA ARG A 125 -23.75 -10.15 9.86
C ARG A 125 -24.15 -10.05 11.32
N ARG A 126 -23.27 -9.50 12.14
CA ARG A 126 -23.64 -9.16 13.50
C ARG A 126 -24.18 -10.38 14.24
N MET A 127 -23.52 -11.51 13.99
CA MET A 127 -23.87 -12.77 14.60
C MET A 127 -22.87 -13.17 15.68
N HIS A 128 -23.38 -13.83 16.70
CA HIS A 128 -22.54 -14.46 17.71
C HIS A 128 -22.82 -15.98 17.68
N VAL A 129 -21.90 -16.76 17.14
CA VAL A 129 -22.06 -18.23 17.10
C VAL A 129 -21.30 -18.79 18.28
N LYS A 130 -22.05 -19.28 19.25
CA LYS A 130 -21.45 -19.77 20.48
C LYS A 130 -20.90 -21.19 20.27
N GLY A 131 -20.47 -21.51 19.06
CA GLY A 131 -19.91 -22.81 18.70
C GLY A 131 -19.15 -22.64 17.41
N GLY A 132 -19.07 -23.72 16.65
CA GLY A 132 -18.43 -23.74 15.35
C GLY A 132 -19.37 -23.21 14.26
N LEU A 133 -18.77 -22.73 13.20
CA LEU A 133 -19.51 -22.39 11.96
C LEU A 133 -19.00 -23.19 10.77
N ASN A 134 -19.91 -23.98 10.21
CA ASN A 134 -19.61 -24.92 9.14
C ASN A 134 -20.21 -24.35 7.83
N LEU A 135 -19.38 -24.07 6.82
CA LEU A 135 -19.86 -23.34 5.63
C LEU A 135 -20.13 -24.25 4.46
N ALA A 136 -20.00 -25.55 4.67
CA ALA A 136 -20.04 -26.47 3.54
C ALA A 136 -21.31 -27.33 3.50
N PRO A 137 -21.78 -27.62 2.27
CA PRO A 137 -22.96 -28.42 1.85
C PRO A 137 -23.11 -29.76 2.50
N ASP A 138 -23.69 -30.73 1.79
CA ASP A 138 -23.92 -32.03 2.40
C ASP A 138 -23.53 -33.33 1.60
N GLY A 139 -22.71 -34.10 2.32
CA GLY A 139 -21.75 -35.05 1.78
C GLY A 139 -20.56 -34.18 1.51
N TYR A 140 -20.59 -33.06 2.22
CA TYR A 140 -20.27 -31.72 1.65
C TYR A 140 -19.52 -31.56 0.27
N GLY A 141 -20.10 -30.63 -0.56
CA GLY A 141 -19.90 -30.48 -2.01
C GLY A 141 -19.58 -29.08 -2.59
N TRP A 142 -19.74 -28.92 -3.91
CA TRP A 142 -19.33 -27.65 -4.55
C TRP A 142 -20.08 -26.47 -3.90
N ALA A 143 -19.37 -25.37 -3.63
CA ALA A 143 -20.02 -24.19 -2.99
C ALA A 143 -19.27 -22.91 -3.33
N SER A 144 -19.98 -21.78 -3.42
CA SER A 144 -19.39 -20.53 -3.96
C SER A 144 -19.82 -19.22 -3.28
N GLY A 145 -19.71 -19.24 -1.96
CA GLY A 145 -19.92 -18.04 -1.15
C GLY A 145 -18.75 -17.07 -1.17
N GLY A 146 -18.65 -16.19 -0.18
CA GLY A 146 -19.59 -15.99 0.91
C GLY A 146 -19.08 -14.78 1.67
N TYR A 147 -19.83 -14.34 2.66
CA TYR A 147 -19.58 -13.06 3.31
C TYR A 147 -19.99 -13.13 4.78
N ILE A 148 -19.02 -12.82 5.65
CA ILE A 148 -19.22 -12.67 7.09
C ILE A 148 -18.66 -11.33 7.51
N ALA A 149 -19.45 -10.60 8.28
CA ALA A 149 -18.97 -9.33 8.85
C ALA A 149 -19.52 -9.09 10.25
N ASP A 150 -18.68 -8.45 11.06
CA ASP A 150 -19.07 -7.99 12.39
C ASP A 150 -19.62 -9.10 13.26
N SER A 151 -18.99 -10.27 13.15
CA SER A 151 -19.47 -11.48 13.82
C SER A 151 -18.39 -12.07 14.72
N LYS A 152 -18.85 -12.80 15.76
CA LYS A 152 -17.93 -13.55 16.63
C LYS A 152 -18.34 -15.02 16.55
N ILE A 153 -17.45 -15.86 16.03
CA ILE A 153 -17.63 -17.30 16.00
C ILE A 153 -16.70 -17.85 17.09
N ASP A 154 -17.25 -18.36 18.19
CA ASP A 154 -16.41 -18.71 19.34
C ASP A 154 -15.41 -19.84 18.98
N GLY A 155 -15.81 -20.72 18.06
CA GLY A 155 -15.03 -21.89 17.71
C GLY A 155 -14.39 -21.75 16.34
N GLU A 156 -14.24 -22.87 15.63
CA GLU A 156 -13.64 -22.86 14.30
C GLU A 156 -14.67 -22.57 13.25
N VAL A 157 -14.28 -21.75 12.27
CA VAL A 157 -14.98 -21.67 11.02
C VAL A 157 -14.41 -22.71 10.08
N GLY A 158 -15.27 -23.56 9.52
CA GLY A 158 -14.84 -24.63 8.61
C GLY A 158 -15.38 -24.45 7.19
N PRO A 159 -14.52 -23.99 6.25
CA PRO A 159 -15.07 -23.79 4.90
C PRO A 159 -15.26 -25.10 4.13
N TYR A 160 -14.44 -26.10 4.47
CA TYR A 160 -14.29 -27.30 3.66
C TYR A 160 -14.28 -26.98 2.16
N SER A 161 -15.36 -27.29 1.44
CA SER A 161 -15.35 -27.25 -0.01
C SER A 161 -15.68 -25.88 -0.63
N GLN A 162 -15.97 -24.88 0.20
CA GLN A 162 -16.18 -23.53 -0.31
C GLN A 162 -15.00 -23.05 -1.16
N GLN A 163 -15.27 -22.53 -2.37
CA GLN A 163 -14.19 -22.10 -3.25
C GLN A 163 -13.42 -20.90 -2.66
N GLN A 164 -14.18 -19.93 -2.15
CA GLN A 164 -13.60 -18.64 -1.76
C GLN A 164 -14.45 -18.09 -0.62
N TRP A 165 -13.97 -17.06 0.07
CA TRP A 165 -14.74 -16.47 1.17
C TRP A 165 -14.14 -15.13 1.56
N TYR A 166 -14.98 -14.18 1.98
CA TYR A 166 -14.51 -12.94 2.59
C TYR A 166 -15.07 -12.74 3.99
N THR A 167 -14.19 -12.44 4.95
CA THR A 167 -14.63 -12.14 6.32
C THR A 167 -14.03 -10.79 6.72
N ARG A 168 -14.82 -9.92 7.31
CA ARG A 168 -14.23 -8.69 7.85
C ARG A 168 -14.74 -8.33 9.23
N ASP A 169 -13.85 -7.65 9.96
CA ASP A 169 -14.19 -6.93 11.20
C ASP A 169 -14.93 -7.84 12.18
N SER A 170 -14.34 -9.02 12.33
CA SER A 170 -14.88 -10.13 13.10
C SER A 170 -13.82 -10.76 14.02
N SER A 171 -14.23 -11.87 14.64
CA SER A 171 -13.38 -12.64 15.55
C SER A 171 -13.74 -14.12 15.39
N VAL A 172 -12.73 -14.96 15.12
CA VAL A 172 -12.96 -16.39 15.02
C VAL A 172 -12.09 -17.20 15.98
N GLY A 173 -12.62 -18.33 16.45
CA GLY A 173 -11.86 -19.23 17.29
C GLY A 173 -10.96 -20.22 16.56
N GLY A 174 -11.10 -20.24 15.24
CA GLY A 174 -10.32 -21.11 14.36
C GLY A 174 -10.75 -20.94 12.91
N TRP A 175 -9.90 -21.42 11.98
CA TRP A 175 -10.22 -21.39 10.56
C TRP A 175 -9.56 -22.59 9.86
N GLY A 176 -10.35 -23.55 9.40
CA GLY A 176 -9.82 -24.87 9.09
C GLY A 176 -9.24 -25.15 7.70
N ASN A 177 -9.51 -24.30 6.73
CA ASN A 177 -8.97 -24.50 5.38
C ASN A 177 -9.33 -23.37 4.44
N GLY A 178 -8.66 -23.39 3.30
CA GLY A 178 -9.09 -22.58 2.18
C GLY A 178 -8.99 -23.46 0.94
N VAL A 179 -9.43 -22.91 -0.19
CA VAL A 179 -9.51 -23.64 -1.44
C VAL A 179 -8.82 -22.78 -2.52
N TRP A 180 -9.47 -21.70 -2.97
CA TRP A 180 -8.88 -20.79 -3.96
C TRP A 180 -8.56 -19.39 -3.41
N ASN A 181 -9.42 -18.86 -2.54
CA ASN A 181 -9.25 -17.45 -2.13
C ASN A 181 -10.04 -17.15 -0.88
N MET A 182 -9.38 -17.29 0.26
CA MET A 182 -9.99 -16.86 1.53
C MET A 182 -9.31 -15.58 1.97
N THR A 183 -10.10 -14.51 2.04
CA THR A 183 -9.56 -13.18 2.36
C THR A 183 -10.20 -12.72 3.67
N PHE A 184 -9.37 -12.05 4.48
CA PHE A 184 -9.76 -11.55 5.79
C PHE A 184 -9.26 -10.11 5.93
N SER A 185 -10.10 -9.22 6.46
CA SER A 185 -9.60 -7.91 6.86
C SER A 185 -10.19 -7.56 8.22
N GLY A 186 -9.32 -7.19 9.14
CA GLY A 186 -9.77 -6.87 10.49
C GLY A 186 -10.35 -8.04 11.26
N VAL A 187 -9.84 -9.25 11.00
CA VAL A 187 -10.36 -10.42 11.68
C VAL A 187 -9.43 -11.00 12.73
N GLU A 188 -9.87 -10.91 13.99
CA GLU A 188 -9.15 -11.53 15.10
C GLU A 188 -9.22 -13.04 15.00
N GLY A 189 -8.07 -13.72 14.99
CA GLY A 189 -8.05 -15.16 14.81
C GLY A 189 -7.91 -15.56 13.35
N ALA A 190 -7.80 -14.57 12.47
CA ALA A 190 -7.59 -14.89 11.05
C ALA A 190 -6.34 -15.74 10.95
N PRO A 191 -6.32 -16.68 10.00
CA PRO A 191 -5.06 -17.39 9.79
C PRO A 191 -3.99 -16.49 9.10
N ALA A 192 -2.71 -16.90 9.21
CA ALA A 192 -1.57 -16.11 8.75
C ALA A 192 -1.59 -15.89 7.25
N GLN A 193 -1.31 -14.65 6.83
CA GLN A 193 -1.11 -14.32 5.41
C GLN A 193 -0.11 -15.27 4.82
N SER A 194 -0.56 -16.10 3.87
CA SER A 194 0.29 -17.19 3.35
C SER A 194 0.18 -17.46 1.85
N PHE A 195 -0.56 -16.61 1.13
CA PHE A 195 -0.96 -16.86 -0.27
C PHE A 195 0.27 -17.09 -1.16
N PRO A 196 0.18 -18.08 -2.11
CA PRO A 196 -1.06 -18.78 -2.48
C PRO A 196 -1.40 -20.18 -1.86
N GLU A 197 -0.66 -20.73 -0.89
CA GLU A 197 -1.01 -22.09 -0.44
C GLU A 197 -0.63 -22.35 1.02
N PRO A 198 -1.61 -22.30 1.97
CA PRO A 198 -3.02 -22.05 1.63
C PRO A 198 -3.27 -20.62 1.16
N PRO A 199 -4.25 -20.41 0.27
CA PRO A 199 -4.44 -19.10 -0.36
C PRO A 199 -5.18 -18.12 0.57
N TYR A 200 -4.50 -17.78 1.68
CA TYR A 200 -4.96 -16.83 2.67
C TYR A 200 -4.35 -15.47 2.41
N THR A 201 -5.25 -14.50 2.21
CA THR A 201 -4.94 -13.10 2.07
C THR A 201 -5.47 -12.42 3.33
N THR A 202 -4.55 -11.90 4.13
CA THR A 202 -4.92 -11.47 5.48
C THR A 202 -4.41 -10.07 5.77
N LEU A 203 -5.37 -9.17 5.96
CA LEU A 203 -5.12 -7.77 6.29
C LEU A 203 -5.50 -7.50 7.74
N GLU A 204 -4.59 -6.82 8.45
CA GLU A 204 -4.76 -6.67 9.90
C GLU A 204 -6.02 -5.82 10.22
N THR A 205 -6.29 -4.81 9.39
CA THR A 205 -7.51 -3.99 9.57
C THR A 205 -8.20 -3.66 8.24
N THR A 206 -9.47 -3.23 8.30
CA THR A 206 -10.21 -2.75 7.13
C THR A 206 -10.10 -1.26 7.05
N PRO A 207 -9.71 -0.68 5.90
CA PRO A 207 -9.43 0.78 5.93
C PRO A 207 -10.50 1.63 6.56
N VAL A 208 -11.73 1.43 6.09
CA VAL A 208 -12.90 1.95 6.79
C VAL A 208 -14.04 0.96 6.59
N SER A 209 -14.97 0.96 7.53
CA SER A 209 -16.17 0.16 7.40
C SER A 209 -17.26 0.84 8.21
N ARG A 210 -18.50 0.56 7.92
CA ARG A 210 -19.58 1.17 8.63
C ARG A 210 -20.67 0.14 8.63
N GLU A 211 -21.03 -0.35 9.83
CA GLU A 211 -21.90 -1.53 9.87
C GLU A 211 -23.30 -1.22 9.37
N LYS A 212 -23.95 -2.24 8.83
CA LYS A 212 -25.21 -2.07 8.13
C LYS A 212 -26.34 -1.75 9.13
N PRO A 213 -27.16 -0.74 8.85
CA PRO A 213 -28.31 -0.45 9.73
C PRO A 213 -29.26 -1.63 9.85
N PHE A 214 -29.95 -1.69 10.98
CA PHE A 214 -30.89 -2.77 11.24
C PHE A 214 -32.02 -2.33 12.15
N LEU A 215 -33.16 -2.99 12.00
CA LEU A 215 -34.29 -2.67 12.86
C LEU A 215 -34.13 -3.37 14.19
N TYR A 216 -34.53 -2.66 15.24
CA TYR A 216 -34.44 -3.11 16.62
C TYR A 216 -35.66 -2.58 17.34
N LEU A 217 -36.25 -3.40 18.18
CA LEU A 217 -37.29 -2.88 19.05
C LEU A 217 -36.54 -2.51 20.29
N ASP A 218 -36.22 -1.21 20.46
CA ASP A 218 -35.97 -0.71 21.76
C ASP A 218 -37.35 -0.76 22.41
N GLY A 219 -37.68 -1.97 22.84
CA GLY A 219 -38.85 -2.21 23.63
C GLY A 219 -40.03 -2.52 22.76
N ASP A 220 -40.84 -1.50 22.52
CA ASP A 220 -41.96 -1.52 21.61
C ASP A 220 -41.94 -0.17 20.94
N ASP A 221 -40.77 0.45 20.96
CA ASP A 221 -40.50 1.52 20.01
C ASP A 221 -39.64 0.77 19.00
N TYR A 222 -40.17 0.52 17.81
CA TYR A 222 -39.36 0.09 16.65
C TYR A 222 -38.45 1.27 16.39
N LYS A 223 -37.16 0.98 16.26
CA LYS A 223 -36.24 1.94 15.71
C LYS A 223 -35.18 1.26 14.84
N VAL A 224 -34.56 2.05 13.97
CA VAL A 224 -33.42 1.60 13.16
C VAL A 224 -32.10 2.17 13.72
N PHE A 225 -31.18 1.29 14.10
CA PHE A 225 -29.85 1.71 14.52
C PHE A 225 -28.95 1.88 13.30
N VAL A 226 -28.19 2.97 13.34
CA VAL A 226 -27.28 3.37 12.28
C VAL A 226 -25.88 3.51 12.85
N PRO A 227 -25.08 2.43 12.72
CA PRO A 227 -23.70 2.41 13.24
C PRO A 227 -22.77 3.53 12.77
N ALA A 228 -21.97 4.03 13.72
CA ALA A 228 -20.87 4.93 13.41
C ALA A 228 -19.77 4.19 12.65
N LYS A 229 -19.12 4.89 11.73
CA LYS A 229 -18.02 4.25 10.98
C LYS A 229 -16.76 4.06 11.82
N ARG A 230 -15.97 3.04 11.42
CA ARG A 230 -14.76 2.63 12.11
C ARG A 230 -13.56 2.70 11.18
N THR A 231 -12.50 3.35 11.68
CA THR A 231 -11.19 3.52 11.04
C THR A 231 -10.27 2.36 11.33
N ASN A 232 -9.62 1.83 10.26
CA ASN A 232 -8.81 0.61 10.29
C ASN A 232 -9.35 -0.30 11.38
N ALA A 233 -10.30 -1.12 10.94
CA ALA A 233 -11.24 -1.75 11.82
C ALA A 233 -10.79 -3.17 12.08
N ARG A 234 -11.04 -3.64 13.30
CA ARG A 234 -10.60 -4.95 13.72
C ARG A 234 -11.51 -5.42 14.84
N GLY A 235 -11.82 -6.71 14.80
CA GLY A 235 -12.82 -7.26 15.69
C GLY A 235 -14.22 -6.65 15.48
N THR A 236 -15.14 -7.10 16.32
CA THR A 236 -16.54 -6.71 16.20
C THR A 236 -16.76 -5.28 16.70
N SER A 237 -17.81 -4.68 16.17
CA SER A 237 -18.22 -3.33 16.56
C SER A 237 -18.91 -3.35 17.93
N TRP A 238 -19.68 -4.43 18.15
CA TRP A 238 -20.58 -4.60 19.29
C TRP A 238 -19.87 -5.43 20.34
N GLY A 239 -19.91 -4.96 21.56
CA GLY A 239 -19.48 -5.90 22.62
C GLY A 239 -19.46 -5.39 24.09
N ASN A 240 -19.45 -4.07 24.25
CA ASN A 240 -18.92 -3.41 25.49
C ASN A 240 -19.95 -2.27 25.64
N GLY A 241 -21.13 -2.61 26.17
CA GLY A 241 -22.32 -1.77 26.05
C GLY A 241 -22.47 -1.20 24.63
N THR A 242 -23.17 -0.06 24.56
CA THR A 242 -23.36 0.78 23.37
C THR A 242 -22.35 0.63 22.22
N PRO A 243 -22.70 -0.18 21.24
CA PRO A 243 -22.30 0.20 19.90
C PRO A 243 -22.33 1.72 19.70
N GLU A 244 -21.44 2.25 18.86
CA GLU A 244 -21.44 3.68 18.48
C GLU A 244 -22.39 3.90 17.30
N GLY A 245 -23.20 4.96 17.31
CA GLY A 245 -24.14 5.19 16.20
C GLY A 245 -25.34 6.05 16.54
N GLU A 246 -26.41 5.90 15.76
CA GLU A 246 -27.61 6.75 15.85
C GLU A 246 -28.89 5.96 15.75
N SER A 247 -29.87 6.33 16.60
CA SER A 247 -31.19 5.72 16.73
C SER A 247 -32.32 6.49 15.99
N LEU A 248 -32.99 5.90 14.97
CA LEU A 248 -34.19 6.49 14.31
C LEU A 248 -35.44 5.57 14.56
N PRO A 249 -36.69 6.05 14.93
CA PRO A 249 -37.89 5.21 14.62
C PRO A 249 -38.41 5.11 13.21
N LEU A 250 -39.44 4.30 12.98
CA LEU A 250 -40.16 4.30 11.70
C LEU A 250 -41.07 5.47 11.62
N ASP A 251 -41.36 6.10 12.77
CA ASP A 251 -42.04 7.41 12.70
C ASP A 251 -41.28 8.27 11.73
N GLN A 252 -39.95 8.06 11.66
CA GLN A 252 -39.08 8.79 10.75
C GLN A 252 -38.80 8.01 9.42
N PHE A 253 -39.54 6.93 9.15
CA PHE A 253 -39.43 6.13 7.91
C PHE A 253 -40.75 6.05 7.13
N TYR A 254 -40.70 6.23 5.81
CA TYR A 254 -41.83 5.80 5.00
C TYR A 254 -41.72 4.31 4.82
N VAL A 255 -42.84 3.62 4.99
CA VAL A 255 -42.82 2.18 4.99
C VAL A 255 -43.40 1.77 3.67
N VAL A 256 -42.52 1.27 2.82
CA VAL A 256 -42.82 0.97 1.46
C VAL A 256 -43.44 -0.42 1.51
N LYS A 257 -44.71 -0.48 1.20
CA LYS A 257 -45.42 -1.75 1.24
C LYS A 257 -46.13 -1.95 -0.07
N PRO A 258 -46.62 -3.16 -0.29
CA PRO A 258 -47.21 -3.50 -1.59
C PRO A 258 -48.17 -2.48 -2.21
N GLY A 259 -47.83 -2.08 -3.45
CA GLY A 259 -48.59 -1.07 -4.18
C GLY A 259 -47.89 0.28 -4.40
N ALA A 260 -46.88 0.57 -3.59
CA ALA A 260 -46.21 1.88 -3.66
C ALA A 260 -45.57 2.18 -5.00
N THR A 261 -45.86 3.36 -5.53
CA THR A 261 -45.36 3.83 -6.81
C THR A 261 -44.07 4.59 -6.52
N ALA A 262 -43.21 4.75 -7.52
CA ALA A 262 -41.98 5.54 -7.34
C ALA A 262 -42.25 7.00 -6.95
N GLU A 263 -43.32 7.57 -7.50
CA GLU A 263 -43.79 8.92 -7.17
C GLU A 263 -43.84 9.13 -5.65
N THR A 264 -44.50 8.24 -4.94
CA THR A 264 -44.62 8.36 -3.50
C THR A 264 -43.29 8.24 -2.73
N ILE A 265 -42.51 7.23 -3.08
CA ILE A 265 -41.24 6.98 -2.41
C ILE A 265 -40.34 8.23 -2.47
N ASN A 266 -40.26 8.85 -3.64
CA ASN A 266 -39.44 10.03 -3.87
C ASN A 266 -39.83 11.27 -3.03
N ALA A 267 -41.13 11.51 -2.92
CA ALA A 267 -41.64 12.62 -2.11
C ALA A 267 -41.42 12.35 -0.63
N ALA A 268 -41.53 11.09 -0.20
CA ALA A 268 -41.21 10.76 1.20
C ALA A 268 -39.80 11.23 1.55
N VAL A 269 -38.85 10.94 0.68
CA VAL A 269 -37.47 11.40 0.88
C VAL A 269 -37.45 12.93 0.85
N ASP A 270 -38.29 13.50 -0.01
CA ASP A 270 -38.32 14.97 -0.19
C ASP A 270 -38.78 15.72 1.03
N GLN A 271 -39.62 15.07 1.85
CA GLN A 271 -40.13 15.69 3.08
C GLN A 271 -39.25 15.39 4.26
N GLY A 272 -38.37 14.41 4.15
CA GLY A 272 -37.42 14.12 5.22
C GLY A 272 -37.64 12.78 5.90
N LEU A 273 -38.30 11.86 5.19
CA LEU A 273 -38.42 10.48 5.66
C LEU A 273 -37.34 9.57 5.08
N HIS A 274 -36.95 8.60 5.88
CA HIS A 274 -36.07 7.52 5.45
C HIS A 274 -36.97 6.47 4.79
N LEU A 275 -36.36 5.43 4.21
CA LEU A 275 -37.12 4.38 3.52
C LEU A 275 -36.94 3.02 4.11
N LEU A 276 -38.06 2.33 4.35
CA LEU A 276 -38.00 0.97 4.87
C LEU A 276 -38.80 0.09 3.97
N PHE A 277 -38.12 -0.69 3.15
CA PHE A 277 -38.78 -1.55 2.17
C PHE A 277 -39.16 -2.89 2.79
N THR A 278 -40.45 -3.11 2.97
CA THR A 278 -40.91 -4.41 3.44
C THR A 278 -40.76 -5.46 2.34
N PRO A 279 -40.78 -6.75 2.73
CA PRO A 279 -40.53 -7.81 1.74
C PRO A 279 -41.59 -7.82 0.67
N GLY A 280 -41.11 -7.76 -0.57
CA GLY A 280 -41.97 -7.78 -1.72
C GLY A 280 -41.22 -7.37 -2.96
N VAL A 281 -41.96 -7.22 -4.07
CA VAL A 281 -41.38 -6.85 -5.35
C VAL A 281 -42.03 -5.57 -5.87
N TYR A 282 -41.18 -4.55 -5.97
CA TYR A 282 -41.53 -3.19 -6.36
C TYR A 282 -41.20 -2.97 -7.84
N HIS A 283 -42.26 -2.75 -8.62
CA HIS A 283 -42.14 -2.29 -10.00
C HIS A 283 -42.12 -0.76 -10.00
N VAL A 284 -41.14 -0.13 -10.62
CA VAL A 284 -41.13 1.32 -10.65
C VAL A 284 -41.06 1.78 -12.11
N ASP A 285 -41.97 2.68 -12.51
CA ASP A 285 -41.96 3.13 -13.92
C ASP A 285 -41.10 4.38 -14.05
N GLN A 286 -40.53 4.82 -12.93
CA GLN A 286 -39.78 6.06 -12.84
C GLN A 286 -38.66 5.81 -11.77
N PRO A 287 -37.45 6.43 -11.89
CA PRO A 287 -36.47 6.04 -10.84
C PRO A 287 -36.79 6.46 -9.40
N ILE A 288 -36.14 5.78 -8.47
CA ILE A 288 -36.09 6.22 -7.08
C ILE A 288 -34.91 7.20 -6.88
N GLU A 289 -35.17 8.26 -6.11
CA GLU A 289 -34.37 9.49 -6.10
C GLU A 289 -33.96 9.82 -4.67
N ILE A 290 -32.83 9.29 -4.22
CA ILE A 290 -32.37 9.55 -2.85
C ILE A 290 -31.35 10.71 -2.90
N ASP A 291 -31.87 11.94 -2.83
CA ASP A 291 -31.05 13.14 -2.96
C ASP A 291 -31.10 14.04 -1.72
N ARG A 292 -31.33 13.40 -0.58
CA ARG A 292 -31.30 14.04 0.73
C ARG A 292 -30.19 13.35 1.54
N ALA A 293 -29.28 14.17 2.06
CA ALA A 293 -28.15 13.65 2.81
C ALA A 293 -28.63 12.77 3.96
N ASN A 294 -27.85 11.73 4.24
CA ASN A 294 -28.06 10.89 5.41
C ASN A 294 -29.32 10.00 5.38
N THR A 295 -29.90 9.85 4.20
CA THR A 295 -31.06 8.96 4.03
C THR A 295 -30.67 7.51 4.16
N VAL A 296 -31.42 6.79 5.00
CA VAL A 296 -31.36 5.36 5.15
C VAL A 296 -32.42 4.72 4.24
N ALA A 297 -32.00 3.82 3.36
CA ALA A 297 -32.91 3.06 2.50
C ALA A 297 -32.64 1.60 2.76
N LEU A 298 -33.47 0.99 3.62
CA LEU A 298 -33.19 -0.32 4.19
C LEU A 298 -34.27 -1.28 3.74
N GLY A 299 -33.84 -2.40 3.17
CA GLY A 299 -34.78 -3.44 2.74
C GLY A 299 -34.81 -4.57 3.74
N LEU A 300 -35.96 -5.22 3.80
CA LEU A 300 -36.21 -6.43 4.57
C LEU A 300 -36.57 -7.57 3.63
N GLY A 301 -36.16 -8.79 3.98
CA GLY A 301 -36.58 -9.99 3.26
C GLY A 301 -36.34 -9.97 1.77
N LEU A 302 -35.16 -9.49 1.36
CA LEU A 302 -34.76 -9.45 -0.05
C LEU A 302 -35.75 -8.63 -0.92
N ALA A 303 -36.28 -7.58 -0.32
CA ALA A 303 -37.03 -6.57 -1.04
C ALA A 303 -36.35 -6.23 -2.37
N THR A 304 -37.14 -6.30 -3.43
CA THR A 304 -36.68 -6.23 -4.79
C THR A 304 -37.30 -5.05 -5.55
N ILE A 305 -36.48 -4.33 -6.29
CA ILE A 305 -36.95 -3.26 -7.18
C ILE A 305 -36.74 -3.70 -8.64
N ILE A 306 -37.80 -3.61 -9.45
CA ILE A 306 -37.71 -3.85 -10.89
C ILE A 306 -38.01 -2.54 -11.61
N PRO A 307 -37.04 -2.01 -12.39
CA PRO A 307 -37.34 -0.79 -13.13
C PRO A 307 -37.99 -1.10 -14.47
N ASP A 308 -39.27 -0.70 -14.60
CA ASP A 308 -40.00 -0.77 -15.87
C ASP A 308 -39.55 0.23 -16.91
N ASN A 309 -40.05 0.08 -18.12
CA ASN A 309 -39.93 1.13 -19.15
C ASN A 309 -38.52 1.63 -19.42
N GLY A 310 -37.52 0.82 -19.04
CA GLY A 310 -36.14 1.10 -19.38
C GLY A 310 -35.42 2.04 -18.45
N VAL A 311 -36.04 2.39 -17.32
CA VAL A 311 -35.42 3.34 -16.39
C VAL A 311 -34.31 2.78 -15.45
N THR A 312 -33.52 3.70 -14.93
CA THR A 312 -32.62 3.43 -13.81
C THR A 312 -33.45 3.18 -12.53
N ALA A 313 -33.13 2.11 -11.82
CA ALA A 313 -33.91 1.71 -10.64
C ALA A 313 -33.68 2.63 -9.41
N LEU A 314 -32.41 2.99 -9.20
CA LEU A 314 -32.06 3.75 -8.03
C LEU A 314 -30.94 4.69 -8.37
N LYS A 315 -31.22 5.94 -8.10
CA LYS A 315 -30.21 6.98 -8.21
C LYS A 315 -29.98 7.58 -6.84
N VAL A 316 -28.73 7.85 -6.54
CA VAL A 316 -28.38 8.52 -5.32
C VAL A 316 -27.63 9.77 -5.72
N GLY A 317 -28.03 10.91 -5.16
CA GLY A 317 -27.44 12.19 -5.53
C GLY A 317 -26.04 12.43 -4.96
N ASP A 318 -25.50 13.62 -5.22
CA ASP A 318 -24.22 14.08 -4.71
C ASP A 318 -24.43 14.59 -3.30
N VAL A 319 -24.45 13.67 -2.35
CA VAL A 319 -24.79 13.99 -0.97
C VAL A 319 -24.14 12.98 -0.04
N ASP A 320 -23.74 13.48 1.13
CA ASP A 320 -23.12 12.64 2.19
C ASP A 320 -24.11 11.62 2.74
N GLY A 321 -23.57 10.50 3.24
CA GLY A 321 -24.23 9.75 4.30
C GLY A 321 -25.37 8.84 3.93
N VAL A 322 -25.69 8.72 2.65
CA VAL A 322 -26.79 7.80 2.24
C VAL A 322 -26.36 6.36 2.50
N LYS A 323 -27.27 5.58 3.07
CA LYS A 323 -26.98 4.18 3.47
C LYS A 323 -28.02 3.31 2.80
N VAL A 324 -27.65 2.70 1.68
CA VAL A 324 -28.53 1.73 0.99
C VAL A 324 -28.17 0.33 1.47
N ALA A 325 -29.18 -0.45 1.86
CA ALA A 325 -28.92 -1.72 2.53
C ALA A 325 -30.00 -2.73 2.19
N GLY A 326 -29.59 -3.92 1.71
CA GLY A 326 -30.52 -5.03 1.61
C GLY A 326 -31.60 -4.96 0.55
N LEU A 327 -31.17 -4.64 -0.66
CA LEU A 327 -32.07 -4.59 -1.82
C LEU A 327 -31.53 -5.42 -2.97
N LEU A 328 -32.42 -6.14 -3.63
CA LEU A 328 -32.13 -6.74 -4.93
C LEU A 328 -32.72 -5.85 -6.02
N VAL A 329 -31.91 -5.54 -7.03
CA VAL A 329 -32.37 -4.76 -8.18
C VAL A 329 -32.36 -5.75 -9.35
N ASP A 330 -33.55 -6.02 -9.88
CA ASP A 330 -33.80 -7.06 -10.89
C ASP A 330 -34.18 -6.38 -12.21
N ALA A 331 -33.33 -6.49 -13.23
CA ALA A 331 -33.58 -5.82 -14.50
C ALA A 331 -34.89 -6.26 -15.16
N GLY A 332 -35.52 -5.32 -15.85
CA GLY A 332 -36.72 -5.64 -16.62
C GLY A 332 -36.39 -6.04 -18.07
N PRO A 333 -37.37 -6.65 -18.77
CA PRO A 333 -37.17 -7.01 -20.18
C PRO A 333 -36.66 -5.82 -21.03
N VAL A 334 -37.23 -4.63 -20.87
CA VAL A 334 -36.74 -3.47 -21.60
C VAL A 334 -35.39 -3.00 -21.04
N ASN A 335 -34.38 -2.90 -21.90
CA ASN A 335 -33.06 -2.46 -21.47
C ASN A 335 -33.04 -1.12 -20.74
N SER A 336 -32.30 -1.08 -19.62
CA SER A 336 -31.97 0.15 -18.88
C SER A 336 -30.50 0.54 -19.12
N GLU A 337 -30.18 1.81 -19.31
CA GLU A 337 -28.77 2.18 -19.55
C GLU A 337 -27.98 1.91 -18.28
N THR A 338 -28.58 2.24 -17.13
CA THR A 338 -27.98 1.91 -15.84
C THR A 338 -29.07 1.42 -14.90
N LEU A 339 -28.71 0.57 -13.94
CA LEU A 339 -29.67 0.12 -12.91
C LEU A 339 -29.56 0.91 -11.58
N VAL A 340 -28.34 1.18 -11.14
CA VAL A 340 -28.06 1.95 -9.93
C VAL A 340 -26.99 2.97 -10.25
N GLU A 341 -27.24 4.24 -9.87
CA GLU A 341 -26.23 5.31 -9.97
C GLU A 341 -26.00 5.95 -8.63
N VAL A 342 -24.73 6.02 -8.21
CA VAL A 342 -24.36 6.72 -6.99
C VAL A 342 -23.58 7.96 -7.38
N GLY A 343 -24.26 9.09 -7.25
CA GLY A 343 -23.71 10.36 -7.61
C GLY A 343 -23.89 10.66 -9.08
N SER A 344 -23.57 11.88 -9.44
CA SER A 344 -23.78 12.38 -10.80
C SER A 344 -22.53 12.20 -11.61
N ASP A 345 -22.67 11.95 -12.91
CA ASP A 345 -21.46 11.78 -13.70
C ASP A 345 -20.72 13.15 -13.72
N GLY A 346 -19.43 13.11 -13.41
CA GLY A 346 -18.65 14.30 -13.12
C GLY A 346 -18.65 14.87 -11.69
N ALA A 347 -19.45 14.29 -10.79
CA ALA A 347 -19.44 14.72 -9.38
C ALA A 347 -17.98 14.68 -8.82
N SER A 348 -17.51 15.77 -8.19
CA SER A 348 -16.07 15.99 -7.91
C SER A 348 -15.75 16.53 -6.46
N GLY A 349 -16.80 16.79 -5.70
CA GLY A 349 -16.66 16.99 -4.27
C GLY A 349 -16.59 15.68 -3.55
N ASP A 350 -16.30 15.71 -2.26
CA ASP A 350 -16.08 14.45 -1.58
C ASP A 350 -17.10 14.15 -0.49
N HIS A 351 -16.88 13.05 0.21
CA HIS A 351 -17.79 12.59 1.24
C HIS A 351 -16.94 11.76 2.22
N ALA A 352 -15.81 12.31 2.66
CA ALA A 352 -14.81 11.52 3.39
C ALA A 352 -15.17 11.29 4.86
N ALA A 353 -15.76 12.30 5.47
CA ALA A 353 -16.14 12.20 6.89
C ALA A 353 -17.43 11.39 7.05
N ASN A 354 -18.24 11.35 6.00
CA ASN A 354 -19.60 10.82 6.07
C ASN A 354 -20.02 10.30 4.66
N PRO A 355 -19.43 9.18 4.23
CA PRO A 355 -19.69 8.68 2.89
C PRO A 355 -21.06 8.07 2.66
N THR A 356 -21.38 7.87 1.39
CA THR A 356 -22.53 7.06 1.00
C THR A 356 -22.04 5.61 0.87
N SER A 357 -22.89 4.66 1.22
CA SER A 357 -22.54 3.24 1.15
C SER A 357 -23.64 2.44 0.47
N LEU A 358 -23.22 1.38 -0.23
CA LEU A 358 -24.14 0.33 -0.67
C LEU A 358 -23.77 -0.95 0.08
N GLN A 359 -24.72 -1.52 0.80
CA GLN A 359 -24.48 -2.76 1.54
C GLN A 359 -25.53 -3.81 1.21
N ASP A 360 -25.07 -5.02 0.92
CA ASP A 360 -26.01 -6.08 0.55
C ASP A 360 -26.97 -5.56 -0.53
N VAL A 361 -26.39 -4.93 -1.54
CA VAL A 361 -27.11 -4.55 -2.73
C VAL A 361 -26.74 -5.58 -3.77
N PHE A 362 -27.76 -6.23 -4.30
CA PHE A 362 -27.53 -7.29 -5.27
C PHE A 362 -28.16 -6.79 -6.58
N VAL A 363 -27.67 -7.29 -7.69
CA VAL A 363 -28.26 -6.96 -8.97
C VAL A 363 -28.33 -8.25 -9.77
N ARG A 364 -29.47 -8.45 -10.46
CA ARG A 364 -29.69 -9.60 -11.33
C ARG A 364 -30.16 -9.13 -12.70
N ILE A 365 -29.58 -9.72 -13.74
CA ILE A 365 -30.01 -9.48 -15.12
C ILE A 365 -30.41 -10.81 -15.73
N GLY A 366 -31.72 -11.02 -15.85
CA GLY A 366 -32.26 -12.27 -16.35
C GLY A 366 -32.43 -13.33 -15.27
N GLY A 367 -32.93 -14.52 -15.63
CA GLY A 367 -33.05 -15.61 -14.68
C GLY A 367 -34.51 -15.88 -14.34
N ALA A 368 -35.27 -14.80 -14.23
CA ALA A 368 -36.71 -14.81 -13.94
C ALA A 368 -37.44 -14.16 -15.13
N GLY A 369 -37.07 -14.62 -16.32
CA GLY A 369 -37.47 -13.96 -17.56
C GLY A 369 -36.38 -13.11 -18.19
N PRO A 370 -36.67 -12.57 -19.40
CA PRO A 370 -35.85 -11.52 -20.00
C PRO A 370 -35.56 -10.35 -19.06
N GLY A 371 -34.29 -9.93 -19.08
CA GLY A 371 -33.88 -8.65 -18.52
C GLY A 371 -32.58 -8.20 -19.16
N LYS A 372 -32.43 -6.88 -19.35
CA LYS A 372 -31.25 -6.30 -19.99
C LYS A 372 -30.83 -5.00 -19.29
N ALA A 373 -29.52 -4.80 -19.20
CA ALA A 373 -29.01 -3.50 -18.74
C ALA A 373 -27.59 -3.29 -19.25
N THR A 374 -27.25 -2.05 -19.60
CA THR A 374 -25.93 -1.76 -20.19
C THR A 374 -24.80 -1.73 -19.15
N THR A 375 -24.97 -0.89 -18.13
CA THR A 375 -24.05 -0.83 -16.98
C THR A 375 -24.86 -0.93 -15.69
N SER A 376 -24.64 -1.98 -14.89
CA SER A 376 -25.50 -2.20 -13.75
C SER A 376 -25.35 -1.21 -12.57
N ILE A 377 -24.12 -0.92 -12.14
CA ILE A 377 -23.87 0.03 -11.08
C ILE A 377 -22.77 0.98 -11.49
N VAL A 378 -23.10 2.27 -11.49
CA VAL A 378 -22.11 3.33 -11.66
C VAL A 378 -21.90 4.02 -10.33
N VAL A 379 -20.65 4.09 -9.90
CA VAL A 379 -20.27 4.78 -8.67
C VAL A 379 -19.51 6.05 -9.05
N ASN A 380 -20.23 7.17 -9.08
CA ASN A 380 -19.66 8.46 -9.36
C ASN A 380 -19.18 9.20 -8.12
N SER A 381 -19.84 9.03 -6.98
CA SER A 381 -19.51 9.83 -5.78
C SER A 381 -18.19 9.41 -5.14
N ASN A 382 -17.31 10.37 -4.91
CA ASN A 382 -16.09 10.10 -4.20
C ASN A 382 -16.35 9.53 -2.79
N ASP A 383 -15.44 8.68 -2.36
CA ASP A 383 -15.39 8.12 -1.00
C ASP A 383 -16.44 7.05 -0.68
N THR A 384 -17.19 6.64 -1.70
CA THR A 384 -18.24 5.64 -1.54
C THR A 384 -17.68 4.32 -1.02
N ILE A 385 -18.44 3.68 -0.12
CA ILE A 385 -18.12 2.35 0.37
C ILE A 385 -19.10 1.38 -0.27
N ILE A 386 -18.58 0.32 -0.89
CA ILE A 386 -19.41 -0.75 -1.48
C ILE A 386 -19.05 -1.97 -0.65
N ASP A 387 -19.89 -2.30 0.33
CA ASP A 387 -19.58 -3.34 1.32
C ASP A 387 -20.58 -4.50 1.16
N HIS A 388 -20.13 -5.48 0.37
CA HIS A 388 -20.90 -6.64 -0.07
C HIS A 388 -21.88 -6.34 -1.18
N THR A 389 -21.51 -6.71 -2.39
CA THR A 389 -22.41 -6.64 -3.53
C THR A 389 -22.24 -7.89 -4.41
N TRP A 390 -23.35 -8.35 -4.99
CA TRP A 390 -23.32 -9.41 -6.02
C TRP A 390 -24.06 -8.83 -7.21
N VAL A 391 -23.33 -8.62 -8.29
CA VAL A 391 -23.86 -8.05 -9.53
C VAL A 391 -23.72 -9.18 -10.57
N TRP A 392 -24.87 -9.71 -11.00
CA TRP A 392 -24.93 -11.03 -11.65
C TRP A 392 -25.79 -11.03 -12.90
N ARG A 393 -25.15 -11.25 -14.04
CA ARG A 393 -25.90 -11.53 -15.25
C ARG A 393 -26.22 -13.05 -15.18
N ALA A 394 -27.49 -13.41 -15.28
CA ALA A 394 -27.90 -14.80 -15.06
C ALA A 394 -27.30 -15.79 -16.05
N ASP A 395 -26.92 -16.97 -15.54
CA ASP A 395 -26.41 -18.05 -16.37
C ASP A 395 -27.39 -19.24 -16.38
N HIS A 396 -28.53 -19.05 -15.74
CA HIS A 396 -29.59 -20.04 -15.71
C HIS A 396 -30.92 -19.40 -15.33
N GLY A 397 -32.03 -20.05 -15.68
CA GLY A 397 -33.37 -19.58 -15.38
C GLY A 397 -34.18 -19.24 -16.62
N GLU A 398 -35.25 -18.49 -16.45
CA GLU A 398 -35.94 -17.94 -17.61
C GLU A 398 -35.17 -16.74 -18.16
N GLY A 399 -35.09 -16.67 -19.49
CA GLY A 399 -34.67 -15.46 -20.15
C GLY A 399 -33.17 -15.26 -20.26
N VAL A 400 -32.45 -16.36 -20.45
CA VAL A 400 -30.97 -16.39 -20.47
C VAL A 400 -30.42 -16.72 -21.87
N GLY A 401 -29.70 -15.75 -22.44
CA GLY A 401 -29.00 -15.91 -23.71
C GLY A 401 -28.02 -14.79 -23.96
N TRP A 402 -27.02 -15.09 -24.78
CA TRP A 402 -26.00 -14.09 -25.15
C TRP A 402 -26.60 -12.73 -25.61
N GLU A 403 -27.64 -12.74 -26.44
CA GLU A 403 -28.40 -11.50 -26.68
C GLU A 403 -29.56 -11.32 -25.69
N THR A 404 -30.32 -12.38 -25.46
CA THR A 404 -31.53 -12.31 -24.63
C THR A 404 -31.39 -11.57 -23.28
N ASN A 405 -30.37 -11.90 -22.47
CA ASN A 405 -30.07 -11.10 -21.28
C ASN A 405 -28.67 -10.46 -21.37
N ARG A 406 -28.40 -9.89 -22.54
CA ARG A 406 -27.17 -9.12 -22.73
C ARG A 406 -27.05 -8.05 -21.64
N ALA A 407 -25.86 -7.98 -21.08
CA ALA A 407 -25.53 -6.91 -20.13
C ALA A 407 -24.03 -6.71 -20.27
N ASP A 408 -23.63 -5.60 -20.85
CA ASP A 408 -22.21 -5.43 -21.21
C ASP A 408 -21.31 -5.20 -20.00
N TYR A 409 -21.77 -4.36 -19.09
CA TYR A 409 -20.93 -3.85 -18.01
C TYR A 409 -21.54 -4.05 -16.62
N GLY A 410 -20.73 -4.56 -15.71
CA GLY A 410 -21.20 -4.86 -14.36
C GLY A 410 -21.21 -3.63 -13.46
N VAL A 411 -20.03 -3.33 -12.95
CA VAL A 411 -19.78 -2.17 -12.10
C VAL A 411 -18.76 -1.29 -12.81
N HIS A 412 -19.00 0.02 -12.79
CA HIS A 412 -17.99 0.99 -13.22
C HIS A 412 -17.77 2.00 -12.08
N VAL A 413 -16.53 2.08 -11.60
CA VAL A 413 -16.21 3.00 -10.51
C VAL A 413 -15.47 4.20 -11.09
N LYS A 414 -16.11 5.35 -10.97
CA LYS A 414 -15.54 6.57 -11.49
C LYS A 414 -15.12 7.56 -10.40
N GLY A 415 -15.74 7.46 -9.23
CA GLY A 415 -15.32 8.27 -8.09
C GLY A 415 -13.94 7.93 -7.52
N ASP A 416 -13.37 8.89 -6.78
CA ASP A 416 -12.07 8.75 -6.17
C ASP A 416 -12.23 8.25 -4.72
N ASN A 417 -11.22 7.54 -4.23
CA ASN A 417 -11.17 7.07 -2.85
C ASN A 417 -12.33 6.11 -2.56
N VAL A 418 -12.75 5.37 -3.59
CA VAL A 418 -13.87 4.40 -3.41
C VAL A 418 -13.28 3.06 -2.91
N LEU A 419 -13.98 2.44 -1.96
CA LEU A 419 -13.53 1.21 -1.32
C LEU A 419 -14.57 0.18 -1.62
N ALA A 420 -14.16 -0.96 -2.17
CA ALA A 420 -15.02 -2.15 -2.26
C ALA A 420 -14.52 -3.28 -1.36
N THR A 421 -15.38 -3.71 -0.45
CA THR A 421 -15.11 -4.85 0.43
C THR A 421 -16.16 -5.96 0.17
N GLY A 422 -15.71 -7.07 -0.38
CA GLY A 422 -16.62 -8.15 -0.70
C GLY A 422 -17.34 -7.91 -2.03
N LEU A 423 -16.57 -7.85 -3.10
CA LEU A 423 -17.08 -7.52 -4.44
C LEU A 423 -17.24 -8.79 -5.28
N PHE A 424 -18.47 -9.12 -5.66
CA PHE A 424 -18.75 -10.34 -6.43
C PHE A 424 -19.47 -9.88 -7.74
N VAL A 425 -18.87 -10.08 -8.90
CA VAL A 425 -19.46 -9.58 -10.15
C VAL A 425 -19.23 -10.65 -11.24
N GLU A 426 -20.30 -11.11 -11.89
CA GLU A 426 -20.20 -12.27 -12.77
C GLU A 426 -21.01 -12.17 -14.07
N HIS A 427 -20.35 -12.61 -15.15
CA HIS A 427 -20.99 -13.06 -16.40
C HIS A 427 -21.30 -11.98 -17.46
N PHE A 428 -20.75 -10.79 -17.30
CA PHE A 428 -21.01 -9.70 -18.24
C PHE A 428 -20.41 -9.93 -19.64
N ASN A 429 -21.09 -9.41 -20.66
CA ASN A 429 -20.63 -9.64 -22.04
C ASN A 429 -19.31 -8.94 -22.32
N LYS A 430 -19.09 -7.82 -21.63
CA LYS A 430 -17.83 -7.09 -21.69
C LYS A 430 -17.16 -7.00 -20.30
N TYR A 431 -16.69 -5.81 -19.89
CA TYR A 431 -15.96 -5.76 -18.62
C TYR A 431 -16.88 -5.92 -17.41
N ASP A 432 -16.62 -6.91 -16.57
CA ASP A 432 -17.44 -7.08 -15.40
C ASP A 432 -17.26 -5.86 -14.50
N VAL A 433 -16.00 -5.51 -14.24
CA VAL A 433 -15.68 -4.34 -13.44
C VAL A 433 -14.69 -3.48 -14.15
N GLN A 434 -14.92 -2.18 -14.10
CA GLN A 434 -13.96 -1.24 -14.63
C GLN A 434 -13.87 -0.06 -13.67
N TRP A 435 -12.63 0.34 -13.39
CA TRP A 435 -12.33 1.33 -12.38
C TRP A 435 -11.52 2.42 -13.05
N SER A 436 -12.12 3.61 -13.15
CA SER A 436 -11.48 4.79 -13.71
C SER A 436 -11.16 5.88 -12.66
N GLY A 437 -11.71 5.79 -11.44
CA GLY A 437 -11.35 6.74 -10.37
C GLY A 437 -9.96 6.52 -9.77
N GLU A 438 -9.44 7.51 -9.04
CA GLU A 438 -8.14 7.34 -8.40
C GLU A 438 -8.26 6.79 -6.99
N ASN A 439 -7.18 6.19 -6.51
CA ASN A 439 -7.05 5.78 -5.11
C ASN A 439 -8.12 4.78 -4.68
N GLY A 440 -8.53 3.97 -5.65
CA GLY A 440 -9.48 2.91 -5.44
C GLY A 440 -8.84 1.76 -4.70
N LYS A 441 -9.63 1.12 -3.86
CA LYS A 441 -9.20 -0.09 -3.19
C LYS A 441 -10.30 -1.15 -3.24
N THR A 442 -9.90 -2.39 -3.54
CA THR A 442 -10.77 -3.57 -3.49
C THR A 442 -10.17 -4.65 -2.61
N ILE A 443 -10.93 -5.07 -1.62
CA ILE A 443 -10.57 -6.15 -0.68
C ILE A 443 -11.60 -7.28 -0.92
N PHE A 444 -11.09 -8.33 -1.58
CA PHE A 444 -11.84 -9.49 -2.07
C PHE A 444 -12.67 -9.22 -3.31
N TYR A 445 -12.34 -9.97 -4.36
CA TYR A 445 -13.08 -9.96 -5.62
C TYR A 445 -13.31 -11.41 -6.06
N GLN A 446 -14.54 -11.69 -6.47
CA GLN A 446 -14.86 -12.95 -7.11
C GLN A 446 -15.63 -12.66 -8.41
N ASN A 447 -15.11 -13.19 -9.51
CA ASN A 447 -15.73 -13.10 -10.83
C ASN A 447 -15.82 -14.47 -11.48
N ALA A 448 -16.83 -14.62 -12.35
CA ALA A 448 -16.84 -15.69 -13.35
C ALA A 448 -17.13 -15.00 -14.68
N LYS A 449 -16.44 -15.43 -15.72
CA LYS A 449 -16.67 -14.90 -17.07
C LYS A 449 -17.90 -15.58 -17.70
N ALA A 450 -18.56 -14.86 -18.59
CA ALA A 450 -19.75 -15.35 -19.28
C ALA A 450 -19.51 -16.72 -19.91
N TYR A 451 -20.41 -17.65 -19.63
CA TYR A 451 -20.27 -19.04 -20.13
C TYR A 451 -20.67 -19.16 -21.60
N ASP A 452 -21.42 -18.16 -22.08
CA ASP A 452 -22.15 -18.26 -23.32
C ASP A 452 -21.69 -17.40 -24.50
N ALA A 453 -20.49 -16.81 -24.42
CA ALA A 453 -19.91 -16.17 -25.58
C ALA A 453 -19.91 -17.15 -26.75
N PRO A 454 -20.44 -16.75 -27.91
CA PRO A 454 -20.53 -17.72 -29.03
C PRO A 454 -19.19 -18.21 -29.57
N ASP A 455 -18.24 -17.30 -29.63
CA ASP A 455 -16.95 -17.58 -30.26
C ASP A 455 -15.96 -16.48 -29.92
N GLN A 456 -14.72 -16.67 -30.34
CA GLN A 456 -13.67 -15.71 -30.01
C GLN A 456 -14.00 -14.27 -30.46
N ALA A 457 -14.60 -14.10 -31.63
CA ALA A 457 -14.87 -12.75 -32.13
C ALA A 457 -15.94 -12.04 -31.27
N ALA A 458 -16.83 -12.80 -30.65
CA ALA A 458 -17.87 -12.21 -29.78
C ALA A 458 -17.32 -11.47 -28.55
N ILE A 459 -16.03 -11.67 -28.28
CA ILE A 459 -15.38 -11.07 -27.11
C ILE A 459 -14.05 -10.39 -27.48
N GLN A 460 -13.81 -10.18 -28.77
CA GLN A 460 -12.63 -9.50 -29.30
C GLN A 460 -12.74 -8.06 -28.76
N ASN A 461 -11.78 -7.65 -27.92
CA ASN A 461 -11.79 -6.31 -27.29
C ASN A 461 -10.66 -5.46 -27.86
N GLY A 462 -11.00 -4.63 -28.84
CA GLY A 462 -10.00 -3.81 -29.50
C GLY A 462 -9.10 -4.73 -30.25
N ASP A 463 -7.93 -5.03 -29.67
CA ASP A 463 -7.11 -6.14 -30.13
C ASP A 463 -6.73 -7.11 -28.97
N ILE A 464 -7.51 -7.12 -27.91
CA ILE A 464 -7.27 -8.07 -26.81
C ILE A 464 -8.33 -9.21 -26.88
N LYS A 465 -7.93 -10.44 -26.58
CA LYS A 465 -8.86 -11.57 -26.54
C LYS A 465 -9.70 -11.54 -25.26
N GLY A 466 -11.00 -11.27 -25.41
CA GLY A 466 -11.86 -11.10 -24.26
C GLY A 466 -11.74 -9.78 -23.55
N TYR A 467 -12.62 -9.58 -22.57
CA TYR A 467 -12.64 -8.40 -21.71
C TYR A 467 -12.24 -8.80 -20.30
N ALA A 468 -11.31 -8.04 -19.70
CA ALA A 468 -10.92 -8.31 -18.33
C ALA A 468 -12.13 -8.37 -17.40
N ALA A 469 -12.04 -9.22 -16.41
CA ALA A 469 -13.01 -9.23 -15.34
C ALA A 469 -12.88 -7.97 -14.47
N TYR A 470 -11.69 -7.40 -14.44
CA TYR A 470 -11.44 -6.22 -13.60
C TYR A 470 -10.36 -5.40 -14.29
N LYS A 471 -10.80 -4.26 -14.81
CA LYS A 471 -9.97 -3.35 -15.59
C LYS A 471 -9.80 -2.05 -14.88
N VAL A 472 -8.55 -1.75 -14.56
CA VAL A 472 -8.17 -0.40 -14.15
C VAL A 472 -7.73 0.42 -15.37
N ASP A 473 -8.40 1.55 -15.56
CA ASP A 473 -8.18 2.41 -16.72
C ASP A 473 -6.75 2.89 -16.80
N ASP A 474 -6.35 3.26 -18.02
CA ASP A 474 -4.94 3.60 -18.33
C ASP A 474 -4.36 4.78 -17.56
N SER A 475 -5.20 5.73 -17.22
CA SER A 475 -4.75 6.99 -16.66
C SER A 475 -4.56 6.93 -15.15
N VAL A 476 -5.15 5.91 -14.53
CA VAL A 476 -5.11 5.75 -13.08
C VAL A 476 -3.68 5.70 -12.56
N THR A 477 -3.41 6.57 -11.59
CA THR A 477 -2.10 6.70 -10.94
C THR A 477 -2.01 5.77 -9.70
N THR A 478 -3.14 5.58 -9.01
CA THR A 478 -3.15 4.87 -7.74
C THR A 478 -4.34 3.91 -7.66
N HIS A 479 -4.06 2.69 -7.21
CA HIS A 479 -5.08 1.64 -7.08
C HIS A 479 -4.47 0.51 -6.30
N GLU A 480 -5.28 -0.23 -5.54
CA GLU A 480 -4.73 -1.30 -4.73
C GLU A 480 -5.82 -2.37 -4.56
N GLY A 481 -5.49 -3.59 -4.97
CA GLY A 481 -6.39 -4.72 -4.90
C GLY A 481 -5.81 -5.93 -4.17
N TRP A 482 -6.65 -6.58 -3.36
CA TRP A 482 -6.25 -7.66 -2.51
C TRP A 482 -7.19 -8.87 -2.63
N GLY A 483 -6.61 -10.03 -2.98
CA GLY A 483 -7.37 -11.28 -2.94
C GLY A 483 -8.48 -11.39 -3.97
N MET A 484 -8.04 -11.51 -5.23
CA MET A 484 -8.93 -11.31 -6.39
C MET A 484 -8.88 -12.51 -7.33
N GLY A 485 -10.05 -13.03 -7.69
CA GLY A 485 -10.09 -14.17 -8.60
C GLY A 485 -11.12 -14.08 -9.72
N SER A 486 -10.76 -14.60 -10.88
CA SER A 486 -11.67 -14.72 -12.03
C SER A 486 -11.66 -16.17 -12.52
N TYR A 487 -12.85 -16.73 -12.75
CA TYR A 487 -12.97 -18.11 -13.21
C TYR A 487 -13.67 -18.15 -14.56
N CYS A 488 -13.33 -19.13 -15.38
CA CYS A 488 -14.03 -19.30 -16.67
C CYS A 488 -14.62 -20.70 -16.82
N TYR A 489 -15.63 -20.75 -17.68
CA TYR A 489 -16.34 -22.00 -18.00
C TYR A 489 -17.10 -21.77 -19.27
N PHE A 490 -16.32 -21.69 -20.33
CA PHE A 490 -16.85 -21.37 -21.64
C PHE A 490 -17.50 -22.62 -22.27
N ASN A 491 -18.73 -22.93 -21.87
CA ASN A 491 -19.29 -24.19 -22.27
C ASN A 491 -19.93 -24.19 -23.67
N VAL A 492 -20.36 -23.03 -24.16
CA VAL A 492 -20.85 -22.90 -25.53
C VAL A 492 -19.72 -23.02 -26.53
N ASN A 493 -18.51 -22.67 -26.09
CA ASN A 493 -17.37 -22.82 -26.96
C ASN A 493 -16.07 -22.98 -26.14
N PRO A 494 -15.74 -24.24 -25.80
CA PRO A 494 -14.56 -24.70 -25.05
C PRO A 494 -13.23 -24.23 -25.65
N ASP A 495 -13.28 -23.78 -26.90
CA ASP A 495 -12.08 -23.48 -27.63
C ASP A 495 -11.68 -21.99 -27.49
N ILE A 496 -12.47 -21.23 -26.75
CA ILE A 496 -12.18 -19.83 -26.45
C ILE A 496 -10.98 -19.61 -25.55
N ARG A 497 -10.28 -18.48 -25.77
CA ARG A 497 -9.22 -18.02 -24.89
C ARG A 497 -9.56 -16.67 -24.31
N GLN A 498 -9.29 -16.52 -23.02
CA GLN A 498 -9.48 -15.27 -22.30
C GLN A 498 -8.10 -14.68 -22.02
N GLN A 499 -7.78 -13.52 -22.56
CA GLN A 499 -6.38 -13.04 -22.49
C GLN A 499 -5.95 -12.92 -21.03
N HIS A 500 -6.83 -12.43 -20.15
CA HIS A 500 -6.48 -12.26 -18.74
C HIS A 500 -7.71 -12.05 -17.82
N GLY A 501 -7.51 -12.23 -16.52
CA GLY A 501 -8.52 -11.91 -15.53
C GLY A 501 -8.53 -10.41 -15.23
N PHE A 502 -7.32 -9.83 -15.26
CA PHE A 502 -7.07 -8.49 -14.77
C PHE A 502 -6.27 -7.68 -15.77
N GLN A 503 -6.57 -6.39 -15.85
CA GLN A 503 -5.89 -5.50 -16.77
C GLN A 503 -5.69 -4.12 -16.14
N ALA A 504 -4.46 -3.63 -16.17
CA ALA A 504 -4.10 -2.41 -15.49
C ALA A 504 -2.82 -1.82 -16.07
N PRO A 505 -2.72 -0.47 -16.16
CA PRO A 505 -1.46 0.13 -16.60
C PRO A 505 -0.37 -0.19 -15.58
N VAL A 506 0.89 -0.25 -16.01
CA VAL A 506 1.98 -0.62 -15.14
C VAL A 506 2.57 0.68 -14.59
N LYS A 507 2.42 0.84 -13.29
CA LYS A 507 2.77 2.07 -12.60
C LYS A 507 3.10 1.76 -11.15
N PRO A 508 3.98 2.57 -10.54
CA PRO A 508 4.33 2.50 -9.12
C PRO A 508 3.15 2.29 -8.19
N GLY A 509 2.11 3.09 -8.39
CA GLY A 509 1.05 3.21 -7.43
C GLY A 509 -0.16 2.37 -7.76
N VAL A 510 -0.13 1.61 -8.84
CA VAL A 510 -1.31 0.79 -9.28
C VAL A 510 -0.96 -0.67 -9.01
N LYS A 511 -1.41 -1.17 -7.85
CA LYS A 511 -0.84 -2.37 -7.19
C LYS A 511 -1.80 -3.52 -6.92
N PHE A 512 -1.35 -4.78 -7.09
CA PHE A 512 -2.19 -5.94 -6.81
C PHE A 512 -1.51 -7.00 -5.93
N HIS A 513 -2.32 -7.55 -5.04
CA HIS A 513 -1.93 -8.61 -4.13
C HIS A 513 -2.81 -9.85 -4.23
N ASP A 514 -2.20 -11.00 -4.50
CA ASP A 514 -2.90 -12.29 -4.46
C ASP A 514 -4.02 -12.42 -5.50
N LEU A 515 -3.61 -12.46 -6.77
CA LEU A 515 -4.49 -12.67 -7.92
C LEU A 515 -4.50 -14.12 -8.37
N LEU A 516 -5.68 -14.58 -8.82
CA LEU A 516 -5.76 -15.87 -9.46
C LEU A 516 -6.78 -15.94 -10.58
N VAL A 517 -6.54 -16.86 -11.52
CA VAL A 517 -7.53 -17.23 -12.51
C VAL A 517 -7.63 -18.73 -12.58
N VAL A 518 -8.78 -19.23 -13.02
CA VAL A 518 -8.92 -20.67 -13.10
C VAL A 518 -10.03 -21.07 -14.03
N SER A 519 -9.74 -22.09 -14.82
CA SER A 519 -10.68 -22.68 -15.74
C SER A 519 -11.36 -23.89 -15.13
N LEU A 520 -12.68 -23.94 -15.20
CA LEU A 520 -13.40 -25.12 -14.73
C LEU A 520 -13.52 -26.21 -15.79
N GLY A 521 -12.85 -27.35 -15.56
CA GLY A 521 -12.88 -28.48 -16.48
C GLY A 521 -12.31 -28.22 -17.87
N GLY A 522 -11.39 -27.26 -18.00
CA GLY A 522 -10.77 -26.97 -19.30
C GLY A 522 -11.75 -26.38 -20.29
N LYS A 523 -12.85 -25.84 -19.77
CA LYS A 523 -13.81 -25.16 -20.62
C LYS A 523 -13.30 -23.74 -20.87
N GLY A 524 -12.61 -23.59 -21.99
CA GLY A 524 -11.79 -22.41 -22.25
C GLY A 524 -10.54 -22.38 -21.38
N GLN A 525 -9.67 -21.43 -21.68
CA GLN A 525 -8.48 -21.20 -20.86
C GLN A 525 -8.14 -19.73 -20.80
N TYR A 526 -7.48 -19.35 -19.71
CA TYR A 526 -6.82 -18.04 -19.60
C TYR A 526 -5.43 -18.09 -20.25
N GLU A 527 -5.04 -17.01 -20.94
CA GLU A 527 -3.65 -16.90 -21.45
C GLU A 527 -2.69 -16.38 -20.38
N HIS A 528 -3.24 -15.63 -19.43
CA HIS A 528 -2.46 -14.93 -18.42
C HIS A 528 -3.36 -14.59 -17.24
N VAL A 529 -2.75 -14.19 -16.14
CA VAL A 529 -3.52 -13.74 -14.98
C VAL A 529 -3.87 -12.26 -15.06
N ILE A 530 -2.85 -11.42 -15.23
CA ILE A 530 -3.03 -9.97 -15.35
C ILE A 530 -2.21 -9.42 -16.49
N ASN A 531 -2.82 -8.60 -17.34
CA ASN A 531 -2.18 -8.07 -18.55
C ASN A 531 -1.75 -9.19 -19.50
N ASP A 532 -0.49 -9.20 -19.89
CA ASP A 532 0.09 -10.32 -20.62
C ASP A 532 1.09 -10.97 -19.67
N ILE A 533 0.73 -11.01 -18.37
CA ILE A 533 1.55 -11.54 -17.31
C ILE A 533 0.81 -12.64 -16.56
N GLY A 534 1.51 -13.73 -16.35
CA GLY A 534 1.00 -14.78 -15.51
C GLY A 534 0.88 -15.99 -16.37
N ASP A 535 0.96 -17.14 -15.73
CA ASP A 535 1.01 -18.37 -16.46
C ASP A 535 -0.40 -18.77 -16.87
N PRO A 536 -0.54 -19.24 -18.13
CA PRO A 536 -1.89 -19.60 -18.57
C PRO A 536 -2.46 -20.71 -17.73
N THR A 537 -3.78 -20.86 -17.71
CA THR A 537 -4.32 -22.10 -17.24
C THR A 537 -4.15 -23.16 -18.32
N SER A 538 -3.94 -24.39 -17.87
CA SER A 538 -4.04 -25.53 -18.77
C SER A 538 -4.34 -26.80 -17.98
N GLY A 539 -4.35 -27.94 -18.66
CA GLY A 539 -5.00 -29.13 -18.17
C GLY A 539 -6.53 -28.99 -18.23
N ASP A 540 -7.25 -29.97 -17.66
CA ASP A 540 -8.70 -29.88 -17.45
C ASP A 540 -9.02 -30.10 -15.97
N THR A 541 -8.04 -29.73 -15.15
CA THR A 541 -7.94 -30.09 -13.74
C THR A 541 -8.55 -29.03 -12.80
N THR A 542 -8.72 -27.80 -13.30
CA THR A 542 -9.18 -26.69 -12.45
C THR A 542 -8.15 -26.27 -11.38
N ILE A 543 -6.88 -26.30 -11.78
CA ILE A 543 -5.82 -25.76 -10.93
C ILE A 543 -5.60 -24.28 -11.23
N PRO A 544 -5.66 -23.43 -10.19
CA PRO A 544 -5.45 -22.00 -10.43
C PRO A 544 -4.07 -21.75 -10.94
N SER A 545 -3.97 -20.65 -11.69
CA SER A 545 -2.71 -19.97 -11.94
C SER A 545 -2.78 -18.71 -11.10
N GLN A 546 -1.75 -18.44 -10.30
CA GLN A 546 -1.81 -17.31 -9.39
C GLN A 546 -0.69 -16.34 -9.60
N VAL A 547 -0.78 -15.25 -8.86
CA VAL A 547 0.27 -14.26 -8.78
C VAL A 547 0.18 -13.58 -7.42
N VAL A 548 1.30 -13.45 -6.74
CA VAL A 548 1.27 -12.90 -5.39
C VAL A 548 1.25 -11.38 -5.48
N SER A 549 1.93 -10.89 -6.51
CA SER A 549 2.52 -9.59 -6.44
C SER A 549 2.63 -8.93 -7.86
N PHE A 550 1.99 -7.76 -8.04
CA PHE A 550 2.08 -6.94 -9.27
C PHE A 550 2.03 -5.45 -8.84
N PRO A 551 2.76 -4.57 -9.54
CA PRO A 551 3.65 -4.90 -10.65
C PRO A 551 4.92 -5.51 -10.03
N ALA B 1 -1.71 34.67 -0.40
CA ALA B 1 -3.10 34.21 -0.23
C ALA B 1 -3.47 34.04 1.28
N GLN B 2 -4.14 32.95 1.66
CA GLN B 2 -4.34 32.71 3.09
C GLN B 2 -3.09 32.07 3.67
N GLU B 3 -2.85 32.28 4.97
CA GLU B 3 -1.63 31.71 5.55
C GLU B 3 -1.71 30.19 5.66
N VAL B 4 -0.57 29.54 5.44
CA VAL B 4 -0.48 28.09 5.62
C VAL B 4 -0.33 27.90 7.11
N VAL B 5 -0.97 26.87 7.66
CA VAL B 5 -1.12 26.71 9.11
C VAL B 5 -0.13 25.66 9.67
N GLY B 6 0.68 26.08 10.65
CA GLY B 6 1.72 25.24 11.23
C GLY B 6 1.24 24.11 12.12
N GLY B 7 1.92 22.97 12.00
CA GLY B 7 1.61 21.79 12.80
C GLY B 7 0.45 20.90 12.30
N GLY B 8 -0.11 20.13 13.25
CA GLY B 8 -1.16 19.15 12.95
C GLY B 8 -0.76 17.67 13.10
N ASP B 9 -1.72 16.80 12.77
CA ASP B 9 -1.61 15.33 12.82
C ASP B 9 -0.52 14.97 11.83
N LEU B 10 -0.01 13.74 11.90
CA LEU B 10 1.14 13.37 11.08
C LEU B 10 0.80 12.38 9.92
N GLY B 11 -0.49 12.10 9.76
CA GLY B 11 -1.00 11.22 8.72
C GLY B 11 -0.99 9.73 9.01
N PRO B 12 -1.76 8.95 8.21
CA PRO B 12 -1.80 7.49 8.24
C PRO B 12 -0.48 6.77 8.00
N ASN B 13 0.60 7.49 7.68
CA ASN B 13 1.89 6.83 7.42
C ASN B 13 2.98 7.02 8.50
N VAL B 14 2.57 7.51 9.66
CA VAL B 14 3.46 7.61 10.83
C VAL B 14 2.83 6.91 12.03
N LEU B 15 3.29 5.69 12.27
CA LEU B 15 2.71 4.83 13.28
C LEU B 15 3.55 5.06 14.54
N VAL B 16 2.92 5.67 15.53
CA VAL B 16 3.58 6.00 16.80
C VAL B 16 3.22 5.03 17.91
N PHE B 17 4.25 4.63 18.65
CA PHE B 17 4.12 3.62 19.70
C PHE B 17 4.55 4.16 21.08
N ASP B 18 3.92 3.63 22.13
CA ASP B 18 4.50 3.61 23.51
C ASP B 18 4.66 2.18 24.06
N PRO B 19 5.33 2.00 25.23
CA PRO B 19 5.70 0.66 25.67
C PRO B 19 4.51 -0.23 26.04
N SER B 20 3.34 0.36 26.01
CA SER B 20 2.08 -0.33 26.32
C SER B 20 1.26 -0.78 25.13
N THR B 21 1.64 -0.36 23.91
CA THR B 21 0.74 -0.43 22.74
C THR B 21 0.37 -1.86 22.40
N PRO B 22 -0.91 -2.12 22.11
CA PRO B 22 -1.27 -3.51 21.84
C PRO B 22 -0.50 -4.14 20.65
N ASP B 23 0.27 -5.16 20.98
CA ASP B 23 0.85 -6.03 19.98
C ASP B 23 1.78 -5.28 19.02
N ILE B 24 2.81 -4.67 19.60
CA ILE B 24 3.76 -3.92 18.78
C ILE B 24 4.40 -4.79 17.70
N GLN B 25 4.97 -5.94 18.08
CA GLN B 25 5.64 -6.81 17.10
C GLN B 25 4.65 -7.10 16.01
N GLY B 26 3.45 -7.45 16.46
CA GLY B 26 2.33 -7.65 15.58
C GLY B 26 2.24 -6.54 14.55
N LYS B 27 2.15 -5.27 14.99
CA LYS B 27 2.01 -4.25 13.96
C LYS B 27 3.26 -4.08 13.13
N VAL B 28 4.43 -3.95 13.74
CA VAL B 28 5.60 -3.69 12.89
C VAL B 28 5.75 -4.79 11.84
N ASP B 29 5.48 -6.05 12.22
CA ASP B 29 5.43 -7.15 11.26
C ASP B 29 4.51 -6.86 10.07
N GLU B 30 3.34 -6.25 10.29
CA GLU B 30 2.43 -6.08 9.15
C GLU B 30 2.97 -5.03 8.16
N VAL B 31 3.60 -3.98 8.67
CA VAL B 31 4.33 -3.04 7.80
C VAL B 31 5.41 -3.81 7.06
N PHE B 32 6.05 -4.72 7.77
CA PHE B 32 7.11 -5.49 7.14
C PHE B 32 6.59 -6.47 6.07
N ARG B 33 5.42 -7.06 6.32
CA ARG B 33 4.87 -8.08 5.41
C ARG B 33 4.49 -7.40 4.07
N LYS B 34 4.23 -6.09 4.14
CA LYS B 34 4.06 -5.29 2.93
C LYS B 34 5.45 -4.88 2.36
N GLN B 35 6.16 -4.02 3.07
CA GLN B 35 7.39 -3.42 2.54
C GLN B 35 8.56 -4.34 2.19
N GLU B 36 8.51 -5.57 2.67
CA GLU B 36 9.58 -6.56 2.50
C GLU B 36 10.28 -6.64 1.11
N SER B 37 9.50 -6.87 0.05
CA SER B 37 9.97 -6.97 -1.35
C SER B 37 9.57 -5.77 -2.16
N ASN B 38 9.05 -4.74 -1.48
CA ASN B 38 8.38 -3.63 -2.13
C ASN B 38 9.37 -2.61 -2.67
N GLN B 39 10.16 -3.03 -3.63
CA GLN B 39 11.33 -2.25 -3.97
C GLN B 39 10.98 -0.92 -4.62
N PHE B 40 9.92 -0.92 -5.42
CA PHE B 40 9.56 0.24 -6.22
C PHE B 40 8.14 0.80 -6.00
N GLY B 41 7.39 0.27 -5.05
CA GLY B 41 6.04 0.75 -4.81
C GLY B 41 5.98 2.11 -4.12
N THR B 42 4.78 2.67 -4.00
CA THR B 42 4.62 4.02 -3.47
C THR B 42 4.37 4.08 -1.98
N ASP B 43 4.27 2.94 -1.29
CA ASP B 43 3.99 3.03 0.16
C ASP B 43 5.22 3.51 0.91
N ARG B 44 4.97 4.28 1.95
CA ARG B 44 6.02 4.88 2.76
C ARG B 44 5.59 4.81 4.23
N TYR B 45 6.51 4.45 5.14
CA TYR B 45 6.18 4.29 6.57
C TYR B 45 7.24 4.84 7.49
N ALA B 46 6.80 5.53 8.55
CA ALA B 46 7.71 5.90 9.65
C ALA B 46 7.17 5.30 10.94
N LEU B 47 8.05 4.64 11.69
CA LEU B 47 7.67 4.01 12.97
C LEU B 47 8.35 4.66 14.17
N MET B 48 7.64 5.58 14.85
CA MET B 48 8.20 6.41 15.93
C MET B 48 7.94 5.73 17.24
N PHE B 49 8.97 5.70 18.07
CA PHE B 49 8.90 5.06 19.39
C PHE B 49 9.09 6.09 20.47
N LYS B 50 8.05 6.25 21.28
CA LYS B 50 8.12 7.20 22.39
C LYS B 50 9.19 6.80 23.43
N PRO B 51 9.67 7.76 24.22
CA PRO B 51 10.59 7.34 25.29
C PRO B 51 10.07 6.21 26.22
N GLY B 52 10.93 5.23 26.49
CA GLY B 52 10.59 4.08 27.35
C GLY B 52 11.44 2.87 27.08
N THR B 53 11.15 1.77 27.79
CA THR B 53 11.73 0.46 27.48
C THR B 53 10.77 -0.48 26.77
N TYR B 54 11.21 -0.92 25.60
CA TYR B 54 10.49 -1.91 24.82
C TYR B 54 11.16 -3.26 24.97
N ASN B 55 10.34 -4.32 25.17
CA ASN B 55 10.85 -5.71 25.22
C ASN B 55 10.25 -6.59 24.12
N ASP B 56 10.94 -7.71 23.85
CA ASP B 56 10.39 -8.83 23.08
C ASP B 56 10.21 -8.50 21.60
N ILE B 57 11.07 -7.64 21.08
CA ILE B 57 10.92 -7.08 19.74
C ILE B 57 12.03 -7.46 18.77
N ASN B 58 11.63 -7.91 17.57
CA ASN B 58 12.49 -8.11 16.41
C ASN B 58 11.91 -7.30 15.26
N ALA B 59 12.32 -6.04 15.14
CA ALA B 59 11.65 -5.11 14.24
C ALA B 59 12.34 -5.17 12.91
N GLN B 60 11.75 -5.91 11.96
CA GLN B 60 12.35 -6.04 10.63
C GLN B 60 11.93 -4.86 9.79
N ILE B 61 12.94 -4.27 9.15
CA ILE B 61 12.78 -3.02 8.41
C ILE B 61 12.88 -3.32 6.91
N GLY B 62 11.76 -3.18 6.20
CA GLY B 62 11.73 -3.38 4.75
C GLY B 62 12.00 -2.09 3.97
N PHE B 63 11.62 -2.07 2.70
CA PHE B 63 11.78 -0.88 1.88
C PHE B 63 10.97 0.30 2.41
N TYR B 64 11.54 1.50 2.24
CA TYR B 64 10.85 2.76 2.53
C TYR B 64 10.25 2.79 3.93
N THR B 65 11.02 2.29 4.88
CA THR B 65 10.64 2.25 6.30
C THR B 65 11.74 2.94 7.10
N SER B 66 11.33 4.00 7.80
CA SER B 66 12.17 4.66 8.81
C SER B 66 11.70 4.28 10.23
N ILE B 67 12.66 3.96 11.10
CA ILE B 67 12.35 3.64 12.51
C ILE B 67 13.18 4.60 13.33
N ALA B 68 12.54 5.19 14.35
CA ALA B 68 13.23 6.15 15.17
C ALA B 68 12.66 6.22 16.58
N GLY B 69 13.52 6.61 17.51
CA GLY B 69 13.08 7.02 18.84
C GLY B 69 12.76 8.52 18.93
N LEU B 70 11.97 8.88 19.95
CA LEU B 70 11.52 10.24 20.16
C LEU B 70 12.10 10.90 21.46
N GLY B 71 13.19 10.35 22.02
CA GLY B 71 13.95 11.05 23.07
C GLY B 71 14.95 12.08 22.53
N LEU B 72 15.69 12.78 23.40
CA LEU B 72 16.84 13.62 22.97
C LEU B 72 18.13 12.81 22.77
N ASN B 73 18.44 11.93 23.73
CA ASN B 73 19.52 10.98 23.59
C ASN B 73 18.91 9.62 23.15
N PRO B 74 19.68 8.78 22.44
CA PRO B 74 19.16 7.50 21.98
C PRO B 74 18.74 6.51 23.10
N ASP B 75 19.39 6.56 24.25
CA ASP B 75 19.06 5.58 25.30
C ASP B 75 17.72 5.89 25.96
N ASP B 76 17.16 7.06 25.70
CA ASP B 76 15.83 7.32 26.21
C ASP B 76 14.78 6.42 25.62
N THR B 77 15.11 5.79 24.49
CA THR B 77 14.25 4.80 23.86
C THR B 77 15.07 3.54 23.59
N THR B 78 14.88 2.52 24.44
CA THR B 78 15.69 1.31 24.40
C THR B 78 14.82 0.11 24.04
N PHE B 79 15.31 -0.69 23.12
CA PHE B 79 14.72 -1.98 22.74
C PHE B 79 15.58 -3.12 23.28
N ASN B 80 14.98 -3.99 24.09
CA ASN B 80 15.60 -5.27 24.42
C ASN B 80 15.16 -6.19 23.30
N GLY B 81 15.92 -6.12 22.22
CA GLY B 81 15.51 -6.63 20.95
C GLY B 81 16.36 -5.96 19.90
N ASP B 82 15.86 -6.00 18.66
CA ASP B 82 16.69 -5.80 17.49
C ASP B 82 15.96 -4.91 16.50
N VAL B 83 16.75 -4.25 15.66
CA VAL B 83 16.24 -3.60 14.47
C VAL B 83 16.99 -4.26 13.32
N THR B 84 16.26 -5.03 12.54
CA THR B 84 16.82 -6.07 11.71
C THR B 84 16.61 -5.76 10.23
N VAL B 85 17.71 -5.78 9.46
CA VAL B 85 17.60 -5.82 8.01
C VAL B 85 18.35 -7.06 7.55
N ASP B 86 17.59 -7.97 6.92
CA ASP B 86 18.21 -9.16 6.29
C ASP B 86 17.84 -9.25 4.82
N ALA B 87 18.24 -10.36 4.19
CA ALA B 87 18.17 -10.51 2.74
C ALA B 87 17.20 -11.59 2.15
N GLY B 88 16.45 -12.30 3.00
CA GLY B 88 15.74 -13.52 2.56
C GLY B 88 14.83 -13.38 1.35
N TRP B 89 14.07 -12.29 1.30
CA TRP B 89 13.23 -11.94 0.15
C TRP B 89 14.04 -12.10 -1.13
N PHE B 90 15.33 -11.87 -1.00
CA PHE B 90 16.19 -11.94 -2.17
C PHE B 90 17.05 -13.18 -2.02
N ASP B 91 16.43 -14.33 -1.88
CA ASP B 91 17.20 -15.56 -1.84
C ASP B 91 18.53 -15.45 -1.02
N GLY B 92 18.60 -14.46 -0.14
CA GLY B 92 19.72 -14.33 0.76
C GLY B 92 20.87 -13.41 0.35
N ASN B 93 20.69 -12.57 -0.68
CA ASN B 93 21.64 -11.50 -1.00
C ASN B 93 21.15 -10.08 -0.62
N ALA B 94 22.06 -9.28 -0.08
CA ALA B 94 21.68 -7.97 0.43
C ALA B 94 22.04 -6.78 -0.46
N THR B 95 22.15 -6.97 -1.78
CA THR B 95 22.64 -5.88 -2.66
C THR B 95 21.58 -4.90 -3.09
N GLN B 96 20.32 -5.25 -2.87
CA GLN B 96 19.21 -4.37 -3.19
C GLN B 96 18.47 -3.88 -1.95
N ASN B 97 19.09 -4.01 -0.79
CA ASN B 97 18.49 -3.54 0.44
C ASN B 97 18.72 -2.04 0.60
N PHE B 98 17.86 -1.28 -0.07
CA PHE B 98 17.93 0.16 -0.13
C PHE B 98 16.78 0.89 0.62
N TRP B 99 16.94 2.21 0.73
CA TRP B 99 15.87 3.18 1.07
C TRP B 99 15.14 2.85 2.38
N ARG B 100 15.88 2.89 3.46
CA ARG B 100 15.27 2.70 4.77
C ARG B 100 16.17 3.42 5.75
N SER B 101 15.90 3.33 7.05
CA SER B 101 16.74 4.06 7.99
C SER B 101 16.42 3.70 9.44
N ALA B 102 17.42 3.84 10.30
CA ALA B 102 17.21 3.71 11.77
C ALA B 102 17.93 4.85 12.47
N GLU B 103 17.28 5.44 13.47
CA GLU B 103 18.02 6.40 14.30
C GLU B 103 17.44 6.64 15.69
N ASN B 104 18.29 7.17 16.57
CA ASN B 104 17.88 7.68 17.88
C ASN B 104 17.24 6.61 18.77
N LEU B 105 17.83 5.43 18.73
CA LEU B 105 17.45 4.25 19.55
C LEU B 105 18.66 3.62 20.23
N ALA B 106 18.46 3.04 21.44
CA ALA B 106 19.42 2.12 22.01
C ALA B 106 18.92 0.67 21.81
N LEU B 107 19.78 -0.20 21.34
CA LEU B 107 19.41 -1.61 21.11
C LEU B 107 20.25 -2.50 22.02
N ASN B 108 19.56 -3.48 22.58
CA ASN B 108 20.16 -4.53 23.39
C ASN B 108 19.81 -5.86 22.71
N PRO B 109 20.55 -6.20 21.66
CA PRO B 109 20.04 -7.25 20.76
C PRO B 109 20.05 -8.65 21.36
N VAL B 110 19.18 -9.49 20.83
CA VAL B 110 19.14 -10.90 21.23
C VAL B 110 20.44 -11.66 20.85
N ASN B 111 21.09 -11.23 19.82
CA ASN B 111 22.24 -12.00 19.42
C ASN B 111 23.36 -11.78 20.50
N GLY B 112 23.22 -10.70 21.23
CA GLY B 112 24.38 -9.90 21.63
C GLY B 112 24.84 -9.10 20.41
N THR B 113 24.07 -9.16 19.32
CA THR B 113 24.53 -8.66 18.02
C THR B 113 23.36 -8.32 17.07
N ASN B 114 23.25 -7.07 16.69
CA ASN B 114 22.13 -6.60 15.85
C ASN B 114 22.55 -6.70 14.38
N ARG B 115 21.62 -7.09 13.49
CA ARG B 115 21.97 -7.23 12.07
C ARG B 115 21.30 -6.14 11.23
N TRP B 116 22.15 -5.36 10.55
CA TRP B 116 21.75 -4.28 9.64
C TRP B 116 22.46 -4.58 8.31
N ALA B 117 21.95 -5.57 7.59
CA ALA B 117 22.60 -6.05 6.38
C ALA B 117 22.04 -5.29 5.19
N VAL B 118 22.62 -4.11 4.96
CA VAL B 118 22.03 -3.13 4.05
C VAL B 118 22.96 -2.81 2.89
N SER B 119 22.40 -2.22 1.83
CA SER B 119 23.20 -1.60 0.82
C SER B 119 22.95 -0.08 0.87
N GLN B 120 22.87 0.59 -0.28
CA GLN B 120 22.86 2.06 -0.30
C GLN B 120 21.59 2.70 0.23
N ALA B 121 21.69 3.96 0.66
CA ALA B 121 20.55 4.74 1.18
C ALA B 121 19.85 4.05 2.35
N ALA B 122 20.64 3.57 3.31
CA ALA B 122 20.12 2.92 4.50
C ALA B 122 20.84 3.42 5.76
N PRO B 123 20.70 4.71 6.06
CA PRO B 123 21.51 5.27 7.13
C PRO B 123 21.15 4.73 8.51
N PHE B 124 22.19 4.66 9.32
CA PHE B 124 22.13 4.24 10.71
C PHE B 124 22.75 5.39 11.49
N ARG B 125 21.92 6.21 12.14
CA ARG B 125 22.41 7.41 12.80
C ARG B 125 22.00 7.49 14.24
N ARG B 126 22.87 8.05 15.09
CA ARG B 126 22.36 8.46 16.38
C ARG B 126 21.92 7.18 17.16
N MET B 127 22.62 6.06 16.92
CA MET B 127 22.27 4.77 17.53
C MET B 127 23.27 4.34 18.62
N HIS B 128 22.74 3.85 19.73
CA HIS B 128 23.53 3.12 20.71
C HIS B 128 23.24 1.61 20.59
N VAL B 129 24.23 0.83 20.14
CA VAL B 129 24.11 -0.62 20.12
C VAL B 129 24.89 -1.21 21.30
N LYS B 130 24.13 -1.75 22.26
CA LYS B 130 24.73 -2.40 23.43
C LYS B 130 25.10 -3.85 23.13
N GLY B 131 26.17 -3.99 22.36
CA GLY B 131 26.59 -5.27 21.82
C GLY B 131 27.23 -5.07 20.45
N GLY B 132 27.15 -6.12 19.65
CA GLY B 132 27.76 -6.14 18.35
C GLY B 132 26.82 -5.72 17.26
N LEU B 133 27.42 -5.47 16.10
CA LEU B 133 26.67 -4.98 14.94
C LEU B 133 27.21 -5.69 13.72
N ASN B 134 26.40 -6.58 13.14
CA ASN B 134 26.75 -7.41 11.99
C ASN B 134 26.13 -6.77 10.77
N LEU B 135 26.96 -6.48 9.77
CA LEU B 135 26.50 -5.79 8.56
C LEU B 135 26.24 -6.74 7.39
N ALA B 136 26.41 -8.04 7.60
CA ALA B 136 26.33 -8.97 6.48
C ALA B 136 25.01 -9.71 6.41
N PRO B 137 24.51 -9.93 5.20
CA PRO B 137 23.61 -11.08 5.11
C PRO B 137 24.35 -12.40 5.40
N ASP B 138 23.56 -13.43 5.22
CA ASP B 138 23.97 -14.79 5.51
C ASP B 138 24.61 -15.33 4.22
N GLY B 139 25.64 -16.13 4.47
CA GLY B 139 26.35 -16.94 3.47
C GLY B 139 27.64 -16.32 2.99
N TYR B 140 28.21 -15.48 3.82
CA TYR B 140 29.01 -14.38 3.34
C TYR B 140 28.30 -13.57 2.22
N GLY B 141 27.25 -14.03 1.53
CA GLY B 141 26.27 -13.14 0.86
C GLY B 141 26.56 -11.69 0.42
N TRP B 142 26.25 -11.38 -0.82
CA TRP B 142 26.59 -10.10 -1.44
C TRP B 142 25.98 -8.88 -0.71
N ALA B 143 26.73 -7.80 -0.52
CA ALA B 143 26.15 -6.58 0.09
C ALA B 143 27.03 -5.33 -0.11
N SER B 144 26.37 -4.18 -0.30
CA SER B 144 27.04 -2.97 -0.82
C SER B 144 26.56 -1.65 -0.16
N GLY B 145 26.69 -1.55 1.17
CA GLY B 145 26.42 -0.30 1.87
C GLY B 145 27.63 0.63 1.89
N GLY B 146 27.75 1.50 2.89
CA GLY B 146 26.79 1.70 3.95
C GLY B 146 27.27 2.92 4.73
N TYR B 147 26.50 3.33 5.73
CA TYR B 147 26.67 4.61 6.38
C TYR B 147 26.26 4.51 7.83
N ILE B 148 27.19 4.78 8.73
CA ILE B 148 26.90 5.00 10.13
C ILE B 148 27.46 6.36 10.56
N ALA B 149 26.65 7.11 11.30
CA ALA B 149 27.12 8.38 11.86
C ALA B 149 26.62 8.54 13.27
N ASP B 150 27.46 9.14 14.09
CA ASP B 150 27.04 9.61 15.41
C ASP B 150 26.45 8.51 16.29
N SER B 151 27.07 7.36 16.22
CA SER B 151 26.57 6.18 16.91
C SER B 151 27.62 5.59 17.81
N LYS B 152 27.16 4.85 18.82
CA LYS B 152 28.06 4.09 19.69
C LYS B 152 27.72 2.60 19.59
N ILE B 153 28.71 1.81 19.17
CA ILE B 153 28.56 0.36 19.12
C ILE B 153 29.52 -0.13 20.22
N ASP B 154 28.97 -0.64 21.31
CA ASP B 154 29.82 -1.03 22.47
C ASP B 154 30.76 -2.21 22.13
N GLY B 155 30.22 -3.17 21.40
CA GLY B 155 30.98 -4.30 20.91
C GLY B 155 31.59 -4.10 19.52
N GLU B 156 31.66 -5.19 18.77
CA GLU B 156 32.33 -5.22 17.50
C GLU B 156 31.40 -4.94 16.34
N VAL B 157 31.88 -4.16 15.39
CA VAL B 157 31.22 -4.09 14.09
C VAL B 157 31.83 -5.15 13.19
N GLY B 158 30.99 -5.97 12.58
CA GLY B 158 31.41 -7.11 11.77
C GLY B 158 30.86 -6.99 10.36
N PRO B 159 31.61 -6.35 9.48
CA PRO B 159 31.16 -6.19 8.10
C PRO B 159 31.01 -7.50 7.34
N TYR B 160 31.95 -8.43 7.47
CA TYR B 160 31.90 -9.63 6.66
C TYR B 160 31.87 -9.18 5.17
N SER B 161 30.93 -9.66 4.35
CA SER B 161 31.00 -9.43 2.89
C SER B 161 30.80 -8.02 2.36
N GLN B 162 30.39 -7.07 3.19
CA GLN B 162 30.18 -5.70 2.74
C GLN B 162 31.35 -5.26 1.88
N GLN B 163 31.07 -4.71 0.69
CA GLN B 163 32.13 -4.27 -0.20
C GLN B 163 32.93 -3.11 0.42
N GLN B 164 32.19 -2.15 0.96
CA GLN B 164 32.80 -0.89 1.38
C GLN B 164 31.89 -0.35 2.49
N TRP B 165 32.34 0.72 3.15
CA TRP B 165 31.58 1.28 4.26
C TRP B 165 32.16 2.61 4.69
N TYR B 166 31.29 3.51 5.17
CA TYR B 166 31.73 4.79 5.75
C TYR B 166 31.12 4.97 7.13
N THR B 167 31.98 5.26 8.11
CA THR B 167 31.51 5.61 9.45
C THR B 167 32.11 6.94 9.81
N ARG B 168 31.30 7.82 10.38
CA ARG B 168 31.88 9.05 10.96
C ARG B 168 31.38 9.37 12.36
N ASP B 169 32.26 10.07 13.07
CA ASP B 169 31.93 10.75 14.33
C ASP B 169 31.11 9.82 15.24
N SER B 170 31.75 8.68 15.54
CA SER B 170 31.17 7.56 16.25
C SER B 170 32.19 6.92 17.18
N SER B 171 31.79 5.81 17.81
CA SER B 171 32.63 5.08 18.74
C SER B 171 32.32 3.58 18.54
N VAL B 172 33.35 2.75 18.33
CA VAL B 172 33.17 1.30 18.13
C VAL B 172 34.14 0.46 18.98
N GLY B 173 33.68 -0.71 19.41
CA GLY B 173 34.43 -1.55 20.36
C GLY B 173 35.24 -2.65 19.70
N GLY B 174 35.10 -2.78 18.38
CA GLY B 174 35.95 -3.62 17.55
C GLY B 174 35.57 -3.38 16.09
N TRP B 175 36.41 -3.83 15.15
CA TRP B 175 36.13 -3.74 13.72
C TRP B 175 36.71 -4.96 13.03
N GLY B 176 35.89 -5.89 12.54
CA GLY B 176 36.40 -7.20 12.12
C GLY B 176 37.27 -7.25 10.86
N ASN B 177 36.83 -6.58 9.81
CA ASN B 177 37.54 -6.69 8.56
C ASN B 177 37.36 -5.49 7.63
N GLY B 178 38.25 -5.46 6.64
CA GLY B 178 38.03 -4.75 5.39
C GLY B 178 37.62 -5.73 4.31
N VAL B 179 37.31 -5.19 3.13
CA VAL B 179 36.95 -5.96 1.94
C VAL B 179 37.56 -5.11 0.83
N TRP B 180 36.84 -4.11 0.31
CA TRP B 180 37.44 -3.14 -0.62
C TRP B 180 37.79 -1.73 -0.08
N ASN B 181 36.91 -1.08 0.68
CA ASN B 181 37.15 0.30 1.11
C ASN B 181 36.35 0.65 2.34
N MET B 182 36.98 0.53 3.51
CA MET B 182 36.33 0.89 4.74
C MET B 182 36.98 2.19 5.19
N THR B 183 36.20 3.28 5.19
CA THR B 183 36.68 4.61 5.57
C THR B 183 36.03 5.07 6.89
N PHE B 184 36.84 5.75 7.70
CA PHE B 184 36.43 6.24 9.00
C PHE B 184 36.90 7.67 9.12
N SER B 185 36.05 8.54 9.64
CA SER B 185 36.52 9.85 10.08
C SER B 185 35.88 10.22 11.41
N GLY B 186 36.71 10.61 12.38
CA GLY B 186 36.23 10.93 13.71
C GLY B 186 35.69 9.75 14.49
N VAL B 187 36.19 8.54 14.19
CA VAL B 187 35.69 7.36 14.85
C VAL B 187 36.62 6.87 15.94
N GLU B 188 36.25 7.15 17.18
CA GLU B 188 36.95 6.60 18.31
C GLU B 188 36.91 5.10 18.21
N GLY B 189 38.09 4.53 18.17
CA GLY B 189 38.24 3.10 18.12
C GLY B 189 38.35 2.52 16.72
N ALA B 190 38.47 3.40 15.73
CA ALA B 190 38.61 2.99 14.33
C ALA B 190 39.89 2.17 14.16
N PRO B 191 39.89 1.23 13.22
CA PRO B 191 41.20 0.65 12.89
C PRO B 191 42.15 1.75 12.38
N ALA B 192 43.45 1.66 12.70
CA ALA B 192 44.40 2.71 12.31
C ALA B 192 44.56 2.66 10.77
N GLN B 193 45.06 3.74 10.18
CA GLN B 193 45.34 3.79 8.74
C GLN B 193 46.16 2.56 8.28
N SER B 194 45.70 1.86 7.24
CA SER B 194 46.44 0.68 6.75
C SER B 194 46.26 0.26 5.28
N PHE B 195 45.55 1.08 4.52
CA PHE B 195 45.32 0.82 3.09
C PHE B 195 46.69 0.69 2.46
N PRO B 196 46.85 -0.23 1.51
CA PRO B 196 45.86 -1.06 0.83
C PRO B 196 45.40 -2.29 1.60
N GLU B 197 46.20 -2.75 2.55
CA GLU B 197 45.84 -3.96 3.30
C GLU B 197 46.05 -3.89 4.83
N PRO B 198 44.95 -4.10 5.61
CA PRO B 198 43.57 -4.05 5.09
C PRO B 198 43.21 -2.66 4.55
N PRO B 199 42.12 -2.57 3.74
CA PRO B 199 41.84 -1.32 3.02
C PRO B 199 41.12 -0.29 3.89
N TYR B 200 41.77 0.03 5.01
CA TYR B 200 41.27 0.97 5.99
C TYR B 200 41.85 2.35 5.68
N THR B 201 40.94 3.33 5.51
CA THR B 201 41.28 4.73 5.38
C THR B 201 40.72 5.40 6.64
N THR B 202 41.61 5.91 7.48
CA THR B 202 41.22 6.45 8.78
C THR B 202 41.69 7.87 8.99
N LEU B 203 40.74 8.76 9.27
CA LEU B 203 41.05 10.16 9.59
C LEU B 203 40.67 10.44 11.05
N GLU B 204 41.56 11.11 11.78
CA GLU B 204 41.33 11.33 13.20
C GLU B 204 40.01 12.08 13.48
N THR B 205 39.71 13.05 12.64
CA THR B 205 38.58 13.95 12.88
C THR B 205 37.82 14.18 11.58
N THR B 206 36.52 14.46 11.68
CA THR B 206 35.77 14.88 10.51
C THR B 206 35.87 16.39 10.38
N PRO B 207 36.15 16.86 9.16
CA PRO B 207 36.49 18.28 8.96
C PRO B 207 35.45 19.22 9.54
N VAL B 208 34.22 18.99 9.13
CA VAL B 208 33.07 19.71 9.68
C VAL B 208 31.92 18.74 9.54
N SER B 209 31.12 18.62 10.60
CA SER B 209 29.86 17.90 10.50
C SER B 209 28.78 18.60 11.29
N ARG B 210 27.55 18.22 11.01
CA ARG B 210 26.40 18.72 11.74
C ARG B 210 25.39 17.58 11.65
N GLU B 211 24.93 17.09 12.79
CA GLU B 211 24.03 15.94 12.82
C GLU B 211 22.63 16.24 12.32
N LYS B 212 22.05 15.23 11.68
CA LYS B 212 20.74 15.40 11.03
C LYS B 212 19.70 15.83 12.07
N PRO B 213 18.85 16.82 11.74
CA PRO B 213 17.66 17.15 12.56
C PRO B 213 16.74 15.95 12.73
N PHE B 214 16.08 15.87 13.88
CA PHE B 214 15.14 14.77 14.13
C PHE B 214 14.02 15.22 15.06
N LEU B 215 12.84 14.64 14.83
CA LEU B 215 11.66 14.84 15.66
C LEU B 215 11.89 14.24 17.06
N TYR B 216 11.46 14.92 18.13
CA TYR B 216 11.46 14.32 19.47
C TYR B 216 10.23 14.78 20.27
N LEU B 217 9.93 14.04 21.35
CA LEU B 217 8.87 14.42 22.29
C LEU B 217 9.31 15.04 23.57
N ASP B 218 8.67 16.18 23.85
CA ASP B 218 8.82 16.97 25.08
C ASP B 218 7.43 17.12 25.70
N GLY B 219 7.26 16.44 26.82
CA GLY B 219 5.99 16.49 27.53
C GLY B 219 5.16 15.68 26.57
N ASP B 220 4.06 16.23 26.11
CA ASP B 220 3.39 15.71 24.92
C ASP B 220 3.56 16.62 23.69
N ASP B 221 4.58 17.49 23.70
CA ASP B 221 4.88 18.47 22.59
C ASP B 221 5.87 17.90 21.52
N TYR B 222 5.46 17.81 20.25
CA TYR B 222 6.41 17.43 19.18
C TYR B 222 7.29 18.62 18.84
N LYS B 223 8.61 18.43 18.93
CA LYS B 223 9.61 19.39 18.47
C LYS B 223 10.62 18.69 17.53
N VAL B 224 11.40 19.50 16.82
CA VAL B 224 12.56 19.01 16.08
C VAL B 224 13.84 19.61 16.67
N PHE B 225 14.77 18.74 17.05
CA PHE B 225 16.09 19.17 17.50
C PHE B 225 16.95 19.38 16.27
N VAL B 226 17.70 20.47 16.29
CA VAL B 226 18.56 20.86 15.20
C VAL B 226 19.96 20.97 15.82
N PRO B 227 20.74 19.89 15.69
CA PRO B 227 22.06 19.87 16.33
C PRO B 227 23.05 20.95 15.86
N ALA B 228 23.90 21.39 16.79
CA ALA B 228 24.84 22.47 16.54
C ALA B 228 26.04 21.98 15.69
N LYS B 229 26.80 22.91 15.09
CA LYS B 229 28.04 22.61 14.26
C LYS B 229 29.14 21.92 15.06
N ARG B 230 29.81 20.93 14.46
CA ARG B 230 31.02 20.32 15.03
C ARG B 230 32.22 20.38 14.07
N THR B 231 33.18 21.20 14.47
CA THR B 231 34.47 21.34 13.78
C THR B 231 35.49 20.30 14.25
N ASN B 232 36.23 19.73 13.30
CA ASN B 232 37.13 18.62 13.58
C ASN B 232 36.50 17.68 14.61
N ALA B 233 35.31 17.24 14.21
CA ALA B 233 34.47 16.38 15.03
C ALA B 233 35.08 15.02 15.25
N ARG B 234 34.81 14.45 16.43
CA ARG B 234 35.28 13.13 16.77
C ARG B 234 34.38 12.57 17.86
N GLY B 235 33.99 11.30 17.72
CA GLY B 235 33.12 10.66 18.66
C GLY B 235 31.72 11.18 18.52
N THR B 236 30.84 10.71 19.40
CA THR B 236 29.43 11.07 19.26
C THR B 236 29.14 12.48 19.80
N SER B 237 28.04 13.04 19.31
CA SER B 237 27.58 14.38 19.70
C SER B 237 26.87 14.38 21.05
N TRP B 238 26.28 13.23 21.38
CA TRP B 238 25.37 13.12 22.50
C TRP B 238 26.05 12.35 23.59
N GLY B 239 27.13 11.68 23.21
CA GLY B 239 27.62 10.53 23.92
C GLY B 239 27.62 10.76 25.40
N ASN B 240 27.79 12.04 25.79
CA ASN B 240 28.12 12.41 27.17
C ASN B 240 28.00 13.89 27.66
N GLY B 241 26.93 14.65 27.32
CA GLY B 241 26.71 16.02 27.84
C GLY B 241 25.27 16.45 27.51
N THR B 242 24.77 17.64 27.87
CA THR B 242 23.54 18.07 27.17
C THR B 242 24.20 18.27 25.78
N PRO B 243 23.44 18.13 24.67
CA PRO B 243 24.06 18.41 23.37
C PRO B 243 23.85 19.88 22.94
N GLU B 244 24.76 20.45 22.14
CA GLU B 244 24.50 21.77 21.58
C GLU B 244 23.48 21.62 20.45
N GLY B 245 22.61 22.61 20.33
CA GLY B 245 21.48 22.55 19.41
C GLY B 245 20.24 23.20 20.02
N GLU B 246 19.20 23.36 19.18
CA GLU B 246 17.96 24.03 19.52
C GLU B 246 16.75 23.23 19.10
N SER B 247 15.60 23.68 19.57
CA SER B 247 14.37 22.95 19.35
C SER B 247 13.28 23.82 18.76
N LEU B 248 12.82 23.40 17.57
CA LEU B 248 11.75 24.04 16.85
C LEU B 248 10.42 23.35 17.17
N PRO B 249 9.40 24.14 17.58
CA PRO B 249 8.14 23.44 17.82
C PRO B 249 7.51 22.95 16.53
N LEU B 250 6.79 21.83 16.57
CA LEU B 250 6.03 21.37 15.43
C LEU B 250 5.18 22.49 14.82
N ASP B 251 4.86 23.54 15.60
CA ASP B 251 4.02 24.61 15.04
C ASP B 251 4.82 25.67 14.30
N GLN B 252 6.10 25.41 14.09
CA GLN B 252 6.86 26.21 13.15
C GLN B 252 7.00 25.44 11.81
N PHE B 253 6.41 24.24 11.74
CA PHE B 253 6.49 23.39 10.55
C PHE B 253 5.19 23.28 9.76
N TYR B 254 5.25 23.54 8.46
CA TYR B 254 4.17 23.05 7.59
C TYR B 254 4.35 21.52 7.47
N VAL B 255 3.39 20.80 8.06
CA VAL B 255 3.39 19.34 8.01
C VAL B 255 2.74 18.92 6.70
N VAL B 256 3.56 18.64 5.71
CA VAL B 256 3.07 18.34 4.37
C VAL B 256 2.51 16.95 4.38
N LYS B 257 1.46 16.78 3.59
CA LYS B 257 0.82 15.49 3.36
C LYS B 257 0.54 15.44 1.86
N PRO B 258 0.75 14.27 1.22
CA PRO B 258 0.67 14.12 -0.25
C PRO B 258 -0.49 14.87 -0.88
N GLY B 259 -0.14 15.66 -1.90
CA GLY B 259 -1.08 16.34 -2.75
C GLY B 259 -0.77 17.83 -2.73
N ALA B 260 -0.27 18.33 -1.58
CA ALA B 260 0.22 19.70 -1.46
C ALA B 260 0.86 20.12 -2.77
N THR B 261 0.81 21.39 -3.07
CA THR B 261 1.40 21.88 -4.26
C THR B 261 2.68 22.53 -3.82
N ALA B 262 3.70 22.47 -4.64
CA ALA B 262 4.87 23.26 -4.35
C ALA B 262 4.49 24.74 -4.15
N GLU B 263 3.41 25.19 -4.75
CA GLU B 263 2.99 26.57 -4.47
C GLU B 263 2.59 26.73 -2.99
N THR B 264 1.85 25.77 -2.42
CA THR B 264 1.56 25.83 -0.97
C THR B 264 2.82 25.69 -0.13
N ILE B 265 3.65 24.73 -0.51
CA ILE B 265 4.93 24.52 0.14
C ILE B 265 5.79 25.78 0.07
N ASN B 266 5.85 26.41 -1.09
CA ASN B 266 6.69 27.60 -1.27
C ASN B 266 6.21 28.79 -0.44
N ALA B 267 4.90 28.95 -0.34
CA ALA B 267 4.31 30.00 0.49
C ALA B 267 4.58 29.77 1.96
N ALA B 268 4.54 28.52 2.40
CA ALA B 268 4.89 28.21 3.79
C ALA B 268 6.29 28.71 4.10
N VAL B 269 7.25 28.33 3.26
CA VAL B 269 8.60 28.83 3.48
C VAL B 269 8.63 30.37 3.45
N ASP B 270 7.81 30.96 2.58
CA ASP B 270 7.66 32.42 2.53
C ASP B 270 7.37 33.07 3.90
N GLN B 271 6.40 32.53 4.64
CA GLN B 271 5.97 33.03 5.95
C GLN B 271 6.93 32.71 7.10
N GLY B 272 8.12 32.22 6.75
CA GLY B 272 9.02 31.61 7.71
C GLY B 272 8.52 30.34 8.38
N LEU B 273 7.82 29.44 7.66
CA LEU B 273 7.58 28.07 8.19
C LEU B 273 8.67 27.11 7.69
N HIS B 274 9.02 26.12 8.51
CA HIS B 274 9.85 24.99 8.09
C HIS B 274 8.94 23.94 7.42
N LEU B 275 9.54 22.86 6.91
CA LEU B 275 8.82 21.81 6.21
C LEU B 275 9.09 20.45 6.83
N LEU B 276 8.00 19.69 7.05
CA LEU B 276 8.07 18.32 7.51
C LEU B 276 7.26 17.48 6.54
N PHE B 277 7.96 16.70 5.72
CA PHE B 277 7.29 15.84 4.76
C PHE B 277 6.95 14.51 5.41
N THR B 278 5.67 14.30 5.64
CA THR B 278 5.19 13.01 6.13
C THR B 278 5.45 11.92 5.06
N PRO B 279 5.48 10.65 5.48
CA PRO B 279 5.82 9.61 4.48
C PRO B 279 4.76 9.49 3.39
N GLY B 280 5.24 9.39 2.17
CA GLY B 280 4.38 9.48 1.01
C GLY B 280 5.13 9.93 -0.22
N VAL B 281 4.40 10.00 -1.32
CA VAL B 281 4.95 10.42 -2.60
C VAL B 281 4.24 11.66 -3.08
N TYR B 282 4.99 12.74 -3.30
CA TYR B 282 4.43 14.01 -3.70
C TYR B 282 4.88 14.32 -5.15
N HIS B 283 3.95 14.33 -6.09
CA HIS B 283 4.24 14.88 -7.41
C HIS B 283 4.15 16.39 -7.34
N VAL B 284 5.08 17.08 -8.02
CA VAL B 284 5.13 18.54 -8.01
C VAL B 284 5.28 19.10 -9.44
N ASP B 285 4.71 20.27 -9.63
CA ASP B 285 4.52 20.78 -10.97
C ASP B 285 5.36 22.00 -11.22
N GLN B 286 5.92 22.51 -10.13
CA GLN B 286 6.86 23.63 -10.07
C GLN B 286 7.94 23.30 -9.02
N PRO B 287 9.10 23.96 -9.06
CA PRO B 287 10.09 23.52 -8.04
C PRO B 287 9.80 24.00 -6.61
N ILE B 288 10.14 23.18 -5.63
CA ILE B 288 10.03 23.52 -4.21
C ILE B 288 11.17 24.43 -3.82
N GLU B 289 10.88 25.72 -3.65
CA GLU B 289 11.90 26.74 -3.46
C GLU B 289 12.12 27.10 -2.01
N ILE B 290 13.36 26.96 -1.57
CA ILE B 290 13.75 27.32 -0.22
C ILE B 290 14.73 28.48 -0.29
N ASP B 291 14.27 29.65 0.13
CA ASP B 291 15.04 30.86 -0.03
C ASP B 291 15.00 31.73 1.22
N ARG B 292 14.85 31.06 2.36
CA ARG B 292 14.97 31.69 3.68
C ARG B 292 16.03 30.96 4.50
N ALA B 293 16.94 31.72 5.09
CA ALA B 293 18.01 31.15 5.89
C ALA B 293 17.47 30.28 7.03
N ASN B 294 18.22 29.24 7.37
CA ASN B 294 17.91 28.34 8.48
C ASN B 294 16.64 27.49 8.36
N THR B 295 16.07 27.41 7.18
CA THR B 295 14.91 26.54 6.97
C THR B 295 15.31 25.07 7.05
N VAL B 296 14.57 24.33 7.87
CA VAL B 296 14.68 22.89 7.94
C VAL B 296 13.61 22.28 7.04
N ALA B 297 14.03 21.36 6.16
CA ALA B 297 13.13 20.56 5.35
C ALA B 297 13.46 19.11 5.60
N LEU B 298 12.66 18.51 6.48
CA LEU B 298 12.91 17.18 7.01
C LEU B 298 11.87 16.20 6.51
N GLY B 299 12.29 15.11 5.89
CA GLY B 299 11.38 14.04 5.52
C GLY B 299 11.37 12.90 6.51
N LEU B 300 10.24 12.19 6.53
CA LEU B 300 10.04 11.02 7.34
C LEU B 300 9.66 9.89 6.41
N GLY B 301 10.08 8.69 6.79
CA GLY B 301 9.71 7.48 6.05
C GLY B 301 9.98 7.55 4.56
N LEU B 302 11.14 8.09 4.18
CA LEU B 302 11.56 8.09 2.79
C LEU B 302 10.54 8.84 1.90
N ALA B 303 9.97 9.91 2.45
CA ALA B 303 9.16 10.84 1.69
C ALA B 303 9.86 11.20 0.39
N THR B 304 9.07 11.21 -0.66
CA THR B 304 9.58 11.30 -2.03
C THR B 304 8.96 12.41 -2.85
N ILE B 305 9.81 13.20 -3.51
CA ILE B 305 9.37 14.30 -4.39
C ILE B 305 9.57 13.83 -5.83
N ILE B 306 8.51 13.85 -6.64
CA ILE B 306 8.61 13.58 -8.08
C ILE B 306 8.31 14.86 -8.90
N PRO B 307 9.28 15.32 -9.71
CA PRO B 307 9.13 16.45 -10.63
C PRO B 307 8.33 16.08 -11.86
N ASP B 308 7.18 16.72 -11.99
CA ASP B 308 6.41 16.66 -13.22
C ASP B 308 6.91 17.64 -14.27
N ASN B 309 6.66 17.29 -15.52
CA ASN B 309 6.77 18.22 -16.66
C ASN B 309 8.19 18.82 -16.82
N GLY B 310 9.22 18.07 -16.42
CA GLY B 310 10.62 18.49 -16.57
C GLY B 310 11.13 19.49 -15.55
N VAL B 311 10.34 19.75 -14.50
CA VAL B 311 10.74 20.78 -13.56
C VAL B 311 11.89 20.29 -12.64
N THR B 312 12.68 21.23 -12.11
CA THR B 312 13.59 20.91 -11.01
C THR B 312 12.74 20.65 -9.77
N ALA B 313 13.11 19.68 -8.95
CA ALA B 313 12.27 19.30 -7.80
C ALA B 313 12.50 20.31 -6.68
N LEU B 314 13.73 20.76 -6.55
CA LEU B 314 13.92 21.94 -5.78
C LEU B 314 15.22 22.64 -5.85
N LYS B 315 15.05 23.90 -5.47
CA LYS B 315 16.07 24.90 -5.58
C LYS B 315 16.23 25.48 -4.18
N VAL B 316 17.45 25.51 -3.69
CA VAL B 316 17.74 26.25 -2.45
C VAL B 316 18.49 27.52 -2.85
N GLY B 317 18.10 28.65 -2.30
CA GLY B 317 18.77 29.90 -2.64
C GLY B 317 20.08 30.13 -1.91
N ASP B 318 20.61 31.34 -2.10
CA ASP B 318 21.94 31.71 -1.58
C ASP B 318 21.87 32.16 -0.14
N VAL B 319 21.38 31.27 0.69
CA VAL B 319 21.14 31.57 2.10
C VAL B 319 21.85 30.60 3.00
N ASP B 320 22.23 31.10 4.19
CA ASP B 320 22.87 30.30 5.23
C ASP B 320 21.89 29.25 5.78
N GLY B 321 22.44 28.12 6.22
CA GLY B 321 21.83 27.36 7.29
C GLY B 321 20.68 26.46 6.93
N VAL B 322 20.40 26.29 5.65
CA VAL B 322 19.29 25.43 5.25
C VAL B 322 19.70 23.97 5.48
N LYS B 323 18.76 23.16 6.00
CA LYS B 323 19.03 21.78 6.37
C LYS B 323 18.01 20.87 5.69
N VAL B 324 18.43 20.25 4.60
CA VAL B 324 17.55 19.36 3.85
C VAL B 324 17.94 17.95 4.25
N ALA B 325 16.96 17.15 4.64
CA ALA B 325 17.25 15.88 5.26
C ALA B 325 16.18 14.83 4.96
N GLY B 326 16.62 13.64 4.56
CA GLY B 326 15.72 12.50 4.46
C GLY B 326 14.61 12.55 3.41
N LEU B 327 14.99 12.96 2.20
CA LEU B 327 14.07 12.93 1.06
C LEU B 327 14.69 12.13 -0.08
N LEU B 328 13.81 11.42 -0.79
CA LEU B 328 14.17 10.80 -2.08
C LEU B 328 13.57 11.67 -3.17
N VAL B 329 14.35 12.00 -4.19
CA VAL B 329 13.87 12.72 -5.36
C VAL B 329 13.91 11.70 -6.51
N ASP B 330 12.75 11.48 -7.10
CA ASP B 330 12.54 10.39 -8.05
C ASP B 330 12.23 11.04 -9.40
N ALA B 331 13.09 10.89 -10.41
CA ALA B 331 12.85 11.56 -11.68
C ALA B 331 11.52 11.13 -12.31
N GLY B 332 10.84 12.09 -12.96
CA GLY B 332 9.67 11.76 -13.76
C GLY B 332 10.03 11.30 -15.18
N PRO B 333 9.06 10.72 -15.92
CA PRO B 333 9.30 10.31 -17.31
C PRO B 333 9.76 11.44 -18.19
N VAL B 334 9.36 12.68 -17.88
CA VAL B 334 9.81 13.88 -18.63
C VAL B 334 11.16 14.42 -18.13
N ASN B 335 12.13 14.52 -19.02
CA ASN B 335 13.48 14.90 -18.60
C ASN B 335 13.51 16.22 -17.86
N SER B 336 14.18 16.20 -16.70
CA SER B 336 14.49 17.40 -15.96
C SER B 336 15.91 17.83 -16.22
N GLU B 337 16.06 19.11 -16.50
CA GLU B 337 17.35 19.76 -16.63
C GLU B 337 18.25 19.48 -15.42
N THR B 338 17.73 19.80 -14.24
CA THR B 338 18.35 19.44 -12.98
C THR B 338 17.27 18.91 -12.04
N LEU B 339 17.66 18.09 -11.05
CA LEU B 339 16.70 17.64 -10.03
C LEU B 339 16.77 18.42 -8.69
N VAL B 340 17.97 18.77 -8.25
CA VAL B 340 18.21 19.54 -7.04
C VAL B 340 19.32 20.55 -7.34
N GLU B 341 19.08 21.84 -7.05
CA GLU B 341 20.12 22.83 -7.08
C GLU B 341 20.26 23.50 -5.71
N VAL B 342 21.50 23.64 -5.25
CA VAL B 342 21.82 24.26 -3.98
C VAL B 342 22.59 25.53 -4.30
N GLY B 343 21.88 26.64 -4.21
CA GLY B 343 22.38 27.94 -4.60
C GLY B 343 22.23 28.13 -6.10
N SER B 344 22.40 29.34 -6.57
CA SER B 344 22.25 29.60 -8.01
C SER B 344 23.62 29.74 -8.69
N ASP B 345 23.67 29.74 -10.03
CA ASP B 345 24.98 29.65 -10.70
C ASP B 345 25.99 30.76 -10.40
N GLY B 346 25.70 32.04 -10.51
CA GLY B 346 26.67 32.96 -9.87
C GLY B 346 27.52 32.67 -8.57
N ALA B 347 27.02 31.80 -7.66
CA ALA B 347 27.36 31.83 -6.21
C ALA B 347 28.77 32.15 -5.81
N SER B 348 29.00 33.24 -5.09
CA SER B 348 30.34 33.54 -4.57
C SER B 348 30.44 34.17 -3.14
N GLY B 349 29.31 34.35 -2.49
CA GLY B 349 29.29 34.53 -1.04
C GLY B 349 29.56 33.20 -0.36
N ASP B 350 29.97 33.26 0.90
CA ASP B 350 30.31 32.10 1.70
C ASP B 350 29.10 31.64 2.47
N HIS B 351 29.28 30.59 3.25
CA HIS B 351 28.32 30.31 4.30
C HIS B 351 29.03 29.61 5.44
N ALA B 352 30.29 29.99 5.65
CA ALA B 352 31.23 29.20 6.45
C ALA B 352 30.75 28.87 7.88
N ALA B 353 30.31 29.87 8.63
CA ALA B 353 29.94 29.63 10.02
C ALA B 353 28.71 28.69 10.07
N ASN B 354 27.74 28.96 9.19
CA ASN B 354 26.43 28.30 9.24
C ASN B 354 26.08 27.82 7.85
N PRO B 355 26.69 26.70 7.45
CA PRO B 355 26.48 26.18 6.10
C PRO B 355 25.13 25.50 5.88
N THR B 356 24.72 25.48 4.61
CA THR B 356 23.59 24.67 4.16
C THR B 356 24.08 23.24 3.98
N SER B 357 23.22 22.27 4.32
CA SER B 357 23.57 20.87 4.15
C SER B 357 22.48 20.06 3.44
N LEU B 358 22.94 18.99 2.77
CA LEU B 358 22.09 17.91 2.28
C LEU B 358 22.46 16.64 3.03
N GLN B 359 21.48 16.03 3.70
CA GLN B 359 21.71 14.80 4.48
C GLN B 359 20.67 13.75 4.19
N ASP B 360 21.11 12.55 3.86
CA ASP B 360 20.16 11.50 3.52
C ASP B 360 19.21 12.03 2.44
N VAL B 361 19.84 12.61 1.44
CA VAL B 361 19.20 13.04 0.23
C VAL B 361 19.59 12.03 -0.87
N PHE B 362 18.57 11.35 -1.40
CA PHE B 362 18.78 10.28 -2.34
C PHE B 362 18.05 10.65 -3.62
N VAL B 363 18.65 10.32 -4.77
CA VAL B 363 18.09 10.59 -6.07
C VAL B 363 18.01 9.27 -6.84
N ARG B 364 16.90 9.07 -7.54
CA ARG B 364 16.71 7.89 -8.41
C ARG B 364 16.27 8.35 -9.76
N ILE B 365 16.87 7.77 -10.82
CA ILE B 365 16.43 8.03 -12.19
C ILE B 365 16.12 6.68 -12.84
N GLY B 366 14.83 6.43 -13.01
CA GLY B 366 14.35 5.15 -13.52
C GLY B 366 14.11 4.11 -12.45
N GLY B 367 13.58 2.96 -12.85
CA GLY B 367 13.45 1.83 -11.95
C GLY B 367 12.03 1.61 -11.47
N ALA B 368 11.32 2.70 -11.21
CA ALA B 368 9.91 2.66 -10.77
C ALA B 368 9.00 3.29 -11.84
N GLY B 369 9.41 3.10 -13.10
CA GLY B 369 8.96 3.97 -14.16
C GLY B 369 10.13 4.57 -14.90
N PRO B 370 9.98 4.72 -16.23
CA PRO B 370 10.93 5.53 -16.99
C PRO B 370 11.19 6.87 -16.30
N GLY B 371 12.46 7.25 -16.16
CA GLY B 371 12.79 8.52 -15.55
C GLY B 371 13.99 9.12 -16.25
N LYS B 372 14.04 10.45 -16.37
CA LYS B 372 15.14 11.11 -17.09
C LYS B 372 15.55 12.42 -16.43
N ALA B 373 16.86 12.67 -16.35
CA ALA B 373 17.38 13.95 -15.87
C ALA B 373 18.79 14.19 -16.41
N THR B 374 19.09 15.43 -16.75
CA THR B 374 20.41 15.74 -17.31
C THR B 374 21.51 15.76 -16.24
N THR B 375 21.32 16.58 -15.22
CA THR B 375 22.16 16.59 -14.03
C THR B 375 21.28 16.42 -12.79
N SER B 376 21.66 15.54 -11.87
CA SER B 376 20.82 15.30 -10.72
C SER B 376 20.99 16.38 -9.63
N ILE B 377 22.21 16.63 -9.18
CA ILE B 377 22.43 17.63 -8.11
C ILE B 377 23.52 18.58 -8.52
N VAL B 378 23.19 19.89 -8.56
CA VAL B 378 24.17 20.95 -8.72
C VAL B 378 24.34 21.68 -7.40
N VAL B 379 25.60 21.80 -6.96
CA VAL B 379 25.89 22.44 -5.67
C VAL B 379 26.72 23.70 -5.94
N ASN B 380 26.02 24.83 -5.96
CA ASN B 380 26.65 26.14 -6.18
C ASN B 380 27.06 26.86 -4.88
N SER B 381 26.33 26.68 -3.79
CA SER B 381 26.62 27.45 -2.56
C SER B 381 27.98 27.06 -1.99
N ASN B 382 28.81 28.03 -1.73
CA ASN B 382 30.06 27.75 -1.05
C ASN B 382 29.78 27.18 0.34
N ASP B 383 30.73 26.37 0.82
CA ASP B 383 30.72 25.78 2.18
C ASP B 383 29.65 24.71 2.42
N THR B 384 28.93 24.34 1.39
CA THR B 384 27.88 23.33 1.52
C THR B 384 28.44 22.00 2.04
N ILE B 385 27.68 21.35 2.93
CA ILE B 385 28.02 20.00 3.42
C ILE B 385 27.05 19.00 2.76
N ILE B 386 27.60 17.98 2.12
CA ILE B 386 26.84 16.86 1.55
C ILE B 386 27.20 15.64 2.42
N ASP B 387 26.32 15.32 3.36
CA ASP B 387 26.57 14.28 4.39
C ASP B 387 25.59 13.11 4.21
N HIS B 388 26.03 12.15 3.43
CA HIS B 388 25.28 10.99 2.95
C HIS B 388 24.30 11.30 1.81
N THR B 389 24.74 10.96 0.61
CA THR B 389 23.84 11.00 -0.54
C THR B 389 24.06 9.73 -1.37
N TRP B 390 22.98 9.27 -1.99
CA TRP B 390 23.06 8.23 -3.04
C TRP B 390 22.31 8.79 -4.24
N VAL B 391 23.06 9.01 -5.31
CA VAL B 391 22.55 9.56 -6.56
C VAL B 391 22.70 8.44 -7.59
N TRP B 392 21.55 7.85 -7.94
CA TRP B 392 21.51 6.53 -8.59
C TRP B 392 20.68 6.52 -9.87
N ARG B 393 21.36 6.34 -10.99
CA ARG B 393 20.69 6.00 -12.23
C ARG B 393 20.41 4.52 -12.17
N ALA B 394 19.14 4.15 -12.27
CA ALA B 394 18.75 2.77 -12.07
C ALA B 394 19.41 1.83 -13.07
N ASP B 395 19.83 0.69 -12.57
CA ASP B 395 20.40 -0.35 -13.41
C ASP B 395 19.49 -1.55 -13.49
N HIS B 396 18.29 -1.42 -12.93
CA HIS B 396 17.29 -2.43 -13.18
C HIS B 396 15.95 -1.92 -12.75
N GLY B 397 14.91 -2.68 -13.11
CA GLY B 397 13.53 -2.33 -12.78
C GLY B 397 12.76 -1.77 -13.99
N GLU B 398 11.58 -1.26 -13.76
CA GLU B 398 10.77 -0.69 -14.83
C GLU B 398 11.45 0.53 -15.46
N GLY B 399 11.49 0.61 -16.80
CA GLY B 399 11.91 1.85 -17.44
C GLY B 399 13.42 2.08 -17.41
N VAL B 400 14.20 1.03 -17.67
CA VAL B 400 15.67 1.11 -17.63
C VAL B 400 16.27 0.79 -19.02
N GLY B 401 17.14 1.70 -19.48
CA GLY B 401 17.74 1.57 -20.79
C GLY B 401 18.76 2.69 -21.01
N TRP B 402 19.77 2.43 -21.85
CA TRP B 402 20.84 3.41 -22.13
C TRP B 402 20.21 4.74 -22.53
N GLU B 403 19.10 4.63 -23.24
CA GLU B 403 18.25 5.73 -23.60
C GLU B 403 17.07 5.95 -22.65
N THR B 404 16.41 4.86 -22.36
CA THR B 404 15.17 4.84 -21.63
C THR B 404 15.25 5.65 -20.34
N ASN B 405 16.31 5.44 -19.56
CA ASN B 405 16.53 6.21 -18.33
C ASN B 405 17.89 6.91 -18.37
N ARG B 406 18.20 7.49 -19.53
CA ARG B 406 19.40 8.30 -19.69
C ARG B 406 19.49 9.37 -18.58
N ALA B 407 20.65 9.41 -17.94
CA ALA B 407 20.98 10.48 -17.01
C ALA B 407 22.46 10.72 -17.15
N ASP B 408 22.81 11.88 -17.70
CA ASP B 408 24.17 12.10 -18.17
C ASP B 408 25.14 12.35 -17.01
N TYR B 409 24.69 13.13 -16.02
CA TYR B 409 25.57 13.65 -14.98
C TYR B 409 24.93 13.53 -13.59
N GLY B 410 25.72 13.09 -12.61
CA GLY B 410 25.20 12.84 -11.28
C GLY B 410 25.20 14.09 -10.43
N VAL B 411 26.39 14.47 -10.00
CA VAL B 411 26.56 15.62 -9.12
C VAL B 411 27.59 16.50 -9.75
N HIS B 412 27.28 17.79 -9.83
CA HIS B 412 28.26 18.79 -10.23
C HIS B 412 28.47 19.77 -9.12
N VAL B 413 29.70 19.81 -8.59
CA VAL B 413 30.04 20.73 -7.52
C VAL B 413 30.75 21.95 -8.11
N LYS B 414 30.05 23.08 -8.05
CA LYS B 414 30.57 24.35 -8.55
C LYS B 414 31.03 25.30 -7.46
N GLY B 415 30.36 25.28 -6.32
CA GLY B 415 30.78 26.08 -5.18
C GLY B 415 32.15 25.70 -4.62
N ASP B 416 32.71 26.61 -3.83
CA ASP B 416 34.02 26.44 -3.23
C ASP B 416 33.86 25.96 -1.77
N ASN B 417 34.86 25.25 -1.27
CA ASN B 417 34.89 24.82 0.13
C ASN B 417 33.79 23.82 0.47
N VAL B 418 33.36 23.07 -0.53
CA VAL B 418 32.29 22.08 -0.34
C VAL B 418 32.89 20.80 0.25
N LEU B 419 32.15 20.22 1.19
CA LEU B 419 32.59 18.98 1.84
C LEU B 419 31.56 17.88 1.59
N ALA B 420 32.00 16.74 1.05
CA ALA B 420 31.15 15.57 0.91
C ALA B 420 31.64 14.46 1.83
N THR B 421 30.78 13.96 2.69
CA THR B 421 31.11 12.87 3.61
C THR B 421 30.11 11.74 3.39
N GLY B 422 30.55 10.70 2.69
CA GLY B 422 29.68 9.59 2.35
C GLY B 422 28.95 9.84 1.04
N LEU B 423 29.73 9.86 -0.03
CA LEU B 423 29.25 10.16 -1.37
C LEU B 423 29.12 8.85 -2.19
N PHE B 424 27.90 8.51 -2.59
CA PHE B 424 27.61 7.31 -3.40
C PHE B 424 26.88 7.79 -4.69
N VAL B 425 27.48 7.56 -5.85
CA VAL B 425 26.94 8.06 -7.12
C VAL B 425 27.21 7.02 -8.20
N GLU B 426 26.16 6.54 -8.86
CA GLU B 426 26.32 5.39 -9.75
C GLU B 426 25.53 5.43 -11.06
N HIS B 427 26.20 4.98 -12.13
CA HIS B 427 25.60 4.49 -13.36
C HIS B 427 25.30 5.58 -14.39
N PHE B 428 25.79 6.81 -14.18
CA PHE B 428 25.51 7.88 -15.15
C PHE B 428 26.10 7.64 -16.55
N ASN B 429 25.42 8.11 -17.61
CA ASN B 429 25.92 7.87 -18.97
C ASN B 429 27.23 8.63 -19.24
N LYS B 430 27.51 9.66 -18.43
CA LYS B 430 28.72 10.47 -18.58
C LYS B 430 29.41 10.59 -17.21
N TYR B 431 29.88 11.76 -16.80
CA TYR B 431 30.57 11.83 -15.52
C TYR B 431 29.59 11.72 -14.35
N ASP B 432 29.84 10.77 -13.47
CA ASP B 432 28.97 10.60 -12.30
C ASP B 432 29.15 11.81 -11.37
N VAL B 433 30.40 12.17 -11.12
CA VAL B 433 30.70 13.38 -10.35
C VAL B 433 31.67 14.26 -11.11
N GLN B 434 31.35 15.55 -11.17
CA GLN B 434 32.26 16.60 -11.64
C GLN B 434 32.45 17.67 -10.55
N TRP B 435 33.68 18.17 -10.41
CA TRP B 435 33.98 19.19 -9.40
C TRP B 435 34.72 20.34 -10.10
N SER B 436 34.03 21.47 -10.12
CA SER B 436 34.42 22.68 -10.84
C SER B 436 34.90 23.75 -9.87
N GLY B 437 34.41 23.63 -8.63
CA GLY B 437 34.73 24.58 -7.58
C GLY B 437 36.04 24.29 -6.86
N GLU B 438 36.45 25.27 -6.07
CA GLU B 438 37.72 25.23 -5.36
C GLU B 438 37.68 24.62 -3.94
N ASN B 439 38.81 24.04 -3.57
CA ASN B 439 39.04 23.57 -2.21
C ASN B 439 38.01 22.54 -1.74
N GLY B 440 37.54 21.69 -2.65
CA GLY B 440 36.65 20.62 -2.28
C GLY B 440 37.31 19.58 -1.39
N LYS B 441 36.51 18.92 -0.54
CA LYS B 441 36.93 17.74 0.23
C LYS B 441 35.87 16.61 0.06
N THR B 442 36.30 15.40 -0.27
CA THR B 442 35.44 14.21 -0.27
C THR B 442 36.06 13.14 0.61
N ILE B 443 35.29 12.72 1.60
CA ILE B 443 35.67 11.63 2.49
C ILE B 443 34.66 10.50 2.26
N PHE B 444 35.17 9.45 1.62
CA PHE B 444 34.46 8.26 1.14
C PHE B 444 33.66 8.50 -0.15
N TYR B 445 34.04 7.78 -1.21
CA TYR B 445 33.29 7.78 -2.46
C TYR B 445 33.09 6.35 -2.90
N GLN B 446 31.86 6.05 -3.29
CA GLN B 446 31.51 4.79 -3.93
C GLN B 446 30.81 5.08 -5.25
N ASN B 447 31.40 4.54 -6.32
CA ASN B 447 30.82 4.59 -7.65
C ASN B 447 30.75 3.21 -8.32
N ALA B 448 29.75 3.05 -9.18
CA ALA B 448 29.73 1.97 -10.20
C ALA B 448 29.43 2.67 -11.52
N LYS B 449 30.16 2.25 -12.54
CA LYS B 449 29.98 2.80 -13.86
C LYS B 449 28.77 2.14 -14.56
N ALA B 450 28.13 2.88 -15.48
CA ALA B 450 26.97 2.36 -16.23
C ALA B 450 27.24 0.96 -16.75
N TYR B 451 26.37 0.01 -16.40
CA TYR B 451 26.55 -1.38 -16.82
C TYR B 451 26.15 -1.55 -18.30
N ASP B 452 25.37 -0.59 -18.81
CA ASP B 452 24.61 -0.75 -20.05
C ASP B 452 25.18 0.03 -21.27
N ALA B 453 26.37 0.62 -21.13
CA ALA B 453 27.12 1.12 -22.29
C ALA B 453 27.19 0.04 -23.40
N PRO B 454 26.72 0.36 -24.62
CA PRO B 454 26.72 -0.76 -25.56
C PRO B 454 27.94 -0.95 -26.44
N ASP B 455 28.82 0.04 -26.51
CA ASP B 455 30.04 -0.09 -27.27
C ASP B 455 30.98 1.05 -26.92
N GLN B 456 32.26 0.82 -27.17
CA GLN B 456 33.29 1.82 -26.91
C GLN B 456 32.89 3.20 -27.43
N ALA B 457 32.02 3.24 -28.44
CA ALA B 457 31.55 4.52 -28.98
C ALA B 457 30.61 5.31 -28.03
N ALA B 458 29.71 4.63 -27.33
CA ALA B 458 28.78 5.37 -26.44
C ALA B 458 29.47 6.18 -25.31
N ILE B 459 30.66 5.78 -24.89
CA ILE B 459 31.31 6.44 -23.75
C ILE B 459 32.63 7.14 -24.08
N GLN B 460 32.88 7.32 -25.36
CA GLN B 460 34.04 8.06 -25.84
C GLN B 460 33.96 9.56 -25.45
N ASN B 461 34.59 9.88 -24.33
CA ASN B 461 34.77 11.24 -23.83
C ASN B 461 35.93 11.92 -24.61
N GLY B 462 35.65 12.23 -25.88
CA GLY B 462 36.63 12.74 -26.83
C GLY B 462 37.95 11.97 -26.80
N ASP B 463 39.00 12.64 -26.37
CA ASP B 463 40.31 12.01 -26.38
C ASP B 463 40.53 10.93 -25.30
N ILE B 464 39.47 10.57 -24.56
CA ILE B 464 39.55 9.53 -23.50
C ILE B 464 38.49 8.44 -23.71
N LYS B 465 38.80 7.18 -23.31
CA LYS B 465 37.83 6.10 -23.32
C LYS B 465 37.05 6.10 -22.03
N GLY B 466 35.77 6.45 -22.12
CA GLY B 466 34.91 6.50 -20.96
C GLY B 466 34.95 7.84 -20.29
N TYR B 467 33.98 8.06 -19.40
CA TYR B 467 33.92 9.24 -18.56
C TYR B 467 34.32 8.86 -17.13
N ALA B 468 35.23 9.62 -16.53
CA ALA B 468 35.60 9.38 -15.15
C ALA B 468 34.35 9.32 -14.27
N ALA B 469 34.43 8.49 -13.23
CA ALA B 469 33.43 8.49 -12.18
C ALA B 469 33.54 9.77 -11.35
N TYR B 470 34.73 10.35 -11.31
CA TYR B 470 34.97 11.52 -10.46
C TYR B 470 36.04 12.34 -11.12
N LYS B 471 35.59 13.48 -11.63
CA LYS B 471 36.35 14.39 -12.43
C LYS B 471 36.53 15.73 -11.72
N VAL B 472 37.78 16.10 -11.50
CA VAL B 472 38.13 17.43 -11.02
C VAL B 472 38.57 18.24 -12.21
N ASP B 473 37.86 19.33 -12.44
CA ASP B 473 38.15 20.22 -13.55
C ASP B 473 39.63 20.60 -13.65
N ASP B 474 40.13 20.77 -14.87
CA ASP B 474 41.56 21.12 -15.02
C ASP B 474 41.89 22.48 -14.50
N SER B 475 40.88 23.26 -14.21
CA SER B 475 41.11 24.56 -13.59
C SER B 475 41.33 24.60 -12.08
N VAL B 476 40.93 23.57 -11.34
CA VAL B 476 41.00 23.63 -9.88
C VAL B 476 42.47 23.66 -9.41
N THR B 477 42.73 24.16 -8.19
CA THR B 477 44.09 24.27 -7.69
C THR B 477 44.21 23.61 -6.32
N THR B 478 43.07 23.53 -5.61
CA THR B 478 43.03 22.81 -4.35
C THR B 478 41.84 21.84 -4.37
N HIS B 479 42.13 20.59 -4.08
CA HIS B 479 41.12 19.55 -3.92
C HIS B 479 41.73 18.44 -3.10
N GLU B 480 40.92 17.74 -2.29
CA GLU B 480 41.42 16.55 -1.62
C GLU B 480 40.32 15.50 -1.40
N GLY B 481 40.65 14.26 -1.77
CA GLY B 481 39.76 13.12 -1.61
C GLY B 481 40.41 11.94 -0.92
N TRP B 482 39.65 11.26 -0.05
CA TRP B 482 40.15 10.11 0.71
C TRP B 482 39.17 8.92 0.61
N GLY B 483 39.69 7.74 0.27
CA GLY B 483 38.90 6.52 0.34
C GLY B 483 37.82 6.47 -0.74
N MET B 484 38.28 6.36 -1.98
CA MET B 484 37.40 6.54 -3.14
C MET B 484 37.51 5.33 -4.08
N GLY B 485 36.37 4.73 -4.45
CA GLY B 485 36.36 3.57 -5.34
C GLY B 485 35.36 3.67 -6.47
N SER B 486 35.78 3.21 -7.67
CA SER B 486 34.91 3.13 -8.86
C SER B 486 34.93 1.72 -9.38
N TYR B 487 33.75 1.17 -9.61
CA TYR B 487 33.59 -0.24 -9.99
C TYR B 487 32.93 -0.36 -11.36
N CYS B 488 33.36 -1.32 -12.18
CA CYS B 488 32.68 -1.56 -13.45
C CYS B 488 32.06 -2.95 -13.58
N TYR B 489 31.02 -2.99 -14.40
CA TYR B 489 30.30 -4.22 -14.72
C TYR B 489 29.59 -4.00 -16.05
N PHE B 490 30.38 -3.98 -17.11
CA PHE B 490 29.89 -3.69 -18.47
C PHE B 490 29.27 -4.97 -19.06
N ASN B 491 28.00 -5.22 -18.78
CA ASN B 491 27.48 -6.54 -19.15
C ASN B 491 26.90 -6.55 -20.58
N VAL B 492 26.42 -5.43 -21.09
CA VAL B 492 25.96 -5.38 -22.48
C VAL B 492 27.17 -5.66 -23.37
N ASN B 493 28.31 -5.10 -22.99
CA ASN B 493 29.52 -5.28 -23.78
C ASN B 493 30.79 -5.31 -22.93
N PRO B 494 31.16 -6.52 -22.49
CA PRO B 494 32.31 -6.64 -21.60
C PRO B 494 33.67 -6.51 -22.31
N ASP B 495 33.66 -6.25 -23.63
CA ASP B 495 34.89 -5.88 -24.35
C ASP B 495 35.29 -4.44 -24.05
N ILE B 496 34.41 -3.68 -23.40
CA ILE B 496 34.66 -2.26 -23.15
C ILE B 496 35.85 -2.01 -22.21
N ARG B 497 36.56 -0.92 -22.47
CA ARG B 497 37.59 -0.39 -21.58
C ARG B 497 37.20 0.98 -21.04
N GLN B 498 37.36 1.14 -19.73
CA GLN B 498 37.19 2.42 -19.01
C GLN B 498 38.61 2.91 -18.72
N GLN B 499 38.98 4.09 -19.20
CA GLN B 499 40.37 4.54 -19.07
C GLN B 499 40.75 4.67 -17.59
N HIS B 500 39.84 5.23 -16.80
CA HIS B 500 40.11 5.45 -15.39
C HIS B 500 38.85 5.72 -14.58
N GLY B 501 38.99 5.60 -13.25
CA GLY B 501 37.89 5.94 -12.35
C GLY B 501 37.88 7.43 -12.03
N PHE B 502 39.09 8.00 -12.02
CA PHE B 502 39.35 9.34 -11.52
C PHE B 502 40.16 10.13 -12.51
N GLN B 503 39.90 11.41 -12.54
CA GLN B 503 40.63 12.31 -13.43
C GLN B 503 40.71 13.68 -12.87
N ALA B 504 41.92 14.23 -12.95
CA ALA B 504 42.22 15.48 -12.29
C ALA B 504 43.36 16.27 -12.95
N PRO B 505 43.60 17.46 -12.48
CA PRO B 505 44.89 18.08 -12.80
C PRO B 505 46.00 17.50 -11.94
N VAL B 506 47.20 17.48 -12.52
CA VAL B 506 48.39 17.14 -11.78
C VAL B 506 48.93 18.50 -11.28
N LYS B 507 48.56 18.83 -10.04
CA LYS B 507 48.85 20.13 -9.44
C LYS B 507 49.18 19.98 -7.99
N PRO B 508 49.93 20.97 -7.46
CA PRO B 508 50.41 20.91 -6.07
C PRO B 508 49.33 20.92 -4.96
N GLY B 509 48.11 21.32 -5.26
CA GLY B 509 47.07 21.38 -4.25
C GLY B 509 45.95 20.34 -4.44
N VAL B 510 46.07 19.54 -5.50
CA VAL B 510 45.00 18.59 -5.88
C VAL B 510 45.54 17.22 -5.55
N LYS B 511 44.99 16.59 -4.51
CA LYS B 511 45.58 15.37 -3.93
C LYS B 511 44.52 14.29 -3.69
N PHE B 512 44.90 13.02 -3.80
CA PHE B 512 44.01 11.91 -3.46
C PHE B 512 44.74 10.91 -2.62
N HIS B 513 43.99 10.28 -1.73
CA HIS B 513 44.49 9.25 -0.83
C HIS B 513 43.60 8.00 -0.92
N ASP B 514 44.19 6.84 -1.19
CA ASP B 514 43.48 5.56 -1.13
C ASP B 514 42.38 5.45 -2.18
N LEU B 515 42.81 5.34 -3.43
CA LEU B 515 41.92 5.15 -4.58
C LEU B 515 41.95 3.72 -5.03
N LEU B 516 40.80 3.25 -5.51
CA LEU B 516 40.74 1.95 -6.15
C LEU B 516 39.73 1.89 -7.28
N VAL B 517 40.05 1.04 -8.25
CA VAL B 517 39.05 0.60 -9.22
C VAL B 517 38.93 -0.94 -9.27
N VAL B 518 37.73 -1.43 -9.62
CA VAL B 518 37.42 -2.86 -9.61
C VAL B 518 36.57 -3.21 -10.78
N SER B 519 36.92 -4.32 -11.44
CA SER B 519 36.05 -4.94 -12.43
C SER B 519 35.33 -6.14 -11.84
N LEU B 520 34.01 -6.17 -11.98
CA LEU B 520 33.25 -7.30 -11.48
C LEU B 520 33.11 -8.37 -12.55
N GLY B 521 33.68 -9.54 -12.27
CA GLY B 521 33.52 -10.70 -13.14
C GLY B 521 34.13 -10.51 -14.53
N GLY B 522 35.19 -9.74 -14.63
CA GLY B 522 35.85 -9.46 -15.90
C GLY B 522 34.97 -8.77 -16.91
N LYS B 523 33.88 -8.15 -16.45
CA LYS B 523 32.97 -7.50 -17.38
C LYS B 523 33.48 -6.08 -17.62
N GLY B 524 34.26 -5.93 -18.66
CA GLY B 524 35.05 -4.74 -18.87
C GLY B 524 36.27 -4.73 -17.96
N GLN B 525 37.18 -3.82 -18.28
CA GLN B 525 38.32 -3.52 -17.45
C GLN B 525 38.61 -2.03 -17.45
N TYR B 526 39.27 -1.61 -16.36
CA TYR B 526 39.91 -0.29 -16.28
C TYR B 526 41.33 -0.34 -16.85
N GLU B 527 41.70 0.67 -17.64
CA GLU B 527 43.10 0.84 -18.08
C GLU B 527 44.03 1.35 -16.97
N HIS B 528 43.49 2.16 -16.07
CA HIS B 528 44.27 2.85 -15.05
C HIS B 528 43.33 3.24 -13.88
N VAL B 529 43.91 3.77 -12.80
CA VAL B 529 43.10 4.19 -11.64
C VAL B 529 42.70 5.65 -11.77
N ILE B 530 43.71 6.51 -11.94
CA ILE B 530 43.54 7.95 -12.01
C ILE B 530 44.38 8.47 -13.22
N ASN B 531 43.75 9.31 -14.05
CA ASN B 531 44.35 9.79 -15.30
C ASN B 531 44.95 8.62 -16.10
N ASP B 532 46.27 8.65 -16.32
CA ASP B 532 46.97 7.57 -17.00
C ASP B 532 47.92 6.84 -16.05
N ILE B 533 47.55 6.83 -14.76
CA ILE B 533 48.34 6.30 -13.64
C ILE B 533 47.57 5.14 -12.92
N GLY B 534 48.33 4.13 -12.52
CA GLY B 534 47.76 2.99 -11.85
C GLY B 534 47.65 1.81 -12.79
N ASP B 535 47.68 0.63 -12.18
CA ASP B 535 47.69 -0.61 -12.95
C ASP B 535 46.27 -0.84 -13.52
N PRO B 536 46.17 -1.43 -14.73
CA PRO B 536 44.82 -1.76 -15.16
C PRO B 536 44.28 -2.89 -14.31
N THR B 537 42.97 -3.05 -14.33
CA THR B 537 42.42 -4.28 -13.81
C THR B 537 42.65 -5.37 -14.84
N SER B 538 42.76 -6.61 -14.34
CA SER B 538 42.94 -7.75 -15.21
C SER B 538 42.42 -9.01 -14.51
N GLY B 539 42.22 -10.07 -15.27
CA GLY B 539 41.65 -11.29 -14.71
C GLY B 539 40.13 -11.23 -14.71
N ASP B 540 39.49 -12.19 -14.06
CA ASP B 540 38.02 -12.24 -13.97
C ASP B 540 37.59 -12.47 -12.52
N THR B 541 38.54 -12.18 -11.64
CA THR B 541 38.50 -12.55 -10.23
C THR B 541 38.27 -11.36 -9.29
N THR B 542 37.96 -10.20 -9.88
CA THR B 542 37.45 -9.07 -9.12
C THR B 542 38.46 -8.65 -8.02
N ILE B 543 39.71 -8.45 -8.45
CA ILE B 543 40.77 -7.98 -7.57
C ILE B 543 41.03 -6.50 -7.83
N PRO B 544 40.88 -5.65 -6.79
CA PRO B 544 41.02 -4.21 -7.09
C PRO B 544 42.39 -3.77 -7.54
N SER B 545 42.45 -2.69 -8.31
CA SER B 545 43.69 -1.99 -8.59
C SER B 545 43.71 -0.80 -7.70
N GLN B 546 44.82 -0.62 -7.00
CA GLN B 546 44.87 0.30 -5.89
C GLN B 546 45.96 1.33 -6.13
N VAL B 547 45.68 2.57 -5.72
CA VAL B 547 46.70 3.62 -5.65
C VAL B 547 46.63 4.33 -4.30
N VAL B 548 47.70 4.26 -3.49
CA VAL B 548 47.71 4.93 -2.18
C VAL B 548 47.69 6.47 -2.24
N SER B 549 48.53 7.07 -3.10
CA SER B 549 48.81 8.53 -3.05
C SER B 549 49.02 9.16 -4.44
N PHE B 550 48.30 10.25 -4.71
CA PHE B 550 48.40 11.01 -5.95
C PHE B 550 48.27 12.49 -5.64
N PRO B 551 49.05 13.35 -6.32
CA PRO B 551 49.95 13.10 -7.46
C PRO B 551 51.23 12.47 -6.94
C1 EDO C . -38.53 -12.32 -9.40
O1 EDO C . -37.85 -12.86 -8.25
C2 EDO C . -38.77 -10.81 -9.33
O2 EDO C . -37.71 -10.20 -8.62
H11 EDO C . -39.50 -12.83 -9.52
H12 EDO C . -37.95 -12.54 -10.29
HO1 EDO C . -37.64 -13.79 -8.40
H21 EDO C . -39.73 -10.59 -8.85
H22 EDO C . -38.80 -10.41 -10.35
HO2 EDO C . -37.87 -9.24 -8.58
C1 EDO D . -15.72 -12.56 -22.06
O1 EDO D . -14.40 -11.96 -22.08
C2 EDO D . -16.79 -11.46 -22.05
O2 EDO D . -16.49 -10.51 -21.03
H11 EDO D . -15.85 -13.20 -21.17
H12 EDO D . -15.84 -13.20 -22.93
HO1 EDO D . -13.72 -12.65 -22.03
H21 EDO D . -17.78 -11.88 -21.88
H22 EDO D . -16.80 -10.97 -23.03
HO2 EDO D . -17.00 -9.71 -21.14
C2 BGC E . 25.08 -1.66 -6.72
C3 BGC E . 23.64 -1.12 -6.74
C4 BGC E . 22.85 -2.24 -7.48
C5 BGC E . 22.92 -3.60 -6.78
C6 BGC E . 22.06 -4.59 -7.57
C1 BGC E . 25.30 -3.16 -6.32
O1 BGC E . 26.42 -3.62 -7.03
O2 BGC E . 26.06 -0.79 -6.09
O3 BGC E . 23.48 0.07 -7.54
O4 BGC E . 21.51 -1.89 -7.82
O5 BGC E . 24.27 -4.08 -6.73
O6 BGC E . 22.06 -5.89 -7.03
H2 BGC E . 24.14 -1.35 -6.27
H3 BGC E . 22.97 -1.88 -7.10
H4 BGC E . 23.41 -2.51 -8.39
H5 BGC E . 22.46 -3.48 -5.80
H61 BGC E . 22.46 -4.70 -8.58
H62 BGC E . 21.04 -4.22 -7.62
H1 BGC E . 25.47 -3.25 -5.25
HO1 BGC E . 26.60 -3.02 -7.78
HO2 BGC E . 26.96 -1.16 -6.23
HO3 BGC E . 24.35 0.33 -7.93
HO4 BGC E . 21.38 -0.93 -7.72
HO6 BGC E . 22.60 -5.92 -6.22
C1 EDO F . 7.48 6.58 -5.87
O1 EDO F . 8.67 7.35 -6.06
C2 EDO F . 7.72 5.14 -6.31
O2 EDO F . 8.63 4.52 -5.39
H11 EDO F . 6.67 7.00 -6.47
H12 EDO F . 7.19 6.59 -4.82
HO1 EDO F . 8.53 8.25 -5.74
H21 EDO F . 8.15 5.14 -7.30
H22 EDO F . 6.78 4.59 -6.32
HO2 EDO F . 8.79 3.62 -5.66
C1 EDO G . 31.07 4.94 -18.97
O1 EDO G . 32.29 5.67 -18.99
C2 EDO G . 29.91 5.95 -19.00
O2 EDO G . 30.05 6.93 -17.98
H11 EDO G . 31.01 4.35 -18.06
H12 EDO G . 31.02 4.26 -19.82
HO1 EDO G . 33.03 5.06 -18.86
H21 EDO G . 28.96 5.42 -18.88
H22 EDO G . 29.91 6.45 -19.97
HO2 EDO G . 29.17 7.19 -17.67
C1 EDO H . 49.33 4.78 3.36
O1 EDO H . 49.40 6.19 3.62
C2 EDO H . 49.20 3.95 4.61
O2 EDO H . 47.87 3.40 4.69
H11 EDO H . 50.24 4.48 2.83
H12 EDO H . 48.48 4.59 2.70
HO1 EDO H . 49.70 6.65 2.83
H21 EDO H . 49.43 4.52 5.51
H22 EDO H . 49.89 3.12 4.54
HO2 EDO H . 47.83 2.79 5.45
#